data_8TUX
#
_entry.id   8TUX
#
loop_
_entity.id
_entity.type
_entity.pdbx_description
1 polymer "3'end of PP7 genomic RNA"
2 polymer 'Maturation protein A'
3 polymer 'Capsid protein'
#
loop_
_entity_poly.entity_id
_entity_poly.type
_entity_poly.pdbx_seq_one_letter_code
_entity_poly.pdbx_strand_id
1 'polyribonucleotide'
;GGGGCGAAAUGGCCUAGACCAUGCCCCUUGGCAAACCCAUUCGACCGGGUUUGGGUCUUCUGACCUCGUAGUCCGCGCUC
AGCGGACUUCGACCA
;
R
2 'polypeptide(L)'
;LEEHYYSRKTCGSGGGLSVQRTGYPQTDPPVFKAVNSFERAPLIVGDHVHSLPYWSRKITLECTPYPFTLRWEGGVHKDG
IPDKVPHPSCDPGSELVSYTHSREVDCERFIGPVPSSFTDPKVTSAQWKFLEDMADMKALADLNKSLVNLPMLYKERRET
LKMVGNRLGGLVRVAHAAQDRDLKRYFKARRKDRRKVAEEVANGHLELIFGWLPLIGELEGAIEYAELPDLDFIRCHGLH
TLVLQSTPWDNSVDVRSYPNWERAAGTRITGSVRTRGVVESRASVRTALRFNLETSLAGDARRLGFEPISTTYDMIPLSF
VVGWFSNFDKYVRTLAPLIGVTFETGSQNRRTTCELVGCTRFYPRTVSPPSGWFARWKDFPDGSLSEVSGLRRTDIRSVL
STLPDPDVRFHADVGLFEISAGISLLAQRYLKPLQRLLKRKSFFYGRT
;
m,M
3 'polypeptide(L)'
;SKTIVLSVGEATRTLTEIQSTADRQIFEEKVGPLVGRLRLTASLRQNGAKTAYRVNLKLDQADVVDCSTSVCGELPKVRY
TQVWSHDVTIVANSTEASRKSLYDLTKSLVATSQVEDLVVNLVPLGR
;
a1,b1,c1,d1,e1,f1,g1,h1,i1,j1,k1,l1,m1,n1,o1,p1,q1,r1,s1,t1,u1,v1,w1,x1,y1,z1,A1,B1,C1,D1,E1,F1,G1,H1,I1,J1,K1,L1,M1,N1,O1,P1,Q1,R1,S1,T1,U1,V1,W1,X1,Y1,Z1,01,11,21,31,41,51,61,71,A2,B2,C2,D2,E2,F2,G2,H2,I2,J2,K2,L2,M2,N2,O2,P2,Q2,R2,S2,T2,U2,V2,W2,X2,Y2,Z2,a2,b2,c2,d2,e2,f2,g2,h2,i2,j2,k2,l2,m2,n2,o2,p2,q2,r2,s2,t2,u2,v2,w2,x2,y2,z2,02,12,22,32,42,52,62,72,82,92,2a,2b,2c,2d,2e,2f,2g,2h,2i,2j,2k,2l,2m,2n,2o,2p,2q,2r,2s,2t,2u,2v,2w,2x,2y,2z,2A,2B,2C,2D,2E,2F,2G,2H,2I,2J,2K,2L,2M,2N,2O,2P,2Q,2R,2S,2T,2U,2V,2W,2X,2Y,2Z,aa,ab,ac,ad
#
# COMPACT_ATOMS: atom_id res chain seq x y z
N LEU B 1 -51.80 -106.18 -109.55
CA LEU B 1 -50.90 -107.26 -109.16
C LEU B 1 -51.17 -107.68 -107.72
N GLU B 2 -51.22 -109.00 -107.50
CA GLU B 2 -51.50 -109.55 -106.17
C GLU B 2 -50.77 -110.87 -106.03
N GLU B 3 -49.86 -110.94 -105.06
CA GLU B 3 -49.07 -112.15 -104.83
C GLU B 3 -49.78 -113.07 -103.85
N HIS B 4 -49.40 -114.35 -103.89
CA HIS B 4 -49.98 -115.35 -103.02
C HIS B 4 -49.05 -116.54 -102.93
N TYR B 5 -49.08 -117.22 -101.79
CA TYR B 5 -48.25 -118.41 -101.53
C TYR B 5 -49.17 -119.63 -101.48
N TYR B 6 -49.17 -120.41 -102.56
CA TYR B 6 -49.92 -121.67 -102.60
C TYR B 6 -49.08 -122.73 -101.91
N SER B 7 -49.14 -122.71 -100.58
CA SER B 7 -48.29 -123.57 -99.75
C SER B 7 -49.02 -124.88 -99.49
N ARG B 8 -48.65 -125.92 -100.24
CA ARG B 8 -49.29 -127.22 -100.17
C ARG B 8 -48.46 -128.19 -99.33
N LYS B 9 -49.14 -129.20 -98.80
CA LYS B 9 -48.51 -130.27 -98.04
C LYS B 9 -48.86 -131.62 -98.66
N THR B 10 -47.94 -132.57 -98.52
CA THR B 10 -48.05 -133.85 -99.19
C THR B 10 -48.85 -134.83 -98.33
N CYS B 11 -48.92 -136.08 -98.77
CA CYS B 11 -49.67 -137.12 -98.05
C CYS B 11 -48.87 -137.55 -96.82
N GLY B 12 -49.25 -138.69 -96.25
CA GLY B 12 -48.60 -139.18 -95.05
C GLY B 12 -47.24 -139.78 -95.29
N SER B 13 -46.33 -138.99 -95.86
CA SER B 13 -44.97 -139.45 -96.14
C SER B 13 -44.07 -138.27 -96.43
N GLY B 14 -43.08 -138.04 -95.57
CA GLY B 14 -42.14 -136.94 -95.75
C GLY B 14 -42.40 -135.78 -94.81
N GLY B 15 -43.30 -134.88 -95.22
CA GLY B 15 -43.62 -133.73 -94.40
C GLY B 15 -42.75 -132.53 -94.73
N GLY B 16 -42.82 -132.06 -95.99
CA GLY B 16 -42.03 -130.93 -96.43
C GLY B 16 -42.86 -129.67 -96.58
N LEU B 17 -42.19 -128.52 -96.66
CA LEU B 17 -42.84 -127.23 -96.78
C LEU B 17 -42.36 -126.53 -98.05
N SER B 18 -43.30 -126.13 -98.90
CA SER B 18 -42.99 -125.41 -100.13
C SER B 18 -43.78 -124.12 -100.17
N VAL B 19 -43.11 -123.02 -100.50
CA VAL B 19 -43.75 -121.71 -100.52
C VAL B 19 -44.62 -121.54 -101.76
N GLN B 20 -44.00 -121.67 -102.94
CA GLN B 20 -44.71 -121.49 -104.20
C GLN B 20 -45.32 -120.11 -104.29
N ARG B 21 -44.51 -119.10 -104.63
CA ARG B 21 -44.98 -117.73 -104.76
C ARG B 21 -45.40 -117.46 -106.20
N THR B 22 -46.51 -116.73 -106.35
CA THR B 22 -47.05 -116.42 -107.65
C THR B 22 -47.94 -115.20 -107.55
N GLY B 23 -47.98 -114.40 -108.62
CA GLY B 23 -48.78 -113.19 -108.65
C GLY B 23 -49.81 -113.20 -109.77
N TYR B 24 -50.79 -112.30 -109.69
CA TYR B 24 -51.84 -112.21 -110.69
C TYR B 24 -52.21 -110.75 -110.92
N PRO B 25 -52.03 -110.22 -112.13
CA PRO B 25 -52.48 -108.84 -112.39
C PRO B 25 -53.98 -108.70 -112.16
N GLN B 26 -54.34 -107.76 -111.30
CA GLN B 26 -55.73 -107.54 -110.92
C GLN B 26 -56.25 -106.24 -111.53
N THR B 27 -57.48 -106.28 -112.03
CA THR B 27 -58.09 -105.11 -112.64
C THR B 27 -58.63 -104.16 -111.56
N ASP B 28 -59.06 -102.99 -112.00
CA ASP B 28 -59.58 -101.97 -111.10
C ASP B 28 -60.26 -100.87 -111.89
N PRO B 29 -61.22 -100.15 -111.32
CA PRO B 29 -61.89 -99.07 -112.06
C PRO B 29 -60.91 -97.96 -112.39
N PRO B 30 -61.28 -97.05 -113.29
CA PRO B 30 -60.35 -95.98 -113.68
C PRO B 30 -60.10 -95.00 -112.54
N VAL B 31 -59.03 -94.22 -112.71
CA VAL B 31 -58.65 -93.22 -111.71
C VAL B 31 -59.55 -92.00 -111.87
N PHE B 32 -59.49 -91.09 -110.90
CA PHE B 32 -60.30 -89.88 -110.96
C PHE B 32 -60.04 -89.11 -112.25
N LYS B 33 -60.90 -88.13 -112.50
CA LYS B 33 -60.79 -87.23 -113.66
C LYS B 33 -60.52 -85.83 -113.14
N ALA B 34 -59.27 -85.59 -112.72
CA ALA B 34 -58.90 -84.28 -112.19
C ALA B 34 -59.25 -83.18 -113.18
N VAL B 35 -59.75 -82.07 -112.65
CA VAL B 35 -60.19 -80.93 -113.45
C VAL B 35 -59.62 -79.65 -112.84
N ASN B 36 -58.96 -78.86 -113.67
CA ASN B 36 -58.40 -77.57 -113.22
C ASN B 36 -58.42 -76.63 -114.42
N SER B 37 -59.45 -75.79 -114.51
CA SER B 37 -59.64 -74.88 -115.62
C SER B 37 -59.85 -73.46 -115.10
N PHE B 38 -59.91 -72.51 -116.02
CA PHE B 38 -60.13 -71.10 -115.68
C PHE B 38 -60.39 -70.26 -116.92
N GLU B 39 -61.42 -69.41 -116.87
CA GLU B 39 -61.79 -68.54 -117.97
C GLU B 39 -61.99 -67.13 -117.46
N ARG B 40 -61.71 -66.15 -118.32
CA ARG B 40 -61.75 -64.75 -117.94
C ARG B 40 -61.91 -63.88 -119.19
N ALA B 41 -61.95 -62.57 -118.98
CA ALA B 41 -62.08 -61.59 -120.05
C ALA B 41 -60.70 -61.15 -120.51
N PRO B 42 -60.63 -60.41 -121.62
CA PRO B 42 -59.30 -60.06 -122.16
C PRO B 42 -58.66 -58.88 -121.45
N LEU B 43 -58.84 -57.67 -121.97
CA LEU B 43 -58.16 -56.49 -121.45
C LEU B 43 -58.84 -55.25 -122.01
N ILE B 44 -59.11 -54.28 -121.16
CA ILE B 44 -59.88 -53.10 -121.52
C ILE B 44 -59.31 -51.89 -120.80
N VAL B 45 -58.97 -50.85 -121.57
CA VAL B 45 -58.68 -49.52 -121.03
C VAL B 45 -57.42 -49.53 -120.16
N GLY B 46 -56.76 -48.37 -120.06
CA GLY B 46 -55.57 -48.23 -119.27
C GLY B 46 -55.72 -47.30 -118.07
N ASP B 47 -56.80 -46.52 -118.06
CA ASP B 47 -57.03 -45.58 -116.96
C ASP B 47 -57.14 -46.33 -115.64
N HIS B 48 -56.79 -45.64 -114.55
CA HIS B 48 -56.74 -46.22 -113.21
C HIS B 48 -57.79 -45.69 -112.26
N VAL B 49 -58.10 -44.39 -112.33
CA VAL B 49 -59.02 -43.80 -111.34
C VAL B 49 -60.45 -44.29 -111.55
N HIS B 50 -60.82 -44.63 -112.78
CA HIS B 50 -62.17 -45.05 -113.09
C HIS B 50 -62.27 -46.57 -113.12
N SER B 51 -63.51 -47.06 -113.03
CA SER B 51 -63.78 -48.49 -113.02
C SER B 51 -64.24 -48.96 -114.38
N LEU B 52 -63.96 -50.23 -114.68
CA LEU B 52 -64.33 -50.87 -115.93
C LEU B 52 -64.99 -52.20 -115.65
N PRO B 53 -65.77 -52.74 -116.59
CA PRO B 53 -66.39 -54.05 -116.39
C PRO B 53 -65.38 -55.18 -116.53
N TYR B 54 -65.78 -56.35 -116.01
CA TYR B 54 -64.93 -57.54 -116.09
C TYR B 54 -65.70 -58.77 -115.60
N TRP B 55 -65.33 -59.94 -116.12
CA TRP B 55 -65.97 -61.19 -115.69
C TRP B 55 -64.95 -62.31 -115.74
N SER B 56 -65.27 -63.40 -115.04
CA SER B 56 -64.40 -64.57 -114.96
C SER B 56 -65.18 -65.69 -114.29
N ARG B 57 -64.55 -66.88 -114.24
CA ARG B 57 -65.15 -68.05 -113.63
C ARG B 57 -64.03 -69.04 -113.31
N LYS B 58 -64.37 -70.04 -112.50
CA LYS B 58 -63.39 -71.02 -112.07
C LYS B 58 -64.11 -72.29 -111.64
N ILE B 59 -63.37 -73.38 -111.61
CA ILE B 59 -63.89 -74.68 -111.19
C ILE B 59 -62.73 -75.65 -111.05
N THR B 60 -62.77 -76.50 -110.03
CA THR B 60 -61.68 -77.43 -109.77
C THR B 60 -62.25 -78.70 -109.14
N LEU B 61 -61.47 -79.78 -109.27
CA LEU B 61 -61.82 -81.06 -108.66
C LEU B 61 -60.53 -81.81 -108.37
N GLU B 62 -60.42 -82.37 -107.17
CA GLU B 62 -59.21 -83.07 -106.77
C GLU B 62 -59.52 -83.90 -105.52
N CYS B 63 -58.70 -84.93 -105.32
CA CYS B 63 -58.80 -85.80 -104.15
C CYS B 63 -57.41 -86.20 -103.71
N THR B 64 -57.31 -86.63 -102.45
CA THR B 64 -56.00 -86.99 -101.91
C THR B 64 -55.75 -88.49 -102.07
N PRO B 65 -54.53 -88.90 -102.40
CA PRO B 65 -54.23 -90.33 -102.52
C PRO B 65 -53.85 -90.94 -101.19
N TYR B 66 -54.21 -92.22 -101.03
CA TYR B 66 -53.92 -92.95 -99.80
C TYR B 66 -53.98 -94.45 -100.06
N PRO B 67 -52.85 -95.13 -100.21
CA PRO B 67 -52.87 -96.57 -100.48
C PRO B 67 -52.92 -97.40 -99.20
N PHE B 68 -53.42 -98.62 -99.37
CA PHE B 68 -53.48 -99.59 -98.27
C PHE B 68 -53.55 -100.98 -98.88
N THR B 69 -53.37 -101.99 -98.02
CA THR B 69 -53.27 -103.37 -98.46
C THR B 69 -54.20 -104.25 -97.64
N LEU B 70 -54.70 -105.30 -98.27
CA LEU B 70 -55.54 -106.30 -97.64
C LEU B 70 -54.99 -107.69 -97.94
N ARG B 71 -55.16 -108.61 -96.99
CA ARG B 71 -54.65 -109.96 -97.14
C ARG B 71 -55.64 -110.95 -96.52
N TRP B 72 -55.50 -112.21 -96.92
CA TRP B 72 -56.33 -113.29 -96.39
C TRP B 72 -55.74 -114.61 -96.84
N GLU B 73 -55.74 -115.59 -95.93
CA GLU B 73 -55.19 -116.91 -96.19
C GLU B 73 -56.21 -117.97 -95.81
N GLY B 74 -55.90 -119.22 -96.16
CA GLY B 74 -56.79 -120.32 -95.86
C GLY B 74 -56.23 -121.69 -96.20
N GLY B 75 -57.11 -122.63 -96.50
CA GLY B 75 -56.70 -123.98 -96.81
C GLY B 75 -57.84 -124.94 -96.57
N VAL B 76 -57.57 -126.22 -96.86
CA VAL B 76 -58.58 -127.26 -96.75
C VAL B 76 -58.61 -127.77 -95.31
N HIS B 77 -59.81 -127.95 -94.78
CA HIS B 77 -60.00 -128.47 -93.44
C HIS B 77 -59.85 -130.00 -93.48
N LYS B 78 -59.02 -130.52 -92.58
CA LYS B 78 -58.73 -131.95 -92.53
C LYS B 78 -59.39 -132.59 -91.32
N ASP B 79 -59.51 -133.91 -91.37
CA ASP B 79 -60.13 -134.69 -90.31
C ASP B 79 -59.13 -134.83 -89.17
N GLY B 80 -59.25 -133.97 -88.16
CA GLY B 80 -58.43 -134.07 -86.97
C GLY B 80 -56.95 -133.81 -87.22
N ILE B 81 -56.63 -132.61 -87.69
CA ILE B 81 -55.25 -132.17 -87.87
C ILE B 81 -55.05 -130.91 -87.03
N PRO B 82 -54.38 -131.02 -85.87
CA PRO B 82 -54.26 -129.86 -84.98
C PRO B 82 -53.34 -128.77 -85.51
N ASP B 83 -52.57 -129.02 -86.56
CA ASP B 83 -51.62 -128.07 -87.11
C ASP B 83 -52.07 -127.70 -88.53
N LYS B 84 -52.83 -126.62 -88.65
CA LYS B 84 -53.26 -126.09 -89.94
C LYS B 84 -52.55 -124.74 -90.16
N VAL B 85 -51.45 -124.79 -90.88
CA VAL B 85 -50.61 -123.62 -91.17
C VAL B 85 -50.63 -123.41 -92.67
N PRO B 86 -50.11 -122.28 -93.20
CA PRO B 86 -49.76 -122.25 -94.62
C PRO B 86 -49.12 -123.57 -95.09
N HIS B 87 -48.30 -124.15 -94.24
CA HIS B 87 -47.77 -125.51 -94.43
C HIS B 87 -48.16 -126.37 -93.24
N PRO B 88 -49.29 -127.11 -93.30
CA PRO B 88 -49.68 -127.96 -92.16
C PRO B 88 -48.52 -128.81 -91.64
N SER B 89 -48.13 -128.56 -90.39
CA SER B 89 -46.98 -129.26 -89.83
C SER B 89 -47.19 -130.77 -89.77
N CYS B 90 -48.42 -131.21 -89.58
CA CYS B 90 -48.71 -132.63 -89.47
C CYS B 90 -48.56 -133.29 -90.84
N ASP B 91 -48.90 -134.58 -90.91
CA ASP B 91 -48.75 -135.36 -92.13
C ASP B 91 -49.61 -136.61 -92.04
N PRO B 92 -50.91 -136.52 -92.31
CA PRO B 92 -51.79 -137.69 -92.14
C PRO B 92 -51.75 -138.64 -93.33
N GLY B 93 -52.46 -138.30 -94.40
CA GLY B 93 -52.55 -139.21 -95.54
C GLY B 93 -52.92 -138.54 -96.85
N SER B 94 -53.37 -137.29 -96.80
CA SER B 94 -53.80 -136.58 -98.00
C SER B 94 -53.09 -135.23 -98.04
N GLU B 95 -53.58 -134.32 -98.87
CA GLU B 95 -52.92 -133.05 -99.11
C GLU B 95 -53.72 -131.91 -98.50
N LEU B 96 -53.06 -130.76 -98.39
CA LEU B 96 -53.71 -129.53 -97.93
C LEU B 96 -53.11 -128.38 -98.73
N VAL B 97 -53.91 -127.81 -99.65
CA VAL B 97 -53.36 -126.89 -100.63
C VAL B 97 -52.97 -125.57 -99.98
N SER B 98 -53.86 -125.00 -99.16
CA SER B 98 -53.58 -123.75 -98.47
C SER B 98 -53.35 -122.60 -99.47
N TYR B 99 -53.34 -121.37 -98.95
CA TYR B 99 -53.10 -120.19 -99.78
C TYR B 99 -53.03 -118.95 -98.90
N THR B 100 -52.20 -117.97 -99.28
CA THR B 100 -52.02 -116.73 -98.52
C THR B 100 -51.89 -115.58 -99.51
N HIS B 101 -53.03 -115.01 -99.91
CA HIS B 101 -53.05 -113.90 -100.86
C HIS B 101 -52.88 -112.57 -100.13
N SER B 102 -52.56 -111.54 -100.91
CA SER B 102 -52.37 -110.20 -100.37
C SER B 102 -52.68 -109.19 -101.46
N ARG B 103 -53.81 -108.50 -101.34
CA ARG B 103 -54.26 -107.54 -102.33
C ARG B 103 -53.95 -106.11 -101.88
N GLU B 104 -53.53 -105.28 -102.82
CA GLU B 104 -53.28 -103.87 -102.58
C GLU B 104 -54.33 -103.05 -103.29
N VAL B 105 -54.95 -102.13 -102.56
CA VAL B 105 -56.06 -101.32 -103.07
C VAL B 105 -55.56 -99.90 -103.33
N ASP B 106 -56.08 -99.29 -104.39
CA ASP B 106 -55.83 -97.89 -104.71
C ASP B 106 -57.14 -97.14 -104.51
N CYS B 107 -57.23 -96.40 -103.40
CA CYS B 107 -58.46 -95.70 -103.05
C CYS B 107 -58.86 -94.63 -104.05
N GLU B 108 -57.99 -94.32 -105.02
CA GLU B 108 -58.29 -93.31 -106.03
C GLU B 108 -59.11 -93.84 -107.20
N ARG B 109 -59.87 -94.92 -106.99
CA ARG B 109 -60.65 -95.52 -108.07
C ARG B 109 -62.00 -96.02 -107.55
N PHE B 110 -62.02 -96.58 -106.35
CA PHE B 110 -63.23 -97.20 -105.79
C PHE B 110 -64.15 -96.14 -105.17
N ILE B 111 -64.59 -95.21 -106.01
CA ILE B 111 -65.55 -94.19 -105.62
C ILE B 111 -66.51 -93.96 -106.77
N GLY B 112 -67.80 -93.84 -106.45
CA GLY B 112 -68.83 -93.69 -107.45
C GLY B 112 -68.67 -92.43 -108.27
N PRO B 113 -69.62 -92.17 -109.18
CA PRO B 113 -69.52 -90.99 -110.04
C PRO B 113 -69.86 -89.71 -109.28
N VAL B 114 -69.67 -88.60 -109.97
CA VAL B 114 -69.96 -87.27 -109.41
C VAL B 114 -71.46 -87.04 -109.50
N PRO B 115 -72.11 -86.50 -108.47
CA PRO B 115 -73.55 -86.26 -108.55
C PRO B 115 -73.89 -85.25 -109.63
N SER B 116 -75.19 -85.13 -109.90
CA SER B 116 -75.69 -84.23 -110.93
C SER B 116 -75.95 -82.82 -110.42
N SER B 117 -75.74 -82.57 -109.13
CA SER B 117 -75.97 -81.25 -108.56
C SER B 117 -74.75 -80.33 -108.69
N PHE B 118 -73.70 -80.77 -109.37
CA PHE B 118 -72.49 -79.97 -109.57
C PHE B 118 -72.59 -79.12 -110.84
N THR B 119 -73.72 -78.44 -111.01
CA THR B 119 -73.99 -77.60 -112.17
C THR B 119 -74.01 -76.14 -111.75
N ASP B 120 -74.31 -75.27 -112.72
CA ASP B 120 -74.37 -73.85 -112.45
C ASP B 120 -75.68 -73.50 -111.72
N PRO B 121 -75.62 -72.66 -110.70
CA PRO B 121 -76.84 -72.31 -109.97
C PRO B 121 -77.68 -71.28 -110.72
N LYS B 122 -78.96 -71.25 -110.37
CA LYS B 122 -79.91 -70.33 -110.96
C LYS B 122 -80.36 -69.32 -109.90
N VAL B 123 -80.22 -68.03 -110.21
CA VAL B 123 -80.60 -66.95 -109.32
C VAL B 123 -81.66 -66.11 -110.00
N THR B 124 -82.74 -65.82 -109.29
CA THR B 124 -83.84 -65.04 -109.85
C THR B 124 -83.53 -63.55 -109.79
N SER B 125 -84.34 -62.76 -110.51
CA SER B 125 -84.14 -61.32 -110.52
C SER B 125 -84.48 -60.70 -109.18
N ALA B 126 -85.52 -61.22 -108.51
CA ALA B 126 -85.88 -60.69 -107.19
C ALA B 126 -84.76 -60.90 -106.19
N GLN B 127 -84.14 -62.07 -106.21
CA GLN B 127 -83.02 -62.33 -105.31
C GLN B 127 -81.86 -61.39 -105.59
N TRP B 128 -81.56 -61.16 -106.88
CA TRP B 128 -80.48 -60.25 -107.24
C TRP B 128 -80.79 -58.84 -106.73
N LYS B 129 -82.03 -58.38 -106.92
CA LYS B 129 -82.39 -57.05 -106.46
C LYS B 129 -82.28 -56.93 -104.94
N PHE B 130 -82.75 -57.95 -104.23
CA PHE B 130 -82.68 -57.94 -102.77
C PHE B 130 -81.23 -57.90 -102.29
N LEU B 131 -80.38 -58.74 -102.88
CA LEU B 131 -78.98 -58.76 -102.47
C LEU B 131 -78.28 -57.45 -102.80
N GLU B 132 -78.59 -56.86 -103.96
CA GLU B 132 -77.98 -55.58 -104.32
C GLU B 132 -78.43 -54.47 -103.40
N ASP B 133 -79.71 -54.46 -103.03
CA ASP B 133 -80.20 -53.46 -102.09
C ASP B 133 -79.53 -53.61 -100.73
N MET B 134 -79.40 -54.85 -100.25
CA MET B 134 -78.72 -55.07 -98.97
C MET B 134 -77.27 -54.61 -99.03
N ALA B 135 -76.58 -54.92 -100.13
CA ALA B 135 -75.19 -54.52 -100.27
C ALA B 135 -75.04 -53.02 -100.30
N ASP B 136 -75.93 -52.33 -101.04
CA ASP B 136 -75.86 -50.88 -101.10
C ASP B 136 -76.14 -50.26 -99.73
N MET B 137 -77.12 -50.80 -99.00
CA MET B 137 -77.41 -50.29 -97.67
C MET B 137 -76.22 -50.48 -96.74
N LYS B 138 -75.60 -51.67 -96.77
CA LYS B 138 -74.44 -51.91 -95.92
C LYS B 138 -73.28 -51.00 -96.29
N ALA B 139 -73.08 -50.76 -97.59
CA ALA B 139 -72.00 -49.89 -98.02
C ALA B 139 -72.24 -48.45 -97.56
N LEU B 140 -73.46 -47.95 -97.70
CA LEU B 140 -73.75 -46.60 -97.23
C LEU B 140 -73.67 -46.50 -95.71
N ALA B 141 -73.96 -47.59 -95.01
CA ALA B 141 -73.82 -47.58 -93.55
C ALA B 141 -72.36 -47.59 -93.12
N ASP B 142 -71.51 -48.29 -93.87
CA ASP B 142 -70.08 -48.33 -93.53
C ASP B 142 -69.43 -46.96 -93.72
N LEU B 143 -69.94 -46.14 -94.64
CA LEU B 143 -69.35 -44.83 -94.88
C LEU B 143 -69.54 -43.92 -93.67
N ASN B 144 -70.72 -43.92 -93.07
CA ASN B 144 -70.99 -43.05 -91.93
C ASN B 144 -70.06 -43.31 -90.76
N LYS B 145 -69.49 -44.52 -90.68
CA LYS B 145 -68.58 -44.85 -89.58
C LYS B 145 -67.17 -44.33 -89.81
N SER B 146 -66.77 -44.11 -91.07
CA SER B 146 -65.42 -43.64 -91.34
C SER B 146 -65.25 -42.17 -90.97
N LEU B 147 -66.30 -41.37 -91.13
CA LEU B 147 -66.22 -39.94 -90.81
C LEU B 147 -66.15 -39.66 -89.32
N VAL B 148 -66.28 -40.68 -88.47
CA VAL B 148 -66.21 -40.46 -87.03
C VAL B 148 -64.81 -40.02 -86.62
N ASN B 149 -63.79 -40.46 -87.35
CA ASN B 149 -62.40 -40.08 -87.07
C ASN B 149 -62.02 -38.77 -87.73
N LEU B 150 -62.95 -37.80 -87.76
CA LEU B 150 -62.66 -36.52 -88.40
C LEU B 150 -61.75 -35.63 -87.56
N PRO B 151 -61.98 -35.45 -86.26
CA PRO B 151 -61.14 -34.51 -85.50
C PRO B 151 -59.65 -34.83 -85.59
N MET B 152 -59.28 -36.10 -85.74
CA MET B 152 -57.87 -36.43 -85.91
C MET B 152 -57.32 -35.90 -87.23
N LEU B 153 -58.19 -35.53 -88.17
CA LEU B 153 -57.75 -34.96 -89.43
C LEU B 153 -57.35 -33.50 -89.31
N TYR B 154 -57.74 -32.83 -88.23
CA TYR B 154 -57.41 -31.43 -88.00
C TYR B 154 -56.31 -31.24 -86.97
N LYS B 155 -55.68 -32.33 -86.51
CA LYS B 155 -54.70 -32.23 -85.44
C LYS B 155 -53.53 -31.33 -85.84
N GLU B 156 -52.83 -31.70 -86.92
CA GLU B 156 -51.70 -30.90 -87.36
C GLU B 156 -52.10 -29.47 -87.68
N ARG B 157 -53.31 -29.26 -88.20
CA ARG B 157 -53.76 -27.92 -88.53
C ARG B 157 -53.96 -27.09 -87.26
N ARG B 158 -54.65 -27.65 -86.27
CA ARG B 158 -54.81 -26.94 -84.99
C ARG B 158 -53.45 -26.66 -84.37
N GLU B 159 -52.52 -27.61 -84.49
CA GLU B 159 -51.17 -27.40 -83.95
C GLU B 159 -50.51 -26.19 -84.59
N THR B 160 -50.30 -26.26 -85.91
CA THR B 160 -49.68 -25.15 -86.62
C THR B 160 -50.50 -23.86 -86.52
N LEU B 161 -51.76 -23.94 -86.09
CA LEU B 161 -52.58 -22.75 -85.93
C LEU B 161 -52.28 -22.05 -84.61
N LYS B 162 -52.42 -22.76 -83.49
CA LYS B 162 -52.28 -22.15 -82.17
C LYS B 162 -51.05 -22.61 -81.40
N MET B 163 -50.73 -23.91 -81.41
CA MET B 163 -49.60 -24.38 -80.62
C MET B 163 -48.32 -23.63 -80.99
N VAL B 164 -48.20 -23.18 -82.23
CA VAL B 164 -47.09 -22.31 -82.63
C VAL B 164 -47.42 -20.84 -82.43
N GLY B 165 -48.71 -20.48 -82.37
CA GLY B 165 -49.10 -19.10 -82.16
C GLY B 165 -48.79 -18.56 -80.78
N ASN B 166 -48.46 -19.44 -79.83
CA ASN B 166 -48.10 -18.97 -78.49
C ASN B 166 -46.93 -17.99 -78.54
N ARG B 167 -46.11 -18.06 -79.58
CA ARG B 167 -45.06 -17.05 -79.75
C ARG B 167 -45.65 -15.64 -79.77
N LEU B 168 -46.77 -15.46 -80.48
CA LEU B 168 -47.42 -14.16 -80.50
C LEU B 168 -47.81 -13.72 -79.09
N GLY B 169 -48.33 -14.64 -78.28
CA GLY B 169 -48.61 -14.32 -76.90
C GLY B 169 -47.36 -13.97 -76.13
N GLY B 170 -46.22 -14.55 -76.50
CA GLY B 170 -44.96 -14.21 -75.87
C GLY B 170 -44.54 -12.77 -76.09
N LEU B 171 -45.09 -12.11 -77.11
CA LEU B 171 -44.74 -10.71 -77.36
C LEU B 171 -45.24 -9.82 -76.23
N VAL B 172 -46.51 -9.95 -75.86
CA VAL B 172 -47.08 -9.12 -74.81
C VAL B 172 -46.39 -9.34 -73.48
N ARG B 173 -45.78 -10.51 -73.28
CA ARG B 173 -45.11 -10.80 -72.02
C ARG B 173 -43.94 -9.84 -71.79
N VAL B 174 -43.02 -9.77 -72.75
CA VAL B 174 -41.88 -8.86 -72.62
C VAL B 174 -42.36 -7.43 -72.46
N ALA B 175 -43.40 -7.05 -73.21
CA ALA B 175 -43.98 -5.72 -73.09
C ALA B 175 -44.37 -5.45 -71.65
N HIS B 176 -45.36 -6.18 -71.14
CA HIS B 176 -45.83 -5.96 -69.78
C HIS B 176 -44.72 -6.05 -68.75
N ALA B 177 -43.67 -6.83 -69.04
CA ALA B 177 -42.63 -7.05 -68.04
C ALA B 177 -41.64 -5.90 -67.97
N ALA B 178 -41.28 -5.32 -69.12
CA ALA B 178 -40.21 -4.33 -69.18
C ALA B 178 -40.68 -2.95 -69.59
N GLN B 179 -41.48 -2.84 -70.65
CA GLN B 179 -41.75 -1.54 -71.26
C GLN B 179 -42.80 -0.74 -70.49
N ASP B 180 -43.37 -1.30 -69.42
CA ASP B 180 -44.31 -0.57 -68.57
C ASP B 180 -44.04 -0.73 -67.09
N ARG B 181 -43.34 -1.78 -66.67
CA ARG B 181 -43.00 -1.98 -65.25
C ARG B 181 -41.70 -1.29 -64.87
N ASP B 182 -40.71 -1.32 -65.76
CA ASP B 182 -39.44 -0.63 -65.50
C ASP B 182 -39.58 0.88 -65.57
N LEU B 183 -40.75 1.40 -65.92
CA LEU B 183 -40.97 2.84 -66.04
C LEU B 183 -41.23 3.50 -64.69
N LYS B 184 -41.03 2.79 -63.59
CA LYS B 184 -41.22 3.38 -62.27
C LYS B 184 -40.27 4.55 -62.00
N ARG B 185 -39.22 4.71 -62.81
CA ARG B 185 -38.29 5.81 -62.61
C ARG B 185 -38.83 7.13 -63.12
N TYR B 186 -39.65 7.10 -64.19
CA TYR B 186 -40.18 8.33 -64.74
C TYR B 186 -41.15 9.01 -63.77
N PHE B 187 -41.88 8.22 -62.98
CA PHE B 187 -42.87 8.77 -62.06
C PHE B 187 -42.25 9.39 -60.81
N LYS B 188 -40.96 9.15 -60.56
CA LYS B 188 -40.30 9.64 -59.36
C LYS B 188 -39.37 10.82 -59.63
N ALA B 189 -39.08 11.13 -60.89
CA ALA B 189 -38.16 12.19 -61.23
C ALA B 189 -38.86 13.54 -61.27
N ARG B 190 -38.09 14.59 -60.99
CA ARG B 190 -38.62 15.94 -61.02
C ARG B 190 -38.91 16.37 -62.46
N ARG B 191 -39.74 17.42 -62.58
CA ARG B 191 -40.09 17.95 -63.90
C ARG B 191 -38.85 18.24 -64.73
N LYS B 192 -37.72 18.52 -64.08
CA LYS B 192 -36.49 18.81 -64.82
C LYS B 192 -35.96 17.61 -65.60
N ASP B 193 -36.48 16.40 -65.35
CA ASP B 193 -36.04 15.19 -66.04
C ASP B 193 -37.07 14.61 -66.98
N ARG B 194 -38.34 15.02 -66.86
CA ARG B 194 -39.36 14.58 -67.80
C ARG B 194 -39.11 15.12 -69.20
N ARG B 195 -38.40 16.24 -69.31
CA ARG B 195 -38.06 16.78 -70.63
C ARG B 195 -37.18 15.84 -71.43
N LYS B 196 -36.57 14.86 -70.77
CA LYS B 196 -35.70 13.89 -71.43
C LYS B 196 -36.20 12.46 -71.35
N VAL B 197 -36.78 12.07 -70.20
CA VAL B 197 -37.16 10.67 -70.01
C VAL B 197 -38.27 10.27 -70.97
N ALA B 198 -39.18 11.20 -71.28
CA ALA B 198 -40.26 10.89 -72.21
C ALA B 198 -39.70 10.43 -73.55
N GLU B 199 -38.79 11.21 -74.13
CA GLU B 199 -38.19 10.82 -75.40
C GLU B 199 -37.31 9.60 -75.24
N GLU B 200 -36.61 9.48 -74.11
CA GLU B 200 -35.78 8.30 -73.88
C GLU B 200 -36.60 7.03 -73.94
N VAL B 201 -37.84 7.08 -73.46
CA VAL B 201 -38.70 5.90 -73.49
C VAL B 201 -39.37 5.74 -74.85
N ALA B 202 -39.75 6.85 -75.48
CA ALA B 202 -40.44 6.76 -76.77
C ALA B 202 -39.52 6.19 -77.85
N ASN B 203 -38.26 6.65 -77.89
CA ASN B 203 -37.32 6.13 -78.88
C ASN B 203 -37.02 4.65 -78.63
N GLY B 204 -37.04 4.22 -77.37
CA GLY B 204 -36.80 2.81 -77.08
C GLY B 204 -37.98 1.94 -77.44
N HIS B 205 -39.20 2.46 -77.28
CA HIS B 205 -40.39 1.66 -77.60
C HIS B 205 -40.64 1.61 -79.10
N LEU B 206 -40.39 2.70 -79.81
CA LEU B 206 -40.59 2.70 -81.27
C LEU B 206 -39.63 1.73 -81.93
N GLU B 207 -38.38 1.69 -81.47
CA GLU B 207 -37.42 0.73 -82.02
C GLU B 207 -37.90 -0.71 -81.79
N LEU B 208 -38.44 -0.98 -80.61
CA LEU B 208 -38.94 -2.32 -80.32
C LEU B 208 -40.11 -2.68 -81.22
N ILE B 209 -41.01 -1.73 -81.46
CA ILE B 209 -42.13 -1.99 -82.38
C ILE B 209 -41.59 -2.30 -83.78
N PHE B 210 -40.65 -1.48 -84.26
CA PHE B 210 -40.07 -1.71 -85.57
C PHE B 210 -39.43 -3.10 -85.65
N GLY B 211 -38.72 -3.50 -84.60
CA GLY B 211 -38.13 -4.84 -84.58
C GLY B 211 -39.18 -5.94 -84.50
N TRP B 212 -40.34 -5.63 -83.93
CA TRP B 212 -41.43 -6.61 -83.89
C TRP B 212 -42.03 -6.82 -85.27
N LEU B 213 -42.14 -5.75 -86.05
CA LEU B 213 -42.87 -5.79 -87.33
C LEU B 213 -42.58 -7.03 -88.18
N PRO B 214 -41.34 -7.44 -88.44
CA PRO B 214 -41.12 -8.56 -89.36
C PRO B 214 -41.67 -9.89 -88.83
N LEU B 215 -41.52 -10.16 -87.54
CA LEU B 215 -42.07 -11.39 -86.97
C LEU B 215 -43.58 -11.46 -87.18
N ILE B 216 -44.26 -10.31 -87.13
CA ILE B 216 -45.68 -10.29 -87.41
C ILE B 216 -45.95 -10.71 -88.85
N GLY B 217 -45.09 -10.27 -89.77
CA GLY B 217 -45.23 -10.69 -91.15
C GLY B 217 -45.04 -12.18 -91.32
N GLU B 218 -44.04 -12.75 -90.64
CA GLU B 218 -43.83 -14.19 -90.69
C GLU B 218 -45.03 -14.95 -90.13
N LEU B 219 -45.58 -14.46 -89.01
CA LEU B 219 -46.75 -15.11 -88.42
C LEU B 219 -47.96 -15.02 -89.35
N GLU B 220 -48.13 -13.88 -90.01
CA GLU B 220 -49.24 -13.74 -90.97
C GLU B 220 -49.06 -14.69 -92.14
N GLY B 221 -47.83 -14.80 -92.67
CA GLY B 221 -47.58 -15.75 -93.72
C GLY B 221 -47.87 -17.18 -93.29
N ALA B 222 -47.52 -17.51 -92.04
CA ALA B 222 -47.84 -18.84 -91.52
C ALA B 222 -49.35 -19.04 -91.39
N ILE B 223 -50.09 -17.98 -91.08
CA ILE B 223 -51.54 -18.10 -90.96
C ILE B 223 -52.15 -18.53 -92.29
N GLU B 224 -51.70 -17.93 -93.39
CA GLU B 224 -52.22 -18.31 -94.70
C GLU B 224 -51.91 -19.76 -95.06
N TYR B 225 -50.89 -20.35 -94.43
CA TYR B 225 -50.55 -21.74 -94.71
C TYR B 225 -51.59 -22.71 -94.17
N ALA B 226 -52.47 -22.26 -93.27
CA ALA B 226 -53.45 -23.15 -92.66
C ALA B 226 -54.73 -23.26 -93.47
N GLU B 227 -55.00 -22.33 -94.38
CA GLU B 227 -56.23 -22.32 -95.16
C GLU B 227 -56.02 -22.83 -96.58
N LEU B 228 -55.11 -23.79 -96.77
CA LEU B 228 -54.86 -24.36 -98.09
C LEU B 228 -55.81 -25.54 -98.29
N PRO B 229 -56.76 -25.48 -99.24
CA PRO B 229 -57.68 -26.61 -99.41
C PRO B 229 -56.99 -27.84 -99.96
N ASP B 230 -56.51 -28.71 -99.06
CA ASP B 230 -55.84 -29.94 -99.43
C ASP B 230 -56.36 -31.07 -98.55
N LEU B 231 -56.53 -32.25 -99.14
CA LEU B 231 -57.03 -33.40 -98.40
C LEU B 231 -56.86 -34.69 -99.22
N ASP B 232 -57.60 -35.74 -98.83
CA ASP B 232 -57.49 -37.03 -99.50
C ASP B 232 -58.88 -37.59 -99.78
N PHE B 233 -59.03 -38.91 -99.74
CA PHE B 233 -60.29 -39.56 -100.03
C PHE B 233 -60.51 -40.71 -99.06
N ILE B 234 -61.77 -40.91 -98.67
CA ILE B 234 -62.15 -42.00 -97.78
C ILE B 234 -62.91 -43.03 -98.59
N ARG B 235 -62.83 -44.29 -98.15
CA ARG B 235 -63.46 -45.40 -98.85
C ARG B 235 -64.09 -46.35 -97.84
N CYS B 236 -65.03 -47.15 -98.34
CA CYS B 236 -65.73 -48.14 -97.51
C CYS B 236 -66.06 -49.34 -98.39
N HIS B 237 -66.68 -50.35 -97.78
CA HIS B 237 -67.05 -51.56 -98.50
C HIS B 237 -68.11 -52.31 -97.69
N GLY B 238 -69.03 -52.94 -98.39
CA GLY B 238 -70.07 -53.71 -97.74
C GLY B 238 -70.46 -54.93 -98.57
N LEU B 239 -70.67 -56.07 -97.90
CA LEU B 239 -70.99 -57.31 -98.58
C LEU B 239 -72.12 -58.02 -97.83
N HIS B 240 -72.73 -58.98 -98.52
CA HIS B 240 -73.79 -59.79 -97.93
C HIS B 240 -73.96 -61.04 -98.78
N THR B 241 -74.43 -62.11 -98.14
CA THR B 241 -74.62 -63.39 -98.79
C THR B 241 -76.00 -63.94 -98.46
N LEU B 242 -76.43 -64.91 -99.25
CA LEU B 242 -77.74 -65.54 -99.07
C LEU B 242 -77.64 -66.98 -99.53
N VAL B 243 -77.75 -67.93 -98.60
CA VAL B 243 -77.71 -69.34 -98.96
C VAL B 243 -78.91 -69.67 -99.84
N LEU B 244 -78.66 -70.41 -100.92
CA LEU B 244 -79.72 -70.74 -101.87
C LEU B 244 -80.32 -72.11 -101.55
N GLN B 245 -79.60 -73.18 -101.85
CA GLN B 245 -80.10 -74.53 -101.63
C GLN B 245 -78.95 -75.43 -101.21
N SER B 246 -79.30 -76.64 -100.80
CA SER B 246 -78.31 -77.63 -100.39
C SER B 246 -79.00 -79.00 -100.38
N THR B 247 -78.18 -80.04 -100.55
CA THR B 247 -78.69 -81.41 -100.61
C THR B 247 -77.60 -82.35 -100.16
N PRO B 248 -77.95 -83.47 -99.49
CA PRO B 248 -76.93 -84.43 -99.09
C PRO B 248 -76.37 -85.20 -100.27
N TRP B 249 -75.48 -86.16 -99.99
CA TRP B 249 -74.88 -86.97 -101.06
C TRP B 249 -74.41 -88.28 -100.44
N ASP B 250 -74.94 -89.40 -100.95
CA ASP B 250 -74.58 -90.72 -100.44
C ASP B 250 -74.54 -91.71 -101.60
N ASN B 251 -73.61 -92.65 -101.53
CA ASN B 251 -73.46 -93.66 -102.57
C ASN B 251 -72.79 -94.89 -101.97
N SER B 252 -72.98 -96.02 -102.64
CA SER B 252 -72.42 -97.30 -102.21
C SER B 252 -71.80 -98.00 -103.41
N VAL B 253 -70.65 -98.63 -103.19
CA VAL B 253 -69.93 -99.36 -104.23
C VAL B 253 -69.42 -100.67 -103.64
N ASP B 254 -69.46 -101.72 -104.45
CA ASP B 254 -69.00 -103.04 -104.04
C ASP B 254 -67.58 -103.27 -104.53
N VAL B 255 -66.83 -104.07 -103.76
CA VAL B 255 -65.45 -104.40 -104.07
C VAL B 255 -65.34 -105.89 -104.31
N ARG B 256 -64.68 -106.27 -105.41
CA ARG B 256 -64.49 -107.67 -105.76
C ARG B 256 -63.07 -107.86 -106.29
N SER B 257 -62.53 -109.05 -106.07
CA SER B 257 -61.19 -109.40 -106.47
C SER B 257 -61.22 -110.39 -107.62
N TYR B 258 -60.04 -110.60 -108.22
CA TYR B 258 -59.89 -111.54 -109.34
C TYR B 258 -60.35 -112.92 -108.91
N PRO B 259 -60.55 -113.86 -109.85
CA PRO B 259 -61.16 -115.15 -109.50
C PRO B 259 -60.45 -115.86 -108.34
N ASN B 260 -61.01 -115.72 -107.15
CA ASN B 260 -60.49 -116.40 -105.96
C ASN B 260 -61.65 -116.69 -105.03
N TRP B 261 -61.34 -117.19 -103.84
CA TRP B 261 -62.35 -117.53 -102.84
C TRP B 261 -63.27 -118.62 -103.35
N GLU B 262 -63.35 -119.73 -102.63
CA GLU B 262 -64.15 -120.90 -102.99
C GLU B 262 -63.63 -121.57 -104.26
N ARG B 263 -62.46 -121.17 -104.75
CA ARG B 263 -61.88 -121.75 -105.97
C ARG B 263 -62.85 -121.63 -107.15
N ALA B 264 -63.56 -120.52 -107.21
CA ALA B 264 -64.52 -120.26 -108.27
C ALA B 264 -63.89 -119.40 -109.37
N ALA B 265 -64.47 -119.51 -110.56
CA ALA B 265 -63.98 -118.75 -111.71
C ALA B 265 -65.07 -117.83 -112.24
N GLY B 266 -65.58 -116.94 -111.38
CA GLY B 266 -66.62 -116.02 -111.77
C GLY B 266 -66.45 -114.63 -111.18
N THR B 267 -65.32 -114.40 -110.50
CA THR B 267 -65.05 -113.10 -109.90
C THR B 267 -66.14 -112.74 -108.90
N ARG B 268 -66.05 -113.28 -107.68
CA ARG B 268 -67.05 -113.05 -106.65
C ARG B 268 -66.71 -111.78 -105.85
N ILE B 269 -67.69 -111.30 -105.11
CA ILE B 269 -67.53 -110.09 -104.30
C ILE B 269 -66.75 -110.42 -103.04
N THR B 270 -66.00 -109.43 -102.55
CA THR B 270 -65.20 -109.58 -101.35
C THR B 270 -65.47 -108.49 -100.31
N GLY B 271 -65.71 -107.26 -100.75
CA GLY B 271 -65.96 -106.17 -99.83
C GLY B 271 -66.92 -105.13 -100.39
N SER B 272 -66.90 -103.94 -99.80
CA SER B 272 -67.79 -102.86 -100.24
C SER B 272 -67.28 -101.55 -99.68
N VAL B 273 -67.44 -100.49 -100.48
CA VAL B 273 -67.03 -99.13 -100.10
C VAL B 273 -68.24 -98.22 -100.23
N ARG B 274 -68.46 -97.39 -99.21
CA ARG B 274 -69.56 -96.45 -99.18
C ARG B 274 -69.01 -95.03 -99.09
N THR B 275 -69.80 -94.07 -99.57
CA THR B 275 -69.43 -92.67 -99.57
C THR B 275 -70.63 -91.83 -99.17
N ARG B 276 -70.38 -90.81 -98.34
CA ARG B 276 -71.41 -89.88 -97.91
C ARG B 276 -70.87 -88.47 -97.99
N GLY B 277 -71.78 -87.52 -98.18
CA GLY B 277 -71.38 -86.14 -98.29
C GLY B 277 -72.56 -85.21 -98.36
N VAL B 278 -72.30 -83.98 -98.81
CA VAL B 278 -73.33 -82.95 -98.91
C VAL B 278 -72.85 -81.90 -99.90
N VAL B 279 -73.80 -81.26 -100.57
CA VAL B 279 -73.52 -80.21 -101.53
C VAL B 279 -74.10 -78.91 -101.00
N GLU B 280 -73.43 -77.79 -101.32
CA GLU B 280 -73.83 -76.48 -100.83
C GLU B 280 -73.72 -75.47 -101.96
N SER B 281 -74.63 -74.49 -101.93
CA SER B 281 -74.64 -73.39 -102.89
C SER B 281 -74.71 -72.08 -102.13
N ARG B 282 -74.10 -71.04 -102.69
CA ARG B 282 -74.03 -69.75 -102.03
C ARG B 282 -73.92 -68.64 -103.06
N ALA B 283 -74.41 -67.46 -102.68
CA ALA B 283 -74.31 -66.26 -103.52
C ALA B 283 -73.77 -65.12 -102.66
N SER B 284 -73.04 -64.22 -103.31
CA SER B 284 -72.42 -63.10 -102.61
C SER B 284 -72.39 -61.88 -103.51
N VAL B 285 -72.42 -60.71 -102.89
CA VAL B 285 -72.37 -59.44 -103.58
C VAL B 285 -71.46 -58.49 -102.80
N ARG B 286 -70.68 -57.68 -103.51
CA ARG B 286 -69.77 -56.73 -102.90
C ARG B 286 -69.92 -55.39 -103.61
N THR B 287 -69.99 -54.31 -102.84
CA THR B 287 -70.11 -52.96 -103.37
C THR B 287 -69.05 -52.09 -102.73
N ALA B 288 -68.20 -51.48 -103.57
CA ALA B 288 -67.13 -50.60 -103.11
C ALA B 288 -67.33 -49.22 -103.73
N LEU B 289 -67.56 -48.22 -102.88
CA LEU B 289 -67.77 -46.85 -103.31
C LEU B 289 -66.66 -45.96 -102.76
N ARG B 290 -66.21 -45.02 -103.58
CA ARG B 290 -65.15 -44.08 -103.20
C ARG B 290 -65.74 -42.68 -103.05
N PHE B 291 -65.21 -41.94 -102.08
CA PHE B 291 -65.63 -40.57 -101.83
C PHE B 291 -64.41 -39.72 -101.53
N ASN B 292 -64.43 -38.48 -102.00
CA ASN B 292 -63.32 -37.54 -101.84
C ASN B 292 -63.71 -36.50 -100.81
N LEU B 293 -62.91 -36.40 -99.74
CA LEU B 293 -63.15 -35.41 -98.71
C LEU B 293 -62.43 -34.10 -99.03
N GLU B 294 -62.97 -33.01 -98.49
CA GLU B 294 -62.38 -31.69 -98.71
C GLU B 294 -62.63 -30.86 -97.46
N THR B 295 -61.56 -30.56 -96.72
CA THR B 295 -61.63 -29.77 -95.50
C THR B 295 -61.14 -28.35 -95.75
N SER B 296 -61.46 -27.47 -94.81
CA SER B 296 -61.05 -26.07 -94.89
C SER B 296 -61.38 -25.40 -93.58
N LEU B 297 -60.74 -24.25 -93.34
CA LEU B 297 -60.92 -23.46 -92.13
C LEU B 297 -61.15 -22.01 -92.53
N ALA B 298 -62.33 -21.73 -93.08
CA ALA B 298 -62.67 -20.38 -93.50
C ALA B 298 -62.85 -19.47 -92.29
N GLY B 299 -62.45 -18.22 -92.43
CA GLY B 299 -62.57 -17.27 -91.34
C GLY B 299 -62.53 -15.85 -91.86
N ASP B 300 -62.44 -14.91 -90.93
CA ASP B 300 -62.39 -13.50 -91.28
C ASP B 300 -61.16 -13.20 -92.12
N ALA B 301 -61.26 -12.15 -92.93
CA ALA B 301 -60.19 -11.75 -93.83
C ALA B 301 -59.30 -10.66 -93.24
N ARG B 302 -59.38 -10.43 -91.93
CA ARG B 302 -58.54 -9.44 -91.27
C ARG B 302 -57.26 -10.06 -90.73
N ARG B 303 -57.40 -11.02 -89.80
CA ARG B 303 -56.28 -11.71 -89.16
C ARG B 303 -55.00 -10.88 -89.15
N LEU B 304 -54.84 -10.04 -88.12
CA LEU B 304 -53.65 -9.19 -88.01
C LEU B 304 -53.55 -8.28 -89.22
N GLY B 305 -53.91 -7.00 -89.04
CA GLY B 305 -53.91 -6.08 -90.17
C GLY B 305 -52.55 -5.97 -90.84
N PHE B 306 -51.48 -6.04 -90.05
CA PHE B 306 -50.11 -5.92 -90.56
C PHE B 306 -49.99 -4.51 -91.17
N GLU B 307 -49.53 -4.37 -92.41
CA GLU B 307 -49.44 -3.07 -93.07
C GLU B 307 -48.49 -2.15 -92.29
N PRO B 308 -47.21 -2.07 -92.69
CA PRO B 308 -46.30 -1.16 -91.99
C PRO B 308 -46.74 0.29 -92.15
N ILE B 309 -46.60 1.05 -91.07
CA ILE B 309 -47.04 2.45 -91.06
C ILE B 309 -46.31 3.16 -89.91
N SER B 310 -46.10 4.46 -90.08
CA SER B 310 -45.46 5.29 -89.07
C SER B 310 -45.96 6.71 -89.21
N THR B 311 -46.26 7.34 -88.07
CA THR B 311 -46.76 8.71 -88.05
C THR B 311 -46.03 9.47 -86.94
N THR B 312 -46.52 10.67 -86.63
CA THR B 312 -45.92 11.52 -85.63
C THR B 312 -47.02 12.19 -84.81
N TYR B 313 -46.79 12.29 -83.50
CA TYR B 313 -47.69 12.93 -82.53
C TYR B 313 -49.00 12.17 -82.34
N ASP B 314 -49.21 11.06 -83.05
CA ASP B 314 -50.42 10.28 -82.90
C ASP B 314 -50.14 8.79 -82.70
N MET B 315 -48.87 8.38 -82.73
CA MET B 315 -48.50 6.98 -82.57
C MET B 315 -48.08 6.73 -81.13
N ILE B 316 -48.92 6.02 -80.38
CA ILE B 316 -48.57 5.57 -79.04
C ILE B 316 -47.80 4.26 -79.17
N PRO B 317 -46.54 4.19 -78.72
CA PRO B 317 -45.72 3.01 -78.98
C PRO B 317 -46.43 1.69 -78.70
N LEU B 318 -46.92 1.51 -77.48
CA LEU B 318 -47.53 0.25 -77.06
C LEU B 318 -49.00 0.14 -77.43
N SER B 319 -49.44 0.85 -78.47
CA SER B 319 -50.82 0.72 -78.91
C SER B 319 -51.02 -0.45 -79.86
N PHE B 320 -49.98 -0.80 -80.63
CA PHE B 320 -50.08 -1.92 -81.56
C PHE B 320 -49.92 -3.26 -80.85
N VAL B 321 -49.23 -3.29 -79.71
CA VAL B 321 -48.99 -4.55 -79.01
C VAL B 321 -50.31 -5.24 -78.70
N VAL B 322 -51.24 -4.51 -78.06
CA VAL B 322 -52.52 -5.09 -77.72
C VAL B 322 -53.35 -5.36 -78.97
N GLY B 323 -53.10 -4.61 -80.04
CA GLY B 323 -53.90 -4.76 -81.24
C GLY B 323 -53.71 -6.12 -81.89
N TRP B 324 -52.46 -6.58 -82.00
CA TRP B 324 -52.20 -7.89 -82.59
C TRP B 324 -52.89 -8.99 -81.81
N PHE B 325 -52.77 -8.96 -80.48
CA PHE B 325 -53.38 -10.00 -79.67
C PHE B 325 -54.91 -9.94 -79.75
N SER B 326 -55.48 -8.74 -79.76
CA SER B 326 -56.93 -8.62 -79.87
C SER B 326 -57.42 -9.16 -81.21
N ASN B 327 -56.70 -8.85 -82.30
CA ASN B 327 -57.08 -9.36 -83.60
C ASN B 327 -56.98 -10.87 -83.65
N PHE B 328 -55.90 -11.44 -83.09
CA PHE B 328 -55.75 -12.88 -83.07
C PHE B 328 -56.85 -13.54 -82.27
N ASP B 329 -57.24 -12.93 -81.14
CA ASP B 329 -58.30 -13.49 -80.32
C ASP B 329 -59.63 -13.45 -81.06
N LYS B 330 -59.95 -12.30 -81.68
CA LYS B 330 -61.20 -12.19 -82.44
C LYS B 330 -61.19 -13.08 -83.68
N TYR B 331 -60.01 -13.50 -84.15
CA TYR B 331 -59.94 -14.35 -85.33
C TYR B 331 -60.33 -15.80 -85.02
N VAL B 332 -60.04 -16.27 -83.80
CA VAL B 332 -60.37 -17.65 -83.46
C VAL B 332 -61.88 -17.82 -83.30
N ARG B 333 -62.57 -16.79 -82.81
CA ARG B 333 -64.01 -16.89 -82.61
C ARG B 333 -64.78 -16.98 -83.92
N THR B 334 -64.21 -16.48 -85.02
CA THR B 334 -64.86 -16.54 -86.31
C THR B 334 -64.56 -17.83 -87.07
N LEU B 335 -63.54 -18.57 -86.66
CA LEU B 335 -63.18 -19.80 -87.35
C LEU B 335 -64.34 -20.80 -87.29
N ALA B 336 -64.57 -21.50 -88.40
CA ALA B 336 -65.64 -22.48 -88.50
C ALA B 336 -65.36 -23.46 -89.62
N PRO B 337 -65.24 -24.76 -89.33
CA PRO B 337 -64.98 -25.72 -90.41
C PRO B 337 -66.10 -25.72 -91.45
N LEU B 338 -65.81 -26.37 -92.57
CA LEU B 338 -66.78 -26.50 -93.65
C LEU B 338 -66.39 -27.62 -94.59
N ILE B 339 -66.63 -28.86 -94.17
CA ILE B 339 -66.22 -30.02 -94.96
C ILE B 339 -67.21 -30.25 -96.11
N GLY B 340 -66.78 -31.01 -97.10
CA GLY B 340 -67.61 -31.35 -98.23
C GLY B 340 -67.21 -32.68 -98.85
N VAL B 341 -68.20 -33.45 -99.31
CA VAL B 341 -67.96 -34.76 -99.88
C VAL B 341 -68.80 -34.92 -101.13
N THR B 342 -68.29 -35.71 -102.08
CA THR B 342 -68.99 -35.97 -103.32
C THR B 342 -68.62 -37.36 -103.81
N PHE B 343 -69.53 -37.99 -104.55
CA PHE B 343 -69.29 -39.32 -105.08
C PHE B 343 -68.32 -39.26 -106.26
N GLU B 344 -67.41 -40.23 -106.31
CA GLU B 344 -66.40 -40.30 -107.37
C GLU B 344 -66.69 -41.48 -108.30
N THR B 345 -66.49 -42.71 -107.84
CA THR B 345 -66.72 -43.88 -108.68
C THR B 345 -67.10 -45.06 -107.78
N GLY B 346 -67.69 -46.07 -108.41
CA GLY B 346 -68.11 -47.26 -107.70
C GLY B 346 -68.27 -48.42 -108.64
N SER B 347 -68.78 -49.53 -108.10
CA SER B 347 -69.01 -50.73 -108.89
C SER B 347 -69.78 -51.73 -108.04
N GLN B 348 -70.41 -52.69 -108.72
CA GLN B 348 -71.16 -53.75 -108.08
C GLN B 348 -70.78 -55.08 -108.71
N ASN B 349 -70.58 -56.09 -107.87
CA ASN B 349 -70.14 -57.41 -108.30
C ASN B 349 -71.17 -58.46 -107.93
N ARG B 350 -71.39 -59.41 -108.84
CA ARG B 350 -72.27 -60.55 -108.62
C ARG B 350 -71.44 -61.82 -108.54
N ARG B 351 -71.87 -62.75 -107.69
CA ARG B 351 -71.12 -63.98 -107.47
C ARG B 351 -72.08 -65.11 -107.13
N THR B 352 -71.71 -66.32 -107.55
CA THR B 352 -72.46 -67.53 -107.24
C THR B 352 -71.47 -68.66 -107.03
N THR B 353 -71.50 -69.26 -105.83
CA THR B 353 -70.56 -70.30 -105.45
C THR B 353 -71.29 -71.59 -105.13
N CYS B 354 -70.65 -72.72 -105.46
CA CYS B 354 -71.18 -74.04 -105.16
C CYS B 354 -70.07 -74.89 -104.56
N GLU B 355 -70.36 -75.59 -103.48
CA GLU B 355 -69.37 -76.38 -102.75
C GLU B 355 -69.87 -77.81 -102.61
N LEU B 356 -68.95 -78.76 -102.77
CA LEU B 356 -69.23 -80.17 -102.58
C LEU B 356 -68.18 -80.76 -101.64
N VAL B 357 -68.62 -81.64 -100.75
CA VAL B 357 -67.72 -82.25 -99.77
C VAL B 357 -68.33 -83.57 -99.33
N GLY B 358 -67.49 -84.58 -99.18
CA GLY B 358 -67.95 -85.88 -98.76
C GLY B 358 -66.84 -86.67 -98.13
N CYS B 359 -67.15 -87.93 -97.82
CA CYS B 359 -66.21 -88.83 -97.17
C CYS B 359 -66.35 -90.22 -97.80
N THR B 360 -65.59 -91.17 -97.27
CA THR B 360 -65.61 -92.53 -97.78
C THR B 360 -65.22 -93.48 -96.65
N ARG B 361 -65.87 -94.64 -96.61
CA ARG B 361 -65.60 -95.64 -95.60
C ARG B 361 -65.61 -97.02 -96.24
N PHE B 362 -64.96 -97.97 -95.57
CA PHE B 362 -64.86 -99.35 -96.03
C PHE B 362 -65.53 -100.27 -95.02
N TYR B 363 -66.34 -101.20 -95.52
CA TYR B 363 -67.04 -102.18 -94.68
C TYR B 363 -66.88 -103.55 -95.32
N PRO B 364 -65.86 -104.31 -94.92
CA PRO B 364 -65.64 -105.61 -95.54
C PRO B 364 -66.74 -106.60 -95.21
N ARG B 365 -66.86 -107.62 -96.06
CA ARG B 365 -67.86 -108.64 -95.86
C ARG B 365 -67.56 -109.44 -94.59
N THR B 366 -68.44 -110.39 -94.28
CA THR B 366 -68.26 -111.21 -93.07
C THR B 366 -66.91 -111.91 -93.10
N VAL B 367 -66.64 -112.67 -94.16
CA VAL B 367 -65.40 -113.44 -94.29
C VAL B 367 -65.37 -114.04 -95.68
N SER B 368 -64.30 -114.79 -95.98
CA SER B 368 -64.20 -115.56 -97.21
C SER B 368 -64.50 -117.03 -96.91
N PRO B 369 -65.76 -117.41 -96.73
CA PRO B 369 -66.08 -118.78 -96.33
C PRO B 369 -65.66 -119.78 -97.39
N PRO B 370 -65.39 -121.03 -97.01
CA PRO B 370 -64.99 -122.03 -98.00
C PRO B 370 -66.14 -122.92 -98.44
N SER B 371 -65.85 -123.88 -99.31
CA SER B 371 -66.84 -124.91 -99.66
C SER B 371 -66.81 -126.02 -98.61
N GLY B 372 -65.75 -126.83 -98.61
CA GLY B 372 -65.52 -127.80 -97.56
C GLY B 372 -64.14 -127.61 -96.96
N TRP B 373 -63.56 -126.43 -97.19
CA TRP B 373 -62.21 -126.11 -96.77
C TRP B 373 -62.27 -125.24 -95.51
N PHE B 374 -61.18 -124.52 -95.22
CA PHE B 374 -61.15 -123.51 -94.17
C PHE B 374 -60.54 -122.23 -94.73
N ALA B 375 -60.68 -121.14 -93.99
CA ALA B 375 -60.18 -119.85 -94.46
C ALA B 375 -60.05 -118.92 -93.26
N ARG B 376 -59.33 -117.82 -93.49
CA ARG B 376 -59.13 -116.78 -92.48
C ARG B 376 -58.70 -115.50 -93.19
N TRP B 377 -58.67 -114.42 -92.42
CA TRP B 377 -58.29 -113.10 -92.94
C TRP B 377 -57.07 -112.57 -92.21
N LYS B 378 -56.41 -111.60 -92.83
CA LYS B 378 -55.19 -111.03 -92.27
C LYS B 378 -55.14 -109.55 -92.65
N ASP B 379 -55.34 -108.67 -91.66
CA ASP B 379 -55.17 -107.24 -91.85
C ASP B 379 -56.18 -106.65 -92.82
N PHE B 380 -56.98 -105.71 -92.35
CA PHE B 380 -57.91 -104.95 -93.17
C PHE B 380 -57.81 -103.49 -92.76
N PRO B 381 -58.35 -102.58 -93.58
CA PRO B 381 -58.15 -101.14 -93.31
C PRO B 381 -58.54 -100.73 -91.90
N ASP B 382 -59.82 -100.80 -91.57
CA ASP B 382 -60.34 -100.45 -90.25
C ASP B 382 -60.27 -98.96 -89.96
N GLY B 383 -59.87 -98.15 -90.95
CA GLY B 383 -59.74 -96.72 -90.75
C GLY B 383 -60.29 -95.94 -91.92
N SER B 384 -60.21 -94.62 -91.82
CA SER B 384 -60.68 -93.75 -92.88
C SER B 384 -59.95 -94.05 -94.18
N LEU B 385 -60.61 -93.74 -95.30
CA LEU B 385 -60.06 -94.01 -96.61
C LEU B 385 -59.53 -92.74 -97.27
N SER B 386 -60.44 -91.87 -97.72
CA SER B 386 -60.05 -90.66 -98.43
C SER B 386 -61.03 -89.55 -98.07
N GLU B 387 -60.89 -88.41 -98.74
CA GLU B 387 -61.75 -87.26 -98.52
C GLU B 387 -61.90 -86.51 -99.83
N VAL B 388 -63.14 -86.29 -100.26
CA VAL B 388 -63.44 -85.64 -101.52
C VAL B 388 -63.99 -84.25 -101.26
N SER B 389 -63.76 -83.35 -102.21
CA SER B 389 -64.24 -81.98 -102.10
C SER B 389 -64.13 -81.32 -103.47
N GLY B 390 -65.07 -80.41 -103.75
CA GLY B 390 -65.08 -79.66 -104.99
C GLY B 390 -65.50 -78.23 -104.75
N LEU B 391 -65.53 -77.46 -105.83
CA LEU B 391 -65.90 -76.06 -105.76
C LEU B 391 -66.18 -75.52 -107.16
N ARG B 392 -67.17 -74.63 -107.25
CA ARG B 392 -67.47 -73.91 -108.48
C ARG B 392 -67.61 -72.43 -108.17
N ARG B 393 -67.21 -71.60 -109.13
CA ARG B 393 -67.23 -70.16 -108.92
C ARG B 393 -67.49 -69.44 -110.23
N THR B 394 -68.40 -68.47 -110.19
CA THR B 394 -68.69 -67.61 -111.33
C THR B 394 -68.93 -66.21 -110.82
N ASP B 395 -68.46 -65.21 -111.56
CA ASP B 395 -68.52 -63.83 -111.10
C ASP B 395 -68.65 -62.90 -112.30
N ILE B 396 -69.34 -61.77 -112.08
CA ILE B 396 -69.47 -60.72 -113.07
C ILE B 396 -69.29 -59.38 -112.36
N ARG B 397 -68.68 -58.43 -113.07
CA ARG B 397 -68.36 -57.12 -112.53
C ARG B 397 -68.95 -56.06 -113.44
N SER B 398 -69.78 -55.18 -112.87
CA SER B 398 -70.38 -54.07 -113.60
C SER B 398 -69.95 -52.75 -112.98
N VAL B 399 -69.99 -51.70 -113.78
CA VAL B 399 -69.58 -50.37 -113.36
C VAL B 399 -70.79 -49.60 -112.86
N LEU B 400 -70.58 -48.79 -111.82
CA LEU B 400 -71.62 -47.95 -111.25
C LEU B 400 -71.25 -46.48 -111.42
N SER B 401 -72.23 -45.69 -111.84
CA SER B 401 -72.01 -44.27 -112.09
C SER B 401 -73.20 -43.48 -111.57
N THR B 402 -73.05 -42.14 -111.61
CA THR B 402 -74.07 -41.20 -111.14
C THR B 402 -74.83 -41.74 -109.93
N LEU B 403 -74.16 -41.84 -108.80
CA LEU B 403 -74.81 -42.29 -107.58
C LEU B 403 -75.88 -41.29 -107.15
N PRO B 404 -77.05 -41.74 -106.66
CA PRO B 404 -78.08 -40.78 -106.24
C PRO B 404 -77.60 -39.85 -105.13
N ASP B 405 -78.49 -38.99 -104.66
CA ASP B 405 -78.11 -38.03 -103.63
C ASP B 405 -77.60 -38.76 -102.40
N PRO B 406 -76.43 -38.40 -101.86
CA PRO B 406 -75.92 -39.10 -100.68
C PRO B 406 -76.57 -38.61 -99.39
N ASP B 407 -76.44 -39.44 -98.35
CA ASP B 407 -76.96 -39.10 -97.04
C ASP B 407 -75.82 -39.08 -96.01
N VAL B 408 -74.83 -38.24 -96.25
CA VAL B 408 -73.66 -38.17 -95.38
C VAL B 408 -74.01 -37.38 -94.13
N ARG B 409 -73.50 -37.84 -92.99
CA ARG B 409 -73.72 -37.18 -91.70
C ARG B 409 -72.38 -36.91 -91.05
N PHE B 410 -72.07 -35.64 -90.85
CA PHE B 410 -70.84 -35.21 -90.20
C PHE B 410 -71.18 -34.56 -88.87
N HIS B 411 -70.55 -35.04 -87.79
CA HIS B 411 -70.86 -34.54 -86.46
C HIS B 411 -70.36 -33.12 -86.27
N ALA B 412 -69.30 -32.73 -86.98
CA ALA B 412 -68.72 -31.40 -86.83
C ALA B 412 -68.29 -31.18 -85.39
N ASP B 413 -68.11 -29.93 -84.99
CA ASP B 413 -67.71 -29.58 -83.63
C ASP B 413 -66.39 -30.28 -83.28
N VAL B 414 -65.41 -30.14 -84.15
CA VAL B 414 -64.09 -30.74 -83.93
C VAL B 414 -63.47 -30.14 -82.68
N GLY B 415 -62.34 -30.68 -82.25
CA GLY B 415 -61.66 -30.19 -81.07
C GLY B 415 -61.00 -28.84 -81.27
N LEU B 416 -61.79 -27.85 -81.71
CA LEU B 416 -61.26 -26.52 -81.96
C LEU B 416 -61.40 -25.58 -80.76
N PHE B 417 -62.32 -25.88 -79.84
CA PHE B 417 -62.47 -25.07 -78.64
C PHE B 417 -61.30 -25.21 -77.68
N GLU B 418 -60.41 -26.19 -77.91
CA GLU B 418 -59.28 -26.39 -77.02
C GLU B 418 -58.33 -25.20 -77.08
N ILE B 419 -58.01 -24.73 -78.29
CA ILE B 419 -57.08 -23.63 -78.44
C ILE B 419 -57.63 -22.34 -77.83
N SER B 420 -58.95 -22.25 -77.68
CA SER B 420 -59.55 -21.06 -77.08
C SER B 420 -59.16 -20.94 -75.61
N ALA B 421 -59.08 -22.07 -74.90
CA ALA B 421 -58.70 -22.03 -73.50
C ALA B 421 -57.28 -21.55 -73.29
N GLY B 422 -56.42 -21.68 -74.28
CA GLY B 422 -55.04 -21.23 -74.17
C GLY B 422 -54.91 -19.73 -74.30
N ILE B 423 -55.52 -19.16 -75.34
CA ILE B 423 -55.45 -17.72 -75.54
C ILE B 423 -56.17 -16.99 -74.41
N SER B 424 -57.31 -17.51 -73.96
CA SER B 424 -58.06 -16.88 -72.88
C SER B 424 -57.27 -16.93 -71.58
N LEU B 425 -56.66 -18.07 -71.27
CA LEU B 425 -55.87 -18.19 -70.04
C LEU B 425 -54.66 -17.28 -70.08
N LEU B 426 -53.93 -17.28 -71.19
CA LEU B 426 -52.75 -16.42 -71.30
C LEU B 426 -53.13 -14.94 -71.33
N ALA B 427 -54.29 -14.62 -71.89
CA ALA B 427 -54.71 -13.22 -71.95
C ALA B 427 -54.98 -12.66 -70.56
N GLN B 428 -55.37 -13.50 -69.61
CA GLN B 428 -55.65 -13.05 -68.26
C GLN B 428 -54.40 -12.86 -67.42
N ARG B 429 -53.23 -13.27 -67.91
CA ARG B 429 -52.00 -13.22 -67.14
C ARG B 429 -51.12 -12.03 -67.50
N TYR B 430 -51.17 -11.54 -68.73
CA TYR B 430 -50.26 -10.49 -69.17
C TYR B 430 -50.97 -9.38 -69.92
N LEU B 431 -52.07 -9.70 -70.62
CA LEU B 431 -52.76 -8.68 -71.41
C LEU B 431 -53.57 -7.74 -70.53
N LYS B 432 -54.31 -8.28 -69.56
CA LYS B 432 -55.15 -7.44 -68.71
C LYS B 432 -54.29 -6.56 -67.82
N PRO B 433 -53.23 -7.09 -67.20
CA PRO B 433 -52.32 -6.18 -66.46
C PRO B 433 -51.70 -5.11 -67.36
N LEU B 434 -51.37 -5.46 -68.60
CA LEU B 434 -50.81 -4.46 -69.51
C LEU B 434 -51.83 -3.36 -69.82
N GLN B 435 -53.08 -3.75 -70.08
CA GLN B 435 -54.11 -2.75 -70.32
C GLN B 435 -54.38 -1.91 -69.08
N ARG B 436 -54.27 -2.50 -67.89
CA ARG B 436 -54.45 -1.74 -66.66
C ARG B 436 -53.34 -0.71 -66.48
N LEU B 437 -52.09 -1.12 -66.73
CA LEU B 437 -50.97 -0.20 -66.56
C LEU B 437 -50.99 0.89 -67.62
N LEU B 438 -51.27 0.53 -68.87
CA LEU B 438 -51.31 1.51 -69.95
C LEU B 438 -52.44 2.50 -69.77
N LYS B 439 -53.50 2.14 -69.03
CA LYS B 439 -54.58 3.09 -68.79
C LYS B 439 -54.08 4.36 -68.13
N ARG B 440 -52.99 4.28 -67.39
CA ARG B 440 -52.39 5.43 -66.71
C ARG B 440 -51.10 5.82 -67.39
N LYS B 441 -50.84 7.13 -67.42
CA LYS B 441 -49.64 7.71 -68.02
C LYS B 441 -49.30 7.05 -69.35
N SER B 442 -50.22 7.19 -70.31
CA SER B 442 -50.00 6.72 -71.67
C SER B 442 -49.05 7.69 -72.36
N PHE B 443 -47.78 7.31 -72.48
CA PHE B 443 -46.77 8.21 -73.00
C PHE B 443 -47.07 8.60 -74.44
N PHE B 444 -46.38 9.63 -74.90
CA PHE B 444 -46.60 10.23 -76.21
C PHE B 444 -45.34 10.06 -77.06
N TYR B 445 -45.35 10.70 -78.24
CA TYR B 445 -44.21 10.67 -79.14
C TYR B 445 -44.15 11.98 -79.90
N GLY B 446 -42.93 12.40 -80.23
CA GLY B 446 -42.73 13.63 -80.96
C GLY B 446 -41.71 13.49 -82.08
N ARG B 447 -41.34 14.62 -82.69
CA ARG B 447 -40.37 14.58 -83.78
C ARG B 447 -38.99 14.13 -83.32
N THR B 448 -38.71 14.21 -82.01
CA THR B 448 -37.43 13.78 -81.48
C THR B 448 -37.21 12.30 -81.73
N LEU C 1 -32.75 -50.56 -62.83
CA LEU C 1 -32.65 -51.65 -61.87
C LEU C 1 -33.80 -51.58 -60.87
N GLU C 2 -34.29 -52.75 -60.47
CA GLU C 2 -35.38 -52.84 -59.51
C GLU C 2 -35.22 -54.11 -58.69
N GLU C 3 -35.53 -54.01 -57.40
CA GLU C 3 -35.49 -55.15 -56.48
C GLU C 3 -36.88 -55.35 -55.90
N HIS C 4 -37.38 -56.59 -55.97
CA HIS C 4 -38.73 -56.91 -55.51
C HIS C 4 -38.69 -58.15 -54.63
N TYR C 5 -39.72 -58.27 -53.79
CA TYR C 5 -39.89 -59.41 -52.90
C TYR C 5 -41.17 -60.15 -53.29
N TYR C 6 -41.05 -61.45 -53.56
CA TYR C 6 -42.19 -62.27 -53.93
C TYR C 6 -42.60 -63.16 -52.77
N SER C 7 -42.92 -62.57 -51.63
CA SER C 7 -43.33 -63.31 -50.44
C SER C 7 -44.66 -64.01 -50.71
N ARG C 8 -44.62 -65.33 -50.87
CA ARG C 8 -45.79 -66.13 -51.17
C ARG C 8 -46.09 -67.03 -49.97
N LYS C 9 -47.30 -66.93 -49.43
CA LYS C 9 -47.72 -67.76 -48.32
C LYS C 9 -48.19 -69.12 -48.83
N THR C 10 -47.76 -70.18 -48.14
CA THR C 10 -48.12 -71.53 -48.54
C THR C 10 -49.54 -71.85 -48.09
N CYS C 11 -50.00 -73.05 -48.45
CA CYS C 11 -51.34 -73.49 -48.11
C CYS C 11 -51.39 -73.89 -46.64
N GLY C 12 -52.46 -74.59 -46.25
CA GLY C 12 -52.60 -75.01 -44.86
C GLY C 12 -51.53 -75.97 -44.39
N SER C 13 -50.86 -76.65 -45.32
CA SER C 13 -49.79 -77.60 -44.98
C SER C 13 -48.52 -76.83 -44.64
N GLY C 14 -48.58 -76.13 -43.51
CA GLY C 14 -47.46 -75.33 -43.04
C GLY C 14 -47.82 -73.86 -42.88
N GLY C 15 -48.15 -73.21 -43.99
CA GLY C 15 -48.52 -71.82 -43.94
C GLY C 15 -47.35 -70.87 -43.75
N GLY C 16 -46.17 -71.23 -44.26
CA GLY C 16 -45.00 -70.40 -44.13
C GLY C 16 -44.98 -69.26 -45.13
N LEU C 17 -43.77 -68.90 -45.59
CA LEU C 17 -43.62 -67.83 -46.56
C LEU C 17 -42.23 -67.86 -47.18
N SER C 18 -42.16 -67.77 -48.50
CA SER C 18 -40.90 -67.80 -49.23
C SER C 18 -40.67 -66.44 -49.88
N VAL C 19 -39.59 -65.76 -49.49
CA VAL C 19 -39.29 -64.43 -49.98
C VAL C 19 -39.03 -64.49 -51.48
N GLN C 20 -37.95 -65.16 -51.88
CA GLN C 20 -37.60 -65.25 -53.29
C GLN C 20 -37.33 -63.86 -53.87
N ARG C 21 -36.12 -63.34 -53.66
CA ARG C 21 -35.74 -62.03 -54.16
C ARG C 21 -35.02 -62.17 -55.49
N THR C 22 -35.30 -61.23 -56.40
CA THR C 22 -34.70 -61.25 -57.72
C THR C 22 -34.51 -59.82 -58.21
N GLY C 23 -33.41 -59.57 -58.91
CA GLY C 23 -33.13 -58.29 -59.50
C GLY C 23 -33.46 -58.26 -60.98
N TYR C 24 -33.79 -57.07 -61.47
CA TYR C 24 -34.22 -56.88 -62.87
C TYR C 24 -33.64 -55.58 -63.40
N PRO C 25 -32.52 -55.64 -64.14
CA PRO C 25 -32.02 -54.43 -64.80
C PRO C 25 -33.06 -53.88 -65.77
N GLN C 26 -33.13 -52.55 -65.86
CA GLN C 26 -34.10 -51.86 -66.68
C GLN C 26 -33.39 -50.89 -67.63
N THR C 27 -34.03 -50.64 -68.76
CA THR C 27 -33.50 -49.71 -69.76
C THR C 27 -34.02 -48.30 -69.51
N ASP C 28 -33.35 -47.33 -70.10
CA ASP C 28 -33.71 -45.93 -69.96
C ASP C 28 -33.13 -45.16 -71.14
N PRO C 29 -33.67 -43.98 -71.44
CA PRO C 29 -33.13 -43.18 -72.55
C PRO C 29 -31.76 -42.64 -72.20
N PRO C 30 -31.04 -42.08 -73.17
CA PRO C 30 -29.70 -41.57 -72.89
C PRO C 30 -29.75 -40.38 -71.93
N VAL C 31 -28.58 -40.09 -71.37
CA VAL C 31 -28.46 -38.98 -70.41
C VAL C 31 -28.47 -37.65 -71.16
N PHE C 32 -28.77 -36.59 -70.43
CA PHE C 32 -28.79 -35.25 -71.02
C PHE C 32 -27.44 -34.93 -71.66
N LYS C 33 -27.48 -34.26 -72.80
CA LYS C 33 -26.28 -33.93 -73.55
C LYS C 33 -25.75 -32.60 -73.05
N ALA C 34 -24.84 -32.67 -72.07
CA ALA C 34 -24.23 -31.46 -71.54
C ALA C 34 -23.31 -30.83 -72.59
N VAL C 35 -23.16 -29.51 -72.50
CA VAL C 35 -22.37 -28.75 -73.45
C VAL C 35 -21.54 -27.72 -72.67
N ASN C 36 -20.32 -27.49 -73.14
CA ASN C 36 -19.43 -26.51 -72.53
C ASN C 36 -18.21 -26.28 -73.40
N SER C 37 -18.12 -25.11 -74.03
CA SER C 37 -17.03 -24.79 -74.94
C SER C 37 -16.65 -23.32 -74.80
N PHE C 38 -15.56 -22.96 -75.46
CA PHE C 38 -15.07 -21.59 -75.43
C PHE C 38 -14.17 -21.38 -76.65
N GLU C 39 -14.23 -20.19 -77.23
CA GLU C 39 -13.44 -19.87 -78.41
C GLU C 39 -13.09 -18.39 -78.39
N ARG C 40 -12.00 -18.05 -79.07
CA ARG C 40 -11.54 -16.68 -79.17
C ARG C 40 -10.57 -16.57 -80.34
N ALA C 41 -10.59 -15.42 -81.00
CA ALA C 41 -9.70 -15.21 -82.13
C ALA C 41 -8.25 -15.39 -81.70
N PRO C 42 -7.37 -15.77 -82.63
CA PRO C 42 -5.95 -15.90 -82.28
C PRO C 42 -5.39 -14.60 -81.73
N LEU C 43 -4.49 -14.72 -80.77
CA LEU C 43 -3.89 -13.54 -80.15
C LEU C 43 -3.15 -12.72 -81.20
N ILE C 44 -3.45 -11.42 -81.25
CA ILE C 44 -2.85 -10.52 -82.23
C ILE C 44 -1.62 -9.87 -81.60
N VAL C 45 -1.83 -9.19 -80.47
CA VAL C 45 -0.75 -8.51 -79.76
C VAL C 45 -0.87 -8.85 -78.27
N GLY C 46 0.29 -8.91 -77.60
CA GLY C 46 0.29 -9.25 -76.20
C GLY C 46 -0.42 -8.22 -75.33
N ASP C 47 -0.35 -6.95 -75.72
CA ASP C 47 -0.99 -5.90 -74.95
C ASP C 47 -2.50 -6.14 -74.89
N HIS C 48 -3.04 -6.21 -73.68
CA HIS C 48 -4.47 -6.42 -73.47
C HIS C 48 -5.19 -5.20 -72.95
N VAL C 49 -4.50 -4.27 -72.28
CA VAL C 49 -5.15 -3.05 -71.82
C VAL C 49 -5.70 -2.27 -73.00
N HIS C 50 -4.98 -2.26 -74.12
CA HIS C 50 -5.47 -1.68 -75.36
C HIS C 50 -6.08 -2.75 -76.27
N SER C 51 -5.35 -3.84 -76.47
CA SER C 51 -5.86 -4.98 -77.22
C SER C 51 -6.21 -4.62 -78.65
N LEU C 52 -6.52 -5.63 -79.46
CA LEU C 52 -6.88 -5.44 -80.85
C LEU C 52 -8.30 -5.97 -81.08
N PRO C 53 -8.94 -5.65 -82.20
CA PRO C 53 -10.29 -6.17 -82.45
C PRO C 53 -10.31 -7.69 -82.37
N TYR C 54 -11.12 -8.20 -81.43
CA TYR C 54 -11.24 -9.64 -81.19
C TYR C 54 -12.70 -9.98 -80.99
N TRP C 55 -12.97 -11.27 -80.78
CA TRP C 55 -14.31 -11.76 -80.50
C TRP C 55 -14.22 -12.92 -79.52
N SER C 56 -15.36 -13.25 -78.93
CA SER C 56 -15.42 -14.35 -77.97
C SER C 56 -16.84 -14.89 -77.93
N ARG C 57 -16.96 -16.22 -78.03
CA ARG C 57 -18.26 -16.89 -77.99
C ARG C 57 -18.18 -18.04 -77.01
N LYS C 58 -19.05 -18.03 -76.00
CA LYS C 58 -19.12 -19.08 -74.99
C LYS C 58 -20.54 -19.63 -74.93
N ILE C 59 -20.66 -20.95 -74.90
CA ILE C 59 -21.95 -21.63 -74.81
C ILE C 59 -21.84 -22.68 -73.71
N THR C 60 -22.86 -22.72 -72.84
CA THR C 60 -22.84 -23.63 -71.70
C THR C 60 -24.24 -24.18 -71.47
N LEU C 61 -24.30 -25.48 -71.19
CA LEU C 61 -25.55 -26.16 -70.85
C LEU C 61 -25.27 -27.17 -69.77
N GLU C 62 -26.18 -27.28 -68.80
CA GLU C 62 -25.98 -28.18 -67.67
C GLU C 62 -27.32 -28.43 -66.99
N CYS C 63 -27.45 -29.62 -66.41
CA CYS C 63 -28.63 -30.00 -65.65
C CYS C 63 -28.16 -30.63 -64.35
N THR C 64 -28.68 -30.12 -63.23
CA THR C 64 -28.26 -30.62 -61.93
C THR C 64 -28.74 -32.06 -61.75
N PRO C 65 -27.88 -32.97 -61.28
CA PRO C 65 -28.32 -34.34 -61.06
C PRO C 65 -29.14 -34.46 -59.77
N TYR C 66 -30.15 -35.34 -59.81
CA TYR C 66 -31.03 -35.53 -58.67
C TYR C 66 -31.73 -36.88 -58.77
N PRO C 67 -31.32 -37.87 -57.98
CA PRO C 67 -31.99 -39.18 -58.01
C PRO C 67 -33.16 -39.24 -57.05
N PHE C 68 -34.10 -40.13 -57.37
CA PHE C 68 -35.25 -40.37 -56.52
C PHE C 68 -35.77 -41.78 -56.80
N THR C 69 -36.48 -42.33 -55.82
CA THR C 69 -36.95 -43.71 -55.87
C THR C 69 -38.44 -43.75 -55.58
N LEU C 70 -39.16 -44.61 -56.30
CA LEU C 70 -40.58 -44.87 -56.08
C LEU C 70 -40.77 -46.33 -55.69
N ARG C 71 -41.98 -46.65 -55.23
CA ARG C 71 -42.27 -48.01 -54.80
C ARG C 71 -43.78 -48.21 -54.72
N TRP C 72 -44.18 -49.47 -54.71
CA TRP C 72 -45.58 -49.86 -54.63
C TRP C 72 -45.65 -51.36 -54.40
N GLU C 73 -46.81 -51.82 -53.95
CA GLU C 73 -47.01 -53.24 -53.63
C GLU C 73 -48.41 -53.64 -54.09
N GLY C 74 -48.80 -54.84 -53.72
CA GLY C 74 -50.11 -55.37 -54.08
C GLY C 74 -50.13 -56.88 -54.02
N GLY C 75 -51.34 -57.42 -54.00
CA GLY C 75 -51.51 -58.86 -53.92
C GLY C 75 -52.85 -59.28 -54.49
N VAL C 76 -53.06 -60.60 -54.51
CA VAL C 76 -54.28 -61.17 -55.06
C VAL C 76 -55.44 -60.93 -54.11
N HIS C 77 -56.66 -61.14 -54.60
CA HIS C 77 -57.88 -60.96 -53.81
C HIS C 77 -58.44 -62.33 -53.44
N LYS C 78 -59.01 -62.40 -52.23
CA LYS C 78 -59.62 -63.62 -51.72
C LYS C 78 -61.01 -63.31 -51.20
N ASP C 79 -61.69 -64.33 -50.70
CA ASP C 79 -63.08 -64.21 -50.25
C ASP C 79 -63.10 -63.70 -48.81
N GLY C 80 -63.28 -62.39 -48.65
CA GLY C 80 -63.46 -61.82 -47.32
C GLY C 80 -62.30 -62.07 -46.37
N ILE C 81 -61.08 -62.04 -46.87
CA ILE C 81 -59.89 -62.17 -46.04
C ILE C 81 -59.51 -60.77 -45.54
N PRO C 82 -59.50 -60.52 -44.23
CA PRO C 82 -59.21 -59.17 -43.73
C PRO C 82 -57.73 -58.87 -43.58
N ASP C 83 -56.84 -59.79 -43.98
CA ASP C 83 -55.40 -59.61 -43.84
C ASP C 83 -54.79 -59.62 -45.25
N LYS C 84 -54.79 -58.44 -45.88
CA LYS C 84 -54.16 -58.27 -47.19
C LYS C 84 -53.14 -57.15 -47.13
N VAL C 85 -52.30 -57.17 -46.09
CA VAL C 85 -51.20 -56.22 -45.94
C VAL C 85 -50.10 -56.65 -46.90
N PRO C 86 -48.93 -56.00 -46.93
CA PRO C 86 -47.88 -56.43 -47.87
C PRO C 86 -47.64 -57.93 -47.87
N HIS C 87 -47.66 -58.55 -46.70
CA HIS C 87 -47.55 -60.01 -46.59
C HIS C 87 -48.76 -60.54 -45.87
N PRO C 88 -49.70 -61.23 -46.55
CA PRO C 88 -50.89 -61.72 -45.85
C PRO C 88 -50.53 -62.68 -44.74
N SER C 89 -51.24 -62.56 -43.62
CA SER C 89 -50.94 -63.36 -42.42
C SER C 89 -51.66 -64.70 -42.46
N CYS C 90 -52.97 -64.68 -42.28
CA CYS C 90 -53.74 -65.91 -42.21
C CYS C 90 -53.67 -66.67 -43.54
N ASP C 91 -54.19 -67.89 -43.53
CA ASP C 91 -54.21 -68.76 -44.69
C ASP C 91 -55.45 -69.65 -44.65
N PRO C 92 -56.47 -69.39 -45.49
CA PRO C 92 -57.69 -70.21 -45.42
C PRO C 92 -57.52 -71.56 -46.08
N GLY C 93 -56.70 -71.62 -47.13
CA GLY C 93 -56.48 -72.86 -47.84
C GLY C 93 -55.64 -72.69 -49.09
N SER C 94 -55.84 -71.58 -49.79
CA SER C 94 -55.09 -71.28 -51.01
C SER C 94 -53.91 -70.37 -50.67
N GLU C 95 -53.10 -70.07 -51.67
CA GLU C 95 -51.90 -69.26 -51.49
C GLU C 95 -52.15 -67.83 -51.94
N LEU C 96 -51.30 -66.93 -51.43
CA LEU C 96 -51.31 -65.52 -51.82
C LEU C 96 -49.92 -65.13 -52.28
N VAL C 97 -49.82 -64.54 -53.47
CA VAL C 97 -48.51 -64.25 -54.05
C VAL C 97 -47.96 -62.93 -53.52
N SER C 98 -48.76 -61.87 -53.54
CA SER C 98 -48.31 -60.56 -53.10
C SER C 98 -47.10 -60.11 -53.91
N TYR C 99 -46.68 -58.86 -53.71
CA TYR C 99 -45.50 -58.33 -54.39
C TYR C 99 -45.17 -56.93 -53.88
N THR C 100 -43.89 -56.62 -53.78
CA THR C 100 -43.43 -55.29 -53.37
C THR C 100 -42.25 -54.91 -54.25
N HIS C 101 -42.35 -53.75 -54.90
CA HIS C 101 -41.34 -53.30 -55.85
C HIS C 101 -40.85 -51.90 -55.47
N SER C 102 -39.72 -51.52 -56.03
CA SER C 102 -39.14 -50.20 -55.78
C SER C 102 -38.09 -49.92 -56.85
N ARG C 103 -38.43 -49.04 -57.79
CA ARG C 103 -37.54 -48.68 -58.89
C ARG C 103 -36.98 -47.28 -58.68
N GLU C 104 -35.74 -47.08 -59.09
CA GLU C 104 -35.08 -45.78 -59.01
C GLU C 104 -35.11 -45.10 -60.37
N VAL C 105 -34.98 -43.77 -60.35
CA VAL C 105 -35.07 -42.96 -61.56
C VAL C 105 -33.86 -42.01 -61.60
N ASP C 106 -33.36 -41.76 -62.80
CA ASP C 106 -32.31 -40.77 -63.04
C ASP C 106 -32.96 -39.61 -63.79
N CYS C 107 -33.31 -38.55 -63.04
CA CYS C 107 -34.04 -37.44 -63.63
C CYS C 107 -33.27 -36.76 -64.75
N GLU C 108 -31.96 -36.99 -64.85
CA GLU C 108 -31.17 -36.37 -65.90
C GLU C 108 -31.54 -36.90 -67.28
N ARG C 109 -32.25 -38.01 -67.36
CA ARG C 109 -32.63 -38.61 -68.63
C ARG C 109 -34.05 -38.27 -69.06
N PHE C 110 -34.96 -38.06 -68.12
CA PHE C 110 -36.36 -37.77 -68.44
C PHE C 110 -36.57 -36.27 -68.62
N ILE C 111 -35.91 -35.73 -69.66
CA ILE C 111 -36.04 -34.34 -70.04
C ILE C 111 -36.13 -34.26 -71.55
N GLY C 112 -37.11 -33.51 -72.05
CA GLY C 112 -37.32 -33.38 -73.47
C GLY C 112 -36.14 -32.72 -74.16
N PRO C 113 -36.22 -32.61 -75.48
CA PRO C 113 -35.11 -31.99 -76.23
C PRO C 113 -35.05 -30.48 -76.02
N VAL C 114 -33.87 -29.93 -76.23
CA VAL C 114 -33.68 -28.48 -76.08
C VAL C 114 -34.47 -27.77 -77.17
N PRO C 115 -35.22 -26.71 -76.85
CA PRO C 115 -35.99 -26.03 -77.90
C PRO C 115 -35.09 -25.42 -78.95
N SER C 116 -35.69 -25.11 -80.11
CA SER C 116 -34.95 -24.53 -81.22
C SER C 116 -34.64 -23.04 -81.03
N SER C 117 -35.29 -22.38 -80.07
CA SER C 117 -35.05 -20.96 -79.84
C SER C 117 -33.69 -20.70 -79.20
N PHE C 118 -32.98 -21.74 -78.75
CA PHE C 118 -31.67 -21.58 -78.13
C PHE C 118 -30.62 -21.34 -79.21
N THR C 119 -30.67 -20.14 -79.78
CA THR C 119 -29.75 -19.73 -80.84
C THR C 119 -29.38 -18.28 -80.63
N ASP C 120 -28.40 -17.82 -81.41
CA ASP C 120 -27.97 -16.43 -81.30
C ASP C 120 -29.02 -15.51 -81.94
N PRO C 121 -29.37 -14.41 -81.28
CA PRO C 121 -30.39 -13.51 -81.85
C PRO C 121 -29.81 -12.63 -82.95
N LYS C 122 -30.72 -12.02 -83.71
CA LYS C 122 -30.36 -11.13 -84.80
C LYS C 122 -30.60 -9.68 -84.39
N VAL C 123 -29.66 -8.81 -84.73
CA VAL C 123 -29.73 -7.39 -84.41
C VAL C 123 -29.59 -6.60 -85.70
N THR C 124 -30.50 -5.65 -85.92
CA THR C 124 -30.49 -4.85 -87.14
C THR C 124 -29.49 -3.70 -86.98
N SER C 125 -29.45 -2.84 -88.00
CA SER C 125 -28.52 -1.72 -87.99
C SER C 125 -29.03 -0.58 -87.12
N ALA C 126 -30.32 -0.26 -87.24
CA ALA C 126 -30.89 0.80 -86.42
C ALA C 126 -30.83 0.45 -84.94
N GLN C 127 -30.97 -0.84 -84.62
CA GLN C 127 -30.82 -1.27 -83.23
C GLN C 127 -29.45 -0.91 -82.69
N TRP C 128 -28.40 -1.31 -83.40
CA TRP C 128 -27.04 -1.00 -82.96
C TRP C 128 -26.81 0.50 -82.90
N LYS C 129 -27.35 1.25 -83.87
CA LYS C 129 -27.15 2.68 -83.90
C LYS C 129 -27.75 3.35 -82.66
N PHE C 130 -29.00 3.00 -82.34
CA PHE C 130 -29.67 3.58 -81.18
C PHE C 130 -28.98 3.16 -79.89
N LEU C 131 -28.58 1.89 -79.81
CA LEU C 131 -27.90 1.41 -78.61
C LEU C 131 -26.54 2.08 -78.42
N GLU C 132 -25.88 2.45 -79.52
CA GLU C 132 -24.63 3.18 -79.43
C GLU C 132 -24.87 4.62 -79.01
N ASP C 133 -25.90 5.25 -79.58
CA ASP C 133 -26.18 6.64 -79.26
C ASP C 133 -26.55 6.81 -77.80
N MET C 134 -27.42 5.94 -77.29
CA MET C 134 -27.83 6.05 -75.89
C MET C 134 -26.65 5.80 -74.95
N ALA C 135 -25.80 4.83 -75.28
CA ALA C 135 -24.63 4.56 -74.46
C ALA C 135 -23.68 5.75 -74.44
N ASP C 136 -23.45 6.36 -75.62
CA ASP C 136 -22.58 7.54 -75.67
C ASP C 136 -23.18 8.69 -74.88
N MET C 137 -24.51 8.87 -74.96
CA MET C 137 -25.15 9.93 -74.19
C MET C 137 -24.98 9.70 -72.69
N LYS C 138 -25.18 8.45 -72.25
CA LYS C 138 -25.03 8.15 -70.84
C LYS C 138 -23.58 8.38 -70.38
N ALA C 139 -22.62 8.00 -71.21
CA ALA C 139 -21.22 8.21 -70.86
C ALA C 139 -20.90 9.70 -70.75
N LEU C 140 -21.38 10.50 -71.71
CA LEU C 140 -21.12 11.93 -71.66
C LEU C 140 -21.80 12.57 -70.45
N ALA C 141 -23.00 12.09 -70.09
CA ALA C 141 -23.66 12.61 -68.89
C ALA C 141 -22.87 12.27 -67.64
N ASP C 142 -22.40 11.02 -67.53
CA ASP C 142 -21.59 10.64 -66.38
C ASP C 142 -20.33 11.49 -66.31
N LEU C 143 -19.72 11.79 -67.46
CA LEU C 143 -18.55 12.67 -67.48
C LEU C 143 -18.91 14.06 -66.98
N ASN C 144 -20.01 14.61 -67.49
CA ASN C 144 -20.45 15.94 -67.06
C ASN C 144 -20.66 15.97 -65.55
N LYS C 145 -21.19 14.89 -64.97
CA LYS C 145 -21.39 14.86 -63.52
C LYS C 145 -20.08 14.98 -62.78
N SER C 146 -19.01 14.36 -63.30
CA SER C 146 -17.73 14.35 -62.60
C SER C 146 -17.11 15.74 -62.55
N LEU C 147 -17.41 16.59 -63.53
CA LEU C 147 -16.81 17.92 -63.60
C LEU C 147 -17.48 18.94 -62.67
N VAL C 148 -18.37 18.49 -61.79
CA VAL C 148 -19.05 19.41 -60.87
C VAL C 148 -18.21 19.76 -59.66
N ASN C 149 -17.08 19.07 -59.44
CA ASN C 149 -16.22 19.34 -58.30
C ASN C 149 -14.93 20.02 -58.74
N LEU C 150 -15.05 21.11 -59.49
CA LEU C 150 -13.89 21.84 -59.97
C LEU C 150 -13.36 22.79 -58.90
N PRO C 151 -14.22 23.52 -58.18
CA PRO C 151 -13.70 24.45 -57.16
C PRO C 151 -12.77 23.79 -56.15
N MET C 152 -13.06 22.55 -55.74
CA MET C 152 -12.19 21.86 -54.80
C MET C 152 -10.80 21.63 -55.37
N LEU C 153 -10.70 21.51 -56.70
CA LEU C 153 -9.39 21.36 -57.33
C LEU C 153 -8.58 22.65 -57.21
N TYR C 154 -9.23 23.80 -57.40
CA TYR C 154 -8.56 25.08 -57.26
C TYR C 154 -8.38 25.50 -55.81
N LYS C 155 -9.03 24.81 -54.87
CA LYS C 155 -8.93 25.19 -53.46
C LYS C 155 -7.48 25.32 -53.01
N GLU C 156 -6.62 24.40 -53.44
CA GLU C 156 -5.24 24.41 -52.97
C GLU C 156 -4.50 25.66 -53.45
N ARG C 157 -4.90 26.23 -54.58
CA ARG C 157 -4.20 27.35 -55.19
C ARG C 157 -4.59 28.69 -54.58
N ARG C 158 -5.87 28.89 -54.24
CA ARG C 158 -6.31 30.17 -53.71
C ARG C 158 -5.59 30.49 -52.40
N GLU C 159 -5.31 29.48 -51.59
CA GLU C 159 -4.59 29.69 -50.34
C GLU C 159 -3.22 30.32 -50.62
N THR C 160 -2.35 29.59 -51.33
CA THR C 160 -1.03 30.12 -51.65
C THR C 160 -1.11 31.37 -52.51
N LEU C 161 -2.26 31.67 -53.10
CA LEU C 161 -2.40 32.89 -53.90
C LEU C 161 -2.58 34.11 -52.99
N LYS C 162 -3.63 34.09 -52.16
CA LYS C 162 -3.96 35.25 -51.34
C LYS C 162 -3.83 35.01 -49.84
N MET C 163 -4.28 33.87 -49.34
CA MET C 163 -4.21 33.63 -47.90
C MET C 163 -2.78 33.77 -47.38
N VAL C 164 -1.80 33.43 -48.20
CA VAL C 164 -0.40 33.69 -47.87
C VAL C 164 0.02 35.06 -48.39
N GLY C 165 -0.64 35.58 -49.42
CA GLY C 165 -0.30 36.89 -49.94
C GLY C 165 -0.59 38.01 -48.96
N ASN C 166 -1.36 37.72 -47.90
CA ASN C 166 -1.64 38.72 -46.88
C ASN C 166 -0.35 39.25 -46.25
N ARG C 167 0.74 38.49 -46.34
CA ARG C 167 2.01 38.97 -45.79
C ARG C 167 2.41 40.30 -46.40
N LEU C 168 2.03 40.55 -47.66
CA LEU C 168 2.35 41.83 -48.28
C LEU C 168 1.68 42.99 -47.54
N GLY C 169 0.53 42.72 -46.90
CA GLY C 169 -0.13 43.77 -46.13
C GLY C 169 0.64 44.16 -44.88
N GLY C 170 1.40 43.23 -44.31
CA GLY C 170 2.21 43.56 -43.16
C GLY C 170 3.18 44.70 -43.42
N LEU C 171 3.68 44.80 -44.65
CA LEU C 171 4.56 45.91 -45.00
C LEU C 171 3.84 47.24 -44.86
N VAL C 172 2.68 47.38 -45.49
CA VAL C 172 1.90 48.61 -45.36
C VAL C 172 1.50 48.83 -43.92
N ARG C 173 1.22 47.75 -43.18
CA ARG C 173 0.88 47.88 -41.77
C ARG C 173 2.00 48.56 -41.00
N VAL C 174 3.20 47.97 -41.02
CA VAL C 174 4.32 48.54 -40.29
C VAL C 174 4.65 49.93 -40.81
N ALA C 175 4.48 50.17 -42.12
CA ALA C 175 4.70 51.49 -42.67
C ALA C 175 3.80 52.49 -41.97
N HIS C 176 2.48 52.37 -42.19
CA HIS C 176 1.53 53.30 -41.57
C HIS C 176 1.68 53.37 -40.06
N ALA C 177 2.23 52.33 -39.44
CA ALA C 177 2.33 52.31 -37.98
C ALA C 177 3.52 53.12 -37.47
N ALA C 178 4.67 52.97 -38.12
CA ALA C 178 5.92 53.57 -37.60
C ALA C 178 6.53 54.61 -38.51
N GLN C 179 6.59 54.35 -39.83
CA GLN C 179 7.33 55.23 -40.72
C GLN C 179 6.71 56.62 -40.81
N ASP C 180 5.43 56.76 -40.51
CA ASP C 180 4.74 58.04 -40.56
C ASP C 180 4.27 58.55 -39.21
N ARG C 181 3.91 57.65 -38.28
CA ARG C 181 3.47 58.10 -36.96
C ARG C 181 4.63 58.62 -36.13
N ASP C 182 5.82 58.01 -36.29
CA ASP C 182 6.99 58.49 -35.57
C ASP C 182 7.38 59.90 -35.99
N LEU C 183 6.90 60.36 -37.14
CA LEU C 183 7.22 61.70 -37.63
C LEU C 183 6.41 62.80 -36.94
N LYS C 184 5.46 62.44 -36.08
CA LYS C 184 4.76 63.46 -35.31
C LYS C 184 5.74 64.33 -34.53
N ARG C 185 6.89 63.76 -34.15
CA ARG C 185 7.94 64.57 -33.54
C ARG C 185 8.47 65.60 -34.53
N TYR C 186 8.61 65.22 -35.80
CA TYR C 186 9.07 66.16 -36.81
C TYR C 186 8.08 67.28 -37.03
N PHE C 187 6.77 66.95 -37.07
CA PHE C 187 5.76 67.97 -37.33
C PHE C 187 5.67 68.96 -36.17
N LYS C 188 5.76 68.46 -34.94
CA LYS C 188 5.67 69.32 -33.77
C LYS C 188 7.00 69.95 -33.38
N ALA C 189 8.12 69.45 -33.89
CA ALA C 189 9.41 70.01 -33.57
C ALA C 189 9.58 71.37 -34.26
N ARG C 190 10.66 72.05 -33.90
CA ARG C 190 10.97 73.36 -34.46
C ARG C 190 11.92 73.23 -35.65
N ARG C 191 12.14 74.35 -36.34
CA ARG C 191 13.00 74.34 -37.51
C ARG C 191 14.44 73.98 -37.18
N LYS C 192 14.86 74.16 -35.92
CA LYS C 192 16.23 73.85 -35.55
C LYS C 192 16.48 72.35 -35.42
N ASP C 193 15.47 71.59 -35.00
CA ASP C 193 15.62 70.15 -34.81
C ASP C 193 15.34 69.36 -36.07
N ARG C 194 14.79 69.99 -37.12
CA ARG C 194 14.44 69.26 -38.33
C ARG C 194 15.63 69.01 -39.25
N ARG C 195 16.75 69.70 -39.03
CA ARG C 195 17.93 69.50 -39.88
C ARG C 195 18.62 68.18 -39.61
N LYS C 196 18.20 67.44 -38.57
CA LYS C 196 18.73 66.11 -38.28
C LYS C 196 17.70 65.02 -38.58
N VAL C 197 16.45 65.21 -38.16
CA VAL C 197 15.42 64.19 -38.37
C VAL C 197 15.22 63.94 -39.84
N ALA C 198 15.42 64.95 -40.69
CA ALA C 198 15.27 64.76 -42.13
C ALA C 198 16.17 63.63 -42.63
N GLU C 199 17.49 63.80 -42.48
CA GLU C 199 18.42 62.76 -42.91
C GLU C 199 18.23 61.46 -42.11
N GLU C 200 17.89 61.57 -40.82
CA GLU C 200 17.65 60.37 -40.03
C GLU C 200 16.59 59.51 -40.69
N VAL C 201 15.44 60.10 -41.03
CA VAL C 201 14.36 59.35 -41.66
C VAL C 201 14.74 58.91 -43.06
N ALA C 202 15.41 59.81 -43.82
CA ALA C 202 15.83 59.46 -45.17
C ALA C 202 16.71 58.21 -45.19
N ASN C 203 17.53 58.02 -44.15
CA ASN C 203 18.39 56.85 -44.10
C ASN C 203 17.65 55.65 -43.51
N GLY C 204 16.81 55.88 -42.51
CA GLY C 204 16.09 54.79 -41.88
C GLY C 204 15.12 54.11 -42.82
N HIS C 205 14.33 54.89 -43.55
CA HIS C 205 13.38 54.30 -44.48
C HIS C 205 14.10 53.56 -45.60
N LEU C 206 15.25 54.08 -46.05
CA LEU C 206 16.02 53.40 -47.08
C LEU C 206 16.53 52.06 -46.57
N GLU C 207 17.09 52.04 -45.35
CA GLU C 207 17.52 50.77 -44.76
C GLU C 207 16.34 49.81 -44.63
N LEU C 208 15.18 50.33 -44.22
CA LEU C 208 14.02 49.46 -44.03
C LEU C 208 13.58 48.84 -45.35
N ILE C 209 13.51 49.64 -46.42
CA ILE C 209 13.07 49.10 -47.70
C ILE C 209 14.11 48.14 -48.26
N PHE C 210 15.40 48.42 -48.04
CA PHE C 210 16.42 47.48 -48.48
C PHE C 210 16.31 46.16 -47.73
N GLY C 211 15.94 46.20 -46.46
CA GLY C 211 15.71 44.97 -45.72
C GLY C 211 14.45 44.25 -46.14
N TRP C 212 13.43 45.01 -46.58
CA TRP C 212 12.20 44.38 -47.05
C TRP C 212 12.39 43.73 -48.41
N LEU C 213 13.31 44.25 -49.23
CA LEU C 213 13.51 43.73 -50.58
C LEU C 213 13.62 42.21 -50.65
N PRO C 214 14.48 41.55 -49.88
CA PRO C 214 14.62 40.09 -50.06
C PRO C 214 13.32 39.32 -49.92
N LEU C 215 12.44 39.72 -48.99
CA LEU C 215 11.18 39.00 -48.82
C LEU C 215 10.35 39.01 -50.09
N ILE C 216 10.40 40.13 -50.83
CA ILE C 216 9.66 40.19 -52.09
C ILE C 216 10.17 39.15 -53.07
N GLY C 217 11.45 38.78 -52.96
CA GLY C 217 12.01 37.74 -53.79
C GLY C 217 11.29 36.42 -53.62
N GLU C 218 11.22 35.93 -52.37
CA GLU C 218 10.53 34.67 -52.13
C GLU C 218 9.02 34.80 -52.36
N LEU C 219 8.47 36.00 -52.16
CA LEU C 219 7.05 36.19 -52.45
C LEU C 219 6.76 36.01 -53.94
N GLU C 220 7.57 36.64 -54.79
CA GLU C 220 7.42 36.45 -56.23
C GLU C 220 7.73 35.02 -56.64
N GLY C 221 8.68 34.36 -55.96
CA GLY C 221 8.92 32.96 -56.22
C GLY C 221 7.69 32.11 -55.95
N ALA C 222 7.02 32.35 -54.83
CA ALA C 222 5.80 31.62 -54.52
C ALA C 222 4.70 31.94 -55.52
N ILE C 223 4.60 33.21 -55.94
CA ILE C 223 3.62 33.58 -56.95
C ILE C 223 3.85 32.77 -58.23
N GLU C 224 5.10 32.70 -58.68
CA GLU C 224 5.43 31.91 -59.86
C GLU C 224 5.09 30.43 -59.61
N TYR C 225 5.39 29.93 -58.42
CA TYR C 225 5.06 28.54 -58.09
C TYR C 225 3.57 28.29 -58.21
N ALA C 226 2.74 29.29 -57.93
CA ALA C 226 1.30 29.12 -58.02
C ALA C 226 0.82 28.99 -59.46
N GLU C 227 1.62 29.44 -60.43
CA GLU C 227 1.23 29.42 -61.83
C GLU C 227 1.70 28.16 -62.56
N LEU C 228 2.38 27.25 -61.87
CA LEU C 228 2.87 26.04 -62.51
C LEU C 228 1.73 25.29 -63.19
N PRO C 229 1.79 25.06 -64.51
CA PRO C 229 0.70 24.34 -65.17
C PRO C 229 0.79 22.83 -65.00
N ASP C 230 -0.04 22.28 -64.11
CA ASP C 230 -0.09 20.84 -63.88
C ASP C 230 -1.55 20.40 -63.82
N LEU C 231 -1.76 19.09 -63.97
CA LEU C 231 -3.09 18.49 -63.94
C LEU C 231 -3.07 16.96 -64.03
N ASP C 232 -4.24 16.36 -63.87
CA ASP C 232 -4.40 14.92 -63.98
C ASP C 232 -5.35 14.57 -65.12
N PHE C 233 -6.06 13.44 -65.00
CA PHE C 233 -6.99 13.00 -66.03
C PHE C 233 -8.23 12.42 -65.39
N ILE C 234 -9.32 12.43 -66.15
CA ILE C 234 -10.60 11.86 -65.73
C ILE C 234 -11.07 10.90 -66.81
N ARG C 235 -11.86 9.92 -66.39
CA ARG C 235 -12.25 8.81 -67.25
C ARG C 235 -13.55 8.23 -66.70
N CYS C 236 -14.46 7.86 -67.59
CA CYS C 236 -15.78 7.42 -67.16
C CYS C 236 -16.23 6.18 -67.91
N HIS C 237 -17.50 5.81 -67.77
CA HIS C 237 -18.05 4.63 -68.41
C HIS C 237 -19.52 4.87 -68.73
N GLY C 238 -20.18 3.84 -69.24
CA GLY C 238 -21.60 3.93 -69.55
C GLY C 238 -22.09 2.68 -70.27
N LEU C 239 -23.38 2.39 -70.17
CA LEU C 239 -23.93 1.19 -70.79
C LEU C 239 -25.44 1.32 -70.93
N HIS C 240 -25.95 1.05 -72.12
CA HIS C 240 -27.38 0.95 -72.37
C HIS C 240 -27.69 -0.38 -73.05
N THR C 241 -28.91 -0.87 -72.85
CA THR C 241 -29.30 -2.21 -73.28
C THR C 241 -30.69 -2.15 -73.89
N LEU C 242 -31.17 -3.32 -74.34
CA LEU C 242 -32.49 -3.44 -74.95
C LEU C 242 -32.86 -4.91 -75.14
N VAL C 243 -34.03 -5.31 -74.64
CA VAL C 243 -34.49 -6.68 -74.80
C VAL C 243 -34.89 -6.93 -76.25
N LEU C 244 -34.70 -8.17 -76.70
CA LEU C 244 -34.96 -8.55 -78.09
C LEU C 244 -36.27 -9.31 -78.26
N GLN C 245 -36.43 -10.42 -77.55
CA GLN C 245 -37.66 -11.22 -77.66
C GLN C 245 -37.63 -12.30 -76.58
N SER C 246 -38.67 -13.12 -76.56
CA SER C 246 -38.75 -14.23 -75.62
C SER C 246 -39.96 -15.12 -75.92
N THR C 247 -39.84 -16.42 -75.64
CA THR C 247 -40.90 -17.37 -75.91
C THR C 247 -40.94 -18.42 -74.80
N PRO C 248 -42.11 -19.06 -74.58
CA PRO C 248 -42.20 -20.08 -73.53
C PRO C 248 -41.55 -21.39 -73.94
N TRP C 249 -41.72 -22.44 -73.14
CA TRP C 249 -41.12 -23.73 -73.42
C TRP C 249 -41.72 -24.80 -72.53
N ASP C 250 -42.10 -25.94 -73.12
CA ASP C 250 -42.72 -27.02 -72.38
C ASP C 250 -42.39 -28.34 -73.06
N ASN C 251 -42.24 -29.38 -72.24
CA ASN C 251 -41.95 -30.72 -72.75
C ASN C 251 -42.57 -31.73 -71.80
N SER C 252 -42.63 -32.98 -72.26
CA SER C 252 -43.20 -34.06 -71.48
C SER C 252 -42.59 -35.39 -71.93
N VAL C 253 -42.17 -36.20 -70.96
CA VAL C 253 -41.59 -37.51 -71.22
C VAL C 253 -42.17 -38.49 -70.22
N ASP C 254 -42.74 -39.59 -70.72
CA ASP C 254 -43.35 -40.59 -69.86
C ASP C 254 -42.27 -41.48 -69.23
N VAL C 255 -42.67 -42.21 -68.20
CA VAL C 255 -41.77 -43.10 -67.46
C VAL C 255 -42.40 -44.48 -67.44
N ARG C 256 -41.66 -45.49 -67.91
CA ARG C 256 -42.11 -46.87 -67.91
C ARG C 256 -41.03 -47.74 -67.25
N SER C 257 -41.48 -48.76 -66.54
CA SER C 257 -40.60 -49.63 -65.77
C SER C 257 -40.54 -51.02 -66.41
N TYR C 258 -39.70 -51.88 -65.83
CA TYR C 258 -39.52 -53.24 -66.29
C TYR C 258 -40.82 -54.02 -66.11
N PRO C 259 -40.89 -55.28 -66.57
CA PRO C 259 -42.10 -56.08 -66.36
C PRO C 259 -42.59 -56.03 -64.92
N ASN C 260 -43.54 -55.15 -64.64
CA ASN C 260 -44.05 -54.96 -63.29
C ASN C 260 -45.46 -54.39 -63.39
N TRP C 261 -46.20 -54.52 -62.27
CA TRP C 261 -47.58 -54.03 -62.19
C TRP C 261 -48.48 -54.79 -63.16
N GLU C 262 -49.67 -55.16 -62.70
CA GLU C 262 -50.64 -55.94 -63.48
C GLU C 262 -50.13 -57.33 -63.84
N ARG C 263 -49.00 -57.74 -63.26
CA ARG C 263 -48.38 -59.03 -63.59
C ARG C 263 -48.18 -59.15 -65.11
N ALA C 264 -47.94 -58.02 -65.76
CA ALA C 264 -47.74 -57.96 -67.20
C ALA C 264 -46.26 -57.89 -67.51
N ALA C 265 -45.92 -57.68 -68.79
CA ALA C 265 -44.52 -57.56 -69.20
C ALA C 265 -44.38 -56.69 -70.44
N GLY C 266 -45.29 -55.75 -70.64
CA GLY C 266 -45.25 -54.84 -71.78
C GLY C 266 -44.55 -53.53 -71.53
N THR C 267 -43.82 -53.39 -70.43
CA THR C 267 -43.13 -52.16 -70.08
C THR C 267 -44.11 -50.98 -70.09
N ARG C 268 -45.06 -51.07 -69.15
CA ARG C 268 -46.13 -50.10 -69.07
C ARG C 268 -45.63 -48.80 -68.44
N ILE C 269 -46.37 -47.73 -68.69
CA ILE C 269 -46.03 -46.40 -68.19
C ILE C 269 -46.57 -46.25 -66.78
N THR C 270 -45.71 -45.82 -65.86
CA THR C 270 -46.10 -45.61 -64.47
C THR C 270 -46.32 -44.15 -64.12
N GLY C 271 -45.67 -43.24 -64.82
CA GLY C 271 -45.85 -41.82 -64.55
C GLY C 271 -45.33 -40.99 -65.70
N SER C 272 -45.21 -39.69 -65.43
CA SER C 272 -44.73 -38.75 -66.44
C SER C 272 -43.98 -37.63 -65.75
N VAL C 273 -42.93 -37.15 -66.40
CA VAL C 273 -42.10 -36.06 -65.90
C VAL C 273 -42.12 -34.94 -66.93
N ARG C 274 -42.28 -33.70 -66.47
CA ARG C 274 -42.41 -32.54 -67.35
C ARG C 274 -41.39 -31.49 -66.95
N THR C 275 -41.21 -30.52 -67.83
CA THR C 275 -40.30 -29.41 -67.60
C THR C 275 -40.85 -28.18 -68.31
N ARG C 276 -41.10 -27.12 -67.55
CA ARG C 276 -41.61 -25.86 -68.08
C ARG C 276 -40.58 -24.77 -67.87
N GLY C 277 -40.34 -23.97 -68.91
CA GLY C 277 -39.36 -22.91 -68.83
C GLY C 277 -39.66 -21.75 -69.77
N VAL C 278 -38.66 -20.93 -70.06
CA VAL C 278 -38.83 -19.77 -70.93
C VAL C 278 -37.47 -19.42 -71.52
N VAL C 279 -37.49 -18.91 -72.74
CA VAL C 279 -36.28 -18.48 -73.44
C VAL C 279 -36.40 -16.97 -73.70
N GLU C 280 -35.25 -16.30 -73.68
CA GLU C 280 -35.21 -14.85 -73.86
C GLU C 280 -33.91 -14.48 -74.56
N SER C 281 -33.98 -13.43 -75.38
CA SER C 281 -32.82 -12.89 -76.08
C SER C 281 -32.62 -11.44 -75.65
N ARG C 282 -31.36 -11.01 -75.68
CA ARG C 282 -31.02 -9.67 -75.23
C ARG C 282 -29.76 -9.20 -75.95
N ALA C 283 -29.54 -7.89 -75.90
CA ALA C 283 -28.36 -7.26 -76.48
C ALA C 283 -27.90 -6.13 -75.58
N SER C 284 -26.63 -5.76 -75.70
CA SER C 284 -26.06 -4.73 -74.85
C SER C 284 -24.87 -4.09 -75.56
N VAL C 285 -24.58 -2.85 -75.15
CA VAL C 285 -23.43 -2.10 -75.66
C VAL C 285 -22.75 -1.41 -74.48
N ARG C 286 -21.42 -1.33 -74.54
CA ARG C 286 -20.64 -0.64 -73.54
C ARG C 286 -19.74 0.39 -74.22
N THR C 287 -19.52 1.51 -73.54
CA THR C 287 -18.70 2.60 -74.07
C THR C 287 -17.69 3.02 -73.02
N ALA C 288 -16.43 3.14 -73.43
CA ALA C 288 -15.34 3.54 -72.56
C ALA C 288 -14.63 4.75 -73.16
N LEU C 289 -14.41 5.78 -72.35
CA LEU C 289 -13.78 7.01 -72.81
C LEU C 289 -12.85 7.53 -71.72
N ARG C 290 -11.68 8.00 -72.15
CA ARG C 290 -10.70 8.63 -71.27
C ARG C 290 -10.53 10.09 -71.68
N PHE C 291 -10.48 10.97 -70.70
CA PHE C 291 -10.39 12.41 -70.93
C PHE C 291 -9.29 13.00 -70.06
N ASN C 292 -8.46 13.85 -70.66
CA ASN C 292 -7.39 14.53 -69.96
C ASN C 292 -7.82 15.96 -69.66
N LEU C 293 -7.78 16.34 -68.38
CA LEU C 293 -8.18 17.66 -67.94
C LEU C 293 -6.96 18.47 -67.54
N GLU C 294 -7.07 19.80 -67.71
CA GLU C 294 -5.98 20.70 -67.39
C GLU C 294 -6.57 22.03 -66.94
N THR C 295 -5.77 22.78 -66.17
CA THR C 295 -6.17 24.08 -65.64
C THR C 295 -5.03 25.07 -65.87
N SER C 296 -5.28 26.32 -65.51
CA SER C 296 -4.27 27.37 -65.66
C SER C 296 -4.77 28.67 -65.07
N LEU C 297 -3.90 29.39 -64.34
CA LEU C 297 -4.26 30.67 -63.76
C LEU C 297 -3.52 31.80 -64.47
N ALA C 298 -3.72 31.90 -65.78
CA ALA C 298 -3.00 32.90 -66.56
C ALA C 298 -3.31 34.30 -66.06
N GLY C 299 -2.26 35.14 -66.02
CA GLY C 299 -2.41 36.51 -65.59
C GLY C 299 -1.29 37.36 -66.16
N ASP C 300 -1.38 38.66 -65.89
CA ASP C 300 -0.36 39.58 -66.38
C ASP C 300 1.00 39.21 -65.82
N ALA C 301 2.02 39.25 -66.69
CA ALA C 301 3.37 38.88 -66.29
C ALA C 301 4.03 39.88 -65.37
N ARG C 302 3.37 41.00 -65.05
CA ARG C 302 3.95 41.99 -64.16
C ARG C 302 4.17 41.41 -62.77
N ARG C 303 3.08 41.26 -62.00
CA ARG C 303 3.12 40.75 -60.64
C ARG C 303 4.37 41.22 -59.89
N LEU C 304 4.31 42.42 -59.32
CA LEU C 304 5.43 42.99 -58.59
C LEU C 304 6.62 43.22 -59.52
N GLY C 305 6.99 44.49 -59.73
CA GLY C 305 8.08 44.79 -60.64
C GLY C 305 9.41 44.22 -60.20
N PHE C 306 9.70 44.28 -58.92
CA PHE C 306 11.00 43.79 -58.41
C PHE C 306 12.08 44.66 -59.06
N GLU C 307 13.24 44.09 -59.41
CA GLU C 307 14.32 44.81 -60.05
C GLU C 307 14.86 45.87 -59.09
N PRO C 308 15.89 45.57 -58.32
CA PRO C 308 16.45 46.60 -57.42
C PRO C 308 16.97 47.79 -58.22
N ILE C 309 16.86 48.96 -57.60
CA ILE C 309 17.30 50.20 -58.25
C ILE C 309 17.39 51.28 -57.18
N SER C 310 18.36 52.18 -57.35
CA SER C 310 18.57 53.29 -56.43
C SER C 310 18.96 54.54 -57.22
N THR C 311 18.62 55.69 -56.66
CA THR C 311 18.90 56.97 -57.30
C THR C 311 19.09 58.02 -56.20
N THR C 312 19.09 59.29 -56.60
CA THR C 312 19.31 60.39 -55.66
C THR C 312 18.47 61.59 -56.10
N TYR C 313 17.92 62.30 -55.12
CA TYR C 313 17.18 63.54 -55.37
C TYR C 313 15.99 63.31 -56.29
N ASP C 314 15.28 62.21 -56.09
CA ASP C 314 14.10 61.91 -56.90
C ASP C 314 13.23 60.83 -56.26
N MET C 315 13.85 59.83 -55.65
CA MET C 315 13.10 58.72 -55.07
C MET C 315 12.46 59.14 -53.75
N ILE C 316 11.32 58.51 -53.45
CA ILE C 316 10.63 58.71 -52.18
C ILE C 316 10.71 57.39 -51.41
N PRO C 317 11.00 57.42 -50.10
CA PRO C 317 11.18 56.16 -49.36
C PRO C 317 9.99 55.21 -49.48
N LEU C 318 8.83 55.62 -49.00
CA LEU C 318 7.65 54.75 -48.93
C LEU C 318 6.83 54.78 -50.20
N SER C 319 7.46 54.81 -51.37
CA SER C 319 6.74 54.73 -52.63
C SER C 319 6.70 53.31 -53.18
N PHE C 320 7.78 52.55 -53.00
CA PHE C 320 7.83 51.19 -53.51
C PHE C 320 6.82 50.29 -52.79
N VAL C 321 6.50 50.60 -51.53
CA VAL C 321 5.54 49.79 -50.79
C VAL C 321 4.16 49.89 -51.45
N VAL C 322 3.67 51.12 -51.60
CA VAL C 322 2.38 51.32 -52.24
C VAL C 322 2.42 50.83 -53.69
N GLY C 323 3.57 50.96 -54.35
CA GLY C 323 3.68 50.44 -55.70
C GLY C 323 3.47 48.95 -55.75
N TRP C 324 4.17 48.20 -54.89
CA TRP C 324 3.98 46.76 -54.82
C TRP C 324 2.54 46.41 -54.49
N PHE C 325 1.94 47.12 -53.54
CA PHE C 325 0.56 46.81 -53.15
C PHE C 325 -0.40 47.00 -54.32
N SER C 326 -0.28 48.13 -55.02
CA SER C 326 -1.16 48.39 -56.15
C SER C 326 -0.92 47.40 -57.28
N ASN C 327 0.34 47.02 -57.52
CA ASN C 327 0.64 46.04 -58.54
C ASN C 327 -0.01 44.70 -58.21
N PHE C 328 0.11 44.26 -56.95
CA PHE C 328 -0.50 43.00 -56.55
C PHE C 328 -2.01 43.07 -56.65
N ASP C 329 -2.60 44.22 -56.29
CA ASP C 329 -4.05 44.36 -56.37
C ASP C 329 -4.53 44.26 -57.81
N LYS C 330 -3.89 44.99 -58.72
CA LYS C 330 -4.29 44.94 -60.13
C LYS C 330 -4.01 43.56 -60.73
N TYR C 331 -2.97 42.87 -60.26
CA TYR C 331 -2.71 41.52 -60.74
C TYR C 331 -3.81 40.57 -60.30
N VAL C 332 -4.23 40.66 -59.04
CA VAL C 332 -5.33 39.83 -58.56
C VAL C 332 -6.61 40.16 -59.34
N ARG C 333 -6.79 41.44 -59.68
CA ARG C 333 -7.98 41.83 -60.43
C ARG C 333 -7.93 41.34 -61.87
N THR C 334 -6.73 41.20 -62.45
CA THR C 334 -6.56 40.77 -63.83
C THR C 334 -6.46 39.26 -63.97
N LEU C 335 -6.76 38.50 -62.92
CA LEU C 335 -6.67 37.05 -62.99
C LEU C 335 -7.86 36.47 -63.74
N ALA C 336 -7.62 35.37 -64.43
CA ALA C 336 -8.66 34.71 -65.21
C ALA C 336 -8.29 33.25 -65.47
N PRO C 337 -9.05 32.28 -64.93
CA PRO C 337 -8.73 30.87 -65.19
C PRO C 337 -8.85 30.50 -66.66
N LEU C 338 -8.53 29.25 -66.99
CA LEU C 338 -8.63 28.77 -68.36
C LEU C 338 -8.58 27.24 -68.39
N ILE C 339 -9.74 26.60 -68.24
CA ILE C 339 -9.79 25.15 -68.21
C ILE C 339 -9.87 24.60 -69.65
N GLY C 340 -9.59 23.31 -69.78
CA GLY C 340 -9.62 22.67 -71.08
C GLY C 340 -9.52 21.15 -70.97
N VAL C 341 -10.50 20.45 -71.52
CA VAL C 341 -10.54 18.99 -71.49
C VAL C 341 -10.58 18.49 -72.93
N THR C 342 -9.86 17.39 -73.17
CA THR C 342 -9.79 16.79 -74.50
C THR C 342 -9.84 15.28 -74.37
N PHE C 343 -10.41 14.63 -75.39
CA PHE C 343 -10.49 13.18 -75.40
C PHE C 343 -9.12 12.56 -75.61
N GLU C 344 -8.92 11.38 -75.03
CA GLU C 344 -7.67 10.64 -75.15
C GLU C 344 -7.83 9.40 -76.02
N THR C 345 -8.74 8.50 -75.66
CA THR C 345 -8.98 7.29 -76.43
C THR C 345 -10.42 6.85 -76.19
N GLY C 346 -10.79 5.74 -76.84
CA GLY C 346 -12.14 5.22 -76.70
C GLY C 346 -12.21 3.77 -77.12
N SER C 347 -13.24 3.08 -76.63
CA SER C 347 -13.46 1.69 -76.97
C SER C 347 -14.91 1.34 -76.65
N GLN C 348 -15.53 0.53 -77.51
CA GLN C 348 -16.92 0.15 -77.35
C GLN C 348 -17.06 -1.33 -77.69
N ASN C 349 -17.77 -2.06 -76.82
CA ASN C 349 -17.91 -3.51 -76.94
C ASN C 349 -19.38 -3.87 -77.07
N ARG C 350 -19.70 -4.63 -78.12
CA ARG C 350 -21.05 -5.15 -78.32
C ARG C 350 -21.20 -6.49 -77.60
N ARG C 351 -22.45 -6.96 -77.52
CA ARG C 351 -22.72 -8.22 -76.84
C ARG C 351 -24.15 -8.63 -77.12
N THR C 352 -24.38 -9.95 -77.18
CA THR C 352 -25.70 -10.52 -77.37
C THR C 352 -25.79 -11.78 -76.53
N THR C 353 -26.84 -11.87 -75.71
CA THR C 353 -27.01 -12.98 -74.77
C THR C 353 -28.32 -13.70 -75.06
N CYS C 354 -28.45 -14.89 -74.47
CA CYS C 354 -29.66 -15.70 -74.61
C CYS C 354 -29.69 -16.70 -73.46
N GLU C 355 -30.63 -16.50 -72.53
CA GLU C 355 -30.71 -17.31 -71.33
C GLU C 355 -31.70 -18.46 -71.53
N LEU C 356 -31.79 -19.33 -70.51
CA LEU C 356 -32.69 -20.46 -70.54
C LEU C 356 -32.77 -21.04 -69.13
N VAL C 357 -33.98 -21.37 -68.69
CA VAL C 357 -34.21 -21.90 -67.35
C VAL C 357 -35.46 -22.76 -67.37
N GLY C 358 -35.50 -23.76 -66.50
CA GLY C 358 -36.64 -24.66 -66.41
C GLY C 358 -36.67 -25.35 -65.06
N CYS C 359 -37.71 -26.15 -64.87
CA CYS C 359 -37.90 -26.91 -63.64
C CYS C 359 -38.31 -28.33 -64.01
N THR C 360 -38.64 -29.13 -62.99
CA THR C 360 -39.05 -30.51 -63.22
C THR C 360 -39.87 -30.98 -62.02
N ARG C 361 -40.88 -31.80 -62.28
CA ARG C 361 -41.74 -32.33 -61.24
C ARG C 361 -42.20 -33.73 -61.64
N PHE C 362 -42.71 -34.47 -60.67
CA PHE C 362 -43.24 -35.81 -60.88
C PHE C 362 -44.72 -35.84 -60.52
N TYR C 363 -45.48 -36.62 -61.28
CA TYR C 363 -46.92 -36.73 -61.07
C TYR C 363 -47.34 -38.15 -61.45
N PRO C 364 -47.49 -39.05 -60.48
CA PRO C 364 -47.87 -40.43 -60.80
C PRO C 364 -49.27 -40.50 -61.37
N ARG C 365 -49.53 -41.59 -62.09
CA ARG C 365 -50.83 -41.80 -62.70
C ARG C 365 -51.92 -41.85 -61.62
N THR C 366 -53.17 -41.81 -62.08
CA THR C 366 -54.31 -41.81 -61.15
C THR C 366 -54.25 -43.00 -60.20
N VAL C 367 -53.84 -44.17 -60.71
CA VAL C 367 -53.75 -45.38 -59.89
C VAL C 367 -53.15 -46.50 -60.73
N SER C 368 -52.73 -47.57 -60.07
CA SER C 368 -52.23 -48.76 -60.76
C SER C 368 -53.30 -49.85 -60.71
N PRO C 369 -54.31 -49.79 -61.57
CA PRO C 369 -55.43 -50.73 -61.48
C PRO C 369 -54.97 -52.15 -61.78
N PRO C 370 -55.40 -53.13 -60.98
CA PRO C 370 -55.07 -54.53 -61.30
C PRO C 370 -56.17 -55.20 -62.12
N SER C 371 -55.96 -56.47 -62.47
CA SER C 371 -57.00 -57.24 -63.16
C SER C 371 -58.10 -57.65 -62.19
N GLY C 372 -57.75 -58.45 -61.20
CA GLY C 372 -58.67 -58.81 -60.13
C GLY C 372 -57.97 -58.82 -58.79
N TRP C 373 -56.84 -58.14 -58.72
CA TRP C 373 -55.98 -58.11 -57.54
C TRP C 373 -56.19 -56.78 -56.80
N PHE C 374 -55.19 -56.35 -56.04
CA PHE C 374 -55.22 -55.05 -55.39
C PHE C 374 -53.81 -54.46 -55.41
N ALA C 375 -53.75 -53.13 -55.38
CA ALA C 375 -52.48 -52.42 -55.41
C ALA C 375 -52.66 -51.05 -54.75
N ARG C 376 -51.54 -50.42 -54.43
CA ARG C 376 -51.55 -49.12 -53.78
C ARG C 376 -50.26 -48.40 -54.10
N TRP C 377 -50.23 -47.11 -53.79
CA TRP C 377 -49.07 -46.26 -54.00
C TRP C 377 -48.37 -46.00 -52.67
N LYS C 378 -47.04 -46.01 -52.70
CA LYS C 378 -46.24 -45.83 -51.48
C LYS C 378 -45.04 -44.94 -51.82
N ASP C 379 -45.00 -43.76 -51.22
CA ASP C 379 -43.84 -42.87 -51.32
C ASP C 379 -43.55 -42.46 -52.76
N PHE C 380 -43.79 -41.19 -53.08
CA PHE C 380 -43.43 -40.61 -54.36
C PHE C 380 -42.70 -39.30 -54.12
N PRO C 381 -41.99 -38.77 -55.12
CA PRO C 381 -41.22 -37.55 -54.92
C PRO C 381 -42.02 -36.41 -54.31
N ASP C 382 -43.14 -36.05 -54.95
CA ASP C 382 -44.00 -34.98 -54.46
C ASP C 382 -43.34 -33.62 -54.65
N GLY C 383 -42.17 -33.42 -54.02
CA GLY C 383 -41.46 -32.16 -54.12
C GLY C 383 -40.76 -31.99 -55.45
N SER C 384 -39.94 -30.94 -55.50
CA SER C 384 -39.21 -30.62 -56.72
C SER C 384 -38.23 -31.75 -57.06
N LEU C 385 -37.76 -31.74 -58.32
CA LEU C 385 -36.84 -32.76 -58.80
C LEU C 385 -35.53 -32.07 -59.17
N SER C 386 -35.30 -31.80 -60.45
CA SER C 386 -34.03 -31.26 -60.91
C SER C 386 -34.20 -29.85 -61.45
N GLU C 387 -33.28 -29.42 -62.31
CA GLU C 387 -33.33 -28.09 -62.90
C GLU C 387 -32.38 -28.04 -64.08
N VAL C 388 -32.68 -27.14 -65.01
CA VAL C 388 -31.87 -26.94 -66.21
C VAL C 388 -31.61 -25.45 -66.40
N SER C 389 -30.39 -25.11 -66.80
CA SER C 389 -30.00 -23.73 -67.03
C SER C 389 -29.13 -23.68 -68.27
N GLY C 390 -28.53 -22.53 -68.52
CA GLY C 390 -27.67 -22.31 -69.67
C GLY C 390 -27.68 -20.84 -70.06
N LEU C 391 -26.59 -20.43 -70.71
CA LEU C 391 -26.45 -19.04 -71.12
C LEU C 391 -25.47 -18.96 -72.29
N ARG C 392 -25.87 -18.29 -73.35
CA ARG C 392 -25.01 -18.02 -74.49
C ARG C 392 -24.52 -16.57 -74.45
N ARG C 393 -23.49 -16.29 -75.23
CA ARG C 393 -22.92 -14.95 -75.28
C ARG C 393 -22.09 -14.79 -76.54
N THR C 394 -22.11 -13.60 -77.12
CA THR C 394 -21.35 -13.29 -78.32
C THR C 394 -21.04 -11.80 -78.31
N ASP C 395 -19.79 -11.45 -78.01
CA ASP C 395 -19.36 -10.07 -77.89
C ASP C 395 -18.22 -9.78 -78.86
N ILE C 396 -18.25 -8.61 -79.47
CA ILE C 396 -17.20 -8.14 -80.37
C ILE C 396 -16.85 -6.72 -79.98
N ARG C 397 -15.56 -6.45 -79.78
CA ARG C 397 -15.08 -5.18 -79.30
C ARG C 397 -14.34 -4.44 -80.41
N SER C 398 -14.57 -3.13 -80.49
CA SER C 398 -13.90 -2.26 -81.46
C SER C 398 -13.36 -1.04 -80.74
N VAL C 399 -12.28 -0.50 -81.27
CA VAL C 399 -11.62 0.67 -80.70
C VAL C 399 -12.22 1.93 -81.32
N LEU C 400 -12.51 2.92 -80.49
CA LEU C 400 -13.08 4.19 -80.94
C LEU C 400 -11.98 5.25 -80.95
N SER C 401 -11.92 6.03 -82.03
CA SER C 401 -10.90 7.05 -82.20
C SER C 401 -11.56 8.33 -82.69
N THR C 402 -11.14 9.47 -82.11
CA THR C 402 -11.63 10.79 -82.48
C THR C 402 -13.15 10.88 -82.25
N LEU C 403 -13.50 10.98 -80.96
CA LEU C 403 -14.89 11.18 -80.57
C LEU C 403 -15.37 12.53 -81.09
N PRO C 404 -16.25 12.57 -82.07
CA PRO C 404 -16.63 13.85 -82.67
C PRO C 404 -17.45 14.71 -81.72
N ASP C 405 -17.51 16.01 -82.05
CA ASP C 405 -18.22 17.05 -81.32
C ASP C 405 -18.54 16.66 -79.89
N PRO C 406 -17.53 16.55 -79.01
CA PRO C 406 -17.81 16.23 -77.61
C PRO C 406 -18.62 17.34 -76.95
N ASP C 407 -19.62 16.94 -76.20
CA ASP C 407 -20.53 17.88 -75.53
C ASP C 407 -20.16 18.08 -74.07
N VAL C 408 -18.87 18.37 -73.82
CA VAL C 408 -18.43 18.63 -72.46
C VAL C 408 -18.92 20.01 -72.03
N ARG C 409 -19.59 20.06 -70.87
CA ARG C 409 -20.12 21.30 -70.32
C ARG C 409 -19.46 21.55 -68.98
N PHE C 410 -18.66 22.61 -68.90
CA PHE C 410 -17.98 23.00 -67.66
C PHE C 410 -18.55 24.32 -67.18
N HIS C 411 -18.97 24.35 -65.91
CA HIS C 411 -19.61 25.55 -65.38
C HIS C 411 -18.63 26.72 -65.26
N ALA C 412 -17.34 26.43 -65.06
CA ALA C 412 -16.35 27.47 -64.88
C ALA C 412 -16.74 28.35 -63.69
N ASP C 413 -16.26 29.59 -63.67
CA ASP C 413 -16.59 30.53 -62.60
C ASP C 413 -16.15 29.98 -61.24
N VAL C 414 -14.87 29.65 -61.15
CA VAL C 414 -14.32 29.15 -59.90
C VAL C 414 -14.38 30.25 -58.84
N GLY C 415 -14.41 29.82 -57.57
CA GLY C 415 -14.50 30.76 -56.47
C GLY C 415 -13.27 31.62 -56.29
N LEU C 416 -12.92 32.39 -57.31
CA LEU C 416 -11.78 33.29 -57.25
C LEU C 416 -12.15 34.68 -56.76
N PHE C 417 -13.44 34.99 -56.66
CA PHE C 417 -13.85 36.31 -56.17
C PHE C 417 -13.56 36.49 -54.70
N GLU C 418 -13.36 35.41 -53.95
CA GLU C 418 -13.13 35.52 -52.51
C GLU C 418 -11.89 36.34 -52.20
N ILE C 419 -10.82 36.14 -52.96
CA ILE C 419 -9.58 36.85 -52.68
C ILE C 419 -9.71 38.34 -52.96
N SER C 420 -10.65 38.74 -53.82
CA SER C 420 -10.83 40.15 -54.13
C SER C 420 -11.53 40.91 -53.00
N ALA C 421 -12.22 40.20 -52.10
CA ALA C 421 -12.91 40.87 -51.00
C ALA C 421 -11.96 41.12 -49.84
N GLY C 422 -11.17 40.11 -49.46
CA GLY C 422 -10.24 40.28 -48.36
C GLY C 422 -9.18 41.33 -48.66
N ILE C 423 -8.66 41.32 -49.88
CA ILE C 423 -7.66 42.32 -50.27
C ILE C 423 -8.26 43.71 -50.24
N SER C 424 -9.51 43.86 -50.71
CA SER C 424 -10.15 45.17 -50.67
C SER C 424 -10.38 45.64 -49.25
N LEU C 425 -10.77 44.72 -48.36
CA LEU C 425 -10.95 45.07 -46.96
C LEU C 425 -9.64 45.52 -46.34
N LEU C 426 -8.56 44.75 -46.56
CA LEU C 426 -7.26 45.12 -46.02
C LEU C 426 -6.79 46.46 -46.55
N ALA C 427 -7.07 46.73 -47.84
CA ALA C 427 -6.71 48.02 -48.41
C ALA C 427 -7.47 49.15 -47.74
N GLN C 428 -8.80 49.05 -47.70
CA GLN C 428 -9.60 50.08 -47.03
C GLN C 428 -9.19 50.25 -45.58
N ARG C 429 -8.62 49.22 -44.97
CA ARG C 429 -8.23 49.30 -43.56
C ARG C 429 -6.89 50.00 -43.38
N TYR C 430 -5.88 49.59 -44.13
CA TYR C 430 -4.50 50.04 -43.90
C TYR C 430 -3.94 50.92 -45.00
N LEU C 431 -4.20 50.60 -46.27
CA LEU C 431 -3.56 51.33 -47.37
C LEU C 431 -4.01 52.79 -47.40
N LYS C 432 -5.32 53.03 -47.42
CA LYS C 432 -5.81 54.39 -47.61
C LYS C 432 -5.30 55.36 -46.56
N PRO C 433 -5.26 55.01 -45.27
CA PRO C 433 -4.61 55.92 -44.30
C PRO C 433 -3.17 56.24 -44.66
N LEU C 434 -2.41 55.23 -45.12
CA LEU C 434 -1.02 55.48 -45.49
C LEU C 434 -0.92 56.48 -46.64
N GLN C 435 -1.79 56.34 -47.64
CA GLN C 435 -1.78 57.29 -48.75
C GLN C 435 -2.18 58.68 -48.28
N ARG C 436 -3.22 58.77 -47.44
CA ARG C 436 -3.64 60.07 -46.93
C ARG C 436 -2.53 60.76 -46.16
N LEU C 437 -1.75 59.98 -45.39
CA LEU C 437 -0.68 60.57 -44.61
C LEU C 437 0.52 60.94 -45.48
N LEU C 438 0.85 60.10 -46.46
CA LEU C 438 1.95 60.42 -47.36
C LEU C 438 1.63 61.59 -48.27
N LYS C 439 0.34 61.89 -48.48
CA LYS C 439 -0.03 63.03 -49.33
C LYS C 439 0.60 64.32 -48.81
N ARG C 440 0.65 64.48 -47.49
CA ARG C 440 1.22 65.67 -46.88
C ARG C 440 2.65 65.41 -46.43
N LYS C 441 3.53 66.38 -46.69
CA LYS C 441 4.93 66.31 -46.31
C LYS C 441 5.59 65.05 -46.87
N SER C 442 5.73 65.05 -48.20
CA SER C 442 6.42 63.98 -48.90
C SER C 442 7.92 64.23 -48.85
N PHE C 443 8.62 63.49 -48.00
CA PHE C 443 10.04 63.72 -47.80
C PHE C 443 10.82 63.49 -49.10
N PHE C 444 11.87 64.28 -49.28
CA PHE C 444 12.74 64.17 -50.44
C PHE C 444 13.93 63.29 -50.09
N TYR C 445 14.94 63.25 -50.97
CA TYR C 445 16.13 62.46 -50.75
C TYR C 445 17.34 63.19 -51.32
N GLY C 446 18.51 62.80 -50.85
CA GLY C 446 19.76 63.38 -51.32
C GLY C 446 20.88 62.37 -51.36
N ARG C 447 22.09 62.84 -51.66
CA ARG C 447 23.26 61.95 -51.70
C ARG C 447 23.71 61.49 -50.33
N THR C 448 23.08 61.96 -49.26
CA THR C 448 23.44 61.54 -47.92
C THR C 448 23.25 60.03 -47.76
N SER D 1 -123.66 -52.40 40.63
CA SER D 1 -122.86 -52.43 39.42
C SER D 1 -122.70 -53.87 38.93
N LYS D 2 -121.48 -54.39 38.95
CA LYS D 2 -121.23 -55.79 38.65
C LYS D 2 -121.18 -56.56 39.94
N THR D 3 -122.07 -57.54 40.09
CA THR D 3 -122.18 -58.34 41.30
C THR D 3 -121.71 -59.77 41.03
N ILE D 4 -121.00 -60.33 42.00
CA ILE D 4 -120.50 -61.70 41.92
C ILE D 4 -120.96 -62.43 43.18
N VAL D 5 -121.66 -63.55 42.98
CA VAL D 5 -122.19 -64.35 44.09
C VAL D 5 -121.31 -65.57 44.27
N LEU D 6 -120.81 -65.76 45.50
CA LEU D 6 -119.97 -66.90 45.84
C LEU D 6 -120.66 -67.73 46.91
N SER D 7 -120.76 -69.03 46.67
CA SER D 7 -121.42 -69.95 47.59
C SER D 7 -120.35 -70.66 48.42
N VAL D 8 -120.40 -70.46 49.75
CA VAL D 8 -119.45 -71.10 50.65
C VAL D 8 -119.96 -72.42 51.20
N GLY D 9 -121.24 -72.71 51.04
CA GLY D 9 -121.81 -73.94 51.56
C GLY D 9 -123.14 -73.71 52.27
N GLU D 10 -123.16 -72.72 53.16
CA GLU D 10 -124.37 -72.37 53.89
C GLU D 10 -124.81 -70.92 53.70
N ALA D 11 -123.91 -70.04 53.30
CA ALA D 11 -124.22 -68.64 53.07
C ALA D 11 -123.67 -68.22 51.70
N THR D 12 -124.16 -67.09 51.21
CA THR D 12 -123.76 -66.54 49.92
C THR D 12 -123.15 -65.17 50.12
N ARG D 13 -121.93 -64.98 49.63
CA ARG D 13 -121.24 -63.71 49.70
C ARG D 13 -121.36 -62.97 48.38
N THR D 14 -121.42 -61.64 48.46
CA THR D 14 -121.61 -60.78 47.31
C THR D 14 -120.44 -59.82 47.18
N LEU D 15 -119.78 -59.84 46.03
CA LEU D 15 -118.70 -58.91 45.71
C LEU D 15 -119.20 -57.91 44.68
N THR D 16 -118.88 -56.63 44.90
CA THR D 16 -119.36 -55.55 44.04
C THR D 16 -118.18 -54.88 43.35
N GLU D 17 -118.37 -54.55 42.07
CA GLU D 17 -117.36 -53.81 41.33
C GLU D 17 -117.26 -52.39 41.85
N ILE D 18 -116.03 -51.92 42.11
CA ILE D 18 -115.84 -50.58 42.67
C ILE D 18 -114.99 -49.70 41.77
N GLN D 19 -113.91 -50.22 41.19
CA GLN D 19 -113.00 -49.41 40.39
C GLN D 19 -112.97 -49.99 38.97
N SER D 20 -113.98 -49.65 38.18
CA SER D 20 -114.13 -50.17 36.82
C SER D 20 -113.12 -49.50 35.90
N THR D 21 -112.06 -50.23 35.54
CA THR D 21 -111.06 -49.76 34.60
C THR D 21 -110.55 -50.94 33.80
N ALA D 22 -110.08 -50.67 32.58
CA ALA D 22 -109.65 -51.73 31.68
C ALA D 22 -108.41 -52.44 32.21
N ASP D 23 -107.36 -51.67 32.52
CA ASP D 23 -106.09 -52.25 32.94
C ASP D 23 -106.09 -52.68 34.40
N ARG D 24 -107.14 -52.39 35.16
CA ARG D 24 -107.19 -52.75 36.57
C ARG D 24 -108.65 -52.78 37.01
N GLN D 25 -109.16 -53.98 37.30
CA GLN D 25 -110.52 -54.16 37.80
C GLN D 25 -110.43 -54.55 39.27
N ILE D 26 -111.09 -53.77 40.13
CA ILE D 26 -111.03 -53.95 41.57
C ILE D 26 -112.43 -54.31 42.06
N PHE D 27 -112.61 -55.54 42.50
CA PHE D 27 -113.85 -55.99 43.10
C PHE D 27 -113.71 -56.04 44.61
N GLU D 28 -114.73 -55.54 45.32
CA GLU D 28 -114.73 -55.51 46.77
C GLU D 28 -115.97 -56.22 47.28
N GLU D 29 -115.81 -56.97 48.38
CA GLU D 29 -116.93 -57.66 49.01
C GLU D 29 -117.65 -56.70 49.96
N LYS D 30 -118.98 -56.70 49.87
CA LYS D 30 -119.83 -55.85 50.70
C LYS D 30 -120.57 -56.73 51.70
N VAL D 31 -120.15 -56.67 52.97
CA VAL D 31 -120.80 -57.42 54.04
C VAL D 31 -121.05 -56.48 55.22
N GLY D 32 -119.98 -55.83 55.67
CA GLY D 32 -120.07 -54.91 56.78
C GLY D 32 -119.02 -53.83 56.71
N PRO D 33 -117.92 -54.00 57.45
CA PRO D 33 -116.83 -53.03 57.40
C PRO D 33 -116.09 -53.13 56.07
N LEU D 34 -116.05 -52.02 55.33
CA LEU D 34 -115.41 -52.03 54.02
C LEU D 34 -113.90 -52.14 54.14
N VAL D 35 -113.31 -51.54 55.18
CA VAL D 35 -111.87 -51.62 55.37
C VAL D 35 -111.51 -53.01 55.91
N GLY D 36 -110.44 -53.59 55.37
CA GLY D 36 -110.01 -54.91 55.78
C GLY D 36 -111.01 -56.00 55.42
N ARG D 37 -111.36 -56.08 54.13
CA ARG D 37 -112.31 -57.08 53.67
C ARG D 37 -111.72 -57.91 52.53
N LEU D 38 -112.58 -58.41 51.65
CA LEU D 38 -112.15 -59.23 50.53
C LEU D 38 -112.05 -58.36 49.27
N ARG D 39 -110.87 -58.36 48.66
CA ARG D 39 -110.63 -57.58 47.45
C ARG D 39 -110.02 -58.47 46.38
N LEU D 40 -110.31 -58.14 45.13
CA LEU D 40 -109.84 -58.91 43.98
C LEU D 40 -109.38 -57.95 42.89
N THR D 41 -108.15 -58.14 42.42
CA THR D 41 -107.55 -57.30 41.39
C THR D 41 -107.36 -58.15 40.13
N ALA D 42 -107.91 -57.67 39.01
CA ALA D 42 -107.81 -58.35 37.73
C ALA D 42 -107.14 -57.43 36.71
N SER D 43 -106.26 -58.00 35.90
CA SER D 43 -105.55 -57.24 34.88
C SER D 43 -105.37 -58.10 33.64
N LEU D 44 -105.51 -57.48 32.48
CA LEU D 44 -105.33 -58.15 31.20
C LEU D 44 -104.50 -57.26 30.28
N ARG D 45 -103.53 -57.85 29.60
CA ARG D 45 -102.61 -57.09 28.75
C ARG D 45 -102.08 -58.01 27.65
N GLN D 46 -101.19 -57.47 26.83
CA GLN D 46 -100.51 -58.19 25.76
C GLN D 46 -99.05 -58.42 26.16
N ASN D 47 -98.21 -58.73 25.17
CA ASN D 47 -96.80 -59.01 25.43
C ASN D 47 -96.03 -59.02 24.12
N GLY D 48 -94.77 -58.58 24.18
CA GLY D 48 -93.88 -58.61 23.04
C GLY D 48 -94.38 -57.89 21.81
N ALA D 49 -94.56 -58.62 20.72
CA ALA D 49 -95.05 -58.06 19.46
C ALA D 49 -96.36 -58.73 19.07
N LYS D 50 -97.41 -58.51 19.87
CA LYS D 50 -98.76 -59.02 19.58
C LYS D 50 -98.85 -60.54 19.59
N THR D 51 -97.93 -61.22 20.25
CA THR D 51 -97.86 -62.69 20.19
C THR D 51 -98.89 -63.31 21.12
N ALA D 52 -98.61 -63.31 22.42
CA ALA D 52 -99.52 -63.91 23.40
C ALA D 52 -100.19 -62.83 24.23
N TYR D 53 -100.66 -63.20 25.43
CA TYR D 53 -101.31 -62.27 26.33
C TYR D 53 -100.83 -62.54 27.75
N ARG D 54 -101.28 -61.70 28.68
CA ARG D 54 -100.91 -61.82 30.09
C ARG D 54 -102.10 -61.44 30.95
N VAL D 55 -102.51 -62.37 31.81
CA VAL D 55 -103.63 -62.15 32.72
C VAL D 55 -103.12 -62.30 34.15
N ASN D 56 -103.49 -61.35 35.00
CA ASN D 56 -103.09 -61.36 36.40
C ASN D 56 -104.33 -61.29 37.28
N LEU D 57 -104.40 -62.18 38.27
CA LEU D 57 -105.52 -62.24 39.19
C LEU D 57 -104.99 -62.37 40.61
N LYS D 58 -105.27 -61.38 41.44
CA LYS D 58 -104.84 -61.37 42.83
C LYS D 58 -106.05 -61.28 43.74
N LEU D 59 -106.00 -62.00 44.87
CA LEU D 59 -107.09 -62.01 45.84
C LEU D 59 -106.52 -61.76 47.22
N ASP D 60 -106.95 -60.68 47.86
CA ASP D 60 -106.45 -60.30 49.18
C ASP D 60 -107.59 -60.26 50.18
N GLN D 61 -107.27 -60.56 51.43
CA GLN D 61 -108.25 -60.53 52.52
C GLN D 61 -107.50 -60.37 53.83
N ALA D 62 -107.67 -59.23 54.47
CA ALA D 62 -107.01 -58.91 55.74
C ALA D 62 -108.01 -59.00 56.88
N ASP D 63 -107.65 -59.75 57.92
CA ASP D 63 -108.51 -59.89 59.08
C ASP D 63 -108.46 -58.63 59.94
N VAL D 64 -109.56 -58.36 60.63
CA VAL D 64 -109.68 -57.19 61.48
C VAL D 64 -110.01 -57.65 62.91
N VAL D 65 -109.69 -56.78 63.87
CA VAL D 65 -109.97 -57.04 65.27
C VAL D 65 -110.52 -55.75 65.90
N ASP D 66 -111.31 -55.92 66.96
CA ASP D 66 -111.95 -54.81 67.63
C ASP D 66 -112.11 -55.13 69.10
N CYS D 67 -111.97 -54.10 69.94
CA CYS D 67 -112.08 -54.25 71.39
C CYS D 67 -113.20 -53.43 72.00
N SER D 68 -114.09 -52.84 71.18
CA SER D 68 -115.16 -52.02 71.72
C SER D 68 -116.20 -52.83 72.48
N THR D 69 -116.17 -54.16 72.35
CA THR D 69 -117.13 -54.98 73.08
C THR D 69 -116.80 -55.05 74.57
N SER D 70 -115.52 -54.99 74.93
CA SER D 70 -115.12 -55.06 76.33
C SER D 70 -114.32 -53.83 76.73
N VAL D 71 -113.24 -53.55 76.00
CA VAL D 71 -112.39 -52.41 76.28
C VAL D 71 -113.13 -51.14 75.86
N CYS D 72 -112.90 -50.05 76.62
CA CYS D 72 -113.51 -48.73 76.46
C CYS D 72 -113.43 -48.17 75.05
N GLY D 73 -112.33 -48.45 74.36
CA GLY D 73 -111.86 -47.60 73.28
C GLY D 73 -110.79 -48.23 72.42
N GLU D 74 -111.18 -48.73 71.25
CA GLU D 74 -110.23 -49.33 70.31
C GLU D 74 -110.91 -49.40 68.94
N LEU D 75 -110.36 -48.70 67.96
CA LEU D 75 -110.92 -48.73 66.62
C LEU D 75 -110.60 -50.07 65.95
N PRO D 76 -111.42 -50.49 64.98
CA PRO D 76 -111.11 -51.73 64.23
C PRO D 76 -109.75 -51.64 63.56
N LYS D 77 -108.87 -52.56 63.94
CA LYS D 77 -107.48 -52.56 63.47
C LYS D 77 -107.21 -53.83 62.68
N VAL D 78 -106.53 -53.69 61.55
CA VAL D 78 -106.18 -54.85 60.74
C VAL D 78 -105.05 -55.62 61.41
N ARG D 79 -104.99 -56.93 61.14
CA ARG D 79 -103.97 -57.78 61.72
C ARG D 79 -103.00 -58.18 60.64
N TYR D 80 -103.17 -59.33 59.99
CA TYR D 80 -102.28 -59.80 58.94
C TYR D 80 -102.89 -59.56 57.57
N THR D 81 -102.07 -59.77 56.55
CA THR D 81 -102.49 -59.60 55.16
C THR D 81 -102.05 -60.81 54.35
N GLN D 82 -102.95 -61.32 53.52
CA GLN D 82 -102.68 -62.47 52.68
C GLN D 82 -102.75 -62.06 51.22
N VAL D 83 -101.77 -62.51 50.43
CA VAL D 83 -101.67 -62.19 49.01
C VAL D 83 -101.61 -63.49 48.23
N TRP D 84 -102.53 -63.63 47.27
CA TRP D 84 -102.61 -64.81 46.40
C TRP D 84 -102.77 -64.32 44.97
N SER D 85 -101.64 -64.12 44.29
CA SER D 85 -101.63 -63.63 42.92
C SER D 85 -101.58 -64.81 41.94
N HIS D 86 -101.82 -64.50 40.66
CA HIS D 86 -101.82 -65.49 39.60
C HIS D 86 -101.08 -64.92 38.39
N ASP D 87 -100.90 -65.78 37.38
CA ASP D 87 -100.22 -65.37 36.15
C ASP D 87 -100.64 -66.33 35.05
N VAL D 88 -101.35 -65.81 34.05
CA VAL D 88 -101.84 -66.60 32.93
C VAL D 88 -101.15 -66.12 31.66
N THR D 89 -100.38 -67.00 31.04
CA THR D 89 -99.67 -66.70 29.79
C THR D 89 -100.12 -67.70 28.74
N ILE D 90 -101.27 -67.43 28.11
CA ILE D 90 -101.85 -68.29 27.09
C ILE D 90 -101.81 -67.55 25.76
N VAL D 91 -101.25 -68.18 24.74
CA VAL D 91 -101.17 -67.56 23.42
C VAL D 91 -102.55 -67.61 22.76
N ALA D 92 -102.76 -66.69 21.81
CA ALA D 92 -104.05 -66.61 21.13
C ALA D 92 -104.27 -67.82 20.23
N ASN D 93 -103.36 -68.06 19.29
CA ASN D 93 -103.45 -69.18 18.37
C ASN D 93 -103.07 -70.46 19.11
N SER D 94 -104.04 -71.00 19.86
CA SER D 94 -103.83 -72.21 20.63
C SER D 94 -104.83 -73.28 20.22
N THR D 95 -105.43 -73.97 21.20
CA THR D 95 -106.41 -75.00 20.94
C THR D 95 -107.49 -74.95 22.02
N GLU D 96 -108.75 -74.92 21.58
CA GLU D 96 -109.85 -74.86 22.53
C GLU D 96 -109.93 -76.12 23.37
N ALA D 97 -109.74 -77.28 22.74
CA ALA D 97 -109.77 -78.54 23.48
C ALA D 97 -108.63 -78.61 24.49
N SER D 98 -107.44 -78.16 24.10
CA SER D 98 -106.31 -78.16 25.02
C SER D 98 -106.55 -77.20 26.18
N ARG D 99 -107.12 -76.03 25.90
CA ARG D 99 -107.43 -75.08 26.97
C ARG D 99 -108.47 -75.64 27.92
N LYS D 100 -109.49 -76.31 27.39
CA LYS D 100 -110.51 -76.92 28.23
C LYS D 100 -109.93 -78.04 29.09
N SER D 101 -109.05 -78.86 28.52
CA SER D 101 -108.40 -79.92 29.29
C SER D 101 -107.51 -79.34 30.39
N LEU D 102 -106.79 -78.25 30.08
CA LEU D 102 -105.95 -77.62 31.10
C LEU D 102 -106.79 -77.02 32.21
N TYR D 103 -107.92 -76.40 31.86
CA TYR D 103 -108.80 -75.84 32.88
C TYR D 103 -109.39 -76.94 33.75
N ASP D 104 -109.77 -78.07 33.15
CA ASP D 104 -110.29 -79.19 33.92
C ASP D 104 -109.23 -79.76 34.85
N LEU D 105 -107.99 -79.88 34.37
CA LEU D 105 -106.92 -80.37 35.22
C LEU D 105 -106.65 -79.42 36.38
N THR D 106 -106.67 -78.11 36.11
CA THR D 106 -106.48 -77.14 37.19
C THR D 106 -107.60 -77.21 38.21
N LYS D 107 -108.85 -77.35 37.74
CA LYS D 107 -109.98 -77.47 38.65
C LYS D 107 -109.86 -78.73 39.50
N SER D 108 -109.43 -79.84 38.90
CA SER D 108 -109.26 -81.08 39.66
C SER D 108 -108.16 -80.94 40.69
N LEU D 109 -107.03 -80.32 40.32
CA LEU D 109 -105.95 -80.12 41.27
C LEU D 109 -106.35 -79.18 42.40
N VAL D 110 -107.23 -78.21 42.12
CA VAL D 110 -107.68 -77.32 43.17
C VAL D 110 -108.66 -78.04 44.10
N ALA D 111 -109.57 -78.83 43.54
CA ALA D 111 -110.58 -79.52 44.33
C ALA D 111 -110.06 -80.77 45.02
N THR D 112 -108.85 -81.23 44.68
CA THR D 112 -108.30 -82.41 45.33
C THR D 112 -108.01 -82.13 46.81
N SER D 113 -107.83 -83.21 47.56
CA SER D 113 -107.59 -83.12 49.00
C SER D 113 -106.13 -82.89 49.35
N GLN D 114 -105.22 -83.03 48.40
CA GLN D 114 -103.80 -82.83 48.66
C GLN D 114 -103.45 -81.36 48.86
N VAL D 115 -103.99 -80.48 48.01
CA VAL D 115 -103.72 -79.05 48.17
C VAL D 115 -104.36 -78.53 49.45
N GLU D 116 -105.53 -79.05 49.83
CA GLU D 116 -106.15 -78.65 51.08
C GLU D 116 -105.28 -79.01 52.28
N ASP D 117 -104.70 -80.21 52.27
CA ASP D 117 -103.80 -80.60 53.35
C ASP D 117 -102.53 -79.77 53.33
N LEU D 118 -102.00 -79.48 52.15
CA LEU D 118 -100.82 -78.62 52.03
C LEU D 118 -101.09 -77.23 52.60
N VAL D 119 -102.31 -76.73 52.42
CA VAL D 119 -102.65 -75.40 52.91
C VAL D 119 -102.85 -75.42 54.42
N VAL D 120 -103.60 -76.41 54.92
CA VAL D 120 -103.96 -76.47 56.33
C VAL D 120 -102.76 -76.93 57.16
N ASN D 121 -102.39 -78.20 57.02
CA ASN D 121 -101.35 -78.80 57.86
C ASN D 121 -99.93 -78.42 57.44
N LEU D 122 -99.78 -77.62 56.38
CA LEU D 122 -98.47 -77.18 55.90
C LEU D 122 -97.56 -78.36 55.56
N VAL D 123 -98.15 -79.48 55.17
CA VAL D 123 -97.40 -80.67 54.78
C VAL D 123 -97.11 -80.60 53.29
N PRO D 124 -95.88 -80.85 52.85
CA PRO D 124 -95.57 -80.77 51.41
C PRO D 124 -96.42 -81.74 50.61
N LEU D 125 -96.79 -81.31 49.40
CA LEU D 125 -97.66 -82.11 48.54
C LEU D 125 -96.92 -83.36 48.07
N GLY D 126 -97.47 -84.52 48.41
CA GLY D 126 -96.86 -85.78 48.03
C GLY D 126 -97.57 -86.99 48.61
N ARG D 127 -98.75 -87.31 48.08
CA ARG D 127 -99.53 -88.44 48.55
C ARG D 127 -99.59 -89.54 47.49
N SER E 1 -92.70 -89.22 57.41
CA SER E 1 -91.35 -89.35 56.88
C SER E 1 -90.46 -90.10 57.86
N LYS E 2 -89.45 -89.41 58.39
CA LYS E 2 -88.62 -89.97 59.45
C LYS E 2 -89.17 -89.51 60.79
N THR E 3 -89.56 -90.46 61.64
CA THR E 3 -90.15 -90.18 62.94
C THR E 3 -89.19 -90.57 64.05
N ILE E 4 -89.14 -89.73 65.08
CA ILE E 4 -88.29 -89.96 66.25
C ILE E 4 -89.17 -89.88 67.48
N VAL E 5 -89.17 -90.94 68.29
CA VAL E 5 -89.98 -91.02 69.50
C VAL E 5 -89.09 -90.78 70.70
N LEU E 6 -89.46 -89.81 71.53
CA LEU E 6 -88.72 -89.46 72.74
C LEU E 6 -89.62 -89.67 73.95
N SER E 7 -89.11 -90.41 74.94
CA SER E 7 -89.86 -90.73 76.15
C SER E 7 -89.42 -89.78 77.26
N VAL E 8 -90.36 -88.98 77.76
CA VAL E 8 -90.07 -88.04 78.84
C VAL E 8 -90.35 -88.63 80.22
N GLY E 9 -91.04 -89.77 80.30
CA GLY E 9 -91.37 -90.36 81.58
C GLY E 9 -92.81 -90.81 81.65
N GLU E 10 -93.73 -89.94 81.26
CA GLU E 10 -95.15 -90.24 81.24
C GLU E 10 -95.81 -90.07 79.88
N ALA E 11 -95.21 -89.30 78.98
CA ALA E 11 -95.74 -89.09 77.64
C ALA E 11 -94.62 -89.30 76.62
N THR E 12 -95.02 -89.47 75.37
CA THR E 12 -94.09 -89.71 74.27
C THR E 12 -94.25 -88.60 73.24
N ARG E 13 -93.14 -87.94 72.92
CA ARG E 13 -93.13 -86.89 71.91
C ARG E 13 -92.60 -87.43 70.58
N THR E 14 -93.13 -86.89 69.49
CA THR E 14 -92.81 -87.34 68.14
C THR E 14 -92.24 -86.17 67.35
N LEU E 15 -91.03 -86.37 66.82
CA LEU E 15 -90.38 -85.40 65.94
C LEU E 15 -90.39 -85.94 64.52
N THR E 16 -90.73 -85.08 63.56
CA THR E 16 -90.87 -85.47 62.17
C THR E 16 -89.83 -84.75 61.31
N GLU E 17 -89.24 -85.48 60.37
CA GLU E 17 -88.31 -84.88 59.43
C GLU E 17 -89.04 -83.92 58.50
N ILE E 18 -88.51 -82.71 58.31
CA ILE E 18 -89.17 -81.72 57.47
C ILE E 18 -88.29 -81.26 56.30
N GLN E 19 -87.00 -81.04 56.54
CA GLN E 19 -86.12 -80.51 55.50
C GLN E 19 -85.00 -81.54 55.27
N SER E 20 -85.31 -82.57 54.48
CA SER E 20 -84.37 -83.66 54.23
C SER E 20 -83.30 -83.19 53.25
N THR E 21 -82.10 -82.93 53.77
CA THR E 21 -80.95 -82.56 52.95
C THR E 21 -79.69 -83.13 53.60
N ALA E 22 -78.68 -83.38 52.76
CA ALA E 22 -77.46 -84.01 53.24
C ALA E 22 -76.70 -83.10 54.21
N ASP E 23 -76.42 -81.87 53.79
CA ASP E 23 -75.62 -80.95 54.59
C ASP E 23 -76.41 -80.28 55.70
N ARG E 24 -77.73 -80.50 55.78
CA ARG E 24 -78.54 -79.87 56.81
C ARG E 24 -79.84 -80.68 56.95
N GLN E 25 -79.97 -81.37 58.08
CA GLN E 25 -81.18 -82.12 58.41
C GLN E 25 -81.95 -81.39 59.50
N ILE E 26 -83.21 -81.06 59.22
CA ILE E 26 -84.03 -80.26 60.13
C ILE E 26 -85.20 -81.14 60.58
N PHE E 27 -85.20 -81.51 61.86
CA PHE E 27 -86.30 -82.25 62.46
C PHE E 27 -87.15 -81.29 63.28
N GLU E 28 -88.47 -81.42 63.16
CA GLU E 28 -89.41 -80.59 63.87
C GLU E 28 -90.38 -81.46 64.65
N GLU E 29 -90.72 -81.03 65.86
CA GLU E 29 -91.67 -81.74 66.69
C GLU E 29 -93.09 -81.34 66.32
N LYS E 30 -93.97 -82.34 66.17
CA LYS E 30 -95.37 -82.12 65.81
C LYS E 30 -96.24 -82.45 67.03
N VAL E 31 -96.77 -81.41 67.66
CA VAL E 31 -97.67 -81.56 68.80
C VAL E 31 -98.90 -80.69 68.60
N GLY E 32 -98.67 -79.41 68.35
CA GLY E 32 -99.74 -78.47 68.12
C GLY E 32 -99.32 -77.32 67.23
N PRO E 33 -98.99 -76.18 67.85
CA PRO E 33 -98.50 -75.03 67.06
C PRO E 33 -97.11 -75.30 66.52
N LEU E 34 -96.96 -75.24 65.20
CA LEU E 34 -95.67 -75.53 64.58
C LEU E 34 -94.67 -74.42 64.84
N VAL E 35 -95.12 -73.17 64.90
CA VAL E 35 -94.22 -72.06 65.18
C VAL E 35 -93.86 -72.06 66.66
N GLY E 36 -92.59 -71.84 66.96
CA GLY E 36 -92.12 -71.84 68.33
C GLY E 36 -92.22 -73.19 69.01
N ARG E 37 -91.61 -74.20 68.40
CA ARG E 37 -91.65 -75.56 68.94
C ARG E 37 -90.24 -76.11 69.11
N LEU E 38 -90.10 -77.43 69.01
CA LEU E 38 -88.82 -78.10 69.16
C LEU E 38 -88.23 -78.38 67.79
N ARG E 39 -87.01 -77.89 67.55
CA ARG E 39 -86.33 -78.09 66.28
C ARG E 39 -84.93 -78.62 66.54
N LEU E 40 -84.44 -79.41 65.59
CA LEU E 40 -83.12 -80.04 65.68
C LEU E 40 -82.42 -79.93 64.34
N THR E 41 -81.20 -79.41 64.36
CA THR E 41 -80.40 -79.23 63.15
C THR E 41 -79.19 -80.15 63.23
N ALA E 42 -79.00 -80.99 62.21
CA ALA E 42 -77.89 -81.92 62.14
C ALA E 42 -77.08 -81.64 60.88
N SER E 43 -75.76 -81.71 61.01
CA SER E 43 -74.86 -81.47 59.88
C SER E 43 -73.65 -82.40 60.00
N LEU E 44 -73.20 -82.90 58.86
CA LEU E 44 -72.04 -83.77 58.79
C LEU E 44 -71.18 -83.33 57.61
N ARG E 45 -69.87 -83.28 57.83
CA ARG E 45 -68.93 -82.80 56.82
C ARG E 45 -67.56 -83.42 57.08
N GLN E 46 -66.59 -83.02 56.25
CA GLN E 46 -65.21 -83.44 56.37
C GLN E 46 -64.37 -82.26 56.87
N ASN E 47 -63.04 -82.34 56.70
CA ASN E 47 -62.15 -81.29 57.17
C ASN E 47 -60.77 -81.50 56.56
N GLY E 48 -60.07 -80.39 56.32
CA GLY E 48 -58.71 -80.40 55.81
C GLY E 48 -58.52 -81.18 54.53
N ALA E 49 -57.70 -82.23 54.58
CA ALA E 49 -57.41 -83.05 53.42
C ALA E 49 -57.86 -84.49 53.69
N LYS E 50 -59.17 -84.70 53.84
CA LYS E 50 -59.76 -86.04 54.03
C LYS E 50 -59.32 -86.71 55.32
N THR E 51 -58.88 -85.94 56.31
CA THR E 51 -58.31 -86.52 57.53
C THR E 51 -59.42 -86.98 58.47
N ALA E 52 -60.07 -86.05 59.16
CA ALA E 52 -61.13 -86.38 60.12
C ALA E 52 -62.48 -85.95 59.58
N TYR E 53 -63.45 -85.75 60.47
CA TYR E 53 -64.79 -85.33 60.09
C TYR E 53 -65.28 -84.28 61.09
N ARG E 54 -66.45 -83.74 60.82
CA ARG E 54 -67.05 -82.73 61.67
C ARG E 54 -68.56 -82.93 61.71
N VAL E 55 -69.10 -83.11 62.91
CA VAL E 55 -70.53 -83.31 63.12
C VAL E 55 -71.04 -82.19 64.02
N ASN E 56 -72.15 -81.59 63.61
CA ASN E 56 -72.78 -80.51 64.37
C ASN E 56 -74.22 -80.87 64.67
N LEU E 57 -74.61 -80.72 65.93
CA LEU E 57 -75.97 -81.03 66.38
C LEU E 57 -76.46 -79.89 67.26
N LYS E 58 -77.52 -79.21 66.82
CA LYS E 58 -78.11 -78.11 67.57
C LYS E 58 -79.56 -78.42 67.87
N LEU E 59 -80.01 -78.03 69.07
CA LEU E 59 -81.39 -78.26 69.49
C LEU E 59 -81.95 -76.96 70.04
N ASP E 60 -83.03 -76.47 69.42
CA ASP E 60 -83.64 -75.21 69.80
C ASP E 60 -85.10 -75.44 70.20
N GLN E 61 -85.57 -74.62 71.13
CA GLN E 61 -86.96 -74.69 71.59
C GLN E 61 -87.33 -73.34 72.17
N ALA E 62 -88.25 -72.64 71.52
CA ALA E 62 -88.69 -71.32 71.95
C ALA E 62 -90.09 -71.42 72.54
N ASP E 63 -90.26 -70.87 73.74
CA ASP E 63 -91.57 -70.88 74.40
C ASP E 63 -92.49 -69.85 73.77
N VAL E 64 -93.79 -70.13 73.82
CA VAL E 64 -94.80 -69.26 73.24
C VAL E 64 -95.79 -68.88 74.34
N VAL E 65 -96.47 -67.75 74.13
CA VAL E 65 -97.48 -67.25 75.04
C VAL E 65 -98.68 -66.77 74.23
N ASP E 66 -99.85 -66.81 74.86
CA ASP E 66 -101.10 -66.44 74.21
C ASP E 66 -102.05 -65.84 75.23
N CYS E 67 -102.82 -64.85 74.79
CA CYS E 67 -103.77 -64.17 75.66
C CYS E 67 -105.21 -64.28 75.18
N SER E 68 -105.50 -65.15 74.20
CA SER E 68 -106.85 -65.28 73.69
C SER E 68 -107.80 -65.92 74.70
N THR E 69 -107.26 -66.50 75.78
CA THR E 69 -108.12 -67.10 76.79
C THR E 69 -108.83 -66.05 77.64
N SER E 70 -108.20 -64.91 77.86
CA SER E 70 -108.79 -63.85 78.67
C SER E 70 -108.89 -62.56 77.87
N VAL E 71 -107.76 -62.08 77.34
CA VAL E 71 -107.73 -60.86 76.57
C VAL E 71 -108.40 -61.10 75.22
N CYS E 72 -109.08 -60.07 74.70
CA CYS E 72 -109.83 -60.07 73.46
C CYS E 72 -109.05 -60.59 72.25
N GLY E 73 -107.76 -60.31 72.21
CA GLY E 73 -107.01 -60.24 70.97
C GLY E 73 -105.50 -60.23 71.14
N GLU E 74 -104.87 -61.37 70.93
CA GLU E 74 -103.41 -61.47 71.02
C GLU E 74 -102.98 -62.76 70.35
N LEU E 75 -102.20 -62.64 69.27
CA LEU E 75 -101.72 -63.82 68.57
C LEU E 75 -100.63 -64.51 69.39
N PRO E 76 -100.43 -65.82 69.19
CA PRO E 76 -99.35 -66.52 69.88
C PRO E 76 -98.00 -65.90 69.56
N LYS E 77 -97.32 -65.42 70.61
CA LYS E 77 -96.06 -64.70 70.46
C LYS E 77 -94.95 -65.46 71.17
N VAL E 78 -93.79 -65.56 70.51
CA VAL E 78 -92.65 -66.23 71.11
C VAL E 78 -92.04 -65.35 72.19
N ARG E 79 -91.40 -65.99 73.18
CA ARG E 79 -90.80 -65.28 74.28
C ARG E 79 -89.29 -65.36 74.14
N TYR E 80 -88.62 -66.32 74.77
CA TYR E 80 -87.17 -66.46 74.69
C TYR E 80 -86.80 -67.59 73.75
N THR E 81 -85.50 -67.67 73.46
CA THR E 81 -84.96 -68.69 72.56
C THR E 81 -83.75 -69.31 73.22
N GLN E 82 -83.67 -70.64 73.16
CA GLN E 82 -82.56 -71.39 73.73
C GLN E 82 -81.80 -72.12 72.62
N VAL E 83 -80.47 -72.04 72.67
CA VAL E 83 -79.60 -72.64 71.67
C VAL E 83 -78.64 -73.57 72.38
N TRP E 84 -78.61 -74.83 71.94
CA TRP E 84 -77.72 -75.86 72.51
C TRP E 84 -77.07 -76.60 71.33
N SER E 85 -75.93 -76.09 70.88
CA SER E 85 -75.19 -76.67 69.78
C SER E 85 -74.15 -77.67 70.28
N HIS E 86 -73.61 -78.44 69.34
CA HIS E 86 -72.59 -79.44 69.65
C HIS E 86 -71.49 -79.37 68.59
N ASP E 87 -70.44 -80.15 68.81
CA ASP E 87 -69.31 -80.21 67.87
C ASP E 87 -68.59 -81.53 68.10
N VAL E 88 -68.61 -82.39 67.09
CA VAL E 88 -67.97 -83.70 67.16
C VAL E 88 -66.83 -83.73 66.14
N THR E 89 -65.61 -83.91 66.63
CA THR E 89 -64.41 -83.97 65.78
C THR E 89 -63.72 -85.30 66.06
N ILE E 90 -64.21 -86.36 65.42
CA ILE E 90 -63.67 -87.71 65.59
C ILE E 90 -63.04 -88.14 64.27
N VAL E 91 -61.78 -88.58 64.33
CA VAL E 91 -61.09 -89.03 63.14
C VAL E 91 -61.61 -90.40 62.72
N ALA E 92 -61.45 -90.73 61.44
CA ALA E 92 -61.93 -92.01 60.93
C ALA E 92 -61.11 -93.16 61.49
N ASN E 93 -59.80 -93.14 61.26
CA ASN E 93 -58.90 -94.19 61.75
C ASN E 93 -58.70 -94.00 63.25
N SER E 94 -59.68 -94.48 64.02
CA SER E 94 -59.61 -94.39 65.47
C SER E 94 -59.70 -95.78 66.11
N THR E 95 -60.52 -95.92 67.15
CA THR E 95 -60.70 -97.18 67.83
C THR E 95 -62.15 -97.33 68.26
N GLU E 96 -62.76 -98.47 67.92
CA GLU E 96 -64.16 -98.69 68.27
C GLU E 96 -64.33 -98.78 69.78
N ALA E 97 -63.41 -99.47 70.47
CA ALA E 97 -63.50 -99.58 71.92
C ALA E 97 -63.34 -98.22 72.58
N SER E 98 -62.40 -97.41 72.08
CA SER E 98 -62.22 -96.06 72.64
C SER E 98 -63.44 -95.19 72.40
N ARG E 99 -64.04 -95.29 71.22
CA ARG E 99 -65.24 -94.52 70.92
C ARG E 99 -66.40 -94.95 71.82
N LYS E 100 -66.54 -96.26 72.04
CA LYS E 100 -67.59 -96.75 72.93
C LYS E 100 -67.37 -96.29 74.36
N SER E 101 -66.13 -96.32 74.83
CA SER E 101 -65.82 -95.84 76.19
C SER E 101 -66.11 -94.35 76.32
N LEU E 102 -65.76 -93.57 75.29
CA LEU E 102 -66.02 -92.14 75.32
C LEU E 102 -67.53 -91.86 75.33
N TYR E 103 -68.29 -92.62 74.54
CA TYR E 103 -69.74 -92.44 74.52
C TYR E 103 -70.35 -92.81 75.86
N ASP E 104 -69.85 -93.88 76.49
CA ASP E 104 -70.35 -94.27 77.80
C ASP E 104 -70.02 -93.21 78.85
N LEU E 105 -68.82 -92.65 78.79
CA LEU E 105 -68.44 -91.59 79.73
C LEU E 105 -69.31 -90.35 79.53
N THR E 106 -69.59 -89.99 78.28
CA THR E 106 -70.46 -88.85 78.01
C THR E 106 -71.88 -89.10 78.52
N LYS E 107 -72.39 -90.32 78.31
CA LYS E 107 -73.72 -90.66 78.80
C LYS E 107 -73.77 -90.60 80.32
N SER E 108 -72.73 -91.09 80.98
CA SER E 108 -72.70 -91.04 82.45
C SER E 108 -72.63 -89.60 82.95
N LEU E 109 -71.82 -88.76 82.30
CA LEU E 109 -71.74 -87.36 82.70
C LEU E 109 -73.04 -86.63 82.45
N VAL E 110 -73.79 -87.02 81.41
CA VAL E 110 -75.08 -86.38 81.15
C VAL E 110 -76.11 -86.85 82.18
N ALA E 111 -76.13 -88.14 82.50
CA ALA E 111 -77.11 -88.68 83.43
C ALA E 111 -76.78 -88.43 84.89
N THR E 112 -75.57 -87.93 85.19
CA THR E 112 -75.23 -87.65 86.57
C THR E 112 -76.05 -86.49 87.12
N SER E 113 -76.07 -86.36 88.44
CA SER E 113 -76.85 -85.34 89.13
C SER E 113 -76.14 -84.00 89.22
N GLN E 114 -74.84 -83.95 88.91
CA GLN E 114 -74.09 -82.71 88.97
C GLN E 114 -74.46 -81.74 87.84
N VAL E 115 -74.58 -82.25 86.61
CA VAL E 115 -74.96 -81.40 85.50
C VAL E 115 -76.40 -80.91 85.66
N GLU E 116 -77.28 -81.75 86.22
CA GLU E 116 -78.65 -81.32 86.47
C GLU E 116 -78.69 -80.16 87.46
N ASP E 117 -77.90 -80.24 88.52
CA ASP E 117 -77.84 -79.14 89.48
C ASP E 117 -77.22 -77.89 88.85
N LEU E 118 -76.17 -78.08 88.04
CA LEU E 118 -75.56 -76.95 87.34
C LEU E 118 -76.57 -76.26 86.41
N VAL E 119 -77.47 -77.03 85.80
CA VAL E 119 -78.46 -76.45 84.90
C VAL E 119 -79.56 -75.76 85.68
N VAL E 120 -80.07 -76.40 86.73
CA VAL E 120 -81.21 -75.88 87.48
C VAL E 120 -80.76 -74.73 88.38
N ASN E 121 -79.99 -75.06 89.42
CA ASN E 121 -79.62 -74.09 90.44
C ASN E 121 -78.49 -73.16 90.00
N LEU E 122 -77.96 -73.32 88.79
CA LEU E 122 -76.89 -72.48 88.26
C LEU E 122 -75.66 -72.50 89.15
N VAL E 123 -75.44 -73.60 89.86
CA VAL E 123 -74.28 -73.76 90.74
C VAL E 123 -73.15 -74.38 89.93
N PRO E 124 -71.93 -73.84 90.01
CA PRO E 124 -70.83 -74.41 89.23
C PRO E 124 -70.59 -75.87 89.58
N LEU E 125 -70.20 -76.65 88.57
CA LEU E 125 -69.99 -78.08 88.73
C LEU E 125 -68.78 -78.32 89.62
N GLY E 126 -68.98 -79.00 90.75
CA GLY E 126 -67.91 -79.28 91.68
C GLY E 126 -68.38 -79.94 92.95
N ARG E 127 -68.75 -81.22 92.86
CA ARG E 127 -69.23 -81.97 94.02
C ARG E 127 -68.23 -83.06 94.41
N SER F 1 -69.89 -72.39 99.70
CA SER F 1 -68.58 -71.79 99.63
C SER F 1 -68.34 -70.90 100.84
N LYS F 2 -68.22 -69.59 100.63
CA LYS F 2 -68.14 -68.63 101.73
C LYS F 2 -69.53 -68.09 101.99
N THR F 3 -70.02 -68.29 103.20
CA THR F 3 -71.36 -67.86 103.59
C THR F 3 -71.28 -66.71 104.58
N ILE F 4 -72.18 -65.75 104.41
CA ILE F 4 -72.27 -64.58 105.29
C ILE F 4 -73.71 -64.49 105.80
N VAL F 5 -73.87 -64.47 107.11
CA VAL F 5 -75.17 -64.41 107.75
C VAL F 5 -75.41 -62.99 108.25
N LEU F 6 -76.53 -62.39 107.82
CA LEU F 6 -76.91 -61.05 108.22
C LEU F 6 -78.23 -61.10 108.96
N SER F 7 -78.27 -60.48 110.14
CA SER F 7 -79.46 -60.47 110.99
C SER F 7 -80.19 -59.14 110.79
N VAL F 8 -81.43 -59.21 110.31
CA VAL F 8 -82.23 -58.00 110.10
C VAL F 8 -83.11 -57.68 111.29
N GLY F 9 -83.27 -58.60 112.25
CA GLY F 9 -84.11 -58.37 113.40
C GLY F 9 -85.01 -59.55 113.71
N GLU F 10 -85.69 -60.06 112.68
CA GLU F 10 -86.55 -61.22 112.82
C GLU F 10 -86.18 -62.38 111.92
N ALA F 11 -85.45 -62.14 110.84
CA ALA F 11 -85.02 -63.18 109.91
C ALA F 11 -83.53 -63.04 109.66
N THR F 12 -82.93 -64.10 109.11
CA THR F 12 -81.51 -64.15 108.82
C THR F 12 -81.33 -64.38 107.32
N ARG F 13 -80.57 -63.50 106.68
CA ARG F 13 -80.27 -63.61 105.25
C ARG F 13 -78.88 -64.21 105.06
N THR F 14 -78.73 -64.98 103.99
CA THR F 14 -77.50 -65.69 103.70
C THR F 14 -76.96 -65.24 102.34
N LEU F 15 -75.73 -64.75 102.32
CA LEU F 15 -75.03 -64.38 101.10
C LEU F 15 -73.94 -65.40 100.80
N THR F 16 -73.85 -65.83 99.55
CA THR F 16 -72.92 -66.87 99.14
C THR F 16 -71.90 -66.31 98.16
N GLU F 17 -70.64 -66.72 98.34
CA GLU F 17 -69.60 -66.33 97.41
C GLU F 17 -69.81 -66.99 96.05
N ILE F 18 -69.72 -66.21 94.97
CA ILE F 18 -69.97 -66.75 93.64
C ILE F 18 -68.78 -66.58 92.71
N GLN F 19 -68.11 -65.43 92.74
CA GLN F 19 -67.00 -65.16 91.82
C GLN F 19 -65.75 -64.91 92.65
N SER F 20 -65.12 -65.99 93.09
CA SER F 20 -63.94 -65.91 93.96
C SER F 20 -62.73 -65.49 93.13
N THR F 21 -62.31 -64.24 93.29
CA THR F 21 -61.12 -63.72 92.63
C THR F 21 -60.48 -62.69 93.55
N ALA F 22 -59.16 -62.54 93.40
CA ALA F 22 -58.41 -61.64 94.29
C ALA F 22 -58.81 -60.18 94.08
N ASP F 23 -58.75 -59.71 92.83
CA ASP F 23 -59.02 -58.31 92.53
C ASP F 23 -60.51 -57.98 92.49
N ARG F 24 -61.39 -58.98 92.60
CA ARG F 24 -62.83 -58.72 92.54
C ARG F 24 -63.54 -59.90 93.22
N GLN F 25 -64.14 -59.65 94.37
CA GLN F 25 -64.93 -60.65 95.09
C GLN F 25 -66.40 -60.28 94.97
N ILE F 26 -67.20 -61.20 94.45
CA ILE F 26 -68.61 -60.96 94.19
C ILE F 26 -69.42 -61.90 95.07
N PHE F 27 -70.12 -61.35 96.06
CA PHE F 27 -71.02 -62.11 96.91
C PHE F 27 -72.46 -61.86 96.46
N GLU F 28 -73.24 -62.94 96.40
CA GLU F 28 -74.64 -62.87 95.99
C GLU F 28 -75.51 -63.48 97.08
N GLU F 29 -76.67 -62.88 97.31
CA GLU F 29 -77.62 -63.39 98.27
C GLU F 29 -78.50 -64.45 97.63
N LYS F 30 -78.68 -65.57 98.34
CA LYS F 30 -79.49 -66.69 97.85
C LYS F 30 -80.76 -66.76 98.70
N VAL F 31 -81.87 -66.37 98.10
CA VAL F 31 -83.17 -66.44 98.76
C VAL F 31 -84.19 -67.08 97.82
N GLY F 32 -84.30 -66.52 96.61
CA GLY F 32 -85.21 -67.04 95.62
C GLY F 32 -84.72 -66.76 94.20
N PRO F 33 -85.26 -65.70 93.59
CA PRO F 33 -84.81 -65.32 92.24
C PRO F 33 -83.41 -64.73 92.30
N LEU F 34 -82.47 -65.36 91.57
CA LEU F 34 -81.09 -64.89 91.59
C LEU F 34 -80.93 -63.57 90.86
N VAL F 35 -81.69 -63.34 89.79
CA VAL F 35 -81.62 -62.08 89.07
C VAL F 35 -82.33 -61.00 89.87
N GLY F 36 -81.71 -59.82 89.94
CA GLY F 36 -82.27 -58.71 90.68
C GLY F 36 -82.32 -58.96 92.18
N ARG F 37 -81.17 -59.29 92.77
CA ARG F 37 -81.10 -59.57 94.19
C ARG F 37 -80.05 -58.68 94.87
N LEU F 38 -79.45 -59.18 95.96
CA LEU F 38 -78.45 -58.44 96.70
C LEU F 38 -77.06 -58.91 96.27
N ARG F 39 -76.23 -57.97 95.81
CA ARG F 39 -74.88 -58.27 95.38
C ARG F 39 -73.90 -57.34 96.07
N LEU F 40 -72.69 -57.84 96.29
CA LEU F 40 -71.63 -57.11 96.97
C LEU F 40 -70.32 -57.32 96.24
N THR F 41 -69.66 -56.21 95.89
CA THR F 41 -68.39 -56.23 95.17
C THR F 41 -67.30 -55.69 96.09
N ALA F 42 -66.25 -56.48 96.28
CA ALA F 42 -65.12 -56.10 97.12
C ALA F 42 -63.84 -56.11 96.29
N SER F 43 -62.98 -55.12 96.52
CA SER F 43 -61.72 -55.01 95.81
C SER F 43 -60.66 -54.46 96.74
N LEU F 44 -59.44 -54.99 96.61
CA LEU F 44 -58.30 -54.55 97.40
C LEU F 44 -57.10 -54.40 96.49
N ARG F 45 -56.36 -53.31 96.65
CA ARG F 45 -55.22 -53.01 95.79
C ARG F 45 -54.24 -52.13 96.55
N GLN F 46 -53.17 -51.73 95.87
CA GLN F 46 -52.14 -50.85 96.38
C GLN F 46 -52.28 -49.47 95.71
N ASN F 47 -51.23 -48.66 95.80
CA ASN F 47 -51.25 -47.32 95.22
C ASN F 47 -49.84 -46.76 95.19
N GLY F 48 -49.58 -45.93 94.16
CA GLY F 48 -48.31 -45.25 94.02
C GLY F 48 -47.08 -46.15 94.02
N ALA F 49 -46.21 -45.95 95.00
CA ALA F 49 -44.98 -46.74 95.13
C ALA F 49 -44.99 -47.50 96.46
N LYS F 50 -45.93 -48.45 96.61
CA LYS F 50 -46.01 -49.31 97.78
C LYS F 50 -46.31 -48.55 99.07
N THR F 51 -46.91 -47.36 98.98
CA THR F 51 -47.11 -46.50 100.16
C THR F 51 -48.32 -46.97 100.95
N ALA F 52 -49.52 -46.65 100.47
CA ALA F 52 -50.75 -47.02 101.15
C ALA F 52 -51.48 -48.12 100.40
N TYR F 53 -52.80 -48.24 100.63
CA TYR F 53 -53.62 -49.24 99.98
C TYR F 53 -54.94 -48.60 99.56
N ARG F 54 -55.77 -49.38 98.87
CA ARG F 54 -57.06 -48.91 98.41
C ARG F 54 -58.05 -50.05 98.48
N VAL F 55 -59.15 -49.85 99.22
CA VAL F 55 -60.20 -50.84 99.39
C VAL F 55 -61.50 -50.24 98.87
N ASN F 56 -62.21 -51.03 98.06
CA ASN F 56 -63.49 -50.59 97.48
C ASN F 56 -64.56 -51.61 97.84
N LEU F 57 -65.69 -51.12 98.34
CA LEU F 57 -66.81 -51.97 98.73
C LEU F 57 -68.09 -51.37 98.19
N LYS F 58 -68.77 -52.09 97.30
CA LYS F 58 -70.02 -51.64 96.70
C LYS F 58 -71.12 -52.65 97.01
N LEU F 59 -72.32 -52.15 97.27
CA LEU F 59 -73.47 -52.99 97.59
C LEU F 59 -74.64 -52.55 96.72
N ASP F 60 -75.15 -53.47 95.90
CA ASP F 60 -76.24 -53.19 94.98
C ASP F 60 -77.41 -54.11 95.27
N GLN F 61 -78.61 -53.58 95.02
CA GLN F 61 -79.85 -54.35 95.22
C GLN F 61 -80.94 -53.73 94.35
N ALA F 62 -81.37 -54.47 93.33
CA ALA F 62 -82.40 -54.01 92.40
C ALA F 62 -83.71 -54.72 92.69
N ASP F 63 -84.78 -53.95 92.84
CA ASP F 63 -86.10 -54.52 93.09
C ASP F 63 -86.68 -55.11 91.81
N VAL F 64 -87.51 -56.14 91.98
CA VAL F 64 -88.13 -56.83 90.86
C VAL F 64 -89.64 -56.77 91.03
N VAL F 65 -90.35 -56.91 89.90
CA VAL F 65 -91.80 -56.92 89.88
C VAL F 65 -92.26 -58.04 88.96
N ASP F 66 -93.47 -58.54 89.22
CA ASP F 66 -94.04 -59.65 88.47
C ASP F 66 -95.55 -59.52 88.43
N CYS F 67 -96.13 -59.90 87.30
CA CYS F 67 -97.57 -59.82 87.10
C CYS F 67 -98.22 -61.18 86.83
N SER F 68 -97.50 -62.29 87.03
CA SER F 68 -98.07 -63.60 86.77
C SER F 68 -99.15 -63.97 87.77
N THR F 69 -99.29 -63.22 88.87
CA THR F 69 -100.32 -63.53 89.84
C THR F 69 -101.71 -63.13 89.34
N SER F 70 -101.80 -62.08 88.53
CA SER F 70 -103.08 -61.62 88.01
C SER F 70 -103.07 -61.61 86.49
N VAL F 71 -102.10 -60.90 85.90
CA VAL F 71 -101.99 -60.80 84.45
C VAL F 71 -101.50 -62.13 83.90
N CYS F 72 -101.99 -62.49 82.72
CA CYS F 72 -101.71 -63.72 81.97
C CYS F 72 -100.22 -64.06 81.85
N GLY F 73 -99.39 -63.04 81.71
CA GLY F 73 -98.10 -63.17 81.06
C GLY F 73 -97.17 -61.99 81.25
N GLU F 74 -96.22 -62.11 82.17
CA GLU F 74 -95.24 -61.06 82.41
C GLU F 74 -94.08 -61.66 83.19
N LEU F 75 -92.89 -61.65 82.58
CA LEU F 75 -91.71 -62.18 83.26
C LEU F 75 -91.26 -61.23 84.36
N PRO F 76 -90.56 -61.74 85.37
CA PRO F 76 -90.02 -60.85 86.42
C PRO F 76 -89.09 -59.81 85.83
N LYS F 77 -89.45 -58.54 86.02
CA LYS F 77 -88.73 -57.41 85.44
C LYS F 77 -88.17 -56.53 86.53
N VAL F 78 -86.91 -56.12 86.36
CA VAL F 78 -86.28 -55.24 87.35
C VAL F 78 -86.85 -53.83 87.20
N ARG F 79 -86.82 -53.09 88.32
CA ARG F 79 -87.36 -51.73 88.33
C ARG F 79 -86.19 -50.77 88.44
N TYR F 80 -85.82 -50.32 89.64
CA TYR F 80 -84.73 -49.38 89.83
C TYR F 80 -83.49 -50.10 90.32
N THR F 81 -82.37 -49.38 90.33
CA THR F 81 -81.09 -49.90 90.78
C THR F 81 -80.45 -48.92 91.74
N GLN F 82 -79.93 -49.44 92.85
CA GLN F 82 -79.28 -48.63 93.88
C GLN F 82 -77.81 -49.00 93.97
N VAL F 83 -76.94 -47.99 94.03
CA VAL F 83 -75.50 -48.17 94.09
C VAL F 83 -74.98 -47.46 95.33
N TRP F 84 -74.26 -48.21 96.18
CA TRP F 84 -73.67 -47.68 97.41
C TRP F 84 -72.22 -48.17 97.46
N SER F 85 -71.31 -47.39 96.90
CA SER F 85 -69.90 -47.73 96.86
C SER F 85 -69.16 -47.10 98.06
N HIS F 86 -67.93 -47.55 98.26
CA HIS F 86 -67.10 -47.06 99.35
C HIS F 86 -65.68 -46.84 98.83
N ASP F 87 -64.84 -46.28 99.69
CA ASP F 87 -63.44 -46.01 99.34
C ASP F 87 -62.64 -45.91 100.63
N VAL F 88 -61.72 -46.85 100.83
CA VAL F 88 -60.89 -46.89 102.03
C VAL F 88 -59.44 -46.66 101.61
N THR F 89 -58.85 -45.58 102.10
CA THR F 89 -57.46 -45.21 101.81
C THR F 89 -56.73 -45.12 103.15
N ILE F 90 -56.29 -46.25 103.68
CA ILE F 90 -55.59 -46.32 104.95
C ILE F 90 -54.16 -46.80 104.68
N VAL F 91 -53.18 -46.03 105.17
CA VAL F 91 -51.78 -46.39 104.98
C VAL F 91 -51.42 -47.56 105.90
N ALA F 92 -50.39 -48.29 105.52
CA ALA F 92 -49.96 -49.45 106.30
C ALA F 92 -49.38 -49.03 107.64
N ASN F 93 -48.33 -48.20 107.60
CA ASN F 93 -47.67 -47.72 108.82
C ASN F 93 -48.55 -46.66 109.47
N SER F 94 -49.57 -47.12 110.20
CA SER F 94 -50.49 -46.22 110.88
C SER F 94 -50.50 -46.50 112.38
N THR F 95 -51.68 -46.56 112.98
CA THR F 95 -51.82 -46.83 114.40
C THR F 95 -53.05 -47.69 114.63
N GLU F 96 -52.88 -48.79 115.37
CA GLU F 96 -53.99 -49.69 115.63
C GLU F 96 -55.06 -49.01 116.49
N ALA F 97 -54.64 -48.24 117.49
CA ALA F 97 -55.60 -47.54 118.34
C ALA F 97 -56.36 -46.48 117.54
N SER F 98 -55.66 -45.76 116.67
CA SER F 98 -56.33 -44.77 115.84
C SER F 98 -57.32 -45.42 114.88
N ARG F 99 -56.93 -46.56 114.30
CA ARG F 99 -57.84 -47.27 113.39
C ARG F 99 -59.07 -47.77 114.14
N LYS F 100 -58.88 -48.28 115.36
CA LYS F 100 -60.01 -48.75 116.15
C LYS F 100 -60.93 -47.59 116.53
N SER F 101 -60.37 -46.44 116.89
CA SER F 101 -61.18 -45.28 117.22
C SER F 101 -61.95 -44.79 116.00
N LEU F 102 -61.31 -44.80 114.83
CA LEU F 102 -62.00 -44.39 113.61
C LEU F 102 -63.13 -45.34 113.26
N TYR F 103 -62.89 -46.65 113.43
CA TYR F 103 -63.94 -47.63 113.16
C TYR F 103 -65.11 -47.46 114.13
N ASP F 104 -64.81 -47.19 115.41
CA ASP F 104 -65.87 -46.97 116.39
C ASP F 104 -66.66 -45.72 116.06
N LEU F 105 -65.98 -44.65 115.64
CA LEU F 105 -66.68 -43.42 115.26
C LEU F 105 -67.56 -43.65 114.04
N THR F 106 -67.07 -44.40 113.06
CA THR F 106 -67.88 -44.71 111.88
C THR F 106 -69.09 -45.55 112.25
N LYS F 107 -68.91 -46.53 113.14
CA LYS F 107 -70.04 -47.36 113.57
C LYS F 107 -71.07 -46.52 114.32
N SER F 108 -70.61 -45.59 115.16
CA SER F 108 -71.54 -44.72 115.88
C SER F 108 -72.29 -43.81 114.92
N LEU F 109 -71.60 -43.24 113.94
CA LEU F 109 -72.26 -42.38 112.96
C LEU F 109 -73.25 -43.16 112.11
N VAL F 110 -72.97 -44.44 111.84
CA VAL F 110 -73.91 -45.25 111.07
C VAL F 110 -75.13 -45.61 111.91
N ALA F 111 -74.91 -45.98 113.17
CA ALA F 111 -76.00 -46.39 114.05
C ALA F 111 -76.79 -45.22 114.62
N THR F 112 -76.33 -43.98 114.45
CA THR F 112 -77.07 -42.83 114.96
C THR F 112 -78.37 -42.66 114.20
N SER F 113 -79.27 -41.87 114.78
CA SER F 113 -80.59 -41.63 114.21
C SER F 113 -80.61 -40.51 113.17
N GLN F 114 -79.53 -39.74 113.07
CA GLN F 114 -79.46 -38.65 112.10
C GLN F 114 -79.32 -39.15 110.67
N VAL F 115 -78.44 -40.14 110.45
CA VAL F 115 -78.28 -40.69 109.10
C VAL F 115 -79.53 -41.43 108.67
N GLU F 116 -80.22 -42.09 109.61
CA GLU F 116 -81.47 -42.76 109.27
C GLU F 116 -82.51 -41.75 108.79
N ASP F 117 -82.63 -40.61 109.47
CA ASP F 117 -83.56 -39.58 109.05
C ASP F 117 -83.14 -38.98 107.71
N LEU F 118 -81.84 -38.76 107.52
CA LEU F 118 -81.35 -38.26 106.24
C LEU F 118 -81.66 -39.21 105.10
N VAL F 119 -81.65 -40.51 105.37
CA VAL F 119 -81.93 -41.49 104.33
C VAL F 119 -83.44 -41.57 104.06
N VAL F 120 -84.24 -41.61 105.11
CA VAL F 120 -85.68 -41.79 104.97
C VAL F 120 -86.34 -40.50 104.51
N ASN F 121 -86.36 -39.49 105.39
CA ASN F 121 -87.09 -38.25 105.12
C ASN F 121 -86.34 -37.30 104.19
N LEU F 122 -85.13 -37.68 103.74
CA LEU F 122 -84.34 -36.85 102.83
C LEU F 122 -84.05 -35.47 103.40
N VAL F 123 -83.99 -35.38 104.73
CA VAL F 123 -83.71 -34.12 105.42
C VAL F 123 -82.20 -34.01 105.61
N PRO F 124 -81.58 -32.87 105.28
CA PRO F 124 -80.12 -32.75 105.45
C PRO F 124 -79.70 -32.97 106.89
N LEU F 125 -78.52 -33.59 107.05
CA LEU F 125 -78.01 -33.93 108.37
C LEU F 125 -77.66 -32.66 109.13
N GLY F 126 -78.31 -32.45 110.28
CA GLY F 126 -78.06 -31.28 111.09
C GLY F 126 -78.99 -31.17 112.28
N ARG F 127 -78.76 -32.02 113.29
CA ARG F 127 -79.59 -32.02 114.49
C ARG F 127 -78.79 -31.53 115.70
N SER G 1 -86.91 -25.38 109.22
CA SER G 1 -86.15 -24.21 108.77
C SER G 1 -87.06 -23.00 108.66
N LYS G 2 -87.25 -22.50 107.43
CA LYS G 2 -88.22 -21.43 107.19
C LYS G 2 -89.53 -22.06 106.74
N THR G 3 -90.59 -21.80 107.50
CA THR G 3 -91.90 -22.37 107.23
C THR G 3 -92.86 -21.29 106.76
N ILE G 4 -93.70 -21.63 105.78
CA ILE G 4 -94.70 -20.72 105.23
C ILE G 4 -96.05 -21.43 105.30
N VAL G 5 -97.01 -20.79 105.95
CA VAL G 5 -98.35 -21.35 106.11
C VAL G 5 -99.29 -20.66 105.13
N LEU G 6 -99.98 -21.46 104.33
CA LEU G 6 -100.94 -20.96 103.35
C LEU G 6 -102.32 -21.51 103.67
N SER G 7 -103.31 -20.62 103.75
CA SER G 7 -104.68 -20.99 104.08
C SER G 7 -105.49 -21.08 102.79
N VAL G 8 -106.01 -22.26 102.50
CA VAL G 8 -106.82 -22.47 101.30
C VAL G 8 -108.31 -22.29 101.57
N GLY G 9 -108.73 -22.24 102.82
CA GLY G 9 -110.13 -22.10 103.14
C GLY G 9 -110.57 -23.05 104.24
N GLU G 10 -110.21 -24.32 104.10
CA GLU G 10 -110.52 -25.33 105.10
C GLU G 10 -109.31 -26.05 105.65
N ALA G 11 -108.18 -26.05 104.94
CA ALA G 11 -106.95 -26.69 105.40
C ALA G 11 -105.81 -25.70 105.26
N THR G 12 -104.69 -26.02 105.94
CA THR G 12 -103.50 -25.19 105.93
C THR G 12 -102.34 -25.99 105.39
N ARG G 13 -101.69 -25.46 104.35
CA ARG G 13 -100.52 -26.09 103.75
C ARG G 13 -99.25 -25.44 104.27
N THR G 14 -98.20 -26.26 104.38
CA THR G 14 -96.92 -25.82 104.94
C THR G 14 -95.83 -26.03 103.90
N LEU G 15 -95.12 -24.95 103.58
CA LEU G 15 -93.96 -25.00 102.69
C LEU G 15 -92.69 -24.79 103.50
N THR G 16 -91.68 -25.62 103.22
CA THR G 16 -90.44 -25.60 103.97
C THR G 16 -89.29 -25.19 103.07
N GLU G 17 -88.39 -24.37 103.61
CA GLU G 17 -87.19 -23.97 102.88
C GLU G 17 -86.26 -25.17 102.73
N ILE G 18 -85.75 -25.40 101.52
CA ILE G 18 -84.88 -26.55 101.27
C ILE G 18 -83.51 -26.15 100.75
N GLN G 19 -83.44 -25.18 99.83
CA GLN G 19 -82.18 -24.80 99.22
C GLN G 19 -81.91 -23.33 99.53
N SER G 20 -81.41 -23.06 100.73
CA SER G 20 -81.19 -21.69 101.21
C SER G 20 -79.95 -21.13 100.52
N THR G 21 -80.17 -20.23 99.55
CA THR G 21 -79.09 -19.53 98.87
C THR G 21 -79.56 -18.13 98.52
N ALA G 22 -78.61 -17.20 98.41
CA ALA G 22 -78.95 -15.81 98.17
C ALA G 22 -79.57 -15.62 96.79
N ASP G 23 -78.88 -16.08 95.74
CA ASP G 23 -79.32 -15.88 94.37
C ASP G 23 -80.43 -16.84 93.95
N ARG G 24 -80.79 -17.81 94.79
CA ARG G 24 -81.84 -18.77 94.42
C ARG G 24 -82.38 -19.38 95.72
N GLN G 25 -83.61 -19.06 96.06
CA GLN G 25 -84.31 -19.62 97.21
C GLN G 25 -85.37 -20.59 96.72
N ILE G 26 -85.29 -21.84 97.17
CA ILE G 26 -86.18 -22.91 96.73
C ILE G 26 -87.00 -23.37 97.92
N PHE G 27 -88.30 -23.09 97.89
CA PHE G 27 -89.23 -23.56 98.90
C PHE G 27 -90.02 -24.75 98.35
N GLU G 28 -90.17 -25.78 99.18
CA GLU G 28 -90.90 -26.98 98.80
C GLU G 28 -92.00 -27.24 99.81
N GLU G 29 -93.15 -27.69 99.32
CA GLU G 29 -94.27 -28.04 100.17
C GLU G 29 -94.11 -29.46 100.68
N LYS G 30 -94.33 -29.66 101.99
CA LYS G 30 -94.21 -30.96 102.63
C LYS G 30 -95.61 -31.43 103.03
N VAL G 31 -96.13 -32.42 102.29
CA VAL G 31 -97.43 -32.99 102.59
C VAL G 31 -97.31 -34.51 102.57
N GLY G 32 -96.80 -35.05 101.47
CA GLY G 32 -96.61 -36.47 101.32
C GLY G 32 -95.47 -36.80 100.39
N PRO G 33 -95.77 -37.11 99.13
CA PRO G 33 -94.72 -37.40 98.14
C PRO G 33 -93.98 -36.11 97.79
N LEU G 34 -92.66 -36.12 98.02
CA LEU G 34 -91.86 -34.93 97.75
C LEU G 34 -91.72 -34.68 96.25
N VAL G 35 -91.63 -35.74 95.45
CA VAL G 35 -91.52 -35.58 94.00
C VAL G 35 -92.87 -35.19 93.43
N GLY G 36 -92.87 -34.23 92.51
CA GLY G 36 -94.11 -33.76 91.91
C GLY G 36 -95.01 -33.05 92.89
N ARG G 37 -94.50 -32.02 93.55
CA ARG G 37 -95.28 -31.28 94.54
C ARG G 37 -95.27 -29.79 94.22
N LEU G 38 -95.40 -28.96 95.25
CA LEU G 38 -95.42 -27.51 95.08
C LEU G 38 -94.02 -26.95 95.36
N ARG G 39 -93.47 -26.23 94.39
CA ARG G 39 -92.15 -25.63 94.54
C ARG G 39 -92.22 -24.15 94.18
N LEU G 40 -91.36 -23.37 94.82
CA LEU G 40 -91.31 -21.92 94.62
C LEU G 40 -89.86 -21.49 94.52
N THR G 41 -89.52 -20.76 93.46
CA THR G 41 -88.19 -20.26 93.21
C THR G 41 -88.20 -18.74 93.30
N ALA G 42 -87.34 -18.19 94.16
CA ALA G 42 -87.22 -16.76 94.36
C ALA G 42 -85.80 -16.31 94.05
N SER G 43 -85.68 -15.17 93.38
CA SER G 43 -84.38 -14.62 93.02
C SER G 43 -84.42 -13.11 93.11
N LEU G 44 -83.33 -12.52 93.60
CA LEU G 44 -83.18 -11.07 93.72
C LEU G 44 -81.81 -10.67 93.22
N ARG G 45 -81.76 -9.60 92.42
CA ARG G 45 -80.50 -9.15 91.82
C ARG G 45 -80.60 -7.66 91.54
N GLN G 46 -79.55 -7.11 90.94
CA GLN G 46 -79.46 -5.73 90.52
C GLN G 46 -79.57 -5.65 89.00
N ASN G 47 -79.16 -4.51 88.44
CA ASN G 47 -79.24 -4.31 87.00
C ASN G 47 -78.42 -3.09 86.61
N GLY G 48 -77.84 -3.14 85.40
CA GLY G 48 -77.09 -2.02 84.84
C GLY G 48 -75.96 -1.52 85.70
N ALA G 49 -76.05 -0.25 86.12
CA ALA G 49 -75.03 0.36 86.96
C ALA G 49 -75.64 0.80 88.28
N LYS G 50 -76.08 -0.16 89.09
CA LYS G 50 -76.61 0.09 90.43
C LYS G 50 -77.90 0.91 90.42
N THR G 51 -78.64 0.92 89.31
CA THR G 51 -79.81 1.78 89.16
C THR G 51 -81.02 1.18 89.88
N ALA G 52 -81.63 0.17 89.26
CA ALA G 52 -82.81 -0.47 89.84
C ALA G 52 -82.48 -1.88 90.32
N TYR G 53 -83.50 -2.72 90.44
CA TYR G 53 -83.32 -4.10 90.88
C TYR G 53 -84.18 -5.01 90.03
N ARG G 54 -84.05 -6.33 90.27
CA ARG G 54 -84.79 -7.33 89.52
C ARG G 54 -85.17 -8.46 90.47
N VAL G 55 -86.46 -8.74 90.57
CA VAL G 55 -86.97 -9.81 91.42
C VAL G 55 -87.74 -10.79 90.55
N ASN G 56 -87.45 -12.07 90.73
CA ASN G 56 -88.10 -13.14 89.98
C ASN G 56 -88.74 -14.12 90.94
N LEU G 57 -90.01 -14.45 90.69
CA LEU G 57 -90.77 -15.38 91.52
C LEU G 57 -91.49 -16.36 90.62
N LYS G 58 -91.16 -17.64 90.74
CA LYS G 58 -91.79 -18.69 89.95
C LYS G 58 -92.41 -19.72 90.88
N LEU G 59 -93.59 -20.23 90.49
CA LEU G 59 -94.31 -21.21 91.27
C LEU G 59 -94.71 -22.36 90.37
N ASP G 60 -94.22 -23.57 90.69
CA ASP G 60 -94.48 -24.76 89.88
C ASP G 60 -95.19 -25.81 90.72
N GLN G 61 -96.03 -26.60 90.05
CA GLN G 61 -96.76 -27.69 90.70
C GLN G 61 -97.15 -28.70 89.65
N ALA G 62 -96.57 -29.89 89.72
CA ALA G 62 -96.81 -30.96 88.77
C ALA G 62 -97.68 -32.03 89.42
N ASP G 63 -98.77 -32.39 88.75
CA ASP G 63 -99.65 -33.43 89.27
C ASP G 63 -99.04 -34.81 89.07
N VAL G 64 -99.39 -35.73 89.96
CA VAL G 64 -98.89 -37.10 89.92
C VAL G 64 -100.06 -38.07 89.84
N VAL G 65 -99.77 -39.26 89.32
CA VAL G 65 -100.77 -40.32 89.20
C VAL G 65 -100.12 -41.63 89.65
N ASP G 66 -100.97 -42.55 90.12
CA ASP G 66 -100.52 -43.83 90.63
C ASP G 66 -101.58 -44.89 90.37
N CYS G 67 -101.13 -46.11 90.07
CA CYS G 67 -102.01 -47.22 89.79
C CYS G 67 -101.86 -48.38 90.76
N SER G 68 -101.14 -48.20 91.86
CA SER G 68 -100.93 -49.29 92.81
C SER G 68 -102.21 -49.67 93.54
N THR G 69 -103.25 -48.83 93.47
CA THR G 69 -104.51 -49.15 94.15
C THR G 69 -105.25 -50.27 93.44
N SER G 70 -105.14 -50.35 92.11
CA SER G 70 -105.84 -51.37 91.35
C SER G 70 -104.85 -52.23 90.55
N VAL G 71 -104.04 -51.58 89.72
CA VAL G 71 -103.06 -52.28 88.90
C VAL G 71 -101.94 -52.78 89.81
N CYS G 72 -101.39 -53.95 89.46
CA CYS G 72 -100.32 -54.66 90.16
C CYS G 72 -99.11 -53.80 90.50
N GLY G 73 -98.76 -52.87 89.62
CA GLY G 73 -97.40 -52.37 89.50
C GLY G 73 -97.27 -51.12 88.66
N GLU G 74 -97.17 -49.96 89.32
CA GLU G 74 -96.98 -48.70 88.62
C GLU G 74 -96.48 -47.67 89.63
N LEU G 75 -95.28 -47.15 89.40
CA LEU G 75 -94.73 -46.14 90.29
C LEU G 75 -95.43 -44.81 90.08
N PRO G 76 -95.44 -43.95 91.10
CA PRO G 76 -96.03 -42.60 90.92
C PRO G 76 -95.33 -41.84 89.80
N LYS G 77 -96.12 -41.48 88.78
CA LYS G 77 -95.61 -40.84 87.59
C LYS G 77 -96.22 -39.45 87.45
N VAL G 78 -95.37 -38.47 87.10
CA VAL G 78 -95.85 -37.11 86.91
C VAL G 78 -96.61 -37.02 85.59
N ARG G 79 -97.55 -36.07 85.52
CA ARG G 79 -98.36 -35.90 84.33
C ARG G 79 -97.94 -34.60 83.66
N TYR G 80 -98.60 -33.48 83.93
CA TYR G 80 -98.27 -32.20 83.30
C TYR G 80 -97.50 -31.33 84.27
N THR G 81 -96.97 -30.22 83.75
CA THR G 81 -96.19 -29.27 84.53
C THR G 81 -96.70 -27.86 84.23
N GLN G 82 -96.88 -27.07 85.29
CA GLN G 82 -97.35 -25.70 85.18
C GLN G 82 -96.27 -24.74 85.67
N VAL G 83 -96.04 -23.68 84.90
CA VAL G 83 -95.02 -22.69 85.21
C VAL G 83 -95.69 -21.32 85.29
N TRP G 84 -95.50 -20.63 86.41
CA TRP G 84 -96.05 -19.29 86.63
C TRP G 84 -94.93 -18.42 87.20
N SER G 85 -94.18 -17.77 86.31
CA SER G 85 -93.08 -16.92 86.70
C SER G 85 -93.54 -15.46 86.84
N HIS G 86 -92.67 -14.64 87.42
CA HIS G 86 -92.95 -13.23 87.63
C HIS G 86 -91.71 -12.42 87.29
N ASP G 87 -91.86 -11.10 87.32
CA ASP G 87 -90.75 -10.20 87.02
C ASP G 87 -91.06 -8.85 87.65
N VAL G 88 -90.26 -8.45 88.64
CA VAL G 88 -90.44 -7.20 89.36
C VAL G 88 -89.25 -6.30 89.07
N THR G 89 -89.50 -5.16 88.44
CA THR G 89 -88.47 -4.18 88.10
C THR G 89 -88.86 -2.85 88.75
N ILE G 90 -88.53 -2.71 90.03
CA ILE G 90 -88.84 -1.52 90.80
C ILE G 90 -87.52 -0.83 91.18
N VAL G 91 -87.41 0.46 90.86
CA VAL G 91 -86.20 1.21 91.18
C VAL G 91 -86.17 1.50 92.68
N ALA G 92 -84.96 1.73 93.19
CA ALA G 92 -84.79 2.01 94.62
C ALA G 92 -85.39 3.36 94.99
N ASN G 93 -84.91 4.42 94.34
CA ASN G 93 -85.40 5.78 94.61
C ASN G 93 -86.77 5.95 93.96
N SER G 94 -87.79 5.44 94.66
CA SER G 94 -89.16 5.53 94.17
C SER G 94 -90.04 6.27 95.18
N THR G 95 -91.23 5.72 95.45
CA THR G 95 -92.17 6.32 96.39
C THR G 95 -92.88 5.22 97.15
N GLU G 96 -92.88 5.31 98.48
CA GLU G 96 -93.53 4.30 99.30
C GLU G 96 -95.05 4.30 99.07
N ALA G 97 -95.65 5.48 98.97
CA ALA G 97 -97.08 5.56 98.73
C ALA G 97 -97.44 4.99 97.35
N SER G 98 -96.63 5.29 96.34
CA SER G 98 -96.88 4.74 95.01
C SER G 98 -96.72 3.23 95.00
N ARG G 99 -95.72 2.71 95.70
CA ARG G 99 -95.53 1.26 95.77
C ARG G 99 -96.71 0.59 96.49
N LYS G 100 -97.19 1.21 97.56
CA LYS G 100 -98.33 0.66 98.28
C LYS G 100 -99.59 0.68 97.42
N SER G 101 -99.80 1.76 96.67
CA SER G 101 -100.96 1.84 95.77
C SER G 101 -100.86 0.79 94.67
N LEU G 102 -99.66 0.59 94.12
CA LEU G 102 -99.49 -0.43 93.09
C LEU G 102 -99.73 -1.82 93.64
N TYR G 103 -99.25 -2.09 94.85
CA TYR G 103 -99.49 -3.39 95.47
C TYR G 103 -100.98 -3.62 95.74
N ASP G 104 -101.67 -2.56 96.19
CA ASP G 104 -103.11 -2.69 96.42
C ASP G 104 -103.86 -2.93 95.11
N LEU G 105 -103.46 -2.24 94.04
CA LEU G 105 -104.10 -2.46 92.74
C LEU G 105 -103.85 -3.87 92.24
N THR G 106 -102.63 -4.38 92.42
CA THR G 106 -102.33 -5.75 92.00
C THR G 106 -103.14 -6.75 92.82
N LYS G 107 -103.27 -6.52 94.13
CA LYS G 107 -104.07 -7.41 94.96
C LYS G 107 -105.53 -7.39 94.55
N SER G 108 -106.06 -6.21 94.22
CA SER G 108 -107.44 -6.12 93.78
C SER G 108 -107.64 -6.83 92.45
N LEU G 109 -106.71 -6.66 91.51
CA LEU G 109 -106.82 -7.33 90.22
C LEU G 109 -106.70 -8.84 90.38
N VAL G 110 -105.92 -9.31 91.35
CA VAL G 110 -105.81 -10.75 91.58
C VAL G 110 -107.08 -11.30 92.22
N ALA G 111 -107.64 -10.57 93.19
CA ALA G 111 -108.81 -11.03 93.91
C ALA G 111 -110.11 -10.81 93.13
N THR G 112 -110.08 -10.06 92.03
CA THR G 112 -111.28 -9.84 91.26
C THR G 112 -111.76 -11.13 90.60
N SER G 113 -113.02 -11.12 90.16
CA SER G 113 -113.64 -12.30 89.55
C SER G 113 -113.34 -12.43 88.07
N GLN G 114 -112.77 -11.40 87.44
CA GLN G 114 -112.46 -11.46 86.02
C GLN G 114 -111.27 -12.37 85.73
N VAL G 115 -110.20 -12.27 86.52
CA VAL G 115 -109.05 -13.13 86.31
C VAL G 115 -109.40 -14.58 86.63
N GLU G 116 -110.27 -14.82 87.61
CA GLU G 116 -110.69 -16.18 87.91
C GLU G 116 -111.43 -16.79 86.73
N ASP G 117 -112.33 -16.02 86.09
CA ASP G 117 -113.02 -16.51 84.92
C ASP G 117 -112.07 -16.72 83.75
N LEU G 118 -111.11 -15.80 83.57
CA LEU G 118 -110.12 -15.96 82.52
C LEU G 118 -109.29 -17.23 82.73
N VAL G 119 -109.02 -17.59 83.98
CA VAL G 119 -108.24 -18.79 84.26
C VAL G 119 -109.07 -20.05 84.06
N VAL G 120 -110.31 -20.05 84.57
CA VAL G 120 -111.16 -21.23 84.54
C VAL G 120 -111.74 -21.44 83.14
N ASN G 121 -112.64 -20.55 82.73
CA ASN G 121 -113.36 -20.71 81.48
C ASN G 121 -112.55 -20.31 80.25
N LEU G 122 -111.31 -19.85 80.43
CA LEU G 122 -110.43 -19.46 79.32
C LEU G 122 -111.06 -18.37 78.46
N VAL G 123 -111.90 -17.54 79.07
CA VAL G 123 -112.56 -16.43 78.37
C VAL G 123 -111.67 -15.19 78.50
N PRO G 124 -111.40 -14.47 77.42
CA PRO G 124 -110.54 -13.29 77.50
C PRO G 124 -111.10 -12.26 78.47
N LEU G 125 -110.20 -11.59 79.18
CA LEU G 125 -110.58 -10.61 80.20
C LEU G 125 -111.24 -9.41 79.52
N GLY G 126 -112.49 -9.14 79.88
CA GLY G 126 -113.22 -8.03 79.32
C GLY G 126 -114.67 -7.97 79.77
N ARG G 127 -114.89 -7.59 81.03
CA ARG G 127 -116.23 -7.49 81.57
C ARG G 127 -116.62 -6.04 81.84
N SER H 1 -119.93 -12.94 72.55
CA SER H 1 -119.48 -12.18 71.39
C SER H 1 -120.42 -12.39 70.21
N LYS H 2 -119.93 -13.03 69.15
CA LYS H 2 -120.79 -13.41 68.03
C LYS H 2 -121.22 -14.85 68.23
N THR H 3 -122.53 -15.07 68.32
CA THR H 3 -123.10 -16.40 68.56
C THR H 3 -123.81 -16.89 67.32
N ILE H 4 -123.65 -18.19 67.03
CA ILE H 4 -124.28 -18.85 65.90
C ILE H 4 -125.04 -20.06 66.42
N VAL H 5 -126.34 -20.11 66.13
CA VAL H 5 -127.20 -21.20 66.59
C VAL H 5 -127.46 -22.14 65.42
N LEU H 6 -127.16 -23.42 65.64
CA LEU H 6 -127.36 -24.46 64.63
C LEU H 6 -128.36 -25.48 65.15
N SER H 7 -129.38 -25.77 64.35
CA SER H 7 -130.44 -26.71 64.72
C SER H 7 -130.15 -28.05 64.07
N VAL H 8 -129.94 -29.09 64.90
CA VAL H 8 -129.68 -30.43 64.40
C VAL H 8 -130.94 -31.26 64.26
N GLY H 9 -132.06 -30.82 64.82
CA GLY H 9 -133.30 -31.57 64.76
C GLY H 9 -134.00 -31.65 66.08
N GLU H 10 -133.26 -32.00 67.14
CA GLU H 10 -133.80 -32.07 68.49
C GLU H 10 -133.07 -31.19 69.49
N ALA H 11 -131.83 -30.79 69.21
CA ALA H 11 -131.07 -29.91 70.09
C ALA H 11 -130.48 -28.76 69.28
N THR H 12 -130.04 -27.72 69.97
CA THR H 12 -129.48 -26.53 69.36
C THR H 12 -128.05 -26.35 69.86
N ARG H 13 -127.10 -26.25 68.94
CA ARG H 13 -125.70 -26.04 69.26
C ARG H 13 -125.35 -24.57 69.07
N THR H 14 -124.43 -24.08 69.91
CA THR H 14 -124.04 -22.68 69.93
C THR H 14 -122.54 -22.58 69.66
N LEU H 15 -122.17 -21.82 68.63
CA LEU H 15 -120.78 -21.53 68.32
C LEU H 15 -120.48 -20.09 68.65
N THR H 16 -119.34 -19.86 69.30
CA THR H 16 -118.95 -18.54 69.77
C THR H 16 -117.70 -18.06 69.06
N GLU H 17 -117.68 -16.78 68.70
CA GLU H 17 -116.50 -16.18 68.09
C GLU H 17 -115.38 -16.09 69.11
N ILE H 18 -114.17 -16.53 68.73
CA ILE H 18 -113.04 -16.52 69.66
C ILE H 18 -111.87 -15.69 69.15
N GLN H 19 -111.55 -15.76 67.86
CA GLN H 19 -110.38 -15.05 67.33
C GLN H 19 -110.87 -14.09 66.25
N SER H 20 -111.38 -12.93 66.68
CA SER H 20 -111.96 -11.94 65.76
C SER H 20 -110.83 -11.23 65.03
N THR H 21 -110.65 -11.56 63.75
CA THR H 21 -109.68 -10.90 62.90
C THR H 21 -110.23 -10.86 61.47
N ALA H 22 -109.79 -9.87 60.71
CA ALA H 22 -110.31 -9.67 59.36
C ALA H 22 -109.91 -10.84 58.44
N ASP H 23 -108.62 -11.13 58.36
CA ASP H 23 -108.12 -12.14 57.45
C ASP H 23 -108.32 -13.56 57.96
N ARG H 24 -108.81 -13.74 59.19
CA ARG H 24 -108.99 -15.08 59.75
C ARG H 24 -110.00 -14.98 60.89
N GLN H 25 -111.20 -15.53 60.68
CA GLN H 25 -112.23 -15.59 61.70
C GLN H 25 -112.35 -17.03 62.19
N ILE H 26 -112.19 -17.22 63.49
CA ILE H 26 -112.19 -18.54 64.11
C ILE H 26 -113.37 -18.64 65.05
N PHE H 27 -114.36 -19.46 64.68
CA PHE H 27 -115.51 -19.74 65.53
C PHE H 27 -115.33 -21.10 66.20
N GLU H 28 -115.63 -21.16 67.49
CA GLU H 28 -115.52 -22.38 68.26
C GLU H 28 -116.85 -22.70 68.92
N GLU H 29 -117.19 -23.99 68.96
CA GLU H 29 -118.42 -24.43 69.61
C GLU H 29 -118.18 -24.62 71.10
N LYS H 30 -119.10 -24.10 71.91
CA LYS H 30 -119.03 -24.18 73.36
C LYS H 30 -120.11 -25.14 73.86
N VAL H 31 -119.70 -26.33 74.28
CA VAL H 31 -120.62 -27.33 74.82
C VAL H 31 -120.03 -27.88 76.12
N GLY H 32 -118.79 -28.36 76.05
CA GLY H 32 -118.11 -28.90 77.21
C GLY H 32 -116.62 -28.74 77.12
N PRO H 33 -115.93 -29.82 76.71
CA PRO H 33 -114.48 -29.74 76.53
C PRO H 33 -114.12 -28.89 75.32
N LEU H 34 -113.35 -27.83 75.54
CA LEU H 34 -113.00 -26.93 74.45
C LEU H 34 -112.02 -27.58 73.48
N VAL H 35 -111.11 -28.41 73.99
CA VAL H 35 -110.15 -29.09 73.12
C VAL H 35 -110.86 -30.22 72.39
N GLY H 36 -110.57 -30.35 71.09
CA GLY H 36 -111.19 -31.39 70.28
C GLY H 36 -112.68 -31.19 70.11
N ARG H 37 -113.07 -30.01 69.61
CA ARG H 37 -114.48 -29.70 69.41
C ARG H 37 -114.74 -29.27 67.98
N LEU H 38 -115.76 -28.42 67.78
CA LEU H 38 -116.13 -27.94 66.45
C LEU H 38 -115.51 -26.57 66.23
N ARG H 39 -114.73 -26.42 65.16
CA ARG H 39 -114.09 -25.17 64.83
C ARG H 39 -114.38 -24.82 63.37
N LEU H 40 -114.43 -23.52 63.09
CA LEU H 40 -114.73 -23.00 61.77
C LEU H 40 -113.79 -21.85 61.46
N THR H 41 -113.12 -21.92 60.32
CA THR H 41 -112.17 -20.90 59.87
C THR H 41 -112.72 -20.24 58.62
N ALA H 42 -112.84 -18.91 58.67
CA ALA H 42 -113.34 -18.12 57.55
C ALA H 42 -112.30 -17.11 57.13
N SER H 43 -112.14 -16.94 55.81
CA SER H 43 -111.18 -15.99 55.28
C SER H 43 -111.75 -15.35 54.02
N LEU H 44 -111.48 -14.05 53.85
CA LEU H 44 -111.92 -13.29 52.69
C LEU H 44 -110.77 -12.44 52.20
N ARG H 45 -110.56 -12.41 50.89
CA ARG H 45 -109.44 -11.68 50.30
C ARG H 45 -109.81 -11.31 48.87
N GLN H 46 -108.85 -10.68 48.18
CA GLN H 46 -108.97 -10.28 46.79
C GLN H 46 -108.09 -11.20 45.92
N ASN H 47 -107.80 -10.77 44.70
CA ASN H 47 -107.00 -11.57 43.78
C ASN H 47 -106.56 -10.70 42.61
N GLY H 48 -105.37 -11.00 42.09
CA GLY H 48 -104.84 -10.33 40.91
C GLY H 48 -104.76 -8.83 41.00
N ALA H 49 -105.49 -8.13 40.13
CA ALA H 49 -105.51 -6.68 40.11
C ALA H 49 -106.93 -6.17 40.37
N LYS H 50 -107.46 -6.42 41.57
CA LYS H 50 -108.77 -5.94 42.00
C LYS H 50 -109.92 -6.52 41.18
N THR H 51 -109.71 -7.67 40.55
CA THR H 51 -110.72 -8.23 39.64
C THR H 51 -111.82 -8.93 40.42
N ALA H 52 -111.54 -10.14 40.92
CA ALA H 52 -112.53 -10.91 41.67
C ALA H 52 -112.16 -10.97 43.14
N TYR H 53 -112.68 -11.98 43.85
CA TYR H 53 -112.40 -12.16 45.26
C TYR H 53 -112.17 -13.63 45.54
N ARG H 54 -111.83 -13.94 46.79
CA ARG H 54 -111.55 -15.31 47.21
C ARG H 54 -112.04 -15.49 48.63
N VAL H 55 -112.94 -16.46 48.82
CA VAL H 55 -113.50 -16.78 50.12
C VAL H 55 -113.16 -18.23 50.45
N ASN H 56 -112.67 -18.44 51.68
CA ASN H 56 -112.30 -19.77 52.14
C ASN H 56 -113.06 -20.08 53.42
N LEU H 57 -113.68 -21.25 53.47
CA LEU H 57 -114.44 -21.70 54.64
C LEU H 57 -114.06 -23.14 54.95
N LYS H 58 -113.50 -23.35 56.14
CA LYS H 58 -113.10 -24.68 56.58
C LYS H 58 -113.81 -25.02 57.88
N LEU H 59 -114.21 -26.28 58.02
CA LEU H 59 -114.91 -26.75 59.21
C LEU H 59 -114.24 -28.02 59.70
N ASP H 60 -113.73 -28.00 60.93
CA ASP H 60 -113.02 -29.12 61.52
C ASP H 60 -113.71 -29.58 62.78
N GLN H 61 -113.62 -30.88 63.05
CA GLN H 61 -114.20 -31.47 64.26
C GLN H 61 -113.48 -32.77 64.55
N ALA H 62 -112.73 -32.80 65.66
CA ALA H 62 -111.96 -33.97 66.06
C ALA H 62 -112.64 -34.64 67.24
N ASP H 63 -112.86 -35.95 67.12
CA ASP H 63 -113.48 -36.71 68.19
C ASP H 63 -112.48 -36.95 69.32
N VAL H 64 -113.02 -37.07 70.54
CA VAL H 64 -112.20 -37.28 71.73
C VAL H 64 -112.65 -38.56 72.42
N VAL H 65 -111.75 -39.14 73.20
CA VAL H 65 -112.03 -40.35 73.97
C VAL H 65 -111.45 -40.18 75.37
N ASP H 66 -112.05 -40.89 76.33
CA ASP H 66 -111.65 -40.80 77.73
C ASP H 66 -111.89 -42.13 78.40
N CYS H 67 -111.00 -42.48 79.33
CA CYS H 67 -111.09 -43.73 80.06
C CYS H 67 -111.23 -43.54 81.57
N SER H 68 -111.50 -42.32 82.04
CA SER H 68 -111.61 -42.08 83.47
C SER H 68 -112.86 -42.72 84.06
N THR H 69 -113.80 -43.16 83.23
CA THR H 69 -115.01 -43.79 83.74
C THR H 69 -114.73 -45.19 84.28
N SER H 70 -113.77 -45.91 83.68
CA SER H 70 -113.45 -47.26 84.11
C SER H 70 -111.97 -47.37 84.51
N VAL H 71 -111.08 -46.99 83.60
CA VAL H 71 -109.65 -47.05 83.86
C VAL H 71 -109.29 -45.95 84.84
N CYS H 72 -108.31 -46.23 85.71
CA CYS H 72 -107.75 -45.38 86.76
C CYS H 72 -107.40 -43.96 86.30
N GLY H 73 -106.91 -43.83 85.08
CA GLY H 73 -106.05 -42.74 84.70
C GLY H 73 -105.82 -42.60 83.21
N GLU H 74 -106.53 -41.67 82.57
CA GLU H 74 -106.35 -41.43 81.14
C GLU H 74 -106.98 -40.08 80.82
N LEU H 75 -106.15 -39.13 80.36
CA LEU H 75 -106.66 -37.82 80.00
C LEU H 75 -107.43 -37.89 78.69
N PRO H 76 -108.37 -36.96 78.46
CA PRO H 76 -109.10 -36.93 77.19
C PRO H 76 -108.14 -36.77 76.02
N LYS H 77 -108.15 -37.77 75.13
CA LYS H 77 -107.22 -37.83 74.00
C LYS H 77 -108.00 -37.76 72.69
N VAL H 78 -107.50 -36.95 71.75
CA VAL H 78 -108.13 -36.85 70.44
C VAL H 78 -107.86 -38.11 69.63
N ARG H 79 -108.76 -38.43 68.71
CA ARG H 79 -108.63 -39.61 67.88
C ARG H 79 -108.32 -39.17 66.46
N TYR H 80 -109.30 -39.03 65.59
CA TYR H 80 -109.08 -38.63 64.20
C TYR H 80 -109.44 -37.16 64.02
N THR H 81 -109.08 -36.64 62.84
CA THR H 81 -109.34 -35.25 62.49
C THR H 81 -109.96 -35.19 61.10
N GLN H 82 -111.01 -34.40 60.95
CA GLN H 82 -111.70 -34.24 59.68
C GLN H 82 -111.56 -32.80 59.20
N VAL H 83 -111.24 -32.64 57.92
CA VAL H 83 -111.05 -31.33 57.30
C VAL H 83 -112.00 -31.20 56.13
N TRP H 84 -112.80 -30.14 56.12
CA TRP H 84 -113.76 -29.85 55.05
C TRP H 84 -113.61 -28.38 54.69
N SER H 85 -112.73 -28.09 53.74
CA SER H 85 -112.47 -26.73 53.29
C SER H 85 -113.35 -26.39 52.09
N HIS H 86 -113.38 -25.10 51.76
CA HIS H 86 -114.15 -24.60 50.62
C HIS H 86 -113.31 -23.59 49.86
N ASP H 87 -113.87 -23.13 48.73
CA ASP H 87 -113.18 -22.14 47.90
C ASP H 87 -114.25 -21.45 47.04
N VAL H 88 -114.44 -20.15 47.27
CA VAL H 88 -115.42 -19.36 46.55
C VAL H 88 -114.68 -18.31 45.74
N THR H 89 -114.83 -18.38 44.41
CA THR H 89 -114.20 -17.44 43.49
C THR H 89 -115.30 -16.79 42.65
N ILE H 90 -115.94 -15.78 43.21
CA ILE H 90 -117.03 -15.05 42.56
C ILE H 90 -116.57 -13.63 42.28
N VAL H 91 -116.69 -13.22 41.02
CA VAL H 91 -116.29 -11.86 40.64
C VAL H 91 -117.33 -10.86 41.16
N ALA H 92 -116.88 -9.61 41.32
CA ALA H 92 -117.77 -8.57 41.83
C ALA H 92 -118.85 -8.22 40.82
N ASN H 93 -118.45 -7.82 39.61
CA ASN H 93 -119.39 -7.45 38.55
C ASN H 93 -119.98 -8.73 37.97
N SER H 94 -120.99 -9.26 38.67
CA SER H 94 -121.66 -10.48 38.23
C SER H 94 -123.14 -10.23 38.05
N THR H 95 -123.98 -11.14 38.55
CA THR H 95 -125.42 -11.02 38.45
C THR H 95 -126.06 -11.55 39.72
N GLU H 96 -126.95 -10.75 40.33
CA GLU H 96 -127.60 -11.16 41.55
C GLU H 96 -128.52 -12.36 41.32
N ALA H 97 -129.25 -12.37 40.21
CA ALA H 97 -130.12 -13.50 39.89
C ALA H 97 -129.31 -14.77 39.66
N SER H 98 -128.19 -14.65 38.95
CA SER H 98 -127.34 -15.81 38.71
C SER H 98 -126.74 -16.33 40.01
N ARG H 99 -126.32 -15.43 40.89
CA ARG H 99 -125.78 -15.85 42.19
C ARG H 99 -126.84 -16.54 43.03
N LYS H 100 -128.07 -16.02 43.02
CA LYS H 100 -129.15 -16.66 43.76
C LYS H 100 -129.48 -18.03 43.20
N SER H 101 -129.49 -18.16 41.86
CA SER H 101 -129.75 -19.46 41.25
C SER H 101 -128.65 -20.46 41.58
N LEU H 102 -127.39 -20.00 41.58
CA LEU H 102 -126.28 -20.88 41.93
C LEU H 102 -126.37 -21.31 43.39
N TYR H 103 -126.73 -20.39 44.28
CA TYR H 103 -126.87 -20.74 45.69
C TYR H 103 -128.01 -21.73 45.89
N ASP H 104 -129.12 -21.54 45.17
CA ASP H 104 -130.23 -22.48 45.28
C ASP H 104 -129.84 -23.87 44.75
N LEU H 105 -129.10 -23.91 43.65
CA LEU H 105 -128.64 -25.19 43.12
C LEU H 105 -127.69 -25.88 44.09
N THR H 106 -126.79 -25.12 44.72
CA THR H 106 -125.89 -25.70 45.71
C THR H 106 -126.66 -26.22 46.91
N LYS H 107 -127.65 -25.47 47.38
CA LYS H 107 -128.47 -25.92 48.50
C LYS H 107 -129.24 -27.19 48.16
N SER H 108 -129.77 -27.27 46.94
CA SER H 108 -130.48 -28.48 46.52
C SER H 108 -129.54 -29.67 46.42
N LEU H 109 -128.34 -29.47 45.86
CA LEU H 109 -127.38 -30.56 45.78
C LEU H 109 -126.91 -31.01 47.16
N VAL H 110 -126.84 -30.09 48.12
CA VAL H 110 -126.45 -30.47 49.48
C VAL H 110 -127.58 -31.23 50.17
N ALA H 111 -128.82 -30.77 50.01
CA ALA H 111 -129.96 -31.39 50.66
C ALA H 111 -130.44 -32.66 49.98
N THR H 112 -129.95 -32.96 48.78
CA THR H 112 -130.37 -34.17 48.09
C THR H 112 -129.87 -35.42 48.82
N SER H 113 -130.46 -36.55 48.48
CA SER H 113 -130.14 -37.82 49.13
C SER H 113 -128.94 -38.51 48.51
N GLN H 114 -128.46 -38.06 47.36
CA GLN H 114 -127.32 -38.67 46.71
C GLN H 114 -126.01 -38.36 47.43
N VAL H 115 -125.80 -37.10 47.83
CA VAL H 115 -124.59 -36.75 48.56
C VAL H 115 -124.56 -37.42 49.93
N GLU H 116 -125.74 -37.57 50.57
CA GLU H 116 -125.79 -38.26 51.84
C GLU H 116 -125.36 -39.71 51.70
N ASP H 117 -125.82 -40.39 50.65
CA ASP H 117 -125.40 -41.77 50.41
C ASP H 117 -123.91 -41.84 50.07
N LEU H 118 -123.42 -40.89 49.27
CA LEU H 118 -122.00 -40.84 48.95
C LEU H 118 -121.16 -40.66 50.21
N VAL H 119 -121.66 -39.90 51.18
CA VAL H 119 -120.91 -39.67 52.42
C VAL H 119 -120.96 -40.90 53.32
N VAL H 120 -122.16 -41.48 53.49
CA VAL H 120 -122.35 -42.58 54.41
C VAL H 120 -121.79 -43.88 53.83
N ASN H 121 -122.44 -44.39 52.78
CA ASN H 121 -122.10 -45.69 52.22
C ASN H 121 -120.87 -45.65 51.32
N LEU H 122 -120.26 -44.48 51.12
CA LEU H 122 -119.06 -44.33 50.29
C LEU H 122 -119.29 -44.82 48.86
N VAL H 123 -120.54 -44.74 48.39
CA VAL H 123 -120.89 -45.14 47.04
C VAL H 123 -120.75 -43.93 46.12
N PRO H 124 -120.09 -44.07 44.96
CA PRO H 124 -119.93 -42.92 44.07
C PRO H 124 -121.27 -42.34 43.64
N LEU H 125 -121.30 -41.02 43.49
CA LEU H 125 -122.53 -40.31 43.14
C LEU H 125 -122.94 -40.67 41.72
N GLY H 126 -124.14 -41.25 41.57
CA GLY H 126 -124.64 -41.64 40.28
C GLY H 126 -125.96 -42.38 40.34
N ARG H 127 -127.03 -41.66 40.63
CA ARG H 127 -128.36 -42.27 40.73
C ARG H 127 -129.26 -41.79 39.59
N SER I 1 20.56 -117.89 76.23
CA SER I 1 20.51 -117.57 74.81
C SER I 1 21.73 -118.12 74.08
N LYS I 2 22.58 -117.24 73.57
CA LYS I 2 23.85 -117.66 72.99
C LYS I 2 24.93 -117.53 74.05
N THR I 3 25.59 -118.65 74.37
CA THR I 3 26.61 -118.69 75.40
C THR I 3 27.98 -118.90 74.77
N ILE I 4 28.98 -118.22 75.31
CA ILE I 4 30.36 -118.32 74.86
C ILE I 4 31.23 -118.64 76.06
N VAL I 5 31.98 -119.74 75.98
CA VAL I 5 32.84 -120.18 77.06
C VAL I 5 34.28 -119.83 76.74
N LEU I 6 34.94 -119.11 77.64
CA LEU I 6 36.33 -118.71 77.47
C LEU I 6 37.16 -119.31 78.59
N SER I 7 38.26 -119.98 78.21
CA SER I 7 39.14 -120.63 79.16
C SER I 7 40.35 -119.73 79.42
N VAL I 8 40.51 -119.30 80.69
CA VAL I 8 41.63 -118.45 81.06
C VAL I 8 42.82 -119.25 81.56
N GLY I 9 42.65 -120.53 81.85
CA GLY I 9 43.74 -121.35 82.36
C GLY I 9 43.32 -122.21 83.54
N GLU I 10 42.66 -121.59 84.51
CA GLU I 10 42.15 -122.31 85.68
C GLU I 10 40.65 -122.18 85.88
N ALA I 11 40.01 -121.17 85.31
CA ALA I 11 38.58 -120.97 85.41
C ALA I 11 37.99 -120.73 84.03
N THR I 12 36.67 -120.86 83.93
CA THR I 12 35.95 -120.69 82.67
C THR I 12 34.94 -119.57 82.83
N ARG I 13 35.01 -118.58 81.95
CA ARG I 13 34.09 -117.45 81.96
C ARG I 13 33.01 -117.66 80.89
N THR I 14 31.81 -117.18 81.20
CA THR I 14 30.64 -117.36 80.33
C THR I 14 30.10 -116.00 79.92
N LEU I 15 30.00 -115.78 78.62
CA LEU I 15 29.40 -114.57 78.06
C LEU I 15 28.06 -114.92 77.45
N THR I 16 27.06 -114.10 77.72
CA THR I 16 25.69 -114.34 77.28
C THR I 16 25.25 -113.26 76.30
N GLU I 17 24.55 -113.67 75.25
CA GLU I 17 23.98 -112.72 74.29
C GLU I 17 22.86 -111.92 74.95
N ILE I 18 22.87 -110.60 74.80
CA ILE I 18 21.87 -109.75 75.43
C ILE I 18 21.08 -108.92 74.42
N GLN I 19 21.74 -108.36 73.41
CA GLN I 19 21.06 -107.48 72.45
C GLN I 19 21.22 -108.09 71.07
N SER I 20 20.37 -109.09 70.77
CA SER I 20 20.43 -109.81 69.50
C SER I 20 19.88 -108.95 68.38
N THR I 21 20.78 -108.41 67.55
CA THR I 21 20.39 -107.63 66.38
C THR I 21 21.42 -107.88 65.28
N ALA I 22 20.98 -107.72 64.03
CA ALA I 22 21.84 -108.01 62.89
C ALA I 22 23.00 -107.04 62.81
N ASP I 23 22.72 -105.74 62.81
CA ASP I 23 23.75 -104.73 62.64
C ASP I 23 24.54 -104.45 63.92
N ARG I 24 24.16 -105.05 65.04
CA ARG I 24 24.86 -104.81 66.30
C ARG I 24 24.55 -105.97 67.25
N GLN I 25 25.56 -106.80 67.51
CA GLN I 25 25.45 -107.91 68.45
C GLN I 25 26.23 -107.56 69.71
N ILE I 26 25.55 -107.57 70.86
CA ILE I 26 26.13 -107.17 72.14
C ILE I 26 26.16 -108.38 73.05
N PHE I 27 27.35 -108.89 73.35
CA PHE I 27 27.54 -109.97 74.29
C PHE I 27 28.04 -109.42 75.61
N GLU I 28 27.46 -109.91 76.71
CA GLU I 28 27.83 -109.47 78.04
C GLU I 28 28.24 -110.68 78.88
N GLU I 29 29.26 -110.50 79.70
CA GLU I 29 29.72 -111.56 80.60
C GLU I 29 28.89 -111.55 81.88
N LYS I 30 28.44 -112.74 82.30
CA LYS I 30 27.63 -112.90 83.50
C LYS I 30 28.48 -113.60 84.57
N VAL I 31 28.90 -112.84 85.58
CA VAL I 31 29.67 -113.38 86.69
C VAL I 31 29.07 -112.88 87.99
N GLY I 32 28.93 -111.57 88.12
CA GLY I 32 28.36 -110.96 89.31
C GLY I 32 27.68 -109.65 89.00
N PRO I 33 28.39 -108.54 89.25
CA PRO I 33 27.82 -107.22 88.93
C PRO I 33 27.77 -107.01 87.42
N LEU I 34 26.58 -106.76 86.90
CA LEU I 34 26.42 -106.59 85.46
C LEU I 34 27.02 -105.27 84.99
N VAL I 35 26.94 -104.22 85.81
CA VAL I 35 27.52 -102.94 85.43
C VAL I 35 29.04 -103.00 85.59
N GLY I 36 29.75 -102.45 84.60
CA GLY I 36 31.20 -102.46 84.63
C GLY I 36 31.78 -103.85 84.50
N ARG I 37 31.40 -104.57 83.45
CA ARG I 37 31.89 -105.93 83.24
C ARG I 37 32.52 -106.06 81.85
N LEU I 38 32.47 -107.26 81.29
CA LEU I 38 33.03 -107.54 79.97
C LEU I 38 31.94 -107.48 78.92
N ARG I 39 32.12 -106.63 77.91
CA ARG I 39 31.17 -106.48 76.83
C ARG I 39 31.88 -106.60 75.49
N LEU I 40 31.14 -107.10 74.50
CA LEU I 40 31.67 -107.32 73.17
C LEU I 40 30.64 -106.87 72.14
N THR I 41 31.07 -106.01 71.22
CA THR I 41 30.21 -105.47 70.17
C THR I 41 30.69 -105.99 68.83
N ALA I 42 29.79 -106.62 68.08
CA ALA I 42 30.08 -107.17 66.77
C ALA I 42 29.17 -106.53 65.73
N SER I 43 29.74 -106.22 64.56
CA SER I 43 28.99 -105.61 63.48
C SER I 43 29.49 -106.15 62.14
N LEU I 44 28.57 -106.37 61.22
CA LEU I 44 28.88 -106.84 59.88
C LEU I 44 28.07 -106.04 58.87
N ARG I 45 28.73 -105.62 57.79
CA ARG I 45 28.09 -104.79 56.78
C ARG I 45 28.79 -104.99 55.44
N GLN I 46 28.35 -104.24 54.44
CA GLN I 46 28.92 -104.25 53.11
C GLN I 46 29.69 -102.94 52.88
N ASN I 47 29.97 -102.62 51.62
CA ASN I 47 30.72 -101.42 51.29
C ASN I 47 30.62 -101.13 49.81
N GLY I 48 30.63 -99.85 49.45
CA GLY I 48 30.62 -99.41 48.07
C GLY I 48 29.47 -99.94 47.24
N ALA I 49 29.79 -100.71 46.20
CA ALA I 49 28.78 -101.27 45.31
C ALA I 49 28.87 -102.80 45.35
N LYS I 50 28.57 -103.40 46.50
CA LYS I 50 28.53 -104.86 46.67
C LYS I 50 29.89 -105.52 46.48
N THR I 51 30.99 -104.77 46.65
CA THR I 51 32.32 -105.29 46.34
C THR I 51 32.82 -106.17 47.49
N ALA I 52 33.27 -105.55 48.58
CA ALA I 52 33.79 -106.28 49.72
C ALA I 52 32.84 -106.21 50.91
N TYR I 53 33.36 -106.40 52.11
CA TYR I 53 32.55 -106.35 53.32
C TYR I 53 33.34 -105.61 54.40
N ARG I 54 32.69 -105.41 55.54
CA ARG I 54 33.29 -104.72 56.67
C ARG I 54 32.82 -105.37 57.96
N VAL I 55 33.76 -105.82 58.78
CA VAL I 55 33.48 -106.45 60.06
C VAL I 55 34.16 -105.65 61.15
N ASN I 56 33.41 -105.36 62.21
CA ASN I 56 33.92 -104.59 63.34
C ASN I 56 33.72 -105.39 64.62
N LEU I 57 34.76 -105.50 65.42
CA LEU I 57 34.74 -106.24 66.67
C LEU I 57 35.41 -105.41 67.75
N LYS I 58 34.65 -105.03 68.77
CA LYS I 58 35.15 -104.23 69.88
C LYS I 58 34.94 -104.99 71.18
N LEU I 59 35.91 -104.89 72.08
CA LEU I 59 35.86 -105.56 73.38
C LEU I 59 36.18 -104.55 74.47
N ASP I 60 35.24 -104.34 75.38
CA ASP I 60 35.41 -103.36 76.45
C ASP I 60 35.29 -104.05 77.80
N GLN I 61 36.02 -103.51 78.79
CA GLN I 61 35.98 -104.04 80.14
C GLN I 61 36.42 -102.94 81.09
N ALA I 62 35.49 -102.45 81.92
CA ALA I 62 35.76 -101.38 82.87
C ALA I 62 35.84 -101.96 84.27
N ASP I 63 36.92 -101.62 84.99
CA ASP I 63 37.10 -102.09 86.35
C ASP I 63 36.20 -101.31 87.30
N VAL I 64 35.81 -101.97 88.39
CA VAL I 64 34.94 -101.37 89.39
C VAL I 64 35.63 -101.42 90.75
N VAL I 65 35.22 -100.51 91.64
CA VAL I 65 35.74 -100.44 93.00
C VAL I 65 34.58 -100.25 93.95
N ASP I 66 34.77 -100.69 95.20
CA ASP I 66 33.74 -100.63 96.22
C ASP I 66 34.39 -100.46 97.59
N CYS I 67 33.73 -99.69 98.45
CA CYS I 67 34.22 -99.42 99.80
C CYS I 67 33.28 -99.90 100.89
N SER I 68 32.26 -100.69 100.55
CA SER I 68 31.32 -101.15 101.57
C SER I 68 31.95 -102.14 102.54
N THR I 69 33.14 -102.67 102.22
CA THR I 69 33.79 -103.62 103.12
C THR I 69 34.35 -102.93 104.36
N SER I 70 34.80 -101.67 104.22
CA SER I 70 35.36 -100.93 105.34
C SER I 70 34.59 -99.64 105.58
N VAL I 71 34.49 -98.81 104.55
CA VAL I 71 33.78 -97.53 104.66
C VAL I 71 32.28 -97.82 104.75
N CYS I 72 31.57 -96.98 105.52
CA CYS I 72 30.14 -97.05 105.79
C CYS I 72 29.27 -97.18 104.56
N GLY I 73 29.66 -96.53 103.47
CA GLY I 73 28.75 -96.11 102.42
C GLY I 73 29.43 -95.66 101.14
N GLU I 74 29.44 -96.55 100.14
CA GLU I 74 30.00 -96.22 98.84
C GLU I 74 29.50 -97.25 97.83
N LEU I 75 28.76 -96.79 96.83
CA LEU I 75 28.25 -97.68 95.80
C LEU I 75 29.38 -98.12 94.88
N PRO I 76 29.25 -99.28 94.22
CA PRO I 76 30.26 -99.71 93.26
C PRO I 76 30.43 -98.68 92.14
N LYS I 77 31.63 -98.14 92.02
CA LYS I 77 31.93 -97.09 91.07
C LYS I 77 32.97 -97.56 90.06
N VAL I 78 32.74 -97.24 88.79
CA VAL I 78 33.68 -97.62 87.74
C VAL I 78 34.92 -96.73 87.82
N ARG I 79 36.04 -97.26 87.36
CA ARG I 79 37.30 -96.54 87.40
C ARG I 79 37.67 -96.16 85.97
N TYR I 80 38.49 -96.93 85.28
CA TYR I 80 38.90 -96.64 83.92
C TYR I 80 38.13 -97.49 82.92
N THR I 81 38.29 -97.15 81.65
CA THR I 81 37.62 -97.86 80.56
C THR I 81 38.64 -98.18 79.47
N GLN I 82 38.61 -99.41 78.97
CA GLN I 82 39.51 -99.86 77.93
C GLN I 82 38.72 -100.21 76.68
N VAL I 83 39.21 -99.74 75.52
CA VAL I 83 38.56 -99.95 74.23
C VAL I 83 39.55 -100.64 73.31
N TRP I 84 39.14 -101.78 72.74
CA TRP I 84 39.94 -102.56 71.81
C TRP I 84 39.05 -102.92 70.63
N SER I 85 39.03 -102.06 69.62
CA SER I 85 38.23 -102.27 68.42
C SER I 85 39.04 -102.97 67.34
N HIS I 86 38.34 -103.44 66.31
CA HIS I 86 38.96 -104.13 65.18
C HIS I 86 38.34 -103.63 63.89
N ASP I 87 38.89 -104.08 62.77
CA ASP I 87 38.39 -103.69 61.46
C ASP I 87 38.83 -104.76 60.46
N VAL I 88 37.87 -105.47 59.88
CA VAL I 88 38.14 -106.54 58.92
C VAL I 88 37.56 -106.12 57.57
N THR I 89 38.44 -105.98 56.58
CA THR I 89 38.04 -105.60 55.22
C THR I 89 38.53 -106.70 54.27
N ILE I 90 37.75 -107.77 54.17
CA ILE I 90 38.08 -108.91 53.32
C ILE I 90 37.05 -108.99 52.21
N VAL I 91 37.53 -109.04 50.96
CA VAL I 91 36.63 -109.13 49.83
C VAL I 91 36.06 -110.53 49.73
N ALA I 92 34.90 -110.65 49.07
CA ALA I 92 34.24 -111.95 48.94
C ALA I 92 35.04 -112.87 48.02
N ASN I 93 35.27 -112.44 46.78
CA ASN I 93 36.02 -113.24 45.81
C ASN I 93 37.50 -113.17 46.15
N SER I 94 37.89 -114.00 47.12
CA SER I 94 39.28 -114.06 47.56
C SER I 94 39.83 -115.47 47.40
N THR I 95 40.53 -115.96 48.43
CA THR I 95 41.11 -117.30 48.40
C THR I 95 41.02 -117.90 49.80
N GLU I 96 40.47 -119.12 49.88
CA GLU I 96 40.33 -119.78 51.17
C GLU I 96 41.69 -120.10 51.78
N ALA I 97 42.65 -120.56 50.95
CA ALA I 97 43.98 -120.85 51.47
C ALA I 97 44.68 -119.58 51.95
N SER I 98 44.53 -118.48 51.21
CA SER I 98 45.13 -117.22 51.65
C SER I 98 44.50 -116.72 52.93
N ARG I 99 43.17 -116.85 53.06
CA ARG I 99 42.51 -116.44 54.29
C ARG I 99 42.96 -117.30 55.48
N LYS I 100 43.11 -118.60 55.27
CA LYS I 100 43.58 -119.47 56.33
C LYS I 100 45.01 -119.13 56.74
N SER I 101 45.87 -118.86 55.76
CA SER I 101 47.24 -118.48 56.08
C SER I 101 47.30 -117.15 56.83
N LEU I 102 46.45 -116.20 56.43
CA LEU I 102 46.40 -114.92 57.14
C LEU I 102 45.90 -115.09 58.57
N TYR I 103 44.88 -115.94 58.76
CA TYR I 103 44.39 -116.19 60.11
C TYR I 103 45.45 -116.88 60.97
N ASP I 104 46.19 -117.82 60.38
CA ASP I 104 47.26 -118.48 61.13
C ASP I 104 48.37 -117.51 61.49
N LEU I 105 48.72 -116.61 60.58
CA LEU I 105 49.74 -115.61 60.88
C LEU I 105 49.27 -114.66 61.98
N THR I 106 48.00 -114.26 61.94
CA THR I 106 47.47 -113.40 63.00
C THR I 106 47.46 -114.11 64.34
N LYS I 107 47.08 -115.39 64.35
CA LYS I 107 47.09 -116.16 65.59
C LYS I 107 48.50 -116.29 66.15
N SER I 108 49.48 -116.52 65.26
CA SER I 108 50.87 -116.63 65.72
C SER I 108 51.37 -115.30 66.27
N LEU I 109 51.04 -114.19 65.60
CA LEU I 109 51.46 -112.88 66.09
C LEU I 109 50.79 -112.54 67.41
N VAL I 110 49.56 -113.02 67.62
CA VAL I 110 48.89 -112.77 68.90
C VAL I 110 49.50 -113.62 70.00
N ALA I 111 49.79 -114.89 69.71
CA ALA I 111 50.32 -115.80 70.71
C ALA I 111 51.81 -115.62 70.96
N THR I 112 52.50 -114.84 70.14
CA THR I 112 53.92 -114.62 70.36
C THR I 112 54.17 -113.83 71.64
N SER I 113 55.41 -113.87 72.11
CA SER I 113 55.80 -113.21 73.34
C SER I 113 56.13 -111.73 73.15
N GLN I 114 56.28 -111.27 71.92
CA GLN I 114 56.61 -109.87 71.65
C GLN I 114 55.43 -108.94 71.93
N VAL I 115 54.23 -109.31 71.49
CA VAL I 115 53.06 -108.49 71.74
C VAL I 115 52.73 -108.47 73.23
N GLU I 116 52.95 -109.58 73.93
CA GLU I 116 52.73 -109.60 75.37
C GLU I 116 53.65 -108.63 76.09
N ASP I 117 54.93 -108.59 75.69
CA ASP I 117 55.86 -107.63 76.29
C ASP I 117 55.48 -106.20 75.92
N LEU I 118 55.07 -105.97 74.67
CA LEU I 118 54.63 -104.64 74.26
C LEU I 118 53.42 -104.19 75.07
N VAL I 119 52.54 -105.11 75.45
CA VAL I 119 51.36 -104.74 76.23
C VAL I 119 51.73 -104.49 77.68
N VAL I 120 52.54 -105.37 78.26
CA VAL I 120 52.86 -105.29 79.69
C VAL I 120 53.88 -104.18 79.93
N ASN I 121 55.11 -104.39 79.47
CA ASN I 121 56.20 -103.47 79.77
C ASN I 121 56.18 -102.21 78.91
N LEU I 122 55.21 -102.07 78.00
CA LEU I 122 55.09 -100.89 77.14
C LEU I 122 56.35 -100.66 76.31
N VAL I 123 57.08 -101.73 76.00
CA VAL I 123 58.30 -101.64 75.19
C VAL I 123 57.91 -101.80 73.73
N PRO I 124 58.40 -100.95 72.83
CA PRO I 124 58.03 -101.07 71.42
C PRO I 124 58.43 -102.42 70.85
N LEU I 125 57.59 -102.94 69.95
CA LEU I 125 57.82 -104.26 69.36
C LEU I 125 59.05 -104.22 68.48
N GLY I 126 60.04 -105.05 68.82
CA GLY I 126 61.27 -105.11 68.05
C GLY I 126 62.30 -106.04 68.67
N ARG I 127 62.09 -107.34 68.58
CA ARG I 127 63.01 -108.32 69.14
C ARG I 127 63.70 -109.11 68.03
N SER J 1 68.25 -100.03 74.59
CA SER J 1 68.64 -99.07 73.57
C SER J 1 69.86 -98.29 74.02
N LYS J 2 69.69 -96.99 74.25
CA LYS J 2 70.76 -96.16 74.82
C LYS J 2 70.53 -96.07 76.32
N THR J 3 71.51 -96.53 77.10
CA THR J 3 71.41 -96.56 78.55
C THR J 3 72.38 -95.54 79.15
N ILE J 4 71.91 -94.85 80.20
CA ILE J 4 72.70 -93.87 80.92
C ILE J 4 72.69 -94.24 82.40
N VAL J 5 73.88 -94.41 82.98
CA VAL J 5 74.03 -94.80 84.37
C VAL J 5 74.42 -93.56 85.18
N LEU J 6 73.64 -93.27 86.23
CA LEU J 6 73.88 -92.14 87.10
C LEU J 6 74.13 -92.65 88.51
N SER J 7 75.23 -92.20 89.12
CA SER J 7 75.62 -92.62 90.46
C SER J 7 75.20 -91.55 91.46
N VAL J 8 74.31 -91.91 92.39
CA VAL J 8 73.84 -90.98 93.41
C VAL J 8 74.67 -91.04 94.68
N GLY J 9 75.50 -92.07 94.85
CA GLY J 9 76.30 -92.21 96.05
C GLY J 9 76.29 -93.62 96.59
N GLU J 10 75.09 -94.20 96.71
CA GLU J 10 74.93 -95.57 97.18
C GLU J 10 74.20 -96.48 96.20
N ALA J 11 73.44 -95.92 95.27
CA ALA J 11 72.71 -96.69 94.26
C ALA J 11 72.98 -96.10 92.88
N THR J 12 72.66 -96.88 91.85
CA THR J 12 72.87 -96.48 90.47
C THR J 12 71.53 -96.50 89.74
N ARG J 13 71.18 -95.38 89.13
CA ARG J 13 69.95 -95.25 88.37
C ARG J 13 70.24 -95.39 86.88
N THR J 14 69.28 -95.97 86.16
CA THR J 14 69.43 -96.26 84.74
C THR J 14 68.33 -95.54 83.97
N LEU J 15 68.73 -94.71 83.00
CA LEU J 15 67.82 -94.04 82.10
C LEU J 15 67.92 -94.66 80.71
N THR J 16 66.77 -94.91 80.09
CA THR J 16 66.70 -95.60 78.81
C THR J 16 66.13 -94.66 77.75
N GLU J 17 66.71 -94.71 76.56
CA GLU J 17 66.21 -93.93 75.43
C GLU J 17 64.85 -94.49 74.99
N ILE J 18 63.87 -93.61 74.80
CA ILE J 18 62.52 -94.05 74.42
C ILE J 18 62.06 -93.45 73.11
N GLN J 19 62.32 -92.16 72.86
CA GLN J 19 61.83 -91.49 71.67
C GLN J 19 63.04 -90.98 70.88
N SER J 20 63.67 -91.88 70.14
CA SER J 20 64.89 -91.54 69.39
C SER J 20 64.53 -90.72 68.16
N THR J 21 64.81 -89.41 68.22
CA THR J 21 64.60 -88.51 67.10
C THR J 21 65.67 -87.44 67.14
N ALA J 22 65.99 -86.90 65.96
CA ALA J 22 67.08 -85.93 65.85
C ALA J 22 66.74 -84.64 66.59
N ASP J 23 65.59 -84.04 66.27
CA ASP J 23 65.22 -82.75 66.85
C ASP J 23 64.67 -82.86 68.26
N ARG J 24 64.48 -84.07 68.79
CA ARG J 24 63.94 -84.24 70.14
C ARG J 24 64.32 -85.63 70.63
N GLN J 25 65.21 -85.69 71.61
CA GLN J 25 65.61 -86.94 72.24
C GLN J 25 65.01 -87.00 73.64
N ILE J 26 64.25 -88.05 73.91
CA ILE J 26 63.51 -88.21 75.16
C ILE J 26 64.07 -89.44 75.88
N PHE J 27 64.76 -89.20 77.00
CA PHE J 27 65.25 -90.27 77.85
C PHE J 27 64.35 -90.41 79.07
N GLU J 28 64.02 -91.64 79.42
CA GLU J 28 63.17 -91.95 80.55
C GLU J 28 63.88 -92.89 81.50
N GLU J 29 63.70 -92.66 82.80
CA GLU J 29 64.29 -93.53 83.81
C GLU J 29 63.38 -94.73 84.05
N LYS J 30 63.98 -95.92 84.10
CA LYS J 30 63.26 -97.17 84.33
C LYS J 30 63.61 -97.70 85.72
N VAL J 31 62.67 -97.58 86.64
CA VAL J 31 62.86 -98.09 88.00
C VAL J 31 61.62 -98.88 88.40
N GLY J 32 60.45 -98.27 88.29
CA GLY J 32 59.20 -98.91 88.61
C GLY J 32 58.04 -98.35 87.81
N PRO J 33 57.27 -97.45 88.42
CA PRO J 33 56.17 -96.81 87.70
C PRO J 33 56.70 -95.86 86.63
N LEU J 34 56.32 -96.10 85.38
CA LEU J 34 56.81 -95.27 84.28
C LEU J 34 56.19 -93.88 84.31
N VAL J 35 54.92 -93.78 84.73
CA VAL J 35 54.27 -92.48 84.81
C VAL J 35 54.79 -91.74 86.03
N GLY J 36 55.06 -90.44 85.86
CA GLY J 36 55.57 -89.63 86.94
C GLY J 36 56.96 -90.03 87.39
N ARG J 37 57.90 -90.08 86.45
CA ARG J 37 59.28 -90.46 86.77
C ARG J 37 60.26 -89.40 86.32
N LEU J 38 61.48 -89.82 85.98
CA LEU J 38 62.53 -88.90 85.55
C LEU J 38 62.59 -88.90 84.02
N ARG J 39 62.45 -87.72 83.42
CA ARG J 39 62.50 -87.57 81.98
C ARG J 39 63.48 -86.47 81.61
N LEU J 40 64.10 -86.63 80.44
CA LEU J 40 65.10 -85.69 79.95
C LEU J 40 64.86 -85.44 78.46
N THR J 41 64.76 -84.16 78.10
CA THR J 41 64.52 -83.74 76.73
C THR J 41 65.76 -83.01 76.21
N ALA J 42 66.30 -83.48 75.09
CA ALA J 42 67.47 -82.88 74.47
C ALA J 42 67.12 -82.44 73.05
N SER J 43 67.63 -81.27 72.67
CA SER J 43 67.38 -80.73 71.33
C SER J 43 68.63 -79.99 70.86
N LEU J 44 68.92 -80.13 69.56
CA LEU J 44 70.05 -79.46 68.94
C LEU J 44 69.60 -78.89 67.61
N ARG J 45 70.01 -77.65 67.33
CA ARG J 45 69.58 -76.95 66.12
C ARG J 45 70.63 -75.91 65.76
N GLN J 46 70.35 -75.15 64.70
CA GLN J 46 71.19 -74.07 64.22
C GLN J 46 70.51 -72.74 64.55
N ASN J 47 70.95 -71.66 63.88
CA ASN J 47 70.40 -70.34 64.13
C ASN J 47 70.85 -69.39 63.03
N GLY J 48 69.98 -68.42 62.71
CA GLY J 48 70.28 -67.39 61.73
C GLY J 48 70.70 -67.89 60.37
N ALA J 49 71.92 -67.56 59.96
CA ALA J 49 72.45 -67.98 58.67
C ALA J 49 73.69 -68.84 58.87
N LYS J 50 73.52 -70.02 59.47
CA LYS J 50 74.60 -70.99 59.66
C LYS J 50 75.71 -70.49 60.59
N THR J 51 75.42 -69.51 61.44
CA THR J 51 76.45 -68.89 62.27
C THR J 51 76.79 -69.76 63.47
N ALA J 52 75.92 -69.76 64.48
CA ALA J 52 76.16 -70.53 65.69
C ALA J 52 75.19 -71.71 65.77
N TYR J 53 74.97 -72.22 66.98
CA TYR J 53 74.06 -73.34 67.20
C TYR J 53 73.23 -73.06 68.45
N ARG J 54 72.30 -73.97 68.72
CA ARG J 54 71.41 -73.86 69.88
C ARG J 54 71.16 -75.25 70.44
N VAL J 55 71.48 -75.43 71.72
CA VAL J 55 71.28 -76.69 72.41
C VAL J 55 70.34 -76.45 73.60
N ASN J 56 69.34 -77.31 73.73
CA ASN J 56 68.37 -77.21 74.80
C ASN J 56 68.34 -78.52 75.57
N LEU J 57 68.42 -78.43 76.90
CA LEU J 57 68.40 -79.61 77.77
C LEU J 57 67.45 -79.34 78.93
N LYS J 58 66.40 -80.14 79.02
CA LYS J 58 65.41 -80.00 80.08
C LYS J 58 65.32 -81.31 80.86
N LEU J 59 65.16 -81.20 82.17
CA LEU J 59 65.06 -82.37 83.05
C LEU J 59 63.85 -82.20 83.95
N ASP J 60 62.90 -83.14 83.85
CA ASP J 60 61.68 -83.08 84.62
C ASP J 60 61.54 -84.33 85.50
N GLN J 61 60.89 -84.15 86.65
CA GLN J 61 60.66 -85.25 87.57
C GLN J 61 59.48 -84.89 88.46
N ALA J 62 58.37 -85.60 88.30
CA ALA J 62 57.16 -85.36 89.05
C ALA J 62 56.96 -86.45 90.10
N ASP J 63 56.75 -86.04 91.34
CA ASP J 63 56.54 -86.99 92.43
C ASP J 63 55.14 -87.59 92.35
N VAL J 64 55.01 -88.82 92.84
CA VAL J 64 53.74 -89.53 92.82
C VAL J 64 53.39 -89.94 94.25
N VAL J 65 52.09 -90.16 94.46
CA VAL J 65 51.57 -90.57 95.76
C VAL J 65 50.55 -91.68 95.54
N ASP J 66 50.38 -92.53 96.55
CA ASP J 66 49.49 -93.67 96.47
C ASP J 66 48.93 -93.97 97.86
N CYS J 67 47.66 -94.39 97.89
CA CYS J 67 46.99 -94.71 99.13
C CYS J 67 46.52 -96.16 99.22
N SER J 68 46.95 -97.03 98.29
CA SER J 68 46.51 -98.42 98.32
C SER J 68 47.07 -99.19 99.50
N THR J 69 48.07 -98.63 100.20
CA THR J 69 48.63 -99.31 101.37
C THR J 69 47.68 -99.29 102.55
N SER J 70 46.90 -98.22 102.69
CA SER J 70 45.97 -98.10 103.81
C SER J 70 44.54 -97.92 103.32
N VAL J 71 44.32 -96.91 102.48
CA VAL J 71 42.99 -96.63 101.94
C VAL J 71 42.65 -97.71 100.91
N CYS J 72 41.36 -98.06 100.85
CA CYS J 72 40.78 -99.08 99.99
C CYS J 72 41.16 -98.96 98.51
N GLY J 73 41.30 -97.73 98.03
CA GLY J 73 41.12 -97.42 96.63
C GLY J 73 41.62 -96.04 96.22
N GLU J 74 42.81 -95.98 95.63
CA GLU J 74 43.37 -94.72 95.15
C GLU J 74 44.49 -95.05 94.18
N LEU J 75 44.34 -94.63 92.93
CA LEU J 75 45.36 -94.86 91.93
C LEU J 75 46.56 -93.94 92.17
N PRO J 76 47.75 -94.33 91.72
CA PRO J 76 48.92 -93.45 91.84
C PRO J 76 48.69 -92.12 91.14
N LYS J 77 48.74 -91.04 91.92
CA LYS J 77 48.44 -89.71 91.42
C LYS J 77 49.67 -88.81 91.54
N VAL J 78 49.94 -88.04 90.50
CA VAL J 78 51.07 -87.12 90.51
C VAL J 78 50.75 -85.93 91.41
N ARG J 79 51.80 -85.32 91.98
CA ARG J 79 51.63 -84.19 92.87
C ARG J 79 52.13 -82.96 92.16
N TYR J 80 53.38 -82.55 92.35
CA TYR J 80 53.94 -81.36 91.72
C TYR J 80 54.83 -81.74 90.55
N THR J 81 55.22 -80.73 89.78
CA THR J 81 56.07 -80.91 88.61
C THR J 81 57.20 -79.89 88.66
N GLN J 82 58.41 -80.35 88.39
CA GLN J 82 59.60 -79.50 88.38
C GLN J 82 60.19 -79.45 86.98
N VAL J 83 60.53 -78.24 86.54
CA VAL J 83 61.09 -78.01 85.22
C VAL J 83 62.43 -77.31 85.36
N TRP J 84 63.46 -77.90 84.77
CA TRP J 84 64.83 -77.36 84.80
C TRP J 84 65.38 -77.41 83.37
N SER J 85 65.16 -76.35 82.61
CA SER J 85 65.61 -76.26 81.22
C SER J 85 66.97 -75.58 81.15
N HIS J 86 67.58 -75.67 79.98
CA HIS J 86 68.89 -75.08 79.73
C HIS J 86 68.88 -74.40 78.36
N ASP J 87 69.99 -73.72 78.06
CA ASP J 87 70.12 -73.03 76.77
C ASP J 87 71.61 -72.84 76.51
N VAL J 88 72.12 -73.48 75.47
CA VAL J 88 73.53 -73.41 75.09
C VAL J 88 73.63 -72.74 73.73
N THR J 89 74.29 -71.59 73.70
CA THR J 89 74.50 -70.81 72.47
C THR J 89 76.00 -70.64 72.27
N ILE J 90 76.64 -71.66 71.71
CA ILE J 90 78.08 -71.66 71.47
C ILE J 90 78.31 -71.67 69.95
N VAL J 91 79.11 -70.71 69.49
CA VAL J 91 79.40 -70.63 68.05
C VAL J 91 80.38 -71.74 67.67
N ALA J 92 80.38 -72.10 66.39
CA ALA J 92 81.25 -73.16 65.91
C ALA J 92 82.72 -72.72 65.94
N ASN J 93 83.03 -71.63 65.26
CA ASN J 93 84.41 -71.12 65.21
C ASN J 93 84.71 -70.42 66.53
N SER J 94 85.06 -71.23 67.54
CA SER J 94 85.39 -70.72 68.85
C SER J 94 86.79 -71.15 69.26
N THR J 95 86.95 -71.60 70.49
CA THR J 95 88.25 -72.04 71.00
C THR J 95 88.04 -73.24 71.91
N GLU J 96 88.79 -74.31 71.66
CA GLU J 96 88.66 -75.52 72.48
C GLU J 96 89.11 -75.27 73.91
N ALA J 97 90.20 -74.52 74.09
CA ALA J 97 90.67 -74.21 75.44
C ALA J 97 89.66 -73.35 76.19
N SER J 98 89.07 -72.37 75.50
CA SER J 98 88.07 -71.53 76.14
C SER J 98 86.82 -72.33 76.50
N ARG J 99 86.40 -73.24 75.62
CA ARG J 99 85.25 -74.08 75.93
C ARG J 99 85.53 -75.00 77.12
N LYS J 100 86.75 -75.56 77.19
CA LYS J 100 87.10 -76.41 78.31
C LYS J 100 87.14 -75.61 79.61
N SER J 101 87.68 -74.40 79.57
CA SER J 101 87.71 -73.56 80.76
C SER J 101 86.31 -73.19 81.21
N LEU J 102 85.42 -72.89 80.26
CA LEU J 102 84.04 -72.56 80.60
C LEU J 102 83.33 -73.77 81.21
N TYR J 103 83.56 -74.96 80.64
CA TYR J 103 82.95 -76.16 81.21
C TYR J 103 83.47 -76.44 82.62
N ASP J 104 84.77 -76.23 82.85
CA ASP J 104 85.33 -76.43 84.17
C ASP J 104 84.75 -75.43 85.17
N LEU J 105 84.59 -74.17 84.74
CA LEU J 105 84.00 -73.16 85.62
C LEU J 105 82.55 -73.51 85.95
N THR J 106 81.79 -73.98 84.96
CA THR J 106 80.41 -74.38 85.21
C THR J 106 80.34 -75.57 86.16
N LYS J 107 81.24 -76.55 85.98
CA LYS J 107 81.26 -77.70 86.87
C LYS J 107 81.61 -77.28 88.30
N SER J 108 82.56 -76.34 88.45
CA SER J 108 82.92 -75.87 89.77
C SER J 108 81.77 -75.11 90.43
N LEU J 109 81.08 -74.26 89.65
CA LEU J 109 79.94 -73.53 90.19
C LEU J 109 78.79 -74.48 90.56
N VAL J 110 78.64 -75.58 89.83
CA VAL J 110 77.60 -76.55 90.17
C VAL J 110 77.97 -77.32 91.43
N ALA J 111 79.24 -77.74 91.53
CA ALA J 111 79.68 -78.54 92.67
C ALA J 111 79.94 -77.72 93.92
N THR J 112 79.95 -76.39 93.83
CA THR J 112 80.18 -75.56 95.01
C THR J 112 79.01 -75.69 95.98
N SER J 113 79.26 -75.26 97.21
CA SER J 113 78.28 -75.35 98.29
C SER J 113 77.30 -74.19 98.30
N GLN J 114 77.56 -73.12 97.54
CA GLN J 114 76.68 -71.96 97.51
C GLN J 114 75.39 -72.25 96.75
N VAL J 115 75.47 -72.91 95.60
CA VAL J 115 74.27 -73.25 94.85
C VAL J 115 73.43 -74.27 95.61
N GLU J 116 74.07 -75.20 96.33
CA GLU J 116 73.33 -76.16 97.13
C GLU J 116 72.53 -75.46 98.22
N ASP J 117 73.14 -74.47 98.89
CA ASP J 117 72.41 -73.71 99.90
C ASP J 117 71.30 -72.88 99.28
N LEU J 118 71.56 -72.27 98.11
CA LEU J 118 70.53 -71.52 97.41
C LEU J 118 69.34 -72.40 97.03
N VAL J 119 69.61 -73.67 96.70
CA VAL J 119 68.53 -74.57 96.33
C VAL J 119 67.76 -75.05 97.56
N VAL J 120 68.48 -75.43 98.62
CA VAL J 120 67.85 -76.00 99.81
C VAL J 120 67.20 -74.90 100.64
N ASN J 121 68.01 -74.05 101.25
CA ASN J 121 67.53 -73.05 102.19
C ASN J 121 66.91 -71.83 101.51
N LEU J 122 66.88 -71.79 100.17
CA LEU J 122 66.30 -70.68 99.42
C LEU J 122 66.95 -69.35 99.77
N VAL J 123 68.21 -69.38 100.17
CA VAL J 123 68.95 -68.17 100.52
C VAL J 123 69.65 -67.66 99.27
N PRO J 124 69.55 -66.36 98.96
CA PRO J 124 70.21 -65.84 97.75
C PRO J 124 71.71 -66.09 97.76
N LEU J 125 72.25 -66.36 96.58
CA LEU J 125 73.68 -66.67 96.44
C LEU J 125 74.50 -65.43 96.76
N GLY J 126 75.36 -65.54 97.78
CA GLY J 126 76.21 -64.45 98.19
C GLY J 126 77.02 -64.74 99.44
N ARG J 127 78.04 -65.57 99.29
CA ARG J 127 78.90 -65.94 100.42
C ARG J 127 80.29 -65.37 100.25
N SER K 1 71.52 -61.17 107.29
CA SER K 1 71.36 -59.79 106.83
C SER K 1 70.95 -58.89 107.98
N LYS K 2 69.73 -58.35 107.93
CA LYS K 2 69.19 -57.58 109.04
C LYS K 2 68.33 -58.52 109.88
N THR K 3 68.69 -58.66 111.16
CA THR K 3 68.00 -59.55 112.07
C THR K 3 67.24 -58.76 113.12
N ILE K 4 66.04 -59.22 113.45
CA ILE K 4 65.19 -58.59 114.45
C ILE K 4 64.79 -59.66 115.46
N VAL K 5 65.09 -59.40 116.74
CA VAL K 5 64.81 -60.34 117.82
C VAL K 5 63.57 -59.86 118.57
N LEU K 6 62.57 -60.73 118.69
CA LEU K 6 61.34 -60.42 119.39
C LEU K 6 61.18 -61.39 120.56
N SER K 7 60.92 -60.84 121.75
CA SER K 7 60.78 -61.62 122.97
C SER K 7 59.29 -61.80 123.26
N VAL K 8 58.84 -63.05 123.26
CA VAL K 8 57.44 -63.36 123.55
C VAL K 8 57.19 -63.65 125.02
N GLY K 9 58.24 -63.85 125.81
CA GLY K 9 58.08 -64.16 127.22
C GLY K 9 58.96 -65.32 127.66
N GLU K 10 58.94 -66.41 126.89
CA GLU K 10 59.77 -67.57 127.19
C GLU K 10 60.70 -67.96 126.04
N ALA K 11 60.41 -67.55 124.81
CA ALA K 11 61.24 -67.85 123.66
C ALA K 11 61.50 -66.56 122.89
N THR K 12 62.50 -66.61 122.01
CA THR K 12 62.90 -65.48 121.20
C THR K 12 62.76 -65.84 119.73
N ARG K 13 62.02 -65.04 118.98
CA ARG K 13 61.82 -65.23 117.55
C ARG K 13 62.74 -64.30 116.77
N THR K 14 63.20 -64.78 115.61
CA THR K 14 64.15 -64.05 114.78
C THR K 14 63.53 -63.81 113.41
N LEU K 15 63.47 -62.55 113.00
CA LEU K 15 63.01 -62.16 111.67
C LEU K 15 64.20 -61.69 110.85
N THR K 16 64.28 -62.14 109.61
CA THR K 16 65.40 -61.85 108.73
C THR K 16 64.93 -61.03 107.53
N GLU K 17 65.74 -60.04 107.16
CA GLU K 17 65.46 -59.24 105.97
C GLU K 17 65.62 -60.09 104.71
N ILE K 18 64.65 -60.04 103.80
CA ILE K 18 64.69 -60.85 102.60
C ILE K 18 64.65 -60.01 101.33
N GLN K 19 63.82 -58.97 101.28
CA GLN K 19 63.66 -58.17 100.06
C GLN K 19 64.05 -56.73 100.39
N SER K 20 65.36 -56.47 100.40
CA SER K 20 65.88 -55.15 100.77
C SER K 20 65.65 -54.17 99.62
N THR K 21 64.68 -53.28 99.79
CA THR K 21 64.39 -52.23 98.82
C THR K 21 63.90 -51.00 99.57
N ALA K 22 64.12 -49.83 98.97
CA ALA K 22 63.79 -48.57 99.63
C ALA K 22 62.28 -48.43 99.81
N ASP K 23 61.53 -48.55 98.71
CA ASP K 23 60.08 -48.34 98.75
C ASP K 23 59.31 -49.54 99.30
N ARG K 24 59.98 -50.65 99.59
CA ARG K 24 59.29 -51.83 100.13
C ARG K 24 60.33 -52.71 100.82
N GLN K 25 60.23 -52.80 102.15
CA GLN K 25 61.09 -53.65 102.94
C GLN K 25 60.27 -54.83 103.45
N ILE K 26 60.71 -56.05 103.13
CA ILE K 26 59.99 -57.27 103.46
C ILE K 26 60.84 -58.08 104.43
N PHE K 27 60.38 -58.18 105.67
CA PHE K 27 61.03 -59.02 106.68
C PHE K 27 60.25 -60.31 106.85
N GLU K 28 60.96 -61.43 106.92
CA GLU K 28 60.36 -62.74 107.08
C GLU K 28 60.94 -63.41 108.31
N GLU K 29 60.09 -64.13 109.05
CA GLU K 29 60.53 -64.88 110.21
C GLU K 29 61.05 -66.24 109.79
N LYS K 30 62.21 -66.63 110.33
CA LYS K 30 62.85 -67.90 110.03
C LYS K 30 62.76 -68.79 111.25
N VAL K 31 61.89 -69.80 111.19
CA VAL K 31 61.73 -70.76 112.27
C VAL K 31 61.74 -72.17 111.68
N GLY K 32 60.87 -72.42 110.71
CA GLY K 32 60.79 -73.70 110.05
C GLY K 32 60.30 -73.58 108.63
N PRO K 33 59.00 -73.83 108.42
CA PRO K 33 58.42 -73.68 107.07
C PRO K 33 58.34 -72.21 106.69
N LEU K 34 59.00 -71.85 105.58
CA LEU K 34 59.01 -70.46 105.15
C LEU K 34 57.65 -70.03 104.62
N VAL K 35 56.92 -70.92 103.97
CA VAL K 35 55.60 -70.58 103.46
C VAL K 35 54.61 -70.55 104.62
N GLY K 36 53.74 -69.53 104.62
CA GLY K 36 52.76 -69.39 105.68
C GLY K 36 53.39 -69.08 107.03
N ARG K 37 54.19 -68.03 107.09
CA ARG K 37 54.86 -67.65 108.33
C ARG K 37 54.57 -66.20 108.68
N LEU K 38 55.50 -65.55 109.38
CA LEU K 38 55.35 -64.16 109.80
C LEU K 38 56.08 -63.26 108.81
N ARG K 39 55.36 -62.30 108.23
CA ARG K 39 55.93 -61.37 107.28
C ARG K 39 55.57 -59.94 107.69
N LEU K 40 56.46 -59.01 107.36
CA LEU K 40 56.31 -57.60 107.70
C LEU K 40 56.70 -56.75 106.51
N THR K 41 55.80 -55.86 106.10
CA THR K 41 56.02 -54.96 104.97
C THR K 41 56.11 -53.53 105.48
N ALA K 42 57.21 -52.86 105.15
CA ALA K 42 57.44 -51.47 105.56
C ALA K 42 57.62 -50.60 104.31
N SER K 43 57.03 -49.41 104.35
CA SER K 43 57.13 -48.47 103.25
C SER K 43 57.22 -47.05 103.78
N LEU K 44 58.04 -46.23 103.14
CA LEU K 44 58.20 -44.83 103.50
C LEU K 44 58.20 -43.99 102.22
N ARG K 45 57.47 -42.87 102.27
CA ARG K 45 57.33 -42.01 101.09
C ARG K 45 57.04 -40.60 101.56
N GLN K 46 56.81 -39.71 100.58
CA GLN K 46 56.46 -38.32 100.81
C GLN K 46 54.99 -38.10 100.46
N ASN K 47 54.60 -36.85 100.26
CA ASN K 47 53.21 -36.53 99.94
C ASN K 47 53.12 -35.08 99.46
N GLY K 48 52.17 -34.84 98.55
CA GLY K 48 51.90 -33.51 98.05
C GLY K 48 53.10 -32.78 97.45
N ALA K 49 53.47 -31.65 98.06
CA ALA K 49 54.59 -30.85 97.60
C ALA K 49 55.64 -30.76 98.70
N LYS K 50 56.25 -31.89 99.05
CA LYS K 50 57.35 -31.95 100.04
C LYS K 50 56.91 -31.54 101.44
N THR K 51 55.61 -31.63 101.75
CA THR K 51 55.09 -31.14 103.02
C THR K 51 55.36 -32.14 104.14
N ALA K 52 54.56 -33.21 104.19
CA ALA K 52 54.71 -34.23 105.23
C ALA K 52 55.28 -35.52 104.65
N TYR K 53 55.04 -36.63 105.33
CA TYR K 53 55.52 -37.94 104.89
C TYR K 53 54.42 -38.96 105.11
N ARG K 54 54.68 -40.19 104.66
CA ARG K 54 53.74 -41.28 104.79
C ARG K 54 54.49 -42.57 105.07
N VAL K 55 54.16 -43.22 106.17
CA VAL K 55 54.78 -44.48 106.57
C VAL K 55 53.70 -45.54 106.67
N ASN K 56 53.97 -46.70 106.08
CA ASN K 56 53.03 -47.82 106.09
C ASN K 56 53.72 -49.04 106.66
N LEU K 57 53.07 -49.70 107.62
CA LEU K 57 53.59 -50.89 108.28
C LEU K 57 52.50 -51.94 108.34
N LYS K 58 52.71 -53.08 107.68
CA LYS K 58 51.76 -54.17 107.66
C LYS K 58 52.42 -55.43 108.20
N LEU K 59 51.66 -56.21 108.96
CA LEU K 59 52.15 -57.44 109.56
C LEU K 59 51.16 -58.56 109.27
N ASP K 60 51.61 -59.59 108.57
CA ASP K 60 50.77 -60.71 108.18
C ASP K 60 51.32 -62.01 108.75
N GLN K 61 50.41 -62.94 109.04
CA GLN K 61 50.77 -64.25 109.58
C GLN K 61 49.65 -65.22 109.27
N ALA K 62 49.90 -66.19 108.40
CA ALA K 62 48.91 -67.17 107.99
C ALA K 62 49.24 -68.52 108.64
N ASP K 63 48.24 -69.11 109.29
CA ASP K 63 48.42 -70.40 109.93
C ASP K 63 48.44 -71.51 108.89
N VAL K 64 49.15 -72.59 109.20
CA VAL K 64 49.29 -73.73 108.30
C VAL K 64 48.81 -74.98 109.03
N VAL K 65 48.42 -75.98 108.24
CA VAL K 65 47.97 -77.27 108.76
C VAL K 65 48.60 -78.37 107.93
N ASP K 66 48.75 -79.54 108.55
CA ASP K 66 49.38 -80.68 107.90
C ASP K 66 48.78 -81.97 108.45
N CYS K 67 48.64 -82.97 107.57
CA CYS K 67 48.07 -84.25 107.94
C CYS K 67 49.03 -85.42 107.74
N SER K 68 50.32 -85.15 107.49
CA SER K 68 51.27 -86.23 107.27
C SER K 68 51.54 -87.04 108.53
N THR K 69 51.13 -86.54 109.69
CA THR K 69 51.34 -87.28 110.94
C THR K 69 50.42 -88.49 111.04
N SER K 70 49.21 -88.39 110.50
CA SER K 70 48.25 -89.48 110.57
C SER K 70 47.83 -89.92 109.17
N VAL K 71 47.32 -88.98 108.37
CA VAL K 71 46.86 -89.27 107.02
C VAL K 71 48.09 -89.52 106.15
N CYS K 72 47.94 -90.43 105.18
CA CYS K 72 48.94 -90.88 104.21
C CYS K 72 49.68 -89.75 103.49
N GLY K 73 48.97 -88.66 103.21
CA GLY K 73 49.31 -87.77 102.11
C GLY K 73 48.56 -86.45 102.12
N GLU K 74 49.23 -85.40 102.58
CA GLU K 74 48.63 -84.07 102.58
C GLU K 74 49.76 -83.05 102.78
N LEU K 75 49.95 -82.19 101.79
CA LEU K 75 50.98 -81.16 101.88
C LEU K 75 50.55 -80.07 102.87
N PRO K 76 51.50 -79.36 103.46
CA PRO K 76 51.16 -78.24 104.35
C PRO K 76 50.33 -77.19 103.62
N LYS K 77 49.12 -76.98 104.11
CA LYS K 77 48.15 -76.08 103.47
C LYS K 77 47.82 -74.92 104.40
N VAL K 78 47.79 -73.71 103.84
CA VAL K 78 47.45 -72.53 104.63
C VAL K 78 45.96 -72.53 104.92
N ARG K 79 45.58 -71.89 106.04
CA ARG K 79 44.19 -71.83 106.46
C ARG K 79 43.70 -70.41 106.27
N TYR K 80 43.74 -69.56 107.29
CA TYR K 80 43.27 -68.19 107.20
C TYR K 80 44.45 -67.23 107.07
N THR K 81 44.13 -65.98 106.78
CA THR K 81 45.13 -64.92 106.63
C THR K 81 44.69 -63.71 107.43
N GLN K 82 45.63 -63.12 108.16
CA GLN K 82 45.37 -61.94 108.98
C GLN K 82 46.20 -60.77 108.46
N VAL K 83 45.55 -59.61 108.34
CA VAL K 83 46.18 -58.40 107.83
C VAL K 83 46.05 -57.30 108.87
N TRP K 84 47.16 -56.71 109.27
CA TRP K 84 47.20 -55.62 110.25
C TRP K 84 48.12 -54.54 109.70
N SER K 85 47.53 -53.61 108.95
CA SER K 85 48.27 -52.51 108.35
C SER K 85 48.25 -51.28 109.25
N HIS K 86 49.09 -50.31 108.92
CA HIS K 86 49.20 -49.07 109.67
C HIS K 86 49.30 -47.90 108.70
N ASP K 87 49.28 -46.69 109.26
CA ASP K 87 49.38 -45.48 108.45
C ASP K 87 49.88 -44.36 109.34
N VAL K 88 51.07 -43.85 109.05
CA VAL K 88 51.69 -42.79 109.84
C VAL K 88 51.82 -41.56 108.94
N THR K 89 51.16 -40.48 109.34
CA THR K 89 51.18 -39.22 108.61
C THR K 89 51.68 -38.13 109.57
N ILE K 90 52.99 -38.04 109.72
CA ILE K 90 53.63 -37.07 110.61
C ILE K 90 54.41 -36.08 109.77
N VAL K 91 54.15 -34.80 109.97
CA VAL K 91 54.86 -33.76 109.21
C VAL K 91 56.29 -33.63 109.75
N ALA K 92 57.18 -33.11 108.90
CA ALA K 92 58.58 -32.96 109.28
C ALA K 92 58.74 -31.88 110.35
N ASN K 93 58.29 -30.67 110.05
CA ASN K 93 58.39 -29.54 111.00
C ASN K 93 57.32 -29.72 112.08
N SER K 94 57.63 -30.56 113.05
CA SER K 94 56.72 -30.82 114.15
C SER K 94 57.38 -30.50 115.49
N THR K 95 57.24 -31.39 116.48
CA THR K 95 57.82 -31.19 117.79
C THR K 95 58.29 -32.53 118.33
N GLU K 96 59.54 -32.59 118.78
CA GLU K 96 60.09 -33.83 119.31
C GLU K 96 59.37 -34.24 120.59
N ALA K 97 59.09 -33.28 121.46
CA ALA K 97 58.38 -33.60 122.70
C ALA K 97 56.97 -34.09 122.41
N SER K 98 56.27 -33.46 121.46
CA SER K 98 54.94 -33.92 121.10
C SER K 98 54.97 -35.31 120.48
N ARG K 99 55.96 -35.58 119.64
CA ARG K 99 56.08 -36.92 119.05
C ARG K 99 56.37 -37.97 120.11
N LYS K 100 57.23 -37.64 121.08
CA LYS K 100 57.52 -38.58 122.17
C LYS K 100 56.28 -38.83 123.02
N SER K 101 55.52 -37.77 123.31
CA SER K 101 54.29 -37.95 124.09
C SER K 101 53.27 -38.79 123.34
N LEU K 102 53.16 -38.58 122.03
CA LEU K 102 52.24 -39.38 121.22
C LEU K 102 52.66 -40.85 121.18
N TYR K 103 53.97 -41.09 121.06
CA TYR K 103 54.47 -42.47 121.06
C TYR K 103 54.22 -43.14 122.41
N ASP K 104 54.42 -42.39 123.50
CA ASP K 104 54.15 -42.95 124.83
C ASP K 104 52.67 -43.26 125.01
N LEU K 105 51.80 -42.37 124.53
CA LEU K 105 50.36 -42.62 124.62
C LEU K 105 49.96 -43.84 123.80
N THR K 106 50.53 -43.99 122.61
CA THR K 106 50.24 -45.16 121.78
C THR K 106 50.74 -46.44 122.45
N LYS K 107 51.93 -46.39 123.05
CA LYS K 107 52.45 -47.57 123.76
C LYS K 107 51.57 -47.93 124.94
N SER K 108 51.10 -46.93 125.68
CA SER K 108 50.21 -47.20 126.81
C SER K 108 48.89 -47.78 126.35
N LEU K 109 48.32 -47.24 125.28
CA LEU K 109 47.06 -47.78 124.76
C LEU K 109 47.23 -49.20 124.23
N VAL K 110 48.42 -49.52 123.70
CA VAL K 110 48.66 -50.88 123.22
C VAL K 110 48.83 -51.83 124.38
N ALA K 111 49.57 -51.41 125.41
CA ALA K 111 49.85 -52.27 126.56
C ALA K 111 48.70 -52.35 127.55
N THR K 112 47.67 -51.51 127.40
CA THR K 112 46.53 -51.57 128.31
C THR K 112 45.76 -52.87 128.13
N SER K 113 44.92 -53.19 129.12
CA SER K 113 44.14 -54.41 129.13
C SER K 113 42.84 -54.29 128.35
N GLN K 114 42.43 -53.09 127.96
CA GLN K 114 41.20 -52.90 127.21
C GLN K 114 41.31 -53.39 125.77
N VAL K 115 42.42 -53.06 125.09
CA VAL K 115 42.61 -53.52 123.72
C VAL K 115 42.78 -55.04 123.68
N GLU K 116 43.41 -55.61 124.70
CA GLU K 116 43.55 -57.07 124.75
C GLU K 116 42.18 -57.74 124.86
N ASP K 117 41.30 -57.20 125.70
CA ASP K 117 39.94 -57.74 125.81
C ASP K 117 39.16 -57.54 124.51
N LEU K 118 39.32 -56.37 123.88
CA LEU K 118 38.66 -56.12 122.60
C LEU K 118 39.12 -57.10 121.54
N VAL K 119 40.39 -57.50 121.58
CA VAL K 119 40.92 -58.44 120.59
C VAL K 119 40.44 -59.87 120.89
N VAL K 120 40.51 -60.28 122.16
CA VAL K 120 40.20 -61.65 122.54
C VAL K 120 38.68 -61.86 122.55
N ASN K 121 38.00 -61.23 123.51
CA ASN K 121 36.57 -61.47 123.72
C ASN K 121 35.69 -60.71 122.73
N LEU K 122 36.28 -59.95 121.81
CA LEU K 122 35.53 -59.20 120.80
C LEU K 122 34.52 -58.24 121.44
N VAL K 123 34.81 -57.77 122.63
CA VAL K 123 33.94 -56.83 123.34
C VAL K 123 34.36 -55.41 122.98
N PRO K 124 33.42 -54.53 122.61
CA PRO K 124 33.81 -53.17 122.23
C PRO K 124 34.54 -52.45 123.36
N LEU K 125 35.51 -51.62 122.98
CA LEU K 125 36.34 -50.91 123.95
C LEU K 125 35.49 -49.89 124.70
N GLY K 126 35.41 -50.04 126.02
CA GLY K 126 34.64 -49.14 126.85
C GLY K 126 34.59 -49.55 128.31
N ARG K 127 35.70 -49.39 129.01
CA ARG K 127 35.77 -49.74 130.43
C ARG K 127 35.90 -48.51 131.31
N SER L 1 26.02 -55.15 129.31
CA SER L 1 25.07 -54.17 128.79
C SER L 1 23.65 -54.53 129.20
N LYS L 2 22.81 -54.88 128.23
CA LYS L 2 21.46 -55.37 128.53
C LYS L 2 21.51 -56.89 128.52
N THR L 3 21.16 -57.50 129.64
CA THR L 3 21.19 -58.94 129.80
C THR L 3 19.79 -59.50 129.89
N ILE L 4 19.57 -60.66 129.25
CA ILE L 4 18.29 -61.34 129.25
C ILE L 4 18.53 -62.77 129.71
N VAL L 5 17.82 -63.19 130.76
CA VAL L 5 17.97 -64.52 131.34
C VAL L 5 16.79 -65.37 130.90
N LEU L 6 17.08 -66.51 130.29
CA LEU L 6 16.06 -67.45 129.82
C LEU L 6 16.22 -68.78 130.56
N SER L 7 15.13 -69.27 131.13
CA SER L 7 15.13 -70.52 131.89
C SER L 7 14.60 -71.64 131.00
N VAL L 8 15.45 -72.64 130.74
CA VAL L 8 15.06 -73.78 129.92
C VAL L 8 14.51 -74.93 130.75
N GLY L 9 14.68 -74.91 132.06
CA GLY L 9 14.20 -75.99 132.91
C GLY L 9 15.23 -76.41 133.94
N GLU L 10 16.47 -76.63 133.48
CA GLU L 10 17.56 -77.01 134.36
C GLU L 10 18.75 -76.06 134.31
N ALA L 11 18.89 -75.28 133.24
CA ALA L 11 19.98 -74.32 133.11
C ALA L 11 19.40 -72.97 132.70
N THR L 12 20.22 -71.92 132.85
CA THR L 12 19.82 -70.56 132.53
C THR L 12 20.76 -70.02 131.47
N ARG L 13 20.20 -69.54 130.37
CA ARG L 13 20.97 -68.94 129.28
C ARG L 13 20.92 -67.43 129.38
N THR L 14 22.01 -66.78 128.97
CA THR L 14 22.17 -65.34 129.07
C THR L 14 22.40 -64.77 127.68
N LEU L 15 21.55 -63.83 127.26
CA LEU L 15 21.71 -63.10 126.02
C LEU L 15 22.14 -61.67 126.32
N THR L 16 23.13 -61.19 125.57
CA THR L 16 23.71 -59.87 125.79
C THR L 16 23.45 -58.97 124.60
N GLU L 17 23.11 -57.70 124.88
CA GLU L 17 22.92 -56.72 123.82
C GLU L 17 24.26 -56.41 123.16
N ILE L 18 24.31 -56.41 121.82
CA ILE L 18 25.54 -56.17 121.11
C ILE L 18 25.46 -54.97 120.17
N GLN L 19 24.35 -54.81 119.45
CA GLN L 19 24.23 -53.72 118.47
C GLN L 19 23.06 -52.84 118.88
N SER L 20 23.30 -51.95 119.84
CA SER L 20 22.25 -51.09 120.38
C SER L 20 21.93 -49.99 119.37
N THR L 21 20.78 -50.12 118.71
CA THR L 21 20.29 -49.10 117.78
C THR L 21 18.77 -49.09 117.84
N ALA L 22 18.19 -47.93 117.53
CA ALA L 22 16.75 -47.76 117.63
C ALA L 22 16.01 -48.63 116.63
N ASP L 23 16.36 -48.51 115.35
CA ASP L 23 15.66 -49.24 114.29
C ASP L 23 16.07 -50.69 114.17
N ARG L 24 17.08 -51.13 114.93
CA ARG L 24 17.53 -52.52 114.85
C ARG L 24 18.28 -52.85 116.15
N GLN L 25 17.69 -53.71 116.97
CA GLN L 25 18.30 -54.18 118.19
C GLN L 25 18.72 -55.64 118.00
N ILE L 26 20.01 -55.92 118.20
CA ILE L 26 20.59 -57.23 117.96
C ILE L 26 21.08 -57.78 119.30
N PHE L 27 20.41 -58.82 119.79
CA PHE L 27 20.83 -59.51 120.99
C PHE L 27 21.52 -60.82 120.62
N GLU L 28 22.63 -61.11 121.27
CA GLU L 28 23.41 -62.32 121.02
C GLU L 28 23.57 -63.09 122.32
N GLU L 29 23.50 -64.41 122.23
CA GLU L 29 23.71 -65.28 123.38
C GLU L 29 25.19 -65.53 123.58
N LYS L 30 25.65 -65.41 124.83
CA LYS L 30 27.06 -65.63 125.18
C LYS L 30 27.16 -66.92 125.99
N VAL L 31 27.69 -67.96 125.37
CA VAL L 31 27.90 -69.24 126.04
C VAL L 31 29.31 -69.72 125.76
N GLY L 32 29.66 -69.81 124.47
CA GLY L 32 30.97 -70.24 124.06
C GLY L 32 31.38 -69.63 122.73
N PRO L 33 31.22 -70.40 121.65
CA PRO L 33 31.53 -69.87 120.31
C PRO L 33 30.51 -68.83 119.90
N LEU L 34 30.97 -67.62 119.61
CA LEU L 34 30.06 -66.54 119.24
C LEU L 34 29.47 -66.75 117.85
N VAL L 35 30.25 -67.32 116.94
CA VAL L 35 29.74 -67.59 115.60
C VAL L 35 28.81 -68.79 115.64
N GLY L 36 27.68 -68.70 114.93
CA GLY L 36 26.71 -69.76 114.91
C GLY L 36 26.05 -70.01 116.25
N ARG L 37 25.46 -68.96 116.82
CA ARG L 37 24.81 -69.07 118.12
C ARG L 37 23.36 -68.58 118.03
N LEU L 38 22.84 -68.07 119.15
CA LEU L 38 21.47 -67.57 119.23
C LEU L 38 21.47 -66.07 119.05
N ARG L 39 20.73 -65.58 118.06
CA ARG L 39 20.62 -64.16 117.79
C ARG L 39 19.15 -63.75 117.70
N LEU L 40 18.88 -62.51 118.07
CA LEU L 40 17.53 -61.97 118.09
C LEU L 40 17.55 -60.55 117.53
N THR L 41 16.70 -60.31 116.54
CA THR L 41 16.59 -59.01 115.88
C THR L 41 15.23 -58.41 116.20
N ALA L 42 15.24 -57.20 116.74
CA ALA L 42 14.02 -56.48 117.09
C ALA L 42 13.97 -55.15 116.35
N SER L 43 12.77 -54.81 115.85
CA SER L 43 12.59 -53.56 115.12
C SER L 43 11.21 -52.98 115.44
N LEU L 44 11.15 -51.67 115.57
CA LEU L 44 9.91 -50.95 115.84
C LEU L 44 9.83 -49.74 114.93
N ARG L 45 8.66 -49.52 114.35
CA ARG L 45 8.47 -48.42 113.39
C ARG L 45 7.00 -48.02 113.39
N GLN L 46 6.67 -47.07 112.52
CA GLN L 46 5.32 -46.57 112.32
C GLN L 46 4.79 -47.09 110.97
N ASN L 47 3.73 -46.45 110.47
CA ASN L 47 3.13 -46.88 109.21
C ASN L 47 2.16 -45.80 108.73
N GLY L 48 2.06 -45.67 107.41
CA GLY L 48 1.13 -44.75 106.78
C GLY L 48 1.25 -43.31 107.21
N ALA L 49 0.19 -42.78 107.82
CA ALA L 49 0.17 -41.41 108.29
C ALA L 49 -0.06 -41.38 109.80
N LYS L 50 0.91 -41.90 110.57
CA LYS L 50 0.87 -41.88 112.02
C LYS L 50 -0.27 -42.69 112.62
N THR L 51 -0.81 -43.66 111.87
CA THR L 51 -2.00 -44.39 112.31
C THR L 51 -1.63 -45.47 113.33
N ALA L 52 -1.07 -46.58 112.84
CA ALA L 52 -0.69 -47.68 113.71
C ALA L 52 0.82 -47.79 113.83
N TYR L 53 1.31 -48.97 114.18
CA TYR L 53 2.73 -49.22 114.32
C TYR L 53 3.07 -50.58 113.72
N ARG L 54 4.37 -50.90 113.71
CA ARG L 54 4.85 -52.15 113.16
C ARG L 54 6.03 -52.64 113.99
N VAL L 55 5.91 -53.84 114.53
CA VAL L 55 6.96 -54.45 115.34
C VAL L 55 7.38 -55.76 114.68
N ASN L 56 8.68 -55.94 114.56
CA ASN L 56 9.25 -57.15 113.95
C ASN L 56 10.21 -57.80 114.92
N LEU L 57 10.05 -59.11 115.12
CA LEU L 57 10.89 -59.88 116.02
C LEU L 57 11.31 -61.17 115.33
N LYS L 58 12.62 -61.33 115.12
CA LYS L 58 13.16 -62.51 114.47
C LYS L 58 14.15 -63.18 115.41
N LEU L 59 14.15 -64.52 115.41
CA LEU L 59 15.04 -65.30 116.25
C LEU L 59 15.72 -66.36 115.41
N ASP L 60 17.05 -66.30 115.34
CA ASP L 60 17.84 -67.22 114.53
C ASP L 60 18.81 -68.01 115.40
N GLN L 61 19.09 -69.24 114.98
CA GLN L 61 20.02 -70.11 115.70
C GLN L 61 20.54 -71.15 114.73
N ALA L 62 21.82 -71.07 114.39
CA ALA L 62 22.46 -71.99 113.45
C ALA L 62 23.35 -72.96 114.22
N ASP L 63 23.17 -74.25 113.96
CA ASP L 63 23.98 -75.27 114.60
C ASP L 63 25.36 -75.33 113.99
N VAL L 64 26.34 -75.73 114.80
CA VAL L 64 27.73 -75.82 114.38
C VAL L 64 28.22 -77.24 114.59
N VAL L 65 29.26 -77.60 113.84
CA VAL L 65 29.89 -78.91 113.94
C VAL L 65 31.40 -78.73 113.93
N ASP L 66 32.11 -79.68 114.53
CA ASP L 66 33.56 -79.62 114.64
C ASP L 66 34.12 -81.04 114.65
N CYS L 67 35.28 -81.20 114.02
CA CYS L 67 35.94 -82.49 113.93
C CYS L 67 37.32 -82.52 114.59
N SER L 68 37.68 -81.49 115.36
CA SER L 68 38.99 -81.45 115.98
C SER L 68 39.14 -82.50 117.08
N THR L 69 38.04 -83.11 117.52
CA THR L 69 38.13 -84.13 118.56
C THR L 69 38.71 -85.43 118.03
N SER L 70 38.47 -85.75 116.76
CA SER L 70 38.98 -86.98 116.17
C SER L 70 39.84 -86.67 114.95
N VAL L 71 39.28 -85.96 113.98
CA VAL L 71 39.99 -85.62 112.76
C VAL L 71 41.04 -84.55 113.10
N CYS L 72 42.18 -84.63 112.40
CA CYS L 72 43.35 -83.77 112.53
C CYS L 72 43.04 -82.28 112.52
N GLY L 73 42.05 -81.87 111.72
CA GLY L 73 41.98 -80.52 111.18
C GLY L 73 40.65 -80.18 110.54
N GLU L 74 39.82 -79.44 111.28
CA GLU L 74 38.53 -79.00 110.76
C GLU L 74 38.03 -77.87 111.65
N LEU L 75 37.87 -76.69 111.07
CA LEU L 75 37.36 -75.55 111.83
C LEU L 75 35.86 -75.72 112.09
N PRO L 76 35.35 -75.09 113.15
CA PRO L 76 33.90 -75.14 113.41
C PRO L 76 33.11 -74.58 112.24
N LYS L 77 32.27 -75.42 111.65
CA LYS L 77 31.51 -75.08 110.47
C LYS L 77 30.02 -75.11 110.76
N VAL L 78 29.30 -74.10 110.28
CA VAL L 78 27.85 -74.05 110.48
C VAL L 78 27.18 -75.07 109.56
N ARG L 79 26.00 -75.55 110.00
CA ARG L 79 25.27 -76.55 109.24
C ARG L 79 24.04 -75.88 108.66
N TYR L 80 22.88 -75.94 109.31
CA TYR L 80 21.65 -75.35 108.81
C TYR L 80 21.36 -74.04 109.54
N THR L 81 20.37 -73.31 109.03
CA THR L 81 19.96 -72.04 109.59
C THR L 81 18.44 -72.03 109.72
N GLN L 82 17.96 -71.57 110.87
CA GLN L 82 16.52 -71.49 111.14
C GLN L 82 16.12 -70.03 111.33
N VAL L 83 15.01 -69.65 110.70
CA VAL L 83 14.51 -68.28 110.75
C VAL L 83 13.08 -68.32 111.26
N TRP L 84 12.81 -67.55 112.32
CA TRP L 84 11.49 -67.46 112.93
C TRP L 84 11.20 -65.97 113.17
N SER L 85 10.60 -65.33 112.18
CA SER L 85 10.26 -63.92 112.24
C SER L 85 8.83 -63.72 112.76
N HIS L 86 8.52 -62.47 113.09
CA HIS L 86 7.20 -62.12 113.59
C HIS L 86 6.76 -60.82 112.93
N ASP L 87 5.51 -60.43 113.21
CA ASP L 87 4.94 -59.20 112.66
C ASP L 87 3.79 -58.77 113.56
N VAL L 88 3.95 -57.62 114.22
CA VAL L 88 2.94 -57.08 115.13
C VAL L 88 2.42 -55.79 114.55
N THR L 89 1.13 -55.75 114.23
CA THR L 89 0.46 -54.57 113.68
C THR L 89 -0.69 -54.20 114.62
N ILE L 90 -0.37 -53.49 115.70
CA ILE L 90 -1.35 -53.07 116.69
C ILE L 90 -1.45 -51.55 116.65
N VAL L 91 -2.68 -51.05 116.50
CA VAL L 91 -2.90 -49.61 116.46
C VAL L 91 -2.75 -49.02 117.86
N ALA L 92 -2.45 -47.72 117.91
CA ALA L 92 -2.26 -47.06 119.20
C ALA L 92 -3.57 -46.94 119.96
N ASN L 93 -4.57 -46.31 119.36
CA ASN L 93 -5.89 -46.14 119.98
C ASN L 93 -6.64 -47.46 119.93
N SER L 94 -6.31 -48.34 120.86
CA SER L 94 -6.94 -49.65 120.95
C SER L 94 -7.60 -49.85 122.31
N THR L 95 -7.41 -51.01 122.92
CA THR L 95 -7.98 -51.31 124.21
C THR L 95 -6.98 -52.15 125.01
N GLU L 96 -6.71 -51.72 126.25
CA GLU L 96 -5.76 -52.45 127.09
C GLU L 96 -6.29 -53.83 127.45
N ALA L 97 -7.59 -53.94 127.75
CA ALA L 97 -8.16 -55.23 128.07
C ALA L 97 -8.14 -56.16 126.87
N SER L 98 -8.44 -55.64 125.68
CA SER L 98 -8.38 -56.46 124.48
C SER L 98 -6.96 -56.91 124.18
N ARG L 99 -5.98 -56.02 124.36
CA ARG L 99 -4.58 -56.40 124.16
C ARG L 99 -4.15 -57.47 125.14
N LYS L 100 -4.57 -57.34 126.41
CA LYS L 100 -4.21 -58.35 127.41
C LYS L 100 -4.86 -59.69 127.09
N SER L 101 -6.12 -59.67 126.64
CA SER L 101 -6.78 -60.92 126.27
C SER L 101 -6.11 -61.57 125.06
N LEU L 102 -5.69 -60.75 124.09
CA LEU L 102 -5.01 -61.29 122.93
C LEU L 102 -3.65 -61.89 123.31
N TYR L 103 -2.93 -61.21 124.21
CA TYR L 103 -1.65 -61.75 124.67
C TYR L 103 -1.83 -63.05 125.43
N ASP L 104 -2.88 -63.13 126.27
CA ASP L 104 -3.15 -64.36 126.99
C ASP L 104 -3.52 -65.50 126.05
N LEU L 105 -4.31 -65.20 125.01
CA LEU L 105 -4.67 -66.22 124.03
C LEU L 105 -3.45 -66.69 123.27
N THR L 106 -2.55 -65.76 122.90
CA THR L 106 -1.32 -66.15 122.21
C THR L 106 -0.43 -67.01 123.11
N LYS L 107 -0.33 -66.65 124.38
CA LYS L 107 0.47 -67.44 125.32
C LYS L 107 -0.11 -68.83 125.49
N SER L 108 -1.45 -68.94 125.56
CA SER L 108 -2.08 -70.25 125.69
C SER L 108 -1.86 -71.09 124.44
N LEU L 109 -1.99 -70.48 123.26
CA LEU L 109 -1.75 -71.21 122.02
C LEU L 109 -0.30 -71.65 121.88
N VAL L 110 0.63 -70.86 122.42
CA VAL L 110 2.04 -71.25 122.37
C VAL L 110 2.31 -72.38 123.35
N ALA L 111 1.75 -72.30 124.56
CA ALA L 111 2.00 -73.30 125.58
C ALA L 111 1.18 -74.57 125.40
N THR L 112 0.21 -74.58 124.48
CA THR L 112 -0.58 -75.78 124.26
C THR L 112 0.28 -76.89 123.65
N SER L 113 -0.23 -78.11 123.72
CA SER L 113 0.48 -79.28 123.22
C SER L 113 0.29 -79.51 121.73
N GLN L 114 -0.65 -78.81 121.09
CA GLN L 114 -0.89 -78.98 119.66
C GLN L 114 0.23 -78.37 118.81
N VAL L 115 0.69 -77.16 119.16
CA VAL L 115 1.77 -76.54 118.41
C VAL L 115 3.07 -77.32 118.61
N GLU L 116 3.29 -77.88 119.80
CA GLU L 116 4.47 -78.69 120.04
C GLU L 116 4.48 -79.92 119.14
N ASP L 117 3.33 -80.59 119.01
CA ASP L 117 3.24 -81.74 118.12
C ASP L 117 3.40 -81.33 116.66
N LEU L 118 2.81 -80.19 116.28
CA LEU L 118 2.99 -79.69 114.92
C LEU L 118 4.45 -79.39 114.61
N VAL L 119 5.20 -78.93 115.60
CA VAL L 119 6.62 -78.63 115.39
C VAL L 119 7.45 -79.90 115.33
N VAL L 120 7.21 -80.82 116.26
CA VAL L 120 8.02 -82.03 116.37
C VAL L 120 7.64 -83.03 115.28
N ASN L 121 6.44 -83.59 115.37
CA ASN L 121 6.02 -84.66 114.48
C ASN L 121 5.57 -84.16 113.11
N LEU L 122 5.59 -82.84 112.87
CA LEU L 122 5.21 -82.26 111.60
C LEU L 122 3.78 -82.63 111.20
N VAL L 123 2.92 -82.87 112.19
CA VAL L 123 1.53 -83.22 111.96
C VAL L 123 0.71 -81.93 111.93
N PRO L 124 -0.16 -81.74 110.93
CA PRO L 124 -0.95 -80.51 110.88
C PRO L 124 -1.79 -80.31 112.12
N LEU L 125 -1.94 -79.05 112.53
CA LEU L 125 -2.68 -78.72 113.75
C LEU L 125 -4.16 -79.03 113.56
N GLY L 126 -4.69 -79.91 114.40
CA GLY L 126 -6.08 -80.30 114.32
C GLY L 126 -6.45 -81.40 115.28
N ARG L 127 -6.53 -81.07 116.56
CA ARG L 127 -6.88 -82.06 117.58
C ARG L 127 -8.25 -81.76 118.19
N SER M 1 -5.52 -90.04 109.89
CA SER M 1 -6.40 -89.70 108.77
C SER M 1 -6.82 -90.95 108.02
N LYS M 2 -6.38 -91.08 106.78
CA LYS M 2 -6.60 -92.31 106.01
C LYS M 2 -5.36 -93.18 106.14
N THR M 3 -5.54 -94.39 106.67
CA THR M 3 -4.45 -95.32 106.91
C THR M 3 -4.54 -96.50 105.96
N ILE M 4 -3.39 -96.94 105.46
CA ILE M 4 -3.30 -98.08 104.56
C ILE M 4 -2.30 -99.05 105.15
N VAL M 5 -2.73 -100.30 105.35
CA VAL M 5 -1.88 -101.34 105.93
C VAL M 5 -1.41 -102.27 104.82
N LEU M 6 -0.10 -102.44 104.71
CA LEU M 6 0.51 -103.31 103.71
C LEU M 6 1.27 -104.42 104.41
N SER M 7 1.00 -105.66 104.01
CA SER M 7 1.63 -106.84 104.61
C SER M 7 2.78 -107.29 103.71
N VAL M 8 4.00 -107.27 104.24
CA VAL M 8 5.17 -107.70 103.48
C VAL M 8 5.50 -109.17 103.70
N GLY M 9 4.90 -109.81 104.70
CA GLY M 9 5.19 -111.20 104.99
C GLY M 9 5.41 -111.46 106.46
N GLU M 10 6.24 -110.63 107.10
CA GLU M 10 6.51 -110.73 108.53
C GLU M 10 6.20 -109.46 109.30
N ALA M 11 6.14 -108.30 108.64
CA ALA M 11 5.83 -107.04 109.29
C ALA M 11 4.74 -106.33 108.49
N THR M 12 4.12 -105.34 109.12
CA THR M 12 3.04 -104.56 108.53
C THR M 12 3.45 -103.09 108.48
N ARG M 13 3.40 -102.51 107.29
CA ARG M 13 3.73 -101.11 107.10
C ARG M 13 2.44 -100.28 107.01
N THR M 14 2.52 -99.05 107.52
CA THR M 14 1.37 -98.16 107.59
C THR M 14 1.67 -96.89 106.80
N LEU M 15 0.82 -96.58 105.83
CA LEU M 15 0.89 -95.34 105.06
C LEU M 15 -0.25 -94.42 105.48
N THR M 16 0.07 -93.14 105.68
CA THR M 16 -0.88 -92.16 106.16
C THR M 16 -1.12 -91.09 105.10
N GLU M 17 -2.37 -90.69 104.96
CA GLU M 17 -2.73 -89.61 104.05
C GLU M 17 -2.19 -88.28 104.57
N ILE M 18 -1.52 -87.51 103.71
CA ILE M 18 -0.92 -86.25 104.14
C ILE M 18 -1.46 -85.05 103.37
N GLN M 19 -1.65 -85.17 102.05
CA GLN M 19 -2.08 -84.05 101.24
C GLN M 19 -3.40 -84.42 100.57
N SER M 20 -4.49 -84.30 101.33
CA SER M 20 -5.81 -84.68 100.85
C SER M 20 -6.33 -83.64 99.87
N THR M 21 -6.31 -83.99 98.58
CA THR M 21 -6.85 -83.14 97.53
C THR M 21 -7.43 -84.02 96.44
N ALA M 22 -8.42 -83.47 95.72
CA ALA M 22 -9.12 -84.26 94.70
C ALA M 22 -8.20 -84.62 93.55
N ASP M 23 -7.55 -83.63 92.95
CA ASP M 23 -6.72 -83.85 91.77
C ASP M 23 -5.35 -84.42 92.10
N ARG M 24 -5.00 -84.54 93.39
CA ARG M 24 -3.69 -85.07 93.77
C ARG M 24 -3.78 -85.58 95.21
N GLN M 25 -3.70 -86.89 95.37
CA GLN M 25 -3.69 -87.52 96.70
C GLN M 25 -2.29 -88.04 96.97
N ILE M 26 -1.70 -87.59 98.08
CA ILE M 26 -0.32 -87.91 98.44
C ILE M 26 -0.35 -88.72 99.73
N PHE M 27 -0.01 -90.00 99.64
CA PHE M 27 0.12 -90.86 100.81
C PHE M 27 1.59 -91.03 101.16
N GLU M 28 1.91 -90.94 102.44
CA GLU M 28 3.27 -91.08 102.94
C GLU M 28 3.33 -92.18 103.98
N GLU M 29 4.40 -92.96 103.95
CA GLU M 29 4.61 -94.01 104.94
C GLU M 29 5.25 -93.44 106.20
N LYS M 30 4.73 -93.81 107.35
CA LYS M 30 5.22 -93.34 108.64
C LYS M 30 5.89 -94.51 109.36
N VAL M 31 7.22 -94.49 109.41
CA VAL M 31 7.99 -95.51 110.10
C VAL M 31 9.03 -94.83 110.98
N GLY M 32 9.83 -93.95 110.40
CA GLY M 32 10.84 -93.23 111.13
C GLY M 32 11.15 -91.88 110.51
N PRO M 33 12.23 -91.81 109.71
CA PRO M 33 12.56 -90.56 109.02
C PRO M 33 11.56 -90.29 107.90
N LEU M 34 10.88 -89.14 107.98
CA LEU M 34 9.88 -88.80 106.98
C LEU M 34 10.51 -88.48 105.63
N VAL M 35 11.69 -87.85 105.63
CA VAL M 35 12.37 -87.54 104.38
C VAL M 35 12.99 -88.80 103.80
N GLY M 36 12.84 -88.98 102.49
CA GLY M 36 13.36 -90.16 101.83
C GLY M 36 12.67 -91.44 102.25
N ARG M 37 11.34 -91.48 102.12
CA ARG M 37 10.57 -92.66 102.51
C ARG M 37 9.71 -93.14 101.35
N LEU M 38 8.57 -93.75 101.67
CA LEU M 38 7.65 -94.28 100.68
C LEU M 38 6.53 -93.28 100.45
N ARG M 39 6.35 -92.86 99.20
CA ARG M 39 5.30 -91.91 98.84
C ARG M 39 4.50 -92.46 97.66
N LEU M 40 3.22 -92.08 97.62
CA LEU M 40 2.31 -92.53 96.59
C LEU M 40 1.46 -91.37 96.13
N THR M 41 1.42 -91.14 94.82
CA THR M 41 0.67 -90.05 94.21
C THR M 41 -0.45 -90.64 93.37
N ALA M 42 -1.69 -90.23 93.66
CA ALA M 42 -2.86 -90.70 92.93
C ALA M 42 -3.58 -89.51 92.31
N SER M 43 -4.05 -89.70 91.07
CA SER M 43 -4.76 -88.65 90.36
C SER M 43 -5.86 -89.27 89.51
N LEU M 44 -7.00 -88.58 89.45
CA LEU M 44 -8.15 -89.01 88.66
C LEU M 44 -8.71 -87.83 87.91
N ARG M 45 -9.03 -88.03 86.64
CA ARG M 45 -9.51 -86.94 85.78
C ARG M 45 -10.36 -87.53 84.66
N GLN M 46 -10.81 -86.66 83.78
CA GLN M 46 -11.59 -87.02 82.61
C GLN M 46 -10.72 -86.85 81.35
N ASN M 47 -11.36 -86.79 80.19
CA ASN M 47 -10.64 -86.67 78.93
C ASN M 47 -11.61 -86.30 77.81
N GLY M 48 -11.11 -85.53 76.84
CA GLY M 48 -11.88 -85.16 75.67
C GLY M 48 -13.20 -84.48 75.95
N ALA M 49 -14.29 -85.11 75.52
CA ALA M 49 -15.63 -84.57 75.72
C ALA M 49 -16.46 -85.54 76.57
N LYS M 50 -16.06 -85.74 77.82
CA LYS M 50 -16.80 -86.58 78.78
C LYS M 50 -16.84 -88.05 78.38
N THR M 51 -15.90 -88.50 77.54
CA THR M 51 -15.95 -89.87 77.01
C THR M 51 -15.44 -90.87 78.04
N ALA M 52 -14.12 -90.94 78.21
CA ALA M 52 -13.52 -91.88 79.15
C ALA M 52 -12.96 -91.15 80.36
N TYR M 53 -12.00 -91.78 81.05
CA TYR M 53 -11.36 -91.19 82.21
C TYR M 53 -9.87 -91.47 82.15
N ARG M 54 -9.14 -90.91 83.13
CA ARG M 54 -7.70 -91.08 83.21
C ARG M 54 -7.29 -91.18 84.67
N VAL M 55 -6.63 -92.27 85.03
CA VAL M 55 -6.16 -92.50 86.39
C VAL M 55 -4.64 -92.67 86.34
N ASN M 56 -3.97 -91.95 87.25
CA ASN M 56 -2.52 -92.01 87.35
C ASN M 56 -2.12 -92.41 88.76
N LEU M 57 -1.22 -93.39 88.86
CA LEU M 57 -0.75 -93.89 90.14
C LEU M 57 0.77 -94.02 90.08
N LYS M 58 1.47 -93.26 90.92
CA LYS M 58 2.92 -93.29 90.98
C LYS M 58 3.37 -93.65 92.39
N LEU M 59 4.43 -94.45 92.48
CA LEU M 59 4.97 -94.90 93.76
C LEU M 59 6.46 -94.65 93.77
N ASP M 60 6.93 -93.83 94.71
CA ASP M 60 8.34 -93.47 94.81
C ASP M 60 8.89 -93.88 96.17
N GLN M 61 10.18 -94.23 96.19
CA GLN M 61 10.86 -94.60 97.42
C GLN M 61 12.35 -94.38 97.23
N ALA M 62 12.90 -93.42 97.95
CA ALA M 62 14.32 -93.08 97.87
C ALA M 62 15.04 -93.58 99.10
N ASP M 63 16.14 -94.31 98.89
CA ASP M 63 16.93 -94.83 99.98
C ASP M 63 17.77 -93.72 100.61
N VAL M 64 18.05 -93.87 101.91
CA VAL M 64 18.81 -92.89 102.66
C VAL M 64 20.03 -93.58 103.27
N VAL M 65 21.05 -92.78 103.57
CA VAL M 65 22.28 -93.26 104.19
C VAL M 65 22.68 -92.28 105.28
N ASP M 66 23.41 -92.80 106.28
CA ASP M 66 23.82 -92.00 107.43
C ASP M 66 25.15 -92.53 107.94
N CYS M 67 26.00 -91.61 108.40
CA CYS M 67 27.31 -91.95 108.93
C CYS M 67 27.50 -91.57 110.39
N SER M 68 26.44 -91.18 111.10
CA SER M 68 26.59 -90.77 112.48
C SER M 68 26.94 -91.94 113.40
N THR M 69 26.82 -93.17 112.92
CA THR M 69 27.17 -94.32 113.75
C THR M 69 28.67 -94.45 113.92
N SER M 70 29.45 -94.07 112.92
CA SER M 70 30.91 -94.17 112.99
C SER M 70 31.56 -92.82 112.79
N VAL M 71 31.25 -92.16 111.68
CA VAL M 71 31.82 -90.84 111.37
C VAL M 71 31.19 -89.82 112.30
N CYS M 72 31.99 -88.82 112.69
CA CYS M 72 31.67 -87.70 113.56
C CYS M 72 30.37 -86.97 113.23
N GLY M 73 30.06 -86.85 111.94
CA GLY M 73 29.22 -85.79 111.44
C GLY M 73 28.78 -85.98 110.00
N GLU M 74 27.53 -86.43 109.82
CA GLU M 74 26.97 -86.60 108.48
C GLU M 74 25.46 -86.73 108.62
N LEU M 75 24.72 -85.78 108.03
CA LEU M 75 23.28 -85.82 108.08
C LEU M 75 22.74 -86.92 107.17
N PRO M 76 21.55 -87.44 107.44
CA PRO M 76 20.95 -88.44 106.55
C PRO M 76 20.78 -87.88 105.13
N LYS M 77 21.43 -88.54 104.18
CA LYS M 77 21.47 -88.08 102.80
C LYS M 77 20.82 -89.12 101.90
N VAL M 78 19.98 -88.65 100.97
CA VAL M 78 19.33 -89.55 100.03
C VAL M 78 20.35 -90.03 98.99
N ARG M 79 20.10 -91.22 98.44
CA ARG M 79 21.00 -91.81 97.46
C ARG M 79 20.31 -91.77 96.11
N TYR M 80 19.63 -92.84 95.70
CA TYR M 80 18.95 -92.90 94.40
C TYR M 80 17.45 -92.69 94.59
N THR M 81 16.77 -92.53 93.46
CA THR M 81 15.32 -92.33 93.43
C THR M 81 14.71 -93.25 92.40
N GLN M 82 13.61 -93.91 92.77
CA GLN M 82 12.90 -94.83 91.88
C GLN M 82 11.51 -94.29 91.60
N VAL M 83 11.11 -94.34 90.34
CA VAL M 83 9.81 -93.84 89.89
C VAL M 83 9.08 -94.96 89.18
N TRP M 84 7.87 -95.27 89.64
CA TRP M 84 7.01 -96.31 89.06
C TRP M 84 5.62 -95.72 88.89
N SER M 85 5.37 -95.11 87.73
CA SER M 85 4.08 -94.50 87.43
C SER M 85 3.18 -95.48 86.71
N HIS M 86 1.90 -95.12 86.61
CA HIS M 86 0.90 -95.93 85.94
C HIS M 86 0.02 -95.03 85.07
N ASP M 87 -0.87 -95.68 84.32
CA ASP M 87 -1.79 -94.95 83.44
C ASP M 87 -2.98 -95.85 83.16
N VAL M 88 -4.15 -95.46 83.63
CA VAL M 88 -5.38 -96.22 83.46
C VAL M 88 -6.33 -95.41 82.58
N THR M 89 -6.68 -95.95 81.41
CA THR M 89 -7.58 -95.31 80.47
C THR M 89 -8.74 -96.28 80.21
N ILE M 90 -9.72 -96.27 81.12
CA ILE M 90 -10.89 -97.15 81.04
C ILE M 90 -12.12 -96.28 80.82
N VAL M 91 -12.88 -96.60 79.77
CA VAL M 91 -14.09 -95.85 79.48
C VAL M 91 -15.18 -96.20 80.47
N ALA M 92 -16.14 -95.29 80.65
CA ALA M 92 -17.23 -95.51 81.60
C ALA M 92 -18.16 -96.63 81.12
N ASN M 93 -18.73 -96.47 79.93
CA ASN M 93 -19.64 -97.46 79.37
C ASN M 93 -18.82 -98.65 78.87
N SER M 94 -18.45 -99.53 79.80
CA SER M 94 -17.67 -100.72 79.47
C SER M 94 -18.40 -101.98 79.90
N THR M 95 -17.69 -102.90 80.53
CA THR M 95 -18.28 -104.15 81.00
C THR M 95 -17.64 -104.53 82.32
N GLU M 96 -18.48 -104.83 83.32
CA GLU M 96 -17.97 -105.20 84.64
C GLU M 96 -17.22 -106.52 84.58
N ALA M 97 -17.75 -107.50 83.84
CA ALA M 97 -17.08 -108.78 83.71
C ALA M 97 -15.74 -108.63 83.00
N SER M 98 -15.70 -107.81 81.95
CA SER M 98 -14.44 -107.58 81.23
C SER M 98 -13.42 -106.88 82.13
N ARG M 99 -13.88 -105.90 82.92
CA ARG M 99 -12.97 -105.21 83.84
C ARG M 99 -12.44 -106.16 84.90
N LYS M 100 -13.30 -107.04 85.42
CA LYS M 100 -12.86 -108.02 86.41
C LYS M 100 -11.86 -108.99 85.82
N SER M 101 -12.11 -109.45 84.59
CA SER M 101 -11.16 -110.36 83.94
C SER M 101 -9.82 -109.68 83.68
N LEU M 102 -9.86 -108.41 83.28
CA LEU M 102 -8.61 -107.67 83.06
C LEU M 102 -7.85 -107.47 84.36
N TYR M 103 -8.56 -107.17 85.44
CA TYR M 103 -7.90 -107.02 86.74
C TYR M 103 -7.29 -108.34 87.20
N ASP M 104 -8.00 -109.45 86.98
CA ASP M 104 -7.45 -110.76 87.35
C ASP M 104 -6.23 -111.10 86.53
N LEU M 105 -6.25 -110.79 85.23
CA LEU M 105 -5.09 -111.04 84.39
C LEU M 105 -3.90 -110.19 84.82
N THR M 106 -4.15 -108.93 85.17
CA THR M 106 -3.07 -108.08 85.65
C THR M 106 -2.50 -108.59 86.96
N LYS M 107 -3.37 -109.03 87.87
CA LYS M 107 -2.90 -109.58 89.13
C LYS M 107 -2.07 -110.84 88.91
N SER M 108 -2.50 -111.70 87.99
CA SER M 108 -1.74 -112.91 87.69
C SER M 108 -0.38 -112.58 87.08
N LEU M 109 -0.35 -111.62 86.16
CA LEU M 109 0.92 -111.22 85.55
C LEU M 109 1.85 -110.58 86.57
N VAL M 110 1.29 -109.88 87.57
CA VAL M 110 2.13 -109.29 88.60
C VAL M 110 2.67 -110.36 89.55
N ALA M 111 1.82 -111.32 89.93
CA ALA M 111 2.21 -112.36 90.87
C ALA M 111 3.03 -113.48 90.23
N THR M 112 3.12 -113.52 88.90
CA THR M 112 3.91 -114.55 88.25
C THR M 112 5.40 -114.37 88.56
N SER M 113 6.17 -115.43 88.30
CA SER M 113 7.60 -115.45 88.58
C SER M 113 8.43 -114.83 87.46
N GLN M 114 7.84 -114.59 86.29
CA GLN M 114 8.58 -114.01 85.18
C GLN M 114 8.90 -112.54 85.39
N VAL M 115 7.93 -111.76 85.87
CA VAL M 115 8.19 -110.34 86.14
C VAL M 115 9.17 -110.18 87.29
N GLU M 116 9.12 -111.07 88.29
CA GLU M 116 10.08 -111.01 89.38
C GLU M 116 11.50 -111.24 88.87
N ASP M 117 11.68 -112.21 87.98
CA ASP M 117 13.00 -112.45 87.40
C ASP M 117 13.43 -111.27 86.52
N LEU M 118 12.50 -110.71 85.74
CA LEU M 118 12.81 -109.54 84.93
C LEU M 118 13.25 -108.36 85.79
N VAL M 119 12.67 -108.22 86.98
CA VAL M 119 13.03 -107.12 87.86
C VAL M 119 14.37 -107.38 88.53
N VAL M 120 14.58 -108.59 89.04
CA VAL M 120 15.79 -108.91 89.80
C VAL M 120 16.97 -109.09 88.87
N ASN M 121 16.95 -110.16 88.08
CA ASN M 121 18.10 -110.53 87.24
C ASN M 121 18.19 -109.71 85.97
N LEU M 122 17.26 -108.79 85.73
CA LEU M 122 17.26 -107.92 84.54
C LEU M 122 17.24 -108.73 83.25
N VAL M 123 16.66 -109.93 83.30
CA VAL M 123 16.55 -110.79 82.13
C VAL M 123 15.24 -110.47 81.41
N PRO M 124 15.25 -110.30 80.09
CA PRO M 124 14.00 -109.97 79.38
C PRO M 124 12.95 -111.05 79.57
N LEU M 125 11.70 -110.60 79.65
CA LEU M 125 10.58 -111.51 79.88
C LEU M 125 10.39 -112.43 78.69
N GLY M 126 10.50 -113.73 78.91
CA GLY M 126 10.35 -114.71 77.85
C GLY M 126 10.65 -116.13 78.29
N ARG M 127 9.74 -116.70 79.07
CA ARG M 127 9.90 -118.07 79.56
C ARG M 127 8.88 -119.01 78.93
N SER N 1 5.69 7.96 142.91
CA SER N 1 6.45 7.26 141.89
C SER N 1 7.95 7.50 142.09
N LYS N 2 8.58 8.19 141.14
CA LYS N 2 9.97 8.60 141.29
C LYS N 2 9.99 10.03 141.81
N THR N 3 10.59 10.22 142.98
CA THR N 3 10.64 11.52 143.63
C THR N 3 12.07 12.07 143.60
N ILE N 4 12.19 13.37 143.37
CA ILE N 4 13.47 14.07 143.33
C ILE N 4 13.38 15.24 144.30
N VAL N 5 14.31 15.29 145.25
CA VAL N 5 14.36 16.33 146.27
C VAL N 5 15.45 17.32 145.91
N LEU N 6 15.08 18.60 145.81
CA LEU N 6 16.02 19.67 145.49
C LEU N 6 16.07 20.65 146.65
N SER N 7 17.28 20.96 147.12
CA SER N 7 17.49 21.87 148.24
C SER N 7 17.86 23.24 147.70
N VAL N 8 17.02 24.24 148.00
CA VAL N 8 17.27 25.61 147.56
C VAL N 8 18.04 26.43 148.59
N GLY N 9 18.15 25.94 149.82
CA GLY N 9 18.84 26.67 150.86
C GLY N 9 18.07 26.68 152.18
N GLU N 10 16.77 27.00 152.10
CA GLU N 10 15.91 27.00 153.27
C GLU N 10 14.71 26.09 153.16
N ALA N 11 14.31 25.72 151.94
CA ALA N 11 13.18 24.83 151.72
C ALA N 11 13.59 23.72 150.74
N THR N 12 12.79 22.67 150.71
CA THR N 12 13.05 21.51 149.86
C THR N 12 11.87 21.33 148.90
N ARG N 13 12.17 21.29 147.60
CA ARG N 13 11.16 21.08 146.57
C ARG N 13 11.17 19.62 146.12
N THR N 14 10.00 19.13 145.77
CA THR N 14 9.81 17.73 145.39
C THR N 14 9.25 17.66 143.97
N LEU N 15 9.95 16.96 143.08
CA LEU N 15 9.50 16.71 141.72
C LEU N 15 9.09 15.25 141.60
N THR N 16 7.94 15.02 140.95
CA THR N 16 7.38 13.68 140.83
C THR N 16 7.33 13.27 139.37
N GLU N 17 7.67 11.99 139.12
CA GLU N 17 7.59 11.44 137.77
C GLU N 17 6.12 11.33 137.34
N ILE N 18 5.80 11.80 136.14
CA ILE N 18 4.43 11.78 135.67
C ILE N 18 4.26 10.98 134.38
N GLN N 19 5.18 11.11 133.42
CA GLN N 19 5.04 10.45 132.13
C GLN N 19 6.25 9.53 131.95
N SER N 20 6.18 8.34 132.56
CA SER N 20 7.28 7.39 132.53
C SER N 20 7.33 6.72 131.17
N THR N 21 8.31 7.11 130.36
CA THR N 21 8.55 6.50 129.05
C THR N 21 10.05 6.53 128.77
N ALA N 22 10.49 5.56 127.95
CA ALA N 22 11.92 5.42 127.69
C ALA N 22 12.45 6.62 126.91
N ASP N 23 11.84 6.94 125.78
CA ASP N 23 12.32 8.01 124.91
C ASP N 23 11.95 9.40 125.40
N ARG N 24 11.16 9.51 126.46
CA ARG N 24 10.75 10.83 126.96
C ARG N 24 10.31 10.65 128.42
N GLN N 25 11.11 11.20 129.34
CA GLN N 25 10.78 11.19 130.76
C GLN N 25 10.39 12.61 131.18
N ILE N 26 9.20 12.75 131.73
CA ILE N 26 8.63 14.05 132.10
C ILE N 26 8.46 14.08 133.61
N PHE N 27 9.27 14.90 134.28
CA PHE N 27 9.14 15.12 135.71
C PHE N 27 8.45 16.45 135.97
N GLU N 28 7.50 16.46 136.90
CA GLU N 28 6.74 17.64 137.26
C GLU N 28 6.89 17.92 138.75
N GLU N 29 7.00 19.19 139.11
CA GLU N 29 7.09 19.58 140.50
C GLU N 29 5.68 19.71 141.09
N LYS N 30 5.49 19.14 142.29
CA LYS N 30 4.22 19.17 142.99
C LYS N 30 4.34 20.09 144.20
N VAL N 31 3.73 21.27 144.11
CA VAL N 31 3.72 22.22 145.21
C VAL N 31 2.30 22.73 145.41
N GLY N 32 1.69 23.23 144.35
CA GLY N 32 0.34 23.73 144.40
C GLY N 32 -0.37 23.61 143.07
N PRO N 33 -0.41 24.71 142.31
CA PRO N 33 -1.02 24.67 140.97
C PRO N 33 -0.15 23.87 140.01
N LEU N 34 -0.72 22.82 139.43
CA LEU N 34 0.04 21.97 138.53
C LEU N 34 0.33 22.67 137.21
N VAL N 35 -0.59 23.51 136.73
CA VAL N 35 -0.38 24.23 135.49
C VAL N 35 0.58 25.39 135.75
N GLY N 36 1.52 25.58 134.83
CA GLY N 36 2.52 26.63 134.96
C GLY N 36 3.45 26.41 136.13
N ARG N 37 4.11 25.25 136.17
CA ARG N 37 5.03 24.92 137.25
C ARG N 37 6.40 24.55 136.69
N LEU N 38 7.13 23.70 137.42
CA LEU N 38 8.46 23.27 137.03
C LEU N 38 8.36 21.91 136.34
N ARG N 39 8.86 21.83 135.11
CA ARG N 39 8.85 20.59 134.35
C ARG N 39 10.24 20.30 133.81
N LEU N 40 10.54 19.01 133.66
CA LEU N 40 11.84 18.55 133.20
C LEU N 40 11.64 17.42 132.20
N THR N 41 12.25 17.56 131.02
CA THR N 41 12.16 16.58 129.95
C THR N 41 13.53 15.96 129.74
N ALA N 42 13.59 14.63 129.82
CA ALA N 42 14.83 13.88 129.63
C ALA N 42 14.66 12.90 128.48
N SER N 43 15.71 12.79 127.65
CA SER N 43 15.68 11.89 126.51
C SER N 43 17.06 11.28 126.31
N LEU N 44 17.10 10.00 125.95
CA LEU N 44 18.33 9.29 125.69
C LEU N 44 18.17 8.46 124.42
N ARG N 45 19.18 8.50 123.55
CA ARG N 45 19.11 7.82 122.27
C ARG N 45 20.53 7.49 121.81
N GLN N 46 20.63 6.91 120.61
CA GLN N 46 21.89 6.58 119.97
C GLN N 46 22.13 7.54 118.80
N ASN N 47 23.03 7.17 117.89
CA ASN N 47 23.36 8.02 116.76
C ASN N 47 24.16 7.21 115.74
N GLY N 48 23.98 7.56 114.46
CA GLY N 48 24.71 6.95 113.37
C GLY N 48 24.62 5.43 113.30
N ALA N 49 25.77 4.77 113.44
CA ALA N 49 25.84 3.31 113.39
C ALA N 49 26.38 2.78 114.71
N LYS N 50 25.63 2.97 115.79
CA LYS N 50 25.96 2.44 117.12
C LYS N 50 27.24 3.04 117.69
N THR N 51 27.65 4.22 117.23
CA THR N 51 28.93 4.81 117.63
C THR N 51 28.84 5.45 119.00
N ALA N 52 28.23 6.64 119.07
CA ALA N 52 28.10 7.35 120.33
C ALA N 52 26.65 7.36 120.80
N TYR N 53 26.29 8.33 121.64
CA TYR N 53 24.94 8.46 122.16
C TYR N 53 24.54 9.93 122.15
N ARG N 54 23.28 10.18 122.52
CA ARG N 54 22.74 11.54 122.57
C ARG N 54 21.80 11.65 123.74
N VAL N 55 22.08 12.60 124.63
CA VAL N 55 21.26 12.85 125.80
C VAL N 55 20.76 14.29 125.75
N ASN N 56 19.46 14.46 125.99
CA ASN N 56 18.83 15.77 125.96
C ASN N 56 18.13 16.01 127.29
N LEU N 57 18.38 17.18 127.88
CA LEU N 57 17.79 17.56 129.16
C LEU N 57 17.28 18.99 129.07
N LYS N 58 15.97 19.16 129.20
CA LYS N 58 15.34 20.48 129.14
C LYS N 58 14.61 20.75 130.45
N LEU N 59 14.66 22.00 130.90
CA LEU N 59 14.01 22.40 132.14
C LEU N 59 13.20 23.66 131.88
N ASP N 60 11.89 23.59 132.08
CA ASP N 60 11.00 24.70 131.83
C ASP N 60 10.26 25.10 133.10
N GLN N 61 9.95 26.38 133.22
CA GLN N 61 9.22 26.91 134.36
C GLN N 61 8.55 28.21 133.96
N ALA N 62 7.22 28.21 133.90
CA ALA N 62 6.45 29.37 133.50
C ALA N 62 5.78 29.99 134.72
N ASP N 63 5.96 31.29 134.89
CA ASP N 63 5.35 32.00 136.01
C ASP N 63 3.86 32.21 135.77
N VAL N 64 3.09 32.27 136.86
CA VAL N 64 1.66 32.44 136.80
C VAL N 64 1.28 33.68 137.60
N VAL N 65 0.12 34.24 137.26
CA VAL N 65 -0.42 35.41 137.94
C VAL N 65 -1.91 35.20 138.19
N ASP N 66 -2.43 35.85 139.22
CA ASP N 66 -3.82 35.70 139.61
C ASP N 66 -4.31 37.01 140.23
N CYS N 67 -5.58 37.34 139.97
CA CYS N 67 -6.19 38.55 140.48
C CYS N 67 -7.38 38.29 141.38
N SER N 68 -7.62 37.05 141.80
CA SER N 68 -8.77 36.76 142.64
C SER N 68 -8.64 37.34 144.04
N THR N 69 -7.43 37.81 144.41
CA THR N 69 -7.25 38.40 145.73
C THR N 69 -7.89 39.77 145.83
N SER N 70 -7.91 40.53 144.73
CA SER N 70 -8.49 41.86 144.73
C SER N 70 -9.59 41.98 143.69
N VAL N 71 -9.28 41.66 142.44
CA VAL N 71 -10.26 41.73 141.35
C VAL N 71 -11.26 40.59 141.53
N CYS N 72 -12.51 40.85 141.15
CA CYS N 72 -13.66 39.94 141.23
C CYS N 72 -13.41 38.56 140.64
N GLY N 73 -12.65 38.51 139.56
CA GLY N 73 -12.75 37.44 138.58
C GLY N 73 -11.60 37.38 137.59
N GLU N 74 -10.66 36.48 137.83
CA GLU N 74 -9.53 36.29 136.92
C GLU N 74 -8.89 34.93 137.23
N LEU N 75 -8.90 34.03 136.26
CA LEU N 75 -8.31 32.72 136.45
C LEU N 75 -6.78 32.84 136.43
N PRO N 76 -6.07 31.90 137.07
CA PRO N 76 -4.60 31.92 137.01
C PRO N 76 -4.11 31.82 135.58
N LYS N 77 -3.37 32.85 135.16
CA LYS N 77 -2.90 32.97 133.78
C LYS N 77 -1.38 32.95 133.75
N VAL N 78 -0.82 32.20 132.80
CA VAL N 78 0.62 32.13 132.66
C VAL N 78 1.14 33.43 132.03
N ARG N 79 2.39 33.77 132.34
CA ARG N 79 2.98 35.00 131.83
C ARG N 79 4.03 34.62 130.80
N TYR N 80 5.31 34.50 131.18
CA TYR N 80 6.38 34.15 130.25
C TYR N 80 6.76 32.69 130.40
N THR N 81 7.58 32.23 129.47
CA THR N 81 8.06 30.85 129.45
C THR N 81 9.56 30.85 129.24
N GLN N 82 10.26 30.03 130.02
CA GLN N 82 11.72 29.92 129.94
C GLN N 82 12.09 28.50 129.52
N VAL N 83 13.02 28.40 128.57
CA VAL N 83 13.47 27.13 128.02
C VAL N 83 14.98 27.03 128.20
N TRP N 84 15.43 25.96 128.85
CA TRP N 84 16.85 25.70 129.09
C TRP N 84 17.13 24.25 128.73
N SER N 85 17.48 24.01 127.47
CA SER N 85 17.76 22.67 126.97
C SER N 85 19.25 22.37 127.06
N HIS N 86 19.59 21.09 126.87
CA HIS N 86 20.96 20.63 126.91
C HIS N 86 21.21 19.66 125.77
N ASP N 87 22.46 19.25 125.63
CA ASP N 87 22.84 18.31 124.57
C ASP N 87 24.14 17.63 125.00
N VAL N 88 24.08 16.32 125.24
CA VAL N 88 25.23 15.54 125.67
C VAL N 88 25.57 14.54 124.56
N THR N 89 26.76 14.67 123.99
CA THR N 89 27.24 13.78 122.94
C THR N 89 28.56 13.16 123.43
N ILE N 90 28.44 12.10 124.22
CA ILE N 90 29.59 11.39 124.78
C ILE N 90 29.62 9.99 124.18
N VAL N 91 30.78 9.61 123.62
CA VAL N 91 30.92 8.29 123.03
C VAL N 91 31.05 7.25 124.13
N ALA N 92 30.71 6.00 123.80
CA ALA N 92 30.77 4.92 124.79
C ALA N 92 32.22 4.60 125.16
N ASN N 93 33.03 4.26 124.17
CA ASN N 93 34.44 3.92 124.40
C ASN N 93 35.22 5.21 124.64
N SER N 94 35.13 5.70 125.88
CA SER N 94 35.83 6.92 126.27
C SER N 94 36.78 6.65 127.44
N THR N 95 36.76 7.53 128.44
CA THR N 95 37.62 7.39 129.61
C THR N 95 36.85 7.85 130.84
N GLU N 96 36.82 7.01 131.87
CA GLU N 96 36.11 7.37 133.10
C GLU N 96 36.76 8.55 133.79
N ALA N 97 38.09 8.59 133.83
CA ALA N 97 38.78 9.72 134.45
C ALA N 97 38.53 11.01 133.68
N SER N 98 38.55 10.94 132.35
CA SER N 98 38.27 12.13 131.54
C SER N 98 36.84 12.60 131.73
N ARG N 99 35.88 11.67 131.81
CA ARG N 99 34.49 12.05 132.05
C ARG N 99 34.32 12.69 133.42
N LYS N 100 34.99 12.14 134.43
CA LYS N 100 34.91 12.72 135.76
C LYS N 100 35.52 14.12 135.80
N SER N 101 36.65 14.31 135.12
CA SER N 101 37.28 15.62 135.07
C SER N 101 36.38 16.62 134.33
N LEU N 102 35.74 16.19 133.26
CA LEU N 102 34.84 17.07 132.52
C LEU N 102 33.63 17.44 133.38
N TYR N 103 33.08 16.48 134.13
CA TYR N 103 31.95 16.77 135.00
C TYR N 103 32.36 17.73 136.11
N ASP N 104 33.56 17.55 136.66
CA ASP N 104 34.02 18.47 137.70
C ASP N 104 34.23 19.88 137.15
N LEU N 105 34.77 19.98 135.93
CA LEU N 105 34.95 21.29 135.31
C LEU N 105 33.61 21.95 135.05
N THR N 106 32.62 21.19 134.58
CA THR N 106 31.30 21.74 134.35
C THR N 106 30.65 22.20 135.65
N LYS N 107 30.80 21.41 136.73
CA LYS N 107 30.26 21.80 138.02
C LYS N 107 30.92 23.07 138.53
N SER N 108 32.25 23.19 138.35
CA SER N 108 32.94 24.40 138.78
C SER N 108 32.49 25.61 137.98
N LEU N 109 32.34 25.45 136.66
CA LEU N 109 31.88 26.56 135.84
C LEU N 109 30.45 26.96 136.18
N VAL N 110 29.62 26.00 136.59
CA VAL N 110 28.26 26.34 136.99
C VAL N 110 28.24 27.04 138.33
N ALA N 111 29.04 26.57 139.28
CA ALA N 111 29.06 27.14 140.63
C ALA N 111 29.88 28.43 140.72
N THR N 112 30.62 28.79 139.68
CA THR N 112 31.39 30.02 139.72
C THR N 112 30.47 31.25 139.73
N SER N 113 31.04 32.38 140.10
CA SER N 113 30.29 33.64 140.21
C SER N 113 30.16 34.37 138.88
N GLN N 114 30.91 33.96 137.86
CA GLN N 114 30.84 34.63 136.56
C GLN N 114 29.55 34.31 135.82
N VAL N 115 29.13 33.04 135.81
CA VAL N 115 27.88 32.69 135.15
C VAL N 115 26.68 33.29 135.88
N GLU N 116 26.76 33.39 137.20
CA GLU N 116 25.68 34.03 137.95
C GLU N 116 25.53 35.49 137.56
N ASP N 117 26.66 36.20 137.42
CA ASP N 117 26.60 37.60 136.99
C ASP N 117 26.11 37.71 135.56
N LEU N 118 26.56 36.80 134.68
CA LEU N 118 26.08 36.79 133.30
C LEU N 118 24.57 36.57 133.24
N VAL N 119 24.03 35.77 134.14
CA VAL N 119 22.59 35.49 134.15
C VAL N 119 21.83 36.68 134.72
N VAL N 120 22.29 37.24 135.84
CA VAL N 120 21.58 38.30 136.53
C VAL N 120 21.75 39.62 135.80
N ASN N 121 22.96 40.17 135.82
CA ASN N 121 23.22 41.50 135.28
C ASN N 121 23.34 41.51 133.76
N LEU N 122 23.22 40.37 133.10
CA LEU N 122 23.30 40.27 131.64
C LEU N 122 24.63 40.81 131.11
N VAL N 123 25.67 40.73 131.91
CA VAL N 123 27.01 41.19 131.51
C VAL N 123 27.75 40.02 130.87
N PRO N 124 28.38 40.21 129.71
CA PRO N 124 29.08 39.11 129.05
C PRO N 124 30.17 38.52 129.95
N LEU N 125 30.35 37.21 129.85
CA LEU N 125 31.31 36.50 130.68
C LEU N 125 32.73 36.91 130.31
N GLY N 126 33.46 37.47 131.26
CA GLY N 126 34.82 37.91 131.02
C GLY N 126 35.44 38.63 132.20
N ARG N 127 35.77 37.88 133.24
CA ARG N 127 36.37 38.45 134.44
C ARG N 127 37.83 38.01 134.60
N SER O 1 33.73 48.67 130.64
CA SER O 1 34.34 48.77 129.31
C SER O 1 34.63 50.23 128.97
N LYS O 2 33.96 50.77 127.97
CA LYS O 2 34.04 52.19 127.65
C LYS O 2 32.88 52.91 128.33
N THR O 3 33.21 53.85 129.20
CA THR O 3 32.22 54.59 129.97
C THR O 3 32.15 56.03 129.50
N ILE O 4 30.94 56.57 129.42
CA ILE O 4 30.69 57.95 129.01
C ILE O 4 29.86 58.61 130.09
N VAL O 5 30.35 59.72 130.63
CA VAL O 5 29.68 60.45 131.69
C VAL O 5 29.02 61.69 131.10
N LEU O 6 27.72 61.83 131.34
CA LEU O 6 26.94 62.97 130.84
C LEU O 6 26.38 63.73 132.03
N SER O 7 26.59 65.05 132.05
CA SER O 7 26.13 65.90 133.13
C SER O 7 24.85 66.59 132.69
N VAL O 8 23.75 66.34 133.42
CA VAL O 8 22.47 66.95 133.11
C VAL O 8 22.24 68.23 133.90
N GLY O 9 23.04 68.52 134.92
CA GLY O 9 22.86 69.70 135.72
C GLY O 9 22.96 69.42 137.20
N GLU O 10 22.25 68.38 137.66
CA GLU O 10 22.29 67.98 139.06
C GLU O 10 22.73 66.53 139.26
N ALA O 11 22.60 65.68 138.25
CA ALA O 11 23.02 64.29 138.33
C ALA O 11 23.90 63.95 137.13
N THR O 12 24.60 62.82 137.24
CA THR O 12 25.51 62.35 136.20
C THR O 12 25.05 60.97 135.73
N ARG O 13 24.83 60.84 134.43
CA ARG O 13 24.44 59.58 133.83
C ARG O 13 25.65 58.89 133.21
N THR O 14 25.64 57.57 133.24
CA THR O 14 26.75 56.75 132.77
C THR O 14 26.27 55.82 131.67
N LEU O 15 26.89 55.91 130.50
CA LEU O 15 26.62 55.02 129.37
C LEU O 15 27.79 54.06 129.21
N THR O 16 27.48 52.78 129.01
CA THR O 16 28.49 51.74 128.91
C THR O 16 28.46 51.10 127.53
N GLU O 17 29.66 50.84 126.99
CA GLU O 17 29.78 50.16 125.71
C GLU O 17 29.31 48.72 125.85
N ILE O 18 28.46 48.26 124.92
CA ILE O 18 27.93 46.90 124.99
C ILE O 18 28.26 46.07 123.76
N GLN O 19 28.17 46.65 122.57
CA GLN O 19 28.39 45.90 121.33
C GLN O 19 29.56 46.53 120.58
N SER O 20 30.78 46.21 121.01
CA SER O 20 31.99 46.80 120.44
C SER O 20 32.25 46.18 119.07
N THR O 21 31.98 46.96 118.01
CA THR O 21 32.27 46.54 116.65
C THR O 21 32.63 47.78 115.84
N ALA O 22 33.43 47.57 114.79
CA ALA O 22 33.93 48.68 114.00
C ALA O 22 32.80 49.38 113.24
N ASP O 23 32.02 48.63 112.48
CA ASP O 23 30.96 49.21 111.65
C ASP O 23 29.70 49.56 112.44
N ARG O 24 29.63 49.22 113.73
CA ARG O 24 28.44 49.52 114.53
C ARG O 24 28.85 49.50 116.00
N GLN O 25 28.85 50.67 116.63
CA GLN O 25 29.13 50.80 118.06
C GLN O 25 27.83 51.13 118.78
N ILE O 26 27.47 50.29 119.75
CA ILE O 26 26.22 50.41 120.48
C ILE O 26 26.54 50.71 121.94
N PHE O 27 26.21 51.93 122.37
CA PHE O 27 26.35 52.32 123.76
C PHE O 27 24.99 52.30 124.44
N GLU O 28 24.95 51.75 125.65
CA GLU O 28 23.72 51.65 126.43
C GLU O 28 23.91 52.32 127.78
N GLU O 29 22.88 53.01 128.25
CA GLU O 29 22.92 53.65 129.56
C GLU O 29 22.53 52.64 130.64
N LYS O 30 23.30 52.61 131.72
CA LYS O 30 23.07 51.71 132.84
C LYS O 30 22.59 52.52 134.03
N VAL O 31 21.31 52.42 134.35
CA VAL O 31 20.72 53.10 135.50
C VAL O 31 19.87 52.11 136.28
N GLY O 32 18.94 51.45 135.60
CA GLY O 32 18.08 50.48 136.22
C GLY O 32 17.61 49.43 135.25
N PRO O 33 16.40 49.58 134.72
CA PRO O 33 15.89 48.64 133.72
C PRO O 33 16.63 48.82 132.39
N LEU O 34 17.26 47.73 131.92
CA LEU O 34 18.03 47.82 130.69
C LEU O 34 17.13 47.96 129.47
N VAL O 35 15.95 47.31 129.50
CA VAL O 35 15.02 47.42 128.39
C VAL O 35 14.35 48.78 128.42
N GLY O 36 14.21 49.42 127.25
CA GLY O 36 13.61 50.72 127.16
C GLY O 36 14.40 51.80 127.86
N ARG O 37 15.67 51.95 127.47
CA ARG O 37 16.54 52.94 128.09
C ARG O 37 17.17 53.84 127.02
N LEU O 38 18.36 54.36 127.29
CA LEU O 38 19.07 55.24 126.37
C LEU O 38 20.09 54.43 125.59
N ARG O 39 19.99 54.48 124.26
CA ARG O 39 20.91 53.76 123.39
C ARG O 39 21.47 54.71 122.35
N LEU O 40 22.69 54.44 121.92
CA LEU O 40 23.39 55.26 120.94
C LEU O 40 24.10 54.36 119.94
N THR O 41 23.85 54.60 118.66
CA THR O 41 24.43 53.83 117.56
C THR O 41 25.37 54.74 116.77
N ALA O 42 26.62 54.30 116.63
CA ALA O 42 27.63 55.04 115.89
C ALA O 42 28.17 54.19 114.76
N SER O 43 28.37 54.81 113.60
CA SER O 43 28.89 54.10 112.43
C SER O 43 29.81 55.03 111.66
N LEU O 44 30.90 54.46 111.13
CA LEU O 44 31.86 55.20 110.33
C LEU O 44 32.22 54.36 109.10
N ARG O 45 32.27 55.01 107.95
CA ARG O 45 32.54 54.31 106.69
C ARG O 45 33.15 55.28 105.69
N GLN O 46 33.39 54.79 104.48
CA GLN O 46 33.92 55.58 103.37
C GLN O 46 32.80 55.82 102.35
N ASN O 47 33.18 56.19 101.14
CA ASN O 47 32.21 56.49 100.09
C ASN O 47 32.92 56.57 98.74
N GLY O 48 32.21 56.16 97.69
CA GLY O 48 32.70 56.25 96.33
C GLY O 48 34.03 55.58 96.08
N ALA O 49 35.03 56.36 95.68
CA ALA O 49 36.37 55.86 95.41
C ALA O 49 37.38 56.51 96.34
N LYS O 50 37.26 56.24 97.65
CA LYS O 50 38.20 56.73 98.66
C LYS O 50 38.20 58.25 98.79
N THR O 51 37.13 58.92 98.40
CA THR O 51 37.10 60.38 98.36
C THR O 51 36.85 60.95 99.76
N ALA O 52 35.59 60.89 100.21
CA ALA O 52 35.23 61.42 101.52
C ALA O 52 34.90 60.29 102.49
N TYR O 53 34.14 60.60 103.53
CA TYR O 53 33.73 59.61 104.52
C TYR O 53 32.28 59.82 104.87
N ARG O 54 31.74 58.94 105.72
CA ARG O 54 30.35 59.00 106.14
C ARG O 54 30.26 58.56 107.60
N VAL O 55 29.73 59.43 108.44
CA VAL O 55 29.55 59.15 109.86
C VAL O 55 28.07 59.25 110.20
N ASN O 56 27.57 58.25 110.92
CA ASN O 56 26.17 58.20 111.31
C ASN O 56 26.09 58.06 112.83
N LEU O 57 25.26 58.90 113.45
CA LEU O 57 25.07 58.91 114.89
C LEU O 57 23.59 58.98 115.19
N LYS O 58 23.05 57.94 115.83
CA LYS O 58 21.64 57.88 116.20
C LYS O 58 21.52 57.72 117.71
N LEU O 59 20.52 58.38 118.28
CA LEU O 59 20.27 58.34 119.72
C LEU O 59 18.79 58.03 119.94
N ASP O 60 18.52 56.91 120.62
CA ASP O 60 17.15 56.48 120.87
C ASP O 60 16.91 56.37 122.37
N GLN O 61 15.67 56.63 122.77
CA GLN O 61 15.26 56.52 124.17
C GLN O 61 13.76 56.32 124.22
N ALA O 62 13.33 55.14 124.66
CA ALA O 62 11.92 54.78 124.75
C ALA O 62 11.48 54.79 126.21
N ASP O 63 10.39 55.49 126.49
CA ASP O 63 9.86 55.57 127.84
C ASP O 63 9.14 54.27 128.19
N VAL O 64 9.14 53.95 129.49
CA VAL O 64 8.51 52.74 129.99
C VAL O 64 7.48 53.12 131.04
N VAL O 65 6.52 52.21 131.24
CA VAL O 65 5.46 52.39 132.23
C VAL O 65 5.26 51.08 132.97
N ASP O 66 4.78 51.19 134.20
CA ASP O 66 4.59 50.03 135.06
C ASP O 66 3.41 50.28 135.99
N CYS O 67 2.65 49.21 136.27
CA CYS O 67 1.49 49.30 137.13
C CYS O 67 1.58 48.42 138.37
N SER O 68 2.77 47.87 138.67
CA SER O 68 2.90 46.99 139.83
C SER O 68 2.78 47.75 141.14
N THR O 69 2.83 49.08 141.11
CA THR O 69 2.70 49.85 142.34
C THR O 69 1.26 49.85 142.85
N SER O 70 0.28 49.80 141.96
CA SER O 70 -1.12 49.80 142.36
C SER O 70 -1.85 48.58 141.84
N VAL O 71 -1.79 48.35 140.52
CA VAL O 71 -2.45 47.21 139.90
C VAL O 71 -1.66 45.95 140.27
N CYS O 72 -2.40 44.84 140.42
CA CYS O 72 -1.90 43.52 140.80
C CYS O 72 -0.73 43.02 139.96
N GLY O 73 -0.73 43.35 138.68
CA GLY O 73 -0.04 42.57 137.67
C GLY O 73 0.11 43.26 136.33
N GLU O 74 1.29 43.80 136.06
CA GLU O 74 1.57 44.46 134.79
C GLU O 74 3.08 44.60 134.65
N LEU O 75 3.64 43.94 133.64
CA LEU O 75 5.07 44.02 133.40
C LEU O 75 5.44 45.39 132.83
N PRO O 76 6.68 45.85 133.03
CA PRO O 76 7.11 47.12 132.44
C PRO O 76 6.96 47.10 130.92
N LYS O 77 6.15 48.01 130.40
CA LYS O 77 5.82 48.06 128.99
C LYS O 77 6.29 49.38 128.39
N VAL O 78 6.91 49.30 127.21
CA VAL O 78 7.37 50.50 126.53
C VAL O 78 6.18 51.26 125.95
N ARG O 79 6.34 52.58 125.81
CA ARG O 79 5.28 53.42 125.30
C ARG O 79 5.67 53.89 123.92
N TYR O 80 6.28 55.07 123.77
CA TYR O 80 6.67 55.60 122.48
C TYR O 80 8.17 55.43 122.26
N THR O 81 8.60 55.69 121.03
CA THR O 81 10.00 55.57 120.64
C THR O 81 10.42 56.83 119.90
N GLN O 82 11.59 57.36 120.23
CA GLN O 82 12.11 58.56 119.61
C GLN O 82 13.42 58.22 118.88
N VAL O 83 13.54 58.72 117.65
CA VAL O 83 14.70 58.46 116.81
C VAL O 83 15.30 59.81 116.40
N TRP O 84 16.60 59.98 116.68
CA TRP O 84 17.33 61.20 116.33
C TRP O 84 18.64 60.76 115.69
N SER O 85 18.64 60.61 114.37
CA SER O 85 19.81 60.19 113.61
C SER O 85 20.58 61.42 113.10
N HIS O 86 21.79 61.16 112.62
CA HIS O 86 22.66 62.20 112.09
C HIS O 86 23.31 61.71 110.81
N ASP O 87 24.04 62.61 110.16
CA ASP O 87 24.74 62.27 108.91
C ASP O 87 25.87 63.27 108.72
N VAL O 88 27.12 62.79 108.78
CA VAL O 88 28.30 63.63 108.64
C VAL O 88 29.01 63.21 107.36
N THR O 89 29.12 64.13 106.41
CA THR O 89 29.80 63.91 105.14
C THR O 89 30.91 64.95 105.01
N ILE O 90 32.05 64.69 105.63
CA ILE O 90 33.20 65.58 105.62
C ILE O 90 34.33 64.90 104.87
N VAL O 91 34.87 65.60 103.87
CA VAL O 91 35.97 65.04 103.08
C VAL O 91 37.26 65.08 103.90
N ALA O 92 38.21 64.21 103.55
CA ALA O 92 39.47 64.14 104.28
C ALA O 92 40.31 65.39 104.04
N ASN O 93 40.62 65.69 102.78
CA ASN O 93 41.42 66.85 102.42
C ASN O 93 40.55 68.10 102.54
N SER O 94 40.41 68.58 103.77
CA SER O 94 39.61 69.77 104.05
C SER O 94 40.46 70.83 104.73
N THR O 95 39.92 71.46 105.78
CA THR O 95 40.63 72.49 106.52
C THR O 95 40.29 72.36 108.00
N GLU O 96 41.33 72.32 108.83
CA GLU O 96 41.11 72.19 110.27
C GLU O 96 40.41 73.42 110.84
N ALA O 97 40.80 74.61 110.38
CA ALA O 97 40.15 75.83 110.86
C ALA O 97 38.69 75.88 110.43
N SER O 98 38.40 75.47 109.19
CA SER O 98 37.02 75.45 108.72
C SER O 98 36.20 74.43 109.50
N ARG O 99 36.77 73.26 109.79
CA ARG O 99 36.05 72.26 110.57
C ARG O 99 35.79 72.75 111.99
N LYS O 100 36.76 73.44 112.59
CA LYS O 100 36.55 73.98 113.93
C LYS O 100 35.49 75.07 113.93
N SER O 101 35.48 75.93 112.91
CA SER O 101 34.46 76.97 112.83
C SER O 101 33.08 76.35 112.62
N LEU O 102 32.99 75.30 111.81
CA LEU O 102 31.71 74.64 111.60
C LEU O 102 31.22 73.96 112.88
N TYR O 103 32.13 73.34 113.62
CA TYR O 103 31.75 72.72 114.89
C TYR O 103 31.28 73.76 115.90
N ASP O 104 31.97 74.91 115.94
CA ASP O 104 31.56 75.98 116.85
C ASP O 104 30.19 76.53 116.46
N LEU O 105 29.94 76.69 115.16
CA LEU O 105 28.63 77.17 114.71
C LEU O 105 27.54 76.17 115.05
N THR O 106 27.82 74.87 114.88
CA THR O 106 26.83 73.86 115.24
C THR O 106 26.56 73.86 116.74
N LYS O 107 27.62 74.00 117.56
CA LYS O 107 27.43 74.06 119.00
C LYS O 107 26.61 75.27 119.40
N SER O 108 26.87 76.42 118.77
CA SER O 108 26.10 77.63 119.07
C SER O 108 24.64 77.46 118.68
N LEU O 109 24.38 76.88 117.50
CA LEU O 109 23.01 76.66 117.07
C LEU O 109 22.29 75.66 117.98
N VAL O 110 23.02 74.69 118.54
CA VAL O 110 22.40 73.73 119.44
C VAL O 110 22.10 74.39 120.78
N ALA O 111 23.04 75.19 121.30
CA ALA O 111 22.89 75.83 122.60
C ALA O 111 21.98 77.06 122.57
N THR O 112 21.61 77.54 121.39
CA THR O 112 20.73 78.71 121.31
C THR O 112 19.34 78.37 121.83
N SER O 113 18.57 79.41 122.13
CA SER O 113 17.24 79.26 122.68
C SER O 113 16.16 79.05 121.62
N GLN O 114 16.49 79.24 120.35
CA GLN O 114 15.52 79.06 119.27
C GLN O 114 15.21 77.59 119.02
N VAL O 115 16.23 76.73 118.99
CA VAL O 115 16.00 75.31 118.80
C VAL O 115 15.26 74.70 119.99
N GLU O 116 15.55 75.20 121.20
CA GLU O 116 14.83 74.72 122.38
C GLU O 116 13.35 75.04 122.28
N ASP O 117 13.01 76.25 121.83
CA ASP O 117 11.61 76.61 121.66
C ASP O 117 10.97 75.80 120.54
N LEU O 118 11.70 75.59 119.44
CA LEU O 118 11.20 74.75 118.36
C LEU O 118 10.92 73.34 118.82
N VAL O 119 11.73 72.82 119.74
CA VAL O 119 11.52 71.46 120.24
C VAL O 119 10.35 71.41 121.21
N VAL O 120 10.30 72.36 122.15
CA VAL O 120 9.28 72.34 123.20
C VAL O 120 7.93 72.79 122.64
N ASN O 121 7.82 74.07 122.30
CA ASN O 121 6.54 74.65 121.90
C ASN O 121 6.16 74.32 120.46
N LEU O 122 7.00 73.57 119.73
CA LEU O 122 6.72 73.17 118.34
C LEU O 122 6.50 74.38 117.44
N VAL O 123 7.11 75.51 117.78
CA VAL O 123 7.00 76.73 116.99
C VAL O 123 8.12 76.74 115.96
N PRO O 124 7.83 77.04 114.69
CA PRO O 124 8.89 77.03 113.66
C PRO O 124 9.99 78.02 114.00
N LEU O 125 11.22 77.64 113.67
CA LEU O 125 12.40 78.46 113.96
C LEU O 125 12.35 79.74 113.15
N GLY O 126 12.33 80.88 113.84
CA GLY O 126 12.28 82.17 113.18
C GLY O 126 12.14 83.33 114.14
N ARG O 127 13.20 83.64 114.86
CA ARG O 127 13.18 84.74 115.82
C ARG O 127 14.08 85.89 115.36
N SER P 1 2.10 85.23 114.73
CA SER P 1 1.83 85.41 113.31
C SER P 1 0.52 86.14 113.11
N LYS P 2 -0.47 85.47 112.52
CA LYS P 2 -1.82 86.01 112.41
C LYS P 2 -2.64 85.48 113.57
N THR P 3 -3.17 86.39 114.39
CA THR P 3 -3.95 86.04 115.56
C THR P 3 -5.40 86.41 115.36
N ILE P 4 -6.29 85.54 115.83
CA ILE P 4 -7.73 85.74 115.75
C ILE P 4 -8.31 85.60 117.15
N VAL P 5 -9.01 86.62 117.62
CA VAL P 5 -9.60 86.64 118.96
C VAL P 5 -11.09 86.37 118.84
N LEU P 6 -11.57 85.36 119.56
CA LEU P 6 -12.98 84.99 119.57
C LEU P 6 -13.52 85.15 120.98
N SER P 7 -14.64 85.85 121.11
CA SER P 7 -15.27 86.11 122.40
C SER P 7 -16.43 85.13 122.58
N VAL P 8 -16.33 84.30 123.62
CA VAL P 8 -17.38 83.32 123.91
C VAL P 8 -18.41 83.85 124.90
N GLY P 9 -18.12 84.96 125.57
CA GLY P 9 -19.04 85.51 126.55
C GLY P 9 -18.34 85.93 127.83
N GLU P 10 -17.50 85.04 128.36
CA GLU P 10 -16.74 85.32 129.57
C GLU P 10 -15.23 85.19 129.38
N ALA P 11 -14.77 84.45 128.37
CA ALA P 11 -13.36 84.29 128.09
C ALA P 11 -13.10 84.56 126.62
N THR P 12 -11.83 84.77 126.29
CA THR P 12 -11.40 85.07 124.92
C THR P 12 -10.43 84.00 124.46
N ARG P 13 -10.73 83.38 123.33
CA ARG P 13 -9.87 82.35 122.75
C ARG P 13 -9.04 82.96 121.62
N THR P 14 -7.82 82.44 121.46
CA THR P 14 -6.87 82.95 120.49
C THR P 14 -6.48 81.83 119.53
N LEU P 15 -6.68 82.08 118.24
CA LEU P 15 -6.27 81.16 117.19
C LEU P 15 -5.07 81.75 116.45
N THR P 16 -4.06 80.92 116.20
CA THR P 16 -2.83 81.35 115.58
C THR P 16 -2.64 80.69 114.23
N GLU P 17 -2.17 81.46 113.26
CA GLU P 17 -1.86 80.92 111.93
C GLU P 17 -0.66 79.99 112.02
N ILE P 18 -0.76 78.79 111.42
CA ILE P 18 0.32 77.82 111.50
C ILE P 18 0.83 77.42 110.12
N GLN P 19 -0.04 77.22 109.14
CA GLN P 19 0.36 76.75 107.82
C GLN P 19 -0.05 77.80 106.79
N SER P 20 0.74 78.85 106.67
CA SER P 20 0.44 79.97 105.79
C SER P 20 0.70 79.56 104.34
N THR P 21 -0.37 79.32 103.60
CA THR P 21 -0.28 79.01 102.18
C THR P 21 -1.51 79.57 101.48
N ALA P 22 -1.36 79.87 100.18
CA ALA P 22 -2.42 80.51 99.43
C ALA P 22 -3.63 79.59 99.28
N ASP P 23 -3.40 78.39 98.76
CA ASP P 23 -4.49 77.45 98.49
C ASP P 23 -4.99 76.72 99.73
N ARG P 24 -4.35 76.91 100.88
CA ARG P 24 -4.77 76.22 102.10
C ARG P 24 -4.22 77.01 103.29
N GLN P 25 -5.12 77.64 104.05
CA GLN P 25 -4.76 78.36 105.26
C GLN P 25 -5.26 77.57 106.47
N ILE P 26 -4.35 77.21 107.37
CA ILE P 26 -4.65 76.37 108.52
C ILE P 26 -4.43 77.20 109.78
N PHE P 27 -5.51 77.53 110.48
CA PHE P 27 -5.45 78.22 111.76
C PHE P 27 -5.67 77.22 112.88
N GLU P 28 -4.85 77.32 113.93
CA GLU P 28 -4.94 76.44 115.08
C GLU P 28 -5.10 77.26 116.34
N GLU P 29 -5.93 76.78 117.26
CA GLU P 29 -6.14 77.45 118.54
C GLU P 29 -5.06 77.03 119.52
N LYS P 30 -4.48 78.01 120.23
CA LYS P 30 -3.43 77.78 121.20
C LYS P 30 -3.99 78.04 122.60
N VAL P 31 -4.22 76.96 123.35
CA VAL P 31 -4.71 77.06 124.72
C VAL P 31 -3.86 76.17 125.61
N GLY P 32 -3.75 74.89 125.24
CA GLY P 32 -2.96 73.95 126.00
C GLY P 32 -2.42 72.83 125.12
N PRO P 33 -3.09 71.68 125.12
CA PRO P 33 -2.67 70.57 124.24
C PRO P 33 -2.96 70.90 122.79
N LEU P 34 -1.91 70.90 121.96
CA LEU P 34 -2.08 71.23 120.56
C LEU P 34 -2.83 70.14 119.80
N VAL P 35 -2.62 68.88 120.17
CA VAL P 35 -3.30 67.77 119.51
C VAL P 35 -4.75 67.73 120.00
N GLY P 36 -5.68 67.53 119.07
CA GLY P 36 -7.09 67.48 119.41
C GLY P 36 -7.63 68.80 119.90
N ARG P 37 -7.46 69.85 119.10
CA ARG P 37 -7.93 71.18 119.47
C ARG P 37 -8.83 71.75 118.40
N LEU P 38 -8.86 73.09 118.28
CA LEU P 38 -9.68 73.78 117.30
C LEU P 38 -8.84 74.12 116.08
N ARG P 39 -9.28 73.66 114.92
CA ARG P 39 -8.58 73.92 113.66
C ARG P 39 -9.55 74.48 112.64
N LEU P 40 -9.03 75.31 111.74
CA LEU P 40 -9.83 75.96 110.71
C LEU P 40 -9.06 75.92 109.40
N THR P 41 -9.71 75.42 108.35
CA THR P 41 -9.13 75.31 107.02
C THR P 41 -9.87 76.25 106.08
N ALA P 42 -9.12 77.12 105.42
CA ALA P 42 -9.67 78.08 104.47
C ALA P 42 -9.03 77.88 103.10
N SER P 43 -9.85 77.96 102.06
CA SER P 43 -9.38 77.79 100.70
C SER P 43 -10.13 78.73 99.77
N LEU P 44 -9.43 79.30 98.80
CA LEU P 44 -10.00 80.20 97.80
C LEU P 44 -9.46 79.82 96.43
N ARG P 45 -10.35 79.78 95.45
CA ARG P 45 -9.98 79.36 94.10
C ARG P 45 -10.95 79.99 93.10
N GLN P 46 -10.77 79.65 91.83
CA GLN P 46 -11.62 80.09 90.73
C GLN P 46 -12.46 78.91 90.25
N ASN P 47 -13.03 79.03 89.04
CA ASN P 47 -13.88 77.99 88.50
C ASN P 47 -14.11 78.25 87.01
N GLY P 48 -14.25 77.16 86.25
CA GLY P 48 -14.55 77.22 84.84
C GLY P 48 -13.58 78.04 84.01
N ALA P 49 -14.08 79.11 83.39
CA ALA P 49 -13.28 79.99 82.56
C ALA P 49 -13.30 81.40 83.13
N LYS P 50 -12.74 81.58 84.34
CA LYS P 50 -12.60 82.89 84.98
C LYS P 50 -13.94 83.53 85.32
N THR P 51 -15.00 82.74 85.45
CA THR P 51 -16.34 83.27 85.65
C THR P 51 -16.55 83.68 87.11
N ALA P 52 -16.77 82.71 87.98
CA ALA P 52 -17.01 82.98 89.39
C ALA P 52 -15.83 82.54 90.24
N TYR P 53 -16.06 82.29 91.53
CA TYR P 53 -15.02 81.85 92.44
C TYR P 53 -15.58 80.76 93.34
N ARG P 54 -14.71 80.20 94.18
CA ARG P 54 -15.08 79.14 95.10
C ARG P 54 -14.31 79.32 96.39
N VAL P 55 -15.05 79.44 97.50
CA VAL P 55 -14.45 79.60 98.83
C VAL P 55 -14.93 78.44 99.71
N ASN P 56 -13.98 77.83 100.40
CA ASN P 56 -14.26 76.70 101.28
C ASN P 56 -13.75 77.03 102.68
N LEU P 57 -14.60 76.82 103.68
CA LEU P 57 -14.27 77.08 105.08
C LEU P 57 -14.72 75.90 105.92
N LYS P 58 -13.78 75.22 106.56
CA LYS P 58 -14.06 74.07 107.40
C LYS P 58 -13.54 74.34 108.81
N LEU P 59 -14.31 73.89 109.81
CA LEU P 59 -13.94 74.09 111.21
C LEU P 59 -14.06 72.75 111.93
N ASP P 60 -12.96 72.26 112.48
CA ASP P 60 -12.93 70.98 113.16
C ASP P 60 -12.49 71.16 114.61
N GLN P 61 -13.01 70.30 115.48
CA GLN P 61 -12.66 70.32 116.90
C GLN P 61 -12.93 68.94 117.48
N ALA P 62 -11.87 68.24 117.88
CA ALA P 62 -11.97 66.90 118.43
C ALA P 62 -11.72 66.95 119.92
N ASP P 63 -12.63 66.36 120.69
CA ASP P 63 -12.49 66.31 122.14
C ASP P 63 -11.45 65.28 122.55
N VAL P 64 -10.79 65.54 123.69
CA VAL P 64 -9.75 64.67 124.20
C VAL P 64 -10.13 64.22 125.60
N VAL P 65 -9.56 63.09 126.02
CA VAL P 65 -9.79 62.53 127.35
C VAL P 65 -8.46 62.06 127.90
N ASP P 66 -8.36 62.05 129.23
CA ASP P 66 -7.13 61.67 129.92
C ASP P 66 -7.48 61.01 131.26
N CYS P 67 -6.69 60.02 131.63
CA CYS P 67 -6.89 59.29 132.87
C CYS P 67 -5.72 59.40 133.84
N SER P 68 -4.75 60.29 133.58
CA SER P 68 -3.61 60.41 134.47
C SER P 68 -3.96 60.98 135.83
N THR P 69 -5.17 61.55 135.97
CA THR P 69 -5.57 62.09 137.27
C THR P 69 -5.88 60.99 138.28
N SER P 70 -6.40 59.86 137.81
CA SER P 70 -6.73 58.76 138.71
C SER P 70 -5.99 57.48 138.32
N VAL P 71 -6.14 57.06 137.07
CA VAL P 71 -5.48 55.86 136.58
C VAL P 71 -3.99 56.15 136.43
N CYS P 72 -3.17 55.12 136.70
CA CYS P 72 -1.70 55.12 136.65
C CYS P 72 -1.11 55.71 135.38
N GLY P 73 -1.77 55.48 134.24
CA GLY P 73 -1.12 55.48 132.95
C GLY P 73 -2.07 55.48 131.77
N GLU P 74 -2.26 56.65 131.16
CA GLU P 74 -3.11 56.77 129.98
C GLU P 74 -2.80 58.09 129.31
N LEU P 75 -2.30 58.04 128.07
CA LEU P 75 -1.99 59.25 127.34
C LEU P 75 -3.28 59.94 126.88
N PRO P 76 -3.24 61.25 126.66
CA PRO P 76 -4.42 61.95 126.14
C PRO P 76 -4.86 61.38 124.80
N LYS P 77 -6.09 60.87 124.77
CA LYS P 77 -6.64 60.18 123.61
C LYS P 77 -7.85 60.93 123.08
N VAL P 78 -7.91 61.09 121.75
CA VAL P 78 -9.03 61.77 121.14
C VAL P 78 -10.26 60.86 121.16
N ARG P 79 -11.44 61.48 121.17
CA ARG P 79 -12.69 60.73 121.23
C ARG P 79 -13.37 60.86 119.88
N TYR P 80 -14.28 61.80 119.68
CA TYR P 80 -15.00 61.97 118.43
C TYR P 80 -14.43 63.14 117.65
N THR P 81 -14.87 63.27 116.40
CA THR P 81 -14.43 64.33 115.50
C THR P 81 -15.64 64.95 114.85
N GLN P 82 -15.66 66.28 114.80
CA GLN P 82 -16.75 67.03 114.20
C GLN P 82 -16.24 67.82 113.00
N VAL P 83 -16.99 67.76 111.90
CA VAL P 83 -16.62 68.43 110.65
C VAL P 83 -17.76 69.35 110.25
N TRP P 84 -17.43 70.63 110.04
CA TRP P 84 -18.39 71.65 109.63
C TRP P 84 -17.76 72.45 108.48
N SER P 85 -17.99 71.98 107.26
CA SER P 85 -17.46 72.62 106.06
C SER P 85 -18.45 73.61 105.49
N HIS P 86 -17.97 74.43 104.55
CA HIS P 86 -18.79 75.44 103.90
C HIS P 86 -18.49 75.44 102.41
N ASP P 87 -19.25 76.24 101.67
CA ASP P 87 -19.07 76.34 100.23
C ASP P 87 -19.67 77.67 99.77
N VAL P 88 -18.83 78.58 99.29
CA VAL P 88 -19.25 79.89 98.83
C VAL P 88 -18.99 79.98 97.34
N THR P 89 -20.07 80.17 96.56
CA THR P 89 -19.99 80.30 95.11
C THR P 89 -20.63 81.63 94.73
N ILE P 90 -19.85 82.70 94.83
CA ILE P 90 -20.30 84.05 94.52
C ILE P 90 -19.54 84.54 93.31
N VAL P 91 -20.27 85.00 92.28
CA VAL P 91 -19.63 85.51 91.08
C VAL P 91 -19.04 86.89 91.36
N ALA P 92 -18.05 87.27 90.55
CA ALA P 92 -17.39 88.56 90.73
C ALA P 92 -18.32 89.71 90.37
N ASN P 93 -18.84 89.72 89.15
CA ASN P 93 -19.74 90.77 88.69
C ASN P 93 -21.11 90.54 89.31
N SER P 94 -21.25 90.97 90.57
CA SER P 94 -22.51 90.83 91.29
C SER P 94 -23.02 92.18 91.75
N THR P 95 -23.47 92.26 93.00
CA THR P 95 -23.98 93.50 93.57
C THR P 95 -23.56 93.59 95.03
N GLU P 96 -22.96 94.73 95.41
CA GLU P 96 -22.53 94.91 96.79
C GLU P 96 -23.71 94.95 97.75
N ALA P 97 -24.79 95.62 97.35
CA ALA P 97 -25.98 95.67 98.21
C ALA P 97 -26.60 94.29 98.37
N SER P 98 -26.66 93.52 97.28
CA SER P 98 -27.21 92.16 97.37
C SER P 98 -26.32 91.27 98.24
N ARG P 99 -25.01 91.41 98.12
CA ARG P 99 -24.10 90.62 98.96
C ARG P 99 -24.25 91.00 100.43
N LYS P 100 -24.39 92.29 100.72
CA LYS P 100 -24.58 92.73 102.10
C LYS P 100 -25.90 92.21 102.66
N SER P 101 -26.97 92.26 101.85
CA SER P 101 -28.26 91.74 102.31
C SER P 101 -28.19 90.23 102.56
N LEU P 102 -27.50 89.51 101.68
CA LEU P 102 -27.36 88.06 101.88
C LEU P 102 -26.55 87.76 103.14
N TYR P 103 -25.49 88.52 103.39
CA TYR P 103 -24.69 88.32 104.60
C TYR P 103 -25.51 88.62 105.84
N ASP P 104 -26.33 89.68 105.80
CA ASP P 104 -27.18 90.01 106.94
C ASP P 104 -28.23 88.92 107.18
N LEU P 105 -28.81 88.38 106.10
CA LEU P 105 -29.77 87.29 106.25
C LEU P 105 -29.12 86.05 106.84
N THR P 106 -27.90 85.73 106.39
CA THR P 106 -27.19 84.58 106.93
C THR P 106 -26.86 84.78 108.40
N LYS P 107 -26.43 86.00 108.77
CA LYS P 107 -26.14 86.29 110.18
C LYS P 107 -27.40 86.18 111.03
N SER P 108 -28.54 86.66 110.52
CA SER P 108 -29.79 86.55 111.27
C SER P 108 -30.21 85.10 111.43
N LEU P 109 -30.09 84.30 110.36
CA LEU P 109 -30.44 82.89 110.45
C LEU P 109 -29.51 82.13 111.40
N VAL P 110 -28.24 82.55 111.49
CA VAL P 110 -27.33 81.91 112.42
C VAL P 110 -27.64 82.30 113.85
N ALA P 111 -27.94 83.58 114.09
CA ALA P 111 -28.20 84.08 115.43
C ALA P 111 -29.61 83.77 115.92
N THR P 112 -30.49 83.29 115.06
CA THR P 112 -31.85 82.96 115.49
C THR P 112 -31.84 81.76 116.43
N SER P 113 -32.95 81.59 117.14
CA SER P 113 -33.09 80.53 118.13
C SER P 113 -33.52 79.20 117.53
N GLN P 114 -33.95 79.19 116.26
CA GLN P 114 -34.38 77.95 115.62
C GLN P 114 -33.21 77.04 115.29
N VAL P 115 -32.11 77.58 114.76
CA VAL P 115 -30.95 76.76 114.46
C VAL P 115 -30.31 76.24 115.73
N GLU P 116 -30.33 77.03 116.81
CA GLU P 116 -29.80 76.57 118.08
C GLU P 116 -30.59 75.37 118.59
N ASP P 117 -31.93 75.43 118.50
CA ASP P 117 -32.74 74.29 118.91
C ASP P 117 -32.52 73.08 118.01
N LEU P 118 -32.39 73.32 116.70
CA LEU P 118 -32.10 72.22 115.77
C LEU P 118 -30.77 71.56 116.09
N VAL P 119 -29.79 72.33 116.56
CA VAL P 119 -28.48 71.77 116.89
C VAL P 119 -28.53 71.02 118.22
N VAL P 120 -29.16 71.61 119.23
CA VAL P 120 -29.17 71.03 120.57
C VAL P 120 -30.16 69.87 120.64
N ASN P 121 -31.45 70.17 120.55
CA ASN P 121 -32.49 69.17 120.74
C ASN P 121 -32.71 68.28 119.52
N LEU P 122 -31.97 68.51 118.43
CA LEU P 122 -32.08 67.69 117.21
C LEU P 122 -33.50 67.72 116.65
N VAL P 123 -34.23 68.80 116.89
CA VAL P 123 -35.59 68.95 116.38
C VAL P 123 -35.53 69.62 115.02
N PRO P 124 -36.23 69.11 114.01
CA PRO P 124 -36.17 69.73 112.68
C PRO P 124 -36.63 71.18 112.71
N LEU P 125 -35.99 72.00 111.89
CA LEU P 125 -36.28 73.44 111.85
C LEU P 125 -37.69 73.66 111.31
N GLY P 126 -38.55 74.29 112.11
CA GLY P 126 -39.90 74.56 111.72
C GLY P 126 -40.75 75.18 112.82
N ARG P 127 -40.49 76.44 113.12
CA ARG P 127 -41.23 77.13 114.17
C ARG P 127 -42.12 78.23 113.58
N SER Q 1 -45.46 67.28 117.43
CA SER Q 1 -46.10 66.71 116.25
C SER Q 1 -47.23 65.77 116.65
N LYS Q 2 -47.07 64.47 116.37
CA LYS Q 2 -48.02 63.47 116.84
C LYS Q 2 -47.48 62.87 118.14
N THR Q 3 -48.25 63.00 119.22
CA THR Q 3 -47.85 62.54 120.54
C THR Q 3 -48.69 61.34 120.94
N ILE Q 4 -48.05 60.36 121.57
CA ILE Q 4 -48.71 59.14 122.06
C ILE Q 4 -48.37 59.00 123.53
N VAL Q 5 -49.40 58.91 124.38
CA VAL Q 5 -49.24 58.79 125.82
C VAL Q 5 -49.49 57.35 126.22
N LEU Q 6 -48.52 56.74 126.91
CA LEU Q 6 -48.62 55.37 127.38
C LEU Q 6 -48.53 55.36 128.89
N SER Q 7 -49.50 54.69 129.53
CA SER Q 7 -49.57 54.60 130.99
C SER Q 7 -48.99 53.27 131.43
N VAL Q 8 -47.92 53.34 132.22
CA VAL Q 8 -47.28 52.12 132.73
C VAL Q 8 -47.81 51.72 134.10
N GLY Q 9 -48.56 52.58 134.78
CA GLY Q 9 -49.08 52.28 136.10
C GLY Q 9 -48.89 53.42 137.07
N GLU Q 10 -47.67 53.97 137.12
CA GLU Q 10 -47.36 55.09 137.99
C GLU Q 10 -46.83 56.31 137.25
N ALA Q 11 -46.29 56.13 136.04
CA ALA Q 11 -45.77 57.23 135.23
C ALA Q 11 -46.35 57.13 133.83
N THR Q 12 -46.23 58.23 133.08
CA THR Q 12 -46.74 58.33 131.72
C THR Q 12 -45.58 58.64 130.78
N ARG Q 13 -45.41 57.81 129.76
CA ARG Q 13 -44.38 57.99 128.75
C ARG Q 13 -44.97 58.63 127.51
N THR Q 14 -44.17 59.45 126.83
CA THR Q 14 -44.61 60.20 125.67
C THR Q 14 -43.73 59.83 124.48
N LEU Q 15 -44.36 59.38 123.40
CA LEU Q 15 -43.69 59.08 122.15
C LEU Q 15 -44.05 60.15 121.13
N THR Q 16 -43.05 60.63 120.40
CA THR Q 16 -43.23 61.72 119.44
C THR Q 16 -42.93 61.22 118.03
N GLU Q 17 -43.76 61.65 117.08
CA GLU Q 17 -43.53 61.33 115.67
C GLU Q 17 -42.29 62.05 115.17
N ILE Q 18 -41.39 61.33 114.48
CA ILE Q 18 -40.15 61.92 114.01
C ILE Q 18 -40.00 61.82 112.49
N GLN Q 19 -40.35 60.68 111.89
CA GLN Q 19 -40.16 60.49 110.45
C GLN Q 19 -41.52 60.23 109.82
N SER Q 20 -42.27 61.31 109.58
CA SER Q 20 -43.63 61.21 109.04
C SER Q 20 -43.57 60.87 107.55
N THR Q 21 -43.89 59.61 107.23
CA THR Q 21 -43.95 59.15 105.85
C THR Q 21 -45.04 58.09 105.75
N ALA Q 22 -45.62 57.98 104.55
CA ALA Q 22 -46.74 57.06 104.34
C ALA Q 22 -46.31 55.62 104.50
N ASP Q 23 -45.28 55.20 103.77
CA ASP Q 23 -44.85 53.81 103.78
C ASP Q 23 -44.00 53.45 104.99
N ARG Q 24 -43.65 54.42 105.85
CA ARG Q 24 -42.84 54.13 107.02
C ARG Q 24 -43.05 55.26 108.02
N GLN Q 25 -43.70 54.94 109.15
CA GLN Q 25 -43.91 55.88 110.24
C GLN Q 25 -43.02 55.48 111.41
N ILE Q 26 -42.17 56.41 111.84
CA ILE Q 26 -41.19 56.14 112.89
C ILE Q 26 -41.53 57.03 114.08
N PHE Q 27 -41.97 56.40 115.17
CA PHE Q 27 -42.23 57.10 116.42
C PHE Q 27 -41.08 56.84 117.39
N GLU Q 28 -40.64 57.90 118.06
CA GLU Q 28 -39.55 57.82 119.03
C GLU Q 28 -40.02 58.35 120.36
N GLU Q 29 -39.57 57.71 121.45
CA GLU Q 29 -39.90 58.16 122.79
C GLU Q 29 -38.91 59.23 123.24
N LYS Q 30 -39.44 60.31 123.81
CA LYS Q 30 -38.63 61.43 124.28
C LYS Q 30 -38.66 61.44 125.81
N VAL Q 31 -37.55 61.04 126.43
CA VAL Q 31 -37.42 61.05 127.88
C VAL Q 31 -36.10 61.70 128.26
N GLY Q 32 -35.00 61.20 127.68
CA GLY Q 32 -33.69 61.74 127.94
C GLY Q 32 -32.76 61.54 126.77
N PRO Q 33 -31.91 60.50 126.85
CA PRO Q 33 -31.01 60.19 125.73
C PRO Q 33 -31.79 59.64 124.54
N LEU Q 34 -31.68 60.31 123.40
CA LEU Q 34 -32.43 59.90 122.22
C LEU Q 34 -31.86 58.60 121.64
N VAL Q 35 -30.55 58.41 121.71
CA VAL Q 35 -29.95 57.19 121.20
C VAL Q 35 -30.21 56.05 122.18
N GLY Q 36 -30.57 54.89 121.64
CA GLY Q 36 -30.87 53.73 122.46
C GLY Q 36 -32.12 53.91 123.30
N ARG Q 37 -33.24 54.23 122.67
CA ARG Q 37 -34.49 54.44 123.38
C ARG Q 37 -35.60 53.56 122.81
N LEU Q 38 -36.84 54.02 122.91
CA LEU Q 38 -37.99 53.28 122.41
C LEU Q 38 -38.37 53.80 121.04
N ARG Q 39 -38.42 52.90 120.05
CA ARG Q 39 -38.78 53.25 118.69
C ARG Q 39 -39.86 52.31 118.19
N LEU Q 40 -40.70 52.83 117.31
CA LEU Q 40 -41.82 52.08 116.75
C LEU Q 40 -41.91 52.37 115.25
N THR Q 41 -41.94 51.30 114.45
CA THR Q 41 -42.02 51.38 113.01
C THR Q 41 -43.36 50.82 112.54
N ALA Q 42 -44.11 51.63 111.80
CA ALA Q 42 -45.40 51.24 111.27
C ALA Q 42 -45.40 51.32 109.75
N SER Q 43 -46.01 50.34 109.11
CA SER Q 43 -46.08 50.30 107.65
C SER Q 43 -47.42 49.73 107.23
N LEU Q 44 -47.97 50.29 106.16
CA LEU Q 44 -49.24 49.84 105.59
C LEU Q 44 -49.11 49.77 104.09
N ARG Q 45 -49.61 48.69 103.49
CA ARG Q 45 -49.50 48.46 102.06
C ARG Q 45 -50.64 47.57 101.59
N GLN Q 46 -50.61 47.23 100.31
CA GLN Q 46 -51.57 46.34 99.68
C GLN Q 46 -50.90 45.00 99.37
N ASN Q 47 -51.52 44.21 98.50
CA ASN Q 47 -50.98 42.90 98.14
C ASN Q 47 -51.69 42.37 96.90
N GLY Q 48 -50.94 41.61 96.10
CA GLY Q 48 -51.49 40.95 94.92
C GLY Q 48 -52.16 41.88 93.93
N ALA Q 49 -53.45 41.68 93.71
CA ALA Q 49 -54.24 42.48 92.78
C ALA Q 49 -55.37 43.17 93.52
N LYS Q 50 -55.03 44.09 94.44
CA LYS Q 50 -56.00 44.90 95.17
C LYS Q 50 -56.90 44.07 96.08
N THR Q 51 -56.47 42.87 96.47
CA THR Q 51 -57.34 41.96 97.23
C THR Q 51 -57.38 42.35 98.71
N ALA Q 52 -56.32 42.04 99.45
CA ALA Q 52 -56.25 42.34 100.87
C ALA Q 52 -55.25 43.45 101.15
N TYR Q 53 -54.75 43.52 102.37
CA TYR Q 53 -53.78 44.53 102.76
C TYR Q 53 -52.71 43.88 103.64
N ARG Q 54 -51.71 44.67 104.00
CA ARG Q 54 -50.60 44.20 104.82
C ARG Q 54 -50.17 45.31 105.76
N VAL Q 55 -50.21 45.04 107.06
CA VAL Q 55 -49.81 46.00 108.09
C VAL Q 55 -48.67 45.40 108.88
N ASN Q 56 -47.62 46.20 109.08
CA ASN Q 56 -46.45 45.76 109.84
C ASN Q 56 -46.20 46.74 110.97
N LEU Q 57 -46.00 46.20 112.17
CA LEU Q 57 -45.75 47.00 113.37
C LEU Q 57 -44.59 46.38 114.14
N LYS Q 58 -43.50 47.14 114.27
CA LYS Q 58 -42.32 46.69 114.98
C LYS Q 58 -42.02 47.65 116.13
N LEU Q 59 -41.58 47.11 117.26
CA LEU Q 59 -41.25 47.91 118.44
C LEU Q 59 -39.89 47.48 118.94
N ASP Q 60 -38.95 48.43 118.97
CA ASP Q 60 -37.58 48.16 119.39
C ASP Q 60 -37.22 49.03 120.59
N GLN Q 61 -36.35 48.49 121.45
CA GLN Q 61 -35.88 49.22 122.63
C GLN Q 61 -34.55 48.62 123.06
N ALA Q 62 -33.49 49.39 122.92
CA ALA Q 62 -32.14 48.94 123.26
C ALA Q 62 -31.69 49.61 124.56
N ASP Q 63 -31.24 48.81 125.51
CA ASP Q 63 -30.75 49.34 126.79
C ASP Q 63 -29.38 49.98 126.61
N VAL Q 64 -29.10 50.96 127.46
CA VAL Q 64 -27.84 51.70 127.42
C VAL Q 64 -27.17 51.59 128.79
N VAL Q 65 -25.85 51.77 128.78
CA VAL Q 65 -25.06 51.74 130.00
C VAL Q 65 -24.06 52.89 129.96
N ASP Q 66 -23.65 53.36 131.13
CA ASP Q 66 -22.74 54.49 131.26
C ASP Q 66 -21.89 54.31 132.51
N CYS Q 67 -20.63 54.74 132.42
CA CYS Q 67 -19.69 54.64 133.52
C CYS Q 67 -19.16 55.99 133.99
N SER Q 68 -19.74 57.09 133.54
CA SER Q 68 -19.26 58.41 133.94
C SER Q 68 -19.52 58.71 135.41
N THR Q 69 -20.37 57.91 136.08
CA THR Q 69 -20.65 58.13 137.48
C THR Q 69 -19.46 57.74 138.37
N SER Q 70 -18.72 56.71 137.96
CA SER Q 70 -17.57 56.25 138.74
C SER Q 70 -16.29 56.30 137.93
N VAL Q 71 -16.29 55.65 136.76
CA VAL Q 71 -15.12 55.62 135.89
C VAL Q 71 -14.96 56.99 135.25
N CYS Q 72 -13.70 57.39 135.04
CA CYS Q 72 -13.27 58.67 134.46
C CYS Q 72 -13.97 59.04 133.16
N GLY Q 73 -14.25 58.05 132.33
CA GLY Q 73 -14.40 58.24 130.90
C GLY Q 73 -15.03 57.08 130.17
N GLU Q 74 -16.31 57.18 129.86
CA GLU Q 74 -17.01 56.14 129.10
C GLU Q 74 -18.30 56.74 128.57
N LEU Q 75 -18.44 56.79 127.24
CA LEU Q 75 -19.64 57.31 126.63
C LEU Q 75 -20.79 56.32 126.79
N PRO Q 76 -22.04 56.79 126.77
CA PRO Q 76 -23.19 55.88 126.83
C PRO Q 76 -23.16 54.88 125.68
N LYS Q 77 -23.09 53.60 126.04
CA LYS Q 77 -22.95 52.52 125.06
C LYS Q 77 -24.16 51.60 125.13
N VAL Q 78 -24.68 51.23 123.96
CA VAL Q 78 -25.82 50.31 123.91
C VAL Q 78 -25.36 48.90 124.25
N ARG Q 79 -26.29 48.11 124.79
CA ARG Q 79 -25.98 46.74 125.19
C ARG Q 79 -26.67 45.81 124.21
N TYR Q 80 -27.88 45.32 124.52
CA TYR Q 80 -28.59 44.39 123.65
C TYR Q 80 -29.69 45.12 122.89
N THR Q 81 -30.28 44.41 121.93
CA THR Q 81 -31.36 44.95 121.10
C THR Q 81 -32.49 43.94 121.04
N GLN Q 82 -33.72 44.42 121.21
CA GLN Q 82 -34.90 43.59 121.18
C GLN Q 82 -35.78 44.00 119.99
N VAL Q 83 -36.26 42.99 119.25
CA VAL Q 83 -37.09 43.21 118.06
C VAL Q 83 -38.40 42.45 118.26
N TRP Q 84 -39.51 43.18 118.14
CA TRP Q 84 -40.85 42.60 118.26
C TRP Q 84 -41.69 43.13 117.11
N SER Q 85 -41.68 42.40 115.99
CA SER Q 85 -42.42 42.78 114.79
C SER Q 85 -43.79 42.11 114.78
N HIS Q 86 -44.65 42.59 113.87
CA HIS Q 86 -45.99 42.06 113.72
C HIS Q 86 -46.30 41.90 112.24
N ASP Q 87 -47.47 41.32 111.96
CA ASP Q 87 -47.90 41.11 110.58
C ASP Q 87 -49.42 40.96 110.59
N VAL Q 88 -50.12 41.91 109.96
CA VAL Q 88 -51.57 41.92 109.90
C VAL Q 88 -51.98 41.74 108.44
N THR Q 89 -52.68 40.65 108.15
CA THR Q 89 -53.18 40.34 106.81
C THR Q 89 -54.70 40.19 106.89
N ILE Q 90 -55.41 41.32 106.86
CA ILE Q 90 -56.86 41.35 106.94
C ILE Q 90 -57.40 41.86 105.62
N VAL Q 91 -58.32 41.10 105.02
CA VAL Q 91 -58.92 41.51 103.76
C VAL Q 91 -59.90 42.64 103.99
N ALA Q 92 -60.17 43.42 102.94
CA ALA Q 92 -61.08 44.55 103.05
C ALA Q 92 -62.51 44.07 103.25
N ASN Q 93 -63.02 43.27 102.32
CA ASN Q 93 -64.39 42.75 102.39
C ASN Q 93 -64.43 41.64 103.43
N SER Q 94 -64.53 42.04 104.70
CA SER Q 94 -64.59 41.09 105.79
C SER Q 94 -65.86 41.30 106.61
N THR Q 95 -65.72 41.30 107.94
CA THR Q 95 -66.86 41.50 108.83
C THR Q 95 -66.42 42.32 110.03
N GLU Q 96 -67.16 43.39 110.33
CA GLU Q 96 -66.83 44.25 111.45
C GLU Q 96 -66.96 43.50 112.77
N ALA Q 97 -68.01 42.69 112.92
CA ALA Q 97 -68.20 41.93 114.15
C ALA Q 97 -67.09 40.89 114.32
N SER Q 98 -66.70 40.22 113.23
CA SER Q 98 -65.62 39.26 113.31
C SER Q 98 -64.29 39.93 113.65
N ARG Q 99 -64.04 41.11 113.07
CA ARG Q 99 -62.80 41.83 113.39
C ARG Q 99 -62.79 42.27 114.85
N LYS Q 100 -63.94 42.74 115.36
CA LYS Q 100 -64.01 43.14 116.77
C LYS Q 100 -63.81 41.95 117.69
N SER Q 101 -64.41 40.79 117.35
CA SER Q 101 -64.21 39.60 118.16
C SER Q 101 -62.75 39.14 118.14
N LEU Q 102 -62.10 39.22 116.98
CA LEU Q 102 -60.70 38.84 116.89
C LEU Q 102 -59.82 39.79 117.70
N TYR Q 103 -60.12 41.10 117.65
CA TYR Q 103 -59.36 42.06 118.45
C TYR Q 103 -59.56 41.81 119.94
N ASP Q 104 -60.79 41.51 120.34
CA ASP Q 104 -61.04 41.21 121.76
C ASP Q 104 -60.31 39.94 122.20
N LEU Q 105 -60.29 38.91 121.35
CA LEU Q 105 -59.56 37.70 121.68
C LEU Q 105 -58.07 37.96 121.79
N THR Q 106 -57.52 38.77 120.88
CA THR Q 106 -56.10 39.11 120.95
C THR Q 106 -55.79 39.90 122.21
N LYS Q 107 -56.66 40.85 122.58
CA LYS Q 107 -56.45 41.62 123.80
C LYS Q 107 -56.50 40.72 125.02
N SER Q 108 -57.43 39.76 125.05
CA SER Q 108 -57.52 38.85 126.18
C SER Q 108 -56.29 37.96 126.26
N LEU Q 109 -55.81 37.46 125.12
CA LEU Q 109 -54.61 36.62 125.13
C LEU Q 109 -53.38 37.42 125.54
N VAL Q 110 -53.34 38.72 125.22
CA VAL Q 110 -52.21 39.55 125.64
C VAL Q 110 -52.28 39.83 127.13
N ALA Q 111 -53.48 40.14 127.64
CA ALA Q 111 -53.64 40.48 129.05
C ALA Q 111 -53.66 39.27 129.96
N THR Q 112 -53.74 38.06 129.43
CA THR Q 112 -53.74 36.87 130.27
C THR Q 112 -52.39 36.69 130.97
N SER Q 113 -52.39 35.86 131.99
CA SER Q 113 -51.20 35.62 132.80
C SER Q 113 -50.29 34.55 132.20
N GLN Q 114 -50.75 33.80 131.20
CA GLN Q 114 -49.94 32.76 130.58
C GLN Q 114 -48.82 33.34 129.72
N VAL Q 115 -49.13 34.35 128.90
CA VAL Q 115 -48.11 34.97 128.08
C VAL Q 115 -47.08 35.70 128.94
N GLU Q 116 -47.52 36.29 130.05
CA GLU Q 116 -46.58 36.95 130.95
C GLU Q 116 -45.59 35.95 131.54
N ASP Q 117 -46.08 34.77 131.94
CA ASP Q 117 -45.19 33.74 132.46
C ASP Q 117 -44.27 33.21 131.37
N LEU Q 118 -44.80 33.03 130.15
CA LEU Q 118 -43.97 32.60 129.03
C LEU Q 118 -42.86 33.59 128.74
N VAL Q 119 -43.14 34.89 128.92
CA VAL Q 119 -42.13 35.91 128.66
C VAL Q 119 -41.10 35.96 129.78
N VAL Q 120 -41.55 35.93 131.03
CA VAL Q 120 -40.67 36.08 132.18
C VAL Q 120 -39.91 34.80 132.44
N ASN Q 121 -40.60 33.75 132.87
CA ASN Q 121 -39.96 32.50 133.28
C ASN Q 121 -39.55 31.62 132.11
N LEU Q 122 -39.82 32.05 130.87
CA LEU Q 122 -39.45 31.29 129.67
C LEU Q 122 -40.06 29.89 129.68
N VAL Q 123 -41.20 29.73 130.33
CA VAL Q 123 -41.90 28.45 130.40
C VAL Q 123 -42.87 28.37 129.22
N PRO Q 124 -42.90 27.26 128.48
CA PRO Q 124 -43.81 27.17 127.32
C PRO Q 124 -45.26 27.33 127.75
N LEU Q 125 -46.04 27.97 126.87
CA LEU Q 125 -47.44 28.26 127.16
C LEU Q 125 -48.23 26.96 127.20
N GLY Q 126 -48.85 26.70 128.35
CA GLY Q 126 -49.63 25.48 128.53
C GLY Q 126 -50.14 25.31 129.94
N ARG Q 127 -51.14 26.10 130.32
CA ARG Q 127 -51.72 26.02 131.66
C ARG Q 127 -53.15 25.50 131.61
N SER R 1 -43.19 19.42 134.57
CA SER R 1 -43.18 18.31 133.63
C SER R 1 -42.57 17.07 134.28
N LYS R 2 -41.42 16.63 133.78
CA LYS R 2 -40.67 15.55 134.40
C LYS R 2 -39.62 16.15 135.32
N THR R 3 -39.69 15.84 136.61
CA THR R 3 -38.79 16.38 137.60
C THR R 3 -37.85 15.29 138.11
N ILE R 4 -36.59 15.66 138.32
CA ILE R 4 -35.57 14.75 138.83
C ILE R 4 -34.94 15.41 140.04
N VAL R 5 -34.96 14.71 141.18
CA VAL R 5 -34.41 15.21 142.43
C VAL R 5 -33.06 14.55 142.68
N LEU R 6 -32.03 15.36 142.87
CA LEU R 6 -30.68 14.88 143.15
C LEU R 6 -30.24 15.38 144.52
N SER R 7 -29.76 14.45 145.35
CA SER R 7 -29.32 14.76 146.71
C SER R 7 -27.80 14.89 146.72
N VAL R 8 -27.31 16.08 147.07
CA VAL R 8 -25.87 16.32 147.14
C VAL R 8 -25.30 16.08 148.52
N GLY R 9 -26.15 15.95 149.54
CA GLY R 9 -25.68 15.75 150.90
C GLY R 9 -26.41 16.63 151.90
N GLU R 10 -26.51 17.92 151.59
CA GLU R 10 -27.20 18.87 152.43
C GLU R 10 -28.34 19.60 151.73
N ALA R 11 -28.34 19.66 150.41
CA ALA R 11 -29.39 20.31 149.64
C ALA R 11 -29.86 19.38 148.54
N THR R 12 -31.02 19.70 147.97
CA THR R 12 -31.63 18.89 146.91
C THR R 12 -31.80 19.76 145.67
N ARG R 13 -31.25 19.30 144.55
CA ARG R 13 -31.38 20.00 143.28
C ARG R 13 -32.47 19.37 142.44
N THR R 14 -33.15 20.21 141.65
CA THR R 14 -34.28 19.78 140.84
C THR R 14 -33.99 20.07 139.37
N LEU R 15 -34.05 19.04 138.54
CA LEU R 15 -33.91 19.16 137.09
C LEU R 15 -35.26 18.96 136.44
N THR R 16 -35.59 19.82 135.48
CA THR R 16 -36.89 19.81 134.81
C THR R 16 -36.72 19.49 133.34
N GLU R 17 -37.63 18.66 132.83
CA GLU R 17 -37.64 18.34 131.40
C GLU R 17 -38.03 19.56 130.58
N ILE R 18 -37.27 19.88 129.53
CA ILE R 18 -37.56 21.06 128.73
C ILE R 18 -37.82 20.72 127.27
N GLN R 19 -37.05 19.81 126.67
CA GLN R 19 -37.20 19.50 125.26
C GLN R 19 -37.56 18.02 125.13
N SER R 20 -38.83 17.71 125.32
CA SER R 20 -39.32 16.34 125.30
C SER R 20 -39.38 15.83 123.87
N THR R 21 -38.42 14.98 123.49
CA THR R 21 -38.40 14.36 122.18
C THR R 21 -37.81 12.96 122.32
N ALA R 22 -38.19 12.07 121.41
CA ALA R 22 -37.77 10.67 121.49
C ALA R 22 -36.27 10.54 121.28
N ASP R 23 -35.76 11.07 120.17
CA ASP R 23 -34.35 10.92 119.82
C ASP R 23 -33.43 11.87 120.58
N ARG R 24 -33.98 12.79 121.38
CA ARG R 24 -33.16 13.73 122.13
C ARG R 24 -33.98 14.26 123.30
N GLN R 25 -33.60 13.88 124.52
CA GLN R 25 -34.23 14.37 125.73
C GLN R 25 -33.28 15.33 126.43
N ILE R 26 -33.74 16.55 126.66
CA ILE R 26 -32.91 17.62 127.24
C ILE R 26 -33.51 17.99 128.59
N PHE R 27 -32.79 17.66 129.66
CA PHE R 27 -33.16 18.06 131.01
C PHE R 27 -32.31 19.24 131.45
N GLU R 28 -32.96 20.23 132.06
CA GLU R 28 -32.29 21.43 132.55
C GLU R 28 -32.57 21.61 134.03
N GLU R 29 -31.56 22.05 134.76
CA GLU R 29 -31.71 22.31 136.19
C GLU R 29 -32.26 23.72 136.40
N LYS R 30 -33.25 23.84 137.27
CA LYS R 30 -33.89 25.11 137.59
C LYS R 30 -33.50 25.51 139.01
N VAL R 31 -32.63 26.52 139.11
CA VAL R 31 -32.21 27.05 140.42
C VAL R 31 -32.29 28.56 140.37
N GLY R 32 -31.64 29.18 139.38
CA GLY R 32 -31.66 30.61 139.23
C GLY R 32 -31.48 31.01 137.78
N PRO R 33 -30.25 31.38 137.40
CA PRO R 33 -29.99 31.74 135.99
C PRO R 33 -30.05 30.51 135.11
N LEU R 34 -30.94 30.54 134.10
CA LEU R 34 -31.10 29.39 133.23
C LEU R 34 -29.91 29.22 132.30
N VAL R 35 -29.29 30.33 131.88
CA VAL R 35 -28.12 30.24 131.00
C VAL R 35 -26.91 29.84 131.83
N GLY R 36 -26.10 28.92 131.30
CA GLY R 36 -24.93 28.45 131.99
C GLY R 36 -25.25 27.67 133.25
N ARG R 37 -26.07 26.62 133.11
CA ARG R 37 -26.47 25.81 134.25
C ARG R 37 -26.17 24.34 133.99
N LEU R 38 -26.94 23.45 134.59
CA LEU R 38 -26.76 22.01 134.45
C LEU R 38 -27.72 21.49 133.39
N ARG R 39 -27.18 20.82 132.37
CA ARG R 39 -27.98 20.26 131.30
C ARG R 39 -27.59 18.80 131.09
N LEU R 40 -28.57 18.01 130.64
CA LEU R 40 -28.38 16.58 130.43
C LEU R 40 -29.06 16.19 129.12
N THR R 41 -28.31 15.53 128.25
CA THR R 41 -28.80 15.08 126.95
C THR R 41 -28.83 13.57 126.93
N ALA R 42 -30.00 13.01 126.62
CA ALA R 42 -30.19 11.56 126.55
C ALA R 42 -30.66 11.18 125.16
N SER R 43 -30.14 10.07 124.65
CA SER R 43 -30.51 9.58 123.33
C SER R 43 -30.52 8.07 123.33
N LEU R 44 -31.50 7.48 122.62
CA LEU R 44 -31.63 6.05 122.49
C LEU R 44 -31.92 5.70 121.04
N ARG R 45 -31.26 4.68 120.53
CA ARG R 45 -31.40 4.30 119.13
C ARG R 45 -31.07 2.82 118.98
N GLN R 46 -31.08 2.35 117.74
CA GLN R 46 -30.75 0.98 117.38
C GLN R 46 -29.39 0.97 116.66
N ASN R 47 -29.10 -0.12 115.95
CA ASN R 47 -27.83 -0.25 115.25
C ASN R 47 -27.90 -1.43 114.29
N GLY R 48 -27.18 -1.30 113.16
CA GLY R 48 -27.08 -2.36 112.18
C GLY R 48 -28.40 -2.87 111.64
N ALA R 49 -28.67 -4.16 111.87
CA ALA R 49 -29.90 -4.78 111.41
C ALA R 49 -30.69 -5.30 112.60
N LYS R 50 -31.17 -4.39 113.46
CA LYS R 50 -32.02 -4.73 114.60
C LYS R 50 -31.30 -5.59 115.65
N THR R 51 -29.97 -5.57 115.68
CA THR R 51 -29.21 -6.46 116.56
C THR R 51 -29.19 -5.92 117.98
N ALA R 52 -28.37 -4.90 118.24
CA ALA R 52 -28.25 -4.33 119.58
C ALA R 52 -28.88 -2.94 119.63
N TYR R 53 -28.45 -2.13 120.60
CA TYR R 53 -28.97 -0.78 120.75
C TYR R 53 -27.80 0.15 121.07
N ARG R 54 -28.11 1.45 121.16
CA ARG R 54 -27.13 2.47 121.46
C ARG R 54 -27.75 3.54 122.33
N VAL R 55 -27.17 3.77 123.50
CA VAL R 55 -27.65 4.78 124.44
C VAL R 55 -26.52 5.78 124.67
N ASN R 56 -26.87 7.06 124.60
CA ASN R 56 -25.91 8.14 124.81
C ASN R 56 -26.42 9.05 125.91
N LEU R 57 -25.54 9.35 126.87
CA LEU R 57 -25.87 10.21 128.00
C LEU R 57 -24.75 11.22 128.19
N LYS R 58 -25.06 12.50 128.03
CA LYS R 58 -24.09 13.57 128.20
C LYS R 58 -24.58 14.53 129.29
N LEU R 59 -23.64 15.03 130.09
CA LEU R 59 -23.95 15.95 131.18
C LEU R 59 -23.00 17.14 131.09
N ASP R 60 -23.56 18.33 130.91
CA ASP R 60 -22.77 19.55 130.77
C ASP R 60 -23.13 20.54 131.88
N GLN R 61 -22.15 21.33 132.27
CA GLN R 61 -22.35 22.36 133.30
C GLN R 61 -21.26 23.42 133.12
N ALA R 62 -21.67 24.62 132.73
CA ALA R 62 -20.75 25.73 132.49
C ALA R 62 -20.87 26.74 133.63
N ASP R 63 -19.75 27.11 134.22
CA ASP R 63 -19.73 28.09 135.29
C ASP R 63 -19.94 29.50 134.74
N VAL R 64 -20.52 30.36 135.56
CA VAL R 64 -20.80 31.74 135.18
C VAL R 64 -20.13 32.66 136.18
N VAL R 65 -19.88 33.90 135.73
CA VAL R 65 -19.29 34.93 136.56
C VAL R 65 -20.03 36.23 136.33
N ASP R 66 -20.02 37.11 137.34
CA ASP R 66 -20.73 38.37 137.29
C ASP R 66 -19.97 39.41 138.12
N CYS R 67 -19.98 40.65 137.63
CA CYS R 67 -19.31 41.75 138.31
C CYS R 67 -20.24 42.87 138.74
N SER R 68 -21.56 42.65 138.70
CA SER R 68 -22.49 43.70 139.08
C SER R 68 -22.46 44.00 140.57
N THR R 69 -21.82 43.14 141.37
CA THR R 69 -21.73 43.38 142.80
C THR R 69 -20.77 44.51 143.13
N SER R 70 -19.71 44.67 142.34
CA SER R 70 -18.72 45.71 142.59
C SER R 70 -18.59 46.62 141.37
N VAL R 71 -18.30 46.05 140.21
CA VAL R 71 -18.14 46.82 138.98
C VAL R 71 -19.51 47.30 138.53
N CYS R 72 -19.54 48.51 137.96
CA CYS R 72 -20.69 49.22 137.42
C CYS R 72 -21.61 48.40 136.54
N GLY R 73 -21.03 47.50 135.74
CA GLY R 73 -21.63 47.05 134.50
C GLY R 73 -20.96 45.84 133.89
N GLU R 74 -21.55 44.66 134.08
CA GLU R 74 -21.02 43.44 133.48
C GLU R 74 -22.10 42.37 133.54
N LEU R 75 -22.54 41.91 132.37
CA LEU R 75 -23.55 40.87 132.32
C LEU R 75 -22.97 39.53 132.74
N PRO R 76 -23.80 38.61 133.23
CA PRO R 76 -23.31 37.27 133.58
C PRO R 76 -22.70 36.59 132.36
N LYS R 77 -21.42 36.25 132.47
CA LYS R 77 -20.65 35.68 131.37
C LYS R 77 -20.18 34.28 131.72
N VAL R 78 -20.30 33.35 130.79
CA VAL R 78 -19.85 31.99 131.02
C VAL R 78 -18.32 31.95 130.96
N ARG R 79 -17.75 30.97 131.68
CA ARG R 79 -16.30 30.83 131.73
C ARG R 79 -15.92 29.58 130.95
N TYR R 80 -15.77 28.43 131.58
CA TYR R 80 -15.38 27.20 130.91
C TYR R 80 -16.59 26.30 130.72
N THR R 81 -16.39 25.24 129.94
CA THR R 81 -17.44 24.27 129.64
C THR R 81 -16.89 22.87 129.85
N GLN R 82 -17.67 22.01 130.51
CA GLN R 82 -17.29 20.64 130.78
C GLN R 82 -18.24 19.70 130.08
N VAL R 83 -17.69 18.68 129.42
CA VAL R 83 -18.46 17.71 128.66
C VAL R 83 -18.13 16.32 129.20
N TRP R 84 -19.17 15.58 129.59
CA TRP R 84 -19.04 14.21 130.11
C TRP R 84 -20.09 13.35 129.41
N SER R 85 -19.71 12.76 128.28
CA SER R 85 -20.60 11.92 127.49
C SER R 85 -20.43 10.45 127.88
N HIS R 86 -21.38 9.64 127.41
CA HIS R 86 -21.36 8.21 127.69
C HIS R 86 -21.71 7.45 126.40
N ASP R 87 -21.62 6.13 126.48
CA ASP R 87 -21.93 5.27 125.33
C ASP R 87 -22.27 3.89 125.87
N VAL R 88 -23.51 3.47 125.69
CA VAL R 88 -23.99 2.17 126.15
C VAL R 88 -24.36 1.33 124.93
N THR R 89 -23.65 0.21 124.76
CA THR R 89 -23.89 -0.72 123.66
C THR R 89 -24.20 -2.09 124.26
N ILE R 90 -25.46 -2.28 124.64
CA ILE R 90 -25.92 -3.53 125.25
C ILE R 90 -26.91 -4.18 124.29
N VAL R 91 -26.66 -5.45 123.97
CA VAL R 91 -27.55 -6.18 123.08
C VAL R 91 -28.84 -6.55 123.81
N ALA R 92 -29.91 -6.77 123.05
CA ALA R 92 -31.19 -7.11 123.64
C ALA R 92 -31.16 -8.50 124.28
N ASN R 93 -30.84 -9.51 123.48
CA ASN R 93 -30.77 -10.90 123.96
C ASN R 93 -29.49 -11.07 124.77
N SER R 94 -29.56 -10.63 126.03
CA SER R 94 -28.42 -10.74 126.93
C SER R 94 -28.79 -11.54 128.17
N THR R 95 -28.39 -11.05 129.35
CA THR R 95 -28.69 -11.73 130.61
C THR R 95 -28.98 -10.69 131.67
N GLU R 96 -30.11 -10.85 132.37
CA GLU R 96 -30.48 -9.90 133.41
C GLU R 96 -29.49 -9.93 134.57
N ALA R 97 -29.06 -11.13 134.96
CA ALA R 97 -28.09 -11.23 136.05
C ALA R 97 -26.75 -10.61 135.66
N SER R 98 -26.31 -10.83 134.42
CA SER R 98 -25.07 -10.23 133.97
C SER R 98 -25.17 -8.71 133.90
N ARG R 99 -26.31 -8.20 133.45
CA ARG R 99 -26.51 -6.75 133.40
C ARG R 99 -26.52 -6.16 134.81
N LYS R 100 -27.16 -6.84 135.76
CA LYS R 100 -27.18 -6.36 137.14
C LYS R 100 -25.78 -6.38 137.74
N SER R 101 -25.00 -7.43 137.47
CA SER R 101 -23.63 -7.49 137.98
C SER R 101 -22.78 -6.39 137.37
N LEU R 102 -22.96 -6.13 136.07
CA LEU R 102 -22.20 -5.05 135.43
C LEU R 102 -22.57 -3.69 136.01
N TYR R 103 -23.86 -3.46 136.25
CA TYR R 103 -24.28 -2.21 136.85
C TYR R 103 -23.74 -2.05 138.26
N ASP R 104 -23.72 -3.14 139.03
CA ASP R 104 -23.16 -3.06 140.38
C ASP R 104 -21.66 -2.79 140.34
N LEU R 105 -20.95 -3.41 139.41
CA LEU R 105 -19.51 -3.15 139.27
C LEU R 105 -19.26 -1.71 138.86
N THR R 106 -20.06 -1.17 137.96
CA THR R 106 -19.92 0.24 137.56
C THR R 106 -20.20 1.16 138.72
N LYS R 107 -21.24 0.87 139.51
CA LYS R 107 -21.56 1.69 140.67
C LYS R 107 -20.43 1.65 141.70
N SER R 108 -19.84 0.47 141.91
CA SER R 108 -18.73 0.36 142.85
C SER R 108 -17.50 1.13 142.35
N LEU R 109 -17.20 1.03 141.06
CA LEU R 109 -16.07 1.77 140.50
C LEU R 109 -16.30 3.27 140.57
N VAL R 110 -17.55 3.71 140.44
CA VAL R 110 -17.84 5.14 140.54
C VAL R 110 -17.73 5.61 141.98
N ALA R 111 -18.25 4.83 142.93
CA ALA R 111 -18.24 5.21 144.34
C ALA R 111 -16.89 4.98 145.02
N THR R 112 -15.95 4.29 144.37
CA THR R 112 -14.65 4.08 144.97
C THR R 112 -13.88 5.39 145.09
N SER R 113 -12.84 5.36 145.93
CA SER R 113 -12.04 6.54 146.20
C SER R 113 -10.94 6.76 145.17
N GLN R 114 -10.67 5.79 144.31
CA GLN R 114 -9.63 5.93 143.30
C GLN R 114 -10.04 6.88 142.18
N VAL R 115 -11.27 6.77 141.69
CA VAL R 115 -11.73 7.68 140.64
C VAL R 115 -11.85 9.10 141.18
N GLU R 116 -12.24 9.26 142.44
CA GLU R 116 -12.29 10.59 143.04
C GLU R 116 -10.91 11.24 143.07
N ASP R 117 -9.89 10.48 143.45
CA ASP R 117 -8.53 11.00 143.46
C ASP R 117 -8.06 11.30 142.04
N LEU R 118 -8.38 10.42 141.09
CA LEU R 118 -8.03 10.67 139.69
C LEU R 118 -8.66 11.94 139.17
N VAL R 119 -9.88 12.25 139.62
CA VAL R 119 -10.57 13.46 139.16
C VAL R 119 -9.98 14.70 139.84
N VAL R 120 -9.78 14.64 141.15
CA VAL R 120 -9.32 15.79 141.91
C VAL R 120 -7.84 16.05 141.68
N ASN R 121 -6.99 15.16 142.18
CA ASN R 121 -5.55 15.36 142.15
C ASN R 121 -4.93 15.05 140.79
N LEU R 122 -5.72 14.63 139.81
CA LEU R 122 -5.24 14.32 138.47
C LEU R 122 -4.15 13.24 138.49
N VAL R 123 -4.19 12.36 139.48
CA VAL R 123 -3.23 11.28 139.60
C VAL R 123 -3.78 10.05 138.86
N PRO R 124 -2.97 9.40 138.02
CA PRO R 124 -3.47 8.24 137.27
C PRO R 124 -3.97 7.15 138.20
N LEU R 125 -5.03 6.46 137.77
CA LEU R 125 -5.66 5.43 138.58
C LEU R 125 -4.71 4.25 138.72
N GLY R 126 -4.35 3.92 139.97
CA GLY R 126 -3.45 2.81 140.23
C GLY R 126 -3.08 2.69 141.69
N ARG R 127 -4.01 2.24 142.52
CA ARG R 127 -3.76 2.07 143.95
C ARG R 127 -3.74 0.60 144.33
N SER S 1 67.54 118.85 41.23
CA SER S 1 67.97 117.51 40.82
C SER S 1 69.01 117.61 39.72
N LYS S 2 68.66 117.14 38.51
CA LYS S 2 69.52 117.30 37.35
C LYS S 2 69.05 118.53 36.59
N THR S 3 69.94 119.51 36.44
CA THR S 3 69.63 120.77 35.77
C THR S 3 70.36 120.85 34.44
N ILE S 4 69.67 121.38 33.43
CA ILE S 4 70.21 121.57 32.09
C ILE S 4 70.03 123.03 31.71
N VAL S 5 71.11 123.71 31.36
CA VAL S 5 71.09 125.12 31.00
C VAL S 5 71.20 125.23 29.49
N LEU S 6 70.24 125.93 28.87
CA LEU S 6 70.21 126.14 27.44
C LEU S 6 70.30 127.63 27.15
N SER S 7 71.23 128.01 26.28
CA SER S 7 71.45 129.40 25.92
C SER S 7 70.75 129.69 24.60
N VAL S 8 69.79 130.62 24.62
CA VAL S 8 69.07 130.99 23.41
C VAL S 8 69.68 132.19 22.71
N GLY S 9 70.60 132.90 23.35
CA GLY S 9 71.21 134.07 22.75
C GLY S 9 71.27 135.25 23.72
N GLU S 10 70.15 135.55 24.36
CA GLU S 10 70.08 136.62 25.34
C GLU S 10 69.62 136.17 26.72
N ALA S 11 68.94 135.03 26.83
CA ALA S 11 68.49 134.50 28.11
C ALA S 11 68.89 133.03 28.21
N THR S 12 68.84 132.51 29.43
CA THR S 12 69.21 131.13 29.72
C THR S 12 68.01 130.41 30.32
N ARG S 13 67.63 129.30 29.71
CA ARG S 13 66.52 128.47 30.18
C ARG S 13 67.05 127.29 30.98
N THR S 14 66.29 126.88 31.99
CA THR S 14 66.69 125.81 32.89
C THR S 14 65.65 124.69 32.84
N LEU S 15 66.09 123.48 32.53
CA LEU S 15 65.26 122.30 32.55
C LEU S 15 65.65 121.42 33.73
N THR S 16 64.64 120.92 34.45
CA THR S 16 64.86 120.14 35.66
C THR S 16 64.35 118.72 35.47
N GLU S 17 65.12 117.76 35.98
CA GLU S 17 64.70 116.36 35.95
C GLU S 17 63.50 116.16 36.87
N ILE S 18 62.46 115.48 36.39
CA ILE S 18 61.27 115.27 37.18
C ILE S 18 60.94 113.79 37.38
N GLN S 19 61.09 112.97 36.35
CA GLN S 19 60.71 111.56 36.44
C GLN S 19 61.96 110.72 36.15
N SER S 20 62.80 110.57 37.17
CA SER S 20 64.07 109.86 37.04
C SER S 20 63.80 108.35 36.98
N THR S 21 63.93 107.78 35.78
CA THR S 21 63.78 106.35 35.58
C THR S 21 64.72 105.92 34.45
N ALA S 22 65.14 104.66 34.50
CA ALA S 22 66.11 104.17 33.52
C ALA S 22 65.52 104.13 32.12
N ASP S 23 64.37 103.47 31.96
CA ASP S 23 63.77 103.29 30.64
C ASP S 23 63.02 104.53 30.15
N ARG S 24 62.89 105.58 30.98
CA ARG S 24 62.17 106.78 30.57
C ARG S 24 62.64 107.93 31.47
N GLN S 25 63.37 108.88 30.88
CA GLN S 25 63.80 110.08 31.58
C GLN S 25 62.99 111.26 31.07
N ILE S 26 62.33 111.97 31.98
CA ILE S 26 61.43 113.07 31.64
C ILE S 26 62.01 114.34 32.24
N PHE S 27 62.49 115.24 31.39
CA PHE S 27 62.96 116.55 31.80
C PHE S 27 61.90 117.60 31.50
N GLU S 28 61.67 118.50 32.46
CA GLU S 28 60.69 119.56 32.32
C GLU S 28 61.36 120.90 32.54
N GLU S 29 60.96 121.90 31.76
CA GLU S 29 61.48 123.24 31.91
C GLU S 29 60.69 123.99 32.99
N LYS S 30 61.41 124.67 33.88
CA LYS S 30 60.81 125.43 34.97
C LYS S 30 61.00 126.92 34.70
N VAL S 31 59.92 127.59 34.31
CA VAL S 31 59.95 129.03 34.07
C VAL S 31 58.77 129.67 34.78
N GLY S 32 57.56 129.18 34.51
CA GLY S 32 56.37 129.68 35.13
C GLY S 32 55.29 128.62 35.24
N PRO S 33 54.34 128.63 34.31
CA PRO S 33 53.29 127.60 34.30
C PRO S 33 53.86 126.26 33.90
N LEU S 34 53.72 125.26 34.78
CA LEU S 34 54.27 123.94 34.51
C LEU S 34 53.49 123.23 33.41
N VAL S 35 52.18 123.43 33.35
CA VAL S 35 51.37 122.80 32.31
C VAL S 35 51.60 123.53 30.99
N GLY S 36 51.75 122.75 29.91
CA GLY S 36 51.99 123.33 28.60
C GLY S 36 53.33 124.03 28.49
N ARG S 37 54.40 123.31 28.81
CA ARG S 37 55.74 123.89 28.75
C ARG S 37 56.66 123.03 27.88
N LEU S 38 57.95 123.05 28.17
CA LEU S 38 58.94 122.30 27.42
C LEU S 38 59.23 120.99 28.14
N ARG S 39 59.06 119.88 27.44
CA ARG S 39 59.31 118.55 28.00
C ARG S 39 60.21 117.77 27.05
N LEU S 40 61.01 116.88 27.64
CA LEU S 40 61.96 116.06 26.90
C LEU S 40 61.93 114.64 27.43
N THR S 41 61.73 113.67 26.53
CA THR S 41 61.67 112.27 26.87
C THR S 41 62.87 111.55 26.27
N ALA S 42 63.62 110.86 27.11
CA ALA S 42 64.80 110.11 26.70
C ALA S 42 64.64 108.64 27.06
N SER S 43 65.05 107.76 26.15
CA SER S 43 64.96 106.33 26.37
C SER S 43 66.17 105.65 25.74
N LEU S 44 66.67 104.62 26.43
CA LEU S 44 67.80 103.83 25.96
C LEU S 44 67.49 102.36 26.18
N ARG S 45 67.79 101.54 25.18
CA ARG S 45 67.49 100.12 25.24
C ARG S 45 68.46 99.36 24.33
N GLN S 46 68.26 98.05 24.24
CA GLN S 46 69.02 97.17 23.39
C GLN S 46 68.16 96.72 22.21
N ASN S 47 68.57 95.64 21.53
CA ASN S 47 67.83 95.16 20.38
C ASN S 47 68.33 93.76 20.01
N GLY S 48 67.42 92.94 19.48
CA GLY S 48 67.74 91.61 19.01
C GLY S 48 68.41 90.71 20.02
N ALA S 49 69.64 90.29 19.72
CA ALA S 49 70.41 89.42 20.60
C ALA S 49 71.69 90.12 21.03
N LYS S 50 71.57 91.22 21.78
CA LYS S 50 72.72 91.95 22.33
C LYS S 50 73.60 92.58 21.27
N THR S 51 73.06 92.81 20.07
CA THR S 51 73.89 93.30 18.94
C THR S 51 74.13 94.80 19.06
N ALA S 52 73.12 95.60 18.72
CA ALA S 52 73.26 97.04 18.77
C ALA S 52 72.44 97.63 19.91
N TYR S 53 72.08 98.91 19.80
CA TYR S 53 71.30 99.59 20.82
C TYR S 53 70.26 100.47 20.14
N ARG S 54 69.40 101.08 20.96
CA ARG S 54 68.34 101.95 20.45
C ARG S 54 68.16 103.11 21.41
N VAL S 55 68.30 104.33 20.91
CA VAL S 55 68.14 105.54 21.69
C VAL S 55 67.02 106.37 21.08
N ASN S 56 66.11 106.84 21.94
CA ASN S 56 64.98 107.64 21.50
C ASN S 56 64.98 108.95 22.27
N LEU S 57 64.85 110.07 21.54
CA LEU S 57 64.83 111.40 22.12
C LEU S 57 63.69 112.19 21.51
N LYS S 58 62.73 112.59 22.34
CA LYS S 58 61.58 113.36 21.89
C LYS S 58 61.53 114.68 22.66
N LEU S 59 61.15 115.75 21.97
CA LEU S 59 61.05 117.08 22.56
C LEU S 59 59.70 117.68 22.20
N ASP S 60 58.90 117.99 23.22
CA ASP S 60 57.56 118.53 23.01
C ASP S 60 57.44 119.89 23.68
N GLN S 61 56.62 120.75 23.09
CA GLN S 61 56.37 122.08 23.64
C GLN S 61 55.03 122.57 23.12
N ALA S 62 54.05 122.71 24.00
CA ALA S 62 52.71 123.14 23.65
C ALA S 62 52.50 124.57 24.12
N ASP S 63 52.04 125.43 23.20
CA ASP S 63 51.77 126.82 23.53
C ASP S 63 50.48 126.94 24.33
N VAL S 64 50.42 127.96 25.17
CA VAL S 64 49.28 128.22 26.03
C VAL S 64 48.75 129.62 25.74
N VAL S 65 47.46 129.82 26.05
CA VAL S 65 46.80 131.10 25.89
C VAL S 65 45.96 131.38 27.13
N ASP S 66 45.74 132.66 27.40
CA ASP S 66 45.00 133.10 28.58
C ASP S 66 44.28 134.40 28.27
N CYS S 67 43.07 134.54 28.84
CA CYS S 67 42.26 135.73 28.63
C CYS S 67 41.96 136.48 29.92
N SER S 68 42.63 136.15 31.02
CA SER S 68 42.36 136.84 32.29
C SER S 68 42.82 138.28 32.28
N THR S 69 43.61 138.68 31.29
CA THR S 69 44.07 140.07 31.23
C THR S 69 42.94 141.01 30.80
N SER S 70 42.04 140.54 29.95
CA SER S 70 40.93 141.38 29.47
C SER S 70 39.59 140.74 29.82
N VAL S 71 39.38 139.51 29.38
CA VAL S 71 38.13 138.79 29.64
C VAL S 71 38.07 138.42 31.12
N CYS S 72 36.86 138.44 31.69
CA CYS S 72 36.55 138.16 33.09
C CYS S 72 37.14 136.86 33.61
N GLY S 73 37.21 135.84 32.77
CA GLY S 73 37.22 134.45 33.20
C GLY S 73 37.60 133.46 32.13
N GLU S 74 38.87 133.01 32.15
CA GLU S 74 39.33 132.01 31.20
C GLU S 74 40.63 131.42 31.75
N LEU S 75 40.61 130.12 32.02
CA LEU S 75 41.81 129.45 32.52
C LEU S 75 42.83 129.29 31.40
N PRO S 76 44.12 129.20 31.74
CA PRO S 76 45.14 128.96 30.71
C PRO S 76 44.87 127.67 29.95
N LYS S 77 44.67 127.79 28.65
CA LYS S 77 44.30 126.68 27.78
C LYS S 77 45.38 126.44 26.74
N VAL S 78 45.73 125.17 26.54
CA VAL S 78 46.72 124.81 25.53
C VAL S 78 46.13 124.96 24.14
N ARG S 79 47.00 125.24 23.16
CA ARG S 79 46.57 125.42 21.80
C ARG S 79 47.03 124.23 20.98
N TYR S 80 48.18 124.29 20.32
CA TYR S 80 48.67 123.20 19.49
C TYR S 80 49.78 122.44 20.23
N THR S 81 50.17 121.31 19.66
CA THR S 81 51.20 120.46 20.22
C THR S 81 52.18 120.07 19.13
N GLN S 82 53.47 120.16 19.43
CA GLN S 82 54.54 119.83 18.50
C GLN S 82 55.33 118.63 19.02
N VAL S 83 55.60 117.68 18.13
CA VAL S 83 56.31 116.46 18.47
C VAL S 83 57.53 116.34 17.56
N TRP S 84 58.71 116.20 18.17
CA TRP S 84 59.97 116.06 17.45
C TRP S 84 60.74 114.91 18.09
N SER S 85 60.52 113.70 17.58
CA SER S 85 61.16 112.50 18.08
C SER S 85 62.43 112.20 17.30
N HIS S 86 63.23 111.28 17.83
CA HIS S 86 64.48 110.87 17.21
C HIS S 86 64.60 109.35 17.29
N ASP S 87 65.66 108.84 16.66
CA ASP S 87 65.91 107.40 16.65
C ASP S 87 67.38 107.18 16.36
N VAL S 88 68.12 106.64 17.32
CA VAL S 88 69.55 106.40 17.19
C VAL S 88 69.77 104.90 17.24
N THR S 89 70.31 104.33 16.16
CA THR S 89 70.61 102.91 16.04
C THR S 89 72.09 102.77 15.72
N ILE S 90 72.93 102.84 16.76
CA ILE S 90 74.37 102.73 16.62
C ILE S 90 74.84 101.46 17.30
N VAL S 91 75.59 100.63 16.57
CA VAL S 91 76.09 99.38 17.14
C VAL S 91 77.23 99.68 18.10
N ALA S 92 77.47 98.76 19.03
CA ALA S 92 78.53 98.94 20.01
C ALA S 92 79.90 98.87 19.36
N ASN S 93 80.20 97.75 18.69
CA ASN S 93 81.49 97.56 18.02
C ASN S 93 81.51 98.38 16.74
N SER S 94 81.79 99.67 16.90
CA SER S 94 81.84 100.58 15.76
C SER S 94 83.21 101.25 15.68
N THR S 95 83.22 102.57 15.45
CA THR S 95 84.46 103.32 15.36
C THR S 95 84.26 104.69 15.99
N GLU S 96 85.17 105.07 16.90
CA GLU S 96 85.04 106.35 17.57
C GLU S 96 85.23 107.50 16.58
N ALA S 97 86.20 107.37 15.66
CA ALA S 97 86.41 108.42 14.67
C ALA S 97 85.20 108.55 13.74
N SER S 98 84.62 107.42 13.32
CA SER S 98 83.43 107.48 12.49
C SER S 98 82.25 108.10 13.22
N ARG S 99 82.08 107.76 14.50
CA ARG S 99 81.00 108.36 15.28
C ARG S 99 81.20 109.85 15.44
N LYS S 100 82.44 110.29 15.68
CA LYS S 100 82.72 111.72 15.80
C LYS S 100 82.46 112.44 14.49
N SER S 101 82.86 111.84 13.36
CA SER S 101 82.60 112.46 12.07
C SER S 101 81.11 112.55 11.78
N LEU S 102 80.36 111.51 12.14
CA LEU S 102 78.91 111.54 11.93
C LEU S 102 78.27 112.60 12.81
N TYR S 103 78.71 112.73 14.06
CA TYR S 103 78.17 113.77 14.94
C TYR S 103 78.49 115.16 14.40
N ASP S 104 79.70 115.35 13.89
CA ASP S 104 80.07 116.65 13.32
C ASP S 104 79.24 116.96 12.08
N LEU S 105 79.00 115.96 11.24
CA LEU S 105 78.16 116.17 10.05
C LEU S 105 76.73 116.51 10.44
N THR S 106 76.20 115.83 11.47
CA THR S 106 74.85 116.13 11.94
C THR S 106 74.78 117.54 12.51
N LYS S 107 75.79 117.95 13.28
CA LYS S 107 75.82 119.30 13.83
C LYS S 107 75.89 120.34 12.72
N SER S 108 76.68 120.08 11.68
CA SER S 108 76.78 121.02 10.57
C SER S 108 75.45 121.11 9.81
N LEU S 109 74.80 119.96 9.58
CA LEU S 109 73.51 119.98 8.90
C LEU S 109 72.45 120.69 9.73
N VAL S 110 72.53 120.60 11.05
CA VAL S 110 71.57 121.29 11.90
C VAL S 110 71.84 122.79 11.90
N ALA S 111 73.10 123.19 11.98
CA ALA S 111 73.46 124.59 12.05
C ALA S 111 73.43 125.29 10.69
N THR S 112 73.30 124.55 9.59
CA THR S 112 73.24 125.17 8.28
C THR S 112 71.96 125.98 8.12
N SER S 113 71.96 126.85 7.11
CA SER S 113 70.84 127.75 6.86
C SER S 113 69.74 127.10 6.02
N GLN S 114 70.00 125.93 5.43
CA GLN S 114 69.00 125.27 4.60
C GLN S 114 67.88 124.66 5.45
N VAL S 115 68.23 124.00 6.55
CA VAL S 115 67.19 123.42 7.42
C VAL S 115 66.37 124.52 8.08
N GLU S 116 67.01 125.65 8.41
CA GLU S 116 66.26 126.77 8.99
C GLU S 116 65.22 127.30 8.00
N ASP S 117 65.60 127.42 6.73
CA ASP S 117 64.65 127.87 5.72
C ASP S 117 63.56 126.83 5.50
N LEU S 118 63.92 125.54 5.49
CA LEU S 118 62.93 124.48 5.37
C LEU S 118 61.93 124.50 6.52
N VAL S 119 62.38 124.87 7.71
CA VAL S 119 61.49 124.91 8.87
C VAL S 119 60.60 126.16 8.81
N VAL S 120 61.18 127.31 8.51
CA VAL S 120 60.46 128.58 8.54
C VAL S 120 59.56 128.70 7.31
N ASN S 121 60.17 128.87 6.14
CA ASN S 121 59.41 129.13 4.92
C ASN S 121 58.78 127.89 4.30
N LEU S 122 58.96 126.71 4.92
CA LEU S 122 58.38 125.46 4.43
C LEU S 122 58.80 125.15 3.01
N VAL S 123 59.98 125.62 2.61
CA VAL S 123 60.52 125.37 1.27
C VAL S 123 61.33 124.08 1.31
N PRO S 124 61.14 123.16 0.36
CA PRO S 124 61.90 121.91 0.39
C PRO S 124 63.40 122.16 0.32
N LEU S 125 64.16 121.32 1.03
CA LEU S 125 65.60 121.46 1.10
C LEU S 125 66.23 121.19 -0.26
N GLY S 126 66.92 122.19 -0.80
CA GLY S 126 67.56 122.05 -2.09
C GLY S 126 68.20 123.34 -2.58
N ARG S 127 69.31 123.71 -1.97
CA ARG S 127 70.01 124.94 -2.36
C ARG S 127 71.35 124.61 -3.01
N SER T 1 61.11 127.95 -8.47
CA SER T 1 60.87 126.85 -9.40
C SER T 1 60.17 127.35 -10.66
N LYS T 2 58.93 126.93 -10.88
CA LYS T 2 58.12 127.46 -11.97
C LYS T 2 57.25 128.58 -11.42
N THR T 3 57.41 129.78 -11.97
CA THR T 3 56.68 130.96 -11.51
C THR T 3 55.68 131.39 -12.57
N ILE T 4 54.50 131.80 -12.11
CA ILE T 4 53.42 132.27 -12.97
C ILE T 4 53.00 133.65 -12.47
N VAL T 5 53.03 134.63 -13.35
CA VAL T 5 52.69 136.01 -13.02
C VAL T 5 51.30 136.31 -13.56
N LEU T 6 50.40 136.75 -12.70
CA LEU T 6 49.04 137.10 -13.06
C LEU T 6 48.80 138.58 -12.77
N SER T 7 48.29 139.31 -13.77
CA SER T 7 48.03 140.74 -13.66
C SER T 7 46.55 140.95 -13.37
N VAL T 8 46.25 141.54 -12.21
CA VAL T 8 44.87 141.82 -11.84
C VAL T 8 44.41 143.21 -12.25
N GLY T 9 45.33 144.08 -12.64
CA GLY T 9 44.97 145.43 -13.02
C GLY T 9 45.90 146.47 -12.41
N GLU T 10 46.14 146.36 -11.10
CA GLU T 10 47.03 147.26 -10.39
C GLU T 10 48.18 146.55 -9.68
N ALA T 11 48.05 145.26 -9.39
CA ALA T 11 49.09 144.49 -8.73
C ALA T 11 49.32 143.20 -9.51
N THR T 12 50.46 142.56 -9.22
CA THR T 12 50.86 141.33 -9.89
C THR T 12 51.01 140.23 -8.85
N ARG T 13 50.30 139.12 -9.04
CA ARG T 13 50.37 137.97 -8.15
C ARG T 13 51.29 136.91 -8.74
N THR T 14 51.99 136.19 -7.85
CA THR T 14 52.98 135.19 -8.25
C THR T 14 52.58 133.84 -7.68
N LEU T 15 52.43 132.85 -8.56
CA LEU T 15 52.17 131.48 -8.17
C LEU T 15 53.41 130.64 -8.40
N THR T 16 53.75 129.79 -7.42
CA THR T 16 54.96 128.99 -7.46
C THR T 16 54.61 127.51 -7.50
N GLU T 17 55.35 126.76 -8.33
CA GLU T 17 55.18 125.32 -8.39
C GLU T 17 55.64 124.67 -7.09
N ILE T 18 54.83 123.78 -6.52
CA ILE T 18 55.18 123.15 -5.25
C ILE T 18 55.26 121.63 -5.35
N GLN T 19 54.32 121.00 -6.06
CA GLN T 19 54.28 119.54 -6.14
C GLN T 19 54.44 119.13 -7.61
N SER T 20 55.68 119.13 -8.08
CA SER T 20 55.98 118.83 -9.48
C SER T 20 55.83 117.33 -9.72
N THR T 21 54.75 116.94 -10.38
CA THR T 21 54.51 115.56 -10.78
C THR T 21 53.77 115.55 -12.10
N ALA T 22 53.95 114.46 -12.86
CA ALA T 22 53.37 114.37 -14.19
C ALA T 22 51.85 114.31 -14.13
N ASP T 23 51.30 113.38 -13.35
CA ASP T 23 49.86 113.17 -13.29
C ASP T 23 49.15 114.18 -12.40
N ARG T 24 49.88 115.05 -11.70
CA ARG T 24 49.26 116.03 -10.82
C ARG T 24 50.25 117.16 -10.58
N GLN T 25 49.95 118.34 -11.13
CA GLN T 25 50.76 119.53 -10.93
C GLN T 25 50.00 120.48 -10.01
N ILE T 26 50.64 120.86 -8.90
CA ILE T 26 50.01 121.69 -7.87
C ILE T 26 50.78 123.00 -7.80
N PHE T 27 50.14 124.08 -8.23
CA PHE T 27 50.70 125.42 -8.11
C PHE T 27 50.04 126.15 -6.94
N GLU T 28 50.87 126.84 -6.16
CA GLU T 28 50.40 127.57 -4.99
C GLU T 28 50.85 129.02 -5.10
N GLU T 29 49.97 129.94 -4.69
CA GLU T 29 50.29 131.35 -4.69
C GLU T 29 51.04 131.72 -3.41
N LYS T 30 52.13 132.48 -3.56
CA LYS T 30 52.95 132.91 -2.43
C LYS T 30 52.75 134.42 -2.24
N VAL T 31 52.02 134.79 -1.18
CA VAL T 31 51.80 136.19 -0.84
C VAL T 31 52.07 136.38 0.64
N GLY T 32 51.41 135.59 1.48
CA GLY T 32 51.59 135.67 2.90
C GLY T 32 51.33 134.33 3.58
N PRO T 33 50.13 134.16 4.13
CA PRO T 33 49.77 132.88 4.76
C PRO T 33 49.58 131.81 3.69
N LEU T 34 50.36 130.73 3.80
CA LEU T 34 50.29 129.66 2.81
C LEU T 34 49.00 128.87 2.93
N VAL T 35 48.49 128.69 4.16
CA VAL T 35 47.24 127.97 4.35
C VAL T 35 46.08 128.86 3.94
N GLY T 36 45.12 128.29 3.23
CA GLY T 36 43.96 129.03 2.76
C GLY T 36 44.31 130.10 1.76
N ARG T 37 44.97 129.69 0.67
CA ARG T 37 45.37 130.64 -0.37
C ARG T 37 44.86 130.19 -1.74
N LEU T 38 45.58 130.54 -2.80
CA LEU T 38 45.21 130.19 -4.16
C LEU T 38 45.98 128.96 -4.60
N ARG T 39 45.26 127.92 -5.00
CA ARG T 39 45.87 126.68 -5.46
C ARG T 39 45.29 126.29 -6.81
N LEU T 40 46.11 125.61 -7.61
CA LEU T 40 45.73 125.18 -8.95
C LEU T 40 46.22 123.76 -9.18
N THR T 41 45.31 122.89 -9.59
CA THR T 41 45.60 121.49 -9.86
C THR T 41 45.45 121.22 -11.35
N ALA T 42 46.50 120.70 -11.97
CA ALA T 42 46.50 120.37 -13.39
C ALA T 42 46.78 118.88 -13.57
N SER T 43 46.06 118.27 -14.51
CA SER T 43 46.24 116.85 -14.80
C SER T 43 46.06 116.61 -16.29
N LEU T 44 46.88 115.71 -16.83
CA LEU T 44 46.82 115.34 -18.24
C LEU T 44 46.94 113.83 -18.35
N ARG T 45 46.08 113.23 -19.20
CA ARG T 45 46.04 111.78 -19.33
C ARG T 45 45.51 111.44 -20.72
N GLN T 46 45.36 110.15 -20.98
CA GLN T 46 44.82 109.62 -22.21
C GLN T 46 43.41 109.07 -21.96
N ASN T 47 42.91 108.23 -22.87
CA ASN T 47 41.57 107.67 -22.74
C ASN T 47 41.39 106.53 -23.73
N GLY T 48 40.59 105.54 -23.34
CA GLY T 48 40.26 104.42 -24.19
C GLY T 48 41.44 103.65 -24.74
N ALA T 49 41.57 103.64 -26.07
CA ALA T 49 42.66 102.94 -26.74
C ALA T 49 43.49 103.93 -27.54
N LYS T 50 44.17 104.87 -26.85
CA LYS T 50 45.07 105.83 -27.47
C LYS T 50 44.36 106.81 -28.41
N THR T 51 43.05 106.99 -28.24
CA THR T 51 42.28 107.80 -29.20
C THR T 51 42.47 109.30 -28.92
N ALA T 52 41.81 109.80 -27.88
CA ALA T 52 41.89 111.21 -27.53
C ALA T 52 42.69 111.41 -26.25
N TYR T 53 42.48 112.54 -25.58
CA TYR T 53 43.17 112.85 -24.34
C TYR T 53 42.17 113.45 -23.35
N ARG T 54 42.65 113.71 -22.14
CA ARG T 54 41.82 114.28 -21.08
C ARG T 54 42.67 115.23 -20.25
N VAL T 55 42.23 116.48 -20.16
CA VAL T 55 42.92 117.51 -19.40
C VAL T 55 41.97 118.03 -18.33
N ASN T 56 42.46 118.12 -17.10
CA ASN T 56 41.67 118.62 -15.97
C ASN T 56 42.39 119.78 -15.33
N LEU T 57 41.67 120.88 -15.10
CA LEU T 57 42.21 122.08 -14.49
C LEU T 57 41.25 122.56 -13.42
N LYS T 58 41.70 122.58 -12.17
CA LYS T 58 40.89 123.03 -11.05
C LYS T 58 41.59 124.19 -10.35
N LEU T 59 40.81 125.17 -9.90
CA LEU T 59 41.34 126.35 -9.22
C LEU T 59 40.55 126.57 -7.94
N ASP T 60 41.23 126.51 -6.80
CA ASP T 60 40.60 126.67 -5.51
C ASP T 60 41.18 127.86 -4.76
N GLN T 61 40.34 128.49 -3.94
CA GLN T 61 40.78 129.64 -3.14
C GLN T 61 39.83 129.77 -1.97
N ALA T 62 40.33 129.52 -0.76
CA ALA T 62 39.55 129.58 0.46
C ALA T 62 39.91 130.84 1.24
N ASP T 63 38.90 131.61 1.62
CA ASP T 63 39.12 132.82 2.39
C ASP T 63 39.43 132.48 3.85
N VAL T 64 40.20 133.35 4.49
CA VAL T 64 40.62 133.17 5.87
C VAL T 64 40.18 134.38 6.69
N VAL T 65 40.05 134.16 7.99
CA VAL T 65 39.66 135.22 8.93
C VAL T 65 40.54 135.11 10.16
N ASP T 66 40.73 136.24 10.84
CA ASP T 66 41.58 136.31 12.02
C ASP T 66 41.05 137.37 12.97
N CYS T 67 41.17 137.10 14.26
CA CYS T 67 40.70 138.01 15.30
C CYS T 67 41.82 138.51 16.22
N SER T 68 43.08 138.27 15.87
CA SER T 68 44.17 138.71 16.74
C SER T 68 44.33 140.22 16.77
N THR T 69 43.67 140.94 15.86
CA THR T 69 43.76 142.39 15.85
C THR T 69 42.98 143.01 17.01
N SER T 70 41.87 142.39 17.41
CA SER T 70 41.05 142.91 18.49
C SER T 70 40.92 141.89 19.62
N VAL T 71 40.44 140.69 19.28
CA VAL T 71 40.25 139.63 20.27
C VAL T 71 41.63 139.11 20.68
N CYS T 72 41.75 138.71 21.95
CA CYS T 72 42.96 138.20 22.59
C CYS T 72 43.66 137.08 21.84
N GLY T 73 42.88 136.22 21.19
CA GLY T 73 43.29 134.87 20.89
C GLY T 73 42.41 134.14 19.90
N GLU T 74 42.86 134.08 18.65
CA GLU T 74 42.13 133.36 17.60
C GLU T 74 43.07 133.12 16.44
N LEU T 75 43.33 131.85 16.14
CA LEU T 75 44.21 131.51 15.03
C LEU T 75 43.50 131.77 13.70
N PRO T 76 44.26 132.01 12.63
CA PRO T 76 43.63 132.18 11.30
C PRO T 76 42.82 130.96 10.90
N LYS T 77 41.52 131.16 10.70
CA LYS T 77 40.59 130.09 10.42
C LYS T 77 39.98 130.28 9.04
N VAL T 78 39.89 129.18 8.28
CA VAL T 78 39.30 129.24 6.95
C VAL T 78 37.78 129.36 7.07
N ARG T 79 37.16 129.98 6.06
CA ARG T 79 35.72 130.18 6.07
C ARG T 79 35.11 129.25 5.03
N TYR T 80 34.88 129.71 3.80
CA TYR T 80 34.27 128.90 2.76
C TYR T 80 35.34 128.43 1.78
N THR T 81 34.94 127.52 0.90
CA THR T 81 35.82 126.95 -0.11
C THR T 81 35.11 126.99 -1.47
N GLN T 82 35.84 127.41 -2.50
CA GLN T 82 35.32 127.49 -3.85
C GLN T 82 36.08 126.54 -4.75
N VAL T 83 35.34 125.80 -5.57
CA VAL T 83 35.89 124.81 -6.48
C VAL T 83 35.46 125.15 -7.89
N TRP T 84 36.42 125.29 -8.80
CA TRP T 84 36.17 125.60 -10.21
C TRP T 84 37.03 124.65 -11.04
N SER T 85 36.48 123.49 -11.38
CA SER T 85 37.17 122.48 -12.17
C SER T 85 36.86 122.66 -13.65
N HIS T 86 37.63 121.95 -14.48
CA HIS T 86 37.47 121.98 -15.92
C HIS T 86 37.59 120.57 -16.47
N ASP T 87 37.34 120.44 -17.77
CA ASP T 87 37.43 119.15 -18.45
C ASP T 87 37.65 119.41 -19.93
N VAL T 88 38.80 119.00 -20.45
CA VAL T 88 39.17 119.20 -21.85
C VAL T 88 39.29 117.83 -22.50
N THR T 89 38.44 117.56 -23.49
CA THR T 89 38.44 116.31 -24.24
C THR T 89 38.65 116.64 -25.71
N ILE T 90 39.89 116.84 -26.11
CA ILE T 90 40.26 117.18 -27.47
C ILE T 90 41.06 116.02 -28.06
N VAL T 91 40.62 115.52 -29.22
CA VAL T 91 41.33 114.43 -29.86
C VAL T 91 42.61 114.94 -30.49
N ALA T 92 43.57 114.03 -30.69
CA ALA T 92 44.86 114.41 -31.27
C ALA T 92 44.71 114.81 -32.74
N ASN T 93 44.19 113.90 -33.56
CA ASN T 93 44.00 114.16 -34.99
C ASN T 93 42.79 115.08 -35.17
N SER T 94 43.03 116.38 -34.96
CA SER T 94 41.99 117.37 -35.10
C SER T 94 42.37 118.41 -36.14
N THR T 95 42.16 119.69 -35.82
CA THR T 95 42.50 120.79 -36.73
C THR T 95 43.02 121.96 -35.93
N GLU T 96 44.18 122.48 -36.33
CA GLU T 96 44.77 123.61 -35.61
C GLU T 96 43.90 124.85 -35.74
N ALA T 97 43.36 125.11 -36.93
CA ALA T 97 42.50 126.27 -37.13
C ALA T 97 41.22 126.15 -36.30
N SER T 98 40.63 124.95 -36.26
CA SER T 98 39.44 124.74 -35.45
C SER T 98 39.73 124.91 -33.98
N ARG T 99 40.87 124.41 -33.51
CA ARG T 99 41.24 124.58 -32.10
C ARG T 99 41.47 126.05 -31.77
N LYS T 100 42.11 126.80 -32.67
CA LYS T 100 42.32 128.22 -32.45
C LYS T 100 40.99 128.97 -32.41
N SER T 101 40.07 128.64 -33.32
CA SER T 101 38.77 129.29 -33.32
C SER T 101 37.99 128.97 -32.05
N LEU T 102 38.07 127.72 -31.58
CA LEU T 102 37.39 127.36 -30.34
C LEU T 102 37.99 128.09 -29.14
N TYR T 103 39.33 128.22 -29.11
CA TYR T 103 39.96 128.95 -28.02
C TYR T 103 39.57 130.42 -28.05
N ASP T 104 39.51 131.01 -29.25
CA ASP T 104 39.09 132.41 -29.36
C ASP T 104 37.64 132.59 -28.91
N LEU T 105 36.76 131.65 -29.28
CA LEU T 105 35.37 131.74 -28.85
C LEU T 105 35.25 131.61 -27.33
N THR T 106 36.03 130.70 -26.74
CA THR T 106 36.02 130.56 -25.29
C THR T 106 36.54 131.81 -24.60
N LYS T 107 37.60 132.41 -25.14
CA LYS T 107 38.13 133.65 -24.57
C LYS T 107 37.12 134.77 -24.67
N SER T 108 36.41 134.87 -25.80
CA SER T 108 35.38 135.90 -25.95
C SER T 108 34.23 135.68 -24.98
N LEU T 109 33.79 134.43 -24.82
CA LEU T 109 32.70 134.14 -23.89
C LEU T 109 33.14 134.41 -22.45
N VAL T 110 34.41 134.22 -22.12
CA VAL T 110 34.88 134.51 -20.78
C VAL T 110 34.97 136.01 -20.55
N ALA T 111 35.48 136.75 -21.54
CA ALA T 111 35.65 138.19 -21.40
C ALA T 111 34.38 138.98 -21.60
N THR T 112 33.30 138.35 -22.06
CA THR T 112 32.04 139.06 -22.24
C THR T 112 31.46 139.48 -20.89
N SER T 113 30.51 140.42 -20.95
CA SER T 113 29.89 140.97 -19.75
C SER T 113 28.73 140.12 -19.24
N GLN T 114 28.26 139.16 -20.03
CA GLN T 114 27.15 138.31 -19.61
C GLN T 114 27.56 137.32 -18.52
N VAL T 115 28.72 136.68 -18.66
CA VAL T 115 29.18 135.75 -17.64
C VAL T 115 29.53 136.48 -16.36
N GLU T 116 30.06 137.70 -16.47
CA GLU T 116 30.34 138.49 -15.27
C GLU T 116 29.06 138.79 -14.50
N ASP T 117 27.99 139.16 -15.21
CA ASP T 117 26.72 139.42 -14.54
C ASP T 117 26.15 138.13 -13.96
N LEU T 118 26.26 137.01 -14.69
CA LEU T 118 25.81 135.73 -14.17
C LEU T 118 26.55 135.34 -12.89
N VAL T 119 27.83 135.69 -12.80
CA VAL T 119 28.61 135.36 -11.61
C VAL T 119 28.26 136.29 -10.45
N VAL T 120 28.17 137.59 -10.71
CA VAL T 120 27.95 138.58 -9.66
C VAL T 120 26.50 138.57 -9.21
N ASN T 121 25.60 139.02 -10.09
CA ASN T 121 24.19 139.19 -9.73
C ASN T 121 23.41 137.88 -9.73
N LEU T 122 24.05 136.75 -10.06
CA LEU T 122 23.40 135.44 -10.08
C LEU T 122 22.19 135.42 -11.02
N VAL T 123 22.21 136.25 -12.06
CA VAL T 123 21.13 136.31 -13.04
C VAL T 123 21.45 135.31 -14.16
N PRO T 124 20.49 134.49 -14.57
CA PRO T 124 20.77 133.51 -15.64
C PRO T 124 21.21 134.19 -16.91
N LEU T 125 22.13 133.53 -17.63
CA LEU T 125 22.70 134.08 -18.85
C LEU T 125 21.63 134.14 -19.94
N GLY T 126 21.35 135.36 -20.43
CA GLY T 126 20.36 135.54 -21.46
C GLY T 126 20.11 137.00 -21.79
N ARG T 127 21.06 137.62 -22.47
CA ARG T 127 20.93 139.03 -22.85
C ARG T 127 20.77 139.17 -24.36
N SER U 1 12.21 139.93 -15.97
CA SER U 1 11.25 138.91 -16.39
C SER U 1 9.84 139.34 -16.02
N LYS U 2 9.21 138.60 -15.11
CA LYS U 2 7.91 139.00 -14.58
C LYS U 2 8.12 139.77 -13.28
N THR U 3 7.67 141.02 -13.25
CA THR U 3 7.86 141.89 -12.09
C THR U 3 6.52 142.14 -11.41
N ILE U 4 6.55 142.15 -10.07
CA ILE U 4 5.38 142.39 -9.25
C ILE U 4 5.70 143.53 -8.30
N VAL U 5 4.89 144.59 -8.33
CA VAL U 5 5.09 145.77 -7.49
C VAL U 5 4.10 145.72 -6.34
N LEU U 6 4.61 145.81 -5.11
CA LEU U 6 3.80 145.79 -3.90
C LEU U 6 4.00 147.11 -3.16
N SER U 7 2.89 147.76 -2.82
CA SER U 7 2.92 149.04 -2.13
C SER U 7 2.68 148.80 -0.63
N VAL U 8 3.66 149.16 0.19
CA VAL U 8 3.54 148.99 1.64
C VAL U 8 3.01 150.24 2.33
N GLY U 9 2.96 151.37 1.63
CA GLY U 9 2.49 152.61 2.23
C GLY U 9 3.38 153.79 1.91
N GLU U 10 4.69 153.61 2.09
CA GLU U 10 5.67 154.64 1.79
C GLU U 10 6.72 154.22 0.79
N ALA U 11 6.95 152.91 0.62
CA ALA U 11 7.92 152.40 -0.34
C ALA U 11 7.26 151.32 -1.19
N THR U 12 7.92 150.98 -2.30
CA THR U 12 7.43 149.99 -3.24
C THR U 12 8.45 148.88 -3.37
N ARG U 13 8.02 147.64 -3.13
CA ARG U 13 8.88 146.47 -3.25
C ARG U 13 8.63 145.78 -4.59
N THR U 14 9.70 145.19 -5.13
CA THR U 14 9.66 144.56 -6.44
C THR U 14 10.05 143.10 -6.31
N LEU U 15 9.18 142.21 -6.75
CA LEU U 15 9.45 140.78 -6.79
C LEU U 15 9.65 140.34 -8.24
N THR U 16 10.68 139.53 -8.47
CA THR U 16 11.05 139.11 -9.81
C THR U 16 10.88 137.60 -9.96
N GLU U 17 10.37 137.18 -11.11
CA GLU U 17 10.24 135.76 -11.40
C GLU U 17 11.62 135.14 -11.59
N ILE U 18 11.88 133.99 -10.95
CA ILE U 18 13.18 133.36 -11.03
C ILE U 18 13.10 131.94 -11.58
N GLN U 19 12.11 131.15 -11.17
CA GLN U 19 12.02 129.75 -11.60
C GLN U 19 10.70 129.57 -12.34
N SER U 20 10.68 129.95 -13.61
CA SER U 20 9.47 129.90 -14.42
C SER U 20 9.19 128.46 -14.82
N THR U 21 8.18 127.86 -14.18
CA THR U 21 7.74 126.52 -14.50
C THR U 21 6.23 126.43 -14.27
N ALA U 22 5.58 125.53 -15.01
CA ALA U 22 4.12 125.42 -14.94
C ALA U 22 3.67 124.94 -13.57
N ASP U 23 4.20 123.81 -13.11
CA ASP U 23 3.77 123.21 -11.86
C ASP U 23 4.36 123.88 -10.63
N ARG U 24 5.27 124.84 -10.80
CA ARG U 24 5.89 125.51 -9.66
C ARG U 24 6.46 126.84 -10.14
N GLN U 25 5.85 127.93 -9.70
CA GLN U 25 6.31 129.28 -10.00
C GLN U 25 6.92 129.88 -8.74
N ILE U 26 8.19 130.29 -8.84
CA ILE U 26 8.94 130.80 -7.69
C ILE U 26 9.28 132.26 -7.96
N PHE U 27 8.66 133.17 -7.20
CA PHE U 27 8.96 134.58 -7.26
C PHE U 27 9.85 134.97 -6.08
N GLU U 28 10.87 135.76 -6.36
CA GLU U 28 11.81 136.22 -5.34
C GLU U 28 11.86 137.74 -5.35
N GLU U 29 11.95 138.32 -4.15
CA GLU U 29 12.07 139.77 -4.02
C GLU U 29 13.53 140.19 -4.15
N LYS U 30 13.77 141.23 -4.95
CA LYS U 30 15.11 141.75 -5.19
C LYS U 30 15.23 143.11 -4.51
N VAL U 31 15.97 143.15 -3.40
CA VAL U 31 16.22 144.39 -2.68
C VAL U 31 17.70 144.50 -2.38
N GLY U 32 18.26 143.46 -1.75
CA GLY U 32 19.67 143.44 -1.41
C GLY U 32 20.20 142.01 -1.36
N PRO U 33 20.31 141.46 -0.15
CA PRO U 33 20.77 140.07 -0.01
C PRO U 33 19.70 139.10 -0.51
N LEU U 34 20.07 138.29 -1.50
CA LEU U 34 19.10 137.36 -2.07
C LEU U 34 18.78 136.22 -1.11
N VAL U 35 19.74 135.78 -0.31
CA VAL U 35 19.50 134.72 0.66
C VAL U 35 18.73 135.29 1.84
N GLY U 36 17.72 134.55 2.30
CA GLY U 36 16.89 134.99 3.41
C GLY U 36 16.06 136.21 3.08
N ARG U 37 15.27 136.13 2.01
CA ARG U 37 14.42 137.24 1.59
C ARG U 37 12.97 136.81 1.47
N LEU U 38 12.22 137.48 0.58
CA LEU U 38 10.82 137.18 0.37
C LEU U 38 10.67 136.27 -0.84
N ARG U 39 10.03 135.11 -0.63
CA ARG U 39 9.81 134.15 -1.70
C ARG U 39 8.34 133.75 -1.73
N LEU U 40 7.87 133.43 -2.93
CA LEU U 40 6.48 133.06 -3.15
C LEU U 40 6.42 131.86 -4.10
N THR U 41 5.72 130.82 -3.67
CA THR U 41 5.56 129.59 -4.45
C THR U 41 4.11 129.45 -4.87
N ALA U 42 3.88 129.31 -6.17
CA ALA U 42 2.55 129.14 -6.73
C ALA U 42 2.46 127.83 -7.49
N SER U 43 1.33 127.14 -7.33
CA SER U 43 1.12 125.86 -8.01
C SER U 43 -0.35 125.75 -8.41
N LEU U 44 -0.58 125.17 -9.59
CA LEU U 44 -1.92 124.95 -10.11
C LEU U 44 -2.00 123.55 -10.69
N ARG U 45 -3.08 122.84 -10.38
CA ARG U 45 -3.24 121.46 -10.83
C ARG U 45 -4.72 121.14 -10.90
N GLN U 46 -5.02 119.87 -11.23
CA GLN U 46 -6.37 119.35 -11.31
C GLN U 46 -6.61 118.41 -10.13
N ASN U 47 -7.64 117.58 -10.23
CA ASN U 47 -7.98 116.66 -9.16
C ASN U 47 -8.98 115.62 -9.66
N GLY U 48 -8.89 114.41 -9.11
CA GLY U 48 -9.81 113.33 -9.42
C GLY U 48 -9.93 112.99 -10.88
N ALA U 49 -11.13 113.16 -11.44
CA ALA U 49 -11.39 112.87 -12.84
C ALA U 49 -11.84 114.14 -13.56
N LYS U 50 -10.97 115.13 -13.66
CA LYS U 50 -11.23 116.38 -14.38
C LYS U 50 -12.35 117.21 -13.77
N THR U 51 -12.64 117.01 -12.48
CA THR U 51 -13.80 117.66 -11.85
C THR U 51 -13.46 119.10 -11.50
N ALA U 52 -12.72 119.29 -10.41
CA ALA U 52 -12.35 120.63 -9.96
C ALA U 52 -10.88 120.91 -10.19
N TYR U 53 -10.31 121.85 -9.44
CA TYR U 53 -8.91 122.21 -9.56
C TYR U 53 -8.32 122.40 -8.17
N ARG U 54 -7.02 122.65 -8.13
CA ARG U 54 -6.31 122.85 -6.86
C ARG U 54 -5.24 123.90 -7.07
N VAL U 55 -5.30 124.97 -6.28
CA VAL U 55 -4.33 126.06 -6.33
C VAL U 55 -3.66 126.19 -4.97
N ASN U 56 -2.33 126.27 -5.00
CA ASN U 56 -1.55 126.40 -3.77
C ASN U 56 -0.69 127.65 -3.86
N LEU U 57 -0.71 128.46 -2.81
CA LEU U 57 0.05 129.71 -2.73
C LEU U 57 0.72 129.79 -1.38
N LYS U 58 2.05 129.79 -1.37
CA LYS U 58 2.83 129.88 -0.14
C LYS U 58 3.73 131.10 -0.20
N LEU U 59 3.88 131.77 0.94
CA LEU U 59 4.72 132.97 1.04
C LEU U 59 5.64 132.82 2.23
N ASP U 60 6.95 132.85 1.98
CA ASP U 60 7.95 132.68 3.01
C ASP U 60 8.86 133.90 3.08
N GLN U 61 9.34 134.18 4.29
CA GLN U 61 10.25 135.31 4.51
C GLN U 61 11.03 135.05 5.78
N ALA U 62 12.33 134.82 5.65
CA ALA U 62 13.21 134.53 6.77
C ALA U 62 14.08 135.75 7.08
N ASP U 63 14.08 136.16 8.34
CA ASP U 63 14.90 137.30 8.75
C ASP U 63 16.36 136.90 8.85
N VAL U 64 17.24 137.89 8.63
CA VAL U 64 18.67 137.68 8.65
C VAL U 64 19.29 138.62 9.67
N VAL U 65 20.48 138.23 10.16
CA VAL U 65 21.23 139.04 11.12
C VAL U 65 22.68 139.04 10.70
N ASP U 66 23.39 140.10 11.09
CA ASP U 66 24.79 140.28 10.73
C ASP U 66 25.50 141.05 11.84
N CYS U 67 26.77 140.69 12.07
CA CYS U 67 27.58 141.31 13.10
C CYS U 67 28.82 142.01 12.55
N SER U 68 28.94 142.17 11.23
CA SER U 68 30.13 142.80 10.67
C SER U 68 30.21 144.28 10.99
N THR U 69 29.14 144.87 11.50
CA THR U 69 29.17 146.30 11.85
C THR U 69 29.99 146.54 13.11
N SER U 70 29.98 145.60 14.04
CA SER U 70 30.72 145.75 15.29
C SER U 70 31.73 144.61 15.47
N VAL U 71 31.24 143.37 15.43
CA VAL U 71 32.10 142.21 15.60
C VAL U 71 32.95 142.04 14.35
N CYS U 72 34.19 141.58 14.54
CA CYS U 72 35.21 141.33 13.53
C CYS U 72 34.74 140.55 12.32
N GLY U 73 33.85 139.59 12.53
CA GLY U 73 33.71 138.44 11.66
C GLY U 73 32.47 137.61 11.91
N GLU U 74 31.45 137.80 11.08
CA GLU U 74 30.22 137.03 11.18
C GLU U 74 29.44 137.19 9.88
N LEU U 75 29.23 136.08 9.18
CA LEU U 75 28.49 136.12 7.93
C LEU U 75 27.00 136.31 8.21
N PRO U 76 26.26 136.86 7.25
CA PRO U 76 24.80 137.00 7.43
C PRO U 76 24.15 135.64 7.65
N LYS U 77 23.51 135.50 8.81
CA LYS U 77 22.93 134.24 9.24
C LYS U 77 21.41 134.40 9.39
N VAL U 78 20.66 133.41 8.89
CA VAL U 78 19.21 133.45 9.02
C VAL U 78 18.81 133.12 10.45
N ARG U 79 17.66 133.64 10.86
CA ARG U 79 17.16 133.44 12.21
C ARG U 79 15.97 132.50 12.15
N TYR U 80 14.75 133.00 12.09
CA TYR U 80 13.55 132.17 12.05
C TYR U 80 13.00 132.11 10.63
N THR U 81 12.02 131.22 10.44
CA THR U 81 11.38 131.03 9.15
C THR U 81 9.87 131.01 9.35
N GLN U 82 9.15 131.74 8.48
CA GLN U 82 7.70 131.82 8.54
C GLN U 82 7.11 131.21 7.27
N VAL U 83 6.08 130.38 7.46
CA VAL U 83 5.41 129.70 6.36
C VAL U 83 3.93 130.05 6.39
N TRP U 84 3.42 130.55 5.27
CA TRP U 84 2.01 130.92 5.13
C TRP U 84 1.51 130.35 3.81
N SER U 85 1.01 129.13 3.85
CA SER U 85 0.51 128.43 2.66
C SER U 85 -1.00 128.67 2.50
N HIS U 86 -1.51 128.30 1.34
CA HIS U 86 -2.92 128.45 1.02
C HIS U 86 -3.40 127.18 0.31
N ASP U 87 -4.72 127.13 0.07
CA ASP U 87 -5.33 125.99 -0.61
C ASP U 87 -6.64 126.46 -1.22
N VAL U 88 -6.73 126.45 -2.54
CA VAL U 88 -7.92 126.89 -3.25
C VAL U 88 -8.50 125.69 -3.99
N THR U 89 -9.72 125.30 -3.64
CA THR U 89 -10.43 124.18 -4.26
C THR U 89 -11.74 124.71 -4.82
N ILE U 90 -11.68 125.29 -6.02
CA ILE U 90 -12.84 125.86 -6.69
C ILE U 90 -13.11 125.05 -7.94
N VAL U 91 -14.36 124.57 -8.08
CA VAL U 91 -14.73 123.79 -9.25
C VAL U 91 -14.88 124.70 -10.46
N ALA U 92 -14.74 124.13 -11.64
CA ALA U 92 -14.84 124.91 -12.88
C ALA U 92 -16.26 125.40 -13.10
N ASN U 93 -17.22 124.48 -13.17
CA ASN U 93 -18.63 124.82 -13.39
C ASN U 93 -19.20 125.38 -12.09
N SER U 94 -18.92 126.66 -11.86
CA SER U 94 -19.41 127.35 -10.66
C SER U 94 -20.26 128.55 -11.04
N THR U 95 -20.01 129.69 -10.37
CA THR U 95 -20.75 130.92 -10.64
C THR U 95 -19.81 132.10 -10.49
N GLU U 96 -19.78 132.96 -11.52
CA GLU U 96 -18.90 134.13 -11.47
C GLU U 96 -19.32 135.09 -10.37
N ALA U 97 -20.62 135.30 -10.19
CA ALA U 97 -21.10 136.19 -9.13
C ALA U 97 -20.76 135.63 -7.75
N SER U 98 -20.92 134.32 -7.58
CA SER U 98 -20.59 133.70 -6.30
C SER U 98 -19.09 133.79 -6.02
N ARG U 99 -18.27 133.58 -7.05
CA ARG U 99 -16.82 133.69 -6.88
C ARG U 99 -16.42 135.13 -6.52
N LYS U 100 -17.04 136.11 -7.17
CA LYS U 100 -16.75 137.51 -6.86
C LYS U 100 -17.17 137.86 -5.44
N SER U 101 -18.34 137.37 -5.01
CA SER U 101 -18.78 137.63 -3.64
C SER U 101 -17.86 136.98 -2.63
N LEU U 102 -17.39 135.75 -2.92
CA LEU U 102 -16.47 135.08 -2.02
C LEU U 102 -15.13 135.82 -1.94
N TYR U 103 -14.64 136.31 -3.09
CA TYR U 103 -13.40 137.07 -3.08
C TYR U 103 -13.55 138.37 -2.30
N ASP U 104 -14.70 139.04 -2.46
CA ASP U 104 -14.94 140.28 -1.70
C ASP U 104 -15.02 140.00 -0.21
N LEU U 105 -15.67 138.90 0.17
CA LEU U 105 -15.74 138.54 1.59
C LEU U 105 -14.35 138.23 2.15
N THR U 106 -13.54 137.51 1.38
CA THR U 106 -12.18 137.22 1.82
C THR U 106 -11.35 138.49 1.96
N LYS U 107 -11.49 139.41 1.01
CA LYS U 107 -10.77 140.68 1.09
C LYS U 107 -11.20 141.48 2.30
N SER U 108 -12.50 141.49 2.59
CA SER U 108 -13.00 142.21 3.77
C SER U 108 -12.49 141.58 5.06
N LEU U 109 -12.49 140.24 5.13
CA LEU U 109 -11.98 139.57 6.32
C LEU U 109 -10.48 139.80 6.49
N VAL U 110 -9.75 139.93 5.39
CA VAL U 110 -8.31 140.19 5.49
C VAL U 110 -8.07 141.63 5.93
N ALA U 111 -8.82 142.58 5.38
CA ALA U 111 -8.63 143.99 5.69
C ALA U 111 -9.25 144.40 7.01
N THR U 112 -10.05 143.55 7.64
CA THR U 112 -10.65 143.90 8.93
C THR U 112 -9.58 144.00 10.01
N SER U 113 -9.96 144.63 11.12
CA SER U 113 -9.04 144.86 12.23
C SER U 113 -8.96 143.68 13.19
N GLN U 114 -9.86 142.70 13.07
CA GLN U 114 -9.84 141.54 13.95
C GLN U 114 -8.69 140.59 13.64
N VAL U 115 -8.45 140.31 12.36
CA VAL U 115 -7.33 139.45 11.99
C VAL U 115 -6.00 140.11 12.33
N GLU U 116 -5.91 141.43 12.18
CA GLU U 116 -4.68 142.13 12.55
C GLU U 116 -4.40 142.00 14.04
N ASP U 117 -5.43 142.12 14.88
CA ASP U 117 -5.24 141.93 16.31
C ASP U 117 -4.90 140.48 16.64
N LEU U 118 -5.54 139.53 15.96
CA LEU U 118 -5.22 138.13 16.16
C LEU U 118 -3.77 137.83 15.80
N VAL U 119 -3.24 138.50 14.78
CA VAL U 119 -1.86 138.28 14.36
C VAL U 119 -0.89 138.94 15.34
N VAL U 120 -1.16 140.19 15.71
CA VAL U 120 -0.24 140.96 16.55
C VAL U 120 -0.32 140.49 18.00
N ASN U 121 -1.45 140.77 18.65
CA ASN U 121 -1.59 140.50 20.08
C ASN U 121 -1.87 139.03 20.40
N LEU U 122 -1.96 138.17 19.38
CA LEU U 122 -2.22 136.74 19.57
C LEU U 122 -3.51 136.48 20.34
N VAL U 123 -4.47 137.39 20.22
CA VAL U 123 -5.77 137.25 20.89
C VAL U 123 -6.71 136.51 19.95
N PRO U 124 -7.44 135.50 20.42
CA PRO U 124 -8.33 134.75 19.54
C PRO U 124 -9.39 135.66 18.91
N LEU U 125 -9.74 135.36 17.67
CA LEU U 125 -10.69 136.18 16.92
C LEU U 125 -12.08 136.06 17.55
N GLY U 126 -12.63 137.19 17.99
CA GLY U 126 -13.94 137.19 18.61
C GLY U 126 -14.33 138.55 19.15
N ARG U 127 -14.65 139.49 18.26
CA ARG U 127 -15.04 140.83 18.67
C ARG U 127 -16.51 141.09 18.37
N SER V 1 -11.51 138.51 29.05
CA SER V 1 -12.23 137.31 29.47
C SER V 1 -12.37 137.27 30.97
N LYS V 2 -11.73 136.30 31.61
CA LYS V 2 -11.67 136.24 33.07
C LYS V 2 -10.37 136.88 33.53
N THR V 3 -10.48 137.94 34.32
CA THR V 3 -9.33 138.70 34.81
C THR V 3 -9.13 138.47 36.30
N ILE V 4 -7.88 138.34 36.70
CA ILE V 4 -7.50 138.15 38.10
C ILE V 4 -6.49 139.22 38.46
N VAL V 5 -6.78 139.99 39.50
CA VAL V 5 -5.91 141.08 39.95
C VAL V 5 -5.17 140.63 41.19
N LEU V 6 -3.84 140.72 41.15
CA LEU V 6 -2.99 140.34 42.27
C LEU V 6 -2.21 141.55 42.74
N SER V 7 -2.25 141.83 44.03
CA SER V 7 -1.58 142.98 44.63
C SER V 7 -0.27 142.51 45.25
N VAL V 8 0.85 143.04 44.75
CA VAL V 8 2.17 142.69 45.26
C VAL V 8 2.64 143.64 46.35
N GLY V 9 1.98 144.79 46.52
CA GLY V 9 2.39 145.76 47.52
C GLY V 9 2.41 147.18 46.97
N GLU V 10 3.02 147.36 45.81
CA GLU V 10 3.08 148.65 45.15
C GLU V 10 2.49 148.66 43.75
N ALA V 11 2.39 147.51 43.09
CA ALA V 11 1.82 147.40 41.75
C ALA V 11 0.79 146.28 41.74
N THR V 12 -0.03 146.27 40.69
CA THR V 12 -1.09 145.29 40.53
C THR V 12 -0.87 144.54 39.21
N ARG V 13 -0.80 143.21 39.31
CA ARG V 13 -0.64 142.36 38.14
C ARG V 13 -1.98 141.78 37.72
N THR V 14 -2.13 141.59 36.41
CA THR V 14 -3.38 141.12 35.82
C THR V 14 -3.13 139.83 35.06
N LEU V 15 -3.86 138.77 35.44
CA LEU V 15 -3.82 137.49 34.74
C LEU V 15 -5.11 137.31 33.96
N THR V 16 -4.98 136.85 32.71
CA THR V 16 -6.12 136.71 31.81
C THR V 16 -6.32 135.24 31.46
N GLU V 17 -7.59 134.82 31.43
CA GLU V 17 -7.92 133.46 31.01
C GLU V 17 -7.63 133.29 29.52
N ILE V 18 -6.95 132.20 29.15
CA ILE V 18 -6.58 131.98 27.76
C ILE V 18 -7.14 130.66 27.21
N GLN V 19 -7.10 129.59 27.99
CA GLN V 19 -7.54 128.28 27.51
C GLN V 19 -8.69 127.81 28.40
N SER V 20 -9.89 128.31 28.12
CA SER V 20 -11.06 128.01 28.93
C SER V 20 -11.54 126.60 28.62
N THR V 21 -11.28 125.67 29.54
CA THR V 21 -11.76 124.29 29.42
C THR V 21 -12.05 123.76 30.81
N ALA V 22 -12.97 122.80 30.88
CA ALA V 22 -13.41 122.27 32.17
C ALA V 22 -12.28 121.53 32.89
N ASP V 23 -11.68 120.56 32.20
CA ASP V 23 -10.66 119.72 32.81
C ASP V 23 -9.30 120.39 32.88
N ARG V 24 -9.14 121.58 32.30
CA ARG V 24 -7.84 122.27 32.32
C ARG V 24 -8.09 123.75 32.06
N GLN V 25 -7.88 124.56 33.09
CA GLN V 25 -7.99 126.01 32.99
C GLN V 25 -6.59 126.61 33.04
N ILE V 26 -6.25 127.39 32.00
CA ILE V 26 -4.91 127.96 31.85
C ILE V 26 -5.03 129.48 31.91
N PHE V 27 -4.53 130.07 32.98
CA PHE V 27 -4.47 131.51 33.12
C PHE V 27 -3.05 132.00 32.83
N GLU V 28 -2.95 133.08 32.07
CA GLU V 28 -1.68 133.67 31.70
C GLU V 28 -1.66 135.14 32.12
N GLU V 29 -0.49 135.58 32.59
CA GLU V 29 -0.32 136.98 32.98
C GLU V 29 0.05 137.81 31.75
N LYS V 30 -0.61 138.96 31.61
CA LYS V 30 -0.37 139.87 30.49
C LYS V 30 0.33 141.12 31.01
N VAL V 31 1.62 141.25 30.72
CA VAL V 31 2.39 142.42 31.11
C VAL V 31 3.19 142.90 29.91
N GLY V 32 3.96 142.01 29.29
CA GLY V 32 4.75 142.35 28.14
C GLY V 32 4.97 141.15 27.24
N PRO V 33 6.13 140.51 27.37
CA PRO V 33 6.42 139.30 26.57
C PRO V 33 5.57 138.14 27.07
N LEU V 34 4.77 137.57 26.17
CA LEU V 34 3.89 136.47 26.56
C LEU V 34 4.67 135.19 26.82
N VAL V 35 5.75 134.97 26.07
CA VAL V 35 6.57 133.77 26.28
C VAL V 35 7.42 133.96 27.54
N GLY V 36 7.50 132.92 28.36
CA GLY V 36 8.27 132.98 29.58
C GLY V 36 7.68 133.94 30.60
N ARG V 37 6.41 133.75 30.94
CA ARG V 37 5.73 134.62 31.89
C ARG V 37 5.12 133.81 33.03
N LEU V 38 4.04 134.33 33.61
CA LEU V 38 3.36 133.66 34.72
C LEU V 38 2.17 132.89 34.18
N ARG V 39 2.13 131.58 34.47
CA ARG V 39 1.05 130.73 34.03
C ARG V 39 0.51 129.93 35.21
N LEU V 40 -0.78 129.61 35.14
CA LEU V 40 -1.47 128.90 36.21
C LEU V 40 -2.37 127.85 35.59
N THR V 41 -2.23 126.60 36.03
CA THR V 41 -3.02 125.47 35.55
C THR V 41 -3.91 124.98 36.67
N ALA V 42 -5.21 124.92 36.41
CA ALA V 42 -6.20 124.45 37.38
C ALA V 42 -6.96 123.26 36.80
N SER V 43 -7.20 122.26 37.65
CA SER V 43 -7.92 121.06 37.24
C SER V 43 -8.78 120.58 38.38
N LEU V 44 -9.98 120.10 38.04
CA LEU V 44 -10.93 119.56 39.00
C LEU V 44 -11.51 118.27 38.45
N ARG V 45 -11.60 117.25 39.30
CA ARG V 45 -12.07 115.93 38.88
C ARG V 45 -12.66 115.21 40.09
N GLN V 46 -13.09 113.97 39.86
CA GLN V 46 -13.62 113.09 40.89
C GLN V 46 -12.60 111.99 41.20
N ASN V 47 -13.06 110.92 41.82
CA ASN V 47 -12.16 109.82 42.20
C ASN V 47 -12.99 108.61 42.61
N GLY V 48 -12.45 107.42 42.33
CA GLY V 48 -13.06 106.16 42.73
C GLY V 48 -14.49 105.98 42.25
N ALA V 49 -15.41 105.85 43.20
CA ALA V 49 -16.83 105.65 42.89
C ALA V 49 -17.64 106.81 43.47
N LYS V 50 -17.43 108.02 42.94
CA LYS V 50 -18.19 109.21 43.34
C LYS V 50 -17.99 109.60 44.79
N THR V 51 -16.88 109.19 45.40
CA THR V 51 -16.67 109.41 46.85
C THR V 51 -16.21 110.84 47.11
N ALA V 52 -14.93 111.12 46.84
CA ALA V 52 -14.38 112.44 47.07
C ALA V 52 -14.09 113.16 45.76
N TYR V 53 -13.19 114.13 45.78
CA TYR V 53 -12.82 114.89 44.59
C TYR V 53 -11.31 115.08 44.58
N ARG V 54 -10.82 115.69 43.50
CA ARG V 54 -9.40 115.94 43.34
C ARG V 54 -9.21 117.27 42.63
N VAL V 55 -8.48 118.18 43.26
CA VAL V 55 -8.19 119.49 42.72
C VAL V 55 -6.69 119.66 42.60
N ASN V 56 -6.25 120.12 41.42
CA ASN V 56 -4.83 120.33 41.16
C ASN V 56 -4.61 121.79 40.73
N LEU V 57 -3.63 122.43 41.36
CA LEU V 57 -3.29 123.82 41.07
C LEU V 57 -1.78 123.94 40.94
N LYS V 58 -1.32 124.33 39.74
CA LYS V 58 0.09 124.50 39.47
C LYS V 58 0.35 125.92 39.02
N LEU V 59 1.49 126.48 39.45
CA LEU V 59 1.87 127.84 39.11
C LEU V 59 3.31 127.83 38.62
N ASP V 60 3.51 128.25 37.37
CA ASP V 60 4.84 128.26 36.76
C ASP V 60 5.21 129.67 36.34
N GLN V 61 6.52 129.95 36.39
CA GLN V 61 7.05 131.26 35.99
C GLN V 61 8.50 131.09 35.61
N ALA V 62 8.82 131.26 34.33
CA ALA V 62 10.18 131.12 33.83
C ALA V 62 10.77 132.48 33.52
N ASP V 63 11.96 132.74 34.04
CA ASP V 63 12.63 134.01 33.81
C ASP V 63 13.22 134.04 32.40
N VAL V 64 13.31 135.25 31.84
CA VAL V 64 13.82 135.46 30.50
C VAL V 64 15.00 136.43 30.57
N VAL V 65 15.86 136.34 29.55
CA VAL V 65 17.03 137.21 29.43
C VAL V 65 17.13 137.68 27.99
N ASP V 66 17.75 138.85 27.81
CA ASP V 66 17.89 139.46 26.49
C ASP V 66 19.17 140.27 26.45
N CYS V 67 19.81 140.26 25.28
CA CYS V 67 21.06 140.98 25.07
C CYS V 67 20.98 142.04 23.99
N SER V 68 19.78 142.39 23.51
CA SER V 68 19.66 143.38 22.47
C SER V 68 20.00 144.78 22.94
N THR V 69 20.12 144.98 24.25
CA THR V 69 20.48 146.31 24.78
C THR V 69 21.95 146.63 24.52
N SER V 70 22.81 145.63 24.54
CA SER V 70 24.24 145.84 24.33
C SER V 70 24.74 145.03 23.15
N VAL V 71 24.53 143.73 23.18
CA VAL V 71 24.97 142.84 22.11
C VAL V 71 24.08 143.07 20.89
N CYS V 72 24.68 142.94 19.70
CA CYS V 72 24.07 143.14 18.38
C CYS V 72 22.76 142.38 18.18
N GLY V 73 22.66 141.19 18.74
CA GLY V 73 21.79 140.15 18.24
C GLY V 73 21.59 138.98 19.18
N GLU V 74 20.46 138.97 19.88
CA GLU V 74 20.13 137.86 20.79
C GLU V 74 18.65 137.94 21.11
N LEU V 75 17.90 136.91 20.71
CA LEU V 75 16.48 136.86 21.00
C LEU V 75 16.24 136.58 22.47
N PRO V 76 15.08 137.01 23.01
CA PRO V 76 14.76 136.70 24.41
C PRO V 76 14.74 135.20 24.65
N LYS V 77 15.61 134.75 25.56
CA LYS V 77 15.80 133.33 25.83
C LYS V 77 15.43 133.04 27.28
N VAL V 78 14.70 131.95 27.49
CA VAL V 78 14.32 131.54 28.83
C VAL V 78 15.53 130.97 29.56
N ARG V 79 15.52 131.07 30.90
CA ARG V 79 16.62 130.59 31.70
C ARG V 79 16.15 129.36 32.46
N TYR V 80 15.68 129.50 33.69
CA TYR V 80 15.23 128.38 34.50
C TYR V 80 13.71 128.32 34.52
N THR V 81 13.19 127.22 35.05
CA THR V 81 11.75 127.00 35.16
C THR V 81 11.43 126.53 36.57
N GLN V 82 10.38 127.11 37.15
CA GLN V 82 9.93 126.76 38.50
C GLN V 82 8.54 126.15 38.43
N VAL V 83 8.35 125.06 39.16
CA VAL V 83 7.08 124.33 39.19
C VAL V 83 6.61 124.24 40.64
N TRP V 84 5.39 124.69 40.89
CA TRP V 84 4.78 124.66 42.22
C TRP V 84 3.36 124.12 42.06
N SER V 85 3.22 122.80 42.15
CA SER V 85 1.93 122.14 42.02
C SER V 85 1.27 121.95 43.38
N HIS V 86 -0.01 121.58 43.34
CA HIS V 86 -0.78 121.35 44.55
C HIS V 86 -1.63 120.09 44.38
N ASP V 87 -2.29 119.70 45.45
CA ASP V 87 -3.15 118.51 45.42
C ASP V 87 -4.17 118.65 46.55
N VAL V 88 -5.44 118.77 46.20
CA VAL V 88 -6.52 118.92 47.18
C VAL V 88 -7.42 117.70 47.08
N THR V 89 -7.51 116.94 48.18
CA THR V 89 -8.33 115.74 48.27
C THR V 89 -9.30 115.93 49.43
N ILE V 90 -10.40 116.64 49.16
CA ILE V 90 -11.43 116.92 50.16
C ILE V 90 -12.71 116.20 49.77
N VAL V 91 -13.26 115.42 50.68
CA VAL V 91 -14.49 114.69 50.41
C VAL V 91 -15.67 115.66 50.43
N ALA V 92 -16.76 115.28 49.74
CA ALA V 92 -17.93 116.13 49.67
C ALA V 92 -18.62 116.22 51.02
N ASN V 93 -19.03 115.07 51.58
CA ASN V 93 -19.71 115.03 52.86
C ASN V 93 -18.68 115.25 53.97
N SER V 94 -18.35 116.52 54.19
CA SER V 94 -17.39 116.90 55.22
C SER V 94 -18.02 117.86 56.22
N THR V 95 -17.31 118.92 56.58
CA THR V 95 -17.80 119.91 57.53
C THR V 95 -17.33 121.28 57.09
N GLU V 96 -18.27 122.23 57.00
CA GLU V 96 -17.92 123.58 56.59
C GLU V 96 -17.02 124.26 57.61
N ALA V 97 -17.29 124.07 58.90
CA ALA V 97 -16.45 124.67 59.93
C ALA V 97 -15.05 124.07 59.91
N SER V 98 -14.95 122.76 59.71
CA SER V 98 -13.63 122.12 59.63
C SER V 98 -12.87 122.61 58.40
N ARG V 99 -13.56 122.76 57.27
CA ARG V 99 -12.90 123.26 56.07
C ARG V 99 -12.42 124.69 56.26
N LYS V 100 -13.24 125.53 56.92
CA LYS V 100 -12.83 126.90 57.18
C LYS V 100 -11.64 126.96 58.13
N SER V 101 -11.63 126.11 59.15
CA SER V 101 -10.50 126.08 60.08
C SER V 101 -9.24 125.61 59.37
N LEU V 102 -9.36 124.61 58.49
CA LEU V 102 -8.20 124.13 57.74
C LEU V 102 -7.67 125.21 56.81
N TYR V 103 -8.57 125.94 56.14
CA TYR V 103 -8.15 127.03 55.27
C TYR V 103 -7.45 128.13 56.05
N ASP V 104 -7.98 128.46 57.24
CA ASP V 104 -7.35 129.48 58.06
C ASP V 104 -5.97 129.03 58.54
N LEU V 105 -5.83 127.76 58.91
CA LEU V 105 -4.54 127.24 59.32
C LEU V 105 -3.54 127.26 58.16
N THR V 106 -3.99 126.91 56.96
CA THR V 106 -3.11 126.96 55.79
C THR V 106 -2.69 128.39 55.49
N LYS V 107 -3.63 129.34 55.59
CA LYS V 107 -3.29 130.74 55.35
C LYS V 107 -2.29 131.25 56.38
N SER V 108 -2.47 130.85 57.65
CA SER V 108 -1.53 131.27 58.68
C SER V 108 -0.14 130.67 58.45
N LEU V 109 -0.08 129.39 58.07
CA LEU V 109 1.20 128.76 57.79
C LEU V 109 1.87 129.38 56.58
N VAL V 110 1.09 129.84 55.60
CA VAL V 110 1.68 130.49 54.43
C VAL V 110 2.19 131.89 54.79
N ALA V 111 1.42 132.63 55.58
CA ALA V 111 1.79 134.00 55.93
C ALA V 111 2.83 134.06 57.05
N THR V 112 3.14 132.95 57.70
CA THR V 112 4.14 132.97 58.77
C THR V 112 5.52 133.25 58.18
N SER V 113 6.44 133.62 59.08
CA SER V 113 7.80 133.97 58.68
C SER V 113 8.72 132.76 58.56
N GLN V 114 8.30 131.59 59.03
CA GLN V 114 9.11 130.39 58.94
C GLN V 114 9.21 129.86 57.52
N VAL V 115 8.09 129.80 56.80
CA VAL V 115 8.12 129.34 55.41
C VAL V 115 8.89 130.31 54.53
N GLU V 116 8.79 131.62 54.81
CA GLU V 116 9.56 132.60 54.05
C GLU V 116 11.06 132.37 54.23
N ASP V 117 11.50 132.11 55.46
CA ASP V 117 12.91 131.82 55.70
C ASP V 117 13.33 130.50 55.05
N LEU V 118 12.46 129.49 55.12
CA LEU V 118 12.75 128.22 54.45
C LEU V 118 12.89 128.39 52.95
N VAL V 119 12.12 129.30 52.36
CA VAL V 119 12.20 129.53 50.92
C VAL V 119 13.46 130.33 50.56
N VAL V 120 13.73 131.39 51.31
CA VAL V 120 14.83 132.29 51.00
C VAL V 120 16.16 131.67 51.39
N ASN V 121 16.40 131.53 52.69
CA ASN V 121 17.69 131.08 53.19
C ASN V 121 17.88 129.57 53.10
N LEU V 122 16.88 128.84 52.60
CA LEU V 122 16.96 127.38 52.44
C LEU V 122 17.25 126.68 53.76
N VAL V 123 16.81 127.28 54.87
CA VAL V 123 16.99 126.71 56.19
C VAL V 123 15.79 125.84 56.52
N PRO V 124 15.98 124.61 57.01
CA PRO V 124 14.82 123.74 57.30
C PRO V 124 13.90 124.38 58.33
N LEU V 125 12.60 124.13 58.15
CA LEU V 125 11.58 124.72 59.01
C LEU V 125 11.69 124.13 60.42
N GLY V 126 11.94 125.00 61.40
CA GLY V 126 12.07 124.57 62.77
C GLY V 126 12.47 125.69 63.71
N ARG V 127 11.52 126.59 64.00
CA ARG V 127 11.78 127.71 64.89
C ARG V 127 10.99 127.56 66.19
N SER W 1 22.65 125.20 64.34
CA SER W 1 22.78 123.80 64.74
C SER W 1 24.15 123.56 65.34
N LYS W 2 24.97 122.74 64.68
CA LYS W 2 26.35 122.53 65.09
C LYS W 2 27.24 123.47 64.27
N THR W 3 27.95 124.36 64.97
CA THR W 3 28.81 125.36 64.33
C THR W 3 30.27 125.03 64.57
N ILE W 4 31.08 125.23 63.54
CA ILE W 4 32.52 124.99 63.60
C ILE W 4 33.22 126.26 63.15
N VAL W 5 34.10 126.80 63.99
CA VAL W 5 34.83 128.03 63.71
C VAL W 5 36.25 127.68 63.31
N LEU W 6 36.67 128.16 62.14
CA LEU W 6 38.01 127.92 61.62
C LEU W 6 38.73 129.25 61.46
N SER W 7 39.94 129.35 62.01
CA SER W 7 40.74 130.57 61.97
C SER W 7 41.77 130.43 60.85
N VAL W 8 41.68 131.33 59.86
CA VAL W 8 42.63 131.32 58.74
C VAL W 8 43.82 132.23 58.98
N GLY W 9 43.75 133.11 59.98
CA GLY W 9 44.83 134.04 60.25
C GLY W 9 44.34 135.44 60.50
N GLU W 10 43.45 135.94 59.62
CA GLU W 10 42.87 137.26 59.77
C GLU W 10 41.35 137.25 59.83
N ALA W 11 40.69 136.21 59.35
CA ALA W 11 39.25 136.09 59.39
C ALA W 11 38.86 134.72 59.94
N THR W 12 37.60 134.60 60.34
CA THR W 12 37.06 133.37 60.92
C THR W 12 35.91 132.88 60.06
N ARG W 13 36.00 131.63 59.61
CA ARG W 13 34.97 131.00 58.82
C ARG W 13 34.10 130.11 59.69
N THR W 14 32.82 130.03 59.35
CA THR W 14 31.83 129.28 60.12
C THR W 14 31.20 128.22 59.24
N LEU W 15 31.29 126.96 59.68
CA LEU W 15 30.65 125.84 59.02
C LEU W 15 29.46 125.37 59.85
N THR W 16 28.33 125.12 59.20
CA THR W 16 27.09 124.75 59.86
C THR W 16 26.68 123.34 59.47
N GLU W 17 26.21 122.57 60.46
CA GLU W 17 25.69 121.24 60.19
C GLU W 17 24.40 121.33 59.39
N ILE W 18 24.28 120.55 58.32
CA ILE W 18 23.10 120.60 57.47
C ILE W 18 22.38 119.25 57.38
N GLN W 19 23.12 118.15 57.26
CA GLN W 19 22.51 116.83 57.08
C GLN W 19 22.94 115.95 58.24
N SER W 20 22.27 116.11 59.38
CA SER W 20 22.62 115.37 60.60
C SER W 20 22.15 113.93 60.49
N THR W 21 23.09 113.02 60.26
CA THR W 21 22.82 111.59 60.21
C THR W 21 24.02 110.84 60.75
N ALA W 22 23.77 109.65 61.30
CA ALA W 22 24.81 108.87 61.94
C ALA W 22 25.86 108.42 60.93
N ASP W 23 25.42 107.74 59.87
CA ASP W 23 26.35 107.18 58.89
C ASP W 23 26.88 108.21 57.90
N ARG W 24 26.40 109.46 57.95
CA ARG W 24 26.88 110.48 57.02
C ARG W 24 26.56 111.85 57.63
N GLN W 25 27.60 112.57 58.03
CA GLN W 25 27.48 113.93 58.55
C GLN W 25 28.00 114.90 57.51
N ILE W 26 27.16 115.84 57.10
CA ILE W 26 27.48 116.80 56.04
C ILE W 26 27.50 118.19 56.66
N PHE W 27 28.69 118.79 56.74
CA PHE W 27 28.86 120.16 57.19
C PHE W 27 29.07 121.07 55.99
N GLU W 28 28.40 122.21 55.99
CA GLU W 28 28.50 123.19 54.91
C GLU W 28 28.91 124.54 55.49
N GLU W 29 29.76 125.25 54.75
CA GLU W 29 30.19 126.58 55.17
C GLU W 29 29.18 127.61 54.70
N LYS W 30 28.82 128.53 55.60
CA LYS W 30 27.86 129.59 55.31
C LYS W 30 28.60 130.92 55.25
N VAL W 31 28.76 131.46 54.04
CA VAL W 31 29.41 132.75 53.85
C VAL W 31 28.56 133.58 52.90
N GLY W 32 28.24 133.03 51.73
CA GLY W 32 27.44 133.71 50.76
C GLY W 32 26.66 132.74 49.89
N PRO W 33 27.18 132.47 48.69
CA PRO W 33 26.52 131.49 47.80
C PRO W 33 26.69 130.08 48.35
N LEU W 34 25.56 129.42 48.60
CA LEU W 34 25.62 128.06 49.16
C LEU W 34 26.13 127.05 48.14
N VAL W 35 25.79 127.24 46.86
CA VAL W 35 26.27 126.32 45.83
C VAL W 35 27.74 126.61 45.54
N GLY W 36 28.52 125.55 45.41
CA GLY W 36 29.94 125.69 45.15
C GLY W 36 30.70 126.31 46.30
N ARG W 37 30.58 125.72 47.49
CA ARG W 37 31.25 126.25 48.67
C ARG W 37 32.10 125.17 49.33
N LEU W 38 32.27 125.26 50.64
CA LEU W 38 33.07 124.32 51.41
C LEU W 38 32.15 123.28 52.05
N ARG W 39 32.39 122.01 51.76
CA ARG W 39 31.60 120.92 52.31
C ARG W 39 32.52 119.87 52.93
N LEU W 40 32.01 119.21 53.96
CA LEU W 40 32.77 118.19 54.69
C LEU W 40 31.87 117.01 54.97
N THR W 41 32.33 115.82 54.60
CA THR W 41 31.59 114.58 54.78
C THR W 41 32.33 113.71 55.79
N ALA W 42 31.64 113.30 56.84
CA ALA W 42 32.21 112.46 57.89
C ALA W 42 31.39 111.17 58.00
N SER W 43 32.10 110.06 58.18
CA SER W 43 31.46 108.76 58.31
C SER W 43 32.23 107.90 59.31
N LEU W 44 31.49 107.14 60.11
CA LEU W 44 32.06 106.24 61.09
C LEU W 44 31.33 104.91 61.03
N ARG W 45 32.09 103.82 61.07
CA ARG W 45 31.52 102.48 60.94
C ARG W 45 32.45 101.49 61.63
N GLN W 46 32.08 100.20 61.54
CA GLN W 46 32.85 99.10 62.07
C GLN W 46 33.49 98.32 60.92
N ASN W 47 33.92 97.09 61.19
CA ASN W 47 34.57 96.28 60.17
C ASN W 47 34.67 94.83 60.66
N GLY W 48 34.58 93.89 59.71
CA GLY W 48 34.73 92.47 60.00
C GLY W 48 33.78 91.93 61.05
N ALA W 49 34.35 91.43 62.14
CA ALA W 49 33.58 90.87 63.24
C ALA W 49 33.84 91.66 64.52
N LYS W 50 33.44 92.93 64.55
CA LYS W 50 33.54 93.79 65.73
C LYS W 50 34.99 94.06 66.14
N THR W 51 35.95 93.92 65.23
CA THR W 51 37.37 94.03 65.58
C THR W 51 37.78 95.49 65.70
N ALA W 52 37.97 96.16 64.57
CA ALA W 52 38.39 97.55 64.55
C ALA W 52 37.27 98.46 64.10
N TYR W 53 37.60 99.65 63.61
CA TYR W 53 36.63 100.61 63.13
C TYR W 53 37.13 101.24 61.84
N ARG W 54 36.30 102.08 61.24
CA ARG W 54 36.63 102.76 60.00
C ARG W 54 36.04 104.16 60.03
N VAL W 55 36.90 105.16 59.87
CA VAL W 55 36.49 106.56 59.85
C VAL W 55 36.90 107.16 58.52
N ASN W 56 35.95 107.88 57.89
CA ASN W 56 36.19 108.52 56.61
C ASN W 56 35.89 110.00 56.73
N LEU W 57 36.81 110.84 56.25
CA LEU W 57 36.66 112.29 56.30
C LEU W 57 37.06 112.86 54.94
N LYS W 58 36.10 113.50 54.28
CA LYS W 58 36.33 114.10 52.97
C LYS W 58 36.01 115.59 53.04
N LEU W 59 36.81 116.39 52.35
CA LEU W 59 36.63 117.84 52.33
C LEU W 59 36.67 118.32 50.88
N ASP W 60 35.58 118.92 50.42
CA ASP W 60 35.45 119.38 49.05
C ASP W 60 35.21 120.88 49.02
N GLN W 61 35.71 121.53 47.97
CA GLN W 61 35.52 122.97 47.78
C GLN W 61 35.67 123.27 46.30
N ALA W 62 34.58 123.68 45.66
CA ALA W 62 34.57 124.00 44.23
C ALA W 62 34.49 125.51 44.04
N ASP W 63 35.40 126.03 43.23
CA ASP W 63 35.42 127.46 42.95
C ASP W 63 34.30 127.83 41.98
N VAL W 64 33.82 129.07 42.11
CA VAL W 64 32.74 129.57 41.27
C VAL W 64 33.21 130.82 40.54
N VAL W 65 32.55 131.12 39.42
CA VAL W 65 32.85 132.29 38.62
C VAL W 65 31.54 132.94 38.20
N ASP W 66 31.58 134.24 37.96
CA ASP W 66 30.40 135.02 37.60
C ASP W 66 30.81 136.16 36.69
N CYS W 67 29.94 136.48 35.74
CA CYS W 67 30.18 137.55 34.78
C CYS W 67 29.15 138.67 34.85
N SER W 68 28.29 138.69 35.86
CA SER W 68 27.26 139.72 35.95
C SER W 68 27.84 141.10 36.23
N THR W 69 29.12 141.18 36.62
CA THR W 69 29.73 142.47 36.89
C THR W 69 30.00 143.24 35.60
N SER W 70 30.32 142.54 34.52
CA SER W 70 30.61 143.19 33.25
C SER W 70 29.66 142.70 32.15
N VAL W 71 29.62 141.39 31.94
CA VAL W 71 28.76 140.80 30.92
C VAL W 71 27.30 140.90 31.39
N CYS W 72 26.40 141.11 30.43
CA CYS W 72 24.95 141.24 30.57
C CYS W 72 24.30 140.17 31.44
N GLY W 73 24.79 138.94 31.37
CA GLY W 73 24.01 137.76 31.66
C GLY W 73 24.81 136.49 31.77
N GLU W 74 25.08 136.06 33.00
CA GLU W 74 25.82 134.82 33.24
C GLU W 74 25.60 134.41 34.69
N LEU W 75 24.97 133.26 34.90
CA LEU W 75 24.74 132.77 36.25
C LEU W 75 26.04 132.27 36.86
N PRO W 76 26.15 132.27 38.19
CA PRO W 76 27.35 131.72 38.84
C PRO W 76 27.56 130.27 38.47
N LYS W 77 28.70 129.99 37.84
CA LYS W 77 29.02 128.67 37.32
C LYS W 77 30.25 128.12 38.02
N VAL W 78 30.18 126.83 38.40
CA VAL W 78 31.32 126.19 39.05
C VAL W 78 32.41 125.91 38.03
N ARG W 79 33.66 125.86 38.50
CA ARG W 79 34.79 125.63 37.63
C ARG W 79 35.33 124.25 37.91
N TYR W 80 36.33 124.09 38.77
CA TYR W 80 36.93 122.80 39.09
C TYR W 80 36.42 122.30 40.44
N THR W 81 36.73 121.04 40.72
CA THR W 81 36.34 120.40 41.97
C THR W 81 37.55 119.69 42.57
N GLN W 82 37.73 119.86 43.88
CA GLN W 82 38.84 119.25 44.60
C GLN W 82 38.30 118.27 45.63
N VAL W 83 38.91 117.09 45.69
CA VAL W 83 38.49 116.02 46.60
C VAL W 83 39.68 115.64 47.46
N TRP W 84 39.51 115.68 48.78
CA TRP W 84 40.54 115.32 49.74
C TRP W 84 39.90 114.41 50.79
N SER W 85 39.93 113.11 50.53
CA SER W 85 39.35 112.11 51.42
C SER W 85 40.39 111.58 52.39
N HIS W 86 39.92 110.87 53.41
CA HIS W 86 40.79 110.28 54.42
C HIS W 86 40.32 108.86 54.72
N ASP W 87 41.09 108.16 55.55
CA ASP W 87 40.77 106.79 55.93
C ASP W 87 41.48 106.50 57.24
N VAL W 88 40.72 106.27 58.30
CA VAL W 88 41.25 105.99 59.63
C VAL W 88 40.84 104.57 60.01
N THR W 89 41.83 103.70 60.20
CA THR W 89 41.62 102.31 60.59
C THR W 89 42.38 102.07 61.90
N ILE W 90 41.76 102.45 63.01
CA ILE W 90 42.34 102.31 64.35
C ILE W 90 41.52 101.30 65.13
N VAL W 91 42.19 100.29 65.67
CA VAL W 91 41.50 99.26 66.45
C VAL W 91 41.12 99.83 67.81
N ALA W 92 40.10 99.24 68.44
CA ALA W 92 39.63 99.71 69.73
C ALA W 92 40.66 99.43 70.82
N ASN W 93 41.03 98.16 70.99
CA ASN W 93 42.01 97.77 72.01
C ASN W 93 43.40 98.16 71.52
N SER W 94 43.73 99.43 71.71
CA SER W 94 45.03 99.95 71.30
C SER W 94 45.76 100.56 72.50
N THR W 95 46.35 101.74 72.30
CA THR W 95 47.08 102.43 73.36
C THR W 95 46.84 103.93 73.24
N GLU W 96 46.44 104.55 74.35
CA GLU W 96 46.18 105.99 74.33
C GLU W 96 47.45 106.78 74.06
N ALA W 97 48.57 106.37 74.68
CA ALA W 97 49.84 107.06 74.45
C ALA W 97 50.29 106.91 73.00
N SER W 98 50.13 105.72 72.43
CA SER W 98 50.50 105.51 71.03
C SER W 98 49.62 106.33 70.11
N ARG W 99 48.32 106.40 70.39
CA ARG W 99 47.43 107.22 69.57
C ARG W 99 47.78 108.69 69.67
N LYS W 100 48.12 109.17 70.86
CA LYS W 100 48.52 110.57 71.03
C LYS W 100 49.82 110.86 70.28
N SER W 101 50.78 109.94 70.35
CA SER W 101 52.03 110.14 69.63
C SER W 101 51.80 110.14 68.12
N LEU W 102 50.92 109.26 67.63
CA LEU W 102 50.62 109.23 66.20
C LEU W 102 49.93 110.52 65.76
N TYR W 103 49.01 111.03 66.59
CA TYR W 103 48.33 112.28 66.26
C TYR W 103 49.32 113.44 66.25
N ASP W 104 50.26 113.46 67.21
CA ASP W 104 51.26 114.52 67.23
C ASP W 104 52.17 114.44 66.01
N LEU W 105 52.56 113.22 65.61
CA LEU W 105 53.39 113.07 64.42
C LEU W 105 52.65 113.52 63.17
N THR W 106 51.36 113.19 63.07
CA THR W 106 50.57 113.63 61.93
C THR W 106 50.44 115.15 61.90
N LYS W 107 50.21 115.76 63.07
CA LYS W 107 50.12 117.21 63.14
C LYS W 107 51.44 117.87 62.74
N SER W 108 52.56 117.30 63.18
CA SER W 108 53.86 117.86 62.80
C SER W 108 54.11 117.72 61.31
N LEU W 109 53.77 116.56 60.74
CA LEU W 109 53.94 116.37 59.29
C LEU W 109 53.04 117.30 58.49
N VAL W 110 51.86 117.62 59.02
CA VAL W 110 50.97 118.55 58.32
C VAL W 110 51.49 119.97 58.42
N ALA W 111 51.97 120.37 59.60
CA ALA W 111 52.44 121.73 59.82
C ALA W 111 53.84 121.97 59.27
N THR W 112 54.56 120.93 58.86
CA THR W 112 55.90 121.12 58.32
C THR W 112 55.84 121.86 56.98
N SER W 113 56.99 122.37 56.57
CA SER W 113 57.10 123.15 55.34
C SER W 113 57.29 122.29 54.10
N GLN W 114 57.57 121.00 54.26
CA GLN W 114 57.77 120.11 53.13
C GLN W 114 56.46 119.79 52.41
N VAL W 115 55.39 119.51 53.16
CA VAL W 115 54.10 119.23 52.54
C VAL W 115 53.55 120.47 51.87
N GLU W 116 53.79 121.65 52.45
CA GLU W 116 53.35 122.89 51.83
C GLU W 116 54.03 123.10 50.48
N ASP W 117 55.34 122.84 50.40
CA ASP W 117 56.04 122.95 49.13
C ASP W 117 55.56 121.90 48.14
N LEU W 118 55.32 120.68 48.61
CA LEU W 118 54.79 119.63 47.74
C LEU W 118 53.43 120.01 47.18
N VAL W 119 52.62 120.72 47.96
CA VAL W 119 51.30 121.12 47.49
C VAL W 119 51.40 122.28 46.51
N VAL W 120 52.21 123.30 46.85
CA VAL W 120 52.29 124.51 46.05
C VAL W 120 53.12 124.26 44.79
N ASN W 121 54.42 124.05 44.96
CA ASN W 121 55.34 123.94 43.83
C ASN W 121 55.31 122.57 43.15
N LEU W 122 54.49 121.64 43.65
CA LEU W 122 54.36 120.30 43.06
C LEU W 122 55.69 119.57 43.02
N VAL W 123 56.59 119.89 43.96
CA VAL W 123 57.89 119.24 44.05
C VAL W 123 57.76 118.02 44.96
N PRO W 124 58.28 116.86 44.56
CA PRO W 124 58.15 115.66 45.41
C PRO W 124 58.80 115.88 46.77
N LEU W 125 58.18 115.28 47.79
CA LEU W 125 58.64 115.44 49.17
C LEU W 125 60.00 114.76 49.33
N GLY W 126 61.01 115.55 49.71
CA GLY W 126 62.34 115.02 49.91
C GLY W 126 63.37 116.08 50.22
N ARG W 127 63.32 116.63 51.43
CA ARG W 127 64.25 117.67 51.84
C ARG W 127 65.20 117.15 52.92
N SER X 1 -75.21 116.12 30.39
CA SER X 1 -73.97 115.87 29.67
C SER X 1 -74.03 116.49 28.27
N LYS X 2 -74.03 115.66 27.23
CA LYS X 2 -74.23 116.13 25.87
C LYS X 2 -75.70 115.98 25.52
N THR X 3 -76.36 117.10 25.19
CA THR X 3 -77.77 117.12 24.89
C THR X 3 -77.99 117.39 23.40
N ILE X 4 -78.95 116.71 22.81
CA ILE X 4 -79.32 116.87 21.40
C ILE X 4 -80.80 117.15 21.34
N VAL X 5 -81.18 118.27 20.71
CA VAL X 5 -82.57 118.69 20.60
C VAL X 5 -83.04 118.39 19.18
N LEU X 6 -84.14 117.64 19.07
CA LEU X 6 -84.73 117.28 17.79
C LEU X 6 -86.14 117.85 17.71
N SER X 7 -86.43 118.55 16.62
CA SER X 7 -87.73 119.19 16.42
C SER X 7 -88.56 118.30 15.49
N VAL X 8 -89.70 117.82 16.01
CA VAL X 8 -90.60 116.98 15.22
C VAL X 8 -91.68 117.77 14.52
N GLY X 9 -91.87 119.04 14.88
CA GLY X 9 -92.91 119.86 14.28
C GLY X 9 -93.70 120.64 15.30
N GLU X 10 -94.15 119.96 16.36
CA GLU X 10 -94.88 120.60 17.43
C GLU X 10 -94.24 120.43 18.81
N ALA X 11 -93.39 119.43 18.99
CA ALA X 11 -92.71 119.19 20.25
C ALA X 11 -91.22 119.00 19.99
N THR X 12 -90.43 119.11 21.05
CA THR X 12 -88.97 118.99 20.98
C THR X 12 -88.54 117.83 21.87
N ARG X 13 -87.80 116.89 21.29
CA ARG X 13 -87.27 115.74 22.02
C ARG X 13 -85.81 115.98 22.37
N THR X 14 -85.40 115.45 23.52
CA THR X 14 -84.06 115.65 24.05
C THR X 14 -83.38 114.29 24.22
N LEU X 15 -82.22 114.12 23.59
CA LEU X 15 -81.40 112.94 23.75
C LEU X 15 -80.17 113.28 24.57
N THR X 16 -79.83 112.42 25.53
CA THR X 16 -78.74 112.66 26.44
C THR X 16 -77.64 111.61 26.26
N GLU X 17 -76.39 112.06 26.31
CA GLU X 17 -75.26 111.14 26.22
C GLU X 17 -75.19 110.29 27.48
N ILE X 18 -75.03 108.97 27.32
CA ILE X 18 -75.01 108.08 28.47
C ILE X 18 -73.70 107.28 28.56
N GLN X 19 -73.19 106.79 27.43
CA GLN X 19 -71.99 105.94 27.45
C GLN X 19 -70.92 106.63 26.61
N SER X 20 -70.24 107.60 27.21
CA SER X 20 -69.23 108.39 26.51
C SER X 20 -67.97 107.57 26.34
N THR X 21 -67.73 107.10 25.12
CA THR X 21 -66.52 106.37 24.78
C THR X 21 -66.14 106.69 23.34
N ALA X 22 -64.85 106.59 23.04
CA ALA X 22 -64.36 106.97 21.72
C ALA X 22 -64.89 106.02 20.64
N ASP X 23 -64.69 104.72 20.82
CA ASP X 23 -65.08 103.75 19.80
C ASP X 23 -66.57 103.42 19.80
N ARG X 24 -67.33 103.96 20.77
CA ARG X 24 -68.76 103.67 20.83
C ARG X 24 -69.43 104.78 21.65
N GLN X 25 -70.22 105.61 20.99
CA GLN X 25 -70.99 106.67 21.63
C GLN X 25 -72.46 106.28 21.63
N ILE X 26 -73.06 106.22 22.82
CA ILE X 26 -74.43 105.77 22.99
C ILE X 26 -75.25 106.94 23.52
N PHE X 27 -76.16 107.45 22.69
CA PHE X 27 -77.08 108.50 23.09
C PHE X 27 -78.46 107.88 23.35
N GLU X 28 -79.09 108.31 24.44
CA GLU X 28 -80.40 107.82 24.83
C GLU X 28 -81.35 108.98 24.98
N GLU X 29 -82.59 108.80 24.56
CA GLU X 29 -83.62 109.82 24.70
C GLU X 29 -84.26 109.72 26.09
N LYS X 30 -84.41 110.87 26.74
CA LYS X 30 -85.00 110.95 28.08
C LYS X 30 -86.36 111.61 27.97
N VAL X 31 -87.42 110.82 28.11
CA VAL X 31 -88.79 111.33 28.08
C VAL X 31 -89.55 110.75 29.26
N GLY X 32 -89.54 109.43 29.38
CA GLY X 32 -90.22 108.76 30.46
C GLY X 32 -89.56 107.44 30.82
N PRO X 33 -90.12 106.33 30.31
CA PRO X 33 -89.51 105.01 30.54
C PRO X 33 -88.21 104.88 29.77
N LEU X 34 -87.11 104.62 30.49
CA LEU X 34 -85.82 104.53 29.84
C LEU X 34 -85.70 103.25 29.02
N VAL X 35 -86.31 102.16 29.47
CA VAL X 35 -86.27 100.91 28.72
C VAL X 35 -87.22 101.00 27.54
N GLY X 36 -86.75 100.52 26.38
CA GLY X 36 -87.55 100.57 25.16
C GLY X 36 -87.81 101.98 24.68
N ARG X 37 -86.73 102.73 24.47
CA ARG X 37 -86.85 104.11 24.00
C ARG X 37 -86.02 104.34 22.74
N LEU X 38 -85.55 105.56 22.54
CA LEU X 38 -84.76 105.93 21.37
C LEU X 38 -83.28 105.88 21.73
N ARG X 39 -82.50 105.09 21.00
CA ARG X 39 -81.08 104.97 21.22
C ARG X 39 -80.33 105.18 19.91
N LEU X 40 -79.11 105.71 20.03
CA LEU X 40 -78.27 106.01 18.87
C LEU X 40 -76.85 105.58 19.17
N THR X 41 -76.28 104.77 18.28
CA THR X 41 -74.91 104.26 18.41
C THR X 41 -74.05 104.87 17.31
N ALA X 42 -72.95 105.51 17.71
CA ALA X 42 -72.02 106.14 16.78
C ALA X 42 -70.63 105.53 16.97
N SER X 43 -69.95 105.29 15.85
CA SER X 43 -68.62 104.72 15.88
C SER X 43 -67.77 105.32 14.76
N LEU X 44 -66.51 105.57 15.06
CA LEU X 44 -65.56 106.13 14.10
C LEU X 44 -64.25 105.35 14.21
N ARG X 45 -63.68 105.01 13.06
CA ARG X 45 -62.46 104.21 13.01
C ARG X 45 -61.72 104.50 11.71
N GLN X 46 -60.61 103.79 11.52
CA GLN X 46 -59.79 103.88 10.32
C GLN X 46 -59.98 102.60 9.49
N ASN X 47 -59.06 102.35 8.56
CA ASN X 47 -59.15 101.18 7.70
C ASN X 47 -57.82 100.97 6.98
N GLY X 48 -57.50 99.71 6.71
CA GLY X 48 -56.31 99.34 5.96
C GLY X 48 -55.01 99.87 6.52
N ALA X 49 -54.32 100.70 5.73
CA ALA X 49 -53.05 101.29 6.14
C ALA X 49 -53.18 102.81 6.15
N LYS X 50 -54.01 103.34 7.05
CA LYS X 50 -54.17 104.79 7.24
C LYS X 50 -54.75 105.50 6.02
N THR X 51 -55.46 104.77 5.15
CA THR X 51 -55.94 105.35 3.89
C THR X 51 -57.20 106.17 4.12
N ALA X 52 -58.34 105.51 4.30
CA ALA X 52 -59.61 106.19 4.50
C ALA X 52 -60.09 106.04 5.94
N TYR X 53 -61.39 106.19 6.15
CA TYR X 53 -61.97 106.05 7.48
C TYR X 53 -63.29 105.29 7.36
N ARG X 54 -63.90 105.01 8.51
CA ARG X 54 -65.15 104.28 8.57
C ARG X 54 -66.01 104.84 9.68
N VAL X 55 -67.22 105.29 9.34
CA VAL X 55 -68.16 105.84 10.29
C VAL X 55 -69.43 105.00 10.27
N ASN X 56 -69.90 104.64 11.46
CA ASN X 56 -71.11 103.83 11.59
C ASN X 56 -72.11 104.56 12.49
N LEU X 57 -73.35 104.66 12.03
CA LEU X 57 -74.41 105.34 12.76
C LEU X 57 -75.66 104.46 12.74
N LYS X 58 -76.10 104.01 13.91
CA LYS X 58 -77.29 103.17 14.03
C LYS X 58 -78.29 103.86 14.95
N LEU X 59 -79.57 103.74 14.60
CA LEU X 59 -80.65 104.35 15.38
C LEU X 59 -81.71 103.29 15.63
N ASP X 60 -81.98 103.00 16.90
CA ASP X 60 -82.94 101.98 17.29
C ASP X 60 -84.04 102.59 18.14
N GLN X 61 -85.24 102.03 18.03
CA GLN X 61 -86.39 102.49 18.81
C GLN X 61 -87.38 101.35 18.89
N ALA X 62 -87.58 100.80 20.10
CA ALA X 62 -88.48 99.70 20.32
C ALA X 62 -89.74 100.20 21.03
N ASP X 63 -90.90 99.86 20.49
CA ASP X 63 -92.16 100.26 21.09
C ASP X 63 -92.46 99.41 22.32
N VAL X 64 -93.19 100.00 23.26
CA VAL X 64 -93.55 99.34 24.51
C VAL X 64 -95.07 99.33 24.65
N VAL X 65 -95.56 98.37 25.43
CA VAL X 65 -96.98 98.24 25.71
C VAL X 65 -97.18 97.98 27.20
N ASP X 66 -98.34 98.36 27.72
CA ASP X 66 -98.65 98.23 29.13
C ASP X 66 -100.14 98.00 29.31
N CYS X 67 -100.49 97.18 30.28
CA CYS X 67 -101.88 96.85 30.57
C CYS X 67 -102.32 97.25 31.97
N SER X 68 -101.51 98.04 32.70
CA SER X 68 -101.88 98.42 34.05
C SER X 68 -103.06 99.38 34.09
N THR X 69 -103.44 99.95 32.94
CA THR X 69 -104.58 100.86 32.92
C THR X 69 -105.89 100.12 33.07
N SER X 70 -105.98 98.89 32.56
CA SER X 70 -107.21 98.11 32.65
C SER X 70 -106.96 96.79 33.36
N VAL X 71 -106.02 96.01 32.87
CA VAL X 71 -105.70 94.71 33.46
C VAL X 71 -104.97 94.95 34.78
N CYS X 72 -105.21 94.06 35.75
CA CYS X 72 -104.68 94.08 37.11
C CYS X 72 -103.17 94.25 37.19
N GLY X 73 -102.45 93.66 36.24
CA GLY X 73 -101.07 93.27 36.44
C GLY X 73 -100.34 92.91 35.16
N GLU X 74 -99.52 93.84 34.66
CA GLU X 74 -98.72 93.60 33.47
C GLU X 74 -97.63 94.66 33.41
N LEU X 75 -96.38 94.23 33.48
CA LEU X 75 -95.27 95.16 33.40
C LEU X 75 -95.10 95.67 31.97
N PRO X 76 -94.51 96.85 31.79
CA PRO X 76 -94.25 97.36 30.43
C PRO X 76 -93.37 96.40 29.66
N LYS X 77 -93.90 95.91 28.54
CA LYS X 77 -93.23 94.89 27.73
C LYS X 77 -92.95 95.45 26.34
N VAL X 78 -91.73 95.20 25.84
CA VAL X 78 -91.37 95.65 24.51
C VAL X 78 -92.08 94.78 23.46
N ARG X 79 -92.31 95.36 22.29
CA ARG X 79 -92.99 94.66 21.21
C ARG X 79 -91.98 94.37 20.12
N TYR X 80 -91.85 95.21 19.10
CA TYR X 80 -90.92 94.98 18.00
C TYR X 80 -89.68 95.86 18.16
N THR X 81 -88.68 95.60 17.33
CA THR X 81 -87.43 96.34 17.34
C THR X 81 -87.07 96.74 15.92
N GLN X 82 -86.66 98.00 15.74
CA GLN X 82 -86.29 98.52 14.44
C GLN X 82 -84.81 98.90 14.47
N VAL X 83 -84.10 98.52 13.41
CA VAL X 83 -82.66 98.76 13.28
C VAL X 83 -82.42 99.52 11.98
N TRP X 84 -81.77 100.68 12.08
CA TRP X 84 -81.44 101.53 10.93
C TRP X 84 -79.96 101.93 11.07
N SER X 85 -79.07 101.12 10.51
CA SER X 85 -77.65 101.37 10.57
C SER X 85 -77.18 102.14 9.33
N HIS X 86 -75.96 102.64 9.40
CA HIS X 86 -75.36 103.40 8.31
C HIS X 86 -73.92 102.94 8.12
N ASP X 87 -73.28 103.47 7.06
CA ASP X 87 -71.90 103.14 6.77
C ASP X 87 -71.32 104.26 5.91
N VAL X 88 -70.34 104.98 6.45
CA VAL X 88 -69.70 106.10 5.76
C VAL X 88 -68.25 105.74 5.52
N THR X 89 -67.86 105.67 4.24
CA THR X 89 -66.50 105.35 3.83
C THR X 89 -66.00 106.50 2.96
N ILE X 90 -65.52 107.56 3.61
CA ILE X 90 -65.02 108.75 2.94
C ILE X 90 -63.53 108.85 3.21
N VAL X 91 -62.73 108.97 2.15
CA VAL X 91 -61.29 109.11 2.30
C VAL X 91 -60.95 110.50 2.80
N ALA X 92 -59.77 110.62 3.43
CA ALA X 92 -59.35 111.90 3.97
C ALA X 92 -59.02 112.89 2.86
N ASN X 93 -58.09 112.52 1.98
CA ASN X 93 -57.69 113.38 0.87
C ASN X 93 -58.78 113.35 -0.21
N SER X 94 -59.84 114.14 0.03
CA SER X 94 -60.95 114.21 -0.91
C SER X 94 -61.15 115.64 -1.39
N THR X 95 -62.40 116.10 -1.41
CA THR X 95 -62.73 117.45 -1.84
C THR X 95 -63.88 117.97 -0.99
N GLU X 96 -63.69 119.18 -0.43
CA GLU X 96 -64.72 119.77 0.40
C GLU X 96 -65.98 120.08 -0.40
N ALA X 97 -65.81 120.61 -1.62
CA ALA X 97 -66.95 120.91 -2.46
C ALA X 97 -67.70 119.64 -2.85
N SER X 98 -66.97 118.57 -3.17
CA SER X 98 -67.61 117.31 -3.52
C SER X 98 -68.35 116.73 -2.31
N ARG X 99 -67.75 116.82 -1.12
CA ARG X 99 -68.42 116.33 0.08
C ARG X 99 -69.69 117.13 0.37
N LYS X 100 -69.63 118.45 0.20
CA LYS X 100 -70.81 119.28 0.42
C LYS X 100 -71.91 118.95 -0.59
N SER X 101 -71.53 118.75 -1.86
CA SER X 101 -72.53 118.39 -2.87
C SER X 101 -73.15 117.03 -2.57
N LEU X 102 -72.34 116.08 -2.11
CA LEU X 102 -72.88 114.76 -1.76
C LEU X 102 -73.81 114.86 -0.57
N TYR X 103 -73.46 115.66 0.44
CA TYR X 103 -74.33 115.84 1.59
C TYR X 103 -75.65 116.51 1.19
N ASP X 104 -75.58 117.49 0.29
CA ASP X 104 -76.80 118.15 -0.17
C ASP X 104 -77.67 117.18 -0.97
N LEU X 105 -77.06 116.33 -1.80
CA LEU X 105 -77.83 115.34 -2.55
C LEU X 105 -78.49 114.33 -1.60
N THR X 106 -77.76 113.90 -0.58
CA THR X 106 -78.34 112.98 0.40
C THR X 106 -79.49 113.62 1.16
N LYS X 107 -79.33 114.89 1.55
CA LYS X 107 -80.40 115.60 2.24
C LYS X 107 -81.63 115.74 1.35
N SER X 108 -81.42 116.03 0.06
CA SER X 108 -82.55 116.16 -0.86
C SER X 108 -83.25 114.81 -1.06
N LEU X 109 -82.47 113.73 -1.19
CA LEU X 109 -83.07 112.42 -1.35
C LEU X 109 -83.82 111.98 -0.08
N VAL X 110 -83.36 112.42 1.08
CA VAL X 110 -84.06 112.08 2.32
C VAL X 110 -85.34 112.90 2.45
N ALA X 111 -85.29 114.19 2.10
CA ALA X 111 -86.44 115.06 2.24
C ALA X 111 -87.45 114.91 1.11
N THR X 112 -87.11 114.19 0.04
CA THR X 112 -88.05 113.99 -1.06
C THR X 112 -89.24 113.15 -0.61
N SER X 113 -90.30 113.19 -1.42
CA SER X 113 -91.53 112.47 -1.11
C SER X 113 -91.51 111.02 -1.57
N GLN X 114 -90.53 110.63 -2.37
CA GLN X 114 -90.44 109.25 -2.85
C GLN X 114 -90.02 108.28 -1.76
N VAL X 115 -89.01 108.65 -0.96
CA VAL X 115 -88.58 107.78 0.13
C VAL X 115 -89.65 107.67 1.20
N GLU X 116 -90.40 108.76 1.43
CA GLU X 116 -91.49 108.71 2.40
C GLU X 116 -92.56 107.71 1.95
N ASP X 117 -92.91 107.73 0.66
CA ASP X 117 -93.88 106.76 0.14
C ASP X 117 -93.34 105.35 0.20
N LEU X 118 -92.05 105.18 -0.13
CA LEU X 118 -91.42 103.86 -0.04
C LEU X 118 -91.45 103.32 1.38
N VAL X 119 -91.32 104.21 2.38
CA VAL X 119 -91.34 103.77 3.77
C VAL X 119 -92.75 103.47 4.22
N VAL X 120 -93.71 104.34 3.90
CA VAL X 120 -95.07 104.19 4.38
C VAL X 120 -95.80 103.10 3.61
N ASN X 121 -96.07 103.35 2.32
CA ASN X 121 -96.88 102.45 1.51
C ASN X 121 -96.11 101.23 1.02
N LEU X 122 -94.83 101.12 1.34
CA LEU X 122 -94.00 99.98 0.93
C LEU X 122 -93.97 99.81 -0.59
N VAL X 123 -94.13 100.91 -1.32
CA VAL X 123 -94.10 100.90 -2.78
C VAL X 123 -92.66 101.13 -3.23
N PRO X 124 -92.14 100.32 -4.16
CA PRO X 124 -90.75 100.52 -4.61
C PRO X 124 -90.53 101.91 -5.19
N LEU X 125 -89.34 102.45 -4.93
CA LEU X 125 -88.99 103.79 -5.37
C LEU X 125 -88.91 103.84 -6.89
N GLY X 126 -89.74 104.68 -7.50
CA GLY X 126 -89.77 104.81 -8.95
C GLY X 126 -90.88 105.71 -9.44
N ARG X 127 -90.71 107.02 -9.24
CA ARG X 127 -91.71 107.99 -9.68
C ARG X 127 -91.17 108.85 -10.82
N SER Y 1 -98.88 99.58 -11.58
CA SER Y 1 -98.20 98.68 -12.50
C SER Y 1 -99.22 97.91 -13.33
N LYS Y 2 -99.28 96.59 -13.13
CA LYS Y 2 -100.31 95.76 -13.75
C LYS Y 2 -101.45 95.59 -12.77
N THR Y 3 -102.64 96.04 -13.15
CA THR Y 3 -103.81 95.99 -12.30
C THR Y 3 -104.81 94.96 -12.84
N ILE Y 4 -105.42 94.22 -11.92
CA ILE Y 4 -106.43 93.22 -12.25
C ILE Y 4 -107.67 93.52 -11.43
N VAL Y 5 -108.81 93.68 -12.12
CA VAL Y 5 -110.08 94.01 -11.48
C VAL Y 5 -110.93 92.75 -11.43
N LEU Y 6 -111.38 92.38 -10.23
CA LEU Y 6 -112.23 91.22 -10.01
C LEU Y 6 -113.57 91.66 -9.45
N SER Y 7 -114.66 91.21 -10.08
CA SER Y 7 -116.01 91.57 -9.66
C SER Y 7 -116.59 90.43 -8.83
N VAL Y 8 -116.91 90.74 -7.57
CA VAL Y 8 -117.49 89.74 -6.68
C VAL Y 8 -119.01 89.75 -6.69
N GLY Y 9 -119.63 90.79 -7.26
CA GLY Y 9 -121.08 90.89 -7.29
C GLY Y 9 -121.57 92.28 -6.91
N GLU Y 10 -121.04 92.82 -5.80
CA GLU Y 10 -121.39 94.16 -5.36
C GLU Y 10 -120.20 95.09 -5.23
N ALA Y 11 -118.98 94.57 -5.10
CA ALA Y 11 -117.77 95.37 -4.99
C ALA Y 11 -116.74 94.85 -5.98
N THR Y 12 -115.72 95.68 -6.23
CA THR Y 12 -114.65 95.35 -7.16
C THR Y 12 -113.32 95.37 -6.42
N ARG Y 13 -112.59 94.27 -6.50
CA ARG Y 13 -111.28 94.15 -5.88
C ARG Y 13 -110.19 94.38 -6.91
N THR Y 14 -109.08 94.97 -6.46
CA THR Y 14 -107.97 95.32 -7.33
C THR Y 14 -106.70 94.62 -6.86
N LEU Y 15 -106.08 93.86 -7.75
CA LEU Y 15 -104.80 93.20 -7.50
C LEU Y 15 -103.72 93.91 -8.29
N THR Y 16 -102.58 94.15 -7.64
CA THR Y 16 -101.48 94.90 -8.23
C THR Y 16 -100.25 94.00 -8.36
N GLU Y 17 -99.56 94.13 -9.49
CA GLU Y 17 -98.31 93.40 -9.69
C GLU Y 17 -97.24 93.94 -8.77
N ILE Y 18 -96.51 93.05 -8.07
CA ILE Y 18 -95.49 93.47 -7.13
C ILE Y 18 -94.12 92.93 -7.47
N GLN Y 19 -94.02 91.66 -7.88
CA GLN Y 19 -92.72 91.04 -8.14
C GLN Y 19 -92.70 90.59 -9.60
N SER Y 20 -92.43 91.54 -10.50
CA SER Y 20 -92.45 91.29 -11.93
C SER Y 20 -91.19 90.51 -12.32
N THR Y 21 -91.36 89.21 -12.58
CA THR Y 21 -90.28 88.36 -13.05
C THR Y 21 -90.85 87.31 -14.00
N ALA Y 22 -90.01 86.84 -14.92
CA ALA Y 22 -90.47 85.91 -15.94
C ALA Y 22 -90.87 84.57 -15.32
N ASP Y 23 -89.98 83.95 -14.56
CA ASP Y 23 -90.23 82.63 -13.99
C ASP Y 23 -91.13 82.66 -12.77
N ARG Y 24 -91.50 83.84 -12.27
CA ARG Y 24 -92.35 83.92 -11.08
C ARG Y 24 -93.02 85.30 -11.08
N GLN Y 25 -94.32 85.34 -11.30
CA GLN Y 25 -95.11 86.56 -11.25
C GLN Y 25 -95.97 86.54 -9.98
N ILE Y 26 -95.81 87.55 -9.14
CA ILE Y 26 -96.48 87.63 -7.85
C ILE Y 26 -97.43 88.82 -7.87
N PHE Y 27 -98.73 88.55 -7.87
CA PHE Y 27 -99.74 89.60 -7.77
C PHE Y 27 -100.29 89.65 -6.35
N GLU Y 28 -100.44 90.86 -5.83
CA GLU Y 28 -100.94 91.08 -4.49
C GLU Y 28 -102.16 91.99 -4.54
N GLU Y 29 -103.15 91.70 -3.71
CA GLU Y 29 -104.35 92.53 -3.63
C GLU Y 29 -104.10 93.69 -2.67
N LYS Y 30 -104.49 94.90 -3.09
CA LYS Y 30 -104.33 96.11 -2.30
C LYS Y 30 -105.71 96.57 -1.83
N VAL Y 31 -105.99 96.39 -0.54
CA VAL Y 31 -107.25 96.83 0.05
C VAL Y 31 -106.95 97.58 1.34
N GLY Y 32 -106.20 96.93 2.23
CA GLY Y 32 -105.83 97.53 3.49
C GLY Y 32 -104.51 96.99 4.02
N PRO Y 33 -104.59 96.03 4.94
CA PRO Y 33 -103.36 95.39 5.46
C PRO Y 33 -102.73 94.51 4.40
N LEU Y 34 -101.47 94.81 4.06
CA LEU Y 34 -100.79 94.05 3.02
C LEU Y 34 -100.44 92.65 3.50
N VAL Y 35 -100.10 92.48 4.78
CA VAL Y 35 -99.78 91.17 5.31
C VAL Y 35 -101.07 90.38 5.49
N GLY Y 36 -101.04 89.10 5.11
CA GLY Y 36 -102.20 88.25 5.22
C GLY Y 36 -103.34 88.67 4.31
N ARG Y 37 -103.05 88.78 3.02
CA ARG Y 37 -104.06 89.19 2.04
C ARG Y 37 -104.18 88.18 0.92
N LEU Y 38 -104.57 88.64 -0.27
CA LEU Y 38 -104.74 87.77 -1.44
C LEU Y 38 -103.49 87.85 -2.30
N ARG Y 39 -102.87 86.70 -2.56
CA ARG Y 39 -101.67 86.62 -3.38
C ARG Y 39 -101.86 85.57 -4.47
N LEU Y 40 -101.20 85.79 -5.60
CA LEU Y 40 -101.29 84.91 -6.75
C LEU Y 40 -99.91 84.72 -7.35
N THR Y 41 -99.51 83.47 -7.52
CA THR Y 41 -98.21 83.11 -8.07
C THR Y 41 -98.42 82.44 -9.42
N ALA Y 42 -97.78 82.98 -10.45
CA ALA Y 42 -97.86 82.44 -11.81
C ALA Y 42 -96.47 82.06 -12.30
N SER Y 43 -96.38 80.92 -12.98
CA SER Y 43 -95.11 80.45 -13.51
C SER Y 43 -95.36 79.76 -14.85
N LEU Y 44 -94.43 79.98 -15.79
CA LEU Y 44 -94.48 79.38 -17.11
C LEU Y 44 -93.10 78.85 -17.47
N ARG Y 45 -93.06 77.64 -18.02
CA ARG Y 45 -91.78 76.99 -18.35
C ARG Y 45 -92.02 76.00 -19.48
N GLN Y 46 -90.95 75.28 -19.84
CA GLN Y 46 -90.97 74.25 -20.85
C GLN Y 46 -90.84 72.88 -20.17
N ASN Y 47 -90.48 71.86 -20.95
CA ASN Y 47 -90.35 70.51 -20.42
C ASN Y 47 -89.63 69.63 -21.43
N GLY Y 48 -88.88 68.65 -20.91
CA GLY Y 48 -88.18 67.68 -21.73
C GLY Y 48 -87.26 68.26 -22.79
N ALA Y 49 -87.57 67.98 -24.05
CA ALA Y 49 -86.78 68.47 -25.17
C ALA Y 49 -87.64 69.35 -26.07
N LYS Y 50 -88.09 70.50 -25.55
CA LYS Y 50 -88.85 71.49 -26.32
C LYS Y 50 -90.21 70.97 -26.78
N THR Y 51 -90.75 69.94 -26.12
CA THR Y 51 -91.98 69.31 -26.58
C THR Y 51 -93.20 70.12 -26.19
N ALA Y 52 -93.59 70.05 -24.91
CA ALA Y 52 -94.76 70.77 -24.42
C ALA Y 52 -94.35 71.92 -23.51
N TYR Y 53 -95.26 72.36 -22.65
CA TYR Y 53 -94.99 73.44 -21.72
C TYR Y 53 -95.59 73.08 -20.37
N ARG Y 54 -95.35 73.96 -19.39
CA ARG Y 54 -95.84 73.76 -18.03
C ARG Y 54 -96.22 75.11 -17.45
N VAL Y 55 -97.47 75.24 -17.02
CA VAL Y 55 -97.98 76.46 -16.42
C VAL Y 55 -98.48 76.13 -15.01
N ASN Y 56 -98.08 76.96 -14.05
CA ASN Y 56 -98.47 76.79 -12.66
C ASN Y 56 -99.13 78.05 -12.16
N LEU Y 57 -100.29 77.91 -11.53
CA LEU Y 57 -101.06 79.03 -10.99
C LEU Y 57 -101.51 78.68 -9.59
N LYS Y 58 -101.05 79.44 -8.61
CA LYS Y 58 -101.41 79.24 -7.21
C LYS Y 58 -102.05 80.50 -6.66
N LEU Y 59 -103.07 80.32 -5.82
CA LEU Y 59 -103.80 81.43 -5.22
C LEU Y 59 -103.90 81.20 -3.72
N ASP Y 60 -103.34 82.11 -2.94
CA ASP Y 60 -103.33 81.99 -1.49
C ASP Y 60 -104.03 83.18 -0.84
N GLN Y 61 -104.65 82.93 0.30
CA GLN Y 61 -105.34 83.98 1.05
C GLN Y 61 -105.43 83.54 2.50
N ALA Y 62 -104.73 84.24 3.39
CA ALA Y 62 -104.71 83.93 4.81
C ALA Y 62 -105.52 84.96 5.57
N ASP Y 63 -106.44 84.48 6.41
CA ASP Y 63 -107.27 85.36 7.21
C ASP Y 63 -106.48 85.93 8.38
N VAL Y 64 -106.85 87.13 8.81
CA VAL Y 64 -106.18 87.82 9.90
C VAL Y 64 -107.20 88.14 10.99
N VAL Y 65 -106.70 88.31 12.20
CA VAL Y 65 -107.52 88.66 13.35
C VAL Y 65 -106.82 89.75 14.15
N ASP Y 66 -107.61 90.55 14.87
CA ASP Y 66 -107.09 91.67 15.64
C ASP Y 66 -107.98 91.88 16.87
N CYS Y 67 -107.34 92.26 17.97
CA CYS Y 67 -108.03 92.50 19.23
C CYS Y 67 -107.89 93.93 19.73
N SER Y 68 -107.38 94.85 18.92
CA SER Y 68 -107.19 96.23 19.37
C SER Y 68 -108.52 96.95 19.57
N THR Y 69 -109.63 96.39 19.07
CA THR Y 69 -110.93 97.03 19.25
C THR Y 69 -111.42 96.92 20.69
N SER Y 70 -111.09 95.82 21.37
CA SER Y 70 -111.52 95.62 22.74
C SER Y 70 -110.34 95.43 23.68
N VAL Y 71 -109.48 94.46 23.37
CA VAL Y 71 -108.31 94.17 24.18
C VAL Y 71 -107.30 95.29 23.98
N CYS Y 72 -106.55 95.61 25.05
CA CYS Y 72 -105.54 96.66 25.13
C CYS Y 72 -104.50 96.62 24.01
N GLY Y 73 -104.14 95.42 23.58
CA GLY Y 73 -102.86 95.18 22.96
C GLY Y 73 -102.74 93.84 22.26
N GLU Y 74 -102.87 93.85 20.93
CA GLU Y 74 -102.73 92.62 20.15
C GLU Y 74 -102.52 93.02 18.69
N LEU Y 75 -101.37 92.66 18.14
CA LEU Y 75 -101.08 92.97 16.75
C LEU Y 75 -101.91 92.07 15.82
N PRO Y 76 -102.17 92.51 14.60
CA PRO Y 76 -102.89 91.65 13.64
C PRO Y 76 -102.13 90.36 13.39
N LYS Y 77 -102.77 89.24 13.72
CA LYS Y 77 -102.16 87.93 13.64
C LYS Y 77 -102.89 87.06 12.62
N VAL Y 78 -102.13 86.35 11.79
CA VAL Y 78 -102.73 85.46 10.81
C VAL Y 78 -103.28 84.21 11.50
N ARG Y 79 -104.30 83.61 10.88
CA ARG Y 79 -104.94 82.43 11.45
C ARG Y 79 -104.57 81.24 10.58
N TYR Y 80 -105.39 80.86 9.61
CA TYR Y 80 -105.12 79.71 8.76
C TYR Y 80 -104.61 80.18 7.39
N THR Y 81 -104.15 79.21 6.60
CA THR Y 81 -103.62 79.47 5.27
C THR Y 81 -104.24 78.48 4.29
N GLN Y 82 -104.68 78.99 3.14
CA GLN Y 82 -105.29 78.17 2.11
C GLN Y 82 -104.41 78.20 0.86
N VAL Y 83 -104.19 77.03 0.26
CA VAL Y 83 -103.36 76.87 -0.92
C VAL Y 83 -104.20 76.20 -2.01
N TRP Y 84 -104.26 76.85 -3.17
CA TRP Y 84 -105.00 76.34 -4.33
C TRP Y 84 -104.10 76.48 -5.56
N SER Y 85 -103.30 75.45 -5.82
CA SER Y 85 -102.38 75.44 -6.94
C SER Y 85 -103.02 74.80 -8.17
N HIS Y 86 -102.36 74.97 -9.31
CA HIS Y 86 -102.84 74.42 -10.57
C HIS Y 86 -101.67 73.82 -11.33
N ASP Y 87 -101.98 73.17 -12.46
CA ASP Y 87 -100.95 72.55 -13.29
C ASP Y 87 -101.51 72.41 -14.70
N VAL Y 88 -100.93 73.13 -15.66
CA VAL Y 88 -101.37 73.11 -17.04
C VAL Y 88 -100.25 72.50 -17.88
N THR Y 89 -100.55 71.37 -18.52
CA THR Y 89 -99.60 70.67 -19.39
C THR Y 89 -100.23 70.54 -20.77
N ILE Y 90 -100.13 71.60 -21.56
CA ILE Y 90 -100.69 71.65 -22.91
C ILE Y 90 -99.55 71.74 -23.91
N VAL Y 91 -99.54 70.83 -24.88
CA VAL Y 91 -98.49 70.83 -25.90
C VAL Y 91 -98.73 71.97 -26.87
N ALA Y 92 -97.66 72.40 -27.54
CA ALA Y 92 -97.76 73.51 -28.48
C ALA Y 92 -98.56 73.11 -29.72
N ASN Y 93 -98.12 72.06 -30.42
CA ASN Y 93 -98.79 71.58 -31.62
C ASN Y 93 -100.06 70.83 -31.20
N SER Y 94 -101.11 71.59 -30.92
CA SER Y 94 -102.39 71.02 -30.52
C SER Y 94 -103.49 71.47 -31.47
N THR Y 95 -104.63 71.87 -30.92
CA THR Y 95 -105.76 72.32 -31.72
C THR Y 95 -106.46 73.47 -30.99
N GLU Y 96 -106.68 74.56 -31.71
CA GLU Y 96 -107.33 75.73 -31.12
C GLU Y 96 -108.77 75.41 -30.73
N ALA Y 97 -109.50 74.68 -31.59
CA ALA Y 97 -110.87 74.32 -31.28
C ALA Y 97 -110.93 73.40 -30.07
N SER Y 98 -110.01 72.44 -29.99
CA SER Y 98 -109.98 71.54 -28.84
C SER Y 98 -109.65 72.29 -27.56
N ARG Y 99 -108.71 73.24 -27.64
CA ARG Y 99 -108.37 74.02 -26.45
C ARG Y 99 -109.55 74.89 -26.01
N LYS Y 100 -110.28 75.48 -26.97
CA LYS Y 100 -111.44 76.28 -26.64
C LYS Y 100 -112.54 75.43 -26.01
N SER Y 101 -112.76 74.22 -26.55
CA SER Y 101 -113.76 73.33 -25.97
C SER Y 101 -113.37 72.90 -24.56
N LEU Y 102 -112.08 72.62 -24.34
CA LEU Y 102 -111.62 72.25 -23.01
C LEU Y 102 -111.79 73.40 -22.03
N TYR Y 103 -111.48 74.63 -22.47
CA TYR Y 103 -111.65 75.79 -21.60
C TYR Y 103 -113.13 76.00 -21.27
N ASP Y 104 -114.01 75.82 -22.25
CA ASP Y 104 -115.44 75.96 -22.00
C ASP Y 104 -115.94 74.90 -21.03
N LEU Y 105 -115.46 73.66 -21.18
CA LEU Y 105 -115.86 72.60 -20.27
C LEU Y 105 -115.36 72.89 -18.85
N THR Y 106 -114.13 73.39 -18.72
CA THR Y 106 -113.62 73.74 -17.40
C THR Y 106 -114.42 74.87 -16.78
N LYS Y 107 -114.77 75.88 -17.58
CA LYS Y 107 -115.58 76.99 -17.07
C LYS Y 107 -116.95 76.51 -16.63
N SER Y 108 -117.56 75.60 -17.39
CA SER Y 108 -118.86 75.06 -17.00
C SER Y 108 -118.76 74.24 -15.72
N LEU Y 109 -117.72 73.42 -15.59
CA LEU Y 109 -117.54 72.63 -14.38
C LEU Y 109 -117.27 73.53 -13.17
N VAL Y 110 -116.61 74.66 -13.38
CA VAL Y 110 -116.36 75.59 -12.26
C VAL Y 110 -117.64 76.31 -11.88
N ALA Y 111 -118.42 76.75 -12.87
CA ALA Y 111 -119.64 77.50 -12.60
C ALA Y 111 -120.82 76.63 -12.19
N THR Y 112 -120.70 75.30 -12.31
CA THR Y 112 -121.79 74.42 -11.91
C THR Y 112 -121.99 74.47 -10.40
N SER Y 113 -123.16 73.99 -9.97
CA SER Y 113 -123.54 74.00 -8.56
C SER Y 113 -122.99 72.81 -7.78
N GLN Y 114 -122.47 71.79 -8.47
CA GLN Y 114 -121.92 70.62 -7.79
C GLN Y 114 -120.60 70.91 -7.09
N VAL Y 115 -119.70 71.63 -7.75
CA VAL Y 115 -118.42 71.97 -7.12
C VAL Y 115 -118.65 72.94 -5.96
N GLU Y 116 -119.62 73.84 -6.08
CA GLU Y 116 -119.93 74.74 -4.97
C GLU Y 116 -120.40 73.96 -3.74
N ASP Y 117 -121.25 72.97 -3.94
CA ASP Y 117 -121.71 72.13 -2.83
C ASP Y 117 -120.56 71.31 -2.26
N LEU Y 118 -119.71 70.77 -3.13
CA LEU Y 118 -118.53 70.03 -2.68
C LEU Y 118 -117.61 70.89 -1.84
N VAL Y 119 -117.50 72.18 -2.17
CA VAL Y 119 -116.63 73.08 -1.42
C VAL Y 119 -117.28 73.47 -0.09
N VAL Y 120 -118.57 73.81 -0.12
CA VAL Y 120 -119.24 74.31 1.08
C VAL Y 120 -119.57 73.17 2.02
N ASN Y 121 -120.50 72.29 1.62
CA ASN Y 121 -120.99 71.24 2.48
C ASN Y 121 -120.05 70.05 2.58
N LEU Y 122 -118.92 70.07 1.88
CA LEU Y 122 -117.93 68.98 1.93
C LEU Y 122 -118.53 67.65 1.50
N VAL Y 123 -119.56 67.69 0.66
CA VAL Y 123 -120.22 66.49 0.15
C VAL Y 123 -119.52 66.05 -1.13
N PRO Y 124 -119.17 64.77 -1.28
CA PRO Y 124 -118.48 64.33 -2.49
C PRO Y 124 -119.30 64.61 -3.74
N LEU Y 125 -118.61 64.96 -4.82
CA LEU Y 125 -119.26 65.31 -6.08
C LEU Y 125 -119.94 64.08 -6.67
N GLY Y 126 -121.27 64.17 -6.85
CA GLY Y 126 -122.03 63.06 -7.40
C GLY Y 126 -123.52 63.31 -7.40
N ARG Y 127 -123.97 64.18 -8.29
CA ARG Y 127 -125.39 64.51 -8.39
C ARG Y 127 -125.98 63.99 -9.70
N SER Z 1 -127.09 59.22 1.27
CA SER Z 1 -126.58 57.87 1.10
C SER Z 1 -127.31 56.90 2.01
N LYS Z 2 -126.61 56.33 2.99
CA LYS Z 2 -127.22 55.49 4.01
C LYS Z 2 -127.50 56.36 5.22
N THR Z 3 -128.77 56.46 5.61
CA THR Z 3 -129.20 57.29 6.72
C THR Z 3 -129.66 56.41 7.88
N ILE Z 4 -129.30 56.82 9.10
CA ILE Z 4 -129.67 56.13 10.32
C ILE Z 4 -130.35 57.13 11.24
N VAL Z 5 -131.57 56.82 11.66
CA VAL Z 5 -132.36 57.70 12.53
C VAL Z 5 -132.32 57.15 13.94
N LEU Z 6 -131.90 57.98 14.89
CA LEU Z 6 -131.82 57.62 16.30
C LEU Z 6 -132.76 58.51 17.10
N SER Z 7 -133.60 57.90 17.92
CA SER Z 7 -134.58 58.61 18.73
C SER Z 7 -134.04 58.74 20.15
N VAL Z 8 -133.83 59.99 20.60
CA VAL Z 8 -133.33 60.23 21.95
C VAL Z 8 -134.44 60.44 22.96
N GLY Z 9 -135.69 60.65 22.51
CA GLY Z 9 -136.79 60.87 23.40
C GLY Z 9 -137.68 62.02 22.95
N GLU Z 10 -137.05 63.16 22.62
CA GLU Z 10 -137.77 64.32 22.13
C GLU Z 10 -137.32 64.79 20.76
N ALA Z 11 -136.10 64.43 20.32
CA ALA Z 11 -135.59 64.81 19.01
C ALA Z 11 -135.03 63.57 18.32
N THR Z 12 -134.83 63.70 17.01
CA THR Z 12 -134.33 62.61 16.18
C THR Z 12 -133.03 63.04 15.53
N ARG Z 13 -131.98 62.25 15.73
CA ARG Z 13 -130.68 62.52 15.13
C ARG Z 13 -130.49 61.66 13.90
N THR Z 14 -129.77 62.20 12.91
CA THR Z 14 -129.55 61.53 11.63
C THR Z 14 -128.06 61.36 11.40
N LEU Z 15 -127.64 60.11 11.18
CA LEU Z 15 -126.26 59.79 10.84
C LEU Z 15 -126.20 59.38 9.37
N THR Z 16 -125.19 59.90 8.67
CA THR Z 16 -125.05 59.67 7.23
C THR Z 16 -123.77 58.91 6.95
N GLU Z 17 -123.86 57.96 6.03
CA GLU Z 17 -122.68 57.21 5.59
C GLU Z 17 -121.74 58.12 4.82
N ILE Z 18 -120.45 58.09 5.16
CA ILE Z 18 -119.48 58.96 4.51
C ILE Z 18 -118.36 58.19 3.83
N GLN Z 19 -117.84 57.13 4.45
CA GLN Z 19 -116.70 56.39 3.89
C GLN Z 19 -117.15 54.95 3.67
N SER Z 20 -117.85 54.71 2.56
CA SER Z 20 -118.40 53.39 2.26
C SER Z 20 -117.28 52.47 1.79
N THR Z 21 -116.88 51.54 2.66
CA THR Z 21 -115.88 50.54 2.33
C THR Z 21 -116.22 49.27 3.08
N ALA Z 22 -115.80 48.13 2.52
CA ALA Z 22 -116.13 46.84 3.10
C ALA Z 22 -115.47 46.64 4.46
N ASP Z 23 -114.15 46.81 4.51
CA ASP Z 23 -113.40 46.56 5.74
C ASP Z 23 -113.49 47.69 6.74
N ARG Z 24 -114.12 48.82 6.39
CA ARG Z 24 -114.23 49.95 7.31
C ARG Z 24 -115.40 50.81 6.85
N GLN Z 25 -116.47 50.83 7.64
CA GLN Z 25 -117.63 51.68 7.38
C GLN Z 25 -117.65 52.81 8.40
N ILE Z 26 -117.66 54.04 7.92
CA ILE Z 26 -117.58 55.23 8.76
C ILE Z 26 -118.87 56.01 8.60
N PHE Z 27 -119.68 56.04 9.66
CA PHE Z 27 -120.90 56.83 9.69
C PHE Z 27 -120.65 58.10 10.51
N GLU Z 28 -121.14 59.23 9.99
CA GLU Z 28 -120.98 60.52 10.65
C GLU Z 28 -122.35 61.14 10.84
N GLU Z 29 -122.53 61.80 11.99
CA GLU Z 29 -123.78 62.50 12.27
C GLU Z 29 -123.74 63.90 11.67
N LYS Z 30 -124.83 64.29 11.01
CA LYS Z 30 -124.96 65.59 10.37
C LYS Z 30 -125.97 66.42 11.15
N VAL Z 31 -125.48 67.40 11.90
CA VAL Z 31 -126.33 68.31 12.66
C VAL Z 31 -125.88 69.74 12.40
N GLY Z 32 -124.60 70.01 12.63
CA GLY Z 32 -124.04 71.32 12.41
C GLY Z 32 -122.57 71.26 12.06
N PRO Z 33 -121.71 71.49 13.05
CA PRO Z 33 -120.26 71.39 12.80
C PRO Z 33 -119.84 69.94 12.60
N LEU Z 34 -119.25 69.66 11.44
CA LEU Z 34 -118.86 68.30 11.13
C LEU Z 34 -117.67 67.85 11.97
N VAL Z 35 -116.74 68.75 12.29
CA VAL Z 35 -115.60 68.42 13.12
C VAL Z 35 -116.05 68.29 14.57
N GLY Z 36 -115.56 67.26 15.25
CA GLY Z 36 -115.92 67.03 16.64
C GLY Z 36 -117.39 66.68 16.81
N ARG Z 37 -117.84 65.64 16.11
CA ARG Z 37 -119.24 65.22 16.19
C ARG Z 37 -119.34 63.75 16.57
N LEU Z 38 -120.41 63.09 16.12
CA LEU Z 38 -120.63 61.68 16.40
C LEU Z 38 -120.17 60.84 15.21
N ARG Z 39 -119.26 59.90 15.46
CA ARG Z 39 -118.74 59.02 14.43
C ARG Z 39 -118.85 57.57 14.88
N LEU Z 40 -119.03 56.69 13.91
CA LEU Z 40 -119.18 55.26 14.16
C LEU Z 40 -118.37 54.48 13.15
N THR Z 41 -117.52 53.58 13.64
CA THR Z 41 -116.65 52.74 12.81
C THR Z 41 -117.10 51.30 12.94
N ALA Z 42 -117.38 50.66 11.80
CA ALA Z 42 -117.81 49.27 11.76
C ALA Z 42 -116.85 48.48 10.90
N SER Z 43 -116.52 47.26 11.36
CA SER Z 43 -115.61 46.38 10.63
C SER Z 43 -116.07 44.94 10.79
N LEU Z 44 -115.94 44.17 9.71
CA LEU Z 44 -116.29 42.77 9.69
C LEU Z 44 -115.20 41.98 8.98
N ARG Z 45 -114.81 40.85 9.56
CA ARG Z 45 -113.72 40.05 9.02
C ARG Z 45 -113.90 38.60 9.44
N GLN Z 46 -112.94 37.76 9.07
CA GLN Z 46 -112.91 36.35 9.42
C GLN Z 46 -111.81 36.12 10.46
N ASN Z 47 -111.39 34.86 10.62
CA ASN Z 47 -110.37 34.53 11.60
C ASN Z 47 -109.87 33.11 11.36
N GLY Z 48 -108.59 32.88 11.66
CA GLY Z 48 -107.99 31.57 11.56
C GLY Z 48 -108.11 30.91 10.20
N ALA Z 49 -108.78 29.76 10.15
CA ALA Z 49 -108.98 29.02 8.92
C ALA Z 49 -110.47 28.90 8.61
N LYS Z 50 -111.13 30.02 8.35
CA LYS Z 50 -112.54 30.06 7.95
C LYS Z 50 -113.48 29.57 9.05
N THR Z 51 -113.05 29.61 10.31
CA THR Z 51 -113.83 29.04 11.41
C THR Z 51 -114.95 29.99 11.83
N ALA Z 52 -114.59 31.04 12.57
CA ALA Z 52 -115.58 32.00 13.06
C ALA Z 52 -115.43 33.33 12.33
N TYR Z 53 -115.91 34.40 12.95
CA TYR Z 53 -115.82 35.74 12.37
C TYR Z 53 -115.44 36.73 13.47
N ARG Z 54 -115.26 37.99 13.06
CA ARG Z 54 -114.87 39.05 13.99
C ARG Z 54 -115.56 40.33 13.55
N VAL Z 55 -116.33 40.92 14.45
CA VAL Z 55 -117.04 42.17 14.21
C VAL Z 55 -116.58 43.20 15.23
N ASN Z 56 -116.25 44.40 14.74
CA ASN Z 56 -115.79 45.49 15.59
C ASN Z 56 -116.69 46.70 15.37
N LEU Z 57 -117.15 47.29 16.47
CA LEU Z 57 -118.03 48.46 16.43
C LEU Z 57 -117.52 49.48 17.44
N LYS Z 58 -117.11 50.65 16.95
CA LYS Z 58 -116.62 51.72 17.81
C LYS Z 58 -117.47 52.96 17.60
N LEU Z 59 -117.72 53.69 18.69
CA LEU Z 59 -118.52 54.90 18.64
C LEU Z 59 -117.78 56.00 19.38
N ASP Z 60 -117.46 57.09 18.67
CA ASP Z 60 -116.71 58.20 19.23
C ASP Z 60 -117.52 59.48 19.13
N GLN Z 61 -117.31 60.37 20.11
CA GLN Z 61 -117.99 61.66 20.14
C GLN Z 61 -117.17 62.61 20.98
N ALA Z 62 -116.58 63.63 20.35
CA ALA Z 62 -115.75 64.61 21.02
C ALA Z 62 -116.50 65.92 21.15
N ASP Z 63 -116.55 66.46 22.37
CA ASP Z 63 -117.21 67.72 22.62
C ASP Z 63 -116.37 68.89 22.10
N VAL Z 64 -117.05 69.97 21.72
CA VAL Z 64 -116.40 71.15 21.18
C VAL Z 64 -116.79 72.35 22.03
N VAL Z 65 -115.95 73.39 21.99
CA VAL Z 65 -116.18 74.63 22.71
C VAL Z 65 -115.84 75.79 21.78
N ASP Z 66 -116.49 76.93 22.04
CA ASP Z 66 -116.31 78.11 21.22
C ASP Z 66 -116.48 79.36 22.08
N CYS Z 67 -115.70 80.40 21.77
CA CYS Z 67 -115.74 81.65 22.51
C CYS Z 67 -116.12 82.84 21.65
N SER Z 68 -116.60 82.62 20.42
CA SER Z 68 -116.95 83.73 19.55
C SER Z 68 -118.18 84.49 20.04
N THR Z 69 -118.93 83.92 20.98
CA THR Z 69 -120.11 84.60 21.50
C THR Z 69 -119.74 85.77 22.40
N SER Z 70 -118.63 85.68 23.12
CA SER Z 70 -118.21 86.74 24.01
C SER Z 70 -116.81 87.24 23.65
N VAL Z 71 -115.84 86.32 23.61
CA VAL Z 71 -114.47 86.67 23.28
C VAL Z 71 -114.39 86.99 21.79
N CYS Z 72 -113.52 87.95 21.45
CA CYS Z 72 -113.25 88.46 20.10
C CYS Z 72 -113.02 87.40 19.05
N GLY Z 73 -112.36 86.31 19.44
CA GLY Z 73 -111.59 85.48 18.52
C GLY Z 73 -111.16 84.15 19.09
N GLU Z 74 -111.87 83.09 18.73
CA GLU Z 74 -111.53 81.74 19.17
C GLU Z 74 -112.26 80.74 18.28
N LEU Z 75 -111.50 79.94 17.54
CA LEU Z 75 -112.10 78.94 16.68
C LEU Z 75 -112.67 77.79 17.51
N PRO Z 76 -113.67 77.06 16.99
CA PRO Z 76 -114.19 75.91 17.70
C PRO Z 76 -113.11 74.88 17.96
N LYS Z 77 -112.86 74.60 19.24
CA LYS Z 77 -111.78 73.72 19.67
C LYS Z 77 -112.36 72.50 20.38
N VAL Z 78 -111.83 71.32 20.06
CA VAL Z 78 -112.28 70.09 20.71
C VAL Z 78 -111.72 70.03 22.13
N ARG Z 79 -112.45 69.34 23.01
CA ARG Z 79 -112.05 69.23 24.40
C ARG Z 79 -111.59 67.80 24.64
N TYR Z 80 -112.44 66.90 25.12
CA TYR Z 80 -112.08 65.52 25.40
C TYR Z 80 -112.58 64.61 24.29
N THR Z 81 -112.13 63.35 24.34
CA THR Z 81 -112.50 62.34 23.37
C THR Z 81 -112.91 61.07 24.10
N GLN Z 82 -114.01 60.48 23.67
CA GLN Z 82 -114.52 59.25 24.27
C GLN Z 82 -114.50 58.13 23.25
N VAL Z 83 -114.03 56.96 23.66
CA VAL Z 83 -113.89 55.80 22.80
C VAL Z 83 -114.67 54.65 23.43
N TRP Z 84 -115.59 54.06 22.66
CA TRP Z 84 -116.40 52.93 23.11
C TRP Z 84 -116.40 51.88 21.99
N SER Z 85 -115.42 50.98 22.04
CA SER Z 85 -115.27 49.93 21.04
C SER Z 85 -116.00 48.67 21.48
N HIS Z 86 -116.14 47.74 20.54
CA HIS Z 86 -116.80 46.46 20.79
C HIS Z 86 -115.99 45.35 20.14
N ASP Z 87 -116.42 44.12 20.39
CA ASP Z 87 -115.76 42.94 19.82
C ASP Z 87 -116.75 41.78 19.83
N VAL Z 88 -117.13 41.33 18.63
CA VAL Z 88 -118.09 40.24 18.47
C VAL Z 88 -117.37 39.07 17.84
N THR Z 89 -117.32 37.95 18.56
CA THR Z 89 -116.67 36.72 18.08
C THR Z 89 -117.72 35.61 18.13
N ILE Z 90 -118.55 35.54 17.10
CA ILE Z 90 -119.61 34.54 16.98
C ILE Z 90 -119.30 33.62 15.82
N VAL Z 91 -119.29 32.32 16.09
CA VAL Z 91 -119.00 31.34 15.04
C VAL Z 91 -120.21 31.22 14.11
N ALA Z 92 -119.96 30.77 12.88
CA ALA Z 92 -121.03 30.63 11.91
C ALA Z 92 -121.99 29.51 12.29
N ASN Z 93 -121.46 28.29 12.45
CA ASN Z 93 -122.28 27.13 12.81
C ASN Z 93 -122.62 27.23 14.30
N SER Z 94 -123.64 28.02 14.60
CA SER Z 94 -124.09 28.21 15.97
C SER Z 94 -125.55 27.84 16.11
N THR Z 95 -126.33 28.67 16.80
CA THR Z 95 -127.75 28.42 17.00
C THR Z 95 -128.50 29.74 16.96
N GLU Z 96 -129.55 29.81 16.14
CA GLU Z 96 -130.33 31.03 16.03
C GLU Z 96 -131.03 31.38 17.33
N ALA Z 97 -131.59 30.35 18.00
CA ALA Z 97 -132.27 30.60 19.27
C ALA Z 97 -131.28 31.07 20.33
N SER Z 98 -130.08 30.47 20.37
CA SER Z 98 -129.08 30.90 21.33
C SER Z 98 -128.61 32.32 21.04
N ARG Z 99 -128.44 32.67 19.77
CA ARG Z 99 -128.05 34.03 19.41
C ARG Z 99 -129.13 35.03 19.80
N LYS Z 100 -130.40 34.68 19.57
CA LYS Z 100 -131.49 35.57 19.96
C LYS Z 100 -131.56 35.74 21.46
N SER Z 101 -131.37 34.66 22.22
CA SER Z 101 -131.37 34.77 23.68
C SER Z 101 -130.22 35.62 24.17
N LEU Z 102 -129.04 35.47 23.56
CA LEU Z 102 -127.89 36.28 23.95
C LEU Z 102 -128.13 37.76 23.63
N TYR Z 103 -128.73 38.04 22.47
CA TYR Z 103 -129.04 39.42 22.12
C TYR Z 103 -130.06 40.02 23.08
N ASP Z 104 -131.07 39.24 23.47
CA ASP Z 104 -132.06 39.72 24.42
C ASP Z 104 -131.43 39.97 25.79
N LEU Z 105 -130.53 39.09 26.22
CA LEU Z 105 -129.84 39.30 27.50
C LEU Z 105 -128.97 40.55 27.45
N THR Z 106 -128.28 40.77 26.34
CA THR Z 106 -127.46 41.98 26.21
C THR Z 106 -128.32 43.23 26.20
N LYS Z 107 -129.47 43.19 25.52
CA LYS Z 107 -130.37 44.34 25.51
C LYS Z 107 -130.92 44.62 26.90
N SER Z 108 -131.26 43.56 27.65
CA SER Z 108 -131.74 43.76 29.01
C SER Z 108 -130.66 44.33 29.92
N LEU Z 109 -129.43 43.83 29.80
CA LEU Z 109 -128.34 44.36 30.60
C LEU Z 109 -128.02 45.81 30.24
N VAL Z 110 -128.22 46.19 28.97
CA VAL Z 110 -127.98 47.58 28.58
C VAL Z 110 -129.09 48.47 29.11
N ALA Z 111 -130.35 48.02 29.01
CA ALA Z 111 -131.48 48.83 29.42
C ALA Z 111 -131.70 48.83 30.93
N THR Z 112 -131.01 47.98 31.68
CA THR Z 112 -131.17 47.95 33.13
C THR Z 112 -130.63 49.25 33.75
N SER Z 113 -131.02 49.49 35.00
CA SER Z 113 -130.65 50.69 35.72
C SER Z 113 -129.29 50.58 36.39
N GLN Z 114 -128.71 49.38 36.48
CA GLN Z 114 -127.41 49.20 37.10
C GLN Z 114 -126.28 49.76 36.26
N VAL Z 115 -126.29 49.50 34.95
CA VAL Z 115 -125.25 50.04 34.08
C VAL Z 115 -125.35 51.56 33.99
N GLU Z 116 -126.56 52.10 34.02
CA GLU Z 116 -126.72 53.55 34.01
C GLU Z 116 -126.10 54.17 35.25
N ASP Z 117 -126.31 53.57 36.42
CA ASP Z 117 -125.70 54.08 37.63
C ASP Z 117 -124.19 53.92 37.60
N LEU Z 118 -123.70 52.79 37.08
CA LEU Z 118 -122.26 52.58 36.93
C LEU Z 118 -121.64 53.63 36.03
N VAL Z 119 -122.36 54.06 35.00
CA VAL Z 119 -121.83 55.06 34.08
C VAL Z 119 -121.87 56.45 34.71
N VAL Z 120 -123.00 56.81 35.33
CA VAL Z 120 -123.18 58.15 35.87
C VAL Z 120 -122.40 58.32 37.17
N ASN Z 121 -122.82 57.63 38.23
CA ASN Z 121 -122.24 57.81 39.55
C ASN Z 121 -120.91 57.10 39.73
N LEU Z 122 -120.42 56.39 38.71
CA LEU Z 122 -119.15 55.67 38.77
C LEU Z 122 -119.11 54.66 39.91
N VAL Z 123 -120.27 54.13 40.29
CA VAL Z 123 -120.37 53.14 41.35
C VAL Z 123 -120.24 51.76 40.73
N PRO Z 124 -119.42 50.87 41.28
CA PRO Z 124 -119.27 49.53 40.70
C PRO Z 124 -120.59 48.79 40.65
N LEU Z 125 -120.76 47.99 39.59
CA LEU Z 125 -122.00 47.25 39.37
C LEU Z 125 -122.15 46.18 40.44
N GLY Z 126 -123.23 46.26 41.22
CA GLY Z 126 -123.48 45.30 42.27
C GLY Z 126 -124.69 45.64 43.11
N ARG Z 127 -125.89 45.46 42.55
CA ARG Z 127 -127.13 45.76 43.25
C ARG Z 127 -127.90 44.48 43.55
N SER AA 1 -121.12 50.97 51.15
CA SER AA 1 -120.13 49.99 51.63
C SER AA 1 -119.74 50.30 53.06
N LYS AA 2 -118.48 50.66 53.26
CA LYS AA 2 -118.02 51.11 54.57
C LYS AA 2 -118.07 52.63 54.61
N THR AA 3 -118.86 53.17 55.54
CA THR AA 3 -119.05 54.62 55.66
C THR AA 3 -118.39 55.13 56.93
N ILE AA 4 -117.77 56.31 56.82
CA ILE AA 4 -117.10 56.95 57.93
C ILE AA 4 -117.66 58.37 58.04
N VAL AA 5 -118.18 58.71 59.22
CA VAL AA 5 -118.78 60.02 59.47
C VAL AA 5 -117.80 60.86 60.28
N LEU AA 6 -117.47 62.04 59.76
CA LEU AA 6 -116.56 62.97 60.42
C LEU AA 6 -117.30 64.26 60.74
N SER AA 7 -117.21 64.70 61.99
CA SER AA 7 -117.89 65.90 62.45
C SER AA 7 -116.90 67.05 62.47
N VAL AA 8 -117.16 68.09 61.67
CA VAL AA 8 -116.28 69.25 61.61
C VAL AA 8 -116.72 70.36 62.58
N GLY AA 9 -117.92 70.28 63.14
CA GLY AA 9 -118.41 71.29 64.04
C GLY AA 9 -119.84 71.70 63.74
N GLU AA 10 -120.13 71.97 62.47
CA GLU AA 10 -121.47 72.32 62.03
C GLU AA 10 -122.04 71.41 60.96
N ALA AA 11 -121.19 70.68 60.22
CA ALA AA 11 -121.63 69.76 59.20
C ALA AA 11 -120.94 68.42 59.39
N THR AA 12 -121.47 67.39 58.74
CA THR AA 12 -120.95 66.04 58.84
C THR AA 12 -120.55 65.57 57.45
N ARG AA 13 -119.30 65.13 57.31
CA ARG AA 13 -118.78 64.61 56.06
C ARG AA 13 -118.78 63.09 56.07
N THR AA 14 -119.01 62.50 54.90
CA THR AA 14 -119.13 61.06 54.76
C THR AA 14 -118.08 60.55 53.79
N LEU AA 15 -117.25 59.62 54.24
CA LEU AA 15 -116.25 58.96 53.40
C LEU AA 15 -116.69 57.52 53.13
N THR AA 16 -116.58 57.10 51.87
CA THR AA 16 -117.05 55.79 51.44
C THR AA 16 -115.87 54.95 50.98
N GLU AA 17 -115.89 53.66 51.35
CA GLU AA 17 -114.87 52.73 50.90
C GLU AA 17 -115.01 52.48 49.40
N ILE AA 18 -113.91 52.56 48.65
CA ILE AA 18 -113.97 52.38 47.21
C ILE AA 18 -113.09 51.23 46.72
N GLN AA 19 -111.89 51.07 47.27
CA GLN AA 19 -110.97 50.04 46.80
C GLN AA 19 -110.65 49.11 47.96
N SER AA 20 -111.57 48.18 48.23
CA SER AA 20 -111.44 47.27 49.36
C SER AA 20 -110.39 46.21 49.04
N THR AA 21 -109.21 46.34 49.67
CA THR AA 21 -108.14 45.36 49.53
C THR AA 21 -107.38 45.31 50.84
N ALA AA 22 -106.77 44.14 51.10
CA ALA AA 22 -106.08 43.94 52.38
C ALA AA 22 -104.86 44.84 52.49
N ASP AA 23 -103.96 44.79 51.51
CA ASP AA 23 -102.71 45.54 51.57
C ASP AA 23 -102.88 47.02 51.22
N ARG AA 24 -104.07 47.45 50.81
CA ARG AA 24 -104.29 48.86 50.44
C ARG AA 24 -105.79 49.14 50.53
N GLN AA 25 -106.19 49.94 51.51
CA GLN AA 25 -107.57 50.37 51.67
C GLN AA 25 -107.67 51.84 51.28
N ILE AA 26 -108.54 52.14 50.31
CA ILE AA 26 -108.69 53.48 49.76
C ILE AA 26 -110.09 53.97 50.09
N PHE AA 27 -110.19 54.96 50.97
CA PHE AA 27 -111.44 55.61 51.29
C PHE AA 27 -111.53 56.95 50.57
N GLU AA 28 -112.69 57.24 50.00
CA GLU AA 28 -112.93 58.47 49.26
C GLU AA 28 -114.14 59.18 49.85
N GLU AA 29 -114.05 60.51 49.94
CA GLU AA 29 -115.17 61.31 50.42
C GLU AA 29 -116.13 61.60 49.28
N LYS AA 30 -117.43 61.43 49.55
CA LYS AA 30 -118.48 61.66 48.57
C LYS AA 30 -119.26 62.90 48.98
N VAL AA 31 -119.05 64.00 48.24
CA VAL AA 31 -119.77 65.25 48.49
C VAL AA 31 -120.29 65.78 47.16
N GLY AA 32 -119.40 65.93 46.20
CA GLY AA 32 -119.77 66.41 44.89
C GLY AA 32 -118.85 65.89 43.80
N PRO AA 33 -117.88 66.70 43.39
CA PRO AA 33 -116.90 66.25 42.39
C PRO AA 33 -115.97 65.20 42.99
N LEU AA 34 -115.95 64.02 42.37
CA LEU AA 34 -115.11 62.94 42.90
C LEU AA 34 -113.63 63.21 42.67
N VAL AA 35 -113.28 63.84 41.55
CA VAL AA 35 -111.89 64.16 41.27
C VAL AA 35 -111.46 65.34 42.13
N GLY AA 36 -110.27 65.25 42.71
CA GLY AA 36 -109.75 66.30 43.56
C GLY AA 36 -110.53 66.45 44.84
N ARG AA 37 -110.67 65.36 45.61
CA ARG AA 37 -111.42 65.38 46.85
C ARG AA 37 -110.57 64.87 48.00
N LEU AA 38 -111.21 64.29 49.02
CA LEU AA 38 -110.52 63.76 50.19
C LEU AA 38 -110.33 62.26 50.01
N ARG AA 39 -109.08 61.81 50.09
CA ARG AA 39 -108.76 60.39 49.97
C ARG AA 39 -107.89 59.97 51.14
N LEU AA 40 -108.01 58.70 51.52
CA LEU AA 40 -107.30 58.12 52.64
C LEU AA 40 -106.79 56.74 52.25
N THR AA 41 -105.49 56.52 52.42
CA THR AA 41 -104.84 55.25 52.11
C THR AA 41 -104.36 54.60 53.40
N ALA AA 42 -104.78 53.36 53.62
CA ALA AA 42 -104.40 52.60 54.81
C ALA AA 42 -103.72 51.31 54.39
N SER AA 43 -102.65 50.96 55.10
CA SER AA 43 -101.90 49.75 54.82
C SER AA 43 -101.41 49.13 56.12
N LEU AA 44 -101.45 47.80 56.18
CA LEU AA 44 -101.00 47.04 57.33
C LEU AA 44 -100.15 45.87 56.85
N ARG AA 45 -99.02 45.64 57.53
CA ARG AA 45 -98.08 44.60 57.12
C ARG AA 45 -97.28 44.16 58.35
N GLN AA 46 -96.34 43.25 58.11
CA GLN AA 46 -95.44 42.73 59.12
C GLN AA 46 -94.03 43.29 58.87
N ASN AA 47 -93.02 42.66 59.46
CA ASN AA 47 -91.65 43.13 59.32
C ASN AA 47 -90.69 42.06 59.82
N GLY AA 48 -89.51 42.00 59.20
CA GLY AA 48 -88.46 41.09 59.60
C GLY AA 48 -88.85 39.62 59.67
N ALA AA 49 -88.78 39.04 60.86
CA ALA AA 49 -89.12 37.64 61.07
C ALA AA 49 -90.28 37.54 62.06
N LYS AA 50 -91.45 38.05 61.68
CA LYS AA 50 -92.67 37.94 62.50
C LYS AA 50 -92.58 38.70 63.81
N THR AA 51 -91.68 39.69 63.91
CA THR AA 51 -91.44 40.37 65.19
C THR AA 51 -92.53 41.40 65.47
N ALA AA 52 -92.45 42.55 64.78
CA ALA AA 52 -93.41 43.62 64.99
C ALA AA 52 -94.33 43.76 63.77
N TYR AA 53 -94.93 44.94 63.61
CA TYR AA 53 -95.82 45.21 62.50
C TYR AA 53 -95.53 46.60 61.95
N ARG AA 54 -96.22 46.95 60.86
CA ARG AA 54 -96.05 48.25 60.23
C ARG AA 54 -97.40 48.72 59.70
N VAL AA 55 -97.82 49.90 60.15
CA VAL AA 55 -99.08 50.49 59.73
C VAL AA 55 -98.79 51.83 59.09
N ASN AA 56 -99.40 52.06 57.92
CA ASN AA 56 -99.22 53.31 57.18
C ASN AA 56 -100.57 53.94 56.92
N LEU AA 57 -100.70 55.23 57.22
CA LEU AA 57 -101.93 55.97 57.04
C LEU AA 57 -101.61 57.31 56.37
N LYS AA 58 -102.13 57.50 55.17
CA LYS AA 58 -101.91 58.73 54.41
C LYS AA 58 -103.26 59.38 54.12
N LEU AA 59 -103.29 60.72 54.17
CA LEU AA 59 -104.51 61.48 53.92
C LEU AA 59 -104.18 62.60 52.94
N ASP AA 60 -104.84 62.58 51.78
CA ASP AA 60 -104.60 63.56 50.72
C ASP AA 60 -105.88 64.32 50.41
N GLN AA 61 -105.72 65.57 50.02
CA GLN AA 61 -106.85 66.43 49.64
C GLN AA 61 -106.33 67.53 48.74
N ALA AA 62 -106.74 67.51 47.47
CA ALA AA 62 -106.31 68.49 46.48
C ALA AA 62 -107.46 69.44 46.18
N ASP AA 63 -107.18 70.74 46.26
CA ASP AA 63 -108.18 71.75 45.97
C ASP AA 63 -108.41 71.87 44.48
N VAL AA 64 -109.64 72.25 44.11
CA VAL AA 64 -110.03 72.39 42.71
C VAL AA 64 -110.52 73.81 42.48
N VAL AA 65 -110.45 74.24 41.22
CA VAL AA 65 -110.91 75.56 40.80
C VAL AA 65 -111.70 75.41 39.51
N ASP AA 66 -112.61 76.35 39.28
CA ASP AA 66 -113.48 76.33 38.12
C ASP AA 66 -113.82 77.75 37.72
N CYS AA 67 -113.93 77.97 36.40
CA CYS AA 67 -114.24 79.29 35.86
C CYS AA 67 -115.54 79.32 35.06
N SER AA 68 -116.35 78.25 35.11
CA SER AA 68 -117.58 78.22 34.33
C SER AA 68 -118.62 79.21 34.85
N THR AA 69 -118.41 79.77 36.04
CA THR AA 69 -119.37 80.74 36.58
C THR AA 69 -119.28 82.07 35.85
N SER AA 70 -118.08 82.46 35.40
CA SER AA 70 -117.89 83.72 34.71
C SER AA 70 -117.32 83.51 33.33
N VAL AA 71 -116.18 82.82 33.25
CA VAL AA 71 -115.52 82.56 31.97
C VAL AA 71 -116.34 81.52 31.21
N CYS AA 72 -116.36 81.65 29.89
CA CYS AA 72 -117.07 80.81 28.93
C CYS AA 72 -116.85 79.31 29.11
N GLY AA 73 -115.64 78.93 29.49
CA GLY AA 73 -115.11 77.61 29.20
C GLY AA 73 -113.85 77.26 29.97
N GLU AA 74 -114.00 76.47 31.03
CA GLU AA 74 -112.85 76.03 31.82
C GLU AA 74 -113.30 74.84 32.67
N LEU AA 75 -112.69 73.68 32.43
CA LEU AA 75 -113.03 72.50 33.21
C LEU AA 75 -112.46 72.61 34.62
N PRO AA 76 -113.06 71.92 35.60
CA PRO AA 76 -112.50 71.92 36.96
C PRO AA 76 -111.07 71.40 36.96
N LYS AA 77 -110.15 72.24 37.41
CA LYS AA 77 -108.73 71.94 37.40
C LYS AA 77 -108.19 71.93 38.82
N VAL AA 78 -107.36 70.92 39.12
CA VAL AA 78 -106.76 70.82 40.44
C VAL AA 78 -105.65 71.87 40.57
N ARG AA 79 -105.40 72.30 41.81
CA ARG AA 79 -104.39 73.31 42.08
C ARG AA 79 -103.22 72.64 42.78
N TYR AA 80 -103.16 72.65 44.10
CA TYR AA 80 -102.06 72.05 44.84
C TYR AA 80 -102.48 70.70 45.42
N THR AA 81 -101.49 69.97 45.94
CA THR AA 81 -101.71 68.66 46.53
C THR AA 81 -101.01 68.61 47.88
N GLN AA 82 -101.70 68.08 48.89
CA GLN AA 82 -101.17 67.95 50.23
C GLN AA 82 -101.06 66.47 50.60
N VAL AA 83 -99.93 66.09 51.18
CA VAL AA 83 -99.66 64.72 51.57
C VAL AA 83 -99.33 64.69 53.05
N TRP AA 84 -100.06 63.87 53.80
CA TRP AA 84 -99.86 63.71 55.24
C TRP AA 84 -99.86 62.21 55.54
N SER AA 85 -98.67 61.60 55.49
CA SER AA 85 -98.51 60.17 55.74
C SER AA 85 -98.17 59.92 57.21
N HIS AA 86 -98.25 58.64 57.60
CA HIS AA 86 -97.97 58.23 58.96
C HIS AA 86 -97.13 56.96 58.92
N ASP AA 87 -96.69 56.53 60.10
CA ASP AA 87 -95.89 55.32 60.22
C ASP AA 87 -96.02 54.80 61.65
N VAL AA 88 -96.62 53.64 61.82
CA VAL AA 88 -96.84 53.03 63.13
C VAL AA 88 -96.02 51.75 63.20
N THR AA 89 -95.07 51.69 64.12
CA THR AA 89 -94.21 50.53 64.34
C THR AA 89 -94.37 50.09 65.79
N ILE AA 90 -95.43 49.32 66.05
CA ILE AA 90 -95.74 48.82 67.39
C ILE AA 90 -95.60 47.31 67.38
N VAL AA 91 -94.81 46.79 68.32
CA VAL AA 91 -94.61 45.35 68.41
C VAL AA 91 -95.85 44.70 69.01
N ALA AA 92 -96.02 43.40 68.72
CA ALA AA 92 -97.20 42.68 69.21
C ALA AA 92 -97.13 42.50 70.72
N ASN AA 93 -96.06 41.86 71.21
CA ASN AA 93 -95.88 41.63 72.64
C ASN AA 93 -95.47 42.94 73.31
N SER AA 94 -96.47 43.78 73.58
CA SER AA 94 -96.22 45.06 74.23
C SER AA 94 -97.02 45.17 75.52
N THR AA 95 -97.67 46.31 75.74
CA THR AA 95 -98.48 46.54 76.93
C THR AA 95 -99.71 47.35 76.55
N GLU AA 96 -100.88 46.87 76.95
CA GLU AA 96 -102.12 47.58 76.65
C GLU AA 96 -102.17 48.93 77.35
N ALA AA 97 -101.75 48.98 78.61
CA ALA AA 97 -101.74 50.25 79.34
C ALA AA 97 -100.77 51.24 78.71
N SER AA 98 -99.59 50.77 78.30
CA SER AA 98 -98.63 51.64 77.65
C SER AA 98 -99.15 52.15 76.31
N ARG AA 99 -99.81 51.28 75.54
CA ARG AA 99 -100.39 51.70 74.28
C ARG AA 99 -101.50 52.73 74.48
N LYS AA 100 -102.33 52.53 75.51
CA LYS AA 100 -103.39 53.49 75.79
C LYS AA 100 -102.81 54.83 76.23
N SER AA 101 -101.76 54.81 77.05
CA SER AA 101 -101.13 56.06 77.48
C SER AA 101 -100.50 56.77 76.29
N LEU AA 102 -99.86 56.02 75.38
CA LEU AA 102 -99.27 56.64 74.20
C LEU AA 102 -100.33 57.24 73.30
N TYR AA 103 -101.47 56.54 73.14
CA TYR AA 103 -102.55 57.08 72.33
C TYR AA 103 -103.13 58.34 72.95
N ASP AA 104 -103.28 58.35 74.29
CA ASP AA 104 -103.79 59.54 74.96
C ASP AA 104 -102.82 60.72 74.82
N LEU AA 105 -101.52 60.45 74.93
CA LEU AA 105 -100.52 61.51 74.75
C LEU AA 105 -100.55 62.05 73.33
N THR AA 106 -100.69 61.17 72.33
CA THR AA 106 -100.78 61.62 70.95
C THR AA 106 -102.03 62.45 70.72
N LYS AA 107 -103.16 62.02 71.30
CA LYS AA 107 -104.40 62.79 71.16
C LYS AA 107 -104.27 64.16 71.82
N SER AA 108 -103.63 64.23 72.98
CA SER AA 108 -103.42 65.51 73.64
C SER AA 108 -102.51 66.43 72.83
N LEU AA 109 -101.43 65.86 72.28
CA LEU AA 109 -100.53 66.67 71.45
C LEU AA 109 -101.21 67.15 70.18
N VAL AA 110 -102.15 66.35 69.64
CA VAL AA 110 -102.87 66.78 68.44
C VAL AA 110 -103.87 67.87 68.79
N ALA AA 111 -104.59 67.71 69.90
CA ALA AA 111 -105.62 68.67 70.29
C ALA AA 111 -105.06 69.93 70.95
N THR AA 112 -103.77 69.96 71.27
CA THR AA 112 -103.19 71.14 71.88
C THR AA 112 -103.17 72.31 70.88
N SER AA 113 -102.98 73.51 71.41
CA SER AA 113 -102.98 74.72 70.61
C SER AA 113 -101.62 75.02 69.97
N GLN AA 114 -100.56 74.33 70.39
CA GLN AA 114 -99.24 74.56 69.83
C GLN AA 114 -99.10 74.02 68.42
N VAL AA 115 -99.60 72.82 68.16
CA VAL AA 115 -99.54 72.26 66.81
C VAL AA 115 -100.42 73.05 65.86
N GLU AA 116 -101.56 73.56 66.34
CA GLU AA 116 -102.41 74.39 65.49
C GLU AA 116 -101.70 75.67 65.08
N ASP AA 117 -100.99 76.31 66.01
CA ASP AA 117 -100.22 77.49 65.66
C ASP AA 117 -99.07 77.16 64.73
N LEU AA 118 -98.39 76.03 64.96
CA LEU AA 118 -97.32 75.60 64.06
C LEU AA 118 -97.85 75.36 62.65
N VAL AA 119 -99.07 74.87 62.52
CA VAL AA 119 -99.64 74.60 61.20
C VAL AA 119 -100.07 75.91 60.54
N VAL AA 120 -100.76 76.78 61.27
CA VAL AA 120 -101.32 78.00 60.71
C VAL AA 120 -100.23 79.03 60.49
N ASN AA 121 -99.68 79.56 61.58
CA ASN AA 121 -98.72 80.67 61.51
C ASN AA 121 -97.32 80.23 61.13
N LEU AA 122 -97.09 78.92 60.92
CA LEU AA 122 -95.79 78.39 60.54
C LEU AA 122 -94.70 78.74 61.56
N VAL AA 123 -95.09 78.92 62.81
CA VAL AA 123 -94.15 79.24 63.88
C VAL AA 123 -93.65 77.94 64.50
N PRO AA 124 -92.35 77.78 64.70
CA PRO AA 124 -91.84 76.52 65.26
C PRO AA 124 -92.43 76.25 66.64
N LEU AA 125 -92.65 74.97 66.92
CA LEU AA 125 -93.27 74.55 68.17
C LEU AA 125 -92.33 74.84 69.34
N GLY AA 126 -92.78 75.67 70.27
CA GLY AA 126 -91.98 76.01 71.42
C GLY AA 126 -92.62 77.06 72.31
N ARG AA 127 -93.65 76.67 73.04
CA ARG AA 127 -94.36 77.59 73.94
C ARG AA 127 -94.13 77.23 75.40
N SER BA 1 -88.82 85.98 69.06
CA SER BA 1 -87.41 85.67 69.18
C SER BA 1 -86.58 86.95 69.19
N LYS BA 2 -85.76 87.15 68.16
CA LYS BA 2 -85.03 88.41 67.99
C LYS BA 2 -85.84 89.31 67.06
N THR BA 3 -86.22 90.48 67.56
CA THR BA 3 -87.04 91.43 66.81
C THR BA 3 -86.22 92.65 66.44
N ILE BA 4 -86.42 93.14 65.22
CA ILE BA 4 -85.75 94.32 64.72
C ILE BA 4 -86.81 95.30 64.22
N VAL BA 5 -86.79 96.51 64.76
CA VAL BA 5 -87.77 97.55 64.41
C VAL BA 5 -87.11 98.54 63.47
N LEU BA 6 -87.72 98.75 62.31
CA LEU BA 6 -87.23 99.69 61.31
C LEU BA 6 -88.26 100.78 61.09
N SER BA 7 -87.82 102.04 61.16
CA SER BA 7 -88.70 103.20 61.00
C SER BA 7 -88.55 103.72 59.58
N VAL BA 8 -89.66 103.70 58.82
CA VAL BA 8 -89.66 104.21 57.46
C VAL BA 8 -90.06 105.66 57.37
N GLY BA 9 -90.61 106.24 58.44
CA GLY BA 9 -91.04 107.63 58.41
C GLY BA 9 -92.41 107.81 59.03
N GLU BA 10 -93.37 106.97 58.62
CA GLU BA 10 -94.71 107.01 59.17
C GLU BA 10 -95.17 105.70 59.78
N ALA BA 11 -94.55 104.58 59.43
CA ALA BA 11 -94.89 103.27 59.98
C ALA BA 11 -93.61 102.58 60.43
N THR BA 12 -93.79 101.53 61.25
CA THR BA 12 -92.68 100.77 61.80
C THR BA 12 -92.82 99.32 61.36
N ARG BA 13 -91.77 98.79 60.73
CA ARG BA 13 -91.74 97.40 60.30
C ARG BA 13 -90.97 96.54 61.29
N THR BA 14 -91.39 95.30 61.43
CA THR BA 14 -90.80 94.37 62.40
C THR BA 14 -90.27 93.15 61.67
N LEU BA 15 -88.98 92.87 61.86
CA LEU BA 15 -88.34 91.68 61.32
C LEU BA 15 -88.06 90.70 62.46
N THR BA 16 -88.35 89.43 62.23
CA THR BA 16 -88.23 88.40 63.25
C THR BA 16 -87.18 87.37 62.84
N GLU BA 17 -86.36 86.96 63.80
CA GLU BA 17 -85.38 85.91 63.55
C GLU BA 17 -86.08 84.58 63.31
N ILE BA 18 -85.68 83.86 62.26
CA ILE BA 18 -86.33 82.59 61.92
C ILE BA 18 -85.35 81.43 61.91
N GLN BA 19 -84.15 81.61 61.37
CA GLN BA 19 -83.19 80.51 61.23
C GLN BA 19 -81.94 80.88 62.01
N SER BA 20 -81.99 80.70 63.33
CA SER BA 20 -80.89 81.07 64.22
C SER BA 20 -79.75 80.07 64.07
N THR BA 21 -78.68 80.48 63.39
CA THR BA 21 -77.49 79.67 63.24
C THR BA 21 -76.28 80.60 63.19
N ALA BA 22 -75.12 80.06 63.61
CA ALA BA 22 -73.92 80.88 63.70
C ALA BA 22 -73.44 81.32 62.32
N ASP BA 23 -73.25 80.37 61.40
CA ASP BA 23 -72.72 80.67 60.08
C ASP BA 23 -73.75 81.26 59.13
N ARG BA 24 -75.03 81.33 59.53
CA ARG BA 24 -76.06 81.87 58.65
C ARG BA 24 -77.24 82.30 59.53
N GLN BA 25 -77.46 83.61 59.61
CA GLN BA 25 -78.60 84.17 60.34
C GLN BA 25 -79.60 84.71 59.32
N ILE BA 26 -80.84 84.21 59.40
CA ILE BA 26 -81.89 84.56 58.45
C ILE BA 26 -82.98 85.29 59.20
N PHE BA 27 -83.13 86.58 58.93
CA PHE BA 27 -84.21 87.39 59.48
C PHE BA 27 -85.29 87.59 58.42
N GLU BA 28 -86.55 87.44 58.85
CA GLU BA 28 -87.70 87.59 57.97
C GLU BA 28 -88.64 88.63 58.53
N GLU BA 29 -89.22 89.44 57.65
CA GLU BA 29 -90.19 90.45 58.06
C GLU BA 29 -91.58 89.82 58.15
N LYS BA 30 -92.28 90.12 59.24
CA LYS BA 30 -93.62 89.61 59.48
C LYS BA 30 -94.62 90.76 59.36
N VAL BA 31 -95.37 90.76 58.25
CA VAL BA 31 -96.41 91.77 58.02
C VAL BA 31 -97.69 91.07 57.59
N GLY BA 32 -97.60 90.25 56.56
CA GLY BA 32 -98.73 89.51 56.06
C GLY BA 32 -98.32 88.21 55.40
N PRO BA 33 -98.23 88.21 54.07
CA PRO BA 33 -97.80 87.00 53.35
C PRO BA 33 -96.30 86.76 53.59
N LEU BA 34 -95.99 85.58 54.14
CA LEU BA 34 -94.59 85.28 54.44
C LEU BA 34 -93.78 85.03 53.18
N VAL BA 35 -94.40 84.45 52.15
CA VAL BA 35 -93.70 84.21 50.90
C VAL BA 35 -93.58 85.52 50.13
N GLY BA 36 -92.39 85.76 49.56
CA GLY BA 36 -92.14 86.98 48.82
C GLY BA 36 -92.18 88.22 49.69
N ARG BA 37 -91.35 88.23 50.74
CA ARG BA 37 -91.30 89.36 51.65
C ARG BA 37 -89.87 89.88 51.80
N LEU BA 38 -89.55 90.46 52.95
CA LEU BA 38 -88.23 91.01 53.22
C LEU BA 38 -87.41 89.99 53.99
N ARG BA 39 -86.25 89.62 53.46
CA ARG BA 39 -85.36 88.68 54.11
C ARG BA 39 -83.95 89.26 54.18
N LEU BA 40 -83.22 88.85 55.21
CA LEU BA 40 -81.87 89.33 55.46
C LEU BA 40 -81.00 88.16 55.88
N THR BA 41 -79.87 88.01 55.19
CA THR BA 41 -78.92 86.93 55.45
C THR BA 41 -77.62 87.53 55.98
N ALA BA 42 -77.19 87.07 57.15
CA ALA BA 42 -75.96 87.55 57.78
C ALA BA 42 -75.01 86.38 57.99
N SER BA 43 -73.73 86.61 57.73
CA SER BA 43 -72.71 85.58 57.90
C SER BA 43 -71.43 86.22 58.42
N LEU BA 44 -70.75 85.52 59.30
CA LEU BA 44 -69.48 85.95 59.88
C LEU BA 44 -68.51 84.79 59.89
N ARG BA 45 -67.26 85.04 59.49
CA ARG BA 45 -66.26 83.99 59.38
C ARG BA 45 -64.88 84.62 59.53
N GLN BA 46 -63.86 83.78 59.40
CA GLN BA 46 -62.46 84.18 59.45
C GLN BA 46 -61.87 84.10 58.04
N ASN BA 47 -60.53 84.07 57.95
CA ASN BA 47 -59.87 84.04 56.66
C ASN BA 47 -58.39 83.70 56.87
N GLY BA 48 -57.82 82.99 55.89
CA GLY BA 48 -56.41 82.66 55.89
C GLY BA 48 -55.91 81.93 57.12
N ALA BA 49 -54.99 82.56 57.85
CA ALA BA 49 -54.43 81.98 59.07
C ALA BA 49 -54.72 82.88 60.25
N LYS BA 50 -56.00 83.03 60.61
CA LYS BA 50 -56.43 83.79 61.78
C LYS BA 50 -56.11 85.28 61.67
N THR BA 51 -55.94 85.80 60.45
CA THR BA 51 -55.49 87.19 60.27
C THR BA 51 -56.66 88.16 60.44
N ALA BA 52 -57.51 88.25 59.42
CA ALA BA 52 -58.66 89.16 59.46
C ALA BA 52 -59.96 88.38 59.59
N TYR BA 53 -61.07 89.00 59.18
CA TYR BA 53 -62.37 88.37 59.25
C TYR BA 53 -63.13 88.69 57.97
N ARG BA 54 -64.33 88.10 57.85
CA ARG BA 54 -65.18 88.30 56.68
C ARG BA 54 -66.62 88.33 57.12
N VAL BA 55 -67.32 89.42 56.81
CA VAL BA 55 -68.72 89.59 57.14
C VAL BA 55 -69.51 89.80 55.86
N ASN BA 56 -70.61 89.06 55.73
CA ASN BA 56 -71.47 89.15 54.57
C ASN BA 56 -72.88 89.49 55.00
N LEU BA 57 -73.48 90.48 54.34
CA LEU BA 57 -74.84 90.93 54.65
C LEU BA 57 -75.60 91.10 53.34
N LYS BA 58 -76.66 90.32 53.17
CA LYS BA 58 -77.49 90.37 51.97
C LYS BA 58 -78.93 90.69 52.37
N LEU BA 59 -79.60 91.50 51.56
CA LEU BA 59 -80.98 91.90 51.82
C LEU BA 59 -81.78 91.69 50.54
N ASP BA 60 -82.80 90.83 50.61
CA ASP BA 60 -83.63 90.51 49.47
C ASP BA 60 -85.09 90.86 49.75
N GLN BA 61 -85.80 91.23 48.68
CA GLN BA 61 -87.22 91.57 48.79
C GLN BA 61 -87.85 91.40 47.42
N ALA BA 62 -88.73 90.41 47.29
CA ALA BA 62 -89.40 90.11 46.03
C ALA BA 62 -90.85 90.57 46.10
N ASP BA 63 -91.27 91.33 45.09
CA ASP BA 63 -92.64 91.82 45.04
C ASP BA 63 -93.59 90.70 44.62
N VAL BA 64 -94.83 90.80 45.08
CA VAL BA 64 -95.85 89.79 44.79
C VAL BA 64 -97.04 90.49 44.13
N VAL BA 65 -97.81 89.70 43.38
CA VAL BA 65 -99.01 90.18 42.71
C VAL BA 65 -100.12 89.15 42.90
N ASP BA 66 -101.36 89.64 42.85
CA ASP BA 66 -102.54 88.80 43.07
C ASP BA 66 -103.70 89.33 42.25
N CYS BA 67 -104.51 88.41 41.74
CA CYS BA 67 -105.67 88.76 40.92
C CYS BA 67 -106.99 88.30 41.53
N SER BA 68 -107.00 87.86 42.79
CA SER BA 68 -108.25 87.38 43.39
C SER BA 68 -109.24 88.50 43.64
N THR BA 69 -108.80 89.77 43.53
CA THR BA 69 -109.72 90.88 43.74
C THR BA 69 -110.69 91.04 42.57
N SER BA 70 -110.24 90.73 41.36
CA SER BA 70 -111.08 90.86 40.17
C SER BA 70 -111.23 89.54 39.45
N VAL BA 71 -110.11 88.92 39.09
CA VAL BA 71 -110.11 87.65 38.38
C VAL BA 71 -110.53 86.56 39.36
N CYS BA 72 -111.26 85.57 38.83
CA CYS BA 72 -111.79 84.39 39.52
C CYS BA 72 -110.79 83.65 40.41
N GLY BA 73 -109.54 83.59 39.97
CA GLY BA 73 -108.63 82.53 40.36
C GLY BA 73 -107.19 82.78 39.98
N GLU BA 74 -106.38 83.21 40.95
CA GLU BA 74 -104.95 83.43 40.72
C GLU BA 74 -104.26 83.51 42.07
N LEU BA 75 -103.35 82.57 42.33
CA LEU BA 75 -102.62 82.58 43.58
C LEU BA 75 -101.58 83.70 43.59
N PRO BA 76 -101.20 84.18 44.78
CA PRO BA 76 -100.14 85.21 44.85
C PRO BA 76 -98.86 84.72 44.22
N LYS BA 77 -98.42 85.44 43.18
CA LYS BA 77 -97.25 85.06 42.40
C LYS BA 77 -96.17 86.12 42.52
N VAL BA 78 -94.93 85.68 42.70
CA VAL BA 78 -93.82 86.61 42.79
C VAL BA 78 -93.49 87.16 41.40
N ARG BA 79 -92.93 88.37 41.37
CA ARG BA 79 -92.60 89.03 40.12
C ARG BA 79 -91.09 89.04 39.98
N TYR BA 80 -90.41 90.12 40.38
CA TYR BA 80 -88.96 90.22 40.26
C TYR BA 80 -88.30 89.97 41.61
N THR BA 81 -86.97 89.84 41.58
CA THR BA 81 -86.18 89.62 42.78
C THR BA 81 -85.00 90.57 42.78
N GLN BA 82 -84.74 91.19 43.94
CA GLN BA 82 -83.65 92.13 44.11
C GLN BA 82 -82.65 91.58 45.12
N VAL BA 83 -81.36 91.66 44.78
CA VAL BA 83 -80.29 91.16 45.61
C VAL BA 83 -79.32 92.30 45.90
N TRP BA 84 -79.07 92.55 47.19
CA TRP BA 84 -78.15 93.60 47.64
C TRP BA 84 -77.25 92.98 48.71
N SER BA 85 -76.12 92.43 48.27
CA SER BA 85 -75.16 91.80 49.16
C SER BA 85 -74.08 92.79 49.59
N HIS BA 86 -73.31 92.39 50.59
CA HIS BA 86 -72.23 93.23 51.12
C HIS BA 86 -71.00 92.35 51.36
N ASP BA 87 -69.90 93.00 51.73
CA ASP BA 87 -68.65 92.29 52.00
C ASP BA 87 -67.80 93.18 52.89
N VAL BA 88 -67.56 92.73 54.13
CA VAL BA 88 -66.78 93.48 55.11
C VAL BA 88 -65.51 92.69 55.40
N THR BA 89 -64.35 93.28 55.10
CA THR BA 89 -63.05 92.67 55.33
C THR BA 89 -62.25 93.62 56.21
N ILE BA 90 -62.48 93.54 57.52
CA ILE BA 90 -61.81 94.38 58.50
C ILE BA 90 -60.93 93.50 59.38
N VAL BA 91 -59.65 93.85 59.48
CA VAL BA 91 -58.73 93.08 60.31
C VAL BA 91 -59.01 93.36 61.78
N ALA BA 92 -58.61 92.41 62.64
CA ALA BA 92 -58.84 92.56 64.08
C ALA BA 92 -57.98 93.68 64.65
N ASN BA 93 -56.66 93.56 64.49
CA ASN BA 93 -55.72 94.56 65.01
C ASN BA 93 -55.77 95.79 64.11
N SER BA 94 -56.79 96.63 64.33
CA SER BA 94 -56.96 97.85 63.56
C SER BA 94 -56.96 99.07 64.47
N THR BA 95 -57.90 99.99 64.25
CA THR BA 95 -58.02 101.20 65.06
C THR BA 95 -59.49 101.52 65.25
N GLU BA 96 -59.88 101.74 66.50
CA GLU BA 96 -61.28 102.07 66.79
C GLU BA 96 -61.67 103.41 66.19
N ALA BA 97 -60.79 104.40 66.29
CA ALA BA 97 -61.08 105.71 65.72
C ALA BA 97 -61.19 105.63 64.19
N SER BA 98 -60.30 104.86 63.55
CA SER BA 98 -60.38 104.71 62.11
C SER BA 98 -61.65 103.98 61.69
N ARG BA 99 -62.05 102.95 62.46
CA ARG BA 99 -63.29 102.25 62.14
C ARG BA 99 -64.50 103.16 62.31
N LYS BA 100 -64.50 103.98 63.35
CA LYS BA 100 -65.61 104.92 63.56
C LYS BA 100 -65.66 105.95 62.45
N SER BA 101 -64.51 106.46 62.02
CA SER BA 101 -64.49 107.42 60.92
C SER BA 101 -64.96 106.79 59.62
N LEU BA 102 -64.58 105.53 59.36
CA LEU BA 102 -65.03 104.85 58.17
C LEU BA 102 -66.54 104.60 58.21
N TYR BA 103 -67.07 104.23 59.37
CA TYR BA 103 -68.50 104.04 59.50
C TYR BA 103 -69.26 105.35 59.30
N ASP BA 104 -68.73 106.45 59.83
CA ASP BA 104 -69.37 107.74 59.64
C ASP BA 104 -69.34 108.16 58.17
N LEU BA 105 -68.22 107.91 57.49
CA LEU BA 105 -68.14 108.23 56.07
C LEU BA 105 -69.12 107.39 55.26
N THR BA 106 -69.25 106.11 55.59
CA THR BA 106 -70.21 105.25 54.89
C THR BA 106 -71.63 105.72 55.14
N LYS BA 107 -71.95 106.10 56.37
CA LYS BA 107 -73.29 106.59 56.69
C LYS BA 107 -73.57 107.89 55.93
N SER BA 108 -72.59 108.78 55.83
CA SER BA 108 -72.79 110.02 55.09
C SER BA 108 -72.99 109.76 53.61
N LEU BA 109 -72.19 108.84 53.04
CA LEU BA 109 -72.35 108.51 51.63
C LEU BA 109 -73.70 107.84 51.36
N VAL BA 110 -74.22 107.08 52.32
CA VAL BA 110 -75.52 106.46 52.15
C VAL BA 110 -76.63 107.49 52.25
N ALA BA 111 -76.53 108.41 53.22
CA ALA BA 111 -77.56 109.41 53.43
C ALA BA 111 -77.49 110.58 52.46
N THR BA 112 -76.43 110.68 51.66
CA THR BA 112 -76.33 111.76 50.70
C THR BA 112 -77.38 111.61 49.60
N SER BA 113 -77.60 112.70 48.87
CA SER BA 113 -78.61 112.74 47.81
C SER BA 113 -78.10 112.21 46.49
N GLN BA 114 -76.79 112.01 46.34
CA GLN BA 114 -76.22 111.50 45.09
C GLN BA 114 -76.53 110.04 44.87
N VAL BA 115 -76.40 109.21 45.91
CA VAL BA 115 -76.72 107.78 45.77
C VAL BA 115 -78.21 107.59 45.55
N GLU BA 116 -79.05 108.42 46.16
CA GLU BA 116 -80.49 108.33 45.93
C GLU BA 116 -80.82 108.62 44.47
N ASP BA 117 -80.19 109.64 43.89
CA ASP BA 117 -80.42 109.94 42.48
C ASP BA 117 -79.88 108.82 41.59
N LEU BA 118 -78.71 108.28 41.93
CA LEU BA 118 -78.15 107.16 41.18
C LEU BA 118 -79.08 105.94 41.22
N VAL BA 119 -79.77 105.73 42.33
CA VAL BA 119 -80.68 104.60 42.45
C VAL BA 119 -81.97 104.85 41.68
N VAL BA 120 -82.55 106.05 41.84
CA VAL BA 120 -83.85 106.36 41.24
C VAL BA 120 -83.70 106.62 39.76
N ASN BA 121 -83.05 107.73 39.40
CA ASN BA 121 -82.97 108.17 38.01
C ASN BA 121 -81.92 107.41 37.21
N LEU BA 122 -81.19 106.47 37.82
CA LEU BA 122 -80.17 105.68 37.14
C LEU BA 122 -79.09 106.55 36.50
N VAL BA 123 -78.86 107.72 37.09
CA VAL BA 123 -77.83 108.64 36.59
C VAL BA 123 -76.52 108.32 37.30
N PRO BA 124 -75.40 108.22 36.57
CA PRO BA 124 -74.13 107.89 37.22
C PRO BA 124 -73.76 108.93 38.27
N LEU BA 125 -73.13 108.46 39.35
CA LEU BA 125 -72.76 109.32 40.47
C LEU BA 125 -71.67 110.29 40.02
N GLY BA 126 -71.97 111.59 40.11
CA GLY BA 126 -71.01 112.61 39.72
C GLY BA 126 -71.58 114.01 39.78
N ARG BA 127 -71.77 114.53 41.00
CA ARG BA 127 -72.31 115.87 41.18
C ARG BA 127 -71.25 116.82 41.74
N SER CA 1 -107.71 9.47 -87.64
CA SER CA 1 -106.30 9.87 -87.69
C SER CA 1 -105.64 9.30 -88.95
N LYS CA 2 -104.69 8.39 -88.77
CA LYS CA 2 -104.09 7.69 -89.89
C LYS CA 2 -104.80 6.36 -90.06
N THR CA 3 -105.40 6.15 -91.23
CA THR CA 3 -106.17 4.95 -91.53
C THR CA 3 -105.43 4.09 -92.55
N ILE CA 4 -105.48 2.79 -92.34
CA ILE CA 4 -104.85 1.81 -93.23
C ILE CA 4 -105.92 0.80 -93.64
N VAL CA 5 -106.12 0.63 -94.94
CA VAL CA 5 -107.12 -0.27 -95.47
C VAL CA 5 -106.43 -1.53 -95.99
N LEU CA 6 -106.85 -2.68 -95.49
CA LEU CA 6 -106.30 -3.97 -95.89
C LEU CA 6 -107.39 -4.81 -96.54
N SER CA 7 -107.11 -5.33 -97.73
CA SER CA 7 -108.06 -6.14 -98.48
C SER CA 7 -107.74 -7.62 -98.27
N VAL CA 8 -108.69 -8.36 -97.68
CA VAL CA 8 -108.51 -9.78 -97.44
C VAL CA 8 -109.05 -10.64 -98.58
N GLY CA 9 -109.83 -10.06 -99.50
CA GLY CA 9 -110.40 -10.82 -100.58
C GLY CA 9 -111.86 -10.52 -100.80
N GLU CA 10 -112.65 -10.53 -99.71
CA GLU CA 10 -114.06 -10.21 -99.77
C GLU CA 10 -114.47 -9.06 -98.86
N ALA CA 11 -113.68 -8.74 -97.83
CA ALA CA 11 -113.96 -7.65 -96.93
C ALA CA 11 -112.72 -6.78 -96.78
N THR CA 12 -112.92 -5.58 -96.25
CA THR CA 12 -111.84 -4.60 -96.07
C THR CA 12 -111.74 -4.26 -94.59
N ARG CA 13 -110.56 -4.43 -94.02
CA ARG CA 13 -110.30 -4.10 -92.62
C ARG CA 13 -109.61 -2.74 -92.52
N THR CA 14 -109.91 -2.03 -91.44
CA THR CA 14 -109.41 -0.68 -91.23
C THR CA 14 -108.63 -0.64 -89.92
N LEU CA 15 -107.37 -0.21 -90.01
CA LEU CA 15 -106.52 -0.01 -88.85
C LEU CA 15 -106.33 1.49 -88.62
N THR CA 16 -106.45 1.92 -87.37
CA THR CA 16 -106.38 3.32 -87.00
C THR CA 16 -105.18 3.58 -86.11
N GLU CA 17 -104.50 4.70 -86.37
CA GLU CA 17 -103.38 5.11 -85.53
C GLU CA 17 -103.88 5.51 -84.15
N ILE CA 18 -103.23 5.01 -83.09
CA ILE CA 18 -103.67 5.30 -81.73
C ILE CA 18 -102.59 5.98 -80.90
N GLN CA 19 -101.33 5.53 -81.01
CA GLN CA 19 -100.26 6.06 -80.18
C GLN CA 19 -99.20 6.67 -81.11
N SER CA 20 -99.45 7.89 -81.58
CA SER CA 20 -98.57 8.55 -82.53
C SER CA 20 -97.32 9.05 -81.81
N THR CA 21 -96.21 8.36 -82.03
CA THR CA 21 -94.92 8.75 -81.47
C THR CA 21 -93.83 8.36 -82.45
N ALA CA 22 -92.71 9.10 -82.41
CA ALA CA 22 -91.63 8.88 -83.37
C ALA CA 22 -90.99 7.52 -83.17
N ASP CA 23 -90.53 7.23 -81.94
CA ASP CA 23 -89.81 6.00 -81.67
C ASP CA 23 -90.73 4.78 -81.51
N ARG CA 24 -92.05 4.97 -81.54
CA ARG CA 24 -92.97 3.85 -81.38
C ARG CA 24 -94.32 4.26 -81.96
N GLN CA 25 -94.70 3.65 -83.08
CA GLN CA 25 -95.99 3.88 -83.71
C GLN CA 25 -96.86 2.65 -83.50
N ILE CA 26 -98.03 2.85 -82.88
CA ILE CA 26 -98.94 1.76 -82.53
C ILE CA 26 -100.22 1.93 -83.33
N PHE CA 27 -100.46 1.02 -84.27
CA PHE CA 27 -101.69 0.98 -85.03
C PHE CA 27 -102.59 -0.12 -84.49
N GLU CA 28 -103.88 0.20 -84.35
CA GLU CA 28 -104.86 -0.74 -83.83
C GLU CA 28 -106.00 -0.87 -84.83
N GLU CA 29 -106.50 -2.09 -84.99
CA GLU CA 29 -107.63 -2.36 -85.87
C GLU CA 29 -108.94 -2.08 -85.14
N LYS CA 30 -109.85 -1.37 -85.80
CA LYS CA 30 -111.15 -1.02 -85.24
C LYS CA 30 -112.22 -1.82 -85.97
N VAL CA 31 -112.78 -2.83 -85.30
CA VAL CA 31 -113.85 -3.63 -85.87
C VAL CA 31 -114.96 -3.77 -84.83
N GLY CA 32 -114.60 -4.24 -83.64
CA GLY CA 32 -115.55 -4.40 -82.56
C GLY CA 32 -114.90 -4.26 -81.21
N PRO CA 33 -114.58 -5.39 -80.57
CA PRO CA 33 -113.89 -5.35 -79.27
C PRO CA 33 -112.45 -4.89 -79.45
N LEU CA 34 -112.10 -3.79 -78.77
CA LEU CA 34 -110.76 -3.24 -78.91
C LEU CA 34 -109.72 -4.13 -78.23
N VAL CA 35 -110.08 -4.77 -77.11
CA VAL CA 35 -109.15 -5.66 -76.43
C VAL CA 35 -109.04 -6.97 -77.20
N GLY CA 36 -107.81 -7.47 -77.34
CA GLY CA 36 -107.58 -8.70 -78.07
C GLY CA 36 -107.89 -8.58 -79.55
N ARG CA 37 -107.26 -7.61 -80.22
CA ARG CA 37 -107.50 -7.39 -81.64
C ARG CA 37 -106.18 -7.40 -82.41
N LEU CA 38 -106.13 -6.67 -83.52
CA LEU CA 38 -104.94 -6.60 -84.37
C LEU CA 38 -104.17 -5.33 -84.02
N ARG CA 39 -102.89 -5.50 -83.66
CA ARG CA 39 -102.03 -4.39 -83.31
C ARG CA 39 -100.73 -4.48 -84.10
N LEU CA 40 -100.15 -3.32 -84.39
CA LEU CA 40 -98.93 -3.22 -85.17
C LEU CA 40 -98.00 -2.19 -84.53
N THR CA 41 -96.77 -2.59 -84.26
CA THR CA 41 -95.77 -1.73 -83.64
C THR CA 41 -94.66 -1.46 -84.65
N ALA CA 42 -94.38 -0.18 -84.90
CA ALA CA 42 -93.35 0.23 -85.83
C ALA CA 42 -92.32 1.09 -85.11
N SER CA 43 -91.05 0.87 -85.42
CA SER CA 43 -89.96 1.63 -84.80
C SER CA 43 -88.87 1.87 -85.83
N LEU CA 44 -88.28 3.07 -85.78
CA LEU CA 44 -87.19 3.45 -86.66
C LEU CA 44 -86.11 4.15 -85.84
N ARG CA 45 -84.85 3.78 -86.09
CA ARG CA 45 -83.74 4.33 -85.33
C ARG CA 45 -82.48 4.27 -86.18
N GLN CA 46 -81.36 4.68 -85.58
CA GLN CA 46 -80.05 4.64 -86.20
C GLN CA 46 -79.21 3.54 -85.56
N ASN CA 47 -77.89 3.60 -85.73
CA ASN CA 47 -77.01 2.57 -85.20
C ASN CA 47 -75.56 3.07 -85.27
N GLY CA 48 -74.76 2.65 -84.30
CA GLY CA 48 -73.34 2.95 -84.27
C GLY CA 48 -72.99 4.42 -84.33
N ALA CA 49 -72.28 4.81 -85.38
CA ALA CA 49 -71.87 6.20 -85.58
C ALA CA 49 -72.47 6.73 -86.88
N LYS CA 50 -73.79 6.84 -86.95
CA LYS CA 50 -74.50 7.41 -88.09
C LYS CA 50 -74.34 6.59 -89.37
N THR CA 51 -74.00 5.31 -89.25
CA THR CA 51 -73.69 4.49 -90.44
C THR CA 51 -74.97 4.04 -91.13
N ALA CA 52 -75.64 3.04 -90.57
CA ALA CA 52 -76.87 2.50 -91.15
C ALA CA 52 -78.07 2.88 -90.32
N TYR CA 53 -79.16 2.11 -90.45
CA TYR CA 53 -80.38 2.36 -89.70
C TYR CA 53 -80.94 1.03 -89.21
N ARG CA 54 -82.02 1.12 -88.45
CA ARG CA 54 -82.67 -0.07 -87.89
C ARG CA 54 -84.17 0.16 -87.87
N VAL CA 55 -84.92 -0.73 -88.52
CA VAL CA 55 -86.37 -0.67 -88.58
C VAL CA 55 -86.94 -1.94 -88.00
N ASN CA 56 -87.92 -1.78 -87.10
CA ASN CA 56 -88.57 -2.91 -86.45
C ASN CA 56 -90.06 -2.85 -86.70
N LEU CA 57 -90.65 -3.96 -87.12
CA LEU CA 57 -92.08 -4.06 -87.41
C LEU CA 57 -92.61 -5.34 -86.79
N LYS CA 58 -93.53 -5.19 -85.84
CA LYS CA 58 -94.15 -6.32 -85.16
C LYS CA 58 -95.65 -6.28 -85.36
N LEU CA 59 -96.26 -7.45 -85.54
CA LEU CA 59 -97.70 -7.56 -85.75
C LEU CA 59 -98.24 -8.63 -84.81
N ASP CA 60 -99.16 -8.23 -83.93
CA ASP CA 60 -99.74 -9.12 -82.94
C ASP CA 60 -101.24 -9.20 -83.12
N GLN CA 61 -101.80 -10.37 -82.79
CA GLN CA 61 -103.24 -10.59 -82.88
C GLN CA 61 -103.61 -11.73 -81.95
N ALA CA 62 -104.35 -11.43 -80.89
CA ALA CA 62 -104.75 -12.41 -79.90
C ALA CA 62 -106.23 -12.72 -80.05
N ASP CA 63 -106.55 -14.00 -80.15
CA ASP CA 63 -107.94 -14.44 -80.29
C ASP CA 63 -108.66 -14.32 -78.96
N VAL CA 64 -109.98 -14.09 -79.04
CA VAL CA 64 -110.81 -13.93 -77.85
C VAL CA 64 -111.94 -14.95 -77.91
N VAL CA 65 -112.49 -15.27 -76.74
CA VAL CA 65 -113.59 -16.20 -76.60
C VAL CA 65 -114.60 -15.62 -75.62
N ASP CA 66 -115.85 -16.03 -75.79
CA ASP CA 66 -116.95 -15.52 -74.96
C ASP CA 66 -118.01 -16.62 -74.81
N CYS CA 67 -118.61 -16.66 -73.62
CA CYS CA 67 -119.65 -17.64 -73.32
C CYS CA 67 -120.99 -17.03 -72.98
N SER CA 68 -121.17 -15.72 -73.21
CA SER CA 68 -122.44 -15.08 -72.86
C SER CA 68 -123.58 -15.53 -73.77
N THR CA 69 -123.28 -16.22 -74.88
CA THR CA 69 -124.33 -16.69 -75.77
C THR CA 69 -125.09 -17.87 -75.16
N SER CA 70 -124.41 -18.71 -74.38
CA SER CA 70 -125.05 -19.87 -73.78
C SER CA 70 -124.92 -19.83 -72.26
N VAL CA 71 -123.69 -19.73 -71.77
CA VAL CA 71 -123.43 -19.69 -70.33
C VAL CA 71 -123.89 -18.34 -69.79
N CYS CA 72 -124.39 -18.34 -68.56
CA CYS CA 72 -124.93 -17.19 -67.82
C CYS CA 72 -124.01 -15.98 -67.81
N GLY CA 73 -122.71 -16.21 -67.73
CA GLY CA 73 -121.76 -15.26 -67.18
C GLY CA 73 -120.32 -15.57 -67.47
N GLU CA 74 -119.74 -14.88 -68.45
CA GLU CA 74 -118.33 -15.06 -68.79
C GLU CA 74 -117.90 -13.87 -69.64
N LEU CA 75 -116.95 -13.09 -69.14
CA LEU CA 75 -116.44 -11.94 -69.87
C LEU CA 75 -115.56 -12.41 -71.03
N PRO CA 76 -115.43 -11.60 -72.08
CA PRO CA 76 -114.53 -11.96 -73.19
C PRO CA 76 -113.10 -12.13 -72.69
N LYS CA 77 -112.57 -13.33 -72.88
CA LYS CA 77 -111.26 -13.71 -72.39
C LYS CA 77 -110.34 -14.05 -73.55
N VAL CA 78 -109.10 -13.55 -73.48
CA VAL CA 78 -108.13 -13.84 -74.53
C VAL CA 78 -107.63 -15.27 -74.38
N ARG CA 79 -107.21 -15.85 -75.50
CA ARG CA 79 -106.75 -17.23 -75.52
C ARG CA 79 -105.24 -17.22 -75.74
N TYR CA 80 -104.76 -17.36 -76.96
CA TYR CA 80 -103.34 -17.37 -77.26
C TYR CA 80 -102.89 -16.03 -77.83
N THR CA 81 -101.58 -15.87 -77.95
CA THR CA 81 -100.98 -14.64 -78.46
C THR CA 81 -99.93 -15.01 -79.51
N GLN CA 82 -99.95 -14.31 -80.64
CA GLN CA 82 -99.01 -14.53 -81.73
C GLN CA 82 -98.14 -13.29 -81.92
N VAL CA 83 -96.84 -13.51 -82.07
CA VAL CA 83 -95.87 -12.44 -82.23
C VAL CA 83 -95.11 -12.68 -83.52
N TRP CA 84 -95.10 -11.68 -84.41
CA TRP CA 84 -94.40 -11.73 -85.68
C TRP CA 84 -93.61 -10.42 -85.84
N SER CA 85 -92.38 -10.41 -85.36
CA SER CA 85 -91.53 -9.23 -85.43
C SER CA 85 -90.66 -9.27 -86.68
N HIS CA 86 -90.03 -8.14 -86.97
CA HIS CA 86 -89.16 -7.99 -88.12
C HIS CA 86 -87.90 -7.24 -87.72
N ASP CA 87 -86.95 -7.14 -88.65
CA ASP CA 87 -85.70 -6.43 -88.41
C ASP CA 87 -85.12 -6.03 -89.76
N VAL CA 88 -85.05 -4.73 -90.02
CA VAL CA 88 -84.53 -4.20 -91.27
C VAL CA 88 -83.26 -3.42 -90.97
N THR CA 89 -82.14 -3.87 -91.53
CA THR CA 89 -80.84 -3.24 -91.36
C THR CA 89 -80.30 -2.88 -92.75
N ILE CA 90 -80.75 -1.75 -93.27
CA ILE CA 90 -80.35 -1.27 -94.59
C ILE CA 90 -79.55 0.01 -94.42
N VAL CA 91 -78.36 0.04 -95.00
CA VAL CA 91 -77.52 1.23 -94.91
C VAL CA 91 -78.07 2.32 -95.82
N ALA CA 92 -77.73 3.57 -95.50
CA ALA CA 92 -78.22 4.71 -96.28
C ALA CA 92 -77.59 4.72 -97.67
N ASN CA 93 -76.26 4.76 -97.73
CA ASN CA 93 -75.54 4.79 -99.00
C ASN CA 93 -75.57 3.39 -99.60
N SER CA 94 -76.69 3.06 -100.25
CA SER CA 94 -76.85 1.77 -100.89
C SER CA 94 -77.15 1.93 -102.37
N THR CA 95 -78.14 1.19 -102.88
CA THR CA 95 -78.52 1.26 -104.29
C THR CA 95 -80.02 1.11 -104.39
N GLU CA 96 -80.66 2.04 -105.11
CA GLU CA 96 -82.10 1.99 -105.28
C GLU CA 96 -82.53 0.76 -106.07
N ALA CA 97 -81.79 0.43 -107.12
CA ALA CA 97 -82.12 -0.76 -107.91
C ALA CA 97 -81.96 -2.03 -107.09
N SER CA 98 -80.90 -2.11 -106.28
CA SER CA 98 -80.70 -3.28 -105.43
C SER CA 98 -81.80 -3.38 -104.38
N ARG CA 99 -82.21 -2.25 -103.80
CA ARG CA 99 -83.29 -2.27 -102.81
C ARG CA 99 -84.60 -2.71 -103.46
N LYS CA 100 -84.88 -2.22 -104.67
CA LYS CA 100 -86.10 -2.63 -105.36
C LYS CA 100 -86.07 -4.11 -105.70
N SER CA 101 -84.92 -4.64 -106.14
CA SER CA 101 -84.82 -6.06 -106.43
C SER CA 101 -85.00 -6.89 -105.17
N LEU CA 102 -84.42 -6.44 -104.05
CA LEU CA 102 -84.59 -7.16 -102.79
C LEU CA 102 -86.04 -7.15 -102.34
N TYR CA 103 -86.72 -6.02 -102.49
CA TYR CA 103 -88.13 -5.94 -102.12
C TYR CA 103 -88.97 -6.85 -103.01
N ASP CA 104 -88.68 -6.89 -104.30
CA ASP CA 104 -89.41 -7.78 -105.20
C ASP CA 104 -89.17 -9.24 -104.85
N LEU CA 105 -87.93 -9.60 -104.51
CA LEU CA 105 -87.63 -10.97 -104.11
C LEU CA 105 -88.37 -11.34 -102.82
N THR CA 106 -88.41 -10.41 -101.85
CA THR CA 106 -89.14 -10.67 -100.62
C THR CA 106 -90.63 -10.83 -100.88
N LYS CA 107 -91.19 -9.99 -101.75
CA LYS CA 107 -92.60 -10.10 -102.08
C LYS CA 107 -92.90 -11.43 -102.77
N SER CA 108 -92.01 -11.87 -103.66
CA SER CA 108 -92.21 -13.15 -104.33
C SER CA 108 -92.12 -14.31 -103.34
N LEU CA 109 -91.15 -14.26 -102.43
CA LEU CA 109 -91.03 -15.31 -101.43
C LEU CA 109 -92.23 -15.33 -100.48
N VAL CA 110 -92.82 -14.17 -100.21
CA VAL CA 110 -94.00 -14.13 -99.35
C VAL CA 110 -95.21 -14.68 -100.09
N ALA CA 111 -95.38 -14.30 -101.36
CA ALA CA 111 -96.54 -14.72 -102.13
C ALA CA 111 -96.42 -16.14 -102.67
N THR CA 112 -95.26 -16.78 -102.57
CA THR CA 112 -95.11 -18.13 -103.05
C THR CA 112 -95.94 -19.10 -102.19
N SER CA 113 -96.15 -20.30 -102.73
CA SER CA 113 -96.95 -21.32 -102.07
C SER CA 113 -96.16 -22.14 -101.06
N GLN CA 114 -94.84 -22.03 -101.05
CA GLN CA 114 -94.02 -22.80 -100.12
C GLN CA 114 -94.13 -22.27 -98.70
N VAL CA 115 -94.08 -20.95 -98.51
CA VAL CA 115 -94.22 -20.39 -97.18
C VAL CA 115 -95.61 -20.62 -96.63
N GLU CA 116 -96.63 -20.59 -97.49
CA GLU CA 116 -97.99 -20.88 -97.04
C GLU CA 116 -98.10 -22.31 -96.52
N ASP CA 117 -97.49 -23.27 -97.22
CA ASP CA 117 -97.50 -24.64 -96.75
C ASP CA 117 -96.70 -24.79 -95.46
N LEU CA 118 -95.55 -24.11 -95.38
CA LEU CA 118 -94.76 -24.13 -94.15
C LEU CA 118 -95.54 -23.58 -92.97
N VAL CA 119 -96.38 -22.58 -93.20
CA VAL CA 119 -97.17 -21.99 -92.12
C VAL CA 119 -98.33 -22.90 -91.74
N VAL CA 120 -99.05 -23.42 -92.73
CA VAL CA 120 -100.25 -24.21 -92.48
C VAL CA 120 -99.87 -25.61 -91.99
N ASN CA 121 -99.30 -26.42 -92.89
CA ASN CA 121 -99.03 -27.82 -92.60
C ASN CA 121 -97.77 -28.04 -91.76
N LEU CA 122 -97.08 -26.95 -91.38
CA LEU CA 122 -95.87 -27.04 -90.55
C LEU CA 122 -94.80 -27.92 -91.19
N VAL CA 123 -94.79 -28.00 -92.52
CA VAL CA 123 -93.81 -28.80 -93.25
C VAL CA 123 -92.61 -27.91 -93.56
N PRO CA 124 -91.38 -28.35 -93.32
CA PRO CA 124 -90.21 -27.51 -93.59
C PRO CA 124 -90.14 -27.11 -95.05
N LEU CA 125 -89.66 -25.89 -95.28
CA LEU CA 125 -89.58 -25.33 -96.64
C LEU CA 125 -88.55 -26.10 -97.44
N GLY CA 126 -89.00 -26.71 -98.54
CA GLY CA 126 -88.11 -27.47 -99.39
C GLY CA 126 -88.83 -28.18 -100.52
N ARG CA 127 -89.28 -27.42 -101.52
CA ARG CA 127 -89.98 -28.00 -102.66
C ARG CA 127 -89.15 -27.89 -103.93
N SER DA 1 -90.86 -37.67 -97.05
CA SER DA 1 -89.49 -38.06 -96.69
C SER DA 1 -89.39 -39.57 -96.54
N LYS DA 2 -89.13 -40.03 -95.32
CA LYS DA 2 -89.15 -41.46 -95.03
C LYS DA 2 -90.51 -41.82 -94.47
N THR DA 3 -91.22 -42.72 -95.15
CA THR DA 3 -92.56 -43.12 -94.76
C THR DA 3 -92.55 -44.56 -94.25
N ILE DA 4 -93.33 -44.80 -93.20
CA ILE DA 4 -93.46 -46.11 -92.59
C ILE DA 4 -94.95 -46.46 -92.53
N VAL DA 5 -95.32 -47.59 -93.12
CA VAL DA 5 -96.71 -48.03 -93.17
C VAL DA 5 -96.91 -49.14 -92.15
N LEU DA 6 -97.88 -48.94 -91.26
CA LEU DA 6 -98.22 -49.92 -90.23
C LEU DA 6 -99.64 -50.40 -90.42
N SER DA 7 -99.82 -51.71 -90.45
CA SER DA 7 -101.13 -52.33 -90.66
C SER DA 7 -101.70 -52.75 -89.31
N VAL DA 8 -102.85 -52.16 -88.94
CA VAL DA 8 -103.49 -52.50 -87.68
C VAL DA 8 -104.53 -53.60 -87.83
N GLY DA 9 -104.92 -53.95 -89.07
CA GLY DA 9 -105.92 -54.98 -89.28
C GLY DA 9 -106.95 -54.57 -90.31
N GLU DA 10 -107.49 -53.35 -90.17
CA GLU DA 10 -108.46 -52.82 -91.10
C GLU DA 10 -108.04 -51.50 -91.73
N ALA DA 11 -107.13 -50.76 -91.11
CA ALA DA 11 -106.64 -49.49 -91.65
C ALA DA 11 -105.12 -49.49 -91.64
N THR DA 12 -104.54 -48.56 -92.38
CA THR DA 12 -103.10 -48.42 -92.49
C THR DA 12 -102.68 -47.04 -92.02
N ARG DA 13 -101.76 -46.99 -91.06
CA ARG DA 13 -101.25 -45.75 -90.52
C ARG DA 13 -99.90 -45.42 -91.15
N THR DA 14 -99.63 -44.13 -91.34
CA THR DA 14 -98.42 -43.66 -92.00
C THR DA 14 -97.65 -42.77 -91.05
N LEU DA 15 -96.38 -43.12 -90.80
CA LEU DA 15 -95.48 -42.31 -90.00
C LEU DA 15 -94.44 -41.67 -90.91
N THR DA 16 -94.18 -40.38 -90.70
CA THR DA 16 -93.29 -39.61 -91.55
C THR DA 16 -92.07 -39.15 -90.75
N GLU DA 17 -90.91 -39.22 -91.38
CA GLU DA 17 -89.68 -38.72 -90.75
C GLU DA 17 -89.73 -37.21 -90.64
N ILE DA 18 -89.41 -36.66 -89.47
CA ILE DA 18 -89.48 -35.22 -89.26
C ILE DA 18 -88.13 -34.62 -88.86
N GLN DA 19 -87.38 -35.29 -87.97
CA GLN DA 19 -86.12 -34.74 -87.47
C GLN DA 19 -85.00 -35.71 -87.83
N SER DA 20 -84.54 -35.63 -89.09
CA SER DA 20 -83.53 -36.54 -89.61
C SER DA 20 -82.16 -36.15 -89.04
N THR DA 21 -81.68 -36.94 -88.09
CA THR DA 21 -80.36 -36.76 -87.51
C THR DA 21 -79.78 -38.12 -87.15
N ALA DA 22 -78.45 -38.21 -87.14
CA ALA DA 22 -77.80 -39.49 -86.90
C ALA DA 22 -78.03 -39.98 -85.48
N ASP DA 23 -77.73 -39.15 -84.49
CA ASP DA 23 -77.83 -39.56 -83.09
C ASP DA 23 -79.26 -39.52 -82.56
N ARG DA 24 -80.23 -39.04 -83.35
CA ARG DA 24 -81.61 -38.97 -82.88
C ARG DA 24 -82.52 -38.89 -84.11
N GLN DA 25 -83.27 -39.96 -84.36
CA GLN DA 25 -84.24 -40.00 -85.44
C GLN DA 25 -85.64 -39.93 -84.84
N ILE DA 26 -86.42 -38.95 -85.27
CA ILE DA 26 -87.75 -38.69 -84.72
C ILE DA 26 -88.77 -38.91 -85.84
N PHE DA 27 -89.57 -39.97 -85.71
CA PHE DA 27 -90.66 -40.23 -86.64
C PHE DA 27 -91.98 -39.82 -86.00
N GLU DA 28 -92.82 -39.16 -86.78
CA GLU DA 28 -94.13 -38.69 -86.32
C GLU DA 28 -95.21 -39.24 -87.23
N GLU DA 29 -96.34 -39.62 -86.63
CA GLU DA 29 -97.48 -40.11 -87.40
C GLU DA 29 -98.32 -38.93 -87.88
N LYS DA 30 -98.70 -38.97 -89.16
CA LYS DA 30 -99.51 -37.92 -89.77
C LYS DA 30 -100.90 -38.47 -90.05
N VAL DA 31 -101.88 -38.04 -89.25
CA VAL DA 31 -103.27 -38.45 -89.42
C VAL DA 31 -104.15 -37.21 -89.37
N GLY DA 32 -104.02 -36.43 -88.30
CA GLY DA 32 -104.79 -35.22 -88.14
C GLY DA 32 -104.06 -34.20 -87.30
N PRO DA 33 -104.40 -34.13 -86.00
CA PRO DA 33 -103.71 -33.20 -85.10
C PRO DA 33 -102.29 -33.68 -84.84
N LEU DA 34 -101.31 -32.84 -85.16
CA LEU DA 34 -99.92 -33.23 -84.99
C LEU DA 34 -99.53 -33.27 -83.51
N VAL DA 35 -100.09 -32.38 -82.70
CA VAL DA 35 -99.79 -32.39 -81.27
C VAL DA 35 -100.53 -33.54 -80.60
N GLY DA 36 -99.84 -34.25 -79.71
CA GLY DA 36 -100.42 -35.39 -79.03
C GLY DA 36 -100.73 -36.54 -79.95
N ARG DA 37 -99.73 -37.01 -80.68
CA ARG DA 37 -99.91 -38.12 -81.62
C ARG DA 37 -98.92 -39.23 -81.33
N LEU DA 38 -98.55 -39.99 -82.37
CA LEU DA 38 -97.62 -41.10 -82.25
C LEU DA 38 -96.23 -40.63 -82.65
N ARG DA 39 -95.26 -40.79 -81.75
CA ARG DA 39 -93.89 -40.41 -82.01
C ARG DA 39 -92.95 -41.57 -81.68
N LEU DA 40 -91.84 -41.62 -82.40
CA LEU DA 40 -90.86 -42.69 -82.25
C LEU DA 40 -89.46 -42.09 -82.28
N THR DA 41 -88.66 -42.40 -81.26
CA THR DA 41 -87.30 -41.90 -81.13
C THR DA 41 -86.34 -43.08 -81.26
N ALA DA 42 -85.39 -42.96 -82.20
CA ALA DA 42 -84.40 -43.98 -82.44
C ALA DA 42 -83.01 -43.40 -82.26
N SER DA 43 -82.12 -44.17 -81.63
CA SER DA 43 -80.75 -43.73 -81.39
C SER DA 43 -79.81 -44.93 -81.51
N LEU DA 44 -78.64 -44.68 -82.09
CA LEU DA 44 -77.61 -45.70 -82.27
C LEU DA 44 -76.26 -45.11 -81.88
N ARG DA 45 -75.47 -45.86 -81.14
CA ARG DA 45 -74.19 -45.37 -80.64
C ARG DA 45 -73.28 -46.57 -80.40
N GLN DA 46 -72.07 -46.28 -79.88
CA GLN DA 46 -71.08 -47.27 -79.52
C GLN DA 46 -71.00 -47.36 -77.99
N ASN DA 47 -69.91 -47.94 -77.49
CA ASN DA 47 -69.73 -48.10 -76.05
C ASN DA 47 -68.29 -48.50 -75.76
N GLY DA 48 -67.79 -48.05 -74.60
CA GLY DA 48 -66.46 -48.40 -74.13
C GLY DA 48 -65.33 -48.07 -75.09
N ALA DA 49 -64.62 -49.11 -75.54
CA ALA DA 49 -63.51 -48.95 -76.46
C ALA DA 49 -63.80 -49.72 -77.74
N LYS DA 50 -64.81 -49.29 -78.50
CA LYS DA 50 -65.16 -49.88 -79.80
C LYS DA 50 -65.61 -51.33 -79.70
N THR DA 51 -66.07 -51.78 -78.53
CA THR DA 51 -66.39 -53.18 -78.33
C THR DA 51 -67.76 -53.52 -78.93
N ALA DA 52 -68.83 -53.14 -78.24
CA ALA DA 52 -70.18 -53.42 -78.70
C ALA DA 52 -70.88 -52.15 -79.18
N TYR DA 53 -72.21 -52.17 -79.19
CA TYR DA 53 -72.99 -51.02 -79.61
C TYR DA 53 -74.17 -50.85 -78.67
N ARG DA 54 -74.93 -49.78 -78.89
CA ARG DA 54 -76.10 -49.47 -78.06
C ARG DA 54 -77.18 -48.87 -78.94
N VAL DA 55 -78.34 -49.50 -78.94
CA VAL DA 55 -79.50 -49.05 -79.72
C VAL DA 55 -80.64 -48.76 -78.76
N ASN DA 56 -81.27 -47.61 -78.93
CA ASN DA 56 -82.39 -47.18 -78.11
C ASN DA 56 -83.58 -46.88 -78.99
N LEU DA 57 -84.74 -47.44 -78.63
CA LEU DA 57 -85.98 -47.25 -79.38
C LEU DA 57 -87.10 -46.94 -78.40
N LYS DA 58 -87.68 -45.74 -78.51
CA LYS DA 58 -88.78 -45.32 -77.65
C LYS DA 58 -89.99 -44.98 -78.50
N LEU DA 59 -91.17 -45.33 -78.00
CA LEU DA 59 -92.43 -45.07 -78.70
C LEU DA 59 -93.40 -44.42 -77.74
N ASP DA 60 -93.83 -43.19 -78.07
CA ASP DA 60 -94.73 -42.44 -77.21
C ASP DA 60 -96.02 -42.12 -77.96
N GLN DA 61 -97.12 -42.04 -77.21
CA GLN DA 61 -98.42 -41.70 -77.77
C GLN DA 61 -99.29 -41.14 -76.67
N ALA DA 62 -99.62 -39.86 -76.75
CA ALA DA 62 -100.43 -39.18 -75.75
C ALA DA 62 -101.83 -38.94 -76.31
N ASP DA 63 -102.84 -39.34 -75.56
CA ASP DA 63 -104.22 -39.14 -75.96
C ASP DA 63 -104.63 -37.69 -75.78
N VAL DA 64 -105.56 -37.24 -76.61
CA VAL DA 64 -106.05 -35.86 -76.59
C VAL DA 64 -107.56 -35.88 -76.38
N VAL DA 65 -108.08 -34.77 -75.87
CA VAL DA 65 -109.50 -34.59 -75.64
C VAL DA 65 -109.91 -33.20 -76.10
N ASP DA 66 -111.18 -33.05 -76.48
CA ASP DA 66 -111.69 -31.80 -76.99
C ASP DA 66 -113.17 -31.67 -76.62
N CYS DA 67 -113.59 -30.44 -76.33
CA CYS DA 67 -114.96 -30.16 -75.95
C CYS DA 67 -115.66 -29.20 -76.89
N SER DA 68 -115.08 -28.90 -78.06
CA SER DA 68 -115.70 -27.97 -78.99
C SER DA 68 -116.97 -28.53 -79.61
N THR DA 69 -117.22 -29.84 -79.48
CA THR DA 69 -118.43 -30.42 -80.04
C THR DA 69 -119.67 -30.04 -79.26
N SER DA 70 -119.54 -29.86 -77.94
CA SER DA 70 -120.67 -29.50 -77.09
C SER DA 70 -120.41 -28.20 -76.36
N VAL DA 71 -119.31 -28.14 -75.62
CA VAL DA 71 -118.95 -26.94 -74.85
C VAL DA 71 -118.50 -25.87 -75.83
N CYS DA 72 -118.80 -24.60 -75.50
CA CYS DA 72 -118.51 -23.40 -76.27
C CYS DA 72 -117.05 -23.29 -76.71
N GLY DA 73 -116.13 -23.74 -75.88
CA GLY DA 73 -114.76 -23.25 -75.88
C GLY DA 73 -113.79 -24.09 -75.09
N GLU DA 74 -113.02 -24.92 -75.78
CA GLU DA 74 -112.01 -25.75 -75.13
C GLU DA 74 -111.04 -26.24 -76.20
N LEU DA 75 -109.77 -25.85 -76.09
CA LEU DA 75 -108.77 -26.28 -77.04
C LEU DA 75 -108.42 -27.75 -76.82
N PRO DA 76 -107.95 -28.45 -77.85
CA PRO DA 76 -107.52 -29.85 -77.67
C PRO DA 76 -106.41 -29.95 -76.62
N LYS DA 77 -106.69 -30.70 -75.55
CA LYS DA 77 -105.80 -30.82 -74.42
C LYS DA 77 -105.35 -32.27 -74.27
N VAL DA 78 -104.05 -32.46 -74.01
CA VAL DA 78 -103.53 -33.81 -73.81
C VAL DA 78 -103.94 -34.33 -72.44
N ARG DA 79 -104.04 -35.65 -72.33
CA ARG DA 79 -104.45 -36.27 -71.08
C ARG DA 79 -103.24 -36.97 -70.48
N TYR DA 80 -103.04 -38.26 -70.71
CA TYR DA 80 -101.93 -39.00 -70.16
C TYR DA 80 -100.84 -39.20 -71.22
N THR DA 81 -99.69 -39.68 -70.76
CA THR DA 81 -98.54 -39.93 -71.62
C THR DA 81 -98.00 -41.32 -71.33
N GLN DA 82 -97.70 -42.07 -72.39
CA GLN DA 82 -97.16 -43.43 -72.27
C GLN DA 82 -95.76 -43.46 -72.87
N VAL DA 83 -94.84 -44.11 -72.15
CA VAL DA 83 -93.45 -44.22 -72.55
C VAL DA 83 -93.08 -45.70 -72.61
N TRP DA 84 -92.58 -46.14 -73.77
CA TRP DA 84 -92.15 -47.52 -73.99
C TRP DA 84 -90.78 -47.47 -74.66
N SER DA 85 -89.72 -47.46 -73.86
CA SER DA 85 -88.36 -47.42 -74.35
C SER DA 85 -87.79 -48.82 -74.49
N HIS DA 86 -86.64 -48.91 -75.16
CA HIS DA 86 -85.96 -50.17 -75.38
C HIS DA 86 -84.47 -49.97 -75.16
N ASP DA 87 -83.73 -51.09 -75.22
CA ASP DA 87 -82.28 -51.05 -75.02
C ASP DA 87 -81.69 -52.30 -75.68
N VAL DA 88 -80.90 -52.11 -76.73
CA VAL DA 88 -80.29 -53.21 -77.46
C VAL DA 88 -78.77 -53.11 -77.28
N THR DA 89 -78.18 -54.13 -76.67
CA THR DA 89 -76.74 -54.20 -76.43
C THR DA 89 -76.23 -55.48 -77.09
N ILE DA 90 -75.98 -55.41 -78.40
CA ILE DA 90 -75.50 -56.55 -79.17
C ILE DA 90 -74.09 -56.24 -79.67
N VAL DA 91 -73.16 -57.14 -79.39
CA VAL DA 91 -71.78 -56.93 -79.82
C VAL DA 91 -71.68 -57.19 -81.32
N ALA DA 92 -70.64 -56.60 -81.94
CA ALA DA 92 -70.46 -56.74 -83.38
C ALA DA 92 -70.06 -58.17 -83.73
N ASN DA 93 -68.96 -58.65 -83.16
CA ASN DA 93 -68.47 -60.01 -83.42
C ASN DA 93 -69.36 -61.01 -82.67
N SER DA 94 -70.51 -61.31 -83.27
CA SER DA 94 -71.45 -62.24 -82.69
C SER DA 94 -71.73 -63.40 -83.65
N THR DA 95 -73.01 -63.77 -83.80
CA THR DA 95 -73.39 -64.85 -84.69
C THR DA 95 -74.71 -64.49 -85.35
N GLU DA 96 -74.76 -64.60 -86.68
CA GLU DA 96 -75.97 -64.28 -87.42
C GLU DA 96 -77.10 -65.24 -87.07
N ALA DA 97 -76.78 -66.54 -86.96
CA ALA DA 97 -77.81 -67.52 -86.60
C ALA DA 97 -78.34 -67.27 -85.20
N SER DA 98 -77.45 -66.94 -84.25
CA SER DA 98 -77.89 -66.65 -82.89
C SER DA 98 -78.75 -65.40 -82.86
N ARG DA 99 -78.38 -64.36 -83.62
CA ARG DA 99 -79.18 -63.15 -83.66
C ARG DA 99 -80.55 -63.41 -84.27
N LYS DA 100 -80.61 -64.23 -85.33
CA LYS DA 100 -81.88 -64.58 -85.94
C LYS DA 100 -82.76 -65.38 -84.97
N SER DA 101 -82.16 -66.31 -84.24
CA SER DA 101 -82.93 -67.09 -83.27
C SER DA 101 -83.44 -66.20 -82.15
N LEU DA 102 -82.62 -65.25 -81.69
CA LEU DA 102 -83.06 -64.33 -80.65
C LEU DA 102 -84.19 -63.44 -81.14
N TYR DA 103 -84.10 -62.96 -82.38
CA TYR DA 103 -85.17 -62.15 -82.94
C TYR DA 103 -86.46 -62.94 -83.08
N ASP DA 104 -86.35 -64.20 -83.51
CA ASP DA 104 -87.53 -65.05 -83.62
C ASP DA 104 -88.16 -65.30 -82.26
N LEU DA 105 -87.33 -65.54 -81.24
CA LEU DA 105 -87.85 -65.75 -79.89
C LEU DA 105 -88.55 -64.49 -79.36
N THR DA 106 -87.96 -63.32 -79.63
CA THR DA 106 -88.59 -62.08 -79.21
C THR DA 106 -89.91 -61.85 -79.93
N LYS DA 107 -89.95 -62.15 -81.23
CA LYS DA 107 -91.20 -62.01 -81.97
C LYS DA 107 -92.27 -62.95 -81.45
N SER DA 108 -91.88 -64.19 -81.12
CA SER DA 108 -92.85 -65.15 -80.57
C SER DA 108 -93.36 -64.69 -79.20
N LEU DA 109 -92.46 -64.20 -78.35
CA LEU DA 109 -92.88 -63.70 -77.04
C LEU DA 109 -93.78 -62.48 -77.16
N VAL DA 110 -93.56 -61.66 -78.18
CA VAL DA 110 -94.42 -60.49 -78.37
C VAL DA 110 -95.79 -60.91 -78.90
N ALA DA 111 -95.82 -61.85 -79.85
CA ALA DA 111 -97.06 -62.29 -80.45
C ALA DA 111 -97.84 -63.27 -79.60
N THR DA 112 -97.25 -63.78 -78.52
CA THR DA 112 -97.97 -64.71 -77.65
C THR DA 112 -99.12 -64.01 -76.93
N SER DA 113 -100.03 -64.82 -76.40
CA SER DA 113 -101.22 -64.31 -75.72
C SER DA 113 -100.96 -63.96 -74.25
N GLN DA 114 -99.82 -64.36 -73.70
CA GLN DA 114 -99.51 -64.07 -72.30
C GLN DA 114 -99.17 -62.60 -72.08
N VAL DA 115 -98.35 -62.02 -72.96
CA VAL DA 115 -98.02 -60.60 -72.82
C VAL DA 115 -99.25 -59.73 -73.06
N GLU DA 116 -100.13 -60.14 -73.97
CA GLU DA 116 -101.36 -59.38 -74.20
C GLU DA 116 -102.22 -59.37 -72.95
N ASP DA 117 -102.35 -60.51 -72.27
CA ASP DA 117 -103.12 -60.55 -71.03
C ASP DA 117 -102.44 -59.73 -69.94
N LEU DA 118 -101.11 -59.82 -69.85
CA LEU DA 118 -100.37 -59.01 -68.88
C LEU DA 118 -100.57 -57.52 -69.12
N VAL DA 119 -100.70 -57.11 -70.38
CA VAL DA 119 -100.90 -55.70 -70.69
C VAL DA 119 -102.33 -55.27 -70.39
N VAL DA 120 -103.31 -56.08 -70.80
CA VAL DA 120 -104.72 -55.72 -70.68
C VAL DA 120 -105.18 -55.90 -69.23
N ASN DA 121 -105.26 -57.15 -68.77
CA ASN DA 121 -105.82 -57.46 -67.47
C ASN DA 121 -104.86 -57.20 -66.32
N LEU DA 122 -103.63 -56.75 -66.60
CA LEU DA 122 -102.63 -56.45 -65.58
C LEU DA 122 -102.33 -57.67 -64.70
N VAL DA 123 -102.48 -58.86 -65.27
CA VAL DA 123 -102.21 -60.10 -64.54
C VAL DA 123 -100.75 -60.48 -64.77
N PRO DA 124 -100.00 -60.82 -63.73
CA PRO DA 124 -98.58 -61.17 -63.92
C PRO DA 124 -98.41 -62.35 -64.87
N LEU DA 125 -97.34 -62.30 -65.66
CA LEU DA 125 -97.08 -63.33 -66.67
C LEU DA 125 -96.77 -64.65 -65.97
N GLY DA 126 -97.57 -65.68 -66.24
CA GLY DA 126 -97.37 -66.98 -65.65
C GLY DA 126 -98.46 -67.96 -66.00
N ARG DA 127 -98.47 -68.43 -67.24
CA ARG DA 127 -99.47 -69.39 -67.68
C ARG DA 127 -98.85 -70.76 -67.96
N SER EA 1 -105.24 -67.43 -58.35
CA SER EA 1 -104.33 -67.69 -57.23
C SER EA 1 -105.11 -68.11 -56.00
N LYS EA 2 -105.07 -67.29 -54.95
CA LYS EA 2 -105.89 -67.52 -53.77
C LYS EA 2 -107.17 -66.69 -53.90
N THR EA 3 -108.32 -67.37 -53.90
CA THR EA 3 -109.60 -66.73 -54.07
C THR EA 3 -110.39 -66.77 -52.76
N ILE EA 4 -111.08 -65.67 -52.47
CA ILE EA 4 -111.90 -65.55 -51.27
C ILE EA 4 -113.30 -65.13 -51.71
N VAL EA 5 -114.31 -65.91 -51.33
CA VAL EA 5 -115.70 -65.65 -51.70
C VAL EA 5 -116.42 -65.06 -50.50
N LEU EA 6 -117.03 -63.90 -50.70
CA LEU EA 6 -117.78 -63.21 -49.65
C LEU EA 6 -119.23 -63.08 -50.09
N SER EA 7 -120.15 -63.49 -49.21
CA SER EA 7 -121.58 -63.47 -49.48
C SER EA 7 -122.18 -62.23 -48.82
N VAL EA 8 -122.74 -61.33 -49.63
CA VAL EA 8 -123.37 -60.11 -49.12
C VAL EA 8 -124.86 -60.29 -48.87
N GLY EA 9 -125.47 -61.36 -49.37
CA GLY EA 9 -126.89 -61.58 -49.19
C GLY EA 9 -127.57 -62.00 -50.49
N GLU EA 10 -127.29 -61.28 -51.57
CA GLU EA 10 -127.84 -61.61 -52.88
C GLU EA 10 -126.79 -61.84 -53.94
N ALA EA 11 -125.57 -61.34 -53.77
CA ALA EA 11 -124.48 -61.54 -54.71
C ALA EA 11 -123.24 -62.02 -53.96
N THR EA 12 -122.29 -62.55 -54.72
CA THR EA 12 -121.05 -63.09 -54.18
C THR EA 12 -119.88 -62.32 -54.78
N ARG EA 13 -119.03 -61.76 -53.92
CA ARG EA 13 -117.85 -61.04 -54.34
C ARG EA 13 -116.61 -61.93 -54.21
N THR EA 14 -115.66 -61.73 -55.13
CA THR EA 14 -114.46 -62.55 -55.20
C THR EA 14 -113.23 -61.66 -55.04
N LEU EA 15 -112.40 -61.98 -54.06
CA LEU EA 15 -111.13 -61.30 -53.84
C LEU EA 15 -109.99 -62.22 -54.24
N THR EA 16 -109.02 -61.68 -54.96
CA THR EA 16 -107.91 -62.46 -55.50
C THR EA 16 -106.60 -61.99 -54.88
N GLU EA 17 -105.73 -62.95 -54.55
CA GLU EA 17 -104.41 -62.64 -54.04
C GLU EA 17 -103.56 -62.01 -55.13
N ILE EA 18 -102.89 -60.89 -54.83
CA ILE EA 18 -102.09 -60.19 -55.82
C ILE EA 18 -100.62 -60.06 -55.42
N GLN EA 19 -100.34 -59.77 -54.15
CA GLN EA 19 -98.96 -59.55 -53.72
C GLN EA 19 -98.64 -60.58 -52.63
N SER EA 20 -98.32 -61.80 -53.06
CA SER EA 20 -98.06 -62.91 -52.13
C SER EA 20 -96.69 -62.72 -51.50
N THR EA 21 -96.68 -62.32 -50.23
CA THR EA 21 -95.46 -62.18 -49.45
C THR EA 21 -95.77 -62.52 -48.00
N ALA EA 22 -94.73 -62.98 -47.28
CA ALA EA 22 -94.92 -63.44 -45.91
C ALA EA 22 -95.29 -62.28 -44.99
N ASP EA 23 -94.48 -61.21 -45.00
CA ASP EA 23 -94.69 -60.09 -44.09
C ASP EA 23 -95.79 -59.15 -44.55
N ARG EA 24 -96.36 -59.35 -45.74
CA ARG EA 24 -97.41 -58.46 -46.25
C ARG EA 24 -98.19 -59.21 -47.33
N GLN EA 25 -99.44 -59.56 -47.02
CA GLN EA 25 -100.33 -60.20 -47.97
C GLN EA 25 -101.39 -59.19 -48.41
N ILE EA 26 -101.48 -58.96 -49.72
CA ILE EA 26 -102.37 -57.96 -50.29
C ILE EA 26 -103.39 -58.68 -51.15
N PHE EA 27 -104.65 -58.67 -50.70
CA PHE EA 27 -105.76 -59.22 -51.47
C PHE EA 27 -106.55 -58.08 -52.10
N GLU EA 28 -106.91 -58.26 -53.38
CA GLU EA 28 -107.65 -57.26 -54.12
C GLU EA 28 -108.92 -57.89 -54.67
N GLU EA 29 -110.01 -57.13 -54.66
CA GLU EA 29 -111.27 -57.60 -55.21
C GLU EA 29 -111.32 -57.34 -56.72
N LYS EA 30 -111.74 -58.34 -57.47
CA LYS EA 30 -111.83 -58.26 -58.93
C LYS EA 30 -113.31 -58.24 -59.32
N VAL EA 31 -113.79 -57.06 -59.74
CA VAL EA 31 -115.17 -56.91 -60.19
C VAL EA 31 -115.16 -56.14 -61.51
N GLY EA 32 -114.52 -54.97 -61.51
CA GLY EA 32 -114.43 -54.15 -62.70
C GLY EA 32 -113.18 -53.30 -62.71
N PRO EA 33 -113.31 -52.03 -62.32
CA PRO EA 33 -112.14 -51.14 -62.25
C PRO EA 33 -111.25 -51.55 -61.08
N LEU EA 34 -109.99 -51.87 -61.38
CA LEU EA 34 -109.07 -52.31 -60.34
C LEU EA 34 -108.67 -51.15 -59.43
N VAL EA 35 -108.55 -49.94 -59.97
CA VAL EA 35 -108.20 -48.79 -59.15
C VAL EA 35 -109.42 -48.36 -58.34
N GLY EA 36 -109.19 -48.04 -57.07
CA GLY EA 36 -110.27 -47.64 -56.19
C GLY EA 36 -111.27 -48.74 -55.92
N ARG EA 37 -110.78 -49.89 -55.43
CA ARG EA 37 -111.65 -51.03 -55.14
C ARG EA 37 -111.47 -51.48 -53.70
N LEU EA 38 -111.68 -52.78 -53.46
CA LEU EA 38 -111.57 -53.36 -52.13
C LEU EA 38 -110.20 -54.01 -51.98
N ARG EA 39 -109.44 -53.59 -50.98
CA ARG EA 39 -108.13 -54.14 -50.71
C ARG EA 39 -108.01 -54.55 -49.26
N LEU EA 40 -107.20 -55.58 -49.01
CA LEU EA 40 -107.01 -56.13 -47.68
C LEU EA 40 -105.53 -56.42 -47.47
N THR EA 41 -104.99 -55.89 -46.37
CA THR EA 41 -103.59 -56.06 -46.02
C THR EA 41 -103.49 -56.89 -44.74
N ALA EA 42 -102.74 -57.98 -44.81
CA ALA EA 42 -102.54 -58.88 -43.69
C ALA EA 42 -101.06 -58.97 -43.36
N SER EA 43 -100.74 -58.98 -42.07
CA SER EA 43 -99.36 -59.07 -41.61
C SER EA 43 -99.30 -59.91 -40.34
N LEU EA 44 -98.25 -60.72 -40.23
CA LEU EA 44 -98.01 -61.56 -39.06
C LEU EA 44 -96.55 -61.46 -38.67
N ARG EA 45 -96.29 -61.32 -37.37
CA ARG EA 45 -94.93 -61.15 -36.88
C ARG EA 45 -94.86 -61.63 -35.44
N GLN EA 46 -93.69 -61.47 -34.83
CA GLN EA 46 -93.43 -61.82 -33.45
C GLN EA 46 -93.29 -60.54 -32.62
N ASN EA 47 -92.71 -60.66 -31.43
CA ASN EA 47 -92.54 -59.51 -30.55
C ASN EA 47 -91.58 -59.86 -29.42
N GLY EA 48 -90.83 -58.86 -28.97
CA GLY EA 48 -89.92 -58.99 -27.85
C GLY EA 48 -88.89 -60.10 -28.00
N ALA EA 49 -88.95 -61.08 -27.10
CA ALA EA 49 -88.02 -62.21 -27.11
C ALA EA 49 -88.80 -63.51 -27.28
N LYS EA 50 -89.44 -63.68 -28.44
CA LYS EA 50 -90.16 -64.91 -28.79
C LYS EA 50 -91.36 -65.18 -27.89
N THR EA 51 -91.91 -64.16 -27.24
CA THR EA 51 -92.97 -64.35 -26.25
C THR EA 51 -94.31 -64.55 -26.95
N ALA EA 52 -94.90 -63.45 -27.43
CA ALA EA 52 -96.21 -63.51 -28.08
C ALA EA 52 -96.07 -63.28 -29.58
N TYR EA 53 -97.15 -62.84 -30.22
CA TYR EA 53 -97.15 -62.57 -31.65
C TYR EA 53 -97.94 -61.28 -31.90
N ARG EA 54 -97.96 -60.86 -33.16
CA ARG EA 54 -98.65 -59.65 -33.56
C ARG EA 54 -99.26 -59.86 -34.94
N VAL EA 55 -100.57 -59.69 -35.04
CA VAL EA 55 -101.29 -59.84 -36.30
C VAL EA 55 -101.99 -58.52 -36.62
N ASN EA 56 -101.83 -58.07 -37.86
CA ASN EA 56 -102.44 -56.83 -38.31
C ASN EA 56 -103.30 -57.11 -39.54
N LEU EA 57 -104.53 -56.60 -39.53
CA LEU EA 57 -105.47 -56.78 -40.61
C LEU EA 57 -106.14 -55.44 -40.92
N LYS EA 58 -105.92 -54.94 -42.13
CA LYS EA 58 -106.49 -53.68 -42.57
C LYS EA 58 -107.35 -53.91 -43.80
N LEU EA 59 -108.47 -53.20 -43.89
CA LEU EA 59 -109.39 -53.32 -45.02
C LEU EA 59 -109.72 -51.93 -45.52
N ASP EA 60 -109.39 -51.64 -46.78
CA ASP EA 60 -109.62 -50.35 -47.38
C ASP EA 60 -110.53 -50.47 -48.59
N GLN EA 61 -111.31 -49.42 -48.83
CA GLN EA 61 -112.22 -49.37 -49.97
C GLN EA 61 -112.52 -47.91 -50.28
N ALA EA 62 -112.05 -47.44 -51.44
CA ALA EA 62 -112.24 -46.07 -51.85
C ALA EA 62 -113.26 -46.01 -52.97
N ASP EA 63 -114.26 -45.14 -52.81
CA ASP EA 63 -115.30 -44.99 -53.82
C ASP EA 63 -114.78 -44.18 -55.00
N VAL EA 64 -115.34 -44.46 -56.18
CA VAL EA 64 -114.93 -43.81 -57.41
C VAL EA 64 -116.15 -43.14 -58.04
N VAL EA 65 -115.88 -42.13 -58.86
CA VAL EA 65 -116.92 -41.39 -59.58
C VAL EA 65 -116.47 -41.19 -61.02
N ASP EA 66 -117.44 -41.05 -61.92
CA ASP EA 66 -117.18 -40.90 -63.34
C ASP EA 66 -118.27 -40.05 -63.96
N CYS EA 67 -117.88 -39.22 -64.94
CA CYS EA 67 -118.80 -38.34 -65.63
C CYS EA 67 -118.88 -38.62 -67.13
N SER EA 68 -118.33 -39.73 -67.61
CA SER EA 68 -118.36 -40.02 -69.05
C SER EA 68 -119.76 -40.35 -69.53
N THR EA 69 -120.71 -40.60 -68.62
CA THR EA 69 -122.08 -40.90 -69.04
C THR EA 69 -122.79 -39.66 -69.55
N SER EA 70 -122.48 -38.49 -69.00
CA SER EA 70 -123.13 -37.25 -69.42
C SER EA 70 -122.11 -36.23 -69.92
N VAL EA 71 -121.11 -35.92 -69.07
CA VAL EA 71 -120.08 -34.96 -69.42
C VAL EA 71 -119.16 -35.60 -70.46
N CYS EA 72 -118.66 -34.77 -71.38
CA CYS EA 72 -117.76 -35.11 -72.49
C CYS EA 72 -116.56 -35.95 -72.08
N GLY EA 73 -116.01 -35.70 -70.92
CA GLY EA 73 -114.62 -35.98 -70.61
C GLY EA 73 -114.26 -35.88 -69.15
N GLU EA 74 -114.16 -37.04 -68.48
CA GLU EA 74 -113.77 -37.09 -67.08
C GLU EA 74 -113.36 -38.51 -66.75
N LEU EA 75 -112.09 -38.70 -66.37
CA LEU EA 75 -111.61 -40.02 -66.01
C LEU EA 75 -112.17 -40.43 -64.65
N PRO EA 76 -112.27 -41.74 -64.39
CA PRO EA 76 -112.71 -42.19 -63.07
C PRO EA 76 -111.80 -41.68 -61.97
N LYS EA 77 -112.38 -40.91 -61.06
CA LYS EA 77 -111.63 -40.24 -59.99
C LYS EA 77 -112.10 -40.75 -58.63
N VAL EA 78 -111.14 -41.03 -57.75
CA VAL EA 78 -111.47 -41.49 -56.41
C VAL EA 78 -112.01 -40.32 -55.58
N ARG EA 79 -112.85 -40.65 -54.59
CA ARG EA 79 -113.46 -39.64 -53.75
C ARG EA 79 -112.83 -39.74 -52.37
N TYR EA 80 -113.42 -40.46 -51.43
CA TYR EA 80 -112.91 -40.60 -50.08
C TYR EA 80 -112.22 -41.94 -49.90
N THR EA 81 -111.54 -42.09 -48.78
CA THR EA 81 -110.82 -43.31 -48.44
C THR EA 81 -111.17 -43.72 -47.02
N GLN EA 82 -111.44 -44.99 -46.81
CA GLN EA 82 -111.78 -45.54 -45.50
C GLN EA 82 -110.72 -46.54 -45.08
N VAL EA 83 -110.29 -46.43 -43.82
CA VAL EA 83 -109.26 -47.28 -43.25
C VAL EA 83 -109.81 -47.97 -42.01
N TRP EA 84 -109.75 -49.30 -41.99
CA TRP EA 84 -110.22 -50.11 -40.86
C TRP EA 84 -109.13 -51.14 -40.55
N SER EA 85 -108.22 -50.77 -39.67
CA SER EA 85 -107.11 -51.63 -39.27
C SER EA 85 -107.48 -52.43 -38.02
N HIS EA 86 -106.65 -53.43 -37.72
CA HIS EA 86 -106.84 -54.28 -36.56
C HIS EA 86 -105.51 -54.51 -35.88
N ASP EA 87 -105.55 -55.18 -34.73
CA ASP EA 87 -104.35 -55.49 -33.97
C ASP EA 87 -104.65 -56.68 -33.06
N VAL EA 88 -103.98 -57.80 -33.31
CA VAL EA 88 -104.17 -59.02 -32.55
C VAL EA 88 -102.88 -59.33 -31.81
N THR EA 89 -102.94 -59.34 -30.48
CA THR EA 89 -101.80 -59.63 -29.62
C THR EA 89 -102.17 -60.81 -28.73
N ILE EA 90 -102.04 -62.02 -29.28
CA ILE EA 90 -102.36 -63.25 -28.57
C ILE EA 90 -101.07 -64.04 -28.36
N VAL EA 91 -100.82 -64.42 -27.10
CA VAL EA 91 -99.62 -65.18 -26.79
C VAL EA 91 -99.80 -66.62 -27.26
N ALA EA 92 -98.66 -67.30 -27.48
CA ALA EA 92 -98.71 -68.68 -27.97
C ALA EA 92 -99.25 -69.62 -26.89
N ASN EA 93 -98.59 -69.65 -25.72
CA ASN EA 93 -99.01 -70.50 -24.62
C ASN EA 93 -100.24 -69.89 -23.95
N SER EA 94 -101.39 -70.14 -24.57
CA SER EA 94 -102.66 -69.64 -24.06
C SER EA 94 -103.63 -70.78 -23.80
N THR EA 95 -104.88 -70.63 -24.21
CA THR EA 95 -105.90 -71.65 -24.02
C THR EA 95 -106.81 -71.68 -25.24
N GLU EA 96 -107.01 -72.88 -25.79
CA GLU EA 96 -107.87 -73.01 -26.96
C GLU EA 96 -109.32 -72.67 -26.64
N ALA EA 97 -109.80 -73.11 -25.48
CA ALA EA 97 -111.17 -72.80 -25.08
C ALA EA 97 -111.35 -71.30 -24.86
N SER EA 98 -110.37 -70.66 -24.23
CA SER EA 98 -110.45 -69.22 -24.03
C SER EA 98 -110.42 -68.46 -25.35
N ARG EA 99 -109.57 -68.91 -26.29
CA ARG EA 99 -109.53 -68.26 -27.59
C ARG EA 99 -110.83 -68.44 -28.35
N LYS EA 100 -111.44 -69.63 -28.26
CA LYS EA 100 -112.72 -69.86 -28.92
C LYS EA 100 -113.82 -69.00 -28.30
N SER EA 101 -113.83 -68.88 -26.96
CA SER EA 101 -114.82 -68.03 -26.31
C SER EA 101 -114.63 -66.57 -26.69
N LEU EA 102 -113.38 -66.11 -26.78
CA LEU EA 102 -113.13 -64.73 -27.18
C LEU EA 102 -113.57 -64.49 -28.62
N TYR EA 103 -113.31 -65.44 -29.51
CA TYR EA 103 -113.74 -65.30 -30.89
C TYR EA 103 -115.26 -65.28 -30.99
N ASP EA 104 -115.94 -66.12 -30.21
CA ASP EA 104 -117.39 -66.12 -30.21
C ASP EA 104 -117.95 -64.80 -29.68
N LEU EA 105 -117.33 -64.26 -28.63
CA LEU EA 105 -117.77 -62.97 -28.10
C LEU EA 105 -117.56 -61.86 -29.11
N THR EA 106 -116.42 -61.88 -29.82
CA THR EA 106 -116.18 -60.87 -30.84
C THR EA 106 -117.18 -60.99 -31.98
N LYS EA 107 -117.49 -62.22 -32.41
CA LYS EA 107 -118.47 -62.42 -33.45
C LYS EA 107 -119.86 -61.94 -33.03
N SER EA 108 -120.23 -62.19 -31.78
CA SER EA 108 -121.52 -61.72 -31.28
C SER EA 108 -121.57 -60.19 -31.22
N LEU EA 109 -120.48 -59.57 -30.75
CA LEU EA 109 -120.44 -58.12 -30.69
C LEU EA 109 -120.47 -57.50 -32.09
N VAL EA 110 -119.89 -58.18 -33.08
CA VAL EA 110 -119.93 -57.67 -34.45
C VAL EA 110 -121.32 -57.83 -35.04
N ALA EA 111 -121.96 -58.98 -34.81
CA ALA EA 111 -123.28 -59.25 -35.38
C ALA EA 111 -124.42 -58.58 -34.62
N THR EA 112 -124.15 -58.00 -33.45
CA THR EA 112 -125.21 -57.32 -32.70
C THR EA 112 -125.67 -56.07 -33.44
N SER EA 113 -126.83 -55.57 -33.03
CA SER EA 113 -127.45 -54.41 -33.66
C SER EA 113 -126.93 -53.08 -33.11
N GLN EA 114 -126.20 -53.10 -32.00
CA GLN EA 114 -125.66 -51.88 -31.41
C GLN EA 114 -124.52 -51.29 -32.23
N VAL EA 115 -123.59 -52.14 -32.67
CA VAL EA 115 -122.48 -51.64 -33.49
C VAL EA 115 -122.98 -51.14 -34.84
N GLU EA 116 -124.02 -51.80 -35.39
CA GLU EA 116 -124.59 -51.34 -36.65
C GLU EA 116 -125.18 -49.94 -36.50
N ASP EA 117 -125.90 -49.70 -35.40
CA ASP EA 117 -126.45 -48.36 -35.15
C ASP EA 117 -125.34 -47.35 -34.91
N LEU EA 118 -124.30 -47.74 -34.17
CA LEU EA 118 -123.16 -46.86 -33.95
C LEU EA 118 -122.49 -46.48 -35.26
N VAL EA 119 -122.44 -47.40 -36.22
CA VAL EA 119 -121.82 -47.12 -37.51
C VAL EA 119 -122.71 -46.25 -38.37
N VAL EA 120 -124.00 -46.57 -38.44
CA VAL EA 120 -124.91 -45.87 -39.33
C VAL EA 120 -125.28 -44.51 -38.74
N ASN EA 121 -126.04 -44.51 -37.64
CA ASN EA 121 -126.57 -43.28 -37.07
C ASN EA 121 -125.55 -42.50 -36.25
N LEU EA 122 -124.32 -43.00 -36.13
CA LEU EA 122 -123.26 -42.33 -35.39
C LEU EA 122 -123.65 -42.07 -33.94
N VAL EA 123 -124.51 -42.93 -33.39
CA VAL EA 123 -124.96 -42.81 -32.00
C VAL EA 123 -124.00 -43.62 -31.12
N PRO EA 124 -123.51 -43.07 -30.02
CA PRO EA 124 -122.58 -43.82 -29.16
C PRO EA 124 -123.21 -45.11 -28.66
N LEU EA 125 -122.37 -46.15 -28.55
CA LEU EA 125 -122.84 -47.47 -28.13
C LEU EA 125 -123.29 -47.42 -26.68
N GLY EA 126 -124.56 -47.75 -26.44
CA GLY EA 126 -125.10 -47.74 -25.09
C GLY EA 126 -126.59 -48.02 -25.06
N ARG EA 127 -126.97 -49.27 -25.30
CA ARG EA 127 -128.38 -49.66 -25.29
C ARG EA 127 -128.68 -50.58 -24.11
N SER FA 1 -131.16 -38.82 -25.18
CA SER FA 1 -130.50 -38.23 -24.01
C SER FA 1 -131.27 -37.02 -23.50
N LYS FA 2 -130.66 -35.84 -23.60
CA LYS FA 2 -131.36 -34.60 -23.27
C LYS FA 2 -131.92 -34.01 -24.56
N THR FA 3 -133.24 -33.85 -24.62
CA THR FA 3 -133.93 -33.35 -25.80
C THR FA 3 -134.47 -31.95 -25.54
N ILE FA 4 -134.36 -31.09 -26.55
CA ILE FA 4 -134.85 -29.71 -26.47
C ILE FA 4 -135.77 -29.49 -27.67
N VAL FA 5 -137.01 -29.08 -27.40
CA VAL FA 5 -138.01 -28.85 -28.44
C VAL FA 5 -138.14 -27.35 -28.65
N LEU FA 6 -137.98 -26.91 -29.90
CA LEU FA 6 -138.09 -25.52 -30.29
C LEU FA 6 -139.22 -25.36 -31.28
N SER FA 7 -140.13 -24.42 -31.00
CA SER FA 7 -141.29 -24.17 -31.85
C SER FA 7 -141.00 -22.97 -32.74
N VAL FA 8 -141.00 -23.19 -34.06
CA VAL FA 8 -140.76 -22.11 -35.01
C VAL FA 8 -142.03 -21.45 -35.49
N GLY FA 9 -143.20 -22.05 -35.23
CA GLY FA 9 -144.45 -21.50 -35.68
C GLY FA 9 -145.37 -22.55 -36.30
N GLU FA 10 -144.81 -23.34 -37.21
CA GLU FA 10 -145.55 -24.41 -37.86
C GLU FA 10 -144.93 -25.80 -37.68
N ALA FA 11 -143.64 -25.87 -37.36
CA ALA FA 11 -142.96 -27.14 -37.13
C ALA FA 11 -142.18 -27.07 -35.83
N THR FA 12 -141.78 -28.24 -35.34
CA THR FA 12 -141.04 -28.36 -34.08
C THR FA 12 -139.70 -29.02 -34.36
N ARG FA 13 -138.62 -28.36 -33.95
CA ARG FA 13 -137.27 -28.88 -34.12
C ARG FA 13 -136.79 -29.49 -32.80
N THR FA 14 -135.98 -30.54 -32.93
CA THR FA 14 -135.50 -31.29 -31.77
C THR FA 14 -133.98 -31.27 -31.76
N LEU FA 15 -133.41 -30.79 -30.65
CA LEU FA 15 -131.97 -30.79 -30.44
C LEU FA 15 -131.62 -31.84 -29.39
N THR FA 16 -130.58 -32.63 -29.67
CA THR FA 16 -130.18 -33.73 -28.80
C THR FA 16 -128.79 -33.47 -28.22
N GLU FA 17 -128.64 -33.81 -26.94
CA GLU FA 17 -127.34 -33.69 -26.29
C GLU FA 17 -126.38 -34.72 -26.86
N ILE FA 18 -125.16 -34.30 -27.21
CA ILE FA 18 -124.18 -35.21 -27.81
C ILE FA 18 -122.90 -35.31 -27.00
N GLN FA 19 -122.38 -34.20 -26.49
CA GLN FA 19 -121.11 -34.21 -25.78
C GLN FA 19 -121.36 -33.71 -24.36
N SER FA 20 -121.85 -34.60 -23.50
CA SER FA 20 -122.20 -34.25 -22.13
C SER FA 20 -120.93 -34.09 -21.29
N THR FA 21 -120.58 -32.84 -20.99
CA THR FA 21 -119.45 -32.52 -20.14
C THR FA 21 -119.77 -31.26 -19.35
N ALA FA 22 -119.15 -31.14 -18.18
CA ALA FA 22 -119.44 -30.02 -17.29
C ALA FA 22 -118.99 -28.70 -17.90
N ASP FA 23 -117.72 -28.61 -18.28
CA ASP FA 23 -117.16 -27.36 -18.79
C ASP FA 23 -117.53 -27.08 -20.24
N ARG FA 24 -118.21 -28.01 -20.92
CA ARG FA 24 -118.58 -27.80 -22.32
C ARG FA 24 -119.74 -28.73 -22.65
N GLN FA 25 -120.92 -28.16 -22.86
CA GLN FA 25 -122.10 -28.91 -23.27
C GLN FA 25 -122.40 -28.60 -24.73
N ILE FA 26 -122.46 -29.64 -25.56
CA ILE FA 26 -122.63 -29.51 -27.00
C ILE FA 26 -123.96 -30.15 -27.37
N PHE FA 27 -124.93 -29.34 -27.77
CA PHE FA 27 -126.21 -29.82 -28.26
C PHE FA 27 -126.24 -29.73 -29.78
N GLU FA 28 -126.74 -30.78 -30.42
CA GLU FA 28 -126.83 -30.86 -31.87
C GLU FA 28 -128.27 -31.12 -32.28
N GLU FA 29 -128.70 -30.49 -33.36
CA GLU FA 29 -130.04 -30.71 -33.89
C GLU FA 29 -130.04 -31.93 -34.80
N LYS FA 30 -131.05 -32.78 -34.62
CA LYS FA 30 -131.19 -34.01 -35.41
C LYS FA 30 -132.40 -33.84 -36.33
N VAL FA 31 -132.14 -33.66 -37.62
CA VAL FA 31 -133.20 -33.53 -38.62
C VAL FA 31 -132.86 -34.43 -39.80
N GLY FA 32 -131.66 -34.26 -40.36
CA GLY FA 32 -131.21 -35.05 -41.48
C GLY FA 32 -129.71 -35.20 -41.50
N PRO FA 33 -129.04 -34.39 -42.33
CA PRO FA 33 -127.57 -34.41 -42.37
C PRO FA 33 -126.99 -33.83 -41.10
N LEU FA 34 -126.18 -34.62 -40.39
CA LEU FA 34 -125.61 -34.17 -39.13
C LEU FA 34 -124.53 -33.11 -39.36
N VAL FA 35 -123.77 -33.22 -40.45
CA VAL FA 35 -122.75 -32.23 -40.75
C VAL FA 35 -123.41 -30.97 -41.27
N GLY FA 36 -122.94 -29.81 -40.80
CA GLY FA 36 -123.50 -28.53 -41.22
C GLY FA 36 -124.93 -28.33 -40.75
N ARG FA 37 -125.16 -28.45 -39.44
CA ARG FA 37 -126.49 -28.30 -38.89
C ARG FA 37 -126.50 -27.25 -37.79
N LEU FA 38 -127.41 -27.39 -36.82
CA LEU FA 38 -127.53 -26.47 -35.71
C LEU FA 38 -126.80 -27.02 -34.50
N ARG FA 39 -125.86 -26.25 -33.96
CA ARG FA 39 -125.09 -26.65 -32.80
C ARG FA 39 -125.12 -25.54 -31.75
N LEU FA 40 -125.04 -25.95 -30.49
CA LEU FA 40 -125.10 -25.03 -29.36
C LEU FA 40 -124.05 -25.43 -28.34
N THR FA 41 -123.21 -24.48 -27.96
CA THR FA 41 -122.14 -24.70 -26.98
C THR FA 41 -122.44 -23.90 -25.73
N ALA FA 42 -122.48 -24.58 -24.58
CA ALA FA 42 -122.74 -23.96 -23.30
C ALA FA 42 -121.57 -24.20 -22.36
N SER FA 43 -121.22 -23.18 -21.59
CA SER FA 43 -120.12 -23.27 -20.65
C SER FA 43 -120.43 -22.46 -19.41
N LEU FA 44 -120.06 -22.98 -18.24
CA LEU FA 44 -120.26 -22.32 -16.96
C LEU FA 44 -118.99 -22.44 -16.14
N ARG FA 45 -118.58 -21.34 -15.51
CA ARG FA 45 -117.34 -21.30 -14.75
C ARG FA 45 -117.45 -20.23 -13.68
N GLN FA 46 -116.36 -20.04 -12.94
CA GLN FA 46 -116.24 -19.02 -11.91
C GLN FA 46 -115.30 -17.92 -12.39
N ASN FA 47 -114.79 -17.10 -11.47
CA ASN FA 47 -113.92 -16.00 -11.83
C ASN FA 47 -113.25 -15.45 -10.57
N GLY FA 48 -112.02 -14.96 -10.74
CA GLY FA 48 -111.27 -14.34 -9.66
C GLY FA 48 -111.10 -15.18 -8.42
N ALA FA 49 -111.64 -14.70 -7.30
CA ALA FA 49 -111.55 -15.41 -6.02
C ALA FA 49 -112.95 -15.74 -5.53
N LYS FA 50 -113.67 -16.60 -6.25
CA LYS FA 50 -115.00 -17.08 -5.85
C LYS FA 50 -116.05 -15.98 -5.81
N THR FA 51 -115.83 -14.87 -6.53
CA THR FA 51 -116.72 -13.71 -6.44
C THR FA 51 -117.99 -13.93 -7.27
N ALA FA 52 -117.86 -13.79 -8.58
CA ALA FA 52 -119.00 -13.95 -9.48
C ALA FA 52 -118.88 -15.23 -10.29
N TYR FA 53 -119.57 -15.28 -11.44
CA TYR FA 53 -119.53 -16.44 -12.32
C TYR FA 53 -119.43 -15.96 -13.76
N ARG FA 54 -119.30 -16.93 -14.67
CA ARG FA 54 -119.19 -16.63 -16.10
C ARG FA 54 -119.91 -17.71 -16.87
N VAL FA 55 -120.89 -17.30 -17.69
CA VAL FA 55 -121.67 -18.21 -18.52
C VAL FA 55 -121.49 -17.81 -19.98
N ASN FA 56 -121.21 -18.80 -20.82
CA ASN FA 56 -121.00 -18.57 -22.24
C ASN FA 56 -121.97 -19.46 -23.03
N LEU FA 57 -122.66 -18.86 -23.99
CA LEU FA 57 -123.64 -19.55 -24.83
C LEU FA 57 -123.41 -19.15 -26.27
N LYS FA 58 -123.05 -20.12 -27.11
CA LYS FA 58 -122.81 -19.88 -28.53
C LYS FA 58 -123.73 -20.76 -29.35
N LEU FA 59 -124.23 -20.22 -30.46
CA LEU FA 59 -125.14 -20.94 -31.34
C LEU FA 59 -124.64 -20.79 -32.77
N ASP FA 60 -124.33 -21.92 -33.41
CA ASP FA 60 -123.79 -21.93 -34.76
C ASP FA 60 -124.71 -22.72 -35.68
N GLN FA 61 -124.75 -22.31 -36.95
CA GLN FA 61 -125.55 -23.01 -37.95
C GLN FA 61 -124.97 -22.68 -39.32
N ALA FA 62 -124.41 -23.69 -39.99
CA ALA FA 62 -123.79 -23.53 -41.29
C ALA FA 62 -124.69 -24.15 -42.36
N ASP FA 63 -124.98 -23.38 -43.41
CA ASP FA 63 -125.80 -23.86 -44.50
C ASP FA 63 -125.02 -24.80 -45.39
N VAL FA 64 -125.73 -25.75 -46.00
CA VAL FA 64 -125.12 -26.75 -46.87
C VAL FA 64 -125.76 -26.66 -48.25
N VAL FA 65 -125.03 -27.13 -49.25
CA VAL FA 65 -125.52 -27.17 -50.63
C VAL FA 65 -125.15 -28.51 -51.24
N ASP FA 66 -125.93 -28.92 -52.23
CA ASP FA 66 -125.76 -30.21 -52.88
C ASP FA 66 -126.19 -30.11 -54.34
N CYS FA 67 -125.47 -30.82 -55.21
CA CYS FA 67 -125.76 -30.83 -56.64
C CYS FA 67 -126.11 -32.20 -57.18
N SER FA 68 -126.36 -33.18 -56.32
CA SER FA 68 -126.68 -34.53 -56.79
C SER FA 68 -128.04 -34.60 -57.45
N THR FA 69 -128.88 -33.57 -57.30
CA THR FA 69 -130.19 -33.57 -57.94
C THR FA 69 -130.09 -33.36 -59.44
N SER FA 70 -129.11 -32.59 -59.90
CA SER FA 70 -128.94 -32.32 -61.32
C SER FA 70 -127.56 -32.76 -61.80
N VAL FA 71 -126.52 -32.25 -61.16
CA VAL FA 71 -125.15 -32.58 -61.54
C VAL FA 71 -124.87 -34.02 -61.10
N CYS FA 72 -124.05 -34.72 -61.90
CA CYS FA 72 -123.64 -36.10 -61.73
C CYS FA 72 -123.11 -36.45 -60.35
N GLY FA 73 -122.42 -35.50 -59.72
CA GLY FA 73 -121.43 -35.81 -58.70
C GLY FA 73 -120.96 -34.61 -57.90
N GLU FA 74 -121.50 -34.45 -56.69
CA GLU FA 74 -121.10 -33.36 -55.81
C GLU FA 74 -121.56 -33.70 -54.40
N LEU FA 75 -120.62 -33.85 -53.48
CA LEU FA 75 -120.97 -34.15 -52.10
C LEU FA 75 -121.55 -32.90 -51.42
N PRO FA 76 -122.36 -33.08 -50.39
CA PRO FA 76 -122.88 -31.92 -49.64
C PRO FA 76 -121.75 -31.09 -49.07
N LYS FA 77 -121.68 -29.83 -49.48
CA LYS FA 77 -120.61 -28.92 -49.12
C LYS FA 77 -121.17 -27.75 -48.33
N VAL FA 78 -120.47 -27.39 -47.24
CA VAL FA 78 -120.89 -26.25 -46.44
C VAL FA 78 -120.57 -24.95 -47.17
N ARG FA 79 -121.36 -23.91 -46.87
CA ARG FA 79 -121.18 -22.62 -47.52
C ARG FA 79 -120.62 -21.66 -46.49
N TYR FA 80 -121.45 -20.87 -45.81
CA TYR FA 80 -120.99 -19.90 -44.82
C TYR FA 80 -121.21 -20.44 -43.41
N THR FA 81 -120.64 -19.72 -42.44
CA THR FA 81 -120.75 -20.09 -41.04
C THR FA 81 -121.14 -18.85 -40.23
N GLN FA 82 -122.10 -19.01 -39.33
CA GLN FA 82 -122.57 -17.93 -38.48
C GLN FA 82 -122.26 -18.25 -37.02
N VAL FA 83 -121.75 -17.25 -36.30
CA VAL FA 83 -121.36 -17.39 -34.91
C VAL FA 83 -122.11 -16.35 -34.09
N TRP FA 84 -122.82 -16.80 -33.07
CA TRP FA 84 -123.58 -15.92 -32.17
C TRP FA 84 -123.29 -16.35 -30.73
N SER FA 85 -122.25 -15.77 -30.15
CA SER FA 85 -121.84 -16.08 -28.79
C SER FA 85 -122.48 -15.13 -27.79
N HIS FA 86 -122.38 -15.49 -26.52
CA HIS FA 86 -122.93 -14.69 -25.43
C HIS FA 86 -121.93 -14.62 -24.30
N ASP FA 87 -122.26 -13.82 -23.28
CA ASP FA 87 -121.39 -13.66 -22.11
C ASP FA 87 -122.25 -13.17 -20.96
N VAL FA 88 -122.39 -13.98 -19.92
CA VAL FA 88 -123.20 -13.66 -18.75
C VAL FA 88 -122.26 -13.56 -17.56
N THR FA 89 -122.21 -12.37 -16.95
CA THR FA 89 -121.38 -12.10 -15.78
C THR FA 89 -122.30 -11.59 -14.68
N ILE FA 90 -122.94 -12.53 -13.97
CA ILE FA 90 -123.86 -12.21 -12.89
C ILE FA 90 -123.27 -12.72 -11.58
N VAL FA 91 -123.17 -11.83 -10.59
CA VAL FA 91 -122.63 -12.22 -9.30
C VAL FA 91 -123.65 -13.07 -8.54
N ALA FA 92 -123.16 -13.87 -7.60
CA ALA FA 92 -124.03 -14.74 -6.83
C ALA FA 92 -124.91 -13.93 -5.89
N ASN FA 93 -124.31 -13.14 -5.01
CA ASN FA 93 -125.05 -12.32 -4.05
C ASN FA 93 -125.63 -11.12 -4.79
N SER FA 94 -126.77 -11.35 -5.46
CA SER FA 94 -127.44 -10.30 -6.20
C SER FA 94 -128.87 -10.13 -5.70
N THR FA 95 -129.83 -10.02 -6.61
CA THR FA 95 -131.23 -9.85 -6.26
C THR FA 95 -132.10 -10.62 -7.25
N GLU FA 96 -133.00 -11.45 -6.73
CA GLU FA 96 -133.86 -12.24 -7.60
C GLU FA 96 -134.80 -11.35 -8.39
N ALA FA 97 -135.36 -10.31 -7.75
CA ALA FA 97 -136.25 -9.40 -8.47
C ALA FA 97 -135.50 -8.64 -9.56
N SER FA 98 -134.28 -8.20 -9.26
CA SER FA 98 -133.48 -7.50 -10.26
C SER FA 98 -133.13 -8.42 -11.43
N ARG FA 99 -132.79 -9.67 -11.13
CA ARG FA 99 -132.48 -10.63 -12.20
C ARG FA 99 -133.71 -10.90 -13.06
N LYS FA 100 -134.88 -11.03 -12.43
CA LYS FA 100 -136.11 -11.25 -13.19
C LYS FA 100 -136.44 -10.05 -14.06
N SER FA 101 -136.26 -8.83 -13.53
CA SER FA 101 -136.51 -7.64 -14.33
C SER FA 101 -135.55 -7.53 -15.50
N LEU FA 102 -134.28 -7.89 -15.27
CA LEU FA 102 -133.30 -7.86 -16.35
C LEU FA 102 -133.63 -8.89 -17.42
N TYR FA 103 -134.06 -10.09 -17.00
CA TYR FA 103 -134.45 -11.10 -17.98
C TYR FA 103 -135.67 -10.67 -18.77
N ASP FA 104 -136.64 -10.04 -18.11
CA ASP FA 104 -137.82 -9.55 -18.82
C ASP FA 104 -137.45 -8.45 -19.81
N LEU FA 105 -136.54 -7.55 -19.42
CA LEU FA 105 -136.10 -6.49 -20.33
C LEU FA 105 -135.37 -7.08 -21.53
N THR FA 106 -134.52 -8.10 -21.30
CA THR FA 106 -133.82 -8.74 -22.40
C THR FA 106 -134.80 -9.45 -23.34
N LYS FA 107 -135.80 -10.12 -22.77
CA LYS FA 107 -136.80 -10.79 -23.60
C LYS FA 107 -137.59 -9.78 -24.43
N SER FA 108 -137.95 -8.64 -23.83
CA SER FA 108 -138.67 -7.60 -24.57
C SER FA 108 -137.81 -7.02 -25.68
N LEU FA 109 -136.53 -6.76 -25.40
CA LEU FA 109 -135.65 -6.24 -26.43
C LEU FA 109 -135.42 -7.25 -27.55
N VAL FA 110 -135.44 -8.54 -27.24
CA VAL FA 110 -135.29 -9.56 -28.27
C VAL FA 110 -136.56 -9.67 -29.11
N ALA FA 111 -137.73 -9.64 -28.47
CA ALA FA 111 -138.99 -9.78 -29.16
C ALA FA 111 -139.45 -8.51 -29.86
N THR FA 112 -138.81 -7.37 -29.61
CA THR FA 112 -139.19 -6.13 -30.26
C THR FA 112 -138.90 -6.20 -31.76
N SER FA 113 -139.52 -5.29 -32.50
CA SER FA 113 -139.39 -5.24 -33.96
C SER FA 113 -138.15 -4.48 -34.42
N GLN FA 114 -137.47 -3.75 -33.52
CA GLN FA 114 -136.29 -3.00 -33.90
C GLN FA 114 -135.09 -3.91 -34.15
N VAL FA 115 -134.86 -4.90 -33.30
CA VAL FA 115 -133.75 -5.82 -33.51
C VAL FA 115 -133.98 -6.68 -34.75
N GLU FA 116 -135.24 -7.04 -35.02
CA GLU FA 116 -135.54 -7.78 -36.24
C GLU FA 116 -135.20 -6.99 -37.49
N ASP FA 117 -135.54 -5.69 -37.50
CA ASP FA 117 -135.19 -4.84 -38.63
C ASP FA 117 -133.67 -4.66 -38.73
N LEU FA 118 -133.00 -4.49 -37.59
CA LEU FA 118 -131.54 -4.39 -37.58
C LEU FA 118 -130.89 -5.64 -38.16
N VAL FA 119 -131.48 -6.80 -37.90
CA VAL FA 119 -130.91 -8.06 -38.41
C VAL FA 119 -131.20 -8.22 -39.89
N VAL FA 120 -132.44 -7.95 -40.31
CA VAL FA 120 -132.84 -8.19 -41.70
C VAL FA 120 -132.30 -7.09 -42.60
N ASN FA 121 -132.82 -5.86 -42.44
CA ASN FA 121 -132.47 -4.77 -43.35
C ASN FA 121 -131.13 -4.14 -43.04
N LEU FA 122 -130.41 -4.61 -42.02
CA LEU FA 122 -129.10 -4.08 -41.65
C LEU FA 122 -129.15 -2.59 -41.35
N VAL FA 123 -130.29 -2.10 -40.87
CA VAL FA 123 -130.46 -0.70 -40.53
C VAL FA 123 -130.10 -0.52 -39.06
N PRO FA 124 -129.28 0.47 -38.70
CA PRO FA 124 -128.90 0.65 -37.30
C PRO FA 124 -130.11 0.86 -36.40
N LEU FA 125 -130.03 0.34 -35.19
CA LEU FA 125 -131.14 0.41 -34.25
C LEU FA 125 -131.36 1.86 -33.82
N GLY FA 126 -132.55 2.38 -34.07
CA GLY FA 126 -132.87 3.75 -33.71
C GLY FA 126 -134.24 4.19 -34.21
N ARG FA 127 -135.29 3.69 -33.58
CA ARG FA 127 -136.65 4.04 -33.97
C ARG FA 127 -137.33 4.87 -32.89
N SER GA 1 -132.44 8.77 -43.18
CA SER GA 1 -131.45 9.75 -42.73
C SER GA 1 -131.32 10.87 -43.75
N LYS GA 2 -130.16 10.98 -44.39
CA LYS GA 2 -129.97 11.91 -45.48
C LYS GA 2 -130.19 11.18 -46.80
N THR GA 3 -131.17 11.65 -47.57
CA THR GA 3 -131.54 11.02 -48.83
C THR GA 3 -131.14 11.91 -49.99
N ILE GA 4 -130.64 11.29 -51.06
CA ILE GA 4 -130.24 11.98 -52.27
C ILE GA 4 -130.96 11.33 -53.44
N VAL GA 5 -131.69 12.12 -54.21
CA VAL GA 5 -132.46 11.65 -55.35
C VAL GA 5 -131.72 12.00 -56.64
N LEU GA 6 -131.45 11.00 -57.46
CA LEU GA 6 -130.76 11.18 -58.73
C LEU GA 6 -131.68 10.75 -59.86
N SER GA 7 -131.85 11.61 -60.86
CA SER GA 7 -132.71 11.36 -62.01
C SER GA 7 -131.86 10.90 -63.18
N VAL GA 8 -132.11 9.66 -63.64
CA VAL GA 8 -131.37 9.11 -64.77
C VAL GA 8 -132.07 9.36 -66.10
N GLY GA 9 -133.33 9.77 -66.08
CA GLY GA 9 -134.06 10.01 -67.30
C GLY GA 9 -135.46 9.43 -67.27
N GLU GA 10 -135.57 8.17 -66.83
CA GLU GA 10 -136.86 7.50 -66.71
C GLU GA 10 -137.14 6.98 -65.31
N ALA GA 11 -136.11 6.78 -64.48
CA ALA GA 11 -136.29 6.31 -63.11
C ALA GA 11 -135.48 7.21 -62.18
N THR GA 12 -135.80 7.11 -60.88
CA THR GA 12 -135.15 7.92 -59.85
C THR GA 12 -134.48 6.98 -58.85
N ARG GA 13 -133.18 7.18 -58.63
CA ARG GA 13 -132.42 6.41 -57.67
C ARG GA 13 -132.27 7.18 -56.37
N THR GA 14 -132.24 6.44 -55.27
CA THR GA 14 -132.18 7.03 -53.93
C THR GA 14 -130.93 6.52 -53.21
N LEU GA 15 -130.09 7.45 -52.77
CA LEU GA 15 -128.91 7.14 -51.98
C LEU GA 15 -129.14 7.58 -50.54
N THR GA 16 -128.78 6.72 -49.59
CA THR GA 16 -129.02 6.96 -48.17
C THR GA 16 -127.70 7.08 -47.43
N GLU GA 17 -127.64 8.04 -46.50
CA GLU GA 17 -126.46 8.21 -45.65
C GLU GA 17 -126.35 7.02 -44.71
N ILE GA 18 -125.15 6.43 -44.59
CA ILE GA 18 -124.95 5.26 -43.74
C ILE GA 18 -123.90 5.49 -42.67
N GLN GA 19 -122.78 6.15 -43.01
CA GLN GA 19 -121.69 6.32 -42.06
C GLN GA 19 -121.47 7.83 -41.86
N SER GA 20 -122.30 8.44 -41.03
CA SER GA 20 -122.26 9.89 -40.81
C SER GA 20 -121.06 10.23 -39.93
N THR GA 21 -120.02 10.80 -40.55
CA THR GA 21 -118.84 11.25 -39.83
C THR GA 21 -118.30 12.48 -40.54
N ALA GA 22 -117.61 13.34 -39.77
CA ALA GA 22 -117.12 14.60 -40.32
C ALA GA 22 -116.04 14.36 -41.37
N ASP GA 23 -114.99 13.60 -41.02
CA ASP GA 23 -113.86 13.39 -41.91
C ASP GA 23 -114.13 12.34 -42.98
N ARG GA 24 -115.28 11.66 -42.95
CA ARG GA 24 -115.59 10.64 -43.95
C ARG GA 24 -117.11 10.44 -43.96
N GLN GA 25 -117.74 10.85 -45.05
CA GLN GA 25 -119.17 10.66 -45.26
C GLN GA 25 -119.37 9.58 -46.32
N ILE GA 26 -120.10 8.53 -45.96
CA ILE GA 26 -120.30 7.37 -46.83
C ILE GA 26 -121.78 7.29 -47.16
N PHE GA 27 -122.12 7.55 -48.42
CA PHE GA 27 -123.49 7.39 -48.91
C PHE GA 27 -123.60 6.10 -49.71
N GLU GA 28 -124.68 5.36 -49.47
CA GLU GA 28 -124.93 4.10 -50.15
C GLU GA 28 -126.28 4.14 -50.83
N GLU GA 29 -126.36 3.56 -52.02
CA GLU GA 29 -127.61 3.49 -52.75
C GLU GA 29 -128.42 2.28 -52.29
N LYS GA 30 -129.71 2.49 -52.05
CA LYS GA 30 -130.62 1.44 -51.60
C LYS GA 30 -131.59 1.11 -52.72
N VAL GA 31 -131.38 -0.05 -53.36
CA VAL GA 31 -132.25 -0.53 -54.42
C VAL GA 31 -132.62 -1.97 -54.16
N GLY GA 32 -131.61 -2.82 -53.97
CA GLY GA 32 -131.81 -4.21 -53.70
C GLY GA 32 -130.68 -4.82 -52.89
N PRO GA 33 -129.74 -5.49 -53.56
CA PRO GA 33 -128.57 -6.04 -52.86
C PRO GA 33 -127.64 -4.92 -52.41
N LEU GA 34 -127.40 -4.86 -51.10
CA LEU GA 34 -126.55 -3.80 -50.57
C LEU GA 34 -125.09 -4.01 -50.94
N VAL GA 35 -124.63 -5.27 -51.02
CA VAL GA 35 -123.26 -5.55 -51.39
C VAL GA 35 -123.10 -5.35 -52.90
N GLY GA 36 -122.01 -4.71 -53.30
CA GLY GA 36 -121.75 -4.45 -54.70
C GLY GA 36 -122.75 -3.48 -55.32
N ARG GA 37 -122.88 -2.30 -54.71
CA ARG GA 37 -123.82 -1.30 -55.21
C ARG GA 37 -123.11 0.02 -55.47
N LEU GA 38 -123.84 1.13 -55.33
CA LEU GA 38 -123.29 2.46 -55.56
C LEU GA 38 -122.92 3.08 -54.22
N ARG GA 39 -121.66 3.49 -54.09
CA ARG GA 39 -121.16 4.11 -52.87
C ARG GA 39 -120.45 5.40 -53.22
N LEU GA 40 -120.50 6.34 -52.27
CA LEU GA 40 -119.90 7.66 -52.44
C LEU GA 40 -119.20 8.06 -51.16
N THR GA 41 -117.92 8.44 -51.28
CA THR GA 41 -117.09 8.83 -50.14
C THR GA 41 -116.76 10.32 -50.28
N ALA GA 42 -117.08 11.10 -49.25
CA ALA GA 42 -116.81 12.52 -49.23
C ALA GA 42 -115.92 12.86 -48.04
N SER GA 43 -114.95 13.75 -48.27
CA SER GA 43 -114.04 14.16 -47.22
C SER GA 43 -113.71 15.64 -47.39
N LEU GA 44 -113.61 16.36 -46.27
CA LEU GA 44 -113.26 17.77 -46.26
C LEU GA 44 -112.22 18.01 -45.17
N ARG GA 45 -111.20 18.79 -45.49
CA ARG GA 45 -110.10 19.04 -44.55
C ARG GA 45 -109.47 20.38 -44.90
N GLN GA 46 -108.40 20.72 -44.17
CA GLN GA 46 -107.62 21.92 -44.37
C GLN GA 46 -106.26 21.55 -44.98
N ASN GA 47 -105.30 22.45 -44.89
CA ASN GA 47 -103.98 22.21 -45.46
C ASN GA 47 -103.00 23.27 -44.95
N GLY GA 48 -101.74 22.86 -44.80
CA GLY GA 48 -100.67 23.75 -44.40
C GLY GA 48 -100.90 24.50 -43.10
N ALA GA 49 -100.96 25.83 -43.18
CA ALA GA 49 -101.18 26.68 -42.01
C ALA GA 49 -102.46 27.48 -42.20
N LYS GA 50 -103.61 26.80 -42.24
CA LYS GA 50 -104.92 27.45 -42.33
C LYS GA 50 -105.12 28.22 -43.64
N THR GA 51 -104.37 27.89 -44.69
CA THR GA 51 -104.41 28.68 -45.93
C THR GA 51 -105.63 28.31 -46.77
N ALA GA 52 -105.58 27.16 -47.45
CA ALA GA 52 -106.67 26.72 -48.29
C ALA GA 52 -107.39 25.53 -47.68
N TYR GA 53 -108.08 24.75 -48.50
CA TYR GA 53 -108.81 23.57 -48.04
C TYR GA 53 -108.59 22.44 -49.03
N ARG GA 54 -109.13 21.26 -48.69
CA ARG GA 54 -109.00 20.08 -49.54
C ARG GA 54 -110.29 19.28 -49.45
N VAL GA 55 -110.91 19.05 -50.60
CA VAL GA 55 -112.14 18.28 -50.70
C VAL GA 55 -111.90 17.08 -51.60
N ASN GA 56 -112.33 15.91 -51.13
CA ASN GA 56 -112.18 14.67 -51.87
C ASN GA 56 -113.53 14.02 -52.06
N LEU GA 57 -113.83 13.62 -53.30
CA LEU GA 57 -115.11 12.98 -53.64
C LEU GA 57 -114.83 11.77 -54.51
N LYS GA 58 -115.17 10.59 -54.02
CA LYS GA 58 -114.97 9.34 -54.76
C LYS GA 58 -116.31 8.64 -54.94
N LEU GA 59 -116.50 8.04 -56.11
CA LEU GA 59 -117.74 7.33 -56.43
C LEU GA 59 -117.38 5.96 -56.98
N ASP GA 60 -117.84 4.91 -56.29
CA ASP GA 60 -117.54 3.53 -56.67
C ASP GA 60 -118.84 2.78 -56.95
N GLN GA 61 -118.75 1.83 -57.87
CA GLN GA 61 -119.88 0.99 -58.23
C GLN GA 61 -119.36 -0.31 -58.84
N ALA GA 62 -119.56 -1.42 -58.13
CA ALA GA 62 -119.09 -2.73 -58.58
C ALA GA 62 -120.27 -3.56 -59.06
N ASP GA 63 -120.15 -4.11 -60.25
CA ASP GA 63 -121.20 -4.95 -60.82
C ASP GA 63 -121.20 -6.32 -60.16
N VAL GA 64 -122.38 -6.94 -60.10
CA VAL GA 64 -122.56 -8.23 -59.49
C VAL GA 64 -123.15 -9.19 -60.52
N VAL GA 65 -122.93 -10.49 -60.29
CA VAL GA 65 -123.46 -11.54 -61.15
C VAL GA 65 -124.02 -12.65 -60.27
N ASP GA 66 -124.97 -13.39 -60.81
CA ASP GA 66 -125.64 -14.45 -60.08
C ASP GA 66 -126.07 -15.55 -61.05
N CYS GA 67 -125.99 -16.79 -60.60
CA CYS GA 67 -126.36 -17.95 -61.41
C CYS GA 67 -127.50 -18.76 -60.82
N SER GA 68 -128.19 -18.26 -59.80
CA SER GA 68 -129.27 -19.02 -59.18
C SER GA 68 -130.48 -19.16 -60.10
N THR GA 69 -130.53 -18.39 -61.18
CA THR GA 69 -131.65 -18.48 -62.11
C THR GA 69 -131.60 -19.76 -62.94
N SER GA 70 -130.39 -20.25 -63.25
CA SER GA 70 -130.24 -21.45 -64.05
C SER GA 70 -129.42 -22.50 -63.29
N VAL GA 71 -128.22 -22.13 -62.87
CA VAL GA 71 -127.34 -23.04 -62.14
C VAL GA 71 -127.91 -23.25 -60.74
N CYS GA 72 -127.75 -24.46 -60.22
CA CYS GA 72 -128.17 -24.95 -58.91
C CYS GA 72 -127.83 -24.03 -57.74
N GLY GA 73 -126.67 -23.38 -57.81
CA GLY GA 73 -125.95 -22.93 -56.63
C GLY GA 73 -124.81 -21.99 -56.91
N GLU GA 74 -125.04 -20.70 -56.71
CA GLU GA 74 -123.99 -19.70 -56.91
C GLU GA 74 -124.43 -18.41 -56.22
N LEU GA 75 -123.68 -17.98 -55.22
CA LEU GA 75 -124.00 -16.76 -54.50
C LEU GA 75 -123.68 -15.54 -55.38
N PRO GA 76 -124.34 -14.40 -55.15
CA PRO GA 76 -124.01 -13.18 -55.90
C PRO GA 76 -122.56 -12.79 -55.70
N LYS GA 77 -121.82 -12.75 -56.81
CA LYS GA 77 -120.38 -12.49 -56.79
C LYS GA 77 -120.08 -11.21 -57.55
N VAL GA 78 -119.21 -10.39 -56.96
CA VAL GA 78 -118.81 -9.15 -57.63
C VAL GA 78 -117.87 -9.46 -58.78
N ARG GA 79 -117.87 -8.58 -59.78
CA ARG GA 79 -117.03 -8.76 -60.95
C ARG GA 79 -115.91 -7.73 -60.92
N TYR GA 80 -116.07 -6.59 -61.57
CA TYR GA 80 -115.04 -5.55 -61.60
C TYR GA 80 -115.40 -4.43 -60.64
N THR GA 81 -114.43 -3.53 -60.44
CA THR GA 81 -114.60 -2.38 -59.55
C THR GA 81 -114.12 -1.12 -60.28
N GLN GA 82 -114.91 -0.05 -60.17
CA GLN GA 82 -114.58 1.22 -60.80
C GLN GA 82 -114.38 2.27 -59.73
N VAL GA 83 -113.32 3.07 -59.88
CA VAL GA 83 -112.96 4.10 -58.93
C VAL GA 83 -112.87 5.42 -59.67
N TRP GA 84 -113.62 6.42 -59.20
CA TRP GA 84 -113.64 7.77 -59.78
C TRP GA 84 -113.51 8.77 -58.64
N SER GA 85 -112.28 9.13 -58.30
CA SER GA 85 -112.01 10.07 -57.22
C SER GA 85 -111.88 11.48 -57.77
N HIS GA 86 -111.88 12.45 -56.84
CA HIS GA 86 -111.76 13.85 -57.19
C HIS GA 86 -110.80 14.53 -56.22
N ASP GA 87 -110.51 15.80 -56.49
CA ASP GA 87 -109.61 16.58 -55.65
C ASP GA 87 -109.91 18.05 -55.87
N VAL GA 88 -110.40 18.73 -54.84
CA VAL GA 88 -110.76 20.14 -54.91
C VAL GA 88 -109.83 20.90 -53.97
N THR GA 89 -109.04 21.81 -54.54
CA THR GA 89 -108.10 22.64 -53.78
C THR GA 89 -108.44 24.10 -54.07
N ILE GA 90 -109.44 24.63 -53.36
CA ILE GA 90 -109.90 25.99 -53.52
C ILE GA 90 -109.59 26.77 -52.23
N VAL GA 91 -108.91 27.90 -52.37
CA VAL GA 91 -108.57 28.71 -51.21
C VAL GA 91 -109.82 29.45 -50.72
N ALA GA 92 -109.80 29.82 -49.45
CA ALA GA 92 -110.95 30.51 -48.85
C ALA GA 92 -111.10 31.91 -49.43
N ASN GA 93 -110.06 32.74 -49.31
CA ASN GA 93 -110.09 34.11 -49.82
C ASN GA 93 -109.93 34.07 -51.33
N SER GA 94 -111.05 33.80 -52.02
CA SER GA 94 -111.06 33.74 -53.47
C SER GA 94 -112.06 34.73 -54.04
N THR GA 95 -112.86 34.29 -55.02
CA THR GA 95 -113.86 35.14 -55.64
C THR GA 95 -115.09 34.31 -55.95
N GLU GA 96 -116.25 34.80 -55.53
CA GLU GA 96 -117.50 34.07 -55.77
C GLU GA 96 -117.81 34.00 -57.26
N ALA GA 97 -117.60 35.10 -57.99
CA ALA GA 97 -117.85 35.10 -59.42
C ALA GA 97 -116.91 34.15 -60.15
N SER GA 98 -115.63 34.13 -59.74
CA SER GA 98 -114.68 33.20 -60.36
C SER GA 98 -115.04 31.76 -60.06
N ARG GA 99 -115.46 31.47 -58.83
CA ARG GA 99 -115.87 30.11 -58.48
C ARG GA 99 -117.11 29.69 -59.28
N LYS GA 100 -118.06 30.60 -59.45
CA LYS GA 100 -119.25 30.29 -60.23
C LYS GA 100 -118.91 30.04 -61.69
N SER GA 101 -118.01 30.86 -62.25
CA SER GA 101 -117.58 30.65 -63.64
C SER GA 101 -116.85 29.33 -63.80
N LEU GA 102 -116.01 28.97 -62.82
CA LEU GA 102 -115.31 27.70 -62.89
C LEU GA 102 -116.27 26.53 -62.79
N TYR GA 103 -117.28 26.64 -61.92
CA TYR GA 103 -118.27 25.58 -61.80
C TYR GA 103 -119.08 25.44 -63.09
N ASP GA 104 -119.44 26.57 -63.71
CA ASP GA 104 -120.17 26.52 -64.98
C ASP GA 104 -119.33 25.90 -66.08
N LEU GA 105 -118.04 26.23 -66.13
CA LEU GA 105 -117.15 25.64 -67.12
C LEU GA 105 -117.01 24.14 -66.91
N THR GA 106 -116.89 23.71 -65.65
CA THR GA 106 -116.80 22.28 -65.36
C THR GA 106 -118.10 21.56 -65.74
N LYS GA 107 -119.25 22.17 -65.46
CA LYS GA 107 -120.52 21.57 -65.84
C LYS GA 107 -120.65 21.46 -67.35
N SER GA 108 -120.21 22.50 -68.08
CA SER GA 108 -120.26 22.44 -69.54
C SER GA 108 -119.33 21.36 -70.09
N LEU GA 109 -118.12 21.25 -69.54
CA LEU GA 109 -117.20 20.22 -69.98
C LEU GA 109 -117.71 18.82 -69.67
N VAL GA 110 -118.46 18.68 -68.56
CA VAL GA 110 -119.02 17.37 -68.23
C VAL GA 110 -120.18 17.04 -69.17
N ALA GA 111 -121.04 18.02 -69.44
CA ALA GA 111 -122.22 17.80 -70.27
C ALA GA 111 -121.91 17.78 -71.76
N THR GA 112 -120.71 18.15 -72.17
CA THR GA 112 -120.36 18.14 -73.58
C THR GA 112 -120.30 16.70 -74.10
N SER GA 113 -120.33 16.57 -75.42
CA SER GA 113 -120.34 15.27 -76.08
C SER GA 113 -118.94 14.69 -76.28
N GLN GA 114 -117.89 15.48 -76.06
CA GLN GA 114 -116.54 15.01 -76.23
C GLN GA 114 -116.11 14.05 -75.11
N VAL GA 115 -116.43 14.40 -73.86
CA VAL GA 115 -116.09 13.51 -72.74
C VAL GA 115 -116.90 12.22 -72.82
N GLU GA 116 -118.14 12.30 -73.29
CA GLU GA 116 -118.93 11.08 -73.45
C GLU GA 116 -118.31 10.14 -74.47
N ASP GA 117 -117.83 10.69 -75.59
CA ASP GA 117 -117.15 9.86 -76.58
C ASP GA 117 -115.84 9.31 -76.04
N LEU GA 118 -115.08 10.14 -75.30
CA LEU GA 118 -113.85 9.67 -74.69
C LEU GA 118 -114.11 8.53 -73.72
N VAL GA 119 -115.24 8.55 -73.02
CA VAL GA 119 -115.56 7.50 -72.06
C VAL GA 119 -116.02 6.23 -72.78
N VAL GA 120 -116.91 6.38 -73.77
CA VAL GA 120 -117.49 5.24 -74.45
C VAL GA 120 -116.50 4.63 -75.43
N ASN GA 121 -116.20 5.35 -76.50
CA ASN GA 121 -115.37 4.82 -77.58
C ASN GA 121 -113.88 4.84 -77.26
N LEU GA 122 -113.48 5.32 -76.08
CA LEU GA 122 -112.08 5.37 -75.66
C LEU GA 122 -111.22 6.16 -76.65
N VAL GA 123 -111.82 7.12 -77.33
CA VAL GA 123 -111.11 7.97 -78.29
C VAL GA 123 -110.57 9.19 -77.54
N PRO GA 124 -109.30 9.56 -77.73
CA PRO GA 124 -108.75 10.71 -77.01
C PRO GA 124 -109.53 11.98 -77.32
N LEU GA 125 -109.66 12.84 -76.32
CA LEU GA 125 -110.42 14.08 -76.45
C LEU GA 125 -109.71 15.02 -77.42
N GLY GA 126 -110.40 15.39 -78.50
CA GLY GA 126 -109.82 16.27 -79.50
C GLY GA 126 -110.71 16.46 -80.71
N ARG GA 127 -111.80 17.20 -80.54
CA ARG GA 127 -112.72 17.45 -81.64
C ARG GA 127 -112.69 18.91 -82.07
N SER HA 1 -64.83 -117.72 -38.62
CA SER HA 1 -64.74 -116.37 -39.14
C SER HA 1 -64.37 -116.39 -40.61
N LYS HA 2 -63.18 -115.87 -40.95
CA LYS HA 2 -62.65 -115.97 -42.30
C LYS HA 2 -61.73 -117.17 -42.37
N THR HA 3 -62.05 -118.12 -43.24
CA THR HA 3 -61.30 -119.36 -43.40
C THR HA 3 -60.56 -119.36 -44.72
N ILE HA 4 -59.32 -119.86 -44.70
CA ILE HA 4 -58.48 -119.97 -45.88
C ILE HA 4 -58.02 -121.42 -45.99
N VAL HA 5 -58.30 -122.06 -47.13
CA VAL HA 5 -57.94 -123.45 -47.36
C VAL HA 5 -56.72 -123.49 -48.27
N LEU HA 6 -55.68 -124.18 -47.82
CA LEU HA 6 -54.43 -124.33 -48.58
C LEU HA 6 -54.21 -125.81 -48.86
N SER HA 7 -53.96 -126.13 -50.14
CA SER HA 7 -53.75 -127.50 -50.57
C SER HA 7 -52.25 -127.74 -50.71
N VAL HA 8 -51.73 -128.70 -49.92
CA VAL HA 8 -50.31 -129.03 -49.97
C VAL HA 8 -50.02 -130.18 -50.93
N GLY HA 9 -51.04 -130.90 -51.38
CA GLY HA 9 -50.83 -132.03 -52.27
C GLY HA 9 -51.65 -133.23 -51.86
N GLU HA 10 -51.58 -133.60 -50.58
CA GLU HA 10 -52.35 -134.71 -50.04
C GLU HA 10 -53.27 -134.33 -48.90
N ALA HA 11 -53.03 -133.21 -48.22
CA ALA HA 11 -53.87 -132.75 -47.13
C ALA HA 11 -54.21 -131.28 -47.35
N THR HA 12 -55.22 -130.82 -46.63
CA THR HA 12 -55.71 -129.44 -46.72
C THR HA 12 -55.59 -128.78 -45.36
N ARG HA 13 -54.89 -127.64 -45.31
CA ARG HA 13 -54.72 -126.88 -44.09
C ARG HA 13 -55.70 -125.71 -44.07
N THR HA 14 -56.16 -125.37 -42.86
CA THR HA 14 -57.16 -124.32 -42.67
C THR HA 14 -56.59 -123.24 -41.78
N LEU HA 15 -56.59 -122.01 -42.26
CA LEU HA 15 -56.19 -120.83 -41.50
C LEU HA 15 -57.42 -120.01 -41.15
N THR HA 16 -57.50 -119.57 -39.90
CA THR HA 16 -58.65 -118.84 -39.39
C THR HA 16 -58.27 -117.43 -39.00
N GLU HA 17 -59.13 -116.47 -39.33
CA GLU HA 17 -58.91 -115.09 -38.94
C GLU HA 17 -59.06 -114.94 -37.43
N ILE HA 18 -58.11 -114.27 -36.78
CA ILE HA 18 -58.14 -114.13 -35.33
C ILE HA 18 -58.16 -112.67 -34.89
N GLN HA 19 -57.39 -111.79 -35.53
CA GLN HA 19 -57.30 -110.40 -35.10
C GLN HA 19 -57.75 -109.51 -36.26
N SER HA 20 -59.08 -109.39 -36.43
CA SER HA 20 -59.66 -108.64 -37.54
C SER HA 20 -59.50 -107.15 -37.29
N THR HA 21 -58.57 -106.52 -38.00
CA THR HA 21 -58.36 -105.08 -37.93
C THR HA 21 -57.92 -104.59 -39.30
N ALA HA 22 -58.22 -103.32 -39.58
CA ALA HA 22 -57.93 -102.76 -40.89
C ALA HA 22 -56.43 -102.67 -41.15
N ASP HA 23 -55.69 -102.03 -40.24
CA ASP HA 23 -54.26 -101.82 -40.42
C ASP HA 23 -53.42 -103.05 -40.11
N ARG HA 24 -54.02 -104.12 -39.61
CA ARG HA 24 -53.26 -105.32 -39.27
C ARG HA 24 -54.23 -106.51 -39.23
N GLN HA 25 -54.10 -107.41 -40.20
CA GLN HA 25 -54.90 -108.63 -40.25
C GLN HA 25 -54.00 -109.81 -39.90
N ILE HA 26 -54.41 -110.57 -38.87
CA ILE HA 26 -53.61 -111.67 -38.35
C ILE HA 26 -54.39 -112.96 -38.57
N PHE HA 27 -53.91 -113.80 -39.47
CA PHE HA 27 -54.49 -115.12 -39.70
C PHE HA 27 -53.63 -116.18 -39.01
N GLU HA 28 -54.29 -117.12 -38.35
CA GLU HA 28 -53.62 -118.20 -37.64
C GLU HA 28 -54.14 -119.54 -38.15
N GLU HA 29 -53.23 -120.51 -38.27
CA GLU HA 29 -53.61 -121.85 -38.68
C GLU HA 29 -54.08 -122.66 -37.48
N LYS HA 30 -55.19 -123.36 -37.63
CA LYS HA 30 -55.77 -124.18 -36.58
C LYS HA 30 -55.61 -125.65 -36.95
N VAL HA 31 -54.68 -126.33 -36.28
CA VAL HA 31 -54.46 -127.75 -36.50
C VAL HA 31 -54.40 -128.47 -35.15
N GLY HA 32 -53.55 -127.98 -34.25
CA GLY HA 32 -53.42 -128.55 -32.93
C GLY HA 32 -52.96 -127.52 -31.91
N PRO HA 33 -51.65 -127.51 -31.62
CA PRO HA 33 -51.12 -126.50 -30.68
C PRO HA 33 -51.12 -125.12 -31.33
N LEU HA 34 -51.82 -124.18 -30.69
CA LEU HA 34 -51.92 -122.83 -31.25
C LEU HA 34 -50.59 -122.08 -31.15
N VAL HA 35 -49.83 -122.32 -30.08
CA VAL HA 35 -48.53 -121.67 -29.93
C VAL HA 35 -47.52 -122.32 -30.86
N GLY HA 36 -46.72 -121.50 -31.52
CA GLY HA 36 -45.72 -122.01 -32.45
C GLY HA 36 -46.32 -122.67 -33.67
N ARG HA 37 -47.19 -121.94 -34.38
CA ARG HA 37 -47.84 -122.48 -35.56
C ARG HA 37 -47.62 -121.57 -36.77
N LEU HA 38 -48.57 -121.57 -37.71
CA LEU HA 38 -48.48 -120.77 -38.91
C LEU HA 38 -49.28 -119.48 -38.71
N ARG HA 39 -48.62 -118.34 -38.88
CA ARG HA 39 -49.26 -117.04 -38.75
C ARG HA 39 -48.96 -116.19 -39.97
N LEU HA 40 -49.91 -115.30 -40.30
CA LEU HA 40 -49.81 -114.44 -41.46
C LEU HA 40 -50.28 -113.04 -41.08
N THR HA 41 -49.44 -112.05 -41.36
CA THR HA 41 -49.73 -110.65 -41.05
C THR HA 41 -49.88 -109.89 -42.36
N ALA HA 42 -51.02 -109.21 -42.52
CA ALA HA 42 -51.31 -108.42 -43.70
C ALA HA 42 -51.57 -106.98 -43.30
N SER HA 43 -51.04 -106.05 -44.11
CA SER HA 43 -51.21 -104.63 -43.85
C SER HA 43 -51.36 -103.88 -45.17
N LEU HA 44 -52.23 -102.88 -45.19
CA LEU HA 44 -52.46 -102.05 -46.35
C LEU HA 44 -52.52 -100.59 -45.91
N ARG HA 45 -51.85 -99.71 -46.66
CA ARG HA 45 -51.78 -98.31 -46.31
C ARG HA 45 -51.55 -97.49 -47.58
N GLN HA 46 -51.40 -96.19 -47.40
CA GLN HA 46 -51.11 -95.24 -48.47
C GLN HA 46 -49.66 -94.77 -48.35
N ASN HA 47 -49.34 -93.65 -49.01
CA ASN HA 47 -47.98 -93.14 -48.99
C ASN HA 47 -47.97 -91.71 -49.54
N GLY HA 48 -47.07 -90.89 -49.01
CA GLY HA 48 -46.87 -89.53 -49.48
C GLY HA 48 -48.11 -88.66 -49.48
N ALA HA 49 -48.53 -88.20 -50.65
CA ALA HA 49 -49.70 -87.35 -50.79
C ALA HA 49 -50.74 -88.04 -51.67
N LYS HA 50 -51.28 -89.17 -51.22
CA LYS HA 50 -52.34 -89.90 -51.92
C LYS HA 50 -51.89 -90.46 -53.26
N THR HA 51 -50.59 -90.65 -53.46
CA THR HA 51 -50.07 -91.06 -54.77
C THR HA 51 -50.26 -92.56 -54.99
N ALA HA 52 -49.41 -93.37 -54.35
CA ALA HA 52 -49.48 -94.82 -54.51
C ALA HA 52 -49.99 -95.47 -53.23
N TYR HA 53 -49.69 -96.75 -53.04
CA TYR HA 53 -50.10 -97.49 -51.86
C TYR HA 53 -48.95 -98.36 -51.39
N ARG HA 54 -49.16 -99.04 -50.27
CA ARG HA 54 -48.15 -99.90 -49.68
C ARG HA 54 -48.84 -101.11 -49.05
N VAL HA 55 -48.45 -102.30 -49.50
CA VAL HA 55 -49.00 -103.55 -49.00
C VAL HA 55 -47.86 -104.38 -48.41
N ASN HA 56 -48.08 -104.91 -47.21
CA ASN HA 56 -47.09 -105.72 -46.53
C ASN HA 56 -47.71 -107.07 -46.17
N LEU HA 57 -46.99 -108.15 -46.49
CA LEU HA 57 -47.44 -109.50 -46.23
C LEU HA 57 -46.29 -110.29 -45.63
N LYS HA 58 -46.47 -110.75 -44.39
CA LYS HA 58 -45.45 -111.53 -43.70
C LYS HA 58 -46.04 -112.88 -43.30
N LEU HA 59 -45.22 -113.92 -43.40
CA LEU HA 59 -45.64 -115.28 -43.07
C LEU HA 59 -44.60 -115.90 -42.14
N ASP HA 60 -45.02 -116.27 -40.94
CA ASP HA 60 -44.12 -116.83 -39.94
C ASP HA 60 -44.58 -118.23 -39.54
N GLN HA 61 -43.62 -119.08 -39.20
CA GLN HA 61 -43.91 -120.44 -38.75
C GLN HA 61 -42.74 -120.93 -37.92
N ALA HA 62 -42.97 -121.13 -36.63
CA ALA HA 62 -41.93 -121.58 -35.71
C ALA HA 62 -42.18 -123.04 -35.34
N ASP HA 63 -41.14 -123.86 -35.48
CA ASP HA 63 -41.24 -125.27 -35.14
C ASP HA 63 -41.22 -125.46 -33.62
N VAL HA 64 -41.87 -126.53 -33.18
CA VAL HA 64 -41.96 -126.84 -31.75
C VAL HA 64 -41.41 -128.23 -31.53
N VAL HA 65 -40.98 -128.48 -30.29
CA VAL HA 65 -40.46 -129.78 -29.87
C VAL HA 65 -41.04 -130.13 -28.51
N ASP HA 66 -41.13 -131.43 -28.24
CA ASP HA 66 -41.72 -131.93 -27.00
C ASP HA 66 -41.03 -133.24 -26.61
N CYS HA 67 -40.86 -133.43 -25.30
CA CYS HA 67 -40.22 -134.62 -24.78
C CYS HA 67 -41.13 -135.44 -23.86
N SER HA 68 -42.43 -135.14 -23.83
CA SER HA 68 -43.33 -135.89 -22.94
C SER HA 68 -43.53 -137.33 -23.40
N THR HA 69 -43.11 -137.66 -24.62
CA THR HA 69 -43.27 -139.04 -25.10
C THR HA 69 -42.28 -139.98 -24.43
N SER HA 70 -41.09 -139.49 -24.09
CA SER HA 70 -40.08 -140.33 -23.45
C SER HA 70 -39.65 -139.75 -22.11
N VAL HA 71 -39.21 -138.49 -22.11
CA VAL HA 71 -38.77 -137.82 -20.89
C VAL HA 71 -40.01 -137.53 -20.03
N CYS HA 72 -39.83 -137.59 -18.71
CA CYS HA 72 -40.85 -137.38 -17.68
C CYS HA 72 -41.64 -136.10 -17.84
N GLY HA 73 -40.99 -135.04 -18.30
CA GLY HA 73 -41.40 -133.67 -18.02
C GLY HA 73 -40.73 -132.63 -18.88
N GLU HA 74 -41.43 -132.14 -19.90
CA GLU HA 74 -40.91 -131.09 -20.77
C GLU HA 74 -42.08 -130.50 -21.55
N LEU HA 75 -42.33 -129.21 -21.33
CA LEU HA 75 -43.41 -128.54 -22.04
C LEU HA 75 -43.01 -128.30 -23.50
N PRO HA 76 -43.99 -128.19 -24.39
CA PRO HA 76 -43.68 -127.88 -25.80
C PRO HA 76 -42.93 -126.57 -25.92
N LYS HA 77 -41.72 -126.64 -26.46
CA LYS HA 77 -40.82 -125.50 -26.55
C LYS HA 77 -40.53 -125.19 -28.01
N VAL HA 78 -40.57 -123.89 -28.35
CA VAL HA 78 -40.27 -123.48 -29.72
C VAL HA 78 -38.78 -123.58 -29.97
N ARG HA 79 -38.41 -123.78 -31.25
CA ARG HA 79 -37.02 -123.93 -31.63
C ARG HA 79 -36.61 -122.69 -32.39
N TYR HA 80 -36.66 -122.69 -33.72
CA TYR HA 80 -36.26 -121.55 -34.53
C TYR HA 80 -37.50 -120.80 -35.02
N THR HA 81 -37.25 -119.63 -35.61
CA THR HA 81 -38.30 -118.78 -36.15
C THR HA 81 -37.91 -118.33 -37.55
N GLN HA 82 -38.87 -118.39 -38.48
CA GLN HA 82 -38.66 -117.99 -39.85
C GLN HA 82 -39.55 -116.81 -40.18
N VAL HA 83 -38.96 -115.81 -40.85
CA VAL HA 83 -39.67 -114.59 -41.22
C VAL HA 83 -39.56 -114.40 -42.73
N TRP HA 84 -40.71 -114.27 -43.38
CA TRP HA 84 -40.78 -114.06 -44.84
C TRP HA 84 -41.75 -112.92 -45.10
N SER HA 85 -41.23 -111.69 -45.12
CA SER HA 85 -42.04 -110.51 -45.34
C SER HA 85 -42.07 -110.14 -46.83
N HIS HA 86 -42.97 -109.22 -47.17
CA HIS HA 86 -43.13 -108.76 -48.53
C HIS HA 86 -43.30 -107.24 -48.54
N ASP HA 87 -43.34 -106.67 -49.74
CA ASP HA 87 -43.50 -105.23 -49.89
C ASP HA 87 -44.05 -104.97 -51.29
N VAL HA 88 -45.27 -104.46 -51.37
CA VAL HA 88 -45.93 -104.17 -52.64
C VAL HA 88 -46.14 -102.67 -52.73
N THR HA 89 -45.51 -102.05 -53.74
CA THR HA 89 -45.63 -100.61 -53.98
C THR HA 89 -46.16 -100.42 -55.41
N ILE HA 90 -47.47 -100.52 -55.56
CA ILE HA 90 -48.13 -100.38 -56.86
C ILE HA 90 -48.99 -99.12 -56.82
N VAL HA 91 -48.79 -98.24 -57.80
CA VAL HA 91 -49.58 -97.01 -57.87
C VAL HA 91 -50.99 -97.33 -58.34
N ALA HA 92 -51.92 -96.44 -58.00
CA ALA HA 92 -53.32 -96.64 -58.37
C ALA HA 92 -53.51 -96.50 -59.88
N ASN HA 93 -53.14 -95.35 -60.44
CA ASN HA 93 -53.27 -95.10 -61.87
C ASN HA 93 -52.17 -95.87 -62.61
N SER HA 94 -52.42 -97.15 -62.82
CA SER HA 94 -51.47 -98.01 -63.51
C SER HA 94 -52.12 -98.64 -64.73
N THR HA 95 -51.90 -99.95 -64.93
CA THR HA 95 -52.47 -100.66 -66.06
C THR HA 95 -52.86 -102.06 -65.60
N GLU HA 96 -54.10 -102.46 -65.90
CA GLU HA 96 -54.57 -103.79 -65.51
C GLU HA 96 -53.81 -104.88 -66.24
N ALA HA 97 -53.55 -104.68 -67.53
CA ALA HA 97 -52.80 -105.68 -68.30
C ALA HA 97 -51.37 -105.80 -67.78
N SER HA 98 -50.74 -104.68 -67.45
CA SER HA 98 -49.38 -104.72 -66.92
C SER HA 98 -49.36 -105.40 -65.55
N ARG HA 99 -50.35 -105.13 -64.71
CA ARG HA 99 -50.41 -105.78 -63.41
C ARG HA 99 -50.62 -107.28 -63.55
N LYS HA 100 -51.47 -107.69 -64.49
CA LYS HA 100 -51.70 -109.11 -64.72
C LYS HA 100 -50.43 -109.79 -65.24
N SER HA 101 -49.71 -109.13 -66.15
CA SER HA 101 -48.47 -109.69 -66.66
C SER HA 101 -47.42 -109.80 -65.55
N LEU HA 102 -47.35 -108.80 -64.69
CA LEU HA 102 -46.39 -108.85 -63.57
C LEU HA 102 -46.76 -109.97 -62.60
N TYR HA 103 -48.06 -110.15 -62.32
CA TYR HA 103 -48.47 -111.24 -61.44
C TYR HA 103 -48.16 -112.59 -62.05
N ASP HA 104 -48.38 -112.73 -63.37
CA ASP HA 104 -48.05 -113.99 -64.03
C ASP HA 104 -46.56 -114.27 -64.01
N LEU HA 105 -45.74 -113.23 -64.21
CA LEU HA 105 -44.29 -113.41 -64.15
C LEU HA 105 -43.84 -113.80 -62.74
N THR HA 106 -44.44 -113.17 -61.72
CA THR HA 106 -44.10 -113.54 -60.34
C THR HA 106 -44.52 -114.97 -60.04
N LYS HA 107 -45.70 -115.39 -60.50
CA LYS HA 107 -46.13 -116.76 -60.29
C LYS HA 107 -45.21 -117.76 -60.99
N SER HA 108 -44.78 -117.42 -62.20
CA SER HA 108 -43.86 -118.31 -62.92
C SER HA 108 -42.51 -118.39 -62.21
N LEU HA 109 -41.99 -117.26 -61.74
CA LEU HA 109 -40.73 -117.28 -61.01
C LEU HA 109 -40.84 -118.04 -59.70
N VAL HA 110 -42.01 -118.01 -59.06
CA VAL HA 110 -42.20 -118.76 -57.82
C VAL HA 110 -42.29 -120.25 -58.11
N ALA HA 111 -43.03 -120.62 -59.16
CA ALA HA 111 -43.24 -122.03 -59.49
C ALA HA 111 -42.07 -122.66 -60.22
N THR HA 112 -41.09 -121.87 -60.65
CA THR HA 112 -39.93 -122.43 -61.34
C THR HA 112 -39.09 -123.28 -60.38
N SER HA 113 -38.22 -124.10 -60.96
CA SER HA 113 -37.38 -125.00 -60.19
C SER HA 113 -36.09 -124.35 -59.68
N GLN HA 114 -35.77 -123.15 -60.16
CA GLN HA 114 -34.55 -122.46 -59.73
C GLN HA 114 -34.68 -121.92 -58.31
N VAL HA 115 -35.82 -121.30 -57.98
CA VAL HA 115 -36.01 -120.80 -56.63
C VAL HA 115 -36.10 -121.94 -55.63
N GLU HA 116 -36.69 -123.07 -56.02
CA GLU HA 116 -36.75 -124.22 -55.14
C GLU HA 116 -35.34 -124.73 -54.82
N ASP HA 117 -34.47 -124.80 -55.82
CA ASP HA 117 -33.09 -125.22 -55.57
C ASP HA 117 -32.35 -124.20 -54.73
N LEU HA 118 -32.56 -122.90 -54.99
CA LEU HA 118 -31.96 -121.86 -54.17
C LEU HA 118 -32.39 -121.96 -52.71
N VAL HA 119 -33.63 -122.36 -52.47
CA VAL HA 119 -34.13 -122.49 -51.11
C VAL HA 119 -33.57 -123.74 -50.44
N VAL HA 120 -33.60 -124.87 -51.14
CA VAL HA 120 -33.20 -126.15 -50.57
C VAL HA 120 -31.68 -126.24 -50.47
N ASN HA 121 -31.02 -126.34 -51.62
CA ASN HA 121 -29.58 -126.57 -51.65
C ASN HA 121 -28.76 -125.31 -51.38
N LEU HA 122 -29.40 -124.17 -51.15
CA LEU HA 122 -28.71 -122.90 -50.87
C LEU HA 122 -27.73 -122.53 -51.98
N VAL HA 123 -28.02 -122.94 -53.21
CA VAL HA 123 -27.18 -122.63 -54.36
C VAL HA 123 -27.69 -121.33 -54.97
N PRO HA 124 -26.81 -120.37 -55.28
CA PRO HA 124 -27.27 -119.09 -55.85
C PRO HA 124 -28.01 -119.31 -57.16
N LEU HA 125 -29.02 -118.48 -57.39
CA LEU HA 125 -29.87 -118.59 -58.58
C LEU HA 125 -29.06 -118.25 -59.82
N GLY HA 126 -28.96 -119.21 -60.73
CA GLY HA 126 -28.21 -119.00 -61.97
C GLY HA 126 -28.11 -120.23 -62.82
N ARG HA 127 -29.21 -120.62 -63.46
CA ARG HA 127 -29.23 -121.81 -64.31
C ARG HA 127 -29.40 -121.42 -65.77
N SER IA 1 -19.23 -124.75 -60.19
CA SER IA 1 -18.34 -123.61 -60.44
C SER IA 1 -16.89 -124.08 -60.55
N LYS IA 2 -16.05 -123.68 -59.60
CA LYS IA 2 -14.68 -124.18 -59.52
C LYS IA 2 -14.65 -125.34 -58.54
N THR IA 3 -14.24 -126.51 -59.02
CA THR IA 3 -14.21 -127.72 -58.22
C THR IA 3 -12.76 -128.13 -57.94
N ILE IA 4 -12.52 -128.59 -56.72
CA ILE IA 4 -11.20 -129.05 -56.30
C ILE IA 4 -11.36 -130.45 -55.74
N VAL IA 5 -10.61 -131.40 -56.28
CA VAL IA 5 -10.67 -132.80 -55.88
C VAL IA 5 -9.46 -133.11 -55.01
N LEU IA 6 -9.70 -133.61 -53.80
CA LEU IA 6 -8.65 -133.97 -52.86
C LEU IA 6 -8.72 -135.46 -52.57
N SER IA 7 -7.60 -136.15 -52.72
CA SER IA 7 -7.51 -137.60 -52.50
C SER IA 7 -6.96 -137.86 -51.10
N VAL IA 8 -7.76 -138.50 -50.24
CA VAL IA 8 -7.32 -138.83 -48.90
C VAL IA 8 -6.70 -140.22 -48.79
N GLY IA 9 -6.84 -141.05 -49.82
CA GLY IA 9 -6.29 -142.40 -49.79
C GLY IA 9 -7.28 -143.43 -50.28
N GLU IA 10 -8.51 -143.38 -49.77
CA GLU IA 10 -9.57 -144.28 -50.19
C GLU IA 10 -10.80 -143.58 -50.74
N ALA IA 11 -11.01 -142.31 -50.42
CA ALA IA 11 -12.14 -141.54 -50.92
C ALA IA 11 -11.65 -140.22 -51.47
N THR IA 12 -12.51 -139.56 -52.25
CA THR IA 12 -12.19 -138.28 -52.88
C THR IA 12 -13.18 -137.24 -52.40
N ARG IA 13 -12.67 -136.13 -51.87
CA ARG IA 13 -13.49 -135.03 -51.41
C ARG IA 13 -13.51 -133.92 -52.46
N THR IA 14 -14.65 -133.23 -52.54
CA THR IA 14 -14.86 -132.19 -53.53
C THR IA 14 -15.17 -130.87 -52.83
N LEU IA 15 -14.37 -129.85 -53.13
CA LEU IA 15 -14.59 -128.50 -52.64
C LEU IA 15 -15.08 -127.62 -53.77
N THR IA 16 -16.11 -126.81 -53.50
CA THR IA 16 -16.74 -125.98 -54.51
C THR IA 16 -16.56 -124.51 -54.17
N GLU IA 17 -16.29 -123.71 -55.19
CA GLU IA 17 -16.17 -122.27 -55.02
C GLU IA 17 -17.54 -121.67 -54.69
N ILE IA 18 -17.61 -120.82 -53.67
CA ILE IA 18 -18.87 -120.25 -53.25
C ILE IA 18 -18.87 -118.72 -53.30
N GLN IA 19 -17.78 -118.08 -52.88
CA GLN IA 19 -17.74 -116.61 -52.82
C GLN IA 19 -16.60 -116.14 -53.72
N SER IA 20 -16.86 -116.08 -55.02
CA SER IA 20 -15.85 -115.72 -56.00
C SER IA 20 -15.61 -114.21 -55.95
N THR IA 21 -14.47 -113.82 -55.38
CA THR IA 21 -14.05 -112.43 -55.32
C THR IA 21 -12.53 -112.37 -55.39
N ALA IA 22 -12.02 -111.25 -55.90
CA ALA IA 22 -10.59 -111.12 -56.13
C ALA IA 22 -9.83 -111.10 -54.80
N ASP IA 23 -10.21 -110.21 -53.89
CA ASP IA 23 -9.49 -110.04 -52.63
C ASP IA 23 -9.84 -111.11 -51.60
N ARG IA 24 -10.80 -111.99 -51.89
CA ARG IA 24 -11.19 -113.02 -50.92
C ARG IA 24 -11.88 -114.14 -51.69
N GLN IA 25 -11.23 -115.30 -51.78
CA GLN IA 25 -11.80 -116.48 -52.40
C GLN IA 25 -12.15 -117.48 -51.32
N ILE IA 26 -13.42 -117.89 -51.28
CA ILE IA 26 -13.94 -118.78 -50.24
C ILE IA 26 -14.37 -120.08 -50.90
N PHE IA 27 -13.64 -121.16 -50.63
CA PHE IA 27 -14.00 -122.49 -51.10
C PHE IA 27 -14.63 -123.28 -49.96
N GLU IA 28 -15.71 -123.98 -50.27
CA GLU IA 28 -16.43 -124.79 -49.27
C GLU IA 28 -16.53 -126.22 -49.77
N GLU IA 29 -16.39 -127.17 -48.86
CA GLU IA 29 -16.53 -128.58 -49.19
C GLU IA 29 -17.99 -128.98 -49.15
N LYS IA 30 -18.43 -129.71 -50.17
CA LYS IA 30 -19.81 -130.18 -50.29
C LYS IA 30 -19.84 -131.68 -50.09
N VAL IA 31 -20.32 -132.12 -48.92
CA VAL IA 31 -20.46 -133.54 -48.62
C VAL IA 31 -21.85 -133.80 -48.06
N GLY IA 32 -22.23 -133.05 -47.02
CA GLY IA 32 -23.52 -133.19 -46.41
C GLY IA 32 -23.98 -131.90 -45.77
N PRO IA 33 -23.81 -131.78 -44.46
CA PRO IA 33 -24.18 -130.54 -43.76
C PRO IA 33 -23.21 -129.42 -44.12
N LEU IA 34 -23.75 -128.33 -44.68
CA LEU IA 34 -22.89 -127.22 -45.10
C LEU IA 34 -22.32 -126.46 -43.91
N VAL IA 35 -23.09 -126.35 -42.83
CA VAL IA 35 -22.60 -125.67 -41.63
C VAL IA 35 -21.61 -126.57 -40.91
N GLY IA 36 -20.51 -125.99 -40.45
CA GLY IA 36 -19.48 -126.73 -39.75
C GLY IA 36 -18.78 -127.75 -40.64
N ARG IA 37 -18.23 -127.28 -41.76
CA ARG IA 37 -17.54 -128.17 -42.70
C ARG IA 37 -16.14 -127.66 -42.98
N LEU IA 38 -15.62 -127.96 -44.17
CA LEU IA 38 -14.27 -127.56 -44.57
C LEU IA 38 -14.35 -126.28 -45.40
N ARG IA 39 -13.65 -125.25 -44.96
CA ARG IA 39 -13.62 -123.97 -45.67
C ARG IA 39 -12.18 -123.53 -45.87
N LEU IA 40 -11.96 -122.80 -46.97
CA LEU IA 40 -10.64 -122.33 -47.35
C LEU IA 40 -10.74 -120.89 -47.82
N THR IA 41 -9.93 -120.02 -47.24
CA THR IA 41 -9.90 -118.60 -47.57
C THR IA 41 -8.56 -118.27 -48.22
N ALA IA 42 -8.62 -117.69 -49.41
CA ALA IA 42 -7.43 -117.31 -50.17
C ALA IA 42 -7.46 -115.81 -50.44
N SER IA 43 -6.30 -115.17 -50.31
CA SER IA 43 -6.19 -113.73 -50.54
C SER IA 43 -4.84 -113.43 -51.18
N LEU IA 44 -4.84 -112.50 -52.12
CA LEU IA 44 -3.63 -112.05 -52.81
C LEU IA 44 -3.63 -110.54 -52.90
N ARG IA 45 -2.49 -109.93 -52.61
CA ARG IA 45 -2.38 -108.47 -52.58
C ARG IA 45 -0.93 -108.09 -52.86
N GLN IA 46 -0.66 -106.78 -52.81
CA GLN IA 46 0.66 -106.21 -52.99
C GLN IA 46 1.18 -105.71 -51.65
N ASN IA 47 2.19 -104.85 -51.67
CA ASN IA 47 2.79 -104.33 -50.45
C ASN IA 47 3.69 -103.15 -50.78
N GLY IA 48 3.76 -102.19 -49.85
CA GLY IA 48 4.63 -101.04 -49.97
C GLY IA 48 4.45 -100.22 -51.23
N ALA IA 49 5.49 -100.15 -52.05
CA ALA IA 49 5.46 -99.39 -53.30
C ALA IA 49 5.71 -100.34 -54.48
N LYS IA 50 4.79 -101.27 -54.72
CA LYS IA 50 4.85 -102.20 -55.86
C LYS IA 50 6.05 -103.13 -55.80
N THR IA 51 6.62 -103.37 -54.62
CA THR IA 51 7.86 -104.15 -54.51
C THR IA 51 7.56 -105.64 -54.58
N ALA IA 52 7.05 -106.21 -53.49
CA ALA IA 52 6.74 -107.63 -53.45
C ALA IA 52 5.24 -107.87 -53.45
N TYR IA 53 4.81 -109.04 -52.95
CA TYR IA 53 3.41 -109.38 -52.88
C TYR IA 53 3.13 -110.06 -51.54
N ARG IA 54 1.85 -110.35 -51.30
CA ARG IA 54 1.43 -110.99 -50.07
C ARG IA 54 0.28 -111.96 -50.38
N VAL IA 55 0.48 -113.22 -50.02
CA VAL IA 55 -0.51 -114.26 -50.23
C VAL IA 55 -0.88 -114.86 -48.88
N ASN IA 56 -2.18 -114.99 -48.64
CA ASN IA 56 -2.69 -115.55 -47.40
C ASN IA 56 -3.60 -116.73 -47.71
N LEU IA 57 -3.38 -117.85 -47.02
CA LEU IA 57 -4.16 -119.07 -47.21
C LEU IA 57 -4.52 -119.62 -45.85
N LYS IA 58 -5.83 -119.68 -45.56
CA LYS IA 58 -6.33 -120.20 -44.30
C LYS IA 58 -7.26 -121.37 -44.57
N LEU IA 59 -7.20 -122.39 -43.71
CA LEU IA 59 -8.03 -123.58 -43.84
C LEU IA 59 -8.68 -123.87 -42.50
N ASP IA 60 -10.00 -123.86 -42.46
CA ASP IA 60 -10.75 -124.09 -41.24
C ASP IA 60 -11.67 -125.29 -41.39
N GLN IA 61 -11.89 -125.99 -40.27
CA GLN IA 61 -12.77 -127.15 -40.26
C GLN IA 61 -13.25 -127.35 -38.83
N ALA IA 62 -14.55 -127.15 -38.60
CA ALA IA 62 -15.15 -127.29 -37.29
C ALA IA 62 -15.98 -128.56 -37.24
N ASP IA 63 -15.73 -129.38 -36.21
CA ASP IA 63 -16.47 -130.62 -36.04
C ASP IA 63 -17.88 -130.35 -35.51
N VAL IA 64 -18.80 -131.22 -35.86
CA VAL IA 64 -20.20 -131.08 -35.46
C VAL IA 64 -20.62 -132.34 -34.69
N VAL IA 65 -21.66 -132.19 -33.88
CA VAL IA 65 -22.21 -133.29 -33.11
C VAL IA 65 -23.73 -133.22 -33.18
N ASP IA 66 -24.37 -134.38 -33.02
CA ASP IA 66 -25.82 -134.48 -33.12
C ASP IA 66 -26.31 -135.59 -32.21
N CYS IA 67 -27.48 -135.38 -31.60
CA CYS IA 67 -28.08 -136.35 -30.70
C CYS IA 67 -29.44 -136.86 -31.16
N SER IA 68 -29.83 -136.58 -32.41
CA SER IA 68 -31.13 -137.02 -32.89
C SER IA 68 -31.21 -138.53 -33.06
N THR IA 69 -30.06 -139.22 -33.02
CA THR IA 69 -30.07 -140.68 -33.16
C THR IA 69 -30.62 -141.36 -31.91
N SER IA 70 -30.38 -140.78 -30.74
CA SER IA 70 -30.83 -141.37 -29.49
C SER IA 70 -31.73 -140.40 -28.73
N VAL IA 71 -31.23 -139.21 -28.46
CA VAL IA 71 -31.99 -138.19 -27.73
C VAL IA 71 -33.08 -137.66 -28.65
N CYS IA 72 -34.23 -137.32 -28.05
CA CYS IA 72 -35.43 -136.81 -28.70
C CYS IA 72 -35.20 -135.64 -29.65
N GLY IA 73 -34.26 -134.77 -29.30
CA GLY IA 73 -34.26 -133.39 -29.75
C GLY IA 73 -32.97 -132.65 -29.51
N GLU IA 74 -32.15 -132.51 -30.55
CA GLU IA 74 -30.90 -131.77 -30.46
C GLU IA 74 -30.43 -131.45 -31.87
N LEU IA 75 -30.34 -130.16 -32.19
CA LEU IA 75 -29.89 -129.76 -33.51
C LEU IA 75 -28.38 -129.97 -33.63
N PRO IA 76 -27.88 -130.15 -34.86
CA PRO IA 76 -26.42 -130.27 -35.05
C PRO IA 76 -25.68 -129.05 -34.53
N LYS IA 77 -24.81 -129.28 -33.55
CA LYS IA 77 -24.10 -128.21 -32.87
C LYS IA 77 -22.60 -128.35 -33.10
N VAL IA 78 -21.94 -127.23 -33.39
CA VAL IA 78 -20.50 -127.25 -33.60
C VAL IA 78 -19.79 -127.41 -32.25
N ARG IA 79 -18.58 -127.99 -32.30
CA ARG IA 79 -17.81 -128.23 -31.09
C ARG IA 79 -16.64 -127.28 -31.09
N TYR IA 80 -15.46 -127.68 -31.57
CA TYR IA 80 -14.27 -126.85 -31.58
C TYR IA 80 -14.03 -126.29 -32.98
N THR IA 81 -13.09 -125.35 -33.07
CA THR IA 81 -12.73 -124.72 -34.33
C THR IA 81 -11.22 -124.71 -34.47
N GLN IA 82 -10.73 -125.07 -35.65
CA GLN IA 82 -9.30 -125.12 -35.94
C GLN IA 82 -8.97 -124.10 -37.02
N VAL IA 83 -7.90 -123.34 -36.80
CA VAL IA 83 -7.45 -122.30 -37.72
C VAL IA 83 -6.01 -122.59 -38.11
N TRP IA 84 -5.77 -122.67 -39.42
CA TRP IA 84 -4.44 -122.91 -39.98
C TRP IA 84 -4.22 -121.91 -41.11
N SER IA 85 -3.67 -120.75 -40.77
CA SER IA 85 -3.40 -119.69 -41.73
C SER IA 85 -1.98 -119.80 -42.27
N HIS IA 86 -1.72 -119.05 -43.33
CA HIS IA 86 -0.41 -119.02 -43.97
C HIS IA 86 -0.03 -117.58 -44.30
N ASP IA 87 1.19 -117.40 -44.79
CA ASP IA 87 1.68 -116.08 -45.17
C ASP IA 87 2.82 -116.26 -46.15
N VAL IA 88 2.62 -115.82 -47.38
CA VAL IA 88 3.62 -115.94 -48.45
C VAL IA 88 4.06 -114.53 -48.84
N THR IA 89 5.35 -114.25 -48.65
CA THR IA 89 5.94 -112.95 -48.99
C THR IA 89 7.08 -113.22 -49.96
N ILE IA 90 6.76 -113.36 -51.24
CA ILE IA 90 7.72 -113.63 -52.29
C ILE IA 90 7.76 -112.43 -53.23
N VAL IA 91 8.96 -111.90 -53.46
CA VAL IA 91 9.10 -110.75 -54.35
C VAL IA 91 8.95 -111.21 -55.80
N ALA IA 92 8.59 -110.27 -56.68
CA ALA IA 92 8.39 -110.60 -58.09
C ALA IA 92 9.71 -110.93 -58.76
N ASN IA 93 10.67 -110.00 -58.71
CA ASN IA 93 11.98 -110.20 -59.33
C ASN IA 93 12.80 -111.13 -58.46
N SER IA 94 12.54 -112.43 -58.61
CA SER IA 94 13.24 -113.45 -57.84
C SER IA 94 13.93 -114.44 -58.77
N THR IA 95 13.81 -115.73 -58.49
CA THR IA 95 14.43 -116.77 -59.29
C THR IA 95 13.50 -117.98 -59.36
N GLU IA 96 13.22 -118.45 -60.57
CA GLU IA 96 12.33 -119.59 -60.74
C GLU IA 96 12.94 -120.85 -60.13
N ALA IA 97 14.24 -121.06 -60.32
CA ALA IA 97 14.89 -122.22 -59.75
C ALA IA 97 14.88 -122.17 -58.23
N SER IA 98 15.12 -121.00 -57.66
CA SER IA 98 15.09 -120.85 -56.20
C SER IA 98 13.69 -121.08 -55.66
N ARG IA 99 12.66 -120.57 -56.36
CA ARG IA 99 11.29 -120.80 -55.93
C ARG IA 99 10.92 -122.27 -56.00
N LYS IA 100 11.36 -122.97 -57.06
CA LYS IA 100 11.09 -124.39 -57.18
C LYS IA 100 11.79 -125.18 -56.08
N SER IA 101 13.04 -124.82 -55.77
CA SER IA 101 13.76 -125.51 -54.69
C SER IA 101 13.09 -125.26 -53.35
N LEU IA 102 12.62 -124.04 -53.11
CA LEU IA 102 11.93 -123.74 -51.86
C LEU IA 102 10.62 -124.51 -51.76
N TYR IA 103 9.88 -124.61 -52.86
CA TYR IA 103 8.63 -125.38 -52.85
C TYR IA 103 8.91 -126.85 -52.61
N ASP IA 104 9.98 -127.39 -53.21
CA ASP IA 104 10.32 -128.79 -52.99
C ASP IA 104 10.73 -129.03 -51.53
N LEU IA 105 11.49 -128.10 -50.94
CA LEU IA 105 11.86 -128.23 -49.55
C LEU IA 105 10.65 -128.17 -48.63
N THR IA 106 9.70 -127.27 -48.93
CA THR IA 106 8.48 -127.19 -48.13
C THR IA 106 7.66 -128.47 -48.26
N LYS IA 107 7.56 -129.01 -49.47
CA LYS IA 107 6.83 -130.26 -49.67
C LYS IA 107 7.48 -131.41 -48.91
N SER IA 108 8.82 -131.47 -48.92
CA SER IA 108 9.52 -132.51 -48.19
C SER IA 108 9.32 -132.37 -46.69
N LEU IA 109 9.38 -131.14 -46.18
CA LEU IA 109 9.17 -130.92 -44.75
C LEU IA 109 7.74 -131.24 -44.34
N VAL IA 110 6.77 -131.03 -45.24
CA VAL IA 110 5.39 -131.37 -44.94
C VAL IA 110 5.19 -132.88 -44.96
N ALA IA 111 5.77 -133.56 -45.94
CA ALA IA 111 5.60 -135.00 -46.09
C ALA IA 111 6.47 -135.82 -45.14
N THR IA 112 7.43 -135.19 -44.45
CA THR IA 112 8.26 -135.92 -43.53
C THR IA 112 7.45 -136.41 -42.33
N SER IA 113 8.03 -137.37 -41.61
CA SER IA 113 7.37 -137.99 -40.47
C SER IA 113 7.54 -137.20 -39.17
N GLN IA 114 8.42 -136.21 -39.15
CA GLN IA 114 8.64 -135.40 -37.94
C GLN IA 114 7.48 -134.45 -37.67
N VAL IA 115 6.97 -133.77 -38.70
CA VAL IA 115 5.84 -132.87 -38.50
C VAL IA 115 4.58 -133.67 -38.14
N GLU IA 116 4.43 -134.87 -38.70
CA GLU IA 116 3.28 -135.70 -38.34
C GLU IA 116 3.33 -136.07 -36.86
N ASP IA 117 4.50 -136.43 -36.35
CA ASP IA 117 4.64 -136.74 -34.93
C ASP IA 117 4.42 -135.50 -34.07
N LEU IA 118 4.94 -134.35 -34.52
CA LEU IA 118 4.71 -133.10 -33.80
C LEU IA 118 3.23 -132.76 -33.72
N VAL IA 119 2.47 -133.08 -34.77
CA VAL IA 119 1.05 -132.78 -34.77
C VAL IA 119 0.28 -133.76 -33.90
N VAL IA 120 0.58 -135.06 -34.03
CA VAL IA 120 -0.17 -136.10 -33.33
C VAL IA 120 0.23 -136.13 -31.85
N ASN IA 121 1.47 -136.57 -31.58
CA ASN IA 121 1.92 -136.79 -30.22
C ASN IA 121 2.31 -135.51 -29.49
N LEU IA 122 2.22 -134.35 -30.16
CA LEU IA 122 2.56 -133.05 -29.56
C LEU IA 122 3.99 -133.02 -29.04
N VAL IA 123 4.87 -133.79 -29.66
CA VAL IA 123 6.28 -133.84 -29.28
C VAL IA 123 7.03 -132.79 -30.10
N PRO IA 124 7.87 -131.97 -29.47
CA PRO IA 124 8.59 -130.93 -30.23
C PRO IA 124 9.46 -131.55 -31.33
N LEU IA 125 9.55 -130.84 -32.45
CA LEU IA 125 10.29 -131.31 -33.61
C LEU IA 125 11.78 -131.35 -33.28
N GLY IA 126 12.37 -132.55 -33.37
CA GLY IA 126 13.78 -132.72 -33.09
C GLY IA 126 14.23 -134.16 -33.12
N ARG IA 127 14.32 -134.73 -34.32
CA ARG IA 127 14.74 -136.12 -34.48
C ARG IA 127 16.10 -136.20 -35.16
N SER JA 1 13.63 -137.53 -23.48
CA SER JA 1 14.47 -136.52 -22.85
C SER JA 1 14.93 -136.99 -21.47
N LYS JA 2 14.48 -136.33 -20.42
CA LYS JA 2 14.75 -136.78 -19.06
C LYS JA 2 13.55 -137.59 -18.59
N THR JA 3 13.79 -138.85 -18.24
CA THR JA 3 12.75 -139.77 -17.81
C THR JA 3 12.89 -140.07 -16.33
N ILE JA 4 11.75 -140.15 -15.64
CA ILE JA 4 11.70 -140.45 -14.21
C ILE JA 4 10.74 -141.63 -14.03
N VAL JA 5 11.23 -142.70 -13.41
CA VAL JA 5 10.44 -143.90 -13.19
C VAL JA 5 10.00 -143.94 -11.74
N LEU JA 6 8.70 -144.07 -11.52
CA LEU JA 6 8.11 -144.13 -10.18
C LEU JA 6 7.42 -145.47 -10.01
N SER JA 7 7.73 -146.17 -8.92
CA SER JA 7 7.16 -147.47 -8.62
C SER JA 7 6.03 -147.30 -7.62
N VAL JA 8 4.81 -147.68 -8.02
CA VAL JA 8 3.65 -147.57 -7.13
C VAL JA 8 3.40 -148.87 -6.37
N GLY JA 9 4.03 -149.97 -6.75
CA GLY JA 9 3.81 -151.24 -6.09
C GLY JA 9 3.63 -152.38 -7.06
N GLU JA 10 2.76 -152.18 -8.06
CA GLU JA 10 2.53 -153.18 -9.10
C GLU JA 10 2.79 -152.67 -10.51
N ALA JA 11 2.79 -151.36 -10.73
CA ALA JA 11 3.06 -150.78 -12.03
C ALA JA 11 4.09 -149.68 -11.89
N THR JA 12 4.68 -149.29 -13.02
CA THR JA 12 5.72 -148.26 -13.07
C THR JA 12 5.24 -147.12 -13.95
N ARG JA 13 5.24 -145.91 -13.41
CA ARG JA 13 4.85 -144.72 -14.14
C ARG JA 13 6.10 -143.97 -14.63
N THR JA 14 5.97 -143.34 -15.78
CA THR JA 14 7.08 -142.65 -16.43
C THR JA 14 6.72 -141.18 -16.63
N LEU JA 15 7.54 -140.29 -16.09
CA LEU JA 15 7.39 -138.85 -16.27
C LEU JA 15 8.49 -138.35 -17.20
N THR JA 16 8.12 -137.51 -18.15
CA THR JA 16 9.03 -137.01 -19.17
C THR JA 16 9.21 -135.51 -19.04
N GLU JA 17 10.45 -135.05 -19.20
CA GLU JA 17 10.74 -133.62 -19.19
C GLU JA 17 10.14 -132.96 -20.42
N ILE JA 18 9.42 -131.84 -20.24
CA ILE JA 18 8.77 -131.17 -21.36
C ILE JA 18 9.25 -129.72 -21.53
N GLN JA 19 9.42 -128.98 -20.44
CA GLN JA 19 9.79 -127.57 -20.53
C GLN JA 19 11.12 -127.38 -19.80
N SER JA 20 12.21 -127.72 -20.48
CA SER JA 20 13.55 -127.65 -19.89
C SER JA 20 14.00 -126.20 -19.79
N THR JA 21 13.98 -125.65 -18.58
CA THR JA 21 14.47 -124.31 -18.33
C THR JA 21 15.07 -124.28 -16.93
N ALA JA 22 16.01 -123.35 -16.73
CA ALA JA 22 16.74 -123.29 -15.47
C ALA JA 22 15.82 -122.87 -14.33
N ASP JA 23 15.12 -121.75 -14.48
CA ASP JA 23 14.28 -121.22 -13.42
C ASP JA 23 12.94 -121.92 -13.29
N ARG JA 24 12.61 -122.85 -14.19
CA ARG JA 24 11.34 -123.56 -14.14
C ARG JA 24 11.47 -124.86 -14.93
N GLN JA 25 11.45 -125.98 -14.22
CA GLN JA 25 11.50 -127.30 -14.84
C GLN JA 25 10.11 -127.94 -14.71
N ILE JA 26 9.53 -128.32 -15.83
CA ILE JA 26 8.17 -128.86 -15.89
C ILE JA 26 8.25 -130.31 -16.38
N PHE JA 27 7.97 -131.25 -15.49
CA PHE JA 27 7.90 -132.66 -15.84
C PHE JA 27 6.43 -133.08 -15.98
N GLU JA 28 6.14 -133.84 -17.02
CA GLU JA 28 4.79 -134.31 -17.29
C GLU JA 28 4.80 -135.82 -17.40
N GLU JA 29 3.76 -136.47 -16.86
CA GLU JA 29 3.62 -137.91 -16.96
C GLU JA 29 2.97 -138.29 -18.28
N LYS JA 30 3.53 -139.29 -18.95
CA LYS JA 30 3.03 -139.77 -20.23
C LYS JA 30 2.42 -141.16 -20.03
N VAL JA 31 1.09 -141.22 -20.06
CA VAL JA 31 0.39 -142.49 -19.94
C VAL JA 31 -0.68 -142.57 -21.03
N GLY JA 32 -1.52 -141.56 -21.12
CA GLY JA 32 -2.56 -141.51 -22.13
C GLY JA 32 -2.93 -140.08 -22.50
N PRO JA 33 -4.02 -139.58 -21.91
CA PRO JA 33 -4.41 -138.18 -22.16
C PRO JA 33 -3.45 -137.23 -21.49
N LEU JA 34 -2.83 -136.35 -22.29
CA LEU JA 34 -1.85 -135.42 -21.74
C LEU JA 34 -2.52 -134.34 -20.89
N VAL JA 35 -3.73 -133.91 -21.27
CA VAL JA 35 -4.43 -132.91 -20.49
C VAL JA 35 -5.00 -133.55 -19.23
N GLY JA 36 -4.86 -132.85 -18.11
CA GLY JA 36 -5.34 -133.36 -16.83
C GLY JA 36 -4.58 -134.58 -16.37
N ARG JA 37 -3.27 -134.47 -16.26
CA ARG JA 37 -2.43 -135.59 -15.83
C ARG JA 37 -1.57 -135.19 -14.65
N LEU JA 38 -0.40 -135.82 -14.52
CA LEU JA 38 0.52 -135.55 -13.43
C LEU JA 38 1.60 -134.59 -13.91
N ARG JA 39 1.74 -133.46 -13.22
CA ARG JA 39 2.74 -132.46 -13.56
C ARG JA 39 3.54 -132.09 -12.31
N LEU JA 40 4.80 -131.72 -12.54
CA LEU JA 40 5.73 -131.38 -11.48
C LEU JA 40 6.52 -130.14 -11.88
N THR JA 41 6.51 -129.13 -11.01
CA THR JA 41 7.22 -127.88 -11.25
C THR JA 41 8.36 -127.75 -10.24
N ALA JA 42 9.56 -127.55 -10.74
CA ALA JA 42 10.75 -127.41 -9.91
C ALA JA 42 11.41 -126.06 -10.18
N SER JA 43 11.86 -125.40 -9.12
CA SER JA 43 12.51 -124.10 -9.25
C SER JA 43 13.63 -124.01 -8.22
N LEU JA 44 14.75 -123.39 -8.62
CA LEU JA 44 15.89 -123.17 -7.76
C LEU JA 44 16.39 -121.75 -7.95
N ARG JA 45 16.70 -121.08 -6.84
CA ARG JA 45 17.11 -119.68 -6.88
C ARG JA 45 17.98 -119.39 -5.65
N GLN JA 46 18.38 -118.12 -5.53
CA GLN JA 46 19.15 -117.64 -4.40
C GLN JA 46 18.27 -116.75 -3.53
N ASN JA 47 18.88 -115.94 -2.67
CA ASN JA 47 18.13 -115.07 -1.77
C ASN JA 47 19.06 -114.04 -1.15
N GLY JA 48 18.52 -112.85 -0.88
CA GLY JA 48 19.26 -111.79 -0.22
C GLY JA 48 20.54 -111.37 -0.90
N ALA JA 49 21.66 -111.55 -0.19
CA ALA JA 49 22.98 -111.21 -0.71
C ALA JA 49 23.86 -112.45 -0.75
N LYS JA 50 23.50 -113.42 -1.60
CA LYS JA 50 24.29 -114.63 -1.82
C LYS JA 50 24.39 -115.52 -0.58
N THR JA 51 23.45 -115.38 0.37
CA THR JA 51 23.56 -116.09 1.65
C THR JA 51 23.11 -117.54 1.50
N ALA JA 52 21.79 -117.76 1.44
CA ALA JA 52 21.26 -119.11 1.31
C ALA JA 52 20.66 -119.34 -0.07
N TYR JA 53 19.76 -120.30 -0.18
CA TYR JA 53 19.11 -120.62 -1.45
C TYR JA 53 17.63 -120.86 -1.21
N ARG JA 54 16.89 -121.08 -2.29
CA ARG JA 54 15.46 -121.32 -2.23
C ARG JA 54 15.08 -122.34 -3.29
N VAL JA 55 14.47 -123.44 -2.87
CA VAL JA 55 14.03 -124.50 -3.75
C VAL JA 55 12.53 -124.67 -3.60
N ASN JA 56 11.83 -124.73 -4.73
CA ASN JA 56 10.38 -124.90 -4.75
C ASN JA 56 10.02 -126.11 -5.57
N LEU JA 57 9.18 -126.98 -5.03
CA LEU JA 57 8.74 -128.20 -5.68
C LEU JA 57 7.23 -128.32 -5.53
N LYS JA 58 6.51 -128.30 -6.65
CA LYS JA 58 5.06 -128.43 -6.65
C LYS JA 58 4.65 -129.62 -7.50
N LEU JA 59 3.63 -130.34 -7.05
CA LEU JA 59 3.13 -131.52 -7.75
C LEU JA 59 1.63 -131.40 -7.88
N ASP JA 60 1.13 -131.39 -9.12
CA ASP JA 60 -0.29 -131.24 -9.40
C ASP JA 60 -0.80 -132.44 -10.18
N GLN JA 61 -2.07 -132.77 -9.96
CA GLN JA 61 -2.71 -133.88 -10.66
C GLN JA 61 -4.21 -133.65 -10.63
N ALA JA 62 -4.80 -133.39 -11.79
CA ALA JA 62 -6.22 -133.14 -11.91
C ALA JA 62 -6.92 -134.33 -12.54
N ASP JA 63 -7.97 -134.82 -11.88
CA ASP JA 63 -8.73 -135.95 -12.40
C ASP JA 63 -9.61 -135.53 -13.56
N VAL JA 64 -9.86 -136.47 -14.46
CA VAL JA 64 -10.66 -136.23 -15.65
C VAL JA 64 -11.83 -137.20 -15.67
N VAL JA 65 -12.88 -136.82 -16.39
CA VAL JA 65 -14.08 -137.64 -16.55
C VAL JA 65 -14.51 -137.60 -18.00
N ASP JA 66 -15.19 -138.66 -18.44
CA ASP JA 66 -15.63 -138.79 -19.82
C ASP JA 66 -16.93 -139.58 -19.86
N CYS JA 67 -17.80 -139.20 -20.79
CA CYS JA 67 -19.10 -139.85 -20.95
C CYS JA 67 -19.28 -140.48 -22.33
N SER JA 68 -18.23 -140.59 -23.13
CA SER JA 68 -18.37 -141.16 -24.46
C SER JA 68 -18.66 -142.65 -24.43
N THR JA 69 -18.49 -143.31 -23.27
CA THR JA 69 -18.77 -144.73 -23.18
C THR JA 69 -20.27 -145.02 -23.20
N SER JA 70 -21.08 -144.11 -22.66
CA SER JA 70 -22.53 -144.31 -22.61
C SER JA 70 -23.24 -143.16 -23.32
N VAL JA 71 -22.98 -141.93 -22.88
CA VAL JA 71 -23.61 -140.75 -23.46
C VAL JA 71 -23.01 -140.52 -24.84
N CYS JA 72 -23.85 -140.02 -25.76
CA CYS JA 72 -23.56 -139.71 -27.16
C CYS JA 72 -22.30 -138.89 -27.37
N GLY JA 73 -22.03 -137.95 -26.46
CA GLY JA 73 -21.24 -136.77 -26.76
C GLY JA 73 -20.80 -135.99 -25.54
N GLU JA 74 -19.56 -136.17 -25.13
CA GLU JA 74 -19.00 -135.43 -24.00
C GLU JA 74 -17.48 -135.54 -24.06
N LEU JA 75 -16.81 -134.41 -24.22
CA LEU JA 75 -15.36 -134.40 -24.26
C LEU JA 75 -14.79 -134.64 -22.86
N PRO JA 76 -13.57 -135.18 -22.77
CA PRO JA 76 -12.93 -135.36 -21.45
C PRO JA 76 -12.82 -134.03 -20.72
N LYS JA 77 -13.45 -133.95 -19.55
CA LYS JA 77 -13.52 -132.72 -18.77
C LYS JA 77 -12.84 -132.92 -17.42
N VAL JA 78 -12.04 -131.94 -17.02
CA VAL JA 78 -11.37 -132.01 -15.73
C VAL JA 78 -12.37 -131.76 -14.61
N ARG JA 79 -12.08 -132.32 -13.44
CA ARG JA 79 -12.96 -132.18 -12.29
C ARG JA 79 -12.29 -131.28 -11.28
N TYR JA 80 -11.58 -131.81 -10.29
CA TYR JA 80 -10.92 -131.01 -9.27
C TYR JA 80 -9.43 -130.89 -9.56
N THR JA 81 -8.76 -130.02 -8.80
CA THR JA 81 -7.33 -129.79 -8.94
C THR JA 81 -6.69 -129.82 -7.56
N GLN JA 82 -5.56 -130.51 -7.45
CA GLN JA 82 -4.82 -130.63 -6.20
C GLN JA 82 -3.46 -129.98 -6.35
N VAL JA 83 -3.08 -129.20 -5.34
CA VAL JA 83 -1.82 -128.47 -5.34
C VAL JA 83 -1.03 -128.86 -4.09
N TRP JA 84 0.20 -129.33 -4.28
CA TRP JA 84 1.08 -129.72 -3.18
C TRP JA 84 2.45 -129.10 -3.45
N SER JA 85 2.66 -127.89 -2.94
CA SER JA 85 3.90 -127.16 -3.12
C SER JA 85 4.85 -127.43 -1.95
N HIS JA 86 6.10 -127.01 -2.13
CA HIS JA 86 7.13 -127.18 -1.11
C HIS JA 86 7.95 -125.90 -1.03
N ASP JA 87 8.86 -125.88 -0.05
CA ASP JA 87 9.73 -124.72 0.15
C ASP JA 87 10.96 -125.18 0.91
N VAL JA 88 12.13 -125.12 0.28
CA VAL JA 88 13.38 -125.55 0.88
C VAL JA 88 14.28 -124.33 1.03
N THR JA 89 14.63 -124.00 2.27
CA THR JA 89 15.50 -122.86 2.57
C THR JA 89 16.69 -123.40 3.36
N ILE JA 90 17.68 -123.93 2.65
CA ILE JA 90 18.89 -124.48 3.24
C ILE JA 90 20.07 -123.62 2.85
N VAL JA 91 20.84 -123.17 3.84
CA VAL JA 91 22.01 -122.35 3.57
C VAL JA 91 23.13 -123.22 3.00
N ALA JA 92 24.05 -122.58 2.27
CA ALA JA 92 25.15 -123.31 1.66
C ALA JA 92 26.13 -123.82 2.72
N ASN JA 93 26.67 -122.92 3.53
CA ASN JA 93 27.61 -123.29 4.58
C ASN JA 93 26.85 -123.92 5.74
N SER JA 94 26.53 -125.20 5.57
CA SER JA 94 25.80 -125.95 6.60
C SER JA 94 26.61 -127.16 7.05
N THR JA 95 25.94 -128.31 7.16
CA THR JA 95 26.58 -129.55 7.58
C THR JA 95 25.99 -130.71 6.82
N GLU JA 96 26.86 -131.53 6.21
CA GLU JA 96 26.38 -132.67 5.44
C GLU JA 96 25.69 -133.70 6.34
N ALA JA 97 26.26 -133.95 7.52
CA ALA JA 97 25.63 -134.89 8.44
C ALA JA 97 24.28 -134.38 8.93
N SER JA 98 24.18 -133.09 9.22
CA SER JA 98 22.91 -132.52 9.64
C SER JA 98 21.88 -132.59 8.52
N ARG JA 99 22.30 -132.31 7.29
CA ARG JA 99 21.38 -132.40 6.16
C ARG JA 99 20.91 -133.83 5.94
N LYS JA 100 21.81 -134.81 6.08
CA LYS JA 100 21.42 -136.20 5.94
C LYS JA 100 20.46 -136.63 7.04
N SER JA 101 20.71 -136.19 8.28
CA SER JA 101 19.80 -136.51 9.37
C SER JA 101 18.43 -135.88 9.16
N LEU JA 102 18.40 -134.64 8.66
CA LEU JA 102 17.12 -133.99 8.40
C LEU JA 102 16.36 -134.70 7.28
N TYR JA 103 17.08 -135.13 6.24
CA TYR JA 103 16.43 -135.86 5.15
C TYR JA 103 15.89 -137.20 5.64
N ASP JA 104 16.64 -137.88 6.50
CA ASP JA 104 16.17 -139.15 7.04
C ASP JA 104 14.95 -138.95 7.93
N LEU JA 105 14.94 -137.88 8.73
CA LEU JA 105 13.77 -137.59 9.57
C LEU JA 105 12.55 -137.27 8.71
N THR JA 106 12.75 -136.50 7.64
CA THR JA 106 11.63 -136.19 6.74
C THR JA 106 11.11 -137.45 6.06
N LYS JA 107 12.01 -138.34 5.63
CA LYS JA 107 11.59 -139.58 5.01
C LYS JA 107 10.82 -140.45 5.99
N SER JA 108 11.27 -140.51 7.24
CA SER JA 108 10.56 -141.29 8.25
C SER JA 108 9.18 -140.70 8.54
N LEU JA 109 9.09 -139.38 8.64
CA LEU JA 109 7.80 -138.74 8.88
C LEU JA 109 6.86 -138.94 7.70
N VAL JA 110 7.39 -139.00 6.48
CA VAL JA 110 6.54 -139.24 5.31
C VAL JA 110 6.07 -140.68 5.27
N ALA JA 111 6.97 -141.63 5.57
CA ALA JA 111 6.64 -143.05 5.52
C ALA JA 111 5.86 -143.54 6.73
N THR JA 112 5.74 -142.73 7.78
CA THR JA 112 5.00 -143.15 8.96
C THR JA 112 3.51 -143.27 8.63
N SER JA 113 2.79 -143.97 9.52
CA SER JA 113 1.36 -144.22 9.33
C SER JA 113 0.49 -143.08 9.83
N GLN JA 114 1.05 -142.12 10.56
CA GLN JA 114 0.26 -141.00 11.07
C GLN JA 114 -0.12 -140.01 9.98
N VAL JA 115 0.82 -139.67 9.09
CA VAL JA 115 0.51 -138.76 8.00
C VAL JA 115 -0.47 -139.41 7.01
N GLU JA 116 -0.36 -140.72 6.81
CA GLU JA 116 -1.31 -141.41 5.95
C GLU JA 116 -2.72 -141.32 6.51
N ASP JA 117 -2.88 -141.51 7.81
CA ASP JA 117 -4.19 -141.39 8.44
C ASP JA 117 -4.68 -139.95 8.38
N LEU JA 118 -3.80 -138.98 8.60
CA LEU JA 118 -4.17 -137.58 8.50
C LEU JA 118 -4.65 -137.23 7.10
N VAL JA 119 -4.06 -137.85 6.07
CA VAL JA 119 -4.45 -137.58 4.70
C VAL JA 119 -5.78 -138.26 4.37
N VAL JA 120 -5.92 -139.52 4.75
CA VAL JA 120 -7.10 -140.31 4.38
C VAL JA 120 -8.29 -139.91 5.25
N ASN JA 121 -8.23 -140.24 6.53
CA ASN JA 121 -9.36 -140.04 7.43
C ASN JA 121 -9.52 -138.60 7.90
N LEU JA 122 -8.63 -137.70 7.48
CA LEU JA 122 -8.69 -136.28 7.85
C LEU JA 122 -8.65 -136.09 9.37
N VAL JA 123 -8.01 -137.00 10.07
CA VAL JA 123 -7.88 -136.93 11.53
C VAL JA 123 -6.60 -136.17 11.85
N PRO JA 124 -6.65 -135.19 12.76
CA PRO JA 124 -5.43 -134.43 13.08
C PRO JA 124 -4.31 -135.34 13.60
N LEU JA 125 -3.08 -135.00 13.24
CA LEU JA 125 -1.92 -135.80 13.61
C LEU JA 125 -1.71 -135.74 15.12
N GLY JA 126 -1.76 -136.90 15.77
CA GLY JA 126 -1.58 -136.97 17.21
C GLY JA 126 -1.80 -138.35 17.77
N ARG JA 127 -0.85 -139.26 17.52
CA ARG JA 127 -0.95 -140.63 18.01
C ARG JA 127 0.10 -140.91 19.08
N SER KA 1 -11.66 -138.68 20.69
CA SER KA 1 -11.65 -137.53 21.57
C SER KA 1 -12.86 -137.56 22.51
N LYS KA 2 -13.77 -136.60 22.35
CA LYS KA 2 -15.02 -136.60 23.08
C LYS KA 2 -16.09 -137.23 22.20
N THR KA 3 -16.67 -138.33 22.67
CA THR KA 3 -17.68 -139.08 21.92
C THR KA 3 -19.05 -138.91 22.56
N ILE KA 4 -20.07 -138.77 21.73
CA ILE KA 4 -21.45 -138.64 22.16
C ILE KA 4 -22.27 -139.69 21.45
N VAL KA 5 -22.98 -140.53 22.23
CA VAL KA 5 -23.79 -141.61 21.69
C VAL KA 5 -25.25 -141.20 21.74
N LEU KA 6 -25.93 -141.25 20.60
CA LEU KA 6 -27.33 -140.91 20.49
C LEU KA 6 -28.12 -142.12 20.03
N SER KA 7 -29.19 -142.45 20.76
CA SER KA 7 -30.02 -143.61 20.45
C SER KA 7 -31.26 -143.14 19.70
N VAL KA 8 -31.41 -143.62 18.46
CA VAL KA 8 -32.57 -143.26 17.64
C VAL KA 8 -33.71 -144.26 17.78
N GLY KA 9 -33.47 -145.42 18.38
CA GLY KA 9 -34.51 -146.42 18.52
C GLY KA 9 -34.03 -147.82 18.16
N GLU KA 10 -33.37 -147.93 17.00
CA GLU KA 10 -32.82 -149.19 16.55
C GLU KA 10 -31.31 -149.15 16.29
N ALA KA 11 -30.73 -147.97 16.07
CA ALA KA 11 -29.30 -147.82 15.85
C ALA KA 11 -28.77 -146.72 16.75
N THR KA 12 -27.45 -146.70 16.89
CA THR KA 12 -26.76 -145.72 17.75
C THR KA 12 -25.80 -144.92 16.88
N ARG KA 13 -25.94 -143.60 16.93
CA ARG KA 13 -25.07 -142.68 16.21
C ARG KA 13 -24.00 -142.12 17.13
N THR KA 14 -22.82 -141.87 16.58
CA THR KA 14 -21.67 -141.41 17.35
C THR KA 14 -21.20 -140.07 16.78
N LEU KA 15 -21.14 -139.06 17.64
CA LEU KA 15 -20.61 -137.74 17.29
C LEU KA 15 -19.26 -137.55 17.97
N THR KA 16 -18.29 -137.04 17.22
CA THR KA 16 -16.93 -136.88 17.70
C THR KA 16 -16.56 -135.41 17.74
N GLU KA 17 -15.86 -135.02 18.81
CA GLU KA 17 -15.36 -133.65 18.93
C GLU KA 17 -14.27 -133.40 17.89
N ILE KA 18 -14.35 -132.28 17.17
CA ILE KA 18 -13.38 -131.98 16.13
C ILE KA 18 -12.65 -130.67 16.36
N GLN KA 19 -13.36 -129.62 16.79
CA GLN KA 19 -12.74 -128.30 16.96
C GLN KA 19 -12.89 -127.90 18.43
N SER KA 20 -12.00 -128.42 19.27
CA SER KA 20 -12.06 -128.19 20.71
C SER KA 20 -11.57 -126.77 21.01
N THR KA 21 -12.51 -125.87 21.33
CA THR KA 21 -12.20 -124.51 21.72
C THR KA 21 -13.22 -124.05 22.74
N ALA KA 22 -12.82 -123.11 23.60
CA ALA KA 22 -13.69 -122.66 24.68
C ALA KA 22 -14.90 -121.92 24.14
N ASP KA 23 -14.68 -120.89 23.31
CA ASP KA 23 -15.76 -120.06 22.81
C ASP KA 23 -16.54 -120.70 21.66
N ARG KA 24 -16.10 -121.87 21.16
CA ARG KA 24 -16.79 -122.52 20.06
C ARG KA 24 -16.41 -124.00 20.06
N GLN KA 25 -17.37 -124.86 20.40
CA GLN KA 25 -17.18 -126.30 20.37
C GLN KA 25 -17.95 -126.87 19.19
N ILE KA 26 -17.25 -127.58 18.32
CA ILE KA 26 -17.82 -128.12 17.08
C ILE KA 26 -17.77 -129.63 17.15
N PHE KA 27 -18.93 -130.27 17.26
CA PHE KA 27 -19.05 -131.72 17.24
C PHE KA 27 -19.55 -132.16 15.87
N GLU KA 28 -18.93 -133.20 15.33
CA GLU KA 28 -19.29 -133.74 14.02
C GLU KA 28 -19.62 -135.22 14.16
N GLU KA 29 -20.63 -135.66 13.42
CA GLU KA 29 -21.01 -137.07 13.42
C GLU KA 29 -20.16 -137.84 12.41
N LYS KA 30 -19.66 -138.99 12.83
CA LYS KA 30 -18.81 -139.84 12.00
C LYS KA 30 -19.60 -141.10 11.64
N VAL KA 31 -20.04 -141.19 10.39
CA VAL KA 31 -20.76 -142.35 9.89
C VAL KA 31 -20.16 -142.77 8.56
N GLY KA 32 -20.08 -141.83 7.62
CA GLY KA 32 -19.51 -142.09 6.31
C GLY KA 32 -18.91 -140.85 5.70
N PRO KA 33 -19.66 -140.20 4.81
CA PRO KA 33 -19.16 -138.95 4.21
C PRO KA 33 -19.16 -137.82 5.23
N LEU KA 34 -17.98 -137.24 5.45
CA LEU KA 34 -17.87 -136.18 6.46
C LEU KA 34 -18.54 -134.89 5.99
N VAL KA 35 -18.50 -134.60 4.68
CA VAL KA 35 -19.14 -133.41 4.16
C VAL KA 35 -20.65 -133.63 4.10
N GLY KA 36 -21.41 -132.62 4.52
CA GLY KA 36 -22.85 -132.72 4.54
C GLY KA 36 -23.37 -133.74 5.53
N ARG KA 37 -22.98 -133.59 6.79
CA ARG KA 37 -23.41 -134.53 7.83
C ARG KA 37 -24.05 -133.78 8.99
N LEU KA 38 -23.96 -134.35 10.19
CA LEU KA 38 -24.54 -133.75 11.39
C LEU KA 38 -23.47 -132.98 12.15
N ARG KA 39 -23.72 -131.69 12.38
CA ARG KA 39 -22.79 -130.84 13.10
C ARG KA 39 -23.53 -130.11 14.22
N LEU KA 40 -22.78 -129.82 15.29
CA LEU KA 40 -23.33 -129.17 16.47
C LEU KA 40 -22.34 -128.12 16.95
N THR KA 41 -22.83 -126.89 17.12
CA THR KA 41 -22.02 -125.76 17.57
C THR KA 41 -22.51 -125.33 18.95
N ALA KA 42 -21.59 -125.29 19.91
CA ALA KA 42 -21.88 -124.89 21.28
C ALA KA 42 -21.03 -123.70 21.66
N SER KA 43 -21.64 -122.74 22.37
CA SER KA 43 -20.92 -121.54 22.80
C SER KA 43 -21.44 -121.13 24.17
N LEU KA 44 -20.52 -120.66 25.02
CA LEU KA 44 -20.84 -120.19 26.36
C LEU KA 44 -20.09 -118.89 26.61
N ARG KA 45 -20.79 -117.91 27.18
CA ARG KA 45 -20.21 -116.59 27.42
C ARG KA 45 -20.93 -115.94 28.59
N GLN KA 46 -20.55 -114.70 28.88
CA GLN KA 46 -21.15 -113.88 29.91
C GLN KA 46 -21.98 -112.78 29.26
N ASN KA 47 -22.31 -111.73 30.04
CA ASN KA 47 -23.12 -110.64 29.54
C ASN KA 47 -23.05 -109.46 30.50
N GLY KA 48 -23.14 -108.25 29.95
CA GLY KA 48 -23.17 -107.04 30.74
C GLY KA 48 -22.02 -106.85 31.69
N ALA KA 49 -22.32 -106.79 32.99
CA ALA KA 49 -21.30 -106.62 34.02
C ALA KA 49 -21.32 -107.82 34.97
N LYS KA 50 -20.97 -108.99 34.46
CA LYS KA 50 -20.85 -110.22 35.25
C LYS KA 50 -22.19 -110.68 35.84
N THR KA 51 -23.31 -110.27 35.26
CA THR KA 51 -24.63 -110.55 35.84
C THR KA 51 -25.07 -111.97 35.53
N ALA KA 52 -25.51 -112.20 34.30
CA ALA KA 52 -25.98 -113.53 33.89
C ALA KA 52 -25.01 -114.17 32.92
N TYR KA 53 -25.49 -115.13 32.13
CA TYR KA 53 -24.66 -115.82 31.15
C TYR KA 53 -25.46 -115.98 29.85
N ARG KA 54 -24.79 -116.52 28.84
CA ARG KA 54 -25.41 -116.74 27.54
C ARG KA 54 -24.88 -118.03 26.95
N VAL KA 55 -25.79 -118.95 26.63
CA VAL KA 55 -25.43 -120.24 26.04
C VAL KA 55 -26.14 -120.35 24.69
N ASN KA 56 -25.38 -120.75 23.68
CA ASN KA 56 -25.90 -120.92 22.33
C ASN KA 56 -25.63 -122.34 21.86
N LEU KA 57 -26.67 -122.99 21.32
CA LEU KA 57 -26.58 -124.36 20.83
C LEU KA 57 -27.27 -124.44 19.48
N LYS KA 58 -26.50 -124.76 18.44
CA LYS KA 58 -27.02 -124.88 17.09
C LYS KA 58 -26.75 -126.28 16.56
N LEU KA 59 -27.70 -126.82 15.82
CA LEU KA 59 -27.59 -128.17 15.25
C LEU KA 59 -27.95 -128.11 13.78
N ASP KA 60 -27.00 -128.47 12.91
CA ASP KA 60 -27.19 -128.41 11.48
C ASP KA 60 -27.00 -129.80 10.87
N GLN KA 61 -27.74 -130.04 9.78
CA GLN KA 61 -27.65 -131.31 9.06
C GLN KA 61 -28.12 -131.10 7.64
N ALA KA 62 -27.21 -131.20 6.68
CA ALA KA 62 -27.51 -131.00 5.28
C ALA KA 62 -27.52 -132.34 4.55
N ASP KA 63 -28.60 -132.60 3.82
CA ASP KA 63 -28.73 -133.83 3.07
C ASP KA 63 -27.86 -133.79 1.82
N VAL KA 64 -27.41 -134.98 1.38
CA VAL KA 64 -26.54 -135.11 0.23
C VAL KA 64 -27.21 -136.04 -0.78
N VAL KA 65 -26.81 -135.90 -2.04
CA VAL KA 65 -27.32 -136.73 -3.12
C VAL KA 65 -26.14 -137.14 -4.00
N ASP KA 66 -26.29 -138.28 -4.68
CA ASP KA 66 -25.24 -138.83 -5.52
C ASP KA 66 -25.87 -139.60 -6.67
N CYS KA 67 -25.24 -139.52 -7.83
CA CYS KA 67 -25.71 -140.21 -9.03
C CYS KA 67 -24.73 -141.22 -9.58
N SER KA 68 -23.68 -141.57 -8.84
CA SER KA 68 -22.69 -142.53 -9.34
C SER KA 68 -23.26 -143.93 -9.44
N THR KA 69 -24.42 -144.20 -8.84
CA THR KA 69 -25.02 -145.53 -8.92
C THR KA 69 -25.58 -145.81 -10.31
N SER KA 70 -26.09 -144.78 -11.00
CA SER KA 70 -26.66 -144.96 -12.32
C SER KA 70 -25.95 -144.09 -13.34
N VAL KA 71 -25.90 -142.78 -13.08
CA VAL KA 71 -25.26 -141.83 -13.99
C VAL KA 71 -23.75 -142.03 -13.90
N CYS KA 72 -23.07 -141.84 -15.03
CA CYS KA 72 -21.63 -141.98 -15.24
C CYS KA 72 -20.77 -141.26 -14.21
N GLY KA 73 -21.23 -140.10 -13.77
CA GLY KA 73 -20.35 -139.06 -13.26
C GLY KA 73 -21.07 -137.94 -12.54
N GLU KA 74 -21.07 -137.97 -11.20
CA GLU KA 74 -21.67 -136.92 -10.40
C GLU KA 74 -21.14 -137.05 -8.98
N LEU KA 75 -20.45 -136.02 -8.52
CA LEU KA 75 -19.92 -136.02 -7.16
C LEU KA 75 -21.04 -135.82 -6.15
N PRO KA 76 -20.86 -136.29 -4.92
CA PRO KA 76 -21.88 -136.06 -3.88
C PRO KA 76 -22.11 -134.57 -3.66
N LYS KA 77 -23.35 -134.13 -3.90
CA LYS KA 77 -23.72 -132.74 -3.84
C LYS KA 77 -24.75 -132.51 -2.74
N VAL KA 78 -24.56 -131.44 -1.97
CA VAL KA 78 -25.51 -131.11 -0.91
C VAL KA 78 -26.79 -130.53 -1.52
N ARG KA 79 -27.90 -130.71 -0.81
CA ARG KA 79 -29.18 -130.23 -1.28
C ARG KA 79 -29.60 -129.05 -0.42
N TYR KA 80 -30.39 -129.25 0.63
CA TYR KA 80 -30.85 -128.18 1.49
C TYR KA 80 -30.05 -128.16 2.79
N THR KA 81 -30.26 -127.09 3.56
CA THR KA 81 -29.58 -126.91 4.84
C THR KA 81 -30.60 -126.52 5.89
N GLN KA 82 -30.52 -127.14 7.07
CA GLN KA 82 -31.42 -126.87 8.17
C GLN KA 82 -30.64 -126.30 9.34
N VAL KA 83 -31.18 -125.23 9.93
CA VAL KA 83 -30.54 -124.54 11.05
C VAL KA 83 -31.51 -124.52 12.22
N TRP KA 84 -31.06 -125.02 13.38
CA TRP KA 84 -31.86 -125.06 14.61
C TRP KA 84 -30.98 -124.55 15.74
N SER KA 85 -31.01 -123.23 15.96
CA SER KA 85 -30.21 -122.60 17.01
C SER KA 85 -31.02 -122.48 18.29
N HIS KA 86 -30.31 -122.15 19.37
CA HIS KA 86 -30.92 -121.99 20.68
C HIS KA 86 -30.35 -120.75 21.36
N ASP KA 87 -30.91 -120.41 22.52
CA ASP KA 87 -30.46 -119.26 23.29
C ASP KA 87 -30.87 -119.46 24.73
N VAL KA 88 -29.88 -119.60 25.62
CA VAL KA 88 -30.11 -119.82 27.04
C VAL KA 88 -29.59 -118.61 27.80
N THR KA 89 -30.49 -117.90 28.49
CA THR KA 89 -30.13 -116.73 29.29
C THR KA 89 -30.60 -117.00 30.72
N ILE KA 90 -29.76 -117.71 31.48
CA ILE KA 90 -30.06 -118.06 32.86
C ILE KA 90 -29.05 -117.36 33.76
N VAL KA 91 -29.54 -116.63 34.75
CA VAL KA 91 -28.67 -115.92 35.67
C VAL KA 91 -28.03 -116.91 36.64
N ALA KA 92 -26.88 -116.53 37.20
CA ALA KA 92 -26.17 -117.40 38.12
C ALA KA 92 -26.93 -117.57 39.42
N ASN KA 93 -27.22 -116.46 40.11
CA ASN KA 93 -27.94 -116.49 41.38
C ASN KA 93 -29.42 -116.73 41.09
N SER KA 94 -29.75 -118.02 40.88
CA SER KA 94 -31.12 -118.41 40.60
C SER KA 94 -31.60 -119.43 41.63
N THR KA 95 -32.26 -120.48 41.17
CA THR KA 95 -32.78 -121.53 42.04
C THR KA 95 -32.62 -122.88 41.36
N GLU KA 96 -32.02 -123.84 42.07
CA GLU KA 96 -31.83 -125.16 41.50
C GLU KA 96 -33.16 -125.86 41.24
N ALA KA 97 -34.10 -125.74 42.18
CA ALA KA 97 -35.41 -126.36 42.00
C ALA KA 97 -36.15 -125.73 40.82
N SER KA 98 -36.08 -124.41 40.69
CA SER KA 98 -36.73 -123.74 39.57
C SER KA 98 -36.09 -124.15 38.24
N ARG KA 99 -34.76 -124.27 38.20
CA ARG KA 99 -34.09 -124.70 36.98
C ARG KA 99 -34.48 -126.13 36.62
N LYS KA 100 -34.57 -127.01 37.62
CA LYS KA 100 -34.97 -128.38 37.37
C LYS KA 100 -36.41 -128.45 36.86
N SER KA 101 -37.30 -127.65 37.45
CA SER KA 101 -38.69 -127.63 36.98
C SER KA 101 -38.78 -127.10 35.56
N LEU KA 102 -37.99 -126.07 35.24
CA LEU KA 102 -38.00 -125.54 33.88
C LEU KA 102 -37.46 -126.56 32.89
N TYR KA 103 -36.41 -127.28 33.26
CA TYR KA 103 -35.87 -128.31 32.38
C TYR KA 103 -36.87 -129.44 32.17
N ASP KA 104 -37.59 -129.83 33.23
CA ASP KA 104 -38.60 -130.87 33.10
C ASP KA 104 -39.75 -130.41 32.21
N LEU KA 105 -40.16 -129.14 32.35
CA LEU KA 105 -41.22 -128.61 31.49
C LEU KA 105 -40.78 -128.57 30.03
N THR KA 106 -39.52 -128.17 29.79
CA THR KA 106 -39.01 -128.15 28.42
C THR KA 106 -38.95 -129.56 27.84
N LYS KA 107 -38.51 -130.53 28.65
CA LYS KA 107 -38.45 -131.91 28.17
C LYS KA 107 -39.85 -132.44 27.86
N SER KA 108 -40.83 -132.10 28.70
CA SER KA 108 -42.20 -132.54 28.44
C SER KA 108 -42.75 -131.90 27.17
N LEU KA 109 -42.50 -130.60 26.98
CA LEU KA 109 -42.97 -129.93 25.78
C LEU KA 109 -42.28 -130.48 24.52
N VAL KA 110 -41.03 -130.92 24.64
CA VAL KA 110 -40.34 -131.51 23.50
C VAL KA 110 -40.89 -132.89 23.19
N ALA KA 111 -41.12 -133.70 24.23
CA ALA KA 111 -41.58 -135.07 24.05
C ALA KA 111 -43.08 -135.16 23.77
N THR KA 112 -43.82 -134.07 23.91
CA THR KA 112 -45.25 -134.11 23.63
C THR KA 112 -45.51 -134.33 22.14
N SER KA 113 -46.74 -134.72 21.82
CA SER KA 113 -47.13 -135.03 20.45
C SER KA 113 -47.54 -133.79 19.66
N GLN KA 114 -47.74 -132.65 20.33
CA GLN KA 114 -48.14 -131.43 19.64
C GLN KA 114 -47.00 -130.83 18.81
N VAL KA 115 -45.79 -130.78 19.38
CA VAL KA 115 -44.65 -130.24 18.64
C VAL KA 115 -44.30 -131.16 17.48
N GLU KA 116 -44.46 -132.47 17.65
CA GLU KA 116 -44.20 -133.40 16.55
C GLU KA 116 -45.16 -133.15 15.39
N ASP KA 117 -46.44 -132.92 15.69
CA ASP KA 117 -47.40 -132.62 14.63
C ASP KA 117 -47.11 -131.27 13.99
N LEU KA 118 -46.73 -130.28 14.81
CA LEU KA 118 -46.36 -128.97 14.27
C LEU KA 118 -45.16 -129.08 13.33
N VAL KA 119 -44.23 -129.98 13.63
CA VAL KA 119 -43.05 -130.14 12.78
C VAL KA 119 -43.40 -130.88 11.50
N VAL KA 120 -44.16 -131.98 11.62
CA VAL KA 120 -44.46 -132.84 10.48
C VAL KA 120 -45.51 -132.20 9.60
N ASN KA 121 -46.75 -132.12 10.10
CA ASN KA 121 -47.88 -131.65 9.31
C ASN KA 121 -47.94 -130.15 9.16
N LEU KA 122 -46.99 -129.41 9.75
CA LEU KA 122 -46.95 -127.95 9.67
C LEU KA 122 -48.23 -127.30 10.18
N VAL KA 123 -48.91 -127.96 11.10
CA VAL KA 123 -50.14 -127.44 11.69
C VAL KA 123 -49.79 -126.62 12.92
N PRO KA 124 -50.33 -125.40 13.07
CA PRO KA 124 -49.98 -124.58 14.24
C PRO KA 124 -50.34 -125.28 15.54
N LEU KA 125 -49.50 -125.06 16.55
CA LEU KA 125 -49.66 -125.70 17.85
C LEU KA 125 -50.93 -125.19 18.52
N GLY KA 126 -51.86 -126.09 18.81
CA GLY KA 126 -53.11 -125.71 19.46
C GLY KA 126 -54.08 -126.87 19.57
N ARG KA 127 -53.79 -127.80 20.48
CA ARG KA 127 -54.66 -128.96 20.70
C ARG KA 127 -55.34 -128.89 22.06
N SER LA 1 -60.09 -126.16 11.34
CA SER LA 1 -60.53 -124.79 11.51
C SER LA 1 -61.79 -124.53 10.68
N LYS LA 2 -61.68 -123.67 9.66
CA LYS LA 2 -62.77 -123.45 8.73
C LYS LA 2 -62.54 -124.34 7.51
N THR LA 3 -63.48 -125.22 7.23
CA THR LA 3 -63.38 -126.18 6.13
C THR LA 3 -64.37 -125.82 5.04
N ILE LA 4 -63.94 -125.96 3.79
CA ILE LA 4 -64.76 -125.69 2.62
C ILE LA 4 -64.72 -126.93 1.74
N VAL LA 5 -65.90 -127.47 1.42
CA VAL LA 5 -66.02 -128.67 0.61
C VAL LA 5 -66.45 -128.27 -0.80
N LEU LA 6 -65.67 -128.68 -1.80
CA LEU LA 6 -65.97 -128.39 -3.19
C LEU LA 6 -66.18 -129.70 -3.95
N SER LA 7 -67.30 -129.79 -4.67
CA SER LA 7 -67.65 -130.99 -5.42
C SER LA 7 -67.27 -130.79 -6.88
N VAL LA 8 -66.36 -131.63 -7.39
CA VAL LA 8 -65.93 -131.55 -8.77
C VAL LA 8 -66.74 -132.46 -9.70
N GLY LA 9 -67.53 -133.37 -9.14
CA GLY LA 9 -68.31 -134.28 -9.95
C GLY LA 9 -68.22 -135.71 -9.46
N GLU LA 10 -67.00 -136.18 -9.21
CA GLU LA 10 -66.78 -137.53 -8.69
C GLU LA 10 -66.01 -137.56 -7.37
N ALA LA 11 -65.27 -136.50 -7.03
CA ALA LA 11 -64.53 -136.42 -5.78
C ALA LA 11 -64.84 -135.10 -5.10
N THR LA 12 -64.50 -135.03 -3.82
CA THR LA 12 -64.73 -133.84 -3.01
C THR LA 12 -63.40 -133.33 -2.48
N ARG LA 13 -63.10 -132.06 -2.74
CA ARG LA 13 -61.89 -131.42 -2.26
C ARG LA 13 -62.19 -130.59 -1.02
N THR LA 14 -61.20 -130.52 -0.11
CA THR LA 14 -61.35 -129.84 1.16
C THR LA 14 -60.30 -128.74 1.27
N LEU LA 15 -60.75 -127.51 1.48
CA LEU LA 15 -59.87 -126.37 1.72
C LEU LA 15 -59.95 -125.98 3.19
N THR LA 16 -58.80 -125.72 3.79
CA THR LA 16 -58.71 -125.42 5.21
C THR LA 16 -58.19 -123.99 5.41
N GLU LA 17 -58.78 -123.28 6.37
CA GLU LA 17 -58.32 -121.95 6.72
C GLU LA 17 -56.94 -122.04 7.38
N ILE LA 18 -56.00 -121.21 6.95
CA ILE LA 18 -54.64 -121.25 7.49
C ILE LA 18 -54.23 -119.92 8.10
N GLN LA 19 -54.54 -118.80 7.46
CA GLN LA 19 -54.09 -117.49 7.94
C GLN LA 19 -55.33 -116.64 8.24
N SER LA 20 -55.92 -116.87 9.40
CA SER LA 20 -57.16 -116.19 9.79
C SER LA 20 -56.84 -114.75 10.19
N THR LA 21 -57.19 -113.81 9.31
CA THR LA 21 -57.03 -112.38 9.59
C THR LA 21 -58.15 -111.64 8.90
N ALA LA 22 -58.51 -110.47 9.46
CA ALA LA 22 -59.63 -109.70 8.94
C ALA LA 22 -59.35 -109.18 7.54
N ASP LA 23 -58.25 -108.47 7.37
CA ASP LA 23 -57.93 -107.84 6.10
C ASP LA 23 -57.35 -108.82 5.07
N ARG LA 24 -57.10 -110.07 5.44
CA ARG LA 24 -56.55 -111.04 4.51
C ARG LA 24 -56.86 -112.44 5.03
N GLN LA 25 -57.73 -113.15 4.33
CA GLN LA 25 -58.07 -114.53 4.67
C GLN LA 25 -57.46 -115.45 3.62
N ILE LA 26 -56.64 -116.39 4.07
CA ILE LA 26 -55.89 -117.29 3.19
C ILE LA 26 -56.38 -118.71 3.44
N PHE LA 27 -57.07 -119.28 2.45
CA PHE LA 27 -57.51 -120.66 2.50
C PHE LA 27 -56.59 -121.52 1.63
N GLU LA 28 -56.21 -122.67 2.15
CA GLU LA 28 -55.32 -123.60 1.45
C GLU LA 28 -55.99 -124.96 1.35
N GLU LA 29 -55.82 -125.62 0.21
CA GLU LA 29 -56.35 -126.96 0.01
C GLU LA 29 -55.39 -128.00 0.57
N LYS LA 30 -55.93 -128.96 1.30
CA LYS LA 30 -55.14 -130.03 1.92
C LYS LA 30 -55.46 -131.33 1.21
N VAL LA 31 -54.52 -131.80 0.39
CA VAL LA 31 -54.68 -133.07 -0.31
C VAL LA 31 -53.39 -133.89 -0.14
N GLY LA 32 -52.26 -133.29 -0.47
CA GLY LA 32 -50.99 -133.94 -0.34
C GLY LA 32 -49.86 -132.96 -0.10
N PRO LA 33 -49.13 -132.62 -1.18
CA PRO LA 33 -48.06 -131.62 -1.05
C PRO LA 33 -48.64 -130.23 -0.84
N LEU LA 34 -48.26 -129.60 0.27
CA LEU LA 34 -48.80 -128.28 0.59
C LEU LA 34 -48.24 -127.22 -0.34
N VAL LA 35 -46.98 -127.35 -0.75
CA VAL LA 35 -46.39 -126.38 -1.66
C VAL LA 35 -46.92 -126.61 -3.07
N GLY LA 36 -47.26 -125.52 -3.77
CA GLY LA 36 -47.80 -125.62 -5.10
C GLY LA 36 -49.16 -126.28 -5.15
N ARG LA 37 -50.11 -125.75 -4.39
CA ARG LA 37 -51.45 -126.31 -4.35
C ARG LA 37 -52.50 -125.24 -4.66
N LEU LA 38 -53.70 -125.39 -4.11
CA LEU LA 38 -54.79 -124.45 -4.34
C LEU LA 38 -54.87 -123.47 -3.17
N ARG LA 39 -54.78 -122.18 -3.47
CA ARG LA 39 -54.85 -121.14 -2.47
C ARG LA 39 -55.89 -120.11 -2.87
N LEU LA 40 -56.51 -119.49 -1.86
CA LEU LA 40 -57.55 -118.51 -2.06
C LEU LA 40 -57.33 -117.34 -1.09
N THR LA 41 -57.29 -116.13 -1.63
CA THR LA 41 -57.08 -114.92 -0.86
C THR LA 41 -58.36 -114.08 -0.91
N ALA LA 42 -58.89 -113.74 0.27
CA ALA LA 42 -60.09 -112.93 0.39
C ALA LA 42 -59.78 -111.66 1.18
N SER LA 43 -60.34 -110.54 0.73
CA SER LA 43 -60.13 -109.27 1.40
C SER LA 43 -61.41 -108.44 1.33
N LEU LA 44 -61.70 -107.73 2.42
CA LEU LA 44 -62.87 -106.86 2.50
C LEU LA 44 -62.46 -105.55 3.14
N ARG LA 45 -62.93 -104.44 2.56
CA ARG LA 45 -62.54 -103.11 3.03
C ARG LA 45 -63.65 -102.13 2.66
N GLN LA 46 -63.41 -100.85 2.97
CA GLN LA 46 -64.30 -99.75 2.66
C GLN LA 46 -63.68 -98.91 1.54
N ASN LA 47 -64.18 -97.68 1.38
CA ASN LA 47 -63.69 -96.81 0.32
C ASN LA 47 -64.19 -95.38 0.57
N GLY LA 48 -63.37 -94.41 0.18
CA GLY LA 48 -63.72 -93.00 0.26
C GLY LA 48 -64.11 -92.53 1.64
N ALA LA 49 -65.36 -92.07 1.77
CA ALA LA 49 -65.88 -91.57 3.03
C ALA LA 49 -67.08 -92.41 3.46
N LYS LA 50 -66.85 -93.69 3.76
CA LYS LA 50 -67.88 -94.60 4.26
C LYS LA 50 -69.01 -94.86 3.25
N THR LA 51 -68.75 -94.65 1.96
CA THR LA 51 -69.80 -94.74 0.95
C THR LA 51 -70.10 -96.19 0.60
N ALA LA 52 -69.22 -96.81 -0.19
CA ALA LA 52 -69.41 -98.19 -0.62
C ALA LA 52 -68.39 -99.11 0.06
N TYR LA 53 -68.13 -100.26 -0.55
CA TYR LA 53 -67.18 -101.22 -0.02
C TYR LA 53 -66.35 -101.78 -1.17
N ARG LA 54 -65.37 -102.62 -0.82
CA ARG LA 54 -64.49 -103.23 -1.79
C ARG LA 54 -64.15 -104.65 -1.34
N VAL LA 55 -64.45 -105.62 -2.20
CA VAL LA 55 -64.19 -107.03 -1.92
C VAL LA 55 -63.27 -107.56 -3.00
N ASN LA 56 -62.22 -108.26 -2.57
CA ASN LA 56 -61.24 -108.85 -3.49
C ASN LA 56 -61.14 -110.34 -3.23
N LEU LA 57 -61.22 -111.12 -4.30
CA LEU LA 57 -61.15 -112.58 -4.23
C LEU LA 57 -60.20 -113.08 -5.30
N LYS LA 58 -59.10 -113.70 -4.89
CA LYS LA 58 -58.11 -114.26 -5.80
C LYS LA 58 -57.97 -115.75 -5.56
N LEU LA 59 -57.79 -116.50 -6.64
CA LEU LA 59 -57.64 -117.95 -6.57
C LEU LA 59 -56.42 -118.35 -7.39
N ASP LA 60 -55.44 -118.97 -6.74
CA ASP LA 60 -54.20 -119.37 -7.39
C ASP LA 60 -54.01 -120.87 -7.26
N GLN LA 61 -53.37 -121.46 -8.28
CA GLN LA 61 -53.07 -122.89 -8.28
C GLN LA 61 -51.90 -123.12 -9.22
N ALA LA 62 -50.76 -123.53 -8.66
CA ALA LA 62 -49.55 -123.78 -9.42
C ALA LA 62 -49.30 -125.28 -9.52
N ASP LA 63 -49.09 -125.76 -10.75
CA ASP LA 63 -48.83 -127.16 -10.98
C ASP LA 63 -47.40 -127.52 -10.56
N VAL LA 64 -47.22 -128.76 -10.16
CA VAL LA 64 -45.92 -129.26 -9.71
C VAL LA 64 -45.53 -130.46 -10.55
N VAL LA 65 -44.22 -130.72 -10.61
CA VAL LA 65 -43.67 -131.86 -11.34
C VAL LA 65 -42.61 -132.52 -10.48
N ASP LA 66 -42.40 -133.81 -10.71
CA ASP LA 66 -41.44 -134.59 -9.94
C ASP LA 66 -40.86 -135.69 -10.83
N CYS LA 67 -39.57 -135.98 -10.61
CA CYS LA 67 -38.88 -137.01 -11.37
C CYS LA 67 -38.34 -138.14 -10.52
N SER LA 68 -38.75 -138.23 -9.25
CA SER LA 68 -38.24 -139.29 -8.38
C SER LA 68 -38.77 -140.67 -8.78
N THR LA 69 -39.77 -140.72 -9.66
CA THR LA 69 -40.30 -142.02 -10.08
C THR LA 69 -39.34 -142.73 -11.03
N SER LA 70 -38.61 -141.97 -11.85
CA SER LA 70 -37.67 -142.56 -12.80
C SER LA 70 -36.25 -142.04 -12.57
N VAL LA 71 -36.09 -140.73 -12.58
CA VAL LA 71 -34.78 -140.11 -12.38
C VAL LA 71 -34.39 -140.26 -10.92
N CYS LA 72 -33.09 -140.45 -10.67
CA CYS LA 72 -32.44 -140.62 -9.38
C CYS LA 72 -32.85 -139.61 -8.31
N GLY LA 73 -33.07 -138.37 -8.72
CA GLY LA 73 -32.92 -137.22 -7.85
C GLY LA 73 -33.48 -135.93 -8.41
N GLU LA 74 -34.69 -135.55 -7.96
CA GLU LA 74 -35.30 -134.30 -8.40
C GLU LA 74 -36.42 -133.97 -7.42
N LEU LA 75 -36.29 -132.84 -6.73
CA LEU LA 75 -37.32 -132.42 -5.79
C LEU LA 75 -38.55 -131.92 -6.54
N PRO LA 76 -39.72 -131.97 -5.92
CA PRO LA 76 -40.94 -131.43 -6.56
C PRO LA 76 -40.77 -129.95 -6.87
N LYS LA 77 -40.86 -129.62 -8.16
CA LYS LA 77 -40.62 -128.27 -8.65
C LYS LA 77 -41.89 -127.72 -9.28
N VAL LA 78 -42.20 -126.46 -8.96
CA VAL LA 78 -43.38 -125.82 -9.55
C VAL LA 78 -43.11 -125.47 -11.00
N ARG LA 79 -44.18 -125.41 -11.80
CA ARG LA 79 -44.05 -125.12 -13.22
C ARG LA 79 -44.62 -123.73 -13.46
N TYR LA 80 -45.88 -123.59 -13.84
CA TYR LA 80 -46.49 -122.30 -14.12
C TYR LA 80 -47.37 -121.88 -12.95
N THR LA 81 -47.82 -120.62 -13.00
CA THR LA 81 -48.67 -120.04 -11.97
C THR LA 81 -49.84 -119.34 -12.64
N GLN LA 82 -51.04 -119.56 -12.10
CA GLN LA 82 -52.27 -118.96 -12.62
C GLN LA 82 -52.87 -118.04 -11.57
N VAL LA 83 -53.28 -116.85 -12.00
CA VAL LA 83 -53.85 -115.84 -11.12
C VAL LA 83 -55.21 -115.47 -11.65
N TRP LA 84 -56.24 -115.57 -10.79
CA TRP LA 84 -57.61 -115.22 -11.13
C TRP LA 84 -58.17 -114.37 -9.99
N SER LA 85 -58.01 -113.07 -10.09
CA SER LA 85 -58.47 -112.13 -9.08
C SER LA 85 -59.87 -111.61 -9.43
N HIS LA 86 -60.49 -110.95 -8.45
CA HIS LA 86 -61.82 -110.40 -8.62
C HIS LA 86 -61.86 -109.00 -8.00
N ASP LA 87 -62.99 -108.32 -8.18
CA ASP LA 87 -63.17 -106.98 -7.65
C ASP LA 87 -64.66 -106.72 -7.53
N VAL LA 88 -65.16 -106.57 -6.30
CA VAL LA 88 -66.57 -106.33 -6.03
C VAL LA 88 -66.71 -104.94 -5.42
N THR LA 89 -67.43 -104.07 -6.11
CA THR LA 89 -67.67 -102.69 -5.67
C THR LA 89 -69.19 -102.50 -5.59
N ILE LA 90 -69.79 -102.94 -4.49
CA ILE LA 90 -71.22 -102.83 -4.27
C ILE LA 90 -71.47 -101.89 -3.11
N VAL LA 91 -72.31 -100.87 -3.33
CA VAL LA 91 -72.63 -99.92 -2.29
C VAL LA 91 -73.56 -100.55 -1.27
N ALA LA 92 -73.55 -100.00 -0.05
CA ALA LA 92 -74.38 -100.55 1.02
C ALA LA 92 -75.86 -100.29 0.74
N ASN LA 93 -76.24 -99.03 0.58
CA ASN LA 93 -77.63 -98.66 0.31
C ASN LA 93 -77.95 -98.99 -1.14
N SER LA 94 -78.26 -100.27 -1.38
CA SER LA 94 -78.60 -100.74 -2.71
C SER LA 94 -79.98 -101.38 -2.72
N THR LA 95 -80.10 -102.54 -3.36
CA THR LA 95 -81.37 -103.25 -3.45
C THR LA 95 -81.10 -104.74 -3.38
N GLU LA 96 -81.80 -105.43 -2.48
CA GLU LA 96 -81.61 -106.87 -2.32
C GLU LA 96 -82.05 -107.62 -3.57
N ALA LA 97 -83.18 -107.20 -4.17
CA ALA LA 97 -83.65 -107.86 -5.39
C ALA LA 97 -82.67 -107.64 -6.54
N SER LA 98 -82.15 -106.42 -6.66
CA SER LA 98 -81.17 -106.15 -7.72
C SER LA 98 -79.89 -106.95 -7.51
N ARG LA 99 -79.43 -107.07 -6.26
CA ARG LA 99 -78.24 -107.85 -5.98
C ARG LA 99 -78.47 -109.32 -6.29
N LYS LA 100 -79.65 -109.85 -5.96
CA LYS LA 100 -79.96 -111.24 -6.26
C LYS LA 100 -80.03 -111.47 -7.77
N SER LA 101 -80.63 -110.53 -8.51
CA SER LA 101 -80.68 -110.65 -9.96
C SER LA 101 -79.29 -110.60 -10.57
N LEU LA 102 -78.42 -109.72 -10.05
CA LEU LA 102 -77.06 -109.64 -10.56
C LEU LA 102 -76.29 -110.93 -10.26
N TYR LA 103 -76.47 -111.49 -9.07
CA TYR LA 103 -75.80 -112.74 -8.74
C TYR LA 103 -76.30 -113.88 -9.62
N ASP LA 104 -77.60 -113.92 -9.90
CA ASP LA 104 -78.14 -114.94 -10.78
C ASP LA 104 -77.60 -114.79 -12.20
N LEU LA 105 -77.51 -113.56 -12.69
CA LEU LA 105 -76.95 -113.32 -14.02
C LEU LA 105 -75.48 -113.74 -14.08
N THR LA 106 -74.71 -113.44 -13.03
CA THR LA 106 -73.32 -113.84 -13.00
C THR LA 106 -73.18 -115.36 -12.97
N LYS LA 107 -74.04 -116.03 -12.19
CA LYS LA 107 -74.01 -117.48 -12.13
C LYS LA 107 -74.35 -118.10 -13.48
N SER LA 108 -75.34 -117.52 -14.18
CA SER LA 108 -75.71 -118.02 -15.48
C SER LA 108 -74.59 -117.82 -16.50
N LEU LA 109 -73.95 -116.64 -16.47
CA LEU LA 109 -72.84 -116.38 -17.38
C LEU LA 109 -71.65 -117.29 -17.08
N VAL LA 110 -71.45 -117.67 -15.82
CA VAL LA 110 -70.37 -118.58 -15.48
C VAL LA 110 -70.69 -119.99 -15.93
N ALA LA 111 -71.94 -120.44 -15.72
CA ALA LA 111 -72.34 -121.79 -16.06
C ALA LA 111 -72.62 -121.98 -17.55
N THR LA 112 -72.69 -120.91 -18.33
CA THR LA 112 -72.94 -121.04 -19.76
C THR LA 112 -71.77 -121.72 -20.45
N SER LA 113 -72.02 -122.19 -21.67
CA SER LA 113 -71.03 -122.91 -22.45
C SER LA 113 -70.11 -121.99 -23.24
N GLN LA 114 -70.42 -120.69 -23.32
CA GLN LA 114 -69.59 -119.75 -24.06
C GLN LA 114 -68.29 -119.43 -23.33
N VAL LA 115 -68.37 -119.20 -22.02
CA VAL LA 115 -67.15 -118.93 -21.26
C VAL LA 115 -66.26 -120.16 -21.20
N GLU LA 116 -66.85 -121.36 -21.13
CA GLU LA 116 -66.05 -122.58 -21.15
C GLU LA 116 -65.28 -122.71 -22.45
N ASP LA 117 -65.93 -122.41 -23.59
CA ASP LA 117 -65.23 -122.45 -24.86
C ASP LA 117 -64.15 -121.37 -24.95
N LEU LA 118 -64.47 -120.17 -24.44
CA LEU LA 118 -63.47 -119.10 -24.41
C LEU LA 118 -62.26 -119.49 -23.59
N VAL LA 119 -62.45 -120.25 -22.51
CA VAL LA 119 -61.34 -120.66 -21.67
C VAL LA 119 -60.54 -121.78 -22.33
N VAL LA 120 -61.23 -122.78 -22.87
CA VAL LA 120 -60.57 -123.96 -23.43
C VAL LA 120 -59.96 -123.63 -24.79
N ASN LA 121 -60.81 -123.40 -25.79
CA ASN LA 121 -60.35 -123.21 -27.16
C ASN LA 121 -59.80 -121.83 -27.44
N LEU LA 122 -59.79 -120.94 -26.43
CA LEU LA 122 -59.27 -119.58 -26.58
C LEU LA 122 -59.97 -118.80 -27.70
N VAL LA 123 -61.23 -119.15 -27.96
CA VAL LA 123 -62.02 -118.48 -28.98
C VAL LA 123 -62.75 -117.30 -28.34
N PRO LA 124 -62.72 -116.11 -28.94
CA PRO LA 124 -63.40 -114.96 -28.32
C PRO LA 124 -64.88 -115.21 -28.15
N LEU LA 125 -65.44 -114.68 -27.05
CA LEU LA 125 -66.84 -114.89 -26.72
C LEU LA 125 -67.72 -114.19 -27.75
N GLY LA 126 -68.57 -114.96 -28.43
CA GLY LA 126 -69.46 -114.41 -29.43
C GLY LA 126 -70.24 -115.47 -30.17
N ARG LA 127 -71.22 -116.07 -29.50
CA ARG LA 127 -72.05 -117.10 -30.12
C ARG LA 127 -73.48 -116.61 -30.31
N SER MA 1 91.74 -83.82 -65.88
CA SER MA 1 90.91 -82.68 -66.26
C SER MA 1 91.76 -81.63 -66.97
N LYS MA 2 91.91 -80.46 -66.35
CA LYS MA 2 92.81 -79.43 -66.86
C LYS MA 2 94.14 -79.56 -66.15
N THR MA 3 95.20 -79.80 -66.91
CA THR MA 3 96.54 -80.00 -66.37
C THR MA 3 97.43 -78.82 -66.72
N ILE MA 4 98.26 -78.41 -65.75
CA ILE MA 4 99.20 -77.31 -65.93
C ILE MA 4 100.59 -77.83 -65.57
N VAL MA 5 101.53 -77.70 -66.49
CA VAL MA 5 102.90 -78.17 -66.29
C VAL MA 5 103.79 -76.98 -65.99
N LEU MA 6 104.51 -77.03 -64.88
CA LEU MA 6 105.42 -75.97 -64.46
C LEU MA 6 106.83 -76.53 -64.38
N SER MA 7 107.77 -75.85 -65.03
CA SER MA 7 109.17 -76.27 -65.08
C SER MA 7 109.96 -75.47 -64.04
N VAL MA 8 110.53 -76.18 -63.07
CA VAL MA 8 111.33 -75.52 -62.03
C VAL MA 8 112.81 -75.48 -62.38
N GLY MA 9 113.25 -76.23 -63.39
CA GLY MA 9 114.65 -76.26 -63.76
C GLY MA 9 115.16 -77.66 -64.00
N GLU MA 10 114.87 -78.57 -63.07
CA GLU MA 10 115.25 -79.96 -63.20
C GLU MA 10 114.08 -80.94 -63.14
N ALA MA 11 112.94 -80.54 -62.58
CA ALA MA 11 111.76 -81.38 -62.50
C ALA MA 11 110.55 -80.59 -63.00
N THR MA 12 109.48 -81.32 -63.29
CA THR MA 12 108.25 -80.74 -63.80
C THR MA 12 107.11 -81.06 -62.84
N ARG MA 13 106.41 -80.03 -62.37
CA ARG MA 13 105.28 -80.19 -61.48
C ARG MA 13 103.98 -80.09 -62.27
N THR MA 14 102.98 -80.84 -61.82
CA THR MA 14 101.69 -80.93 -62.50
C THR MA 14 100.59 -80.48 -61.55
N LEU MA 15 99.82 -79.48 -61.97
CA LEU MA 15 98.65 -79.00 -61.22
C LEU MA 15 97.38 -79.43 -61.96
N THR MA 16 96.42 -79.94 -61.21
CA THR MA 16 95.18 -80.47 -61.78
C THR MA 16 93.99 -79.64 -61.31
N GLU MA 17 93.07 -79.39 -62.24
CA GLU MA 17 91.84 -78.69 -61.91
C GLU MA 17 90.96 -79.55 -61.01
N ILE MA 18 90.45 -78.99 -59.92
CA ILE MA 18 89.64 -79.75 -58.98
C ILE MA 18 88.24 -79.18 -58.80
N GLN MA 19 88.10 -77.85 -58.71
CA GLN MA 19 86.81 -77.23 -58.46
C GLN MA 19 86.48 -76.32 -59.64
N SER MA 20 85.99 -76.91 -60.73
CA SER MA 20 85.70 -76.17 -61.95
C SER MA 20 84.42 -75.36 -61.76
N THR MA 21 84.58 -74.05 -61.60
CA THR MA 21 83.45 -73.13 -61.50
C THR MA 21 83.85 -71.80 -62.13
N ALA MA 22 82.84 -71.08 -62.62
CA ALA MA 22 83.11 -69.83 -63.33
C ALA MA 22 83.69 -68.77 -62.39
N ASP MA 23 83.00 -68.50 -61.28
CA ASP MA 23 83.42 -67.43 -60.37
C ASP MA 23 84.56 -67.85 -59.46
N ARG MA 24 84.99 -69.11 -59.49
CA ARG MA 24 86.08 -69.57 -58.62
C ARG MA 24 86.67 -70.84 -59.24
N GLN MA 25 87.90 -70.73 -59.73
CA GLN MA 25 88.63 -71.87 -60.27
C GLN MA 25 89.74 -72.25 -59.29
N ILE MA 26 89.73 -73.50 -58.84
CA ILE MA 26 90.67 -73.99 -57.83
C ILE MA 26 91.53 -75.06 -58.47
N PHE MA 27 92.81 -74.76 -58.66
CA PHE MA 27 93.79 -75.72 -59.15
C PHE MA 27 94.63 -76.24 -57.99
N GLU MA 28 94.84 -77.55 -57.97
CA GLU MA 28 95.62 -78.20 -56.92
C GLU MA 28 96.75 -78.99 -57.55
N GLU MA 29 97.91 -78.96 -56.90
CA GLU MA 29 99.07 -79.72 -57.37
C GLU MA 29 98.99 -81.15 -56.85
N LYS MA 30 99.24 -82.12 -57.73
CA LYS MA 30 99.21 -83.53 -57.39
C LYS MA 30 100.63 -84.08 -57.42
N VAL MA 31 101.19 -84.34 -56.24
CA VAL MA 31 102.53 -84.91 -56.12
C VAL MA 31 102.48 -86.06 -55.13
N GLY MA 32 101.97 -85.80 -53.93
CA GLY MA 32 101.86 -86.80 -52.91
C GLY MA 32 100.72 -86.53 -51.96
N PRO MA 33 101.03 -85.94 -50.80
CA PRO MA 33 99.97 -85.58 -49.84
C PRO MA 33 99.15 -84.41 -50.37
N LEU MA 34 97.84 -84.63 -50.51
CA LEU MA 34 96.98 -83.58 -51.05
C LEU MA 34 96.79 -82.44 -50.06
N VAL MA 35 96.75 -82.75 -48.76
CA VAL MA 35 96.60 -81.71 -47.75
C VAL MA 35 97.93 -80.98 -47.58
N GLY MA 36 97.86 -79.65 -47.50
CA GLY MA 36 99.06 -78.85 -47.35
C GLY MA 36 99.95 -78.88 -48.57
N ARG MA 37 99.38 -78.55 -49.73
CA ARG MA 37 100.15 -78.56 -50.98
C ARG MA 37 100.06 -77.21 -51.68
N LEU MA 38 100.16 -77.21 -53.01
CA LEU MA 38 100.10 -76.00 -53.81
C LEU MA 38 98.69 -75.83 -54.36
N ARG MA 39 98.07 -74.68 -54.06
CA ARG MA 39 96.73 -74.38 -54.53
C ARG MA 39 96.72 -73.01 -55.20
N LEU MA 40 95.83 -72.86 -56.17
CA LEU MA 40 95.70 -71.62 -56.93
C LEU MA 40 94.23 -71.30 -57.11
N THR MA 41 93.84 -70.08 -56.76
CA THR MA 41 92.47 -69.61 -56.86
C THR MA 41 92.41 -68.50 -57.90
N ALA MA 42 91.54 -68.67 -58.89
CA ALA MA 42 91.35 -67.70 -59.96
C ALA MA 42 89.90 -67.23 -59.98
N SER MA 43 89.71 -65.93 -60.20
CA SER MA 43 88.37 -65.36 -60.23
C SER MA 43 88.34 -64.25 -61.28
N LEU MA 44 87.22 -64.16 -62.00
CA LEU MA 44 87.01 -63.14 -63.01
C LEU MA 44 85.61 -62.58 -62.86
N ARG MA 45 85.48 -61.26 -62.94
CA ARG MA 45 84.21 -60.58 -62.74
C ARG MA 45 84.22 -59.25 -63.48
N GLN MA 46 83.13 -58.51 -63.34
CA GLN MA 46 82.97 -57.18 -63.90
C GLN MA 46 83.04 -56.14 -62.78
N ASN MA 47 82.56 -54.93 -63.07
CA ASN MA 47 82.60 -53.85 -62.09
C ASN MA 47 81.72 -52.70 -62.55
N GLY MA 48 81.12 -52.00 -61.59
CA GLY MA 48 80.32 -50.83 -61.85
C GLY MA 48 79.16 -51.05 -62.81
N ALA MA 49 79.20 -50.34 -63.94
CA ALA MA 49 78.15 -50.45 -64.96
C ALA MA 49 78.77 -50.92 -66.27
N LYS MA 50 79.28 -52.17 -66.29
CA LYS MA 50 79.82 -52.80 -67.49
C LYS MA 50 81.06 -52.09 -68.03
N THR MA 51 81.77 -51.34 -67.18
CA THR MA 51 82.90 -50.52 -67.66
C THR MA 51 84.15 -51.39 -67.84
N ALA MA 52 84.81 -51.74 -66.74
CA ALA MA 52 86.03 -52.54 -66.79
C ALA MA 52 85.78 -53.94 -66.26
N TYR MA 53 86.84 -54.62 -65.83
CA TYR MA 53 86.74 -55.97 -65.29
C TYR MA 53 87.63 -56.08 -64.06
N ARG MA 54 87.57 -57.24 -63.41
CA ARG MA 54 88.36 -57.50 -62.22
C ARG MA 54 88.80 -58.94 -62.22
N VAL MA 55 90.11 -59.17 -62.16
CA VAL MA 55 90.70 -60.50 -62.14
C VAL MA 55 91.50 -60.65 -60.85
N ASN MA 56 91.28 -61.78 -60.17
CA ASN MA 56 91.97 -62.08 -58.92
C ASN MA 56 92.67 -63.42 -59.05
N LEU MA 57 93.95 -63.44 -58.66
CA LEU MA 57 94.77 -64.65 -58.73
C LEU MA 57 95.53 -64.79 -57.43
N LYS MA 58 95.26 -65.86 -56.69
CA LYS MA 58 95.93 -66.14 -55.42
C LYS MA 58 96.63 -67.48 -55.49
N LEU MA 59 97.81 -67.57 -54.89
CA LEU MA 59 98.61 -68.79 -54.88
C LEU MA 59 99.03 -69.08 -53.45
N ASP MA 60 98.63 -70.23 -52.92
CA ASP MA 60 98.93 -70.62 -51.55
C ASP MA 60 99.71 -71.92 -51.54
N GLN MA 61 100.58 -72.06 -50.53
CA GLN MA 61 101.38 -73.28 -50.36
C GLN MA 61 101.80 -73.36 -48.91
N ALA MA 62 101.27 -74.35 -48.19
CA ALA MA 62 101.56 -74.54 -46.77
C ALA MA 62 102.49 -75.74 -46.61
N ASP MA 63 103.59 -75.54 -45.88
CA ASP MA 63 104.54 -76.62 -45.63
C ASP MA 63 103.99 -77.58 -44.58
N VAL MA 64 104.40 -78.84 -44.69
CA VAL MA 64 103.96 -79.90 -43.78
C VAL MA 64 105.19 -80.52 -43.12
N VAL MA 65 104.95 -81.13 -41.96
CA VAL MA 65 105.99 -81.81 -41.21
C VAL MA 65 105.44 -83.13 -40.71
N ASP MA 66 106.33 -84.10 -40.49
CA ASP MA 66 105.96 -85.43 -40.06
C ASP MA 66 107.07 -86.02 -39.21
N CYS MA 67 106.67 -86.79 -38.20
CA CYS MA 67 107.62 -87.42 -37.28
C CYS MA 67 107.53 -88.94 -37.28
N SER MA 68 106.83 -89.54 -38.23
CA SER MA 68 106.69 -90.99 -38.25
C SER MA 68 108.00 -91.69 -38.61
N THR MA 69 108.99 -90.94 -39.10
CA THR MA 69 110.27 -91.56 -39.44
C THR MA 69 111.07 -91.92 -38.20
N SER MA 70 110.94 -91.15 -37.12
CA SER MA 70 111.67 -91.41 -35.89
C SER MA 70 110.72 -91.61 -34.73
N VAL MA 71 109.86 -90.62 -34.49
CA VAL MA 71 108.90 -90.69 -33.38
C VAL MA 71 107.82 -91.70 -33.74
N CYS MA 72 107.32 -92.40 -32.72
CA CYS MA 72 106.31 -93.46 -32.78
C CYS MA 72 105.06 -93.08 -33.57
N GLY MA 73 104.65 -91.82 -33.47
CA GLY MA 73 103.27 -91.43 -33.68
C GLY MA 73 103.06 -89.93 -33.83
N GLU MA 74 102.90 -89.47 -35.06
CA GLU MA 74 102.64 -88.06 -35.34
C GLU MA 74 102.11 -87.94 -36.75
N LEU MA 75 100.88 -87.46 -36.89
CA LEU MA 75 100.29 -87.29 -38.20
C LEU MA 75 100.92 -86.09 -38.91
N PRO MA 76 100.90 -86.07 -40.24
CA PRO MA 76 101.41 -84.91 -40.98
C PRO MA 76 100.67 -83.64 -40.59
N LYS MA 77 101.41 -82.67 -40.06
CA LYS MA 77 100.85 -81.43 -39.53
C LYS MA 77 101.38 -80.25 -40.33
N VAL MA 78 100.48 -79.33 -40.67
CA VAL MA 78 100.88 -78.13 -41.40
C VAL MA 78 101.62 -77.18 -40.45
N ARG MA 79 102.50 -76.36 -41.03
CA ARG MA 79 103.29 -75.43 -40.24
C ARG MA 79 102.79 -74.02 -40.54
N TYR MA 80 103.39 -73.30 -41.47
CA TYR MA 80 102.99 -71.93 -41.81
C TYR MA 80 102.18 -71.92 -43.09
N THR MA 81 101.59 -70.77 -43.38
CA THR MA 81 100.79 -70.57 -44.58
C THR MA 81 101.21 -69.28 -45.27
N GLN MA 82 101.37 -69.34 -46.59
CA GLN MA 82 101.77 -68.19 -47.39
C GLN MA 82 100.65 -67.83 -48.34
N VAL MA 83 100.35 -66.53 -48.44
CA VAL MA 83 99.28 -66.01 -49.29
C VAL MA 83 99.88 -64.98 -50.22
N TRP MA 84 99.67 -65.17 -51.53
CA TRP MA 84 100.16 -64.26 -52.56
C TRP MA 84 99.01 -64.01 -53.54
N SER MA 85 98.21 -62.99 -53.26
CA SER MA 85 97.07 -62.63 -54.08
C SER MA 85 97.46 -61.59 -55.12
N HIS MA 86 96.56 -61.37 -56.08
CA HIS MA 86 96.77 -60.41 -57.15
C HIS MA 86 95.49 -59.63 -57.37
N ASP MA 87 95.57 -58.62 -58.25
CA ASP MA 87 94.41 -57.80 -58.58
C ASP MA 87 94.66 -57.15 -59.93
N VAL MA 88 93.85 -57.52 -60.92
CA VAL MA 88 93.98 -57.00 -62.28
C VAL MA 88 92.73 -56.19 -62.61
N THR MA 89 92.93 -54.90 -62.86
CA THR MA 89 91.83 -53.98 -63.20
C THR MA 89 92.16 -53.36 -64.56
N ILE MA 90 91.85 -54.09 -65.63
CA ILE MA 90 92.10 -53.64 -66.99
C ILE MA 90 90.76 -53.43 -67.69
N VAL MA 91 90.59 -52.24 -68.26
CA VAL MA 91 89.35 -51.93 -68.97
C VAL MA 91 89.32 -52.66 -70.31
N ALA MA 92 88.11 -52.88 -70.83
CA ALA MA 92 87.96 -53.59 -72.09
C ALA MA 92 88.49 -52.75 -73.26
N ASN MA 93 87.94 -51.55 -73.43
CA ASN MA 93 88.37 -50.66 -74.51
C ASN MA 93 89.72 -50.05 -74.15
N SER MA 94 90.78 -50.82 -74.39
CA SER MA 94 92.14 -50.37 -74.10
C SER MA 94 92.99 -50.41 -75.35
N THR MA 95 94.22 -50.93 -75.23
CA THR MA 95 95.13 -51.04 -76.37
C THR MA 95 95.91 -52.33 -76.25
N GLU MA 96 95.93 -53.11 -77.34
CA GLU MA 96 96.65 -54.38 -77.32
C GLU MA 96 98.15 -54.16 -77.19
N ALA MA 97 98.69 -53.15 -77.87
CA ALA MA 97 100.12 -52.86 -77.76
C ALA MA 97 100.48 -52.41 -76.35
N SER MA 98 99.64 -51.56 -75.75
CA SER MA 98 99.89 -51.12 -74.38
C SER MA 98 99.81 -52.28 -73.40
N ARG MA 99 98.85 -53.18 -73.59
CA ARG MA 99 98.74 -54.35 -72.72
C ARG MA 99 99.95 -55.25 -72.86
N LYS MA 100 100.43 -55.44 -74.10
CA LYS MA 100 101.61 -56.27 -74.31
C LYS MA 100 102.85 -55.64 -73.69
N SER MA 101 103.00 -54.32 -73.82
CA SER MA 101 104.13 -53.64 -73.19
C SER MA 101 104.06 -53.73 -71.68
N LEU MA 102 102.87 -53.60 -71.11
CA LEU MA 102 102.73 -53.72 -69.66
C LEU MA 102 103.05 -55.14 -69.19
N TYR MA 103 102.61 -56.15 -69.94
CA TYR MA 103 102.93 -57.53 -69.59
C TYR MA 103 104.43 -57.79 -69.68
N ASP MA 104 105.08 -57.25 -70.72
CA ASP MA 104 106.53 -57.41 -70.84
C ASP MA 104 107.26 -56.72 -69.70
N LEU MA 105 106.81 -55.52 -69.30
CA LEU MA 105 107.44 -54.83 -68.18
C LEU MA 105 107.25 -55.61 -66.88
N THR MA 106 106.06 -56.18 -66.67
CA THR MA 106 105.83 -56.98 -65.48
C THR MA 106 106.70 -58.23 -65.47
N LYS MA 107 106.84 -58.88 -66.64
CA LYS MA 107 107.69 -60.06 -66.73
C LYS MA 107 109.15 -59.71 -66.44
N SER MA 108 109.61 -58.57 -66.96
CA SER MA 108 110.98 -58.14 -66.70
C SER MA 108 111.19 -57.83 -65.23
N LEU MA 109 110.24 -57.14 -64.61
CA LEU MA 109 110.35 -56.83 -63.18
C LEU MA 109 110.32 -58.09 -62.32
N VAL MA 110 109.59 -59.11 -62.77
CA VAL MA 110 109.55 -60.37 -62.02
C VAL MA 110 110.86 -61.13 -62.19
N ALA MA 111 111.39 -61.17 -63.41
CA ALA MA 111 112.61 -61.92 -63.69
C ALA MA 111 113.88 -61.18 -63.27
N THR MA 112 113.78 -59.91 -62.90
CA THR MA 112 114.97 -59.19 -62.47
C THR MA 112 115.50 -59.74 -61.15
N SER MA 113 116.74 -59.38 -60.84
CA SER MA 113 117.41 -59.87 -59.64
C SER MA 113 117.10 -59.05 -58.40
N GLN MA 114 116.47 -57.88 -58.55
CA GLN MA 114 116.14 -57.03 -57.42
C GLN MA 114 114.99 -57.60 -56.59
N VAL MA 115 113.93 -58.08 -57.25
CA VAL MA 115 112.82 -58.67 -56.52
C VAL MA 115 113.24 -59.97 -55.84
N GLU MA 116 114.14 -60.73 -56.47
CA GLU MA 116 114.64 -61.95 -55.82
C GLU MA 116 115.40 -61.62 -54.54
N ASP MA 117 116.23 -60.58 -54.57
CA ASP MA 117 116.94 -60.17 -53.36
C ASP MA 117 115.97 -59.63 -52.32
N LEU MA 118 114.97 -58.86 -52.74
CA LEU MA 118 113.96 -58.37 -51.81
C LEU MA 118 113.21 -59.52 -51.14
N VAL MA 119 112.98 -60.60 -51.86
CA VAL MA 119 112.26 -61.75 -51.30
C VAL MA 119 113.16 -62.54 -50.36
N VAL MA 120 114.39 -62.80 -50.78
CA VAL MA 120 115.30 -63.66 -50.01
C VAL MA 120 115.87 -62.88 -48.82
N ASN MA 121 116.72 -61.90 -49.10
CA ASN MA 121 117.44 -61.18 -48.04
C ASN MA 121 116.58 -60.13 -47.34
N LEU MA 122 115.32 -59.97 -47.74
CA LEU MA 122 114.40 -59.00 -47.12
C LEU MA 122 114.95 -57.58 -47.18
N VAL MA 123 115.77 -57.28 -48.18
CA VAL MA 123 116.35 -55.95 -48.37
C VAL MA 123 115.41 -55.14 -49.24
N PRO MA 124 115.08 -53.90 -48.86
CA PRO MA 124 114.15 -53.09 -49.67
C PRO MA 124 114.69 -52.89 -51.08
N LEU MA 125 113.76 -52.86 -52.04
CA LEU MA 125 114.11 -52.74 -53.45
C LEU MA 125 114.70 -51.36 -53.72
N GLY MA 126 115.94 -51.33 -54.18
CA GLY MA 126 116.60 -50.07 -54.48
C GLY MA 126 118.05 -50.25 -54.89
N ARG MA 127 118.27 -50.74 -56.10
CA ARG MA 127 119.62 -50.95 -56.61
C ARG MA 127 119.93 -49.99 -57.75
N SER NA 1 123.61 -49.26 -46.27
CA SER NA 1 123.11 -47.94 -45.86
C SER NA 1 124.06 -47.32 -44.84
N LYS NA 2 123.58 -47.15 -43.61
CA LYS NA 2 124.43 -46.69 -42.51
C LYS NA 2 124.91 -47.91 -41.75
N THR NA 3 126.23 -48.08 -41.69
CA THR NA 3 126.86 -49.23 -41.04
C THR NA 3 127.57 -48.79 -39.77
N ILE NA 4 127.46 -49.62 -38.72
CA ILE NA 4 128.10 -49.37 -37.44
C ILE NA 4 128.91 -50.60 -37.09
N VAL NA 5 130.21 -50.41 -36.84
CA VAL NA 5 131.12 -51.50 -36.51
C VAL NA 5 131.39 -51.46 -35.02
N LEU NA 6 131.15 -52.60 -34.36
CA LEU NA 6 131.38 -52.74 -32.92
C LEU NA 6 132.42 -53.82 -32.68
N SER NA 7 133.44 -53.49 -31.90
CA SER NA 7 134.54 -54.41 -31.59
C SER NA 7 134.29 -55.04 -30.23
N VAL NA 8 134.13 -56.36 -30.20
CA VAL NA 8 133.92 -57.08 -28.95
C VAL NA 8 135.21 -57.58 -28.32
N GLY NA 9 136.32 -57.56 -29.06
CA GLY NA 9 137.59 -58.05 -28.54
C GLY NA 9 138.31 -58.94 -29.54
N GLU NA 10 137.59 -59.91 -30.11
CA GLU NA 10 138.15 -60.81 -31.10
C GLU NA 10 137.40 -60.79 -32.43
N ALA NA 11 136.14 -60.35 -32.45
CA ALA NA 11 135.36 -60.28 -33.68
C ALA NA 11 134.72 -58.90 -33.77
N THR NA 12 134.25 -58.57 -34.97
CA THR NA 12 133.63 -57.28 -35.25
C THR NA 12 132.21 -57.51 -35.74
N ARG NA 13 131.24 -56.88 -35.07
CA ARG NA 13 129.84 -56.97 -35.44
C ARG NA 13 129.43 -55.75 -36.23
N THR NA 14 128.50 -55.95 -37.17
CA THR NA 14 128.05 -54.90 -38.07
C THR NA 14 126.55 -54.71 -37.92
N LEU NA 15 126.14 -53.48 -37.60
CA LEU NA 15 124.74 -53.10 -37.52
C LEU NA 15 124.39 -52.22 -38.71
N THR NA 16 123.24 -52.51 -39.34
CA THR NA 16 122.82 -51.81 -40.54
C THR NA 16 121.53 -51.04 -40.28
N GLU NA 17 121.46 -49.83 -40.81
CA GLU NA 17 120.25 -49.02 -40.71
C GLU NA 17 119.13 -49.64 -41.54
N ILE NA 18 117.94 -49.78 -40.96
CA ILE NA 18 116.83 -50.41 -41.64
C ILE NA 18 115.62 -49.50 -41.79
N GLN NA 19 115.28 -48.74 -40.74
CA GLN NA 19 114.08 -47.89 -40.77
C GLN NA 19 114.52 -46.45 -40.56
N SER NA 20 114.99 -45.82 -41.63
CA SER NA 20 115.51 -44.45 -41.58
C SER NA 20 114.36 -43.47 -41.46
N THR NA 21 114.17 -42.92 -40.26
CA THR NA 21 113.16 -41.90 -40.01
C THR NA 21 113.69 -40.95 -38.95
N ALA NA 22 113.20 -39.71 -39.00
CA ALA NA 22 113.70 -38.68 -38.09
C ALA NA 22 113.34 -38.98 -36.64
N ASP NA 23 112.06 -39.21 -36.37
CA ASP NA 23 111.58 -39.43 -35.00
C ASP NA 23 111.83 -40.83 -34.49
N ARG NA 24 112.34 -41.75 -35.34
CA ARG NA 24 112.59 -43.12 -34.90
C ARG NA 24 113.62 -43.74 -35.87
N GLN NA 25 114.82 -43.98 -35.36
CA GLN NA 25 115.87 -44.64 -36.13
C GLN NA 25 116.06 -46.04 -35.59
N ILE NA 26 115.92 -47.04 -36.46
CA ILE NA 26 115.97 -48.45 -36.08
C ILE NA 26 117.19 -49.08 -36.76
N PHE NA 27 118.19 -49.43 -35.96
CA PHE NA 27 119.36 -50.14 -36.46
C PHE NA 27 119.24 -51.62 -36.10
N GLU NA 28 119.57 -52.49 -37.06
CA GLU NA 28 119.51 -53.93 -36.87
C GLU NA 28 120.86 -54.54 -37.18
N GLU NA 29 121.26 -55.53 -36.40
CA GLU NA 29 122.51 -56.24 -36.63
C GLU NA 29 122.30 -57.35 -37.66
N LYS NA 30 123.21 -57.44 -38.62
CA LYS NA 30 123.16 -58.44 -39.68
C LYS NA 30 124.28 -59.45 -39.46
N VAL NA 31 123.91 -60.64 -39.01
CA VAL NA 31 124.88 -61.73 -38.81
C VAL NA 31 124.33 -63.00 -39.45
N GLY NA 32 123.11 -63.37 -39.06
CA GLY NA 32 122.48 -64.56 -39.60
C GLY NA 32 120.97 -64.44 -39.60
N PRO NA 33 120.32 -65.02 -38.59
CA PRO NA 33 118.86 -64.90 -38.48
C PRO NA 33 118.46 -63.48 -38.09
N LEU NA 34 117.65 -62.85 -38.94
CA LEU NA 34 117.25 -61.47 -38.67
C LEU NA 34 116.28 -61.39 -37.50
N VAL NA 35 115.41 -62.39 -37.34
CA VAL NA 35 114.47 -62.39 -36.22
C VAL NA 35 115.21 -62.76 -34.94
N GLY NA 36 114.91 -62.04 -33.86
CA GLY NA 36 115.56 -62.29 -32.59
C GLY NA 36 117.03 -61.96 -32.60
N ARG NA 37 117.38 -60.73 -32.99
CA ARG NA 37 118.77 -60.31 -33.04
C ARG NA 37 119.00 -59.05 -32.22
N LEU NA 38 119.97 -58.24 -32.62
CA LEU NA 38 120.31 -57.00 -31.92
C LEU NA 38 119.64 -55.84 -32.63
N ARG NA 39 118.84 -55.07 -31.89
CA ARG NA 39 118.15 -53.90 -32.43
C ARG NA 39 118.40 -52.70 -31.54
N LEU NA 40 118.40 -51.53 -32.16
CA LEU NA 40 118.66 -50.27 -31.48
C LEU NA 40 117.68 -49.22 -31.96
N THR NA 41 116.99 -48.58 -31.03
CA THR NA 41 115.99 -47.55 -31.32
C THR NA 41 116.51 -46.22 -30.80
N ALA NA 42 116.58 -45.22 -31.68
CA ALA NA 42 117.03 -43.88 -31.34
C ALA NA 42 115.94 -42.87 -31.65
N SER NA 43 115.76 -41.90 -30.75
CA SER NA 43 114.76 -40.86 -30.92
C SER NA 43 115.29 -39.55 -30.37
N LEU NA 44 114.96 -38.46 -31.08
CA LEU NA 44 115.35 -37.12 -30.68
C LEU NA 44 114.17 -36.19 -30.84
N ARG NA 45 113.95 -35.34 -29.84
CA ARG NA 45 112.80 -34.45 -29.83
C ARG NA 45 113.11 -33.22 -28.99
N GLN NA 46 112.13 -32.34 -28.84
CA GLN NA 46 112.22 -31.14 -28.02
C GLN NA 46 111.36 -31.32 -26.77
N ASN NA 47 111.04 -30.21 -26.10
CA ASN NA 47 110.26 -30.27 -24.87
C ASN NA 47 109.77 -28.88 -24.51
N GLY NA 48 108.59 -28.82 -23.90
CA GLY NA 48 108.02 -27.57 -23.41
C GLY NA 48 107.88 -26.48 -24.46
N ALA NA 49 108.57 -25.37 -24.24
CA ALA NA 49 108.53 -24.23 -25.16
C ALA NA 49 109.93 -23.95 -25.70
N LYS NA 50 110.48 -24.89 -26.47
CA LYS NA 50 111.78 -24.74 -27.13
C LYS NA 50 112.95 -24.62 -26.15
N THR NA 51 112.78 -25.12 -24.91
CA THR NA 51 113.79 -24.92 -23.88
C THR NA 51 114.94 -25.92 -24.05
N ALA NA 52 114.71 -27.18 -23.65
CA ALA NA 52 115.73 -28.20 -23.75
C ALA NA 52 115.40 -29.22 -24.84
N TYR NA 53 115.95 -30.41 -24.74
CA TYR NA 53 115.70 -31.47 -25.70
C TYR NA 53 115.53 -32.79 -24.97
N ARG NA 54 115.21 -33.84 -25.73
CA ARG NA 54 114.99 -35.16 -25.17
C ARG NA 54 115.52 -36.20 -26.16
N VAL NA 55 116.44 -37.03 -25.68
CA VAL NA 55 117.03 -38.09 -26.49
C VAL NA 55 116.76 -39.42 -25.82
N ASN NA 56 116.30 -40.39 -26.61
CA ASN NA 56 115.98 -41.72 -26.11
C ASN NA 56 116.76 -42.75 -26.91
N LEU NA 57 117.43 -43.67 -26.20
CA LEU NA 57 118.23 -44.71 -26.82
C LEU NA 57 117.92 -46.03 -26.14
N LYS NA 58 117.37 -46.98 -26.90
CA LYS NA 58 117.02 -48.30 -26.38
C LYS NA 58 117.76 -49.36 -27.18
N LEU NA 59 118.22 -50.41 -26.48
CA LEU NA 59 118.95 -51.50 -27.11
C LEU NA 59 118.33 -52.82 -26.65
N ASP NA 60 117.84 -53.60 -27.61
CA ASP NA 60 117.18 -54.86 -27.33
C ASP NA 60 117.91 -56.00 -28.03
N GLN NA 61 117.87 -57.17 -27.39
CA GLN NA 61 118.49 -58.38 -27.95
C GLN NA 61 117.82 -59.59 -27.34
N ALA NA 62 117.10 -60.35 -28.15
CA ALA NA 62 116.38 -61.54 -27.70
C ALA NA 62 117.09 -62.78 -28.19
N ASP NA 63 117.36 -63.70 -27.26
CA ASP NA 63 118.02 -64.95 -27.61
C ASP NA 63 117.05 -65.90 -28.31
N VAL NA 64 117.60 -66.75 -29.18
CA VAL NA 64 116.81 -67.70 -29.94
C VAL NA 64 117.32 -69.11 -29.65
N VAL NA 65 116.46 -70.08 -29.88
CA VAL NA 65 116.79 -71.50 -29.69
C VAL NA 65 116.23 -72.28 -30.87
N ASP NA 66 116.87 -73.41 -31.16
CA ASP NA 66 116.48 -74.25 -32.28
C ASP NA 66 116.79 -75.71 -31.95
N CYS NA 67 115.92 -76.60 -32.43
CA CYS NA 67 116.07 -78.03 -32.19
C CYS NA 67 116.22 -78.84 -33.47
N SER NA 68 116.44 -78.20 -34.62
CA SER NA 68 116.57 -78.93 -35.88
C SER NA 68 117.85 -79.75 -35.93
N THR NA 69 118.79 -79.51 -35.03
CA THR NA 69 120.03 -80.29 -35.04
C THR NA 69 119.81 -81.71 -34.54
N SER NA 70 118.87 -81.91 -33.61
CA SER NA 70 118.60 -83.24 -33.08
C SER NA 70 117.15 -83.62 -33.29
N VAL NA 71 116.23 -82.79 -32.82
CA VAL NA 71 114.80 -83.05 -32.96
C VAL NA 71 114.41 -82.85 -34.42
N CYS NA 72 113.45 -83.66 -34.89
CA CYS NA 72 112.92 -83.68 -36.25
C CYS NA 72 112.50 -82.32 -36.79
N GLY NA 73 111.96 -81.48 -35.92
CA GLY NA 73 111.05 -80.42 -36.31
C GLY NA 73 110.79 -79.38 -35.25
N GLU NA 74 111.46 -78.23 -35.36
CA GLU NA 74 111.26 -77.13 -34.42
C GLU NA 74 111.82 -75.86 -35.04
N LEU NA 75 110.96 -74.88 -35.29
CA LEU NA 75 111.41 -73.63 -35.86
C LEU NA 75 112.17 -72.80 -34.81
N PRO NA 76 113.06 -71.92 -35.26
CA PRO NA 76 113.77 -71.05 -34.30
C PRO NA 76 112.79 -70.21 -33.49
N LYS NA 77 112.83 -70.40 -32.18
CA LYS NA 77 111.89 -69.76 -31.27
C LYS NA 77 112.65 -68.84 -30.30
N VAL NA 78 112.11 -67.64 -30.09
CA VAL NA 78 112.72 -66.70 -29.16
C VAL NA 78 112.47 -67.16 -27.73
N ARG NA 79 113.39 -66.78 -26.83
CA ARG NA 79 113.29 -67.16 -25.44
C ARG NA 79 112.94 -65.92 -24.63
N TYR NA 80 113.90 -65.21 -24.06
CA TYR NA 80 113.65 -64.03 -23.25
C TYR NA 80 113.95 -62.77 -24.06
N THR NA 81 113.55 -61.63 -23.48
CA THR NA 81 113.76 -60.33 -24.10
C THR NA 81 114.36 -59.38 -23.08
N GLN NA 82 115.37 -58.63 -23.49
CA GLN NA 82 116.04 -57.67 -22.63
C GLN NA 82 115.84 -56.26 -23.18
N VAL NA 83 115.51 -55.33 -22.29
CA VAL NA 83 115.24 -53.94 -22.65
C VAL NA 83 116.17 -53.05 -21.84
N TRP NA 84 116.94 -52.20 -22.54
CA TRP NA 84 117.86 -51.26 -21.91
C TRP NA 84 117.66 -49.90 -22.58
N SER NA 85 116.75 -49.10 -22.01
CA SER NA 85 116.44 -47.78 -22.54
C SER NA 85 117.28 -46.72 -21.84
N HIS NA 86 117.26 -45.52 -22.42
CA HIS NA 86 118.00 -44.39 -21.88
C HIS NA 86 117.12 -43.15 -21.93
N ASP NA 87 117.63 -42.05 -21.37
CA ASP NA 87 116.91 -40.78 -21.35
C ASP NA 87 117.92 -39.67 -21.16
N VAL NA 88 118.07 -38.82 -22.16
CA VAL NA 88 119.01 -37.70 -22.13
C VAL NA 88 118.22 -36.40 -22.17
N THR NA 89 118.34 -35.61 -21.11
CA THR NA 89 117.67 -34.32 -20.98
C THR NA 89 118.74 -33.24 -20.78
N ILE NA 90 119.35 -32.80 -21.87
CA ILE NA 90 120.40 -31.79 -21.84
C ILE NA 90 119.88 -30.53 -22.53
N VAL NA 91 119.97 -29.40 -21.84
CA VAL NA 91 119.51 -28.14 -22.40
C VAL NA 91 120.51 -27.66 -23.46
N ALA NA 92 120.02 -26.82 -24.38
CA ALA NA 92 120.88 -26.31 -25.45
C ALA NA 92 121.93 -25.35 -24.91
N ASN NA 93 121.50 -24.29 -24.24
CA ASN NA 93 122.41 -23.29 -23.67
C ASN NA 93 123.04 -23.88 -22.41
N SER NA 94 124.08 -24.70 -22.62
CA SER NA 94 124.79 -25.32 -21.52
C SER NA 94 126.27 -24.96 -21.56
N THR NA 95 127.13 -25.95 -21.37
CA THR NA 95 128.58 -25.74 -21.39
C THR NA 95 129.25 -26.94 -22.04
N GLU NA 96 130.11 -26.67 -23.03
CA GLU NA 96 130.80 -27.76 -23.72
C GLU NA 96 131.75 -28.50 -22.78
N ALA NA 97 132.48 -27.75 -21.93
CA ALA NA 97 133.38 -28.39 -20.99
C ALA NA 97 132.62 -29.23 -19.97
N SER NA 98 131.48 -28.73 -19.49
CA SER NA 98 130.67 -29.51 -18.55
C SER NA 98 130.11 -30.76 -19.21
N ARG NA 99 129.67 -30.65 -20.46
CA ARG NA 99 129.16 -31.82 -21.18
C ARG NA 99 130.27 -32.85 -21.39
N LYS NA 100 131.47 -32.39 -21.73
CA LYS NA 100 132.59 -33.31 -21.91
C LYS NA 100 132.96 -34.00 -20.61
N SER NA 101 132.97 -33.25 -19.50
CA SER NA 101 133.27 -33.84 -18.20
C SER NA 101 132.21 -34.86 -17.81
N LEU NA 102 130.93 -34.56 -18.08
CA LEU NA 102 129.86 -35.49 -17.77
C LEU NA 102 129.98 -36.76 -18.61
N TYR NA 103 130.31 -36.61 -19.89
CA TYR NA 103 130.50 -37.77 -20.75
C TYR NA 103 131.67 -38.63 -20.28
N ASP NA 104 132.77 -37.98 -19.87
CA ASP NA 104 133.91 -38.73 -19.36
C ASP NA 104 133.57 -39.46 -18.08
N LEU NA 105 132.81 -38.81 -17.19
CA LEU NA 105 132.40 -39.47 -15.95
C LEU NA 105 131.49 -40.67 -16.24
N THR NA 106 130.57 -40.52 -17.20
CA THR NA 106 129.70 -41.63 -17.56
C THR NA 106 130.50 -42.78 -18.17
N LYS NA 107 131.48 -42.45 -19.02
CA LYS NA 107 132.32 -43.49 -19.62
C LYS NA 107 133.13 -44.22 -18.54
N SER NA 108 133.66 -43.48 -17.56
CA SER NA 108 134.41 -44.10 -16.48
C SER NA 108 133.51 -44.99 -15.63
N LEU NA 109 132.31 -44.53 -15.31
CA LEU NA 109 131.38 -45.35 -14.54
C LEU NA 109 130.94 -46.59 -15.30
N VAL NA 110 130.86 -46.51 -16.63
CA VAL NA 110 130.50 -47.68 -17.42
C VAL NA 110 131.66 -48.66 -17.48
N ALA NA 111 132.88 -48.16 -17.67
CA ALA NA 111 134.06 -49.02 -17.80
C ALA NA 111 134.57 -49.53 -16.46
N THR NA 112 134.08 -49.01 -15.34
CA THR NA 112 134.54 -49.48 -14.04
C THR NA 112 134.09 -50.93 -13.81
N SER NA 113 134.73 -51.57 -12.82
CA SER NA 113 134.47 -52.96 -12.50
C SER NA 113 133.27 -53.15 -11.56
N GLN NA 114 132.78 -52.07 -10.97
CA GLN NA 114 131.64 -52.16 -10.05
C GLN NA 114 130.33 -52.44 -10.79
N VAL NA 115 130.09 -51.75 -11.90
CA VAL NA 115 128.87 -51.99 -12.67
C VAL NA 115 128.89 -53.38 -13.29
N GLU NA 116 130.07 -53.85 -13.70
CA GLU NA 116 130.17 -55.20 -14.24
C GLU NA 116 129.80 -56.24 -13.19
N ASP NA 117 130.27 -56.06 -11.95
CA ASP NA 117 129.90 -56.99 -10.89
C ASP NA 117 128.42 -56.87 -10.56
N LEU NA 118 127.87 -55.65 -10.54
CA LEU NA 118 126.45 -55.47 -10.31
C LEU NA 118 125.60 -56.16 -11.38
N VAL NA 119 126.09 -56.19 -12.62
CA VAL NA 119 125.35 -56.83 -13.70
C VAL NA 119 125.47 -58.35 -13.61
N VAL NA 120 126.69 -58.86 -13.39
CA VAL NA 120 126.92 -60.29 -13.39
C VAL NA 120 126.42 -60.93 -12.10
N ASN NA 121 127.07 -60.63 -10.98
CA ASN NA 121 126.77 -61.28 -9.71
C ASN NA 121 125.53 -60.71 -9.03
N LEU NA 122 124.88 -59.72 -9.63
CA LEU NA 122 123.66 -59.12 -9.06
C LEU NA 122 123.90 -58.56 -7.66
N VAL NA 123 125.13 -58.15 -7.37
CA VAL NA 123 125.48 -57.58 -6.07
C VAL NA 123 125.28 -56.08 -6.13
N PRO NA 124 124.61 -55.46 -5.15
CA PRO NA 124 124.39 -54.01 -5.21
C PRO NA 124 125.70 -53.24 -5.26
N LEU NA 125 125.68 -52.13 -6.00
CA LEU NA 125 126.87 -51.32 -6.19
C LEU NA 125 127.28 -50.67 -4.88
N GLY NA 126 128.51 -50.98 -4.42
CA GLY NA 126 128.99 -50.42 -3.17
C GLY NA 126 130.34 -50.99 -2.77
N ARG NA 127 131.40 -50.58 -3.48
CA ARG NA 127 132.74 -51.05 -3.18
C ARG NA 127 133.61 -49.93 -2.62
N SER OA 1 128.35 -58.83 3.49
CA SER OA 1 127.53 -58.11 4.47
C SER OA 1 127.43 -58.92 5.77
N LYS OA 2 126.23 -59.39 6.10
CA LYS OA 2 126.06 -60.28 7.24
C LYS OA 2 126.07 -61.72 6.73
N THR OA 3 127.02 -62.51 7.23
CA THR OA 3 127.20 -63.89 6.80
C THR OA 3 126.79 -64.84 7.93
N ILE OA 4 126.13 -65.93 7.55
CA ILE OA 4 125.69 -66.96 8.49
C ILE OA 4 126.23 -68.29 7.99
N VAL OA 5 126.97 -68.99 8.83
CA VAL OA 5 127.57 -70.27 8.50
C VAL OA 5 126.76 -71.38 9.15
N LEU OA 6 126.30 -72.34 8.34
CA LEU OA 6 125.52 -73.47 8.81
C LEU OA 6 126.27 -74.76 8.51
N SER OA 7 126.44 -75.60 9.51
CA SER OA 7 127.17 -76.86 9.38
C SER OA 7 126.15 -77.99 9.21
N VAL OA 8 126.22 -78.68 8.07
CA VAL OA 8 125.31 -79.79 7.80
C VAL OA 8 125.91 -81.14 8.21
N GLY OA 9 127.21 -81.19 8.50
CA GLY OA 9 127.85 -82.45 8.87
C GLY OA 9 129.17 -82.65 8.16
N GLU OA 10 129.17 -82.46 6.84
CA GLU OA 10 130.37 -82.58 6.03
C GLU OA 10 130.72 -81.33 5.25
N ALA OA 11 129.77 -80.43 5.00
CA ALA OA 11 129.99 -79.20 4.29
C ALA OA 11 129.41 -78.04 5.07
N THR OA 12 129.82 -76.83 4.72
CA THR OA 12 129.37 -75.61 5.38
C THR OA 12 128.70 -74.71 4.36
N ARG OA 13 127.46 -74.32 4.64
CA ARG OA 13 126.70 -73.42 3.78
C ARG OA 13 126.76 -72.00 4.32
N THR OA 14 126.75 -71.03 3.41
CA THR OA 14 126.87 -69.62 3.75
C THR OA 14 125.66 -68.87 3.25
N LEU OA 15 124.97 -68.19 4.16
CA LEU OA 15 123.85 -67.32 3.83
C LEU OA 15 124.26 -65.86 3.98
N THR OA 16 123.89 -65.04 3.01
CA THR OA 16 124.29 -63.65 2.97
C THR OA 16 123.07 -62.74 3.09
N GLU OA 17 123.21 -61.67 3.86
CA GLU OA 17 122.14 -60.68 3.98
C GLU OA 17 121.98 -59.93 2.67
N ILE OA 18 120.74 -59.79 2.19
CA ILE OA 18 120.49 -59.13 0.92
C ILE OA 18 119.57 -57.92 1.05
N GLN OA 19 118.51 -58.02 1.86
CA GLN OA 19 117.54 -56.93 1.97
C GLN OA 19 117.51 -56.48 3.42
N SER OA 20 118.49 -55.64 3.80
CA SER OA 20 118.63 -55.18 5.17
C SER OA 20 117.57 -54.13 5.47
N THR OA 21 116.56 -54.52 6.24
CA THR OA 21 115.52 -53.60 6.68
C THR OA 21 115.04 -54.03 8.06
N ALA OA 22 114.55 -53.06 8.83
CA ALA OA 22 114.15 -53.34 10.21
C ALA OA 22 112.95 -54.28 10.27
N ASP OA 23 111.87 -53.94 9.57
CA ASP OA 23 110.64 -54.73 9.63
C ASP OA 23 110.69 -55.98 8.78
N ARG OA 24 111.75 -56.19 8.00
CA ARG OA 24 111.84 -57.37 7.14
C ARG OA 24 113.31 -57.60 6.79
N GLN OA 25 113.89 -58.67 7.33
CA GLN OA 25 115.26 -59.06 7.03
C GLN OA 25 115.23 -60.31 6.15
N ILE OA 26 115.85 -60.21 4.98
CA ILE OA 26 115.84 -61.28 3.99
C ILE OA 26 117.27 -61.79 3.82
N PHE OA 27 117.52 -63.01 4.27
CA PHE OA 27 118.80 -63.67 4.07
C PHE OA 27 118.68 -64.68 2.93
N GLU OA 28 119.69 -64.70 2.06
CA GLU OA 28 119.72 -65.61 0.92
C GLU OA 28 121.00 -66.41 0.96
N GLU OA 29 120.91 -67.69 0.59
CA GLU OA 29 122.07 -68.56 0.52
C GLU OA 29 122.77 -68.40 -0.82
N LYS OA 30 124.09 -68.27 -0.79
CA LYS OA 30 124.90 -68.09 -1.99
C LYS OA 30 125.72 -69.37 -2.21
N VAL OA 31 125.32 -70.16 -3.20
CA VAL OA 31 126.04 -71.38 -3.56
C VAL OA 31 126.25 -71.41 -5.07
N GLY OA 32 125.16 -71.25 -5.82
CA GLY OA 32 125.23 -71.25 -7.26
C GLY OA 32 124.11 -70.42 -7.88
N PRO OA 33 123.05 -71.09 -8.32
CA PRO OA 33 121.89 -70.37 -8.88
C PRO OA 33 121.15 -69.63 -7.78
N LEU OA 34 121.03 -68.31 -7.92
CA LEU OA 34 120.37 -67.51 -6.90
C LEU OA 34 118.86 -67.75 -6.89
N VAL OA 35 118.26 -67.99 -8.06
CA VAL OA 35 116.83 -68.26 -8.13
C VAL OA 35 116.56 -69.68 -7.66
N GLY OA 36 115.52 -69.84 -6.84
CA GLY OA 36 115.17 -71.14 -6.32
C GLY OA 36 116.20 -71.69 -5.36
N ARG OA 37 116.53 -70.91 -4.32
CA ARG OA 37 117.52 -71.33 -3.34
C ARG OA 37 116.95 -71.29 -1.93
N LEU OA 38 117.82 -71.05 -0.95
CA LEU OA 38 117.42 -70.99 0.45
C LEU OA 38 117.23 -69.53 0.85
N ARG OA 39 116.05 -69.19 1.35
CA ARG OA 39 115.75 -67.84 1.78
C ARG OA 39 115.16 -67.87 3.19
N LEU OA 40 115.41 -66.80 3.94
CA LEU OA 40 114.96 -66.68 5.31
C LEU OA 40 114.43 -65.28 5.54
N THR OA 41 113.20 -65.19 6.05
CA THR OA 41 112.54 -63.92 6.33
C THR OA 41 112.37 -63.78 7.84
N ALA OA 42 112.87 -62.67 8.39
CA ALA OA 42 112.77 -62.38 9.81
C ALA OA 42 112.04 -61.05 10.01
N SER OA 43 111.17 -61.02 11.02
CA SER OA 43 110.41 -59.82 11.33
C SER OA 43 110.24 -59.70 12.84
N LEU OA 44 110.32 -58.47 13.34
CA LEU OA 44 110.15 -58.18 14.75
C LEU OA 44 109.26 -56.96 14.89
N ARG OA 45 108.31 -57.02 15.82
CA ARG OA 45 107.34 -55.96 16.01
C ARG OA 45 106.83 -55.98 17.45
N GLN OA 46 105.89 -55.09 17.75
CA GLN OA 46 105.23 -55.00 19.04
C GLN OA 46 103.80 -55.51 18.91
N ASN OA 47 102.95 -55.16 19.89
CA ASN OA 47 101.56 -55.61 19.88
C ASN OA 47 100.77 -54.82 20.92
N GLY OA 48 99.49 -54.60 20.62
CA GLY OA 48 98.58 -53.93 21.53
C GLY OA 48 99.02 -52.57 22.01
N ALA OA 49 99.22 -52.43 23.31
CA ALA OA 49 99.65 -51.17 23.91
C ALA OA 49 100.99 -51.36 24.61
N LYS OA 50 102.04 -51.66 23.84
CA LYS OA 50 103.40 -51.79 24.35
C LYS OA 50 103.57 -52.95 25.33
N THR OA 51 102.69 -53.95 25.26
CA THR OA 51 102.70 -55.04 26.25
C THR OA 51 103.79 -56.05 25.91
N ALA OA 52 103.54 -56.91 24.92
CA ALA OA 52 104.49 -57.93 24.53
C ALA OA 52 105.12 -57.61 23.18
N TYR OA 53 105.64 -58.63 22.50
CA TYR OA 53 106.26 -58.46 21.20
C TYR OA 53 105.82 -59.60 20.29
N ARG OA 54 106.24 -59.52 19.03
CA ARG OA 54 105.90 -60.53 18.03
C ARG OA 54 107.09 -60.73 17.10
N VAL OA 55 107.57 -61.96 17.02
CA VAL OA 55 108.70 -62.32 16.17
C VAL OA 55 108.23 -63.38 15.18
N ASN OA 56 108.57 -63.16 13.90
CA ASN OA 56 108.19 -64.09 12.83
C ASN OA 56 109.44 -64.53 12.09
N LEU OA 57 109.58 -65.84 11.90
CA LEU OA 57 110.73 -66.42 11.21
C LEU OA 57 110.23 -67.45 10.22
N LYS OA 58 110.48 -67.21 8.93
CA LYS OA 58 110.07 -68.11 7.87
C LYS OA 58 111.29 -68.56 7.08
N LEU OA 59 111.30 -69.82 6.68
CA LEU OA 59 112.40 -70.40 5.92
C LEU OA 59 111.85 -71.12 4.71
N ASP OA 60 112.24 -70.69 3.52
CA ASP OA 60 111.75 -71.25 2.27
C ASP OA 60 112.91 -71.80 1.44
N GLN OA 61 112.63 -72.86 0.69
CA GLN OA 61 113.63 -73.47 -0.18
C GLN OA 61 112.89 -74.22 -1.28
N ALA OA 62 113.02 -73.75 -2.52
CA ALA OA 62 112.37 -74.35 -3.67
C ALA OA 62 113.39 -75.09 -4.52
N ASP OA 63 113.10 -76.35 -4.83
CA ASP OA 63 113.99 -77.15 -5.65
C ASP OA 63 113.89 -76.74 -7.12
N VAL OA 64 114.99 -76.92 -7.84
CA VAL OA 64 115.07 -76.55 -9.25
C VAL OA 64 115.45 -77.79 -10.06
N VAL OA 65 115.11 -77.75 -11.34
CA VAL OA 65 115.43 -78.83 -12.27
C VAL OA 65 115.92 -78.21 -13.57
N ASP OA 66 116.74 -78.98 -14.30
CA ASP OA 66 117.33 -78.52 -15.54
C ASP OA 66 117.54 -79.70 -16.47
N CYS OA 67 117.36 -79.46 -17.76
CA CYS OA 67 117.51 -80.49 -18.77
C CYS OA 67 118.60 -80.17 -19.80
N SER OA 68 119.44 -79.17 -19.55
CA SER OA 68 120.48 -78.82 -20.52
C SER OA 68 121.57 -79.87 -20.61
N THR OA 69 121.60 -80.81 -19.66
CA THR OA 69 122.63 -81.86 -19.71
C THR OA 69 122.34 -82.88 -20.81
N SER OA 70 121.06 -83.13 -21.10
CA SER OA 70 120.69 -84.10 -22.13
C SER OA 70 119.84 -83.44 -23.20
N VAL OA 71 118.73 -82.83 -22.80
CA VAL OA 71 117.82 -82.17 -23.73
C VAL OA 71 118.48 -80.90 -24.24
N CYS OA 72 118.22 -80.57 -25.51
CA CYS OA 72 118.73 -79.41 -26.25
C CYS OA 72 118.61 -78.09 -25.53
N GLY OA 73 117.52 -77.91 -24.78
CA GLY OA 73 116.99 -76.60 -24.48
C GLY OA 73 115.93 -76.59 -23.39
N GLU OA 74 116.33 -76.20 -22.18
CA GLU OA 74 115.38 -76.11 -21.06
C GLU OA 74 116.04 -75.27 -19.97
N LEU OA 75 115.43 -74.13 -19.66
CA LEU OA 75 115.96 -73.27 -18.61
C LEU OA 75 115.70 -73.88 -17.24
N PRO OA 76 116.52 -73.54 -16.24
CA PRO OA 76 116.27 -74.03 -14.88
C PRO OA 76 114.89 -73.61 -14.39
N LYS OA 77 114.06 -74.60 -14.07
CA LYS OA 77 112.68 -74.38 -13.69
C LYS OA 77 112.45 -74.87 -12.26
N VAL OA 78 111.74 -74.06 -11.47
CA VAL OA 78 111.43 -74.46 -10.10
C VAL OA 78 110.35 -75.53 -10.10
N ARG OA 79 110.36 -76.37 -9.06
CA ARG OA 79 109.41 -77.46 -8.95
C ARG OA 79 108.43 -77.12 -7.84
N TYR OA 80 108.65 -77.58 -6.62
CA TYR OA 80 107.75 -77.32 -5.50
C TYR OA 80 108.33 -76.23 -4.60
N THR OA 81 107.50 -75.78 -3.66
CA THR OA 81 107.88 -74.74 -2.72
C THR OA 81 107.48 -75.17 -1.32
N GLN OA 82 108.40 -74.99 -0.36
CA GLN OA 82 108.16 -75.36 1.03
C GLN OA 82 108.18 -74.11 1.89
N VAL OA 83 107.21 -74.00 2.79
CA VAL OA 83 107.07 -72.85 3.68
C VAL OA 83 107.07 -73.35 5.13
N TRP OA 84 107.96 -72.80 5.94
CA TRP OA 84 108.09 -73.15 7.35
C TRP OA 84 108.19 -71.85 8.14
N SER OA 85 107.05 -71.32 8.55
CA SER OA 85 106.99 -70.07 9.30
C SER OA 85 106.98 -70.35 10.81
N HIS OA 86 107.18 -69.29 11.58
CA HIS OA 86 107.19 -69.38 13.03
C HIS OA 86 106.41 -68.20 13.62
N ASP OA 87 106.24 -68.23 14.93
CA ASP OA 87 105.53 -67.16 15.63
C ASP OA 87 105.98 -67.17 17.09
N VAL OA 88 106.63 -66.10 17.51
CA VAL OA 88 107.15 -65.97 18.87
C VAL OA 88 106.41 -64.82 19.55
N THR OA 89 105.67 -65.13 20.61
CA THR OA 89 104.92 -64.16 21.40
C THR OA 89 105.40 -64.23 22.84
N ILE OA 90 106.51 -63.56 23.12
CA ILE OA 90 107.11 -63.54 24.45
C ILE OA 90 107.02 -62.12 24.99
N VAL OA 91 106.46 -61.99 26.20
CA VAL OA 91 106.33 -60.67 26.82
C VAL OA 91 107.69 -60.21 27.33
N ALA OA 92 107.85 -58.88 27.47
CA ALA OA 92 109.12 -58.32 27.93
C ALA OA 92 109.38 -58.67 29.39
N ASN OA 93 108.46 -58.29 30.27
CA ASN OA 93 108.59 -58.57 31.71
C ASN OA 93 108.29 -60.04 31.95
N SER OA 94 109.30 -60.88 31.70
CA SER OA 94 109.16 -62.32 31.90
C SER OA 94 110.23 -62.82 32.88
N THR OA 95 110.87 -63.94 32.54
CA THR OA 95 111.90 -64.53 33.39
C THR OA 95 112.99 -65.11 32.51
N GLU OA 96 114.24 -64.74 32.79
CA GLU OA 96 115.36 -65.24 32.00
C GLU OA 96 115.53 -66.74 32.16
N ALA OA 97 115.37 -67.25 33.40
CA ALA OA 97 115.49 -68.69 33.62
C ALA OA 97 114.37 -69.44 32.91
N SER OA 98 113.15 -68.91 32.96
CA SER OA 98 112.05 -69.56 32.26
C SER OA 98 112.25 -69.55 30.75
N ARG OA 99 112.76 -68.44 30.21
CA ARG OA 99 113.04 -68.38 28.78
C ARG OA 99 114.13 -69.36 28.39
N LYS OA 100 115.17 -69.48 29.21
CA LYS OA 100 116.24 -70.43 28.93
C LYS OA 100 115.73 -71.86 28.98
N SER OA 101 114.88 -72.18 29.97
CA SER OA 101 114.31 -73.52 30.05
C SER OA 101 113.42 -73.83 28.86
N LEU OA 102 112.63 -72.84 28.42
CA LEU OA 102 111.78 -73.04 27.25
C LEU OA 102 112.61 -73.25 26.00
N TYR OA 103 113.70 -72.48 25.84
CA TYR OA 103 114.57 -72.66 24.69
C TYR OA 103 115.24 -74.04 24.71
N ASP OA 104 115.66 -74.49 25.89
CA ASP OA 104 116.26 -75.82 25.99
C ASP OA 104 115.25 -76.91 25.67
N LEU OA 105 114.01 -76.75 26.13
CA LEU OA 105 112.97 -77.74 25.81
C LEU OA 105 112.68 -77.76 24.32
N THR OA 106 112.63 -76.58 23.69
CA THR OA 106 112.40 -76.53 22.25
C THR OA 106 113.56 -77.17 21.49
N LYS OA 107 114.80 -76.92 21.92
CA LYS OA 107 115.95 -77.53 21.27
C LYS OA 107 115.92 -79.05 21.42
N SER OA 108 115.54 -79.54 22.60
CA SER OA 108 115.45 -80.98 22.81
C SER OA 108 114.35 -81.60 21.95
N LEU OA 109 113.19 -80.94 21.86
CA LEU OA 109 112.11 -81.45 21.02
C LEU OA 109 112.49 -81.43 19.55
N VAL OA 110 113.31 -80.46 19.12
CA VAL OA 110 113.75 -80.42 17.74
C VAL OA 110 114.77 -81.52 17.47
N ALA OA 111 115.72 -81.71 18.38
CA ALA OA 111 116.78 -82.70 18.20
C ALA OA 111 116.33 -84.13 18.48
N THR OA 112 115.14 -84.33 19.05
CA THR OA 112 114.66 -85.68 19.30
C THR OA 112 114.40 -86.42 18.00
N SER OA 113 114.29 -87.74 18.12
CA SER OA 113 114.07 -88.61 16.96
C SER OA 113 112.61 -88.74 16.56
N GLN OA 114 111.68 -88.28 17.40
CA GLN OA 114 110.26 -88.36 17.09
C GLN OA 114 109.85 -87.39 16.01
N VAL OA 115 110.31 -86.14 16.09
CA VAL OA 115 109.98 -85.16 15.06
C VAL OA 115 110.62 -85.53 13.72
N GLU OA 116 111.82 -86.12 13.75
CA GLU OA 116 112.45 -86.58 12.52
C GLU OA 116 111.62 -87.66 11.84
N ASP OA 117 111.10 -88.61 12.63
CA ASP OA 117 110.24 -89.65 12.07
C ASP OA 117 108.93 -89.06 11.56
N LEU OA 118 108.35 -88.12 12.31
CA LEU OA 118 107.13 -87.45 11.87
C LEU OA 118 107.34 -86.72 10.55
N VAL OA 119 108.53 -86.15 10.34
CA VAL OA 119 108.81 -85.44 9.10
C VAL OA 119 109.05 -86.41 7.95
N VAL OA 120 109.85 -87.45 8.18
CA VAL OA 120 110.24 -88.36 7.12
C VAL OA 120 109.10 -89.32 6.80
N ASN OA 121 108.78 -90.22 7.73
CA ASN OA 121 107.80 -91.26 7.48
C ASN OA 121 106.36 -90.79 7.59
N LEU OA 122 106.14 -89.50 7.90
CA LEU OA 122 104.79 -88.93 8.00
C LEU OA 122 103.94 -89.67 9.04
N VAL OA 123 104.58 -90.24 10.05
CA VAL OA 123 103.89 -90.96 11.11
C VAL OA 123 103.57 -89.96 12.23
N PRO OA 124 102.34 -89.93 12.74
CA PRO OA 124 102.00 -88.98 13.80
C PRO OA 124 102.89 -89.16 15.03
N LEU OA 125 103.20 -88.04 15.68
CA LEU OA 125 104.09 -88.05 16.84
C LEU OA 125 103.41 -88.77 18.00
N GLY OA 126 104.02 -89.84 18.48
CA GLY OA 126 103.48 -90.60 19.59
C GLY OA 126 104.26 -91.85 19.90
N ARG OA 127 105.44 -91.70 20.49
CA ARG OA 127 106.29 -92.83 20.83
C ARG OA 127 106.39 -92.99 22.35
N SER PA 1 99.69 -99.40 14.61
CA SER PA 1 98.34 -99.23 15.13
C SER PA 1 97.50 -100.48 14.87
N LYS PA 2 96.47 -100.35 14.03
CA LYS PA 2 95.69 -101.50 13.60
C LYS PA 2 96.24 -101.98 12.26
N THR PA 3 96.70 -103.23 12.22
CA THR PA 3 97.31 -103.81 11.03
C THR PA 3 96.39 -104.87 10.43
N ILE PA 4 96.30 -104.90 9.11
CA ILE PA 4 95.50 -105.87 8.38
C ILE PA 4 96.41 -106.55 7.36
N VAL PA 5 96.47 -107.88 7.42
CA VAL PA 5 97.31 -108.67 6.54
C VAL PA 5 96.43 -109.31 5.47
N LEU PA 6 96.78 -109.07 4.21
CA LEU PA 6 96.05 -109.61 3.07
C LEU PA 6 96.98 -110.51 2.27
N SER PA 7 96.53 -111.74 1.98
CA SER PA 7 97.32 -112.72 1.25
C SER PA 7 96.86 -112.73 -0.20
N VAL PA 8 97.76 -112.39 -1.12
CA VAL PA 8 97.45 -112.37 -2.55
C VAL PA 8 97.78 -113.69 -3.23
N GLY PA 9 98.54 -114.57 -2.57
CA GLY PA 9 98.91 -115.84 -3.17
C GLY PA 9 100.38 -116.16 -2.96
N GLU PA 10 101.25 -115.18 -3.25
CA GLU PA 10 102.69 -115.34 -3.06
C GLU PA 10 103.30 -114.29 -2.13
N ALA PA 11 102.65 -113.15 -1.93
CA ALA PA 11 103.13 -112.11 -1.04
C ALA PA 11 102.01 -111.68 -0.11
N THR PA 12 102.39 -110.98 0.96
CA THR PA 12 101.45 -110.51 1.97
C THR PA 12 101.53 -108.99 2.05
N ARG PA 13 100.39 -108.34 1.89
CA ARG PA 13 100.30 -106.89 1.98
C ARG PA 13 99.77 -106.48 3.36
N THR PA 14 100.26 -105.33 3.84
CA THR PA 14 99.93 -104.84 5.16
C THR PA 14 99.28 -103.47 5.04
N LEU PA 15 98.08 -103.34 5.59
CA LEU PA 15 97.36 -102.07 5.65
C LEU PA 15 97.36 -101.57 7.10
N THR PA 16 97.64 -100.28 7.27
CA THR PA 16 97.76 -99.68 8.59
C THR PA 16 96.68 -98.63 8.80
N GLU PA 17 96.11 -98.61 10.00
CA GLU PA 17 95.12 -97.60 10.36
C GLU PA 17 95.79 -96.23 10.45
N ILE PA 18 95.20 -95.21 9.83
CA ILE PA 18 95.78 -93.88 9.82
C ILE PA 18 94.86 -92.83 10.43
N GLN PA 19 93.57 -92.87 10.13
CA GLN PA 19 92.63 -91.85 10.60
C GLN PA 19 91.57 -92.54 11.45
N SER PA 20 91.91 -92.82 12.70
CA SER PA 20 91.02 -93.53 13.62
C SER PA 20 89.91 -92.60 14.08
N THR PA 21 88.71 -92.81 13.55
CA THR PA 21 87.53 -92.05 13.94
C THR PA 21 86.32 -92.96 13.85
N ALA PA 22 85.30 -92.67 14.66
CA ALA PA 22 84.11 -93.53 14.71
C ALA PA 22 83.34 -93.49 13.40
N ASP PA 23 82.98 -92.29 12.94
CA ASP PA 23 82.16 -92.14 11.75
C ASP PA 23 82.95 -92.30 10.45
N ARG PA 24 84.28 -92.45 10.52
CA ARG PA 24 85.08 -92.59 9.30
C ARG PA 24 86.41 -93.24 9.69
N GLN PA 25 86.61 -94.48 9.26
CA GLN PA 25 87.85 -95.20 9.48
C GLN PA 25 88.60 -95.29 8.16
N ILE PA 26 89.83 -94.80 8.14
CA ILE PA 26 90.64 -94.73 6.93
C ILE PA 26 91.86 -95.63 7.11
N PHE PA 27 91.90 -96.74 6.38
CA PHE PA 27 93.05 -97.63 6.37
C PHE PA 27 93.88 -97.38 5.11
N GLU PA 28 95.20 -97.33 5.27
CA GLU PA 28 96.12 -97.10 4.18
C GLU PA 28 97.13 -98.23 4.12
N GLU PA 29 97.47 -98.65 2.91
CA GLU PA 29 98.49 -99.68 2.72
C GLU PA 29 99.88 -99.06 2.73
N LYS PA 30 100.80 -99.69 3.46
CA LYS PA 30 102.17 -99.22 3.58
C LYS PA 30 103.08 -100.19 2.84
N VAL PA 31 103.59 -99.78 1.68
CA VAL PA 31 104.50 -100.59 0.90
C VAL PA 31 105.68 -99.72 0.47
N GLY PA 32 105.39 -98.59 -0.17
CA GLY PA 32 106.41 -97.67 -0.61
C GLY PA 32 105.91 -96.24 -0.66
N PRO PA 33 105.52 -95.78 -1.85
CA PRO PA 33 104.97 -94.43 -1.98
C PRO PA 33 103.58 -94.36 -1.37
N LEU PA 34 103.41 -93.47 -0.39
CA LEU PA 34 102.13 -93.36 0.29
C LEU PA 34 101.07 -92.74 -0.60
N VAL PA 35 101.46 -91.80 -1.46
CA VAL PA 35 100.50 -91.17 -2.37
C VAL PA 35 100.19 -92.13 -3.50
N GLY PA 36 98.90 -92.22 -3.85
CA GLY PA 36 98.47 -93.12 -4.91
C GLY PA 36 98.65 -94.58 -4.54
N ARG PA 37 98.08 -95.00 -3.42
CA ARG PA 37 98.20 -96.38 -2.98
C ARG PA 37 96.83 -96.98 -2.73
N LEU PA 38 96.74 -97.94 -1.80
CA LEU PA 38 95.50 -98.63 -1.47
C LEU PA 38 94.90 -97.98 -0.23
N ARG PA 39 93.66 -97.51 -0.34
CA ARG PA 39 92.96 -96.90 0.77
C ARG PA 39 91.59 -97.54 0.93
N LEU PA 40 91.11 -97.56 2.18
CA LEU PA 40 89.84 -98.17 2.53
C LEU PA 40 89.10 -97.26 3.51
N THR PA 41 87.86 -96.93 3.18
CA THR PA 41 87.02 -96.06 4.00
C THR PA 41 85.85 -96.88 4.54
N ALA PA 42 85.70 -96.88 5.87
CA ALA PA 42 84.63 -97.60 6.53
C ALA PA 42 83.78 -96.63 7.34
N SER PA 43 82.47 -96.83 7.30
CA SER PA 43 81.54 -95.98 8.03
C SER PA 43 80.37 -96.82 8.55
N LEU PA 44 79.93 -96.51 9.77
CA LEU PA 44 78.81 -97.18 10.40
C LEU PA 44 77.90 -96.14 11.03
N ARG PA 45 76.59 -96.30 10.84
CA ARG PA 45 75.62 -95.33 11.33
C ARG PA 45 74.28 -96.04 11.54
N GLN PA 46 73.28 -95.26 11.93
CA GLN PA 46 71.92 -95.72 12.14
C GLN PA 46 71.03 -95.19 11.00
N ASN PA 47 69.72 -95.21 11.22
CA ASN PA 47 68.78 -94.76 10.21
C ASN PA 47 67.39 -94.59 10.82
N GLY PA 48 66.64 -93.62 10.31
CA GLY PA 48 65.28 -93.38 10.73
C GLY PA 48 65.09 -93.15 12.21
N ALA PA 49 64.33 -94.04 12.85
CA ALA PA 49 64.06 -93.94 14.28
C ALA PA 49 64.58 -95.20 14.99
N LYS PA 50 65.90 -95.39 14.99
CA LYS PA 50 66.56 -96.49 15.69
C LYS PA 50 66.18 -97.86 15.14
N THR PA 51 65.73 -97.93 13.88
CA THR PA 51 65.22 -99.20 13.33
C THR PA 51 66.37 -100.10 12.89
N ALA PA 52 66.98 -99.78 11.74
CA ALA PA 52 68.07 -100.59 11.21
C ALA PA 52 69.40 -99.84 11.33
N TYR PA 53 70.37 -100.22 10.50
CA TYR PA 53 71.68 -99.59 10.50
C TYR PA 53 72.13 -99.40 9.06
N ARG PA 54 73.28 -98.75 8.90
CA ARG PA 54 73.85 -98.48 7.58
C ARG PA 54 75.36 -98.59 7.67
N VAL PA 55 75.94 -99.47 6.85
CA VAL PA 55 77.37 -99.68 6.79
C VAL PA 55 77.86 -99.37 5.38
N ASN PA 56 78.92 -98.59 5.29
CA ASN PA 56 79.51 -98.21 4.00
C ASN PA 56 80.97 -98.61 3.98
N LEU PA 57 81.38 -99.29 2.90
CA LEU PA 57 82.76 -99.74 2.73
C LEU PA 57 83.21 -99.41 1.32
N LYS PA 58 84.23 -98.55 1.21
CA LYS PA 58 84.78 -98.15 -0.08
C LYS PA 58 86.25 -98.51 -0.12
N LEU PA 59 86.71 -98.95 -1.30
CA LEU PA 59 88.09 -99.35 -1.50
C LEU PA 59 88.61 -98.66 -2.76
N ASP PA 60 89.64 -97.84 -2.62
CA ASP PA 60 90.21 -97.09 -3.73
C ASP PA 60 91.68 -97.45 -3.91
N GLN PA 61 92.13 -97.39 -5.16
CA GLN PA 61 93.52 -97.67 -5.49
C GLN PA 61 93.84 -96.98 -6.81
N ALA PA 62 94.71 -95.98 -6.78
CA ALA PA 62 95.09 -95.22 -7.95
C ALA PA 62 96.51 -95.60 -8.36
N ASP PA 63 96.69 -95.94 -9.63
CA ASP PA 63 97.99 -96.31 -10.15
C ASP PA 63 98.85 -95.07 -10.35
N VAL PA 64 100.16 -95.25 -10.23
CA VAL PA 64 101.12 -94.16 -10.36
C VAL PA 64 102.12 -94.52 -11.46
N VAL PA 65 102.73 -93.48 -12.03
CA VAL PA 65 103.74 -93.63 -13.07
C VAL PA 65 104.90 -92.68 -12.77
N ASP PA 66 106.08 -93.06 -13.26
CA ASP PA 66 107.29 -92.29 -13.01
C ASP PA 66 108.23 -92.44 -14.20
N CYS PA 67 108.94 -91.36 -14.51
CA CYS PA 67 109.88 -91.35 -15.63
C CYS PA 67 111.31 -91.05 -15.21
N SER PA 68 111.62 -91.07 -13.90
CA SER PA 68 112.97 -90.77 -13.45
C SER PA 68 113.96 -91.86 -13.83
N THR PA 69 113.49 -93.03 -14.27
CA THR PA 69 114.39 -94.09 -14.68
C THR PA 69 115.07 -93.79 -16.01
N SER PA 70 114.38 -93.09 -16.91
CA SER PA 70 114.94 -92.77 -18.22
C SER PA 70 114.96 -91.26 -18.44
N VAL PA 71 113.80 -90.63 -18.31
CA VAL PA 71 113.68 -89.18 -18.51
C VAL PA 71 114.33 -88.48 -17.33
N CYS PA 72 114.96 -87.33 -17.60
CA CYS PA 72 115.67 -86.47 -16.66
C CYS PA 72 114.90 -86.14 -15.39
N GLY PA 73 113.59 -85.97 -15.51
CA GLY PA 73 112.82 -85.16 -14.59
C GLY PA 73 111.32 -85.34 -14.71
N GLU PA 74 110.73 -86.12 -13.81
CA GLU PA 74 109.29 -86.32 -13.79
C GLU PA 74 108.91 -86.90 -12.43
N LEU PA 75 108.10 -86.16 -11.68
CA LEU PA 75 107.66 -86.64 -10.37
C LEU PA 75 106.63 -87.75 -10.54
N PRO PA 76 106.49 -88.63 -9.55
CA PRO PA 76 105.46 -89.68 -9.61
C PRO PA 76 104.06 -89.06 -9.75
N LYS PA 77 103.40 -89.39 -10.84
CA LYS PA 77 102.10 -88.82 -11.18
C LYS PA 77 101.04 -89.91 -11.22
N VAL PA 78 99.88 -89.63 -10.62
CA VAL PA 78 98.79 -90.59 -10.64
C VAL PA 78 98.15 -90.64 -12.01
N ARG PA 79 97.56 -91.79 -12.35
CA ARG PA 79 96.95 -91.99 -13.65
C ARG PA 79 95.45 -92.03 -13.46
N TYR PA 80 94.84 -93.20 -13.33
CA TYR PA 80 93.40 -93.33 -13.16
C TYR PA 80 93.07 -93.61 -11.70
N THR PA 81 91.76 -93.55 -11.40
CA THR PA 81 91.25 -93.79 -10.06
C THR PA 81 90.08 -94.75 -10.13
N GLN PA 82 90.07 -95.74 -9.24
CA GLN PA 82 89.01 -96.74 -9.18
C GLN PA 82 88.27 -96.62 -7.85
N VAL PA 83 86.94 -96.66 -7.92
CA VAL PA 83 86.08 -96.52 -6.75
C VAL PA 83 85.17 -97.75 -6.68
N TRP PA 84 85.20 -98.44 -5.53
CA TRP PA 84 84.38 -99.62 -5.29
C TRP PA 84 83.74 -99.46 -3.92
N SER PA 85 82.56 -98.85 -3.88
CA SER PA 85 81.84 -98.62 -2.63
C SER PA 85 80.85 -99.76 -2.37
N HIS PA 86 80.33 -99.77 -1.15
CA HIS PA 86 79.37 -100.79 -0.72
C HIS PA 86 78.25 -100.11 0.06
N ASP PA 87 77.24 -100.91 0.41
CA ASP PA 87 76.10 -100.41 1.17
C ASP PA 87 75.44 -101.60 1.86
N VAL PA 88 75.48 -101.62 3.20
CA VAL PA 88 74.91 -102.70 3.99
C VAL PA 88 73.77 -102.12 4.81
N THR PA 89 72.56 -102.63 4.57
CA THR PA 89 71.36 -102.21 5.27
C THR PA 89 70.74 -103.45 5.92
N ILE PA 90 71.26 -103.82 7.08
CA ILE PA 90 70.80 -104.98 7.83
C ILE PA 90 70.16 -104.51 9.13
N VAL PA 91 68.92 -104.94 9.38
CA VAL PA 91 68.23 -104.55 10.60
C VAL PA 91 68.81 -105.32 11.78
N ALA PA 92 68.64 -104.75 12.98
CA ALA PA 92 69.17 -105.38 14.19
C ALA PA 92 68.42 -106.66 14.51
N ASN PA 93 67.10 -106.57 14.69
CA ASN PA 93 66.27 -107.73 15.00
C ASN PA 93 66.09 -108.57 13.74
N SER PA 94 67.11 -109.38 13.44
CA SER PA 94 67.07 -110.24 12.26
C SER PA 94 67.24 -111.70 12.67
N THR PA 95 68.08 -112.43 11.94
CA THR PA 95 68.34 -113.83 12.22
C THR PA 95 69.81 -114.14 11.97
N GLU PA 96 70.47 -114.75 12.95
CA GLU PA 96 71.88 -115.08 12.81
C GLU PA 96 72.09 -116.11 11.70
N ALA PA 97 71.23 -117.13 11.63
CA ALA PA 97 71.35 -118.13 10.58
C ALA PA 97 71.12 -117.53 9.21
N SER PA 98 70.14 -116.63 9.08
CA SER PA 98 69.90 -115.98 7.80
C SER PA 98 71.07 -115.09 7.40
N ARG PA 99 71.65 -114.37 8.37
CA ARG PA 99 72.81 -113.53 8.08
C ARG PA 99 74.01 -114.39 7.64
N LYS PA 100 74.22 -115.52 8.31
CA LYS PA 100 75.32 -116.41 7.93
C LYS PA 100 75.10 -116.99 6.53
N SER PA 101 73.86 -117.37 6.22
CA SER PA 101 73.57 -117.89 4.88
C SER PA 101 73.78 -116.82 3.82
N LEU PA 102 73.38 -115.58 4.11
CA LEU PA 102 73.57 -114.50 3.16
C LEU PA 102 75.05 -114.21 2.96
N TYR PA 103 75.84 -114.24 4.03
CA TYR PA 103 77.28 -114.02 3.92
C TYR PA 103 77.93 -115.14 3.11
N ASP PA 104 77.50 -116.38 3.32
CA ASP PA 104 78.04 -117.49 2.56
C ASP PA 104 77.68 -117.38 1.08
N LEU PA 105 76.45 -116.96 0.78
CA LEU PA 105 76.05 -116.78 -0.61
C LEU PA 105 76.85 -115.65 -1.27
N THR PA 106 77.08 -114.56 -0.53
CA THR PA 106 77.89 -113.47 -1.07
C THR PA 106 79.32 -113.92 -1.33
N LYS PA 107 79.89 -114.69 -0.39
CA LYS PA 107 81.25 -115.19 -0.57
C LYS PA 107 81.34 -116.12 -1.78
N SER PA 108 80.32 -116.98 -1.96
CA SER PA 108 80.32 -117.88 -3.11
C SER PA 108 80.19 -117.10 -4.42
N LEU PA 109 79.33 -116.08 -4.45
CA LEU PA 109 79.18 -115.27 -5.66
C LEU PA 109 80.45 -114.48 -5.95
N VAL PA 110 81.20 -114.08 -4.92
CA VAL PA 110 82.44 -113.37 -5.14
C VAL PA 110 83.52 -114.31 -5.65
N ALA PA 111 83.60 -115.51 -5.07
CA ALA PA 111 84.63 -116.47 -5.44
C ALA PA 111 84.32 -117.22 -6.72
N THR PA 112 83.10 -117.11 -7.26
CA THR PA 112 82.76 -117.79 -8.50
C THR PA 112 83.55 -117.21 -9.67
N SER PA 113 83.59 -117.96 -10.77
CA SER PA 113 84.32 -117.58 -11.95
C SER PA 113 83.55 -116.65 -12.87
N GLN PA 114 82.24 -116.47 -12.65
CA GLN PA 114 81.44 -115.60 -13.48
C GLN PA 114 81.74 -114.12 -13.24
N VAL PA 115 81.86 -113.72 -11.98
CA VAL PA 115 82.18 -112.33 -11.67
C VAL PA 115 83.59 -111.99 -12.13
N GLU PA 116 84.51 -112.94 -12.04
CA GLU PA 116 85.88 -112.71 -12.53
C GLU PA 116 85.88 -112.44 -14.03
N ASP PA 117 85.10 -113.23 -14.78
CA ASP PA 117 85.01 -113.00 -16.23
C ASP PA 117 84.32 -111.68 -16.53
N LEU PA 118 83.26 -111.34 -15.77
CA LEU PA 118 82.59 -110.06 -15.95
C LEU PA 118 83.54 -108.90 -15.69
N VAL PA 119 84.46 -109.05 -14.74
CA VAL PA 119 85.40 -107.98 -14.43
C VAL PA 119 86.48 -107.88 -15.50
N VAL PA 120 87.05 -109.03 -15.90
CA VAL PA 120 88.17 -109.04 -16.83
C VAL PA 120 87.69 -108.78 -18.25
N ASN PA 121 86.96 -109.73 -18.83
CA ASN PA 121 86.56 -109.65 -20.23
C ASN PA 121 85.38 -108.72 -20.46
N LEU PA 122 84.84 -108.10 -19.42
CA LEU PA 122 83.71 -107.16 -19.54
C LEU PA 122 82.49 -107.81 -20.20
N VAL PA 123 82.36 -109.13 -20.03
CA VAL PA 123 81.23 -109.88 -20.59
C VAL PA 123 80.10 -109.89 -19.54
N PRO PA 124 78.86 -109.59 -19.93
CA PRO PA 124 77.78 -109.58 -18.95
C PRO PA 124 77.60 -110.94 -18.28
N LEU PA 125 77.25 -110.90 -17.00
CA LEU PA 125 77.11 -112.11 -16.20
C LEU PA 125 75.92 -112.93 -16.71
N GLY PA 126 76.20 -114.16 -17.15
CA GLY PA 126 75.15 -115.03 -17.66
C GLY PA 126 75.68 -116.33 -18.22
N ARG PA 127 76.11 -117.22 -17.34
CA ARG PA 127 76.65 -118.52 -17.75
C ARG PA 127 75.71 -119.66 -17.34
N SER QA 1 76.86 -114.66 -28.23
CA SER QA 1 75.50 -114.20 -28.54
C SER QA 1 75.24 -114.30 -30.04
N LYS QA 2 75.06 -113.16 -30.69
CA LYS QA 2 74.93 -113.12 -32.15
C LYS QA 2 76.30 -112.80 -32.74
N THR QA 3 76.82 -113.71 -33.55
CA THR QA 3 78.15 -113.57 -34.15
C THR QA 3 78.02 -113.32 -35.65
N ILE QA 4 78.86 -112.43 -36.16
CA ILE QA 4 78.90 -112.08 -37.57
C ILE QA 4 80.33 -112.26 -38.05
N VAL QA 5 80.51 -113.07 -39.10
CA VAL QA 5 81.82 -113.38 -39.65
C VAL QA 5 82.00 -112.59 -40.93
N LEU QA 6 83.08 -111.82 -41.02
CA LEU QA 6 83.40 -111.01 -42.18
C LEU QA 6 84.73 -111.47 -42.76
N SER QA 7 84.75 -111.74 -44.06
CA SER QA 7 85.95 -112.21 -44.75
C SER QA 7 86.60 -111.03 -45.45
N VAL QA 8 87.84 -110.72 -45.07
CA VAL QA 8 88.58 -109.63 -45.69
C VAL QA 8 89.46 -110.09 -46.84
N GLY QA 9 89.67 -111.39 -46.99
CA GLY QA 9 90.51 -111.91 -48.06
C GLY QA 9 91.46 -112.98 -47.56
N GLU QA 10 92.16 -112.69 -46.46
CA GLU QA 10 93.08 -113.64 -45.85
C GLU QA 10 92.76 -113.97 -44.40
N ALA QA 11 92.01 -113.13 -43.70
CA ALA QA 11 91.63 -113.38 -42.33
C ALA QA 11 90.12 -113.16 -42.17
N THR QA 12 89.58 -113.66 -41.07
CA THR QA 12 88.15 -113.57 -40.78
C THR QA 12 87.96 -112.82 -39.47
N ARG QA 13 87.16 -111.75 -39.52
CA ARG QA 13 86.85 -110.96 -38.34
C ARG QA 13 85.49 -111.35 -37.78
N THR QA 14 85.35 -111.27 -36.47
CA THR QA 14 84.15 -111.69 -35.77
C THR QA 14 83.59 -110.51 -34.98
N LEU QA 15 82.34 -110.17 -35.25
CA LEU QA 15 81.61 -109.14 -34.52
C LEU QA 15 80.57 -109.79 -33.62
N THR QA 16 80.49 -109.33 -32.38
CA THR QA 16 79.60 -109.91 -31.38
C THR QA 16 78.54 -108.91 -30.96
N GLU QA 17 77.31 -109.38 -30.80
CA GLU QA 17 76.23 -108.54 -30.32
C GLU QA 17 76.47 -108.18 -28.85
N ILE QA 18 76.33 -106.90 -28.51
CA ILE QA 18 76.59 -106.45 -27.14
C ILE QA 18 75.38 -105.78 -26.50
N GLN QA 19 74.65 -104.95 -27.25
CA GLN QA 19 73.52 -104.20 -26.68
C GLN QA 19 72.27 -104.59 -27.45
N SER QA 20 71.69 -105.74 -27.09
CA SER QA 20 70.53 -106.28 -27.79
C SER QA 20 69.29 -105.49 -27.38
N THR QA 21 68.81 -104.64 -28.29
CA THR QA 21 67.59 -103.88 -28.08
C THR QA 21 66.90 -103.69 -29.43
N ALA QA 22 65.58 -103.54 -29.39
CA ALA QA 22 64.80 -103.44 -30.62
C ALA QA 22 65.12 -102.17 -31.40
N ASP QA 23 65.02 -101.02 -30.73
CA ASP QA 23 65.23 -99.74 -31.41
C ASP QA 23 66.69 -99.39 -31.61
N ARG QA 24 67.63 -100.19 -31.09
CA ARG QA 24 69.04 -99.89 -31.24
C ARG QA 24 69.83 -101.19 -31.01
N GLN QA 25 70.42 -101.71 -32.09
CA GLN QA 25 71.27 -102.90 -32.02
C GLN QA 25 72.71 -102.47 -32.21
N ILE QA 26 73.56 -102.81 -31.24
CA ILE QA 26 74.96 -102.40 -31.21
C ILE QA 26 75.82 -103.66 -31.32
N PHE QA 27 76.50 -103.82 -32.45
CA PHE QA 27 77.44 -104.90 -32.64
C PHE QA 27 78.86 -104.36 -32.49
N GLU QA 28 79.70 -105.12 -31.78
CA GLU QA 28 81.08 -104.75 -31.53
C GLU QA 28 81.99 -105.87 -32.00
N GLU QA 29 83.13 -105.50 -32.60
CA GLU QA 29 84.12 -106.46 -33.04
C GLU QA 29 85.03 -106.84 -31.89
N LYS QA 30 85.27 -108.14 -31.72
CA LYS QA 30 86.13 -108.66 -30.66
C LYS QA 30 87.42 -109.20 -31.28
N VAL QA 31 88.51 -108.46 -31.11
CA VAL QA 31 89.82 -108.88 -31.60
C VAL QA 31 90.84 -108.72 -30.50
N GLY QA 32 90.92 -107.53 -29.92
CA GLY QA 32 91.84 -107.25 -28.84
C GLY QA 32 91.32 -106.16 -27.93
N PRO QA 33 91.80 -104.93 -28.13
CA PRO QA 33 91.32 -103.80 -27.32
C PRO QA 33 89.89 -103.45 -27.69
N LEU QA 34 88.99 -103.50 -26.72
CA LEU QA 34 87.59 -103.23 -26.99
C LEU QA 34 87.35 -101.75 -27.27
N VAL QA 35 88.09 -100.86 -26.61
CA VAL QA 35 87.95 -99.43 -26.85
C VAL QA 35 88.60 -99.07 -28.17
N GLY QA 36 87.93 -98.23 -28.97
CA GLY QA 36 88.45 -97.83 -30.25
C GLY QA 36 88.52 -98.97 -31.25
N ARG QA 37 87.39 -99.64 -31.47
CA ARG QA 37 87.36 -100.77 -32.40
C ARG QA 37 86.27 -100.56 -33.45
N LEU QA 38 85.72 -101.66 -33.95
CA LEU QA 38 84.68 -101.61 -34.98
C LEU QA 38 83.31 -101.76 -34.32
N ARG QA 39 82.44 -100.79 -34.55
CA ARG QA 39 81.10 -100.80 -33.99
C ARG QA 39 80.08 -100.57 -35.09
N LEU QA 40 78.89 -101.15 -34.91
CA LEU QA 40 77.81 -101.05 -35.88
C LEU QA 40 76.50 -100.81 -35.15
N THR QA 41 75.78 -99.77 -35.56
CA THR QA 41 74.51 -99.39 -34.98
C THR QA 41 73.40 -99.60 -36.00
N ALA QA 42 72.40 -100.38 -35.63
CA ALA QA 42 71.25 -100.67 -36.49
C ALA QA 42 69.97 -100.21 -35.81
N SER QA 43 69.07 -99.62 -36.59
CA SER QA 43 67.80 -99.15 -36.09
C SER QA 43 66.72 -99.36 -37.13
N LEU QA 44 65.52 -99.74 -36.68
CA LEU QA 44 64.38 -99.96 -37.54
C LEU QA 44 63.16 -99.32 -36.90
N ARG QA 45 62.36 -98.61 -37.70
CA ARG QA 45 61.20 -97.89 -37.20
C ARG QA 45 60.19 -97.74 -38.32
N GLN QA 46 59.09 -97.05 -38.02
CA GLN QA 46 58.04 -96.74 -38.96
C GLN QA 46 58.09 -95.24 -39.32
N ASN QA 47 57.00 -94.72 -39.87
CA ASN QA 47 56.96 -93.32 -40.28
C ASN QA 47 55.52 -92.93 -40.58
N GLY QA 48 55.20 -91.66 -40.30
CA GLY QA 48 53.90 -91.09 -40.60
C GLY QA 48 52.72 -91.84 -40.00
N ALA QA 49 51.85 -92.36 -40.86
CA ALA QA 49 50.67 -93.10 -40.43
C ALA QA 49 50.73 -94.52 -40.98
N LYS QA 50 51.71 -95.31 -40.52
CA LYS QA 50 51.85 -96.72 -40.88
C LYS QA 50 52.12 -96.94 -42.36
N THR QA 51 52.66 -95.93 -43.06
CA THR QA 51 52.83 -96.01 -44.51
C THR QA 51 54.07 -96.82 -44.86
N ALA QA 52 55.25 -96.22 -44.70
CA ALA QA 52 56.50 -96.89 -45.04
C ALA QA 52 57.29 -97.22 -43.78
N TYR QA 53 58.60 -97.40 -43.92
CA TYR QA 53 59.46 -97.71 -42.78
C TYR QA 53 60.75 -96.90 -42.90
N ARG QA 54 61.61 -97.03 -41.90
CA ARG QA 54 62.88 -96.31 -41.86
C ARG QA 54 63.93 -97.20 -41.22
N VAL QA 55 65.01 -97.45 -41.94
CA VAL QA 55 66.11 -98.27 -41.47
C VAL QA 55 67.38 -97.43 -41.48
N ASN QA 56 68.11 -97.48 -40.37
CA ASN QA 56 69.36 -96.73 -40.23
C ASN QA 56 70.48 -97.69 -39.87
N LEU QA 57 71.59 -97.58 -40.59
CA LEU QA 57 72.76 -98.44 -40.40
C LEU QA 57 74.00 -97.56 -40.39
N LYS QA 58 74.71 -97.54 -39.26
CA LYS QA 58 75.93 -96.76 -39.10
C LYS QA 58 77.08 -97.68 -38.73
N LEU QA 59 78.25 -97.40 -39.28
CA LEU QA 59 79.44 -98.20 -39.01
C LEU QA 59 80.59 -97.26 -38.64
N ASP QA 60 81.12 -97.43 -37.45
CA ASP QA 60 82.20 -96.57 -36.94
C ASP QA 60 83.42 -97.41 -36.61
N GLN QA 61 84.60 -96.79 -36.78
CA GLN QA 61 85.86 -97.46 -36.47
C GLN QA 61 86.91 -96.38 -36.21
N ALA QA 62 87.37 -96.28 -34.97
CA ALA QA 62 88.36 -95.29 -34.58
C ALA QA 62 89.71 -95.96 -34.37
N ASP QA 63 90.73 -95.42 -35.00
CA ASP QA 63 92.08 -95.96 -34.86
C ASP QA 63 92.68 -95.58 -33.51
N VAL QA 64 93.57 -96.44 -33.01
CA VAL QA 64 94.20 -96.23 -31.72
C VAL QA 64 95.72 -96.21 -31.92
N VAL QA 65 96.41 -95.59 -30.98
CA VAL QA 65 97.87 -95.51 -30.99
C VAL QA 65 98.37 -95.77 -29.58
N ASP QA 66 99.61 -96.27 -29.49
CA ASP QA 66 100.22 -96.62 -28.22
C ASP QA 66 101.73 -96.41 -28.31
N CYS QA 67 102.31 -95.97 -27.19
CA CYS QA 67 103.75 -95.73 -27.12
C CYS QA 67 104.46 -96.57 -26.08
N SER QA 68 103.79 -97.58 -25.52
CA SER QA 68 104.42 -98.40 -24.49
C SER QA 68 105.54 -99.28 -25.05
N THR QA 69 105.65 -99.40 -26.37
CA THR QA 69 106.71 -100.20 -26.96
C THR QA 69 108.06 -99.51 -26.84
N SER QA 70 108.09 -98.18 -26.90
CA SER QA 70 109.34 -97.44 -26.82
C SER QA 70 109.31 -96.46 -25.65
N VAL QA 71 108.31 -95.58 -25.62
CA VAL QA 71 108.18 -94.59 -24.56
C VAL QA 71 107.75 -95.30 -23.29
N CYS QA 72 108.25 -94.80 -22.15
CA CYS QA 72 108.02 -95.26 -20.79
C CYS QA 72 106.55 -95.52 -20.44
N GLY QA 73 105.66 -94.69 -20.96
CA GLY QA 73 104.36 -94.44 -20.35
C GLY QA 73 103.39 -93.69 -21.23
N GLU QA 74 102.45 -94.41 -21.84
CA GLU QA 74 101.42 -93.79 -22.67
C GLU QA 74 100.30 -94.80 -22.86
N LEU QA 75 99.11 -94.47 -22.37
CA LEU QA 75 97.97 -95.36 -22.53
C LEU QA 75 97.48 -95.34 -23.98
N PRO QA 76 96.82 -96.41 -24.43
CA PRO QA 76 96.25 -96.42 -25.78
C PRO QA 76 95.26 -95.28 -25.97
N LYS QA 77 95.56 -94.41 -26.92
CA LYS QA 77 94.78 -93.20 -27.17
C LYS QA 77 94.18 -93.25 -28.57
N VAL QA 78 92.90 -92.88 -28.67
CA VAL QA 78 92.25 -92.85 -29.98
C VAL QA 78 92.74 -91.65 -30.78
N ARG QA 79 92.69 -91.78 -32.10
CA ARG QA 79 93.15 -90.73 -32.99
C ARG QA 79 91.95 -90.10 -33.66
N TYR QA 80 91.56 -90.53 -34.85
CA TYR QA 80 90.43 -89.98 -35.58
C TYR QA 80 89.23 -90.91 -35.47
N THR QA 81 88.08 -90.40 -35.92
CA THR QA 81 86.84 -91.15 -35.90
C THR QA 81 86.16 -91.03 -37.26
N GLN QA 82 85.67 -92.17 -37.77
CA GLN QA 82 84.99 -92.22 -39.05
C GLN QA 82 83.54 -92.64 -38.85
N VAL QA 83 82.63 -91.93 -39.52
CA VAL QA 83 81.20 -92.17 -39.42
C VAL QA 83 80.66 -92.44 -40.82
N TRP QA 84 79.99 -93.58 -40.98
CA TRP QA 84 79.38 -93.98 -42.26
C TRP QA 84 77.97 -94.47 -41.95
N SER QA 85 77.01 -93.54 -41.99
CA SER QA 85 75.62 -93.85 -41.72
C SER QA 85 74.87 -94.15 -43.02
N HIS QA 86 73.66 -94.69 -42.86
CA HIS QA 86 72.81 -95.03 -43.99
C HIS QA 86 71.38 -94.60 -43.69
N ASP QA 87 70.52 -94.75 -44.70
CA ASP QA 87 69.11 -94.38 -44.56
C ASP QA 87 68.33 -95.16 -45.60
N VAL QA 88 67.45 -96.05 -45.15
CA VAL QA 88 66.63 -96.89 -46.03
C VAL QA 88 65.18 -96.51 -45.81
N THR QA 89 64.53 -96.01 -46.88
CA THR QA 89 63.12 -95.61 -46.85
C THR QA 89 62.40 -96.41 -47.92
N ILE QA 90 62.03 -97.65 -47.60
CA ILE QA 90 61.34 -98.54 -48.52
C ILE QA 90 59.94 -98.80 -47.99
N VAL QA 91 58.93 -98.56 -48.83
CA VAL QA 91 57.55 -98.78 -48.42
C VAL QA 91 57.26 -100.28 -48.38
N ALA QA 92 56.24 -100.65 -47.59
CA ALA QA 92 55.89 -102.06 -47.44
C ALA QA 92 55.29 -102.61 -48.74
N ASN QA 93 54.21 -101.99 -49.21
CA ASN QA 93 53.55 -102.43 -50.44
C ASN QA 93 54.38 -101.98 -51.64
N SER QA 94 55.43 -102.76 -51.93
CA SER QA 94 56.31 -102.46 -53.05
C SER QA 94 56.34 -103.63 -54.02
N THR QA 95 57.54 -104.00 -54.47
CA THR QA 95 57.71 -105.10 -55.41
C THR QA 95 58.99 -105.86 -55.07
N GLU QA 96 58.87 -107.18 -54.93
CA GLU QA 96 60.04 -108.00 -54.60
C GLU QA 96 61.07 -107.96 -55.72
N ALA QA 97 60.62 -108.04 -56.97
CA ALA QA 97 61.56 -107.99 -58.09
C ALA QA 97 62.25 -106.63 -58.16
N SER QA 98 61.52 -105.55 -57.93
CA SER QA 98 62.12 -104.22 -57.94
C SER QA 98 63.13 -104.07 -56.80
N ARG QA 99 62.80 -104.59 -55.62
CA ARG QA 99 63.73 -104.53 -54.49
C ARG QA 99 64.98 -105.34 -54.78
N LYS QA 100 64.84 -106.52 -55.39
CA LYS QA 100 66.00 -107.33 -55.74
C LYS QA 100 66.87 -106.63 -56.77
N SER QA 101 66.24 -106.01 -57.77
CA SER QA 101 67.01 -105.29 -58.79
C SER QA 101 67.74 -104.10 -58.17
N LEU QA 102 67.09 -103.39 -57.25
CA LEU QA 102 67.74 -102.26 -56.59
C LEU QA 102 68.91 -102.73 -55.74
N TYR QA 103 68.74 -103.85 -55.02
CA TYR QA 103 69.84 -104.39 -54.23
C TYR QA 103 71.00 -104.83 -55.10
N ASP QA 104 70.71 -105.44 -56.25
CA ASP QA 104 71.77 -105.84 -57.17
C ASP QA 104 72.49 -104.63 -57.74
N LEU QA 105 71.75 -103.57 -58.07
CA LEU QA 105 72.39 -102.36 -58.58
C LEU QA 105 73.27 -101.71 -57.52
N THR QA 106 72.80 -101.70 -56.26
CA THR QA 106 73.61 -101.15 -55.17
C THR QA 106 74.87 -101.98 -54.96
N LYS QA 107 74.75 -103.31 -55.01
CA LYS QA 107 75.91 -104.17 -54.86
C LYS QA 107 76.91 -103.95 -55.99
N SER QA 108 76.42 -103.79 -57.21
CA SER QA 108 77.32 -103.53 -58.34
C SER QA 108 78.01 -102.18 -58.20
N LEU QA 109 77.27 -101.16 -57.79
CA LEU QA 109 77.88 -99.84 -57.59
C LEU QA 109 78.91 -99.86 -56.46
N VAL QA 110 78.68 -100.69 -55.44
CA VAL QA 110 79.64 -100.78 -54.35
C VAL QA 110 80.89 -101.54 -54.80
N ALA QA 111 80.71 -102.63 -55.54
CA ALA QA 111 81.84 -103.46 -55.98
C ALA QA 111 82.57 -102.88 -57.17
N THR QA 112 82.04 -101.84 -57.82
CA THR QA 112 82.73 -101.25 -58.95
C THR QA 112 84.02 -100.57 -58.51
N SER QA 113 84.89 -100.29 -59.49
CA SER QA 113 86.18 -99.68 -59.23
C SER QA 113 86.13 -98.17 -59.13
N GLN QA 114 85.01 -97.55 -59.52
CA GLN QA 114 84.89 -96.10 -59.47
C GLN QA 114 84.74 -95.58 -58.04
N VAL QA 115 83.92 -96.24 -57.22
CA VAL QA 115 83.77 -95.82 -55.83
C VAL QA 115 85.05 -96.06 -55.05
N GLU QA 116 85.78 -97.13 -55.37
CA GLU QA 116 87.06 -97.38 -54.71
C GLU QA 116 88.06 -96.25 -55.01
N ASP QA 117 88.11 -95.80 -56.27
CA ASP QA 117 88.99 -94.69 -56.61
C ASP QA 117 88.53 -93.40 -55.95
N LEU QA 118 87.21 -93.17 -55.92
CA LEU QA 118 86.68 -91.99 -55.24
C LEU QA 118 87.04 -91.98 -53.76
N VAL QA 119 87.08 -93.16 -53.13
CA VAL QA 119 87.41 -93.25 -51.71
C VAL QA 119 88.90 -93.06 -51.49
N VAL QA 120 89.73 -93.73 -52.30
CA VAL QA 120 91.18 -93.71 -52.11
C VAL QA 120 91.76 -92.39 -52.59
N ASN QA 121 91.75 -92.17 -53.91
CA ASN QA 121 92.40 -91.01 -54.50
C ASN QA 121 91.60 -89.73 -54.37
N LEU QA 122 90.41 -89.78 -53.75
CA LEU QA 122 89.56 -88.60 -53.56
C LEU QA 122 89.21 -87.92 -54.88
N VAL QA 123 89.17 -88.69 -55.96
CA VAL QA 123 88.82 -88.17 -57.28
C VAL QA 123 87.32 -88.27 -57.46
N PRO QA 124 86.64 -87.22 -57.93
CA PRO QA 124 85.19 -87.29 -58.09
C PRO QA 124 84.78 -88.41 -59.05
N LEU QA 125 83.65 -89.03 -58.76
CA LEU QA 125 83.16 -90.15 -59.54
C LEU QA 125 82.76 -89.67 -60.94
N GLY QA 126 83.41 -90.21 -61.96
CA GLY QA 126 83.11 -89.83 -63.33
C GLY QA 126 84.05 -90.47 -64.34
N ARG QA 127 83.88 -91.77 -64.58
CA ARG QA 127 84.71 -92.49 -65.53
C ARG QA 127 83.90 -92.93 -66.75
N SER RA 1 132.98 41.66 29.12
CA SER RA 1 131.94 42.08 28.19
C SER RA 1 131.74 43.58 28.26
N LYS RA 2 130.57 44.01 28.72
CA LYS RA 2 130.31 45.43 28.97
C LYS RA 2 130.56 45.71 30.45
N THR RA 3 131.51 46.61 30.72
CA THR RA 3 131.90 46.95 32.09
C THR RA 3 131.44 48.35 32.43
N ILE RA 4 130.97 48.53 33.66
CA ILE RA 4 130.50 49.81 34.18
C ILE RA 4 131.25 50.08 35.47
N VAL RA 5 131.93 51.23 35.53
CA VAL RA 5 132.72 51.62 36.70
C VAL RA 5 131.94 52.67 37.48
N LEU RA 6 131.73 52.41 38.77
CA LEU RA 6 131.01 53.32 39.65
C LEU RA 6 131.94 53.76 40.78
N SER RA 7 132.04 55.06 40.99
CA SER RA 7 132.92 55.64 42.01
C SER RA 7 132.07 55.97 43.24
N VAL RA 8 132.40 55.33 44.36
CA VAL RA 8 131.68 55.59 45.62
C VAL RA 8 132.34 56.66 46.46
N GLY RA 9 133.58 57.04 46.15
CA GLY RA 9 134.29 58.04 46.93
C GLY RA 9 135.71 57.63 47.22
N GLU RA 10 135.90 56.39 47.69
CA GLU RA 10 137.22 55.85 47.98
C GLU RA 10 137.54 54.58 47.22
N ALA RA 11 136.54 53.85 46.74
CA ALA RA 11 136.74 52.63 45.98
C ALA RA 11 135.91 52.68 44.70
N THR RA 12 136.24 51.80 43.76
CA THR RA 12 135.56 51.73 42.47
C THR RA 12 134.95 50.34 42.30
N ARG RA 13 133.65 50.30 42.05
CA ARG RA 13 132.94 49.05 41.82
C ARG RA 13 132.76 48.81 40.33
N THR RA 14 132.79 47.53 39.94
CA THR RA 14 132.70 47.14 38.54
C THR RA 14 131.49 46.23 38.35
N LEU RA 15 130.60 46.63 37.44
CA LEU RA 15 129.46 45.83 37.05
C LEU RA 15 129.68 45.26 35.65
N THR RA 16 129.37 43.98 35.48
CA THR RA 16 129.61 43.28 34.23
C THR RA 16 128.30 42.83 33.61
N GLU RA 17 128.20 42.97 32.29
CA GLU RA 17 127.02 42.51 31.57
C GLU RA 17 126.97 40.99 31.58
N ILE RA 18 125.82 40.41 31.91
CA ILE RA 18 125.70 38.96 32.00
C ILE RA 18 124.64 38.39 31.04
N GLN RA 19 123.48 39.06 30.92
CA GLN RA 19 122.40 38.54 30.10
C GLN RA 19 122.09 39.57 29.01
N SER RA 20 122.90 39.55 27.96
CA SER RA 20 122.77 40.52 26.87
C SER RA 20 121.57 40.17 26.01
N THR RA 21 120.50 40.94 26.15
CA THR RA 21 119.30 40.78 25.34
C THR RA 21 118.68 42.15 25.12
N ALA RA 22 117.96 42.29 24.01
CA ALA RA 22 117.39 43.58 23.65
C ALA RA 22 116.31 44.01 24.63
N ASP RA 23 115.32 43.15 24.86
CA ASP RA 23 114.19 43.51 25.72
C ASP RA 23 114.50 43.40 27.21
N ARG RA 24 115.70 42.91 27.58
CA ARG RA 24 116.05 42.76 28.99
C ARG RA 24 117.57 42.69 29.09
N GLN RA 25 118.17 43.73 29.66
CA GLN RA 25 119.61 43.78 29.89
C GLN RA 25 119.85 43.64 31.39
N ILE RA 26 120.64 42.64 31.77
CA ILE RA 26 120.90 42.31 33.17
C ILE RA 26 122.38 42.53 33.43
N PHE RA 27 122.69 43.55 34.24
CA PHE RA 27 124.06 43.81 34.67
C PHE RA 27 124.23 43.32 36.10
N GLU RA 28 125.36 42.66 36.36
CA GLU RA 28 125.66 42.13 37.68
C GLU RA 28 127.01 42.66 38.14
N GLU RA 29 127.11 42.98 39.42
CA GLU RA 29 128.36 43.45 40.00
C GLU RA 29 129.24 42.25 40.39
N LYS RA 30 130.52 42.32 40.04
CA LYS RA 30 131.48 41.27 40.33
C LYS RA 30 132.45 41.78 41.39
N VAL RA 31 132.31 41.28 42.61
CA VAL RA 31 133.20 41.63 43.71
C VAL RA 31 133.64 40.37 44.42
N GLY RA 32 132.68 39.55 44.84
CA GLY RA 32 132.97 38.31 45.51
C GLY RA 32 131.87 37.28 45.30
N PRO RA 33 130.98 37.15 46.27
CA PRO RA 33 129.84 36.21 46.11
C PRO RA 33 128.86 36.74 45.08
N LEU RA 34 128.63 35.94 44.03
CA LEU RA 34 127.72 36.38 42.98
C LEU RA 34 126.27 36.39 43.43
N VAL RA 35 125.89 35.44 44.31
CA VAL RA 35 124.53 35.40 44.82
C VAL RA 35 124.34 36.50 45.86
N GLY RA 36 123.21 37.19 45.79
CA GLY RA 36 122.93 38.28 46.71
C GLY RA 36 123.86 39.45 46.54
N ARG RA 37 123.93 39.99 45.33
CA ARG RA 37 124.81 41.12 45.05
C ARG RA 37 124.02 42.27 44.42
N LEU RA 38 124.70 43.08 43.60
CA LEU RA 38 124.08 44.22 42.94
C LEU RA 38 123.68 43.82 41.52
N ARG RA 39 122.40 43.99 41.20
CA ARG RA 39 121.87 43.68 39.88
C ARG RA 39 121.08 44.86 39.34
N LEU RA 40 121.09 44.98 38.01
CA LEU RA 40 120.42 46.08 37.33
C LEU RA 40 119.71 45.54 36.11
N THR RA 41 118.42 45.83 36.00
CA THR RA 41 117.59 45.39 34.88
C THR RA 41 117.17 46.60 34.06
N ALA RA 42 117.45 46.56 32.77
CA ALA RA 42 117.11 47.63 31.85
C ALA RA 42 116.22 47.10 30.74
N SER RA 43 115.20 47.88 30.37
CA SER RA 43 114.26 47.49 29.33
C SER RA 43 113.85 48.72 28.52
N LEU RA 44 113.72 48.54 27.22
CA LEU RA 44 113.30 49.61 26.31
C LEU RA 44 112.26 49.05 25.35
N ARG RA 45 111.19 49.80 25.12
CA ARG RA 45 110.09 49.35 24.28
C ARG RA 45 109.37 50.57 23.71
N GLN RA 46 108.31 50.31 22.96
CA GLN RA 46 107.45 51.33 22.37
C GLN RA 46 106.12 51.36 23.11
N ASN RA 47 105.10 51.96 22.50
CA ASN RA 47 103.79 52.07 23.13
C ASN RA 47 102.76 52.51 22.09
N GLY RA 48 101.53 52.03 22.27
CA GLY RA 48 100.42 52.41 21.42
C GLY RA 48 100.62 52.18 19.94
N ALA RA 49 100.60 53.26 19.16
CA ALA RA 49 100.79 53.18 17.71
C ALA RA 49 102.02 53.98 17.31
N LYS RA 50 103.21 53.55 17.75
CA LYS RA 50 104.48 54.17 17.37
C LYS RA 50 104.63 55.60 17.88
N THR RA 51 103.88 55.98 18.92
CA THR RA 51 103.86 57.37 19.39
C THR RA 51 105.09 57.67 20.23
N ALA RA 52 105.09 57.22 21.48
CA ALA RA 52 106.20 57.47 22.38
C ALA RA 52 107.00 56.19 22.65
N TYR RA 53 107.72 56.15 23.76
CA TYR RA 53 108.51 54.99 24.13
C TYR RA 53 108.35 54.74 25.63
N ARG RA 54 108.96 53.65 26.09
CA ARG RA 54 108.89 53.27 27.49
C ARG RA 54 110.22 52.66 27.91
N VAL RA 55 110.84 53.24 28.93
CA VAL RA 55 112.12 52.77 29.46
C VAL RA 55 111.93 52.40 30.92
N ASN RA 56 112.43 51.23 31.28
CA ASN RA 56 112.33 50.73 32.66
C ASN RA 56 113.73 50.42 33.17
N LEU RA 57 114.03 50.91 34.37
CA LEU RA 57 115.33 50.70 35.00
C LEU RA 57 115.11 50.31 36.45
N LYS RA 58 115.53 49.10 36.82
CA LYS RA 58 115.39 48.60 38.17
C LYS RA 58 116.77 48.25 38.73
N LEU RA 59 116.98 48.53 40.01
CA LEU RA 59 118.25 48.25 40.67
C LEU RA 59 117.96 47.51 41.97
N ASP RA 60 118.48 46.30 42.10
CA ASP RA 60 118.26 45.47 43.27
C ASP RA 60 119.59 45.12 43.94
N GLN RA 61 119.54 44.97 45.26
CA GLN RA 61 120.73 44.61 46.04
C GLN RA 61 120.27 43.98 47.34
N ALA RA 62 120.53 42.68 47.49
CA ALA RA 62 120.13 41.93 48.68
C ALA RA 62 121.35 41.66 49.54
N ASP RA 63 121.25 41.99 50.83
CA ASP RA 63 122.34 41.75 51.76
C ASP RA 63 122.42 40.27 52.12
N VAL RA 64 123.64 39.83 52.44
CA VAL RA 64 123.89 38.43 52.79
C VAL RA 64 124.53 38.38 54.17
N VAL RA 65 124.38 37.23 54.82
CA VAL RA 65 124.96 36.99 56.14
C VAL RA 65 125.58 35.60 56.15
N ASP RA 66 126.58 35.42 57.01
CA ASP RA 66 127.31 34.16 57.11
C ASP RA 66 127.79 33.97 58.54
N CYS RA 67 127.79 32.71 58.98
CA CYS RA 67 128.20 32.36 60.33
C CYS RA 67 129.39 31.42 60.36
N SER RA 68 130.07 31.19 59.23
CA SER RA 68 131.19 30.26 59.21
C SER RA 68 132.40 30.80 59.97
N THR RA 69 132.39 32.09 60.32
CA THR RA 69 133.51 32.65 61.07
C THR RA 69 133.52 32.18 62.52
N SER RA 70 132.34 31.96 63.10
CA SER RA 70 132.24 31.53 64.49
C SER RA 70 131.50 30.20 64.60
N VAL RA 71 130.28 30.15 64.06
CA VAL RA 71 129.46 28.95 64.10
C VAL RA 71 130.05 27.93 63.13
N CYS RA 72 129.95 26.65 63.50
CA CYS RA 72 130.45 25.49 62.77
C CYS RA 72 130.06 25.44 61.31
N GLY RA 73 128.85 25.90 60.99
CA GLY RA 73 128.13 25.46 59.82
C GLY RA 73 126.93 26.30 59.47
N GLU RA 74 127.09 27.20 58.49
CA GLU RA 74 125.98 28.04 58.03
C GLU RA 74 126.37 28.61 56.67
N LEU RA 75 125.59 28.27 55.63
CA LEU RA 75 125.85 28.78 54.31
C LEU RA 75 125.45 30.25 54.22
N PRO RA 76 126.06 31.00 53.30
CA PRO RA 76 125.67 32.41 53.12
C PRO RA 76 124.19 32.52 52.75
N LYS RA 77 123.43 33.20 53.61
CA LYS RA 77 121.98 33.33 53.47
C LYS RA 77 121.60 34.78 53.25
N VAL RA 78 120.69 35.02 52.30
CA VAL RA 78 120.22 36.36 52.03
C VAL RA 78 119.28 36.81 53.14
N ARG RA 79 119.22 38.13 53.36
CA ARG RA 79 118.39 38.69 54.41
C ARG RA 79 117.22 39.40 53.75
N TYR RA 80 117.29 40.71 53.52
CA TYR RA 80 116.22 41.47 52.91
C TYR RA 80 116.52 41.75 51.45
N THR RA 81 115.50 42.27 50.75
CA THR RA 81 115.62 42.60 49.34
C THR RA 81 115.07 44.00 49.11
N GLN RA 82 115.78 44.80 48.33
CA GLN RA 82 115.39 46.16 48.02
C GLN RA 82 115.14 46.28 46.53
N VAL RA 83 114.03 46.93 46.17
CA VAL RA 83 113.63 47.11 44.78
C VAL RA 83 113.46 48.61 44.53
N TRP RA 84 114.16 49.11 43.50
CA TRP RA 84 114.09 50.52 43.10
C TRP RA 84 113.93 50.56 41.58
N SER RA 85 112.67 50.55 41.12
CA SER RA 85 112.36 50.57 39.71
C SER RA 85 112.16 52.00 39.23
N HIS RA 86 112.11 52.17 37.90
CA HIS RA 86 111.92 53.46 37.28
C HIS RA 86 110.92 53.32 36.14
N ASP RA 87 110.56 54.46 35.54
CA ASP RA 87 109.62 54.47 34.42
C ASP RA 87 109.84 55.76 33.65
N VAL RA 88 110.30 55.65 32.40
CA VAL RA 88 110.58 56.80 31.56
C VAL RA 88 109.62 56.75 30.37
N THR RA 89 108.77 57.78 30.26
CA THR RA 89 107.80 57.89 29.18
C THR RA 89 108.06 59.22 28.46
N ILE RA 90 109.03 59.22 27.55
CA ILE RA 90 109.41 60.39 26.78
C ILE RA 90 109.08 60.16 25.33
N VAL RA 91 108.33 61.09 24.73
CA VAL RA 91 107.96 60.96 23.32
C VAL RA 91 109.17 61.27 22.44
N ALA RA 92 109.14 60.76 21.22
CA ALA RA 92 110.25 60.96 20.29
C ALA RA 92 110.32 62.41 19.85
N ASN RA 93 109.25 62.92 19.25
CA ASN RA 93 109.19 64.31 18.78
C ASN RA 93 109.02 65.23 19.98
N SER RA 94 110.14 65.51 20.64
CA SER RA 94 110.14 66.39 21.81
C SER RA 94 111.08 67.57 21.59
N THR RA 95 111.89 67.89 22.61
CA THR RA 95 112.83 68.99 22.52
C THR RA 95 114.11 68.61 23.26
N GLU RA 96 115.25 68.78 22.58
CA GLU RA 96 116.53 68.43 23.20
C GLU RA 96 116.83 69.34 24.38
N ALA RA 97 116.55 70.63 24.25
CA ALA RA 97 116.78 71.55 25.36
C ALA RA 97 115.89 71.23 26.54
N SER RA 98 114.62 70.91 26.28
CA SER RA 98 113.71 70.54 27.36
C SER RA 98 114.16 69.25 28.05
N ARG RA 99 114.62 68.26 27.26
CA ARG RA 99 115.10 67.02 27.84
C ARG RA 99 116.35 67.26 28.69
N LYS RA 100 117.25 68.12 28.22
CA LYS RA 100 118.45 68.43 29.00
C LYS RA 100 118.09 69.15 30.28
N SER RA 101 117.15 70.09 30.22
CA SER RA 101 116.72 70.79 31.43
C SER RA 101 116.06 69.84 32.42
N LEU RA 102 115.25 68.91 31.92
CA LEU RA 102 114.62 67.93 32.80
C LEU RA 102 115.65 67.02 33.44
N TYR RA 103 116.66 66.59 32.66
CA TYR RA 103 117.72 65.75 33.23
C TYR RA 103 118.51 66.50 34.28
N ASP RA 104 118.79 67.79 34.04
CA ASP RA 104 119.52 68.59 35.02
C ASP RA 104 118.70 68.76 36.29
N LEU RA 105 117.39 68.99 36.15
CA LEU RA 105 116.53 69.12 37.32
C LEU RA 105 116.48 67.83 38.11
N THR RA 106 116.40 66.68 37.42
CA THR RA 106 116.40 65.40 38.10
C THR RA 106 117.72 65.15 38.82
N LYS RA 107 118.84 65.50 38.19
CA LYS RA 107 120.13 65.34 38.82
C LYS RA 107 120.25 66.23 40.05
N SER RA 108 119.75 67.45 39.97
CA SER RA 108 119.79 68.35 41.13
C SER RA 108 118.92 67.83 42.27
N LEU RA 109 117.72 67.33 41.94
CA LEU RA 109 116.85 66.77 42.97
C LEU RA 109 117.45 65.52 43.59
N VAL RA 110 118.20 64.74 42.82
CA VAL RA 110 118.85 63.55 43.38
C VAL RA 110 120.02 63.95 44.28
N ALA RA 111 120.82 64.91 43.85
CA ALA RA 111 122.00 65.33 44.59
C ALA RA 111 121.68 66.25 45.76
N THR RA 112 120.45 66.73 45.87
CA THR RA 112 120.09 67.60 46.99
C THR RA 112 120.11 66.82 48.30
N SER RA 113 120.13 67.56 49.40
CA SER RA 113 120.20 66.99 50.74
C SER RA 113 118.84 66.59 51.29
N GLN RA 114 117.75 67.02 50.65
CA GLN RA 114 116.41 66.68 51.12
C GLN RA 114 116.06 65.22 50.87
N VAL RA 115 116.37 64.70 49.68
CA VAL RA 115 116.09 63.30 49.39
C VAL RA 115 116.96 62.39 50.25
N GLU RA 116 118.21 62.80 50.53
CA GLU RA 116 119.06 62.01 51.40
C GLU RA 116 118.47 61.91 52.80
N ASP RA 117 117.95 63.01 53.33
CA ASP RA 117 117.32 62.97 54.64
C ASP RA 117 116.04 62.15 54.61
N LEU RA 118 115.25 62.28 53.54
CA LEU RA 118 114.05 61.46 53.39
C LEU RA 118 114.38 59.97 53.36
N VAL RA 119 115.51 59.61 52.77
CA VAL RA 119 115.90 58.21 52.70
C VAL RA 119 116.42 57.71 54.04
N VAL RA 120 117.28 58.49 54.68
CA VAL RA 120 117.93 58.08 55.92
C VAL RA 120 116.96 58.18 57.09
N ASN RA 121 116.61 59.41 57.48
CA ASN RA 121 115.80 59.63 58.66
C ASN RA 121 114.32 59.37 58.45
N LEU RA 122 113.91 58.98 57.24
CA LEU RA 122 112.51 58.68 56.93
C LEU RA 122 111.60 59.87 57.21
N VAL RA 123 112.14 61.08 57.10
CA VAL RA 123 111.36 62.30 57.32
C VAL RA 123 110.77 62.75 55.99
N PRO RA 124 109.48 63.07 55.94
CA PRO RA 124 108.87 63.49 54.66
C PRO RA 124 109.57 64.71 54.08
N LEU RA 125 109.67 64.74 52.75
CA LEU RA 125 110.35 65.81 52.05
C LEU RA 125 109.59 67.12 52.22
N GLY RA 126 110.24 68.12 52.81
CA GLY RA 126 109.60 69.40 53.02
C GLY RA 126 110.47 70.36 53.82
N ARG RA 127 111.52 70.89 53.19
CA ARG RA 127 112.42 71.82 53.86
C ARG RA 127 112.30 73.21 53.26
N SER SA 1 107.65 69.23 63.67
CA SER SA 1 106.23 69.49 63.50
C SER SA 1 105.59 69.81 64.84
N LYS SA 2 104.69 68.96 65.31
CA LYS SA 2 104.12 69.08 66.65
C LYS SA 2 104.92 68.21 67.60
N THR SA 3 105.52 68.82 68.62
CA THR SA 3 106.36 68.13 69.58
C THR SA 3 105.66 68.08 70.94
N ILE SA 4 105.79 66.94 71.61
CA ILE SA 4 105.22 66.71 72.94
C ILE SA 4 106.34 66.25 73.85
N VAL SA 5 106.55 66.97 74.95
CA VAL SA 5 107.60 66.66 75.91
C VAL SA 5 106.97 65.98 77.12
N LEU SA 6 107.47 64.80 77.46
CA LEU SA 6 107.00 64.03 78.61
C LEU SA 6 108.14 63.85 79.60
N SER SA 7 107.88 64.18 80.87
CA SER SA 7 108.87 64.09 81.93
C SER SA 7 108.64 62.80 82.70
N VAL SA 8 109.64 61.91 82.69
CA VAL SA 8 109.54 60.65 83.42
C VAL SA 8 110.13 60.73 84.82
N GLY SA 9 110.86 61.80 85.14
CA GLY SA 9 111.48 61.94 86.45
C GLY SA 9 112.91 62.39 86.37
N GLU SA 10 113.70 61.73 85.51
CA GLU SA 10 115.09 62.08 85.30
C GLU SA 10 115.44 62.42 83.86
N ALA SA 11 114.64 61.97 82.90
CA ALA SA 11 114.86 62.26 81.49
C ALA SA 11 113.57 62.76 80.87
N THR SA 12 113.70 63.38 79.70
CA THR SA 12 112.57 63.94 78.96
C THR SA 12 112.46 63.27 77.61
N ARG SA 13 111.29 62.71 77.31
CA ARG SA 13 111.03 62.06 76.03
C ARG SA 13 110.26 63.01 75.12
N THR SA 14 110.53 62.90 73.82
CA THR SA 14 109.95 63.78 72.81
C THR SA 14 109.17 62.94 71.81
N LEU SA 15 107.89 63.26 71.64
CA LEU SA 15 107.03 62.63 70.64
C LEU SA 15 106.76 63.63 69.53
N THR SA 16 106.86 63.15 68.28
CA THR SA 16 106.72 64.01 67.10
C THR SA 16 105.50 63.58 66.30
N GLU SA 17 104.76 64.58 65.81
CA GLU SA 17 103.61 64.30 64.94
C GLU SA 17 104.10 63.76 63.60
N ILE SA 18 103.50 62.67 63.12
CA ILE SA 18 103.92 62.06 61.87
C ILE SA 18 102.81 61.99 60.84
N GLN SA 19 101.59 61.65 61.25
CA GLN SA 19 100.49 61.48 60.30
C GLN SA 19 99.39 62.46 60.67
N SER SA 20 99.56 63.72 60.25
CA SER SA 20 98.63 64.79 60.59
C SER SA 20 97.37 64.64 59.76
N THR SA 21 96.29 64.19 60.40
CA THR SA 21 94.99 64.08 59.76
C THR SA 21 93.91 64.34 60.81
N ALA SA 22 92.76 64.82 60.35
CA ALA SA 22 91.68 65.20 61.26
C ALA SA 22 91.11 63.99 61.99
N ASP SA 23 90.70 62.97 61.24
CA ASP SA 23 90.06 61.80 61.83
C ASP SA 23 91.04 60.82 62.45
N ARG SA 24 92.36 61.05 62.31
CA ARG SA 24 93.34 60.13 62.87
C ARG SA 24 94.67 60.90 63.01
N GLN SA 25 95.07 61.16 64.25
CA GLN SA 25 96.33 61.80 64.55
C GLN SA 25 97.29 60.76 65.14
N ILE SA 26 98.45 60.59 64.51
CA ILE SA 26 99.41 59.57 64.89
C ILE SA 26 100.68 60.27 65.36
N PHE SA 27 100.96 60.18 66.65
CA PHE SA 27 102.19 60.71 67.22
C PHE SA 27 103.17 59.57 67.48
N GLU SA 28 104.43 59.78 67.12
CA GLU SA 28 105.47 58.79 67.29
C GLU SA 28 106.60 59.38 68.11
N GLU SA 29 107.18 58.56 68.99
CA GLU SA 29 108.32 58.99 69.79
C GLU SA 29 109.61 58.80 69.02
N LYS SA 30 110.47 59.81 69.05
CA LYS SA 30 111.76 59.79 68.35
C LYS SA 30 112.87 59.70 69.38
N VAL SA 31 113.49 58.54 69.49
CA VAL SA 31 114.61 58.32 70.41
C VAL SA 31 115.73 57.62 69.65
N GLY SA 32 115.41 56.49 69.03
CA GLY SA 32 116.38 55.73 68.28
C GLY SA 32 115.73 54.93 67.16
N PRO SA 33 115.49 53.64 67.40
CA PRO SA 33 114.81 52.82 66.39
C PRO SA 33 113.34 53.21 66.28
N LEU SA 34 112.93 53.61 65.07
CA LEU SA 34 111.55 54.04 64.88
C LEU SA 34 110.57 52.87 64.95
N VAL SA 35 110.99 51.69 64.48
CA VAL SA 35 110.12 50.52 64.53
C VAL SA 35 110.08 49.99 65.97
N GLY SA 36 108.88 49.65 66.44
CA GLY SA 36 108.73 49.14 67.79
C GLY SA 36 109.01 50.18 68.85
N ARG SA 37 108.32 51.33 68.77
CA ARG SA 37 108.53 52.40 69.72
C ARG SA 37 107.21 52.82 70.37
N LEU SA 38 107.10 54.08 70.76
CA LEU SA 38 105.91 54.60 71.40
C LEU SA 38 105.05 55.33 70.37
N ARG SA 39 103.80 54.90 70.24
CA ARG SA 39 102.87 55.50 69.29
C ARG SA 39 101.57 55.85 70.00
N LEU SA 40 100.92 56.90 69.50
CA LEU SA 40 99.68 57.41 70.09
C LEU SA 40 98.72 57.75 68.97
N THR SA 41 97.50 57.20 69.04
CA THR SA 41 96.46 57.42 68.06
C THR SA 41 95.32 58.21 68.71
N ALA SA 42 94.97 59.33 68.10
CA ALA SA 42 93.89 60.19 68.59
C ALA SA 42 92.83 60.34 67.52
N SER SA 43 91.56 60.31 67.94
CA SER SA 43 90.45 60.45 67.01
C SER SA 43 89.33 61.22 67.69
N LEU SA 44 88.66 62.07 66.91
CA LEU SA 44 87.54 62.88 67.39
C LEU SA 44 86.43 62.83 66.35
N ARG SA 45 85.20 62.64 66.81
CA ARG SA 45 84.06 62.52 65.91
C ARG SA 45 82.80 62.95 66.65
N GLN SA 46 81.67 62.82 65.96
CA GLN SA 46 80.35 63.12 66.50
C GLN SA 46 79.59 61.82 66.73
N ASN SA 47 78.27 61.91 66.87
CA ASN SA 47 77.45 60.73 67.13
C ASN SA 47 75.98 61.08 66.94
N GLY SA 48 75.21 60.09 66.48
CA GLY SA 48 73.77 60.23 66.31
C GLY SA 48 73.34 61.38 65.44
N ALA SA 49 72.60 62.32 66.02
CA ALA SA 49 72.10 63.49 65.30
C ALA SA 49 72.65 64.75 65.95
N LYS SA 50 73.97 64.95 65.90
CA LYS SA 50 74.63 66.16 66.39
C LYS SA 50 74.50 66.33 67.90
N THR SA 51 74.25 65.25 68.64
CA THR SA 51 73.98 65.35 70.08
C THR SA 51 75.28 65.52 70.86
N ALA SA 52 76.02 64.41 71.04
CA ALA SA 52 77.26 64.44 71.79
C ALA SA 52 78.46 64.27 70.86
N TYR SA 53 79.59 63.81 71.42
CA TYR SA 53 80.79 63.60 70.65
C TYR SA 53 81.44 62.30 71.09
N ARG SA 54 82.53 61.92 70.41
CA ARG SA 54 83.25 60.70 70.71
C ARG SA 54 84.73 60.94 70.51
N VAL SA 55 85.52 60.71 71.55
CA VAL SA 55 86.97 60.88 71.51
C VAL SA 55 87.62 59.55 71.84
N ASN SA 56 88.60 59.16 71.02
CA ASN SA 56 89.31 57.91 71.21
C ASN SA 56 90.81 58.20 71.31
N LEU SA 57 91.45 57.64 72.34
CA LEU SA 57 92.88 57.82 72.58
C LEU SA 57 93.50 56.47 72.88
N LYS SA 58 94.42 56.02 72.03
CA LYS SA 58 95.11 54.75 72.19
C LYS SA 58 96.60 55.00 72.27
N LEU SA 59 97.28 54.24 73.14
CA LEU SA 59 98.72 54.36 73.32
C LEU SA 59 99.34 52.97 73.25
N ASP SA 60 100.24 52.77 72.29
CA ASP SA 60 100.87 51.49 72.08
C ASP SA 60 102.39 51.62 72.21
N GLN SA 61 103.02 50.55 72.69
CA GLN SA 61 104.47 50.51 72.84
C GLN SA 61 104.91 49.05 72.83
N ALA SA 62 105.63 48.65 71.80
CA ALA SA 62 106.11 47.28 71.65
C ALA SA 62 107.61 47.23 71.92
N ASP SA 63 108.01 46.32 72.79
CA ASP SA 63 109.41 46.14 73.12
C ASP SA 63 110.15 45.43 72.00
N VAL SA 64 111.43 45.72 71.87
CA VAL SA 64 112.27 45.14 70.84
C VAL SA 64 113.46 44.44 71.49
N VAL SA 65 114.04 43.49 70.76
CA VAL SA 65 115.20 42.74 71.22
C VAL SA 65 116.18 42.62 70.06
N ASP SA 66 117.46 42.47 70.40
CA ASP SA 66 118.53 42.40 69.41
C ASP SA 66 119.64 41.52 69.95
N CYS SA 67 120.27 40.77 69.05
CA CYS SA 67 121.36 39.87 69.40
C CYS SA 67 122.68 40.20 68.70
N SER SA 68 122.77 41.37 68.04
CA SER SA 68 123.99 41.71 67.33
C SER SA 68 125.15 41.99 68.28
N THR SA 69 124.88 42.15 69.58
CA THR SA 69 125.95 42.40 70.53
C THR SA 69 126.79 41.15 70.79
N SER SA 70 126.17 39.98 70.74
CA SER SA 70 126.88 38.73 70.99
C SER SA 70 126.77 37.79 69.80
N VAL SA 71 125.54 37.49 69.38
CA VAL SA 71 125.29 36.60 68.26
C VAL SA 71 125.67 37.33 66.98
N CYS SA 72 126.19 36.56 66.00
CA CYS SA 72 126.65 37.02 64.70
C CYS SA 72 125.66 37.89 63.93
N GLY SA 73 124.38 37.60 64.07
CA GLY SA 73 123.38 37.93 63.07
C GLY SA 73 121.95 37.79 63.54
N GLU SA 74 121.33 38.92 63.89
CA GLU SA 74 119.92 38.92 64.30
C GLU SA 74 119.41 40.36 64.22
N LEU SA 75 118.42 40.58 63.36
CA LEU SA 75 117.84 41.90 63.22
C LEU SA 75 116.98 42.23 64.44
N PRO SA 76 116.80 43.52 64.75
CA PRO SA 76 115.91 43.90 65.85
C PRO SA 76 114.49 43.38 65.64
N LYS SA 77 114.04 42.54 66.57
CA LYS SA 77 112.76 41.86 66.45
C LYS SA 77 111.84 42.30 67.59
N VAL SA 78 110.58 42.57 67.26
CA VAL SA 78 109.62 42.96 68.29
C VAL SA 78 109.21 41.73 69.10
N ARG SA 79 108.82 41.98 70.36
CA ARG SA 79 108.44 40.89 71.26
C ARG SA 79 106.94 40.96 71.46
N TYR SA 80 106.46 41.62 72.51
CA TYR SA 80 105.03 41.72 72.80
C TYR SA 80 104.50 43.08 72.40
N THR SA 81 103.18 43.21 72.43
CA THR SA 81 102.50 44.46 72.08
C THR SA 81 101.47 44.78 73.14
N GLN SA 82 101.43 46.04 73.57
CA GLN SA 82 100.49 46.51 74.59
C GLN SA 82 99.56 47.53 73.98
N VAL SA 83 98.27 47.40 74.27
CA VAL SA 83 97.23 48.28 73.76
C VAL SA 83 96.46 48.87 74.93
N TRP SA 84 96.39 50.20 74.97
CA TRP SA 84 95.69 50.94 76.02
C TRP SA 84 94.83 52.00 75.34
N SER SA 85 93.59 51.64 75.00
CA SER SA 85 92.67 52.54 74.33
C SER SA 85 91.79 53.26 75.35
N HIS SA 86 91.09 54.28 74.88
CA HIS SA 86 90.20 55.08 75.72
C HIS SA 86 88.91 55.34 74.96
N ASP SA 87 87.96 55.96 75.65
CA ASP SA 87 86.66 56.28 75.05
C ASP SA 87 86.04 57.42 75.86
N VAL SA 88 85.89 58.58 75.24
CA VAL SA 88 85.33 59.76 75.88
C VAL SA 88 84.01 60.10 75.19
N THR SA 89 82.92 60.04 75.95
CA THR SA 89 81.58 60.36 75.46
C THR SA 89 81.01 61.48 76.32
N ILE SA 90 81.39 62.71 76.00
CA ILE SA 90 80.95 63.89 76.73
C ILE SA 90 80.07 64.73 75.81
N VAL SA 91 78.87 65.07 76.27
CA VAL SA 91 77.97 65.88 75.48
C VAL SA 91 78.44 67.33 75.47
N ALA SA 92 78.02 68.07 74.44
CA ALA SA 92 78.43 69.47 74.31
C ALA SA 92 77.79 70.32 75.40
N ASN SA 93 76.46 70.33 75.46
CA ASN SA 93 75.73 71.12 76.45
C ASN SA 93 75.83 70.42 77.81
N SER SA 94 76.96 70.64 78.47
CA SER SA 94 77.21 70.05 79.78
C SER SA 94 77.49 71.14 80.82
N THR SA 95 78.50 70.94 81.65
CA THR SA 95 78.87 71.91 82.67
C THR SA 95 80.39 71.94 82.81
N GLU SA 96 80.95 73.15 82.75
CA GLU SA 96 82.40 73.29 82.86
C GLU SA 96 82.90 72.86 84.24
N ALA SA 97 82.16 73.24 85.30
CA ALA SA 97 82.56 72.84 86.64
C ALA SA 97 82.49 71.33 86.82
N SER SA 98 81.44 70.70 86.28
CA SER SA 98 81.33 69.25 86.36
C SER SA 98 82.43 68.56 85.59
N ARG SA 99 82.77 69.09 84.41
CA ARG SA 99 83.86 68.50 83.62
C ARG SA 99 85.19 68.65 84.35
N LYS SA 100 85.43 69.80 84.98
CA LYS SA 100 86.66 70.00 85.73
C LYS SA 100 86.74 69.06 86.93
N SER SA 101 85.61 68.88 87.64
CA SER SA 101 85.59 67.96 88.77
C SER SA 101 85.83 66.52 88.31
N LEU SA 102 85.25 66.14 87.19
CA LEU SA 102 85.46 64.79 86.67
C LEU SA 102 86.92 64.59 86.26
N TYR SA 103 87.52 65.59 85.63
CA TYR SA 103 88.94 65.49 85.25
C TYR SA 103 89.83 65.40 86.48
N ASP SA 104 89.50 66.16 87.53
CA ASP SA 104 90.30 66.10 88.76
C ASP SA 104 90.15 64.73 89.43
N LEU SA 105 88.94 64.18 89.43
CA LEU SA 105 88.73 62.85 90.00
C LEU SA 105 89.49 61.79 89.21
N THR SA 106 89.49 61.90 87.88
CA THR SA 106 90.24 60.95 87.06
C THR SA 106 91.73 61.06 87.31
N LYS SA 107 92.24 62.30 87.43
CA LYS SA 107 93.65 62.50 87.72
C LYS SA 107 94.03 61.93 89.08
N SER SA 108 93.17 62.11 90.08
CA SER SA 108 93.43 61.55 91.40
C SER SA 108 93.42 60.03 91.38
N LEU SA 109 92.46 59.43 90.67
CA LEU SA 109 92.40 57.98 90.57
C LEU SA 109 93.61 57.43 89.81
N VAL SA 110 94.14 58.18 88.84
CA VAL SA 110 95.32 57.73 88.12
C VAL SA 110 96.56 57.85 88.99
N ALA SA 111 96.69 58.95 89.73
CA ALA SA 111 97.87 59.18 90.56
C ALA SA 111 97.83 58.42 91.88
N THR SA 112 96.71 57.81 92.23
CA THR SA 112 96.65 57.05 93.48
C THR SA 112 97.53 55.81 93.40
N SER SA 113 97.81 55.23 94.57
CA SER SA 113 98.69 54.07 94.68
C SER SA 113 97.96 52.75 94.45
N GLN SA 114 96.63 52.77 94.42
CA GLN SA 114 95.86 51.54 94.21
C GLN SA 114 95.95 51.04 92.76
N VAL SA 115 95.82 51.95 91.79
CA VAL SA 115 95.94 51.54 90.39
C VAL SA 115 97.35 51.09 90.07
N GLU SA 116 98.36 51.71 90.69
CA GLU SA 116 99.74 51.28 90.48
C GLU SA 116 99.94 49.85 90.98
N ASP SA 117 99.38 49.53 92.15
CA ASP SA 117 99.49 48.16 92.66
C ASP SA 117 98.71 47.18 91.78
N LEU SA 118 97.52 47.60 91.32
CA LEU SA 118 96.74 46.75 90.41
C LEU SA 118 97.50 46.48 89.13
N VAL SA 119 98.27 47.44 88.64
CA VAL SA 119 99.03 47.25 87.40
C VAL SA 119 100.25 46.37 87.65
N VAL SA 120 100.99 46.63 88.72
CA VAL SA 120 102.24 45.92 88.99
C VAL SA 120 101.95 44.53 89.53
N ASN SA 121 101.42 44.45 90.74
CA ASN SA 121 101.24 43.16 91.42
C ASN SA 121 100.02 42.40 90.93
N LEU SA 122 99.24 42.95 89.99
CA LEU SA 122 98.06 42.30 89.44
C LEU SA 122 97.04 41.96 90.52
N VAL SA 123 97.03 42.75 91.60
CA VAL SA 123 96.09 42.55 92.70
C VAL SA 123 94.84 43.37 92.42
N PRO SA 124 93.63 42.79 92.55
CA PRO SA 124 92.41 43.55 92.27
C PRO SA 124 92.30 44.79 93.15
N LEU SA 125 91.74 45.86 92.57
CA LEU SA 125 91.62 47.14 93.26
C LEU SA 125 90.64 47.00 94.41
N GLY SA 126 91.11 47.26 95.63
CA GLY SA 126 90.26 47.16 96.80
C GLY SA 126 91.01 47.37 98.09
N ARG SA 127 91.40 48.60 98.37
CA ARG SA 127 92.14 48.93 99.60
C ARG SA 127 91.29 49.77 100.53
N SER TA 1 93.63 38.02 101.35
CA SER TA 1 92.29 37.42 101.36
C SER TA 1 92.29 36.16 102.21
N LYS TA 2 92.08 35.00 101.59
CA LYS TA 2 92.19 33.73 102.28
C LYS TA 2 93.59 33.17 102.04
N THR TA 3 94.34 32.96 103.12
CA THR TA 3 95.71 32.48 103.04
C THR TA 3 95.80 31.05 103.57
N ILE TA 4 96.60 30.24 102.89
CA ILE TA 4 96.83 28.85 103.27
C ILE TA 4 98.34 28.64 103.40
N VAL TA 5 98.77 28.17 104.57
CA VAL TA 5 100.18 27.95 104.86
C VAL TA 5 100.46 26.46 104.77
N LEU TA 6 101.44 26.09 103.95
CA LEU TA 6 101.84 24.70 103.76
C LEU TA 6 103.30 24.55 104.18
N SER TA 7 103.56 23.56 105.04
CA SER TA 7 104.89 23.30 105.56
C SER TA 7 105.51 22.16 104.78
N VAL TA 8 106.63 22.44 104.09
CA VAL TA 8 107.33 21.40 103.31
C VAL TA 8 108.42 20.71 104.11
N GLY TA 9 108.81 21.26 105.27
CA GLY TA 9 109.86 20.68 106.06
C GLY TA 9 110.85 21.71 106.56
N GLU TA 10 111.32 22.57 105.66
CA GLU TA 10 112.24 23.65 106.01
C GLU TA 10 111.73 25.04 105.66
N ALA TA 11 110.78 25.15 104.74
CA ALA TA 11 110.20 26.43 104.34
C ALA TA 11 108.69 26.32 104.37
N THR TA 12 108.04 27.49 104.37
CA THR TA 12 106.58 27.58 104.40
C THR TA 12 106.10 28.31 103.16
N ARG TA 13 105.19 27.68 102.42
CA ARG TA 13 104.60 28.26 101.23
C ARG TA 13 103.23 28.82 101.55
N THR TA 14 102.88 29.92 100.86
CA THR TA 14 101.63 30.63 101.10
C THR TA 14 100.82 30.67 99.81
N LEU TA 15 99.59 30.16 99.88
CA LEU TA 15 98.64 30.21 98.79
C LEU TA 15 97.55 31.23 99.10
N THR TA 16 97.21 32.07 98.13
CA THR TA 16 96.26 33.15 98.30
C THR TA 16 95.03 32.92 97.42
N GLU TA 17 93.86 33.19 97.99
CA GLU TA 17 92.62 33.10 97.23
C GLU TA 17 92.58 34.20 96.17
N ILE TA 18 92.24 33.85 94.93
CA ILE TA 18 92.21 34.81 93.85
C ILE TA 18 90.84 34.92 93.19
N GLN TA 19 90.15 33.81 92.96
CA GLN TA 19 88.86 33.84 92.26
C GLN TA 19 87.81 33.27 93.19
N SER TA 20 87.32 34.11 94.11
CA SER TA 20 86.36 33.68 95.11
C SER TA 20 84.99 33.53 94.47
N THR TA 21 84.56 32.28 94.27
CA THR TA 21 83.24 31.98 93.74
C THR TA 21 82.76 30.68 94.36
N ALA TA 22 81.44 30.53 94.45
CA ALA TA 22 80.86 29.36 95.10
C ALA TA 22 81.15 28.08 94.33
N ASP TA 23 80.82 28.06 93.04
CA ASP TA 23 80.96 26.86 92.23
C ASP TA 23 82.40 26.63 91.75
N ARG TA 24 83.32 27.55 92.02
CA ARG TA 24 84.70 27.39 91.58
C ARG TA 24 85.59 28.29 92.45
N GLN TA 25 86.40 27.68 93.30
CA GLN TA 25 87.36 28.40 94.13
C GLN TA 25 88.75 28.14 93.59
N ILE TA 26 89.47 29.22 93.26
CA ILE TA 26 90.78 29.15 92.64
C ILE TA 26 91.80 29.75 93.61
N PHE TA 27 92.67 28.92 94.16
CA PHE TA 27 93.75 29.37 95.01
C PHE TA 27 95.06 29.34 94.22
N GLU TA 28 95.84 30.40 94.38
CA GLU TA 28 97.13 30.54 93.68
C GLU TA 28 98.23 30.77 94.71
N GLU TA 29 99.38 30.16 94.46
CA GLU TA 29 100.53 30.35 95.32
C GLU TA 29 101.30 31.60 94.91
N LYS TA 30 101.66 32.42 95.90
CA LYS TA 30 102.39 33.66 95.68
C LYS TA 30 103.81 33.49 96.21
N VAL TA 31 104.77 33.37 95.29
CA VAL TA 31 106.18 33.26 95.65
C VAL TA 31 106.98 34.22 94.79
N GLY TA 32 106.83 34.12 93.48
CA GLY TA 32 107.52 34.98 92.55
C GLY TA 32 106.74 35.18 91.27
N PRO TA 33 107.10 34.43 90.22
CA PRO TA 33 106.36 34.52 88.96
C PRO TA 33 104.98 33.89 89.10
N LEU TA 34 103.95 34.70 88.84
CA LEU TA 34 102.57 34.21 88.99
C LEU TA 34 102.22 33.21 87.90
N VAL TA 35 102.73 33.38 86.69
CA VAL TA 35 102.46 32.45 85.61
C VAL TA 35 103.28 31.19 85.81
N GLY TA 36 102.64 30.04 85.61
CA GLY TA 36 103.31 28.76 85.79
C GLY TA 36 103.68 28.48 87.23
N ARG TA 37 102.70 28.53 88.12
CA ARG TA 37 102.93 28.30 89.54
C ARG TA 37 102.02 27.21 90.07
N LEU TA 38 101.69 27.27 91.36
CA LEU TA 38 100.82 26.29 92.00
C LEU TA 38 99.40 26.82 92.05
N ARG TA 39 98.46 26.06 91.50
CA ARG TA 39 97.06 26.45 91.49
C ARG TA 39 96.21 25.29 92.00
N LEU TA 40 95.09 25.65 92.63
CA LEU TA 40 94.17 24.67 93.22
C LEU TA 40 92.75 25.08 92.90
N THR TA 41 91.98 24.14 92.33
CA THR TA 41 90.59 24.36 91.95
C THR TA 41 89.70 23.50 92.84
N ALA TA 42 88.75 24.12 93.51
CA ALA TA 42 87.81 23.43 94.38
C ALA TA 42 86.38 23.68 93.90
N SER TA 43 85.56 22.64 93.94
CA SER TA 43 84.17 22.74 93.52
C SER TA 43 83.31 21.86 94.40
N LEU TA 44 82.11 22.36 94.72
CA LEU TA 44 81.15 21.62 95.54
C LEU TA 44 79.77 21.75 94.89
N ARG TA 45 79.04 20.65 94.83
CA ARG TA 45 77.74 20.63 94.18
C ARG TA 45 76.91 19.50 94.78
N GLN TA 46 75.70 19.32 94.24
CA GLN TA 46 74.78 18.27 94.62
C GLN TA 46 74.72 17.22 93.51
N ASN TA 47 73.68 16.39 93.52
CA ASN TA 47 73.53 15.33 92.54
C ASN TA 47 72.11 14.76 92.60
N GLY TA 48 71.61 14.34 91.44
CA GLY TA 48 70.32 13.69 91.34
C GLY TA 48 69.16 14.49 91.90
N ALA TA 49 68.51 13.94 92.93
CA ALA TA 49 67.37 14.58 93.57
C ALA TA 49 67.69 14.84 95.03
N LYS TA 50 68.67 15.70 95.31
CA LYS TA 50 69.02 16.11 96.67
C LYS TA 50 69.57 14.97 97.52
N THR TA 51 70.07 13.91 96.89
CA THR TA 51 70.49 12.71 97.63
C THR TA 51 71.86 12.92 98.27
N ALA TA 52 72.92 12.83 97.46
CA ALA TA 52 74.28 12.99 97.96
C ALA TA 52 74.88 14.31 97.50
N TYR TA 53 76.21 14.38 97.47
CA TYR TA 53 76.91 15.59 97.03
C TYR TA 53 78.09 15.17 96.17
N ARG TA 54 78.79 16.18 95.64
CA ARG TA 54 79.93 15.95 94.77
C ARG TA 54 80.97 17.03 95.03
N VAL TA 55 82.17 16.62 95.40
CA VAL TA 55 83.28 17.53 95.67
C VAL TA 55 84.42 17.20 94.72
N ASN TA 56 84.97 18.24 94.10
CA ASN TA 56 86.08 18.08 93.16
C ASN TA 56 87.23 18.96 93.61
N LEU TA 57 88.43 18.38 93.66
CA LEU TA 57 89.64 19.07 94.07
C LEU TA 57 90.76 18.74 93.10
N LYS TA 58 91.26 19.76 92.40
CA LYS TA 58 92.33 19.60 91.43
C LYS TA 58 93.51 20.47 91.84
N LEU TA 59 94.72 19.96 91.64
CA LEU TA 59 95.94 20.68 91.99
C LEU TA 59 96.89 20.62 90.80
N ASP TA 60 97.24 21.78 90.25
CA ASP TA 60 98.11 21.87 89.09
C ASP TA 60 99.35 22.67 89.42
N GLN TA 61 100.46 22.31 88.76
CA GLN TA 61 101.74 23.01 88.94
C GLN TA 61 102.58 22.78 87.71
N ALA TA 62 102.83 23.83 86.94
CA ALA TA 62 103.61 23.76 85.72
C ALA TA 62 104.98 24.39 85.94
N ASP TA 63 106.03 23.64 85.59
CA ASP TA 63 107.39 24.14 85.74
C ASP TA 63 107.71 25.16 84.66
N VAL TA 64 108.60 26.09 84.98
CA VAL TA 64 109.00 27.15 84.07
C VAL TA 64 110.51 27.10 83.88
N VAL TA 65 110.96 27.65 82.75
CA VAL TA 65 112.38 27.72 82.43
C VAL TA 65 112.68 29.11 81.88
N ASP TA 66 113.94 29.53 82.03
CA ASP TA 66 114.37 30.85 81.62
C ASP TA 66 115.83 30.80 81.21
N CYS TA 67 116.18 31.58 80.18
CA CYS TA 67 117.54 31.63 79.67
C CYS TA 67 118.17 33.01 79.76
N SER TA 68 117.55 33.95 80.48
CA SER TA 68 118.10 35.30 80.57
C SER TA 68 119.39 35.34 81.38
N THR TA 69 119.72 34.27 82.10
CA THR TA 69 120.95 34.25 82.88
C THR TA 69 122.18 34.11 81.99
N SER TA 70 122.05 33.40 80.87
CA SER TA 70 123.19 33.20 79.97
C SER TA 70 122.84 33.71 78.57
N VAL TA 71 121.76 33.21 77.99
CA VAL TA 71 121.34 33.62 76.65
C VAL TA 71 120.81 35.04 76.72
N CYS TA 72 121.04 35.80 75.65
CA CYS TA 72 120.65 37.19 75.45
C CYS TA 72 119.19 37.50 75.77
N GLY TA 73 118.30 36.56 75.46
CA GLY TA 73 116.91 36.86 75.19
C GLY TA 73 116.01 35.65 75.15
N GLU TA 74 115.27 35.42 76.24
CA GLU TA 74 114.33 34.30 76.30
C GLU TA 74 113.38 34.56 77.46
N LEU TA 75 112.09 34.71 77.16
CA LEU TA 75 111.10 34.93 78.20
C LEU TA 75 110.85 33.64 78.97
N PRO TA 76 110.40 33.74 80.23
CA PRO TA 76 110.06 32.53 81.00
C PRO TA 76 108.99 31.72 80.29
N LYS TA 77 109.34 30.48 79.95
CA LYS TA 77 108.46 29.60 79.18
C LYS TA 77 108.11 28.37 80.00
N VAL TA 78 106.83 27.99 79.97
CA VAL TA 78 106.39 26.80 80.69
C VAL TA 78 106.86 25.56 79.96
N ARG TA 79 107.04 24.47 80.72
CA ARG TA 79 107.52 23.21 80.16
C ARG TA 79 106.37 22.23 80.17
N TYR TA 80 106.24 21.38 81.19
CA TYR TA 80 105.18 20.39 81.28
C TYR TA 80 104.08 20.85 82.23
N THR TA 81 102.98 20.12 82.23
CA THR TA 81 101.84 20.42 83.09
C THR TA 81 101.39 19.13 83.76
N GLN TA 82 101.13 19.22 85.07
CA GLN TA 82 100.67 18.08 85.86
C GLN TA 82 99.27 18.36 86.39
N VAL TA 83 98.40 17.35 86.27
CA VAL TA 83 97.02 17.44 86.69
C VAL TA 83 96.73 16.34 87.70
N TRP TA 84 96.23 16.70 88.88
CA TRP TA 84 95.90 15.77 89.94
C TRP TA 84 94.52 16.15 90.47
N SER TA 85 93.48 15.58 89.87
CA SER TA 85 92.10 15.85 90.26
C SER TA 85 91.62 14.83 91.29
N HIS TA 86 90.47 15.13 91.88
CA HIS TA 86 89.86 14.27 92.89
C HIS TA 86 88.36 14.19 92.63
N ASP TA 87 87.70 13.34 93.40
CA ASP TA 87 86.26 13.16 93.28
C ASP TA 87 85.74 12.58 94.60
N VAL TA 88 84.92 13.35 95.31
CA VAL TA 88 84.36 12.94 96.59
C VAL TA 88 82.86 12.82 96.43
N THR TA 89 82.34 11.62 96.63
CA THR TA 89 80.90 11.32 96.54
C THR TA 89 80.46 10.74 97.88
N ILE TA 90 80.19 11.61 98.84
CA ILE TA 90 79.77 11.21 100.18
C ILE TA 90 78.34 11.69 100.39
N VAL TA 91 77.46 10.76 100.79
CA VAL TA 91 76.07 11.12 101.03
C VAL TA 91 75.96 11.89 102.34
N ALA TA 92 74.88 12.67 102.48
CA ALA TA 92 74.68 13.47 103.67
C ALA TA 92 74.37 12.59 104.87
N ASN TA 93 73.31 11.78 104.77
CA ASN TA 93 72.91 10.88 105.86
C ASN TA 93 73.86 9.70 105.90
N SER TA 94 75.03 9.92 106.52
CA SER TA 94 76.03 8.88 106.64
C SER TA 94 76.37 8.63 108.11
N THR TA 95 77.66 8.52 108.43
CA THR TA 95 78.11 8.28 109.79
C THR TA 95 79.39 9.06 110.04
N GLU TA 96 79.41 9.83 111.13
CA GLU TA 96 80.60 10.63 111.44
C GLU TA 96 81.79 9.73 111.77
N ALA TA 97 81.56 8.65 112.52
CA ALA TA 97 82.64 7.73 112.84
C ALA TA 97 83.18 7.05 111.60
N SER TA 98 82.29 6.65 110.69
CA SER TA 98 82.73 6.02 109.45
C SER TA 98 83.51 7.00 108.58
N ARG TA 99 83.06 8.26 108.52
CA ARG TA 99 83.78 9.27 107.75
C ARG TA 99 85.16 9.53 108.35
N LYS TA 100 85.25 9.59 109.69
CA LYS TA 100 86.54 9.79 110.33
C LYS TA 100 87.48 8.61 110.09
N SER TA 101 86.95 7.39 110.14
CA SER TA 101 87.78 6.22 109.87
C SER TA 101 88.26 6.21 108.42
N LEU TA 102 87.38 6.60 107.49
CA LEU TA 102 87.78 6.65 106.09
C LEU TA 102 88.85 7.72 105.86
N TYR TA 103 88.70 8.87 106.52
CA TYR TA 103 89.71 9.92 106.38
C TYR TA 103 91.05 9.47 106.97
N ASP TA 104 91.01 8.77 108.10
CA ASP TA 104 92.25 8.27 108.70
C ASP TA 104 92.91 7.23 107.80
N LEU TA 105 92.11 6.35 107.20
CA LEU TA 105 92.66 5.36 106.28
C LEU TA 105 93.28 6.02 105.06
N THR TA 106 92.62 7.05 104.52
CA THR TA 106 93.17 7.78 103.38
C THR TA 106 94.47 8.48 103.75
N LYS TA 107 94.52 9.09 104.94
CA LYS TA 107 95.73 9.75 105.39
C LYS TA 107 96.87 8.75 105.56
N SER TA 108 96.57 7.57 106.11
CA SER TA 108 97.60 6.55 106.28
C SER TA 108 98.10 6.05 104.92
N LEU TA 109 97.19 5.83 103.97
CA LEU TA 109 97.59 5.38 102.64
C LEU TA 109 98.41 6.45 101.92
N VAL TA 110 98.13 7.72 102.18
CA VAL TA 110 98.91 8.79 101.56
C VAL TA 110 100.30 8.88 102.20
N ALA TA 111 100.36 8.78 103.52
CA ALA TA 111 101.63 8.91 104.23
C ALA TA 111 102.48 7.64 104.18
N THR TA 112 101.94 6.53 103.71
CA THR TA 112 102.73 5.31 103.62
C THR TA 112 103.84 5.45 102.58
N SER TA 113 104.81 4.54 102.65
CA SER TA 113 105.98 4.56 101.78
C SER TA 113 105.72 3.88 100.45
N GLN TA 114 104.61 3.15 100.30
CA GLN TA 114 104.32 2.45 99.05
C GLN TA 114 103.88 3.41 97.95
N VAL TA 115 103.02 4.38 98.27
CA VAL TA 115 102.60 5.35 97.27
C VAL TA 115 103.76 6.24 96.86
N GLU TA 116 104.66 6.57 97.80
CA GLU TA 116 105.83 7.36 97.46
C GLU TA 116 106.71 6.63 96.46
N ASP TA 117 106.92 5.33 96.67
CA ASP TA 117 107.71 4.54 95.72
C ASP TA 117 106.99 4.41 94.38
N LEU TA 118 105.67 4.22 94.40
CA LEU TA 118 104.90 4.18 93.16
C LEU TA 118 105.02 5.48 92.39
N VAL TA 119 105.10 6.60 93.08
CA VAL TA 119 105.20 7.90 92.41
C VAL TA 119 106.61 8.11 91.87
N VAL TA 120 107.62 7.82 92.68
CA VAL TA 120 109.01 8.10 92.31
C VAL TA 120 109.51 7.06 91.30
N ASN TA 121 109.67 5.82 91.75
CA ASN TA 121 110.27 4.77 90.93
C ASN TA 121 109.31 4.18 89.91
N LEU TA 122 108.05 4.64 89.88
CA LEU TA 122 107.05 4.15 88.92
C LEU TA 122 106.84 2.64 89.04
N VAL TA 123 107.07 2.09 90.24
CA VAL TA 123 106.87 0.67 90.49
C VAL TA 123 105.44 0.44 90.95
N PRO TA 124 104.73 -0.54 90.39
CA PRO TA 124 103.34 -0.77 90.80
C PRO TA 124 103.23 -1.07 92.29
N LEU TA 125 102.14 -0.58 92.89
CA LEU TA 125 101.93 -0.75 94.33
C LEU TA 125 101.70 -2.21 94.65
N GLY TA 126 102.57 -2.77 95.50
CA GLY TA 126 102.46 -4.17 95.88
C GLY TA 126 103.61 -4.64 96.75
N ARG TA 127 103.62 -4.20 98.00
CA ARG TA 127 104.69 -4.59 98.93
C ARG TA 127 104.14 -5.49 100.03
N SER UA 1 110.48 -8.72 90.28
CA SER UA 1 109.61 -9.69 89.62
C SER UA 1 110.42 -10.75 88.91
N LYS UA 2 110.34 -10.79 87.58
CA LYS UA 2 111.18 -11.68 86.79
C LYS UA 2 112.40 -10.89 86.32
N THR UA 3 113.58 -11.34 86.71
CA THR UA 3 114.84 -10.67 86.38
C THR UA 3 115.62 -11.48 85.37
N ILE UA 4 116.24 -10.80 84.42
CA ILE UA 4 117.07 -11.40 83.39
C ILE UA 4 118.42 -10.72 83.41
N VAL UA 5 119.49 -11.50 83.58
CA VAL UA 5 120.85 -10.99 83.65
C VAL UA 5 121.55 -11.26 82.32
N LEU UA 6 122.07 -10.21 81.71
CA LEU UA 6 122.79 -10.31 80.44
C LEU UA 6 124.22 -9.85 80.63
N SER UA 7 125.17 -10.68 80.19
CA SER UA 7 126.60 -10.40 80.33
C SER UA 7 127.11 -9.84 79.01
N VAL UA 8 127.61 -8.60 79.05
CA VAL UA 8 128.15 -7.96 77.84
C VAL UA 8 129.66 -8.17 77.71
N GLY UA 9 130.33 -8.63 78.76
CA GLY UA 9 131.77 -8.82 78.72
C GLY UA 9 132.45 -8.29 79.95
N GLU UA 10 132.13 -7.06 80.34
CA GLU UA 10 132.69 -6.44 81.54
C GLU UA 10 131.64 -6.00 82.54
N ALA UA 11 130.39 -5.81 82.13
CA ALA UA 11 129.31 -5.42 83.02
C ALA UA 11 128.12 -6.33 82.80
N THR UA 12 127.20 -6.31 83.76
CA THR UA 12 126.00 -7.13 83.73
C THR UA 12 124.77 -6.23 83.75
N ARG UA 13 123.90 -6.40 82.76
CA ARG UA 13 122.66 -5.65 82.66
C ARG UA 13 121.50 -6.48 83.18
N THR UA 14 120.53 -5.80 83.79
CA THR UA 14 119.38 -6.45 84.42
C THR UA 14 118.10 -5.94 83.77
N LEU UA 15 117.30 -6.86 83.24
CA LEU UA 15 115.99 -6.55 82.68
C LEU UA 15 114.91 -7.07 83.63
N THR UA 16 113.89 -6.24 83.87
CA THR UA 16 112.83 -6.56 84.82
C THR UA 16 111.50 -6.68 84.09
N GLU UA 17 110.71 -7.68 84.48
CA GLU UA 17 109.37 -7.84 83.94
C GLU UA 17 108.47 -6.70 84.41
N ILE UA 18 107.73 -6.09 83.49
CA ILE UA 18 106.87 -4.96 83.84
C ILE UA 18 105.41 -5.21 83.51
N GLN UA 19 105.11 -5.80 82.35
CA GLN UA 19 103.73 -5.99 81.92
C GLN UA 19 103.49 -7.49 81.76
N SER UA 20 103.24 -8.18 82.88
CA SER UA 20 103.07 -9.63 82.88
C SER UA 20 101.69 -9.97 82.32
N THR UA 21 101.67 -10.48 81.09
CA THR UA 21 100.44 -10.93 80.45
C THR UA 21 100.78 -12.10 79.54
N ALA UA 22 99.80 -12.97 79.32
CA ALA UA 22 100.02 -14.18 78.54
C ALA UA 22 100.33 -13.87 77.09
N ASP UA 23 99.45 -13.10 76.44
CA ASP UA 23 99.60 -12.81 75.02
C ASP UA 23 100.61 -11.71 74.73
N ARG UA 24 101.19 -11.08 75.76
CA ARG UA 24 102.17 -10.02 75.54
C ARG UA 24 102.99 -9.86 76.82
N GLN UA 25 104.26 -10.24 76.75
CA GLN UA 25 105.19 -10.08 77.86
C GLN UA 25 106.17 -8.96 77.52
N ILE UA 26 106.23 -7.95 78.39
CA ILE UA 26 107.04 -6.75 78.15
C ILE UA 26 108.12 -6.70 79.23
N PHE UA 27 109.36 -6.92 78.83
CA PHE UA 27 110.51 -6.78 79.73
C PHE UA 27 111.21 -5.46 79.47
N GLU UA 28 111.57 -4.77 80.55
CA GLU UA 28 112.24 -3.47 80.47
C GLU UA 28 113.54 -3.53 81.24
N GLU UA 29 114.58 -2.89 80.71
CA GLU UA 29 115.87 -2.82 81.38
C GLU UA 29 115.88 -1.67 82.37
N LYS UA 30 116.37 -1.93 83.58
CA LYS UA 30 116.44 -0.93 84.64
C LYS UA 30 117.90 -0.57 84.87
N VAL UA 31 118.30 0.62 84.43
CA VAL UA 31 119.66 1.11 84.63
C VAL UA 31 119.59 2.54 85.16
N GLY UA 32 118.87 3.40 84.44
CA GLY UA 32 118.72 4.78 84.84
C GLY UA 32 117.41 5.37 84.34
N PRO UA 33 117.46 6.10 83.23
CA PRO UA 33 116.23 6.66 82.65
C PRO UA 33 115.39 5.56 82.04
N LEU UA 34 114.15 5.44 82.52
CA LEU UA 34 113.27 4.38 82.04
C LEU UA 34 112.80 4.66 80.61
N VAL UA 35 112.59 5.92 80.26
CA VAL UA 35 112.16 6.27 78.91
C VAL UA 35 113.35 6.16 77.97
N GLY UA 36 113.13 5.57 76.79
CA GLY UA 36 114.19 5.39 75.82
C GLY UA 36 115.26 4.42 76.28
N ARG UA 37 114.85 3.20 76.65
CA ARG UA 37 115.79 2.20 77.13
C ARG UA 37 115.66 0.91 76.32
N LEU UA 38 115.97 -0.23 76.94
CA LEU UA 38 115.90 -1.52 76.29
C LEU UA 38 114.58 -2.19 76.65
N ARG UA 39 113.81 -2.56 75.64
CA ARG UA 39 112.53 -3.22 75.84
C ARG UA 39 112.46 -4.48 74.97
N LEU UA 40 111.73 -5.47 75.47
CA LEU UA 40 111.58 -6.75 74.80
C LEU UA 40 110.12 -7.19 74.88
N THR UA 41 109.55 -7.52 73.72
CA THR UA 41 108.17 -7.96 73.60
C THR UA 41 108.14 -9.41 73.16
N ALA UA 42 107.46 -10.25 73.94
CA ALA UA 42 107.34 -11.67 73.65
C ALA UA 42 105.86 -12.04 73.51
N SER UA 43 105.56 -12.88 72.53
CA SER UA 43 104.19 -13.32 72.29
C SER UA 43 104.20 -14.78 71.84
N LEU UA 44 103.21 -15.53 72.31
CA LEU UA 44 103.04 -16.94 71.95
C LEU UA 44 101.57 -17.19 71.65
N ARG UA 45 101.32 -17.93 70.57
CA ARG UA 45 99.96 -18.20 70.13
C ARG UA 45 99.93 -19.49 69.33
N GLN UA 46 98.76 -19.82 68.81
CA GLN UA 46 98.54 -20.99 67.98
C GLN UA 46 98.31 -20.54 66.52
N ASN UA 47 97.75 -21.42 65.71
CA ASN UA 47 97.52 -21.11 64.30
C ASN UA 47 96.59 -22.16 63.70
N GLY UA 48 95.77 -21.71 62.73
CA GLY UA 48 94.89 -22.59 61.99
C GLY UA 48 93.94 -23.41 62.84
N ALA UA 49 94.07 -24.73 62.78
CA ALA UA 49 93.22 -25.65 63.54
C ALA UA 49 94.08 -26.48 64.48
N LYS UA 50 94.72 -25.85 65.45
CA LYS UA 50 95.51 -26.53 66.48
C LYS UA 50 96.75 -27.24 65.92
N THR UA 51 97.22 -26.83 64.74
CA THR UA 51 98.30 -27.56 64.07
C THR UA 51 99.66 -27.19 64.67
N ALA UA 52 100.17 -26.00 64.32
CA ALA UA 52 101.47 -25.55 64.83
C ALA UA 52 101.30 -24.42 65.83
N TYR UA 53 102.35 -23.62 66.00
CA TYR UA 53 102.31 -22.49 66.93
C TYR UA 53 103.01 -21.31 66.27
N ARG UA 54 102.98 -20.17 66.98
CA ARG UA 54 103.60 -18.95 66.48
C ARG UA 54 104.20 -18.19 67.66
N VAL UA 55 105.50 -17.92 67.58
CA VAL UA 55 106.22 -17.20 68.62
C VAL UA 55 106.81 -15.94 68.00
N ASN UA 56 106.62 -14.81 68.67
CA ASN UA 56 107.14 -13.53 68.21
C ASN UA 56 108.01 -12.91 69.30
N LEU UA 57 109.21 -12.47 68.91
CA LEU UA 57 110.15 -11.85 69.84
C LEU UA 57 110.71 -10.60 69.20
N LYS UA 58 110.46 -9.44 69.81
CA LYS UA 58 110.94 -8.17 69.33
C LYS UA 58 111.80 -7.50 70.40
N LEU UA 59 112.86 -6.85 69.97
CA LEU UA 59 113.78 -6.16 70.87
C LEU UA 59 114.02 -4.75 70.36
N ASP UA 60 113.67 -3.75 71.17
CA ASP UA 60 113.79 -2.35 70.79
C ASP UA 60 114.70 -1.62 71.77
N GLN UA 61 115.40 -0.62 71.25
CA GLN UA 61 116.30 0.20 72.07
C GLN UA 61 116.50 1.53 71.37
N ALA UA 62 115.98 2.60 71.97
CA ALA UA 62 116.07 3.94 71.40
C ALA UA 62 117.09 4.75 72.20
N ASP UA 63 118.03 5.37 71.48
CA ASP UA 63 119.04 6.20 72.12
C ASP UA 63 118.46 7.53 72.54
N VAL UA 64 119.02 8.11 73.60
CA VAL UA 64 118.57 9.38 74.15
C VAL UA 64 119.73 10.35 74.16
N VAL UA 65 119.39 11.65 74.16
CA VAL UA 65 120.37 12.72 74.21
C VAL UA 65 119.89 13.77 75.20
N ASP UA 66 120.85 14.50 75.77
CA ASP UA 66 120.56 15.51 76.77
C ASP UA 66 121.59 16.64 76.68
N CYS UA 67 121.12 17.86 76.92
CA CYS UA 67 121.98 19.04 76.86
C CYS UA 67 122.07 19.79 78.18
N SER UA 68 121.58 19.21 79.28
CA SER UA 68 121.63 19.90 80.56
C SER UA 68 123.05 20.04 81.10
N THR UA 69 124.01 19.32 80.52
CA THR UA 69 125.40 19.44 80.98
C THR UA 69 126.02 20.76 80.56
N SER UA 70 125.63 21.29 79.40
CA SER UA 70 126.20 22.55 78.92
C SER UA 70 125.10 23.58 78.69
N VAL UA 71 124.10 23.22 77.88
CA VAL UA 71 122.99 24.13 77.57
C VAL UA 71 122.12 24.24 78.81
N CYS UA 72 121.55 25.44 79.01
CA CYS UA 72 120.67 25.83 80.11
C CYS UA 72 119.53 24.86 80.38
N GLY UA 73 118.97 24.28 79.33
CA GLY UA 73 117.61 23.80 79.34
C GLY UA 73 117.25 22.91 78.16
N GLU UA 74 117.24 21.59 78.39
CA GLU UA 74 116.87 20.64 77.35
C GLU UA 74 116.55 19.31 78.02
N LEU UA 75 115.31 18.86 77.89
CA LEU UA 75 114.92 17.58 78.48
C LEU UA 75 115.51 16.42 77.67
N PRO UA 76 115.70 15.26 78.30
CA PRO UA 76 116.19 14.09 77.57
C PRO UA 76 115.25 13.74 76.42
N LYS UA 77 115.79 13.78 75.20
CA LYS UA 77 115.01 13.56 73.98
C LYS UA 77 115.51 12.33 73.25
N VAL UA 78 114.59 11.51 72.78
CA VAL UA 78 114.96 10.31 72.04
C VAL UA 78 115.42 10.71 70.63
N ARG UA 79 116.29 9.88 70.04
CA ARG UA 79 116.84 10.16 68.73
C ARG UA 79 116.23 9.16 67.75
N TYR UA 80 116.89 8.04 67.48
CA TYR UA 80 116.39 7.05 66.53
C TYR UA 80 115.80 5.86 67.28
N THR UA 81 115.13 4.99 66.53
CA THR UA 81 114.50 3.79 67.08
C THR UA 81 114.89 2.59 66.22
N GLN UA 82 115.26 1.49 66.88
CA GLN UA 82 115.64 0.26 66.20
C GLN UA 82 114.65 -0.85 66.55
N VAL UA 83 114.23 -1.59 65.53
CA VAL UA 83 113.26 -2.66 65.67
C VAL UA 83 113.87 -3.94 65.14
N TRP UA 84 113.89 -4.98 65.96
CA TRP UA 84 114.43 -6.30 65.60
C TRP UA 84 113.43 -7.35 66.05
N SER UA 85 112.49 -7.68 65.17
CA SER UA 85 111.45 -8.66 65.46
C SER UA 85 111.88 -10.05 64.99
N HIS UA 86 111.12 -11.05 65.43
CA HIS UA 86 111.39 -12.45 65.08
C HIS UA 86 110.06 -13.13 64.74
N ASP UA 87 110.18 -14.38 64.28
CA ASP UA 87 109.00 -15.17 63.93
C ASP UA 87 109.38 -16.64 63.99
N VAL UA 88 108.79 -17.38 64.92
CA VAL UA 88 109.07 -18.79 65.10
C VAL UA 88 107.81 -19.58 64.78
N THR UA 89 107.88 -20.42 63.76
CA THR UA 89 106.76 -21.27 63.32
C THR UA 89 107.23 -22.72 63.39
N ILE UA 90 107.17 -23.30 64.57
CA ILE UA 90 107.59 -24.68 64.80
C ILE UA 90 106.36 -25.50 65.19
N VAL UA 91 106.13 -26.61 64.48
CA VAL UA 91 105.00 -27.47 64.77
C VAL UA 91 105.26 -28.27 66.04
N ALA UA 92 104.19 -28.70 66.69
CA ALA UA 92 104.31 -29.45 67.93
C ALA UA 92 104.92 -30.83 67.68
N ASN UA 93 104.28 -31.62 66.83
CA ASN UA 93 104.76 -32.96 66.50
C ASN UA 93 105.96 -32.85 65.56
N SER UA 94 107.12 -32.58 66.16
CA SER UA 94 108.35 -32.45 65.38
C SER UA 94 109.40 -33.45 65.88
N THR UA 95 110.64 -32.98 66.05
CA THR UA 95 111.72 -33.83 66.52
C THR UA 95 112.62 -33.03 67.44
N GLU UA 96 112.90 -33.57 68.63
CA GLU UA 96 113.75 -32.89 69.59
C GLU UA 96 115.18 -32.74 69.06
N ALA UA 97 115.70 -33.80 68.43
CA ALA UA 97 117.05 -33.73 67.88
C ALA UA 97 117.13 -32.72 66.76
N SER UA 98 116.11 -32.68 65.89
CA SER UA 98 116.10 -31.70 64.81
C SER UA 98 116.00 -30.28 65.35
N ARG UA 99 115.18 -30.07 66.38
CA ARG UA 99 115.07 -28.74 66.99
C ARG UA 99 116.39 -28.32 67.62
N LYS UA 100 117.07 -29.25 68.29
CA LYS UA 100 118.36 -28.94 68.90
C LYS UA 100 119.41 -28.61 67.83
N SER UA 101 119.41 -29.37 66.73
CA SER UA 101 120.35 -29.08 65.65
C SER UA 101 120.07 -27.72 65.02
N LEU UA 102 118.79 -27.39 64.84
CA LEU UA 102 118.43 -26.09 64.28
C LEU UA 102 118.85 -24.96 65.22
N TYR UA 103 118.64 -25.14 66.52
CA TYR UA 103 119.05 -24.12 67.48
C TYR UA 103 120.57 -23.95 67.49
N ASP UA 104 121.31 -25.06 67.39
CA ASP UA 104 122.76 -24.97 67.34
C ASP UA 104 123.23 -24.28 66.07
N LEU UA 105 122.59 -24.56 64.94
CA LEU UA 105 122.94 -23.89 63.69
C LEU UA 105 122.65 -22.39 63.77
N THR UA 106 121.51 -22.02 64.37
CA THR UA 106 121.20 -20.62 64.53
C THR UA 106 122.19 -19.92 65.44
N LYS UA 107 122.57 -20.58 66.54
CA LYS UA 107 123.56 -20.00 67.44
C LYS UA 107 124.91 -19.82 66.75
N SER UA 108 125.31 -20.80 65.93
CA SER UA 108 126.58 -20.67 65.21
C SER UA 108 126.51 -19.55 64.19
N LEU UA 109 125.40 -19.43 63.47
CA LEU UA 109 125.26 -18.34 62.49
C LEU UA 109 125.23 -16.98 63.18
N VAL UA 110 124.69 -16.91 64.40
CA VAL UA 110 124.68 -15.64 65.13
C VAL UA 110 126.08 -15.30 65.63
N ALA UA 111 126.80 -16.29 66.16
CA ALA UA 111 128.12 -16.06 66.72
C ALA UA 111 129.21 -15.96 65.67
N THR UA 112 128.93 -16.28 64.41
CA THR UA 112 129.94 -16.18 63.36
C THR UA 112 130.31 -14.72 63.12
N SER UA 113 131.44 -14.53 62.45
CA SER UA 113 131.97 -13.20 62.17
C SER UA 113 131.37 -12.57 60.92
N GLN UA 114 130.65 -13.34 60.10
CA GLN UA 114 130.04 -12.81 58.88
C GLN UA 114 128.86 -11.90 59.18
N VAL UA 115 127.97 -12.30 60.10
CA VAL UA 115 126.83 -11.48 60.45
C VAL UA 115 127.29 -10.20 61.16
N GLU UA 116 128.35 -10.29 61.97
CA GLU UA 116 128.89 -9.10 62.62
C GLU UA 116 129.39 -8.10 61.58
N ASP UA 117 130.09 -8.57 60.56
CA ASP UA 117 130.55 -7.67 59.50
C ASP UA 117 129.38 -7.11 58.70
N LEU UA 118 128.38 -7.94 58.43
CA LEU UA 118 127.18 -7.47 57.74
C LEU UA 118 126.47 -6.38 58.53
N VAL UA 119 126.48 -6.48 59.86
CA VAL UA 119 125.82 -5.49 60.69
C VAL UA 119 126.64 -4.21 60.76
N VAL UA 120 127.96 -4.34 60.97
CA VAL UA 120 128.82 -3.18 61.17
C VAL UA 120 129.10 -2.49 59.85
N ASN UA 121 129.86 -3.14 58.98
CA ASN UA 121 130.32 -2.53 57.74
C ASN UA 121 129.25 -2.51 56.65
N LEU UA 122 128.05 -3.05 56.91
CA LEU UA 122 126.95 -3.07 55.96
C LEU UA 122 127.35 -3.78 54.66
N VAL UA 123 128.26 -4.73 54.75
CA VAL UA 123 128.71 -5.51 53.59
C VAL UA 123 127.83 -6.75 53.47
N PRO UA 124 127.31 -7.05 52.28
CA PRO UA 124 126.44 -8.24 52.14
C PRO UA 124 127.16 -9.51 52.55
N LEU UA 125 126.39 -10.42 53.15
CA LEU UA 125 126.94 -11.68 53.66
C LEU UA 125 127.41 -12.54 52.49
N GLY UA 126 128.70 -12.87 52.47
CA GLY UA 126 129.25 -13.69 51.41
C GLY UA 126 130.75 -13.84 51.51
N ARG UA 127 131.22 -14.62 52.47
CA ARG UA 127 132.64 -14.85 52.67
C ARG UA 127 133.02 -16.30 52.33
N SER VA 1 134.55 -6.50 45.50
CA SER VA 1 133.84 -6.82 44.28
C SER VA 1 134.53 -6.18 43.08
N LYS VA 2 133.85 -5.24 42.42
CA LYS VA 2 134.47 -4.46 41.35
C LYS VA 2 134.98 -3.16 41.94
N THR VA 3 136.29 -2.94 41.82
CA THR VA 3 136.95 -1.76 42.38
C THR VA 3 137.40 -0.83 41.26
N ILE VA 4 137.23 0.47 41.49
CA ILE VA 4 137.63 1.50 40.54
C ILE VA 4 138.53 2.48 41.28
N VAL VA 5 139.74 2.69 40.76
CA VAL VA 5 140.73 3.57 41.36
C VAL VA 5 140.76 4.88 40.57
N LEU VA 6 140.56 6.00 41.27
CA LEU VA 6 140.59 7.33 40.66
C LEU VA 6 141.71 8.14 41.29
N SER VA 7 142.55 8.72 40.44
CA SER VA 7 143.69 9.52 40.88
C SER VA 7 143.33 11.00 40.81
N VAL VA 8 143.34 11.67 41.96
CA VAL VA 8 143.03 13.09 42.02
C VAL VA 8 144.27 13.96 41.91
N GLY VA 9 145.46 13.40 42.05
CA GLY VA 9 146.69 14.17 41.98
C GLY VA 9 147.65 13.81 43.09
N GLU VA 10 147.16 13.75 44.32
CA GLU VA 10 147.98 13.37 45.47
C GLU VA 10 147.44 12.17 46.23
N ALA VA 11 146.16 11.84 46.09
CA ALA VA 11 145.56 10.69 46.76
C ALA VA 11 144.78 9.88 45.74
N THR VA 12 144.46 8.64 46.12
CA THR VA 12 143.73 7.72 45.27
C THR VA 12 142.43 7.32 45.96
N ARG VA 13 141.31 7.52 45.28
CA ARG VA 13 140.00 7.14 45.79
C ARG VA 13 139.56 5.82 45.19
N THR VA 14 138.82 5.04 45.99
CA THR VA 14 138.39 3.71 45.60
C THR VA 14 136.87 3.65 45.64
N LEU VA 15 136.26 3.27 44.51
CA LEU VA 15 134.82 3.06 44.41
C LEU VA 15 134.55 1.57 44.29
N THR VA 16 133.56 1.09 45.04
CA THR VA 16 133.24 -0.32 45.10
C THR VA 16 131.84 -0.57 44.55
N GLU VA 17 131.70 -1.65 43.77
CA GLU VA 17 130.39 -2.04 43.26
C GLU VA 17 129.51 -2.52 44.40
N ILE VA 18 128.26 -2.03 44.46
CA ILE VA 18 127.36 -2.40 45.54
C ILE VA 18 126.08 -3.05 45.03
N GLN VA 19 125.49 -2.56 43.95
CA GLN VA 19 124.22 -3.08 43.46
C GLN VA 19 124.43 -3.59 42.03
N SER VA 20 124.98 -4.80 41.93
CA SER VA 20 125.31 -5.39 40.64
C SER VA 20 124.03 -5.86 39.95
N THR VA 21 123.59 -5.11 38.94
CA THR VA 21 122.44 -5.47 38.13
C THR VA 21 122.67 -4.99 36.70
N ALA VA 22 122.05 -5.68 35.74
CA ALA VA 22 122.27 -5.37 34.33
C ALA VA 22 121.74 -3.99 33.98
N ASP VA 23 120.46 -3.73 34.28
CA ASP VA 23 119.82 -2.49 33.90
C ASP VA 23 120.17 -1.33 34.81
N ARG VA 24 120.91 -1.56 35.91
CA ARG VA 24 121.26 -0.49 36.83
C ARG VA 24 122.49 -0.94 37.63
N GLN VA 25 123.63 -0.30 37.38
CA GLN VA 25 124.86 -0.56 38.11
C GLN VA 25 125.13 0.62 39.03
N ILE VA 26 125.26 0.35 40.32
CA ILE VA 26 125.43 1.38 41.34
C ILE VA 26 126.80 1.19 41.98
N PHE VA 27 127.71 2.13 41.72
CA PHE VA 27 129.02 2.13 42.36
C PHE VA 27 129.03 3.17 43.47
N GLU VA 28 129.61 2.79 44.62
CA GLU VA 28 129.70 3.67 45.76
C GLU VA 28 131.16 3.79 46.19
N GLU VA 29 131.54 5.00 46.60
CA GLU VA 29 132.90 5.24 47.09
C GLU VA 29 133.00 4.88 48.57
N LYS VA 30 134.04 4.17 48.93
CA LYS VA 30 134.28 3.74 50.32
C LYS VA 30 135.47 4.50 50.87
N VAL VA 31 135.20 5.46 51.75
CA VAL VA 31 136.24 6.25 52.39
C VAL VA 31 135.97 6.30 53.89
N GLY VA 32 134.76 6.72 54.26
CA GLY VA 32 134.38 6.80 55.65
C GLY VA 32 132.88 6.64 55.83
N PRO VA 33 132.16 7.75 55.97
CA PRO VA 33 130.70 7.69 56.09
C PRO VA 33 130.07 7.30 54.76
N LEU VA 34 129.32 6.19 54.76
CA LEU VA 34 128.72 5.71 53.52
C LEU VA 34 127.57 6.61 53.07
N VAL VA 35 126.83 7.18 54.01
CA VAL VA 35 125.74 8.08 53.65
C VAL VA 35 126.31 9.42 53.22
N GLY VA 36 125.77 9.99 52.14
CA GLY VA 36 126.24 11.25 51.62
C GLY VA 36 127.65 11.19 51.08
N ARG VA 37 127.88 10.27 50.14
CA ARG VA 37 129.21 10.10 49.56
C ARG VA 37 129.15 10.20 48.04
N LEU VA 38 130.06 9.52 47.35
CA LEU VA 38 130.13 9.53 45.90
C LEU VA 38 129.43 8.29 45.36
N ARG VA 39 128.44 8.49 44.49
CA ARG VA 39 127.70 7.40 43.88
C ARG VA 39 127.65 7.59 42.37
N LEU VA 40 127.60 6.47 41.66
CA LEU VA 40 127.59 6.46 40.20
C LEU VA 40 126.57 5.44 39.72
N THR VA 41 125.67 5.89 38.85
CA THR VA 41 124.62 5.05 38.29
C THR VA 41 124.87 4.87 36.79
N ALA VA 42 124.95 3.62 36.36
CA ALA VA 42 125.17 3.29 34.95
C ALA VA 42 124.02 2.44 34.43
N SER VA 43 123.58 2.72 33.21
CA SER VA 43 122.49 1.99 32.58
C SER VA 43 122.76 1.84 31.11
N LEU VA 44 122.41 0.67 30.56
CA LEU VA 44 122.58 0.38 29.14
C LEU VA 44 121.31 -0.31 28.64
N ARG VA 45 120.83 0.12 27.47
CA ARG VA 45 119.59 -0.40 26.92
C ARG VA 45 119.63 -0.26 25.39
N GLN VA 46 118.53 -0.64 24.76
CA GLN VA 46 118.33 -0.52 23.32
C GLN VA 46 117.34 0.59 23.04
N ASN VA 47 116.77 0.60 21.83
CA ASN VA 47 115.82 1.64 21.44
C ASN VA 47 115.12 1.21 20.15
N GLY VA 48 113.86 1.63 20.02
CA GLY VA 48 113.07 1.39 18.83
C GLY VA 48 112.95 -0.06 18.41
N ALA VA 49 113.46 -0.38 17.22
CA ALA VA 49 113.42 -1.74 16.70
C ALA VA 49 114.84 -2.24 16.46
N LYS VA 50 115.61 -2.41 17.54
CA LYS VA 50 116.97 -2.97 17.48
C LYS VA 50 117.94 -2.09 16.70
N THR VA 51 117.65 -0.80 16.56
CA THR VA 51 118.46 0.08 15.72
C THR VA 51 119.73 0.50 16.44
N ALA VA 52 119.61 1.45 17.37
CA ALA VA 52 120.76 1.96 18.10
C ALA VA 52 120.72 1.49 19.55
N TYR VA 53 121.41 2.22 20.43
CA TYR VA 53 121.44 1.89 21.86
C TYR VA 53 121.32 3.17 22.67
N ARG VA 54 121.26 3.01 23.98
CA ARG VA 54 121.13 4.14 24.89
C ARG VA 54 121.93 3.84 26.16
N VAL VA 55 122.87 4.73 26.47
CA VAL VA 55 123.70 4.59 27.66
C VAL VA 55 123.50 5.82 28.54
N ASN VA 56 123.29 5.58 29.82
CA ASN VA 56 123.08 6.66 30.79
C ASN VA 56 124.10 6.53 31.91
N LEU VA 57 124.75 7.64 32.24
CA LEU VA 57 125.77 7.69 33.29
C LEU VA 57 125.52 8.91 34.14
N LYS VA 58 125.22 8.69 35.43
CA LYS VA 58 124.97 9.76 36.38
C LYS VA 58 125.95 9.65 37.53
N LEU VA 59 126.42 10.81 38.01
CA LEU VA 59 127.36 10.87 39.12
C LEU VA 59 126.86 11.87 40.14
N ASP VA 60 126.62 11.39 41.36
CA ASP VA 60 126.09 12.22 42.43
C ASP VA 60 127.06 12.24 43.61
N GLN VA 61 127.07 13.37 44.33
CA GLN VA 61 127.92 13.52 45.51
C GLN VA 61 127.32 14.61 46.38
N ALA VA 62 126.83 14.23 47.56
CA ALA VA 62 126.20 15.16 48.48
C ALA VA 62 127.14 15.41 49.66
N ASP VA 63 127.38 16.69 49.96
CA ASP VA 63 128.24 17.06 51.06
C ASP VA 63 127.51 16.86 52.39
N VAL VA 64 128.29 16.57 53.43
CA VAL VA 64 127.75 16.32 54.77
C VAL VA 64 128.40 17.31 55.74
N VAL VA 65 127.69 17.54 56.85
CA VAL VA 65 128.17 18.43 57.91
C VAL VA 65 127.90 17.76 59.25
N ASP VA 66 128.71 18.12 60.24
CA ASP VA 66 128.61 17.54 61.58
C ASP VA 66 129.05 18.57 62.61
N CYS VA 67 128.38 18.54 63.76
CA CYS VA 67 128.67 19.46 64.85
C CYS VA 67 129.11 18.77 66.13
N SER VA 68 129.42 17.47 66.08
CA SER VA 68 129.83 16.76 67.29
C SER VA 68 131.19 17.20 67.80
N THR VA 69 131.95 17.95 66.97
CA THR VA 69 133.27 18.40 67.41
C THR VA 69 133.16 19.52 68.45
N SER VA 70 132.13 20.36 68.34
CA SER VA 70 131.95 21.46 69.28
C SER VA 70 130.60 21.37 69.99
N VAL VA 71 129.53 21.30 69.21
CA VAL VA 71 128.17 21.21 69.77
C VAL VA 71 127.99 19.82 70.37
N CYS VA 72 127.24 19.76 71.46
CA CYS VA 72 126.87 18.58 72.24
C CYS VA 72 126.38 17.39 71.42
N GLY VA 73 125.64 17.67 70.35
CA GLY VA 73 124.67 16.74 69.81
C GLY VA 73 124.14 17.12 68.45
N GLU VA 74 124.66 16.50 67.39
CA GLU VA 74 124.18 16.75 66.03
C GLU VA 74 124.67 15.61 65.14
N LEU VA 75 123.73 14.86 64.57
CA LEU VA 75 124.10 13.77 63.69
C LEU VA 75 124.59 14.32 62.35
N PRO VA 76 125.41 13.57 61.63
CA PRO VA 76 125.85 14.00 60.30
C PRO VA 76 124.66 14.23 59.37
N LYS VA 77 124.53 15.45 58.89
CA LYS VA 77 123.39 15.86 58.07
C LYS VA 77 123.87 16.29 56.69
N VAL VA 78 123.15 15.84 55.67
CA VAL VA 78 123.50 16.22 54.30
C VAL VA 78 123.10 17.67 54.05
N ARG VA 79 123.81 18.31 53.12
CA ARG VA 79 123.54 19.71 52.80
C ARG VA 79 122.92 19.77 51.42
N TYR VA 80 123.70 19.97 50.36
CA TYR VA 80 123.17 20.07 49.00
C TYR VA 80 123.43 18.77 48.25
N THR VA 81 122.81 18.66 47.07
CA THR VA 81 122.94 17.49 46.22
C THR VA 81 123.25 17.95 44.80
N GLN VA 82 124.21 17.29 44.16
CA GLN VA 82 124.62 17.60 42.80
C GLN VA 82 124.32 16.42 41.90
N VAL VA 83 123.74 16.70 40.73
CA VAL VA 83 123.36 15.68 39.76
C VAL VA 83 124.05 16.00 38.44
N TRP VA 84 124.79 15.03 37.91
CA TRP VA 84 125.49 15.17 36.62
C TRP VA 84 125.21 13.91 35.81
N SER VA 85 124.14 13.92 35.03
CA SER VA 85 123.74 12.80 34.20
C SER VA 85 124.34 12.92 32.80
N HIS VA 86 124.24 11.82 32.05
CA HIS VA 86 124.75 11.77 30.68
C HIS VA 86 123.73 11.05 29.80
N ASP VA 87 124.01 11.04 28.50
CA ASP VA 87 123.14 10.37 27.53
C ASP VA 87 123.96 10.06 26.29
N VAL VA 88 124.15 8.77 26.02
CA VAL VA 88 124.94 8.30 24.88
C VAL VA 88 123.99 7.58 23.93
N THR VA 89 123.85 8.10 22.71
CA THR VA 89 123.02 7.53 21.67
C THR VA 89 123.90 7.25 20.46
N ILE VA 90 124.60 6.12 20.48
CA ILE VA 90 125.50 5.72 19.41
C ILE VA 90 124.94 4.46 18.76
N VAL VA 91 124.78 4.50 17.43
CA VAL VA 91 124.26 3.35 16.71
C VAL VA 91 125.33 2.27 16.62
N ALA VA 92 124.89 1.02 16.43
CA ALA VA 92 125.82 -0.09 16.35
C ALA VA 92 126.66 -0.03 15.08
N ASN VA 93 125.99 -0.01 13.92
CA ASN VA 93 126.68 0.05 12.62
C ASN VA 93 127.18 1.47 12.41
N SER VA 94 128.33 1.77 13.02
CA SER VA 94 128.94 3.09 12.90
C SER VA 94 130.36 2.97 12.33
N THR VA 95 131.30 3.69 12.93
CA THR VA 95 132.69 3.67 12.49
C THR VA 95 133.60 3.74 13.71
N GLU VA 96 134.55 2.83 13.79
CA GLU VA 96 135.47 2.81 14.92
C GLU VA 96 136.35 4.06 14.93
N ALA VA 97 136.84 4.47 13.76
CA ALA VA 97 137.66 5.67 13.68
C ALA VA 97 136.87 6.91 14.06
N SER VA 98 135.62 7.00 13.61
CA SER VA 98 134.79 8.14 13.97
C SER VA 98 134.49 8.16 15.47
N ARG VA 99 134.24 6.99 16.06
CA ARG VA 99 133.99 6.92 17.50
C ARG VA 99 135.24 7.32 18.28
N LYS VA 100 136.42 6.88 17.83
CA LYS VA 100 137.66 7.26 18.50
C LYS VA 100 137.90 8.76 18.40
N SER VA 101 137.64 9.34 17.22
CA SER VA 101 137.82 10.78 17.05
C SER VA 101 136.85 11.55 17.93
N LEU VA 102 135.60 11.07 18.04
CA LEU VA 102 134.63 11.75 18.90
C LEU VA 102 135.03 11.65 20.36
N TYR VA 103 135.54 10.49 20.78
CA TYR VA 103 135.99 10.34 22.16
C TYR VA 103 137.18 11.24 22.45
N ASP VA 104 138.11 11.36 21.49
CA ASP VA 104 139.25 12.24 21.68
C ASP VA 104 138.81 13.70 21.76
N LEU VA 105 137.85 14.10 20.91
CA LEU VA 105 137.34 15.47 20.97
C LEU VA 105 136.65 15.75 22.30
N THR VA 106 135.87 14.78 22.80
CA THR VA 106 135.21 14.96 24.09
C THR VA 106 136.24 15.06 25.21
N LYS VA 107 137.28 14.23 25.16
CA LYS VA 107 138.33 14.30 26.19
C LYS VA 107 139.05 15.64 26.14
N SER VA 108 139.33 16.15 24.94
CA SER VA 108 139.98 17.45 24.83
C SER VA 108 139.08 18.57 25.35
N LEU VA 109 137.79 18.52 25.02
CA LEU VA 109 136.87 19.54 25.52
C LEU VA 109 136.72 19.47 27.04
N VAL VA 110 136.82 18.28 27.62
CA VAL VA 110 136.74 18.15 29.07
C VAL VA 110 138.01 18.67 29.72
N ALA VA 111 139.18 18.34 29.16
CA ALA VA 111 140.45 18.73 29.74
C ALA VA 111 140.83 20.18 29.44
N THR VA 112 140.10 20.86 28.55
CA THR VA 112 140.42 22.25 28.25
C THR VA 112 140.12 23.14 29.46
N SER VA 113 140.67 24.34 29.42
CA SER VA 113 140.55 25.30 30.50
C SER VA 113 139.26 26.12 30.44
N GLN VA 114 138.54 26.07 29.31
CA GLN VA 114 137.30 26.82 29.17
C GLN VA 114 136.17 26.24 30.00
N VAL VA 115 136.01 24.92 29.98
CA VAL VA 115 134.96 24.28 30.79
C VAL VA 115 135.26 24.44 32.27
N GLU VA 116 136.53 24.40 32.66
CA GLU VA 116 136.89 24.62 34.06
C GLU VA 116 136.49 26.01 34.52
N ASP VA 117 136.74 27.02 33.68
CA ASP VA 117 136.33 28.38 34.04
C ASP VA 117 134.81 28.51 34.06
N LEU VA 118 134.14 27.87 33.10
CA LEU VA 118 132.67 27.88 33.10
C LEU VA 118 132.10 27.25 34.36
N VAL VA 119 132.77 26.23 34.89
CA VAL VA 119 132.29 25.56 36.09
C VAL VA 119 132.58 26.40 37.33
N VAL VA 120 133.80 26.93 37.42
CA VAL VA 120 134.22 27.66 38.62
C VAL VA 120 133.61 29.05 38.64
N ASN VA 121 134.04 29.92 37.73
CA ASN VA 121 133.63 31.31 37.74
C ASN VA 121 132.25 31.54 37.15
N LEU VA 122 131.57 30.49 36.70
CA LEU VA 122 130.22 30.58 36.14
C LEU VA 122 130.16 31.55 34.95
N VAL VA 123 131.27 31.67 34.23
CA VAL VA 123 131.35 32.53 33.06
C VAL VA 123 130.97 31.71 31.83
N PRO VA 124 130.10 32.21 30.96
CA PRO VA 124 129.70 31.43 29.78
C PRO VA 124 130.90 31.10 28.90
N LEU VA 125 130.85 29.90 28.30
CA LEU VA 125 131.94 29.41 27.48
C LEU VA 125 132.06 30.25 26.22
N GLY VA 126 133.22 30.89 26.03
CA GLY VA 126 133.45 31.73 24.87
C GLY VA 126 134.78 32.45 24.92
N ARG VA 127 135.87 31.71 24.72
CA ARG VA 127 137.20 32.30 24.73
C ARG VA 127 137.83 32.27 23.33
N SER WA 1 71.71 75.00 -94.99
CA SER WA 1 70.48 75.21 -94.24
C SER WA 1 70.50 76.59 -93.57
N LYS WA 2 70.52 76.60 -92.24
CA LYS WA 2 70.67 77.85 -91.49
C LYS WA 2 72.15 78.02 -91.15
N THR WA 3 72.74 79.11 -91.61
CA THR WA 3 74.16 79.39 -91.42
C THR WA 3 74.33 80.56 -90.46
N ILE WA 4 75.32 80.44 -89.57
CA ILE WA 4 75.66 81.47 -88.60
C ILE WA 4 77.13 81.80 -88.76
N VAL WA 5 77.44 83.07 -88.98
CA VAL WA 5 78.80 83.53 -89.19
C VAL WA 5 79.28 84.23 -87.92
N LEU WA 6 80.40 83.76 -87.37
CA LEU WA 6 80.99 84.33 -86.17
C LEU WA 6 82.36 84.88 -86.49
N SER WA 7 82.61 86.13 -86.11
CA SER WA 7 83.88 86.81 -86.37
C SER WA 7 84.73 86.74 -85.12
N VAL WA 8 85.90 86.10 -85.22
CA VAL WA 8 86.82 85.99 -84.09
C VAL WA 8 87.86 87.10 -84.07
N GLY WA 9 88.00 87.85 -85.17
CA GLY WA 9 88.99 88.91 -85.24
C GLY WA 9 89.76 88.91 -86.53
N GLU WA 10 90.25 87.73 -86.93
CA GLU WA 10 90.97 87.57 -88.18
C GLU WA 10 90.36 86.54 -89.11
N ALA WA 11 89.55 85.60 -88.60
CA ALA WA 11 88.90 84.58 -89.41
C ALA WA 11 87.42 84.55 -89.07
N THR WA 12 86.64 83.92 -89.95
CA THR WA 12 85.20 83.80 -89.79
C THR WA 12 84.82 82.33 -89.73
N ARG WA 13 84.13 81.94 -88.66
CA ARG WA 13 83.66 80.57 -88.50
C ARG WA 13 82.19 80.46 -88.89
N THR WA 14 81.83 79.30 -89.43
CA THR WA 14 80.49 79.06 -89.95
C THR WA 14 79.87 77.88 -89.21
N LEU WA 15 78.72 78.10 -88.60
CA LEU WA 15 77.94 77.06 -87.94
C LEU WA 15 76.71 76.74 -88.78
N THR WA 16 76.44 75.45 -88.96
CA THR WA 16 75.34 75.00 -89.81
C THR WA 16 74.30 74.27 -88.97
N GLU WA 17 73.03 74.53 -89.27
CA GLU WA 17 71.94 73.82 -88.61
C GLU WA 17 71.92 72.36 -89.03
N ILE WA 18 71.82 71.43 -88.08
CA ILE WA 18 71.85 70.01 -88.38
C ILE WA 18 70.58 69.29 -87.92
N GLN WA 19 70.07 69.60 -86.73
CA GLN WA 19 68.92 68.88 -86.18
C GLN WA 19 67.80 69.90 -85.96
N SER WA 20 67.09 70.24 -87.04
CA SER WA 20 66.04 71.25 -86.98
C SER WA 20 64.81 70.67 -86.30
N THR WA 21 64.57 71.08 -85.06
CA THR WA 21 63.39 70.67 -84.31
C THR WA 21 62.98 71.83 -83.39
N ALA WA 22 61.69 71.88 -83.07
CA ALA WA 22 61.15 72.99 -82.29
C ALA WA 22 61.71 72.98 -80.87
N ASP WA 23 61.58 71.85 -80.17
CA ASP WA 23 61.99 71.76 -78.78
C ASP WA 23 63.50 71.57 -78.60
N ARG WA 24 64.25 71.41 -79.69
CA ARG WA 24 65.70 71.21 -79.58
C ARG WA 24 66.32 71.57 -80.93
N GLN WA 25 67.07 72.67 -80.96
CA GLN WA 25 67.79 73.10 -82.15
C GLN WA 25 69.28 72.87 -81.92
N ILE WA 26 69.90 72.09 -82.81
CA ILE WA 26 71.30 71.69 -82.68
C ILE WA 26 72.07 72.29 -83.84
N PHE WA 27 72.94 73.26 -83.54
CA PHE WA 27 73.82 73.85 -84.54
C PHE WA 27 75.23 73.28 -84.37
N GLU WA 28 75.85 72.94 -85.49
CA GLU WA 28 77.19 72.37 -85.50
C GLU WA 28 78.09 73.22 -86.39
N GLU WA 29 79.33 73.40 -85.95
CA GLU WA 29 80.32 74.13 -86.73
C GLU WA 29 80.98 73.21 -87.75
N LYS WA 30 81.09 73.69 -88.99
CA LYS WA 30 81.69 72.93 -90.08
C LYS WA 30 83.02 73.57 -90.44
N VAL WA 31 84.12 72.91 -90.06
CA VAL WA 31 85.47 73.39 -90.38
C VAL WA 31 86.27 72.21 -90.95
N GLY WA 32 86.33 71.12 -90.20
CA GLY WA 32 87.05 69.94 -90.61
C GLY WA 32 86.46 68.67 -90.03
N PRO WA 33 87.05 68.18 -88.95
CA PRO WA 33 86.50 66.98 -88.28
C PRO WA 33 85.20 67.32 -87.57
N LEU WA 34 84.13 66.61 -87.96
CA LEU WA 34 82.82 66.89 -87.37
C LEU WA 34 82.75 66.42 -85.91
N VAL WA 35 83.42 65.32 -85.58
CA VAL WA 35 83.42 64.83 -84.21
C VAL WA 35 84.35 65.70 -83.36
N GLY WA 36 83.90 66.05 -82.17
CA GLY WA 36 84.68 66.89 -81.28
C GLY WA 36 84.85 68.30 -81.80
N ARG WA 37 83.73 68.97 -82.10
CA ARG WA 37 83.78 70.33 -82.63
C ARG WA 37 82.93 71.27 -81.77
N LEU WA 38 82.41 72.32 -82.38
CA LEU WA 38 81.58 73.30 -81.71
C LEU WA 38 80.11 72.98 -81.94
N ARG WA 39 79.37 72.80 -80.84
CA ARG WA 39 77.94 72.50 -80.91
C ARG WA 39 77.16 73.47 -80.03
N LEU WA 40 75.93 73.74 -80.43
CA LEU WA 40 75.06 74.67 -79.72
C LEU WA 40 73.66 74.09 -79.66
N THR WA 41 73.11 74.02 -78.45
CA THR WA 41 71.78 73.47 -78.20
C THR WA 41 70.87 74.60 -77.73
N ALA WA 42 69.75 74.79 -78.42
CA ALA WA 42 68.78 75.82 -78.09
C ALA WA 42 67.43 75.18 -77.81
N SER WA 43 66.74 75.68 -76.78
CA SER WA 43 65.43 75.15 -76.43
C SER WA 43 64.55 76.30 -75.94
N LEU WA 44 63.27 76.25 -76.31
CA LEU WA 44 62.28 77.24 -75.90
C LEU WA 44 61.01 76.52 -75.46
N ARG WA 45 60.44 76.96 -74.35
CA ARG WA 45 59.26 76.32 -73.78
C ARG WA 45 58.48 77.32 -72.96
N GLN WA 46 57.41 76.86 -72.33
CA GLN WA 46 56.57 77.65 -71.45
C GLN WA 46 56.80 77.21 -70.01
N ASN WA 47 55.87 77.56 -69.12
CA ASN WA 47 56.00 77.21 -67.71
C ASN WA 47 54.68 77.45 -67.00
N GLY WA 48 54.40 76.64 -65.98
CA GLY WA 48 53.23 76.77 -65.15
C GLY WA 48 51.90 76.78 -65.90
N ALA WA 49 51.18 77.88 -65.80
CA ALA WA 49 49.89 78.03 -66.46
C ALA WA 49 49.95 79.20 -67.45
N LYS WA 50 50.76 79.07 -68.50
CA LYS WA 50 50.86 80.07 -69.57
C LYS WA 50 51.40 81.41 -69.08
N THR WA 51 52.12 81.44 -67.96
CA THR WA 51 52.55 82.70 -67.36
C THR WA 51 53.78 83.26 -68.09
N ALA WA 52 54.95 82.67 -67.82
CA ALA WA 52 56.19 83.13 -68.43
C ALA WA 52 56.70 82.11 -69.45
N TYR WA 53 58.00 82.16 -69.74
CA TYR WA 53 58.61 81.24 -70.68
C TYR WA 53 59.95 80.78 -70.13
N ARG WA 54 60.60 79.86 -70.85
CA ARG WA 54 61.88 79.32 -70.44
C ARG WA 54 62.72 79.08 -71.68
N VAL WA 55 63.90 79.69 -71.72
CA VAL WA 55 64.83 79.55 -72.83
C VAL WA 55 66.13 78.98 -72.30
N ASN WA 56 66.65 77.96 -72.99
CA ASN WA 56 67.90 77.31 -72.60
C ASN WA 56 68.86 77.34 -73.77
N LEU WA 57 70.09 77.77 -73.50
CA LEU WA 57 71.14 77.87 -74.52
C LEU WA 57 72.42 77.27 -73.96
N LYS WA 58 72.90 76.19 -74.58
CA LYS WA 58 74.12 75.53 -74.17
C LYS WA 58 75.11 75.52 -75.32
N LEU WA 59 76.39 75.70 -75.00
CA LEU WA 59 77.45 75.72 -76.00
C LEU WA 59 78.57 74.80 -75.54
N ASP WA 60 78.86 73.78 -76.35
CA ASP WA 60 79.88 72.79 -76.02
C ASP WA 60 80.96 72.76 -77.09
N GLN WA 61 82.18 72.46 -76.66
CA GLN WA 61 83.32 72.36 -77.57
C GLN WA 61 84.38 71.48 -76.93
N ALA WA 62 84.60 70.31 -77.52
CA ALA WA 62 85.57 69.34 -77.00
C ALA WA 62 86.80 69.33 -77.88
N ASP WA 63 87.98 69.47 -77.27
CA ASP WA 63 89.23 69.45 -78.01
C ASP WA 63 89.58 68.03 -78.42
N VAL WA 64 90.29 67.91 -79.54
CA VAL WA 64 90.70 66.62 -80.08
C VAL WA 64 92.22 66.60 -80.21
N VAL WA 65 92.77 65.39 -80.22
CA VAL WA 65 94.20 65.17 -80.38
C VAL WA 65 94.42 64.03 -81.36
N ASP WA 66 95.57 64.04 -82.02
CA ASP WA 66 95.91 63.06 -83.03
C ASP WA 66 97.42 62.84 -83.05
N CYS WA 67 97.82 61.59 -83.28
CA CYS WA 67 99.23 61.23 -83.32
C CYS WA 67 99.67 60.66 -84.67
N SER WA 68 98.84 60.76 -85.71
CA SER WA 68 99.20 60.21 -87.01
C SER WA 68 100.34 60.99 -87.66
N THR WA 69 100.68 62.17 -87.15
CA THR WA 69 101.77 62.94 -87.73
C THR WA 69 103.13 62.33 -87.40
N SER WA 70 103.26 61.71 -86.23
CA SER WA 70 104.53 61.11 -85.81
C SER WA 70 104.35 59.62 -85.53
N VAL WA 71 103.43 59.29 -84.63
CA VAL WA 71 103.17 57.91 -84.25
C VAL WA 71 102.47 57.22 -85.42
N CYS WA 72 102.77 55.93 -85.60
CA CYS WA 72 102.25 55.05 -86.65
C CYS WA 72 100.74 55.06 -86.80
N GLY WA 73 100.03 55.19 -85.68
CA GLY WA 73 98.66 54.70 -85.56
C GLY WA 73 97.92 55.19 -84.33
N GLU WA 74 97.08 56.20 -84.53
CA GLU WA 74 96.26 56.74 -83.43
C GLU WA 74 95.12 57.54 -84.04
N LEU WA 75 93.90 57.11 -83.80
CA LEU WA 75 92.73 57.84 -84.31
C LEU WA 75 92.53 59.12 -83.53
N PRO WA 76 91.88 60.13 -84.14
CA PRO WA 76 91.58 61.37 -83.41
C PRO WA 76 90.73 61.09 -82.18
N LYS WA 77 91.27 61.43 -81.02
CA LYS WA 77 90.63 61.14 -79.73
C LYS WA 77 90.30 62.44 -79.02
N VAL WA 78 89.10 62.50 -78.45
CA VAL WA 78 88.70 63.69 -77.70
C VAL WA 78 89.41 63.71 -76.35
N ARG WA 79 89.61 64.93 -75.82
CA ARG WA 79 90.31 65.10 -74.56
C ARG WA 79 89.29 65.52 -73.51
N TYR WA 80 89.11 66.81 -73.25
CA TYR WA 80 88.17 67.29 -72.25
C TYR WA 80 86.91 67.81 -72.92
N THR WA 81 85.90 68.10 -72.08
CA THR WA 81 84.62 68.60 -72.55
C THR WA 81 84.22 69.80 -71.70
N GLN WA 82 83.75 70.86 -72.35
CA GLN WA 82 83.33 72.08 -71.68
C GLN WA 82 81.84 72.30 -71.91
N VAL WA 83 81.12 72.63 -70.84
CA VAL WA 83 79.69 72.85 -70.88
C VAL WA 83 79.40 74.25 -70.35
N TRP WA 84 78.68 75.04 -71.16
CA TRP WA 84 78.30 76.41 -70.80
C TRP WA 84 76.82 76.57 -71.14
N SER WA 85 75.96 76.26 -70.18
CA SER WA 85 74.52 76.35 -70.36
C SER WA 85 74.01 77.71 -69.88
N HIS WA 86 72.75 78.00 -70.23
CA HIS WA 86 72.11 79.26 -69.86
C HIS WA 86 70.69 78.97 -69.40
N ASP WA 87 70.01 80.01 -68.91
CA ASP WA 87 68.63 79.88 -68.45
C ASP WA 87 68.00 81.27 -68.50
N VAL WA 88 67.00 81.44 -69.36
CA VAL WA 88 66.30 82.71 -69.53
C VAL WA 88 64.86 82.52 -69.07
N THR WA 89 64.46 83.25 -68.04
CA THR WA 89 63.10 83.22 -67.50
C THR WA 89 62.54 84.63 -67.55
N ILE WA 90 62.03 85.01 -68.71
CA ILE WA 90 61.45 86.33 -68.94
C ILE WA 90 59.96 86.18 -69.20
N VAL WA 91 59.15 86.91 -68.45
CA VAL WA 91 57.70 86.84 -68.62
C VAL WA 91 57.30 87.59 -69.88
N ALA WA 92 56.14 87.23 -70.43
CA ALA WA 92 55.66 87.85 -71.66
C ALA WA 92 55.28 89.31 -71.42
N ASN WA 93 54.35 89.55 -70.49
CA ASN WA 93 53.90 90.90 -70.18
C ASN WA 93 54.97 91.60 -69.34
N SER WA 94 55.99 92.11 -70.04
CA SER WA 94 57.08 92.80 -69.38
C SER WA 94 57.22 94.22 -69.93
N THR WA 95 58.45 94.64 -70.22
CA THR WA 95 58.71 95.98 -70.75
C THR WA 95 59.84 95.89 -71.77
N GLU WA 96 59.61 96.46 -72.95
CA GLU WA 96 60.63 96.42 -74.00
C GLU WA 96 61.85 97.24 -73.60
N ALA WA 97 61.64 98.41 -72.99
CA ALA WA 97 62.77 99.23 -72.54
C ALA WA 97 63.56 98.52 -71.45
N SER WA 98 62.88 97.88 -70.52
CA SER WA 98 63.57 97.14 -69.46
C SER WA 98 64.35 95.96 -70.03
N ARG WA 99 63.77 95.26 -71.00
CA ARG WA 99 64.48 94.14 -71.62
C ARG WA 99 65.71 94.63 -72.38
N LYS WA 100 65.58 95.76 -73.08
CA LYS WA 100 66.72 96.31 -73.80
C LYS WA 100 67.82 96.75 -72.84
N SER WA 101 67.44 97.37 -71.72
CA SER WA 101 68.44 97.79 -70.73
C SER WA 101 69.13 96.58 -70.11
N LEU WA 102 68.36 95.52 -69.84
CA LEU WA 102 68.96 94.30 -69.28
C LEU WA 102 69.92 93.65 -70.28
N TYR WA 103 69.54 93.62 -71.56
CA TYR WA 103 70.42 93.06 -72.58
C TYR WA 103 71.69 93.89 -72.71
N ASP WA 104 71.57 95.23 -72.65
CA ASP WA 104 72.76 96.08 -72.72
C ASP WA 104 73.66 95.87 -71.51
N LEU WA 105 73.07 95.73 -70.33
CA LEU WA 105 73.88 95.47 -69.14
C LEU WA 105 74.59 94.13 -69.23
N THR WA 106 73.90 93.10 -69.74
CA THR WA 106 74.53 91.79 -69.90
C THR WA 106 75.66 91.86 -70.92
N LYS WA 107 75.45 92.58 -72.02
CA LYS WA 107 76.51 92.73 -73.02
C LYS WA 107 77.71 93.46 -72.45
N SER WA 108 77.47 94.51 -71.64
CA SER WA 108 78.57 95.23 -71.02
C SER WA 108 79.33 94.35 -70.04
N LEU WA 109 78.61 93.57 -69.23
CA LEU WA 109 79.26 92.68 -68.28
C LEU WA 109 80.05 91.59 -69.00
N VAL WA 110 79.58 91.15 -70.17
CA VAL WA 110 80.31 90.14 -70.92
C VAL WA 110 81.57 90.75 -71.55
N ALA WA 111 81.45 91.95 -72.11
CA ALA WA 111 82.57 92.59 -72.79
C ALA WA 111 83.56 93.24 -71.82
N THR WA 112 83.24 93.35 -70.54
CA THR WA 112 84.16 93.94 -69.60
C THR WA 112 85.39 93.05 -69.42
N SER WA 113 86.43 93.64 -68.85
CA SER WA 113 87.71 92.96 -68.65
C SER WA 113 87.75 92.12 -67.37
N GLN WA 114 86.77 92.29 -66.48
CA GLN WA 114 86.75 91.53 -65.23
C GLN WA 114 86.37 90.06 -65.45
N VAL WA 115 85.37 89.81 -66.28
CA VAL WA 115 84.99 88.42 -66.55
C VAL WA 115 86.09 87.71 -67.34
N GLU WA 116 86.78 88.43 -68.22
CA GLU WA 116 87.90 87.81 -68.95
C GLU WA 116 89.00 87.38 -67.99
N ASP WA 117 89.33 88.23 -67.01
CA ASP WA 117 90.34 87.87 -66.02
C ASP WA 117 89.86 86.71 -65.15
N LEU WA 118 88.57 86.73 -64.76
CA LEU WA 118 88.02 85.63 -63.98
C LEU WA 118 88.09 84.31 -64.75
N VAL WA 119 87.93 84.36 -66.07
CA VAL WA 119 87.98 83.14 -66.87
C VAL WA 119 89.41 82.67 -67.05
N VAL WA 120 90.33 83.59 -67.37
CA VAL WA 120 91.71 83.23 -67.67
C VAL WA 120 92.46 82.92 -66.38
N ASN WA 121 92.71 83.94 -65.57
CA ASN WA 121 93.55 83.79 -64.38
C ASN WA 121 92.83 83.14 -63.21
N LEU WA 122 91.55 82.79 -63.36
CA LEU WA 122 90.76 82.14 -62.31
C LEU WA 122 90.72 82.98 -61.03
N VAL WA 123 90.82 84.29 -61.17
CA VAL WA 123 90.76 85.21 -60.03
C VAL WA 123 89.31 85.61 -59.81
N PRO WA 124 88.81 85.57 -58.57
CA PRO WA 124 87.41 85.92 -58.33
C PRO WA 124 87.12 87.35 -58.77
N LEU WA 125 85.91 87.57 -59.27
CA LEU WA 125 85.50 88.86 -59.79
C LEU WA 125 85.40 89.86 -58.65
N GLY WA 126 86.18 90.93 -58.72
CA GLY WA 126 86.18 91.95 -57.69
C GLY WA 126 87.23 93.01 -57.90
N ARG WA 127 87.01 93.89 -58.89
CA ARG WA 127 87.96 94.96 -59.19
C ARG WA 127 87.36 96.32 -58.85
N SER XA 1 95.47 90.01 -52.49
CA SER XA 1 94.82 89.87 -51.20
C SER XA 1 95.86 89.84 -50.08
N LYS XA 2 95.98 88.70 -49.40
CA LYS XA 2 97.03 88.52 -48.41
C LYS XA 2 98.20 87.80 -49.08
N THR XA 3 99.36 88.45 -49.08
CA THR XA 3 100.56 87.92 -49.73
C THR XA 3 101.59 87.51 -48.69
N ILE XA 4 102.24 86.38 -48.93
CA ILE XA 4 103.29 85.86 -48.05
C ILE XA 4 104.54 85.63 -48.90
N VAL XA 5 105.65 86.24 -48.49
CA VAL XA 5 106.91 86.14 -49.21
C VAL XA 5 107.82 85.17 -48.46
N LEU XA 6 108.31 84.16 -49.17
CA LEU XA 6 109.20 83.17 -48.60
C LEU XA 6 110.53 83.21 -49.34
N SER XA 7 111.63 83.30 -48.60
CA SER XA 7 112.97 83.38 -49.15
C SER XA 7 113.61 82.00 -49.09
N VAL XA 8 113.94 81.44 -50.26
CA VAL XA 8 114.58 80.13 -50.32
C VAL XA 8 116.10 80.21 -50.36
N GLY XA 9 116.66 81.40 -50.59
CA GLY XA 9 118.09 81.56 -50.65
C GLY XA 9 118.53 82.41 -51.83
N GLU XA 10 117.99 82.11 -53.01
CA GLU XA 10 118.29 82.87 -54.21
C GLU XA 10 117.06 83.45 -54.89
N ALA XA 11 115.88 82.91 -54.64
CA ALA XA 11 114.64 83.40 -55.22
C ALA XA 11 113.60 83.59 -54.11
N THR XA 12 112.55 84.34 -54.42
CA THR XA 12 111.48 84.65 -53.48
C THR XA 12 110.17 84.12 -54.05
N ARG XA 13 109.47 83.29 -53.26
CA ARG XA 13 108.18 82.74 -53.65
C ARG XA 13 107.06 83.53 -52.98
N THR XA 14 105.94 83.64 -53.67
CA THR XA 14 104.80 84.43 -53.21
C THR XA 14 103.58 83.53 -53.11
N LEU XA 15 102.98 83.48 -51.92
CA LEU XA 15 101.74 82.75 -51.68
C LEU XA 15 100.60 83.75 -51.50
N THR XA 16 99.48 83.48 -52.14
CA THR XA 16 98.32 84.38 -52.14
C THR XA 16 97.13 83.72 -51.45
N GLU XA 17 96.43 84.50 -50.64
CA GLU XA 17 95.22 84.02 -50.00
C GLU XA 17 94.12 83.79 -51.04
N ILE XA 18 93.46 82.64 -51.00
CA ILE XA 18 92.44 82.32 -51.98
C ILE XA 18 91.07 82.05 -51.35
N GLN XA 19 91.03 81.33 -50.23
CA GLN XA 19 89.76 80.96 -49.61
C GLN XA 19 89.73 81.55 -48.19
N SER XA 20 89.41 82.84 -48.10
CA SER XA 20 89.40 83.55 -46.83
C SER XA 20 88.19 83.14 -46.01
N THR XA 21 88.41 82.33 -44.99
CA THR XA 21 87.35 81.92 -44.07
C THR XA 21 87.96 81.74 -42.68
N ALA XA 22 87.13 81.92 -41.66
CA ALA XA 22 87.62 81.87 -40.28
C ALA XA 22 88.10 80.47 -39.91
N ASP XA 23 87.24 79.47 -40.10
CA ASP XA 23 87.56 78.10 -39.70
C ASP XA 23 88.47 77.38 -40.68
N ARG XA 24 88.80 77.99 -41.82
CA ARG XA 24 89.66 77.35 -42.80
C ARG XA 24 90.25 78.43 -43.70
N GLN XA 25 91.57 78.64 -43.56
CA GLN XA 25 92.30 79.59 -44.40
C GLN XA 25 93.17 78.81 -45.37
N ILE XA 26 92.98 79.06 -46.67
CA ILE XA 26 93.67 78.31 -47.73
C ILE XA 26 94.55 79.30 -48.49
N PHE XA 27 95.86 79.14 -48.33
CA PHE XA 27 96.84 79.93 -49.09
C PHE XA 27 97.40 79.09 -50.22
N GLU XA 28 97.51 79.71 -51.40
CA GLU XA 28 98.02 79.04 -52.59
C GLU XA 28 99.20 79.83 -53.15
N GLU XA 29 100.21 79.12 -53.62
CA GLU XA 29 101.36 79.75 -54.24
C GLU XA 29 101.09 80.03 -55.71
N LYS XA 30 101.42 81.24 -56.16
CA LYS XA 30 101.21 81.67 -57.54
C LYS XA 30 102.57 81.79 -58.21
N VAL XA 31 102.89 80.85 -59.09
CA VAL XA 31 104.12 80.86 -59.86
C VAL XA 31 103.81 80.60 -61.31
N GLY XA 32 103.11 79.50 -61.59
CA GLY XA 32 102.73 79.14 -62.93
C GLY XA 32 101.45 78.34 -62.97
N PRO XA 33 101.58 77.01 -63.07
CA PRO XA 33 100.40 76.14 -63.05
C PRO XA 33 99.78 76.11 -61.66
N LEU XA 34 98.51 76.51 -61.57
CA LEU XA 34 97.85 76.54 -60.26
C LEU XA 34 97.57 75.14 -59.73
N VAL XA 35 97.26 74.19 -60.62
CA VAL XA 35 97.01 72.82 -60.18
C VAL XA 35 98.33 72.15 -59.85
N GLY XA 36 98.35 71.42 -58.73
CA GLY XA 36 99.56 70.74 -58.31
C GLY XA 36 100.65 71.69 -57.89
N ARG XA 37 100.35 72.59 -56.95
CA ARG XA 37 101.32 73.56 -56.48
C ARG XA 37 101.47 73.50 -54.96
N LEU XA 38 101.81 74.63 -54.35
CA LEU XA 38 102.00 74.72 -52.91
C LEU XA 38 100.74 75.27 -52.27
N ARG XA 39 100.17 74.52 -51.33
CA ARG XA 39 98.97 74.93 -50.61
C ARG XA 39 99.18 74.82 -49.12
N LEU XA 40 98.50 75.68 -48.38
CA LEU XA 40 98.62 75.74 -46.93
C LEU XA 40 97.24 75.92 -46.32
N THR XA 41 96.89 75.04 -45.38
CA THR XA 41 95.59 75.06 -44.71
C THR XA 41 95.81 75.41 -43.23
N ALA XA 42 95.13 76.45 -42.77
CA ALA XA 42 95.22 76.90 -41.39
C ALA XA 42 93.84 76.86 -40.75
N SER XA 43 93.79 76.42 -39.50
CA SER XA 43 92.54 76.33 -38.76
C SER XA 43 92.79 76.67 -37.30
N LEU XA 44 91.84 77.38 -36.70
CA LEU XA 44 91.90 77.77 -35.29
C LEU XA 44 90.54 77.52 -34.66
N ARG XA 45 90.54 76.94 -33.47
CA ARG XA 45 89.29 76.59 -32.79
C ARG XA 45 89.55 76.56 -31.28
N GLN XA 46 88.51 76.19 -30.53
CA GLN XA 46 88.57 76.04 -29.09
C GLN XA 46 88.51 74.54 -28.74
N ASN XA 47 88.19 74.24 -27.49
CA ASN XA 47 88.13 72.86 -27.03
C ASN XA 47 87.43 72.79 -25.68
N GLY XA 48 86.72 71.68 -25.45
CA GLY XA 48 86.07 71.42 -24.18
C GLY XA 48 85.10 72.49 -23.72
N ALA XA 49 85.40 73.10 -22.58
CA ALA XA 49 84.58 74.16 -22.01
C ALA XA 49 85.38 75.44 -21.89
N LYS XA 50 85.78 76.02 -23.03
CA LYS XA 50 86.49 77.30 -23.08
C LYS XA 50 87.86 77.25 -22.42
N THR XA 51 88.47 76.07 -22.29
CA THR XA 51 89.72 75.92 -21.54
C THR XA 51 90.90 76.35 -22.39
N ALA XA 52 91.31 75.51 -23.33
CA ALA XA 52 92.45 75.80 -24.18
C ALA XA 52 92.01 76.09 -25.61
N TYR XA 53 92.91 75.92 -26.57
CA TYR XA 53 92.61 76.14 -27.98
C TYR XA 53 93.24 75.04 -28.80
N ARG XA 54 92.98 75.08 -30.11
CA ARG XA 54 93.50 74.08 -31.04
C ARG XA 54 93.83 74.76 -32.35
N VAL XA 55 95.08 74.66 -32.78
CA VAL XA 55 95.54 75.23 -34.03
C VAL XA 55 96.08 74.11 -34.92
N ASN XA 56 95.65 74.12 -36.18
CA ASN XA 56 96.07 73.11 -37.15
C ASN XA 56 96.68 73.81 -38.36
N LEU XA 57 97.86 73.34 -38.77
CA LEU XA 57 98.58 73.89 -39.91
C LEU XA 57 99.08 72.75 -40.77
N LYS XA 58 98.59 72.69 -42.02
CA LYS XA 58 98.98 71.66 -42.96
C LYS XA 58 99.58 72.32 -44.20
N LEU XA 59 100.62 71.70 -44.75
CA LEU XA 59 101.29 72.20 -45.94
C LEU XA 59 101.43 71.07 -46.94
N ASP XA 60 100.84 71.24 -48.13
CA ASP XA 60 100.86 70.23 -49.17
C ASP XA 60 101.52 70.77 -50.42
N GLN XA 61 102.16 69.88 -51.17
CA GLN XA 61 102.81 70.24 -52.42
C GLN XA 61 102.96 68.98 -53.26
N ALA XA 62 102.23 68.92 -54.38
CA ALA XA 62 102.24 67.78 -55.27
C ALA XA 62 103.02 68.12 -56.53
N ASP XA 63 103.97 67.27 -56.89
CA ASP XA 63 104.77 67.47 -58.09
C ASP XA 63 103.97 67.13 -59.33
N VAL XA 64 104.30 67.81 -60.44
CA VAL XA 64 103.61 67.60 -61.70
C VAL XA 64 104.64 67.21 -62.76
N VAL XA 65 104.15 66.54 -63.80
CA VAL XA 65 104.97 66.11 -64.93
C VAL XA 65 104.24 66.42 -66.22
N ASP XA 66 105.00 66.60 -67.30
CA ASP XA 66 104.44 66.95 -68.59
C ASP XA 66 105.33 66.37 -69.69
N CYS XA 67 104.69 65.94 -70.78
CA CYS XA 67 105.40 65.36 -71.91
C CYS XA 67 105.20 66.14 -73.20
N SER XA 68 104.63 67.34 -73.15
CA SER XA 68 104.40 68.10 -74.38
C SER XA 68 105.69 68.59 -75.00
N THR XA 69 106.81 68.53 -74.29
CA THR XA 69 108.08 68.96 -74.85
C THR XA 69 108.60 67.99 -75.90
N SER XA 70 108.34 66.70 -75.72
CA SER XA 70 108.80 65.68 -76.66
C SER XA 70 107.64 64.89 -77.25
N VAL XA 71 106.82 64.30 -76.37
CA VAL XA 71 105.68 63.51 -76.80
C VAL XA 71 104.61 64.45 -77.34
N CYS XA 72 103.87 63.99 -78.35
CA CYS XA 72 102.82 64.71 -79.06
C CYS XA 72 101.77 65.34 -78.16
N GLY XA 73 101.44 64.67 -77.06
CA GLY XA 73 100.16 64.83 -76.40
C GLY XA 73 100.10 64.23 -75.01
N GLU XA 74 100.21 65.08 -73.99
CA GLU XA 74 100.11 64.64 -72.60
C GLU XA 74 99.87 65.85 -71.73
N LEU XA 75 98.72 65.88 -71.06
CA LEU XA 75 98.40 66.99 -70.18
C LEU XA 75 99.25 66.92 -68.90
N PRO XA 76 99.48 68.05 -68.24
CA PRO XA 76 100.21 68.03 -66.97
C PRO XA 76 99.51 67.16 -65.94
N LYS XA 77 100.20 66.12 -65.49
CA LYS XA 77 99.66 65.12 -64.58
C LYS XA 77 100.41 65.14 -63.27
N VAL XA 78 99.67 65.09 -62.16
CA VAL XA 78 100.29 65.06 -60.84
C VAL XA 78 100.90 63.68 -60.59
N ARG XA 79 101.95 63.65 -59.75
CA ARG XA 79 102.64 62.42 -59.45
C ARG XA 79 102.31 62.03 -58.02
N TYR XA 80 103.13 62.39 -57.04
CA TYR XA 80 102.91 62.04 -55.65
C TYR XA 80 102.36 63.25 -54.89
N THR XA 81 101.92 62.98 -53.65
CA THR XA 81 101.37 64.01 -52.78
C THR XA 81 102.01 63.90 -51.41
N GLN XA 82 102.41 65.03 -50.85
CA GLN XA 82 103.04 65.09 -49.53
C GLN XA 82 102.15 65.87 -48.57
N VAL XA 83 101.98 65.33 -47.37
CA VAL XA 83 101.13 65.93 -46.34
C VAL XA 83 101.97 66.14 -45.09
N TRP XA 84 102.00 67.39 -44.61
CA TRP XA 84 102.73 67.76 -43.40
C TRP XA 84 101.81 68.61 -42.54
N SER XA 85 101.05 67.95 -41.66
CA SER XA 85 100.12 68.62 -40.77
C SER XA 85 100.77 68.93 -39.43
N HIS XA 86 100.09 69.76 -38.65
CA HIS XA 86 100.57 70.16 -37.33
C HIS XA 86 99.41 70.13 -36.34
N ASP XA 87 99.73 70.36 -35.08
CA ASP XA 87 98.73 70.37 -34.01
C ASP XA 87 99.27 71.18 -32.85
N VAL XA 88 98.64 72.31 -32.55
CA VAL XA 88 99.06 73.20 -31.48
C VAL XA 88 97.96 73.22 -30.43
N THR XA 89 98.29 72.76 -29.21
CA THR XA 89 97.36 72.74 -28.09
C THR XA 89 97.99 73.54 -26.95
N ILE XA 90 97.82 74.86 -27.02
CA ILE XA 90 98.36 75.78 -26.01
C ILE XA 90 97.20 76.43 -25.29
N VAL XA 91 97.22 76.35 -23.95
CA VAL XA 91 96.16 76.95 -23.14
C VAL XA 91 96.33 78.46 -23.13
N ALA XA 92 95.23 79.17 -22.86
CA ALA XA 92 95.26 80.63 -22.85
C ALA XA 92 96.06 81.14 -21.66
N ASN XA 93 95.65 80.75 -20.44
CA ASN XA 93 96.34 81.18 -19.22
C ASN XA 93 97.64 80.39 -19.08
N SER XA 94 98.65 80.85 -19.81
CA SER XA 94 99.97 80.21 -19.78
C SER XA 94 101.04 81.20 -19.34
N THR XA 95 102.17 81.21 -20.04
CA THR XA 95 103.27 82.12 -19.73
C THR XA 95 103.92 82.57 -21.03
N GLU XA 96 104.08 83.89 -21.18
CA GLU XA 96 104.69 84.43 -22.39
C GLU XA 96 106.14 84.00 -22.51
N ALA XA 97 106.89 84.03 -21.39
CA ALA XA 97 108.28 83.62 -21.43
C ALA XA 97 108.41 82.13 -21.77
N SER XA 98 107.54 81.30 -21.21
CA SER XA 98 107.57 79.87 -21.52
C SER XA 98 107.21 79.63 -22.98
N ARG XA 99 106.23 80.36 -23.52
CA ARG XA 99 105.88 80.20 -24.93
C ARG XA 99 107.03 80.64 -25.83
N LYS XA 100 107.71 81.74 -25.48
CA LYS XA 100 108.84 82.19 -26.27
C LYS XA 100 109.98 81.18 -26.22
N SER XA 101 110.25 80.61 -25.04
CA SER XA 101 111.29 79.60 -24.94
C SER XA 101 110.95 78.35 -25.74
N LEU XA 102 109.68 77.95 -25.72
CA LEU XA 102 109.26 76.78 -26.50
C LEU XA 102 109.38 77.05 -27.99
N TYR XA 103 109.01 78.26 -28.42
CA TYR XA 103 109.15 78.60 -29.84
C TYR XA 103 110.61 78.64 -30.26
N ASP XA 104 111.49 79.16 -29.39
CA ASP XA 104 112.91 79.18 -29.71
C ASP XA 104 113.47 77.76 -29.79
N LEU XA 105 113.06 76.88 -28.87
CA LEU XA 105 113.51 75.49 -28.91
C LEU XA 105 113.03 74.79 -30.18
N THR XA 106 111.77 75.04 -30.58
CA THR XA 106 111.26 74.46 -31.81
C THR XA 106 112.02 74.97 -33.02
N LYS XA 107 112.32 76.27 -33.05
CA LYS XA 107 113.08 76.83 -34.17
C LYS XA 107 114.49 76.24 -34.23
N SER XA 108 115.12 76.06 -33.07
CA SER XA 108 116.44 75.46 -33.04
C SER XA 108 116.41 74.00 -33.51
N LEU XA 109 115.41 73.24 -33.07
CA LEU XA 109 115.28 71.85 -33.51
C LEU XA 109 114.98 71.76 -35.00
N VAL XA 110 114.27 72.74 -35.55
CA VAL XA 110 114.00 72.73 -36.99
C VAL XA 110 115.25 73.09 -37.78
N ALA XA 111 116.00 74.11 -37.31
CA ALA XA 111 117.19 74.57 -38.01
C ALA XA 111 118.40 73.68 -37.79
N THR XA 112 118.34 72.73 -36.86
CA THR XA 112 119.48 71.85 -36.62
C THR XA 112 119.71 70.94 -37.82
N SER XA 113 120.89 70.34 -37.86
CA SER XA 113 121.29 69.47 -38.97
C SER XA 113 120.82 68.03 -38.80
N GLN XA 114 120.32 67.66 -37.61
CA GLN XA 114 119.85 66.31 -37.38
C GLN XA 114 118.52 66.02 -38.09
N VAL XA 115 117.58 66.96 -38.01
CA VAL XA 115 116.30 66.77 -38.70
C VAL XA 115 116.50 66.78 -40.22
N GLU XA 116 117.42 67.59 -40.72
CA GLU XA 116 117.71 67.60 -42.15
C GLU XA 116 118.24 66.24 -42.60
N ASP XA 117 119.13 65.64 -41.83
CA ASP XA 117 119.63 64.30 -42.17
C ASP XA 117 118.53 63.26 -42.06
N LEU XA 118 117.69 63.36 -41.03
CA LEU XA 118 116.56 62.45 -40.89
C LEU XA 118 115.61 62.54 -42.08
N VAL XA 119 115.45 63.74 -42.63
CA VAL XA 119 114.55 63.91 -43.77
C VAL XA 119 115.19 63.40 -45.05
N VAL XA 120 116.46 63.74 -45.28
CA VAL XA 120 117.14 63.39 -46.52
C VAL XA 120 117.53 61.92 -46.53
N ASN XA 121 118.49 61.55 -45.68
CA ASN XA 121 119.05 60.20 -45.69
C ASN XA 121 118.16 59.18 -44.98
N LEU XA 122 117.01 59.59 -44.44
CA LEU XA 122 116.08 58.69 -43.76
C LEU XA 122 116.74 57.95 -42.60
N VAL XA 123 117.75 58.58 -42.00
CA VAL XA 123 118.45 57.99 -40.86
C VAL XA 123 117.75 58.44 -39.57
N PRO XA 124 117.46 57.53 -38.65
CA PRO XA 124 116.77 57.94 -37.41
C PRO XA 124 117.56 58.98 -36.64
N LEU XA 125 116.83 59.90 -36.01
CA LEU XA 125 117.45 61.01 -35.28
C LEU XA 125 118.18 60.46 -34.06
N GLY XA 126 119.49 60.70 -34.00
CA GLY XA 126 120.29 60.24 -32.88
C GLY XA 126 121.77 60.50 -33.07
N ARG XA 127 122.18 61.75 -32.94
CA ARG XA 127 123.58 62.13 -33.09
C ARG XA 127 124.18 62.59 -31.76
N SER YA 1 125.66 51.99 -37.21
CA SER YA 1 125.20 51.04 -36.21
C SER YA 1 125.99 49.74 -36.31
N LYS YA 2 125.33 48.64 -36.68
CA LYS YA 2 126.00 47.38 -36.95
C LYS YA 2 126.25 47.28 -38.45
N THR YA 3 127.52 47.18 -38.82
CA THR YA 3 127.94 47.12 -40.22
C THR YA 3 128.44 45.73 -40.57
N ILE YA 4 128.09 45.26 -41.77
CA ILE YA 4 128.51 43.96 -42.27
C ILE YA 4 129.16 44.19 -43.63
N VAL YA 5 130.40 43.73 -43.77
CA VAL YA 5 131.16 43.89 -45.02
C VAL YA 5 131.16 42.57 -45.76
N LEU YA 6 130.73 42.58 -47.01
CA LEU YA 6 130.68 41.40 -47.86
C LEU YA 6 131.58 41.63 -49.07
N SER YA 7 132.48 40.67 -49.32
CA SER YA 7 133.43 40.75 -50.42
C SER YA 7 132.90 39.92 -51.58
N VAL YA 8 132.64 40.58 -52.72
CA VAL YA 8 132.16 39.90 -53.92
C VAL YA 8 133.28 39.46 -54.85
N GLY YA 9 134.50 39.96 -54.65
CA GLY YA 9 135.61 39.61 -55.50
C GLY YA 9 136.43 40.82 -55.90
N GLU YA 10 135.75 41.89 -56.35
CA GLU YA 10 136.41 43.12 -56.73
C GLU YA 10 135.91 44.34 -55.96
N ALA YA 11 134.71 44.29 -55.37
CA ALA YA 11 134.17 45.39 -54.59
C ALA YA 11 133.66 44.85 -53.26
N THR YA 12 133.43 45.76 -52.32
CA THR YA 12 132.97 45.43 -50.99
C THR YA 12 131.64 46.12 -50.74
N ARG YA 13 130.63 45.35 -50.37
CA ARG YA 13 129.30 45.87 -50.06
C ARG YA 13 129.13 45.98 -48.55
N THR YA 14 128.37 46.99 -48.14
CA THR YA 14 128.16 47.29 -46.72
C THR YA 14 126.68 47.23 -46.40
N LEU YA 15 126.31 46.39 -45.44
CA LEU YA 15 124.95 46.30 -44.94
C LEU YA 15 124.87 46.92 -43.55
N THR YA 16 123.84 47.72 -43.32
CA THR YA 16 123.69 48.46 -42.07
C THR YA 16 122.44 47.99 -41.34
N GLU YA 17 122.56 47.85 -40.02
CA GLU YA 17 121.41 47.50 -39.19
C GLU YA 17 120.41 48.65 -39.16
N ILE YA 18 119.13 48.35 -39.38
CA ILE YA 18 118.11 49.40 -39.42
C ILE YA 18 117.01 49.18 -38.37
N GLN YA 19 116.55 47.95 -38.18
CA GLN YA 19 115.45 47.68 -37.25
C GLN YA 19 115.95 46.73 -36.17
N SER YA 20 116.65 47.28 -35.18
CA SER YA 20 117.26 46.49 -34.12
C SER YA 20 116.17 46.02 -33.16
N THR YA 21 115.82 44.74 -33.23
CA THR YA 21 114.86 44.13 -32.32
C THR YA 21 115.26 42.68 -32.09
N ALA YA 22 114.89 42.16 -30.92
CA ALA YA 22 115.29 40.80 -30.55
C ALA YA 22 114.66 39.76 -31.47
N ASP YA 23 113.33 39.79 -31.59
CA ASP YA 23 112.62 38.78 -32.36
C ASP YA 23 112.67 39.02 -33.87
N ARG YA 24 113.25 40.14 -34.32
CA ARG YA 24 113.32 40.43 -35.75
C ARG YA 24 114.44 41.45 -35.96
N GLN YA 25 115.52 41.01 -36.61
CA GLN YA 25 116.63 41.86 -36.97
C GLN YA 25 116.61 42.09 -38.47
N ILE YA 26 116.56 43.36 -38.89
CA ILE YA 26 116.45 43.73 -40.29
C ILE YA 26 117.70 44.49 -40.69
N PHE YA 27 118.52 43.88 -41.53
CA PHE YA 27 119.70 44.52 -42.08
C PHE YA 27 119.41 44.96 -43.51
N GLU YA 28 119.84 46.18 -43.84
CA GLU YA 28 119.64 46.75 -45.17
C GLU YA 28 120.98 47.17 -45.74
N GLU YA 29 121.15 46.95 -47.05
CA GLU YA 29 122.37 47.36 -47.74
C GLU YA 29 122.26 48.82 -48.16
N LYS YA 30 123.32 49.60 -47.91
CA LYS YA 30 123.38 51.01 -48.24
C LYS YA 30 124.36 51.20 -49.38
N VAL YA 31 123.84 51.46 -50.58
CA VAL YA 31 124.66 51.71 -51.76
C VAL YA 31 124.15 52.96 -52.46
N GLY YA 32 122.86 52.97 -52.79
CA GLY YA 32 122.23 54.09 -53.45
C GLY YA 32 120.76 54.21 -53.11
N PRO YA 33 119.91 53.71 -54.00
CA PRO YA 33 118.46 53.72 -53.73
C PRO YA 33 118.11 52.73 -52.65
N LEU YA 34 117.51 53.22 -51.56
CA LEU YA 34 117.17 52.34 -50.45
C LEU YA 34 116.02 51.41 -50.80
N VAL YA 35 115.06 51.87 -51.60
CA VAL YA 35 113.95 51.03 -52.00
C VAL YA 35 114.42 50.04 -53.05
N GLY YA 36 113.99 48.78 -52.91
CA GLY YA 36 114.39 47.74 -53.84
C GLY YA 36 115.86 47.41 -53.78
N ARG YA 37 116.35 47.09 -52.59
CA ARG YA 37 117.76 46.77 -52.40
C ARG YA 37 117.94 45.40 -51.75
N LEU YA 38 119.02 45.23 -51.01
CA LEU YA 38 119.33 43.97 -50.34
C LEU YA 38 118.88 44.06 -48.88
N ARG YA 39 118.02 43.14 -48.46
CA ARG YA 39 117.53 43.10 -47.10
C ARG YA 39 117.70 41.70 -46.53
N LEU YA 40 117.90 41.64 -45.20
CA LEU YA 40 118.13 40.39 -44.50
C LEU YA 40 117.34 40.40 -43.21
N THR YA 41 116.54 39.35 -43.01
CA THR YA 41 115.70 39.20 -41.81
C THR YA 41 116.21 38.02 -41.00
N ALA YA 42 116.50 38.27 -39.73
CA ALA YA 42 116.99 37.25 -38.82
C ALA YA 42 116.04 37.13 -37.63
N SER YA 43 115.79 35.90 -37.21
CA SER YA 43 114.91 35.64 -36.07
C SER YA 43 115.44 34.45 -35.28
N LEU YA 44 115.32 34.53 -33.96
CA LEU YA 44 115.74 33.47 -33.06
C LEU YA 44 114.66 33.28 -31.99
N ARG YA 45 114.34 32.02 -31.72
CA ARG YA 45 113.27 31.70 -30.77
C ARG YA 45 113.54 30.32 -30.17
N GLN YA 46 112.60 29.87 -29.33
CA GLN YA 46 112.64 28.57 -28.71
C GLN YA 46 111.56 27.67 -29.35
N ASN YA 47 111.22 26.59 -28.67
CA ASN YA 47 110.22 25.65 -29.19
C ASN YA 47 109.79 24.69 -28.09
N GLY YA 48 108.52 24.28 -28.15
CA GLY YA 48 107.98 23.30 -27.23
C GLY YA 48 108.10 23.66 -25.76
N ALA YA 49 108.83 22.84 -25.01
CA ALA YA 49 109.04 23.05 -23.58
C ALA YA 49 110.52 23.22 -23.30
N LYS YA 50 111.13 24.29 -23.82
CA LYS YA 50 112.53 24.63 -23.57
C LYS YA 50 113.51 23.60 -24.13
N THR YA 51 113.09 22.81 -25.12
CA THR YA 51 113.92 21.70 -25.61
C THR YA 51 115.00 22.22 -26.56
N ALA YA 52 114.61 22.54 -27.79
CA ALA YA 52 115.56 23.02 -28.79
C ALA YA 52 115.34 24.50 -29.07
N TYR YA 53 115.78 24.95 -30.25
CA TYR YA 53 115.63 26.34 -30.65
C TYR YA 53 115.23 26.39 -32.11
N ARG YA 54 114.96 27.61 -32.59
CA ARG YA 54 114.56 27.82 -33.98
C ARG YA 54 115.17 29.12 -34.48
N VAL YA 55 115.93 29.03 -35.56
CA VAL YA 55 116.58 30.18 -36.18
C VAL YA 55 116.09 30.31 -37.60
N ASN YA 56 115.70 31.53 -37.99
CA ASN YA 56 115.21 31.80 -39.32
C ASN YA 56 116.04 32.91 -39.95
N LEU YA 57 116.50 32.69 -41.18
CA LEU YA 57 117.31 33.66 -41.90
C LEU YA 57 116.78 33.78 -43.32
N LYS YA 58 116.31 34.96 -43.69
CA LYS YA 58 115.78 35.22 -45.02
C LYS YA 58 116.57 36.36 -45.66
N LEU YA 59 116.81 36.23 -46.97
CA LEU YA 59 117.56 37.23 -47.72
C LEU YA 59 116.77 37.58 -48.97
N ASP YA 60 116.40 38.85 -49.11
CA ASP YA 60 115.61 39.31 -50.24
C ASP YA 60 116.36 40.40 -51.00
N GLN YA 61 116.12 40.45 -52.30
CA GLN YA 61 116.74 41.46 -53.16
C GLN YA 61 115.89 41.62 -54.40
N ALA YA 62 115.26 42.79 -54.54
CA ALA YA 62 114.38 43.08 -55.68
C ALA YA 62 115.08 44.04 -56.63
N ASP YA 63 115.12 43.68 -57.91
CA ASP YA 63 115.73 44.53 -58.92
C ASP YA 63 114.82 45.71 -59.25
N VAL YA 64 115.46 46.82 -59.64
CA VAL YA 64 114.75 48.04 -59.98
C VAL YA 64 115.09 48.45 -61.41
N VAL YA 65 114.20 49.23 -62.01
CA VAL YA 65 114.39 49.74 -63.36
C VAL YA 65 113.99 51.21 -63.39
N ASP YA 66 114.59 51.95 -64.32
CA ASP YA 66 114.34 53.38 -64.44
C ASP YA 66 114.47 53.79 -65.89
N CYS YA 67 113.64 54.75 -66.30
CA CYS YA 67 113.64 55.25 -67.67
C CYS YA 67 113.96 56.74 -67.77
N SER YA 68 114.42 57.37 -66.69
CA SER YA 68 114.70 58.80 -66.74
C SER YA 68 115.91 59.12 -67.61
N THR YA 69 116.69 58.11 -67.99
CA THR YA 69 117.85 58.35 -68.84
C THR YA 69 117.44 58.68 -70.27
N SER YA 70 116.35 58.09 -70.75
CA SER YA 70 115.89 58.33 -72.11
C SER YA 70 114.47 58.88 -72.12
N VAL YA 71 113.55 58.16 -71.50
CA VAL YA 71 112.14 58.57 -71.43
C VAL YA 71 112.04 59.77 -70.49
N CYS YA 72 111.13 60.69 -70.82
CA CYS YA 72 110.81 61.92 -70.11
C CYS YA 72 110.60 61.75 -68.61
N GLY YA 73 110.00 60.65 -68.20
CA GLY YA 73 109.26 60.56 -66.96
C GLY YA 73 108.88 59.15 -66.54
N GLU YA 74 109.65 58.60 -65.60
CA GLU YA 74 109.37 57.26 -65.07
C GLU YA 74 110.13 57.09 -63.76
N LEU YA 75 109.40 56.91 -62.67
CA LEU YA 75 110.04 56.72 -61.38
C LEU YA 75 110.66 55.32 -61.31
N PRO YA 76 111.68 55.15 -60.46
CA PRO YA 76 112.28 53.81 -60.28
C PRO YA 76 111.23 52.81 -59.80
N LYS YA 77 111.03 51.77 -60.61
CA LYS YA 77 109.99 50.78 -60.36
C LYS YA 77 110.63 49.41 -60.15
N VAL YA 78 110.15 48.69 -59.14
CA VAL YA 78 110.67 47.35 -58.87
C VAL YA 78 110.14 46.37 -59.92
N ARG YA 79 110.91 45.31 -60.17
CA ARG YA 79 110.54 44.32 -61.16
C ARG YA 79 110.14 43.05 -60.42
N TYR YA 80 111.04 42.09 -60.24
CA TYR YA 80 110.74 40.84 -59.58
C TYR YA 80 111.27 40.85 -58.15
N THR YA 81 110.87 39.84 -57.38
CA THR YA 81 111.27 39.69 -56.00
C THR YA 81 111.75 38.27 -55.76
N GLN YA 82 112.87 38.12 -55.07
CA GLN YA 82 113.46 36.83 -54.76
C GLN YA 82 113.46 36.61 -53.25
N VAL YA 83 113.04 35.42 -52.82
CA VAL YA 83 112.95 35.06 -51.42
C VAL YA 83 113.79 33.82 -51.18
N TRP YA 84 114.73 33.90 -50.24
CA TRP YA 84 115.60 32.78 -49.87
C TRP YA 84 115.61 32.69 -48.35
N SER YA 85 114.69 31.92 -47.79
CA SER YA 85 114.57 31.74 -46.35
C SER YA 85 115.35 30.51 -45.90
N HIS YA 86 115.52 30.40 -44.58
CA HIS YA 86 116.24 29.29 -43.98
C HIS YA 86 115.48 28.81 -42.75
N ASP YA 87 115.96 27.71 -42.17
CA ASP YA 87 115.34 27.15 -40.97
C ASP YA 87 116.39 26.30 -40.25
N VAL YA 88 116.78 26.72 -39.06
CA VAL YA 88 117.78 26.03 -38.25
C VAL YA 88 117.10 25.50 -37.00
N THR YA 89 117.10 24.17 -36.84
CA THR YA 89 116.52 23.50 -35.70
C THR YA 89 117.61 22.66 -35.04
N ILE YA 90 118.43 23.30 -34.21
CA ILE YA 90 119.53 22.65 -33.51
C ILE YA 90 119.23 22.67 -32.02
N VAL YA 91 119.30 21.50 -31.39
CA VAL YA 91 119.04 21.40 -29.96
C VAL YA 91 120.24 21.94 -29.19
N ALA YA 92 119.99 22.37 -27.95
CA ALA YA 92 121.05 22.94 -27.12
C ALA YA 92 122.06 21.87 -26.72
N ASN YA 93 121.59 20.81 -26.06
CA ASN YA 93 122.46 19.72 -25.62
C ASN YA 93 122.82 18.86 -26.83
N SER YA 94 123.81 19.33 -27.59
CA SER YA 94 124.27 18.61 -28.77
C SER YA 94 125.76 18.31 -28.67
N THR YA 95 126.50 18.54 -29.74
CA THR YA 95 127.94 18.29 -29.76
C THR YA 95 128.62 19.37 -30.59
N GLU YA 96 129.65 19.98 -30.02
CA GLU YA 96 130.38 21.04 -30.72
C GLU YA 96 131.09 20.49 -31.95
N ALA YA 97 131.70 19.32 -31.83
CA ALA YA 97 132.38 18.71 -32.98
C ALA YA 97 131.40 18.36 -34.08
N SER YA 98 130.23 17.82 -33.71
CA SER YA 98 129.21 17.50 -34.71
C SER YA 98 128.68 18.76 -35.39
N ARG YA 99 128.47 19.83 -34.61
CA ARG YA 99 128.01 21.08 -35.20
C ARG YA 99 129.06 21.66 -36.15
N LYS YA 100 130.34 21.59 -35.78
CA LYS YA 100 131.40 22.08 -36.65
C LYS YA 100 131.49 21.26 -37.93
N SER YA 101 131.35 19.93 -37.82
CA SER YA 101 131.37 19.09 -39.01
C SER YA 101 130.18 19.38 -39.92
N LEU YA 102 129.00 19.61 -39.33
CA LEU YA 102 127.83 19.93 -40.12
C LEU YA 102 128.00 21.28 -40.82
N TYR YA 103 128.56 22.27 -40.12
CA TYR YA 103 128.80 23.57 -40.74
C TYR YA 103 129.82 23.45 -41.88
N ASP YA 104 130.86 22.64 -41.69
CA ASP YA 104 131.85 22.46 -42.74
C ASP YA 104 131.23 21.77 -43.95
N LEU YA 105 130.37 20.76 -43.71
CA LEU YA 105 129.70 20.09 -44.82
C LEU YA 105 128.78 21.04 -45.56
N THR YA 106 128.04 21.89 -44.83
CA THR YA 106 127.18 22.87 -45.48
C THR YA 106 127.99 23.86 -46.30
N LYS YA 107 129.12 24.32 -45.75
CA LYS YA 107 129.97 25.25 -46.50
C LYS YA 107 130.52 24.61 -47.76
N SER YA 108 130.92 23.33 -47.67
CA SER YA 108 131.42 22.63 -48.85
C SER YA 108 130.33 22.45 -49.90
N LEU YA 109 129.12 22.09 -49.47
CA LEU YA 109 128.01 21.94 -50.40
C LEU YA 109 127.64 23.27 -51.04
N VAL YA 110 127.78 24.38 -50.31
CA VAL YA 110 127.48 25.68 -50.88
C VAL YA 110 128.56 26.10 -51.88
N ALA YA 111 129.83 25.87 -51.54
CA ALA YA 111 130.94 26.26 -52.39
C ALA YA 111 131.18 25.32 -53.56
N THR YA 112 130.53 24.16 -53.58
CA THR YA 112 130.71 23.23 -54.69
C THR YA 112 130.13 23.80 -55.98
N SER YA 113 130.53 23.21 -57.10
CA SER YA 113 130.11 23.66 -58.42
C SER YA 113 128.77 23.09 -58.85
N GLN YA 114 128.25 22.09 -58.14
CA GLN YA 114 126.97 21.50 -58.49
C GLN YA 114 125.80 22.41 -58.17
N VAL YA 115 125.80 23.04 -57.00
CA VAL YA 115 124.73 23.96 -56.65
C VAL YA 115 124.75 25.19 -57.55
N GLU YA 116 125.95 25.65 -57.93
CA GLU YA 116 126.04 26.78 -58.85
C GLU YA 116 125.41 26.44 -60.20
N ASP YA 117 125.67 25.25 -60.72
CA ASP YA 117 125.05 24.84 -61.97
C ASP YA 117 123.53 24.66 -61.82
N LEU YA 118 123.10 24.10 -60.68
CA LEU YA 118 121.67 23.97 -60.42
C LEU YA 118 120.98 25.33 -60.37
N VAL YA 119 121.68 26.35 -59.87
CA VAL YA 119 121.10 27.68 -59.79
C VAL YA 119 121.07 28.35 -61.16
N VAL YA 120 122.19 28.28 -61.89
CA VAL YA 120 122.33 28.98 -63.16
C VAL YA 120 121.55 28.25 -64.25
N ASN YA 121 122.02 27.06 -64.64
CA ASN YA 121 121.45 26.34 -65.76
C ASN YA 121 120.16 25.61 -65.42
N LEU YA 122 119.68 25.69 -64.17
CA LEU YA 122 118.45 25.05 -63.74
C LEU YA 122 118.47 23.54 -63.98
N VAL YA 123 119.65 22.95 -63.95
CA VAL YA 123 119.82 21.51 -64.15
C VAL YA 123 119.75 20.83 -62.78
N PRO YA 124 118.97 19.76 -62.63
CA PRO YA 124 118.87 19.10 -61.33
C PRO YA 124 120.23 18.61 -60.84
N LEU YA 125 120.42 18.68 -59.52
CA LEU YA 125 121.68 18.31 -58.91
C LEU YA 125 121.90 16.81 -59.05
N GLY YA 126 122.99 16.43 -59.72
CA GLY YA 126 123.30 15.03 -59.92
C GLY YA 126 124.51 14.81 -60.81
N ARG YA 127 125.70 15.09 -60.28
CA ARG YA 127 126.93 14.91 -61.03
C ARG YA 127 127.77 13.77 -60.47
N SER ZA 1 120.81 13.64 -70.33
CA SER ZA 1 119.88 12.54 -70.06
C SER ZA 1 119.49 11.85 -71.36
N LYS ZA 2 118.22 11.94 -71.73
CA LYS ZA 2 117.76 11.43 -73.02
C LYS ZA 2 117.75 12.59 -74.02
N THR ZA 3 118.52 12.44 -75.09
CA THR ZA 3 118.66 13.48 -76.10
C THR ZA 3 117.99 13.05 -77.40
N ILE ZA 4 117.31 13.99 -78.05
CA ILE ZA 4 116.63 13.76 -79.31
C ILE ZA 4 117.13 14.80 -80.30
N VAL ZA 5 117.65 14.34 -81.44
CA VAL ZA 5 118.20 15.21 -82.47
C VAL ZA 5 117.20 15.30 -83.61
N LEU ZA 6 116.81 16.53 -83.96
CA LEU ZA 6 115.87 16.79 -85.05
C LEU ZA 6 116.55 17.61 -86.13
N SER ZA 7 116.47 17.14 -87.36
CA SER ZA 7 117.10 17.81 -88.50
C SER ZA 7 116.04 18.64 -89.23
N VAL ZA 8 116.25 19.96 -89.28
CA VAL ZA 8 115.33 20.86 -89.97
C VAL ZA 8 115.72 21.12 -91.41
N GLY ZA 9 116.94 20.74 -91.81
CA GLY ZA 9 117.40 20.98 -93.17
C GLY ZA 9 118.81 21.54 -93.22
N GLU ZA 10 119.06 22.57 -92.41
CA GLU ZA 10 120.37 23.18 -92.33
C GLU ZA 10 120.96 23.19 -90.93
N ALA ZA 11 120.14 23.06 -89.88
CA ALA ZA 11 120.61 23.02 -88.51
C ALA ZA 11 119.98 21.83 -87.79
N THR ZA 12 120.55 21.48 -86.65
CA THR ZA 12 120.09 20.35 -85.84
C THR ZA 12 119.69 20.85 -84.46
N ARG ZA 13 118.46 20.56 -84.07
CA ARG ZA 13 117.94 20.93 -82.76
C ARG ZA 13 118.01 19.74 -81.81
N THR ZA 14 118.25 20.05 -80.52
CA THR ZA 14 118.43 19.02 -79.50
C THR ZA 14 117.38 19.21 -78.42
N LEU ZA 15 116.60 18.17 -78.16
CA LEU ZA 15 115.63 18.15 -77.08
C LEU ZA 15 116.14 17.24 -75.96
N THR ZA 16 116.02 17.71 -74.73
CA THR ZA 16 116.53 16.99 -73.56
C THR ZA 16 115.39 16.57 -72.65
N GLU ZA 17 115.47 15.35 -72.12
CA GLU ZA 17 114.49 14.88 -71.16
C GLU ZA 17 114.63 15.65 -69.85
N ILE ZA 18 113.51 16.13 -69.30
CA ILE ZA 18 113.55 16.92 -68.08
C ILE ZA 18 112.72 16.30 -66.95
N GLN ZA 19 111.53 15.78 -67.25
CA GLN ZA 19 110.65 15.25 -66.21
C GLN ZA 19 110.40 13.78 -66.53
N SER ZA 20 111.36 12.93 -66.15
CA SER ZA 20 111.29 11.50 -66.44
C SER ZA 20 110.28 10.84 -65.51
N THR ZA 21 109.11 10.50 -66.04
CA THR ZA 21 108.08 9.78 -65.31
C THR ZA 21 107.33 8.87 -66.27
N ALA ZA 22 106.79 7.78 -65.72
CA ALA ZA 22 106.13 6.78 -66.56
C ALA ZA 22 104.87 7.34 -67.20
N ASP ZA 23 103.96 7.90 -66.40
CA ASP ZA 23 102.68 8.38 -66.91
C ASP ZA 23 102.78 9.74 -67.58
N ARG ZA 24 103.95 10.39 -67.55
CA ARG ZA 24 104.09 11.71 -68.16
C ARG ZA 24 105.58 11.95 -68.43
N GLN ZA 25 105.96 11.96 -69.71
CA GLN ZA 25 107.32 12.25 -70.12
C GLN ZA 25 107.35 13.64 -70.77
N ILE ZA 26 108.18 14.51 -70.22
CA ILE ZA 26 108.26 15.90 -70.66
C ILE ZA 26 109.65 16.15 -71.24
N PHE ZA 27 109.71 16.35 -72.55
CA PHE ZA 27 110.95 16.70 -73.23
C PHE ZA 27 110.96 18.19 -73.54
N GLU ZA 28 112.10 18.83 -73.29
CA GLU ZA 28 112.27 20.26 -73.52
C GLU ZA 28 113.44 20.48 -74.44
N GLU ZA 29 113.31 21.45 -75.34
CA GLU ZA 29 114.39 21.81 -76.25
C GLU ZA 29 115.33 22.80 -75.57
N LYS ZA 30 116.63 22.55 -75.70
CA LYS ZA 30 117.67 23.40 -75.11
C LYS ZA 30 118.39 24.13 -76.22
N VAL ZA 31 118.13 25.43 -76.35
CA VAL ZA 31 118.79 26.27 -77.35
C VAL ZA 31 119.27 27.55 -76.67
N GLY ZA 32 118.36 28.25 -76.00
CA GLY ZA 32 118.68 29.47 -75.31
C GLY ZA 32 117.77 29.71 -74.13
N PRO ZA 33 116.75 30.54 -74.31
CA PRO ZA 33 115.78 30.79 -73.23
C PRO ZA 33 114.90 29.57 -73.01
N LEU ZA 34 114.93 29.04 -71.79
CA LEU ZA 34 114.16 27.84 -71.48
C LEU ZA 34 112.66 28.14 -71.45
N VAL ZA 35 112.27 29.32 -70.99
CA VAL ZA 35 110.86 29.68 -70.96
C VAL ZA 35 110.39 30.02 -72.36
N GLY ZA 36 109.21 29.53 -72.73
CA GLY ZA 36 108.66 29.77 -74.04
C GLY ZA 36 109.46 29.11 -75.15
N ARG ZA 37 109.65 27.79 -75.03
CA ARG ZA 37 110.41 27.05 -76.03
C ARG ZA 37 109.60 25.89 -76.58
N LEU ZA 38 110.30 24.82 -77.00
CA LEU ZA 38 109.65 23.64 -77.56
C LEU ZA 38 109.52 22.58 -76.46
N ARG ZA 39 108.29 22.12 -76.21
CA ARG ZA 39 108.03 21.10 -75.22
C ARG ZA 39 107.19 19.99 -75.83
N LEU ZA 40 107.39 18.78 -75.31
CA LEU ZA 40 106.71 17.59 -75.81
C LEU ZA 40 106.26 16.75 -74.62
N THR ZA 41 104.98 16.41 -74.59
CA THR ZA 41 104.38 15.61 -73.53
C THR ZA 41 103.95 14.27 -74.10
N ALA ZA 42 104.44 13.19 -73.50
CA ALA ZA 42 104.10 11.83 -73.91
C ALA ZA 42 103.46 11.08 -72.76
N SER ZA 43 102.43 10.30 -73.07
CA SER ZA 43 101.72 9.51 -72.07
C SER ZA 43 101.30 8.19 -72.67
N LEU ZA 44 101.39 7.13 -71.87
CA LEU ZA 44 100.99 5.79 -72.27
C LEU ZA 44 100.18 5.15 -71.15
N ARG ZA 45 99.08 4.51 -71.50
CA ARG ZA 45 98.18 3.92 -70.51
C ARG ZA 45 97.42 2.77 -71.15
N GLN ZA 46 96.52 2.17 -70.37
CA GLN ZA 46 95.65 1.09 -70.81
C GLN ZA 46 94.22 1.62 -70.95
N ASN ZA 47 93.25 0.71 -70.99
CA ASN ZA 47 91.85 1.11 -71.15
C ASN ZA 47 90.95 -0.08 -70.85
N GLY ZA 48 89.77 0.21 -70.30
CA GLY ZA 48 88.76 -0.80 -70.02
C GLY ZA 48 89.22 -1.94 -69.15
N ALA ZA 49 89.19 -3.16 -69.69
CA ALA ZA 49 89.60 -4.35 -68.97
C ALA ZA 49 90.78 -5.02 -69.69
N LYS ZA 50 91.92 -4.33 -69.74
CA LYS ZA 50 93.15 -4.86 -70.32
C LYS ZA 50 93.05 -5.12 -71.83
N THR ZA 51 92.11 -4.47 -72.51
CA THR ZA 51 91.86 -4.77 -73.92
C THR ZA 51 92.90 -4.10 -74.81
N ALA ZA 52 92.76 -2.79 -75.02
CA ALA ZA 52 93.69 -2.05 -75.87
C ALA ZA 52 94.57 -1.13 -75.04
N TYR ZA 53 95.12 -0.09 -75.68
CA TYR ZA 53 95.97 0.87 -74.99
C TYR ZA 53 95.62 2.28 -75.46
N ARG ZA 54 96.27 3.26 -74.86
CA ARG ZA 54 96.04 4.66 -75.19
C ARG ZA 54 97.35 5.42 -75.11
N VAL ZA 55 97.73 6.06 -76.21
CA VAL ZA 55 98.96 6.84 -76.28
C VAL ZA 55 98.60 8.27 -76.63
N ASN ZA 56 99.17 9.21 -75.89
CA ASN ZA 56 98.92 10.63 -76.11
C ASN ZA 56 100.25 11.34 -76.33
N LEU ZA 57 100.31 12.16 -77.39
CA LEU ZA 57 101.52 12.90 -77.74
C LEU ZA 57 101.12 14.34 -78.07
N LYS ZA 58 101.62 15.28 -77.28
CA LYS ZA 58 101.33 16.69 -77.47
C LYS ZA 58 102.64 17.45 -77.68
N LEU ZA 59 102.62 18.44 -78.57
CA LEU ZA 59 103.80 19.24 -78.88
C LEU ZA 59 103.40 20.70 -78.82
N ASP ZA 60 104.04 21.47 -77.93
CA ASP ZA 60 103.74 22.87 -77.74
C ASP ZA 60 104.98 23.71 -78.00
N GLN ZA 61 104.75 24.93 -78.50
CA GLN ZA 61 105.84 25.88 -78.77
C GLN ZA 61 105.26 27.28 -78.76
N ALA ZA 62 105.65 28.07 -77.77
CA ALA ZA 62 105.17 29.44 -77.63
C ALA ZA 62 106.27 30.42 -78.02
N ASP ZA 63 105.93 31.36 -78.90
CA ASP ZA 63 106.89 32.36 -79.35
C ASP ZA 63 107.09 33.41 -78.26
N VAL ZA 64 108.28 34.00 -78.25
CA VAL ZA 64 108.65 35.02 -77.26
C VAL ZA 64 109.07 36.28 -78.00
N VAL ZA 65 108.96 37.41 -77.29
CA VAL ZA 65 109.35 38.70 -77.83
C VAL ZA 65 110.13 39.46 -76.75
N ASP ZA 66 111.00 40.36 -77.19
CA ASP ZA 66 111.86 41.13 -76.29
C ASP ZA 66 112.13 42.49 -76.89
N CYS ZA 67 112.20 43.50 -76.02
CA CYS ZA 67 112.45 44.88 -76.44
C CYS ZA 67 113.73 45.47 -75.85
N SER ZA 68 114.59 44.64 -75.24
CA SER ZA 68 115.80 45.18 -74.64
C SER ZA 68 116.81 45.66 -75.68
N THR ZA 69 116.60 45.32 -76.96
CA THR ZA 69 117.51 45.76 -78.00
C THR ZA 69 117.35 47.26 -78.30
N SER ZA 70 116.13 47.77 -78.16
CA SER ZA 70 115.87 49.19 -78.44
C SER ZA 70 115.29 49.88 -77.22
N VAL ZA 71 114.18 49.35 -76.71
CA VAL ZA 71 113.51 49.93 -75.55
C VAL ZA 71 114.37 49.64 -74.31
N CYS ZA 72 114.36 50.59 -73.37
CA CYS ZA 72 115.10 50.59 -72.10
C CYS ZA 72 114.95 49.31 -71.29
N GLY ZA 73 113.76 48.71 -71.32
CA GLY ZA 73 113.29 47.86 -70.25
C GLY ZA 73 112.05 47.05 -70.60
N GLU ZA 74 112.26 45.77 -70.92
CA GLU ZA 74 111.14 44.87 -71.22
C GLU ZA 74 111.65 43.44 -71.13
N LEU ZA 75 111.10 42.67 -70.20
CA LEU ZA 75 111.50 41.28 -70.05
C LEU ZA 75 110.94 40.44 -71.20
N PRO ZA 76 111.59 39.32 -71.52
CA PRO ZA 76 111.05 38.43 -72.57
C PRO ZA 76 109.65 37.96 -72.22
N LYS ZA 77 108.70 38.28 -73.09
CA LYS ZA 77 107.29 38.00 -72.86
C LYS ZA 77 106.77 37.05 -73.93
N VAL ZA 78 106.00 36.06 -73.51
CA VAL ZA 78 105.42 35.12 -74.46
C VAL ZA 78 104.27 35.79 -75.21
N ARG ZA 79 104.02 35.32 -76.44
CA ARG ZA 79 102.97 35.87 -77.27
C ARG ZA 79 101.84 34.87 -77.36
N TYR ZA 80 101.80 34.03 -78.39
CA TYR ZA 80 100.74 33.05 -78.56
C TYR ZA 80 101.22 31.67 -78.15
N THR ZA 81 100.28 30.72 -78.07
CA THR ZA 81 100.56 29.35 -77.70
C THR ZA 81 99.89 28.41 -78.70
N GLN ZA 82 100.62 27.40 -79.14
CA GLN ZA 82 100.12 26.42 -80.09
C GLN ZA 82 100.08 25.04 -79.44
N VAL ZA 83 98.97 24.33 -79.62
CA VAL ZA 83 98.77 23.01 -79.04
C VAL ZA 83 98.46 22.04 -80.17
N TRP ZA 84 99.25 20.96 -80.23
CA TRP ZA 84 99.07 19.90 -81.24
C TRP ZA 84 99.15 18.56 -80.52
N SER ZA 85 97.99 18.07 -80.08
CA SER ZA 85 97.89 16.81 -79.35
C SER ZA 85 97.59 15.67 -80.32
N HIS ZA 86 97.73 14.44 -79.81
CA HIS ZA 86 97.48 13.24 -80.59
C HIS ZA 86 96.70 12.24 -79.74
N ASP ZA 87 96.30 11.14 -80.37
CA ASP ZA 87 95.55 10.10 -79.68
C ASP ZA 87 95.72 8.80 -80.46
N VAL ZA 88 96.38 7.83 -79.85
CA VAL ZA 88 96.65 6.54 -80.48
C VAL ZA 88 95.89 5.47 -79.70
N THR ZA 89 94.96 4.79 -80.36
CA THR ZA 89 94.15 3.73 -79.77
C THR ZA 89 94.36 2.47 -80.62
N ILE ZA 90 95.46 1.76 -80.35
CA ILE ZA 90 95.81 0.54 -81.07
C ILE ZA 90 95.73 -0.63 -80.11
N VAL ZA 91 94.98 -1.66 -80.48
CA VAL ZA 91 94.85 -2.84 -79.64
C VAL ZA 91 96.13 -3.67 -79.70
N ALA ZA 92 96.36 -4.47 -78.66
CA ALA ZA 92 97.56 -5.29 -78.60
C ALA ZA 92 97.53 -6.39 -79.64
N ASN ZA 93 96.49 -7.24 -79.61
CA ASN ZA 93 96.35 -8.35 -80.55
C ASN ZA 93 95.89 -7.78 -81.89
N SER ZA 94 96.85 -7.26 -82.65
CA SER ZA 94 96.57 -6.69 -83.96
C SER ZA 94 97.38 -7.40 -85.04
N THR ZA 95 97.98 -6.62 -85.95
CA THR ZA 95 98.79 -7.17 -87.03
C THR ZA 95 99.97 -6.25 -87.27
N GLU ZA 96 101.18 -6.83 -87.30
CA GLU ZA 96 102.37 -6.04 -87.53
C GLU ZA 96 102.38 -5.43 -88.93
N ALA ZA 97 101.97 -6.21 -89.93
CA ALA ZA 97 101.92 -5.71 -91.30
C ALA ZA 97 100.90 -4.58 -91.43
N SER ZA 98 99.73 -4.74 -90.79
CA SER ZA 98 98.72 -3.69 -90.83
C SER ZA 98 99.21 -2.43 -90.14
N ARG ZA 99 99.89 -2.59 -89.00
CA ARG ZA 99 100.43 -1.42 -88.30
C ARG ZA 99 101.49 -0.72 -89.13
N LYS ZA 100 102.35 -1.49 -89.80
CA LYS ZA 100 103.37 -0.89 -90.65
C LYS ZA 100 102.74 -0.15 -91.84
N SER ZA 101 101.70 -0.73 -92.44
CA SER ZA 101 101.02 -0.08 -93.55
C SER ZA 101 100.33 1.20 -93.08
N LEU ZA 102 99.73 1.18 -91.90
CA LEU ZA 102 99.09 2.38 -91.36
C LEU ZA 102 100.11 3.47 -91.07
N TYR ZA 103 101.27 3.08 -90.51
CA TYR ZA 103 102.32 4.06 -90.25
C TYR ZA 103 102.85 4.65 -91.55
N ASP ZA 104 103.01 3.83 -92.58
CA ASP ZA 104 103.47 4.33 -93.87
C ASP ZA 104 102.46 5.27 -94.49
N LEU ZA 105 101.17 4.94 -94.37
CA LEU ZA 105 100.13 5.84 -94.90
C LEU ZA 105 100.11 7.16 -94.15
N THR ZA 106 100.27 7.12 -92.83
CA THR ZA 106 100.32 8.35 -92.04
C THR ZA 106 101.53 9.19 -92.43
N LYS ZA 107 102.70 8.55 -92.61
CA LYS ZA 107 103.88 9.27 -93.01
C LYS ZA 107 103.70 9.91 -94.38
N SER ZA 108 103.07 9.19 -95.32
CA SER ZA 108 102.84 9.75 -96.64
C SER ZA 108 101.87 10.93 -96.58
N LEU ZA 109 100.80 10.81 -95.78
CA LEU ZA 109 99.85 11.91 -95.64
C LEU ZA 109 100.49 13.12 -94.97
N VAL ZA 110 101.45 12.89 -94.07
CA VAL ZA 110 102.13 14.01 -93.43
C VAL ZA 110 103.10 14.68 -94.41
N ALA ZA 111 103.83 13.88 -95.18
CA ALA ZA 111 104.83 14.41 -96.10
C ALA ZA 111 104.22 14.95 -97.40
N THR ZA 112 102.94 14.70 -97.65
CA THR ZA 112 102.31 15.21 -98.86
C THR ZA 112 102.22 16.73 -98.83
N SER ZA 113 101.99 17.32 -99.99
CA SER ZA 113 101.92 18.76 -100.15
C SER ZA 113 100.54 19.33 -99.83
N GLN ZA 114 99.53 18.49 -99.70
CA GLN ZA 114 98.19 18.96 -99.39
C GLN ZA 114 98.05 19.45 -97.96
N VAL ZA 115 98.60 18.70 -96.99
CA VAL ZA 115 98.54 19.13 -95.60
C VAL ZA 115 99.37 20.38 -95.39
N GLU ZA 116 100.49 20.51 -96.10
CA GLU ZA 116 101.30 21.72 -95.99
C GLU ZA 116 100.52 22.95 -96.46
N ASP ZA 117 99.79 22.81 -97.58
CA ASP ZA 117 98.97 23.92 -98.06
C ASP ZA 117 97.82 24.21 -97.10
N LEU ZA 118 97.20 23.15 -96.55
CA LEU ZA 118 96.14 23.34 -95.57
C LEU ZA 118 96.64 24.09 -94.33
N VAL ZA 119 97.89 23.84 -93.94
CA VAL ZA 119 98.45 24.50 -92.77
C VAL ZA 119 98.82 25.94 -93.08
N VAL ZA 120 99.47 26.18 -94.22
CA VAL ZA 120 99.98 27.50 -94.57
C VAL ZA 120 98.83 28.39 -95.05
N ASN ZA 121 98.27 28.09 -96.22
CA ASN ZA 121 97.27 28.94 -96.84
C ASN ZA 121 95.88 28.77 -96.24
N LEU ZA 122 95.71 27.89 -95.25
CA LEU ZA 122 94.42 27.67 -94.59
C LEU ZA 122 93.34 27.25 -95.59
N VAL ZA 123 93.74 26.60 -96.67
CA VAL ZA 123 92.80 26.12 -97.69
C VAL ZA 123 92.37 24.71 -97.33
N PRO ZA 124 91.07 24.40 -97.35
CA PRO ZA 124 90.63 23.05 -96.99
C PRO ZA 124 91.26 21.99 -97.88
N LEU ZA 125 91.55 20.84 -97.28
CA LEU ZA 125 92.20 19.74 -98.00
C LEU ZA 125 91.26 19.18 -99.06
N GLY ZA 126 91.70 19.25 -100.32
CA GLY ZA 126 90.89 18.74 -101.42
C GLY ZA 126 91.50 19.02 -102.78
N ARG ZA 127 92.56 18.30 -103.11
CA ARG ZA 127 93.23 18.47 -104.40
C ARG ZA 127 93.04 17.25 -105.29
N SER AB 1 87.26 27.78 -105.88
CA SER AB 1 85.86 27.41 -105.75
C SER AB 1 84.97 28.36 -106.56
N LYS AB 2 84.13 29.13 -105.88
CA LYS AB 2 83.35 30.17 -106.53
C LYS AB 2 84.10 31.49 -106.41
N THR AB 3 84.44 32.09 -107.54
CA THR AB 3 85.19 33.33 -107.57
C THR AB 3 84.32 34.47 -108.06
N ILE AB 4 84.48 35.64 -107.43
CA ILE AB 4 83.74 36.85 -107.78
C ILE AB 4 84.75 37.95 -108.05
N VAL AB 5 84.68 38.55 -109.23
CA VAL AB 5 85.60 39.61 -109.63
C VAL AB 5 84.89 40.95 -109.52
N LEU AB 6 85.48 41.87 -108.78
CA LEU AB 6 84.92 43.21 -108.58
C LEU AB 6 85.91 44.24 -109.13
N SER AB 7 85.41 45.13 -109.98
CA SER AB 7 86.23 46.17 -110.61
C SER AB 7 86.05 47.48 -109.84
N VAL AB 8 87.15 47.99 -109.27
CA VAL AB 8 87.10 49.25 -108.53
C VAL AB 8 87.43 50.45 -109.40
N GLY AB 9 87.97 50.23 -110.60
CA GLY AB 9 88.34 51.34 -111.47
C GLY AB 9 89.71 51.14 -112.08
N GLU AB 10 90.69 50.80 -111.25
CA GLU AB 10 92.05 50.54 -111.72
C GLU AB 10 92.56 49.16 -111.37
N ALA AB 11 92.00 48.49 -110.36
CA ALA AB 11 92.40 47.15 -109.97
C ALA AB 11 91.17 46.26 -109.86
N THR AB 12 91.39 44.95 -109.83
CA THR AB 12 90.34 43.96 -109.74
C THR AB 12 90.53 43.13 -108.49
N ARG AB 13 89.50 43.08 -107.65
CA ARG AB 13 89.53 42.29 -106.43
C ARG AB 13 88.80 40.97 -106.64
N THR AB 14 89.28 39.93 -105.97
CA THR AB 14 88.76 38.58 -106.10
C THR AB 14 88.27 38.07 -104.76
N LEU AB 15 86.99 37.68 -104.71
CA LEU AB 15 86.40 37.08 -103.53
C LEU AB 15 86.17 35.59 -103.78
N THR AB 16 86.53 34.77 -102.80
CA THR AB 16 86.47 33.32 -102.92
C THR AB 16 85.46 32.75 -101.93
N GLU AB 17 84.67 31.78 -102.40
CA GLU AB 17 83.73 31.08 -101.53
C GLU AB 17 84.49 30.25 -100.50
N ILE AB 18 84.12 30.34 -99.23
CA ILE AB 18 84.82 29.61 -98.17
C ILE AB 18 83.89 28.68 -97.40
N GLN AB 19 82.67 29.11 -97.08
CA GLN AB 19 81.76 28.30 -96.26
C GLN AB 19 80.50 28.04 -97.08
N SER AB 20 80.58 27.06 -97.98
CA SER AB 20 79.48 26.74 -98.88
C SER AB 20 78.38 26.01 -98.11
N THR AB 21 77.29 26.71 -97.83
CA THR AB 21 76.13 26.13 -97.18
C THR AB 21 74.88 26.82 -97.71
N ALA AB 22 73.76 26.09 -97.68
CA ALA AB 22 72.52 26.61 -98.25
C ALA AB 22 72.00 27.80 -97.45
N ASP AB 23 71.84 27.64 -96.14
CA ASP AB 23 71.27 28.70 -95.31
C ASP AB 23 72.26 29.80 -94.96
N ARG AB 24 73.53 29.66 -95.33
CA ARG AB 24 74.53 30.68 -95.02
C ARG AB 24 75.71 30.50 -95.98
N GLN AB 25 75.87 31.47 -96.89
CA GLN AB 25 76.99 31.49 -97.82
C GLN AB 25 77.96 32.59 -97.40
N ILE AB 26 79.21 32.22 -97.16
CA ILE AB 26 80.24 33.13 -96.67
C ILE AB 26 81.31 33.28 -97.74
N PHE AB 27 81.39 34.45 -98.35
CA PHE AB 27 82.44 34.76 -99.31
C PHE AB 27 83.50 35.63 -98.64
N GLU AB 28 84.76 35.31 -98.88
CA GLU AB 28 85.90 36.03 -98.32
C GLU AB 28 86.79 36.52 -99.44
N GLU AB 29 87.32 37.73 -99.29
CA GLU AB 29 88.25 38.29 -100.26
C GLU AB 29 89.67 37.81 -99.95
N LYS AB 30 90.38 37.38 -101.00
CA LYS AB 30 91.75 36.89 -100.88
C LYS AB 30 92.69 37.90 -101.52
N VAL AB 31 93.42 38.64 -100.70
CA VAL AB 31 94.40 39.60 -101.17
C VAL AB 31 95.71 39.40 -100.43
N GLY AB 32 95.63 39.41 -99.09
CA GLY AB 32 96.81 39.22 -98.26
C GLY AB 32 96.44 38.61 -96.92
N PRO AB 33 96.33 39.45 -95.89
CA PRO AB 33 95.94 38.96 -94.56
C PRO AB 33 94.47 38.55 -94.57
N LEU AB 34 94.20 37.29 -94.24
CA LEU AB 34 92.83 36.80 -94.26
C LEU AB 34 92.01 37.38 -93.11
N VAL AB 35 92.64 37.61 -91.95
CA VAL AB 35 91.93 38.19 -90.82
C VAL AB 35 91.73 39.68 -91.06
N GLY AB 36 90.54 40.18 -90.76
CA GLY AB 36 90.22 41.58 -90.95
C GLY AB 36 90.20 41.98 -92.42
N ARG AB 37 89.40 41.29 -93.22
CA ARG AB 37 89.31 41.58 -94.64
C ARG AB 37 87.87 41.82 -95.06
N LEU AB 38 87.54 41.51 -96.31
CA LEU AB 38 86.20 41.72 -96.84
C LEU AB 38 85.44 40.39 -96.78
N ARG AB 39 84.28 40.41 -96.12
CA ARG AB 39 83.45 39.22 -96.00
C ARG AB 39 82.02 39.56 -96.40
N LEU AB 40 81.33 38.56 -96.93
CA LEU AB 40 79.96 38.72 -97.40
C LEU AB 40 79.14 37.51 -96.97
N THR AB 41 78.01 37.77 -96.32
CA THR AB 41 77.11 36.73 -95.82
C THR AB 41 75.80 36.82 -96.59
N ALA AB 42 75.41 35.70 -97.19
CA ALA AB 42 74.17 35.60 -97.95
C ALA AB 42 73.28 34.52 -97.36
N SER AB 43 71.98 34.82 -97.29
CA SER AB 43 71.01 33.86 -96.74
C SER AB 43 69.71 33.98 -97.52
N LEU AB 44 69.08 32.83 -97.75
CA LEU AB 44 67.80 32.76 -98.45
C LEU AB 44 66.88 31.80 -97.70
N ARG AB 45 65.63 32.20 -97.53
CA ARG AB 45 64.67 31.41 -96.77
C ARG AB 45 63.26 31.74 -97.25
N GLN AB 46 62.27 31.13 -96.60
CA GLN AB 46 60.86 31.35 -96.86
C GLN AB 46 60.25 32.15 -95.72
N ASN AB 47 58.92 32.13 -95.62
CA ASN AB 47 58.23 32.89 -94.59
C ASN AB 47 56.78 32.44 -94.51
N GLY AB 48 56.22 32.49 -93.30
CA GLY AB 48 54.82 32.17 -93.06
C GLY AB 48 54.38 30.80 -93.54
N ALA AB 49 53.44 30.78 -94.47
CA ALA AB 49 52.93 29.54 -95.04
C ALA AB 49 53.20 29.50 -96.54
N LYS AB 50 54.47 29.43 -96.93
CA LYS AB 50 54.89 29.30 -98.32
C LYS AB 50 54.50 30.51 -99.17
N THR AB 51 54.28 31.66 -98.57
CA THR AB 51 53.77 32.83 -99.31
C THR AB 51 54.90 33.52 -100.07
N ALA AB 52 55.74 34.27 -99.35
CA ALA AB 52 56.84 35.01 -99.98
C ALA AB 52 58.17 34.38 -99.61
N TYR AB 53 59.24 35.17 -99.71
CA TYR AB 53 60.58 34.70 -99.38
C TYR AB 53 61.31 35.79 -98.61
N ARG AB 54 62.52 35.47 -98.16
CA ARG AB 54 63.34 36.41 -97.41
C ARG AB 54 64.80 36.20 -97.78
N VAL AB 55 65.43 37.28 -98.25
CA VAL AB 55 66.83 37.26 -98.64
C VAL AB 55 67.59 38.27 -97.79
N ASN AB 56 68.73 37.84 -97.26
CA ASN AB 56 69.56 38.69 -96.42
C ASN AB 56 70.97 38.73 -97.00
N LEU AB 57 71.51 39.94 -97.13
CA LEU AB 57 72.85 40.15 -97.67
C LEU AB 57 73.58 41.14 -96.79
N LYS AB 58 74.67 40.70 -96.18
CA LYS AB 58 75.48 41.54 -95.30
C LYS AB 58 76.91 41.59 -95.83
N LEU AB 59 77.53 42.77 -95.73
CA LEU AB 59 78.89 42.96 -96.20
C LEU AB 59 79.69 43.65 -95.11
N ASP AB 60 80.75 42.99 -94.63
CA ASP AB 60 81.57 43.51 -93.56
C ASP AB 60 83.02 43.67 -94.02
N GLN AB 61 83.69 44.66 -93.45
CA GLN AB 61 85.10 44.92 -93.77
C GLN AB 61 85.71 45.69 -92.61
N ALA AB 62 86.64 45.05 -91.90
CA ALA AB 62 87.30 45.64 -90.75
C ALA AB 62 88.73 46.02 -91.12
N ASP AB 63 89.10 47.26 -90.84
CA ASP AB 63 90.44 47.74 -91.13
C ASP AB 63 91.43 47.18 -90.11
N VAL AB 64 92.68 47.01 -90.54
CA VAL AB 64 93.74 46.48 -89.70
C VAL AB 64 94.88 47.48 -89.65
N VAL AB 65 95.68 47.38 -88.59
CA VAL AB 65 96.85 48.24 -88.40
C VAL AB 65 98.00 47.38 -87.91
N ASP AB 66 99.22 47.83 -88.20
CA ASP AB 66 100.43 47.10 -87.86
C ASP AB 66 101.55 48.09 -87.58
N CYS AB 67 102.41 47.74 -86.61
CA CYS AB 67 103.54 48.57 -86.23
C CYS AB 67 104.88 47.90 -86.42
N SER AB 68 104.93 46.75 -87.11
CA SER AB 68 106.21 46.06 -87.29
C SER AB 68 107.15 46.81 -88.21
N THR AB 69 106.66 47.83 -88.93
CA THR AB 69 107.53 48.60 -89.82
C THR AB 69 108.47 49.51 -89.03
N SER AB 70 108.01 50.02 -87.89
CA SER AB 70 108.84 50.91 -87.08
C SER AB 70 109.03 50.36 -85.68
N VAL AB 71 107.92 50.07 -84.99
CA VAL AB 71 107.99 49.53 -83.63
C VAL AB 71 108.46 48.08 -83.70
N CYS AB 72 109.23 47.69 -82.68
CA CYS AB 72 109.82 46.37 -82.47
C CYS AB 72 108.87 45.19 -82.67
N GLY AB 73 107.62 45.37 -82.26
CA GLY AB 73 106.77 44.27 -81.88
C GLY AB 73 105.30 44.63 -81.72
N GLU AB 74 104.49 44.31 -82.73
CA GLU AB 74 103.05 44.57 -82.67
C GLU AB 74 102.39 43.73 -83.75
N LEU AB 75 101.51 42.82 -83.34
CA LEU AB 75 100.81 41.99 -84.30
C LEU AB 75 99.73 42.79 -85.01
N PRO AB 76 99.33 42.40 -86.21
CA PRO AB 76 98.24 43.09 -86.91
C PRO AB 76 96.96 43.07 -86.09
N LYS AB 77 96.47 44.26 -85.73
CA LYS AB 77 95.31 44.40 -84.87
C LYS AB 77 94.19 45.10 -85.61
N VAL AB 78 92.97 44.59 -85.46
CA VAL AB 78 91.82 45.20 -86.10
C VAL AB 78 91.45 46.50 -85.37
N ARG AB 79 90.83 47.42 -86.11
CA ARG AB 79 90.46 48.71 -85.56
C ARG AB 79 88.94 48.75 -85.43
N TYR AB 80 88.22 49.28 -86.41
CA TYR AB 80 86.77 49.38 -86.36
C TYR AB 80 86.14 48.30 -87.23
N THR AB 81 84.82 48.16 -87.11
CA THR AB 81 84.06 47.18 -87.87
C THR AB 81 82.84 47.88 -88.46
N GLN AB 82 82.58 47.59 -89.74
CA GLN AB 82 81.44 48.16 -90.45
C GLN AB 82 80.48 47.05 -90.86
N VAL AB 83 79.19 47.29 -90.64
CA VAL AB 83 78.14 46.32 -90.93
C VAL AB 83 77.13 46.97 -91.87
N TRP AB 84 76.89 46.32 -93.02
CA TRP AB 84 75.93 46.81 -94.01
C TRP AB 84 75.07 45.62 -94.43
N SER AB 85 73.96 45.42 -93.72
CA SER AB 85 73.04 44.32 -93.99
C SER AB 85 71.93 44.77 -94.94
N HIS AB 86 71.18 43.79 -95.45
CA HIS AB 86 70.09 44.04 -96.36
C HIS AB 86 68.90 43.17 -95.97
N ASP AB 87 67.78 43.39 -96.65
CA ASP AB 87 66.56 42.61 -96.40
C ASP AB 87 65.69 42.69 -97.64
N VAL AB 88 65.49 41.55 -98.30
CA VAL AB 88 64.68 41.46 -99.51
C VAL AB 88 63.45 40.61 -99.21
N THR AB 89 62.28 41.21 -99.33
CA THR AB 89 61.00 40.53 -99.09
C THR AB 89 60.18 40.67 -100.37
N ILE AB 90 60.43 39.78 -101.34
CA ILE AB 90 59.73 39.78 -102.62
C ILE AB 90 58.92 38.51 -102.72
N VAL AB 91 57.63 38.65 -103.01
CA VAL AB 91 56.75 37.49 -103.14
C VAL AB 91 57.03 36.78 -104.46
N ALA AB 92 56.70 35.49 -104.51
CA ALA AB 92 56.93 34.70 -105.72
C ALA AB 92 56.03 35.16 -106.86
N ASN AB 93 54.72 35.11 -106.63
CA ASN AB 93 53.74 35.51 -107.65
C ASN AB 93 53.72 37.04 -107.74
N SER AB 94 54.70 37.58 -108.46
CA SER AB 94 54.80 39.02 -108.65
C SER AB 94 54.77 39.38 -110.13
N THR AB 95 55.67 40.27 -110.56
CA THR AB 95 55.74 40.69 -111.94
C THR AB 95 57.20 40.89 -112.33
N GLU AB 96 57.60 40.27 -113.44
CA GLU AB 96 58.99 40.40 -113.89
C GLU AB 96 59.31 41.83 -114.29
N ALA AB 97 58.38 42.51 -114.98
CA ALA AB 97 58.61 43.89 -115.37
C ALA AB 97 58.70 44.80 -114.16
N SER AB 98 57.84 44.57 -113.16
CA SER AB 98 57.90 45.38 -111.95
C SER AB 98 59.20 45.13 -111.19
N ARG AB 99 59.65 43.89 -111.12
CA ARG AB 99 60.91 43.59 -110.46
C ARG AB 99 62.08 44.23 -111.18
N LYS AB 100 62.07 44.21 -112.52
CA LYS AB 100 63.13 44.84 -113.29
C LYS AB 100 63.13 46.36 -113.09
N SER AB 101 61.94 46.97 -113.06
CA SER AB 101 61.86 48.41 -112.82
C SER AB 101 62.35 48.77 -111.42
N LEU AB 102 62.01 47.95 -110.43
CA LEU AB 102 62.48 48.20 -109.07
C LEU AB 102 63.99 48.05 -108.97
N TYR AB 103 64.56 47.05 -109.64
CA TYR AB 103 66.01 46.88 -109.64
C TYR AB 103 66.70 48.05 -110.34
N ASP AB 104 66.12 48.53 -111.43
CA ASP AB 104 66.71 49.68 -112.13
C ASP AB 104 66.63 50.93 -111.26
N LEU AB 105 65.52 51.14 -110.55
CA LEU AB 105 65.40 52.28 -109.66
C LEU AB 105 66.41 52.19 -108.51
N THR AB 106 66.59 51.00 -107.95
CA THR AB 106 67.58 50.83 -106.90
C THR AB 106 68.99 51.09 -107.41
N LYS AB 107 69.31 50.61 -108.61
CA LYS AB 107 70.62 50.85 -109.18
C LYS AB 107 70.85 52.34 -109.42
N SER AB 108 69.82 53.04 -109.91
CA SER AB 108 69.94 54.48 -110.13
C SER AB 108 70.13 55.23 -108.81
N LEU AB 109 69.38 54.86 -107.78
CA LEU AB 109 69.53 55.50 -106.48
C LEU AB 109 70.90 55.21 -105.87
N VAL AB 110 71.47 54.04 -106.14
CA VAL AB 110 72.80 53.73 -105.62
C VAL AB 110 73.86 54.51 -106.39
N ALA AB 111 73.73 54.60 -107.71
CA ALA AB 111 74.72 55.28 -108.54
C ALA AB 111 74.58 56.80 -108.52
N THR AB 112 73.50 57.34 -107.96
CA THR AB 112 73.34 58.78 -107.91
C THR AB 112 74.38 59.40 -106.99
N SER AB 113 74.55 60.72 -107.12
CA SER AB 113 75.53 61.46 -106.34
C SER AB 113 75.01 61.88 -104.97
N GLN AB 114 73.72 61.75 -104.70
CA GLN AB 114 73.16 62.14 -103.42
C GLN AB 114 73.54 61.15 -102.31
N VAL AB 115 73.46 59.85 -102.59
CA VAL AB 115 73.83 58.86 -101.58
C VAL AB 115 75.33 58.92 -101.30
N GLU AB 116 76.14 59.20 -102.33
CA GLU AB 116 77.58 59.35 -102.11
C GLU AB 116 77.88 60.51 -101.17
N ASP AB 117 77.19 61.65 -101.37
CA ASP AB 117 77.39 62.78 -100.46
C ASP AB 117 76.88 62.47 -99.07
N LEU AB 118 75.75 61.77 -98.96
CA LEU AB 118 75.23 61.36 -97.66
C LEU AB 118 76.21 60.46 -96.94
N VAL AB 119 76.93 59.61 -97.67
CA VAL AB 119 77.88 58.70 -97.05
C VAL AB 119 79.15 59.44 -96.65
N VAL AB 120 79.67 60.28 -97.53
CA VAL AB 120 80.94 60.96 -97.29
C VAL AB 120 80.76 62.10 -96.31
N ASN AB 121 80.06 63.16 -96.74
CA ASN AB 121 79.94 64.37 -95.93
C ASN AB 121 78.91 64.25 -94.81
N LEU AB 122 78.24 63.10 -94.68
CA LEU AB 122 77.24 62.88 -93.63
C LEU AB 122 76.12 63.91 -93.68
N VAL AB 123 75.84 64.44 -94.87
CA VAL AB 123 74.77 65.41 -95.06
C VAL AB 123 73.48 64.66 -95.38
N PRO AB 124 72.36 64.99 -94.73
CA PRO AB 124 71.11 64.26 -95.01
C PRO AB 124 70.71 64.39 -96.46
N LEU AB 125 70.12 63.31 -96.99
CA LEU AB 125 69.72 63.24 -98.39
C LEU AB 125 68.59 64.23 -98.65
N GLY AB 126 68.83 65.18 -99.55
CA GLY AB 126 67.82 66.18 -99.88
C GLY AB 126 68.34 67.24 -100.83
N ARG AB 127 68.52 66.88 -102.10
CA ARG AB 127 68.99 67.82 -103.10
C ARG AB 127 67.92 68.13 -104.12
N SER BB 1 -65.51 103.01 -70.32
CA SER BB 1 -65.22 102.75 -68.91
C SER BB 1 -64.58 103.97 -68.27
N LYS BB 2 -63.32 103.84 -67.86
CA LYS BB 2 -62.56 104.98 -67.36
C LYS BB 2 -61.73 105.53 -68.50
N THR BB 3 -61.96 106.80 -68.83
CA THR BB 3 -61.27 107.46 -69.94
C THR BB 3 -60.31 108.50 -69.41
N ILE BB 4 -59.14 108.59 -70.05
CA ILE BB 4 -58.10 109.55 -69.70
C ILE BB 4 -57.74 110.32 -70.95
N VAL BB 5 -57.85 111.64 -70.90
CA VAL BB 5 -57.56 112.52 -72.03
C VAL BB 5 -56.19 113.17 -71.82
N LEU BB 6 -55.30 113.00 -72.79
CA LEU BB 6 -53.97 113.57 -72.75
C LEU BB 6 -53.79 114.54 -73.91
N SER BB 7 -53.34 115.75 -73.60
CA SER BB 7 -53.15 116.80 -74.59
C SER BB 7 -51.68 116.86 -74.98
N VAL BB 8 -51.38 116.60 -76.26
CA VAL BB 8 -50.01 116.64 -76.75
C VAL BB 8 -49.63 118.01 -77.31
N GLY BB 9 -50.60 118.89 -77.55
CA GLY BB 9 -50.32 120.19 -78.10
C GLY BB 9 -51.28 120.56 -79.21
N GLU BB 10 -51.48 119.64 -80.16
CA GLU BB 10 -52.41 119.85 -81.26
C GLU BB 10 -53.51 118.80 -81.34
N ALA BB 11 -53.31 117.62 -80.76
CA ALA BB 11 -54.31 116.56 -80.76
C ALA BB 11 -54.50 116.04 -79.34
N THR BB 12 -55.59 115.31 -79.14
CA THR BB 12 -55.94 114.76 -77.84
C THR BB 12 -56.02 113.24 -77.95
N ARG BB 13 -55.27 112.54 -77.12
CA ARG BB 13 -55.28 111.08 -77.09
C ARG BB 13 -56.16 110.59 -75.94
N THR BB 14 -56.80 109.45 -76.16
CA THR BB 14 -57.74 108.88 -75.21
C THR BB 14 -57.27 107.49 -74.81
N LEU BB 15 -57.09 107.27 -73.51
CA LEU BB 15 -56.74 105.97 -72.95
C LEU BB 15 -57.95 105.41 -72.22
N THR BB 16 -58.22 104.13 -72.44
CA THR BB 16 -59.41 103.47 -71.88
C THR BB 16 -58.99 102.37 -70.92
N GLU BB 17 -59.70 102.27 -69.81
CA GLU BB 17 -59.45 101.20 -68.84
C GLU BB 17 -59.87 99.86 -69.44
N ILE BB 18 -59.01 98.84 -69.33
CA ILE BB 18 -59.30 97.54 -69.92
C ILE BB 18 -59.30 96.42 -68.87
N GLN BB 19 -58.36 96.43 -67.94
CA GLN BB 19 -58.24 95.34 -66.97
C GLN BB 19 -58.41 95.93 -65.58
N SER BB 20 -59.65 96.18 -65.17
CA SER BB 20 -59.96 96.81 -63.90
C SER BB 20 -59.75 95.81 -62.77
N THR BB 21 -58.66 95.99 -62.02
CA THR BB 21 -58.36 95.16 -60.86
C THR BB 21 -57.63 96.02 -59.83
N ALA BB 22 -57.77 95.65 -58.56
CA ALA BB 22 -57.20 96.45 -57.48
C ALA BB 22 -55.68 96.43 -57.52
N ASP BB 23 -55.08 95.25 -57.53
CA ASP BB 23 -53.63 95.11 -57.49
C ASP BB 23 -52.95 95.37 -58.82
N ARG BB 24 -53.72 95.57 -59.90
CA ARG BB 24 -53.12 95.80 -61.22
C ARG BB 24 -54.17 96.49 -62.09
N GLN BB 25 -53.94 97.76 -62.42
CA GLN BB 25 -54.80 98.52 -63.31
C GLN BB 25 -54.08 98.71 -64.64
N ILE BB 26 -54.71 98.28 -65.72
CA ILE BB 26 -54.12 98.30 -67.05
C ILE BB 26 -54.95 99.23 -67.92
N PHE BB 27 -54.36 100.37 -68.28
CA PHE BB 27 -54.98 101.32 -69.20
C PHE BB 27 -54.34 101.17 -70.59
N GLU BB 28 -55.19 101.16 -71.61
CA GLU BB 28 -54.75 101.03 -73.00
C GLU BB 28 -55.26 102.20 -73.81
N GLU BB 29 -54.43 102.69 -74.72
CA GLU BB 29 -54.82 103.77 -75.61
C GLU BB 29 -55.56 103.22 -76.82
N LYS BB 30 -56.68 103.85 -77.17
CA LYS BB 30 -57.50 103.44 -78.29
C LYS BB 30 -57.38 104.49 -79.40
N VAL BB 31 -56.65 104.15 -80.46
CA VAL BB 31 -56.50 105.03 -81.61
C VAL BB 31 -56.75 104.23 -82.88
N GLY BB 32 -56.04 103.13 -83.04
CA GLY BB 32 -56.20 102.27 -84.19
C GLY BB 32 -55.87 100.83 -83.89
N PRO BB 33 -54.65 100.41 -84.23
CA PRO BB 33 -54.22 99.04 -83.92
C PRO BB 33 -54.00 98.88 -82.42
N LEU BB 34 -54.73 97.94 -81.82
CA LEU BB 34 -54.62 97.75 -80.37
C LEU BB 34 -53.28 97.11 -79.99
N VAL BB 35 -52.75 96.22 -80.83
CA VAL BB 35 -51.47 95.60 -80.55
C VAL BB 35 -50.35 96.60 -80.82
N GLY BB 36 -49.38 96.65 -79.92
CA GLY BB 36 -48.27 97.58 -80.05
C GLY BB 36 -48.68 99.03 -79.93
N ARG BB 37 -49.34 99.37 -78.83
CA ARG BB 37 -49.80 100.73 -78.60
C ARG BB 37 -49.28 101.26 -77.27
N LEU BB 38 -50.04 102.18 -76.65
CA LEU BB 38 -49.66 102.79 -75.38
C LEU BB 38 -50.39 102.06 -74.26
N ARG BB 39 -49.62 101.54 -73.29
CA ARG BB 39 -50.18 100.84 -72.15
C ARG BB 39 -49.60 101.41 -70.86
N LEU BB 40 -50.40 101.35 -69.80
CA LEU BB 40 -50.02 101.89 -68.50
C LEU BB 40 -50.44 100.92 -67.42
N THR BB 41 -49.50 100.53 -66.57
CA THR BB 41 -49.73 99.60 -65.47
C THR BB 41 -49.58 100.34 -64.15
N ALA BB 42 -50.62 100.27 -63.31
CA ALA BB 42 -50.63 100.91 -62.01
C ALA BB 42 -50.84 99.86 -60.92
N SER BB 43 -50.11 100.01 -59.82
CA SER BB 43 -50.22 99.09 -58.70
C SER BB 43 -50.05 99.85 -57.40
N LEU BB 44 -50.83 99.46 -56.39
CA LEU BB 44 -50.78 100.05 -55.06
C LEU BB 44 -50.81 98.94 -54.02
N ARG BB 45 -49.96 99.06 -53.01
CA ARG BB 45 -49.84 98.03 -51.99
C ARG BB 45 -49.32 98.66 -50.70
N GLN BB 46 -49.10 97.82 -49.70
CA GLN BB 46 -48.55 98.22 -48.41
C GLN BB 46 -47.11 97.70 -48.29
N ASN BB 47 -46.60 97.65 -47.07
CA ASN BB 47 -45.23 97.19 -46.84
C ASN BB 47 -45.01 96.95 -45.35
N GLY BB 48 -44.16 95.97 -45.06
CA GLY BB 48 -43.78 95.65 -43.69
C GLY BB 48 -44.93 95.35 -42.76
N ALA BB 49 -45.09 96.16 -41.72
CA ALA BB 49 -46.14 96.00 -40.74
C ALA BB 49 -47.04 97.23 -40.73
N LYS BB 50 -47.74 97.48 -41.83
CA LYS BB 50 -48.70 98.58 -41.94
C LYS BB 50 -48.06 99.96 -41.84
N THR BB 51 -46.76 100.07 -42.11
CA THR BB 51 -46.04 101.32 -41.90
C THR BB 51 -46.30 102.30 -43.05
N ALA BB 52 -45.65 102.07 -44.18
CA ALA BB 52 -45.80 102.94 -45.34
C ALA BB 52 -46.58 102.25 -46.45
N TYR BB 53 -46.41 102.71 -47.69
CA TYR BB 53 -47.09 102.13 -48.83
C TYR BB 53 -46.12 102.03 -49.99
N ARG BB 54 -46.59 101.44 -51.09
CA ARG BB 54 -45.77 101.26 -52.29
C ARG BB 54 -46.65 101.43 -53.52
N VAL BB 55 -46.28 102.38 -54.38
CA VAL BB 55 -47.00 102.64 -55.61
C VAL BB 55 -46.06 102.43 -56.79
N ASN BB 56 -46.53 101.70 -57.79
CA ASN BB 56 -45.75 101.41 -58.98
C ASN BB 56 -46.53 101.88 -60.21
N LEU BB 57 -45.84 102.62 -61.08
CA LEU BB 57 -46.45 103.14 -62.31
C LEU BB 57 -45.49 102.89 -63.46
N LYS BB 58 -45.92 102.09 -64.43
CA LYS BB 58 -45.12 101.77 -65.60
C LYS BB 58 -45.87 102.19 -66.86
N LEU BB 59 -45.13 102.71 -67.84
CA LEU BB 59 -45.70 103.17 -69.10
C LEU BB 59 -44.90 102.57 -70.25
N ASP BB 60 -45.56 101.79 -71.09
CA ASP BB 60 -44.91 101.12 -72.21
C ASP BB 60 -45.54 101.54 -73.52
N GLN BB 61 -44.73 101.56 -74.57
CA GLN BB 61 -45.20 101.92 -75.90
C GLN BB 61 -44.25 101.32 -76.92
N ALA BB 62 -44.72 100.35 -77.70
CA ALA BB 62 -43.92 99.66 -78.70
C ALA BB 62 -44.33 100.12 -80.09
N ASP BB 63 -43.35 100.54 -80.88
CA ASP BB 63 -43.62 100.98 -82.25
C ASP BB 63 -43.90 99.78 -83.15
N VAL BB 64 -44.70 100.02 -84.19
CA VAL BB 64 -45.08 98.99 -85.14
C VAL BB 64 -44.69 99.43 -86.54
N VAL BB 65 -44.52 98.45 -87.42
CA VAL BB 65 -44.17 98.70 -88.81
C VAL BB 65 -45.04 97.79 -89.69
N ASP BB 66 -45.26 98.23 -90.92
CA ASP BB 66 -46.10 97.51 -91.87
C ASP BB 66 -45.60 97.76 -93.28
N CYS BB 67 -45.70 96.72 -94.12
CA CYS BB 67 -45.26 96.80 -95.51
C CYS BB 67 -46.37 96.55 -96.51
N SER BB 68 -47.64 96.53 -96.07
CA SER BB 68 -48.74 96.27 -96.99
C SER BB 68 -48.96 97.42 -97.97
N THR BB 69 -48.34 98.58 -97.73
CA THR BB 69 -48.51 99.70 -98.64
C THR BB 69 -47.74 99.50 -99.94
N SER BB 70 -46.59 98.81 -99.88
CA SER BB 70 -45.79 98.57 -101.07
C SER BB 70 -45.59 97.08 -101.30
N VAL BB 71 -45.06 96.38 -100.29
CA VAL BB 71 -44.82 94.95 -100.39
C VAL BB 71 -46.16 94.23 -100.35
N CYS BB 72 -46.24 93.11 -101.08
CA CYS BB 72 -47.40 92.25 -101.25
C CYS BB 72 -48.07 91.82 -99.94
N GLY BB 73 -47.25 91.60 -98.92
CA GLY BB 73 -47.61 90.71 -97.82
C GLY BB 73 -46.71 90.83 -96.61
N GLU BB 74 -47.17 91.54 -95.58
CA GLU BB 74 -46.41 91.68 -94.34
C GLU BB 74 -47.37 92.18 -93.26
N LEU BB 75 -47.57 91.37 -92.22
CA LEU BB 75 -48.44 91.76 -91.13
C LEU BB 75 -47.77 92.84 -90.27
N PRO BB 76 -48.55 93.66 -89.58
CA PRO BB 76 -47.96 94.66 -88.68
C PRO BB 76 -47.10 94.00 -87.61
N LYS BB 77 -45.82 94.35 -87.61
CA LYS BB 77 -44.83 93.74 -86.73
C LYS BB 77 -44.25 94.78 -85.78
N VAL BB 78 -44.13 94.41 -84.51
CA VAL BB 78 -43.55 95.32 -83.52
C VAL BB 78 -42.05 95.41 -83.72
N ARG BB 79 -41.47 96.55 -83.34
CA ARG BB 79 -40.04 96.78 -83.50
C ARG BB 79 -39.41 96.75 -82.12
N TYR BB 80 -39.20 97.88 -81.46
CA TYR BB 80 -38.58 97.95 -80.15
C TYR BB 80 -39.64 98.14 -79.07
N THR BB 81 -39.20 98.01 -77.82
CA THR BB 81 -40.07 98.15 -76.66
C THR BB 81 -39.39 99.07 -75.65
N GLN BB 82 -40.16 100.01 -75.11
CA GLN BB 82 -39.66 100.96 -74.12
C GLN BB 82 -40.38 100.75 -72.80
N VAL BB 83 -39.62 100.73 -71.70
CA VAL BB 83 -40.14 100.51 -70.37
C VAL BB 83 -39.74 101.68 -69.48
N TRP BB 84 -40.73 102.32 -68.86
CA TRP BB 84 -40.52 103.46 -67.96
C TRP BB 84 -41.33 103.21 -66.70
N SER BB 85 -40.73 102.54 -65.71
CA SER BB 85 -41.40 102.23 -64.47
C SER BB 85 -41.11 103.30 -63.42
N HIS BB 86 -41.86 103.24 -62.32
CA HIS BB 86 -41.73 104.19 -61.23
C HIS BB 86 -41.78 103.44 -59.91
N ASP BB 87 -41.55 104.18 -58.82
CA ASP BB 87 -41.58 103.58 -57.48
C ASP BB 87 -41.83 104.71 -56.49
N VAL BB 88 -42.98 104.67 -55.81
CA VAL BB 88 -43.37 105.69 -54.84
C VAL BB 88 -43.43 105.02 -53.47
N THR BB 89 -42.60 105.49 -52.55
CA THR BB 89 -42.55 104.97 -51.17
C THR BB 89 -42.78 106.15 -50.24
N ILE BB 90 -44.05 106.49 -50.04
CA ILE BB 90 -44.45 107.61 -49.18
C ILE BB 90 -45.20 107.05 -47.98
N VAL BB 91 -44.76 107.41 -46.78
CA VAL BB 91 -45.42 106.94 -45.56
C VAL BB 91 -46.74 107.67 -45.37
N ALA BB 92 -47.65 107.04 -44.63
CA ALA BB 92 -48.97 107.64 -44.40
C ALA BB 92 -48.86 108.87 -43.51
N ASN BB 93 -48.30 108.71 -42.31
CA ASN BB 93 -48.14 109.82 -41.37
C ASN BB 93 -46.99 110.70 -41.84
N SER BB 94 -47.29 111.57 -42.81
CA SER BB 94 -46.30 112.48 -43.34
C SER BB 94 -46.75 113.93 -43.18
N THR BB 95 -46.60 114.73 -44.24
CA THR BB 95 -47.00 116.13 -44.21
C THR BB 95 -47.57 116.51 -45.57
N GLU BB 96 -48.76 117.11 -45.56
CA GLU BB 96 -49.38 117.51 -46.82
C GLU BB 96 -48.59 118.60 -47.52
N ALA BB 97 -48.07 119.57 -46.76
CA ALA BB 97 -47.27 120.63 -47.36
C ALA BB 97 -45.97 120.07 -47.95
N SER BB 98 -45.33 119.15 -47.23
CA SER BB 98 -44.11 118.54 -47.75
C SER BB 98 -44.39 117.72 -49.01
N ARG BB 99 -45.50 116.99 -49.03
CA ARG BB 99 -45.86 116.22 -50.22
C ARG BB 99 -46.15 117.13 -51.40
N LYS BB 100 -46.84 118.26 -51.16
CA LYS BB 100 -47.12 119.20 -52.23
C LYS BB 100 -45.83 119.83 -52.75
N SER BB 101 -44.91 120.18 -51.86
CA SER BB 101 -43.63 120.75 -52.29
C SER BB 101 -42.83 119.73 -53.10
N LEU BB 102 -42.84 118.47 -52.66
CA LEU BB 102 -42.13 117.43 -53.42
C LEU BB 102 -42.74 117.22 -54.79
N TYR BB 103 -44.07 117.24 -54.87
CA TYR BB 103 -44.73 117.09 -56.17
C TYR BB 103 -44.42 118.27 -57.09
N ASP BB 104 -44.39 119.49 -56.53
CA ASP BB 104 -44.05 120.66 -57.33
C ASP BB 104 -42.60 120.59 -57.81
N LEU BB 105 -41.68 120.14 -56.96
CA LEU BB 105 -40.29 119.99 -57.37
C LEU BB 105 -40.15 118.94 -58.47
N THR BB 106 -40.87 117.82 -58.34
CA THR BB 106 -40.83 116.80 -59.38
C THR BB 106 -41.40 117.32 -60.69
N LYS BB 107 -42.49 118.07 -60.63
CA LYS BB 107 -43.08 118.64 -61.84
C LYS BB 107 -42.11 119.63 -62.49
N SER BB 108 -41.43 120.44 -61.69
CA SER BB 108 -40.47 121.39 -62.24
C SER BB 108 -39.29 120.67 -62.88
N LEU BB 109 -38.78 119.62 -62.22
CA LEU BB 109 -37.68 118.86 -62.79
C LEU BB 109 -38.09 118.14 -64.07
N VAL BB 110 -39.36 117.73 -64.17
CA VAL BB 110 -39.82 117.08 -65.38
C VAL BB 110 -39.98 118.10 -66.51
N ALA BB 111 -40.54 119.27 -66.20
CA ALA BB 111 -40.78 120.30 -67.21
C ALA BB 111 -39.53 121.09 -67.58
N THR BB 112 -38.44 120.94 -66.84
CA THR BB 112 -37.23 121.66 -67.17
C THR BB 112 -36.65 121.18 -68.50
N SER BB 113 -35.75 121.98 -69.06
CA SER BB 113 -35.13 121.68 -70.35
C SER BB 113 -33.92 120.76 -70.24
N GLN BB 114 -33.41 120.52 -69.02
CA GLN BB 114 -32.27 119.66 -68.85
C GLN BB 114 -32.61 118.18 -69.06
N VAL BB 115 -33.74 117.72 -68.51
CA VAL BB 115 -34.14 116.33 -68.71
C VAL BB 115 -34.50 116.08 -70.16
N GLU BB 116 -35.09 117.07 -70.84
CA GLU BB 116 -35.40 116.92 -72.26
C GLU BB 116 -34.12 116.72 -73.07
N ASP BB 117 -33.08 117.50 -72.77
CA ASP BB 117 -31.81 117.34 -73.47
C ASP BB 117 -31.17 116.00 -73.14
N LEU BB 118 -31.23 115.59 -71.86
CA LEU BB 118 -30.71 114.29 -71.46
C LEU BB 118 -31.42 113.16 -72.20
N VAL BB 119 -32.71 113.31 -72.47
CA VAL BB 119 -33.46 112.26 -73.17
C VAL BB 119 -33.13 112.27 -74.65
N VAL BB 120 -33.11 113.45 -75.27
CA VAL BB 120 -32.92 113.57 -76.71
C VAL BB 120 -31.46 113.34 -77.08
N ASN BB 121 -30.60 114.28 -76.71
CA ASN BB 121 -29.21 114.25 -77.12
C ASN BB 121 -28.36 113.28 -76.30
N LEU BB 122 -28.95 112.58 -75.33
CA LEU BB 122 -28.23 111.61 -74.50
C LEU BB 122 -27.03 112.24 -73.79
N VAL BB 123 -27.12 113.53 -73.50
CA VAL BB 123 -26.07 114.25 -72.79
C VAL BB 123 -26.34 114.17 -71.29
N PRO BB 124 -25.35 113.83 -70.47
CA PRO BB 124 -25.60 113.73 -69.03
C PRO BB 124 -26.09 115.04 -68.44
N LEU BB 125 -26.99 114.94 -67.46
CA LEU BB 125 -27.60 116.10 -66.84
C LEU BB 125 -26.55 116.89 -66.06
N GLY BB 126 -26.34 118.15 -66.45
CA GLY BB 126 -25.37 118.99 -65.79
C GLY BB 126 -25.20 120.34 -66.45
N ARG BB 127 -26.19 121.21 -66.29
CA ARG BB 127 -26.14 122.55 -66.88
C ARG BB 127 -26.01 123.62 -65.81
N SER CB 1 -17.32 119.32 -73.01
CA SER CB 1 -16.33 118.83 -72.06
C SER CB 1 -14.92 118.99 -72.64
N LYS CB 2 -14.25 117.87 -72.89
CA LYS CB 2 -12.97 117.88 -73.57
C LYS CB 2 -13.20 117.64 -75.05
N THR CB 3 -12.80 118.60 -75.90
CA THR CB 3 -13.01 118.53 -77.33
C THR CB 3 -11.68 118.33 -78.05
N ILE CB 4 -11.70 117.49 -79.07
CA ILE CB 4 -10.51 117.21 -79.89
C ILE CB 4 -10.88 117.46 -81.34
N VAL CB 5 -10.11 118.32 -82.01
CA VAL CB 5 -10.36 118.69 -83.39
C VAL CB 5 -9.36 117.96 -84.28
N LEU CB 6 -9.86 117.22 -85.26
CA LEU CB 6 -9.03 116.48 -86.20
C LEU CB 6 -9.28 117.00 -87.61
N SER CB 7 -8.19 117.33 -88.31
CA SER CB 7 -8.27 117.88 -89.66
C SER CB 7 -8.00 116.75 -90.65
N VAL CB 8 -8.99 116.45 -91.50
CA VAL CB 8 -8.84 115.42 -92.52
C VAL CB 8 -8.35 115.96 -93.85
N GLY CB 9 -8.36 117.27 -94.04
CA GLY CB 9 -7.93 117.86 -95.29
C GLY CB 9 -8.89 118.94 -95.78
N GLU CB 10 -10.18 118.63 -95.79
CA GLU CB 10 -11.21 119.57 -96.19
C GLU CB 10 -12.26 119.83 -95.13
N ALA CB 11 -12.43 118.94 -94.16
CA ALA CB 11 -13.38 119.11 -93.08
C ALA CB 11 -12.70 118.85 -91.75
N THR CB 12 -13.35 119.28 -90.67
CA THR CB 12 -12.82 119.13 -89.32
C THR CB 12 -13.80 118.31 -88.49
N ARG CB 13 -13.31 117.23 -87.90
CA ARG CB 13 -14.12 116.37 -87.04
C ARG CB 13 -13.87 116.70 -85.59
N THR CB 14 -14.91 116.56 -84.77
CA THR CB 14 -14.87 116.90 -83.35
C THR CB 14 -15.19 115.68 -82.52
N LEU CB 15 -14.28 115.31 -81.63
CA LEU CB 15 -14.48 114.23 -80.67
C LEU CB 15 -14.69 114.80 -79.28
N THR CB 16 -15.69 114.29 -78.56
CA THR CB 16 -16.06 114.79 -77.26
C THR CB 16 -15.83 113.74 -76.18
N GLU CB 17 -15.31 114.17 -75.05
CA GLU CB 17 -15.12 113.27 -73.91
C GLU CB 17 -16.48 112.85 -73.35
N ILE CB 18 -16.67 111.56 -73.11
CA ILE CB 18 -17.95 111.06 -72.62
C ILE CB 18 -17.82 110.33 -71.29
N GLN CB 19 -16.78 109.50 -71.12
CA GLN CB 19 -16.64 108.70 -69.90
C GLN CB 19 -15.32 109.08 -69.24
N SER CB 20 -15.33 110.19 -68.51
CA SER CB 20 -14.13 110.72 -67.86
C SER CB 20 -13.79 109.88 -66.65
N THR CB 21 -12.76 109.05 -66.77
CA THR CB 21 -12.25 108.24 -65.68
C THR CB 21 -10.75 108.09 -65.83
N ALA CB 22 -10.06 107.89 -64.70
CA ALA CB 22 -8.61 107.83 -64.71
C ALA CB 22 -8.11 106.60 -65.46
N ASP CB 23 -8.59 105.42 -65.09
CA ASP CB 23 -8.11 104.17 -65.67
C ASP CB 23 -8.72 103.88 -67.04
N ARG CB 24 -9.68 104.69 -67.50
CA ARG CB 24 -10.32 104.45 -68.80
C ARG CB 24 -10.95 105.76 -69.26
N GLN CB 25 -10.37 106.34 -70.32
CA GLN CB 25 -10.90 107.55 -70.93
C GLN CB 25 -11.52 107.18 -72.27
N ILE CB 26 -12.80 107.51 -72.44
CA ILE CB 26 -13.56 107.14 -73.63
C ILE CB 26 -13.96 108.43 -74.35
N PHE CB 27 -13.37 108.66 -75.52
CA PHE CB 27 -13.74 109.78 -76.37
C PHE CB 27 -14.62 109.28 -77.52
N GLU CB 28 -15.69 110.03 -77.79
CA GLU CB 28 -16.63 109.70 -78.84
C GLU CB 28 -16.75 110.86 -79.82
N GLU CB 29 -16.86 110.56 -81.10
CA GLU CB 29 -17.04 111.57 -82.12
C GLU CB 29 -18.51 111.93 -82.26
N LYS CB 30 -18.80 113.23 -82.31
CA LYS CB 30 -20.17 113.73 -82.43
C LYS CB 30 -20.34 114.33 -83.82
N VAL CB 31 -21.07 113.62 -84.68
CA VAL CB 31 -21.36 114.10 -86.03
C VAL CB 31 -22.85 113.93 -86.30
N GLY CB 32 -23.35 112.71 -86.11
CA GLY CB 32 -24.75 112.42 -86.33
C GLY CB 32 -25.23 111.28 -85.46
N PRO CB 33 -25.29 110.07 -86.03
CA PRO CB 33 -25.68 108.89 -85.25
C PRO CB 33 -24.59 108.52 -84.26
N LEU CB 34 -24.93 108.50 -82.97
CA LEU CB 34 -23.93 108.18 -81.95
C LEU CB 34 -23.54 106.71 -81.98
N VAL CB 35 -24.49 105.83 -82.30
CA VAL CB 35 -24.18 104.40 -82.37
C VAL CB 35 -23.41 104.12 -83.65
N GLY CB 36 -22.37 103.31 -83.55
CA GLY CB 36 -21.56 102.97 -84.70
C GLY CB 36 -20.78 104.15 -85.24
N ARG CB 37 -19.99 104.80 -84.39
CA ARG CB 37 -19.21 105.96 -84.79
C ARG CB 37 -17.74 105.77 -84.45
N LEU CB 38 -17.04 106.87 -84.20
CA LEU CB 38 -15.61 106.83 -83.88
C LEU CB 38 -15.44 106.90 -82.36
N ARG CB 39 -14.75 105.91 -81.80
CA ARG CB 39 -14.51 105.86 -80.37
C ARG CB 39 -13.02 105.64 -80.12
N LEU CB 40 -12.54 106.18 -78.99
CA LEU CB 40 -11.14 106.09 -78.61
C LEU CB 40 -11.05 105.77 -77.12
N THR CB 41 -10.29 104.73 -76.80
CA THR CB 41 -10.10 104.28 -75.42
C THR CB 41 -8.64 104.50 -75.04
N ALA CB 42 -8.43 105.23 -73.94
CA ALA CB 42 -7.10 105.52 -73.44
C ALA CB 42 -6.96 105.00 -72.02
N SER CB 43 -5.80 104.42 -71.71
CA SER CB 43 -5.55 103.88 -70.38
C SER CB 43 -4.08 104.10 -70.03
N LEU CB 44 -3.84 104.41 -68.76
CA LEU CB 44 -2.49 104.63 -68.24
C LEU CB 44 -2.36 103.92 -66.90
N ARG CB 45 -1.24 103.23 -66.70
CA ARG CB 45 -1.04 102.45 -65.49
C ARG CB 45 0.47 102.32 -65.25
N GLN CB 46 0.82 101.57 -64.20
CA GLN CB 46 2.18 101.27 -63.83
C GLN CB 46 2.48 99.80 -64.14
N ASN CB 47 3.54 99.27 -63.55
CA ASN CB 47 3.94 97.89 -63.80
C ASN CB 47 4.98 97.46 -62.77
N GLY CB 48 4.94 96.17 -62.42
CA GLY CB 48 5.90 95.57 -61.51
C GLY CB 48 6.01 96.26 -60.17
N ALA CB 49 7.20 96.78 -59.86
CA ALA CB 49 7.45 97.46 -58.60
C ALA CB 49 7.85 98.91 -58.87
N LYS CB 50 6.93 99.71 -59.41
CA LYS CB 50 7.13 101.14 -59.65
C LYS CB 50 8.23 101.43 -60.67
N THR CB 51 8.54 100.46 -61.54
CA THR CB 51 9.67 100.61 -62.46
C THR CB 51 9.29 101.49 -63.66
N ALA CB 52 8.54 100.91 -64.60
CA ALA CB 52 8.12 101.63 -65.80
C ALA CB 52 6.63 101.93 -65.77
N TYR CB 53 6.04 102.16 -66.94
CA TYR CB 53 4.61 102.45 -67.04
C TYR CB 53 4.05 101.69 -68.23
N ARG CB 54 2.72 101.80 -68.40
CA ARG CB 54 2.03 101.13 -69.48
C ARG CB 54 0.90 102.02 -69.97
N VAL CB 55 0.93 102.34 -71.27
CA VAL CB 55 -0.09 103.17 -71.89
C VAL CB 55 -0.74 102.37 -73.01
N ASN CB 56 -2.07 102.40 -73.03
CA ASN CB 56 -2.85 101.69 -74.05
C ASN CB 56 -3.77 102.67 -74.75
N LEU CB 57 -3.75 102.63 -76.08
CA LEU CB 57 -4.57 103.50 -76.92
C LEU CB 57 -5.24 102.67 -78.00
N LYS CB 58 -6.56 102.62 -77.99
CA LYS CB 58 -7.33 101.87 -78.97
C LYS CB 58 -8.28 102.82 -79.70
N LEU CB 59 -8.46 102.59 -80.99
CA LEU CB 59 -9.33 103.42 -81.82
C LEU CB 59 -10.24 102.51 -82.63
N ASP CB 60 -11.55 102.64 -82.43
CA ASP CB 60 -12.53 101.80 -83.09
C ASP CB 60 -13.48 102.66 -83.91
N GLN CB 61 -13.96 102.09 -85.02
CA GLN CB 61 -14.92 102.77 -85.88
C GLN CB 61 -15.68 101.73 -86.68
N ALA CB 62 -16.96 101.59 -86.41
CA ALA CB 62 -17.82 100.62 -87.07
C ALA CB 62 -18.73 101.32 -88.07
N ASP CB 63 -18.74 100.84 -89.31
CA ASP CB 63 -19.59 101.41 -90.33
C ASP CB 63 -21.04 100.99 -90.13
N VAL CB 64 -21.96 101.85 -90.56
CA VAL CB 64 -23.39 101.61 -90.43
C VAL CB 64 -24.03 101.66 -91.80
N VAL CB 65 -25.19 101.02 -91.91
CA VAL CB 65 -25.96 100.98 -93.14
C VAL CB 65 -27.43 101.21 -92.81
N ASP CB 66 -28.17 101.74 -93.77
CA ASP CB 66 -29.58 102.05 -93.58
C ASP CB 66 -30.32 101.90 -94.90
N CYS CB 67 -31.56 101.42 -94.83
CA CYS CB 67 -32.39 101.22 -96.01
C CYS CB 67 -33.67 102.05 -96.00
N SER CB 68 -33.81 103.02 -95.09
CA SER CB 68 -35.02 103.81 -95.03
C SER CB 68 -35.17 104.73 -96.22
N THR CB 69 -34.11 104.92 -97.01
CA THR CB 69 -34.20 105.78 -98.19
C THR CB 69 -35.02 105.13 -99.30
N SER CB 70 -34.96 103.81 -99.42
CA SER CB 70 -35.69 103.10 -100.48
C SER CB 70 -36.64 102.08 -99.87
N VAL CB 71 -36.11 101.17 -99.06
CA VAL CB 71 -36.91 100.12 -98.42
C VAL CB 71 -37.77 100.76 -97.34
N CYS CB 72 -38.98 100.23 -97.16
CA CYS CB 72 -40.01 100.67 -96.21
C CYS CB 72 -39.50 100.85 -94.79
N GLY CB 73 -38.58 99.99 -94.36
CA GLY CB 73 -38.41 99.67 -92.96
C GLY CB 73 -37.12 98.93 -92.65
N GLU CB 74 -36.12 99.65 -92.15
CA GLU CB 74 -34.85 99.03 -91.76
C GLU CB 74 -34.11 100.02 -90.86
N LEU CB 75 -33.86 99.62 -89.62
CA LEU CB 75 -33.14 100.48 -88.69
C LEU CB 75 -31.66 100.50 -89.06
N PRO CB 76 -30.95 101.57 -88.69
CA PRO CB 76 -29.49 101.62 -88.94
C PRO CB 76 -28.78 100.47 -88.27
N LYS CB 77 -28.13 99.63 -89.08
CA LYS CB 77 -27.47 98.42 -88.61
C LYS CB 77 -25.98 98.51 -88.86
N VAL CB 78 -25.19 98.10 -87.86
CA VAL CB 78 -23.74 98.10 -88.00
C VAL CB 78 -23.30 96.96 -88.91
N ARG CB 79 -22.17 97.14 -89.57
CA ARG CB 79 -21.65 96.15 -90.50
C ARG CB 79 -20.42 95.52 -89.87
N TYR CB 80 -19.22 95.99 -90.16
CA TYR CB 80 -17.99 95.42 -89.63
C TYR CB 80 -17.46 96.30 -88.51
N THR CB 81 -16.44 95.78 -87.81
CA THR CB 81 -15.80 96.49 -86.71
C THR CB 81 -14.29 96.42 -86.88
N GLN CB 82 -13.62 97.55 -86.68
CA GLN CB 82 -12.17 97.64 -86.81
C GLN CB 82 -11.57 97.99 -85.46
N VAL CB 83 -10.50 97.28 -85.09
CA VAL CB 83 -9.83 97.47 -83.81
C VAL CB 83 -8.36 97.79 -84.09
N TRP CB 84 -7.88 98.91 -83.55
CA TRP CB 84 -6.49 99.35 -83.71
C TRP CB 84 -5.99 99.77 -82.34
N SER CB 85 -5.43 98.82 -81.60
CA SER CB 85 -4.91 99.06 -80.26
C SER CB 85 -3.42 99.41 -80.31
N HIS CB 86 -2.91 99.89 -79.18
CA HIS CB 86 -1.51 100.27 -79.06
C HIS CB 86 -0.97 99.77 -77.72
N ASP CB 87 0.33 99.93 -77.52
CA ASP CB 87 0.98 99.52 -76.29
C ASP CB 87 2.27 100.31 -76.14
N VAL CB 88 2.35 101.16 -75.12
CA VAL CB 88 3.51 102.00 -74.86
C VAL CB 88 4.11 101.56 -73.54
N THR CB 89 5.37 101.09 -73.59
CA THR CB 89 6.11 100.66 -72.41
C THR CB 89 7.39 101.47 -72.34
N ILE CB 90 7.29 102.68 -71.79
CA ILE CB 90 8.42 103.59 -71.65
C ILE CB 90 8.72 103.77 -70.18
N VAL CB 91 9.97 103.55 -69.79
CA VAL CB 91 10.37 103.71 -68.39
C VAL CB 91 10.46 105.19 -68.06
N ALA CB 92 10.34 105.50 -66.76
CA ALA CB 92 10.38 106.88 -66.32
C ALA CB 92 11.78 107.46 -66.48
N ASN CB 93 12.78 106.84 -65.86
CA ASN CB 93 14.16 107.30 -65.94
C ASN CB 93 14.72 106.93 -67.30
N SER CB 94 14.40 107.76 -68.30
CA SER CB 94 14.87 107.54 -69.65
C SER CB 94 15.66 108.75 -70.16
N THR CB 95 15.38 109.17 -71.38
CA THR CB 95 16.06 110.32 -71.97
C THR CB 95 15.07 111.10 -72.82
N GLU CB 96 15.00 112.41 -72.59
CA GLU CB 96 14.06 113.25 -73.36
C GLU CB 96 14.45 113.30 -74.83
N ALA CB 97 15.75 113.41 -75.12
CA ALA CB 97 16.19 113.43 -76.50
C ALA CB 97 15.90 112.12 -77.20
N SER CB 98 16.12 110.99 -76.52
CA SER CB 98 15.83 109.69 -77.10
C SER CB 98 14.33 109.52 -77.33
N ARG CB 99 13.50 109.98 -76.40
CA ARG CB 99 12.06 109.90 -76.58
C ARG CB 99 11.60 110.77 -77.76
N LYS CB 100 12.17 111.96 -77.89
CA LYS CB 100 11.82 112.83 -79.02
C LYS CB 100 12.25 112.20 -80.34
N SER CB 101 13.43 111.60 -80.39
CA SER CB 101 13.89 110.95 -81.61
C SER CB 101 13.01 109.75 -81.96
N LEU CB 102 12.59 108.98 -80.95
CA LEU CB 102 11.70 107.86 -81.20
C LEU CB 102 10.34 108.33 -81.70
N TYR CB 103 9.82 109.41 -81.12
CA TYR CB 103 8.54 109.94 -81.59
C TYR CB 103 8.65 110.46 -83.02
N ASP CB 104 9.76 111.11 -83.35
CA ASP CB 104 9.96 111.59 -84.71
C ASP CB 104 10.07 110.43 -85.70
N LEU CB 105 10.77 109.36 -85.31
CA LEU CB 105 10.87 108.19 -86.17
C LEU CB 105 9.51 107.53 -86.37
N THR CB 106 8.72 107.44 -85.31
CA THR CB 106 7.37 106.88 -85.44
C THR CB 106 6.49 107.73 -86.33
N LYS CB 107 6.58 109.06 -86.19
CA LYS CB 107 5.81 109.95 -87.05
C LYS CB 107 6.22 109.81 -88.51
N SER CB 108 7.53 109.68 -88.76
CA SER CB 108 8.00 109.51 -90.14
C SER CB 108 7.53 108.18 -90.72
N LEU CB 109 7.59 107.11 -89.93
CA LEU CB 109 7.13 105.81 -90.40
C LEU CB 109 5.62 105.81 -90.65
N VAL CB 110 4.87 106.59 -89.87
CA VAL CB 110 3.43 106.67 -90.09
C VAL CB 110 3.13 107.48 -91.34
N ALA CB 111 3.82 108.60 -91.54
CA ALA CB 111 3.57 109.48 -92.67
C ALA CB 111 4.20 108.98 -93.96
N THR CB 112 5.05 107.95 -93.92
CA THR CB 112 5.65 107.43 -95.14
C THR CB 112 4.58 106.77 -96.02
N SER CB 113 4.94 106.56 -97.28
CA SER CB 113 4.04 105.99 -98.28
C SER CB 113 4.02 104.47 -98.25
N GLN CB 114 4.96 103.83 -97.55
CA GLN CB 114 5.00 102.37 -97.48
C GLN CB 114 3.89 101.79 -96.63
N VAL CB 115 3.64 102.39 -95.46
CA VAL CB 115 2.55 101.91 -94.60
C VAL CB 115 1.21 102.15 -95.26
N GLU CB 116 1.06 103.27 -95.99
CA GLU CB 116 -0.20 103.51 -96.70
C GLU CB 116 -0.46 102.44 -97.75
N ASP CB 117 0.57 102.04 -98.49
CA ASP CB 117 0.42 100.98 -99.48
C ASP CB 117 0.13 99.65 -98.80
N LEU CB 118 0.81 99.38 -97.69
CA LEU CB 118 0.55 98.14 -96.93
C LEU CB 118 -0.89 98.10 -96.43
N VAL CB 119 -1.46 99.24 -96.08
CA VAL CB 119 -2.83 99.28 -95.59
C VAL CB 119 -3.82 99.12 -96.74
N VAL CB 120 -3.59 99.86 -97.84
CA VAL CB 120 -4.53 99.88 -98.95
C VAL CB 120 -4.42 98.60 -99.77
N ASN CB 121 -3.30 98.44 -100.47
CA ASN CB 121 -3.13 97.33 -101.40
C ASN CB 121 -2.78 96.01 -100.71
N LEU CB 122 -2.66 96.00 -99.38
CA LEU CB 122 -2.35 94.79 -98.62
C LEU CB 122 -1.03 94.15 -99.08
N VAL CB 123 -0.12 94.97 -99.58
CA VAL CB 123 1.19 94.49 -100.02
C VAL CB 123 2.16 94.56 -98.85
N PRO CB 124 2.93 93.50 -98.57
CA PRO CB 124 3.86 93.53 -97.44
C PRO CB 124 4.86 94.67 -97.56
N LEU CB 125 5.21 95.25 -96.42
CA LEU CB 125 6.12 96.39 -96.38
C LEU CB 125 7.51 95.96 -96.81
N GLY CB 126 8.02 96.56 -97.87
CA GLY CB 126 9.33 96.23 -98.39
C GLY CB 126 9.66 96.95 -99.68
N ARG CB 127 9.94 98.25 -99.60
CA ARG CB 127 10.28 99.04 -100.78
C ARG CB 127 11.73 99.48 -100.72
N SER DB 1 7.02 90.53 -107.21
CA SER DB 1 7.81 89.37 -106.78
C SER DB 1 7.97 88.40 -107.94
N LYS DB 2 7.38 87.21 -107.81
CA LYS DB 2 7.35 86.24 -108.91
C LYS DB 2 6.03 86.40 -109.64
N THR DB 3 6.11 86.72 -110.93
CA THR DB 3 4.93 86.96 -111.76
C THR DB 3 4.77 85.83 -112.77
N ILE DB 4 3.52 85.42 -112.99
CA ILE DB 4 3.18 84.38 -113.94
C ILE DB 4 2.13 84.94 -114.89
N VAL DB 5 2.40 84.90 -116.19
CA VAL DB 5 1.50 85.42 -117.21
C VAL DB 5 0.80 84.25 -117.88
N LEU DB 6 -0.53 84.30 -117.88
CA LEU DB 6 -1.35 83.26 -118.50
C LEU DB 6 -2.17 83.88 -119.63
N SER DB 7 -2.12 83.27 -120.80
CA SER DB 7 -2.83 83.76 -121.98
C SER DB 7 -4.12 82.96 -122.15
N VAL DB 8 -5.26 83.64 -122.08
CA VAL DB 8 -6.56 82.98 -122.24
C VAL DB 8 -7.05 83.02 -123.68
N GLY DB 9 -6.44 83.82 -124.54
CA GLY DB 9 -6.86 83.94 -125.91
C GLY DB 9 -6.95 85.37 -126.39
N GLU DB 10 -7.60 86.22 -125.60
CA GLU DB 10 -7.71 87.64 -125.90
C GLU DB 10 -7.15 88.56 -124.82
N ALA DB 11 -7.02 88.07 -123.58
CA ALA DB 11 -6.46 88.85 -122.49
C ALA DB 11 -5.39 88.05 -121.78
N THR DB 12 -4.58 88.74 -120.98
CA THR DB 12 -3.48 88.12 -120.25
C THR DB 12 -3.69 88.36 -118.76
N ARG DB 13 -3.70 87.27 -117.99
CA ARG DB 13 -3.85 87.34 -116.54
C ARG DB 13 -2.49 87.21 -115.87
N THR DB 14 -2.35 87.89 -114.73
CA THR DB 14 -1.09 87.95 -114.00
C THR DB 14 -1.30 87.41 -112.59
N LEU DB 15 -0.53 86.40 -112.23
CA LEU DB 15 -0.53 85.84 -110.88
C LEU DB 15 0.76 86.25 -110.18
N THR DB 16 0.63 86.67 -108.92
CA THR DB 16 1.76 87.16 -108.14
C THR DB 16 2.02 86.26 -106.94
N GLU DB 17 3.30 86.02 -106.67
CA GLU DB 17 3.68 85.24 -105.49
C GLU DB 17 3.37 86.03 -104.23
N ILE DB 18 2.73 85.39 -103.24
CA ILE DB 18 2.35 86.07 -102.02
C ILE DB 18 2.96 85.43 -100.77
N GLN DB 19 2.97 84.10 -100.70
CA GLN DB 19 3.46 83.42 -99.51
C GLN DB 19 4.64 82.53 -99.91
N SER DB 20 5.81 83.14 -100.04
CA SER DB 20 7.01 82.45 -100.49
C SER DB 20 7.55 81.57 -99.36
N THR DB 21 7.34 80.27 -99.48
CA THR DB 21 7.86 79.29 -98.53
C THR DB 21 8.20 78.01 -99.28
N ALA DB 22 9.16 77.26 -98.74
CA ALA DB 22 9.64 76.06 -99.43
C ALA DB 22 8.55 74.98 -99.48
N ASP DB 23 7.99 74.64 -98.33
CA ASP DB 23 7.00 73.56 -98.27
C ASP DB 23 5.61 73.98 -98.72
N ARG DB 24 5.40 75.26 -99.02
CA ARG DB 24 4.07 75.74 -99.45
C ARG DB 24 4.26 77.06 -100.20
N GLN DB 25 4.04 77.03 -101.50
CA GLN DB 25 4.08 78.22 -102.34
C GLN DB 25 2.66 78.60 -102.73
N ILE DB 26 2.27 79.83 -102.41
CA ILE DB 26 0.91 80.32 -102.63
C ILE DB 26 0.98 81.46 -103.64
N PHE DB 27 0.46 81.22 -104.84
CA PHE DB 27 0.34 82.25 -105.86
C PHE DB 27 -1.09 82.76 -105.92
N GLU DB 28 -1.24 84.07 -106.01
CA GLU DB 28 -2.55 84.70 -106.08
C GLU DB 28 -2.63 85.58 -107.33
N GLU DB 29 -3.80 85.57 -107.96
CA GLU DB 29 -4.03 86.41 -109.14
C GLU DB 29 -4.44 87.80 -108.71
N LYS DB 30 -3.84 88.82 -109.33
CA LYS DB 30 -4.13 90.22 -109.03
C LYS DB 30 -4.87 90.83 -110.22
N VAL DB 31 -6.16 91.05 -110.05
CA VAL DB 31 -6.99 91.68 -111.08
C VAL DB 31 -7.82 92.79 -110.45
N GLY DB 32 -8.56 92.45 -109.40
CA GLY DB 32 -9.38 93.41 -108.70
C GLY DB 32 -9.57 93.04 -107.25
N PRO DB 33 -10.71 92.42 -106.92
CA PRO DB 33 -10.95 91.97 -105.54
C PRO DB 33 -10.06 90.79 -105.20
N LEU DB 34 -9.24 90.96 -104.16
CA LEU DB 34 -8.31 89.88 -103.78
C LEU DB 34 -9.04 88.70 -103.16
N VAL DB 35 -10.12 88.95 -102.42
CA VAL DB 35 -10.88 87.86 -101.83
C VAL DB 35 -11.72 87.18 -102.90
N GLY DB 36 -11.74 85.86 -102.88
CA GLY DB 36 -12.49 85.09 -103.87
C GLY DB 36 -11.93 85.23 -105.27
N ARG DB 37 -10.65 84.92 -105.43
CA ARG DB 37 -10.00 85.02 -106.73
C ARG DB 37 -9.33 83.70 -107.11
N LEU DB 38 -8.26 83.76 -107.90
CA LEU DB 38 -7.54 82.59 -108.35
C LEU DB 38 -6.32 82.37 -107.46
N ARG DB 39 -6.23 81.18 -106.85
CA ARG DB 39 -5.12 80.84 -105.99
C ARG DB 39 -4.53 79.50 -106.42
N LEU DB 40 -3.23 79.35 -106.18
CA LEU DB 40 -2.50 78.15 -106.56
C LEU DB 40 -1.55 77.77 -105.43
N THR DB 41 -1.64 76.52 -104.99
CA THR DB 41 -0.82 75.98 -103.92
C THR DB 41 0.10 74.92 -104.48
N ALA DB 42 1.41 75.10 -104.26
CA ALA DB 42 2.42 74.17 -104.73
C ALA DB 42 3.22 73.64 -103.54
N SER DB 43 3.52 72.34 -103.58
CA SER DB 43 4.28 71.70 -102.51
C SER DB 43 5.19 70.64 -103.10
N LEU DB 44 6.40 70.53 -102.55
CA LEU DB 44 7.38 69.54 -102.97
C LEU DB 44 8.01 68.91 -101.74
N ARG DB 45 8.15 67.59 -101.76
CA ARG DB 45 8.67 66.86 -100.61
C ARG DB 45 9.30 65.57 -101.10
N GLN DB 46 9.77 64.76 -100.14
CA GLN DB 46 10.36 63.46 -100.39
C GLN DB 46 9.39 62.37 -99.92
N ASN DB 47 9.89 61.15 -99.75
CA ASN DB 47 9.06 60.04 -99.33
C ASN DB 47 9.94 58.87 -98.90
N GLY DB 48 9.44 58.10 -97.93
CA GLY DB 48 10.11 56.90 -97.45
C GLY DB 48 11.54 57.11 -96.97
N ALA DB 49 12.48 56.46 -97.64
CA ALA DB 49 13.89 56.57 -97.31
C ALA DB 49 14.67 57.13 -98.49
N LYS DB 50 14.40 58.39 -98.85
CA LYS DB 50 15.13 59.10 -99.90
C LYS DB 50 14.92 58.48 -101.29
N THR DB 51 13.84 57.72 -101.49
CA THR DB 51 13.65 56.97 -102.74
C THR DB 51 13.13 57.90 -103.84
N ALA DB 52 11.84 58.23 -103.79
CA ALA DB 52 11.23 59.09 -104.79
C ALA DB 52 10.90 60.45 -104.22
N TYR DB 53 9.96 61.16 -104.84
CA TYR DB 53 9.54 62.47 -104.39
C TYR DB 53 8.02 62.57 -104.49
N ARG DB 54 7.50 63.71 -104.02
CA ARG DB 54 6.05 63.94 -104.04
C ARG DB 54 5.81 65.41 -104.32
N VAL DB 55 5.05 65.69 -105.38
CA VAL DB 55 4.71 67.05 -105.78
C VAL DB 55 3.19 67.18 -105.76
N ASN DB 56 2.72 68.26 -105.15
CA ASN DB 56 1.29 68.54 -105.05
C ASN DB 56 1.00 69.92 -105.64
N LEU DB 57 0.00 69.99 -106.50
CA LEU DB 57 -0.39 71.23 -107.16
C LEU DB 57 -1.91 71.35 -107.10
N LYS DB 58 -2.40 72.37 -106.42
CA LYS DB 58 -3.83 72.63 -106.29
C LYS DB 58 -4.16 74.01 -106.84
N LEU DB 59 -5.30 74.12 -107.50
CA LEU DB 59 -5.75 75.37 -108.10
C LEU DB 59 -7.19 75.61 -107.69
N ASP DB 60 -7.43 76.72 -106.99
CA ASP DB 60 -8.76 77.06 -106.50
C ASP DB 60 -9.21 78.40 -107.07
N GLN DB 61 -10.52 78.53 -107.26
CA GLN DB 61 -11.11 79.77 -107.76
C GLN DB 61 -12.56 79.82 -107.34
N ALA DB 62 -12.91 80.74 -106.46
CA ALA DB 62 -14.26 80.89 -105.95
C ALA DB 62 -14.91 82.13 -106.57
N ASP DB 63 -16.10 81.94 -107.13
CA ASP DB 63 -16.84 83.05 -107.72
C ASP DB 63 -17.44 83.94 -106.65
N VAL DB 64 -17.59 85.22 -106.98
CA VAL DB 64 -18.13 86.20 -106.06
C VAL DB 64 -19.34 86.87 -106.70
N VAL DB 65 -20.21 87.41 -105.84
CA VAL DB 65 -21.42 88.11 -106.29
C VAL DB 65 -21.57 89.38 -105.46
N ASP DB 66 -22.23 90.38 -106.06
CA ASP DB 66 -22.41 91.67 -105.43
C ASP DB 66 -23.74 92.27 -105.87
N CYS DB 67 -24.39 92.98 -104.96
CA CYS DB 67 -25.67 93.60 -105.23
C CYS DB 67 -25.66 95.12 -105.07
N SER DB 68 -24.48 95.73 -104.93
CA SER DB 68 -24.41 97.18 -104.74
C SER DB 68 -24.81 97.95 -105.99
N THR DB 69 -24.90 97.27 -107.14
CA THR DB 69 -25.31 97.95 -108.37
C THR DB 69 -26.79 98.30 -108.36
N SER DB 70 -27.62 97.47 -107.72
CA SER DB 70 -29.06 97.72 -107.68
C SER DB 70 -29.54 97.82 -106.24
N VAL DB 71 -29.27 96.79 -105.44
CA VAL DB 71 -29.70 96.75 -104.04
C VAL DB 71 -28.83 97.74 -103.25
N CYS DB 72 -29.45 98.38 -102.25
CA CYS DB 72 -28.88 99.37 -101.35
C CYS DB 72 -27.53 98.97 -100.74
N GLY DB 73 -27.38 97.69 -100.43
CA GLY DB 73 -26.46 97.25 -99.39
C GLY DB 73 -26.20 95.75 -99.39
N GLU DB 74 -25.06 95.34 -99.94
CA GLU DB 74 -24.68 93.93 -99.95
C GLU DB 74 -23.19 93.85 -100.26
N LEU DB 75 -22.42 93.33 -99.32
CA LEU DB 75 -20.99 93.18 -99.53
C LEU DB 75 -20.71 92.04 -100.52
N PRO DB 76 -19.57 92.08 -101.21
CA PRO DB 76 -19.20 90.97 -102.11
C PRO DB 76 -19.13 89.66 -101.34
N LYS DB 77 -19.97 88.70 -101.75
CA LYS DB 77 -20.09 87.42 -101.07
C LYS DB 77 -19.69 86.30 -102.01
N VAL DB 78 -18.91 85.34 -101.50
CA VAL DB 78 -18.49 84.20 -102.29
C VAL DB 78 -19.67 83.25 -102.47
N ARG DB 79 -19.64 82.50 -103.57
CA ARG DB 79 -20.72 81.57 -103.89
C ARG DB 79 -20.18 80.16 -103.70
N TYR DB 80 -19.69 79.50 -104.76
CA TYR DB 80 -19.18 78.14 -104.68
C TYR DB 80 -17.66 78.15 -104.68
N THR DB 81 -17.09 76.97 -104.40
CA THR DB 81 -15.65 76.79 -104.37
C THR DB 81 -15.28 75.55 -105.17
N GLN DB 82 -14.25 75.68 -106.00
CA GLN DB 82 -13.76 74.59 -106.83
C GLN DB 82 -12.35 74.22 -106.42
N VAL DB 83 -12.10 72.91 -106.29
CA VAL DB 83 -10.81 72.38 -105.88
C VAL DB 83 -10.33 71.41 -106.95
N TRP DB 84 -9.11 71.66 -107.45
CA TRP DB 84 -8.48 70.82 -108.47
C TRP DB 84 -7.04 70.56 -108.03
N SER DB 85 -6.84 69.49 -107.27
CA SER DB 85 -5.53 69.12 -106.76
C SER DB 85 -4.84 68.14 -107.71
N HIS DB 86 -3.55 67.92 -107.47
CA HIS DB 86 -2.74 67.02 -108.27
C HIS DB 86 -1.86 66.19 -107.35
N ASP DB 87 -1.15 65.23 -107.95
CA ASP DB 87 -0.25 64.36 -107.19
C ASP DB 87 0.77 63.80 -108.17
N VAL DB 88 2.04 64.16 -107.99
CA VAL DB 88 3.13 63.72 -108.85
C VAL DB 88 4.07 62.86 -108.02
N THR DB 89 4.20 61.59 -108.39
CA THR DB 89 5.08 60.64 -107.72
C THR DB 89 6.06 60.09 -108.75
N ILE DB 90 7.13 60.85 -109.01
CA ILE DB 90 8.15 60.48 -109.98
C ILE DB 90 9.45 60.23 -109.23
N VAL DB 91 10.05 59.07 -109.46
CA VAL DB 91 11.31 58.73 -108.80
C VAL DB 91 12.45 59.51 -109.44
N ALA DB 92 13.53 59.70 -108.68
CA ALA DB 92 14.67 60.46 -109.18
C ALA DB 92 15.39 59.69 -110.29
N ASN DB 93 15.84 58.48 -110.00
CA ASN DB 93 16.54 57.65 -110.99
C ASN DB 93 15.52 57.09 -111.98
N SER DB 94 15.15 57.92 -112.94
CA SER DB 94 14.19 57.52 -113.97
C SER DB 94 14.79 57.66 -115.36
N THR DB 95 14.05 58.23 -116.30
CA THR DB 95 14.51 58.42 -117.66
C THR DB 95 13.98 59.74 -118.19
N GLU DB 96 14.88 60.57 -118.73
CA GLU DB 96 14.47 61.87 -119.26
C GLU DB 96 13.55 61.71 -120.47
N ALA DB 97 13.86 60.76 -121.36
CA ALA DB 97 13.01 60.53 -122.51
C ALA DB 97 11.64 60.03 -122.10
N SER DB 98 11.58 59.13 -121.12
CA SER DB 98 10.29 58.64 -120.63
C SER DB 98 9.49 59.75 -119.97
N ARG DB 99 10.15 60.61 -119.20
CA ARG DB 99 9.45 61.73 -118.58
C ARG DB 99 8.93 62.70 -119.63
N LYS DB 100 9.71 62.97 -120.67
CA LYS DB 100 9.26 63.85 -121.74
C LYS DB 100 8.07 63.25 -122.49
N SER DB 101 8.12 61.94 -122.76
CA SER DB 101 7.00 61.29 -123.43
C SER DB 101 5.75 61.32 -122.57
N LEU DB 102 5.90 61.10 -121.26
CA LEU DB 102 4.74 61.16 -120.36
C LEU DB 102 4.17 62.57 -120.30
N TYR DB 103 5.02 63.59 -120.27
CA TYR DB 103 4.54 64.97 -120.26
C TYR DB 103 3.82 65.30 -121.56
N ASP DB 104 4.34 64.83 -122.70
CA ASP DB 104 3.68 65.06 -123.98
C ASP DB 104 2.33 64.37 -124.04
N LEU DB 105 2.26 63.13 -123.52
CA LEU DB 105 0.98 62.42 -123.49
C LEU DB 105 -0.04 63.13 -122.60
N THR DB 106 0.42 63.63 -121.44
CA THR DB 106 -0.48 64.37 -120.56
C THR DB 106 -0.96 65.66 -121.22
N LYS DB 107 -0.07 66.37 -121.91
CA LYS DB 107 -0.46 67.59 -122.61
C LYS DB 107 -1.46 67.29 -123.72
N SER DB 108 -1.26 66.19 -124.45
CA SER DB 108 -2.19 65.82 -125.50
C SER DB 108 -3.55 65.45 -124.92
N LEU DB 109 -3.57 64.69 -123.82
CA LEU DB 109 -4.83 64.33 -123.19
C LEU DB 109 -5.55 65.55 -122.62
N VAL DB 110 -4.79 66.56 -122.17
CA VAL DB 110 -5.43 67.77 -121.67
C VAL DB 110 -5.99 68.60 -122.82
N ALA DB 111 -5.24 68.72 -123.91
CA ALA DB 111 -5.66 69.53 -125.04
C ALA DB 111 -6.69 68.84 -125.93
N THR DB 112 -6.93 67.55 -125.74
CA THR DB 112 -7.92 66.86 -126.56
C THR DB 112 -9.33 67.38 -126.27
N SER DB 113 -10.25 67.07 -127.17
CA SER DB 113 -11.63 67.53 -127.08
C SER DB 113 -12.49 66.64 -126.20
N GLN DB 114 -12.01 65.45 -125.83
CA GLN DB 114 -12.79 64.54 -125.00
C GLN DB 114 -12.88 65.02 -123.55
N VAL DB 115 -11.77 65.49 -122.97
CA VAL DB 115 -11.80 66.00 -121.60
C VAL DB 115 -12.63 67.27 -121.53
N GLU DB 116 -12.58 68.10 -122.57
CA GLU DB 116 -13.41 69.31 -122.59
C GLU DB 116 -14.88 68.97 -122.56
N ASP DB 117 -15.30 67.97 -123.34
CA ASP DB 117 -16.69 67.54 -123.33
C ASP DB 117 -17.06 66.91 -121.99
N LEU DB 118 -16.15 66.11 -121.41
CA LEU DB 118 -16.39 65.54 -120.09
C LEU DB 118 -16.58 66.62 -119.04
N VAL DB 119 -15.85 67.73 -119.16
CA VAL DB 119 -15.96 68.80 -118.19
C VAL DB 119 -17.25 69.59 -118.40
N VAL DB 120 -17.55 69.94 -119.65
CA VAL DB 120 -18.69 70.79 -119.95
C VAL DB 120 -19.99 70.01 -119.85
N ASN DB 121 -20.20 69.06 -120.77
CA ASN DB 121 -21.47 68.34 -120.86
C ASN DB 121 -21.59 67.22 -119.83
N LEU DB 122 -20.58 67.01 -118.98
CA LEU DB 122 -20.60 65.98 -117.95
C LEU DB 122 -20.84 64.59 -118.53
N VAL DB 123 -20.41 64.38 -119.78
CA VAL DB 123 -20.55 63.09 -120.44
C VAL DB 123 -19.29 62.26 -120.15
N PRO DB 124 -19.43 61.00 -119.76
CA PRO DB 124 -18.25 60.18 -119.45
C PRO DB 124 -17.32 60.08 -120.66
N LEU DB 125 -16.03 60.05 -120.39
CA LEU DB 125 -15.02 59.99 -121.44
C LEU DB 125 -15.09 58.66 -122.16
N GLY DB 126 -15.34 58.70 -123.47
CA GLY DB 126 -15.44 57.49 -124.26
C GLY DB 126 -15.86 57.75 -125.69
N ARG DB 127 -14.96 58.31 -126.49
CA ARG DB 127 -15.25 58.60 -127.89
C ARG DB 127 -14.43 57.70 -128.82
N SER EB 1 -26.09 56.65 -125.84
CA SER EB 1 -26.16 55.31 -125.27
C SER EB 1 -27.52 54.68 -125.56
N LYS EB 2 -28.31 54.44 -124.53
CA LYS EB 2 -29.68 53.97 -124.68
C LYS EB 2 -30.60 55.18 -124.63
N THR EB 3 -31.35 55.40 -125.71
CA THR EB 3 -32.24 56.55 -125.81
C THR EB 3 -33.70 56.09 -125.78
N ILE EB 4 -34.53 56.85 -125.08
CA ILE EB 4 -35.96 56.58 -124.96
C ILE EB 4 -36.71 57.83 -125.39
N VAL EB 5 -37.60 57.68 -126.37
CA VAL EB 5 -38.38 58.79 -126.89
C VAL EB 5 -39.79 58.72 -126.34
N LEU EB 6 -40.24 59.80 -125.71
CA LEU EB 6 -41.58 59.89 -125.15
C LEU EB 6 -42.35 61.00 -125.84
N SER EB 7 -43.55 60.68 -126.30
CA SER EB 7 -44.40 61.63 -127.02
C SER EB 7 -45.43 62.19 -126.05
N VAL EB 8 -45.39 63.51 -125.83
CA VAL EB 8 -46.35 64.16 -124.93
C VAL EB 8 -47.57 64.69 -125.67
N GLY EB 9 -47.54 64.75 -127.00
CA GLY EB 9 -48.64 65.27 -127.77
C GLY EB 9 -48.21 66.22 -128.86
N GLU EB 10 -47.36 67.19 -128.49
CA GLU EB 10 -46.82 68.15 -129.45
C GLU EB 10 -45.30 68.16 -129.51
N ALA EB 11 -44.61 67.68 -128.49
CA ALA EB 11 -43.15 67.61 -128.48
C ALA EB 11 -42.71 66.22 -128.06
N THR EB 12 -41.44 65.92 -128.31
CA THR EB 12 -40.86 64.62 -128.02
C THR EB 12 -39.70 64.81 -127.06
N ARG EB 13 -39.74 64.12 -125.92
CA ARG EB 13 -38.69 64.16 -124.93
C ARG EB 13 -37.78 62.95 -125.07
N THR EB 14 -36.49 63.15 -124.78
CA THR EB 14 -35.47 62.12 -124.93
C THR EB 14 -34.80 61.86 -123.58
N LEU EB 15 -34.84 60.61 -123.15
CA LEU EB 15 -34.16 60.18 -121.94
C LEU EB 15 -32.95 59.33 -122.32
N THR EB 16 -31.82 59.59 -121.66
CA THR EB 16 -30.56 58.93 -121.99
C THR EB 16 -30.10 58.09 -120.80
N GLU EB 17 -29.58 56.90 -121.10
CA GLU EB 17 -29.02 56.04 -120.07
C GLU EB 17 -27.73 56.65 -119.52
N ILE EB 18 -27.60 56.72 -118.20
CA ILE EB 18 -26.42 57.33 -117.59
C ILE EB 18 -25.65 56.37 -116.68
N GLN EB 19 -26.34 55.55 -115.89
CA GLN EB 19 -25.68 54.66 -114.94
C GLN EB 19 -26.07 53.23 -115.28
N SER EB 20 -25.39 52.66 -116.29
CA SER EB 20 -25.70 51.32 -116.78
C SER EB 20 -25.18 50.29 -115.79
N THR EB 21 -26.09 49.68 -115.04
CA THR EB 21 -25.75 48.61 -114.11
C THR EB 21 -26.92 47.63 -114.05
N ALA EB 22 -26.60 46.38 -113.73
CA ALA EB 22 -27.62 45.33 -113.73
C ALA EB 22 -28.65 45.56 -112.64
N ASP EB 23 -28.20 45.72 -111.40
CA ASP EB 23 -29.12 45.85 -110.27
C ASP EB 23 -29.70 47.25 -110.13
N ARG EB 24 -29.27 48.21 -110.95
CA ARG EB 24 -29.79 49.58 -110.86
C ARG EB 24 -29.53 50.28 -112.19
N GLN EB 25 -30.59 50.55 -112.93
CA GLN EB 25 -30.51 51.28 -114.19
C GLN EB 25 -31.10 52.68 -113.98
N ILE EB 26 -30.29 53.70 -114.26
CA ILE EB 26 -30.66 55.09 -114.03
C ILE EB 26 -30.74 55.80 -115.38
N PHE EB 27 -31.94 56.17 -115.79
CA PHE EB 27 -32.16 56.95 -117.00
C PHE EB 27 -32.43 58.40 -116.62
N GLU EB 28 -31.80 59.31 -117.36
CA GLU EB 28 -31.95 60.74 -117.12
C GLU EB 28 -32.41 61.42 -118.40
N GLU EB 29 -33.29 62.40 -118.25
CA GLU EB 29 -33.77 63.17 -119.40
C GLU EB 29 -32.80 64.31 -119.69
N LYS EB 30 -32.48 64.48 -120.97
CA LYS EB 30 -31.56 65.52 -121.43
C LYS EB 30 -32.36 66.57 -122.20
N VAL EB 31 -32.56 67.72 -121.59
CA VAL EB 31 -33.26 68.84 -122.23
C VAL EB 31 -32.45 70.11 -122.03
N GLY EB 32 -32.12 70.42 -120.78
CA GLY EB 32 -31.35 71.60 -120.46
C GLY EB 32 -30.55 71.41 -119.18
N PRO EB 33 -31.07 71.92 -118.06
CA PRO EB 33 -30.38 71.74 -116.78
C PRO EB 33 -30.49 70.29 -116.31
N LEU EB 34 -29.33 69.66 -116.12
CA LEU EB 34 -29.33 68.25 -115.71
C LEU EB 34 -29.80 68.07 -114.28
N VAL EB 35 -29.49 69.03 -113.40
CA VAL EB 35 -29.94 68.95 -112.01
C VAL EB 35 -31.42 69.29 -111.95
N GLY EB 36 -32.17 68.52 -111.16
CA GLY EB 36 -33.59 68.74 -111.02
C GLY EB 36 -34.37 68.48 -112.30
N ARG EB 37 -34.21 67.28 -112.85
CA ARG EB 37 -34.89 66.93 -114.10
C ARG EB 37 -35.68 65.64 -113.93
N LEU EB 38 -35.85 64.89 -115.01
CA LEU EB 38 -36.60 63.64 -114.99
C LEU EB 38 -35.64 62.47 -114.87
N ARG EB 39 -35.82 61.64 -113.85
CA ARG EB 39 -34.99 60.48 -113.62
C ARG EB 39 -35.86 59.25 -113.43
N LEU EB 40 -35.31 58.09 -113.83
CA LEU EB 40 -36.02 56.83 -113.76
C LEU EB 40 -35.06 55.76 -113.25
N THR EB 41 -35.48 55.04 -112.20
CA THR EB 41 -34.69 53.99 -111.59
C THR EB 41 -35.38 52.65 -111.82
N ALA EB 42 -34.67 51.70 -112.39
CA ALA EB 42 -35.18 50.37 -112.68
C ALA EB 42 -34.33 49.33 -111.98
N SER EB 43 -34.98 48.32 -111.41
CA SER EB 43 -34.28 47.25 -110.71
C SER EB 43 -35.00 45.94 -110.95
N LEU EB 44 -34.23 44.86 -111.10
CA LEU EB 44 -34.76 43.52 -111.31
C LEU EB 44 -33.98 42.55 -110.44
N ARG EB 45 -34.70 41.65 -109.77
CA ARG EB 45 -34.08 40.71 -108.85
C ARG EB 45 -34.95 39.47 -108.74
N GLN EB 46 -34.54 38.54 -107.89
CA GLN EB 46 -35.25 37.31 -107.60
C GLN EB 46 -35.86 37.40 -106.20
N ASN EB 47 -36.25 36.25 -105.64
CA ASN EB 47 -36.87 36.23 -104.32
C ASN EB 47 -36.90 34.79 -103.80
N GLY EB 48 -36.79 34.66 -102.48
CA GLY EB 48 -36.88 33.37 -101.81
C GLY EB 48 -35.91 32.32 -102.31
N ALA EB 49 -36.45 31.23 -102.84
CA ALA EB 49 -35.63 30.13 -103.36
C ALA EB 49 -35.92 29.95 -104.85
N LYS EB 50 -35.57 30.94 -105.67
CA LYS EB 50 -35.69 30.86 -107.13
C LYS EB 50 -37.15 30.76 -107.60
N THR EB 51 -38.10 31.19 -106.78
CA THR EB 51 -39.53 30.99 -107.10
C THR EB 51 -40.00 32.04 -108.10
N ALA EB 52 -40.23 33.27 -107.62
CA ALA EB 52 -40.71 34.35 -108.48
C ALA EB 52 -39.61 35.39 -108.71
N TYR EB 53 -40.01 36.61 -109.06
CA TYR EB 53 -39.08 37.68 -109.30
C TYR EB 53 -39.62 38.97 -108.68
N ARG EB 54 -38.83 40.03 -108.76
CA ARG EB 54 -39.20 41.32 -108.20
C ARG EB 54 -38.66 42.42 -109.10
N VAL EB 55 -39.57 43.27 -109.59
CA VAL EB 55 -39.21 44.38 -110.46
C VAL EB 55 -39.66 45.67 -109.78
N ASN EB 56 -38.75 46.66 -109.76
CA ASN EB 56 -39.02 47.95 -109.15
C ASN EB 56 -38.78 49.04 -110.18
N LEU EB 57 -39.74 49.95 -110.31
CA LEU EB 57 -39.66 51.06 -111.26
C LEU EB 57 -40.08 52.34 -110.54
N LYS EB 58 -39.17 53.29 -110.44
CA LYS EB 58 -39.43 54.58 -109.79
C LYS EB 58 -39.17 55.70 -110.78
N LEU EB 59 -40.01 56.73 -110.73
CA LEU EB 59 -39.89 57.88 -111.62
C LEU EB 59 -39.95 59.15 -110.78
N ASP EB 60 -38.89 59.95 -110.83
CA ASP EB 60 -38.80 61.17 -110.04
C ASP EB 60 -38.62 62.38 -110.96
N GLN EB 61 -39.15 63.51 -110.53
CA GLN EB 61 -39.03 64.75 -111.27
C GLN EB 61 -39.21 65.92 -110.31
N ALA EB 62 -38.15 66.68 -110.08
CA ALA EB 62 -38.15 67.80 -109.16
C ALA EB 62 -38.14 69.11 -109.96
N ASP EB 63 -39.08 70.00 -109.64
CA ASP EB 63 -39.16 71.29 -110.31
C ASP EB 63 -38.06 72.22 -109.81
N VAL EB 64 -37.64 73.13 -110.68
CA VAL EB 64 -36.58 74.08 -110.36
C VAL EB 64 -37.11 75.49 -110.56
N VAL EB 65 -36.48 76.45 -109.89
CA VAL EB 65 -36.82 77.86 -109.99
C VAL EB 65 -35.55 78.67 -110.09
N ASP EB 66 -35.65 79.84 -110.71
CA ASP EB 66 -34.50 80.71 -110.94
C ASP EB 66 -34.97 82.16 -110.94
N CYS EB 67 -34.11 83.04 -110.40
CA CYS EB 67 -34.42 84.46 -110.32
C CYS EB 67 -33.42 85.33 -111.07
N SER EB 68 -32.55 84.74 -111.91
CA SER EB 68 -31.57 85.54 -112.63
C SER EB 68 -32.21 86.41 -113.71
N THR EB 69 -33.49 86.18 -114.04
CA THR EB 69 -34.14 87.00 -115.05
C THR EB 69 -34.47 88.39 -114.51
N SER EB 70 -34.75 88.51 -113.22
CA SER EB 70 -35.09 89.80 -112.63
C SER EB 70 -34.13 90.14 -111.49
N VAL EB 71 -34.03 89.25 -110.51
CA VAL EB 71 -33.16 89.45 -109.36
C VAL EB 71 -31.71 89.30 -109.81
N CYS EB 72 -30.82 90.08 -109.20
CA CYS EB 72 -29.39 90.14 -109.45
C CYS EB 72 -28.68 88.79 -109.47
N GLY EB 73 -29.13 87.89 -108.61
CA GLY EB 73 -28.29 86.81 -108.12
C GLY EB 73 -29.05 85.71 -107.39
N GLU EB 74 -29.28 84.59 -108.08
CA GLU EB 74 -29.96 83.45 -107.48
C GLU EB 74 -29.70 82.23 -108.37
N LEU EB 75 -29.03 81.23 -107.82
CA LEU EB 75 -28.77 80.01 -108.57
C LEU EB 75 -30.05 79.20 -108.72
N PRO EB 76 -30.14 78.36 -109.76
CA PRO EB 76 -31.31 77.48 -109.91
C PRO EB 76 -31.47 76.57 -108.70
N LYS EB 77 -32.61 76.70 -108.02
CA LYS EB 77 -32.87 75.98 -106.78
C LYS EB 77 -34.07 75.06 -106.97
N VAL EB 78 -33.95 73.83 -106.46
CA VAL EB 78 -35.05 72.89 -106.55
C VAL EB 78 -36.14 73.26 -105.55
N ARG EB 79 -37.38 72.88 -105.88
CA ARG EB 79 -38.52 73.20 -105.03
C ARG EB 79 -39.00 71.93 -104.38
N TYR EB 80 -39.98 71.22 -104.93
CA TYR EB 80 -40.51 70.01 -104.36
C TYR EB 80 -39.98 68.79 -105.11
N THR EB 81 -40.24 67.61 -104.54
CA THR EB 81 -39.80 66.35 -105.13
C THR EB 81 -40.98 65.38 -105.13
N GLN EB 82 -41.16 64.69 -106.26
CA GLN EB 82 -42.23 63.72 -106.43
C GLN EB 82 -41.63 62.33 -106.63
N VAL EB 83 -42.19 61.35 -105.93
CA VAL EB 83 -41.73 59.97 -105.98
C VAL EB 83 -42.89 59.08 -106.39
N TRP EB 84 -42.71 58.30 -107.45
CA TRP EB 84 -43.72 57.37 -107.96
C TRP EB 84 -43.02 56.04 -108.22
N SER EB 85 -43.01 55.18 -107.20
CA SER EB 85 -42.38 53.87 -107.29
C SER EB 85 -43.40 52.81 -107.70
N HIS EB 86 -42.88 51.64 -108.05
CA HIS EB 86 -43.72 50.52 -108.46
C HIS EB 86 -43.18 49.24 -107.81
N ASP EB 87 -43.93 48.15 -108.02
CA ASP EB 87 -43.53 46.85 -107.46
C ASP EB 87 -44.23 45.78 -108.29
N VAL EB 88 -43.44 44.97 -109.00
CA VAL EB 88 -43.94 43.90 -109.84
C VAL EB 88 -43.47 42.57 -109.27
N THR EB 89 -44.43 41.73 -108.86
CA THR EB 89 -44.16 40.41 -108.31
C THR EB 89 -44.89 39.38 -109.16
N ILE EB 90 -44.28 39.00 -110.27
CA ILE EB 90 -44.85 38.04 -111.22
C ILE EB 90 -43.97 36.80 -111.21
N VAL EB 91 -44.60 35.64 -110.98
CA VAL EB 91 -43.85 34.38 -110.98
C VAL EB 91 -43.48 33.99 -112.40
N ALA EB 92 -42.43 33.17 -112.53
CA ALA EB 92 -41.97 32.75 -113.85
C ALA EB 92 -42.98 31.81 -114.51
N ASN EB 93 -43.29 30.71 -113.85
CA ASN EB 93 -44.25 29.72 -114.38
C ASN EB 93 -45.66 30.29 -114.21
N SER EB 94 -46.05 31.16 -115.15
CA SER EB 94 -47.36 31.76 -115.13
C SER EB 94 -48.11 31.46 -116.43
N THR EB 95 -48.74 32.48 -117.00
CA THR EB 95 -49.48 32.33 -118.25
C THR EB 95 -49.31 33.58 -119.09
N GLU EB 96 -48.92 33.39 -120.36
CA GLU EB 96 -48.72 34.54 -121.24
C GLU EB 96 -50.03 35.27 -121.51
N ALA EB 97 -51.12 34.52 -121.71
CA ALA EB 97 -52.42 35.16 -121.95
C ALA EB 97 -52.88 35.93 -120.72
N SER EB 98 -52.68 35.35 -119.52
CA SER EB 98 -53.06 36.05 -118.30
C SER EB 98 -52.22 37.31 -118.10
N ARG EB 99 -50.92 37.24 -118.40
CA ARG EB 99 -50.07 38.42 -118.27
C ARG EB 99 -50.48 39.49 -119.27
N LYS EB 100 -50.83 39.11 -120.49
CA LYS EB 100 -51.28 40.08 -121.48
C LYS EB 100 -52.59 40.72 -121.06
N SER EB 101 -53.52 39.92 -120.52
CA SER EB 101 -54.79 40.48 -120.06
C SER EB 101 -54.57 41.43 -118.89
N LEU EB 102 -53.67 41.09 -117.97
CA LEU EB 102 -53.38 41.97 -116.84
C LEU EB 102 -52.73 43.27 -117.32
N TYR EB 103 -51.82 43.19 -118.29
CA TYR EB 103 -51.21 44.39 -118.83
C TYR EB 103 -52.24 45.27 -119.53
N ASP EB 104 -53.17 44.66 -120.27
CA ASP EB 104 -54.21 45.43 -120.93
C ASP EB 104 -55.14 46.10 -119.92
N LEU EB 105 -55.48 45.38 -118.84
CA LEU EB 105 -56.31 45.97 -117.80
C LEU EB 105 -55.61 47.13 -117.12
N THR EB 106 -54.30 46.98 -116.85
CA THR EB 106 -53.55 48.08 -116.24
C THR EB 106 -53.48 49.28 -117.17
N LYS EB 107 -53.26 49.04 -118.48
CA LYS EB 107 -53.23 50.13 -119.44
C LYS EB 107 -54.57 50.84 -119.52
N SER EB 108 -55.67 50.08 -119.48
CA SER EB 108 -57.00 50.69 -119.51
C SER EB 108 -57.25 51.51 -118.25
N LEU EB 109 -56.87 50.99 -117.08
CA LEU EB 109 -57.05 51.73 -115.84
C LEU EB 109 -56.19 52.99 -115.82
N VAL EB 110 -55.02 52.95 -116.44
CA VAL EB 110 -54.18 54.14 -116.50
C VAL EB 110 -54.76 55.17 -117.45
N ALA EB 111 -55.23 54.73 -118.61
CA ALA EB 111 -55.76 55.64 -119.62
C ALA EB 111 -57.18 56.11 -119.32
N THR EB 112 -57.86 55.53 -118.34
CA THR EB 112 -59.21 55.97 -118.02
C THR EB 112 -59.19 57.37 -117.43
N SER EB 113 -60.37 58.00 -117.42
CA SER EB 113 -60.52 59.37 -116.93
C SER EB 113 -60.68 59.46 -115.42
N GLN EB 114 -60.91 58.34 -114.74
CA GLN EB 114 -61.08 58.34 -113.30
C GLN EB 114 -59.77 58.60 -112.56
N VAL EB 115 -58.69 57.94 -112.98
CA VAL EB 115 -57.39 58.17 -112.34
C VAL EB 115 -56.90 59.58 -112.61
N GLU EB 116 -57.18 60.12 -113.80
CA GLU EB 116 -56.80 61.50 -114.10
C GLU EB 116 -57.50 62.48 -113.16
N ASP EB 117 -58.80 62.27 -112.91
CA ASP EB 117 -59.52 63.13 -111.97
C ASP EB 117 -59.01 62.94 -110.56
N LEU EB 118 -58.71 61.70 -110.16
CA LEU EB 118 -58.15 61.44 -108.84
C LEU EB 118 -56.81 62.15 -108.66
N VAL EB 119 -56.02 62.25 -109.73
CA VAL EB 119 -54.72 62.90 -109.63
C VAL EB 119 -54.88 64.41 -109.60
N VAL EB 120 -55.72 64.97 -110.48
CA VAL EB 120 -55.87 66.41 -110.60
C VAL EB 120 -56.70 66.96 -109.45
N ASN EB 121 -57.99 66.65 -109.43
CA ASN EB 121 -58.92 67.23 -108.46
C ASN EB 121 -58.83 66.58 -107.09
N LEU EB 122 -57.96 65.59 -106.90
CA LEU EB 122 -57.79 64.91 -105.61
C LEU EB 122 -59.09 64.30 -105.10
N VAL EB 123 -59.99 63.94 -106.01
CA VAL EB 123 -61.27 63.33 -105.66
C VAL EB 123 -61.08 61.81 -105.61
N PRO EB 124 -61.55 61.14 -104.56
CA PRO EB 124 -61.37 59.68 -104.49
C PRO EB 124 -62.01 58.97 -105.67
N LEU EB 125 -61.36 57.89 -106.11
CA LEU EB 125 -61.81 57.14 -107.27
C LEU EB 125 -63.14 56.46 -106.96
N GLY EB 126 -64.17 56.79 -107.73
CA GLY EB 126 -65.48 56.21 -107.52
C GLY EB 126 -66.55 56.81 -108.41
N ARG EB 127 -66.50 56.48 -109.70
CA ARG EB 127 -67.48 57.00 -110.65
C ARG EB 127 -68.39 55.88 -111.16
N SER FB 1 -70.84 64.21 -102.81
CA SER FB 1 -71.20 63.41 -101.64
C SER FB 1 -72.25 64.14 -100.82
N LYS FB 2 -71.90 64.55 -99.60
CA LYS FB 2 -72.77 65.37 -98.78
C LYS FB 2 -72.38 66.83 -98.97
N THR FB 3 -73.33 67.64 -99.45
CA THR FB 3 -73.09 69.04 -99.75
C THR FB 3 -73.84 69.92 -98.75
N ILE FB 4 -73.19 71.00 -98.32
CA ILE FB 4 -73.75 71.96 -97.38
C ILE FB 4 -73.64 73.34 -98.01
N VAL FB 5 -74.78 74.03 -98.14
CA VAL FB 5 -74.83 75.35 -98.75
C VAL FB 5 -74.96 76.40 -97.66
N LEU FB 6 -74.04 77.36 -97.64
CA LEU FB 6 -74.05 78.44 -96.66
C LEU FB 6 -74.21 79.77 -97.37
N SER FB 7 -75.17 80.57 -96.92
CA SER FB 7 -75.47 81.87 -97.52
C SER FB 7 -74.81 82.95 -96.69
N VAL FB 8 -73.90 83.70 -97.32
CA VAL FB 8 -73.20 84.79 -96.64
C VAL FB 8 -73.89 86.13 -96.83
N GLY FB 9 -74.83 86.24 -97.76
CA GLY FB 9 -75.52 87.49 -98.02
C GLY FB 9 -75.63 87.78 -99.49
N GLU FB 10 -74.52 87.66 -100.23
CA GLU FB 10 -74.49 87.87 -101.66
C GLU FB 10 -74.00 86.68 -102.46
N ALA FB 11 -73.25 85.76 -101.83
CA ALA FB 11 -72.76 84.57 -102.50
C ALA FB 11 -73.08 83.34 -101.65
N THR FB 12 -72.99 82.17 -102.26
CA THR FB 12 -73.28 80.90 -101.61
C THR FB 12 -72.03 80.03 -101.64
N ARG FB 13 -71.60 79.57 -100.47
CA ARG FB 13 -70.45 78.68 -100.36
C ARG FB 13 -70.91 77.24 -100.20
N THR FB 14 -70.12 76.32 -100.75
CA THR FB 14 -70.45 74.91 -100.77
C THR FB 14 -69.36 74.13 -100.06
N LEU FB 15 -69.74 73.37 -99.03
CA LEU FB 15 -68.84 72.48 -98.31
C LEU FB 15 -69.17 71.03 -98.67
N THR FB 16 -68.13 70.24 -98.94
CA THR FB 16 -68.29 68.87 -99.38
C THR FB 16 -67.71 67.91 -98.35
N GLU FB 17 -68.42 66.81 -98.12
CA GLU FB 17 -67.93 65.77 -97.22
C GLU FB 17 -66.71 65.08 -97.84
N ILE FB 18 -65.65 64.91 -97.06
CA ILE FB 18 -64.42 64.30 -97.58
C ILE FB 18 -64.02 63.04 -96.80
N GLN FB 19 -64.13 63.06 -95.47
CA GLN FB 19 -63.68 61.92 -94.66
C GLN FB 19 -64.89 61.40 -93.89
N SER FB 20 -65.71 60.60 -94.56
CA SER FB 20 -66.94 60.07 -93.97
C SER FB 20 -66.60 58.96 -92.99
N THR FB 21 -66.70 59.27 -91.70
CA THR FB 21 -66.48 58.29 -90.64
C THR FB 21 -67.40 58.63 -89.47
N ALA FB 22 -67.77 57.60 -88.70
CA ALA FB 22 -68.72 57.78 -87.61
C ALA FB 22 -68.14 58.68 -86.51
N ASP FB 23 -66.97 58.32 -86.00
CA ASP FB 23 -66.37 59.05 -84.88
C ASP FB 23 -65.69 60.35 -85.30
N ARG FB 24 -65.61 60.64 -86.61
CA ARG FB 24 -64.96 61.86 -87.07
C ARG FB 24 -65.47 62.16 -88.48
N GLN FB 25 -66.25 63.24 -88.61
CA GLN FB 25 -66.75 63.70 -89.89
C GLN FB 25 -66.01 64.98 -90.27
N ILE FB 26 -65.37 64.98 -91.42
CA ILE FB 26 -64.55 66.09 -91.88
C ILE FB 26 -65.18 66.67 -93.14
N PHE FB 27 -65.71 67.88 -93.03
CA PHE FB 27 -66.25 68.61 -94.18
C PHE FB 27 -65.26 69.67 -94.62
N GLU FB 28 -65.06 69.77 -95.94
CA GLU FB 28 -64.13 70.72 -96.52
C GLU FB 28 -64.88 71.58 -97.53
N GLU FB 29 -64.53 72.87 -97.56
CA GLU FB 29 -65.12 73.79 -98.53
C GLU FB 29 -64.36 73.72 -99.84
N LYS FB 30 -65.10 73.66 -100.95
CA LYS FB 30 -64.54 73.58 -102.29
C LYS FB 30 -64.80 74.89 -103.01
N VAL FB 31 -63.77 75.71 -103.17
CA VAL FB 31 -63.87 76.98 -103.88
C VAL FB 31 -62.72 77.08 -104.87
N GLY FB 32 -61.50 76.92 -104.37
CA GLY FB 32 -60.32 76.99 -105.20
C GLY FB 32 -59.19 76.15 -104.66
N PRO FB 33 -58.25 76.80 -103.95
CA PRO FB 33 -57.15 76.05 -103.33
C PRO FB 33 -57.65 75.23 -102.15
N LEU FB 34 -57.44 73.91 -102.21
CA LEU FB 34 -57.94 73.04 -101.15
C LEU FB 34 -57.13 73.22 -99.87
N VAL FB 35 -55.83 73.47 -99.98
CA VAL FB 35 -55.00 73.68 -98.80
C VAL FB 35 -55.28 75.07 -98.23
N GLY FB 36 -55.40 75.15 -96.91
CA GLY FB 36 -55.68 76.40 -96.24
C GLY FB 36 -57.06 76.95 -96.56
N ARG FB 37 -58.09 76.14 -96.33
CA ARG FB 37 -59.47 76.56 -96.61
C ARG FB 37 -60.34 76.41 -95.38
N LEU FB 38 -61.63 76.16 -95.58
CA LEU FB 38 -62.59 76.02 -94.50
C LEU FB 38 -62.81 74.54 -94.23
N ARG FB 39 -62.57 74.13 -92.98
CA ARG FB 39 -62.75 72.74 -92.58
C ARG FB 39 -63.62 72.68 -91.32
N LEU FB 40 -64.37 71.58 -91.20
CA LEU FB 40 -65.28 71.38 -90.09
C LEU FB 40 -65.16 69.95 -89.60
N THR FB 41 -64.93 69.78 -88.30
CA THR FB 41 -64.78 68.47 -87.68
C THR FB 41 -65.95 68.24 -86.73
N ALA FB 42 -66.66 67.14 -86.93
CA ALA FB 42 -67.80 66.77 -86.10
C ALA FB 42 -67.55 65.41 -85.46
N SER FB 43 -67.93 65.29 -84.19
CA SER FB 43 -67.76 64.04 -83.46
C SER FB 43 -68.94 63.84 -82.51
N LEU FB 44 -69.38 62.59 -82.38
CA LEU FB 44 -70.47 62.22 -81.50
C LEU FB 44 -70.09 60.96 -80.75
N ARG FB 45 -70.35 60.94 -79.44
CA ARG FB 45 -69.97 59.82 -78.60
C ARG FB 45 -70.91 59.77 -77.40
N GLN FB 46 -70.64 58.82 -76.50
CA GLN FB 46 -71.37 58.63 -75.26
C GLN FB 46 -70.49 59.08 -74.09
N ASN FB 47 -70.85 58.66 -72.88
CA ASN FB 47 -70.10 59.05 -71.68
C ASN FB 47 -70.53 58.18 -70.51
N GLY FB 48 -69.59 57.90 -69.61
CA GLY FB 48 -69.84 57.17 -68.39
C GLY FB 48 -70.45 55.79 -68.59
N ALA FB 49 -71.66 55.60 -68.07
CA ALA FB 49 -72.37 54.34 -68.18
C ALA FB 49 -73.69 54.55 -68.92
N LYS FB 50 -73.62 54.93 -70.20
CA LYS FB 50 -74.79 55.08 -71.06
C LYS FB 50 -75.72 56.21 -70.60
N THR FB 51 -75.21 57.17 -69.84
CA THR FB 51 -76.07 58.21 -69.25
C THR FB 51 -76.39 59.28 -70.28
N ALA FB 52 -75.44 60.17 -70.55
CA ALA FB 52 -75.63 61.26 -71.50
C ALA FB 52 -74.83 61.03 -72.77
N TYR FB 53 -74.56 62.10 -73.51
CA TYR FB 53 -73.79 62.02 -74.74
C TYR FB 53 -72.81 63.18 -74.79
N ARG FB 54 -71.98 63.18 -75.83
CA ARG FB 54 -70.97 64.22 -76.02
C ARG FB 54 -70.84 64.52 -77.50
N VAL FB 55 -71.06 65.78 -77.88
CA VAL FB 55 -70.94 66.23 -79.26
C VAL FB 55 -69.88 67.31 -79.34
N ASN FB 56 -68.99 67.17 -80.31
CA ASN FB 56 -67.90 68.13 -80.51
C ASN FB 56 -67.97 68.66 -81.93
N LEU FB 57 -67.90 69.99 -82.07
CA LEU FB 57 -67.95 70.65 -83.38
C LEU FB 57 -66.86 71.71 -83.42
N LYS FB 58 -65.91 71.53 -84.34
CA LYS FB 58 -64.80 72.47 -84.51
C LYS FB 58 -64.82 73.01 -85.93
N LEU FB 59 -64.51 74.30 -86.09
CA LEU FB 59 -64.47 74.95 -87.38
C LEU FB 59 -63.16 75.70 -87.52
N ASP FB 60 -62.37 75.34 -88.52
CA ASP FB 60 -61.07 75.95 -88.74
C ASP FB 60 -61.01 76.59 -90.12
N GLN FB 61 -60.24 77.66 -90.23
CA GLN FB 61 -60.06 78.37 -91.50
C GLN FB 61 -58.74 79.14 -91.43
N ALA FB 62 -57.77 78.73 -92.23
CA ALA FB 62 -56.45 79.35 -92.27
C ALA FB 62 -56.31 80.18 -93.54
N ASP FB 63 -55.91 81.44 -93.37
CA ASP FB 63 -55.72 82.32 -94.52
C ASP FB 63 -54.42 81.97 -95.24
N VAL FB 64 -54.41 82.23 -96.55
CA VAL FB 64 -53.26 81.94 -97.39
C VAL FB 64 -52.81 83.23 -98.07
N VAL FB 65 -51.54 83.25 -98.48
CA VAL FB 65 -50.95 84.38 -99.18
C VAL FB 65 -50.11 83.86 -100.34
N ASP FB 66 -49.96 84.69 -101.37
CA ASP FB 66 -49.23 84.32 -102.56
C ASP FB 66 -48.58 85.55 -103.16
N CYS FB 67 -47.38 85.36 -103.72
CA CYS FB 67 -46.63 86.45 -104.33
C CYS FB 67 -46.35 86.23 -105.81
N SER FB 68 -47.00 85.25 -106.45
CA SER FB 68 -46.74 84.99 -107.87
C SER FB 68 -47.27 86.10 -108.77
N THR FB 69 -48.11 86.99 -108.23
CA THR FB 69 -48.64 88.08 -109.04
C THR FB 69 -47.57 89.14 -109.33
N SER FB 70 -46.64 89.34 -108.39
CA SER FB 70 -45.60 90.34 -108.58
C SER FB 70 -44.22 89.71 -108.49
N VAL FB 71 -43.95 89.02 -107.37
CA VAL FB 71 -42.66 88.38 -107.15
C VAL FB 71 -42.57 87.16 -108.07
N CYS FB 72 -41.36 86.90 -108.55
CA CYS FB 72 -40.97 85.80 -109.44
C CYS FB 72 -41.49 84.43 -109.03
N GLY FB 73 -41.54 84.17 -107.74
CA GLY FB 73 -41.48 82.82 -107.20
C GLY FB 73 -41.82 82.71 -105.72
N GLU FB 74 -43.05 82.29 -105.43
CA GLU FB 74 -43.48 82.09 -104.04
C GLU FB 74 -44.74 81.23 -104.07
N LEU FB 75 -44.65 80.05 -103.46
CA LEU FB 75 -45.80 79.16 -103.40
C LEU FB 75 -46.83 79.70 -102.39
N PRO FB 76 -48.10 79.34 -102.57
CA PRO FB 76 -49.13 79.75 -101.59
C PRO FB 76 -48.79 79.25 -100.19
N LYS FB 77 -48.62 80.19 -99.27
CA LYS FB 77 -48.19 79.89 -97.91
C LYS FB 77 -49.28 80.30 -96.93
N VAL FB 78 -49.55 79.43 -95.95
CA VAL FB 78 -50.54 79.74 -94.93
C VAL FB 78 -49.98 80.77 -93.96
N ARG FB 79 -50.87 81.56 -93.36
CA ARG FB 79 -50.47 82.59 -92.42
C ARG FB 79 -50.87 82.16 -91.02
N TYR FB 80 -52.03 82.56 -90.52
CA TYR FB 80 -52.48 82.21 -89.18
C TYR FB 80 -53.52 81.11 -89.25
N THR FB 81 -53.86 80.57 -88.08
CA THR FB 81 -54.84 79.51 -87.95
C THR FB 81 -55.82 79.86 -86.84
N GLN FB 82 -57.11 79.67 -87.10
CA GLN FB 82 -58.16 79.95 -86.14
C GLN FB 82 -58.88 78.66 -85.77
N VAL FB 83 -59.10 78.47 -84.47
CA VAL FB 83 -59.76 77.28 -83.95
C VAL FB 83 -60.98 77.70 -83.14
N TRP FB 84 -62.14 77.15 -83.49
CA TRP FB 84 -63.40 77.44 -82.81
C TRP FB 84 -64.10 76.11 -82.55
N SER FB 85 -63.82 75.50 -81.40
CA SER FB 85 -64.39 74.23 -81.03
C SER FB 85 -65.65 74.43 -80.19
N HIS FB 86 -66.40 73.34 -80.01
CA HIS FB 86 -67.63 73.36 -79.24
C HIS FB 86 -67.67 72.13 -78.34
N ASP FB 87 -68.69 72.08 -77.49
CA ASP FB 87 -68.87 70.95 -76.57
C ASP FB 87 -70.35 70.90 -76.17
N VAL FB 88 -71.03 69.84 -76.56
CA VAL FB 88 -72.46 69.67 -76.27
C VAL FB 88 -72.60 68.46 -75.35
N THR FB 89 -73.11 68.69 -74.15
CA THR FB 89 -73.34 67.64 -73.16
C THR FB 89 -74.81 67.67 -72.78
N ILE FB 90 -75.64 67.02 -73.60
CA ILE FB 90 -77.08 66.96 -73.40
C ILE FB 90 -77.47 65.52 -73.11
N VAL FB 91 -78.18 65.31 -72.01
CA VAL FB 91 -78.61 63.96 -71.64
C VAL FB 91 -79.76 63.53 -72.54
N ALA FB 92 -79.94 62.22 -72.67
CA ALA FB 92 -80.99 61.68 -73.52
C ALA FB 92 -82.37 61.97 -72.94
N ASN FB 93 -82.62 61.51 -71.71
CA ASN FB 93 -83.90 61.72 -71.05
C ASN FB 93 -83.97 63.17 -70.56
N SER FB 94 -84.32 64.06 -71.50
CA SER FB 94 -84.44 65.48 -71.19
C SER FB 94 -85.84 65.98 -71.52
N THR FB 95 -85.93 67.14 -72.17
CA THR FB 95 -87.20 67.72 -72.55
C THR FB 95 -87.07 68.39 -73.90
N GLU FB 96 -87.98 68.06 -74.82
CA GLU FB 96 -87.93 68.65 -76.15
C GLU FB 96 -88.18 70.15 -76.11
N ALA FB 97 -89.15 70.58 -75.29
CA ALA FB 97 -89.42 72.02 -75.17
C ALA FB 97 -88.23 72.76 -74.57
N SER FB 98 -87.60 72.18 -73.56
CA SER FB 98 -86.42 72.81 -72.96
C SER FB 98 -85.27 72.88 -73.96
N ARG FB 99 -85.07 71.82 -74.73
CA ARG FB 99 -84.01 71.84 -75.75
C ARG FB 99 -84.29 72.88 -76.81
N LYS FB 100 -85.55 73.02 -77.24
CA LYS FB 100 -85.90 74.02 -78.22
C LYS FB 100 -85.70 75.43 -77.67
N SER FB 101 -86.08 75.66 -76.42
CA SER FB 101 -85.87 76.97 -75.80
C SER FB 101 -84.39 77.29 -75.67
N LEU FB 102 -83.58 76.30 -75.31
CA LEU FB 102 -82.13 76.51 -75.21
C LEU FB 102 -81.53 76.82 -76.58
N TYR FB 103 -81.98 76.11 -77.62
CA TYR FB 103 -81.48 76.38 -78.97
C TYR FB 103 -81.88 77.78 -79.42
N ASP FB 104 -83.11 78.19 -79.12
CA ASP FB 104 -83.54 79.54 -79.48
C ASP FB 104 -82.74 80.60 -78.74
N LEU FB 105 -82.46 80.38 -77.45
CA LEU FB 105 -81.65 81.32 -76.69
C LEU FB 105 -80.23 81.40 -77.24
N THR FB 106 -79.66 80.26 -77.63
CA THR FB 106 -78.32 80.27 -78.21
C THR FB 106 -78.31 81.00 -79.55
N LYS FB 107 -79.35 80.78 -80.37
CA LYS FB 107 -79.43 81.47 -81.65
C LYS FB 107 -79.57 82.98 -81.46
N SER FB 108 -80.37 83.39 -80.47
CA SER FB 108 -80.53 84.82 -80.19
C SER FB 108 -79.22 85.43 -79.69
N LEU FB 109 -78.51 84.72 -78.81
CA LEU FB 109 -77.23 85.23 -78.32
C LEU FB 109 -76.19 85.29 -79.44
N VAL FB 110 -76.26 84.38 -80.40
CA VAL FB 110 -75.33 84.43 -81.52
C VAL FB 110 -75.67 85.58 -82.46
N ALA FB 111 -76.96 85.77 -82.75
CA ALA FB 111 -77.38 86.81 -83.68
C ALA FB 111 -77.40 88.20 -83.06
N THR FB 112 -77.24 88.32 -81.75
CA THR FB 112 -77.24 89.64 -81.12
C THR FB 112 -76.00 90.43 -81.55
N SER FB 113 -76.06 91.74 -81.32
CA SER FB 113 -74.99 92.65 -81.70
C SER FB 113 -73.88 92.74 -80.68
N GLN FB 114 -74.07 92.19 -79.48
CA GLN FB 114 -73.05 92.23 -78.45
C GLN FB 114 -71.89 91.29 -78.73
N VAL FB 115 -72.19 90.07 -79.17
CA VAL FB 115 -71.12 89.12 -79.50
C VAL FB 115 -70.35 89.59 -80.73
N GLU FB 116 -71.04 90.22 -81.68
CA GLU FB 116 -70.34 90.77 -82.86
C GLU FB 116 -69.34 91.85 -82.45
N ASP FB 117 -69.75 92.74 -81.53
CA ASP FB 117 -68.82 93.76 -81.05
C ASP FB 117 -67.69 93.15 -80.26
N LEU FB 118 -67.98 92.14 -79.43
CA LEU FB 118 -66.94 91.44 -78.68
C LEU FB 118 -65.92 90.79 -79.62
N VAL FB 119 -66.38 90.29 -80.76
CA VAL FB 119 -65.48 89.64 -81.70
C VAL FB 119 -64.66 90.67 -82.47
N VAL FB 120 -65.31 91.74 -82.95
CA VAL FB 120 -64.64 92.73 -83.79
C VAL FB 120 -63.77 93.64 -82.94
N ASN FB 121 -64.40 94.48 -82.11
CA ASN FB 121 -63.68 95.50 -81.36
C ASN FB 121 -62.98 94.95 -80.12
N LEU FB 122 -63.09 93.65 -79.86
CA LEU FB 122 -62.45 93.01 -78.70
C LEU FB 122 -62.87 93.66 -77.38
N VAL FB 123 -64.09 94.21 -77.34
CA VAL FB 123 -64.62 94.83 -76.13
C VAL FB 123 -65.36 93.78 -75.33
N PRO FB 124 -65.13 93.67 -74.03
CA PRO FB 124 -65.83 92.65 -73.22
C PRO FB 124 -67.34 92.82 -73.30
N LEU FB 125 -68.04 91.69 -73.30
CA LEU FB 125 -69.49 91.67 -73.41
C LEU FB 125 -70.11 92.29 -72.16
N GLY FB 126 -70.87 93.37 -72.36
CA GLY FB 126 -71.51 94.06 -71.25
C GLY FB 126 -72.23 95.33 -71.67
N ARG FB 127 -73.35 95.19 -72.36
CA ARG FB 127 -74.12 96.34 -72.81
C ARG FB 127 -75.45 96.44 -72.06
N SER GB 1 -2.94 -5.94 -138.11
CA SER GB 1 -2.69 -4.89 -137.13
C SER GB 1 -1.42 -4.14 -137.47
N LYS GB 2 -0.40 -4.25 -136.61
CA LYS GB 2 0.90 -3.69 -136.90
C LYS GB 2 1.78 -4.79 -137.50
N THR GB 3 2.26 -4.56 -138.71
CA THR GB 3 3.06 -5.54 -139.44
C THR GB 3 4.49 -5.06 -139.55
N ILE GB 4 5.43 -5.98 -139.39
CA ILE GB 4 6.86 -5.70 -139.50
C ILE GB 4 7.45 -6.67 -140.51
N VAL GB 5 8.10 -6.14 -141.54
CA VAL GB 5 8.69 -6.93 -142.61
C VAL GB 5 10.20 -6.99 -142.39
N LEU GB 6 10.75 -8.21 -142.33
CA LEU GB 6 12.16 -8.44 -142.14
C LEU GB 6 12.71 -9.18 -143.34
N SER GB 7 13.79 -8.65 -143.92
CA SER GB 7 14.42 -9.23 -145.10
C SER GB 7 15.64 -10.05 -144.66
N VAL GB 8 15.59 -11.36 -144.94
CA VAL GB 8 16.70 -12.25 -144.58
C VAL GB 8 17.70 -12.40 -145.72
N GLY GB 9 17.37 -11.99 -146.93
CA GLY GB 9 18.25 -12.13 -148.06
C GLY GB 9 17.55 -12.65 -149.30
N GLU GB 10 16.76 -13.72 -149.13
CA GLU GB 10 15.99 -14.30 -150.22
C GLU GB 10 14.49 -14.36 -149.94
N ALA GB 11 14.07 -14.31 -148.69
CA ALA GB 11 12.66 -14.33 -148.32
C ALA GB 11 12.38 -13.20 -147.34
N THR GB 12 11.09 -12.89 -147.18
CA THR GB 12 10.64 -11.83 -146.30
C THR GB 12 9.72 -12.41 -145.25
N ARG GB 13 10.05 -12.18 -143.98
CA ARG GB 13 9.25 -12.63 -142.85
C ARG GB 13 8.37 -11.50 -142.34
N THR GB 14 7.18 -11.86 -141.86
CA THR GB 14 6.19 -10.89 -141.39
C THR GB 14 5.86 -11.17 -139.94
N LEU GB 15 6.03 -10.16 -139.09
CA LEU GB 15 5.66 -10.23 -137.68
C LEU GB 15 4.43 -9.37 -137.45
N THR GB 16 3.47 -9.91 -136.71
CA THR GB 16 2.20 -9.24 -136.46
C THR GB 16 2.04 -8.91 -134.98
N GLU GB 17 1.51 -7.72 -134.70
CA GLU GB 17 1.23 -7.33 -133.33
C GLU GB 17 0.09 -8.16 -132.77
N ILE GB 18 0.24 -8.70 -131.56
CA ILE GB 18 -0.77 -9.56 -130.98
C ILE GB 18 -1.28 -9.02 -129.63
N GLN GB 19 -0.40 -8.52 -128.78
CA GLN GB 19 -0.79 -8.07 -127.45
C GLN GB 19 -0.44 -6.59 -127.32
N SER GB 20 -1.31 -5.74 -127.87
CA SER GB 20 -1.07 -4.30 -127.90
C SER GB 20 -1.32 -3.72 -126.51
N THR GB 21 -0.25 -3.38 -125.80
CA THR GB 21 -0.32 -2.74 -124.50
C THR GB 21 0.86 -1.79 -124.35
N ALA GB 22 0.68 -0.75 -123.54
CA ALA GB 22 1.71 0.27 -123.39
C ALA GB 22 2.96 -0.29 -122.71
N ASP GB 23 2.79 -0.91 -121.54
CA ASP GB 23 3.93 -1.41 -120.78
C ASP GB 23 4.48 -2.73 -121.30
N ARG GB 24 3.84 -3.35 -122.29
CA ARG GB 24 4.32 -4.63 -122.82
C ARG GB 24 3.73 -4.80 -124.23
N GLN GB 25 4.59 -4.73 -125.23
CA GLN GB 25 4.20 -4.96 -126.62
C GLN GB 25 4.76 -6.31 -127.07
N ILE GB 26 3.88 -7.20 -127.52
CA ILE GB 26 4.24 -8.55 -127.90
C ILE GB 26 3.99 -8.72 -129.38
N PHE GB 27 5.06 -8.85 -130.16
CA PHE GB 27 4.96 -9.13 -131.59
C PHE GB 27 5.25 -10.60 -131.84
N GLU GB 28 4.44 -11.22 -132.70
CA GLU GB 28 4.58 -12.62 -133.04
C GLU GB 28 4.71 -12.77 -134.55
N GLU GB 29 5.57 -13.69 -134.97
CA GLU GB 29 5.75 -13.97 -136.39
C GLU GB 29 4.70 -14.97 -136.86
N LYS GB 30 4.09 -14.67 -138.01
CA LYS GB 30 3.06 -15.52 -138.59
C LYS GB 30 3.61 -16.17 -139.86
N VAL GB 31 3.91 -17.47 -139.76
CA VAL GB 31 4.41 -18.22 -140.91
C VAL GB 31 3.62 -19.53 -141.02
N GLY GB 32 3.57 -20.29 -139.92
CA GLY GB 32 2.85 -21.54 -139.89
C GLY GB 32 2.36 -21.87 -138.49
N PRO GB 33 3.10 -22.72 -137.78
CA PRO GB 33 2.73 -23.06 -136.40
C PRO GB 33 3.00 -21.87 -135.48
N LEU GB 34 1.94 -21.42 -134.81
CA LEU GB 34 2.07 -20.25 -133.93
C LEU GB 34 2.87 -20.59 -132.68
N VAL GB 35 2.73 -21.81 -132.16
CA VAL GB 35 3.49 -22.22 -130.98
C VAL GB 35 4.93 -22.49 -131.36
N GLY GB 36 5.87 -22.01 -130.54
CA GLY GB 36 7.27 -22.20 -130.83
C GLY GB 36 7.74 -21.46 -132.05
N ARG GB 37 7.51 -20.14 -132.09
CA ARG GB 37 7.90 -19.33 -133.23
C ARG GB 37 8.76 -18.16 -132.78
N LEU GB 38 8.71 -17.05 -133.53
CA LEU GB 38 9.49 -15.86 -133.23
C LEU GB 38 8.61 -14.87 -132.47
N ARG GB 39 9.06 -14.46 -131.28
CA ARG GB 39 8.34 -13.50 -130.46
C ARG GB 39 9.28 -12.38 -130.04
N LEU GB 40 8.70 -11.19 -129.85
CA LEU GB 40 9.45 -10.00 -129.48
C LEU GB 40 8.68 -9.24 -128.42
N THR GB 41 9.35 -8.94 -127.31
CA THR GB 41 8.76 -8.22 -126.19
C THR GB 41 9.43 -6.86 -126.07
N ALA GB 42 8.63 -5.80 -126.09
CA ALA GB 42 9.12 -4.43 -125.97
C ALA GB 42 8.48 -3.76 -124.77
N SER GB 43 9.30 -2.99 -124.03
CA SER GB 43 8.81 -2.29 -122.85
C SER GB 43 9.51 -0.95 -122.74
N LEU GB 44 8.75 0.07 -122.33
CA LEU GB 44 9.27 1.42 -122.14
C LEU GB 44 8.75 1.96 -120.82
N ARG GB 45 9.63 2.60 -120.05
CA ARG GB 45 9.27 3.11 -118.73
C ARG GB 45 10.18 4.28 -118.38
N GLN GB 46 10.01 4.80 -117.17
CA GLN GB 46 10.83 5.88 -116.63
C GLN GB 46 11.73 5.31 -115.53
N ASN GB 47 12.27 6.19 -114.69
CA ASN GB 47 13.18 5.77 -113.63
C ASN GB 47 13.38 6.92 -112.65
N GLY GB 48 13.58 6.55 -111.37
CA GLY GB 48 13.87 7.52 -110.32
C GLY GB 48 12.85 8.62 -110.17
N ALA GB 49 13.29 9.86 -110.38
CA ALA GB 49 12.42 11.03 -110.26
C ALA GB 49 12.37 11.76 -111.60
N LYS GB 50 11.80 11.12 -112.63
CA LYS GB 50 11.60 11.72 -113.95
C LYS GB 50 12.91 12.06 -114.67
N THR GB 51 14.01 11.41 -114.29
CA THR GB 51 15.33 11.78 -114.83
C THR GB 51 15.52 11.18 -116.22
N ALA GB 52 15.81 9.89 -116.29
CA ALA GB 52 16.04 9.22 -117.56
C ALA GB 52 14.88 8.29 -117.91
N TYR GB 53 15.15 7.30 -118.75
CA TYR GB 53 14.14 6.33 -119.16
C TYR GB 53 14.77 4.94 -119.18
N ARG GB 54 13.93 3.94 -119.47
CA ARG GB 54 14.38 2.56 -119.52
C ARG GB 54 13.62 1.84 -120.61
N VAL GB 55 14.35 1.28 -121.57
CA VAL GB 55 13.76 0.54 -122.68
C VAL GB 55 14.30 -0.89 -122.65
N ASN GB 56 13.39 -1.86 -122.77
CA ASN GB 56 13.75 -3.27 -122.76
C ASN GB 56 13.24 -3.93 -124.03
N LEU GB 57 14.11 -4.68 -124.70
CA LEU GB 57 13.77 -5.36 -125.95
C LEU GB 57 14.30 -6.79 -125.86
N LYS GB 58 13.40 -7.77 -125.91
CA LYS GB 58 13.75 -9.17 -125.85
C LYS GB 58 13.24 -9.88 -127.09
N LEU GB 59 14.03 -10.81 -127.61
CA LEU GB 59 13.66 -11.57 -128.81
C LEU GB 59 13.88 -13.05 -128.53
N ASP GB 60 12.81 -13.83 -128.62
CA ASP GB 60 12.85 -15.26 -128.34
C ASP GB 60 12.42 -16.05 -129.57
N GLN GB 61 12.98 -17.24 -129.71
CA GLN GB 61 12.65 -18.13 -130.83
C GLN GB 61 13.01 -19.56 -130.40
N ALA GB 62 11.99 -20.40 -130.25
CA ALA GB 62 12.17 -21.78 -129.83
C ALA GB 62 11.93 -22.71 -131.02
N ASP GB 63 12.89 -23.60 -131.27
CA ASP GB 63 12.75 -24.55 -132.36
C ASP GB 63 11.77 -25.66 -132.00
N VAL GB 64 11.13 -26.20 -133.03
CA VAL GB 64 10.13 -27.26 -132.84
C VAL GB 64 10.56 -28.47 -133.67
N VAL GB 65 10.06 -29.64 -133.26
CA VAL GB 65 10.32 -30.89 -133.95
C VAL GB 65 9.02 -31.68 -134.05
N ASP GB 66 8.94 -32.53 -135.06
CA ASP GB 66 7.74 -33.32 -135.32
C ASP GB 66 8.14 -34.64 -135.95
N CYS GB 67 7.40 -35.70 -135.60
CA CYS GB 67 7.65 -37.03 -136.11
C CYS GB 67 6.49 -37.62 -136.89
N SER GB 68 5.48 -36.81 -137.24
CA SER GB 68 4.32 -37.33 -137.96
C SER GB 68 4.67 -37.72 -139.39
N THR GB 69 5.84 -37.32 -139.89
CA THR GB 69 6.23 -37.70 -141.24
C THR GB 69 6.60 -39.16 -141.35
N SER GB 70 7.18 -39.74 -140.29
CA SER GB 70 7.59 -41.13 -140.30
C SER GB 70 6.91 -41.91 -139.18
N VAL GB 71 7.07 -41.44 -137.95
CA VAL GB 71 6.48 -42.09 -136.79
C VAL GB 71 4.97 -41.85 -136.82
N CYS GB 72 4.21 -42.85 -136.35
CA CYS GB 72 2.75 -42.88 -136.29
C CYS GB 72 2.12 -41.65 -135.65
N GLY GB 73 2.77 -41.10 -134.63
CA GLY GB 73 2.11 -40.32 -133.61
C GLY GB 73 3.04 -39.53 -132.72
N GLU GB 74 3.16 -38.23 -132.99
CA GLU GB 74 4.00 -37.35 -132.18
C GLU GB 74 3.60 -35.91 -132.48
N LEU GB 75 3.10 -35.21 -131.47
CA LEU GB 75 2.72 -33.82 -131.65
C LEU GB 75 3.96 -32.94 -131.76
N PRO GB 76 3.85 -31.78 -132.42
CA PRO GB 76 4.99 -30.85 -132.49
C PRO GB 76 5.45 -30.44 -131.10
N LYS GB 77 6.70 -30.75 -130.79
CA LYS GB 77 7.28 -30.51 -129.47
C LYS GB 77 8.43 -29.53 -129.57
N VAL GB 78 8.47 -28.58 -128.64
CA VAL GB 78 9.56 -27.60 -128.62
C VAL GB 78 10.83 -28.27 -128.10
N ARG GB 79 11.97 -27.74 -128.53
CA ARG GB 79 13.26 -28.28 -128.14
C ARG GB 79 13.92 -27.30 -127.19
N TYR GB 80 14.78 -26.42 -127.67
CA TYR GB 80 15.48 -25.45 -126.82
C TYR GB 80 14.83 -24.08 -126.94
N THR GB 81 15.25 -23.17 -126.05
CA THR GB 81 14.75 -21.81 -126.01
C THR GB 81 15.91 -20.85 -125.94
N GLN GB 82 15.87 -19.79 -126.74
CA GLN GB 82 16.90 -18.78 -126.77
C GLN GB 82 16.33 -17.44 -126.31
N VAL GB 83 17.07 -16.75 -125.45
CA VAL GB 83 16.66 -15.47 -124.89
C VAL GB 83 17.73 -14.44 -125.20
N TRP GB 84 17.34 -13.34 -125.83
CA TRP GB 84 18.23 -12.24 -126.18
C TRP GB 84 17.56 -10.94 -125.77
N SER GB 85 17.80 -10.51 -124.53
CA SER GB 85 17.21 -9.28 -124.00
C SER GB 85 18.15 -8.10 -124.20
N HIS GB 86 17.61 -6.90 -123.98
CA HIS GB 86 18.38 -5.67 -124.13
C HIS GB 86 18.06 -4.75 -122.96
N ASP GB 87 18.77 -3.63 -122.91
CA ASP GB 87 18.56 -2.64 -121.85
C ASP GB 87 19.09 -1.30 -122.35
N VAL GB 88 18.19 -0.33 -122.53
CA VAL GB 88 18.53 1.00 -123.01
C VAL GB 88 18.26 2.00 -121.89
N THR GB 89 19.30 2.67 -121.44
CA THR GB 89 19.22 3.68 -120.39
C THR GB 89 19.77 5.00 -120.95
N ILE GB 90 18.93 5.72 -121.69
CA ILE GB 90 19.31 6.99 -122.31
C ILE GB 90 18.51 8.10 -121.66
N VAL GB 91 19.21 9.13 -121.17
CA VAL GB 91 18.53 10.25 -120.54
C VAL GB 91 17.86 11.12 -121.60
N ALA GB 92 16.85 11.87 -121.19
CA ALA GB 92 16.11 12.71 -122.11
C ALA GB 92 16.97 13.88 -122.60
N ASN GB 93 17.47 14.69 -121.67
CA ASN GB 93 18.32 15.84 -122.00
C ASN GB 93 19.71 15.34 -122.37
N SER GB 94 19.83 14.88 -123.62
CA SER GB 94 21.11 14.38 -124.13
C SER GB 94 21.54 15.16 -125.36
N THR GB 95 22.00 14.46 -126.39
CA THR GB 95 22.44 15.09 -127.63
C THR GB 95 22.04 14.22 -128.80
N GLU GB 96 21.38 14.84 -129.79
CA GLU GB 96 20.94 14.08 -130.96
C GLU GB 96 22.12 13.57 -131.77
N ALA GB 97 23.17 14.39 -131.92
CA ALA GB 97 24.35 13.95 -132.65
C ALA GB 97 25.05 12.80 -131.93
N SER GB 98 25.15 12.89 -130.60
CA SER GB 98 25.77 11.82 -129.84
C SER GB 98 24.95 10.54 -129.92
N ARG GB 99 23.62 10.64 -129.87
CA ARG GB 99 22.78 9.46 -129.99
C ARG GB 99 22.91 8.83 -131.38
N LYS GB 100 22.98 9.66 -132.43
CA LYS GB 100 23.16 9.14 -133.78
C LYS GB 100 24.52 8.46 -133.92
N SER GB 101 25.57 9.05 -133.36
CA SER GB 101 26.89 8.43 -133.42
C SER GB 101 26.91 7.10 -132.67
N LEU GB 102 26.25 7.05 -131.51
CA LEU GB 102 26.19 5.81 -130.75
C LEU GB 102 25.42 4.74 -131.51
N TYR GB 103 24.31 5.12 -132.15
CA TYR GB 103 23.55 4.16 -132.94
C TYR GB 103 24.36 3.65 -134.13
N ASP GB 104 25.11 4.54 -134.78
CA ASP GB 104 25.95 4.12 -135.89
C ASP GB 104 27.05 3.17 -135.42
N LEU GB 105 27.66 3.46 -134.27
CA LEU GB 105 28.68 2.58 -133.73
C LEU GB 105 28.11 1.22 -133.38
N THR GB 106 26.91 1.19 -132.80
CA THR GB 106 26.26 -0.08 -132.48
C THR GB 106 25.94 -0.87 -133.74
N LYS GB 107 25.45 -0.19 -134.78
CA LYS GB 107 25.15 -0.85 -136.04
C LYS GB 107 26.42 -1.42 -136.67
N SER GB 108 27.52 -0.67 -136.61
CA SER GB 108 28.78 -1.16 -137.16
C SER GB 108 29.30 -2.37 -136.38
N LEU GB 109 29.21 -2.32 -135.05
CA LEU GB 109 29.64 -3.45 -134.24
C LEU GB 109 28.76 -4.68 -134.48
N VAL GB 110 27.48 -4.48 -134.76
CA VAL GB 110 26.59 -5.61 -135.05
C VAL GB 110 26.92 -6.19 -136.43
N ALA GB 111 27.13 -5.33 -137.42
CA ALA GB 111 27.38 -5.79 -138.79
C ALA GB 111 28.81 -6.27 -139.01
N THR GB 112 29.71 -6.04 -138.06
CA THR GB 112 31.09 -6.50 -138.23
C THR GB 112 31.15 -8.03 -138.21
N SER GB 113 32.28 -8.55 -138.69
CA SER GB 113 32.49 -9.99 -138.79
C SER GB 113 32.98 -10.61 -137.50
N GLN GB 114 33.41 -9.81 -136.52
CA GLN GB 114 33.89 -10.34 -135.25
C GLN GB 114 32.78 -10.90 -134.38
N VAL GB 115 31.66 -10.20 -134.29
CA VAL GB 115 30.53 -10.70 -133.50
C VAL GB 115 29.93 -11.94 -134.14
N GLU GB 116 29.92 -12.00 -135.48
CA GLU GB 116 29.43 -13.19 -136.16
C GLU GB 116 30.28 -14.41 -135.83
N ASP GB 117 31.61 -14.24 -135.82
CA ASP GB 117 32.50 -15.34 -135.46
C ASP GB 117 32.33 -15.71 -133.99
N LEU GB 118 32.18 -14.71 -133.11
CA LEU GB 118 31.94 -14.99 -131.70
C LEU GB 118 30.66 -15.77 -131.50
N VAL GB 119 29.63 -15.52 -132.31
CA VAL GB 119 28.37 -16.22 -132.18
C VAL GB 119 28.48 -17.64 -132.74
N VAL GB 120 29.07 -17.79 -133.92
CA VAL GB 120 29.14 -19.08 -134.59
C VAL GB 120 30.18 -19.97 -133.94
N ASN GB 121 31.46 -19.62 -134.09
CA ASN GB 121 32.55 -20.47 -133.64
C ASN GB 121 32.81 -20.38 -132.14
N LEU GB 122 32.04 -19.55 -131.41
CA LEU GB 122 32.19 -19.40 -129.97
C LEU GB 122 33.60 -18.97 -129.58
N VAL GB 123 34.28 -18.24 -130.47
CA VAL GB 123 35.62 -17.74 -130.21
C VAL GB 123 35.51 -16.36 -129.58
N PRO GB 124 36.23 -16.08 -128.49
CA PRO GB 124 36.14 -14.77 -127.85
C PRO GB 124 36.50 -13.65 -128.80
N LEU GB 125 35.81 -12.52 -128.66
CA LEU GB 125 36.02 -11.37 -129.53
C LEU GB 125 37.41 -10.78 -129.30
N GLY GB 126 38.22 -10.76 -130.35
CA GLY GB 126 39.56 -10.23 -130.24
C GLY GB 126 40.38 -10.41 -131.50
N ARG GB 127 40.06 -9.64 -132.54
CA ARG GB 127 40.77 -9.72 -133.81
C ARG GB 127 41.59 -8.46 -134.07
N SER HB 1 45.62 -19.20 -130.28
CA SER HB 1 46.27 -18.87 -129.02
C SER HB 1 47.46 -19.80 -128.78
N LYS HB 2 47.37 -20.63 -127.74
CA LYS HB 2 48.37 -21.66 -127.50
C LYS HB 2 47.89 -22.96 -128.12
N THR HB 3 48.65 -23.51 -129.05
CA THR HB 3 48.29 -24.72 -129.77
C THR HB 3 49.21 -25.87 -129.36
N ILE HB 4 48.61 -27.05 -129.20
CA ILE HB 4 49.34 -28.26 -128.84
C ILE HB 4 49.02 -29.32 -129.88
N VAL HB 5 50.06 -29.87 -130.51
CA VAL HB 5 49.91 -30.89 -131.54
C VAL HB 5 50.24 -32.25 -130.95
N LEU HB 6 49.31 -33.19 -131.07
CA LEU HB 6 49.49 -34.55 -130.57
C LEU HB 6 49.42 -35.53 -131.74
N SER HB 7 50.42 -36.39 -131.84
CA SER HB 7 50.51 -37.38 -132.91
C SER HB 7 50.01 -38.72 -132.40
N VAL HB 8 48.94 -39.23 -133.02
CA VAL HB 8 48.37 -40.52 -132.64
C VAL HB 8 48.93 -41.67 -133.45
N GLY HB 9 49.62 -41.39 -134.55
CA GLY HB 9 50.17 -42.44 -135.39
C GLY HB 9 49.92 -42.17 -136.87
N GLU HB 10 48.68 -41.84 -137.21
CA GLU HB 10 48.31 -41.53 -138.58
C GLU HB 10 47.70 -40.15 -138.76
N ALA HB 11 47.17 -39.55 -137.70
CA ALA HB 11 46.59 -38.21 -137.75
C ALA HB 11 47.15 -37.37 -136.61
N THR HB 12 46.98 -36.05 -136.73
CA THR HB 12 47.47 -35.09 -135.75
C THR HB 12 46.30 -34.32 -135.19
N ARG HB 13 46.17 -34.33 -133.86
CA ARG HB 13 45.12 -33.60 -133.17
C ARG HB 13 45.67 -32.28 -132.61
N THR HB 14 44.82 -31.26 -132.60
CA THR HB 14 45.21 -29.92 -132.18
C THR HB 14 44.35 -29.49 -130.99
N LEU HB 15 44.99 -29.14 -129.89
CA LEU HB 15 44.33 -28.61 -128.71
C LEU HB 15 44.63 -27.11 -128.59
N THR HB 16 43.60 -26.32 -128.31
CA THR HB 16 43.71 -24.88 -128.25
C THR HB 16 43.43 -24.38 -126.84
N GLU HB 17 44.23 -23.41 -126.40
CA GLU HB 17 44.02 -22.78 -125.10
C GLU HB 17 42.73 -21.97 -125.13
N ILE HB 18 41.87 -22.13 -124.11
CA ILE HB 18 40.59 -21.44 -124.08
C ILE HB 18 40.44 -20.56 -122.84
N GLN HB 19 40.86 -21.04 -121.67
CA GLN HB 19 40.67 -20.30 -120.42
C GLN HB 19 42.05 -20.03 -119.81
N SER HB 20 42.73 -19.02 -120.32
CA SER HB 20 44.08 -18.68 -119.89
C SER HB 20 44.03 -18.02 -118.52
N THR HB 21 44.42 -18.76 -117.49
CA THR HB 21 44.50 -18.24 -116.13
C THR HB 21 45.65 -18.94 -115.41
N ALA HB 22 46.23 -18.25 -114.43
CA ALA HB 22 47.40 -18.77 -113.74
C ALA HB 22 47.05 -20.02 -112.93
N ASP HB 23 46.05 -19.92 -112.06
CA ASP HB 23 45.69 -21.03 -111.18
C ASP HB 23 44.87 -22.11 -111.87
N ARG HB 24 44.48 -21.92 -113.12
CA ARG HB 24 43.68 -22.92 -113.84
C ARG HB 24 43.83 -22.68 -115.33
N GLN HB 25 44.52 -23.60 -116.01
CA GLN HB 25 44.67 -23.55 -117.46
C GLN HB 25 43.81 -24.63 -118.08
N ILE HB 26 42.92 -24.24 -118.99
CA ILE HB 26 41.95 -25.14 -119.60
C ILE HB 26 42.25 -25.20 -121.09
N PHE HB 27 42.74 -26.35 -121.55
CA PHE HB 27 42.96 -26.60 -122.98
C PHE HB 27 41.84 -27.46 -123.53
N GLU HB 28 41.33 -27.09 -124.71
CA GLU HB 28 40.26 -27.81 -125.36
C GLU HB 28 40.70 -28.22 -126.76
N GLU HB 29 40.30 -29.42 -127.17
CA GLU HB 29 40.61 -29.91 -128.50
C GLU HB 29 39.56 -29.40 -129.50
N LYS HB 30 40.04 -28.91 -130.64
CA LYS HB 30 39.17 -28.38 -131.69
C LYS HB 30 39.20 -29.33 -132.88
N VAL HB 31 38.12 -30.09 -133.06
CA VAL HB 31 38.00 -31.00 -134.19
C VAL HB 31 36.65 -30.80 -134.85
N GLY HB 32 35.57 -30.88 -134.07
CA GLY HB 32 34.24 -30.69 -134.56
C GLY HB 32 33.31 -30.15 -133.50
N PRO HB 33 32.53 -31.04 -132.87
CA PRO HB 33 31.64 -30.61 -131.79
C PRO HB 33 32.44 -30.25 -130.55
N LEU HB 34 32.29 -29.01 -130.08
CA LEU HB 34 33.05 -28.56 -128.93
C LEU HB 34 32.56 -29.21 -127.64
N VAL HB 35 31.25 -29.47 -127.53
CA VAL HB 35 30.72 -30.12 -126.35
C VAL HB 35 31.05 -31.61 -126.40
N GLY HB 36 31.47 -32.15 -125.25
CA GLY HB 36 31.84 -33.55 -125.17
C GLY HB 36 33.08 -33.88 -125.98
N ARG HB 37 34.17 -33.18 -125.72
CA ARG HB 37 35.42 -33.40 -126.45
C ARG HB 37 36.56 -33.68 -125.48
N LEU HB 38 37.78 -33.32 -125.89
CA LEU HB 38 38.98 -33.54 -125.08
C LEU HB 38 39.33 -32.25 -124.35
N ARG HB 39 39.40 -32.32 -123.02
CA ARG HB 39 39.74 -31.17 -122.20
C ARG HB 39 40.87 -31.52 -121.25
N LEU HB 40 41.68 -30.52 -120.91
CA LEU HB 40 42.84 -30.69 -120.05
C LEU HB 40 42.90 -29.53 -119.07
N THR HB 41 42.99 -29.86 -117.78
CA THR HB 41 43.04 -28.87 -116.71
C THR HB 41 44.42 -28.94 -116.04
N ALA HB 42 45.11 -27.82 -115.99
CA ALA HB 42 46.43 -27.73 -115.39
C ALA HB 42 46.41 -26.70 -114.26
N SER HB 43 47.08 -27.03 -113.16
CA SER HB 43 47.14 -26.14 -112.01
C SER HB 43 48.51 -26.24 -111.35
N LEU HB 44 49.03 -25.11 -110.89
CA LEU HB 44 50.31 -25.04 -110.22
C LEU HB 44 50.18 -24.14 -108.99
N ARG HB 45 50.73 -24.58 -107.87
CA ARG HB 45 50.62 -23.86 -106.62
C ARG HB 45 51.81 -24.21 -105.73
N GLN HB 46 51.80 -23.65 -104.51
CA GLN HB 46 52.80 -23.90 -103.50
C GLN HB 46 52.21 -24.77 -102.40
N ASN HB 47 52.86 -24.80 -101.23
CA ASN HB 47 52.40 -25.62 -100.12
C ASN HB 47 53.12 -25.22 -98.85
N GLY HB 48 52.42 -25.33 -97.72
CA GLY HB 48 52.99 -25.06 -96.41
C GLY HB 48 53.61 -23.69 -96.25
N ALA HB 49 54.91 -23.65 -95.98
CA ALA HB 49 55.63 -22.40 -95.80
C ALA HB 49 56.73 -22.28 -96.85
N LYS HB 50 56.35 -22.17 -98.13
CA LYS HB 50 57.28 -21.96 -99.24
C LYS HB 50 58.23 -23.14 -99.45
N THR HB 51 57.87 -24.33 -98.98
CA THR HB 51 58.79 -25.48 -99.02
C THR HB 51 58.81 -26.10 -100.41
N ALA HB 52 57.78 -26.86 -100.75
CA ALA HB 52 57.70 -27.52 -102.04
C ALA HB 52 56.65 -26.88 -102.93
N TYR HB 53 56.15 -27.63 -103.91
CA TYR HB 53 55.12 -27.14 -104.82
C TYR HB 53 54.10 -28.25 -105.05
N ARG HB 54 53.05 -27.91 -105.80
CA ARG HB 54 51.98 -28.85 -106.11
C ARG HB 54 51.50 -28.60 -107.52
N VAL HB 55 51.55 -29.63 -108.36
CA VAL HB 55 51.10 -29.56 -109.74
C VAL HB 55 50.00 -30.58 -109.95
N ASN HB 56 48.91 -30.14 -110.57
CA ASN HB 56 47.77 -31.00 -110.85
C ASN HB 56 47.48 -30.98 -112.34
N LEU HB 57 47.32 -32.16 -112.93
CA LEU HB 57 47.03 -32.31 -114.35
C LEU HB 57 45.90 -33.33 -114.52
N LYS HB 58 44.78 -32.88 -115.06
CA LYS HB 58 43.62 -33.73 -115.29
C LYS HB 58 43.27 -33.72 -116.78
N LEU HB 59 42.88 -34.88 -117.30
CA LEU HB 59 42.51 -35.02 -118.70
C LEU HB 59 41.18 -35.73 -118.79
N ASP HB 60 40.19 -35.06 -119.38
CA ASP HB 60 38.84 -35.61 -119.49
C ASP HB 60 38.44 -35.70 -120.96
N GLN HB 61 37.61 -36.71 -121.26
CA GLN HB 61 37.10 -36.91 -122.61
C GLN HB 61 35.81 -37.70 -122.52
N ALA HB 62 34.69 -37.07 -122.88
CA ALA HB 62 33.37 -37.70 -122.82
C ALA HB 62 32.91 -38.01 -124.23
N ASP HB 63 32.49 -39.26 -124.45
CA ASP HB 63 31.99 -39.68 -125.74
C ASP HB 63 30.58 -39.15 -125.97
N VAL HB 64 30.26 -38.92 -127.25
CA VAL HB 64 28.96 -38.40 -127.63
C VAL HB 64 28.31 -39.38 -128.61
N VAL HB 65 26.98 -39.29 -128.68
CA VAL HB 65 26.18 -40.12 -129.59
C VAL HB 65 25.12 -39.25 -130.24
N ASP HB 66 24.70 -39.66 -131.43
CA ASP HB 66 23.73 -38.90 -132.21
C ASP HB 66 22.90 -39.87 -133.05
N CYS HB 67 21.61 -39.54 -133.20
CA CYS HB 67 20.69 -40.36 -133.97
C CYS HB 67 20.09 -39.65 -135.17
N SER HB 68 20.61 -38.47 -135.53
CA SER HB 68 20.05 -37.73 -136.66
C SER HB 68 20.30 -38.41 -138.00
N THR HB 69 21.19 -39.41 -138.03
CA THR HB 69 21.46 -40.12 -139.28
C THR HB 69 20.31 -41.03 -139.67
N SER HB 70 19.61 -41.61 -138.69
CA SER HB 70 18.51 -42.51 -138.97
C SER HB 70 17.22 -42.01 -138.32
N VAL HB 71 17.25 -41.79 -137.01
CA VAL HB 71 16.08 -41.31 -136.29
C VAL HB 71 15.84 -39.85 -136.65
N CYS HB 72 14.56 -39.46 -136.70
CA CYS HB 72 14.07 -38.13 -137.04
C CYS HB 72 14.73 -37.00 -136.30
N GLY HB 73 15.06 -37.22 -135.03
CA GLY HB 73 15.19 -36.17 -134.04
C GLY HB 73 15.87 -36.58 -132.76
N GLU HB 74 17.15 -36.24 -132.62
CA GLU HB 74 17.90 -36.54 -131.41
C GLU HB 74 19.16 -35.67 -131.41
N LEU HB 75 19.28 -34.79 -130.42
CA LEU HB 75 20.45 -33.94 -130.31
C LEU HB 75 21.65 -34.76 -129.85
N PRO HB 76 22.87 -34.31 -130.17
CA PRO HB 76 24.07 -35.01 -129.68
C PRO HB 76 24.09 -35.05 -128.16
N LYS HB 77 24.10 -36.27 -127.61
CA LYS HB 77 24.02 -36.49 -126.18
C LYS HB 77 25.27 -37.19 -125.69
N VAL HB 78 25.81 -36.72 -124.56
CA VAL HB 78 26.99 -37.34 -123.98
C VAL HB 78 26.62 -38.67 -123.34
N ARG HB 79 27.60 -39.58 -123.28
CA ARG HB 79 27.37 -40.90 -122.71
C ARG HB 79 28.10 -40.98 -121.39
N TYR HB 80 29.33 -41.50 -121.36
CA TYR HB 80 30.10 -41.64 -120.13
C TYR HB 80 31.14 -40.54 -120.04
N THR HB 81 31.77 -40.45 -118.87
CA THR HB 81 32.81 -39.46 -118.59
C THR HB 81 34.00 -40.15 -117.95
N GLN HB 82 35.20 -39.82 -118.41
CA GLN HB 82 36.43 -40.40 -117.89
C GLN HB 82 37.27 -39.29 -117.26
N VAL HB 83 37.82 -39.57 -116.08
CA VAL HB 83 38.62 -38.62 -115.33
C VAL HB 83 39.97 -39.26 -115.04
N TRP HB 84 41.04 -38.57 -115.43
CA TRP HB 84 42.42 -39.04 -115.21
C TRP HB 84 43.21 -37.85 -114.67
N SER HB 85 43.24 -37.72 -113.35
CA SER HB 85 43.95 -36.63 -112.68
C SER HB 85 45.36 -37.08 -112.29
N HIS HB 86 46.17 -36.10 -111.91
CA HIS HB 86 47.55 -36.34 -111.51
C HIS HB 86 47.86 -35.52 -110.26
N ASP HB 87 49.06 -35.73 -109.72
CA ASP HB 87 49.49 -35.00 -108.53
C ASP HB 87 51.01 -35.05 -108.49
N VAL HB 88 51.65 -33.89 -108.63
CA VAL HB 88 53.11 -33.78 -108.63
C VAL HB 88 53.51 -32.97 -107.40
N THR HB 89 54.29 -33.60 -106.52
CA THR HB 89 54.78 -32.97 -105.30
C THR HB 89 56.30 -33.07 -105.31
N ILE HB 90 56.94 -32.14 -106.02
CA ILE HB 90 58.39 -32.10 -106.15
C ILE HB 90 58.91 -30.84 -105.46
N VAL HB 91 59.87 -31.01 -104.55
CA VAL HB 91 60.43 -29.87 -103.84
C VAL HB 91 61.36 -29.10 -104.77
N ALA HB 92 61.56 -27.82 -104.46
CA ALA HB 92 62.41 -26.97 -105.28
C ALA HB 92 63.87 -27.40 -105.18
N ASN HB 93 64.42 -27.40 -103.96
CA ASN HB 93 65.81 -27.79 -103.74
C ASN HB 93 65.93 -29.31 -103.84
N SER HB 94 66.00 -29.78 -105.08
CA SER HB 94 66.12 -31.21 -105.34
C SER HB 94 67.39 -31.50 -106.14
N THR HB 95 67.26 -32.35 -107.17
CA THR HB 95 68.39 -32.71 -108.01
C THR HB 95 67.91 -32.85 -109.45
N GLU HB 96 68.59 -32.17 -110.37
CA GLU HB 96 68.20 -32.24 -111.79
C GLU HB 96 68.40 -33.65 -112.34
N ALA HB 97 69.50 -34.30 -111.98
CA ALA HB 97 69.73 -35.66 -112.45
C ALA HB 97 68.68 -36.63 -111.90
N SER HB 98 68.32 -36.48 -110.62
CA SER HB 98 67.30 -37.33 -110.04
C SER HB 98 65.94 -37.09 -110.69
N ARG HB 99 65.61 -35.83 -110.97
CA ARG HB 99 64.34 -35.53 -111.64
C ARG HB 99 64.32 -36.10 -113.05
N LYS HB 100 65.44 -36.01 -113.77
CA LYS HB 100 65.50 -36.59 -115.11
C LYS HB 100 65.37 -38.10 -115.07
N SER HB 101 66.02 -38.75 -114.10
CA SER HB 101 65.89 -40.21 -113.97
C SER HB 101 64.46 -40.61 -113.63
N LEU HB 102 63.81 -39.85 -112.75
CA LEU HB 102 62.43 -40.14 -112.40
C LEU HB 102 61.51 -39.96 -113.60
N TYR HB 103 61.73 -38.91 -114.39
CA TYR HB 103 60.92 -38.70 -115.59
C TYR HB 103 61.14 -39.82 -116.59
N ASP HB 104 62.38 -40.27 -116.76
CA ASP HB 104 62.66 -41.37 -117.67
C ASP HB 104 62.00 -42.67 -117.20
N LEU HB 105 62.04 -42.92 -115.88
CA LEU HB 105 61.38 -44.11 -115.36
C LEU HB 105 59.88 -44.05 -115.55
N THR HB 106 59.28 -42.87 -115.34
CA THR HB 106 57.85 -42.72 -115.57
C THR HB 106 57.50 -42.92 -117.04
N LYS HB 107 58.31 -42.38 -117.94
CA LYS HB 107 58.06 -42.56 -119.37
C LYS HB 107 58.18 -44.03 -119.76
N SER HB 108 59.16 -44.73 -119.20
CA SER HB 108 59.30 -46.16 -119.50
C SER HB 108 58.12 -46.96 -118.97
N LEU HB 109 57.68 -46.65 -117.74
CA LEU HB 109 56.51 -47.35 -117.19
C LEU HB 109 55.25 -47.06 -117.98
N VAL HB 110 55.14 -45.85 -118.54
CA VAL HB 110 53.96 -45.53 -119.36
C VAL HB 110 54.02 -46.25 -120.70
N ALA HB 111 55.20 -46.28 -121.32
CA ALA HB 111 55.35 -46.89 -122.63
C ALA HB 111 55.45 -48.41 -122.58
N THR HB 112 55.59 -49.00 -121.40
CA THR HB 112 55.67 -50.45 -121.31
C THR HB 112 54.33 -51.09 -121.69
N SER HB 113 54.37 -52.39 -121.96
CA SER HB 113 53.21 -53.14 -122.39
C SER HB 113 52.35 -53.63 -121.23
N GLN HB 114 52.86 -53.55 -120.00
CA GLN HB 114 52.09 -54.01 -118.83
C GLN HB 114 50.95 -53.07 -118.49
N VAL HB 115 51.19 -51.76 -118.51
CA VAL HB 115 50.13 -50.80 -118.23
C VAL HB 115 49.07 -50.83 -119.33
N GLU HB 116 49.48 -51.05 -120.57
CA GLU HB 116 48.51 -51.16 -121.66
C GLU HB 116 47.59 -52.36 -121.44
N ASP HB 117 48.15 -53.50 -121.04
CA ASP HB 117 47.32 -54.66 -120.75
C ASP HB 117 46.42 -54.42 -119.55
N LEU HB 118 46.96 -53.77 -118.51
CA LEU HB 118 46.15 -53.43 -117.34
C LEU HB 118 44.98 -52.52 -117.71
N VAL HB 119 45.18 -51.63 -118.68
CA VAL HB 119 44.12 -50.72 -119.08
C VAL HB 119 43.09 -51.44 -119.95
N VAL HB 120 43.56 -52.24 -120.92
CA VAL HB 120 42.67 -52.88 -121.88
C VAL HB 120 41.98 -54.07 -121.24
N ASN HB 121 42.74 -55.13 -120.94
CA ASN HB 121 42.16 -56.38 -120.45
C ASN HB 121 41.80 -56.34 -118.97
N LEU HB 122 42.04 -55.22 -118.28
CA LEU HB 122 41.70 -55.07 -116.87
C LEU HB 122 42.40 -56.13 -116.01
N VAL HB 123 43.55 -56.61 -116.45
CA VAL HB 123 44.33 -57.61 -115.71
C VAL HB 123 45.29 -56.88 -114.78
N PRO HB 124 45.37 -57.26 -113.51
CA PRO HB 124 46.28 -56.56 -112.59
C PRO HB 124 47.72 -56.63 -113.06
N LEU HB 125 48.46 -55.56 -112.81
CA LEU HB 125 49.85 -55.44 -113.26
C LEU HB 125 50.71 -56.44 -112.50
N GLY HB 126 51.35 -57.35 -113.24
CA GLY HB 126 52.20 -58.35 -112.64
C GLY HB 126 52.73 -59.36 -113.63
N ARG HB 127 53.67 -58.94 -114.47
CA ARG HB 127 54.26 -59.82 -115.47
C ARG HB 127 55.72 -60.12 -115.15
N SER IB 1 46.19 -67.23 -113.45
CA SER IB 1 46.24 -67.51 -112.02
C SER IB 1 45.71 -68.92 -111.74
N LYS IB 2 44.58 -69.01 -111.03
CA LYS IB 2 43.90 -70.28 -110.83
C LYS IB 2 42.83 -70.42 -111.88
N THR IB 3 42.93 -71.48 -112.69
CA THR IB 3 41.99 -71.73 -113.79
C THR IB 3 41.13 -72.93 -113.48
N ILE IB 4 39.85 -72.84 -113.83
CA ILE IB 4 38.88 -73.92 -113.63
C ILE IB 4 38.22 -74.19 -114.97
N VAL IB 5 38.29 -75.44 -115.42
CA VAL IB 5 37.72 -75.85 -116.70
C VAL IB 5 36.42 -76.59 -116.44
N LEU IB 6 35.34 -76.14 -117.06
CA LEU IB 6 34.02 -76.75 -116.94
C LEU IB 6 33.56 -77.24 -118.29
N SER IB 7 33.15 -78.50 -118.36
CA SER IB 7 32.70 -79.12 -119.60
C SER IB 7 31.18 -79.11 -119.64
N VAL IB 8 30.62 -78.42 -120.64
CA VAL IB 8 29.16 -78.35 -120.79
C VAL IB 8 28.62 -79.43 -121.71
N GLY IB 9 29.48 -80.12 -122.46
CA GLY IB 9 29.03 -81.15 -123.38
C GLY IB 9 29.71 -81.05 -124.73
N GLU IB 10 29.73 -79.84 -125.30
CA GLU IB 10 30.37 -79.59 -126.57
C GLU IB 10 31.46 -78.52 -126.51
N ALA IB 11 31.44 -77.64 -125.51
CA ALA IB 11 32.45 -76.61 -125.35
C ALA IB 11 32.97 -76.63 -123.92
N THR IB 12 34.11 -75.97 -123.71
CA THR IB 12 34.76 -75.90 -122.41
C THR IB 12 34.86 -74.44 -121.98
N ARG IB 13 34.35 -74.14 -120.80
CA ARG IB 13 34.42 -72.79 -120.24
C ARG IB 13 35.54 -72.71 -119.22
N THR IB 14 36.16 -71.53 -119.15
CA THR IB 14 37.31 -71.30 -118.29
C THR IB 14 37.00 -70.17 -117.31
N LEU IB 15 37.11 -70.46 -116.02
CA LEU IB 15 36.95 -69.47 -114.96
C LEU IB 15 38.31 -69.14 -114.36
N THR IB 16 38.58 -67.87 -114.16
CA THR IB 16 39.87 -67.40 -113.67
C THR IB 16 39.71 -66.74 -112.31
N GLU IB 17 40.67 -67.02 -111.42
CA GLU IB 17 40.69 -66.39 -110.11
C GLU IB 17 41.01 -64.91 -110.25
N ILE IB 18 40.23 -64.04 -109.60
CA ILE IB 18 40.43 -62.60 -109.71
C ILE IB 18 40.71 -61.93 -108.37
N GLN IB 19 40.00 -62.32 -107.31
CA GLN IB 19 40.15 -61.67 -106.01
C GLN IB 19 40.59 -62.73 -105.00
N SER IB 20 41.88 -63.03 -105.01
CA SER IB 20 42.45 -64.07 -104.14
C SER IB 20 42.53 -63.56 -102.71
N THR IB 21 41.62 -64.05 -101.87
CA THR IB 21 41.63 -63.72 -100.44
C THR IB 21 41.12 -64.92 -99.67
N ALA IB 22 41.55 -65.03 -98.42
CA ALA IB 22 41.22 -66.20 -97.60
C ALA IB 22 39.72 -66.24 -97.30
N ASP IB 23 39.18 -65.16 -96.75
CA ASP IB 23 37.79 -65.13 -96.33
C ASP IB 23 36.81 -64.91 -97.49
N ARG IB 24 37.31 -64.67 -98.70
CA ARG IB 24 36.43 -64.44 -99.85
C ARG IB 24 37.23 -64.71 -101.12
N GLN IB 25 36.89 -65.78 -101.82
CA GLN IB 25 37.50 -66.13 -103.10
C GLN IB 25 36.48 -65.86 -104.21
N ILE IB 26 36.88 -65.02 -105.18
CA ILE IB 26 36.00 -64.60 -106.25
C ILE IB 26 36.57 -65.11 -107.56
N PHE IB 27 35.87 -66.07 -108.18
CA PHE IB 27 36.24 -66.58 -109.49
C PHE IB 27 35.33 -65.97 -110.55
N GLU IB 28 35.92 -65.56 -111.66
CA GLU IB 28 35.18 -64.95 -112.76
C GLU IB 28 35.46 -65.72 -114.04
N GLU IB 29 34.41 -65.88 -114.86
CA GLU IB 29 34.56 -66.55 -116.14
C GLU IB 29 35.03 -65.56 -117.20
N LYS IB 30 36.02 -65.97 -117.99
CA LYS IB 30 36.59 -65.14 -119.05
C LYS IB 30 36.18 -65.72 -120.39
N VAL IB 31 35.25 -65.05 -121.07
CA VAL IB 31 34.82 -65.47 -122.40
C VAL IB 31 34.80 -64.25 -123.32
N GLY IB 32 34.12 -63.19 -122.89
CA GLY IB 32 34.05 -61.97 -123.67
C GLY IB 32 33.84 -60.76 -122.79
N PRO IB 33 32.59 -60.31 -122.67
CA PRO IB 33 32.29 -59.16 -121.79
C PRO IB 33 32.42 -59.57 -120.33
N LEU IB 34 33.30 -58.88 -119.61
CA LEU IB 34 33.52 -59.22 -118.21
C LEU IB 34 32.33 -58.84 -117.34
N VAL IB 35 31.65 -57.74 -117.66
CA VAL IB 35 30.48 -57.32 -116.89
C VAL IB 35 29.30 -58.21 -117.26
N GLY IB 36 28.56 -58.63 -116.24
CA GLY IB 36 27.40 -59.50 -116.45
C GLY IB 36 27.79 -60.87 -116.96
N ARG IB 37 28.67 -61.55 -116.23
CA ARG IB 37 29.12 -62.88 -116.63
C ARG IB 37 28.90 -63.89 -115.50
N LEU IB 38 29.73 -64.92 -115.44
CA LEU IB 38 29.63 -65.97 -114.43
C LEU IB 38 30.62 -65.67 -113.31
N ARG IB 39 30.10 -65.57 -112.08
CA ARG IB 39 30.93 -65.31 -110.92
C ARG IB 39 30.63 -66.33 -109.83
N LEU IB 40 31.65 -66.63 -109.03
CA LEU IB 40 31.56 -67.61 -107.96
C LEU IB 40 32.24 -67.07 -106.72
N THR IB 41 31.53 -67.08 -105.60
CA THR IB 41 32.04 -66.60 -104.32
C THR IB 41 32.16 -67.77 -103.36
N ALA IB 42 33.36 -67.96 -102.81
CA ALA IB 42 33.63 -69.03 -101.87
C ALA IB 42 34.13 -68.44 -100.55
N SER IB 43 33.66 -69.01 -99.44
CA SER IB 43 34.04 -68.55 -98.12
C SER IB 43 34.15 -69.74 -97.18
N LEU IB 44 35.15 -69.71 -96.30
CA LEU IB 44 35.37 -70.74 -95.31
C LEU IB 44 35.68 -70.08 -93.97
N ARG IB 45 35.07 -70.60 -92.91
CA ARG IB 45 35.21 -70.02 -91.58
C ARG IB 45 34.97 -71.11 -90.54
N GLN IB 46 35.02 -70.70 -89.26
CA GLN IB 46 34.76 -71.56 -88.12
C GLN IB 46 33.41 -71.19 -87.51
N ASN IB 47 33.18 -71.61 -86.27
CA ASN IB 47 31.91 -71.34 -85.60
C ASN IB 47 32.04 -71.66 -84.12
N GLY IB 48 31.32 -70.89 -83.30
CA GLY IB 48 31.26 -71.11 -81.86
C GLY IB 48 32.61 -71.11 -81.17
N ALA IB 49 32.96 -72.25 -80.56
CA ALA IB 49 34.22 -72.39 -79.84
C ALA IB 49 35.05 -73.50 -80.48
N LYS IB 50 35.48 -73.30 -81.73
CA LYS IB 50 36.34 -74.23 -82.44
C LYS IB 50 35.70 -75.59 -82.70
N THR IB 51 34.36 -75.65 -82.70
CA THR IB 51 33.66 -76.93 -82.81
C THR IB 51 33.62 -77.41 -84.26
N ALA IB 52 32.74 -76.81 -85.06
CA ALA IB 52 32.59 -77.21 -86.46
C ALA IB 52 33.13 -76.12 -87.38
N TYR IB 53 32.68 -76.10 -88.63
CA TYR IB 53 33.10 -75.11 -89.61
C TYR IB 53 31.89 -74.65 -90.41
N ARG IB 54 32.13 -73.69 -91.29
CA ARG IB 54 31.07 -73.12 -92.12
C ARG IB 54 31.65 -72.79 -93.49
N VAL IB 55 31.06 -73.37 -94.54
CA VAL IB 55 31.48 -73.14 -95.91
C VAL IB 55 30.30 -72.56 -96.68
N ASN IB 56 30.57 -71.50 -97.43
CA ASN IB 56 29.55 -70.83 -98.23
C ASN IB 56 30.00 -70.78 -99.68
N LEU IB 57 29.13 -71.18 -100.59
CA LEU IB 57 29.42 -71.19 -102.02
C LEU IB 57 28.23 -70.59 -102.76
N LYS IB 58 28.46 -69.48 -103.45
CA LYS IB 58 27.43 -68.80 -104.22
C LYS IB 58 27.86 -68.69 -105.67
N LEU IB 59 26.90 -68.85 -106.58
CA LEU IB 59 27.17 -68.80 -108.01
C LEU IB 59 26.15 -67.87 -108.65
N ASP IB 60 26.64 -66.79 -109.28
CA ASP IB 60 25.78 -65.80 -109.90
C ASP IB 60 26.09 -65.69 -111.39
N GLN IB 61 25.05 -65.37 -112.16
CA GLN IB 61 25.20 -65.19 -113.60
C GLN IB 61 24.06 -64.31 -114.09
N ALA IB 62 24.38 -63.10 -114.54
CA ALA IB 62 23.41 -62.14 -115.02
C ALA IB 62 23.48 -62.05 -116.54
N ASP IB 63 22.33 -62.19 -117.20
CA ASP IB 63 22.27 -62.09 -118.64
C ASP IB 63 22.38 -60.64 -119.09
N VAL IB 64 22.92 -60.45 -120.29
CA VAL IB 64 23.12 -59.12 -120.85
C VAL IB 64 22.40 -59.05 -122.19
N VAL IB 65 22.08 -57.82 -122.61
CA VAL IB 65 21.42 -57.56 -123.87
C VAL IB 65 22.09 -56.36 -124.53
N ASP IB 66 22.02 -56.31 -125.85
CA ASP IB 66 22.66 -55.26 -126.63
C ASP IB 66 21.85 -54.99 -127.89
N CYS IB 67 21.78 -53.72 -128.29
CA CYS IB 67 21.05 -53.32 -129.47
C CYS IB 67 21.92 -52.67 -130.54
N SER IB 68 23.24 -52.74 -130.42
CA SER IB 68 24.12 -52.11 -131.40
C SER IB 68 24.07 -52.81 -132.76
N THR IB 69 23.50 -54.01 -132.82
CA THR IB 69 23.40 -54.72 -134.10
C THR IB 69 22.37 -54.09 -135.02
N SER IB 70 21.30 -53.53 -134.46
CA SER IB 70 20.25 -52.92 -135.27
C SER IB 70 20.05 -51.46 -134.89
N VAL IB 71 19.80 -51.20 -133.61
CA VAL IB 71 19.58 -49.84 -133.12
C VAL IB 71 20.92 -49.11 -133.12
N CYS IB 72 20.88 -47.81 -133.41
CA CYS IB 72 22.00 -46.88 -133.49
C CYS IB 72 22.95 -46.92 -132.30
N GLY IB 73 22.41 -47.14 -131.11
CA GLY IB 73 23.04 -46.69 -129.87
C GLY IB 73 22.42 -47.28 -128.62
N GLU IB 74 23.08 -48.30 -128.06
CA GLU IB 74 22.62 -48.92 -126.81
C GLU IB 74 23.77 -49.72 -126.23
N LEU IB 75 24.23 -49.34 -125.05
CA LEU IB 75 25.31 -50.06 -124.39
C LEU IB 75 24.80 -51.40 -123.86
N PRO IB 76 25.69 -52.38 -123.71
CA PRO IB 76 25.28 -53.67 -123.12
C PRO IB 76 24.71 -53.48 -121.72
N LYS IB 77 23.45 -53.87 -121.55
CA LYS IB 77 22.71 -53.66 -120.32
C LYS IB 77 22.32 -55.01 -119.72
N VAL IB 78 22.50 -55.14 -118.41
CA VAL IB 78 22.12 -56.37 -117.73
C VAL IB 78 20.61 -56.45 -117.60
N ARG IB 79 20.09 -57.69 -117.54
CA ARG IB 79 18.66 -57.90 -117.44
C ARG IB 79 18.35 -58.41 -116.05
N TYR IB 80 18.27 -59.71 -115.83
CA TYR IB 80 17.95 -60.28 -114.53
C TYR IB 80 19.21 -60.79 -113.86
N THR IB 81 19.07 -61.16 -112.58
CA THR IB 81 20.17 -61.67 -111.78
C THR IB 81 19.70 -62.92 -111.04
N GLN IB 82 20.53 -63.95 -111.06
CA GLN IB 82 20.24 -65.22 -110.41
C GLN IB 82 21.25 -65.47 -109.29
N VAL IB 83 20.75 -65.88 -108.13
CA VAL IB 83 21.57 -66.14 -106.95
C VAL IB 83 21.33 -67.57 -106.50
N TRP IB 84 22.41 -68.34 -106.38
CA TRP IB 84 22.37 -69.73 -105.94
C TRP IB 84 23.46 -69.93 -104.89
N SER IB 85 23.11 -69.69 -103.62
CA SER IB 85 24.04 -69.81 -102.52
C SER IB 85 23.96 -71.21 -101.91
N HIS IB 86 24.94 -71.52 -101.06
CA HIS IB 86 25.02 -72.80 -100.39
C HIS IB 86 25.41 -72.58 -98.93
N ASP IB 87 25.39 -73.66 -98.15
CA ASP IB 87 25.75 -73.60 -96.75
C ASP IB 87 26.17 -75.00 -96.31
N VAL IB 88 27.45 -75.15 -95.94
CA VAL IB 88 28.00 -76.43 -95.51
C VAL IB 88 28.40 -76.31 -94.05
N THR IB 89 27.77 -77.11 -93.20
CA THR IB 89 28.05 -77.14 -91.76
C THR IB 89 28.45 -78.56 -91.39
N ILE IB 90 29.71 -78.90 -91.61
CA ILE IB 90 30.26 -80.22 -91.33
C ILE IB 90 31.27 -80.09 -90.21
N VAL IB 91 31.10 -80.89 -89.15
CA VAL IB 91 32.03 -80.85 -88.03
C VAL IB 91 33.34 -81.54 -88.42
N ALA IB 92 34.41 -81.18 -87.72
CA ALA IB 92 35.72 -81.76 -88.02
C ALA IB 92 35.77 -83.23 -87.64
N ASN IB 93 35.51 -83.55 -86.38
CA ASN IB 93 35.53 -84.93 -85.90
C ASN IB 93 34.27 -85.64 -86.38
N SER IB 94 34.31 -86.07 -87.64
CA SER IB 94 33.18 -86.78 -88.24
C SER IB 94 33.61 -88.16 -88.73
N THR IB 95 33.20 -88.53 -89.93
CA THR IB 95 33.54 -89.83 -90.51
C THR IB 95 33.77 -89.66 -92.01
N GLU IB 96 34.92 -90.16 -92.48
CA GLU IB 96 35.24 -90.04 -93.91
C GLU IB 96 34.26 -90.84 -94.76
N ALA IB 97 33.90 -92.05 -94.31
CA ALA IB 97 32.94 -92.85 -95.06
C ALA IB 97 31.57 -92.19 -95.10
N SER IB 98 31.14 -91.62 -93.98
CA SER IB 98 29.85 -90.93 -93.95
C SER IB 98 29.87 -89.69 -94.86
N ARG IB 99 30.98 -88.95 -94.85
CA ARG IB 99 31.09 -87.78 -95.73
C ARG IB 99 31.06 -88.19 -97.19
N LYS IB 100 31.76 -89.29 -97.53
CA LYS IB 100 31.75 -89.77 -98.91
C LYS IB 100 30.36 -90.22 -99.33
N SER IB 101 29.65 -90.92 -98.43
CA SER IB 101 28.30 -91.35 -98.75
C SER IB 101 27.37 -90.17 -98.93
N LEU IB 102 27.51 -89.14 -98.09
CA LEU IB 102 26.69 -87.95 -98.22
C LEU IB 102 26.99 -87.21 -99.53
N TYR IB 103 28.27 -87.12 -99.91
CA TYR IB 103 28.62 -86.49 -101.17
C TYR IB 103 28.07 -87.27 -102.36
N ASP IB 104 28.12 -88.61 -102.29
CA ASP IB 104 27.56 -89.42 -103.36
C ASP IB 104 26.06 -89.25 -103.47
N LEU IB 105 25.37 -89.19 -102.32
CA LEU IB 105 23.92 -88.97 -102.33
C LEU IB 105 23.58 -87.60 -102.91
N THR IB 106 24.35 -86.58 -102.55
CA THR IB 106 24.11 -85.25 -103.10
C THR IB 106 24.34 -85.22 -104.61
N LYS IB 107 25.41 -85.89 -105.07
CA LYS IB 107 25.68 -85.96 -106.50
C LYS IB 107 24.57 -86.69 -107.24
N SER IB 108 24.05 -87.77 -106.66
CA SER IB 108 22.95 -88.50 -107.28
C SER IB 108 21.69 -87.66 -107.34
N LEU IB 109 21.38 -86.95 -106.25
CA LEU IB 109 20.20 -86.08 -106.24
C LEU IB 109 20.34 -84.93 -107.23
N VAL IB 110 21.57 -84.44 -107.45
CA VAL IB 110 21.77 -83.38 -108.42
C VAL IB 110 21.64 -83.92 -109.84
N ALA IB 111 22.21 -85.08 -110.11
CA ALA IB 111 22.18 -85.67 -111.45
C ALA IB 111 20.86 -86.33 -111.79
N THR IB 112 19.96 -86.51 -110.83
CA THR IB 112 18.67 -87.13 -111.13
C THR IB 112 17.84 -86.22 -112.02
N SER IB 113 16.81 -86.81 -112.62
CA SER IB 113 15.93 -86.10 -113.54
C SER IB 113 14.81 -85.33 -112.83
N GLN IB 114 14.60 -85.57 -111.54
CA GLN IB 114 13.54 -84.88 -110.80
C GLN IB 114 13.89 -83.42 -110.54
N VAL IB 115 15.12 -83.15 -110.12
CA VAL IB 115 15.52 -81.76 -109.89
C VAL IB 115 15.56 -80.97 -111.19
N GLU IB 116 15.94 -81.62 -112.29
CA GLU IB 116 15.92 -80.95 -113.59
C GLU IB 116 14.51 -80.53 -113.98
N ASP IB 117 13.54 -81.43 -113.76
CA ASP IB 117 12.14 -81.08 -114.05
C ASP IB 117 11.64 -80.00 -113.12
N LEU IB 118 12.01 -80.07 -111.84
CA LEU IB 118 11.64 -79.03 -110.88
C LEU IB 118 12.20 -77.67 -111.28
N VAL IB 119 13.39 -77.64 -111.87
CA VAL IB 119 14.01 -76.39 -112.28
C VAL IB 119 13.35 -75.87 -113.56
N VAL IB 120 13.16 -76.74 -114.54
CA VAL IB 120 12.65 -76.33 -115.85
C VAL IB 120 11.15 -76.07 -115.78
N ASN IB 121 10.36 -77.12 -115.59
CA ASN IB 121 8.90 -77.01 -115.64
C ASN IB 121 8.29 -76.45 -114.37
N LEU IB 122 9.11 -76.12 -113.36
CA LEU IB 122 8.63 -75.55 -112.10
C LEU IB 122 7.61 -76.46 -111.42
N VAL IB 123 7.71 -77.76 -111.65
CA VAL IB 123 6.82 -78.74 -111.03
C VAL IB 123 7.43 -79.20 -109.71
N PRO IB 124 6.66 -79.23 -108.62
CA PRO IB 124 7.23 -79.64 -107.33
C PRO IB 124 7.79 -81.06 -107.39
N LEU IB 125 8.89 -81.27 -106.67
CA LEU IB 125 9.58 -82.55 -106.68
C LEU IB 125 8.70 -83.61 -106.02
N GLY IB 126 8.37 -84.65 -106.77
CA GLY IB 126 7.54 -85.72 -106.27
C GLY IB 126 7.18 -86.74 -107.33
N ARG IB 127 8.14 -87.57 -107.72
CA ARG IB 127 7.91 -88.60 -108.73
C ARG IB 127 7.99 -90.00 -108.12
N SER JB 1 -1.90 -83.76 -111.12
CA SER JB 1 -2.65 -83.70 -109.87
C SER JB 1 -4.14 -83.71 -110.14
N LYS JB 2 -4.81 -82.60 -109.81
CA LYS JB 2 -6.23 -82.44 -110.14
C LYS JB 2 -6.32 -81.67 -111.45
N THR JB 3 -6.93 -82.28 -112.46
CA THR JB 3 -7.05 -81.69 -113.78
C THR JB 3 -8.51 -81.31 -114.06
N ILE JB 4 -8.69 -80.15 -114.70
CA ILE JB 4 -10.01 -79.65 -115.06
C ILE JB 4 -10.00 -79.35 -116.55
N VAL JB 5 -10.91 -79.95 -117.30
CA VAL JB 5 -11.01 -79.78 -118.74
C VAL JB 5 -12.16 -78.84 -119.05
N LEU JB 6 -11.86 -77.77 -119.79
CA LEU JB 6 -12.85 -76.78 -120.19
C LEU JB 6 -12.96 -76.75 -121.70
N SER JB 7 -14.18 -76.86 -122.22
CA SER JB 7 -14.44 -76.88 -123.65
C SER JB 7 -14.88 -75.48 -124.09
N VAL JB 8 -14.09 -74.86 -124.97
CA VAL JB 8 -14.42 -73.53 -125.48
C VAL JB 8 -15.23 -73.58 -126.77
N GLY JB 9 -15.31 -74.74 -127.43
CA GLY JB 9 -16.03 -74.85 -128.68
C GLY JB 9 -15.25 -75.63 -129.72
N GLU JB 10 -13.98 -75.28 -129.90
CA GLU JB 10 -13.11 -75.97 -130.84
C GLU JB 10 -11.85 -76.55 -130.21
N ALA JB 11 -11.43 -76.05 -129.05
CA ALA JB 11 -10.26 -76.55 -128.35
C ALA JB 11 -10.63 -76.82 -126.88
N THR JB 12 -9.76 -77.57 -126.21
CA THR JB 12 -9.97 -77.95 -124.82
C THR JB 12 -8.79 -77.43 -124.00
N ARG JB 13 -9.10 -76.67 -122.95
CA ARG JB 13 -8.09 -76.13 -122.06
C ARG JB 13 -8.02 -76.98 -120.78
N THR JB 14 -6.80 -77.08 -120.23
CA THR JB 14 -6.55 -77.91 -119.07
C THR JB 14 -6.00 -77.06 -117.94
N LEU JB 15 -6.67 -77.09 -116.80
CA LEU JB 15 -6.21 -76.41 -115.59
C LEU JB 15 -5.72 -77.43 -114.59
N THR JB 16 -4.57 -77.15 -113.98
CA THR JB 16 -3.93 -78.09 -113.06
C THR JB 16 -3.88 -77.50 -111.66
N GLU JB 17 -4.14 -78.33 -110.66
CA GLU JB 17 -4.03 -77.91 -109.26
C GLU JB 17 -2.57 -77.67 -108.91
N ILE JB 18 -2.28 -76.53 -108.28
CA ILE JB 18 -0.91 -76.18 -107.92
C ILE JB 18 -0.71 -75.98 -106.43
N GLN JB 19 -1.64 -75.32 -105.75
CA GLN JB 19 -1.48 -75.02 -104.33
C GLN JB 19 -2.63 -75.68 -103.57
N SER JB 20 -2.49 -76.98 -103.31
CA SER JB 20 -3.54 -77.75 -102.65
C SER JB 20 -3.57 -77.42 -101.17
N THR JB 21 -4.57 -76.66 -100.75
CA THR JB 21 -4.78 -76.32 -99.35
C THR JB 21 -6.28 -76.20 -99.10
N ALA JB 22 -6.68 -76.46 -97.86
CA ALA JB 22 -8.09 -76.46 -97.51
C ALA JB 22 -8.71 -75.07 -97.64
N ASP JB 23 -8.12 -74.08 -96.98
CA ASP JB 23 -8.67 -72.74 -96.96
C ASP JB 23 -8.37 -71.94 -98.22
N ARG JB 24 -7.58 -72.48 -99.14
CA ARG JB 24 -7.24 -71.76 -100.38
C ARG JB 24 -6.78 -72.78 -101.42
N GLN JB 25 -7.60 -72.98 -102.45
CA GLN JB 25 -7.26 -73.86 -103.57
C GLN JB 25 -6.95 -73.00 -104.78
N ILE JB 26 -5.75 -73.18 -105.34
CA ILE JB 26 -5.26 -72.37 -106.45
C ILE JB 26 -5.09 -73.29 -107.66
N PHE JB 27 -5.92 -73.12 -108.67
CA PHE JB 27 -5.81 -73.84 -109.93
C PHE JB 27 -5.18 -72.93 -110.98
N GLU JB 28 -4.24 -73.47 -111.74
CA GLU JB 28 -3.54 -72.74 -112.78
C GLU JB 28 -3.69 -73.47 -114.10
N GLU JB 29 -3.88 -72.71 -115.18
CA GLU JB 29 -3.96 -73.29 -116.52
C GLU JB 29 -2.58 -73.49 -117.10
N LYS JB 30 -2.35 -74.67 -117.67
CA LYS JB 30 -1.07 -75.04 -118.28
C LYS JB 30 -1.23 -75.09 -119.79
N VAL JB 31 -0.69 -74.08 -120.47
CA VAL JB 31 -0.73 -74.03 -121.93
C VAL JB 31 0.67 -73.70 -122.45
N GLY JB 32 1.25 -72.61 -121.95
CA GLY JB 32 2.56 -72.19 -122.35
C GLY JB 32 3.27 -71.41 -121.26
N PRO JB 33 3.24 -70.09 -121.36
CA PRO JB 33 3.84 -69.25 -120.31
C PRO JB 33 3.01 -69.30 -119.04
N LEU JB 34 3.64 -69.73 -117.95
CA LEU JB 34 2.91 -69.85 -116.68
C LEU JB 34 2.57 -68.49 -116.09
N VAL JB 35 3.46 -67.51 -116.27
CA VAL JB 35 3.19 -66.17 -115.75
C VAL JB 35 2.17 -65.49 -116.64
N GLY JB 36 1.21 -64.81 -116.02
CA GLY JB 36 0.16 -64.12 -116.76
C GLY JB 36 -0.76 -65.07 -117.50
N ARG JB 37 -1.35 -66.02 -116.78
CA ARG JB 37 -2.24 -66.99 -117.39
C ARG JB 37 -3.60 -67.01 -116.69
N LEU JB 38 -4.27 -68.16 -116.70
CA LEU JB 38 -5.57 -68.31 -116.08
C LEU JB 38 -5.40 -68.93 -114.70
N ARG JB 39 -5.91 -68.24 -113.67
CA ARG JB 39 -5.83 -68.72 -112.30
C ARG JB 39 -7.21 -68.68 -111.66
N LEU JB 40 -7.43 -69.60 -110.72
CA LEU JB 40 -8.71 -69.73 -110.04
C LEU JB 40 -8.45 -69.97 -108.56
N THR JB 41 -9.08 -69.15 -107.72
CA THR JB 41 -8.94 -69.24 -106.27
C THR JB 41 -10.28 -69.65 -105.67
N ALA JB 42 -10.27 -70.73 -104.90
CA ALA JB 42 -11.46 -71.25 -104.24
C ALA JB 42 -11.25 -71.29 -102.74
N SER JB 43 -12.29 -70.90 -102.00
CA SER JB 43 -12.22 -70.88 -100.54
C SER JB 43 -13.57 -71.29 -99.97
N LEU JB 44 -13.54 -72.07 -98.89
CA LEU JB 44 -14.74 -72.51 -98.19
C LEU JB 44 -14.53 -72.35 -96.69
N ARG JB 45 -15.55 -71.82 -96.02
CA ARG JB 45 -15.45 -71.54 -94.59
C ARG JB 45 -16.85 -71.58 -93.98
N GLN JB 46 -16.92 -71.28 -92.69
CA GLN JB 46 -18.17 -71.19 -91.94
C GLN JB 46 -18.47 -69.72 -91.62
N ASN JB 47 -19.36 -69.50 -90.66
CA ASN JB 47 -19.75 -68.13 -90.30
C ASN JB 47 -20.51 -68.15 -88.98
N GLY JB 48 -20.35 -67.08 -88.21
CA GLY JB 48 -21.06 -66.90 -86.95
C GLY JB 48 -20.89 -68.03 -85.96
N ALA JB 49 -21.99 -68.68 -85.62
CA ALA JB 49 -21.98 -69.78 -84.65
C ALA JB 49 -22.48 -71.06 -85.34
N LYS JB 50 -21.73 -71.56 -86.32
CA LYS JB 50 -22.03 -72.82 -87.00
C LYS JB 50 -23.34 -72.77 -87.79
N THR JB 51 -23.81 -71.58 -88.16
CA THR JB 51 -25.13 -71.44 -88.80
C THR JB 51 -25.05 -71.80 -90.28
N ALA JB 52 -24.51 -70.89 -91.09
CA ALA JB 52 -24.40 -71.12 -92.52
C ALA JB 52 -22.96 -71.34 -92.94
N TYR JB 53 -22.66 -71.10 -94.21
CA TYR JB 53 -21.30 -71.26 -94.73
C TYR JB 53 -20.98 -70.10 -95.66
N ARG JB 54 -19.75 -70.07 -96.15
CA ARG JB 54 -19.29 -69.02 -97.04
C ARG JB 54 -18.34 -69.62 -98.06
N VAL JB 55 -18.67 -69.46 -99.35
CA VAL JB 55 -17.85 -69.96 -100.44
C VAL JB 55 -17.44 -68.79 -101.31
N ASN JB 56 -16.14 -68.73 -101.64
CA ASN JB 56 -15.59 -67.67 -102.47
C ASN JB 56 -14.90 -68.29 -103.66
N LEU JB 57 -15.20 -67.77 -104.85
CA LEU JB 57 -14.62 -68.25 -106.11
C LEU JB 57 -14.20 -67.05 -106.94
N LYS JB 58 -12.90 -66.94 -107.20
CA LYS JB 58 -12.34 -65.86 -108.00
C LYS JB 58 -11.62 -66.42 -109.20
N LEU JB 59 -11.74 -65.75 -110.34
CA LEU JB 59 -11.10 -66.18 -111.57
C LEU JB 59 -10.37 -64.99 -112.18
N ASP JB 60 -9.05 -65.11 -112.34
CA ASP JB 60 -8.22 -64.05 -112.86
C ASP JB 60 -7.50 -64.51 -114.12
N GLN JB 61 -7.26 -63.56 -115.03
CA GLN JB 61 -6.56 -63.85 -116.27
C GLN JB 61 -5.96 -62.54 -116.78
N ALA JB 62 -4.64 -62.45 -116.78
CA ALA JB 62 -3.93 -61.25 -117.23
C ALA JB 62 -3.28 -61.51 -118.58
N ASP JB 63 -3.53 -60.62 -119.53
CA ASP JB 63 -2.97 -60.74 -120.86
C ASP JB 63 -1.48 -60.36 -120.85
N VAL JB 64 -0.72 -60.96 -121.75
CA VAL JB 64 0.70 -60.72 -121.86
C VAL JB 64 1.03 -60.23 -123.27
N VAL JB 65 2.15 -59.53 -123.39
CA VAL JB 65 2.62 -59.03 -124.67
C VAL JB 65 4.12 -59.28 -124.77
N ASP JB 66 4.61 -59.39 -126.00
CA ASP JB 66 6.01 -59.68 -126.26
C ASP JB 66 6.43 -59.03 -127.57
N CYS JB 67 7.67 -58.56 -127.61
CA CYS JB 67 8.22 -57.91 -128.79
C CYS JB 67 9.44 -58.61 -129.36
N SER JB 68 9.74 -59.83 -128.91
CA SER JB 68 10.91 -60.54 -129.42
C SER JB 68 10.75 -60.96 -130.87
N THR JB 69 9.54 -60.90 -131.42
CA THR JB 69 9.33 -61.28 -132.82
C THR JB 69 9.89 -60.24 -133.77
N SER JB 70 9.86 -58.96 -133.39
CA SER JB 70 10.36 -57.90 -134.24
C SER JB 70 11.46 -57.11 -133.54
N VAL JB 71 11.15 -56.57 -132.36
CA VAL JB 71 12.11 -55.80 -131.59
C VAL JB 71 13.18 -56.74 -131.03
N CYS JB 72 14.41 -56.24 -130.94
CA CYS JB 72 15.61 -56.93 -130.47
C CYS JB 72 15.44 -57.64 -129.14
N GLY JB 73 14.67 -57.05 -128.23
CA GLY JB 73 14.82 -57.26 -126.81
C GLY JB 73 13.67 -56.74 -125.97
N GLU JB 74 12.78 -57.64 -125.56
CA GLU JB 74 11.66 -57.27 -124.70
C GLU JB 74 11.10 -58.54 -124.07
N LEU JB 75 11.16 -58.64 -122.75
CA LEU JB 75 10.63 -59.80 -122.06
C LEU JB 75 9.11 -59.77 -122.08
N PRO JB 76 8.46 -60.93 -121.96
CA PRO JB 76 6.99 -60.95 -121.88
C PRO JB 76 6.49 -60.15 -120.69
N LYS JB 77 5.69 -59.12 -120.99
CA LYS JB 77 5.21 -58.20 -119.97
C LYS JB 77 3.69 -58.25 -119.90
N VAL JB 78 3.17 -58.28 -118.67
CA VAL JB 78 1.72 -58.30 -118.48
C VAL JB 78 1.14 -56.93 -118.79
N ARG JB 79 -0.13 -56.91 -119.20
CA ARG JB 79 -0.80 -55.68 -119.57
C ARG JB 79 -1.84 -55.38 -118.49
N TYR JB 80 -3.09 -55.76 -118.66
CA TYR JB 80 -4.15 -55.49 -117.70
C TYR JB 80 -4.45 -56.74 -116.89
N THR JB 81 -5.26 -56.56 -115.84
CA THR JB 81 -5.65 -57.64 -114.95
C THR JB 81 -7.16 -57.59 -114.75
N GLN JB 82 -7.81 -58.74 -114.82
CA GLN JB 82 -9.25 -58.85 -114.64
C GLN JB 82 -9.54 -59.70 -113.42
N VAL JB 83 -10.48 -59.23 -112.59
CA VAL JB 83 -10.86 -59.90 -111.36
C VAL JB 83 -12.36 -60.16 -111.39
N TRP JB 84 -12.75 -61.42 -111.21
CA TRP JB 84 -14.15 -61.84 -111.19
C TRP JB 84 -14.34 -62.75 -109.98
N SER JB 85 -14.69 -62.16 -108.84
CA SER JB 85 -14.90 -62.89 -107.61
C SER JB 85 -16.37 -63.26 -107.44
N HIS JB 86 -16.63 -64.14 -106.48
CA HIS JB 86 -17.98 -64.60 -106.19
C HIS JB 86 -18.18 -64.64 -104.68
N ASP JB 87 -19.41 -64.94 -104.27
CA ASP JB 87 -19.75 -65.02 -102.85
C ASP JB 87 -21.00 -65.88 -102.72
N VAL JB 88 -20.87 -67.04 -102.09
CA VAL JB 88 -21.97 -67.97 -101.90
C VAL JB 88 -22.25 -68.07 -100.40
N THR JB 89 -23.47 -67.68 -100.00
CA THR JB 89 -23.90 -67.73 -98.62
C THR JB 89 -25.17 -68.58 -98.56
N ILE JB 90 -24.99 -69.90 -98.51
CA ILE JB 90 -26.09 -70.85 -98.47
C ILE JB 90 -26.06 -71.57 -97.13
N VAL JB 91 -27.19 -71.55 -96.42
CA VAL JB 91 -27.26 -72.22 -95.13
C VAL JB 91 -27.32 -73.73 -95.33
N ALA JB 92 -26.92 -74.47 -94.30
CA ALA JB 92 -26.92 -75.94 -94.38
C ALA JB 92 -28.33 -76.49 -94.43
N ASN JB 93 -29.14 -76.17 -93.42
CA ASN JB 93 -30.52 -76.65 -93.35
C ASN JB 93 -31.37 -75.84 -94.32
N SER JB 94 -31.31 -76.23 -95.59
CA SER JB 94 -32.07 -75.55 -96.64
C SER JB 94 -32.98 -76.55 -97.36
N THR JB 95 -33.01 -76.49 -98.68
CA THR JB 95 -33.84 -77.37 -99.48
C THR JB 95 -33.10 -77.75 -100.75
N GLU JB 96 -33.02 -79.06 -101.03
CA GLU JB 96 -32.32 -79.52 -102.23
C GLU JB 96 -33.03 -79.05 -103.50
N ALA JB 97 -34.36 -79.11 -103.51
CA ALA JB 97 -35.11 -78.66 -104.68
C ALA JB 97 -34.93 -77.17 -104.89
N SER JB 98 -34.95 -76.38 -103.81
CA SER JB 98 -34.75 -74.94 -103.94
C SER JB 98 -33.34 -74.63 -104.43
N ARG JB 99 -32.34 -75.36 -103.93
CA ARG JB 99 -30.97 -75.14 -104.39
C ARG JB 99 -30.82 -75.49 -105.86
N LYS JB 100 -31.46 -76.59 -106.29
CA LYS JB 100 -31.40 -76.98 -107.70
C LYS JB 100 -32.09 -75.94 -108.59
N SER JB 101 -33.24 -75.42 -108.14
CA SER JB 101 -33.92 -74.39 -108.91
C SER JB 101 -33.11 -73.12 -109.00
N LEU JB 102 -32.44 -72.74 -107.89
CA LEU JB 102 -31.59 -71.56 -107.91
C LEU JB 102 -30.41 -71.75 -108.84
N TYR JB 103 -29.79 -72.94 -108.82
CA TYR JB 103 -28.69 -73.21 -109.73
C TYR JB 103 -29.13 -73.17 -111.18
N ASP JB 104 -30.31 -73.72 -111.47
CA ASP JB 104 -30.83 -73.68 -112.84
C ASP JB 104 -31.11 -72.25 -113.28
N LEU JB 105 -31.67 -71.43 -112.39
CA LEU JB 105 -31.92 -70.04 -112.72
C LEU JB 105 -30.62 -69.28 -112.97
N THR JB 106 -29.60 -69.55 -112.15
CA THR JB 106 -28.31 -68.91 -112.37
C THR JB 106 -27.68 -69.34 -113.69
N LYS JB 107 -27.79 -70.63 -114.01
CA LYS JB 107 -27.25 -71.12 -115.29
C LYS JB 107 -27.98 -70.49 -116.46
N SER JB 108 -29.31 -70.34 -116.36
CA SER JB 108 -30.07 -69.71 -117.43
C SER JB 108 -29.70 -68.24 -117.58
N LEU JB 109 -29.54 -67.52 -116.47
CA LEU JB 109 -29.15 -66.12 -116.53
C LEU JB 109 -27.74 -65.96 -117.09
N VAL JB 110 -26.86 -66.93 -116.84
CA VAL JB 110 -25.50 -66.85 -117.38
C VAL JB 110 -25.52 -67.14 -118.88
N ALA JB 111 -26.29 -68.15 -119.30
CA ALA JB 111 -26.33 -68.55 -120.70
C ALA JB 111 -27.21 -67.64 -121.56
N THR JB 112 -27.99 -66.74 -120.96
CA THR JB 112 -28.83 -65.85 -121.74
C THR JB 112 -27.98 -64.87 -122.54
N SER JB 113 -28.60 -64.24 -123.52
CA SER JB 113 -27.93 -63.31 -124.41
C SER JB 113 -27.85 -61.90 -123.85
N GLN JB 114 -28.58 -61.60 -122.78
CA GLN JB 114 -28.56 -60.27 -122.18
C GLN JB 114 -27.25 -59.99 -121.45
N VAL JB 115 -26.76 -60.95 -120.66
CA VAL JB 115 -25.50 -60.75 -119.95
C VAL JB 115 -24.34 -60.67 -120.94
N GLU JB 116 -24.41 -61.44 -122.03
CA GLU JB 116 -23.37 -61.36 -123.04
C GLU JB 116 -23.30 -59.97 -123.67
N ASP JB 117 -24.46 -59.38 -123.97
CA ASP JB 117 -24.49 -58.03 -124.51
C ASP JB 117 -24.01 -57.02 -123.48
N LEU JB 118 -24.41 -57.20 -122.22
CA LEU JB 118 -23.94 -56.32 -121.15
C LEU JB 118 -22.43 -56.37 -121.01
N VAL JB 119 -21.83 -57.54 -121.22
CA VAL JB 119 -20.39 -57.68 -121.10
C VAL JB 119 -19.68 -57.08 -122.31
N VAL JB 120 -20.18 -57.37 -123.51
CA VAL JB 120 -19.51 -56.95 -124.74
C VAL JB 120 -19.76 -55.48 -125.00
N ASN JB 121 -21.01 -55.12 -125.33
CA ASN JB 121 -21.34 -53.77 -125.73
C ASN JB 121 -21.48 -52.80 -124.55
N LEU JB 122 -21.30 -53.27 -123.32
CA LEU JB 122 -21.38 -52.43 -122.12
C LEU JB 122 -22.74 -51.74 -122.00
N VAL JB 123 -23.78 -52.36 -122.55
CA VAL JB 123 -25.13 -51.83 -122.49
C VAL JB 123 -25.81 -52.36 -121.23
N PRO JB 124 -26.46 -51.50 -120.43
CA PRO JB 124 -27.11 -51.99 -119.21
C PRO JB 124 -28.16 -53.05 -119.51
N LEU JB 125 -28.25 -54.02 -118.60
CA LEU JB 125 -29.17 -55.15 -118.77
C LEU JB 125 -30.62 -54.65 -118.70
N GLY JB 126 -31.37 -54.86 -119.77
CA GLY JB 126 -32.76 -54.43 -119.82
C GLY JB 126 -33.40 -54.65 -121.17
N ARG JB 127 -33.69 -55.90 -121.50
CA ARG JB 127 -34.31 -56.23 -122.77
C ARG JB 127 -35.74 -56.74 -122.57
N SER KB 1 -32.26 -45.76 -126.11
CA SER KB 1 -32.88 -44.89 -125.12
C SER KB 1 -33.25 -43.55 -125.76
N LYS KB 2 -32.60 -42.48 -125.34
CA LYS KB 2 -32.79 -41.17 -125.97
C LYS KB 2 -31.68 -40.99 -127.00
N THR KB 3 -32.06 -40.81 -128.27
CA THR KB 3 -31.13 -40.68 -129.37
C THR KB 3 -31.15 -39.25 -129.90
N ILE KB 4 -29.97 -38.73 -130.23
CA ILE KB 4 -29.81 -37.39 -130.78
C ILE KB 4 -29.02 -37.52 -132.08
N VAL KB 5 -29.59 -37.01 -133.17
CA VAL KB 5 -28.98 -37.08 -134.49
C VAL KB 5 -28.40 -35.71 -134.82
N LEU KB 6 -27.10 -35.69 -135.14
CA LEU KB 6 -26.41 -34.46 -135.51
C LEU KB 6 -25.89 -34.58 -136.93
N SER KB 7 -26.19 -33.58 -137.76
CA SER KB 7 -25.79 -33.57 -139.17
C SER KB 7 -24.54 -32.70 -139.32
N VAL KB 8 -23.45 -33.31 -139.77
CA VAL KB 8 -22.20 -32.58 -139.96
C VAL KB 8 -22.05 -32.06 -141.38
N GLY KB 9 -22.88 -32.52 -142.32
CA GLY KB 9 -22.78 -32.08 -143.70
C GLY KB 9 -22.87 -33.25 -144.68
N GLU KB 10 -22.09 -34.30 -144.42
CA GLU KB 10 -22.12 -35.49 -145.24
C GLU KB 10 -22.46 -36.77 -144.48
N ALA KB 11 -22.28 -36.79 -143.17
CA ALA KB 11 -22.59 -37.94 -142.34
C ALA KB 11 -23.44 -37.50 -141.16
N THR KB 12 -24.07 -38.48 -140.50
CA THR KB 12 -24.94 -38.22 -139.36
C THR KB 12 -24.41 -38.98 -138.16
N ARG KB 13 -24.18 -38.26 -137.07
CA ARG KB 13 -23.69 -38.84 -135.83
C ARG KB 13 -24.85 -39.04 -134.86
N THR KB 14 -24.77 -40.11 -134.05
CA THR KB 14 -25.82 -40.48 -133.13
C THR KB 14 -25.27 -40.50 -131.72
N LEU KB 15 -25.90 -39.72 -130.83
CA LEU KB 15 -25.56 -39.70 -129.42
C LEU KB 15 -26.67 -40.40 -128.62
N THR KB 16 -26.28 -41.25 -127.69
CA THR KB 16 -27.21 -42.05 -126.91
C THR KB 16 -27.15 -41.67 -125.44
N GLU KB 17 -28.32 -41.60 -124.81
CA GLU KB 17 -28.38 -41.33 -123.38
C GLU KB 17 -27.83 -42.51 -122.60
N ILE KB 18 -26.96 -42.25 -121.63
CA ILE KB 18 -26.34 -43.33 -120.86
C ILE KB 18 -26.61 -43.22 -119.36
N GLN KB 19 -26.55 -42.01 -118.80
CA GLN KB 19 -26.71 -41.84 -117.36
C GLN KB 19 -27.92 -40.92 -117.12
N SER KB 20 -29.11 -41.50 -117.20
CA SER KB 20 -30.36 -40.75 -117.07
C SER KB 20 -30.58 -40.38 -115.61
N THR KB 21 -30.36 -39.10 -115.29
CA THR KB 21 -30.60 -38.57 -113.95
C THR KB 21 -31.05 -37.13 -114.08
N ALA KB 22 -31.83 -36.67 -113.09
CA ALA KB 22 -32.40 -35.33 -113.14
C ALA KB 22 -31.31 -34.26 -113.06
N ASP KB 23 -30.47 -34.33 -112.02
CA ASP KB 23 -29.46 -33.31 -111.79
C ASP KB 23 -28.23 -33.48 -112.67
N ARG KB 24 -28.14 -34.54 -113.47
CA ARG KB 24 -26.98 -34.75 -114.33
C ARG KB 24 -27.39 -35.71 -115.44
N GLN KB 25 -27.47 -35.19 -116.67
CA GLN KB 25 -27.76 -36.00 -117.85
C GLN KB 25 -26.49 -36.15 -118.67
N ILE KB 26 -26.08 -37.38 -118.92
CA ILE KB 26 -24.83 -37.69 -119.61
C ILE KB 26 -25.18 -38.38 -120.92
N PHE KB 27 -24.93 -37.70 -122.04
CA PHE KB 27 -25.11 -38.26 -123.37
C PHE KB 27 -23.74 -38.65 -123.94
N GLU KB 28 -23.67 -39.83 -124.54
CA GLU KB 28 -22.45 -40.33 -125.14
C GLU KB 28 -22.69 -40.67 -126.59
N GLU KB 29 -21.70 -40.37 -127.43
CA GLU KB 29 -21.79 -40.71 -128.85
C GLU KB 29 -21.34 -42.15 -129.08
N LYS KB 30 -22.11 -42.89 -129.87
CA LYS KB 30 -21.82 -44.28 -130.19
C LYS KB 30 -21.41 -44.37 -131.65
N VAL KB 31 -20.11 -44.59 -131.89
CA VAL KB 31 -19.58 -44.75 -133.23
C VAL KB 31 -18.68 -45.97 -133.26
N GLY KB 32 -17.70 -46.01 -132.36
CA GLY KB 32 -16.77 -47.12 -132.27
C GLY KB 32 -16.24 -47.30 -130.87
N PRO KB 33 -15.03 -46.79 -130.61
CA PRO KB 33 -14.47 -46.87 -129.26
C PRO KB 33 -15.20 -45.94 -128.31
N LEU KB 34 -15.77 -46.51 -127.24
CA LEU KB 34 -16.54 -45.71 -126.30
C LEU KB 34 -15.63 -44.81 -125.48
N VAL KB 35 -14.43 -45.26 -125.14
CA VAL KB 35 -13.50 -44.43 -124.38
C VAL KB 35 -12.91 -43.36 -125.29
N GLY KB 36 -12.82 -42.14 -124.79
CA GLY KB 36 -12.29 -41.04 -125.56
C GLY KB 36 -13.16 -40.67 -126.74
N ARG KB 37 -14.43 -40.38 -126.48
CA ARG KB 37 -15.37 -40.03 -127.54
C ARG KB 37 -16.05 -38.69 -127.25
N LEU KB 38 -17.27 -38.51 -127.74
CA LEU KB 38 -18.03 -37.28 -127.53
C LEU KB 38 -19.00 -37.48 -126.38
N ARG KB 39 -18.89 -36.60 -125.38
CA ARG KB 39 -19.76 -36.66 -124.21
C ARG KB 39 -20.38 -35.28 -123.97
N LEU KB 40 -21.58 -35.29 -123.41
CA LEU KB 40 -22.33 -34.07 -123.13
C LEU KB 40 -22.97 -34.17 -121.76
N THR KB 41 -22.73 -33.17 -120.92
CA THR KB 41 -23.26 -33.11 -119.57
C THR KB 41 -24.24 -31.96 -119.47
N ALA KB 42 -25.47 -32.27 -119.03
CA ALA KB 42 -26.52 -31.27 -118.88
C ALA KB 42 -27.00 -31.25 -117.43
N SER KB 43 -27.24 -30.06 -116.92
CA SER KB 43 -27.70 -29.89 -115.55
C SER KB 43 -28.68 -28.73 -115.48
N LEU KB 44 -29.73 -28.89 -114.66
CA LEU KB 44 -30.74 -27.87 -114.45
C LEU KB 44 -31.04 -27.77 -112.97
N ARG KB 45 -31.13 -26.54 -112.46
CA ARG KB 45 -31.34 -26.31 -111.04
C ARG KB 45 -32.01 -24.95 -110.85
N GLN KB 46 -32.22 -24.58 -109.59
CA GLN KB 46 -32.79 -23.31 -109.20
C GLN KB 46 -31.69 -22.43 -108.60
N ASN KB 47 -32.09 -21.38 -107.87
CA ASN KB 47 -31.13 -20.46 -107.28
C ASN KB 47 -31.83 -19.58 -106.25
N GLY KB 48 -31.09 -19.20 -105.21
CA GLY KB 48 -31.59 -18.30 -104.19
C GLY KB 48 -32.87 -18.74 -103.51
N ALA KB 49 -33.92 -17.93 -103.65
CA ALA KB 49 -35.21 -18.22 -103.06
C ALA KB 49 -36.26 -18.34 -104.15
N LYS KB 50 -36.15 -19.36 -105.01
CA LYS KB 50 -37.12 -19.66 -106.06
C LYS KB 50 -37.22 -18.56 -107.11
N THR KB 51 -36.18 -17.74 -107.27
CA THR KB 51 -36.24 -16.58 -108.16
C THR KB 51 -36.04 -17.01 -109.61
N ALA KB 52 -34.79 -17.28 -109.99
CA ALA KB 52 -34.46 -17.66 -111.35
C ALA KB 52 -34.07 -19.13 -111.41
N TYR KB 53 -33.32 -19.51 -112.45
CA TYR KB 53 -32.87 -20.88 -112.63
C TYR KB 53 -31.43 -20.87 -113.09
N ARG KB 54 -30.85 -22.07 -113.22
CA ARG KB 54 -29.46 -22.22 -113.64
C ARG KB 54 -29.35 -23.46 -114.51
N VAL KB 55 -28.87 -23.29 -115.73
CA VAL KB 55 -28.68 -24.39 -116.68
C VAL KB 55 -27.21 -24.45 -117.06
N ASN KB 56 -26.65 -25.66 -117.01
CA ASN KB 56 -25.25 -25.88 -117.35
C ASN KB 56 -25.17 -26.93 -118.45
N LEU KB 57 -24.40 -26.62 -119.49
CA LEU KB 57 -24.22 -27.52 -120.63
C LEU KB 57 -22.73 -27.58 -120.97
N LYS KB 58 -22.14 -28.76 -120.85
CA LYS KB 58 -20.73 -28.97 -121.15
C LYS KB 58 -20.60 -30.04 -122.23
N LEU KB 59 -19.65 -29.83 -123.14
CA LEU KB 59 -19.41 -30.77 -124.23
C LEU KB 59 -17.91 -31.07 -124.29
N ASP KB 60 -17.57 -32.35 -124.13
CA ASP KB 60 -16.17 -32.78 -124.11
C ASP KB 60 -15.94 -33.80 -125.22
N GLN KB 61 -14.71 -33.78 -125.74
CA GLN KB 61 -14.31 -34.72 -126.79
C GLN KB 61 -12.79 -34.85 -126.76
N ALA KB 62 -12.30 -36.02 -126.39
CA ALA KB 62 -10.87 -36.28 -126.29
C ALA KB 62 -10.43 -37.17 -127.46
N ASP KB 63 -9.39 -36.74 -128.16
CA ASP KB 63 -8.87 -37.50 -129.28
C ASP KB 63 -8.07 -38.71 -128.77
N VAL KB 64 -8.06 -39.77 -129.59
CA VAL KB 64 -7.35 -41.00 -129.24
C VAL KB 64 -6.35 -41.31 -130.34
N VAL KB 65 -5.33 -42.09 -129.98
CA VAL KB 65 -4.29 -42.52 -130.90
C VAL KB 65 -4.02 -44.00 -130.67
N ASP KB 66 -3.54 -44.67 -131.72
CA ASP KB 66 -3.27 -46.11 -131.67
C ASP KB 66 -2.12 -46.43 -132.60
N CYS KB 67 -1.29 -47.39 -132.18
CA CYS KB 67 -0.14 -47.82 -132.97
C CYS KB 67 -0.19 -49.28 -133.36
N SER KB 68 -1.33 -49.95 -133.20
CA SER KB 68 -1.42 -51.37 -133.55
C SER KB 68 -1.34 -51.61 -135.05
N THR KB 69 -1.49 -50.54 -135.87
CA THR KB 69 -1.41 -50.71 -137.31
C THR KB 69 0.02 -50.97 -137.77
N SER KB 70 1.01 -50.39 -137.08
CA SER KB 70 2.41 -50.58 -137.46
C SER KB 70 3.20 -51.17 -136.31
N VAL KB 71 3.17 -50.52 -135.15
CA VAL KB 71 3.90 -50.98 -133.98
C VAL KB 71 3.21 -52.23 -133.44
N CYS KB 72 4.01 -53.16 -132.92
CA CYS KB 72 3.64 -54.45 -132.32
C CYS KB 72 2.49 -54.37 -131.31
N GLY KB 73 2.44 -53.30 -130.54
CA GLY KB 73 1.81 -53.31 -129.23
C GLY KB 73 1.63 -51.94 -128.62
N GLU KB 74 0.41 -51.41 -128.71
CA GLU KB 74 0.10 -50.12 -128.10
C GLU KB 74 -1.42 -49.99 -128.01
N LEU KB 75 -1.94 -49.89 -126.79
CA LEU KB 75 -3.37 -49.74 -126.60
C LEU KB 75 -3.82 -48.34 -127.00
N PRO KB 76 -5.09 -48.17 -127.38
CA PRO KB 76 -5.60 -46.83 -127.69
C PRO KB 76 -5.44 -45.88 -126.51
N LYS KB 77 -4.69 -44.82 -126.71
CA LYS KB 77 -4.35 -43.87 -125.65
C LYS KB 77 -4.91 -42.49 -125.99
N VAL KB 78 -5.51 -41.85 -124.99
CA VAL KB 78 -6.06 -40.51 -125.20
C VAL KB 78 -4.91 -39.50 -125.27
N ARG KB 79 -5.16 -38.39 -125.99
CA ARG KB 79 -4.15 -37.37 -126.16
C ARG KB 79 -4.56 -36.15 -125.35
N TYR KB 80 -5.24 -35.17 -125.95
CA TYR KB 80 -5.67 -33.96 -125.26
C TYR KB 80 -7.15 -34.05 -124.91
N THR KB 81 -7.59 -33.09 -124.10
CA THR KB 81 -8.98 -33.00 -123.67
C THR KB 81 -9.48 -31.58 -123.86
N GLN KB 82 -10.68 -31.43 -124.41
CA GLN KB 82 -11.29 -30.13 -124.64
C GLN KB 82 -12.55 -30.00 -123.81
N VAL KB 83 -12.70 -28.85 -123.15
CA VAL KB 83 -13.85 -28.57 -122.29
C VAL KB 83 -14.53 -27.31 -122.79
N TRP KB 84 -15.83 -27.41 -123.05
CA TRP KB 84 -16.65 -26.27 -123.52
C TRP KB 84 -17.93 -26.27 -122.68
N SER KB 85 -17.91 -25.56 -121.57
CA SER KB 85 -19.04 -25.46 -120.66
C SER KB 85 -19.89 -24.23 -121.00
N HIS KB 86 -21.08 -24.19 -120.42
CA HIS KB 86 -22.01 -23.09 -120.62
C HIS KB 86 -22.63 -22.70 -119.28
N ASP KB 87 -23.40 -21.63 -119.30
CA ASP KB 87 -24.07 -21.14 -118.10
C ASP KB 87 -25.27 -20.30 -118.53
N VAL KB 88 -26.48 -20.77 -118.21
CA VAL KB 88 -27.71 -20.08 -118.57
C VAL KB 88 -28.40 -19.65 -117.29
N THR KB 89 -28.57 -18.33 -117.12
CA THR KB 89 -29.22 -17.74 -115.96
C THR KB 89 -30.39 -16.90 -116.47
N ILE KB 90 -31.51 -17.56 -116.73
CA ILE KB 90 -32.72 -16.90 -117.23
C ILE KB 90 -33.80 -17.01 -116.17
N VAL KB 91 -34.39 -15.88 -115.81
CA VAL KB 91 -35.44 -15.87 -114.80
C VAL KB 91 -36.74 -16.41 -115.41
N ALA KB 92 -37.61 -16.90 -114.54
CA ALA KB 92 -38.88 -17.47 -115.01
C ALA KB 92 -39.80 -16.40 -115.58
N ASN KB 93 -40.12 -15.40 -114.76
CA ASN KB 93 -40.99 -14.30 -115.18
C ASN KB 93 -40.20 -13.36 -116.09
N SER KB 94 -40.11 -13.76 -117.36
CA SER KB 94 -39.38 -12.97 -118.35
C SER KB 94 -40.30 -12.60 -119.52
N THR KB 95 -39.80 -12.76 -120.74
CA THR KB 95 -40.58 -12.46 -121.94
C THR KB 95 -40.24 -13.47 -123.02
N GLU KB 96 -41.28 -14.07 -123.60
CA GLU KB 96 -41.06 -15.06 -124.65
C GLU KB 96 -40.43 -14.43 -125.89
N ALA KB 97 -40.90 -13.23 -126.27
CA ALA KB 97 -40.34 -12.55 -127.43
C ALA KB 97 -38.88 -12.18 -127.19
N SER KB 98 -38.56 -11.70 -125.98
CA SER KB 98 -37.18 -11.36 -125.67
C SER KB 98 -36.29 -12.59 -125.66
N ARG KB 99 -36.80 -13.72 -125.13
CA ARG KB 99 -36.02 -14.96 -125.15
C ARG KB 99 -35.78 -15.44 -126.57
N LYS KB 100 -36.81 -15.34 -127.42
CA LYS KB 100 -36.64 -15.75 -128.82
C LYS KB 100 -35.64 -14.86 -129.55
N SER KB 101 -35.70 -13.55 -129.29
CA SER KB 101 -34.74 -12.64 -129.91
C SER KB 101 -33.32 -12.92 -129.44
N LEU KB 102 -33.15 -13.22 -128.14
CA LEU KB 102 -31.83 -13.54 -127.62
C LEU KB 102 -31.31 -14.84 -128.22
N TYR KB 103 -32.18 -15.85 -128.36
CA TYR KB 103 -31.77 -17.10 -128.98
C TYR KB 103 -31.37 -16.89 -130.44
N ASP KB 104 -32.13 -16.07 -131.17
CA ASP KB 104 -31.79 -15.78 -132.55
C ASP KB 104 -30.46 -15.04 -132.67
N LEU KB 105 -30.21 -14.10 -131.76
CA LEU KB 105 -28.94 -13.38 -131.76
C LEU KB 105 -27.78 -14.32 -131.45
N THR KB 106 -27.98 -15.24 -130.50
CA THR KB 106 -26.93 -16.20 -130.19
C THR KB 106 -26.67 -17.13 -131.37
N LYS KB 107 -27.73 -17.58 -132.04
CA LYS KB 107 -27.56 -18.43 -133.21
C LYS KB 107 -26.83 -17.71 -134.32
N SER KB 108 -27.15 -16.42 -134.53
CA SER KB 108 -26.46 -15.65 -135.56
C SER KB 108 -24.99 -15.46 -135.21
N LEU KB 109 -24.69 -15.16 -133.94
CA LEU KB 109 -23.30 -14.99 -133.53
C LEU KB 109 -22.53 -16.30 -133.64
N VAL KB 110 -23.19 -17.44 -133.43
CA VAL KB 110 -22.51 -18.72 -133.57
C VAL KB 110 -22.27 -19.04 -135.04
N ALA KB 111 -23.26 -18.79 -135.90
CA ALA KB 111 -23.15 -19.10 -137.31
C ALA KB 111 -22.33 -18.08 -138.10
N THR KB 112 -21.98 -16.94 -137.50
CA THR KB 112 -21.19 -15.95 -138.21
C THR KB 112 -19.78 -16.48 -138.46
N SER KB 113 -19.07 -15.81 -139.38
CA SER KB 113 -17.73 -16.21 -139.78
C SER KB 113 -16.65 -15.66 -138.85
N GLN KB 114 -16.98 -14.72 -137.97
CA GLN KB 114 -15.99 -14.14 -137.07
C GLN KB 114 -15.58 -15.12 -135.96
N VAL KB 115 -16.56 -15.81 -135.36
CA VAL KB 115 -16.23 -16.79 -134.32
C VAL KB 115 -15.46 -17.97 -134.91
N GLU KB 116 -15.79 -18.35 -136.15
CA GLU KB 116 -15.04 -19.44 -136.79
C GLU KB 116 -13.58 -19.05 -136.99
N ASP KB 117 -13.33 -17.82 -137.42
CA ASP KB 117 -11.95 -17.36 -137.56
C ASP KB 117 -11.25 -17.26 -136.21
N LEU KB 118 -11.96 -16.77 -135.19
CA LEU KB 118 -11.40 -16.71 -133.85
C LEU KB 118 -11.03 -18.10 -133.32
N VAL KB 119 -11.80 -19.11 -133.69
CA VAL KB 119 -11.52 -20.46 -133.23
C VAL KB 119 -10.35 -21.06 -134.01
N VAL KB 120 -10.36 -20.91 -135.34
CA VAL KB 120 -9.35 -21.54 -136.19
C VAL KB 120 -8.03 -20.78 -136.09
N ASN KB 121 -8.00 -19.56 -136.63
CA ASN KB 121 -6.76 -18.79 -136.73
C ASN KB 121 -6.35 -18.13 -135.42
N LEU KB 122 -7.13 -18.29 -134.35
CA LEU KB 122 -6.83 -17.72 -133.04
C LEU KB 122 -6.68 -16.20 -133.10
N VAL KB 123 -7.37 -15.57 -134.04
CA VAL KB 123 -7.34 -14.12 -134.20
C VAL KB 123 -8.45 -13.51 -133.35
N PRO KB 124 -8.17 -12.48 -132.56
CA PRO KB 124 -9.22 -11.89 -131.71
C PRO KB 124 -10.40 -11.38 -132.55
N LEU KB 125 -11.59 -11.52 -132.00
CA LEU KB 125 -12.81 -11.14 -132.69
C LEU KB 125 -12.85 -9.63 -132.86
N GLY KB 126 -12.91 -9.17 -134.11
CA GLY KB 126 -12.94 -7.75 -134.40
C GLY KB 126 -12.88 -7.45 -135.88
N ARG KB 127 -13.96 -7.70 -136.60
CA ARG KB 127 -14.02 -7.45 -138.03
C ARG KB 127 -14.98 -6.32 -138.36
N SER LB 1 -49.94 62.69 109.29
CA SER LB 1 -50.51 62.65 107.95
C SER LB 1 -51.09 64.00 107.55
N LYS LB 2 -52.13 63.97 106.71
CA LYS LB 2 -52.73 65.18 106.17
C LYS LB 2 -54.23 64.95 106.04
N THR LB 3 -55.01 65.79 106.73
CA THR LB 3 -56.46 65.66 106.76
C THR LB 3 -57.09 66.82 106.00
N ILE LB 4 -58.15 66.51 105.25
CA ILE LB 4 -58.90 67.49 104.48
C ILE LB 4 -60.36 67.37 104.86
N VAL LB 5 -60.96 68.48 105.30
CA VAL LB 5 -62.35 68.51 105.74
C VAL LB 5 -63.19 69.14 104.64
N LEU LB 6 -64.22 68.44 104.19
CA LEU LB 6 -65.13 68.93 103.16
C LEU LB 6 -66.53 69.02 103.73
N SER LB 7 -67.17 70.18 103.56
CA SER LB 7 -68.50 70.44 104.08
C SER LB 7 -69.51 70.26 102.95
N VAL LB 8 -70.42 69.30 103.12
CA VAL LB 8 -71.45 69.04 102.12
C VAL LB 8 -72.74 69.81 102.39
N GLY LB 9 -72.89 70.39 103.58
CA GLY LB 9 -74.10 71.11 103.92
C GLY LB 9 -74.62 70.75 105.30
N GLU LB 10 -74.71 69.46 105.59
CA GLU LB 10 -75.15 68.98 106.89
C GLU LB 10 -74.14 68.08 107.59
N ALA LB 11 -73.21 67.47 106.86
CA ALA LB 11 -72.19 66.62 107.44
C ALA LB 11 -70.82 67.03 106.90
N THR LB 12 -69.78 66.57 107.57
CA THR LB 12 -68.40 66.89 107.21
C THR LB 12 -67.65 65.60 106.90
N ARG LB 13 -67.06 65.52 105.71
CA ARG LB 13 -66.28 64.36 105.30
C ARG LB 13 -64.80 64.64 105.48
N THR LB 14 -64.05 63.59 105.81
CA THR LB 14 -62.62 63.69 106.10
C THR LB 14 -61.85 62.81 105.14
N LEU LB 15 -60.90 63.40 104.42
CA LEU LB 15 -60.00 62.67 103.53
C LEU LB 15 -58.62 62.65 104.15
N THR LB 16 -57.97 61.49 104.12
CA THR LB 16 -56.67 61.29 104.74
C THR LB 16 -55.62 60.96 103.69
N GLU LB 17 -54.44 61.55 103.85
CA GLU LB 17 -53.33 61.25 102.96
C GLU LB 17 -52.85 59.82 103.19
N ILE LB 18 -52.68 59.08 102.08
CA ILE LB 18 -52.37 57.65 102.11
C ILE LB 18 -51.01 57.36 101.48
N GLN LB 19 -50.74 57.92 100.30
CA GLN LB 19 -49.54 57.62 99.52
C GLN LB 19 -48.79 58.93 99.28
N SER LB 20 -48.02 59.35 100.29
CA SER LB 20 -47.31 60.63 100.24
C SER LB 20 -46.09 60.48 99.33
N THR LB 21 -46.18 61.05 98.14
CA THR LB 21 -45.07 61.08 97.19
C THR LB 21 -45.14 62.38 96.39
N ALA LB 22 -43.99 62.82 95.92
CA ALA LB 22 -43.90 64.11 95.22
C ALA LB 22 -44.66 64.06 93.90
N ASP LB 23 -44.34 63.09 93.05
CA ASP LB 23 -44.95 63.02 91.72
C ASP LB 23 -46.34 62.43 91.72
N ARG LB 24 -46.84 61.96 92.87
CA ARG LB 24 -48.18 61.36 92.93
C ARG LB 24 -48.65 61.41 94.38
N GLN LB 25 -49.64 62.24 94.66
CA GLN LB 25 -50.26 62.34 95.97
C GLN LB 25 -51.64 61.71 95.92
N ILE LB 26 -51.88 60.71 96.77
CA ILE LB 26 -53.12 59.95 96.77
C ILE LB 26 -53.82 60.20 98.10
N PHE LB 27 -54.96 60.90 98.05
CA PHE LB 27 -55.79 61.12 99.22
C PHE LB 27 -56.99 60.19 99.16
N GLU LB 28 -57.34 59.60 100.30
CA GLU LB 28 -58.44 58.65 100.38
C GLU LB 28 -59.37 59.02 101.54
N GLU LB 29 -60.67 58.98 101.26
CA GLU LB 29 -61.68 59.33 102.27
C GLU LB 29 -61.89 58.17 103.23
N LYS LB 30 -61.92 58.48 104.52
CA LYS LB 30 -62.11 57.48 105.58
C LYS LB 30 -63.48 57.68 106.19
N VAL LB 31 -64.41 56.77 105.88
CA VAL LB 31 -65.76 56.82 106.43
C VAL LB 31 -66.13 55.42 106.93
N GLY LB 32 -66.00 54.43 106.06
CA GLY LB 32 -66.31 53.06 106.40
C GLY LB 32 -65.50 52.07 105.58
N PRO LB 33 -66.11 51.53 104.53
CA PRO LB 33 -65.38 50.60 103.64
C PRO LB 33 -64.35 51.36 102.82
N LEU LB 34 -63.08 50.96 102.96
CA LEU LB 34 -62.01 51.65 102.24
C LEU LB 34 -62.06 51.36 100.75
N VAL LB 35 -62.45 50.15 100.36
CA VAL LB 35 -62.55 49.80 98.95
C VAL LB 35 -63.79 50.45 98.36
N GLY LB 36 -63.65 51.02 97.16
CA GLY LB 36 -64.76 51.68 96.51
C GLY LB 36 -65.22 52.93 97.23
N ARG LB 37 -64.30 53.86 97.47
CA ARG LB 37 -64.62 55.10 98.17
C ARG LB 37 -64.21 56.31 97.36
N LEU LB 38 -63.88 57.41 98.03
CA LEU LB 38 -63.47 58.65 97.38
C LEU LB 38 -61.96 58.73 97.37
N ARG LB 39 -61.38 58.88 96.18
CA ARG LB 39 -59.93 58.99 96.03
C ARG LB 39 -59.60 60.20 95.17
N LEU LB 40 -58.43 60.78 95.44
CA LEU LB 40 -57.97 61.99 94.76
C LEU LB 40 -56.49 61.84 94.43
N THR LB 41 -56.15 62.03 93.16
CA THR LB 41 -54.78 61.93 92.67
C THR LB 41 -54.30 63.30 92.24
N ALA LB 42 -53.18 63.74 92.81
CA ALA LB 42 -52.58 65.03 92.47
C ALA LB 42 -51.18 64.82 91.95
N SER LB 43 -50.82 65.59 90.92
CA SER LB 43 -49.50 65.50 90.32
C SER LB 43 -49.05 66.88 89.88
N LEU LB 44 -47.76 67.17 90.06
CA LEU LB 44 -47.16 68.43 89.66
C LEU LB 44 -45.83 68.15 88.98
N ARG LB 45 -45.58 68.83 87.87
CA ARG LB 45 -44.36 68.62 87.11
C ARG LB 45 -44.00 69.89 86.35
N GLN LB 46 -43.01 69.78 85.47
CA GLN LB 46 -42.57 70.87 84.61
C GLN LB 46 -42.91 70.51 83.15
N ASN LB 47 -42.27 71.19 82.21
CA ASN LB 47 -42.50 70.95 80.80
C ASN LB 47 -41.38 71.58 79.99
N GLY LB 48 -41.13 71.01 78.81
CA GLY LB 48 -40.19 71.56 77.85
C GLY LB 48 -38.82 71.86 78.42
N ALA LB 49 -38.44 73.13 78.37
CA ALA LB 49 -37.15 73.59 78.88
C ALA LB 49 -37.34 74.59 80.01
N LYS LB 50 -37.94 74.12 81.10
CA LYS LB 50 -38.16 74.92 82.31
C LYS LB 50 -38.95 76.18 82.00
N THR LB 51 -39.93 76.07 81.10
CA THR LB 51 -40.77 77.21 80.74
C THR LB 51 -41.97 77.31 81.68
N ALA LB 52 -42.97 76.45 81.50
CA ALA LB 52 -44.17 76.48 82.32
C ALA LB 52 -44.21 75.26 83.25
N TYR LB 53 -45.41 74.91 83.71
CA TYR LB 53 -45.60 73.77 84.60
C TYR LB 53 -46.83 73.00 84.16
N ARG LB 54 -47.08 71.88 84.84
CA ARG LB 54 -48.22 71.03 84.54
C ARG LB 54 -48.76 70.45 85.84
N VAL LB 55 -50.03 70.70 86.11
CA VAL LB 55 -50.70 70.19 87.30
C VAL LB 55 -51.87 69.32 86.87
N ASN LB 56 -51.97 68.14 87.48
CA ASN LB 56 -53.04 67.21 87.17
C ASN LB 56 -53.78 66.86 88.46
N LEU LB 57 -55.11 66.94 88.42
CA LEU LB 57 -55.96 66.64 89.56
C LEU LB 57 -57.11 65.75 89.10
N LYS LB 58 -57.17 64.53 89.63
CA LYS LB 58 -58.23 63.58 89.30
C LYS LB 58 -58.97 63.19 90.56
N LEU LB 59 -60.29 63.03 90.44
CA LEU LB 59 -61.14 62.65 91.56
C LEU LB 59 -62.02 61.50 91.14
N ASP LB 60 -61.90 60.36 91.83
CA ASP LB 60 -62.64 59.16 91.50
C ASP LB 60 -63.49 58.74 92.70
N GLN LB 61 -64.65 58.13 92.39
CA GLN LB 61 -65.55 57.63 93.43
C GLN LB 61 -66.42 56.54 92.82
N ALA LB 62 -66.23 55.31 93.26
CA ALA LB 62 -66.96 54.16 92.75
C ALA LB 62 -68.00 53.71 93.79
N ASP LB 63 -69.24 53.58 93.35
CA ASP LB 63 -70.31 53.13 94.24
C ASP LB 63 -70.20 51.63 94.50
N VAL LB 64 -70.66 51.22 95.68
CA VAL LB 64 -70.61 49.82 96.09
C VAL LB 64 -72.03 49.36 96.42
N VAL LB 65 -72.23 48.04 96.34
CA VAL LB 65 -73.50 47.42 96.65
C VAL LB 65 -73.24 46.17 97.48
N ASP LB 66 -74.24 45.80 98.29
CA ASP LB 66 -74.12 44.66 99.20
C ASP LB 66 -75.49 44.02 99.38
N CYS LB 67 -75.51 42.70 99.50
CA CYS LB 67 -76.74 41.94 99.68
C CYS LB 67 -76.78 41.16 100.97
N SER LB 68 -75.85 41.40 101.90
CA SER LB 68 -75.84 40.65 103.16
C SER LB 68 -77.02 41.00 104.06
N THR LB 69 -77.74 42.08 103.76
CA THR LB 69 -78.89 42.45 104.56
C THR LB 69 -80.07 41.50 104.34
N SER LB 70 -80.22 40.99 103.12
CA SER LB 70 -81.33 40.09 102.80
C SER LB 70 -80.81 38.75 102.30
N VAL LB 71 -79.99 38.78 101.25
CA VAL LB 71 -79.44 37.56 100.67
C VAL LB 71 -78.40 37.01 101.62
N CYS LB 72 -78.33 35.68 101.72
CA CYS LB 72 -77.39 35.06 102.65
C CYS LB 72 -76.07 34.76 101.98
N GLY LB 73 -75.49 35.74 101.29
CA GLY LB 73 -74.09 35.67 100.92
C GLY LB 73 -73.72 36.47 99.69
N GLU LB 74 -73.14 37.65 99.89
CA GLU LB 74 -72.70 38.50 98.79
C GLU LB 74 -71.74 39.53 99.35
N LEU LB 75 -70.49 39.50 98.89
CA LEU LB 75 -69.50 40.46 99.34
C LEU LB 75 -69.78 41.83 98.71
N PRO LB 76 -69.33 42.91 99.36
CA PRO LB 76 -69.49 44.25 98.77
C PRO LB 76 -68.81 44.33 97.42
N LYS LB 77 -69.61 44.62 96.38
CA LYS LB 77 -69.14 44.64 95.01
C LYS LB 77 -69.29 46.04 94.43
N VAL LB 78 -68.27 46.50 93.72
CA VAL LB 78 -68.32 47.81 93.09
C VAL LB 78 -69.23 47.76 91.87
N ARG LB 79 -69.82 48.91 91.54
CA ARG LB 79 -70.74 48.99 90.41
C ARG LB 79 -70.05 49.78 89.30
N TYR LB 80 -70.26 51.08 89.20
CA TYR LB 80 -69.67 51.90 88.16
C TYR LB 80 -68.51 52.70 88.72
N THR LB 81 -67.76 53.33 87.81
CA THR LB 81 -66.60 54.14 88.17
C THR LB 81 -66.68 55.47 87.43
N GLN LB 82 -66.42 56.55 88.15
CA GLN LB 82 -66.45 57.90 87.60
C GLN LB 82 -65.05 58.52 87.67
N VAL LB 83 -64.64 59.13 86.56
CA VAL LB 83 -63.32 59.74 86.43
C VAL LB 83 -63.51 61.22 86.08
N TRP LB 84 -62.92 62.10 86.87
CA TRP LB 84 -62.97 63.55 86.66
C TRP LB 84 -61.56 64.09 86.81
N SER LB 85 -60.81 64.14 85.71
CA SER LB 85 -59.45 64.62 85.71
C SER LB 85 -59.40 66.10 85.37
N HIS LB 86 -58.23 66.71 85.58
CA HIS LB 86 -58.01 68.11 85.30
C HIS LB 86 -56.66 68.28 84.62
N ASP LB 87 -56.38 69.52 84.20
CA ASP LB 87 -55.12 69.83 83.54
C ASP LB 87 -54.87 71.33 83.69
N VAL LB 88 -53.83 71.70 84.42
CA VAL LB 88 -53.47 73.09 84.67
C VAL LB 88 -52.13 73.36 84.01
N THR LB 89 -52.13 74.27 83.04
CA THR LB 89 -50.91 74.67 82.32
C THR LB 89 -50.74 76.18 82.50
N ILE LB 90 -50.16 76.58 83.62
CA ILE LB 90 -49.94 77.99 83.95
C ILE LB 90 -48.44 78.24 83.99
N VAL LB 91 -47.99 79.24 83.23
CA VAL LB 91 -46.57 79.58 83.20
C VAL LB 91 -46.19 80.28 84.49
N ALA LB 92 -44.89 80.21 84.83
CA ALA LB 92 -44.40 80.83 86.06
C ALA LB 92 -44.47 82.36 85.97
N ASN LB 93 -43.81 82.93 84.97
CA ASN LB 93 -43.78 84.38 84.77
C ASN LB 93 -45.13 84.82 84.19
N SER LB 94 -46.12 84.95 85.08
CA SER LB 94 -47.46 85.36 84.67
C SER LB 94 -47.87 86.63 85.42
N THR LB 95 -49.10 86.65 85.92
CA THR LB 95 -49.62 87.80 86.66
C THR LB 95 -50.51 87.30 87.79
N GLU LB 96 -50.24 87.79 89.00
CA GLU LB 96 -51.02 87.38 90.16
C GLU LB 96 -52.47 87.84 90.03
N ALA LB 97 -52.69 89.08 89.56
CA ALA LB 97 -54.04 89.57 89.39
C ALA LB 97 -54.79 88.79 88.33
N SER LB 98 -54.12 88.45 87.22
CA SER LB 98 -54.76 87.65 86.19
C SER LB 98 -55.09 86.26 86.69
N ARG LB 99 -54.19 85.65 87.47
CA ARG LB 99 -54.46 84.33 88.03
C ARG LB 99 -55.63 84.37 89.00
N LYS LB 100 -55.71 85.42 89.82
CA LYS LB 100 -56.83 85.56 90.75
C LYS LB 100 -58.14 85.76 90.01
N SER LB 101 -58.13 86.56 88.94
CA SER LB 101 -59.34 86.75 88.16
C SER LB 101 -59.78 85.47 87.48
N LEU LB 102 -58.81 84.69 86.97
CA LEU LB 102 -59.15 83.42 86.34
C LEU LB 102 -59.72 82.44 87.35
N TYR LB 103 -59.14 82.40 88.56
CA TYR LB 103 -59.66 81.53 89.60
C TYR LB 103 -61.07 81.93 90.01
N ASP LB 104 -61.33 83.24 90.11
CA ASP LB 104 -62.66 83.72 90.45
C ASP LB 104 -63.67 83.37 89.36
N LEU LB 105 -63.26 83.50 88.09
CA LEU LB 105 -64.15 83.14 87.00
C LEU LB 105 -64.45 81.65 87.00
N THR LB 106 -63.44 80.83 87.28
CA THR LB 106 -63.66 79.38 87.34
C THR LB 106 -64.59 79.04 88.50
N LYS LB 107 -64.41 79.68 89.66
CA LYS LB 107 -65.28 79.42 90.79
C LYS LB 107 -66.71 79.84 90.49
N SER LB 108 -66.90 80.97 89.80
CA SER LB 108 -68.23 81.41 89.44
C SER LB 108 -68.88 80.44 88.45
N LEU LB 109 -68.12 79.99 87.46
CA LEU LB 109 -68.66 79.03 86.49
C LEU LB 109 -68.99 77.69 87.15
N VAL LB 110 -68.25 77.30 88.18
CA VAL LB 110 -68.55 76.06 88.89
C VAL LB 110 -69.80 76.23 89.75
N ALA LB 111 -69.91 77.36 90.44
CA ALA LB 111 -71.04 77.59 91.35
C ALA LB 111 -72.31 78.01 90.62
N THR LB 112 -72.24 78.32 89.33
CA THR LB 112 -73.43 78.72 88.59
C THR LB 112 -74.39 77.53 88.46
N SER LB 113 -75.64 77.85 88.12
CA SER LB 113 -76.69 76.85 88.00
C SER LB 113 -76.72 76.16 86.65
N GLN LB 114 -75.98 76.68 85.66
CA GLN LB 114 -75.95 76.08 84.33
C GLN LB 114 -75.18 74.77 84.29
N VAL LB 115 -74.02 74.74 84.95
CA VAL LB 115 -73.24 73.50 84.99
C VAL LB 115 -73.97 72.43 85.80
N GLU LB 116 -74.67 72.83 86.85
CA GLU LB 116 -75.45 71.87 87.63
C GLU LB 116 -76.54 71.23 86.78
N ASP LB 117 -77.23 72.03 85.97
CA ASP LB 117 -78.25 71.49 85.09
C ASP LB 117 -77.63 70.61 84.01
N LEU LB 118 -76.48 71.03 83.46
CA LEU LB 118 -75.78 70.20 82.48
C LEU LB 118 -75.38 68.86 83.07
N VAL LB 119 -75.02 68.83 84.35
CA VAL LB 119 -74.61 67.57 84.98
C VAL LB 119 -75.82 66.70 85.28
N VAL LB 120 -76.89 67.29 85.83
CA VAL LB 120 -78.05 66.53 86.26
C VAL LB 120 -78.90 66.13 85.07
N ASN LB 121 -79.54 67.11 84.43
CA ASN LB 121 -80.49 66.84 83.36
C ASN LB 121 -79.82 66.53 82.01
N LEU LB 122 -78.48 66.55 81.95
CA LEU LB 122 -77.74 66.25 80.73
C LEU LB 122 -78.12 67.17 79.58
N VAL LB 123 -78.55 68.39 79.91
CA VAL LB 123 -78.94 69.39 78.91
C VAL LB 123 -77.70 70.20 78.54
N PRO LB 124 -77.41 70.41 77.26
CA PRO LB 124 -76.22 71.18 76.89
C PRO LB 124 -76.25 72.60 77.47
N LEU LB 125 -75.07 73.08 77.84
CA LEU LB 125 -74.95 74.40 78.47
C LEU LB 125 -75.31 75.48 77.46
N GLY LB 126 -76.33 76.27 77.78
CA GLY LB 126 -76.77 77.34 76.90
C GLY LB 126 -78.02 78.04 77.40
N ARG LB 127 -77.89 78.84 78.45
CA ARG LB 127 -79.02 79.57 79.01
C ARG LB 127 -78.87 81.07 78.79
N SER MB 1 -85.51 77.84 79.26
CA SER MB 1 -85.83 76.71 78.38
C SER MB 1 -87.26 76.80 77.86
N LYS MB 2 -87.87 75.64 77.62
CA LYS MB 2 -89.20 75.55 77.05
C LYS MB 2 -89.92 74.36 77.66
N THR MB 3 -91.04 74.62 78.32
CA THR MB 3 -91.81 73.58 79.00
C THR MB 3 -93.12 73.33 78.27
N ILE MB 4 -93.50 72.07 78.18
CA ILE MB 4 -94.75 71.66 77.55
C ILE MB 4 -95.52 70.80 78.55
N VAL MB 5 -96.76 71.19 78.84
CA VAL MB 5 -97.60 70.50 79.79
C VAL MB 5 -98.63 69.68 79.03
N LEU MB 6 -98.69 68.38 79.31
CA LEU MB 6 -99.63 67.46 78.68
C LEU MB 6 -100.53 66.87 79.75
N SER MB 7 -101.84 66.94 79.51
CA SER MB 7 -102.85 66.44 80.44
C SER MB 7 -103.31 65.06 79.97
N VAL MB 8 -103.07 64.04 80.81
CA VAL MB 8 -103.49 62.68 80.48
C VAL MB 8 -104.87 62.34 81.03
N GLY MB 9 -105.42 63.16 81.93
CA GLY MB 9 -106.71 62.89 82.51
C GLY MB 9 -106.73 63.09 84.01
N GLU MB 10 -105.73 62.52 84.70
CA GLU MB 10 -105.59 62.67 86.14
C GLU MB 10 -104.27 63.27 86.57
N ALA MB 11 -103.23 63.20 85.74
CA ALA MB 11 -101.93 63.76 86.05
C ALA MB 11 -101.46 64.61 84.88
N THR MB 12 -100.45 65.44 85.14
CA THR MB 12 -99.88 66.35 84.14
C THR MB 12 -98.42 66.03 83.97
N ARG MB 13 -98.01 65.77 82.73
CA ARG MB 13 -96.63 65.49 82.40
C ARG MB 13 -95.96 66.73 81.83
N THR MB 14 -94.66 66.88 82.11
CA THR MB 14 -93.90 68.05 81.71
C THR MB 14 -92.73 67.62 80.83
N LEU MB 15 -92.66 68.18 79.63
CA LEU MB 15 -91.55 67.95 78.71
C LEU MB 15 -90.70 69.21 78.64
N THR MB 16 -89.38 69.03 78.70
CA THR MB 16 -88.44 70.14 78.73
C THR MB 16 -87.57 70.13 77.49
N GLU MB 17 -87.32 71.32 76.94
CA GLU MB 17 -86.43 71.45 75.79
C GLU MB 17 -85.00 71.16 76.22
N ILE MB 18 -84.32 70.31 75.45
CA ILE MB 18 -82.98 69.84 75.76
C ILE MB 18 -81.97 70.35 74.73
N GLN MB 19 -82.25 70.10 73.45
CA GLN MB 19 -81.30 70.34 72.36
C GLN MB 19 -81.90 71.40 71.44
N SER MB 20 -81.78 72.67 71.83
CA SER MB 20 -82.37 73.78 71.09
C SER MB 20 -81.55 74.04 69.83
N THR MB 21 -82.08 73.65 68.68
CA THR MB 21 -81.44 73.90 67.39
C THR MB 21 -82.53 74.09 66.35
N ALA MB 22 -82.21 74.86 65.31
CA ALA MB 22 -83.20 75.20 64.29
C ALA MB 22 -83.63 73.96 63.51
N ASP MB 23 -82.67 73.24 62.95
CA ASP MB 23 -82.98 72.09 62.10
C ASP MB 23 -83.34 70.84 62.88
N ARG MB 24 -83.24 70.86 64.22
CA ARG MB 24 -83.57 69.69 65.03
C ARG MB 24 -83.86 70.16 66.45
N GLN MB 25 -85.13 70.05 66.86
CA GLN MB 25 -85.56 70.39 68.21
C GLN MB 25 -85.87 69.10 68.95
N ILE MB 26 -85.21 68.88 70.08
CA ILE MB 26 -85.33 67.65 70.85
C ILE MB 26 -85.94 68.00 72.21
N PHE MB 27 -87.17 67.57 72.44
CA PHE MB 27 -87.84 67.72 73.71
C PHE MB 27 -87.81 66.41 74.47
N GLU MB 28 -87.52 66.48 75.77
CA GLU MB 28 -87.41 65.29 76.61
C GLU MB 28 -88.26 65.46 77.87
N GLU MB 29 -89.00 64.41 78.21
CA GLU MB 29 -89.87 64.44 79.38
C GLU MB 29 -89.06 64.21 80.66
N LYS MB 30 -89.31 65.03 81.67
CA LYS MB 30 -88.61 64.95 82.95
C LYS MB 30 -89.59 64.45 84.01
N VAL MB 31 -89.41 63.20 84.41
CA VAL MB 31 -90.23 62.59 85.45
C VAL MB 31 -89.33 61.90 86.47
N GLY MB 32 -88.47 61.01 85.98
CA GLY MB 32 -87.54 60.29 86.82
C GLY MB 32 -86.28 59.90 86.08
N PRO MB 33 -86.22 58.65 85.62
CA PRO MB 33 -85.05 58.21 84.84
C PRO MB 33 -85.05 58.86 83.47
N LEU MB 34 -83.97 59.59 83.15
CA LEU MB 34 -83.90 60.28 81.88
C LEU MB 34 -83.71 59.31 80.72
N VAL MB 35 -82.97 58.22 80.94
CA VAL MB 35 -82.77 57.24 79.88
C VAL MB 35 -84.05 56.41 79.72
N GLY MB 36 -84.42 56.16 78.47
CA GLY MB 36 -85.63 55.40 78.19
C GLY MB 36 -86.90 56.10 78.62
N ARG MB 37 -87.09 57.34 78.13
CA ARG MB 37 -88.27 58.12 78.49
C ARG MB 37 -89.00 58.59 77.24
N LEU MB 38 -89.69 59.73 77.34
CA LEU MB 38 -90.45 60.28 76.22
C LEU MB 38 -89.60 61.36 75.54
N ARG MB 39 -89.39 61.19 74.23
CA ARG MB 39 -88.63 62.14 73.45
C ARG MB 39 -89.42 62.54 72.21
N LEU MB 40 -89.18 63.77 71.76
CA LEU MB 40 -89.88 64.33 70.61
C LEU MB 40 -88.88 65.08 69.74
N THR MB 41 -88.85 64.74 68.45
CA THR MB 41 -87.95 65.36 67.49
C THR MB 41 -88.77 66.15 66.49
N ALA MB 42 -88.45 67.44 66.34
CA ALA MB 42 -89.13 68.32 65.41
C ALA MB 42 -88.14 68.90 64.42
N SER MB 43 -88.55 68.99 63.16
CA SER MB 43 -87.70 69.52 62.10
C SER MB 43 -88.54 70.30 61.11
N LEU MB 44 -88.00 71.41 60.63
CA LEU MB 44 -88.67 72.26 59.64
C LEU MB 44 -87.66 72.65 58.58
N ARG MB 45 -88.07 72.57 57.31
CA ARG MB 45 -87.17 72.90 56.21
C ARG MB 45 -88.00 73.38 55.02
N GLN MB 46 -87.33 73.54 53.89
CA GLN MB 46 -87.94 73.93 52.62
C GLN MB 46 -87.87 72.75 51.64
N ASN MB 47 -88.06 73.03 50.36
CA ASN MB 47 -88.02 72.00 49.34
C ASN MB 47 -87.85 72.65 47.97
N GLY MB 48 -87.27 71.91 47.05
CA GLY MB 48 -87.15 72.32 45.66
C GLY MB 48 -86.58 73.70 45.45
N ALA MB 49 -87.37 74.59 44.86
CA ALA MB 49 -86.96 75.96 44.59
C ALA MB 49 -87.87 76.94 45.32
N LYS MB 50 -87.84 76.88 46.66
CA LYS MB 50 -88.60 77.77 47.53
C LYS MB 50 -90.09 77.71 47.22
N THR MB 51 -90.58 76.52 46.91
CA THR MB 51 -92.01 76.32 46.62
C THR MB 51 -92.79 76.08 47.90
N ALA MB 52 -92.70 74.86 48.44
CA ALA MB 52 -93.43 74.50 49.65
C ALA MB 52 -92.48 74.35 50.83
N TYR MB 53 -92.89 73.60 51.84
CA TYR MB 53 -92.08 73.36 53.03
C TYR MB 53 -92.20 71.89 53.42
N ARG MB 54 -91.44 71.52 54.45
CA ARG MB 54 -91.44 70.14 54.95
C ARG MB 54 -91.28 70.17 56.46
N VAL MB 55 -92.23 69.58 57.17
CA VAL MB 55 -92.22 69.50 58.62
C VAL MB 55 -92.22 68.04 59.03
N ASN MB 56 -91.32 67.68 59.95
CA ASN MB 56 -91.21 66.32 60.44
C ASN MB 56 -91.36 66.32 61.95
N LEU MB 57 -92.21 65.43 62.47
CA LEU MB 57 -92.47 65.31 63.90
C LEU MB 57 -92.45 63.84 64.27
N LYS MB 58 -91.50 63.46 65.13
CA LYS MB 58 -91.37 62.09 65.59
C LYS MB 58 -91.48 62.05 67.11
N LEU MB 59 -92.14 61.00 67.61
CA LEU MB 59 -92.34 60.84 69.05
C LEU MB 59 -91.94 59.41 69.43
N ASP MB 60 -90.94 59.29 70.31
CA ASP MB 60 -90.43 58.00 70.73
C ASP MB 60 -90.58 57.83 72.23
N GLN MB 61 -90.77 56.59 72.66
CA GLN MB 61 -90.91 56.27 74.08
C GLN MB 61 -90.56 54.80 74.27
N ALA MB 62 -89.44 54.54 74.95
CA ALA MB 62 -88.98 53.18 75.19
C ALA MB 62 -89.21 52.81 76.64
N ASP MB 63 -89.85 51.66 76.86
CA ASP MB 63 -90.12 51.18 78.21
C ASP MB 63 -88.85 50.63 78.84
N VAL MB 64 -88.78 50.72 80.18
CA VAL MB 64 -87.62 50.27 80.92
C VAL MB 64 -88.08 49.24 81.95
N VAL MB 65 -87.15 48.39 82.38
CA VAL MB 65 -87.41 47.38 83.39
C VAL MB 65 -86.24 47.36 84.38
N ASP MB 66 -86.52 46.93 85.59
CA ASP MB 66 -85.53 46.90 86.66
C ASP MB 66 -85.84 45.74 87.60
N CYS MB 67 -84.77 45.12 88.12
CA CYS MB 67 -84.90 43.99 89.03
C CYS MB 67 -84.28 44.24 90.40
N SER MB 68 -83.91 45.49 90.71
CA SER MB 68 -83.29 45.78 92.00
C SER MB 68 -84.26 45.64 93.16
N THR MB 69 -85.57 45.53 92.88
CA THR MB 69 -86.54 45.38 93.96
C THR MB 69 -86.49 43.98 94.55
N SER MB 70 -86.17 42.96 93.75
CA SER MB 70 -86.12 41.59 94.23
C SER MB 70 -84.74 40.99 93.99
N VAL MB 71 -84.29 41.01 92.74
CA VAL MB 71 -82.99 40.45 92.38
C VAL MB 71 -81.90 41.38 92.92
N CYS MB 72 -80.80 40.80 93.39
CA CYS MB 72 -79.79 41.68 93.96
C CYS MB 72 -78.72 42.04 92.93
N GLY MB 73 -79.15 42.52 91.77
CA GLY MB 73 -78.27 43.25 90.88
C GLY MB 73 -78.71 43.25 89.43
N GLU MB 74 -79.32 44.36 89.00
CA GLU MB 74 -79.74 44.51 87.61
C GLU MB 74 -79.99 45.98 87.34
N LEU MB 75 -79.22 46.56 86.43
CA LEU MB 75 -79.41 47.97 86.09
C LEU MB 75 -80.67 48.14 85.25
N PRO MB 76 -81.28 49.34 85.28
CA PRO MB 76 -82.45 49.60 84.44
C PRO MB 76 -82.13 49.39 82.97
N LYS MB 77 -82.84 48.45 82.35
CA LYS MB 77 -82.60 48.05 80.97
C LYS MB 77 -83.81 48.35 80.12
N VAL MB 78 -83.58 48.91 78.93
CA VAL MB 78 -84.67 49.21 78.01
C VAL MB 78 -85.18 47.91 77.39
N ARG MB 79 -86.46 47.92 77.00
CA ARG MB 79 -87.08 46.75 76.42
C ARG MB 79 -87.32 47.03 74.95
N TYR MB 80 -88.50 47.49 74.55
CA TYR MB 80 -88.82 47.76 73.15
C TYR MB 80 -88.75 49.26 72.87
N THR MB 81 -88.82 49.60 71.59
CA THR MB 81 -88.78 50.99 71.14
C THR MB 81 -89.91 51.22 70.15
N GLN MB 82 -90.62 52.34 70.31
CA GLN MB 82 -91.72 52.71 69.45
C GLN MB 82 -91.38 54.00 68.71
N VAL MB 83 -91.65 54.01 67.40
CA VAL MB 83 -91.36 55.15 66.54
C VAL MB 83 -92.64 55.58 65.86
N TRP MB 84 -93.00 56.86 66.01
CA TRP MB 84 -94.19 57.45 65.41
C TRP MB 84 -93.79 58.77 64.76
N SER MB 85 -93.39 58.71 63.50
CA SER MB 85 -92.96 59.89 62.76
C SER MB 85 -94.13 60.49 61.99
N HIS MB 86 -93.91 61.70 61.47
CA HIS MB 86 -94.92 62.42 60.71
C HIS MB 86 -94.26 63.06 59.50
N ASP MB 87 -95.09 63.66 58.65
CA ASP MB 87 -94.59 64.33 57.45
C ASP MB 87 -95.66 65.33 57.00
N VAL MB 88 -95.31 66.62 57.06
CA VAL MB 88 -96.22 67.70 56.69
C VAL MB 88 -95.65 68.40 55.47
N THR MB 89 -96.39 68.36 54.36
CA THR MB 89 -96.00 69.00 53.11
C THR MB 89 -97.10 69.98 52.71
N ILE MB 90 -97.06 71.17 53.30
CA ILE MB 90 -98.06 72.21 53.04
C ILE MB 90 -97.36 73.37 52.35
N VAL MB 91 -97.91 73.80 51.21
CA VAL MB 91 -97.34 74.90 50.48
C VAL MB 91 -97.65 76.21 51.19
N ALA MB 92 -96.83 77.24 50.93
CA ALA MB 92 -97.03 78.54 51.58
C ALA MB 92 -98.28 79.22 51.06
N ASN MB 93 -98.37 79.43 49.75
CA ASN MB 93 -99.52 80.08 49.13
C ASN MB 93 -100.68 79.09 49.08
N SER MB 94 -101.37 78.95 50.21
CA SER MB 94 -102.50 78.05 50.31
C SER MB 94 -103.75 78.80 50.74
N THR MB 95 -104.50 78.24 51.69
CA THR MB 95 -105.72 78.87 52.18
C THR MB 95 -105.84 78.62 53.68
N GLU MB 96 -106.06 79.68 54.44
CA GLU MB 96 -106.19 79.55 55.89
C GLU MB 96 -107.42 78.74 56.26
N ALA MB 97 -108.55 78.98 55.57
CA ALA MB 97 -109.75 78.22 55.86
C ALA MB 97 -109.57 76.74 55.53
N SER MB 98 -108.92 76.44 54.41
CA SER MB 98 -108.67 75.05 54.04
C SER MB 98 -107.74 74.38 55.04
N ARG MB 99 -106.71 75.10 55.50
CA ARG MB 99 -105.81 74.54 56.50
C ARG MB 99 -106.53 74.28 57.81
N LYS MB 100 -107.40 75.20 58.22
CA LYS MB 100 -108.17 75.01 59.45
C LYS MB 100 -109.12 73.82 59.32
N SER MB 101 -109.77 73.67 58.17
CA SER MB 101 -110.66 72.54 57.96
C SER MB 101 -109.88 71.23 57.97
N LEU MB 102 -108.70 71.22 57.36
CA LEU MB 102 -107.88 70.00 57.36
C LEU MB 102 -107.42 69.65 58.78
N TYR MB 103 -107.04 70.66 59.56
CA TYR MB 103 -106.63 70.41 60.94
C TYR MB 103 -107.80 69.88 61.77
N ASP MB 104 -108.99 70.43 61.56
CA ASP MB 104 -110.17 69.95 62.28
C ASP MB 104 -110.50 68.51 61.89
N LEU MB 105 -110.38 68.19 60.60
CA LEU MB 105 -110.63 66.82 60.16
C LEU MB 105 -109.62 65.85 60.75
N THR MB 106 -108.34 66.27 60.81
CA THR MB 106 -107.32 65.42 61.40
C THR MB 106 -107.57 65.22 62.90
N LYS MB 107 -107.97 66.29 63.60
CA LYS MB 107 -108.28 66.17 65.02
C LYS MB 107 -109.46 65.25 65.24
N SER MB 108 -110.50 65.34 64.40
CA SER MB 108 -111.65 64.46 64.53
C SER MB 108 -111.27 63.00 64.27
N LEU MB 109 -110.45 62.76 63.24
CA LEU MB 109 -110.02 61.40 62.94
C LEU MB 109 -109.14 60.84 64.06
N VAL MB 110 -108.37 61.70 64.73
CA VAL MB 110 -107.54 61.23 65.84
C VAL MB 110 -108.41 60.92 67.05
N ALA MB 111 -109.38 61.79 67.35
CA ALA MB 111 -110.22 61.62 68.52
C ALA MB 111 -111.33 60.60 68.33
N THR MB 112 -111.55 60.11 67.10
CA THR MB 112 -112.58 59.11 66.88
C THR MB 112 -112.21 57.79 67.55
N SER MB 113 -113.21 56.93 67.70
CA SER MB 113 -113.04 55.63 68.35
C SER MB 113 -112.51 54.55 67.42
N GLN MB 114 -112.51 54.79 66.11
CA GLN MB 114 -112.03 53.81 65.16
C GLN MB 114 -110.51 53.65 65.20
N VAL MB 115 -109.77 54.75 65.26
CA VAL MB 115 -108.31 54.67 65.34
C VAL MB 115 -107.88 54.07 66.67
N GLU MB 116 -108.62 54.36 67.76
CA GLU MB 116 -108.30 53.75 69.04
C GLU MB 116 -108.45 52.23 68.99
N ASP MB 117 -109.52 51.74 68.35
CA ASP MB 117 -109.69 50.31 68.20
C ASP MB 117 -108.63 49.71 67.29
N LEU MB 118 -108.28 50.40 66.21
CA LEU MB 118 -107.21 49.95 65.32
C LEU MB 118 -105.89 49.84 66.06
N VAL MB 119 -105.63 50.75 67.01
CA VAL MB 119 -104.38 50.72 67.75
C VAL MB 119 -104.39 49.60 68.80
N VAL MB 120 -105.50 49.49 69.54
CA VAL MB 120 -105.57 48.54 70.64
C VAL MB 120 -105.77 47.12 70.11
N ASN MB 121 -106.95 46.85 69.54
CA ASN MB 121 -107.31 45.50 69.13
C ASN MB 121 -106.67 45.09 67.79
N LEU MB 122 -105.89 45.97 67.17
CA LEU MB 122 -105.21 45.68 65.90
C LEU MB 122 -106.21 45.28 64.81
N VAL MB 123 -107.44 45.78 64.89
CA VAL MB 123 -108.47 45.50 63.90
C VAL MB 123 -108.40 46.57 62.82
N PRO MB 124 -108.41 46.18 61.54
CA PRO MB 124 -108.32 47.18 60.47
C PRO MB 124 -109.47 48.18 60.54
N LEU MB 125 -109.15 49.43 60.19
CA LEU MB 125 -110.13 50.52 60.27
C LEU MB 125 -111.23 50.30 59.24
N GLY MB 126 -112.47 50.19 59.71
CA GLY MB 126 -113.59 49.97 58.82
C GLY MB 126 -114.89 49.74 59.57
N ARG MB 127 -115.44 50.79 60.15
CA ARG MB 127 -116.70 50.69 60.89
C ARG MB 127 -117.82 51.44 60.17
N SER NB 1 -113.64 44.54 54.62
CA SER NB 1 -113.02 43.24 54.83
C SER NB 1 -114.06 42.12 54.80
N LYS NB 2 -113.79 41.06 55.56
CA LYS NB 2 -114.63 39.87 55.56
C LYS NB 2 -114.65 39.30 56.97
N THR NB 3 -115.83 39.22 57.58
CA THR NB 3 -116.00 38.75 58.94
C THR NB 3 -116.69 37.39 58.95
N ILE NB 4 -116.23 36.52 59.83
CA ILE NB 4 -116.80 35.18 59.99
C ILE NB 4 -117.14 35.00 61.46
N VAL NB 5 -118.40 34.67 61.73
CA VAL NB 5 -118.90 34.49 63.09
C VAL NB 5 -119.03 33.01 63.37
N LEU NB 6 -118.38 32.55 64.45
CA LEU NB 6 -118.42 31.15 64.86
C LEU NB 6 -119.06 31.06 66.24
N SER NB 7 -120.05 30.18 66.38
CA SER NB 7 -120.77 30.00 67.64
C SER NB 7 -120.21 28.77 68.34
N VAL NB 8 -119.65 28.97 69.54
CA VAL NB 8 -119.09 27.86 70.31
C VAL NB 8 -120.10 27.28 71.29
N GLY NB 9 -121.22 27.95 71.53
CA GLY NB 9 -122.22 27.48 72.47
C GLY NB 9 -122.72 28.56 73.40
N GLU NB 10 -121.78 29.32 73.98
CA GLU NB 10 -122.12 30.43 74.86
C GLU NB 10 -121.54 31.76 74.42
N ALA NB 11 -120.50 31.77 73.59
CA ALA NB 11 -119.89 32.98 73.09
C ALA NB 11 -119.73 32.88 71.58
N THR NB 12 -119.50 34.02 70.95
CA THR NB 12 -119.34 34.11 69.50
C THR NB 12 -117.96 34.68 69.18
N ARG NB 13 -117.20 33.96 68.38
CA ARG NB 13 -115.87 34.39 67.96
C ARG NB 13 -115.94 35.00 66.55
N THR NB 14 -115.09 35.99 66.32
CA THR NB 14 -115.07 36.72 65.06
C THR NB 14 -113.70 36.60 64.41
N LEU NB 15 -113.67 36.10 63.17
CA LEU NB 15 -112.45 36.02 62.38
C LEU NB 15 -112.51 37.05 61.28
N THR NB 16 -111.40 37.76 61.07
CA THR NB 16 -111.32 38.85 60.11
C THR NB 16 -110.33 38.51 59.01
N GLU NB 17 -110.69 38.84 57.78
CA GLU NB 17 -109.80 38.66 56.64
C GLU NB 17 -108.62 39.62 56.74
N ILE NB 18 -107.40 39.08 56.56
CA ILE NB 18 -106.16 39.83 56.77
C ILE NB 18 -105.35 39.94 55.49
N GLN NB 19 -105.18 38.84 54.76
CA GLN NB 19 -104.33 38.77 53.58
C GLN NB 19 -105.18 38.31 52.40
N SER NB 20 -105.92 39.24 51.81
CA SER NB 20 -106.83 38.94 50.71
C SER NB 20 -106.04 38.70 49.43
N THR NB 21 -105.93 37.45 49.03
CA THR NB 21 -105.27 37.06 47.79
C THR NB 21 -105.97 35.84 47.22
N ALA NB 22 -105.91 35.70 45.90
CA ALA NB 22 -106.61 34.62 45.23
C ALA NB 22 -106.04 33.25 45.61
N ASP NB 23 -104.73 33.07 45.44
CA ASP NB 23 -104.09 31.79 45.69
C ASP NB 23 -103.84 31.51 47.16
N ARG NB 24 -104.11 32.47 48.05
CA ARG NB 24 -103.89 32.26 49.48
C ARG NB 24 -104.74 33.27 50.25
N GLN NB 25 -105.76 32.76 50.94
CA GLN NB 25 -106.61 33.59 51.79
C GLN NB 25 -106.30 33.27 53.25
N ILE NB 26 -105.94 34.31 54.00
CA ILE NB 26 -105.51 34.17 55.39
C ILE NB 26 -106.52 34.90 56.26
N PHE NB 27 -107.28 34.13 57.05
CA PHE NB 27 -108.21 34.69 58.02
C PHE NB 27 -107.60 34.59 59.42
N GLU NB 28 -107.74 35.65 60.20
CA GLU NB 28 -107.19 35.69 61.54
C GLU NB 28 -108.24 36.14 62.55
N GLU NB 29 -108.30 35.45 63.68
CA GLU NB 29 -109.28 35.75 64.71
C GLU NB 29 -108.83 36.95 65.53
N LYS NB 30 -109.75 37.87 65.77
CA LYS NB 30 -109.48 39.09 66.54
C LYS NB 30 -110.20 39.00 67.88
N VAL NB 31 -109.44 38.77 68.95
CA VAL NB 31 -110.00 38.71 70.30
C VAL NB 31 -109.14 39.56 71.22
N GLY NB 32 -107.83 39.31 71.22
CA GLY NB 32 -106.91 40.05 72.05
C GLY NB 32 -105.52 40.09 71.44
N PRO NB 33 -104.63 39.23 71.92
CA PRO NB 33 -103.28 39.16 71.35
C PRO NB 33 -103.32 38.55 69.96
N LEU NB 34 -102.82 39.31 68.97
CA LEU NB 34 -102.85 38.83 67.60
C LEU NB 34 -101.86 37.71 67.37
N VAL NB 35 -100.71 37.75 68.05
CA VAL NB 35 -99.71 36.69 67.91
C VAL NB 35 -100.18 35.45 68.68
N GLY NB 36 -100.02 34.28 68.07
CA GLY NB 36 -100.44 33.04 68.69
C GLY NB 36 -101.95 32.95 68.87
N ARG NB 37 -102.69 33.10 67.78
CA ARG NB 37 -104.15 33.04 67.82
C ARG NB 37 -104.68 32.00 66.84
N LEU NB 38 -105.89 32.22 66.34
CA LEU NB 38 -106.53 31.32 65.40
C LEU NB 38 -106.33 31.85 63.98
N ARG NB 39 -105.75 31.02 63.12
CA ARG NB 39 -105.51 31.39 61.73
C ARG NB 39 -106.04 30.30 60.81
N LEU NB 40 -106.47 30.72 59.62
CA LEU NB 40 -107.05 29.82 58.63
C LEU NB 40 -106.50 30.17 57.26
N THR NB 41 -105.96 29.17 56.57
CA THR NB 41 -105.38 29.34 55.23
C THR NB 41 -106.23 28.58 54.23
N ALA NB 42 -106.69 29.27 53.20
CA ALA NB 42 -107.51 28.69 52.14
C ALA NB 42 -106.82 28.87 50.80
N SER NB 43 -106.88 27.83 49.97
CA SER NB 43 -106.27 27.88 48.65
C SER NB 43 -107.14 27.09 47.67
N LEU NB 44 -107.23 27.61 46.45
CA LEU NB 44 -107.99 26.98 45.38
C LEU NB 44 -107.17 27.04 44.10
N ARG NB 45 -107.14 25.92 43.38
CA ARG NB 45 -106.36 25.85 42.14
C ARG NB 45 -106.99 24.81 41.22
N GLN NB 46 -106.28 24.51 40.13
CA GLN NB 46 -106.66 23.51 39.15
C GLN NB 46 -105.69 22.34 39.23
N ASN NB 47 -105.68 21.51 38.19
CA ASN NB 47 -104.80 20.35 38.15
C ASN NB 47 -104.71 19.85 36.70
N GLY NB 48 -103.59 19.20 36.40
CA GLY NB 48 -103.40 18.54 35.11
C GLY NB 48 -103.70 19.38 33.90
N ALA NB 49 -104.69 18.96 33.11
CA ALA NB 49 -105.09 19.68 31.91
C ALA NB 49 -106.55 20.11 32.03
N LYS NB 50 -106.82 20.99 33.00
CA LYS NB 50 -108.15 21.57 33.23
C LYS NB 50 -109.19 20.48 33.44
N THR NB 51 -108.80 19.41 34.15
CA THR NB 51 -109.73 18.32 34.45
C THR NB 51 -110.50 18.61 35.74
N ALA NB 52 -109.87 18.44 36.89
CA ALA NB 52 -110.52 18.66 38.17
C ALA NB 52 -109.97 19.91 38.84
N TYR NB 53 -110.12 20.00 40.16
CA TYR NB 53 -109.64 21.13 40.93
C TYR NB 53 -108.99 20.63 42.21
N ARG NB 54 -108.43 21.57 42.97
CA ARG NB 54 -107.76 21.25 44.23
C ARG NB 54 -108.02 22.36 45.23
N VAL NB 55 -108.60 22.01 46.37
CA VAL NB 55 -108.90 22.96 47.44
C VAL NB 55 -108.15 22.53 48.69
N ASN NB 56 -107.48 23.48 49.33
CA ASN NB 56 -106.72 23.23 50.54
C ASN NB 56 -107.21 24.15 51.64
N LEU NB 57 -107.48 23.59 52.82
CA LEU NB 57 -107.97 24.33 53.96
C LEU NB 57 -107.19 23.89 55.20
N LYS NB 58 -106.45 24.82 55.80
CA LYS NB 58 -105.65 24.55 56.99
C LYS NB 58 -106.11 25.47 58.11
N LEU NB 59 -106.13 24.95 59.33
CA LEU NB 59 -106.54 25.71 60.50
C LEU NB 59 -105.50 25.52 61.60
N ASP NB 60 -104.87 26.62 62.02
CA ASP NB 60 -103.83 26.56 63.04
C ASP NB 60 -104.22 27.41 64.25
N GLN NB 61 -103.76 26.98 65.42
CA GLN NB 61 -104.02 27.70 66.65
C GLN NB 61 -102.95 27.33 67.66
N ALA NB 62 -102.10 28.29 68.02
CA ALA NB 62 -101.01 28.08 68.96
C ALA NB 62 -101.33 28.73 70.29
N ASP NB 63 -101.22 27.97 71.37
CA ASP NB 63 -101.48 28.48 72.70
C ASP NB 63 -100.33 29.36 73.17
N VAL NB 64 -100.67 30.34 74.02
CA VAL NB 64 -99.68 31.29 74.54
C VAL NB 64 -99.71 31.22 76.06
N VAL NB 65 -98.60 31.63 76.66
CA VAL NB 65 -98.45 31.67 78.11
C VAL NB 65 -97.78 32.98 78.49
N ASP NB 66 -98.05 33.43 79.72
CA ASP NB 66 -97.53 34.69 80.22
C ASP NB 66 -97.33 34.60 81.73
N CYS NB 67 -96.27 35.25 82.21
CA CYS NB 67 -95.94 35.25 83.63
C CYS NB 67 -95.95 36.64 84.25
N SER NB 68 -96.46 37.65 83.55
CA SER NB 68 -96.47 39.01 84.10
C SER NB 68 -97.42 39.16 85.27
N THR NB 69 -98.30 38.17 85.49
CA THR NB 69 -99.23 38.26 86.61
C THR NB 69 -98.53 38.03 87.94
N SER NB 70 -97.50 37.19 87.96
CA SER NB 70 -96.78 36.88 89.19
C SER NB 70 -95.30 37.23 89.05
N VAL NB 71 -94.65 36.65 88.04
CA VAL NB 71 -93.23 36.88 87.81
C VAL NB 71 -93.06 38.31 87.27
N CYS NB 72 -91.99 38.98 87.68
CA CYS NB 72 -91.78 40.36 87.27
C CYS NB 72 -90.94 40.43 86.00
N GLY NB 73 -91.31 39.66 84.97
CA GLY NB 73 -90.83 39.92 83.63
C GLY NB 73 -90.81 38.70 82.73
N GLU NB 74 -91.81 38.60 81.86
CA GLU NB 74 -91.88 37.49 80.89
C GLU NB 74 -92.87 37.87 79.81
N LEU NB 75 -92.39 37.99 78.58
CA LEU NB 75 -93.26 38.32 77.47
C LEU NB 75 -94.14 37.13 77.10
N PRO NB 76 -95.31 37.37 76.50
CA PRO NB 76 -96.16 36.26 76.05
C PRO NB 76 -95.42 35.37 75.07
N LYS NB 77 -95.28 34.09 75.45
CA LYS NB 77 -94.51 33.12 74.67
C LYS NB 77 -95.42 32.00 74.20
N VAL NB 78 -95.27 31.61 72.94
CA VAL NB 78 -96.06 30.51 72.39
C VAL NB 78 -95.56 29.19 72.94
N ARG NB 79 -96.46 28.21 73.02
CA ARG NB 79 -96.11 26.90 73.54
C ARG NB 79 -96.10 25.91 72.39
N TYR NB 80 -97.17 25.20 72.12
CA TYR NB 80 -97.24 24.21 71.05
C TYR NB 80 -97.99 24.78 69.85
N THR NB 81 -97.93 24.05 68.75
CA THR NB 81 -98.58 24.43 67.50
C THR NB 81 -99.35 23.24 66.96
N GLN NB 82 -100.59 23.48 66.53
CA GLN NB 82 -101.45 22.44 65.97
C GLN NB 82 -101.74 22.76 64.51
N VAL NB 83 -101.63 21.74 63.65
CA VAL NB 83 -101.86 21.88 62.23
C VAL NB 83 -102.95 20.89 61.80
N TRP NB 84 -104.00 21.41 61.16
CA TRP NB 84 -105.11 20.60 60.68
C TRP NB 84 -105.41 21.03 59.24
N SER NB 85 -104.75 20.39 58.28
CA SER NB 85 -104.92 20.70 56.88
C SER NB 85 -105.98 19.81 56.26
N HIS NB 86 -106.39 20.17 55.04
CA HIS NB 86 -107.40 19.42 54.30
C HIS NB 86 -106.97 19.30 52.84
N ASP NB 87 -107.74 18.54 52.08
CA ASP NB 87 -107.45 18.34 50.65
C ASP NB 87 -108.75 17.92 49.97
N VAL NB 88 -109.24 18.77 49.07
CA VAL NB 88 -110.48 18.52 48.35
C VAL NB 88 -110.14 18.36 46.87
N THR NB 89 -110.42 17.19 46.32
CA THR NB 89 -110.18 16.88 44.91
C THR NB 89 -111.50 16.45 44.29
N ILE NB 90 -112.32 17.43 43.91
CA ILE NB 90 -113.63 17.20 43.31
C ILE NB 90 -113.59 17.68 41.87
N VAL NB 91 -113.98 16.81 40.94
CA VAL NB 91 -113.99 17.18 39.53
C VAL NB 91 -115.18 18.09 39.26
N ALA NB 92 -115.06 18.88 38.18
CA ALA NB 92 -116.13 19.82 37.84
C ALA NB 92 -117.38 19.09 37.35
N ASN NB 93 -117.24 18.26 36.32
CA ASN NB 93 -118.36 17.50 35.77
C ASN NB 93 -118.67 16.33 36.70
N SER NB 94 -119.40 16.63 37.77
CA SER NB 94 -119.78 15.62 38.75
C SER NB 94 -121.29 15.55 38.89
N THR NB 95 -121.79 15.49 40.12
CA THR NB 95 -123.22 15.42 40.38
C THR NB 95 -123.53 16.23 41.63
N GLU NB 96 -124.52 17.13 41.51
CA GLU NB 96 -124.90 17.95 42.65
C GLU NB 96 -125.47 17.12 43.79
N ALA NB 97 -126.31 16.13 43.45
CA ALA NB 97 -126.88 15.26 44.48
C ALA NB 97 -125.81 14.44 45.17
N SER NB 98 -124.84 13.92 44.40
CA SER NB 98 -123.75 13.16 44.99
C SER NB 98 -122.88 14.04 45.89
N ARG NB 99 -122.62 15.27 45.46
CA ARG NB 99 -121.83 16.19 46.29
C ARG NB 99 -122.57 16.53 47.57
N LYS NB 100 -123.89 16.75 47.49
CA LYS NB 100 -124.67 17.03 48.68
C LYS NB 100 -124.68 15.84 49.64
N SER NB 101 -124.83 14.63 49.10
CA SER NB 101 -124.80 13.44 49.94
C SER NB 101 -123.44 13.25 50.60
N LEU NB 102 -122.36 13.52 49.87
CA LEU NB 102 -121.03 13.42 50.44
C LEU NB 102 -120.82 14.45 51.54
N TYR NB 103 -121.30 15.68 51.32
CA TYR NB 103 -121.18 16.71 52.35
C TYR NB 103 -121.99 16.35 53.59
N ASP NB 104 -123.18 15.78 53.41
CA ASP NB 104 -123.99 15.36 54.54
C ASP NB 104 -123.31 14.23 55.30
N LEU NB 105 -122.72 13.27 54.59
CA LEU NB 105 -122.00 12.18 55.25
C LEU NB 105 -120.80 12.70 56.02
N THR NB 106 -120.07 13.66 55.45
CA THR NB 106 -118.93 14.25 56.15
C THR NB 106 -119.39 15.00 57.40
N LYS NB 107 -120.48 15.75 57.29
CA LYS NB 107 -121.00 16.47 58.45
C LYS NB 107 -121.44 15.50 59.54
N SER NB 108 -122.09 14.39 59.15
CA SER NB 108 -122.50 13.40 60.14
C SER NB 108 -121.30 12.75 60.81
N LEU NB 109 -120.26 12.41 60.03
CA LEU NB 109 -119.07 11.81 60.61
C LEU NB 109 -118.34 12.79 61.52
N VAL NB 110 -118.41 14.09 61.22
CA VAL NB 110 -117.77 15.07 62.08
C VAL NB 110 -118.56 15.25 63.38
N ALA NB 111 -119.89 15.30 63.27
CA ALA NB 111 -120.74 15.52 64.44
C ALA NB 111 -120.95 14.27 65.27
N THR NB 112 -120.54 13.10 64.79
CA THR NB 112 -120.71 11.88 65.57
C THR NB 112 -119.82 11.90 66.81
N SER NB 113 -120.12 11.02 67.75
CA SER NB 113 -119.40 10.95 69.02
C SER NB 113 -118.14 10.10 68.94
N GLN NB 114 -117.95 9.35 67.85
CA GLN NB 114 -116.76 8.51 67.71
C GLN NB 114 -115.50 9.33 67.44
N VAL NB 115 -115.59 10.33 66.55
CA VAL NB 115 -114.43 11.17 66.27
C VAL NB 115 -114.08 12.02 67.48
N GLU NB 116 -115.08 12.45 68.25
CA GLU NB 116 -114.80 13.21 69.47
C GLU NB 116 -114.02 12.36 70.47
N ASP NB 117 -114.42 11.10 70.63
CA ASP NB 117 -113.68 10.21 71.53
C ASP NB 117 -112.28 9.93 71.00
N LEU NB 118 -112.15 9.73 69.68
CA LEU NB 118 -110.84 9.53 69.08
C LEU NB 118 -109.92 10.73 69.30
N VAL NB 119 -110.49 11.93 69.30
CA VAL NB 119 -109.69 13.14 69.51
C VAL NB 119 -109.31 13.29 70.97
N VAL NB 120 -110.29 13.10 71.87
CA VAL NB 120 -110.06 13.34 73.29
C VAL NB 120 -109.26 12.20 73.91
N ASN NB 121 -109.88 11.02 74.01
CA ASN NB 121 -109.26 9.90 74.70
C ASN NB 121 -108.21 9.17 73.87
N LEU NB 122 -107.95 9.62 72.64
CA LEU NB 122 -106.95 9.01 71.76
C LEU NB 122 -107.22 7.52 71.52
N VAL NB 123 -108.49 7.12 71.58
CA VAL NB 123 -108.88 5.74 71.35
C VAL NB 123 -109.17 5.56 69.87
N PRO NB 124 -108.64 4.52 69.23
CA PRO NB 124 -108.88 4.33 67.78
C PRO NB 124 -110.38 4.21 67.49
N LEU NB 125 -110.77 4.75 66.34
CA LEU NB 125 -112.18 4.77 65.93
C LEU NB 125 -112.65 3.34 65.65
N GLY NB 126 -113.65 2.89 66.39
CA GLY NB 126 -114.19 1.56 66.22
C GLY NB 126 -115.24 1.20 67.25
N ARG NB 127 -116.43 1.78 67.11
CA ARG NB 127 -117.52 1.51 68.03
C ARG NB 127 -118.65 0.74 67.33
N SER OB 1 -117.30 0.07 74.48
CA SER OB 1 -115.97 -0.31 74.94
C SER OB 1 -116.05 -1.31 76.10
N LYS OB 2 -115.07 -1.25 76.98
CA LYS OB 2 -114.95 -2.20 78.09
C LYS OB 2 -114.38 -1.46 79.29
N THR OB 3 -115.14 -1.44 80.38
CA THR OB 3 -114.76 -0.73 81.60
C THR OB 3 -114.43 -1.72 82.70
N ILE OB 4 -113.38 -1.41 83.47
CA ILE OB 4 -112.94 -2.24 84.58
C ILE OB 4 -112.88 -1.35 85.82
N VAL OB 5 -113.58 -1.74 86.88
CA VAL OB 5 -113.64 -0.97 88.12
C VAL OB 5 -112.75 -1.65 89.15
N LEU OB 6 -111.81 -0.89 89.70
CA LEU OB 6 -110.89 -1.39 90.72
C LEU OB 6 -111.10 -0.61 92.01
N SER OB 7 -111.28 -1.32 93.11
CA SER OB 7 -111.52 -0.71 94.42
C SER OB 7 -110.20 -0.70 95.20
N VAL OB 8 -109.73 0.51 95.54
CA VAL OB 8 -108.50 0.64 96.31
C VAL OB 8 -108.74 0.71 97.81
N GLY OB 9 -109.98 0.92 98.24
CA GLY OB 9 -110.30 1.03 99.65
C GLY OB 9 -111.23 2.18 99.95
N GLU OB 10 -110.91 3.36 99.41
CA GLU OB 10 -111.74 4.54 99.57
C GLU OB 10 -112.21 5.15 98.27
N ALA OB 11 -111.55 4.88 97.15
CA ALA OB 11 -111.93 5.40 95.85
C ALA OB 11 -111.96 4.24 94.85
N THR OB 12 -112.62 4.50 93.71
CA THR OB 12 -112.77 3.51 92.65
C THR OB 12 -112.14 4.04 91.37
N ARG OB 13 -111.21 3.27 90.80
CA ARG OB 13 -110.55 3.64 89.56
C ARG OB 13 -111.19 2.89 88.40
N THR OB 14 -111.21 3.55 87.24
CA THR OB 14 -111.85 3.02 86.05
C THR OB 14 -110.84 2.91 84.93
N LEU OB 15 -110.68 1.71 84.38
CA LEU OB 15 -109.82 1.46 83.23
C LEU OB 15 -110.69 1.20 82.01
N THR OB 16 -110.33 1.82 80.88
CA THR OB 16 -111.11 1.73 79.65
C THR OB 16 -110.30 1.03 78.57
N GLU OB 17 -110.98 0.17 77.80
CA GLU OB 17 -110.34 -0.50 76.68
C GLU OB 17 -110.05 0.52 75.58
N ILE OB 18 -108.81 0.49 75.08
CA ILE OB 18 -108.33 1.44 74.09
C ILE OB 18 -108.04 0.75 72.76
N GLN OB 19 -107.24 -0.31 72.78
CA GLN OB 19 -106.73 -0.96 71.58
C GLN OB 19 -107.26 -2.39 71.55
N SER OB 20 -108.50 -2.54 71.10
CA SER OB 20 -109.17 -3.84 71.07
C SER OB 20 -108.61 -4.68 69.93
N THR OB 21 -107.78 -5.67 70.27
CA THR OB 21 -107.24 -6.60 69.30
C THR OB 21 -107.07 -7.95 69.97
N ALA OB 22 -107.14 -9.02 69.17
CA ALA OB 22 -107.08 -10.38 69.71
C ALA OB 22 -105.73 -10.68 70.33
N ASP OB 23 -104.65 -10.47 69.58
CA ASP OB 23 -103.31 -10.81 70.06
C ASP OB 23 -102.73 -9.78 71.00
N ARG OB 24 -103.40 -8.65 71.22
CA ARG OB 24 -102.88 -7.62 72.11
C ARG OB 24 -104.05 -6.74 72.56
N GLN OB 25 -104.41 -6.84 73.84
CA GLN OB 25 -105.45 -6.01 74.44
C GLN OB 25 -104.79 -4.98 75.35
N ILE OB 26 -105.06 -3.71 75.09
CA ILE OB 26 -104.44 -2.60 75.80
C ILE OB 26 -105.53 -1.85 76.56
N PHE OB 27 -105.51 -1.95 77.89
CA PHE OB 27 -106.42 -1.19 78.75
C PHE OB 27 -105.68 0.00 79.34
N GLU OB 28 -106.34 1.15 79.38
CA GLU OB 28 -105.75 2.38 79.89
C GLU OB 28 -106.68 3.03 80.89
N GLU OB 29 -106.12 3.48 82.01
CA GLU OB 29 -106.89 4.11 83.07
C GLU OB 29 -107.19 5.56 82.71
N LYS OB 30 -108.45 5.96 82.89
CA LYS OB 30 -108.90 7.32 82.60
C LYS OB 30 -109.18 8.04 83.91
N VAL OB 31 -108.30 8.97 84.28
CA VAL OB 31 -108.48 9.77 85.49
C VAL OB 31 -108.22 11.23 85.14
N GLY OB 32 -107.08 11.51 84.55
CA GLY OB 32 -106.73 12.86 84.16
C GLY OB 32 -105.79 12.89 82.98
N PRO OB 33 -104.49 13.04 83.23
CA PRO OB 33 -103.51 13.02 82.14
C PRO OB 33 -103.36 11.61 81.59
N LEU OB 34 -103.61 11.46 80.29
CA LEU OB 34 -103.54 10.13 79.68
C LEU OB 34 -102.11 9.65 79.55
N VAL OB 35 -101.16 10.56 79.32
CA VAL OB 35 -99.76 10.17 79.22
C VAL OB 35 -99.21 9.91 80.62
N GLY OB 36 -98.45 8.82 80.76
CA GLY OB 36 -97.88 8.45 82.04
C GLY OB 36 -98.93 8.03 83.05
N ARG OB 37 -99.76 7.06 82.69
CA ARG OB 37 -100.81 6.59 83.57
C ARG OB 37 -100.71 5.08 83.78
N LEU OB 38 -101.84 4.44 84.03
CA LEU OB 38 -101.90 2.99 84.27
C LEU OB 38 -102.30 2.30 82.97
N ARG OB 39 -101.46 1.36 82.52
CA ARG OB 39 -101.72 0.60 81.31
C ARG OB 39 -101.58 -0.89 81.59
N LEU OB 40 -102.34 -1.68 80.85
CA LEU OB 40 -102.37 -3.13 81.02
C LEU OB 40 -102.37 -3.78 79.65
N THR OB 41 -101.43 -4.70 79.43
CA THR OB 41 -101.29 -5.42 78.17
C THR OB 41 -101.61 -6.89 78.40
N ALA OB 42 -102.56 -7.42 77.64
CA ALA OB 42 -102.96 -8.81 77.73
C ALA OB 42 -102.76 -9.50 76.39
N SER OB 43 -102.27 -10.74 76.44
CA SER OB 43 -102.03 -11.51 75.23
C SER OB 43 -102.34 -12.98 75.50
N LEU OB 44 -102.94 -13.64 74.50
CA LEU OB 44 -103.27 -15.06 74.57
C LEU OB 44 -102.87 -15.72 73.27
N ARG OB 45 -102.25 -16.89 73.38
CA ARG OB 45 -101.80 -17.60 72.19
C ARG OB 45 -101.75 -19.10 72.49
N GLN OB 46 -101.18 -19.87 71.55
CA GLN OB 46 -100.99 -21.30 71.66
C GLN OB 46 -99.49 -21.59 71.78
N ASN OB 47 -99.12 -22.84 71.54
CA ASN OB 47 -97.72 -23.25 71.62
C ASN OB 47 -97.55 -24.59 70.92
N GLY OB 48 -96.35 -24.82 70.43
CA GLY OB 48 -95.97 -26.10 69.84
C GLY OB 48 -96.93 -26.63 68.80
N ALA OB 49 -97.52 -27.80 69.08
CA ALA OB 49 -98.46 -28.42 68.16
C ALA OB 49 -99.82 -28.57 68.84
N LYS OB 50 -100.44 -27.42 69.14
CA LYS OB 50 -101.78 -27.36 69.73
C LYS OB 50 -101.84 -28.15 71.04
N THR OB 51 -100.78 -28.10 71.82
CA THR OB 51 -100.73 -28.79 73.11
C THR OB 51 -101.32 -27.92 74.22
N ALA OB 52 -100.55 -26.94 74.68
CA ALA OB 52 -100.99 -26.06 75.75
C ALA OB 52 -101.28 -24.66 75.22
N TYR OB 53 -101.23 -23.66 76.10
CA TYR OB 53 -101.48 -22.27 75.72
C TYR OB 53 -100.47 -21.38 76.43
N ARG OB 54 -100.53 -20.09 76.12
CA ARG OB 54 -99.63 -19.11 76.71
C ARG OB 54 -100.38 -17.81 76.91
N VAL OB 55 -100.41 -17.33 78.15
CA VAL OB 55 -101.08 -16.09 78.51
C VAL OB 55 -100.06 -15.14 79.11
N ASN OB 56 -100.06 -13.90 78.64
CA ASN OB 56 -99.14 -12.88 79.12
C ASN OB 56 -99.94 -11.68 79.62
N LEU OB 57 -99.61 -11.22 80.81
CA LEU OB 57 -100.28 -10.07 81.43
C LEU OB 57 -99.22 -9.14 82.01
N LYS OB 58 -99.16 -7.92 81.49
CA LYS OB 58 -98.21 -6.92 81.95
C LYS OB 58 -98.97 -5.69 82.43
N LEU OB 59 -98.46 -5.07 83.50
CA LEU OB 59 -99.08 -3.88 84.08
C LEU OB 59 -98.01 -2.83 84.29
N ASP OB 60 -98.17 -1.69 83.65
CA ASP OB 60 -97.19 -0.60 83.73
C ASP OB 60 -97.84 0.65 84.28
N GLN OB 61 -97.05 1.45 84.99
CA GLN OB 61 -97.52 2.71 85.55
C GLN OB 61 -96.31 3.60 85.78
N ALA OB 62 -96.22 4.70 85.03
CA ALA OB 62 -95.11 5.64 85.13
C ALA OB 62 -95.58 6.91 85.81
N ASP OB 63 -94.85 7.32 86.84
CA ASP OB 63 -95.17 8.54 87.57
C ASP OB 63 -94.79 9.78 86.75
N VAL OB 64 -95.53 10.86 86.98
CA VAL OB 64 -95.32 12.12 86.27
C VAL OB 64 -95.05 13.22 87.28
N VAL OB 65 -94.38 14.27 86.83
CA VAL OB 65 -94.08 15.43 87.65
C VAL OB 65 -94.35 16.69 86.83
N ASP OB 66 -94.65 17.78 87.53
CA ASP OB 66 -94.98 19.05 86.89
C ASP OB 66 -94.54 20.19 87.80
N CYS OB 67 -94.08 21.27 87.16
CA CYS OB 67 -93.62 22.45 87.88
C CYS OB 67 -94.41 23.70 87.56
N SER OB 68 -95.55 23.59 86.87
CA SER OB 68 -96.32 24.77 86.52
C SER OB 68 -96.97 25.43 87.73
N THR OB 69 -96.99 24.75 88.87
CA THR OB 69 -97.58 25.34 90.07
C THR OB 69 -96.70 26.45 90.65
N SER OB 70 -95.38 26.31 90.52
CA SER OB 70 -94.46 27.31 91.06
C SER OB 70 -93.57 27.87 89.95
N VAL OB 71 -92.86 27.00 89.24
CA VAL OB 71 -91.98 27.42 88.17
C VAL OB 71 -92.83 27.88 86.99
N CYS OB 72 -92.40 28.94 86.30
CA CYS OB 72 -93.21 29.44 85.19
C CYS OB 72 -92.77 28.82 83.87
N GLY OB 73 -92.70 27.49 83.83
CA GLY OB 73 -92.70 26.78 82.57
C GLY OB 73 -92.05 25.41 82.61
N GLU OB 74 -92.87 24.36 82.68
CA GLU OB 74 -92.37 22.99 82.68
C GLU OB 74 -93.53 22.06 82.34
N LEU OB 75 -93.42 21.35 81.22
CA LEU OB 75 -94.46 20.43 80.82
C LEU OB 75 -94.43 19.18 81.72
N PRO OB 76 -95.56 18.48 81.85
CA PRO OB 76 -95.57 17.24 82.63
C PRO OB 76 -94.58 16.22 82.06
N LYS OB 77 -93.62 15.83 82.88
CA LYS OB 77 -92.53 14.95 82.47
C LYS OB 77 -92.58 13.66 83.27
N VAL OB 78 -92.41 12.53 82.58
CA VAL OB 78 -92.40 11.24 83.25
C VAL OB 78 -91.09 11.06 84.01
N ARG OB 79 -91.14 10.26 85.08
CA ARG OB 79 -89.97 10.03 85.91
C ARG OB 79 -89.50 8.61 85.68
N TYR OB 80 -89.91 7.63 86.50
CA TYR OB 80 -89.50 6.25 86.36
C TYR OB 80 -90.60 5.43 85.72
N THR OB 81 -90.26 4.20 85.36
CA THR OB 81 -91.18 3.26 84.74
C THR OB 81 -91.10 1.92 85.45
N GLN OB 82 -92.25 1.32 85.74
CA GLN OB 82 -92.32 0.04 86.41
C GLN OB 82 -92.97 -0.98 85.48
N VAL OB 83 -92.38 -2.17 85.40
CA VAL OB 83 -92.85 -3.25 84.55
C VAL OB 83 -93.11 -4.47 85.41
N TRP OB 84 -94.32 -5.01 85.32
CA TRP OB 84 -94.73 -6.20 86.06
C TRP OB 84 -95.44 -7.13 85.09
N SER OB 85 -94.68 -8.01 84.45
CA SER OB 85 -95.22 -8.95 83.48
C SER OB 85 -95.56 -10.28 84.14
N HIS OB 86 -96.28 -11.13 83.41
CA HIS OB 86 -96.68 -12.43 83.89
C HIS OB 86 -96.49 -13.46 82.79
N ASP OB 87 -96.72 -14.72 83.13
CA ASP OB 87 -96.58 -15.81 82.17
C ASP OB 87 -97.40 -16.99 82.67
N VAL OB 88 -98.45 -17.35 81.94
CA VAL OB 88 -99.34 -18.44 82.31
C VAL OB 88 -99.21 -19.54 81.25
N THR OB 89 -98.75 -20.71 81.67
CA THR OB 89 -98.59 -21.87 80.79
C THR OB 89 -99.41 -23.01 81.37
N ILE OB 90 -100.71 -23.01 81.07
CA ILE OB 90 -101.64 -24.02 81.56
C ILE OB 90 -102.14 -24.83 80.36
N VAL OB 91 -102.02 -26.15 80.44
CA VAL OB 91 -102.48 -27.00 79.36
C VAL OB 91 -104.00 -27.08 79.37
N ALA OB 92 -104.58 -27.40 78.21
CA ALA OB 92 -106.03 -27.48 78.10
C ALA OB 92 -106.58 -28.66 78.88
N ASN OB 93 -106.11 -29.87 78.57
CA ASN OB 93 -106.56 -31.08 79.24
C ASN OB 93 -105.91 -31.15 80.62
N SER OB 94 -106.50 -30.41 81.56
CA SER OB 94 -105.99 -30.37 82.93
C SER OB 94 -107.08 -30.81 83.91
N THR OB 95 -107.23 -30.07 85.01
CA THR OB 95 -108.23 -30.37 86.03
C THR OB 95 -108.80 -29.08 86.57
N GLU OB 96 -110.13 -28.98 86.59
CA GLU OB 96 -110.77 -27.77 87.09
C GLU OB 96 -110.50 -27.58 88.58
N ALA OB 97 -110.56 -28.66 89.35
CA ALA OB 97 -110.30 -28.57 90.78
C ALA OB 97 -108.85 -28.16 91.05
N SER OB 98 -107.91 -28.73 90.28
CA SER OB 98 -106.51 -28.36 90.45
C SER OB 98 -106.28 -26.90 90.08
N ARG OB 99 -106.92 -26.43 89.00
CA ARG OB 99 -106.78 -25.03 88.62
C ARG OB 99 -107.36 -24.10 89.67
N LYS OB 100 -108.51 -24.48 90.25
CA LYS OB 100 -109.11 -23.66 91.30
C LYS OB 100 -108.22 -23.63 92.55
N SER OB 101 -107.63 -24.78 92.91
CA SER OB 101 -106.74 -24.81 94.06
C SER OB 101 -105.50 -23.97 93.81
N LEU OB 102 -104.96 -24.02 92.59
CA LEU OB 102 -103.78 -23.21 92.27
C LEU OB 102 -104.12 -21.73 92.30
N TYR OB 103 -105.29 -21.34 91.79
CA TYR OB 103 -105.71 -19.95 91.84
C TYR OB 103 -105.89 -19.48 93.28
N ASP OB 104 -106.47 -20.34 94.13
CA ASP OB 104 -106.65 -19.98 95.53
C ASP OB 104 -105.31 -19.83 96.23
N LEU OB 105 -104.36 -20.71 95.94
CA LEU OB 105 -103.03 -20.61 96.53
C LEU OB 105 -102.33 -19.33 96.07
N THR OB 106 -102.46 -18.98 94.79
CA THR OB 106 -101.86 -17.74 94.29
C THR OB 106 -102.50 -16.53 94.95
N LYS OB 107 -103.83 -16.54 95.11
CA LYS OB 107 -104.50 -15.42 95.78
C LYS OB 107 -104.06 -15.29 97.22
N SER OB 108 -103.90 -16.42 97.92
CA SER OB 108 -103.43 -16.38 99.30
C SER OB 108 -102.00 -15.85 99.39
N LEU OB 109 -101.13 -16.30 98.49
CA LEU OB 109 -99.75 -15.81 98.49
C LEU OB 109 -99.69 -14.32 98.15
N VAL OB 110 -100.60 -13.84 97.32
CA VAL OB 110 -100.62 -12.41 96.99
C VAL OB 110 -101.14 -11.60 98.17
N ALA OB 111 -102.19 -12.09 98.83
CA ALA OB 111 -102.80 -11.36 99.94
C ALA OB 111 -102.05 -11.50 101.25
N THR OB 112 -101.06 -12.41 101.32
CA THR OB 112 -100.29 -12.57 102.55
C THR OB 112 -99.45 -11.32 102.82
N SER OB 113 -98.98 -11.21 104.06
CA SER OB 113 -98.20 -10.07 104.50
C SER OB 113 -96.72 -10.20 104.18
N GLN OB 114 -96.25 -11.38 103.78
CA GLN OB 114 -94.85 -11.58 103.45
C GLN OB 114 -94.45 -10.91 102.14
N VAL OB 115 -95.28 -11.04 101.10
CA VAL OB 115 -94.99 -10.40 99.83
C VAL OB 115 -95.07 -8.89 99.96
N GLU OB 116 -95.99 -8.38 100.78
CA GLU OB 116 -96.08 -6.94 101.01
C GLU OB 116 -94.79 -6.41 101.65
N ASP OB 117 -94.26 -7.14 102.64
CA ASP OB 117 -93.01 -6.73 103.26
C ASP OB 117 -91.84 -6.84 102.28
N LEU OB 118 -91.82 -7.90 101.47
CA LEU OB 118 -90.79 -8.04 100.45
C LEU OB 118 -90.83 -6.89 99.46
N VAL OB 119 -92.02 -6.38 99.13
CA VAL OB 119 -92.15 -5.29 98.19
C VAL OB 119 -91.74 -3.96 98.84
N VAL OB 120 -92.22 -3.71 100.05
CA VAL OB 120 -91.99 -2.43 100.71
C VAL OB 120 -90.57 -2.35 101.25
N ASN OB 121 -90.27 -3.15 102.27
CA ASN OB 121 -88.98 -3.08 102.96
C ASN OB 121 -87.85 -3.76 102.22
N LEU OB 122 -88.13 -4.36 101.05
CA LEU OB 122 -87.11 -5.03 100.24
C LEU OB 122 -86.40 -6.15 101.02
N VAL OB 123 -87.11 -6.75 101.97
CA VAL OB 123 -86.56 -7.84 102.78
C VAL OB 123 -86.89 -9.16 102.09
N PRO OB 124 -85.92 -10.06 101.92
CA PRO OB 124 -86.21 -11.33 101.24
C PRO OB 124 -87.31 -12.12 101.96
N LEU OB 125 -88.12 -12.80 101.17
CA LEU OB 125 -89.26 -13.55 101.68
C LEU OB 125 -88.75 -14.74 102.51
N GLY OB 126 -89.12 -14.76 103.80
CA GLY OB 126 -88.70 -15.83 104.68
C GLY OB 126 -89.12 -15.60 106.13
N ARG OB 127 -90.41 -15.76 106.39
CA ARG OB 127 -90.94 -15.58 107.75
C ARG OB 127 -91.41 -16.90 108.34
N SER PB 1 -82.05 -17.03 105.81
CA SER PB 1 -80.93 -16.09 105.71
C SER PB 1 -80.15 -16.03 107.02
N LYS PB 2 -79.57 -14.86 107.30
CA LYS PB 2 -78.72 -14.67 108.46
C LYS PB 2 -78.93 -13.25 108.99
N THR PB 3 -79.39 -13.15 110.24
CA THR PB 3 -79.69 -11.88 110.86
C THR PB 3 -78.66 -11.56 111.94
N ILE PB 4 -78.26 -10.29 112.02
CA ILE PB 4 -77.31 -9.80 113.01
C ILE PB 4 -77.95 -8.63 113.74
N VAL PB 5 -78.03 -8.73 115.06
CA VAL PB 5 -78.65 -7.70 115.89
C VAL PB 5 -77.54 -6.89 116.57
N LEU PB 6 -77.57 -5.57 116.37
CA LEU PB 6 -76.60 -4.66 116.96
C LEU PB 6 -77.31 -3.69 117.89
N SER PB 7 -76.82 -3.57 119.12
CA SER PB 7 -77.41 -2.72 120.14
C SER PB 7 -76.61 -1.41 120.19
N VAL PB 8 -77.28 -0.29 119.89
CA VAL PB 8 -76.63 1.02 119.93
C VAL PB 8 -76.80 1.71 121.28
N GLY PB 9 -77.69 1.22 122.13
CA GLY PB 9 -77.92 1.84 123.42
C GLY PB 9 -79.40 1.98 123.74
N GLU PB 10 -80.17 2.50 122.78
CA GLU PB 10 -81.60 2.65 122.93
C GLU PB 10 -82.41 1.94 121.86
N ALA PB 11 -81.83 1.63 120.71
CA ALA PB 11 -82.51 0.93 119.64
C ALA PB 11 -81.64 -0.23 119.17
N THR PB 12 -82.25 -1.16 118.43
CA THR PB 12 -81.58 -2.34 117.92
C THR PB 12 -81.67 -2.34 116.40
N ARG PB 13 -80.52 -2.44 115.74
CA ARG PB 13 -80.45 -2.49 114.29
C ARG PB 13 -80.27 -3.93 113.83
N THR PB 14 -80.84 -4.25 112.67
CA THR PB 14 -80.84 -5.59 112.13
C THR PB 14 -80.17 -5.58 110.75
N LEU PB 15 -79.13 -6.40 110.60
CA LEU PB 15 -78.45 -6.58 109.33
C LEU PB 15 -78.78 -7.96 108.78
N THR PB 16 -79.09 -8.02 107.48
CA THR PB 16 -79.53 -9.25 106.83
C THR PB 16 -78.52 -9.67 105.77
N GLU PB 17 -78.25 -10.97 105.71
CA GLU PB 17 -77.37 -11.51 104.68
C GLU PB 17 -78.03 -11.40 103.31
N ILE PB 18 -77.27 -10.88 102.34
CA ILE PB 18 -77.79 -10.57 101.00
C ILE PB 18 -77.11 -11.40 99.92
N GLN PB 19 -75.78 -11.49 99.96
CA GLN PB 19 -74.98 -12.14 98.92
C GLN PB 19 -74.15 -13.24 99.57
N SER PB 20 -74.78 -14.39 99.80
CA SER PB 20 -74.14 -15.51 100.49
C SER PB 20 -73.17 -16.19 99.53
N THR PB 21 -71.87 -15.97 99.75
CA THR PB 21 -70.83 -16.61 98.98
C THR PB 21 -69.62 -16.83 99.89
N ALA PB 22 -68.83 -17.86 99.56
CA ALA PB 22 -67.70 -18.22 100.42
C ALA PB 22 -66.63 -17.14 100.42
N ASP PB 23 -66.17 -16.73 99.24
CA ASP PB 23 -65.08 -15.76 99.14
C ASP PB 23 -65.54 -14.32 99.35
N ARG PB 24 -66.84 -14.08 99.49
CA ARG PB 24 -67.33 -12.71 99.68
C ARG PB 24 -68.72 -12.80 100.32
N GLN PB 25 -68.82 -12.38 101.57
CA GLN PB 25 -70.09 -12.32 102.30
C GLN PB 25 -70.50 -10.85 102.44
N ILE PB 26 -71.68 -10.52 101.95
CA ILE PB 26 -72.18 -9.15 101.93
C ILE PB 26 -73.41 -9.08 102.82
N PHE PB 27 -73.29 -8.39 103.95
CA PHE PB 27 -74.40 -8.14 104.85
C PHE PB 27 -74.90 -6.72 104.65
N GLU PB 28 -76.23 -6.54 104.63
CA GLU PB 28 -76.83 -5.24 104.41
C GLU PB 28 -77.89 -4.97 105.47
N GLU PB 29 -77.88 -3.76 106.01
CA GLU PB 29 -78.82 -3.37 107.05
C GLU PB 29 -80.17 -3.03 106.45
N LYS PB 30 -81.24 -3.54 107.04
CA LYS PB 30 -82.61 -3.30 106.57
C LYS PB 30 -83.32 -2.41 107.58
N VAL PB 31 -83.52 -1.15 107.21
CA VAL PB 31 -84.23 -0.20 108.05
C VAL PB 31 -85.27 0.53 107.20
N GLY PB 32 -84.82 1.11 106.10
CA GLY PB 32 -85.70 1.82 105.20
C GLY PB 32 -85.20 1.81 103.77
N PRO PB 33 -84.54 2.89 103.36
CA PRO PB 33 -83.96 2.94 102.00
C PRO PB 33 -82.76 2.00 101.91
N LEU PB 34 -82.83 1.04 100.98
CA LEU PB 34 -81.74 0.08 100.84
C LEU PB 34 -80.50 0.72 100.24
N VAL PB 35 -80.67 1.69 99.34
CA VAL PB 35 -79.52 2.36 98.74
C VAL PB 35 -78.94 3.35 99.75
N GLY PB 36 -77.61 3.37 99.85
CA GLY PB 36 -76.95 4.25 100.79
C GLY PB 36 -77.21 3.91 102.23
N ARG PB 37 -76.94 2.66 102.60
CA ARG PB 37 -77.16 2.19 103.97
C ARG PB 37 -75.89 1.61 104.56
N LEU PB 38 -76.04 0.66 105.49
CA LEU PB 38 -74.91 0.01 106.14
C LEU PB 38 -74.63 -1.31 105.46
N ARG PB 39 -73.40 -1.48 104.99
CA ARG PB 39 -72.97 -2.70 104.33
C ARG PB 39 -71.69 -3.22 104.96
N LEU PB 40 -71.52 -4.54 104.93
CA LEU PB 40 -70.37 -5.20 105.52
C LEU PB 40 -69.89 -6.30 104.58
N THR PB 41 -68.60 -6.27 104.26
CA THR PB 41 -67.97 -7.23 103.36
C THR PB 41 -66.98 -8.06 104.15
N ALA PB 42 -67.14 -9.38 104.10
CA ALA PB 42 -66.27 -10.32 104.80
C ALA PB 42 -65.63 -11.26 103.79
N SER PB 43 -64.35 -11.55 103.99
CA SER PB 43 -63.62 -12.45 103.10
C SER PB 43 -62.62 -13.25 103.92
N LEU PB 44 -62.47 -14.53 103.56
CA LEU PB 44 -61.54 -15.44 104.21
C LEU PB 44 -60.80 -16.23 103.14
N ARG PB 45 -59.48 -16.36 103.31
CA ARG PB 45 -58.68 -17.08 102.33
C ARG PB 45 -57.44 -17.65 103.02
N GLN PB 46 -56.52 -18.18 102.22
CA GLN PB 46 -55.26 -18.72 102.67
C GLN PB 46 -54.12 -17.82 102.17
N ASN PB 47 -52.90 -18.34 102.19
CA ASN PB 47 -51.74 -17.58 101.75
C ASN PB 47 -50.59 -18.54 101.51
N GLY PB 48 -49.68 -18.13 100.61
CA GLY PB 48 -48.45 -18.85 100.35
C GLY PB 48 -48.63 -20.33 100.07
N ALA PB 49 -48.04 -21.17 100.93
CA ALA PB 49 -48.13 -22.62 100.78
C ALA PB 49 -48.81 -23.22 102.01
N LYS PB 50 -50.09 -22.87 102.19
CA LYS PB 50 -50.92 -23.41 103.27
C LYS PB 50 -50.29 -23.15 104.63
N THR PB 51 -49.67 -21.98 104.80
CA THR PB 51 -49.05 -21.60 106.07
C THR PB 51 -50.07 -20.93 106.99
N ALA PB 52 -50.39 -19.67 106.72
CA ALA PB 52 -51.33 -18.92 107.55
C ALA PB 52 -52.63 -18.69 106.80
N TYR PB 53 -53.38 -17.68 107.22
CA TYR PB 53 -54.64 -17.33 106.58
C TYR PB 53 -54.74 -15.82 106.45
N ARG PB 54 -55.82 -15.36 105.81
CA ARG PB 54 -56.05 -13.95 105.59
C ARG PB 54 -57.54 -13.67 105.70
N VAL PB 55 -57.91 -12.77 106.61
CA VAL PB 55 -59.30 -12.38 106.83
C VAL PB 55 -59.42 -10.88 106.58
N ASN PB 56 -60.44 -10.50 105.81
CA ASN PB 56 -60.69 -9.11 105.48
C ASN PB 56 -62.11 -8.74 105.89
N LEU PB 57 -62.25 -7.63 106.60
CA LEU PB 57 -63.55 -7.16 107.06
C LEU PB 57 -63.65 -5.67 106.78
N LYS PB 58 -64.60 -5.28 105.94
CA LYS PB 58 -64.83 -3.88 105.59
C LYS PB 58 -66.25 -3.49 105.95
N LEU PB 59 -66.41 -2.27 106.44
CA LEU PB 59 -67.71 -1.75 106.84
C LEU PB 59 -67.91 -0.38 106.21
N ASP PB 60 -68.94 -0.25 105.38
CA ASP PB 60 -69.22 0.99 104.68
C ASP PB 60 -70.62 1.51 105.04
N GLN PB 61 -70.75 2.84 105.03
CA GLN PB 61 -72.03 3.48 105.33
C GLN PB 61 -72.02 4.86 104.70
N ALA PB 62 -72.87 5.06 103.70
CA ALA PB 62 -72.95 6.33 102.99
C ALA PB 62 -74.23 7.06 103.39
N ASP PB 63 -74.10 8.32 103.78
CA ASP PB 63 -75.24 9.12 104.16
C ASP PB 63 -76.03 9.56 102.93
N VAL PB 64 -77.33 9.75 103.12
CA VAL PB 64 -78.22 10.15 102.04
C VAL PB 64 -78.93 11.45 102.44
N VAL PB 65 -79.38 12.18 101.42
CA VAL PB 65 -80.11 13.43 101.61
C VAL PB 65 -81.30 13.45 100.67
N ASP PB 66 -82.33 14.18 101.05
CA ASP PB 66 -83.57 14.27 100.28
C ASP PB 66 -84.20 15.63 100.48
N CYS PB 67 -84.81 16.15 99.41
CA CYS PB 67 -85.45 17.45 99.44
C CYS PB 67 -86.94 17.40 99.14
N SER PB 68 -87.55 16.21 99.11
CA SER PB 68 -88.97 16.11 98.80
C SER PB 68 -89.85 16.67 99.91
N THR PB 69 -89.28 16.94 101.09
CA THR PB 69 -90.07 17.51 102.17
C THR PB 69 -90.41 18.97 101.92
N SER PB 70 -89.52 19.71 101.26
CA SER PB 70 -89.76 21.12 100.98
C SER PB 70 -89.71 21.40 99.49
N VAL PB 71 -88.61 21.03 98.84
CA VAL PB 71 -88.45 21.25 97.41
C VAL PB 71 -89.36 20.27 96.66
N CYS PB 72 -89.94 20.73 95.55
CA CYS PB 72 -90.86 19.89 94.81
C CYS PB 72 -90.15 19.10 93.72
N GLY PB 73 -89.05 18.43 94.08
CA GLY PB 73 -88.52 17.38 93.24
C GLY PB 73 -87.03 17.13 93.41
N GLU PB 74 -86.69 16.08 94.15
CA GLU PB 74 -85.28 15.72 94.35
C GLU PB 74 -85.25 14.29 94.87
N LEU PB 75 -84.64 13.39 94.11
CA LEU PB 75 -84.53 12.00 94.53
C LEU PB 75 -83.49 11.88 95.65
N PRO PB 76 -83.60 10.85 96.49
CA PRO PB 76 -82.58 10.63 97.53
C PRO PB 76 -81.20 10.44 96.92
N LYS PB 77 -80.29 11.33 97.29
CA LYS PB 77 -78.94 11.37 96.73
C LYS PB 77 -77.91 11.11 97.82
N VAL PB 78 -76.93 10.27 97.51
CA VAL PB 78 -75.87 9.98 98.47
C VAL PB 78 -74.92 11.18 98.57
N ARG PB 79 -74.29 11.31 99.73
CA ARG PB 79 -73.37 12.42 99.97
C ARG PB 79 -71.96 11.87 100.00
N TYR PB 80 -71.41 11.56 101.16
CA TYR PB 80 -70.06 11.05 101.29
C TYR PB 80 -70.07 9.54 101.51
N THR PB 81 -68.89 8.95 101.43
CA THR PB 81 -68.71 7.51 101.61
C THR PB 81 -67.56 7.26 102.58
N GLN PB 82 -67.77 6.36 103.53
CA GLN PB 82 -66.76 6.01 104.53
C GLN PB 82 -66.36 4.55 104.36
N VAL PB 83 -65.05 4.30 104.40
CA VAL PB 83 -64.50 2.97 104.21
C VAL PB 83 -63.64 2.64 105.43
N TRP PB 84 -63.94 1.51 106.07
CA TRP PB 84 -63.20 1.03 107.24
C TRP PB 84 -62.92 -0.46 107.03
N SER PB 85 -61.77 -0.75 106.42
CA SER PB 85 -61.37 -2.12 106.15
C SER PB 85 -60.49 -2.66 107.27
N HIS PB 86 -60.26 -3.97 107.24
CA HIS PB 86 -59.45 -4.65 108.23
C HIS PB 86 -58.54 -5.65 107.53
N ASP PB 87 -57.65 -6.26 108.31
CA ASP PB 87 -56.71 -7.25 107.77
C ASP PB 87 -56.26 -8.13 108.93
N VAL PB 88 -56.61 -9.40 108.91
CA VAL PB 88 -56.26 -10.36 109.95
C VAL PB 88 -55.34 -11.41 109.34
N THR PB 89 -54.10 -11.47 109.85
CA THR PB 89 -53.11 -12.44 109.40
C THR PB 89 -52.66 -13.25 110.61
N ILE PB 90 -53.45 -14.27 110.94
CA ILE PB 90 -53.18 -15.15 112.08
C ILE PB 90 -52.87 -16.55 111.55
N VAL PB 91 -51.73 -17.10 111.97
CA VAL PB 91 -51.35 -18.44 111.53
C VAL PB 91 -52.20 -19.48 112.26
N ALA PB 92 -52.32 -20.66 111.64
CA ALA PB 92 -53.13 -21.72 112.23
C ALA PB 92 -52.49 -22.26 113.50
N ASN PB 93 -51.25 -22.75 113.40
CA ASN PB 93 -50.53 -23.30 114.54
C ASN PB 93 -50.05 -22.14 115.42
N SER PB 94 -50.97 -21.63 116.24
CA SER PB 94 -50.66 -20.54 117.16
C SER PB 94 -50.93 -20.95 118.60
N THR PB 95 -51.58 -20.07 119.35
CA THR PB 95 -51.91 -20.34 120.75
C THR PB 95 -53.27 -19.75 121.07
N GLU PB 96 -54.15 -20.56 121.65
CA GLU PB 96 -55.49 -20.09 121.99
C GLU PB 96 -55.44 -19.01 123.06
N ALA PB 97 -54.58 -19.19 124.07
CA ALA PB 97 -54.46 -18.18 125.12
C ALA PB 97 -53.91 -16.87 124.57
N SER PB 98 -52.92 -16.95 123.67
CA SER PB 98 -52.37 -15.74 123.06
C SER PB 98 -53.41 -15.04 122.20
N ARG PB 99 -54.20 -15.81 121.44
CA ARG PB 99 -55.25 -15.22 120.62
C ARG PB 99 -56.32 -14.55 121.49
N LYS PB 100 -56.69 -15.19 122.60
CA LYS PB 100 -57.66 -14.59 123.50
C LYS PB 100 -57.13 -13.31 124.14
N SER PB 101 -55.85 -13.31 124.53
CA SER PB 101 -55.25 -12.10 125.10
C SER PB 101 -55.19 -10.98 124.06
N LEU PB 102 -54.86 -11.31 122.82
CA LEU PB 102 -54.82 -10.31 121.76
C LEU PB 102 -56.21 -9.75 121.49
N TYR PB 103 -57.23 -10.61 121.48
CA TYR PB 103 -58.60 -10.13 121.27
C TYR PB 103 -59.04 -9.24 122.42
N ASP PB 104 -58.68 -9.60 123.65
CA ASP PB 104 -59.04 -8.77 124.80
C ASP PB 104 -58.33 -7.41 124.73
N LEU PB 105 -57.06 -7.40 124.32
CA LEU PB 105 -56.33 -6.14 124.19
C LEU PB 105 -56.95 -5.27 123.10
N THR PB 106 -57.35 -5.88 121.98
CA THR PB 106 -57.99 -5.13 120.91
C THR PB 106 -59.33 -4.56 121.37
N LYS PB 107 -60.11 -5.36 122.11
CA LYS PB 107 -61.39 -4.88 122.62
C LYS PB 107 -61.19 -3.72 123.60
N SER PB 108 -60.17 -3.81 124.45
CA SER PB 108 -59.89 -2.73 125.40
C SER PB 108 -59.46 -1.46 124.66
N LEU PB 109 -58.60 -1.60 123.65
CA LEU PB 109 -58.17 -0.44 122.88
C LEU PB 109 -59.32 0.18 122.11
N VAL PB 110 -60.29 -0.63 121.67
CA VAL PB 110 -61.44 -0.09 120.97
C VAL PB 110 -62.37 0.63 121.94
N ALA PB 111 -62.60 0.04 123.11
CA ALA PB 111 -63.51 0.61 124.10
C ALA PB 111 -62.91 1.75 124.89
N THR PB 112 -61.60 1.98 124.79
CA THR PB 112 -60.98 3.08 125.52
C THR PB 112 -61.47 4.43 124.99
N SER PB 113 -61.23 5.47 125.78
CA SER PB 113 -61.67 6.82 125.44
C SER PB 113 -60.69 7.56 124.54
N GLN PB 114 -59.48 7.03 124.36
CA GLN PB 114 -58.49 7.69 123.51
C GLN PB 114 -58.83 7.57 122.03
N VAL PB 115 -59.25 6.39 121.58
CA VAL PB 115 -59.61 6.22 120.18
C VAL PB 115 -60.88 7.02 119.86
N GLU PB 116 -61.81 7.11 120.81
CA GLU PB 116 -63.00 7.92 120.60
C GLU PB 116 -62.65 9.39 120.39
N ASP PB 117 -61.72 9.91 121.20
CA ASP PB 117 -61.28 11.30 121.02
C ASP PB 117 -60.53 11.47 119.72
N LEU PB 118 -59.69 10.49 119.35
CA LEU PB 118 -58.98 10.55 118.07
C LEU PB 118 -59.96 10.57 116.91
N VAL PB 119 -61.08 9.87 117.02
CA VAL PB 119 -62.07 9.83 115.94
C VAL PB 119 -62.86 11.13 115.89
N VAL PB 120 -63.32 11.61 117.05
CA VAL PB 120 -64.19 12.78 117.11
C VAL PB 120 -63.39 14.05 116.90
N ASN PB 121 -62.53 14.40 117.86
CA ASN PB 121 -61.81 15.67 117.84
C ASN PB 121 -60.61 15.66 116.91
N LEU PB 122 -60.33 14.53 116.24
CA LEU PB 122 -59.20 14.42 115.32
C LEU PB 122 -57.86 14.73 115.99
N VAL PB 123 -57.78 14.49 117.30
CA VAL PB 123 -56.55 14.73 118.05
C VAL PB 123 -55.71 13.46 118.03
N PRO PB 124 -54.42 13.54 117.73
CA PRO PB 124 -53.59 12.33 117.69
C PRO PB 124 -53.59 11.59 119.02
N LEU PB 125 -53.55 10.27 118.93
CA LEU PB 125 -53.61 9.41 120.12
C LEU PB 125 -52.35 9.60 120.95
N GLY PB 126 -52.51 10.04 122.20
CA GLY PB 126 -51.38 10.26 123.08
C GLY PB 126 -51.77 10.87 124.40
N ARG PB 127 -52.41 10.09 125.27
CA ARG PB 127 -52.83 10.57 126.57
C ARG PB 127 -52.04 9.91 127.69
N SER QB 1 -54.79 16.60 128.34
CA SER QB 1 -54.47 17.63 127.36
C SER QB 1 -54.21 18.97 128.03
N LYS QB 2 -54.53 20.06 127.32
CA LYS QB 2 -54.27 21.41 127.80
C LYS QB 2 -55.40 22.31 127.33
N THR QB 3 -56.09 22.93 128.29
CA THR QB 3 -57.24 23.79 128.00
C THR QB 3 -56.88 25.24 128.30
N ILE QB 4 -57.35 26.13 127.42
CA ILE QB 4 -57.14 27.56 127.56
C ILE QB 4 -58.50 28.25 127.50
N VAL QB 5 -58.82 29.02 128.53
CA VAL QB 5 -60.10 29.72 128.64
C VAL QB 5 -59.89 31.18 128.29
N LEU QB 6 -60.65 31.68 127.33
CA LEU QB 6 -60.59 33.08 126.90
C LEU QB 6 -61.93 33.74 127.14
N SER QB 7 -61.90 34.89 127.81
CA SER QB 7 -63.12 35.64 128.15
C SER QB 7 -63.29 36.77 127.13
N VAL QB 8 -64.40 36.72 126.40
CA VAL QB 8 -64.69 37.76 125.40
C VAL QB 8 -65.55 38.88 125.96
N GLY QB 9 -66.14 38.70 127.15
CA GLY QB 9 -67.00 39.71 127.73
C GLY QB 9 -68.29 39.13 128.28
N GLU QB 10 -68.96 38.31 127.47
CA GLU QB 10 -70.19 37.66 127.89
C GLU QB 10 -70.14 36.14 127.81
N ALA QB 11 -69.23 35.57 127.02
CA ALA QB 11 -69.08 34.12 126.89
C ALA QB 11 -67.61 33.76 127.05
N THR QB 12 -67.36 32.47 127.28
CA THR QB 12 -66.02 31.95 127.48
C THR QB 12 -65.73 30.90 126.43
N ARG QB 13 -64.63 31.09 125.69
CA ARG QB 13 -64.22 30.15 124.67
C ARG QB 13 -63.11 29.25 125.21
N THR QB 14 -63.09 28.00 124.74
CA THR QB 14 -62.15 26.99 125.21
C THR QB 14 -61.33 26.49 124.03
N LEU QB 15 -60.01 26.59 124.16
CA LEU QB 15 -59.07 26.05 123.17
C LEU QB 15 -58.39 24.83 123.75
N THR QB 16 -58.29 23.77 122.95
CA THR QB 16 -57.74 22.49 123.39
C THR QB 16 -56.46 22.18 122.62
N GLU QB 17 -55.47 21.66 123.33
CA GLU QB 17 -54.23 21.23 122.69
C GLU QB 17 -54.48 20.00 121.82
N ILE QB 18 -54.01 20.06 120.59
CA ILE QB 18 -54.24 19.01 119.60
C ILE QB 18 -52.94 18.30 119.24
N GLN QB 19 -51.91 19.06 118.86
CA GLN QB 19 -50.67 18.52 118.30
C GLN QB 19 -49.53 18.88 119.24
N SER QB 20 -49.39 18.11 120.32
CA SER QB 20 -48.39 18.40 121.34
C SER QB 20 -47.01 18.00 120.83
N THR QB 21 -46.20 18.99 120.48
CA THR QB 21 -44.83 18.78 120.05
C THR QB 21 -43.99 19.96 120.50
N ALA QB 22 -42.70 19.72 120.71
CA ALA QB 22 -41.81 20.75 121.23
C ALA QB 22 -41.63 21.89 120.25
N ASP QB 23 -41.24 21.58 119.01
CA ASP QB 23 -40.96 22.61 118.01
C ASP QB 23 -42.21 23.18 117.37
N ARG QB 24 -43.40 22.65 117.68
CA ARG QB 24 -44.64 23.15 117.08
C ARG QB 24 -45.80 22.72 117.98
N GLN QB 25 -46.42 23.70 118.64
CA GLN QB 25 -47.59 23.46 119.47
C GLN QB 25 -48.81 24.04 118.75
N ILE QB 26 -49.81 23.19 118.52
CA ILE QB 26 -51.01 23.56 117.77
C ILE QB 26 -52.20 23.47 118.70
N PHE QB 27 -52.79 24.62 119.04
CA PHE QB 27 -54.01 24.68 119.83
C PHE QB 27 -55.19 24.96 118.92
N GLU QB 28 -56.29 24.26 119.16
CA GLU QB 28 -57.49 24.40 118.34
C GLU QB 28 -58.71 24.61 119.22
N GLU QB 29 -59.55 25.57 118.83
CA GLU QB 29 -60.75 25.90 119.60
C GLU QB 29 -61.85 24.89 119.31
N LYS QB 30 -62.50 24.41 120.37
CA LYS QB 30 -63.58 23.43 120.27
C LYS QB 30 -64.89 24.12 120.62
N VAL QB 31 -65.72 24.37 119.60
CA VAL QB 31 -67.03 24.97 119.79
C VAL QB 31 -68.06 24.17 119.00
N GLY QB 32 -67.81 23.98 117.71
CA GLY QB 32 -68.70 23.23 116.86
C GLY QB 32 -67.97 22.57 115.72
N PRO QB 33 -68.01 23.20 114.54
CA PRO QB 33 -67.28 22.67 113.38
C PRO QB 33 -65.78 22.85 113.57
N LEU QB 34 -65.04 21.74 113.54
CA LEU QB 34 -63.61 21.81 113.75
C LEU QB 34 -62.89 22.44 112.57
N VAL QB 35 -63.38 22.21 111.35
CA VAL QB 35 -62.77 22.81 110.17
C VAL QB 35 -63.15 24.29 110.10
N GLY QB 36 -62.17 25.13 109.79
CA GLY QB 36 -62.40 26.56 109.70
C GLY QB 36 -62.73 27.18 111.03
N ARG QB 37 -61.85 26.99 112.02
CA ARG QB 37 -62.08 27.53 113.36
C ARG QB 37 -60.89 28.37 113.80
N LEU QB 38 -60.65 28.42 115.11
CA LEU QB 38 -59.56 29.19 115.69
C LEU QB 38 -58.38 28.27 115.96
N ARG QB 39 -57.23 28.59 115.39
CA ARG QB 39 -56.02 27.81 115.59
C ARG QB 39 -54.88 28.71 116.01
N LEU QB 40 -53.96 28.15 116.78
CA LEU QB 40 -52.81 28.88 117.31
C LEU QB 40 -51.57 28.01 117.20
N THR QB 41 -50.52 28.55 116.58
CA THR QB 41 -49.26 27.85 116.39
C THR QB 41 -48.18 28.54 117.20
N ALA QB 42 -47.51 27.78 118.06
CA ALA QB 42 -46.44 28.29 118.91
C ALA QB 42 -45.15 27.53 118.63
N SER QB 43 -44.04 28.27 118.59
CA SER QB 43 -42.74 27.67 118.33
C SER QB 43 -41.68 28.39 119.15
N LEU QB 44 -40.73 27.61 119.66
CA LEU QB 44 -39.62 28.14 120.45
C LEU QB 44 -38.32 27.48 119.98
N ARG QB 45 -37.27 28.29 119.82
CA ARG QB 45 -36.00 27.75 119.35
C ARG QB 45 -34.87 28.65 119.87
N GLN QB 46 -33.66 28.39 119.38
CA GLN QB 46 -32.48 29.16 119.69
C GLN QB 46 -32.03 29.93 118.44
N ASN QB 47 -30.77 30.39 118.45
CA ASN QB 47 -30.23 31.14 117.32
C ASN QB 47 -28.73 31.17 117.43
N GLY QB 48 -28.07 31.31 116.29
CA GLY QB 48 -26.63 31.50 116.22
C GLY QB 48 -25.82 30.50 117.01
N ALA QB 49 -25.07 30.98 118.01
CA ALA QB 49 -24.24 30.15 118.84
C ALA QB 49 -24.69 30.27 120.30
N LYS QB 50 -25.91 29.82 120.57
CA LYS QB 50 -26.49 29.79 121.91
C LYS QB 50 -26.47 31.17 122.55
N THR QB 51 -26.74 32.19 121.74
CA THR QB 51 -26.78 33.58 122.24
C THR QB 51 -28.18 33.91 122.75
N ALA QB 52 -29.11 34.18 121.85
CA ALA QB 52 -30.47 34.53 122.23
C ALA QB 52 -31.44 33.41 121.90
N TYR QB 53 -32.72 33.73 121.75
CA TYR QB 53 -33.75 32.75 121.44
C TYR QB 53 -34.70 33.35 120.41
N ARG QB 54 -35.64 32.53 119.96
CA ARG QB 54 -36.62 32.94 118.96
C ARG QB 54 -37.96 32.29 119.27
N VAL QB 55 -38.98 33.11 119.45
CA VAL QB 55 -40.33 32.64 119.75
C VAL QB 55 -41.26 33.14 118.65
N ASN QB 56 -42.09 32.22 118.13
CA ASN QB 56 -43.04 32.54 117.07
C ASN QB 56 -44.43 32.16 117.53
N LEU QB 57 -45.38 33.09 117.37
CA LEU QB 57 -46.77 32.88 117.76
C LEU QB 57 -47.67 33.36 116.64
N LYS QB 58 -48.44 32.43 116.05
CA LYS QB 58 -49.36 32.75 114.96
C LYS QB 58 -50.77 32.37 115.38
N LEU QB 59 -51.74 33.19 114.99
CA LEU QB 59 -53.14 32.94 115.31
C LEU QB 59 -53.96 33.09 114.03
N ASP QB 60 -54.64 32.00 113.64
CA ASP QB 60 -55.43 31.99 112.41
C ASP QB 60 -56.88 31.68 112.74
N GLN QB 61 -57.79 32.23 111.93
CA GLN QB 61 -59.22 32.00 112.09
C GLN QB 61 -59.89 32.27 110.75
N ALA QB 62 -60.42 31.22 110.13
CA ALA QB 62 -61.09 31.31 108.83
C ALA QB 62 -62.59 31.19 109.01
N ASP QB 63 -63.32 32.13 108.45
CA ASP QB 63 -64.78 32.12 108.53
C ASP QB 63 -65.36 31.08 107.59
N VAL QB 64 -66.51 30.53 107.96
CA VAL QB 64 -67.18 29.50 107.19
C VAL QB 64 -68.59 29.99 106.83
N VAL QB 65 -69.14 29.41 105.77
CA VAL QB 65 -70.49 29.72 105.32
C VAL QB 65 -71.19 28.42 104.96
N ASP QB 66 -72.52 28.43 105.04
CA ASP QB 66 -73.33 27.26 104.79
C ASP QB 66 -74.68 27.69 104.23
N CYS QB 67 -75.21 26.89 103.30
CA CYS QB 67 -76.49 27.17 102.67
C CYS QB 67 -77.53 26.08 102.91
N SER QB 68 -77.28 25.14 103.82
CA SER QB 68 -78.24 24.06 104.06
C SER QB 68 -79.51 24.56 104.73
N THR QB 69 -79.51 25.79 105.24
CA THR QB 69 -80.71 26.33 105.88
C THR QB 69 -81.78 26.67 104.86
N SER QB 70 -81.38 27.11 103.66
CA SER QB 70 -82.34 27.48 102.63
C SER QB 70 -82.13 26.65 101.36
N VAL QB 71 -80.90 26.68 100.83
CA VAL QB 71 -80.57 25.94 99.62
C VAL QB 71 -80.52 24.45 99.97
N CYS QB 72 -81.01 23.61 99.05
CA CYS QB 72 -81.00 22.19 99.38
C CYS QB 72 -79.74 21.50 98.86
N GLY QB 73 -78.59 22.04 99.21
CA GLY QB 73 -77.35 21.28 99.13
C GLY QB 73 -76.10 22.14 98.99
N GLU QB 74 -75.39 22.32 100.11
CA GLU QB 74 -74.13 23.07 100.09
C GLU QB 74 -73.38 22.76 101.37
N LEU QB 75 -72.19 22.16 101.23
CA LEU QB 75 -71.38 21.84 102.38
C LEU QB 75 -70.77 23.11 102.98
N PRO QB 76 -70.43 23.09 104.27
CA PRO QB 76 -69.77 24.26 104.87
C PRO QB 76 -68.45 24.56 104.16
N LYS QB 77 -68.37 25.77 103.61
CA LYS QB 77 -67.23 26.19 102.81
C LYS QB 77 -66.54 27.38 103.47
N VAL QB 78 -65.21 27.33 103.50
CA VAL QB 78 -64.44 28.43 104.08
C VAL QB 78 -64.46 29.62 103.12
N ARG QB 79 -64.32 30.82 103.68
CA ARG QB 79 -64.34 32.04 102.89
C ARG QB 79 -62.93 32.61 102.87
N TYR QB 80 -62.59 33.54 103.76
CA TYR QB 80 -61.27 34.15 103.79
C TYR QB 80 -60.43 33.56 104.92
N THR QB 81 -59.16 33.90 104.92
CA THR QB 81 -58.21 33.43 105.92
C THR QB 81 -57.40 34.61 106.44
N GLN QB 82 -57.24 34.68 107.76
CA GLN QB 82 -56.49 35.74 108.41
C GLN QB 82 -55.28 35.16 109.11
N VAL QB 83 -54.13 35.81 108.94
CA VAL QB 83 -52.87 35.37 109.51
C VAL QB 83 -52.30 36.50 110.36
N TRP QB 84 -52.00 36.20 111.62
CA TRP QB 84 -51.43 37.16 112.55
C TRP QB 84 -50.28 36.48 113.28
N SER QB 85 -49.08 36.58 112.71
CA SER QB 85 -47.88 35.97 113.27
C SER QB 85 -47.15 36.96 114.17
N HIS QB 86 -46.19 36.43 114.93
CA HIS QB 86 -45.39 37.23 115.84
C HIS QB 86 -43.93 36.80 115.73
N ASP QB 87 -43.06 37.54 116.43
CA ASP QB 87 -41.63 37.23 116.43
C ASP QB 87 -41.02 37.84 117.68
N VAL QB 88 -40.53 37.00 118.58
CA VAL QB 88 -39.93 37.43 119.84
C VAL QB 88 -38.46 37.06 119.81
N THR QB 89 -37.59 38.06 119.88
CA THR QB 89 -36.14 37.88 119.89
C THR QB 89 -35.60 38.52 121.16
N ILE QB 90 -35.67 37.79 122.27
CA ILE QB 90 -35.20 38.27 123.57
C ILE QB 90 -34.02 37.43 124.00
N VAL QB 91 -32.92 38.09 124.33
CA VAL QB 91 -31.72 37.38 124.78
C VAL QB 91 -31.92 36.85 126.19
N ALA QB 92 -31.16 35.82 126.54
CA ALA QB 92 -31.28 35.22 127.87
C ALA QB 92 -30.76 36.16 128.94
N ASN QB 93 -29.50 36.57 128.84
CA ASN QB 93 -28.88 37.48 129.80
C ASN QB 93 -29.41 38.89 129.56
N SER QB 94 -30.62 39.15 130.09
CA SER QB 94 -31.24 40.45 129.95
C SER QB 94 -31.54 41.04 131.32
N THR QB 95 -32.75 41.59 131.48
CA THR QB 95 -33.17 42.20 132.74
C THR QB 95 -34.63 41.90 132.98
N GLU QB 96 -34.95 41.39 134.16
CA GLU QB 96 -36.34 41.07 134.47
C GLU QB 96 -37.21 42.33 134.53
N ALA QB 97 -36.68 43.40 135.13
CA ALA QB 97 -37.43 44.65 135.20
C ALA QB 97 -37.66 45.24 133.81
N SER QB 98 -36.64 45.18 132.95
CA SER QB 98 -36.80 45.67 131.59
C SER QB 98 -37.80 44.84 130.81
N ARG QB 99 -37.78 43.52 130.99
CA ARG QB 99 -38.76 42.67 130.31
C ARG QB 99 -40.17 42.95 130.80
N LYS QB 100 -40.33 43.16 132.10
CA LYS QB 100 -41.65 43.48 132.64
C LYS QB 100 -42.15 44.82 132.13
N SER QB 101 -41.27 45.82 132.05
CA SER QB 101 -41.65 47.11 131.53
C SER QB 101 -42.03 47.02 130.05
N LEU QB 102 -41.29 46.22 129.27
CA LEU QB 102 -41.61 46.04 127.87
C LEU QB 102 -42.96 45.34 127.70
N TYR QB 103 -43.22 44.32 128.53
CA TYR QB 103 -44.50 43.64 128.46
C TYR QB 103 -45.65 44.56 128.83
N ASP QB 104 -45.45 45.41 129.84
CA ASP QB 104 -46.49 46.37 130.23
C ASP QB 104 -46.73 47.38 129.12
N LEU QB 105 -45.67 47.85 128.47
CA LEU QB 105 -45.84 48.78 127.36
C LEU QB 105 -46.57 48.13 126.20
N THR QB 106 -46.25 46.88 125.90
CA THR QB 106 -46.95 46.17 124.82
C THR QB 106 -48.42 45.98 125.17
N LYS QB 107 -48.71 45.63 126.42
CA LYS QB 107 -50.10 45.46 126.84
C LYS QB 107 -50.87 46.77 126.75
N SER QB 108 -50.22 47.89 127.14
CA SER QB 108 -50.88 49.18 127.03
C SER QB 108 -51.13 49.57 125.58
N LEU QB 109 -50.15 49.33 124.71
CA LEU QB 109 -50.33 49.63 123.29
C LEU QB 109 -51.41 48.76 122.66
N VAL QB 110 -51.56 47.53 123.14
CA VAL QB 110 -52.61 46.66 122.61
C VAL QB 110 -53.98 47.11 123.11
N ALA QB 111 -54.07 47.47 124.39
CA ALA QB 111 -55.36 47.86 124.98
C ALA QB 111 -55.76 49.29 124.65
N THR QB 112 -54.86 50.09 124.06
CA THR QB 112 -55.21 51.45 123.71
C THR QB 112 -56.25 51.48 122.60
N SER QB 113 -56.89 52.64 122.44
CA SER QB 113 -57.95 52.82 121.46
C SER QB 113 -57.43 53.15 120.07
N GLN QB 114 -56.14 53.48 119.94
CA GLN QB 114 -55.57 53.81 118.63
C GLN QB 114 -55.42 52.59 117.74
N VAL QB 115 -54.93 51.47 118.29
CA VAL QB 115 -54.79 50.25 117.50
C VAL QB 115 -56.15 49.70 117.11
N GLU QB 116 -57.16 49.84 117.99
CA GLU QB 116 -58.51 49.40 117.66
C GLU QB 116 -59.06 50.18 116.47
N ASP QB 117 -58.84 51.50 116.46
CA ASP QB 117 -59.29 52.31 115.32
C ASP QB 117 -58.52 51.96 114.07
N LEU QB 118 -57.21 51.74 114.19
CA LEU QB 118 -56.40 51.33 113.04
C LEU QB 118 -56.88 50.02 112.47
N VAL QB 119 -57.35 49.11 113.32
CA VAL QB 119 -57.84 47.81 112.84
C VAL QB 119 -59.21 47.95 112.19
N VAL QB 120 -60.11 48.67 112.85
CA VAL QB 120 -61.49 48.78 112.38
C VAL QB 120 -61.59 49.73 111.19
N ASN QB 121 -61.37 51.01 111.42
CA ASN QB 121 -61.56 52.03 110.39
C ASN QB 121 -60.41 52.11 109.40
N LEU QB 122 -59.38 51.29 109.56
CA LEU QB 122 -58.23 51.27 108.66
C LEU QB 122 -57.54 52.64 108.57
N VAL QB 123 -57.63 53.43 109.63
CA VAL QB 123 -57.01 54.76 109.68
C VAL QB 123 -55.60 54.60 110.24
N PRO QB 124 -54.59 55.19 109.62
CA PRO QB 124 -53.22 55.06 110.12
C PRO QB 124 -53.10 55.56 111.55
N LEU QB 125 -52.25 54.89 112.33
CA LEU QB 125 -52.07 55.23 113.74
C LEU QB 125 -51.40 56.59 113.86
N GLY QB 126 -52.08 57.53 114.52
CA GLY QB 126 -51.54 58.87 114.70
C GLY QB 126 -52.52 59.81 115.36
N ARG QB 127 -52.75 59.63 116.66
CA ARG QB 127 -53.67 60.49 117.41
C ARG QB 127 -52.92 61.35 118.41
N SER RB 1 -116.98 -8.08 63.97
CA SER RB 1 -116.45 -6.95 63.21
C SER RB 1 -116.78 -5.63 63.89
N LYS RB 2 -116.94 -4.59 63.09
CA LYS RB 2 -117.18 -3.24 63.60
C LYS RB 2 -118.12 -2.52 62.64
N THR RB 3 -119.28 -2.10 63.16
CA THR RB 3 -120.31 -1.44 62.37
C THR RB 3 -120.40 0.03 62.74
N ILE RB 4 -120.59 0.88 61.73
CA ILE RB 4 -120.73 2.31 61.91
C ILE RB 4 -122.02 2.74 61.22
N VAL RB 5 -122.91 3.38 61.97
CA VAL RB 5 -124.20 3.83 61.46
C VAL RB 5 -124.14 5.33 61.21
N LEU RB 6 -124.45 5.75 59.99
CA LEU RB 6 -124.46 7.14 59.60
C LEU RB 6 -125.86 7.55 59.19
N SER RB 7 -126.37 8.64 59.76
CA SER RB 7 -127.71 9.13 59.48
C SER RB 7 -127.62 10.27 58.48
N VAL RB 8 -128.24 10.09 57.31
CA VAL RB 8 -128.24 11.11 56.27
C VAL RB 8 -129.45 12.02 56.35
N GLY RB 9 -130.47 11.66 57.13
CA GLY RB 9 -131.67 12.47 57.24
C GLY RB 9 -132.93 11.64 57.15
N GLU RB 10 -133.00 10.76 56.15
CA GLU RB 10 -134.14 9.87 55.97
C GLU RB 10 -133.77 8.39 55.97
N ALA RB 11 -132.52 8.05 55.69
CA ALA RB 11 -132.05 6.67 55.68
C ALA RB 11 -130.78 6.56 56.50
N THR RB 12 -130.43 5.33 56.86
CA THR RB 12 -129.25 5.03 57.67
C THR RB 12 -128.32 4.12 56.88
N ARG RB 13 -127.08 4.55 56.73
CA ARG RB 13 -126.06 3.76 56.04
C ARG RB 13 -125.18 3.04 57.05
N THR RB 14 -124.72 1.85 56.67
CA THR RB 14 -123.92 1.00 57.54
C THR RB 14 -122.58 0.73 56.89
N LEU RB 15 -121.50 1.05 57.60
CA LEU RB 15 -120.14 0.76 57.17
C LEU RB 15 -119.57 -0.36 58.03
N THR RB 16 -118.92 -1.33 57.38
CA THR RB 16 -118.40 -2.50 58.06
C THR RB 16 -116.89 -2.55 57.97
N GLU RB 17 -116.25 -2.93 59.07
CA GLU RB 17 -114.80 -3.08 59.08
C GLU RB 17 -114.40 -4.28 58.23
N ILE RB 18 -113.42 -4.07 57.34
CA ILE RB 18 -112.99 -5.06 56.36
C ILE RB 18 -111.55 -5.52 56.60
N GLN RB 19 -110.63 -4.57 56.79
CA GLN RB 19 -109.20 -4.84 56.87
C GLN RB 19 -108.70 -4.34 58.22
N SER RB 20 -108.92 -5.13 59.27
CA SER RB 20 -108.56 -4.74 60.63
C SER RB 20 -107.06 -4.86 60.81
N THR RB 21 -106.38 -3.71 60.85
CA THR RB 21 -104.94 -3.65 61.09
C THR RB 21 -104.64 -2.36 61.85
N ALA RB 22 -103.56 -2.39 62.63
CA ALA RB 22 -103.22 -1.25 63.48
C ALA RB 22 -102.84 -0.03 62.65
N ASP RB 23 -101.88 -0.19 61.74
CA ASP RB 23 -101.38 0.93 60.95
C ASP RB 23 -102.28 1.31 59.79
N ARG RB 24 -103.35 0.55 59.54
CA ARG RB 24 -104.25 0.86 58.43
C ARG RB 24 -105.59 0.18 58.71
N GLN RB 25 -106.61 0.98 58.98
CA GLN RB 25 -107.97 0.49 59.19
C GLN RB 25 -108.82 0.88 57.99
N ILE RB 26 -109.43 -0.11 57.34
CA ILE RB 26 -110.19 0.09 56.11
C ILE RB 26 -111.64 -0.28 56.40
N PHE RB 27 -112.51 0.73 56.41
CA PHE RB 27 -113.95 0.52 56.56
C PHE RB 27 -114.62 0.64 55.19
N GLU RB 28 -115.56 -0.25 54.92
CA GLU RB 28 -116.26 -0.28 53.64
C GLU RB 28 -117.76 -0.34 53.87
N GLU RB 29 -118.49 0.46 53.10
CA GLU RB 29 -119.94 0.53 53.23
C GLU RB 29 -120.58 -0.64 52.49
N LYS RB 30 -121.55 -1.29 53.15
CA LYS RB 30 -122.25 -2.43 52.60
C LYS RB 30 -123.68 -2.02 52.28
N VAL RB 31 -123.98 -1.86 50.99
CA VAL RB 31 -125.33 -1.51 50.55
C VAL RB 31 -125.73 -2.44 49.40
N GLY RB 32 -124.89 -2.50 48.37
CA GLY RB 32 -125.14 -3.34 47.23
C GLY RB 32 -123.85 -3.78 46.57
N PRO RB 33 -123.48 -3.10 45.48
CA PRO RB 33 -122.21 -3.42 44.79
C PRO RB 33 -121.02 -2.98 45.65
N LEU RB 34 -120.16 -3.94 45.99
CA LEU RB 34 -119.02 -3.64 46.84
C LEU RB 34 -117.98 -2.81 46.09
N VAL RB 35 -117.81 -3.04 44.79
CA VAL RB 35 -116.85 -2.27 44.01
C VAL RB 35 -117.42 -0.89 43.73
N GLY RB 36 -116.59 0.14 43.88
CA GLY RB 36 -117.01 1.51 43.66
C GLY RB 36 -118.03 1.98 44.67
N ARG RB 37 -117.68 1.88 45.96
CA ARG RB 37 -118.58 2.29 47.03
C ARG RB 37 -117.91 3.29 47.95
N LEU RB 38 -118.31 3.31 49.21
CA LEU RB 38 -117.76 4.23 50.21
C LEU RB 38 -116.68 3.51 51.02
N ARG RB 39 -115.48 4.07 51.03
CA ARG RB 39 -114.37 3.49 51.77
C ARG RB 39 -113.72 4.57 52.64
N LEU RB 40 -113.18 4.13 53.77
CA LEU RB 40 -112.55 5.02 54.74
C LEU RB 40 -111.26 4.39 55.23
N THR RB 41 -110.17 5.15 55.15
CA THR RB 41 -108.84 4.70 55.57
C THR RB 41 -108.41 5.52 56.79
N ALA RB 42 -108.07 4.83 57.87
CA ALA RB 42 -107.62 5.47 59.09
C ALA RB 42 -106.22 4.97 59.45
N SER RB 43 -105.38 5.89 59.91
CA SER RB 43 -104.01 5.56 60.29
C SER RB 43 -103.60 6.41 61.49
N LEU RB 44 -102.85 5.78 62.40
CA LEU RB 44 -102.34 6.45 63.59
C LEU RB 44 -100.88 6.06 63.78
N ARG RB 45 -100.05 7.05 64.10
CA ARG RB 45 -98.62 6.78 64.28
C ARG RB 45 -98.04 7.82 65.23
N GLN RB 46 -96.72 7.82 65.35
CA GLN RB 46 -95.97 8.77 66.16
C GLN RB 46 -95.15 9.68 65.23
N ASN RB 47 -94.16 10.36 65.80
CA ASN RB 47 -93.32 11.26 65.02
C ASN RB 47 -92.06 11.56 65.82
N GLY RB 48 -90.98 11.88 65.09
CA GLY RB 48 -89.74 12.32 65.68
C GLY RB 48 -89.20 11.44 66.78
N ALA RB 49 -89.09 11.99 67.99
CA ALA RB 49 -88.59 11.26 69.14
C ALA RB 49 -89.67 11.20 70.23
N LYS RB 50 -90.77 10.52 69.91
CA LYS RB 50 -91.87 10.31 70.84
C LYS RB 50 -92.42 11.63 71.38
N THR RB 51 -92.47 12.65 70.52
CA THR RB 51 -92.99 13.95 70.91
C THR RB 51 -94.50 14.01 70.72
N ALA RB 52 -94.95 14.15 69.47
CA ALA RB 52 -96.38 14.24 69.19
C ALA RB 52 -96.87 12.98 68.48
N TYR RB 53 -97.98 13.09 67.76
CA TYR RB 53 -98.55 11.97 67.03
C TYR RB 53 -99.01 12.44 65.66
N ARG RB 54 -99.48 11.49 64.85
CA ARG RB 54 -99.95 11.79 63.51
C ARG RB 54 -101.14 10.90 63.20
N VAL RB 55 -102.27 11.50 62.86
CA VAL RB 55 -103.48 10.79 62.52
C VAL RB 55 -103.90 11.18 61.10
N ASN RB 56 -104.21 10.17 60.30
CA ASN RB 56 -104.61 10.37 58.91
C ASN RB 56 -105.97 9.72 58.68
N LEU RB 57 -106.89 10.47 58.08
CA LEU RB 57 -108.24 9.99 57.81
C LEU RB 57 -108.60 10.38 56.38
N LYS RB 58 -108.83 9.37 55.54
CA LYS RB 58 -109.20 9.59 54.15
C LYS RB 58 -110.54 8.93 53.87
N LEU RB 59 -111.37 9.58 53.05
CA LEU RB 59 -112.69 9.08 52.70
C LEU RB 59 -112.85 9.15 51.20
N ASP RB 60 -113.07 7.99 50.57
CA ASP RB 60 -113.20 7.91 49.12
C ASP RB 60 -114.56 7.32 48.75
N GLN RB 61 -115.07 7.76 47.59
CA GLN RB 61 -116.34 7.27 47.08
C GLN RB 61 -116.38 7.50 45.58
N ALA RB 62 -116.36 6.40 44.82
CA ALA RB 62 -116.37 6.46 43.36
C ALA RB 62 -117.74 6.06 42.84
N ASP RB 63 -118.31 6.90 41.97
CA ASP RB 63 -119.61 6.62 41.39
C ASP RB 63 -119.48 5.54 40.31
N VAL RB 64 -120.56 4.78 40.13
CA VAL RB 64 -120.60 3.70 39.16
C VAL RB 64 -121.76 3.94 38.19
N VAL RB 65 -121.65 3.35 37.01
CA VAL RB 65 -122.67 3.45 35.97
C VAL RB 65 -122.87 2.06 35.37
N ASP RB 66 -124.07 1.84 34.84
CA ASP RB 66 -124.45 0.55 34.27
C ASP RB 66 -125.46 0.77 33.15
N CYS RB 67 -125.34 -0.05 32.11
CA CYS RB 67 -126.22 0.03 30.95
C CYS RB 67 -127.03 -1.23 30.71
N SER RB 68 -127.05 -2.17 31.66
CA SER RB 68 -127.79 -3.41 31.46
C SER RB 68 -129.30 -3.19 31.47
N THR RB 69 -129.76 -2.02 31.89
CA THR RB 69 -131.20 -1.75 31.90
C THR RB 69 -131.73 -1.54 30.49
N SER RB 70 -130.93 -0.96 29.60
CA SER RB 70 -131.36 -0.70 28.23
C SER RB 70 -130.44 -1.39 27.23
N VAL RB 71 -129.14 -1.12 27.31
CA VAL RB 71 -128.16 -1.71 26.40
C VAL RB 71 -127.99 -3.18 26.77
N CYS RB 72 -127.82 -4.03 25.76
CA CYS RB 72 -127.70 -5.45 26.02
C CYS RB 72 -126.25 -5.87 26.20
N GLY RB 73 -125.52 -5.16 27.05
CA GLY RB 73 -124.26 -5.68 27.56
C GLY RB 73 -123.27 -4.61 27.99
N GLU RB 74 -123.19 -4.37 29.30
CA GLU RB 74 -122.22 -3.40 29.84
C GLU RB 74 -122.09 -3.66 31.33
N LEU RB 75 -120.88 -4.03 31.76
CA LEU RB 75 -120.63 -4.27 33.17
C LEU RB 75 -120.61 -2.95 33.94
N PRO RB 76 -120.91 -2.99 35.24
CA PRO RB 76 -120.82 -1.76 36.06
C PRO RB 76 -119.42 -1.18 36.02
N LYS RB 77 -119.31 0.05 35.54
CA LYS RB 77 -118.03 0.71 35.33
C LYS RB 77 -117.95 1.96 36.20
N VAL RB 78 -116.80 2.15 36.84
CA VAL RB 78 -116.60 3.33 37.68
C VAL RB 78 -116.40 4.56 36.79
N ARG RB 79 -116.76 5.72 37.32
CA ARG RB 79 -116.65 6.97 36.58
C ARG RB 79 -115.51 7.79 37.19
N TYR RB 80 -115.79 8.70 38.11
CA TYR RB 80 -114.77 9.54 38.73
C TYR RB 80 -114.46 9.03 40.12
N THR RB 81 -113.40 9.60 40.70
CA THR RB 81 -112.94 9.24 42.04
C THR RB 81 -112.70 10.51 42.84
N GLN RB 82 -113.16 10.52 44.08
CA GLN RB 82 -113.01 11.65 44.98
C GLN RB 82 -112.16 11.26 46.17
N VAL RB 83 -111.19 12.11 46.52
CA VAL RB 83 -110.27 11.86 47.61
C VAL RB 83 -110.37 13.02 48.60
N TRP RB 84 -110.64 12.70 49.86
CA TRP RB 84 -110.75 13.70 50.94
C TRP RB 84 -109.94 13.18 52.12
N SER RB 85 -108.66 13.54 52.16
CA SER RB 85 -107.75 13.11 53.22
C SER RB 85 -107.71 14.16 54.33
N HIS RB 86 -107.12 13.76 55.46
CA HIS RB 86 -106.98 14.63 56.61
C HIS RB 86 -105.58 14.48 57.20
N ASP RB 87 -105.27 15.30 58.19
CA ASP RB 87 -103.97 15.27 58.85
C ASP RB 87 -104.13 15.89 60.23
N VAL RB 88 -103.94 15.10 61.28
CA VAL RB 88 -104.07 15.55 62.66
C VAL RB 88 -102.71 15.45 63.32
N THR RB 89 -102.18 16.59 63.75
CA THR RB 89 -100.88 16.66 64.43
C THR RB 89 -101.11 17.31 65.78
N ILE RB 90 -101.54 16.52 66.76
CA ILE RB 90 -101.81 16.99 68.11
C ILE RB 90 -100.81 16.34 69.06
N VAL RB 91 -100.13 17.17 69.85
CA VAL RB 91 -99.15 16.65 70.80
C VAL RB 91 -99.87 16.02 71.99
N ALA RB 92 -99.17 15.11 72.67
CA ALA RB 92 -99.77 14.41 73.81
C ALA RB 92 -99.99 15.37 74.98
N ASN RB 93 -98.92 16.01 75.45
CA ASN RB 93 -98.98 16.94 76.57
C ASN RB 93 -99.60 18.25 76.07
N SER RB 94 -100.93 18.26 75.99
CA SER RB 94 -101.66 19.44 75.54
C SER RB 94 -102.66 19.88 76.60
N THR RB 95 -103.88 20.20 76.18
CA THR RB 95 -104.93 20.63 77.10
C THR RB 95 -106.26 20.07 76.64
N GLU RB 96 -106.99 19.43 77.56
CA GLU RB 96 -108.28 18.85 77.22
C GLU RB 96 -109.29 19.93 76.85
N ALA RB 97 -109.30 21.04 77.58
CA ALA RB 97 -110.22 22.12 77.27
C ALA RB 97 -109.90 22.74 75.92
N SER RB 98 -108.61 22.92 75.62
CA SER RB 98 -108.23 23.47 74.32
C SER RB 98 -108.60 22.52 73.19
N ARG RB 99 -108.41 21.21 73.39
CA ARG RB 99 -108.78 20.25 72.37
C ARG RB 99 -110.29 20.23 72.15
N LYS RB 100 -111.07 20.34 73.23
CA LYS RB 100 -112.52 20.38 73.10
C LYS RB 100 -112.97 21.64 72.37
N SER RB 101 -112.36 22.79 72.69
CA SER RB 101 -112.70 24.03 72.00
C SER RB 101 -112.35 23.95 70.52
N LEU RB 102 -111.19 23.35 70.20
CA LEU RB 102 -110.80 23.21 68.80
C LEU RB 102 -111.76 22.29 68.05
N TYR RB 103 -112.18 21.19 68.70
CA TYR RB 103 -113.13 20.29 68.07
C TYR RB 103 -114.48 20.97 67.86
N ASP RB 104 -114.92 21.77 68.82
CA ASP RB 104 -116.18 22.50 68.66
C ASP RB 104 -116.08 23.52 67.54
N LEU RB 105 -114.94 24.22 67.44
CA LEU RB 105 -114.76 25.18 66.35
C LEU RB 105 -114.75 24.49 65.00
N THR RB 106 -114.10 23.33 64.91
CA THR RB 106 -114.09 22.57 63.65
C THR RB 106 -115.49 22.10 63.29
N LYS RB 107 -116.25 21.62 64.29
CA LYS RB 107 -117.62 21.18 64.03
C LYS RB 107 -118.49 22.34 63.55
N SER RB 108 -118.31 23.52 64.16
CA SER RB 108 -119.08 24.69 63.74
C SER RB 108 -118.71 25.12 62.33
N LEU RB 109 -117.41 25.11 62.00
CA LEU RB 109 -116.99 25.46 60.66
C LEU RB 109 -117.48 24.45 59.63
N VAL RB 110 -117.60 23.19 60.01
CA VAL RB 110 -118.11 22.18 59.09
C VAL RB 110 -119.62 22.35 58.89
N ALA RB 111 -120.36 22.60 59.97
CA ALA RB 111 -121.80 22.72 59.91
C ALA RB 111 -122.27 24.08 59.39
N THR RB 112 -121.38 25.05 59.26
CA THR RB 112 -121.78 26.36 58.75
C THR RB 112 -122.18 26.27 57.28
N SER RB 113 -122.89 27.30 56.82
CA SER RB 113 -123.39 27.35 55.46
C SER RB 113 -122.37 27.86 54.45
N GLN RB 114 -121.25 28.41 54.91
CA GLN RB 114 -120.23 28.92 54.01
C GLN RB 114 -119.46 27.80 53.31
N VAL RB 115 -119.07 26.76 54.05
CA VAL RB 115 -118.36 25.64 53.44
C VAL RB 115 -119.28 24.88 52.49
N GLU RB 116 -120.57 24.78 52.81
CA GLU RB 116 -121.51 24.13 51.91
C GLU RB 116 -121.60 24.88 50.59
N ASP RB 117 -121.66 26.21 50.63
CA ASP RB 117 -121.69 26.99 49.41
C ASP RB 117 -120.38 26.87 48.65
N LEU RB 118 -119.25 26.89 49.37
CA LEU RB 118 -117.95 26.70 48.73
C LEU RB 118 -117.86 25.35 48.02
N VAL RB 119 -118.48 24.32 48.59
CA VAL RB 119 -118.44 22.99 47.98
C VAL RB 119 -119.38 22.92 46.78
N VAL RB 120 -120.60 23.44 46.92
CA VAL RB 120 -121.60 23.32 45.87
C VAL RB 120 -121.32 24.31 44.75
N ASN RB 121 -121.48 25.59 45.02
CA ASN RB 121 -121.38 26.62 43.99
C ASN RB 121 -119.94 26.98 43.63
N LEU RB 122 -118.95 26.34 44.27
CA LEU RB 122 -117.53 26.58 43.99
C LEU RB 122 -117.16 28.05 44.19
N VAL RB 123 -117.87 28.75 45.07
CA VAL RB 123 -117.60 30.15 45.36
C VAL RB 123 -116.60 30.22 46.51
N PRO RB 124 -115.53 31.03 46.40
CA PRO RB 124 -114.55 31.10 47.49
C PRO RB 124 -115.18 31.54 48.80
N LEU RB 125 -114.67 30.97 49.89
CA LEU RB 125 -115.21 31.25 51.22
C LEU RB 125 -114.94 32.70 51.60
N GLY RB 126 -116.01 33.45 51.85
CA GLY RB 126 -115.88 34.85 52.21
C GLY RB 126 -117.21 35.57 52.33
N ARG RB 127 -117.96 35.27 53.39
CA ARG RB 127 -119.26 35.89 53.61
C ARG RB 127 -119.22 36.82 54.81
N SER SB 1 -123.66 37.87 49.22
CA SER SB 1 -123.14 37.98 47.86
C SER SB 1 -123.85 39.08 47.09
N LYS SB 2 -123.97 38.90 45.78
CA LYS SB 2 -124.54 39.91 44.90
C LYS SB 2 -125.31 39.19 43.79
N THR SB 3 -126.61 39.46 43.70
CA THR SB 3 -127.48 38.82 42.73
C THR SB 3 -127.92 39.83 41.67
N ILE SB 4 -127.96 39.37 40.42
CA ILE SB 4 -128.39 40.19 39.29
C ILE SB 4 -129.49 39.44 38.57
N VAL SB 5 -130.64 40.09 38.41
CA VAL SB 5 -131.81 39.49 37.77
C VAL SB 5 -131.93 40.06 36.36
N LEU SB 6 -131.98 39.17 35.36
CA LEU SB 6 -132.11 39.55 33.96
C LEU SB 6 -133.40 38.97 33.41
N SER SB 7 -134.21 39.82 32.78
CA SER SB 7 -135.50 39.43 32.22
C SER SB 7 -135.33 39.20 30.72
N VAL SB 8 -135.58 37.97 30.28
CA VAL SB 8 -135.47 37.64 28.85
C VAL SB 8 -136.80 37.78 28.12
N GLY SB 9 -137.92 37.91 28.84
CA GLY SB 9 -139.21 38.03 28.21
C GLY SB 9 -140.25 37.16 28.88
N GLU SB 10 -139.91 35.89 29.11
CA GLU SB 10 -140.80 34.95 29.77
C GLU SB 10 -140.20 34.33 31.03
N ALA SB 11 -138.88 34.32 31.17
CA ALA SB 11 -138.22 33.77 32.35
C ALA SB 11 -137.21 34.78 32.87
N THR SB 12 -136.77 34.57 34.11
CA THR SB 12 -135.82 35.45 34.77
C THR SB 12 -134.58 34.65 35.14
N ARG SB 13 -133.42 35.12 34.69
CA ARG SB 13 -132.14 34.48 35.00
C ARG SB 13 -131.45 35.23 36.14
N THR SB 14 -130.72 34.47 36.95
CA THR SB 14 -130.05 35.00 38.14
C THR SB 14 -128.55 34.75 38.03
N LEU SB 15 -127.77 35.82 38.11
CA LEU SB 15 -126.32 35.75 38.13
C LEU SB 15 -125.83 36.07 39.55
N THR SB 16 -124.89 35.27 40.03
CA THR SB 16 -124.37 35.40 41.39
C THR SB 16 -122.90 35.77 41.37
N GLU SB 17 -122.52 36.68 42.26
CA GLU SB 17 -121.12 37.06 42.41
C GLU SB 17 -120.32 35.89 42.98
N ILE SB 18 -119.20 35.59 42.33
CA ILE SB 18 -118.36 34.45 42.68
C ILE SB 18 -117.01 34.91 43.22
N GLN SB 19 -116.31 35.75 42.46
CA GLN SB 19 -114.92 36.12 42.74
C GLN SB 19 -114.89 37.63 43.01
N SER SB 20 -115.24 38.01 44.23
CA SER SB 20 -115.33 39.42 44.61
C SER SB 20 -113.92 39.98 44.79
N THR SB 21 -113.48 40.79 43.83
CA THR SB 21 -112.19 41.47 43.91
C THR SB 21 -112.31 42.81 43.21
N ALA SB 22 -111.48 43.76 43.63
CA ALA SB 22 -111.56 45.12 43.11
C ALA SB 22 -111.19 45.16 41.63
N ASP SB 23 -110.00 44.65 41.29
CA ASP SB 23 -109.50 44.72 39.93
C ASP SB 23 -110.12 43.69 39.00
N ARG SB 24 -110.95 42.77 39.52
CA ARG SB 24 -111.56 41.74 38.67
C ARG SB 24 -112.80 41.22 39.40
N GLN SB 25 -113.98 41.53 38.86
CA GLN SB 25 -115.24 41.02 39.39
C GLN SB 25 -115.80 39.98 38.43
N ILE SB 26 -116.04 38.78 38.94
CA ILE SB 26 -116.48 37.64 38.14
C ILE SB 26 -117.87 37.25 38.60
N PHE SB 27 -118.87 37.48 37.75
CA PHE SB 27 -120.23 37.06 38.00
C PHE SB 27 -120.53 35.80 37.19
N GLU SB 28 -121.21 34.84 37.82
CA GLU SB 28 -121.53 33.57 37.18
C GLU SB 28 -123.01 33.26 37.35
N GLU SB 29 -123.64 32.82 36.27
CA GLU SB 29 -125.06 32.49 36.28
C GLU SB 29 -125.28 31.13 36.90
N LYS SB 30 -126.26 31.04 37.80
CA LYS SB 30 -126.60 29.79 38.48
C LYS SB 30 -127.95 29.31 37.97
N VAL SB 31 -127.93 28.24 37.16
CA VAL SB 31 -129.14 27.64 36.63
C VAL SB 31 -129.07 26.13 36.82
N GLY SB 32 -127.99 25.52 36.34
CA GLY SB 32 -127.78 24.11 36.47
C GLY SB 32 -126.31 23.74 36.49
N PRO SB 33 -125.78 23.32 35.34
CA PRO SB 33 -124.35 23.00 35.26
C PRO SB 33 -123.52 24.27 35.32
N LEU SB 34 -122.63 24.34 36.32
CA LEU SB 34 -121.81 25.53 36.49
C LEU SB 34 -120.77 25.66 35.40
N VAL SB 35 -120.23 24.54 34.93
CA VAL SB 35 -119.23 24.58 33.86
C VAL SB 35 -119.93 24.87 32.53
N GLY SB 36 -119.34 25.75 31.73
CA GLY SB 36 -119.91 26.11 30.45
C GLY SB 36 -121.23 26.87 30.59
N ARG SB 37 -121.21 27.96 31.34
CA ARG SB 37 -122.42 28.76 31.55
C ARG SB 37 -122.18 30.21 31.16
N LEU SB 38 -122.90 31.12 31.81
CA LEU SB 38 -122.79 32.56 31.54
C LEU SB 38 -121.86 33.19 32.58
N ARG SB 39 -120.81 33.84 32.10
CA ARG SB 39 -119.85 34.51 32.98
C ARG SB 39 -119.65 35.96 32.52
N LEU SB 40 -119.36 36.82 33.48
CA LEU SB 40 -119.16 38.24 33.23
C LEU SB 40 -117.96 38.73 34.02
N THR SB 41 -117.02 39.38 33.32
CA THR SB 41 -115.81 39.90 33.92
C THR SB 41 -115.84 41.43 33.85
N ALA SB 42 -115.69 42.07 35.00
CA ALA SB 42 -115.69 43.52 35.09
C ALA SB 42 -114.38 44.00 35.70
N SER SB 43 -113.84 45.09 35.14
CA SER SB 43 -112.58 45.66 35.63
C SER SB 43 -112.65 47.17 35.53
N LEU SB 44 -112.08 47.84 36.53
CA LEU SB 44 -112.02 49.29 36.59
C LEU SB 44 -110.62 49.71 37.01
N ARG SB 45 -110.06 50.71 36.34
CA ARG SB 45 -108.72 51.17 36.66
C ARG SB 45 -108.59 52.63 36.26
N GLN SB 46 -107.36 53.14 36.32
CA GLN SB 46 -107.01 54.50 35.92
C GLN SB 46 -106.15 54.45 34.67
N ASN SB 47 -105.45 55.55 34.39
CA ASN SB 47 -104.60 55.64 33.21
C ASN SB 47 -103.66 56.81 33.36
N GLY SB 48 -102.50 56.71 32.71
CA GLY SB 48 -101.54 57.81 32.64
C GLY SB 48 -101.18 58.42 33.97
N ALA SB 49 -101.48 59.72 34.12
CA ALA SB 49 -101.19 60.44 35.35
C ALA SB 49 -102.48 60.96 35.96
N LYS SB 50 -103.35 60.03 36.38
CA LYS SB 50 -104.61 60.33 37.05
C LYS SB 50 -105.47 61.26 36.21
N THR SB 51 -105.46 61.05 34.89
CA THR SB 51 -106.28 61.85 33.97
C THR SB 51 -107.68 61.25 33.83
N ALA SB 52 -107.80 60.17 33.06
CA ALA SB 52 -109.09 59.53 32.83
C ALA SB 52 -109.17 58.20 33.55
N TYR SB 53 -110.05 57.32 33.09
CA TYR SB 53 -110.22 55.99 33.66
C TYR SB 53 -110.38 54.98 32.54
N ARG SB 54 -110.45 53.70 32.94
CA ARG SB 54 -110.60 52.62 31.98
C ARG SB 54 -111.50 51.54 32.59
N VAL SB 55 -112.59 51.23 31.89
CA VAL SB 55 -113.54 50.22 32.33
C VAL SB 55 -113.61 49.13 31.27
N ASN SB 56 -113.52 47.88 31.71
CA ASN SB 56 -113.59 46.73 30.81
C ASN SB 56 -114.71 45.81 31.25
N LEU SB 57 -115.55 45.41 30.30
CA LEU SB 57 -116.68 44.52 30.56
C LEU SB 57 -116.72 43.44 29.50
N LYS SB 58 -116.55 42.18 29.91
CA LYS SB 58 -116.56 41.04 29.00
C LYS SB 58 -117.67 40.09 29.43
N LEU SB 59 -118.34 39.50 28.45
CA LEU SB 59 -119.42 38.55 28.70
C LEU SB 59 -119.19 37.30 27.85
N ASP SB 60 -119.04 36.16 28.50
CA ASP SB 60 -118.76 34.91 27.82
C ASP SB 60 -119.86 33.89 28.14
N GLN SB 61 -120.12 33.02 27.17
CA GLN SB 61 -121.12 31.96 27.32
C GLN SB 61 -120.79 30.84 26.35
N ALA SB 62 -120.40 29.69 26.87
CA ALA SB 62 -120.03 28.53 26.06
C ALA SB 62 -121.14 27.49 26.14
N ASP SB 63 -121.58 27.02 24.97
CA ASP SB 63 -122.61 26.00 24.92
C ASP SB 63 -122.04 24.63 25.27
N VAL SB 64 -122.89 23.78 25.82
CA VAL SB 64 -122.50 22.43 26.24
C VAL SB 64 -123.38 21.41 25.54
N VAL SB 65 -122.87 20.19 25.42
CA VAL SB 65 -123.59 19.09 24.80
C VAL SB 65 -123.40 17.86 25.67
N ASP SB 66 -124.36 16.95 25.59
CA ASP SB 66 -124.35 15.72 26.39
C ASP SB 66 -125.05 14.61 25.62
N CYS SB 67 -124.53 13.39 25.78
CA CYS SB 67 -125.08 12.22 25.11
C CYS SB 67 -125.58 11.15 26.06
N SER SB 68 -125.69 11.46 27.36
CA SER SB 68 -126.15 10.45 28.31
C SER SB 68 -127.61 10.09 28.14
N THR SB 69 -128.36 10.87 27.36
CA THR SB 69 -129.77 10.57 27.13
C THR SB 69 -129.94 9.36 26.21
N SER SB 70 -129.03 9.18 25.27
CA SER SB 70 -129.12 8.05 24.33
C SER SB 70 -127.87 7.19 24.39
N VAL SB 71 -126.71 7.80 24.20
CA VAL SB 71 -125.45 7.07 24.22
C VAL SB 71 -125.15 6.69 25.67
N CYS SB 72 -124.58 5.50 25.88
CA CYS SB 72 -124.35 5.11 27.26
C CYS SB 72 -122.92 5.45 27.70
N GLY SB 73 -122.53 6.71 27.51
CA GLY SB 73 -121.39 7.25 28.21
C GLY SB 73 -120.74 8.43 27.52
N GLU SB 74 -121.04 9.64 27.99
CA GLU SB 74 -120.43 10.86 27.45
C GLU SB 74 -120.65 11.98 28.46
N LEU SB 75 -119.56 12.53 28.98
CA LEU SB 75 -119.66 13.63 29.93
C LEU SB 75 -120.05 14.91 29.20
N PRO SB 76 -120.66 15.86 29.91
CA PRO SB 76 -120.99 17.16 29.29
C PRO SB 76 -119.74 17.84 28.77
N LYS SB 77 -119.71 18.09 27.47
CA LYS SB 77 -118.56 18.65 26.79
C LYS SB 77 -118.92 19.99 26.18
N VAL SB 78 -118.02 20.97 26.35
CA VAL SB 78 -118.24 22.30 25.77
C VAL SB 78 -118.02 22.25 24.27
N ARG SB 79 -118.69 23.15 23.55
CA ARG SB 79 -118.59 23.19 22.10
C ARG SB 79 -117.81 24.44 21.72
N TYR SB 80 -118.47 25.55 21.41
CA TYR SB 80 -117.80 26.78 21.02
C TYR SB 80 -117.78 27.77 22.18
N THR SB 81 -117.02 28.84 22.00
CA THR SB 81 -116.87 29.89 23.00
C THR SB 81 -117.06 31.24 22.33
N GLN SB 82 -117.83 32.11 22.97
CA GLN SB 82 -118.11 33.45 22.47
C GLN SB 82 -117.55 34.48 23.43
N VAL SB 83 -116.87 35.49 22.88
CA VAL SB 83 -116.24 36.55 23.66
C VAL SB 83 -116.78 37.89 23.18
N TRP SB 84 -117.32 38.68 24.11
CA TRP SB 84 -117.86 40.00 23.83
C TRP SB 84 -117.32 40.96 24.88
N SER SB 85 -116.17 41.57 24.60
CA SER SB 85 -115.52 42.50 25.51
C SER SB 85 -115.95 43.93 25.20
N HIS SB 86 -115.61 44.83 26.13
CA HIS SB 86 -115.92 46.24 25.98
C HIS SB 86 -114.72 47.07 26.41
N ASP SB 87 -114.84 48.39 26.22
CA ASP SB 87 -113.76 49.31 26.60
C ASP SB 87 -114.38 50.69 26.78
N VAL SB 88 -114.35 51.20 28.00
CA VAL SB 88 -114.91 52.50 28.34
C VAL SB 88 -113.77 53.41 28.77
N THR SB 89 -113.56 54.49 28.02
CA THR SB 89 -112.52 55.48 28.31
C THR SB 89 -113.20 56.84 28.46
N ILE SB 90 -113.73 57.11 29.64
CA ILE SB 90 -114.43 58.34 29.95
C ILE SB 90 -113.63 59.11 31.00
N VAL SB 91 -113.31 60.36 30.70
CA VAL SB 91 -112.54 61.19 31.63
C VAL SB 91 -113.44 61.61 32.79
N ALA SB 92 -112.82 61.93 33.92
CA ALA SB 92 -113.57 62.32 35.10
C ALA SB 92 -114.24 63.68 34.91
N ASN SB 93 -113.45 64.71 34.61
CA ASN SB 93 -113.96 66.07 34.39
C ASN SB 93 -114.63 66.12 33.02
N SER SB 94 -115.87 65.64 32.98
CA SER SB 94 -116.64 65.63 31.73
C SER SB 94 -117.94 66.40 31.91
N THR SB 95 -119.05 65.84 31.43
CA THR SB 95 -120.35 66.48 31.53
C THR SB 95 -121.40 65.41 31.78
N GLU SB 96 -122.23 65.62 32.81
CA GLU SB 96 -123.28 64.65 33.13
C GLU SB 96 -124.31 64.57 32.01
N ALA SB 97 -124.70 65.72 31.45
CA ALA SB 97 -125.67 65.71 30.36
C ALA SB 97 -125.11 65.03 29.13
N SER SB 98 -123.84 65.26 28.82
CA SER SB 98 -123.22 64.60 27.67
C SER SB 98 -123.12 63.11 27.89
N ARG SB 99 -122.77 62.68 29.11
CA ARG SB 99 -122.71 61.25 29.41
C ARG SB 99 -124.08 60.60 29.30
N LYS SB 100 -125.13 61.29 29.78
CA LYS SB 100 -126.48 60.75 29.68
C LYS SB 100 -126.91 60.65 28.23
N SER SB 101 -126.60 61.66 27.41
CA SER SB 101 -126.95 61.62 26.00
C SER SB 101 -126.21 60.49 25.28
N LEU SB 102 -124.94 60.28 25.63
CA LEU SB 102 -124.17 59.20 25.02
C LEU SB 102 -124.73 57.84 25.42
N TYR SB 103 -125.12 57.69 26.69
CA TYR SB 103 -125.72 56.44 27.14
C TYR SB 103 -127.05 56.18 26.44
N ASP SB 104 -127.86 57.23 26.27
CA ASP SB 104 -129.13 57.07 25.56
C ASP SB 104 -128.92 56.69 24.11
N LEU SB 105 -127.91 57.30 23.46
CA LEU SB 105 -127.61 56.96 22.07
C LEU SB 105 -127.13 55.51 21.96
N THR SB 106 -126.30 55.07 22.91
CA THR SB 106 -125.84 53.69 22.89
C THR SB 106 -127.00 52.72 23.12
N LYS SB 107 -127.91 53.06 24.04
CA LYS SB 107 -129.07 52.20 24.27
C LYS SB 107 -129.96 52.13 23.04
N SER SB 108 -130.15 53.26 22.35
CA SER SB 108 -130.95 53.26 21.14
C SER SB 108 -130.30 52.44 20.04
N LEU SB 109 -128.98 52.57 19.88
CA LEU SB 109 -128.28 51.79 18.86
C LEU SB 109 -128.31 50.29 19.19
N VAL SB 110 -128.32 49.94 20.48
CA VAL SB 110 -128.39 48.53 20.85
C VAL SB 110 -129.80 48.00 20.61
N ALA SB 111 -130.83 48.77 20.96
CA ALA SB 111 -132.21 48.32 20.83
C ALA SB 111 -132.74 48.43 19.41
N THR SB 112 -132.02 49.09 18.50
CA THR SB 112 -132.47 49.20 17.12
C THR SB 112 -132.47 47.84 16.44
N SER SB 113 -133.17 47.75 15.31
CA SER SB 113 -133.31 46.52 14.56
C SER SB 113 -132.15 46.27 13.60
N GLN SB 114 -131.30 47.26 13.37
CA GLN SB 114 -130.17 47.09 12.46
C GLN SB 114 -129.08 46.21 13.05
N VAL SB 115 -128.73 46.42 14.32
CA VAL SB 115 -127.72 45.59 14.96
C VAL SB 115 -128.21 44.16 15.12
N GLU SB 116 -129.51 43.98 15.37
CA GLU SB 116 -130.05 42.63 15.46
C GLU SB 116 -129.92 41.89 14.13
N ASP SB 117 -130.20 42.58 13.01
CA ASP SB 117 -130.03 41.96 11.70
C ASP SB 117 -128.56 41.69 11.41
N LEU SB 118 -127.68 42.63 11.78
CA LEU SB 118 -126.25 42.41 11.59
C LEU SB 118 -125.76 41.20 12.38
N VAL SB 119 -126.34 40.96 13.56
CA VAL SB 119 -125.92 39.82 14.37
C VAL SB 119 -126.48 38.52 13.80
N VAL SB 120 -127.76 38.51 13.45
CA VAL SB 120 -128.43 37.29 12.99
C VAL SB 120 -128.02 36.95 11.57
N ASN SB 121 -128.45 37.76 10.61
CA ASN SB 121 -128.24 37.47 9.20
C ASN SB 121 -126.84 37.80 8.72
N LEU SB 122 -125.97 38.31 9.58
CA LEU SB 122 -124.59 38.64 9.23
C LEU SB 122 -124.52 39.64 8.08
N VAL SB 123 -125.55 40.49 7.95
CA VAL SB 123 -125.60 41.51 6.90
C VAL SB 123 -124.96 42.78 7.44
N PRO SB 124 -124.05 43.42 6.69
CA PRO SB 124 -123.41 44.64 7.19
C PRO SB 124 -124.43 45.72 7.51
N LEU SB 125 -124.15 46.50 8.55
CA LEU SB 125 -125.05 47.54 9.01
C LEU SB 125 -125.13 48.64 7.97
N GLY SB 126 -126.34 48.90 7.46
CA GLY SB 126 -126.54 49.92 6.46
C GLY SB 126 -127.95 49.96 5.90
N ARG SB 127 -128.89 50.44 6.71
CA ARG SB 127 -130.28 50.52 6.30
C ARG SB 127 -130.72 51.97 6.14
N SER TB 1 -123.57 49.66 0.53
CA SER TB 1 -123.05 48.49 -0.18
C SER TB 1 -123.65 48.39 -1.58
N LYS TB 2 -123.78 47.15 -2.07
CA LYS TB 2 -124.25 46.90 -3.42
C LYS TB 2 -125.10 45.63 -3.40
N THR TB 3 -126.35 45.74 -3.79
CA THR TB 3 -127.30 44.63 -3.78
C THR TB 3 -127.63 44.21 -5.20
N ILE TB 4 -127.72 42.89 -5.41
CA ILE TB 4 -128.07 42.31 -6.70
C ILE TB 4 -129.25 41.38 -6.50
N VAL TB 5 -130.33 41.61 -7.25
CA VAL TB 5 -131.55 40.83 -7.13
C VAL TB 5 -131.62 39.87 -8.31
N LEU TB 6 -131.76 38.58 -8.02
CA LEU TB 6 -131.85 37.54 -9.04
C LEU TB 6 -133.20 36.85 -8.92
N SER TB 7 -133.92 36.75 -10.04
CA SER TB 7 -135.24 36.13 -10.08
C SER TB 7 -135.10 34.71 -10.59
N VAL TB 8 -135.48 33.72 -9.75
CA VAL TB 8 -135.40 32.32 -10.14
C VAL TB 8 -136.71 31.82 -10.73
N GLY TB 9 -137.80 32.57 -10.59
CA GLY TB 9 -139.09 32.14 -11.12
C GLY TB 9 -140.21 32.36 -10.12
N GLU TB 10 -140.00 31.92 -8.88
CA GLU TB 10 -140.97 32.11 -7.82
C GLU TB 10 -140.44 32.87 -6.62
N ALA TB 11 -139.12 32.93 -6.43
CA ALA TB 11 -138.52 33.66 -5.33
C ALA TB 11 -137.41 34.55 -5.86
N THR TB 12 -136.99 35.51 -5.04
CA THR TB 12 -135.95 36.46 -5.40
C THR TB 12 -134.80 36.34 -4.42
N ARG TB 13 -133.60 36.12 -4.95
CA ARG TB 13 -132.39 36.01 -4.14
C ARG TB 13 -131.63 37.33 -4.17
N THR TB 14 -130.97 37.65 -3.06
CA THR TB 14 -130.25 38.90 -2.89
C THR TB 14 -128.79 38.61 -2.59
N LEU TB 15 -127.90 39.16 -3.41
CA LEU TB 15 -126.46 39.07 -3.21
C LEU TB 15 -125.93 40.43 -2.76
N THR TB 16 -125.08 40.42 -1.76
CA THR TB 16 -124.56 41.65 -1.17
C THR TB 16 -123.04 41.74 -1.37
N GLU TB 17 -122.57 42.94 -1.70
CA GLU TB 17 -121.14 43.17 -1.84
C GLU TB 17 -120.46 43.07 -0.48
N ILE TB 18 -119.34 42.33 -0.44
CA ILE TB 18 -118.67 41.95 0.80
C ILE TB 18 -117.22 42.44 0.85
N GLN TB 19 -116.49 42.35 -0.26
CA GLN TB 19 -115.07 42.70 -0.33
C GLN TB 19 -114.89 43.66 -1.51
N SER TB 20 -115.19 44.94 -1.28
CA SER TB 20 -115.14 45.94 -2.34
C SER TB 20 -113.68 46.31 -2.61
N THR TB 21 -113.16 45.83 -3.73
CA THR TB 21 -111.81 46.15 -4.17
C THR TB 21 -111.80 46.18 -5.70
N ALA TB 22 -110.87 46.98 -6.25
CA ALA TB 22 -110.82 47.17 -7.70
C ALA TB 22 -110.44 45.88 -8.41
N ASP TB 23 -109.33 45.27 -8.03
CA ASP TB 23 -108.82 44.09 -8.71
C ASP TB 23 -109.55 42.80 -8.30
N ARG TB 24 -110.45 42.87 -7.33
CA ARG TB 24 -111.18 41.66 -6.90
C ARG TB 24 -112.45 42.12 -6.19
N GLN TB 25 -113.60 41.85 -6.83
CA GLN TB 25 -114.91 42.14 -6.25
C GLN TB 25 -115.56 40.82 -5.84
N ILE TB 26 -115.93 40.71 -4.57
CA ILE TB 26 -116.48 39.48 -4.00
C ILE TB 26 -117.90 39.77 -3.56
N PHE TB 27 -118.87 39.18 -4.26
CA PHE TB 27 -120.27 39.27 -3.89
C PHE TB 27 -120.70 37.98 -3.21
N GLU TB 28 -121.47 38.10 -2.13
CA GLU TB 28 -121.92 36.94 -1.37
C GLU TB 28 -123.41 37.02 -1.14
N GLU TB 29 -124.10 35.89 -1.33
CA GLU TB 29 -125.55 35.81 -1.17
C GLU TB 29 -125.90 35.71 0.31
N LYS TB 30 -126.88 36.51 0.73
CA LYS TB 30 -127.34 36.53 2.12
C LYS TB 30 -128.74 35.91 2.18
N VAL TB 31 -128.82 34.70 2.71
CA VAL TB 31 -130.09 34.01 2.88
C VAL TB 31 -130.17 33.45 4.29
N GLY TB 32 -129.15 32.67 4.68
CA GLY TB 32 -129.09 32.09 6.00
C GLY TB 32 -127.67 31.86 6.45
N PRO TB 33 -127.19 30.63 6.31
CA PRO TB 33 -125.80 30.33 6.67
C PRO TB 33 -124.84 30.95 5.67
N LEU TB 34 -123.95 31.81 6.17
CA LEU TB 34 -123.01 32.50 5.29
C LEU TB 34 -121.96 31.55 4.74
N VAL TB 35 -121.53 30.56 5.53
CA VAL TB 35 -120.54 29.59 5.07
C VAL TB 35 -121.21 28.61 4.11
N GLY TB 36 -120.55 28.30 3.01
CA GLY TB 36 -121.08 27.39 2.02
C GLY TB 36 -122.31 27.93 1.32
N ARG TB 37 -122.18 29.11 0.73
CA ARG TB 37 -123.30 29.75 0.04
C ARG TB 37 -122.92 30.10 -1.40
N LEU TB 38 -123.54 31.14 -1.95
CA LEU TB 38 -123.29 31.59 -3.31
C LEU TB 38 -122.30 32.75 -3.28
N ARG TB 39 -121.19 32.59 -3.99
CA ARG TB 39 -120.17 33.63 -4.07
C ARG TB 39 -119.82 33.91 -5.52
N LEU TB 40 -119.43 35.15 -5.79
CA LEU TB 40 -119.10 35.60 -7.13
C LEU TB 40 -117.85 36.47 -7.08
N THR TB 41 -116.86 36.12 -7.89
CA THR TB 41 -115.59 36.83 -7.96
C THR TB 41 -115.47 37.51 -9.32
N ALA TB 42 -115.26 38.81 -9.32
CA ALA TB 42 -115.11 39.60 -10.54
C ALA TB 42 -113.76 40.28 -10.54
N SER TB 43 -113.12 40.30 -11.71
CA SER TB 43 -111.81 40.93 -11.86
C SER TB 43 -111.72 41.58 -13.24
N LEU TB 44 -111.08 42.75 -13.28
CA LEU TB 44 -110.88 43.49 -14.52
C LEU TB 44 -109.43 43.99 -14.56
N ARG TB 45 -108.79 43.85 -15.71
CA ARG TB 45 -107.40 44.27 -15.83
C ARG TB 45 -107.12 44.63 -17.29
N GLN TB 46 -105.85 44.87 -17.60
CA GLN TB 46 -105.36 45.16 -18.94
C GLN TB 46 -104.52 43.99 -19.43
N ASN TB 47 -103.72 44.23 -20.47
CA ASN TB 47 -102.86 43.20 -21.03
C ASN TB 47 -101.80 43.85 -21.91
N GLY TB 48 -100.67 43.17 -22.03
CA GLY TB 48 -99.60 43.58 -22.94
C GLY TB 48 -99.17 45.03 -22.80
N ALA TB 49 -99.34 45.80 -23.88
CA ALA TB 49 -98.98 47.20 -23.90
C ALA TB 49 -100.21 48.06 -24.16
N LYS TB 50 -101.16 48.02 -23.22
CA LYS TB 50 -102.39 48.82 -23.27
C LYS TB 50 -103.16 48.56 -24.56
N THR TB 51 -103.17 47.31 -25.01
CA THR TB 51 -103.90 46.94 -26.22
C THR TB 51 -105.35 46.61 -25.89
N ALA TB 52 -105.59 45.41 -25.34
CA ALA TB 52 -106.94 44.98 -25.00
C ALA TB 52 -107.15 44.96 -23.49
N TYR TB 53 -108.12 44.18 -23.04
CA TYR TB 53 -108.41 44.06 -21.61
C TYR TB 53 -108.68 42.59 -21.28
N ARG TB 54 -108.88 42.33 -20.00
CA ARG TB 54 -109.14 40.98 -19.51
C ARG TB 54 -110.13 41.04 -18.37
N VAL TB 55 -111.25 40.33 -18.53
CA VAL TB 55 -112.30 40.28 -17.51
C VAL TB 55 -112.49 38.83 -17.09
N ASN TB 56 -112.53 38.61 -15.78
CA ASN TB 56 -112.71 37.28 -15.22
C ASN TB 56 -113.92 37.28 -14.30
N LEU TB 57 -114.80 36.30 -14.48
CA LEU TB 57 -116.01 36.16 -13.68
C LEU TB 57 -116.16 34.71 -13.26
N LYS TB 58 -116.11 34.46 -11.95
CA LYS TB 58 -116.25 33.12 -11.39
C LYS TB 58 -117.43 33.09 -10.45
N LEU TB 59 -118.17 31.98 -10.47
CA LEU TB 59 -119.34 31.80 -9.61
C LEU TB 59 -119.24 30.45 -8.93
N ASP TB 60 -119.20 30.46 -7.59
CA ASP TB 60 -119.06 29.25 -6.80
C ASP TB 60 -120.25 29.09 -5.87
N GLN TB 61 -120.60 27.83 -5.60
CA GLN TB 61 -121.70 27.52 -4.69
C GLN TB 61 -121.49 26.11 -4.16
N ALA TB 62 -121.22 25.99 -2.86
CA ALA TB 62 -120.97 24.71 -2.22
C ALA TB 62 -122.17 24.33 -1.36
N ASP TB 63 -122.66 23.12 -1.56
CA ASP TB 63 -123.79 22.62 -0.79
C ASP TB 63 -123.36 22.25 0.62
N VAL TB 64 -124.29 22.37 1.57
CA VAL TB 64 -124.03 22.07 2.97
C VAL TB 64 -125.01 21.00 3.44
N VAL TB 65 -124.62 20.29 4.49
CA VAL TB 65 -125.46 19.26 5.10
C VAL TB 65 -125.39 19.41 6.61
N ASP TB 66 -126.45 18.95 7.28
CA ASP TB 66 -126.56 19.07 8.73
C ASP TB 66 -127.36 17.90 9.27
N CYS TB 67 -126.97 17.42 10.45
CA CYS TB 67 -127.63 16.30 11.10
C CYS TB 67 -128.24 16.65 12.45
N SER TB 68 -128.32 17.93 12.80
CA SER TB 68 -128.87 18.32 14.10
C SER TB 68 -130.36 18.05 14.20
N THR TB 69 -131.03 17.79 13.08
CA THR TB 69 -132.46 17.52 13.11
C THR TB 69 -132.76 16.15 13.70
N SER TB 70 -131.88 15.17 13.48
CA SER TB 70 -132.08 13.83 14.00
C SER TB 70 -130.93 13.40 14.90
N VAL TB 71 -129.71 13.46 14.38
CA VAL TB 71 -128.52 13.08 15.13
C VAL TB 71 -128.26 14.14 16.19
N CYS TB 72 -127.81 13.72 17.36
CA CYS TB 72 -127.58 14.66 18.44
C CYS TB 72 -126.13 15.18 18.44
N GLY TB 73 -125.65 15.61 17.29
CA GLY TB 73 -124.46 16.43 17.25
C GLY TB 73 -123.69 16.37 15.94
N GLU TB 74 -123.87 17.38 15.08
CA GLU TB 74 -123.14 17.46 13.82
C GLU TB 74 -123.25 18.88 13.31
N LEU TB 75 -122.10 19.56 13.18
CA LEU TB 75 -122.08 20.92 12.68
C LEU TB 75 -122.34 20.92 11.17
N PRO TB 76 -122.87 22.02 10.63
CA PRO TB 76 -123.06 22.12 9.17
C PRO TB 76 -121.75 21.94 8.43
N LYS TB 77 -121.70 20.91 7.60
CA LYS TB 77 -120.49 20.53 6.88
C LYS TB 77 -120.71 20.65 5.37
N VAL TB 78 -119.73 21.23 4.68
CA VAL TB 78 -119.81 21.38 3.23
C VAL TB 78 -119.60 20.01 2.58
N ARG TB 79 -120.18 19.85 1.38
CA ARG TB 79 -120.08 18.61 0.65
C ARG TB 79 -119.19 18.83 -0.55
N TYR TB 80 -119.73 19.14 -1.73
CA TYR TB 80 -118.94 19.34 -2.93
C TYR TB 80 -118.81 20.83 -3.22
N THR TB 81 -117.94 21.15 -4.18
CA THR TB 81 -117.69 22.52 -4.61
C THR TB 81 -117.75 22.60 -6.12
N GLN TB 82 -118.43 23.62 -6.63
CA GLN TB 82 -118.57 23.83 -8.07
C GLN TB 82 -117.90 25.14 -8.46
N VAL TB 83 -117.13 25.10 -9.54
CA VAL TB 83 -116.39 26.26 -10.03
C VAL TB 83 -116.80 26.52 -11.47
N TRP TB 84 -117.25 27.74 -11.75
CA TRP TB 84 -117.66 28.16 -13.09
C TRP TB 84 -117.02 29.52 -13.38
N SER TB 85 -115.82 29.49 -13.94
CA SER TB 85 -115.08 30.70 -14.26
C SER TB 85 -115.35 31.14 -15.69
N HIS TB 86 -114.93 32.37 -16.00
CA HIS TB 86 -115.10 32.94 -17.33
C HIS TB 86 -113.82 33.65 -17.74
N ASP TB 87 -113.79 34.12 -18.98
CA ASP TB 87 -112.63 34.83 -19.51
C ASP TB 87 -113.11 35.69 -20.68
N VAL TB 88 -113.03 37.01 -20.53
CA VAL TB 88 -113.45 37.95 -21.55
C VAL TB 88 -112.22 38.72 -22.04
N THR TB 89 -111.91 38.56 -23.32
CA THR TB 89 -110.77 39.24 -23.95
C THR TB 89 -111.31 40.05 -25.12
N ILE TB 90 -111.81 41.25 -24.83
CA ILE TB 90 -112.37 42.15 -25.82
C ILE TB 90 -111.50 43.39 -25.91
N VAL TB 91 -111.06 43.72 -27.12
CA VAL TB 91 -110.22 44.89 -27.32
C VAL TB 91 -111.06 46.16 -27.21
N ALA TB 92 -110.40 47.27 -26.89
CA ALA TB 92 -111.10 48.53 -26.73
C ALA TB 92 -111.63 49.04 -28.07
N ASN TB 93 -110.74 49.23 -29.03
CA ASN TB 93 -111.12 49.72 -30.36
C ASN TB 93 -111.78 48.58 -31.13
N SER TB 94 -113.07 48.37 -30.84
CA SER TB 94 -113.84 47.33 -31.51
C SER TB 94 -115.05 47.92 -32.21
N THR TB 95 -116.22 47.28 -32.04
CA THR TB 95 -117.45 47.74 -32.66
C THR TB 95 -118.60 47.50 -31.71
N GLU TB 96 -119.40 48.54 -31.46
CA GLU TB 96 -120.54 48.41 -30.55
C GLU TB 96 -121.58 47.45 -31.10
N ALA TB 97 -121.84 47.53 -32.42
CA ALA TB 97 -122.82 46.63 -33.02
C ALA TB 97 -122.34 45.18 -32.97
N SER TB 98 -121.04 44.96 -33.22
CA SER TB 98 -120.50 43.61 -33.14
C SER TB 98 -120.55 43.08 -31.72
N ARG TB 99 -120.24 43.93 -30.73
CA ARG TB 99 -120.32 43.50 -29.33
C ARG TB 99 -121.76 43.17 -28.94
N LYS TB 100 -122.72 43.97 -29.40
CA LYS TB 100 -124.12 43.69 -29.10
C LYS TB 100 -124.58 42.39 -29.75
N SER TB 101 -124.15 42.15 -30.99
CA SER TB 101 -124.51 40.90 -31.67
C SER TB 101 -123.90 39.70 -30.96
N LEU TB 102 -122.65 39.83 -30.51
CA LEU TB 102 -122.00 38.74 -29.79
C LEU TB 102 -122.70 38.47 -28.46
N TYR TB 103 -123.09 39.53 -27.75
CA TYR TB 103 -123.81 39.35 -26.49
C TYR TB 103 -125.16 38.69 -26.73
N ASP TB 104 -125.87 39.08 -27.80
CA ASP TB 104 -127.14 38.45 -28.11
C ASP TB 104 -126.97 36.98 -28.46
N LEU TB 105 -125.92 36.66 -29.22
CA LEU TB 105 -125.66 35.26 -29.56
C LEU TB 105 -125.33 34.44 -28.32
N THR TB 106 -124.54 35.01 -27.40
CA THR TB 106 -124.22 34.32 -26.17
C THR TB 106 -125.47 34.10 -25.32
N LYS TB 107 -126.33 35.12 -25.24
CA LYS TB 107 -127.58 34.98 -24.48
C LYS TB 107 -128.47 33.91 -25.10
N SER TB 108 -128.55 33.85 -26.42
CA SER TB 108 -129.35 32.84 -27.08
C SER TB 108 -128.79 31.44 -26.84
N LEU TB 109 -127.47 31.30 -26.92
CA LEU TB 109 -126.85 30.00 -26.66
C LEU TB 109 -127.03 29.57 -25.22
N VAL TB 110 -127.07 30.53 -24.29
CA VAL TB 110 -127.29 30.18 -22.88
C VAL TB 110 -128.75 29.79 -22.65
N ALA TB 111 -129.68 30.52 -23.25
CA ALA TB 111 -131.10 30.26 -23.05
C ALA TB 111 -131.63 29.09 -23.87
N THR TB 112 -130.84 28.58 -24.82
CA THR TB 112 -131.29 27.45 -25.62
C THR TB 112 -131.42 26.19 -24.75
N SER TB 113 -132.14 25.20 -25.30
CA SER TB 113 -132.40 23.96 -24.59
C SER TB 113 -131.27 22.94 -24.73
N GLN TB 114 -130.33 23.17 -25.64
CA GLN TB 114 -129.22 22.23 -25.83
C GLN TB 114 -128.22 22.28 -24.69
N VAL TB 115 -127.86 23.48 -24.23
CA VAL TB 115 -126.93 23.58 -23.11
C VAL TB 115 -127.56 23.05 -21.83
N GLU TB 116 -128.86 23.25 -21.66
CA GLU TB 116 -129.55 22.71 -20.49
C GLU TB 116 -129.49 21.18 -20.48
N ASP TB 117 -129.71 20.56 -21.63
CA ASP TB 117 -129.61 19.10 -21.71
C ASP TB 117 -128.18 18.64 -21.49
N LEU TB 118 -127.20 19.37 -22.06
CA LEU TB 118 -125.80 19.03 -21.83
C LEU TB 118 -125.43 19.11 -20.35
N VAL TB 119 -126.02 20.05 -19.62
CA VAL TB 119 -125.72 20.20 -18.20
C VAL TB 119 -126.41 19.10 -17.39
N VAL TB 120 -127.68 18.85 -17.67
CA VAL TB 120 -128.48 17.92 -16.88
C VAL TB 120 -128.10 16.47 -17.24
N ASN TB 121 -128.46 16.05 -18.45
CA ASN TB 121 -128.29 14.66 -18.86
C ASN TB 121 -126.86 14.32 -19.26
N LEU TB 122 -125.94 15.29 -19.21
CA LEU TB 122 -124.53 15.06 -19.55
C LEU TB 122 -124.37 14.53 -20.97
N VAL TB 123 -125.30 14.87 -21.86
CA VAL TB 123 -125.25 14.44 -23.26
C VAL TB 123 -124.48 15.50 -24.05
N PRO TB 124 -123.53 15.10 -24.89
CA PRO TB 124 -122.76 16.10 -25.65
C PRO TB 124 -123.66 16.94 -26.54
N LEU TB 125 -123.30 18.21 -26.68
CA LEU TB 125 -124.10 19.17 -27.44
C LEU TB 125 -124.07 18.79 -28.92
N GLY TB 126 -125.24 18.52 -29.49
CA GLY TB 126 -125.34 18.15 -30.89
C GLY TB 126 -126.74 17.76 -31.30
N ARG TB 127 -127.62 18.74 -31.41
CA ARG TB 127 -129.01 18.49 -31.81
C ARG TB 127 -129.29 19.07 -33.19
N SER UB 1 -132.22 13.61 -30.60
CA SER UB 1 -131.54 12.41 -30.13
C SER UB 1 -132.28 11.14 -30.58
N LYS UB 2 -132.18 10.09 -29.78
CA LYS UB 2 -132.75 8.79 -30.10
C LYS UB 2 -133.25 8.14 -28.82
N THR UB 3 -134.54 7.85 -28.77
CA THR UB 3 -135.18 7.27 -27.60
C THR UB 3 -135.58 5.83 -27.87
N ILE UB 4 -135.39 4.97 -26.87
CA ILE UB 4 -135.75 3.56 -26.95
C ILE UB 4 -136.63 3.24 -25.76
N VAL UB 5 -137.83 2.71 -26.03
CA VAL UB 5 -138.80 2.38 -25.00
C VAL UB 5 -138.79 0.87 -24.79
N LEU UB 6 -138.58 0.45 -23.54
CA LEU UB 6 -138.56 -0.95 -23.17
C LEU UB 6 -139.68 -1.23 -22.17
N SER UB 7 -140.48 -2.25 -22.46
CA SER UB 7 -141.61 -2.62 -21.61
C SER UB 7 -141.20 -3.79 -20.73
N VAL UB 8 -141.23 -3.58 -19.41
CA VAL UB 8 -140.88 -4.64 -18.46
C VAL UB 8 -142.09 -5.42 -17.99
N GLY UB 9 -143.30 -4.94 -18.25
CA GLY UB 9 -144.50 -5.61 -17.81
C GLY UB 9 -145.51 -4.67 -17.19
N GLU UB 10 -145.04 -3.83 -16.26
CA GLU UB 10 -145.89 -2.83 -15.62
C GLU UB 10 -145.41 -1.40 -15.79
N ALA UB 11 -144.12 -1.19 -16.10
CA ALA UB 11 -143.57 0.13 -16.32
C ALA UB 11 -142.79 0.15 -17.62
N THR UB 12 -142.50 1.35 -18.11
CA THR UB 12 -141.78 1.55 -19.36
C THR UB 12 -140.52 2.34 -19.08
N ARG UB 13 -139.37 1.79 -19.48
CA ARG UB 13 -138.08 2.45 -19.32
C ARG UB 13 -137.66 3.11 -20.62
N THR UB 14 -136.96 4.24 -20.50
CA THR UB 14 -136.55 5.04 -21.64
C THR UB 14 -135.03 5.17 -21.65
N LEU UB 15 -134.41 4.75 -22.75
CA LEU UB 15 -132.98 4.90 -22.97
C LEU UB 15 -132.74 5.98 -24.01
N THR UB 16 -131.78 6.87 -23.73
CA THR UB 16 -131.49 8.00 -24.58
C THR UB 16 -130.10 7.89 -25.17
N GLU UB 17 -129.96 8.24 -26.45
CA GLU UB 17 -128.66 8.26 -27.10
C GLU UB 17 -127.80 9.38 -26.52
N ILE UB 18 -126.59 9.01 -26.10
CA ILE UB 18 -125.64 9.92 -25.48
C ILE UB 18 -124.50 10.26 -26.43
N GLN UB 19 -123.78 9.26 -26.88
CA GLN UB 19 -122.51 9.39 -27.59
C GLN UB 19 -122.71 8.88 -29.01
N SER UB 20 -123.28 9.72 -29.87
CA SER UB 20 -123.60 9.35 -31.24
C SER UB 20 -122.32 9.32 -32.07
N THR UB 21 -121.85 8.11 -32.38
CA THR UB 21 -120.68 7.92 -33.23
C THR UB 21 -120.88 6.64 -34.02
N ALA UB 22 -120.25 6.58 -35.20
CA ALA UB 22 -120.43 5.45 -36.10
C ALA UB 22 -119.85 4.17 -35.51
N ASP UB 23 -118.58 4.20 -35.11
CA ASP UB 23 -117.90 3.02 -34.61
C ASP UB 23 -118.24 2.70 -33.16
N ARG UB 24 -119.01 3.54 -32.47
CA ARG UB 24 -119.35 3.29 -31.08
C ARG UB 24 -120.60 4.10 -30.75
N GLN UB 25 -121.72 3.41 -30.53
CA GLN UB 25 -122.97 4.04 -30.14
C GLN UB 25 -123.24 3.70 -28.67
N ILE UB 26 -123.40 4.72 -27.84
CA ILE UB 26 -123.57 4.56 -26.41
C ILE UB 26 -124.95 5.08 -26.03
N PHE UB 27 -125.83 4.16 -25.64
CA PHE UB 27 -127.16 4.51 -25.15
C PHE UB 27 -127.18 4.41 -23.63
N GLU UB 28 -127.81 5.39 -22.97
CA GLU UB 28 -127.86 5.46 -21.52
C GLU UB 28 -129.30 5.65 -21.07
N GLU UB 29 -129.71 4.90 -20.05
CA GLU UB 29 -131.06 4.98 -19.52
C GLU UB 29 -131.20 6.18 -18.60
N LYS UB 30 -132.27 6.95 -18.77
CA LYS UB 30 -132.54 8.14 -17.98
C LYS UB 30 -133.73 7.85 -17.06
N VAL UB 31 -133.45 7.68 -15.77
CA VAL UB 31 -134.49 7.45 -14.77
C VAL UB 31 -134.25 8.37 -13.59
N GLY UB 32 -133.04 8.32 -13.03
CA GLY UB 32 -132.68 9.15 -11.91
C GLY UB 32 -131.19 9.44 -11.87
N PRO UB 33 -130.45 8.68 -11.06
CA PRO UB 33 -128.99 8.86 -11.01
C PRO UB 33 -128.34 8.34 -12.28
N LEU UB 34 -127.62 9.22 -12.98
CA LEU UB 34 -127.01 8.82 -14.24
C LEU UB 34 -125.83 7.88 -14.03
N VAL UB 35 -125.09 8.06 -12.93
CA VAL UB 35 -123.96 7.17 -12.63
C VAL UB 35 -124.50 5.84 -12.11
N GLY UB 36 -123.92 4.74 -12.60
CA GLY UB 36 -124.35 3.42 -12.20
C GLY UB 36 -125.75 3.08 -12.66
N ARG UB 37 -125.99 3.19 -13.96
CA ARG UB 37 -127.30 2.90 -14.53
C ARG UB 37 -127.21 1.86 -15.64
N LEU UB 38 -128.12 1.93 -16.60
CA LEU UB 38 -128.15 0.99 -17.71
C LEU UB 38 -127.48 1.63 -18.92
N ARG UB 39 -126.46 0.95 -19.46
CA ARG UB 39 -125.74 1.44 -20.62
C ARG UB 39 -125.66 0.34 -21.67
N LEU UB 40 -125.62 0.76 -22.93
CA LEU UB 40 -125.57 -0.16 -24.06
C LEU UB 40 -124.57 0.36 -25.09
N THR UB 41 -123.64 -0.50 -25.47
CA THR UB 41 -122.60 -0.18 -26.44
C THR UB 41 -122.83 -0.99 -27.71
N ALA UB 42 -122.92 -0.31 -28.85
CA ALA UB 42 -123.13 -0.95 -30.13
C ALA UB 42 -121.98 -0.59 -31.07
N SER UB 43 -121.52 -1.57 -31.84
CA SER UB 43 -120.43 -1.35 -32.79
C SER UB 43 -120.67 -2.20 -34.03
N LEU UB 44 -120.35 -1.63 -35.19
CA LEU UB 44 -120.48 -2.29 -36.47
C LEU UB 44 -119.23 -2.05 -37.29
N ARG UB 45 -118.71 -3.10 -37.93
CA ARG UB 45 -117.49 -2.97 -38.72
C ARG UB 45 -117.50 -4.03 -39.81
N GLN UB 46 -116.37 -4.16 -40.50
CA GLN UB 46 -116.15 -5.15 -41.54
C GLN UB 46 -115.11 -6.17 -41.05
N ASN UB 47 -114.53 -6.91 -42.00
CA ASN UB 47 -113.54 -7.92 -41.66
C ASN UB 47 -112.79 -8.32 -42.92
N GLY UB 48 -111.55 -8.76 -42.72
CA GLY UB 48 -110.74 -9.31 -43.80
C GLY UB 48 -110.65 -8.44 -45.04
N ALA UB 49 -111.13 -8.97 -46.17
CA ALA UB 49 -111.12 -8.25 -47.43
C ALA UB 49 -112.55 -8.06 -47.94
N LYS UB 50 -113.32 -7.28 -47.18
CA LYS UB 50 -114.71 -6.93 -47.53
C LYS UB 50 -115.55 -8.17 -47.76
N THR UB 51 -115.33 -9.20 -46.94
CA THR UB 51 -116.10 -10.45 -47.05
C THR UB 51 -117.37 -10.36 -46.21
N ALA UB 52 -117.24 -10.49 -44.90
CA ALA UB 52 -118.40 -10.45 -44.01
C ALA UB 52 -118.41 -9.18 -43.18
N TYR UB 53 -119.08 -9.20 -42.04
CA TYR UB 53 -119.16 -8.04 -41.16
C TYR UB 53 -119.02 -8.51 -39.72
N ARG UB 54 -118.99 -7.56 -38.80
CA ARG UB 54 -118.85 -7.85 -37.38
C ARG UB 54 -119.68 -6.85 -36.59
N VAL UB 55 -120.62 -7.35 -35.78
CA VAL UB 55 -121.47 -6.53 -34.95
C VAL UB 55 -121.26 -6.93 -33.49
N ASN UB 56 -121.08 -5.92 -32.64
CA ASN UB 56 -120.86 -6.13 -31.22
C ASN UB 56 -121.91 -5.36 -30.43
N LEU UB 57 -122.55 -6.03 -29.47
CA LEU UB 57 -123.58 -5.43 -28.64
C LEU UB 57 -123.32 -5.82 -27.19
N LYS UB 58 -123.05 -4.82 -26.34
CA LYS UB 58 -122.78 -5.04 -24.93
C LYS UB 58 -123.80 -4.27 -24.10
N LEU UB 59 -124.25 -4.86 -23.00
CA LEU UB 59 -125.22 -4.24 -22.11
C LEU UB 59 -124.72 -4.35 -20.68
N ASP UB 60 -124.51 -3.20 -20.04
CA ASP UB 60 -123.99 -3.14 -18.68
C ASP UB 60 -124.97 -2.44 -17.76
N GLN UB 61 -124.98 -2.87 -16.50
CA GLN UB 61 -125.84 -2.27 -15.48
C GLN UB 61 -125.24 -2.54 -14.12
N ALA UB 62 -124.78 -1.48 -13.46
CA ALA UB 62 -124.15 -1.58 -12.15
C ALA UB 62 -125.10 -1.06 -11.08
N ASP UB 63 -125.32 -1.87 -10.05
CA ASP UB 63 -126.19 -1.48 -8.94
C ASP UB 63 -125.50 -0.46 -8.04
N VAL UB 64 -126.30 0.39 -7.42
CA VAL UB 64 -125.80 1.45 -6.55
C VAL UB 64 -126.44 1.28 -5.17
N VAL UB 65 -125.75 1.82 -4.16
CA VAL UB 65 -126.23 1.80 -2.79
C VAL UB 65 -126.01 3.17 -2.17
N ASP UB 66 -126.82 3.50 -1.18
CA ASP UB 66 -126.77 4.79 -0.52
C ASP UB 66 -127.20 4.64 0.94
N CYS UB 67 -126.56 5.41 1.82
CA CYS UB 67 -126.85 5.38 3.24
C CYS UB 67 -127.34 6.71 3.79
N SER UB 68 -127.68 7.67 2.93
CA SER UB 68 -128.13 8.98 3.42
C SER UB 68 -129.50 8.91 4.09
N THR UB 69 -130.22 7.80 3.92
CA THR UB 69 -131.53 7.67 4.55
C THR UB 69 -131.41 7.46 6.05
N SER UB 70 -130.36 6.78 6.51
CA SER UB 70 -130.17 6.53 7.93
C SER UB 70 -128.84 7.10 8.41
N VAL UB 71 -127.75 6.69 7.78
CA VAL UB 71 -126.42 7.16 8.15
C VAL UB 71 -126.28 8.61 7.72
N CYS UB 72 -125.59 9.41 8.52
CA CYS UB 72 -125.50 10.83 8.18
C CYS UB 72 -124.21 11.14 7.42
N GLY UB 73 -123.99 10.35 6.36
CA GLY UB 73 -123.04 10.76 5.34
C GLY UB 73 -122.45 9.62 4.53
N GLU UB 74 -122.97 9.41 3.32
CA GLU UB 74 -122.45 8.37 2.43
C GLU UB 74 -122.95 8.67 1.03
N LEU UB 75 -122.03 8.93 0.11
CA LEU UB 75 -122.40 9.19 -1.27
C LEU UB 75 -122.85 7.90 -1.96
N PRO UB 76 -123.68 8.00 -2.99
CA PRO UB 76 -124.07 6.80 -3.75
C PRO UB 76 -122.86 6.08 -4.32
N LYS UB 77 -122.68 4.84 -3.91
CA LYS UB 77 -121.52 4.05 -4.29
C LYS UB 77 -121.96 2.82 -5.08
N VAL UB 78 -121.23 2.54 -6.16
CA VAL UB 78 -121.55 1.37 -6.98
C VAL UB 78 -121.09 0.11 -6.25
N ARG UB 79 -121.77 -1.01 -6.55
CA ARG UB 79 -121.47 -2.28 -5.92
C ARG UB 79 -120.81 -3.18 -6.95
N TYR UB 80 -121.55 -4.03 -7.64
CA TYR UB 80 -121.01 -4.94 -8.63
C TYR UB 80 -121.28 -4.43 -10.03
N THR UB 81 -120.64 -5.08 -11.01
CA THR UB 81 -120.79 -4.72 -12.42
C THR UB 81 -121.04 -5.98 -13.23
N GLN UB 82 -122.01 -5.91 -14.13
CA GLN UB 82 -122.38 -7.03 -14.99
C GLN UB 82 -122.11 -6.67 -16.44
N VAL UB 83 -121.49 -7.60 -17.17
CA VAL UB 83 -121.12 -7.42 -18.56
C VAL UB 83 -121.75 -8.53 -19.38
N TRP UB 84 -122.51 -8.15 -20.41
CA TRP UB 84 -123.18 -9.08 -21.31
C TRP UB 84 -122.92 -8.61 -22.74
N SER UB 85 -121.84 -9.10 -23.33
CA SER UB 85 -121.45 -8.72 -24.68
C SER UB 85 -122.00 -9.73 -25.69
N HIS UB 86 -121.93 -9.37 -26.97
CA HIS UB 86 -122.40 -10.20 -28.06
C HIS UB 86 -121.38 -10.17 -29.19
N ASP UB 87 -121.64 -11.00 -30.21
CA ASP UB 87 -120.76 -11.06 -31.37
C ASP UB 87 -121.57 -11.63 -32.53
N VAL UB 88 -121.78 -10.81 -33.57
CA VAL UB 88 -122.55 -11.21 -34.74
C VAL UB 88 -121.61 -11.21 -35.94
N THR UB 89 -121.44 -12.39 -36.55
CA THR UB 89 -120.59 -12.57 -37.72
C THR UB 89 -121.45 -13.16 -38.83
N ILE UB 90 -122.18 -12.29 -39.53
CA ILE UB 90 -123.07 -12.69 -40.62
C ILE UB 90 -122.52 -12.11 -41.92
N VAL UB 91 -122.34 -12.98 -42.91
CA VAL UB 91 -121.83 -12.53 -44.20
C VAL UB 91 -122.93 -11.79 -44.96
N ALA UB 92 -122.51 -10.94 -45.90
CA ALA UB 92 -123.47 -10.15 -46.66
C ALA UB 92 -124.28 -11.03 -47.61
N ASN UB 93 -123.59 -11.76 -48.49
CA ASN UB 93 -124.24 -12.64 -49.45
C ASN UB 93 -124.71 -13.91 -48.73
N SER UB 94 -125.85 -13.78 -48.05
CA SER UB 94 -126.43 -14.90 -47.32
C SER UB 94 -127.83 -15.21 -47.84
N THR UB 95 -128.78 -15.42 -46.91
CA THR UB 95 -130.15 -15.72 -47.27
C THR UB 95 -131.09 -15.05 -46.28
N GLU UB 96 -132.07 -14.31 -46.80
CA GLU UB 96 -133.02 -13.61 -45.92
C GLU UB 96 -133.86 -14.60 -45.14
N ALA UB 97 -134.31 -15.69 -45.78
CA ALA UB 97 -135.11 -16.68 -45.08
C ALA UB 97 -134.29 -17.37 -43.99
N SER UB 98 -133.03 -17.69 -44.29
CA SER UB 98 -132.16 -18.31 -43.29
C SER UB 98 -131.91 -17.37 -42.12
N ARG UB 99 -131.69 -16.09 -42.40
CA ARG UB 99 -131.48 -15.11 -41.34
C ARG UB 99 -132.74 -14.97 -40.47
N LYS UB 100 -133.91 -14.95 -41.10
CA LYS UB 100 -135.15 -14.85 -40.35
C LYS UB 100 -135.37 -16.09 -39.48
N SER UB 101 -135.07 -17.28 -40.02
CA SER UB 101 -135.21 -18.50 -39.23
C SER UB 101 -134.23 -18.51 -38.06
N LEU UB 102 -133.00 -18.03 -38.28
CA LEU UB 102 -132.03 -17.98 -37.20
C LEU UB 102 -132.46 -16.99 -36.12
N TYR UB 103 -133.00 -15.84 -36.53
CA TYR UB 103 -133.49 -14.86 -35.56
C TYR UB 103 -134.67 -15.42 -34.76
N ASP UB 104 -135.57 -16.14 -35.44
CA ASP UB 104 -136.69 -16.75 -34.73
C ASP UB 104 -136.23 -17.82 -33.74
N LEU UB 105 -135.23 -18.61 -34.14
CA LEU UB 105 -134.69 -19.62 -33.23
C LEU UB 105 -134.02 -18.97 -32.03
N THR UB 106 -133.28 -17.89 -32.25
CA THR UB 106 -132.65 -17.19 -31.14
C THR UB 106 -133.69 -16.59 -30.21
N LYS UB 107 -134.75 -16.01 -30.77
CA LYS UB 107 -135.82 -15.44 -29.94
C LYS UB 107 -136.50 -16.54 -29.12
N SER UB 108 -136.74 -17.70 -29.73
CA SER UB 108 -137.36 -18.80 -28.99
C SER UB 108 -136.45 -19.31 -27.88
N LEU UB 109 -135.15 -19.43 -28.16
CA LEU UB 109 -134.21 -19.87 -27.13
C LEU UB 109 -134.10 -18.85 -26.00
N VAL UB 110 -134.25 -17.56 -26.31
CA VAL UB 110 -134.19 -16.55 -25.27
C VAL UB 110 -135.47 -16.58 -24.43
N ALA UB 111 -136.62 -16.72 -25.09
CA ALA UB 111 -137.90 -16.70 -24.38
C ALA UB 111 -138.23 -18.02 -23.70
N THR UB 112 -137.47 -19.08 -23.96
CA THR UB 112 -137.74 -20.35 -23.31
C THR UB 112 -137.45 -20.27 -21.81
N SER UB 113 -137.99 -21.25 -21.07
CA SER UB 113 -137.85 -21.28 -19.62
C SER UB 113 -136.54 -21.92 -19.16
N GLN UB 114 -135.80 -22.57 -20.06
CA GLN UB 114 -134.54 -23.21 -19.68
C GLN UB 114 -133.44 -22.18 -19.41
N VAL UB 115 -133.32 -21.17 -20.27
CA VAL UB 115 -132.30 -20.14 -20.05
C VAL UB 115 -132.62 -19.33 -18.80
N GLU UB 116 -133.91 -19.10 -18.53
CA GLU UB 116 -134.29 -18.39 -17.31
C GLU UB 116 -133.86 -19.16 -16.07
N ASP UB 117 -134.07 -20.48 -16.07
CA ASP UB 117 -133.64 -21.29 -14.95
C ASP UB 117 -132.12 -21.33 -14.84
N LEU UB 118 -131.42 -21.42 -15.98
CA LEU UB 118 -129.97 -21.39 -15.98
C LEU UB 118 -129.44 -20.08 -15.41
N VAL UB 119 -130.15 -18.97 -15.65
CA VAL UB 119 -129.70 -17.68 -15.14
C VAL UB 119 -130.01 -17.55 -13.65
N VAL UB 120 -131.21 -17.94 -13.24
CA VAL UB 120 -131.64 -17.76 -11.85
C VAL UB 120 -130.99 -18.80 -10.96
N ASN UB 121 -131.39 -20.07 -11.11
CA ASN UB 121 -130.94 -21.13 -10.21
C ASN UB 121 -129.53 -21.63 -10.52
N LEU UB 122 -128.87 -21.08 -11.54
CA LEU UB 122 -127.51 -21.46 -11.91
C LEU UB 122 -127.40 -22.96 -12.22
N VAL UB 123 -128.50 -23.55 -12.69
CA VAL UB 123 -128.53 -24.97 -13.06
C VAL UB 123 -128.15 -25.09 -14.53
N PRO UB 124 -127.24 -26.00 -14.88
CA PRO UB 124 -126.84 -26.13 -16.29
C PRO UB 124 -128.02 -26.46 -17.18
N LEU UB 125 -127.99 -25.93 -18.40
CA LEU UB 125 -129.09 -26.10 -19.36
C LEU UB 125 -129.16 -27.55 -19.79
N GLY UB 126 -130.29 -28.19 -19.53
CA GLY UB 126 -130.48 -29.58 -19.90
C GLY UB 126 -131.78 -30.16 -19.41
N ARG UB 127 -132.89 -29.76 -20.03
CA ARG UB 127 -134.21 -30.24 -19.66
C ARG UB 127 -134.81 -31.14 -20.75
N SER VB 1 -126.14 -34.37 -17.27
CA SER VB 1 -125.42 -34.36 -15.99
C SER VB 1 -125.78 -35.57 -15.14
N LYS VB 2 -125.73 -35.38 -13.82
CA LYS VB 2 -125.96 -36.46 -12.87
C LYS VB 2 -126.67 -35.89 -11.66
N THR VB 3 -127.87 -36.40 -11.37
CA THR VB 3 -128.69 -35.91 -10.28
C THR VB 3 -128.76 -36.96 -9.17
N ILE VB 4 -128.71 -36.49 -7.92
CA ILE VB 4 -128.79 -37.35 -6.75
C ILE VB 4 -129.90 -36.81 -5.86
N VAL VB 5 -130.88 -37.66 -5.54
CA VAL VB 5 -132.02 -37.28 -4.73
C VAL VB 5 -131.82 -37.83 -3.32
N LEU VB 6 -131.89 -36.95 -2.32
CA LEU VB 6 -131.74 -37.32 -0.92
C LEU VB 6 -133.01 -36.99 -0.18
N SER VB 7 -133.54 -37.97 0.57
CA SER VB 7 -134.77 -37.81 1.32
C SER VB 7 -134.43 -37.52 2.78
N VAL VB 8 -134.84 -36.35 3.27
CA VAL VB 8 -134.59 -35.98 4.65
C VAL VB 8 -135.75 -36.35 5.58
N GLY VB 9 -136.90 -36.71 5.04
CA GLY VB 9 -138.05 -37.05 5.86
C GLY VB 9 -139.33 -36.41 5.36
N GLU VB 10 -139.27 -35.10 5.09
CA GLU VB 10 -140.41 -34.37 4.58
C GLU VB 10 -140.14 -33.65 3.25
N ALA VB 11 -138.88 -33.41 2.91
CA ALA VB 11 -138.51 -32.77 1.65
C ALA VB 11 -137.42 -33.58 0.98
N THR VB 12 -137.22 -33.31 -0.31
CA THR VB 12 -136.23 -34.01 -1.11
C THR VB 12 -135.23 -33.00 -1.66
N ARG VB 13 -133.95 -33.23 -1.40
CA ARG VB 13 -132.88 -32.38 -1.89
C ARG VB 13 -132.24 -32.99 -3.13
N THR VB 14 -131.79 -32.13 -4.04
CA THR VB 14 -131.22 -32.54 -5.31
C THR VB 14 -129.80 -32.02 -5.43
N LEU VB 15 -128.86 -32.92 -5.64
CA LEU VB 15 -127.46 -32.58 -5.89
C LEU VB 15 -127.13 -32.83 -7.35
N THR VB 16 -126.44 -31.88 -7.97
CA THR VB 16 -126.12 -31.93 -9.39
C THR VB 16 -124.62 -32.02 -9.59
N GLU VB 17 -124.21 -32.85 -10.54
CA GLU VB 17 -122.80 -32.96 -10.90
C GLU VB 17 -122.33 -31.68 -11.58
N ILE VB 18 -121.17 -31.18 -11.13
CA ILE VB 18 -120.67 -29.86 -11.50
C ILE VB 18 -119.30 -29.92 -12.16
N GLN VB 19 -118.39 -30.78 -11.67
CA GLN VB 19 -117.02 -30.89 -12.16
C GLN VB 19 -116.74 -32.37 -12.44
N SER VB 20 -117.20 -32.83 -13.61
CA SER VB 20 -117.06 -34.24 -13.98
C SER VB 20 -115.63 -34.52 -14.37
N THR VB 21 -114.89 -35.21 -13.50
CA THR VB 21 -113.53 -35.64 -13.78
C THR VB 21 -113.29 -36.97 -13.08
N ALA VB 22 -112.37 -37.75 -13.64
CA ALA VB 22 -112.11 -39.10 -13.11
C ALA VB 22 -111.52 -39.04 -11.71
N ASP VB 23 -110.41 -38.29 -11.55
CA ASP VB 23 -109.71 -38.25 -10.27
C ASP VB 23 -110.36 -37.33 -9.26
N ARG VB 24 -111.42 -36.60 -9.63
CA ARG VB 24 -112.08 -35.70 -8.70
C ARG VB 24 -113.49 -35.42 -9.23
N GLN VB 25 -114.50 -35.94 -8.52
CA GLN VB 25 -115.90 -35.70 -8.84
C GLN VB 25 -116.49 -34.75 -7.80
N ILE VB 26 -117.03 -33.63 -8.26
CA ILE VB 26 -117.55 -32.58 -7.40
C ILE VB 26 -119.04 -32.47 -7.63
N PHE VB 27 -119.84 -32.87 -6.64
CA PHE VB 27 -121.28 -32.71 -6.68
C PHE VB 27 -121.69 -31.52 -5.82
N GLU VB 28 -122.62 -30.72 -6.34
CA GLU VB 28 -123.08 -29.52 -5.63
C GLU VB 28 -124.60 -29.49 -5.59
N GLU VB 29 -125.14 -29.16 -4.41
CA GLU VB 29 -126.58 -29.11 -4.20
C GLU VB 29 -127.15 -27.81 -4.77
N LYS VB 30 -128.24 -27.93 -5.51
CA LYS VB 30 -128.92 -26.79 -6.13
C LYS VB 30 -130.24 -26.56 -5.41
N VAL VB 31 -130.30 -25.50 -4.60
CA VAL VB 31 -131.50 -25.12 -3.90
C VAL VB 31 -131.75 -23.63 -4.09
N GLY VB 32 -130.74 -22.82 -3.76
CA GLY VB 32 -130.83 -21.38 -3.91
C GLY VB 32 -129.48 -20.76 -4.15
N PRO VB 33 -128.88 -20.21 -3.08
CA PRO VB 33 -127.53 -19.63 -3.22
C PRO VB 33 -126.49 -20.73 -3.42
N LEU VB 34 -125.76 -20.64 -4.54
CA LEU VB 34 -124.77 -21.67 -4.85
C LEU VB 34 -123.56 -21.57 -3.93
N VAL VB 35 -123.18 -20.37 -3.52
CA VAL VB 35 -122.06 -20.19 -2.62
C VAL VB 35 -122.48 -20.58 -1.21
N GLY VB 36 -121.61 -21.31 -0.51
CA GLY VB 36 -121.91 -21.76 0.84
C GLY VB 36 -123.06 -22.74 0.90
N ARG VB 37 -122.96 -23.84 0.14
CA ARG VB 37 -124.00 -24.85 0.11
C ARG VB 37 -123.44 -26.23 0.43
N LEU VB 38 -124.06 -27.27 -0.11
CA LEU VB 38 -123.64 -28.65 0.13
C LEU VB 38 -122.79 -29.11 -1.04
N ARG VB 39 -121.57 -29.55 -0.74
CA ARG VB 39 -120.64 -30.05 -1.75
C ARG VB 39 -120.10 -31.41 -1.34
N LEU VB 40 -119.80 -32.22 -2.34
CA LEU VB 40 -119.31 -33.58 -2.14
C LEU VB 40 -118.16 -33.85 -3.10
N THR VB 41 -117.03 -34.29 -2.56
CA THR VB 41 -115.84 -34.60 -3.34
C THR VB 41 -115.58 -36.10 -3.28
N ALA VB 42 -115.47 -36.73 -4.45
CA ALA VB 42 -115.22 -38.15 -4.55
C ALA VB 42 -113.94 -38.38 -5.35
N SER VB 43 -113.13 -39.34 -4.89
CA SER VB 43 -111.88 -39.67 -5.57
C SER VB 43 -111.64 -41.17 -5.48
N LEU VB 44 -111.11 -41.73 -6.56
CA LEU VB 44 -110.79 -43.15 -6.64
C LEU VB 44 -109.42 -43.31 -7.28
N ARG VB 45 -108.58 -44.17 -6.69
CA ARG VB 45 -107.24 -44.37 -7.22
C ARG VB 45 -106.78 -45.78 -6.86
N GLN VB 46 -105.49 -46.05 -7.11
CA GLN VB 46 -104.84 -47.31 -6.78
C GLN VB 46 -103.82 -47.07 -5.67
N ASN VB 47 -102.90 -48.01 -5.51
CA ASN VB 47 -101.88 -47.91 -4.47
C ASN VB 47 -100.76 -48.89 -4.78
N GLY VB 48 -99.56 -48.57 -4.30
CA GLY VB 48 -98.42 -49.45 -4.39
C GLY VB 48 -98.14 -50.03 -5.77
N ALA VB 49 -98.22 -51.35 -5.89
CA ALA VB 49 -97.98 -52.03 -7.15
C ALA VB 49 -99.23 -52.80 -7.57
N LYS VB 50 -100.30 -52.05 -7.83
CA LYS VB 50 -101.57 -52.61 -8.31
C LYS VB 50 -102.11 -53.66 -7.36
N THR VB 51 -101.94 -53.42 -6.06
CA THR VB 51 -102.44 -54.35 -5.04
C THR VB 51 -103.90 -54.03 -4.68
N ALA VB 52 -104.10 -52.97 -3.89
CA ALA VB 52 -105.44 -52.58 -3.47
C ALA VB 52 -105.87 -51.29 -4.15
N TYR VB 53 -106.83 -50.59 -3.54
CA TYR VB 53 -107.33 -49.33 -4.08
C TYR VB 53 -107.51 -48.35 -2.94
N ARG VB 54 -107.88 -47.11 -3.31
CA ARG VB 54 -108.09 -46.05 -2.32
C ARG VB 54 -109.25 -45.18 -2.79
N VAL VB 55 -110.27 -45.07 -1.93
CA VAL VB 55 -111.45 -44.26 -2.21
C VAL VB 55 -111.56 -43.19 -1.14
N ASN VB 56 -111.79 -41.95 -1.57
CA ASN VB 56 -111.93 -40.82 -0.67
C ASN VB 56 -113.26 -40.13 -0.92
N LEU VB 57 -114.01 -39.88 0.15
CA LEU VB 57 -115.31 -39.23 0.07
C LEU VB 57 -115.38 -38.15 1.14
N LYS VB 58 -115.52 -36.90 0.71
CA LYS VB 58 -115.62 -35.77 1.62
C LYS VB 58 -116.93 -35.03 1.38
N LEU VB 59 -117.56 -34.56 2.46
CA LEU VB 59 -118.82 -33.84 2.38
C LEU VB 59 -118.71 -32.56 3.19
N ASP VB 60 -118.87 -31.42 2.53
CA ASP VB 60 -118.74 -30.12 3.17
C ASP VB 60 -120.05 -29.33 3.05
N GLN VB 61 -120.31 -28.51 4.05
CA GLN VB 61 -121.52 -27.67 4.06
C GLN VB 61 -121.26 -26.49 4.98
N ALA VB 62 -121.17 -25.29 4.41
CA ALA VB 62 -120.91 -24.07 5.16
C ALA VB 62 -122.19 -23.25 5.26
N ASP VB 63 -122.54 -22.86 6.49
CA ASP VB 63 -123.73 -22.05 6.72
C ASP VB 63 -123.47 -20.60 6.30
N VAL VB 64 -124.55 -19.94 5.88
CA VAL VB 64 -124.48 -18.56 5.42
C VAL VB 64 -125.43 -17.71 6.26
N VAL VB 65 -125.14 -16.41 6.31
CA VAL VB 65 -125.96 -15.45 7.04
C VAL VB 65 -126.14 -14.21 6.17
N ASP VB 66 -127.24 -13.49 6.39
CA ASP VB 66 -127.58 -12.31 5.62
C ASP VB 66 -128.35 -11.34 6.49
N CYS VB 67 -128.10 -10.04 6.27
CA CYS VB 67 -128.75 -8.99 7.02
C CYS VB 67 -129.58 -8.05 6.16
N SER VB 68 -129.84 -8.39 4.90
CA SER VB 68 -130.61 -7.51 4.03
C SER VB 68 -132.07 -7.43 4.43
N THR VB 69 -132.53 -8.33 5.30
CA THR VB 69 -133.93 -8.28 5.75
C THR VB 69 -134.19 -7.12 6.69
N SER VB 70 -133.19 -6.74 7.50
CA SER VB 70 -133.36 -5.65 8.45
C SER VB 70 -132.32 -4.56 8.20
N VAL VB 71 -131.04 -4.93 8.21
CA VAL VB 71 -129.96 -3.98 8.00
C VAL VB 71 -129.95 -3.58 6.53
N CYS VB 72 -129.65 -2.31 6.25
CA CYS VB 72 -129.67 -1.84 4.88
C CYS VB 72 -128.30 -1.96 4.23
N GLY VB 73 -127.69 -3.14 4.33
CA GLY VB 73 -126.58 -3.48 3.45
C GLY VB 73 -125.62 -4.50 4.01
N GLU VB 74 -125.75 -5.75 3.58
CA GLU VB 74 -124.86 -6.82 4.02
C GLU VB 74 -125.00 -7.99 3.06
N LEU VB 75 -123.92 -8.33 2.36
CA LEU VB 75 -123.95 -9.44 1.43
C LEU VB 75 -123.98 -10.76 2.19
N PRO VB 76 -124.50 -11.82 1.57
CA PRO VB 76 -124.49 -13.14 2.23
C PRO VB 76 -123.06 -13.57 2.54
N LYS VB 77 -122.79 -13.79 3.83
CA LYS VB 77 -121.45 -14.10 4.32
C LYS VB 77 -121.46 -15.48 4.96
N VAL VB 78 -120.43 -16.27 4.66
CA VAL VB 78 -120.31 -17.61 5.24
C VAL VB 78 -119.87 -17.49 6.70
N ARG VB 79 -120.25 -18.48 7.50
CA ARG VB 79 -119.93 -18.48 8.91
C ARG VB 79 -118.88 -19.55 9.16
N TYR VB 80 -119.26 -20.76 9.55
CA TYR VB 80 -118.32 -21.84 9.83
C TYR VB 80 -118.29 -22.81 8.67
N THR VB 81 -117.32 -23.72 8.72
CA THR VB 81 -117.13 -24.75 7.71
C THR VB 81 -116.96 -26.10 8.38
N GLN VB 82 -117.64 -27.11 7.86
CA GLN VB 82 -117.58 -28.47 8.39
C GLN VB 82 -116.98 -29.39 7.33
N VAL VB 83 -116.04 -30.24 7.77
CA VAL VB 83 -115.35 -31.18 6.90
C VAL VB 83 -115.56 -32.59 7.44
N TRP VB 84 -116.06 -33.48 6.59
CA TRP VB 84 -116.30 -34.88 6.94
C TRP VB 84 -115.75 -35.73 5.80
N SER VB 85 -114.48 -36.11 5.91
CA SER VB 85 -113.81 -36.92 4.91
C SER VB 85 -113.90 -38.40 5.27
N HIS VB 86 -113.54 -39.24 4.29
CA HIS VB 86 -113.56 -40.68 4.46
C HIS VB 86 -112.31 -41.28 3.85
N ASP VB 87 -112.13 -42.58 4.04
CA ASP VB 87 -110.97 -43.29 3.50
C ASP VB 87 -111.34 -44.77 3.40
N VAL VB 88 -111.39 -45.30 2.18
CA VAL VB 88 -111.74 -46.69 1.92
C VAL VB 88 -110.53 -47.37 1.31
N THR VB 89 -110.01 -48.38 2.01
CA THR VB 89 -108.86 -49.16 1.56
C THR VB 89 -109.29 -50.62 1.51
N ILE VB 90 -109.93 -51.01 0.41
CA ILE VB 90 -110.42 -52.37 0.21
C ILE VB 90 -109.65 -52.98 -0.95
N VAL VB 91 -109.06 -54.15 -0.71
CA VAL VB 91 -108.30 -54.83 -1.77
C VAL VB 91 -109.27 -55.43 -2.77
N ALA VB 92 -108.77 -55.66 -4.00
CA ALA VB 92 -109.60 -56.21 -5.05
C ALA VB 92 -109.96 -57.66 -4.77
N ASN VB 93 -108.95 -58.51 -4.60
CA ASN VB 93 -109.16 -59.94 -4.33
C ASN VB 93 -109.59 -60.09 -2.87
N SER VB 94 -110.89 -59.85 -2.63
CA SER VB 94 -111.45 -59.97 -1.29
C SER VB 94 -112.59 -60.98 -1.28
N THR VB 95 -113.70 -60.63 -0.63
CA THR VB 95 -114.86 -61.50 -0.54
C THR VB 95 -116.12 -60.65 -0.60
N GLU VB 96 -117.03 -61.03 -1.51
CA GLU VB 96 -118.28 -60.28 -1.66
C GLU VB 96 -119.13 -60.38 -0.40
N ALA VB 97 -119.21 -61.57 0.20
CA ALA VB 97 -119.99 -61.73 1.42
C ALA VB 97 -119.39 -60.92 2.57
N SER VB 98 -118.06 -60.91 2.68
CA SER VB 98 -117.41 -60.12 3.73
C SER VB 98 -117.63 -58.63 3.51
N ARG VB 99 -117.57 -58.18 2.26
CA ARG VB 99 -117.82 -56.77 1.96
C ARG VB 99 -119.26 -56.38 2.28
N LYS VB 100 -120.21 -57.26 1.96
CA LYS VB 100 -121.61 -56.99 2.27
C LYS VB 100 -121.84 -56.95 3.77
N SER VB 101 -121.22 -57.86 4.52
CA SER VB 101 -121.35 -57.85 5.97
C SER VB 101 -120.74 -56.59 6.57
N LEU VB 102 -119.59 -56.16 6.05
CA LEU VB 102 -118.96 -54.93 6.54
C LEU VB 102 -119.83 -53.72 6.24
N TYR VB 103 -120.43 -53.67 5.04
CA TYR VB 103 -121.31 -52.56 4.70
C TYR VB 103 -122.55 -52.55 5.60
N ASP VB 104 -123.11 -53.72 5.89
CA ASP VB 104 -124.26 -53.80 6.77
C ASP VB 104 -123.90 -53.36 8.18
N LEU VB 105 -122.72 -53.76 8.67
CA LEU VB 105 -122.29 -53.33 9.99
C LEU VB 105 -122.08 -51.82 10.04
N THR VB 106 -121.50 -51.25 8.99
CA THR VB 106 -121.31 -49.80 8.95
C THR VB 106 -122.65 -49.07 8.92
N LYS VB 107 -123.61 -49.59 8.14
CA LYS VB 107 -124.93 -48.98 8.08
C LYS VB 107 -125.63 -49.05 9.44
N SER VB 108 -125.49 -50.18 10.13
CA SER VB 108 -126.09 -50.31 11.46
C SER VB 108 -125.45 -49.36 12.45
N LEU VB 109 -124.12 -49.24 12.42
CA LEU VB 109 -123.43 -48.31 13.31
C LEU VB 109 -123.79 -46.86 13.02
N VAL VB 110 -124.06 -46.54 11.75
CA VAL VB 110 -124.46 -45.18 11.40
C VAL VB 110 -125.89 -44.91 11.85
N ALA VB 111 -126.79 -45.88 11.65
CA ALA VB 111 -128.20 -45.70 12.00
C ALA VB 111 -128.48 -45.88 13.49
N THR VB 112 -127.51 -46.36 14.27
CA THR VB 112 -127.74 -46.53 15.70
C THR VB 112 -127.88 -45.17 16.38
N SER VB 113 -128.42 -45.21 17.60
CA SER VB 113 -128.67 -44.00 18.38
C SER VB 113 -127.45 -43.51 19.15
N GLN VB 114 -126.40 -44.33 19.24
CA GLN VB 114 -125.20 -43.93 19.98
C GLN VB 114 -124.39 -42.88 19.23
N VAL VB 115 -124.21 -43.05 17.92
CA VAL VB 115 -123.48 -42.05 17.15
C VAL VB 115 -124.25 -40.74 17.08
N GLU VB 116 -125.58 -40.81 17.03
CA GLU VB 116 -126.38 -39.59 17.03
C GLU VB 116 -126.19 -38.81 18.33
N ASP VB 117 -126.16 -39.52 19.47
CA ASP VB 117 -125.93 -38.85 20.75
C ASP VB 117 -124.50 -38.31 20.82
N LEU VB 118 -123.53 -39.07 20.31
CA LEU VB 118 -122.15 -38.58 20.28
C LEU VB 118 -122.02 -37.31 19.44
N VAL VB 119 -122.80 -37.22 18.37
CA VAL VB 119 -122.74 -36.03 17.51
C VAL VB 119 -123.44 -34.85 18.16
N VAL VB 120 -124.63 -35.08 18.72
CA VAL VB 120 -125.45 -33.99 19.26
C VAL VB 120 -124.90 -33.56 20.62
N ASN VB 121 -125.02 -34.42 21.63
CA ASN VB 121 -124.67 -34.06 23.00
C ASN VB 121 -123.17 -34.11 23.26
N LEU VB 122 -122.35 -34.47 22.27
CA LEU VB 122 -120.89 -34.53 22.40
C LEU VB 122 -120.47 -35.47 23.52
N VAL VB 123 -121.28 -36.49 23.80
CA VAL VB 123 -120.98 -37.47 24.83
C VAL VB 123 -120.20 -38.62 24.20
N PRO VB 124 -119.09 -39.06 24.80
CA PRO VB 124 -118.31 -40.15 24.19
C PRO VB 124 -119.15 -41.41 24.02
N LEU VB 125 -118.88 -42.13 22.94
CA LEU VB 125 -119.64 -43.35 22.61
C LEU VB 125 -119.34 -44.43 23.64
N GLY VB 126 -120.38 -44.88 24.33
CA GLY VB 126 -120.23 -45.91 25.34
C GLY VB 126 -121.51 -46.20 26.09
N ARG VB 127 -122.45 -46.87 25.43
CA ARG VB 127 -123.73 -47.21 26.06
C ARG VB 127 -123.86 -48.71 26.26
N SER WB 1 -126.91 -43.94 30.53
CA SER WB 1 -126.16 -42.88 31.19
C SER WB 1 -126.64 -42.69 32.63
N LYS WB 2 -126.53 -41.46 33.13
CA LYS WB 2 -126.87 -41.14 34.50
C LYS WB 2 -127.48 -39.75 34.54
N THR WB 3 -128.71 -39.65 35.02
CA THR WB 3 -129.45 -38.40 35.07
C THR WB 3 -129.62 -37.95 36.51
N ILE WB 4 -129.48 -36.64 36.72
CA ILE WB 4 -129.63 -36.02 38.04
C ILE WB 4 -130.66 -34.91 37.91
N VAL WB 5 -131.71 -34.96 38.72
CA VAL WB 5 -132.79 -33.99 38.69
C VAL WB 5 -132.61 -33.04 39.88
N LEU WB 6 -132.56 -31.74 39.60
CA LEU WB 6 -132.42 -30.72 40.62
C LEU WB 6 -133.63 -29.81 40.59
N SER WB 7 -134.24 -29.60 41.75
CA SER WB 7 -135.44 -28.77 41.88
C SER WB 7 -135.04 -27.39 42.38
N VAL WB 8 -135.29 -26.36 41.57
CA VAL WB 8 -134.97 -24.99 41.95
C VAL WB 8 -136.14 -24.28 42.63
N GLY WB 9 -137.34 -24.84 42.57
CA GLY WB 9 -138.50 -24.21 43.16
C GLY WB 9 -139.70 -24.23 42.26
N GLU WB 10 -139.51 -23.83 41.00
CA GLU WB 10 -140.57 -23.83 40.00
C GLU WB 10 -140.25 -24.66 38.77
N ALA WB 11 -138.98 -24.94 38.49
CA ALA WB 11 -138.57 -25.75 37.35
C ALA WB 11 -137.59 -26.81 37.82
N THR WB 12 -137.39 -27.81 36.97
CA THR WB 12 -136.51 -28.94 37.27
C THR WB 12 -135.42 -28.99 36.20
N ARG WB 13 -134.16 -28.98 36.65
CA ARG WB 13 -133.01 -29.07 35.76
C ARG WB 13 -132.47 -30.49 35.75
N THR WB 14 -131.96 -30.90 34.58
CA THR WB 14 -131.47 -32.26 34.37
C THR WB 14 -130.00 -32.21 33.98
N LEU WB 15 -129.17 -32.91 34.74
CA LEU WB 15 -127.76 -33.06 34.45
C LEU WB 15 -127.49 -34.48 33.97
N THR WB 16 -126.71 -34.61 32.90
CA THR WB 16 -126.43 -35.89 32.27
C THR WB 16 -124.95 -36.23 32.38
N GLU WB 17 -124.66 -37.50 32.67
CA GLU WB 17 -123.29 -37.97 32.72
C GLU WB 17 -122.69 -37.97 31.32
N ILE WB 18 -121.51 -37.34 31.21
CA ILE WB 18 -120.81 -37.17 29.95
C ILE WB 18 -119.58 -38.06 29.87
N GLN WB 19 -118.68 -37.91 30.83
CA GLN WB 19 -117.34 -38.49 30.81
C GLN WB 19 -117.24 -39.48 31.97
N SER WB 20 -117.77 -40.69 31.77
CA SER WB 20 -117.80 -41.70 32.81
C SER WB 20 -116.42 -42.30 32.99
N THR WB 21 -115.75 -41.93 34.08
CA THR WB 21 -114.45 -42.48 34.43
C THR WB 21 -114.34 -42.54 35.95
N ALA WB 22 -113.53 -43.48 36.44
CA ALA WB 22 -113.41 -43.69 37.87
C ALA WB 22 -112.78 -42.49 38.56
N ASP WB 23 -111.61 -42.07 38.10
CA ASP WB 23 -110.86 -40.99 38.75
C ASP WB 23 -111.40 -39.60 38.40
N ARG WB 24 -112.36 -39.50 37.48
CA ARG WB 24 -112.90 -38.19 37.10
C ARG WB 24 -114.28 -38.41 36.49
N GLN WB 25 -115.32 -37.97 37.19
CA GLN WB 25 -116.69 -38.03 36.70
C GLN WB 25 -117.14 -36.62 36.34
N ILE WB 26 -117.56 -36.44 35.10
CA ILE WB 26 -117.94 -35.13 34.57
C ILE WB 26 -119.42 -35.17 34.22
N PHE WB 27 -120.23 -34.44 34.99
CA PHE WB 27 -121.65 -34.28 34.71
C PHE WB 27 -121.90 -32.93 34.06
N GLU WB 28 -122.75 -32.92 33.03
CA GLU WB 28 -123.05 -31.70 32.28
C GLU WB 28 -124.55 -31.51 32.17
N GLU WB 29 -125.02 -30.28 32.41
CA GLU WB 29 -126.44 -29.97 32.35
C GLU WB 29 -126.87 -29.80 30.90
N LYS WB 30 -128.00 -30.41 30.54
CA LYS WB 30 -128.54 -30.35 29.19
C LYS WB 30 -129.82 -29.51 29.22
N VAL WB 31 -129.74 -28.29 28.69
CA VAL WB 31 -130.88 -27.40 28.60
C VAL WB 31 -130.95 -26.82 27.20
N GLY WB 32 -129.85 -26.21 26.75
CA GLY WB 32 -129.79 -25.64 25.42
C GLY WB 32 -128.38 -25.64 24.88
N PRO WB 33 -127.69 -24.50 24.98
CA PRO WB 33 -126.29 -24.43 24.54
C PRO WB 33 -125.38 -25.23 25.47
N LEU WB 34 -124.68 -26.21 24.91
CA LEU WB 34 -123.82 -27.06 25.73
C LEU WB 34 -122.59 -26.30 26.22
N VAL WB 35 -122.06 -25.39 25.39
CA VAL WB 35 -120.90 -24.61 25.79
C VAL WB 35 -121.33 -23.53 26.78
N GLY WB 36 -120.54 -23.35 27.85
CA GLY WB 36 -120.85 -22.37 28.86
C GLY WB 36 -122.11 -22.71 29.65
N ARG WB 37 -122.14 -23.91 30.23
CA ARG WB 37 -123.30 -24.35 31.00
C ARG WB 37 -122.89 -24.77 32.40
N LEU WB 38 -123.64 -25.71 32.98
CA LEU WB 38 -123.37 -26.20 34.33
C LEU WB 38 -122.60 -27.51 34.23
N ARG WB 39 -121.43 -27.55 34.87
CA ARG WB 39 -120.59 -28.75 34.87
C ARG WB 39 -120.21 -29.09 36.31
N LEU WB 40 -120.01 -30.39 36.54
CA LEU WB 40 -119.68 -30.90 37.87
C LEU WB 40 -118.60 -31.96 37.72
N THR WB 41 -117.51 -31.79 38.47
CA THR WB 41 -116.37 -32.71 38.45
C THR WB 41 -116.28 -33.41 39.80
N ALA WB 42 -116.28 -34.73 39.79
CA ALA WB 42 -116.19 -35.55 41.00
C ALA WB 42 -114.97 -36.45 40.91
N SER WB 43 -114.26 -36.58 42.04
CA SER WB 43 -113.07 -37.42 42.10
C SER WB 43 -112.99 -38.08 43.46
N LEU WB 44 -112.57 -39.35 43.47
CA LEU WB 44 -112.40 -40.12 44.68
C LEU WB 44 -111.07 -40.87 44.63
N ARG WB 45 -110.33 -40.85 45.73
CA ARG WB 45 -109.03 -41.50 45.77
C ARG WB 45 -108.72 -41.91 47.21
N GLN WB 46 -107.48 -42.35 47.43
CA GLN WB 46 -106.97 -42.73 48.72
C GLN WB 46 -105.90 -41.72 49.16
N ASN WB 47 -105.09 -42.10 50.15
CA ASN WB 47 -104.04 -41.24 50.65
C ASN WB 47 -103.06 -42.07 51.45
N GLY WB 48 -101.81 -41.59 51.50
CA GLY WB 48 -100.78 -42.18 52.34
C GLY WB 48 -100.60 -43.67 52.17
N ALA WB 49 -100.83 -44.42 53.25
CA ALA WB 49 -100.70 -45.86 53.25
C ALA WB 49 -102.04 -46.51 53.60
N LYS WB 50 -103.03 -46.30 52.72
CA LYS WB 50 -104.36 -46.89 52.85
C LYS WB 50 -104.99 -46.53 54.20
N THR WB 51 -104.77 -45.28 54.64
CA THR WB 51 -105.35 -44.81 55.90
C THR WB 51 -106.75 -44.23 55.67
N ALA WB 52 -106.81 -43.02 55.13
CA ALA WB 52 -108.09 -42.36 54.89
C ALA WB 52 -108.39 -42.29 53.39
N TYR WB 53 -109.25 -41.35 52.99
CA TYR WB 53 -109.61 -41.17 51.60
C TYR WB 53 -109.65 -39.68 51.28
N ARG WB 54 -109.89 -39.38 50.01
CA ARG WB 54 -109.95 -37.99 49.56
C ARG WB 54 -111.02 -37.88 48.48
N VAL WB 55 -111.99 -37.00 48.71
CA VAL WB 55 -113.07 -36.76 47.77
C VAL WB 55 -113.04 -35.29 47.36
N ASN WB 56 -113.14 -35.05 46.05
CA ASN WB 56 -113.13 -33.70 45.51
C ASN WB 56 -114.38 -33.49 44.66
N LEU WB 57 -115.07 -32.39 44.91
CA LEU WB 57 -116.29 -32.04 44.19
C LEU WB 57 -116.22 -30.58 43.78
N LYS WB 58 -116.23 -30.32 42.47
CA LYS WB 58 -116.17 -28.98 41.93
C LYS WB 58 -117.40 -28.73 41.06
N LEU WB 59 -117.94 -27.52 41.12
CA LEU WB 59 -119.12 -27.14 40.36
C LEU WB 59 -118.84 -25.82 39.66
N ASP WB 60 -118.89 -25.82 38.33
CA ASP WB 60 -118.60 -24.64 37.52
C ASP WB 60 -119.81 -24.27 36.68
N GLN WB 61 -119.96 -22.98 36.43
CA GLN WB 61 -121.05 -22.47 35.60
C GLN WB 61 -120.64 -21.11 35.06
N ALA WB 62 -120.43 -21.03 33.74
CA ALA WB 62 -120.02 -19.80 33.08
C ALA WB 62 -121.19 -19.21 32.31
N ASP WB 63 -121.47 -17.93 32.54
CA ASP WB 63 -122.55 -17.25 31.85
C ASP WB 63 -122.14 -16.94 30.41
N VAL WB 64 -123.15 -16.89 29.52
CA VAL WB 64 -122.93 -16.63 28.12
C VAL WB 64 -123.76 -15.41 27.71
N VAL WB 65 -123.33 -14.76 26.63
CA VAL WB 65 -124.01 -13.59 26.09
C VAL WB 65 -124.07 -13.74 24.57
N ASP WB 66 -125.08 -13.10 23.97
CA ASP WB 66 -125.30 -13.18 22.53
C ASP WB 66 -125.93 -11.89 22.05
N CYS WB 67 -125.55 -11.47 20.85
CA CYS WB 67 -126.05 -10.25 20.24
C CYS WB 67 -126.80 -10.48 18.93
N SER WB 68 -127.12 -11.73 18.59
CA SER WB 68 -127.80 -12.00 17.33
C SER WB 68 -129.23 -11.49 17.33
N THR WB 69 -129.78 -11.14 18.49
CA THR WB 69 -131.14 -10.62 18.55
C THR WB 69 -131.24 -9.21 17.98
N SER WB 70 -130.20 -8.41 18.14
CA SER WB 70 -130.21 -7.04 17.65
C SER WB 70 -129.06 -6.80 16.67
N VAL WB 71 -127.84 -7.07 17.11
CA VAL WB 71 -126.66 -6.88 16.28
C VAL WB 71 -126.64 -7.97 15.20
N CYS WB 72 -126.23 -7.61 13.99
CA CYS WB 72 -126.26 -8.62 12.95
C CYS WB 72 -124.91 -9.33 12.82
N GLY WB 73 -124.40 -9.84 13.94
CA GLY WB 73 -123.36 -10.85 13.90
C GLY WB 73 -122.51 -10.93 15.15
N GLU WB 74 -122.79 -11.90 16.00
CA GLU WB 74 -122.01 -12.11 17.22
C GLU WB 74 -122.31 -13.50 17.74
N LEU WB 75 -121.29 -14.36 17.78
CA LEU WB 75 -121.46 -15.70 18.29
C LEU WB 75 -121.62 -15.68 19.81
N PRO WB 76 -122.28 -16.70 20.39
CA PRO WB 76 -122.40 -16.77 21.86
C PRO WB 76 -121.03 -16.82 22.51
N LYS WB 77 -120.75 -15.82 23.35
CA LYS WB 77 -119.45 -15.65 23.97
C LYS WB 77 -119.60 -15.76 25.49
N VAL WB 78 -118.67 -16.49 26.11
CA VAL WB 78 -118.69 -16.64 27.57
C VAL WB 78 -118.21 -15.34 28.21
N ARG WB 79 -118.68 -15.10 29.44
CA ARG WB 79 -118.32 -13.89 30.16
C ARG WB 79 -117.39 -14.27 31.30
N TYR WB 80 -117.90 -14.49 32.51
CA TYR WB 80 -117.08 -14.85 33.66
C TYR WB 80 -117.18 -16.34 33.94
N THR WB 81 -116.32 -16.81 34.85
CA THR WB 81 -116.28 -18.21 35.24
C THR WB 81 -116.25 -18.29 36.76
N GLN WB 82 -117.06 -19.18 37.32
CA GLN WB 82 -117.13 -19.39 38.76
C GLN WB 82 -116.66 -20.80 39.10
N VAL WB 83 -115.83 -20.90 40.13
CA VAL WB 83 -115.26 -22.17 40.57
C VAL WB 83 -115.61 -22.38 42.04
N TRP WB 84 -116.23 -23.51 42.35
CA TRP WB 84 -116.61 -23.86 43.72
C TRP WB 84 -116.20 -25.30 43.95
N SER WB 85 -114.98 -25.50 44.43
CA SER WB 85 -114.43 -26.82 44.70
C SER WB 85 -114.68 -27.22 46.16
N HIS WB 86 -114.44 -28.50 46.44
CA HIS WB 86 -114.62 -29.05 47.77
C HIS WB 86 -113.45 -29.97 48.09
N ASP WB 87 -113.43 -30.45 49.33
CA ASP WB 87 -112.37 -31.35 49.78
C ASP WB 87 -112.90 -32.13 50.98
N VAL WB 88 -113.04 -33.45 50.82
CA VAL WB 88 -113.55 -34.32 51.87
C VAL WB 88 -112.44 -35.28 52.28
N THR WB 89 -112.02 -35.20 53.54
CA THR WB 89 -110.97 -36.05 54.09
C THR WB 89 -111.56 -36.78 55.30
N ILE WB 90 -112.28 -37.87 55.03
CA ILE WB 90 -112.91 -38.68 56.07
C ILE WB 90 -112.25 -40.04 56.09
N VAL WB 91 -111.80 -40.45 57.28
CA VAL WB 91 -111.15 -41.76 57.42
C VAL WB 91 -112.20 -42.86 57.36
N ALA WB 92 -111.75 -44.06 57.00
CA ALA WB 92 -112.67 -45.20 56.89
C ALA WB 92 -113.18 -45.62 58.25
N ASN WB 93 -112.27 -45.97 59.16
CA ASN WB 93 -112.64 -46.40 60.51
C ASN WB 93 -113.05 -45.18 61.32
N SER WB 94 -114.30 -44.76 61.12
CA SER WB 94 -114.84 -43.60 61.83
C SER WB 94 -116.09 -43.99 62.61
N THR WB 95 -117.13 -43.17 62.53
CA THR WB 95 -118.38 -43.42 63.23
C THR WB 95 -119.55 -42.98 62.35
N GLU WB 96 -120.51 -43.88 62.16
CA GLU WB 96 -121.67 -43.55 61.32
C GLU WB 96 -122.50 -42.43 61.95
N ALA WB 97 -122.70 -42.49 63.27
CA ALA WB 97 -123.46 -41.44 63.95
C ALA WB 97 -122.74 -40.10 63.86
N SER WB 98 -121.42 -40.09 64.03
CA SER WB 98 -120.67 -38.85 63.91
C SER WB 98 -120.72 -38.30 62.50
N ARG WB 99 -120.63 -39.17 61.49
CA ARG WB 99 -120.72 -38.72 60.10
C ARG WB 99 -122.10 -38.15 59.80
N LYS WB 100 -123.15 -38.79 60.32
CA LYS WB 100 -124.51 -38.28 60.12
C LYS WB 100 -124.69 -36.92 60.80
N SER WB 101 -124.17 -36.77 62.01
CA SER WB 101 -124.26 -35.49 62.70
C SER WB 101 -123.50 -34.41 61.96
N LEU WB 102 -122.32 -34.73 61.43
CA LEU WB 102 -121.55 -33.77 60.67
C LEU WB 102 -122.28 -33.37 59.39
N TYR WB 103 -122.89 -34.33 58.70
CA TYR WB 103 -123.66 -34.02 57.50
C TYR WB 103 -124.86 -33.15 57.82
N ASP WB 104 -125.54 -33.43 58.93
CA ASP WB 104 -126.68 -32.61 59.33
C ASP WB 104 -126.24 -31.18 59.68
N LEU WB 105 -125.10 -31.05 60.36
CA LEU WB 105 -124.59 -29.72 60.69
C LEU WB 105 -124.21 -28.96 59.42
N THR WB 106 -123.58 -29.64 58.46
CA THR WB 106 -123.24 -28.99 57.19
C THR WB 106 -124.49 -28.57 56.44
N LYS WB 107 -125.51 -29.42 56.42
CA LYS WB 107 -126.76 -29.07 55.74
C LYS WB 107 -127.43 -27.87 56.42
N SER WB 108 -127.41 -27.82 57.74
CA SER WB 108 -127.99 -26.68 58.46
C SER WB 108 -127.21 -25.40 58.17
N LEU WB 109 -125.88 -25.48 58.17
CA LEU WB 109 -125.08 -24.30 57.87
C LEU WB 109 -125.28 -23.83 56.43
N VAL WB 110 -125.54 -24.76 55.51
CA VAL WB 110 -125.79 -24.37 54.13
C VAL WB 110 -127.17 -23.74 54.00
N ALA WB 111 -128.18 -24.31 54.65
CA ALA WB 111 -129.55 -23.81 54.54
C ALA WB 111 -129.81 -22.58 55.40
N THR WB 112 -128.88 -22.22 56.29
CA THR WB 112 -129.09 -21.04 57.12
C THR WB 112 -129.06 -19.76 56.27
N SER WB 113 -129.57 -18.68 56.85
CA SER WB 113 -129.67 -17.40 56.17
C SER WB 113 -128.38 -16.58 56.24
N GLN WB 114 -127.43 -16.98 57.07
CA GLN WB 114 -126.18 -16.24 57.19
C GLN WB 114 -125.27 -16.43 55.99
N VAL WB 115 -125.15 -17.67 55.50
CA VAL WB 115 -124.32 -17.92 54.32
C VAL WB 115 -124.94 -17.28 53.08
N GLU WB 116 -126.27 -17.26 53.00
CA GLU WB 116 -126.93 -16.60 51.88
C GLU WB 116 -126.62 -15.10 51.87
N ASP WB 117 -126.65 -14.46 53.04
CA ASP WB 117 -126.30 -13.05 53.11
C ASP WB 117 -124.83 -12.82 52.80
N LEU WB 118 -123.96 -13.71 53.30
CA LEU WB 118 -122.54 -13.61 52.98
C LEU WB 118 -122.28 -13.73 51.47
N VAL WB 119 -123.07 -14.55 50.79
CA VAL WB 119 -122.89 -14.74 49.35
C VAL WB 119 -123.44 -13.54 48.58
N VAL WB 120 -124.64 -13.07 48.95
CA VAL WB 120 -125.31 -12.01 48.21
C VAL WB 120 -124.69 -10.66 48.55
N ASN WB 121 -124.88 -10.19 49.78
CA ASN WB 121 -124.46 -8.86 50.17
C ASN WB 121 -122.96 -8.76 50.48
N LEU WB 122 -122.23 -9.86 50.37
CA LEU WB 122 -120.78 -9.88 50.62
C LEU WB 122 -120.43 -9.40 52.02
N VAL WB 123 -121.35 -9.59 52.96
CA VAL WB 123 -121.13 -9.20 54.35
C VAL WB 123 -120.51 -10.37 55.10
N PRO WB 124 -119.44 -10.15 55.88
CA PRO WB 124 -118.80 -11.26 56.59
C PRO WB 124 -119.78 -11.95 57.53
N LEU WB 125 -119.63 -13.27 57.64
CA LEU WB 125 -120.52 -14.09 58.46
C LEU WB 125 -120.33 -13.74 59.93
N GLY WB 126 -121.40 -13.28 60.57
CA GLY WB 126 -121.34 -12.91 61.98
C GLY WB 126 -122.63 -12.31 62.48
N ARG WB 127 -123.66 -13.13 62.66
CA ARG WB 127 -124.94 -12.66 63.14
C ARG WB 127 -125.24 -13.20 64.53
N SER XB 1 18.83 -48.71 125.51
CA SER XB 1 18.32 -47.40 125.15
C SER XB 1 18.85 -46.31 126.07
N LYS XB 2 18.05 -45.28 126.29
CA LYS XB 2 18.45 -44.11 127.07
C LYS XB 2 17.24 -43.61 127.82
N THR XB 3 17.33 -43.59 129.15
CA THR XB 3 16.24 -43.18 130.02
C THR XB 3 16.57 -41.85 130.68
N ILE XB 4 15.56 -40.98 130.77
CA ILE XB 4 15.69 -39.67 131.41
C ILE XB 4 14.60 -39.56 132.47
N VAL XB 5 15.01 -39.29 133.71
CA VAL XB 5 14.09 -39.18 134.84
C VAL XB 5 13.88 -37.70 135.17
N LEU XB 6 12.63 -37.27 135.18
CA LEU XB 6 12.27 -35.90 135.50
C LEU XB 6 11.40 -35.88 136.75
N SER XB 7 11.78 -35.04 137.71
CA SER XB 7 11.07 -34.93 138.98
C SER XB 7 10.16 -33.70 138.92
N VAL XB 8 8.85 -33.94 139.04
CA VAL XB 8 7.87 -32.84 139.02
C VAL XB 8 7.55 -32.34 140.42
N GLY XB 9 7.93 -33.05 141.46
CA GLY XB 9 7.63 -32.65 142.83
C GLY XB 9 7.12 -33.79 143.67
N GLU XB 10 6.14 -34.53 143.14
CA GLU XB 10 5.58 -35.69 143.83
C GLU XB 10 5.69 -36.99 143.04
N ALA XB 11 5.86 -36.92 141.72
CA ALA XB 11 6.00 -38.11 140.88
C ALA XB 11 7.21 -37.94 139.98
N THR XB 12 7.65 -39.04 139.39
CA THR XB 12 8.82 -39.07 138.52
C THR XB 12 8.39 -39.58 137.15
N ARG XB 13 8.67 -38.80 136.11
CA ARG XB 13 8.36 -39.18 134.74
C ARG XB 13 9.61 -39.73 134.05
N THR XB 14 9.40 -40.68 133.15
CA THR XB 14 10.49 -41.36 132.46
C THR XB 14 10.33 -41.17 130.96
N LEU XB 15 11.36 -40.63 130.33
CA LEU XB 15 11.42 -40.46 128.88
C LEU XB 15 12.41 -41.47 128.30
N THR XB 16 12.03 -42.12 127.22
CA THR XB 16 12.83 -43.18 126.61
C THR XB 16 13.26 -42.76 125.21
N GLU XB 17 14.51 -43.06 124.87
CA GLU XB 17 15.02 -42.80 123.53
C GLU XB 17 14.34 -43.73 122.53
N ILE XB 18 13.86 -43.14 121.42
CA ILE XB 18 13.06 -43.85 120.43
C ILE XB 18 13.74 -43.89 119.06
N GLN XB 19 14.27 -42.75 118.61
CA GLN XB 19 14.83 -42.61 117.26
C GLN XB 19 16.27 -42.14 117.41
N SER XB 20 17.18 -43.07 117.69
CA SER XB 20 18.58 -42.75 117.93
C SER XB 20 19.26 -42.44 116.61
N THR XB 21 19.53 -41.16 116.37
CA THR XB 21 20.25 -40.72 115.18
C THR XB 21 21.08 -39.49 115.55
N ALA XB 22 22.17 -39.29 114.82
CA ALA XB 22 23.09 -38.21 115.14
C ALA XB 22 22.45 -36.84 114.90
N ASP XB 23 21.92 -36.62 113.70
CA ASP XB 23 21.36 -35.32 113.35
C ASP XB 23 19.96 -35.09 113.90
N ARG XB 24 19.35 -36.10 114.54
CA ARG XB 24 18.00 -35.94 115.08
C ARG XB 24 17.81 -37.00 116.17
N GLN XB 25 17.73 -36.56 117.42
CA GLN XB 25 17.46 -37.44 118.55
C GLN XB 25 16.04 -37.18 119.04
N ILE XB 26 15.22 -38.23 119.07
CA ILE XB 26 13.81 -38.13 119.42
C ILE XB 26 13.58 -38.92 120.71
N PHE XB 27 13.30 -38.21 121.79
CA PHE XB 27 12.95 -38.84 123.07
C PHE XB 27 11.44 -38.77 123.26
N GLU XB 28 10.86 -39.86 123.74
CA GLU XB 28 9.42 -39.96 123.95
C GLU XB 28 9.11 -40.47 125.35
N GLU XB 29 8.16 -39.83 126.01
CA GLU XB 29 7.78 -40.19 127.37
C GLU XB 29 6.86 -41.41 127.35
N LYS XB 30 7.16 -42.38 128.21
CA LYS XB 30 6.38 -43.62 128.31
C LYS XB 30 5.60 -43.59 129.63
N VAL XB 31 4.29 -43.39 129.53
CA VAL XB 31 3.42 -43.40 130.70
C VAL XB 31 2.20 -44.26 130.40
N GLY XB 32 1.51 -43.96 129.30
CA GLY XB 32 0.36 -44.72 128.89
C GLY XB 32 0.16 -44.69 127.39
N PRO XB 33 -0.73 -43.81 126.91
CA PRO XB 33 -0.94 -43.68 125.47
C PRO XB 33 0.27 -43.02 124.81
N LEU XB 34 0.87 -43.73 123.85
CA LEU XB 34 2.06 -43.19 123.20
C LEU XB 34 1.72 -42.03 122.27
N VAL XB 35 0.55 -42.06 121.64
CA VAL XB 35 0.14 -40.96 120.76
C VAL XB 35 -0.31 -39.79 121.61
N GLY XB 36 0.12 -38.59 121.22
CA GLY XB 36 -0.23 -37.39 121.96
C GLY XB 36 0.39 -37.34 123.34
N ARG XB 37 1.72 -37.47 123.41
CA ARG XB 37 2.42 -37.46 124.69
C ARG XB 37 3.52 -36.41 124.69
N LEU XB 38 4.59 -36.64 125.46
CA LEU XB 38 5.70 -35.72 125.57
C LEU XB 38 6.82 -36.19 124.64
N ARG XB 39 7.25 -35.31 123.74
CA ARG XB 39 8.32 -35.61 122.81
C ARG XB 39 9.36 -34.50 122.85
N LEU XB 40 10.61 -34.89 122.59
CA LEU XB 40 11.74 -33.97 122.61
C LEU XB 40 12.65 -34.25 121.42
N THR XB 41 12.94 -33.20 120.65
CA THR XB 41 13.78 -33.29 119.46
C THR XB 41 15.07 -32.52 119.72
N ALA XB 42 16.20 -33.20 119.54
CA ALA XB 42 17.51 -32.59 119.74
C ALA XB 42 18.32 -32.70 118.45
N SER XB 43 19.04 -31.63 118.12
CA SER XB 43 19.85 -31.60 116.92
C SER XB 43 21.13 -30.80 117.19
N LEU XB 44 22.25 -31.29 116.63
CA LEU XB 44 23.54 -30.63 116.76
C LEU XB 44 24.21 -30.60 115.40
N ARG XB 45 24.80 -29.46 115.05
CA ARG XB 45 25.46 -29.32 113.76
C ARG XB 45 26.55 -28.27 113.87
N GLN XB 46 27.11 -27.90 112.71
CA GLN XB 46 28.13 -26.87 112.59
C GLN XB 46 27.54 -25.66 111.84
N ASN XB 47 28.41 -24.80 111.34
CA ASN XB 47 27.97 -23.62 110.61
C ASN XB 47 29.15 -23.05 109.84
N GLY XB 48 28.83 -22.36 108.74
CA GLY XB 48 29.82 -21.64 107.95
C GLY XB 48 31.03 -22.46 107.55
N ALA XB 49 32.20 -22.03 108.01
CA ALA XB 49 33.46 -22.71 107.71
C ALA XB 49 34.11 -23.19 109.00
N LYS XB 50 33.44 -24.12 109.68
CA LYS XB 50 33.93 -24.74 110.91
C LYS XB 50 34.27 -23.69 111.98
N THR XB 51 33.44 -22.65 112.06
CA THR XB 51 33.64 -21.60 113.05
C THR XB 51 32.94 -21.96 114.36
N ALA XB 52 31.62 -21.82 114.41
CA ALA XB 52 30.86 -22.11 115.61
C ALA XB 52 30.03 -23.38 115.43
N TYR XB 53 28.97 -23.51 116.23
CA TYR XB 53 28.09 -24.67 116.16
C TYR XB 53 26.65 -24.20 116.28
N ARG XB 54 25.72 -25.14 116.16
CA ARG XB 54 24.30 -24.86 116.23
C ARG XB 54 23.60 -26.01 116.92
N VAL XB 55 22.90 -25.72 118.01
CA VAL XB 55 22.16 -26.72 118.78
C VAL XB 55 20.70 -26.32 118.80
N ASN XB 56 19.82 -27.28 118.51
CA ASN XB 56 18.39 -27.04 118.50
C ASN XB 56 17.71 -28.03 119.44
N LEU XB 57 16.84 -27.51 120.30
CA LEU XB 57 16.11 -28.33 121.27
C LEU XB 57 14.64 -27.91 121.25
N LYS XB 58 13.77 -28.84 120.88
CA LYS XB 58 12.33 -28.59 120.83
C LYS XB 58 11.62 -29.58 121.74
N LEU XB 59 10.57 -29.10 122.41
CA LEU XB 59 9.80 -29.92 123.33
C LEU XB 59 8.32 -29.74 123.01
N ASP XB 60 7.65 -30.83 122.65
CA ASP XB 60 6.25 -30.79 122.27
C ASP XB 60 5.43 -31.70 123.18
N GLN XB 61 4.18 -31.30 123.41
CA GLN XB 61 3.26 -32.09 124.24
C GLN XB 61 1.84 -31.71 123.85
N ALA XB 62 1.11 -32.66 123.26
CA ALA XB 62 -0.25 -32.45 122.81
C ALA XB 62 -1.21 -33.17 123.74
N ASP XB 63 -2.21 -32.44 124.23
CA ASP XB 63 -3.21 -33.02 125.12
C ASP XB 63 -4.19 -33.89 124.33
N VAL XB 64 -4.73 -34.90 125.00
CA VAL XB 64 -5.66 -35.84 124.39
C VAL XB 64 -6.96 -35.83 125.19
N VAL XB 65 -8.04 -36.24 124.53
CA VAL XB 65 -9.36 -36.32 125.15
C VAL XB 65 -10.01 -37.63 124.71
N ASP XB 66 -10.90 -38.14 125.55
CA ASP XB 66 -11.58 -39.40 125.29
C ASP XB 66 -12.98 -39.36 125.90
N CYS XB 67 -13.92 -40.00 125.21
CA CYS XB 67 -15.31 -40.05 125.66
C CYS XB 67 -15.81 -41.46 125.91
N SER XB 68 -14.92 -42.46 125.95
CA SER XB 68 -15.38 -43.83 126.17
C SER XB 68 -15.88 -44.05 127.59
N THR XB 69 -15.64 -43.12 128.50
CA THR XB 69 -16.12 -43.27 129.86
C THR XB 69 -17.63 -43.07 129.96
N SER XB 70 -18.18 -42.19 129.12
CA SER XB 70 -19.62 -41.92 129.15
C SER XB 70 -20.25 -42.21 127.80
N VAL XB 71 -19.73 -41.58 126.75
CA VAL XB 71 -20.25 -41.77 125.40
C VAL XB 71 -19.86 -43.16 124.92
N CYS XB 72 -20.75 -43.80 124.17
CA CYS XB 72 -20.47 -45.16 123.71
C CYS XB 72 -19.81 -45.16 122.34
N GLY XB 73 -18.76 -44.36 122.17
CA GLY XB 73 -17.85 -44.54 121.05
C GLY XB 73 -17.11 -43.30 120.64
N GLU XB 74 -15.85 -43.18 121.05
CA GLU XB 74 -15.02 -42.04 120.67
C GLU XB 74 -13.57 -42.42 120.94
N LEU XB 75 -12.75 -42.46 119.89
CA LEU XB 75 -11.34 -42.78 120.05
C LEU XB 75 -10.60 -41.60 120.68
N PRO XB 76 -9.48 -41.86 121.35
CA PRO XB 76 -8.68 -40.75 121.91
C PRO XB 76 -8.23 -39.80 120.82
N LYS XB 77 -8.65 -38.54 120.94
CA LYS XB 77 -8.40 -37.53 119.94
C LYS XB 77 -7.55 -36.41 120.54
N VAL XB 78 -6.55 -35.97 119.77
CA VAL XB 78 -5.70 -34.87 120.22
C VAL XB 78 -6.45 -33.56 120.13
N ARG XB 79 -6.07 -32.60 120.98
CA ARG XB 79 -6.72 -31.30 121.02
C ARG XB 79 -5.77 -30.27 120.46
N TYR XB 80 -4.99 -29.58 121.29
CA TYR XB 80 -4.06 -28.56 120.84
C TYR XB 80 -2.64 -29.10 120.84
N THR XB 81 -1.73 -28.32 120.25
CA THR XB 81 -0.32 -28.68 120.16
C THR XB 81 0.52 -27.48 120.60
N GLN XB 82 1.54 -27.74 121.42
CA GLN XB 82 2.43 -26.71 121.92
C GLN XB 82 3.84 -26.98 121.42
N VAL XB 83 4.50 -25.93 120.93
CA VAL XB 83 5.84 -26.02 120.38
C VAL XB 83 6.74 -25.05 121.14
N TRP XB 84 7.84 -25.57 121.69
CA TRP XB 84 8.82 -24.78 122.44
C TRP XB 84 10.21 -25.16 121.94
N SER XB 85 10.68 -24.46 120.91
CA SER XB 85 11.98 -24.72 120.31
C SER XB 85 13.05 -23.83 120.95
N HIS XB 86 14.31 -24.17 120.66
CA HIS XB 86 15.44 -23.42 121.18
C HIS XB 86 16.46 -23.23 120.07
N ASP XB 87 17.51 -22.46 120.37
CA ASP XB 87 18.57 -22.20 119.41
C ASP XB 87 19.81 -21.79 120.18
N VAL XB 88 20.86 -22.61 120.11
CA VAL XB 88 22.11 -22.37 120.81
C VAL XB 88 23.21 -22.16 119.77
N THR XB 89 23.79 -20.96 119.78
CA THR XB 89 24.87 -20.59 118.87
C THR XB 89 26.08 -20.18 119.70
N ILE XB 90 26.85 -21.17 120.16
CA ILE XB 90 28.02 -20.95 120.98
C ILE XB 90 29.25 -21.38 120.20
N VAL XB 91 30.24 -20.48 120.09
CA VAL XB 91 31.46 -20.80 119.36
C VAL XB 91 32.32 -21.74 120.19
N ALA XB 92 33.20 -22.47 119.51
CA ALA XB 92 34.06 -23.43 120.20
C ALA XB 92 35.09 -22.71 121.06
N ASN XB 93 35.91 -21.85 120.45
CA ASN XB 93 36.94 -21.10 121.16
C ASN XB 93 36.27 -19.98 121.95
N SER XB 94 35.74 -20.35 123.12
CA SER XB 94 35.08 -19.39 123.99
C SER XB 94 35.74 -19.36 125.36
N THR XB 95 34.93 -19.37 126.42
CA THR XB 95 35.43 -19.35 127.79
C THR XB 95 34.54 -20.22 128.66
N GLU XB 96 35.16 -21.14 129.40
CA GLU XB 96 34.39 -22.03 130.27
C GLU XB 96 33.71 -21.25 131.39
N ALA XB 97 34.41 -20.28 131.98
CA ALA XB 97 33.80 -19.47 133.04
C ALA XB 97 32.65 -18.65 132.51
N SER XB 98 32.80 -18.07 131.31
CA SER XB 98 31.71 -17.30 130.72
C SER XB 98 30.52 -18.18 130.39
N ARG XB 99 30.77 -19.39 129.88
CA ARG XB 99 29.67 -20.32 129.60
C ARG XB 99 28.96 -20.74 130.87
N LYS XB 100 29.71 -20.98 131.95
CA LYS XB 100 29.08 -21.34 133.22
C LYS XB 100 28.26 -20.19 133.78
N SER XB 101 28.78 -18.96 133.67
CA SER XB 101 28.02 -17.81 134.14
C SER XB 101 26.74 -17.61 133.33
N LEU XB 102 26.83 -17.82 132.00
CA LEU XB 102 25.64 -17.69 131.16
C LEU XB 102 24.61 -18.76 131.50
N TYR XB 103 25.08 -19.99 131.74
CA TYR XB 103 24.15 -21.05 132.13
C TYR XB 103 23.50 -20.77 133.46
N ASP XB 104 24.26 -20.24 134.42
CA ASP XB 104 23.69 -19.89 135.72
C ASP XB 104 22.67 -18.77 135.58
N LEU XB 105 22.96 -17.77 134.75
CA LEU XB 105 22.00 -16.68 134.53
C LEU XB 105 20.73 -17.19 133.87
N THR XB 106 20.87 -18.10 132.90
CA THR XB 106 19.68 -18.68 132.26
C THR XB 106 18.87 -19.49 133.25
N LYS XB 107 19.54 -20.27 134.11
CA LYS XB 107 18.82 -21.05 135.11
C LYS XB 107 18.09 -20.15 136.09
N SER XB 108 18.73 -19.05 136.50
CA SER XB 108 18.08 -18.10 137.41
C SER XB 108 16.88 -17.44 136.75
N LEU XB 109 17.02 -17.04 135.48
CA LEU XB 109 15.89 -16.43 134.78
C LEU XB 109 14.75 -17.42 134.58
N VAL XB 110 15.07 -18.71 134.41
CA VAL XB 110 14.02 -19.71 134.27
C VAL XB 110 13.33 -19.96 135.61
N ALA XB 111 14.10 -20.05 136.68
CA ALA XB 111 13.53 -20.34 138.00
C ALA XB 111 12.90 -19.13 138.67
N THR XB 112 13.09 -17.93 138.12
CA THR XB 112 12.49 -16.75 138.72
C THR XB 112 10.97 -16.80 138.59
N SER XB 113 10.29 -15.96 139.38
CA SER XB 113 8.84 -15.91 139.42
C SER XB 113 8.24 -15.03 138.34
N GLN XB 114 9.06 -14.23 137.65
CA GLN XB 114 8.55 -13.35 136.60
C GLN XB 114 8.16 -14.12 135.34
N VAL XB 115 8.99 -15.07 134.91
CA VAL XB 115 8.65 -15.87 133.74
C VAL XB 115 7.44 -16.76 134.02
N GLU XB 116 7.30 -17.25 135.25
CA GLU XB 116 6.13 -18.05 135.60
C GLU XB 116 4.85 -17.22 135.49
N ASP XB 117 4.88 -15.97 135.96
CA ASP XB 117 3.73 -15.10 135.83
C ASP XB 117 3.46 -14.75 134.37
N LEU XB 118 4.52 -14.50 133.59
CA LEU XB 118 4.36 -14.23 132.17
C LEU XB 118 3.72 -15.41 131.45
N VAL XB 119 4.03 -16.63 131.87
CA VAL XB 119 3.47 -17.82 131.24
C VAL XB 119 2.02 -18.02 131.66
N VAL XB 120 1.74 -17.91 132.96
CA VAL XB 120 0.41 -18.19 133.49
C VAL XB 120 -0.55 -17.05 133.18
N ASN XB 121 -0.34 -15.90 133.80
CA ASN XB 121 -1.26 -14.77 133.69
C ASN XB 121 -1.11 -13.99 132.39
N LEU XB 122 -0.17 -14.37 131.53
CA LEU XB 122 0.04 -13.71 130.24
C LEU XB 122 0.36 -12.22 130.42
N VAL XB 123 0.96 -11.86 131.55
CA VAL XB 123 1.33 -10.48 131.83
C VAL XB 123 2.75 -10.25 131.33
N PRO XB 124 3.01 -9.17 130.60
CA PRO XB 124 4.37 -8.93 130.09
C PRO XB 124 5.39 -8.84 131.21
N LEU XB 125 6.59 -9.35 130.93
CA LEU XB 125 7.65 -9.39 131.93
C LEU XB 125 8.11 -7.97 132.26
N GLY XB 126 7.98 -7.58 133.52
CA GLY XB 126 8.38 -6.26 133.95
C GLY XB 126 8.05 -5.98 135.40
N ARG XB 127 8.78 -6.59 136.32
CA ARG XB 127 8.55 -6.39 137.74
C ARG XB 127 9.70 -5.64 138.39
N SER YB 1 2.94 -5.30 140.87
CA SER YB 1 1.83 -4.90 140.01
C SER YB 1 0.87 -3.97 140.75
N LYS YB 2 -0.41 -4.03 140.37
CA LYS YB 2 -1.43 -3.14 140.90
C LYS YB 2 -2.73 -3.92 141.02
N THR YB 3 -3.26 -4.03 142.23
CA THR YB 3 -4.46 -4.78 142.50
C THR YB 3 -5.61 -3.83 142.87
N ILE YB 4 -6.80 -4.15 142.36
CA ILE YB 4 -8.00 -3.37 142.62
C ILE YB 4 -9.06 -4.33 143.16
N VAL YB 5 -9.60 -4.02 144.33
CA VAL YB 5 -10.60 -4.85 144.99
C VAL YB 5 -11.96 -4.20 144.82
N LEU YB 6 -12.92 -4.95 144.27
CA LEU YB 6 -14.27 -4.47 144.06
C LEU YB 6 -15.24 -5.33 144.86
N SER YB 7 -16.10 -4.68 145.63
CA SER YB 7 -17.07 -5.37 146.49
C SER YB 7 -18.43 -5.37 145.78
N VAL YB 8 -18.93 -6.56 145.49
CA VAL YB 8 -20.24 -6.70 144.83
C VAL YB 8 -21.37 -6.87 145.83
N GLY YB 9 -21.08 -7.13 147.10
CA GLY YB 9 -22.11 -7.33 148.09
C GLY YB 9 -21.84 -8.53 148.98
N GLU YB 10 -21.52 -9.67 148.35
CA GLU YB 10 -21.20 -10.88 149.07
C GLU YB 10 -19.82 -11.44 148.75
N ALA YB 11 -19.23 -11.09 147.61
CA ALA YB 11 -17.91 -11.54 147.23
C ALA YB 11 -17.06 -10.34 146.80
N THR YB 12 -15.75 -10.56 146.74
CA THR YB 12 -14.80 -9.52 146.37
C THR YB 12 -14.04 -9.97 145.13
N ARG YB 13 -14.05 -9.13 144.10
CA ARG YB 13 -13.34 -9.41 142.86
C ARG YB 13 -12.04 -8.63 142.83
N THR YB 14 -11.02 -9.22 142.21
CA THR YB 14 -9.68 -8.66 142.16
C THR YB 14 -9.28 -8.46 140.70
N LEU YB 15 -8.92 -7.22 140.36
CA LEU YB 15 -8.40 -6.88 139.05
C LEU YB 15 -6.91 -6.58 139.15
N THR YB 16 -6.14 -7.12 138.22
CA THR YB 16 -4.68 -7.01 138.23
C THR YB 16 -4.20 -6.23 137.03
N GLU YB 17 -3.22 -5.34 137.25
CA GLU YB 17 -2.62 -4.60 136.16
C GLU YB 17 -1.81 -5.54 135.26
N ILE YB 18 -2.04 -5.44 133.97
CA ILE YB 18 -1.42 -6.32 132.98
C ILE YB 18 -0.46 -5.56 132.08
N GLN YB 19 -0.94 -4.47 131.48
CA GLN YB 19 -0.20 -3.74 130.44
C GLN YB 19 0.07 -2.33 130.95
N SER YB 20 1.10 -2.20 131.78
CA SER YB 20 1.44 -0.93 132.42
C SER YB 20 2.09 -0.01 131.39
N THR YB 21 1.34 0.99 130.92
CA THR YB 21 1.85 2.00 130.01
C THR YB 21 1.17 3.31 130.30
N ALA YB 22 1.86 4.42 129.99
CA ALA YB 22 1.34 5.74 130.31
C ALA YB 22 0.07 6.06 129.51
N ASP YB 23 0.15 5.94 128.18
CA ASP YB 23 -0.96 6.30 127.32
C ASP YB 23 -2.05 5.24 127.25
N ARG YB 24 -1.84 4.08 127.88
CA ARG YB 24 -2.85 3.02 127.84
C ARG YB 24 -2.59 2.08 129.03
N GLN YB 25 -3.50 2.10 130.00
CA GLN YB 25 -3.43 1.20 131.15
C GLN YB 25 -4.53 0.15 131.01
N ILE YB 26 -4.13 -1.12 131.03
CA ILE YB 26 -5.04 -2.24 130.82
C ILE YB 26 -5.08 -3.07 132.09
N PHE YB 27 -6.23 -3.04 132.77
CA PHE YB 27 -6.45 -3.86 133.95
C PHE YB 27 -7.32 -5.05 133.57
N GLU YB 28 -6.97 -6.24 134.08
CA GLU YB 28 -7.68 -7.46 133.78
C GLU YB 28 -8.02 -8.21 135.06
N GLU YB 29 -9.27 -8.69 135.14
CA GLU YB 29 -9.74 -9.40 136.32
C GLU YB 29 -9.24 -10.84 136.30
N LYS YB 30 -8.73 -11.31 137.43
CA LYS YB 30 -8.20 -12.66 137.58
C LYS YB 30 -9.15 -13.46 138.47
N VAL YB 31 -9.91 -14.37 137.86
CA VAL YB 31 -10.81 -15.24 138.59
C VAL YB 31 -10.62 -16.67 138.12
N GLY YB 32 -10.71 -16.89 136.81
CA GLY YB 32 -10.53 -18.19 136.23
C GLY YB 32 -10.01 -18.12 134.81
N PRO YB 33 -10.91 -18.24 133.85
CA PRO YB 33 -10.51 -18.12 132.43
C PRO YB 33 -10.15 -16.68 132.10
N LEU YB 34 -8.92 -16.47 131.64
CA LEU YB 34 -8.46 -15.12 131.34
C LEU YB 34 -9.14 -14.57 130.08
N VAL YB 35 -9.41 -15.43 129.10
CA VAL YB 35 -10.08 -14.99 127.88
C VAL YB 35 -11.55 -14.78 128.17
N GLY YB 36 -12.10 -13.68 127.65
CA GLY YB 36 -13.51 -13.35 127.87
C GLY YB 36 -13.82 -13.04 129.31
N ARG YB 37 -13.10 -12.07 129.88
CA ARG YB 37 -13.31 -11.69 131.28
C ARG YB 37 -13.58 -10.19 131.39
N LEU YB 38 -13.21 -9.59 132.52
CA LEU YB 38 -13.42 -8.18 132.78
C LEU YB 38 -12.13 -7.42 132.47
N ARG YB 39 -12.21 -6.44 131.58
CA ARG YB 39 -11.07 -5.62 131.21
C ARG YB 39 -11.42 -4.15 131.33
N LEU YB 40 -10.41 -3.34 131.63
CA LEU YB 40 -10.58 -1.91 131.82
C LEU YB 40 -9.42 -1.18 131.14
N THR YB 41 -9.76 -0.22 130.28
CA THR YB 41 -8.78 0.56 129.55
C THR YB 41 -8.85 2.01 130.03
N ALA YB 42 -7.71 2.55 130.46
CA ALA YB 42 -7.61 3.92 130.94
C ALA YB 42 -6.59 4.68 130.10
N SER YB 43 -6.93 5.93 129.79
CA SER YB 43 -6.05 6.77 128.99
C SER YB 43 -6.14 8.21 129.48
N LEU YB 44 -5.01 8.90 129.50
CA LEU YB 44 -4.93 10.29 129.91
C LEU YB 44 -4.05 11.05 128.92
N ARG YB 45 -4.49 12.24 128.51
CA ARG YB 45 -3.73 13.02 127.55
C ARG YB 45 -4.05 14.50 127.75
N GLN YB 46 -3.57 15.33 126.83
CA GLN YB 46 -3.82 16.76 126.81
C GLN YB 46 -4.71 17.11 125.61
N ASN YB 47 -4.74 18.38 125.24
CA ASN YB 47 -5.55 18.83 124.12
C ASN YB 47 -5.09 20.21 123.69
N GLY YB 48 -5.31 20.52 122.41
CA GLY YB 48 -5.05 21.84 121.87
C GLY YB 48 -3.66 22.39 122.16
N ALA YB 49 -3.61 23.51 122.88
CA ALA YB 49 -2.36 24.16 123.24
C ALA YB 49 -2.22 24.21 124.76
N LYS YB 50 -2.13 23.03 125.37
CA LYS YB 50 -1.92 22.88 126.82
C LYS YB 50 -3.01 23.61 127.60
N THR YB 51 -4.24 23.55 127.10
CA THR YB 51 -5.38 24.17 127.79
C THR YB 51 -5.99 23.22 128.81
N ALA YB 52 -6.76 22.25 128.33
CA ALA YB 52 -7.41 21.30 129.22
C ALA YB 52 -6.77 19.92 129.11
N TYR YB 53 -7.52 18.88 129.48
CA TYR YB 53 -7.03 17.51 129.41
C TYR YB 53 -8.14 16.62 128.88
N ARG YB 54 -7.81 15.34 128.69
CA ARG YB 54 -8.76 14.37 128.17
C ARG YB 54 -8.50 13.03 128.84
N VAL YB 55 -9.53 12.49 129.50
CA VAL YB 55 -9.45 11.20 130.18
C VAL YB 55 -10.49 10.26 129.56
N ASN YB 56 -10.04 9.05 129.25
CA ASN YB 56 -10.92 8.04 128.67
C ASN YB 56 -10.88 6.79 129.52
N LEU YB 57 -12.07 6.27 129.85
CA LEU YB 57 -12.20 5.07 130.67
C LEU YB 57 -13.22 4.15 130.03
N LYS YB 58 -12.78 2.96 129.63
CA LYS YB 58 -13.64 1.97 129.00
C LYS YB 58 -13.63 0.69 129.82
N LEU YB 59 -14.78 0.04 129.93
CA LEU YB 59 -14.92 -1.20 130.68
C LEU YB 59 -15.65 -2.22 129.82
N ASP YB 60 -14.98 -3.34 129.55
CA ASP YB 60 -15.54 -4.38 128.70
C ASP YB 60 -15.62 -5.70 129.47
N GLN YB 61 -16.63 -6.49 129.12
CA GLN YB 61 -16.82 -7.80 129.74
C GLN YB 61 -17.64 -8.66 128.79
N ALA YB 62 -17.02 -9.71 128.25
CA ALA YB 62 -17.66 -10.61 127.31
C ALA YB 62 -17.97 -11.94 127.99
N ASP YB 63 -19.22 -12.38 127.88
CA ASP YB 63 -19.63 -13.64 128.47
C ASP YB 63 -19.11 -14.82 127.64
N VAL YB 64 -18.88 -15.94 128.32
CA VAL YB 64 -18.35 -17.14 127.69
C VAL YB 64 -19.33 -18.28 127.94
N VAL YB 65 -19.27 -19.29 127.07
CA VAL YB 65 -20.09 -20.48 127.18
C VAL YB 65 -19.23 -21.70 126.90
N ASP YB 66 -19.63 -22.84 127.46
CA ASP YB 66 -18.88 -24.08 127.33
C ASP YB 66 -19.85 -25.26 127.36
N CYS YB 67 -19.53 -26.29 126.58
CA CYS YB 67 -20.35 -27.48 126.49
C CYS YB 67 -19.62 -28.75 126.93
N SER YB 68 -18.44 -28.63 127.54
CA SER YB 68 -17.70 -29.83 127.94
C SER YB 68 -18.38 -30.57 129.09
N THR YB 69 -19.36 -29.95 129.75
CA THR YB 69 -20.05 -30.63 130.84
C THR YB 69 -20.98 -31.73 130.34
N SER YB 70 -21.57 -31.54 129.15
CA SER YB 70 -22.49 -32.53 128.59
C SER YB 70 -22.00 -33.01 127.23
N VAL YB 71 -21.79 -32.07 126.31
CA VAL YB 71 -21.33 -32.39 124.96
C VAL YB 71 -19.87 -32.83 125.04
N CYS YB 72 -19.50 -33.82 124.24
CA CYS YB 72 -18.11 -34.28 124.35
C CYS YB 72 -17.23 -33.59 123.33
N GLY YB 73 -17.26 -32.26 123.30
CA GLY YB 73 -16.21 -31.49 122.67
C GLY YB 73 -16.63 -30.10 122.23
N GLU YB 74 -16.27 -29.09 123.02
CA GLU YB 74 -16.58 -27.70 122.67
C GLU YB 74 -15.70 -26.80 123.53
N LEU YB 75 -14.83 -26.03 122.90
CA LEU YB 75 -13.97 -25.11 123.62
C LEU YB 75 -14.77 -23.92 124.14
N PRO YB 76 -14.32 -23.28 125.21
CA PRO YB 76 -15.01 -22.07 125.71
C PRO YB 76 -15.06 -20.99 124.63
N LYS YB 77 -16.28 -20.62 124.26
CA LYS YB 77 -16.52 -19.67 123.18
C LYS YB 77 -17.21 -18.42 123.72
N VAL YB 78 -16.74 -17.26 123.27
CA VAL YB 78 -17.36 -16.00 123.69
C VAL YB 78 -18.69 -15.82 122.98
N ARG YB 79 -19.59 -15.09 123.64
CA ARG YB 79 -20.92 -14.85 123.09
C ARG YB 79 -21.01 -13.40 122.66
N TYR YB 80 -21.52 -12.49 123.49
CA TYR YB 80 -21.65 -11.09 123.14
C TYR YB 80 -20.54 -10.27 123.80
N THR YB 81 -20.45 -9.01 123.39
CA THR YB 81 -19.46 -8.08 123.91
C THR YB 81 -20.15 -6.77 124.28
N GLN YB 82 -19.80 -6.24 125.45
CA GLN YB 82 -20.36 -4.99 125.94
C GLN YB 82 -19.26 -3.95 126.07
N VAL YB 83 -19.54 -2.74 125.59
CA VAL YB 83 -18.59 -1.64 125.60
C VAL YB 83 -19.21 -0.47 126.34
N TRP YB 84 -18.51 0.03 127.36
CA TRP YB 84 -18.96 1.17 128.17
C TRP YB 84 -17.78 2.12 128.32
N SER YB 85 -17.65 3.06 127.38
CA SER YB 85 -16.57 4.03 127.38
C SER YB 85 -17.01 5.30 128.10
N HIS YB 86 -16.02 6.16 128.38
CA HIS YB 86 -16.24 7.43 129.05
C HIS YB 86 -15.43 8.52 128.37
N ASP YB 87 -15.64 9.76 128.81
CA ASP YB 87 -14.92 10.89 128.26
C ASP YB 87 -14.95 12.02 129.29
N VAL YB 88 -13.78 12.38 129.81
CA VAL YB 88 -13.65 13.41 130.82
C VAL YB 88 -12.86 14.57 130.22
N THR YB 89 -13.48 15.73 130.13
CA THR YB 89 -12.86 16.94 129.59
C THR YB 89 -12.94 18.02 130.67
N ILE YB 90 -12.00 17.99 131.61
CA ILE YB 90 -11.95 18.94 132.71
C ILE YB 90 -10.69 19.78 132.56
N VAL YB 91 -10.85 21.10 132.57
CA VAL YB 91 -9.71 22.00 132.44
C VAL YB 91 -8.92 22.02 133.75
N ALA YB 92 -7.64 22.38 133.64
CA ALA YB 92 -6.78 22.41 134.83
C ALA YB 92 -7.19 23.53 135.77
N ASN YB 93 -7.20 24.77 135.27
CA ASN YB 93 -7.57 25.93 136.09
C ASN YB 93 -9.09 25.95 136.26
N SER YB 94 -9.55 25.14 137.21
CA SER YB 94 -10.98 25.04 137.51
C SER YB 94 -11.26 25.39 138.97
N THR YB 95 -12.09 24.59 139.63
CA THR YB 95 -12.43 24.80 141.02
C THR YB 95 -12.57 23.46 141.71
N GLU YB 96 -11.88 23.30 142.85
CA GLU YB 96 -11.94 22.04 143.59
C GLU YB 96 -13.34 21.79 144.14
N ALA YB 97 -13.99 22.84 144.66
CA ALA YB 97 -15.35 22.68 145.17
C ALA YB 97 -16.31 22.31 144.06
N SER YB 98 -16.18 22.94 142.89
CA SER YB 98 -17.05 22.62 141.77
C SER YB 98 -16.82 21.19 141.29
N ARG YB 99 -15.55 20.76 141.24
CA ARG YB 99 -15.25 19.39 140.84
C ARG YB 99 -15.83 18.39 141.84
N LYS YB 100 -15.72 18.68 143.13
CA LYS YB 100 -16.28 17.79 144.15
C LYS YB 100 -17.80 17.73 144.04
N SER YB 101 -18.45 18.88 143.81
CA SER YB 101 -19.90 18.88 143.65
C SER YB 101 -20.32 18.10 142.41
N LEU YB 102 -19.57 18.23 141.31
CA LEU YB 102 -19.89 17.49 140.11
C LEU YB 102 -19.71 15.99 140.33
N TYR YB 103 -18.64 15.60 141.04
CA TYR YB 103 -18.44 14.18 141.33
C TYR YB 103 -19.54 13.63 142.22
N ASP YB 104 -19.98 14.42 143.21
CA ASP YB 104 -21.07 13.98 144.07
C ASP YB 104 -22.37 13.84 143.29
N LEU YB 105 -22.64 14.78 142.37
CA LEU YB 105 -23.84 14.69 141.55
C LEU YB 105 -23.79 13.46 140.64
N THR YB 106 -22.63 13.18 140.06
CA THR YB 106 -22.49 11.99 139.22
C THR YB 106 -22.68 10.72 140.04
N LYS YB 107 -22.12 10.67 141.24
CA LYS YB 107 -22.29 9.51 142.10
C LYS YB 107 -23.75 9.32 142.48
N SER YB 108 -24.47 10.41 142.77
CA SER YB 108 -25.87 10.31 143.10
C SER YB 108 -26.69 9.83 141.91
N LEU YB 109 -26.40 10.36 140.71
CA LEU YB 109 -27.12 9.92 139.52
C LEU YB 109 -26.83 8.46 139.20
N VAL YB 110 -25.62 7.98 139.52
CA VAL YB 110 -25.30 6.58 139.27
C VAL YB 110 -26.01 5.68 140.28
N ALA YB 111 -26.02 6.09 141.56
CA ALA YB 111 -26.62 5.29 142.61
C ALA YB 111 -28.14 5.39 142.66
N THR YB 112 -28.74 6.32 141.92
CA THR YB 112 -30.19 6.44 141.92
C THR YB 112 -30.84 5.23 141.28
N SER YB 113 -32.14 5.07 141.52
CA SER YB 113 -32.89 3.93 141.02
C SER YB 113 -33.41 4.13 139.60
N GLN YB 114 -33.33 5.35 139.07
CA GLN YB 114 -33.81 5.61 137.71
C GLN YB 114 -32.88 5.03 136.65
N VAL YB 115 -31.56 5.18 136.82
CA VAL YB 115 -30.63 4.61 135.85
C VAL YB 115 -30.66 3.10 135.91
N GLU YB 116 -30.86 2.52 137.10
CA GLU YB 116 -30.97 1.06 137.20
C GLU YB 116 -32.18 0.56 136.42
N ASP YB 117 -33.31 1.24 136.54
CA ASP YB 117 -34.49 0.85 135.76
C ASP YB 117 -34.27 1.05 134.27
N LEU YB 118 -33.62 2.15 133.89
CA LEU YB 118 -33.31 2.39 132.48
C LEU YB 118 -32.41 1.29 131.93
N VAL YB 119 -31.50 0.76 132.74
CA VAL YB 119 -30.60 -0.29 132.28
C VAL YB 119 -31.32 -1.63 132.20
N VAL YB 120 -32.10 -1.96 133.23
CA VAL YB 120 -32.76 -3.27 133.31
C VAL YB 120 -33.95 -3.33 132.38
N ASN YB 121 -35.00 -2.57 132.72
CA ASN YB 121 -36.26 -2.63 131.98
C ASN YB 121 -36.24 -1.87 130.67
N LEU YB 122 -35.12 -1.22 130.32
CA LEU YB 122 -34.98 -0.46 129.08
C LEU YB 122 -36.05 0.63 128.95
N VAL YB 123 -36.51 1.15 130.08
CA VAL YB 123 -37.51 2.22 130.10
C VAL YB 123 -36.78 3.56 130.10
N PRO YB 124 -37.17 4.50 129.25
CA PRO YB 124 -36.48 5.79 129.21
C PRO YB 124 -36.52 6.50 130.56
N LEU YB 125 -35.44 7.20 130.88
CA LEU YB 125 -35.31 7.88 132.16
C LEU YB 125 -36.30 9.03 132.23
N GLY YB 126 -37.20 8.98 133.22
CA GLY YB 126 -38.20 10.01 133.39
C GLY YB 126 -39.20 9.70 134.49
N ARG YB 127 -38.76 9.79 135.74
CA ARG YB 127 -39.62 9.51 136.88
C ARG YB 127 -39.91 10.79 137.67
N SER ZB 1 -42.76 11.27 128.72
CA SER ZB 1 -43.26 10.37 127.68
C SER ZB 1 -44.78 10.26 127.74
N LYS ZB 2 -45.29 9.09 127.33
CA LYS ZB 2 -46.73 8.86 127.25
C LYS ZB 2 -47.00 7.41 127.60
N THR ZB 3 -47.80 7.19 128.65
CA THR ZB 3 -48.11 5.86 129.15
C THR ZB 3 -49.56 5.52 128.86
N ILE ZB 4 -49.80 4.27 128.48
CA ILE ZB 4 -51.13 3.76 128.19
C ILE ZB 4 -51.35 2.51 129.03
N VAL ZB 5 -52.41 2.50 129.82
CA VAL ZB 5 -52.73 1.39 130.71
C VAL ZB 5 -53.87 0.59 130.09
N LEU ZB 6 -53.65 -0.71 129.91
CA LEU ZB 6 -54.64 -1.61 129.36
C LEU ZB 6 -54.99 -2.68 130.39
N SER ZB 7 -56.28 -2.85 130.64
CA SER ZB 7 -56.78 -3.82 131.62
C SER ZB 7 -57.22 -5.09 130.89
N VAL ZB 8 -56.56 -6.20 131.20
CA VAL ZB 8 -56.91 -7.48 130.58
C VAL ZB 8 -57.91 -8.28 131.40
N GLY ZB 9 -58.15 -7.89 132.65
CA GLY ZB 9 -59.07 -8.61 133.50
C GLY ZB 9 -58.52 -8.84 134.90
N GLU ZB 10 -57.29 -9.32 134.97
CA GLU ZB 10 -56.62 -9.54 136.25
C GLU ZB 10 -55.30 -8.79 136.39
N ALA ZB 11 -54.68 -8.38 135.30
CA ALA ZB 11 -53.43 -7.63 135.33
C ALA ZB 11 -53.56 -6.40 134.43
N THR ZB 12 -52.64 -5.46 134.62
CA THR ZB 12 -52.62 -4.21 133.87
C THR ZB 12 -51.30 -4.11 133.12
N ARG ZB 13 -51.39 -3.92 131.80
CA ARG ZB 13 -50.22 -3.76 130.95
C ARG ZB 13 -49.98 -2.28 130.66
N THR ZB 14 -48.71 -1.92 130.52
CA THR ZB 14 -48.31 -0.53 130.32
C THR ZB 14 -47.53 -0.42 129.02
N LEU ZB 15 -48.01 0.45 128.13
CA LEU ZB 15 -47.32 0.76 126.88
C LEU ZB 15 -46.72 2.15 126.96
N THR ZB 16 -45.48 2.28 126.52
CA THR ZB 16 -44.73 3.53 126.62
C THR ZB 16 -44.42 4.08 125.24
N GLU ZB 17 -44.56 5.39 125.07
CA GLU ZB 17 -44.20 6.04 123.82
C GLU ZB 17 -42.69 5.99 123.61
N ILE ZB 18 -42.26 5.57 122.42
CA ILE ZB 18 -40.87 5.35 122.09
C ILE ZB 18 -40.39 6.32 121.01
N GLN ZB 19 -41.13 6.42 119.91
CA GLN ZB 19 -40.72 7.17 118.72
C GLN ZB 19 -41.76 8.26 118.48
N SER ZB 20 -41.65 9.36 119.22
CA SER ZB 20 -42.61 10.45 119.13
C SER ZB 20 -42.37 11.25 117.85
N THR ZB 21 -43.25 11.07 116.88
CA THR ZB 21 -43.21 11.81 115.62
C THR ZB 21 -44.64 12.02 115.13
N ALA ZB 22 -44.84 13.09 114.37
CA ALA ZB 22 -46.17 13.45 113.92
C ALA ZB 22 -46.73 12.41 112.96
N ASP ZB 23 -45.99 12.11 111.89
CA ASP ZB 23 -46.46 11.20 110.85
C ASP ZB 23 -46.34 9.73 111.24
N ARG ZB 24 -45.73 9.42 112.38
CA ARG ZB 24 -45.57 8.02 112.79
C ARG ZB 24 -45.34 8.01 114.31
N GLN ZB 25 -46.33 7.50 115.04
CA GLN ZB 25 -46.23 7.32 116.50
C GLN ZB 25 -46.08 5.85 116.80
N ILE ZB 26 -45.01 5.49 117.51
CA ILE ZB 26 -44.67 4.10 117.80
C ILE ZB 26 -44.73 3.92 119.31
N PHE ZB 27 -45.73 3.16 119.78
CA PHE ZB 27 -45.85 2.79 121.18
C PHE ZB 27 -45.36 1.37 121.39
N GLU ZB 28 -44.61 1.15 122.45
CA GLU ZB 28 -44.05 -0.17 122.75
C GLU ZB 28 -44.34 -0.55 124.19
N GLU ZB 29 -44.76 -1.80 124.39
CA GLU ZB 29 -45.10 -2.30 125.71
C GLU ZB 29 -43.84 -2.66 126.48
N LYS ZB 30 -43.77 -2.23 127.74
CA LYS ZB 30 -42.63 -2.50 128.60
C LYS ZB 30 -43.04 -3.49 129.68
N VAL ZB 31 -42.57 -4.72 129.55
CA VAL ZB 31 -42.85 -5.77 130.54
C VAL ZB 31 -41.55 -6.48 130.88
N GLY ZB 32 -40.84 -6.97 129.86
CA GLY ZB 32 -39.59 -7.65 130.05
C GLY ZB 32 -38.68 -7.51 128.85
N PRO ZB 33 -38.65 -8.53 128.00
CA PRO ZB 33 -37.84 -8.45 126.78
C PRO ZB 33 -38.46 -7.47 125.79
N LEU ZB 34 -37.67 -6.46 125.41
CA LEU ZB 34 -38.18 -5.43 124.50
C LEU ZB 34 -38.36 -5.98 123.09
N VAL ZB 35 -37.46 -6.87 122.67
CA VAL ZB 35 -37.58 -7.46 121.32
C VAL ZB 35 -38.70 -8.49 121.33
N GLY ZB 36 -39.51 -8.47 120.27
CA GLY ZB 36 -40.63 -9.39 120.15
C GLY ZB 36 -41.70 -9.15 121.19
N ARG ZB 37 -42.21 -7.91 121.25
CA ARG ZB 37 -43.24 -7.57 122.22
C ARG ZB 37 -44.46 -6.97 121.53
N LEU ZB 38 -45.17 -6.09 122.23
CA LEU ZB 38 -46.37 -5.44 121.70
C LEU ZB 38 -46.00 -4.06 121.18
N ARG ZB 39 -46.30 -3.81 119.91
CA ARG ZB 39 -46.01 -2.52 119.29
C ARG ZB 39 -47.26 -2.00 118.60
N LEU ZB 40 -47.37 -0.67 118.55
CA LEU ZB 40 -48.52 0.00 117.96
C LEU ZB 40 -48.04 1.17 117.12
N THR ZB 41 -48.48 1.22 115.87
CA THR ZB 41 -48.10 2.28 114.93
C THR ZB 41 -49.34 3.09 114.60
N ALA ZB 42 -49.25 4.40 114.80
CA ALA ZB 42 -50.35 5.32 114.51
C ALA ZB 42 -49.89 6.36 113.51
N SER ZB 43 -50.77 6.69 112.57
CA SER ZB 43 -50.47 7.68 111.55
C SER ZB 43 -51.72 8.48 111.22
N LEU ZB 44 -51.55 9.78 110.99
CA LEU ZB 44 -52.64 10.68 110.64
C LEU ZB 44 -52.17 11.57 109.50
N ARG ZB 45 -53.04 11.75 108.50
CA ARG ZB 45 -52.69 12.57 107.35
C ARG ZB 45 -53.97 13.14 106.74
N GLN ZB 46 -53.82 13.77 105.57
CA GLN ZB 46 -54.91 14.32 104.80
C GLN ZB 46 -55.09 13.52 103.51
N ASN ZB 47 -55.79 14.09 102.54
CA ASN ZB 47 -56.03 13.41 101.27
C ASN ZB 47 -56.49 14.43 100.25
N GLY ZB 48 -56.23 14.13 98.98
CA GLY ZB 48 -56.72 14.92 97.87
C GLY ZB 48 -56.44 16.40 97.97
N ALA ZB 49 -57.50 17.20 98.01
CA ALA ZB 49 -57.38 18.65 98.11
C ALA ZB 49 -58.06 19.14 99.39
N LYS ZB 50 -57.50 18.72 100.53
CA LYS ZB 50 -57.95 19.14 101.86
C LYS ZB 50 -59.44 18.82 102.05
N THR ZB 51 -59.86 17.67 101.54
CA THR ZB 51 -61.26 17.23 101.69
C THR ZB 51 -61.44 16.47 102.99
N ALA ZB 52 -61.00 15.21 103.01
CA ALA ZB 52 -61.15 14.36 104.20
C ALA ZB 52 -59.81 14.13 104.86
N TYR ZB 53 -59.70 13.05 105.63
CA TYR ZB 53 -58.47 12.69 106.32
C TYR ZB 53 -58.25 11.19 106.21
N ARG ZB 54 -57.11 10.74 106.73
CA ARG ZB 54 -56.75 9.32 106.70
C ARG ZB 54 -56.02 8.98 107.98
N VAL ZB 55 -56.54 8.00 108.71
CA VAL ZB 55 -55.95 7.54 109.96
C VAL ZB 55 -55.62 6.06 109.82
N ASN ZB 56 -54.41 5.69 110.21
CA ASN ZB 56 -53.95 4.32 110.15
C ASN ZB 56 -53.49 3.87 111.52
N LEU ZB 57 -53.96 2.70 111.96
CA LEU ZB 57 -53.62 2.14 113.25
C LEU ZB 57 -53.29 0.66 113.07
N LYS ZB 58 -52.04 0.30 113.38
CA LYS ZB 58 -51.58 -1.07 113.27
C LYS ZB 58 -51.08 -1.56 114.63
N LEU ZB 59 -51.36 -2.82 114.94
CA LEU ZB 59 -50.96 -3.42 116.21
C LEU ZB 59 -50.28 -4.75 115.92
N ASP ZB 60 -49.02 -4.86 116.32
CA ASP ZB 60 -48.23 -6.06 116.08
C ASP ZB 60 -47.75 -6.67 117.39
N GLN ZB 61 -47.63 -7.99 117.41
CA GLN ZB 61 -47.15 -8.71 118.58
C GLN ZB 61 -46.58 -10.05 118.13
N ALA ZB 62 -45.27 -10.22 118.27
CA ALA ZB 62 -44.59 -11.44 117.86
C ALA ZB 62 -44.20 -12.24 119.10
N ASP ZB 63 -44.55 -13.52 119.11
CA ASP ZB 63 -44.21 -14.40 120.21
C ASP ZB 63 -42.74 -14.78 120.16
N VAL ZB 64 -42.17 -15.04 121.34
CA VAL ZB 64 -40.77 -15.40 121.46
C VAL ZB 64 -40.67 -16.74 122.17
N VAL ZB 65 -39.54 -17.42 121.93
CA VAL ZB 65 -39.26 -18.71 122.55
C VAL ZB 65 -37.81 -18.72 123.03
N ASP ZB 66 -37.55 -19.52 124.06
CA ASP ZB 66 -36.22 -19.61 124.65
C ASP ZB 66 -35.99 -21.01 125.19
N CYS ZB 67 -34.75 -21.48 125.07
CA CYS ZB 67 -34.38 -22.82 125.54
C CYS ZB 67 -33.31 -22.79 126.62
N SER ZB 68 -33.00 -21.64 127.20
CA SER ZB 68 -31.96 -21.58 128.22
C SER ZB 68 -32.38 -22.26 129.51
N THR ZB 69 -33.66 -22.58 129.67
CA THR ZB 69 -34.12 -23.26 130.88
C THR ZB 69 -33.67 -24.71 130.91
N SER ZB 70 -33.58 -25.36 129.75
CA SER ZB 70 -33.18 -26.76 129.69
C SER ZB 70 -31.93 -26.93 128.81
N VAL ZB 71 -32.02 -26.47 127.57
CA VAL ZB 71 -30.90 -26.58 126.64
C VAL ZB 71 -29.81 -25.60 127.06
N CYS ZB 72 -28.55 -26.01 126.91
CA CYS ZB 72 -27.46 -25.15 127.34
C CYS ZB 72 -26.97 -24.25 126.21
N GLY ZB 73 -27.89 -23.56 125.54
CA GLY ZB 73 -27.52 -22.43 124.71
C GLY ZB 73 -28.48 -22.14 123.59
N GLU ZB 74 -29.34 -21.13 123.78
CA GLU ZB 74 -30.28 -20.72 122.74
C GLU ZB 74 -30.79 -19.32 123.11
N LEU ZB 75 -30.51 -18.35 122.24
CA LEU ZB 75 -30.98 -17.00 122.49
C LEU ZB 75 -32.49 -16.90 122.24
N PRO ZB 76 -33.16 -15.94 122.87
CA PRO ZB 76 -34.60 -15.75 122.61
C PRO ZB 76 -34.85 -15.46 121.14
N LYS ZB 77 -35.63 -16.34 120.51
CA LYS ZB 77 -35.89 -16.28 119.08
C LYS ZB 77 -37.38 -16.05 118.83
N VAL ZB 78 -37.69 -15.14 117.90
CA VAL ZB 78 -39.09 -14.88 117.56
C VAL ZB 78 -39.64 -16.03 116.73
N ARG ZB 79 -40.97 -16.23 116.82
CA ARG ZB 79 -41.63 -17.31 116.11
C ARG ZB 79 -42.45 -16.70 114.99
N TYR ZB 80 -43.73 -16.44 115.19
CA TYR ZB 80 -44.60 -15.88 114.16
C TYR ZB 80 -44.82 -14.40 114.41
N THR ZB 81 -45.43 -13.75 113.42
CA THR ZB 81 -45.73 -12.32 113.49
C THR ZB 81 -47.17 -12.09 113.07
N GLN ZB 82 -47.89 -11.27 113.83
CA GLN ZB 82 -49.28 -10.95 113.56
C GLN ZB 82 -49.41 -9.47 113.24
N VAL ZB 83 -50.17 -9.16 112.19
CA VAL ZB 83 -50.37 -7.79 111.73
C VAL ZB 83 -51.87 -7.51 111.70
N TRP ZB 84 -52.27 -6.45 112.39
CA TRP ZB 84 -53.67 -6.02 112.46
C TRP ZB 84 -53.72 -4.52 112.21
N SER ZB 85 -53.83 -4.12 110.94
CA SER ZB 85 -53.88 -2.72 110.55
C SER ZB 85 -55.32 -2.23 110.47
N HIS ZB 86 -55.46 -0.91 110.37
CA HIS ZB 86 -56.76 -0.27 110.27
C HIS ZB 86 -56.71 0.82 109.21
N ASP ZB 87 -57.87 1.41 108.94
CA ASP ZB 87 -57.97 2.48 107.95
C ASP ZB 87 -59.22 3.28 108.25
N VAL ZB 88 -59.05 4.55 108.63
CA VAL ZB 88 -60.15 5.43 108.98
C VAL ZB 88 -60.18 6.56 107.96
N THR ZB 89 -61.28 6.65 107.21
CA THR ZB 89 -61.49 7.69 106.21
C THR ZB 89 -62.77 8.44 106.56
N ILE ZB 90 -62.65 9.40 107.47
CA ILE ZB 90 -63.78 10.20 107.93
C ILE ZB 90 -63.55 11.64 107.49
N VAL ZB 91 -64.56 12.21 106.81
CA VAL ZB 91 -64.44 13.59 106.35
C VAL ZB 91 -64.61 14.54 107.54
N ALA ZB 92 -64.09 15.76 107.39
CA ALA ZB 92 -64.17 16.74 108.46
C ALA ZB 92 -65.59 17.22 108.66
N ASN ZB 93 -66.20 17.76 107.61
CA ASN ZB 93 -67.58 18.26 107.68
C ASN ZB 93 -68.54 17.07 107.67
N SER ZB 94 -68.70 16.47 108.84
CA SER ZB 94 -69.59 15.32 109.01
C SER ZB 94 -70.66 15.62 110.05
N THR ZB 95 -70.91 14.66 110.94
CA THR ZB 95 -71.91 14.81 111.99
C THR ZB 95 -71.40 14.14 113.25
N GLU ZB 96 -71.44 14.88 114.37
CA GLU ZB 96 -70.96 14.33 115.63
C GLU ZB 96 -71.86 13.18 116.10
N ALA ZB 97 -73.18 13.31 115.95
CA ALA ZB 97 -74.08 12.25 116.34
C ALA ZB 97 -73.87 11.00 115.48
N SER ZB 98 -73.67 11.19 114.17
CA SER ZB 98 -73.42 10.05 113.29
C SER ZB 98 -72.10 9.37 113.63
N ARG ZB 99 -71.06 10.16 113.94
CA ARG ZB 99 -69.78 9.58 114.33
C ARG ZB 99 -69.89 8.80 115.63
N LYS ZB 100 -70.64 9.35 116.60
CA LYS ZB 100 -70.84 8.64 117.86
C LYS ZB 100 -71.62 7.35 117.66
N SER ZB 101 -72.65 7.37 116.81
CA SER ZB 101 -73.41 6.15 116.54
C SER ZB 101 -72.54 5.11 115.84
N LEU ZB 102 -71.70 5.56 114.91
CA LEU ZB 102 -70.80 4.62 114.22
C LEU ZB 102 -69.79 4.02 115.19
N TYR ZB 103 -69.25 4.84 116.10
CA TYR ZB 103 -68.32 4.32 117.09
C TYR ZB 103 -69.00 3.33 118.03
N ASP ZB 104 -70.24 3.62 118.43
CA ASP ZB 104 -70.97 2.68 119.28
C ASP ZB 104 -71.26 1.37 118.56
N LEU ZB 105 -71.61 1.45 117.27
CA LEU ZB 105 -71.85 0.23 116.50
C LEU ZB 105 -70.57 -0.58 116.35
N THR ZB 106 -69.44 0.09 116.12
CA THR ZB 106 -68.16 -0.62 116.02
C THR ZB 106 -67.80 -1.28 117.35
N LYS ZB 107 -68.01 -0.57 118.45
CA LYS ZB 107 -67.73 -1.14 119.77
C LYS ZB 107 -68.61 -2.35 120.05
N SER ZB 108 -69.89 -2.28 119.67
CA SER ZB 108 -70.79 -3.41 119.87
C SER ZB 108 -70.37 -4.60 119.01
N LEU ZB 109 -70.00 -4.35 117.75
CA LEU ZB 109 -69.56 -5.44 116.88
C LEU ZB 109 -68.25 -6.05 117.38
N VAL ZB 110 -67.39 -5.25 118.01
CA VAL ZB 110 -66.15 -5.79 118.55
C VAL ZB 110 -66.43 -6.62 119.81
N ALA ZB 111 -67.30 -6.12 120.68
CA ALA ZB 111 -67.60 -6.80 121.94
C ALA ZB 111 -68.56 -7.97 121.77
N THR ZB 112 -69.18 -8.14 120.61
CA THR ZB 112 -70.09 -9.25 120.41
C THR ZB 112 -69.33 -10.58 120.42
N SER ZB 113 -70.08 -11.66 120.58
CA SER ZB 113 -69.52 -13.00 120.67
C SER ZB 113 -69.28 -13.63 119.30
N GLN ZB 114 -69.80 -13.05 118.23
CA GLN ZB 114 -69.62 -13.60 116.89
C GLN ZB 114 -68.20 -13.40 116.37
N VAL ZB 115 -67.63 -12.20 116.55
CA VAL ZB 115 -66.26 -11.95 116.12
C VAL ZB 115 -65.28 -12.78 116.95
N GLU ZB 116 -65.56 -12.98 118.23
CA GLU ZB 116 -64.70 -13.82 119.05
C GLU ZB 116 -64.67 -15.25 118.53
N ASP ZB 117 -65.84 -15.79 118.16
CA ASP ZB 117 -65.89 -17.13 117.59
C ASP ZB 117 -65.19 -17.19 116.24
N LEU ZB 118 -65.39 -16.15 115.41
CA LEU ZB 118 -64.71 -16.09 114.12
C LEU ZB 118 -63.19 -16.07 114.29
N VAL ZB 119 -62.70 -15.43 115.35
CA VAL ZB 119 -61.26 -15.35 115.58
C VAL ZB 119 -60.74 -16.68 116.12
N VAL ZB 120 -61.44 -17.26 117.10
CA VAL ZB 120 -60.97 -18.46 117.78
C VAL ZB 120 -61.19 -19.69 116.89
N ASN ZB 121 -62.45 -20.06 116.68
CA ASN ZB 121 -62.78 -21.29 115.97
C ASN ZB 121 -62.67 -21.16 114.45
N LEU ZB 122 -62.31 -19.99 113.94
CA LEU ZB 122 -62.15 -19.76 112.51
C LEU ZB 122 -63.43 -20.06 111.73
N VAL ZB 123 -64.58 -19.90 112.39
CA VAL ZB 123 -65.88 -20.15 111.76
C VAL ZB 123 -66.36 -18.84 111.15
N PRO ZB 124 -66.83 -18.84 109.90
CA PRO ZB 124 -67.28 -17.60 109.28
C PRO ZB 124 -68.42 -16.95 110.06
N LEU ZB 125 -68.42 -15.63 110.08
CA LEU ZB 125 -69.40 -14.86 110.84
C LEU ZB 125 -70.78 -15.05 110.22
N GLY ZB 126 -71.72 -15.59 111.01
CA GLY ZB 126 -73.07 -15.81 110.53
C GLY ZB 126 -73.94 -16.54 111.53
N ARG ZB 127 -74.34 -15.85 112.58
CA ARG ZB 127 -75.19 -16.44 113.62
C ARG ZB 127 -76.58 -15.82 113.61
N SER AC 1 -75.17 -22.15 115.39
CA SER AC 1 -74.50 -23.15 114.56
C SER AC 1 -75.18 -24.51 114.69
N LYS AC 2 -74.39 -25.57 114.54
CA LYS AC 2 -74.90 -26.94 114.53
C LYS AC 2 -73.87 -27.83 115.20
N THR AC 3 -74.27 -28.49 116.28
CA THR AC 3 -73.37 -29.35 117.05
C THR AC 3 -73.78 -30.81 116.89
N ILE AC 4 -72.78 -31.67 116.77
CA ILE AC 4 -72.98 -33.12 116.62
C ILE AC 4 -72.16 -33.81 117.71
N VAL AC 5 -72.83 -34.63 118.53
CA VAL AC 5 -72.19 -35.33 119.63
C VAL AC 5 -71.99 -36.78 119.23
N LEU AC 6 -70.75 -37.27 119.31
CA LEU AC 6 -70.40 -38.63 118.97
C LEU AC 6 -69.84 -39.33 120.21
N SER AC 7 -70.40 -40.50 120.53
CA SER AC 7 -69.98 -41.27 121.70
C SER AC 7 -69.02 -42.36 121.26
N VAL AC 8 -67.78 -42.31 121.77
CA VAL AC 8 -66.78 -43.31 121.43
C VAL AC 8 -66.75 -44.46 122.43
N GLY AC 9 -67.41 -44.33 123.59
CA GLY AC 9 -67.40 -45.36 124.59
C GLY AC 9 -67.15 -44.82 125.98
N GLU AC 10 -66.13 -43.98 126.11
CA GLU AC 10 -65.80 -43.36 127.39
C GLU AC 10 -65.79 -41.83 127.34
N ALA AC 11 -65.65 -41.22 126.16
CA ALA AC 11 -65.66 -39.78 126.01
C ALA AC 11 -66.62 -39.40 124.89
N THR AC 12 -66.98 -38.13 124.84
CA THR AC 12 -67.90 -37.59 123.85
C THR AC 12 -67.20 -36.51 123.05
N ARG AC 13 -67.19 -36.65 121.74
CA ARG AC 13 -66.60 -35.68 120.84
C ARG AC 13 -67.68 -34.79 120.25
N THR AC 14 -67.32 -33.53 120.00
CA THR AC 14 -68.25 -32.52 119.51
C THR AC 14 -67.75 -31.96 118.19
N LEU AC 15 -68.57 -32.06 117.15
CA LEU AC 15 -68.29 -31.48 115.85
C LEU AC 15 -69.18 -30.26 115.63
N THR AC 16 -68.59 -29.18 115.13
CA THR AC 16 -69.28 -27.92 114.95
C THR AC 16 -69.36 -27.56 113.47
N GLU AC 17 -70.51 -27.05 113.06
CA GLU AC 17 -70.68 -26.59 111.68
C GLU AC 17 -69.84 -25.34 111.45
N ILE AC 18 -69.04 -25.38 110.38
CA ILE AC 18 -68.13 -24.32 110.01
C ILE AC 18 -68.64 -23.56 108.79
N GLN AC 19 -68.82 -24.26 107.69
CA GLN AC 19 -69.05 -23.69 106.36
C GLN AC 19 -70.46 -24.08 105.92
N SER AC 20 -71.46 -23.35 106.43
CA SER AC 20 -72.86 -23.64 106.15
C SER AC 20 -73.20 -23.22 104.73
N THR AC 21 -73.34 -24.19 103.84
CA THR AC 21 -73.75 -23.95 102.46
C THR AC 21 -74.57 -25.14 101.98
N ALA AC 22 -75.46 -24.88 101.02
CA ALA AC 22 -76.37 -25.92 100.55
C ALA AC 22 -75.61 -27.03 99.83
N ASP AC 23 -74.81 -26.67 98.82
CA ASP AC 23 -74.12 -27.66 98.01
C ASP AC 23 -72.87 -28.23 98.69
N ARG AC 24 -72.48 -27.72 99.86
CA ARG AC 24 -71.29 -28.22 100.54
C ARG AC 24 -71.40 -27.84 102.01
N GLN AC 25 -71.58 -28.84 102.87
CA GLN AC 25 -71.63 -28.65 104.32
C GLN AC 25 -70.35 -29.21 104.92
N ILE AC 26 -69.62 -28.37 105.64
CA ILE AC 26 -68.32 -28.72 106.21
C ILE AC 26 -68.44 -28.68 107.73
N PHE AC 27 -68.37 -29.84 108.36
CA PHE AC 27 -68.36 -29.95 109.82
C PHE AC 27 -66.93 -30.21 110.28
N GLU AC 28 -66.54 -29.53 111.37
CA GLU AC 28 -65.18 -29.64 111.90
C GLU AC 28 -65.24 -29.91 113.40
N GLU AC 29 -64.43 -30.86 113.85
CA GLU AC 29 -64.39 -31.23 115.26
C GLU AC 29 -63.56 -30.22 116.05
N LYS AC 30 -64.09 -29.79 117.19
CA LYS AC 30 -63.43 -28.82 118.05
C LYS AC 30 -62.97 -29.53 119.32
N VAL AC 31 -61.66 -29.75 119.44
CA VAL AC 31 -61.09 -30.38 120.62
C VAL AC 31 -59.87 -29.56 121.07
N GLY AC 32 -58.95 -29.33 120.15
CA GLY AC 32 -57.76 -28.56 120.44
C GLY AC 32 -57.23 -27.86 119.21
N PRO AC 33 -56.20 -28.45 118.57
CA PRO AC 33 -55.66 -27.87 117.33
C PRO AC 33 -56.65 -28.04 116.19
N LEU AC 34 -57.05 -26.92 115.59
CA LEU AC 34 -58.03 -26.97 114.51
C LEU AC 34 -57.43 -27.57 113.24
N VAL AC 35 -56.15 -27.30 112.97
CA VAL AC 35 -55.49 -27.86 111.81
C VAL AC 35 -55.19 -29.33 112.04
N GLY AC 36 -55.46 -30.15 111.02
CA GLY AC 36 -55.23 -31.58 111.13
C GLY AC 36 -56.15 -32.26 112.13
N ARG AC 37 -57.45 -32.08 111.96
CA ARG AC 37 -58.42 -32.67 112.87
C ARG AC 37 -59.45 -33.51 112.10
N LEU AC 38 -60.66 -33.60 112.63
CA LEU AC 38 -61.73 -34.38 112.01
C LEU AC 38 -62.63 -33.45 111.22
N ARG AC 39 -62.79 -33.75 109.93
CA ARG AC 39 -63.63 -32.95 109.05
C ARG AC 39 -64.60 -33.86 108.30
N LEU AC 40 -65.77 -33.30 107.99
CA LEU AC 40 -66.83 -34.04 107.31
C LEU AC 40 -67.44 -33.15 106.24
N THR AC 41 -67.50 -33.66 105.01
CA THR AC 41 -68.05 -32.95 103.86
C THR AC 41 -69.32 -33.66 103.41
N ALA AC 42 -70.42 -32.90 103.34
CA ALA AC 42 -71.71 -33.43 102.91
C ALA AC 42 -72.20 -32.65 101.71
N SER AC 43 -72.77 -33.37 100.73
CA SER AC 43 -73.29 -32.76 99.52
C SER AC 43 -74.55 -33.49 99.08
N LEU AC 44 -75.52 -32.73 98.59
CA LEU AC 44 -76.77 -33.26 98.09
C LEU AC 44 -77.12 -32.58 96.78
N ARG AC 45 -77.55 -33.36 95.79
CA ARG AC 45 -77.88 -32.80 94.49
C ARG AC 45 -78.91 -33.69 93.81
N GLN AC 46 -79.19 -33.41 92.54
CA GLN AC 46 -80.09 -34.17 91.70
C GLN AC 46 -79.27 -34.89 90.61
N ASN AC 47 -79.97 -35.34 89.57
CA ASN AC 47 -79.31 -36.05 88.48
C ASN AC 47 -80.25 -36.07 87.27
N GLY AC 48 -79.65 -36.16 86.09
CA GLY AC 48 -80.39 -36.34 84.85
C GLY AC 48 -81.53 -35.35 84.64
N ALA AC 49 -82.74 -35.86 84.55
CA ALA AC 49 -83.93 -35.04 84.35
C ALA AC 49 -84.89 -35.20 85.53
N LYS AC 50 -84.43 -34.79 86.71
CA LYS AC 50 -85.23 -34.80 87.93
C LYS AC 50 -85.75 -36.21 88.23
N THR AC 51 -84.90 -37.22 87.98
CA THR AC 51 -85.27 -38.60 88.26
C THR AC 51 -84.92 -38.98 89.70
N ALA AC 52 -83.64 -39.22 89.96
CA ALA AC 52 -83.19 -39.61 91.29
C ALA AC 52 -82.41 -38.48 91.95
N TYR AC 53 -81.57 -38.82 92.93
CA TYR AC 53 -80.76 -37.85 93.63
C TYR AC 53 -79.36 -38.41 93.83
N ARG AC 54 -78.48 -37.59 94.40
CA ARG AC 54 -77.10 -37.98 94.63
C ARG AC 54 -76.63 -37.35 95.95
N VAL AC 55 -76.19 -38.19 96.88
CA VAL AC 55 -75.70 -37.75 98.18
C VAL AC 55 -74.26 -38.22 98.32
N ASN AC 56 -73.39 -37.29 98.74
CA ASN AC 56 -71.98 -37.59 98.94
C ASN AC 56 -71.60 -37.24 100.37
N LEU AC 57 -70.92 -38.17 101.04
CA LEU AC 57 -70.47 -37.99 102.42
C LEU AC 57 -69.02 -38.44 102.53
N LYS AC 58 -68.13 -37.51 102.87
CA LYS AC 58 -66.72 -37.80 103.02
C LYS AC 58 -66.28 -37.44 104.44
N LEU AC 59 -65.40 -38.26 105.01
CA LEU AC 59 -64.89 -38.05 106.37
C LEU AC 59 -63.37 -38.15 106.33
N ASP AC 60 -62.70 -37.07 106.71
CA ASP AC 60 -61.24 -37.01 106.69
C ASP AC 60 -60.70 -36.73 108.09
N GLN AC 61 -59.52 -37.28 108.37
CA GLN AC 61 -58.87 -37.06 109.65
C GLN AC 61 -57.37 -37.29 109.48
N ALA AC 62 -56.58 -36.23 109.59
CA ALA AC 62 -55.14 -36.29 109.43
C ALA AC 62 -54.46 -36.19 110.79
N ASP AC 63 -53.56 -37.13 111.06
CA ASP AC 63 -52.82 -37.13 112.32
C ASP AC 63 -51.74 -36.06 112.29
N VAL AC 64 -51.42 -35.54 113.48
CA VAL AC 64 -50.42 -34.49 113.64
C VAL AC 64 -49.34 -34.98 114.60
N VAL AC 65 -48.16 -34.38 114.49
CA VAL AC 65 -47.03 -34.69 115.34
C VAL AC 65 -46.37 -33.39 115.77
N ASP AC 66 -45.70 -33.42 116.92
CA ASP AC 66 -45.06 -32.24 117.49
C ASP AC 66 -43.85 -32.67 118.29
N CYS AC 67 -42.80 -31.84 118.23
CA CYS AC 67 -41.55 -32.12 118.94
C CYS AC 67 -41.19 -31.05 119.97
N SER AC 68 -42.11 -30.14 120.29
CA SER AC 68 -41.81 -29.08 121.25
C SER AC 68 -41.65 -29.62 122.67
N THR AC 69 -42.05 -30.86 122.92
CA THR AC 69 -41.90 -31.42 124.25
C THR AC 69 -40.45 -31.75 124.57
N SER AC 70 -39.67 -32.14 123.56
CA SER AC 70 -38.27 -32.50 123.78
C SER AC 70 -37.36 -31.63 122.92
N VAL AC 71 -37.59 -31.62 121.61
CA VAL AC 71 -36.78 -30.84 120.68
C VAL AC 71 -37.12 -29.37 120.87
N CYS AC 72 -36.13 -28.49 120.74
CA CYS AC 72 -36.42 -27.08 121.00
C CYS AC 72 -36.70 -26.34 119.70
N GLY AC 73 -37.63 -26.91 118.91
CA GLY AC 73 -38.26 -26.13 117.85
C GLY AC 73 -38.82 -26.96 116.72
N GLU AC 74 -40.13 -27.17 116.74
CA GLU AC 74 -40.80 -27.92 115.66
C GLU AC 74 -42.29 -27.63 115.75
N LEU AC 75 -42.84 -27.02 114.70
CA LEU AC 75 -44.26 -26.72 114.68
C LEU AC 75 -45.06 -28.01 114.46
N PRO AC 76 -46.32 -28.03 114.90
CA PRO AC 76 -47.17 -29.21 114.65
C PRO AC 76 -47.31 -29.48 113.16
N LYS AC 77 -46.86 -30.66 112.74
CA LYS AC 77 -46.82 -31.04 111.34
C LYS AC 77 -47.72 -32.24 111.10
N VAL AC 78 -48.50 -32.18 110.01
CA VAL AC 78 -49.37 -33.29 109.67
C VAL AC 78 -48.55 -34.45 109.11
N ARG AC 79 -49.07 -35.67 109.28
CA ARG AC 79 -48.38 -36.86 108.82
C ARG AC 79 -49.13 -37.41 107.63
N TYR AC 80 -50.04 -38.37 107.80
CA TYR AC 80 -50.78 -38.98 106.71
C TYR AC 80 -52.20 -38.40 106.66
N THR AC 81 -52.89 -38.73 105.58
CA THR AC 81 -54.27 -38.27 105.36
C THR AC 81 -55.13 -39.46 104.95
N GLN AC 82 -56.31 -39.58 105.54
CA GLN AC 82 -57.24 -40.64 105.25
C GLN AC 82 -58.51 -40.08 104.65
N VAL AC 83 -58.99 -40.71 103.57
CA VAL AC 83 -60.17 -40.27 102.85
C VAL AC 83 -61.17 -41.42 102.81
N TRP AC 84 -62.39 -41.17 103.28
CA TRP AC 84 -63.47 -42.15 103.30
C TRP AC 84 -64.72 -41.47 102.75
N SER AC 85 -64.91 -41.55 101.44
CA SER AC 85 -66.06 -40.94 100.78
C SER AC 85 -67.19 -41.95 100.64
N HIS AC 86 -68.36 -41.43 100.27
CA HIS AC 86 -69.55 -42.25 100.09
C HIS AC 86 -70.28 -41.81 98.83
N ASP AC 87 -71.32 -42.56 98.47
CA ASP AC 87 -72.12 -42.24 97.28
C ASP AC 87 -73.48 -42.88 97.46
N VAL AC 88 -74.53 -42.06 97.57
CA VAL AC 88 -75.90 -42.53 97.76
C VAL AC 88 -76.70 -42.14 96.53
N THR AC 89 -77.22 -43.13 95.82
CA THR AC 89 -78.03 -42.93 94.62
C THR AC 89 -79.38 -43.61 94.86
N ILE AC 90 -80.28 -42.92 95.56
CA ILE AC 90 -81.60 -43.44 95.88
C ILE AC 90 -82.64 -42.60 95.14
N VAL AC 91 -83.52 -43.25 94.40
CA VAL AC 91 -84.56 -42.54 93.66
C VAL AC 91 -85.63 -42.08 94.63
N ALA AC 92 -86.37 -41.04 94.22
CA ALA AC 92 -87.41 -40.49 95.07
C ALA AC 92 -88.59 -41.46 95.21
N ASN AC 93 -89.18 -41.84 94.09
CA ASN AC 93 -90.32 -42.78 94.09
C ASN AC 93 -89.79 -44.19 94.36
N SER AC 94 -89.56 -44.48 95.64
CA SER AC 94 -89.06 -45.78 96.06
C SER AC 94 -90.01 -46.42 97.05
N THR AC 95 -89.48 -46.99 98.12
CA THR AC 95 -90.28 -47.64 99.15
C THR AC 95 -89.67 -47.37 100.51
N GLU AC 96 -90.48 -46.90 101.45
CA GLU AC 96 -89.98 -46.60 102.78
C GLU AC 96 -89.53 -47.87 103.50
N ALA AC 97 -90.30 -48.96 103.36
CA ALA AC 97 -89.91 -50.22 103.99
C ALA AC 97 -88.62 -50.75 103.40
N SER AC 98 -88.47 -50.66 102.08
CA SER AC 98 -87.23 -51.12 101.44
C SER AC 98 -86.05 -50.27 101.87
N ARG AC 99 -86.24 -48.96 101.98
CA ARG AC 99 -85.15 -48.09 102.44
C ARG AC 99 -84.76 -48.40 103.88
N LYS AC 100 -85.76 -48.66 104.74
CA LYS AC 100 -85.47 -49.00 106.12
C LYS AC 100 -84.73 -50.34 106.21
N SER AC 101 -85.15 -51.33 105.40
CA SER AC 101 -84.46 -52.61 105.40
C SER AC 101 -83.02 -52.47 104.91
N LEU AC 102 -82.81 -51.64 103.88
CA LEU AC 102 -81.46 -51.42 103.37
C LEU AC 102 -80.59 -50.72 104.41
N TYR AC 103 -81.15 -49.74 105.12
CA TYR AC 103 -80.41 -49.06 106.17
C TYR AC 103 -80.05 -50.01 107.31
N ASP AC 104 -81.00 -50.89 107.68
CA ASP AC 104 -80.72 -51.87 108.73
C ASP AC 104 -79.64 -52.85 108.29
N LEU AC 105 -79.68 -53.29 107.03
CA LEU AC 105 -78.65 -54.19 106.53
C LEU AC 105 -77.28 -53.51 106.51
N THR AC 106 -77.24 -52.24 106.11
CA THR AC 106 -75.97 -51.51 106.12
C THR AC 106 -75.45 -51.34 107.54
N LYS AC 107 -76.33 -51.03 108.48
CA LYS AC 107 -75.91 -50.90 109.88
C LYS AC 107 -75.39 -52.22 110.43
N SER AC 108 -76.04 -53.33 110.08
CA SER AC 108 -75.57 -54.63 110.53
C SER AC 108 -74.21 -54.97 109.92
N LEU AC 109 -74.03 -54.69 108.63
CA LEU AC 109 -72.75 -54.96 107.99
C LEU AC 109 -71.64 -54.07 108.56
N VAL AC 110 -71.98 -52.86 108.99
CA VAL AC 110 -70.98 -51.98 109.59
C VAL AC 110 -70.62 -52.47 110.99
N ALA AC 111 -71.63 -52.87 111.78
CA ALA AC 111 -71.40 -53.30 113.15
C ALA AC 111 -70.87 -54.72 113.26
N THR AC 112 -70.86 -55.48 112.17
CA THR AC 112 -70.35 -56.84 112.24
C THR AC 112 -68.85 -56.85 112.49
N SER AC 113 -68.34 -58.00 112.90
CA SER AC 113 -66.93 -58.16 113.22
C SER AC 113 -66.05 -58.44 112.02
N GLN AC 114 -66.64 -58.75 110.86
CA GLN AC 114 -65.88 -59.03 109.66
C GLN AC 114 -65.23 -57.78 109.07
N VAL AC 115 -65.99 -56.67 108.99
CA VAL AC 115 -65.44 -55.43 108.47
C VAL AC 115 -64.37 -54.89 109.41
N GLU AC 116 -64.55 -55.06 110.72
CA GLU AC 116 -63.52 -54.63 111.67
C GLU AC 116 -62.22 -55.38 111.46
N ASP AC 117 -62.30 -56.69 111.23
CA ASP AC 117 -61.10 -57.47 110.96
C ASP AC 117 -60.48 -57.08 109.62
N LEU AC 118 -61.32 -56.84 108.61
CA LEU AC 118 -60.83 -56.38 107.32
C LEU AC 118 -60.10 -55.05 107.43
N VAL AC 119 -60.56 -54.18 108.32
CA VAL AC 119 -59.92 -52.88 108.49
C VAL AC 119 -58.63 -53.00 109.27
N VAL AC 120 -58.65 -53.77 110.37
CA VAL AC 120 -57.49 -53.86 111.25
C VAL AC 120 -56.43 -54.77 110.64
N ASN AC 121 -56.72 -56.07 110.56
CA ASN AC 121 -55.74 -57.05 110.12
C ASN AC 121 -55.54 -57.08 108.61
N LEU AC 122 -56.28 -56.26 107.86
CA LEU AC 122 -56.16 -56.19 106.40
C LEU AC 122 -56.43 -57.55 105.75
N VAL AC 123 -57.25 -58.37 106.39
CA VAL AC 123 -57.60 -59.70 105.87
C VAL AC 123 -58.86 -59.55 105.01
N PRO AC 124 -58.89 -60.12 103.81
CA PRO AC 124 -60.07 -59.97 102.96
C PRO AC 124 -61.32 -60.53 103.63
N LEU AC 125 -62.45 -59.87 103.38
CA LEU AC 125 -63.72 -60.25 103.99
C LEU AC 125 -64.17 -61.61 103.46
N GLY AC 126 -64.31 -62.58 104.37
CA GLY AC 126 -64.73 -63.91 103.98
C GLY AC 126 -64.71 -64.89 105.14
N ARG AC 127 -65.67 -64.75 106.05
CA ARG AC 127 -65.77 -65.64 107.21
C ARG AC 127 -67.00 -66.54 107.11
N SER BC 1 -60.79 -67.50 99.47
CA SER BC 1 -59.35 -67.42 99.24
C SER BC 1 -58.68 -68.77 99.47
N LYS BC 2 -57.42 -68.72 99.90
CA LYS BC 2 -56.61 -69.92 100.10
C LYS BC 2 -55.71 -69.71 101.30
N THR BC 3 -55.85 -70.57 102.30
CA THR BC 3 -55.10 -70.46 103.55
C THR BC 3 -54.09 -71.60 103.65
N ILE BC 4 -52.90 -71.27 104.13
CA ILE BC 4 -51.82 -72.24 104.33
C ILE BC 4 -51.36 -72.15 105.78
N VAL BC 5 -51.40 -73.27 106.48
CA VAL BC 5 -51.01 -73.34 107.90
C VAL BC 5 -49.63 -73.95 107.99
N LEU BC 6 -48.71 -73.24 108.65
CA LEU BC 6 -47.34 -73.70 108.85
C LEU BC 6 -47.08 -73.84 110.34
N SER BC 7 -46.56 -74.99 110.74
CA SER BC 7 -46.27 -75.29 112.14
C SER BC 7 -44.78 -75.07 112.40
N VAL BC 8 -44.45 -74.13 113.28
CA VAL BC 8 -43.07 -73.85 113.61
C VAL BC 8 -42.59 -74.63 114.82
N GLY BC 9 -43.49 -75.25 115.57
CA GLY BC 9 -43.12 -76.00 116.77
C GLY BC 9 -44.01 -75.69 117.95
N GLU BC 10 -44.24 -74.41 118.21
CA GLU BC 10 -45.10 -73.98 119.29
C GLU BC 10 -46.25 -73.09 118.84
N ALA BC 11 -46.14 -72.45 117.68
CA ALA BC 11 -47.20 -71.60 117.14
C ALA BC 11 -47.47 -71.99 115.70
N THR BC 12 -48.61 -71.53 115.18
CA THR BC 12 -49.04 -71.82 113.82
C THR BC 12 -49.21 -70.51 113.06
N ARG BC 13 -48.53 -70.39 111.93
CA ARG BC 13 -48.62 -69.21 111.08
C ARG BC 13 -49.57 -69.49 109.92
N THR BC 14 -50.27 -68.44 109.49
CA THR BC 14 -51.28 -68.54 108.45
C THR BC 14 -50.90 -67.60 107.29
N LEU BC 15 -50.78 -68.17 106.09
CA LEU BC 15 -50.54 -67.42 104.88
C LEU BC 15 -51.80 -67.39 104.04
N THR BC 16 -52.15 -66.22 103.51
CA THR BC 16 -53.38 -66.03 102.75
C THR BC 16 -53.06 -65.66 101.31
N GLU BC 17 -53.82 -66.24 100.38
CA GLU BC 17 -53.67 -65.90 98.97
C GLU BC 17 -54.14 -64.47 98.73
N ILE BC 18 -53.32 -63.69 98.01
CA ILE BC 18 -53.52 -62.26 97.80
C ILE BC 18 -53.73 -61.92 96.33
N GLN BC 19 -52.89 -62.47 95.45
CA GLN BC 19 -52.88 -62.13 94.03
C GLN BC 19 -53.06 -63.42 93.24
N SER BC 20 -54.30 -63.87 93.12
CA SER BC 20 -54.63 -65.13 92.45
C SER BC 20 -54.51 -64.94 90.94
N THR BC 21 -53.45 -65.48 90.36
CA THR BC 21 -53.24 -65.47 88.92
C THR BC 21 -52.50 -66.73 88.52
N ALA BC 22 -52.72 -67.16 87.28
CA ALA BC 22 -52.15 -68.41 86.80
C ALA BC 22 -50.63 -68.34 86.73
N ASP BC 23 -50.09 -67.34 86.03
CA ASP BC 23 -48.66 -67.23 85.83
C ASP BC 23 -47.91 -66.66 87.03
N ARG BC 24 -48.63 -66.22 88.07
CA ARG BC 24 -47.97 -65.65 89.24
C ARG BC 24 -48.95 -65.75 90.42
N GLN BC 25 -48.61 -66.60 91.39
CA GLN BC 25 -49.40 -66.74 92.61
C GLN BC 25 -48.62 -66.12 93.76
N ILE BC 26 -49.24 -65.16 94.45
CA ILE BC 26 -48.59 -64.41 95.52
C ILE BC 26 -49.32 -64.70 96.82
N PHE BC 27 -48.66 -65.42 97.72
CA PHE BC 27 -49.19 -65.68 99.05
C PHE BC 27 -48.51 -64.76 100.05
N GLU BC 28 -49.30 -64.20 100.98
CA GLU BC 28 -48.79 -63.28 101.97
C GLU BC 28 -49.27 -63.69 103.36
N GLU BC 29 -48.35 -63.65 104.32
CA GLU BC 29 -48.64 -64.05 105.68
C GLU BC 29 -49.36 -62.92 106.42
N LYS BC 30 -50.43 -63.27 107.14
CA LYS BC 30 -51.23 -62.31 107.88
C LYS BC 30 -51.01 -62.53 109.37
N VAL BC 31 -50.26 -61.64 110.00
CA VAL BC 31 -50.01 -61.70 111.44
C VAL BC 31 -50.26 -60.33 112.05
N GLY BC 32 -49.60 -59.31 111.50
CA GLY BC 32 -49.77 -57.96 111.98
C GLY BC 32 -49.53 -56.93 110.88
N PRO BC 33 -48.32 -56.36 110.84
CA PRO BC 33 -47.99 -55.40 109.78
C PRO BC 33 -47.83 -56.13 108.45
N LEU BC 34 -48.63 -55.72 107.46
CA LEU BC 34 -48.59 -56.37 106.16
C LEU BC 34 -47.31 -56.04 105.40
N VAL BC 35 -46.79 -54.82 105.56
CA VAL BC 35 -45.56 -54.44 104.89
C VAL BC 35 -44.39 -55.07 105.62
N GLY BC 36 -43.44 -55.60 104.84
CA GLY BC 36 -42.27 -56.26 105.41
C GLY BC 36 -42.62 -57.53 106.15
N ARG BC 37 -43.30 -58.47 105.47
CA ARG BC 37 -43.68 -59.72 106.09
C ARG BC 37 -43.20 -60.91 105.27
N LEU BC 38 -43.92 -62.03 105.33
CA LEU BC 38 -43.56 -63.23 104.60
C LEU BC 38 -44.37 -63.30 103.32
N ARG BC 39 -43.67 -63.40 102.19
CA ARG BC 39 -44.31 -63.50 100.89
C ARG BC 39 -43.75 -64.69 100.12
N LEU BC 40 -44.60 -65.26 99.27
CA LEU BC 40 -44.24 -66.44 98.48
C LEU BC 40 -44.76 -66.26 97.06
N THR BC 41 -43.87 -66.41 96.08
CA THR BC 41 -44.20 -66.27 94.67
C THR BC 41 -44.06 -67.63 94.00
N ALA BC 42 -45.13 -68.07 93.33
CA ALA BC 42 -45.15 -69.34 92.62
C ALA BC 42 -45.47 -69.11 91.16
N SER BC 43 -44.77 -69.84 90.28
CA SER BC 43 -44.98 -69.71 88.85
C SER BC 43 -44.82 -71.08 88.20
N LEU BC 44 -45.66 -71.35 87.20
CA LEU BC 44 -45.63 -72.59 86.45
C LEU BC 44 -45.76 -72.29 84.97
N ARG BC 45 -44.94 -72.93 84.15
CA ARG BC 45 -44.97 -72.68 82.72
C ARG BC 45 -44.49 -73.92 81.98
N GLN BC 46 -44.29 -73.79 80.67
CA GLN BC 46 -43.77 -74.83 79.81
C GLN BC 46 -42.37 -74.43 79.32
N ASN BC 47 -41.91 -75.08 78.25
CA ASN BC 47 -40.58 -74.80 77.71
C ASN BC 47 -40.50 -75.39 76.31
N GLY BC 48 -39.65 -74.78 75.49
CA GLY BC 48 -39.35 -75.29 74.16
C GLY BC 48 -40.54 -75.60 73.30
N ALA BC 49 -40.69 -76.87 72.92
CA ALA BC 49 -41.80 -77.31 72.09
C ALA BC 49 -42.61 -78.35 72.84
N LYS BC 50 -43.24 -77.93 73.94
CA LYS BC 50 -44.11 -78.76 74.75
C LYS BC 50 -43.41 -80.03 75.22
N THR BC 51 -42.13 -79.89 75.57
CA THR BC 51 -41.34 -81.02 76.06
C THR BC 51 -41.50 -81.17 77.57
N ALA BC 52 -40.82 -80.32 78.33
CA ALA BC 52 -40.88 -80.38 79.79
C ALA BC 52 -41.66 -79.20 80.35
N TYR BC 53 -41.41 -78.88 81.62
CA TYR BC 53 -42.07 -77.77 82.28
C TYR BC 53 -41.06 -77.00 83.12
N ARG BC 54 -41.53 -75.91 83.70
CA ARG BC 54 -40.67 -75.05 84.53
C ARG BC 54 -41.49 -74.51 85.69
N VAL BC 55 -41.03 -74.78 86.91
CA VAL BC 55 -41.69 -74.32 88.13
C VAL BC 55 -40.72 -73.45 88.91
N ASN BC 56 -41.19 -72.30 89.35
CA ASN BC 56 -40.38 -71.36 90.11
C ASN BC 56 -41.08 -71.06 91.43
N LEU BC 57 -40.32 -71.15 92.53
CA LEU BC 57 -40.84 -70.90 93.87
C LEU BC 57 -39.86 -70.02 94.62
N LYS BC 58 -40.29 -68.82 94.98
CA LYS BC 58 -39.47 -67.87 95.72
C LYS BC 58 -40.14 -67.52 97.04
N LEU BC 59 -39.33 -67.36 98.08
CA LEU BC 59 -39.83 -67.03 99.41
C LEU BC 59 -39.02 -65.87 99.96
N ASP BC 60 -39.69 -64.76 100.26
CA ASP BC 60 -39.04 -63.56 100.75
C ASP BC 60 -39.60 -63.18 102.11
N GLN BC 61 -38.74 -62.58 102.93
CA GLN BC 61 -39.14 -62.12 104.26
C GLN BC 61 -38.18 -61.02 104.69
N ALA BC 62 -38.67 -59.80 104.80
CA ALA BC 62 -37.87 -58.65 105.19
C ALA BC 62 -38.20 -58.24 106.62
N ASP BC 63 -37.17 -58.10 107.45
CA ASP BC 63 -37.36 -57.70 108.83
C ASP BC 63 -37.67 -56.20 108.91
N VAL BC 64 -38.42 -55.83 109.95
CA VAL BC 64 -38.82 -54.45 110.16
C VAL BC 64 -38.35 -54.01 111.54
N VAL BC 65 -38.20 -52.70 111.69
CA VAL BC 65 -37.79 -52.09 112.96
C VAL BC 65 -38.66 -50.87 113.22
N ASP BC 66 -38.82 -50.54 114.50
CA ASP BC 66 -39.66 -49.43 114.92
C ASP BC 66 -39.10 -48.81 116.19
N CYS BC 67 -39.21 -47.48 116.29
CA CYS BC 67 -38.71 -46.75 117.44
C CYS BC 67 -39.80 -46.00 118.20
N SER BC 68 -41.09 -46.26 117.91
CA SER BC 68 -42.16 -45.55 118.59
C SER BC 68 -42.27 -45.95 120.06
N THR BC 69 -41.61 -47.02 120.48
CA THR BC 69 -41.67 -47.43 121.87
C THR BC 69 -40.87 -46.49 122.77
N SER BC 70 -39.77 -45.94 122.26
CA SER BC 70 -38.92 -45.05 123.05
C SER BC 70 -38.80 -43.68 122.37
N VAL BC 71 -38.35 -43.68 121.12
CA VAL BC 71 -38.19 -42.44 120.37
C VAL BC 71 -39.56 -41.89 120.02
N CYS BC 72 -39.71 -40.57 120.05
CA CYS BC 72 -41.01 -39.97 119.77
C CYS BC 72 -41.16 -39.63 118.30
N GLY BC 73 -40.87 -40.59 117.41
CA GLY BC 73 -41.31 -40.49 116.05
C GLY BC 73 -40.45 -41.25 115.06
N GLU BC 74 -40.92 -42.43 114.65
CA GLU BC 74 -40.20 -43.24 113.66
C GLU BC 74 -41.17 -44.28 113.12
N LEU BC 75 -41.46 -44.22 111.82
CA LEU BC 75 -42.35 -45.19 111.20
C LEU BC 75 -41.65 -46.54 111.07
N PRO BC 76 -42.41 -47.64 111.02
CA PRO BC 76 -41.79 -48.96 110.80
C PRO BC 76 -41.02 -48.99 109.50
N LYS BC 77 -39.72 -49.25 109.61
CA LYS BC 77 -38.81 -49.23 108.47
C LYS BC 77 -38.21 -50.60 108.25
N VAL BC 78 -38.16 -51.03 106.99
CA VAL BC 78 -37.56 -52.32 106.67
C VAL BC 78 -36.05 -52.24 106.77
N ARG BC 79 -35.43 -53.39 107.07
CA ARG BC 79 -33.98 -53.45 107.23
C ARG BC 79 -33.40 -54.19 106.05
N TYR BC 80 -33.17 -55.50 106.14
CA TYR BC 80 -32.59 -56.28 105.06
C TYR BC 80 -33.67 -57.08 104.35
N THR BC 81 -33.29 -57.67 103.22
CA THR BC 81 -34.20 -58.48 102.41
C THR BC 81 -33.51 -59.79 102.06
N GLN BC 82 -34.24 -60.89 102.19
CA GLN BC 82 -33.73 -62.22 101.89
C GLN BC 82 -34.52 -62.81 100.73
N VAL BC 83 -33.80 -63.40 99.78
CA VAL BC 83 -34.39 -64.00 98.58
C VAL BC 83 -33.96 -65.46 98.50
N TRP BC 84 -34.93 -66.35 98.42
CA TRP BC 84 -34.69 -67.79 98.31
C TRP BC 84 -35.57 -68.33 97.18
N SER BC 85 -35.05 -68.33 95.97
CA SER BC 85 -35.76 -68.80 94.79
C SER BC 85 -35.47 -70.27 94.53
N HIS BC 86 -36.27 -70.87 93.65
CA HIS BC 86 -36.12 -72.26 93.27
C HIS BC 86 -36.27 -72.40 91.76
N ASP BC 87 -36.04 -73.61 91.27
CA ASP BC 87 -36.16 -73.90 89.84
C ASP BC 87 -36.38 -75.39 89.68
N VAL BC 88 -37.56 -75.78 89.18
CA VAL BC 88 -37.92 -77.17 88.99
C VAL BC 88 -38.08 -77.41 87.49
N THR BC 89 -37.25 -78.29 86.94
CA THR BC 89 -37.29 -78.66 85.52
C THR BC 89 -37.50 -80.17 85.43
N ILE BC 90 -38.75 -80.59 85.54
CA ILE BC 90 -39.12 -82.00 85.49
C ILE BC 90 -39.95 -82.24 84.24
N VAL BC 91 -39.53 -83.22 83.43
CA VAL BC 91 -40.26 -83.53 82.21
C VAL BC 91 -41.54 -84.28 82.56
N ALA BC 92 -42.52 -84.21 81.65
CA ALA BC 92 -43.81 -84.86 81.88
C ALA BC 92 -43.66 -86.37 81.85
N ASN BC 93 -43.17 -86.91 80.73
CA ASN BC 93 -42.99 -88.36 80.58
C ASN BC 93 -41.77 -88.79 81.39
N SER BC 94 -41.98 -88.96 82.69
CA SER BC 94 -40.90 -89.37 83.59
C SER BC 94 -41.29 -90.67 84.32
N THR BC 95 -41.05 -90.72 85.62
CA THR BC 95 -41.37 -91.90 86.42
C THR BC 95 -41.86 -91.44 87.79
N GLU BC 96 -43.02 -91.97 88.20
CA GLU BC 96 -43.57 -91.60 89.50
C GLU BC 96 -42.69 -92.07 90.64
N ALA BC 97 -42.14 -93.29 90.53
CA ALA BC 97 -41.27 -93.81 91.58
C ALA BC 97 -39.98 -92.98 91.65
N SER BC 98 -39.42 -92.61 90.50
CA SER BC 98 -38.22 -91.78 90.51
C SER BC 98 -38.49 -90.40 91.09
N ARG BC 99 -39.65 -89.82 90.76
CA ARG BC 99 -39.99 -88.52 91.33
C ARG BC 99 -40.18 -88.60 92.84
N LYS BC 100 -40.83 -89.68 93.32
CA LYS BC 100 -41.00 -89.86 94.76
C LYS BC 100 -39.67 -90.04 95.46
N SER BC 101 -38.76 -90.82 94.86
CA SER BC 101 -37.43 -91.01 95.46
C SER BC 101 -36.66 -89.69 95.49
N LEU BC 102 -36.76 -88.90 94.42
CA LEU BC 102 -36.08 -87.61 94.40
C LEU BC 102 -36.64 -86.66 95.46
N TYR BC 103 -37.97 -86.66 95.61
CA TYR BC 103 -38.58 -85.82 96.64
C TYR BC 103 -38.16 -86.26 98.03
N ASP BC 104 -38.09 -87.58 98.26
CA ASP BC 104 -37.65 -88.07 99.56
C ASP BC 104 -36.20 -87.70 99.83
N LEU BC 105 -35.34 -87.79 98.81
CA LEU BC 105 -33.95 -87.41 98.98
C LEU BC 105 -33.82 -85.91 99.28
N THR BC 106 -34.61 -85.09 98.59
CA THR BC 106 -34.58 -83.66 98.86
C THR BC 106 -35.07 -83.35 100.26
N LYS BC 107 -36.13 -84.03 100.71
CA LYS BC 107 -36.62 -83.83 102.06
C LYS BC 107 -35.59 -84.24 103.10
N SER BC 108 -34.89 -85.35 102.86
CA SER BC 108 -33.85 -85.79 103.79
C SER BC 108 -32.69 -84.80 103.82
N LEU BC 109 -32.27 -84.30 102.66
CA LEU BC 109 -31.19 -83.33 102.61
C LEU BC 109 -31.59 -82.02 103.29
N VAL BC 110 -32.87 -81.65 103.22
CA VAL BC 110 -33.32 -80.43 103.88
C VAL BC 110 -33.37 -80.63 105.39
N ALA BC 111 -33.88 -81.79 105.84
CA ALA BC 111 -34.03 -82.06 107.26
C ALA BC 111 -32.73 -82.48 107.94
N THR BC 112 -31.67 -82.75 107.17
CA THR BC 112 -30.41 -83.13 107.78
C THR BC 112 -29.80 -81.95 108.55
N SER BC 113 -28.83 -82.27 109.41
CA SER BC 113 -28.18 -81.29 110.26
C SER BC 113 -27.04 -80.55 109.57
N GLN BC 114 -26.60 -81.03 108.41
CA GLN BC 114 -25.51 -80.39 107.69
C GLN BC 114 -25.92 -79.08 107.05
N VAL BC 115 -27.09 -79.04 106.41
CA VAL BC 115 -27.57 -77.80 105.81
C VAL BC 115 -27.88 -76.76 106.89
N GLU BC 116 -28.39 -77.20 108.04
CA GLU BC 116 -28.65 -76.28 109.13
C GLU BC 116 -27.36 -75.62 109.62
N ASP BC 117 -26.28 -76.41 109.75
CA ASP BC 117 -25.00 -75.84 110.15
C ASP BC 117 -24.44 -74.93 109.07
N LEU BC 118 -24.59 -75.32 107.80
CA LEU BC 118 -24.15 -74.46 106.70
C LEU BC 118 -24.89 -73.13 106.70
N VAL BC 119 -26.17 -73.13 107.09
CA VAL BC 119 -26.94 -71.89 107.12
C VAL BC 119 -26.57 -71.05 108.32
N VAL BC 120 -26.45 -71.66 109.50
CA VAL BC 120 -26.20 -70.93 110.73
C VAL BC 120 -24.74 -70.50 110.81
N ASN BC 121 -23.84 -71.47 110.99
CA ASN BC 121 -22.43 -71.17 111.22
C ASN BC 121 -21.67 -70.81 109.95
N LEU BC 122 -22.33 -70.82 108.79
CA LEU BC 122 -21.71 -70.47 107.51
C LEU BC 122 -20.52 -71.36 107.20
N VAL BC 123 -20.54 -72.60 107.70
CA VAL BC 123 -19.47 -73.56 107.46
C VAL BC 123 -19.81 -74.36 106.21
N PRO BC 124 -18.87 -74.53 105.27
CA PRO BC 124 -19.18 -75.27 104.04
C PRO BC 124 -19.63 -76.69 104.34
N LEU BC 125 -20.56 -77.19 103.54
CA LEU BC 125 -21.13 -78.51 103.73
C LEU BC 125 -20.07 -79.57 103.48
N GLY BC 126 -19.77 -80.38 104.49
CA GLY BC 126 -18.78 -81.43 104.36
C GLY BC 126 -18.51 -82.16 105.65
N ARG BC 127 -19.45 -82.99 106.09
CA ARG BC 127 -19.30 -83.74 107.32
C ARG BC 127 -19.16 -85.24 107.04
N SER CC 1 -16.16 -82.03 112.61
CA SER CC 1 -15.27 -80.89 112.49
C SER CC 1 -14.08 -81.00 113.44
N LYS CC 2 -13.58 -79.85 113.87
CA LYS CC 2 -12.39 -79.79 114.72
C LYS CC 2 -12.56 -78.66 115.71
N THR CC 3 -12.53 -78.98 117.00
CA THR CC 3 -12.73 -78.00 118.06
C THR CC 3 -11.43 -77.76 118.81
N ILE CC 4 -11.17 -76.51 119.16
CA ILE CC 4 -9.98 -76.11 119.91
C ILE CC 4 -10.45 -75.33 121.13
N VAL CC 5 -10.04 -75.78 122.31
CA VAL CC 5 -10.43 -75.15 123.57
C VAL CC 5 -9.25 -74.33 124.09
N LEU CC 6 -9.48 -73.05 124.34
CA LEU CC 6 -8.47 -72.14 124.87
C LEU CC 6 -8.91 -71.62 126.22
N SER CC 7 -8.02 -71.72 127.21
CA SER CC 7 -8.31 -71.30 128.57
C SER CC 7 -7.68 -69.92 128.79
N VAL CC 8 -8.54 -68.93 129.09
CA VAL CC 8 -8.06 -67.58 129.34
C VAL CC 8 -7.82 -67.31 130.82
N GLY CC 9 -8.28 -68.18 131.71
CA GLY CC 9 -8.10 -67.97 133.13
C GLY CC 9 -9.38 -68.24 133.91
N GLU CC 10 -10.49 -67.66 133.45
CA GLU CC 10 -11.79 -67.86 134.08
C GLU CC 10 -12.84 -68.43 133.15
N ALA CC 11 -12.67 -68.30 131.83
CA ALA CC 11 -13.61 -68.82 130.85
C ALA CC 11 -12.84 -69.61 129.80
N THR CC 12 -13.58 -70.42 129.03
CA THR CC 12 -13.01 -71.26 127.99
C THR CC 12 -13.64 -70.88 126.66
N ARG CC 13 -12.79 -70.56 125.68
CA ARG CC 13 -13.23 -70.22 124.34
C ARG CC 13 -13.08 -71.42 123.41
N THR CC 14 -13.99 -71.53 122.45
CA THR CC 14 -14.04 -72.65 121.53
C THR CC 14 -13.91 -72.15 120.11
N LEU CC 15 -12.91 -72.65 119.39
CA LEU CC 15 -12.71 -72.36 117.98
C LEU CC 15 -13.08 -73.58 117.15
N THR CC 16 -13.82 -73.35 116.06
CA THR CC 16 -14.32 -74.43 115.22
C THR CC 16 -13.71 -74.35 113.83
N GLU CC 17 -13.34 -75.50 113.28
CA GLU CC 17 -12.84 -75.56 111.91
C GLU CC 17 -13.95 -75.22 110.93
N ILE CC 18 -13.66 -74.29 110.03
CA ILE CC 18 -14.60 -73.78 109.05
C ILE CC 18 -14.25 -74.27 107.65
N GLN CC 19 -13.05 -73.96 107.20
CA GLN CC 19 -12.61 -74.14 105.81
C GLN CC 19 -11.49 -75.17 105.79
N SER CC 20 -11.87 -76.45 105.83
CA SER CC 20 -10.91 -77.55 105.89
C SER CC 20 -10.27 -77.74 104.52
N THR CC 21 -9.02 -77.30 104.38
CA THR CC 21 -8.25 -77.49 103.16
C THR CC 21 -6.78 -77.68 103.54
N ALA CC 22 -6.05 -78.40 102.68
CA ALA CC 22 -4.66 -78.72 102.98
C ALA CC 22 -3.79 -77.47 103.00
N ASP CC 23 -3.83 -76.68 101.93
CA ASP CC 23 -2.96 -75.51 101.80
C ASP CC 23 -3.46 -74.30 102.59
N ARG CC 24 -4.65 -74.39 103.20
CA ARG CC 24 -5.18 -73.26 103.95
C ARG CC 24 -6.23 -73.80 104.92
N GLN CC 25 -5.92 -73.75 106.21
CA GLN CC 25 -6.85 -74.16 107.26
C GLN CC 25 -7.33 -72.91 107.99
N ILE CC 26 -8.65 -72.72 108.03
CA ILE CC 26 -9.26 -71.52 108.60
C ILE CC 26 -10.09 -71.95 109.80
N PHE CC 27 -9.65 -71.56 110.99
CA PHE CC 27 -10.40 -71.80 112.21
C PHE CC 27 -11.08 -70.51 112.65
N GLU CC 28 -12.33 -70.63 113.09
CA GLU CC 28 -13.14 -69.47 113.49
C GLU CC 28 -13.76 -69.72 114.86
N GLU CC 29 -13.68 -68.71 115.73
CA GLU CC 29 -14.22 -68.81 117.07
C GLU CC 29 -15.73 -68.61 117.05
N LYS CC 30 -16.45 -69.48 117.75
CA LYS CC 30 -17.91 -69.43 117.83
C LYS CC 30 -18.31 -69.00 119.23
N VAL CC 31 -18.77 -67.75 119.36
CA VAL CC 31 -19.23 -67.23 120.64
C VAL CC 31 -20.58 -66.54 120.43
N GLY CC 32 -20.62 -65.61 119.49
CA GLY CC 32 -21.84 -64.89 119.18
C GLY CC 32 -21.88 -64.43 117.74
N PRO CC 33 -21.54 -63.16 117.50
CA PRO CC 33 -21.49 -62.65 116.13
C PRO CC 33 -20.31 -63.24 115.38
N LEU CC 34 -20.60 -63.92 114.27
CA LEU CC 34 -19.53 -64.56 113.49
C LEU CC 34 -18.66 -63.53 112.78
N VAL CC 35 -19.25 -62.43 112.32
CA VAL CC 35 -18.47 -61.39 111.66
C VAL CC 35 -17.69 -60.61 112.69
N GLY CC 36 -16.42 -60.32 112.37
CA GLY CC 36 -15.56 -59.59 113.29
C GLY CC 36 -15.26 -60.36 114.56
N ARG CC 37 -14.72 -61.58 114.41
CA ARG CC 37 -14.39 -62.41 115.56
C ARG CC 37 -12.94 -62.85 115.51
N LEU CC 38 -12.64 -64.02 116.08
CA LEU CC 38 -11.30 -64.56 116.12
C LEU CC 38 -11.13 -65.57 115.00
N ARG CC 39 -10.13 -65.34 114.15
CA ARG CC 39 -9.85 -66.23 113.03
C ARG CC 39 -8.37 -66.61 113.04
N LEU CC 40 -8.09 -67.81 112.55
CA LEU CC 40 -6.73 -68.35 112.51
C LEU CC 40 -6.50 -69.03 111.17
N THR CC 41 -5.43 -68.65 110.49
CA THR CC 41 -5.07 -69.19 109.18
C THR CC 41 -3.76 -69.97 109.33
N ALA CC 42 -3.79 -71.23 108.91
CA ALA CC 42 -2.63 -72.11 108.97
C ALA CC 42 -2.30 -72.61 107.57
N SER CC 43 -1.00 -72.65 107.26
CA SER CC 43 -0.54 -73.12 105.95
C SER CC 43 0.76 -73.88 106.13
N LEU CC 44 0.91 -74.95 105.35
CA LEU CC 44 2.11 -75.79 105.35
C LEU CC 44 2.50 -76.10 103.92
N ARG CC 45 3.79 -75.98 103.63
CA ARG CC 45 4.27 -76.23 102.27
C ARG CC 45 5.72 -76.69 102.33
N GLN CC 46 6.34 -76.78 101.16
CA GLN CC 46 7.75 -77.14 101.00
C GLN CC 46 8.52 -75.92 100.48
N ASN CC 47 9.71 -76.16 99.96
CA ASN CC 47 10.55 -75.09 99.46
C ASN CC 47 11.64 -75.68 98.57
N GLY CC 48 12.10 -74.87 97.62
CA GLY CC 48 13.24 -75.22 96.78
C GLY CC 48 13.14 -76.58 96.11
N ALA CC 49 14.07 -77.47 96.44
CA ALA CC 49 14.11 -78.81 95.87
C ALA CC 49 13.97 -79.85 96.99
N LYS CC 50 12.82 -79.84 97.65
CA LYS CC 50 12.49 -80.79 98.71
C LYS CC 50 13.54 -80.78 99.82
N THR CC 51 14.04 -79.59 100.14
CA THR CC 51 15.02 -79.43 101.21
C THR CC 51 14.34 -79.26 102.57
N ALA CC 52 13.81 -78.06 102.82
CA ALA CC 52 13.16 -77.78 104.09
C ALA CC 52 11.65 -77.64 103.90
N TYR CC 53 10.99 -76.95 104.83
CA TYR CC 53 9.55 -76.73 104.76
C TYR CC 53 9.25 -75.29 105.15
N ARG CC 54 7.98 -74.92 105.06
CA ARG CC 54 7.52 -73.58 105.39
C ARG CC 54 6.16 -73.66 106.03
N VAL CC 55 6.04 -73.12 107.24
CA VAL CC 55 4.79 -73.11 107.98
C VAL CC 55 4.43 -71.66 108.28
N ASN CC 56 3.16 -71.32 108.01
CA ASN CC 56 2.66 -69.97 108.25
C ASN CC 56 1.45 -70.03 109.16
N LEU CC 57 1.45 -69.21 110.20
CA LEU CC 57 0.36 -69.16 111.17
C LEU CC 57 0.00 -67.70 111.42
N LYS CC 58 -1.23 -67.32 111.09
CA LYS CC 58 -1.71 -65.95 111.28
C LYS CC 58 -2.94 -65.98 112.16
N LEU CC 59 -3.06 -64.98 113.04
CA LEU CC 59 -4.19 -64.88 113.96
C LEU CC 59 -4.74 -63.46 113.89
N ASP CC 60 -6.00 -63.34 113.52
CA ASP CC 60 -6.66 -62.05 113.36
C ASP CC 60 -7.86 -61.96 114.28
N GLN CC 61 -8.14 -60.74 114.74
CA GLN CC 61 -9.29 -60.47 115.60
C GLN CC 61 -9.66 -59.01 115.47
N ALA CC 62 -10.83 -58.73 114.90
CA ALA CC 62 -11.30 -57.37 114.69
C ALA CC 62 -12.42 -57.06 115.67
N ASP CC 63 -12.29 -55.95 116.38
CA ASP CC 63 -13.31 -55.53 117.34
C ASP CC 63 -14.52 -54.97 116.61
N VAL CC 64 -15.69 -55.11 117.25
CA VAL CC 64 -16.94 -54.65 116.68
C VAL CC 64 -17.60 -53.67 117.67
N VAL CC 65 -18.46 -52.82 117.12
CA VAL CC 65 -19.20 -51.85 117.92
C VAL CC 65 -20.65 -51.83 117.44
N ASP CC 66 -21.55 -51.46 118.34
CA ASP CC 66 -22.97 -51.44 118.06
C ASP CC 66 -23.64 -50.33 118.86
N CYS CC 67 -24.64 -49.69 118.26
CA CYS CC 67 -25.37 -48.61 118.90
C CYS CC 67 -26.85 -48.90 119.07
N SER CC 68 -27.30 -50.15 118.85
CA SER CC 68 -28.71 -50.46 118.98
C SER CC 68 -29.20 -50.40 120.43
N THR CC 69 -28.28 -50.33 121.40
CA THR CC 69 -28.69 -50.25 122.79
C THR CC 69 -29.25 -48.88 123.13
N SER CC 70 -28.75 -47.83 122.50
CA SER CC 70 -29.22 -46.47 122.77
C SER CC 70 -29.74 -45.81 121.50
N VAL CC 71 -28.91 -45.76 120.46
CA VAL CC 71 -29.29 -45.15 119.19
C VAL CC 71 -30.30 -46.06 118.51
N CYS CC 72 -31.30 -45.47 117.85
CA CYS CC 72 -32.29 -46.34 117.23
C CYS CC 72 -31.96 -46.60 115.76
N GLY CC 73 -30.74 -47.06 115.51
CA GLY CC 73 -30.43 -47.72 114.26
C GLY CC 73 -28.96 -47.68 113.87
N GLU CC 74 -28.26 -48.79 114.10
CA GLU CC 74 -26.84 -48.89 113.73
C GLU CC 74 -26.47 -50.37 113.73
N LEU CC 75 -26.09 -50.88 112.58
CA LEU CC 75 -25.67 -52.28 112.48
C LEU CC 75 -24.30 -52.47 113.12
N PRO CC 76 -23.99 -53.68 113.58
CA PRO CC 76 -22.65 -53.95 114.14
C PRO CC 76 -21.56 -53.66 113.10
N LYS CC 77 -20.68 -52.72 113.44
CA LYS CC 77 -19.64 -52.27 112.53
C LYS CC 77 -18.27 -52.57 113.11
N VAL CC 78 -17.38 -53.08 112.26
CA VAL CC 78 -16.01 -53.37 112.69
C VAL CC 78 -15.24 -52.07 112.87
N ARG CC 79 -14.24 -52.11 113.76
CA ARG CC 79 -13.44 -50.94 114.04
C ARG CC 79 -12.04 -51.17 113.46
N TYR CC 80 -11.09 -51.65 114.24
CA TYR CC 80 -9.73 -51.88 113.77
C TYR CC 80 -9.50 -53.36 113.49
N THR CC 81 -8.37 -53.65 112.87
CA THR CC 81 -7.99 -55.01 112.52
C THR CC 81 -6.54 -55.24 112.96
N GLN CC 82 -6.29 -56.40 113.59
CA GLN CC 82 -4.97 -56.77 114.06
C GLN CC 82 -4.50 -58.01 113.32
N VAL CC 83 -3.24 -57.98 112.87
CA VAL CC 83 -2.64 -59.08 112.11
C VAL CC 83 -1.38 -59.53 112.83
N TRP CC 84 -1.31 -60.82 113.15
CA TRP CC 84 -0.15 -61.42 113.82
C TRP CC 84 0.20 -62.70 113.07
N SER CC 85 1.06 -62.58 112.08
CA SER CC 85 1.50 -63.70 111.26
C SER CC 85 2.78 -64.31 111.83
N HIS CC 86 3.11 -65.50 111.32
CA HIS CC 86 4.31 -66.22 111.74
C HIS CC 86 5.01 -66.79 110.51
N ASP CC 87 6.18 -67.37 110.74
CA ASP CC 87 6.95 -67.98 109.66
C ASP CC 87 7.90 -69.01 110.29
N VAL CC 88 7.69 -70.27 109.97
CA VAL CC 88 8.51 -71.37 110.49
C VAL CC 88 9.25 -72.00 109.33
N THR CC 89 10.58 -71.95 109.39
CA THR CC 89 11.46 -72.52 108.36
C THR CC 89 12.39 -73.52 109.06
N ILE CC 90 11.89 -74.73 109.27
CA ILE CC 90 12.64 -75.80 109.93
C ILE CC 90 12.88 -76.91 108.91
N VAL CC 91 14.15 -77.29 108.77
CA VAL CC 91 14.50 -78.36 107.83
C VAL CC 91 14.09 -79.71 108.41
N ALA CC 92 13.89 -80.68 107.52
CA ALA CC 92 13.46 -82.01 107.96
C ALA CC 92 14.57 -82.72 108.73
N ASN CC 93 15.73 -82.88 108.11
CA ASN CC 93 16.88 -83.55 108.74
C ASN CC 93 17.51 -82.59 109.75
N SER CC 94 16.89 -82.52 110.92
CA SER CC 94 17.38 -81.66 111.99
C SER CC 94 17.69 -82.47 113.24
N THR CC 95 17.26 -81.99 114.41
CA THR CC 95 17.49 -82.66 115.67
C THR CC 95 16.28 -82.48 116.56
N GLU CC 96 15.76 -83.59 117.10
CA GLU CC 96 14.59 -83.51 117.97
C GLU CC 96 14.90 -82.76 119.25
N ALA CC 97 16.08 -83.01 119.84
CA ALA CC 97 16.45 -82.30 121.06
C ALA CC 97 16.62 -80.82 120.80
N SER CC 98 17.23 -80.45 119.67
CA SER CC 98 17.38 -79.04 119.34
C SER CC 98 16.03 -78.38 119.10
N ARG CC 99 15.11 -79.07 118.43
CA ARG CC 99 13.78 -78.52 118.21
C ARG CC 99 13.03 -78.35 119.53
N LYS CC 100 13.16 -79.31 120.44
CA LYS CC 100 12.50 -79.19 121.73
C LYS CC 100 13.09 -78.03 122.54
N SER CC 101 14.42 -77.87 122.51
CA SER CC 101 15.04 -76.75 123.20
C SER CC 101 14.60 -75.42 122.62
N LEU CC 102 14.51 -75.34 121.29
CA LEU CC 102 14.06 -74.10 120.66
C LEU CC 102 12.61 -73.79 121.02
N TYR CC 103 11.76 -74.82 121.05
CA TYR CC 103 10.36 -74.61 121.44
C TYR CC 103 10.25 -74.16 122.89
N ASP CC 104 11.07 -74.74 123.77
CA ASP CC 104 11.07 -74.33 125.17
C ASP CC 104 11.54 -72.89 125.32
N LEU CC 105 12.58 -72.51 124.57
CA LEU CC 105 13.06 -71.13 124.62
C LEU CC 105 12.00 -70.16 124.11
N THR CC 106 11.30 -70.52 123.03
CA THR CC 106 10.24 -69.67 122.52
C THR CC 106 9.10 -69.54 123.52
N LYS CC 107 8.73 -70.65 124.17
CA LYS CC 107 7.68 -70.60 125.18
C LYS CC 107 8.09 -69.72 126.36
N SER CC 108 9.35 -69.81 126.78
CA SER CC 108 9.82 -68.98 127.89
C SER CC 108 9.83 -67.51 127.50
N LEU CC 109 10.28 -67.19 126.27
CA LEU CC 109 10.28 -65.81 125.82
C LEU CC 109 8.85 -65.26 125.67
N VAL CC 110 7.89 -66.12 125.33
CA VAL CC 110 6.51 -65.67 125.23
C VAL CC 110 5.92 -65.44 126.62
N ALA CC 111 6.19 -66.35 127.55
CA ALA CC 111 5.63 -66.26 128.90
C ALA CC 111 6.36 -65.27 129.78
N THR CC 112 7.51 -64.75 129.36
CA THR CC 112 8.22 -63.77 130.17
C THR CC 112 7.44 -62.46 130.27
N SER CC 113 7.82 -61.64 131.24
CA SER CC 113 7.14 -60.37 131.50
C SER CC 113 7.65 -59.23 130.62
N GLN CC 114 8.76 -59.43 129.92
CA GLN CC 114 9.31 -58.38 129.06
C GLN CC 114 8.48 -58.18 127.81
N VAL CC 115 8.06 -59.26 127.15
CA VAL CC 115 7.23 -59.12 125.96
C VAL CC 115 5.86 -58.57 126.32
N GLU CC 116 5.33 -58.92 127.49
CA GLU CC 116 4.06 -58.35 127.92
C GLU CC 116 4.15 -56.84 128.09
N ASP CC 117 5.24 -56.37 128.70
CA ASP CC 117 5.44 -54.92 128.85
C ASP CC 117 5.65 -54.26 127.50
N LEU CC 118 6.40 -54.91 126.59
CA LEU CC 118 6.59 -54.37 125.25
C LEU CC 118 5.27 -54.25 124.50
N VAL CC 119 4.35 -55.18 124.74
CA VAL CC 119 3.06 -55.15 124.06
C VAL CC 119 2.16 -54.08 124.67
N VAL CC 120 2.09 -54.03 126.00
CA VAL CC 120 1.18 -53.13 126.70
C VAL CC 120 1.71 -51.69 126.66
N ASN CC 121 2.80 -51.45 127.38
CA ASN CC 121 3.33 -50.09 127.54
C ASN CC 121 4.11 -49.60 126.33
N LEU CC 122 4.26 -50.42 125.28
CA LEU CC 122 4.99 -50.06 124.07
C LEU CC 122 6.42 -49.66 124.37
N VAL CC 123 7.01 -50.21 125.42
CA VAL CC 123 8.38 -49.92 125.80
C VAL CC 123 9.30 -50.94 125.12
N PRO CC 124 10.39 -50.50 124.48
CA PRO CC 124 11.26 -51.45 123.80
C PRO CC 124 11.81 -52.50 124.77
N LEU CC 125 11.97 -53.71 124.25
CA LEU CC 125 12.43 -54.84 125.07
C LEU CC 125 13.88 -54.61 125.48
N GLY CC 126 14.13 -54.56 126.79
CA GLY CC 126 15.47 -54.35 127.30
C GLY CC 126 15.51 -54.19 128.80
N ARG CC 127 15.31 -55.29 129.52
CA ARG CC 127 15.33 -55.27 130.98
C ARG CC 127 16.55 -56.02 131.52
N SER DC 1 -11.40 -88.06 101.60
CA SER DC 1 -12.48 -87.40 100.88
C SER DC 1 -13.60 -86.96 101.82
N LYS DC 2 -14.83 -86.95 101.30
CA LYS DC 2 -15.98 -86.49 102.06
C LYS DC 2 -17.18 -87.33 101.67
N THR DC 3 -17.78 -88.01 102.65
CA THR DC 3 -18.90 -88.90 102.42
C THR DC 3 -20.17 -88.31 103.02
N ILE DC 4 -21.28 -88.45 102.29
CA ILE DC 4 -22.58 -87.97 102.72
C ILE DC 4 -23.56 -89.14 102.66
N VAL DC 5 -24.20 -89.44 103.78
CA VAL DC 5 -25.14 -90.55 103.89
C VAL DC 5 -26.56 -89.99 103.87
N LEU DC 6 -27.37 -90.50 102.93
CA LEU DC 6 -28.76 -90.09 102.78
C LEU DC 6 -29.67 -91.28 103.02
N SER DC 7 -30.65 -91.12 103.89
CA SER DC 7 -31.59 -92.18 104.23
C SER DC 7 -32.88 -91.98 103.45
N VAL DC 8 -33.22 -92.96 102.60
CA VAL DC 8 -34.44 -92.89 101.80
C VAL DC 8 -35.63 -93.57 102.49
N GLY DC 9 -35.39 -94.35 103.54
CA GLY DC 9 -36.45 -95.05 104.22
C GLY DC 9 -36.10 -96.50 104.51
N GLU DC 10 -35.60 -97.20 103.50
CA GLU DC 10 -35.18 -98.58 103.65
C GLU DC 10 -33.72 -98.84 103.28
N ALA DC 11 -33.11 -97.96 102.49
CA ALA DC 11 -31.71 -98.09 102.10
C ALA DC 11 -31.00 -96.77 102.34
N THR DC 12 -29.67 -96.83 102.34
CA THR DC 12 -28.82 -95.66 102.58
C THR DC 12 -27.93 -95.45 101.37
N ARG DC 13 -27.98 -94.24 100.81
CA ARG DC 13 -27.15 -93.88 99.67
C ARG DC 13 -25.95 -93.06 100.14
N THR DC 14 -24.82 -93.24 99.44
CA THR DC 14 -23.57 -92.61 99.80
C THR DC 14 -23.09 -91.75 98.64
N LEU DC 15 -22.87 -90.46 98.92
CA LEU DC 15 -22.30 -89.52 97.95
C LEU DC 15 -20.87 -89.19 98.35
N THR DC 16 -19.97 -89.20 97.37
CA THR DC 16 -18.55 -88.99 97.60
C THR DC 16 -18.09 -87.71 96.92
N GLU DC 17 -17.24 -86.96 97.63
CA GLU DC 17 -16.65 -85.76 97.06
C GLU DC 17 -15.68 -86.13 95.94
N ILE DC 18 -15.82 -85.47 94.78
CA ILE DC 18 -15.05 -85.78 93.59
C ILE DC 18 -14.13 -84.63 93.20
N GLN DC 19 -14.68 -83.41 93.12
CA GLN DC 19 -13.97 -82.24 92.60
C GLN DC 19 -13.90 -81.19 93.72
N SER DC 20 -12.96 -81.36 94.63
CA SER DC 20 -12.83 -80.49 95.79
C SER DC 20 -12.21 -79.16 95.35
N THR DC 21 -13.05 -78.13 95.29
CA THR DC 21 -12.60 -76.78 94.97
C THR DC 21 -13.47 -75.78 95.73
N ALA DC 22 -12.90 -74.61 96.01
CA ALA DC 22 -13.60 -73.62 96.82
C ALA DC 22 -14.83 -73.08 96.09
N ASP DC 23 -14.64 -72.58 94.87
CA ASP DC 23 -15.73 -71.96 94.13
C ASP DC 23 -16.67 -72.97 93.48
N ARG DC 24 -16.38 -74.26 93.56
CA ARG DC 24 -17.24 -75.27 92.94
C ARG DC 24 -16.95 -76.61 93.61
N GLN DC 25 -17.91 -77.10 94.38
CA GLN DC 25 -17.82 -78.41 95.02
C GLN DC 25 -18.77 -79.38 94.31
N ILE DC 26 -18.22 -80.48 93.81
CA ILE DC 26 -18.97 -81.46 93.03
C ILE DC 26 -19.00 -82.76 93.80
N PHE DC 27 -20.17 -83.14 94.29
CA PHE DC 27 -20.38 -84.41 94.95
C PHE DC 27 -21.08 -85.38 93.99
N GLU DC 28 -20.61 -86.63 93.97
CA GLU DC 28 -21.16 -87.64 93.08
C GLU DC 28 -21.49 -88.90 93.86
N GLU DC 29 -22.67 -89.46 93.58
CA GLU DC 29 -23.13 -90.66 94.26
C GLU DC 29 -22.46 -91.90 93.67
N LYS DC 30 -21.98 -92.78 94.54
CA LYS DC 30 -21.31 -94.01 94.14
C LYS DC 30 -22.20 -95.19 94.48
N VAL DC 31 -22.79 -95.79 93.45
CA VAL DC 31 -23.65 -96.97 93.62
C VAL DC 31 -23.23 -98.02 92.59
N GLY DC 32 -23.21 -97.63 91.32
CA GLY DC 32 -22.83 -98.52 90.25
C GLY DC 32 -22.23 -97.78 89.08
N PRO DC 33 -23.04 -97.52 88.05
CA PRO DC 33 -22.55 -96.76 86.89
C PRO DC 33 -22.35 -95.30 87.27
N LEU DC 34 -21.12 -94.81 87.09
CA LEU DC 34 -20.83 -93.43 87.47
C LEU DC 34 -21.47 -92.44 86.51
N VAL DC 35 -21.56 -92.79 85.22
CA VAL DC 35 -22.20 -91.90 84.25
C VAL DC 35 -23.70 -91.96 84.43
N GLY DC 36 -24.34 -90.80 84.39
CA GLY DC 36 -25.79 -90.71 84.56
C GLY DC 36 -26.24 -91.09 85.94
N ARG DC 37 -25.68 -90.43 86.97
CA ARG DC 37 -26.04 -90.73 88.35
C ARG DC 37 -26.50 -89.46 89.07
N LEU DC 38 -26.28 -89.41 90.38
CA LEU DC 38 -26.67 -88.28 91.21
C LEU DC 38 -25.47 -87.37 91.42
N ARG DC 39 -25.61 -86.10 91.04
CA ARG DC 39 -24.54 -85.12 91.20
C ARG DC 39 -25.09 -83.88 91.90
N LEU DC 40 -24.21 -83.23 92.66
CA LEU DC 40 -24.56 -82.04 93.43
C LEU DC 40 -23.46 -81.01 93.28
N THR DC 41 -23.84 -79.79 92.89
CA THR DC 41 -22.92 -78.68 92.69
C THR DC 41 -23.21 -77.61 93.74
N ALA DC 42 -22.18 -77.25 94.49
CA ALA DC 42 -22.27 -76.22 95.53
C ALA DC 42 -21.31 -75.09 95.24
N SER DC 43 -21.77 -73.86 95.46
CA SER DC 43 -20.94 -72.68 95.22
C SER DC 43 -21.24 -71.63 96.28
N LEU DC 44 -20.21 -70.94 96.73
CA LEU DC 44 -20.33 -69.86 97.71
C LEU DC 44 -19.48 -68.68 97.26
N ARG DC 45 -20.04 -67.48 97.37
CA ARG DC 45 -19.32 -66.28 96.94
C ARG DC 45 -19.83 -65.09 97.73
N GLN DC 46 -19.39 -63.90 97.33
CA GLN DC 46 -19.80 -62.64 97.91
C GLN DC 46 -20.64 -61.87 96.88
N ASN DC 47 -20.80 -60.57 97.11
CA ASN DC 47 -21.59 -59.72 96.21
C ASN DC 47 -21.26 -58.26 96.49
N GLY DC 48 -21.43 -57.44 95.46
CA GLY DC 48 -21.29 -56.01 95.58
C GLY DC 48 -20.01 -55.53 96.24
N ALA DC 49 -20.15 -54.86 97.38
CA ALA DC 49 -19.01 -54.33 98.12
C ALA DC 49 -18.98 -54.95 99.52
N LYS DC 50 -18.79 -56.27 99.56
CA LYS DC 50 -18.67 -57.03 100.81
C LYS DC 50 -19.89 -56.82 101.70
N THR DC 51 -21.07 -56.75 101.09
CA THR DC 51 -22.32 -56.58 101.84
C THR DC 51 -22.87 -57.94 102.27
N ALA DC 52 -23.49 -58.66 101.33
CA ALA DC 52 -24.08 -59.95 101.63
C ALA DC 52 -23.27 -61.08 101.00
N TYR DC 53 -23.90 -62.23 100.78
CA TYR DC 53 -23.25 -63.39 100.18
C TYR DC 53 -24.22 -64.03 99.18
N ARG DC 54 -23.72 -65.05 98.49
CA ARG DC 54 -24.50 -65.77 97.49
C ARG DC 54 -24.12 -67.24 97.54
N VAL DC 55 -25.11 -68.10 97.77
CA VAL DC 55 -24.93 -69.53 97.83
C VAL DC 55 -25.80 -70.18 96.75
N ASN DC 56 -25.20 -71.09 95.99
CA ASN DC 56 -25.88 -71.79 94.92
C ASN DC 56 -25.77 -73.29 95.14
N LEU DC 57 -26.89 -73.99 95.06
CA LEU DC 57 -26.95 -75.43 95.26
C LEU DC 57 -27.79 -76.05 94.17
N LYS DC 58 -27.19 -76.90 93.34
CA LYS DC 58 -27.88 -77.57 92.25
C LYS DC 58 -27.76 -79.07 92.42
N LEU DC 59 -28.83 -79.79 92.11
CA LEU DC 59 -28.88 -81.24 92.22
C LEU DC 59 -29.40 -81.82 90.93
N ASP DC 60 -28.59 -82.65 90.26
CA ASP DC 60 -28.95 -83.24 88.99
C ASP DC 60 -28.94 -84.76 89.09
N GLN DC 61 -29.81 -85.40 88.31
CA GLN DC 61 -29.89 -86.85 88.27
C GLN DC 61 -30.52 -87.26 86.94
N ALA DC 62 -29.73 -87.90 86.08
CA ALA DC 62 -30.19 -88.34 84.77
C ALA DC 62 -30.38 -89.84 84.77
N ASP DC 63 -31.56 -90.28 84.33
CA ASP DC 63 -31.85 -91.71 84.25
C ASP DC 63 -31.13 -92.35 83.07
N VAL DC 64 -30.82 -93.63 83.21
CA VAL DC 64 -30.11 -94.38 82.18
C VAL DC 64 -30.96 -95.59 81.79
N VAL DC 65 -30.71 -96.09 80.58
CA VAL DC 65 -31.39 -97.26 80.06
C VAL DC 65 -30.36 -98.16 79.38
N ASP DC 66 -30.67 -99.46 79.34
CA ASP DC 66 -29.76 -100.45 78.77
C ASP DC 66 -30.58 -101.59 78.17
N CYS DC 67 -30.08 -102.13 77.05
CA CYS DC 67 -30.75 -103.22 76.36
C CYS DC 67 -29.90 -104.48 76.28
N SER DC 68 -28.79 -104.56 77.01
CA SER DC 68 -27.94 -105.74 76.94
C SER DC 68 -28.59 -106.98 77.55
N THR DC 69 -29.69 -106.79 78.29
CA THR DC 69 -30.36 -107.94 78.90
C THR DC 69 -31.11 -108.76 77.86
N SER DC 70 -31.64 -108.11 76.82
CA SER DC 70 -32.39 -108.81 75.78
C SER DC 70 -31.75 -108.60 74.41
N VAL DC 71 -31.59 -107.33 74.02
CA VAL DC 71 -31.01 -106.99 72.73
C VAL DC 71 -29.51 -107.29 72.78
N CYS DC 72 -28.97 -107.78 71.67
CA CYS DC 72 -27.56 -108.14 71.65
C CYS DC 72 -26.68 -106.98 71.19
N GLY DC 73 -26.88 -105.80 71.78
CA GLY DC 73 -25.89 -104.75 71.68
C GLY DC 73 -26.44 -103.35 71.84
N GLU DC 74 -26.27 -102.78 73.03
CA GLU DC 74 -26.72 -101.41 73.30
C GLU DC 74 -26.02 -100.92 74.56
N LEU DC 75 -25.20 -99.88 74.42
CA LEU DC 75 -24.51 -99.33 75.58
C LEU DC 75 -25.49 -98.56 76.47
N PRO DC 76 -25.19 -98.42 77.75
CA PRO DC 76 -26.06 -97.62 78.64
C PRO DC 76 -26.17 -96.19 78.15
N LYS DC 77 -27.40 -95.78 77.84
CA LYS DC 77 -27.67 -94.47 77.26
C LYS DC 77 -28.55 -93.66 78.21
N VAL DC 78 -28.20 -92.38 78.37
CA VAL DC 78 -28.98 -91.50 79.23
C VAL DC 78 -30.28 -91.12 78.52
N ARG DC 79 -31.31 -90.83 79.31
CA ARG DC 79 -32.62 -90.48 78.78
C ARG DC 79 -32.84 -89.00 79.02
N TYR DC 80 -33.52 -88.61 80.10
CA TYR DC 80 -33.80 -87.22 80.39
C TYR DC 80 -32.84 -86.69 81.45
N THR DC 81 -32.88 -85.37 81.66
CA THR DC 81 -32.04 -84.70 82.64
C THR DC 81 -32.91 -83.76 83.46
N GLN DC 82 -32.72 -83.77 84.78
CA GLN DC 82 -33.46 -82.92 85.69
C GLN DC 82 -32.51 -81.96 86.39
N VAL DC 83 -32.90 -80.70 86.46
CA VAL DC 83 -32.09 -79.65 87.07
C VAL DC 83 -32.91 -78.99 88.16
N TRP DC 84 -32.34 -78.94 89.38
CA TRP DC 84 -32.98 -78.32 90.54
C TRP DC 84 -31.94 -77.45 91.22
N SER DC 85 -31.87 -76.19 90.81
CA SER DC 85 -30.92 -75.24 91.37
C SER DC 85 -31.54 -74.45 92.52
N HIS DC 86 -30.69 -73.74 93.25
CA HIS DC 86 -31.13 -72.92 94.37
C HIS DC 86 -30.41 -71.59 94.33
N ASP DC 87 -30.79 -70.70 95.24
CA ASP DC 87 -30.18 -69.38 95.34
C ASP DC 87 -30.41 -68.84 96.74
N VAL DC 88 -29.34 -68.67 97.50
CA VAL DC 88 -29.41 -68.18 98.88
C VAL DC 88 -28.72 -66.83 98.94
N THR DC 89 -29.48 -65.79 99.28
CA THR DC 89 -28.97 -64.43 99.41
C THR DC 89 -29.25 -63.95 100.83
N ILE DC 90 -28.38 -64.32 101.77
CA ILE DC 90 -28.52 -63.97 103.17
C ILE DC 90 -27.37 -63.05 103.55
N VAL DC 91 -27.70 -61.90 104.12
CA VAL DC 91 -26.67 -60.95 104.53
C VAL DC 91 -25.98 -61.45 105.80
N ALA DC 92 -24.75 -60.98 106.01
CA ALA DC 92 -23.99 -61.41 107.17
C ALA DC 92 -24.59 -60.88 108.47
N ASN DC 93 -24.71 -59.55 108.57
CA ASN DC 93 -25.29 -58.90 109.76
C ASN DC 93 -26.80 -59.09 109.74
N SER DC 94 -27.23 -60.28 110.18
CA SER DC 94 -28.65 -60.60 110.23
C SER DC 94 -29.07 -60.96 111.65
N THR DC 95 -29.84 -62.04 111.79
CA THR DC 95 -30.30 -62.50 113.09
C THR DC 95 -30.32 -64.02 113.11
N GLU DC 96 -29.69 -64.61 114.13
CA GLU DC 96 -29.65 -66.07 114.23
C GLU DC 96 -31.04 -66.64 114.45
N ALA DC 97 -31.86 -65.99 115.29
CA ALA DC 97 -33.22 -66.48 115.52
C ALA DC 97 -34.05 -66.39 114.26
N SER DC 98 -33.92 -65.28 113.51
CA SER DC 98 -34.66 -65.14 112.26
C SER DC 98 -34.22 -66.18 111.24
N ARG DC 99 -32.91 -66.45 111.16
CA ARG DC 99 -32.43 -67.47 110.23
C ARG DC 99 -32.94 -68.85 110.62
N LYS DC 100 -32.96 -69.16 111.92
CA LYS DC 100 -33.48 -70.45 112.37
C LYS DC 100 -34.97 -70.58 112.06
N SER DC 101 -35.74 -69.50 112.29
CA SER DC 101 -37.15 -69.54 111.98
C SER DC 101 -37.40 -69.72 110.48
N LEU DC 102 -36.59 -69.05 109.65
CA LEU DC 102 -36.73 -69.19 108.21
C LEU DC 102 -36.38 -70.62 107.77
N TYR DC 103 -35.33 -71.19 108.35
CA TYR DC 103 -34.97 -72.57 108.02
C TYR DC 103 -36.06 -73.54 108.44
N ASP DC 104 -36.66 -73.33 109.62
CA ASP DC 104 -37.74 -74.19 110.07
C ASP DC 104 -38.97 -74.06 109.16
N LEU DC 105 -39.28 -72.84 108.73
CA LEU DC 105 -40.40 -72.65 107.81
C LEU DC 105 -40.14 -73.32 106.47
N THR DC 106 -38.91 -73.23 105.97
CA THR DC 106 -38.56 -73.89 104.72
C THR DC 106 -38.66 -75.41 104.85
N LYS DC 107 -38.18 -75.95 105.98
CA LYS DC 107 -38.27 -77.39 106.21
C LYS DC 107 -39.72 -77.84 106.30
N SER DC 108 -40.57 -77.05 106.96
CA SER DC 108 -41.99 -77.40 107.05
C SER DC 108 -42.65 -77.35 105.67
N LEU DC 109 -42.34 -76.33 104.87
CA LEU DC 109 -42.92 -76.24 103.53
C LEU DC 109 -42.43 -77.38 102.64
N VAL DC 110 -41.20 -77.85 102.85
CA VAL DC 110 -40.70 -78.97 102.06
C VAL DC 110 -41.35 -80.27 102.49
N ALA DC 111 -41.51 -80.47 103.81
CA ALA DC 111 -42.08 -81.71 104.33
C ALA DC 111 -43.60 -81.76 104.24
N THR DC 112 -44.26 -80.65 103.91
CA THR DC 112 -45.71 -80.65 103.80
C THR DC 112 -46.15 -81.51 102.61
N SER DC 113 -47.44 -81.85 102.61
CA SER DC 113 -48.02 -82.71 101.58
C SER DC 113 -48.44 -81.93 100.34
N GLN DC 114 -48.49 -80.60 100.41
CA GLN DC 114 -48.89 -79.80 99.25
C GLN DC 114 -47.83 -79.78 98.16
N VAL DC 115 -46.55 -79.60 98.53
CA VAL DC 115 -45.49 -79.60 97.54
C VAL DC 115 -45.34 -80.99 96.92
N GLU DC 116 -45.55 -82.05 97.70
CA GLU DC 116 -45.49 -83.39 97.14
C GLU DC 116 -46.56 -83.61 96.09
N ASP DC 117 -47.78 -83.12 96.35
CA ASP DC 117 -48.85 -83.23 95.36
C ASP DC 117 -48.55 -82.37 94.14
N LEU DC 118 -48.01 -81.16 94.36
CA LEU DC 118 -47.63 -80.31 93.24
C LEU DC 118 -46.57 -80.96 92.36
N VAL DC 119 -45.66 -81.72 92.97
CA VAL DC 119 -44.61 -82.38 92.21
C VAL DC 119 -45.16 -83.60 91.46
N VAL DC 120 -45.97 -84.42 92.14
CA VAL DC 120 -46.45 -85.66 91.57
C VAL DC 120 -47.58 -85.39 90.58
N ASN DC 121 -48.73 -84.95 91.08
CA ASN DC 121 -49.91 -84.78 90.26
C ASN DC 121 -49.90 -83.51 89.43
N LEU DC 122 -48.85 -82.68 89.53
CA LEU DC 122 -48.72 -81.44 88.76
C LEU DC 122 -49.89 -80.50 89.01
N VAL DC 123 -50.49 -80.58 90.19
CA VAL DC 123 -51.61 -79.71 90.56
C VAL DC 123 -51.05 -78.46 91.22
N PRO DC 124 -51.50 -77.27 90.83
CA PRO DC 124 -50.96 -76.04 91.44
C PRO DC 124 -51.19 -76.02 92.94
N LEU DC 125 -50.22 -75.45 93.66
CA LEU DC 125 -50.26 -75.41 95.12
C LEU DC 125 -51.40 -74.50 95.57
N GLY DC 126 -52.35 -75.06 96.32
CA GLY DC 126 -53.48 -74.30 96.81
C GLY DC 126 -54.50 -75.15 97.54
N ARG DC 127 -54.16 -75.59 98.75
CA ARG DC 127 -55.06 -76.40 99.54
C ARG DC 127 -55.56 -75.64 100.77
N SER EC 1 -59.65 -80.89 97.52
CA SER EC 1 -59.94 -80.79 96.10
C SER EC 1 -61.39 -81.21 95.80
N LYS EC 2 -61.60 -81.76 94.61
CA LYS EC 2 -62.93 -82.12 94.14
C LYS EC 2 -62.82 -83.39 93.32
N THR EC 3 -63.51 -84.45 93.74
CA THR EC 3 -63.46 -85.74 93.09
C THR EC 3 -64.80 -86.03 92.40
N ILE EC 4 -64.72 -86.62 91.21
CA ILE EC 4 -65.89 -86.99 90.44
C ILE EC 4 -65.76 -88.46 90.08
N VAL EC 5 -66.77 -89.25 90.45
CA VAL EC 5 -66.77 -90.70 90.20
C VAL EC 5 -67.69 -90.99 89.03
N LEU EC 6 -67.16 -91.67 88.02
CA LEU EC 6 -67.91 -92.05 86.82
C LEU EC 6 -67.95 -93.56 86.72
N SER EC 7 -69.15 -94.11 86.55
CA SER EC 7 -69.35 -95.55 86.45
C SER EC 7 -69.49 -95.93 84.98
N VAL EC 8 -68.57 -96.77 84.50
CA VAL EC 8 -68.60 -97.22 83.10
C VAL EC 8 -69.35 -98.53 82.94
N GLY EC 9 -69.64 -99.24 84.03
CA GLY EC 9 -70.34 -100.51 83.94
C GLY EC 9 -69.70 -101.57 84.82
N GLU EC 10 -68.38 -101.71 84.73
CA GLU EC 10 -67.64 -102.65 85.56
C GLU EC 10 -66.55 -102.01 86.40
N ALA EC 11 -66.08 -100.82 86.05
CA ALA EC 11 -65.06 -100.12 86.82
C ALA EC 11 -65.52 -98.68 87.06
N THR EC 12 -64.86 -98.02 88.00
CA THR EC 12 -65.17 -96.65 88.38
C THR EC 12 -63.95 -95.78 88.15
N ARG EC 13 -64.11 -94.71 87.38
CA ARG EC 13 -63.05 -93.76 87.11
C ARG EC 13 -63.20 -92.54 88.00
N THR EC 14 -62.07 -91.96 88.38
CA THR EC 14 -62.02 -90.83 89.30
C THR EC 14 -61.33 -89.66 88.61
N LEU EC 15 -62.03 -88.52 88.55
CA LEU EC 15 -61.50 -87.28 88.03
C LEU EC 15 -61.25 -86.31 89.18
N THR EC 16 -60.10 -85.66 89.17
CA THR EC 16 -59.69 -84.77 90.25
C THR EC 16 -59.56 -83.34 89.74
N GLU EC 17 -60.03 -82.39 90.55
CA GLU EC 17 -59.88 -80.98 90.21
C GLU EC 17 -58.41 -80.57 90.29
N ILE EC 18 -57.94 -79.91 89.24
CA ILE EC 18 -56.54 -79.53 89.10
C ILE EC 18 -56.39 -78.01 89.16
N GLN EC 19 -57.12 -77.29 88.32
CA GLN EC 19 -56.95 -75.86 88.11
C GLN EC 19 -58.23 -75.15 88.55
N SER EC 20 -58.38 -74.95 89.86
CA SER EC 20 -59.59 -74.35 90.43
C SER EC 20 -59.59 -72.86 90.16
N THR EC 21 -60.43 -72.44 89.22
CA THR EC 21 -60.61 -71.03 88.90
C THR EC 21 -62.06 -70.80 88.48
N ALA EC 22 -62.54 -69.58 88.70
CA ALA EC 22 -63.95 -69.28 88.42
C ALA EC 22 -64.25 -69.35 86.93
N ASP EC 23 -63.49 -68.63 86.11
CA ASP EC 23 -63.75 -68.56 84.69
C ASP EC 23 -63.24 -69.78 83.92
N ARG EC 24 -62.56 -70.71 84.58
CA ARG EC 24 -62.03 -71.89 83.89
C ARG EC 24 -61.77 -72.97 84.94
N GLN EC 25 -62.56 -74.02 84.92
CA GLN EC 25 -62.39 -75.17 85.81
C GLN EC 25 -61.86 -76.34 84.99
N ILE EC 26 -60.71 -76.88 85.38
CA ILE EC 26 -60.03 -77.95 84.66
C ILE EC 26 -60.01 -79.18 85.54
N PHE EC 27 -60.76 -80.21 85.15
CA PHE EC 27 -60.75 -81.49 85.83
C PHE EC 27 -59.92 -82.48 85.03
N GLU EC 28 -59.09 -83.27 85.73
CA GLU EC 28 -58.21 -84.24 85.09
C GLU EC 28 -58.37 -85.60 85.75
N GLU EC 29 -58.45 -86.64 84.92
CA GLU EC 29 -58.61 -88.00 85.41
C GLU EC 29 -57.28 -88.56 85.89
N LYS EC 30 -57.28 -89.19 87.06
CA LYS EC 30 -56.08 -89.77 87.65
C LYS EC 30 -56.21 -91.28 87.61
N VAL EC 31 -55.45 -91.92 86.71
CA VAL EC 31 -55.43 -93.37 86.60
C VAL EC 31 -53.98 -93.83 86.54
N GLY EC 32 -53.20 -93.28 85.61
CA GLY EC 32 -51.82 -93.63 85.46
C GLY EC 32 -51.00 -92.49 84.90
N PRO EC 33 -50.74 -92.53 83.59
CA PRO EC 33 -50.02 -91.41 82.94
C PRO EC 33 -50.89 -90.17 82.87
N LEU EC 34 -50.40 -89.08 83.46
CA LEU EC 34 -51.17 -87.84 83.49
C LEU EC 34 -51.24 -87.20 82.11
N VAL EC 35 -50.17 -87.30 81.32
CA VAL EC 35 -50.17 -86.75 79.98
C VAL EC 35 -51.00 -87.62 79.06
N GLY EC 36 -51.82 -87.00 78.22
CA GLY EC 36 -52.68 -87.73 77.30
C GLY EC 36 -53.75 -88.53 78.01
N ARG EC 37 -54.55 -87.87 78.84
CA ARG EC 37 -55.60 -88.55 79.58
C ARG EC 37 -56.95 -87.88 79.34
N LEU EC 38 -57.84 -87.96 80.33
CA LEU EC 38 -59.17 -87.38 80.22
C LEU EC 38 -59.17 -86.02 80.93
N ARG EC 39 -59.57 -84.98 80.19
CA ARG EC 39 -59.63 -83.62 80.73
C ARG EC 39 -60.99 -83.02 80.42
N LEU EC 40 -61.43 -82.14 81.31
CA LEU EC 40 -62.74 -81.49 81.20
C LEU EC 40 -62.58 -80.02 81.55
N THR EC 41 -63.05 -79.15 80.66
CA THR EC 41 -62.98 -77.70 80.83
C THR EC 41 -64.40 -77.16 80.98
N ALA EC 42 -64.63 -76.43 82.07
CA ALA EC 42 -65.93 -75.83 82.36
C ALA EC 42 -65.77 -74.33 82.49
N SER EC 43 -66.73 -73.59 81.94
CA SER EC 43 -66.72 -72.13 82.00
C SER EC 43 -68.15 -71.62 82.13
N LEU EC 44 -68.30 -70.56 82.93
CA LEU EC 44 -69.59 -69.93 83.15
C LEU EC 44 -69.41 -68.42 83.09
N ARG EC 45 -70.32 -67.73 82.40
CA ARG EC 45 -70.22 -66.30 82.25
C ARG EC 45 -71.61 -65.71 82.04
N GLN EC 46 -71.67 -64.42 81.71
CA GLN EC 46 -72.88 -63.71 81.40
C GLN EC 46 -72.89 -63.33 79.92
N ASN EC 47 -73.74 -62.37 79.55
CA ASN EC 47 -73.85 -61.95 78.17
C ASN EC 47 -74.58 -60.61 78.11
N GLY EC 48 -74.28 -59.84 77.08
CA GLY EC 48 -74.98 -58.59 76.81
C GLY EC 48 -75.08 -57.64 77.98
N ALA EC 49 -76.31 -57.36 78.40
CA ALA EC 49 -76.56 -56.46 79.52
C ALA EC 49 -77.29 -57.20 80.63
N LYS EC 50 -76.61 -58.20 81.21
CA LYS EC 50 -77.11 -58.99 82.33
C LYS EC 50 -78.46 -59.62 81.99
N THR EC 51 -78.60 -60.08 80.76
CA THR EC 51 -79.84 -60.75 80.32
C THR EC 51 -79.79 -62.23 80.63
N ALA EC 52 -79.05 -62.99 79.82
CA ALA EC 52 -78.94 -64.44 80.00
C ALA EC 52 -77.56 -64.82 80.50
N TYR EC 53 -77.17 -66.07 80.28
CA TYR EC 53 -75.87 -66.57 80.70
C TYR EC 53 -75.29 -67.43 79.59
N ARG EC 54 -74.05 -67.89 79.80
CA ARG EC 54 -73.35 -68.72 78.84
C ARG EC 54 -72.52 -69.75 79.58
N VAL EC 55 -72.77 -71.02 79.30
CA VAL EC 55 -72.04 -72.12 79.92
C VAL EC 55 -71.36 -72.93 78.82
N ASN EC 56 -70.07 -73.23 79.03
CA ASN EC 56 -69.29 -73.98 78.07
C ASN EC 56 -68.70 -75.20 78.76
N LEU EC 57 -68.85 -76.37 78.15
CA LEU EC 57 -68.34 -77.63 78.69
C LEU EC 57 -67.65 -78.39 77.57
N LYS EC 58 -66.35 -78.62 77.73
CA LYS EC 58 -65.56 -79.35 76.75
C LYS EC 58 -64.93 -80.56 77.41
N LEU EC 59 -64.86 -81.67 76.67
CA LEU EC 59 -64.28 -82.91 77.18
C LEU EC 59 -63.30 -83.44 76.14
N ASP EC 60 -62.03 -83.57 76.54
CA ASP EC 60 -60.99 -84.03 75.64
C ASP EC 60 -60.34 -85.29 76.20
N GLN EC 61 -59.88 -86.15 75.27
CA GLN EC 61 -59.21 -87.39 75.65
C GLN EC 61 -58.34 -87.82 74.48
N ALA EC 62 -57.02 -87.79 74.67
CA ALA EC 62 -56.07 -88.15 73.63
C ALA EC 62 -55.44 -89.50 73.97
N ASP EC 63 -55.47 -90.41 73.00
CA ASP EC 63 -54.90 -91.74 73.19
C ASP EC 63 -53.38 -91.67 73.11
N VAL EC 64 -52.73 -92.59 73.83
CA VAL EC 64 -51.27 -92.64 73.88
C VAL EC 64 -50.82 -94.03 73.42
N VAL EC 65 -49.57 -94.09 72.96
CA VAL EC 65 -48.95 -95.34 72.51
C VAL EC 65 -47.54 -95.41 73.07
N ASP EC 66 -47.04 -96.63 73.24
CA ASP EC 66 -45.72 -96.86 73.80
C ASP EC 66 -45.14 -98.14 73.20
N CYS EC 67 -43.82 -98.12 73.00
CA CYS EC 67 -43.12 -99.25 72.42
C CYS EC 67 -42.05 -99.84 73.35
N SER EC 68 -42.02 -99.44 74.62
CA SER EC 68 -41.01 -99.95 75.53
C SER EC 68 -41.20 -101.42 75.85
N THR EC 69 -42.36 -101.99 75.52
CA THR EC 69 -42.59 -103.41 75.79
C THR EC 69 -41.79 -104.29 74.85
N SER EC 70 -41.58 -103.86 73.61
CA SER EC 70 -40.84 -104.65 72.63
C SER EC 70 -39.63 -103.88 72.11
N VAL EC 71 -39.85 -102.69 71.59
CA VAL EC 71 -38.78 -101.86 71.05
C VAL EC 71 -37.95 -101.33 72.22
N CYS EC 72 -36.64 -101.23 72.04
CA CYS EC 72 -35.84 -100.79 73.16
C CYS EC 72 -35.58 -99.29 73.11
N GLY EC 73 -36.64 -98.50 72.95
CA GLY EC 73 -36.58 -97.09 73.25
C GLY EC 73 -37.63 -96.25 72.53
N GLU EC 74 -38.70 -95.90 73.24
CA GLU EC 74 -39.75 -95.06 72.68
C GLU EC 74 -40.59 -94.51 73.83
N LEU EC 75 -40.59 -93.19 73.99
CA LEU EC 75 -41.37 -92.57 75.04
C LEU EC 75 -42.85 -92.62 74.70
N PRO EC 76 -43.73 -92.58 75.70
CA PRO EC 76 -45.18 -92.53 75.42
C PRO EC 76 -45.54 -91.31 74.59
N LYS EC 77 -46.10 -91.58 73.40
CA LYS EC 77 -46.41 -90.55 72.42
C LYS EC 77 -47.90 -90.50 72.18
N VAL EC 78 -48.46 -89.29 72.14
CA VAL EC 78 -49.89 -89.13 71.87
C VAL EC 78 -50.16 -89.39 70.39
N ARG EC 79 -51.39 -89.83 70.10
CA ARG EC 79 -51.78 -90.15 68.73
C ARG EC 79 -52.76 -89.09 68.27
N TYR EC 80 -54.06 -89.32 68.37
CA TYR EC 80 -55.07 -88.36 67.93
C TYR EC 80 -55.66 -87.62 69.13
N THR EC 81 -56.44 -86.59 68.82
CA THR EC 81 -57.08 -85.76 69.84
C THR EC 81 -58.54 -85.58 69.47
N GLN EC 82 -59.42 -85.73 70.46
CA GLN EC 82 -60.86 -85.59 70.28
C GLN EC 82 -61.36 -84.40 71.09
N VAL EC 83 -62.20 -83.58 70.47
CA VAL EC 83 -62.75 -82.39 71.09
C VAL EC 83 -64.27 -82.48 71.03
N TRP EC 84 -64.92 -82.36 72.20
CA TRP EC 84 -66.38 -82.40 72.32
C TRP EC 84 -66.80 -81.23 73.22
N SER EC 85 -67.05 -80.08 72.61
CA SER EC 85 -67.45 -78.88 73.34
C SER EC 85 -68.97 -78.77 73.40
N HIS EC 86 -69.44 -77.86 74.24
CA HIS EC 86 -70.86 -77.63 74.43
C HIS EC 86 -71.12 -76.12 74.48
N ASP EC 87 -72.39 -75.76 74.53
CA ASP EC 87 -72.78 -74.35 74.60
C ASP EC 87 -74.20 -74.29 75.18
N VAL EC 88 -74.33 -73.71 76.37
CA VAL EC 88 -75.60 -73.59 77.06
C VAL EC 88 -75.95 -72.11 77.16
N THR EC 89 -77.06 -71.72 76.54
CA THR EC 89 -77.55 -70.34 76.55
C THR EC 89 -78.96 -70.36 77.12
N ILE EC 90 -79.07 -70.37 78.44
CA ILE EC 90 -80.34 -70.40 79.15
C ILE EC 90 -80.49 -69.09 79.91
N VAL EC 91 -81.63 -68.41 79.69
CA VAL EC 91 -81.88 -67.15 80.38
C VAL EC 91 -82.25 -67.43 81.84
N ALA EC 92 -82.04 -66.42 82.69
CA ALA EC 92 -82.33 -66.57 84.11
C ALA EC 92 -83.84 -66.68 84.35
N ASN EC 93 -84.60 -65.67 83.92
CA ASN EC 93 -86.04 -65.66 84.10
C ASN EC 93 -86.67 -66.62 83.09
N SER EC 94 -86.65 -67.90 83.44
CA SER EC 94 -87.22 -68.94 82.58
C SER EC 94 -88.29 -69.71 83.32
N THR EC 95 -88.27 -71.04 83.21
CA THR EC 95 -89.24 -71.90 83.88
C THR EC 95 -88.55 -73.17 84.34
N GLU EC 96 -88.73 -73.51 85.62
CA GLU EC 96 -88.10 -74.70 86.17
C GLU EC 96 -88.66 -75.96 85.51
N ALA EC 97 -89.97 -76.01 85.30
CA ALA EC 97 -90.57 -77.17 84.65
C ALA EC 97 -90.08 -77.32 83.22
N SER EC 98 -89.98 -76.20 82.50
CA SER EC 98 -89.47 -76.25 81.12
C SER EC 98 -88.01 -76.70 81.09
N ARG EC 99 -87.20 -76.21 82.03
CA ARG EC 99 -85.81 -76.63 82.09
C ARG EC 99 -85.68 -78.12 82.41
N LYS EC 100 -86.52 -78.61 83.32
CA LYS EC 100 -86.50 -80.03 83.66
C LYS EC 100 -86.93 -80.88 82.47
N SER EC 101 -87.96 -80.44 81.74
CA SER EC 101 -88.40 -81.17 80.57
C SER EC 101 -87.32 -81.19 79.48
N LEU EC 102 -86.63 -80.05 79.30
CA LEU EC 102 -85.56 -79.99 78.31
C LEU EC 102 -84.40 -80.90 78.71
N TYR EC 103 -84.06 -80.92 80.00
CA TYR EC 103 -83.00 -81.81 80.46
C TYR EC 103 -83.37 -83.27 80.28
N ASP EC 104 -84.64 -83.61 80.55
CA ASP EC 104 -85.09 -84.99 80.36
C ASP EC 104 -85.05 -85.38 78.88
N LEU EC 105 -85.46 -84.45 78.00
CA LEU EC 105 -85.40 -84.73 76.57
C LEU EC 105 -83.97 -84.91 76.09
N THR EC 106 -83.05 -84.09 76.60
CA THR EC 106 -81.64 -84.23 76.23
C THR EC 106 -81.09 -85.56 76.73
N LYS EC 107 -81.44 -85.95 77.95
CA LYS EC 107 -80.97 -87.23 78.49
C LYS EC 107 -81.52 -88.39 77.68
N SER EC 108 -82.79 -88.31 77.26
CA SER EC 108 -83.36 -89.38 76.44
C SER EC 108 -82.70 -89.45 75.08
N LEU EC 109 -82.43 -88.29 74.46
CA LEU EC 109 -81.76 -88.28 73.16
C LEU EC 109 -80.32 -88.80 73.28
N VAL EC 110 -79.67 -88.57 74.42
CA VAL EC 110 -78.32 -89.09 74.60
C VAL EC 110 -78.35 -90.60 74.82
N ALA EC 111 -79.29 -91.08 75.63
CA ALA EC 111 -79.37 -92.50 75.95
C ALA EC 111 -80.01 -93.33 74.85
N THR EC 112 -80.60 -92.71 73.84
CA THR EC 112 -81.22 -93.47 72.75
C THR EC 112 -80.15 -94.20 71.94
N SER EC 113 -80.60 -95.18 71.16
CA SER EC 113 -79.71 -96.00 70.35
C SER EC 113 -79.37 -95.37 69.01
N GLN EC 114 -80.06 -94.30 68.62
CA GLN EC 114 -79.78 -93.65 67.34
C GLN EC 114 -78.47 -92.86 67.36
N VAL EC 115 -78.21 -92.12 68.43
CA VAL EC 115 -76.96 -91.37 68.54
C VAL EC 115 -75.79 -92.32 68.67
N GLU EC 116 -75.97 -93.45 69.35
CA GLU EC 116 -74.90 -94.44 69.46
C GLU EC 116 -74.53 -94.99 68.09
N ASP EC 117 -75.54 -95.29 67.26
CA ASP EC 117 -75.26 -95.77 65.91
C ASP EC 117 -74.61 -94.68 65.06
N LEU EC 118 -75.10 -93.44 65.19
CA LEU EC 118 -74.49 -92.32 64.48
C LEU EC 118 -73.02 -92.14 64.85
N VAL EC 119 -72.68 -92.40 66.11
CA VAL EC 119 -71.29 -92.25 66.56
C VAL EC 119 -70.44 -93.42 66.07
N VAL EC 120 -70.94 -94.64 66.21
CA VAL EC 120 -70.16 -95.83 65.88
C VAL EC 120 -70.09 -96.02 64.37
N ASN EC 121 -71.22 -96.36 63.76
CA ASN EC 121 -71.26 -96.71 62.33
C ASN EC 121 -71.24 -95.50 61.42
N LEU EC 122 -71.19 -94.28 61.97
CA LEU EC 122 -71.14 -93.05 61.18
C LEU EC 122 -72.33 -92.94 60.22
N VAL EC 123 -73.46 -93.54 60.60
CA VAL EC 123 -74.67 -93.49 59.79
C VAL EC 123 -75.49 -92.27 60.22
N PRO EC 124 -75.97 -91.45 59.29
CA PRO EC 124 -76.75 -90.26 59.67
C PRO EC 124 -77.98 -90.63 60.48
N LEU EC 125 -78.31 -89.77 61.44
CA LEU EC 125 -79.43 -90.02 62.34
C LEU EC 125 -80.74 -89.96 61.56
N GLY EC 126 -81.49 -91.06 61.56
CA GLY EC 126 -82.75 -91.11 60.86
C GLY EC 126 -83.38 -92.49 60.87
N ARG EC 127 -83.91 -92.89 62.03
CA ARG EC 127 -84.55 -94.19 62.18
C ARG EC 127 -86.05 -94.04 62.38
N SER FC 1 -82.94 -89.83 54.12
CA SER FC 1 -81.90 -90.07 53.13
C SER FC 1 -82.38 -91.01 52.03
N LYS FC 2 -81.44 -91.79 51.48
CA LYS FC 2 -81.73 -92.67 50.37
C LYS FC 2 -80.88 -93.93 50.52
N THR FC 3 -81.53 -95.09 50.62
CA THR FC 3 -80.86 -96.36 50.83
C THR FC 3 -80.97 -97.22 49.58
N ILE FC 4 -79.88 -97.90 49.25
CA ILE FC 4 -79.82 -98.80 48.11
C ILE FC 4 -79.35 -100.16 48.60
N VAL FC 5 -80.14 -101.20 48.33
CA VAL FC 5 -79.83 -102.56 48.76
C VAL FC 5 -79.31 -103.34 47.58
N LEU FC 6 -78.12 -103.93 47.73
CA LEU FC 6 -77.49 -104.73 46.69
C LEU FC 6 -77.31 -106.16 47.20
N SER FC 7 -77.75 -107.12 46.40
CA SER FC 7 -77.68 -108.54 46.76
C SER FC 7 -76.48 -109.16 46.06
N VAL FC 8 -75.53 -109.66 46.85
CA VAL FC 8 -74.34 -110.30 46.30
C VAL FC 8 -74.50 -111.81 46.14
N GLY FC 9 -75.53 -112.40 46.75
CA GLY FC 9 -75.74 -113.83 46.68
C GLY FC 9 -76.07 -114.43 48.02
N GLU FC 10 -75.29 -114.09 49.04
CA GLU FC 10 -75.53 -114.57 50.40
C GLU FC 10 -75.72 -113.45 51.42
N ALA FC 11 -75.25 -112.24 51.13
CA ALA FC 11 -75.41 -111.10 52.02
C ALA FC 11 -75.96 -109.92 51.24
N THR FC 12 -76.45 -108.92 51.98
CA THR FC 12 -77.04 -107.72 51.39
C THR FC 12 -76.26 -106.51 51.88
N ARG FC 13 -75.77 -105.71 50.93
CA ARG FC 13 -75.04 -104.49 51.24
C ARG FC 13 -75.95 -103.28 51.10
N THR FC 14 -75.72 -102.28 51.94
CA THR FC 14 -76.55 -101.08 51.99
C THR FC 14 -75.69 -99.86 51.71
N LEU FC 15 -76.07 -99.09 50.69
CA LEU FC 15 -75.44 -97.82 50.37
C LEU FC 15 -76.35 -96.67 50.76
N THR FC 16 -75.77 -95.66 51.39
CA THR FC 16 -76.54 -94.52 51.90
C THR FC 16 -76.13 -93.24 51.19
N GLU FC 17 -77.13 -92.41 50.87
CA GLU FC 17 -76.87 -91.11 50.25
C GLU FC 17 -76.18 -90.20 51.25
N ILE FC 18 -75.10 -89.53 50.81
CA ILE FC 18 -74.21 -88.75 51.67
C ILE FC 18 -74.18 -87.28 51.26
N GLN FC 19 -74.07 -87.01 49.96
CA GLN FC 19 -73.89 -85.66 49.43
C GLN FC 19 -74.99 -85.42 48.39
N SER FC 20 -76.19 -85.09 48.87
CA SER FC 20 -77.35 -84.90 48.00
C SER FC 20 -77.23 -83.57 47.28
N THR FC 21 -76.89 -83.63 45.98
CA THR FC 21 -76.83 -82.44 45.13
C THR FC 21 -77.25 -82.84 43.73
N ALA FC 22 -77.77 -81.86 42.98
CA ALA FC 22 -78.30 -82.13 41.65
C ALA FC 22 -77.19 -82.54 40.69
N ASP FC 23 -76.15 -81.73 40.58
CA ASP FC 23 -75.08 -81.98 39.62
C ASP FC 23 -74.08 -83.04 40.09
N ARG FC 24 -74.21 -83.53 41.32
CA ARG FC 24 -73.27 -84.54 41.83
C ARG FC 24 -73.95 -85.26 42.99
N GLN FC 25 -74.28 -86.53 42.78
CA GLN FC 25 -74.85 -87.38 43.82
C GLN FC 25 -73.80 -88.39 44.26
N ILE FC 26 -73.50 -88.40 45.56
CA ILE FC 26 -72.45 -89.24 46.12
C ILE FC 26 -73.10 -90.23 47.07
N PHE FC 27 -73.10 -91.51 46.70
CA PHE FC 27 -73.58 -92.57 47.56
C PHE FC 27 -72.40 -93.31 48.18
N GLU FC 28 -72.50 -93.61 49.46
CA GLU FC 28 -71.43 -94.29 50.18
C GLU FC 28 -71.97 -95.49 50.95
N GLU FC 29 -71.24 -96.60 50.86
CA GLU FC 29 -71.66 -97.84 51.52
C GLU FC 29 -71.30 -97.79 53.00
N LYS FC 30 -72.26 -98.19 53.84
CA LYS FC 30 -72.09 -98.19 55.30
C LYS FC 30 -72.01 -99.64 55.77
N VAL FC 31 -70.82 -100.07 56.14
CA VAL FC 31 -70.60 -101.41 56.67
C VAL FC 31 -69.76 -101.33 57.93
N GLY FC 32 -68.61 -100.67 57.83
CA GLY FC 32 -67.72 -100.50 58.96
C GLY FC 32 -66.89 -99.24 58.84
N PRO FC 33 -65.64 -99.38 58.38
CA PRO FC 33 -64.78 -98.20 58.19
C PRO FC 33 -65.27 -97.39 56.99
N LEU FC 34 -65.59 -96.12 57.24
CA LEU FC 34 -66.11 -95.27 56.18
C LEU FC 34 -65.02 -94.91 55.17
N VAL FC 35 -63.78 -94.74 55.64
CA VAL FC 35 -62.68 -94.43 54.73
C VAL FC 35 -62.28 -95.68 53.97
N GLY FC 36 -62.05 -95.53 52.67
CA GLY FC 36 -61.67 -96.65 51.83
C GLY FC 36 -62.77 -97.68 51.69
N ARG FC 37 -63.95 -97.23 51.24
CA ARG FC 37 -65.09 -98.13 51.08
C ARG FC 37 -65.64 -98.04 49.66
N LEU FC 38 -66.94 -98.29 49.50
CA LEU FC 38 -67.60 -98.26 48.21
C LEU FC 38 -68.29 -96.91 48.03
N ARG FC 39 -67.94 -96.21 46.95
CA ARG FC 39 -68.52 -94.91 46.64
C ARG FC 39 -69.03 -94.91 45.21
N LEU FC 40 -70.08 -94.11 44.99
CA LEU FC 40 -70.71 -94.01 43.67
C LEU FC 40 -71.02 -92.55 43.39
N THR FC 41 -70.57 -92.06 42.23
CA THR FC 41 -70.79 -90.68 41.82
C THR FC 41 -71.70 -90.68 40.60
N ALA FC 42 -72.80 -89.94 40.69
CA ALA FC 42 -73.76 -89.81 39.60
C ALA FC 42 -73.90 -88.35 39.20
N SER FC 43 -73.98 -88.12 37.89
CA SER FC 43 -74.12 -86.77 37.37
C SER FC 43 -75.02 -86.79 36.14
N LEU FC 44 -75.87 -85.76 36.02
CA LEU FC 44 -76.78 -85.61 34.89
C LEU FC 44 -76.73 -84.17 34.41
N ARG FC 45 -76.66 -83.99 33.09
CA ARG FC 45 -76.59 -82.64 32.53
C ARG FC 45 -77.19 -82.65 31.13
N GLN FC 46 -77.02 -81.53 30.41
CA GLN FC 46 -77.45 -81.37 29.04
C GLN FC 46 -76.23 -81.25 28.14
N ASN FC 47 -76.43 -80.75 26.92
CA ASN FC 47 -75.34 -80.61 25.96
C ASN FC 47 -75.78 -79.66 24.87
N GLY FC 48 -74.80 -79.00 24.26
CA GLY FC 48 -75.02 -78.15 23.09
C GLY FC 48 -76.13 -77.14 23.24
N ALA FC 49 -77.16 -77.26 22.41
CA ALA FC 49 -78.30 -76.35 22.44
C ALA FC 49 -79.57 -77.13 22.73
N LYS FC 50 -79.64 -77.70 23.94
CA LYS FC 50 -80.80 -78.44 24.42
C LYS FC 50 -81.18 -79.57 23.48
N THR FC 51 -80.17 -80.24 22.91
CA THR FC 51 -80.41 -81.36 22.00
C THR FC 51 -80.55 -82.66 22.78
N ALA FC 52 -79.42 -83.21 23.23
CA ALA FC 52 -79.43 -84.48 23.96
C ALA FC 52 -79.09 -84.24 25.43
N TYR FC 53 -78.61 -85.29 26.11
CA TYR FC 53 -78.24 -85.20 27.52
C TYR FC 53 -76.94 -85.95 27.74
N ARG FC 54 -76.44 -85.88 28.97
CA ARG FC 54 -75.19 -86.54 29.33
C ARG FC 54 -75.31 -87.07 30.76
N VAL FC 55 -75.11 -88.37 30.93
CA VAL FC 55 -75.17 -89.02 32.23
C VAL FC 55 -73.83 -89.67 32.50
N ASN FC 56 -73.31 -89.45 33.71
CA ASN FC 56 -72.03 -90.01 34.12
C ASN FC 56 -72.23 -90.80 35.41
N LEU FC 57 -71.70 -92.02 35.42
CA LEU FC 57 -71.80 -92.91 36.58
C LEU FC 57 -70.45 -93.53 36.84
N LYS FC 58 -69.87 -93.24 38.01
CA LYS FC 58 -68.57 -93.76 38.40
C LYS FC 58 -68.71 -94.54 39.70
N LEU FC 59 -67.99 -95.65 39.81
CA LEU FC 59 -68.02 -96.50 40.99
C LEU FC 59 -66.59 -96.79 41.42
N ASP FC 60 -66.25 -96.38 42.65
CA ASP FC 60 -64.91 -96.55 43.18
C ASP FC 60 -64.94 -97.40 44.45
N GLN FC 61 -63.86 -98.15 44.66
CA GLN FC 61 -63.74 -98.99 45.85
C GLN FC 61 -62.27 -99.25 46.10
N ALA FC 62 -61.73 -98.70 47.18
CA ALA FC 62 -60.33 -98.86 47.53
C ALA FC 62 -60.19 -99.81 48.71
N ASP FC 63 -59.32 -100.81 48.55
CA ASP FC 63 -59.08 -101.78 49.60
C ASP FC 63 -58.23 -101.17 50.71
N VAL FC 64 -58.42 -101.68 51.92
CA VAL FC 64 -57.70 -101.18 53.09
C VAL FC 64 -56.98 -102.35 53.74
N VAL FC 65 -55.92 -102.03 54.49
CA VAL FC 65 -55.13 -103.01 55.22
C VAL FC 65 -54.85 -102.48 56.62
N ASP FC 66 -54.64 -103.39 57.56
CA ASP FC 66 -54.41 -103.05 58.95
C ASP FC 66 -53.50 -104.09 59.59
N CYS FC 67 -52.64 -103.62 60.49
CA CYS FC 67 -51.70 -104.48 61.18
C CYS FC 67 -51.88 -104.49 62.69
N SER FC 68 -52.97 -103.92 63.21
CA SER FC 68 -53.17 -103.87 64.66
C SER FC 68 -53.44 -105.25 65.24
N THR FC 69 -53.74 -106.25 64.41
CA THR FC 69 -54.00 -107.59 64.92
C THR FC 69 -52.71 -108.26 65.40
N SER FC 70 -51.58 -107.97 64.76
CA SER FC 70 -50.31 -108.58 65.14
C SER FC 70 -49.29 -107.51 65.51
N VAL FC 71 -49.04 -106.57 64.60
CA VAL FC 71 -48.08 -105.50 64.83
C VAL FC 71 -48.66 -104.53 65.85
N CYS FC 72 -47.82 -104.00 66.72
CA CYS FC 72 -48.31 -103.10 67.76
C CYS FC 72 -48.26 -101.65 67.30
N GLY FC 73 -48.78 -101.36 66.12
CA GLY FC 73 -49.11 -99.99 65.76
C GLY FC 73 -49.11 -99.72 64.27
N GLU FC 74 -50.31 -99.68 63.67
CA GLU FC 74 -50.44 -99.37 62.25
C GLU FC 74 -51.88 -98.99 61.99
N LEU FC 75 -52.11 -97.77 61.55
CA LEU FC 75 -53.46 -97.31 61.25
C LEU FC 75 -53.95 -97.95 59.95
N PRO FC 76 -55.26 -98.08 59.77
CA PRO FC 76 -55.80 -98.62 58.50
C PRO FC 76 -55.36 -97.76 57.32
N LYS FC 77 -54.63 -98.39 56.40
CA LYS FC 77 -54.05 -97.70 55.26
C LYS FC 77 -54.63 -98.25 53.96
N VAL FC 78 -54.97 -97.34 53.04
CA VAL FC 78 -55.50 -97.77 51.75
C VAL FC 78 -54.39 -98.33 50.89
N ARG FC 79 -54.74 -99.23 49.98
CA ARG FC 79 -53.78 -99.87 49.11
C ARG FC 79 -53.97 -99.33 47.70
N TYR FC 80 -54.75 -99.99 46.85
CA TYR FC 80 -54.96 -99.56 45.47
C TYR FC 80 -56.33 -98.90 45.34
N THR FC 81 -56.55 -98.29 44.19
CA THR FC 81 -57.80 -97.61 43.88
C THR FC 81 -58.28 -98.04 42.51
N GLN FC 82 -59.58 -98.34 42.40
CA GLN FC 82 -60.19 -98.77 41.15
C GLN FC 82 -61.23 -97.74 40.71
N VAL FC 83 -61.20 -97.39 39.43
CA VAL FC 83 -62.11 -96.40 38.86
C VAL FC 83 -62.85 -97.05 37.69
N TRP FC 84 -64.18 -96.99 37.74
CA TRP FC 84 -65.05 -97.54 36.70
C TRP FC 84 -66.11 -96.49 36.39
N SER FC 85 -65.82 -95.61 35.44
CA SER FC 85 -66.72 -94.56 35.03
C SER FC 85 -67.58 -95.00 33.86
N HIS FC 86 -68.61 -94.20 33.57
CA HIS FC 86 -69.53 -94.48 32.48
C HIS FC 86 -69.82 -93.19 31.73
N ASP FC 87 -70.55 -93.31 30.63
CA ASP FC 87 -70.93 -92.15 29.82
C ASP FC 87 -72.16 -92.52 29.01
N VAL FC 88 -73.27 -91.85 29.29
CA VAL FC 88 -74.54 -92.10 28.60
C VAL FC 88 -74.90 -90.86 27.81
N THR FC 89 -75.00 -91.00 26.49
CA THR FC 89 -75.35 -89.91 25.59
C THR FC 89 -76.58 -90.36 24.80
N ILE FC 90 -77.76 -90.21 25.40
CA ILE FC 90 -79.03 -90.58 24.79
C ILE FC 90 -79.85 -89.33 24.56
N VAL FC 91 -80.30 -89.15 23.31
CA VAL FC 91 -81.10 -87.98 22.98
C VAL FC 91 -82.51 -88.14 23.54
N ALA FC 92 -83.20 -87.02 23.74
CA ALA FC 92 -84.54 -87.05 24.31
C ALA FC 92 -85.53 -87.66 23.32
N ASN FC 93 -85.64 -87.07 22.13
CA ASN FC 93 -86.55 -87.56 21.09
C ASN FC 93 -85.96 -88.83 20.47
N SER FC 94 -86.16 -89.95 21.17
CA SER FC 94 -85.67 -91.23 20.70
C SER FC 94 -86.81 -92.23 20.56
N THR FC 95 -86.60 -93.45 21.04
CA THR FC 95 -87.62 -94.49 20.96
C THR FC 95 -87.56 -95.33 22.23
N GLU FC 96 -88.72 -95.51 22.87
CA GLU FC 96 -88.77 -96.30 24.11
C GLU FC 96 -88.42 -97.76 23.84
N ALA FC 97 -88.93 -98.32 22.74
CA ALA FC 97 -88.62 -99.71 22.40
C ALA FC 97 -87.14 -99.88 22.11
N SER FC 98 -86.54 -98.93 21.38
CA SER FC 98 -85.12 -99.01 21.09
C SER FC 98 -84.29 -98.88 22.36
N ARG FC 99 -84.69 -97.99 23.28
CA ARG FC 99 -83.97 -97.85 24.54
C ARG FC 99 -84.08 -99.12 25.38
N LYS FC 100 -85.26 -99.74 25.39
CA LYS FC 100 -85.43 -100.99 26.14
C LYS FC 100 -84.59 -102.11 25.53
N SER FC 101 -84.55 -102.20 24.20
CA SER FC 101 -83.73 -103.21 23.56
C SER FC 101 -82.25 -102.99 23.83
N LEU FC 102 -81.81 -101.73 23.82
CA LEU FC 102 -80.41 -101.43 24.12
C LEU FC 102 -80.07 -101.79 25.57
N TYR FC 103 -80.99 -101.48 26.49
CA TYR FC 103 -80.75 -101.83 27.89
C TYR FC 103 -80.70 -103.34 28.08
N ASP FC 104 -81.58 -104.08 27.38
CA ASP FC 104 -81.55 -105.53 27.48
C ASP FC 104 -80.26 -106.10 26.90
N LEU FC 105 -79.79 -105.55 25.78
CA LEU FC 105 -78.53 -106.00 25.20
C LEU FC 105 -77.36 -105.71 26.14
N THR FC 106 -77.36 -104.54 26.77
CA THR FC 106 -76.29 -104.22 27.71
C THR FC 106 -76.33 -105.15 28.92
N LYS FC 107 -77.53 -105.45 29.42
CA LYS FC 107 -77.65 -106.37 30.55
C LYS FC 107 -77.16 -107.77 30.17
N SER FC 108 -77.49 -108.22 28.96
CA SER FC 108 -77.03 -109.53 28.52
C SER FC 108 -75.51 -109.56 28.36
N LEU FC 109 -74.93 -108.50 27.79
CA LEU FC 109 -73.48 -108.45 27.65
C LEU FC 109 -72.78 -108.38 29.01
N VAL FC 110 -73.42 -107.75 29.99
CA VAL FC 110 -72.83 -107.70 31.33
C VAL FC 110 -72.92 -109.07 32.01
N ALA FC 111 -74.07 -109.73 31.89
CA ALA FC 111 -74.29 -111.01 32.55
C ALA FC 111 -73.64 -112.19 31.82
N THR FC 112 -73.14 -111.98 30.60
CA THR FC 112 -72.49 -113.07 29.88
C THR FC 112 -71.20 -113.47 30.57
N SER FC 113 -70.70 -114.66 30.20
CA SER FC 113 -69.49 -115.21 30.80
C SER FC 113 -68.21 -114.71 30.13
N GLN FC 114 -68.31 -114.05 28.99
CA GLN FC 114 -67.14 -113.54 28.29
C GLN FC 114 -66.52 -112.34 29.00
N VAL FC 115 -67.35 -111.40 29.44
CA VAL FC 115 -66.83 -110.24 30.17
C VAL FC 115 -66.24 -110.65 31.51
N GLU FC 116 -66.84 -111.65 32.16
CA GLU FC 116 -66.29 -112.15 33.42
C GLU FC 116 -64.90 -112.74 33.22
N ASP FC 117 -64.71 -113.51 32.15
CA ASP FC 117 -63.39 -114.06 31.85
C ASP FC 117 -62.41 -112.95 31.49
N LEU FC 118 -62.86 -111.96 30.71
CA LEU FC 118 -62.01 -110.83 30.37
C LEU FC 118 -61.57 -110.06 31.63
N VAL FC 119 -62.43 -109.98 32.63
CA VAL FC 119 -62.09 -109.27 33.85
C VAL FC 119 -61.15 -110.10 34.71
N VAL FC 120 -61.44 -111.39 34.88
CA VAL FC 120 -60.68 -112.25 35.78
C VAL FC 120 -59.35 -112.63 35.13
N ASN FC 121 -59.41 -113.45 34.09
CA ASN FC 121 -58.19 -114.00 33.48
C ASN FC 121 -57.49 -113.02 32.55
N LEU FC 122 -58.02 -111.81 32.39
CA LEU FC 122 -57.40 -110.78 31.54
C LEU FC 122 -57.23 -111.25 30.10
N VAL FC 123 -58.10 -112.15 29.66
CA VAL FC 123 -58.06 -112.68 28.30
C VAL FC 123 -58.94 -111.79 27.42
N PRO FC 124 -58.46 -111.36 26.25
CA PRO FC 124 -59.27 -110.49 25.39
C PRO FC 124 -60.59 -111.16 25.01
N LEU FC 125 -61.63 -110.36 24.91
CA LEU FC 125 -62.98 -110.85 24.60
C LEU FC 125 -63.01 -111.39 23.17
N GLY FC 126 -63.33 -112.67 23.03
CA GLY FC 126 -63.39 -113.30 21.72
C GLY FC 126 -63.65 -114.79 21.78
N ARG FC 127 -64.87 -115.17 22.12
CA ARG FC 127 -65.24 -116.58 22.22
C ARG FC 127 -66.22 -116.96 21.11
N SER GC 1 -61.53 -121.76 23.99
CA SER GC 1 -60.10 -121.46 24.00
C SER GC 1 -59.28 -122.71 23.65
N LYS GC 2 -58.07 -122.79 24.21
CA LYS GC 2 -57.14 -123.87 23.90
C LYS GC 2 -56.36 -124.19 25.17
N THR GC 3 -56.47 -125.44 25.63
CA THR GC 3 -55.82 -125.88 26.86
C THR GC 3 -54.70 -126.86 26.53
N ILE GC 4 -53.60 -126.73 27.26
CA ILE GC 4 -52.43 -127.59 27.10
C ILE GC 4 -52.09 -128.17 28.47
N VAL GC 5 -52.04 -129.50 28.56
CA VAL GC 5 -51.76 -130.20 29.81
C VAL GC 5 -50.32 -130.68 29.77
N LEU GC 6 -49.54 -130.31 30.79
CA LEU GC 6 -48.15 -130.72 30.91
C LEU GC 6 -47.97 -131.52 32.18
N SER GC 7 -47.36 -132.70 32.06
CA SER GC 7 -47.14 -133.60 33.18
C SER GC 7 -45.71 -133.43 33.68
N VAL GC 8 -45.56 -133.01 34.93
CA VAL GC 8 -44.24 -132.82 35.53
C VAL GC 8 -43.76 -134.06 36.28
N GLY GC 9 -44.64 -135.02 36.53
CA GLY GC 9 -44.26 -136.22 37.26
C GLY GC 9 -45.27 -136.59 38.33
N GLU GC 10 -45.67 -135.60 39.14
CA GLU GC 10 -46.66 -135.81 40.19
C GLU GC 10 -47.87 -134.90 40.07
N ALA GC 11 -47.76 -133.77 39.37
CA ALA GC 11 -48.86 -132.84 39.17
C ALA GC 11 -48.98 -132.51 37.69
N THR GC 12 -50.13 -131.94 37.32
CA THR GC 12 -50.42 -131.57 35.94
C THR GC 12 -50.69 -130.08 35.87
N ARG GC 13 -49.94 -129.39 35.01
CA ARG GC 13 -50.11 -127.96 34.81
C ARG GC 13 -50.93 -127.70 33.56
N THR GC 14 -51.72 -126.63 33.59
CA THR GC 14 -52.64 -126.28 32.51
C THR GC 14 -52.29 -124.89 31.98
N LEU GC 15 -52.02 -124.80 30.69
CA LEU GC 15 -51.78 -123.54 30.00
C LEU GC 15 -52.97 -123.21 29.12
N THR GC 16 -53.41 -121.96 29.17
CA THR GC 16 -54.59 -121.52 28.46
C THR GC 16 -54.21 -120.47 27.40
N GLU GC 17 -54.83 -120.58 26.23
CA GLU GC 17 -54.63 -119.60 25.17
C GLU GC 17 -55.25 -118.27 25.58
N ILE GC 18 -54.46 -117.21 25.43
CA ILE GC 18 -54.87 -115.86 25.85
C ILE GC 18 -55.03 -114.94 24.65
N GLN GC 19 -54.01 -114.85 23.80
CA GLN GC 19 -53.94 -113.88 22.71
C GLN GC 19 -53.89 -114.64 21.39
N SER GC 20 -55.08 -115.06 20.93
CA SER GC 20 -55.19 -115.87 19.72
C SER GC 20 -54.99 -114.98 18.51
N THR GC 21 -53.83 -115.09 17.87
CA THR GC 21 -53.52 -114.37 16.64
C THR GC 21 -52.60 -115.24 15.78
N ALA GC 22 -52.68 -115.02 14.47
CA ALA GC 22 -51.93 -115.85 13.53
C ALA GC 22 -50.42 -115.66 13.69
N ASP GC 23 -49.97 -114.40 13.62
CA ASP GC 23 -48.54 -114.11 13.66
C ASP GC 23 -47.97 -114.13 15.07
N ARG GC 24 -48.80 -114.30 16.10
CA ARG GC 24 -48.30 -114.31 17.48
C ARG GC 24 -49.34 -115.03 18.35
N GLN GC 25 -48.99 -116.22 18.83
CA GLN GC 25 -49.84 -116.99 19.74
C GLN GC 25 -49.22 -116.94 21.12
N ILE GC 26 -49.99 -116.47 22.10
CA ILE GC 26 -49.51 -116.28 23.47
C ILE GC 26 -50.31 -117.22 24.37
N PHE GC 27 -49.64 -118.23 24.92
CA PHE GC 27 -50.22 -119.13 25.89
C PHE GC 27 -49.74 -118.76 27.29
N GLU GC 28 -50.66 -118.77 28.25
CA GLU GC 28 -50.35 -118.40 29.63
C GLU GC 28 -50.85 -119.47 30.59
N GLU GC 29 -50.02 -119.83 31.55
CA GLU GC 29 -50.36 -120.84 32.53
C GLU GC 29 -51.26 -120.26 33.61
N LYS GC 30 -52.33 -120.98 33.94
CA LYS GC 30 -53.30 -120.56 34.95
C LYS GC 30 -53.15 -121.46 36.17
N VAL GC 31 -52.58 -120.92 37.24
CA VAL GC 31 -52.41 -121.65 38.49
C VAL GC 31 -52.87 -120.77 39.64
N GLY GC 32 -52.31 -119.56 39.72
CA GLY GC 32 -52.67 -118.61 40.75
C GLY GC 32 -52.47 -117.18 40.30
N PRO GC 33 -51.34 -116.58 40.68
CA PRO GC 33 -51.05 -115.21 40.24
C PRO GC 33 -50.72 -115.18 38.76
N LEU GC 34 -51.49 -114.41 37.99
CA LEU GC 34 -51.27 -114.36 36.55
C LEU GC 34 -49.99 -113.61 36.21
N VAL GC 35 -49.65 -112.59 36.97
CA VAL GC 35 -48.41 -111.84 36.72
C VAL GC 35 -47.22 -112.66 37.19
N GLY GC 36 -46.17 -112.69 36.37
CA GLY GC 36 -44.98 -113.45 36.71
C GLY GC 36 -45.22 -114.95 36.72
N ARG GC 37 -45.73 -115.48 35.61
CA ARG GC 37 -46.01 -116.91 35.52
C ARG GC 37 -45.32 -117.51 34.30
N LEU GC 38 -45.91 -118.57 33.73
CA LEU GC 38 -45.36 -119.26 32.58
C LEU GC 38 -46.05 -118.76 31.32
N ARG GC 39 -45.26 -118.25 30.37
CA ARG GC 39 -45.79 -117.76 29.11
C ARG GC 39 -45.04 -118.39 27.95
N LEU GC 40 -45.75 -118.55 26.83
CA LEU GC 40 -45.19 -119.17 25.64
C LEU GC 40 -45.63 -118.36 24.41
N THR GC 41 -44.65 -117.97 23.60
CA THR GC 41 -44.89 -117.20 22.39
C THR GC 41 -44.54 -118.05 21.17
N ALA GC 42 -45.50 -118.20 20.27
CA ALA GC 42 -45.32 -118.97 19.05
C ALA GC 42 -45.55 -118.08 17.83
N SER GC 43 -44.71 -118.25 16.81
CA SER GC 43 -44.83 -117.47 15.59
C SER GC 43 -44.46 -118.34 14.39
N LEU GC 44 -45.18 -118.16 13.30
CA LEU GC 44 -44.94 -118.89 12.06
C LEU GC 44 -45.01 -117.91 10.90
N ARG GC 45 -44.06 -118.02 9.97
CA ARG GC 45 -44.01 -117.11 8.83
C ARG GC 45 -43.33 -117.82 7.67
N GLN GC 46 -43.05 -117.05 6.60
CA GLN GC 46 -42.35 -117.52 5.42
C GLN GC 46 -40.98 -116.83 5.35
N ASN GC 47 -40.37 -116.86 4.18
CA ASN GC 47 -39.06 -116.27 3.99
C ASN GC 47 -38.80 -116.10 2.50
N GLY GC 48 -37.96 -115.11 2.18
CA GLY GC 48 -37.50 -114.90 0.81
C GLY GC 48 -38.59 -114.84 -0.24
N ALA GC 49 -38.56 -115.78 -1.18
CA ALA GC 49 -39.54 -115.84 -2.25
C ALA GC 49 -40.28 -117.18 -2.18
N LYS GC 50 -41.02 -117.37 -1.09
CA LYS GC 50 -41.86 -118.56 -0.88
C LYS GC 50 -41.04 -119.84 -0.98
N THR GC 51 -39.81 -119.80 -0.46
CA THR GC 51 -38.93 -120.97 -0.46
C THR GC 51 -39.18 -121.84 0.76
N ALA GC 52 -38.66 -121.41 1.91
CA ALA GC 52 -38.81 -122.16 3.15
C ALA GC 52 -39.77 -121.46 4.10
N TYR GC 53 -39.66 -121.76 5.39
CA TYR GC 53 -40.50 -121.16 6.41
C TYR GC 53 -39.66 -120.80 7.62
N ARG GC 54 -40.28 -120.17 8.61
CA ARG GC 54 -39.61 -119.76 9.83
C ARG GC 54 -40.56 -119.91 11.00
N VAL GC 55 -40.17 -120.69 11.99
CA VAL GC 55 -40.97 -120.92 13.19
C VAL GC 55 -40.16 -120.47 14.40
N ASN GC 56 -40.81 -119.70 15.27
CA ASN GC 56 -40.17 -119.19 16.48
C ASN GC 56 -40.99 -119.61 17.69
N LEU GC 57 -40.31 -120.15 18.69
CA LEU GC 57 -40.95 -120.62 19.92
C LEU GC 57 -40.13 -120.13 21.11
N LYS GC 58 -40.74 -119.29 21.94
CA LYS GC 58 -40.09 -118.75 23.13
C LYS GC 58 -40.89 -119.13 24.36
N LEU GC 59 -40.19 -119.44 25.45
CA LEU GC 59 -40.83 -119.82 26.71
C LEU GC 59 -40.20 -119.02 27.83
N ASP GC 60 -41.02 -118.23 28.53
CA ASP GC 60 -40.56 -117.37 29.60
C ASP GC 60 -41.25 -117.73 30.91
N GLN GC 61 -40.54 -117.54 32.01
CA GLN GC 61 -41.08 -117.80 33.35
C GLN GC 61 -40.29 -116.98 34.35
N ALA GC 62 -40.94 -116.00 34.96
CA ALA GC 62 -40.32 -115.12 35.94
C ALA GC 62 -40.80 -115.47 37.33
N ASP GC 63 -39.85 -115.68 38.25
CA ASP GC 63 -40.19 -116.00 39.63
C ASP GC 63 -40.68 -114.76 40.37
N VAL GC 64 -41.54 -114.98 41.36
CA VAL GC 64 -42.13 -113.90 42.15
C VAL GC 64 -41.81 -114.14 43.61
N VAL GC 65 -41.83 -113.06 44.39
CA VAL GC 65 -41.59 -113.12 45.82
C VAL GC 65 -42.62 -112.23 46.52
N ASP GC 66 -42.91 -112.56 47.77
CA ASP GC 66 -43.90 -111.85 48.56
C ASP GC 66 -43.51 -111.88 50.03
N CYS GC 67 -43.79 -110.78 50.73
CA CYS GC 67 -43.47 -110.66 52.14
C CYS GC 67 -44.70 -110.44 53.02
N SER GC 68 -45.91 -110.62 52.48
CA SER GC 68 -47.11 -110.40 53.29
C SER GC 68 -47.29 -111.46 54.37
N THR GC 69 -46.53 -112.56 54.31
CA THR GC 69 -46.65 -113.58 55.33
C THR GC 69 -46.03 -113.14 56.65
N SER GC 70 -44.97 -112.34 56.61
CA SER GC 70 -44.30 -111.87 57.82
C SER GC 70 -44.29 -110.35 57.88
N VAL GC 71 -43.76 -109.71 56.84
CA VAL GC 71 -43.69 -108.25 56.79
C VAL GC 71 -45.09 -107.70 56.56
N CYS GC 72 -45.41 -106.58 57.22
CA CYS GC 72 -46.76 -106.05 57.06
C CYS GC 72 -46.83 -105.03 55.93
N GLY GC 73 -46.34 -105.41 54.75
CA GLY GC 73 -46.70 -104.69 53.53
C GLY GC 73 -45.69 -104.82 52.42
N GLU GC 74 -45.97 -105.69 51.46
CA GLU GC 74 -45.10 -105.87 50.29
C GLU GC 74 -45.89 -106.60 49.22
N LEU GC 75 -46.08 -105.93 48.08
CA LEU GC 75 -46.80 -106.55 46.97
C LEU GC 75 -45.94 -107.62 46.30
N PRO GC 76 -46.56 -108.61 45.65
CA PRO GC 76 -45.77 -109.61 44.92
C PRO GC 76 -44.90 -108.96 43.86
N LYS GC 77 -43.59 -109.15 43.99
CA LYS GC 77 -42.61 -108.52 43.11
C LYS GC 77 -41.84 -109.58 42.35
N VAL GC 78 -41.65 -109.35 41.06
CA VAL GC 78 -40.88 -110.27 40.23
C VAL GC 78 -39.40 -110.15 40.56
N ARG GC 79 -38.66 -111.25 40.35
CA ARG GC 79 -37.24 -111.29 40.65
C ARG GC 79 -36.49 -111.33 39.33
N TYR GC 80 -36.11 -112.49 38.82
CA TYR GC 80 -35.36 -112.62 37.58
C TYR GC 80 -36.29 -113.05 36.45
N THR GC 81 -35.76 -113.00 35.23
CA THR GC 81 -36.50 -113.38 34.04
C THR GC 81 -35.63 -114.31 33.19
N GLN GC 82 -36.24 -115.39 32.70
CA GLN GC 82 -35.55 -116.37 31.87
C GLN GC 82 -36.17 -116.39 30.48
N VAL GC 83 -35.31 -116.40 29.46
CA VAL GC 83 -35.74 -116.38 28.07
C VAL GC 83 -35.13 -117.59 27.38
N TRP GC 84 -35.98 -118.41 26.75
CA TRP GC 84 -35.56 -119.59 26.01
C TRP GC 84 -36.29 -119.59 24.67
N SER GC 85 -35.68 -118.96 23.67
CA SER GC 85 -36.25 -118.86 22.34
C SER GC 85 -35.76 -120.00 21.45
N HIS GC 86 -36.42 -120.16 20.30
CA HIS GC 86 -36.07 -121.20 19.33
C HIS GC 86 -36.10 -120.60 17.93
N ASP GC 87 -35.68 -121.40 16.96
CA ASP GC 87 -35.66 -120.98 15.57
C ASP GC 87 -35.69 -122.23 14.69
N VAL GC 88 -36.77 -122.40 13.93
CA VAL GC 88 -36.95 -123.55 13.06
C VAL GC 88 -36.98 -123.06 11.62
N THR GC 89 -36.00 -123.51 10.82
CA THR GC 89 -35.89 -123.14 9.41
C THR GC 89 -35.91 -124.44 8.60
N ILE GC 90 -37.11 -124.95 8.34
CA ILE GC 90 -37.30 -126.19 7.59
C ILE GC 90 -38.00 -125.86 6.28
N VAL GC 91 -37.41 -126.30 5.17
CA VAL GC 91 -38.01 -126.03 3.86
C VAL GC 91 -39.22 -126.94 3.66
N ALA GC 92 -40.12 -126.52 2.78
CA ALA GC 92 -41.33 -127.28 2.52
C ALA GC 92 -41.01 -128.59 1.80
N ASN GC 93 -40.37 -128.49 0.63
CA ASN GC 93 -40.01 -129.67 -0.15
C ASN GC 93 -38.80 -130.34 0.50
N SER GC 94 -39.09 -131.13 1.53
CA SER GC 94 -38.05 -131.86 2.25
C SER GC 94 -38.32 -133.36 2.23
N THR GC 95 -38.17 -134.02 3.38
CA THR GC 95 -38.41 -135.45 3.49
C THR GC 95 -39.04 -135.74 4.83
N GLU GC 96 -40.16 -136.48 4.80
CA GLU GC 96 -40.85 -136.82 6.05
C GLU GC 96 -40.00 -137.72 6.93
N ALA GC 97 -39.31 -138.70 6.33
CA ALA GC 97 -38.46 -139.58 7.11
C ALA GC 97 -37.29 -138.82 7.72
N SER GC 98 -36.69 -137.89 6.96
CA SER GC 98 -35.60 -137.09 7.49
C SER GC 98 -36.07 -136.18 8.62
N ARG GC 99 -37.26 -135.60 8.47
CA ARG GC 99 -37.81 -134.75 9.53
C ARG GC 99 -38.10 -135.56 10.78
N LYS GC 100 -38.63 -136.78 10.63
CA LYS GC 100 -38.89 -137.63 11.77
C LYS GC 100 -37.60 -138.03 12.46
N SER GC 101 -36.56 -138.37 11.68
CA SER GC 101 -35.28 -138.73 12.28
C SER GC 101 -34.67 -137.54 13.02
N LEU GC 102 -34.78 -136.33 12.45
CA LEU GC 102 -34.27 -135.15 13.12
C LEU GC 102 -35.02 -134.86 14.42
N TYR GC 103 -36.35 -135.03 14.39
CA TYR GC 103 -37.13 -134.83 15.61
C TYR GC 103 -36.76 -135.85 16.67
N ASP GC 104 -36.55 -137.11 16.27
CA ASP GC 104 -36.15 -138.14 17.23
C ASP GC 104 -34.77 -137.85 17.81
N LEU GC 105 -33.84 -137.38 16.98
CA LEU GC 105 -32.52 -137.02 17.48
C LEU GC 105 -32.59 -135.85 18.44
N THR GC 106 -33.42 -134.85 18.14
CA THR GC 106 -33.59 -133.72 19.05
C THR GC 106 -34.20 -134.16 20.37
N LYS GC 107 -35.20 -135.05 20.31
CA LYS GC 107 -35.83 -135.55 21.53
C LYS GC 107 -34.82 -136.34 22.37
N SER GC 108 -33.98 -137.14 21.72
CA SER GC 108 -32.97 -137.90 22.45
C SER GC 108 -31.94 -136.97 23.09
N LEU GC 109 -31.49 -135.94 22.35
CA LEU GC 109 -30.54 -135.00 22.91
C LEU GC 109 -31.15 -134.20 24.06
N VAL GC 110 -32.44 -133.94 24.02
CA VAL GC 110 -33.09 -133.22 25.11
C VAL GC 110 -33.24 -134.13 26.33
N ALA GC 111 -33.63 -135.39 26.12
CA ALA GC 111 -33.84 -136.32 27.22
C ALA GC 111 -32.55 -136.92 27.77
N THR GC 112 -31.42 -136.71 27.11
CA THR GC 112 -30.17 -137.24 27.61
C THR GC 112 -29.77 -136.54 28.91
N SER GC 113 -28.84 -137.17 29.63
CA SER GC 113 -28.37 -136.67 30.91
C SER GC 113 -27.28 -135.62 30.79
N GLN GC 114 -26.70 -135.44 29.60
CA GLN GC 114 -25.63 -134.46 29.40
C GLN GC 114 -26.16 -133.03 29.43
N VAL GC 115 -27.28 -132.78 28.74
CA VAL GC 115 -27.85 -131.44 28.74
C VAL GC 115 -28.37 -131.07 30.13
N GLU GC 116 -28.90 -132.05 30.87
CA GLU GC 116 -29.35 -131.78 32.23
C GLU GC 116 -28.18 -131.35 33.11
N ASP GC 117 -27.04 -132.03 32.99
CA ASP GC 117 -25.86 -131.63 33.76
C ASP GC 117 -25.34 -130.27 33.31
N LEU GC 118 -25.35 -130.01 32.01
CA LEU GC 118 -24.94 -128.70 31.49
C LEU GC 118 -25.83 -127.59 32.03
N VAL GC 119 -27.12 -127.87 32.22
CA VAL GC 119 -28.04 -126.86 32.73
C VAL GC 119 -27.85 -126.66 34.23
N VAL GC 120 -27.76 -127.76 34.98
CA VAL GC 120 -27.69 -127.69 36.43
C VAL GC 120 -26.30 -127.26 36.88
N ASN GC 121 -25.30 -128.12 36.69
CA ASN GC 121 -23.96 -127.88 37.20
C ASN GC 121 -23.16 -126.90 36.35
N LEU GC 122 -23.73 -126.38 35.26
CA LEU GC 122 -23.05 -125.43 34.38
C LEU GC 122 -21.74 -125.97 33.83
N VAL GC 123 -21.65 -127.30 33.69
CA VAL GC 123 -20.46 -127.95 33.15
C VAL GC 123 -20.61 -128.07 31.64
N PRO GC 124 -19.60 -127.70 30.85
CA PRO GC 124 -19.72 -127.79 29.40
C PRO GC 124 -20.02 -129.20 28.94
N LEU GC 125 -20.82 -129.31 27.89
CA LEU GC 125 -21.25 -130.61 27.37
C LEU GC 125 -20.05 -131.34 26.77
N GLY GC 126 -19.74 -132.52 27.30
CA GLY GC 126 -18.61 -133.30 26.83
C GLY GC 126 -18.35 -134.53 27.66
N ARG GC 127 -19.22 -135.54 27.53
CA ARG GC 127 -19.07 -136.78 28.27
C ARG GC 127 -18.73 -137.94 27.34
N SER HC 1 -12.25 -130.72 26.92
CA SER HC 1 -11.71 -129.70 27.81
C SER HC 1 -10.47 -130.20 28.55
N LYS HC 2 -10.27 -129.69 29.76
CA LYS HC 2 -9.09 -130.01 30.55
C LYS HC 2 -9.50 -130.05 32.02
N THR HC 3 -9.31 -131.21 32.65
CA THR HC 3 -9.69 -131.41 34.03
C THR HC 3 -8.45 -131.53 34.91
N ILE HC 4 -8.52 -130.94 36.10
CA ILE HC 4 -7.43 -130.96 37.08
C ILE HC 4 -8.01 -131.48 38.39
N VAL HC 5 -7.42 -132.54 38.92
CA VAL HC 5 -7.88 -133.17 40.16
C VAL HC 5 -6.94 -132.76 41.28
N LEU HC 6 -7.49 -132.20 42.35
CA LEU HC 6 -6.72 -131.77 43.51
C LEU HC 6 -7.21 -132.55 44.74
N SER HC 7 -6.26 -133.15 45.46
CA SER HC 7 -6.55 -133.95 46.63
C SER HC 7 -6.32 -133.10 47.88
N VAL HC 8 -7.38 -132.88 48.66
CA VAL HC 8 -7.27 -132.09 49.89
C VAL HC 8 -7.01 -132.96 51.12
N GLY HC 9 -7.16 -134.28 51.01
CA GLY HC 9 -6.96 -135.16 52.14
C GLY HC 9 -8.06 -136.19 52.26
N GLU HC 10 -9.32 -135.75 52.20
CA GLU HC 10 -10.47 -136.63 52.27
C GLU HC 10 -11.39 -136.53 51.06
N ALA HC 11 -11.35 -135.44 50.30
CA ALA HC 11 -12.17 -135.27 49.12
C ALA HC 11 -11.29 -134.82 47.97
N THR HC 12 -11.83 -134.93 46.76
CA THR HC 12 -11.12 -134.56 45.54
C THR HC 12 -11.91 -133.47 44.82
N ARG HC 13 -11.25 -132.35 44.53
CA ARG HC 13 -11.86 -131.25 43.81
C ARG HC 13 -11.44 -131.29 42.34
N THR HC 14 -12.35 -130.85 41.48
CA THR HC 14 -12.15 -130.89 40.04
C THR HC 14 -12.26 -129.49 39.46
N LEU HC 15 -11.20 -129.05 38.77
CA LEU HC 15 -11.18 -127.78 38.07
C LEU HC 15 -11.26 -128.02 36.58
N THR HC 16 -12.10 -127.24 35.89
CA THR HC 16 -12.35 -127.43 34.46
C THR HC 16 -11.88 -126.19 33.70
N GLU HC 17 -11.26 -126.44 32.55
CA GLU HC 17 -10.84 -125.35 31.67
C GLU HC 17 -12.07 -124.67 31.07
N ILE HC 18 -12.09 -123.32 31.15
CA ILE HC 18 -13.24 -122.52 30.74
C ILE HC 18 -12.90 -121.61 29.56
N GLN HC 19 -11.79 -120.90 29.64
CA GLN HC 19 -11.41 -119.89 28.66
C GLN HC 19 -10.05 -120.27 28.06
N SER HC 20 -10.07 -121.19 27.11
CA SER HC 20 -8.85 -121.71 26.50
C SER HC 20 -8.27 -120.67 25.54
N THR HC 21 -7.19 -120.02 25.97
CA THR HC 21 -6.48 -119.06 25.13
C THR HC 21 -5.00 -119.12 25.48
N ALA HC 22 -4.16 -118.77 24.51
CA ALA HC 22 -2.72 -118.89 24.68
C ALA HC 22 -2.22 -117.91 25.74
N ASP HC 23 -2.52 -116.63 25.59
CA ASP HC 23 -2.02 -115.60 26.49
C ASP HC 23 -2.77 -115.53 27.81
N ARG HC 24 -3.85 -116.30 27.97
CA ARG HC 24 -4.63 -116.26 29.22
C ARG HC 24 -5.43 -117.57 29.31
N GLN HC 25 -5.06 -118.42 30.26
CA GLN HC 25 -5.76 -119.66 30.52
C GLN HC 25 -6.52 -119.52 31.84
N ILE HC 26 -7.84 -119.71 31.80
CA ILE HC 26 -8.71 -119.52 32.95
C ILE HC 26 -9.32 -120.87 33.30
N PHE HC 27 -8.91 -121.42 34.45
CA PHE HC 27 -9.49 -122.64 34.99
C PHE HC 27 -10.46 -122.30 36.11
N GLU HC 28 -11.61 -122.98 36.12
CA GLU HC 28 -12.65 -122.72 37.11
C GLU HC 28 -13.10 -124.03 37.74
N GLU HC 29 -13.25 -124.02 39.06
CA GLU HC 29 -13.65 -125.21 39.80
C GLU HC 29 -15.16 -125.41 39.70
N LYS HC 30 -15.57 -126.64 39.42
CA LYS HC 30 -16.98 -127.00 39.28
C LYS HC 30 -17.39 -127.86 40.48
N VAL HC 31 -18.16 -127.26 41.39
CA VAL HC 31 -18.66 -127.98 42.56
C VAL HC 31 -20.15 -127.70 42.70
N GLY HC 32 -20.51 -126.42 42.73
CA GLY HC 32 -21.89 -126.02 42.86
C GLY HC 32 -22.14 -124.66 42.22
N PRO HC 33 -22.17 -123.61 43.04
CA PRO HC 33 -22.36 -122.25 42.50
C PRO HC 33 -21.11 -121.81 41.75
N LEU HC 34 -21.28 -121.47 40.47
CA LEU HC 34 -20.14 -121.07 39.66
C LEU HC 34 -19.61 -119.70 40.05
N VAL HC 35 -20.51 -118.80 40.46
CA VAL HC 35 -20.08 -117.47 40.88
C VAL HC 35 -19.47 -117.56 42.28
N GLY HC 36 -18.35 -116.86 42.47
CA GLY HC 36 -17.66 -116.88 43.75
C GLY HC 36 -17.08 -118.23 44.09
N ARG HC 37 -16.25 -118.76 43.19
CA ARG HC 37 -15.64 -120.07 43.41
C ARG HC 37 -14.12 -119.99 43.28
N LEU HC 38 -13.49 -121.09 42.87
CA LEU HC 38 -12.04 -121.15 42.72
C LEU HC 38 -11.69 -120.92 41.26
N ARG HC 39 -10.85 -119.92 41.00
CA ARG HC 39 -10.40 -119.59 39.66
C ARG HC 39 -8.88 -119.50 39.62
N LEU HC 40 -8.32 -119.83 38.47
CA LEU HC 40 -6.88 -119.84 38.27
C LEU HC 40 -6.56 -119.23 36.91
N THR HC 41 -5.67 -118.24 36.91
CA THR HC 41 -5.26 -117.53 35.70
C THR HC 41 -3.79 -117.84 35.43
N ALA HC 42 -3.51 -118.33 34.23
CA ALA HC 42 -2.16 -118.67 33.81
C ALA HC 42 -1.78 -117.88 32.57
N SER HC 43 -0.55 -117.38 32.53
CA SER HC 43 -0.07 -116.61 31.39
C SER HC 43 1.40 -116.92 31.16
N LEU HC 44 1.78 -116.99 29.89
CA LEU HC 44 3.15 -117.25 29.48
C LEU HC 44 3.52 -116.29 28.35
N ARG HC 45 4.71 -115.71 28.43
CA ARG HC 45 5.15 -114.75 27.42
C ARG HC 45 6.67 -114.76 27.36
N GLN HC 46 7.22 -113.81 26.61
CA GLN HC 46 8.66 -113.61 26.46
C GLN HC 46 9.04 -112.28 27.12
N ASN HC 47 10.22 -111.77 26.79
CA ASN HC 47 10.70 -110.52 27.36
C ASN HC 47 11.85 -110.00 26.51
N GLY HC 48 12.02 -108.68 26.54
CA GLY HC 48 13.15 -108.02 25.89
C GLY HC 48 13.38 -108.40 24.45
N ALA HC 49 14.53 -109.00 24.16
CA ALA HC 49 14.89 -109.43 22.82
C ALA HC 49 15.11 -110.93 22.80
N LYS HC 50 14.05 -111.69 23.07
CA LYS HC 50 14.05 -113.14 23.03
C LYS HC 50 15.11 -113.72 23.95
N THR HC 51 15.30 -113.08 25.11
CA THR HC 51 16.28 -113.56 26.09
C THR HC 51 15.66 -114.61 27.01
N ALA HC 52 14.85 -114.16 27.98
CA ALA HC 52 14.23 -115.07 28.93
C ALA HC 52 12.73 -115.18 28.67
N TYR HC 53 11.97 -115.57 29.68
CA TYR HC 53 10.53 -115.71 29.56
C TYR HC 53 9.87 -115.16 30.83
N ARG HC 54 8.55 -115.14 30.82
CA ARG HC 54 7.78 -114.64 31.95
C ARG HC 54 6.52 -115.48 32.11
N VAL HC 55 6.35 -116.06 33.29
CA VAL HC 55 5.19 -116.89 33.61
C VAL HC 55 4.46 -116.27 34.79
N ASN HC 56 3.14 -116.15 34.67
CA ASN HC 56 2.31 -115.57 35.72
C ASN HC 56 1.22 -116.57 36.09
N LEU HC 57 1.06 -116.81 37.39
CA LEU HC 57 0.06 -117.74 37.90
C LEU HC 57 -0.66 -117.09 39.08
N LYS HC 58 -1.96 -116.88 38.93
CA LYS HC 58 -2.78 -116.27 39.97
C LYS HC 58 -3.90 -117.22 40.35
N LEU HC 59 -4.21 -117.27 41.64
CA LEU HC 59 -5.26 -118.14 42.16
C LEU HC 59 -6.18 -117.32 43.05
N ASP HC 60 -7.46 -117.24 42.69
CA ASP HC 60 -8.44 -116.46 43.43
C ASP HC 60 -9.57 -117.36 43.91
N GLN HC 61 -10.14 -116.98 45.06
CA GLN HC 61 -11.26 -117.71 45.65
C GLN HC 61 -12.01 -116.78 46.57
N ALA HC 62 -13.24 -116.44 46.21
CA ALA HC 62 -14.07 -115.53 46.98
C ALA HC 62 -15.17 -116.32 47.67
N ASP HC 63 -15.30 -116.11 48.98
CA ASP HC 63 -16.33 -116.79 49.77
C ASP HC 63 -17.69 -116.16 49.50
N VAL HC 64 -18.73 -116.98 49.63
CA VAL HC 64 -20.10 -116.56 49.39
C VAL HC 64 -20.92 -116.82 50.65
N VAL HC 65 -22.02 -116.08 50.78
CA VAL HC 65 -22.94 -116.22 51.89
C VAL HC 65 -24.37 -116.19 51.36
N ASP HC 66 -25.28 -116.82 52.09
CA ASP HC 66 -26.68 -116.92 51.69
C ASP HC 66 -27.55 -116.97 52.93
N CYS HC 67 -28.73 -116.34 52.82
CA CYS HC 67 -29.68 -116.29 53.92
C CYS HC 67 -31.02 -116.94 53.60
N SER HC 68 -31.12 -117.68 52.47
CA SER HC 68 -32.39 -118.29 52.11
C SER HC 68 -32.78 -119.43 53.04
N THR HC 69 -31.85 -119.89 53.89
CA THR HC 69 -32.18 -120.97 54.82
C THR HC 69 -33.07 -120.48 55.95
N SER HC 70 -32.90 -119.22 56.37
CA SER HC 70 -33.69 -118.67 57.47
C SER HC 70 -34.46 -117.44 57.01
N VAL HC 71 -33.75 -116.45 56.48
CA VAL HC 71 -34.36 -115.21 56.02
C VAL HC 71 -35.13 -115.51 54.73
N CYS HC 72 -36.28 -114.86 54.56
CA CYS HC 72 -37.10 -115.11 53.39
C CYS HC 72 -36.76 -114.16 52.25
N GLY HC 73 -35.47 -114.02 51.93
CA GLY HC 73 -35.08 -113.44 50.67
C GLY HC 73 -33.71 -112.80 50.67
N GLU HC 74 -32.71 -113.52 50.13
CA GLU HC 74 -31.36 -112.98 50.03
C GLU HC 74 -30.60 -113.84 49.02
N LEU HC 75 -30.16 -113.22 47.93
CA LEU HC 75 -29.40 -113.94 46.92
C LEU HC 75 -27.98 -114.22 47.43
N PRO HC 76 -27.33 -115.26 46.91
CA PRO HC 76 -25.94 -115.53 47.30
C PRO HC 76 -25.05 -114.35 46.98
N LYS HC 77 -24.42 -113.80 48.02
CA LYS HC 77 -23.61 -112.60 47.91
C LYS HC 77 -22.17 -112.91 48.29
N VAL HC 78 -21.22 -112.39 47.51
CA VAL HC 78 -19.81 -112.60 47.80
C VAL HC 78 -19.40 -111.73 48.98
N ARG HC 79 -18.38 -112.18 49.70
CA ARG HC 79 -17.90 -111.47 50.88
C ARG HC 79 -16.55 -110.87 50.54
N TYR HC 80 -15.44 -111.53 50.85
CA TYR HC 80 -14.10 -111.01 50.59
C TYR HC 80 -13.50 -111.70 49.37
N THR HC 81 -12.37 -111.16 48.91
CA THR HC 81 -11.66 -111.69 47.76
C THR HC 81 -10.19 -111.82 48.10
N GLN HC 82 -9.60 -112.96 47.74
CA GLN HC 82 -8.20 -113.24 47.99
C GLN HC 82 -7.46 -113.37 46.67
N VAL HC 83 -6.29 -112.75 46.58
CA VAL HC 83 -5.47 -112.74 45.37
C VAL HC 83 -4.09 -113.28 45.73
N TRP HC 84 -3.65 -114.31 45.02
CA TRP HC 84 -2.33 -114.92 45.22
C TRP HC 84 -1.70 -115.10 43.84
N SER HC 85 -0.96 -114.09 43.40
CA SER HC 85 -0.30 -114.11 42.10
C SER HC 85 1.13 -114.62 42.24
N HIS HC 86 1.75 -114.91 41.09
CA HIS HC 86 3.11 -115.41 41.04
C HIS HC 86 3.85 -114.70 39.92
N ASP HC 87 5.15 -114.98 39.83
CA ASP HC 87 5.99 -114.40 38.79
C ASP HC 87 7.22 -115.29 38.61
N VAL HC 88 7.34 -115.90 37.44
CA VAL HC 88 8.45 -116.79 37.12
C VAL HC 88 9.27 -116.17 36.01
N THR HC 89 10.53 -115.87 36.29
CA THR HC 89 11.45 -115.28 35.33
C THR HC 89 12.66 -116.21 35.22
N ILE HC 90 12.53 -117.26 34.40
CA ILE HC 90 13.58 -118.24 34.19
C ILE HC 90 14.05 -118.15 32.75
N VAL HC 91 15.35 -117.99 32.57
CA VAL HC 91 15.91 -117.90 31.22
C VAL HC 91 15.91 -119.27 30.57
N ALA HC 92 15.93 -119.28 29.23
CA ALA HC 92 15.91 -120.54 28.50
C ALA HC 92 17.21 -121.31 28.68
N ASN HC 93 18.34 -120.68 28.32
CA ASN HC 93 19.65 -121.30 28.43
C ASN HC 93 20.06 -121.31 29.91
N SER HC 94 19.53 -122.28 30.65
CA SER HC 94 19.84 -122.41 32.07
C SER HC 94 20.44 -123.78 32.36
N THR HC 95 19.98 -124.42 33.43
CA THR HC 95 20.46 -125.74 33.82
C THR HC 95 19.30 -126.56 34.36
N GLU HC 96 19.13 -127.77 33.83
CA GLU HC 96 18.04 -128.63 34.28
C GLU HC 96 18.22 -129.04 35.73
N ALA HC 97 19.46 -129.37 36.14
CA ALA HC 97 19.72 -129.74 37.53
C ALA HC 97 19.46 -128.57 38.47
N SER HC 98 19.87 -127.36 38.07
CA SER HC 98 19.62 -126.18 38.89
C SER HC 98 18.12 -125.90 39.00
N ARG HC 99 17.39 -126.04 37.90
CA ARG HC 99 15.94 -125.84 37.94
C ARG HC 99 15.26 -126.86 38.83
N LYS HC 100 15.71 -128.13 38.76
CA LYS HC 100 15.13 -129.16 39.62
C LYS HC 100 15.42 -128.88 41.09
N SER HC 101 16.65 -128.45 41.40
CA SER HC 101 17.00 -128.13 42.78
C SER HC 101 16.19 -126.94 43.28
N LEU HC 102 15.98 -125.93 42.43
CA LEU HC 102 15.17 -124.78 42.83
C LEU HC 102 13.72 -125.19 43.07
N TYR HC 103 13.18 -126.05 42.21
CA TYR HC 103 11.82 -126.52 42.40
C TYR HC 103 11.69 -127.34 43.69
N ASP HC 104 12.68 -128.17 43.98
CA ASP HC 104 12.66 -128.94 45.21
C ASP HC 104 12.74 -128.04 46.44
N LEU HC 105 13.58 -127.01 46.37
CA LEU HC 105 13.68 -126.07 47.49
C LEU HC 105 12.37 -125.30 47.68
N THR HC 106 11.72 -124.90 46.59
CA THR HC 106 10.44 -124.21 46.69
C THR HC 106 9.38 -125.14 47.28
N LYS HC 107 9.36 -126.41 46.85
CA LYS HC 107 8.40 -127.36 47.40
C LYS HC 107 8.63 -127.59 48.88
N SER HC 108 9.89 -127.67 49.30
CA SER HC 108 10.21 -127.84 50.72
C SER HC 108 9.78 -126.62 51.53
N LEU HC 109 10.05 -125.42 51.01
CA LEU HC 109 9.64 -124.20 51.71
C LEU HC 109 8.13 -124.08 51.79
N VAL HC 110 7.41 -124.59 50.78
CA VAL HC 110 5.96 -124.54 50.82
C VAL HC 110 5.42 -125.55 51.82
N ALA HC 111 5.99 -126.77 51.83
CA ALA HC 111 5.51 -127.83 52.70
C ALA HC 111 5.99 -127.69 54.14
N THR HC 112 6.93 -126.79 54.42
CA THR HC 112 7.41 -126.60 55.78
C THR HC 112 6.31 -126.03 56.67
N SER HC 113 6.52 -126.14 57.98
CA SER HC 113 5.55 -125.69 58.96
C SER HC 113 5.66 -124.20 59.28
N GLN HC 114 6.75 -123.54 58.85
CA GLN HC 114 6.94 -122.13 59.12
C GLN HC 114 6.00 -121.25 58.30
N VAL HC 115 5.85 -121.55 57.00
CA VAL HC 115 4.94 -120.77 56.17
C VAL HC 115 3.49 -120.99 56.60
N GLU HC 116 3.15 -122.20 57.04
CA GLU HC 116 1.80 -122.46 57.54
C GLU HC 116 1.50 -121.60 58.77
N ASP HC 117 2.46 -121.50 59.69
CA ASP HC 117 2.27 -120.65 60.86
C ASP HC 117 2.20 -119.18 60.48
N LEU HC 118 3.05 -118.76 59.53
CA LEU HC 118 3.00 -117.38 59.05
C LEU HC 118 1.64 -117.06 58.43
N VAL HC 119 1.02 -118.03 57.76
CA VAL HC 119 -0.27 -117.80 57.13
C VAL HC 119 -1.39 -117.78 58.17
N VAL HC 120 -1.38 -118.74 59.09
CA VAL HC 120 -2.45 -118.89 60.07
C VAL HC 120 -2.33 -117.84 61.16
N ASN HC 121 -1.30 -117.96 62.00
CA ASN HC 121 -1.15 -117.10 63.17
C ASN HC 121 -0.59 -115.72 62.83
N LEU HC 122 -0.30 -115.44 61.57
CA LEU HC 122 0.22 -114.14 61.13
C LEU HC 122 1.51 -113.77 61.85
N VAL HC 123 2.28 -114.77 62.26
CA VAL HC 123 3.56 -114.56 62.94
C VAL HC 123 4.65 -114.50 61.88
N PRO HC 124 5.55 -113.50 61.94
CA PRO HC 124 6.60 -113.41 60.93
C PRO HC 124 7.48 -114.65 60.90
N LEU HC 125 7.92 -115.01 59.70
CA LEU HC 125 8.72 -116.22 59.51
C LEU HC 125 10.08 -116.05 60.17
N GLY HC 126 10.39 -116.92 61.13
CA GLY HC 126 11.65 -116.87 61.84
C GLY HC 126 11.75 -117.87 62.97
N ARG HC 127 11.90 -119.14 62.62
CA ARG HC 127 12.02 -120.20 63.62
C ARG HC 127 13.42 -120.80 63.63
N SER IC 1 9.21 -120.60 69.55
CA SER IC 1 8.66 -119.35 70.04
C SER IC 1 8.74 -119.24 71.56
N LYS IC 2 7.78 -118.54 72.15
CA LYS IC 2 7.76 -118.28 73.58
C LYS IC 2 6.31 -118.28 74.05
N THR IC 3 5.99 -119.18 74.98
CA THR IC 3 4.64 -119.33 75.49
C THR IC 3 4.57 -118.86 76.94
N ILE IC 4 3.48 -118.18 77.26
CA ILE IC 4 3.23 -117.67 78.61
C ILE IC 4 1.87 -118.18 79.05
N VAL IC 5 1.83 -118.87 80.18
CA VAL IC 5 0.60 -119.45 80.73
C VAL IC 5 0.12 -118.58 81.87
N LEU IC 6 -1.13 -118.13 81.79
CA LEU IC 6 -1.75 -117.29 82.82
C LEU IC 6 -2.96 -118.02 83.39
N SER IC 7 -3.01 -118.12 84.72
CA SER IC 7 -4.09 -118.81 85.41
C SER IC 7 -5.09 -117.78 85.93
N VAL IC 8 -6.33 -117.88 85.44
CA VAL IC 8 -7.38 -116.95 85.85
C VAL IC 8 -8.19 -117.49 87.03
N GLY IC 9 -8.06 -118.77 87.35
CA GLY IC 9 -8.82 -119.36 88.44
C GLY IC 9 -9.41 -120.70 88.07
N GLU IC 10 -10.06 -120.76 86.91
CA GLU IC 10 -10.65 -122.00 86.40
C GLU IC 10 -10.13 -122.42 85.05
N ALA IC 11 -9.58 -121.49 84.26
CA ALA IC 11 -9.02 -121.79 82.95
C ALA IC 11 -7.63 -121.21 82.84
N THR IC 12 -6.88 -121.67 81.84
CA THR IC 12 -5.52 -121.23 81.60
C THR IC 12 -5.43 -120.63 80.21
N ARG IC 13 -4.94 -119.39 80.13
CA ARG IC 13 -4.77 -118.69 78.86
C ARG IC 13 -3.31 -118.77 78.43
N THR IC 14 -3.09 -118.83 77.11
CA THR IC 14 -1.77 -118.99 76.54
C THR IC 14 -1.48 -117.81 75.62
N LEU IC 15 -0.39 -117.11 75.88
CA LEU IC 15 0.10 -116.02 75.05
C LEU IC 15 1.34 -116.47 74.31
N THR IC 16 1.40 -116.16 73.01
CA THR IC 16 2.49 -116.61 72.14
C THR IC 16 3.27 -115.41 71.62
N GLU IC 17 4.59 -115.55 71.59
CA GLU IC 17 5.44 -114.51 71.03
C GLU IC 17 5.24 -114.42 69.53
N ILE IC 18 5.03 -113.20 69.05
CA ILE IC 18 4.72 -112.94 67.64
C ILE IC 18 5.86 -112.17 66.96
N GLN IC 19 6.25 -111.05 67.54
CA GLN IC 19 7.18 -110.10 66.93
C GLN IC 19 8.42 -110.03 67.80
N SER IC 20 9.32 -111.01 67.64
CA SER IC 20 10.52 -111.11 68.45
C SER IC 20 11.53 -110.07 68.00
N THR IC 21 11.69 -109.00 68.78
CA THR IC 21 12.68 -107.97 68.52
C THR IC 21 13.18 -107.43 69.85
N ALA IC 22 14.41 -106.92 69.84
CA ALA IC 22 15.03 -106.46 71.08
C ALA IC 22 14.32 -105.24 71.64
N ASP IC 23 14.16 -104.19 70.83
CA ASP IC 23 13.57 -102.95 71.29
C ASP IC 23 12.05 -102.99 71.38
N ARG IC 24 11.42 -104.08 70.94
CA ARG IC 24 9.95 -104.18 70.98
C ARG IC 24 9.58 -105.66 70.93
N GLN IC 25 9.05 -106.17 72.04
CA GLN IC 25 8.57 -107.55 72.11
C GLN IC 25 7.04 -107.51 72.17
N ILE IC 26 6.41 -108.20 71.22
CA ILE IC 26 4.95 -108.20 71.07
C ILE IC 26 4.46 -109.61 71.32
N PHE IC 27 3.76 -109.81 72.44
CA PHE IC 27 3.12 -111.07 72.75
C PHE IC 27 1.62 -110.98 72.46
N GLU IC 28 1.07 -112.02 71.85
CA GLU IC 28 -0.34 -112.05 71.48
C GLU IC 28 -0.98 -113.34 71.97
N GLU IC 29 -2.18 -113.21 72.54
CA GLU IC 29 -2.90 -114.35 73.08
C GLU IC 29 -3.59 -115.11 71.96
N LYS IC 30 -3.47 -116.44 71.97
CA LYS IC 30 -4.06 -117.31 70.97
C LYS IC 30 -5.20 -118.09 71.61
N VAL IC 31 -6.43 -117.72 71.27
CA VAL IC 31 -7.62 -118.41 71.77
C VAL IC 31 -8.55 -118.69 70.61
N GLY IC 32 -8.89 -117.64 69.86
CA GLY IC 32 -9.77 -117.77 68.71
C GLY IC 32 -9.49 -116.71 67.67
N PRO IC 33 -10.30 -115.65 67.66
CA PRO IC 33 -10.06 -114.54 66.72
C PRO IC 33 -8.82 -113.76 67.11
N LEU IC 34 -7.85 -113.69 66.18
CA LEU IC 34 -6.61 -113.00 66.48
C LEU IC 34 -6.79 -111.49 66.55
N VAL IC 35 -7.69 -110.95 65.73
CA VAL IC 35 -7.96 -109.51 65.77
C VAL IC 35 -8.79 -109.18 67.00
N GLY IC 36 -8.43 -108.10 67.67
CA GLY IC 36 -9.15 -107.68 68.87
C GLY IC 36 -8.99 -108.66 70.02
N ARG IC 37 -7.75 -108.97 70.39
CA ARG IC 37 -7.48 -109.90 71.47
C ARG IC 37 -6.58 -109.27 72.52
N LEU IC 38 -5.80 -110.10 73.22
CA LEU IC 38 -4.89 -109.64 74.26
C LEU IC 38 -3.50 -109.49 73.68
N ARG IC 39 -2.93 -108.29 73.80
CA ARG IC 39 -1.59 -108.00 73.31
C ARG IC 39 -0.77 -107.36 74.42
N LEU IC 40 0.54 -107.60 74.37
CA LEU IC 40 1.47 -107.10 75.36
C LEU IC 40 2.72 -106.59 74.66
N THR IC 41 3.10 -105.35 74.95
CA THR IC 41 4.27 -104.71 74.37
C THR IC 41 5.31 -104.48 75.46
N ALA IC 42 6.52 -104.99 75.25
CA ALA IC 42 7.62 -104.84 76.19
C ALA IC 42 8.78 -104.15 75.51
N SER IC 43 9.42 -103.23 76.25
CA SER IC 43 10.57 -102.49 75.72
C SER IC 43 11.57 -102.26 76.83
N LEU IC 44 12.86 -102.36 76.49
CA LEU IC 44 13.95 -102.13 77.42
C LEU IC 44 15.00 -101.26 76.74
N ARG IC 45 15.51 -100.27 77.47
CA ARG IC 45 16.51 -99.37 76.91
C ARG IC 45 17.37 -98.81 78.04
N GLN IC 46 18.21 -97.83 77.69
CA GLN IC 46 19.06 -97.13 78.62
C GLN IC 46 18.58 -95.68 78.75
N ASN IC 47 19.44 -94.82 79.28
CA ASN IC 47 19.10 -93.42 79.47
C ASN IC 47 20.38 -92.62 79.69
N GLY IC 48 20.31 -91.34 79.33
CA GLY IC 48 21.39 -90.39 79.60
C GLY IC 48 22.77 -90.86 79.16
N ALA IC 49 23.67 -91.00 80.13
CA ALA IC 49 25.03 -91.44 79.86
C ALA IC 49 25.32 -92.74 80.60
N LYS IC 50 24.60 -93.80 80.22
CA LYS IC 50 24.77 -95.15 80.77
C LYS IC 50 24.62 -95.14 82.29
N THR IC 51 23.67 -94.34 82.79
CA THR IC 51 23.41 -94.28 84.22
C THR IC 51 22.40 -95.36 84.64
N ALA IC 52 21.12 -95.12 84.35
CA ALA IC 52 20.08 -96.06 84.72
C ALA IC 52 19.51 -96.75 83.48
N TYR IC 53 18.29 -97.26 83.59
CA TYR IC 53 17.63 -97.95 82.48
C TYR IC 53 16.17 -97.52 82.43
N ARG IC 54 15.47 -98.01 81.41
CA ARG IC 54 14.06 -97.68 81.22
C ARG IC 54 13.35 -98.90 80.67
N VAL IC 55 12.31 -99.35 81.38
CA VAL IC 55 11.52 -100.49 80.98
C VAL IC 55 10.07 -100.04 80.82
N ASN IC 56 9.47 -100.44 79.70
CA ASN IC 56 8.09 -100.08 79.39
C ASN IC 56 7.29 -101.36 79.13
N LEU IC 57 6.13 -101.47 79.79
CA LEU IC 57 5.25 -102.62 79.66
C LEU IC 57 3.83 -102.13 79.47
N LYS IC 58 3.23 -102.45 78.31
CA LYS IC 58 1.87 -102.06 78.00
C LYS IC 58 1.05 -103.30 77.71
N LEU IC 59 -0.21 -103.29 78.16
CA LEU IC 59 -1.12 -104.42 77.97
C LEU IC 59 -2.43 -103.88 77.42
N ASP IC 60 -2.80 -104.35 76.23
CA ASP IC 60 -4.02 -103.90 75.56
C ASP IC 60 -4.95 -105.07 75.31
N GLN IC 61 -6.25 -104.79 75.33
CA GLN IC 61 -7.27 -105.81 75.07
C GLN IC 61 -8.54 -105.10 74.61
N ALA IC 62 -8.91 -105.30 73.35
CA ALA IC 62 -10.09 -104.68 72.77
C ALA IC 62 -11.18 -105.72 72.61
N ASP IC 63 -12.37 -105.40 73.11
CA ASP IC 63 -13.52 -106.30 72.99
C ASP IC 63 -14.07 -106.28 71.57
N VAL IC 64 -14.65 -107.41 71.17
CA VAL IC 64 -15.22 -107.55 69.84
C VAL IC 64 -16.69 -107.94 69.97
N VAL IC 65 -17.45 -107.65 68.91
CA VAL IC 65 -18.87 -107.97 68.85
C VAL IC 65 -19.17 -108.55 67.47
N ASP IC 66 -20.21 -109.38 67.40
CA ASP IC 66 -20.60 -110.04 66.17
C ASP IC 66 -22.11 -110.25 66.16
N CYS IC 67 -22.70 -110.13 64.97
CA CYS IC 67 -24.14 -110.29 64.81
C CYS IC 67 -24.50 -111.44 63.86
N SER IC 68 -23.55 -112.30 63.48
CA SER IC 68 -23.86 -113.38 62.57
C SER IC 68 -24.74 -114.45 63.20
N THR IC 69 -24.92 -114.42 64.53
CA THR IC 69 -25.77 -115.40 65.18
C THR IC 69 -27.25 -115.14 64.90
N SER IC 70 -27.63 -113.87 64.76
CA SER IC 70 -29.03 -113.51 64.52
C SER IC 70 -29.16 -112.72 63.22
N VAL IC 71 -28.43 -111.62 63.11
CA VAL IC 71 -28.49 -110.78 61.92
C VAL IC 71 -27.78 -111.50 60.78
N CYS IC 72 -28.32 -111.39 59.56
CA CYS IC 72 -27.69 -112.11 58.46
C CYS IC 72 -26.68 -111.23 57.73
N GLY IC 73 -25.74 -110.65 58.49
CA GLY IC 73 -24.53 -110.13 57.90
C GLY IC 73 -23.86 -109.03 58.70
N GLU IC 74 -22.81 -109.38 59.45
CA GLU IC 74 -22.06 -108.40 60.22
C GLU IC 74 -20.72 -109.03 60.61
N LEU IC 75 -19.63 -108.45 60.13
CA LEU IC 75 -18.31 -108.95 60.47
C LEU IC 75 -17.97 -108.62 61.91
N PRO IC 76 -17.07 -109.40 62.54
CA PRO IC 76 -16.65 -109.08 63.90
C PRO IC 76 -16.01 -107.69 63.97
N LYS IC 77 -16.61 -106.82 64.77
CA LYS IC 77 -16.21 -105.43 64.87
C LYS IC 77 -15.73 -105.12 66.28
N VAL IC 78 -14.62 -104.40 66.39
CA VAL IC 78 -14.09 -104.03 67.70
C VAL IC 78 -14.96 -102.92 68.28
N ARG IC 79 -14.98 -102.85 69.63
CA ARG IC 79 -15.78 -101.86 70.32
C ARG IC 79 -14.84 -100.84 70.94
N TYR IC 80 -14.46 -101.00 72.21
CA TYR IC 80 -13.58 -100.07 72.90
C TYR IC 80 -12.16 -100.63 72.97
N THR IC 81 -11.24 -99.78 73.39
CA THR IC 81 -9.84 -100.14 73.53
C THR IC 81 -9.33 -99.68 74.89
N GLN IC 82 -8.60 -100.55 75.58
CA GLN IC 82 -8.05 -100.25 76.89
C GLN IC 82 -6.52 -100.26 76.81
N VAL IC 83 -5.90 -99.26 77.41
CA VAL IC 83 -4.44 -99.11 77.41
C VAL IC 83 -3.97 -99.03 78.85
N TRP IC 84 -3.03 -99.91 79.21
CA TRP IC 84 -2.44 -99.97 80.56
C TRP IC 84 -0.93 -100.07 80.39
N SER IC 85 -0.26 -98.92 80.33
CA SER IC 85 1.18 -98.86 80.16
C SER IC 85 1.87 -98.79 81.53
N HIS IC 86 3.20 -98.98 81.50
CA HIS IC 86 4.00 -98.93 82.71
C HIS IC 86 5.28 -98.16 82.42
N ASP IC 87 6.07 -97.93 83.47
CA ASP IC 87 7.34 -97.21 83.33
C ASP IC 87 8.22 -97.60 84.52
N VAL IC 88 9.33 -98.27 84.24
CA VAL IC 88 10.26 -98.72 85.26
C VAL IC 88 11.58 -97.99 85.06
N THR IC 89 11.98 -97.20 86.06
CA THR IC 89 13.23 -96.44 86.04
C THR IC 89 14.05 -96.86 87.25
N ILE IC 90 14.76 -97.97 87.13
CA ILE IC 90 15.59 -98.52 88.19
C ILE IC 90 17.05 -98.44 87.76
N VAL IC 91 17.88 -97.84 88.61
CA VAL IC 91 19.30 -97.72 88.30
C VAL IC 91 19.98 -99.07 88.48
N ALA IC 92 21.12 -99.25 87.80
CA ALA IC 92 21.84 -100.52 87.89
C ALA IC 92 22.46 -100.70 89.27
N ASN IC 93 23.29 -99.76 89.70
CA ASN IC 93 23.95 -99.82 91.01
C ASN IC 93 22.93 -99.47 92.08
N SER IC 94 22.11 -100.47 92.45
CA SER IC 94 21.10 -100.28 93.46
C SER IC 94 21.30 -101.27 94.60
N THR IC 95 20.20 -101.90 95.04
CA THR IC 95 20.26 -102.87 96.13
C THR IC 95 19.26 -103.99 95.84
N GLU IC 96 19.74 -105.24 95.91
CA GLU IC 96 18.87 -106.37 95.65
C GLU IC 96 17.77 -106.49 96.70
N ALA IC 97 18.12 -106.27 97.98
CA ALA IC 97 17.12 -106.33 99.03
C ALA IC 97 16.08 -105.23 98.87
N SER IC 98 16.52 -104.02 98.52
CA SER IC 98 15.58 -102.92 98.30
C SER IC 98 14.67 -103.20 97.12
N ARG IC 99 15.22 -103.76 96.04
CA ARG IC 99 14.40 -104.10 94.89
C ARG IC 99 13.38 -105.18 95.22
N LYS IC 100 13.80 -106.19 96.01
CA LYS IC 100 12.87 -107.23 96.41
C LYS IC 100 11.76 -106.68 97.31
N SER IC 101 12.11 -105.78 98.23
CA SER IC 101 11.11 -105.17 99.09
C SER IC 101 10.13 -104.32 98.28
N LEU IC 102 10.64 -103.59 97.29
CA LEU IC 102 9.77 -102.77 96.44
C LEU IC 102 8.85 -103.66 95.62
N TYR IC 103 9.36 -104.77 95.09
CA TYR IC 103 8.52 -105.69 94.33
C TYR IC 103 7.44 -106.31 95.21
N ASP IC 104 7.80 -106.67 96.45
CA ASP IC 104 6.82 -107.22 97.37
C ASP IC 104 5.75 -106.20 97.72
N LEU IC 105 6.14 -104.95 97.93
CA LEU IC 105 5.18 -103.89 98.22
C LEU IC 105 4.24 -103.67 97.03
N THR IC 106 4.79 -103.68 95.82
CA THR IC 106 3.95 -103.52 94.63
C THR IC 106 2.99 -104.68 94.48
N LYS IC 107 3.46 -105.91 94.73
CA LYS IC 107 2.58 -107.07 94.65
C LYS IC 107 1.47 -106.99 95.70
N SER IC 108 1.80 -106.55 96.91
CA SER IC 108 0.78 -106.40 97.94
C SER IC 108 -0.24 -105.34 97.58
N LEU IC 109 0.23 -104.20 97.06
CA LEU IC 109 -0.69 -103.15 96.64
C LEU IC 109 -1.58 -103.58 95.48
N VAL IC 110 -1.06 -104.45 94.60
CA VAL IC 110 -1.87 -104.95 93.49
C VAL IC 110 -2.91 -105.95 94.00
N ALA IC 111 -2.49 -106.84 94.90
CA ALA IC 111 -3.39 -107.88 95.40
C ALA IC 111 -4.36 -107.39 96.47
N THR IC 112 -4.17 -106.16 96.98
CA THR IC 112 -5.08 -105.64 97.98
C THR IC 112 -6.47 -105.40 97.38
N SER IC 113 -7.45 -105.25 98.27
CA SER IC 113 -8.84 -105.07 97.87
C SER IC 113 -9.19 -103.61 97.57
N GLN IC 114 -8.31 -102.68 97.90
CA GLN IC 114 -8.58 -101.26 97.64
C GLN IC 114 -8.46 -100.92 96.15
N VAL IC 115 -7.42 -101.43 95.48
CA VAL IC 115 -7.28 -101.16 94.05
C VAL IC 115 -8.39 -101.85 93.27
N GLU IC 116 -8.83 -103.03 93.71
CA GLU IC 116 -9.93 -103.69 93.03
C GLU IC 116 -11.21 -102.86 93.12
N ASP IC 117 -11.49 -102.29 94.29
CA ASP IC 117 -12.65 -101.43 94.43
C ASP IC 117 -12.50 -100.15 93.60
N LEU IC 118 -11.30 -99.57 93.59
CA LEU IC 118 -11.05 -98.39 92.77
C LEU IC 118 -11.27 -98.68 91.29
N VAL IC 119 -10.94 -99.89 90.85
CA VAL IC 119 -11.12 -100.25 89.45
C VAL IC 119 -12.59 -100.51 89.14
N VAL IC 120 -13.27 -101.27 90.00
CA VAL IC 120 -14.65 -101.67 89.74
C VAL IC 120 -15.61 -100.52 90.00
N ASN IC 121 -15.75 -100.13 91.27
CA ASN IC 121 -16.74 -99.13 91.65
C ASN IC 121 -16.30 -97.71 91.37
N LEU IC 122 -15.10 -97.51 90.83
CA LEU IC 122 -14.58 -96.18 90.49
C LEU IC 122 -14.53 -95.27 91.71
N VAL IC 123 -14.37 -95.84 92.90
CA VAL IC 123 -14.29 -95.08 94.14
C VAL IC 123 -12.83 -94.75 94.40
N PRO IC 124 -12.50 -93.50 94.73
CA PRO IC 124 -11.09 -93.14 94.97
C PRO IC 124 -10.49 -93.96 96.10
N LEU IC 125 -9.21 -94.29 95.95
CA LEU IC 125 -8.51 -95.12 96.92
C LEU IC 125 -8.37 -94.37 98.23
N GLY IC 126 -8.93 -94.93 99.30
CA GLY IC 126 -8.86 -94.31 100.61
C GLY IC 126 -9.66 -95.04 101.66
N ARG IC 127 -9.17 -96.20 102.10
CA ARG IC 127 -9.86 -96.99 103.10
C ARG IC 127 -9.07 -97.02 104.41
N SER JC 1 -63.45 -116.49 11.83
CA SER JC 1 -63.76 -115.25 12.51
C SER JC 1 -64.17 -115.51 13.97
N LYS JC 2 -65.03 -114.65 14.48
CA LYS JC 2 -65.45 -114.71 15.89
C LYS JC 2 -66.90 -114.30 15.97
N THR JC 3 -67.76 -115.20 16.47
CA THR JC 3 -69.19 -114.97 16.56
C THR JC 3 -69.59 -114.82 18.02
N ILE JC 4 -70.51 -113.88 18.28
CA ILE JC 4 -71.03 -113.62 19.61
C ILE JC 4 -72.55 -113.70 19.53
N VAL JC 5 -73.15 -114.55 20.36
CA VAL JC 5 -74.59 -114.76 20.37
C VAL JC 5 -75.17 -114.04 21.58
N LEU JC 6 -76.15 -113.16 21.35
CA LEU JC 6 -76.81 -112.40 22.40
C LEU JC 6 -78.29 -112.75 22.40
N SER JC 7 -78.80 -113.11 23.58
CA SER JC 7 -80.20 -113.51 23.75
C SER JC 7 -80.99 -112.32 24.29
N VAL JC 8 -81.97 -111.86 23.51
CA VAL JC 8 -82.80 -110.74 23.93
C VAL JC 8 -84.07 -111.18 24.65
N GLY JC 9 -84.41 -112.47 24.58
CA GLY JC 9 -85.62 -112.96 25.23
C GLY JC 9 -86.40 -113.90 24.32
N GLU JC 10 -86.62 -113.48 23.07
CA GLU JC 10 -87.33 -114.29 22.10
C GLU JC 10 -86.53 -114.56 20.84
N ALA JC 11 -85.51 -113.75 20.53
CA ALA JC 11 -84.67 -113.95 19.36
C ALA JC 11 -83.20 -113.88 19.78
N THR JC 12 -82.33 -114.36 18.90
CA THR JC 12 -80.90 -114.39 19.15
C THR JC 12 -80.19 -113.57 18.07
N ARG JC 13 -79.39 -112.61 18.50
CA ARG JC 13 -78.62 -111.77 17.60
C ARG JC 13 -77.18 -112.26 17.52
N THR JC 14 -76.58 -112.11 16.35
CA THR JC 14 -75.23 -112.60 16.09
C THR JC 14 -74.34 -111.43 15.67
N LEU JC 15 -73.25 -111.24 16.41
CA LEU JC 15 -72.24 -110.24 16.08
C LEU JC 15 -70.98 -110.94 15.56
N THR JC 16 -70.42 -110.40 14.48
CA THR JC 16 -69.28 -111.02 13.81
C THR JC 16 -68.07 -110.09 13.89
N GLU JC 17 -66.91 -110.68 14.14
CA GLU JC 17 -65.67 -109.92 14.16
C GLU JC 17 -65.33 -109.44 12.74
N ILE JC 18 -65.00 -108.15 12.62
CA ILE JC 18 -64.79 -107.50 11.33
C ILE JC 18 -63.36 -107.00 11.19
N GLN JC 19 -62.83 -106.31 12.21
CA GLN JC 19 -61.53 -105.65 12.15
C GLN JC 19 -60.67 -106.21 13.28
N SER JC 20 -60.09 -107.38 13.04
CA SER JC 20 -59.29 -108.07 14.05
C SER JC 20 -57.94 -107.38 14.20
N THR JC 21 -57.77 -106.64 15.30
CA THR JC 21 -56.50 -105.99 15.61
C THR JC 21 -56.35 -105.96 17.12
N ALA JC 22 -55.09 -105.94 17.57
CA ALA JC 22 -54.80 -106.00 19.01
C ALA JC 22 -55.30 -104.76 19.72
N ASP JC 23 -54.89 -103.58 19.26
CA ASP JC 23 -55.23 -102.33 19.92
C ASP JC 23 -56.64 -101.84 19.62
N ARG JC 24 -57.38 -102.52 18.73
CA ARG JC 24 -58.73 -102.10 18.38
C ARG JC 24 -59.46 -103.29 17.78
N GLN JC 25 -60.44 -103.82 18.52
CA GLN JC 25 -61.28 -104.91 18.05
C GLN JC 25 -62.67 -104.36 17.74
N ILE JC 26 -63.12 -104.55 16.50
CA ILE JC 26 -64.38 -104.00 16.02
C ILE JC 26 -65.31 -105.17 15.69
N PHE JC 27 -66.36 -105.33 16.49
CA PHE JC 27 -67.39 -106.33 16.23
C PHE JC 27 -68.62 -105.65 15.63
N GLU JC 28 -69.20 -106.28 14.61
CA GLU JC 28 -70.36 -105.72 13.92
C GLU JC 28 -71.46 -106.77 13.82
N GLU JC 29 -72.69 -106.35 14.10
CA GLU JC 29 -73.84 -107.25 14.07
C GLU JC 29 -74.30 -107.46 12.63
N LYS JC 30 -74.55 -108.71 12.27
CA LYS JC 30 -75.00 -109.07 10.93
C LYS JC 30 -76.45 -109.52 11.00
N VAL JC 31 -77.36 -108.67 10.51
CA VAL JC 31 -78.77 -108.99 10.47
C VAL JC 31 -79.31 -108.66 9.08
N GLY JC 32 -79.10 -107.43 8.63
CA GLY JC 32 -79.53 -106.99 7.33
C GLY JC 32 -78.65 -105.91 6.77
N PRO JC 33 -79.08 -104.65 6.90
CA PRO JC 33 -78.26 -103.52 6.43
C PRO JC 33 -77.05 -103.34 7.32
N LEU JC 34 -75.86 -103.42 6.73
CA LEU JC 34 -74.63 -103.30 7.51
C LEU JC 34 -74.41 -101.88 8.00
N VAL JC 35 -74.81 -100.88 7.20
CA VAL JC 35 -74.65 -99.49 7.60
C VAL JC 35 -75.73 -99.15 8.64
N GLY JC 36 -75.33 -98.44 9.69
CA GLY JC 36 -76.24 -98.06 10.74
C GLY JC 36 -76.76 -99.25 11.53
N ARG JC 37 -75.84 -100.05 12.08
CA ARG JC 37 -76.21 -101.23 12.85
C ARG JC 37 -75.58 -101.20 14.24
N LEU JC 38 -75.33 -102.37 14.80
CA LEU JC 38 -74.73 -102.49 16.12
C LEU JC 38 -73.22 -102.74 15.98
N ARG JC 39 -72.43 -101.87 16.59
CA ARG JC 39 -70.99 -101.98 16.56
C ARG JC 39 -70.43 -101.92 17.97
N LEU JC 40 -69.29 -102.59 18.17
CA LEU JC 40 -68.64 -102.67 19.46
C LEU JC 40 -67.14 -102.51 19.29
N THR JC 41 -66.55 -101.58 20.02
CA THR JC 41 -65.12 -101.29 19.96
C THR JC 41 -64.49 -101.68 21.29
N ALA JC 42 -63.47 -102.52 21.22
CA ALA JC 42 -62.74 -102.98 22.40
C ALA JC 42 -61.27 -102.61 22.28
N SER JC 43 -60.69 -102.17 23.39
CA SER JC 43 -59.28 -101.78 23.41
C SER JC 43 -58.68 -102.17 24.75
N LEU JC 44 -57.43 -102.63 24.71
CA LEU JC 44 -56.68 -103.02 25.91
C LEU JC 44 -55.27 -102.46 25.80
N ARG JC 45 -54.78 -101.90 26.90
CA ARG JC 45 -53.45 -101.31 26.90
C ARG JC 45 -52.88 -101.35 28.32
N GLN JC 46 -51.75 -100.67 28.51
CA GLN JC 46 -51.08 -100.53 29.80
C GLN JC 46 -51.17 -99.07 30.25
N ASN JC 47 -50.32 -98.70 31.21
CA ASN JC 47 -50.31 -97.34 31.73
C ASN JC 47 -49.02 -97.12 32.49
N GLY JC 48 -48.59 -95.86 32.54
CA GLY JC 48 -47.45 -95.44 33.33
C GLY JC 48 -46.19 -96.26 33.13
N ALA JC 49 -45.74 -96.92 34.19
CA ALA JC 49 -44.53 -97.75 34.13
C ALA JC 49 -44.88 -99.19 34.49
N LYS JC 50 -45.70 -99.81 33.63
CA LYS JC 50 -46.09 -101.21 33.76
C LYS JC 50 -46.73 -101.47 35.12
N THR JC 51 -47.53 -100.52 35.59
CA THR JC 51 -48.22 -100.68 36.88
C THR JC 51 -49.56 -101.39 36.68
N ALA JC 52 -50.56 -100.65 36.18
CA ALA JC 52 -51.88 -101.22 35.97
C ALA JC 52 -52.18 -101.39 34.49
N TYR JC 53 -53.47 -101.45 34.13
CA TYR JC 53 -53.88 -101.60 32.75
C TYR JC 53 -55.06 -100.67 32.48
N ARG JC 54 -55.49 -100.66 31.22
CA ARG JC 54 -56.61 -99.81 30.80
C ARG JC 54 -57.41 -100.56 29.74
N VAL JC 55 -58.70 -100.75 30.01
CA VAL JC 55 -59.61 -101.42 29.09
C VAL JC 55 -60.73 -100.46 28.74
N ASN JC 56 -61.02 -100.37 27.44
CA ASN JC 56 -62.06 -99.49 26.93
C ASN JC 56 -63.05 -100.31 26.12
N LEU JC 57 -64.34 -100.14 26.40
CA LEU JC 57 -65.41 -100.86 25.71
C LEU JC 57 -66.50 -99.87 25.34
N LYS JC 58 -66.74 -99.70 24.04
CA LYS JC 58 -67.75 -98.79 23.54
C LYS JC 58 -68.76 -99.58 22.69
N LEU JC 59 -70.03 -99.21 22.81
CA LEU JC 59 -71.11 -99.87 22.06
C LEU JC 59 -71.96 -98.81 21.40
N ASP JC 60 -72.04 -98.84 20.07
CA ASP JC 60 -72.78 -97.85 19.32
C ASP JC 60 -73.86 -98.54 18.49
N GLN JC 61 -74.97 -97.82 18.28
CA GLN JC 61 -76.08 -98.34 17.48
C GLN JC 61 -76.89 -97.15 16.97
N ALA JC 62 -76.86 -96.93 15.67
CA ALA JC 62 -77.56 -95.83 15.03
C ALA JC 62 -78.79 -96.34 14.29
N ASP JC 63 -79.94 -95.74 14.56
CA ASP JC 63 -81.17 -96.14 13.91
C ASP JC 63 -81.21 -95.61 12.48
N VAL JC 64 -81.91 -96.34 11.61
CA VAL JC 64 -82.02 -95.99 10.20
C VAL JC 64 -83.50 -95.85 9.85
N VAL JC 65 -83.76 -95.10 8.78
CA VAL JC 65 -85.10 -94.87 8.28
C VAL JC 65 -85.08 -95.00 6.76
N ASP JC 66 -86.22 -95.36 6.20
CA ASP JC 66 -86.35 -95.57 4.76
C ASP JC 66 -87.77 -95.23 4.33
N CYS JC 67 -87.89 -94.66 3.13
CA CYS JC 67 -89.17 -94.26 2.57
C CYS JC 67 -89.50 -94.97 1.27
N SER JC 68 -88.76 -96.00 0.89
CA SER JC 68 -89.03 -96.69 -0.37
C SER JC 68 -90.33 -97.48 -0.33
N THR JC 69 -90.92 -97.67 0.85
CA THR JC 69 -92.18 -98.40 0.94
C THR JC 69 -93.34 -97.58 0.41
N SER JC 70 -93.30 -96.26 0.58
CA SER JC 70 -94.38 -95.39 0.13
C SER JC 70 -93.85 -94.35 -0.85
N VAL JC 71 -92.86 -93.58 -0.43
CA VAL JC 71 -92.28 -92.54 -1.28
C VAL JC 71 -91.47 -93.21 -2.39
N CYS JC 72 -91.50 -92.63 -3.58
CA CYS JC 72 -90.79 -93.24 -4.71
C CYS JC 72 -89.38 -92.68 -4.83
N GLY JC 73 -88.63 -92.66 -3.74
CA GLY JC 73 -87.19 -92.50 -3.83
C GLY JC 73 -86.55 -91.91 -2.59
N GLU JC 74 -85.96 -92.76 -1.76
CA GLU JC 74 -85.26 -92.30 -0.56
C GLU JC 74 -84.35 -93.43 -0.08
N LEU JC 75 -83.05 -93.18 -0.07
CA LEU JC 75 -82.11 -94.18 0.40
C LEU JC 75 -82.18 -94.30 1.92
N PRO JC 76 -81.80 -95.46 2.47
CA PRO JC 76 -81.77 -95.62 3.93
C PRO JC 76 -80.84 -94.59 4.57
N LYS JC 77 -81.40 -93.76 5.44
CA LYS JC 77 -80.69 -92.65 6.06
C LYS JC 77 -80.64 -92.84 7.56
N VAL JC 78 -79.47 -92.61 8.16
CA VAL JC 78 -79.33 -92.73 9.60
C VAL JC 78 -79.99 -91.54 10.28
N ARG JC 79 -80.44 -91.75 11.51
CA ARG JC 79 -81.12 -90.72 12.28
C ARG JC 79 -80.19 -90.26 13.39
N TYR JC 80 -80.31 -90.80 14.59
CA TYR JC 80 -79.48 -90.41 15.72
C TYR JC 80 -78.39 -91.44 15.97
N THR JC 81 -77.45 -91.08 16.84
CA THR JC 81 -76.33 -91.95 17.19
C THR JC 81 -76.20 -91.98 18.71
N GLN JC 82 -76.00 -93.18 19.25
CA GLN JC 82 -75.85 -93.39 20.69
C GLN JC 82 -74.46 -93.93 20.97
N VAL JC 83 -73.81 -93.36 21.99
CA VAL JC 83 -72.46 -93.74 22.38
C VAL JC 83 -72.48 -94.15 23.85
N TRP JC 84 -71.99 -95.35 24.13
CA TRP JC 84 -71.92 -95.89 25.50
C TRP JC 84 -70.54 -96.49 25.68
N SER JC 85 -69.60 -95.67 26.14
CA SER JC 85 -68.22 -96.09 26.35
C SER JC 85 -68.02 -96.56 27.80
N HIS JC 86 -66.88 -97.20 28.04
CA HIS JC 86 -66.52 -97.70 29.36
C HIS JC 86 -65.06 -97.38 29.64
N ASP JC 87 -64.64 -97.69 30.86
CA ASP JC 87 -63.25 -97.46 31.26
C ASP JC 87 -62.95 -98.37 32.44
N VAL JC 88 -62.04 -99.32 32.25
CA VAL JC 88 -61.66 -100.27 33.28
C VAL JC 88 -60.20 -100.03 33.64
N THR JC 89 -59.96 -99.67 34.90
CA THR JC 89 -58.61 -99.41 35.41
C THR JC 89 -58.39 -100.35 36.60
N ILE JC 90 -58.00 -101.59 36.32
CA ILE JC 90 -57.76 -102.60 37.32
C ILE JC 90 -56.29 -102.96 37.31
N VAL JC 91 -55.63 -102.88 38.47
CA VAL JC 91 -54.22 -103.21 38.56
C VAL JC 91 -54.04 -104.73 38.48
N ALA JC 92 -52.84 -105.14 38.08
CA ALA JC 92 -52.56 -106.57 37.94
C ALA JC 92 -52.52 -107.25 39.30
N ASN JC 93 -51.64 -106.78 40.19
CA ASN JC 93 -51.50 -107.35 41.53
C ASN JC 93 -52.68 -106.90 42.39
N SER JC 94 -53.81 -107.59 42.21
CA SER JC 94 -55.01 -107.28 42.96
C SER JC 94 -55.48 -108.49 43.75
N THR JC 95 -56.78 -108.77 43.71
CA THR JC 95 -57.36 -109.91 44.41
C THR JC 95 -58.46 -110.51 43.56
N GLU JC 96 -58.41 -111.83 43.35
CA GLU JC 96 -59.42 -112.50 42.55
C GLU JC 96 -60.78 -112.44 43.22
N ALA JC 97 -60.83 -112.63 44.54
CA ALA JC 97 -62.10 -112.56 45.26
C ALA JC 97 -62.69 -111.16 45.20
N SER JC 98 -61.83 -110.13 45.35
CA SER JC 98 -62.32 -108.76 45.26
C SER JC 98 -62.82 -108.44 43.86
N ARG JC 99 -62.12 -108.91 42.84
CA ARG JC 99 -62.58 -108.69 41.47
C ARG JC 99 -63.90 -109.38 41.20
N LYS JC 100 -64.06 -110.61 41.72
CA LYS JC 100 -65.33 -111.33 41.54
C LYS JC 100 -66.46 -110.62 42.27
N SER JC 101 -66.21 -110.11 43.47
CA SER JC 101 -67.24 -109.38 44.21
C SER JC 101 -67.61 -108.09 43.49
N LEU JC 102 -66.62 -107.39 42.93
CA LEU JC 102 -66.90 -106.17 42.19
C LEU JC 102 -67.71 -106.46 40.93
N TYR JC 103 -67.38 -107.55 40.24
CA TYR JC 103 -68.15 -107.93 39.05
C TYR JC 103 -69.57 -108.30 39.41
N ASP JC 104 -69.75 -109.02 40.52
CA ASP JC 104 -71.10 -109.37 40.95
C ASP JC 104 -71.90 -108.13 41.34
N LEU JC 105 -71.26 -107.17 42.01
CA LEU JC 105 -71.95 -105.93 42.37
C LEU JC 105 -72.33 -105.14 41.13
N THR JC 106 -71.44 -105.09 40.13
CA THR JC 106 -71.77 -104.39 38.89
C THR JC 106 -72.91 -105.08 38.16
N LYS JC 107 -72.91 -106.42 38.13
CA LYS JC 107 -74.00 -107.15 37.49
C LYS JC 107 -75.32 -106.90 38.19
N SER JC 108 -75.30 -106.87 39.53
CA SER JC 108 -76.52 -106.60 40.28
C SER JC 108 -77.03 -105.18 40.03
N LEU JC 109 -76.12 -104.20 40.00
CA LEU JC 109 -76.52 -102.83 39.73
C LEU JC 109 -77.05 -102.67 38.31
N VAL JC 110 -76.54 -103.45 37.37
CA VAL JC 110 -77.04 -103.38 36.00
C VAL JC 110 -78.41 -104.04 35.90
N ALA JC 111 -78.60 -105.19 36.55
CA ALA JC 111 -79.85 -105.93 36.48
C ALA JC 111 -80.94 -105.35 37.38
N THR JC 112 -80.60 -104.42 38.27
CA THR JC 112 -81.61 -103.83 39.14
C THR JC 112 -82.60 -102.99 38.33
N SER JC 113 -83.75 -102.70 38.95
CA SER JC 113 -84.81 -101.95 38.31
C SER JC 113 -84.62 -100.45 38.38
N GLN JC 114 -83.69 -99.96 39.20
CA GLN JC 114 -83.45 -98.53 39.32
C GLN JC 114 -82.76 -97.95 38.10
N VAL JC 115 -81.75 -98.62 37.57
CA VAL JC 115 -81.06 -98.14 36.38
C VAL JC 115 -81.99 -98.21 35.17
N GLU JC 116 -82.86 -99.21 35.10
CA GLU JC 116 -83.83 -99.28 34.02
C GLU JC 116 -84.78 -98.10 34.04
N ASP JC 117 -85.25 -97.72 35.23
CA ASP JC 117 -86.12 -96.55 35.33
C ASP JC 117 -85.37 -95.28 35.01
N LEU JC 118 -84.12 -95.17 35.47
CA LEU JC 118 -83.29 -94.00 35.14
C LEU JC 118 -83.08 -93.88 33.64
N VAL JC 119 -82.98 -95.01 32.93
CA VAL JC 119 -82.77 -94.96 31.48
C VAL JC 119 -84.07 -94.62 30.77
N VAL JC 120 -85.17 -95.25 31.16
CA VAL JC 120 -86.45 -95.07 30.47
C VAL JC 120 -87.08 -93.74 30.83
N ASN JC 121 -87.53 -93.61 32.08
CA ASN JC 121 -88.26 -92.43 32.51
C ASN JC 121 -87.38 -91.22 32.80
N LEU JC 122 -86.06 -91.35 32.64
CA LEU JC 122 -85.12 -90.26 32.87
C LEU JC 122 -85.23 -89.69 34.28
N VAL JC 123 -85.63 -90.53 35.24
CA VAL JC 123 -85.76 -90.13 36.63
C VAL JC 123 -84.43 -90.40 37.33
N PRO JC 124 -83.90 -89.45 38.10
CA PRO JC 124 -82.62 -89.68 38.77
C PRO JC 124 -82.67 -90.87 39.70
N LEU JC 125 -81.55 -91.60 39.77
CA LEU JC 125 -81.46 -92.81 40.58
C LEU JC 125 -81.56 -92.46 42.06
N GLY JC 126 -82.57 -92.99 42.73
CA GLY JC 126 -82.77 -92.73 44.14
C GLY JC 126 -84.06 -93.34 44.69
N ARG JC 127 -84.07 -94.66 44.85
CA ARG JC 127 -85.24 -95.35 45.36
C ARG JC 127 -84.97 -95.94 46.74
N SER KC 1 -91.55 -93.91 44.60
CA SER KC 1 -91.81 -92.57 44.11
C SER KC 1 -93.13 -92.02 44.65
N LYS KC 2 -93.77 -91.16 43.86
CA LYS KC 2 -95.00 -90.49 44.27
C LYS KC 2 -95.89 -90.34 43.05
N THR KC 3 -97.09 -90.91 43.11
CA THR KC 3 -98.02 -90.90 42.01
C THR KC 3 -99.22 -90.01 42.35
N ILE KC 4 -99.69 -89.25 41.36
CA ILE KC 4 -100.83 -88.37 41.50
C ILE KC 4 -101.83 -88.72 40.40
N VAL KC 5 -103.06 -89.04 40.77
CA VAL KC 5 -104.11 -89.42 39.84
C VAL KC 5 -105.05 -88.24 39.66
N LEU KC 6 -105.25 -87.82 38.41
CA LEU KC 6 -106.13 -86.72 38.07
C LEU KC 6 -107.25 -87.23 37.18
N SER KC 7 -108.50 -86.93 37.55
CA SER KC 7 -109.67 -87.38 36.81
C SER KC 7 -110.16 -86.23 35.93
N VAL KC 8 -110.15 -86.45 34.60
CA VAL KC 8 -110.61 -85.44 33.66
C VAL KC 8 -112.08 -85.59 33.31
N GLY KC 9 -112.70 -86.71 33.65
CA GLY KC 9 -114.09 -86.95 33.33
C GLY KC 9 -114.33 -88.34 32.76
N GLU KC 10 -113.51 -88.74 31.80
CA GLU KC 10 -113.59 -90.06 31.18
C GLU KC 10 -112.32 -90.87 31.28
N ALA KC 11 -111.16 -90.23 31.48
CA ALA KC 11 -109.89 -90.92 31.63
C ALA KC 11 -109.17 -90.39 32.86
N THR KC 12 -108.16 -91.14 33.29
CA THR KC 12 -107.38 -90.80 34.48
C THR KC 12 -105.92 -90.64 34.07
N ARG KC 13 -105.34 -89.48 34.39
CA ARG KC 13 -103.95 -89.20 34.11
C ARG KC 13 -103.10 -89.42 35.36
N THR KC 14 -101.87 -89.85 35.15
CA THR KC 14 -100.95 -90.19 36.24
C THR KC 14 -99.70 -89.34 36.13
N LEU KC 15 -99.39 -88.60 37.19
CA LEU KC 15 -98.17 -87.82 37.28
C LEU KC 15 -97.21 -88.49 38.27
N THR KC 16 -95.95 -88.57 37.89
CA THR KC 16 -94.94 -89.26 38.69
C THR KC 16 -93.88 -88.28 39.16
N GLU KC 17 -93.46 -88.43 40.41
CA GLU KC 17 -92.38 -87.62 40.96
C GLU KC 17 -91.06 -87.97 40.28
N ILE KC 18 -90.35 -86.95 39.82
CA ILE KC 18 -89.11 -87.12 39.08
C ILE KC 18 -87.91 -86.60 39.86
N GLN KC 19 -87.99 -85.35 40.33
CA GLN KC 19 -86.86 -84.64 40.93
C GLN KC 19 -87.22 -84.33 42.38
N SER KC 20 -87.08 -85.32 43.25
CA SER KC 20 -87.44 -85.18 44.66
C SER KC 20 -86.40 -84.33 45.38
N THR KC 21 -86.77 -83.09 45.68
CA THR KC 21 -85.91 -82.19 46.45
C THR KC 21 -86.80 -81.28 47.28
N ALA KC 22 -86.25 -80.81 48.41
CA ALA KC 22 -87.04 -80.01 49.34
C ALA KC 22 -87.43 -78.67 48.73
N ASP KC 23 -86.45 -77.92 48.24
CA ASP KC 23 -86.70 -76.58 47.72
C ASP KC 23 -87.29 -76.58 46.31
N ARG KC 24 -87.40 -77.74 45.66
CA ARG KC 24 -87.95 -77.80 44.30
C ARG KC 24 -88.44 -79.23 44.06
N GLN KC 25 -89.75 -79.39 43.96
CA GLN KC 25 -90.36 -80.67 43.64
C GLN KC 25 -90.90 -80.62 42.21
N ILE KC 26 -90.44 -81.54 41.37
CA ILE KC 26 -90.79 -81.57 39.96
C ILE KC 26 -91.58 -82.85 39.68
N PHE KC 27 -92.87 -82.70 39.38
CA PHE KC 27 -93.71 -83.81 38.98
C PHE KC 27 -93.91 -83.79 37.48
N GLU KC 28 -93.84 -84.97 36.85
CA GLU KC 28 -93.96 -85.09 35.42
C GLU KC 28 -94.98 -86.17 35.06
N GLU KC 29 -95.85 -85.86 34.11
CA GLU KC 29 -96.89 -86.78 33.69
C GLU KC 29 -96.31 -87.83 32.75
N LYS KC 30 -96.67 -89.10 32.99
CA LYS KC 30 -96.19 -90.22 32.18
C LYS KC 30 -97.36 -90.77 31.38
N VAL KC 31 -97.35 -90.49 30.08
CA VAL KC 31 -98.39 -91.00 29.17
C VAL KC 31 -97.71 -91.61 27.94
N GLY KC 32 -96.85 -90.82 27.29
CA GLY KC 32 -96.14 -91.28 26.12
C GLY KC 32 -94.81 -90.58 25.97
N PRO KC 33 -94.77 -89.55 25.11
CA PRO KC 33 -93.53 -88.78 24.94
C PRO KC 33 -93.26 -87.93 26.18
N LEU KC 34 -92.09 -88.14 26.79
CA LEU KC 34 -91.75 -87.42 28.00
C LEU KC 34 -91.45 -85.95 27.71
N VAL KC 35 -90.85 -85.66 26.56
CA VAL KC 35 -90.55 -84.28 26.20
C VAL KC 35 -91.84 -83.58 25.76
N GLY KC 36 -92.03 -82.35 26.21
CA GLY KC 36 -93.22 -81.61 25.89
C GLY KC 36 -94.49 -82.19 26.47
N ARG KC 37 -94.50 -82.39 27.79
CA ARG KC 37 -95.65 -82.97 28.46
C ARG KC 37 -96.14 -82.07 29.59
N LEU KC 38 -96.74 -82.66 30.62
CA LEU KC 38 -97.26 -81.91 31.76
C LEU KC 38 -96.25 -81.95 32.89
N ARG KC 39 -95.84 -80.78 33.36
CA ARG KC 39 -94.87 -80.66 34.44
C ARG KC 39 -95.42 -79.72 35.51
N LEU KC 40 -95.02 -79.98 36.75
CA LEU KC 40 -95.48 -79.21 37.90
C LEU KC 40 -94.29 -78.95 38.83
N THR KC 41 -94.08 -77.69 39.16
CA THR KC 41 -92.99 -77.27 40.04
C THR KC 41 -93.58 -76.72 41.33
N ALA KC 42 -93.14 -77.29 42.46
CA ALA KC 42 -93.59 -76.88 43.77
C ALA KC 42 -92.40 -76.43 44.61
N SER KC 43 -92.60 -75.34 45.37
CA SER KC 43 -91.55 -74.80 46.21
C SER KC 43 -92.16 -74.26 47.49
N LEU KC 44 -91.46 -74.47 48.61
CA LEU KC 44 -91.88 -73.98 49.91
C LEU KC 44 -90.69 -73.37 50.63
N ARG KC 45 -90.89 -72.21 51.25
CA ARG KC 45 -89.81 -71.53 51.93
C ARG KC 45 -90.38 -70.67 53.04
N GLN KC 46 -89.53 -69.85 53.65
CA GLN KC 46 -89.90 -68.90 54.69
C GLN KC 46 -89.76 -67.48 54.14
N ASN KC 47 -89.71 -66.50 55.05
CA ASN KC 47 -89.60 -65.10 54.66
C ASN KC 47 -89.15 -64.29 55.87
N GLY KC 48 -88.49 -63.17 55.59
CA GLY KC 48 -88.11 -62.21 56.61
C GLY KC 48 -87.41 -62.79 57.82
N ALA KC 49 -88.02 -62.65 58.99
CA ALA KC 49 -87.46 -63.15 60.23
C ALA KC 49 -88.41 -64.19 60.84
N LYS KC 50 -88.60 -65.31 60.14
CA LYS KC 50 -89.42 -66.43 60.59
C LYS KC 50 -90.84 -65.98 60.91
N THR KC 51 -91.36 -65.05 60.11
CA THR KC 51 -92.74 -64.56 60.30
C THR KC 51 -93.74 -65.45 59.57
N ALA KC 52 -93.83 -65.30 58.25
CA ALA KC 52 -94.77 -66.08 57.45
C ALA KC 52 -94.04 -67.11 56.60
N TYR KC 53 -94.67 -67.56 55.53
CA TYR KC 53 -94.08 -68.53 54.62
C TYR KC 53 -94.38 -68.12 53.19
N ARG KC 54 -93.83 -68.87 52.24
CA ARG KC 54 -94.02 -68.61 50.82
C ARG KC 54 -94.09 -69.93 50.07
N VAL KC 55 -95.19 -70.14 49.36
CA VAL KC 55 -95.43 -71.35 48.58
C VAL KC 55 -95.61 -70.95 47.12
N ASN KC 56 -94.91 -71.65 46.23
CA ASN KC 56 -94.98 -71.40 44.81
C ASN KC 56 -95.37 -72.67 44.08
N LEU KC 57 -96.36 -72.58 43.20
CA LEU KC 57 -96.86 -73.71 42.43
C LEU KC 57 -97.01 -73.29 40.98
N LYS KC 58 -96.24 -73.92 40.09
CA LYS KC 58 -96.30 -73.64 38.67
C LYS KC 58 -96.66 -74.89 37.90
N LEU KC 59 -97.47 -74.74 36.86
CA LEU KC 59 -97.91 -75.86 36.03
C LEU KC 59 -97.69 -75.50 34.57
N ASP KC 60 -96.87 -76.29 33.88
CA ASP KC 60 -96.53 -76.05 32.50
C ASP KC 60 -96.93 -77.24 31.63
N GLN KC 61 -97.30 -76.95 30.38
CA GLN KC 61 -97.67 -77.99 29.43
C GLN KC 61 -97.48 -77.45 28.02
N ALA KC 62 -96.52 -78.00 27.30
CA ALA KC 62 -96.20 -77.57 25.95
C ALA KC 62 -96.70 -78.60 24.94
N ASP KC 63 -97.45 -78.14 23.95
CA ASP KC 63 -97.96 -79.02 22.92
C ASP KC 63 -96.86 -79.41 21.95
N VAL KC 64 -97.00 -80.61 21.37
CA VAL KC 64 -96.03 -81.14 20.43
C VAL KC 64 -96.73 -81.44 19.11
N VAL KC 65 -95.94 -81.48 18.03
CA VAL KC 65 -96.44 -81.79 16.70
C VAL KC 65 -95.45 -82.75 16.03
N ASP KC 66 -95.97 -83.55 15.11
CA ASP KC 66 -95.17 -84.55 14.41
C ASP KC 66 -95.71 -84.73 13.00
N CYS KC 67 -94.80 -84.97 12.06
CA CYS KC 67 -95.16 -85.16 10.65
C CYS KC 67 -94.75 -86.53 10.12
N SER KC 68 -94.34 -87.46 10.98
CA SER KC 68 -93.91 -88.77 10.50
C SER KC 68 -95.07 -89.59 9.95
N THR KC 69 -96.32 -89.17 10.19
CA THR KC 69 -97.46 -89.91 9.67
C THR KC 69 -97.62 -89.72 8.17
N SER KC 70 -97.25 -88.55 7.65
CA SER KC 70 -97.39 -88.28 6.23
C SER KC 70 -96.04 -87.90 5.61
N VAL KC 71 -95.38 -86.89 6.18
CA VAL KC 71 -94.10 -86.43 5.69
C VAL KC 71 -93.05 -87.46 6.06
N CYS KC 72 -92.08 -87.70 5.17
CA CYS KC 72 -91.10 -88.73 5.49
C CYS KC 72 -89.86 -88.14 6.14
N GLY KC 73 -90.07 -87.35 7.20
CA GLY KC 73 -89.00 -87.04 8.12
C GLY KC 73 -89.19 -85.76 8.91
N GLU KC 74 -89.62 -85.89 10.16
CA GLU KC 74 -89.80 -84.73 11.03
C GLU KC 74 -89.90 -85.23 12.47
N LEU KC 75 -88.95 -84.82 13.31
CA LEU KC 75 -88.97 -85.22 14.70
C LEU KC 75 -90.07 -84.47 15.45
N PRO KC 76 -90.56 -85.05 16.55
CA PRO KC 76 -91.57 -84.33 17.36
C PRO KC 76 -91.02 -83.00 17.86
N LYS KC 77 -91.70 -81.92 17.46
CA LYS KC 77 -91.26 -80.56 17.76
C LYS KC 77 -92.29 -79.86 18.62
N VAL KC 78 -91.83 -79.15 19.65
CA VAL KC 78 -92.73 -78.41 20.51
C VAL KC 78 -93.23 -77.16 19.79
N ARG KC 79 -94.43 -76.71 20.17
CA ARG KC 79 -95.04 -75.55 19.55
C ARG KC 79 -95.00 -74.41 20.55
N TYR KC 80 -96.06 -74.18 21.31
CA TYR KC 80 -96.13 -73.09 22.28
C TYR KC 80 -95.91 -73.62 23.69
N THR KC 81 -95.74 -72.69 24.62
CA THR KC 81 -95.52 -73.01 26.03
C THR KC 81 -96.45 -72.17 26.88
N GLN KC 82 -97.08 -72.80 27.87
CA GLN KC 82 -98.00 -72.13 28.78
C GLN KC 82 -97.45 -72.19 30.19
N VAL KC 83 -97.49 -71.05 30.89
CA VAL KC 83 -96.98 -70.92 32.25
C VAL KC 83 -98.10 -70.43 33.14
N TRP KC 84 -98.37 -71.18 34.22
CA TRP KC 84 -99.41 -70.83 35.19
C TRP KC 84 -98.80 -70.99 36.59
N SER KC 85 -98.21 -69.92 37.10
CA SER KC 85 -97.57 -69.93 38.41
C SER KC 85 -98.55 -69.46 39.48
N HIS KC 86 -98.16 -69.65 40.73
CA HIS KC 86 -98.97 -69.26 41.88
C HIS KC 86 -98.07 -68.62 42.93
N ASP KC 87 -98.70 -68.11 43.98
CA ASP KC 87 -97.97 -67.47 45.07
C ASP KC 87 -98.86 -67.49 46.31
N VAL KC 88 -98.45 -68.23 47.34
CA VAL KC 88 -99.19 -68.37 48.58
C VAL KC 88 -98.37 -67.74 49.70
N THR KC 89 -98.92 -66.69 50.31
CA THR KC 89 -98.28 -65.99 51.42
C THR KC 89 -99.23 -66.04 52.62
N ILE KC 90 -99.20 -67.15 53.35
CA ILE KC 90 -100.06 -67.36 54.51
C ILE KC 90 -99.17 -67.43 55.75
N VAL KC 91 -99.48 -66.60 56.75
CA VAL KC 91 -98.71 -66.60 57.99
C VAL KC 91 -99.05 -67.84 58.81
N ALA KC 92 -98.12 -68.22 59.68
CA ALA KC 92 -98.31 -69.41 60.51
C ALA KC 92 -99.42 -69.19 61.54
N ASN KC 93 -99.26 -68.17 62.37
CA ASN KC 93 -100.24 -67.85 63.41
C ASN KC 93 -101.45 -67.19 62.75
N SER KC 94 -102.32 -68.01 62.18
CA SER KC 94 -103.53 -67.53 61.52
C SER KC 94 -104.77 -68.15 62.14
N THR KC 95 -105.70 -68.60 61.32
CA THR KC 95 -106.94 -69.21 61.79
C THR KC 95 -107.31 -70.35 60.86
N GLU KC 96 -107.58 -71.52 61.43
CA GLU KC 96 -107.95 -72.69 60.63
C GLU KC 96 -109.28 -72.46 59.93
N ALA KC 97 -110.25 -71.88 60.64
CA ALA KC 97 -111.56 -71.62 60.02
C ALA KC 97 -111.44 -70.60 58.89
N SER KC 98 -110.63 -69.56 59.09
CA SER KC 98 -110.43 -68.57 58.04
C SER KC 98 -109.73 -69.18 56.83
N ARG KC 99 -108.74 -70.04 57.08
CA ARG KC 99 -108.06 -70.71 55.97
C ARG KC 99 -109.00 -71.62 55.20
N LYS KC 100 -109.86 -72.35 55.93
CA LYS KC 100 -110.82 -73.22 55.27
C LYS KC 100 -111.83 -72.42 54.46
N SER KC 101 -112.29 -71.29 55.00
CA SER KC 101 -113.22 -70.44 54.25
C SER KC 101 -112.56 -69.86 53.00
N LEU KC 102 -111.29 -69.45 53.12
CA LEU KC 102 -110.58 -68.93 51.96
C LEU KC 102 -110.39 -70.00 50.90
N TYR KC 103 -110.06 -71.23 51.32
CA TYR KC 103 -109.91 -72.33 50.37
C TYR KC 103 -111.23 -72.65 49.68
N ASP KC 104 -112.34 -72.62 50.44
CA ASP KC 104 -113.64 -72.87 49.84
C ASP KC 104 -114.02 -71.77 48.85
N LEU KC 105 -113.72 -70.52 49.19
CA LEU KC 105 -114.00 -69.43 48.26
C LEU KC 105 -113.17 -69.55 46.99
N THR KC 106 -111.89 -69.93 47.13
CA THR KC 106 -111.04 -70.12 45.96
C THR KC 106 -111.56 -71.26 45.10
N LYS KC 107 -111.98 -72.36 45.73
CA LYS KC 107 -112.52 -73.49 44.97
C LYS KC 107 -113.80 -73.10 44.23
N SER KC 108 -114.66 -72.30 44.88
CA SER KC 108 -115.89 -71.86 44.23
C SER KC 108 -115.59 -70.93 43.07
N LEU KC 109 -114.63 -70.01 43.24
CA LEU KC 109 -114.26 -69.11 42.15
C LEU KC 109 -113.62 -69.88 40.99
N VAL KC 110 -112.91 -70.96 41.28
CA VAL KC 110 -112.31 -71.76 40.21
C VAL KC 110 -113.39 -72.56 39.48
N ALA KC 111 -114.33 -73.15 40.22
CA ALA KC 111 -115.36 -73.99 39.63
C ALA KC 111 -116.50 -73.18 39.01
N THR KC 112 -116.55 -71.86 39.23
CA THR KC 112 -117.61 -71.07 38.64
C THR KC 112 -117.45 -71.00 37.12
N SER KC 113 -118.53 -70.59 36.45
CA SER KC 113 -118.57 -70.51 35.00
C SER KC 113 -117.98 -69.22 34.45
N GLN KC 114 -117.73 -68.22 35.30
CA GLN KC 114 -117.18 -66.95 34.85
C GLN KC 114 -115.71 -67.06 34.46
N VAL KC 115 -114.91 -67.75 35.28
CA VAL KC 115 -113.49 -67.92 34.95
C VAL KC 115 -113.34 -68.80 33.71
N GLU KC 116 -114.22 -69.80 33.53
CA GLU KC 116 -114.16 -70.62 32.33
C GLU KC 116 -114.41 -69.79 31.08
N ASP KC 117 -115.39 -68.89 31.14
CA ASP KC 117 -115.66 -68.01 29.99
C ASP KC 117 -114.50 -67.05 29.77
N LEU KC 118 -113.94 -66.50 30.85
CA LEU KC 118 -112.78 -65.63 30.74
C LEU KC 118 -111.60 -66.34 30.09
N VAL KC 119 -111.43 -67.64 30.36
CA VAL KC 119 -110.33 -68.38 29.79
C VAL KC 119 -110.59 -68.72 28.32
N VAL KC 120 -111.81 -69.18 28.02
CA VAL KC 120 -112.15 -69.63 26.67
C VAL KC 120 -112.36 -68.44 25.75
N ASN KC 121 -113.44 -67.69 25.97
CA ASN KC 121 -113.83 -66.62 25.07
C ASN KC 121 -113.03 -65.34 25.27
N LEU KC 122 -112.09 -65.32 26.22
CA LEU KC 122 -111.24 -64.15 26.48
C LEU KC 122 -112.07 -62.91 26.83
N VAL KC 123 -113.25 -63.12 27.40
CA VAL KC 123 -114.13 -62.03 27.80
C VAL KC 123 -113.79 -61.64 29.24
N PRO KC 124 -113.63 -60.35 29.55
CA PRO KC 124 -113.29 -59.95 30.92
C PRO KC 124 -114.34 -60.41 31.91
N LEU KC 125 -113.89 -60.78 33.11
CA LEU KC 125 -114.77 -61.30 34.14
C LEU KC 125 -115.70 -60.19 34.63
N GLY KC 126 -117.01 -60.41 34.47
CA GLY KC 126 -118.00 -59.43 34.90
C GLY KC 126 -119.41 -59.81 34.52
N ARG KC 127 -119.96 -60.79 35.23
CA ARG KC 127 -121.32 -61.24 34.96
C ARG KC 127 -122.25 -60.89 36.12
N SER LC 1 -118.24 -53.37 32.19
CA SER LC 1 -117.75 -52.93 30.90
C SER LC 1 -118.86 -52.26 30.09
N LYS LC 2 -118.77 -52.38 28.77
CA LYS LC 2 -119.70 -51.72 27.86
C LYS LC 2 -119.94 -52.63 26.66
N THR LC 3 -121.19 -53.03 26.45
CA THR LC 3 -121.56 -53.94 25.38
C THR LC 3 -122.35 -53.20 24.32
N ILE LC 4 -122.08 -53.54 23.06
CA ILE LC 4 -122.77 -52.96 21.91
C ILE LC 4 -123.31 -54.09 21.06
N VAL LC 5 -124.62 -54.08 20.81
CA VAL LC 5 -125.30 -55.11 20.04
C VAL LC 5 -125.57 -54.59 18.65
N LEU LC 6 -125.10 -55.32 17.63
CA LEU LC 6 -125.31 -54.95 16.24
C LEU LC 6 -126.11 -56.04 15.54
N SER LC 7 -127.17 -55.64 14.86
CA SER LC 7 -128.06 -56.57 14.16
C SER LC 7 -127.69 -56.58 12.68
N VAL LC 8 -127.28 -57.75 12.19
CA VAL LC 8 -126.92 -57.89 10.78
C VAL LC 8 -128.08 -58.36 9.92
N GLY LC 9 -129.18 -58.83 10.53
CA GLY LC 9 -130.31 -59.32 9.78
C GLY LC 9 -130.84 -60.62 10.32
N GLU LC 10 -129.94 -61.59 10.54
CA GLU LC 10 -130.30 -62.88 11.10
C GLU LC 10 -129.57 -63.22 12.39
N ALA LC 11 -128.43 -62.60 12.67
CA ALA LC 11 -127.67 -62.84 13.88
C ALA LC 11 -127.32 -61.49 14.53
N THR LC 12 -126.93 -61.56 15.80
CA THR LC 12 -126.58 -60.37 16.58
C THR LC 12 -125.14 -60.49 17.04
N ARG LC 13 -124.33 -59.49 16.72
CA ARG LC 13 -122.93 -59.45 17.13
C ARG LC 13 -122.78 -58.55 18.35
N THR LC 14 -121.82 -58.91 19.21
CA THR LC 14 -121.60 -58.20 20.47
C THR LC 14 -120.16 -57.69 20.51
N LEU LC 15 -120.01 -56.38 20.70
CA LEU LC 15 -118.71 -55.74 20.86
C LEU LC 15 -118.55 -55.32 22.32
N THR LC 16 -117.37 -55.59 22.88
CA THR LC 16 -117.09 -55.33 24.27
C THR LC 16 -115.99 -54.28 24.41
N GLU LC 17 -116.16 -53.36 25.36
CA GLU LC 17 -115.15 -52.37 25.64
C GLU LC 17 -113.92 -53.04 26.26
N ILE LC 18 -112.74 -52.70 25.73
CA ILE LC 18 -111.48 -53.35 26.08
C ILE LC 18 -110.50 -52.36 26.73
N GLN LC 19 -110.34 -51.18 26.14
CA GLN LC 19 -109.34 -50.20 26.55
C GLN LC 19 -110.06 -48.89 26.87
N SER LC 20 -110.64 -48.82 28.06
CA SER LC 20 -111.43 -47.66 28.46
C SER LC 20 -110.50 -46.50 28.80
N THR LC 21 -110.43 -45.51 27.91
CA THR LC 21 -109.65 -44.30 28.12
C THR LC 21 -110.36 -43.14 27.44
N ALA LC 22 -110.15 -41.94 27.97
CA ALA LC 22 -110.84 -40.76 27.47
C ALA LC 22 -110.42 -40.43 26.04
N ASP LC 23 -109.12 -40.29 25.81
CA ASP LC 23 -108.62 -39.88 24.50
C ASP LC 23 -108.59 -41.03 23.48
N ARG LC 24 -108.89 -42.26 23.90
CA ARG LC 24 -108.86 -43.39 22.98
C ARG LC 24 -109.74 -44.50 23.57
N GLN LC 25 -110.87 -44.77 22.92
CA GLN LC 25 -111.76 -45.85 23.32
C GLN LC 25 -111.66 -46.97 22.28
N ILE LC 26 -111.32 -48.17 22.74
CA ILE LC 26 -111.09 -49.31 21.87
C ILE LC 26 -112.15 -50.36 22.18
N PHE LC 27 -113.06 -50.58 21.24
CA PHE LC 27 -114.05 -51.64 21.35
C PHE LC 27 -113.64 -52.83 20.48
N GLU LC 28 -113.80 -54.04 21.02
CA GLU LC 28 -113.42 -55.25 20.31
C GLU LC 28 -114.57 -56.25 20.33
N GLU LC 29 -114.82 -56.87 19.18
CA GLU LC 29 -115.90 -57.84 19.05
C GLU LC 29 -115.46 -59.18 19.61
N LYS LC 30 -116.34 -59.80 20.40
CA LYS LC 30 -116.08 -61.09 21.03
C LYS LC 30 -116.98 -62.14 20.37
N VAL LC 31 -116.37 -62.99 19.54
CA VAL LC 31 -117.09 -64.07 18.89
C VAL LC 31 -116.30 -65.37 19.05
N GLY LC 32 -115.03 -65.33 18.65
CA GLY LC 32 -114.17 -66.49 18.76
C GLY LC 32 -112.72 -66.09 18.92
N PRO LC 33 -111.97 -66.12 17.82
CA PRO LC 33 -110.55 -65.70 17.87
C PRO LC 33 -110.46 -64.19 18.05
N LEU LC 34 -109.79 -63.77 19.13
CA LEU LC 34 -109.68 -62.35 19.41
C LEU LC 34 -108.75 -61.64 18.43
N VAL LC 35 -107.70 -62.33 17.97
CA VAL LC 35 -106.78 -61.74 17.01
C VAL LC 35 -107.43 -61.74 15.63
N GLY LC 36 -107.29 -60.62 14.91
CA GLY LC 36 -107.88 -60.50 13.60
C GLY LC 36 -109.39 -60.49 13.62
N ARG LC 37 -109.97 -59.57 14.40
CA ARG LC 37 -111.42 -59.49 14.50
C ARG LC 37 -111.90 -58.08 14.18
N LEU LC 38 -113.02 -57.67 14.78
CA LEU LC 38 -113.60 -56.35 14.56
C LEU LC 38 -113.18 -55.42 15.70
N ARG LC 39 -112.56 -54.30 15.35
CA ARG LC 39 -112.11 -53.32 16.32
C ARG LC 39 -112.61 -51.94 15.92
N LEU LC 40 -112.84 -51.10 16.93
CA LEU LC 40 -113.36 -49.75 16.74
C LEU LC 40 -112.61 -48.80 17.65
N THR LC 41 -112.07 -47.74 17.06
CA THR LC 41 -111.30 -46.72 17.79
C THR LC 41 -112.08 -45.41 17.75
N ALA LC 42 -112.35 -44.85 18.93
CA ALA LC 42 -113.06 -43.60 19.06
C ALA LC 42 -112.20 -42.58 19.80
N SER LC 43 -112.23 -41.33 19.33
CA SER LC 43 -111.45 -40.27 19.94
C SER LC 43 -112.24 -38.97 19.88
N LEU LC 44 -112.14 -38.18 20.95
CA LEU LC 44 -112.80 -36.89 21.05
C LEU LC 44 -111.82 -35.88 21.62
N ARG LC 45 -111.78 -34.68 21.03
CA ARG LC 45 -110.86 -33.65 21.48
C ARG LC 45 -111.43 -32.29 21.14
N GLN LC 46 -110.62 -31.25 21.33
CA GLN LC 46 -110.95 -29.87 21.01
C GLN LC 46 -110.08 -29.41 19.84
N ASN LC 47 -109.99 -28.09 19.65
CA ASN LC 47 -109.21 -27.53 18.57
C ASN LC 47 -108.98 -26.05 18.84
N GLY LC 48 -107.88 -25.53 18.29
CA GLY LC 48 -107.57 -24.12 18.34
C GLY LC 48 -107.66 -23.49 19.72
N ALA LC 49 -108.56 -22.53 19.88
CA ALA LC 49 -108.75 -21.83 21.15
C ALA LC 49 -110.18 -22.05 21.64
N LYS LC 50 -110.50 -23.30 21.95
CA LYS LC 50 -111.80 -23.70 22.50
C LYS LC 50 -112.94 -23.25 21.60
N THR LC 51 -112.73 -23.35 20.29
CA THR LC 51 -113.76 -22.97 19.31
C THR LC 51 -114.68 -24.17 19.02
N ALA LC 52 -114.20 -25.11 18.22
CA ALA LC 52 -115.00 -26.28 17.86
C ALA LC 52 -114.46 -27.53 18.52
N TYR LC 53 -114.76 -28.69 17.95
CA TYR LC 53 -114.30 -29.97 18.48
C TYR LC 53 -113.86 -30.86 17.33
N ARG LC 54 -113.33 -32.03 17.67
CA ARG LC 54 -112.85 -32.98 16.69
C ARG LC 54 -113.16 -34.39 17.18
N VAL LC 55 -113.90 -35.15 16.37
CA VAL LC 55 -114.26 -36.52 16.69
C VAL LC 55 -113.72 -37.44 15.59
N ASN LC 56 -113.07 -38.52 16.00
CA ASN LC 56 -112.50 -39.48 15.08
C ASN LC 56 -113.05 -40.86 15.38
N LEU LC 57 -113.51 -41.55 14.35
CA LEU LC 57 -114.08 -42.89 14.48
C LEU LC 57 -113.50 -43.78 13.38
N LYS LC 58 -112.77 -44.81 13.79
CA LYS LC 58 -112.17 -45.76 12.86
C LYS LC 58 -112.68 -47.15 13.15
N LEU LC 59 -112.90 -47.93 12.09
CA LEU LC 59 -113.40 -49.29 12.21
C LEU LC 59 -112.53 -50.21 11.35
N ASP LC 60 -111.89 -51.18 11.99
CA ASP LC 60 -110.99 -52.10 11.32
C ASP LC 60 -111.47 -53.53 11.49
N GLN LC 61 -111.19 -54.35 10.47
CA GLN LC 61 -111.56 -55.77 10.50
C GLN LC 61 -110.65 -56.51 9.54
N ALA LC 62 -109.78 -57.38 10.07
CA ALA LC 62 -108.84 -58.14 9.28
C ALA LC 62 -109.29 -59.59 9.22
N ASP LC 63 -109.37 -60.14 8.01
CA ASP LC 63 -109.76 -61.53 7.82
C ASP LC 63 -108.61 -62.46 8.19
N VAL LC 64 -108.98 -63.66 8.64
CA VAL LC 64 -108.01 -64.67 9.06
C VAL LC 64 -108.23 -65.93 8.25
N VAL LC 65 -107.18 -66.74 8.15
CA VAL LC 65 -107.22 -68.01 7.45
C VAL LC 65 -106.51 -69.06 8.29
N ASP LC 66 -106.90 -70.31 8.09
CA ASP LC 66 -106.35 -71.43 8.86
C ASP LC 66 -106.35 -72.68 8.00
N CYS LC 67 -105.32 -73.50 8.19
CA CYS LC 67 -105.17 -74.75 7.42
C CYS LC 67 -105.16 -75.99 8.30
N SER LC 68 -105.50 -75.86 9.60
CA SER LC 68 -105.46 -77.02 10.48
C SER LC 68 -106.55 -78.04 10.14
N THR LC 69 -107.54 -77.67 9.31
CA THR LC 69 -108.58 -78.60 8.94
C THR LC 69 -108.08 -79.67 7.98
N SER LC 70 -107.13 -79.33 7.12
CA SER LC 70 -106.60 -80.28 6.16
C SER LC 70 -105.09 -80.44 6.32
N VAL LC 71 -104.36 -79.34 6.26
CA VAL LC 71 -102.91 -79.36 6.39
C VAL LC 71 -102.56 -79.64 7.85
N CYS LC 72 -101.50 -80.41 8.08
CA CYS LC 72 -101.13 -80.77 9.43
C CYS LC 72 -100.14 -79.78 10.03
N GLY LC 73 -100.44 -78.48 9.93
CA GLY LC 73 -99.77 -77.50 10.75
C GLY LC 73 -99.73 -76.11 10.16
N GLU LC 74 -100.61 -75.23 10.63
CA GLU LC 74 -100.64 -73.85 10.18
C GLU LC 74 -101.45 -73.03 11.18
N LEU LC 75 -100.81 -72.07 11.83
CA LEU LC 75 -101.50 -71.23 12.79
C LEU LC 75 -102.41 -70.24 12.06
N PRO LC 76 -103.47 -69.77 12.73
CA PRO LC 76 -104.34 -68.75 12.11
C PRO LC 76 -103.55 -67.50 11.73
N LYS LC 77 -103.55 -67.19 10.44
CA LYS LC 77 -102.77 -66.10 9.90
C LYS LC 77 -103.70 -65.05 9.29
N VAL LC 78 -103.41 -63.77 9.57
CA VAL LC 78 -104.21 -62.69 9.01
C VAL LC 78 -103.88 -62.52 7.53
N ARG LC 79 -104.86 -62.02 6.77
CA ARG LC 79 -104.68 -61.82 5.34
C ARG LC 79 -104.58 -60.33 5.07
N TYR LC 80 -105.68 -59.66 4.74
CA TYR LC 80 -105.68 -58.23 4.43
C TYR LC 80 -106.22 -57.44 5.62
N THR LC 81 -106.07 -56.13 5.53
CA THR LC 81 -106.54 -55.21 6.57
C THR LC 81 -107.31 -54.08 5.92
N GLN LC 82 -108.47 -53.74 6.50
CA GLN LC 82 -109.31 -52.67 6.01
C GLN LC 82 -109.39 -51.57 7.05
N VAL LC 83 -109.26 -50.33 6.59
CA VAL LC 83 -109.29 -49.15 7.46
C VAL LC 83 -110.38 -48.21 6.96
N TRP LC 84 -111.29 -47.85 7.85
CA TRP LC 84 -112.40 -46.94 7.54
C TRP LC 84 -112.48 -45.91 8.68
N SER LC 85 -111.75 -44.81 8.52
CA SER LC 85 -111.71 -43.75 9.51
C SER LC 85 -112.76 -42.68 9.20
N HIS LC 86 -112.97 -41.79 10.17
CA HIS LC 86 -113.93 -40.70 10.04
C HIS LC 86 -113.32 -39.43 10.60
N ASP LC 87 -114.05 -38.32 10.43
CA ASP LC 87 -113.60 -37.03 10.94
C ASP LC 87 -114.81 -36.13 11.09
N VAL LC 88 -115.13 -35.76 12.33
CA VAL LC 88 -116.29 -34.93 12.64
C VAL LC 88 -115.77 -33.60 13.20
N THR LC 89 -116.06 -32.51 12.51
CA THR LC 89 -115.66 -31.16 12.91
C THR LC 89 -116.92 -30.32 13.02
N ILE LC 90 -117.61 -30.43 14.17
CA ILE LC 90 -118.85 -29.71 14.43
C ILE LC 90 -118.59 -28.73 15.57
N VAL LC 91 -118.91 -27.45 15.33
CA VAL LC 91 -118.73 -26.43 16.36
C VAL LC 91 -119.79 -26.58 17.44
N ALA LC 92 -119.48 -26.07 18.63
CA ALA LC 92 -120.42 -26.17 19.75
C ALA LC 92 -121.65 -25.30 19.52
N ASN LC 93 -121.43 -23.99 19.32
CA ASN LC 93 -122.53 -23.06 19.09
C ASN LC 93 -123.04 -23.24 17.66
N SER LC 94 -123.88 -24.25 17.48
CA SER LC 94 -124.45 -24.55 16.17
C SER LC 94 -125.98 -24.52 16.24
N THR LC 95 -126.63 -25.51 15.63
CA THR LC 95 -128.08 -25.60 15.63
C THR LC 95 -128.50 -27.06 15.74
N GLU LC 96 -129.38 -27.35 16.69
CA GLU LC 96 -129.85 -28.72 16.88
C GLU LC 96 -130.63 -29.22 15.68
N ALA LC 97 -131.48 -28.36 15.11
CA ALA LC 97 -132.25 -28.76 13.92
C ALA LC 97 -131.33 -29.01 12.73
N SER LC 98 -130.33 -28.16 12.56
CA SER LC 98 -129.37 -28.36 11.46
C SER LC 98 -128.57 -29.63 11.66
N ARG LC 99 -128.15 -29.92 12.89
CA ARG LC 99 -127.42 -31.14 13.16
C ARG LC 99 -128.29 -32.37 12.90
N LYS LC 100 -129.56 -32.31 13.30
CA LYS LC 100 -130.47 -33.43 13.05
C LYS LC 100 -130.69 -33.63 11.56
N SER LC 101 -130.85 -32.54 10.81
CA SER LC 101 -131.04 -32.65 9.36
C SER LC 101 -129.79 -33.23 8.70
N LEU LC 102 -128.60 -32.81 9.15
CA LEU LC 102 -127.36 -33.35 8.60
C LEU LC 102 -127.22 -34.83 8.91
N TYR LC 103 -127.58 -35.24 10.14
CA TYR LC 103 -127.51 -36.65 10.49
C TYR LC 103 -128.50 -37.47 9.65
N ASP LC 104 -129.70 -36.94 9.43
CA ASP LC 104 -130.67 -37.65 8.61
C ASP LC 104 -130.19 -37.76 7.17
N LEU LC 105 -129.59 -36.70 6.63
CA LEU LC 105 -129.05 -36.77 5.27
C LEU LC 105 -127.91 -37.78 5.18
N THR LC 106 -127.05 -37.83 6.19
CA THR LC 106 -125.96 -38.82 6.19
C THR LC 106 -126.51 -40.23 6.26
N LYS LC 107 -127.53 -40.44 7.10
CA LYS LC 107 -128.14 -41.77 7.20
C LYS LC 107 -128.79 -42.17 5.89
N SER LC 108 -129.46 -41.23 5.21
CA SER LC 108 -130.07 -41.54 3.93
C SER LC 108 -129.02 -41.87 2.87
N LEU LC 109 -127.92 -41.10 2.84
CA LEU LC 109 -126.86 -41.37 1.89
C LEU LC 109 -126.18 -42.72 2.17
N VAL LC 110 -126.11 -43.11 3.44
CA VAL LC 110 -125.52 -44.41 3.77
C VAL LC 110 -126.45 -45.54 3.38
N ALA LC 111 -127.76 -45.38 3.65
CA ALA LC 111 -128.72 -46.43 3.37
C ALA LC 111 -129.14 -46.49 1.91
N THR LC 112 -128.75 -45.51 1.09
CA THR LC 112 -129.11 -45.54 -0.32
C THR LC 112 -128.38 -46.68 -1.03
N SER LC 113 -128.88 -47.02 -2.23
CA SER LC 113 -128.34 -48.11 -3.01
C SER LC 113 -127.14 -47.70 -3.86
N GLN LC 114 -126.86 -46.40 -3.99
CA GLN LC 114 -125.74 -45.94 -4.78
C GLN LC 114 -124.40 -46.22 -4.12
N VAL LC 115 -124.30 -45.95 -2.81
CA VAL LC 115 -123.05 -46.23 -2.10
C VAL LC 115 -122.80 -47.73 -2.02
N GLU LC 116 -123.85 -48.53 -1.90
CA GLU LC 116 -123.67 -49.98 -1.90
C GLU LC 116 -123.09 -50.47 -3.23
N ASP LC 117 -123.60 -49.94 -4.34
CA ASP LC 117 -123.05 -50.30 -5.65
C ASP LC 117 -121.62 -49.80 -5.80
N LEU LC 118 -121.34 -48.58 -5.34
CA LEU LC 118 -119.98 -48.05 -5.38
C LEU LC 118 -119.02 -48.92 -4.58
N VAL LC 119 -119.48 -49.51 -3.47
CA VAL LC 119 -118.63 -50.35 -2.65
C VAL LC 119 -118.43 -51.72 -3.30
N VAL LC 120 -119.51 -52.32 -3.78
CA VAL LC 120 -119.47 -53.68 -4.33
C VAL LC 120 -118.84 -53.68 -5.71
N ASN LC 121 -119.54 -53.11 -6.69
CA ASN LC 121 -119.12 -53.17 -8.08
C ASN LC 121 -118.02 -52.17 -8.42
N LEU LC 122 -117.58 -51.35 -7.46
CA LEU LC 122 -116.52 -50.37 -7.66
C LEU LC 122 -116.87 -49.39 -8.78
N VAL LC 123 -118.16 -49.15 -8.99
CA VAL LC 123 -118.62 -48.20 -10.02
C VAL LC 123 -118.73 -46.83 -9.39
N PRO LC 124 -118.21 -45.78 -10.02
CA PRO LC 124 -118.28 -44.44 -9.43
C PRO LC 124 -119.72 -44.00 -9.19
N LEU LC 125 -119.93 -43.27 -8.10
CA LEU LC 125 -121.26 -42.84 -7.70
C LEU LC 125 -121.79 -41.84 -8.72
N GLY LC 126 -122.92 -42.16 -9.35
CA GLY LC 126 -123.53 -41.29 -10.34
C GLY LC 126 -124.73 -41.91 -11.02
N ARG LC 127 -125.84 -42.00 -10.29
CA ARG LC 127 -127.06 -42.58 -10.84
C ARG LC 127 -128.15 -41.51 -11.00
N SER MC 1 -127.45 -46.94 -14.90
CA SER MC 1 -126.26 -47.32 -15.67
C SER MC 1 -126.63 -47.81 -17.06
N LYS MC 2 -125.82 -48.72 -17.59
CA LYS MC 2 -125.99 -49.22 -18.95
C LYS MC 2 -125.58 -50.68 -18.97
N THR MC 3 -126.51 -51.56 -19.34
CA THR MC 3 -126.28 -53.00 -19.36
C THR MC 3 -126.24 -53.50 -20.79
N ILE MC 4 -125.33 -54.43 -21.06
CA ILE MC 4 -125.16 -55.05 -22.37
C ILE MC 4 -125.23 -56.55 -22.19
N VAL MC 5 -126.14 -57.20 -22.90
CA VAL MC 5 -126.33 -58.65 -22.81
C VAL MC 5 -125.71 -59.30 -24.03
N LEU MC 6 -124.82 -60.26 -23.80
CA LEU MC 6 -124.14 -60.99 -24.86
C LEU MC 6 -124.50 -62.47 -24.75
N SER MC 7 -124.94 -63.05 -25.85
CA SER MC 7 -125.34 -64.46 -25.90
C SER MC 7 -124.19 -65.28 -26.48
N VAL MC 8 -123.66 -66.21 -25.67
CA VAL MC 8 -122.57 -67.08 -26.12
C VAL MC 8 -123.07 -68.39 -26.72
N GLY MC 9 -124.34 -68.72 -26.53
CA GLY MC 9 -124.88 -69.97 -27.06
C GLY MC 9 -125.74 -70.69 -26.04
N GLU MC 10 -125.22 -70.83 -24.81
CA GLU MC 10 -125.95 -71.47 -23.73
C GLU MC 10 -126.13 -70.59 -22.50
N ALA MC 11 -125.30 -69.55 -22.33
CA ALA MC 11 -125.41 -68.63 -21.21
C ALA MC 11 -125.38 -67.20 -21.73
N THR MC 12 -125.79 -66.27 -20.87
CA THR MC 12 -125.85 -64.85 -21.20
C THR MC 12 -124.95 -64.08 -20.25
N ARG MC 13 -124.03 -63.31 -20.80
CA ARG MC 13 -123.12 -62.48 -20.02
C ARG MC 13 -123.62 -61.04 -20.00
N THR MC 14 -123.38 -60.36 -18.88
CA THR MC 14 -123.85 -58.99 -18.68
C THR MC 14 -122.66 -58.08 -18.42
N LEU MC 15 -122.53 -57.04 -19.23
CA LEU MC 15 -121.51 -56.02 -19.06
C LEU MC 15 -122.17 -54.73 -18.56
N THR MC 16 -121.57 -54.10 -17.56
CA THR MC 16 -122.12 -52.92 -16.93
C THR MC 16 -121.21 -51.72 -17.16
N GLU MC 17 -121.83 -50.56 -17.43
CA GLU MC 17 -121.07 -49.33 -17.59
C GLU MC 17 -120.49 -48.91 -16.25
N ILE MC 18 -119.19 -48.64 -16.25
CA ILE MC 18 -118.43 -48.26 -15.07
C ILE MC 18 -118.06 -46.79 -15.09
N GLN MC 19 -117.33 -46.38 -16.11
CA GLN MC 19 -116.68 -45.08 -16.19
C GLN MC 19 -117.33 -44.28 -17.33
N SER MC 20 -118.49 -43.70 -17.05
CA SER MC 20 -119.26 -42.96 -18.05
C SER MC 20 -118.58 -41.63 -18.34
N THR MC 21 -117.94 -41.52 -19.49
CA THR MC 21 -117.31 -40.29 -19.94
C THR MC 21 -117.41 -40.23 -21.46
N ALA MC 22 -117.42 -39.00 -21.99
CA ALA MC 22 -117.60 -38.81 -23.42
C ALA MC 22 -116.41 -39.36 -24.20
N ASP MC 23 -115.20 -38.91 -23.86
CA ASP MC 23 -114.00 -39.29 -24.60
C ASP MC 23 -113.49 -40.69 -24.25
N ARG MC 24 -114.09 -41.36 -23.26
CA ARG MC 24 -113.64 -42.69 -22.87
C ARG MC 24 -114.78 -43.38 -22.12
N GLN MC 25 -115.36 -44.41 -22.74
CA GLN MC 25 -116.40 -45.21 -22.13
C GLN MC 25 -115.82 -46.57 -21.78
N ILE MC 26 -115.92 -46.95 -20.50
CA ILE MC 26 -115.33 -48.18 -19.99
C ILE MC 26 -116.46 -49.08 -19.51
N PHE MC 27 -116.68 -50.18 -20.21
CA PHE MC 27 -117.65 -51.19 -19.82
C PHE MC 27 -116.92 -52.38 -19.19
N GLU MC 28 -117.47 -52.89 -18.09
CA GLU MC 28 -116.86 -53.99 -17.36
C GLU MC 28 -117.89 -55.09 -17.12
N GLU MC 29 -117.48 -56.34 -17.35
CA GLU MC 29 -118.37 -57.48 -17.17
C GLU MC 29 -118.45 -57.84 -15.70
N LYS MC 30 -119.68 -58.07 -15.23
CA LYS MC 30 -119.94 -58.43 -13.83
C LYS MC 30 -120.38 -59.89 -13.77
N VAL MC 31 -119.49 -60.75 -13.29
CA VAL MC 31 -119.80 -62.17 -13.13
C VAL MC 31 -119.36 -62.62 -11.75
N GLY MC 32 -118.10 -62.36 -11.41
CA GLY MC 32 -117.56 -62.73 -10.12
C GLY MC 32 -116.44 -61.81 -9.70
N PRO MC 33 -115.18 -62.24 -9.90
CA PRO MC 33 -114.03 -61.39 -9.58
C PRO MC 33 -113.93 -60.24 -10.57
N LEU MC 34 -113.97 -59.01 -10.04
CA LEU MC 34 -113.91 -57.84 -10.91
C LEU MC 34 -112.53 -57.65 -11.52
N VAL MC 35 -111.48 -57.99 -10.78
CA VAL MC 35 -110.13 -57.88 -11.30
C VAL MC 35 -109.86 -59.02 -12.28
N GLY MC 36 -109.23 -58.69 -13.42
CA GLY MC 36 -108.94 -59.68 -14.43
C GLY MC 36 -110.18 -60.23 -15.09
N ARG MC 37 -111.03 -59.36 -15.63
CA ARG MC 37 -112.26 -59.78 -16.28
C ARG MC 37 -112.35 -59.23 -17.70
N LEU MC 38 -113.56 -59.02 -18.19
CA LEU MC 38 -113.78 -58.50 -19.53
C LEU MC 38 -114.02 -57.00 -19.47
N ARG MC 39 -113.20 -56.24 -20.21
CA ARG MC 39 -113.32 -54.79 -20.25
C ARG MC 39 -113.37 -54.33 -21.70
N LEU MC 40 -114.07 -53.22 -21.92
CA LEU MC 40 -114.25 -52.65 -23.24
C LEU MC 40 -114.08 -51.14 -23.16
N THR MC 41 -113.22 -50.60 -24.02
CA THR MC 41 -112.93 -49.18 -24.07
C THR MC 41 -113.41 -48.63 -25.40
N ALA MC 42 -114.26 -47.61 -25.35
CA ALA MC 42 -114.81 -46.96 -26.53
C ALA MC 42 -114.45 -45.48 -26.52
N SER MC 43 -114.09 -44.97 -27.71
CA SER MC 43 -113.71 -43.57 -27.85
C SER MC 43 -114.21 -43.05 -29.19
N LEU MC 44 -114.68 -41.81 -29.21
CA LEU MC 44 -115.15 -41.14 -30.40
C LEU MC 44 -114.59 -39.73 -30.44
N ARG MC 45 -114.12 -39.31 -31.61
CA ARG MC 45 -113.54 -37.97 -31.74
C ARG MC 45 -113.68 -37.51 -33.19
N GLN MC 46 -113.05 -36.39 -33.50
CA GLN MC 46 -113.01 -35.82 -34.84
C GLN MC 46 -111.58 -35.93 -35.39
N ASN MC 47 -111.29 -35.15 -36.43
CA ASN MC 47 -109.98 -35.17 -37.05
C ASN MC 47 -109.81 -33.92 -37.92
N GLY MC 48 -108.56 -33.51 -38.09
CA GLY MC 48 -108.23 -32.41 -38.99
C GLY MC 48 -109.03 -31.15 -38.80
N ALA MC 49 -109.77 -30.76 -39.83
CA ALA MC 49 -110.59 -29.56 -39.80
C ALA MC 49 -112.05 -29.92 -40.00
N LYS MC 50 -112.60 -30.68 -39.05
CA LYS MC 50 -114.01 -31.09 -39.05
C LYS MC 50 -114.38 -31.82 -40.34
N THR MC 51 -113.47 -32.64 -40.84
CA THR MC 51 -113.71 -33.42 -42.05
C THR MC 51 -114.40 -34.75 -41.72
N ALA MC 52 -113.63 -35.71 -41.21
CA ALA MC 52 -114.16 -37.02 -40.88
C ALA MC 52 -114.22 -37.21 -39.37
N TYR MC 53 -114.25 -38.46 -38.92
CA TYR MC 53 -114.28 -38.79 -37.51
C TYR MC 53 -113.34 -39.95 -37.23
N ARG MC 54 -113.22 -40.30 -35.95
CA ARG MC 54 -112.34 -41.39 -35.53
C ARG MC 54 -112.99 -42.12 -34.37
N VAL MC 55 -113.20 -43.43 -34.53
CA VAL MC 55 -113.80 -44.27 -33.51
C VAL MC 55 -112.81 -45.37 -33.15
N ASN MC 56 -112.61 -45.56 -31.85
CA ASN MC 56 -111.69 -46.58 -31.35
C ASN MC 56 -112.45 -47.51 -30.40
N LEU MC 57 -112.29 -48.82 -30.62
CA LEU MC 57 -112.95 -49.83 -29.80
C LEU MC 57 -111.92 -50.90 -29.44
N LYS MC 58 -111.65 -51.06 -28.15
CA LYS MC 58 -110.71 -52.05 -27.66
C LYS MC 58 -111.41 -52.98 -26.69
N LEU MC 59 -111.06 -54.26 -26.75
CA LEU MC 59 -111.65 -55.28 -25.88
C LEU MC 59 -110.53 -56.09 -25.25
N ASP MC 60 -110.46 -56.08 -23.93
CA ASP MC 60 -109.41 -56.78 -23.19
C ASP MC 60 -110.04 -57.80 -22.25
N GLN MC 61 -109.30 -58.89 -22.03
CA GLN MC 61 -109.74 -59.95 -21.12
C GLN MC 61 -108.52 -60.71 -20.65
N ALA MC 62 -108.20 -60.60 -19.37
CA ALA MC 62 -107.03 -61.27 -18.78
C ALA MC 62 -107.49 -62.44 -17.93
N ASP MC 63 -106.91 -63.60 -18.17
CA ASP MC 63 -107.24 -64.80 -17.40
C ASP MC 63 -106.60 -64.73 -16.02
N VAL MC 64 -107.27 -65.38 -15.05
CA VAL MC 64 -106.81 -65.40 -13.67
C VAL MC 64 -106.63 -66.85 -13.24
N VAL MC 65 -105.79 -67.03 -12.22
CA VAL MC 65 -105.53 -68.35 -11.65
C VAL MC 65 -105.52 -68.22 -10.13
N ASP MC 66 -105.84 -69.33 -9.46
CA ASP MC 66 -105.94 -69.37 -8.01
C ASP MC 66 -105.56 -70.75 -7.51
N CYS MC 67 -104.89 -70.79 -6.35
CA CYS MC 67 -104.45 -72.03 -5.75
C CYS MC 67 -105.05 -72.29 -4.38
N SER MC 68 -106.06 -71.51 -3.97
CA SER MC 68 -106.65 -71.70 -2.65
C SER MC 68 -107.43 -73.00 -2.54
N THR MC 69 -107.71 -73.66 -3.65
CA THR MC 69 -108.44 -74.92 -3.61
C THR MC 69 -107.57 -76.05 -3.08
N SER MC 70 -106.26 -76.01 -3.34
CA SER MC 70 -105.36 -77.07 -2.89
C SER MC 70 -104.25 -76.49 -2.04
N VAL MC 71 -103.52 -75.51 -2.57
CA VAL MC 71 -102.42 -74.88 -1.85
C VAL MC 71 -103.00 -74.00 -0.75
N CYS MC 72 -102.33 -73.94 0.39
CA CYS MC 72 -102.91 -73.16 1.48
C CYS MC 72 -102.32 -71.75 1.52
N GLY MC 73 -102.37 -71.08 0.36
CA GLY MC 73 -102.21 -69.64 0.34
C GLY MC 73 -101.71 -69.08 -0.98
N GLU MC 74 -102.63 -68.54 -1.78
CA GLU MC 74 -102.27 -67.93 -3.04
C GLU MC 74 -103.43 -67.06 -3.50
N LEU MC 75 -103.20 -65.75 -3.62
CA LEU MC 75 -104.23 -64.84 -4.06
C LEU MC 75 -104.48 -65.01 -5.56
N PRO MC 76 -105.67 -64.67 -6.04
CA PRO MC 76 -105.94 -64.73 -7.48
C PRO MC 76 -104.98 -63.85 -8.26
N LYS MC 77 -104.20 -64.47 -9.14
CA LYS MC 77 -103.16 -63.80 -9.89
C LYS MC 77 -103.47 -63.85 -11.38
N VAL MC 78 -103.28 -62.72 -12.07
CA VAL MC 78 -103.51 -62.68 -13.50
C VAL MC 78 -102.38 -63.39 -14.23
N ARG MC 79 -102.69 -63.91 -15.42
CA ARG MC 79 -101.71 -64.64 -16.21
C ARG MC 79 -101.35 -63.79 -17.41
N TYR MC 80 -101.98 -63.98 -18.57
CA TYR MC 80 -101.68 -63.23 -19.77
C TYR MC 80 -102.73 -62.15 -20.00
N THR MC 81 -102.45 -61.28 -20.97
CA THR MC 81 -103.34 -60.19 -21.31
C THR MC 81 -103.50 -60.15 -22.83
N GLN MC 82 -104.74 -60.00 -23.29
CA GLN MC 82 -105.06 -59.93 -24.71
C GLN MC 82 -105.62 -58.56 -25.05
N VAL MC 83 -105.15 -57.98 -26.15
CA VAL MC 83 -105.56 -56.66 -26.59
C VAL MC 83 -106.07 -56.77 -28.02
N TRP MC 84 -107.30 -56.31 -28.23
CA TRP MC 84 -107.95 -56.33 -29.55
C TRP MC 84 -108.57 -54.94 -29.78
N SER MC 85 -107.79 -54.04 -30.37
CA SER MC 85 -108.24 -52.69 -30.64
C SER MC 85 -108.81 -52.58 -32.05
N HIS MC 86 -109.46 -51.45 -32.31
CA HIS MC 86 -110.08 -51.19 -33.61
C HIS MC 86 -109.79 -49.75 -34.00
N ASP MC 87 -110.19 -49.41 -35.23
CA ASP MC 87 -109.99 -48.06 -35.74
C ASP MC 87 -110.99 -47.82 -36.87
N VAL MC 88 -111.94 -46.91 -36.66
CA VAL MC 88 -112.97 -46.59 -37.63
C VAL MC 88 -112.76 -45.16 -38.10
N THR MC 89 -112.50 -45.00 -39.40
CA THR MC 89 -112.29 -43.69 -40.01
C THR MC 89 -113.31 -43.54 -41.14
N ILE MC 90 -114.53 -43.15 -40.78
CA ILE MC 90 -115.63 -42.96 -41.73
C ILE MC 90 -115.98 -41.49 -41.77
N VAL MC 91 -116.00 -40.92 -42.98
CA VAL MC 91 -116.35 -39.51 -43.14
C VAL MC 91 -117.85 -39.33 -42.96
N ALA MC 92 -118.24 -38.10 -42.59
CA ALA MC 92 -119.65 -37.81 -42.37
C ALA MC 92 -120.44 -37.85 -43.67
N ASN MC 93 -120.04 -37.05 -44.65
CA ASN MC 93 -120.72 -36.98 -45.95
C ASN MC 93 -120.33 -38.22 -46.75
N SER MC 94 -120.99 -39.33 -46.46
CA SER MC 94 -120.74 -40.59 -47.15
C SER MC 94 -122.01 -41.11 -47.80
N THR MC 95 -122.28 -42.40 -47.66
CA THR MC 95 -123.47 -43.03 -48.23
C THR MC 95 -123.99 -44.07 -47.27
N GLU MC 96 -125.29 -44.00 -46.96
CA GLU MC 96 -125.89 -44.96 -46.04
C GLU MC 96 -125.88 -46.36 -46.63
N ALA MC 97 -126.18 -46.50 -47.92
CA ALA MC 97 -126.15 -47.81 -48.55
C ALA MC 97 -124.74 -48.39 -48.57
N SER MC 98 -123.74 -47.56 -48.86
CA SER MC 98 -122.36 -48.03 -48.85
C SER MC 98 -121.93 -48.44 -47.45
N ARG MC 99 -122.33 -47.67 -46.43
CA ARG MC 99 -121.99 -48.04 -45.05
C ARG MC 99 -122.66 -49.34 -44.65
N LYS MC 100 -123.91 -49.54 -45.06
CA LYS MC 100 -124.61 -50.79 -44.75
C LYS MC 100 -123.96 -51.97 -45.44
N SER MC 101 -123.55 -51.79 -46.70
CA SER MC 101 -122.87 -52.87 -47.43
C SER MC 101 -121.54 -53.20 -46.79
N LEU MC 102 -120.79 -52.17 -46.35
CA LEU MC 102 -119.52 -52.41 -45.69
C LEU MC 102 -119.71 -53.14 -44.36
N TYR MC 103 -120.74 -52.75 -43.60
CA TYR MC 103 -121.02 -53.43 -42.34
C TYR MC 103 -121.41 -54.88 -42.58
N ASP MC 104 -122.21 -55.14 -43.62
CA ASP MC 104 -122.59 -56.51 -43.93
C ASP MC 104 -121.38 -57.34 -44.37
N LEU MC 105 -120.48 -56.74 -45.15
CA LEU MC 105 -119.28 -57.46 -45.56
C LEU MC 105 -118.38 -57.76 -44.36
N THR MC 106 -118.26 -56.80 -43.43
CA THR MC 106 -117.47 -57.04 -42.23
C THR MC 106 -118.09 -58.14 -41.37
N LYS MC 107 -119.41 -58.13 -41.24
CA LYS MC 107 -120.09 -59.17 -40.47
C LYS MC 107 -119.90 -60.54 -41.11
N SER MC 108 -119.97 -60.61 -42.44
CA SER MC 108 -119.75 -61.88 -43.13
C SER MC 108 -118.32 -62.36 -42.95
N LEU MC 109 -117.34 -61.46 -43.07
CA LEU MC 109 -115.95 -61.84 -42.88
C LEU MC 109 -115.68 -62.28 -41.45
N VAL MC 110 -116.39 -61.71 -40.47
CA VAL MC 110 -116.22 -62.12 -39.08
C VAL MC 110 -116.85 -63.49 -38.85
N ALA MC 111 -118.05 -63.70 -39.40
CA ALA MC 111 -118.76 -64.95 -39.18
C ALA MC 111 -118.26 -66.09 -40.05
N THR MC 112 -117.40 -65.82 -41.03
CA THR MC 112 -116.88 -66.89 -41.87
C THR MC 112 -115.98 -67.83 -41.07
N SER MC 113 -115.72 -69.00 -41.64
CA SER MC 113 -114.93 -70.03 -40.98
C SER MC 113 -113.43 -69.84 -41.19
N GLN MC 114 -113.02 -68.96 -42.10
CA GLN MC 114 -111.61 -68.74 -42.35
C GLN MC 114 -110.93 -67.97 -41.22
N VAL MC 115 -111.57 -66.91 -40.72
CA VAL MC 115 -111.00 -66.16 -39.61
C VAL MC 115 -110.96 -67.00 -38.34
N GLU MC 116 -111.95 -67.87 -38.14
CA GLU MC 116 -111.93 -68.76 -36.99
C GLU MC 116 -110.75 -69.71 -37.04
N ASP MC 117 -110.46 -70.27 -38.22
CA ASP MC 117 -109.30 -71.14 -38.37
C ASP MC 117 -108.01 -70.36 -38.20
N LEU MC 118 -107.95 -69.14 -38.74
CA LEU MC 118 -106.77 -68.30 -38.56
C LEU MC 118 -106.53 -68.00 -37.08
N VAL MC 119 -107.59 -67.85 -36.30
CA VAL MC 119 -107.43 -67.55 -34.88
C VAL MC 119 -107.03 -68.80 -34.11
N VAL MC 120 -107.69 -69.92 -34.37
CA VAL MC 120 -107.45 -71.15 -33.62
C VAL MC 120 -106.15 -71.80 -34.04
N ASN MC 121 -106.11 -72.32 -35.26
CA ASN MC 121 -104.96 -73.10 -35.74
C ASN MC 121 -103.79 -72.23 -36.17
N LEU MC 122 -103.91 -70.90 -36.10
CA LEU MC 122 -102.84 -69.98 -36.47
C LEU MC 122 -102.40 -70.19 -37.92
N VAL MC 123 -103.30 -70.65 -38.77
CA VAL MC 123 -103.01 -70.86 -40.18
C VAL MC 123 -103.34 -69.58 -40.95
N PRO MC 124 -102.45 -69.11 -41.82
CA PRO MC 124 -102.73 -67.86 -42.55
C PRO MC 124 -104.01 -67.98 -43.38
N LEU MC 125 -104.73 -66.87 -43.46
CA LEU MC 125 -106.00 -66.84 -44.18
C LEU MC 125 -105.77 -67.03 -45.67
N GLY MC 126 -106.35 -68.08 -46.23
CA GLY MC 126 -106.20 -68.38 -47.64
C GLY MC 126 -106.84 -69.69 -48.06
N ARG MC 127 -108.17 -69.72 -48.11
CA ARG MC 127 -108.90 -70.92 -48.49
C ARG MC 127 -109.59 -70.73 -49.84
N SER NC 1 -99.74 -69.44 -50.17
CA SER NC 1 -98.58 -70.00 -49.49
C SER NC 1 -98.09 -71.26 -50.18
N LYS NC 2 -97.50 -72.17 -49.40
CA LYS NC 2 -96.88 -73.37 -49.93
C LYS NC 2 -97.09 -74.50 -48.93
N THR NC 3 -97.75 -75.57 -49.37
CA THR NC 3 -98.08 -76.70 -48.51
C THR NC 3 -97.27 -77.91 -48.92
N ILE NC 4 -96.80 -78.66 -47.92
CA ILE NC 4 -96.02 -79.88 -48.14
C ILE NC 4 -96.70 -81.01 -47.36
N VAL NC 5 -97.05 -82.08 -48.06
CA VAL NC 5 -97.73 -83.22 -47.46
C VAL NC 5 -96.72 -84.35 -47.27
N LEU NC 6 -96.62 -84.84 -46.04
CA LEU NC 6 -95.71 -85.92 -45.69
C LEU NC 6 -96.52 -87.11 -45.18
N SER NC 7 -96.27 -88.28 -45.75
CA SER NC 7 -96.98 -89.51 -45.38
C SER NC 7 -96.11 -90.31 -44.42
N VAL NC 8 -96.62 -90.52 -43.20
CA VAL NC 8 -95.90 -91.29 -42.19
C VAL NC 8 -96.28 -92.77 -42.21
N GLY NC 9 -97.35 -93.14 -42.90
CA GLY NC 9 -97.79 -94.52 -42.93
C GLY NC 9 -99.28 -94.67 -42.73
N GLU NC 10 -99.80 -94.00 -41.70
CA GLU NC 10 -101.23 -94.01 -41.41
C GLU NC 10 -101.87 -92.63 -41.38
N ALA NC 11 -101.09 -91.57 -41.19
CA ALA NC 11 -101.59 -90.21 -41.19
C ALA NC 11 -100.74 -89.35 -42.10
N THR NC 12 -101.26 -88.17 -42.45
CA THR NC 12 -100.60 -87.24 -43.33
C THR NC 12 -100.39 -85.92 -42.60
N ARG NC 13 -99.14 -85.46 -42.55
CA ARG NC 13 -98.80 -84.21 -41.92
C ARG NC 13 -98.63 -83.12 -42.97
N THR NC 14 -99.00 -81.89 -42.59
CA THR NC 14 -98.98 -80.74 -43.50
C THR NC 14 -98.06 -79.67 -42.94
N LEU NC 15 -97.07 -79.28 -43.74
CA LEU NC 15 -96.17 -78.18 -43.41
C LEU NC 15 -96.50 -76.98 -44.28
N THR NC 16 -96.55 -75.80 -43.66
CA THR NC 16 -96.94 -74.56 -44.34
C THR NC 16 -95.78 -73.59 -44.36
N GLU NC 17 -95.60 -72.92 -45.49
CA GLU NC 17 -94.58 -71.89 -45.62
C GLU NC 17 -94.96 -70.68 -44.77
N ILE NC 18 -93.99 -70.22 -43.95
CA ILE NC 18 -94.21 -69.13 -43.00
C ILE NC 18 -93.40 -67.89 -43.37
N GLN NC 19 -92.10 -68.06 -43.60
CA GLN NC 19 -91.17 -66.96 -43.79
C GLN NC 19 -90.56 -67.07 -45.19
N SER NC 20 -91.32 -66.62 -46.20
CA SER NC 20 -90.91 -66.73 -47.59
C SER NC 20 -89.82 -65.70 -47.88
N THR NC 21 -88.58 -66.17 -47.99
CA THR NC 21 -87.45 -65.33 -48.36
C THR NC 21 -86.47 -66.16 -49.17
N ALA NC 22 -85.71 -65.48 -50.03
CA ALA NC 22 -84.79 -66.17 -50.94
C ALA NC 22 -83.67 -66.86 -50.18
N ASP NC 23 -82.96 -66.12 -49.34
CA ASP NC 23 -81.80 -66.66 -48.62
C ASP NC 23 -82.18 -67.49 -47.41
N ARG NC 24 -83.46 -67.56 -47.05
CA ARG NC 24 -83.88 -68.34 -45.88
C ARG NC 24 -85.37 -68.65 -46.04
N GLN NC 25 -85.68 -69.93 -46.27
CA GLN NC 25 -87.06 -70.41 -46.35
C GLN NC 25 -87.37 -71.21 -45.09
N ILE NC 26 -88.42 -70.80 -44.38
CA ILE NC 26 -88.80 -71.40 -43.11
C ILE NC 26 -90.17 -72.03 -43.28
N PHE NC 27 -90.21 -73.36 -43.23
CA PHE NC 27 -91.47 -74.10 -43.26
C PHE NC 27 -91.81 -74.58 -41.87
N GLU NC 28 -93.08 -74.46 -41.49
CA GLU NC 28 -93.53 -74.84 -40.16
C GLU NC 28 -94.76 -75.75 -40.27
N GLU NC 29 -94.76 -76.82 -39.48
CA GLU NC 29 -95.85 -77.78 -39.49
C GLU NC 29 -97.03 -77.25 -38.67
N LYS NC 30 -98.24 -77.36 -39.24
CA LYS NC 30 -99.46 -76.90 -38.60
C LYS NC 30 -100.28 -78.12 -38.18
N VAL NC 31 -100.31 -78.39 -36.89
CA VAL NC 31 -101.11 -79.50 -36.35
C VAL NC 31 -101.90 -78.99 -35.16
N GLY NC 32 -101.21 -78.39 -34.18
CA GLY NC 32 -101.84 -77.86 -33.01
C GLY NC 32 -101.07 -76.70 -32.43
N PRO NC 33 -100.26 -76.97 -31.39
CA PRO NC 33 -99.43 -75.90 -30.80
C PRO NC 33 -98.30 -75.53 -31.75
N LEU NC 34 -98.26 -74.24 -32.13
CA LEU NC 34 -97.24 -73.79 -33.07
C LEU NC 34 -95.86 -73.76 -32.44
N VAL NC 35 -95.77 -73.44 -31.14
CA VAL NC 35 -94.49 -73.42 -30.45
C VAL NC 35 -94.05 -74.85 -30.18
N GLY NC 36 -92.77 -75.13 -30.41
CA GLY NC 36 -92.24 -76.45 -30.20
C GLY NC 36 -92.80 -77.49 -31.16
N ARG NC 37 -92.69 -77.22 -32.46
CA ARG NC 37 -93.21 -78.13 -33.47
C ARG NC 37 -92.13 -78.52 -34.47
N LEU NC 38 -92.53 -78.82 -35.70
CA LEU NC 38 -91.60 -79.21 -36.76
C LEU NC 38 -91.30 -78.00 -37.62
N ARG NC 39 -90.00 -77.68 -37.75
CA ARG NC 39 -89.56 -76.56 -38.55
C ARG NC 39 -88.46 -77.01 -39.51
N LEU NC 40 -88.40 -76.35 -40.66
CA LEU NC 40 -87.43 -76.68 -41.70
C LEU NC 40 -86.86 -75.39 -42.27
N THR NC 41 -85.53 -75.30 -42.30
CA THR NC 41 -84.82 -74.13 -42.80
C THR NC 41 -84.06 -74.53 -44.06
N ALA NC 42 -84.31 -73.81 -45.15
CA ALA NC 42 -83.66 -74.06 -46.43
C ALA NC 42 -82.90 -72.81 -46.87
N SER NC 43 -81.71 -73.01 -47.42
CA SER NC 43 -80.90 -71.90 -47.89
C SER NC 43 -80.15 -72.32 -49.14
N LEU NC 44 -80.02 -71.40 -50.09
CA LEU NC 44 -79.30 -71.63 -51.34
C LEU NC 44 -78.43 -70.42 -51.63
N ARG NC 45 -77.19 -70.67 -52.03
CA ARG NC 45 -76.26 -69.58 -52.32
C ARG NC 45 -75.24 -70.05 -53.34
N GLN NC 46 -74.21 -69.22 -53.56
CA GLN NC 46 -73.10 -69.52 -54.45
C GLN NC 46 -71.82 -69.68 -53.62
N ASN NC 47 -70.67 -69.60 -54.27
CA ASN NC 47 -69.39 -69.76 -53.59
C ASN NC 47 -68.29 -69.22 -54.49
N GLY NC 48 -67.21 -68.79 -53.86
CA GLY NC 48 -66.00 -68.36 -54.55
C GLY NC 48 -66.23 -67.37 -55.67
N ALA NC 49 -65.89 -67.76 -56.90
CA ALA NC 49 -66.05 -66.91 -58.06
C ALA NC 49 -67.00 -67.56 -59.06
N LYS NC 50 -68.25 -67.72 -58.65
CA LYS NC 50 -69.32 -68.27 -59.48
C LYS NC 50 -68.96 -69.65 -60.01
N THR NC 51 -68.30 -70.45 -59.17
CA THR NC 51 -67.91 -71.81 -59.57
C THR NC 51 -69.04 -72.80 -59.26
N ALA NC 52 -69.20 -73.15 -57.99
CA ALA NC 52 -70.23 -74.11 -57.59
C ALA NC 52 -71.34 -73.42 -56.82
N TYR NC 53 -72.08 -74.17 -56.02
CA TYR NC 53 -73.17 -73.64 -55.22
C TYR NC 53 -73.12 -74.27 -53.83
N ARG NC 54 -74.02 -73.80 -52.96
CA ARG NC 54 -74.09 -74.29 -51.59
C ARG NC 54 -75.55 -74.33 -51.16
N VAL NC 55 -76.02 -75.51 -50.77
CA VAL NC 55 -77.39 -75.70 -50.30
C VAL NC 55 -77.35 -76.22 -48.87
N ASN NC 56 -78.16 -75.61 -48.02
CA ASN NC 56 -78.25 -75.99 -46.61
C ASN NC 56 -79.68 -76.32 -46.27
N LEU NC 57 -79.88 -77.47 -45.62
CA LEU NC 57 -81.20 -77.94 -45.22
C LEU NC 57 -81.14 -78.43 -43.79
N LYS NC 58 -81.88 -77.77 -42.90
CA LYS NC 58 -81.92 -78.13 -41.48
C LYS NC 58 -83.35 -78.45 -41.09
N LEU NC 59 -83.53 -79.45 -40.24
CA LEU NC 59 -84.84 -79.88 -39.77
C LEU NC 59 -84.81 -80.00 -38.26
N ASP NC 60 -85.64 -79.21 -37.58
CA ASP NC 60 -85.68 -79.19 -36.13
C ASP NC 60 -87.07 -79.58 -35.63
N GLN NC 61 -87.11 -80.21 -34.46
CA GLN NC 61 -88.36 -80.61 -33.84
C GLN NC 61 -88.13 -80.77 -32.35
N ALA NC 62 -88.75 -79.90 -31.55
CA ALA NC 62 -88.60 -79.91 -30.10
C ALA NC 62 -89.88 -80.44 -29.47
N ASP NC 63 -89.73 -81.42 -28.58
CA ASP NC 63 -90.86 -82.00 -27.89
C ASP NC 63 -91.35 -81.06 -26.80
N VAL NC 64 -92.66 -81.14 -26.51
CA VAL NC 64 -93.29 -80.30 -25.51
C VAL NC 64 -93.95 -81.18 -24.46
N VAL NC 65 -94.15 -80.62 -23.28
CA VAL NC 65 -94.80 -81.32 -22.17
C VAL NC 65 -95.78 -80.35 -21.51
N ASP NC 66 -96.81 -80.92 -20.89
CA ASP NC 66 -97.87 -80.13 -20.25
C ASP NC 66 -98.41 -80.90 -19.06
N CYS NC 67 -98.76 -80.16 -18.01
CA CYS NC 67 -99.30 -80.75 -16.79
C CYS NC 67 -100.70 -80.27 -16.46
N SER NC 68 -101.38 -79.57 -17.38
CA SER NC 68 -102.72 -79.06 -17.09
C SER NC 68 -103.75 -80.18 -16.98
N THR NC 69 -103.41 -81.39 -17.40
CA THR NC 69 -104.35 -82.51 -17.31
C THR NC 69 -104.53 -82.97 -15.86
N SER NC 70 -103.47 -82.89 -15.05
CA SER NC 70 -103.54 -83.32 -13.67
C SER NC 70 -103.18 -82.18 -12.72
N VAL NC 71 -102.01 -81.59 -12.92
CA VAL NC 71 -101.55 -80.50 -12.07
C VAL NC 71 -102.37 -79.25 -12.40
N CYS NC 72 -102.68 -78.46 -11.38
CA CYS NC 72 -103.51 -77.28 -11.61
C CYS NC 72 -102.66 -76.04 -11.89
N GLY NC 73 -101.71 -76.16 -12.81
CA GLY NC 73 -101.10 -74.99 -13.41
C GLY NC 73 -99.69 -75.21 -13.94
N GLU NC 74 -99.58 -75.37 -15.25
CA GLU NC 74 -98.27 -75.55 -15.89
C GLU NC 74 -98.44 -75.29 -17.39
N LEU NC 75 -97.77 -74.27 -17.89
CA LEU NC 75 -97.85 -73.96 -19.31
C LEU NC 75 -97.05 -74.98 -20.11
N PRO NC 76 -97.41 -75.18 -21.39
CA PRO NC 76 -96.64 -76.09 -22.24
C PRO NC 76 -95.18 -75.66 -22.33
N LYS NC 77 -94.29 -76.55 -21.89
CA LYS NC 77 -92.86 -76.26 -21.80
C LYS NC 77 -92.09 -77.21 -22.71
N VAL NC 78 -91.13 -76.65 -23.45
CA VAL NC 78 -90.30 -77.47 -24.32
C VAL NC 78 -89.30 -78.27 -23.50
N ARG NC 79 -88.89 -79.42 -24.04
CA ARG NC 79 -87.96 -80.30 -23.33
C ARG NC 79 -86.64 -80.25 -24.05
N TYR NC 80 -86.34 -81.16 -24.97
CA TYR NC 80 -85.08 -81.19 -25.69
C TYR NC 80 -85.25 -80.63 -27.09
N THR NC 81 -84.12 -80.42 -27.77
CA THR NC 81 -84.10 -79.89 -29.12
C THR NC 81 -83.18 -80.74 -29.98
N GLN NC 82 -83.63 -81.08 -31.18
CA GLN NC 82 -82.87 -81.89 -32.12
C GLN NC 82 -82.55 -81.08 -33.36
N VAL NC 83 -81.31 -81.15 -33.81
CA VAL NC 83 -80.82 -80.41 -34.96
C VAL NC 83 -80.25 -81.40 -35.97
N TRP NC 84 -80.75 -81.35 -37.21
CA TRP NC 84 -80.30 -82.22 -38.29
C TRP NC 84 -80.08 -81.34 -39.52
N SER NC 85 -78.87 -80.81 -39.66
CA SER NC 85 -78.52 -79.95 -40.78
C SER NC 85 -77.91 -80.75 -41.92
N HIS NC 86 -77.79 -80.11 -43.08
CA HIS NC 86 -77.23 -80.73 -44.27
C HIS NC 86 -76.29 -79.75 -44.95
N ASP NC 87 -75.60 -80.23 -45.99
CA ASP NC 87 -74.67 -79.40 -46.75
C ASP NC 87 -74.51 -80.03 -48.13
N VAL NC 88 -74.95 -79.31 -49.16
CA VAL NC 88 -74.88 -79.78 -50.54
C VAL NC 88 -73.94 -78.86 -51.30
N THR NC 89 -72.84 -79.43 -51.81
CA THR NC 89 -71.84 -78.69 -52.58
C THR NC 89 -71.71 -79.38 -53.93
N ILE NC 90 -72.62 -79.05 -54.85
CA ILE NC 90 -72.64 -79.62 -56.19
C ILE NC 90 -72.34 -78.52 -57.19
N VAL NC 91 -71.36 -78.76 -58.05
CA VAL NC 91 -70.99 -77.77 -59.06
C VAL NC 91 -72.04 -77.75 -60.17
N ALA NC 92 -72.13 -76.63 -60.88
CA ALA NC 92 -73.12 -76.49 -61.95
C ALA NC 92 -72.77 -77.40 -63.13
N ASN NC 93 -71.58 -77.23 -63.69
CA ASN NC 93 -71.13 -78.03 -64.83
C ASN NC 93 -70.76 -79.42 -64.33
N SER NC 94 -71.77 -80.26 -64.15
CA SER NC 94 -71.57 -81.62 -63.68
C SER NC 94 -72.15 -82.63 -64.67
N THR NC 95 -72.87 -83.63 -64.17
CA THR NC 95 -73.48 -84.64 -65.01
C THR NC 95 -74.82 -85.03 -64.44
N GLU NC 96 -75.86 -85.00 -65.27
CA GLU NC 96 -77.20 -85.35 -64.82
C GLU NC 96 -77.28 -86.82 -64.40
N ALA NC 97 -76.65 -87.70 -65.17
CA ALA NC 97 -76.66 -89.13 -64.83
C ALA NC 97 -75.92 -89.37 -63.51
N SER NC 98 -74.78 -88.70 -63.32
CA SER NC 98 -74.04 -88.85 -62.07
C SER NC 98 -74.84 -88.32 -60.89
N ARG NC 99 -75.52 -87.18 -61.07
CA ARG NC 99 -76.34 -86.63 -59.99
C ARG NC 99 -77.50 -87.57 -59.66
N LYS NC 100 -78.12 -88.16 -60.68
CA LYS NC 100 -79.21 -89.10 -60.43
C LYS NC 100 -78.71 -90.35 -59.71
N SER NC 101 -77.55 -90.86 -60.11
CA SER NC 101 -76.98 -92.02 -59.44
C SER NC 101 -76.63 -91.71 -57.98
N LEU NC 102 -76.09 -90.51 -57.73
CA LEU NC 102 -75.77 -90.12 -56.37
C LEU NC 102 -77.04 -89.98 -55.52
N TYR NC 103 -78.09 -89.40 -56.10
CA TYR NC 103 -79.35 -89.28 -55.38
C TYR NC 103 -79.95 -90.65 -55.07
N ASP NC 104 -79.87 -91.58 -56.03
CA ASP NC 104 -80.37 -92.93 -55.80
C ASP NC 104 -79.57 -93.64 -54.71
N LEU NC 105 -78.25 -93.46 -54.71
CA LEU NC 105 -77.42 -94.07 -53.67
C LEU NC 105 -77.74 -93.49 -52.31
N THR NC 106 -77.95 -92.17 -52.24
CA THR NC 106 -78.33 -91.55 -50.97
C THR NC 106 -79.68 -92.05 -50.48
N LYS NC 107 -80.64 -92.18 -51.40
CA LYS NC 107 -81.96 -92.69 -51.03
C LYS NC 107 -81.87 -94.13 -50.52
N SER NC 108 -81.05 -94.95 -51.17
CA SER NC 108 -80.87 -96.33 -50.74
C SER NC 108 -80.21 -96.40 -49.36
N LEU NC 109 -79.19 -95.57 -49.14
CA LEU NC 109 -78.53 -95.55 -47.84
C LEU NC 109 -79.46 -95.04 -46.75
N VAL NC 110 -80.38 -94.13 -47.08
CA VAL NC 110 -81.34 -93.64 -46.09
C VAL NC 110 -82.38 -94.71 -45.79
N ALA NC 111 -82.88 -95.40 -46.83
CA ALA NC 111 -83.92 -96.40 -46.65
C ALA NC 111 -83.40 -97.74 -46.14
N THR NC 112 -82.07 -97.94 -46.10
CA THR NC 112 -81.53 -99.18 -45.60
C THR NC 112 -81.80 -99.34 -44.10
N SER NC 113 -81.65 -100.56 -43.62
CA SER NC 113 -81.92 -100.89 -42.22
C SER NC 113 -80.72 -100.62 -41.32
N GLN NC 114 -79.54 -100.36 -41.87
CA GLN NC 114 -78.36 -100.10 -41.07
C GLN NC 114 -78.41 -98.72 -40.39
N VAL NC 115 -78.81 -97.69 -41.14
CA VAL NC 115 -78.93 -96.35 -40.55
C VAL NC 115 -80.03 -96.32 -39.51
N GLU NC 116 -81.12 -97.05 -39.74
CA GLU NC 116 -82.19 -97.11 -38.74
C GLU NC 116 -81.69 -97.72 -37.44
N ASP NC 117 -80.91 -98.79 -37.51
CA ASP NC 117 -80.34 -99.39 -36.31
C ASP NC 117 -79.33 -98.45 -35.65
N LEU NC 118 -78.52 -97.77 -36.45
CA LEU NC 118 -77.57 -96.80 -35.91
C LEU NC 118 -78.29 -95.67 -35.18
N VAL NC 119 -79.46 -95.28 -35.66
CA VAL NC 119 -80.22 -94.21 -35.02
C VAL NC 119 -80.89 -94.70 -33.75
N VAL NC 120 -81.53 -95.87 -33.81
CA VAL NC 120 -82.30 -96.39 -32.69
C VAL NC 120 -81.38 -96.94 -31.61
N ASN NC 121 -80.71 -98.06 -31.91
CA ASN NC 121 -79.91 -98.77 -30.93
C ASN NC 121 -78.55 -98.13 -30.69
N LEU NC 122 -78.23 -97.03 -31.38
CA LEU NC 122 -76.95 -96.32 -31.23
C LEU NC 122 -75.76 -97.24 -31.49
N VAL NC 123 -75.95 -98.25 -32.33
CA VAL NC 123 -74.87 -99.19 -32.69
C VAL NC 123 -74.14 -98.64 -33.91
N PRO NC 124 -72.81 -98.60 -33.91
CA PRO NC 124 -72.08 -98.07 -35.06
C PRO NC 124 -72.40 -98.84 -36.34
N LEU NC 125 -72.44 -98.12 -37.45
CA LEU NC 125 -72.80 -98.69 -38.74
C LEU NC 125 -71.71 -99.67 -39.18
N GLY NC 126 -72.08 -100.93 -39.36
CA GLY NC 126 -71.13 -101.95 -39.79
C GLY NC 126 -71.72 -103.33 -39.82
N ARG NC 127 -72.58 -103.60 -40.80
CA ARG NC 127 -73.21 -104.91 -40.95
C ARG NC 127 -72.69 -105.64 -42.18
N SER OC 1 -74.84 -108.99 -36.31
CA SER OC 1 -74.27 -108.71 -34.99
C SER OC 1 -74.06 -110.01 -34.20
N LYS OC 2 -74.17 -109.90 -32.88
CA LYS OC 2 -73.91 -111.02 -31.99
C LYS OC 2 -74.86 -110.93 -30.82
N THR OC 3 -75.68 -111.96 -30.63
CA THR OC 3 -76.69 -112.00 -29.59
C THR OC 3 -76.31 -113.03 -28.53
N ILE OC 4 -76.55 -112.68 -27.27
CA ILE OC 4 -76.27 -113.55 -26.13
C ILE OC 4 -77.54 -113.66 -25.31
N VAL OC 5 -78.00 -114.89 -25.09
CA VAL OC 5 -79.23 -115.16 -24.35
C VAL OC 5 -78.86 -115.64 -22.95
N LEU OC 6 -79.40 -114.97 -21.94
CA LEU OC 6 -79.15 -115.30 -20.55
C LEU OC 6 -80.47 -115.67 -19.88
N SER OC 7 -80.50 -116.83 -19.22
CA SER OC 7 -81.70 -117.33 -18.56
C SER OC 7 -81.61 -117.01 -17.07
N VAL OC 8 -82.55 -116.21 -16.57
CA VAL OC 8 -82.58 -115.85 -15.15
C VAL OC 8 -83.45 -116.78 -14.33
N GLY OC 9 -84.27 -117.62 -14.97
CA GLY OC 9 -85.15 -118.52 -14.26
C GLY OC 9 -86.56 -118.53 -14.82
N GLU OC 10 -87.12 -117.33 -15.03
CA GLU OC 10 -88.45 -117.19 -15.62
C GLU OC 10 -88.47 -116.37 -16.89
N ALA OC 11 -87.47 -115.52 -17.13
CA ALA OC 11 -87.40 -114.70 -18.33
C ALA OC 11 -86.01 -114.86 -18.95
N THR OC 12 -85.90 -114.44 -20.21
CA THR OC 12 -84.66 -114.53 -20.98
C THR OC 12 -84.25 -113.13 -21.40
N ARG OC 13 -83.02 -112.74 -21.05
CA ARG OC 13 -82.47 -111.45 -21.43
C ARG OC 13 -81.56 -111.60 -22.64
N THR OC 14 -81.53 -110.57 -23.48
CA THR OC 14 -80.77 -110.59 -24.72
C THR OC 14 -79.77 -109.44 -24.71
N LEU OC 15 -78.49 -109.77 -24.88
CA LEU OC 15 -77.42 -108.78 -25.01
C LEU OC 15 -76.95 -108.75 -26.46
N THR OC 16 -76.76 -107.55 -26.99
CA THR OC 16 -76.39 -107.35 -28.38
C THR OC 16 -75.02 -106.70 -28.47
N GLU OC 17 -74.21 -107.18 -29.42
CA GLU OC 17 -72.91 -106.58 -29.67
C GLU OC 17 -73.07 -105.19 -30.26
N ILE OC 18 -72.38 -104.23 -29.65
CA ILE OC 18 -72.46 -102.82 -30.02
C ILE OC 18 -71.18 -102.36 -30.71
N GLN OC 19 -70.05 -102.52 -30.03
CA GLN OC 19 -68.77 -101.93 -30.41
C GLN OC 19 -67.80 -103.08 -30.72
N SER OC 20 -67.92 -103.62 -31.93
CA SER OC 20 -67.12 -104.77 -32.35
C SER OC 20 -65.69 -104.31 -32.65
N THR OC 21 -64.77 -104.62 -31.75
CA THR OC 21 -63.36 -104.33 -31.92
C THR OC 21 -62.54 -105.43 -31.26
N ALA OC 22 -61.33 -105.65 -31.76
CA ALA OC 22 -60.48 -106.73 -31.27
C ALA OC 22 -60.06 -106.49 -29.83
N ASP OC 23 -59.46 -105.32 -29.56
CA ASP OC 23 -58.93 -105.04 -28.23
C ASP OC 23 -59.99 -104.61 -27.24
N ARG OC 24 -61.25 -104.44 -27.67
CA ARG OC 24 -62.31 -104.02 -26.76
C ARG OC 24 -63.65 -104.42 -27.38
N GLN OC 25 -64.32 -105.40 -26.76
CA GLN OC 25 -65.65 -105.83 -27.20
C GLN OC 25 -66.67 -105.35 -26.17
N ILE OC 26 -67.66 -104.59 -26.63
CA ILE OC 26 -68.66 -103.98 -25.77
C ILE OC 26 -70.01 -104.57 -26.11
N PHE OC 27 -70.57 -105.36 -25.20
CA PHE OC 27 -71.91 -105.91 -25.34
C PHE OC 27 -72.88 -105.12 -24.48
N GLU OC 28 -74.06 -104.83 -25.03
CA GLU OC 28 -75.07 -104.03 -24.34
C GLU OC 28 -76.41 -104.75 -24.39
N GLU OC 29 -77.10 -104.77 -23.25
CA GLU OC 29 -78.40 -105.43 -23.15
C GLU OC 29 -79.48 -104.53 -23.71
N LYS OC 30 -80.36 -105.11 -24.54
CA LYS OC 30 -81.46 -104.39 -25.17
C LYS OC 30 -82.77 -104.86 -24.54
N VAL OC 31 -83.36 -104.01 -23.71
CA VAL OC 31 -84.64 -104.30 -23.08
C VAL OC 31 -85.56 -103.09 -23.24
N GLY OC 32 -85.08 -101.92 -22.82
CA GLY OC 32 -85.84 -100.70 -22.92
C GLY OC 32 -84.95 -99.49 -23.03
N PRO OC 33 -84.73 -98.80 -21.92
CA PRO OC 33 -83.82 -97.63 -21.92
C PRO OC 33 -82.37 -98.09 -22.08
N LEU OC 34 -81.73 -97.60 -23.14
CA LEU OC 34 -80.35 -98.00 -23.41
C LEU OC 34 -79.37 -97.41 -22.39
N VAL OC 35 -79.64 -96.19 -21.92
CA VAL OC 35 -78.78 -95.56 -20.93
C VAL OC 35 -79.04 -96.20 -19.57
N GLY OC 36 -77.97 -96.49 -18.84
CA GLY OC 36 -78.08 -97.10 -17.54
C GLY OC 36 -78.62 -98.51 -17.59
N ARG OC 37 -77.96 -99.38 -18.37
CA ARG OC 37 -78.40 -100.75 -18.51
C ARG OC 37 -77.26 -101.72 -18.19
N LEU OC 38 -77.28 -102.90 -18.82
CA LEU OC 38 -76.26 -103.92 -18.60
C LEU OC 38 -75.23 -103.83 -19.71
N ARG OC 39 -73.96 -103.67 -19.33
CA ARG OC 39 -72.87 -103.59 -20.28
C ARG OC 39 -71.77 -104.56 -19.89
N LEU OC 40 -71.06 -105.06 -20.89
CA LEU OC 40 -69.99 -106.03 -20.69
C LEU OC 40 -68.81 -105.66 -21.58
N THR OC 41 -67.63 -105.55 -20.97
CA THR OC 41 -66.40 -105.20 -21.66
C THR OC 41 -65.45 -106.39 -21.63
N ALA OC 42 -65.01 -106.82 -22.80
CA ALA OC 42 -64.09 -107.94 -22.95
C ALA OC 42 -62.82 -107.48 -23.65
N SER OC 43 -61.68 -107.97 -23.17
CA SER OC 43 -60.39 -107.61 -23.76
C SER OC 43 -59.47 -108.82 -23.70
N LEU OC 44 -58.68 -109.01 -24.75
CA LEU OC 44 -57.71 -110.09 -24.85
C LEU OC 44 -56.40 -109.52 -25.40
N ARG OC 45 -55.29 -109.93 -24.78
CA ARG OC 45 -53.99 -109.43 -25.21
C ARG OC 45 -52.92 -110.46 -24.86
N GLN OC 46 -51.66 -110.08 -25.03
CA GLN OC 46 -50.50 -110.89 -24.69
C GLN OC 46 -49.78 -110.27 -23.50
N ASN OC 47 -48.52 -110.67 -23.30
CA ASN OC 47 -47.73 -110.17 -22.19
C ASN OC 47 -46.27 -110.47 -22.44
N GLY OC 48 -45.40 -109.65 -21.87
CA GLY OC 48 -43.96 -109.87 -21.90
C GLY OC 48 -43.38 -110.15 -23.27
N ALA OC 49 -42.81 -111.35 -23.43
CA ALA OC 49 -42.20 -111.75 -24.69
C ALA OC 49 -42.91 -112.99 -25.23
N LYS OC 50 -44.20 -112.83 -25.56
CA LYS OC 50 -45.03 -113.89 -26.15
C LYS OC 50 -45.04 -115.13 -25.27
N THR OC 51 -45.07 -114.93 -23.95
CA THR OC 51 -45.12 -116.04 -23.00
C THR OC 51 -46.56 -116.47 -22.75
N ALA OC 52 -47.28 -115.70 -21.94
CA ALA OC 52 -48.67 -116.03 -21.61
C ALA OC 52 -49.63 -115.06 -22.28
N TYR OC 53 -50.84 -114.93 -21.72
CA TYR OC 53 -51.85 -114.03 -22.26
C TYR OC 53 -52.53 -113.32 -21.10
N ARG OC 54 -53.43 -112.40 -21.45
CA ARG OC 54 -54.18 -111.63 -20.46
C ARG OC 54 -55.59 -111.39 -20.97
N VAL OC 55 -56.57 -111.82 -20.19
CA VAL OC 55 -57.98 -111.66 -20.53
C VAL OC 55 -58.65 -110.85 -19.43
N ASN OC 56 -59.42 -109.84 -19.84
CA ASN OC 56 -60.13 -108.98 -18.91
C ASN OC 56 -61.61 -108.99 -19.24
N LEU OC 57 -62.44 -109.19 -18.23
CA LEU OC 57 -63.89 -109.23 -18.39
C LEU OC 57 -64.53 -108.40 -17.29
N LYS OC 58 -65.23 -107.34 -17.68
CA LYS OC 58 -65.90 -106.44 -16.74
C LYS OC 58 -67.39 -106.41 -17.05
N LEU OC 59 -68.21 -106.37 -16.02
CA LEU OC 59 -69.66 -106.33 -16.16
C LEU OC 59 -70.21 -105.20 -15.30
N ASP OC 60 -70.88 -104.24 -15.93
CA ASP OC 60 -71.41 -103.08 -15.24
C ASP OC 60 -72.92 -103.01 -15.44
N GLN OC 61 -73.61 -102.47 -14.43
CA GLN OC 61 -75.06 -102.30 -14.49
C GLN OC 61 -75.45 -101.21 -13.51
N ALA OC 62 -75.93 -100.08 -14.03
CA ALA OC 62 -76.32 -98.94 -13.21
C ALA OC 62 -77.83 -98.83 -13.18
N ASP OC 63 -78.39 -98.73 -11.98
CA ASP OC 63 -79.83 -98.60 -11.81
C ASP OC 63 -80.27 -97.19 -12.17
N VAL OC 64 -81.52 -97.08 -12.64
CA VAL OC 64 -82.10 -95.81 -13.05
C VAL OC 64 -83.37 -95.57 -12.25
N VAL OC 65 -83.74 -94.30 -12.14
CA VAL OC 65 -84.96 -93.89 -11.44
C VAL OC 65 -85.67 -92.83 -12.28
N ASP OC 66 -86.99 -92.75 -12.11
CA ASP OC 66 -87.81 -91.82 -12.87
C ASP OC 66 -89.00 -91.38 -12.03
N CYS OC 67 -89.39 -90.13 -12.19
CA CYS OC 67 -90.50 -89.56 -11.45
C CYS OC 67 -91.64 -89.07 -12.34
N SER OC 68 -91.63 -89.41 -13.63
CA SER OC 68 -92.68 -88.95 -14.53
C SER OC 68 -94.02 -89.60 -14.23
N THR OC 69 -94.05 -90.66 -13.42
CA THR OC 69 -95.31 -91.31 -13.09
C THR OC 69 -96.14 -90.48 -12.13
N SER OC 70 -95.49 -89.73 -11.24
CA SER OC 70 -96.21 -88.91 -10.26
C SER OC 70 -95.80 -87.44 -10.40
N VAL OC 71 -94.51 -87.16 -10.30
CA VAL OC 71 -94.00 -85.80 -10.40
C VAL OC 71 -94.12 -85.34 -11.86
N CYS OC 72 -94.47 -84.08 -12.07
CA CYS OC 72 -94.63 -83.65 -13.46
C CYS OC 72 -93.34 -83.02 -13.99
N GLY OC 73 -92.24 -83.74 -13.86
CA GLY OC 73 -91.06 -83.45 -14.66
C GLY OC 73 -89.76 -83.93 -14.06
N GLU OC 74 -89.25 -85.06 -14.54
CA GLU OC 74 -87.97 -85.59 -14.08
C GLU OC 74 -87.50 -86.63 -15.09
N LEU OC 75 -86.35 -86.36 -15.71
CA LEU OC 75 -85.79 -87.30 -16.67
C LEU OC 75 -85.23 -88.52 -15.96
N PRO OC 76 -85.15 -89.66 -16.65
CA PRO OC 76 -84.53 -90.86 -16.04
C PRO OC 76 -83.10 -90.58 -15.64
N LYS OC 77 -82.82 -90.71 -14.34
CA LYS OC 77 -81.52 -90.39 -13.77
C LYS OC 77 -80.90 -91.65 -13.17
N VAL OC 78 -79.60 -91.83 -13.43
CA VAL OC 78 -78.89 -92.98 -12.88
C VAL OC 78 -78.64 -92.76 -11.39
N ARG OC 79 -78.54 -93.87 -10.65
CA ARG OC 79 -78.32 -93.80 -9.21
C ARG OC 79 -76.91 -94.26 -8.93
N TYR OC 80 -76.68 -95.53 -8.61
CA TYR OC 80 -75.35 -96.05 -8.30
C TYR OC 80 -74.79 -96.82 -9.48
N THR OC 81 -73.51 -97.16 -9.39
CA THR OC 81 -72.80 -97.90 -10.42
C THR OC 81 -72.04 -99.04 -9.78
N GLN OC 82 -72.13 -100.23 -10.39
CA GLN OC 82 -71.45 -101.42 -9.91
C GLN OC 82 -70.43 -101.88 -10.93
N VAL OC 83 -69.23 -102.20 -10.46
CA VAL OC 83 -68.13 -102.64 -11.30
C VAL OC 83 -67.66 -104.01 -10.83
N TRP OC 84 -67.63 -104.97 -11.75
CA TRP OC 84 -67.18 -106.34 -11.46
C TRP OC 84 -66.23 -106.75 -12.57
N SER OC 85 -64.95 -106.49 -12.39
CA SER OC 85 -63.92 -106.81 -13.37
C SER OC 85 -63.31 -108.18 -13.08
N HIS OC 86 -62.55 -108.68 -14.04
CA HIS OC 86 -61.88 -109.97 -13.92
C HIS OC 86 -60.47 -109.85 -14.46
N ASP OC 87 -59.70 -110.93 -14.29
CA ASP OC 87 -58.32 -110.97 -14.77
C ASP OC 87 -57.92 -112.43 -14.95
N VAL OC 88 -57.66 -112.83 -16.19
CA VAL OC 88 -57.29 -114.20 -16.52
C VAL OC 88 -55.87 -114.19 -17.06
N THR OC 89 -54.96 -114.86 -16.34
CA THR OC 89 -53.56 -114.97 -16.74
C THR OC 89 -53.22 -116.46 -16.88
N ILE OC 90 -53.55 -117.02 -18.03
CA ILE OC 90 -53.31 -118.44 -18.32
C ILE OC 90 -52.29 -118.53 -19.44
N VAL OC 91 -51.23 -119.30 -19.20
CA VAL OC 91 -50.19 -119.47 -20.21
C VAL OC 91 -50.69 -120.39 -21.31
N ALA OC 92 -50.08 -120.27 -22.49
CA ALA OC 92 -50.50 -121.08 -23.64
C ALA OC 92 -50.13 -122.55 -23.42
N ASN OC 93 -48.85 -122.83 -23.21
CA ASN OC 93 -48.37 -124.19 -23.00
C ASN OC 93 -48.74 -124.63 -21.58
N SER OC 94 -50.00 -125.04 -21.44
CA SER OC 94 -50.50 -125.50 -20.15
C SER OC 94 -51.03 -126.93 -20.25
N THR OC 95 -52.19 -127.19 -19.67
CA THR OC 95 -52.80 -128.51 -19.70
C THR OC 95 -54.31 -128.37 -19.84
N GLU OC 96 -54.89 -129.08 -20.81
CA GLU OC 96 -56.32 -129.00 -21.03
C GLU OC 96 -57.09 -129.57 -19.84
N ALA OC 97 -56.61 -130.69 -19.29
CA ALA OC 97 -57.28 -131.28 -18.14
C ALA OC 97 -57.21 -130.36 -16.93
N SER OC 98 -56.04 -129.74 -16.71
CA SER OC 98 -55.91 -128.80 -15.59
C SER OC 98 -56.81 -127.58 -15.78
N ARG OC 99 -56.91 -127.08 -17.01
CA ARG OC 99 -57.79 -125.94 -17.27
C ARG OC 99 -59.24 -126.31 -17.05
N LYS OC 100 -59.65 -127.51 -17.48
CA LYS OC 100 -61.01 -127.95 -17.26
C LYS OC 100 -61.31 -128.12 -15.78
N SER OC 101 -60.37 -128.69 -15.02
CA SER OC 101 -60.56 -128.83 -13.58
C SER OC 101 -60.66 -127.48 -12.89
N LEU OC 102 -59.83 -126.51 -13.31
CA LEU OC 102 -59.90 -125.18 -12.73
C LEU OC 102 -61.22 -124.50 -13.06
N TYR OC 103 -61.71 -124.66 -14.29
CA TYR OC 103 -62.99 -124.08 -14.66
C TYR OC 103 -64.13 -124.72 -13.87
N ASP OC 104 -64.07 -126.04 -13.66
CA ASP OC 104 -65.10 -126.71 -12.87
C ASP OC 104 -65.07 -126.25 -11.42
N LEU OC 105 -63.86 -126.07 -10.86
CA LEU OC 105 -63.75 -125.57 -9.49
C LEU OC 105 -64.29 -124.16 -9.37
N THR OC 106 -64.00 -123.31 -10.36
CA THR OC 106 -64.53 -121.95 -10.34
C THR OC 106 -66.05 -121.94 -10.45
N LYS OC 107 -66.60 -122.80 -11.31
CA LYS OC 107 -68.05 -122.89 -11.45
C LYS OC 107 -68.70 -123.37 -10.16
N SER OC 108 -68.07 -124.34 -9.49
CA SER OC 108 -68.61 -124.83 -8.22
C SER OC 108 -68.55 -123.75 -7.14
N LEU OC 109 -67.43 -123.01 -7.07
CA LEU OC 109 -67.32 -121.93 -6.10
C LEU OC 109 -68.32 -120.81 -6.37
N VAL OC 110 -68.65 -120.58 -7.65
CA VAL OC 110 -69.63 -119.56 -7.98
C VAL OC 110 -71.03 -120.03 -7.62
N ALA OC 111 -71.35 -121.29 -7.92
CA ALA OC 111 -72.69 -121.82 -7.68
C ALA OC 111 -72.92 -122.21 -6.23
N THR OC 112 -71.88 -122.22 -5.39
CA THR OC 112 -72.06 -122.58 -3.99
C THR OC 112 -72.88 -121.49 -3.27
N SER OC 113 -73.39 -121.86 -2.10
CA SER OC 113 -74.23 -120.98 -1.31
C SER OC 113 -73.43 -120.02 -0.42
N GLN OC 114 -72.13 -120.24 -0.27
CA GLN OC 114 -71.30 -119.37 0.55
C GLN OC 114 -71.06 -118.01 -0.09
N VAL OC 115 -70.76 -117.99 -1.39
CA VAL OC 115 -70.56 -116.71 -2.07
C VAL OC 115 -71.86 -115.93 -2.16
N GLU OC 116 -72.99 -116.61 -2.30
CA GLU OC 116 -74.27 -115.93 -2.32
C GLU OC 116 -74.54 -115.24 -0.99
N ASP OC 117 -74.24 -115.93 0.12
CA ASP OC 117 -74.41 -115.31 1.44
C ASP OC 117 -73.43 -114.16 1.63
N LEU OC 118 -72.19 -114.33 1.18
CA LEU OC 118 -71.21 -113.24 1.26
C LEU OC 118 -71.65 -112.02 0.48
N VAL OC 119 -72.34 -112.23 -0.64
CA VAL OC 119 -72.81 -111.10 -1.45
C VAL OC 119 -74.02 -110.44 -0.81
N VAL OC 120 -74.98 -111.25 -0.36
CA VAL OC 120 -76.24 -110.72 0.16
C VAL OC 120 -76.04 -110.16 1.57
N ASN OC 121 -75.79 -111.05 2.53
CA ASN OC 121 -75.71 -110.66 3.93
C ASN OC 121 -74.39 -110.00 4.31
N LEU OC 122 -73.46 -109.86 3.37
CA LEU OC 122 -72.15 -109.23 3.62
C LEU OC 122 -71.39 -109.93 4.74
N VAL OC 123 -71.63 -111.22 4.91
CA VAL OC 123 -70.95 -112.02 5.93
C VAL OC 123 -69.68 -112.60 5.32
N PRO OC 124 -68.53 -112.51 5.98
CA PRO OC 124 -67.29 -113.05 5.40
C PRO OC 124 -67.41 -114.54 5.13
N LEU OC 125 -66.77 -114.98 4.04
CA LEU OC 125 -66.84 -116.37 3.61
C LEU OC 125 -66.12 -117.25 4.63
N GLY OC 126 -66.84 -118.20 5.22
CA GLY OC 126 -66.27 -119.09 6.20
C GLY OC 126 -67.30 -120.01 6.85
N ARG OC 127 -67.77 -121.00 6.10
CA ARG OC 127 -68.75 -121.94 6.61
C ARG OC 127 -68.15 -123.33 6.76
N SER PC 1 129.64 -8.35 36.51
CA SER PC 1 128.94 -9.16 35.53
C SER PC 1 129.35 -10.63 35.64
N LYS PC 2 129.32 -11.33 34.51
CA LYS PC 2 129.59 -12.76 34.46
C LYS PC 2 130.31 -13.06 33.16
N THR PC 3 131.52 -13.61 33.25
CA THR PC 3 132.35 -13.90 32.10
C THR PC 3 132.47 -15.42 31.91
N ILE PC 4 132.42 -15.85 30.65
CA ILE PC 4 132.55 -17.26 30.30
C ILE PC 4 133.66 -17.37 29.26
N VAL PC 5 134.66 -18.21 29.56
CA VAL PC 5 135.81 -18.41 28.68
C VAL PC 5 135.64 -19.73 27.95
N LEU PC 6 135.70 -19.68 26.63
CA LEU PC 6 135.58 -20.86 25.78
C LEU PC 6 136.86 -21.04 24.99
N SER PC 7 137.42 -22.25 25.04
CA SER PC 7 138.67 -22.57 24.35
C SER PC 7 138.34 -23.29 23.06
N VAL PC 8 138.73 -22.69 21.92
CA VAL PC 8 138.49 -23.29 20.62
C VAL PC 8 139.67 -24.13 20.14
N GLY PC 9 140.82 -24.03 20.78
CA GLY PC 9 141.99 -24.78 20.36
C GLY PC 9 143.25 -23.93 20.33
N GLU PC 10 143.15 -22.76 19.70
CA GLU PC 10 144.26 -21.83 19.62
C GLU PC 10 143.95 -20.46 20.19
N ALA PC 11 142.69 -20.07 20.31
CA ALA PC 11 142.28 -18.80 20.86
C ALA PC 11 141.19 -19.02 21.90
N THR PC 12 140.96 -18.01 22.73
CA THR PC 12 139.98 -18.05 23.80
C THR PC 12 138.95 -16.96 23.58
N ARG PC 13 137.68 -17.34 23.53
CA ARG PC 13 136.58 -16.40 23.37
C ARG PC 13 135.94 -16.11 24.71
N THR PC 14 135.45 -14.88 24.87
CA THR PC 14 134.87 -14.41 26.12
C THR PC 14 133.43 -13.97 25.88
N LEU PC 15 132.51 -14.56 26.62
CA LEU PC 15 131.11 -14.18 26.59
C LEU PC 15 130.76 -13.44 27.89
N THR PC 16 130.03 -12.34 27.76
CA THR PC 16 129.69 -11.49 28.89
C THR PC 16 128.19 -11.47 29.11
N GLU PC 17 127.79 -11.52 30.38
CA GLU PC 17 126.38 -11.42 30.73
C GLU PC 17 125.86 -10.02 30.43
N ILE PC 18 124.73 -9.94 29.74
CA ILE PC 18 124.14 -8.67 29.28
C ILE PC 18 122.81 -8.41 29.97
N GLN PC 19 121.90 -9.38 29.94
CA GLN PC 19 120.52 -9.19 30.40
C GLN PC 19 120.28 -10.15 31.55
N SER PC 20 120.72 -9.77 32.75
CA SER PC 20 120.63 -10.61 33.94
C SER PC 20 119.19 -10.62 34.43
N THR PC 21 118.49 -11.73 34.19
CA THR PC 21 117.13 -11.92 34.68
C THR PC 21 116.93 -13.40 35.00
N ALA PC 22 116.02 -13.68 35.93
CA ALA PC 22 115.81 -15.05 36.39
C ALA PC 22 115.24 -15.92 35.27
N ASP PC 23 114.12 -15.49 34.68
CA ASP PC 23 113.44 -16.28 33.67
C ASP PC 23 114.09 -16.21 32.29
N ARG PC 24 115.12 -15.37 32.11
CA ARG PC 24 115.77 -15.25 30.81
C ARG PC 24 117.17 -14.66 31.04
N GLN PC 25 118.19 -15.47 30.82
CA GLN PC 25 119.58 -15.05 30.92
C GLN PC 25 120.16 -14.97 29.50
N ILE PC 26 120.67 -13.79 29.14
CA ILE PC 26 121.17 -13.51 27.80
C ILE PC 26 122.66 -13.23 27.91
N PHE PC 27 123.48 -14.15 27.39
CA PHE PC 27 124.92 -13.96 27.31
C PHE PC 27 125.31 -13.57 25.90
N GLU PC 28 126.21 -12.60 25.77
CA GLU PC 28 126.65 -12.11 24.47
C GLU PC 28 128.17 -12.08 24.41
N GLU PC 29 128.72 -12.55 23.29
CA GLU PC 29 130.16 -12.60 23.09
C GLU PC 29 130.69 -11.24 22.71
N LYS PC 30 131.77 -10.81 23.34
CA LYS PC 30 132.40 -9.52 23.09
C LYS PC 30 133.74 -9.76 22.38
N VAL PC 31 133.78 -9.46 21.08
CA VAL PC 31 134.99 -9.58 20.29
C VAL PC 31 135.19 -8.30 19.49
N GLY PC 32 134.17 -7.92 18.73
CA GLY PC 32 134.22 -6.72 17.92
C GLY PC 32 132.84 -6.12 17.71
N PRO PC 33 132.24 -6.40 16.55
CA PRO PC 33 130.88 -5.90 16.28
C PRO PC 33 129.86 -6.65 17.14
N LEU PC 34 129.12 -5.89 17.96
CA LEU PC 34 128.16 -6.52 18.85
C LEU PC 34 126.96 -7.07 18.09
N VAL PC 35 126.55 -6.40 17.00
CA VAL PC 35 125.43 -6.89 16.21
C VAL PC 35 125.88 -8.07 15.36
N GLY PC 36 125.06 -9.11 15.30
CA GLY PC 36 125.39 -10.30 14.54
C GLY PC 36 126.57 -11.06 15.13
N ARG PC 37 126.48 -11.43 16.40
CA ARG PC 37 127.55 -12.15 17.06
C ARG PC 37 127.03 -13.44 17.69
N LEU PC 38 127.67 -13.87 18.78
CA LEU PC 38 127.29 -15.10 19.47
C LEU PC 38 126.42 -14.73 20.67
N ARG PC 39 125.22 -15.31 20.73
CA ARG PC 39 124.29 -15.07 21.82
C ARG PC 39 123.80 -16.40 22.38
N LEU PC 40 123.49 -16.39 23.68
CA LEU PC 40 123.04 -17.59 24.37
C LEU PC 40 121.88 -17.21 25.29
N THR PC 41 120.78 -17.93 25.17
CA THR PC 41 119.58 -17.71 25.96
C THR PC 41 119.36 -18.91 26.87
N ALA PC 42 119.26 -18.65 28.18
CA ALA PC 42 119.03 -19.68 29.17
C ALA PC 42 117.75 -19.39 29.94
N SER PC 43 116.98 -20.44 30.21
CA SER PC 43 115.72 -20.31 30.94
C SER PC 43 115.52 -21.52 31.83
N LEU PC 44 115.00 -21.29 33.02
CA LEU PC 44 114.70 -22.34 33.99
C LEU PC 44 113.32 -22.10 34.58
N ARG PC 45 112.53 -23.16 34.69
CA ARG PC 45 111.17 -23.02 35.22
C ARG PC 45 110.75 -24.34 35.85
N GLN PC 46 109.48 -24.43 36.22
CA GLN PC 46 108.86 -25.62 36.78
C GLN PC 46 107.86 -26.18 35.77
N ASN PC 47 106.96 -27.05 36.25
CA ASN PC 47 105.96 -27.65 35.39
C ASN PC 47 104.86 -28.26 36.26
N GLY PC 48 103.66 -28.33 35.69
CA GLY PC 48 102.54 -29.00 36.32
C GLY PC 48 102.25 -28.57 37.75
N ALA PC 49 102.36 -29.50 38.68
CA ALA PC 49 102.12 -29.24 40.09
C ALA PC 49 103.39 -29.53 40.90
N LYS PC 50 104.43 -28.75 40.63
CA LYS PC 50 105.70 -28.83 41.34
C LYS PC 50 106.29 -30.24 41.27
N THR PC 51 106.14 -30.88 40.12
CA THR PC 51 106.68 -32.23 39.92
C THR PC 51 108.13 -32.17 39.44
N ALA PC 52 108.31 -31.85 38.16
CA ALA PC 52 109.65 -31.78 37.58
C ALA PC 52 110.04 -30.35 37.28
N TYR PC 53 110.99 -30.16 36.36
CA TYR PC 53 111.45 -28.84 35.97
C TYR PC 53 111.61 -28.79 34.46
N ARG PC 54 111.95 -27.61 33.96
CA ARG PC 54 112.15 -27.40 32.53
C ARG PC 54 113.28 -26.41 32.32
N VAL PC 55 114.30 -26.83 31.58
CA VAL PC 55 115.45 -26.00 31.27
C VAL PC 55 115.56 -25.86 29.76
N ASN PC 56 115.75 -24.62 29.31
CA ASN PC 56 115.88 -24.32 27.89
C ASN PC 56 117.19 -23.58 27.65
N LEU PC 57 117.94 -24.05 26.65
CA LEU PC 57 119.23 -23.46 26.30
C LEU PC 57 119.29 -23.31 24.79
N LYS PC 58 119.39 -22.06 24.32
CA LYS PC 58 119.47 -21.77 22.89
C LYS PC 58 120.76 -21.02 22.62
N LEU PC 59 121.38 -21.32 21.47
CA LEU PC 59 122.63 -20.68 21.07
C LEU PC 59 122.50 -20.21 19.63
N ASP PC 60 122.63 -18.91 19.41
CA ASP PC 60 122.48 -18.33 18.08
C ASP PC 60 123.75 -17.60 17.68
N GLN PC 61 124.02 -17.60 16.38
CA GLN PC 61 125.19 -16.92 15.82
C GLN PC 61 124.91 -16.60 14.37
N ALA PC 62 124.80 -15.32 14.04
CA ALA PC 62 124.52 -14.87 12.69
C ALA PC 62 125.78 -14.27 12.08
N ASP PC 63 126.13 -14.73 10.88
CA ASP PC 63 127.30 -14.21 10.20
C ASP PC 63 127.01 -12.84 9.59
N VAL PC 64 128.06 -12.03 9.48
CA VAL PC 64 127.95 -10.68 8.96
C VAL PC 64 128.88 -10.53 7.77
N VAL PC 65 128.56 -9.56 6.90
CA VAL PC 65 129.37 -9.26 5.73
C VAL PC 65 129.50 -7.75 5.61
N ASP PC 66 130.59 -7.32 4.97
CA ASP PC 66 130.88 -5.90 4.81
C ASP PC 66 131.65 -5.69 3.51
N CYS PC 67 131.36 -4.56 2.86
CA CYS PC 67 132.00 -4.21 1.60
C CYS PC 67 132.78 -2.91 1.67
N SER PC 68 133.02 -2.36 2.86
CA SER PC 68 133.75 -1.11 2.96
C SER PC 68 135.23 -1.26 2.59
N THR PC 69 135.73 -2.49 2.49
CA THR PC 69 137.12 -2.69 2.12
C THR PC 69 137.37 -2.39 0.64
N SER PC 70 136.38 -2.64 -0.21
CA SER PC 70 136.52 -2.40 -1.64
C SER PC 70 135.46 -1.44 -2.14
N VAL PC 71 134.20 -1.77 -1.91
CA VAL PC 71 133.08 -0.93 -2.34
C VAL PC 71 133.04 0.31 -1.46
N CYS PC 72 132.70 1.46 -2.06
CA CYS PC 72 132.69 2.70 -1.31
C CYS PC 72 131.32 2.97 -0.72
N GLY PC 73 130.74 1.98 -0.04
CA GLY PC 73 129.63 2.26 0.85
C GLY PC 73 128.70 1.07 1.07
N GLU PC 74 128.86 0.39 2.21
CA GLU PC 74 128.00 -0.74 2.55
C GLU PC 74 128.16 -1.01 4.04
N LEU PC 75 127.07 -0.86 4.80
CA LEU PC 75 127.11 -1.13 6.22
C LEU PC 75 127.19 -2.63 6.48
N PRO PC 76 127.73 -3.04 7.62
CA PRO PC 76 127.75 -4.47 7.97
C PRO PC 76 126.35 -5.05 8.00
N LYS PC 77 126.11 -6.04 7.14
CA LYS PC 77 124.79 -6.64 6.98
C LYS PC 77 124.84 -8.11 7.36
N VAL PC 78 123.82 -8.55 8.11
CA VAL PC 78 123.75 -9.95 8.50
C VAL PC 78 123.34 -10.81 7.31
N ARG PC 79 123.75 -12.07 7.32
CA ARG PC 79 123.46 -12.98 6.23
C ARG PC 79 122.44 -13.99 6.73
N TYR PC 80 122.85 -15.17 7.20
CA TYR PC 80 121.95 -16.20 7.67
C TYR PC 80 121.91 -16.22 9.19
N THR PC 81 120.97 -16.99 9.74
CA THR PC 81 120.80 -17.12 11.17
C THR PC 81 120.66 -18.60 11.52
N GLN PC 82 121.37 -19.03 12.57
CA GLN PC 82 121.34 -20.40 13.02
C GLN PC 82 120.76 -20.48 14.42
N VAL PC 83 119.85 -21.43 14.63
CA VAL PC 83 119.17 -21.62 15.91
C VAL PC 83 119.41 -23.03 16.39
N TRP PC 84 119.94 -23.17 17.60
CA TRP PC 84 120.22 -24.46 18.23
C TRP PC 84 119.67 -24.42 19.65
N SER PC 85 118.41 -24.81 19.82
CA SER PC 85 117.75 -24.81 21.10
C SER PC 85 117.88 -26.18 21.77
N HIS PC 86 117.53 -26.21 23.06
CA HIS PC 86 117.59 -27.44 23.85
C HIS PC 86 116.34 -27.54 24.71
N ASP PC 87 116.21 -28.67 25.40
CA ASP PC 87 115.06 -28.91 26.26
C ASP PC 87 115.46 -29.97 27.28
N VAL PC 88 115.51 -29.59 28.55
CA VAL PC 88 115.89 -30.49 29.64
C VAL PC 88 114.68 -30.67 30.55
N THR PC 89 114.20 -31.91 30.65
CA THR PC 89 113.06 -32.26 31.51
C THR PC 89 113.52 -33.33 32.48
N ILE PC 90 114.16 -32.90 33.57
CA ILE PC 90 114.68 -33.80 34.59
C ILE PC 90 113.91 -33.56 35.88
N VAL PC 91 113.35 -34.63 36.45
CA VAL PC 91 112.60 -34.52 37.69
C VAL PC 91 113.56 -34.31 38.86
N ALA PC 92 113.04 -33.72 39.93
CA ALA PC 92 113.88 -33.44 41.10
C ALA PC 92 114.28 -34.73 41.80
N ASN PC 93 113.30 -35.53 42.22
CA ASN PC 93 113.55 -36.79 42.92
C ASN PC 93 114.01 -37.82 41.89
N SER PC 94 115.29 -37.75 41.55
CA SER PC 94 115.88 -38.68 40.58
C SER PC 94 117.05 -39.43 41.22
N THR PC 95 118.16 -39.54 40.48
CA THR PC 95 119.34 -40.23 40.97
C THR PC 95 120.58 -39.50 40.48
N GLU PC 96 121.49 -39.19 41.41
CA GLU PC 96 122.71 -38.48 41.04
C GLU PC 96 123.60 -39.32 40.13
N ALA PC 97 123.71 -40.63 40.42
CA ALA PC 97 124.51 -41.51 39.58
C ALA PC 97 123.91 -41.63 38.18
N SER PC 98 122.58 -41.74 38.10
CA SER PC 98 121.94 -41.81 36.79
C SER PC 98 122.11 -40.52 36.02
N ARG PC 99 122.00 -39.37 36.69
CA ARG PC 99 122.22 -38.09 36.01
C ARG PC 99 123.65 -37.97 35.52
N LYS PC 100 124.62 -38.40 36.33
CA LYS PC 100 126.01 -38.35 35.91
C LYS PC 100 126.27 -39.27 34.72
N SER PC 101 125.69 -40.46 34.74
CA SER PC 101 125.85 -41.38 33.61
C SER PC 101 125.21 -40.81 32.34
N LEU PC 102 124.05 -40.18 32.48
CA LEU PC 102 123.39 -39.57 31.32
C LEU PC 102 124.22 -38.41 30.77
N TYR PC 103 124.80 -37.59 31.65
CA TYR PC 103 125.64 -36.49 31.21
C TYR PC 103 126.89 -37.02 30.50
N ASP PC 104 127.49 -38.09 31.04
CA ASP PC 104 128.66 -38.68 30.39
C ASP PC 104 128.32 -39.25 29.02
N LEU PC 105 127.16 -39.90 28.91
CA LEU PC 105 126.73 -40.44 27.61
C LEU PC 105 126.49 -39.32 26.62
N THR PC 106 125.87 -38.22 27.06
CA THR PC 106 125.64 -37.08 26.18
C THR PC 106 126.96 -36.46 25.74
N LYS PC 107 127.92 -36.33 26.66
CA LYS PC 107 129.23 -35.79 26.31
C LYS PC 107 129.94 -36.68 25.31
N SER PC 108 129.85 -38.01 25.49
CA SER PC 108 130.47 -38.93 24.55
C SER PC 108 129.82 -38.85 23.17
N LEU PC 109 128.49 -38.77 23.13
CA LEU PC 109 127.80 -38.65 21.86
C LEU PC 109 128.12 -37.33 21.17
N VAL PC 110 128.35 -36.27 21.93
CA VAL PC 110 128.71 -34.99 21.33
C VAL PC 110 130.14 -35.03 20.80
N ALA PC 111 131.07 -35.61 21.57
CA ALA PC 111 132.47 -35.66 21.18
C ALA PC 111 132.78 -36.73 20.15
N THR PC 112 131.84 -37.63 19.86
CA THR PC 112 132.08 -38.66 18.87
C THR PC 112 132.21 -38.05 17.47
N SER PC 113 132.76 -38.85 16.55
CA SER PC 113 133.00 -38.40 15.19
C SER PC 113 131.78 -38.56 14.29
N GLN PC 114 130.76 -39.28 14.73
CA GLN PC 114 129.55 -39.47 13.92
C GLN PC 114 128.71 -38.21 13.83
N VAL PC 115 128.51 -37.51 14.94
CA VAL PC 115 127.74 -36.27 14.91
C VAL PC 115 128.47 -35.20 14.12
N GLU PC 116 129.81 -35.18 14.20
CA GLU PC 116 130.58 -34.22 13.41
C GLU PC 116 130.39 -34.45 11.92
N ASP PC 117 130.41 -35.72 11.49
CA ASP PC 117 130.16 -36.03 10.08
C ASP PC 117 128.73 -35.70 9.69
N LEU PC 118 127.76 -35.99 10.57
CA LEU PC 118 126.37 -35.64 10.29
C LEU PC 118 126.20 -34.14 10.13
N VAL PC 119 126.96 -33.35 10.88
CA VAL PC 119 126.85 -31.89 10.80
C VAL PC 119 127.53 -31.38 9.54
N VAL PC 120 128.74 -31.87 9.24
CA VAL PC 120 129.53 -31.36 8.13
C VAL PC 120 129.00 -31.90 6.82
N ASN PC 121 129.16 -33.21 6.58
CA ASN PC 121 128.82 -33.81 5.31
C ASN PC 121 127.33 -34.07 5.14
N LEU PC 122 126.50 -33.73 6.13
CA LEU PC 122 125.05 -33.91 6.07
C LEU PC 122 124.66 -35.36 5.81
N VAL PC 123 125.51 -36.30 6.25
CA VAL PC 123 125.25 -37.73 6.08
C VAL PC 123 124.49 -38.22 7.30
N PRO PC 124 123.41 -38.97 7.13
CA PRO PC 124 122.64 -39.45 8.29
C PRO PC 124 123.51 -40.29 9.23
N LEU PC 125 123.24 -40.16 10.52
CA LEU PC 125 124.02 -40.87 11.54
C LEU PC 125 123.77 -42.37 11.44
N GLY PC 126 124.84 -43.12 11.20
CA GLY PC 126 124.73 -44.56 11.08
C GLY PC 126 126.03 -45.23 10.68
N ARG PC 127 126.98 -45.29 11.60
CA ARG PC 127 128.27 -45.91 11.34
C ARG PC 127 128.44 -47.20 12.14
N SER QC 1 131.74 -46.24 5.58
CA SER QC 1 130.94 -45.87 4.42
C SER QC 1 131.40 -46.61 3.16
N LYS QC 2 131.24 -45.97 2.01
CA LYS QC 2 131.56 -46.58 0.73
C LYS QC 2 132.10 -45.51 -0.20
N THR QC 3 133.32 -45.69 -0.66
CA THR QC 3 134.00 -44.72 -1.52
C THR QC 3 134.14 -45.28 -2.94
N ILE QC 4 133.94 -44.41 -3.91
CA ILE QC 4 134.06 -44.76 -5.32
C ILE QC 4 135.02 -43.77 -5.96
N VAL QC 5 136.08 -44.29 -6.59
CA VAL QC 5 137.10 -43.47 -7.24
C VAL QC 5 136.88 -43.50 -8.74
N LEU QC 6 136.75 -42.32 -9.34
CA LEU QC 6 136.57 -42.18 -10.77
C LEU QC 6 137.73 -41.40 -11.37
N SER QC 7 138.33 -41.96 -12.41
CA SER QC 7 139.48 -41.35 -13.07
C SER QC 7 139.01 -40.61 -14.33
N VAL QC 8 139.21 -39.29 -14.35
CA VAL QC 8 138.83 -38.49 -15.50
C VAL QC 8 139.95 -38.32 -16.51
N GLY QC 9 141.18 -38.67 -16.15
CA GLY QC 9 142.30 -38.52 -17.05
C GLY QC 9 143.51 -37.91 -16.38
N GLU QC 10 143.30 -36.82 -15.65
CA GLU QC 10 144.36 -36.14 -14.91
C GLU QC 10 144.08 -36.03 -13.42
N ALA QC 11 142.83 -36.11 -12.99
CA ALA QC 11 142.47 -36.03 -11.58
C ALA QC 11 141.54 -37.19 -11.24
N THR QC 12 141.40 -37.44 -9.94
CA THR QC 12 140.56 -38.52 -9.43
C THR QC 12 139.48 -37.94 -8.54
N ARG QC 13 138.23 -38.25 -8.85
CA ARG QC 13 137.08 -37.80 -8.07
C ARG QC 13 136.62 -38.92 -7.14
N THR QC 14 136.12 -38.52 -5.96
CA THR QC 14 135.71 -39.45 -4.92
C THR QC 14 134.24 -39.22 -4.60
N LEU QC 15 133.44 -40.28 -4.73
CA LEU QC 15 132.03 -40.26 -4.36
C LEU QC 15 131.84 -41.07 -3.08
N THR QC 16 131.07 -40.52 -2.14
CA THR QC 16 130.86 -41.14 -0.84
C THR QC 16 129.40 -41.52 -0.66
N GLU QC 17 129.18 -42.70 -0.08
CA GLU QC 17 127.82 -43.14 0.23
C GLU QC 17 127.22 -42.28 1.34
N ILE QC 18 126.02 -41.79 1.10
CA ILE QC 18 125.33 -40.88 2.01
C ILE QC 18 124.11 -41.53 2.63
N GLN QC 19 123.22 -42.08 1.81
CA GLN QC 19 121.91 -42.56 2.23
C GLN QC 19 121.86 -44.07 1.96
N SER QC 20 122.44 -44.85 2.86
CA SER QC 20 122.53 -46.30 2.69
C SER QC 20 121.18 -46.93 2.98
N THR QC 21 120.49 -47.35 1.92
CA THR QC 21 119.22 -48.05 2.04
C THR QC 21 119.11 -49.05 0.91
N ALA QC 22 118.35 -50.12 1.14
CA ALA QC 22 118.24 -51.20 0.17
C ALA QC 22 117.54 -50.73 -1.11
N ASP QC 23 116.34 -50.16 -0.97
CA ASP QC 23 115.56 -49.77 -2.13
C ASP QC 23 116.02 -48.45 -2.74
N ARG QC 24 116.98 -47.75 -2.14
CA ARG QC 24 117.45 -46.47 -2.69
C ARG QC 24 118.84 -46.20 -2.11
N GLN QC 25 119.85 -46.27 -2.97
CA GLN QC 25 121.22 -45.95 -2.60
C GLN QC 25 121.61 -44.62 -3.22
N ILE QC 26 122.02 -43.67 -2.39
CA ILE QC 26 122.34 -42.32 -2.82
C ILE QC 26 123.82 -42.07 -2.58
N PHE QC 27 124.58 -41.95 -3.66
CA PHE QC 27 126.00 -41.61 -3.57
C PHE QC 27 126.19 -40.14 -3.94
N GLU QC 28 127.02 -39.45 -3.19
CA GLU QC 28 127.27 -38.02 -3.40
C GLU QC 28 128.76 -37.75 -3.46
N GLU QC 29 129.17 -36.93 -4.43
CA GLU QC 29 130.56 -36.60 -4.63
C GLU QC 29 131.00 -35.53 -3.64
N LYS QC 30 132.15 -35.73 -3.01
CA LYS QC 30 132.70 -34.81 -2.02
C LYS QC 30 133.92 -34.13 -2.61
N VAL QC 31 133.78 -32.86 -2.97
CA VAL QC 31 134.88 -32.07 -3.51
C VAL QC 31 134.92 -30.73 -2.79
N GLY QC 32 133.80 -30.02 -2.78
CA GLY QC 32 133.71 -28.74 -2.12
C GLY QC 32 132.30 -28.46 -1.64
N PRO QC 33 131.55 -27.66 -2.43
CA PRO QC 33 130.15 -27.37 -2.07
C PRO QC 33 129.29 -28.62 -2.26
N LEU QC 34 128.63 -29.05 -1.19
CA LEU QC 34 127.81 -30.26 -1.27
C LEU QC 34 126.55 -30.02 -2.08
N VAL QC 35 125.98 -28.82 -2.00
CA VAL QC 35 124.78 -28.50 -2.76
C VAL QC 35 125.15 -28.29 -4.22
N GLY QC 36 124.36 -28.84 -5.12
CA GLY QC 36 124.62 -28.72 -6.54
C GLY QC 36 125.88 -29.44 -6.98
N ARG QC 37 125.97 -30.73 -6.68
CA ARG QC 37 127.15 -31.51 -7.03
C ARG QC 37 126.77 -32.74 -7.83
N LEU QC 38 127.56 -33.80 -7.73
CA LEU QC 38 127.32 -35.05 -8.45
C LEU QC 38 126.61 -36.03 -7.52
N ARG QC 39 125.44 -36.51 -7.95
CA ARG QC 39 124.66 -37.47 -7.18
C ARG QC 39 124.29 -38.66 -8.06
N LEU QC 40 124.16 -39.81 -7.42
CA LEU QC 40 123.85 -41.06 -8.10
C LEU QC 40 122.83 -41.83 -7.29
N THR QC 41 121.73 -42.22 -7.94
CA THR QC 41 120.64 -42.96 -7.31
C THR QC 41 120.59 -44.36 -7.92
N ALA QC 42 120.66 -45.37 -7.06
CA ALA QC 42 120.60 -46.76 -7.48
C ALA QC 42 119.43 -47.46 -6.81
N SER QC 43 118.72 -48.29 -7.57
CA SER QC 43 117.59 -49.03 -7.05
C SER QC 43 117.53 -50.42 -7.68
N LEU QC 44 117.17 -51.41 -6.88
CA LEU QC 44 117.04 -52.79 -7.32
C LEU QC 44 115.75 -53.36 -6.77
N ARG QC 45 115.00 -54.08 -7.62
CA ARG QC 45 113.74 -54.66 -7.19
C ARG QC 45 113.46 -55.90 -8.03
N GLN QC 46 112.24 -56.43 -7.88
CA GLN QC 46 111.75 -57.57 -8.64
C GLN QC 46 110.62 -57.10 -9.57
N ASN QC 47 109.83 -58.05 -10.07
CA ASN QC 47 108.74 -57.74 -10.97
C ASN QC 47 107.79 -58.93 -11.03
N GLY QC 48 106.53 -58.64 -11.33
CA GLY QC 48 105.53 -59.65 -11.57
C GLY QC 48 105.42 -60.72 -10.50
N ALA QC 49 105.69 -61.96 -10.87
CA ALA QC 49 105.63 -63.09 -9.95
C ALA QC 49 107.00 -63.75 -9.86
N LYS QC 50 107.97 -63.00 -9.35
CA LYS QC 50 109.34 -63.49 -9.13
C LYS QC 50 109.95 -64.04 -10.41
N THR QC 51 109.66 -63.37 -11.53
CA THR QC 51 110.22 -63.77 -12.82
C THR QC 51 111.58 -63.12 -13.05
N ALA QC 52 111.59 -61.84 -13.41
CA ALA QC 52 112.84 -61.12 -13.68
C ALA QC 52 113.13 -60.12 -12.57
N TYR QC 53 113.93 -59.11 -12.89
CA TYR QC 53 114.30 -58.08 -11.93
C TYR QC 53 114.26 -56.72 -12.63
N ARG QC 54 114.49 -55.67 -11.85
CA ARG QC 54 114.48 -54.30 -12.36
C ARG QC 54 115.54 -53.50 -11.63
N VAL QC 55 116.47 -52.92 -12.40
CA VAL QC 55 117.54 -52.11 -11.86
C VAL QC 55 117.45 -50.71 -12.47
N ASN QC 56 117.53 -49.70 -11.61
CA ASN QC 56 117.44 -48.31 -12.03
C ASN QC 56 118.68 -47.57 -11.56
N LEU QC 57 119.32 -46.83 -12.47
CA LEU QC 57 120.52 -46.06 -12.17
C LEU QC 57 120.37 -44.68 -12.77
N LYS QC 58 120.38 -43.65 -11.92
CA LYS QC 58 120.25 -42.27 -12.35
C LYS QC 58 121.47 -41.49 -11.87
N LEU QC 59 121.94 -40.57 -12.71
CA LEU QC 59 123.10 -39.74 -12.38
C LEU QC 59 122.76 -38.29 -12.67
N ASP QC 60 122.81 -37.45 -11.64
CA ASP QC 60 122.46 -36.04 -11.76
C ASP QC 60 123.65 -35.17 -11.36
N GLN QC 61 123.74 -34.01 -12.00
CA GLN QC 61 124.80 -33.04 -11.72
C GLN QC 61 124.32 -31.67 -12.13
N ALA QC 62 124.12 -30.79 -11.16
CA ALA QC 62 123.64 -29.43 -11.41
C ALA QC 62 124.80 -28.45 -11.22
N ASP QC 63 125.00 -27.58 -12.22
CA ASP QC 63 126.05 -26.58 -12.15
C ASP QC 63 125.63 -25.45 -11.21
N VAL QC 64 126.63 -24.81 -10.60
CA VAL QC 64 126.40 -23.72 -9.66
C VAL QC 64 127.17 -22.50 -10.15
N VAL QC 65 126.70 -21.32 -9.71
CA VAL QC 65 127.33 -20.06 -10.04
C VAL QC 65 127.40 -19.20 -8.77
N ASP QC 66 128.38 -18.30 -8.75
CA ASP QC 66 128.60 -17.44 -7.59
C ASP QC 66 129.17 -16.12 -8.05
N CYS QC 67 128.76 -15.04 -7.36
CA CYS QC 67 129.22 -13.69 -7.69
C CYS QC 67 129.97 -13.01 -6.56
N SER QC 68 130.35 -13.76 -5.51
CA SER QC 68 131.05 -13.15 -4.39
C SER QC 68 132.46 -12.70 -4.76
N THR QC 69 132.97 -13.13 -5.90
CA THR QC 69 134.31 -12.72 -6.31
C THR QC 69 134.35 -11.27 -6.77
N SER QC 70 133.26 -10.78 -7.36
CA SER QC 70 133.21 -9.41 -7.84
C SER QC 70 132.05 -8.65 -7.20
N VAL QC 71 130.84 -9.19 -7.33
CA VAL QC 71 129.65 -8.56 -6.76
C VAL QC 71 129.69 -8.72 -5.25
N CYS QC 72 129.25 -7.70 -4.52
CA CYS QC 72 129.33 -7.82 -3.08
C CYS QC 72 128.04 -8.34 -2.48
N GLY QC 73 127.55 -9.46 -3.01
CA GLY QC 73 126.56 -10.24 -2.31
C GLY QC 73 125.72 -11.13 -3.20
N GLU QC 74 126.05 -12.42 -3.25
CA GLU QC 74 125.27 -13.37 -4.04
C GLU QC 74 125.64 -14.78 -3.57
N LEU QC 75 124.66 -15.50 -3.04
CA LEU QC 75 124.90 -16.86 -2.59
C LEU QC 75 125.06 -17.80 -3.78
N PRO QC 76 125.77 -18.92 -3.61
CA PRO QC 76 125.88 -19.90 -4.70
C PRO QC 76 124.52 -20.40 -5.14
N LYS QC 77 124.19 -20.17 -6.41
CA LYS QC 77 122.89 -20.48 -6.96
C LYS QC 77 123.03 -21.52 -8.06
N VAL QC 78 122.14 -22.52 -8.05
CA VAL QC 78 122.17 -23.55 -9.09
C VAL QC 78 121.62 -22.97 -10.39
N ARG QC 79 122.07 -23.54 -11.52
CA ARG QC 79 121.66 -23.07 -12.83
C ARG QC 79 120.76 -24.13 -13.44
N TYR QC 80 121.27 -25.04 -14.25
CA TYR QC 80 120.47 -26.08 -14.89
C TYR QC 80 120.64 -27.41 -14.17
N THR QC 81 119.80 -28.37 -14.55
CA THR QC 81 119.83 -29.70 -13.98
C THR QC 81 119.80 -30.73 -15.10
N GLN QC 82 120.65 -31.75 -15.00
CA GLN QC 82 120.73 -32.82 -15.98
C GLN QC 82 120.33 -34.14 -15.34
N VAL QC 83 119.50 -34.90 -16.04
CA VAL QC 83 119.00 -36.18 -15.56
C VAL QC 83 119.36 -37.25 -16.58
N TRP QC 84 120.04 -38.30 -16.13
CA TRP QC 84 120.44 -39.43 -16.97
C TRP QC 84 120.09 -40.71 -16.24
N SER QC 85 118.87 -41.20 -16.45
CA SER QC 85 118.39 -42.42 -15.80
C SER QC 85 118.66 -43.64 -16.68
N HIS QC 86 118.50 -44.81 -16.08
CA HIS QC 86 118.70 -46.08 -16.78
C HIS QC 86 117.58 -47.04 -16.41
N ASP QC 87 117.57 -48.20 -17.07
CA ASP QC 87 116.56 -49.22 -16.81
C ASP QC 87 117.13 -50.56 -17.27
N VAL QC 88 117.34 -51.47 -16.32
CA VAL QC 88 117.88 -52.79 -16.60
C VAL QC 88 116.82 -53.83 -16.27
N THR QC 89 116.40 -54.58 -17.28
CA THR QC 89 115.39 -55.64 -17.14
C THR QC 89 116.02 -56.94 -17.63
N ILE QC 90 116.79 -57.59 -16.76
CA ILE QC 90 117.46 -58.84 -17.08
C ILE QC 90 116.87 -59.94 -16.21
N VAL QC 91 116.43 -61.02 -16.86
CA VAL QC 91 115.85 -62.15 -16.13
C VAL QC 91 116.95 -62.92 -15.41
N ALA QC 92 116.57 -63.64 -14.36
CA ALA QC 92 117.54 -64.41 -13.58
C ALA QC 92 118.07 -65.59 -14.39
N ASN QC 93 117.18 -66.46 -14.85
CA ASN QC 93 117.57 -67.63 -15.63
C ASN QC 93 117.92 -67.19 -17.04
N SER QC 94 119.14 -66.69 -17.20
CA SER QC 94 119.62 -66.22 -18.50
C SER QC 94 120.89 -66.97 -18.90
N THR QC 95 121.89 -66.24 -19.39
CA THR QC 95 123.16 -66.84 -19.80
C THR QC 95 124.29 -65.90 -19.44
N GLU QC 96 125.31 -66.43 -18.76
CA GLU QC 96 126.45 -65.60 -18.37
C GLU QC 96 127.21 -65.11 -19.58
N ALA QC 97 127.41 -65.98 -20.58
CA ALA QC 97 128.12 -65.56 -21.78
C ALA QC 97 127.34 -64.49 -22.54
N SER QC 98 126.02 -64.65 -22.63
CA SER QC 98 125.20 -63.64 -23.30
C SER QC 98 125.23 -62.32 -22.55
N ARG QC 99 125.19 -62.36 -21.21
CA ARG QC 99 125.26 -61.13 -20.43
C ARG QC 99 126.61 -60.44 -20.60
N LYS QC 100 127.69 -61.23 -20.63
CA LYS QC 100 129.01 -60.65 -20.84
C LYS QC 100 129.13 -60.03 -22.23
N SER QC 101 128.60 -60.70 -23.26
CA SER QC 101 128.63 -60.14 -24.60
C SER QC 101 127.81 -58.86 -24.68
N LEU QC 102 126.66 -58.82 -24.03
CA LEU QC 102 125.84 -57.62 -24.02
C LEU QC 102 126.55 -56.47 -23.31
N TYR QC 103 127.21 -56.77 -22.19
CA TYR QC 103 127.96 -55.73 -21.48
C TYR QC 103 129.12 -55.22 -22.32
N ASP QC 104 129.80 -56.11 -23.03
CA ASP QC 104 130.90 -55.68 -23.89
C ASP QC 104 130.39 -54.81 -25.04
N LEU QC 105 129.25 -55.19 -25.62
CA LEU QC 105 128.67 -54.38 -26.69
C LEU QC 105 128.25 -53.01 -26.18
N THR QC 106 127.66 -52.96 -24.98
CA THR QC 106 127.29 -51.67 -24.40
C THR QC 106 128.52 -50.81 -24.12
N LYS QC 107 129.58 -51.41 -23.60
CA LYS QC 107 130.82 -50.67 -23.35
C LYS QC 107 131.42 -50.14 -24.64
N SER QC 108 131.39 -50.95 -25.70
CA SER QC 108 131.91 -50.50 -26.98
C SER QC 108 131.08 -49.36 -27.55
N LEU QC 109 129.75 -49.46 -27.46
CA LEU QC 109 128.88 -48.39 -27.94
C LEU QC 109 129.06 -47.12 -27.13
N VAL QC 110 129.37 -47.23 -25.84
CA VAL QC 110 129.61 -46.05 -25.02
C VAL QC 110 130.95 -45.42 -25.37
N ALA QC 111 131.99 -46.24 -25.55
CA ALA QC 111 133.33 -45.74 -25.82
C ALA QC 111 133.53 -45.32 -27.27
N THR QC 112 132.59 -45.63 -28.17
CA THR QC 112 132.73 -45.24 -29.56
C THR QC 112 132.65 -43.73 -29.70
N SER QC 113 133.09 -43.23 -30.85
CA SER QC 113 133.13 -41.80 -31.13
C SER QC 113 131.81 -41.26 -31.66
N GLN QC 114 130.87 -42.13 -32.04
CA GLN QC 114 129.59 -41.69 -32.55
C GLN QC 114 128.69 -41.10 -31.46
N VAL QC 115 128.62 -41.76 -30.30
CA VAL QC 115 127.82 -41.25 -29.21
C VAL QC 115 128.40 -39.94 -28.67
N GLU QC 116 129.73 -39.82 -28.66
CA GLU QC 116 130.36 -38.57 -28.23
C GLU QC 116 129.97 -37.42 -29.15
N ASP QC 117 129.97 -37.66 -30.47
CA ASP QC 117 129.55 -36.63 -31.40
C ASP QC 117 128.07 -36.31 -31.25
N LEU QC 118 127.25 -37.34 -31.05
CA LEU QC 118 125.82 -37.13 -30.82
C LEU QC 118 125.58 -36.28 -29.58
N VAL QC 119 126.40 -36.45 -28.54
CA VAL QC 119 126.24 -35.69 -27.31
C VAL QC 119 126.73 -34.25 -27.50
N VAL QC 120 127.90 -34.08 -28.11
CA VAL QC 120 128.52 -32.76 -28.24
C VAL QC 120 127.82 -31.95 -29.32
N ASN QC 121 127.99 -32.37 -30.58
CA ASN QC 121 127.50 -31.60 -31.72
C ASN QC 121 126.01 -31.77 -31.96
N LEU QC 122 125.32 -32.59 -31.15
CA LEU QC 122 123.88 -32.81 -31.29
C LEU QC 122 123.51 -33.34 -32.67
N VAL QC 123 124.43 -34.05 -33.31
CA VAL QC 123 124.20 -34.63 -34.64
C VAL QC 123 123.63 -36.03 -34.45
N PRO QC 124 122.56 -36.39 -35.15
CA PRO QC 124 121.98 -37.73 -34.98
C PRO QC 124 122.98 -38.82 -35.30
N LEU QC 125 122.89 -39.92 -34.56
CA LEU QC 125 123.82 -41.03 -34.70
C LEU QC 125 123.60 -41.70 -36.06
N GLY QC 126 124.65 -41.72 -36.88
CA GLY QC 126 124.58 -42.32 -38.19
C GLY QC 126 125.83 -42.12 -39.02
N ARG QC 127 126.90 -42.82 -38.66
CA ARG QC 127 128.17 -42.72 -39.38
C ARG QC 127 128.48 -44.01 -40.14
N SER RC 1 119.87 -40.14 -42.67
CA SER RC 1 119.29 -38.80 -42.79
C SER RC 1 119.55 -38.21 -44.17
N LYS RC 2 119.66 -36.88 -44.23
CA LYS RC 2 119.83 -36.16 -45.48
C LYS RC 2 120.75 -34.98 -45.24
N THR RC 3 121.87 -34.94 -45.95
CA THR RC 3 122.87 -33.89 -45.79
C THR RC 3 122.90 -33.00 -47.02
N ILE RC 4 123.05 -31.70 -46.78
CA ILE RC 4 123.12 -30.70 -47.85
C ILE RC 4 124.40 -29.89 -47.63
N VAL RC 5 125.24 -29.84 -48.65
CA VAL RC 5 126.52 -29.14 -48.59
C VAL RC 5 126.39 -27.83 -49.36
N LEU RC 6 126.70 -26.72 -48.68
CA LEU RC 6 126.64 -25.39 -49.28
C LEU RC 6 128.03 -24.77 -49.27
N SER RC 7 128.46 -24.29 -50.43
CA SER RC 7 129.79 -23.69 -50.58
C SER RC 7 129.65 -22.16 -50.52
N VAL RC 8 130.29 -21.55 -49.52
CA VAL RC 8 130.25 -20.09 -49.37
C VAL RC 8 131.42 -19.40 -50.07
N GLY RC 9 132.44 -20.15 -50.48
CA GLY RC 9 133.60 -19.56 -51.12
C GLY RC 9 134.91 -20.10 -50.58
N GLU RC 10 135.03 -20.14 -49.25
CA GLU RC 10 136.20 -20.68 -48.59
C GLU RC 10 135.90 -21.82 -47.63
N ALA RC 11 134.68 -21.95 -47.15
CA ALA RC 11 134.28 -23.03 -46.24
C ALA RC 11 133.01 -23.68 -46.76
N THR RC 12 132.71 -24.86 -46.24
CA THR RC 12 131.54 -25.63 -46.64
C THR RC 12 130.67 -25.87 -45.41
N ARG RC 13 129.40 -25.48 -45.52
CA ARG RC 13 128.44 -25.68 -44.45
C ARG RC 13 127.58 -26.91 -44.73
N THR RC 14 127.18 -27.59 -43.67
CA THR RC 14 126.42 -28.84 -43.77
C THR RC 14 125.09 -28.67 -43.04
N LEU RC 15 123.99 -28.90 -43.74
CA LEU RC 15 122.66 -28.90 -43.18
C LEU RC 15 122.14 -30.33 -43.10
N THR RC 16 121.54 -30.69 -41.97
CA THR RC 16 121.07 -32.04 -41.72
C THR RC 16 119.56 -32.05 -41.57
N GLU RC 17 118.93 -33.07 -42.15
CA GLU RC 17 117.49 -33.25 -42.00
C GLU RC 17 117.15 -33.63 -40.57
N ILE RC 18 116.16 -32.95 -39.99
CA ILE RC 18 115.80 -33.08 -38.58
C ILE RC 18 114.39 -33.61 -38.39
N GLN RC 19 113.43 -33.05 -39.13
CA GLN RC 19 112.00 -33.37 -38.96
C GLN RC 19 111.47 -33.85 -40.31
N SER RC 20 111.72 -35.12 -40.62
CA SER RC 20 111.32 -35.71 -41.90
C SER RC 20 109.82 -35.95 -41.90
N THR RC 21 109.09 -35.11 -42.64
CA THR RC 21 107.66 -35.26 -42.81
C THR RC 21 107.29 -34.76 -44.20
N ALA RC 22 106.19 -35.31 -44.75
CA ALA RC 22 105.79 -34.99 -46.11
C ALA RC 22 105.36 -33.54 -46.23
N ASP RC 23 104.42 -33.11 -45.38
CA ASP RC 23 103.86 -31.76 -45.47
C ASP RC 23 104.77 -30.70 -44.86
N ARG RC 24 105.88 -31.09 -44.22
CA ARG RC 24 106.77 -30.12 -43.59
C ARG RC 24 108.14 -30.78 -43.43
N GLN RC 25 109.11 -30.30 -44.19
CA GLN RC 25 110.50 -30.77 -44.10
C GLN RC 25 111.34 -29.67 -43.44
N ILE RC 26 111.99 -30.01 -42.35
CA ILE RC 26 112.76 -29.05 -41.55
C ILE RC 26 114.23 -29.48 -41.60
N PHE RC 27 115.05 -28.67 -42.27
CA PHE RC 27 116.49 -28.88 -42.32
C PHE RC 27 117.17 -27.90 -41.37
N GLU RC 28 118.15 -28.39 -40.61
CA GLU RC 28 118.87 -27.57 -39.65
C GLU RC 28 120.37 -27.72 -39.83
N GLU RC 29 121.07 -26.59 -39.79
CA GLU RC 29 122.51 -26.57 -39.99
C GLU RC 29 123.22 -26.98 -38.70
N LYS RC 30 124.21 -27.87 -38.83
CA LYS RC 30 124.97 -28.39 -37.70
C LYS RC 30 126.38 -27.82 -37.78
N VAL RC 31 126.70 -26.86 -36.90
CA VAL RC 31 128.02 -26.27 -36.83
C VAL RC 31 128.47 -26.24 -35.38
N GLY RC 32 127.65 -25.66 -34.51
CA GLY RC 32 127.95 -25.58 -33.10
C GLY RC 32 126.70 -25.53 -32.25
N PRO RC 33 126.30 -24.32 -31.84
CA PRO RC 33 125.05 -24.17 -31.06
C PRO RC 33 123.84 -24.42 -31.95
N LEU RC 34 123.02 -25.40 -31.56
CA LEU RC 34 121.85 -25.74 -32.37
C LEU RC 34 120.78 -24.66 -32.28
N VAL RC 35 120.64 -24.02 -31.12
CA VAL RC 35 119.65 -22.96 -30.97
C VAL RC 35 120.17 -21.70 -31.66
N GLY RC 36 119.27 -21.02 -32.39
CA GLY RC 36 119.63 -19.82 -33.11
C GLY RC 36 120.61 -20.07 -34.23
N ARG RC 37 120.26 -20.98 -35.15
CA ARG RC 37 121.13 -21.32 -36.27
C ARG RC 37 120.39 -21.15 -37.59
N LEU RC 38 120.78 -21.93 -38.59
CA LEU RC 38 120.17 -21.87 -39.92
C LEU RC 38 119.13 -22.97 -40.04
N ARG RC 39 117.90 -22.58 -40.36
CA ARG RC 39 116.81 -23.53 -40.53
C ARG RC 39 116.11 -23.28 -41.86
N LEU RC 40 115.57 -24.36 -42.42
CA LEU RC 40 114.90 -24.31 -43.72
C LEU RC 40 113.63 -25.14 -43.64
N THR RC 41 112.50 -24.55 -44.03
CA THR RC 41 111.20 -25.19 -44.01
C THR RC 41 110.72 -25.35 -45.45
N ALA RC 42 110.40 -26.58 -45.84
CA ALA RC 42 109.90 -26.88 -47.17
C ALA RC 42 108.53 -27.53 -47.07
N SER RC 43 107.63 -27.14 -47.98
CA SER RC 43 106.29 -27.68 -48.00
C SER RC 43 105.82 -27.81 -49.44
N LEU RC 44 105.09 -28.89 -49.73
CA LEU RC 44 104.54 -29.15 -51.05
C LEU RC 44 103.10 -29.62 -50.90
N ARG RC 45 102.21 -29.09 -51.73
CA ARG RC 45 100.80 -29.45 -51.65
C ARG RC 45 100.16 -29.27 -53.02
N GLN RC 46 98.83 -29.39 -53.06
CA GLN RC 46 98.03 -29.20 -54.26
C GLN RC 46 97.19 -27.93 -54.09
N ASN RC 47 96.15 -27.80 -54.91
CA ASN RC 47 95.28 -26.64 -54.86
C ASN RC 47 93.99 -26.95 -55.61
N GLY RC 48 92.92 -26.28 -55.21
CA GLY RC 48 91.65 -26.35 -55.91
C GLY RC 48 91.13 -27.75 -56.18
N ALA RC 49 90.99 -28.10 -57.45
CA ALA RC 49 90.51 -29.41 -57.86
C ALA RC 49 91.57 -30.11 -58.70
N LYS RC 50 92.71 -30.40 -58.07
CA LYS RC 50 93.82 -31.12 -58.70
C LYS RC 50 94.29 -30.42 -59.97
N THR RC 51 94.30 -29.09 -59.95
CA THR RC 51 94.75 -28.32 -61.10
C THR RC 51 96.27 -28.11 -61.05
N ALA RC 52 96.72 -27.19 -60.20
CA ALA RC 52 98.14 -26.89 -60.09
C ALA RC 52 98.70 -27.40 -58.77
N TYR RC 53 99.81 -26.82 -58.31
CA TYR RC 53 100.44 -27.21 -57.06
C TYR RC 53 100.90 -25.96 -56.33
N ARG RC 54 101.42 -26.16 -55.12
CA ARG RC 54 101.90 -25.05 -54.29
C ARG RC 54 103.12 -25.51 -53.52
N VAL RC 55 104.23 -24.80 -53.71
CA VAL RC 55 105.49 -25.09 -53.03
C VAL RC 55 105.88 -23.88 -52.20
N ASN RC 56 106.26 -24.14 -50.94
CA ASN RC 56 106.66 -23.08 -50.03
C ASN RC 56 108.05 -23.40 -49.49
N LEU RC 57 108.95 -22.41 -49.54
CA LEU RC 57 110.32 -22.56 -49.07
C LEU RC 57 110.68 -21.35 -48.23
N LYS RC 58 110.96 -21.57 -46.95
CA LYS RC 58 111.34 -20.51 -46.02
C LYS RC 58 112.71 -20.81 -45.45
N LEU RC 59 113.51 -19.76 -45.27
CA LEU RC 59 114.86 -19.88 -44.73
C LEU RC 59 115.04 -18.85 -43.61
N ASP RC 60 115.31 -19.34 -42.40
CA ASP RC 60 115.45 -18.49 -41.24
C ASP RC 60 116.84 -18.65 -40.64
N GLN RC 61 117.34 -17.57 -40.05
CA GLN RC 61 118.65 -17.58 -39.39
C GLN RC 61 118.69 -16.45 -38.37
N ALA RC 62 118.73 -16.80 -37.09
CA ALA RC 62 118.75 -15.83 -36.00
C ALA RC 62 120.15 -15.77 -35.40
N ASP RC 63 120.68 -14.55 -35.29
CA ASP RC 63 122.00 -14.36 -34.71
C ASP RC 63 121.94 -14.50 -33.19
N VAL RC 64 123.05 -14.94 -32.61
CA VAL RC 64 123.15 -15.16 -31.17
C VAL RC 64 124.31 -14.31 -30.63
N VAL RC 65 124.23 -14.02 -29.33
CA VAL RC 65 125.27 -13.26 -28.63
C VAL RC 65 125.55 -13.93 -27.30
N ASP RC 66 126.76 -13.74 -26.79
CA ASP RC 66 127.20 -14.34 -25.55
C ASP RC 66 128.20 -13.44 -24.87
N CYS RC 67 128.14 -13.41 -23.54
CA CYS RC 67 129.03 -12.58 -22.73
C CYS RC 67 129.91 -13.39 -21.77
N SER RC 68 129.96 -14.70 -21.91
CA SER RC 68 130.76 -15.51 -21.00
C SER RC 68 132.26 -15.30 -21.20
N THR RC 69 132.66 -14.65 -22.29
CA THR RC 69 134.08 -14.40 -22.52
C THR RC 69 134.62 -13.33 -21.59
N SER RC 70 133.80 -12.34 -21.24
CA SER RC 70 134.23 -11.26 -20.36
C SER RC 70 133.35 -11.19 -19.12
N VAL RC 71 132.05 -11.06 -19.31
CA VAL RC 71 131.10 -10.97 -18.19
C VAL RC 71 131.00 -12.34 -17.54
N CYS RC 72 130.88 -12.36 -16.21
CA CYS RC 72 130.83 -13.63 -15.50
C CYS RC 72 129.40 -14.11 -15.31
N GLY RC 73 128.62 -14.13 -16.40
CA GLY RC 73 127.39 -14.89 -16.42
C GLY RC 73 126.34 -14.37 -17.38
N GLU RC 74 126.23 -15.02 -18.54
CA GLU RC 74 125.22 -14.64 -19.53
C GLU RC 74 125.09 -15.80 -20.51
N LEU RC 75 123.89 -16.39 -20.57
CA LEU RC 75 123.64 -17.49 -21.49
C LEU RC 75 123.54 -16.97 -22.92
N PRO RC 76 123.83 -17.81 -23.92
CA PRO RC 76 123.67 -17.38 -25.32
C PRO RC 76 122.23 -16.96 -25.60
N LYS RC 77 122.08 -15.70 -26.01
CA LYS RC 77 120.77 -15.10 -26.22
C LYS RC 77 120.62 -14.70 -27.68
N VAL RC 78 119.46 -14.99 -28.25
CA VAL RC 78 119.19 -14.61 -29.64
C VAL RC 78 118.94 -13.12 -29.72
N ARG RC 79 119.24 -12.55 -30.89
CA ARG RC 79 119.07 -11.11 -31.11
C ARG RC 79 117.90 -10.91 -32.05
N TYR RC 80 118.12 -10.78 -33.35
CA TYR RC 80 117.07 -10.56 -34.32
C TYR RC 80 116.75 -11.85 -35.06
N THR RC 81 115.66 -11.82 -35.82
CA THR RC 81 115.20 -12.96 -36.61
C THR RC 81 114.90 -12.49 -38.02
N GLN RC 82 115.36 -13.26 -39.01
CA GLN RC 82 115.13 -12.96 -40.41
C GLN RC 82 114.29 -14.06 -41.04
N VAL RC 83 113.29 -13.65 -41.83
CA VAL RC 83 112.36 -14.57 -42.48
C VAL RC 83 112.39 -14.30 -43.98
N TRP RC 84 112.66 -15.34 -44.76
CA TRP RC 84 112.70 -15.26 -46.22
C TRP RC 84 111.92 -16.43 -46.78
N SER RC 85 110.61 -16.22 -46.98
CA SER RC 85 109.72 -17.25 -47.50
C SER RC 85 109.61 -17.16 -49.02
N HIS RC 86 109.04 -18.20 -49.61
CA HIS RC 86 108.84 -18.27 -51.05
C HIS RC 86 107.44 -18.80 -51.34
N ASP RC 87 107.10 -18.80 -52.63
CA ASP RC 87 105.79 -19.29 -53.07
C ASP RC 87 105.90 -19.68 -54.54
N VAL RC 88 105.74 -20.97 -54.82
CA VAL RC 88 105.84 -21.49 -56.18
C VAL RC 88 104.47 -22.04 -56.58
N THR RC 89 103.88 -21.45 -57.61
CA THR RC 89 102.58 -21.87 -58.12
C THR RC 89 102.75 -22.22 -59.61
N ILE RC 90 103.22 -23.44 -59.86
CA ILE RC 90 103.45 -23.93 -61.22
C ILE RC 90 102.48 -25.06 -61.50
N VAL RC 91 101.73 -24.94 -62.60
CA VAL RC 91 100.78 -25.98 -62.98
C VAL RC 91 101.52 -27.20 -63.51
N ALA RC 92 100.86 -28.36 -63.44
CA ALA RC 92 101.48 -29.60 -63.90
C ALA RC 92 101.63 -29.60 -65.42
N ASN RC 93 100.52 -29.44 -66.14
CA ASN RC 93 100.55 -29.43 -67.60
C ASN RC 93 101.10 -28.09 -68.07
N SER RC 94 102.43 -28.00 -68.06
CA SER RC 94 103.10 -26.78 -68.50
C SER RC 94 104.07 -27.08 -69.63
N THR RC 95 105.28 -26.53 -69.55
CA THR RC 95 106.29 -26.74 -70.59
C THR RC 95 107.66 -26.84 -69.92
N GLU RC 96 108.40 -27.90 -70.25
CA GLU RC 96 109.72 -28.08 -69.67
C GLU RC 96 110.68 -26.99 -70.11
N ALA RC 97 110.64 -26.60 -71.38
CA ALA RC 97 111.50 -25.54 -71.86
C ALA RC 97 111.16 -24.20 -71.20
N SER RC 98 109.88 -23.91 -71.03
CA SER RC 98 109.48 -22.68 -70.37
C SER RC 98 109.90 -22.68 -68.91
N ARG RC 99 109.77 -23.82 -68.23
CA ARG RC 99 110.21 -23.90 -66.84
C ARG RC 99 111.72 -23.73 -66.72
N LYS RC 100 112.47 -24.32 -67.65
CA LYS RC 100 113.93 -24.15 -67.63
C LYS RC 100 114.32 -22.71 -67.90
N SER RC 101 113.65 -22.05 -68.84
CA SER RC 101 113.94 -20.64 -69.11
C SER RC 101 113.60 -19.77 -67.91
N LEU RC 102 112.49 -20.05 -67.23
CA LEU RC 102 112.12 -19.29 -66.04
C LEU RC 102 113.13 -19.50 -64.93
N TYR RC 103 113.59 -20.74 -64.74
CA TYR RC 103 114.60 -21.01 -63.72
C TYR RC 103 115.90 -20.29 -64.04
N ASP RC 104 116.31 -20.28 -65.31
CA ASP RC 104 117.52 -19.59 -65.70
C ASP RC 104 117.38 -18.08 -65.48
N LEU RC 105 116.22 -17.52 -65.80
CA LEU RC 105 116.00 -16.09 -65.57
C LEU RC 105 116.04 -15.76 -64.08
N THR RC 106 115.44 -16.62 -63.25
CA THR RC 106 115.49 -16.40 -61.81
C THR RC 106 116.91 -16.50 -61.27
N LYS RC 107 117.69 -17.47 -61.76
CA LYS RC 107 119.08 -17.59 -61.35
C LYS RC 107 119.89 -16.38 -61.75
N SER RC 108 119.66 -15.86 -62.96
CA SER RC 108 120.37 -14.67 -63.41
C SER RC 108 119.99 -13.45 -62.57
N LEU RC 109 118.71 -13.29 -62.27
CA LEU RC 109 118.27 -12.17 -61.44
C LEU RC 109 118.83 -12.28 -60.02
N VAL RC 110 119.00 -13.50 -59.52
CA VAL RC 110 119.57 -13.67 -58.18
C VAL RC 110 121.06 -13.37 -58.20
N ALA RC 111 121.77 -13.85 -59.23
CA ALA RC 111 123.21 -13.67 -59.31
C ALA RC 111 123.62 -12.27 -59.79
N THR RC 112 122.68 -11.46 -60.27
CA THR RC 112 123.02 -10.13 -60.73
C THR RC 112 123.46 -9.25 -59.55
N SER RC 113 124.11 -8.14 -59.88
CA SER RC 113 124.63 -7.22 -58.88
C SER RC 113 123.59 -6.21 -58.39
N GLN RC 114 122.44 -6.11 -59.05
CA GLN RC 114 121.41 -5.18 -58.63
C GLN RC 114 120.70 -5.63 -57.36
N VAL RC 115 120.35 -6.91 -57.26
CA VAL RC 115 119.71 -7.41 -56.04
C VAL RC 115 120.67 -7.36 -54.86
N GLU RC 116 121.97 -7.60 -55.10
CA GLU RC 116 122.94 -7.49 -54.02
C GLU RC 116 123.01 -6.07 -53.48
N ASP RC 117 123.00 -5.08 -54.37
CA ASP RC 117 123.00 -3.69 -53.92
C ASP RC 117 121.70 -3.34 -53.21
N LEU RC 118 120.57 -3.83 -53.72
CA LEU RC 118 119.29 -3.60 -53.06
C LEU RC 118 119.27 -4.19 -51.66
N VAL RC 119 119.94 -5.34 -51.47
CA VAL RC 119 119.97 -5.96 -50.15
C VAL RC 119 120.92 -5.23 -49.22
N VAL RC 120 122.11 -4.88 -49.70
CA VAL RC 120 123.14 -4.28 -48.86
C VAL RC 120 122.82 -2.81 -48.59
N ASN RC 121 122.92 -1.98 -49.64
CA ASN RC 121 122.77 -0.54 -49.49
C ASN RC 121 121.31 -0.09 -49.38
N LEU RC 122 120.35 -1.01 -49.44
CA LEU RC 122 118.93 -0.69 -49.32
C LEU RC 122 118.48 0.30 -50.38
N VAL RC 123 119.14 0.30 -51.53
CA VAL RC 123 118.80 1.19 -52.65
C VAL RC 123 117.79 0.48 -53.53
N PRO RC 124 116.70 1.14 -53.92
CA PRO RC 124 115.69 0.47 -54.77
C PRO RC 124 116.30 -0.01 -56.08
N LEU RC 125 115.80 -1.15 -56.56
CA LEU RC 125 116.31 -1.78 -57.77
C LEU RC 125 115.97 -0.90 -58.97
N GLY RC 126 116.99 -0.44 -59.69
CA GLY RC 126 116.79 0.39 -60.85
C GLY RC 126 118.08 0.92 -61.44
N ARG RC 127 118.83 0.04 -62.10
CA ARG RC 127 120.10 0.41 -62.72
C ARG RC 127 120.01 0.35 -64.24
N SER SC 1 124.47 4.99 -60.79
CA SER SC 1 123.95 5.91 -59.79
C SER SC 1 124.59 7.29 -59.93
N LYS SC 2 124.70 7.98 -58.79
CA LYS SC 2 125.22 9.35 -58.77
C LYS SC 2 126.01 9.54 -57.49
N THR SC 3 127.30 9.87 -57.63
CA THR SC 3 128.19 10.04 -56.50
C THR SC 3 128.56 11.51 -56.34
N ILE SC 4 128.63 11.95 -55.09
CA ILE SC 4 128.99 13.32 -54.74
C ILE SC 4 130.14 13.26 -53.74
N VAL SC 5 131.25 13.92 -54.08
CA VAL SC 5 132.45 13.93 -53.25
C VAL SC 5 132.52 15.26 -52.51
N LEU SC 6 132.62 15.22 -51.19
CA LEU SC 6 132.72 16.39 -50.35
C LEU SC 6 134.05 16.38 -49.60
N SER SC 7 134.79 17.47 -49.68
CA SER SC 7 136.10 17.59 -49.04
C SER SC 7 135.93 18.36 -47.73
N VAL SC 8 136.25 17.71 -46.61
CA VAL SC 8 136.15 18.34 -45.30
C VAL SC 8 137.47 18.99 -44.88
N GLY SC 9 138.57 18.69 -45.55
CA GLY SC 9 139.86 19.24 -45.18
C GLY SC 9 140.96 18.21 -45.17
N GLU SC 10 140.70 17.06 -44.53
CA GLU SC 10 141.64 15.96 -44.48
C GLU SC 10 141.09 14.65 -45.04
N ALA SC 11 139.77 14.49 -45.10
CA ALA SC 11 139.15 13.29 -45.64
C ALA SC 11 138.08 13.68 -46.65
N THR SC 12 137.67 12.71 -47.46
CA THR SC 12 136.67 12.92 -48.50
C THR SC 12 135.48 12.01 -48.23
N ARG SC 13 134.29 12.59 -48.15
CA ARG SC 13 133.06 11.84 -47.94
C ARG SC 13 132.34 11.66 -49.26
N THR SC 14 131.65 10.52 -49.39
CA THR SC 14 130.97 10.14 -50.62
C THR SC 14 129.49 9.94 -50.33
N LEU SC 15 128.64 10.68 -51.05
CA LEU SC 15 127.20 10.53 -50.97
C LEU SC 15 126.70 9.86 -52.24
N THR SC 16 125.80 8.88 -52.09
CA THR SC 16 125.30 8.09 -53.20
C THR SC 16 123.80 8.32 -53.36
N GLU SC 17 123.37 8.43 -54.62
CA GLU SC 17 121.95 8.57 -54.92
C GLU SC 17 121.22 7.26 -54.60
N ILE SC 18 120.12 7.37 -53.87
CA ILE SC 18 119.35 6.23 -53.40
C ILE SC 18 117.98 6.18 -54.05
N GLN SC 19 117.23 7.27 -53.98
CA GLN SC 19 115.83 7.32 -54.38
C GLN SC 19 115.70 8.30 -55.55
N SER SC 20 116.04 7.84 -56.74
CA SER SC 20 116.04 8.69 -57.94
C SER SC 20 114.61 8.93 -58.39
N THR SC 21 114.11 10.14 -58.14
CA THR SC 21 112.78 10.55 -58.58
C THR SC 21 112.82 12.04 -58.90
N ALA SC 22 111.94 12.46 -59.81
CA ALA SC 22 111.93 13.84 -60.26
C ALA SC 22 111.53 14.80 -59.14
N ASP SC 23 110.39 14.56 -58.51
CA ASP SC 23 109.87 15.45 -57.48
C ASP SC 23 110.55 15.27 -56.13
N ARG SC 24 111.43 14.29 -55.98
CA ARG SC 24 112.11 14.06 -54.69
C ARG SC 24 113.38 13.25 -54.97
N GLN SC 25 114.53 13.90 -54.79
CA GLN SC 25 115.83 13.25 -54.92
C GLN SC 25 116.43 13.07 -53.54
N ILE SC 26 116.75 11.83 -53.17
CA ILE SC 26 117.26 11.49 -51.85
C ILE SC 26 118.67 10.96 -52.00
N PHE SC 27 119.64 11.73 -51.52
CA PHE SC 27 121.03 11.31 -51.49
C PHE SC 27 121.41 10.88 -50.08
N GLU SC 28 122.14 9.77 -49.98
CA GLU SC 28 122.54 9.22 -48.69
C GLU SC 28 124.04 8.94 -48.68
N GLU SC 29 124.68 9.33 -47.58
CA GLU SC 29 126.12 9.14 -47.43
C GLU SC 29 126.43 7.70 -47.05
N LYS SC 30 127.43 7.11 -47.71
CA LYS SC 30 127.84 5.73 -47.47
C LYS SC 30 129.21 5.75 -46.81
N VAL SC 31 129.24 5.45 -45.51
CA VAL SC 31 130.49 5.38 -44.75
C VAL SC 31 130.51 4.09 -43.95
N GLY SC 32 129.46 3.87 -43.15
CA GLY SC 32 129.35 2.68 -42.35
C GLY SC 32 127.90 2.32 -42.08
N PRO SC 33 127.39 2.69 -40.91
CA PRO SC 33 125.98 2.43 -40.60
C PRO SC 33 125.06 3.32 -41.43
N LEU SC 34 124.19 2.70 -42.21
CA LEU SC 34 123.30 3.47 -43.07
C LEU SC 34 122.23 4.21 -42.27
N VAL SC 35 121.76 3.62 -41.17
CA VAL SC 35 120.76 4.28 -40.34
C VAL SC 35 121.43 5.38 -39.53
N GLY SC 36 120.79 6.54 -39.45
CA GLY SC 36 121.33 7.66 -38.71
C GLY SC 36 122.60 8.22 -39.33
N ARG SC 37 122.52 8.59 -40.61
CA ARG SC 37 123.68 9.13 -41.32
C ARG SC 37 123.35 10.48 -41.94
N LEU SC 38 124.01 10.81 -43.04
CA LEU SC 38 123.82 12.07 -43.74
C LEU SC 38 122.86 11.86 -44.90
N ARG SC 39 121.76 12.61 -44.92
CA ARG SC 39 120.77 12.52 -45.99
C ARG SC 39 120.49 13.91 -46.54
N LEU SC 40 120.14 13.95 -47.82
CA LEU SC 40 119.87 15.20 -48.52
C LEU SC 40 118.64 15.02 -49.40
N THR SC 41 117.66 15.91 -49.24
CA THR SC 41 116.42 15.88 -50.00
C THR SC 41 116.36 17.10 -50.91
N ALA SC 42 116.18 16.86 -52.21
CA ALA SC 42 116.09 17.92 -53.20
C ALA SC 42 114.76 17.83 -53.92
N SER SC 43 114.15 18.99 -54.18
CA SER SC 43 112.87 19.06 -54.85
C SER SC 43 112.84 20.30 -55.75
N LEU SC 44 112.25 20.14 -56.93
CA LEU SC 44 112.10 21.22 -57.89
C LEU SC 44 110.67 21.20 -58.44
N ARG SC 45 110.05 22.38 -58.53
CA ARG SC 45 108.68 22.46 -59.02
C ARG SC 45 108.46 23.84 -59.64
N GLN SC 46 107.21 24.13 -59.97
CA GLN SC 46 106.78 25.40 -60.51
C GLN SC 46 105.90 26.12 -59.49
N ASN SC 47 105.14 27.12 -59.94
CA ASN SC 47 104.28 27.88 -59.05
C ASN SC 47 103.27 28.66 -59.89
N GLY SC 48 102.12 28.93 -59.29
CA GLY SC 48 101.10 29.77 -59.89
C GLY SC 48 100.71 29.38 -61.30
N ALA SC 49 100.93 30.29 -62.24
CA ALA SC 49 100.60 30.06 -63.64
C ALA SC 49 101.87 30.13 -64.49
N LYS SC 50 102.79 29.20 -64.25
CA LYS SC 50 104.04 29.07 -65.00
C LYS SC 50 104.84 30.37 -64.96
N THR SC 51 104.83 31.03 -63.81
CA THR SC 51 105.59 32.27 -63.64
C THR SC 51 107.02 31.97 -63.21
N ALA SC 52 107.20 31.64 -61.93
CA ALA SC 52 108.53 31.36 -61.39
C ALA SC 52 108.69 29.88 -61.09
N TYR SC 53 109.62 29.54 -60.21
CA TYR SC 53 109.87 28.16 -59.83
C TYR SC 53 110.08 28.09 -58.32
N ARG SC 54 110.24 26.87 -57.81
CA ARG SC 54 110.44 26.64 -56.39
C ARG SC 54 111.41 25.47 -56.21
N VAL SC 55 112.51 25.73 -55.51
CA VAL SC 55 113.52 24.72 -55.24
C VAL SC 55 113.66 24.56 -53.73
N ASN SC 56 113.65 23.32 -53.28
CA ASN SC 56 113.77 23.00 -51.86
C ASN SC 56 114.96 22.07 -51.65
N LEU SC 57 115.81 22.41 -50.68
CA LEU SC 57 117.00 21.61 -50.37
C LEU SC 57 117.09 21.46 -48.86
N LYS SC 58 116.99 20.22 -48.38
CA LYS SC 58 117.08 19.92 -46.96
C LYS SC 58 118.24 18.97 -46.71
N LEU SC 59 118.94 19.17 -45.59
CA LEU SC 59 120.08 18.33 -45.23
C LEU SC 59 119.92 17.90 -43.78
N ASP SC 60 119.84 16.59 -43.56
CA ASP SC 60 119.64 16.05 -42.22
C ASP SC 60 120.79 15.13 -41.85
N GLN SC 61 121.09 15.08 -40.56
CA GLN SC 61 122.16 14.21 -40.04
C GLN SC 61 121.89 13.95 -38.57
N ALA SC 62 121.58 12.71 -38.23
CA ALA SC 62 121.27 12.31 -36.86
C ALA SC 62 122.43 11.52 -36.29
N ASP SC 63 122.90 11.92 -35.11
CA ASP SC 63 123.99 11.22 -34.45
C ASP SC 63 123.50 9.92 -33.84
N VAL SC 64 124.41 8.94 -33.75
CA VAL SC 64 124.09 7.63 -33.21
C VAL SC 64 125.03 7.34 -32.05
N VAL SC 65 124.60 6.44 -31.17
CA VAL SC 65 125.38 6.02 -30.02
C VAL SC 65 125.27 4.51 -29.89
N ASP SC 66 126.29 3.90 -29.28
CA ASP SC 66 126.36 2.46 -29.12
C ASP SC 66 127.11 2.12 -27.85
N CYS SC 67 126.67 1.06 -27.18
CA CYS SC 67 127.29 0.61 -25.94
C CYS SC 67 127.85 -0.80 -26.02
N SER SC 68 127.96 -1.38 -27.22
CA SER SC 68 128.48 -2.75 -27.33
C SER SC 68 129.97 -2.83 -27.02
N THR SC 69 130.66 -1.69 -26.93
CA THR SC 69 132.08 -1.71 -26.61
C THR SC 69 132.32 -2.05 -25.15
N SER SC 70 131.42 -1.63 -24.26
CA SER SC 70 131.57 -1.90 -22.84
C SER SC 70 130.38 -2.68 -22.29
N VAL SC 71 129.18 -2.14 -22.49
CA VAL SC 71 127.96 -2.78 -22.01
C VAL SC 71 127.69 -4.01 -22.87
N CYS SC 72 127.21 -5.10 -22.25
CA CYS SC 72 126.97 -6.30 -23.05
C CYS SC 72 125.55 -6.36 -23.56
N GLY SC 73 125.10 -5.30 -24.21
CA GLY SC 73 123.92 -5.38 -25.06
C GLY SC 73 123.20 -4.06 -25.26
N GLU SC 74 123.43 -3.42 -26.41
CA GLU SC 74 122.74 -2.17 -26.73
C GLU SC 74 122.90 -1.93 -28.23
N LEU SC 75 121.78 -1.90 -28.94
CA LEU SC 75 121.82 -1.65 -30.37
C LEU SC 75 122.12 -0.17 -30.64
N PRO SC 76 122.69 0.14 -31.81
CA PRO SC 76 122.94 1.55 -32.17
C PRO SC 76 121.64 2.35 -32.17
N LYS SC 77 121.60 3.36 -31.31
CA LYS SC 77 120.39 4.17 -31.11
C LYS SC 77 120.67 5.61 -31.50
N VAL SC 78 119.72 6.21 -32.22
CA VAL SC 78 119.86 7.60 -32.62
C VAL SC 78 119.63 8.51 -31.42
N ARG SC 79 120.24 9.70 -31.45
CA ARG SC 79 120.13 10.65 -30.36
C ARG SC 79 119.27 11.81 -30.84
N TYR SC 80 119.86 12.90 -31.32
CA TYR SC 80 119.12 14.06 -31.78
C TYR SC 80 119.05 14.08 -33.30
N THR SC 81 118.21 14.99 -33.81
CA THR SC 81 118.02 15.15 -35.25
C THR SC 81 118.12 16.62 -35.60
N GLN SC 82 118.85 16.93 -36.67
CA GLN SC 82 119.03 18.29 -37.14
C GLN SC 82 118.42 18.45 -38.53
N VAL SC 83 117.68 19.54 -38.71
CA VAL SC 83 116.99 19.83 -39.96
C VAL SC 83 117.45 21.19 -40.46
N TRP SC 84 117.94 21.24 -41.70
CA TRP SC 84 118.40 22.47 -42.33
C TRP SC 84 117.81 22.51 -43.74
N SER SC 85 116.62 23.10 -43.87
CA SER SC 85 115.93 23.20 -45.14
C SER SC 85 116.26 24.53 -45.82
N HIS SC 86 115.88 24.61 -47.10
CA HIS SC 86 116.10 25.81 -47.90
C HIS SC 86 114.86 26.11 -48.72
N ASP SC 87 114.89 27.26 -49.40
CA ASP SC 87 113.77 27.67 -50.24
C ASP SC 87 114.30 28.65 -51.28
N VAL SC 88 114.25 28.26 -52.55
CA VAL SC 88 114.73 29.09 -53.65
C VAL SC 88 113.54 29.45 -54.52
N THR SC 89 113.26 30.76 -54.62
CA THR SC 89 112.17 31.28 -55.43
C THR SC 89 112.76 32.27 -56.43
N ILE SC 90 113.29 31.74 -57.54
CA ILE SC 90 113.91 32.54 -58.58
C ILE SC 90 113.06 32.43 -59.85
N VAL SC 91 112.68 33.56 -60.41
CA VAL SC 91 111.87 33.57 -61.62
C VAL SC 91 112.74 33.20 -62.82
N ALA SC 92 112.11 32.70 -63.87
CA ALA SC 92 112.84 32.29 -65.07
C ALA SC 92 113.42 33.50 -65.80
N ASN SC 93 112.57 34.44 -66.19
CA ASN SC 93 113.00 35.64 -66.90
C ASN SC 93 113.66 36.59 -65.89
N SER SC 94 114.92 36.32 -65.59
CA SER SC 94 115.69 37.14 -64.66
C SER SC 94 116.94 37.69 -65.33
N THR SC 95 118.08 37.61 -64.64
CA THR SC 95 119.34 38.10 -65.17
C THR SC 95 120.46 37.19 -64.71
N GLU SC 96 121.28 36.73 -65.66
CA GLU SC 96 122.38 35.83 -65.33
C GLU SC 96 123.41 36.53 -64.46
N ALA SC 97 123.73 37.79 -64.76
CA ALA SC 97 124.69 38.53 -63.96
C ALA SC 97 124.17 38.75 -62.54
N SER SC 98 122.87 39.08 -62.42
CA SER SC 98 122.29 39.26 -61.09
C SER SC 98 122.29 37.95 -60.30
N ARG SC 99 121.98 36.84 -60.96
CA ARG SC 99 121.99 35.54 -60.29
C ARG SC 99 123.41 35.19 -59.83
N LYS SC 100 124.40 35.45 -60.68
CA LYS SC 100 125.79 35.17 -60.30
C LYS SC 100 126.23 36.04 -59.14
N SER SC 101 125.84 37.32 -59.14
CA SER SC 101 126.18 38.20 -58.03
C SER SC 101 125.51 37.74 -56.73
N LEU SC 102 124.26 37.32 -56.83
CA LEU SC 102 123.55 36.83 -55.64
C LEU SC 102 124.19 35.55 -55.11
N TYR SC 103 124.60 34.64 -56.01
CA TYR SC 103 125.28 33.43 -55.58
C TYR SC 103 126.61 33.74 -54.93
N ASP SC 104 127.36 34.70 -55.48
CA ASP SC 104 128.63 35.09 -54.88
C ASP SC 104 128.43 35.72 -53.50
N LEU SC 105 127.39 36.54 -53.36
CA LEU SC 105 127.10 37.14 -52.06
C LEU SC 105 126.71 36.08 -51.05
N THR SC 106 125.91 35.10 -51.46
CA THR SC 106 125.53 34.01 -50.56
C THR SC 106 126.75 33.19 -50.16
N LYS SC 107 127.64 32.90 -51.10
CA LYS SC 107 128.85 32.15 -50.79
C LYS SC 107 129.73 32.93 -49.82
N SER SC 108 129.86 34.24 -50.01
CA SER SC 108 130.66 35.06 -49.10
C SER SC 108 130.04 35.09 -47.71
N LEU SC 109 128.72 35.23 -47.62
CA LEU SC 109 128.06 35.22 -46.32
C LEU SC 109 128.18 33.87 -45.63
N VAL SC 110 128.22 32.79 -46.40
CA VAL SC 110 128.38 31.47 -45.80
C VAL SC 110 129.82 31.28 -45.32
N ALA SC 111 130.79 31.70 -46.11
CA ALA SC 111 132.20 31.52 -45.78
C ALA SC 111 132.72 32.53 -44.76
N THR SC 112 131.95 33.57 -44.46
CA THR SC 112 132.38 34.56 -43.47
C THR SC 112 132.46 33.94 -42.08
N SER SC 113 133.16 34.63 -41.18
CA SER SC 113 133.37 34.16 -39.82
C SER SC 113 132.22 34.51 -38.89
N GLN SC 114 131.30 35.39 -39.30
CA GLN SC 114 130.18 35.78 -38.46
C GLN SC 114 129.15 34.66 -38.32
N VAL SC 115 128.80 34.01 -39.44
CA VAL SC 115 127.84 32.91 -39.37
C VAL SC 115 128.43 31.73 -38.59
N GLU SC 116 129.73 31.49 -38.71
CA GLU SC 116 130.36 30.43 -37.94
C GLU SC 116 130.26 30.69 -36.44
N ASP SC 117 130.50 31.94 -36.03
CA ASP SC 117 130.36 32.28 -34.62
C ASP SC 117 128.90 32.20 -34.17
N LEU SC 118 127.97 32.64 -35.02
CA LEU SC 118 126.55 32.52 -34.70
C LEU SC 118 126.14 31.06 -34.52
N VAL SC 119 126.73 30.16 -35.29
CA VAL SC 119 126.40 28.74 -35.18
C VAL SC 119 127.03 28.12 -33.94
N VAL SC 120 128.30 28.41 -33.70
CA VAL SC 120 129.04 27.79 -32.60
C VAL SC 120 128.64 28.41 -31.27
N ASN SC 121 129.02 29.67 -31.06
CA ASN SC 121 128.83 30.33 -29.77
C ASN SC 121 127.40 30.82 -29.56
N LEU SC 122 126.51 30.62 -30.53
CA LEU SC 122 125.10 31.04 -30.42
C LEU SC 122 124.97 32.53 -30.16
N VAL SC 123 125.93 33.32 -30.63
CA VAL SC 123 125.92 34.77 -30.47
C VAL SC 123 125.21 35.38 -31.67
N PRO SC 124 124.27 36.29 -31.46
CA PRO SC 124 123.56 36.89 -32.61
C PRO SC 124 124.51 37.58 -33.58
N LEU SC 125 124.18 37.50 -34.86
CA LEU SC 125 125.04 38.05 -35.91
C LEU SC 125 125.04 39.57 -35.81
N GLY SC 126 126.22 40.15 -35.61
CA GLY SC 126 126.35 41.59 -35.50
C GLY SC 126 127.76 42.03 -35.14
N ARG SC 127 128.67 41.94 -36.10
CA ARG SC 127 130.05 42.34 -35.88
C ARG SC 127 130.40 43.59 -36.70
N SER TC 1 122.98 45.03 -30.62
CA SER TC 1 122.54 44.54 -29.31
C SER TC 1 123.10 45.40 -28.17
N LYS TC 2 123.31 44.76 -27.03
CA LYS TC 2 123.75 45.45 -25.82
C LYS TC 2 124.68 44.52 -25.05
N THR TC 3 125.92 44.97 -24.85
CA THR TC 3 126.94 44.17 -24.18
C THR TC 3 127.26 44.77 -22.82
N ILE TC 4 127.44 43.89 -21.83
CA ILE TC 4 127.78 44.29 -20.46
C ILE TC 4 129.04 43.54 -20.06
N VAL TC 5 130.08 44.27 -19.66
CA VAL TC 5 131.35 43.69 -19.28
C VAL TC 5 131.45 43.71 -17.75
N LEU TC 6 131.70 42.54 -17.16
CA LEU TC 6 131.85 42.39 -15.72
C LEU TC 6 133.24 41.89 -15.40
N SER TC 7 133.92 42.56 -14.49
CA SER TC 7 135.28 42.22 -14.10
C SER TC 7 135.23 41.43 -12.80
N VAL TC 8 135.72 40.18 -12.84
CA VAL TC 8 135.74 39.34 -11.65
C VAL TC 8 137.06 39.43 -10.90
N GLY TC 9 138.09 40.01 -11.50
CA GLY TC 9 139.39 40.11 -10.86
C GLY TC 9 140.53 39.74 -11.79
N GLU TC 10 140.39 38.60 -12.47
CA GLU TC 10 141.38 38.15 -13.43
C GLU TC 10 140.84 37.95 -14.84
N ALA TC 11 139.53 37.76 -14.99
CA ALA TC 11 138.90 37.58 -16.30
C ALA TC 11 137.71 38.52 -16.42
N THR TC 12 137.25 38.71 -17.65
CA THR TC 12 136.13 39.59 -17.95
C THR TC 12 135.02 38.78 -18.61
N ARG TC 13 133.82 38.85 -18.04
CA ARG TC 13 132.66 38.16 -18.57
C ARG TC 13 131.79 39.13 -19.36
N THR TC 14 131.16 38.61 -20.41
CA THR TC 14 130.35 39.42 -21.32
C THR TC 14 128.93 38.90 -21.33
N LEU TC 15 127.97 39.77 -21.02
CA LEU TC 15 126.55 39.46 -21.09
C LEU TC 15 125.93 40.18 -22.28
N THR TC 16 125.11 39.47 -23.04
CA THR TC 16 124.52 40.00 -24.27
C THR TC 16 123.01 40.09 -24.13
N GLU TC 17 122.43 41.18 -24.61
CA GLU TC 17 120.99 41.33 -24.63
C GLU TC 17 120.36 40.34 -25.60
N ILE TC 18 119.33 39.62 -25.13
CA ILE TC 18 118.68 38.56 -25.90
C ILE TC 18 117.24 38.90 -26.23
N GLN TC 19 116.47 39.32 -25.24
CA GLN TC 19 115.02 39.53 -25.37
C GLN TC 19 114.72 40.99 -25.06
N SER TC 20 114.94 41.86 -26.04
CA SER TC 20 114.77 43.30 -25.87
C SER TC 20 113.29 43.63 -25.85
N THR TC 21 112.76 43.93 -24.66
CA THR TC 21 111.38 44.35 -24.49
C THR TC 21 111.32 45.34 -23.34
N ALA TC 22 110.31 46.23 -23.39
CA ALA TC 22 110.20 47.28 -22.39
C ALA TC 22 109.89 46.71 -21.02
N ASP TC 23 108.84 45.91 -20.91
CA ASP TC 23 108.41 45.38 -19.62
C ASP TC 23 109.23 44.20 -19.13
N ARG TC 24 110.17 43.70 -19.95
CA ARG TC 24 110.99 42.56 -19.54
C ARG TC 24 112.26 42.56 -20.39
N GLN TC 25 113.39 42.85 -19.77
CA GLN TC 25 114.69 42.82 -20.42
C GLN TC 25 115.47 41.60 -19.92
N ILE TC 26 115.87 40.74 -20.84
CA ILE TC 26 116.54 39.48 -20.51
C ILE TC 26 117.96 39.53 -21.07
N PHE TC 27 118.94 39.60 -20.18
CA PHE TC 27 120.34 39.54 -20.56
C PHE TC 27 120.89 38.15 -20.27
N GLU TC 28 121.68 37.62 -21.20
CA GLU TC 28 122.24 36.29 -21.08
C GLU TC 28 123.75 36.32 -21.33
N GLU TC 29 124.50 35.62 -20.48
CA GLU TC 29 125.95 35.58 -20.60
C GLU TC 29 126.37 34.60 -21.68
N LYS TC 30 127.30 35.02 -22.53
CA LYS TC 30 127.80 34.20 -23.63
C LYS TC 30 129.24 33.80 -23.32
N VAL TC 31 129.43 32.53 -22.97
CA VAL TC 31 130.76 32.00 -22.69
C VAL TC 31 130.93 30.68 -23.43
N GLY TC 32 129.99 29.76 -23.22
CA GLY TC 32 130.01 28.47 -23.88
C GLY TC 32 128.63 27.89 -24.05
N PRO TC 33 128.23 26.99 -23.15
CA PRO TC 33 126.89 26.42 -23.21
C PRO TC 33 125.85 27.46 -22.81
N LEU TC 34 124.91 27.73 -23.72
CA LEU TC 34 123.89 28.74 -23.45
C LEU TC 34 122.90 28.28 -22.40
N VAL TC 35 122.58 26.98 -22.38
CA VAL TC 35 121.65 26.45 -21.39
C VAL TC 35 122.37 26.34 -20.04
N GLY TC 36 121.67 26.75 -18.98
CA GLY TC 36 122.25 26.71 -17.65
C GLY TC 36 123.41 27.67 -17.48
N ARG TC 37 123.17 28.95 -17.76
CA ARG TC 37 124.21 29.96 -17.64
C ARG TC 37 123.76 31.11 -16.75
N LEU TC 38 124.28 32.31 -17.00
CA LEU TC 38 123.95 33.49 -16.21
C LEU TC 38 122.88 34.29 -16.95
N ARG TC 39 121.76 34.53 -16.27
CA ARG TC 39 120.65 35.30 -16.85
C ARG TC 39 120.24 36.40 -15.89
N LEU TC 40 119.75 37.50 -16.46
CA LEU TC 40 119.34 38.67 -15.70
C LEU TC 40 118.04 39.20 -16.26
N THR TC 41 117.05 39.37 -15.39
CA THR TC 41 115.73 39.86 -15.76
C THR TC 41 115.51 41.23 -15.13
N ALA TC 42 115.20 42.22 -15.96
CA ALA TC 42 114.95 43.58 -15.50
C ALA TC 42 113.55 44.01 -15.89
N SER TC 43 112.87 44.70 -14.99
CA SER TC 43 111.52 45.18 -15.24
C SER TC 43 111.33 46.54 -14.59
N LEU TC 44 110.61 47.43 -15.28
CA LEU TC 44 110.30 48.76 -14.78
C LEU TC 44 108.83 49.05 -15.04
N ARG TC 45 108.16 49.62 -14.04
CA ARG TC 45 106.73 49.92 -14.18
C ARG TC 45 106.38 51.09 -13.27
N GLN TC 46 105.08 51.37 -13.16
CA GLN TC 46 104.53 52.39 -12.28
C GLN TC 46 103.76 51.72 -11.15
N ASN TC 47 102.91 52.51 -10.48
CA ASN TC 47 102.12 52.00 -9.37
C ASN TC 47 100.98 52.97 -9.08
N GLY TC 48 99.90 52.44 -8.54
CA GLY TC 48 98.78 53.23 -8.07
C GLY TC 48 98.25 54.23 -9.08
N ALA TC 49 98.32 55.52 -8.73
CA ALA TC 49 97.85 56.59 -9.60
C ALA TC 49 99.00 57.52 -9.96
N LYS TC 50 99.98 56.97 -10.68
CA LYS TC 50 101.14 57.71 -11.17
C LYS TC 50 101.88 58.40 -10.03
N THR TC 51 101.98 57.71 -8.89
CA THR TC 51 102.70 58.24 -7.73
C THR TC 51 104.18 57.90 -7.81
N ALA TC 52 104.52 56.65 -7.49
CA ALA TC 52 105.91 56.21 -7.51
C ALA TC 52 106.17 55.26 -8.67
N TYR TC 53 107.21 54.44 -8.55
CA TYR TC 53 107.57 53.48 -9.59
C TYR TC 53 107.95 52.16 -8.93
N ARG TC 54 108.21 51.15 -9.76
CA ARG TC 54 108.59 49.83 -9.29
C ARG TC 54 109.61 49.24 -10.23
N VAL TC 55 110.78 48.88 -9.70
CA VAL TC 55 111.87 48.29 -10.46
C VAL TC 55 112.18 46.91 -9.88
N ASN TC 56 112.28 45.92 -10.76
CA ASN TC 56 112.58 44.55 -10.36
C ASN TC 56 113.81 44.07 -11.09
N LEU TC 57 114.75 43.49 -10.35
CA LEU TC 57 116.00 42.98 -10.91
C LEU TC 57 116.27 41.61 -10.33
N LYS TC 58 116.29 40.59 -11.18
CA LYS TC 58 116.55 39.22 -10.76
C LYS TC 58 117.76 38.69 -11.50
N LEU TC 59 118.59 37.90 -10.81
CA LEU TC 59 119.79 37.32 -11.38
C LEU TC 59 119.81 35.83 -11.06
N ASP TC 60 119.83 35.00 -12.10
CA ASP TC 60 119.80 33.56 -11.94
C ASP TC 60 121.03 32.93 -12.59
N GLN TC 61 121.48 31.82 -12.01
CA GLN TC 61 122.64 31.09 -12.54
C GLN TC 61 122.54 29.65 -12.06
N ALA TC 62 122.33 28.73 -12.98
CA ALA TC 62 122.19 27.31 -12.68
C ALA TC 62 123.45 26.57 -13.11
N ASP TC 63 124.03 25.80 -12.21
CA ASP TC 63 125.22 25.02 -12.52
C ASP TC 63 124.85 23.81 -13.36
N VAL TC 64 125.82 23.38 -14.19
CA VAL TC 64 125.63 22.25 -15.08
C VAL TC 64 126.70 21.20 -14.80
N VAL TC 65 126.40 19.96 -15.16
CA VAL TC 65 127.33 18.85 -14.99
C VAL TC 65 127.30 18.00 -16.26
N ASP TC 66 128.41 17.32 -16.51
CA ASP TC 66 128.56 16.49 -17.71
C ASP TC 66 129.47 15.32 -17.40
N CYS TC 67 129.16 14.17 -18.01
CA CYS TC 67 129.93 12.95 -17.82
C CYS TC 67 130.55 12.42 -19.10
N SER TC 68 130.54 13.19 -20.18
CA SER TC 68 131.10 12.71 -21.44
C SER TC 68 132.62 12.57 -21.39
N THR TC 69 133.26 13.12 -20.36
CA THR TC 69 134.71 13.00 -20.26
C THR TC 69 135.14 11.60 -19.85
N SER TC 70 134.32 10.92 -19.04
CA SER TC 70 134.64 9.56 -18.59
C SER TC 70 133.56 8.58 -19.00
N VAL TC 71 132.32 8.86 -18.61
CA VAL TC 71 131.19 7.99 -18.92
C VAL TC 71 130.88 8.12 -20.41
N CYS TC 72 130.50 7.01 -21.05
CA CYS TC 72 130.24 7.04 -22.48
C CYS TC 72 128.76 7.32 -22.76
N GLY TC 73 128.21 8.37 -22.14
CA GLY TC 73 126.96 8.92 -22.60
C GLY TC 73 126.15 9.64 -21.53
N GLU TC 74 126.22 10.97 -21.52
CA GLU TC 74 125.46 11.76 -20.56
C GLU TC 74 125.42 13.20 -21.07
N LEU TC 75 124.23 13.70 -21.37
CA LEU TC 75 124.10 15.07 -21.84
C LEU TC 75 124.31 16.05 -20.68
N PRO TC 76 124.72 17.28 -20.97
CA PRO TC 76 124.86 18.28 -19.91
C PRO TC 76 123.54 18.51 -19.19
N LYS TC 77 123.54 18.24 -17.88
CA LYS TC 77 122.34 18.30 -17.07
C LYS TC 77 122.51 19.37 -15.98
N VAL TC 78 121.45 20.16 -15.79
CA VAL TC 78 121.48 21.20 -14.76
C VAL TC 78 121.35 20.55 -13.39
N ARG TC 79 121.90 21.23 -12.37
CA ARG TC 79 121.87 20.71 -11.02
C ARG TC 79 120.92 21.58 -10.21
N TYR TC 80 121.40 22.59 -9.50
CA TYR TC 80 120.56 23.45 -8.67
C TYR TC 80 120.31 24.78 -9.39
N THR TC 81 119.39 25.56 -8.83
CA THR TC 81 119.02 26.86 -9.36
C THR TC 81 119.02 27.88 -8.24
N GLN TC 82 119.61 29.05 -8.50
CA GLN TC 82 119.68 30.13 -7.53
C GLN TC 82 118.90 31.33 -8.04
N VAL TC 83 118.09 31.93 -7.16
CA VAL TC 83 117.25 33.07 -7.50
C VAL TC 83 117.59 34.21 -6.54
N TRP TC 84 117.94 35.36 -7.11
CA TRP TC 84 118.27 36.56 -6.34
C TRP TC 84 117.52 37.74 -6.97
N SER TC 85 116.30 37.98 -6.49
CA SER TC 85 115.46 39.06 -7.00
C SER TC 85 115.65 40.33 -6.16
N HIS TC 86 115.12 41.44 -6.69
CA HIS TC 86 115.21 42.72 -6.03
C HIS TC 86 113.87 43.43 -6.14
N ASP TC 87 113.77 44.58 -5.47
CA ASP TC 87 112.55 45.37 -5.48
C ASP TC 87 112.91 46.81 -5.12
N VAL TC 88 112.73 47.72 -6.07
CA VAL TC 88 113.05 49.13 -5.89
C VAL TC 88 111.75 49.92 -5.96
N THR TC 89 111.41 50.59 -4.87
CA THR TC 89 110.21 51.42 -4.78
C THR TC 89 110.64 52.83 -4.40
N ILE TC 90 111.06 53.61 -5.40
CA ILE TC 90 111.52 54.97 -5.20
C ILE TC 90 110.54 55.91 -5.90
N VAL TC 91 110.04 56.90 -5.16
CA VAL TC 91 109.10 57.87 -5.72
C VAL TC 91 109.86 58.83 -6.63
N ALA TC 92 109.12 59.44 -7.57
CA ALA TC 92 109.73 60.37 -8.51
C ALA TC 92 110.18 61.65 -7.81
N ASN TC 93 109.24 62.33 -7.15
CA ASN TC 93 109.54 63.58 -6.44
C ASN TC 93 110.26 63.24 -5.14
N SER TC 94 111.57 63.00 -5.26
CA SER TC 94 112.39 62.67 -4.10
C SER TC 94 113.53 63.67 -3.96
N THR TC 95 114.74 63.17 -3.71
CA THR TC 95 115.91 64.01 -3.55
C THR TC 95 117.11 63.32 -4.16
N GLU TC 96 117.84 64.03 -5.03
CA GLU TC 96 119.01 63.44 -5.67
C GLU TC 96 120.11 63.14 -4.65
N ALA TC 97 120.33 64.05 -3.70
CA ALA TC 97 121.34 63.81 -2.68
C ALA TC 97 120.97 62.62 -1.81
N SER TC 98 119.69 62.51 -1.44
CA SER TC 98 119.25 61.37 -0.63
C SER TC 98 119.40 60.06 -1.40
N ARG TC 99 119.06 60.07 -2.69
CA ARG TC 99 119.21 58.87 -3.51
C ARG TC 99 120.68 58.48 -3.63
N LYS TC 100 121.57 59.46 -3.80
CA LYS TC 100 122.99 59.17 -3.90
C LYS TC 100 123.52 58.61 -2.57
N SER TC 101 123.09 59.18 -1.45
CA SER TC 101 123.52 58.67 -0.15
C SER TC 101 123.00 57.25 0.07
N LEU TC 102 121.77 56.97 -0.33
CA LEU TC 102 121.23 55.62 -0.18
C LEU TC 102 121.99 54.63 -1.06
N TYR TC 103 122.33 55.03 -2.29
CA TYR TC 103 123.10 54.15 -3.16
C TYR TC 103 124.49 53.90 -2.59
N ASP TC 104 125.13 54.93 -2.03
CA ASP TC 104 126.44 54.75 -1.42
C ASP TC 104 126.36 53.82 -0.20
N LEU TC 105 125.31 53.97 0.61
CA LEU TC 105 125.15 53.08 1.76
C LEU TC 105 124.92 51.64 1.32
N THR TC 106 124.12 51.44 0.27
CA THR TC 106 123.90 50.10 -0.25
C THR TC 106 125.19 49.49 -0.80
N LYS TC 107 125.98 50.30 -1.51
CA LYS TC 107 127.25 49.82 -2.04
C LYS TC 107 128.20 49.45 -0.91
N SER TC 108 128.25 50.25 0.15
CA SER TC 108 129.10 49.95 1.29
C SER TC 108 128.65 48.67 1.99
N LEU TC 109 127.34 48.50 2.18
CA LEU TC 109 126.83 47.29 2.81
C LEU TC 109 127.09 46.06 1.95
N VAL TC 110 127.10 46.21 0.63
CA VAL TC 110 127.38 45.08 -0.25
C VAL TC 110 128.87 44.74 -0.21
N ALA TC 111 129.73 45.76 -0.24
CA ALA TC 111 131.17 45.54 -0.25
C ALA TC 111 131.75 45.21 1.12
N THR TC 112 130.98 45.35 2.20
CA THR TC 112 131.49 45.02 3.52
C THR TC 112 131.74 43.52 3.63
N SER TC 113 132.51 43.15 4.66
CA SER TC 113 132.89 41.76 4.89
C SER TC 113 131.84 40.98 5.68
N GLN TC 114 130.85 41.65 6.25
CA GLN TC 114 129.81 40.97 7.02
C GLN TC 114 128.85 40.19 6.12
N VAL TC 115 128.41 40.80 5.02
CA VAL TC 115 127.51 40.09 4.11
C VAL TC 115 128.23 38.93 3.43
N GLU TC 116 129.52 39.08 3.15
CA GLU TC 116 130.29 37.98 2.57
C GLU TC 116 130.34 36.79 3.52
N ASP TC 117 130.57 37.05 4.81
CA ASP TC 117 130.57 35.97 5.80
C ASP TC 117 129.19 35.36 5.95
N LEU TC 118 128.14 36.21 5.95
CA LEU TC 118 126.77 35.70 6.02
C LEU TC 118 126.45 34.80 4.83
N VAL TC 119 127.00 35.11 3.66
CA VAL TC 119 126.74 34.30 2.47
C VAL TC 119 127.53 33.00 2.51
N VAL TC 120 128.82 33.08 2.86
CA VAL TC 120 129.69 31.92 2.83
C VAL TC 120 129.43 31.01 4.02
N ASN TC 121 129.77 31.48 5.22
CA ASN TC 121 129.69 30.64 6.42
C ASN TC 121 128.28 30.51 6.97
N LEU TC 122 127.29 31.16 6.34
CA LEU TC 122 125.90 31.09 6.78
C LEU TC 122 125.72 31.56 8.22
N VAL TC 123 126.59 32.46 8.67
CA VAL TC 123 126.53 33.01 10.02
C VAL TC 123 125.66 34.26 10.00
N PRO TC 124 124.71 34.41 10.92
CA PRO TC 124 123.84 35.60 10.89
C PRO TC 124 124.65 36.89 11.03
N LEU TC 125 124.19 37.92 10.34
CA LEU TC 125 124.88 39.21 10.32
C LEU TC 125 124.83 39.84 11.70
N GLY TC 126 126.00 40.09 12.29
CA GLY TC 126 126.07 40.69 13.60
C GLY TC 126 127.49 40.77 14.14
N ARG TC 127 128.30 41.66 13.58
CA ARG TC 127 129.67 41.83 14.02
C ARG TC 127 129.87 43.18 14.72
N SER UC 1 133.87 37.33 16.33
CA SER UC 1 133.24 36.08 16.72
C SER UC 1 133.98 35.42 17.88
N LYS UC 2 133.94 34.09 17.92
CA LYS UC 2 134.52 33.32 19.01
C LYS UC 2 135.09 32.02 18.44
N THR UC 3 136.39 31.83 18.60
CA THR UC 3 137.08 30.66 18.06
C THR UC 3 137.52 29.73 19.19
N ILE UC 4 137.38 28.44 18.95
CA ILE UC 4 137.77 27.41 19.92
C ILE UC 4 138.71 26.44 19.21
N VAL UC 5 139.90 26.26 19.77
CA VAL UC 5 140.92 25.39 19.19
C VAL UC 5 140.95 24.09 19.99
N LEU UC 6 140.80 22.97 19.28
CA LEU UC 6 140.83 21.64 19.89
C LEU UC 6 141.99 20.85 19.31
N SER UC 7 142.81 20.28 20.18
CA SER UC 7 143.98 19.50 19.77
C SER UC 7 143.64 18.02 19.83
N VAL UC 8 143.70 17.36 18.67
CA VAL UC 8 143.41 15.92 18.61
C VAL UC 8 144.66 15.06 18.75
N GLY UC 9 145.85 15.65 18.66
CA GLY UC 9 147.08 14.90 18.76
C GLY UC 9 148.08 15.29 17.69
N GLU UC 10 147.63 15.34 16.44
CA GLU UC 10 148.47 15.73 15.32
C GLU UC 10 147.95 16.93 14.55
N ALA UC 11 146.66 17.23 14.63
CA ALA UC 11 146.06 18.37 13.95
C ALA UC 11 145.23 19.17 14.95
N THR UC 12 144.90 20.40 14.56
CA THR UC 12 144.12 21.32 15.39
C THR UC 12 142.85 21.68 14.66
N ARG UC 13 141.71 21.47 15.30
CA ARG UC 13 140.41 21.82 14.74
C ARG UC 13 139.93 23.14 15.33
N THR UC 14 139.20 23.90 14.51
CA THR UC 14 138.73 25.23 14.88
C THR UC 14 137.21 25.26 14.80
N LEU UC 15 136.56 25.62 15.90
CA LEU UC 15 135.12 25.81 15.96
C LEU UC 15 134.81 27.29 16.07
N THR UC 16 133.84 27.75 15.29
CA THR UC 16 133.49 29.17 15.21
C THR UC 16 132.07 29.39 15.73
N GLU UC 17 131.89 30.46 16.49
CA GLU UC 17 130.56 30.83 16.97
C GLU UC 17 129.70 31.29 15.80
N ILE UC 18 128.50 30.75 15.71
CA ILE UC 18 127.58 31.01 14.61
C ILE UC 18 126.34 31.78 15.09
N GLN UC 19 125.67 31.26 16.11
CA GLN UC 19 124.38 31.76 16.56
C GLN UC 19 124.53 32.27 17.99
N SER UC 20 125.06 33.49 18.12
CA SER UC 20 125.33 34.08 19.42
C SER UC 20 124.02 34.53 20.07
N THR UC 21 123.58 33.77 21.07
CA THR UC 21 122.39 34.11 21.83
C THR UC 21 122.58 33.63 23.27
N ALA UC 22 121.91 34.30 24.20
CA ALA UC 22 122.08 33.99 25.62
C ALA UC 22 121.56 32.61 25.96
N ASP UC 23 120.30 32.33 25.61
CA ASP UC 23 119.67 31.07 25.98
C ASP UC 23 120.07 29.92 25.06
N ARG UC 24 120.84 30.17 24.00
CA ARG UC 24 121.25 29.10 23.09
C ARG UC 24 122.50 29.58 22.33
N GLN UC 25 123.63 28.96 22.62
CA GLN UC 25 124.89 29.24 21.92
C GLN UC 25 125.20 28.07 21.02
N ILE UC 26 125.38 28.34 19.72
CA ILE UC 26 125.59 27.31 18.71
C ILE UC 26 126.98 27.53 18.12
N PHE UC 27 127.90 26.61 18.40
CA PHE UC 27 129.24 26.63 17.82
C PHE UC 27 129.31 25.59 16.70
N GLU UC 28 129.93 25.97 15.59
CA GLU UC 28 130.05 25.09 14.43
C GLU UC 28 131.49 25.03 13.96
N GLU UC 29 131.95 23.82 13.66
CA GLU UC 29 133.32 23.61 13.21
C GLU UC 29 133.45 23.95 11.73
N LYS UC 30 134.51 24.70 11.40
CA LYS UC 30 134.78 25.14 10.04
C LYS UC 30 136.00 24.38 9.52
N VAL UC 31 135.78 23.42 8.63
CA VAL UC 31 136.86 22.66 8.02
C VAL UC 31 136.63 22.62 6.51
N GLY UC 32 135.45 22.17 6.11
CA GLY UC 32 135.11 22.08 4.71
C GLY UC 32 133.62 22.22 4.48
N PRO UC 33 132.92 21.09 4.31
CA PRO UC 33 131.47 21.13 4.15
C PRO UC 33 130.79 21.51 5.45
N LEU UC 34 130.01 22.60 5.43
CA LEU UC 34 129.36 23.07 6.65
C LEU UC 34 128.22 22.14 7.06
N VAL UC 35 127.51 21.56 6.10
CA VAL UC 35 126.43 20.64 6.41
C VAL UC 35 127.01 19.30 6.85
N GLY UC 36 126.45 18.74 7.92
CA GLY UC 36 126.92 17.48 8.45
C GLY UC 36 128.32 17.57 9.05
N ARG UC 37 128.50 18.49 9.99
CA ARG UC 37 129.80 18.68 10.62
C ARG UC 37 129.69 18.58 12.14
N LEU UC 38 130.57 19.27 12.85
CA LEU UC 38 130.58 19.25 14.31
C LEU UC 38 129.85 20.48 14.82
N ARG UC 39 128.83 20.26 15.66
CA ARG UC 39 128.06 21.34 16.25
C ARG UC 39 127.96 21.14 17.75
N LEU UC 40 127.86 22.26 18.45
CA LEU UC 40 127.81 22.27 19.92
C LEU UC 40 126.75 23.27 20.37
N THR UC 41 125.83 22.81 21.20
CA THR UC 41 124.75 23.63 21.74
C THR UC 41 124.95 23.81 23.24
N ALA UC 42 124.99 25.06 23.68
CA ALA UC 42 125.16 25.39 25.08
C ALA UC 42 123.98 26.22 25.57
N SER UC 43 123.51 25.92 26.78
CA SER UC 43 122.38 26.64 27.36
C SER UC 43 122.60 26.80 28.86
N LEU UC 44 122.22 27.95 29.39
CA LEU UC 44 122.32 28.24 30.81
C LEU UC 44 121.03 28.90 31.27
N ARG UC 45 120.52 28.47 32.42
CA ARG UC 45 119.27 29.02 32.94
C ARG UC 45 119.26 28.89 34.46
N GLN UC 46 118.11 29.18 35.06
CA GLN UC 46 117.88 29.06 36.49
C GLN UC 46 116.88 27.93 36.74
N ASN UC 47 116.30 27.91 37.93
CA ASN UC 47 115.34 26.88 38.29
C ASN UC 47 114.55 27.34 39.52
N GLY UC 48 113.33 26.82 39.64
CA GLY UC 48 112.50 27.05 40.80
C GLY UC 48 112.34 28.50 41.22
N ALA UC 49 112.80 28.82 42.42
CA ALA UC 49 112.72 30.17 42.95
C ALA UC 49 114.12 30.70 43.23
N LYS UC 50 114.91 30.85 42.16
CA LYS UC 50 116.27 31.41 42.24
C LYS UC 50 117.14 30.63 43.21
N THR UC 51 116.96 29.30 43.23
CA THR UC 51 117.77 28.44 44.10
C THR UC 51 119.07 28.04 43.42
N ALA UC 52 118.99 27.09 42.48
CA ALA UC 52 120.17 26.61 41.78
C ALA UC 52 120.17 27.08 40.33
N TYR UC 53 120.90 26.37 39.47
CA TYR UC 53 120.98 26.70 38.06
C TYR UC 53 120.91 25.42 37.24
N ARG UC 54 120.89 25.58 35.92
CA ARG UC 54 120.81 24.45 35.01
C ARG UC 54 121.64 24.77 33.77
N VAL UC 55 122.61 23.90 33.48
CA VAL UC 55 123.48 24.04 32.33
C VAL UC 55 123.32 22.81 31.45
N ASN UC 56 123.15 23.06 30.15
CA ASN UC 56 122.99 21.98 29.17
C ASN UC 56 124.04 22.13 28.09
N LEU UC 57 124.73 21.03 27.78
CA LEU UC 57 125.78 21.00 26.77
C LEU UC 57 125.58 19.77 25.89
N LYS UC 58 125.32 19.99 24.60
CA LYS UC 58 125.12 18.92 23.65
C LYS UC 58 126.14 19.04 22.52
N LEU UC 59 126.64 17.90 22.06
CA LEU UC 59 127.63 17.86 20.99
C LEU UC 59 127.17 16.86 19.94
N ASP UC 60 126.97 17.33 18.72
CA ASP UC 60 126.49 16.49 17.63
C ASP UC 60 127.50 16.49 16.49
N GLN UC 61 127.55 15.36 15.77
CA GLN UC 61 128.44 15.22 14.62
C GLN UC 61 127.88 14.13 13.73
N ALA UC 62 127.43 14.50 12.54
CA ALA UC 62 126.85 13.57 11.58
C ALA UC 62 127.83 13.33 10.45
N ASP UC 63 128.10 12.07 10.15
CA ASP UC 63 129.00 11.71 9.06
C ASP UC 63 128.32 11.90 7.71
N VAL UC 64 129.13 12.20 6.70
CA VAL UC 64 128.63 12.44 5.35
C VAL UC 64 129.32 11.47 4.40
N VAL UC 65 128.66 11.23 3.26
CA VAL UC 65 129.19 10.35 2.23
C VAL UC 65 128.95 11.01 0.87
N ASP UC 66 129.81 10.67 -0.09
CA ASP UC 66 129.74 11.26 -1.43
C ASP UC 66 130.22 10.24 -2.44
N CYS UC 67 129.59 10.25 -3.62
CA CYS UC 67 129.93 9.34 -4.70
C CYS UC 67 130.41 10.04 -5.97
N SER UC 68 130.69 11.34 -5.91
CA SER UC 68 131.13 12.06 -7.09
C SER UC 68 132.52 11.65 -7.54
N THR UC 69 133.26 10.92 -6.71
CA THR UC 69 134.60 10.48 -7.11
C THR UC 69 134.54 9.36 -8.14
N SER UC 70 133.52 8.50 -8.08
CA SER UC 70 133.40 7.40 -9.01
C SER UC 70 132.08 7.48 -9.76
N VAL UC 71 130.97 7.52 -9.03
CA VAL UC 71 129.64 7.59 -9.63
C VAL UC 71 129.45 8.98 -10.22
N CYS UC 72 128.79 9.05 -11.39
CA CYS UC 72 128.63 10.37 -12.00
C CYS UC 72 127.31 11.01 -11.60
N GLY UC 73 127.06 11.09 -10.30
CA GLY UC 73 126.06 12.00 -9.78
C GLY UC 73 125.47 11.60 -8.44
N GLU UC 74 125.96 12.23 -7.37
CA GLU UC 74 125.43 11.97 -6.03
C GLU UC 74 125.88 13.11 -5.11
N LEU UC 75 124.92 13.84 -4.58
CA LEU UC 75 125.23 14.94 -3.68
C LEU UC 75 125.69 14.40 -2.33
N PRO UC 76 126.47 15.17 -1.57
CA PRO UC 76 126.88 14.74 -0.23
C PRO UC 76 125.67 14.50 0.65
N LYS UC 77 125.53 13.26 1.13
CA LYS UC 77 124.37 12.83 1.91
C LYS UC 77 124.81 12.41 3.30
N VAL UC 78 124.05 12.85 4.31
CA VAL UC 78 124.36 12.47 5.67
C VAL UC 78 123.98 11.02 5.92
N ARG UC 79 124.67 10.38 6.87
CA ARG UC 79 124.42 8.98 7.18
C ARG UC 79 123.75 8.91 8.53
N TYR UC 80 124.49 8.71 9.62
CA TYR UC 80 123.93 8.60 10.96
C TYR UC 80 124.13 9.91 11.72
N THR UC 81 123.49 10.00 12.87
CA THR UC 81 123.56 11.17 13.74
C THR UC 81 123.83 10.71 15.17
N GLN UC 82 124.76 11.39 15.84
CA GLN UC 82 125.13 11.09 17.21
C GLN UC 82 124.78 12.27 18.11
N VAL UC 83 124.17 11.98 19.25
CA VAL UC 83 123.74 12.98 20.21
C VAL UC 83 124.37 12.67 21.55
N TRP UC 84 125.08 13.65 22.12
CA TRP UC 84 125.75 13.52 23.42
C TRP UC 84 125.42 14.78 24.22
N SER UC 85 124.32 14.74 24.96
CA SER UC 85 123.89 15.86 25.78
C SER UC 85 124.42 15.74 27.20
N HIS UC 86 124.29 16.83 27.95
CA HIS UC 86 124.75 16.89 29.33
C HIS UC 86 123.69 17.59 30.17
N ASP UC 87 123.93 17.61 31.49
CA ASP UC 87 123.01 18.26 32.43
C ASP UC 87 123.79 18.59 33.69
N VAL UC 88 123.94 19.88 33.98
CA VAL UC 88 124.68 20.35 35.14
C VAL UC 88 123.70 21.06 36.07
N THR UC 89 123.53 20.53 37.27
CA THR UC 89 122.64 21.09 38.29
C THR UC 89 123.48 21.39 39.53
N ILE UC 90 124.16 22.53 39.53
CA ILE UC 90 125.02 22.95 40.63
C ILE UC 90 124.41 24.19 41.27
N VAL UC 91 124.21 24.14 42.58
CA VAL UC 91 123.64 25.28 43.29
C VAL UC 91 124.69 26.38 43.42
N ALA UC 92 124.23 27.62 43.60
CA ALA UC 92 125.14 28.75 43.71
C ALA UC 92 125.93 28.70 45.01
N ASN UC 93 125.23 28.67 46.15
CA ASN UC 93 125.86 28.62 47.46
C ASN UC 93 126.40 27.20 47.69
N SER UC 94 127.56 26.93 47.12
CA SER UC 94 128.19 25.61 47.26
C SER UC 94 129.58 25.76 47.87
N THR UC 95 130.56 25.06 47.30
CA THR UC 95 131.93 25.11 47.78
C THR UC 95 132.88 25.04 46.60
N GLU UC 96 133.83 25.99 46.54
CA GLU UC 96 134.79 26.01 45.44
C GLU UC 96 135.69 24.79 45.46
N ALA UC 97 136.14 24.38 46.66
CA ALA UC 97 136.99 23.19 46.76
C ALA UC 97 136.23 21.94 46.35
N SER UC 98 134.96 21.83 46.76
CA SER UC 98 134.16 20.67 46.36
C SER UC 98 133.92 20.65 44.86
N ARG UC 99 133.66 21.82 44.27
CA ARG UC 99 133.47 21.88 42.83
C ARG UC 99 134.73 21.51 42.08
N LYS UC 100 135.89 21.97 42.57
CA LYS UC 100 137.16 21.61 41.93
C LYS UC 100 137.44 20.12 42.06
N SER UC 101 137.15 19.53 43.22
CA SER UC 101 137.34 18.09 43.39
C SER UC 101 136.42 17.31 42.47
N LEU UC 102 135.16 17.75 42.33
CA LEU UC 102 134.22 17.08 41.44
C LEU UC 102 134.68 17.18 39.99
N TYR UC 103 135.18 18.35 39.58
CA TYR UC 103 135.67 18.51 38.22
C TYR UC 103 136.88 17.62 37.98
N ASP UC 104 137.78 17.52 38.96
CA ASP UC 104 138.95 16.66 38.82
C ASP UC 104 138.54 15.20 38.72
N LEU UC 105 137.56 14.78 39.52
CA LEU UC 105 137.08 13.40 39.45
C LEU UC 105 136.43 13.12 38.10
N THR UC 106 135.66 14.07 37.58
CA THR UC 106 135.05 13.89 36.27
C THR UC 106 136.11 13.81 35.17
N LYS UC 107 137.14 14.65 35.26
CA LYS UC 107 138.21 14.61 34.27
C LYS UC 107 138.95 13.27 34.34
N SER UC 108 139.19 12.76 35.55
CA SER UC 108 139.87 11.48 35.69
C SER UC 108 139.02 10.35 35.13
N LEU UC 109 137.72 10.37 35.41
CA LEU UC 109 136.83 9.34 34.88
C LEU UC 109 136.73 9.40 33.37
N VAL UC 110 136.83 10.60 32.79
CA VAL UC 110 136.79 10.73 31.33
C VAL UC 110 138.10 10.24 30.72
N ALA UC 111 139.24 10.59 31.33
CA ALA UC 111 140.53 10.21 30.79
C ALA UC 111 140.92 8.77 31.10
N THR UC 112 140.19 8.08 31.96
CA THR UC 112 140.51 6.70 32.27
C THR UC 112 140.27 5.80 31.05
N SER UC 113 140.85 4.60 31.11
CA SER UC 113 140.77 3.64 30.01
C SER UC 113 139.51 2.80 30.04
N GLN UC 114 138.74 2.84 31.14
CA GLN UC 114 137.51 2.06 31.23
C GLN UC 114 136.40 2.63 30.37
N VAL UC 115 136.21 3.95 30.39
CA VAL UC 115 135.18 4.56 29.56
C VAL UC 115 135.53 4.42 28.08
N GLU UC 116 136.82 4.48 27.73
CA GLU UC 116 137.22 4.28 26.34
C GLU UC 116 136.86 2.87 25.87
N ASP UC 117 137.10 1.86 26.71
CA ASP UC 117 136.73 0.50 26.34
C ASP UC 117 135.22 0.35 26.27
N LEU UC 118 134.49 0.96 27.21
CA LEU UC 118 133.03 0.93 27.16
C LEU UC 118 132.50 1.56 25.89
N VAL UC 119 133.16 2.60 25.38
CA VAL UC 119 132.70 3.26 24.16
C VAL UC 119 133.06 2.42 22.93
N VAL UC 120 134.29 1.91 22.87
CA VAL UC 120 134.76 1.19 21.69
C VAL UC 120 134.18 -0.21 21.65
N ASN UC 121 134.60 -1.07 22.57
CA ASN UC 121 134.22 -2.48 22.55
C ASN UC 121 132.81 -2.73 23.09
N LEU UC 122 132.09 -1.69 23.52
CA LEU UC 122 130.73 -1.81 24.04
C LEU UC 122 130.65 -2.77 25.22
N VAL UC 123 131.74 -2.88 25.97
CA VAL UC 123 131.80 -3.75 27.16
C VAL UC 123 131.36 -2.93 28.37
N PRO UC 124 130.47 -3.45 29.20
CA PRO UC 124 130.02 -2.68 30.38
C PRO UC 124 131.18 -2.32 31.29
N LEU UC 125 131.09 -1.13 31.89
CA LEU UC 125 132.15 -0.62 32.74
C LEU UC 125 132.24 -1.47 34.01
N GLY UC 126 133.41 -2.08 34.23
CA GLY UC 126 133.61 -2.91 35.40
C GLY UC 126 134.95 -3.61 35.40
N ARG UC 127 136.02 -2.86 35.65
CA ARG UC 127 137.37 -3.42 35.68
C ARG UC 127 137.94 -3.39 37.09
N SER VC 1 113.96 6.21 -68.85
CA SER VC 1 113.40 5.06 -68.16
C SER VC 1 114.49 4.25 -67.45
N LYS VC 2 114.26 2.94 -67.35
CA LYS VC 2 115.17 2.05 -66.63
C LYS VC 2 115.20 0.72 -67.35
N THR VC 3 116.38 0.31 -67.82
CA THR VC 3 116.56 -0.92 -68.56
C THR VC 3 117.32 -1.95 -67.73
N ILE VC 4 116.90 -3.20 -67.82
CA ILE VC 4 117.53 -4.31 -67.12
C ILE VC 4 117.87 -5.38 -68.15
N VAL VC 5 119.14 -5.77 -68.21
CA VAL VC 5 119.63 -6.75 -69.15
C VAL VC 5 119.84 -8.07 -68.42
N LEU VC 6 119.21 -9.13 -68.93
CA LEU VC 6 119.32 -10.47 -68.36
C LEU VC 6 119.92 -11.41 -69.38
N SER VC 7 120.97 -12.13 -68.97
CA SER VC 7 121.68 -13.06 -69.84
C SER VC 7 121.18 -14.47 -69.58
N VAL VC 8 120.60 -15.10 -70.60
CA VAL VC 8 120.10 -16.46 -70.48
C VAL VC 8 121.13 -17.50 -70.90
N GLY VC 9 122.21 -17.10 -71.56
CA GLY VC 9 123.21 -18.03 -72.01
C GLY VC 9 123.65 -17.77 -73.44
N GLU VC 10 122.67 -17.60 -74.33
CA GLU VC 10 122.95 -17.30 -75.73
C GLU VC 10 122.30 -16.00 -76.21
N ALA VC 11 121.26 -15.52 -75.55
CA ALA VC 11 120.60 -14.27 -75.91
C ALA VC 11 120.46 -13.40 -74.67
N THR VC 12 120.18 -12.12 -74.92
CA THR VC 12 120.03 -11.13 -73.86
C THR VC 12 118.63 -10.54 -73.92
N ARG VC 13 117.90 -10.60 -72.81
CA ARG VC 13 116.57 -10.04 -72.71
C ARG VC 13 116.62 -8.68 -72.02
N THR VC 14 115.72 -7.79 -72.43
CA THR VC 14 115.68 -6.43 -71.93
C THR VC 14 114.33 -6.16 -71.30
N LEU VC 15 114.34 -5.75 -70.03
CA LEU VC 15 113.13 -5.34 -69.32
C LEU VC 15 113.14 -3.83 -69.13
N THR VC 16 111.99 -3.20 -69.39
CA THR VC 16 111.88 -1.75 -69.34
C THR VC 16 110.91 -1.34 -68.24
N GLU VC 17 111.27 -0.28 -67.51
CA GLU VC 17 110.39 0.27 -66.49
C GLU VC 17 109.16 0.90 -67.14
N ILE VC 18 107.99 0.57 -66.60
CA ILE VC 18 106.70 0.92 -67.20
C ILE VC 18 105.84 1.78 -66.27
N GLN VC 19 105.80 1.46 -64.98
CA GLN VC 19 104.96 2.13 -64.00
C GLN VC 19 105.83 2.56 -62.83
N SER VC 20 106.53 3.69 -63.00
CA SER VC 20 107.47 4.18 -62.00
C SER VC 20 106.70 4.79 -60.84
N THR VC 21 106.66 4.07 -59.71
CA THR VC 21 106.03 4.56 -58.49
C THR VC 21 106.80 4.01 -57.31
N ALA VC 22 106.76 4.75 -56.19
CA ALA VC 22 107.53 4.36 -55.01
C ALA VC 22 107.02 3.05 -54.41
N ASP VC 23 105.72 2.99 -54.12
CA ASP VC 23 105.15 1.82 -53.46
C ASP VC 23 104.90 0.65 -54.40
N ARG VC 24 105.12 0.82 -55.71
CA ARG VC 24 104.88 -0.26 -56.67
C ARG VC 24 105.68 0.06 -57.94
N GLN VC 25 106.71 -0.74 -58.18
CA GLN VC 25 107.52 -0.63 -59.39
C GLN VC 25 107.20 -1.80 -60.31
N ILE VC 26 106.78 -1.51 -61.53
CA ILE VC 26 106.35 -2.51 -62.50
C ILE VC 26 107.31 -2.49 -63.67
N PHE VC 27 108.10 -3.55 -63.81
CA PHE VC 27 108.99 -3.71 -64.96
C PHE VC 27 108.39 -4.70 -65.94
N GLU VC 28 108.47 -4.38 -67.22
CA GLU VC 28 107.88 -5.23 -68.27
C GLU VC 28 108.91 -5.49 -69.36
N GLU VC 29 108.99 -6.75 -69.79
CA GLU VC 29 109.95 -7.15 -70.82
C GLU VC 29 109.43 -6.76 -72.19
N LYS VC 30 110.30 -6.17 -73.01
CA LYS VC 30 109.96 -5.74 -74.36
C LYS VC 30 110.68 -6.65 -75.36
N VAL VC 31 109.92 -7.53 -76.01
CA VAL VC 31 110.46 -8.42 -77.02
C VAL VC 31 109.55 -8.38 -78.25
N GLY VC 32 108.26 -8.62 -78.04
CA GLY VC 32 107.29 -8.61 -79.11
C GLY VC 32 105.91 -8.23 -78.62
N PRO VC 33 105.07 -9.24 -78.39
CA PRO VC 33 103.72 -8.97 -77.86
C PRO VC 33 103.80 -8.55 -76.41
N LEU VC 34 103.28 -7.35 -76.11
CA LEU VC 34 103.35 -6.83 -74.74
C LEU VC 34 102.41 -7.59 -73.81
N VAL VC 35 101.25 -8.03 -74.31
CA VAL VC 35 100.32 -8.78 -73.49
C VAL VC 35 100.84 -10.21 -73.31
N GLY VC 36 100.75 -10.72 -72.09
CA GLY VC 36 101.23 -12.05 -71.80
C GLY VC 36 102.73 -12.20 -71.93
N ARG VC 37 103.47 -11.35 -71.21
CA ARG VC 37 104.93 -11.39 -71.28
C ARG VC 37 105.53 -11.53 -69.88
N LEU VC 38 106.73 -11.00 -69.68
CA LEU VC 38 107.42 -11.07 -68.41
C LEU VC 38 107.22 -9.76 -67.65
N ARG VC 39 106.68 -9.86 -66.43
CA ARG VC 39 106.44 -8.70 -65.59
C ARG VC 39 107.04 -8.93 -64.21
N LEU VC 40 107.45 -7.84 -63.58
CA LEU VC 40 108.08 -7.87 -62.26
C LEU VC 40 107.53 -6.75 -61.42
N THR VC 41 107.04 -7.09 -60.22
CA THR VC 41 106.47 -6.14 -59.29
C THR VC 41 107.37 -6.05 -58.06
N ALA VC 42 107.80 -4.84 -57.73
CA ALA VC 42 108.65 -4.58 -56.58
C ALA VC 42 107.98 -3.60 -55.64
N SER VC 43 108.09 -3.87 -54.34
CA SER VC 43 107.49 -3.02 -53.32
C SER VC 43 108.40 -2.96 -52.11
N LEU VC 44 108.49 -1.77 -51.50
CA LEU VC 44 109.29 -1.55 -50.31
C LEU VC 44 108.49 -0.71 -49.33
N ARG VC 45 108.52 -1.11 -48.05
CA ARG VC 45 107.75 -0.40 -47.03
C ARG VC 45 108.43 -0.58 -45.69
N GLN VC 46 107.75 -0.14 -44.62
CA GLN VC 46 108.19 -0.28 -43.25
C GLN VC 46 107.28 -1.26 -42.52
N ASN VC 47 107.32 -1.22 -41.19
CA ASN VC 47 106.50 -2.12 -40.38
C ASN VC 47 106.46 -1.59 -38.96
N GLY VC 48 105.37 -1.93 -38.26
CA GLY VC 48 105.23 -1.62 -36.85
C GLY VC 48 105.50 -0.17 -36.47
N ALA VC 49 106.52 0.03 -35.63
CA ALA VC 49 106.89 1.37 -35.18
C ALA VC 49 108.33 1.67 -35.60
N LYS VC 50 108.54 1.73 -36.92
CA LYS VC 50 109.83 2.08 -37.52
C LYS VC 50 110.93 1.14 -37.03
N THR VC 51 110.59 -0.15 -36.88
CA THR VC 51 111.56 -1.16 -36.45
C THR VC 51 112.32 -1.72 -37.66
N ALA VC 52 111.67 -2.61 -38.40
CA ALA VC 52 112.30 -3.24 -39.56
C ALA VC 52 111.69 -2.72 -40.85
N TYR VC 53 111.82 -3.50 -41.92
CA TYR VC 53 111.28 -3.13 -43.22
C TYR VC 53 110.64 -4.35 -43.86
N ARG VC 54 110.02 -4.15 -45.02
CA ARG VC 54 109.36 -5.21 -45.76
C ARG VC 54 109.55 -4.99 -47.24
N VAL VC 55 110.13 -5.98 -47.92
CA VAL VC 55 110.37 -5.93 -49.36
C VAL VC 55 109.64 -7.08 -50.01
N ASN VC 56 108.92 -6.78 -51.09
CA ASN VC 56 108.17 -7.78 -51.83
C ASN VC 56 108.59 -7.76 -53.28
N LEU VC 57 108.89 -8.93 -53.84
CA LEU VC 57 109.32 -9.08 -55.22
C LEU VC 57 108.55 -10.22 -55.85
N LYS VC 58 107.76 -9.93 -56.87
CA LYS VC 58 106.97 -10.92 -57.58
C LYS VC 58 107.36 -10.92 -59.06
N LEU VC 59 107.40 -12.10 -59.66
CA LEU VC 59 107.76 -12.25 -61.06
C LEU VC 59 106.72 -13.13 -61.74
N ASP VC 60 106.04 -12.60 -62.74
CA ASP VC 60 104.99 -13.31 -63.45
C ASP VC 60 105.33 -13.42 -64.92
N GLN VC 61 104.87 -14.50 -65.54
CA GLN VC 61 105.09 -14.74 -66.96
C GLN VC 61 104.02 -15.71 -67.46
N ALA VC 62 103.13 -15.23 -68.31
CA ALA VC 62 102.03 -16.03 -68.85
C ALA VC 62 102.32 -16.37 -70.30
N ASP VC 63 102.23 -17.65 -70.64
CA ASP VC 63 102.46 -18.09 -72.00
C ASP VC 63 101.25 -17.75 -72.88
N VAL VC 64 101.53 -17.54 -74.17
CA VAL VC 64 100.51 -17.18 -75.14
C VAL VC 64 100.51 -18.20 -76.27
N VAL VC 65 99.38 -18.30 -76.95
CA VAL VC 65 99.21 -19.20 -78.08
C VAL VC 65 98.47 -18.47 -79.19
N ASP VC 66 98.71 -18.89 -80.42
CA ASP VC 66 98.12 -18.26 -81.60
C ASP VC 66 97.91 -19.31 -82.68
N CYS VC 67 96.82 -19.14 -83.43
CA CYS VC 67 96.47 -20.07 -84.50
C CYS VC 67 96.40 -19.40 -85.87
N SER VC 68 96.88 -18.16 -86.00
CA SER VC 68 96.81 -17.47 -87.29
C SER VC 68 97.74 -18.07 -88.32
N THR VC 69 98.67 -18.93 -87.91
CA THR VC 69 99.59 -19.55 -88.85
C THR VC 69 98.88 -20.61 -89.70
N SER VC 70 97.90 -21.31 -89.13
CA SER VC 70 97.18 -22.35 -89.86
C SER VC 70 95.69 -22.05 -89.91
N VAL VC 71 95.08 -21.86 -88.74
CA VAL VC 71 93.64 -21.58 -88.66
C VAL VC 71 93.41 -20.15 -89.15
N CYS VC 72 92.30 -19.93 -89.84
CA CYS VC 72 92.02 -18.62 -90.40
C CYS VC 72 91.19 -17.77 -89.43
N GLY VC 73 91.61 -17.69 -88.17
CA GLY VC 73 91.13 -16.66 -87.28
C GLY VC 73 91.19 -17.02 -85.81
N GLU VC 74 92.20 -16.51 -85.11
CA GLU VC 74 92.33 -16.73 -83.67
C GLU VC 74 93.31 -15.72 -83.13
N LEU VC 75 92.84 -14.85 -82.23
CA LEU VC 75 93.70 -13.86 -81.62
C LEU VC 75 94.64 -14.51 -80.61
N PRO VC 76 95.80 -13.90 -80.35
CA PRO VC 76 96.71 -14.43 -79.34
C PRO VC 76 96.03 -14.52 -77.98
N LYS VC 77 95.95 -15.74 -77.45
CA LYS VC 77 95.24 -16.01 -76.21
C LYS VC 77 96.21 -16.56 -75.16
N VAL VC 78 96.09 -16.04 -73.93
CA VAL VC 78 96.94 -16.52 -72.85
C VAL VC 78 96.50 -17.90 -72.41
N ARG VC 79 97.44 -18.67 -71.87
CA ARG VC 79 97.17 -20.03 -71.42
C ARG VC 79 97.21 -20.04 -69.91
N TYR VC 80 98.33 -20.39 -69.29
CA TYR VC 80 98.45 -20.46 -67.84
C TYR VC 80 99.18 -19.23 -67.32
N THR VC 81 99.16 -19.09 -65.99
CA THR VC 81 99.81 -17.97 -65.31
C THR VC 81 100.65 -18.51 -64.16
N GLN VC 82 101.87 -18.01 -64.03
CA GLN VC 82 102.79 -18.42 -62.98
C GLN VC 82 103.08 -17.24 -62.07
N VAL VC 83 103.04 -17.47 -60.76
CA VAL VC 83 103.26 -16.45 -59.75
C VAL VC 83 104.40 -16.91 -58.85
N TRP VC 84 105.43 -16.06 -58.72
CA TRP VC 84 106.59 -16.34 -57.88
C TRP VC 84 106.88 -15.07 -57.06
N SER VC 85 106.27 -14.98 -55.89
CA SER VC 85 106.43 -13.83 -55.01
C SER VC 85 107.54 -14.09 -54.00
N HIS VC 86 107.95 -13.02 -53.32
CA HIS VC 86 109.01 -13.08 -52.31
C HIS VC 86 108.58 -12.26 -51.10
N ASP VC 87 109.41 -12.33 -50.06
CA ASP VC 87 109.14 -11.58 -48.82
C ASP VC 87 110.45 -11.42 -48.08
N VAL VC 88 110.92 -10.18 -47.95
CA VAL VC 88 112.18 -9.86 -47.28
C VAL VC 88 111.86 -9.05 -46.04
N THR VC 89 112.20 -9.60 -44.87
CA THR VC 89 111.99 -8.93 -43.59
C THR VC 89 113.34 -8.83 -42.89
N ILE VC 90 114.11 -7.80 -43.25
CA ILE VC 90 115.43 -7.55 -42.69
C ILE VC 90 115.39 -6.26 -41.89
N VAL VC 91 115.82 -6.32 -40.64
CA VAL VC 91 115.84 -5.14 -39.79
C VAL VC 91 116.98 -4.21 -40.21
N ALA VC 92 116.84 -2.93 -39.89
CA ALA VC 92 117.86 -1.95 -40.26
C ALA VC 92 119.13 -2.17 -39.48
N ASN VC 93 119.05 -2.14 -38.14
CA ASN VC 93 120.22 -2.33 -37.28
C ASN VC 93 120.57 -3.82 -37.26
N SER VC 94 121.28 -4.24 -38.31
CA SER VC 94 121.70 -5.64 -38.43
C SER VC 94 123.21 -5.73 -38.54
N THR VC 95 123.70 -6.55 -39.47
CA THR VC 95 125.12 -6.73 -39.69
C THR VC 95 125.39 -6.89 -41.17
N GLU VC 96 126.33 -6.10 -41.70
CA GLU VC 96 126.65 -6.18 -43.12
C GLU VC 96 127.27 -7.53 -43.47
N ALA VC 97 128.15 -8.04 -42.62
CA ALA VC 97 128.76 -9.35 -42.88
C ALA VC 97 127.72 -10.46 -42.84
N SER VC 98 126.79 -10.39 -41.89
CA SER VC 98 125.74 -11.39 -41.81
C SER VC 98 124.82 -11.32 -43.03
N ARG VC 99 124.49 -10.11 -43.48
CA ARG VC 99 123.66 -9.96 -44.66
C ARG VC 99 124.36 -10.50 -45.90
N LYS VC 100 125.66 -10.24 -46.02
CA LYS VC 100 126.42 -10.75 -47.16
C LYS VC 100 126.49 -12.27 -47.13
N SER VC 101 126.70 -12.86 -45.94
CA SER VC 101 126.72 -14.31 -45.83
C SER VC 101 125.37 -14.92 -46.17
N LEU VC 102 124.28 -14.28 -45.73
CA LEU VC 102 122.95 -14.78 -46.05
C LEU VC 102 122.68 -14.69 -47.55
N TYR VC 103 123.10 -13.59 -48.19
CA TYR VC 103 122.92 -13.46 -49.64
C TYR VC 103 123.73 -14.50 -50.38
N ASP VC 104 124.95 -14.77 -49.93
CA ASP VC 104 125.77 -15.80 -50.56
C ASP VC 104 125.15 -17.19 -50.40
N LEU VC 105 124.61 -17.48 -49.22
CA LEU VC 105 123.95 -18.76 -49.00
C LEU VC 105 122.71 -18.89 -49.88
N THR VC 106 121.93 -17.82 -50.02
CA THR VC 106 120.76 -17.86 -50.88
C THR VC 106 121.16 -18.07 -52.34
N LYS VC 107 122.22 -17.39 -52.79
CA LYS VC 107 122.69 -17.55 -54.15
C LYS VC 107 123.17 -18.98 -54.40
N SER VC 108 123.87 -19.57 -53.42
CA SER VC 108 124.33 -20.94 -53.56
C SER VC 108 123.16 -21.92 -53.61
N LEU VC 109 122.15 -21.71 -52.75
CA LEU VC 109 120.98 -22.58 -52.76
C LEU VC 109 120.19 -22.43 -54.05
N VAL VC 110 120.19 -21.24 -54.67
CA VAL VC 110 119.51 -21.06 -55.93
C VAL VC 110 120.28 -21.72 -57.06
N ALA VC 111 121.60 -21.57 -57.07
CA ALA VC 111 122.43 -22.12 -58.14
C ALA VC 111 122.69 -23.61 -58.00
N THR VC 112 122.34 -24.21 -56.86
CA THR VC 112 122.56 -25.64 -56.69
C THR VC 112 121.66 -26.44 -57.62
N SER VC 113 122.01 -27.72 -57.79
CA SER VC 113 121.28 -28.61 -58.69
C SER VC 113 120.06 -29.24 -58.04
N GLN VC 114 119.91 -29.13 -56.72
CA GLN VC 114 118.78 -29.72 -56.02
C GLN VC 114 117.48 -28.96 -56.29
N VAL VC 115 117.53 -27.63 -56.24
CA VAL VC 115 116.33 -26.84 -56.52
C VAL VC 115 115.93 -26.98 -57.98
N GLU VC 116 116.89 -27.10 -58.89
CA GLU VC 116 116.56 -27.31 -60.30
C GLU VC 116 115.82 -28.63 -60.49
N ASP VC 117 116.27 -29.69 -59.82
CA ASP VC 117 115.57 -30.97 -59.92
C ASP VC 117 114.19 -30.90 -59.27
N LEU VC 118 114.09 -30.21 -58.13
CA LEU VC 118 112.79 -30.02 -57.49
C LEU VC 118 111.82 -29.27 -58.39
N VAL VC 119 112.32 -28.32 -59.19
CA VAL VC 119 111.46 -27.56 -60.07
C VAL VC 119 111.06 -28.39 -61.29
N VAL VC 120 112.04 -29.08 -61.90
CA VAL VC 120 111.79 -29.81 -63.14
C VAL VC 120 111.04 -31.11 -62.84
N ASN VC 121 111.71 -32.06 -62.19
CA ASN VC 121 111.16 -33.39 -61.98
C ASN VC 121 110.15 -33.44 -60.84
N LEU VC 122 109.88 -32.33 -60.16
CA LEU VC 122 108.92 -32.26 -59.06
C LEU VC 122 109.25 -33.24 -57.94
N VAL VC 123 110.54 -33.54 -57.78
CA VAL VC 123 111.01 -34.45 -56.74
C VAL VC 123 111.32 -33.62 -55.49
N PRO VC 124 110.86 -34.03 -54.31
CA PRO VC 124 111.12 -33.25 -53.10
C PRO VC 124 112.62 -33.09 -52.85
N LEU VC 125 113.00 -31.93 -52.33
CA LEU VC 125 114.40 -31.62 -52.08
C LEU VC 125 114.95 -32.51 -50.98
N GLY VC 126 115.97 -33.30 -51.30
CA GLY VC 126 116.56 -34.20 -50.33
C GLY VC 126 117.63 -35.10 -50.93
N ARG VC 127 118.79 -34.52 -51.25
CA ARG VC 127 119.89 -35.28 -51.83
C ARG VC 127 121.05 -35.39 -50.85
N SER WC 1 119.67 -40.40 -55.85
CA SER WC 1 118.37 -41.05 -55.94
C SER WC 1 118.51 -42.54 -56.21
N LYS WC 2 117.52 -43.11 -56.90
CA LYS WC 2 117.47 -44.54 -57.16
C LYS WC 2 116.87 -44.76 -58.54
N THR WC 3 117.63 -45.39 -59.42
CA THR WC 3 117.22 -45.62 -60.80
C THR WC 3 116.94 -47.11 -61.02
N ILE WC 4 115.89 -47.40 -61.78
CA ILE WC 4 115.50 -48.76 -62.12
C ILE WC 4 115.39 -48.84 -63.63
N VAL WC 5 116.12 -49.78 -64.23
CA VAL WC 5 116.14 -49.96 -65.68
C VAL WC 5 115.30 -51.18 -66.02
N LEU WC 6 114.32 -51.00 -66.90
CA LEU WC 6 113.44 -52.06 -67.35
C LEU WC 6 113.60 -52.25 -68.85
N SER WC 7 113.83 -53.50 -69.27
CA SER WC 7 114.05 -53.84 -70.68
C SER WC 7 112.74 -54.38 -71.24
N VAL WC 8 112.19 -53.69 -72.26
CA VAL WC 8 110.95 -54.12 -72.90
C VAL WC 8 111.21 -54.99 -74.12
N GLY WC 9 112.44 -55.05 -74.61
CA GLY WC 9 112.74 -55.83 -75.79
C GLY WC 9 113.61 -55.09 -76.78
N GLU WC 10 113.23 -53.85 -77.09
CA GLU WC 10 113.98 -52.99 -77.99
C GLU WC 10 114.42 -51.67 -77.37
N ALA WC 11 113.77 -51.22 -76.31
CA ALA WC 11 114.12 -49.98 -75.63
C ALA WC 11 114.21 -50.24 -74.14
N THR WC 12 114.83 -49.30 -73.43
CA THR WC 12 115.03 -49.39 -71.99
C THR WC 12 114.37 -48.20 -71.32
N ARG WC 13 113.49 -48.48 -70.36
CA ARG WC 13 112.81 -47.45 -69.60
C ARG WC 13 113.48 -47.26 -68.25
N THR WC 14 113.46 -46.02 -67.77
CA THR WC 14 114.13 -45.64 -66.52
C THR WC 14 113.10 -45.08 -65.56
N LEU WC 15 113.02 -45.67 -64.37
CA LEU WC 15 112.17 -45.18 -63.30
C LEU WC 15 113.05 -44.57 -62.21
N THR WC 16 112.64 -43.41 -61.71
CA THR WC 16 113.41 -42.66 -60.73
C THR WC 16 112.65 -42.56 -59.42
N GLU WC 17 113.36 -42.72 -58.31
CA GLU WC 17 112.77 -42.55 -56.99
C GLU WC 17 112.40 -41.09 -56.76
N ILE WC 18 111.17 -40.85 -56.32
CA ILE WC 18 110.63 -39.51 -56.14
C ILE WC 18 110.39 -39.23 -54.66
N GLN WC 19 109.65 -40.10 -53.98
CA GLN WC 19 109.15 -39.86 -52.62
C GLN WC 19 109.77 -40.93 -51.72
N SER WC 20 111.01 -40.70 -51.31
CA SER WC 20 111.76 -41.67 -50.49
C SER WC 20 111.24 -41.62 -49.06
N THR WC 21 110.48 -42.64 -48.68
CA THR WC 21 109.98 -42.79 -47.32
C THR WC 21 109.89 -44.27 -46.98
N ALA WC 22 110.00 -44.58 -45.70
CA ALA WC 22 110.04 -45.98 -45.26
C ALA WC 22 108.70 -46.67 -45.52
N ASP WC 23 107.61 -46.09 -45.02
CA ASP WC 23 106.30 -46.71 -45.13
C ASP WC 23 105.66 -46.53 -46.50
N ARG WC 24 106.27 -45.76 -47.40
CA ARG WC 24 105.70 -45.55 -48.73
C ARG WC 24 106.82 -45.09 -49.66
N GLN WC 25 107.19 -45.96 -50.61
CA GLN WC 25 108.17 -45.65 -51.62
C GLN WC 25 107.47 -45.45 -52.96
N ILE WC 26 107.66 -44.29 -53.57
CA ILE WC 26 106.99 -43.91 -54.81
C ILE WC 26 108.03 -43.76 -55.89
N PHE WC 27 108.03 -44.66 -56.86
CA PHE WC 27 108.90 -44.58 -58.03
C PHE WC 27 108.10 -44.07 -59.22
N GLU WC 28 108.69 -43.16 -59.99
CA GLU WC 28 108.04 -42.56 -61.13
C GLU WC 28 108.94 -42.64 -62.36
N GLU WC 29 108.35 -43.02 -63.50
CA GLU WC 29 109.09 -43.17 -64.73
C GLU WC 29 109.30 -41.80 -65.38
N LYS WC 30 110.53 -41.55 -65.82
CA LYS WC 30 110.90 -40.29 -66.46
C LYS WC 30 111.16 -40.54 -67.93
N VAL WC 31 110.23 -40.10 -68.78
CA VAL WC 31 110.36 -40.23 -70.23
C VAL WC 31 110.03 -38.88 -70.87
N GLY WC 32 108.86 -38.35 -70.55
CA GLY WC 32 108.44 -37.08 -71.08
C GLY WC 32 107.49 -36.35 -70.14
N PRO WC 33 106.19 -36.46 -70.41
CA PRO WC 33 105.19 -35.83 -69.51
C PRO WC 33 105.13 -36.59 -68.19
N LEU WC 34 105.39 -35.87 -67.09
CA LEU WC 34 105.39 -36.51 -65.78
C LEU WC 34 103.98 -36.89 -65.34
N VAL WC 35 102.98 -36.08 -65.70
CA VAL WC 35 101.61 -36.38 -65.34
C VAL WC 35 101.08 -37.49 -66.24
N GLY WC 36 100.37 -38.46 -65.64
CA GLY WC 36 99.84 -39.58 -66.38
C GLY WC 36 100.92 -40.48 -66.93
N ARG WC 37 101.80 -40.98 -66.07
CA ARG WC 37 102.89 -41.85 -66.49
C ARG WC 37 102.87 -43.16 -65.71
N LEU WC 38 104.05 -43.76 -65.53
CA LEU WC 38 104.18 -45.02 -64.81
C LEU WC 38 104.61 -44.73 -63.38
N ARG WC 39 103.82 -45.21 -62.42
CA ARG WC 39 104.12 -45.02 -61.01
C ARG WC 39 104.06 -46.37 -60.28
N LEU WC 40 104.87 -46.48 -59.24
CA LEU WC 40 104.97 -47.70 -58.45
C LEU WC 40 105.01 -47.34 -56.97
N THR WC 41 104.12 -47.96 -56.19
CA THR WC 41 104.02 -47.73 -54.76
C THR WC 41 104.42 -49.01 -54.03
N ALA WC 42 105.39 -48.89 -53.13
CA ALA WC 42 105.87 -50.02 -52.34
C ALA WC 42 105.71 -49.71 -50.86
N SER WC 43 105.29 -50.73 -50.10
CA SER WC 43 105.09 -50.57 -48.67
C SER WC 43 105.48 -51.86 -47.96
N LEU WC 44 106.11 -51.72 -46.80
CA LEU WC 44 106.52 -52.84 -45.97
C LEU WC 44 106.15 -52.57 -44.53
N ARG WC 45 105.60 -53.57 -43.85
CA ARG WC 45 105.19 -53.39 -42.46
C ARG WC 45 105.22 -54.74 -41.76
N GLN WC 46 104.70 -54.77 -40.53
CA GLN WC 46 104.58 -55.97 -39.71
C GLN WC 46 103.11 -56.33 -39.58
N ASN WC 47 102.80 -57.17 -38.59
CA ASN WC 47 101.43 -57.60 -38.35
C ASN WC 47 101.34 -58.21 -36.96
N GLY WC 48 100.14 -58.14 -36.39
CA GLY WC 48 99.84 -58.78 -35.12
C GLY WC 48 100.81 -58.49 -34.00
N ALA WC 49 101.48 -59.54 -33.51
CA ALA WC 49 102.45 -59.40 -32.43
C ALA WC 49 103.82 -59.88 -32.91
N LYS WC 50 104.36 -59.15 -33.88
CA LYS WC 50 105.71 -59.41 -34.43
C LYS WC 50 105.82 -60.84 -34.94
N THR WC 51 104.75 -61.35 -35.55
CA THR WC 51 104.76 -62.70 -36.11
C THR WC 51 105.30 -62.69 -37.54
N ALA WC 52 104.48 -62.25 -38.50
CA ALA WC 52 104.87 -62.22 -39.89
C ALA WC 52 105.08 -60.79 -40.37
N TYR WC 53 104.98 -60.58 -41.68
CA TYR WC 53 105.15 -59.25 -42.26
C TYR WC 53 104.10 -59.06 -43.35
N ARG WC 54 104.08 -57.85 -43.92
CA ARG WC 54 103.13 -57.50 -44.96
C ARG WC 54 103.81 -56.59 -45.97
N VAL WC 55 103.82 -57.00 -47.23
CA VAL WC 55 104.42 -56.23 -48.31
C VAL WC 55 103.34 -55.93 -49.34
N ASN WC 56 103.27 -54.67 -49.76
CA ASN WC 56 102.30 -54.22 -50.75
C ASN WC 56 103.02 -53.56 -51.90
N LEU WC 57 102.68 -53.97 -53.12
CA LEU WC 57 103.29 -53.44 -54.34
C LEU WC 57 102.18 -53.14 -55.35
N LYS WC 58 102.05 -51.86 -55.70
CA LYS WC 58 101.04 -51.42 -56.66
C LYS WC 58 101.73 -50.74 -57.83
N LEU WC 59 101.20 -50.96 -59.04
CA LEU WC 59 101.76 -50.37 -60.25
C LEU WC 59 100.62 -49.74 -61.05
N ASP WC 60 100.71 -48.44 -61.27
CA ASP WC 60 99.67 -47.69 -61.97
C ASP WC 60 100.26 -47.04 -63.22
N GLN WC 61 99.43 -46.90 -64.24
CA GLN WC 61 99.82 -46.26 -65.49
C GLN WC 61 98.58 -45.77 -66.19
N ALA WC 62 98.42 -44.45 -66.29
CA ALA WC 62 97.26 -43.83 -66.92
C ALA WC 62 97.65 -43.26 -68.27
N ASP WC 63 96.90 -43.61 -69.31
CA ASP WC 63 97.16 -43.12 -70.64
C ASP WC 63 96.71 -41.67 -70.78
N VAL WC 64 97.38 -40.93 -71.66
CA VAL WC 64 97.09 -39.52 -71.89
C VAL WC 64 96.78 -39.32 -73.36
N VAL WC 65 96.04 -38.24 -73.65
CA VAL WC 65 95.68 -37.88 -75.01
C VAL WC 65 95.87 -36.37 -75.17
N ASP WC 66 96.12 -35.96 -76.41
CA ASP WC 66 96.37 -34.55 -76.72
C ASP WC 66 95.88 -34.26 -78.13
N CYS WC 67 95.35 -33.04 -78.31
CA CYS WC 67 94.82 -32.61 -79.59
C CYS WC 67 95.54 -31.39 -80.16
N SER WC 68 96.68 -30.99 -79.59
CA SER WC 68 97.39 -29.81 -80.07
C SER WC 68 98.00 -30.04 -81.46
N THR WC 69 98.06 -31.29 -81.92
CA THR WC 69 98.63 -31.55 -83.23
C THR WC 69 97.68 -31.11 -84.35
N SER WC 70 96.38 -31.19 -84.13
CA SER WC 70 95.39 -30.80 -85.14
C SER WC 70 94.48 -29.71 -84.61
N VAL WC 71 93.82 -29.97 -83.48
CA VAL WC 71 92.90 -29.00 -82.89
C VAL WC 71 93.72 -27.87 -82.28
N CYS WC 72 93.21 -26.64 -82.40
CA CYS WC 72 94.01 -25.53 -81.88
C CYS WC 72 93.63 -25.19 -80.45
N GLY WC 73 93.60 -26.19 -79.58
CA GLY WC 73 93.63 -25.94 -78.15
C GLY WC 73 93.06 -27.06 -77.31
N GLU WC 74 93.95 -27.88 -76.73
CA GLU WC 74 93.52 -28.97 -75.85
C GLU WC 74 94.73 -29.42 -75.04
N LEU WC 75 94.65 -29.27 -73.72
CA LEU WC 75 95.74 -29.69 -72.86
C LEU WC 75 95.78 -31.23 -72.77
N PRO WC 76 96.95 -31.80 -72.47
CA PRO WC 76 97.04 -33.25 -72.29
C PRO WC 76 96.11 -33.72 -71.19
N LYS WC 77 95.17 -34.59 -71.55
CA LYS WC 77 94.14 -35.06 -70.63
C LYS WC 77 94.26 -36.56 -70.44
N VAL WC 78 94.15 -37.01 -69.19
CA VAL WC 78 94.22 -38.44 -68.90
C VAL WC 78 92.93 -39.11 -69.34
N ARG WC 79 93.03 -40.41 -69.67
CA ARG WC 79 91.88 -41.17 -70.13
C ARG WC 79 91.48 -42.15 -69.04
N TYR WC 80 91.96 -43.39 -69.08
CA TYR WC 80 91.61 -44.40 -68.09
C TYR WC 80 92.76 -44.58 -67.11
N THR WC 81 92.49 -45.34 -66.04
CA THR WC 81 93.47 -45.62 -65.00
C THR WC 81 93.45 -47.11 -64.70
N GLN WC 82 94.64 -47.70 -64.60
CA GLN WC 82 94.79 -49.12 -64.31
C GLN WC 82 95.49 -49.29 -62.97
N VAL WC 83 94.97 -50.19 -62.14
CA VAL WC 83 95.49 -50.46 -60.82
C VAL WC 83 95.83 -51.95 -60.72
N TRP WC 84 97.08 -52.25 -60.36
CA TRP WC 84 97.55 -53.62 -60.19
C TRP WC 84 98.31 -53.70 -58.87
N SER WC 85 97.60 -54.01 -57.80
CA SER WC 85 98.18 -54.10 -56.47
C SER WC 85 98.60 -55.54 -56.17
N HIS WC 86 99.36 -55.69 -55.08
CA HIS WC 86 99.85 -57.00 -54.65
C HIS WC 86 99.70 -57.09 -53.14
N ASP WC 87 100.01 -58.29 -52.62
CA ASP WC 87 99.93 -58.53 -51.18
C ASP WC 87 100.81 -59.72 -50.86
N VAL WC 88 101.88 -59.49 -50.09
CA VAL WC 88 102.83 -60.53 -49.72
C VAL WC 88 102.76 -60.72 -48.21
N THR WC 89 102.37 -61.92 -47.78
CA THR WC 89 102.26 -62.27 -46.37
C THR WC 89 103.16 -63.48 -46.12
N ILE WC 90 104.45 -63.23 -45.94
CA ILE WC 90 105.44 -64.27 -45.70
C ILE WC 90 105.98 -64.12 -44.29
N VAL WC 91 105.93 -65.20 -43.52
CA VAL WC 91 106.44 -65.17 -42.15
C VAL WC 91 107.96 -65.16 -42.16
N ALA WC 92 108.54 -64.65 -41.07
CA ALA WC 92 110.00 -64.57 -40.98
C ALA WC 92 110.62 -65.96 -40.87
N ASN WC 93 110.22 -66.71 -39.85
CA ASN WC 93 110.74 -68.06 -39.63
C ASN WC 93 110.10 -69.01 -40.64
N SER WC 94 110.65 -69.00 -41.85
CA SER WC 94 110.15 -69.86 -42.92
C SER WC 94 111.27 -70.76 -43.44
N THR WC 95 111.38 -70.87 -44.76
CA THR WC 95 112.40 -71.71 -45.39
C THR WC 95 112.90 -71.02 -46.65
N GLU WC 96 114.21 -70.88 -46.77
CA GLU WC 96 114.79 -70.23 -47.95
C GLU WC 96 114.52 -71.04 -49.21
N ALA WC 97 114.65 -72.37 -49.13
CA ALA WC 97 114.38 -73.21 -50.29
C ALA WC 97 112.93 -73.13 -50.70
N SER WC 98 112.01 -73.13 -49.72
CA SER WC 98 110.59 -73.00 -50.04
C SER WC 98 110.28 -71.65 -50.66
N ARG WC 99 110.88 -70.58 -50.14
CA ARG WC 99 110.67 -69.26 -50.71
C ARG WC 99 111.20 -69.18 -52.14
N LYS WC 100 112.37 -69.77 -52.38
CA LYS WC 100 112.93 -69.78 -53.74
C LYS WC 100 112.04 -70.58 -54.70
N SER WC 101 111.52 -71.73 -54.24
CA SER WC 101 110.64 -72.52 -55.08
C SER WC 101 109.34 -71.77 -55.39
N LEU WC 102 108.80 -71.07 -54.39
CA LEU WC 102 107.59 -70.29 -54.60
C LEU WC 102 107.84 -69.14 -55.58
N TYR WC 103 108.99 -68.47 -55.46
CA TYR WC 103 109.32 -67.40 -56.39
C TYR WC 103 109.49 -67.93 -57.80
N ASP WC 104 110.13 -69.10 -57.94
CA ASP WC 104 110.29 -69.70 -59.27
C ASP WC 104 108.93 -70.09 -59.86
N LEU WC 105 108.04 -70.63 -59.04
CA LEU WC 105 106.70 -70.98 -59.53
C LEU WC 105 105.93 -69.74 -59.95
N THR WC 106 106.04 -68.66 -59.18
CA THR WC 106 105.37 -67.42 -59.55
C THR WC 106 105.94 -66.86 -60.85
N LYS WC 107 107.26 -66.90 -61.01
CA LYS WC 107 107.88 -66.42 -62.25
C LYS WC 107 107.44 -67.26 -63.44
N SER WC 108 107.34 -68.58 -63.26
CA SER WC 108 106.88 -69.44 -64.36
C SER WC 108 105.43 -69.15 -64.71
N LEU WC 109 104.58 -68.97 -63.69
CA LEU WC 109 103.17 -68.66 -63.96
C LEU WC 109 103.02 -67.30 -64.63
N VAL WC 110 103.91 -66.35 -64.32
CA VAL WC 110 103.83 -65.05 -64.96
C VAL WC 110 104.32 -65.14 -66.41
N ALA WC 111 105.40 -65.87 -66.64
CA ALA WC 111 105.97 -65.98 -67.98
C ALA WC 111 105.23 -66.95 -68.88
N THR WC 112 104.30 -67.74 -68.35
CA THR WC 112 103.55 -68.67 -69.18
C THR WC 112 102.64 -67.92 -70.13
N SER WC 113 102.17 -68.65 -71.16
CA SER WC 113 101.33 -68.07 -72.20
C SER WC 113 99.85 -68.03 -71.81
N GLN WC 114 99.45 -68.72 -70.75
CA GLN WC 114 98.06 -68.73 -70.32
C GLN WC 114 97.62 -67.40 -69.71
N VAL WC 115 98.46 -66.82 -68.84
CA VAL WC 115 98.12 -65.54 -68.25
C VAL WC 115 98.11 -64.44 -69.32
N GLU WC 116 99.01 -64.53 -70.30
CA GLU WC 116 99.01 -63.55 -71.38
C GLU WC 116 97.70 -63.60 -72.18
N ASP WC 117 97.22 -64.81 -72.47
CA ASP WC 117 95.94 -64.94 -73.17
C ASP WC 117 94.79 -64.46 -72.31
N LEU WC 118 94.82 -64.77 -71.01
CA LEU WC 118 93.79 -64.29 -70.09
C LEU WC 118 93.76 -62.77 -70.03
N VAL WC 119 94.92 -62.12 -70.15
CA VAL WC 119 94.97 -60.67 -70.11
C VAL WC 119 94.50 -60.07 -71.43
N VAL WC 120 94.97 -60.61 -72.54
CA VAL WC 120 94.67 -60.05 -73.86
C VAL WC 120 93.25 -60.40 -74.27
N ASN WC 121 93.00 -61.67 -74.56
CA ASN WC 121 91.72 -62.11 -75.10
C ASN WC 121 90.62 -62.23 -74.06
N LEU WC 122 90.93 -61.94 -72.78
CA LEU WC 122 89.95 -62.01 -71.69
C LEU WC 122 89.31 -63.39 -71.58
N VAL WC 123 90.05 -64.43 -71.97
CA VAL WC 123 89.57 -65.81 -71.88
C VAL WC 123 89.97 -66.37 -70.53
N PRO WC 124 89.06 -67.02 -69.80
CA PRO WC 124 89.42 -67.57 -68.49
C PRO WC 124 90.56 -68.56 -68.58
N LEU WC 125 91.40 -68.56 -67.56
CA LEU WC 125 92.59 -69.43 -67.53
C LEU WC 125 92.16 -70.88 -67.42
N GLY WC 126 92.53 -71.69 -68.41
CA GLY WC 126 92.17 -73.09 -68.42
C GLY WC 126 92.59 -73.81 -69.68
N ARG WC 127 93.89 -74.04 -69.84
CA ARG WC 127 94.41 -74.72 -71.02
C ARG WC 127 94.95 -76.10 -70.66
N SER XC 1 85.85 -75.11 -68.59
CA SER XC 1 84.68 -74.39 -69.07
C SER XC 1 83.93 -75.20 -70.13
N LYS XC 2 83.30 -74.49 -71.06
CA LYS XC 2 82.46 -75.12 -72.08
C LYS XC 2 82.60 -74.32 -73.37
N THR XC 3 83.07 -74.98 -74.42
CA THR XC 3 83.31 -74.34 -75.71
C THR XC 3 82.30 -74.83 -76.74
N ILE XC 4 81.83 -73.91 -77.57
CA ILE XC 4 80.87 -74.21 -78.63
C ILE XC 4 81.45 -73.68 -79.93
N VAL XC 5 81.58 -74.57 -80.92
CA VAL XC 5 82.14 -74.22 -82.22
C VAL XC 5 81.01 -74.08 -83.23
N LEU XC 6 80.95 -72.92 -83.89
CA LEU XC 6 79.93 -72.65 -84.90
C LEU XC 6 80.61 -72.41 -86.23
N SER XC 7 80.15 -73.11 -87.27
CA SER XC 7 80.71 -73.01 -88.61
C SER XC 7 79.83 -72.08 -89.44
N VAL XC 8 80.41 -70.96 -89.91
CA VAL XC 8 79.68 -70.01 -90.74
C VAL XC 8 79.84 -70.28 -92.23
N GLY XC 9 80.80 -71.13 -92.61
CA GLY XC 9 81.03 -71.41 -94.01
C GLY XC 9 82.49 -71.39 -94.37
N GLU XC 10 83.19 -70.35 -93.95
CA GLU XC 10 84.63 -70.22 -94.19
C GLU XC 10 85.46 -70.06 -92.92
N ALA XC 11 84.85 -69.64 -91.81
CA ALA XC 11 85.54 -69.49 -90.55
C ALA XC 11 84.73 -70.17 -89.44
N THR XC 12 85.39 -70.39 -88.31
CA THR XC 12 84.79 -71.06 -87.16
C THR XC 12 84.83 -70.12 -85.97
N ARG XC 13 83.67 -69.87 -85.37
CA ARG XC 13 83.55 -69.03 -84.19
C ARG XC 13 83.45 -69.89 -82.94
N THR XC 14 84.02 -69.38 -81.85
CA THR XC 14 84.09 -70.10 -80.58
C THR XC 14 83.37 -69.29 -79.50
N LEU XC 15 82.39 -69.92 -78.86
CA LEU XC 15 81.68 -69.33 -77.73
C LEU XC 15 82.10 -70.04 -76.45
N THR XC 16 82.37 -69.27 -75.40
CA THR XC 16 82.86 -69.80 -74.14
C THR XC 16 81.85 -69.55 -73.04
N GLU XC 17 81.67 -70.56 -72.18
CA GLU XC 17 80.80 -70.41 -71.02
C GLU XC 17 81.41 -69.43 -70.02
N ILE XC 18 80.60 -68.47 -69.57
CA ILE XC 18 81.05 -67.38 -68.70
C ILE XC 18 80.39 -67.45 -67.32
N GLN XC 19 79.07 -67.60 -67.28
CA GLN XC 19 78.29 -67.52 -66.05
C GLN XC 19 77.55 -68.85 -65.87
N SER XC 20 78.26 -69.85 -65.36
CA SER XC 20 77.72 -71.19 -65.19
C SER XC 20 76.76 -71.22 -64.01
N THR XC 21 75.47 -71.26 -64.30
CA THR XC 21 74.43 -71.37 -63.28
C THR XC 21 73.28 -72.18 -63.83
N ALA XC 22 72.54 -72.84 -62.94
CA ALA XC 22 71.47 -73.74 -63.36
C ALA XC 22 70.33 -72.95 -64.02
N ASP XC 23 69.81 -71.95 -63.32
CA ASP XC 23 68.66 -71.20 -63.82
C ASP XC 23 69.02 -70.16 -64.88
N ARG XC 24 70.31 -69.97 -65.17
CA ARG XC 24 70.72 -68.98 -66.17
C ARG XC 24 72.13 -69.34 -66.64
N GLN XC 25 72.23 -69.78 -67.89
CA GLN XC 25 73.51 -70.08 -68.51
C GLN XC 25 73.83 -69.00 -69.53
N ILE XC 26 74.98 -68.35 -69.37
CA ILE XC 26 75.38 -67.22 -70.22
C ILE XC 26 76.64 -67.64 -70.99
N PHE XC 27 76.50 -67.80 -72.30
CA PHE XC 27 77.62 -68.08 -73.17
C PHE XC 27 78.02 -66.80 -73.91
N GLU XC 28 79.32 -66.56 -74.01
CA GLU XC 28 79.84 -65.36 -74.65
C GLU XC 28 80.91 -65.72 -75.67
N GLU XC 29 80.83 -65.11 -76.85
CA GLU XC 29 81.78 -65.39 -77.93
C GLU XC 29 83.07 -64.64 -77.68
N LYS XC 30 84.20 -65.33 -77.85
CA LYS XC 30 85.54 -64.77 -77.65
C LYS XC 30 86.21 -64.63 -79.01
N VAL XC 31 86.32 -63.40 -79.49
CA VAL XC 31 87.00 -63.12 -80.76
C VAL XC 31 87.96 -61.96 -80.55
N GLY XC 32 87.44 -60.85 -80.04
CA GLY XC 32 88.25 -59.67 -79.78
C GLY XC 32 87.70 -58.84 -78.64
N PRO XC 33 86.96 -57.79 -78.96
CA PRO XC 33 86.34 -56.96 -77.91
C PRO XC 33 85.20 -57.71 -77.25
N LEU XC 34 85.30 -57.89 -75.93
CA LEU XC 34 84.28 -58.64 -75.20
C LEU XC 34 82.98 -57.86 -75.11
N VAL XC 35 83.06 -56.53 -74.99
CA VAL XC 35 81.85 -55.72 -74.93
C VAL XC 35 81.24 -55.60 -76.31
N GLY XC 36 79.92 -55.73 -76.39
CA GLY XC 36 79.21 -55.65 -77.65
C GLY XC 36 79.55 -56.81 -78.57
N ARG XC 37 79.36 -58.04 -78.10
CA ARG XC 37 79.66 -59.22 -78.89
C ARG XC 37 78.45 -60.14 -78.98
N LEU XC 38 78.69 -61.44 -79.12
CA LEU XC 38 77.63 -62.43 -79.23
C LEU XC 38 77.40 -63.08 -77.86
N ARG XC 39 76.17 -63.00 -77.37
CA ARG XC 39 75.82 -63.59 -76.08
C ARG XC 39 74.59 -64.47 -76.25
N LEU XC 40 74.51 -65.50 -75.41
CA LEU XC 40 73.42 -66.47 -75.44
C LEU XC 40 72.98 -66.78 -74.02
N THR XC 41 71.70 -66.64 -73.76
CA THR XC 41 71.10 -66.90 -72.45
C THR XC 41 70.19 -68.11 -72.54
N ALA XC 42 70.44 -69.10 -71.70
CA ALA XC 42 69.65 -70.32 -71.65
C ALA XC 42 69.04 -70.49 -70.27
N SER XC 43 67.78 -70.93 -70.22
CA SER XC 43 67.09 -71.14 -68.96
C SER XC 43 66.18 -72.35 -69.09
N LEU XC 44 66.11 -73.14 -68.01
CA LEU XC 44 65.25 -74.31 -67.95
C LEU XC 44 64.53 -74.33 -66.62
N ARG XC 45 63.23 -74.63 -66.63
CA ARG XC 45 62.45 -74.64 -65.41
C ARG XC 45 61.28 -75.60 -65.58
N GLN XC 46 60.37 -75.59 -64.61
CA GLN XC 46 59.16 -76.38 -64.61
C GLN XC 46 57.95 -75.45 -64.75
N ASN XC 47 56.76 -75.96 -64.43
CA ASN XC 47 55.54 -75.17 -64.52
C ASN XC 47 54.45 -75.85 -63.72
N GLY XC 48 53.50 -75.05 -63.26
CA GLY XC 48 52.30 -75.54 -62.59
C GLY XC 48 52.57 -76.51 -61.46
N ALA XC 49 52.08 -77.75 -61.60
CA ALA XC 49 52.24 -78.78 -60.59
C ALA XC 49 53.00 -79.97 -61.20
N LYS XC 50 54.26 -79.71 -61.58
CA LYS XC 50 55.16 -80.73 -62.12
C LYS XC 50 54.55 -81.42 -63.34
N THR XC 51 53.86 -80.64 -64.17
CA THR XC 51 53.26 -81.17 -65.39
C THR XC 51 54.26 -81.15 -66.55
N ALA XC 52 54.48 -79.97 -67.12
CA ALA XC 52 55.39 -79.83 -68.26
C ALA XC 52 56.66 -79.09 -67.83
N TYR XC 53 57.35 -78.49 -68.80
CA TYR XC 53 58.57 -77.75 -68.53
C TYR XC 53 58.56 -76.47 -69.36
N ARG XC 54 59.59 -75.65 -69.16
CA ARG XC 54 59.72 -74.38 -69.87
C ARG XC 54 61.19 -74.12 -70.15
N VAL XC 55 61.52 -73.95 -71.43
CA VAL XC 55 62.89 -73.68 -71.86
C VAL XC 55 62.91 -72.35 -72.59
N ASN XC 56 63.87 -71.51 -72.23
CA ASN XC 56 64.02 -70.19 -72.84
C ASN XC 56 65.43 -70.06 -73.40
N LEU XC 57 65.53 -69.61 -74.65
CA LEU XC 57 66.80 -69.43 -75.34
C LEU XC 57 66.79 -68.08 -76.04
N LYS XC 58 67.69 -67.20 -75.62
CA LYS XC 58 67.81 -65.87 -76.21
C LYS XC 58 69.22 -65.68 -76.76
N LEU XC 59 69.32 -65.00 -77.90
CA LEU XC 59 70.59 -64.75 -78.56
C LEU XC 59 70.67 -63.27 -78.91
N ASP XC 60 71.67 -62.59 -78.36
CA ASP XC 60 71.85 -61.15 -78.57
C ASP XC 60 73.20 -60.89 -79.20
N GLN XC 61 73.26 -59.83 -80.01
CA GLN XC 61 74.50 -59.42 -80.67
C GLN XC 61 74.39 -57.94 -81.02
N ALA XC 62 75.18 -57.11 -80.37
CA ALA XC 62 75.16 -55.67 -80.59
C ALA XC 62 76.40 -55.26 -81.38
N ASP XC 63 76.19 -54.51 -82.46
CA ASP XC 63 77.30 -54.04 -83.28
C ASP XC 63 78.01 -52.89 -82.60
N VAL XC 64 79.31 -52.75 -82.88
CA VAL XC 64 80.13 -51.72 -82.29
C VAL XC 64 80.77 -50.89 -83.41
N VAL XC 65 81.14 -49.66 -83.07
CA VAL XC 65 81.79 -48.75 -84.00
C VAL XC 65 82.95 -48.06 -83.29
N ASP XC 66 83.95 -47.66 -84.07
CA ASP XC 66 85.15 -47.03 -83.53
C ASP XC 66 85.69 -46.03 -84.54
N CYS XC 67 86.24 -44.92 -84.03
CA CYS XC 67 86.79 -43.87 -84.87
C CYS XC 67 88.27 -43.63 -84.62
N SER XC 68 88.95 -44.51 -83.87
CA SER XC 68 90.37 -44.29 -83.59
C SER XC 68 91.24 -44.47 -84.83
N THR XC 69 90.70 -45.02 -85.91
CA THR XC 69 91.48 -45.19 -87.14
C THR XC 69 91.72 -43.85 -87.84
N SER XC 70 90.76 -42.94 -87.76
CA SER XC 70 90.89 -41.65 -88.42
C SER XC 70 90.78 -40.51 -87.41
N VAL XC 71 89.69 -40.48 -86.64
CA VAL XC 71 89.46 -39.44 -85.64
C VAL XC 71 90.41 -39.67 -84.48
N CYS XC 72 90.93 -38.59 -83.90
CA CYS XC 72 91.89 -38.74 -82.81
C CYS XC 72 91.20 -38.73 -81.46
N GLY XC 73 90.17 -39.56 -81.31
CA GLY XC 73 89.68 -39.90 -79.98
C GLY XC 73 88.21 -40.31 -79.95
N GLU XC 74 87.95 -41.61 -79.89
CA GLU XC 74 86.59 -42.12 -79.78
C GLU XC 74 86.66 -43.57 -79.32
N LEU XC 75 86.09 -43.84 -78.15
CA LEU XC 75 86.08 -45.20 -77.63
C LEU XC 75 85.08 -46.06 -78.41
N PRO XC 76 85.29 -47.37 -78.44
CA PRO XC 76 84.33 -48.27 -79.11
C PRO XC 76 82.94 -48.13 -78.49
N LYS XC 77 81.98 -47.72 -79.32
CA LYS XC 77 80.62 -47.44 -78.87
C LYS XC 77 79.65 -48.39 -79.55
N VAL XC 78 78.71 -48.92 -78.77
CA VAL XC 78 77.70 -49.82 -79.33
C VAL XC 78 76.69 -49.00 -80.13
N ARG XC 79 76.06 -49.66 -81.12
CA ARG XC 79 75.09 -48.99 -81.97
C ARG XC 79 73.72 -49.55 -81.63
N TYR XC 80 73.22 -50.55 -82.35
CA TYR XC 80 71.90 -51.12 -82.11
C TYR XC 80 72.03 -52.44 -81.35
N THR XC 81 70.89 -52.94 -80.90
CA THR XC 81 70.82 -54.20 -80.16
C THR XC 81 69.71 -55.06 -80.75
N GLN XC 82 70.01 -56.34 -80.95
CA GLN XC 82 69.05 -57.30 -81.49
C GLN XC 82 68.75 -58.37 -80.46
N VAL XC 83 67.45 -58.68 -80.31
CA VAL XC 83 66.98 -59.66 -79.33
C VAL XC 83 66.19 -60.73 -80.08
N TRP XC 84 66.58 -61.98 -79.89
CA TRP XC 84 65.92 -63.13 -80.52
C TRP XC 84 65.73 -64.19 -79.43
N SER XC 85 64.59 -64.13 -78.74
CA SER XC 85 64.26 -65.06 -77.68
C SER XC 85 63.45 -66.23 -78.21
N HIS XC 86 63.32 -67.26 -77.37
CA HIS XC 86 62.57 -68.45 -77.73
C HIS XC 86 61.71 -68.88 -76.54
N ASP XC 87 60.89 -69.90 -76.77
CA ASP XC 87 60.02 -70.42 -75.71
C ASP XC 87 59.64 -71.85 -76.09
N VAL XC 88 60.08 -72.81 -75.28
CA VAL XC 88 59.82 -74.23 -75.52
C VAL XC 88 58.95 -74.74 -74.37
N THR XC 89 57.74 -75.19 -74.71
CA THR XC 89 56.80 -75.74 -73.74
C THR XC 89 56.45 -77.16 -74.18
N ILE XC 90 57.31 -78.11 -73.83
CA ILE XC 90 57.13 -79.52 -74.18
C ILE XC 90 56.90 -80.31 -72.90
N VAL XC 91 55.81 -81.08 -72.87
CA VAL XC 91 55.51 -81.88 -71.70
C VAL XC 91 56.44 -83.09 -71.64
N ALA XC 92 56.62 -83.64 -70.43
CA ALA XC 92 57.52 -84.77 -70.25
C ALA XC 92 56.95 -86.02 -70.91
N ASN XC 93 55.75 -86.42 -70.51
CA ASN XC 93 55.09 -87.61 -71.06
C ASN XC 93 54.57 -87.28 -72.46
N SER XC 94 55.47 -87.33 -73.43
CA SER XC 94 55.12 -87.05 -74.82
C SER XC 94 55.46 -88.24 -75.71
N THR XC 95 56.08 -87.96 -76.86
CA THR XC 95 56.46 -89.01 -77.80
C THR XC 95 57.79 -88.65 -78.44
N GLU XC 96 58.73 -89.59 -78.41
CA GLU XC 96 60.05 -89.33 -78.99
C GLU XC 96 59.96 -89.15 -80.50
N ALA XC 97 59.14 -89.96 -81.17
CA ALA XC 97 58.99 -89.82 -82.62
C ALA XC 97 58.34 -88.49 -82.98
N SER XC 98 57.33 -88.08 -82.20
CA SER XC 98 56.69 -86.79 -82.45
C SER XC 98 57.66 -85.64 -82.22
N ARG XC 99 58.47 -85.73 -81.17
CA ARG XC 99 59.45 -84.68 -80.91
C ARG XC 99 60.49 -84.62 -82.02
N LYS XC 100 60.93 -85.78 -82.51
CA LYS XC 100 61.90 -85.79 -83.61
C LYS XC 100 61.30 -85.21 -84.88
N SER XC 101 60.03 -85.54 -85.17
CA SER XC 101 59.38 -84.98 -86.35
C SER XC 101 59.21 -83.48 -86.22
N LEU XC 102 58.87 -83.00 -85.03
CA LEU XC 102 58.73 -81.56 -84.82
C LEU XC 102 60.07 -80.85 -84.98
N TYR XC 103 61.15 -81.45 -84.45
CA TYR XC 103 62.47 -80.85 -84.61
C TYR XC 103 62.89 -80.83 -86.07
N ASP XC 104 62.60 -81.89 -86.82
CA ASP XC 104 62.92 -81.91 -88.24
C ASP XC 104 62.14 -80.86 -89.01
N LEU XC 105 60.85 -80.70 -88.67
CA LEU XC 105 60.04 -79.68 -89.32
C LEU XC 105 60.56 -78.28 -89.01
N THR XC 106 60.96 -78.04 -87.76
CA THR XC 106 61.53 -76.74 -87.40
C THR XC 106 62.84 -76.48 -88.14
N LYS XC 107 63.69 -77.51 -88.24
CA LYS XC 107 64.95 -77.36 -88.96
C LYS XC 107 64.70 -77.06 -90.43
N SER XC 108 63.72 -77.74 -91.03
CA SER XC 108 63.39 -77.49 -92.43
C SER XC 108 62.85 -76.07 -92.63
N LEU XC 109 61.98 -75.62 -91.73
CA LEU XC 109 61.45 -74.26 -91.83
C LEU XC 109 62.54 -73.22 -91.62
N VAL XC 110 63.54 -73.52 -90.80
CA VAL XC 110 64.64 -72.58 -90.61
C VAL XC 110 65.54 -72.55 -91.83
N ALA XC 111 65.85 -73.72 -92.39
CA ALA XC 111 66.76 -73.81 -93.54
C ALA XC 111 66.10 -73.44 -94.85
N THR XC 112 64.77 -73.30 -94.89
CA THR XC 112 64.10 -72.93 -96.13
C THR XC 112 64.48 -71.51 -96.54
N SER XC 113 64.20 -71.19 -97.81
CA SER XC 113 64.54 -69.89 -98.38
C SER XC 113 63.49 -68.83 -98.11
N GLN XC 114 62.31 -69.21 -97.62
CA GLN XC 114 61.25 -68.24 -97.34
C GLN XC 114 61.56 -67.40 -96.11
N VAL XC 115 62.03 -68.02 -95.04
CA VAL XC 115 62.38 -67.26 -93.84
C VAL XC 115 63.57 -66.36 -94.10
N GLU XC 116 64.53 -66.81 -94.92
CA GLU XC 116 65.66 -65.95 -95.27
C GLU XC 116 65.20 -64.70 -96.01
N ASP XC 117 64.26 -64.85 -96.95
CA ASP XC 117 63.73 -63.69 -97.66
C ASP XC 117 62.93 -62.80 -96.72
N LEU XC 118 62.14 -63.39 -95.82
CA LEU XC 118 61.40 -62.62 -94.83
C LEU XC 118 62.33 -61.81 -93.94
N VAL XC 119 63.50 -62.36 -93.63
CA VAL XC 119 64.46 -61.66 -92.77
C VAL XC 119 65.16 -60.55 -93.54
N VAL XC 120 65.62 -60.85 -94.75
CA VAL XC 120 66.42 -59.91 -95.54
C VAL XC 120 65.52 -58.84 -96.14
N ASN XC 121 64.68 -59.22 -97.10
CA ASN XC 121 63.88 -58.26 -97.84
C ASN XC 121 62.65 -57.78 -97.09
N LEU XC 122 62.42 -58.27 -95.86
CA LEU XC 122 61.27 -57.87 -95.05
C LEU XC 122 59.95 -58.13 -95.75
N VAL XC 123 59.91 -59.12 -96.62
CA VAL XC 123 58.70 -59.49 -97.34
C VAL XC 123 57.94 -60.54 -96.53
N PRO XC 124 56.63 -60.38 -96.33
CA PRO XC 124 55.89 -61.36 -95.52
C PRO XC 124 55.99 -62.76 -96.12
N LEU XC 125 56.03 -63.76 -95.24
CA LEU XC 125 56.17 -65.15 -95.65
C LEU XC 125 54.92 -65.60 -96.39
N GLY XC 126 55.09 -66.01 -97.65
CA GLY XC 126 53.99 -66.46 -98.46
C GLY XC 126 54.37 -66.76 -99.89
N ARG XC 127 55.08 -67.87 -100.10
CA ARG XC 127 55.51 -68.26 -101.44
C ARG XC 127 54.79 -69.53 -101.90
N SER YC 1 56.91 -64.60 -105.95
CA SER YC 1 56.54 -63.20 -105.87
C SER YC 1 56.26 -62.63 -107.26
N LYS YC 2 56.52 -61.33 -107.41
CA LYS YC 2 56.23 -60.61 -108.65
C LYS YC 2 57.31 -59.57 -108.88
N THR YC 3 58.02 -59.67 -109.99
CA THR YC 3 59.12 -58.78 -110.32
C THR YC 3 58.74 -57.87 -111.48
N ILE YC 4 59.14 -56.61 -111.39
CA ILE YC 4 58.89 -55.62 -112.42
C ILE YC 4 60.22 -54.99 -112.80
N VAL YC 5 60.56 -55.05 -114.09
CA VAL YC 5 61.81 -54.52 -114.61
C VAL YC 5 61.55 -53.19 -115.29
N LEU YC 6 62.25 -52.15 -114.86
CA LEU YC 6 62.12 -50.82 -115.43
C LEU YC 6 63.45 -50.40 -116.04
N SER YC 7 63.42 -49.95 -117.29
CA SER YC 7 64.61 -49.54 -118.01
C SER YC 7 64.72 -48.01 -117.97
N VAL YC 8 65.80 -47.51 -117.37
CA VAL YC 8 66.01 -46.06 -117.28
C VAL YC 8 66.85 -45.53 -118.43
N GLY YC 9 67.49 -46.40 -119.20
CA GLY YC 9 68.35 -45.96 -120.30
C GLY YC 9 69.67 -46.69 -120.33
N GLU YC 10 70.34 -46.77 -119.18
CA GLU YC 10 71.61 -47.47 -119.06
C GLU YC 10 71.60 -48.58 -118.02
N ALA YC 11 70.68 -48.55 -117.06
CA ALA YC 11 70.57 -49.57 -116.03
C ALA YC 11 69.12 -50.03 -115.93
N THR YC 12 68.93 -51.18 -115.29
CA THR YC 12 67.61 -51.78 -115.12
C THR YC 12 67.31 -51.91 -113.63
N ARG YC 13 66.19 -51.35 -113.19
CA ARG YC 13 65.75 -51.42 -111.81
C ARG YC 13 64.70 -52.52 -111.66
N THR YC 14 64.71 -53.17 -110.49
CA THR YC 14 63.82 -54.29 -110.21
C THR YC 14 62.96 -53.96 -108.99
N LEU YC 15 61.65 -54.02 -109.16
CA LEU YC 15 60.69 -53.85 -108.07
C LEU YC 15 60.07 -55.19 -107.73
N THR YC 16 59.98 -55.48 -106.44
CA THR YC 16 59.48 -56.77 -105.96
C THR YC 16 58.19 -56.58 -105.18
N GLU YC 17 57.24 -57.48 -105.39
CA GLU YC 17 55.99 -57.46 -104.64
C GLU YC 17 56.26 -57.83 -103.19
N ILE YC 18 55.76 -56.97 -102.29
CA ILE YC 18 55.94 -57.11 -100.85
C ILE YC 18 54.65 -57.56 -100.18
N GLN YC 19 53.60 -56.77 -100.33
CA GLN YC 19 52.36 -56.89 -99.57
C GLN YC 19 51.24 -57.27 -100.53
N SER YC 20 51.17 -58.56 -100.86
CA SER YC 20 50.20 -59.06 -101.83
C SER YC 20 48.82 -59.10 -101.19
N THR YC 21 47.97 -58.15 -101.58
CA THR YC 21 46.59 -58.10 -101.12
C THR YC 21 45.72 -57.53 -102.25
N ALA YC 22 44.44 -57.92 -102.24
CA ALA YC 22 43.55 -57.52 -103.33
C ALA YC 22 43.29 -56.02 -103.31
N ASP YC 23 42.87 -55.48 -102.17
CA ASP YC 23 42.52 -54.07 -102.07
C ASP YC 23 43.72 -53.15 -101.94
N ARG YC 24 44.94 -53.70 -101.82
CA ARG YC 24 46.13 -52.87 -101.68
C ARG YC 24 47.34 -53.71 -102.08
N GLN YC 25 47.95 -53.36 -103.20
CA GLN YC 25 49.17 -54.02 -103.67
C GLN YC 25 50.34 -53.06 -103.49
N ILE YC 26 51.36 -53.50 -102.76
CA ILE YC 26 52.51 -52.68 -102.41
C ILE YC 26 53.74 -53.29 -103.05
N PHE YC 27 54.29 -52.60 -104.05
CA PHE YC 27 55.54 -53.00 -104.68
C PHE YC 27 56.68 -52.14 -104.16
N GLU YC 28 57.81 -52.77 -103.89
CA GLU YC 28 58.99 -52.09 -103.32
C GLU YC 28 60.22 -52.43 -104.14
N GLU YC 29 61.01 -51.40 -104.45
CA GLU YC 29 62.23 -51.58 -105.23
C GLU YC 29 63.35 -52.11 -104.35
N LYS YC 30 64.06 -53.12 -104.84
CA LYS YC 30 65.16 -53.74 -104.12
C LYS YC 30 66.47 -53.38 -104.82
N VAL YC 31 67.24 -52.49 -104.19
CA VAL YC 31 68.54 -52.09 -104.72
C VAL YC 31 69.57 -52.15 -103.60
N GLY YC 32 69.27 -51.47 -102.49
CA GLY YC 32 70.16 -51.46 -101.34
C GLY YC 32 69.40 -51.25 -100.05
N PRO YC 33 69.38 -50.01 -99.56
CA PRO YC 33 68.61 -49.71 -98.34
C PRO YC 33 67.12 -49.77 -98.61
N LEU YC 34 66.42 -50.63 -97.87
CA LEU YC 34 64.99 -50.80 -98.10
C LEU YC 34 64.20 -49.58 -97.60
N VAL YC 35 64.65 -48.95 -96.52
CA VAL YC 35 63.98 -47.76 -96.02
C VAL YC 35 64.30 -46.57 -96.91
N GLY YC 36 63.29 -45.77 -97.22
CA GLY YC 36 63.47 -44.62 -98.08
C GLY YC 36 63.84 -44.98 -99.50
N ARG YC 37 63.00 -45.82 -100.13
CA ARG YC 37 63.26 -46.25 -101.50
C ARG YC 37 62.06 -45.96 -102.40
N LEU YC 38 61.88 -46.76 -103.43
CA LEU YC 38 60.78 -46.60 -104.38
C LEU YC 38 59.65 -47.55 -104.00
N ARG YC 39 58.46 -47.00 -103.79
CA ARG YC 39 57.29 -47.77 -103.44
C ARG YC 39 56.13 -47.41 -104.35
N LEU YC 40 55.26 -48.40 -104.59
CA LEU YC 40 54.12 -48.23 -105.48
C LEU YC 40 52.90 -48.89 -104.84
N THR YC 41 51.82 -48.13 -104.73
CA THR YC 41 50.57 -48.60 -104.14
C THR YC 41 49.50 -48.65 -105.23
N ALA YC 42 48.89 -49.83 -105.39
CA ALA YC 42 47.84 -50.04 -106.38
C ALA YC 42 46.56 -50.49 -105.68
N SER YC 43 45.43 -49.96 -106.14
CA SER YC 43 44.14 -50.32 -105.56
C SER YC 43 43.08 -50.36 -106.66
N LEU YC 44 42.18 -51.32 -106.58
CA LEU YC 44 41.08 -51.48 -107.52
C LEU YC 44 39.80 -51.75 -106.75
N ARG YC 45 38.72 -51.08 -107.15
CA ARG YC 45 37.45 -51.25 -106.46
C ARG YC 45 36.32 -50.96 -107.44
N GLN YC 46 35.10 -50.90 -106.91
CA GLN YC 46 33.89 -50.57 -107.66
C GLN YC 46 33.38 -49.21 -107.20
N ASN YC 47 32.11 -48.92 -107.52
CA ASN YC 47 31.50 -47.65 -107.15
C ASN YC 47 29.99 -47.77 -107.27
N GLY YC 48 29.29 -46.96 -106.48
CA GLY YC 48 27.84 -46.85 -106.57
C GLY YC 48 27.09 -48.16 -106.54
N ALA YC 49 26.37 -48.47 -107.61
CA ALA YC 49 25.59 -49.69 -107.72
C ALA YC 49 26.09 -50.51 -108.90
N LYS YC 50 27.35 -50.97 -108.81
CA LYS YC 50 27.98 -51.82 -109.81
C LYS YC 50 27.95 -51.18 -111.19
N THR YC 51 28.14 -49.86 -111.23
CA THR YC 51 28.16 -49.14 -112.51
C THR YC 51 29.57 -49.14 -113.11
N ALA YC 52 30.45 -48.31 -112.57
CA ALA YC 52 31.81 -48.21 -113.08
C ALA YC 52 32.81 -48.81 -112.11
N TYR YC 53 34.07 -48.39 -112.19
CA TYR YC 53 35.11 -48.89 -111.31
C TYR YC 53 36.00 -47.73 -110.89
N ARG YC 54 36.96 -48.02 -110.01
CA ARG YC 54 37.88 -47.00 -109.51
C ARG YC 54 39.24 -47.64 -109.31
N VAL YC 55 40.25 -47.07 -109.98
CA VAL YC 55 41.62 -47.55 -109.88
C VAL YC 55 42.49 -46.42 -109.35
N ASN YC 56 43.33 -46.75 -108.36
CA ASN YC 56 44.22 -45.78 -107.75
C ASN YC 56 45.65 -46.29 -107.83
N LEU YC 57 46.56 -45.43 -108.30
CA LEU YC 57 47.97 -45.77 -108.45
C LEU YC 57 48.81 -44.64 -107.90
N LYS YC 58 49.58 -44.93 -106.85
CA LYS YC 58 50.44 -43.94 -106.22
C LYS YC 58 51.88 -44.43 -106.26
N LEU YC 59 52.82 -43.50 -106.49
CA LEU YC 59 54.23 -43.82 -106.56
C LEU YC 59 55.00 -42.85 -105.67
N ASP YC 60 55.70 -43.39 -104.68
CA ASP YC 60 56.44 -42.58 -103.72
C ASP YC 60 57.91 -42.95 -103.76
N GLN YC 61 58.76 -41.95 -103.48
CA GLN YC 61 60.20 -42.15 -103.44
C GLN YC 61 60.82 -41.06 -102.59
N ALA YC 62 61.36 -41.43 -101.43
CA ALA YC 62 61.96 -40.49 -100.50
C ALA YC 62 63.48 -40.63 -100.54
N ASP YC 63 64.16 -39.51 -100.71
CA ASP YC 63 65.62 -39.50 -100.75
C ASP YC 63 66.19 -39.67 -99.36
N VAL YC 64 67.38 -40.26 -99.27
CA VAL YC 64 68.05 -40.51 -98.01
C VAL YC 64 69.43 -39.85 -98.05
N VAL YC 65 69.95 -39.57 -96.86
CA VAL YC 65 71.27 -38.97 -96.70
C VAL YC 65 71.99 -39.70 -95.58
N ASP YC 66 73.33 -39.67 -95.65
CA ASP YC 66 74.17 -40.37 -94.68
C ASP YC 66 75.49 -39.61 -94.52
N CYS YC 67 76.00 -39.60 -93.29
CA CYS YC 67 77.24 -38.91 -92.98
C CYS YC 67 78.33 -39.84 -92.44
N SER YC 68 78.14 -41.16 -92.54
CA SER YC 68 79.14 -42.08 -92.02
C SER YC 68 80.42 -42.08 -92.84
N THR YC 69 80.40 -41.47 -94.03
CA THR YC 69 81.61 -41.42 -94.85
C THR YC 69 82.63 -40.43 -94.28
N SER YC 70 82.17 -39.35 -93.66
CA SER YC 70 83.08 -38.35 -93.10
C SER YC 70 82.83 -38.18 -91.60
N VAL YC 71 81.59 -37.88 -91.22
CA VAL YC 71 81.24 -37.68 -89.82
C VAL YC 71 81.25 -39.04 -89.12
N CYS YC 72 81.67 -39.07 -87.87
CA CYS YC 72 81.77 -40.36 -87.20
C CYS YC 72 80.52 -40.64 -86.36
N GLY YC 73 79.36 -40.49 -87.01
CA GLY YC 73 78.16 -41.08 -86.47
C GLY YC 73 76.87 -40.40 -86.92
N GLU YC 74 76.20 -41.01 -87.90
CA GLU YC 74 74.92 -40.49 -88.38
C GLU YC 74 74.22 -41.61 -89.16
N LEU YC 75 73.05 -42.02 -88.68
CA LEU YC 75 72.30 -43.06 -89.37
C LEU YC 75 71.67 -42.50 -90.64
N PRO YC 76 71.39 -43.35 -91.62
CA PRO YC 76 70.71 -42.89 -92.84
C PRO YC 76 69.36 -42.27 -92.51
N LYS YC 77 69.21 -41.00 -92.85
CA LYS YC 77 68.03 -40.21 -92.52
C LYS YC 77 67.33 -39.77 -93.80
N VAL YC 78 66.00 -39.90 -93.81
CA VAL YC 78 65.23 -39.47 -94.97
C VAL YC 78 65.16 -37.94 -95.01
N ARG YC 79 65.00 -37.39 -96.22
CA ARG YC 79 64.95 -35.95 -96.40
C ARG YC 79 63.53 -35.57 -96.77
N TYR YC 80 63.19 -35.45 -98.04
CA TYR YC 80 61.87 -35.07 -98.48
C TYR YC 80 61.09 -36.29 -98.96
N THR YC 81 59.80 -36.10 -99.19
CA THR YC 81 58.91 -37.16 -99.66
C THR YC 81 58.09 -36.62 -100.83
N GLN YC 82 57.97 -37.43 -101.88
CA GLN YC 82 57.22 -37.08 -103.07
C GLN YC 82 56.05 -38.04 -103.24
N VAL YC 83 54.87 -37.49 -103.54
CA VAL YC 83 53.65 -38.25 -103.70
C VAL YC 83 53.08 -37.96 -105.08
N TRP YC 84 52.84 -39.02 -105.86
CA TRP YC 84 52.28 -38.92 -107.21
C TRP YC 84 51.18 -39.96 -107.32
N SER YC 85 49.95 -39.57 -106.97
CA SER YC 85 48.80 -40.46 -107.01
C SER YC 85 48.08 -40.33 -108.35
N HIS YC 86 47.16 -41.27 -108.59
CA HIS YC 86 46.37 -41.29 -109.80
C HIS YC 86 44.93 -41.62 -109.46
N ASP YC 87 44.07 -41.55 -110.47
CA ASP YC 87 42.64 -41.84 -110.29
C ASP YC 87 42.07 -42.23 -111.65
N VAL YC 88 41.64 -43.47 -111.79
CA VAL YC 88 41.07 -43.98 -113.04
C VAL YC 88 39.61 -44.33 -112.79
N THR YC 89 38.72 -43.64 -113.49
CA THR YC 89 37.28 -43.87 -113.41
C THR YC 89 36.76 -44.22 -114.80
N ILE YC 90 36.90 -45.48 -115.18
CA ILE YC 90 36.47 -45.98 -116.48
C ILE YC 90 35.33 -46.96 -116.27
N VAL YC 91 34.21 -46.72 -116.96
CA VAL YC 91 33.06 -47.61 -116.85
C VAL YC 91 33.34 -48.91 -117.60
N ALA YC 92 32.63 -49.97 -117.20
CA ALA YC 92 32.83 -51.28 -117.82
C ALA YC 92 32.32 -51.28 -119.26
N ASN YC 93 31.04 -50.96 -119.45
CA ASN YC 93 30.43 -50.93 -120.78
C ASN YC 93 30.90 -49.66 -121.51
N SER YC 94 32.11 -49.74 -122.07
CA SER YC 94 32.69 -48.62 -122.79
C SER YC 94 33.03 -49.04 -124.22
N THR YC 95 34.22 -48.67 -124.69
CA THR YC 95 34.67 -48.99 -126.03
C THR YC 95 36.15 -49.29 -126.01
N GLU YC 96 36.54 -50.43 -126.58
CA GLU YC 96 37.95 -50.81 -126.60
C GLU YC 96 38.77 -49.85 -127.46
N ALA YC 97 38.23 -49.44 -128.61
CA ALA YC 97 38.94 -48.50 -129.46
C ALA YC 97 39.10 -47.14 -128.77
N SER YC 98 38.05 -46.68 -128.09
CA SER YC 98 38.14 -45.42 -127.37
C SER YC 98 39.14 -45.50 -126.23
N ARG YC 99 39.17 -46.63 -125.51
CA ARG YC 99 40.14 -46.79 -124.43
C ARG YC 99 41.55 -46.82 -124.97
N LYS YC 100 41.77 -47.49 -126.11
CA LYS YC 100 43.10 -47.53 -126.71
C LYS YC 100 43.53 -46.14 -127.18
N SER YC 101 42.61 -45.38 -127.77
CA SER YC 101 42.94 -44.03 -128.21
C SER YC 101 43.27 -43.14 -127.01
N LEU YC 102 42.52 -43.28 -125.91
CA LEU YC 102 42.79 -42.49 -124.72
C LEU YC 102 44.15 -42.86 -124.12
N TYR YC 103 44.48 -44.15 -124.10
CA TYR YC 103 45.78 -44.57 -123.59
C TYR YC 103 46.91 -44.04 -124.47
N ASP YC 104 46.72 -44.06 -125.78
CA ASP YC 104 47.74 -43.53 -126.69
C ASP YC 104 47.91 -42.02 -126.49
N LEU YC 105 46.80 -41.30 -126.31
CA LEU YC 105 46.90 -39.86 -126.06
C LEU YC 105 47.60 -39.58 -124.75
N THR YC 106 47.31 -40.36 -123.71
CA THR YC 106 47.99 -40.17 -122.43
C THR YC 106 49.48 -40.47 -122.56
N LYS YC 107 49.84 -41.53 -123.28
CA LYS YC 107 51.24 -41.85 -123.48
C LYS YC 107 51.95 -40.75 -124.25
N SER YC 108 51.30 -40.18 -125.27
CA SER YC 108 51.90 -39.09 -126.03
C SER YC 108 52.09 -37.85 -125.16
N LEU YC 109 51.08 -37.52 -124.35
CA LEU YC 109 51.19 -36.36 -123.46
C LEU YC 109 52.28 -36.57 -122.41
N VAL YC 110 52.49 -37.82 -121.97
CA VAL YC 110 53.54 -38.09 -121.00
C VAL YC 110 54.91 -37.99 -121.66
N ALA YC 111 55.05 -38.54 -122.87
CA ALA YC 111 56.34 -38.55 -123.56
C ALA YC 111 56.67 -37.23 -124.23
N THR YC 112 55.74 -36.29 -124.30
CA THR YC 112 56.02 -35.00 -124.92
C THR YC 112 57.03 -34.21 -124.07
N SER YC 113 57.61 -33.20 -124.70
CA SER YC 113 58.63 -32.38 -124.05
C SER YC 113 58.04 -31.25 -123.21
N GLN YC 114 56.75 -30.98 -123.32
CA GLN YC 114 56.12 -29.92 -122.55
C GLN YC 114 55.97 -30.29 -121.07
N VAL YC 115 55.53 -31.51 -120.78
CA VAL YC 115 55.41 -31.94 -119.39
C VAL YC 115 56.77 -32.04 -118.73
N GLU YC 116 57.79 -32.45 -119.49
CA GLU YC 116 59.15 -32.51 -118.93
C GLU YC 116 59.62 -31.11 -118.53
N ASP YC 117 59.37 -30.11 -119.37
CA ASP YC 117 59.75 -28.74 -119.02
C ASP YC 117 58.93 -28.23 -117.84
N LEU YC 118 57.64 -28.55 -117.81
CA LEU YC 118 56.80 -28.17 -116.68
C LEU YC 118 57.30 -28.77 -115.37
N VAL YC 119 57.84 -29.99 -115.43
CA VAL YC 119 58.33 -30.65 -114.23
C VAL YC 119 59.69 -30.06 -113.82
N VAL YC 120 60.59 -29.88 -114.78
CA VAL YC 120 61.94 -29.43 -114.47
C VAL YC 120 61.96 -27.94 -114.17
N ASN YC 121 61.71 -27.11 -115.19
CA ASN YC 121 61.83 -25.66 -115.05
C ASN YC 121 60.63 -25.02 -114.36
N LEU YC 122 59.63 -25.81 -113.96
CA LEU YC 122 58.45 -25.29 -113.27
C LEU YC 122 57.72 -24.23 -114.08
N VAL YC 123 57.83 -24.31 -115.41
CA VAL YC 123 57.16 -23.36 -116.30
C VAL YC 123 55.79 -23.91 -116.65
N PRO YC 124 54.73 -23.10 -116.56
CA PRO YC 124 53.39 -23.60 -116.87
C PRO YC 124 53.31 -24.14 -118.30
N LEU YC 125 52.51 -25.20 -118.46
CA LEU YC 125 52.37 -25.86 -119.76
C LEU YC 125 51.66 -24.93 -120.73
N GLY YC 126 52.34 -24.61 -121.83
CA GLY YC 126 51.77 -23.73 -122.84
C GLY YC 126 52.75 -23.38 -123.95
N ARG YC 127 53.02 -24.34 -124.82
CA ARG YC 127 53.94 -24.12 -125.93
C ARG YC 127 53.20 -24.15 -127.26
N SER ZC 1 49.90 -17.26 -120.98
CA SER ZC 1 50.44 -16.41 -119.94
C SER ZC 1 50.97 -15.10 -120.50
N LYS ZC 2 51.99 -14.55 -119.86
CA LYS ZC 2 52.55 -13.25 -120.22
C LYS ZC 2 54.05 -13.29 -120.00
N THR ZC 3 54.82 -13.07 -121.06
CA THR ZC 3 56.28 -13.13 -121.02
C THR ZC 3 56.86 -11.73 -121.19
N ILE ZC 4 57.91 -11.45 -120.42
CA ILE ZC 4 58.61 -10.17 -120.47
C ILE ZC 4 60.09 -10.47 -120.70
N VAL ZC 5 60.65 -9.89 -121.75
CA VAL ZC 5 62.05 -10.09 -122.11
C VAL ZC 5 62.85 -8.86 -121.69
N LEU ZC 6 63.89 -9.08 -120.91
CA LEU ZC 6 64.77 -8.02 -120.44
C LEU ZC 6 66.18 -8.26 -120.95
N SER ZC 7 66.77 -7.24 -121.57
CA SER ZC 7 68.10 -7.33 -122.14
C SER ZC 7 69.10 -6.70 -121.16
N VAL ZC 8 70.04 -7.51 -120.68
CA VAL ZC 8 71.06 -7.03 -119.75
C VAL ZC 8 72.33 -6.56 -120.46
N GLY ZC 9 72.49 -6.89 -121.74
CA GLY ZC 9 73.68 -6.51 -122.48
C GLY ZC 9 74.23 -7.65 -123.31
N GLU ZC 10 74.37 -8.83 -122.69
CA GLU ZC 10 74.84 -10.02 -123.38
C GLU ZC 10 73.88 -11.19 -123.32
N ALA ZC 11 72.95 -11.21 -122.37
CA ALA ZC 11 71.97 -12.28 -122.25
C ALA ZC 11 70.59 -11.66 -122.09
N THR ZC 12 69.56 -12.49 -122.30
CA THR ZC 12 68.17 -12.06 -122.22
C THR ZC 12 67.47 -12.88 -121.14
N ARG ZC 13 66.85 -12.19 -120.19
CA ARG ZC 13 66.10 -12.83 -119.12
C ARG ZC 13 64.61 -12.79 -119.43
N THR ZC 14 63.90 -13.83 -119.00
CA THR ZC 14 62.48 -13.99 -119.27
C THR ZC 14 61.72 -14.07 -117.97
N LEU ZC 15 60.74 -13.19 -117.79
CA LEU ZC 15 59.85 -13.20 -116.65
C LEU ZC 15 58.47 -13.66 -117.09
N THR ZC 16 57.87 -14.55 -116.31
CA THR ZC 16 56.59 -15.16 -116.65
C THR ZC 16 55.53 -14.76 -115.63
N GLU ZC 17 54.32 -14.46 -116.12
CA GLU ZC 17 53.20 -14.16 -115.25
C GLU ZC 17 52.78 -15.40 -114.48
N ILE ZC 18 52.55 -15.24 -113.17
CA ILE ZC 18 52.40 -16.36 -112.23
C ILE ZC 18 51.09 -16.28 -111.44
N GLN ZC 19 50.68 -15.06 -111.05
CA GLN ZC 19 49.47 -14.83 -110.26
C GLN ZC 19 48.68 -13.71 -110.92
N SER ZC 20 47.93 -14.06 -111.95
CA SER ZC 20 47.16 -13.09 -112.73
C SER ZC 20 45.93 -12.66 -111.94
N THR ZC 21 45.99 -11.44 -111.40
CA THR ZC 21 44.86 -10.85 -110.68
C THR ZC 21 44.87 -9.34 -110.91
N ALA ZC 22 43.69 -8.73 -110.83
CA ALA ZC 22 43.55 -7.32 -111.13
C ALA ZC 22 44.29 -6.47 -110.10
N ASP ZC 23 44.00 -6.66 -108.82
CA ASP ZC 23 44.57 -5.84 -107.76
C ASP ZC 23 45.99 -6.24 -107.39
N ARG ZC 24 46.52 -7.32 -107.96
CA ARG ZC 24 47.88 -7.76 -107.63
C ARG ZC 24 48.37 -8.66 -108.77
N GLN ZC 25 49.34 -8.16 -109.53
CA GLN ZC 25 49.98 -8.92 -110.59
C GLN ZC 25 51.39 -9.31 -110.15
N ILE ZC 26 51.67 -10.61 -110.16
CA ILE ZC 26 52.93 -11.15 -109.68
C ILE ZC 26 53.66 -11.79 -110.86
N PHE ZC 27 54.75 -11.19 -111.28
CA PHE ZC 27 55.61 -11.75 -112.32
C PHE ZC 27 56.84 -12.38 -111.68
N GLU ZC 28 57.22 -13.55 -112.17
CA GLU ZC 28 58.36 -14.28 -111.63
C GLU ZC 28 59.29 -14.72 -112.75
N GLU ZC 29 60.59 -14.53 -112.54
CA GLU ZC 29 61.60 -14.87 -113.52
C GLU ZC 29 61.86 -16.37 -113.51
N LYS ZC 30 61.91 -16.96 -114.70
CA LYS ZC 30 62.15 -18.40 -114.86
C LYS ZC 30 63.54 -18.59 -115.46
N VAL ZC 31 64.48 -19.05 -114.64
CA VAL ZC 31 65.84 -19.34 -115.10
C VAL ZC 31 66.25 -20.70 -114.58
N GLY ZC 32 66.15 -20.90 -113.27
CA GLY ZC 32 66.50 -22.16 -112.65
C GLY ZC 32 65.71 -22.41 -111.38
N PRO ZC 33 66.32 -22.12 -110.23
CA PRO ZC 33 65.60 -22.28 -108.95
C PRO ZC 33 64.53 -21.21 -108.81
N LEU ZC 34 63.28 -21.65 -108.65
CA LEU ZC 34 62.18 -20.70 -108.55
C LEU ZC 34 62.20 -19.95 -107.22
N VAL ZC 35 62.63 -20.61 -106.14
CA VAL ZC 35 62.71 -19.96 -104.84
C VAL ZC 35 63.93 -19.04 -104.82
N GLY ZC 36 63.74 -17.83 -104.27
CA GLY ZC 36 64.82 -16.86 -104.21
C GLY ZC 36 65.26 -16.36 -105.57
N ARG ZC 37 64.30 -15.84 -106.35
CA ARG ZC 37 64.60 -15.35 -107.68
C ARG ZC 37 64.13 -13.91 -107.85
N LEU ZC 38 63.79 -13.52 -109.07
CA LEU ZC 38 63.33 -12.16 -109.37
C LEU ZC 38 61.81 -12.15 -109.41
N ARG ZC 39 61.21 -11.29 -108.59
CA ARG ZC 39 59.75 -11.16 -108.53
C ARG ZC 39 59.37 -9.69 -108.67
N LEU ZC 40 58.19 -9.46 -109.24
CA LEU ZC 40 57.68 -8.13 -109.50
C LEU ZC 40 56.20 -8.09 -109.13
N THR ZC 41 55.83 -7.12 -108.29
CA THR ZC 41 54.45 -6.94 -107.84
C THR ZC 41 53.93 -5.63 -108.40
N ALA ZC 42 52.80 -5.69 -109.10
CA ALA ZC 42 52.16 -4.52 -109.69
C ALA ZC 42 50.75 -4.39 -109.14
N SER ZC 43 50.35 -3.16 -108.84
CA SER ZC 43 49.01 -2.88 -108.32
C SER ZC 43 48.52 -1.56 -108.88
N LEU ZC 44 47.22 -1.51 -109.20
CA LEU ZC 44 46.57 -0.31 -109.71
C LEU ZC 44 45.24 -0.13 -108.99
N ARG ZC 45 44.96 1.11 -108.58
CA ARG ZC 45 43.71 1.38 -107.86
C ARG ZC 45 43.32 2.84 -108.10
N GLN ZC 46 42.31 3.28 -107.36
CA GLN ZC 46 41.82 4.65 -107.38
C GLN ZC 46 42.13 5.33 -106.05
N ASN ZC 47 41.47 6.44 -105.78
CA ASN ZC 47 41.68 7.18 -104.54
C ASN ZC 47 40.52 8.14 -104.32
N GLY ZC 48 40.28 8.46 -103.06
CA GLY ZC 48 39.29 9.46 -102.67
C GLY ZC 48 37.93 9.28 -103.29
N ALA ZC 49 37.51 10.26 -104.08
CA ALA ZC 49 36.21 10.24 -104.75
C ALA ZC 49 36.40 10.28 -106.26
N LYS ZC 50 37.03 9.23 -106.79
CA LYS ZC 50 37.25 9.07 -108.23
C LYS ZC 50 37.99 10.26 -108.82
N THR ZC 51 38.96 10.79 -108.06
CA THR ZC 51 39.76 11.92 -108.52
C THR ZC 51 40.96 11.43 -109.33
N ALA ZC 52 41.99 10.94 -108.63
CA ALA ZC 52 43.20 10.46 -109.29
C ALA ZC 52 43.30 8.95 -109.22
N TYR ZC 53 44.52 8.42 -109.34
CA TYR ZC 53 44.76 6.98 -109.28
C TYR ZC 53 46.01 6.72 -108.46
N ARG ZC 54 46.30 5.44 -108.25
CA ARG ZC 54 47.46 5.03 -107.48
C ARG ZC 54 48.03 3.76 -108.09
N VAL ZC 55 49.32 3.82 -108.47
CA VAL ZC 55 50.02 2.69 -109.06
C VAL ZC 55 51.21 2.35 -108.18
N ASN ZC 56 51.36 1.06 -107.88
CA ASN ZC 56 52.45 0.57 -107.05
C ASN ZC 56 53.23 -0.49 -107.81
N LEU ZC 57 54.54 -0.35 -107.83
CA LEU ZC 57 55.43 -1.29 -108.52
C LEU ZC 57 56.59 -1.63 -107.60
N LYS ZC 58 56.71 -2.90 -107.22
CA LYS ZC 58 57.78 -3.37 -106.36
C LYS ZC 58 58.57 -4.46 -107.08
N LEU ZC 59 59.88 -4.46 -106.89
CA LEU ZC 59 60.77 -5.44 -107.51
C LEU ZC 59 61.68 -6.01 -106.43
N ASP ZC 60 61.60 -7.33 -106.24
CA ASP ZC 60 62.38 -8.01 -105.22
C ASP ZC 60 63.26 -9.08 -105.85
N GLN ZC 61 64.43 -9.30 -105.23
CA GLN ZC 61 65.36 -10.31 -105.71
C GLN ZC 61 66.25 -10.71 -104.54
N ALA ZC 62 66.11 -11.95 -104.08
CA ALA ZC 62 66.88 -12.46 -102.96
C ALA ZC 62 67.93 -13.44 -103.47
N ASP ZC 63 69.18 -13.23 -103.06
CA ASP ZC 63 70.28 -14.10 -103.45
C ASP ZC 63 70.22 -15.41 -102.68
N VAL ZC 64 70.72 -16.47 -103.31
CA VAL ZC 64 70.72 -17.81 -102.73
C VAL ZC 64 72.15 -18.32 -102.67
N VAL ZC 65 72.39 -19.27 -101.77
CA VAL ZC 65 73.70 -19.90 -101.61
C VAL ZC 65 73.49 -21.39 -101.44
N ASP ZC 66 74.50 -22.17 -101.82
CA ASP ZC 66 74.45 -23.61 -101.77
C ASP ZC 66 75.84 -24.17 -101.51
N CYS ZC 67 75.89 -25.26 -100.74
CA CYS ZC 67 77.14 -25.90 -100.40
C CYS ZC 67 77.24 -27.34 -100.89
N SER ZC 68 76.32 -27.80 -101.74
CA SER ZC 68 76.36 -29.18 -102.21
C SER ZC 68 77.54 -29.45 -103.13
N THR ZC 69 78.22 -28.40 -103.60
CA THR ZC 69 79.38 -28.61 -104.48
C THR ZC 69 80.58 -29.13 -103.70
N SER ZC 70 80.72 -28.73 -102.44
CA SER ZC 70 81.85 -29.17 -101.62
C SER ZC 70 81.37 -29.88 -100.36
N VAL ZC 71 80.54 -29.21 -99.57
CA VAL ZC 71 80.01 -29.79 -98.35
C VAL ZC 71 79.00 -30.87 -98.71
N CYS ZC 72 78.98 -31.95 -97.93
CA CYS ZC 72 78.08 -33.05 -98.22
C CYS ZC 72 76.74 -32.90 -97.51
N GLY ZC 73 76.13 -31.72 -97.61
CA GLY ZC 73 74.73 -31.58 -97.27
C GLY ZC 73 74.31 -30.19 -96.86
N GLU ZC 74 73.70 -29.45 -97.77
CA GLU ZC 74 73.21 -28.10 -97.48
C GLU ZC 74 72.22 -27.71 -98.56
N LEU ZC 75 70.97 -27.49 -98.18
CA LEU ZC 75 69.96 -27.08 -99.14
C LEU ZC 75 70.18 -25.62 -99.56
N PRO ZC 76 69.72 -25.23 -100.75
CA PRO ZC 76 69.82 -23.82 -101.16
C PRO ZC 76 69.12 -22.90 -100.18
N LYS ZC 77 69.88 -22.00 -99.58
CA LYS ZC 77 69.39 -21.11 -98.54
C LYS ZC 77 69.48 -19.66 -99.00
N VAL ZC 78 68.42 -18.89 -98.75
CA VAL ZC 78 68.43 -17.48 -99.12
C VAL ZC 78 69.32 -16.70 -98.16
N ARG ZC 79 69.87 -15.58 -98.65
CA ARG ZC 79 70.76 -14.76 -97.86
C ARG ZC 79 70.04 -13.47 -97.51
N TYR ZC 80 70.20 -12.40 -98.28
CA TYR ZC 80 69.57 -11.12 -98.01
C TYR ZC 80 68.38 -10.92 -98.95
N THR ZC 81 67.60 -9.88 -98.66
CA THR ZC 81 66.43 -9.53 -99.44
C THR ZC 81 66.45 -8.04 -99.75
N GLN ZC 82 66.16 -7.69 -100.99
CA GLN ZC 82 66.15 -6.31 -101.44
C GLN ZC 82 64.74 -5.93 -101.88
N VAL ZC 83 64.28 -4.76 -101.44
CA VAL ZC 83 62.95 -4.26 -101.73
C VAL ZC 83 63.08 -2.90 -102.40
N TRP ZC 84 62.47 -2.76 -103.58
CA TRP ZC 84 62.47 -1.52 -104.35
C TRP ZC 84 61.05 -1.25 -104.82
N SER ZC 85 60.29 -0.55 -104.00
CA SER ZC 85 58.90 -0.22 -104.30
C SER ZC 85 58.81 1.14 -105.00
N HIS ZC 86 57.62 1.41 -105.54
CA HIS ZC 86 57.35 2.66 -106.23
C HIS ZC 86 55.98 3.18 -105.82
N ASP ZC 87 55.65 4.38 -106.30
CA ASP ZC 87 54.37 5.00 -105.99
C ASP ZC 87 54.08 6.04 -107.07
N VAL ZC 88 53.04 5.81 -107.86
CA VAL ZC 88 52.65 6.70 -108.94
C VAL ZC 88 51.29 7.28 -108.61
N THR ZC 89 51.23 8.60 -108.47
CA THR ZC 89 49.99 9.33 -108.17
C THR ZC 89 49.78 10.36 -109.27
N ILE ZC 90 49.21 9.92 -110.38
CA ILE ZC 90 48.95 10.77 -111.54
C ILE ZC 90 47.44 10.88 -111.72
N VAL ZC 91 46.95 12.11 -111.79
CA VAL ZC 91 45.52 12.34 -111.98
C VAL ZC 91 45.13 12.02 -113.41
N ALA ZC 92 43.85 11.72 -113.62
CA ALA ZC 92 43.37 11.38 -114.95
C ALA ZC 92 43.38 12.59 -115.87
N ASN ZC 93 42.68 13.66 -115.48
CA ASN ZC 93 42.61 14.89 -116.27
C ASN ZC 93 43.93 15.64 -116.11
N SER ZC 94 44.93 15.21 -116.88
CA SER ZC 94 46.25 15.84 -116.85
C SER ZC 94 46.64 16.34 -118.23
N THR ZC 95 47.87 16.07 -118.64
CA THR ZC 95 48.37 16.49 -119.94
C THR ZC 95 49.28 15.41 -120.50
N GLU ZC 96 49.03 15.00 -121.74
CA GLU ZC 96 49.86 13.96 -122.35
C GLU ZC 96 51.28 14.45 -122.57
N ALA ZC 97 51.45 15.69 -123.01
CA ALA ZC 97 52.79 16.24 -123.21
C ALA ZC 97 53.54 16.35 -121.90
N SER ZC 98 52.85 16.78 -120.83
CA SER ZC 98 53.50 16.86 -119.53
C SER ZC 98 53.88 15.48 -119.01
N ARG ZC 99 53.02 14.49 -119.20
CA ARG ZC 99 53.34 13.13 -118.78
C ARG ZC 99 54.54 12.58 -119.55
N LYS ZC 100 54.59 12.84 -120.86
CA LYS ZC 100 55.72 12.39 -121.67
C LYS ZC 100 57.01 13.07 -121.23
N SER ZC 101 56.96 14.37 -120.94
CA SER ZC 101 58.15 15.08 -120.48
C SER ZC 101 58.61 14.55 -119.13
N LEU ZC 102 57.66 14.25 -118.24
CA LEU ZC 102 58.02 13.69 -116.93
C LEU ZC 102 58.64 12.31 -117.07
N TYR ZC 103 58.09 11.49 -117.96
CA TYR ZC 103 58.66 10.17 -118.20
C TYR ZC 103 60.06 10.26 -118.79
N ASP ZC 104 60.27 11.20 -119.72
CA ASP ZC 104 61.60 11.39 -120.28
C ASP ZC 104 62.59 11.87 -119.24
N LEU ZC 105 62.17 12.78 -118.35
CA LEU ZC 105 63.04 13.24 -117.29
C LEU ZC 105 63.40 12.11 -116.33
N THR ZC 106 62.41 11.27 -115.99
CA THR ZC 106 62.68 10.13 -115.12
C THR ZC 106 63.64 9.15 -115.78
N LYS ZC 107 63.45 8.89 -117.08
CA LYS ZC 107 64.36 7.99 -117.79
C LYS ZC 107 65.77 8.56 -117.83
N SER ZC 108 65.91 9.87 -118.05
CA SER ZC 108 67.23 10.49 -118.06
C SER ZC 108 67.89 10.41 -116.69
N LEU ZC 109 67.12 10.67 -115.62
CA LEU ZC 109 67.67 10.59 -114.28
C LEU ZC 109 68.06 9.16 -113.92
N VAL ZC 110 67.34 8.17 -114.44
CA VAL ZC 110 67.69 6.78 -114.18
C VAL ZC 110 68.95 6.40 -114.95
N ALA ZC 111 69.04 6.81 -116.22
CA ALA ZC 111 70.18 6.45 -117.06
C ALA ZC 111 71.42 7.28 -116.79
N THR ZC 112 71.31 8.35 -116.00
CA THR ZC 112 72.49 9.16 -115.71
C THR ZC 112 73.48 8.38 -114.84
N SER ZC 113 74.71 8.89 -114.79
CA SER ZC 113 75.80 8.25 -114.07
C SER ZC 113 75.82 8.60 -112.59
N GLN ZC 114 75.04 9.61 -112.17
CA GLN ZC 114 75.02 10.01 -110.76
C GLN ZC 114 74.28 9.00 -109.89
N VAL ZC 115 73.13 8.51 -110.35
CA VAL ZC 115 72.39 7.51 -109.57
C VAL ZC 115 73.16 6.21 -109.51
N GLU ZC 116 73.88 5.85 -110.58
CA GLU ZC 116 74.70 4.64 -110.56
C GLU ZC 116 75.80 4.75 -109.50
N ASP ZC 117 76.45 5.91 -109.41
CA ASP ZC 117 77.47 6.09 -108.38
C ASP ZC 117 76.85 6.10 -106.99
N LEU ZC 118 75.68 6.73 -106.84
CA LEU ZC 118 75.00 6.72 -105.55
C LEU ZC 118 74.63 5.29 -105.13
N VAL ZC 119 74.30 4.43 -106.08
CA VAL ZC 119 73.96 3.06 -105.75
C VAL ZC 119 75.20 2.24 -105.42
N VAL ZC 120 76.24 2.36 -106.23
CA VAL ZC 120 77.44 1.55 -106.08
C VAL ZC 120 78.28 2.05 -104.90
N ASN ZC 121 78.88 3.23 -105.06
CA ASN ZC 121 79.81 3.76 -104.07
C ASN ZC 121 79.13 4.36 -102.85
N LEU ZC 122 77.79 4.36 -102.80
CA LEU ZC 122 77.04 4.89 -101.67
C LEU ZC 122 77.38 6.37 -101.40
N VAL ZC 123 77.77 7.09 -102.44
CA VAL ZC 123 78.10 8.51 -102.32
C VAL ZC 123 76.83 9.33 -102.56
N PRO ZC 124 76.52 10.31 -101.71
CA PRO ZC 124 75.30 11.09 -101.92
C PRO ZC 124 75.30 11.78 -103.27
N LEU ZC 125 74.11 11.88 -103.87
CA LEU ZC 125 73.95 12.47 -105.19
C LEU ZC 125 74.26 13.96 -105.13
N GLY ZC 126 75.26 14.39 -105.89
CA GLY ZC 126 75.65 15.79 -105.92
C GLY ZC 126 76.89 16.05 -106.76
N ARG ZC 127 76.74 15.97 -108.08
CA ARG ZC 127 77.87 16.21 -108.98
C ARG ZC 127 77.67 17.49 -109.77
N SER AD 1 84.04 14.99 -107.98
CA SER AD 1 84.43 14.70 -106.60
C SER AD 1 85.85 15.15 -106.31
N LYS AD 2 86.52 14.44 -105.39
CA LYS AD 2 87.85 14.80 -104.95
C LYS AD 2 88.63 13.52 -104.68
N THR AD 3 89.74 13.34 -105.39
CA THR AD 3 90.57 12.15 -105.29
C THR AD 3 91.89 12.48 -104.61
N ILE AD 4 92.35 11.57 -103.75
CA ILE AD 4 93.61 11.72 -103.03
C ILE AD 4 94.43 10.46 -103.29
N VAL AD 5 95.64 10.63 -103.81
CA VAL AD 5 96.52 9.52 -104.13
C VAL AD 5 97.60 9.42 -103.05
N LEU AD 6 97.72 8.24 -102.44
CA LEU AD 6 98.71 7.99 -101.40
C LEU AD 6 99.65 6.89 -101.87
N SER AD 7 100.95 7.15 -101.78
CA SER AD 7 101.98 6.21 -102.21
C SER AD 7 102.51 5.47 -100.99
N VAL AD 8 102.34 4.15 -100.98
CA VAL AD 8 102.84 3.33 -99.87
C VAL AD 8 104.23 2.78 -100.12
N GLY AD 9 104.73 2.86 -101.36
CA GLY AD 9 106.04 2.32 -101.67
C GLY AD 9 106.04 1.52 -102.95
N GLU AD 10 105.07 0.60 -103.09
CA GLU AD 10 104.93 -0.21 -104.28
C GLU AD 10 103.57 -0.09 -104.95
N ALA AD 11 102.54 0.36 -104.24
CA ALA AD 11 101.21 0.53 -104.78
C ALA AD 11 100.70 1.92 -104.42
N THR AD 12 99.64 2.34 -105.11
CA THR AD 12 99.03 3.65 -104.90
C THR AD 12 97.58 3.45 -104.51
N ARG AD 13 97.18 4.03 -103.38
CA ARG AD 13 95.82 3.97 -102.90
C ARG AD 13 95.09 5.26 -103.22
N THR AD 14 93.78 5.13 -103.49
CA THR AD 14 92.95 6.26 -103.91
C THR AD 14 91.82 6.43 -102.92
N LEU AD 15 91.72 7.63 -102.34
CA LEU AD 15 90.61 8.00 -101.46
C LEU AD 15 89.70 8.97 -102.17
N THR AD 16 88.39 8.75 -102.07
CA THR AD 16 87.39 9.54 -102.76
C THR AD 16 86.52 10.29 -101.77
N GLU AD 17 86.21 11.54 -102.09
CA GLU AD 17 85.32 12.33 -101.27
C GLU AD 17 83.90 11.78 -101.36
N ILE AD 18 83.31 11.56 -100.18
CA ILE AD 18 81.99 10.96 -100.04
C ILE AD 18 80.97 11.99 -99.60
N GLN AD 19 81.21 12.62 -98.46
CA GLN AD 19 80.24 13.46 -97.75
C GLN AD 19 80.79 14.89 -97.73
N SER AD 20 80.60 15.61 -98.84
CA SER AD 20 81.13 16.96 -99.00
C SER AD 20 80.29 17.93 -98.18
N THR AD 21 80.84 18.38 -97.05
CA THR AD 21 80.20 19.38 -96.20
C THR AD 21 81.27 20.23 -95.56
N ALA AD 22 80.91 21.48 -95.24
CA ALA AD 22 81.87 22.43 -94.71
C ALA AD 22 82.37 22.00 -93.33
N ASP AD 23 81.45 21.76 -92.39
CA ASP AD 23 81.82 21.43 -91.02
C ASP AD 23 82.26 19.99 -90.85
N ARG AD 24 82.16 19.15 -91.89
CA ARG AD 24 82.54 17.75 -91.77
C ARG AD 24 82.82 17.22 -93.17
N GLN AD 25 84.09 16.93 -93.46
CA GLN AD 25 84.49 16.33 -94.72
C GLN AD 25 84.89 14.88 -94.48
N ILE AD 26 84.23 13.96 -95.19
CA ILE AD 26 84.42 12.53 -95.00
C ILE AD 26 85.01 11.96 -96.29
N PHE AD 27 86.26 11.53 -96.23
CA PHE AD 27 86.92 10.86 -97.34
C PHE AD 27 86.96 9.37 -97.09
N GLU AD 28 86.67 8.57 -98.12
CA GLU AD 28 86.62 7.13 -98.01
C GLU AD 28 87.47 6.49 -99.10
N GLU AD 29 88.26 5.49 -98.73
CA GLU AD 29 89.13 4.80 -99.68
C GLU AD 29 88.33 3.79 -100.48
N LYS AD 30 88.54 3.77 -101.79
CA LYS AD 30 87.85 2.87 -102.70
C LYS AD 30 88.85 1.84 -103.22
N VAL AD 31 88.75 0.61 -102.73
CA VAL AD 31 89.60 -0.49 -103.18
C VAL AD 31 88.73 -1.70 -103.48
N GLY AD 32 87.93 -2.11 -102.51
CA GLY AD 32 87.04 -3.24 -102.67
C GLY AD 32 85.80 -3.12 -101.81
N PRO AD 33 85.81 -3.79 -100.65
CA PRO AD 33 84.67 -3.67 -99.72
C PRO AD 33 84.63 -2.30 -99.08
N LEU AD 34 83.51 -1.58 -99.27
CA LEU AD 34 83.40 -0.23 -98.73
C LEU AD 34 83.27 -0.25 -97.22
N VAL AD 35 82.59 -1.26 -96.66
CA VAL AD 35 82.44 -1.35 -95.22
C VAL AD 35 83.75 -1.83 -94.61
N GLY AD 36 84.15 -1.20 -93.50
CA GLY AD 36 85.39 -1.55 -92.84
C GLY AD 36 86.62 -1.22 -93.67
N ARG AD 37 86.75 0.03 -94.08
CA ARG AD 37 87.88 0.45 -94.89
C ARG AD 37 88.59 1.64 -94.25
N LEU AD 38 89.20 2.48 -95.09
CA LEU AD 38 89.93 3.66 -94.62
C LEU AD 38 89.03 4.88 -94.74
N ARG AD 39 88.84 5.58 -93.63
CA ARG AD 39 88.01 6.78 -93.60
C ARG AD 39 88.78 7.91 -92.93
N LEU AD 40 88.48 9.13 -93.35
CA LEU AD 40 89.15 10.33 -92.86
C LEU AD 40 88.10 11.42 -92.63
N THR AD 41 88.09 11.98 -91.43
CA THR AD 41 87.16 13.03 -91.05
C THR AD 41 87.94 14.32 -90.81
N ALA AD 42 87.55 15.38 -91.51
CA ALA AD 42 88.18 16.69 -91.38
C ALA AD 42 87.15 17.72 -90.96
N SER AD 43 87.57 18.61 -90.06
CA SER AD 43 86.68 19.65 -89.56
C SER AD 43 87.49 20.92 -89.32
N LEU AD 44 86.88 22.07 -89.64
CA LEU AD 44 87.49 23.37 -89.44
C LEU AD 44 86.46 24.32 -88.83
N ARG AD 45 86.88 25.09 -87.83
CA ARG AD 45 85.97 26.00 -87.16
C ARG AD 45 86.76 27.16 -86.58
N GLN AD 46 86.09 27.99 -85.79
CA GLN AD 46 86.67 29.11 -85.08
C GLN AD 46 86.67 28.83 -83.58
N ASN AD 47 86.83 29.88 -82.78
CA ASN AD 47 86.86 29.74 -81.33
C ASN AD 47 86.67 31.11 -80.70
N GLY AD 48 86.11 31.10 -79.48
CA GLY AD 48 85.97 32.29 -78.68
C GLY AD 48 85.32 33.47 -79.38
N ALA AD 49 86.07 34.56 -79.52
CA ALA AD 49 85.58 35.76 -80.17
C ALA AD 49 86.44 36.08 -81.39
N LYS AD 50 86.41 35.18 -82.37
CA LYS AD 50 87.12 35.34 -83.65
C LYS AD 50 88.61 35.56 -83.42
N THR AD 51 89.18 34.87 -82.44
CA THR AD 51 90.60 34.97 -82.15
C THR AD 51 91.40 33.99 -83.00
N ALA AD 52 91.38 32.71 -82.62
CA ALA AD 52 92.12 31.69 -83.36
C ALA AD 52 91.19 30.77 -84.13
N TYR AD 53 91.64 29.57 -84.44
CA TYR AD 53 90.84 28.60 -85.17
C TYR AD 53 91.04 27.23 -84.55
N ARG AD 54 90.30 26.23 -85.07
CA ARG AD 54 90.38 24.87 -84.58
C ARG AD 54 90.21 23.92 -85.75
N VAL AD 55 91.21 23.05 -85.95
CA VAL AD 55 91.19 22.06 -87.01
C VAL AD 55 91.28 20.67 -86.40
N ASN AD 56 90.40 19.78 -86.85
CA ASN AD 56 90.36 18.41 -86.36
C ASN AD 56 90.51 17.45 -87.52
N LEU AD 57 91.41 16.49 -87.38
CA LEU AD 57 91.68 15.48 -88.41
C LEU AD 57 91.74 14.11 -87.76
N LYS AD 58 90.81 13.23 -88.14
CA LYS AD 58 90.76 11.88 -87.61
C LYS AD 58 90.87 10.89 -88.75
N LEU AD 59 91.59 9.78 -88.52
CA LEU AD 59 91.78 8.75 -89.51
C LEU AD 59 91.46 7.40 -88.88
N ASP AD 60 90.48 6.70 -89.45
CA ASP AD 60 90.04 5.41 -88.93
C ASP AD 60 90.19 4.33 -89.99
N GLN AD 61 90.47 3.10 -89.52
CA GLN AD 61 90.61 1.97 -90.42
C GLN AD 61 90.34 0.70 -89.61
N ALA AD 62 89.25 0.01 -89.93
CA ALA AD 62 88.86 -1.20 -89.23
C ALA AD 62 89.11 -2.40 -90.11
N ASP AD 63 89.81 -3.40 -89.57
CA ASP AD 63 90.10 -4.61 -90.31
C ASP AD 63 88.87 -5.50 -90.41
N VAL AD 64 88.79 -6.27 -91.49
CA VAL AD 64 87.66 -7.16 -91.73
C VAL AD 64 88.19 -8.59 -91.88
N VAL AD 65 87.29 -9.54 -91.64
CA VAL AD 65 87.61 -10.97 -91.77
C VAL AD 65 86.44 -11.66 -92.47
N ASP AD 66 86.75 -12.76 -93.15
CA ASP AD 66 85.77 -13.51 -93.91
C ASP AD 66 86.14 -14.98 -93.92
N CYS AD 67 85.11 -15.83 -93.88
CA CYS AD 67 85.29 -17.28 -93.86
C CYS AD 67 84.66 -17.97 -95.06
N SER AD 68 84.23 -17.24 -96.08
CA SER AD 68 83.59 -17.86 -97.23
C SER AD 68 84.57 -18.68 -98.07
N THR AD 69 85.88 -18.52 -97.84
CA THR AD 69 86.86 -19.29 -98.59
C THR AD 69 86.88 -20.75 -98.16
N SER AD 70 86.62 -21.03 -96.88
CA SER AD 70 86.64 -22.39 -96.38
C SER AD 70 85.30 -22.76 -95.75
N VAL AD 71 84.85 -21.97 -94.80
CA VAL AD 71 83.58 -22.22 -94.11
C VAL AD 71 82.44 -21.90 -95.09
N CYS AD 72 81.38 -22.69 -95.05
CA CYS AD 72 80.31 -22.41 -96.01
C CYS AD 72 79.23 -21.53 -95.39
N GLY AD 73 79.65 -20.39 -94.84
CA GLY AD 73 78.72 -19.32 -94.58
C GLY AD 73 79.16 -18.36 -93.49
N GLU AD 74 79.70 -17.21 -93.88
CA GLU AD 74 80.11 -16.19 -92.91
C GLU AD 74 80.29 -14.88 -93.67
N LEU AD 75 79.48 -13.87 -93.31
CA LEU AD 75 79.59 -12.57 -93.95
C LEU AD 75 80.85 -11.85 -93.46
N PRO AD 76 81.37 -10.92 -94.27
CA PRO AD 76 82.54 -10.14 -93.83
C PRO AD 76 82.22 -9.37 -92.55
N LYS AD 77 82.99 -9.67 -91.51
CA LYS AD 77 82.76 -9.11 -90.18
C LYS AD 77 83.97 -8.27 -89.76
N VAL AD 78 83.70 -7.09 -89.19
CA VAL AD 78 84.77 -6.23 -88.72
C VAL AD 78 85.36 -6.80 -87.43
N ARG AD 79 86.63 -6.50 -87.18
CA ARG AD 79 87.32 -7.00 -86.00
C ARG AD 79 87.54 -5.83 -85.06
N TYR AD 80 88.69 -5.18 -85.09
CA TYR AD 80 88.99 -4.07 -84.20
C TYR AD 80 88.85 -2.74 -84.94
N THR AD 81 88.90 -1.65 -84.17
CA THR AD 81 88.78 -0.30 -84.71
C THR AD 81 89.90 0.56 -84.14
N GLN AD 82 90.53 1.34 -85.01
CA GLN AD 82 91.62 2.23 -84.61
C GLN AD 82 91.20 3.68 -84.85
N VAL AD 83 91.47 4.54 -83.87
CA VAL AD 83 91.13 5.95 -83.92
C VAL AD 83 92.39 6.76 -83.72
N TRP AD 84 92.67 7.67 -84.67
CA TRP AD 84 93.83 8.55 -84.61
C TRP AD 84 93.35 9.97 -84.95
N SER AD 85 92.95 10.71 -83.93
CA SER AD 85 92.47 12.07 -84.09
C SER AD 85 93.59 13.07 -83.92
N HIS AD 86 93.31 14.32 -84.30
CA HIS AD 86 94.28 15.40 -84.20
C HIS AD 86 93.58 16.65 -83.66
N ASP AD 87 94.38 17.68 -83.41
CA ASP AD 87 93.85 18.95 -82.90
C ASP AD 87 94.85 20.04 -83.24
N VAL AD 88 94.44 20.98 -84.09
CA VAL AD 88 95.29 22.08 -84.53
C VAL AD 88 94.68 23.38 -84.02
N THR AD 89 95.42 24.09 -83.17
CA THR AD 89 94.98 25.36 -82.59
C THR AD 89 96.04 26.41 -82.96
N ILE AD 90 95.94 26.95 -84.16
CA ILE AD 90 96.87 27.95 -84.67
C ILE AD 90 96.12 29.27 -84.85
N VAL AD 91 96.64 30.33 -84.26
CA VAL AD 91 96.00 31.64 -84.39
C VAL AD 91 96.26 32.20 -85.78
N ALA AD 92 95.37 33.12 -86.21
CA ALA AD 92 95.50 33.71 -87.54
C ALA AD 92 96.72 34.61 -87.62
N ASN AD 93 96.78 35.63 -86.75
CA ASN AD 93 97.90 36.57 -86.73
C ASN AD 93 99.12 35.88 -86.10
N SER AD 94 99.81 35.08 -86.91
CA SER AD 94 100.99 34.36 -86.44
C SER AD 94 102.20 34.72 -87.29
N THR AD 95 102.97 33.72 -87.70
CA THR AD 95 104.16 33.94 -88.52
C THR AD 95 104.30 32.80 -89.51
N GLU AD 96 104.46 33.15 -90.79
CA GLU AD 96 104.59 32.12 -91.82
C GLU AD 96 105.87 31.31 -91.63
N ALA AD 97 106.97 31.97 -91.29
CA ALA AD 97 108.23 31.26 -91.07
C ALA AD 97 108.13 30.33 -89.86
N SER AD 98 107.48 30.80 -88.79
CA SER AD 98 107.31 29.95 -87.61
C SER AD 98 106.41 28.76 -87.92
N ARG AD 99 105.35 28.97 -88.70
CA ARG AD 99 104.49 27.86 -89.07
C ARG AD 99 105.22 26.85 -89.95
N LYS AD 100 106.04 27.34 -90.88
CA LYS AD 100 106.82 26.44 -91.72
C LYS AD 100 107.83 25.64 -90.90
N SER AD 101 108.48 26.30 -89.95
CA SER AD 101 109.44 25.60 -89.09
C SER AD 101 108.74 24.55 -88.23
N LEU AD 102 107.55 24.88 -87.71
CA LEU AD 102 106.80 23.91 -86.92
C LEU AD 102 106.36 22.72 -87.76
N TYR AD 103 105.92 22.98 -89.00
CA TYR AD 103 105.53 21.89 -89.89
C TYR AD 103 106.73 21.00 -90.23
N ASP AD 104 107.90 21.61 -90.45
CA ASP AD 104 109.10 20.83 -90.74
C ASP AD 104 109.50 19.99 -89.54
N LEU AD 105 109.41 20.56 -88.33
CA LEU AD 105 109.74 19.80 -87.13
C LEU AD 105 108.76 18.63 -86.94
N THR AD 106 107.47 18.86 -87.19
CA THR AD 106 106.49 17.78 -87.08
C THR AD 106 106.76 16.70 -88.11
N LYS AD 107 107.10 17.08 -89.33
CA LYS AD 107 107.41 16.10 -90.37
C LYS AD 107 108.65 15.29 -90.00
N SER AD 108 109.67 15.95 -89.44
CA SER AD 108 110.87 15.23 -89.01
C SER AD 108 110.57 14.27 -87.87
N LEU AD 109 109.77 14.70 -86.89
CA LEU AD 109 109.40 13.83 -85.79
C LEU AD 109 108.57 12.65 -86.26
N VAL AD 110 107.75 12.85 -87.29
CA VAL AD 110 106.95 11.75 -87.82
C VAL AD 110 107.83 10.77 -88.59
N ALA AD 111 108.76 11.29 -89.40
CA ALA AD 111 109.61 10.44 -90.23
C ALA AD 111 110.77 9.82 -89.46
N THR AD 112 111.01 10.25 -88.22
CA THR AD 112 112.10 9.67 -87.45
C THR AD 112 111.80 8.21 -87.10
N SER AD 113 112.84 7.49 -86.70
CA SER AD 113 112.74 6.08 -86.38
C SER AD 113 112.29 5.81 -84.95
N GLN AD 114 112.26 6.84 -84.10
CA GLN AD 114 111.83 6.67 -82.71
C GLN AD 114 110.33 6.45 -82.59
N VAL AD 115 109.53 7.24 -83.33
CA VAL AD 115 108.07 7.07 -83.28
C VAL AD 115 107.68 5.73 -83.90
N GLU AD 116 108.40 5.29 -84.95
CA GLU AD 116 108.12 3.99 -85.53
C GLU AD 116 108.34 2.87 -84.53
N ASP AD 117 109.44 2.94 -83.77
CA ASP AD 117 109.69 1.93 -82.74
C ASP AD 117 108.66 2.02 -81.63
N LEU AD 118 108.28 3.23 -81.23
CA LEU AD 118 107.24 3.39 -80.21
C LEU AD 118 105.92 2.79 -80.67
N VAL AD 119 105.61 2.87 -81.96
CA VAL AD 119 104.37 2.32 -82.48
C VAL AD 119 104.45 0.80 -82.57
N VAL AD 120 105.55 0.28 -83.10
CA VAL AD 120 105.69 -1.16 -83.35
C VAL AD 120 105.95 -1.89 -82.05
N ASN AD 121 107.14 -1.68 -81.47
CA ASN AD 121 107.58 -2.44 -80.30
C ASN AD 121 106.96 -1.94 -79.00
N LEU AD 122 106.13 -0.89 -79.04
CA LEU AD 122 105.48 -0.34 -77.86
C LEU AD 122 106.49 0.10 -76.80
N VAL AD 123 107.69 0.48 -77.23
CA VAL AD 123 108.74 0.94 -76.32
C VAL AD 123 108.60 2.45 -76.17
N PRO AD 124 108.64 2.98 -74.94
CA PRO AD 124 108.50 4.43 -74.75
C PRO AD 124 109.58 5.20 -75.49
N LEU AD 125 109.20 6.36 -76.01
CA LEU AD 125 110.11 7.20 -76.79
C LEU AD 125 111.22 7.73 -75.89
N GLY AD 126 112.46 7.39 -76.22
CA GLY AD 126 113.60 7.83 -75.45
C GLY AD 126 114.92 7.24 -75.91
N ARG AD 127 115.41 7.70 -77.06
CA ARG AD 127 116.67 7.21 -77.61
C ARG AD 127 117.75 8.28 -77.56
N SER BD 1 70.33 109.50 37.53
CA SER BD 1 70.73 108.10 37.66
C SER BD 1 71.44 107.85 38.99
N LYS BD 2 72.35 106.90 38.99
CA LYS BD 2 73.05 106.48 40.21
C LYS BD 2 74.48 106.12 39.85
N THR BD 3 75.45 106.82 40.44
CA THR BD 3 76.85 106.62 40.15
C THR BD 3 77.55 105.99 41.35
N ILE BD 4 78.45 105.06 41.07
CA ILE BD 4 79.24 104.36 42.09
C ILE BD 4 80.70 104.51 41.73
N VAL BD 5 81.49 105.05 42.66
CA VAL BD 5 82.91 105.28 42.46
C VAL BD 5 83.69 104.21 43.19
N LEU BD 6 84.57 103.51 42.47
CA LEU BD 6 85.40 102.46 43.02
C LEU BD 6 86.86 102.84 42.86
N SER BD 7 87.62 102.78 43.96
CA SER BD 7 89.04 103.14 43.96
C SER BD 7 89.87 101.86 43.88
N VAL BD 8 90.65 101.75 42.81
CA VAL BD 8 91.52 100.57 42.62
C VAL BD 8 92.92 100.80 43.18
N GLY BD 9 93.29 102.03 43.51
CA GLY BD 9 94.62 102.31 44.02
C GLY BD 9 95.24 103.53 43.37
N GLU BD 10 95.19 103.57 42.03
CA GLU BD 10 95.71 104.70 41.27
C GLU BD 10 94.67 105.38 40.38
N ALA BD 11 93.59 104.69 40.02
CA ALA BD 11 92.53 105.25 39.20
C ALA BD 11 91.18 104.99 39.85
N THR BD 12 90.17 105.70 39.40
CA THR BD 12 88.82 105.60 39.92
C THR BD 12 87.87 105.19 38.80
N ARG BD 13 87.14 104.11 39.01
CA ARG BD 13 86.17 103.61 38.06
C ARG BD 13 84.77 104.05 38.46
N THR BD 14 83.93 104.29 37.45
CA THR BD 14 82.57 104.80 37.65
C THR BD 14 81.58 103.81 37.06
N LEU BD 15 80.65 103.34 37.88
CA LEU BD 15 79.56 102.48 37.44
C LEU BD 15 78.26 103.27 37.45
N THR BD 16 77.46 103.12 36.40
CA THR BD 16 76.24 103.88 36.23
C THR BD 16 75.03 102.95 36.23
N GLU BD 17 73.97 103.37 36.90
CA GLU BD 17 72.73 102.60 36.90
C GLU BD 17 72.09 102.64 35.51
N ILE BD 18 71.68 101.46 35.03
CA ILE BD 18 71.23 101.28 33.65
C ILE BD 18 69.79 100.77 33.59
N GLN BD 19 69.42 99.81 34.44
CA GLN BD 19 68.11 99.16 34.42
C GLN BD 19 67.52 99.27 35.82
N SER BD 20 66.94 100.42 36.14
CA SER BD 20 66.40 100.69 37.47
C SER BD 20 65.08 99.94 37.63
N THR BD 21 65.11 98.86 38.41
CA THR BD 21 63.91 98.09 38.73
C THR BD 21 64.06 97.53 40.14
N ALA BD 22 62.92 97.31 40.79
CA ALA BD 22 62.94 96.86 42.18
C ALA BD 22 63.53 95.46 42.30
N ASP BD 23 62.98 94.51 41.55
CA ASP BD 23 63.40 93.10 41.65
C ASP BD 23 64.70 92.81 40.92
N ARG BD 24 65.26 93.79 40.19
CA ARG BD 24 66.50 93.55 39.45
C ARG BD 24 67.14 94.91 39.17
N GLN BD 25 68.26 95.18 39.82
CA GLN BD 25 69.04 96.41 39.60
C GLN BD 25 70.31 96.04 38.84
N ILE BD 26 70.51 96.68 37.69
CA ILE BD 26 71.63 96.38 36.80
C ILE BD 26 72.51 97.61 36.72
N PHE BD 27 73.71 97.53 37.29
CA PHE BD 27 74.70 98.58 37.19
C PHE BD 27 75.75 98.21 36.16
N GLU BD 28 76.14 99.17 35.33
CA GLU BD 28 77.11 98.94 34.27
C GLU BD 28 78.20 99.99 34.31
N GLU BD 29 79.45 99.54 34.17
CA GLU BD 29 80.60 100.44 34.22
C GLU BD 29 80.76 101.16 32.88
N LYS BD 30 80.99 102.46 32.94
CA LYS BD 30 81.17 103.30 31.75
C LYS BD 30 82.62 103.73 31.68
N VAL BD 31 83.38 103.15 30.75
CA VAL BD 31 84.77 103.50 30.53
C VAL BD 31 85.00 103.71 29.04
N GLY BD 32 84.64 102.71 28.25
CA GLY BD 32 84.80 102.77 26.81
C GLY BD 32 83.77 101.92 26.09
N PRO BD 33 84.18 100.71 25.68
CA PRO BD 33 83.22 99.79 25.03
C PRO BD 33 82.22 99.26 26.04
N LEU BD 34 80.94 99.50 25.76
CA LEU BD 34 79.89 99.07 26.69
C LEU BD 34 79.72 97.55 26.68
N VAL BD 35 79.90 96.92 25.52
CA VAL BD 35 79.79 95.47 25.43
C VAL BD 35 81.03 94.83 26.04
N GLY BD 36 80.83 93.78 26.83
CA GLY BD 36 81.93 93.10 27.48
C GLY BD 36 82.64 93.95 28.51
N ARG BD 37 81.88 94.46 29.48
CA ARG BD 37 82.45 95.32 30.51
C ARG BD 37 82.11 94.78 31.90
N LEU BD 38 82.02 95.67 32.88
CA LEU BD 38 81.71 95.30 34.26
C LEU BD 38 80.22 95.52 34.51
N ARG BD 39 79.53 94.47 34.94
CA ARG BD 39 78.11 94.54 35.24
C ARG BD 39 77.85 93.95 36.62
N LEU BD 40 76.81 94.49 37.27
CA LEU BD 40 76.44 94.08 38.62
C LEU BD 40 74.93 93.94 38.70
N THR BD 41 74.47 92.79 39.16
CA THR BD 41 73.05 92.49 39.30
C THR BD 41 72.71 92.36 40.78
N ALA BD 42 71.73 93.14 41.23
CA ALA BD 42 71.28 93.12 42.61
C ALA BD 42 69.80 92.77 42.67
N SER BD 43 69.44 91.94 43.65
CA SER BD 43 68.06 91.53 43.82
C SER BD 43 67.75 91.40 45.31
N LEU BD 44 66.54 91.80 45.69
CA LEU BD 44 66.07 91.71 47.06
C LEU BD 44 64.64 91.18 47.07
N ARG BD 45 64.36 90.24 47.97
CA ARG BD 45 63.04 89.65 48.04
C ARG BD 45 62.78 89.16 49.46
N GLN BD 46 61.68 88.43 49.63
CA GLN BD 46 61.29 87.82 50.89
C GLN BD 46 61.40 86.30 50.78
N ASN BD 47 60.76 85.59 51.70
CA ASN BD 47 60.80 84.13 51.70
C ASN BD 47 59.68 83.61 52.58
N GLY BD 48 59.23 82.39 52.27
CA GLY BD 48 58.26 81.69 53.08
C GLY BD 48 57.02 82.48 53.44
N ALA BD 49 56.81 82.71 54.74
CA ALA BD 49 55.65 83.46 55.22
C ALA BD 49 56.13 84.70 55.97
N LYS BD 50 56.77 85.61 55.24
CA LYS BD 50 57.24 86.88 55.77
C LYS BD 50 58.15 86.68 56.98
N THR BD 51 58.99 85.65 56.92
CA THR BD 51 59.94 85.37 58.00
C THR BD 51 61.23 86.15 57.79
N ALA BD 52 62.08 85.69 56.88
CA ALA BD 52 63.36 86.33 56.62
C ALA BD 52 63.35 87.02 55.26
N TYR BD 53 64.53 87.24 54.70
CA TYR BD 53 64.66 87.89 53.40
C TYR BD 53 65.72 87.17 52.58
N ARG BD 54 65.90 87.60 51.34
CA ARG BD 54 66.86 87.00 50.44
C ARG BD 54 67.47 88.09 49.57
N VAL BD 55 68.79 88.22 49.62
CA VAL BD 55 69.51 89.21 48.83
C VAL BD 55 70.50 88.48 47.93
N ASN BD 56 70.52 88.86 46.66
CA ASN BD 56 71.40 88.25 45.67
C ASN BD 56 72.24 89.34 45.01
N LEU BD 57 73.55 89.13 44.94
CA LEU BD 57 74.48 90.08 44.35
C LEU BD 57 75.44 89.32 43.44
N LYS BD 58 75.40 89.62 42.15
CA LYS BD 58 76.27 88.99 41.16
C LYS BD 58 77.10 90.05 40.46
N LEU BD 59 78.35 89.72 40.17
CA LEU BD 59 79.27 90.63 39.51
C LEU BD 59 79.93 89.90 38.36
N ASP BD 60 79.74 90.40 37.14
CA ASP BD 60 80.27 89.78 35.95
C ASP BD 60 81.20 90.74 35.21
N GLN BD 61 82.20 90.19 34.54
CA GLN BD 61 83.15 90.98 33.76
C GLN BD 61 83.79 90.09 32.72
N ALA BD 62 83.48 90.34 31.46
CA ALA BD 62 84.00 89.54 30.35
C ALA BD 62 85.07 90.34 29.61
N ASP BD 63 86.23 89.72 29.40
CA ASP BD 63 87.31 90.36 28.69
C ASP BD 63 87.04 90.38 27.19
N VAL BD 64 87.58 91.39 26.51
CA VAL BD 64 87.38 91.56 25.08
C VAL BD 64 88.75 91.60 24.40
N VAL BD 65 88.76 91.27 23.11
CA VAL BD 65 89.97 91.29 22.30
C VAL BD 65 89.64 91.94 20.96
N ASP BD 66 90.66 92.52 20.34
CA ASP BD 66 90.50 93.22 19.07
C ASP BD 66 91.79 93.10 18.27
N CYS BD 67 91.63 92.99 16.95
CA CYS BD 67 92.77 92.86 16.04
C CYS BD 67 92.86 93.99 15.02
N SER BD 68 92.09 95.07 15.19
CA SER BD 68 92.12 96.17 14.22
C SER BD 68 93.43 96.94 14.27
N THR BD 69 94.24 96.72 15.30
CA THR BD 69 95.52 97.42 15.38
C THR BD 69 96.53 96.88 14.38
N SER BD 70 96.47 95.58 14.08
CA SER BD 70 97.40 94.97 13.14
C SER BD 70 96.65 94.32 11.98
N VAL BD 71 95.73 93.42 12.30
CA VAL BD 71 94.95 92.71 11.28
C VAL BD 71 93.96 93.70 10.67
N CYS BD 72 93.73 93.58 9.36
CA CYS BD 72 92.83 94.51 8.70
C CYS BD 72 91.40 93.98 8.67
N GLY BD 73 90.89 93.56 9.82
CA GLY BD 73 89.45 93.39 9.98
C GLY BD 73 89.06 92.37 11.03
N GLU BD 74 88.68 92.86 12.21
CA GLU BD 74 88.22 91.98 13.29
C GLU BD 74 87.48 92.84 14.30
N LEU BD 75 86.19 92.56 14.50
CA LEU BD 75 85.41 93.29 15.47
C LEU BD 75 85.79 92.88 16.89
N PRO BD 76 85.58 93.75 17.87
CA PRO BD 76 85.85 93.39 19.27
C PRO BD 76 85.03 92.18 19.67
N LYS BD 77 85.73 91.11 20.06
CA LYS BD 77 85.11 89.84 20.39
C LYS BD 77 85.38 89.48 21.85
N VAL BD 78 84.35 89.01 22.54
CA VAL BD 78 84.50 88.61 23.93
C VAL BD 78 85.25 87.29 24.00
N ARG BD 79 85.95 87.07 25.12
CA ARG BD 79 86.72 85.86 25.31
C ARG BD 79 86.03 85.01 26.35
N TYR BD 80 86.41 85.10 27.63
CA TYR BD 80 85.82 84.30 28.69
C TYR BD 80 84.83 85.14 29.50
N THR BD 81 84.08 84.47 30.36
CA THR BD 81 83.09 85.11 31.21
C THR BD 81 83.27 84.61 32.64
N GLN BD 82 83.24 85.54 33.60
CA GLN BD 82 83.39 85.22 35.01
C GLN BD 82 82.11 85.58 35.75
N VAL BD 83 81.66 84.67 36.61
CA VAL BD 83 80.43 84.83 37.37
C VAL BD 83 80.77 84.70 38.86
N TRP BD 84 80.39 85.71 39.64
CA TRP BD 84 80.62 85.74 41.08
C TRP BD 84 79.32 86.19 41.75
N SER BD 85 78.47 85.23 42.07
CA SER BD 85 77.18 85.50 42.70
C SER BD 85 77.29 85.42 44.22
N HIS BD 86 76.25 85.88 44.90
CA HIS BD 86 76.20 85.88 46.35
C HIS BD 86 74.81 85.44 46.80
N ASP BD 87 74.65 85.28 48.11
CA ASP BD 87 73.37 84.86 48.68
C ASP BD 87 73.35 85.29 50.14
N VAL BD 88 72.46 86.22 50.49
CA VAL BD 88 72.34 86.74 51.83
C VAL BD 88 70.97 86.33 52.37
N THR BD 89 70.98 85.55 53.45
CA THR BD 89 69.75 85.09 54.11
C THR BD 89 69.81 85.53 55.57
N ILE BD 90 69.43 86.78 55.81
CA ILE BD 90 69.43 87.36 57.14
C ILE BD 90 67.99 87.65 57.55
N VAL BD 91 67.60 87.15 58.72
CA VAL BD 91 66.25 87.37 59.21
C VAL BD 91 66.11 88.81 59.71
N ALA BD 92 64.87 89.30 59.73
CA ALA BD 92 64.62 90.67 60.16
C ALA BD 92 64.88 90.84 61.64
N ASN BD 93 64.19 90.05 62.48
CA ASN BD 93 64.34 90.11 63.93
C ASN BD 93 65.65 89.43 64.31
N SER BD 94 66.75 90.18 64.17
CA SER BD 94 68.07 89.67 64.49
C SER BD 94 68.74 90.55 65.55
N THR BD 95 70.01 90.87 65.34
CA THR BD 95 70.77 91.71 66.26
C THR BD 95 71.69 92.60 65.47
N GLU BD 96 71.64 93.92 65.75
CA GLU BD 96 72.49 94.86 65.04
C GLU BD 96 73.97 94.62 65.36
N ALA BD 97 74.30 94.33 66.62
CA ALA BD 97 75.68 94.07 66.99
C ALA BD 97 76.18 92.79 66.32
N SER BD 98 75.34 91.75 66.28
CA SER BD 98 75.74 90.51 65.62
C SER BD 98 75.95 90.71 64.13
N ARG BD 99 75.06 91.50 63.50
CA ARG BD 99 75.22 91.78 62.07
C ARG BD 99 76.49 92.58 61.81
N LYS BD 100 76.80 93.55 62.67
CA LYS BD 100 78.03 94.32 62.50
C LYS BD 100 79.26 93.45 62.69
N SER BD 101 79.23 92.55 63.67
CA SER BD 101 80.36 91.64 63.87
C SER BD 101 80.53 90.70 62.69
N LEU BD 102 79.42 90.21 62.13
CA LEU BD 102 79.50 89.33 60.97
C LEU BD 102 80.05 90.07 59.76
N TYR BD 103 79.63 91.32 59.57
CA TYR BD 103 80.14 92.12 58.46
C TYR BD 103 81.63 92.40 58.63
N ASP BD 104 82.06 92.68 59.86
CA ASP BD 104 83.48 92.91 60.10
C ASP BD 104 84.29 91.64 59.85
N LEU BD 105 83.77 90.48 60.27
CA LEU BD 105 84.47 89.23 60.03
C LEU BD 105 84.56 88.94 58.53
N THR BD 106 83.48 89.20 57.79
CA THR BD 106 83.52 89.01 56.35
C THR BD 106 84.52 89.95 55.68
N LYS BD 107 84.56 91.20 56.12
CA LYS BD 107 85.52 92.15 55.56
C LYS BD 107 86.95 91.72 55.85
N SER BD 108 87.20 91.22 57.07
CA SER BD 108 88.54 90.75 57.41
C SER BD 108 88.93 89.53 56.59
N LEU BD 109 87.99 88.59 56.41
CA LEU BD 109 88.28 87.42 55.59
C LEU BD 109 88.51 87.78 54.13
N VAL BD 110 87.85 88.83 53.64
CA VAL BD 110 88.05 89.26 52.27
C VAL BD 110 89.41 89.96 52.12
N ALA BD 111 89.76 90.81 53.09
CA ALA BD 111 91.00 91.57 53.03
C ALA BD 111 92.22 90.77 53.42
N THR BD 112 92.04 89.57 53.97
CA THR BD 112 93.18 88.75 54.36
C THR BD 112 93.96 88.28 53.13
N SER BD 113 95.18 87.83 53.35
CA SER BD 113 96.08 87.40 52.28
C SER BD 113 95.84 85.95 51.87
N GLN BD 114 95.08 85.17 52.64
CA GLN BD 114 94.82 83.78 52.31
C GLN BD 114 93.87 83.64 51.12
N VAL BD 115 92.79 84.42 51.09
CA VAL BD 115 91.87 84.37 49.96
C VAL BD 115 92.53 84.88 48.68
N GLU BD 116 93.41 85.88 48.80
CA GLU BD 116 94.13 86.36 47.63
C GLU BD 116 95.02 85.28 47.04
N ASP BD 117 95.72 84.53 47.90
CA ASP BD 117 96.54 83.43 47.42
C ASP BD 117 95.68 82.32 46.82
N LEU BD 118 94.55 82.01 47.47
CA LEU BD 118 93.64 81.01 46.93
C LEU BD 118 93.12 81.41 45.55
N VAL BD 119 92.92 82.71 45.32
CA VAL BD 119 92.42 83.16 44.03
C VAL BD 119 93.52 83.14 42.98
N VAL BD 120 94.71 83.63 43.33
CA VAL BD 120 95.81 83.76 42.38
C VAL BD 120 96.45 82.41 42.12
N ASN BD 121 97.14 81.86 43.12
CA ASN BD 121 97.91 80.63 42.95
C ASN BD 121 97.05 79.37 42.98
N LEU BD 122 95.74 79.51 43.15
CA LEU BD 122 94.81 78.36 43.17
C LEU BD 122 95.20 77.34 44.24
N VAL BD 123 95.82 77.81 45.32
CA VAL BD 123 96.20 76.95 46.44
C VAL BD 123 95.06 76.91 47.44
N PRO BD 124 94.66 75.73 47.92
CA PRO BD 124 93.54 75.66 48.86
C PRO BD 124 93.83 76.46 50.13
N LEU BD 125 92.78 77.07 50.67
CA LEU BD 125 92.91 77.92 51.85
C LEU BD 125 93.30 77.07 53.06
N GLY BD 126 94.44 77.38 53.66
CA GLY BD 126 94.91 76.64 54.82
C GLY BD 126 96.29 77.07 55.27
N ARG BD 127 96.40 78.25 55.87
CA ARG BD 127 97.67 78.77 56.35
C ARG BD 127 97.71 78.81 57.87
N SER CD 1 103.63 77.91 53.86
CA SER CD 1 103.73 76.83 52.89
C SER CD 1 105.12 76.18 52.92
N LYS CD 2 105.55 75.67 51.77
CA LYS CD 2 106.81 74.95 51.66
C LYS CD 2 107.43 75.26 50.30
N THR CD 3 108.63 75.82 50.32
CA THR CD 3 109.33 76.22 49.11
C THR CD 3 110.53 75.33 48.88
N ILE CD 4 110.75 74.98 47.61
CA ILE CD 4 111.88 74.14 47.20
C ILE CD 4 112.63 74.89 46.10
N VAL CD 5 113.92 75.10 46.30
CA VAL CD 5 114.77 75.83 45.37
C VAL CD 5 115.62 74.82 44.60
N LEU CD 6 115.54 74.87 43.27
CA LEU CD 6 116.30 73.99 42.40
C LEU CD 6 117.23 74.83 41.52
N SER CD 7 118.51 74.46 41.51
CA SER CD 7 119.53 75.18 40.75
C SER CD 7 119.78 74.43 39.44
N VAL CD 8 119.51 75.10 38.32
CA VAL CD 8 119.72 74.50 37.01
C VAL CD 8 121.10 74.82 36.43
N GLY CD 9 121.82 75.78 37.02
CA GLY CD 9 123.12 76.16 36.51
C GLY CD 9 123.29 77.67 36.44
N GLU CD 10 122.31 78.35 35.86
CA GLU CD 10 122.33 79.80 35.75
C GLU CD 10 121.12 80.48 36.38
N ALA CD 11 120.01 79.76 36.58
CA ALA CD 11 118.81 80.31 37.20
C ALA CD 11 118.35 79.36 38.30
N THR CD 12 117.48 79.87 39.16
CA THR CD 12 116.93 79.12 40.28
C THR CD 12 115.42 79.05 40.15
N ARG CD 13 114.88 77.84 40.16
CA ARG CD 13 113.44 77.62 40.09
C ARG CD 13 112.88 77.35 41.48
N THR CD 14 111.65 77.79 41.70
CA THR CD 14 110.99 77.69 42.99
C THR CD 14 109.71 76.90 42.85
N LEU CD 15 109.59 75.82 43.62
CA LEU CD 15 108.39 75.01 43.68
C LEU CD 15 107.68 75.25 45.01
N THR CD 16 106.36 75.42 44.96
CA THR CD 16 105.57 75.75 46.14
C THR CD 16 104.59 74.63 46.43
N GLU CD 17 104.44 74.32 47.73
CA GLU CD 17 103.47 73.33 48.15
C GLU CD 17 102.05 73.85 47.93
N ILE CD 18 101.22 73.03 47.30
CA ILE CD 18 99.86 73.40 46.93
C ILE CD 18 98.83 72.59 47.71
N GLN CD 19 98.95 71.27 47.69
CA GLN CD 19 97.95 70.35 48.22
C GLN CD 19 98.58 69.56 49.36
N SER CD 20 98.66 70.18 50.53
CA SER CD 20 99.30 69.58 51.69
C SER CD 20 98.40 68.48 52.27
N THR CD 21 98.76 67.22 52.03
CA THR CD 21 98.05 66.08 52.59
C THR CD 21 99.06 64.97 52.86
N ALA CD 22 98.73 64.13 53.83
CA ALA CD 22 99.65 63.08 54.25
C ALA CD 22 99.86 62.05 53.14
N ASP CD 23 98.78 61.48 52.63
CA ASP CD 23 98.87 60.41 51.63
C ASP CD 23 99.15 60.94 50.23
N ARG CD 24 99.18 62.25 50.02
CA ARG CD 24 99.43 62.81 48.69
C ARG CD 24 99.92 64.25 48.86
N GLN CD 25 101.19 64.48 48.56
CA GLN CD 25 101.77 65.82 48.59
C GLN CD 25 102.01 66.28 47.16
N ILE CD 26 101.43 67.42 46.80
CA ILE CD 26 101.47 67.96 45.44
C ILE CD 26 102.24 69.27 45.49
N PHE CD 27 103.43 69.29 44.90
CA PHE CD 27 104.22 70.49 44.74
C PHE CD 27 104.10 71.01 43.32
N GLU CD 28 103.95 72.33 43.18
CA GLU CD 28 103.78 72.96 41.88
C GLU CD 28 104.75 74.13 41.73
N GLU CD 29 105.40 74.20 40.57
CA GLU CD 29 106.36 75.25 40.29
C GLU CD 29 105.65 76.54 39.92
N LYS CD 30 106.08 77.66 40.51
CA LYS CD 30 105.51 78.97 40.27
C LYS CD 30 106.51 79.80 39.48
N VAL CD 31 106.23 80.01 38.20
CA VAL CD 31 107.07 80.83 37.34
C VAL CD 31 106.19 81.80 36.56
N GLY CD 32 105.18 81.27 35.87
CA GLY CD 32 104.26 82.07 35.11
C GLY CD 32 102.90 81.43 34.98
N PRO CD 33 102.65 80.77 33.86
CA PRO CD 33 101.37 80.06 33.69
C PRO CD 33 101.32 78.82 34.58
N LEU CD 34 100.31 78.77 35.44
CA LEU CD 34 100.20 77.64 36.37
C LEU CD 34 99.79 76.37 35.65
N VAL CD 35 98.95 76.47 34.62
CA VAL CD 35 98.54 75.30 33.87
C VAL CD 35 99.68 74.85 32.96
N GLY CD 36 99.92 73.54 32.91
CA GLY CD 36 100.99 73.00 32.09
C GLY CD 36 102.36 73.40 32.58
N ARG CD 37 102.66 73.12 33.85
CA ARG CD 37 103.95 73.47 34.44
C ARG CD 37 104.61 72.24 35.04
N LEU CD 38 105.43 72.45 36.07
CA LEU CD 38 106.15 71.38 36.75
C LEU CD 38 105.39 70.98 38.01
N ARG CD 39 105.04 69.71 38.10
CA ARG CD 39 104.32 69.19 39.26
C ARG CD 39 105.03 67.95 39.80
N LEU CD 40 104.90 67.75 41.11
CA LEU CD 40 105.56 66.64 41.79
C LEU CD 40 104.57 66.03 42.79
N THR CD 41 104.39 64.72 42.70
CA THR CD 41 103.48 63.98 43.56
C THR CD 41 104.30 63.04 44.44
N ALA CD 42 104.12 63.16 45.76
CA ALA CD 42 104.81 62.33 46.73
C ALA CD 42 103.80 61.56 47.57
N SER CD 43 104.11 60.30 47.85
CA SER CD 43 103.23 59.46 48.65
C SER CD 43 104.07 58.52 49.51
N LEU CD 44 103.62 58.30 50.73
CA LEU CD 44 104.28 57.41 51.67
C LEU CD 44 103.23 56.54 52.35
N ARG CD 45 103.51 55.25 52.47
CA ARG CD 45 102.56 54.33 53.08
C ARG CD 45 103.33 53.15 53.69
N GLN CD 46 102.58 52.13 54.12
CA GLN CD 46 103.11 50.90 54.67
C GLN CD 46 102.81 49.76 53.70
N ASN CD 47 102.91 48.52 54.20
CA ASN CD 47 102.66 47.35 53.37
C ASN CD 47 102.45 46.14 54.28
N GLY CD 48 101.69 45.17 53.78
CA GLY CD 48 101.50 43.90 54.45
C GLY CD 48 101.08 44.00 55.90
N ALA CD 49 101.92 43.48 56.80
CA ALA CD 49 101.65 43.50 58.22
C ALA CD 49 102.74 44.28 58.94
N LYS CD 50 102.81 45.59 58.65
CA LYS CD 50 103.75 46.50 59.28
C LYS CD 50 105.20 46.03 59.14
N THR CD 51 105.52 45.46 57.98
CA THR CD 51 106.87 44.99 57.70
C THR CD 51 107.74 46.11 57.14
N ALA CD 52 107.55 46.44 55.86
CA ALA CD 52 108.34 47.48 55.22
C ALA CD 52 107.48 48.71 54.94
N TYR CD 53 107.90 49.53 53.99
CA TYR CD 53 107.18 50.73 53.62
C TYR CD 53 107.17 50.87 52.10
N ARG CD 54 106.46 51.89 51.62
CA ARG CD 54 106.34 52.14 50.19
C ARG CD 54 106.33 53.64 49.95
N VAL CD 55 107.27 54.12 49.15
CA VAL CD 55 107.37 55.53 48.81
C VAL CD 55 107.24 55.68 47.30
N ASN CD 56 106.40 56.62 46.88
CA ASN CD 56 106.17 56.89 45.46
C ASN CD 56 106.46 58.35 45.17
N LEU CD 57 107.24 58.60 44.13
CA LEU CD 57 107.61 59.96 43.72
C LEU CD 57 107.45 60.07 42.21
N LYS CD 58 106.55 60.95 41.78
CA LYS CD 58 106.30 61.17 40.36
C LYS CD 58 106.54 62.64 40.03
N LEU CD 59 107.12 62.89 38.86
CA LEU CD 59 107.42 64.24 38.41
C LEU CD 59 106.89 64.42 37.00
N ASP CD 60 105.98 65.37 36.81
CA ASP CD 60 105.36 65.61 35.52
C ASP CD 60 105.62 67.04 35.07
N GLN CD 61 105.71 67.22 33.75
CA GLN CD 61 105.93 68.54 33.16
C GLN CD 61 105.43 68.51 31.73
N ALA CD 62 104.35 69.25 31.46
CA ALA CD 62 103.75 69.31 30.13
C ALA CD 62 104.08 70.64 29.48
N ASP CD 63 104.59 70.59 28.26
CA ASP CD 63 104.93 71.79 27.52
C ASP CD 63 103.66 72.46 26.98
N VAL CD 64 103.73 73.79 26.84
CA VAL CD 64 102.60 74.58 26.37
C VAL CD 64 103.03 75.36 25.13
N VAL CD 65 102.04 75.73 24.32
CA VAL CD 65 102.27 76.52 23.11
C VAL CD 65 101.21 77.60 23.04
N ASP CD 66 101.55 78.70 22.36
CA ASP CD 66 100.66 79.84 22.24
C ASP CD 66 100.92 80.53 20.91
N CYS CD 67 99.83 81.05 20.31
CA CYS CD 67 99.91 81.73 19.03
C CYS CD 67 99.46 83.18 19.09
N SER CD 68 99.27 83.74 20.29
CA SER CD 68 98.81 85.13 20.39
C SER CD 68 99.86 86.13 19.94
N THR CD 69 101.11 85.69 19.77
CA THR CD 69 102.16 86.60 19.32
C THR CD 69 101.99 86.96 17.84
N SER CD 70 101.49 86.03 17.03
CA SER CD 70 101.31 86.28 15.60
C SER CD 70 99.86 86.10 15.20
N VAL CD 71 99.30 84.92 15.49
CA VAL CD 71 97.91 84.62 15.14
C VAL CD 71 97.00 85.42 16.06
N CYS CD 72 95.89 85.92 15.53
CA CYS CD 72 95.03 86.73 16.37
C CYS CD 72 93.94 85.90 17.02
N GLY CD 73 94.32 84.81 17.66
CA GLY CD 73 93.44 84.16 18.63
C GLY CD 73 93.75 82.69 18.86
N GLU CD 74 94.43 82.39 19.95
CA GLU CD 74 94.74 81.00 20.31
C GLU CD 74 95.15 80.97 21.77
N LEU CD 75 94.37 80.26 22.58
CA LEU CD 75 94.69 80.15 24.00
C LEU CD 75 95.88 79.23 24.21
N PRO CD 76 96.62 79.38 25.31
CA PRO CD 76 97.73 78.48 25.60
C PRO CD 76 97.26 77.04 25.69
N LYS CD 77 97.79 76.19 24.82
CA LYS CD 77 97.37 74.80 24.71
C LYS CD 77 98.53 73.87 25.03
N VAL CD 78 98.26 72.83 25.82
CA VAL CD 78 99.29 71.87 26.17
C VAL CD 78 99.59 70.98 24.97
N ARG CD 79 100.81 70.46 24.92
CA ARG CD 79 101.24 69.61 23.82
C ARG CD 79 101.38 68.19 24.33
N TYR CD 80 102.56 67.76 24.74
CA TYR CD 80 102.77 66.40 25.23
C TYR CD 80 102.86 66.40 26.75
N THR CD 81 102.86 65.19 27.31
CA THR CD 81 102.93 64.99 28.75
C THR CD 81 103.99 63.93 29.05
N GLN CD 82 104.82 64.21 30.05
CA GLN CD 82 105.88 63.29 30.46
C GLN CD 82 105.64 62.83 31.88
N VAL CD 83 105.78 61.53 32.11
CA VAL CD 83 105.55 60.91 33.41
C VAL CD 83 106.81 60.18 33.83
N TRP CD 84 107.32 60.50 35.01
CA TRP CD 84 108.52 59.89 35.57
C TRP CD 84 108.22 59.53 37.04
N SER CD 85 107.70 58.32 37.25
CA SER CD 85 107.35 57.84 38.57
C SER CD 85 108.51 57.06 39.19
N HIS CD 86 108.38 56.80 40.49
CA HIS CD 86 109.39 56.06 41.23
C HIS CD 86 108.71 55.06 42.16
N ASP CD 87 109.52 54.24 42.81
CA ASP CD 87 109.00 53.23 43.74
C ASP CD 87 110.13 52.85 44.69
N VAL CD 88 109.96 53.17 45.97
CA VAL CD 88 110.94 52.89 47.00
C VAL CD 88 110.35 51.88 47.97
N THR CD 89 110.96 50.70 48.06
CA THR CD 89 110.54 49.63 48.95
C THR CD 89 111.72 49.28 49.87
N ILE CD 90 111.88 50.08 50.93
CA ILE CD 90 112.96 49.89 51.89
C ILE CD 90 112.34 49.49 53.23
N VAL CD 91 112.83 48.38 53.79
CA VAL CD 91 112.33 47.92 55.08
C VAL CD 91 112.86 48.81 56.20
N ALA CD 92 112.15 48.82 57.32
CA ALA CD 92 112.55 49.65 58.45
C ALA CD 92 113.83 49.13 59.09
N ASN CD 93 113.81 47.87 59.53
CA ASN CD 93 114.98 47.24 60.17
C ASN CD 93 116.00 46.89 59.09
N SER CD 94 116.77 47.91 58.67
CA SER CD 94 117.78 47.72 57.66
C SER CD 94 119.16 48.13 58.19
N THR CD 95 119.92 48.88 57.39
CA THR CD 95 121.24 49.32 57.79
C THR CD 95 121.47 50.73 57.26
N GLU CD 96 121.88 51.64 58.15
CA GLU CD 96 122.13 53.03 57.73
C GLU CD 96 123.29 53.11 56.75
N ALA CD 97 124.36 52.35 56.99
CA ALA CD 97 125.49 52.36 56.08
C ALA CD 97 125.11 51.81 54.72
N SER CD 98 124.32 50.73 54.70
CA SER CD 98 123.87 50.17 53.43
C SER CD 98 122.97 51.13 52.68
N ARG CD 99 122.08 51.83 53.40
CA ARG CD 99 121.21 52.80 52.77
C ARG CD 99 122.01 53.97 52.19
N LYS CD 100 123.02 54.42 52.93
CA LYS CD 100 123.87 55.50 52.43
C LYS CD 100 124.66 55.07 51.21
N SER CD 101 125.18 53.85 51.21
CA SER CD 101 125.91 53.35 50.05
C SER CD 101 124.99 53.22 48.84
N LEU CD 102 123.75 52.75 49.06
CA LEU CD 102 122.80 52.64 47.96
C LEU CD 102 122.43 54.01 47.41
N TYR CD 103 122.24 54.99 48.28
CA TYR CD 103 121.95 56.34 47.83
C TYR CD 103 123.11 56.93 47.05
N ASP CD 104 124.34 56.69 47.50
CA ASP CD 104 125.51 57.18 46.78
C ASP CD 104 125.63 56.51 45.41
N LEU CD 105 125.36 55.21 45.34
CA LEU CD 105 125.41 54.52 44.05
C LEU CD 105 124.34 55.04 43.11
N THR CD 106 123.13 55.31 43.63
CA THR CD 106 122.07 55.87 42.79
C THR CD 106 122.44 57.27 42.30
N LYS CD 107 123.03 58.09 43.18
CA LYS CD 107 123.45 59.42 42.76
C LYS CD 107 124.53 59.35 41.70
N SER CD 108 125.48 58.42 41.85
CA SER CD 108 126.53 58.28 40.84
C SER CD 108 125.96 57.81 39.51
N LEU CD 109 125.02 56.86 39.54
CA LEU CD 109 124.40 56.38 38.31
C LEU CD 109 123.57 57.47 37.64
N VAL CD 110 122.98 58.36 38.44
CA VAL CD 110 122.21 59.47 37.86
C VAL CD 110 123.14 60.50 37.25
N ALA CD 111 124.23 60.84 37.94
CA ALA CD 111 125.16 61.86 37.48
C ALA CD 111 126.11 61.36 36.39
N THR CD 112 126.16 60.06 36.14
CA THR CD 112 127.04 59.55 35.10
C THR CD 112 126.57 60.02 33.71
N SER CD 113 127.47 59.90 32.74
CA SER CD 113 127.21 60.35 31.38
C SER CD 113 126.47 59.31 30.54
N GLN CD 114 126.37 58.07 31.02
CA GLN CD 114 125.69 57.01 30.27
C GLN CD 114 124.18 57.21 30.26
N VAL CD 115 123.58 57.53 31.41
CA VAL CD 115 122.15 57.76 31.46
C VAL CD 115 121.77 59.01 30.67
N GLU CD 116 122.63 60.03 30.68
CA GLU CD 116 122.36 61.22 29.88
C GLU CD 116 122.32 60.90 28.40
N ASP CD 117 123.26 60.07 27.93
CA ASP CD 117 123.25 59.66 26.53
C ASP CD 117 122.05 58.78 26.22
N LEU CD 118 121.69 57.88 27.14
CA LEU CD 118 120.50 57.06 26.96
C LEU CD 118 119.23 57.91 26.85
N VAL CD 119 119.18 59.01 27.59
CA VAL CD 119 118.01 59.88 27.55
C VAL CD 119 117.99 60.72 26.27
N VAL CD 120 119.13 61.29 25.90
CA VAL CD 120 119.20 62.21 24.76
C VAL CD 120 119.17 61.42 23.46
N ASN CD 121 120.25 60.69 23.18
CA ASN CD 121 120.41 60.01 21.90
C ASN CD 121 119.61 58.71 21.81
N LEU CD 122 118.89 58.33 22.86
CA LEU CD 122 118.07 57.11 22.86
C LEU CD 122 118.90 55.86 22.58
N VAL CD 123 120.18 55.90 22.94
CA VAL CD 123 121.08 54.76 22.73
C VAL CD 123 121.03 53.89 23.98
N PRO CD 124 120.88 52.57 23.84
CA PRO CD 124 120.82 51.71 25.03
C PRO CD 124 122.07 51.82 25.88
N LEU CD 125 121.88 51.73 27.20
CA LEU CD 125 122.98 51.88 28.15
C LEU CD 125 123.94 50.72 28.01
N GLY CD 126 125.19 51.01 27.68
CA GLY CD 126 126.20 49.98 27.52
C GLY CD 126 127.53 50.52 27.03
N ARG CD 127 128.26 51.22 27.90
CA ARG CD 127 129.55 51.78 27.54
C ARG CD 127 130.69 51.09 28.28
N SER DD 1 125.67 45.27 22.89
CA SER DD 1 124.92 45.30 21.64
C SER DD 1 125.80 44.99 20.44
N LYS DD 2 125.45 45.57 19.29
CA LYS DD 2 126.15 45.30 18.04
C LYS DD 2 126.17 46.58 17.22
N THR DD 3 127.37 47.07 16.91
CA THR DD 3 127.56 48.31 16.18
C THR DD 3 128.08 48.02 14.78
N ILE DD 4 127.57 48.77 13.80
CA ILE DD 4 127.98 48.65 12.41
C ILE DD 4 128.39 50.03 11.92
N VAL DD 5 129.62 50.15 11.42
CA VAL DD 5 130.16 51.41 10.94
C VAL DD 5 130.13 51.41 9.42
N LEU DD 6 129.50 52.44 8.85
CA LEU DD 6 129.39 52.59 7.40
C LEU DD 6 130.08 53.88 6.99
N SER DD 7 130.96 53.80 6.01
CA SER DD 7 131.72 54.94 5.51
C SER DD 7 131.06 55.46 4.24
N VAL DD 8 130.60 56.70 4.27
CA VAL DD 8 129.96 57.32 3.11
C VAL DD 8 130.96 58.10 2.25
N GLY DD 9 132.15 58.36 2.75
CA GLY DD 9 133.14 59.12 2.00
C GLY DD 9 133.81 60.18 2.86
N GLU DD 10 133.01 60.97 3.57
CA GLU DD 10 133.54 61.99 4.46
C GLU DD 10 133.10 61.84 5.91
N ALA DD 11 132.01 61.12 6.17
CA ALA DD 11 131.53 60.88 7.53
C ALA DD 11 131.27 59.39 7.72
N THR DD 12 131.14 58.99 8.98
CA THR DD 12 130.91 57.59 9.35
C THR DD 12 129.59 57.49 10.11
N ARG DD 13 128.70 56.63 9.64
CA ARG DD 13 127.42 56.41 10.28
C ARG DD 13 127.48 55.13 11.11
N THR DD 14 126.74 55.13 12.22
CA THR DD 14 126.75 54.02 13.17
C THR DD 14 125.33 53.48 13.31
N LEU DD 15 125.18 52.18 13.06
CA LEU DD 15 123.91 51.48 13.26
C LEU DD 15 124.03 50.57 14.47
N THR DD 16 123.00 50.58 15.31
CA THR DD 16 123.00 49.84 16.57
C THR DD 16 121.92 48.78 16.54
N GLU DD 17 122.24 47.59 17.06
CA GLU DD 17 121.27 46.52 17.17
C GLU DD 17 120.22 46.88 18.22
N ILE DD 18 118.94 46.71 17.86
CA ILE DD 18 117.82 47.14 18.68
C ILE DD 18 116.95 45.96 19.12
N GLN DD 19 116.61 45.06 18.19
CA GLN DD 19 115.68 43.96 18.43
C GLN DD 19 116.41 42.65 18.11
N SER DD 20 117.22 42.18 19.05
CA SER DD 20 118.03 40.98 18.85
C SER DD 20 117.13 39.75 18.95
N THR DD 21 116.85 39.13 17.80
CA THR DD 21 116.09 37.90 17.74
C THR DD 21 116.60 37.08 16.57
N ALA DD 22 116.45 35.76 16.68
CA ALA DD 22 116.98 34.86 15.66
C ALA DD 22 116.28 35.03 14.33
N ASP DD 23 114.94 34.94 14.32
CA ASP DD 23 114.17 34.99 13.09
C ASP DD 23 113.98 36.41 12.57
N ARG DD 24 114.41 37.43 13.32
CA ARG DD 24 114.23 38.82 12.88
C ARG DD 24 115.25 39.69 13.63
N GLN DD 25 116.24 40.20 12.90
CA GLN DD 25 117.23 41.11 13.45
C GLN DD 25 116.96 42.51 12.92
N ILE DD 26 116.77 43.46 13.83
CA ILE DD 26 116.41 44.83 13.49
C ILE DD 26 117.55 45.75 13.92
N PHE DD 27 118.25 46.32 12.95
CA PHE DD 27 119.29 47.30 13.21
C PHE DD 27 118.77 48.70 12.92
N GLU DD 28 119.08 49.64 13.80
CA GLU DD 28 118.60 51.01 13.66
C GLU DD 28 119.76 51.99 13.79
N GLU DD 29 119.80 52.98 12.90
CA GLU DD 29 120.87 53.97 12.90
C GLU DD 29 120.61 55.02 13.98
N LYS DD 30 121.65 55.35 14.74
CA LYS DD 30 121.58 56.33 15.82
C LYS DD 30 122.36 57.57 15.40
N VAL DD 31 121.63 58.64 15.06
CA VAL DD 31 122.25 59.91 14.69
C VAL DD 31 121.56 61.04 15.45
N GLY DD 32 120.23 61.10 15.34
CA GLY DD 32 119.45 62.10 16.03
C GLY DD 32 118.04 61.62 16.33
N PRO DD 33 117.09 62.02 15.48
CA PRO DD 33 115.70 61.55 15.67
C PRO DD 33 115.59 60.08 15.32
N LEU DD 34 115.13 59.28 16.30
CA LEU DD 34 115.03 57.84 16.08
C LEU DD 34 113.89 57.49 15.12
N VAL DD 35 112.80 58.26 15.17
CA VAL DD 35 111.69 58.01 14.27
C VAL DD 35 112.04 58.51 12.87
N GLY DD 36 111.71 57.72 11.85
CA GLY DD 36 112.02 58.08 10.48
C GLY DD 36 113.50 58.12 10.19
N ARG DD 37 114.19 57.01 10.46
CA ARG DD 37 115.63 56.94 10.23
C ARG DD 37 115.98 55.76 9.35
N LEU DD 38 117.18 55.20 9.53
CA LEU DD 38 117.65 54.07 8.75
C LEU DD 38 117.44 52.79 9.55
N ARG DD 39 116.71 51.84 8.97
CA ARG DD 39 116.44 50.57 9.61
C ARG DD 39 116.79 49.43 8.65
N LEU DD 40 117.20 48.30 9.23
CA LEU DD 40 117.60 47.13 8.48
C LEU DD 40 117.01 45.88 9.12
N THR DD 41 116.32 45.08 8.34
CA THR DD 41 115.69 43.84 8.80
C THR DD 41 116.39 42.66 8.14
N ALA DD 42 116.87 41.73 8.98
CA ALA DD 42 117.55 40.53 8.51
C ALA DD 42 116.81 39.29 9.01
N SER DD 43 116.70 38.29 8.14
CA SER DD 43 116.02 37.05 8.49
C SER DD 43 116.74 35.89 7.81
N LEU DD 44 116.82 34.77 8.53
CA LEU DD 44 117.44 33.56 8.03
C LEU DD 44 116.57 32.36 8.40
N ARG DD 45 116.36 31.47 7.45
CA ARG DD 45 115.51 30.31 7.69
C ARG DD 45 115.94 29.16 6.78
N GLN DD 46 115.15 28.09 6.76
CA GLN DD 46 115.35 26.94 5.92
C GLN DD 46 114.25 26.88 4.87
N ASN DD 47 114.08 25.71 4.25
CA ASN DD 47 113.07 25.53 3.22
C ASN DD 47 112.84 24.04 3.00
N GLY DD 48 111.64 23.70 2.55
CA GLY DD 48 111.29 22.36 2.16
C GLY DD 48 111.64 21.28 3.18
N ALA DD 49 112.51 20.36 2.80
CA ALA DD 49 112.93 19.27 3.68
C ALA DD 49 114.43 19.36 3.92
N LYS DD 50 114.86 20.44 4.57
CA LYS DD 50 116.25 20.66 4.96
C LYS DD 50 117.18 20.60 3.74
N THR DD 51 116.70 21.14 2.61
CA THR DD 51 117.50 21.17 1.38
C THR DD 51 118.39 22.42 1.35
N ALA DD 52 117.79 23.57 1.04
CA ALA DD 52 118.54 24.82 0.95
C ALA DD 52 118.19 25.73 2.11
N TYR DD 53 118.42 27.04 1.93
CA TYR DD 53 118.12 28.03 2.96
C TYR DD 53 117.49 29.24 2.30
N ARG DD 54 117.09 30.21 3.14
CA ARG DD 54 116.45 31.43 2.67
C ARG DD 54 116.91 32.58 3.55
N VAL DD 55 117.50 33.61 2.92
CA VAL DD 55 117.97 34.79 3.62
C VAL DD 55 117.25 36.00 3.04
N ASN DD 56 116.75 36.85 3.94
CA ASN DD 56 116.03 38.06 3.55
C ASN DD 56 116.68 39.26 4.19
N LEU DD 57 116.95 40.29 3.40
CA LEU DD 57 117.59 41.51 3.87
C LEU DD 57 116.84 42.71 3.30
N LYS DD 58 116.24 43.52 4.17
CA LYS DD 58 115.49 44.70 3.78
C LYS DD 58 116.11 45.93 4.43
N LEU DD 59 116.15 47.02 3.68
CA LEU DD 59 116.71 48.28 4.17
C LEU DD 59 115.72 49.40 3.89
N ASP DD 60 115.25 50.06 4.94
CA ASP DD 60 114.27 51.13 4.83
C ASP DD 60 114.82 52.43 5.39
N GLN DD 61 114.39 53.55 4.81
CA GLN DD 61 114.81 54.87 5.26
C GLN DD 61 113.75 55.88 4.82
N ALA DD 62 113.04 56.46 5.79
CA ALA DD 62 111.98 57.42 5.52
C ALA DD 62 112.47 58.82 5.88
N ASP DD 63 112.32 59.75 4.95
CA ASP DD 63 112.72 61.13 5.18
C ASP DD 63 111.71 61.84 6.08
N VAL DD 64 112.20 62.81 6.84
CA VAL DD 64 111.38 63.57 7.77
C VAL DD 64 111.48 65.05 7.43
N VAL DD 65 110.46 65.80 7.84
CA VAL DD 65 110.40 67.23 7.63
C VAL DD 65 109.92 67.90 8.91
N ASP DD 66 110.31 69.16 9.09
CA ASP DD 66 109.97 69.91 10.30
C ASP DD 66 109.85 71.39 9.94
N CYS DD 67 108.91 72.05 10.60
CA CYS DD 67 108.66 73.48 10.39
C CYS DD 67 108.86 74.33 11.63
N SER DD 68 109.45 73.78 12.69
CA SER DD 68 109.65 74.56 13.91
C SER DD 68 110.69 75.66 13.73
N THR DD 69 111.45 75.64 12.65
CA THR DD 69 112.46 76.68 12.42
C THR DD 69 111.81 78.00 12.02
N SER DD 70 110.68 77.94 11.31
CA SER DD 70 110.00 79.16 10.87
C SER DD 70 108.57 79.19 11.38
N VAL DD 71 107.80 78.15 11.08
CA VAL DD 71 106.40 78.07 11.51
C VAL DD 71 106.38 77.82 13.01
N CYS DD 72 105.41 78.42 13.70
CA CYS DD 72 105.34 78.26 15.15
C CYS DD 72 104.45 77.09 15.55
N GLY DD 73 104.68 75.93 14.94
CA GLY DD 73 104.15 74.70 15.49
C GLY DD 73 103.94 73.60 14.47
N GLU DD 74 104.87 72.65 14.41
CA GLU DD 74 104.75 71.50 13.51
C GLU DD 74 105.71 70.43 13.98
N LEU DD 75 105.18 69.27 14.36
CA LEU DD 75 106.02 68.17 14.80
C LEU DD 75 106.73 67.54 13.60
N PRO DD 76 107.88 66.90 13.83
CA PRO DD 76 108.56 66.20 12.74
C PRO DD 76 107.67 65.14 12.12
N LYS DD 77 107.40 65.30 10.83
CA LYS DD 77 106.48 64.42 10.11
C LYS DD 77 107.22 63.70 9.00
N VAL DD 78 106.95 62.40 8.87
CA VAL DD 78 107.58 61.61 7.81
C VAL DD 78 106.95 61.95 6.47
N ARG DD 79 107.72 61.78 5.40
CA ARG DD 79 107.25 62.10 4.06
C ARG DD 79 107.06 60.79 3.30
N TYR DD 80 108.02 60.32 2.54
CA TYR DD 80 107.91 59.09 1.76
C TYR DD 80 108.65 57.96 2.46
N THR DD 81 108.45 56.75 1.95
CA THR DD 81 109.06 55.55 2.49
C THR DD 81 109.65 54.74 1.34
N GLN DD 82 110.88 54.26 1.52
CA GLN DD 82 111.57 53.46 0.52
C GLN DD 82 111.83 52.06 1.06
N VAL DD 83 111.56 51.06 0.24
CA VAL DD 83 111.70 49.66 0.62
C VAL DD 83 112.64 49.00 -0.39
N TRP DD 84 113.70 48.37 0.11
CA TRP DD 84 114.69 47.67 -0.71
C TRP DD 84 114.95 46.31 -0.06
N SER DD 85 114.17 45.31 -0.43
CA SER DD 85 114.30 43.97 0.11
C SER DD 85 115.21 43.11 -0.77
N HIS DD 86 115.59 41.96 -0.23
CA HIS DD 86 116.45 41.02 -0.93
C HIS DD 86 115.92 39.61 -0.73
N ASP DD 87 116.56 38.65 -1.42
CA ASP DD 87 116.17 37.25 -1.33
C ASP DD 87 117.36 36.41 -1.75
N VAL DD 88 117.91 35.64 -0.81
CA VAL DD 88 119.06 34.78 -1.06
C VAL DD 88 118.63 33.33 -0.90
N THR DD 89 118.73 32.56 -1.97
CA THR DD 89 118.36 31.15 -1.99
C THR DD 89 119.60 30.36 -2.44
N ILE DD 90 120.50 30.09 -1.49
CA ILE DD 90 121.73 29.36 -1.75
C ILE DD 90 121.68 28.04 -1.01
N VAL DD 91 121.90 26.94 -1.74
CA VAL DD 91 121.88 25.62 -1.12
C VAL DD 91 123.15 25.42 -0.31
N ALA DD 92 123.07 24.52 0.68
CA ALA DD 92 124.22 24.25 1.54
C ALA DD 92 125.34 23.56 0.78
N ASN DD 93 125.05 22.41 0.18
CA ASN DD 93 126.04 21.65 -0.59
C ASN DD 93 126.25 22.33 -1.93
N SER DD 94 127.08 23.37 -1.91
CA SER DD 94 127.39 24.13 -3.12
C SER DD 94 128.88 24.14 -3.38
N THR DD 95 129.44 25.30 -3.71
CA THR DD 95 130.86 25.44 -3.99
C THR DD 95 131.34 26.78 -3.46
N GLU DD 96 132.42 26.75 -2.67
CA GLU DD 96 132.96 27.99 -2.11
C GLU DD 96 133.49 28.90 -3.20
N ALA DD 97 134.19 28.33 -4.19
CA ALA DD 97 134.71 29.14 -5.28
C ALA DD 97 133.58 29.76 -6.10
N SER DD 98 132.52 28.99 -6.36
CA SER DD 98 131.38 29.52 -7.10
C SER DD 98 130.68 30.62 -6.32
N ARG DD 99 130.54 30.44 -4.99
CA ARG DD 99 129.92 31.47 -4.17
C ARG DD 99 130.76 32.73 -4.16
N LYS DD 100 132.09 32.59 -4.07
CA LYS DD 100 132.97 33.76 -4.09
C LYS DD 100 132.89 34.48 -5.44
N SER DD 101 132.85 33.73 -6.54
CA SER DD 101 132.74 34.34 -7.85
C SER DD 101 131.41 35.07 -8.00
N LEU DD 102 130.32 34.47 -7.49
CA LEU DD 102 129.02 35.12 -7.56
C LEU DD 102 129.00 36.40 -6.73
N TYR DD 103 129.61 36.37 -5.54
CA TYR DD 103 129.67 37.56 -4.71
C TYR DD 103 130.50 38.66 -5.38
N ASP DD 104 131.61 38.28 -6.02
CA ASP DD 104 132.42 39.26 -6.73
C ASP DD 104 131.66 39.86 -7.90
N LEU DD 105 130.91 39.03 -8.63
CA LEU DD 105 130.11 39.55 -9.75
C LEU DD 105 129.03 40.50 -9.25
N THR DD 106 128.39 40.15 -8.14
CA THR DD 106 127.37 41.04 -7.58
C THR DD 106 127.97 42.36 -7.11
N LYS DD 107 129.15 42.29 -6.48
CA LYS DD 107 129.82 43.52 -6.05
C LYS DD 107 130.20 44.39 -7.24
N SER DD 108 130.69 43.77 -8.32
CA SER DD 108 131.03 44.53 -9.51
C SER DD 108 129.80 45.16 -10.15
N LEU DD 109 128.69 44.41 -10.22
CA LEU DD 109 127.47 44.97 -10.78
C LEU DD 109 126.92 46.09 -9.92
N VAL DD 110 127.12 46.03 -8.60
CA VAL DD 110 126.65 47.09 -7.73
C VAL DD 110 127.53 48.33 -7.88
N ALA DD 111 128.85 48.14 -7.95
CA ALA DD 111 129.79 49.25 -8.04
C ALA DD 111 129.89 49.84 -9.44
N THR DD 112 129.32 49.18 -10.45
CA THR DD 112 129.39 49.73 -11.80
C THR DD 112 128.57 51.02 -11.91
N SER DD 113 128.82 51.76 -12.98
CA SER DD 113 128.18 53.04 -13.21
C SER DD 113 126.82 52.92 -13.88
N GLN DD 114 126.47 51.74 -14.40
CA GLN DD 114 125.19 51.54 -15.06
C GLN DD 114 124.03 51.52 -14.08
N VAL DD 115 124.18 50.81 -12.95
CA VAL DD 115 123.12 50.77 -11.95
C VAL DD 115 122.94 52.14 -11.30
N GLU DD 116 124.02 52.89 -11.13
CA GLU DD 116 123.91 54.25 -10.59
C GLU DD 116 123.09 55.13 -11.51
N ASP DD 117 123.33 55.04 -12.82
CA ASP DD 117 122.55 55.83 -13.77
C ASP DD 117 121.09 55.35 -13.80
N LEU DD 118 120.87 54.05 -13.74
CA LEU DD 118 119.51 53.52 -13.68
C LEU DD 118 118.77 54.02 -12.45
N VAL DD 119 119.47 54.18 -11.33
CA VAL DD 119 118.83 54.66 -10.12
C VAL DD 119 118.56 56.15 -10.18
N VAL DD 120 119.55 56.93 -10.63
CA VAL DD 120 119.44 58.39 -10.65
C VAL DD 120 118.54 58.85 -11.79
N ASN DD 121 119.02 58.69 -13.02
CA ASN DD 121 118.32 59.22 -14.19
C ASN DD 121 117.14 58.36 -14.63
N LEU DD 122 116.87 57.25 -13.94
CA LEU DD 122 115.75 56.36 -14.26
C LEU DD 122 115.82 55.84 -15.70
N VAL DD 123 117.03 55.73 -16.23
CA VAL DD 123 117.25 55.23 -17.59
C VAL DD 123 117.42 53.72 -17.53
N PRO DD 124 116.74 52.95 -18.36
CA PRO DD 124 116.88 51.49 -18.31
C PRO DD 124 118.33 51.05 -18.53
N LEU DD 125 118.72 49.99 -17.84
CA LEU DD 125 120.09 49.49 -17.90
C LEU DD 125 120.37 48.93 -19.29
N GLY DD 126 121.36 49.50 -19.98
CA GLY DD 126 121.72 49.05 -21.30
C GLY DD 126 122.77 49.91 -21.96
N ARG DD 127 124.02 49.79 -21.49
CA ARG DD 127 125.13 50.56 -22.04
C ARG DD 127 126.11 49.65 -22.79
N SER ED 1 124.83 56.08 -24.30
CA SER ED 1 123.53 56.65 -24.63
C SER ED 1 123.64 57.62 -25.81
N LYS ED 2 122.76 58.62 -25.80
CA LYS ED 2 122.67 59.58 -26.91
C LYS ED 2 122.31 60.95 -26.33
N THR ED 3 123.18 61.92 -26.55
CA THR ED 3 123.01 63.27 -26.02
C THR ED 3 122.71 64.24 -27.14
N ILE ED 4 121.79 65.17 -26.88
CA ILE ED 4 121.39 66.19 -27.83
C ILE ED 4 121.55 67.55 -27.15
N VAL ED 5 122.32 68.44 -27.76
CA VAL ED 5 122.59 69.76 -27.21
C VAL ED 5 121.75 70.78 -27.97
N LEU ED 6 120.96 71.56 -27.24
CA LEU ED 6 120.12 72.60 -27.82
C LEU ED 6 120.53 73.95 -27.27
N SER ED 7 120.76 74.91 -28.17
CA SER ED 7 121.20 76.25 -27.80
C SER ED 7 119.99 77.18 -27.81
N VAL ED 8 119.68 77.75 -26.64
CA VAL ED 8 118.55 78.67 -26.53
C VAL ED 8 118.96 80.13 -26.71
N GLY ED 9 120.26 80.42 -26.69
CA GLY ED 9 120.73 81.79 -26.83
C GLY ED 9 121.81 82.14 -25.83
N GLU ED 10 121.55 81.82 -24.56
CA GLU ED 10 122.51 82.07 -23.49
C GLU ED 10 122.90 80.82 -22.71
N ALA ED 11 122.09 79.77 -22.75
CA ALA ED 11 122.39 78.52 -22.07
C ALA ED 11 122.20 77.36 -23.03
N THR ED 12 122.73 76.20 -22.66
CA THR ED 12 122.68 74.99 -23.48
C THR ED 12 121.96 73.90 -22.69
N ARG ED 13 120.91 73.34 -23.28
CA ARG ED 13 120.16 72.26 -22.66
C ARG ED 13 120.59 70.92 -23.25
N THR ED 14 120.55 69.89 -22.42
CA THR ED 14 121.01 68.55 -22.80
C THR ED 14 119.86 67.56 -22.65
N LEU ED 15 119.53 66.87 -23.73
CA LEU ED 15 118.53 65.81 -23.71
C LEU ED 15 119.23 64.46 -23.85
N THR ED 16 118.81 63.50 -23.03
CA THR ED 16 119.45 62.18 -22.98
C THR ED 16 118.46 61.11 -23.43
N GLU ED 17 118.95 60.15 -24.20
CA GLU ED 17 118.14 59.02 -24.62
C GLU ED 17 117.83 58.13 -23.43
N ILE ED 18 116.54 57.83 -23.25
CA ILE ED 18 116.03 57.05 -22.15
C ILE ED 18 115.61 55.67 -22.61
N GLN ED 19 114.68 55.61 -23.55
CA GLN ED 19 113.97 54.39 -23.94
C GLN ED 19 114.34 54.08 -25.39
N SER ED 20 115.50 53.47 -25.58
CA SER ED 20 116.03 53.16 -26.91
C SER ED 20 115.27 51.99 -27.50
N THR ED 21 114.39 52.27 -28.45
CA THR ED 21 113.64 51.24 -29.17
C THR ED 21 113.42 51.72 -30.60
N ALA ED 22 113.28 50.77 -31.52
CA ALA ED 22 113.15 51.10 -32.93
C ALA ED 22 111.85 51.84 -33.22
N ASP ED 23 110.72 51.26 -32.81
CA ASP ED 23 109.42 51.83 -33.11
C ASP ED 23 109.04 52.99 -32.19
N ARG ED 24 109.85 53.29 -31.17
CA ARG ED 24 109.54 54.38 -30.26
C ARG ED 24 110.84 54.81 -29.57
N GLN ED 25 111.31 56.01 -29.90
CA GLN ED 25 112.49 56.59 -29.27
C GLN ED 25 112.04 57.72 -28.36
N ILE ED 26 112.41 57.63 -27.08
CA ILE ED 26 111.99 58.57 -26.05
C ILE ED 26 113.23 59.29 -25.53
N PHE ED 27 113.34 60.58 -25.83
CA PHE ED 27 114.41 61.42 -25.32
C PHE ED 27 113.87 62.28 -24.19
N GLU ED 28 114.66 62.41 -23.11
CA GLU ED 28 114.25 63.16 -21.93
C GLU ED 28 115.34 64.14 -21.53
N GLU ED 29 114.95 65.37 -21.22
CA GLU ED 29 115.88 66.41 -20.84
C GLU ED 29 116.30 66.24 -19.38
N LYS ED 30 117.60 66.33 -19.12
CA LYS ED 30 118.15 66.19 -17.78
C LYS ED 30 118.64 67.55 -17.30
N VAL ED 31 117.91 68.16 -16.37
CA VAL ED 31 118.29 69.43 -15.80
C VAL ED 31 118.17 69.36 -14.28
N GLY ED 32 116.99 68.95 -13.81
CA GLY ED 32 116.74 68.82 -12.40
C GLY ED 32 115.70 67.77 -12.10
N PRO ED 33 114.45 68.21 -11.88
CA PRO ED 33 113.36 67.25 -11.64
C PRO ED 33 113.01 66.52 -12.92
N LEU ED 34 113.10 65.19 -12.88
CA LEU ED 34 112.82 64.39 -14.08
C LEU ED 34 111.34 64.38 -14.42
N VAL ED 35 110.48 64.40 -13.41
CA VAL ED 35 109.04 64.43 -13.65
C VAL ED 35 108.62 65.82 -14.10
N GLY ED 36 107.77 65.89 -15.12
CA GLY ED 36 107.32 67.16 -15.64
C GLY ED 36 108.42 67.96 -16.31
N ARG ED 37 109.10 67.35 -17.28
CA ARG ED 37 110.19 68.03 -17.97
C ARG ED 37 109.95 68.01 -19.48
N LEU ED 38 111.04 68.02 -20.25
CA LEU ED 38 110.97 68.03 -21.71
C LEU ED 38 111.15 66.60 -22.22
N ARG ED 39 110.18 66.13 -22.99
CA ARG ED 39 110.23 64.79 -23.57
C ARG ED 39 109.96 64.86 -25.07
N LEU ED 40 110.56 63.92 -25.80
CA LEU ED 40 110.45 63.86 -27.24
C LEU ED 40 110.24 62.42 -27.67
N THR ED 41 109.20 62.18 -28.45
CA THR ED 41 108.85 60.85 -28.95
C THR ED 41 109.03 60.82 -30.46
N ALA ED 42 109.83 59.88 -30.94
CA ALA ED 42 110.11 59.71 -32.35
C ALA ED 42 109.69 58.31 -32.79
N SER ED 43 109.08 58.23 -33.98
CA SER ED 43 108.64 56.96 -34.52
C SER ED 43 108.82 56.97 -36.03
N LEU ED 44 109.24 55.81 -36.57
CA LEU ED 44 109.43 55.63 -38.00
C LEU ED 44 108.82 54.30 -38.41
N ARG ED 45 108.10 54.30 -39.53
CA ARG ED 45 107.46 53.08 -40.00
C ARG ED 45 107.29 53.15 -41.52
N GLN ED 46 106.55 52.19 -42.06
CA GLN ED 46 106.23 52.12 -43.48
C GLN ED 46 104.73 52.36 -43.66
N ASN ED 47 104.20 51.99 -44.81
CA ASN ED 47 102.79 52.18 -45.11
C ASN ED 47 102.41 51.31 -46.30
N GLY ED 48 101.13 50.94 -46.35
CA GLY ED 48 100.57 50.22 -47.49
C GLY ED 48 101.34 49.00 -47.91
N ALA ED 49 101.84 49.02 -49.15
CA ALA ED 49 102.61 47.91 -49.71
C ALA ED 49 104.02 48.38 -50.07
N LYS ED 50 104.78 48.78 -49.05
CA LYS ED 50 106.17 49.21 -49.19
C LYS ED 50 106.29 50.36 -50.19
N THR ED 51 105.33 51.27 -50.17
CA THR ED 51 105.36 52.44 -51.06
C THR ED 51 106.14 53.58 -50.43
N ALA ED 52 105.53 54.28 -49.47
CA ALA ED 52 106.17 55.40 -48.82
C ALA ED 52 106.54 55.05 -47.38
N TYR ED 53 106.70 56.08 -46.54
CA TYR ED 53 107.04 55.88 -45.14
C TYR ED 53 106.22 56.84 -44.29
N ARG ED 54 106.37 56.72 -42.98
CA ARG ED 54 105.64 57.55 -42.03
C ARG ED 54 106.54 57.86 -40.84
N VAL ED 55 106.76 59.15 -40.58
CA VAL ED 55 107.59 59.59 -39.47
C VAL ED 55 106.73 60.46 -38.55
N ASN ED 56 106.82 60.19 -37.26
CA ASN ED 56 106.07 60.93 -36.25
C ASN ED 56 107.03 61.50 -35.22
N LEU ED 57 106.88 62.79 -34.92
CA LEU ED 57 107.73 63.47 -33.96
C LEU ED 57 106.84 64.32 -33.05
N LYS ED 58 106.84 63.99 -31.76
CA LYS ED 58 106.05 64.71 -30.76
C LYS ED 58 106.98 65.28 -29.70
N LEU ED 59 106.67 66.48 -29.23
CA LEU ED 59 107.46 67.15 -28.21
C LEU ED 59 106.52 67.65 -27.11
N ASP ED 60 106.73 67.18 -25.89
CA ASP ED 60 105.89 67.54 -24.77
C ASP ED 60 106.72 68.18 -23.67
N GLN ED 61 106.08 69.10 -22.93
CA GLN ED 61 106.75 69.78 -21.82
C GLN ED 61 105.67 70.30 -20.88
N ALA ED 62 105.61 69.73 -19.68
CA ALA ED 62 104.62 70.11 -18.68
C ALA ED 62 105.29 70.92 -17.58
N ASP ED 63 104.72 72.07 -17.27
CA ASP ED 63 105.24 72.93 -16.22
C ASP ED 63 104.91 72.36 -14.85
N VAL ED 64 105.77 72.65 -13.88
CA VAL ED 64 105.60 72.17 -12.51
C VAL ED 64 105.57 73.37 -11.57
N VAL ED 65 104.96 73.16 -10.40
CA VAL ED 65 104.87 74.19 -9.37
C VAL ED 65 105.18 73.54 -8.02
N ASP ED 66 105.67 74.35 -7.09
CA ASP ED 66 106.06 73.88 -5.77
C ASP ED 66 105.83 74.98 -4.75
N CYS ED 67 105.42 74.59 -3.55
CA CYS ED 67 105.16 75.53 -2.46
C CYS ED 67 106.04 75.31 -1.24
N SER ED 68 107.08 74.47 -1.35
CA SER ED 68 107.93 74.20 -0.19
C SER ED 68 108.77 75.41 0.20
N THR ED 69 108.84 76.44 -0.65
CA THR ED 69 109.61 77.63 -0.31
C THR ED 69 108.92 78.46 0.75
N SER ED 70 107.59 78.49 0.76
CA SER ED 70 106.83 79.27 1.72
C SER ED 70 105.90 78.39 2.53
N VAL ED 71 105.03 77.63 1.85
CA VAL ED 71 104.08 76.75 2.51
C VAL ED 71 104.83 75.57 3.09
N CYS ED 72 104.41 75.08 4.24
CA CYS ED 72 105.18 73.99 4.85
C CYS ED 72 104.56 72.64 4.51
N GLY ED 73 104.34 72.42 3.22
CA GLY ED 73 104.12 71.08 2.73
C GLY ED 73 103.34 71.00 1.42
N GLU ED 74 104.06 70.80 0.32
CA GLU ED 74 103.42 70.66 -0.99
C GLU ED 74 104.43 70.05 -1.94
N LEU ED 75 104.13 68.85 -2.45
CA LEU ED 75 105.02 68.20 -3.39
C LEU ED 75 104.96 68.89 -4.76
N PRO ED 76 106.02 68.78 -5.56
CA PRO ED 76 105.99 69.36 -6.91
C PRO ED 76 104.85 68.76 -7.73
N LYS ED 77 103.94 69.62 -8.16
CA LYS ED 77 102.74 69.22 -8.87
C LYS ED 77 102.74 69.81 -10.27
N VAL ED 78 102.38 68.98 -11.26
CA VAL ED 78 102.31 69.45 -12.64
C VAL ED 78 101.08 70.33 -12.82
N ARG ED 79 101.16 71.25 -13.79
CA ARG ED 79 100.07 72.16 -14.05
C ARG ED 79 99.43 71.78 -15.38
N TYR ED 80 99.83 72.38 -16.50
CA TYR ED 80 99.26 72.09 -17.80
C TYR ED 80 100.20 71.20 -18.60
N THR ED 81 99.69 70.72 -19.73
CA THR ED 81 100.45 69.84 -20.62
C THR ED 81 100.30 70.34 -22.04
N GLN ED 82 101.42 70.41 -22.78
CA GLN ED 82 101.42 70.86 -24.16
C GLN ED 82 101.86 69.72 -25.06
N VAL ED 83 101.14 69.54 -26.17
CA VAL ED 83 101.41 68.47 -27.13
C VAL ED 83 101.63 69.10 -28.49
N TRP ED 84 102.78 68.79 -29.11
CA TRP ED 84 103.14 69.29 -30.43
C TRP ED 84 103.64 68.10 -31.25
N SER ED 85 102.73 67.43 -31.95
CA SER ED 85 103.05 66.27 -32.76
C SER ED 85 103.33 66.69 -34.21
N HIS ED 86 103.88 65.75 -34.98
CA HIS ED 86 104.19 65.98 -36.37
C HIS ED 86 103.78 64.76 -37.19
N ASP ED 87 103.91 64.88 -38.51
CA ASP ED 87 103.55 63.78 -39.41
C ASP ED 87 104.30 64.00 -40.72
N VAL ED 88 105.22 63.10 -41.04
CA VAL ED 88 106.03 63.18 -42.26
C VAL ED 88 105.68 62.01 -43.15
N THR ED 89 105.15 62.29 -44.33
CA THR ED 89 104.77 61.28 -45.32
C THR ED 89 105.54 61.57 -46.60
N ILE ED 90 106.78 61.11 -46.66
CA ILE ED 90 107.65 61.32 -47.81
C ILE ED 90 107.94 59.97 -48.45
N VAL ED 91 107.69 59.86 -49.75
CA VAL ED 91 107.94 58.62 -50.46
C VAL ED 91 109.44 58.43 -50.66
N ALA ED 92 109.85 57.17 -50.85
CA ALA ED 92 111.27 56.87 -51.02
C ALA ED 92 111.78 57.39 -52.36
N ASN ED 93 111.15 56.96 -53.45
CA ASN ED 93 111.55 57.39 -54.80
C ASN ED 93 111.05 58.81 -55.03
N SER ED 94 111.80 59.77 -54.51
CA SER ED 94 111.46 61.18 -54.65
C SER ED 94 112.59 61.94 -55.33
N THR ED 95 112.94 63.12 -54.79
CA THR ED 95 114.00 63.94 -55.34
C THR ED 95 114.76 64.61 -54.19
N GLU ED 96 116.09 64.47 -54.21
CA GLU ED 96 116.90 65.07 -53.16
C GLU ED 96 116.81 66.60 -53.19
N ALA ED 97 116.85 67.17 -54.39
CA ALA ED 97 116.75 68.63 -54.50
C ALA ED 97 115.38 69.12 -54.02
N SER ED 98 114.31 68.41 -54.38
CA SER ED 98 112.99 68.80 -53.92
C SER ED 98 112.86 68.68 -52.41
N ARG ED 99 113.43 67.61 -51.82
CA ARG ED 99 113.40 67.47 -50.38
C ARG ED 99 114.19 68.57 -49.69
N LYS ED 100 115.34 68.94 -50.24
CA LYS ED 100 116.12 70.02 -49.66
C LYS ED 100 115.40 71.35 -49.76
N SER ED 101 114.74 71.61 -50.90
CA SER ED 101 113.97 72.84 -51.04
C SER ED 101 112.79 72.88 -50.06
N LEU ED 102 112.12 71.75 -49.87
CA LEU ED 102 111.02 71.68 -48.92
C LEU ED 102 111.50 71.91 -47.50
N TYR ED 103 112.65 71.32 -47.15
CA TYR ED 103 113.20 71.53 -45.81
C TYR ED 103 113.60 72.99 -45.60
N ASP ED 104 114.17 73.62 -46.62
CA ASP ED 104 114.54 75.03 -46.51
C ASP ED 104 113.29 75.90 -46.36
N LEU ED 105 112.24 75.59 -47.11
CA LEU ED 105 110.99 76.35 -46.99
C LEU ED 105 110.38 76.18 -45.60
N THR ED 106 110.41 74.96 -45.06
CA THR ED 106 109.89 74.73 -43.72
C THR ED 106 110.71 75.49 -42.68
N LYS ED 107 112.04 75.48 -42.83
CA LYS ED 107 112.90 76.21 -41.90
C LYS ED 107 112.63 77.71 -41.96
N SER ED 108 112.43 78.24 -43.18
CA SER ED 108 112.13 79.66 -43.32
C SER ED 108 110.78 80.01 -42.70
N LEU ED 109 109.77 79.16 -42.91
CA LEU ED 109 108.46 79.40 -42.32
C LEU ED 109 108.51 79.31 -40.80
N VAL ED 110 109.38 78.45 -40.26
CA VAL ED 110 109.50 78.35 -38.81
C VAL ED 110 110.22 79.57 -38.25
N ALA ED 111 111.29 80.00 -38.91
CA ALA ED 111 112.09 81.12 -38.44
C ALA ED 111 111.47 82.47 -38.72
N THR ED 112 110.41 82.54 -39.53
CA THR ED 112 109.76 83.81 -39.83
C THR ED 112 109.09 84.37 -38.58
N SER ED 113 108.77 85.66 -38.63
CA SER ED 113 108.16 86.37 -37.51
C SER ED 113 106.65 86.21 -37.47
N GLN ED 114 106.02 85.69 -38.52
CA GLN ED 114 104.57 85.52 -38.55
C GLN ED 114 104.12 84.37 -37.64
N VAL ED 115 104.81 83.23 -37.68
CA VAL ED 115 104.44 82.12 -36.81
C VAL ED 115 104.70 82.47 -35.35
N GLU ED 116 105.75 83.25 -35.07
CA GLU ED 116 106.00 83.67 -33.70
C GLU ED 116 104.86 84.54 -33.17
N ASP ED 117 104.37 85.46 -34.00
CA ASP ED 117 103.24 86.29 -33.60
C ASP ED 117 101.97 85.45 -33.43
N LEU ED 118 101.75 84.50 -34.35
CA LEU ED 118 100.60 83.60 -34.24
C LEU ED 118 100.66 82.79 -32.95
N VAL ED 119 101.85 82.41 -32.50
CA VAL ED 119 101.98 81.63 -31.28
C VAL ED 119 101.79 82.51 -30.05
N VAL ED 120 102.42 83.68 -30.04
CA VAL ED 120 102.39 84.56 -28.87
C VAL ED 120 101.05 85.28 -28.76
N ASN ED 121 100.79 86.19 -29.68
CA ASN ED 121 99.60 87.04 -29.62
C ASN ED 121 98.33 86.34 -30.08
N LEU ED 122 98.41 85.08 -30.50
CA LEU ED 122 97.25 84.30 -30.95
C LEU ED 122 96.52 84.98 -32.10
N VAL ED 123 97.26 85.75 -32.90
CA VAL ED 123 96.70 86.43 -34.06
C VAL ED 123 96.81 85.52 -35.27
N PRO ED 124 95.75 85.34 -36.05
CA PRO ED 124 95.82 84.45 -37.22
C PRO ED 124 96.90 84.89 -38.20
N LEU ED 125 97.55 83.91 -38.82
CA LEU ED 125 98.66 84.17 -39.73
C LEU ED 125 98.13 84.87 -40.98
N GLY ED 126 98.63 86.08 -41.25
CA GLY ED 126 98.20 86.84 -42.41
C GLY ED 126 98.79 88.23 -42.45
N ARG ED 127 100.09 88.32 -42.76
CA ARG ED 127 100.76 89.60 -42.84
C ARG ED 127 101.16 89.94 -44.28
N SER FD 1 91.45 88.52 -43.02
CA SER FD 1 90.46 88.74 -41.98
C SER FD 1 89.86 90.14 -42.06
N LYS FD 2 89.48 90.68 -40.91
CA LYS FD 2 88.81 91.98 -40.84
C LYS FD 2 89.27 92.69 -39.58
N THR FD 3 89.86 93.86 -39.74
CA THR FD 3 90.40 94.64 -38.63
C THR FD 3 89.57 95.89 -38.41
N ILE FD 4 89.34 96.22 -37.14
CA ILE FD 4 88.59 97.40 -36.75
C ILE FD 4 89.45 98.21 -35.80
N VAL FD 5 89.69 99.48 -36.13
CA VAL FD 5 90.52 100.36 -35.32
C VAL FD 5 89.62 101.30 -34.55
N LEU FD 6 89.78 101.33 -33.22
CA LEU FD 6 89.01 102.19 -32.34
C LEU FD 6 89.95 103.15 -31.62
N SER FD 7 89.63 104.45 -31.68
CA SER FD 7 90.45 105.49 -31.07
C SER FD 7 89.83 105.87 -29.72
N VAL FD 8 90.58 105.66 -28.64
CA VAL FD 8 90.11 106.00 -27.30
C VAL FD 8 90.54 107.40 -26.88
N GLY FD 9 91.46 108.03 -27.60
CA GLY FD 9 91.94 109.35 -27.23
C GLY FD 9 93.44 109.47 -27.30
N GLU FD 10 94.13 108.50 -26.70
CA GLU FD 10 95.59 108.47 -26.72
C GLU FD 10 96.17 107.19 -27.31
N ALA FD 11 95.40 106.10 -27.35
CA ALA FD 11 95.85 104.84 -27.92
C ALA FD 11 94.79 104.33 -28.89
N THR FD 12 95.20 103.37 -29.72
CA THR FD 12 94.33 102.78 -30.73
C THR FD 12 94.22 101.28 -30.47
N ARG FD 13 92.99 100.79 -30.33
CA ARG FD 13 92.73 99.38 -30.12
C ARG FD 13 92.32 98.72 -31.43
N THR FD 14 92.69 97.45 -31.59
CA THR FD 14 92.45 96.70 -32.82
C THR FD 14 91.63 95.46 -32.49
N LEU FD 15 90.49 95.34 -33.17
CA LEU FD 15 89.63 94.16 -33.06
C LEU FD 15 89.73 93.35 -34.34
N THR FD 16 89.86 92.04 -34.19
CA THR FD 16 90.05 91.14 -35.33
C THR FD 16 88.88 90.18 -35.46
N GLU FD 17 88.44 89.95 -36.70
CA GLU FD 17 87.38 88.99 -36.96
C GLU FD 17 87.88 87.58 -36.67
N ILE FD 18 87.07 86.81 -35.92
CA ILE FD 18 87.44 85.49 -35.42
C ILE FD 18 86.53 84.40 -35.98
N GLN FD 19 85.22 84.62 -35.95
CA GLN FD 19 84.23 83.61 -36.31
C GLN FD 19 83.36 84.19 -37.43
N SER FD 20 83.86 84.14 -38.66
CA SER FD 20 83.19 84.72 -39.81
C SER FD 20 82.02 83.82 -40.22
N THR FD 21 80.81 84.25 -39.91
CA THR FD 21 79.59 83.56 -40.30
C THR FD 21 78.50 84.58 -40.55
N ALA FD 22 77.55 84.22 -41.43
CA ALA FD 22 76.51 85.15 -41.82
C ALA FD 22 75.58 85.48 -40.65
N ASP FD 23 75.03 84.47 -40.00
CA ASP FD 23 74.07 84.68 -38.92
C ASP FD 23 74.71 85.05 -37.60
N ARG FD 24 76.04 85.04 -37.51
CA ARG FD 24 76.72 85.38 -36.26
C ARG FD 24 78.15 85.78 -36.59
N GLN FD 25 78.47 87.07 -36.41
CA GLN FD 25 79.82 87.59 -36.61
C GLN FD 25 80.41 87.91 -35.24
N ILE FD 26 81.56 87.31 -34.94
CA ILE FD 26 82.21 87.44 -33.65
C ILE FD 26 83.55 88.14 -33.86
N PHE FD 27 83.66 89.38 -33.37
CA PHE FD 27 84.90 90.13 -33.39
C PHE FD 27 85.54 90.10 -32.01
N GLU FD 28 86.85 89.90 -31.97
CA GLU FD 28 87.58 89.81 -30.71
C GLU FD 28 88.79 90.74 -30.75
N GLU FD 29 89.00 91.47 -29.65
CA GLU FD 29 90.10 92.41 -29.54
C GLU FD 29 91.40 91.67 -29.24
N LYS FD 30 92.46 92.02 -29.95
CA LYS FD 30 93.77 91.40 -29.78
C LYS FD 30 94.72 92.42 -29.14
N VAL FD 31 95.02 92.23 -27.86
CA VAL FD 31 95.94 93.11 -27.15
C VAL FD 31 96.95 92.24 -26.39
N GLY FD 32 96.44 91.32 -25.58
CA GLY FD 32 97.28 90.43 -24.82
C GLY FD 32 96.60 89.10 -24.54
N PRO FD 33 96.03 88.97 -23.32
CA PRO FD 33 95.30 87.74 -22.99
C PRO FD 33 93.98 87.67 -23.76
N LEU FD 34 93.82 86.60 -24.54
CA LEU FD 34 92.61 86.47 -25.36
C LEU FD 34 91.39 86.17 -24.50
N VAL FD 35 91.56 85.42 -23.42
CA VAL FD 35 90.44 85.11 -22.54
C VAL FD 35 90.12 86.34 -21.69
N GLY FD 36 88.83 86.63 -21.55
CA GLY FD 36 88.40 87.78 -20.78
C GLY FD 36 88.80 89.10 -21.41
N ARG FD 37 88.42 89.31 -22.67
CA ARG FD 37 88.76 90.53 -23.38
C ARG FD 37 87.51 91.20 -23.94
N LEU FD 38 87.66 91.92 -25.05
CA LEU FD 38 86.56 92.63 -25.68
C LEU FD 38 86.02 91.79 -26.83
N ARG FD 39 84.73 91.48 -26.79
CA ARG FD 39 84.08 90.71 -27.84
C ARG FD 39 82.84 91.43 -28.32
N LEU FD 40 82.51 91.20 -29.60
CA LEU FD 40 81.37 91.85 -30.24
C LEU FD 40 80.64 90.82 -31.09
N THR FD 41 79.34 90.69 -30.87
CA THR FD 41 78.49 89.76 -31.60
C THR FD 41 77.51 90.54 -32.45
N ALA FD 42 77.50 90.26 -33.75
CA ALA FD 42 76.62 90.91 -34.70
C ALA FD 42 75.74 89.87 -35.40
N SER FD 43 74.47 90.20 -35.59
CA SER FD 43 73.52 89.30 -36.24
C SER FD 43 72.55 90.11 -37.08
N LEU FD 44 72.21 89.57 -38.25
CA LEU FD 44 71.25 90.20 -39.16
C LEU FD 44 70.30 89.14 -39.66
N ARG FD 45 69.01 89.47 -39.71
CA ARG FD 45 68.00 88.51 -40.15
C ARG FD 45 66.81 89.27 -40.71
N GLN FD 46 65.74 88.54 -40.99
CA GLN FD 46 64.47 89.08 -41.47
C GLN FD 46 63.41 88.91 -40.40
N ASN FD 47 62.15 89.02 -40.79
CA ASN FD 47 61.04 88.88 -39.85
C ASN FD 47 59.75 88.65 -40.63
N GLY FD 48 58.80 87.97 -39.99
CA GLY FD 48 57.47 87.79 -40.52
C GLY FD 48 57.43 87.25 -41.94
N ALA FD 49 56.86 88.04 -42.86
CA ALA FD 49 56.74 87.65 -44.26
C ALA FD 49 57.50 88.64 -45.13
N LYS FD 50 58.82 88.70 -44.95
CA LYS FD 50 59.71 89.54 -45.75
C LYS FD 50 59.30 91.01 -45.67
N THR FD 51 58.85 91.44 -44.50
CA THR FD 51 58.44 92.83 -44.29
C THR FD 51 59.65 93.70 -43.90
N ALA FD 52 60.08 93.59 -42.64
CA ALA FD 52 61.20 94.38 -42.15
C ALA FD 52 62.42 93.50 -41.92
N TYR FD 53 63.33 93.96 -41.07
CA TYR FD 53 64.54 93.21 -40.75
C TYR FD 53 64.81 93.31 -39.26
N ARG FD 54 65.84 92.60 -38.80
CA ARG FD 54 66.21 92.59 -37.40
C ARG FD 54 67.73 92.53 -37.29
N VAL FD 55 68.31 93.50 -36.61
CA VAL FD 55 69.76 93.58 -36.40
C VAL FD 55 70.03 93.56 -34.90
N ASN FD 56 70.98 92.71 -34.50
CA ASN FD 56 71.36 92.58 -33.10
C ASN FD 56 72.84 92.83 -32.96
N LEU FD 57 73.22 93.69 -32.00
CA LEU FD 57 74.61 94.03 -31.75
C LEU FD 57 74.86 93.98 -30.25
N LYS FD 58 75.74 93.08 -29.81
CA LYS FD 58 76.08 92.92 -28.41
C LYS FD 58 77.58 93.14 -28.23
N LEU FD 59 77.95 93.79 -27.13
CA LEU FD 59 79.34 94.07 -26.82
C LEU FD 59 79.62 93.65 -25.38
N ASP FD 60 80.56 92.71 -25.21
CA ASP FD 60 80.89 92.18 -23.90
C ASP FD 60 82.37 92.42 -23.60
N GLN FD 61 82.66 92.60 -22.32
CA GLN FD 61 84.04 92.81 -21.87
C GLN FD 61 84.12 92.43 -20.40
N ALA FD 62 84.84 91.35 -20.10
CA ALA FD 62 85.00 90.85 -18.74
C ALA FD 62 86.39 91.17 -18.23
N ASP FD 63 86.46 91.78 -17.05
CA ASP FD 63 87.74 92.11 -16.45
C ASP FD 63 88.41 90.88 -15.88
N VAL FD 64 89.74 90.89 -15.86
CA VAL FD 64 90.53 89.77 -15.36
C VAL FD 64 91.42 90.27 -14.23
N VAL FD 65 91.84 89.33 -13.38
CA VAL FD 65 92.74 89.61 -12.27
C VAL FD 65 93.78 88.51 -12.20
N ASP FD 66 94.95 88.86 -11.64
CA ASP FD 66 96.07 87.95 -11.55
C ASP FD 66 96.88 88.27 -10.31
N CYS FD 67 97.42 87.22 -9.67
CA CYS FD 67 98.21 87.36 -8.46
C CYS FD 67 99.64 86.84 -8.61
N SER FD 68 100.09 86.54 -9.83
CA SER FD 68 101.43 86.01 -10.02
C SER FD 68 102.50 87.06 -9.74
N THR FD 69 102.13 88.33 -9.63
CA THR FD 69 103.11 89.37 -9.35
C THR FD 69 103.59 89.30 -7.90
N SER FD 70 102.72 88.91 -6.97
CA SER FD 70 103.09 88.83 -5.57
C SER FD 70 102.89 87.43 -5.02
N VAL FD 71 101.68 86.90 -5.17
CA VAL FD 71 101.36 85.55 -4.68
C VAL FD 71 102.05 84.53 -5.60
N CYS FD 72 102.53 83.45 -5.01
CA CYS FD 72 103.25 82.45 -5.80
C CYS FD 72 102.31 81.36 -6.30
N GLY FD 73 101.20 81.77 -6.92
CA GLY FD 73 100.43 80.85 -7.75
C GLY FD 73 98.96 81.19 -7.87
N GLU FD 74 98.59 81.81 -8.99
CA GLU FD 74 97.19 82.15 -9.25
C GLU FD 74 97.04 82.43 -10.74
N LEU FD 75 96.23 81.63 -11.42
CA LEU FD 75 96.01 81.84 -12.85
C LEU FD 75 95.11 83.05 -13.07
N PRO FD 76 95.21 83.69 -14.24
CA PRO FD 76 94.31 84.82 -14.53
C PRO FD 76 92.85 84.40 -14.46
N LYS FD 77 92.11 85.03 -13.56
CA LYS FD 77 90.72 84.68 -13.30
C LYS FD 77 89.81 85.86 -13.65
N VAL FD 78 88.70 85.56 -14.31
CA VAL FD 78 87.74 86.61 -14.66
C VAL FD 78 86.97 87.03 -13.42
N ARG FD 79 86.50 88.28 -13.43
CA ARG FD 79 85.77 88.82 -12.30
C ARG FD 79 84.32 88.97 -12.69
N TYR FD 80 83.88 90.14 -13.15
CA TYR FD 80 82.51 90.37 -13.54
C TYR FD 80 82.37 90.35 -15.06
N THR FD 81 81.11 90.35 -15.51
CA THR FD 81 80.80 90.33 -16.94
C THR FD 81 79.75 91.39 -17.23
N GLN FD 82 79.96 92.15 -18.30
CA GLN FD 82 79.05 93.21 -18.72
C GLN FD 82 78.46 92.86 -20.07
N VAL FD 83 77.15 93.05 -20.21
CA VAL FD 83 76.41 92.73 -21.43
C VAL FD 83 75.69 94.00 -21.88
N TRP FD 84 75.93 94.40 -23.12
CA TRP FD 84 75.29 95.57 -23.73
C TRP FD 84 74.80 95.18 -25.11
N SER FD 85 73.57 94.69 -25.18
CA SER FD 85 72.96 94.25 -26.43
C SER FD 85 72.17 95.40 -27.07
N HIS FD 86 71.78 95.19 -28.33
CA HIS FD 86 71.02 96.17 -29.09
C HIS FD 86 69.92 95.45 -29.86
N ASP FD 87 69.06 96.24 -30.50
CA ASP FD 87 67.96 95.69 -31.30
C ASP FD 87 67.55 96.75 -32.30
N VAL FD 88 67.74 96.47 -33.59
CA VAL FD 88 67.41 97.39 -34.67
C VAL FD 88 66.29 96.77 -35.49
N THR FD 89 65.14 97.43 -35.54
CA THR FD 89 63.97 96.97 -36.30
C THR FD 89 63.60 98.09 -37.27
N ILE FD 90 64.29 98.13 -38.40
CA ILE FD 90 64.06 99.14 -39.43
C ILE FD 90 63.53 98.44 -40.67
N VAL FD 91 62.39 98.94 -41.18
CA VAL FD 91 61.80 98.35 -42.37
C VAL FD 91 62.59 98.76 -43.61
N ALA FD 92 62.49 97.96 -44.66
CA ALA FD 92 63.23 98.24 -45.89
C ALA FD 92 62.70 99.48 -46.59
N ASN FD 93 61.40 99.48 -46.92
CA ASN FD 93 60.76 100.63 -47.59
C ASN FD 93 60.55 101.73 -46.56
N SER FD 94 61.62 102.49 -46.31
CA SER FD 94 61.56 103.60 -45.37
C SER FD 94 61.97 104.90 -46.04
N THR FD 95 62.81 105.69 -45.37
CA THR FD 95 63.26 106.96 -45.91
C THR FD 95 64.73 107.16 -45.53
N GLU FD 96 65.57 107.48 -46.52
CA GLU FD 96 66.98 107.69 -46.25
C GLU FD 96 67.20 108.91 -45.37
N ALA FD 97 66.47 110.00 -45.64
CA ALA FD 97 66.60 111.20 -44.83
C ALA FD 97 66.15 110.95 -43.39
N SER FD 98 65.05 110.21 -43.22
CA SER FD 98 64.59 109.89 -41.87
C SER FD 98 65.58 109.00 -41.14
N ARG FD 99 66.17 108.03 -41.84
CA ARG FD 99 67.18 107.17 -41.22
C ARG FD 99 68.41 107.97 -40.82
N LYS FD 100 68.83 108.90 -41.67
CA LYS FD 100 69.99 109.74 -41.34
C LYS FD 100 69.70 110.63 -40.15
N SER FD 101 68.49 111.21 -40.09
CA SER FD 101 68.12 112.04 -38.95
C SER FD 101 68.07 111.22 -37.66
N LEU FD 102 67.54 109.99 -37.74
CA LEU FD 102 67.49 109.14 -36.56
C LEU FD 102 68.89 108.76 -36.10
N TYR FD 103 69.79 108.46 -37.04
CA TYR FD 103 71.17 108.13 -36.68
C TYR FD 103 71.86 109.34 -36.05
N ASP FD 104 71.62 110.54 -36.58
CA ASP FD 104 72.21 111.74 -36.00
C ASP FD 104 71.68 111.99 -34.60
N LEU FD 105 70.37 111.78 -34.39
CA LEU FD 105 69.80 111.96 -33.06
C LEU FD 105 70.37 110.95 -32.07
N THR FD 106 70.55 109.69 -32.52
CA THR FD 106 71.14 108.68 -31.65
C THR FD 106 72.59 109.02 -31.30
N LYS FD 107 73.35 109.51 -32.30
CA LYS FD 107 74.72 109.90 -32.04
C LYS FD 107 74.80 111.07 -31.06
N SER FD 108 73.89 112.03 -31.20
CA SER FD 108 73.87 113.16 -30.28
C SER FD 108 73.50 112.72 -28.87
N LEU FD 109 72.51 111.83 -28.75
CA LEU FD 109 72.13 111.33 -27.43
C LEU FD 109 73.25 110.51 -26.79
N VAL FD 110 74.04 109.81 -27.61
CA VAL FD 110 75.16 109.05 -27.07
C VAL FD 110 76.28 109.97 -26.63
N ALA FD 111 76.59 110.99 -27.43
CA ALA FD 111 77.68 111.91 -27.13
C ALA FD 111 77.32 112.96 -26.10
N THR FD 112 76.05 113.08 -25.72
CA THR FD 112 75.66 114.06 -24.72
C THR FD 112 76.24 113.68 -23.36
N SER FD 113 76.24 114.67 -22.45
CA SER FD 113 76.79 114.50 -21.11
C SER FD 113 75.80 113.87 -20.13
N GLN FD 114 74.52 113.78 -20.49
CA GLN FD 114 73.52 113.20 -19.61
C GLN FD 114 73.65 111.70 -19.49
N VAL FD 115 73.86 111.00 -20.61
CA VAL FD 115 74.04 109.55 -20.56
C VAL FD 115 75.33 109.18 -19.86
N GLU FD 116 76.38 110.00 -20.02
CA GLU FD 116 77.63 109.74 -19.31
C GLU FD 116 77.43 109.84 -17.80
N ASP FD 117 76.69 110.84 -17.34
CA ASP FD 117 76.40 110.96 -15.92
C ASP FD 117 75.51 109.82 -15.44
N LEU FD 118 74.52 109.43 -16.24
CA LEU FD 118 73.68 108.29 -15.89
C LEU FD 118 74.49 107.01 -15.76
N VAL FD 119 75.51 106.85 -16.58
CA VAL FD 119 76.34 105.65 -16.53
C VAL FD 119 77.28 105.69 -15.33
N VAL FD 120 77.94 106.84 -15.11
CA VAL FD 120 78.94 106.95 -14.06
C VAL FD 120 78.28 107.06 -12.69
N ASN FD 121 77.61 108.19 -12.44
CA ASN FD 121 77.05 108.47 -11.13
C ASN FD 121 75.74 107.74 -10.86
N LEU FD 122 75.25 106.95 -11.80
CA LEU FD 122 74.01 106.19 -11.65
C LEU FD 122 72.81 107.09 -11.32
N VAL FD 123 72.86 108.34 -11.79
CA VAL FD 123 71.79 109.29 -11.56
C VAL FD 123 70.80 109.19 -12.72
N PRO FD 124 69.49 109.10 -12.46
CA PRO FD 124 68.53 108.98 -13.55
C PRO FD 124 68.61 110.16 -14.51
N LEU FD 125 68.39 109.87 -15.79
CA LEU FD 125 68.50 110.89 -16.84
C LEU FD 125 67.38 111.91 -16.68
N GLY FD 126 67.75 113.17 -16.48
CA GLY FD 126 66.79 114.23 -16.32
C GLY FD 126 67.41 115.56 -15.98
N ARG FD 127 68.05 116.20 -16.96
CA ARG FD 127 68.69 117.49 -16.77
C ARG FD 127 67.97 118.58 -17.54
N SER GD 1 71.38 119.74 -11.43
CA SER GD 1 71.09 119.00 -10.21
C SER GD 1 71.09 119.93 -8.99
N LYS GD 2 71.47 119.38 -7.84
CA LYS GD 2 71.43 120.10 -6.58
C LYS GD 2 72.60 119.64 -5.73
N THR GD 3 73.48 120.58 -5.38
CA THR GD 3 74.68 120.28 -4.61
C THR GD 3 74.56 120.85 -3.20
N ILE GD 4 75.04 120.09 -2.22
CA ILE GD 4 75.03 120.50 -0.82
C ILE GD 4 76.45 120.36 -0.30
N VAL GD 5 77.00 121.46 0.24
CA VAL GD 5 78.35 121.50 0.76
C VAL GD 5 78.29 121.44 2.28
N LEU GD 6 78.99 120.47 2.87
CA LEU GD 6 79.06 120.29 4.31
C LEU GD 6 80.50 120.45 4.78
N SER GD 7 80.70 121.30 5.78
CA SER GD 7 82.03 121.58 6.32
C SER GD 7 82.22 120.76 7.59
N VAL GD 8 83.22 119.87 7.57
CA VAL GD 8 83.53 119.04 8.73
C VAL GD 8 84.58 119.66 9.63
N GLY GD 9 85.29 120.69 9.16
CA GLY GD 9 86.33 121.32 9.95
C GLY GD 9 87.59 121.58 9.15
N GLU GD 10 88.05 120.56 8.43
CA GLU GD 10 89.22 120.67 7.58
C GLU GD 10 88.96 120.35 6.11
N ALA GD 11 87.90 119.60 5.80
CA ALA GD 11 87.55 119.26 4.45
C ALA GD 11 86.08 119.56 4.21
N THR GD 12 85.69 119.61 2.94
CA THR GD 12 84.33 119.91 2.52
C THR GD 12 83.78 118.74 1.72
N ARG GD 13 82.65 118.20 2.16
CA ARG GD 13 81.98 117.11 1.48
C ARG GD 13 80.84 117.65 0.62
N THR GD 14 80.60 116.97 -0.51
CA THR GD 14 79.60 117.39 -1.49
C THR GD 14 78.60 116.28 -1.68
N LEU GD 15 77.32 116.61 -1.46
CA LEU GD 15 76.22 115.69 -1.70
C LEU GD 15 75.44 116.14 -2.93
N THR GD 16 75.11 115.20 -3.81
CA THR GD 16 74.46 115.50 -5.07
C THR GD 16 73.07 114.86 -5.11
N GLU GD 17 72.10 115.61 -5.64
CA GLU GD 17 70.75 115.10 -5.81
C GLU GD 17 70.75 114.00 -6.87
N ILE GD 18 70.16 112.86 -6.51
CA ILE GD 18 70.10 111.67 -7.35
C ILE GD 18 68.70 111.45 -7.88
N GLN GD 19 67.73 111.32 -6.98
CA GLN GD 19 66.38 110.86 -7.27
C GLN GD 19 65.41 112.00 -6.96
N SER GD 20 65.30 112.94 -7.89
CA SER GD 20 64.48 114.13 -7.71
C SER GD 20 63.01 113.76 -7.85
N THR GD 21 62.30 113.70 -6.72
CA THR GD 21 60.87 113.43 -6.71
C THR GD 21 60.24 114.19 -5.55
N ALA GD 22 58.96 114.53 -5.69
CA ALA GD 22 58.29 115.34 -4.69
C ALA GD 22 58.15 114.59 -3.36
N ASP GD 23 57.58 113.39 -3.40
CA ASP GD 23 57.32 112.64 -2.19
C ASP GD 23 58.55 111.92 -1.64
N ARG GD 24 59.68 111.97 -2.35
CA ARG GD 24 60.89 111.30 -1.89
C ARG GD 24 62.08 111.93 -2.59
N GLN GD 25 62.90 112.66 -1.82
CA GLN GD 25 64.12 113.26 -2.32
C GLN GD 25 65.32 112.49 -1.76
N ILE GD 26 66.16 111.98 -2.65
CA ILE GD 26 67.30 111.14 -2.28
C ILE GD 26 68.57 111.86 -2.67
N PHE GD 27 69.33 112.30 -1.67
CA PHE GD 27 70.64 112.92 -1.88
C PHE GD 27 71.73 111.91 -1.58
N GLU GD 28 72.76 111.88 -2.41
CA GLU GD 28 73.86 110.92 -2.27
C GLU GD 28 75.19 111.65 -2.34
N GLU GD 29 76.09 111.31 -1.43
CA GLU GD 29 77.41 111.94 -1.37
C GLU GD 29 78.32 111.33 -2.42
N LYS GD 30 79.03 112.19 -3.15
CA LYS GD 30 79.95 111.78 -4.21
C LYS GD 30 81.39 112.05 -3.74
N VAL GD 31 82.09 110.98 -3.40
CA VAL GD 31 83.49 111.08 -2.99
C VAL GD 31 84.31 110.04 -3.73
N GLY GD 32 83.88 108.78 -3.66
CA GLY GD 32 84.56 107.70 -4.33
C GLY GD 32 83.62 106.57 -4.68
N PRO GD 33 83.60 105.52 -3.85
CA PRO GD 33 82.67 104.41 -4.08
C PRO GD 33 81.24 104.83 -3.78
N LEU GD 34 80.37 104.72 -4.78
CA LEU GD 34 78.99 105.15 -4.60
C LEU GD 34 78.22 104.19 -3.69
N VAL GD 35 78.53 102.90 -3.74
CA VAL GD 35 77.86 101.94 -2.87
C VAL GD 35 78.41 102.06 -1.46
N GLY GD 36 77.52 102.03 -0.47
CA GLY GD 36 77.92 102.16 0.91
C GLY GD 36 78.50 103.52 1.24
N ARG GD 37 77.73 104.57 0.97
CA ARG GD 37 78.17 105.94 1.23
C ARG GD 37 77.17 106.69 2.08
N LEU GD 38 77.11 108.01 1.94
CA LEU GD 38 76.20 108.85 2.69
C LEU GD 38 74.95 109.13 1.86
N ARG GD 39 73.78 108.79 2.41
CA ARG GD 39 72.52 109.01 1.73
C ARG GD 39 71.56 109.74 2.67
N LEU GD 40 70.68 110.53 2.06
CA LEU GD 40 69.70 111.33 2.81
C LEU GD 40 68.36 111.25 2.10
N THR GD 41 67.32 110.89 2.86
CA THR GD 41 65.97 110.76 2.35
C THR GD 41 65.10 111.83 2.99
N ALA GD 42 64.44 112.63 2.16
CA ALA GD 42 63.55 113.69 2.61
C ALA GD 42 62.15 113.47 2.06
N SER GD 43 61.15 113.72 2.91
CA SER GD 43 59.75 113.54 2.51
C SER GD 43 58.91 114.62 3.18
N LEU GD 44 57.93 115.12 2.43
CA LEU GD 44 57.01 116.13 2.91
C LEU GD 44 55.59 115.75 2.50
N ARG GD 45 54.65 115.87 3.42
CA ARG GD 45 53.26 115.51 3.12
C ARG GD 45 52.34 116.32 4.02
N GLN GD 46 51.05 115.98 3.99
CA GLN GD 46 50.02 116.58 4.81
C GLN GD 46 49.53 115.55 5.84
N ASN GD 47 48.35 115.81 6.42
CA ASN GD 47 47.79 114.92 7.42
C ASN GD 47 46.32 115.25 7.60
N GLY GD 48 45.55 114.23 8.01
CA GLY GD 48 44.15 114.41 8.36
C GLY GD 48 43.31 115.12 7.33
N ALA GD 49 42.77 116.27 7.70
CA ALA GD 49 41.93 117.08 6.81
C ALA GD 49 42.56 118.45 6.61
N LYS GD 50 43.75 118.46 5.99
CA LYS GD 50 44.48 119.68 5.65
C LYS GD 50 44.71 120.55 6.89
N THR GD 51 45.02 119.90 8.01
CA THR GD 51 45.29 120.61 9.26
C THR GD 51 46.77 120.97 9.35
N ALA GD 52 47.62 119.99 9.67
CA ALA GD 52 49.05 120.23 9.81
C ALA GD 52 49.82 119.60 8.66
N TYR GD 53 51.10 119.33 8.88
CA TYR GD 53 51.95 118.71 7.87
C TYR GD 53 52.83 117.66 8.53
N ARG GD 54 53.61 116.95 7.72
CA ARG GD 54 54.50 115.91 8.20
C ARG GD 54 55.77 115.92 7.36
N VAL GD 55 56.91 116.09 8.02
CA VAL GD 55 58.21 116.10 7.37
C VAL GD 55 59.06 114.99 7.95
N ASN GD 56 59.68 114.22 7.07
CA ASN GD 56 60.54 113.10 7.47
C ASN GD 56 61.92 113.28 6.87
N LEU GD 57 62.95 113.14 7.70
CA LEU GD 57 64.34 113.30 7.28
C LEU GD 57 65.15 112.15 7.85
N LYS GD 58 65.71 111.32 6.98
CA LYS GD 58 66.53 110.18 7.39
C LYS GD 58 67.92 110.32 6.79
N LEU GD 59 68.93 109.94 7.55
CA LEU GD 59 70.32 110.01 7.11
C LEU GD 59 70.99 108.68 7.40
N ASP GD 60 71.47 108.02 6.34
CA ASP GD 60 72.10 106.71 6.46
C ASP GD 60 73.53 106.77 5.95
N GLN GD 61 74.39 105.94 6.54
CA GLN GD 61 75.79 105.85 6.14
C GLN GD 61 76.33 104.50 6.57
N ALA GD 62 76.64 103.64 5.60
CA ALA GD 62 77.14 102.31 5.86
C ALA GD 62 78.63 102.25 5.55
N ASP GD 63 79.42 101.76 6.50
CA ASP GD 63 80.86 101.62 6.31
C ASP GD 63 81.17 100.45 5.40
N VAL GD 64 82.28 100.56 4.68
CA VAL GD 64 82.72 99.52 3.74
C VAL GD 64 84.12 99.07 4.13
N VAL GD 65 84.46 97.85 3.71
CA VAL GD 65 85.78 97.27 3.95
C VAL GD 65 86.25 96.59 2.68
N ASP GD 66 87.58 96.51 2.52
CA ASP GD 66 88.19 95.94 1.34
C ASP GD 66 89.50 95.28 1.72
N CYS GD 67 89.81 94.17 1.05
CA CYS GD 67 91.03 93.42 1.31
C CYS GD 67 91.95 93.31 0.08
N SER GD 68 91.68 94.08 -0.97
CA SER GD 68 92.51 94.00 -2.17
C SER GD 68 93.92 94.56 -1.94
N THR GD 69 94.13 95.27 -0.84
CA THR GD 69 95.46 95.82 -0.57
C THR GD 69 96.44 94.72 -0.15
N SER GD 70 95.96 93.68 0.54
CA SER GD 70 96.83 92.60 0.99
C SER GD 70 96.35 91.26 0.45
N VAL GD 71 95.10 90.92 0.69
CA VAL GD 71 94.52 89.66 0.23
C VAL GD 71 94.32 89.75 -1.28
N CYS GD 72 94.57 88.65 -1.99
CA CYS GD 72 94.43 88.74 -3.43
C CYS GD 72 93.04 88.29 -3.88
N GLY GD 73 92.00 88.88 -3.29
CA GLY GD 73 90.68 88.85 -3.89
C GLY GD 73 89.56 89.04 -2.90
N GLU GD 74 89.00 90.25 -2.84
CA GLU GD 74 87.87 90.55 -1.97
C GLU GD 74 87.23 91.84 -2.43
N LEU GD 75 85.98 91.77 -2.86
CA LEU GD 75 85.27 92.96 -3.31
C LEU GD 75 84.91 93.84 -2.12
N PRO GD 76 84.74 95.15 -2.33
CA PRO GD 76 84.30 96.02 -1.23
C PRO GD 76 82.96 95.57 -0.66
N LYS GD 77 82.97 95.24 0.62
CA LYS GD 77 81.80 94.69 1.31
C LYS GD 77 81.36 95.63 2.42
N VAL GD 78 80.05 95.85 2.51
CA VAL GD 78 79.51 96.70 3.56
C VAL GD 78 79.56 95.97 4.90
N ARG GD 79 79.65 96.74 5.98
CA ARG GD 79 79.72 96.17 7.32
C ARG GD 79 78.42 96.45 8.03
N TYR GD 80 78.31 97.52 8.82
CA TYR GD 80 77.10 97.84 9.55
C TYR GD 80 76.34 98.95 8.84
N THR GD 81 75.11 99.19 9.31
CA THR GD 81 74.25 100.22 8.77
C THR GD 81 73.67 101.05 9.92
N GLN GD 82 73.67 102.36 9.75
CA GLN GD 82 73.16 103.29 10.75
C GLN GD 82 71.97 104.04 10.18
N VAL GD 83 70.91 104.14 10.97
CA VAL GD 83 69.66 104.80 10.57
C VAL GD 83 69.36 105.90 11.59
N TRP GD 84 69.19 107.12 11.09
CA TRP GD 84 68.86 108.29 11.92
C TRP GD 84 67.71 109.03 11.24
N SER GD 85 66.49 108.66 11.57
CA SER GD 85 65.29 109.28 11.00
C SER GD 85 64.80 110.43 11.88
N HIS GD 86 63.88 111.22 11.33
CA HIS GD 86 63.31 112.35 12.03
C HIS GD 86 61.80 112.38 11.79
N ASP GD 87 61.13 113.30 12.46
CA ASP GD 87 59.68 113.46 12.33
C ASP GD 87 59.31 114.86 12.76
N VAL GD 88 58.83 115.67 11.81
CA VAL GD 88 58.45 117.05 12.07
C VAL GD 88 56.95 117.18 11.87
N THR GD 89 56.23 117.54 12.93
CA THR GD 89 54.78 117.72 12.90
C THR GD 89 54.49 119.14 13.36
N ILE GD 90 54.60 120.10 12.43
CA ILE GD 90 54.36 121.51 12.71
C ILE GD 90 53.13 121.95 11.93
N VAL GD 91 52.16 122.55 12.64
CA VAL GD 91 50.94 123.02 11.99
C VAL GD 91 51.25 124.29 11.20
N ALA GD 92 50.41 124.56 10.20
CA ALA GD 92 50.61 125.74 9.36
C ALA GD 92 50.35 127.02 10.13
N ASN GD 93 49.15 127.16 10.69
CA ASN GD 93 48.78 128.35 11.46
C ASN GD 93 49.46 128.27 12.83
N SER GD 94 50.73 128.67 12.85
CA SER GD 94 51.50 128.66 14.09
C SER GD 94 52.05 130.05 14.39
N THR GD 95 53.32 130.13 14.77
CA THR GD 95 53.95 131.40 15.08
C THR GD 95 55.39 131.37 14.60
N GLU GD 96 55.79 132.40 13.83
CA GLU GD 96 57.15 132.46 13.31
C GLU GD 96 58.16 132.61 14.45
N ALA GD 97 57.85 133.44 15.44
CA ALA GD 97 58.76 133.61 16.57
C ALA GD 97 58.90 132.32 17.37
N SER GD 98 57.79 131.62 17.58
CA SER GD 98 57.85 130.35 18.30
C SER GD 98 58.64 129.30 17.52
N ARG GD 99 58.47 129.26 16.20
CA ARG GD 99 59.22 128.32 15.38
C ARG GD 99 60.71 128.64 15.42
N LYS GD 100 61.06 129.93 15.37
CA LYS GD 100 62.46 130.33 15.44
C LYS GD 100 63.06 129.97 16.80
N SER GD 101 62.31 130.20 17.87
CA SER GD 101 62.81 129.84 19.20
C SER GD 101 62.99 128.34 19.34
N LEU GD 102 62.06 127.55 18.79
CA LEU GD 102 62.19 126.11 18.83
C LEU GD 102 63.39 125.64 18.03
N TYR GD 103 63.62 126.23 16.86
CA TYR GD 103 64.79 125.86 16.06
C TYR GD 103 66.08 126.22 16.77
N ASP GD 104 66.12 127.38 17.44
CA ASP GD 104 67.31 127.77 18.19
C ASP GD 104 67.55 126.83 19.36
N LEU GD 105 66.49 126.43 20.05
CA LEU GD 105 66.64 125.48 21.15
C LEU GD 105 67.13 124.13 20.65
N THR GD 106 66.62 123.66 19.51
CA THR GD 106 67.09 122.41 18.95
C THR GD 106 68.55 122.49 18.53
N LYS GD 107 68.95 123.62 17.93
CA LYS GD 107 70.34 123.81 17.55
C LYS GD 107 71.26 123.82 18.76
N SER GD 108 70.81 124.48 19.85
CA SER GD 108 71.62 124.51 21.06
C SER GD 108 71.74 123.12 21.68
N LEU GD 109 70.64 122.37 21.71
CA LEU GD 109 70.68 121.01 22.25
C LEU GD 109 71.55 120.10 21.40
N VAL GD 110 71.61 120.33 20.09
CA VAL GD 110 72.46 119.52 19.23
C VAL GD 110 73.92 119.89 19.43
N ALA GD 111 74.22 121.19 19.53
CA ALA GD 111 75.60 121.65 19.67
C ALA GD 111 76.14 121.51 21.09
N THR GD 112 75.29 121.20 22.07
CA THR GD 112 75.77 121.04 23.43
C THR GD 112 76.68 119.81 23.55
N SER GD 113 77.43 119.76 24.65
CA SER GD 113 78.38 118.68 24.89
C SER GD 113 77.74 117.46 25.53
N GLN GD 114 76.50 117.56 26.01
CA GLN GD 114 75.83 116.43 26.63
C GLN GD 114 75.41 115.36 25.61
N VAL GD 115 74.85 115.79 24.47
CA VAL GD 115 74.46 114.83 23.44
C VAL GD 115 75.69 114.17 22.83
N GLU GD 116 76.80 114.91 22.70
CA GLU GD 116 78.02 114.32 22.19
C GLU GD 116 78.52 113.21 23.11
N ASP GD 117 78.49 113.45 24.42
CA ASP GD 117 78.90 112.43 25.38
C ASP GD 117 77.93 111.25 25.35
N LEU GD 118 76.63 111.52 25.25
CA LEU GD 118 75.65 110.44 25.16
C LEU GD 118 75.88 109.59 23.91
N VAL GD 119 76.33 110.20 22.82
CA VAL GD 119 76.58 109.44 21.60
C VAL GD 119 77.88 108.65 21.70
N VAL GD 120 78.94 109.28 22.19
CA VAL GD 120 80.26 108.64 22.23
C VAL GD 120 80.32 107.62 23.37
N ASN GD 121 80.31 108.10 24.60
CA ASN GD 121 80.50 107.24 25.77
C ASN GD 121 79.26 106.45 26.15
N LEU GD 122 78.14 106.62 25.43
CA LEU GD 122 76.91 105.90 25.70
C LEU GD 122 76.41 106.13 27.13
N VAL GD 123 76.72 107.29 27.69
CA VAL GD 123 76.30 107.65 29.04
C VAL GD 123 74.95 108.37 28.94
N PRO GD 124 73.96 108.00 29.74
CA PRO GD 124 72.66 108.67 29.66
C PRO GD 124 72.77 110.17 29.91
N LEU GD 125 71.94 110.93 29.20
CA LEU GD 125 71.97 112.39 29.29
C LEU GD 125 71.51 112.83 30.66
N GLY GD 126 72.38 113.53 31.39
CA GLY GD 126 72.04 114.00 32.72
C GLY GD 126 73.22 114.67 33.42
N ARG GD 127 73.57 115.88 32.99
CA ARG GD 127 74.67 116.62 33.58
C ARG GD 127 74.17 117.85 34.32
N SER HD 1 58.50 120.25 -15.19
CA SER HD 1 58.77 119.04 -15.96
C SER HD 1 60.26 118.86 -16.21
N LYS HD 2 60.59 118.24 -17.34
CA LYS HD 2 61.97 117.91 -17.70
C LYS HD 2 62.12 118.05 -19.20
N THR HD 3 63.02 118.94 -19.62
CA THR HD 3 63.25 119.22 -21.04
C THR HD 3 64.61 118.69 -21.47
N ILE HD 4 64.66 118.12 -22.67
CA ILE HD 4 65.89 117.58 -23.24
C ILE HD 4 66.07 118.22 -24.61
N VAL HD 5 67.23 118.85 -24.83
CA VAL HD 5 67.53 119.54 -26.07
C VAL HD 5 68.50 118.67 -26.88
N LEU HD 6 68.11 118.36 -28.11
CA LEU HD 6 68.93 117.56 -29.02
C LEU HD 6 69.28 118.39 -30.24
N SER HD 7 70.57 118.43 -30.57
CA SER HD 7 71.08 119.21 -31.70
C SER HD 7 71.29 118.26 -32.88
N VAL HD 8 70.57 118.51 -33.97
CA VAL HD 8 70.69 117.70 -35.18
C VAL HD 8 71.70 118.27 -36.16
N GLY HD 9 72.14 119.51 -35.98
CA GLY HD 9 73.08 120.13 -36.89
C GLY HD 9 72.69 121.54 -37.26
N GLU HD 10 71.42 121.72 -37.64
CA GLU HD 10 70.89 123.04 -37.98
C GLU HD 10 69.70 123.46 -37.14
N ALA HD 11 68.99 122.52 -36.53
CA ALA HD 11 67.84 122.82 -35.68
C ALA HD 11 67.99 122.09 -34.36
N THR HD 12 67.20 122.52 -33.37
CA THR HD 12 67.22 121.93 -32.03
C THR HD 12 65.84 121.39 -31.71
N ARG HD 13 65.78 120.12 -31.35
CA ARG HD 13 64.54 119.46 -30.96
C ARG HD 13 64.42 119.39 -29.44
N THR HD 14 63.19 119.49 -28.95
CA THR HD 14 62.91 119.52 -27.53
C THR HD 14 62.00 118.37 -27.16
N LEU HD 15 62.44 117.53 -26.23
CA LEU HD 15 61.65 116.45 -25.68
C LEU HD 15 61.21 116.79 -24.26
N THR HD 16 59.94 116.54 -23.96
CA THR HD 16 59.35 116.90 -22.68
C THR HD 16 58.93 115.65 -21.92
N GLU HD 17 59.19 115.65 -20.62
CA GLU HD 17 58.74 114.55 -19.77
C GLU HD 17 57.22 114.54 -19.66
N ILE HD 18 56.61 113.38 -19.87
CA ILE HD 18 55.16 113.22 -19.91
C ILE HD 18 54.65 112.34 -18.77
N GLN HD 19 55.28 111.18 -18.58
CA GLN HD 19 54.79 110.17 -17.63
C GLN HD 19 55.90 109.91 -16.61
N SER HD 20 56.00 110.80 -15.62
CA SER HD 20 57.06 110.73 -14.61
C SER HD 20 56.74 109.60 -13.64
N THR HD 21 57.47 108.49 -13.76
CA THR HD 21 57.36 107.37 -12.84
C THR HD 21 58.72 106.72 -12.70
N ALA HD 22 58.93 106.08 -11.54
CA ALA HD 22 60.25 105.49 -11.24
C ALA HD 22 60.56 104.34 -12.18
N ASP HD 23 59.66 103.36 -12.26
CA ASP HD 23 59.90 102.16 -13.05
C ASP HD 23 59.67 102.37 -14.55
N ARG HD 24 59.19 103.54 -14.97
CA ARG HD 24 58.93 103.79 -16.39
C ARG HD 24 58.89 105.30 -16.60
N GLN HD 25 59.90 105.82 -17.29
CA GLN HD 25 59.97 107.23 -17.65
C GLN HD 25 59.69 107.37 -19.14
N ILE HD 26 58.69 108.16 -19.49
CA ILE HD 26 58.25 108.32 -20.87
C ILE HD 26 58.48 109.78 -21.28
N PHE HD 27 59.44 109.99 -22.18
CA PHE HD 27 59.70 111.31 -22.74
C PHE HD 27 59.10 111.39 -24.13
N GLU HD 28 58.45 112.52 -24.44
CA GLU HD 28 57.80 112.73 -25.72
C GLU HD 28 58.23 114.05 -26.33
N GLU HD 29 58.54 114.03 -27.63
CA GLU HD 29 58.99 115.22 -28.34
C GLU HD 29 57.80 116.10 -28.70
N LYS HD 30 57.93 117.40 -28.44
CA LYS HD 30 56.88 118.37 -28.72
C LYS HD 30 57.33 119.24 -29.89
N VAL HD 31 56.72 119.02 -31.05
CA VAL HD 31 57.00 119.82 -32.24
C VAL HD 31 55.69 120.25 -32.87
N GLY HD 32 54.81 119.29 -33.15
CA GLY HD 32 53.53 119.56 -33.74
C GLY HD 32 52.49 118.53 -33.35
N PRO HD 33 52.25 117.56 -34.23
CA PRO HD 33 51.31 116.47 -33.92
C PRO HD 33 51.89 115.55 -32.86
N LEU HD 34 51.18 115.42 -31.73
CA LEU HD 34 51.68 114.59 -30.65
C LEU HD 34 51.61 113.11 -31.00
N VAL HD 35 50.59 112.70 -31.75
CA VAL HD 35 50.47 111.30 -32.15
C VAL HD 35 51.46 111.00 -33.26
N GLY HD 36 52.13 109.86 -33.16
CA GLY HD 36 53.12 109.47 -34.15
C GLY HD 36 54.34 110.37 -34.16
N ARG HD 37 54.98 110.52 -32.99
CA ARG HD 37 56.15 111.37 -32.87
C ARG HD 37 57.33 110.60 -32.29
N LEU HD 38 58.22 111.30 -31.59
CA LEU HD 38 59.40 110.70 -30.99
C LEU HD 38 59.12 110.42 -29.51
N ARG HD 39 59.27 109.16 -29.11
CA ARG HD 39 59.06 108.76 -27.73
C ARG HD 39 60.26 107.97 -27.23
N LEU HD 40 60.51 108.07 -25.93
CA LEU HD 40 61.63 107.42 -25.29
C LEU HD 40 61.18 106.82 -23.96
N THR HD 41 61.45 105.53 -23.79
CA THR HD 41 61.09 104.80 -22.58
C THR HD 41 62.35 104.39 -21.83
N ALA HD 42 62.43 104.78 -20.57
CA ALA HD 42 63.57 104.47 -19.72
C ALA HD 42 63.11 103.68 -18.50
N SER HD 43 63.89 102.67 -18.12
CA SER HD 43 63.56 101.83 -16.98
C SER HD 43 64.84 101.45 -16.26
N LEU HD 44 64.78 101.41 -14.93
CA LEU HD 44 65.90 101.03 -14.09
C LEU HD 44 65.40 100.08 -13.00
N ARG HD 45 66.15 99.00 -12.76
CA ARG HD 45 65.74 98.03 -11.76
C ARG HD 45 66.99 97.32 -11.22
N GLN HD 46 66.76 96.27 -10.42
CA GLN HD 46 67.81 95.44 -9.87
C GLN HD 46 67.73 94.05 -10.51
N ASN HD 47 68.36 93.07 -9.86
CA ASN HD 47 68.38 91.70 -10.37
C ASN HD 47 68.81 90.76 -9.26
N GLY HD 48 68.36 89.52 -9.37
CA GLY HD 48 68.78 88.46 -8.47
C GLY HD 48 68.67 88.79 -6.99
N ALA HD 49 69.81 88.79 -6.30
CA ALA HD 49 69.87 89.07 -4.88
C ALA HD 49 70.74 90.31 -4.64
N LYS HD 50 70.29 91.45 -5.15
CA LYS HD 50 70.96 92.74 -4.97
C LYS HD 50 72.40 92.69 -5.45
N THR HD 51 72.63 91.98 -6.54
CA THR HD 51 73.98 91.88 -7.11
C THR HD 51 74.25 93.03 -8.08
N ALA HD 52 73.68 92.96 -9.29
CA ALA HD 52 73.89 93.99 -10.29
C ALA HD 52 72.62 94.80 -10.51
N TYR HD 53 72.50 95.43 -11.67
CA TYR HD 53 71.34 96.24 -12.00
C TYR HD 53 70.95 95.97 -13.45
N ARG HD 54 69.83 96.58 -13.87
CA ARG HD 54 69.33 96.42 -15.23
C ARG HD 54 68.72 97.73 -15.68
N VAL HD 55 69.24 98.26 -16.80
CA VAL HD 55 68.76 99.51 -17.38
C VAL HD 55 68.26 99.22 -18.79
N ASN HD 56 67.07 99.73 -19.10
CA ASN HD 56 66.46 99.54 -20.41
C ASN HD 56 66.14 100.90 -21.00
N LEU HD 57 66.53 101.12 -22.25
CA LEU HD 57 66.30 102.37 -22.96
C LEU HD 57 65.78 102.04 -24.36
N LYS HD 58 64.56 102.47 -24.65
CA LYS HD 58 63.94 102.25 -25.96
C LYS HD 58 63.58 103.60 -26.57
N LEU HD 59 63.76 103.71 -27.89
CA LEU HD 59 63.45 104.92 -28.62
C LEU HD 59 62.60 104.57 -29.83
N ASP HD 60 61.40 105.12 -29.90
CA ASP HD 60 60.46 104.84 -30.98
C ASP HD 60 60.10 106.12 -31.71
N GLN HD 61 59.83 105.98 -33.00
CA GLN HD 61 59.43 107.12 -33.83
C GLN HD 61 58.67 106.58 -35.04
N ALA HD 62 57.38 106.87 -35.12
CA ALA HD 62 56.52 106.41 -36.19
C ALA HD 62 56.21 107.58 -37.13
N ASP HD 63 56.43 107.37 -38.42
CA ASP HD 63 56.14 108.39 -39.42
C ASP HD 63 54.63 108.50 -39.66
N VAL HD 64 54.19 109.70 -40.02
CA VAL HD 64 52.79 109.97 -40.27
C VAL HD 64 52.63 110.50 -41.70
N VAL HD 65 51.43 110.35 -42.23
CA VAL HD 65 51.09 110.83 -43.57
C VAL HD 65 49.72 111.50 -43.51
N ASP HD 66 49.50 112.44 -44.43
CA ASP HD 66 48.26 113.19 -44.48
C ASP HD 66 47.95 113.57 -45.92
N CYS HD 67 46.66 113.57 -46.25
CA CYS HD 67 46.21 113.90 -47.59
C CYS HD 67 45.29 115.12 -47.64
N SER HD 68 45.18 115.88 -46.54
CA SER HD 68 44.29 117.03 -46.54
C SER HD 68 44.79 118.16 -47.43
N THR HD 69 46.05 118.09 -47.89
CA THR HD 69 46.57 119.14 -48.76
C THR HD 69 45.99 119.04 -50.17
N SER HD 70 45.67 117.83 -50.63
CA SER HD 70 45.12 117.65 -51.97
C SER HD 70 43.78 116.94 -51.91
N VAL HD 71 43.74 115.76 -51.28
CA VAL HD 71 42.52 114.99 -51.16
C VAL HD 71 41.60 115.69 -50.15
N CYS HD 72 40.29 115.65 -50.42
CA CYS HD 72 39.36 116.34 -49.54
C CYS HD 72 38.83 115.41 -48.46
N GLY HD 73 39.73 114.72 -47.76
CA GLY HD 73 39.38 114.10 -46.50
C GLY HD 73 40.22 112.89 -46.14
N GLU HD 74 41.19 113.10 -45.24
CA GLU HD 74 42.04 112.00 -44.77
C GLU HD 74 42.73 112.46 -43.50
N LEU HD 75 42.46 111.79 -42.39
CA LEU HD 75 43.09 112.13 -41.13
C LEU HD 75 44.56 111.69 -41.14
N PRO HD 76 45.40 112.34 -40.34
CA PRO HD 76 46.81 111.91 -40.23
C PRO HD 76 46.91 110.46 -39.77
N LYS HD 77 47.50 109.62 -40.61
CA LYS HD 77 47.59 108.19 -40.37
C LYS HD 77 49.04 107.77 -40.25
N VAL HD 78 49.34 106.93 -39.26
CA VAL HD 78 50.70 106.43 -39.07
C VAL HD 78 51.02 105.40 -40.13
N ARG HD 79 52.31 105.28 -40.46
CA ARG HD 79 52.76 104.35 -41.48
C ARG HD 79 53.50 103.22 -40.80
N TYR HD 80 54.81 103.27 -40.69
CA TYR HD 80 55.60 102.20 -40.07
C TYR HD 80 56.01 102.61 -38.65
N THR HD 81 56.56 101.64 -37.93
CA THR HD 81 57.01 101.84 -36.56
C THR HD 81 58.40 101.26 -36.41
N GLN HD 82 59.30 102.02 -35.76
CA GLN HD 82 60.67 101.60 -35.52
C GLN HD 82 60.91 101.45 -34.03
N VAL HD 83 61.56 100.36 -33.65
CA VAL HD 83 61.84 100.04 -32.25
C VAL HD 83 63.35 99.85 -32.10
N TRP HD 84 63.96 100.61 -31.19
CA TRP HD 84 65.39 100.53 -30.91
C TRP HD 84 65.55 100.48 -29.39
N SER HD 85 65.56 99.27 -28.84
CA SER HD 85 65.70 99.06 -27.40
C SER HD 85 67.16 98.84 -27.03
N HIS HD 86 67.43 98.88 -25.72
CA HIS HD 86 68.77 98.69 -25.19
C HIS HD 86 68.70 97.80 -23.97
N ASP HD 87 69.87 97.44 -23.45
CA ASP HD 87 69.96 96.60 -22.27
C ASP HD 87 71.33 96.83 -21.62
N VAL HD 88 71.33 97.38 -20.42
CA VAL HD 88 72.56 97.68 -19.68
C VAL HD 88 72.58 96.81 -18.44
N THR HD 89 73.58 95.95 -18.34
CA THR HD 89 73.77 95.06 -17.20
C THR HD 89 75.15 95.33 -16.62
N ILE HD 90 75.25 96.36 -15.79
CA ILE HD 90 76.51 96.76 -15.16
C ILE HD 90 76.38 96.55 -13.66
N VAL HD 91 77.35 95.82 -13.09
CA VAL HD 91 77.33 95.55 -11.65
C VAL HD 91 77.74 96.81 -10.90
N ALA HD 92 77.33 96.89 -9.63
CA ALA HD 92 77.65 98.06 -8.82
C ALA HD 92 79.14 98.12 -8.50
N ASN HD 93 79.66 97.07 -7.88
CA ASN HD 93 81.09 97.01 -7.51
C ASN HD 93 81.90 96.73 -8.77
N SER HD 94 82.14 97.77 -9.54
CA SER HD 94 82.92 97.66 -10.77
C SER HD 94 84.14 98.58 -10.72
N THR HD 95 84.39 99.29 -11.81
CA THR HD 95 85.52 100.21 -11.90
C THR HD 95 85.11 101.44 -12.69
N GLU HD 96 85.36 102.62 -12.13
CA GLU HD 96 85.00 103.86 -12.81
C GLU HD 96 85.81 104.04 -14.09
N ALA HD 97 87.11 103.73 -14.05
CA ALA HD 97 87.94 103.85 -15.24
C ALA HD 97 87.49 102.88 -16.32
N SER HD 98 87.15 101.65 -15.93
CA SER HD 98 86.67 100.67 -16.91
C SER HD 98 85.34 101.11 -17.51
N ARG HD 99 84.44 101.65 -16.69
CA ARG HD 99 83.17 102.13 -17.20
C ARG HD 99 83.36 103.30 -18.16
N LYS HD 100 84.28 104.21 -17.83
CA LYS HD 100 84.56 105.34 -18.72
C LYS HD 100 85.16 104.87 -20.04
N SER HD 101 86.07 103.89 -19.98
CA SER HD 101 86.66 103.36 -21.21
C SER HD 101 85.60 102.66 -22.06
N LEU HD 102 84.70 101.92 -21.42
CA LEU HD 102 83.64 101.25 -22.17
C LEU HD 102 82.70 102.27 -22.80
N TYR HD 103 82.36 103.34 -22.08
CA TYR HD 103 81.50 104.38 -22.65
C TYR HD 103 82.19 105.07 -23.81
N ASP HD 104 83.50 105.33 -23.70
CA ASP HD 104 84.22 105.95 -24.80
C ASP HD 104 84.28 105.03 -26.02
N LEU HD 105 84.47 103.73 -25.80
CA LEU HD 105 84.48 102.78 -26.90
C LEU HD 105 83.12 102.71 -27.58
N THR HD 106 82.04 102.73 -26.78
CA THR HD 106 80.70 102.71 -27.35
C THR HD 106 80.43 103.98 -28.15
N LYS HD 107 80.87 105.14 -27.63
CA LYS HD 107 80.69 106.39 -28.35
C LYS HD 107 81.46 106.39 -29.66
N SER HD 108 82.69 105.85 -29.65
CA SER HD 108 83.47 105.77 -30.88
C SER HD 108 82.83 104.84 -31.89
N LEU HD 109 82.33 103.69 -31.43
CA LEU HD 109 81.67 102.76 -32.34
C LEU HD 109 80.38 103.34 -32.90
N VAL HD 110 79.70 104.18 -32.14
CA VAL HD 110 78.48 104.82 -32.63
C VAL HD 110 78.82 105.91 -33.65
N ALA HD 111 79.85 106.71 -33.36
CA ALA HD 111 80.22 107.81 -34.23
C ALA HD 111 81.03 107.37 -35.45
N THR HD 112 81.48 106.12 -35.50
CA THR HD 112 82.23 105.65 -36.65
C THR HD 112 81.34 105.60 -37.90
N SER HD 113 81.99 105.52 -39.05
CA SER HD 113 81.31 105.51 -40.34
C SER HD 113 80.83 104.12 -40.75
N GLN HD 114 81.27 103.07 -40.06
CA GLN HD 114 80.87 101.71 -40.40
C GLN HD 114 79.42 101.42 -40.00
N VAL HD 115 79.02 101.84 -38.80
CA VAL HD 115 77.64 101.63 -38.37
C VAL HD 115 76.68 102.46 -39.22
N GLU HD 116 77.10 103.67 -39.63
CA GLU HD 116 76.26 104.48 -40.49
C GLU HD 116 76.01 103.80 -41.83
N ASP HD 117 77.06 103.20 -42.41
CA ASP HD 117 76.89 102.46 -43.66
C ASP HD 117 76.04 101.22 -43.46
N LEU HD 118 76.24 100.51 -42.35
CA LEU HD 118 75.41 99.36 -42.03
C LEU HD 118 73.93 99.74 -41.91
N VAL HD 119 73.65 100.92 -41.38
CA VAL HD 119 72.27 101.36 -41.21
C VAL HD 119 71.68 101.79 -42.55
N VAL HD 120 72.44 102.59 -43.32
CA VAL HD 120 71.93 103.16 -44.56
C VAL HD 120 71.90 102.10 -45.66
N ASN HD 121 73.08 101.67 -46.12
CA ASN HD 121 73.18 100.77 -47.25
C ASN HD 121 72.90 99.31 -46.91
N LEU HD 122 72.60 99.02 -45.64
CA LEU HD 122 72.30 97.65 -45.20
C LEU HD 122 73.43 96.68 -45.51
N VAL HD 123 74.66 97.18 -45.54
CA VAL HD 123 75.83 96.36 -45.81
C VAL HD 123 76.38 95.85 -44.47
N PRO HD 124 76.68 94.56 -44.35
CA PRO HD 124 77.18 94.04 -43.07
C PRO HD 124 78.46 94.74 -42.65
N LEU HD 125 78.62 94.93 -41.33
CA LEU HD 125 79.76 95.63 -40.78
C LEU HD 125 81.03 94.81 -41.00
N GLY HD 126 81.99 95.38 -41.72
CA GLY HD 126 83.24 94.70 -41.99
C GLY HD 126 84.14 95.47 -42.93
N ARG HD 127 84.74 96.54 -42.43
CA ARG HD 127 85.64 97.36 -43.24
C ARG HD 127 87.09 97.24 -42.75
N SER ID 1 85.50 98.63 -49.84
CA SER ID 1 84.61 97.74 -50.57
C SER ID 1 85.10 97.51 -51.99
N LYS ID 2 84.16 97.27 -52.91
CA LYS ID 2 84.48 96.94 -54.29
C LYS ID 2 83.42 97.57 -55.19
N THR ID 3 83.84 98.44 -56.09
CA THR ID 3 82.95 99.17 -56.98
C THR ID 3 83.12 98.67 -58.41
N ILE ID 4 82.00 98.54 -59.12
CA ILE ID 4 81.98 98.11 -60.52
C ILE ID 4 81.22 99.15 -61.32
N VAL ID 5 81.86 99.69 -62.35
CA VAL ID 5 81.27 100.73 -63.19
C VAL ID 5 80.83 100.10 -64.50
N LEU ID 6 79.55 100.27 -64.84
CA LEU ID 6 78.97 99.74 -66.07
C LEU ID 6 78.48 100.89 -66.93
N SER ID 7 78.90 100.90 -68.19
CA SER ID 7 78.53 101.96 -69.13
C SER ID 7 77.38 101.47 -70.00
N VAL ID 8 76.23 102.16 -69.92
CA VAL ID 8 75.07 101.80 -70.71
C VAL ID 8 75.01 102.55 -72.04
N GLY ID 9 75.80 103.59 -72.20
CA GLY ID 9 75.78 104.38 -73.42
C GLY ID 9 75.77 105.87 -73.15
N GLU ID 10 74.90 106.32 -72.24
CA GLU ID 10 74.83 107.71 -71.85
C GLU ID 10 75.02 107.95 -70.36
N ALA ID 11 74.82 106.94 -69.52
CA ALA ID 11 75.01 107.05 -68.08
C ALA ID 11 75.87 105.90 -67.59
N THR ID 12 76.39 106.04 -66.38
CA THR ID 12 77.26 105.04 -65.77
C THR ID 12 76.62 104.57 -64.46
N ARG ID 13 76.44 103.27 -64.34
CA ARG ID 13 75.87 102.66 -63.14
C ARG ID 13 76.98 102.09 -62.28
N THR ID 14 76.78 102.14 -60.96
CA THR ID 14 77.78 101.71 -59.99
C THR ID 14 77.19 100.60 -59.13
N LEU ID 15 77.87 99.46 -59.09
CA LEU ID 15 77.51 98.34 -58.25
C LEU ID 15 78.52 98.23 -57.11
N THR ID 16 78.03 98.03 -55.89
CA THR ID 16 78.87 97.99 -54.71
C THR ID 16 78.81 96.61 -54.06
N GLU ID 17 79.97 96.12 -53.61
CA GLU ID 17 80.03 94.85 -52.90
C GLU ID 17 79.35 94.98 -51.54
N ILE ID 18 78.46 94.03 -51.25
CA ILE ID 18 77.66 94.05 -50.03
C ILE ID 18 78.03 92.91 -49.11
N GLN ID 19 78.03 91.68 -49.63
CA GLN ID 19 78.18 90.46 -48.83
C GLN ID 19 79.46 89.76 -49.27
N SER ID 20 80.60 90.23 -48.77
CA SER ID 20 81.91 89.70 -49.16
C SER ID 20 82.13 88.36 -48.50
N THR ID 21 82.02 87.29 -49.29
CA THR ID 21 82.28 85.93 -48.81
C THR ID 21 82.87 85.13 -49.96
N ALA ID 22 83.66 84.11 -49.61
CA ALA ID 22 84.36 83.33 -50.63
C ALA ID 22 83.38 82.53 -51.48
N ASP ID 23 82.51 81.74 -50.84
CA ASP ID 23 81.60 80.86 -51.56
C ASP ID 23 80.37 81.60 -52.11
N ARG ID 24 80.21 82.89 -51.80
CA ARG ID 24 79.05 83.64 -52.28
C ARG ID 24 79.39 85.12 -52.23
N GLN ID 25 79.54 85.74 -53.40
CA GLN ID 25 79.78 87.17 -53.51
C GLN ID 25 78.52 87.84 -54.04
N ILE ID 26 78.00 88.81 -53.28
CA ILE ID 26 76.75 89.49 -53.60
C ILE ID 26 77.05 90.95 -53.88
N PHE ID 27 76.90 91.36 -55.13
CA PHE ID 27 77.05 92.75 -55.53
C PHE ID 27 75.67 93.37 -55.72
N GLU ID 28 75.50 94.60 -55.23
CA GLU ID 28 74.23 95.30 -55.31
C GLU ID 28 74.43 96.69 -55.87
N GLU ID 29 73.56 97.09 -56.80
CA GLU ID 29 73.64 98.39 -57.44
C GLU ID 29 73.06 99.46 -56.52
N LYS ID 30 73.78 100.57 -56.40
CA LYS ID 30 73.37 101.69 -55.55
C LYS ID 30 72.98 102.86 -56.46
N VAL ID 31 71.67 103.12 -56.54
CA VAL ID 31 71.16 104.24 -57.33
C VAL ID 31 70.14 105.00 -56.49
N GLY ID 32 69.15 104.29 -55.97
CA GLY ID 32 68.12 104.88 -55.15
C GLY ID 32 67.55 103.90 -54.16
N PRO ID 33 66.39 103.33 -54.49
CA PRO ID 33 65.78 102.31 -53.62
C PRO ID 33 66.59 101.02 -53.66
N LEU ID 34 67.07 100.58 -52.49
CA LEU ID 34 67.89 99.38 -52.44
C LEU ID 34 67.06 98.13 -52.69
N VAL ID 35 65.81 98.12 -52.23
CA VAL ID 35 64.94 96.96 -52.45
C VAL ID 35 64.47 96.96 -53.91
N GLY ID 36 64.49 95.78 -54.53
CA GLY ID 36 64.09 95.65 -55.91
C GLY ID 36 65.01 96.36 -56.88
N ARG ID 37 66.31 96.04 -56.82
CA ARG ID 37 67.29 96.67 -57.68
C ARG ID 37 68.08 95.62 -58.46
N LEU ID 38 69.33 95.94 -58.80
CA LEU ID 38 70.19 95.04 -59.55
C LEU ID 38 71.11 94.31 -58.58
N ARG ID 39 71.07 92.97 -58.62
CA ARG ID 39 71.90 92.14 -57.77
C ARG ID 39 72.63 91.11 -58.61
N LEU ID 40 73.82 90.74 -58.13
CA LEU ID 40 74.68 89.78 -58.83
C LEU ID 40 75.27 88.82 -57.82
N THR ID 41 75.11 87.53 -58.08
CA THR ID 41 75.62 86.46 -57.21
C THR ID 41 76.70 85.71 -57.94
N ALA ID 42 77.88 85.62 -57.33
CA ALA ID 42 79.02 84.91 -57.89
C ALA ID 42 79.47 83.81 -56.95
N SER ID 43 79.82 82.65 -57.51
CA SER ID 43 80.25 81.51 -56.72
C SER ID 43 81.34 80.76 -57.49
N LEU ID 44 82.34 80.29 -56.75
CA LEU ID 44 83.44 79.51 -57.32
C LEU ID 44 83.71 78.32 -56.42
N ARG ID 45 83.91 77.16 -57.03
CA ARG ID 45 84.15 75.94 -56.26
C ARG ID 45 84.96 74.96 -57.11
N GLN ID 46 85.10 73.74 -56.61
CA GLN ID 46 85.78 72.65 -57.29
C GLN ID 46 84.77 71.58 -57.67
N ASN ID 47 85.25 70.38 -57.97
CA ASN ID 47 84.37 69.28 -58.36
C ASN ID 47 85.15 67.98 -58.25
N GLY ID 48 84.40 66.89 -58.02
CA GLY ID 48 84.95 65.55 -58.03
C GLY ID 48 86.18 65.36 -57.15
N ALA ID 49 87.30 65.01 -57.76
CA ALA ID 49 88.55 64.78 -57.06
C ALA ID 49 89.61 65.76 -57.57
N LYS ID 50 89.38 67.05 -57.35
CA LYS ID 50 90.30 68.12 -57.70
C LYS ID 50 90.65 68.08 -59.19
N THR ID 51 89.65 67.77 -60.02
CA THR ID 51 89.84 67.73 -61.47
C THR ID 51 89.63 69.10 -62.08
N ALA ID 52 88.37 69.51 -62.23
CA ALA ID 52 88.04 70.79 -62.83
C ALA ID 52 87.51 71.76 -61.78
N TYR ID 53 86.76 72.76 -62.21
CA TYR ID 53 86.18 73.75 -61.31
C TYR ID 53 84.75 74.03 -61.75
N ARG ID 54 84.07 74.87 -60.97
CA ARG ID 54 82.68 75.24 -61.24
C ARG ID 54 82.47 76.68 -60.84
N VAL ID 55 82.04 77.50 -61.80
CA VAL ID 55 81.77 78.92 -61.57
C VAL ID 55 80.31 79.19 -61.90
N ASN ID 56 79.64 79.90 -60.99
CA ASN ID 56 78.23 80.25 -61.16
C ASN ID 56 78.08 81.76 -61.07
N LEU ID 57 77.36 82.33 -62.03
CA LEU ID 57 77.12 83.77 -62.08
C LEU ID 57 75.65 84.00 -62.39
N LYS ID 58 74.94 84.63 -61.46
CA LYS ID 58 73.53 84.94 -61.60
C LYS ID 58 73.32 86.44 -61.50
N LEU ID 59 72.41 86.98 -62.30
CA LEU ID 59 72.10 88.41 -62.32
C LEU ID 59 70.59 88.58 -62.24
N ASP ID 60 70.12 89.25 -61.20
CA ASP ID 60 68.70 89.45 -60.98
C ASP ID 60 68.38 90.94 -60.93
N GLN ID 61 67.17 91.28 -61.37
CA GLN ID 61 66.72 92.67 -61.36
C GLN ID 61 65.20 92.67 -61.37
N ALA ID 62 64.58 93.10 -60.28
CA ALA ID 62 63.13 93.14 -60.15
C ALA ID 62 62.65 94.58 -60.24
N ASP ID 63 61.66 94.80 -61.11
CA ASP ID 63 61.09 96.12 -61.28
C ASP ID 63 60.18 96.47 -60.11
N VAL ID 64 60.08 97.77 -59.82
CA VAL ID 64 59.26 98.25 -58.72
C VAL ID 64 58.25 99.25 -59.27
N VAL ID 65 57.15 99.43 -58.53
CA VAL ID 65 56.10 100.37 -58.88
C VAL ID 65 55.68 101.11 -57.62
N ASP ID 66 55.18 102.33 -57.81
CA ASP ID 66 54.78 103.20 -56.71
C ASP ID 66 53.61 104.07 -57.16
N CYS ID 67 52.69 104.33 -56.22
CA CYS ID 67 51.52 105.14 -56.50
C CYS ID 67 51.44 106.40 -55.63
N SER ID 68 52.51 106.75 -54.90
CA SER ID 68 52.47 107.91 -54.04
C SER ID 68 52.41 109.22 -54.82
N THR ID 69 52.66 109.17 -56.14
CA THR ID 69 52.61 110.39 -56.94
C THR ID 69 51.17 110.85 -57.16
N SER ID 70 50.23 109.91 -57.25
CA SER ID 70 48.82 110.26 -57.47
C SER ID 70 47.95 109.72 -56.35
N VAL ID 71 48.02 108.42 -56.11
CA VAL ID 71 47.21 107.78 -55.07
C VAL ID 71 47.78 108.18 -53.72
N CYS ID 72 46.90 108.39 -52.73
CA CYS ID 72 47.42 108.84 -51.45
C CYS ID 72 47.65 107.67 -50.51
N GLY ID 73 48.37 106.66 -50.98
CA GLY ID 73 48.98 105.69 -50.08
C GLY ID 73 49.28 104.35 -50.73
N GLU ID 74 50.54 104.13 -51.08
CA GLU ID 74 50.96 102.85 -51.66
C GLU ID 74 52.48 102.77 -51.56
N LEU ID 75 52.97 101.79 -50.81
CA LEU ID 75 54.41 101.60 -50.68
C LEU ID 75 54.99 101.05 -51.98
N PRO ID 76 56.28 101.28 -52.24
CA PRO ID 76 56.93 100.69 -53.42
C PRO ID 76 56.84 99.18 -53.40
N LYS ID 77 56.18 98.62 -54.42
CA LYS ID 77 55.92 97.19 -54.50
C LYS ID 77 56.62 96.60 -55.72
N VAL ID 78 57.25 95.44 -55.51
CA VAL ID 78 57.92 94.77 -56.63
C VAL ID 78 56.87 94.13 -57.55
N ARG ID 79 57.24 93.99 -58.83
CA ARG ID 79 56.34 93.43 -59.82
C ARG ID 79 56.85 92.06 -60.20
N TYR ID 80 57.63 91.92 -61.26
CA TYR ID 80 58.15 90.64 -61.71
C TYR ID 80 59.62 90.48 -61.30
N THR ID 81 60.13 89.28 -61.49
CA THR ID 81 61.51 88.95 -61.15
C THR ID 81 62.13 88.20 -62.32
N GLN ID 82 63.36 88.59 -62.68
CA GLN ID 82 64.09 87.96 -63.77
C GLN ID 82 65.34 87.29 -63.22
N VAL ID 83 65.59 86.07 -63.69
CA VAL ID 83 66.73 85.27 -63.24
C VAL ID 83 67.54 84.88 -64.46
N TRP ID 84 68.84 85.20 -64.44
CA TRP ID 84 69.76 84.88 -65.53
C TRP ID 84 71.02 84.29 -64.90
N SER ID 85 71.04 82.98 -64.73
CA SER ID 85 72.16 82.27 -64.13
C SER ID 85 73.13 81.77 -65.21
N HIS ID 86 74.31 81.34 -64.77
CA HIS ID 86 75.34 80.84 -65.67
C HIS ID 86 75.95 79.59 -65.05
N ASP ID 87 76.84 78.96 -65.82
CA ASP ID 87 77.52 77.75 -65.36
C ASP ID 87 78.80 77.60 -66.18
N VAL ID 88 79.95 77.71 -65.52
CA VAL ID 88 81.25 77.60 -66.17
C VAL ID 88 81.95 76.37 -65.62
N THR ID 89 82.24 75.41 -66.51
CA THR ID 89 82.92 74.16 -66.17
C THR ID 89 84.17 74.07 -67.03
N ILE ID 90 85.24 74.74 -66.59
CA ILE ID 90 86.50 74.76 -67.31
C ILE ID 90 87.55 74.06 -66.46
N VAL ID 91 88.23 73.08 -67.04
CA VAL ID 91 89.27 72.34 -66.32
C VAL ID 91 90.51 73.22 -66.18
N ALA ID 92 91.33 72.91 -65.17
CA ALA ID 92 92.53 73.69 -64.93
C ALA ID 92 93.56 73.47 -66.02
N ASN ID 93 93.96 72.21 -66.24
CA ASN ID 93 94.94 71.88 -67.27
C ASN ID 93 94.26 71.96 -68.64
N SER ID 94 94.15 73.18 -69.16
CA SER ID 94 93.54 73.41 -70.46
C SER ID 94 94.51 74.11 -71.40
N THR ID 95 94.03 75.13 -72.10
CA THR ID 95 94.85 75.89 -73.04
C THR ID 95 94.45 77.35 -72.98
N GLU ID 96 95.43 78.23 -72.79
CA GLU ID 96 95.14 79.67 -72.73
C GLU ID 96 94.61 80.19 -74.06
N ALA ID 97 95.20 79.74 -75.16
CA ALA ID 97 94.73 80.18 -76.47
C ALA ID 97 93.31 79.69 -76.74
N SER ID 98 93.01 78.44 -76.36
CA SER ID 98 91.65 77.92 -76.54
C SER ID 98 90.65 78.68 -75.67
N ARG ID 99 91.04 78.99 -74.43
CA ARG ID 99 90.15 79.76 -73.57
C ARG ID 99 89.90 81.16 -74.11
N LYS ID 100 90.95 81.80 -74.64
CA LYS ID 100 90.78 83.12 -75.24
C LYS ID 100 89.89 83.06 -76.47
N SER ID 101 90.06 82.04 -77.31
CA SER ID 101 89.20 81.90 -78.49
C SER ID 101 87.75 81.65 -78.08
N LEU ID 102 87.53 80.84 -77.05
CA LEU ID 102 86.17 80.59 -76.57
C LEU ID 102 85.55 81.86 -76.01
N TYR ID 103 86.32 82.64 -75.27
CA TYR ID 103 85.80 83.90 -74.73
C TYR ID 103 85.47 84.87 -75.85
N ASP ID 104 86.31 84.94 -76.88
CA ASP ID 104 86.03 85.81 -78.01
C ASP ID 104 84.78 85.37 -78.76
N LEU ID 105 84.60 84.05 -78.94
CA LEU ID 105 83.41 83.55 -79.59
C LEU ID 105 82.15 83.86 -78.78
N THR ID 106 82.24 83.71 -77.45
CA THR ID 106 81.11 84.05 -76.61
C THR ID 106 80.78 85.53 -76.67
N LYS ID 107 81.81 86.38 -76.67
CA LYS ID 107 81.58 87.82 -76.77
C LYS ID 107 80.95 88.18 -78.10
N SER ID 108 81.40 87.55 -79.19
CA SER ID 108 80.80 87.81 -80.50
C SER ID 108 79.35 87.35 -80.55
N LEU ID 109 79.05 86.18 -79.99
CA LEU ID 109 77.68 85.69 -79.98
C LEU ID 109 76.79 86.57 -79.11
N VAL ID 110 77.33 87.16 -78.05
CA VAL ID 110 76.55 88.06 -77.21
C VAL ID 110 76.30 89.38 -77.93
N ALA ID 111 77.33 89.92 -78.59
CA ALA ID 111 77.22 91.22 -79.26
C ALA ID 111 76.52 91.14 -80.61
N THR ID 112 76.27 89.94 -81.13
CA THR ID 112 75.59 89.81 -82.41
C THR ID 112 74.13 90.29 -82.29
N SER ID 113 73.52 90.53 -83.45
CA SER ID 113 72.15 91.03 -83.51
C SER ID 113 71.11 89.94 -83.44
N GLN ID 114 71.50 88.67 -83.57
CA GLN ID 114 70.57 87.56 -83.52
C GLN ID 114 70.05 87.32 -82.10
N VAL ID 115 70.93 87.33 -81.10
CA VAL ID 115 70.49 87.15 -79.72
C VAL ID 115 69.63 88.32 -79.26
N GLU ID 116 69.94 89.53 -79.72
CA GLU ID 116 69.11 90.68 -79.38
C GLU ID 116 67.70 90.53 -79.91
N ASP ID 117 67.57 90.06 -81.16
CA ASP ID 117 66.25 89.82 -81.72
C ASP ID 117 65.53 88.68 -81.00
N LEU ID 118 66.26 87.62 -80.67
CA LEU ID 118 65.68 86.52 -79.90
C LEU ID 118 65.17 86.99 -78.54
N VAL ID 119 65.86 87.95 -77.92
CA VAL ID 119 65.43 88.44 -76.62
C VAL ID 119 64.23 89.37 -76.76
N VAL ID 120 64.28 90.29 -77.72
CA VAL ID 120 63.24 91.30 -77.88
C VAL ID 120 61.99 90.70 -78.51
N ASN ID 121 62.08 90.33 -79.79
CA ASN ID 121 60.93 89.87 -80.54
C ASN ID 121 60.56 88.43 -80.25
N LEU ID 122 61.29 87.74 -79.38
CA LEU ID 122 61.01 86.35 -79.01
C LEU ID 122 61.01 85.42 -80.22
N VAL ID 123 61.78 85.77 -81.26
CA VAL ID 123 61.89 84.97 -82.47
C VAL ID 123 63.04 83.98 -82.28
N PRO ID 124 62.84 82.69 -82.60
CA PRO ID 124 63.92 81.72 -82.42
C PRO ID 124 65.15 82.09 -83.24
N LEU ID 125 66.32 81.80 -82.67
CA LEU ID 125 67.59 82.14 -83.31
C LEU ID 125 67.78 81.31 -84.57
N GLY ID 126 67.89 81.99 -85.71
CA GLY ID 126 68.07 81.31 -86.98
C GLY ID 126 68.06 82.25 -88.16
N ARG ID 127 69.14 83.02 -88.32
CA ARG ID 127 69.25 83.97 -89.44
C ARG ID 127 70.32 83.53 -90.42
N SER JD 1 63.41 76.74 -89.07
CA SER JD 1 61.98 76.71 -88.79
C SER JD 1 61.16 76.78 -90.07
N LYS JD 2 59.98 77.37 -89.97
CA LYS JD 2 59.04 77.43 -91.08
C LYS JD 2 58.31 78.77 -91.02
N THR JD 3 58.44 79.56 -92.08
CA THR JD 3 57.84 80.89 -92.15
C THR JD 3 56.71 80.90 -93.16
N ILE JD 4 55.63 81.61 -92.81
CA ILE JD 4 54.46 81.75 -93.68
C ILE JD 4 54.18 83.24 -93.83
N VAL JD 5 54.13 83.71 -95.07
CA VAL JD 5 53.91 85.12 -95.38
C VAL JD 5 52.47 85.28 -95.85
N LEU JD 6 51.73 86.17 -95.18
CA LEU JD 6 50.34 86.46 -95.52
C LEU JD 6 50.22 87.93 -95.92
N SER JD 7 49.60 88.17 -97.07
CA SER JD 7 49.43 89.52 -97.62
C SER JD 7 48.02 90.00 -97.30
N VAL JD 8 47.93 91.08 -96.52
CA VAL JD 8 46.63 91.65 -96.16
C VAL JD 8 46.18 92.73 -97.13
N GLY JD 9 47.08 93.23 -97.98
CA GLY JD 9 46.73 94.29 -98.90
C GLY JD 9 47.78 95.38 -98.95
N GLU JD 10 48.19 95.86 -97.78
CA GLU JD 10 49.23 96.87 -97.68
C GLU JD 10 50.44 96.44 -96.86
N ALA JD 11 50.30 95.45 -95.98
CA ALA JD 11 51.39 94.95 -95.16
C ALA JD 11 51.44 93.44 -95.27
N THR JD 12 52.58 92.87 -94.86
CA THR JD 12 52.81 91.44 -94.91
C THR JD 12 53.07 90.93 -93.49
N ARG JD 13 52.30 89.93 -93.07
CA ARG JD 13 52.45 89.32 -91.76
C ARG JD 13 53.22 88.01 -91.89
N THR JD 14 54.01 87.71 -90.86
CA THR JD 14 54.88 86.53 -90.85
C THR JD 14 54.51 85.64 -89.67
N LEU JD 15 54.18 84.38 -89.97
CA LEU JD 15 53.91 83.37 -88.96
C LEU JD 15 55.07 82.39 -88.91
N THR JD 16 55.52 82.05 -87.69
CA THR JD 16 56.66 81.19 -87.49
C THR JD 16 56.24 79.90 -86.80
N GLU JD 17 56.81 78.79 -87.25
CA GLU JD 17 56.57 77.50 -86.61
C GLU JD 17 57.19 77.47 -85.22
N ILE JD 18 56.42 77.03 -84.23
CA ILE JD 18 56.79 77.07 -82.83
C ILE JD 18 56.89 75.68 -82.21
N GLN JD 19 55.88 74.84 -82.46
CA GLN JD 19 55.76 73.52 -81.84
C GLN JD 19 55.68 72.47 -82.96
N SER JD 20 56.83 72.11 -83.51
CA SER JD 20 56.91 71.18 -84.63
C SER JD 20 56.65 69.77 -84.13
N THR JD 21 55.46 69.24 -84.42
CA THR JD 21 55.11 67.87 -84.08
C THR JD 21 54.16 67.34 -85.15
N ALA JD 22 54.18 66.01 -85.33
CA ALA JD 22 53.40 65.39 -86.39
C ALA JD 22 51.90 65.53 -86.13
N ASP JD 23 51.44 65.12 -84.96
CA ASP JD 23 50.02 65.13 -84.65
C ASP JD 23 49.50 66.51 -84.26
N ARG JD 24 50.38 67.51 -84.13
CA ARG JD 24 49.93 68.85 -83.73
C ARG JD 24 51.00 69.84 -84.18
N GLN JD 25 50.67 70.67 -85.17
CA GLN JD 25 51.56 71.73 -85.64
C GLN JD 25 50.99 73.07 -85.19
N ILE JD 26 51.80 73.83 -84.47
CA ILE JD 26 51.38 75.10 -83.88
C ILE JD 26 52.21 76.21 -84.52
N PHE JD 27 51.56 77.04 -85.33
CA PHE JD 27 52.19 78.22 -85.91
C PHE JD 27 51.76 79.47 -85.15
N GLU JD 28 52.72 80.35 -84.89
CA GLU JD 28 52.45 81.57 -84.13
C GLU JD 28 53.00 82.77 -84.87
N GLU JD 29 52.21 83.84 -84.94
CA GLU JD 29 52.59 85.06 -85.63
C GLU JD 29 53.53 85.88 -84.76
N LYS JD 30 54.61 86.37 -85.37
CA LYS JD 30 55.62 87.17 -84.68
C LYS JD 30 55.54 88.61 -85.19
N VAL JD 31 54.99 89.50 -84.36
CA VAL JD 31 54.88 90.91 -84.68
C VAL JD 31 55.38 91.74 -83.50
N GLY JD 32 54.82 91.48 -82.33
CA GLY JD 32 55.21 92.18 -81.13
C GLY JD 32 55.01 91.34 -79.89
N PRO JD 33 53.89 91.58 -79.18
CA PRO JD 33 53.57 90.76 -78.00
C PRO JD 33 53.18 89.35 -78.41
N LEU JD 34 53.92 88.36 -77.90
CA LEU JD 34 53.65 86.98 -78.27
C LEU JD 34 52.36 86.48 -77.64
N VAL JD 35 52.03 86.94 -76.42
CA VAL JD 35 50.79 86.53 -75.78
C VAL JD 35 49.62 87.26 -76.42
N GLY JD 36 48.53 86.53 -76.67
CA GLY JD 36 47.36 87.11 -77.29
C GLY JD 36 47.60 87.54 -78.71
N ARG JD 37 48.07 86.62 -79.56
CA ARG JD 37 48.35 86.93 -80.96
C ARG JD 37 47.62 85.97 -81.88
N LEU JD 38 48.19 85.73 -83.06
CA LEU JD 38 47.59 84.84 -84.05
C LEU JD 38 48.24 83.46 -83.94
N ARG JD 39 47.41 82.43 -83.73
CA ARG JD 39 47.88 81.07 -83.62
C ARG JD 39 47.09 80.17 -84.56
N LEU JD 40 47.75 79.12 -85.03
CA LEU JD 40 47.15 78.17 -85.97
C LEU JD 40 47.54 76.76 -85.57
N THR JD 41 46.54 75.90 -85.42
CA THR JD 41 46.72 74.51 -85.03
C THR JD 41 46.32 73.62 -86.20
N ALA JD 42 47.24 72.75 -86.62
CA ALA JD 42 47.01 71.81 -87.71
C ALA JD 42 47.20 70.39 -87.21
N SER JD 43 46.32 69.49 -87.66
CA SER JD 43 46.39 68.09 -87.27
C SER JD 43 45.98 67.22 -88.46
N LEU JD 44 46.66 66.09 -88.60
CA LEU JD 44 46.37 65.13 -89.65
C LEU JD 44 46.39 63.73 -89.06
N ARG JD 45 45.40 62.91 -89.43
CA ARG JD 45 45.31 61.56 -88.89
C ARG JD 45 44.58 60.67 -89.89
N GLN JD 46 44.27 59.45 -89.47
CA GLN JD 46 43.51 58.48 -90.25
C GLN JD 46 42.14 58.27 -89.60
N ASN JD 47 41.49 57.18 -89.97
CA ASN JD 47 40.16 56.87 -89.44
C ASN JD 47 39.84 55.41 -89.71
N GLY JD 48 38.99 54.84 -88.85
CA GLY JD 48 38.48 53.50 -89.03
C GLY JD 48 39.53 52.44 -89.30
N ALA JD 49 39.46 51.82 -90.47
CA ALA JD 49 40.40 50.77 -90.86
C ALA JD 49 41.14 51.20 -92.12
N LYS JD 50 41.93 52.26 -92.00
CA LYS JD 50 42.77 52.78 -93.08
C LYS JD 50 41.95 53.09 -94.32
N THR JD 51 40.74 53.61 -94.11
CA THR JD 51 39.87 53.98 -95.23
C THR JD 51 40.17 55.41 -95.71
N ALA JD 52 39.70 56.40 -94.95
CA ALA JD 52 39.91 57.80 -95.32
C ALA JD 52 40.90 58.47 -94.39
N TYR JD 53 40.84 59.79 -94.29
CA TYR JD 53 41.72 60.55 -93.42
C TYR JD 53 40.92 61.65 -92.74
N ARG JD 54 41.58 62.38 -91.84
CA ARG JD 54 40.95 63.45 -91.09
C ARG JD 54 41.95 64.58 -90.90
N VAL JD 55 41.60 65.77 -91.36
CA VAL JD 55 42.45 66.95 -91.24
C VAL JD 55 41.68 68.01 -90.45
N ASN JD 56 42.36 68.59 -89.46
CA ASN JD 56 41.78 69.62 -88.61
C ASN JD 56 42.65 70.87 -88.67
N LEU JD 57 42.01 72.02 -88.90
CA LEU JD 57 42.70 73.30 -88.99
C LEU JD 57 41.93 74.33 -88.17
N LYS JD 58 42.57 74.85 -87.13
CA LYS JD 58 41.96 75.85 -86.26
C LYS JD 58 42.81 77.12 -86.28
N LEU JD 59 42.15 78.27 -86.25
CA LEU JD 59 42.83 79.56 -86.26
C LEU JD 59 42.25 80.43 -85.15
N ASP JD 60 43.10 80.83 -84.21
CA ASP JD 60 42.67 81.62 -83.06
C ASP JD 60 43.42 82.94 -83.03
N GLN JD 61 42.75 83.98 -82.52
CA GLN JD 61 43.34 85.30 -82.40
C GLN JD 61 42.59 86.07 -81.31
N ALA JD 62 43.27 86.34 -80.20
CA ALA JD 62 42.68 87.03 -79.06
C ALA JD 62 43.21 88.45 -79.00
N ASP JD 63 42.30 89.43 -78.93
CA ASP JD 63 42.69 90.82 -78.84
C ASP JD 63 43.21 91.15 -77.43
N VAL JD 64 44.12 92.13 -77.37
CA VAL JD 64 44.72 92.54 -76.12
C VAL JD 64 44.46 94.04 -75.91
N VAL JD 65 44.52 94.46 -74.66
CA VAL JD 65 44.33 95.86 -74.28
C VAL JD 65 45.38 96.22 -73.24
N ASP JD 66 45.72 97.50 -73.20
CA ASP JD 66 46.75 98.01 -72.30
C ASP JD 66 46.40 99.44 -71.90
N CYS JD 67 46.72 99.78 -70.65
CA CYS JD 67 46.46 101.11 -70.12
C CYS JD 67 47.72 101.84 -69.67
N SER JD 68 48.91 101.34 -70.00
CA SER JD 68 50.13 101.99 -69.57
C SER JD 68 50.36 103.33 -70.26
N THR JD 69 49.60 103.62 -71.33
CA THR JD 69 49.76 104.90 -72.02
C THR JD 69 49.19 106.05 -71.21
N SER JD 70 48.13 105.80 -70.44
CA SER JD 70 47.51 106.85 -69.64
C SER JD 70 47.50 106.47 -68.16
N VAL JD 71 46.93 105.32 -67.84
CA VAL JD 71 46.85 104.84 -66.46
C VAL JD 71 48.24 104.42 -66.02
N CYS JD 72 48.57 104.68 -64.75
CA CYS JD 72 49.90 104.36 -64.26
C CYS JD 72 49.93 102.96 -63.64
N GLY JD 73 49.42 101.97 -64.36
CA GLY JD 73 49.72 100.59 -64.04
C GLY JD 73 48.66 99.59 -64.47
N GLU JD 74 48.92 98.91 -65.59
CA GLU JD 74 48.00 97.89 -66.08
C GLU JD 74 48.74 97.04 -67.10
N LEU JD 75 48.89 95.75 -66.80
CA LEU JD 75 49.57 94.85 -67.72
C LEU JD 75 48.69 94.55 -68.93
N PRO JD 76 49.28 94.19 -70.06
CA PRO JD 76 48.47 93.81 -71.24
C PRO JD 76 47.56 92.64 -70.92
N LYS JD 77 46.25 92.87 -71.04
CA LYS JD 77 45.23 91.90 -70.68
C LYS JD 77 44.43 91.50 -71.92
N VAL JD 78 44.18 90.20 -72.07
CA VAL JD 78 43.40 89.72 -73.19
C VAL JD 78 41.92 90.04 -72.96
N ARG JD 79 41.18 90.19 -74.07
CA ARG JD 79 39.78 90.53 -73.99
C ARG JD 79 38.97 89.32 -74.42
N TYR JD 80 38.57 89.19 -75.68
CA TYR JD 80 37.78 88.07 -76.15
C TYR JD 80 38.67 87.08 -76.90
N THR JD 81 38.09 85.92 -77.20
CA THR JD 81 38.78 84.86 -77.93
C THR JD 81 37.89 84.36 -79.05
N GLN JD 82 38.47 84.18 -80.23
CA GLN JD 82 37.75 83.69 -81.40
C GLN JD 82 38.32 82.35 -81.83
N VAL JD 83 37.42 81.41 -82.12
CA VAL JD 83 37.80 80.06 -82.52
C VAL JD 83 37.16 79.76 -83.88
N TRP JD 84 37.99 79.37 -84.84
CA TRP JD 84 37.54 79.03 -86.20
C TRP JD 84 38.22 77.71 -86.58
N SER JD 85 37.57 76.61 -86.27
CA SER JD 85 38.09 75.27 -86.56
C SER JD 85 37.57 74.78 -87.91
N HIS JD 86 38.18 73.69 -88.40
CA HIS JD 86 37.79 73.09 -89.67
C HIS JD 86 37.76 71.58 -89.51
N ASP JD 87 37.32 70.90 -90.56
CA ASP JD 87 37.24 69.44 -90.56
C ASP JD 87 37.23 68.96 -92.00
N VAL JD 88 38.29 68.25 -92.39
CA VAL JD 88 38.43 67.75 -93.76
C VAL JD 88 38.40 66.22 -93.70
N THR JD 89 37.40 65.63 -94.35
CA THR JD 89 37.23 64.18 -94.41
C THR JD 89 37.22 63.79 -95.89
N ILE JD 90 38.41 63.64 -96.47
CA ILE JD 90 38.57 63.27 -97.88
C ILE JD 90 39.22 61.90 -97.93
N VAL JD 91 38.59 60.98 -98.67
CA VAL JD 91 39.14 59.63 -98.81
C VAL JD 91 40.34 59.66 -99.75
N ALA JD 92 41.21 58.66 -99.60
CA ALA JD 92 42.41 58.59 -100.43
C ALA JD 92 42.06 58.29 -101.88
N ASN JD 93 41.37 57.17 -102.12
CA ASN JD 93 40.98 56.77 -103.48
C ASN JD 93 39.81 57.64 -103.93
N SER JD 94 40.14 58.85 -104.38
CA SER JD 94 39.12 59.79 -104.85
C SER JD 94 39.40 60.18 -106.29
N THR JD 95 39.30 61.48 -106.59
CA THR JD 95 39.55 61.99 -107.93
C THR JD 95 40.24 63.34 -107.83
N GLU JD 96 41.34 63.49 -108.55
CA GLU JD 96 42.08 64.75 -108.52
C GLU JD 96 41.27 65.89 -109.12
N ALA JD 97 40.57 65.62 -110.22
CA ALA JD 97 39.74 66.66 -110.83
C ALA JD 97 38.60 67.07 -109.91
N SER JD 98 37.97 66.09 -109.25
CA SER JD 98 36.90 66.41 -108.31
C SER JD 98 37.41 67.20 -107.12
N ARG JD 99 38.59 66.85 -106.61
CA ARG JD 99 39.18 67.59 -105.50
C ARG JD 99 39.52 69.02 -105.92
N LYS JD 100 40.05 69.19 -107.13
CA LYS JD 100 40.36 70.54 -107.62
C LYS JD 100 39.09 71.37 -107.79
N SER JD 101 38.03 70.76 -108.32
CA SER JD 101 36.77 71.47 -108.48
C SER JD 101 36.18 71.86 -107.13
N LEU JD 102 36.28 70.96 -106.14
CA LEU JD 102 35.77 71.27 -104.81
C LEU JD 102 36.58 72.40 -104.17
N TYR JD 103 37.90 72.38 -104.35
CA TYR JD 103 38.73 73.46 -103.81
C TYR JD 103 38.42 74.79 -104.48
N ASP JD 104 38.19 74.77 -105.80
CA ASP JD 104 37.83 76.01 -106.50
C ASP JD 104 36.48 76.53 -106.03
N LEU JD 105 35.51 75.63 -105.81
CA LEU JD 105 34.20 76.05 -105.32
C LEU JD 105 34.32 76.64 -103.92
N THR JD 106 35.13 76.03 -103.06
CA THR JD 106 35.33 76.55 -101.71
C THR JD 106 36.00 77.92 -101.75
N LYS JD 107 37.00 78.08 -102.62
CA LYS JD 107 37.67 79.38 -102.76
C LYS JD 107 36.70 80.45 -103.26
N SER JD 108 35.84 80.09 -104.21
CA SER JD 108 34.86 81.05 -104.72
C SER JD 108 33.85 81.42 -103.64
N LEU JD 109 33.38 80.44 -102.86
CA LEU JD 109 32.44 80.74 -101.79
C LEU JD 109 33.09 81.58 -100.69
N VAL JD 110 34.39 81.41 -100.47
CA VAL JD 110 35.08 82.23 -99.47
C VAL JD 110 35.27 83.65 -99.99
N ALA JD 111 35.66 83.80 -101.26
CA ALA JD 111 35.92 85.11 -101.83
C ALA JD 111 34.66 85.86 -102.23
N THR JD 112 33.49 85.21 -102.22
CA THR JD 112 32.26 85.90 -102.56
C THR JD 112 31.91 86.95 -101.51
N SER JD 113 31.00 87.86 -101.89
CA SER JD 113 30.60 88.96 -101.03
C SER JD 113 29.50 88.58 -100.05
N GLN JD 114 28.87 87.42 -100.23
CA GLN JD 114 27.80 86.98 -99.34
C GLN JD 114 28.32 86.56 -97.97
N VAL JD 115 29.41 85.79 -97.93
CA VAL JD 115 29.99 85.38 -96.66
C VAL JD 115 30.55 86.58 -95.92
N GLU JD 116 31.11 87.55 -96.63
CA GLU JD 116 31.61 88.75 -95.99
C GLU JD 116 30.49 89.53 -95.30
N ASP JD 117 29.33 89.64 -95.98
CA ASP JD 117 28.19 90.31 -95.37
C ASP JD 117 27.65 89.51 -94.19
N LEU JD 118 27.60 88.18 -94.32
CA LEU JD 118 27.17 87.33 -93.21
C LEU JD 118 28.08 87.49 -92.00
N VAL JD 119 29.38 87.70 -92.23
CA VAL JD 119 30.31 87.85 -91.12
C VAL JD 119 30.18 89.24 -90.50
N VAL JD 120 30.12 90.28 -91.33
CA VAL JD 120 30.11 91.65 -90.84
C VAL JD 120 28.73 92.01 -90.28
N ASN JD 121 27.74 92.11 -91.15
CA ASN JD 121 26.42 92.58 -90.76
C ASN JD 121 25.58 91.52 -90.06
N LEU JD 122 26.11 90.29 -89.90
CA LEU JD 122 25.40 89.21 -89.22
C LEU JD 122 24.06 88.90 -89.90
N VAL JD 123 23.97 89.14 -91.20
CA VAL JD 123 22.77 88.87 -91.98
C VAL JD 123 22.85 87.45 -92.53
N PRO JD 124 21.81 86.63 -92.39
CA PRO JD 124 21.88 85.26 -92.90
C PRO JD 124 22.15 85.23 -94.40
N LEU JD 125 22.92 84.22 -94.81
CA LEU JD 125 23.32 84.08 -96.21
C LEU JD 125 22.10 83.77 -97.06
N GLY JD 126 21.81 84.64 -98.03
CA GLY JD 126 20.67 84.45 -98.91
C GLY JD 126 20.45 85.61 -99.85
N ARG JD 127 21.31 85.74 -100.86
CA ARG JD 127 21.20 86.82 -101.83
C ARG JD 127 20.82 86.28 -103.20
N SER KD 1 18.92 92.97 -100.98
CA SER KD 1 18.18 93.16 -99.75
C SER KD 1 17.08 94.21 -99.90
N LYS KD 2 16.79 94.90 -98.81
CA LYS KD 2 15.70 95.88 -98.77
C LYS KD 2 16.12 97.02 -97.86
N THR KD 3 16.18 98.23 -98.41
CA THR KD 3 16.61 99.41 -97.68
C THR KD 3 15.43 100.34 -97.44
N ILE KD 4 15.38 100.94 -96.25
CA ILE KD 4 14.33 101.88 -95.87
C ILE KD 4 15.02 103.15 -95.38
N VAL KD 5 14.68 104.28 -95.99
CA VAL KD 5 15.27 105.58 -95.66
C VAL KD 5 14.27 106.36 -94.83
N LEU KD 6 14.70 106.81 -93.65
CA LEU KD 6 13.86 107.59 -92.75
C LEU KD 6 14.50 108.96 -92.53
N SER KD 7 13.71 110.01 -92.73
CA SER KD 7 14.19 111.38 -92.59
C SER KD 7 13.78 111.91 -91.22
N VAL KD 8 14.77 112.27 -90.40
CA VAL KD 8 14.52 112.80 -89.07
C VAL KD 8 14.45 114.33 -89.05
N GLY KD 9 14.89 114.99 -90.12
CA GLY KD 9 14.88 116.43 -90.18
C GLY KD 9 16.18 117.00 -90.72
N GLU KD 10 17.31 116.51 -90.19
CA GLU KD 10 18.62 116.93 -90.65
C GLU KD 10 19.50 115.79 -91.15
N ALA KD 11 19.21 114.55 -90.75
CA ALA KD 11 19.97 113.39 -91.19
C ALA KD 11 19.01 112.31 -91.67
N THR KD 12 19.56 111.34 -92.41
CA THR KD 12 18.77 110.25 -92.97
C THR KD 12 19.30 108.93 -92.42
N ARG KD 13 18.42 108.13 -91.83
CA ARG KD 13 18.77 106.83 -91.31
C ARG KD 13 18.36 105.74 -92.28
N THR KD 14 19.15 104.67 -92.32
CA THR KD 14 18.95 103.57 -93.25
C THR KD 14 18.75 102.27 -92.47
N LEU KD 15 17.63 101.61 -92.72
CA LEU KD 15 17.32 100.31 -92.15
C LEU KD 15 17.45 99.24 -93.23
N THR KD 16 18.09 98.13 -92.89
CA THR KD 16 18.36 97.06 -93.85
C THR KD 16 17.63 95.79 -93.43
N GLU KD 17 17.07 95.10 -94.42
CA GLU KD 17 16.43 93.82 -94.16
C GLU KD 17 17.47 92.77 -93.79
N ILE KD 18 17.21 92.06 -92.69
CA ILE KD 18 18.14 91.08 -92.14
C ILE KD 18 17.58 89.67 -92.26
N GLN KD 19 16.36 89.45 -91.76
CA GLN KD 19 15.77 88.12 -91.62
C GLN KD 19 14.53 88.06 -92.50
N SER KD 20 14.74 87.83 -93.79
CA SER KD 20 13.65 87.82 -94.77
C SER KD 20 12.86 86.52 -94.63
N THR KD 21 11.67 86.62 -94.05
CA THR KD 21 10.76 85.49 -93.91
C THR KD 21 9.33 86.00 -94.01
N ALA KD 22 8.43 85.13 -94.46
CA ALA KD 22 7.04 85.54 -94.68
C ALA KD 22 6.35 85.87 -93.37
N ASP KD 23 6.38 84.96 -92.40
CA ASP KD 23 5.67 85.15 -91.14
C ASP KD 23 6.40 86.06 -90.16
N ARG KD 24 7.62 86.50 -90.49
CA ARG KD 24 8.38 87.36 -89.59
C ARG KD 24 9.44 88.09 -90.41
N GLN KD 25 9.27 89.40 -90.57
CA GLN KD 25 10.24 90.25 -91.27
C GLN KD 25 10.95 91.11 -90.23
N ILE KD 26 12.28 91.02 -90.20
CA ILE KD 26 13.10 91.70 -89.20
C ILE KD 26 13.98 92.70 -89.94
N PHE KD 27 13.71 93.99 -89.74
CA PHE KD 27 14.54 95.06 -90.27
C PHE KD 27 15.43 95.62 -89.18
N GLU KD 28 16.69 95.87 -89.51
CA GLU KD 28 17.66 96.37 -88.54
C GLU KD 28 18.39 97.58 -89.11
N GLU KD 29 18.53 98.61 -88.28
CA GLU KD 29 19.19 99.84 -88.69
C GLU KD 29 20.71 99.68 -88.66
N LYS KD 30 21.37 100.12 -89.71
CA LYS KD 30 22.82 100.03 -89.84
C LYS KD 30 23.41 101.43 -89.73
N VAL KD 31 24.05 101.71 -88.59
CA VAL KD 31 24.70 102.99 -88.36
C VAL KD 31 26.09 102.74 -87.80
N GLY KD 32 26.18 101.98 -86.73
CA GLY KD 32 27.43 101.65 -86.11
C GLY KD 32 27.38 100.31 -85.39
N PRO KD 33 27.20 100.34 -84.07
CA PRO KD 33 27.07 99.09 -83.30
C PRO KD 33 25.76 98.40 -83.62
N LEU KD 34 25.84 97.16 -84.10
CA LEU KD 34 24.63 96.43 -84.46
C LEU KD 34 23.83 96.01 -83.24
N VAL KD 35 24.51 95.69 -82.14
CA VAL KD 35 23.81 95.30 -80.92
C VAL KD 35 23.24 96.54 -80.25
N GLY KD 36 22.00 96.45 -79.78
CA GLY KD 36 21.35 97.57 -79.13
C GLY KD 36 21.07 98.72 -80.09
N ARG KD 37 20.37 98.43 -81.18
CA ARG KD 37 20.06 99.44 -82.18
C ARG KD 37 18.55 99.50 -82.44
N LEU KD 38 18.17 99.89 -83.65
CA LEU KD 38 16.77 100.01 -84.03
C LEU KD 38 16.36 98.76 -84.80
N ARG KD 39 15.32 98.08 -84.30
CA ARG KD 39 14.81 96.87 -84.94
C ARG KD 39 13.31 97.00 -85.14
N LEU KD 40 12.82 96.34 -86.19
CA LEU KD 40 11.41 96.38 -86.56
C LEU KD 40 10.96 94.98 -86.95
N THR KD 41 9.88 94.52 -86.33
CA THR KD 41 9.32 93.20 -86.57
C THR KD 41 7.95 93.36 -87.21
N ALA KD 42 7.77 92.73 -88.38
CA ALA KD 42 6.51 92.78 -89.11
C ALA KD 42 5.98 91.37 -89.30
N SER KD 43 4.67 91.22 -89.15
CA SER KD 43 4.02 89.92 -89.31
C SER KD 43 2.65 90.11 -89.94
N LEU KD 44 2.29 89.18 -90.83
CA LEU KD 44 0.99 89.20 -91.50
C LEU KD 44 0.43 87.78 -91.49
N ARG KD 45 -0.87 87.67 -91.19
CA ARG KD 45 -1.50 86.36 -91.13
C ARG KD 45 -2.99 86.52 -91.43
N GLN KD 46 -3.74 85.43 -91.23
CA GLN KD 46 -5.18 85.39 -91.39
C GLN KD 46 -5.83 85.19 -90.02
N ASN KD 47 -7.10 84.79 -90.02
CA ASN KD 47 -7.83 84.58 -88.79
C ASN KD 47 -9.07 83.74 -89.08
N GLY KD 48 -9.53 83.02 -88.06
CA GLY KD 48 -10.77 82.27 -88.12
C GLY KD 48 -10.92 81.38 -89.33
N ALA KD 49 -11.92 81.65 -90.16
CA ALA KD 49 -12.19 80.87 -91.36
C ALA KD 49 -12.09 81.77 -92.60
N LYS KD 50 -10.88 82.28 -92.83
CA LYS KD 50 -10.57 83.11 -94.00
C LYS KD 50 -11.49 84.32 -94.08
N THR KD 51 -11.79 84.90 -92.91
CA THR KD 51 -12.64 86.10 -92.86
C THR KD 51 -11.81 87.37 -93.02
N ALA KD 52 -11.10 87.76 -91.96
CA ALA KD 52 -10.29 88.97 -91.99
C ALA KD 52 -8.81 88.63 -91.97
N TYR KD 53 -7.97 89.57 -91.55
CA TYR KD 53 -6.54 89.36 -91.49
C TYR KD 53 -6.00 89.96 -90.18
N ARG KD 54 -4.71 89.77 -89.95
CA ARG KD 54 -4.06 90.27 -88.75
C ARG KD 54 -2.65 90.72 -89.10
N VAL KD 55 -2.34 91.98 -88.82
CA VAL KD 55 -1.03 92.55 -89.08
C VAL KD 55 -0.45 93.05 -87.76
N ASN KD 56 0.81 92.69 -87.52
CA ASN KD 56 1.51 93.09 -86.30
C ASN KD 56 2.78 93.82 -86.67
N LEU KD 57 3.00 94.98 -86.05
CA LEU KD 57 4.17 95.80 -86.31
C LEU KD 57 4.74 96.26 -84.97
N LYS KD 58 5.97 95.84 -84.66
CA LYS KD 58 6.65 96.20 -83.44
C LYS KD 58 7.95 96.91 -83.76
N LEU KD 59 8.28 97.93 -82.96
CA LEU KD 59 9.50 98.72 -83.16
C LEU KD 59 10.22 98.83 -81.83
N ASP KD 60 11.45 98.31 -81.78
CA ASP KD 60 12.25 98.31 -80.56
C ASP KD 60 13.55 99.08 -80.77
N GLN KD 61 14.03 99.70 -79.69
CA GLN KD 61 15.28 100.45 -79.73
C GLN KD 61 15.83 100.54 -78.32
N ALA KD 62 16.95 99.87 -78.06
CA ALA KD 62 17.58 99.84 -76.75
C ALA KD 62 18.82 100.72 -76.75
N ASP KD 63 18.91 101.63 -75.79
CA ASP KD 63 20.06 102.51 -75.68
C ASP KD 63 21.26 101.74 -75.12
N VAL KD 64 22.46 102.18 -75.50
CA VAL KD 64 23.70 101.57 -75.08
C VAL KD 64 24.57 102.61 -74.40
N VAL KD 65 25.48 102.13 -73.56
CA VAL KD 65 26.42 102.97 -72.84
C VAL KD 65 27.80 102.34 -72.90
N ASP KD 66 28.83 103.17 -72.80
CA ASP KD 66 30.21 102.72 -72.89
C ASP KD 66 31.10 103.62 -72.03
N CYS KD 67 32.11 103.01 -71.41
CA CYS KD 67 33.03 103.74 -70.55
C CYS KD 67 34.47 103.67 -71.04
N SER KD 68 34.72 103.20 -72.26
CA SER KD 68 36.09 103.09 -72.74
C SER KD 68 36.72 104.46 -73.01
N THR KD 69 35.92 105.53 -73.02
CA THR KD 69 36.48 106.86 -73.25
C THR KD 69 37.25 107.36 -72.03
N SER KD 70 36.83 106.98 -70.83
CA SER KD 70 37.49 107.42 -69.61
C SER KD 70 37.96 106.23 -68.79
N VAL KD 71 37.05 105.32 -68.45
CA VAL KD 71 37.38 104.15 -67.66
C VAL KD 71 38.19 103.19 -68.53
N CYS KD 72 39.19 102.53 -67.95
CA CYS KD 72 40.00 101.64 -68.76
C CYS KD 72 39.47 100.21 -68.72
N GLY KD 73 38.18 100.03 -69.00
CA GLY KD 73 37.67 98.73 -69.38
C GLY KD 73 36.19 98.55 -69.11
N GLU KD 74 35.37 98.67 -70.15
CA GLU KD 74 33.93 98.45 -70.02
C GLU KD 74 33.36 98.26 -71.42
N LEU KD 75 32.80 97.08 -71.67
CA LEU KD 75 32.20 96.80 -72.97
C LEU KD 75 30.88 97.57 -73.12
N PRO KD 76 30.47 97.84 -74.36
CA PRO KD 76 29.17 98.50 -74.57
C PRO KD 76 28.03 97.67 -73.98
N LYS KD 77 27.32 98.26 -73.03
CA LYS KD 77 26.26 97.58 -72.30
C LYS KD 77 24.92 98.26 -72.54
N VAL KD 78 23.89 97.45 -72.78
CA VAL KD 78 22.56 98.00 -73.00
C VAL KD 78 21.97 98.49 -71.68
N ARG KD 79 21.08 99.47 -71.77
CA ARG KD 79 20.47 100.06 -70.58
C ARG KD 79 19.01 99.62 -70.55
N TYR KD 80 18.07 100.41 -71.06
CA TYR KD 80 16.65 100.08 -71.04
C TYR KD 80 16.21 99.59 -72.40
N THR KD 81 14.99 99.06 -72.45
CA THR KD 81 14.40 98.55 -73.68
C THR KD 81 12.99 99.10 -73.82
N GLN KD 82 12.66 99.55 -75.03
CA GLN KD 82 11.35 100.11 -75.34
C GLN KD 82 10.64 99.23 -76.36
N VAL KD 83 9.37 98.95 -76.11
CA VAL KD 83 8.56 98.09 -76.97
C VAL KD 83 7.32 98.88 -77.40
N TRP KD 84 7.12 98.97 -78.72
CA TRP KD 84 5.97 99.67 -79.29
C TRP KD 84 5.37 98.76 -80.36
N SER KD 85 4.43 97.91 -79.96
CA SER KD 85 3.77 96.97 -80.87
C SER KD 85 2.50 97.58 -81.44
N HIS KD 86 1.95 96.91 -82.46
CA HIS KD 86 0.72 97.35 -83.10
C HIS KD 86 -0.16 96.14 -83.36
N ASP KD 87 -1.37 96.41 -83.84
CA ASP KD 87 -2.33 95.34 -84.15
C ASP KD 87 -3.33 95.89 -85.16
N VAL KD 88 -3.33 95.33 -86.36
CA VAL KD 88 -4.22 95.75 -87.43
C VAL KD 88 -5.16 94.60 -87.76
N THR KD 89 -6.46 94.83 -87.56
CA THR KD 89 -7.50 93.84 -87.83
C THR KD 89 -8.47 94.45 -88.83
N ILE KD 90 -8.12 94.40 -90.11
CA ILE KD 90 -8.94 94.95 -91.19
C ILE KD 90 -9.42 93.80 -92.06
N VAL KD 91 -10.74 93.74 -92.27
CA VAL KD 91 -11.32 92.69 -93.10
C VAL KD 91 -11.02 92.98 -94.56
N ALA KD 92 -11.05 91.92 -95.38
CA ALA KD 92 -10.76 92.06 -96.80
C ALA KD 92 -11.87 92.83 -97.51
N ASN KD 93 -13.10 92.33 -97.43
CA ASN KD 93 -14.25 92.97 -98.07
C ASN KD 93 -14.65 94.20 -97.24
N SER KD 94 -13.91 95.29 -97.46
CA SER KD 94 -14.18 96.54 -96.76
C SER KD 94 -14.47 97.66 -97.76
N THR KD 95 -13.86 98.82 -97.55
CA THR KD 95 -14.05 99.98 -98.42
C THR KD 95 -12.74 100.73 -98.54
N GLU KD 96 -12.32 101.00 -99.78
CA GLU KD 96 -11.07 101.72 -100.01
C GLU KD 96 -11.15 103.14 -99.48
N ALA KD 97 -12.28 103.82 -99.69
CA ALA KD 97 -12.44 105.17 -99.19
C ALA KD 97 -12.42 105.20 -97.67
N SER KD 98 -13.09 104.24 -97.03
CA SER KD 98 -13.10 104.17 -95.57
C SER KD 98 -11.69 103.89 -95.04
N ARG KD 99 -10.96 103.00 -95.69
CA ARG KD 99 -9.59 102.72 -95.26
C ARG KD 99 -8.70 103.94 -95.41
N LYS KD 100 -8.86 104.68 -96.51
CA LYS KD 100 -8.06 105.89 -96.71
C LYS KD 100 -8.41 106.95 -95.66
N SER KD 101 -9.70 107.10 -95.35
CA SER KD 101 -10.09 108.06 -94.32
C SER KD 101 -9.55 107.66 -92.96
N LEU KD 102 -9.57 106.37 -92.64
CA LEU KD 102 -9.03 105.90 -91.37
C LEU KD 102 -7.53 106.13 -91.30
N TYR KD 103 -6.82 105.88 -92.40
CA TYR KD 103 -5.38 106.12 -92.42
C TYR KD 103 -5.07 107.60 -92.26
N ASP KD 104 -5.86 108.47 -92.91
CA ASP KD 104 -5.66 109.91 -92.75
C ASP KD 104 -5.93 110.36 -91.33
N LEU KD 105 -6.97 109.82 -90.70
CA LEU KD 105 -7.26 110.16 -89.31
C LEU KD 105 -6.14 109.70 -88.39
N THR KD 106 -5.61 108.51 -88.62
CA THR KD 106 -4.50 108.02 -87.81
C THR KD 106 -3.26 108.88 -88.00
N LYS KD 107 -2.97 109.28 -89.24
CA LYS KD 107 -1.83 110.14 -89.50
C LYS KD 107 -2.00 111.50 -88.81
N SER KD 108 -3.22 112.05 -88.85
CA SER KD 108 -3.46 113.32 -88.18
C SER KD 108 -3.31 113.20 -86.67
N LEU KD 109 -3.83 112.12 -86.09
CA LEU KD 109 -3.69 111.91 -84.65
C LEU KD 109 -2.24 111.69 -84.25
N VAL KD 110 -1.44 111.09 -85.13
CA VAL KD 110 -0.02 110.90 -84.82
C VAL KD 110 0.73 112.23 -84.93
N ALA KD 111 0.43 113.02 -85.96
CA ALA KD 111 1.13 114.27 -86.19
C ALA KD 111 0.64 115.41 -85.30
N THR KD 112 -0.47 115.22 -84.58
CA THR KD 112 -0.96 116.26 -83.70
C THR KD 112 -0.01 116.48 -82.53
N SER KD 113 -0.18 117.63 -81.86
CA SER KD 113 0.67 118.02 -80.75
C SER KD 113 0.24 117.42 -79.43
N GLN KD 114 -0.96 116.83 -79.35
CA GLN KD 114 -1.44 116.24 -78.11
C GLN KD 114 -0.72 114.95 -77.76
N VAL KD 115 -0.52 114.07 -78.76
CA VAL KD 115 0.20 112.82 -78.50
C VAL KD 115 1.66 113.10 -78.17
N GLU KD 116 2.26 114.12 -78.79
CA GLU KD 116 3.64 114.48 -78.46
C GLU KD 116 3.76 114.92 -77.01
N ASP KD 117 2.80 115.73 -76.54
CA ASP KD 117 2.81 116.15 -75.13
C ASP KD 117 2.56 114.97 -74.20
N LEU KD 118 1.64 114.08 -74.58
CA LEU KD 118 1.39 112.88 -73.79
C LEU KD 118 2.63 112.00 -73.68
N VAL KD 119 3.45 111.95 -74.74
CA VAL KD 119 4.66 111.15 -74.72
C VAL KD 119 5.75 111.81 -73.89
N VAL KD 120 5.95 113.12 -74.10
CA VAL KD 120 7.03 113.84 -73.44
C VAL KD 120 6.69 114.11 -71.99
N ASN KD 121 5.72 114.99 -71.75
CA ASN KD 121 5.40 115.44 -70.40
C ASN KD 121 4.56 114.44 -69.61
N LEU KD 122 4.20 113.30 -70.21
CA LEU KD 122 3.42 112.26 -69.54
C LEU KD 122 2.08 112.80 -69.04
N VAL KD 123 1.55 113.81 -69.71
CA VAL KD 123 0.27 114.40 -69.34
C VAL KD 123 -0.84 113.67 -70.11
N PRO KD 124 -1.92 113.26 -69.45
CA PRO KD 124 -2.98 112.53 -70.15
C PRO KD 124 -3.57 113.36 -71.30
N LEU KD 125 -3.93 112.67 -72.37
CA LEU KD 125 -4.45 113.33 -73.56
C LEU KD 125 -5.81 113.94 -73.26
N GLY KD 126 -5.92 115.26 -73.42
CA GLY KD 126 -7.16 115.96 -73.16
C GLY KD 126 -7.03 117.47 -73.27
N ARG KD 127 -6.90 117.96 -74.51
CA ARG KD 127 -6.78 119.39 -74.75
C ARG KD 127 -8.02 119.94 -75.45
N SER LD 1 -10.06 115.74 -66.94
CA SER LD 1 -9.41 115.53 -65.65
C SER LD 1 -9.70 116.67 -64.70
N LYS LD 2 -8.75 116.94 -63.80
CA LYS LD 2 -8.92 117.95 -62.75
C LYS LD 2 -7.58 118.62 -62.52
N THR LD 3 -7.54 119.94 -62.72
CA THR LD 3 -6.32 120.72 -62.58
C THR LD 3 -6.41 121.62 -61.36
N ILE LD 4 -5.29 121.73 -60.64
CA ILE LD 4 -5.18 122.56 -59.45
C ILE LD 4 -3.99 123.50 -59.64
N VAL LD 5 -4.24 124.80 -59.55
CA VAL LD 5 -3.20 125.82 -59.74
C VAL LD 5 -2.78 126.34 -58.38
N LEU LD 6 -1.48 126.28 -58.09
CA LEU LD 6 -0.92 126.76 -56.83
C LEU LD 6 0.07 127.88 -57.13
N SER LD 7 -0.10 129.00 -56.43
CA SER LD 7 0.74 130.18 -56.61
C SER LD 7 1.80 130.21 -55.51
N VAL LD 8 3.07 130.12 -55.91
CA VAL LD 8 4.17 130.16 -54.95
C VAL LD 8 4.70 131.57 -54.71
N GLY LD 9 4.33 132.53 -55.56
CA GLY LD 9 4.82 133.89 -55.42
C GLY LD 9 5.26 134.48 -56.74
N GLU LD 10 6.08 133.73 -57.49
CA GLU LD 10 6.54 134.15 -58.80
C GLU LD 10 6.20 133.19 -59.92
N ALA LD 11 5.91 131.92 -59.62
CA ALA LD 11 5.52 130.93 -60.61
C ALA LD 11 4.26 130.22 -60.15
N THR LD 12 3.62 129.53 -61.10
CA THR LD 12 2.39 128.80 -60.85
C THR LD 12 2.61 127.32 -61.16
N ARG LD 13 2.33 126.47 -60.19
CA ARG LD 13 2.44 125.02 -60.36
C ARG LD 13 1.08 124.42 -60.63
N THR LD 14 1.07 123.35 -61.44
CA THR LD 14 -0.16 122.71 -61.86
C THR LD 14 -0.14 121.25 -61.43
N LEU LD 15 -1.15 120.84 -60.68
CA LEU LD 15 -1.33 119.45 -60.27
C LEU LD 15 -2.50 118.85 -61.04
N THR LD 16 -2.31 117.63 -61.54
CA THR LD 16 -3.30 116.96 -62.37
C THR LD 16 -3.82 115.70 -61.69
N GLU LD 17 -5.12 115.48 -61.78
CA GLU LD 17 -5.72 114.27 -61.24
C GLU LD 17 -5.28 113.06 -62.04
N ILE LD 18 -4.85 112.01 -61.34
CA ILE LD 18 -4.22 110.83 -61.95
C ILE LD 18 -5.02 109.56 -61.68
N GLN LD 19 -5.47 109.36 -60.45
CA GLN LD 19 -6.14 108.14 -60.01
C GLN LD 19 -7.49 108.52 -59.41
N SER LD 20 -8.48 108.77 -60.27
CA SER LD 20 -9.80 109.22 -59.84
C SER LD 20 -10.56 108.06 -59.24
N THR LD 21 -10.68 108.05 -57.91
CA THR LD 21 -11.46 107.05 -57.19
C THR LD 21 -12.07 107.71 -55.96
N ALA LD 22 -13.21 107.15 -55.53
CA ALA LD 22 -13.94 107.75 -54.41
C ALA LD 22 -13.14 107.65 -53.11
N ASP LD 23 -12.72 106.45 -52.75
CA ASP LD 23 -12.03 106.23 -51.47
C ASP LD 23 -10.57 106.65 -51.50
N ARG LD 24 -10.04 107.05 -52.66
CA ARG LD 24 -8.63 107.44 -52.74
C ARG LD 24 -8.46 108.31 -53.99
N GLN LD 25 -8.20 109.60 -53.79
CA GLN LD 25 -7.93 110.54 -54.87
C GLN LD 25 -6.46 110.89 -54.86
N ILE LD 26 -5.78 110.65 -55.98
CA ILE LD 26 -4.34 110.84 -56.10
C ILE LD 26 -4.09 111.94 -57.12
N PHE LD 27 -3.60 113.09 -56.65
CA PHE LD 27 -3.21 114.18 -57.51
C PHE LD 27 -1.70 114.21 -57.65
N GLU LD 28 -1.21 114.44 -58.87
CA GLU LD 28 0.22 114.45 -59.15
C GLU LD 28 0.59 115.71 -59.92
N GLU LD 29 1.68 116.34 -59.51
CA GLU LD 29 2.14 117.57 -60.15
C GLU LD 29 2.89 117.25 -61.44
N LYS LD 30 2.56 117.98 -62.50
CA LYS LD 30 3.18 117.80 -63.82
C LYS LD 30 4.08 118.98 -64.11
N VAL LD 31 5.39 118.77 -64.04
CA VAL LD 31 6.37 119.80 -64.34
C VAL LD 31 7.42 119.23 -65.27
N GLY LD 32 8.02 118.11 -64.87
CA GLY LD 32 9.03 117.45 -65.66
C GLY LD 32 9.08 115.97 -65.40
N PRO LD 33 10.02 115.53 -64.57
CA PRO LD 33 10.10 114.11 -64.21
C PRO LD 33 8.93 113.71 -63.31
N LEU LD 34 8.15 112.74 -63.77
CA LEU LD 34 6.98 112.32 -63.00
C LEU LD 34 7.37 111.56 -61.75
N VAL LD 35 8.46 110.79 -61.80
CA VAL LD 35 8.92 110.06 -60.63
C VAL LD 35 9.59 111.02 -59.66
N GLY LD 36 9.29 110.88 -58.37
CA GLY LD 36 9.86 111.75 -57.36
C GLY LD 36 9.39 113.18 -57.48
N ARG LD 37 8.08 113.39 -57.47
CA ARG LD 37 7.51 114.73 -57.60
C ARG LD 37 6.56 115.02 -56.45
N LEU LD 38 5.57 115.87 -56.70
CA LEU LD 38 4.59 116.26 -55.69
C LEU LD 38 3.33 115.42 -55.86
N ARG LD 39 2.93 114.72 -54.80
CA ARG LD 39 1.75 113.89 -54.82
C ARG LD 39 0.86 114.23 -53.63
N LEU LD 40 -0.45 114.06 -53.82
CA LEU LD 40 -1.44 114.37 -52.80
C LEU LD 40 -2.48 113.26 -52.77
N THR LD 41 -2.72 112.71 -51.58
CA THR LD 41 -3.68 111.63 -51.38
C THR LD 41 -4.82 112.16 -50.52
N ALA LD 42 -6.04 112.03 -51.02
CA ALA LD 42 -7.24 112.46 -50.32
C ALA LD 42 -8.18 111.28 -50.11
N SER LD 43 -8.79 111.21 -48.93
CA SER LD 43 -9.71 110.14 -48.61
C SER LD 43 -10.83 110.68 -47.74
N LEU LD 44 -12.05 110.20 -47.98
CA LEU LD 44 -13.23 110.58 -47.23
C LEU LD 44 -14.03 109.33 -46.89
N ARG LD 45 -14.50 109.24 -45.65
CA ARG LD 45 -15.25 108.07 -45.22
C ARG LD 45 -16.19 108.48 -44.08
N GLN LD 46 -16.82 107.48 -43.46
CA GLN LD 46 -17.69 107.64 -42.32
C GLN LD 46 -17.03 107.02 -41.09
N ASN LD 47 -17.83 106.78 -40.05
CA ASN LD 47 -17.32 106.20 -38.82
C ASN LD 47 -18.48 105.67 -38.00
N GLY LD 48 -18.19 104.66 -37.16
CA GLY LD 48 -19.15 104.12 -36.23
C GLY LD 48 -20.49 103.75 -36.82
N ALA LD 49 -21.55 104.41 -36.35
CA ALA LD 49 -22.91 104.15 -36.82
C ALA LD 49 -23.48 105.43 -37.43
N LYS LD 50 -22.87 105.87 -38.53
CA LYS LD 50 -23.32 107.03 -39.30
C LYS LD 50 -23.40 108.27 -38.42
N THR LD 51 -22.44 108.41 -37.51
CA THR LD 51 -22.40 109.59 -36.63
C THR LD 51 -21.63 110.73 -37.29
N ALA LD 52 -20.30 110.64 -37.29
CA ALA LD 52 -19.47 111.68 -37.87
C ALA LD 52 -18.83 111.21 -39.17
N TYR LD 53 -17.72 111.84 -39.57
CA TYR LD 53 -17.01 111.49 -40.78
C TYR LD 53 -15.52 111.51 -40.50
N ARG LD 54 -14.74 111.12 -41.51
CA ARG LD 54 -13.29 111.07 -41.39
C ARG LD 54 -12.68 111.48 -42.72
N VAL LD 55 -11.84 112.51 -42.70
CA VAL LD 55 -11.17 113.00 -43.89
C VAL LD 55 -9.66 112.92 -43.66
N ASN LD 56 -8.96 112.38 -44.65
CA ASN LD 56 -7.51 112.23 -44.58
C ASN LD 56 -6.88 112.91 -45.79
N LEU LD 57 -5.86 113.73 -45.53
CA LEU LD 57 -5.16 114.47 -46.56
C LEU LD 57 -3.66 114.34 -46.32
N LYS LD 58 -2.96 113.73 -47.26
CA LYS LD 58 -1.51 113.54 -47.17
C LYS LD 58 -0.84 114.19 -48.37
N LEU LD 59 0.32 114.81 -48.13
CA LEU LD 59 1.08 115.47 -49.18
C LEU LD 59 2.52 115.01 -49.10
N ASP LD 60 3.01 114.40 -50.19
CA ASP LD 60 4.36 113.87 -50.25
C ASP LD 60 5.14 114.53 -51.37
N GLN LD 61 6.44 114.66 -51.16
CA GLN LD 61 7.34 115.24 -52.17
C GLN LD 61 8.74 114.75 -51.91
N ALA LD 62 9.28 113.93 -52.81
CA ALA LD 62 10.60 113.35 -52.68
C ALA LD 62 11.56 114.04 -53.65
N ASP LD 63 12.69 114.51 -53.14
CA ASP LD 63 13.68 115.17 -53.96
C ASP LD 63 14.46 114.15 -54.78
N VAL LD 64 14.93 114.58 -55.96
CA VAL LD 64 15.66 113.72 -56.87
C VAL LD 64 17.03 114.35 -57.14
N VAL LD 65 17.98 113.50 -57.54
CA VAL LD 65 19.32 113.94 -57.89
C VAL LD 65 19.75 113.22 -59.16
N ASP LD 66 20.66 113.86 -59.90
CA ASP LD 66 21.14 113.33 -61.17
C ASP LD 66 22.58 113.76 -61.39
N CYS LD 67 23.36 112.88 -61.99
CA CYS LD 67 24.76 113.13 -62.28
C CYS LD 67 25.11 113.11 -63.76
N SER LD 68 24.11 113.09 -64.64
CA SER LD 68 24.39 113.04 -66.07
C SER LD 68 25.01 114.32 -66.60
N THR LD 69 24.98 115.40 -65.80
CA THR LD 69 25.57 116.65 -66.24
C THR LD 69 27.09 116.60 -66.23
N SER LD 70 27.68 115.85 -65.29
CA SER LD 70 29.12 115.75 -65.19
C SER LD 70 29.57 114.30 -65.30
N VAL LD 71 29.04 113.43 -64.45
CA VAL LD 71 29.39 112.02 -64.46
C VAL LD 71 28.77 111.37 -65.69
N CYS LD 72 29.50 110.43 -66.30
CA CYS LD 72 29.01 109.79 -67.51
C CYS LD 72 28.21 108.53 -67.21
N GLY LD 73 27.27 108.63 -66.28
CA GLY LD 73 26.24 107.60 -66.17
C GLY LD 73 25.62 107.48 -64.79
N GLU LD 74 24.43 108.06 -64.61
CA GLU LD 74 23.72 107.97 -63.34
C GLU LD 74 22.27 108.35 -63.59
N LEU LD 75 21.35 107.41 -63.37
CA LEU LD 75 19.93 107.69 -63.55
C LEU LD 75 19.42 108.58 -62.42
N PRO LD 76 18.35 109.33 -62.67
CA PRO LD 76 17.75 110.15 -61.59
C PRO LD 76 17.32 109.28 -60.42
N LYS LD 77 17.92 109.55 -59.26
CA LYS LD 77 17.70 108.76 -58.06
C LYS LD 77 17.06 109.62 -56.97
N VAL LD 78 16.06 109.06 -56.30
CA VAL LD 78 15.40 109.78 -55.21
C VAL LD 78 16.32 109.81 -53.99
N ARG LD 79 16.15 110.84 -53.16
CA ARG LD 79 16.97 111.01 -51.97
C ARG LD 79 16.09 110.74 -50.76
N TYR LD 80 15.50 111.75 -50.13
CA TYR LD 80 14.67 111.58 -48.95
C TYR LD 80 13.20 111.66 -49.33
N THR LD 81 12.35 111.33 -48.36
CA THR LD 81 10.91 111.35 -48.54
C THR LD 81 10.27 112.06 -47.36
N GLN LD 82 9.32 112.95 -47.64
CA GLN LD 82 8.61 113.71 -46.62
C GLN LD 82 7.13 113.34 -46.63
N VAL LD 83 6.58 113.11 -45.45
CA VAL LD 83 5.18 112.72 -45.29
C VAL LD 83 4.50 113.73 -44.38
N TRP LD 84 3.41 114.32 -44.85
CA TRP LD 84 2.62 115.30 -44.10
C TRP LD 84 1.15 114.91 -44.23
N SER LD 85 0.67 114.08 -43.32
CA SER LD 85 -0.71 113.61 -43.32
C SER LD 85 -1.59 114.50 -42.45
N HIS LD 86 -2.89 114.31 -42.58
CA HIS LD 86 -3.87 115.07 -41.82
C HIS LD 86 -4.97 114.14 -41.32
N ASP LD 87 -5.86 114.69 -40.52
CA ASP LD 87 -6.98 113.91 -39.97
C ASP LD 87 -8.08 114.88 -39.57
N VAL LD 88 -9.22 114.81 -40.24
CA VAL LD 88 -10.36 115.68 -39.99
C VAL LD 88 -11.51 114.83 -39.47
N THR LD 89 -11.93 115.10 -38.25
CA THR LD 89 -13.04 114.39 -37.60
C THR LD 89 -14.09 115.42 -37.21
N ILE LD 90 -14.93 115.80 -38.17
CA ILE LD 90 -15.98 116.78 -37.98
C ILE LD 90 -17.33 116.10 -38.12
N VAL LD 91 -18.19 116.25 -37.11
CA VAL LD 91 -19.51 115.63 -37.16
C VAL LD 91 -20.40 116.40 -38.12
N ALA LD 92 -21.42 115.72 -38.64
CA ALA LD 92 -22.34 116.36 -39.59
C ALA LD 92 -23.18 117.44 -38.92
N ASN LD 93 -23.92 117.07 -37.89
CA ASN LD 93 -24.78 118.01 -37.16
C ASN LD 93 -23.90 118.89 -36.27
N SER LD 94 -23.30 119.90 -36.88
CA SER LD 94 -22.43 120.83 -36.17
C SER LD 94 -22.94 122.26 -36.32
N THR LD 95 -22.04 123.20 -36.59
CA THR LD 95 -22.40 124.60 -36.75
C THR LD 95 -21.55 125.21 -37.86
N GLU LD 96 -22.20 125.87 -38.81
CA GLU LD 96 -21.47 126.49 -39.91
C GLU LD 96 -20.58 127.63 -39.42
N ALA LD 97 -21.09 128.44 -38.49
CA ALA LD 97 -20.29 129.53 -37.95
C ALA LD 97 -19.08 129.00 -37.17
N SER LD 98 -19.28 127.94 -36.39
CA SER LD 98 -18.18 127.35 -35.65
C SER LD 98 -17.13 126.74 -36.60
N ARG LD 99 -17.60 126.09 -37.67
CA ARG LD 99 -16.66 125.53 -38.65
C ARG LD 99 -15.87 126.63 -39.35
N LYS LD 100 -16.54 127.73 -39.69
CA LYS LD 100 -15.85 128.84 -40.33
C LYS LD 100 -14.84 129.48 -39.39
N SER LD 101 -15.19 129.63 -38.11
CA SER LD 101 -14.25 130.18 -37.14
C SER LD 101 -13.05 129.25 -36.96
N LEU LD 102 -13.29 127.94 -36.92
CA LEU LD 102 -12.19 127.00 -36.79
C LEU LD 102 -11.28 127.03 -38.00
N TYR LD 103 -11.87 127.13 -39.20
CA TYR LD 103 -11.06 127.22 -40.41
C TYR LD 103 -10.24 128.50 -40.43
N ASP LD 104 -10.82 129.62 -39.99
CA ASP LD 104 -10.08 130.87 -39.93
C ASP LD 104 -8.95 130.80 -38.93
N LEU LD 105 -9.19 130.17 -37.77
CA LEU LD 105 -8.13 130.01 -36.78
C LEU LD 105 -7.01 129.13 -37.31
N THR LD 106 -7.35 128.05 -38.01
CA THR LD 106 -6.33 127.19 -38.60
C THR LD 106 -5.53 127.93 -39.67
N LYS LD 107 -6.21 128.73 -40.50
CA LYS LD 107 -5.50 129.51 -41.51
C LYS LD 107 -4.57 130.53 -40.87
N SER LD 108 -5.01 131.18 -39.79
CA SER LD 108 -4.16 132.13 -39.10
C SER LD 108 -2.95 131.45 -38.47
N LEU LD 109 -3.16 130.29 -37.85
CA LEU LD 109 -2.04 129.56 -37.26
C LEU LD 109 -1.06 129.06 -38.31
N VAL LD 110 -1.56 128.75 -39.51
CA VAL LD 110 -0.66 128.32 -40.58
C VAL LD 110 0.12 129.50 -41.13
N ALA LD 111 -0.55 130.64 -41.32
CA ALA LD 111 0.09 131.81 -41.90
C ALA LD 111 0.95 132.58 -40.89
N THR LD 112 0.87 132.27 -39.60
CA THR LD 112 1.67 132.96 -38.62
C THR LD 112 3.15 132.64 -38.81
N SER LD 113 4.01 133.47 -38.20
CA SER LD 113 5.45 133.34 -38.32
C SER LD 113 6.05 132.34 -37.34
N GLN LD 114 5.27 131.89 -36.35
CA GLN LD 114 5.77 130.94 -35.36
C GLN LD 114 5.94 129.55 -35.94
N VAL LD 115 4.96 129.08 -36.72
CA VAL LD 115 5.07 127.76 -37.34
C VAL LD 115 6.18 127.74 -38.38
N GLU LD 116 6.37 128.85 -39.09
CA GLU LD 116 7.46 128.94 -40.06
C GLU LD 116 8.81 128.80 -39.37
N ASP LD 117 8.99 129.46 -38.23
CA ASP LD 117 10.23 129.33 -37.48
C ASP LD 117 10.40 127.93 -36.92
N LEU LD 118 9.31 127.33 -36.42
CA LEU LD 118 9.36 125.96 -35.94
C LEU LD 118 9.77 124.99 -37.04
N VAL LD 119 9.34 125.25 -38.28
CA VAL LD 119 9.69 124.37 -39.39
C VAL LD 119 11.13 124.58 -39.82
N VAL LD 120 11.54 125.84 -39.95
CA VAL LD 120 12.87 126.15 -40.47
C VAL LD 120 13.94 125.91 -39.41
N ASN LD 121 13.94 126.73 -38.36
CA ASN LD 121 14.98 126.69 -37.35
C ASN LD 121 14.81 125.56 -36.33
N LEU LD 122 13.75 124.76 -36.47
CA LEU LD 122 13.49 123.63 -35.57
C LEU LD 122 13.38 124.08 -34.11
N VAL LD 123 12.96 125.31 -33.89
CA VAL LD 123 12.80 125.86 -32.54
C VAL LD 123 11.38 125.57 -32.07
N PRO LD 124 11.18 125.06 -30.86
CA PRO LD 124 9.83 124.75 -30.39
C PRO LD 124 8.94 126.00 -30.38
N LEU LD 125 7.67 125.78 -30.70
CA LEU LD 125 6.71 126.89 -30.79
C LEU LD 125 6.47 127.48 -29.41
N GLY LD 126 6.77 128.77 -29.26
CA GLY LD 126 6.60 129.45 -27.99
C GLY LD 126 7.11 130.87 -28.00
N ARG LD 127 6.40 131.76 -28.67
CA ARG LD 127 6.80 133.16 -28.75
C ARG LD 127 5.82 134.05 -27.99
N SER MD 1 12.84 135.77 -28.79
CA SER MD 1 13.88 134.84 -28.37
C SER MD 1 15.03 135.57 -27.67
N LYS MD 2 16.24 135.04 -27.81
CA LYS MD 2 17.40 135.57 -27.13
C LYS MD 2 18.60 135.39 -28.04
N THR MD 3 19.24 136.51 -28.40
CA THR MD 3 20.38 136.51 -29.31
C THR MD 3 21.65 136.86 -28.56
N ILE MD 4 22.74 136.18 -28.91
CA ILE MD 4 24.05 136.39 -28.32
C ILE MD 4 25.04 136.65 -29.45
N VAL MD 5 25.72 137.78 -29.39
CA VAL MD 5 26.69 138.17 -30.41
C VAL MD 5 28.10 137.93 -29.89
N LEU MD 6 28.89 137.16 -30.64
CA LEU MD 6 30.26 136.86 -30.28
C LEU MD 6 31.19 137.40 -31.35
N SER MD 7 32.20 138.14 -30.93
CA SER MD 7 33.17 138.76 -31.84
C SER MD 7 34.43 137.90 -31.87
N VAL MD 8 34.75 137.37 -33.06
CA VAL MD 8 35.94 136.55 -33.22
C VAL MD 8 37.16 137.36 -33.66
N GLY MD 9 36.97 138.60 -34.09
CA GLY MD 9 38.07 139.42 -34.55
C GLY MD 9 37.75 140.14 -35.85
N GLU MD 10 37.23 139.40 -36.82
CA GLU MD 10 36.84 139.97 -38.10
C GLU MD 10 35.38 139.75 -38.46
N ALA MD 11 34.72 138.76 -37.87
CA ALA MD 11 33.32 138.48 -38.11
C ALA MD 11 32.58 138.35 -36.78
N THR MD 12 31.25 138.42 -36.84
CA THR MD 12 30.40 138.33 -35.66
C THR MD 12 29.47 137.14 -35.82
N ARG MD 13 29.48 136.24 -34.84
CA ARG MD 13 28.60 135.07 -34.84
C ARG MD 13 27.40 135.32 -33.93
N THR MD 14 26.26 134.75 -34.31
CA THR MD 14 25.00 134.96 -33.61
C THR MD 14 24.48 133.61 -33.14
N LEU MD 15 24.24 133.49 -31.83
CA LEU MD 15 23.63 132.32 -31.23
C LEU MD 15 22.21 132.65 -30.80
N THR MD 16 21.28 131.75 -31.10
CA THR MD 16 19.86 131.98 -30.84
C THR MD 16 19.35 130.96 -29.83
N GLU MD 17 18.51 131.43 -28.90
CA GLU MD 17 17.89 130.55 -27.93
C GLU MD 17 16.89 129.63 -28.63
N ILE MD 18 16.99 128.35 -28.34
CA ILE MD 18 16.16 127.32 -28.98
C ILE MD 18 15.22 126.67 -27.99
N GLN MD 19 15.75 126.17 -26.88
CA GLN MD 19 15.00 125.36 -25.92
C GLN MD 19 14.96 126.11 -24.59
N SER MD 20 14.05 127.06 -24.48
CA SER MD 20 13.93 127.92 -23.30
C SER MD 20 13.29 127.12 -22.16
N THR MD 21 14.10 126.72 -21.19
CA THR MD 21 13.63 126.03 -20.01
C THR MD 21 14.51 126.42 -18.83
N ALA MD 22 13.93 126.37 -17.62
CA ALA MD 22 14.63 126.80 -16.43
C ALA MD 22 15.83 125.91 -16.12
N ASP MD 23 15.60 124.60 -16.02
CA ASP MD 23 16.65 123.66 -15.64
C ASP MD 23 17.58 123.31 -16.79
N ARG MD 24 17.30 123.78 -18.01
CA ARG MD 24 18.17 123.47 -19.15
C ARG MD 24 17.92 124.52 -20.23
N GLN MD 25 18.92 125.37 -20.47
CA GLN MD 25 18.87 126.38 -21.53
C GLN MD 25 19.81 125.94 -22.65
N ILE MD 26 19.26 125.82 -23.86
CA ILE MD 26 20.01 125.34 -25.01
C ILE MD 26 20.08 126.47 -26.03
N PHE MD 27 21.28 127.00 -26.24
CA PHE MD 27 21.53 128.00 -27.26
C PHE MD 27 22.20 127.36 -28.46
N GLU MD 28 21.76 127.73 -29.66
CA GLU MD 28 22.29 127.15 -30.89
C GLU MD 28 22.67 128.26 -31.86
N GLU MD 29 23.85 128.12 -32.48
CA GLU MD 29 24.35 129.11 -33.41
C GLU MD 29 23.68 128.94 -34.77
N LYS MD 30 23.24 130.06 -35.35
CA LYS MD 30 22.56 130.07 -36.65
C LYS MD 30 23.50 130.71 -37.67
N VAL MD 31 24.07 129.88 -38.55
CA VAL MD 31 24.93 130.36 -39.62
C VAL MD 31 24.51 129.71 -40.93
N GLY MD 32 24.44 128.38 -40.94
CA GLY MD 32 24.03 127.64 -42.12
C GLY MD 32 23.38 126.33 -41.76
N PRO MD 33 24.16 125.24 -41.82
CA PRO MD 33 23.62 123.93 -41.44
C PRO MD 33 23.41 123.85 -39.94
N LEU MD 34 22.16 123.59 -39.52
CA LEU MD 34 21.86 123.55 -38.10
C LEU MD 34 22.45 122.31 -37.44
N VAL MD 35 22.50 121.19 -38.15
CA VAL MD 35 23.08 119.97 -37.60
C VAL MD 35 24.61 120.10 -37.59
N GLY MD 36 25.22 119.68 -36.49
CA GLY MD 36 26.67 119.77 -36.36
C GLY MD 36 27.17 121.20 -36.30
N ARG MD 37 26.64 121.99 -35.36
CA ARG MD 37 27.05 123.38 -35.22
C ARG MD 37 27.50 123.68 -33.81
N LEU MD 38 27.34 124.92 -33.37
CA LEU MD 38 27.75 125.35 -32.04
C LEU MD 38 26.53 125.32 -31.12
N ARG MD 39 26.64 124.59 -30.01
CA ARG MD 39 25.57 124.48 -29.03
C ARG MD 39 26.11 124.76 -27.64
N LEU MD 40 25.25 125.31 -26.79
CA LEU MD 40 25.61 125.68 -25.44
C LEU MD 40 24.49 125.26 -24.49
N THR MD 41 24.84 124.53 -23.45
CA THR MD 41 23.89 124.04 -22.46
C THR MD 41 24.19 124.71 -21.12
N ALA MD 42 23.19 125.35 -20.54
CA ALA MD 42 23.31 126.03 -19.26
C ALA MD 42 22.31 125.46 -18.27
N SER MD 43 22.75 125.28 -17.03
CA SER MD 43 21.90 124.74 -15.99
C SER MD 43 22.23 125.41 -14.66
N LEU MD 44 21.19 125.67 -13.87
CA LEU MD 44 21.33 126.28 -12.55
C LEU MD 44 20.45 125.54 -11.57
N ARG MD 45 20.99 125.26 -10.39
CA ARG MD 45 20.24 124.52 -9.37
C ARG MD 45 20.75 124.90 -7.99
N GLN MD 46 20.28 124.17 -6.98
CA GLN MD 46 20.71 124.33 -5.60
C GLN MD 46 21.49 123.09 -5.17
N ASN MD 47 21.63 122.92 -3.86
CA ASN MD 47 22.37 121.77 -3.32
C ASN MD 47 22.03 121.62 -1.85
N GLY MD 48 22.16 120.38 -1.37
CA GLY MD 48 22.00 120.07 0.04
C GLY MD 48 20.74 120.61 0.69
N ALA MD 49 20.90 121.48 1.67
CA ALA MD 49 19.78 122.08 2.38
C ALA MD 49 19.81 123.60 2.21
N LYS MD 50 19.64 124.05 0.96
CA LYS MD 50 19.58 125.47 0.61
C LYS MD 50 20.82 126.21 1.08
N THR MD 51 21.98 125.55 0.98
CA THR MD 51 23.25 126.18 1.36
C THR MD 51 23.84 126.96 0.20
N ALA MD 52 24.44 126.26 -0.77
CA ALA MD 52 25.06 126.91 -1.90
C ALA MD 52 24.24 126.67 -3.17
N TYR MD 53 24.89 126.80 -4.33
CA TYR MD 53 24.24 126.59 -5.62
C TYR MD 53 25.16 125.80 -6.52
N ARG MD 54 24.66 125.46 -7.70
CA ARG MD 54 25.42 124.70 -8.69
C ARG MD 54 25.08 125.20 -10.08
N VAL MD 55 26.09 125.62 -10.82
CA VAL MD 55 25.92 126.11 -12.18
C VAL MD 55 26.77 125.26 -13.11
N ASN MD 56 26.15 124.83 -14.21
CA ASN MD 56 26.82 123.99 -15.20
C ASN MD 56 26.73 124.65 -16.56
N LEU MD 57 27.87 124.75 -17.24
CA LEU MD 57 27.95 125.37 -18.56
C LEU MD 57 28.78 124.47 -19.47
N LYS MD 58 28.16 123.96 -20.53
CA LYS MD 58 28.82 123.10 -21.50
C LYS MD 58 28.72 123.72 -22.88
N LEU MD 59 29.80 123.59 -23.66
CA LEU MD 59 29.86 124.13 -25.00
C LEU MD 59 30.36 123.04 -25.94
N ASP MD 60 29.54 122.69 -26.94
CA ASP MD 60 29.86 121.64 -27.88
C ASP MD 60 29.88 122.19 -29.30
N GLN MD 61 30.73 121.61 -30.13
CA GLN MD 61 30.83 122.00 -31.54
C GLN MD 61 31.43 120.84 -32.32
N ALA MD 62 30.62 120.24 -33.20
CA ALA MD 62 31.04 119.10 -34.00
C ALA MD 62 31.26 119.54 -35.44
N ASP MD 63 32.43 119.21 -35.99
CA ASP MD 63 32.74 119.55 -37.37
C ASP MD 63 31.99 118.63 -38.33
N VAL MD 64 31.70 119.16 -39.52
CA VAL MD 64 30.97 118.44 -40.54
C VAL MD 64 31.81 118.39 -41.81
N VAL MD 65 31.53 117.40 -42.65
CA VAL MD 65 32.22 117.22 -43.92
C VAL MD 65 31.18 116.88 -44.99
N ASP MD 66 31.50 117.22 -46.23
CA ASP MD 66 30.59 117.01 -47.35
C ASP MD 66 31.41 116.75 -48.62
N CYS MD 67 30.88 115.87 -49.46
CA CYS MD 67 31.55 115.51 -50.71
C CYS MD 67 30.72 115.83 -51.94
N SER MD 68 29.63 116.60 -51.81
CA SER MD 68 28.80 116.92 -52.97
C SER MD 68 29.49 117.85 -53.95
N THR MD 69 30.62 118.46 -53.55
CA THR MD 69 31.32 119.35 -54.46
C THR MD 69 32.05 118.57 -55.55
N SER MD 70 32.53 117.37 -55.24
CA SER MD 70 33.25 116.56 -56.22
C SER MD 70 32.57 115.22 -56.42
N VAL MD 71 32.37 114.47 -55.33
CA VAL MD 71 31.74 113.16 -55.39
C VAL MD 71 30.25 113.36 -55.68
N CYS MD 72 29.67 112.48 -56.50
CA CYS MD 72 28.26 112.67 -56.81
C CYS MD 72 27.37 111.87 -55.88
N GLY MD 73 27.56 112.06 -54.57
CA GLY MD 73 26.55 111.69 -53.60
C GLY MD 73 27.09 111.40 -52.21
N GLU MD 74 26.95 112.37 -51.31
CA GLU MD 74 27.38 112.20 -49.92
C GLU MD 74 26.72 113.28 -49.08
N LEU MD 75 25.88 112.88 -48.13
CA LEU MD 75 25.23 113.83 -47.27
C LEU MD 75 26.23 114.41 -46.26
N PRO MD 76 25.96 115.62 -45.75
CA PRO MD 76 26.84 116.19 -44.71
C PRO MD 76 26.92 115.28 -43.50
N LYS MD 77 28.13 114.82 -43.19
CA LYS MD 77 28.36 113.87 -42.12
C LYS MD 77 29.25 114.49 -41.05
N VAL MD 78 28.89 114.29 -39.79
CA VAL MD 78 29.69 114.80 -38.68
C VAL MD 78 30.96 113.97 -38.54
N ARG MD 79 32.01 114.61 -38.00
CA ARG MD 79 33.28 113.94 -37.83
C ARG MD 79 33.51 113.71 -36.35
N TYR MD 80 34.20 114.59 -35.65
CA TYR MD 80 34.48 114.45 -34.22
C TYR MD 80 33.55 115.34 -33.41
N THR MD 81 33.57 115.13 -32.10
CA THR MD 81 32.76 115.91 -31.16
C THR MD 81 33.64 116.37 -30.01
N GLN MD 82 33.49 117.64 -29.64
CA GLN MD 82 34.24 118.24 -28.54
C GLN MD 82 33.30 118.65 -27.43
N VAL MD 83 33.68 118.33 -26.19
CA VAL MD 83 32.88 118.61 -25.01
C VAL MD 83 33.72 119.44 -24.05
N TRP MD 84 33.20 120.60 -23.65
CA TRP MD 84 33.87 121.50 -22.71
C TRP MD 84 32.83 121.93 -21.67
N SER MD 85 32.72 121.16 -20.59
CA SER MD 85 31.78 121.45 -19.52
C SER MD 85 32.44 122.28 -18.43
N HIS MD 86 31.59 122.80 -17.53
CA HIS MD 86 32.06 123.62 -16.42
C HIS MD 86 31.31 123.20 -15.15
N ASP MD 87 31.72 123.80 -14.04
CA ASP MD 87 31.08 123.50 -12.75
C ASP MD 87 31.36 124.68 -11.82
N VAL MD 88 30.31 125.39 -11.43
CA VAL MD 88 30.43 126.56 -10.55
C VAL MD 88 29.71 126.23 -9.25
N THR MD 89 30.46 126.22 -8.15
CA THR MD 89 29.93 125.95 -6.82
C THR MD 89 30.26 127.16 -5.93
N ILE MD 90 29.43 128.19 -6.01
CA ILE MD 90 29.62 129.42 -5.25
C ILE MD 90 28.46 129.55 -4.27
N VAL MD 91 28.79 129.74 -2.99
CA VAL MD 91 27.76 129.89 -1.96
C VAL MD 91 27.13 131.26 -2.08
N ALA MD 92 25.90 131.37 -1.57
CA ALA MD 92 25.18 132.64 -1.63
C ALA MD 92 25.82 133.69 -0.73
N ASN MD 93 25.93 133.38 0.57
CA ASN MD 93 26.52 134.31 1.54
C ASN MD 93 28.04 134.28 1.36
N SER MD 94 28.51 135.04 0.36
CA SER MD 94 29.93 135.13 0.09
C SER MD 94 30.40 136.59 0.16
N THR MD 95 31.19 137.02 -0.82
CA THR MD 95 31.71 138.37 -0.86
C THR MD 95 31.75 138.84 -2.32
N GLU MD 96 31.17 140.02 -2.57
CA GLU MD 96 31.16 140.55 -3.93
C GLU MD 96 32.57 140.87 -4.41
N ALA MD 97 33.39 141.46 -3.54
CA ALA MD 97 34.77 141.77 -3.92
C ALA MD 97 35.57 140.51 -4.21
N SER MD 98 35.38 139.47 -3.38
CA SER MD 98 36.08 138.22 -3.62
C SER MD 98 35.61 137.56 -4.91
N ARG MD 99 34.31 137.61 -5.21
CA ARG MD 99 33.81 137.05 -6.45
C ARG MD 99 34.35 137.81 -7.66
N LYS MD 100 34.43 139.14 -7.55
CA LYS MD 100 34.98 139.94 -8.65
C LYS MD 100 36.47 139.64 -8.86
N SER MD 101 37.22 139.49 -7.76
CA SER MD 101 38.63 139.16 -7.89
C SER MD 101 38.83 137.78 -8.50
N LEU MD 102 37.98 136.82 -8.11
CA LEU MD 102 38.07 135.48 -8.68
C LEU MD 102 37.73 135.49 -10.17
N TYR MD 103 36.71 136.26 -10.56
CA TYR MD 103 36.37 136.37 -11.97
C TYR MD 103 37.49 137.03 -12.77
N ASP MD 104 38.12 138.06 -12.20
CA ASP MD 104 39.23 138.71 -12.88
C ASP MD 104 40.42 137.75 -13.03
N LEU MD 105 40.69 136.96 -11.99
CA LEU MD 105 41.78 135.99 -12.08
C LEU MD 105 41.49 134.93 -13.13
N THR MD 106 40.23 134.46 -13.20
CA THR MD 106 39.86 133.48 -14.21
C THR MD 106 39.98 134.06 -15.61
N LYS MD 107 39.55 135.32 -15.79
CA LYS MD 107 39.67 135.97 -17.09
C LYS MD 107 41.14 136.12 -17.49
N SER MD 108 41.99 136.49 -16.53
CA SER MD 108 43.42 136.63 -16.84
C SER MD 108 44.04 135.28 -17.20
N LEU MD 109 43.68 134.22 -16.47
CA LEU MD 109 44.21 132.89 -16.78
C LEU MD 109 43.71 132.40 -18.13
N VAL MD 110 42.49 132.79 -18.52
CA VAL MD 110 41.98 132.39 -19.83
C VAL MD 110 42.68 133.16 -20.94
N ALA MD 111 42.88 134.47 -20.74
CA ALA MD 111 43.49 135.31 -21.76
C ALA MD 111 45.01 135.19 -21.83
N THR MD 112 45.62 134.51 -20.87
CA THR MD 112 47.08 134.36 -20.90
C THR MD 112 47.49 133.47 -22.06
N SER MD 113 48.78 133.52 -22.39
CA SER MD 113 49.34 132.77 -23.50
C SER MD 113 49.71 131.34 -23.13
N GLN MD 114 49.73 131.00 -21.85
CA GLN MD 114 50.09 129.65 -21.42
C GLN MD 114 48.98 128.64 -21.73
N VAL MD 115 47.73 128.99 -21.46
CA VAL MD 115 46.62 128.08 -21.77
C VAL MD 115 46.47 127.91 -23.28
N GLU MD 116 46.73 128.97 -24.05
CA GLU MD 116 46.68 128.85 -25.50
C GLU MD 116 47.72 127.85 -26.01
N ASP MD 117 48.93 127.91 -25.47
CA ASP MD 117 49.97 126.96 -25.86
C ASP MD 117 49.61 125.56 -25.40
N LEU MD 118 49.07 125.43 -24.20
CA LEU MD 118 48.63 124.12 -23.71
C LEU MD 118 47.55 123.52 -24.60
N VAL MD 119 46.68 124.36 -25.16
CA VAL MD 119 45.61 123.87 -26.02
C VAL MD 119 46.15 123.50 -27.40
N VAL MD 120 46.99 124.36 -27.97
CA VAL MD 120 47.48 124.17 -29.34
C VAL MD 120 48.57 123.10 -29.36
N ASN MD 121 49.72 123.40 -28.78
CA ASN MD 121 50.87 122.52 -28.86
C ASN MD 121 50.81 121.34 -27.89
N LEU MD 122 49.75 121.24 -27.09
CA LEU MD 122 49.58 120.14 -26.14
C LEU MD 122 50.74 120.04 -25.15
N VAL MD 123 51.38 121.18 -24.87
CA VAL MD 123 52.50 121.23 -23.93
C VAL MD 123 51.95 121.51 -22.55
N PRO MD 124 52.36 120.76 -21.52
CA PRO MD 124 51.83 121.00 -20.16
C PRO MD 124 52.11 122.42 -19.69
N LEU MD 125 51.15 122.97 -18.94
CA LEU MD 125 51.24 124.34 -18.46
C LEU MD 125 52.38 124.46 -17.45
N GLY MD 126 53.36 125.31 -17.76
CA GLY MD 126 54.50 125.51 -16.88
C GLY MD 126 55.56 126.41 -17.47
N ARG MD 127 55.27 127.71 -17.53
CA ARG MD 127 56.21 128.68 -18.07
C ARG MD 127 56.74 129.61 -16.97
N SER ND 1 12.26 81.88 -104.45
CA SER ND 1 13.32 81.14 -103.77
C SER ND 1 14.58 81.99 -103.66
N LYS ND 2 15.74 81.32 -103.67
CA LYS ND 2 17.02 81.98 -103.47
C LYS ND 2 18.05 81.27 -104.34
N THR ND 3 18.66 82.02 -105.26
CA THR ND 3 19.64 81.47 -106.20
C THR ND 3 21.03 81.99 -105.87
N ILE ND 4 22.02 81.11 -105.97
CA ILE ND 4 23.42 81.44 -105.72
C ILE ND 4 24.22 81.03 -106.96
N VAL ND 5 24.96 81.97 -107.53
CA VAL ND 5 25.76 81.74 -108.73
C VAL ND 5 27.21 81.62 -108.33
N LEU ND 6 27.85 80.51 -108.71
CA LEU ND 6 29.25 80.26 -108.42
C LEU ND 6 30.02 80.13 -109.73
N SER ND 7 31.11 80.87 -109.84
CA SER ND 7 31.93 80.89 -111.04
C SER ND 7 33.14 79.98 -110.82
N VAL ND 8 33.25 78.93 -111.63
CA VAL ND 8 34.38 78.00 -111.53
C VAL ND 8 35.53 78.37 -112.45
N GLY ND 9 35.32 79.28 -113.39
CA GLY ND 9 36.36 79.67 -114.32
C GLY ND 9 35.87 79.73 -115.75
N GLU ND 10 35.17 78.68 -116.18
CA GLU ND 10 34.60 78.63 -117.52
C GLU ND 10 33.09 78.42 -117.54
N ALA ND 11 32.50 77.91 -116.48
CA ALA ND 11 31.07 77.70 -116.38
C ALA ND 11 30.56 78.28 -115.07
N THR ND 12 29.24 78.46 -114.99
CA THR ND 12 28.59 79.02 -113.82
C THR ND 12 27.59 78.00 -113.28
N ARG ND 13 27.73 77.67 -112.00
CA ARG ND 13 26.82 76.74 -111.33
C ARG ND 13 25.79 77.52 -110.51
N THR ND 14 24.59 76.96 -110.43
CA THR ND 14 23.47 77.60 -109.75
C THR ND 14 22.96 76.70 -108.64
N LEU ND 15 22.95 77.23 -107.42
CA LEU ND 15 22.40 76.54 -106.26
C LEU ND 15 21.07 77.19 -105.87
N THR ND 16 20.07 76.36 -105.59
CA THR ND 16 18.72 76.83 -105.29
C THR ND 16 18.35 76.47 -103.85
N GLU ND 17 17.69 77.41 -103.18
CA GLU ND 17 17.19 77.15 -101.83
C GLU ND 17 16.06 76.13 -101.88
N ILE ND 18 16.15 75.12 -101.01
CA ILE ND 18 15.23 73.99 -101.00
C ILE ND 18 14.41 73.92 -99.71
N GLN ND 19 15.09 74.04 -98.56
CA GLN ND 19 14.47 73.85 -97.25
C GLN ND 19 14.68 75.12 -96.44
N SER ND 20 13.83 76.11 -96.70
CA SER ND 20 13.94 77.42 -96.05
C SER ND 20 13.46 77.33 -94.62
N THR ND 21 14.40 77.35 -93.67
CA THR ND 21 14.10 77.35 -92.25
C THR ND 21 15.16 78.15 -91.52
N ALA ND 22 14.78 78.72 -90.38
CA ALA ND 22 15.69 79.60 -89.64
C ALA ND 22 16.87 78.82 -89.09
N ASP ND 23 16.61 77.75 -88.35
CA ASP ND 23 17.67 76.99 -87.71
C ASP ND 23 18.41 76.04 -88.65
N ARG ND 24 17.96 75.91 -89.91
CA ARG ND 24 18.61 75.01 -90.85
C ARG ND 24 18.24 75.45 -92.26
N GLN ND 25 19.22 75.98 -93.00
CA GLN ND 25 19.03 76.38 -94.39
C GLN ND 25 19.76 75.38 -95.28
N ILE ND 26 19.03 74.76 -96.20
CA ILE ND 26 19.55 73.71 -97.07
C ILE ND 26 19.50 74.22 -98.50
N PHE ND 27 20.68 74.46 -99.09
CA PHE ND 27 20.80 74.84 -100.49
C PHE ND 27 21.25 73.64 -101.30
N GLU ND 28 20.63 73.45 -102.46
CA GLU ND 28 20.94 72.32 -103.33
C GLU ND 28 21.20 72.79 -104.74
N GLU ND 29 22.25 72.25 -105.36
CA GLU ND 29 22.64 72.62 -106.71
C GLU ND 29 21.76 71.92 -107.73
N LYS ND 30 21.27 72.67 -108.71
CA LYS ND 30 20.40 72.14 -109.76
C LYS ND 30 21.18 72.13 -111.07
N VAL ND 31 21.57 70.93 -111.51
CA VAL ND 31 22.27 70.77 -112.77
C VAL ND 31 21.62 69.63 -113.56
N GLY ND 32 21.50 68.46 -112.92
CA GLY ND 32 20.89 67.32 -113.54
C GLY ND 32 20.26 66.39 -112.52
N PRO ND 33 20.97 65.33 -112.15
CA PRO ND 33 20.45 64.41 -111.12
C PRO ND 33 20.48 65.07 -109.75
N LEU ND 34 19.30 65.17 -109.11
CA LEU ND 34 19.23 65.83 -107.82
C LEU ND 34 19.87 64.99 -106.72
N VAL ND 35 19.78 63.66 -106.81
CA VAL ND 35 20.39 62.79 -105.82
C VAL ND 35 21.90 62.75 -106.06
N GLY ND 36 22.68 62.83 -104.98
CA GLY ND 36 24.12 62.81 -105.08
C GLY ND 36 24.68 64.04 -105.79
N ARG ND 37 24.33 65.22 -105.28
CA ARG ND 37 24.80 66.46 -105.88
C ARG ND 37 25.50 67.34 -104.84
N LEU ND 38 25.45 68.66 -105.03
CA LEU ND 38 26.07 69.61 -104.13
C LEU ND 38 25.02 70.15 -103.17
N ARG ND 39 25.28 70.00 -101.87
CA ARG ND 39 24.38 70.48 -100.84
C ARG ND 39 25.15 71.33 -99.83
N LEU ND 40 24.45 72.29 -99.25
CA LEU ND 40 25.03 73.22 -98.28
C LEU ND 40 24.07 73.42 -97.13
N THR ND 41 24.55 73.21 -95.91
CA THR ND 41 23.76 73.36 -94.70
C THR ND 41 24.29 74.53 -93.90
N ALA ND 42 23.41 75.48 -93.58
CA ALA ND 42 23.76 76.66 -92.81
C ALA ND 42 22.91 76.72 -91.54
N SER ND 43 23.54 77.10 -90.44
CA SER ND 43 22.85 77.20 -89.16
C SER ND 43 23.41 78.38 -88.37
N LEU ND 44 22.52 79.09 -87.68
CA LEU ND 44 22.89 80.23 -86.84
C LEU ND 44 22.15 80.13 -85.52
N ARG ND 45 22.86 80.38 -84.43
CA ARG ND 45 22.25 80.29 -83.11
C ARG ND 45 23.00 81.21 -82.15
N GLN ND 46 22.67 81.09 -80.86
CA GLN ND 46 23.31 81.83 -79.79
C GLN ND 46 24.11 80.87 -78.92
N ASN ND 47 24.45 81.30 -77.71
CA ASN ND 47 25.23 80.48 -76.80
C ASN ND 47 25.12 81.06 -75.39
N GLY ND 48 25.28 80.19 -74.40
CA GLY ND 48 25.34 80.59 -73.00
C GLY ND 48 24.21 81.50 -72.55
N ALA ND 49 24.56 82.72 -72.13
CA ALA ND 49 23.60 83.69 -71.66
C ALA ND 49 23.65 84.93 -72.54
N LYS ND 50 23.30 84.76 -73.81
CA LYS ND 50 23.23 85.85 -74.79
C LYS ND 50 24.56 86.59 -74.89
N THR ND 51 25.66 85.84 -74.82
CA THR ND 51 27.00 86.43 -74.93
C THR ND 51 27.42 86.52 -76.39
N ALA ND 52 27.83 85.39 -76.96
CA ALA ND 52 28.29 85.36 -78.35
C ALA ND 52 27.27 84.64 -79.24
N TYR ND 53 27.74 84.14 -80.38
CA TYR ND 53 26.88 83.43 -81.32
C TYR ND 53 27.62 82.21 -81.84
N ARG ND 54 26.92 81.42 -82.65
CA ARG ND 54 27.49 80.20 -83.23
C ARG ND 54 26.94 80.03 -84.63
N VAL ND 55 27.84 79.95 -85.62
CA VAL ND 55 27.48 79.76 -87.01
C VAL ND 55 28.13 78.48 -87.52
N ASN ND 56 27.32 77.66 -88.19
CA ASN ND 56 27.80 76.39 -88.73
C ASN ND 56 27.52 76.34 -90.22
N LEU ND 57 28.53 75.98 -91.00
CA LEU ND 57 28.42 75.91 -92.46
C LEU ND 57 29.06 74.60 -92.92
N LYS ND 58 28.26 73.72 -93.52
CA LYS ND 58 28.73 72.44 -94.03
C LYS ND 58 28.45 72.35 -95.51
N LEU ND 59 29.37 71.76 -96.25
CA LEU ND 59 29.24 71.60 -97.70
C LEU ND 59 29.54 70.16 -98.06
N ASP ND 60 28.56 69.47 -98.65
CA ASP ND 60 28.70 68.06 -99.01
C ASP ND 60 28.50 67.88 -100.51
N GLN ND 61 29.19 66.89 -101.06
CA GLN ND 61 29.08 66.58 -102.48
C GLN ND 61 29.49 65.13 -102.68
N ALA ND 62 28.55 64.27 -103.05
CA ALA ND 62 28.79 62.85 -103.26
C ALA ND 62 28.78 62.55 -104.75
N ASP ND 63 29.84 61.87 -105.21
CA ASP ND 63 29.94 61.50 -106.61
C ASP ND 63 29.02 60.32 -106.91
N VAL ND 64 28.56 60.27 -108.17
CA VAL ND 64 27.65 59.22 -108.62
C VAL ND 64 28.28 58.51 -109.80
N VAL ND 65 27.84 57.27 -110.03
CA VAL ND 65 28.31 56.45 -111.14
C VAL ND 65 27.10 55.77 -111.77
N ASP ND 66 27.22 55.45 -113.05
CA ASP ND 66 26.15 54.83 -113.81
C ASP ND 66 26.74 53.92 -114.89
N CYS ND 67 26.05 52.80 -115.14
CA CYS ND 67 26.49 51.84 -116.13
C CYS ND 67 25.49 51.64 -117.27
N SER ND 68 24.47 52.49 -117.38
CA SER ND 68 23.47 52.32 -118.43
C SER ND 68 24.03 52.60 -119.82
N THR ND 69 25.21 53.20 -119.90
CA THR ND 69 25.82 53.48 -121.20
C THR ND 69 26.33 52.21 -121.87
N SER ND 70 26.81 51.25 -121.08
CA SER ND 70 27.33 50.00 -121.64
C SER ND 70 26.58 48.80 -121.08
N VAL ND 71 26.53 48.68 -119.76
CA VAL ND 71 25.85 47.56 -119.10
C VAL ND 71 24.35 47.77 -119.26
N CYS ND 72 23.62 46.67 -119.45
CA CYS ND 72 22.18 46.78 -119.67
C CYS ND 72 21.42 46.67 -118.35
N GLY ND 73 21.82 47.44 -117.34
CA GLY ND 73 20.96 47.67 -116.20
C GLY ND 73 21.70 48.01 -114.92
N GLU ND 74 21.75 49.30 -114.59
CA GLU ND 74 22.38 49.74 -113.35
C GLU ND 74 21.91 51.16 -113.06
N LEU ND 75 21.23 51.34 -111.93
CA LEU ND 75 20.74 52.65 -111.55
C LEU ND 75 21.91 53.52 -111.08
N PRO ND 76 21.78 54.85 -111.18
CA PRO ND 76 22.83 55.75 -110.66
C PRO ND 76 23.07 55.51 -109.18
N LYS ND 77 24.30 55.12 -108.84
CA LYS ND 77 24.66 54.76 -107.48
C LYS ND 77 25.74 55.71 -106.97
N VAL ND 78 25.57 56.16 -105.72
CA VAL ND 78 26.55 57.04 -105.11
C VAL ND 78 27.80 56.24 -104.74
N ARG ND 79 28.94 56.94 -104.71
CA ARG ND 79 30.21 56.29 -104.39
C ARG ND 79 30.65 56.76 -103.02
N TYR ND 80 31.48 57.80 -102.92
CA TYR ND 80 31.98 58.30 -101.65
C TYR ND 80 31.23 59.56 -101.26
N THR ND 81 31.45 60.00 -100.02
CA THR ND 81 30.83 61.20 -99.47
C THR ND 81 31.89 62.05 -98.80
N GLN ND 82 31.85 63.36 -99.07
CA GLN ND 82 32.79 64.30 -98.50
C GLN ND 82 32.05 65.29 -97.61
N VAL ND 83 32.61 65.54 -96.42
CA VAL ND 83 32.02 66.43 -95.43
C VAL ND 83 33.03 67.51 -95.10
N TRP ND 84 32.63 68.78 -95.24
CA TRP ND 84 33.46 69.93 -94.94
C TRP ND 84 32.62 70.91 -94.12
N SER ND 85 32.66 70.76 -92.79
CA SER ND 85 31.91 71.60 -91.89
C SER ND 85 32.76 72.77 -91.41
N HIS ND 86 32.09 73.73 -90.77
CA HIS ND 86 32.75 74.93 -90.26
C HIS ND 86 32.21 75.24 -88.87
N ASP ND 87 32.81 76.23 -88.23
CA ASP ND 87 32.38 76.65 -86.89
C ASP ND 87 32.85 78.09 -86.68
N VAL ND 88 31.89 79.00 -86.55
CA VAL ND 88 32.18 80.43 -86.36
C VAL ND 88 31.68 80.83 -84.98
N THR ND 89 32.60 81.25 -84.12
CA THR ND 89 32.28 81.70 -82.76
C THR ND 89 32.79 83.13 -82.61
N ILE ND 90 32.00 84.09 -83.08
CA ILE ND 90 32.35 85.51 -83.02
C ILE ND 90 31.37 86.20 -82.09
N VAL ND 91 31.90 86.93 -81.11
CA VAL ND 91 31.05 87.65 -80.16
C VAL ND 91 30.45 88.87 -80.83
N ALA ND 92 29.33 89.35 -80.29
CA ALA ND 92 28.65 90.50 -80.87
C ALA ND 92 29.47 91.77 -80.67
N ASN ND 93 29.77 92.10 -79.40
CA ASN ND 93 30.55 93.29 -79.07
C ASN ND 93 32.01 93.03 -79.40
N SER ND 94 32.34 93.19 -80.69
CA SER ND 94 33.71 92.98 -81.16
C SER ND 94 34.24 94.23 -81.84
N THR ND 95 34.88 94.06 -83.00
CA THR ND 95 35.43 95.18 -83.75
C THR ND 95 35.26 94.92 -85.23
N GLU ND 96 34.68 95.89 -85.95
CA GLU ND 96 34.47 95.72 -87.38
C GLU ND 96 35.80 95.63 -88.13
N ALA ND 97 36.78 96.45 -87.76
CA ALA ND 97 38.08 96.41 -88.41
C ALA ND 97 38.78 95.08 -88.14
N SER ND 98 38.68 94.57 -86.91
CA SER ND 98 39.29 93.28 -86.59
C SER ND 98 38.60 92.16 -87.36
N ARG ND 99 37.28 92.21 -87.48
CA ARG ND 99 36.56 91.18 -88.24
C ARG ND 99 36.94 91.23 -89.71
N LYS ND 100 37.07 92.44 -90.27
CA LYS ND 100 37.48 92.56 -91.67
C LYS ND 100 38.89 92.04 -91.88
N SER ND 101 39.80 92.35 -90.96
CA SER ND 101 41.17 91.85 -91.08
C SER ND 101 41.21 90.32 -90.98
N LEU ND 102 40.41 89.76 -90.07
CA LEU ND 102 40.35 88.30 -89.95
C LEU ND 102 39.78 87.66 -91.21
N TYR ND 103 38.74 88.26 -91.78
CA TYR ND 103 38.17 87.73 -93.03
C TYR ND 103 39.17 87.82 -94.17
N ASP ND 104 39.93 88.92 -94.25
CA ASP ND 104 40.94 89.04 -95.28
C ASP ND 104 42.05 88.01 -95.11
N LEU ND 105 42.46 87.78 -93.86
CA LEU ND 105 43.49 86.77 -93.60
C LEU ND 105 42.99 85.38 -93.97
N THR ND 106 41.73 85.07 -93.64
CA THR ND 106 41.16 83.78 -94.02
C THR ND 106 41.08 83.62 -95.53
N LYS ND 107 40.67 84.69 -96.23
CA LYS ND 107 40.61 84.64 -97.68
C LYS ND 107 41.99 84.43 -98.29
N SER ND 108 43.01 85.10 -97.74
CA SER ND 108 44.36 84.92 -98.24
C SER ND 108 44.87 83.50 -97.99
N LEU ND 109 44.60 82.96 -96.80
CA LEU ND 109 45.02 81.59 -96.51
C LEU ND 109 44.29 80.58 -97.38
N VAL ND 110 43.05 80.86 -97.76
CA VAL ND 110 42.32 79.96 -98.64
C VAL ND 110 42.86 80.05 -100.07
N ALA ND 111 43.13 81.26 -100.54
CA ALA ND 111 43.59 81.46 -101.91
C ALA ND 111 45.08 81.16 -102.09
N THR ND 112 45.83 80.95 -101.01
CA THR ND 112 47.24 80.65 -101.14
C THR ND 112 47.44 79.27 -101.77
N SER ND 113 48.66 79.03 -102.25
CA SER ND 113 49.00 77.79 -102.92
C SER ND 113 49.38 76.67 -101.97
N GLN ND 114 49.60 76.97 -100.69
CA GLN ND 114 49.96 75.95 -99.71
C GLN ND 114 48.79 75.04 -99.37
N VAL ND 115 47.60 75.60 -99.15
CA VAL ND 115 46.44 74.78 -98.84
C VAL ND 115 46.04 73.94 -100.05
N GLU ND 116 46.20 74.48 -101.26
CA GLU ND 116 45.91 73.69 -102.46
C GLU ND 116 46.82 72.48 -102.56
N ASP ND 117 48.11 72.65 -102.27
CA ASP ND 117 49.04 71.52 -102.28
C ASP ND 117 48.71 70.54 -101.16
N LEU ND 118 48.37 71.05 -99.98
CA LEU ND 118 47.96 70.18 -98.87
C LEU ND 118 46.73 69.35 -99.24
N VAL ND 119 45.82 69.92 -100.01
CA VAL ND 119 44.61 69.20 -100.39
C VAL ND 119 44.91 68.18 -101.48
N VAL ND 120 45.67 68.58 -102.51
CA VAL ND 120 45.93 67.72 -103.65
C VAL ND 120 46.96 66.65 -103.30
N ASN ND 121 48.21 67.07 -103.08
CA ASN ND 121 49.30 66.13 -102.87
C ASN ND 121 49.35 65.55 -101.46
N LEU ND 122 48.42 65.95 -100.58
CA LEU ND 122 48.36 65.46 -99.20
C LEU ND 122 49.67 65.70 -98.45
N VAL ND 123 50.39 66.75 -98.82
CA VAL ND 123 51.64 67.12 -98.17
C VAL ND 123 51.33 68.08 -97.03
N PRO ND 124 51.87 67.86 -95.83
CA PRO ND 124 51.57 68.75 -94.71
C PRO ND 124 51.97 70.19 -95.01
N LEU ND 125 51.17 71.13 -94.50
CA LEU ND 125 51.39 72.55 -94.75
C LEU ND 125 52.67 73.00 -94.07
N GLY ND 126 53.62 73.50 -94.86
CA GLY ND 126 54.89 73.96 -94.33
C GLY ND 126 55.87 74.36 -95.40
N ARG ND 127 55.63 75.50 -96.04
CA ARG ND 127 56.51 76.00 -97.09
C ARG ND 127 57.23 77.27 -96.64
N SER OD 1 60.00 72.65 -101.44
CA SER OD 1 60.16 71.23 -101.13
C SER OD 1 61.49 70.70 -101.65
N LYS OD 2 61.51 69.41 -102.00
CA LYS OD 2 62.73 68.74 -102.42
C LYS OD 2 62.36 67.73 -103.50
N THR OD 3 62.94 67.89 -104.69
CA THR OD 3 62.65 67.03 -105.83
C THR OD 3 63.86 66.16 -106.15
N ILE OD 4 63.59 64.90 -106.50
CA ILE OD 4 64.61 63.94 -106.86
C ILE OD 4 64.25 63.36 -108.21
N VAL OD 5 65.16 63.47 -109.18
CA VAL OD 5 64.95 62.98 -110.54
C VAL OD 5 65.70 61.68 -110.72
N LEU OD 6 64.98 60.63 -111.14
CA LEU OD 6 65.56 59.32 -111.38
C LEU OD 6 65.38 58.95 -112.84
N SER OD 7 66.47 58.55 -113.49
CA SER OD 7 66.47 58.19 -114.89
C SER OD 7 66.40 56.67 -115.01
N VAL OD 8 65.32 56.17 -115.64
CA VAL OD 8 65.15 54.72 -115.83
C VAL OD 8 65.70 54.25 -117.16
N GLY OD 9 66.00 55.16 -118.09
CA GLY OD 9 66.50 54.78 -119.39
C GLY OD 9 65.81 55.54 -120.52
N GLU OD 10 64.48 55.59 -120.48
CA GLU OD 10 63.70 56.32 -121.46
C GLU OD 10 62.79 57.40 -120.86
N ALA OD 11 62.46 57.30 -119.58
CA ALA OD 11 61.63 58.29 -118.91
C ALA OD 11 62.30 58.71 -117.61
N THR OD 12 61.83 59.83 -117.06
CA THR OD 12 62.37 60.39 -115.83
C THR OD 12 61.27 60.47 -114.79
N ARG OD 13 61.50 59.87 -113.63
CA ARG OD 13 60.55 59.89 -112.53
C ARG OD 13 60.96 60.95 -111.51
N THR OD 14 59.95 61.55 -110.87
CA THR OD 14 60.16 62.64 -109.94
C THR OD 14 59.58 62.26 -108.58
N LEU OD 15 60.43 62.30 -107.55
CA LEU OD 15 60.01 62.06 -106.18
C LEU OD 15 60.01 63.38 -105.41
N THR OD 16 58.96 63.62 -104.63
CA THR OD 16 58.79 64.87 -103.92
C THR OD 16 58.82 64.63 -102.41
N GLU OD 17 59.48 65.53 -101.69
CA GLU OD 17 59.50 65.44 -100.23
C GLU OD 17 58.12 65.77 -99.68
N ILE OD 18 57.64 64.91 -98.78
CA ILE OD 18 56.30 65.01 -98.22
C ILE OD 18 56.36 65.33 -96.73
N GLN OD 19 57.11 64.55 -95.96
CA GLN OD 19 57.11 64.61 -94.49
C GLN OD 19 58.52 64.99 -94.05
N SER OD 20 58.81 66.29 -94.10
CA SER OD 20 60.14 66.81 -93.78
C SER OD 20 60.33 66.80 -92.26
N THR OD 21 61.12 65.84 -91.77
CA THR OD 21 61.47 65.74 -90.37
C THR OD 21 62.89 65.20 -90.24
N ALA OD 22 63.55 65.55 -89.15
CA ALA OD 22 64.95 65.17 -88.97
C ALA OD 22 65.09 63.67 -88.80
N ASP OD 23 64.36 63.08 -87.86
CA ASP OD 23 64.49 61.66 -87.57
C ASP OD 23 63.76 60.76 -88.56
N ARG OD 24 63.00 61.34 -89.50
CA ARG OD 24 62.27 60.52 -90.47
C ARG OD 24 61.95 61.42 -91.68
N GLN OD 25 62.60 61.12 -92.80
CA GLN OD 25 62.34 61.81 -94.06
C GLN OD 25 61.58 60.87 -94.99
N ILE OD 26 60.42 61.32 -95.46
CA ILE OD 26 59.53 60.51 -96.28
C ILE OD 26 59.42 61.17 -97.64
N PHE OD 27 59.98 60.52 -98.66
CA PHE OD 27 59.86 60.98 -100.04
C PHE OD 27 58.83 60.12 -100.76
N GLU OD 28 57.98 60.77 -101.56
CA GLU OD 28 56.91 60.09 -102.28
C GLU OD 28 56.93 60.49 -103.75
N GLU OD 29 56.80 59.49 -104.62
CA GLU OD 29 56.82 59.72 -106.06
C GLU OD 29 55.47 60.25 -106.53
N LYS OD 30 55.49 61.30 -107.35
CA LYS OD 30 54.29 61.92 -107.89
C LYS OD 30 54.20 61.61 -109.38
N VAL OD 31 53.28 60.72 -109.75
CA VAL OD 31 53.05 60.36 -111.14
C VAL OD 31 51.55 60.41 -111.41
N GLY OD 32 50.78 59.68 -110.61
CA GLY OD 32 49.34 59.65 -110.75
C GLY OD 32 48.64 59.38 -109.44
N PRO OD 33 48.26 58.12 -109.21
CA PRO OD 33 47.63 57.77 -107.93
C PRO OD 33 48.65 57.80 -106.79
N LEU OD 34 48.38 58.62 -105.79
CA LEU OD 34 49.31 58.76 -104.68
C LEU OD 34 49.33 57.51 -103.80
N VAL OD 35 48.19 56.84 -103.64
CA VAL OD 35 48.14 55.63 -102.84
C VAL OD 35 48.75 54.48 -103.63
N GLY OD 36 49.56 53.67 -102.96
CA GLY OD 36 50.21 52.55 -103.61
C GLY OD 36 51.22 52.97 -104.65
N ARG OD 37 52.18 53.80 -104.26
CA ARG OD 37 53.20 54.30 -105.18
C ARG OD 37 54.60 54.00 -104.64
N LEU OD 38 55.57 54.85 -105.00
CA LEU OD 38 56.95 54.69 -104.57
C LEU OD 38 57.21 55.60 -103.38
N ARG OD 39 57.66 55.01 -102.27
CA ARG OD 39 57.97 55.75 -101.07
C ARG OD 39 59.36 55.40 -100.57
N LEU OD 40 60.01 56.37 -99.93
CA LEU OD 40 61.36 56.21 -99.43
C LEU OD 40 61.45 56.81 -98.03
N THR OD 41 61.95 56.03 -97.09
CA THR OD 41 62.10 56.45 -95.70
C THR OD 41 63.58 56.52 -95.36
N ALA OD 42 64.02 57.68 -94.88
CA ALA OD 42 65.41 57.90 -94.50
C ALA OD 42 65.48 58.30 -93.04
N SER OD 43 66.47 57.76 -92.33
CA SER OD 43 66.66 58.07 -90.92
C SER OD 43 68.15 58.13 -90.61
N LEU OD 44 68.53 59.06 -89.75
CA LEU OD 44 69.91 59.23 -89.31
C LEU OD 44 69.93 59.45 -87.81
N ARG OD 45 70.85 58.77 -87.13
CA ARG OD 45 70.95 58.89 -85.67
C ARG OD 45 72.38 58.60 -85.24
N GLN OD 46 72.57 58.49 -83.93
CA GLN OD 46 73.84 58.17 -83.31
C GLN OD 46 73.76 56.78 -82.68
N ASN OD 47 74.69 56.47 -81.78
CA ASN OD 47 74.72 55.17 -81.12
C ASN OD 47 75.62 55.27 -79.89
N GLY OD 48 75.34 54.41 -78.92
CA GLY OD 48 76.18 54.28 -77.74
C GLY OD 48 76.52 55.56 -77.03
N ALA OD 49 77.81 55.88 -76.98
CA ALA OD 49 78.29 57.11 -76.33
C ALA OD 49 79.01 57.98 -77.35
N LYS OD 50 78.27 58.45 -78.35
CA LYS OD 50 78.76 59.36 -79.38
C LYS OD 50 79.97 58.77 -80.10
N THR OD 51 79.92 57.45 -80.33
CA THR OD 51 81.01 56.77 -81.05
C THR OD 51 80.78 56.83 -82.55
N ALA OD 52 79.87 55.99 -83.06
CA ALA OD 52 79.59 55.95 -84.49
C ALA OD 52 78.22 56.54 -84.79
N TYR OD 53 77.64 56.16 -85.93
CA TYR OD 53 76.32 56.64 -86.34
C TYR OD 53 75.53 55.48 -86.91
N ARG OD 54 74.27 55.76 -87.25
CA ARG OD 54 73.37 54.76 -87.81
C ARG OD 54 72.48 55.42 -88.84
N VAL OD 55 72.52 54.89 -90.06
CA VAL OD 55 71.70 55.40 -91.16
C VAL OD 55 70.82 54.28 -91.66
N ASN OD 56 69.53 54.58 -91.84
CA ASN OD 56 68.56 53.61 -92.32
C ASN OD 56 67.87 54.16 -93.55
N LEU OD 57 67.80 53.35 -94.61
CA LEU OD 57 67.18 53.71 -95.87
C LEU OD 57 66.28 52.58 -96.33
N LYS OD 58 64.98 52.85 -96.43
CA LYS OD 58 64.01 51.86 -96.86
C LYS OD 58 63.28 52.38 -98.10
N LEU OD 59 62.99 51.49 -99.03
CA LEU OD 59 62.30 51.84 -100.27
C LEU OD 59 61.16 50.86 -100.49
N ASP OD 60 59.94 51.37 -100.53
CA ASP OD 60 58.75 50.55 -100.69
C ASP OD 60 57.99 50.95 -101.95
N GLN OD 61 57.33 49.98 -102.56
CA GLN OD 61 56.53 50.20 -103.76
C GLN OD 61 55.51 49.09 -103.87
N ALA OD 62 54.23 49.44 -103.70
CA ALA OD 62 53.14 48.48 -103.77
C ALA OD 62 52.37 48.66 -105.07
N ASP OD 63 52.18 47.55 -105.78
CA ASP OD 63 51.44 47.58 -107.05
C ASP OD 63 49.95 47.71 -106.78
N VAL OD 64 49.25 48.33 -107.73
CA VAL OD 64 47.82 48.55 -107.63
C VAL OD 64 47.13 47.92 -108.83
N VAL OD 65 45.85 47.61 -108.66
CA VAL OD 65 45.03 47.04 -109.73
C VAL OD 65 43.67 47.74 -109.73
N ASP OD 66 43.04 47.75 -110.90
CA ASP OD 66 41.76 48.43 -111.07
C ASP OD 66 40.94 47.70 -112.13
N CYS OD 67 39.63 47.65 -111.92
CA CYS OD 67 38.72 46.98 -112.83
C CYS OD 67 37.68 47.92 -113.45
N SER OD 68 37.84 49.23 -113.29
CA SER OD 68 36.85 50.16 -113.83
C SER OD 68 36.87 50.22 -115.35
N THR OD 69 37.90 49.65 -115.98
CA THR OD 69 37.96 49.65 -117.44
C THR OD 69 36.96 48.67 -118.04
N SER OD 70 36.69 47.56 -117.37
CA SER OD 70 35.75 46.56 -117.88
C SER OD 70 34.62 46.33 -116.89
N VAL OD 71 34.95 45.99 -115.65
CA VAL OD 71 33.95 45.73 -114.62
C VAL OD 71 33.33 47.06 -114.21
N CYS OD 72 32.03 47.06 -113.95
CA CYS OD 72 31.41 48.34 -113.61
C CYS OD 72 31.35 48.56 -112.11
N GLY OD 73 32.50 48.41 -111.44
CA GLY OD 73 32.67 48.94 -110.10
C GLY OD 73 33.75 48.26 -109.29
N GLU OD 74 34.92 48.88 -109.20
CA GLU OD 74 36.01 48.35 -108.39
C GLU OD 74 37.02 49.47 -108.17
N LEU OD 75 37.21 49.84 -106.91
CA LEU OD 75 38.18 50.89 -106.59
C LEU OD 75 39.60 50.35 -106.75
N PRO OD 76 40.57 51.24 -106.99
CA PRO OD 76 41.98 50.80 -107.07
C PRO OD 76 42.41 50.15 -105.77
N LYS OD 77 42.82 48.87 -105.89
CA LYS OD 77 43.17 48.06 -104.73
C LYS OD 77 44.64 47.64 -104.83
N VAL OD 78 45.34 47.74 -103.70
CA VAL OD 78 46.74 47.33 -103.67
C VAL OD 78 46.84 45.81 -103.69
N ARG OD 79 47.95 45.30 -104.21
CA ARG OD 79 48.16 43.87 -104.32
C ARG OD 79 49.23 43.47 -103.32
N TYR OD 80 50.50 43.38 -103.71
CA TYR OD 80 51.57 42.99 -102.82
C TYR OD 80 52.37 44.21 -102.38
N THR OD 81 53.25 44.00 -101.40
CA THR OD 81 54.10 45.04 -100.85
C THR OD 81 55.53 44.54 -100.79
N GLN OD 82 56.48 45.39 -101.22
CA GLN OD 82 57.89 45.05 -101.22
C GLN OD 82 58.63 45.99 -100.27
N VAL OD 83 59.51 45.42 -99.46
CA VAL OD 83 60.28 46.16 -98.47
C VAL OD 83 61.76 45.91 -98.73
N TRP OD 84 62.52 46.99 -98.90
CA TRP OD 84 63.96 46.92 -99.13
C TRP OD 84 64.63 47.94 -98.21
N SER OD 85 64.98 47.51 -97.01
CA SER OD 85 65.61 48.38 -96.01
C SER OD 85 67.12 48.28 -96.10
N HIS OD 86 67.79 49.21 -95.42
CA HIS OD 86 69.25 49.24 -95.39
C HIS OD 86 69.72 49.53 -93.97
N ASP OD 87 71.03 49.48 -93.77
CA ASP OD 87 71.62 49.74 -92.46
C ASP OD 87 73.07 50.15 -92.67
N VAL OD 88 73.39 51.40 -92.33
CA VAL OD 88 74.74 51.93 -92.50
C VAL OD 88 75.30 52.24 -91.11
N THR OD 89 76.39 51.56 -90.75
CA THR OD 89 77.06 51.74 -89.46
C THR OD 89 78.51 52.13 -89.75
N ILE OD 90 78.73 53.42 -90.02
CA ILE OD 90 80.05 53.95 -90.32
C ILE OD 90 80.46 54.90 -89.21
N VAL OD 91 81.64 54.66 -88.64
CA VAL OD 91 82.14 55.51 -87.57
C VAL OD 91 82.61 56.84 -88.13
N ALA OD 92 82.62 57.87 -87.28
CA ALA OD 92 83.03 59.21 -87.73
C ALA OD 92 84.51 59.24 -88.06
N ASN OD 93 85.36 58.90 -87.09
CA ASN OD 93 86.81 58.90 -87.27
C ASN OD 93 87.20 57.67 -88.10
N SER OD 94 87.03 57.81 -89.41
CA SER OD 94 87.37 56.73 -90.34
C SER OD 94 88.40 57.19 -91.36
N THR OD 95 88.17 56.86 -92.63
CA THR OD 95 89.08 57.25 -93.70
C THR OD 95 88.26 57.58 -94.95
N GLU OD 96 88.52 58.75 -95.53
CA GLU OD 96 87.79 59.16 -96.73
C GLU OD 96 88.10 58.25 -97.90
N ALA OD 97 89.37 57.87 -98.07
CA ALA OD 97 89.74 56.97 -99.15
C ALA OD 97 89.10 55.60 -98.98
N SER OD 98 89.08 55.09 -97.74
CA SER OD 98 88.44 53.80 -97.49
C SER OD 98 86.94 53.87 -97.74
N ARG OD 99 86.30 54.97 -97.33
CA ARG OD 99 84.87 55.12 -97.59
C ARG OD 99 84.57 55.20 -99.08
N LYS OD 100 85.41 55.92 -99.83
CA LYS OD 100 85.23 56.00 -101.28
C LYS OD 100 85.42 54.64 -101.94
N SER OD 101 86.42 53.88 -101.50
CA SER OD 101 86.64 52.55 -102.06
C SER OD 101 85.47 51.63 -101.74
N LEU OD 102 84.93 51.71 -100.52
CA LEU OD 102 83.79 50.89 -100.16
C LEU OD 102 82.56 51.26 -100.97
N TYR OD 103 82.34 52.57 -101.20
CA TYR OD 103 81.22 53.00 -102.01
C TYR OD 103 81.37 52.53 -103.46
N ASP OD 104 82.59 52.59 -103.99
CA ASP OD 104 82.83 52.10 -105.35
C ASP OD 104 82.60 50.60 -105.46
N LEU OD 105 83.04 49.85 -104.45
CA LEU OD 105 82.81 48.40 -104.45
C LEU OD 105 81.32 48.08 -104.38
N THR OD 106 80.58 48.83 -103.54
CA THR OD 106 79.14 48.61 -103.45
C THR OD 106 78.46 48.94 -104.77
N LYS OD 107 78.87 50.03 -105.43
CA LYS OD 107 78.29 50.40 -106.71
C LYS OD 107 78.59 49.34 -107.76
N SER OD 108 79.81 48.80 -107.76
CA SER OD 108 80.15 47.75 -108.71
C SER OD 108 79.35 46.48 -108.46
N LEU OD 109 79.19 46.10 -107.19
CA LEU OD 109 78.39 44.92 -106.86
C LEU OD 109 76.92 45.11 -107.22
N VAL OD 110 76.42 46.34 -107.13
CA VAL OD 110 75.04 46.60 -107.50
C VAL OD 110 74.87 46.56 -109.02
N ALA OD 111 75.82 47.16 -109.75
CA ALA OD 111 75.73 47.22 -111.20
C ALA OD 111 76.14 45.93 -111.89
N THR OD 112 76.72 44.97 -111.17
CA THR OD 112 77.11 43.72 -111.78
C THR OD 112 75.88 42.92 -112.22
N SER OD 113 76.11 41.94 -113.08
CA SER OD 113 75.05 41.12 -113.64
C SER OD 113 74.65 39.95 -112.74
N GLN OD 114 75.44 39.66 -111.71
CA GLN OD 114 75.14 38.55 -110.81
C GLN OD 114 73.96 38.87 -109.89
N VAL OD 115 73.92 40.07 -109.32
CA VAL OD 115 72.80 40.44 -108.46
C VAL OD 115 71.52 40.55 -109.28
N GLU OD 116 71.61 41.02 -110.52
CA GLU OD 116 70.43 41.08 -111.38
C GLU OD 116 69.85 39.69 -111.63
N ASP OD 117 70.72 38.71 -111.89
CA ASP OD 117 70.26 37.34 -112.08
C ASP OD 117 69.69 36.77 -110.78
N LEU OD 118 70.34 37.05 -109.65
CA LEU OD 118 69.83 36.61 -108.35
C LEU OD 118 68.44 37.19 -108.08
N VAL OD 119 68.19 38.42 -108.52
CA VAL OD 119 66.89 39.05 -108.29
C VAL OD 119 65.84 38.47 -109.23
N VAL OD 120 66.17 38.34 -110.51
CA VAL OD 120 65.21 37.92 -111.53
C VAL OD 120 64.98 36.41 -111.43
N ASN OD 121 65.99 35.62 -111.79
CA ASN OD 121 65.84 34.18 -111.87
C ASN OD 121 65.89 33.48 -110.52
N LEU OD 122 66.06 34.23 -109.42
CA LEU OD 122 66.11 33.66 -108.07
C LEU OD 122 67.21 32.61 -107.92
N VAL OD 123 68.27 32.73 -108.71
CA VAL OD 123 69.39 31.80 -108.66
C VAL OD 123 70.40 32.34 -107.65
N PRO OD 124 70.91 31.50 -106.74
CA PRO OD 124 71.87 31.99 -105.74
C PRO OD 124 73.12 32.57 -106.39
N LEU OD 125 73.66 33.61 -105.77
CA LEU OD 125 74.81 34.32 -106.31
C LEU OD 125 76.04 33.41 -106.26
N GLY OD 126 76.62 33.13 -107.43
CA GLY OD 126 77.79 32.28 -107.50
C GLY OD 126 78.23 31.99 -108.92
N ARG OD 127 78.80 32.99 -109.59
CA ARG OD 127 79.26 32.84 -110.96
C ARG OD 127 80.79 32.88 -111.03
N SER PD 1 77.59 25.89 -105.47
CA SER PD 1 76.42 25.01 -105.46
C SER PD 1 76.66 23.75 -106.30
N LYS PD 2 75.58 23.20 -106.83
CA LYS PD 2 75.61 21.93 -107.54
C LYS PD 2 74.58 21.99 -108.66
N THR PD 3 75.04 21.84 -109.90
CA THR PD 3 74.18 21.91 -111.08
C THR PD 3 74.03 20.54 -111.71
N ILE PD 4 72.82 20.23 -112.17
CA ILE PD 4 72.51 18.97 -112.83
C ILE PD 4 71.85 19.30 -114.17
N VAL PD 5 72.44 18.78 -115.25
CA VAL PD 5 71.94 19.04 -116.60
C VAL PD 5 71.19 17.80 -117.08
N LEU PD 6 69.94 17.99 -117.50
CA LEU PD 6 69.09 16.92 -118.00
C LEU PD 6 68.72 17.21 -119.45
N SER PD 7 68.94 16.24 -120.32
CA SER PD 7 68.65 16.37 -121.75
C SER PD 7 67.31 15.73 -122.05
N VAL PD 8 66.35 16.53 -122.53
CA VAL PD 8 65.04 16.01 -122.87
C VAL PD 8 64.93 15.61 -124.34
N GLY PD 9 65.89 16.00 -125.17
CA GLY PD 9 65.84 15.68 -126.59
C GLY PD 9 66.19 16.87 -127.46
N GLU PD 10 65.56 18.01 -127.18
CA GLU PD 10 65.83 19.25 -127.91
C GLU PD 10 66.29 20.39 -127.03
N ALA PD 11 66.02 20.35 -125.73
CA ALA PD 11 66.43 21.40 -124.80
C ALA PD 11 67.10 20.75 -123.59
N THR PD 12 67.82 21.56 -122.83
CA THR PD 12 68.55 21.11 -121.66
C THR PD 12 68.03 21.87 -120.43
N ARG PD 13 67.61 21.12 -119.42
CA ARG PD 13 67.12 21.70 -118.17
C ARG PD 13 68.21 21.65 -117.11
N THR PD 14 68.21 22.65 -116.24
CA THR PD 14 69.24 22.80 -115.22
C THR PD 14 68.58 22.80 -113.85
N LEU PD 15 69.00 21.89 -112.98
CA LEU PD 15 68.56 21.83 -111.59
C LEU PD 15 69.69 22.29 -110.68
N THR PD 16 69.35 23.14 -109.71
CA THR PD 16 70.34 23.73 -108.82
C THR PD 16 70.09 23.27 -107.39
N GLU PD 17 71.18 22.98 -106.68
CA GLU PD 17 71.09 22.61 -105.27
C GLU PD 17 70.66 23.82 -104.45
N ILE PD 18 69.66 23.61 -103.57
CA ILE PD 18 69.02 24.67 -102.81
C ILE PD 18 69.23 24.48 -101.31
N GLN PD 19 69.01 23.28 -100.80
CA GLN PD 19 69.02 22.98 -99.36
C GLN PD 19 70.06 21.88 -99.12
N SER PD 20 71.32 22.27 -99.06
CA SER PD 20 72.42 21.31 -98.90
C SER PD 20 72.46 20.83 -97.46
N THR PD 21 72.02 19.59 -97.25
CA THR PD 21 72.08 18.94 -95.94
C THR PD 21 72.30 17.45 -96.15
N ALA PD 22 72.91 16.82 -95.15
CA ALA PD 22 73.28 15.41 -95.27
C ALA PD 22 72.05 14.53 -95.33
N ASP PD 23 71.15 14.66 -94.36
CA ASP PD 23 69.97 13.80 -94.27
C ASP PD 23 68.85 14.20 -95.23
N ARG PD 24 69.01 15.32 -95.95
CA ARG PD 24 67.96 15.77 -96.87
C ARG PD 24 68.60 16.72 -97.88
N GLN PD 25 68.69 16.28 -99.13
CA GLN PD 25 69.20 17.10 -100.22
C GLN PD 25 68.04 17.50 -101.11
N ILE PD 26 67.84 18.80 -101.30
CA ILE PD 26 66.72 19.34 -102.06
C ILE PD 26 67.28 20.05 -103.28
N PHE PD 27 67.03 19.49 -104.46
CA PHE PD 27 67.39 20.10 -105.73
C PHE PD 27 66.15 20.73 -106.36
N GLU PD 28 66.31 21.93 -106.91
CA GLU PD 28 65.20 22.65 -107.51
C GLU PD 28 65.61 23.15 -108.90
N GLU PD 29 64.70 22.98 -109.86
CA GLU PD 29 64.94 23.39 -111.24
C GLU PD 29 64.74 24.88 -111.38
N LYS PD 30 65.68 25.55 -112.07
CA LYS PD 30 65.63 26.98 -112.29
C LYS PD 30 65.36 27.23 -113.77
N VAL PD 31 64.13 27.66 -114.07
CA VAL PD 31 63.75 27.99 -115.44
C VAL PD 31 63.05 29.35 -115.45
N GLY PD 32 62.01 29.48 -114.61
CA GLY PD 32 61.27 30.71 -114.51
C GLY PD 32 60.65 30.89 -113.13
N PRO PD 33 59.37 30.55 -113.01
CA PRO PD 33 58.71 30.64 -111.70
C PRO PD 33 59.21 29.55 -110.78
N LEU PD 34 59.76 29.95 -109.63
CA LEU PD 34 60.32 28.98 -108.70
C LEU PD 34 59.23 28.17 -108.01
N VAL PD 35 58.08 28.79 -107.74
CA VAL PD 35 56.98 28.07 -107.10
C VAL PD 35 56.31 27.17 -108.14
N GLY PD 36 56.00 25.95 -107.73
CA GLY PD 36 55.37 24.99 -108.62
C GLY PD 36 56.26 24.57 -109.76
N ARG PD 37 57.46 24.07 -109.43
CA ARG PD 37 58.41 23.64 -110.45
C ARG PD 37 58.84 22.20 -110.20
N LEU PD 38 60.07 21.87 -110.61
CA LEU PD 38 60.61 20.52 -110.46
C LEU PD 38 61.49 20.48 -109.22
N ARG PD 39 61.18 19.57 -108.30
CA ARG PD 39 61.95 19.41 -107.08
C ARG PD 39 62.33 17.94 -106.89
N LEU PD 40 63.47 17.72 -106.25
CA LEU PD 40 64.00 16.39 -106.02
C LEU PD 40 64.53 16.30 -104.59
N THR PD 41 64.07 15.30 -103.85
CA THR PD 41 64.47 15.08 -102.47
C THR PD 41 65.27 13.78 -102.40
N ALA PD 42 66.48 13.86 -101.86
CA ALA PD 42 67.36 12.71 -101.70
C ALA PD 42 67.70 12.52 -100.23
N SER PD 43 67.72 11.26 -99.78
CA SER PD 43 68.03 10.95 -98.39
C SER PD 43 68.82 9.65 -98.35
N LEU PD 44 69.80 9.59 -97.45
CA LEU PD 44 70.63 8.41 -97.25
C LEU PD 44 70.78 8.17 -95.76
N ARG PD 45 70.64 6.90 -95.34
CA ARG PD 45 70.74 6.57 -93.92
C ARG PD 45 71.20 5.13 -93.78
N GLN PD 46 71.18 4.62 -92.55
CA GLN PD 46 71.51 3.25 -92.22
C GLN PD 46 70.25 2.51 -91.77
N ASN PD 47 70.43 1.38 -91.10
CA ASN PD 47 69.31 0.58 -90.62
C ASN PD 47 69.80 -0.40 -89.58
N GLY PD 48 68.89 -0.78 -88.69
CA GLY PD 48 69.16 -1.81 -87.70
C GLY PD 48 70.44 -1.63 -86.91
N ALA PD 49 71.36 -2.59 -87.04
CA ALA PD 49 72.63 -2.55 -86.32
C ALA PD 49 73.77 -2.51 -87.33
N LYS PD 50 73.84 -1.43 -88.11
CA LYS PD 50 74.91 -1.20 -89.09
C LYS PD 50 75.00 -2.35 -90.08
N THR PD 51 73.86 -2.90 -90.47
CA THR PD 51 73.83 -3.99 -91.45
C THR PD 51 73.80 -3.44 -92.88
N ALA PD 52 72.64 -2.97 -93.31
CA ALA PD 52 72.49 -2.44 -94.67
C ALA PD 52 72.33 -0.92 -94.64
N TYR PD 53 71.74 -0.37 -95.70
CA TYR PD 53 71.51 1.07 -95.81
C TYR PD 53 70.12 1.31 -96.38
N ARG PD 54 69.74 2.58 -96.45
CA ARG PD 54 68.44 2.98 -96.96
C ARG PD 54 68.59 4.28 -97.73
N VAL PD 55 68.19 4.27 -99.00
CA VAL PD 55 68.25 5.43 -99.87
C VAL PD 55 66.84 5.75 -100.35
N ASN PD 56 66.47 7.03 -100.26
CA ASN PD 56 65.16 7.49 -100.68
C ASN PD 56 65.33 8.61 -101.69
N LEU PD 57 64.60 8.50 -102.81
CA LEU PD 57 64.65 9.48 -103.88
C LEU PD 57 63.24 9.79 -104.32
N LYS PD 58 62.82 11.04 -104.15
CA LYS PD 58 61.49 11.49 -104.54
C LYS PD 58 61.61 12.63 -105.54
N LEU PD 59 60.71 12.65 -106.53
CA LEU PD 59 60.71 13.67 -107.57
C LEU PD 59 59.29 14.20 -107.70
N ASP PD 60 59.13 15.51 -107.47
CA ASP PD 60 57.83 16.15 -107.52
C ASP PD 60 57.83 17.26 -108.57
N GLN PD 61 56.66 17.47 -109.18
CA GLN PD 61 56.50 18.52 -110.17
C GLN PD 61 55.02 18.89 -110.25
N ALA PD 62 54.69 20.10 -109.82
CA ALA PD 62 53.31 20.58 -109.81
C ALA PD 62 53.11 21.59 -110.93
N ASP PD 63 52.07 21.39 -111.74
CA ASP PD 63 51.77 22.29 -112.83
C ASP PD 63 51.12 23.56 -112.30
N VAL PD 64 51.34 24.66 -113.02
CA VAL PD 64 50.81 25.97 -112.63
C VAL PD 64 49.95 26.50 -113.78
N VAL PD 65 49.04 27.40 -113.43
CA VAL PD 65 48.16 28.05 -114.39
C VAL PD 65 48.09 29.54 -114.07
N ASP PD 66 47.82 30.34 -115.09
CA ASP PD 66 47.77 31.79 -114.95
C ASP PD 66 46.76 32.35 -115.94
N CYS PD 67 46.06 33.40 -115.52
CA CYS PD 67 45.04 34.06 -116.34
C CYS PD 67 45.35 35.52 -116.62
N SER PD 68 46.56 35.99 -116.32
CA SER PD 68 46.89 37.39 -116.56
C SER PD 68 46.98 37.73 -118.04
N THR PD 69 47.02 36.72 -118.91
CA THR PD 69 47.09 36.98 -120.34
C THR PD 69 45.76 37.50 -120.88
N SER PD 70 44.64 37.04 -120.32
CA SER PD 70 43.33 37.46 -120.78
C SER PD 70 42.53 38.11 -119.65
N VAL PD 71 42.37 37.39 -118.55
CA VAL PD 71 41.62 37.89 -117.40
C VAL PD 71 42.46 38.97 -116.72
N CYS PD 72 41.79 40.01 -116.22
CA CYS PD 72 42.51 41.10 -115.59
C CYS PD 72 42.66 40.90 -114.10
N GLY PD 73 43.13 39.71 -113.70
CA GLY PD 73 43.64 39.54 -112.35
C GLY PD 73 43.57 38.12 -111.82
N GLU PD 74 44.69 37.41 -111.87
CA GLU PD 74 44.76 36.05 -111.34
C GLU PD 74 46.22 35.68 -111.15
N LEU PD 75 46.62 35.42 -109.91
CA LEU PD 75 48.00 35.04 -109.63
C LEU PD 75 48.25 33.61 -110.10
N PRO PD 76 49.51 33.27 -110.40
CA PRO PD 76 49.83 31.88 -110.78
C PRO PD 76 49.45 30.91 -109.68
N LYS PD 77 48.55 29.99 -110.01
CA LYS PD 77 47.99 29.04 -109.06
C LYS PD 77 48.36 27.62 -109.47
N VAL PD 78 48.78 26.82 -108.47
CA VAL PD 78 49.12 25.43 -108.74
C VAL PD 78 47.84 24.62 -108.98
N ARG PD 79 47.97 23.54 -109.75
CA ARG PD 79 46.84 22.69 -110.08
C ARG PD 79 47.01 21.38 -109.34
N TYR PD 80 47.57 20.35 -109.95
CA TYR PD 80 47.75 19.05 -109.33
C TYR PD 80 49.19 18.87 -108.87
N THR PD 81 49.42 17.81 -108.11
CA THR PD 81 50.73 17.47 -107.58
C THR PD 81 51.02 16.00 -107.84
N GLN PD 82 52.22 15.70 -108.32
CA GLN PD 82 52.65 14.34 -108.61
C GLN PD 82 53.80 13.96 -107.70
N VAL PD 83 53.72 12.76 -107.13
CA VAL PD 83 54.74 12.25 -106.20
C VAL PD 83 55.26 10.93 -106.74
N TRP PD 84 56.58 10.84 -106.91
CA TRP PD 84 57.26 9.63 -107.39
C TRP PD 84 58.45 9.37 -106.48
N SER PD 85 58.21 8.61 -105.42
CA SER PD 85 59.25 8.27 -104.45
C SER PD 85 59.92 6.95 -104.82
N HIS PD 86 61.04 6.68 -104.15
CA HIS PD 86 61.80 5.46 -104.36
C HIS PD 86 62.24 4.89 -103.02
N ASP PD 87 62.86 3.71 -103.06
CA ASP PD 87 63.34 3.05 -101.86
C ASP PD 87 64.43 2.07 -102.26
N VAL PD 88 65.65 2.32 -101.83
CA VAL PD 88 66.80 1.47 -102.15
C VAL PD 88 67.30 0.85 -100.86
N THR PD 89 67.25 -0.48 -100.78
CA THR PD 89 67.71 -1.24 -99.63
C THR PD 89 68.78 -2.22 -100.11
N ILE PD 90 70.01 -1.74 -100.24
CA ILE PD 90 71.14 -2.53 -100.70
C ILE PD 90 72.14 -2.67 -99.56
N VAL PD 91 72.51 -3.91 -99.23
CA VAL PD 91 73.47 -4.14 -98.17
C VAL PD 91 74.87 -3.78 -98.63
N ALA PD 92 75.74 -3.47 -97.68
CA ALA PD 92 77.11 -3.07 -98.01
C ALA PD 92 77.90 -4.25 -98.58
N ASN PD 93 78.00 -5.35 -97.83
CA ASN PD 93 78.72 -6.53 -98.27
C ASN PD 93 77.88 -7.27 -99.30
N SER PD 94 77.94 -6.78 -100.54
CA SER PD 94 77.20 -7.40 -101.63
C SER PD 94 78.14 -7.81 -102.75
N THR PD 95 77.77 -7.52 -104.00
CA THR PD 95 78.59 -7.85 -105.15
C THR PD 95 78.50 -6.74 -106.18
N GLU PD 96 79.67 -6.27 -106.64
CA GLU PD 96 79.68 -5.19 -107.62
C GLU PD 96 79.08 -5.64 -108.95
N ALA PD 97 79.39 -6.86 -109.39
CA ALA PD 97 78.82 -7.38 -110.62
C ALA PD 97 77.31 -7.52 -110.52
N SER PD 98 76.83 -8.03 -109.37
CA SER PD 98 75.38 -8.16 -109.19
C SER PD 98 74.70 -6.80 -109.16
N ARG PD 99 75.32 -5.82 -108.51
CA ARG PD 99 74.75 -4.47 -108.48
C ARG PD 99 74.71 -3.87 -109.88
N LYS PD 100 75.76 -4.06 -110.67
CA LYS PD 100 75.79 -3.56 -112.03
C LYS PD 100 74.72 -4.23 -112.89
N SER PD 101 74.56 -5.54 -112.74
CA SER PD 101 73.52 -6.25 -113.49
C SER PD 101 72.13 -5.77 -113.10
N LEU PD 102 71.91 -5.54 -111.80
CA LEU PD 102 70.61 -5.05 -111.35
C LEU PD 102 70.34 -3.65 -111.89
N TYR PD 103 71.37 -2.78 -111.89
CA TYR PD 103 71.20 -1.44 -112.44
C TYR PD 103 70.91 -1.49 -113.93
N ASP PD 104 71.59 -2.38 -114.66
CA ASP PD 104 71.32 -2.51 -116.09
C ASP PD 104 69.90 -3.03 -116.35
N LEU PD 105 69.45 -3.98 -115.54
CA LEU PD 105 68.09 -4.48 -115.69
C LEU PD 105 67.06 -3.40 -115.39
N THR PD 106 67.31 -2.59 -114.36
CA THR PD 106 66.40 -1.49 -114.05
C THR PD 106 66.38 -0.46 -115.18
N LYS PD 107 67.55 -0.14 -115.74
CA LYS PD 107 67.61 0.80 -116.85
C LYS PD 107 66.87 0.27 -118.06
N SER PD 108 67.00 -1.02 -118.34
CA SER PD 108 66.29 -1.62 -119.47
C SER PD 108 64.79 -1.60 -119.25
N LEU PD 109 64.35 -1.93 -118.03
CA LEU PD 109 62.92 -1.90 -117.72
C LEU PD 109 62.36 -0.48 -117.79
N VAL PD 110 63.17 0.52 -117.45
CA VAL PD 110 62.71 1.90 -117.54
C VAL PD 110 62.64 2.35 -119.00
N ALA PD 111 63.64 1.99 -119.80
CA ALA PD 111 63.70 2.41 -121.19
C ALA PD 111 62.80 1.59 -122.11
N THR PD 112 62.24 0.49 -121.63
CA THR PD 112 61.37 -0.33 -122.46
C THR PD 112 60.07 0.44 -122.78
N SER PD 113 59.36 -0.06 -123.78
CA SER PD 113 58.13 0.57 -124.25
C SER PD 113 56.90 0.15 -123.45
N GLN PD 114 57.01 -0.89 -122.62
CA GLN PD 114 55.88 -1.35 -121.83
C GLN PD 114 55.54 -0.40 -120.69
N VAL PD 115 56.55 0.09 -119.97
CA VAL PD 115 56.29 1.04 -118.89
C VAL PD 115 55.77 2.36 -119.44
N GLU PD 116 56.25 2.77 -120.61
CA GLU PD 116 55.73 3.99 -121.23
C GLU PD 116 54.25 3.85 -121.56
N ASP PD 117 53.84 2.71 -122.09
CA ASP PD 117 52.43 2.48 -122.37
C ASP PD 117 51.62 2.40 -121.09
N LEU PD 118 52.16 1.75 -120.06
CA LEU PD 118 51.48 1.68 -118.77
C LEU PD 118 51.28 3.08 -118.17
N VAL PD 119 52.24 3.98 -118.40
CA VAL PD 119 52.12 5.33 -117.86
C VAL PD 119 51.13 6.15 -118.68
N VAL PD 120 51.22 6.08 -120.01
CA VAL PD 120 50.39 6.91 -120.88
C VAL PD 120 48.97 6.36 -120.93
N ASN PD 121 48.80 5.20 -121.57
CA ASN PD 121 47.47 4.66 -121.81
C ASN PD 121 46.86 3.98 -120.59
N LEU PD 122 47.57 3.95 -119.46
CA LEU PD 122 47.06 3.35 -118.22
C LEU PD 122 46.70 1.88 -118.40
N VAL PD 123 47.36 1.21 -119.34
CA VAL PD 123 47.12 -0.21 -119.61
C VAL PD 123 48.06 -1.04 -118.73
N PRO PD 124 47.56 -2.06 -118.04
CA PRO PD 124 48.43 -2.85 -117.17
C PRO PD 124 49.58 -3.49 -117.96
N LEU PD 125 50.74 -3.58 -117.30
CA LEU PD 125 51.94 -4.10 -117.93
C LEU PD 125 51.77 -5.59 -118.22
N GLY PD 126 51.84 -5.97 -119.49
CA GLY PD 126 51.69 -7.35 -119.89
C GLY PD 126 51.70 -7.55 -121.39
N ARG PD 127 52.86 -7.42 -122.01
CA ARG PD 127 53.00 -7.59 -123.45
C ARG PD 127 53.81 -8.83 -123.79
N SER QD 1 48.88 -6.26 -127.58
CA SER QD 1 47.50 -6.03 -127.16
C SER QD 1 46.52 -6.45 -128.25
N LYS QD 2 45.38 -5.77 -128.30
CA LYS QD 2 44.30 -6.11 -129.22
C LYS QD 2 43.63 -4.82 -129.67
N THR QD 3 43.65 -4.58 -130.98
CA THR QD 3 43.09 -3.36 -131.56
C THR QD 3 41.83 -3.68 -132.35
N ILE QD 4 40.83 -2.81 -132.23
CA ILE QD 4 39.56 -2.95 -132.93
C ILE QD 4 39.30 -1.66 -133.70
N VAL QD 5 39.11 -1.76 -135.01
CA VAL QD 5 38.88 -0.62 -135.87
C VAL QD 5 37.40 -0.54 -136.20
N LEU QD 6 36.79 0.61 -135.93
CA LEU QD 6 35.37 0.85 -136.20
C LEU QD 6 35.25 1.99 -137.19
N SER QD 7 34.49 1.77 -138.26
CA SER QD 7 34.29 2.76 -139.31
C SER QD 7 32.95 3.45 -139.09
N VAL QD 8 32.99 4.77 -138.86
CA VAL QD 8 31.77 5.55 -138.65
C VAL QD 8 31.23 6.15 -139.94
N GLY QD 9 32.02 6.15 -141.01
CA GLY QD 9 31.59 6.74 -142.26
C GLY QD 9 32.66 7.60 -142.90
N GLU QD 10 33.24 8.50 -142.10
CA GLU QD 10 34.30 9.37 -142.56
C GLU QD 10 35.60 9.24 -141.76
N ALA QD 11 35.54 8.73 -140.54
CA ALA QD 11 36.72 8.54 -139.70
C ALA QD 11 36.72 7.12 -139.15
N THR QD 12 37.87 6.70 -138.64
CA THR QD 12 38.05 5.36 -138.09
C THR QD 12 38.48 5.50 -136.63
N ARG QD 13 37.74 4.85 -135.73
CA ARG QD 13 38.06 4.84 -134.32
C ARG QD 13 38.76 3.55 -133.94
N THR QD 14 39.66 3.65 -132.97
CA THR QD 14 40.48 2.52 -132.54
C THR QD 14 40.25 2.26 -131.07
N LEU QD 15 39.86 1.03 -130.74
CA LEU QD 15 39.69 0.58 -129.37
C LEU QD 15 40.81 -0.38 -129.02
N THR QD 16 41.41 -0.21 -127.84
CA THR QD 16 42.55 -0.98 -127.40
C THR QD 16 42.18 -1.81 -126.17
N GLU QD 17 42.65 -3.05 -126.15
CA GLU QD 17 42.45 -3.92 -125.00
C GLU QD 17 43.25 -3.40 -123.81
N ILE QD 18 42.57 -3.25 -122.68
CA ILE QD 18 43.13 -2.72 -121.45
C ILE QD 18 43.32 -3.83 -120.42
N GLN QD 19 42.24 -4.48 -120.05
CA GLN QD 19 42.16 -5.39 -118.90
C GLN QD 19 41.91 -6.79 -119.44
N SER QD 20 42.96 -7.46 -119.89
CA SER QD 20 42.85 -8.78 -120.50
C SER QD 20 42.63 -9.82 -119.41
N THR QD 21 41.40 -10.32 -119.30
CA THR QD 21 41.04 -11.36 -118.37
C THR QD 21 39.96 -12.23 -118.99
N ALA QD 22 39.91 -13.50 -118.57
CA ALA QD 22 38.97 -14.45 -119.17
C ALA QD 22 37.53 -14.08 -118.85
N ASP QD 23 37.21 -13.91 -117.56
CA ASP QD 23 35.85 -13.64 -117.14
C ASP QD 23 35.43 -12.19 -117.33
N ARG QD 24 36.33 -11.30 -117.75
CA ARG QD 24 35.99 -9.90 -117.94
C ARG QD 24 37.03 -9.28 -118.88
N GLN QD 25 36.60 -8.94 -120.10
CA GLN QD 25 37.44 -8.27 -121.07
C GLN QD 25 36.99 -6.82 -121.20
N ILE QD 26 37.90 -5.89 -120.97
CA ILE QD 26 37.60 -4.46 -120.95
C ILE QD 26 38.38 -3.81 -122.09
N PHE QD 27 37.65 -3.35 -123.12
CA PHE QD 27 38.23 -2.60 -124.21
C PHE QD 27 37.95 -1.12 -124.03
N GLU QD 28 38.95 -0.29 -124.29
CA GLU QD 28 38.84 1.15 -124.12
C GLU QD 28 39.32 1.87 -125.37
N GLU QD 29 38.55 2.88 -125.79
CA GLU QD 29 38.88 3.63 -127.00
C GLU QD 29 39.95 4.67 -126.69
N LYS QD 30 40.96 4.75 -127.55
CA LYS QD 30 42.07 5.69 -127.39
C LYS QD 30 41.95 6.76 -128.46
N VAL QD 31 41.55 7.97 -128.05
CA VAL QD 31 41.45 9.11 -128.95
C VAL QD 31 42.13 10.31 -128.31
N GLY QD 32 41.72 10.64 -127.09
CA GLY QD 32 42.29 11.75 -126.36
C GLY QD 32 42.21 11.55 -124.86
N PRO QD 33 41.22 12.15 -124.22
CA PRO QD 33 41.03 11.96 -122.78
C PRO QD 33 40.55 10.55 -122.49
N LEU QD 34 41.32 9.81 -121.67
CA LEU QD 34 40.96 8.44 -121.36
C LEU QD 34 39.74 8.37 -120.45
N VAL QD 35 39.60 9.33 -119.53
CA VAL QD 35 38.44 9.33 -118.64
C VAL QD 35 37.22 9.82 -119.41
N GLY QD 36 36.09 9.15 -119.20
CA GLY QD 36 34.86 9.50 -119.88
C GLY QD 36 34.93 9.26 -121.38
N ARG QD 37 35.25 8.04 -121.77
CA ARG QD 37 35.35 7.69 -123.19
C ARG QD 37 34.47 6.49 -123.51
N LEU QD 38 34.86 5.72 -124.52
CA LEU QD 38 34.12 4.54 -124.96
C LEU QD 38 34.74 3.30 -124.33
N ARG QD 39 33.91 2.54 -123.60
CA ARG QD 39 34.36 1.31 -122.95
C ARG QD 39 33.41 0.17 -123.32
N LEU QD 40 33.97 -1.04 -123.36
CA LEU QD 40 33.23 -2.23 -123.72
C LEU QD 40 33.62 -3.36 -122.78
N THR QD 41 32.62 -3.99 -122.17
CA THR QD 41 32.82 -5.09 -121.23
C THR QD 41 32.24 -6.37 -121.84
N ALA QD 42 33.07 -7.40 -121.93
CA ALA QD 42 32.66 -8.69 -122.47
C ALA QD 42 32.87 -9.78 -121.42
N SER QD 43 31.91 -10.70 -121.35
CA SER QD 43 31.99 -11.79 -120.39
C SER QD 43 31.40 -13.05 -121.02
N LEU QD 44 32.02 -14.19 -120.73
CA LEU QD 44 31.57 -15.48 -121.22
C LEU QD 44 31.62 -16.48 -120.08
N ARG QD 45 30.57 -17.29 -119.95
CA ARG QD 45 30.51 -18.26 -118.87
C ARG QD 45 29.63 -19.44 -119.30
N GLN QD 46 29.33 -20.33 -118.35
CA GLN QD 46 28.46 -21.47 -118.55
C GLN QD 46 27.18 -21.26 -117.74
N ASN QD 47 26.44 -22.35 -117.51
CA ASN QD 47 25.19 -22.28 -116.77
C ASN QD 47 24.80 -23.68 -116.34
N GLY QD 48 24.05 -23.76 -115.24
CA GLY QD 48 23.48 -24.99 -114.76
C GLY QD 48 24.44 -26.15 -114.63
N ALA QD 49 24.20 -27.22 -115.40
CA ALA QD 49 25.05 -28.39 -115.39
C ALA QD 49 25.64 -28.63 -116.78
N LYS QD 50 26.46 -27.67 -117.22
CA LYS QD 50 27.17 -27.75 -118.50
C LYS QD 50 26.20 -27.94 -119.67
N THR QD 51 25.05 -27.27 -119.58
CA THR QD 51 24.05 -27.34 -120.65
C THR QD 51 24.33 -26.29 -121.72
N ALA QD 52 23.99 -25.03 -121.44
CA ALA QD 52 24.19 -23.96 -122.40
C ALA QD 52 25.32 -23.03 -121.96
N TYR QD 53 25.31 -21.80 -122.45
CA TYR QD 53 26.32 -20.82 -122.10
C TYR QD 53 25.64 -19.47 -121.87
N ARG QD 54 26.45 -18.48 -121.46
CA ARG QD 54 25.96 -17.14 -121.20
C ARG QD 54 27.01 -16.14 -121.63
N VAL QD 55 26.63 -15.22 -122.52
CA VAL QD 55 27.52 -14.18 -123.02
C VAL QD 55 26.91 -12.84 -122.69
N ASN QD 56 27.74 -11.94 -122.14
CA ASN QD 56 27.29 -10.60 -121.77
C ASN QD 56 28.18 -9.58 -122.45
N LEU QD 57 27.55 -8.59 -123.10
CA LEU QD 57 28.26 -7.54 -123.82
C LEU QD 57 27.64 -6.19 -123.44
N LYS QD 58 28.43 -5.33 -122.82
CA LYS QD 58 27.98 -4.00 -122.41
C LYS QD 58 28.85 -2.95 -123.06
N LEU QD 59 28.24 -1.84 -123.48
CA LEU QD 59 28.96 -0.74 -124.12
C LEU QD 59 28.55 0.56 -123.45
N ASP QD 60 29.52 1.26 -122.87
CA ASP QD 60 29.28 2.49 -122.15
C ASP QD 60 30.06 3.63 -122.78
N GLN QD 61 29.51 4.84 -122.70
CA GLN QD 61 30.15 6.03 -123.23
C GLN QD 61 29.57 7.24 -122.51
N ALA QD 62 30.40 7.91 -121.72
CA ALA QD 62 29.98 9.08 -120.94
C ALA QD 62 30.57 10.34 -121.57
N ASP QD 63 29.71 11.32 -121.83
CA ASP QD 63 30.15 12.59 -122.40
C ASP QD 63 30.86 13.43 -121.34
N VAL QD 64 31.79 14.26 -121.81
CA VAL QD 64 32.56 15.12 -120.93
C VAL QD 64 32.38 16.57 -121.38
N VAL QD 65 32.62 17.49 -120.44
CA VAL QD 65 32.53 18.91 -120.70
C VAL QD 65 33.71 19.60 -120.04
N ASP QD 66 34.10 20.75 -120.60
CA ASP QD 66 35.25 21.50 -120.12
C ASP QD 66 35.02 22.99 -120.36
N CYS QD 67 35.50 23.81 -119.41
CA CYS QD 67 35.34 25.25 -119.50
C CYS QD 67 36.68 25.99 -119.55
N SER QD 68 37.79 25.30 -119.76
CA SER QD 68 39.09 25.96 -119.78
C SER QD 68 39.26 26.85 -121.01
N THR QD 69 38.38 26.72 -122.01
CA THR QD 69 38.48 27.56 -123.20
C THR QD 69 38.06 28.99 -122.92
N SER QD 70 37.10 29.20 -122.02
CA SER QD 70 36.63 30.53 -121.69
C SER QD 70 36.80 30.82 -120.20
N VAL QD 71 36.24 29.97 -119.36
CA VAL QD 71 36.33 30.15 -117.91
C VAL QD 71 37.76 29.84 -117.47
N CYS QD 72 38.26 30.57 -116.48
CA CYS QD 72 39.64 30.34 -116.10
C CYS QD 72 39.74 29.39 -114.91
N GLY QD 73 39.08 28.24 -115.04
CA GLY QD 73 39.37 27.12 -114.18
C GLY QD 73 38.23 26.12 -114.03
N GLU QD 74 38.31 25.01 -114.76
CA GLU QD 74 37.31 23.96 -114.66
C GLU QD 74 37.89 22.70 -115.27
N LEU QD 75 38.04 21.64 -114.46
CA LEU QD 75 38.56 20.38 -114.95
C LEU QD 75 37.51 19.68 -115.81
N PRO QD 76 37.94 18.82 -116.73
CA PRO QD 76 36.97 18.04 -117.52
C PRO QD 76 36.07 17.20 -116.63
N LYS QD 77 34.76 17.47 -116.71
CA LYS QD 77 33.78 16.83 -115.85
C LYS QD 77 32.81 16.01 -116.70
N VAL QD 78 32.51 14.80 -116.23
CA VAL QD 78 31.56 13.95 -116.94
C VAL QD 78 30.14 14.47 -116.73
N ARG QD 79 29.27 14.19 -117.70
CA ARG QD 79 27.89 14.65 -117.64
C ARG QD 79 27.00 13.44 -117.39
N TYR QD 80 26.44 12.82 -118.42
CA TYR QD 80 25.56 11.68 -118.27
C TYR QD 80 26.30 10.39 -118.60
N THR QD 81 25.65 9.27 -118.31
CA THR QD 81 26.21 7.94 -118.56
C THR QD 81 25.16 7.08 -119.24
N GLN QD 82 25.57 6.37 -120.29
CA GLN QD 82 24.70 5.50 -121.05
C GLN QD 82 25.16 4.05 -120.91
N VAL QD 83 24.20 3.16 -120.66
CA VAL QD 83 24.48 1.74 -120.46
C VAL QD 83 23.66 0.95 -121.47
N TRP QD 84 24.34 0.11 -122.26
CA TRP QD 84 23.71 -0.74 -123.27
C TRP QD 84 24.28 -2.15 -123.12
N SER QD 85 23.65 -2.96 -122.28
CA SER QD 85 24.08 -4.33 -122.02
C SER QD 85 23.37 -5.30 -122.95
N HIS QD 86 23.88 -6.53 -122.97
CA HIS QD 86 23.31 -7.59 -123.80
C HIS QD 86 23.25 -8.89 -122.99
N ASP QD 87 22.65 -9.90 -123.59
CA ASP QD 87 22.53 -11.21 -122.95
C ASP QD 87 22.33 -12.25 -124.03
N VAL QD 88 23.29 -13.15 -124.18
CA VAL QD 88 23.25 -14.21 -125.19
C VAL QD 88 23.17 -15.55 -124.47
N THR QD 89 22.08 -16.28 -124.69
CA THR QD 89 21.85 -17.59 -124.09
C THR QD 89 21.63 -18.58 -125.23
N ILE QD 90 22.72 -19.07 -125.81
CA ILE QD 90 22.69 -20.02 -126.93
C ILE QD 90 23.29 -21.34 -126.45
N VAL QD 91 22.54 -22.42 -126.64
CA VAL QD 91 23.02 -23.74 -126.24
C VAL QD 91 24.08 -24.22 -127.21
N ALA QD 92 24.93 -25.13 -126.74
CA ALA QD 92 26.01 -25.64 -127.57
C ALA QD 92 25.47 -26.51 -128.70
N ASN QD 93 24.72 -27.56 -128.35
CA ASN QD 93 24.14 -28.47 -129.35
C ASN QD 93 22.95 -27.79 -130.00
N SER QD 94 23.24 -26.92 -130.97
CA SER QD 94 22.21 -26.20 -131.69
C SER QD 94 22.30 -26.47 -133.19
N THR QD 95 22.20 -25.43 -134.00
CA THR QD 95 22.28 -25.56 -135.45
C THR QD 95 23.02 -24.37 -136.03
N GLU QD 96 24.03 -24.63 -136.85
CA GLU QD 96 24.81 -23.56 -137.46
C GLU QD 96 23.95 -22.72 -138.40
N ALA QD 97 23.11 -23.37 -139.20
CA ALA QD 97 22.23 -22.63 -140.11
C ALA QD 97 21.24 -21.77 -139.33
N SER QD 98 20.67 -22.31 -138.25
CA SER QD 98 19.75 -21.53 -137.44
C SER QD 98 20.45 -20.35 -136.79
N ARG QD 99 21.67 -20.56 -136.29
CA ARG QD 99 22.42 -19.46 -135.69
C ARG QD 99 22.74 -18.38 -136.72
N LYS QD 100 23.11 -18.79 -137.94
CA LYS QD 100 23.39 -17.82 -138.99
C LYS QD 100 22.14 -17.04 -139.38
N SER QD 101 21.00 -17.73 -139.48
CA SER QD 101 19.75 -17.04 -139.79
C SER QD 101 19.36 -16.06 -138.69
N LEU QD 102 19.56 -16.46 -137.43
CA LEU QD 102 19.25 -15.56 -136.32
C LEU QD 102 20.16 -14.34 -136.33
N TYR QD 103 21.45 -14.55 -136.62
CA TYR QD 103 22.39 -13.42 -136.69
C TYR QD 103 22.02 -12.49 -137.84
N ASP QD 104 21.62 -13.04 -138.98
CA ASP QD 104 21.20 -12.21 -140.10
C ASP QD 104 19.95 -11.42 -139.78
N LEU QD 105 18.99 -12.06 -139.09
CA LEU QD 105 17.77 -11.35 -138.70
C LEU QD 105 18.09 -10.22 -137.70
N THR QD 106 18.99 -10.48 -136.75
CA THR QD 106 19.38 -9.45 -135.81
C THR QD 106 20.08 -8.29 -136.53
N LYS QD 107 20.95 -8.60 -137.48
CA LYS QD 107 21.64 -7.56 -138.24
C LYS QD 107 20.65 -6.72 -139.05
N SER QD 108 19.66 -7.39 -139.64
CA SER QD 108 18.65 -6.65 -140.41
C SER QD 108 17.81 -5.76 -139.50
N LEU QD 109 17.41 -6.27 -138.33
CA LEU QD 109 16.64 -5.47 -137.39
C LEU QD 109 17.45 -4.29 -136.87
N VAL QD 110 18.77 -4.46 -136.72
CA VAL QD 110 19.61 -3.36 -136.27
C VAL QD 110 19.76 -2.32 -137.37
N ALA QD 111 19.98 -2.77 -138.61
CA ALA QD 111 20.21 -1.85 -139.71
C ALA QD 111 18.93 -1.24 -140.27
N THR QD 112 17.76 -1.72 -139.85
CA THR QD 112 16.51 -1.14 -140.33
C THR QD 112 16.34 0.28 -139.81
N SER QD 113 15.42 1.01 -140.45
CA SER QD 113 15.16 2.40 -140.13
C SER QD 113 14.18 2.57 -138.96
N GLN QD 114 13.51 1.50 -138.54
CA GLN QD 114 12.55 1.59 -137.45
C GLN QD 114 13.24 1.75 -136.10
N VAL QD 115 14.30 0.99 -135.85
CA VAL QD 115 15.02 1.12 -134.58
C VAL QD 115 15.72 2.46 -134.50
N GLU QD 116 16.21 2.98 -135.64
CA GLU QD 116 16.83 4.30 -135.63
C GLU QD 116 15.82 5.38 -135.24
N ASP QD 117 14.60 5.29 -135.77
CA ASP QD 117 13.57 6.26 -135.39
C ASP QD 117 13.17 6.09 -133.93
N LEU QD 118 13.06 4.84 -133.47
CA LEU QD 118 12.75 4.59 -132.06
C LEU QD 118 13.82 5.17 -131.14
N VAL QD 119 15.08 5.15 -131.57
CA VAL QD 119 16.16 5.69 -130.75
C VAL QD 119 16.16 7.22 -130.79
N VAL QD 120 16.02 7.80 -131.98
CA VAL QD 120 16.11 9.25 -132.15
C VAL QD 120 14.84 9.92 -131.65
N ASN QD 121 13.74 9.73 -132.37
CA ASN QD 121 12.50 10.43 -132.08
C ASN QD 121 11.72 9.84 -130.91
N LEU QD 122 12.23 8.78 -130.28
CA LEU QD 122 11.59 8.14 -129.13
C LEU QD 122 10.16 7.68 -129.46
N VAL QD 123 9.90 7.35 -130.72
CA VAL QD 123 8.60 6.88 -131.16
C VAL QD 123 8.57 5.36 -131.05
N PRO QD 124 7.52 4.77 -130.46
CA PRO QD 124 7.48 3.32 -130.32
C PRO QD 124 7.56 2.61 -131.66
N LEU QD 125 8.23 1.46 -131.68
CA LEU QD 125 8.45 0.71 -132.91
C LEU QD 125 7.11 0.16 -133.41
N GLY QD 126 6.72 0.55 -134.62
CA GLY QD 126 5.48 0.10 -135.20
C GLY QD 126 5.16 0.76 -136.52
N ARG QD 127 5.89 0.39 -137.58
CA ARG QD 127 5.68 0.94 -138.90
C ARG QD 127 5.10 -0.10 -139.85
N SER RD 1 -0.51 1.49 -131.82
CA SER RD 1 -0.81 2.63 -130.97
C SER RD 1 -2.00 3.42 -131.50
N LYS RD 2 -2.00 4.72 -131.22
CA LYS RD 2 -3.12 5.60 -131.57
C LYS RD 2 -2.54 6.97 -131.93
N THR RD 3 -2.79 7.41 -133.15
CA THR RD 3 -2.27 8.67 -133.66
C THR RD 3 -3.41 9.68 -133.83
N ILE RD 4 -3.13 10.93 -133.48
CA ILE RD 4 -4.09 12.02 -133.59
C ILE RD 4 -3.42 13.14 -134.40
N VAL RD 5 -4.06 13.55 -135.49
CA VAL RD 5 -3.53 14.58 -136.37
C VAL RD 5 -4.29 15.88 -136.10
N LEU RD 6 -3.56 16.94 -135.80
CA LEU RD 6 -4.12 18.26 -135.54
C LEU RD 6 -3.60 19.24 -136.57
N SER RD 7 -4.51 19.97 -137.21
CA SER RD 7 -4.17 20.94 -138.24
C SER RD 7 -4.16 22.33 -137.63
N VAL RD 8 -3.00 22.99 -137.65
CA VAL RD 8 -2.87 24.34 -137.11
C VAL RD 8 -3.08 25.42 -138.16
N GLY RD 9 -3.09 25.06 -139.45
CA GLY RD 9 -3.26 26.03 -140.51
C GLY RD 9 -2.28 25.82 -141.64
N GLU RD 10 -1.00 25.68 -141.29
CA GLU RD 10 0.05 25.42 -142.28
C GLU RD 10 0.84 24.14 -142.04
N ALA RD 11 0.83 23.61 -140.82
CA ALA RD 11 1.51 22.37 -140.50
C ALA RD 11 0.56 21.45 -139.76
N THR RD 12 0.94 20.16 -139.68
CA THR RD 12 0.14 19.14 -139.03
C THR RD 12 0.95 18.52 -137.90
N ARG RD 13 0.39 18.53 -136.70
CA ARG RD 13 1.04 17.94 -135.53
C ARG RD 13 0.45 16.56 -135.26
N THR RD 14 1.29 15.67 -134.75
CA THR RD 14 0.92 14.28 -134.50
C THR RD 14 1.11 13.96 -133.02
N LEU RD 15 0.05 13.50 -132.38
CA LEU RD 15 0.08 13.05 -130.99
C LEU RD 15 -0.04 11.53 -130.96
N THR RD 16 0.79 10.89 -130.14
CA THR RD 16 0.85 9.45 -130.07
C THR RD 16 0.44 8.97 -128.68
N GLU RD 17 -0.35 7.89 -128.64
CA GLU RD 17 -0.73 7.29 -127.38
C GLU RD 17 0.48 6.65 -126.70
N ILE RD 18 0.67 6.97 -125.42
CA ILE RD 18 1.83 6.52 -124.65
C ILE RD 18 1.43 5.57 -123.54
N GLN RD 19 0.45 5.95 -122.72
CA GLN RD 19 0.07 5.23 -121.51
C GLN RD 19 -1.37 4.77 -121.66
N SER RD 20 -1.57 3.67 -122.38
CA SER RD 20 -2.91 3.15 -122.66
C SER RD 20 -3.48 2.49 -121.42
N THR RD 21 -4.42 3.15 -120.76
CA THR RD 21 -5.11 2.61 -119.61
C THR RD 21 -6.54 3.13 -119.61
N ALA RD 22 -7.44 2.36 -119.01
CA ALA RD 22 -8.86 2.71 -119.02
C ALA RD 22 -9.13 3.98 -118.22
N ASP RD 23 -8.69 4.02 -116.97
CA ASP RD 23 -8.97 5.15 -116.10
C ASP RD 23 -8.06 6.34 -116.34
N ARG RD 24 -7.06 6.21 -117.22
CA ARG RD 24 -6.15 7.33 -117.49
C ARG RD 24 -5.50 7.08 -118.85
N GLN RD 25 -5.84 7.91 -119.83
CA GLN RD 25 -5.25 7.86 -121.15
C GLN RD 25 -4.34 9.06 -121.33
N ILE RD 26 -3.06 8.80 -121.63
CA ILE RD 26 -2.04 9.85 -121.74
C ILE RD 26 -1.55 9.88 -123.18
N PHE RD 27 -1.87 10.95 -123.89
CA PHE RD 27 -1.38 11.18 -125.24
C PHE RD 27 -0.25 12.19 -125.20
N GLU RD 28 0.81 11.93 -125.97
CA GLU RD 28 1.98 12.80 -125.99
C GLU RD 28 2.35 13.12 -127.43
N GLU RD 29 2.65 14.40 -127.69
CA GLU RD 29 3.00 14.86 -129.03
C GLU RD 29 4.45 14.51 -129.33
N LYS RD 30 4.70 13.97 -130.52
CA LYS RD 30 6.03 13.59 -130.97
C LYS RD 30 6.48 14.54 -132.06
N VAL RD 31 7.41 15.43 -131.72
CA VAL RD 31 7.97 16.37 -132.69
C VAL RD 31 9.48 16.36 -132.57
N GLY RD 32 9.98 16.57 -131.36
CA GLY RD 32 11.41 16.58 -131.11
C GLY RD 32 11.73 16.16 -129.69
N PRO RD 33 11.97 17.14 -128.82
CA PRO RD 33 12.23 16.82 -127.40
C PRO RD 33 10.97 16.34 -126.71
N LEU RD 34 11.02 15.13 -126.16
CA LEU RD 34 9.84 14.56 -125.52
C LEU RD 34 9.52 15.27 -124.20
N VAL RD 35 10.55 15.70 -123.47
CA VAL RD 35 10.33 16.41 -122.21
C VAL RD 35 9.88 17.83 -122.51
N GLY RD 36 8.88 18.29 -121.77
CA GLY RD 36 8.35 19.63 -121.97
C GLY RD 36 7.66 19.80 -123.30
N ARG RD 37 6.68 18.95 -123.59
CA ARG RD 37 5.96 19.01 -124.85
C ARG RD 37 4.46 19.11 -124.62
N LEU RD 38 3.66 18.60 -125.55
CA LEU RD 38 2.21 18.63 -125.46
C LEU RD 38 1.70 17.29 -124.93
N ARG RD 39 0.95 17.34 -123.83
CA ARG RD 39 0.40 16.15 -123.22
C ARG RD 39 -1.09 16.34 -122.99
N LEU RD 40 -1.82 15.22 -123.05
CA LEU RD 40 -3.27 15.22 -122.89
C LEU RD 40 -3.67 14.05 -122.01
N THR RD 41 -4.43 14.34 -120.96
CA THR RD 41 -4.91 13.34 -120.00
C THR RD 41 -6.42 13.23 -120.13
N ALA RD 42 -6.90 12.00 -120.36
CA ALA RD 42 -8.32 11.73 -120.49
C ALA RD 42 -8.74 10.70 -119.44
N SER RD 43 -9.91 10.92 -118.85
CA SER RD 43 -10.42 10.01 -117.83
C SER RD 43 -11.95 9.93 -117.96
N LEU RD 44 -12.48 8.72 -117.76
CA LEU RD 44 -13.91 8.46 -117.82
C LEU RD 44 -14.30 7.58 -116.64
N ARG RD 45 -15.40 7.93 -115.98
CA ARG RD 45 -15.84 7.17 -114.82
C ARG RD 45 -17.35 7.31 -114.68
N GLN RD 46 -17.88 6.82 -113.56
CA GLN RD 46 -19.28 6.91 -113.21
C GLN RD 46 -19.43 7.84 -112.00
N ASN RD 47 -20.58 7.76 -111.33
CA ASN RD 47 -20.85 8.61 -110.18
C ASN RD 47 -22.03 8.02 -109.40
N GLY RD 48 -22.05 8.31 -108.10
CA GLY RD 48 -23.17 7.95 -107.24
C GLY RD 48 -23.60 6.50 -107.33
N ALA RD 49 -24.84 6.28 -107.75
CA ALA RD 49 -25.40 4.93 -107.88
C ALA RD 49 -25.79 4.68 -109.33
N LYS RD 50 -24.79 4.67 -110.21
CA LYS RD 50 -24.96 4.37 -111.64
C LYS RD 50 -25.97 5.31 -112.28
N THR RD 51 -25.95 6.58 -111.86
CA THR RD 51 -26.85 7.59 -112.43
C THR RD 51 -26.25 8.22 -113.67
N ALA RD 52 -25.29 9.12 -113.49
CA ALA RD 52 -24.66 9.81 -114.61
C ALA RD 52 -23.22 9.33 -114.80
N TYR RD 53 -22.39 10.15 -115.45
CA TYR RD 53 -21.01 9.82 -115.69
C TYR RD 53 -20.15 11.06 -115.44
N ARG RD 54 -18.84 10.88 -115.55
CA ARG RD 54 -17.89 11.96 -115.33
C ARG RD 54 -16.73 11.79 -116.29
N VAL RD 55 -16.48 12.82 -117.10
CA VAL RD 55 -15.39 12.83 -118.07
C VAL RD 55 -14.47 14.00 -117.76
N ASN RD 56 -13.17 13.72 -117.72
CA ASN RD 56 -12.16 14.73 -117.44
C ASN RD 56 -11.15 14.77 -118.57
N LEU RD 57 -10.87 15.97 -119.07
CA LEU RD 57 -9.93 16.17 -120.17
C LEU RD 57 -9.02 17.34 -119.81
N LYS RD 58 -7.72 17.05 -119.69
CA LYS RD 58 -6.72 18.06 -119.36
C LYS RD 58 -5.68 18.12 -120.46
N LEU RD 59 -5.21 19.33 -120.78
CA LEU RD 59 -4.22 19.53 -121.82
C LEU RD 59 -3.12 20.42 -121.26
N ASP RD 60 -1.89 19.91 -121.24
CA ASP RD 60 -0.75 20.62 -120.69
C ASP RD 60 0.33 20.80 -121.76
N GLN RD 61 1.05 21.91 -121.66
CA GLN RD 61 2.15 22.20 -122.59
C GLN RD 61 3.10 23.16 -121.92
N ALA RD 62 4.32 22.70 -121.62
CA ALA RD 62 5.32 23.50 -120.95
C ALA RD 62 6.41 23.90 -121.95
N ASP RD 63 6.71 25.18 -122.00
CA ASP RD 63 7.74 25.69 -122.90
C ASP RD 63 9.12 25.36 -122.36
N VAL RD 64 10.07 25.20 -123.29
CA VAL RD 64 11.45 24.86 -122.94
C VAL RD 64 12.38 25.93 -123.50
N VAL RD 65 13.56 26.03 -122.89
CA VAL RD 65 14.59 26.97 -123.33
C VAL RD 65 15.93 26.26 -123.32
N ASP RD 66 16.84 26.74 -124.15
CA ASP RD 66 18.16 26.15 -124.30
C ASP RD 66 19.17 27.22 -124.66
N CYS RD 67 20.39 27.08 -124.13
CA CYS RD 67 21.46 28.03 -124.37
C CYS RD 67 22.67 27.41 -125.06
N SER RD 68 22.56 26.18 -125.57
CA SER RD 68 23.70 25.54 -126.22
C SER RD 68 24.06 26.20 -127.54
N THR RD 69 23.20 27.07 -128.08
CA THR RD 69 23.51 27.73 -129.33
C THR RD 69 24.58 28.81 -129.15
N SER RD 70 24.60 29.46 -127.99
CA SER RD 70 25.58 30.52 -127.72
C SER RD 70 26.41 30.19 -126.49
N VAL RD 71 25.76 29.94 -125.37
CA VAL RD 71 26.45 29.63 -124.12
C VAL RD 71 27.01 28.22 -124.23
N CYS RD 72 28.20 28.01 -123.66
CA CYS RD 72 28.85 26.71 -123.76
C CYS RD 72 28.49 25.82 -122.59
N GLY RD 73 27.19 25.70 -122.29
CA GLY RD 73 26.73 24.63 -121.44
C GLY RD 73 25.44 24.93 -120.70
N GLU RD 74 24.32 24.41 -121.20
CA GLU RD 74 23.03 24.59 -120.55
C GLU RD 74 22.06 23.57 -121.13
N LEU RD 75 21.57 22.66 -120.28
CA LEU RD 75 20.62 21.66 -120.72
C LEU RD 75 19.25 22.29 -120.97
N PRO RD 76 18.44 21.69 -121.83
CA PRO RD 76 17.07 22.21 -122.05
C PRO RD 76 16.28 22.23 -120.75
N LYS RD 77 15.86 23.42 -120.35
CA LYS RD 77 15.18 23.64 -119.08
C LYS RD 77 13.77 24.15 -119.34
N VAL RD 78 12.79 23.60 -118.60
CA VAL RD 78 11.41 24.04 -118.74
C VAL RD 78 11.24 25.39 -118.08
N ARG RD 79 10.27 26.17 -118.57
CA ARG RD 79 10.01 27.50 -118.05
C ARG RD 79 8.70 27.46 -117.28
N TYR RD 80 7.58 27.80 -117.89
CA TYR RD 80 6.28 27.82 -117.22
C TYR RD 80 5.47 26.58 -117.60
N THR RD 81 4.36 26.40 -116.90
CA THR RD 81 3.47 25.27 -117.12
C THR RD 81 2.04 25.78 -117.20
N GLN RD 82 1.29 25.29 -118.19
CA GLN RD 82 -0.10 25.68 -118.38
C GLN RD 82 -1.00 24.47 -118.20
N VAL RD 83 -2.09 24.66 -117.46
CA VAL RD 83 -3.05 23.60 -117.16
C VAL RD 83 -4.42 24.04 -117.64
N TRP RD 84 -5.06 23.22 -118.47
CA TRP RD 84 -6.39 23.48 -118.99
C TRP RD 84 -7.21 22.19 -118.86
N SER RD 85 -7.87 22.04 -117.72
CA SER RD 85 -8.67 20.86 -117.43
C SER RD 85 -10.13 21.10 -117.84
N HIS RD 86 -10.90 20.01 -117.85
CA HIS RD 86 -12.31 20.05 -118.21
C HIS RD 86 -13.10 19.18 -117.25
N ASP RD 87 -14.42 19.22 -117.38
CA ASP RD 87 -15.31 18.43 -116.54
C ASP RD 87 -16.63 18.26 -117.27
N VAL RD 88 -16.96 17.03 -117.63
CA VAL RD 88 -18.19 16.71 -118.37
C VAL RD 88 -19.06 15.85 -117.46
N THR RD 89 -20.24 16.36 -117.12
CA THR RD 89 -21.20 15.64 -116.28
C THR RD 89 -22.51 15.53 -117.06
N ILE RD 90 -22.58 14.53 -117.94
CA ILE RD 90 -23.75 14.30 -118.77
C ILE RD 90 -24.37 12.96 -118.36
N VAL RD 91 -25.67 12.99 -118.06
CA VAL RD 91 -26.37 11.78 -117.67
C VAL RD 91 -26.60 10.90 -118.88
N ALA RD 92 -26.77 9.59 -118.65
CA ALA RD 92 -26.98 8.66 -119.74
C ALA RD 92 -28.33 8.86 -120.40
N ASN RD 93 -29.41 8.77 -119.63
CA ASN RD 93 -30.76 8.97 -120.15
C ASN RD 93 -31.00 10.45 -120.39
N SER RD 94 -30.49 10.93 -121.53
CA SER RD 94 -30.65 12.34 -121.89
C SER RD 94 -31.36 12.46 -123.24
N THR RD 95 -30.84 13.33 -124.12
CA THR RD 95 -31.42 13.54 -125.43
C THR RD 95 -30.30 13.76 -126.43
N GLU RD 96 -30.33 13.01 -127.54
CA GLU RD 96 -29.30 13.15 -128.56
C GLU RD 96 -29.37 14.52 -129.22
N ALA RD 97 -30.56 15.03 -129.49
CA ALA RD 97 -30.69 16.35 -130.10
C ALA RD 97 -30.20 17.43 -129.16
N SER RD 98 -30.52 17.32 -127.87
CA SER RD 98 -30.04 18.29 -126.90
C SER RD 98 -28.53 18.25 -126.76
N ARG RD 99 -27.95 17.04 -126.78
CA ARG RD 99 -26.50 16.93 -126.70
C ARG RD 99 -25.83 17.52 -127.93
N LYS RD 100 -26.41 17.30 -129.11
CA LYS RD 100 -25.86 17.87 -130.34
C LYS RD 100 -25.96 19.39 -130.32
N SER RD 101 -27.08 19.93 -129.85
CA SER RD 101 -27.22 21.38 -129.76
C SER RD 101 -26.23 21.97 -128.77
N LEU RD 102 -26.02 21.30 -127.63
CA LEU RD 102 -25.05 21.78 -126.65
C LEU RD 102 -23.63 21.75 -127.22
N TYR RD 103 -23.29 20.68 -127.96
CA TYR RD 103 -21.97 20.60 -128.58
C TYR RD 103 -21.79 21.69 -129.62
N ASP RD 104 -22.82 21.97 -130.41
CA ASP RD 104 -22.74 23.03 -131.40
C ASP RD 104 -22.58 24.39 -130.74
N LEU RD 105 -23.31 24.63 -129.64
CA LEU RD 105 -23.17 25.89 -128.92
C LEU RD 105 -21.77 26.04 -128.33
N THR RD 106 -21.21 24.95 -127.78
CA THR RD 106 -19.86 25.01 -127.25
C THR RD 106 -18.84 25.27 -128.36
N LYS RD 107 -19.02 24.62 -129.51
CA LYS RD 107 -18.11 24.86 -130.63
C LYS RD 107 -18.20 26.31 -131.11
N SER RD 108 -19.41 26.87 -131.17
CA SER RD 108 -19.55 28.26 -131.58
C SER RD 108 -18.91 29.21 -130.57
N LEU RD 109 -19.11 28.94 -129.28
CA LEU RD 109 -18.49 29.79 -128.26
C LEU RD 109 -16.97 29.69 -128.29
N VAL RD 110 -16.44 28.52 -128.65
CA VAL RD 110 -14.99 28.36 -128.73
C VAL RD 110 -14.45 29.08 -129.97
N ALA RD 111 -15.14 28.96 -131.10
CA ALA RD 111 -14.69 29.57 -132.35
C ALA RD 111 -14.99 31.06 -132.44
N THR RD 112 -15.78 31.61 -131.53
CA THR RD 112 -16.07 33.03 -131.57
C THR RD 112 -14.82 33.85 -131.27
N SER RD 113 -14.88 35.14 -131.60
CA SER RD 113 -13.76 36.05 -131.43
C SER RD 113 -13.69 36.64 -130.03
N GLN RD 114 -14.72 36.48 -129.21
CA GLN RD 114 -14.71 37.01 -127.86
C GLN RD 114 -13.79 36.24 -126.93
N VAL RD 115 -13.82 34.91 -126.99
CA VAL RD 115 -12.94 34.10 -126.16
C VAL RD 115 -11.48 34.30 -126.58
N GLU RD 116 -11.23 34.47 -127.88
CA GLU RD 116 -9.87 34.72 -128.33
C GLU RD 116 -9.33 36.03 -127.76
N ASP RD 117 -10.17 37.08 -127.75
CA ASP RD 117 -9.74 38.35 -127.15
C ASP RD 117 -9.56 38.22 -125.65
N LEU RD 118 -10.46 37.49 -124.99
CA LEU RD 118 -10.31 37.25 -123.55
C LEU RD 118 -9.02 36.52 -123.22
N VAL RD 119 -8.59 35.62 -124.11
CA VAL RD 119 -7.36 34.87 -123.87
C VAL RD 119 -6.14 35.74 -124.15
N VAL RD 120 -6.14 36.46 -125.27
CA VAL RD 120 -4.99 37.25 -125.69
C VAL RD 120 -4.87 38.52 -124.86
N ASN RD 121 -5.80 39.44 -125.04
CA ASN RD 121 -5.72 40.76 -124.41
C ASN RD 121 -6.14 40.75 -122.96
N LEU RD 122 -6.55 39.60 -122.42
CA LEU RD 122 -6.97 39.48 -121.01
C LEU RD 122 -8.12 40.41 -120.67
N VAL RD 123 -8.94 40.73 -121.66
CA VAL RD 123 -10.10 41.62 -121.48
C VAL RD 123 -11.30 40.74 -121.11
N PRO RD 124 -12.07 41.10 -120.08
CA PRO RD 124 -13.21 40.28 -119.70
C PRO RD 124 -14.22 40.15 -120.83
N LEU RD 125 -14.84 38.98 -120.93
CA LEU RD 125 -15.78 38.68 -122.00
C LEU RD 125 -17.03 39.54 -121.84
N GLY RD 126 -17.31 40.35 -122.85
CA GLY RD 126 -18.47 41.23 -122.81
C GLY RD 126 -18.54 42.16 -124.00
N ARG RD 127 -18.88 41.62 -125.17
CA ARG RD 127 -18.99 42.43 -126.38
C ARG RD 127 -20.43 42.53 -126.85
N SER SD 1 -15.67 47.65 -127.93
CA SER SD 1 -14.92 48.28 -126.85
C SER SD 1 -14.81 49.79 -127.05
N LYS SD 2 -13.71 50.37 -126.56
CA LYS SD 2 -13.50 51.80 -126.59
C LYS SD 2 -12.02 52.07 -126.82
N THR SD 3 -11.70 52.76 -127.92
CA THR SD 3 -10.33 53.04 -128.30
C THR SD 3 -10.03 54.53 -128.13
N ILE SD 4 -8.84 54.83 -127.63
CA ILE SD 4 -8.38 56.21 -127.44
C ILE SD 4 -7.04 56.35 -128.15
N VAL SD 5 -6.96 57.33 -129.05
CA VAL SD 5 -5.76 57.58 -129.84
C VAL SD 5 -5.04 58.79 -129.26
N LEU SD 6 -3.77 58.62 -128.93
CA LEU SD 6 -2.94 59.69 -128.37
C LEU SD 6 -1.77 59.96 -129.31
N SER SD 7 -1.59 61.22 -129.68
CA SER SD 7 -0.52 61.62 -130.59
C SER SD 7 0.65 62.17 -129.77
N VAL SD 8 1.81 61.51 -129.89
CA VAL SD 8 3.00 61.94 -129.18
C VAL SD 8 3.87 62.88 -130.01
N GLY SD 9 3.63 62.98 -131.31
CA GLY SD 9 4.42 63.84 -132.17
C GLY SD 9 4.81 63.15 -133.46
N GLU SD 10 5.31 61.91 -133.36
CA GLU SD 10 5.68 61.13 -134.53
C GLU SD 10 4.96 59.79 -134.61
N ALA SD 11 4.43 59.27 -133.51
CA ALA SD 11 3.71 58.00 -133.49
C ALA SD 11 2.39 58.19 -132.76
N THR SD 12 1.49 57.24 -132.94
CA THR SD 12 0.15 57.27 -132.33
C THR SD 12 -0.01 56.04 -131.46
N ARG SD 13 -0.35 56.26 -130.20
CA ARG SD 13 -0.59 55.18 -129.25
C ARG SD 13 -2.08 54.94 -129.10
N THR SD 14 -2.45 53.68 -128.88
CA THR SD 14 -3.85 53.26 -128.78
C THR SD 14 -4.10 52.62 -127.42
N LEU SD 15 -5.06 53.16 -126.68
CA LEU SD 15 -5.49 52.61 -125.42
C LEU SD 15 -6.87 51.97 -125.59
N THR SD 16 -7.04 50.78 -125.03
CA THR SD 16 -8.26 50.00 -125.19
C THR SD 16 -8.94 49.82 -123.85
N GLU SD 17 -10.27 49.95 -123.85
CA GLU SD 17 -11.05 49.70 -122.63
C GLU SD 17 -11.01 48.23 -122.27
N ILE SD 18 -10.66 47.96 -121.01
CA ILE SD 18 -10.51 46.62 -120.48
C ILE SD 18 -11.64 46.26 -119.54
N GLN SD 19 -11.83 47.05 -118.50
CA GLN SD 19 -12.70 46.74 -117.37
C GLN SD 19 -13.83 47.77 -117.35
N SER SD 20 -14.83 47.57 -118.18
CA SER SD 20 -15.94 48.51 -118.33
C SER SD 20 -16.87 48.38 -117.12
N THR SD 21 -16.81 49.37 -116.22
CA THR SD 21 -17.68 49.43 -115.07
C THR SD 21 -17.96 50.90 -114.76
N ALA SD 22 -19.11 51.15 -114.14
CA ALA SD 22 -19.53 52.52 -113.87
C ALA SD 22 -18.61 53.20 -112.86
N ASP SD 23 -18.42 52.57 -111.70
CA ASP SD 23 -17.64 53.17 -110.63
C ASP SD 23 -16.13 53.04 -110.83
N ARG SD 24 -15.69 52.33 -111.87
CA ARG SD 24 -14.26 52.16 -112.11
C ARG SD 24 -14.07 51.77 -113.57
N GLN SD 25 -13.49 52.69 -114.35
CA GLN SD 25 -13.16 52.45 -115.76
C GLN SD 25 -11.66 52.30 -115.89
N ILE SD 26 -11.22 51.17 -116.42
CA ILE SD 26 -9.80 50.83 -116.53
C ILE SD 26 -9.44 50.75 -118.01
N PHE SD 27 -8.66 51.70 -118.49
CA PHE SD 27 -8.14 51.68 -119.85
C PHE SD 27 -6.70 51.22 -119.84
N GLU SD 28 -6.34 50.37 -120.81
CA GLU SD 28 -5.01 49.79 -120.89
C GLU SD 28 -4.47 49.96 -122.30
N GLU SD 29 -3.20 50.38 -122.40
CA GLU SD 29 -2.56 50.59 -123.70
C GLU SD 29 -2.10 49.26 -124.27
N LYS SD 30 -2.38 49.05 -125.57
CA LYS SD 30 -2.02 47.83 -126.27
C LYS SD 30 -0.92 48.16 -127.27
N VAL SD 31 0.30 47.73 -126.96
CA VAL SD 31 1.45 47.94 -127.85
C VAL SD 31 2.20 46.62 -127.98
N GLY SD 32 2.58 46.04 -126.85
CA GLY SD 32 3.29 44.78 -126.83
C GLY SD 32 3.03 43.99 -125.56
N PRO SD 33 3.95 44.08 -124.60
CA PRO SD 33 3.75 43.40 -123.31
C PRO SD 33 2.65 44.08 -122.52
N LEU SD 34 1.61 43.33 -122.17
CA LEU SD 34 0.49 43.92 -121.43
C LEU SD 34 0.87 44.22 -119.99
N VAL SD 35 1.72 43.41 -119.38
CA VAL SD 35 2.16 43.67 -118.02
C VAL SD 35 3.17 44.82 -118.02
N GLY SD 36 3.03 45.73 -117.06
CA GLY SD 36 3.91 46.87 -116.96
C GLY SD 36 3.77 47.83 -118.12
N ARG SD 37 2.56 48.31 -118.37
CA ARG SD 37 2.31 49.21 -119.48
C ARG SD 37 1.61 50.49 -118.99
N LEU SD 38 0.82 51.10 -119.84
CA LEU SD 38 0.10 52.34 -119.52
C LEU SD 38 -1.33 51.99 -119.12
N ARG SD 39 -1.73 52.41 -117.93
CA ARG SD 39 -3.07 52.16 -117.42
C ARG SD 39 -3.68 53.47 -116.92
N LEU SD 40 -5.00 53.55 -117.03
CA LEU SD 40 -5.74 54.74 -116.64
C LEU SD 40 -7.00 54.32 -115.90
N THR SD 41 -7.19 54.88 -114.70
CA THR SD 41 -8.34 54.58 -113.85
C THR SD 41 -9.20 55.84 -113.74
N ALA SD 42 -10.47 55.70 -114.08
CA ALA SD 42 -11.44 56.79 -114.02
C ALA SD 42 -12.58 56.42 -113.08
N SER SD 43 -13.01 57.39 -112.28
CA SER SD 43 -14.11 57.16 -111.34
C SER SD 43 -14.95 58.43 -111.24
N LEU SD 44 -16.26 58.24 -111.14
CA LEU SD 44 -17.21 59.34 -111.00
C LEU SD 44 -18.22 58.98 -109.92
N ARG SD 45 -18.52 59.94 -109.04
CA ARG SD 45 -19.46 59.69 -107.96
C ARG SD 45 -20.11 61.01 -107.55
N GLN SD 46 -20.87 60.97 -106.45
CA GLN SD 46 -21.52 62.13 -105.87
C GLN SD 46 -20.85 62.45 -104.52
N ASN SD 47 -21.54 63.24 -103.70
CA ASN SD 47 -21.01 63.63 -102.40
C ASN SD 47 -22.14 64.17 -101.55
N GLY SD 48 -21.97 64.04 -100.23
CA GLY SD 48 -22.89 64.63 -99.26
C GLY SD 48 -24.35 64.30 -99.50
N ALA SD 49 -25.15 65.33 -99.74
CA ALA SD 49 -26.58 65.18 -99.99
C ALA SD 49 -26.93 65.71 -101.38
N LYS SD 50 -26.39 65.03 -102.40
CA LYS SD 50 -26.66 65.35 -103.80
C LYS SD 50 -26.34 66.80 -104.12
N THR SD 51 -25.25 67.31 -103.53
CA THR SD 51 -24.82 68.69 -103.77
C THR SD 51 -23.91 68.76 -105.00
N ALA SD 52 -22.65 68.34 -104.83
CA ALA SD 52 -21.68 68.39 -105.92
C ALA SD 52 -21.36 66.98 -106.41
N TYR SD 53 -20.20 66.83 -107.06
CA TYR SD 53 -19.76 65.54 -107.57
C TYR SD 53 -18.28 65.37 -107.27
N ARG SD 54 -17.76 64.20 -107.62
CA ARG SD 54 -16.36 63.87 -107.39
C ARG SD 54 -15.86 63.02 -108.55
N VAL SD 55 -14.81 63.49 -109.22
CA VAL SD 55 -14.21 62.78 -110.34
C VAL SD 55 -12.75 62.50 -110.01
N ASN SD 56 -12.34 61.26 -110.23
CA ASN SD 56 -10.96 60.84 -109.96
C ASN SD 56 -10.36 60.26 -111.23
N LEU SD 57 -9.16 60.71 -111.57
CA LEU SD 57 -8.45 60.25 -112.76
C LEU SD 57 -7.00 59.97 -112.38
N LYS SD 58 -6.59 58.70 -112.52
CA LYS SD 58 -5.23 58.28 -112.21
C LYS SD 58 -4.60 57.66 -113.45
N LEU SD 59 -3.31 57.93 -113.64
CA LEU SD 59 -2.57 57.42 -114.79
C LEU SD 59 -1.27 56.80 -114.29
N ASP SD 60 -1.10 55.50 -114.54
CA ASP SD 60 0.08 54.78 -114.08
C ASP SD 60 0.83 54.19 -115.27
N GLN SD 61 2.15 54.08 -115.13
CA GLN SD 61 2.99 53.51 -116.17
C GLN SD 61 4.28 53.01 -115.52
N ALA SD 62 4.47 51.70 -115.50
CA ALA SD 62 5.65 51.09 -114.89
C ALA SD 62 6.58 50.59 -115.97
N ASP SD 63 7.86 50.97 -115.88
CA ASP SD 63 8.85 50.54 -116.84
C ASP SD 63 9.25 49.10 -116.59
N VAL SD 64 9.64 48.42 -117.68
CA VAL SD 64 10.02 47.01 -117.61
C VAL SD 64 11.44 46.87 -118.15
N VAL SD 65 12.10 45.79 -117.73
CA VAL SD 65 13.46 45.48 -118.17
C VAL SD 65 13.54 43.98 -118.49
N ASP SD 66 14.45 43.63 -119.38
CA ASP SD 66 14.62 42.26 -119.83
C ASP SD 66 16.07 42.01 -120.18
N CYS SD 67 16.54 40.79 -119.89
CA CYS SD 67 17.91 40.41 -120.16
C CYS SD 67 18.03 39.23 -121.11
N SER SD 68 16.95 38.83 -121.78
CA SER SD 68 17.01 37.70 -122.70
C SER SD 68 17.83 37.99 -123.94
N THR SD 69 18.16 39.26 -124.19
CA THR SD 69 18.95 39.61 -125.36
C THR SD 69 20.42 39.18 -125.19
N SER SD 70 20.93 39.23 -123.97
CA SER SD 70 22.32 38.86 -123.71
C SER SD 70 22.40 37.74 -122.69
N VAL SD 71 21.80 37.92 -121.52
CA VAL SD 71 21.82 36.92 -120.47
C VAL SD 71 20.90 35.76 -120.88
N CYS SD 72 21.31 34.53 -120.58
CA CYS SD 72 20.46 33.43 -121.02
C CYS SD 72 19.49 33.01 -119.93
N GLY SD 73 18.73 33.97 -119.40
CA GLY SD 73 17.52 33.65 -118.67
C GLY SD 73 17.09 34.73 -117.68
N GLU SD 74 16.11 35.53 -118.07
CA GLU SD 74 15.57 36.57 -117.20
C GLU SD 74 14.22 37.01 -117.76
N LEU SD 75 13.16 36.80 -117.00
CA LEU SD 75 11.83 37.21 -117.42
C LEU SD 75 11.70 38.73 -117.35
N PRO SD 76 10.80 39.31 -118.15
CA PRO SD 76 10.57 40.76 -118.06
C PRO SD 76 10.12 41.16 -116.66
N LYS SD 77 10.91 42.02 -116.02
CA LYS SD 77 10.69 42.43 -114.65
C LYS SD 77 10.42 43.92 -114.58
N VAL SD 78 9.41 44.31 -113.80
CA VAL SD 78 9.10 45.73 -113.64
C VAL SD 78 10.15 46.39 -112.75
N ARG SD 79 10.33 47.70 -112.96
CA ARG SD 79 11.32 48.45 -112.21
C ARG SD 79 10.59 49.38 -111.24
N TYR SD 80 10.34 50.63 -111.61
CA TYR SD 80 9.67 51.58 -110.74
C TYR SD 80 8.21 51.74 -111.17
N THR SD 81 7.44 52.44 -110.34
CA THR SD 81 6.03 52.70 -110.59
C THR SD 81 5.75 54.17 -110.35
N GLN SD 82 5.00 54.78 -111.27
CA GLN SD 82 4.63 56.19 -111.18
C GLN SD 82 3.13 56.32 -111.03
N VAL SD 83 2.69 57.17 -110.11
CA VAL SD 83 1.28 57.39 -109.82
C VAL SD 83 0.99 58.88 -109.99
N TRP SD 84 0.00 59.19 -110.83
CA TRP SD 84 -0.43 60.57 -111.08
C TRP SD 84 -1.95 60.60 -111.00
N SER SD 85 -2.48 60.84 -109.82
CA SER SD 85 -3.92 60.88 -109.58
C SER SD 85 -4.43 62.32 -109.70
N HIS SD 86 -5.76 62.44 -109.76
CA HIS SD 86 -6.42 63.73 -109.88
C HIS SD 86 -7.62 63.76 -108.94
N ASP SD 87 -8.25 64.93 -108.85
CA ASP SD 87 -9.43 65.11 -108.01
C ASP SD 87 -10.20 66.31 -108.53
N VAL SD 88 -11.41 66.06 -109.02
CA VAL SD 88 -12.27 67.11 -109.58
C VAL SD 88 -13.51 67.22 -108.69
N THR SD 89 -13.68 68.39 -108.09
CA THR SD 89 -14.83 68.68 -107.21
C THR SD 89 -15.55 69.90 -107.78
N ILE SD 90 -16.40 69.66 -108.78
CA ILE SD 90 -17.16 70.71 -109.44
C ILE SD 90 -18.64 70.50 -109.15
N VAL SD 91 -19.29 71.56 -108.63
CA VAL SD 91 -20.71 71.46 -108.32
C VAL SD 91 -21.52 71.50 -109.61
N ALA SD 92 -22.75 70.95 -109.54
CA ALA SD 92 -23.60 70.90 -110.72
C ALA SD 92 -24.07 72.30 -111.12
N ASN SD 93 -24.73 73.00 -110.20
CA ASN SD 93 -25.23 74.35 -110.46
C ASN SD 93 -24.06 75.33 -110.43
N SER SD 94 -23.34 75.38 -111.54
CA SER SD 94 -22.20 76.27 -111.66
C SER SD 94 -22.38 77.22 -112.84
N THR SD 95 -21.33 77.39 -113.65
CA THR SD 95 -21.38 78.28 -114.80
C THR SD 95 -20.57 77.66 -115.93
N GLU SD 96 -21.18 77.56 -117.11
CA GLU SD 96 -20.49 76.98 -118.26
C GLU SD 96 -19.30 77.84 -118.68
N ALA SD 97 -19.47 79.16 -118.69
CA ALA SD 97 -18.37 80.05 -119.05
C ALA SD 97 -17.23 79.96 -118.04
N SER SD 98 -17.56 79.89 -116.75
CA SER SD 98 -16.52 79.75 -115.74
C SER SD 98 -15.79 78.42 -115.86
N ARG SD 99 -16.53 77.34 -116.14
CA ARG SD 99 -15.90 76.04 -116.32
C ARG SD 99 -14.99 76.04 -117.54
N LYS SD 100 -15.43 76.68 -118.63
CA LYS SD 100 -14.59 76.75 -119.84
C LYS SD 100 -13.32 77.57 -119.57
N SER SD 101 -13.46 78.69 -118.84
CA SER SD 101 -12.29 79.50 -118.51
C SER SD 101 -11.33 78.73 -117.62
N LEU SD 102 -11.85 77.98 -116.65
CA LEU SD 102 -10.99 77.17 -115.78
C LEU SD 102 -10.28 76.09 -116.57
N TYR SD 103 -10.98 75.44 -117.50
CA TYR SD 103 -10.35 74.41 -118.32
C TYR SD 103 -9.27 75.02 -119.21
N ASP SD 104 -9.52 76.20 -119.77
CA ASP SD 104 -8.51 76.87 -120.59
C ASP SD 104 -7.29 77.25 -119.76
N LEU SD 105 -7.51 77.74 -118.54
CA LEU SD 105 -6.39 78.08 -117.67
C LEU SD 105 -5.58 76.85 -117.29
N THR SD 106 -6.26 75.73 -117.02
CA THR SD 106 -5.56 74.49 -116.71
C THR SD 106 -4.75 74.00 -117.91
N LYS SD 107 -5.34 74.08 -119.11
CA LYS SD 107 -4.63 73.68 -120.31
C LYS SD 107 -3.40 74.55 -120.55
N SER SD 108 -3.52 75.87 -120.32
CA SER SD 108 -2.39 76.76 -120.49
C SER SD 108 -1.30 76.46 -119.46
N LEU SD 109 -1.68 76.22 -118.21
CA LEU SD 109 -0.69 75.89 -117.18
C LEU SD 109 -0.01 74.56 -117.47
N VAL SD 110 -0.73 73.61 -118.09
CA VAL SD 110 -0.12 72.33 -118.44
C VAL SD 110 0.84 72.50 -119.62
N ALA SD 111 0.44 73.27 -120.62
CA ALA SD 111 1.24 73.45 -121.82
C ALA SD 111 2.38 74.45 -121.64
N THR SD 112 2.41 75.19 -120.53
CA THR SD 112 3.48 76.14 -120.31
C THR SD 112 4.81 75.42 -120.09
N SER SD 113 5.90 76.18 -120.22
CA SER SD 113 7.25 75.63 -120.09
C SER SD 113 7.73 75.54 -118.64
N GLN SD 114 7.02 76.16 -117.70
CA GLN SD 114 7.42 76.14 -116.30
C GLN SD 114 7.17 74.77 -115.67
N VAL SD 115 6.01 74.16 -115.93
CA VAL SD 115 5.73 72.84 -115.37
C VAL SD 115 6.66 71.79 -115.99
N GLU SD 116 7.00 71.95 -117.28
CA GLU SD 116 7.94 71.03 -117.90
C GLU SD 116 9.30 71.09 -117.23
N ASP SD 117 9.78 72.29 -116.92
CA ASP SD 117 11.05 72.43 -116.23
C ASP SD 117 10.96 71.88 -114.80
N LEU SD 118 9.84 72.14 -114.12
CA LEU SD 118 9.64 71.59 -112.79
C LEU SD 118 9.66 70.07 -112.79
N VAL SD 119 9.14 69.45 -113.86
CA VAL SD 119 9.11 68.00 -113.95
C VAL SD 119 10.50 67.44 -114.28
N VAL SD 120 11.17 68.05 -115.27
CA VAL SD 120 12.45 67.54 -115.74
C VAL SD 120 13.56 67.89 -114.75
N ASN SD 121 13.90 69.17 -114.65
CA ASN SD 121 15.03 69.59 -113.84
C ASN SD 121 14.74 69.64 -112.34
N LEU SD 122 13.52 69.30 -111.93
CA LEU SD 122 13.13 69.30 -110.52
C LEU SD 122 13.34 70.66 -109.86
N VAL SD 123 13.25 71.72 -110.64
CA VAL SD 123 13.40 73.08 -110.13
C VAL SD 123 12.03 73.60 -109.71
N PRO SD 124 11.88 74.19 -108.53
CA PRO SD 124 10.57 74.69 -108.10
C PRO SD 124 10.01 75.71 -109.06
N LEU SD 125 8.69 75.68 -109.23
CA LEU SD 125 8.01 76.57 -110.17
C LEU SD 125 8.11 78.01 -109.68
N GLY SD 126 8.72 78.88 -110.49
CA GLY SD 126 8.88 80.26 -110.13
C GLY SD 126 9.70 81.05 -111.14
N ARG SD 127 9.13 81.32 -112.30
CA ARG SD 127 9.82 82.07 -113.34
C ARG SD 127 9.19 83.44 -113.55
N SER TD 1 -12.53 -116.77 -61.48
CA SER TD 1 -12.07 -115.51 -62.06
C SER TD 1 -12.65 -115.29 -63.44
N LYS TD 2 -11.89 -114.61 -64.30
CA LYS TD 2 -12.35 -114.24 -65.63
C LYS TD 2 -11.15 -114.30 -66.58
N THR TD 3 -11.25 -115.14 -67.60
CA THR TD 3 -10.18 -115.35 -68.56
C THR TD 3 -10.56 -114.77 -69.91
N ILE TD 4 -9.59 -114.15 -70.58
CA ILE TD 4 -9.77 -113.55 -71.90
C ILE TD 4 -8.70 -114.12 -72.81
N VAL TD 5 -9.12 -114.72 -73.92
CA VAL TD 5 -8.21 -115.34 -74.88
C VAL TD 5 -8.07 -114.41 -76.09
N LEU TD 6 -6.84 -114.05 -76.41
CA LEU TD 6 -6.53 -113.19 -77.54
C LEU TD 6 -5.67 -113.96 -78.54
N SER TD 7 -6.09 -113.95 -79.81
CA SER TD 7 -5.38 -114.65 -80.87
C SER TD 7 -4.52 -113.65 -81.64
N VAL TD 8 -3.20 -113.88 -81.62
CA VAL TD 8 -2.27 -113.00 -82.33
C VAL TD 8 -1.98 -113.50 -83.74
N GLY TD 9 -2.33 -114.74 -84.06
CA GLY TD 9 -2.04 -115.29 -85.38
C GLY TD 9 -1.49 -116.68 -85.31
N GLU TD 10 -0.48 -116.89 -84.45
CA GLU TD 10 0.12 -118.20 -84.24
C GLU TD 10 0.07 -118.69 -82.80
N ALA TD 11 -0.10 -117.79 -81.83
CA ALA TD 11 -0.19 -118.16 -80.43
C ALA TD 11 -1.40 -117.49 -79.81
N THR TD 12 -1.80 -117.97 -78.64
CA THR TD 12 -2.96 -117.46 -77.92
C THR TD 12 -2.50 -116.96 -76.55
N ARG TD 13 -2.82 -115.71 -76.25
CA ARG TD 13 -2.49 -115.10 -74.97
C ARG TD 13 -3.70 -115.11 -74.05
N THR TD 14 -3.46 -115.25 -72.76
CA THR TD 14 -4.52 -115.36 -71.75
C THR TD 14 -4.36 -114.24 -70.74
N LEU TD 15 -5.41 -113.45 -70.57
CA LEU TD 15 -5.47 -112.40 -69.57
C LEU TD 15 -6.43 -112.83 -68.46
N THR TD 16 -6.00 -112.62 -67.21
CA THR TD 16 -6.77 -113.06 -66.05
C THR TD 16 -7.20 -111.85 -65.23
N GLU TD 17 -8.45 -111.89 -64.74
CA GLU TD 17 -8.96 -110.84 -63.87
C GLU TD 17 -8.24 -110.89 -62.53
N ILE TD 18 -7.77 -109.73 -62.07
CA ILE TD 18 -6.95 -109.61 -60.87
C ILE TD 18 -7.67 -108.79 -59.79
N GLN TD 19 -8.20 -107.63 -60.15
CA GLN TD 19 -8.77 -106.67 -59.20
C GLN TD 19 -10.23 -106.44 -59.58
N SER TD 20 -11.09 -107.36 -59.18
CA SER TD 20 -12.51 -107.31 -59.52
C SER TD 20 -13.20 -106.24 -58.69
N THR TD 21 -13.52 -105.13 -59.31
CA THR TD 21 -14.26 -104.04 -58.68
C THR TD 21 -15.13 -103.37 -59.72
N ALA TD 22 -16.24 -102.78 -59.26
CA ALA TD 22 -17.21 -102.18 -60.18
C ALA TD 22 -16.61 -100.97 -60.89
N ASP TD 23 -16.09 -100.00 -60.13
CA ASP TD 23 -15.58 -98.76 -60.70
C ASP TD 23 -14.19 -98.91 -61.32
N ARG TD 24 -13.55 -100.07 -61.19
CA ARG TD 24 -12.21 -100.26 -61.74
C ARG TD 24 -11.97 -101.76 -61.89
N GLN TD 25 -11.91 -102.23 -63.14
CA GLN TD 25 -11.60 -103.62 -63.44
C GLN TD 25 -10.20 -103.69 -64.02
N ILE TD 26 -9.34 -104.49 -63.40
CA ILE TD 26 -7.93 -104.60 -63.77
C ILE TD 26 -7.69 -106.02 -64.24
N PHE TD 27 -7.43 -106.18 -65.54
CA PHE TD 27 -7.05 -107.46 -66.12
C PHE TD 27 -5.55 -107.49 -66.36
N GLU TD 28 -4.92 -108.62 -66.04
CA GLU TD 28 -3.48 -108.77 -66.18
C GLU TD 28 -3.17 -110.06 -66.93
N GLU TD 29 -2.23 -109.97 -67.88
CA GLU TD 29 -1.84 -111.11 -68.69
C GLU TD 29 -0.88 -112.00 -67.92
N LYS TD 30 -1.13 -113.31 -67.95
CA LYS TD 30 -0.30 -114.29 -67.26
C LYS TD 30 0.47 -115.10 -68.30
N VAL TD 31 1.77 -114.84 -68.40
CA VAL TD 31 2.64 -115.57 -69.31
C VAL TD 31 3.89 -116.00 -68.56
N GLY TD 32 4.56 -115.04 -67.92
CA GLY TD 32 5.76 -115.32 -67.16
C GLY TD 32 5.96 -114.33 -66.03
N PRO TD 33 6.80 -113.33 -66.26
CA PRO TD 33 7.02 -112.28 -65.24
C PRO TD 33 5.79 -111.39 -65.13
N LEU TD 34 5.22 -111.33 -63.93
CA LEU TD 34 4.00 -110.54 -63.73
C LEU TD 34 4.30 -109.05 -63.79
N VAL TD 35 5.47 -108.62 -63.31
CA VAL TD 35 5.84 -107.21 -63.36
C VAL TD 35 6.23 -106.84 -64.78
N GLY TD 36 5.75 -105.69 -65.25
CA GLY TD 36 6.05 -105.23 -66.59
C GLY TD 36 5.43 -106.11 -67.66
N ARG TD 37 4.10 -106.30 -67.59
CA ARG TD 37 3.40 -107.13 -68.56
C ARG TD 37 2.25 -106.36 -69.20
N LEU TD 38 1.21 -107.07 -69.61
CA LEU TD 38 0.04 -106.47 -70.25
C LEU TD 38 -1.05 -106.26 -69.21
N ARG TD 39 -1.51 -105.02 -69.07
CA ARG TD 39 -2.57 -104.69 -68.13
C ARG TD 39 -3.65 -103.90 -68.85
N LEU TD 40 -4.88 -104.06 -68.36
CA LEU TD 40 -6.05 -103.41 -68.95
C LEU TD 40 -6.93 -102.88 -67.82
N THR TD 41 -7.27 -101.59 -67.90
CA THR TD 41 -8.11 -100.92 -66.91
C THR TD 41 -9.43 -100.53 -67.57
N ALA TD 42 -10.53 -100.98 -66.97
CA ALA TD 42 -11.87 -100.68 -67.47
C ALA TD 42 -12.66 -99.95 -66.39
N SER TD 43 -13.43 -98.95 -66.80
CA SER TD 43 -14.25 -98.17 -65.88
C SER TD 43 -15.55 -97.79 -66.56
N LEU TD 44 -16.64 -97.82 -65.80
CA LEU TD 44 -17.96 -97.45 -66.27
C LEU TD 44 -18.64 -96.57 -65.23
N ARG TD 45 -19.27 -95.49 -65.68
CA ARG TD 45 -19.92 -94.57 -64.77
C ARG TD 45 -21.06 -93.87 -65.49
N GLN TD 46 -21.63 -92.86 -64.83
CA GLN TD 46 -22.69 -92.02 -65.37
C GLN TD 46 -22.15 -90.60 -65.59
N ASN TD 47 -23.06 -89.65 -65.74
CA ASN TD 47 -22.68 -88.26 -65.96
C ASN TD 47 -23.87 -87.37 -65.69
N GLY TD 48 -23.58 -86.13 -65.30
CA GLY TD 48 -24.60 -85.09 -65.13
C GLY TD 48 -25.77 -85.50 -64.28
N ALA TD 49 -26.96 -85.51 -64.87
CA ALA TD 49 -28.19 -85.86 -64.16
C ALA TD 49 -28.82 -87.08 -64.82
N LYS TD 50 -28.11 -88.21 -64.76
CA LYS TD 50 -28.58 -89.49 -65.28
C LYS TD 50 -28.96 -89.39 -66.76
N THR TD 51 -28.18 -88.62 -67.52
CA THR TD 51 -28.42 -88.46 -68.96
C THR TD 51 -27.72 -89.56 -69.74
N ALA TD 52 -26.41 -89.44 -69.91
CA ALA TD 52 -25.63 -90.42 -70.67
C ALA TD 52 -24.76 -91.24 -69.74
N TYR TD 53 -23.69 -91.83 -70.30
CA TYR TD 53 -22.76 -92.64 -69.52
C TYR TD 53 -21.34 -92.32 -69.96
N ARG TD 54 -20.37 -92.93 -69.28
CA ARG TD 54 -18.97 -92.71 -69.56
C ARG TD 54 -18.22 -94.02 -69.36
N VAL TD 55 -17.54 -94.48 -70.41
CA VAL TD 55 -16.76 -95.71 -70.38
C VAL TD 55 -15.30 -95.37 -70.69
N ASN TD 56 -14.39 -95.90 -69.88
CA ASN TD 56 -12.98 -95.67 -70.06
C ASN TD 56 -12.26 -97.00 -70.16
N LEU TD 57 -11.40 -97.14 -71.17
CA LEU TD 57 -10.65 -98.36 -71.42
C LEU TD 57 -9.20 -97.99 -71.71
N LYS TD 58 -8.28 -98.44 -70.86
CA LYS TD 58 -6.86 -98.16 -71.02
C LYS TD 58 -6.11 -99.48 -71.10
N LEU TD 59 -5.09 -99.52 -71.96
CA LEU TD 59 -4.28 -100.72 -72.16
C LEU TD 59 -2.81 -100.32 -72.06
N ASP TD 60 -2.10 -100.90 -71.11
CA ASP TD 60 -0.69 -100.59 -70.89
C ASP TD 60 0.16 -101.84 -71.02
N GLN TD 61 1.39 -101.64 -71.49
CA GLN TD 61 2.34 -102.75 -71.65
C GLN TD 61 3.74 -102.18 -71.63
N ALA TD 62 4.50 -102.50 -70.59
CA ALA TD 62 5.87 -102.01 -70.42
C ALA TD 62 6.86 -103.13 -70.70
N ASP TD 63 7.82 -102.85 -71.57
CA ASP TD 63 8.84 -103.84 -71.90
C ASP TD 63 9.86 -103.97 -70.77
N VAL TD 64 10.44 -105.16 -70.65
CA VAL TD 64 11.41 -105.45 -69.61
C VAL TD 64 12.70 -105.92 -70.26
N VAL TD 65 13.80 -105.77 -69.52
CA VAL TD 65 15.12 -106.20 -69.97
C VAL TD 65 15.82 -106.89 -68.82
N ASP TD 66 16.74 -107.79 -69.16
CA ASP TD 66 17.47 -108.58 -68.17
C ASP TD 66 18.87 -108.89 -68.70
N CYS TD 67 19.83 -108.91 -67.79
CA CYS TD 67 21.21 -109.19 -68.14
C CYS TD 67 21.78 -110.42 -67.45
N SER TD 68 20.94 -111.23 -66.80
CA SER TD 68 21.44 -112.41 -66.10
C SER TD 68 21.95 -113.49 -67.05
N THR TD 69 21.67 -113.36 -68.35
CA THR TD 69 22.15 -114.35 -69.31
C THR TD 69 23.65 -114.20 -69.56
N SER TD 70 24.18 -112.98 -69.50
CA SER TD 70 25.59 -112.75 -69.74
C SER TD 70 26.24 -112.07 -68.53
N VAL TD 71 25.69 -110.94 -68.12
CA VAL TD 71 26.24 -110.19 -66.98
C VAL TD 71 25.90 -110.96 -65.70
N CYS TD 72 26.82 -110.94 -64.74
CA CYS TD 72 26.60 -111.69 -63.51
C CYS TD 72 25.94 -110.82 -62.44
N GLY TD 73 24.85 -110.14 -62.81
CA GLY TD 73 23.97 -109.59 -61.81
C GLY TD 73 23.17 -108.39 -62.27
N GLU TD 74 21.91 -108.61 -62.61
CA GLU TD 74 21.02 -107.52 -63.03
C GLU TD 74 19.59 -108.02 -62.96
N LEU TD 75 18.78 -107.40 -62.10
CA LEU TD 75 17.39 -107.80 -61.98
C LEU TD 75 16.59 -107.31 -63.20
N PRO TD 76 15.48 -107.98 -63.52
CA PRO TD 76 14.64 -107.52 -64.63
C PRO TD 76 14.15 -106.10 -64.40
N LYS TD 77 14.52 -105.21 -65.31
CA LYS TD 77 14.23 -103.79 -65.20
C LYS TD 77 13.33 -103.34 -66.34
N VAL TD 78 12.31 -102.54 -66.01
CA VAL TD 78 11.41 -102.03 -67.03
C VAL TD 78 12.12 -100.94 -67.83
N ARG TD 79 11.69 -100.78 -69.09
CA ARG TD 79 12.29 -99.79 -69.98
C ARG TD 79 11.29 -98.66 -70.18
N TYR TD 80 10.48 -98.69 -71.24
CA TYR TD 80 9.51 -97.65 -71.52
C TYR TD 80 8.12 -98.11 -71.13
N THR TD 81 7.18 -97.16 -71.16
CA THR TD 81 5.78 -97.42 -70.82
C THR TD 81 4.89 -96.81 -71.89
N GLN TD 82 3.90 -97.57 -72.33
CA GLN TD 82 2.94 -97.13 -73.35
C GLN TD 82 1.56 -97.06 -72.75
N VAL TD 83 0.86 -95.96 -73.04
CA VAL TD 83 -0.49 -95.71 -72.52
C VAL TD 83 -1.43 -95.50 -73.70
N TRP TD 84 -2.50 -96.27 -73.76
CA TRP TD 84 -3.52 -96.17 -74.81
C TRP TD 84 -4.88 -96.19 -74.13
N SER TD 85 -5.39 -95.01 -73.79
CA SER TD 85 -6.67 -94.87 -73.13
C SER TD 85 -7.78 -94.63 -74.16
N HIS TD 86 -9.02 -94.73 -73.69
CA HIS TD 86 -10.19 -94.54 -74.52
C HIS TD 86 -11.21 -93.70 -73.77
N ASP TD 87 -12.29 -93.34 -74.47
CA ASP TD 87 -13.36 -92.55 -73.87
C ASP TD 87 -14.63 -92.78 -74.69
N VAL TD 88 -15.63 -93.40 -74.07
CA VAL TD 88 -16.90 -93.70 -74.73
C VAL TD 88 -17.99 -92.89 -74.04
N THR TD 89 -18.63 -92.00 -74.80
CA THR TD 89 -19.72 -91.16 -74.30
C THR TD 89 -20.95 -91.43 -75.18
N ILE TD 90 -21.67 -92.50 -74.87
CA ILE TD 90 -22.86 -92.89 -75.61
C ILE TD 90 -24.06 -92.75 -74.69
N VAL TD 91 -25.08 -92.03 -75.16
CA VAL TD 91 -26.30 -91.84 -74.37
C VAL TD 91 -27.11 -93.12 -74.37
N ALA TD 92 -27.96 -93.27 -73.35
CA ALA TD 92 -28.78 -94.47 -73.23
C ALA TD 92 -29.85 -94.51 -74.33
N ASN TD 93 -30.69 -93.48 -74.39
CA ASN TD 93 -31.75 -93.40 -75.39
C ASN TD 93 -31.14 -93.03 -76.74
N SER TD 94 -30.60 -94.04 -77.40
CA SER TD 94 -29.98 -93.85 -78.71
C SER TD 94 -30.64 -94.74 -79.75
N THR TD 95 -29.84 -95.41 -80.58
CA THR TD 95 -30.35 -96.28 -81.62
C THR TD 95 -29.42 -97.48 -81.76
N GLU TD 96 -30.01 -98.69 -81.72
CA GLU TD 96 -29.20 -99.91 -81.83
C GLU TD 96 -28.55 -100.00 -83.21
N ALA TD 97 -29.29 -99.66 -84.26
CA ALA TD 97 -28.72 -99.71 -85.60
C ALA TD 97 -27.60 -98.70 -85.77
N SER TD 98 -27.78 -97.49 -85.22
CA SER TD 98 -26.72 -96.48 -85.29
C SER TD 98 -25.49 -96.92 -84.52
N ARG TD 99 -25.69 -97.53 -83.34
CA ARG TD 99 -24.56 -98.01 -82.56
C ARG TD 99 -23.82 -99.13 -83.28
N LYS TD 100 -24.57 -100.04 -83.93
CA LYS TD 100 -23.94 -101.11 -84.68
C LYS TD 100 -23.16 -100.56 -85.87
N SER TD 101 -23.72 -99.58 -86.57
CA SER TD 101 -23.01 -98.97 -87.70
C SER TD 101 -21.75 -98.26 -87.24
N LEU TD 102 -21.83 -97.57 -86.09
CA LEU TD 102 -20.65 -96.89 -85.56
C LEU TD 102 -19.57 -97.90 -85.16
N TYR TD 103 -19.98 -99.01 -84.54
CA TYR TD 103 -19.01 -100.04 -84.17
C TYR TD 103 -18.37 -100.66 -85.40
N ASP TD 104 -19.16 -100.90 -86.45
CA ASP TD 104 -18.61 -101.44 -87.68
C ASP TD 104 -17.63 -100.47 -88.34
N LEU TD 105 -17.97 -99.17 -88.33
CA LEU TD 105 -17.06 -98.18 -88.89
C LEU TD 105 -15.76 -98.10 -88.09
N THR TD 106 -15.85 -98.18 -86.76
CA THR TD 106 -14.66 -98.17 -85.93
C THR TD 106 -13.80 -99.40 -86.19
N LYS TD 107 -14.45 -100.57 -86.32
CA LYS TD 107 -13.70 -101.80 -86.62
C LYS TD 107 -13.02 -101.72 -87.97
N SER TD 108 -13.70 -101.15 -88.96
CA SER TD 108 -13.09 -101.00 -90.28
C SER TD 108 -11.91 -100.03 -90.24
N LEU TD 109 -12.06 -98.91 -89.53
CA LEU TD 109 -10.96 -97.96 -89.41
C LEU TD 109 -9.78 -98.55 -88.66
N VAL TD 110 -10.04 -99.44 -87.69
CA VAL TD 110 -8.95 -100.08 -86.97
C VAL TD 110 -8.25 -101.11 -87.85
N ALA TD 111 -9.02 -101.90 -88.60
CA ALA TD 111 -8.46 -102.96 -89.43
C ALA TD 111 -7.87 -102.44 -90.74
N THR TD 112 -8.10 -101.17 -91.09
CA THR TD 112 -7.55 -100.64 -92.33
C THR TD 112 -6.03 -100.55 -92.24
N SER TD 113 -5.40 -100.39 -93.40
CA SER TD 113 -3.95 -100.33 -93.50
C SER TD 113 -3.39 -98.94 -93.26
N GLN TD 114 -4.24 -97.91 -93.22
CA GLN TD 114 -3.76 -96.55 -93.00
C GLN TD 114 -3.33 -96.32 -91.56
N VAL TD 115 -4.11 -96.80 -90.59
CA VAL TD 115 -3.74 -96.65 -89.19
C VAL TD 115 -2.50 -97.46 -88.86
N GLU TD 116 -2.35 -98.63 -89.50
CA GLU TD 116 -1.14 -99.42 -89.28
C GLU TD 116 0.10 -98.68 -89.76
N ASP TD 117 0.01 -98.04 -90.93
CA ASP TD 117 1.13 -97.25 -91.42
C ASP TD 117 1.39 -96.04 -90.54
N LEU TD 118 0.32 -95.38 -90.08
CA LEU TD 118 0.48 -94.25 -89.17
C LEU TD 118 1.17 -94.67 -87.87
N VAL TD 119 0.91 -95.89 -87.40
CA VAL TD 119 1.52 -96.36 -86.17
C VAL TD 119 2.97 -96.74 -86.40
N VAL TD 120 3.25 -97.49 -87.48
CA VAL TD 120 4.58 -98.01 -87.75
C VAL TD 120 5.49 -96.90 -88.26
N ASN TD 121 5.23 -96.42 -89.48
CA ASN TD 121 6.11 -95.47 -90.14
C ASN TD 121 5.92 -94.04 -89.65
N LEU TD 122 5.01 -93.80 -88.71
CA LEU TD 122 4.76 -92.47 -88.15
C LEU TD 122 4.39 -91.46 -89.23
N VAL TD 123 3.78 -91.93 -90.32
CA VAL TD 123 3.35 -91.07 -91.41
C VAL TD 123 1.92 -90.61 -91.13
N PRO TD 124 1.61 -89.32 -91.26
CA PRO TD 124 0.25 -88.86 -90.98
C PRO TD 124 -0.77 -89.54 -91.86
N LEU TD 125 -1.95 -89.79 -91.30
CA LEU TD 125 -3.02 -90.49 -92.00
C LEU TD 125 -3.53 -89.64 -93.15
N GLY TD 126 -3.43 -90.15 -94.37
CA GLY TD 126 -3.88 -89.43 -95.54
C GLY TD 126 -3.55 -90.13 -96.84
N ARG TD 127 -4.27 -91.21 -97.13
CA ARG TD 127 -4.05 -91.97 -98.35
C ARG TD 127 -5.24 -91.84 -99.30
N SER UD 1 1.64 -92.94 -101.82
CA SER UD 1 2.70 -92.02 -101.43
C SER UD 1 3.63 -91.71 -102.59
N LYS UD 2 4.90 -91.46 -102.27
CA LYS UD 2 5.89 -91.05 -103.27
C LYS UD 2 7.23 -91.66 -102.88
N THR UD 3 7.78 -92.49 -103.76
CA THR UD 3 9.03 -93.18 -103.51
C THR UD 3 10.14 -92.62 -104.40
N ILE UD 4 11.33 -92.49 -103.83
CA ILE UD 4 12.51 -91.99 -104.54
C ILE UD 4 13.62 -93.01 -104.36
N VAL UD 5 14.17 -93.48 -105.48
CA VAL UD 5 15.22 -94.49 -105.48
C VAL UD 5 16.54 -93.81 -105.78
N LEU UD 6 17.53 -94.00 -104.89
CA LEU UD 6 18.86 -93.42 -105.04
C LEU UD 6 19.88 -94.54 -105.13
N SER UD 7 20.72 -94.49 -106.16
CA SER UD 7 21.74 -95.51 -106.40
C SER UD 7 23.07 -95.00 -105.88
N VAL UD 8 23.63 -95.72 -104.90
CA VAL UD 8 24.92 -95.34 -104.32
C VAL UD 8 26.10 -96.04 -105.00
N GLY UD 9 25.84 -97.06 -105.82
CA GLY UD 9 26.89 -97.79 -106.48
C GLY UD 9 26.71 -99.29 -106.40
N GLU UD 10 26.42 -99.79 -105.20
CA GLU UD 10 26.18 -101.21 -104.99
C GLU UD 10 24.82 -101.52 -104.37
N ALA UD 11 24.19 -100.55 -103.70
CA ALA UD 11 22.88 -100.73 -103.10
C ALA UD 11 21.98 -99.57 -103.51
N THR UD 12 20.67 -99.76 -103.31
CA THR UD 12 19.66 -98.77 -103.66
C THR UD 12 18.89 -98.38 -102.42
N ARG UD 13 18.86 -97.08 -102.13
CA ARG UD 13 18.13 -96.55 -100.99
C ARG UD 13 16.79 -95.99 -101.44
N THR UD 14 15.79 -96.11 -100.57
CA THR UD 14 14.42 -95.71 -100.87
C THR UD 14 13.97 -94.66 -99.87
N LEU UD 15 13.56 -93.50 -100.37
CA LEU UD 15 12.99 -92.43 -99.55
C LEU UD 15 11.49 -92.34 -99.81
N THR UD 16 10.72 -92.21 -98.73
CA THR UD 16 9.27 -92.21 -98.80
C THR UD 16 8.73 -90.86 -98.34
N GLU UD 17 7.72 -90.37 -99.06
CA GLU UD 17 7.04 -89.14 -98.68
C GLU UD 17 6.27 -89.34 -97.38
N ILE UD 18 6.46 -88.43 -96.43
CA ILE UD 18 5.87 -88.52 -95.10
C ILE UD 18 4.86 -87.41 -94.87
N GLN UD 19 5.26 -86.17 -95.09
CA GLN UD 19 4.47 -84.98 -94.73
C GLN UD 19 4.15 -84.24 -96.03
N SER UD 20 3.12 -84.71 -96.74
CA SER UD 20 2.74 -84.13 -98.03
C SER UD 20 2.02 -82.80 -97.80
N THR UD 21 2.72 -81.70 -98.08
CA THR UD 21 2.14 -80.37 -97.98
C THR UD 21 2.77 -79.49 -99.06
N ALA UD 22 2.03 -78.48 -99.51
CA ALA UD 22 2.49 -77.63 -100.60
C ALA UD 22 3.72 -76.83 -100.18
N ASP UD 23 3.62 -76.09 -99.08
CA ASP UD 23 4.69 -75.20 -98.65
C ASP UD 23 5.83 -75.93 -97.95
N ARG UD 24 5.69 -77.24 -97.70
CA ARG UD 24 6.75 -77.99 -97.02
C ARG UD 24 6.55 -79.46 -97.34
N GLN UD 25 7.49 -80.02 -98.12
CA GLN UD 25 7.49 -81.44 -98.45
C GLN UD 25 8.62 -82.12 -97.69
N ILE UD 26 8.29 -83.13 -96.90
CA ILE UD 26 9.24 -83.82 -96.04
C ILE UD 26 9.36 -85.26 -96.51
N PHE UD 27 10.51 -85.62 -97.08
CA PHE UD 27 10.80 -86.98 -97.47
C PHE UD 27 11.71 -87.62 -96.44
N GLU UD 28 11.42 -88.88 -96.09
CA GLU UD 28 12.19 -89.60 -95.08
C GLU UD 28 12.60 -90.97 -95.62
N GLU UD 29 13.86 -91.34 -95.40
CA GLU UD 29 14.40 -92.61 -95.86
C GLU UD 29 13.96 -93.73 -94.94
N LYS UD 30 13.50 -94.83 -95.52
CA LYS UD 30 13.04 -96.00 -94.77
C LYS UD 30 14.05 -97.13 -94.98
N VAL UD 31 14.83 -97.42 -93.93
CA VAL UD 31 15.79 -98.51 -93.98
C VAL UD 31 15.65 -99.33 -92.70
N GLY UD 32 15.73 -98.66 -91.55
CA GLY UD 32 15.60 -99.32 -90.27
C GLY UD 32 15.05 -98.40 -89.21
N PRO UD 33 15.93 -97.84 -88.39
CA PRO UD 33 15.49 -96.87 -87.36
C PRO UD 33 15.06 -95.57 -88.01
N LEU UD 34 13.81 -95.18 -87.77
CA LEU UD 34 13.29 -93.96 -88.38
C LEU UD 34 13.91 -92.72 -87.76
N VAL UD 35 14.20 -92.75 -86.45
CA VAL UD 35 14.82 -91.60 -85.79
C VAL UD 35 16.29 -91.55 -86.18
N GLY UD 36 16.78 -90.34 -86.47
CA GLY UD 36 18.16 -90.16 -86.87
C GLY UD 36 18.49 -90.80 -88.19
N ARG UD 37 17.74 -90.46 -89.23
CA ARG UD 37 17.96 -91.02 -90.56
C ARG UD 37 18.16 -89.92 -91.59
N LEU UD 38 17.79 -90.19 -92.84
CA LEU UD 38 17.93 -89.24 -93.93
C LEU UD 38 16.60 -88.53 -94.16
N ARG UD 39 16.62 -87.20 -94.09
CA ARG UD 39 15.43 -86.39 -94.30
C ARG UD 39 15.72 -85.30 -95.32
N LEU UD 40 14.68 -84.92 -96.06
CA LEU UD 40 14.77 -83.92 -97.10
C LEU UD 40 13.57 -82.98 -97.02
N THR UD 41 13.85 -81.69 -96.96
CA THR UD 41 12.82 -80.66 -96.88
C THR UD 41 12.83 -79.84 -98.16
N ALA UD 42 11.68 -79.76 -98.81
CA ALA UD 42 11.53 -79.00 -100.05
C ALA UD 42 10.46 -77.93 -99.87
N SER UD 43 10.72 -76.74 -100.41
CA SER UD 43 9.78 -75.63 -100.32
C SER UD 43 9.83 -74.82 -101.61
N LEU UD 44 8.66 -74.36 -102.03
CA LEU UD 44 8.52 -73.53 -103.23
C LEU UD 44 7.59 -72.37 -102.93
N ARG UD 45 7.97 -71.18 -103.37
CA ARG UD 45 7.15 -70.00 -103.10
C ARG UD 45 7.40 -68.97 -104.20
N GLN UD 46 6.87 -67.77 -103.99
CA GLN UD 46 7.05 -66.63 -104.88
C GLN UD 46 7.89 -65.56 -104.18
N ASN UD 47 7.85 -64.34 -104.70
CA ASN UD 47 8.62 -63.25 -104.13
C ASN UD 47 8.08 -61.93 -104.65
N GLY UD 48 8.25 -60.88 -103.86
CA GLY UD 48 7.92 -59.52 -104.26
C GLY UD 48 6.53 -59.34 -104.82
N ALA UD 49 6.43 -58.94 -106.08
CA ALA UD 49 5.16 -58.72 -106.75
C ALA UD 49 5.05 -59.64 -107.95
N LYS UD 50 5.02 -60.95 -107.69
CA LYS UD 50 4.86 -61.98 -108.71
C LYS UD 50 5.93 -61.86 -109.80
N THR UD 51 7.15 -61.53 -109.39
CA THR UD 51 8.27 -61.42 -110.33
C THR UD 51 8.94 -62.77 -110.54
N ALA UD 52 9.75 -63.19 -109.57
CA ALA UD 52 10.46 -64.46 -109.66
C ALA UD 52 9.90 -65.48 -108.70
N TYR UD 53 10.69 -66.48 -108.34
CA TYR UD 53 10.27 -67.53 -107.42
C TYR UD 53 11.41 -67.83 -106.46
N ARG UD 54 11.14 -68.71 -105.50
CA ARG UD 54 12.12 -69.10 -104.50
C ARG UD 54 11.94 -70.57 -104.17
N VAL UD 55 12.99 -71.35 -104.35
CA VAL UD 55 12.99 -72.78 -104.07
C VAL UD 55 14.06 -73.07 -103.02
N ASN UD 56 13.67 -73.84 -102.00
CA ASN UD 56 14.58 -74.20 -100.92
C ASN UD 56 14.62 -75.72 -100.80
N LEU UD 57 15.84 -76.27 -100.74
CA LEU UD 57 16.05 -77.71 -100.63
C LEU UD 57 17.10 -77.96 -99.56
N LYS UD 58 16.71 -78.65 -98.50
CA LYS UD 58 17.61 -78.98 -97.40
C LYS UD 58 17.66 -80.49 -97.24
N LEU UD 59 18.85 -81.01 -96.92
CA LEU UD 59 19.06 -82.44 -96.73
C LEU UD 59 19.81 -82.64 -95.43
N ASP UD 60 19.20 -83.38 -94.50
CA ASP UD 60 19.78 -83.62 -93.19
C ASP UD 60 19.95 -85.12 -92.97
N GLN UD 61 20.98 -85.47 -92.20
CA GLN UD 61 21.26 -86.86 -91.86
C GLN UD 61 22.09 -86.89 -90.59
N ALA UD 62 21.50 -87.39 -89.51
CA ALA UD 62 22.17 -87.47 -88.20
C ALA UD 62 22.55 -88.91 -87.92
N ASP UD 63 23.82 -89.12 -87.56
CA ASP UD 63 24.30 -90.45 -87.24
C ASP UD 63 23.82 -90.87 -85.84
N VAL UD 64 23.65 -92.18 -85.67
CA VAL UD 64 23.19 -92.74 -84.41
C VAL UD 64 24.21 -93.74 -83.90
N VAL UD 65 24.18 -93.96 -82.58
CA VAL UD 65 25.07 -94.91 -81.93
C VAL UD 65 24.25 -95.73 -80.93
N ASP UD 66 24.72 -96.95 -80.66
CA ASP UD 66 24.03 -97.87 -79.77
C ASP UD 66 25.05 -98.75 -79.06
N CYS UD 67 24.76 -99.07 -77.81
CA CYS UD 67 25.64 -99.90 -76.99
C CYS UD 67 24.99 -101.19 -76.52
N SER UD 68 23.81 -101.55 -77.05
CA SER UD 68 23.14 -102.76 -76.60
C SER UD 68 23.87 -104.03 -77.03
N THR UD 69 24.83 -103.92 -77.95
CA THR UD 69 25.58 -105.09 -78.39
C THR UD 69 26.55 -105.57 -77.31
N SER UD 70 27.10 -104.66 -76.52
CA SER UD 70 28.06 -105.02 -75.48
C SER UD 70 27.57 -104.55 -74.10
N VAL UD 71 27.28 -103.27 -73.98
CA VAL UD 71 26.82 -102.70 -72.71
C VAL UD 71 25.38 -103.15 -72.49
N CYS UD 72 25.03 -103.42 -71.23
CA CYS UD 72 23.69 -103.92 -71.00
C CYS UD 72 22.73 -102.80 -70.64
N GLY UD 73 22.71 -101.74 -71.46
CA GLY UD 73 21.61 -100.81 -71.44
C GLY UD 73 21.95 -99.43 -71.98
N GLU UD 74 21.57 -99.17 -73.22
CA GLU UD 74 21.80 -97.85 -73.84
C GLU UD 74 20.90 -97.75 -75.06
N LEU UD 75 19.98 -96.79 -75.04
CA LEU UD 75 19.09 -96.58 -76.17
C LEU UD 75 19.86 -95.94 -77.33
N PRO UD 76 19.38 -96.14 -78.56
CA PRO UD 76 20.03 -95.47 -79.71
C PRO UD 76 20.01 -93.96 -79.56
N LYS UD 77 21.21 -93.38 -79.53
CA LYS UD 77 21.38 -91.95 -79.28
C LYS UD 77 22.02 -91.28 -80.50
N VAL UD 78 21.48 -90.13 -80.88
CA VAL UD 78 22.04 -89.39 -82.00
C VAL UD 78 23.36 -88.74 -81.59
N ARG UD 79 24.23 -88.52 -82.57
CA ARG UD 79 25.54 -87.94 -82.32
C ARG UD 79 25.55 -86.54 -82.89
N TYR UD 80 26.02 -86.33 -84.12
CA TYR UD 80 26.09 -85.02 -84.73
C TYR UD 80 24.96 -84.86 -85.74
N THR UD 81 24.80 -83.62 -86.22
CA THR UD 81 23.77 -83.28 -87.19
C THR UD 81 24.40 -82.46 -88.32
N GLN UD 82 24.06 -82.80 -89.55
CA GLN UD 82 24.58 -82.12 -90.73
C GLN UD 82 23.43 -81.44 -91.47
N VAL UD 83 23.64 -80.19 -91.86
CA VAL UD 83 22.64 -79.39 -92.55
C VAL UD 83 23.22 -78.92 -93.87
N TRP UD 84 22.52 -79.21 -94.97
CA TRP UD 84 22.94 -78.81 -96.32
C TRP UD 84 21.71 -78.23 -97.02
N SER UD 85 21.52 -76.93 -96.88
CA SER UD 85 20.39 -76.22 -97.48
C SER UD 85 20.78 -75.66 -98.85
N HIS UD 86 19.76 -75.22 -99.58
CA HIS UD 86 19.94 -74.66 -100.91
C HIS UD 86 19.07 -73.42 -101.05
N ASP UD 87 19.22 -72.73 -102.18
CA ASP UD 87 18.43 -71.53 -102.46
C ASP UD 87 18.43 -71.31 -103.96
N VAL UD 88 17.27 -71.42 -104.59
CA VAL UD 88 17.10 -71.26 -106.03
C VAL UD 88 16.25 -70.03 -106.27
N THR UD 89 16.81 -69.03 -106.94
CA THR UD 89 16.12 -67.79 -107.28
C THR UD 89 16.18 -67.62 -108.79
N ILE UD 90 15.26 -68.28 -109.50
CA ILE UD 90 15.18 -68.25 -110.95
C ILE UD 90 13.88 -67.56 -111.34
N VAL UD 91 13.98 -66.54 -112.19
CA VAL UD 91 12.80 -65.81 -112.64
C VAL UD 91 12.03 -66.66 -113.65
N ALA UD 92 10.74 -66.38 -113.78
CA ALA UD 92 9.90 -67.14 -114.71
C ALA UD 92 10.28 -66.85 -116.16
N ASN UD 93 10.23 -65.58 -116.55
CA ASN UD 93 10.55 -65.18 -117.92
C ASN UD 93 12.07 -65.20 -118.08
N SER UD 94 12.60 -66.41 -118.31
CA SER UD 94 14.03 -66.58 -118.50
C SER UD 94 14.32 -67.22 -119.86
N THR UD 95 15.20 -68.22 -119.88
CA THR UD 95 15.57 -68.92 -121.10
C THR UD 95 15.77 -70.39 -120.80
N GLU UD 96 15.11 -71.26 -121.57
CA GLU UD 96 15.26 -72.69 -121.35
C GLU UD 96 16.67 -73.16 -121.64
N ALA UD 97 17.29 -72.65 -122.70
CA ALA UD 97 18.66 -73.03 -123.03
C ALA UD 97 19.63 -72.56 -121.94
N SER UD 98 19.44 -71.34 -121.44
CA SER UD 98 20.29 -70.85 -120.37
C SER UD 98 20.11 -71.67 -119.10
N ARG UD 99 18.88 -72.04 -118.77
CA ARG UD 99 18.64 -72.86 -117.59
C ARG UD 99 19.27 -74.23 -117.74
N LYS UD 100 19.19 -74.82 -118.93
CA LYS UD 100 19.81 -76.12 -119.17
C LYS UD 100 21.33 -76.03 -119.07
N SER UD 101 21.92 -74.97 -119.61
CA SER UD 101 23.36 -74.79 -119.51
C SER UD 101 23.79 -74.59 -118.07
N LEU UD 102 23.01 -73.84 -117.30
CA LEU UD 102 23.34 -73.64 -115.89
C LEU UD 102 23.24 -74.95 -115.11
N TYR UD 103 22.21 -75.74 -115.40
CA TYR UD 103 22.06 -77.04 -114.73
C TYR UD 103 23.22 -77.97 -115.09
N ASP UD 104 23.64 -77.96 -116.36
CA ASP UD 104 24.77 -78.79 -116.76
C ASP UD 104 26.06 -78.35 -116.09
N LEU UD 105 26.26 -77.03 -115.98
CA LEU UD 105 27.45 -76.51 -115.29
C LEU UD 105 27.44 -76.89 -113.82
N THR UD 106 26.27 -76.81 -113.17
CA THR UD 106 26.17 -77.20 -111.77
C THR UD 106 26.44 -78.70 -111.60
N LYS UD 107 25.91 -79.52 -112.50
CA LYS UD 107 26.15 -80.95 -112.43
C LYS UD 107 27.63 -81.27 -112.62
N SER UD 108 28.29 -80.58 -113.55
CA SER UD 108 29.72 -80.79 -113.77
C SER UD 108 30.53 -80.36 -112.55
N LEU UD 109 30.19 -79.22 -111.95
CA LEU UD 109 30.90 -78.78 -110.76
C LEU UD 109 30.68 -79.71 -109.58
N VAL UD 110 29.50 -80.34 -109.51
CA VAL UD 110 29.24 -81.30 -108.43
C VAL UD 110 30.01 -82.59 -108.67
N ALA UD 111 30.03 -83.07 -109.91
CA ALA UD 111 30.69 -84.33 -110.23
C ALA UD 111 32.21 -84.20 -110.36
N THR UD 112 32.74 -82.99 -110.37
CA THR UD 112 34.19 -82.82 -110.48
C THR UD 112 34.88 -83.33 -109.21
N SER UD 113 36.18 -83.54 -109.32
CA SER UD 113 36.99 -84.07 -108.23
C SER UD 113 37.46 -83.00 -107.26
N GLN UD 114 37.32 -81.71 -107.61
CA GLN UD 114 37.75 -80.63 -106.73
C GLN UD 114 36.82 -80.47 -105.52
N VAL UD 115 35.51 -80.51 -105.73
CA VAL UD 115 34.58 -80.40 -104.62
C VAL UD 115 34.68 -81.61 -103.70
N GLU UD 116 34.94 -82.79 -104.26
CA GLU UD 116 35.12 -83.98 -103.43
C GLU UD 116 36.33 -83.83 -102.52
N ASP UD 117 37.43 -83.31 -103.05
CA ASP UD 117 38.61 -83.08 -102.22
C ASP UD 117 38.35 -81.98 -101.19
N LEU UD 118 37.65 -80.92 -101.58
CA LEU UD 118 37.28 -79.88 -100.63
C LEU UD 118 36.43 -80.41 -99.49
N VAL UD 119 35.57 -81.39 -99.78
CA VAL UD 119 34.71 -81.96 -98.74
C VAL UD 119 35.50 -82.90 -97.85
N VAL UD 120 36.31 -83.78 -98.45
CA VAL UD 120 37.02 -84.80 -97.70
C VAL UD 120 38.21 -84.20 -96.97
N ASN UD 121 39.23 -83.77 -97.71
CA ASN UD 121 40.47 -83.30 -97.12
C ASN UD 121 40.38 -81.87 -96.58
N LEU UD 122 39.23 -81.21 -96.71
CA LEU UD 122 39.03 -79.85 -96.21
C LEU UD 122 40.04 -78.87 -96.82
N VAL UD 123 40.49 -79.15 -98.03
CA VAL UD 123 41.44 -78.29 -98.73
C VAL UD 123 40.66 -77.29 -99.56
N PRO UD 124 40.98 -76.00 -99.50
CA PRO UD 124 40.23 -75.00 -100.28
C PRO UD 124 40.27 -75.31 -101.76
N LEU UD 125 39.16 -75.02 -102.44
CA LEU UD 125 39.02 -75.31 -103.87
C LEU UD 125 39.97 -74.41 -104.66
N GLY UD 126 40.89 -75.03 -105.41
CA GLY UD 126 41.83 -74.28 -106.20
C GLY UD 126 42.87 -75.18 -106.87
N ARG UD 127 42.45 -75.91 -107.90
CA ARG UD 127 43.35 -76.80 -108.62
C ARG UD 127 43.60 -76.29 -110.04
N SER VD 1 45.98 -69.72 -103.19
CA SER VD 1 46.50 -69.75 -101.83
C SER VD 1 48.03 -69.77 -101.83
N LYS VD 2 48.59 -70.40 -100.80
CA LYS VD 2 50.04 -70.43 -100.60
C LYS VD 2 50.41 -71.78 -100.01
N THR VD 3 51.26 -72.53 -100.72
CA THR VD 3 51.67 -73.86 -100.32
C THR VD 3 53.14 -73.85 -99.90
N ILE VD 4 53.43 -74.59 -98.84
CA ILE VD 4 54.79 -74.72 -98.32
C ILE VD 4 55.11 -76.20 -98.23
N VAL VD 5 56.20 -76.62 -98.87
CA VAL VD 5 56.63 -78.02 -98.91
C VAL VD 5 57.79 -78.19 -97.95
N LEU VD 6 57.65 -79.13 -97.02
CA LEU VD 6 58.68 -79.44 -96.04
C LEU VD 6 59.13 -80.88 -96.21
N SER VD 7 60.45 -81.08 -96.32
CA SER VD 7 61.02 -82.40 -96.53
C SER VD 7 61.53 -82.93 -95.19
N VAL VD 8 60.95 -84.05 -94.74
CA VAL VD 8 61.36 -84.67 -93.48
C VAL VD 8 62.44 -85.72 -93.66
N GLY VD 9 62.70 -86.16 -94.90
CA GLY VD 9 63.70 -87.18 -95.14
C GLY VD 9 63.21 -88.24 -96.10
N GLU VD 10 62.00 -88.76 -95.86
CA GLU VD 10 61.39 -89.76 -96.72
C GLU VD 10 60.03 -89.34 -97.28
N ALA VD 11 59.35 -88.39 -96.65
CA ALA VD 11 58.06 -87.91 -97.11
C ALA VD 11 58.08 -86.39 -97.14
N THR VD 12 57.10 -85.82 -97.85
CA THR VD 12 56.98 -84.37 -98.01
C THR VD 12 55.63 -83.93 -97.45
N ARG VD 13 55.67 -82.98 -96.52
CA ARG VD 13 54.46 -82.42 -95.93
C ARG VD 13 54.13 -81.08 -96.59
N THR VD 14 52.82 -80.81 -96.69
CA THR VD 14 52.32 -79.62 -97.37
C THR VD 14 51.50 -78.80 -96.39
N LEU VD 15 51.88 -77.54 -96.22
CA LEU VD 15 51.15 -76.58 -95.41
C LEU VD 15 50.46 -75.57 -96.31
N THR VD 16 49.19 -75.28 -96.02
CA THR VD 16 48.37 -74.40 -96.84
C THR VD 16 47.99 -73.16 -96.06
N GLU VD 17 48.03 -72.01 -96.74
CA GLU VD 17 47.59 -70.76 -96.12
C GLU VD 17 46.09 -70.79 -95.92
N ILE VD 18 45.65 -70.42 -94.70
CA ILE VD 18 44.25 -70.49 -94.30
C ILE VD 18 43.69 -69.10 -94.01
N GLN VD 19 44.39 -68.31 -93.21
CA GLN VD 19 43.89 -67.03 -92.72
C GLN VD 19 44.84 -65.93 -93.20
N SER VD 20 44.68 -65.52 -94.45
CA SER VD 20 45.57 -64.53 -95.06
C SER VD 20 45.23 -63.15 -94.53
N THR VD 21 46.10 -62.64 -93.66
CA THR VD 21 45.97 -61.30 -93.11
C THR VD 21 47.37 -60.74 -92.87
N ALA VD 22 47.47 -59.41 -92.92
CA ALA VD 22 48.77 -58.75 -92.80
C ALA VD 22 49.36 -58.94 -91.41
N ASP VD 23 48.60 -58.59 -90.36
CA ASP VD 23 49.10 -58.65 -89.00
C ASP VD 23 49.09 -60.06 -88.41
N ARG VD 24 48.54 -61.05 -89.13
CA ARG VD 24 48.48 -62.41 -88.61
C ARG VD 24 48.31 -63.36 -89.79
N GLN VD 25 49.34 -64.14 -90.08
CA GLN VD 25 49.30 -65.15 -91.13
C GLN VD 25 49.26 -66.53 -90.47
N ILE VD 26 48.23 -67.31 -90.79
CA ILE VD 26 48.00 -68.61 -90.19
C ILE VD 26 48.13 -69.67 -91.27
N PHE VD 27 49.17 -70.48 -91.20
CA PHE VD 27 49.37 -71.62 -92.09
C PHE VD 27 48.98 -72.90 -91.37
N GLU VD 28 48.28 -73.78 -92.08
CA GLU VD 28 47.82 -75.04 -91.51
C GLU VD 28 48.18 -76.19 -92.43
N GLU VD 29 48.68 -77.27 -91.83
CA GLU VD 29 49.10 -78.44 -92.59
C GLU VD 29 47.88 -79.29 -92.95
N LYS VD 30 47.83 -79.73 -94.21
CA LYS VD 30 46.73 -80.53 -94.73
C LYS VD 30 47.25 -81.95 -94.98
N VAL VD 31 46.86 -82.88 -94.12
CA VAL VD 31 47.24 -84.28 -94.28
C VAL VD 31 45.99 -85.15 -94.10
N GLY VD 32 45.29 -84.96 -92.99
CA GLY VD 32 44.09 -85.72 -92.71
C GLY VD 32 43.13 -84.93 -91.82
N PRO VD 33 43.14 -85.23 -90.52
CA PRO VD 33 42.29 -84.48 -89.59
C PRO VD 33 42.80 -83.06 -89.41
N LEU VD 34 41.95 -82.09 -89.72
CA LEU VD 34 42.37 -80.69 -89.61
C LEU VD 34 42.52 -80.25 -88.17
N VAL VD 35 41.68 -80.77 -87.27
CA VAL VD 35 41.80 -80.41 -85.86
C VAL VD 35 42.98 -81.14 -85.25
N GLY VD 36 43.75 -80.43 -84.44
CA GLY VD 36 44.92 -81.00 -83.80
C GLY VD 36 46.01 -81.37 -84.79
N ARG VD 37 46.44 -80.40 -85.58
CA ARG VD 37 47.47 -80.63 -86.59
C ARG VD 37 48.63 -79.65 -86.42
N LEU VD 38 49.31 -79.34 -87.52
CA LEU VD 38 50.44 -78.42 -87.51
C LEU VD 38 49.96 -77.03 -87.93
N ARG VD 39 50.20 -76.04 -87.08
CA ARG VD 39 49.82 -74.66 -87.36
C ARG VD 39 51.01 -73.75 -87.15
N LEU VD 40 51.03 -72.65 -87.92
CA LEU VD 40 52.11 -71.69 -87.87
C LEU VD 40 51.53 -70.28 -87.92
N THR VD 41 51.92 -69.45 -86.95
CA THR VD 41 51.45 -68.08 -86.84
C THR VD 41 52.62 -67.14 -87.09
N ALA VD 42 52.46 -66.23 -88.05
CA ALA VD 42 53.48 -65.25 -88.40
C ALA VD 42 52.92 -63.84 -88.22
N SER VD 43 53.75 -62.95 -87.69
CA SER VD 43 53.34 -61.57 -87.47
C SER VD 43 54.54 -60.66 -87.72
N LEU VD 44 54.27 -59.51 -88.32
CA LEU VD 44 55.28 -58.49 -88.60
C LEU VD 44 54.74 -57.12 -88.23
N ARG VD 45 55.54 -56.31 -87.56
CA ARG VD 45 55.11 -54.99 -87.13
C ARG VD 45 56.33 -54.08 -87.02
N GLN VD 46 56.10 -52.89 -86.46
CA GLN VD 46 57.13 -51.90 -86.21
C GLN VD 46 57.32 -51.75 -84.70
N ASN VD 47 57.95 -50.66 -84.29
CA ASN VD 47 58.20 -50.41 -82.87
C ASN VD 47 58.56 -48.94 -82.69
N GLY VD 48 58.28 -48.44 -81.49
CA GLY VD 48 58.67 -47.10 -81.09
C GLY VD 48 58.30 -46.00 -82.07
N ALA VD 49 59.32 -45.32 -82.61
CA ALA VD 49 59.10 -44.24 -83.56
C ALA VD 49 59.78 -44.59 -84.89
N LYS VD 50 59.29 -45.65 -85.53
CA LYS VD 50 59.76 -46.09 -86.84
C LYS VD 50 61.26 -46.36 -86.83
N THR VD 51 61.75 -46.92 -85.72
CA THR VD 51 63.17 -47.26 -85.60
C THR VD 51 63.45 -48.65 -86.17
N ALA VD 52 63.09 -49.69 -85.41
CA ALA VD 52 63.33 -51.06 -85.84
C ALA VD 52 62.02 -51.75 -86.21
N TYR VD 53 62.02 -53.08 -86.17
CA TYR VD 53 60.83 -53.87 -86.49
C TYR VD 53 60.71 -55.00 -85.48
N ARG VD 54 59.61 -55.76 -85.60
CA ARG VD 54 59.35 -56.88 -84.72
C ARG VD 54 58.68 -57.99 -85.52
N VAL VD 55 59.29 -59.17 -85.51
CA VAL VD 55 58.77 -60.34 -86.21
C VAL VD 55 58.54 -61.44 -85.19
N ASN VD 56 57.37 -62.06 -85.27
CA ASN VD 56 57.00 -63.14 -84.36
C ASN VD 56 56.61 -64.36 -85.19
N LEU VD 57 57.18 -65.51 -84.82
CA LEU VD 57 56.92 -66.77 -85.51
C LEU VD 57 56.67 -67.86 -84.46
N LYS VD 58 55.46 -68.42 -84.47
CA LYS VD 58 55.08 -69.47 -83.54
C LYS VD 58 54.67 -70.71 -84.32
N LEU VD 59 55.03 -71.88 -83.81
CA LEU VD 59 54.71 -73.16 -84.44
C LEU VD 59 54.11 -74.08 -83.39
N ASP VD 60 52.87 -74.51 -83.62
CA ASP VD 60 52.16 -75.37 -82.69
C ASP VD 60 51.76 -76.67 -83.36
N GLN VD 61 51.72 -77.74 -82.57
CA GLN VD 61 51.34 -79.05 -83.06
C GLN VD 61 50.85 -79.88 -81.89
N ALA VD 62 49.56 -80.19 -81.87
CA ALA VD 62 48.93 -80.96 -80.79
C ALA VD 62 48.63 -82.37 -81.29
N ASP VD 63 49.07 -83.36 -80.51
CA ASP VD 63 48.83 -84.75 -80.85
C ASP VD 63 47.39 -85.13 -80.56
N VAL VD 64 46.87 -86.09 -81.33
CA VAL VD 64 45.50 -86.55 -81.19
C VAL VD 64 45.51 -88.05 -80.93
N VAL VD 65 44.43 -88.53 -80.32
CA VAL VD 65 44.25 -89.95 -80.03
C VAL VD 65 42.82 -90.34 -80.38
N ASP VD 66 42.63 -91.62 -80.70
CA ASP VD 66 41.34 -92.15 -81.10
C ASP VD 66 41.22 -93.60 -80.67
N CYS VD 67 40.01 -93.98 -80.28
CA CYS VD 67 39.74 -95.34 -79.83
C CYS VD 67 38.70 -96.07 -80.68
N SER VD 68 38.34 -95.53 -81.85
CA SER VD 68 37.33 -96.17 -82.68
C SER VD 68 37.84 -97.47 -83.30
N THR VD 69 39.14 -97.72 -83.24
CA THR VD 69 39.68 -98.96 -83.79
C THR VD 69 39.33 -100.16 -82.94
N SER VD 70 39.24 -99.98 -81.61
CA SER VD 70 38.93 -101.08 -80.71
C SER VD 70 37.68 -100.77 -79.90
N VAL VD 71 37.68 -99.64 -79.19
CA VAL VD 71 36.55 -99.24 -78.36
C VAL VD 71 35.41 -98.81 -79.29
N CYS VD 72 34.18 -99.12 -78.90
CA CYS VD 72 33.04 -98.79 -79.74
C CYS VD 72 32.46 -97.42 -79.38
N GLY VD 73 33.32 -96.40 -79.29
CA GLY VD 73 32.84 -95.04 -79.31
C GLY VD 73 33.75 -94.05 -78.60
N GLU VD 74 34.54 -93.31 -79.39
CA GLU VD 74 35.42 -92.28 -78.82
C GLU VD 74 35.86 -91.37 -79.96
N LEU VD 75 35.49 -90.09 -79.87
CA LEU VD 75 35.88 -89.13 -80.90
C LEU VD 75 37.36 -88.80 -80.77
N PRO VD 76 37.99 -88.37 -81.87
CA PRO VD 76 39.40 -87.96 -81.80
C PRO VD 76 39.59 -86.82 -80.81
N LYS VD 77 40.41 -87.09 -79.79
CA LYS VD 77 40.63 -86.14 -78.69
C LYS VD 77 42.08 -85.71 -78.66
N VAL VD 78 42.30 -84.41 -78.47
CA VAL VD 78 43.66 -83.89 -78.38
C VAL VD 78 44.26 -84.27 -77.03
N ARG VD 79 45.60 -84.38 -77.01
CA ARG VD 79 46.31 -84.76 -75.80
C ARG VD 79 47.05 -83.55 -75.28
N TYR VD 80 48.32 -83.36 -75.62
CA TYR VD 80 49.12 -82.24 -75.16
C TYR VD 80 49.26 -81.20 -76.26
N THR VD 81 49.78 -80.04 -75.88
CA THR VD 81 50.00 -78.93 -76.80
C THR VD 81 51.40 -78.39 -76.62
N GLN VD 82 52.08 -78.15 -77.74
CA GLN VD 82 53.45 -77.63 -77.74
C GLN VD 82 53.47 -76.25 -78.39
N VAL VD 83 54.17 -75.32 -77.75
CA VAL VD 83 54.27 -73.94 -78.21
C VAL VD 83 55.75 -73.60 -78.39
N TRP VD 84 56.10 -73.14 -79.59
CA TRP VD 84 57.48 -72.75 -79.92
C TRP VD 84 57.40 -71.40 -80.64
N SER VD 85 57.46 -70.32 -79.87
CA SER VD 85 57.40 -68.97 -80.42
C SER VD 85 58.80 -68.43 -80.67
N HIS VD 86 58.85 -67.31 -81.39
CA HIS VD 86 60.10 -66.65 -81.72
C HIS VD 86 59.95 -65.15 -81.53
N ASP VD 87 61.06 -64.43 -81.70
CA ASP VD 87 61.05 -62.97 -81.56
C ASP VD 87 62.27 -62.43 -82.31
N VAL VD 88 62.02 -61.68 -83.38
CA VAL VD 88 63.07 -61.11 -84.21
C VAL VD 88 63.00 -59.59 -84.08
N THR VD 89 64.07 -58.99 -83.57
CA THR VD 89 64.17 -57.54 -83.39
C THR VD 89 65.41 -57.07 -84.15
N ILE VD 90 65.27 -56.88 -85.46
CA ILE VD 90 66.35 -56.44 -86.32
C ILE VD 90 66.01 -55.05 -86.85
N VAL VD 91 66.95 -54.11 -86.67
CA VAL VD 91 66.73 -52.75 -87.14
C VAL VD 91 66.89 -52.70 -88.66
N ALA VD 92 66.27 -51.68 -89.28
CA ALA VD 92 66.32 -51.55 -90.72
C ALA VD 92 67.73 -51.19 -91.20
N ASN VD 93 68.26 -50.08 -90.69
CA ASN VD 93 69.60 -49.63 -91.07
C ASN VD 93 70.63 -50.50 -90.35
N SER VD 94 70.87 -51.68 -90.93
CA SER VD 94 71.85 -52.61 -90.37
C SER VD 94 72.92 -52.94 -91.39
N THR VD 95 73.26 -54.22 -91.52
CA THR VD 95 74.28 -54.67 -92.46
C THR VD 95 73.86 -56.01 -93.05
N GLU VD 96 73.88 -56.10 -94.39
CA GLU VD 96 73.49 -57.33 -95.06
C GLU VD 96 74.47 -58.46 -94.74
N ALA VD 97 75.76 -58.16 -94.72
CA ALA VD 97 76.75 -59.19 -94.40
C ALA VD 97 76.59 -59.66 -92.95
N SER VD 98 76.35 -58.74 -92.02
CA SER VD 98 76.14 -59.13 -90.63
C SER VD 98 74.88 -59.96 -90.48
N ARG VD 99 73.81 -59.60 -91.19
CA ARG VD 99 72.58 -60.38 -91.12
C ARG VD 99 72.78 -61.77 -91.69
N LYS VD 100 73.53 -61.89 -92.80
CA LYS VD 100 73.81 -63.19 -93.38
C LYS VD 100 74.65 -64.04 -92.44
N SER VD 101 75.66 -63.44 -91.79
CA SER VD 101 76.49 -64.18 -90.84
C SER VD 101 75.67 -64.64 -89.65
N LEU VD 102 74.76 -63.79 -89.16
CA LEU VD 102 73.91 -64.18 -88.03
C LEU VD 102 72.98 -65.31 -88.42
N TYR VD 103 72.41 -65.25 -89.63
CA TYR VD 103 71.54 -66.32 -90.10
C TYR VD 103 72.32 -67.63 -90.25
N ASP VD 104 73.55 -67.55 -90.76
CA ASP VD 104 74.37 -68.77 -90.88
C ASP VD 104 74.72 -69.34 -89.52
N LEU VD 105 75.02 -68.48 -88.55
CA LEU VD 105 75.31 -68.95 -87.19
C LEU VD 105 74.09 -69.60 -86.56
N THR VD 106 72.91 -69.01 -86.77
CA THR VD 106 71.69 -69.60 -86.24
C THR VD 106 71.41 -70.95 -86.89
N LYS VD 107 71.61 -71.04 -88.21
CA LYS VD 107 71.40 -72.32 -88.89
C LYS VD 107 72.37 -73.37 -88.39
N SER VD 108 73.63 -73.00 -88.16
CA SER VD 108 74.60 -73.95 -87.64
C SER VD 108 74.24 -74.40 -86.23
N LEU VD 109 73.81 -73.47 -85.38
CA LEU VD 109 73.41 -73.83 -84.02
C LEU VD 109 72.17 -74.72 -84.03
N VAL VD 110 71.28 -74.53 -85.00
CA VAL VD 110 70.08 -75.38 -85.08
C VAL VD 110 70.46 -76.77 -85.58
N ALA VD 111 71.32 -76.85 -86.59
CA ALA VD 111 71.70 -78.12 -87.18
C ALA VD 111 72.74 -78.88 -86.35
N THR VD 112 73.33 -78.26 -85.34
CA THR VD 112 74.31 -78.96 -84.51
C THR VD 112 73.64 -80.07 -83.70
N SER VD 113 74.47 -80.98 -83.19
CA SER VD 113 73.99 -82.12 -82.43
C SER VD 113 73.75 -81.81 -80.96
N GLN VD 114 74.20 -80.66 -80.47
CA GLN VD 114 74.01 -80.30 -79.08
C GLN VD 114 72.57 -79.93 -78.77
N VAL VD 115 71.93 -79.13 -79.64
CA VAL VD 115 70.53 -78.76 -79.42
C VAL VD 115 69.63 -79.99 -79.55
N GLU VD 116 69.97 -80.91 -80.46
CA GLU VD 116 69.18 -82.14 -80.58
C GLU VD 116 69.24 -82.96 -79.30
N ASP VD 117 70.42 -83.07 -78.70
CA ASP VD 117 70.54 -83.79 -77.43
C ASP VD 117 69.81 -83.06 -76.32
N LEU VD 118 69.91 -81.73 -76.29
CA LEU VD 118 69.19 -80.95 -75.29
C LEU VD 118 67.68 -81.14 -75.42
N VAL VD 119 67.18 -81.30 -76.64
CA VAL VD 119 65.75 -81.50 -76.84
C VAL VD 119 65.34 -82.91 -76.46
N VAL VD 120 66.10 -83.91 -76.90
CA VAL VD 120 65.73 -85.31 -76.69
C VAL VD 120 66.00 -85.72 -75.25
N ASN VD 121 67.27 -85.81 -74.88
CA ASN VD 121 67.66 -86.32 -73.57
C ASN VD 121 67.50 -85.31 -72.45
N LEU VD 122 67.04 -84.09 -72.75
CA LEU VD 122 66.82 -83.04 -71.74
C LEU VD 122 68.10 -82.73 -70.96
N VAL VD 123 69.25 -82.93 -71.59
CA VAL VD 123 70.55 -82.64 -70.98
C VAL VD 123 70.93 -81.19 -71.28
N PRO VD 124 71.35 -80.41 -70.29
CA PRO VD 124 71.70 -79.01 -70.56
C PRO VD 124 72.82 -78.90 -71.59
N LEU VD 125 72.74 -77.86 -72.42
CA LEU VD 125 73.69 -77.65 -73.50
C LEU VD 125 75.06 -77.32 -72.91
N GLY VD 126 76.05 -78.15 -73.22
CA GLY VD 126 77.39 -77.95 -72.73
C GLY VD 126 78.34 -79.07 -73.10
N ARG VD 127 78.73 -79.14 -74.36
CA ARG VD 127 79.64 -80.17 -74.84
C ARG VD 127 81.00 -79.58 -75.22
N SER WD 1 80.32 -86.41 -72.74
CA SER WD 1 79.68 -86.66 -71.46
C SER WD 1 80.43 -87.74 -70.66
N LYS WD 2 79.69 -88.48 -69.85
CA LYS WD 2 80.26 -89.49 -68.97
C LYS WD 2 79.30 -90.65 -68.88
N THR WD 3 79.76 -91.84 -69.28
CA THR WD 3 78.94 -93.04 -69.30
C THR WD 3 79.41 -94.02 -68.23
N ILE WD 4 78.44 -94.66 -67.57
CA ILE WD 4 78.70 -95.65 -66.53
C ILE WD 4 77.96 -96.92 -66.90
N VAL WD 5 78.70 -98.03 -66.99
CA VAL WD 5 78.13 -99.32 -67.37
C VAL WD 5 77.99 -100.18 -66.11
N LEU WD 6 76.78 -100.66 -65.86
CA LEU WD 6 76.48 -101.50 -64.71
C LEU WD 6 76.00 -102.86 -65.20
N SER WD 7 76.62 -103.92 -64.68
CA SER WD 7 76.29 -105.29 -65.07
C SER WD 7 75.37 -105.89 -64.02
N VAL WD 8 74.14 -106.26 -64.44
CA VAL WD 8 73.17 -106.87 -63.53
C VAL WD 8 73.24 -108.39 -63.53
N GLY WD 9 73.92 -108.99 -64.51
CA GLY WD 9 74.01 -110.43 -64.59
C GLY WD 9 73.78 -110.94 -66.01
N GLU WD 10 72.73 -110.45 -66.65
CA GLU WD 10 72.41 -110.82 -68.03
C GLU WD 10 72.34 -109.64 -68.98
N ALA WD 11 72.12 -108.43 -68.48
CA ALA WD 11 72.06 -107.22 -69.30
C ALA WD 11 72.95 -106.15 -68.69
N THR WD 12 73.25 -105.14 -69.49
CA THR WD 12 74.12 -104.03 -69.09
C THR WD 12 73.33 -102.73 -69.20
N ARG WD 13 73.29 -101.99 -68.09
CA ARG WD 13 72.61 -100.70 -68.04
C ARG WD 13 73.63 -99.57 -68.18
N THR WD 14 73.20 -98.49 -68.81
CA THR WD 14 74.07 -97.34 -69.10
C THR WD 14 73.49 -96.10 -68.45
N LEU WD 15 74.28 -95.45 -67.60
CA LEU WD 15 73.92 -94.17 -66.99
C LEU WD 15 74.74 -93.06 -67.61
N THR WD 16 74.08 -91.95 -67.94
CA THR WD 16 74.71 -90.84 -68.62
C THR WD 16 74.72 -89.60 -67.74
N GLU WD 17 75.83 -88.87 -67.75
CA GLU WD 17 75.93 -87.62 -67.01
C GLU WD 17 75.02 -86.58 -67.64
N ILE WD 18 74.22 -85.92 -66.82
CA ILE WD 18 73.23 -84.95 -67.26
C ILE WD 18 73.58 -83.54 -66.78
N GLN WD 19 73.81 -83.38 -65.49
CA GLN WD 19 73.97 -82.07 -64.86
C GLN WD 19 75.38 -81.99 -64.27
N SER WD 20 76.35 -81.71 -65.13
CA SER WD 20 77.76 -81.66 -64.74
C SER WD 20 78.03 -80.41 -63.93
N THR WD 21 78.18 -80.56 -62.62
CA THR WD 21 78.52 -79.45 -61.74
C THR WD 21 79.38 -79.99 -60.59
N ALA WD 22 80.23 -79.13 -60.04
CA ALA WD 22 81.16 -79.54 -59.01
C ALA WD 22 80.44 -79.96 -57.74
N ASP WD 23 79.58 -79.10 -57.21
CA ASP WD 23 78.91 -79.35 -55.94
C ASP WD 23 77.72 -80.29 -56.08
N ARG WD 24 77.35 -80.69 -57.30
CA ARG WD 24 76.20 -81.58 -57.49
C ARG WD 24 76.35 -82.24 -58.86
N GLN WD 25 76.62 -83.54 -58.86
CA GLN WD 25 76.70 -84.33 -60.08
C GLN WD 25 75.47 -85.23 -60.17
N ILE WD 26 74.73 -85.11 -61.27
CA ILE WD 26 73.47 -85.82 -61.46
C ILE WD 26 73.64 -86.77 -62.65
N PHE WD 27 73.65 -88.06 -62.37
CA PHE WD 27 73.69 -89.09 -63.40
C PHE WD 27 72.31 -89.68 -63.59
N GLU WD 28 71.91 -89.89 -64.85
CA GLU WD 28 70.59 -90.41 -65.17
C GLU WD 28 70.72 -91.57 -66.15
N GLU WD 29 69.97 -92.64 -65.86
CA GLU WD 29 69.99 -93.84 -66.69
C GLU WD 29 69.14 -93.64 -67.95
N LYS WD 30 69.69 -94.02 -69.10
CA LYS WD 30 69.02 -93.89 -70.39
C LYS WD 30 68.65 -95.28 -70.88
N VAL WD 31 67.36 -95.59 -70.82
CA VAL WD 31 66.85 -96.88 -71.31
C VAL WD 31 65.63 -96.61 -72.18
N GLY WD 32 64.65 -95.89 -71.63
CA GLY WD 32 63.44 -95.57 -72.35
C GLY WD 32 62.83 -94.27 -71.87
N PRO WD 33 61.82 -94.37 -71.00
CA PRO WD 33 61.21 -93.15 -70.43
C PRO WD 33 62.15 -92.48 -69.46
N LEU WD 34 62.48 -91.23 -69.73
CA LEU WD 34 63.42 -90.50 -68.87
C LEU WD 34 62.80 -90.16 -67.52
N VAL WD 35 61.50 -89.87 -67.49
CA VAL WD 35 60.83 -89.56 -66.24
C VAL WD 35 60.61 -90.85 -65.46
N GLY WD 36 60.87 -90.80 -64.16
CA GLY WD 36 60.71 -91.97 -63.31
C GLY WD 36 61.70 -93.07 -63.63
N ARG WD 37 62.99 -92.75 -63.61
CA ARG WD 37 64.03 -93.73 -63.93
C ARG WD 37 65.04 -93.81 -62.80
N LEU WD 38 66.28 -94.15 -63.14
CA LEU WD 38 67.36 -94.28 -62.17
C LEU WD 38 68.20 -93.00 -62.18
N ARG WD 39 68.33 -92.38 -61.01
CA ARG WD 39 69.10 -91.15 -60.86
C ARG WD 39 70.07 -91.29 -59.70
N LEU WD 40 71.21 -90.60 -59.83
CA LEU WD 40 72.27 -90.66 -58.83
C LEU WD 40 72.80 -89.25 -58.61
N THR WD 41 72.84 -88.84 -57.34
CA THR WD 41 73.31 -87.52 -56.93
C THR WD 41 74.60 -87.68 -56.13
N ALA WD 42 75.66 -87.01 -56.57
CA ALA WD 42 76.95 -87.05 -55.91
C ALA WD 42 77.36 -85.64 -55.49
N SER WD 43 77.93 -85.53 -54.29
CA SER WD 43 78.37 -84.24 -53.78
C SER WD 43 79.64 -84.43 -52.97
N LEU WD 44 80.56 -83.49 -53.10
CA LEU WD 44 81.82 -83.49 -52.37
C LEU WD 44 82.09 -82.09 -51.82
N ARG WD 45 82.52 -82.02 -50.56
CA ARG WD 45 82.77 -80.74 -49.94
C ARG WD 45 83.82 -80.91 -48.85
N GLN WD 46 84.03 -79.85 -48.06
CA GLN WD 46 84.94 -79.84 -46.93
C GLN WD 46 84.13 -79.73 -45.63
N ASN WD 47 84.80 -79.34 -44.55
CA ASN WD 47 84.14 -79.21 -43.27
C ASN WD 47 85.03 -78.39 -42.34
N GLY WD 48 84.40 -77.72 -41.37
CA GLY WD 48 85.10 -77.00 -40.33
C GLY WD 48 86.18 -76.05 -40.81
N ALA WD 49 87.41 -76.31 -40.41
CA ALA WD 49 88.55 -75.48 -40.80
C ALA WD 49 89.55 -76.32 -41.58
N LYS WD 50 89.13 -76.79 -42.76
CA LYS WD 50 89.97 -77.56 -43.67
C LYS WD 50 90.56 -78.79 -43.00
N THR WD 51 89.76 -79.44 -42.14
CA THR WD 51 90.19 -80.65 -41.44
C THR WD 51 89.92 -81.89 -42.29
N ALA WD 52 88.65 -82.31 -42.34
CA ALA WD 52 88.28 -83.50 -43.10
C ALA WD 52 87.47 -83.12 -44.33
N TYR WD 53 86.69 -84.06 -44.84
CA TYR WD 53 85.85 -83.83 -46.02
C TYR WD 53 84.49 -84.47 -45.79
N ARG WD 54 83.59 -84.26 -46.75
CA ARG WD 54 82.24 -84.80 -46.68
C ARG WD 54 81.80 -85.20 -48.07
N VAL WD 55 81.43 -86.47 -48.24
CA VAL WD 55 80.96 -87.00 -49.51
C VAL WD 55 79.56 -87.55 -49.31
N ASN WD 56 78.67 -87.18 -50.23
CA ASN WD 56 77.28 -87.61 -50.19
C ASN WD 56 76.92 -88.30 -51.50
N LEU WD 57 76.31 -89.48 -51.41
CA LEU WD 57 75.91 -90.26 -52.57
C LEU WD 57 74.49 -90.76 -52.35
N LYS WD 58 73.58 -90.33 -53.22
CA LYS WD 58 72.18 -90.74 -53.14
C LYS WD 58 71.78 -91.41 -54.45
N LEU WD 59 70.96 -92.45 -54.34
CA LEU WD 59 70.49 -93.19 -55.51
C LEU WD 59 68.98 -93.35 -55.42
N ASP WD 60 68.26 -92.81 -56.40
CA ASP WD 60 66.81 -92.84 -56.42
C ASP WD 60 66.31 -93.57 -57.66
N GLN WD 61 65.17 -94.23 -57.51
CA GLN WD 61 64.54 -94.95 -58.63
C GLN WD 61 63.06 -95.09 -58.33
N ALA WD 62 62.23 -94.41 -59.12
CA ALA WD 62 60.79 -94.43 -58.95
C ALA WD 62 60.15 -95.28 -60.04
N ASP WD 63 59.30 -96.23 -59.64
CA ASP WD 63 58.62 -97.08 -60.58
C ASP WD 63 57.48 -96.33 -61.28
N VAL WD 64 57.19 -96.73 -62.51
CA VAL WD 64 56.14 -96.09 -63.31
C VAL WD 64 55.12 -97.15 -63.71
N VAL WD 65 53.92 -96.69 -64.01
CA VAL WD 65 52.82 -97.55 -64.46
C VAL WD 65 52.12 -96.87 -65.63
N ASP WD 66 51.50 -97.69 -66.48
CA ASP WD 66 50.83 -97.20 -67.67
C ASP WD 66 49.66 -98.12 -68.00
N CYS WD 67 48.58 -97.52 -68.49
CA CYS WD 67 47.37 -98.26 -68.85
C CYS WD 67 47.01 -98.14 -70.32
N SER WD 68 47.89 -97.60 -71.17
CA SER WD 68 47.56 -97.45 -72.57
C SER WD 68 47.49 -98.78 -73.31
N THR WD 69 47.95 -99.86 -72.69
CA THR WD 69 47.88 -101.17 -73.33
C THR WD 69 46.46 -101.71 -73.36
N SER WD 70 45.67 -101.39 -72.34
CA SER WD 70 44.28 -101.88 -72.27
C SER WD 70 43.30 -100.72 -72.18
N VAL WD 71 43.49 -99.85 -71.19
CA VAL WD 71 42.61 -98.71 -70.99
C VAL WD 71 42.89 -97.69 -72.09
N CYS WD 72 41.85 -97.04 -72.60
CA CYS WD 72 42.07 -96.09 -73.68
C CYS WD 72 42.28 -94.68 -73.15
N GLY WD 73 43.21 -94.52 -72.20
CA GLY WD 73 43.76 -93.22 -71.91
C GLY WD 73 44.32 -93.07 -70.51
N GLU WD 74 45.64 -93.16 -70.38
CA GLU WD 74 46.31 -92.99 -69.09
C GLU WD 74 47.78 -92.74 -69.35
N LEU WD 75 48.27 -91.56 -68.96
CA LEU WD 75 49.67 -91.24 -69.13
C LEU WD 75 50.52 -92.03 -68.13
N PRO WD 76 51.80 -92.25 -68.45
CA PRO WD 76 52.69 -92.94 -67.50
C PRO WD 76 52.79 -92.16 -66.19
N LYS WD 77 52.38 -92.81 -65.10
CA LYS WD 77 52.30 -92.19 -63.79
C LYS WD 77 53.26 -92.88 -62.83
N VAL WD 78 53.98 -92.10 -62.04
CA VAL WD 78 54.90 -92.65 -61.07
C VAL WD 78 54.11 -93.23 -59.89
N ARG WD 79 54.69 -94.22 -59.23
CA ARG WD 79 54.03 -94.88 -58.10
C ARG WD 79 54.78 -94.47 -56.83
N TYR WD 80 55.72 -95.26 -56.35
CA TYR WD 80 56.47 -94.97 -55.13
C TYR WD 80 57.85 -94.41 -55.47
N THR WD 81 58.52 -93.92 -54.43
CA THR WD 81 59.86 -93.35 -54.56
C THR WD 81 60.76 -93.94 -53.48
N GLN WD 82 61.96 -94.33 -53.87
CA GLN WD 82 62.93 -94.91 -52.95
C GLN WD 82 64.15 -94.00 -52.86
N VAL WD 83 64.62 -93.75 -51.64
CA VAL WD 83 65.76 -92.88 -51.38
C VAL WD 83 66.80 -93.67 -50.61
N TRP WD 84 68.03 -93.71 -51.13
CA TRP WD 84 69.15 -94.41 -50.51
C TRP WD 84 70.35 -93.46 -50.54
N SER WD 85 70.49 -92.66 -49.49
CA SER WD 85 71.58 -91.69 -49.38
C SER WD 85 72.76 -92.30 -48.63
N HIS WD 86 73.89 -91.60 -48.68
CA HIS WD 86 75.11 -92.03 -48.02
C HIS WD 86 75.77 -90.83 -47.34
N ASP WD 87 76.84 -91.11 -46.60
CA ASP WD 87 77.57 -90.05 -45.91
C ASP WD 87 78.97 -90.57 -45.62
N VAL WD 88 79.97 -89.95 -46.25
CA VAL WD 88 81.37 -90.35 -46.09
C VAL WD 88 82.12 -89.21 -45.42
N THR WD 89 82.64 -89.47 -44.23
CA THR WD 89 83.41 -88.49 -43.45
C THR WD 89 84.79 -89.09 -43.19
N ILE WD 90 85.69 -88.96 -44.16
CA ILE WD 90 87.05 -89.48 -44.08
C ILE WD 90 88.01 -88.31 -44.07
N VAL WD 91 88.89 -88.26 -43.08
CA VAL WD 91 89.87 -87.19 -42.98
C VAL WD 91 90.96 -87.39 -44.04
N ALA WD 92 91.63 -86.30 -44.40
CA ALA WD 92 92.68 -86.37 -45.42
C ALA WD 92 93.90 -87.13 -44.89
N ASN WD 93 94.47 -86.67 -43.78
CA ASN WD 93 95.64 -87.30 -43.18
C ASN WD 93 95.20 -88.58 -42.47
N SER WD 94 95.02 -89.64 -43.24
CA SER WD 94 94.60 -90.93 -42.71
C SER WD 94 95.63 -92.00 -43.05
N THR WD 95 95.16 -93.17 -43.50
CA THR WD 95 96.02 -94.27 -43.86
C THR WD 95 95.44 -94.99 -45.06
N GLU WD 96 96.28 -95.20 -46.09
CA GLU WD 96 95.81 -95.87 -47.30
C GLU WD 96 95.44 -97.32 -47.01
N ALA WD 97 96.26 -98.01 -46.20
CA ALA WD 97 95.95 -99.39 -45.85
C ALA WD 97 94.66 -99.49 -45.05
N SER WD 98 94.46 -98.57 -44.10
CA SER WD 98 93.23 -98.58 -43.32
C SER WD 98 92.02 -98.29 -44.20
N ARG WD 99 92.15 -97.35 -45.14
CA ARG WD 99 91.04 -97.05 -46.05
C ARG WD 99 90.73 -98.25 -46.94
N LYS WD 100 91.76 -98.94 -47.42
CA LYS WD 100 91.54 -100.13 -48.25
C LYS WD 100 90.86 -101.24 -47.45
N SER WD 101 91.29 -101.44 -46.20
CA SER WD 101 90.67 -102.45 -45.36
C SER WD 101 89.21 -102.11 -45.07
N LEU WD 102 88.92 -100.83 -44.83
CA LEU WD 102 87.55 -100.40 -44.58
C LEU WD 102 86.69 -100.61 -45.82
N TYR WD 103 87.23 -100.29 -46.99
CA TYR WD 103 86.48 -100.50 -48.24
C TYR WD 103 86.22 -101.98 -48.48
N ASP WD 104 87.21 -102.82 -48.19
CA ASP WD 104 87.02 -104.27 -48.36
C ASP WD 104 85.98 -104.79 -47.38
N LEU WD 105 85.99 -104.31 -46.14
CA LEU WD 105 84.98 -104.72 -45.17
C LEU WD 105 83.59 -104.28 -45.59
N THR WD 106 83.47 -103.05 -46.12
CA THR WD 106 82.17 -102.58 -46.60
C THR WD 106 81.69 -103.41 -47.78
N LYS WD 107 82.59 -103.74 -48.71
CA LYS WD 107 82.23 -104.56 -49.85
C LYS WD 107 81.78 -105.96 -49.40
N SER WD 108 82.46 -106.53 -48.42
CA SER WD 108 82.07 -107.84 -47.91
C SER WD 108 80.71 -107.79 -47.22
N LEU WD 109 80.48 -106.74 -46.42
CA LEU WD 109 79.18 -106.61 -45.77
C LEU WD 109 78.06 -106.37 -46.77
N VAL WD 110 78.35 -105.71 -47.89
CA VAL WD 110 77.33 -105.50 -48.91
C VAL WD 110 77.06 -106.79 -49.66
N ALA WD 111 78.11 -107.55 -49.99
CA ALA WD 111 77.95 -108.77 -50.76
C ALA WD 111 77.49 -109.96 -49.92
N THR WD 112 77.49 -109.83 -48.59
CA THR WD 112 77.03 -110.94 -47.75
C THR WD 112 75.54 -111.19 -47.94
N SER WD 113 75.10 -112.36 -47.49
CA SER WD 113 73.72 -112.79 -47.64
C SER WD 113 72.81 -112.26 -46.53
N GLN WD 114 73.38 -111.70 -45.46
CA GLN WD 114 72.58 -111.18 -44.36
C GLN WD 114 71.86 -109.89 -44.73
N VAL WD 115 72.56 -108.96 -45.39
CA VAL WD 115 71.93 -107.72 -45.80
C VAL WD 115 70.87 -107.97 -46.87
N GLU WD 116 71.10 -108.95 -47.75
CA GLU WD 116 70.10 -109.30 -48.74
C GLU WD 116 68.83 -109.80 -48.09
N ASP WD 117 68.95 -110.65 -47.07
CA ASP WD 117 67.78 -111.13 -46.35
C ASP WD 117 67.10 -110.00 -45.59
N LEU WD 118 67.89 -109.11 -44.97
CA LEU WD 118 67.32 -107.96 -44.29
C LEU WD 118 66.55 -107.07 -45.24
N VAL WD 119 67.00 -106.95 -46.48
CA VAL WD 119 66.31 -106.12 -47.46
C VAL WD 119 65.04 -106.80 -47.97
N VAL WD 120 65.14 -108.09 -48.31
CA VAL WD 120 64.03 -108.81 -48.91
C VAL WD 120 62.99 -109.15 -47.85
N ASN WD 121 63.34 -110.07 -46.94
CA ASN WD 121 62.38 -110.59 -45.97
C ASN WD 121 62.13 -109.65 -44.80
N LEU WD 122 62.80 -108.48 -44.77
CA LEU WD 122 62.63 -107.50 -43.70
C LEU WD 122 62.94 -108.09 -42.32
N VAL WD 123 63.81 -109.08 -42.28
CA VAL WD 123 64.21 -109.71 -41.02
C VAL WD 123 65.43 -108.97 -40.48
N PRO WD 124 65.44 -108.62 -39.19
CA PRO WD 124 66.59 -107.89 -38.64
C PRO WD 124 67.88 -108.67 -38.79
N LEU WD 125 68.97 -107.94 -39.03
CA LEU WD 125 70.27 -108.56 -39.26
C LEU WD 125 70.76 -109.22 -37.98
N GLY WD 126 70.99 -110.52 -38.03
CA GLY WD 126 71.45 -111.27 -36.87
C GLY WD 126 71.53 -112.76 -37.11
N ARG WD 127 72.51 -113.19 -37.90
CA ARG WD 127 72.69 -114.61 -38.20
C ARG WD 127 73.96 -115.15 -37.55
N SER XD 1 67.76 -111.41 -31.09
CA SER XD 1 66.32 -111.25 -30.95
C SER XD 1 65.69 -112.44 -30.23
N LYS XD 2 64.45 -112.72 -30.57
CA LYS XD 2 63.68 -113.78 -29.91
C LYS XD 2 62.78 -114.43 -30.94
N THR XD 3 62.96 -115.74 -31.14
CA THR XD 3 62.22 -116.49 -32.14
C THR XD 3 61.25 -117.45 -31.45
N ILE XD 4 60.05 -117.57 -32.01
CA ILE XD 4 59.01 -118.46 -31.51
C ILE XD 4 58.56 -119.36 -32.66
N VAL XD 5 58.64 -120.67 -32.46
CA VAL XD 5 58.28 -121.65 -33.47
C VAL XD 5 56.91 -122.23 -33.13
N LEU XD 6 55.98 -122.15 -34.07
CA LEU XD 6 54.63 -122.67 -33.89
C LEU XD 6 54.38 -123.75 -34.93
N SER XD 7 53.91 -124.92 -34.47
CA SER XD 7 53.65 -126.06 -35.33
C SER XD 7 52.16 -126.12 -35.63
N VAL XD 8 51.80 -125.99 -36.91
CA VAL XD 8 50.40 -126.05 -37.32
C VAL XD 8 49.96 -127.45 -37.71
N GLY XD 9 50.89 -128.38 -37.90
CA GLY XD 9 50.56 -129.73 -38.30
C GLY XD 9 51.45 -130.25 -39.41
N GLU XD 10 51.63 -129.44 -40.45
CA GLU XD 10 52.49 -129.79 -41.57
C GLU XD 10 53.60 -128.78 -41.83
N ALA XD 11 53.46 -127.55 -41.37
CA ALA XD 11 54.48 -126.52 -41.54
C ALA XD 11 54.75 -125.85 -40.19
N THR XD 12 55.87 -125.13 -40.13
CA THR XD 12 56.29 -124.45 -38.91
C THR XD 12 56.41 -122.96 -39.20
N ARG XD 13 55.71 -122.15 -38.40
CA ARG XD 13 55.76 -120.70 -38.53
C ARG XD 13 56.70 -120.11 -37.50
N THR XD 14 57.36 -119.02 -37.88
CA THR XD 14 58.37 -118.37 -37.03
C THR XD 14 57.95 -116.94 -36.76
N LEU XD 15 57.84 -116.58 -35.48
CA LEU XD 15 57.56 -115.22 -35.06
C LEU XD 15 58.81 -114.61 -34.45
N THR XD 16 59.11 -113.37 -34.83
CA THR XD 16 60.32 -112.69 -34.40
C THR XD 16 59.98 -111.48 -33.55
N GLU XD 17 60.74 -111.28 -32.48
CA GLU XD 17 60.57 -110.11 -31.64
C GLU XD 17 60.99 -108.85 -32.39
N ILE XD 18 60.13 -107.82 -32.35
CA ILE XD 18 60.29 -106.60 -33.12
C ILE XD 18 60.48 -105.38 -32.22
N GLN XD 19 59.64 -105.24 -31.20
CA GLN XD 19 59.60 -104.05 -30.35
C GLN XD 19 59.82 -104.50 -28.91
N SER XD 20 61.08 -104.72 -28.55
CA SER XD 20 61.44 -105.22 -27.23
C SER XD 20 61.31 -104.11 -26.20
N THR XD 21 60.26 -104.16 -25.39
CA THR XD 21 60.05 -103.22 -24.31
C THR XD 21 59.35 -103.94 -23.16
N ALA XD 22 59.58 -103.43 -21.95
CA ALA XD 22 59.05 -104.10 -20.75
C ALA XD 22 57.52 -104.05 -20.73
N ASP XD 23 56.95 -102.85 -20.84
CA ASP XD 23 55.50 -102.69 -20.73
C ASP XD 23 54.75 -103.06 -22.00
N ARG XD 24 55.46 -103.39 -23.09
CA ARG XD 24 54.79 -103.75 -24.34
C ARG XD 24 55.78 -104.55 -25.19
N GLN XD 25 55.49 -105.84 -25.35
CA GLN XD 25 56.29 -106.72 -26.20
C GLN XD 25 55.50 -107.04 -27.46
N ILE XD 26 56.08 -106.74 -28.62
CA ILE XD 26 55.41 -106.89 -29.90
C ILE XD 26 56.17 -107.94 -30.71
N PHE XD 27 55.54 -109.10 -30.92
CA PHE XD 27 56.09 -110.15 -31.76
C PHE XD 27 55.39 -110.13 -33.11
N GLU XD 28 56.17 -110.28 -34.18
CA GLU XD 28 55.64 -110.25 -35.54
C GLU XD 28 56.13 -111.47 -36.32
N GLU XD 29 55.21 -112.09 -37.06
CA GLU XD 29 55.54 -113.27 -37.84
C GLU XD 29 56.22 -112.87 -39.13
N LYS XD 30 57.31 -113.56 -39.48
CA LYS XD 30 58.09 -113.30 -40.68
C LYS XD 30 57.88 -114.46 -41.65
N VAL XD 31 57.10 -114.21 -42.71
CA VAL XD 31 56.87 -115.21 -43.75
C VAL XD 31 57.07 -114.56 -45.10
N GLY XD 32 56.38 -113.46 -45.35
CA GLY XD 32 56.49 -112.74 -46.60
C GLY XD 32 56.21 -111.27 -46.43
N PRO XD 33 54.98 -110.85 -46.75
CA PRO XD 33 54.60 -109.44 -46.57
C PRO XD 33 54.46 -109.12 -45.09
N LEU XD 34 55.24 -108.14 -44.62
CA LEU XD 34 55.21 -107.78 -43.21
C LEU XD 34 53.91 -107.08 -42.83
N VAL XD 35 53.36 -106.27 -43.74
CA VAL XD 35 52.10 -105.59 -43.47
C VAL XD 35 50.95 -106.59 -43.57
N GLY XD 36 50.02 -106.51 -42.62
CA GLY XD 36 48.89 -107.41 -42.59
C GLY XD 36 49.29 -108.85 -42.33
N ARG XD 37 49.99 -109.09 -41.23
CA ARG XD 37 50.43 -110.43 -40.88
C ARG XD 37 49.98 -110.81 -39.48
N LEU XD 38 50.74 -111.66 -38.80
CA LEU XD 38 50.43 -112.11 -37.46
C LEU XD 38 51.22 -111.30 -36.45
N ARG XD 39 50.53 -110.67 -35.52
CA ARG XD 39 51.16 -109.86 -34.48
C ARG XD 39 50.64 -110.27 -33.12
N LEU XD 40 51.49 -110.12 -32.12
CA LEU XD 40 51.17 -110.51 -30.74
C LEU XD 40 51.67 -109.42 -29.80
N THR XD 41 50.78 -108.93 -28.94
CA THR XD 41 51.09 -107.89 -27.97
C THR XD 41 50.99 -108.48 -26.57
N ALA XD 42 52.08 -108.35 -25.80
CA ALA XD 42 52.14 -108.85 -24.44
C ALA XD 42 52.43 -107.71 -23.48
N SER XD 43 51.75 -107.70 -22.33
CA SER XD 43 51.95 -106.66 -21.33
C SER XD 43 51.84 -107.28 -19.94
N LEU XD 44 52.68 -106.81 -19.02
CA LEU XD 44 52.69 -107.25 -17.64
C LEU XD 44 52.79 -106.04 -16.73
N ARG XD 45 51.99 -106.01 -15.67
CA ARG XD 45 52.00 -104.89 -14.75
C ARG XD 45 51.56 -105.36 -13.38
N GLN XD 46 51.35 -104.41 -12.47
CA GLN XD 46 50.85 -104.65 -11.12
C GLN XD 46 49.44 -104.08 -10.99
N ASN XD 47 48.99 -103.90 -9.75
CA ASN XD 47 47.66 -103.37 -9.50
C ASN XD 47 47.58 -102.89 -8.06
N GLY XD 48 46.69 -101.93 -7.82
CA GLY XD 48 46.40 -101.46 -6.48
C GLY XD 48 47.61 -101.09 -5.65
N ALA XD 49 47.79 -101.79 -4.53
CA ALA XD 49 48.92 -101.55 -3.63
C ALA XD 49 49.78 -102.80 -3.53
N LYS XD 50 50.38 -103.18 -4.66
CA LYS XD 50 51.31 -104.31 -4.73
C LYS XD 50 50.64 -105.59 -4.25
N THR XD 51 49.36 -105.76 -4.58
CA THR XD 51 48.63 -106.97 -4.19
C THR XD 51 48.80 -108.06 -5.24
N ALA XD 52 48.10 -107.94 -6.37
CA ALA XD 52 48.17 -108.94 -7.43
C ALA XD 52 48.91 -108.39 -8.64
N TYR XD 53 48.66 -108.97 -9.81
CA TYR XD 53 49.30 -108.54 -11.05
C TYR XD 53 48.26 -108.54 -12.16
N ARG XD 54 48.69 -108.09 -13.34
CA ARG XD 54 47.81 -108.02 -14.49
C ARG XD 54 48.62 -108.35 -15.75
N VAL XD 55 48.18 -109.36 -16.47
CA VAL XD 55 48.83 -109.78 -17.71
C VAL XD 55 47.83 -109.67 -18.85
N ASN XD 56 48.26 -109.07 -19.95
CA ASN XD 56 47.43 -108.89 -21.13
C ASN XD 56 48.12 -109.50 -22.34
N LEU XD 57 47.39 -110.31 -23.09
CA LEU XD 57 47.90 -110.98 -24.28
C LEU XD 57 46.88 -110.83 -25.40
N LYS XD 58 47.28 -110.15 -26.47
CA LYS XD 58 46.43 -109.93 -27.64
C LYS XD 58 47.10 -110.52 -28.87
N LEU XD 59 46.30 -111.12 -29.75
CA LEU XD 59 46.80 -111.72 -30.98
C LEU XD 59 45.94 -111.23 -32.14
N ASP XD 60 46.58 -110.56 -33.10
CA ASP XD 60 45.89 -109.99 -34.25
C ASP XD 60 46.44 -110.58 -35.53
N GLN XD 61 45.57 -110.68 -36.54
CA GLN XD 61 45.96 -111.19 -37.85
C GLN XD 61 44.96 -110.69 -38.87
N ALA XD 62 45.42 -109.82 -39.77
CA ALA XD 62 44.57 -109.22 -40.80
C ALA XD 62 44.90 -109.84 -42.15
N ASP XD 63 43.88 -110.31 -42.84
CA ASP XD 63 44.06 -110.91 -44.16
C ASP XD 63 44.31 -109.82 -45.20
N VAL XD 64 45.06 -110.19 -46.25
CA VAL XD 64 45.41 -109.27 -47.32
C VAL XD 64 44.93 -109.86 -48.65
N VAL XD 65 44.74 -108.98 -49.62
CA VAL XD 65 44.31 -109.36 -50.96
C VAL XD 65 45.14 -108.57 -51.97
N ASP XD 66 45.29 -109.15 -53.16
CA ASP XD 66 46.10 -108.56 -54.22
C ASP XD 66 45.52 -108.95 -55.57
N CYS XD 67 45.59 -108.01 -56.52
CA CYS XD 67 45.07 -108.22 -57.86
C CYS XD 67 46.14 -108.12 -58.95
N SER XD 68 47.43 -108.08 -58.57
CA SER XD 68 48.48 -107.95 -59.58
C SER XD 68 48.62 -109.20 -60.43
N THR XD 69 48.00 -110.31 -60.03
CA THR XD 69 48.10 -111.54 -60.82
C THR XD 69 47.26 -111.44 -62.10
N SER XD 70 46.14 -110.72 -62.06
CA SER XD 70 45.27 -110.59 -63.22
C SER XD 70 45.10 -109.13 -63.60
N VAL XD 71 44.64 -108.32 -62.65
CA VAL XD 71 44.41 -106.89 -62.89
C VAL XD 71 45.76 -106.21 -63.00
N CYS XD 72 45.86 -105.23 -63.89
CA CYS XD 72 47.14 -104.55 -64.10
C CYS XD 72 47.26 -103.32 -63.20
N GLY XD 73 47.00 -103.48 -61.91
CA GLY XD 73 47.43 -102.49 -60.94
C GLY XD 73 46.59 -102.44 -59.69
N GLU XD 74 47.09 -103.06 -58.60
CA GLU XD 74 46.41 -103.04 -57.32
C GLU XD 74 47.40 -103.44 -56.25
N LEU XD 75 47.68 -102.54 -55.31
CA LEU XD 75 48.59 -102.83 -54.23
C LEU XD 75 47.94 -103.79 -53.23
N PRO XD 76 48.74 -104.56 -52.49
CA PRO XD 76 48.18 -105.43 -51.45
C PRO XD 76 47.40 -104.64 -50.42
N LYS XD 77 46.10 -104.95 -50.32
CA LYS XD 77 45.19 -104.21 -49.46
C LYS XD 77 44.64 -105.14 -48.38
N VAL XD 78 44.59 -104.64 -47.15
CA VAL XD 78 44.05 -105.42 -46.04
C VAL XD 78 42.52 -105.49 -46.16
N ARG XD 79 41.95 -106.57 -45.62
CA ARG XD 79 40.51 -106.77 -45.67
C ARG XD 79 39.95 -106.57 -44.28
N TYR XD 80 39.76 -107.63 -43.49
CA TYR XD 80 39.21 -107.53 -42.15
C TYR XD 80 40.31 -107.63 -41.11
N THR XD 81 39.95 -107.35 -39.86
CA THR XD 81 40.88 -107.40 -38.74
C THR XD 81 40.24 -108.19 -37.61
N GLN XD 82 41.01 -109.08 -37.00
CA GLN XD 82 40.54 -109.90 -35.89
C GLN XD 82 41.34 -109.57 -34.63
N VAL XD 83 40.63 -109.41 -33.52
CA VAL XD 83 41.24 -109.06 -32.24
C VAL XD 83 40.86 -110.12 -31.22
N TRP XD 84 41.86 -110.71 -30.58
CA TRP XD 84 41.67 -111.75 -29.55
C TRP XD 84 42.57 -111.38 -28.36
N SER XD 85 42.03 -110.60 -27.44
CA SER XD 85 42.76 -110.17 -26.26
C SER XD 85 42.52 -111.12 -25.09
N HIS XD 86 43.32 -110.96 -24.04
CA HIS XD 86 43.23 -111.78 -22.85
C HIS XD 86 43.37 -110.90 -21.63
N ASP XD 87 43.19 -111.50 -20.45
CA ASP XD 87 43.30 -110.77 -19.19
C ASP XD 87 43.58 -111.78 -18.09
N VAL XD 88 44.76 -111.71 -17.49
CA VAL XD 88 45.18 -112.62 -16.43
C VAL XD 88 45.33 -111.82 -15.15
N THR XD 89 44.53 -112.16 -14.14
CA THR XD 89 44.57 -111.51 -12.83
C THR XD 89 44.83 -112.58 -11.78
N ILE XD 90 46.10 -112.93 -11.60
CA ILE XD 90 46.52 -113.95 -10.65
C ILE XD 90 47.35 -113.28 -9.56
N VAL XD 91 46.96 -113.50 -8.30
CA VAL XD 91 47.69 -112.92 -7.19
C VAL XD 91 49.00 -113.66 -6.99
N ALA XD 92 49.97 -112.98 -6.36
CA ALA XD 92 51.28 -113.59 -6.14
C ALA XD 92 51.20 -114.72 -5.11
N ASN XD 93 50.71 -114.41 -3.91
CA ASN XD 93 50.58 -115.41 -2.85
C ASN XD 93 49.38 -116.30 -3.15
N SER XD 94 49.62 -117.28 -4.03
CA SER XD 94 48.57 -118.22 -4.43
C SER XD 94 49.01 -119.66 -4.13
N THR XD 95 48.78 -120.56 -5.09
CA THR XD 95 49.14 -121.96 -4.93
C THR XD 95 49.63 -122.50 -6.26
N GLU XD 96 50.81 -123.13 -6.25
CA GLU XD 96 51.36 -123.68 -7.48
C GLU XD 96 50.51 -124.80 -8.03
N ALA XD 97 50.01 -125.68 -7.13
CA ALA XD 97 49.16 -126.78 -7.58
C ALA XD 97 47.85 -126.25 -8.15
N SER XD 98 47.26 -125.23 -7.51
CA SER XD 98 46.03 -124.65 -8.03
C SER XD 98 46.26 -123.98 -9.38
N ARG XD 99 47.39 -123.29 -9.54
CA ARG XD 99 47.69 -122.66 -10.82
C ARG XD 99 47.89 -123.70 -11.91
N LYS XD 100 48.57 -124.81 -11.58
CA LYS XD 100 48.77 -125.88 -12.56
C LYS XD 100 47.45 -126.52 -12.95
N SER XD 101 46.57 -126.75 -11.97
CA SER XD 101 45.25 -127.32 -12.27
C SER XD 101 44.43 -126.39 -13.13
N LEU XD 102 44.49 -125.07 -12.86
CA LEU XD 102 43.76 -124.11 -13.67
C LEU XD 102 44.30 -124.07 -15.09
N TYR XD 103 45.64 -124.12 -15.24
CA TYR XD 103 46.23 -124.14 -16.58
C TYR XD 103 45.84 -125.40 -17.34
N ASP XD 104 45.81 -126.54 -16.65
CA ASP XD 104 45.40 -127.78 -17.30
C ASP XD 104 43.93 -127.73 -17.72
N LEU XD 105 43.08 -127.17 -16.87
CA LEU XD 105 41.67 -127.03 -17.23
C LEU XD 105 41.49 -126.10 -18.42
N THR XD 106 42.24 -125.00 -18.46
CA THR XD 106 42.16 -124.09 -19.59
C THR XD 106 42.65 -124.77 -20.87
N LYS XD 107 43.73 -125.53 -20.78
CA LYS XD 107 44.23 -126.25 -21.96
C LYS XD 107 43.22 -127.28 -22.44
N SER XD 108 42.56 -127.98 -21.52
CA SER XD 108 41.55 -128.96 -21.91
C SER XD 108 40.35 -128.27 -22.57
N LEU XD 109 39.91 -127.14 -22.00
CA LEU XD 109 38.79 -126.42 -22.60
C LEU XD 109 39.15 -125.85 -23.96
N VAL XD 110 40.41 -125.48 -24.17
CA VAL XD 110 40.83 -124.98 -25.48
C VAL XD 110 40.90 -126.12 -26.50
N ALA XD 111 41.45 -127.27 -26.09
CA ALA XD 111 41.62 -128.41 -26.98
C ALA XD 111 40.34 -129.20 -27.21
N THR XD 112 39.29 -128.94 -26.43
CA THR XD 112 38.04 -129.67 -26.61
C THR XD 112 37.41 -129.31 -27.96
N SER XD 113 36.46 -130.14 -28.38
CA SER XD 113 35.78 -129.97 -29.66
C SER XD 113 34.60 -129.00 -29.58
N GLN XD 114 34.16 -128.62 -28.39
CA GLN XD 114 33.05 -127.71 -28.25
C GLN XD 114 33.41 -126.28 -28.64
N VAL XD 115 34.57 -125.79 -28.19
CA VAL XD 115 34.99 -124.45 -28.57
C VAL XD 115 35.28 -124.36 -30.06
N GLU XD 116 35.82 -125.44 -30.65
CA GLU XD 116 36.04 -125.44 -32.09
C GLU XD 116 34.74 -125.31 -32.86
N ASP XD 117 33.70 -126.03 -32.42
CA ASP XD 117 32.39 -125.90 -33.08
C ASP XD 117 31.79 -124.51 -32.84
N LEU XD 118 31.95 -123.98 -31.63
CA LEU XD 118 31.47 -122.62 -31.35
C LEU XD 118 32.16 -121.59 -32.24
N VAL XD 119 33.43 -121.81 -32.56
CA VAL XD 119 34.16 -120.87 -33.40
C VAL XD 119 33.75 -121.02 -34.86
N VAL XD 120 33.68 -122.26 -35.34
CA VAL XD 120 33.41 -122.52 -36.75
C VAL XD 120 31.94 -122.31 -37.07
N ASN XD 121 31.08 -123.17 -36.55
CA ASN XD 121 29.66 -123.15 -36.89
C ASN XD 121 28.88 -122.08 -36.15
N LEU XD 122 29.53 -121.29 -35.29
CA LEU XD 122 28.88 -120.22 -34.54
C LEU XD 122 27.71 -120.74 -33.69
N VAL XD 123 27.79 -122.00 -33.27
CA VAL XD 123 26.76 -122.60 -32.44
C VAL XD 123 27.12 -122.37 -30.97
N PRO XD 124 26.18 -121.91 -30.14
CA PRO XD 124 26.51 -121.66 -28.73
C PRO XD 124 27.01 -122.92 -28.03
N LEU XD 125 27.95 -122.73 -27.12
CA LEU XD 125 28.57 -123.85 -26.41
C LEU XD 125 27.54 -124.52 -25.50
N GLY XD 126 27.29 -125.80 -25.73
CA GLY XD 126 26.33 -126.54 -24.93
C GLY XD 126 26.10 -127.95 -25.44
N ARG XD 127 27.08 -128.83 -25.23
CA ARG XD 127 26.97 -130.21 -25.67
C ARG XD 127 26.88 -131.16 -24.48
N SER YD 1 23.85 -132.68 -30.90
CA SER YD 1 22.90 -131.75 -31.52
C SER YD 1 21.73 -132.49 -32.14
N LYS YD 2 21.17 -131.91 -33.21
CA LYS YD 2 19.98 -132.45 -33.86
C LYS YD 2 20.11 -132.21 -35.36
N THR YD 3 20.10 -133.28 -36.14
CA THR YD 3 20.26 -133.22 -37.58
C THR YD 3 18.95 -133.57 -38.27
N ILE YD 4 18.65 -132.85 -39.35
CA ILE YD 4 17.45 -133.06 -40.14
C ILE YD 4 17.88 -133.24 -41.59
N VAL YD 5 17.49 -134.36 -42.19
CA VAL YD 5 17.85 -134.69 -43.58
C VAL YD 5 16.65 -134.43 -44.46
N LEU YD 6 16.84 -133.62 -45.50
CA LEU YD 6 15.79 -133.28 -46.45
C LEU YD 6 16.21 -133.76 -47.83
N SER YD 7 15.32 -134.50 -48.50
CA SER YD 7 15.60 -135.05 -49.83
C SER YD 7 14.92 -134.16 -50.87
N VAL YD 8 15.73 -133.57 -51.75
CA VAL YD 8 15.21 -132.70 -52.81
C VAL YD 8 14.96 -133.47 -54.10
N GLY YD 9 15.45 -134.70 -54.22
CA GLY YD 9 15.27 -135.47 -55.44
C GLY YD 9 16.56 -136.14 -55.90
N GLU YD 10 17.64 -135.37 -55.94
CA GLU YD 10 18.95 -135.88 -56.32
C GLU YD 10 20.02 -135.68 -55.28
N ALA YD 11 19.84 -134.73 -54.35
CA ALA YD 11 20.80 -134.47 -53.29
C ALA YD 11 20.06 -134.42 -51.96
N THR YD 12 20.83 -134.52 -50.87
CA THR YD 12 20.29 -134.50 -49.52
C THR YD 12 20.90 -133.33 -48.75
N ARG YD 13 20.04 -132.48 -48.21
CA ARG YD 13 20.47 -131.34 -47.42
C ARG YD 13 20.36 -131.65 -45.93
N THR YD 14 21.28 -131.09 -45.14
CA THR YD 14 21.37 -131.35 -43.71
C THR YD 14 21.21 -130.04 -42.95
N LEU YD 15 20.23 -130.00 -42.06
CA LEU YD 15 20.02 -128.87 -41.16
C LEU YD 15 20.43 -129.25 -39.75
N THR YD 16 21.16 -128.36 -39.08
CA THR YD 16 21.70 -128.62 -37.76
C THR YD 16 21.09 -127.67 -36.74
N GLU YD 17 20.77 -128.20 -35.56
CA GLU YD 17 20.26 -127.38 -34.47
C GLU YD 17 21.36 -126.47 -33.96
N ILE YD 18 21.04 -125.19 -33.83
CA ILE YD 18 22.00 -124.16 -33.44
C ILE YD 18 21.64 -123.57 -32.08
N GLN YD 19 20.41 -123.12 -31.91
CA GLN YD 19 19.98 -122.37 -30.73
C GLN YD 19 18.89 -123.17 -30.02
N SER YD 20 19.32 -124.15 -29.24
CA SER YD 20 18.41 -125.06 -28.55
C SER YD 20 17.77 -124.34 -27.36
N THR YD 21 16.50 -123.97 -27.51
CA THR YD 21 15.73 -123.34 -26.43
C THR YD 21 14.29 -123.77 -26.56
N ALA YD 22 13.58 -123.78 -25.43
CA ALA YD 22 12.21 -124.27 -25.41
C ALA YD 22 11.28 -123.36 -26.22
N ASP YD 23 11.28 -122.05 -25.91
CA ASP YD 23 10.38 -121.12 -26.55
C ASP YD 23 10.84 -120.69 -27.94
N ARG YD 24 12.03 -121.11 -28.38
CA ARG YD 24 12.52 -120.72 -29.70
C ARG YD 24 13.60 -121.72 -30.12
N GLN YD 25 13.28 -122.53 -31.13
CA GLN YD 25 14.22 -123.49 -31.69
C GLN YD 25 14.65 -122.99 -33.06
N ILE YD 26 15.96 -122.83 -33.24
CA ILE YD 26 16.53 -122.27 -34.46
C ILE YD 26 17.38 -123.35 -35.13
N PHE YD 27 16.93 -123.84 -36.27
CA PHE YD 27 17.68 -124.80 -37.07
C PHE YD 27 18.31 -124.07 -38.25
N GLU YD 28 19.57 -124.40 -38.54
CA GLU YD 28 20.31 -123.75 -39.61
C GLU YD 28 20.95 -124.81 -40.51
N GLU YD 29 20.84 -124.60 -41.83
CA GLU YD 29 21.39 -125.54 -42.79
C GLU YD 29 22.89 -125.32 -42.95
N LYS YD 30 23.65 -126.42 -42.93
CA LYS YD 30 25.10 -126.38 -43.07
C LYS YD 30 25.49 -126.95 -44.43
N VAL YD 31 25.90 -126.07 -45.34
CA VAL YD 31 26.34 -126.49 -46.67
C VAL YD 31 27.66 -125.79 -46.98
N GLY YD 32 27.67 -124.46 -46.87
CA GLY YD 32 28.85 -123.68 -47.12
C GLY YD 32 28.87 -122.40 -46.32
N PRO YD 33 28.48 -121.29 -46.95
CA PRO YD 33 28.42 -120.00 -46.24
C PRO YD 33 27.26 -120.01 -45.25
N LEU YD 34 27.57 -119.80 -43.97
CA LEU YD 34 26.52 -119.83 -42.95
C LEU YD 34 25.61 -118.61 -43.04
N VAL YD 35 26.16 -117.45 -43.42
CA VAL YD 35 25.34 -116.25 -43.56
C VAL YD 35 24.53 -116.34 -44.84
N GLY YD 36 23.26 -115.97 -44.76
CA GLY YD 36 22.37 -116.03 -45.90
C GLY YD 36 22.09 -117.44 -46.36
N ARG YD 37 21.61 -118.29 -45.46
CA ARG YD 37 21.32 -119.67 -45.79
C ARG YD 37 19.88 -120.03 -45.43
N LEU YD 38 19.63 -121.29 -45.10
CA LEU YD 38 18.31 -121.77 -44.76
C LEU YD 38 18.17 -121.82 -43.24
N ARG YD 39 17.17 -121.13 -42.70
CA ARG YD 39 16.92 -121.09 -41.28
C ARG YD 39 15.46 -121.44 -41.00
N LEU YD 40 15.21 -122.03 -39.84
CA LEU YD 40 13.88 -122.47 -39.44
C LEU YD 40 13.68 -122.12 -37.96
N THR YD 41 12.59 -121.42 -37.68
CA THR YD 41 12.24 -121.01 -36.32
C THR YD 41 10.98 -121.73 -35.89
N ALA YD 42 11.05 -122.42 -34.76
CA ALA YD 42 9.92 -123.16 -34.21
C ALA YD 42 9.61 -122.65 -32.81
N SER YD 43 8.32 -122.53 -32.52
CA SER YD 43 7.87 -122.05 -31.21
C SER YD 43 6.60 -122.78 -30.82
N LEU YD 44 6.49 -123.10 -29.53
CA LEU YD 44 5.33 -123.77 -28.96
C LEU YD 44 4.95 -123.09 -27.66
N ARG YD 45 3.66 -122.86 -27.47
CA ARG YD 45 3.18 -122.19 -26.27
C ARG YD 45 1.75 -122.62 -25.98
N GLN YD 46 1.13 -121.94 -25.01
CA GLN YD 46 -0.26 -122.16 -24.63
C GLN YD 46 -1.07 -120.93 -25.01
N ASN YD 47 -2.26 -120.80 -24.42
CA ASN YD 47 -3.15 -119.69 -24.71
C ASN YD 47 -4.21 -119.59 -23.62
N GLY YD 48 -4.71 -118.38 -23.42
CA GLY YD 48 -5.83 -118.14 -22.52
C GLY YD 48 -5.68 -118.74 -21.13
N ALA YD 49 -6.58 -119.65 -20.78
CA ALA YD 49 -6.56 -120.32 -19.48
C ALA YD 49 -6.38 -121.81 -19.67
N LYS YD 50 -5.23 -122.21 -20.21
CA LYS YD 50 -4.86 -123.61 -20.41
C LYS YD 50 -5.91 -124.35 -21.25
N THR YD 51 -6.45 -123.66 -22.25
CA THR YD 51 -7.44 -124.27 -23.14
C THR YD 51 -6.76 -124.99 -24.29
N ALA YD 52 -6.29 -124.23 -25.28
CA ALA YD 52 -5.63 -124.82 -26.45
C ALA YD 52 -4.14 -124.53 -26.43
N TYR YD 53 -3.50 -124.59 -27.60
CA TYR YD 53 -2.08 -124.33 -27.72
C TYR YD 53 -1.83 -123.48 -28.95
N ARG YD 54 -0.57 -123.10 -29.15
CA ARG YD 54 -0.17 -122.28 -30.28
C ARG YD 54 1.21 -122.71 -30.76
N VAL YD 55 1.30 -123.09 -32.03
CA VAL YD 55 2.55 -123.52 -32.64
C VAL YD 55 2.86 -122.60 -33.81
N ASN YD 56 4.10 -122.12 -33.86
CA ASN YD 56 4.56 -121.23 -34.92
C ASN YD 56 5.77 -121.83 -35.60
N LEU YD 57 5.74 -121.87 -36.93
CA LEU YD 57 6.83 -122.42 -37.73
C LEU YD 57 7.13 -121.46 -38.87
N LYS YD 58 8.35 -120.92 -38.88
CA LYS YD 58 8.77 -120.00 -39.93
C LYS YD 58 10.01 -120.55 -40.61
N LEU YD 59 10.08 -120.36 -41.93
CA LEU YD 59 11.20 -120.84 -42.73
C LEU YD 59 11.70 -119.70 -43.60
N ASP YD 60 12.96 -119.32 -43.42
CA ASP YD 60 13.56 -118.21 -44.16
C ASP YD 60 14.77 -118.70 -44.95
N GLN YD 61 15.00 -118.05 -46.09
CA GLN YD 61 16.14 -118.39 -46.94
C GLN YD 61 16.45 -117.18 -47.81
N ALA YD 62 17.60 -116.55 -47.57
CA ALA YD 62 18.02 -115.36 -48.30
C ALA YD 62 19.14 -115.73 -49.28
N ASP YD 63 18.97 -115.34 -50.54
CA ASP YD 63 19.97 -115.62 -51.56
C ASP YD 63 21.16 -114.67 -51.40
N VAL YD 64 22.33 -115.16 -51.81
CA VAL YD 64 23.56 -114.40 -51.72
C VAL YD 64 24.18 -114.28 -53.11
N VAL YD 65 25.01 -113.25 -53.27
CA VAL YD 65 25.71 -113.00 -54.52
C VAL YD 65 27.15 -112.63 -54.21
N ASP YD 66 28.05 -112.91 -55.15
CA ASP YD 66 29.47 -112.66 -54.98
C ASP YD 66 30.09 -112.32 -56.33
N CYS YD 67 31.07 -111.42 -56.31
CA CYS YD 67 31.76 -110.98 -57.51
C CYS YD 67 33.25 -111.27 -57.49
N SER YD 68 33.74 -112.07 -56.53
CA SER YD 68 35.17 -112.35 -56.46
C SER YD 68 35.65 -113.22 -57.61
N THR YD 69 34.73 -113.82 -58.37
CA THR YD 69 35.14 -114.65 -59.50
C THR YD 69 35.65 -113.81 -60.66
N SER YD 70 35.10 -112.61 -60.84
CA SER YD 70 35.51 -111.73 -61.94
C SER YD 70 36.01 -110.40 -61.41
N VAL YD 71 35.18 -109.71 -60.63
CA VAL YD 71 35.54 -108.41 -60.07
C VAL YD 71 36.58 -108.63 -58.98
N CYS YD 72 37.56 -107.73 -58.89
CA CYS YD 72 38.58 -107.94 -57.87
C CYS YD 72 38.25 -107.20 -56.58
N GLY YD 73 37.05 -107.45 -56.06
CA GLY YD 73 36.77 -107.14 -54.66
C GLY YD 73 35.31 -106.92 -54.37
N GLU YD 74 34.64 -107.92 -53.81
CA GLU YD 74 33.23 -107.80 -53.42
C GLU YD 74 32.91 -108.94 -52.47
N LEU YD 75 32.54 -108.60 -51.24
CA LEU YD 75 32.19 -109.61 -50.26
C LEU YD 75 30.83 -110.21 -50.59
N PRO YD 76 30.57 -111.45 -50.15
CA PRO YD 76 29.23 -112.04 -50.37
C PRO YD 76 28.14 -111.20 -49.73
N LYS YD 77 27.22 -110.73 -50.57
CA LYS YD 77 26.17 -109.81 -50.15
C LYS YD 77 24.80 -110.47 -50.36
N VAL YD 78 23.92 -110.33 -49.37
CA VAL YD 78 22.58 -110.88 -49.48
C VAL YD 78 21.75 -110.03 -50.44
N ARG YD 79 20.76 -110.66 -51.06
CA ARG YD 79 19.91 -109.98 -52.02
C ARG YD 79 18.53 -109.82 -51.40
N TYR YD 80 17.59 -110.72 -51.65
CA TYR YD 80 16.25 -110.63 -51.12
C TYR YD 80 16.07 -111.58 -49.94
N THR YD 81 14.94 -111.44 -49.25
CA THR YD 81 14.62 -112.27 -48.10
C THR YD 81 13.19 -112.77 -48.24
N GLN YD 82 12.98 -114.06 -47.97
CA GLN YD 82 11.68 -114.69 -48.06
C GLN YD 82 11.25 -115.17 -46.68
N VAL YD 83 10.00 -114.90 -46.32
CA VAL YD 83 9.44 -115.26 -45.03
C VAL YD 83 8.20 -116.11 -45.26
N TRP YD 84 8.18 -117.30 -44.66
CA TRP YD 84 7.04 -118.22 -44.77
C TRP YD 84 6.74 -118.73 -43.35
N SER YD 85 5.86 -118.01 -42.65
CA SER YD 85 5.48 -118.37 -41.29
C SER YD 85 4.22 -119.24 -41.30
N HIS YD 86 3.93 -119.81 -40.14
CA HIS YD 86 2.77 -120.67 -39.96
C HIS YD 86 2.09 -120.34 -38.65
N ASP YD 87 0.95 -120.98 -38.41
CA ASP YD 87 0.19 -120.76 -37.18
C ASP YD 87 -0.71 -121.97 -36.97
N VAL YD 88 -0.46 -122.72 -35.90
CA VAL YD 88 -1.23 -123.92 -35.57
C VAL YD 88 -1.96 -123.67 -34.26
N THR YD 89 -3.29 -123.71 -34.32
CA THR YD 89 -4.13 -123.52 -33.15
C THR YD 89 -5.02 -124.75 -33.01
N ILE YD 90 -4.48 -125.80 -32.39
CA ILE YD 90 -5.19 -127.06 -32.19
C ILE YD 90 -5.39 -127.26 -30.70
N VAL YD 91 -6.64 -127.50 -30.30
CA VAL YD 91 -6.95 -127.71 -28.90
C VAL YD 91 -6.48 -129.11 -28.48
N ALA YD 92 -6.24 -129.27 -27.18
CA ALA YD 92 -5.77 -130.55 -26.66
C ALA YD 92 -6.86 -131.62 -26.76
N ASN YD 93 -8.01 -131.37 -26.15
CA ASN YD 93 -9.12 -132.32 -26.17
C ASN YD 93 -9.78 -132.26 -27.54
N SER YD 94 -9.17 -132.96 -28.51
CA SER YD 94 -9.70 -133.00 -29.86
C SER YD 94 -9.97 -134.44 -30.28
N THR YD 95 -9.56 -134.81 -31.49
CA THR YD 95 -9.76 -136.15 -32.02
C THR YD 95 -8.56 -136.56 -32.85
N GLU YD 96 -7.99 -137.73 -32.55
CA GLU YD 96 -6.82 -138.20 -33.29
C GLU YD 96 -7.16 -138.47 -34.75
N ALA YD 97 -8.33 -139.07 -35.00
CA ALA YD 97 -8.73 -139.34 -36.38
C ALA YD 97 -8.95 -138.04 -37.15
N SER YD 98 -9.58 -137.05 -36.51
CA SER YD 98 -9.79 -135.76 -37.16
C SER YD 98 -8.46 -135.06 -37.44
N ARG YD 99 -7.52 -135.12 -36.50
CA ARG YD 99 -6.21 -134.52 -36.72
C ARG YD 99 -5.47 -135.22 -37.86
N LYS YD 100 -5.56 -136.55 -37.93
CA LYS YD 100 -4.91 -137.28 -39.01
C LYS YD 100 -5.54 -136.93 -40.35
N SER YD 101 -6.86 -136.82 -40.40
CA SER YD 101 -7.53 -136.44 -41.65
C SER YD 101 -7.16 -135.04 -42.07
N LEU YD 102 -7.06 -134.11 -41.12
CA LEU YD 102 -6.66 -132.75 -41.43
C LEU YD 102 -5.22 -132.70 -41.95
N TYR YD 103 -4.32 -133.48 -41.33
CA TYR YD 103 -2.94 -133.53 -41.79
C TYR YD 103 -2.85 -134.12 -43.19
N ASP YD 104 -3.64 -135.16 -43.47
CA ASP YD 104 -3.65 -135.75 -44.80
C ASP YD 104 -4.18 -134.76 -45.84
N LEU YD 105 -5.23 -134.02 -45.48
CA LEU YD 105 -5.77 -133.02 -46.40
C LEU YD 105 -4.76 -131.91 -46.67
N THR YD 106 -4.04 -131.47 -45.63
CA THR YD 106 -3.01 -130.46 -45.82
C THR YD 106 -1.88 -130.97 -46.69
N LYS YD 107 -1.46 -132.23 -46.47
CA LYS YD 107 -0.41 -132.81 -47.30
C LYS YD 107 -0.84 -132.91 -48.76
N SER YD 108 -2.10 -133.30 -48.99
CA SER YD 108 -2.62 -133.39 -50.36
C SER YD 108 -2.68 -132.01 -51.02
N LEU YD 109 -3.13 -131.00 -50.27
CA LEU YD 109 -3.19 -129.64 -50.83
C LEU YD 109 -1.79 -129.09 -51.11
N VAL YD 110 -0.81 -129.50 -50.31
CA VAL YD 110 0.57 -129.04 -50.56
C VAL YD 110 1.15 -129.75 -51.78
N ALA YD 111 0.91 -131.06 -51.89
CA ALA YD 111 1.48 -131.84 -52.99
C ALA YD 111 0.71 -131.68 -54.30
N THR YD 112 -0.45 -131.05 -54.28
CA THR YD 112 -1.21 -130.85 -55.51
C THR YD 112 -0.47 -129.89 -56.45
N SER YD 113 -0.89 -129.91 -57.71
CA SER YD 113 -0.26 -129.08 -58.74
C SER YD 113 -0.82 -127.67 -58.80
N GLN YD 114 -1.92 -127.39 -58.11
CA GLN YD 114 -2.51 -126.05 -58.12
C GLN YD 114 -1.69 -125.05 -57.32
N VAL YD 115 -1.23 -125.45 -56.12
CA VAL YD 115 -0.41 -124.55 -55.32
C VAL YD 115 0.94 -124.31 -55.99
N GLU YD 116 1.49 -125.32 -56.67
CA GLU YD 116 2.74 -125.14 -57.39
C GLU YD 116 2.58 -124.10 -58.50
N ASP YD 117 1.47 -124.16 -59.24
CA ASP YD 117 1.23 -123.17 -60.28
C ASP YD 117 0.99 -121.79 -59.67
N LEU YD 118 0.25 -121.72 -58.55
CA LEU YD 118 0.05 -120.45 -57.87
C LEU YD 118 1.37 -119.84 -57.41
N VAL YD 119 2.33 -120.67 -57.01
CA VAL YD 119 3.61 -120.17 -56.55
C VAL YD 119 4.47 -119.72 -57.73
N VAL YD 120 4.53 -120.54 -58.78
CA VAL YD 120 5.41 -120.27 -59.91
C VAL YD 120 4.82 -119.17 -60.79
N ASN YD 121 3.72 -119.48 -61.48
CA ASN YD 121 3.15 -118.56 -62.45
C ASN YD 121 2.34 -117.44 -61.83
N LEU YD 122 2.22 -117.40 -60.50
CA LEU YD 122 1.48 -116.35 -59.79
C LEU YD 122 0.03 -116.27 -60.25
N VAL YD 123 -0.53 -117.40 -60.68
CA VAL YD 123 -1.91 -117.47 -61.13
C VAL YD 123 -2.78 -117.82 -59.93
N PRO YD 124 -3.90 -117.12 -59.70
CA PRO YD 124 -4.74 -117.44 -58.54
C PRO YD 124 -5.25 -118.86 -58.59
N LEU YD 125 -5.36 -119.47 -57.41
CA LEU YD 125 -5.77 -120.87 -57.28
C LEU YD 125 -7.23 -121.00 -57.71
N GLY YD 126 -7.47 -121.81 -58.74
CA GLY YD 126 -8.82 -122.03 -59.23
C GLY YD 126 -8.87 -122.88 -60.48
N ARG YD 127 -8.62 -124.18 -60.33
CA ARG YD 127 -8.65 -125.10 -61.46
C ARG YD 127 -9.83 -126.07 -61.35
N SER ZD 1 90.02 -98.34 17.97
CA SER ZD 1 88.97 -97.93 18.90
C SER ZD 1 89.48 -97.96 20.34
N LYS ZD 2 88.56 -98.23 21.26
CA LYS ZD 2 88.87 -98.20 22.69
C LYS ZD 2 88.06 -99.29 23.38
N THR ZD 3 88.75 -100.22 24.02
CA THR ZD 3 88.13 -101.36 24.68
C THR ZD 3 88.25 -101.23 26.19
N ILE ZD 4 87.18 -101.58 26.90
CA ILE ZD 4 87.13 -101.55 28.35
C ILE ZD 4 86.71 -102.93 28.84
N VAL ZD 5 87.52 -103.54 29.70
CA VAL ZD 5 87.27 -104.87 30.22
C VAL ZD 5 86.75 -104.73 31.65
N LEU ZD 6 85.59 -105.33 31.92
CA LEU ZD 6 84.98 -105.30 33.24
C LEU ZD 6 84.85 -106.72 33.75
N SER ZD 7 85.32 -106.96 34.97
CA SER ZD 7 85.30 -108.28 35.59
C SER ZD 7 84.11 -108.35 36.56
N VAL ZD 8 83.18 -109.26 36.27
CA VAL ZD 8 82.00 -109.44 37.13
C VAL ZD 8 82.22 -110.50 38.20
N GLY ZD 9 83.26 -111.31 38.09
CA GLY ZD 9 83.51 -112.37 39.05
C GLY ZD 9 83.88 -113.68 38.38
N GLU ZD 10 83.09 -114.08 37.39
CA GLU ZD 10 83.34 -115.30 36.64
C GLU ZD 10 83.51 -115.08 35.15
N ALA ZD 11 83.00 -113.98 34.60
CA ALA ZD 11 83.12 -113.66 33.18
C ALA ZD 11 83.64 -112.23 33.03
N THR ZD 12 84.10 -111.91 31.83
CA THR ZD 12 84.65 -110.60 31.51
C THR ZD 12 83.83 -109.99 30.39
N ARG ZD 13 83.31 -108.79 30.61
CA ARG ZD 13 82.55 -108.06 29.61
C ARG ZD 13 83.43 -107.01 28.93
N THR ZD 14 83.16 -106.78 27.66
CA THR ZD 14 83.95 -105.86 26.84
C THR ZD 14 83.06 -104.76 26.30
N LEU ZD 15 83.42 -103.51 26.58
CA LEU ZD 15 82.73 -102.34 26.05
C LEU ZD 15 83.62 -101.67 25.01
N THR ZD 16 83.02 -101.30 23.89
CA THR ZD 16 83.74 -100.73 22.76
C THR ZD 16 83.30 -99.30 22.51
N GLU ZD 17 84.27 -98.43 22.21
CA GLU ZD 17 83.96 -97.05 21.87
C GLU ZD 17 83.26 -97.00 20.52
N ILE ZD 18 82.15 -96.23 20.47
CA ILE ZD 18 81.24 -96.20 19.32
C ILE ZD 18 81.17 -94.80 18.70
N GLN ZD 19 81.03 -93.77 19.54
CA GLN ZD 19 80.82 -92.39 19.10
C GLN ZD 19 81.90 -91.52 19.72
N SER ZD 20 83.09 -91.53 19.13
CA SER ZD 20 84.24 -90.81 19.65
C SER ZD 20 84.07 -89.32 19.38
N THR ZD 21 83.74 -88.55 20.42
CA THR ZD 21 83.63 -87.10 20.33
C THR ZD 21 84.05 -86.50 21.67
N ALA ZD 22 84.55 -85.27 21.61
CA ALA ZD 22 85.07 -84.61 22.80
C ALA ZD 22 83.98 -84.35 23.83
N ASP ZD 23 82.90 -83.68 23.41
CA ASP ZD 23 81.84 -83.30 24.33
C ASP ZD 23 80.88 -84.43 24.65
N ARG ZD 24 81.03 -85.60 24.01
CA ARG ZD 24 80.13 -86.72 24.27
C ARG ZD 24 80.83 -88.00 23.82
N GLN ZD 25 81.20 -88.84 24.78
CA GLN ZD 25 81.81 -90.14 24.51
C GLN ZD 25 80.80 -91.22 24.82
N ILE ZD 26 80.49 -92.06 23.83
CA ILE ZD 26 79.48 -93.09 23.94
C ILE ZD 26 80.16 -94.45 23.82
N PHE ZD 27 80.19 -95.20 24.92
CA PHE ZD 27 80.71 -96.57 24.93
C PHE ZD 27 79.55 -97.55 24.94
N GLU ZD 28 79.67 -98.60 24.13
CA GLU ZD 28 78.62 -99.60 24.01
C GLU ZD 28 79.20 -101.00 24.18
N GLU ZD 29 78.51 -101.83 24.96
CA GLU ZD 29 78.96 -103.19 25.23
C GLU ZD 29 78.62 -104.10 24.06
N LYS ZD 30 79.58 -104.91 23.64
CA LYS ZD 30 79.43 -105.84 22.52
C LYS ZD 30 79.40 -107.26 23.08
N VAL ZD 31 78.21 -107.87 23.09
CA VAL ZD 31 78.05 -109.25 23.53
C VAL ZD 31 77.21 -110.00 22.51
N GLY ZD 32 76.03 -109.46 22.19
CA GLY ZD 32 75.15 -110.07 21.23
C GLY ZD 32 74.29 -109.04 20.53
N PRO ZD 33 73.04 -108.89 21.00
CA PRO ZD 33 72.15 -107.89 20.41
C PRO ZD 33 72.59 -106.48 20.82
N LEU ZD 34 72.87 -105.66 19.80
CA LEU ZD 34 73.36 -104.31 20.09
C LEU ZD 34 72.26 -103.42 20.66
N VAL ZD 35 71.02 -103.61 20.21
CA VAL ZD 35 69.90 -102.83 20.72
C VAL ZD 35 69.54 -103.33 22.12
N GLY ZD 36 69.30 -102.39 23.03
CA GLY ZD 36 68.95 -102.74 24.40
C GLY ZD 36 70.08 -103.41 25.14
N ARG ZD 37 71.25 -102.75 25.19
CA ARG ZD 37 72.41 -103.31 25.86
C ARG ZD 37 72.95 -102.33 26.90
N LEU ZD 38 74.25 -102.39 27.15
CA LEU ZD 38 74.91 -101.52 28.13
C LEU ZD 38 75.55 -100.35 27.40
N ARG ZD 39 75.18 -99.13 27.79
CA ARG ZD 39 75.72 -97.92 27.19
C ARG ZD 39 76.22 -96.99 28.29
N LEU ZD 40 77.24 -96.21 27.95
CA LEU ZD 40 77.87 -95.28 28.88
C LEU ZD 40 78.13 -93.96 28.17
N THR ZD 41 77.66 -92.87 28.77
CA THR ZD 41 77.83 -91.53 28.21
C THR ZD 41 78.73 -90.73 29.14
N ALA ZD 42 79.82 -90.18 28.58
CA ALA ZD 42 80.77 -89.37 29.32
C ALA ZD 42 80.85 -87.98 28.71
N SER ZD 43 80.92 -86.97 29.57
CA SER ZD 43 81.03 -85.59 29.12
C SER ZD 43 81.92 -84.81 30.06
N LEU ZD 44 82.72 -83.91 29.49
CA LEU ZD 44 83.62 -83.05 30.26
C LEU ZD 44 83.53 -81.64 29.72
N ARG ZD 45 83.46 -80.66 30.61
CA ARG ZD 45 83.33 -79.27 30.21
C ARG ZD 45 83.92 -78.37 31.29
N GLN ZD 46 83.72 -77.07 31.13
CA GLN ZD 46 84.14 -76.06 32.08
C GLN ZD 46 82.91 -75.43 32.73
N ASN ZD 47 83.09 -74.26 33.34
CA ASN ZD 47 82.00 -73.58 34.01
C ASN ZD 47 82.40 -72.13 34.26
N GLY ZD 48 81.40 -71.25 34.32
CA GLY ZD 48 81.59 -69.86 34.69
C GLY ZD 48 82.67 -69.14 33.91
N ALA ZD 49 83.69 -68.68 34.61
CA ALA ZD 49 84.80 -67.96 33.99
C ALA ZD 49 86.11 -68.72 34.24
N LYS ZD 50 86.18 -69.92 33.68
CA LYS ZD 50 87.38 -70.77 33.75
C LYS ZD 50 87.79 -71.04 35.19
N THR ZD 51 86.80 -71.22 36.06
CA THR ZD 51 87.07 -71.50 37.47
C THR ZD 51 87.25 -73.00 37.70
N ALA ZD 52 86.14 -73.75 37.72
CA ALA ZD 52 86.18 -75.18 37.94
C ALA ZD 52 85.85 -75.95 36.66
N TYR ZD 53 85.40 -77.19 36.81
CA TYR ZD 53 85.04 -78.02 35.68
C TYR ZD 53 83.76 -78.77 36.00
N ARG ZD 54 83.27 -79.53 35.02
CA ARG ZD 54 82.04 -80.30 35.17
C ARG ZD 54 82.19 -81.60 34.40
N VAL ZD 55 82.03 -82.72 35.10
CA VAL ZD 55 82.12 -84.05 34.51
C VAL ZD 55 80.79 -84.77 34.73
N ASN ZD 56 80.28 -85.36 33.66
CA ASN ZD 56 79.02 -86.10 33.71
C ASN ZD 56 79.24 -87.51 33.21
N LEU ZD 57 78.75 -88.49 33.99
CA LEU ZD 57 78.89 -89.91 33.65
C LEU ZD 57 77.55 -90.59 33.87
N LYS ZD 58 76.97 -91.11 32.79
CA LYS ZD 58 75.69 -91.80 32.85
C LYS ZD 58 75.87 -93.23 32.33
N LEU ZD 59 75.17 -94.17 32.96
CA LEU ZD 59 75.24 -95.58 32.58
C LEU ZD 59 73.82 -96.11 32.46
N ASP ZD 60 73.47 -96.58 31.26
CA ASP ZD 60 72.14 -97.09 30.98
C ASP ZD 60 72.21 -98.55 30.52
N GLN ZD 61 71.16 -99.29 30.85
CA GLN ZD 61 71.06 -100.70 30.47
C GLN ZD 61 69.59 -101.09 30.46
N ALA ZD 62 69.05 -101.38 29.29
CA ALA ZD 62 67.65 -101.75 29.13
C ALA ZD 62 67.54 -103.24 28.84
N ASP ZD 63 66.71 -103.93 29.61
CA ASP ZD 63 66.51 -105.36 29.41
C ASP ZD 63 65.64 -105.61 28.19
N VAL ZD 64 65.86 -106.77 27.56
CA VAL ZD 64 65.13 -107.15 26.35
C VAL ZD 64 64.44 -108.48 26.60
N VAL ZD 65 63.38 -108.74 25.83
CA VAL ZD 65 62.63 -109.98 25.91
C VAL ZD 65 62.34 -110.46 24.49
N ASP ZD 66 62.17 -111.76 24.35
CA ASP ZD 66 61.92 -112.39 23.06
C ASP ZD 66 61.06 -113.62 23.24
N CYS ZD 67 60.18 -113.86 22.26
CA CYS ZD 67 59.27 -115.00 22.29
C CYS ZD 67 59.46 -115.95 21.12
N SER ZD 68 60.53 -115.81 20.34
CA SER ZD 68 60.74 -116.68 19.19
C SER ZD 68 61.07 -118.11 19.60
N THR ZD 69 61.38 -118.34 20.88
CA THR ZD 69 61.68 -119.70 21.33
C THR ZD 69 60.42 -120.56 21.40
N SER ZD 70 59.28 -119.95 21.73
CA SER ZD 70 58.03 -120.70 21.84
C SER ZD 70 56.97 -120.13 20.90
N VAL ZD 71 56.69 -118.85 21.01
CA VAL ZD 71 55.70 -118.19 20.17
C VAL ZD 71 56.27 -118.06 18.76
N CYS ZD 72 55.41 -118.23 17.76
CA CYS ZD 72 55.88 -118.18 16.38
C CYS ZD 72 55.77 -116.77 15.81
N GLY ZD 73 56.29 -115.78 16.54
CA GLY ZD 73 56.56 -114.48 15.94
C GLY ZD 73 56.55 -113.33 16.92
N GLU ZD 74 57.74 -112.89 17.34
CA GLU ZD 74 57.86 -111.75 18.24
C GLU ZD 74 59.29 -111.25 18.18
N LEU ZD 75 59.48 -110.01 17.73
CA LEU ZD 75 60.81 -109.43 17.66
C LEU ZD 75 61.31 -109.10 19.07
N PRO ZD 76 62.63 -109.04 19.26
CA PRO ZD 76 63.17 -108.64 20.58
C PRO ZD 76 62.71 -107.25 20.95
N LYS ZD 77 61.99 -107.16 22.07
CA LYS ZD 77 61.38 -105.92 22.53
C LYS ZD 77 61.97 -105.51 23.87
N VAL ZD 78 62.28 -104.22 24.01
CA VAL ZD 78 62.82 -103.72 25.26
C VAL ZD 78 61.71 -103.64 26.30
N ARG ZD 79 62.10 -103.74 27.57
CA ARG ZD 79 61.15 -103.71 28.67
C ARG ZD 79 61.32 -102.40 29.41
N TYR ZD 80 62.11 -102.34 30.48
CA TYR ZD 80 62.30 -101.14 31.26
C TYR ZD 80 63.65 -100.51 30.92
N THR ZD 81 63.85 -99.29 31.42
CA THR ZD 81 65.08 -98.54 31.21
C THR ZD 81 65.56 -97.99 32.54
N GLN ZD 82 66.87 -98.12 32.80
CA GLN ZD 82 67.48 -97.64 34.02
C GLN ZD 82 68.49 -96.55 33.69
N VAL ZD 83 68.44 -95.46 34.46
CA VAL ZD 83 69.31 -94.31 34.25
C VAL ZD 83 70.08 -94.05 35.55
N TRP ZD 84 71.41 -94.01 35.46
CA TRP ZD 84 72.28 -93.74 36.60
C TRP ZD 84 73.31 -92.71 36.17
N SER ZD 85 72.98 -91.43 36.35
CA SER ZD 85 73.85 -90.34 35.98
C SER ZD 85 74.72 -89.90 37.15
N HIS ZD 86 75.72 -89.09 36.86
CA HIS ZD 86 76.64 -88.57 37.86
C HIS ZD 86 76.89 -87.10 37.62
N ASP ZD 87 77.62 -86.48 38.53
CA ASP ZD 87 77.95 -85.06 38.43
C ASP ZD 87 79.19 -84.80 39.27
N VAL ZD 88 80.29 -84.42 38.60
CA VAL ZD 88 81.56 -84.15 39.28
C VAL ZD 88 81.89 -82.68 39.09
N THR ZD 89 81.98 -81.95 40.20
CA THR ZD 89 82.29 -80.52 40.21
C THR ZD 89 83.53 -80.33 41.07
N ILE ZD 90 84.70 -80.57 40.49
CA ILE ZD 90 85.98 -80.44 41.19
C ILE ZD 90 86.76 -79.30 40.56
N VAL ZD 91 87.20 -78.36 41.40
CA VAL ZD 91 87.97 -77.22 40.91
C VAL ZD 91 89.38 -77.67 40.55
N ALA ZD 92 90.03 -76.90 39.66
CA ALA ZD 92 91.38 -77.25 39.24
C ALA ZD 92 92.38 -77.07 40.37
N ASN ZD 93 92.46 -75.86 40.92
CA ASN ZD 93 93.38 -75.55 42.01
C ASN ZD 93 92.84 -76.16 43.30
N SER ZD 94 93.07 -77.45 43.47
CA SER ZD 94 92.61 -78.17 44.65
C SER ZD 94 93.79 -78.81 45.37
N THR ZD 95 93.62 -80.07 45.78
CA THR ZD 95 94.67 -80.80 46.49
C THR ZD 95 94.64 -82.25 46.04
N GLU ZD 96 95.82 -82.77 45.64
CA GLU ZD 96 95.89 -84.16 45.18
C GLU ZD 96 95.59 -85.13 46.32
N ALA ZD 97 96.11 -84.85 47.52
CA ALA ZD 97 95.84 -85.72 48.66
C ALA ZD 97 94.36 -85.70 49.02
N SER ZD 98 93.74 -84.52 48.99
CA SER ZD 98 92.31 -84.44 49.29
C SER ZD 98 91.48 -85.18 48.23
N ARG ZD 99 91.86 -85.05 46.97
CA ARG ZD 99 91.14 -85.76 45.92
C ARG ZD 99 91.30 -87.27 46.08
N LYS ZD 100 92.49 -87.73 46.42
CA LYS ZD 100 92.70 -89.16 46.64
C LYS ZD 100 91.90 -89.66 47.83
N SER ZD 101 91.86 -88.89 48.92
CA SER ZD 101 91.06 -89.29 50.07
C SER ZD 101 89.58 -89.33 49.74
N LEU ZD 102 89.10 -88.36 48.95
CA LEU ZD 102 87.69 -88.36 48.56
C LEU ZD 102 87.38 -89.55 47.67
N TYR ZD 103 88.28 -89.89 46.75
CA TYR ZD 103 88.07 -91.05 45.89
C TYR ZD 103 88.06 -92.34 46.71
N ASP ZD 104 88.95 -92.44 47.69
CA ASP ZD 104 88.98 -93.63 48.54
C ASP ZD 104 87.70 -93.74 49.38
N LEU ZD 105 87.20 -92.61 49.89
CA LEU ZD 105 85.96 -92.62 50.65
C LEU ZD 105 84.78 -93.02 49.77
N THR ZD 106 84.74 -92.53 48.53
CA THR ZD 106 83.68 -92.90 47.61
C THR ZD 106 83.75 -94.39 47.27
N LYS ZD 107 84.96 -94.90 47.05
CA LYS ZD 107 85.11 -96.33 46.76
C LYS ZD 107 84.67 -97.19 47.95
N SER ZD 108 85.01 -96.76 49.17
CA SER ZD 108 84.59 -97.49 50.35
C SER ZD 108 83.07 -97.46 50.51
N LEU ZD 109 82.45 -96.30 50.29
CA LEU ZD 109 81.00 -96.21 50.38
C LEU ZD 109 80.31 -97.03 49.30
N VAL ZD 110 80.93 -97.17 48.13
CA VAL ZD 110 80.34 -97.99 47.07
C VAL ZD 110 80.48 -99.47 47.41
N ALA ZD 111 81.65 -99.87 47.91
CA ALA ZD 111 81.91 -101.27 48.21
C ALA ZD 111 81.30 -101.73 49.52
N THR ZD 112 80.79 -100.82 50.35
CA THR ZD 112 80.17 -101.22 51.60
C THR ZD 112 78.89 -102.00 51.35
N SER ZD 113 78.43 -102.70 52.39
CA SER ZD 113 77.24 -103.54 52.30
C SER ZD 113 75.94 -102.77 52.52
N GLN ZD 114 76.01 -101.52 52.98
CA GLN ZD 114 74.81 -100.72 53.22
C GLN ZD 114 74.17 -100.26 51.91
N VAL ZD 115 74.97 -99.79 50.96
CA VAL ZD 115 74.41 -99.36 49.67
C VAL ZD 115 73.85 -100.56 48.91
N GLU ZD 116 74.48 -101.73 49.03
CA GLU ZD 116 73.95 -102.91 48.38
C GLU ZD 116 72.59 -103.28 48.93
N ASP ZD 117 72.42 -103.21 50.25
CA ASP ZD 117 71.11 -103.48 50.84
C ASP ZD 117 70.09 -102.41 50.44
N LEU ZD 118 70.51 -101.15 50.41
CA LEU ZD 118 69.62 -100.08 49.97
C LEU ZD 118 69.17 -100.30 48.53
N VAL ZD 119 70.03 -100.84 47.68
CA VAL ZD 119 69.67 -101.09 46.29
C VAL ZD 119 68.75 -102.30 46.16
N VAL ZD 120 69.10 -103.39 46.84
CA VAL ZD 120 68.36 -104.64 46.71
C VAL ZD 120 67.04 -104.57 47.47
N ASN ZD 121 67.11 -104.53 48.80
CA ASN ZD 121 65.93 -104.60 49.65
C ASN ZD 121 65.18 -103.27 49.74
N LEU ZD 122 65.67 -102.22 49.09
CA LEU ZD 122 65.02 -100.91 49.11
C LEU ZD 122 64.85 -100.36 50.53
N VAL ZD 123 65.75 -100.75 51.43
CA VAL ZD 123 65.72 -100.29 52.81
C VAL ZD 123 66.56 -99.04 52.92
N PRO ZD 124 66.07 -97.97 53.56
CA PRO ZD 124 66.86 -96.74 53.65
C PRO ZD 124 68.18 -96.98 54.36
N LEU ZD 125 69.21 -96.25 53.91
CA LEU ZD 125 70.55 -96.41 54.43
C LEU ZD 125 70.60 -95.92 55.88
N GLY ZD 126 70.96 -96.81 56.79
CA GLY ZD 126 71.03 -96.46 58.20
C GLY ZD 126 71.34 -97.65 59.09
N ARG ZD 127 72.58 -98.13 59.05
CA ARG ZD 127 72.99 -99.26 59.87
C ARG ZD 127 73.97 -98.84 60.95
N SER AE 1 69.50 -104.45 61.73
CA SER AE 1 68.06 -104.29 61.58
C SER AE 1 67.30 -105.08 62.65
N LYS AE 2 66.11 -105.54 62.28
CA LYS AE 2 65.22 -106.24 63.22
C LYS AE 2 64.48 -107.32 62.46
N THR AE 3 64.65 -108.57 62.88
CA THR AE 3 64.05 -109.71 62.22
C THR AE 3 62.97 -110.31 63.11
N ILE AE 4 61.87 -110.72 62.48
CA ILE AE 4 60.74 -111.35 63.17
C ILE AE 4 60.44 -112.66 62.47
N VAL AE 5 60.46 -113.76 63.23
CA VAL AE 5 60.23 -115.10 62.72
C VAL AE 5 58.81 -115.52 63.07
N LEU AE 6 58.03 -115.90 62.06
CA LEU AE 6 56.65 -116.35 62.25
C LEU AE 6 56.54 -117.80 61.77
N SER AE 7 55.98 -118.65 62.62
CA SER AE 7 55.82 -120.08 62.32
C SER AE 7 54.38 -120.32 61.86
N VAL AE 8 54.24 -120.78 60.61
CA VAL AE 8 52.91 -121.08 60.06
C VAL AE 8 52.51 -122.53 60.27
N GLY AE 9 53.43 -123.40 60.65
CA GLY AE 9 53.12 -124.80 60.83
C GLY AE 9 54.16 -125.72 60.22
N GLU AE 10 54.52 -125.44 58.96
CA GLU AE 10 55.54 -126.21 58.26
C GLU AE 10 56.69 -125.37 57.75
N ALA AE 11 56.52 -124.06 57.60
CA ALA AE 11 57.58 -123.16 57.14
C ALA AE 11 57.66 -121.97 58.08
N THR AE 12 58.77 -121.25 58.00
CA THR AE 12 59.03 -120.08 58.83
C THR AE 12 59.22 -118.87 57.94
N ARG AE 13 58.44 -117.82 58.18
CA ARG AE 13 58.53 -116.57 57.44
C ARG AE 13 59.32 -115.55 58.24
N THR AE 14 60.06 -114.70 57.52
CA THR AE 14 60.95 -113.72 58.13
C THR AE 14 60.53 -112.32 57.67
N LEU AE 15 60.24 -111.45 58.63
CA LEU AE 15 59.92 -110.05 58.37
C LEU AE 15 61.09 -109.19 58.83
N THR AE 16 61.47 -108.22 57.99
CA THR AE 16 62.63 -107.38 58.25
C THR AE 16 62.18 -105.93 58.43
N GLU AE 17 62.80 -105.25 59.40
CA GLU AE 17 62.53 -103.83 59.60
C GLU AE 17 63.09 -103.02 58.45
N ILE AE 18 62.26 -102.13 57.90
CA ILE AE 18 62.60 -101.34 56.73
C ILE AE 18 62.70 -99.85 57.08
N GLN AE 19 61.66 -99.31 57.71
CA GLN AE 19 61.53 -97.86 57.94
C GLN AE 19 61.52 -97.63 59.44
N SER AE 20 62.71 -97.62 60.05
CA SER AE 20 62.84 -97.48 61.50
C SER AE 20 62.58 -96.03 61.89
N THR AE 21 61.42 -95.78 62.48
CA THR AE 21 61.07 -94.46 62.99
C THR AE 21 60.19 -94.64 64.22
N ALA AE 22 60.23 -93.64 65.11
CA ALA AE 22 59.51 -93.74 66.37
C ALA AE 22 58.00 -93.74 66.15
N ASP AE 23 57.48 -92.75 65.44
CA ASP AE 23 56.04 -92.61 65.25
C ASP AE 23 55.49 -93.53 64.17
N ARG AE 24 56.34 -94.27 63.46
CA ARG AE 24 55.86 -95.18 62.41
C ARG AE 24 56.95 -96.22 62.17
N GLN AE 25 56.66 -97.47 62.54
CA GLN AE 25 57.55 -98.60 62.29
C GLN AE 25 56.95 -99.47 61.20
N ILE AE 26 57.71 -99.67 60.13
CA ILE AE 26 57.25 -100.40 58.95
C ILE AE 26 58.08 -101.67 58.82
N PHE AE 27 57.46 -102.82 59.05
CA PHE AE 27 58.11 -104.11 58.85
C PHE AE 27 57.63 -104.71 57.53
N GLU AE 28 58.56 -105.30 56.77
CA GLU AE 28 58.24 -105.88 55.48
C GLU AE 28 58.82 -107.29 55.39
N GLU AE 29 58.01 -108.21 54.87
CA GLU AE 29 58.41 -109.61 54.75
C GLU AE 29 59.29 -109.79 53.53
N LYS AE 30 60.40 -110.51 53.70
CA LYS AE 30 61.36 -110.77 52.63
C LYS AE 30 61.28 -112.24 52.25
N VAL AE 31 60.69 -112.52 51.09
CA VAL AE 31 60.58 -113.89 50.57
C VAL AE 31 61.00 -113.90 49.11
N GLY AE 32 60.39 -113.03 48.31
CA GLY AE 32 60.71 -112.93 46.91
C GLY AE 32 60.45 -111.54 46.36
N PRO AE 33 59.29 -111.37 45.71
CA PRO AE 33 58.93 -110.04 45.20
C PRO AE 33 58.57 -109.10 46.35
N LEU AE 34 59.30 -107.98 46.44
CA LEU AE 34 59.06 -107.05 47.53
C LEU AE 34 57.74 -106.31 47.36
N VAL AE 35 57.35 -106.01 46.12
CA VAL AE 35 56.09 -105.33 45.88
C VAL AE 35 54.94 -106.32 46.05
N GLY AE 36 53.88 -105.87 46.73
CA GLY AE 36 52.73 -106.72 46.97
C GLY AE 36 53.04 -107.88 47.90
N ARG AE 37 53.57 -107.58 49.08
CA ARG AE 37 53.91 -108.62 50.04
C ARG AE 37 53.24 -108.35 51.39
N LEU AE 38 53.87 -108.80 52.47
CA LEU AE 38 53.34 -108.63 53.82
C LEU AE 38 53.99 -107.42 54.46
N ARG AE 39 53.18 -106.47 54.91
CA ARG AE 39 53.66 -105.27 55.57
C ARG AE 39 52.93 -105.06 56.88
N LEU AE 40 53.62 -104.44 57.83
CA LEU AE 40 53.09 -104.21 59.17
C LEU AE 40 53.47 -102.80 59.61
N THR AE 41 52.47 -102.02 60.02
CA THR AE 41 52.65 -100.65 60.47
C THR AE 41 52.34 -100.56 61.95
N ALA AE 42 53.27 -100.07 62.74
CA ALA AE 42 53.12 -99.91 64.17
C ALA AE 42 53.30 -98.45 64.56
N SER AE 43 52.45 -97.98 65.47
CA SER AE 43 52.52 -96.60 65.93
C SER AE 43 52.18 -96.54 67.42
N LEU AE 44 52.89 -95.68 68.14
CA LEU AE 44 52.67 -95.47 69.57
C LEU AE 44 52.67 -93.98 69.86
N ARG AE 45 51.71 -93.54 70.67
CA ARG AE 45 51.61 -92.12 70.99
C ARG AE 45 50.94 -91.96 72.35
N GLN AE 46 50.62 -90.72 72.70
CA GLN AE 46 49.93 -90.37 73.93
C GLN AE 46 48.53 -89.85 73.58
N ASN AE 47 47.89 -89.16 74.53
CA ASN AE 47 46.55 -88.64 74.32
C ASN AE 47 46.27 -87.59 75.38
N GLY AE 48 45.39 -86.65 75.04
CA GLY AE 48 44.90 -85.65 75.98
C GLY AE 48 45.97 -84.91 76.73
N ALA AE 49 45.97 -85.04 78.05
CA ALA AE 49 46.94 -84.38 78.91
C ALA AE 49 47.74 -85.42 79.68
N LYS AE 50 48.51 -86.22 78.93
CA LYS AE 50 49.40 -87.24 79.50
C LYS AE 50 48.65 -88.21 80.39
N THR AE 51 47.42 -88.55 79.99
CA THR AE 51 46.60 -89.50 80.75
C THR AE 51 46.91 -90.93 80.33
N ALA AE 52 46.39 -91.35 79.17
CA ALA AE 52 46.59 -92.70 78.68
C ALA AE 52 47.53 -92.72 77.48
N TYR AE 53 47.44 -93.76 76.66
CA TYR AE 53 48.27 -93.89 75.48
C TYR AE 53 47.42 -94.42 74.33
N ARG AE 54 48.03 -94.51 73.16
CA ARG AE 54 47.35 -95.00 71.96
C ARG AE 54 48.32 -95.80 71.12
N VAL AE 55 47.97 -97.06 70.85
CA VAL AE 55 48.80 -97.94 70.05
C VAL AE 55 47.99 -98.40 68.84
N ASN AE 56 48.61 -98.31 67.66
CA ASN AE 56 47.96 -98.70 66.42
C ASN AE 56 48.82 -99.75 65.72
N LEU AE 57 48.18 -100.84 65.30
CA LEU AE 57 48.86 -101.94 64.61
C LEU AE 57 48.04 -102.34 63.40
N LYS AE 58 48.61 -102.18 62.22
CA LYS AE 58 47.95 -102.54 60.97
C LYS AE 58 48.77 -103.57 60.23
N LEU AE 59 48.11 -104.53 59.59
CA LEU AE 59 48.76 -105.59 58.84
C LEU AE 59 48.12 -105.69 57.47
N ASP AE 60 48.91 -105.48 56.42
CA ASP AE 60 48.42 -105.50 55.05
C ASP AE 60 49.15 -106.58 54.25
N GLN AE 61 48.44 -107.15 53.28
CA GLN AE 61 49.02 -108.17 52.40
C GLN AE 61 48.19 -108.20 51.12
N ALA AE 62 48.81 -107.79 50.02
CA ALA AE 62 48.15 -107.75 48.71
C ALA AE 62 48.67 -108.88 47.84
N ASP AE 63 47.74 -109.65 47.27
CA ASP AE 63 48.11 -110.76 46.40
C ASP AE 63 48.55 -110.23 45.04
N VAL AE 64 49.44 -110.99 44.39
CA VAL AE 64 49.98 -110.61 43.09
C VAL AE 64 49.68 -111.74 42.10
N VAL AE 65 49.66 -111.38 40.81
CA VAL AE 65 49.44 -112.33 39.74
C VAL AE 65 50.44 -112.04 38.62
N ASP AE 66 50.75 -113.08 37.84
CA ASP AE 66 51.73 -112.96 36.77
C ASP AE 66 51.36 -113.93 35.65
N CYS AE 67 51.59 -113.50 34.40
CA CYS AE 67 51.29 -114.30 33.24
C CYS AE 67 52.50 -114.64 32.40
N SER AE 68 53.72 -114.39 32.90
CA SER AE 68 54.92 -114.66 32.11
C SER AE 68 55.16 -116.16 31.92
N THR AE 69 54.46 -117.01 32.68
CA THR AE 69 54.63 -118.45 32.53
C THR AE 69 54.01 -118.96 31.23
N SER AE 70 52.91 -118.35 30.79
CA SER AE 70 52.24 -118.77 29.57
C SER AE 70 52.15 -117.64 28.56
N VAL AE 71 51.59 -116.51 28.98
CA VAL AE 71 51.43 -115.34 28.10
C VAL AE 71 52.81 -114.72 27.90
N CYS AE 72 53.08 -114.24 26.69
CA CYS AE 72 54.41 -113.68 26.47
C CYS AE 72 54.44 -112.18 26.70
N GLY AE 73 53.94 -111.74 27.84
CA GLY AE 73 54.24 -110.40 28.34
C GLY AE 73 53.22 -109.85 29.32
N GLU AE 74 53.53 -109.91 30.61
CA GLU AE 74 52.65 -109.36 31.63
C GLU AE 74 53.46 -109.20 32.91
N LEU AE 75 53.62 -107.97 33.38
CA LEU AE 75 54.35 -107.72 34.61
C LEU AE 75 53.53 -108.17 35.82
N PRO AE 76 54.19 -108.50 36.94
CA PRO AE 76 53.45 -108.86 38.15
C PRO AE 76 52.53 -107.73 38.59
N LYS AE 77 51.24 -108.02 38.63
CA LYS AE 77 50.22 -107.03 38.94
C LYS AE 77 49.48 -107.40 40.22
N VAL AE 78 49.26 -106.41 41.08
CA VAL AE 78 48.53 -106.66 42.32
C VAL AE 78 47.05 -106.83 42.02
N ARG AE 79 46.36 -107.59 42.88
CA ARG AE 79 44.95 -107.86 42.71
C ARG AE 79 44.18 -107.09 43.77
N TYR AE 80 43.86 -107.70 44.91
CA TYR AE 80 43.10 -107.06 45.97
C TYR AE 80 44.03 -106.64 47.10
N THR AE 81 43.49 -105.86 48.04
CA THR AE 81 44.23 -105.37 49.19
C THR AE 81 43.40 -105.60 50.43
N GLN AE 82 44.04 -106.11 51.48
CA GLN AE 82 43.40 -106.38 52.76
C GLN AE 82 44.00 -105.50 53.84
N VAL AE 83 43.14 -104.90 54.66
CA VAL AE 83 43.55 -104.00 55.72
C VAL AE 83 42.99 -104.53 57.03
N TRP AE 84 43.87 -104.73 58.01
CA TRP AE 84 43.49 -105.21 59.35
C TRP AE 84 44.21 -104.33 60.37
N SER AE 85 43.55 -103.24 60.77
CA SER AE 85 44.10 -102.30 61.74
C SER AE 85 43.66 -102.65 63.15
N HIS AE 86 44.30 -102.02 64.13
CA HIS AE 86 44.00 -102.24 65.53
C HIS AE 86 43.98 -100.89 66.26
N ASP AE 87 43.59 -100.93 67.53
CA ASP AE 87 43.54 -99.72 68.35
C ASP AE 87 43.61 -100.14 69.80
N VAL AE 88 44.69 -99.75 70.48
CA VAL AE 88 44.91 -100.09 71.88
C VAL AE 88 44.90 -98.81 72.69
N THR AE 89 43.94 -98.70 73.62
CA THR AE 89 43.79 -97.53 74.49
C THR AE 89 43.86 -98.03 75.93
N ILE AE 90 45.08 -98.21 76.43
CA ILE AE 90 45.32 -98.70 77.79
C ILE AE 90 45.99 -97.58 78.58
N VAL AE 91 45.41 -97.25 79.74
CA VAL AE 91 45.98 -96.20 80.58
C VAL AE 91 47.23 -96.72 81.28
N ALA AE 92 48.10 -95.80 81.68
CA ALA AE 92 49.34 -96.18 82.34
C ALA AE 92 49.08 -96.75 83.72
N ASN AE 93 48.42 -95.98 84.58
CA ASN AE 93 48.10 -96.41 85.94
C ASN AE 93 46.94 -97.40 85.89
N SER AE 94 47.28 -98.64 85.57
CA SER AE 94 46.28 -99.70 85.48
C SER AE 94 46.62 -100.84 86.43
N THR AE 95 46.52 -102.08 85.96
CA THR AE 95 46.82 -103.26 86.77
C THR AE 95 47.50 -104.30 85.90
N GLU AE 96 48.64 -104.82 86.35
CA GLU AE 96 49.36 -105.82 85.58
C GLU AE 96 48.56 -107.12 85.48
N ALA AE 97 47.92 -107.53 86.57
CA ALA AE 97 47.11 -108.74 86.54
C ALA AE 97 45.92 -108.59 85.60
N SER AE 98 45.27 -107.42 85.63
CA SER AE 98 44.15 -107.17 84.74
C SER AE 98 44.60 -107.15 83.28
N ARG AE 99 45.76 -106.55 83.00
CA ARG AE 99 46.27 -106.54 81.64
C ARG AE 99 46.61 -107.95 81.17
N LYS AE 100 47.20 -108.76 82.04
CA LYS AE 100 47.52 -110.14 81.67
C LYS AE 100 46.25 -110.95 81.42
N SER AE 101 45.22 -110.75 82.25
CA SER AE 101 43.96 -111.46 82.04
C SER AE 101 43.30 -111.04 80.74
N LEU AE 102 43.36 -109.74 80.43
CA LEU AE 102 42.78 -109.26 79.17
C LEU AE 102 43.54 -109.82 77.96
N TYR AE 103 44.88 -109.88 78.06
CA TYR AE 103 45.66 -110.45 76.97
C TYR AE 103 45.36 -111.93 76.80
N ASP AE 104 45.21 -112.66 77.90
CA ASP AE 104 44.86 -114.08 77.81
C ASP AE 104 43.48 -114.28 77.20
N LEU AE 105 42.52 -113.43 77.57
CA LEU AE 105 41.18 -113.53 76.99
C LEU AE 105 41.22 -113.23 75.49
N THR AE 106 41.99 -112.22 75.09
CA THR AE 106 42.12 -111.90 73.67
C THR AE 106 42.77 -113.05 72.90
N LYS AE 107 43.81 -113.66 73.49
CA LYS AE 107 44.47 -114.79 72.84
C LYS AE 107 43.51 -115.97 72.70
N SER AE 108 42.70 -116.22 73.73
CA SER AE 108 41.74 -117.32 73.66
C SER AE 108 40.67 -117.05 72.61
N LEU AE 109 40.17 -115.80 72.54
CA LEU AE 109 39.19 -115.45 71.53
C LEU AE 109 39.76 -115.53 70.12
N VAL AE 110 41.05 -115.24 69.96
CA VAL AE 110 41.68 -115.35 68.65
C VAL AE 110 41.88 -116.82 68.27
N ALA AE 111 42.32 -117.64 69.22
CA ALA AE 111 42.60 -119.04 68.94
C ALA AE 111 41.34 -119.91 68.91
N THR AE 112 40.20 -119.39 69.32
CA THR AE 112 38.97 -120.17 69.29
C THR AE 112 38.55 -120.46 67.85
N SER AE 113 37.66 -121.44 67.70
CA SER AE 113 37.20 -121.88 66.39
C SER AE 113 36.05 -121.03 65.85
N GLN AE 114 35.44 -120.18 66.68
CA GLN AE 114 34.33 -119.34 66.24
C GLN AE 114 34.79 -118.21 65.32
N VAL AE 115 35.89 -117.54 65.67
CA VAL AE 115 36.40 -116.47 64.81
C VAL AE 115 36.92 -117.03 63.50
N GLU AE 116 37.50 -118.23 63.52
CA GLU AE 116 37.95 -118.86 62.28
C GLU AE 116 36.77 -119.13 61.35
N ASP AE 117 35.67 -119.63 61.89
CA ASP AE 117 34.48 -119.86 61.07
C ASP AE 117 33.90 -118.55 60.57
N LEU AE 118 33.87 -117.52 61.44
CA LEU AE 118 33.39 -116.21 61.01
C LEU AE 118 34.24 -115.64 59.88
N VAL AE 119 35.54 -115.92 59.88
CA VAL AE 119 36.41 -115.41 58.83
C VAL AE 119 36.24 -116.21 57.55
N VAL AE 120 36.20 -117.54 57.65
CA VAL AE 120 36.15 -118.41 56.48
C VAL AE 120 34.75 -118.40 55.89
N ASN AE 121 33.80 -119.00 56.60
CA ASN AE 121 32.44 -119.19 56.08
C ASN AE 121 31.58 -117.93 56.14
N LEU AE 122 32.12 -116.83 56.66
CA LEU AE 122 31.39 -115.56 56.75
C LEU AE 122 30.10 -115.70 57.55
N VAL AE 123 30.07 -116.64 58.49
CA VAL AE 123 28.90 -116.87 59.35
C VAL AE 123 29.05 -116.00 60.59
N PRO AE 124 28.00 -115.27 60.99
CA PRO AE 124 28.11 -114.42 62.18
C PRO AE 124 28.47 -115.22 63.42
N LEU AE 125 29.27 -114.61 64.29
CA LEU AE 125 29.74 -115.26 65.50
C LEU AE 125 28.57 -115.51 66.44
N GLY AE 126 28.32 -116.78 66.77
CA GLY AE 126 27.24 -117.13 67.66
C GLY AE 126 27.05 -118.63 67.79
N ARG AE 127 27.96 -119.28 68.51
CA ARG AE 127 27.87 -120.73 68.71
C ARG AE 127 27.57 -121.06 70.17
N SER BE 1 20.91 -115.82 66.15
CA SER BE 1 20.31 -115.61 64.83
C SER BE 1 19.14 -116.56 64.60
N LYS BE 2 18.93 -116.92 63.34
CA LYS BE 2 17.79 -117.75 62.94
C LYS BE 2 18.23 -118.65 61.81
N THR BE 3 18.14 -119.97 62.04
CA THR BE 3 18.56 -120.96 61.07
C THR BE 3 17.37 -121.69 60.49
N ILE BE 4 17.42 -121.96 59.19
CA ILE BE 4 16.36 -122.66 58.47
C ILE BE 4 17.00 -123.84 57.74
N VAL BE 5 16.51 -125.04 58.00
CA VAL BE 5 17.05 -126.26 57.40
C VAL BE 5 16.10 -126.71 56.30
N LEU BE 6 16.64 -126.89 55.09
CA LEU BE 6 15.86 -127.33 53.94
C LEU BE 6 16.42 -128.66 53.45
N SER BE 7 15.54 -129.65 53.28
CA SER BE 7 15.93 -130.98 52.84
C SER BE 7 15.66 -131.11 51.34
N VAL BE 8 16.72 -131.35 50.56
CA VAL BE 8 16.58 -131.50 49.12
C VAL BE 8 16.41 -132.96 48.71
N GLY BE 9 16.67 -133.91 49.61
CA GLY BE 9 16.56 -135.32 49.28
C GLY BE 9 17.73 -136.12 49.78
N GLU BE 10 18.94 -135.64 49.52
CA GLU BE 10 20.16 -136.28 49.97
C GLU BE 10 21.05 -135.39 50.83
N ALA BE 11 20.91 -134.07 50.75
CA ALA BE 11 21.68 -133.14 51.55
C ALA BE 11 20.75 -132.14 52.20
N THR BE 12 21.27 -131.43 53.20
CA THR BE 12 20.50 -130.44 53.95
C THR BE 12 21.19 -129.09 53.82
N ARG BE 13 20.45 -128.09 53.37
CA ARG BE 13 20.95 -126.74 53.23
C ARG BE 13 20.51 -125.89 54.42
N THR BE 14 21.36 -124.94 54.81
CA THR BE 14 21.13 -124.10 55.97
C THR BE 14 21.11 -122.64 55.53
N LEU BE 15 20.02 -121.95 55.83
CA LEU BE 15 19.88 -120.51 55.59
C LEU BE 15 19.94 -119.78 56.92
N THR BE 16 20.70 -118.69 56.95
CA THR BE 16 20.93 -117.92 58.17
C THR BE 16 20.36 -116.51 58.03
N GLU BE 17 19.72 -116.04 59.09
CA GLU BE 17 19.21 -114.68 59.12
C GLU BE 17 20.36 -113.68 59.13
N ILE BE 18 20.28 -112.67 58.25
CA ILE BE 18 21.36 -111.72 58.03
C ILE BE 18 20.93 -110.29 58.40
N GLN BE 19 19.75 -109.86 57.94
CA GLN BE 19 19.28 -108.49 58.09
C GLN BE 19 17.94 -108.53 58.83
N SER BE 20 18.01 -108.65 60.15
CA SER BE 20 16.81 -108.77 60.99
C SER BE 20 16.14 -107.41 61.10
N THR BE 21 15.02 -107.24 60.41
CA THR BE 21 14.22 -106.03 60.48
C THR BE 21 12.76 -106.41 60.29
N ALA BE 22 11.87 -105.60 60.87
CA ALA BE 22 10.44 -105.89 60.84
C ALA BE 22 9.89 -105.83 59.41
N ASP BE 23 10.11 -104.71 58.73
CA ASP BE 23 9.54 -104.50 57.40
C ASP BE 23 10.32 -105.21 56.30
N ARG BE 24 11.46 -105.83 56.62
CA ARG BE 24 12.25 -106.51 55.61
C ARG BE 24 13.15 -107.53 56.31
N GLN BE 25 12.87 -108.82 56.11
CA GLN BE 25 13.68 -109.90 56.65
C GLN BE 25 14.46 -110.54 55.50
N ILE BE 26 15.78 -110.58 55.62
CA ILE BE 26 16.66 -111.07 54.57
C ILE BE 26 17.38 -112.31 55.11
N PHE BE 27 17.04 -113.47 54.56
CA PHE BE 27 17.73 -114.71 54.88
C PHE BE 27 18.70 -115.07 53.77
N GLU BE 28 19.89 -115.52 54.14
CA GLU BE 28 20.93 -115.86 53.18
C GLU BE 28 21.49 -117.24 53.49
N GLU BE 29 21.67 -118.05 52.44
CA GLU BE 29 22.18 -119.39 52.57
C GLU BE 29 23.69 -119.38 52.74
N LYS BE 30 24.20 -120.13 53.71
CA LYS BE 30 25.63 -120.22 54.00
C LYS BE 30 26.12 -121.60 53.58
N VAL BE 31 26.86 -121.65 52.47
CA VAL BE 31 27.45 -122.90 52.00
C VAL BE 31 28.92 -122.65 51.66
N GLY BE 32 29.18 -121.65 50.83
CA GLY BE 32 30.53 -121.31 50.45
C GLY BE 32 30.66 -119.84 50.10
N PRO BE 33 30.63 -119.53 48.81
CA PRO BE 33 30.70 -118.12 48.38
C PRO BE 33 29.39 -117.40 48.72
N LEU BE 34 29.52 -116.33 49.52
CA LEU BE 34 28.33 -115.59 49.94
C LEU BE 34 27.71 -114.81 48.79
N VAL BE 35 28.54 -114.29 47.89
CA VAL BE 35 28.02 -113.55 46.74
C VAL BE 35 27.45 -114.52 45.72
N GLY BE 36 26.30 -114.18 45.17
CA GLY BE 36 25.64 -115.04 44.20
C GLY BE 36 25.16 -116.35 44.79
N ARG BE 37 24.37 -116.27 45.85
CA ARG BE 37 23.86 -117.47 46.51
C ARG BE 37 22.33 -117.45 46.59
N LEU BE 38 21.78 -118.09 47.62
CA LEU BE 38 20.34 -118.16 47.82
C LEU BE 38 19.93 -117.09 48.84
N ARG BE 39 19.01 -116.22 48.44
CA ARG BE 39 18.51 -115.17 49.31
C ARG BE 39 16.98 -115.18 49.32
N LEU BE 40 16.42 -114.77 50.46
CA LEU BE 40 14.98 -114.75 50.66
C LEU BE 40 14.59 -113.46 51.35
N THR BE 41 13.63 -112.74 50.76
CA THR BE 41 13.14 -111.47 51.28
C THR BE 41 11.70 -111.65 51.73
N ALA BE 42 11.41 -111.33 52.99
CA ALA BE 42 10.08 -111.43 53.56
C ALA BE 42 9.63 -110.06 54.05
N SER BE 43 8.36 -109.74 53.82
CA SER BE 43 7.79 -108.47 54.24
C SER BE 43 6.35 -108.68 54.66
N LEU BE 44 5.95 -107.98 55.72
CA LEU BE 44 4.58 -108.03 56.24
C LEU BE 44 4.12 -106.61 56.54
N ARG BE 45 2.89 -106.29 56.15
CA ARG BE 45 2.36 -104.96 56.37
C ARG BE 45 0.84 -105.03 56.46
N GLN BE 46 0.20 -103.86 56.48
CA GLN BE 46 -1.24 -103.72 56.51
C GLN BE 46 -1.71 -103.12 55.17
N ASN BE 47 -2.94 -102.60 55.15
CA ASN BE 47 -3.50 -102.02 53.95
C ASN BE 47 -4.70 -101.17 54.32
N GLY BE 48 -4.98 -100.16 53.49
CA GLY BE 48 -6.16 -99.34 53.62
C GLY BE 48 -6.39 -98.77 55.01
N ALA BE 49 -7.51 -99.13 55.63
CA ALA BE 49 -7.87 -98.66 56.95
C ALA BE 49 -7.97 -99.83 57.91
N LYS BE 50 -6.84 -100.51 58.13
CA LYS BE 50 -6.74 -101.64 59.07
C LYS BE 50 -7.74 -102.72 58.73
N THR BE 51 -7.94 -102.96 57.43
CA THR BE 51 -8.87 -104.01 56.99
C THR BE 51 -8.14 -105.36 56.90
N ALA BE 52 -7.35 -105.55 55.85
CA ALA BE 52 -6.63 -106.81 55.64
C ALA BE 52 -5.14 -106.62 55.87
N TYR BE 53 -4.32 -107.50 55.30
CA TYR BE 53 -2.87 -107.43 55.43
C TYR BE 53 -2.25 -107.73 54.08
N ARG BE 54 -0.92 -107.62 54.04
CA ARG BE 54 -0.16 -107.86 52.81
C ARG BE 54 1.15 -108.53 53.17
N VAL BE 55 1.40 -109.71 52.60
CA VAL BE 55 2.63 -110.45 52.84
C VAL BE 55 3.33 -110.66 51.50
N ASN BE 56 4.63 -110.39 51.48
CA ASN BE 56 5.44 -110.52 50.28
C ASN BE 56 6.61 -111.45 50.57
N LEU BE 57 6.82 -112.43 49.70
CA LEU BE 57 7.89 -113.41 49.85
C LEU BE 57 8.59 -113.57 48.50
N LYS BE 58 9.87 -113.21 48.44
CA LYS BE 58 10.66 -113.32 47.22
C LYS BE 58 11.86 -114.23 47.49
N LEU BE 59 12.21 -115.03 46.49
CA LEU BE 59 13.34 -115.96 46.59
C LEU BE 59 14.20 -115.80 45.36
N ASP BE 60 15.47 -115.42 45.56
CA ASP BE 60 16.40 -115.20 44.47
C ASP BE 60 17.60 -116.11 44.61
N GLN BE 61 18.17 -116.49 43.46
CA GLN BE 61 19.35 -117.35 43.42
C GLN BE 61 20.06 -117.13 42.10
N ALA BE 62 21.24 -116.55 42.13
CA ALA BE 62 22.03 -116.25 40.95
C ALA BE 62 23.20 -117.22 40.85
N ASP BE 63 23.34 -117.87 39.70
CA ASP BE 63 24.44 -118.79 39.47
C ASP BE 63 25.74 -118.04 39.25
N VAL BE 64 26.84 -118.69 39.63
CA VAL BE 64 28.17 -118.11 39.51
C VAL BE 64 29.04 -119.03 38.66
N VAL BE 65 30.08 -118.45 38.07
CA VAL BE 65 31.03 -119.19 37.25
C VAL BE 65 32.44 -118.72 37.61
N ASP BE 66 33.42 -119.60 37.40
CA ASP BE 66 34.80 -119.33 37.74
C ASP BE 66 35.72 -120.07 36.77
N CYS BE 67 36.83 -119.43 36.43
CA CYS BE 67 37.81 -120.00 35.51
C CYS BE 67 39.18 -120.21 36.13
N SER BE 68 39.30 -120.07 37.46
CA SER BE 68 40.61 -120.23 38.09
C SER BE 68 41.11 -121.67 38.04
N THR BE 69 40.24 -122.63 37.70
CA THR BE 69 40.68 -124.03 37.63
C THR BE 69 41.54 -124.28 36.41
N SER BE 70 41.30 -123.57 35.31
CA SER BE 70 42.07 -123.76 34.09
C SER BE 70 42.73 -122.46 33.66
N VAL BE 71 41.93 -121.41 33.47
CA VAL BE 71 42.44 -120.11 33.06
C VAL BE 71 43.19 -119.48 34.23
N CYS BE 72 44.28 -118.79 33.92
CA CYS BE 72 45.09 -118.20 34.98
C CYS BE 72 44.66 -116.77 35.29
N GLY BE 73 43.35 -116.56 35.49
CA GLY BE 73 42.90 -115.36 36.13
C GLY BE 73 41.48 -114.96 35.78
N GLU BE 74 40.53 -115.26 36.67
CA GLU BE 74 39.13 -114.87 36.47
C GLU BE 74 38.42 -114.98 37.81
N LEU BE 75 37.91 -113.85 38.28
CA LEU BE 75 37.18 -113.84 39.54
C LEU BE 75 35.80 -114.48 39.36
N PRO BE 76 35.22 -115.02 40.44
CA PRO BE 76 33.87 -115.58 40.34
C PRO BE 76 32.87 -114.52 39.88
N LYS BE 77 32.24 -114.78 38.74
CA LYS BE 77 31.33 -113.83 38.11
C LYS BE 77 29.93 -114.42 38.05
N VAL BE 78 28.93 -113.60 38.37
CA VAL BE 78 27.54 -114.04 38.32
C VAL BE 78 27.09 -114.13 36.87
N ARG BE 79 26.13 -115.01 36.60
CA ARG BE 79 25.62 -115.21 35.25
C ARG BE 79 24.22 -114.63 35.18
N TYR BE 80 23.17 -115.43 35.38
CA TYR BE 80 21.80 -114.96 35.31
C TYR BE 80 21.23 -114.79 36.70
N THR BE 81 20.05 -114.17 36.76
CA THR BE 81 19.34 -113.92 38.01
C THR BE 81 17.90 -114.35 37.88
N GLN BE 82 17.39 -115.04 38.89
CA GLN BE 82 16.02 -115.53 38.90
C GLN BE 82 15.26 -114.87 40.05
N VAL BE 83 14.05 -114.41 39.76
CA VAL BE 83 13.20 -113.72 40.72
C VAL BE 83 11.87 -114.46 40.81
N TRP BE 84 11.49 -114.86 42.03
CA TRP BE 84 10.24 -115.56 42.29
C TRP BE 84 9.58 -114.89 43.50
N SER BE 85 8.76 -113.88 43.24
CA SER BE 85 8.07 -113.14 44.28
C SER BE 85 6.69 -113.73 44.53
N HIS BE 86 6.08 -113.30 45.64
CA HIS BE 86 4.75 -113.76 46.02
C HIS BE 86 3.93 -112.56 46.50
N ASP BE 87 2.66 -112.82 46.77
CA ASP BE 87 1.75 -111.78 47.24
C ASP BE 87 0.59 -112.46 47.98
N VAL BE 88 0.49 -112.22 49.28
CA VAL BE 88 -0.55 -112.81 50.12
C VAL BE 88 -1.44 -111.69 50.62
N THR BE 89 -2.72 -111.72 50.25
CA THR BE 89 -3.71 -110.73 50.67
C THR BE 89 -4.84 -111.48 51.37
N ILE BE 90 -4.65 -111.78 52.65
CA ILE BE 90 -5.61 -112.50 53.46
C ILE BE 90 -6.13 -111.56 54.54
N VAL BE 91 -7.45 -111.42 54.63
CA VAL BE 91 -8.05 -110.56 55.65
C VAL BE 91 -7.96 -111.23 57.01
N ALA BE 92 -8.00 -110.41 58.06
CA ALA BE 92 -7.90 -110.93 59.42
C ALA BE 92 -9.14 -111.74 59.80
N ASN BE 93 -10.31 -111.11 59.72
CA ASN BE 93 -11.58 -111.77 60.05
C ASN BE 93 -11.95 -112.71 58.91
N SER BE 94 -11.34 -113.90 58.92
CA SER BE 94 -11.60 -114.89 57.89
C SER BE 94 -12.08 -116.19 58.53
N THR BE 95 -11.54 -117.32 58.08
CA THR BE 95 -11.92 -118.63 58.61
C THR BE 95 -10.69 -119.52 58.65
N GLU BE 96 -10.44 -120.13 59.81
CA GLU BE 96 -9.28 -121.00 59.96
C GLU BE 96 -9.39 -122.23 59.08
N ALA BE 97 -10.59 -122.82 59.01
CA ALA BE 97 -10.78 -124.00 58.15
C ALA BE 97 -10.59 -123.64 56.68
N SER BE 98 -11.11 -122.48 56.26
CA SER BE 98 -10.93 -122.06 54.87
C SER BE 98 -9.45 -121.79 54.57
N ARG BE 99 -8.74 -121.18 55.50
CA ARG BE 99 -7.32 -120.92 55.30
C ARG BE 99 -6.54 -122.23 55.21
N LYS BE 100 -6.88 -123.21 56.06
CA LYS BE 100 -6.21 -124.51 56.02
C LYS BE 100 -6.50 -125.22 54.70
N SER BE 101 -7.75 -125.17 54.23
CA SER BE 101 -8.09 -125.79 52.96
C SER BE 101 -7.35 -125.13 51.80
N LEU BE 102 -7.25 -123.79 51.84
CA LEU BE 102 -6.52 -123.08 50.79
C LEU BE 102 -5.03 -123.43 50.81
N TYR BE 103 -4.45 -123.54 52.00
CA TYR BE 103 -3.04 -123.92 52.10
C TYR BE 103 -2.83 -125.34 51.60
N ASP BE 104 -3.75 -126.25 51.91
CA ASP BE 104 -3.64 -127.62 51.42
C ASP BE 104 -3.76 -127.68 49.90
N LEU BE 105 -4.67 -126.90 49.33
CA LEU BE 105 -4.82 -126.85 47.88
C LEU BE 105 -3.57 -126.29 47.22
N THR BE 106 -2.98 -125.25 47.82
CA THR BE 106 -1.75 -124.69 47.27
C THR BE 106 -0.60 -125.69 47.35
N LYS BE 107 -0.50 -126.41 48.47
CA LYS BE 107 0.54 -127.42 48.60
C LYS BE 107 0.36 -128.53 47.58
N SER BE 108 -0.89 -128.95 47.35
CA SER BE 108 -1.14 -129.99 46.35
C SER BE 108 -0.80 -129.51 44.95
N LEU BE 109 -1.17 -128.27 44.62
CA LEU BE 109 -0.84 -127.73 43.30
C LEU BE 109 0.66 -127.57 43.12
N VAL BE 110 1.39 -127.28 44.20
CA VAL BE 110 2.84 -127.16 44.10
C VAL BE 110 3.48 -128.54 43.93
N ALA BE 111 3.00 -129.53 44.69
CA ALA BE 111 3.58 -130.87 44.64
C ALA BE 111 3.12 -131.68 43.44
N THR BE 112 2.12 -131.22 42.70
CA THR BE 112 1.66 -131.96 41.54
C THR BE 112 2.73 -131.97 40.45
N SER BE 113 2.56 -132.89 39.49
CA SER BE 113 3.52 -133.08 38.41
C SER BE 113 3.29 -132.12 37.24
N GLN BE 114 2.16 -131.42 37.21
CA GLN BE 114 1.87 -130.50 36.12
C GLN BE 114 2.71 -129.23 36.20
N VAL BE 115 2.86 -128.65 37.40
CA VAL BE 115 3.69 -127.46 37.54
C VAL BE 115 5.16 -127.79 37.29
N GLU BE 116 5.60 -128.99 37.69
CA GLU BE 116 6.98 -129.39 37.41
C GLU BE 116 7.24 -129.47 35.91
N ASP BE 117 6.30 -130.03 35.15
CA ASP BE 117 6.45 -130.09 33.71
C ASP BE 117 6.39 -128.69 33.10
N LEU BE 118 5.49 -127.83 33.60
CA LEU BE 118 5.43 -126.45 33.12
C LEU BE 118 6.74 -125.70 33.37
N VAL BE 119 7.42 -126.01 34.47
CA VAL BE 119 8.67 -125.35 34.79
C VAL BE 119 9.81 -125.90 33.93
N VAL BE 120 9.90 -127.22 33.80
CA VAL BE 120 11.00 -127.86 33.10
C VAL BE 120 10.82 -127.73 31.59
N ASN BE 121 9.82 -128.42 31.04
CA ASN BE 121 9.63 -128.48 29.60
C ASN BE 121 8.97 -127.24 29.02
N LEU BE 122 8.63 -126.25 29.85
CA LEU BE 122 8.00 -125.01 29.40
C LEU BE 122 6.69 -125.26 28.64
N VAL BE 123 6.02 -126.35 28.97
CA VAL BE 123 4.75 -126.70 28.35
C VAL BE 123 3.62 -126.07 29.16
N PRO BE 124 2.66 -125.40 28.53
CA PRO BE 124 1.57 -124.78 29.28
C PRO BE 124 0.80 -125.80 30.10
N LEU BE 125 0.35 -125.36 31.28
CA LEU BE 125 -0.36 -126.25 32.21
C LEU BE 125 -1.70 -126.63 31.62
N GLY BE 126 -1.93 -127.93 31.42
CA GLY BE 126 -3.17 -128.41 30.87
C GLY BE 126 -3.16 -129.91 30.61
N ARG BE 127 -3.23 -130.70 31.67
CA ARG BE 127 -3.23 -132.15 31.55
C ARG BE 127 -4.58 -132.73 31.95
N SER CE 1 -0.45 -135.37 27.35
CA SER CE 1 0.04 -134.71 26.15
C SER CE 1 0.00 -135.64 24.95
N LYS CE 2 0.94 -135.44 24.02
CA LYS CE 2 0.99 -136.19 22.77
C LYS CE 2 2.44 -136.39 22.39
N THR CE 3 2.84 -137.65 22.27
CA THR CE 3 4.23 -138.02 21.97
C THR CE 3 4.31 -138.60 20.56
N ILE CE 4 5.36 -138.24 19.85
CA ILE CE 4 5.62 -138.73 18.50
C ILE CE 4 7.03 -139.30 18.47
N VAL CE 5 7.15 -140.56 18.08
CA VAL CE 5 8.43 -141.26 18.02
C VAL CE 5 8.89 -141.33 16.58
N LEU CE 6 10.10 -140.85 16.32
CA LEU CE 6 10.69 -140.86 14.99
C LEU CE 6 11.96 -141.71 15.01
N SER CE 7 12.06 -142.64 14.08
CA SER CE 7 13.21 -143.55 13.99
C SER CE 7 14.15 -143.04 12.90
N VAL CE 8 15.39 -142.70 13.32
CA VAL CE 8 16.39 -142.21 12.37
C VAL CE 8 17.27 -143.33 11.82
N GLY CE 9 17.23 -144.51 12.43
CA GLY CE 9 18.05 -145.62 11.98
C GLY CE 9 18.72 -146.34 13.13
N GLU CE 10 19.34 -145.58 14.03
CA GLU CE 10 19.99 -146.14 15.21
C GLU CE 10 19.46 -145.59 16.52
N ALA CE 11 18.82 -144.42 16.52
CA ALA CE 11 18.25 -143.83 17.72
C ALA CE 11 16.81 -143.40 17.43
N THR CE 12 16.07 -143.15 18.50
CA THR CE 12 14.67 -142.76 18.42
C THR CE 12 14.50 -141.39 19.08
N ARG CE 13 13.93 -140.45 18.33
CA ARG CE 13 13.67 -139.11 18.83
C ARG CE 13 12.20 -138.98 19.24
N THR CE 14 11.96 -138.18 20.26
CA THR CE 14 10.63 -138.00 20.83
C THR CE 14 10.24 -136.53 20.76
N LEU CE 15 9.11 -136.26 20.10
CA LEU CE 15 8.53 -134.93 20.03
C LEU CE 15 7.30 -134.86 20.91
N THR CE 16 7.17 -133.78 21.69
CA THR CE 16 6.09 -133.62 22.65
C THR CE 16 5.22 -132.43 22.27
N GLU CE 17 3.91 -132.61 22.41
CA GLU CE 17 2.97 -131.52 22.16
C GLU CE 17 3.12 -130.45 23.24
N ILE CE 18 3.29 -129.21 22.78
CA ILE CE 18 3.50 -128.05 23.64
C ILE CE 18 2.27 -127.17 23.69
N GLN CE 19 1.84 -126.68 22.53
CA GLN CE 19 0.83 -125.63 22.39
C GLN CE 19 -0.39 -126.24 21.71
N SER CE 20 -1.22 -126.92 22.49
CA SER CE 20 -2.40 -127.62 21.96
C SER CE 20 -3.48 -126.61 21.64
N THR CE 21 -3.68 -126.34 20.35
CA THR CE 21 -4.74 -125.45 19.88
C THR CE 21 -5.22 -125.96 18.54
N ALA CE 22 -6.49 -125.66 18.24
CA ALA CE 22 -7.10 -126.16 17.02
C ALA CE 22 -6.45 -125.57 15.77
N ASP CE 23 -6.38 -124.24 15.69
CA ASP CE 23 -5.86 -123.56 14.52
C ASP CE 23 -4.34 -123.55 14.45
N ARG CE 24 -3.65 -124.04 15.49
CA ARG CE 24 -2.19 -124.03 15.49
C ARG CE 24 -1.71 -125.08 16.50
N GLN CE 25 -1.13 -126.17 16.00
CA GLN CE 25 -0.55 -127.21 16.83
C GLN CE 25 0.97 -127.12 16.74
N ILE CE 26 1.62 -126.97 17.90
CA ILE CE 26 3.06 -126.78 17.97
C ILE CE 26 3.66 -127.96 18.71
N PHE CE 27 4.40 -128.80 17.98
CA PHE CE 27 5.14 -129.91 18.57
C PHE CE 27 6.60 -129.55 18.70
N GLU CE 28 7.20 -129.90 19.84
CA GLU CE 28 8.59 -129.57 20.12
C GLU CE 28 9.34 -130.83 20.58
N GLU CE 29 10.54 -131.02 20.04
CA GLU CE 29 11.36 -132.18 20.37
C GLU CE 29 12.05 -131.96 21.71
N LYS CE 30 12.02 -132.98 22.56
CA LYS CE 30 12.63 -132.93 23.89
C LYS CE 30 13.84 -133.85 23.90
N VAL CE 31 15.03 -133.28 23.88
CA VAL CE 31 16.27 -134.04 23.94
C VAL CE 31 17.19 -133.41 24.98
N GLY CE 32 17.44 -132.11 24.86
CA GLY CE 32 18.28 -131.40 25.78
C GLY CE 32 17.91 -129.93 25.87
N PRO CE 33 18.64 -129.09 25.16
CA PRO CE 33 18.31 -127.65 25.15
C PRO CE 33 17.03 -127.41 24.37
N LEU CE 34 16.04 -126.81 25.03
CA LEU CE 34 14.75 -126.58 24.39
C LEU CE 34 14.85 -125.47 23.33
N VAL CE 35 15.68 -124.46 23.57
CA VAL CE 35 15.86 -123.39 22.61
C VAL CE 35 16.71 -123.88 21.45
N GLY CE 36 16.30 -123.55 20.22
CA GLY CE 36 17.02 -123.97 19.05
C GLY CE 36 16.97 -125.48 18.82
N ARG CE 37 15.76 -126.03 18.77
CA ARG CE 37 15.59 -127.46 18.58
C ARG CE 37 14.68 -127.75 17.38
N LEU CE 38 13.97 -128.88 17.42
CA LEU CE 38 13.08 -129.28 16.35
C LEU CE 38 11.66 -128.88 16.70
N ARG CE 39 11.02 -128.10 15.84
CA ARG CE 39 9.65 -127.66 16.04
C ARG CE 39 8.82 -127.95 14.80
N LEU CE 40 7.53 -128.19 15.02
CA LEU CE 40 6.60 -128.53 13.95
C LEU CE 40 5.29 -127.78 14.17
N THR CE 41 4.85 -127.06 13.15
CA THR CE 41 3.62 -126.27 13.20
C THR CE 41 2.61 -126.89 12.23
N ALA CE 42 1.43 -127.21 12.75
CA ALA CE 42 0.36 -127.80 11.96
C ALA CE 42 -0.87 -126.91 12.03
N SER CE 43 -1.56 -126.75 10.90
CA SER CE 43 -2.75 -125.92 10.83
C SER CE 43 -3.74 -126.55 9.85
N LEU CE 44 -5.02 -126.48 10.20
CA LEU CE 44 -6.09 -127.01 9.37
C LEU CE 44 -7.22 -125.99 9.33
N ARG CE 45 -7.77 -125.75 8.13
CA ARG CE 45 -8.84 -124.77 7.99
C ARG CE 45 -9.69 -125.15 6.79
N GLN CE 46 -10.60 -124.25 6.42
CA GLN CE 46 -11.48 -124.39 5.26
C GLN CE 46 -11.09 -123.35 4.21
N ASN CE 47 -11.98 -123.11 3.26
CA ASN CE 47 -11.72 -122.16 2.19
C ASN CE 47 -13.03 -121.80 1.52
N GLY CE 48 -13.07 -120.59 0.95
CA GLY CE 48 -14.20 -120.14 0.15
C GLY CE 48 -15.55 -120.30 0.80
N ALA CE 49 -16.42 -121.11 0.19
CA ALA CE 49 -17.76 -121.35 0.70
C ALA CE 49 -17.94 -122.82 1.01
N LYS CE 50 -17.16 -123.32 1.97
CA LYS CE 50 -17.23 -124.70 2.45
C LYS CE 50 -17.03 -125.69 1.31
N THR CE 51 -16.12 -125.35 0.39
CA THR CE 51 -15.81 -126.23 -0.74
C THR CE 51 -14.73 -127.24 -0.37
N ALA CE 52 -13.49 -126.79 -0.33
CA ALA CE 52 -12.36 -127.66 -0.01
C ALA CE 52 -11.80 -127.34 1.37
N TYR CE 53 -10.54 -127.71 1.61
CA TYR CE 53 -9.88 -127.45 2.87
C TYR CE 53 -8.45 -126.99 2.60
N ARG CE 54 -7.75 -126.64 3.67
CA ARG CE 54 -6.38 -126.16 3.59
C ARG CE 54 -5.59 -126.67 4.79
N VAL CE 55 -4.52 -127.41 4.53
CA VAL CE 55 -3.66 -127.95 5.57
C VAL CE 55 -2.25 -127.40 5.36
N ASN CE 56 -1.66 -126.92 6.46
CA ASN CE 56 -0.32 -126.36 6.44
C ASN CE 56 0.55 -127.10 7.44
N LEU CE 57 1.73 -127.52 7.01
CA LEU CE 57 2.68 -128.25 7.85
C LEU CE 57 4.07 -127.67 7.65
N LYS CE 58 4.63 -127.10 8.72
CA LYS CE 58 5.96 -126.51 8.67
C LYS CE 58 6.85 -127.20 9.69
N LEU CE 59 8.11 -127.40 9.32
CA LEU CE 59 9.09 -128.05 10.18
C LEU CE 59 10.36 -127.21 10.22
N ASP CE 60 10.72 -126.74 11.41
CA ASP CE 60 11.87 -125.88 11.60
C ASP CE 60 12.87 -126.53 12.55
N GLN CE 61 14.15 -126.24 12.33
CA GLN CE 61 15.22 -126.76 13.17
C GLN CE 61 16.43 -125.86 13.03
N ALA CE 62 16.77 -125.15 14.10
CA ALA CE 62 17.89 -124.22 14.11
C ALA CE 62 19.05 -124.81 14.90
N ASP CE 63 20.23 -124.83 14.29
CA ASP CE 63 21.42 -125.35 14.95
C ASP CE 63 21.94 -124.36 15.99
N VAL CE 64 22.58 -124.90 17.03
CA VAL CE 64 23.11 -124.10 18.12
C VAL CE 64 24.60 -124.37 18.24
N VAL CE 65 25.31 -123.41 18.84
CA VAL CE 65 26.74 -123.51 19.08
C VAL CE 65 27.04 -123.02 20.48
N ASP CE 66 28.13 -123.53 21.06
CA ASP CE 66 28.52 -123.19 22.41
C ASP CE 66 30.03 -123.24 22.53
N CYS CE 67 30.58 -122.33 23.34
CA CYS CE 67 32.02 -122.24 23.55
C CYS CE 67 32.43 -122.45 25.00
N SER CE 68 31.52 -122.91 25.86
CA SER CE 68 31.86 -123.10 27.27
C SER CE 68 32.83 -124.26 27.48
N THR CE 69 33.05 -125.09 26.46
CA THR CE 69 33.99 -126.20 26.60
C THR CE 69 35.44 -125.72 26.60
N SER CE 70 35.73 -124.65 25.87
CA SER CE 70 37.09 -124.13 25.79
C SER CE 70 37.14 -122.68 26.25
N VAL CE 71 36.33 -121.82 25.62
CA VAL CE 71 36.30 -120.40 25.96
C VAL CE 71 35.60 -120.25 27.31
N CYS CE 72 36.06 -119.30 28.12
CA CYS CE 72 35.47 -119.19 29.44
C CYS CE 72 34.38 -118.12 29.46
N GLY CE 73 33.45 -118.24 28.51
CA GLY CE 73 32.18 -117.55 28.63
C GLY CE 73 31.47 -117.30 27.32
N GLU CE 74 30.47 -118.13 27.01
CA GLU CE 74 29.68 -117.95 25.79
C GLU CE 74 28.40 -118.77 25.94
N LEU CE 75 27.26 -118.09 25.93
CA LEU CE 75 25.99 -118.78 26.04
C LEU CE 75 25.66 -119.50 24.74
N PRO CE 76 24.85 -120.56 24.80
CA PRO CE 76 24.43 -121.25 23.56
C PRO CE 76 23.72 -120.28 22.62
N LYS CE 77 24.29 -120.12 21.43
CA LYS CE 77 23.79 -119.17 20.45
C LYS CE 77 23.35 -119.90 19.19
N VAL CE 78 22.19 -119.50 18.66
CA VAL CE 78 21.69 -120.12 17.43
C VAL CE 78 22.50 -119.62 16.24
N ARG CE 79 22.56 -120.44 15.20
CA ARG CE 79 23.32 -120.11 14.00
C ARG CE 79 22.34 -119.82 12.88
N TYR CE 80 22.01 -120.79 12.03
CA TYR CE 80 21.09 -120.59 10.92
C TYR CE 80 19.72 -121.17 11.26
N THR CE 81 18.75 -120.87 10.40
CA THR CE 81 17.38 -121.33 10.56
C THR CE 81 16.89 -121.91 9.24
N GLN CE 82 16.23 -123.06 9.30
CA GLN CE 82 15.70 -123.74 8.13
C GLN CE 82 14.19 -123.81 8.23
N VAL CE 83 13.51 -123.49 7.13
CA VAL CE 83 12.06 -123.47 7.06
C VAL CE 83 11.62 -124.39 5.93
N TRP CE 84 10.75 -125.35 6.26
CA TRP CE 84 10.22 -126.31 5.29
C TRP CE 84 8.71 -126.39 5.51
N SER CE 85 7.96 -125.54 4.81
CA SER CE 85 6.51 -125.48 4.92
C SER CE 85 5.87 -126.36 3.86
N HIS CE 86 4.56 -126.58 4.02
CA HIS CE 86 3.79 -127.39 3.10
C HIS CE 86 2.45 -126.71 2.83
N ASP CE 87 1.69 -127.28 1.91
CA ASP CE 87 0.38 -126.75 1.56
C ASP CE 87 -0.44 -127.87 0.94
N VAL CE 88 -1.52 -128.27 1.61
CA VAL CE 88 -2.39 -129.34 1.16
C VAL CE 88 -3.76 -128.75 0.84
N THR CE 89 -4.17 -128.85 -0.41
CA THR CE 89 -5.47 -128.34 -0.88
C THR CE 89 -6.23 -129.52 -1.50
N ILE CE 90 -6.87 -130.31 -0.66
CA ILE CE 90 -7.62 -131.49 -1.09
C ILE CE 90 -9.09 -131.25 -0.79
N VAL CE 91 -9.94 -131.40 -1.81
CA VAL CE 91 -11.38 -131.20 -1.63
C VAL CE 91 -11.96 -132.39 -0.87
N ALA CE 92 -13.10 -132.16 -0.21
CA ALA CE 92 -13.75 -133.20 0.56
C ALA CE 92 -14.31 -134.30 -0.34
N ASN CE 93 -15.18 -133.93 -1.26
CA ASN CE 93 -15.79 -134.88 -2.20
C ASN CE 93 -14.76 -135.26 -3.26
N SER CE 94 -13.88 -136.18 -2.90
CA SER CE 94 -12.84 -136.64 -3.81
C SER CE 94 -12.94 -138.16 -4.00
N THR CE 95 -11.80 -138.84 -3.95
CA THR CE 95 -11.75 -140.29 -4.13
C THR CE 95 -10.70 -140.86 -3.19
N GLU CE 96 -11.10 -141.88 -2.41
CA GLU CE 96 -10.16 -142.50 -1.48
C GLU CE 96 -9.03 -143.21 -2.22
N ALA CE 97 -9.35 -143.90 -3.32
CA ALA CE 97 -8.31 -144.58 -4.09
C ALA CE 97 -7.35 -143.57 -4.71
N SER CE 98 -7.88 -142.46 -5.24
CA SER CE 98 -7.01 -141.43 -5.81
C SER CE 98 -6.12 -140.80 -4.74
N ARG CE 99 -6.68 -140.55 -3.55
CA ARG CE 99 -5.88 -139.99 -2.47
C ARG CE 99 -4.78 -140.96 -2.04
N LYS CE 100 -5.10 -142.25 -1.97
CA LYS CE 100 -4.10 -143.24 -1.60
C LYS CE 100 -3.00 -143.34 -2.66
N SER CE 101 -3.38 -143.30 -3.94
CA SER CE 101 -2.39 -143.33 -5.00
C SER CE 101 -1.49 -142.10 -4.97
N LEU CE 102 -2.09 -140.93 -4.70
CA LEU CE 102 -1.29 -139.70 -4.61
C LEU CE 102 -0.33 -139.76 -3.42
N TYR CE 103 -0.80 -140.28 -2.28
CA TYR CE 103 0.08 -140.42 -1.12
C TYR CE 103 1.22 -141.39 -1.40
N ASP CE 104 0.92 -142.49 -2.09
CA ASP CE 104 1.96 -143.45 -2.44
C ASP CE 104 2.98 -142.83 -3.39
N LEU CE 105 2.51 -142.05 -4.37
CA LEU CE 105 3.42 -141.39 -5.30
C LEU CE 105 4.30 -140.38 -4.57
N THR CE 106 3.71 -139.63 -3.63
CA THR CE 106 4.50 -138.68 -2.86
C THR CE 106 5.54 -139.38 -2.00
N LYS CE 107 5.16 -140.49 -1.38
CA LYS CE 107 6.10 -141.26 -0.57
C LYS CE 107 7.24 -141.81 -1.42
N SER CE 108 6.91 -142.29 -2.63
CA SER CE 108 7.96 -142.80 -3.52
C SER CE 108 8.90 -141.68 -3.97
N LEU CE 109 8.34 -140.51 -4.30
CA LEU CE 109 9.18 -139.38 -4.71
C LEU CE 109 10.05 -138.90 -3.56
N VAL CE 110 9.56 -139.00 -2.32
CA VAL CE 110 10.37 -138.60 -1.18
C VAL CE 110 11.47 -139.61 -0.91
N ALA CE 111 11.16 -140.90 -1.00
CA ALA CE 111 12.13 -141.95 -0.71
C ALA CE 111 13.09 -142.20 -1.86
N THR CE 112 12.85 -141.64 -3.04
CA THR CE 112 13.75 -141.85 -4.16
C THR CE 112 15.10 -141.18 -3.89
N SER CE 113 16.10 -141.58 -4.67
CA SER CE 113 17.47 -141.09 -4.51
C SER CE 113 17.71 -139.77 -5.25
N GLN CE 114 16.79 -139.34 -6.10
CA GLN CE 114 16.95 -138.10 -6.84
C GLN CE 114 16.77 -136.87 -5.95
N VAL CE 115 15.74 -136.88 -5.09
CA VAL CE 115 15.53 -135.75 -4.19
C VAL CE 115 16.66 -135.67 -3.15
N GLU CE 116 17.19 -136.82 -2.72
CA GLU CE 116 18.31 -136.80 -1.79
C GLU CE 116 19.54 -136.14 -2.43
N ASP CE 117 19.81 -136.46 -3.70
CA ASP CE 117 20.93 -135.83 -4.39
C ASP CE 117 20.67 -134.35 -4.61
N LEU CE 118 19.43 -133.99 -4.95
CA LEU CE 118 19.08 -132.57 -5.11
C LEU CE 118 19.27 -131.80 -3.80
N VAL CE 119 19.01 -132.44 -2.67
CA VAL CE 119 19.17 -131.77 -1.38
C VAL CE 119 20.64 -131.67 -1.00
N VAL CE 120 21.39 -132.76 -1.16
CA VAL CE 120 22.79 -132.80 -0.72
C VAL CE 120 23.67 -132.04 -1.70
N ASN CE 121 23.83 -132.57 -2.91
CA ASN CE 121 24.77 -132.01 -3.88
C ASN CE 121 24.22 -130.78 -4.60
N LEU CE 122 23.00 -130.35 -4.29
CA LEU CE 122 22.39 -129.17 -4.91
C LEU CE 122 22.33 -129.29 -6.43
N VAL CE 123 22.24 -130.51 -6.93
CA VAL CE 123 22.15 -130.76 -8.38
C VAL CE 123 20.68 -130.78 -8.77
N PRO CE 124 20.28 -130.07 -9.83
CA PRO CE 124 18.86 -130.07 -10.22
C PRO CE 124 18.34 -131.47 -10.52
N LEU CE 125 17.09 -131.71 -10.17
CA LEU CE 125 16.46 -133.01 -10.34
C LEU CE 125 16.32 -133.33 -11.82
N GLY CE 126 16.96 -134.41 -12.26
CA GLY CE 126 16.88 -134.80 -13.66
C GLY CE 126 17.77 -135.99 -13.98
N ARG CE 127 17.37 -137.18 -13.53
CA ARG CE 127 18.13 -138.40 -13.79
C ARG CE 127 17.39 -139.33 -14.74
N SER DE 1 19.20 -130.38 -18.53
CA SER DE 1 20.24 -129.35 -18.43
C SER DE 1 21.36 -129.60 -19.44
N LYS DE 2 22.57 -129.19 -19.07
CA LYS DE 2 23.72 -129.27 -19.95
C LYS DE 2 24.96 -129.59 -19.12
N THR DE 3 25.60 -130.71 -19.42
CA THR DE 3 26.76 -131.18 -18.68
C THR DE 3 28.01 -131.06 -19.53
N ILE DE 4 29.11 -130.64 -18.90
CA ILE DE 4 30.40 -130.49 -19.56
C ILE DE 4 31.42 -131.29 -18.75
N VAL DE 5 32.11 -132.22 -19.41
CA VAL DE 5 33.10 -133.08 -18.78
C VAL DE 5 34.49 -132.57 -19.14
N LEU DE 6 35.30 -132.30 -18.12
CA LEU DE 6 36.67 -131.83 -18.29
C LEU DE 6 37.63 -132.84 -17.68
N SER DE 7 38.63 -133.24 -18.48
CA SER DE 7 39.62 -134.22 -18.04
C SER DE 7 40.89 -133.49 -17.60
N VAL DE 8 41.24 -133.66 -16.32
CA VAL DE 8 42.44 -133.03 -15.78
C VAL DE 8 43.67 -133.93 -15.87
N GLY DE 9 43.49 -135.22 -16.15
CA GLY DE 9 44.60 -136.14 -16.22
C GLY DE 9 44.32 -137.43 -15.49
N GLU DE 10 43.82 -137.34 -14.25
CA GLU DE 10 43.48 -138.50 -13.45
C GLU DE 10 42.03 -138.51 -13.00
N ALA DE 11 41.35 -137.37 -12.96
CA ALA DE 11 39.95 -137.29 -12.57
C ALA DE 11 39.18 -136.47 -13.60
N THR DE 12 37.86 -136.58 -13.56
CA THR DE 12 36.97 -135.91 -14.50
C THR DE 12 36.04 -134.99 -13.71
N ARG DE 13 36.02 -133.72 -14.07
CA ARG DE 13 35.15 -132.73 -13.44
C ARG DE 13 33.92 -132.49 -14.31
N THR DE 14 32.80 -132.22 -13.65
CA THR DE 14 31.52 -132.04 -14.33
C THR DE 14 30.97 -130.66 -14.01
N LEU DE 15 30.70 -129.88 -15.04
CA LEU DE 15 30.07 -128.57 -14.93
C LEU DE 15 28.64 -128.65 -15.43
N THR DE 16 27.72 -128.06 -14.68
CA THR DE 16 26.30 -128.12 -14.98
C THR DE 16 25.76 -126.74 -15.29
N GLU DE 17 24.89 -126.66 -16.31
CA GLU DE 17 24.24 -125.41 -16.65
C GLU DE 17 23.25 -125.01 -15.56
N ILE DE 18 23.33 -123.75 -15.13
CA ILE DE 18 22.58 -123.23 -13.98
C ILE DE 18 21.62 -122.12 -14.38
N GLN DE 19 22.07 -121.17 -15.20
CA GLN DE 19 21.30 -119.98 -15.56
C GLN DE 19 21.22 -119.92 -17.08
N SER DE 20 20.30 -120.69 -17.65
CA SER DE 20 20.15 -120.80 -19.10
C SER DE 20 19.48 -119.54 -19.63
N THR DE 21 20.26 -118.67 -20.26
CA THR DE 21 19.75 -117.46 -20.90
C THR DE 21 20.59 -117.17 -22.14
N ALA DE 22 19.98 -116.49 -23.11
CA ALA DE 22 20.65 -116.24 -24.38
C ALA DE 22 21.83 -115.29 -24.20
N ASP DE 23 21.59 -114.13 -23.60
CA ASP DE 23 22.63 -113.12 -23.45
C ASP DE 23 23.60 -113.41 -22.31
N ARG DE 24 23.37 -114.45 -21.52
CA ARG DE 24 24.26 -114.78 -20.39
C ARG DE 24 24.04 -116.24 -20.03
N GLN DE 25 25.05 -117.07 -20.29
CA GLN DE 25 25.03 -118.48 -19.93
C GLN DE 25 26.00 -118.69 -18.78
N ILE DE 26 25.50 -119.24 -17.67
CA ILE DE 26 26.27 -119.42 -16.45
C ILE DE 26 26.38 -120.91 -16.17
N PHE DE 27 27.58 -121.45 -16.31
CA PHE DE 27 27.86 -122.85 -15.98
C PHE DE 27 28.57 -122.90 -14.64
N GLU DE 28 28.17 -123.86 -13.80
CA GLU DE 28 28.73 -124.01 -12.47
C GLU DE 28 29.14 -125.47 -12.23
N GLU DE 29 30.33 -125.65 -11.66
CA GLU DE 29 30.86 -126.97 -11.40
C GLU DE 29 30.23 -127.55 -10.14
N LYS DE 30 29.82 -128.81 -10.22
CA LYS DE 30 29.18 -129.51 -9.10
C LYS DE 30 30.14 -130.58 -8.59
N VAL DE 31 30.74 -130.34 -7.43
CA VAL DE 31 31.63 -131.29 -6.80
C VAL DE 31 31.25 -131.43 -5.34
N GLY DE 32 31.19 -130.31 -4.62
CA GLY DE 32 30.82 -130.31 -3.22
C GLY DE 32 30.16 -129.01 -2.82
N PRO DE 33 30.93 -128.10 -2.22
CA PRO DE 33 30.38 -126.80 -1.84
C PRO DE 33 30.12 -125.95 -3.07
N LEU DE 34 28.87 -125.52 -3.25
CA LEU DE 34 28.52 -124.74 -4.42
C LEU DE 34 29.09 -123.33 -4.36
N VAL DE 35 29.17 -122.75 -3.16
CA VAL DE 35 29.74 -121.42 -3.01
C VAL DE 35 31.26 -121.50 -3.13
N GLY DE 36 31.85 -120.55 -3.86
CA GLY DE 36 33.27 -120.54 -4.06
C GLY DE 36 33.78 -121.72 -4.87
N ARG DE 37 33.23 -121.90 -6.06
CA ARG DE 37 33.63 -123.02 -6.92
C ARG DE 37 34.04 -122.52 -8.30
N LEU DE 38 33.85 -123.34 -9.32
CA LEU DE 38 34.22 -123.00 -10.69
C LEU DE 38 32.98 -122.52 -11.43
N ARG DE 39 33.06 -121.30 -11.98
CA ARG DE 39 31.96 -120.71 -12.73
C ARG DE 39 32.46 -120.22 -14.08
N LEU DE 40 31.56 -120.25 -15.06
CA LEU DE 40 31.88 -119.84 -16.42
C LEU DE 40 30.74 -119.01 -16.98
N THR DE 41 31.06 -117.83 -17.48
CA THR DE 41 30.08 -116.91 -18.05
C THR DE 41 30.34 -116.77 -19.54
N ALA DE 42 29.31 -117.04 -20.34
CA ALA DE 42 29.40 -116.95 -21.79
C ALA DE 42 28.37 -115.94 -22.30
N SER DE 43 28.78 -115.13 -23.28
CA SER DE 43 27.89 -114.13 -23.86
C SER DE 43 28.19 -114.01 -25.35
N LEU DE 44 27.12 -113.83 -26.14
CA LEU DE 44 27.22 -113.66 -27.58
C LEU DE 44 26.31 -112.52 -28.00
N ARG DE 45 26.82 -111.65 -28.88
CA ARG DE 45 26.04 -110.50 -29.32
C ARG DE 45 26.51 -110.09 -30.71
N GLN DE 46 26.01 -108.95 -31.18
CA GLN DE 46 26.38 -108.35 -32.44
C GLN DE 46 27.16 -107.06 -32.19
N ASN DE 47 27.27 -106.21 -33.20
CA ASN DE 47 27.99 -104.96 -33.09
C ASN DE 47 27.60 -104.06 -34.24
N GLY DE 48 27.71 -102.75 -34.01
CA GLY DE 48 27.52 -101.75 -35.04
C GLY DE 48 26.23 -101.88 -35.84
N ALA DE 49 26.37 -102.10 -37.14
CA ALA DE 49 25.22 -102.26 -38.03
C ALA DE 49 25.26 -103.64 -38.68
N LYS DE 50 25.12 -104.68 -37.85
CA LYS DE 50 25.07 -106.07 -38.30
C LYS DE 50 26.29 -106.44 -39.12
N THR DE 51 27.46 -105.92 -38.71
CA THR DE 51 28.71 -106.22 -39.40
C THR DE 51 29.34 -107.50 -38.85
N ALA DE 52 29.97 -107.40 -37.68
CA ALA DE 52 30.62 -108.55 -37.06
C ALA DE 52 29.85 -109.02 -35.84
N TYR DE 53 30.53 -109.72 -34.93
CA TYR DE 53 29.92 -110.23 -33.72
C TYR DE 53 30.87 -110.02 -32.55
N ARG DE 54 30.40 -110.36 -31.36
CA ARG DE 54 31.19 -110.21 -30.14
C ARG DE 54 30.89 -111.37 -29.21
N VAL DE 55 31.93 -112.12 -28.83
CA VAL DE 55 31.80 -113.25 -27.93
C VAL DE 55 32.67 -113.00 -26.71
N ASN DE 56 32.10 -113.21 -25.53
CA ASN DE 56 32.79 -113.02 -24.27
C ASN DE 56 32.74 -114.30 -23.46
N LEU DE 57 33.90 -114.72 -22.95
CA LEU DE 57 34.02 -115.94 -22.16
C LEU DE 57 34.87 -115.64 -20.94
N LYS DE 58 34.28 -115.77 -19.75
CA LYS DE 58 34.97 -115.53 -18.49
C LYS DE 58 34.93 -116.79 -17.64
N LEU DE 59 36.02 -117.06 -16.94
CA LEU DE 59 36.13 -118.25 -16.08
C LEU DE 59 36.65 -117.81 -14.72
N ASP DE 60 35.87 -118.04 -13.68
CA ASP DE 60 36.21 -117.63 -12.33
C ASP DE 60 36.27 -118.84 -11.41
N GLN DE 61 37.15 -118.77 -10.41
CA GLN DE 61 37.29 -119.84 -9.43
C GLN DE 61 37.91 -119.26 -8.17
N ALA DE 62 37.14 -119.22 -7.09
CA ALA DE 62 37.58 -118.67 -5.82
C ALA DE 62 37.85 -119.80 -4.83
N ASP DE 63 39.02 -119.78 -4.23
CA ASP DE 63 39.38 -120.80 -3.24
C ASP DE 63 38.66 -120.53 -1.92
N VAL DE 64 38.41 -121.61 -1.19
CA VAL DE 64 37.71 -121.55 0.09
C VAL DE 64 38.60 -122.16 1.17
N VAL DE 65 38.35 -121.76 2.41
CA VAL DE 65 39.07 -122.27 3.56
C VAL DE 65 38.06 -122.55 4.68
N ASP DE 66 38.41 -123.49 5.56
CA ASP DE 66 37.55 -123.92 6.64
C ASP DE 66 38.40 -124.34 7.84
N CYS DE 67 37.90 -124.05 9.03
CA CYS DE 67 38.60 -124.38 10.27
C CYS DE 67 37.81 -125.33 11.16
N SER DE 68 36.72 -125.92 10.67
CA SER DE 68 35.92 -126.80 11.52
C SER DE 68 36.64 -128.11 11.85
N THR DE 69 37.75 -128.40 11.15
CA THR DE 69 38.49 -129.63 11.44
C THR DE 69 39.24 -129.53 12.76
N SER DE 70 39.72 -128.33 13.11
CA SER DE 70 40.47 -128.14 14.34
C SER DE 70 39.79 -127.11 15.24
N VAL DE 71 39.57 -125.92 14.72
CA VAL DE 71 38.94 -124.85 15.47
C VAL DE 71 37.46 -125.18 15.65
N CYS DE 72 36.91 -124.84 16.82
CA CYS DE 72 35.52 -125.18 17.08
C CYS DE 72 34.59 -124.04 16.69
N GLY DE 73 34.74 -123.53 15.46
CA GLY DE 73 33.70 -122.72 14.86
C GLY DE 73 34.19 -121.75 13.82
N GLU DE 74 34.03 -122.10 12.54
CA GLU DE 74 34.42 -121.21 11.44
C GLU DE 74 33.72 -121.71 10.18
N LEU DE 75 32.86 -120.87 9.61
CA LEU DE 75 32.18 -121.24 8.38
C LEU DE 75 33.15 -121.19 7.20
N PRO DE 76 32.87 -121.95 6.14
CA PRO DE 76 33.72 -121.88 4.94
C PRO DE 76 33.76 -120.47 4.37
N LYS DE 77 34.96 -119.90 4.31
CA LYS DE 77 35.16 -118.52 3.90
C LYS DE 77 36.02 -118.48 2.65
N VAL DE 78 35.62 -117.64 1.69
CA VAL DE 78 36.38 -117.50 0.46
C VAL DE 78 37.64 -116.69 0.73
N ARG DE 79 38.68 -116.93 -0.08
CA ARG DE 79 39.95 -116.26 0.09
C ARG DE 79 40.13 -115.28 -1.06
N TYR DE 80 40.80 -115.65 -2.14
CA TYR DE 80 41.03 -114.78 -3.28
C TYR DE 80 40.09 -115.13 -4.42
N THR DE 81 40.06 -114.26 -5.43
CA THR DE 81 39.23 -114.44 -6.60
C THR DE 81 40.06 -114.21 -7.86
N GLN DE 82 39.90 -115.10 -8.84
CA GLN DE 82 40.63 -115.02 -10.10
C GLN DE 82 39.65 -114.80 -11.23
N VAL DE 83 39.99 -113.87 -12.13
CA VAL DE 83 39.15 -113.50 -13.26
C VAL DE 83 39.96 -113.68 -14.53
N TRP DE 84 39.43 -114.48 -15.47
CA TRP DE 84 40.06 -114.74 -16.76
C TRP DE 84 39.00 -114.57 -17.84
N SER DE 85 38.86 -113.36 -18.35
CA SER DE 85 37.88 -113.05 -19.38
C SER DE 85 38.50 -113.17 -20.77
N HIS DE 86 37.64 -113.15 -21.78
CA HIS DE 86 38.06 -113.26 -23.17
C HIS DE 86 37.27 -112.26 -24.00
N ASP DE 87 37.65 -112.16 -25.28
CA ASP DE 87 36.97 -111.25 -26.21
C ASP DE 87 37.22 -111.76 -27.63
N VAL DE 88 36.16 -112.17 -28.31
CA VAL DE 88 36.24 -112.70 -29.66
C VAL DE 88 35.49 -111.75 -30.58
N THR DE 89 36.21 -111.16 -31.53
CA THR DE 89 35.65 -110.23 -32.51
C THR DE 89 35.95 -110.79 -33.90
N ILE DE 90 35.12 -111.73 -34.36
CA ILE DE 90 35.28 -112.37 -35.66
C ILE DE 90 34.10 -111.99 -36.53
N VAL DE 91 34.38 -111.46 -37.72
CA VAL DE 91 33.32 -111.06 -38.64
C VAL DE 91 32.68 -112.31 -39.26
N ALA DE 92 31.44 -112.16 -39.72
CA ALA DE 92 30.72 -113.28 -40.31
C ALA DE 92 31.34 -113.68 -41.64
N ASN DE 93 31.41 -112.74 -42.59
CA ASN DE 93 31.97 -113.00 -43.91
C ASN DE 93 33.49 -113.06 -43.80
N SER DE 94 33.99 -114.22 -43.36
CA SER DE 94 35.43 -114.43 -43.20
C SER DE 94 35.89 -115.61 -44.04
N THR DE 95 36.71 -116.48 -43.45
CA THR DE 95 37.22 -117.65 -44.15
C THR DE 95 37.30 -118.81 -43.16
N GLU DE 96 36.74 -119.96 -43.54
CA GLU DE 96 36.76 -121.12 -42.67
C GLU DE 96 38.19 -121.63 -42.47
N ALA DE 97 38.98 -121.65 -43.54
CA ALA DE 97 40.37 -122.11 -43.41
C ALA DE 97 41.17 -121.16 -42.52
N SER DE 98 40.96 -119.85 -42.68
CA SER DE 98 41.67 -118.89 -41.83
C SER DE 98 41.25 -119.03 -40.38
N ARG DE 99 39.96 -119.24 -40.13
CA ARG DE 99 39.49 -119.44 -38.75
C ARG DE 99 40.08 -120.70 -38.15
N LYS DE 100 40.14 -121.78 -38.94
CA LYS DE 100 40.73 -123.03 -38.44
C LYS DE 100 42.22 -122.85 -38.14
N SER DE 101 42.94 -122.14 -39.01
CA SER DE 101 44.36 -121.91 -38.77
C SER DE 101 44.57 -121.05 -37.53
N LEU DE 102 43.71 -120.04 -37.33
CA LEU DE 102 43.82 -119.20 -36.13
C LEU DE 102 43.53 -120.00 -34.88
N TYR DE 103 42.52 -120.88 -34.93
CA TYR DE 103 42.21 -121.72 -33.77
C TYR DE 103 43.36 -122.67 -33.46
N ASP DE 104 43.97 -123.24 -34.51
CA ASP DE 104 45.10 -124.13 -34.30
C ASP DE 104 46.30 -123.38 -33.71
N LEU DE 105 46.55 -122.16 -34.18
CA LEU DE 105 47.63 -121.37 -33.62
C LEU DE 105 47.38 -121.01 -32.16
N THR DE 106 46.12 -120.68 -31.83
CA THR DE 106 45.78 -120.38 -30.44
C THR DE 106 45.95 -121.61 -29.57
N LYS DE 107 45.52 -122.78 -30.06
CA LYS DE 107 45.67 -124.01 -29.30
C LYS DE 107 47.15 -124.33 -29.07
N SER DE 108 47.98 -124.13 -30.09
CA SER DE 108 49.41 -124.37 -29.95
C SER DE 108 50.04 -123.41 -28.95
N LEU DE 109 49.67 -122.14 -29.01
CA LEU DE 109 50.20 -121.16 -28.07
C LEU DE 109 49.75 -121.46 -26.64
N VAL DE 110 48.54 -122.01 -26.48
CA VAL DE 110 48.07 -122.36 -25.14
C VAL DE 110 48.80 -123.60 -24.62
N ALA DE 111 49.00 -124.61 -25.49
CA ALA DE 111 49.63 -125.85 -25.08
C ALA DE 111 51.15 -125.75 -24.99
N THR DE 112 51.74 -124.67 -25.48
CA THR DE 112 53.19 -124.53 -25.41
C THR DE 112 53.65 -124.37 -23.96
N SER DE 113 54.94 -124.58 -23.74
CA SER DE 113 55.54 -124.52 -22.42
C SER DE 113 55.90 -123.10 -21.99
N GLN DE 114 55.89 -122.13 -22.90
CA GLN DE 114 56.22 -120.76 -22.57
C GLN DE 114 55.14 -120.08 -21.74
N VAL DE 115 53.87 -120.26 -22.13
CA VAL DE 115 52.78 -119.65 -21.36
C VAL DE 115 52.67 -120.30 -19.98
N GLU DE 116 52.96 -121.60 -19.88
CA GLU DE 116 52.94 -122.27 -18.58
C GLU DE 116 54.00 -121.67 -17.66
N ASP DE 117 55.19 -121.43 -18.18
CA ASP DE 117 56.25 -120.80 -17.37
C ASP DE 117 55.88 -119.37 -17.02
N LEU DE 118 55.30 -118.63 -17.96
CA LEU DE 118 54.85 -117.27 -17.68
C LEU DE 118 53.79 -117.25 -16.57
N VAL DE 119 52.93 -118.26 -16.52
CA VAL DE 119 51.90 -118.31 -15.50
C VAL DE 119 52.49 -118.72 -14.15
N VAL DE 120 53.33 -119.75 -14.14
CA VAL DE 120 53.87 -120.29 -12.90
C VAL DE 120 54.95 -119.37 -12.33
N ASN DE 121 56.10 -119.32 -13.02
CA ASN DE 121 57.25 -118.59 -12.51
C ASN DE 121 57.16 -117.08 -12.72
N LEU DE 122 56.07 -116.59 -13.32
CA LEU DE 122 55.87 -115.15 -13.55
C LEU DE 122 57.00 -114.54 -14.36
N VAL DE 123 57.64 -115.34 -15.22
CA VAL DE 123 58.73 -114.87 -16.07
C VAL DE 123 58.13 -114.39 -17.38
N PRO DE 124 58.52 -113.21 -17.87
CA PRO DE 124 57.93 -112.71 -19.13
C PRO DE 124 58.20 -113.67 -20.29
N LEU DE 125 57.23 -113.75 -21.19
CA LEU DE 125 57.30 -114.68 -22.32
C LEU DE 125 58.41 -114.23 -23.27
N GLY DE 126 59.39 -115.09 -23.48
CA GLY DE 126 60.50 -114.78 -24.37
C GLY DE 126 61.58 -115.84 -24.37
N ARG DE 127 61.29 -116.99 -24.99
CA ARG DE 127 62.24 -118.08 -25.07
C ARG DE 127 62.74 -118.28 -26.50
N SER EE 1 66.71 -119.70 -20.80
CA SER EE 1 66.99 -118.71 -19.76
C SER EE 1 68.44 -118.78 -19.31
N LYS EE 2 68.67 -118.45 -18.03
CA LYS EE 2 70.01 -118.38 -17.48
C LYS EE 2 69.95 -118.84 -16.03
N THR EE 3 70.68 -119.90 -15.70
CA THR EE 3 70.69 -120.48 -14.38
C THR EE 3 72.02 -120.23 -13.69
N ILE EE 4 71.97 -119.92 -12.40
CA ILE EE 4 73.15 -119.68 -11.58
C ILE EE 4 73.08 -120.60 -10.37
N VAL EE 5 74.11 -121.41 -10.18
CA VAL EE 5 74.18 -122.36 -9.07
C VAL EE 5 75.11 -121.81 -8.00
N LEU EE 6 74.59 -121.71 -6.78
CA LEU EE 6 75.36 -121.22 -5.64
C LEU EE 6 75.46 -122.31 -4.58
N SER EE 7 76.68 -122.59 -4.13
CA SER EE 7 76.95 -123.63 -3.15
C SER EE 7 77.08 -122.99 -1.79
N VAL EE 8 76.20 -123.35 -0.85
CA VAL EE 8 76.24 -122.82 0.50
C VAL EE 8 77.04 -123.70 1.45
N GLY EE 9 77.37 -124.93 1.05
CA GLY EE 9 78.11 -125.84 1.91
C GLY EE 9 77.53 -127.22 1.92
N GLU EE 10 76.21 -127.33 2.10
CA GLU EE 10 75.52 -128.60 2.09
C GLU EE 10 74.40 -128.69 1.05
N ALA EE 11 73.88 -127.56 0.57
CA ALA EE 11 72.84 -127.53 -0.44
C ALA EE 11 73.24 -126.57 -1.55
N THR EE 12 72.55 -126.68 -2.68
CA THR EE 12 72.82 -125.86 -3.85
C THR EE 12 71.56 -125.09 -4.20
N ARG EE 13 71.68 -123.76 -4.29
CA ARG EE 13 70.57 -122.89 -4.65
C ARG EE 13 70.68 -122.51 -6.12
N THR EE 14 69.52 -122.34 -6.76
CA THR EE 14 69.43 -122.05 -8.19
C THR EE 14 68.70 -120.74 -8.39
N LEU EE 15 69.35 -119.80 -9.07
CA LEU EE 15 68.75 -118.53 -9.44
C LEU EE 15 68.48 -118.52 -10.94
N THR EE 16 67.30 -118.05 -11.33
CA THR EE 16 66.86 -118.07 -12.71
C THR EE 16 66.67 -116.65 -13.22
N GLU EE 17 67.10 -116.41 -14.46
CA GLU EE 17 66.90 -115.11 -15.10
C GLU EE 17 65.42 -114.90 -15.38
N ILE EE 18 64.91 -113.74 -14.94
CA ILE EE 18 63.51 -113.37 -15.05
C ILE EE 18 63.30 -112.29 -16.09
N GLN EE 19 63.98 -111.16 -15.92
CA GLN EE 19 63.74 -109.93 -16.67
C GLN EE 19 64.99 -109.62 -17.48
N SER EE 20 65.14 -110.29 -18.61
CA SER EE 20 66.32 -110.15 -19.46
C SER EE 20 66.27 -108.82 -20.20
N THR EE 21 67.08 -107.86 -19.76
CA THR EE 21 67.21 -106.57 -20.42
C THR EE 21 68.64 -106.08 -20.26
N ALA EE 22 69.08 -105.26 -21.22
CA ALA EE 22 70.46 -104.79 -21.24
C ALA EE 22 70.76 -103.91 -20.04
N ASP EE 23 69.96 -102.86 -19.85
CA ASP EE 23 70.22 -101.88 -18.79
C ASP EE 23 69.76 -102.35 -17.41
N ARG EE 24 69.11 -103.52 -17.32
CA ARG EE 24 68.64 -104.01 -16.03
C ARG EE 24 68.42 -105.52 -16.15
N GLN EE 25 69.26 -106.29 -15.48
CA GLN EE 25 69.13 -107.74 -15.44
C GLN EE 25 68.66 -108.15 -14.05
N ILE EE 26 67.53 -108.85 -13.99
CA ILE EE 26 66.89 -109.23 -12.74
C ILE EE 26 66.92 -110.76 -12.63
N PHE EE 27 67.71 -111.27 -11.70
CA PHE EE 27 67.76 -112.70 -11.40
C PHE EE 27 66.97 -112.98 -10.14
N GLU EE 28 66.19 -114.06 -10.16
CA GLU EE 28 65.32 -114.44 -9.04
C GLU EE 28 65.55 -115.89 -8.68
N GLU EE 29 65.67 -116.17 -7.39
CA GLU EE 29 65.90 -117.52 -6.90
C GLU EE 29 64.59 -118.30 -6.89
N LYS EE 30 64.61 -119.53 -7.39
CA LYS EE 30 63.45 -120.40 -7.45
C LYS EE 30 63.64 -121.54 -6.47
N VAL EE 31 62.90 -121.48 -5.35
CA VAL EE 31 62.94 -122.53 -4.35
C VAL EE 31 61.51 -122.91 -3.97
N GLY EE 32 60.71 -121.92 -3.59
CA GLY EE 32 59.33 -122.14 -3.23
C GLY EE 32 58.47 -120.92 -3.49
N PRO EE 33 58.21 -120.13 -2.45
CA PRO EE 33 57.43 -118.89 -2.63
C PRO EE 33 58.24 -117.86 -3.39
N LEU EE 34 57.72 -117.41 -4.53
CA LEU EE 34 58.44 -116.45 -5.35
C LEU EE 34 58.48 -115.07 -4.70
N VAL EE 35 57.41 -114.69 -4.00
CA VAL EE 35 57.38 -113.40 -3.32
C VAL EE 35 58.24 -113.46 -2.06
N GLY EE 36 59.03 -112.42 -1.84
CA GLY EE 36 59.91 -112.37 -0.69
C GLY EE 36 61.01 -113.40 -0.74
N ARG EE 37 61.79 -113.40 -1.82
CA ARG EE 37 62.87 -114.35 -1.99
C ARG EE 37 64.19 -113.63 -2.26
N LEU EE 38 65.09 -114.28 -2.99
CA LEU EE 38 66.40 -113.73 -3.32
C LEU EE 38 66.35 -113.13 -4.70
N ARG EE 39 66.69 -111.84 -4.81
CA ARG EE 39 66.71 -111.14 -6.08
C ARG EE 39 68.04 -110.43 -6.26
N LEU EE 40 68.45 -110.30 -7.53
CA LEU EE 40 69.71 -109.68 -7.88
C LEU EE 40 69.51 -108.77 -9.08
N THR EE 41 69.93 -107.51 -8.95
CA THR EE 41 69.81 -106.52 -10.00
C THR EE 41 71.19 -106.14 -10.49
N ALA EE 42 71.41 -106.26 -11.80
CA ALA EE 42 72.68 -105.94 -12.43
C ALA EE 42 72.47 -104.87 -13.48
N SER EE 43 73.40 -103.91 -13.54
CA SER EE 43 73.32 -102.82 -14.51
C SER EE 43 74.72 -102.47 -14.98
N LEU EE 44 74.84 -102.16 -16.27
CA LEU EE 44 76.11 -101.76 -16.87
C LEU EE 44 75.86 -100.55 -17.78
N ARG EE 45 76.73 -99.56 -17.69
CA ARG EE 45 76.57 -98.36 -18.50
C ARG EE 45 77.94 -97.73 -18.72
N GLN EE 46 77.94 -96.52 -19.30
CA GLN EE 46 79.13 -95.72 -19.54
C GLN EE 46 79.10 -94.50 -18.63
N ASN EE 47 79.92 -93.50 -18.97
CA ASN EE 47 80.00 -92.28 -18.18
C ASN EE 47 80.68 -91.20 -19.00
N GLY EE 48 80.35 -89.94 -18.69
CA GLY EE 48 80.99 -88.78 -19.28
C GLY EE 48 81.05 -88.79 -20.79
N ALA EE 49 82.27 -88.80 -21.33
CA ALA EE 49 82.48 -88.80 -22.77
C ALA EE 49 83.25 -90.07 -23.17
N LYS EE 50 82.62 -91.22 -22.97
CA LYS EE 50 83.17 -92.52 -23.35
C LYS EE 50 84.53 -92.75 -22.71
N THR EE 51 84.69 -92.32 -21.47
CA THR EE 51 85.95 -92.51 -20.74
C THR EE 51 85.96 -93.85 -20.03
N ALA EE 52 85.25 -93.95 -18.90
CA ALA EE 52 85.20 -95.18 -18.13
C ALA EE 52 83.84 -95.85 -18.24
N TYR EE 53 83.51 -96.69 -17.27
CA TYR EE 53 82.22 -97.39 -17.24
C TYR EE 53 81.67 -97.37 -15.84
N ARG EE 54 80.47 -97.90 -15.68
CA ARG EE 54 79.79 -97.95 -14.39
C ARG EE 54 79.00 -99.25 -14.30
N VAL EE 55 79.30 -100.05 -13.27
CA VAL EE 55 78.62 -101.31 -13.03
C VAL EE 55 77.97 -101.26 -11.66
N ASN EE 56 76.70 -101.66 -11.61
CA ASN EE 56 75.94 -101.68 -10.37
C ASN EE 56 75.40 -103.07 -10.12
N LEU EE 57 75.60 -103.57 -8.90
CA LEU EE 57 75.15 -104.90 -8.51
C LEU EE 57 74.48 -104.81 -7.15
N LYS EE 58 73.19 -105.13 -7.09
CA LYS EE 58 72.43 -105.10 -5.85
C LYS EE 58 71.85 -106.48 -5.58
N LEU EE 59 71.83 -106.87 -4.31
CA LEU EE 59 71.30 -108.17 -3.89
C LEU EE 59 70.33 -107.96 -2.74
N ASP EE 60 69.08 -108.35 -2.93
CA ASP EE 60 68.04 -108.18 -1.93
C ASP EE 60 67.45 -109.52 -1.54
N GLN EE 61 67.02 -109.61 -0.28
CA GLN EE 61 66.40 -110.83 0.24
C GLN EE 61 65.55 -110.46 1.44
N ALA EE 62 64.23 -110.59 1.30
CA ALA EE 62 63.29 -110.26 2.35
C ALA EE 62 62.72 -111.53 2.96
N ASP EE 63 62.79 -111.62 4.29
CA ASP EE 63 62.27 -112.77 4.99
C ASP EE 63 60.74 -112.73 5.04
N VAL EE 64 60.14 -113.92 5.09
CA VAL EE 64 58.68 -114.05 5.11
C VAL EE 64 58.28 -114.83 6.35
N VAL EE 65 57.03 -114.64 6.78
CA VAL EE 65 56.47 -115.34 7.92
C VAL EE 65 55.07 -115.80 7.58
N ASP EE 66 54.63 -116.86 8.23
CA ASP EE 66 53.32 -117.45 7.98
C ASP EE 66 52.78 -118.06 9.25
N CYS EE 67 51.46 -117.97 9.44
CA CYS EE 67 50.80 -118.51 10.61
C CYS EE 67 49.77 -119.58 10.29
N SER EE 68 49.73 -120.08 9.06
CA SER EE 68 48.74 -121.09 8.70
C SER EE 68 49.00 -122.42 9.37
N THR EE 69 50.17 -122.61 9.97
CA THR EE 69 50.46 -123.87 10.66
C THR EE 69 49.70 -123.98 11.97
N SER EE 70 49.47 -122.87 12.65
CA SER EE 70 48.75 -122.88 13.92
C SER EE 70 47.51 -122.01 13.87
N VAL EE 71 47.68 -120.74 13.50
CA VAL EE 71 46.57 -119.80 13.42
C VAL EE 71 45.73 -120.16 12.19
N CYS EE 72 44.41 -120.04 12.31
CA CYS EE 72 43.59 -120.42 11.16
C CYS EE 72 43.27 -119.22 10.28
N GLY EE 73 44.31 -118.50 9.88
CA GLY EE 73 44.20 -117.60 8.75
C GLY EE 73 45.20 -116.46 8.75
N GLU EE 74 46.26 -116.60 7.95
CA GLU EE 74 47.27 -115.56 7.82
C GLU EE 74 48.08 -115.83 6.57
N LEU EE 75 48.04 -114.92 5.61
CA LEU EE 75 48.80 -115.07 4.38
C LEU EE 75 50.28 -114.84 4.65
N PRO EE 76 51.16 -115.42 3.82
CA PRO EE 76 52.61 -115.15 3.98
C PRO EE 76 52.91 -113.67 3.85
N LYS EE 77 53.46 -113.10 4.92
CA LYS EE 77 53.73 -111.68 5.01
C LYS EE 77 55.23 -111.43 5.14
N VAL EE 78 55.74 -110.45 4.39
CA VAL EE 78 57.14 -110.11 4.47
C VAL EE 78 57.43 -109.36 5.77
N ARG EE 79 58.67 -109.47 6.25
CA ARG EE 79 59.06 -108.84 7.50
C ARG EE 79 60.00 -107.69 7.16
N TYR EE 80 61.30 -107.89 7.19
CA TYR EE 80 62.27 -106.84 6.90
C TYR EE 80 62.83 -107.00 5.50
N THR EE 81 63.57 -105.98 5.07
CA THR EE 81 64.18 -105.96 3.74
C THR EE 81 65.64 -105.54 3.87
N GLN EE 82 66.52 -106.25 3.18
CA GLN EE 82 67.95 -105.97 3.20
C GLN EE 82 68.41 -105.57 1.81
N VAL EE 83 69.21 -104.50 1.75
CA VAL EE 83 69.72 -103.96 0.50
C VAL EE 83 71.24 -103.93 0.57
N TRP EE 84 71.89 -104.56 -0.43
CA TRP EE 84 73.35 -104.61 -0.51
C TRP EE 84 73.72 -104.27 -1.96
N SER EE 85 73.93 -102.98 -2.23
CA SER EE 85 74.28 -102.51 -3.56
C SER EE 85 75.79 -102.41 -3.71
N HIS EE 86 76.23 -102.23 -4.96
CA HIS EE 86 77.65 -102.11 -5.28
C HIS EE 86 77.83 -100.98 -6.28
N ASP EE 87 79.09 -100.69 -6.57
CA ASP EE 87 79.43 -99.63 -7.53
C ASP EE 87 80.84 -99.90 -8.05
N VAL EE 88 80.95 -100.20 -9.34
CA VAL EE 88 82.23 -100.50 -9.97
C VAL EE 88 82.52 -99.41 -10.99
N THR EE 89 83.61 -98.68 -10.79
CA THR EE 89 84.04 -97.60 -11.69
C THR EE 89 85.45 -97.93 -12.15
N ILE EE 90 85.56 -98.77 -13.16
CA ILE EE 90 86.84 -99.20 -13.72
C ILE EE 90 86.95 -98.67 -15.14
N VAL EE 91 88.04 -97.97 -15.43
CA VAL EE 91 88.25 -97.43 -16.77
C VAL EE 91 88.64 -98.55 -17.72
N ALA EE 92 88.39 -98.31 -19.01
CA ALA EE 92 88.70 -99.33 -20.02
C ALA EE 92 90.21 -99.51 -20.18
N ASN EE 93 90.92 -98.43 -20.50
CA ASN EE 93 92.37 -98.48 -20.67
C ASN EE 93 93.03 -98.56 -19.31
N SER EE 94 93.06 -99.78 -18.75
CA SER EE 94 93.67 -100.01 -17.45
C SER EE 94 94.78 -101.04 -17.56
N THR EE 95 94.81 -101.99 -16.62
CA THR EE 95 95.82 -103.04 -16.62
C THR EE 95 95.18 -104.34 -16.15
N GLU EE 96 95.39 -105.41 -16.94
CA GLU EE 96 94.81 -106.70 -16.59
C GLU EE 96 95.42 -107.25 -15.29
N ALA EE 97 96.73 -107.09 -15.12
CA ALA EE 97 97.36 -107.56 -13.89
C ALA EE 97 96.88 -106.78 -12.69
N SER EE 98 96.72 -105.46 -12.83
CA SER EE 98 96.22 -104.65 -11.72
C SER EE 98 94.78 -105.02 -11.38
N ARG EE 99 93.95 -105.27 -12.40
CA ARG EE 99 92.58 -105.68 -12.16
C ARG EE 99 92.52 -107.03 -11.45
N LYS EE 100 93.38 -107.97 -11.87
CA LYS EE 100 93.41 -109.28 -11.22
C LYS EE 100 93.87 -109.17 -9.77
N SER EE 101 94.88 -108.33 -9.52
CA SER EE 101 95.34 -108.12 -8.15
C SER EE 101 94.26 -107.48 -7.28
N LEU EE 102 93.53 -106.52 -7.85
CA LEU EE 102 92.45 -105.89 -7.10
C LEU EE 102 91.33 -106.88 -6.80
N TYR EE 103 90.99 -107.73 -7.77
CA TYR EE 103 89.96 -108.74 -7.55
C TYR EE 103 90.41 -109.75 -6.48
N ASP EE 104 91.68 -110.14 -6.50
CA ASP EE 104 92.19 -111.06 -5.49
C ASP EE 104 92.16 -110.42 -4.11
N LEU EE 105 92.53 -109.14 -4.02
CA LEU EE 105 92.48 -108.44 -2.74
C LEU EE 105 91.05 -108.34 -2.22
N THR EE 106 90.10 -108.04 -3.12
CA THR EE 106 88.70 -107.98 -2.70
C THR EE 106 88.20 -109.34 -2.24
N LYS EE 107 88.57 -110.41 -2.95
CA LYS EE 107 88.17 -111.75 -2.54
C LYS EE 107 88.75 -112.11 -1.18
N SER EE 108 90.02 -111.74 -0.94
CA SER EE 108 90.63 -112.01 0.35
C SER EE 108 89.96 -111.23 1.47
N LEU EE 109 89.65 -109.95 1.22
CA LEU EE 109 88.96 -109.16 2.23
C LEU EE 109 87.56 -109.67 2.51
N VAL EE 110 86.89 -110.24 1.49
CA VAL EE 110 85.57 -110.80 1.70
C VAL EE 110 85.66 -112.11 2.49
N ALA EE 111 86.63 -112.97 2.15
CA ALA EE 111 86.76 -114.26 2.80
C ALA EE 111 87.43 -114.18 4.16
N THR EE 112 88.00 -113.04 4.54
CA THR EE 112 88.63 -112.91 5.84
C THR EE 112 87.59 -112.99 6.96
N SER EE 113 88.09 -113.23 8.17
CA SER EE 113 87.23 -113.39 9.35
C SER EE 113 86.84 -112.07 9.98
N GLN EE 114 87.49 -110.96 9.60
CA GLN EE 114 87.18 -109.66 10.17
C GLN EE 114 85.84 -109.12 9.69
N VAL EE 115 85.56 -109.23 8.39
CA VAL EE 115 84.28 -108.77 7.87
C VAL EE 115 83.14 -109.62 8.40
N GLU EE 116 83.37 -110.92 8.58
CA GLU EE 116 82.34 -111.78 9.14
C GLU EE 116 81.99 -111.35 10.57
N ASP EE 117 83.00 -111.03 11.38
CA ASP EE 117 82.75 -110.55 12.72
C ASP EE 117 82.05 -109.19 12.70
N LEU EE 118 82.47 -108.30 11.80
CA LEU EE 118 81.82 -107.00 11.66
C LEU EE 118 80.35 -107.16 11.29
N VAL EE 119 80.01 -108.17 10.48
CA VAL EE 119 78.63 -108.38 10.08
C VAL EE 119 77.83 -109.01 11.21
N VAL EE 120 78.37 -110.02 11.87
CA VAL EE 120 77.65 -110.76 12.89
C VAL EE 120 77.58 -109.95 14.19
N ASN EE 121 78.72 -109.78 14.85
CA ASN EE 121 78.77 -109.15 16.16
C ASN EE 121 78.68 -107.63 16.11
N LEU EE 122 78.60 -107.04 14.91
CA LEU EE 122 78.48 -105.59 14.75
C LEU EE 122 79.67 -104.85 15.38
N VAL EE 123 80.82 -105.51 15.45
CA VAL EE 123 82.03 -104.91 16.02
C VAL EE 123 82.79 -104.22 14.89
N PRO EE 124 83.24 -102.97 15.08
CA PRO EE 124 83.96 -102.29 14.01
C PRO EE 124 85.21 -103.04 13.60
N LEU EE 125 85.52 -102.98 12.30
CA LEU EE 125 86.65 -103.70 11.74
C LEU EE 125 87.95 -103.10 12.27
N GLY EE 126 88.74 -103.93 12.95
CA GLY EE 126 90.00 -103.48 13.51
C GLY EE 126 90.69 -104.54 14.35
N ARG EE 127 91.24 -105.56 13.71
CA ARG EE 127 91.93 -106.63 14.40
C ARG EE 127 93.43 -106.60 14.12
N SER FE 1 131.98 -19.51 43.44
CA SER FE 1 130.80 -19.37 44.27
C SER FE 1 131.14 -18.81 45.65
N LYS FE 2 130.36 -19.21 46.65
CA LYS FE 2 130.52 -18.71 48.00
C LYS FE 2 130.19 -19.83 48.98
N THR FE 3 131.16 -20.19 49.81
CA THR FE 3 131.00 -21.28 50.76
C THR FE 3 130.96 -20.75 52.18
N ILE FE 4 130.08 -21.34 52.99
CA ILE FE 4 129.91 -20.96 54.39
C ILE FE 4 130.06 -22.23 55.23
N VAL FE 5 131.00 -22.20 56.18
CA VAL FE 5 131.29 -23.35 57.04
C VAL FE 5 130.65 -23.09 58.40
N LEU FE 6 129.82 -24.03 58.86
CA LEU FE 6 129.16 -23.95 60.15
C LEU FE 6 129.59 -25.12 61.02
N SER FE 7 130.03 -24.81 62.24
CA SER FE 7 130.52 -25.82 63.17
C SER FE 7 129.39 -26.15 64.16
N VAL FE 8 128.96 -27.41 64.16
CA VAL FE 8 127.89 -27.85 65.07
C VAL FE 8 128.45 -28.43 66.36
N GLY FE 9 129.75 -28.72 66.43
CA GLY FE 9 130.34 -29.29 67.62
C GLY FE 9 131.26 -30.45 67.30
N GLU FE 10 130.81 -31.38 66.47
CA GLU FE 10 131.61 -32.51 66.05
C GLU FE 10 131.77 -32.63 64.54
N ALA FE 11 130.90 -32.01 63.75
CA ALA FE 11 130.99 -32.02 62.30
C ALA FE 11 130.85 -30.61 61.77
N THR FE 12 131.24 -30.42 60.51
CA THR FE 12 131.21 -29.12 59.85
C THR FE 12 130.30 -29.22 58.63
N ARG FE 13 129.31 -28.33 58.56
CA ARG FE 13 128.40 -28.28 57.44
C ARG FE 13 128.80 -27.15 56.48
N THR FE 14 128.56 -27.38 55.20
CA THR FE 14 128.96 -26.45 54.14
C THR FE 14 127.73 -26.00 53.37
N LEU FE 15 127.51 -24.69 53.32
CA LEU FE 15 126.44 -24.09 52.53
C LEU FE 15 127.04 -23.39 51.32
N THR FE 16 126.44 -23.60 50.15
CA THR FE 16 126.94 -23.08 48.90
C THR FE 16 125.95 -22.07 48.31
N GLU FE 17 126.49 -20.98 47.77
CA GLU FE 17 125.66 -20.00 47.09
C GLU FE 17 125.10 -20.57 45.80
N ILE FE 18 123.79 -20.43 45.61
CA ILE FE 18 123.08 -21.00 44.48
C ILE FE 18 122.55 -19.91 43.55
N GLN FE 19 121.81 -18.95 44.10
CA GLN FE 19 121.08 -17.95 43.33
C GLN FE 19 121.64 -16.57 43.68
N SER FE 20 122.77 -16.23 43.06
CA SER FE 20 123.46 -14.97 43.34
C SER FE 20 122.71 -13.82 42.70
N THR FE 21 122.01 -13.04 43.53
CA THR FE 21 121.31 -11.85 43.07
C THR FE 21 121.34 -10.82 44.19
N ALA FE 22 121.27 -9.54 43.80
CA ALA FE 22 121.38 -8.46 44.77
C ALA FE 22 120.20 -8.45 45.73
N ASP FE 23 118.98 -8.41 45.19
CA ASP FE 23 117.79 -8.30 46.02
C ASP FE 23 117.37 -9.62 46.66
N ARG FE 24 118.04 -10.73 46.33
CA ARG FE 24 117.68 -12.03 46.90
C ARG FE 24 118.89 -12.96 46.76
N GLN FE 25 119.50 -13.30 47.90
CA GLN FE 25 120.61 -14.23 47.95
C GLN FE 25 120.12 -15.54 48.56
N ILE FE 26 120.28 -16.64 47.83
CA ILE FE 26 119.79 -17.95 48.24
C ILE FE 26 120.98 -18.86 48.45
N PHE FE 27 121.24 -19.23 49.70
CA PHE FE 27 122.27 -20.19 50.04
C PHE FE 27 121.64 -21.54 50.33
N GLU FE 28 122.25 -22.61 49.83
CA GLU FE 28 121.73 -23.96 50.00
C GLU FE 28 122.83 -24.88 50.50
N GLU FE 29 122.50 -25.71 51.50
CA GLU FE 29 123.45 -26.63 52.08
C GLU FE 29 123.61 -27.85 51.19
N LYS FE 30 124.87 -28.26 50.97
CA LYS FE 30 125.19 -29.41 50.14
C LYS FE 30 125.72 -30.53 51.03
N VAL FE 31 124.90 -31.56 51.24
CA VAL FE 31 125.29 -32.72 52.03
C VAL FE 31 124.93 -33.99 51.27
N GLY FE 32 123.66 -34.09 50.86
CA GLY FE 32 123.20 -35.23 50.12
C GLY FE 32 122.03 -34.88 49.21
N PRO FE 33 120.81 -35.16 49.67
CA PRO FE 33 119.62 -34.81 48.89
C PRO FE 33 119.42 -33.31 48.89
N LEU FE 34 119.40 -32.70 47.70
CA LEU FE 34 119.25 -31.26 47.60
C LEU FE 34 117.84 -30.82 47.95
N VAL FE 35 116.83 -31.62 47.63
CA VAL FE 35 115.46 -31.28 47.97
C VAL FE 35 115.22 -31.53 49.45
N GLY FE 36 114.54 -30.59 50.11
CA GLY FE 36 114.27 -30.70 51.52
C GLY FE 36 115.52 -30.62 52.38
N ARG FE 37 116.29 -29.54 52.21
CA ARG FE 37 117.52 -29.36 52.96
C ARG FE 37 117.52 -28.02 53.69
N LEU FE 38 118.71 -27.46 53.91
CA LEU FE 38 118.86 -26.19 54.60
C LEU FE 38 119.00 -25.08 53.58
N ARG FE 39 118.12 -24.08 53.66
CA ARG FE 39 118.16 -22.94 52.75
C ARG FE 39 118.13 -21.64 53.55
N LEU FE 40 118.76 -20.62 52.99
CA LEU FE 40 118.86 -19.30 53.63
C LEU FE 40 118.61 -18.23 52.59
N THR FE 41 117.67 -17.33 52.90
CA THR FE 41 117.31 -16.22 52.02
C THR FE 41 117.71 -14.91 52.68
N ALA FE 42 118.50 -14.11 51.96
CA ALA FE 42 118.97 -12.82 52.44
C ALA FE 42 118.52 -11.72 51.50
N SER FE 43 118.10 -10.60 52.06
CA SER FE 43 117.64 -9.47 51.26
C SER FE 43 118.05 -8.17 51.95
N LEU FE 44 118.45 -7.19 51.14
CA LEU FE 44 118.84 -5.88 51.62
C LEU FE 44 118.20 -4.81 50.74
N ARG FE 45 117.65 -3.78 51.36
CA ARG FE 45 116.99 -2.71 50.61
C ARG FE 45 117.07 -1.42 51.41
N GLN FE 46 116.35 -0.40 50.93
CA GLN FE 46 116.23 0.89 51.57
C GLN FE 46 114.80 1.07 52.08
N ASN FE 47 114.43 2.32 52.38
CA ASN FE 47 113.10 2.62 52.87
C ASN FE 47 112.84 4.11 52.73
N GLY FE 48 111.56 4.45 52.61
CA GLY FE 48 111.12 5.84 52.60
C GLY FE 48 111.86 6.74 51.62
N ALA FE 49 112.54 7.75 52.14
CA ALA FE 49 113.29 8.70 51.32
C ALA FE 49 114.77 8.65 51.71
N LYS FE 50 115.39 7.49 51.47
CA LYS FE 50 116.82 7.28 51.72
C LYS FE 50 117.18 7.59 53.16
N THR FE 51 116.30 7.21 54.09
CA THR FE 51 116.55 7.43 55.52
C THR FE 51 117.32 6.25 56.10
N ALA FE 52 116.63 5.14 56.36
CA ALA FE 52 117.26 3.96 56.94
C ALA FE 52 117.38 2.84 55.92
N TYR FE 53 117.49 1.61 56.39
CA TYR FE 53 117.60 0.45 55.52
C TYR FE 53 116.72 -0.67 56.07
N ARG FE 54 116.66 -1.78 55.33
CA ARG FE 54 115.88 -2.93 55.72
C ARG FE 54 116.60 -4.20 55.30
N VAL FE 55 116.88 -5.07 56.27
CA VAL FE 55 117.56 -6.33 56.04
C VAL FE 55 116.65 -7.46 56.48
N ASN FE 56 116.51 -8.47 55.62
CA ASN FE 56 115.67 -9.62 55.90
C ASN FE 56 116.51 -10.89 55.78
N LEU FE 57 116.42 -11.76 56.79
CA LEU FE 57 117.16 -13.01 56.83
C LEU FE 57 116.22 -14.13 57.25
N LYS FE 58 116.00 -15.09 56.37
CA LYS FE 58 115.13 -16.23 56.64
C LYS FE 58 115.92 -17.52 56.50
N LEU FE 59 115.64 -18.48 57.38
CA LEU FE 59 116.32 -19.77 57.37
C LEU FE 59 115.27 -20.87 57.43
N ASP FE 60 115.25 -21.72 56.41
CA ASP FE 60 114.28 -22.80 56.32
C ASP FE 60 114.98 -24.14 56.26
N GLN FE 61 114.32 -25.17 56.80
CA GLN FE 61 114.85 -26.52 56.78
C GLN FE 61 113.69 -27.49 56.94
N ALA FE 62 113.41 -28.27 55.90
CA ALA FE 62 112.31 -29.22 55.89
C ALA FE 62 112.87 -30.64 55.99
N ASP FE 63 112.35 -31.41 56.94
CA ASP FE 63 112.77 -32.78 57.12
C ASP FE 63 112.18 -33.67 56.03
N VAL FE 64 112.91 -34.74 55.71
CA VAL FE 64 112.50 -35.68 54.68
C VAL FE 64 112.43 -37.08 55.29
N VAL FE 65 111.63 -37.93 54.65
CA VAL FE 65 111.47 -39.31 55.06
C VAL FE 65 111.52 -40.21 53.83
N ASP FE 66 111.92 -41.46 54.03
CA ASP FE 66 112.06 -42.41 52.94
C ASP FE 66 111.78 -43.82 53.47
N CYS FE 67 111.15 -44.64 52.62
CA CYS FE 67 110.81 -46.00 52.97
C CYS FE 67 111.47 -47.05 52.08
N SER FE 68 112.44 -46.65 51.25
CA SER FE 68 113.08 -47.61 50.36
C SER FE 68 113.95 -48.62 51.10
N THR FE 69 114.23 -48.38 52.39
CA THR FE 69 115.03 -49.32 53.16
C THR FE 69 114.25 -50.58 53.49
N SER FE 70 112.94 -50.46 53.69
CA SER FE 70 112.11 -51.62 54.04
C SER FE 70 110.99 -51.81 53.02
N VAL FE 71 110.20 -50.77 52.81
CA VAL FE 71 109.08 -50.82 51.86
C VAL FE 71 109.65 -50.83 50.45
N CYS FE 72 109.05 -51.61 49.55
CA CYS FE 72 109.58 -51.66 48.19
C CYS FE 72 108.91 -50.64 47.29
N GLY FE 73 108.88 -49.38 47.72
CA GLY FE 73 108.65 -48.28 46.80
C GLY FE 73 108.07 -47.04 47.45
N GLU FE 74 108.93 -46.05 47.70
CA GLU FE 74 108.49 -44.77 48.28
C GLU FE 74 109.58 -43.75 48.04
N LEU FE 75 109.27 -42.70 47.28
CA LEU FE 75 110.24 -41.65 47.02
C LEU FE 75 110.44 -40.79 48.28
N PRO FE 76 111.60 -40.14 48.40
CA PRO FE 76 111.81 -39.24 49.54
C PRO FE 76 110.77 -38.12 49.57
N LYS FE 77 110.01 -38.09 50.66
CA LYS FE 77 108.90 -37.15 50.80
C LYS FE 77 109.16 -36.21 51.97
N VAL FE 78 108.88 -34.92 51.76
CA VAL FE 78 109.06 -33.94 52.82
C VAL FE 78 107.95 -34.09 53.84
N ARG FE 79 108.25 -33.70 55.09
CA ARG FE 79 107.29 -33.80 56.18
C ARG FE 79 106.83 -32.40 56.54
N TYR FE 80 107.44 -31.77 57.54
CA TYR FE 80 107.05 -30.44 57.98
C TYR FE 80 108.03 -29.39 57.45
N THR FE 81 107.67 -28.13 57.61
CA THR FE 81 108.48 -27.01 57.17
C THR FE 81 108.58 -25.99 58.29
N GLN FE 82 109.79 -25.50 58.53
CA GLN FE 82 110.06 -24.50 59.57
C GLN FE 82 110.53 -23.21 58.93
N VAL FE 83 109.98 -22.09 59.39
CA VAL FE 83 110.29 -20.77 58.88
C VAL FE 83 110.78 -19.90 60.04
N TRP FE 84 111.97 -19.32 59.88
CA TRP FE 84 112.57 -18.44 60.89
C TRP FE 84 113.09 -17.21 60.16
N SER FE 85 112.25 -16.19 60.04
CA SER FE 85 112.60 -14.96 59.36
C SER FE 85 113.12 -13.92 60.36
N HIS FE 86 113.71 -12.86 59.82
CA HIS FE 86 114.25 -11.77 60.63
C HIS FE 86 113.87 -10.44 60.00
N ASP FE 87 114.20 -9.36 60.70
CA ASP FE 87 113.91 -8.01 60.23
C ASP FE 87 114.86 -7.05 60.92
N VAL FE 88 115.74 -6.43 60.16
CA VAL FE 88 116.74 -5.49 60.68
C VAL FE 88 116.43 -4.11 60.12
N THR FE 89 116.11 -3.16 61.00
CA THR FE 89 115.81 -1.79 60.63
C THR FE 89 116.78 -0.87 61.37
N ILE FE 90 117.98 -0.72 60.83
CA ILE FE 90 119.03 0.10 61.43
C ILE FE 90 119.30 1.28 60.50
N VAL FE 91 119.24 2.48 61.05
CA VAL FE 91 119.50 3.68 60.27
C VAL FE 91 120.99 3.80 59.98
N ALA FE 92 121.32 4.53 58.91
CA ALA FE 92 122.72 4.69 58.53
C ALA FE 92 123.47 5.56 59.54
N ASN FE 93 122.99 6.78 59.77
CA ASN FE 93 123.61 7.70 60.71
C ASN FE 93 123.27 7.27 62.13
N SER FE 94 124.01 6.27 62.62
CA SER FE 94 123.80 5.75 63.96
C SER FE 94 125.08 5.86 64.79
N THR FE 95 125.43 4.80 65.50
CA THR FE 95 126.63 4.78 66.33
C THR FE 95 127.25 3.39 66.27
N GLU FE 96 128.55 3.34 65.97
CA GLU FE 96 129.24 2.06 65.89
C GLU FE 96 129.28 1.36 67.24
N ALA FE 97 129.54 2.12 68.31
CA ALA FE 97 129.57 1.52 69.65
C ALA FE 97 128.21 1.00 70.05
N SER FE 98 127.14 1.75 69.74
CA SER FE 98 125.80 1.30 70.05
C SER FE 98 125.44 0.05 69.26
N ARG FE 99 125.83 0.00 67.98
CA ARG FE 99 125.56 -1.19 67.17
C ARG FE 99 126.31 -2.39 67.70
N LYS FE 100 127.57 -2.19 68.13
CA LYS FE 100 128.34 -3.30 68.69
C LYS FE 100 127.73 -3.78 69.99
N SER FE 101 127.28 -2.86 70.84
CA SER FE 101 126.65 -3.26 72.09
C SER FE 101 125.34 -4.02 71.84
N LEU FE 102 124.56 -3.56 70.85
CA LEU FE 102 123.33 -4.25 70.51
C LEU FE 102 123.60 -5.65 69.97
N TYR FE 103 124.64 -5.79 69.13
CA TYR FE 103 124.99 -7.10 68.61
C TYR FE 103 125.46 -8.03 69.73
N ASP FE 104 126.24 -7.50 70.68
CA ASP FE 104 126.69 -8.31 71.81
C ASP FE 104 125.52 -8.74 72.68
N LEU FE 105 124.56 -7.84 72.90
CA LEU FE 105 123.38 -8.20 73.68
C LEU FE 105 122.55 -9.26 72.98
N THR FE 106 122.40 -9.14 71.65
CA THR FE 106 121.67 -10.15 70.90
C THR FE 106 122.38 -11.50 70.96
N LYS FE 107 123.71 -11.50 70.83
CA LYS FE 107 124.47 -12.74 70.91
C LYS FE 107 124.33 -13.38 72.28
N SER FE 108 124.36 -12.56 73.35
CA SER FE 108 124.20 -13.09 74.70
C SER FE 108 122.80 -13.67 74.90
N LEU FE 109 121.77 -12.97 74.40
CA LEU FE 109 120.42 -13.48 74.52
C LEU FE 109 120.22 -14.76 73.72
N VAL FE 110 120.93 -14.91 72.59
CA VAL FE 110 120.82 -16.13 71.81
C VAL FE 110 121.54 -17.28 72.50
N ALA FE 111 122.73 -17.01 73.05
CA ALA FE 111 123.53 -18.05 73.69
C ALA FE 111 123.06 -18.39 75.10
N THR FE 112 122.16 -17.60 75.67
CA THR FE 112 121.66 -17.91 77.01
C THR FE 112 120.85 -19.20 77.02
N SER FE 113 120.64 -19.74 78.22
CA SER FE 113 119.93 -21.00 78.39
C SER FE 113 118.42 -20.82 78.45
N GLN FE 114 117.93 -19.59 78.57
CA GLN FE 114 116.50 -19.35 78.63
C GLN FE 114 115.81 -19.54 77.28
N VAL FE 115 116.41 -19.03 76.21
CA VAL FE 115 115.83 -19.21 74.89
C VAL FE 115 115.89 -20.67 74.47
N GLU FE 116 116.94 -21.39 74.86
CA GLU FE 116 117.01 -22.81 74.56
C GLU FE 116 115.88 -23.58 75.23
N ASP FE 117 115.59 -23.26 76.49
CA ASP FE 117 114.47 -23.91 77.19
C ASP FE 117 113.14 -23.51 76.56
N LEU FE 118 112.99 -22.24 76.19
CA LEU FE 118 111.77 -21.80 75.51
C LEU FE 118 111.57 -22.54 74.20
N VAL FE 119 112.64 -22.85 73.49
CA VAL FE 119 112.52 -23.56 72.22
C VAL FE 119 112.21 -25.03 72.44
N VAL FE 120 112.93 -25.67 73.37
CA VAL FE 120 112.80 -27.11 73.59
C VAL FE 120 111.52 -27.42 74.35
N ASN FE 121 111.46 -27.03 75.62
CA ASN FE 121 110.35 -27.38 76.49
C ASN FE 121 109.12 -26.53 76.28
N LEU FE 122 109.16 -25.55 75.36
CA LEU FE 122 108.03 -24.69 75.06
C LEU FE 122 107.54 -23.93 76.30
N VAL FE 123 108.44 -23.68 77.24
CA VAL FE 123 108.12 -22.94 78.46
C VAL FE 123 108.35 -21.45 78.21
N PRO FE 124 107.40 -20.59 78.58
CA PRO FE 124 107.59 -19.14 78.32
C PRO FE 124 108.83 -18.62 79.01
N LEU FE 125 109.48 -17.66 78.36
CA LEU FE 125 110.73 -17.10 78.86
C LEU FE 125 110.46 -16.30 80.13
N GLY FE 126 111.09 -16.69 81.23
CA GLY FE 126 110.90 -16.02 82.50
C GLY FE 126 111.60 -16.70 83.66
N ARG FE 127 112.93 -16.60 83.69
CA ARG FE 127 113.71 -17.22 84.76
C ARG FE 127 114.34 -16.15 85.65
N SER GE 1 104.71 -15.58 85.34
CA SER GE 1 103.57 -16.48 85.16
C SER GE 1 103.08 -17.01 86.51
N LYS GE 2 102.55 -18.22 86.48
CA LYS GE 2 101.95 -18.84 87.67
C LYS GE 2 102.22 -20.33 87.62
N THR GE 3 102.91 -20.84 88.63
CA THR GE 3 103.30 -22.24 88.70
C THR GE 3 102.52 -22.95 89.80
N ILE GE 4 102.10 -24.18 89.52
CA ILE GE 4 101.36 -25.01 90.46
C ILE GE 4 102.10 -26.34 90.58
N VAL GE 5 102.47 -26.70 91.81
CA VAL GE 5 103.20 -27.93 92.08
C VAL GE 5 102.24 -28.96 92.65
N LEU GE 6 102.18 -30.13 92.02
CA LEU GE 6 101.33 -31.22 92.46
C LEU GE 6 102.18 -32.42 92.82
N SER GE 7 101.96 -32.97 94.01
CA SER GE 7 102.72 -34.11 94.51
C SER GE 7 101.91 -35.38 94.29
N VAL GE 8 102.46 -36.30 93.50
CA VAL GE 8 101.78 -37.57 93.22
C VAL GE 8 102.21 -38.67 94.17
N GLY GE 9 103.28 -38.48 94.94
CA GLY GE 9 103.76 -39.49 95.85
C GLY GE 9 105.26 -39.67 95.77
N GLU GE 10 105.79 -39.80 94.55
CA GLU GE 10 107.21 -39.94 94.33
C GLU GE 10 107.81 -38.86 93.43
N ALA GE 11 106.99 -38.21 92.60
CA ALA GE 11 107.45 -37.15 91.72
C ALA GE 11 106.55 -35.93 91.88
N THR GE 12 107.03 -34.79 91.39
CA THR GE 12 106.31 -33.53 91.47
C THR GE 12 106.07 -33.01 90.06
N ARG GE 13 104.80 -32.74 89.74
CA ARG GE 13 104.43 -32.19 88.45
C ARG GE 13 104.21 -30.69 88.56
N THR GE 14 104.53 -29.97 87.48
CA THR GE 14 104.46 -28.53 87.45
C THR GE 14 103.52 -28.09 86.33
N LEU GE 15 102.50 -27.32 86.69
CA LEU GE 15 101.56 -26.73 85.74
C LEU GE 15 101.83 -25.23 85.63
N THR GE 16 101.85 -24.72 84.40
CA THR GE 16 102.18 -23.33 84.14
C THR GE 16 100.99 -22.61 83.53
N GLU GE 17 100.77 -21.38 83.98
CA GLU GE 17 99.70 -20.56 83.41
C GLU GE 17 100.05 -20.17 81.98
N ILE GE 18 99.08 -20.35 81.06
CA ILE GE 18 99.29 -20.15 79.63
C ILE GE 18 98.42 -19.03 79.08
N GLN GE 19 97.13 -19.02 79.42
CA GLN GE 19 96.16 -18.09 78.87
C GLN GE 19 95.54 -17.31 80.02
N SER GE 20 96.25 -16.29 80.49
CA SER GE 20 95.80 -15.49 81.63
C SER GE 20 94.67 -14.56 81.21
N THR GE 21 93.45 -14.90 81.60
CA THR GE 21 92.28 -14.07 81.35
C THR GE 21 91.31 -14.22 82.51
N ALA GE 22 90.50 -13.18 82.74
CA ALA GE 22 89.60 -13.17 83.87
C ALA GE 22 88.52 -14.24 83.74
N ASP GE 23 87.80 -14.23 82.62
CA ASP GE 23 86.68 -15.15 82.43
C ASP GE 23 87.12 -16.56 82.03
N ARG GE 24 88.41 -16.78 81.79
CA ARG GE 24 88.88 -18.11 81.39
C ARG GE 24 90.37 -18.19 81.71
N GLN GE 25 90.73 -19.01 82.70
CA GLN GE 25 92.12 -19.27 83.06
C GLN GE 25 92.49 -20.67 82.61
N ILE GE 26 93.54 -20.76 81.79
CA ILE GE 26 93.97 -22.03 81.19
C ILE GE 26 95.35 -22.35 81.72
N PHE GE 27 95.45 -23.39 82.55
CA PHE GE 27 96.72 -23.89 83.04
C PHE GE 27 97.12 -25.15 82.27
N GLU GE 28 98.39 -25.24 81.90
CA GLU GE 28 98.89 -26.36 81.13
C GLU GE 28 100.14 -26.94 81.78
N GLU GE 29 100.20 -28.26 81.86
CA GLU GE 29 101.32 -28.95 82.48
C GLU GE 29 102.49 -29.01 81.51
N LYS GE 30 103.68 -28.69 82.00
CA LYS GE 30 104.91 -28.70 81.20
C LYS GE 30 105.79 -29.85 81.67
N VAL GE 31 105.86 -30.90 80.86
CA VAL GE 31 106.71 -32.06 81.14
C VAL GE 31 107.51 -32.40 79.90
N GLY GE 32 106.82 -32.59 78.77
CA GLY GE 32 107.45 -32.91 77.52
C GLY GE 32 106.65 -32.43 76.33
N PRO GE 33 105.88 -33.33 75.72
CA PRO GE 33 105.02 -32.93 74.59
C PRO GE 33 103.87 -32.07 75.08
N LEU GE 34 103.78 -30.86 74.55
CA LEU GE 34 102.72 -29.95 74.98
C LEU GE 34 101.35 -30.39 74.49
N VAL GE 35 101.29 -30.97 73.29
CA VAL GE 35 100.01 -31.45 72.75
C VAL GE 35 99.63 -32.74 73.46
N GLY GE 36 98.35 -32.86 73.83
CA GLY GE 36 97.87 -34.04 74.53
C GLY GE 36 98.45 -34.19 75.91
N ARG GE 37 98.30 -33.15 76.74
CA ARG GE 37 98.84 -33.18 78.10
C ARG GE 37 97.75 -32.89 79.12
N LEU GE 38 98.13 -32.30 80.25
CA LEU GE 38 97.19 -31.97 81.32
C LEU GE 38 96.81 -30.50 81.21
N ARG GE 39 95.51 -30.23 81.10
CA ARG GE 39 95.01 -28.87 81.01
C ARG GE 39 93.91 -28.66 82.03
N LEU GE 40 93.79 -27.42 82.50
CA LEU GE 40 92.81 -27.03 83.51
C LEU GE 40 92.18 -25.71 83.12
N THR GE 41 90.85 -25.68 83.09
CA THR GE 41 90.09 -24.49 82.73
C THR GE 41 89.31 -24.02 83.96
N ALA GE 42 89.52 -22.75 84.33
CA ALA GE 42 88.85 -22.15 85.47
C ALA GE 42 88.05 -20.94 85.02
N SER GE 43 86.84 -20.80 85.57
CA SER GE 43 85.98 -19.68 85.22
C SER GE 43 85.21 -19.23 86.46
N LEU GE 44 85.03 -17.92 86.61
CA LEU GE 44 84.29 -17.33 87.71
C LEU GE 44 83.37 -16.25 87.17
N ARG GE 45 82.13 -16.23 87.65
CA ARG GE 45 81.16 -15.25 87.16
C ARG GE 45 80.13 -15.01 88.25
N GLN GE 46 79.07 -14.27 87.90
CA GLN GE 46 77.96 -13.97 88.77
C GLN GE 46 76.70 -14.70 88.25
N ASN GE 47 75.54 -14.25 88.70
CA ASN GE 47 74.29 -14.86 88.29
C ASN GE 47 73.14 -13.92 88.64
N GLY GE 48 72.05 -14.04 87.88
CA GLY GE 48 70.83 -13.32 88.15
C GLY GE 48 70.98 -11.82 88.36
N ALA GE 49 70.63 -11.36 89.56
CA ALA GE 49 70.74 -9.94 89.90
C ALA GE 49 71.69 -9.77 91.08
N LYS GE 50 72.95 -10.11 90.86
CA LYS GE 50 74.02 -9.95 91.85
C LYS GE 50 73.69 -10.68 93.15
N THR GE 51 73.08 -11.86 93.01
CA THR GE 51 72.73 -12.67 94.20
C THR GE 51 73.90 -13.57 94.59
N ALA GE 52 74.11 -14.66 93.85
CA ALA GE 52 75.17 -15.60 94.14
C ALA GE 52 76.28 -15.51 93.09
N TYR GE 53 77.06 -16.59 92.97
CA TYR GE 53 78.14 -16.64 92.01
C TYR GE 53 78.16 -18.01 91.34
N ARG GE 54 79.06 -18.17 90.37
CA ARG GE 54 79.18 -19.42 89.64
C ARG GE 54 80.65 -19.66 89.32
N VAL GE 55 81.16 -20.80 89.77
CA VAL GE 55 82.55 -21.19 89.54
C VAL GE 55 82.56 -22.51 88.78
N ASN GE 56 83.37 -22.55 87.71
CA ASN GE 56 83.50 -23.74 86.89
C ASN GE 56 84.96 -24.16 86.82
N LEU GE 57 85.21 -25.44 87.06
CA LEU GE 57 86.56 -26.01 87.05
C LEU GE 57 86.55 -27.30 86.26
N LYS GE 58 87.28 -27.33 85.15
CA LYS GE 58 87.37 -28.51 84.30
C LYS GE 58 88.82 -28.95 84.19
N LEU GE 59 89.04 -30.26 84.18
CA LEU GE 59 90.39 -30.83 84.10
C LEU GE 59 90.39 -31.90 83.01
N ASP GE 60 91.21 -31.70 81.98
CA ASP GE 60 91.29 -32.61 80.85
C ASP GE 60 92.70 -33.16 80.72
N GLN GE 61 92.78 -34.39 80.22
CA GLN GE 61 94.07 -35.05 80.00
C GLN GE 61 93.88 -36.14 78.96
N ALA GE 62 94.48 -35.95 77.78
CA ALA GE 62 94.36 -36.89 76.68
C ALA GE 62 95.67 -37.66 76.52
N ASP GE 63 95.57 -38.99 76.47
CA ASP GE 63 96.74 -39.82 76.31
C ASP GE 63 97.23 -39.78 74.86
N VAL GE 64 98.54 -39.98 74.69
CA VAL GE 64 99.16 -39.94 73.38
C VAL GE 64 99.89 -41.26 73.14
N VAL GE 65 100.09 -41.58 71.87
CA VAL GE 65 100.79 -42.79 71.46
C VAL GE 65 101.75 -42.44 70.33
N ASP GE 66 102.82 -43.22 70.21
CA ASP GE 66 103.84 -42.99 69.21
C ASP GE 66 104.46 -44.32 68.79
N CYS GE 67 104.81 -44.41 67.51
CA CYS GE 67 105.39 -45.62 66.95
C CYS GE 67 106.78 -45.40 66.37
N SER GE 68 107.41 -44.25 66.64
CA SER GE 68 108.73 -44.00 66.08
C SER GE 68 109.81 -44.88 66.70
N THR GE 69 109.50 -45.55 67.81
CA THR GE 69 110.49 -46.42 68.44
C THR GE 69 110.71 -47.70 67.63
N SER GE 70 109.67 -48.20 66.96
CA SER GE 70 109.78 -49.42 66.18
C SER GE 70 109.41 -49.17 64.72
N VAL GE 71 108.22 -48.65 64.49
CA VAL GE 71 107.73 -48.36 63.15
C VAL GE 71 108.50 -47.16 62.60
N CYS GE 72 108.81 -47.19 61.31
CA CYS GE 72 109.59 -46.11 60.72
C CYS GE 72 108.69 -45.01 60.15
N GLY GE 73 107.73 -44.56 60.94
CA GLY GE 73 107.05 -43.31 60.64
C GLY GE 73 105.65 -43.19 61.20
N GLU GE 74 105.51 -42.48 62.32
CA GLU GE 74 104.20 -42.26 62.92
C GLU GE 74 104.32 -41.10 63.90
N LEU GE 75 103.61 -40.01 63.65
CA LEU GE 75 103.64 -38.86 64.53
C LEU GE 75 102.87 -39.17 65.82
N PRO GE 76 103.20 -38.49 66.91
CA PRO GE 76 102.44 -38.68 68.16
C PRO GE 76 100.97 -38.35 67.96
N LYS GE 77 100.11 -39.35 68.19
CA LYS GE 77 98.69 -39.24 67.95
C LYS GE 77 97.92 -39.41 69.25
N VAL GE 78 96.93 -38.56 69.47
CA VAL GE 78 96.11 -38.66 70.67
C VAL GE 78 95.17 -39.85 70.55
N ARG GE 79 94.78 -40.40 71.70
CA ARG GE 79 93.90 -41.55 71.74
C ARG GE 79 92.55 -41.11 72.26
N TYR GE 80 92.27 -41.23 73.55
CA TYR GE 80 91.00 -40.85 74.13
C TYR GE 80 91.11 -39.51 74.84
N THR GE 81 89.96 -38.97 75.23
CA THR GE 81 89.89 -37.70 75.94
C THR GE 81 88.98 -37.84 77.14
N GLN GE 82 89.42 -37.30 78.29
CA GLN GE 82 88.66 -37.37 79.52
C GLN GE 82 88.28 -35.95 79.95
N VAL GE 83 87.02 -35.78 80.35
CA VAL GE 83 86.49 -34.48 80.77
C VAL GE 83 85.94 -34.63 82.17
N TRP GE 84 86.41 -33.77 83.09
CA TRP GE 84 85.96 -33.77 84.48
C TRP GE 84 85.69 -32.31 84.86
N SER GE 85 84.45 -31.86 84.64
CA SER GE 85 84.05 -30.50 84.94
C SER GE 85 83.44 -30.42 86.34
N HIS GE 86 83.27 -29.18 86.82
CA HIS GE 86 82.71 -28.92 88.13
C HIS GE 86 81.71 -27.78 88.02
N ASP GE 87 81.03 -27.50 89.14
CA ASP GE 87 80.05 -26.42 89.19
C ASP GE 87 79.88 -26.03 90.65
N VAL GE 88 80.27 -24.80 90.99
CA VAL GE 88 80.18 -24.28 92.34
C VAL GE 88 79.19 -23.12 92.34
N THR GE 89 78.10 -23.28 93.10
CA THR GE 89 77.06 -22.26 93.22
C THR GE 89 76.93 -21.92 94.71
N ILE GE 90 77.80 -21.04 95.20
CA ILE GE 90 77.81 -20.63 96.59
C ILE GE 90 77.45 -19.15 96.66
N VAL GE 91 76.45 -18.82 97.46
CA VAL GE 91 76.03 -17.43 97.61
C VAL GE 91 77.05 -16.67 98.45
N ALA GE 92 77.08 -15.35 98.27
CA ALA GE 92 78.04 -14.52 98.99
C ALA GE 92 77.71 -14.46 100.49
N ASN GE 93 76.49 -14.03 100.82
CA ASN GE 93 76.06 -13.93 102.21
C ASN GE 93 75.73 -15.34 102.72
N SER GE 94 76.79 -16.05 103.11
CA SER GE 94 76.64 -17.40 103.63
C SER GE 94 77.23 -17.51 105.02
N THR GE 95 77.99 -18.57 105.28
CA THR GE 95 78.62 -18.79 106.58
C THR GE 95 79.99 -19.40 106.37
N GLU GE 96 81.01 -18.80 107.00
CA GLU GE 96 82.37 -19.30 106.87
C GLU GE 96 82.51 -20.69 107.49
N ALA GE 97 81.90 -20.90 108.65
CA ALA GE 97 81.96 -22.21 109.29
C ALA GE 97 81.26 -23.27 108.44
N SER GE 98 80.10 -22.92 107.87
CA SER GE 98 79.39 -23.87 107.01
C SER GE 98 80.20 -24.18 105.76
N ARG GE 99 80.84 -23.17 105.17
CA ARG GE 99 81.66 -23.41 103.99
C ARG GE 99 82.86 -24.29 104.32
N LYS GE 100 83.48 -24.07 105.48
CA LYS GE 100 84.61 -24.90 105.89
C LYS GE 100 84.17 -26.33 106.14
N SER GE 101 83.02 -26.52 106.78
CA SER GE 101 82.51 -27.87 107.01
C SER GE 101 82.19 -28.57 105.69
N LEU GE 102 81.60 -27.84 104.74
CA LEU GE 102 81.31 -28.43 103.44
C LEU GE 102 82.58 -28.81 102.70
N TYR GE 103 83.60 -27.96 102.77
CA TYR GE 103 84.87 -28.27 102.13
C TYR GE 103 85.52 -29.49 102.77
N ASP GE 104 85.46 -29.59 104.10
CA ASP GE 104 86.01 -30.75 104.78
C ASP GE 104 85.26 -32.03 104.41
N LEU GE 105 83.93 -31.94 104.31
CA LEU GE 105 83.15 -33.11 103.91
C LEU GE 105 83.49 -33.53 102.48
N THR GE 106 83.65 -32.56 101.57
CA THR GE 106 84.03 -32.87 100.20
C THR GE 106 85.40 -33.51 100.15
N LYS GE 107 86.36 -32.99 100.92
CA LYS GE 107 87.69 -33.56 100.96
C LYS GE 107 87.67 -34.99 101.50
N SER GE 108 86.86 -35.23 102.53
CA SER GE 108 86.74 -36.58 103.07
C SER GE 108 86.12 -37.55 102.07
N LEU GE 109 85.07 -37.10 101.37
CA LEU GE 109 84.44 -37.94 100.35
C LEU GE 109 85.38 -38.21 99.19
N VAL GE 110 86.26 -37.26 98.87
CA VAL GE 110 87.23 -37.49 97.79
C VAL GE 110 88.31 -38.46 98.24
N ALA GE 111 88.80 -38.30 99.46
CA ALA GE 111 89.89 -39.14 99.96
C ALA GE 111 89.42 -40.51 100.44
N THR GE 112 88.11 -40.73 100.54
CA THR GE 112 87.62 -42.04 100.96
C THR GE 112 87.93 -43.10 99.91
N SER GE 113 87.83 -44.36 100.32
CA SER GE 113 88.14 -45.50 99.47
C SER GE 113 86.96 -45.91 98.60
N GLN GE 114 85.76 -45.41 98.86
CA GLN GE 114 84.59 -45.78 98.08
C GLN GE 114 84.61 -45.15 96.69
N VAL GE 115 84.96 -43.86 96.60
CA VAL GE 115 85.04 -43.21 95.29
C VAL GE 115 86.16 -43.80 94.46
N GLU GE 116 87.28 -44.18 95.09
CA GLU GE 116 88.37 -44.82 94.37
C GLU GE 116 87.92 -46.14 93.75
N ASP GE 117 87.17 -46.94 94.51
CA ASP GE 117 86.65 -48.19 93.97
C ASP GE 117 85.63 -47.94 92.87
N LEU GE 118 84.77 -46.94 93.06
CA LEU GE 118 83.80 -46.58 92.02
C LEU GE 118 84.50 -46.15 90.73
N VAL GE 119 85.65 -45.49 90.85
CA VAL GE 119 86.38 -45.06 89.66
C VAL GE 119 87.10 -46.22 89.00
N VAL GE 120 87.78 -47.05 89.79
CA VAL GE 120 88.59 -48.13 89.26
C VAL GE 120 87.71 -49.28 88.80
N ASN GE 121 87.08 -49.98 89.75
CA ASN GE 121 86.32 -51.19 89.43
C ASN GE 121 84.94 -50.91 88.85
N LEU GE 122 84.57 -49.63 88.69
CA LEU GE 122 83.27 -49.25 88.12
C LEU GE 122 82.11 -49.84 88.91
N VAL GE 123 82.31 -50.05 90.21
CA VAL GE 123 81.27 -50.58 91.08
C VAL GE 123 80.49 -49.42 91.68
N PRO GE 124 79.16 -49.44 91.66
CA PRO GE 124 78.39 -48.32 92.20
C PRO GE 124 78.70 -48.09 93.67
N LEU GE 125 78.70 -46.82 94.07
CA LEU GE 125 79.04 -46.42 95.42
C LEU GE 125 77.98 -46.93 96.39
N GLY GE 126 78.38 -47.76 97.34
CA GLY GE 126 77.46 -48.31 98.32
C GLY GE 126 78.11 -49.34 99.24
N ARG GE 127 78.94 -48.87 100.16
CA ARG GE 127 79.61 -49.75 101.10
C ARG GE 127 79.10 -49.54 102.52
N SER HE 1 81.62 -55.95 100.17
CA SER HE 1 81.07 -56.59 98.99
C SER HE 1 80.90 -58.09 99.19
N LYS HE 2 81.02 -58.84 98.11
CA LYS HE 2 80.81 -60.29 98.13
C LYS HE 2 81.78 -60.93 97.15
N THR HE 3 82.63 -61.82 97.66
CA THR HE 3 83.66 -62.48 96.87
C THR HE 3 83.32 -63.95 96.71
N ILE HE 4 83.56 -64.47 95.50
CA ILE HE 4 83.33 -65.87 95.17
C ILE HE 4 84.63 -66.44 94.60
N VAL HE 5 85.12 -67.51 95.21
CA VAL HE 5 86.36 -68.15 94.79
C VAL HE 5 86.03 -69.42 94.01
N LEU HE 6 86.55 -69.52 92.80
CA LEU HE 6 86.33 -70.68 91.93
C LEU HE 6 87.68 -71.33 91.64
N SER HE 7 87.75 -72.64 91.86
CA SER HE 7 88.97 -73.41 91.66
C SER HE 7 88.89 -74.12 90.30
N VAL HE 8 89.81 -73.78 89.39
CA VAL HE 8 89.84 -74.40 88.08
C VAL HE 8 90.77 -75.62 88.02
N GLY HE 9 91.59 -75.82 89.04
CA GLY HE 9 92.52 -76.95 89.05
C GLY HE 9 93.92 -76.55 89.47
N GLU HE 10 94.43 -75.47 88.88
CA GLU HE 10 95.75 -74.96 89.22
C GLU HE 10 95.74 -73.50 89.68
N ALA HE 11 94.71 -72.73 89.35
CA ALA HE 11 94.58 -71.34 89.76
C ALA HE 11 93.20 -71.10 90.34
N THR HE 12 93.07 -69.99 91.05
CA THR HE 12 91.81 -69.62 91.71
C THR HE 12 91.35 -68.28 91.17
N ARG HE 13 90.12 -68.25 90.66
CA ARG HE 13 89.52 -67.03 90.14
C ARG HE 13 88.59 -66.41 91.18
N THR HE 14 88.52 -65.09 91.18
CA THR HE 14 87.75 -64.33 92.16
C THR HE 14 86.71 -63.48 91.43
N LEU HE 15 85.45 -63.67 91.79
CA LEU HE 15 84.35 -62.87 91.27
C LEU HE 15 83.85 -61.94 92.37
N THR HE 16 83.61 -60.67 92.02
CA THR HE 16 83.22 -59.66 92.99
C THR HE 16 81.83 -59.14 92.65
N GLU HE 17 81.03 -58.93 93.70
CA GLU HE 17 79.70 -58.36 93.53
C GLU HE 17 79.82 -56.90 93.10
N ILE HE 18 79.08 -56.54 92.06
CA ILE HE 18 79.14 -55.21 91.46
C ILE HE 18 77.82 -54.47 91.67
N GLN HE 19 76.71 -55.08 91.27
CA GLN HE 19 75.41 -54.43 91.20
C GLN HE 19 74.47 -55.14 92.18
N SER HE 20 74.59 -54.80 93.47
CA SER HE 20 73.82 -55.45 94.52
C SER HE 20 72.39 -54.95 94.48
N THR HE 21 71.47 -55.80 93.98
CA THR HE 21 70.06 -55.50 93.95
C THR HE 21 69.28 -56.80 94.14
N ALA HE 22 68.07 -56.68 94.69
CA ALA HE 22 67.28 -57.87 95.01
C ALA HE 22 66.86 -58.61 93.73
N ASP HE 23 66.22 -57.91 92.80
CA ASP HE 23 65.70 -58.53 91.60
C ASP HE 23 66.77 -58.80 90.54
N ARG HE 24 68.01 -58.35 90.76
CA ARG HE 24 69.07 -58.58 89.77
C ARG HE 24 70.41 -58.44 90.49
N GLN HE 25 71.12 -59.56 90.63
CA GLN HE 25 72.46 -59.59 91.22
C GLN HE 25 73.47 -59.83 90.11
N ILE HE 26 74.43 -58.92 89.98
CA ILE HE 26 75.42 -58.97 88.91
C ILE HE 26 76.79 -59.16 89.54
N PHE HE 27 77.38 -60.33 89.32
CA PHE HE 27 78.73 -60.61 89.78
C PHE HE 27 79.69 -60.52 88.60
N GLU HE 28 80.85 -59.90 88.82
CA GLU HE 28 81.84 -59.71 87.77
C GLU HE 28 83.21 -60.17 88.24
N GLU HE 29 83.91 -60.90 87.38
CA GLU HE 29 85.23 -61.43 87.70
C GLU HE 29 86.28 -60.34 87.55
N LYS HE 30 87.17 -60.23 88.55
CA LYS HE 30 88.24 -59.23 88.56
C LYS HE 30 89.57 -59.95 88.37
N VAL HE 31 90.14 -59.80 87.18
CA VAL HE 31 91.44 -60.39 86.86
C VAL HE 31 92.31 -59.32 86.21
N GLY HE 32 91.81 -58.71 85.15
CA GLY HE 32 92.53 -57.67 84.44
C GLY HE 32 91.58 -56.69 83.77
N PRO HE 33 91.36 -56.87 82.46
CA PRO HE 33 90.41 -56.00 81.75
C PRO HE 33 88.99 -56.29 82.18
N LEU HE 34 88.30 -55.26 82.69
CA LEU HE 34 86.93 -55.46 83.17
C LEU HE 34 85.96 -55.67 82.02
N VAL HE 35 86.19 -55.01 80.87
CA VAL HE 35 85.32 -55.19 79.72
C VAL HE 35 85.62 -56.53 79.07
N GLY HE 36 84.56 -57.25 78.69
CA GLY HE 36 84.71 -58.56 78.07
C GLY HE 36 85.30 -59.60 79.01
N ARG HE 37 84.66 -59.79 80.17
CA ARG HE 37 85.14 -60.75 81.16
C ARG HE 37 84.03 -61.73 81.53
N LEU HE 38 84.09 -62.25 82.75
CA LEU HE 38 83.11 -63.20 83.24
C LEU HE 38 82.06 -62.48 84.06
N ARG HE 39 80.79 -62.62 83.68
CA ARG HE 39 79.69 -62.00 84.38
C ARG HE 39 78.62 -63.04 84.70
N LEU HE 40 77.91 -62.81 85.79
CA LEU HE 40 76.88 -63.72 86.27
C LEU HE 40 75.67 -62.91 86.73
N THR HE 41 74.50 -63.25 86.20
CA THR HE 41 73.25 -62.58 86.53
C THR HE 41 72.35 -63.55 87.28
N ALA HE 42 71.90 -63.15 88.47
CA ALA HE 42 71.02 -63.96 89.29
C ALA HE 42 69.73 -63.20 89.56
N SER HE 43 68.60 -63.92 89.51
CA SER HE 43 67.30 -63.32 89.75
C SER HE 43 66.42 -64.31 90.48
N LEU HE 44 65.62 -63.81 91.43
CA LEU HE 44 64.69 -64.62 92.20
C LEU HE 44 63.35 -63.88 92.27
N ARG HE 45 62.26 -64.61 92.07
CA ARG HE 45 60.94 -64.01 92.09
C ARG HE 45 59.92 -65.06 92.51
N GLN HE 46 58.64 -64.70 92.39
CA GLN HE 46 57.51 -65.58 92.67
C GLN HE 46 56.78 -65.88 91.36
N ASN HE 47 55.54 -66.36 91.46
CA ASN HE 47 54.75 -66.70 90.30
C ASN HE 47 53.29 -66.83 90.70
N GLY HE 48 52.40 -66.59 89.75
CA GLY HE 48 50.98 -66.79 89.93
C GLY HE 48 50.39 -66.15 91.17
N ALA HE 49 49.85 -66.98 92.06
CA ALA HE 49 49.25 -66.51 93.31
C ALA HE 49 49.99 -67.11 94.49
N LYS HE 50 51.26 -66.74 94.63
CA LYS HE 50 52.11 -67.15 95.75
C LYS HE 50 52.18 -68.67 95.86
N THR HE 51 52.23 -69.35 94.71
CA THR HE 51 52.32 -70.80 94.68
C THR HE 51 53.79 -71.25 94.74
N ALA HE 52 54.49 -71.14 93.62
CA ALA HE 52 55.88 -71.57 93.55
C ALA HE 52 56.81 -70.36 93.45
N TYR HE 53 58.02 -70.57 92.93
CA TYR HE 53 58.99 -69.50 92.75
C TYR HE 53 59.67 -69.66 91.40
N ARG HE 54 60.53 -68.70 91.07
CA ARG HE 54 61.26 -68.71 89.81
C ARG HE 54 62.65 -68.16 90.04
N VAL HE 55 63.66 -68.95 89.70
CA VAL HE 55 65.06 -68.57 89.85
C VAL HE 55 65.72 -68.61 88.47
N ASN HE 56 66.45 -67.55 88.14
CA ASN HE 56 67.14 -67.44 86.87
C ASN HE 56 68.61 -67.19 87.12
N LEU HE 57 69.47 -67.97 86.45
CA LEU HE 57 70.92 -67.86 86.59
C LEU HE 57 71.54 -67.89 85.20
N LYS HE 58 72.20 -66.79 84.82
CA LYS HE 58 72.86 -66.67 83.53
C LYS HE 58 74.34 -66.40 83.73
N LEU HE 59 75.17 -67.00 82.89
CA LEU HE 59 76.62 -66.83 82.96
C LEU HE 59 77.15 -66.49 81.57
N ASP HE 60 77.76 -65.33 81.45
CA ASP HE 60 78.28 -64.84 80.17
C ASP HE 60 79.78 -64.62 80.26
N GLN HE 61 80.46 -64.82 79.13
CA GLN HE 61 81.90 -64.60 79.05
C GLN HE 61 82.27 -64.37 77.60
N ALA HE 62 82.70 -63.15 77.28
CA ALA HE 62 83.06 -62.77 75.93
C ALA HE 62 84.57 -62.66 75.81
N ASP HE 63 85.14 -63.32 74.81
CA ASP HE 63 86.58 -63.28 74.58
C ASP HE 63 86.98 -61.95 73.96
N VAL HE 64 88.21 -61.53 74.25
CA VAL HE 64 88.74 -60.27 73.75
C VAL HE 64 90.02 -60.54 72.97
N VAL HE 65 90.36 -59.62 72.07
CA VAL HE 65 91.56 -59.70 71.26
C VAL HE 65 92.22 -58.34 71.23
N ASP HE 66 93.54 -58.33 71.03
CA ASP HE 66 94.32 -57.11 71.02
C ASP HE 66 95.51 -57.27 70.08
N CYS HE 67 95.85 -56.17 69.39
CA CYS HE 67 96.96 -56.17 68.45
C CYS HE 67 98.07 -55.19 68.82
N SER HE 68 98.05 -54.64 70.03
CA SER HE 68 99.08 -53.68 70.42
C SER HE 68 100.45 -54.32 70.59
N THR HE 69 100.51 -55.66 70.64
CA THR HE 69 101.80 -56.34 70.78
C THR HE 69 102.61 -56.27 69.50
N SER HE 70 101.95 -56.28 68.34
CA SER HE 70 102.65 -56.23 67.06
C SER HE 70 102.20 -55.02 66.24
N VAL HE 71 100.90 -54.91 66.00
CA VAL HE 71 100.35 -53.81 65.22
C VAL HE 71 100.43 -52.54 66.06
N CYS HE 72 100.74 -51.41 65.41
CA CYS HE 72 100.86 -50.20 66.21
C CYS HE 72 99.55 -49.42 66.23
N GLY HE 73 98.47 -50.10 66.62
CA GLY HE 73 97.28 -49.40 67.06
C GLY HE 73 96.00 -50.19 66.91
N GLU HE 74 95.53 -50.78 68.01
CA GLU HE 74 94.27 -51.53 68.00
C GLU HE 74 93.81 -51.70 69.44
N LEU HE 75 92.66 -51.15 69.77
CA LEU HE 75 92.11 -51.26 71.11
C LEU HE 75 91.60 -52.68 71.34
N PRO HE 76 91.55 -53.13 72.60
CA PRO HE 76 90.98 -54.46 72.89
C PRO HE 76 89.54 -54.55 72.42
N LYS HE 77 89.28 -55.49 71.51
CA LYS HE 77 87.99 -55.65 70.88
C LYS HE 77 87.40 -57.02 71.22
N VAL HE 78 86.11 -57.04 71.55
CA VAL HE 78 85.45 -58.30 71.86
C VAL HE 78 85.21 -59.08 70.58
N ARG HE 79 85.14 -60.41 70.70
CA ARG HE 79 84.95 -61.27 69.55
C ARG HE 79 83.55 -61.86 69.64
N TYR HE 80 83.36 -63.05 70.20
CA TYR HE 80 82.07 -63.69 70.30
C TYR HE 80 81.51 -63.55 71.71
N THR HE 81 80.24 -63.91 71.86
CA THR HE 81 79.56 -63.86 73.14
C THR HE 81 78.83 -65.17 73.39
N GLN HE 82 78.95 -65.70 74.60
CA GLN HE 82 78.32 -66.95 74.99
C GLN HE 82 77.30 -66.69 76.09
N VAL HE 83 76.12 -67.28 75.94
CA VAL HE 83 75.02 -67.11 76.89
C VAL HE 83 74.60 -68.48 77.39
N TRP HE 84 74.60 -68.65 78.72
CA TRP HE 84 74.20 -69.90 79.36
C TRP HE 84 73.26 -69.55 80.50
N SER HE 85 71.96 -69.50 80.20
CA SER HE 85 70.93 -69.16 81.18
C SER HE 85 70.36 -70.42 81.81
N HIS HE 86 69.61 -70.23 82.90
CA HIS HE 86 68.99 -71.33 83.62
C HIS HE 86 67.56 -70.94 83.97
N ASP HE 87 66.83 -71.90 84.54
CA ASP HE 87 65.45 -71.68 84.95
C ASP HE 87 65.09 -72.70 86.01
N VAL HE 88 64.84 -72.24 87.24
CA VAL HE 88 64.50 -73.10 88.36
C VAL HE 88 63.07 -72.80 88.79
N THR HE 89 62.20 -73.79 88.68
CA THR HE 89 60.79 -73.68 89.07
C THR HE 89 60.51 -74.75 90.12
N ILE HE 90 60.84 -74.45 91.37
CA ILE HE 90 60.65 -75.36 92.48
C ILE HE 90 59.61 -74.76 93.42
N VAL HE 91 58.57 -75.54 93.74
CA VAL HE 91 57.53 -75.07 94.64
C VAL HE 91 58.05 -75.06 96.07
N ALA HE 92 57.42 -74.23 96.91
CA ALA HE 92 57.85 -74.12 98.30
C ALA HE 92 57.53 -75.41 99.08
N ASN HE 93 56.26 -75.80 99.09
CA ASN HE 93 55.83 -77.00 99.81
C ASN HE 93 56.24 -78.23 98.99
N SER HE 94 57.51 -78.60 99.12
CA SER HE 94 58.04 -79.76 98.41
C SER HE 94 58.60 -80.77 99.39
N THR HE 95 59.80 -81.30 99.09
CA THR HE 95 60.44 -82.28 99.95
C THR HE 95 61.95 -82.04 99.95
N GLU HE 96 62.53 -81.95 101.14
CA GLU HE 96 63.97 -81.70 101.24
C GLU HE 96 64.76 -82.87 100.68
N ALA HE 97 64.34 -84.10 100.97
CA ALA HE 97 65.04 -85.27 100.45
C ALA HE 97 64.94 -85.33 98.93
N SER HE 98 63.77 -85.01 98.37
CA SER HE 98 63.61 -85.00 96.92
C SER HE 98 64.48 -83.92 96.28
N ARG HE 99 64.53 -82.75 96.91
CA ARG HE 99 65.37 -81.67 96.38
C ARG HE 99 66.84 -82.06 96.43
N LYS HE 100 67.27 -82.70 97.51
CA LYS HE 100 68.67 -83.13 97.62
C LYS HE 100 68.99 -84.19 96.57
N SER HE 101 68.07 -85.13 96.35
CA SER HE 101 68.29 -86.15 95.33
C SER HE 101 68.35 -85.54 93.95
N LEU HE 102 67.49 -84.56 93.67
CA LEU HE 102 67.51 -83.89 92.37
C LEU HE 102 68.82 -83.12 92.18
N TYR HE 103 69.29 -82.44 93.23
CA TYR HE 103 70.55 -81.73 93.13
C TYR HE 103 71.72 -82.68 92.91
N ASP HE 104 71.71 -83.83 93.59
CA ASP HE 104 72.76 -84.82 93.39
C ASP HE 104 72.73 -85.38 91.97
N LEU HE 105 71.52 -85.64 91.44
CA LEU HE 105 71.42 -86.12 90.06
C LEU HE 105 71.92 -85.09 89.07
N THR HE 106 71.59 -83.81 89.30
CA THR HE 106 72.07 -82.76 88.42
C THR HE 106 73.59 -82.63 88.48
N LYS HE 107 74.16 -82.73 89.69
CA LYS HE 107 75.61 -82.67 89.83
C LYS HE 107 76.28 -83.85 89.13
N SER HE 108 75.69 -85.03 89.24
CA SER HE 108 76.26 -86.20 88.56
C SER HE 108 76.18 -86.04 87.04
N LEU HE 109 75.05 -85.55 86.53
CA LEU HE 109 74.91 -85.35 85.10
C LEU HE 109 75.86 -84.27 84.59
N VAL HE 110 76.16 -83.27 85.43
CA VAL HE 110 77.12 -82.23 85.02
C VAL HE 110 78.54 -82.78 85.02
N ALA HE 111 78.89 -83.56 86.06
CA ALA HE 111 80.25 -84.07 86.19
C ALA HE 111 80.51 -85.29 85.31
N THR HE 112 79.49 -85.87 84.69
CA THR HE 112 79.69 -87.02 83.82
C THR HE 112 80.48 -86.62 82.58
N SER HE 113 81.02 -87.63 81.89
CA SER HE 113 81.84 -87.42 80.71
C SER HE 113 81.02 -87.26 79.43
N GLN HE 114 79.73 -87.57 79.47
CA GLN HE 114 78.88 -87.45 78.28
C GLN HE 114 78.60 -86.01 77.92
N VAL HE 115 78.27 -85.16 78.91
CA VAL HE 115 78.02 -83.76 78.64
C VAL HE 115 79.29 -83.06 78.18
N GLU HE 116 80.45 -83.45 78.74
CA GLU HE 116 81.71 -82.87 78.29
C GLU HE 116 81.97 -83.18 76.82
N ASP HE 117 81.70 -84.42 76.40
CA ASP HE 117 81.87 -84.77 74.99
C ASP HE 117 80.86 -84.04 74.12
N LEU HE 118 79.61 -83.93 74.59
CA LEU HE 118 78.60 -83.17 73.86
C LEU HE 118 79.00 -81.72 73.68
N VAL HE 119 79.68 -81.14 74.67
CA VAL HE 119 80.09 -79.74 74.58
C VAL HE 119 81.30 -79.60 73.65
N VAL HE 120 82.29 -80.47 73.81
CA VAL HE 120 83.54 -80.36 73.05
C VAL HE 120 83.33 -80.82 71.61
N ASN HE 121 83.13 -82.13 71.43
CA ASN HE 121 83.05 -82.71 70.09
C ASN HE 121 81.71 -82.49 69.40
N LEU HE 122 80.77 -81.82 70.06
CA LEU HE 122 79.45 -81.52 69.48
C LEU HE 122 78.72 -82.80 69.07
N VAL HE 123 79.01 -83.91 69.75
CA VAL HE 123 78.36 -85.19 69.47
C VAL HE 123 77.10 -85.30 70.34
N PRO HE 124 75.96 -85.68 69.77
CA PRO HE 124 74.74 -85.77 70.58
C PRO HE 124 74.90 -86.75 71.73
N LEU HE 125 74.26 -86.42 72.85
CA LEU HE 125 74.37 -87.22 74.07
C LEU HE 125 73.69 -88.58 73.85
N GLY HE 126 74.46 -89.65 73.98
CA GLY HE 126 73.92 -90.99 73.80
C GLY HE 126 74.98 -92.06 73.86
N ARG HE 127 75.48 -92.34 75.06
CA ARG HE 127 76.50 -93.36 75.26
C ARG HE 127 75.95 -94.55 76.04
N SER IE 1 71.08 -92.80 67.85
CA SER IE 1 71.36 -92.28 66.52
C SER IE 1 71.79 -93.38 65.56
N LYS IE 2 72.62 -93.03 64.59
CA LYS IE 2 73.05 -93.95 63.54
C LYS IE 2 74.49 -93.64 63.19
N THR IE 3 75.37 -94.64 63.36
CA THR IE 3 76.80 -94.48 63.13
C THR IE 3 77.21 -95.28 61.89
N ILE IE 4 78.09 -94.69 61.10
CA ILE IE 4 78.61 -95.31 59.89
C ILE IE 4 80.14 -95.29 59.97
N VAL IE 5 80.76 -96.45 59.87
CA VAL IE 5 82.21 -96.58 59.96
C VAL IE 5 82.78 -96.78 58.56
N LEU IE 6 83.72 -95.92 58.18
CA LEU IE 6 84.36 -95.98 56.88
C LEU IE 6 85.86 -96.23 57.07
N SER IE 7 86.39 -97.23 56.37
CA SER IE 7 87.79 -97.61 56.47
C SER IE 7 88.55 -97.01 55.29
N VAL IE 8 89.51 -96.14 55.59
CA VAL IE 8 90.32 -95.51 54.54
C VAL IE 8 91.60 -96.28 54.25
N GLY IE 9 91.98 -97.22 55.10
CA GLY IE 9 93.20 -97.99 54.91
C GLY IE 9 94.00 -98.12 56.18
N GLU IE 10 94.21 -97.00 56.87
CA GLU IE 10 94.94 -96.99 58.14
C GLU IE 10 94.13 -96.42 59.30
N ALA IE 11 93.10 -95.63 59.04
CA ALA IE 11 92.25 -95.06 60.08
C ALA IE 11 90.80 -95.31 59.74
N THR IE 12 89.93 -95.14 60.74
CA THR IE 12 88.50 -95.37 60.59
C THR IE 12 87.75 -94.07 60.91
N ARG IE 13 86.93 -93.61 59.98
CA ARG IE 13 86.13 -92.42 60.16
C ARG IE 13 84.71 -92.79 60.55
N THR IE 14 84.10 -91.94 61.37
CA THR IE 14 82.75 -92.19 61.91
C THR IE 14 81.84 -91.05 61.51
N LEU IE 15 80.74 -91.39 60.83
CA LEU IE 15 79.70 -90.44 60.46
C LEU IE 15 78.47 -90.68 61.32
N THR IE 16 77.89 -89.60 61.84
CA THR IE 16 76.75 -89.68 62.75
C THR IE 16 75.53 -89.04 62.13
N GLU IE 17 74.38 -89.69 62.33
CA GLU IE 17 73.12 -89.13 61.85
C GLU IE 17 72.76 -87.88 62.64
N ILE IE 18 72.40 -86.81 61.93
CA ILE IE 18 72.15 -85.50 62.51
C ILE IE 18 70.70 -85.05 62.33
N GLN IE 19 70.17 -85.18 61.12
CA GLN IE 19 68.85 -84.67 60.77
C GLN IE 19 68.01 -85.84 60.25
N SER IE 20 67.46 -86.62 61.19
CA SER IE 20 66.68 -87.81 60.86
C SER IE 20 65.32 -87.40 60.33
N THR IE 21 65.13 -87.52 59.01
CA THR IE 21 63.85 -87.26 58.38
C THR IE 21 63.70 -88.20 57.19
N ALA IE 22 62.44 -88.49 56.85
CA ALA IE 22 62.17 -89.45 55.78
C ALA IE 22 62.63 -88.92 54.43
N ASP IE 23 62.19 -87.73 54.05
CA ASP IE 23 62.49 -87.18 52.74
C ASP IE 23 63.89 -86.58 52.65
N ARG IE 24 64.63 -86.52 53.75
CA ARG IE 24 65.97 -85.93 53.73
C ARG IE 24 66.74 -86.46 54.94
N GLN IE 25 67.73 -87.31 54.69
CA GLN IE 25 68.61 -87.84 55.74
C GLN IE 25 69.98 -87.17 55.61
N ILE IE 26 70.42 -86.52 56.68
CA ILE IE 26 71.67 -85.77 56.69
C ILE IE 26 72.62 -86.44 57.66
N PHE IE 27 73.69 -87.04 57.13
CA PHE IE 27 74.74 -87.62 57.95
C PHE IE 27 75.94 -86.69 57.97
N GLU IE 28 76.54 -86.52 59.14
CA GLU IE 28 77.69 -85.62 59.31
C GLU IE 28 78.82 -86.34 60.03
N GLU IE 29 80.04 -86.16 59.53
CA GLU IE 29 81.21 -86.81 60.11
C GLU IE 29 81.66 -86.04 61.35
N LYS IE 30 81.95 -86.78 62.42
CA LYS IE 30 82.40 -86.21 63.68
C LYS IE 30 83.87 -86.56 63.88
N VAL IE 31 84.75 -85.56 63.71
CA VAL IE 31 86.18 -85.75 63.92
C VAL IE 31 86.70 -84.60 64.79
N GLY IE 32 86.44 -83.37 64.36
CA GLY IE 32 86.86 -82.20 65.08
C GLY IE 32 85.95 -81.02 64.85
N PRO IE 33 86.34 -80.12 63.94
CA PRO IE 33 85.48 -78.98 63.60
C PRO IE 33 84.27 -79.44 62.81
N LEU IE 34 83.08 -79.15 63.34
CA LEU IE 34 81.85 -79.58 62.68
C LEU IE 34 81.59 -78.79 61.41
N VAL IE 35 81.95 -77.51 61.39
CA VAL IE 35 81.76 -76.69 60.19
C VAL IE 35 82.83 -77.06 59.16
N GLY IE 36 82.41 -77.18 57.91
CA GLY IE 36 83.34 -77.53 56.84
C GLY IE 36 83.88 -78.93 56.98
N ARG IE 37 82.99 -79.93 57.06
CA ARG IE 37 83.40 -81.32 57.21
C ARG IE 37 82.77 -82.19 56.13
N LEU IE 38 82.56 -83.45 56.44
CA LEU IE 38 81.96 -84.41 55.50
C LEU IE 38 80.48 -84.53 55.79
N ARG IE 39 79.65 -84.27 54.77
CA ARG IE 39 78.21 -84.38 54.89
C ARG IE 39 77.65 -85.23 53.76
N LEU IE 40 76.55 -85.91 54.06
CA LEU IE 40 75.90 -86.81 53.11
C LEU IE 40 74.39 -86.61 53.18
N THR IE 41 73.78 -86.36 52.02
CA THR IE 41 72.34 -86.14 51.91
C THR IE 41 71.73 -87.30 51.13
N ALA IE 42 70.73 -87.94 51.73
CA ALA IE 42 70.02 -89.06 51.12
C ALA IE 42 68.55 -88.74 51.00
N SER IE 43 67.96 -89.11 49.87
CA SER IE 43 66.54 -88.86 49.63
C SER IE 43 65.95 -90.02 48.85
N LEU IE 44 64.72 -90.39 49.19
CA LEU IE 44 63.99 -91.46 48.52
C LEU IE 44 62.56 -91.00 48.27
N ARG IE 45 62.06 -91.27 47.06
CA ARG IE 45 60.71 -90.84 46.71
C ARG IE 45 60.16 -91.78 45.64
N GLN IE 46 59.00 -91.42 45.10
CA GLN IE 46 58.34 -92.13 44.02
C GLN IE 46 58.38 -91.29 42.75
N ASN IE 47 57.53 -91.63 41.79
CA ASN IE 47 57.48 -90.90 40.52
C ASN IE 47 56.19 -91.25 39.80
N GLY IE 48 55.73 -90.31 38.98
CA GLY IE 48 54.57 -90.53 38.11
C GLY IE 48 53.35 -91.05 38.81
N ALA IE 49 52.91 -92.25 38.41
CA ALA IE 49 51.73 -92.89 38.99
C ALA IE 49 52.12 -94.22 39.63
N LYS IE 50 52.95 -94.14 40.67
CA LYS IE 50 53.39 -95.30 41.46
C LYS IE 50 54.04 -96.35 40.56
N THR IE 51 54.81 -95.88 39.57
CA THR IE 51 55.52 -96.80 38.67
C THR IE 51 56.87 -97.19 39.24
N ALA IE 52 57.85 -96.28 39.16
CA ALA IE 52 59.19 -96.55 39.66
C ALA IE 52 59.48 -95.74 40.91
N TYR IE 53 60.76 -95.52 41.20
CA TYR IE 53 61.17 -94.76 42.36
C TYR IE 53 62.33 -93.85 41.97
N ARG IE 54 62.76 -93.01 42.93
CA ARG IE 54 63.84 -92.07 42.70
C ARG IE 54 64.66 -91.96 43.98
N VAL IE 55 65.96 -92.24 43.87
CA VAL IE 55 66.88 -92.16 45.00
C VAL IE 55 67.97 -91.16 44.65
N ASN IE 56 68.25 -90.26 45.60
CA ASN IE 56 69.27 -89.24 45.41
C ASN IE 56 70.28 -89.33 46.56
N LEU IE 57 71.56 -89.34 46.20
CA LEU IE 57 72.64 -89.44 47.18
C LEU IE 57 73.71 -88.41 46.82
N LYS IE 58 73.94 -87.45 47.71
CA LYS IE 58 74.93 -86.41 47.51
C LYS IE 58 75.94 -86.44 48.64
N LEU IE 59 77.21 -86.21 48.31
CA LEU IE 59 78.29 -86.22 49.29
C LEU IE 59 79.11 -84.96 49.11
N ASP IE 60 79.18 -84.14 50.16
CA ASP IE 60 79.91 -82.88 50.13
C ASP IE 60 80.99 -82.86 51.18
N GLN IE 61 82.07 -82.14 50.87
CA GLN IE 61 83.20 -82.01 51.80
C GLN IE 61 83.97 -80.75 51.43
N ALA IE 62 83.93 -79.75 52.31
CA ALA IE 62 84.60 -78.47 52.09
C ALA IE 62 85.83 -78.37 52.96
N ASP IE 63 86.97 -78.06 52.36
CA ASP IE 63 88.22 -77.91 53.10
C ASP IE 63 88.22 -76.60 53.88
N VAL IE 64 88.93 -76.60 55.00
CA VAL IE 64 89.04 -75.44 55.86
C VAL IE 64 90.50 -75.07 56.03
N VAL IE 65 90.74 -73.80 56.37
CA VAL IE 65 92.08 -73.28 56.60
C VAL IE 65 92.05 -72.41 57.85
N ASP IE 66 93.20 -72.30 58.51
CA ASP IE 66 93.33 -71.56 59.75
C ASP IE 66 94.74 -70.98 59.84
N CYS IE 67 94.82 -69.77 60.41
CA CYS IE 67 96.10 -69.08 60.58
C CYS IE 67 96.44 -68.80 62.03
N SER IE 68 95.73 -69.38 62.99
CA SER IE 68 96.01 -69.11 64.40
C SER IE 68 97.34 -69.71 64.85
N THR IE 69 97.94 -70.59 64.04
CA THR IE 69 99.21 -71.18 64.42
C THR IE 69 100.36 -70.19 64.28
N SER IE 70 100.27 -69.27 63.31
CA SER IE 70 101.33 -68.29 63.10
C SER IE 70 100.77 -66.87 63.21
N VAL IE 71 99.75 -66.55 62.42
CA VAL IE 71 99.13 -65.23 62.43
C VAL IE 71 98.33 -65.08 63.72
N CYS IE 72 98.35 -63.87 64.27
CA CYS IE 72 97.66 -63.65 65.54
C CYS IE 72 96.23 -63.17 65.31
N GLY IE 73 95.48 -63.87 64.45
CA GLY IE 73 94.04 -63.73 64.45
C GLY IE 73 93.39 -64.07 63.12
N GLU IE 74 92.82 -65.27 63.03
CA GLU IE 74 92.11 -65.69 61.82
C GLU IE 74 91.25 -66.89 62.16
N LEU IE 75 89.94 -66.74 62.03
CA LEU IE 75 89.02 -67.83 62.31
C LEU IE 75 89.11 -68.89 61.21
N PRO IE 76 88.76 -70.14 61.52
CA PRO IE 76 88.74 -71.18 60.49
C PRO IE 76 87.79 -70.82 59.36
N LYS IE 77 88.33 -70.70 58.16
CA LYS IE 77 87.58 -70.26 56.98
C LYS IE 77 87.56 -71.36 55.95
N VAL IE 78 86.38 -71.59 55.36
CA VAL IE 78 86.24 -72.60 54.31
C VAL IE 78 86.88 -72.09 53.02
N ARG IE 79 87.34 -73.02 52.19
CA ARG IE 79 87.99 -72.69 50.94
C ARG IE 79 87.07 -73.06 49.80
N TYR IE 80 87.19 -74.24 49.21
CA TYR IE 80 86.36 -74.67 48.09
C TYR IE 80 85.30 -75.65 48.58
N THR IE 81 84.36 -75.95 47.68
CA THR IE 81 83.27 -76.86 47.98
C THR IE 81 83.14 -77.86 46.83
N GLN IE 82 82.99 -79.14 47.17
CA GLN IE 82 82.85 -80.21 46.19
C GLN IE 82 81.47 -80.84 46.33
N VAL IE 83 80.81 -81.06 45.20
CA VAL IE 83 79.48 -81.64 45.15
C VAL IE 83 79.51 -82.88 44.27
N TRP IE 84 79.07 -84.01 44.82
CA TRP IE 84 79.01 -85.29 44.11
C TRP IE 84 77.64 -85.90 44.36
N SER IE 85 76.68 -85.59 43.51
CA SER IE 85 75.32 -86.09 43.63
C SER IE 85 75.14 -87.36 42.80
N HIS IE 86 74.02 -88.04 43.04
CA HIS IE 86 73.68 -89.26 42.34
C HIS IE 86 72.22 -89.24 41.95
N ASP IE 87 71.81 -90.26 41.19
CA ASP IE 87 70.42 -90.37 40.75
C ASP IE 87 70.15 -91.84 40.42
N VAL IE 88 69.27 -92.47 41.18
CA VAL IE 88 68.92 -93.87 40.99
C VAL IE 88 67.46 -93.95 40.59
N THR IE 89 67.21 -94.46 39.39
CA THR IE 89 65.85 -94.63 38.85
C THR IE 89 65.66 -96.10 38.52
N ILE IE 90 65.31 -96.89 39.53
CA ILE IE 90 65.11 -98.33 39.39
C ILE IE 90 63.64 -98.63 39.66
N VAL IE 91 63.00 -99.32 38.72
CA VAL IE 91 61.59 -99.67 38.87
C VAL IE 91 61.46 -100.80 39.89
N ALA IE 92 60.27 -100.90 40.50
CA ALA IE 92 60.03 -101.93 41.50
C ALA IE 92 60.00 -103.31 40.88
N ASN IE 93 59.13 -103.53 39.91
CA ASN IE 93 59.01 -104.83 39.23
C ASN IE 93 60.18 -104.98 38.27
N SER IE 94 61.32 -105.38 38.82
CA SER IE 94 62.53 -105.59 38.02
C SER IE 94 63.04 -107.01 38.18
N THR IE 95 64.34 -107.17 38.37
CA THR IE 95 64.96 -108.48 38.54
C THR IE 95 66.07 -108.38 39.55
N GLU IE 96 66.05 -109.27 40.55
CA GLU IE 96 67.08 -109.25 41.58
C GLU IE 96 68.45 -109.60 41.00
N ALA IE 97 68.51 -110.58 40.10
CA ALA IE 97 69.77 -110.94 39.48
C ALA IE 97 70.33 -109.80 38.63
N SER IE 98 69.45 -109.13 37.88
CA SER IE 98 69.88 -108.00 37.07
C SER IE 98 70.37 -106.85 37.94
N ARG IE 99 69.68 -106.59 39.06
CA ARG IE 99 70.12 -105.53 39.96
C ARG IE 99 71.46 -105.87 40.59
N LYS IE 100 71.67 -107.14 40.96
CA LYS IE 100 72.95 -107.55 41.53
C LYS IE 100 74.07 -107.43 40.51
N SER IE 101 73.81 -107.82 39.25
CA SER IE 101 74.81 -107.69 38.21
C SER IE 101 75.14 -106.22 37.95
N LEU IE 102 74.13 -105.35 37.95
CA LEU IE 102 74.38 -103.94 37.74
C LEU IE 102 75.19 -103.35 38.89
N TYR IE 103 74.88 -103.75 40.13
CA TYR IE 103 75.65 -103.27 41.27
C TYR IE 103 77.10 -103.75 41.21
N ASP IE 104 77.31 -105.01 40.79
CA ASP IE 104 78.66 -105.52 40.66
C ASP IE 104 79.43 -104.78 39.57
N LEU IE 105 78.77 -104.48 38.44
CA LEU IE 105 79.41 -103.74 37.38
C LEU IE 105 79.77 -102.33 37.84
N THR IE 106 78.87 -101.68 38.59
CA THR IE 106 79.16 -100.35 39.11
C THR IE 106 80.33 -100.39 40.09
N LYS IE 107 80.37 -101.40 40.96
CA LYS IE 107 81.47 -101.53 41.90
C LYS IE 107 82.78 -101.75 41.18
N SER IE 108 82.77 -102.57 40.12
CA SER IE 108 83.99 -102.81 39.35
C SER IE 108 84.45 -101.54 38.64
N LEU IE 109 83.52 -100.79 38.06
CA LEU IE 109 83.88 -99.54 37.39
C LEU IE 109 84.40 -98.51 38.39
N VAL IE 110 83.91 -98.53 39.62
CA VAL IE 110 84.40 -97.60 40.63
C VAL IE 110 85.79 -98.01 41.10
N ALA IE 111 86.00 -99.31 41.32
CA ALA IE 111 87.28 -99.80 41.82
C ALA IE 111 88.36 -99.90 40.75
N THR IE 112 88.00 -99.75 39.46
CA THR IE 112 89.00 -99.81 38.41
C THR IE 112 89.96 -98.63 38.50
N SER IE 113 91.09 -98.76 37.81
CA SER IE 113 92.14 -97.75 37.82
C SER IE 113 91.90 -96.64 36.81
N GLN IE 114 90.96 -96.81 35.89
CA GLN IE 114 90.68 -95.78 34.89
C GLN IE 114 89.97 -94.57 35.48
N VAL IE 115 88.97 -94.80 36.33
CA VAL IE 115 88.27 -93.67 36.97
C VAL IE 115 89.19 -92.93 37.92
N GLU IE 116 90.09 -93.66 38.60
CA GLU IE 116 91.05 -92.99 39.48
C GLU IE 116 91.97 -92.07 38.69
N ASP IE 117 92.44 -92.52 37.53
CA ASP IE 117 93.27 -91.66 36.69
C ASP IE 117 92.48 -90.48 36.14
N LEU IE 118 91.23 -90.73 35.74
CA LEU IE 118 90.37 -89.63 35.27
C LEU IE 118 90.15 -88.58 36.36
N VAL IE 119 90.07 -89.02 37.62
CA VAL IE 119 89.85 -88.08 38.71
C VAL IE 119 91.15 -87.32 39.04
N VAL IE 120 92.27 -88.03 39.11
CA VAL IE 120 93.53 -87.43 39.53
C VAL IE 120 94.12 -86.61 38.38
N ASN IE 121 94.57 -87.28 37.32
CA ASN IE 121 95.28 -86.63 36.23
C ASN IE 121 94.37 -85.90 35.27
N LEU IE 122 93.05 -85.93 35.49
CA LEU IE 122 92.07 -85.25 34.63
C LEU IE 122 92.17 -85.71 33.17
N VAL IE 123 92.61 -86.95 32.96
CA VAL IE 123 92.73 -87.52 31.63
C VAL IE 123 91.41 -88.20 31.27
N PRO IE 124 90.86 -87.97 30.09
CA PRO IE 124 89.58 -88.60 29.73
C PRO IE 124 89.67 -90.11 29.77
N LEU IE 125 88.58 -90.75 30.18
CA LEU IE 125 88.53 -92.20 30.33
C LEU IE 125 88.63 -92.86 28.95
N GLY IE 126 89.65 -93.67 28.76
CA GLY IE 126 89.86 -94.36 27.50
C GLY IE 126 91.15 -95.13 27.44
N ARG IE 127 91.21 -96.25 28.15
CA ARG IE 127 92.40 -97.10 28.17
C ARG IE 127 92.15 -98.43 27.47
N SER JE 1 98.92 -95.32 27.62
CA SER JE 1 99.08 -93.95 27.15
C SER JE 1 100.37 -93.81 26.33
N LYS JE 2 100.95 -92.61 26.39
CA LYS JE 2 102.14 -92.28 25.59
C LYS JE 2 103.01 -91.34 26.42
N THR JE 3 104.24 -91.77 26.68
CA THR JE 3 105.18 -91.01 27.51
C THR JE 3 106.31 -90.48 26.64
N ILE JE 4 106.72 -89.24 26.92
CA ILE JE 4 107.81 -88.58 26.22
C ILE JE 4 108.81 -88.11 27.25
N VAL JE 5 110.07 -88.52 27.11
CA VAL JE 5 111.13 -88.17 28.04
C VAL JE 5 112.00 -87.10 27.41
N LEU JE 6 112.16 -85.98 28.11
CA LEU JE 6 112.98 -84.86 27.65
C LEU JE 6 114.12 -84.64 28.63
N SER JE 7 115.34 -84.57 28.11
CA SER JE 7 116.54 -84.39 28.92
C SER JE 7 116.95 -82.92 28.86
N VAL JE 8 116.94 -82.27 30.03
CA VAL JE 8 117.33 -80.86 30.11
C VAL JE 8 118.81 -80.68 30.43
N GLY JE 9 119.50 -81.74 30.85
CA GLY JE 9 120.91 -81.64 31.20
C GLY JE 9 121.23 -82.35 32.49
N GLU JE 10 120.43 -82.10 33.54
CA GLU JE 10 120.61 -82.73 34.83
C GLU JE 10 119.38 -83.50 35.31
N ALA JE 11 118.20 -83.18 34.79
CA ALA JE 11 116.96 -83.87 35.15
C ALA JE 11 116.21 -84.28 33.90
N THR JE 12 115.26 -85.18 34.06
CA THR JE 12 114.46 -85.70 32.96
C THR JE 12 112.99 -85.40 33.23
N ARG JE 13 112.35 -84.74 32.28
CA ARG JE 13 110.93 -84.42 32.38
C ARG JE 13 110.11 -85.41 31.56
N THR JE 14 108.90 -85.70 32.05
CA THR JE 14 108.02 -86.68 31.45
C THR JE 14 106.71 -86.02 31.05
N LEU JE 15 106.36 -86.12 29.77
CA LEU JE 15 105.09 -85.64 29.25
C LEU JE 15 104.19 -86.83 28.93
N THR JE 16 102.93 -86.74 29.33
CA THR JE 16 101.97 -87.83 29.18
C THR JE 16 100.85 -87.41 28.24
N GLU JE 17 100.45 -88.34 27.37
CA GLU JE 17 99.33 -88.10 26.47
C GLU JE 17 98.02 -88.03 27.27
N ILE JE 18 97.25 -86.99 27.01
CA ILE JE 18 96.02 -86.72 27.75
C ILE JE 18 94.79 -86.87 26.85
N GLN JE 19 94.79 -86.19 25.70
CA GLN JE 19 93.62 -86.08 24.83
C GLN JE 19 93.96 -86.72 23.50
N SER JE 20 93.88 -88.04 23.44
CA SER JE 20 94.25 -88.81 22.25
C SER JE 20 93.17 -88.66 21.19
N THR JE 21 93.45 -87.86 20.17
CA THR JE 21 92.55 -87.68 19.04
C THR JE 21 93.38 -87.46 17.78
N ALA JE 22 92.80 -87.83 16.64
CA ALA JE 22 93.54 -87.75 15.37
C ALA JE 22 93.84 -86.30 15.00
N ASP JE 23 92.81 -85.46 14.95
CA ASP JE 23 92.98 -84.08 14.51
C ASP JE 23 93.55 -83.17 15.58
N ARG JE 24 93.75 -83.67 16.80
CA ARG JE 24 94.28 -82.83 17.88
C ARG JE 24 94.86 -83.76 18.95
N GLN JE 25 96.18 -83.75 19.09
CA GLN JE 25 96.87 -84.51 20.11
C GLN JE 25 97.40 -83.54 21.17
N ILE JE 26 97.01 -83.75 22.42
CA ILE JE 26 97.34 -82.87 23.52
C ILE JE 26 98.20 -83.65 24.50
N PHE JE 27 99.48 -83.28 24.60
CA PHE JE 27 100.40 -83.84 25.57
C PHE JE 27 100.58 -82.87 26.73
N GLU JE 28 100.59 -83.40 27.95
CA GLU JE 28 100.71 -82.59 29.15
C GLU JE 28 101.80 -83.14 30.05
N GLU JE 29 102.63 -82.25 30.58
CA GLU JE 29 103.74 -82.66 31.45
C GLU JE 29 103.22 -82.91 32.85
N LYS JE 30 103.65 -84.02 33.45
CA LYS JE 30 103.25 -84.42 34.79
C LYS JE 30 104.45 -84.27 35.71
N VAL JE 31 104.43 -83.24 36.57
CA VAL JE 31 105.48 -83.02 37.55
C VAL JE 31 104.84 -82.75 38.90
N GLY JE 32 103.93 -81.78 38.95
CA GLY JE 32 103.24 -81.44 40.17
C GLY JE 32 101.86 -80.86 39.90
N PRO JE 33 101.75 -79.54 39.92
CA PRO JE 33 100.46 -78.89 39.62
C PRO JE 33 100.14 -79.02 38.14
N LEU JE 34 98.99 -79.64 37.84
CA LEU JE 34 98.62 -79.85 36.45
C LEU JE 34 98.22 -78.55 35.77
N VAL JE 35 97.59 -77.63 36.51
CA VAL JE 35 97.21 -76.35 35.93
C VAL JE 35 98.45 -75.47 35.79
N GLY JE 36 98.56 -74.79 34.66
CA GLY JE 36 99.71 -73.92 34.40
C GLY JE 36 101.01 -74.69 34.27
N ARG JE 37 101.04 -75.67 33.37
CA ARG JE 37 102.23 -76.48 33.16
C ARG JE 37 102.66 -76.46 31.70
N LEU JE 38 103.30 -77.52 31.25
CA LEU JE 38 103.78 -77.63 29.88
C LEU JE 38 102.77 -78.44 29.06
N ARG JE 39 102.28 -77.84 27.97
CA ARG JE 39 101.34 -78.48 27.09
C ARG JE 39 101.81 -78.40 25.65
N LEU JE 40 101.45 -79.40 24.87
CA LEU JE 40 101.85 -79.50 23.47
C LEU JE 40 100.67 -79.94 22.63
N THR JE 41 100.37 -79.19 21.58
CA THR JE 41 99.26 -79.46 20.68
C THR JE 41 99.82 -79.83 19.31
N ALA JE 42 99.42 -80.99 18.81
CA ALA JE 42 99.85 -81.48 17.50
C ALA JE 42 98.64 -81.71 16.61
N SER JE 43 98.76 -81.33 15.34
CA SER JE 43 97.69 -81.50 14.38
C SER JE 43 98.27 -81.86 13.02
N LEU JE 44 97.59 -82.75 12.31
CA LEU JE 44 97.99 -83.17 10.97
C LEU JE 44 96.75 -83.20 10.08
N ARG JE 45 96.89 -82.68 8.86
CA ARG JE 45 95.77 -82.64 7.94
C ARG JE 45 96.30 -82.64 6.52
N GLN JE 46 95.39 -82.42 5.56
CA GLN JE 46 95.70 -82.33 4.14
C GLN JE 46 95.47 -80.89 3.68
N ASN JE 47 95.36 -80.71 2.37
CA ASN JE 47 95.15 -79.38 1.80
C ASN JE 47 94.67 -79.52 0.36
N GLY JE 48 93.92 -78.52 -0.10
CA GLY JE 48 93.50 -78.44 -1.48
C GLY JE 48 92.83 -79.69 -2.03
N ALA JE 49 93.45 -80.27 -3.05
CA ALA JE 49 92.93 -81.49 -3.68
C ALA JE 49 93.94 -82.61 -3.55
N LYS JE 50 94.20 -83.02 -2.30
CA LYS JE 50 95.09 -84.13 -1.98
C LYS JE 50 96.48 -83.91 -2.56
N THR JE 51 96.95 -82.66 -2.54
CA THR JE 51 98.28 -82.33 -3.04
C THR JE 51 99.33 -82.52 -1.95
N ALA JE 52 99.41 -81.57 -1.03
CA ALA JE 52 100.39 -81.62 0.05
C ALA JE 52 99.72 -81.92 1.38
N TYR JE 53 100.38 -81.56 2.48
CA TYR JE 53 99.85 -81.77 3.81
C TYR JE 53 100.12 -80.54 4.66
N ARG JE 54 99.61 -80.56 5.89
CA ARG JE 54 99.77 -79.46 6.82
C ARG JE 54 99.93 -80.01 8.23
N VAL JE 55 101.04 -79.66 8.88
CA VAL JE 55 101.34 -80.09 10.23
C VAL JE 55 101.50 -78.86 11.11
N ASN JE 56 100.83 -78.89 12.26
CA ASN JE 56 100.88 -77.79 13.22
C ASN JE 56 101.35 -78.31 14.56
N LEU JE 57 102.33 -77.62 15.15
CA LEU JE 57 102.90 -77.99 16.44
C LEU JE 57 103.01 -76.75 17.30
N LYS JE 58 102.29 -76.72 18.43
CA LYS JE 58 102.31 -75.60 19.35
C LYS JE 58 102.76 -76.08 20.72
N LEU JE 59 103.55 -75.26 21.40
CA LEU JE 59 104.05 -75.59 22.73
C LEU JE 59 103.80 -74.41 23.65
N ASP JE 60 103.03 -74.63 24.71
CA ASP JE 60 102.68 -73.59 25.66
C ASP JE 60 103.15 -73.95 27.06
N GLN JE 61 103.49 -72.92 27.84
CA GLN JE 61 103.93 -73.11 29.21
C GLN JE 61 103.68 -71.82 29.97
N ALA JE 62 102.76 -71.84 30.92
CA ALA JE 62 102.41 -70.67 31.72
C ALA JE 62 102.97 -70.82 33.12
N ASP JE 63 103.68 -69.79 33.58
CA ASP JE 63 104.25 -69.80 34.92
C ASP JE 63 103.17 -69.56 35.96
N VAL JE 64 103.39 -70.12 37.15
CA VAL JE 64 102.44 -69.99 38.26
C VAL JE 64 103.16 -69.36 39.45
N VAL JE 65 102.37 -68.76 40.33
CA VAL JE 65 102.88 -68.14 41.55
C VAL JE 65 101.95 -68.51 42.70
N ASP JE 66 102.51 -68.52 43.91
CA ASP JE 66 101.77 -68.90 45.11
C ASP JE 66 102.33 -68.13 46.30
N CYS JE 67 101.42 -67.78 47.21
CA CYS JE 67 101.78 -67.03 48.41
C CYS JE 67 101.47 -67.77 49.70
N SER JE 68 101.12 -69.05 49.64
CA SER JE 68 100.78 -69.80 50.85
C SER JE 68 101.99 -70.03 51.74
N THR JE 69 103.20 -69.79 51.25
CA THR JE 69 104.39 -69.97 52.07
C THR JE 69 104.53 -68.87 53.12
N SER JE 70 104.08 -67.65 52.80
CA SER JE 70 104.19 -66.54 53.74
C SER JE 70 102.82 -65.94 54.02
N VAL JE 71 102.11 -65.54 52.97
CA VAL JE 71 100.79 -64.95 53.12
C VAL JE 71 99.80 -66.05 53.52
N CYS JE 72 98.86 -65.72 54.39
CA CYS JE 72 97.95 -66.76 54.82
C CYS JE 72 96.68 -66.78 53.98
N GLY JE 73 96.84 -66.83 52.66
CA GLY JE 73 95.75 -67.22 51.80
C GLY JE 73 95.86 -66.71 50.37
N GLU JE 74 96.31 -67.58 49.45
CA GLU JE 74 96.42 -67.21 48.05
C GLU JE 74 96.55 -68.49 47.24
N LEU JE 75 95.58 -68.76 46.37
CA LEU JE 75 95.63 -69.94 45.54
C LEU JE 75 96.68 -69.77 44.44
N PRO JE 76 97.23 -70.88 43.92
CA PRO JE 76 98.18 -70.78 42.81
C PRO JE 76 97.55 -70.09 41.60
N LYS JE 77 98.16 -68.97 41.21
CA LYS JE 77 97.63 -68.12 40.15
C LYS JE 77 98.63 -68.06 38.99
N VAL JE 78 98.12 -68.19 37.77
CA VAL JE 78 98.98 -68.10 36.60
C VAL JE 78 99.39 -66.66 36.36
N ARG JE 79 100.55 -66.48 35.73
CA ARG JE 79 101.08 -65.15 35.47
C ARG JE 79 100.99 -64.89 33.98
N TYR JE 80 102.03 -65.14 33.20
CA TYR JE 80 102.04 -64.89 31.76
C TYR JE 80 101.85 -66.21 31.02
N THR JE 81 101.64 -66.08 29.70
CA THR JE 81 101.43 -67.23 28.83
C THR JE 81 102.31 -67.06 27.59
N GLN JE 82 102.99 -68.13 27.20
CA GLN JE 82 103.86 -68.14 26.04
C GLN JE 82 103.32 -69.10 25.00
N VAL JE 83 103.30 -68.66 23.74
CA VAL JE 83 102.79 -69.44 22.62
C VAL JE 83 103.88 -69.55 21.57
N TRP JE 84 104.21 -70.79 21.19
CA TRP JE 84 105.22 -71.08 20.17
C TRP JE 84 104.64 -72.11 19.22
N SER JE 85 103.97 -71.64 18.17
CA SER JE 85 103.35 -72.50 17.17
C SER JE 85 104.30 -72.75 16.01
N HIS JE 86 103.92 -73.72 15.18
CA HIS JE 86 104.72 -74.08 14.01
C HIS JE 86 103.78 -74.30 12.83
N ASP JE 87 104.38 -74.53 11.66
CA ASP JE 87 103.61 -74.75 10.43
C ASP JE 87 104.51 -75.50 9.46
N VAL JE 88 104.14 -76.74 9.14
CA VAL JE 88 104.91 -77.59 8.23
C VAL JE 88 104.06 -77.84 7.00
N THR JE 89 104.54 -77.40 5.84
CA THR JE 89 103.86 -77.58 4.55
C THR JE 89 104.81 -78.31 3.62
N ILE JE 90 104.86 -79.63 3.75
CA ILE JE 90 105.73 -80.48 2.94
C ILE JE 90 104.86 -81.36 2.05
N VAL JE 91 105.13 -81.33 0.75
CA VAL JE 91 104.36 -82.14 -0.19
C VAL JE 91 104.77 -83.61 -0.06
N ALA JE 92 103.88 -84.50 -0.46
CA ALA JE 92 104.15 -85.93 -0.37
C ALA JE 92 105.25 -86.34 -1.35
N ASN JE 93 105.04 -86.08 -2.64
CA ASN JE 93 106.01 -86.44 -3.68
C ASN JE 93 107.15 -85.45 -3.63
N SER JE 94 108.08 -85.68 -2.70
CA SER JE 94 109.24 -84.83 -2.53
C SER JE 94 110.53 -85.63 -2.68
N THR JE 95 111.48 -85.42 -1.78
CA THR JE 95 112.76 -86.12 -1.81
C THR JE 95 113.21 -86.40 -0.39
N GLU JE 96 113.55 -87.66 -0.11
CA GLU JE 96 113.98 -88.03 1.23
C GLU JE 96 115.30 -87.35 1.59
N ALA JE 97 116.24 -87.30 0.63
CA ALA JE 97 117.51 -86.63 0.90
C ALA JE 97 117.32 -85.15 1.14
N SER JE 98 116.45 -84.50 0.37
CA SER JE 98 116.19 -83.08 0.57
C SER JE 98 115.52 -82.83 1.92
N ARG JE 99 114.59 -83.71 2.31
CA ARG JE 99 113.93 -83.56 3.61
C ARG JE 99 114.94 -83.74 4.74
N LYS JE 100 115.85 -84.72 4.60
CA LYS JE 100 116.87 -84.93 5.64
C LYS JE 100 117.81 -83.74 5.72
N SER JE 101 118.20 -83.18 4.58
CA SER JE 101 119.07 -82.01 4.59
C SER JE 101 118.37 -80.81 5.22
N LEU JE 102 117.08 -80.63 4.93
CA LEU JE 102 116.33 -79.53 5.53
C LEU JE 102 116.20 -79.71 7.03
N TYR JE 103 115.96 -80.95 7.48
CA TYR JE 103 115.87 -81.20 8.92
C TYR JE 103 117.21 -80.95 9.61
N ASP JE 104 118.31 -81.35 8.96
CA ASP JE 104 119.63 -81.10 9.53
C ASP JE 104 119.92 -79.61 9.61
N LEU JE 105 119.55 -78.85 8.56
CA LEU JE 105 119.76 -77.41 8.58
C LEU JE 105 118.92 -76.75 9.69
N THR JE 106 117.68 -77.21 9.86
CA THR JE 106 116.84 -76.66 10.93
C THR JE 106 117.42 -76.98 12.29
N LYS JE 107 117.91 -78.21 12.48
CA LYS JE 107 118.53 -78.58 13.75
C LYS JE 107 119.77 -77.74 14.03
N SER JE 108 120.58 -77.50 13.00
CA SER JE 108 121.78 -76.67 13.17
C SER JE 108 121.41 -75.23 13.52
N LEU JE 109 120.40 -74.68 12.84
CA LEU JE 109 119.96 -73.33 13.14
C LEU JE 109 119.38 -73.22 14.54
N VAL JE 110 118.73 -74.29 15.03
CA VAL JE 110 118.19 -74.26 16.38
C VAL JE 110 119.30 -74.37 17.41
N ALA JE 111 120.28 -75.24 17.17
CA ALA JE 111 121.36 -75.46 18.11
C ALA JE 111 122.45 -74.38 18.05
N THR JE 112 122.41 -73.50 17.05
CA THR JE 112 123.41 -72.45 16.98
C THR JE 112 123.24 -71.46 18.12
N SER JE 113 124.29 -70.65 18.34
CA SER JE 113 124.31 -69.69 19.42
C SER JE 113 123.65 -68.36 19.06
N GLN JE 114 123.34 -68.14 17.79
CA GLN JE 114 122.70 -66.90 17.36
C GLN JE 114 121.24 -66.82 17.78
N VAL JE 115 120.49 -67.91 17.61
CA VAL JE 115 119.09 -67.92 18.03
C VAL JE 115 118.98 -67.83 19.55
N GLU JE 116 119.92 -68.45 20.27
CA GLU JE 116 119.91 -68.34 21.73
C GLU JE 116 120.10 -66.89 22.17
N ASP JE 117 121.03 -66.17 21.53
CA ASP JE 117 121.23 -64.76 21.87
C ASP JE 117 120.01 -63.93 21.47
N LEU JE 118 119.42 -64.23 20.31
CA LEU JE 118 118.21 -63.52 19.90
C LEU JE 118 117.07 -63.74 20.88
N VAL JE 119 116.99 -64.92 21.49
CA VAL JE 119 115.93 -65.20 22.45
C VAL JE 119 116.22 -64.52 23.78
N VAL JE 120 117.45 -64.63 24.27
CA VAL JE 120 117.81 -64.11 25.59
C VAL JE 120 117.94 -62.60 25.56
N ASN JE 121 118.97 -62.10 24.87
CA ASN JE 121 119.29 -60.67 24.88
C ASN JE 121 118.40 -59.86 23.95
N LEU JE 122 117.47 -60.49 23.24
CA LEU JE 122 116.55 -59.79 22.34
C LEU JE 122 117.30 -59.01 21.26
N VAL JE 123 118.49 -59.46 20.90
CA VAL JE 123 119.30 -58.82 19.87
C VAL JE 123 118.95 -59.44 18.52
N PRO JE 124 118.71 -58.64 17.48
CA PRO JE 124 118.35 -59.21 16.18
C PRO JE 124 119.44 -60.13 15.65
N LEU JE 125 119.01 -61.19 14.97
CA LEU JE 125 119.93 -62.20 14.45
C LEU JE 125 120.79 -61.59 13.35
N GLY JE 126 122.11 -61.59 13.55
CA GLY JE 126 123.02 -61.04 12.58
C GLY JE 126 124.46 -61.03 13.05
N ARG JE 127 125.08 -62.20 13.10
CA ARG JE 127 126.47 -62.32 13.53
C ARG JE 127 127.38 -62.73 12.38
N SER KE 1 122.55 -54.53 10.65
CA SER KE 1 122.04 -53.40 11.43
C SER KE 1 123.08 -52.29 11.57
N LYS KE 2 123.02 -51.57 12.68
CA LYS KE 2 123.90 -50.42 12.92
C LYS KE 2 124.22 -50.38 14.40
N THR KE 3 125.50 -50.46 14.73
CA THR KE 3 125.97 -50.48 16.10
C THR KE 3 126.70 -49.18 16.44
N ILE KE 4 126.47 -48.67 17.64
CA ILE KE 4 127.11 -47.45 18.12
C ILE KE 4 127.76 -47.77 19.46
N VAL KE 5 129.06 -47.52 19.56
CA VAL KE 5 129.84 -47.80 20.76
C VAL KE 5 130.08 -46.49 21.50
N LEU KE 6 129.69 -46.45 22.77
CA LEU KE 6 129.87 -45.27 23.62
C LEU KE 6 130.77 -45.63 24.79
N SER KE 7 131.81 -44.83 25.01
CA SER KE 7 132.77 -45.06 26.07
C SER KE 7 132.43 -44.16 27.25
N VAL KE 8 132.13 -44.78 28.40
CA VAL KE 8 131.80 -44.03 29.61
C VAL KE 8 133.00 -43.78 30.50
N GLY KE 9 134.12 -44.46 30.24
CA GLY KE 9 135.31 -44.29 31.06
C GLY KE 9 135.95 -45.61 31.42
N GLU KE 10 135.14 -46.55 31.90
CA GLU KE 10 135.62 -47.89 32.25
C GLU KE 10 134.91 -49.01 31.50
N ALA KE 11 133.71 -48.77 30.97
CA ALA KE 11 132.97 -49.77 30.22
C ALA KE 11 132.49 -49.16 28.91
N THR KE 12 132.09 -50.02 27.99
CA THR KE 12 131.63 -49.61 26.66
C THR KE 12 130.20 -50.10 26.46
N ARG KE 13 129.31 -49.17 26.14
CA ARG KE 13 127.92 -49.49 25.88
C ARG KE 13 127.66 -49.57 24.38
N THR KE 14 126.74 -50.45 24.00
CA THR KE 14 126.44 -50.71 22.59
C THR KE 14 124.97 -50.42 22.34
N LEU KE 15 124.69 -49.54 21.38
CA LEU KE 15 123.34 -49.23 20.94
C LEU KE 15 123.12 -49.82 19.56
N THR KE 16 121.97 -50.46 19.37
CA THR KE 16 121.65 -51.16 18.13
C THR KE 16 120.46 -50.50 17.44
N GLU KE 17 120.54 -50.37 16.12
CA GLU KE 17 119.43 -49.84 15.35
C GLU KE 17 118.27 -50.84 15.35
N ILE KE 18 117.07 -50.33 15.66
CA ILE KE 18 115.86 -51.14 15.81
C ILE KE 18 114.84 -50.83 14.73
N GLN KE 19 114.53 -49.56 14.53
CA GLN KE 19 113.43 -49.12 13.65
C GLN KE 19 114.04 -48.25 12.55
N SER KE 20 114.60 -48.90 11.54
CA SER KE 20 115.28 -48.20 10.44
C SER KE 20 114.24 -47.57 9.52
N THR KE 21 114.09 -46.26 9.60
CA THR KE 21 113.20 -45.50 8.73
C THR KE 21 113.81 -44.13 8.49
N ALA KE 22 113.47 -43.54 7.34
CA ALA KE 22 114.07 -42.27 6.95
C ALA KE 22 113.63 -41.14 7.88
N ASP KE 23 112.32 -40.97 8.06
CA ASP KE 23 111.80 -39.87 8.87
C ASP KE 23 111.87 -40.12 10.37
N ARG KE 24 112.29 -41.31 10.79
CA ARG KE 24 112.38 -41.62 12.22
C ARG KE 24 113.33 -42.80 12.40
N GLN KE 25 114.50 -42.52 12.99
CA GLN KE 25 115.49 -43.55 13.31
C GLN KE 25 115.49 -43.78 14.81
N ILE KE 26 115.26 -45.02 15.23
CA ILE KE 26 115.14 -45.38 16.64
C ILE KE 26 116.28 -46.32 16.98
N PHE KE 27 117.22 -45.84 17.79
CA PHE KE 27 118.32 -46.66 18.30
C PHE KE 27 118.02 -47.06 19.73
N GLU KE 28 118.29 -48.33 20.07
CA GLU KE 28 118.02 -48.85 21.39
C GLU KE 28 119.25 -49.57 21.93
N GLU KE 29 119.57 -49.31 23.21
CA GLU KE 29 120.74 -49.90 23.84
C GLU KE 29 120.43 -51.33 24.27
N LYS KE 30 121.35 -52.25 23.98
CA LYS KE 30 121.20 -53.66 24.31
C LYS KE 30 122.20 -54.01 25.42
N VAL KE 31 121.69 -54.18 26.63
CA VAL KE 31 122.51 -54.57 27.78
C VAL KE 31 121.84 -55.72 28.51
N GLY KE 32 120.57 -55.54 28.88
CA GLY KE 32 119.82 -56.55 29.57
C GLY KE 32 118.33 -56.44 29.29
N PRO KE 33 117.60 -55.83 30.22
CA PRO KE 33 116.16 -55.62 30.00
C PRO KE 33 115.92 -54.58 28.93
N LEU KE 34 115.21 -54.96 27.87
CA LEU KE 34 114.96 -54.04 26.77
C LEU KE 34 113.98 -52.95 27.17
N VAL KE 35 113.00 -53.27 28.00
CA VAL KE 35 112.04 -52.27 28.45
C VAL KE 35 112.70 -51.35 29.47
N GLY KE 36 112.46 -50.05 29.36
CA GLY KE 36 113.05 -49.08 30.26
C GLY KE 36 114.55 -48.99 30.14
N ARG KE 37 115.04 -48.73 28.94
CA ARG KE 37 116.48 -48.63 28.70
C ARG KE 37 116.82 -47.31 28.03
N LEU KE 38 117.89 -47.29 27.24
CA LEU KE 38 118.36 -46.09 26.55
C LEU KE 38 117.84 -46.12 25.12
N ARG KE 39 117.12 -45.07 24.74
CA ARG KE 39 116.59 -44.94 23.39
C ARG KE 39 116.95 -43.58 22.81
N LEU KE 40 117.10 -43.55 21.49
CA LEU KE 40 117.49 -42.35 20.77
C LEU KE 40 116.64 -42.22 19.51
N THR KE 41 116.01 -41.07 19.34
CA THR KE 41 115.16 -40.79 18.18
C THR KE 41 115.80 -39.70 17.35
N ALA KE 42 116.02 -39.98 16.06
CA ALA KE 42 116.61 -39.05 15.13
C ALA KE 42 115.65 -38.78 13.98
N SER KE 43 115.57 -37.51 13.56
CA SER KE 43 114.69 -37.13 12.47
C SER KE 43 115.35 -36.03 11.66
N LEU KE 44 115.18 -36.09 10.34
CA LEU KE 44 115.71 -35.10 9.42
C LEU KE 44 114.65 -34.74 8.40
N ARG KE 45 114.49 -33.45 8.13
CA ARG KE 45 113.47 -33.00 7.19
C ARG KE 45 113.93 -31.68 6.56
N GLN KE 46 113.02 -31.05 5.82
CA GLN KE 46 113.23 -29.76 5.19
C GLN KE 46 112.33 -28.72 5.87
N ASN KE 47 112.12 -27.59 5.20
CA ASN KE 47 111.30 -26.51 5.74
C ASN KE 47 110.93 -25.56 4.62
N GLY KE 48 109.80 -24.89 4.79
CA GLY KE 48 109.36 -23.84 3.89
C GLY KE 48 109.38 -24.21 2.42
N ALA KE 49 110.19 -23.50 1.64
CA ALA KE 49 110.30 -23.75 0.21
C ALA KE 49 111.74 -24.13 -0.13
N LYS KE 50 112.17 -25.28 0.39
CA LYS KE 50 113.49 -25.84 0.12
C LYS KE 50 114.60 -24.86 0.48
N THR KE 51 114.41 -24.12 1.56
CA THR KE 51 115.41 -23.16 2.03
C THR KE 51 116.44 -23.84 2.93
N ALA KE 52 116.06 -24.10 4.18
CA ALA KE 52 116.95 -24.71 5.14
C ALA KE 52 116.53 -26.15 5.44
N TYR KE 53 116.94 -26.68 6.59
CA TYR KE 53 116.59 -28.02 7.01
C TYR KE 53 116.24 -28.02 8.49
N ARG KE 54 115.83 -29.18 8.98
CA ARG KE 54 115.44 -29.34 10.38
C ARG KE 54 115.88 -30.72 10.85
N VAL KE 55 116.69 -30.74 11.90
CA VAL KE 55 117.18 -31.99 12.49
C VAL KE 55 116.72 -32.04 13.94
N ASN KE 56 116.17 -33.19 14.34
CA ASN KE 56 115.69 -33.39 15.70
C ASN KE 56 116.37 -34.62 16.28
N LEU KE 57 116.91 -34.48 17.50
CA LEU KE 57 117.60 -35.57 18.20
C LEU KE 57 117.11 -35.60 19.63
N LYS KE 58 116.48 -36.71 20.02
CA LYS KE 58 115.98 -36.89 21.37
C LYS KE 58 116.61 -38.13 21.99
N LEU KE 59 116.91 -38.05 23.28
CA LEU KE 59 117.53 -39.16 24.00
C LEU KE 59 116.76 -39.38 25.29
N ASP KE 60 116.20 -40.58 25.44
CA ASP KE 60 115.39 -40.93 26.60
C ASP KE 60 116.00 -42.12 27.33
N GLN KE 61 115.81 -42.14 28.65
CA GLN KE 61 116.31 -43.23 29.48
C GLN KE 61 115.48 -43.27 30.75
N ALA KE 62 114.68 -44.33 30.93
CA ALA KE 62 113.83 -44.49 32.09
C ALA KE 62 114.41 -45.55 33.01
N ASP KE 63 114.54 -45.21 34.30
CA ASP KE 63 115.06 -46.14 35.28
C ASP KE 63 114.00 -47.17 35.65
N VAL KE 64 114.48 -48.37 36.02
CA VAL KE 64 113.60 -49.47 36.39
C VAL KE 64 113.95 -49.93 37.80
N VAL KE 65 112.97 -50.56 38.44
CA VAL KE 65 113.13 -51.11 39.78
C VAL KE 65 112.51 -52.49 39.82
N ASP KE 66 113.02 -53.33 40.73
CA ASP KE 66 112.57 -54.70 40.86
C ASP KE 66 112.70 -55.14 42.32
N CYS KE 67 111.75 -55.96 42.75
CA CYS KE 67 111.72 -56.45 44.13
C CYS KE 67 111.80 -57.97 44.22
N SER KE 68 112.12 -58.66 43.12
CA SER KE 68 112.19 -60.12 43.16
C SER KE 68 113.37 -60.62 43.97
N THR KE 69 114.32 -59.75 44.33
CA THR KE 69 115.45 -60.18 45.13
C THR KE 69 115.06 -60.43 46.57
N SER KE 70 114.09 -59.69 47.10
CA SER KE 70 113.65 -59.87 48.48
C SER KE 70 112.16 -60.19 48.54
N VAL KE 71 111.34 -59.34 47.95
CA VAL KE 71 109.90 -59.53 47.95
C VAL KE 71 109.57 -60.69 47.02
N CYS KE 72 108.58 -61.50 47.39
CA CYS KE 72 108.23 -62.66 46.57
C CYS KE 72 107.15 -62.32 45.56
N GLY KE 73 107.33 -61.24 44.82
CA GLY KE 73 106.55 -61.03 43.60
C GLY KE 73 106.39 -59.58 43.20
N GLU KE 74 107.19 -59.15 42.22
CA GLU KE 74 107.10 -57.78 41.72
C GLU KE 74 107.82 -57.73 40.37
N LEU KE 75 107.08 -57.43 39.31
CA LEU KE 75 107.69 -57.33 37.99
C LEU KE 75 108.51 -56.05 37.89
N PRO KE 76 109.51 -56.03 37.00
CA PRO KE 76 110.30 -54.80 36.79
C PRO KE 76 109.40 -53.64 36.36
N LYS KE 77 109.38 -52.59 37.17
CA LYS KE 77 108.51 -51.44 36.96
C LYS KE 77 109.34 -50.20 36.72
N VAL KE 78 108.94 -49.41 35.73
CA VAL KE 78 109.64 -48.15 35.44
C VAL KE 78 109.30 -47.12 36.50
N ARG KE 79 110.23 -46.18 36.72
CA ARG KE 79 110.06 -45.15 37.73
C ARG KE 79 109.83 -43.83 37.01
N TYR KE 80 110.86 -43.03 36.78
CA TYR KE 80 110.73 -41.73 36.13
C TYR KE 80 111.19 -41.83 34.68
N THR KE 81 110.92 -40.76 33.93
CA THR KE 81 111.28 -40.67 32.52
C THR KE 81 111.96 -39.33 32.28
N GLN KE 82 113.07 -39.36 31.53
CA GLN KE 82 113.82 -38.16 31.20
C GLN KE 82 113.80 -37.95 29.69
N VAL KE 83 113.55 -36.71 29.29
CA VAL KE 83 113.46 -36.33 27.88
C VAL KE 83 114.47 -35.22 27.61
N TRP KE 84 115.34 -35.44 26.62
CA TRP KE 84 116.36 -34.47 26.22
C TRP KE 84 116.33 -34.37 24.70
N SER KE 85 115.51 -33.47 24.18
CA SER KE 85 115.36 -33.27 22.75
C SER KE 85 116.30 -32.17 22.25
N HIS KE 86 116.44 -32.08 20.94
CA HIS KE 86 117.29 -31.09 20.30
C HIS KE 86 116.56 -30.49 19.11
N ASP KE 87 117.19 -29.48 18.50
CA ASP KE 87 116.61 -28.82 17.33
C ASP KE 87 117.74 -28.14 16.57
N VAL KE 88 118.01 -28.61 15.35
CA VAL KE 88 119.08 -28.07 14.52
C VAL KE 88 118.44 -27.44 13.29
N THR KE 89 118.63 -26.14 13.14
CA THR KE 89 118.11 -25.38 12.00
C THR KE 89 119.29 -24.71 11.30
N ILE KE 90 119.97 -25.46 10.44
CA ILE KE 90 121.13 -24.99 9.70
C ILE KE 90 120.77 -24.95 8.22
N VAL KE 91 120.99 -23.79 7.59
CA VAL KE 91 120.69 -23.66 6.17
C VAL KE 91 121.75 -24.37 5.35
N ALA KE 92 121.40 -24.74 4.13
CA ALA KE 92 122.33 -25.47 3.25
C ALA KE 92 123.47 -24.56 2.81
N ASN KE 93 123.14 -23.44 2.17
CA ASN KE 93 124.15 -22.50 1.69
C ASN KE 93 124.68 -21.71 2.88
N SER KE 94 125.62 -22.33 3.61
CA SER KE 94 126.23 -21.69 4.77
C SER KE 94 127.75 -21.61 4.60
N THR KE 95 128.49 -21.96 5.65
CA THR KE 95 129.94 -21.93 5.61
C THR KE 95 130.49 -23.10 6.41
N GLU KE 96 131.39 -23.87 5.79
CA GLU KE 96 131.97 -25.03 6.47
C GLU KE 96 132.81 -24.60 7.68
N ALA KE 97 133.59 -23.53 7.53
CA ALA KE 97 134.39 -23.05 8.64
C ALA KE 97 133.51 -22.55 9.79
N SER KE 98 132.43 -21.84 9.46
CA SER KE 98 131.52 -21.37 10.50
C SER KE 98 130.83 -22.54 11.19
N ARG KE 99 130.43 -23.56 10.44
CA ARG KE 99 129.81 -24.73 11.05
C ARG KE 99 130.79 -25.46 11.95
N LYS KE 100 132.06 -25.58 11.52
CA LYS KE 100 133.06 -26.24 12.35
C LYS KE 100 133.32 -25.44 13.63
N SER KE 101 133.38 -24.11 13.52
CA SER KE 101 133.58 -23.28 14.71
C SER KE 101 132.40 -23.40 15.67
N LEU KE 102 131.18 -23.44 15.12
CA LEU KE 102 130.00 -23.58 15.97
C LEU KE 102 129.99 -24.94 16.67
N TYR KE 103 130.37 -26.00 15.94
CA TYR KE 103 130.43 -27.33 16.55
C TYR KE 103 131.50 -27.38 17.64
N ASP KE 104 132.64 -26.75 17.41
CA ASP KE 104 133.69 -26.71 18.43
C ASP KE 104 133.24 -25.93 19.66
N LEU KE 105 132.53 -24.81 19.45
CA LEU KE 105 132.01 -24.04 20.58
C LEU KE 105 130.99 -24.85 21.37
N THR KE 106 130.11 -25.57 20.67
CA THR KE 106 129.13 -26.41 21.35
C THR KE 106 129.81 -27.52 22.14
N LYS KE 107 130.83 -28.14 21.55
CA LYS KE 107 131.56 -29.19 22.26
C LYS KE 107 132.26 -28.65 23.49
N SER KE 108 132.84 -27.45 23.40
CA SER KE 108 133.49 -26.84 24.55
C SER KE 108 132.47 -26.51 25.63
N LEU KE 109 131.32 -25.96 25.25
CA LEU KE 109 130.29 -25.65 26.24
C LEU KE 109 129.74 -26.90 26.89
N VAL KE 110 129.69 -28.02 26.16
CA VAL KE 110 129.21 -29.27 26.74
C VAL KE 110 130.26 -29.84 27.70
N ALA KE 111 131.54 -29.80 27.30
CA ALA KE 111 132.60 -30.38 28.11
C ALA KE 111 133.02 -29.48 29.27
N THR KE 112 132.57 -28.23 29.31
CA THR KE 112 132.93 -27.34 30.41
C THR KE 112 132.32 -27.84 31.73
N SER KE 113 132.86 -27.31 32.82
CA SER KE 113 132.43 -27.70 34.16
C SER KE 113 131.20 -26.94 34.64
N GLN KE 114 130.81 -25.86 33.95
CA GLN KE 114 129.65 -25.08 34.35
C GLN KE 114 128.34 -25.80 34.08
N VAL KE 115 128.21 -26.42 32.91
CA VAL KE 115 126.98 -27.17 32.61
C VAL KE 115 126.86 -28.39 33.51
N GLU KE 116 127.99 -29.03 33.85
CA GLU KE 116 127.94 -30.16 34.76
C GLU KE 116 127.42 -29.75 36.14
N ASP KE 117 127.88 -28.60 36.64
CA ASP KE 117 127.39 -28.10 37.92
C ASP KE 117 125.92 -27.71 37.82
N LEU KE 118 125.52 -27.07 36.71
CA LEU KE 118 124.11 -26.74 36.51
C LEU KE 118 123.23 -27.97 36.49
N VAL KE 119 123.74 -29.08 35.95
CA VAL KE 119 122.96 -30.32 35.90
C VAL KE 119 122.89 -30.98 37.26
N VAL KE 120 124.04 -31.07 37.95
CA VAL KE 120 124.12 -31.80 39.22
C VAL KE 120 123.51 -30.96 40.34
N ASN KE 121 124.16 -29.86 40.71
CA ASN KE 121 123.76 -29.06 41.85
C ASN KE 121 122.58 -28.15 41.56
N LEU KE 122 122.05 -28.15 40.33
CA LEU KE 122 120.91 -27.33 39.95
C LEU KE 122 121.17 -25.84 40.19
N VAL KE 123 122.43 -25.43 40.11
CA VAL KE 123 122.82 -24.04 40.29
C VAL KE 123 122.80 -23.35 38.94
N PRO KE 124 122.19 -22.17 38.82
CA PRO KE 124 122.13 -21.49 37.51
C PRO KE 124 123.52 -21.22 36.97
N LEU KE 125 123.65 -21.31 35.65
CA LEU KE 125 124.94 -21.13 34.98
C LEU KE 125 125.38 -19.68 35.11
N GLY KE 126 126.54 -19.47 35.73
CA GLY KE 126 127.07 -18.13 35.92
C GLY KE 126 128.33 -18.11 36.76
N ARG KE 127 129.44 -18.56 36.19
CA ARG KE 127 130.72 -18.58 36.88
C ARG KE 127 131.70 -17.58 36.29
N SER LE 1 -16.20 129.87 32.37
CA SER LE 1 -17.23 128.84 32.35
C SER LE 1 -18.52 129.36 31.72
N LYS LE 2 -19.65 128.81 32.18
CA LYS LE 2 -20.96 129.14 31.62
C LYS LE 2 -21.98 129.14 32.75
N THR LE 3 -22.62 130.27 32.97
CA THR LE 3 -23.59 130.44 34.04
C THR LE 3 -24.99 130.57 33.47
N ILE LE 4 -25.95 129.93 34.14
CA ILE LE 4 -27.36 129.97 33.76
C ILE LE 4 -28.16 130.43 34.96
N VAL LE 5 -28.94 131.50 34.79
CA VAL LE 5 -29.74 132.08 35.86
C VAL LE 5 -31.20 131.67 35.65
N LEU LE 6 -31.79 131.06 36.67
CA LEU LE 6 -33.18 130.62 36.63
C LEU LE 6 -33.96 131.36 37.71
N SER LE 7 -35.09 131.95 37.33
CA SER LE 7 -35.93 132.72 38.24
C SER LE 7 -37.10 131.85 38.68
N VAL LE 8 -37.18 131.58 39.98
CA VAL LE 8 -38.27 130.76 40.52
C VAL LE 8 -39.46 131.61 40.99
N GLY LE 9 -39.29 132.92 41.10
CA GLY LE 9 -40.35 133.78 41.57
C GLY LE 9 -39.89 134.78 42.60
N GLU LE 10 -39.15 134.29 43.61
CA GLU LE 10 -38.61 135.15 44.65
C GLU LE 10 -37.09 135.06 44.79
N ALA LE 11 -36.47 133.99 44.31
CA ALA LE 11 -35.03 133.82 44.36
C ALA LE 11 -34.52 133.42 42.98
N THR LE 12 -33.21 133.56 42.79
CA THR LE 12 -32.55 133.24 41.53
C THR LE 12 -31.52 132.15 41.76
N ARG LE 13 -31.61 131.05 41.02
CA ARG LE 13 -30.67 129.95 41.10
C ARG LE 13 -29.66 130.04 39.97
N THR LE 14 -28.44 129.61 40.25
CA THR LE 14 -27.33 129.70 39.32
C THR LE 14 -26.78 128.30 39.05
N LEU LE 15 -26.76 127.91 37.78
CA LEU LE 15 -26.17 126.66 37.33
C LEU LE 15 -24.87 126.94 36.60
N THR LE 16 -23.83 126.16 36.92
CA THR LE 16 -22.50 126.37 36.37
C THR LE 16 -22.09 125.18 35.52
N GLU LE 17 -21.45 125.46 34.39
CA GLU LE 17 -20.93 124.41 33.53
C GLU LE 17 -19.76 123.71 34.22
N ILE LE 18 -19.80 122.37 34.23
CA ILE LE 18 -18.83 121.55 34.94
C ILE LE 18 -18.00 120.69 34.00
N GLN LE 19 -18.66 120.00 33.06
CA GLN LE 19 -18.03 119.01 32.18
C GLN LE 19 -18.27 119.45 30.74
N SER LE 20 -17.45 120.39 30.28
CA SER LE 20 -17.60 120.97 28.94
C SER LE 20 -17.09 119.97 27.91
N THR LE 21 -18.03 119.33 27.19
CA THR LE 21 -17.70 118.42 26.11
C THR LE 21 -18.79 118.51 25.05
N ALA LE 22 -18.40 118.21 23.81
CA ALA LE 22 -19.33 118.36 22.69
C ALA LE 22 -20.48 117.37 22.79
N ASP LE 23 -20.18 116.08 22.93
CA ASP LE 23 -21.21 115.05 22.95
C ASP LE 23 -21.91 114.92 24.29
N ARG LE 24 -21.48 115.66 25.31
CA ARG LE 24 -22.11 115.56 26.63
C ARG LE 24 -21.77 116.84 27.41
N GLN LE 25 -22.79 117.68 27.63
CA GLN LE 25 -22.64 118.89 28.42
C GLN LE 25 -23.33 118.69 29.76
N ILE LE 26 -22.60 118.86 30.85
CA ILE LE 26 -23.10 118.61 32.19
C ILE LE 26 -23.09 119.93 32.95
N PHE LE 27 -24.28 120.46 33.24
CA PHE LE 27 -24.43 121.65 34.06
C PHE LE 27 -24.85 121.26 35.47
N GLU LE 28 -24.25 121.90 36.47
CA GLU LE 28 -24.53 121.60 37.87
C GLU LE 28 -24.83 122.88 38.63
N GLU LE 29 -25.87 122.83 39.47
CA GLU LE 29 -26.28 123.98 40.25
C GLU LE 29 -25.39 124.13 41.47
N LYS LE 30 -24.94 125.37 41.71
CA LYS LE 30 -24.07 125.69 42.84
C LYS LE 30 -24.87 126.50 43.86
N VAL LE 31 -25.23 125.87 44.97
CA VAL LE 31 -25.95 126.54 46.05
C VAL LE 31 -25.26 126.21 47.37
N GLY LE 32 -25.09 124.93 47.65
CA GLY LE 32 -24.45 124.48 48.86
C GLY LE 32 -23.76 123.14 48.68
N PRO LE 33 -24.43 122.07 49.11
CA PRO LE 33 -23.86 120.72 48.92
C PRO LE 33 -23.91 120.32 47.45
N LEU LE 34 -22.72 120.03 46.90
CA LEU LE 34 -22.65 119.67 45.49
C LEU LE 34 -23.25 118.31 45.21
N VAL LE 35 -23.12 117.37 46.15
CA VAL LE 35 -23.69 116.04 45.97
C VAL LE 35 -25.19 116.10 46.20
N GLY LE 36 -25.95 115.43 45.33
CA GLY LE 36 -27.39 115.44 45.44
C GLY LE 36 -28.00 116.79 45.17
N ARG LE 37 -27.70 117.38 44.02
CA ARG LE 37 -28.22 118.69 43.67
C ARG LE 37 -28.93 118.66 42.32
N LEU LE 38 -28.92 119.77 41.60
CA LEU LE 38 -29.57 119.89 40.30
C LEU LE 38 -28.53 119.70 39.21
N ARG LE 39 -28.76 118.74 38.33
CA ARG LE 39 -27.86 118.46 37.22
C ARG LE 39 -28.64 118.41 35.92
N LEU LE 40 -27.97 118.79 34.83
CA LEU LE 40 -28.57 118.84 33.51
C LEU LE 40 -27.59 118.27 32.49
N THR LE 41 -28.05 117.29 31.71
CA THR LE 41 -27.25 116.65 30.69
C THR LE 41 -27.81 116.99 29.32
N ALA LE 42 -26.96 117.53 28.45
CA ALA LE 42 -27.34 117.91 27.10
C ALA LE 42 -26.48 117.16 26.09
N SER LE 43 -27.11 116.70 25.01
CA SER LE 43 -26.40 115.97 23.97
C SER LE 43 -26.99 116.33 22.61
N LEU LE 44 -26.12 116.44 21.61
CA LEU LE 44 -26.51 116.75 20.24
C LEU LE 44 -25.75 115.84 19.30
N ARG LE 45 -26.45 115.28 18.31
CA ARG LE 45 -25.82 114.37 17.37
C ARG LE 45 -26.59 114.42 16.05
N GLN LE 46 -26.24 113.50 15.14
CA GLN LE 46 -26.89 113.34 13.85
C GLN LE 46 -27.64 112.00 13.84
N ASN LE 47 -27.98 111.53 12.64
CA ASN LE 47 -28.71 110.28 12.50
C ASN LE 47 -28.61 109.82 11.05
N GLY LE 48 -28.72 108.50 10.87
CA GLY LE 48 -28.77 107.89 9.56
C GLY LE 48 -27.67 108.32 8.60
N ALA LE 49 -28.06 108.96 7.50
CA ALA LE 49 -27.12 109.43 6.49
C ALA LE 49 -27.23 110.94 6.34
N LYS LE 50 -26.90 111.65 7.42
CA LYS LE 50 -26.87 113.11 7.45
C LYS LE 50 -28.23 113.69 7.06
N THR LE 51 -29.31 113.04 7.50
CA THR LE 51 -30.66 113.51 7.22
C THR LE 51 -31.12 114.51 8.27
N ALA LE 52 -31.49 114.02 9.46
CA ALA LE 52 -31.96 114.88 10.53
C ALA LE 52 -30.94 114.96 11.66
N TYR LE 53 -31.39 115.31 12.85
CA TYR LE 53 -30.52 115.41 14.02
C TYR LE 53 -31.24 114.81 15.22
N ARG LE 54 -30.52 114.76 16.35
CA ARG LE 54 -31.05 114.20 17.57
C ARG LE 54 -30.52 115.00 18.75
N VAL LE 55 -31.43 115.55 19.55
CA VAL LE 55 -31.08 116.34 20.73
C VAL LE 55 -31.69 115.67 21.95
N ASN LE 56 -30.88 115.52 22.99
CA ASN LE 56 -31.32 114.90 24.24
C ASN LE 56 -31.05 115.85 25.39
N LEU LE 57 -32.07 116.05 26.23
CA LEU LE 57 -31.97 116.94 27.38
C LEU LE 57 -32.57 116.24 28.59
N LYS LE 58 -31.74 115.99 29.60
CA LYS LE 58 -32.17 115.33 30.83
C LYS LE 58 -31.91 116.25 32.01
N LEU LE 59 -32.83 116.25 32.98
CA LEU LE 59 -32.72 117.08 34.17
C LEU LE 59 -32.96 116.21 35.39
N ASP LE 60 -31.97 116.11 36.27
CA ASP LE 60 -32.07 115.28 37.46
C ASP LE 60 -31.88 116.13 38.71
N GLN LE 61 -32.54 115.71 39.79
CA GLN LE 61 -32.44 116.40 41.07
C GLN LE 61 -32.81 115.41 42.17
N ALA LE 62 -31.84 115.05 43.00
CA ALA LE 62 -32.03 114.11 44.08
C ALA LE 62 -32.04 114.85 45.41
N ASP LE 63 -33.07 114.59 46.22
CA ASP LE 63 -33.18 115.22 47.52
C ASP LE 63 -32.22 114.57 48.51
N VAL LE 64 -31.79 115.37 49.49
CA VAL LE 64 -30.85 114.91 50.51
C VAL LE 64 -31.47 115.11 51.88
N VAL LE 65 -30.98 114.33 52.85
CA VAL LE 65 -31.44 114.43 54.23
C VAL LE 65 -30.22 114.36 55.14
N ASP LE 66 -30.35 114.96 56.32
CA ASP LE 66 -29.27 115.03 57.29
C ASP LE 66 -29.84 115.02 58.70
N CYS LE 67 -29.12 114.37 59.61
CA CYS LE 67 -29.54 114.27 61.00
C CYS LE 67 -28.55 114.89 61.98
N SER LE 68 -27.56 115.65 61.49
CA SER LE 68 -26.58 116.23 62.39
C SER LE 68 -27.16 117.34 63.26
N THR LE 69 -28.37 117.81 62.95
CA THR LE 69 -28.99 118.84 63.76
C THR LE 69 -29.47 118.30 65.11
N SER LE 70 -29.90 117.04 65.14
CA SER LE 70 -30.39 116.44 66.38
C SER LE 70 -29.59 115.20 66.73
N VAL LE 71 -29.52 114.24 65.81
CA VAL LE 71 -28.79 113.00 66.04
C VAL LE 71 -27.30 113.31 66.00
N CYS LE 72 -26.53 112.63 66.85
CA CYS LE 72 -25.11 112.90 66.93
C CYS LE 72 -24.32 111.98 66.00
N GLY LE 73 -24.74 111.89 64.74
CA GLY LE 73 -23.87 111.35 63.71
C GLY LE 73 -24.61 110.76 62.53
N GLU LE 74 -24.69 111.50 61.43
CA GLU LE 74 -25.32 111.01 60.21
C GLU LE 74 -24.90 111.92 59.06
N LEU LE 75 -24.19 111.34 58.09
CA LEU LE 75 -23.76 112.10 56.93
C LEU LE 75 -24.95 112.40 56.02
N PRO LE 76 -24.86 113.48 55.23
CA PRO LE 76 -25.94 113.78 54.27
C PRO LE 76 -26.14 112.63 53.30
N LYS LE 77 -27.35 112.06 53.31
CA LYS LE 77 -27.69 110.89 52.53
C LYS LE 77 -28.78 111.23 51.52
N VAL LE 78 -28.62 110.76 50.28
CA VAL LE 78 -29.63 111.00 49.26
C VAL LE 78 -30.84 110.11 49.51
N ARG LE 79 -32.00 110.57 49.06
CA ARG LE 79 -33.24 109.84 49.25
C ARG LE 79 -33.68 109.29 47.91
N TYR LE 80 -34.55 109.96 47.17
CA TYR LE 80 -35.04 109.49 45.88
C TYR LE 80 -34.32 110.23 44.75
N THR LE 81 -34.55 109.73 43.53
CA THR LE 81 -33.95 110.30 42.33
C THR LE 81 -35.04 110.47 41.28
N GLN LE 82 -35.05 111.64 40.62
CA GLN LE 82 -36.02 111.96 39.59
C GLN LE 82 -35.30 112.14 38.26
N VAL LE 83 -35.85 111.54 37.20
CA VAL LE 83 -35.27 111.59 35.86
C VAL LE 83 -36.32 112.15 34.91
N TRP LE 84 -35.96 113.21 34.19
CA TRP LE 84 -36.84 113.86 33.22
C TRP LE 84 -36.02 114.09 31.95
N SER LE 85 -36.03 113.11 31.06
CA SER LE 85 -35.29 113.18 29.80
C SER LE 85 -36.18 113.73 28.68
N HIS LE 86 -35.54 114.07 27.56
CA HIS LE 86 -36.23 114.61 26.40
C HIS LE 86 -35.68 113.96 25.15
N ASP LE 87 -36.30 114.26 24.01
CA ASP LE 87 -35.87 113.72 22.73
C ASP LE 87 -36.38 114.66 21.64
N VAL LE 88 -35.46 115.31 20.92
CA VAL LE 88 -35.80 116.24 19.85
C VAL LE 88 -35.29 115.66 18.55
N THR LE 89 -36.20 115.39 17.62
CA THR LE 89 -35.88 114.85 16.30
C THR LE 89 -36.44 115.81 15.26
N ILE LE 90 -35.69 116.87 14.97
CA ILE LE 90 -36.08 117.90 14.01
C ILE LE 90 -35.12 117.85 12.84
N VAL LE 91 -35.66 117.74 11.63
CA VAL LE 91 -34.83 117.70 10.43
C VAL LE 91 -34.29 119.09 10.14
N ALA LE 92 -33.18 119.13 9.40
CA ALA LE 92 -32.55 120.41 9.08
C ALA LE 92 -33.40 121.20 8.10
N ASN LE 93 -33.70 120.61 6.94
CA ASN LE 93 -34.51 121.28 5.92
C ASN LE 93 -35.97 121.25 6.35
N SER LE 94 -36.32 122.18 7.23
CA SER LE 94 -37.68 122.29 7.74
C SER LE 94 -38.27 123.66 7.45
N THR LE 95 -38.92 124.27 8.43
CA THR LE 95 -39.52 125.58 8.28
C THR LE 95 -39.36 126.36 9.58
N GLU LE 96 -38.83 127.58 9.48
CA GLU LE 96 -38.63 128.40 10.67
C GLU LE 96 -39.96 128.77 11.31
N ALA LE 97 -40.97 129.12 10.50
CA ALA LE 97 -42.27 129.46 11.04
C ALA LE 97 -42.92 128.26 11.72
N SER LE 98 -42.80 127.07 11.11
CA SER LE 98 -43.36 125.87 11.73
C SER LE 98 -42.65 125.54 13.03
N ARG LE 99 -41.32 125.70 13.06
CA ARG LE 99 -40.58 125.46 14.30
C ARG LE 99 -40.98 126.44 15.39
N LYS LE 100 -41.16 127.71 15.03
CA LYS LE 100 -41.59 128.70 16.01
C LYS LE 100 -42.98 128.41 16.53
N SER LE 101 -43.89 127.99 15.65
CA SER LE 101 -45.24 127.64 16.08
C SER LE 101 -45.23 126.42 17.00
N LEU LE 102 -44.39 125.42 16.68
CA LEU LE 102 -44.29 124.25 17.53
C LEU LE 102 -43.71 124.61 18.90
N TYR LE 103 -42.70 125.48 18.92
CA TYR LE 103 -42.13 125.91 20.20
C TYR LE 103 -43.15 126.69 21.02
N ASP LE 104 -43.95 127.54 20.37
CA ASP LE 104 -44.98 128.27 21.09
C ASP LE 104 -46.05 127.34 21.63
N LEU LE 105 -46.45 126.33 20.85
CA LEU LE 105 -47.43 125.36 21.33
C LEU LE 105 -46.89 124.57 22.51
N THR LE 106 -45.60 124.18 22.46
CA THR LE 106 -45.00 123.45 23.57
C THR LE 106 -44.93 124.33 24.82
N LYS LE 107 -44.58 125.60 24.65
CA LYS LE 107 -44.53 126.52 25.78
C LYS LE 107 -45.91 126.71 26.40
N SER LE 108 -46.94 126.82 25.56
CA SER LE 108 -48.30 126.97 26.06
C SER LE 108 -48.75 125.71 26.81
N LEU LE 109 -48.45 124.53 26.25
CA LEU LE 109 -48.81 123.29 26.92
C LEU LE 109 -48.07 123.12 28.24
N VAL LE 110 -46.84 123.63 28.33
CA VAL LE 110 -46.09 123.55 29.58
C VAL LE 110 -46.65 124.52 30.61
N ALA LE 111 -46.97 125.75 30.18
CA ALA LE 111 -47.47 126.77 31.09
C ALA LE 111 -48.94 126.60 31.44
N THR LE 112 -49.66 125.72 30.76
CA THR LE 112 -51.07 125.52 31.08
C THR LE 112 -51.23 124.89 32.46
N SER LE 113 -52.45 124.97 32.99
CA SER LE 113 -52.76 124.46 34.32
C SER LE 113 -53.08 122.98 34.34
N GLN LE 114 -53.28 122.35 33.17
CA GLN LE 114 -53.60 120.93 33.11
C GLN LE 114 -52.39 120.06 33.42
N VAL LE 115 -51.22 120.39 32.87
CA VAL LE 115 -50.03 119.62 33.16
C VAL LE 115 -49.62 119.78 34.62
N GLU LE 116 -49.82 120.97 35.19
CA GLU LE 116 -49.52 121.17 36.61
C GLU LE 116 -50.39 120.28 37.48
N ASP LE 117 -51.68 120.18 37.16
CA ASP LE 117 -52.56 119.29 37.92
C ASP LE 117 -52.19 117.84 37.72
N LEU LE 118 -51.83 117.46 36.48
CA LEU LE 118 -51.39 116.10 36.21
C LEU LE 118 -50.13 115.75 37.01
N VAL LE 119 -49.24 116.72 37.21
CA VAL LE 119 -48.02 116.47 37.96
C VAL LE 119 -48.31 116.39 39.46
N VAL LE 120 -49.09 117.34 39.98
CA VAL LE 120 -49.34 117.43 41.41
C VAL LE 120 -50.33 116.35 41.86
N ASN LE 121 -51.58 116.48 41.44
CA ASN LE 121 -52.64 115.60 41.90
C ASN LE 121 -52.65 114.24 41.21
N LEU LE 122 -51.72 114.00 40.27
CA LEU LE 122 -51.63 112.73 39.55
C LEU LE 122 -52.93 112.37 38.83
N VAL LE 123 -53.69 113.39 38.44
CA VAL LE 123 -54.95 113.19 37.72
C VAL LE 123 -54.65 113.18 36.23
N PRO LE 124 -55.17 112.21 35.47
CA PRO LE 124 -54.88 112.17 34.03
C PRO LE 124 -55.34 113.43 33.32
N LEU LE 125 -54.57 113.84 32.32
CA LEU LE 125 -54.83 115.07 31.58
C LEU LE 125 -56.12 114.92 30.79
N GLY LE 126 -57.10 115.78 31.07
CA GLY LE 126 -58.38 115.73 30.39
C GLY LE 126 -59.39 116.71 30.95
N ARG LE 127 -59.19 117.99 30.68
CA ARG LE 127 -60.11 119.03 31.15
C ARG LE 127 -60.87 119.67 30.00
N SER ME 1 -63.77 119.19 36.80
CA SER ME 1 -63.85 117.90 37.45
C SER ME 1 -65.16 117.74 38.21
N LYS ME 2 -65.13 116.97 39.30
CA LYS ME 2 -66.33 116.65 40.07
C LYS ME 2 -65.94 116.58 41.54
N THR ME 3 -66.56 117.42 42.35
CA THR ME 3 -66.26 117.52 43.77
C THR ME 3 -67.42 116.97 44.59
N ILE ME 4 -67.10 116.24 45.66
CA ILE ME 4 -68.09 115.67 46.57
C ILE ME 4 -67.73 116.12 47.98
N VAL ME 5 -68.68 116.76 48.65
CA VAL ME 5 -68.47 117.26 50.01
C VAL ME 5 -69.17 116.33 50.99
N LEU ME 6 -68.41 115.84 51.98
CA LEU ME 6 -68.92 114.95 52.99
C LEU ME 6 -68.77 115.60 54.36
N SER ME 7 -69.85 115.65 55.12
CA SER ME 7 -69.86 116.27 56.45
C SER ME 7 -69.73 115.17 57.50
N VAL ME 8 -68.64 115.25 58.29
CA VAL ME 8 -68.42 114.28 59.35
C VAL ME 8 -68.97 114.74 60.70
N GLY ME 9 -69.35 116.00 60.83
CA GLY ME 9 -69.85 116.52 62.08
C GLY ME 9 -69.25 117.85 62.45
N GLU ME 10 -67.92 117.94 62.38
CA GLU ME 10 -67.20 119.18 62.66
C GLU ME 10 -66.34 119.67 61.51
N ALA ME 11 -65.97 118.80 60.57
CA ALA ME 11 -65.17 119.18 59.42
C ALA ME 11 -65.82 118.64 58.16
N THR ME 12 -65.39 119.18 57.01
CA THR ME 12 -65.93 118.79 55.71
C THR ME 12 -64.80 118.25 54.85
N ARG ME 13 -64.97 117.04 54.34
CA ARG ME 13 -64.00 116.41 53.47
C ARG ME 13 -64.42 116.55 52.01
N THR ME 14 -63.43 116.67 51.14
CA THR ME 14 -63.67 116.90 49.72
C THR ME 14 -63.02 115.77 48.92
N LEU ME 15 -63.84 115.10 48.10
CA LEU ME 15 -63.36 114.07 47.19
C LEU ME 15 -63.43 114.59 45.76
N THR ME 16 -62.36 114.34 45.00
CA THR ME 16 -62.23 114.86 43.64
C THR ME 16 -62.20 113.72 42.64
N GLU ME 17 -62.89 113.90 41.52
CA GLU ME 17 -62.87 112.92 40.45
C GLU ME 17 -61.48 112.88 39.80
N ILE ME 18 -60.94 111.68 39.65
CA ILE ME 18 -59.59 111.48 39.14
C ILE ME 18 -59.62 110.78 37.78
N GLN ME 19 -60.31 109.64 37.71
CA GLN ME 19 -60.27 108.76 36.54
C GLN ME 19 -61.68 108.68 35.96
N SER ME 20 -62.04 109.70 35.17
CA SER ME 20 -63.39 109.81 34.61
C SER ME 20 -63.53 108.82 33.45
N THR ME 21 -64.25 107.74 33.69
CA THR ME 21 -64.55 106.75 32.67
C THR ME 21 -65.93 106.17 32.94
N ALA ME 22 -66.59 105.70 31.88
CA ALA ME 22 -67.96 105.21 31.99
C ALA ME 22 -68.02 103.94 32.84
N ASP ME 23 -67.23 102.93 32.48
CA ASP ME 23 -67.27 101.64 33.15
C ASP ME 23 -66.53 101.63 34.48
N ARG ME 24 -65.83 102.72 34.83
CA ARG ME 24 -65.08 102.75 36.09
C ARG ME 24 -64.86 104.22 36.45
N GLN ME 25 -65.51 104.67 37.51
CA GLN ME 25 -65.33 106.02 38.03
C GLN ME 25 -64.55 105.95 39.34
N ILE ME 26 -63.43 106.64 39.41
CA ILE ME 26 -62.52 106.60 40.55
C ILE ME 26 -62.48 107.98 41.18
N PHE ME 27 -63.05 108.10 42.38
CA PHE ME 27 -62.98 109.33 43.15
C PHE ME 27 -61.93 109.20 44.24
N GLU ME 28 -61.14 110.26 44.44
CA GLU ME 28 -60.06 110.25 45.41
C GLU ME 28 -60.14 111.49 46.29
N GLU ME 29 -59.98 111.29 47.59
CA GLU ME 29 -60.06 112.39 48.55
C GLU ME 29 -58.75 113.17 48.57
N LYS ME 30 -58.86 114.49 48.54
CA LYS ME 30 -57.71 115.38 48.54
C LYS ME 30 -57.64 116.10 49.88
N VAL ME 31 -56.69 115.70 50.72
CA VAL ME 31 -56.48 116.33 52.02
C VAL ME 31 -55.00 116.63 52.19
N GLY ME 32 -54.16 115.60 52.02
CA GLY ME 32 -52.73 115.75 52.14
C GLY ME 32 -51.98 114.75 51.29
N PRO ME 33 -51.53 113.65 51.91
CA PRO ME 33 -50.84 112.60 51.15
C PRO ME 33 -51.83 111.85 50.27
N LEU ME 34 -51.57 111.85 48.96
CA LEU ME 34 -52.49 111.19 48.03
C LEU ME 34 -52.41 109.68 48.15
N VAL ME 35 -51.23 109.13 48.43
CA VAL ME 35 -51.09 107.70 48.60
C VAL ME 35 -51.66 107.28 49.94
N GLY ME 36 -52.41 106.18 49.95
CA GLY ME 36 -53.03 105.69 51.17
C GLY ME 36 -54.09 106.63 51.72
N ARG ME 37 -55.08 106.96 50.89
CA ARG ME 37 -56.15 107.86 51.30
C ARG ME 37 -57.51 107.22 51.08
N LEU ME 38 -58.53 108.04 50.83
CA LEU ME 38 -59.89 107.56 50.62
C LEU ME 38 -60.16 107.48 49.12
N ARG ME 39 -60.55 106.29 48.65
CA ARG ME 39 -60.85 106.08 47.25
C ARG ME 39 -62.22 105.42 47.12
N LEU ME 40 -62.89 105.71 46.00
CA LEU ME 40 -64.22 105.19 45.74
C LEU ME 40 -64.30 104.76 44.27
N THR ME 41 -64.73 103.53 44.05
CA THR ME 41 -64.86 102.96 42.72
C THR ME 41 -66.33 102.71 42.42
N ALA ME 42 -66.82 103.27 41.32
CA ALA ME 42 -68.21 103.12 40.91
C ALA ME 42 -68.25 102.49 39.52
N SER ME 43 -69.20 101.57 39.33
CA SER ME 43 -69.36 100.89 38.05
C SER ME 43 -70.84 100.65 37.80
N LEU ME 44 -71.25 100.80 36.53
CA LEU ME 44 -72.62 100.57 36.10
C LEU ME 44 -72.61 99.78 34.81
N ARG ME 45 -73.47 98.77 34.72
CA ARG ME 45 -73.52 97.93 33.53
C ARG ME 45 -74.92 97.36 33.40
N GLN ME 46 -75.08 96.42 32.45
CA GLN ME 46 -76.31 95.70 32.20
C GLN ME 46 -76.13 94.24 32.60
N ASN ME 47 -77.02 93.38 32.11
CA ASN ME 47 -76.97 91.96 32.43
C ASN ME 47 -77.84 91.20 31.43
N GLY ME 48 -77.48 89.93 31.23
CA GLY ME 48 -78.28 89.02 30.42
C GLY ME 48 -78.66 89.55 29.05
N ALA ME 49 -79.97 89.69 28.82
CA ALA ME 49 -80.48 90.18 27.55
C ALA ME 49 -81.29 91.46 27.78
N LYS ME 50 -80.59 92.50 28.24
CA LYS ME 50 -81.17 93.83 28.46
C LYS ME 50 -82.36 93.76 29.40
N THR ME 51 -82.25 92.91 30.43
CA THR ME 51 -83.32 92.77 31.42
C THR ME 51 -83.15 93.79 32.55
N ALA ME 52 -82.20 93.53 33.46
CA ALA ME 52 -81.97 94.41 34.59
C ALA ME 52 -80.64 95.14 34.42
N TYR ME 53 -80.07 95.60 35.54
CA TYR ME 53 -78.80 96.30 35.53
C TYR ME 53 -77.96 95.83 36.70
N ARG ME 54 -76.73 96.34 36.77
CA ARG ME 54 -75.79 95.97 37.83
C ARG ME 54 -74.96 97.19 38.19
N VAL ME 55 -75.02 97.57 39.47
CA VAL ME 55 -74.27 98.70 39.99
C VAL ME 55 -73.33 98.21 41.09
N ASN ME 56 -72.07 98.63 41.01
CA ASN ME 56 -71.06 98.24 41.98
C ASN ME 56 -70.44 99.50 42.58
N LEU ME 57 -70.36 99.53 43.91
CA LEU ME 57 -69.79 100.67 44.64
C LEU ME 57 -68.86 100.14 45.71
N LYS ME 58 -67.58 100.49 45.59
CA LYS ME 58 -66.57 100.07 46.56
C LYS ME 58 -65.90 101.29 47.16
N LEU ME 59 -65.60 101.21 48.46
CA LEU ME 59 -64.96 102.32 49.17
C LEU ME 59 -63.78 101.76 49.96
N ASP ME 60 -62.58 102.26 49.65
CA ASP ME 60 -61.36 101.80 50.28
C ASP ME 60 -60.65 102.95 50.99
N GLN ME 61 -59.97 102.63 52.09
CA GLN ME 61 -59.22 103.62 52.84
C GLN ME 61 -58.14 102.89 53.63
N ALA ME 62 -56.88 103.13 53.27
CA ALA ME 62 -55.73 102.49 53.91
C ALA ME 62 -55.02 103.50 54.80
N ASP ME 63 -54.79 103.12 56.06
CA ASP ME 63 -54.10 103.98 57.00
C ASP ME 63 -52.60 104.01 56.71
N VAL ME 64 -51.97 105.13 57.02
CA VAL ME 64 -50.54 105.31 56.79
C VAL ME 64 -49.86 105.64 58.12
N VAL ME 65 -48.56 105.37 58.17
CA VAL ME 65 -47.75 105.65 59.34
C VAL ME 65 -46.44 106.27 58.89
N ASP ME 66 -45.83 107.07 59.77
CA ASP ME 66 -44.59 107.76 59.46
C ASP ME 66 -43.77 107.93 60.74
N CYS ME 67 -42.45 107.84 60.59
CA CYS ME 67 -41.53 107.96 61.71
C CYS ME 67 -40.56 109.13 61.58
N SER ME 68 -40.78 110.04 60.61
CA SER ME 68 -39.86 111.15 60.43
C SER ME 68 -39.93 112.16 61.57
N THR ME 69 -40.95 112.06 62.43
CA THR ME 69 -41.05 112.98 63.55
C THR ME 69 -40.01 112.68 64.63
N SER ME 70 -39.67 111.41 64.82
CA SER ME 70 -38.70 111.02 65.83
C SER ME 70 -37.52 110.28 65.21
N VAL ME 71 -37.80 109.21 64.48
CA VAL ME 71 -36.76 108.42 63.83
C VAL ME 71 -36.20 109.21 62.67
N CYS ME 72 -34.89 109.11 62.44
CA CYS ME 72 -34.33 109.92 61.37
C CYS ME 72 -34.24 109.14 60.07
N GLY ME 73 -35.36 108.53 59.66
CA GLY ME 73 -35.52 108.08 58.30
C GLY ME 73 -36.53 106.98 58.11
N GLU ME 74 -37.73 107.33 57.66
CA GLU ME 74 -38.78 106.34 57.39
C GLU ME 74 -39.83 106.99 56.52
N LEU ME 75 -40.02 106.47 55.30
CA LEU ME 75 -41.01 107.01 54.40
C LEU ME 75 -42.41 106.62 54.87
N PRO ME 76 -43.44 107.41 54.51
CA PRO ME 76 -44.82 107.04 54.86
C PRO ME 76 -45.19 105.67 54.30
N LYS ME 77 -45.52 104.75 55.18
CA LYS ME 77 -45.79 103.37 54.82
C LYS ME 77 -47.24 103.02 55.18
N VAL ME 78 -47.92 102.34 54.26
CA VAL ME 78 -49.29 101.92 54.50
C VAL ME 78 -49.30 100.76 55.49
N ARG ME 79 -50.41 100.63 56.23
CA ARG ME 79 -50.55 99.59 57.23
C ARG ME 79 -51.56 98.58 56.72
N TYR ME 80 -52.83 98.69 57.10
CA TYR ME 80 -53.87 97.76 56.67
C TYR ME 80 -54.71 98.37 55.55
N THR ME 81 -55.55 97.53 54.96
CA THR ME 81 -56.43 97.94 53.88
C THR ME 81 -57.84 97.43 54.17
N GLN ME 82 -58.83 98.30 53.97
CA GLN ME 82 -60.23 97.96 54.19
C GLN ME 82 -60.99 98.04 52.87
N VAL ME 83 -61.81 97.02 52.62
CA VAL ME 83 -62.60 96.92 51.39
C VAL ME 83 -64.07 96.81 51.76
N TRP ME 84 -64.89 97.69 51.21
CA TRP ME 84 -66.33 97.71 51.46
C TRP ME 84 -67.02 97.87 50.09
N SER ME 85 -67.31 96.75 49.44
CA SER ME 85 -67.96 96.75 48.15
C SER ME 85 -69.47 96.64 48.29
N HIS ME 86 -70.17 96.88 47.18
CA HIS ME 86 -71.62 96.80 47.14
C HIS ME 86 -72.06 96.09 45.87
N ASP ME 87 -73.36 95.85 45.77
CA ASP ME 87 -73.92 95.18 44.60
C ASP ME 87 -75.40 95.55 44.51
N VAL ME 88 -75.78 96.27 43.46
CA VAL ME 88 -77.16 96.70 43.26
C VAL ME 88 -77.68 96.02 42.00
N THR ME 89 -78.73 95.22 42.17
CA THR ME 89 -79.37 94.50 41.07
C THR ME 89 -80.84 94.89 41.06
N ILE ME 90 -81.14 96.04 40.45
CA ILE ME 90 -82.50 96.56 40.36
C ILE ME 90 -82.92 96.55 38.90
N VAL ME 91 -84.07 95.93 38.62
CA VAL ME 91 -84.58 95.88 37.25
C VAL ME 91 -85.13 97.25 36.85
N ALA ME 92 -85.17 97.49 35.54
CA ALA ME 92 -85.67 98.77 35.04
C ALA ME 92 -87.15 98.93 35.28
N ASN ME 93 -87.96 97.99 34.76
CA ASN ME 93 -89.41 98.03 34.92
C ASN ME 93 -89.76 97.59 36.35
N SER ME 94 -89.64 98.54 37.27
CA SER ME 94 -89.95 98.28 38.67
C SER ME 94 -91.02 99.23 39.17
N THR ME 95 -90.83 99.80 40.36
CA THR ME 95 -91.77 100.73 40.95
C THR ME 95 -91.01 101.82 41.68
N GLU ME 96 -91.35 103.07 41.39
CA GLU ME 96 -90.68 104.19 42.04
C GLU ME 96 -90.97 104.22 43.53
N ALA ME 97 -92.22 103.96 43.92
CA ALA ME 97 -92.57 103.94 45.34
C ALA ME 97 -91.86 102.81 46.07
N SER ME 98 -91.77 101.64 45.44
CA SER ME 98 -91.07 100.52 46.05
C SER ME 98 -89.58 100.82 46.19
N ARG ME 99 -88.98 101.44 45.18
CA ARG ME 99 -87.57 101.80 45.26
C ARG ME 99 -87.33 102.84 46.36
N LYS ME 100 -88.23 103.82 46.48
CA LYS ME 100 -88.09 104.81 47.54
C LYS ME 100 -88.23 104.18 48.92
N SER ME 101 -89.18 103.26 49.08
CA SER ME 101 -89.35 102.58 50.36
C SER ME 101 -88.12 101.73 50.69
N LEU ME 102 -87.56 101.05 49.69
CA LEU ME 102 -86.36 100.26 49.92
C LEU ME 102 -85.17 101.14 50.31
N TYR ME 103 -85.03 102.29 49.63
CA TYR ME 103 -83.95 103.21 49.99
C TYR ME 103 -84.12 103.75 51.39
N ASP ME 104 -85.37 104.07 51.78
CA ASP ME 104 -85.61 104.56 53.14
C ASP ME 104 -85.31 103.47 54.17
N LEU ME 105 -85.68 102.23 53.88
CA LEU ME 105 -85.38 101.13 54.80
C LEU ME 105 -83.88 100.92 54.92
N THR ME 106 -83.15 101.01 53.81
CA THR ME 106 -81.70 100.87 53.86
C THR ME 106 -81.07 102.01 54.66
N LYS ME 107 -81.56 103.24 54.47
CA LYS ME 107 -81.04 104.37 55.22
C LYS ME 107 -81.30 104.21 56.71
N SER ME 108 -82.49 103.72 57.07
CA SER ME 108 -82.81 103.50 58.48
C SER ME 108 -81.93 102.41 59.08
N LEU ME 109 -81.72 101.32 58.34
CA LEU ME 109 -80.86 100.25 58.84
C LEU ME 109 -79.42 100.71 58.98
N VAL ME 110 -78.98 101.63 58.11
CA VAL ME 110 -77.61 102.15 58.22
C VAL ME 110 -77.49 103.09 59.42
N ALA ME 111 -78.48 103.96 59.60
CA ALA ME 111 -78.44 104.95 60.68
C ALA ME 111 -78.81 104.36 62.04
N THR ME 112 -79.31 103.14 62.10
CA THR ME 112 -79.65 102.54 63.38
C THR ME 112 -78.40 102.27 64.21
N SER ME 113 -78.61 102.06 65.51
CA SER ME 113 -77.51 101.84 66.45
C SER ME 113 -77.04 100.39 66.49
N GLN ME 114 -77.78 99.46 65.89
CA GLN ME 114 -77.40 98.06 65.90
C GLN ME 114 -76.21 97.78 64.98
N VAL ME 115 -76.21 98.35 63.77
CA VAL ME 115 -75.10 98.16 62.86
C VAL ME 115 -73.84 98.83 63.40
N GLU ME 116 -73.99 99.98 64.08
CA GLU ME 116 -72.83 100.64 64.68
C GLU ME 116 -72.20 99.77 65.75
N ASP ME 117 -73.02 99.13 66.59
CA ASP ME 117 -72.49 98.22 67.60
C ASP ME 117 -71.86 96.99 66.97
N LEU ME 118 -72.49 96.46 65.91
CA LEU ME 118 -71.92 95.32 65.20
C LEU ME 118 -70.56 95.66 64.60
N VAL ME 119 -70.38 96.91 64.15
CA VAL ME 119 -69.11 97.31 63.56
C VAL ME 119 -68.06 97.54 64.64
N VAL ME 120 -68.43 98.23 65.71
CA VAL ME 120 -67.48 98.61 66.76
C VAL ME 120 -67.16 97.40 67.64
N ASN ME 121 -68.13 96.96 68.43
CA ASN ME 121 -67.91 95.92 69.41
C ASN ME 121 -67.89 94.51 68.81
N LEU ME 122 -68.08 94.38 67.50
CA LEU ME 122 -68.05 93.09 66.81
C LEU ME 122 -69.09 92.12 67.39
N VAL ME 123 -70.18 92.65 67.92
CA VAL ME 123 -71.26 91.84 68.49
C VAL ME 123 -72.26 91.55 67.38
N PRO ME 124 -72.69 90.29 67.21
CA PRO ME 124 -73.65 89.98 66.14
C PRO ME 124 -74.93 90.77 66.29
N LEU ME 125 -75.51 91.14 65.16
CA LEU ME 125 -76.73 91.96 65.13
C LEU ME 125 -77.89 91.15 65.68
N GLY ME 126 -78.50 91.65 66.76
CA GLY ME 126 -79.62 90.98 67.37
C GLY ME 126 -80.08 91.64 68.66
N ARG ME 127 -80.73 92.79 68.54
CA ARG ME 127 -81.23 93.52 69.71
C ARG ME 127 -82.75 93.52 69.75
N SER NE 1 -78.93 84.51 69.57
CA SER NE 1 -77.73 83.85 70.06
C SER NE 1 -77.92 83.35 71.49
N LYS NE 2 -76.82 83.32 72.24
CA LYS NE 2 -76.83 82.79 73.60
C LYS NE 2 -75.87 83.61 74.45
N THR NE 3 -76.39 84.23 75.51
CA THR NE 3 -75.62 85.10 76.38
C THR NE 3 -75.43 84.44 77.73
N ILE NE 4 -74.23 84.59 78.29
CA ILE NE 4 -73.88 84.05 79.60
C ILE NE 4 -73.34 85.20 80.45
N VAL NE 5 -73.94 85.42 81.61
CA VAL NE 5 -73.56 86.50 82.51
C VAL NE 5 -72.77 85.91 83.67
N LEU NE 6 -71.56 86.42 83.88
CA LEU NE 6 -70.68 85.98 84.95
C LEU NE 6 -70.42 87.14 85.89
N SER NE 7 -70.62 86.90 87.19
CA SER NE 7 -70.44 87.93 88.22
C SER NE 7 -69.08 87.72 88.88
N VAL NE 8 -68.21 88.73 88.76
CA VAL NE 8 -66.88 88.65 89.36
C VAL NE 8 -66.83 89.27 90.75
N GLY NE 9 -67.87 90.01 91.15
CA GLY NE 9 -67.89 90.65 92.45
C GLY NE 9 -68.36 92.09 92.38
N GLU NE 10 -67.78 92.85 91.45
CA GLU NE 10 -68.17 94.24 91.24
C GLU NE 10 -68.64 94.55 89.84
N ALA NE 11 -68.28 93.72 88.85
CA ALA NE 11 -68.71 93.91 87.47
C ALA NE 11 -69.27 92.61 86.93
N THR NE 12 -69.98 92.70 85.81
CA THR NE 12 -70.61 91.55 85.17
C THR NE 12 -70.06 91.42 83.76
N ARG NE 13 -69.53 90.24 83.44
CA ARG NE 13 -69.00 89.96 82.11
C ARG NE 13 -70.02 89.17 81.31
N THR NE 14 -70.04 89.40 80.00
CA THR NE 14 -71.00 88.79 79.10
C THR NE 14 -70.26 87.99 78.03
N LEU NE 15 -70.58 86.70 77.92
CA LEU NE 15 -70.05 85.84 76.89
C LEU NE 15 -71.14 85.53 75.88
N THR NE 16 -70.80 85.60 74.60
CA THR NE 16 -71.76 85.42 73.52
C THR NE 16 -71.40 84.19 72.69
N GLU NE 17 -72.42 83.42 72.32
CA GLU NE 17 -72.23 82.27 71.45
C GLU NE 17 -71.82 82.72 70.06
N ILE NE 18 -70.75 82.12 69.52
CA ILE NE 18 -70.15 82.51 68.25
C ILE NE 18 -70.28 81.40 67.21
N GLN NE 19 -69.91 80.17 67.58
CA GLN NE 19 -69.83 79.05 66.64
C GLN NE 19 -70.77 77.95 67.14
N SER NE 20 -72.06 78.11 66.83
CA SER NE 20 -73.09 77.18 67.29
C SER NE 20 -73.02 75.89 66.48
N THR NE 21 -72.49 74.84 67.09
CA THR NE 21 -72.42 73.52 66.48
C THR NE 21 -72.58 72.47 67.57
N ALA NE 22 -73.10 71.30 67.18
CA ALA NE 22 -73.38 70.25 68.15
C ALA NE 22 -72.10 69.71 68.78
N ASP NE 23 -71.15 69.28 67.94
CA ASP NE 23 -69.93 68.66 68.43
C ASP NE 23 -68.89 69.66 68.93
N ARG NE 24 -69.14 70.97 68.78
CA ARG NE 24 -68.19 71.97 69.23
C ARG NE 24 -68.94 73.29 69.41
N GLN NE 25 -69.09 73.72 70.66
CA GLN NE 25 -69.71 75.00 71.00
C GLN NE 25 -68.63 75.96 71.46
N ILE NE 26 -68.54 77.11 70.79
CA ILE NE 26 -67.49 78.10 71.05
C ILE NE 26 -68.16 79.36 71.55
N PHE NE 27 -67.95 79.68 72.82
CA PHE NE 27 -68.42 80.92 73.42
C PHE NE 27 -67.26 81.90 73.53
N GLU NE 28 -67.53 83.17 73.20
CA GLU NE 28 -66.50 84.21 73.23
C GLU NE 28 -67.01 85.42 73.99
N GLU NE 29 -66.16 85.96 74.86
CA GLU NE 29 -66.52 87.12 75.68
C GLU NE 29 -66.41 88.40 74.85
N LYS NE 30 -67.42 89.25 74.96
CA LYS NE 30 -67.48 90.51 74.23
C LYS NE 30 -67.30 91.65 75.22
N VAL NE 31 -66.13 92.28 75.21
CA VAL NE 31 -65.84 93.42 76.07
C VAL NE 31 -65.22 94.53 75.24
N GLY NE 32 -64.16 94.21 74.52
CA GLY NE 32 -63.48 95.15 73.67
C GLY NE 32 -62.79 94.48 72.49
N PRO NE 33 -61.48 94.25 72.62
CA PRO NE 33 -60.75 93.56 71.55
C PRO NE 33 -61.14 92.09 71.51
N LEU NE 34 -61.64 91.65 70.35
CA LEU NE 34 -62.08 90.25 70.23
C LEU NE 34 -60.90 89.30 70.21
N VAL NE 35 -59.78 89.70 69.63
CA VAL NE 35 -58.60 88.84 69.59
C VAL NE 35 -57.94 88.85 70.97
N GLY NE 36 -57.53 87.66 71.43
CA GLY NE 36 -56.91 87.54 72.73
C GLY NE 36 -57.84 87.84 73.88
N ARG NE 37 -58.98 87.15 73.92
CA ARG NE 37 -59.97 87.37 74.96
C ARG NE 37 -60.31 86.06 75.68
N LEU NE 38 -61.52 85.95 76.20
CA LEU NE 38 -61.98 84.77 76.91
C LEU NE 38 -62.79 83.89 75.97
N ARG NE 39 -62.36 82.63 75.82
CA ARG NE 39 -63.04 81.68 74.96
C ARG NE 39 -63.32 80.40 75.73
N LEU NE 40 -64.41 79.73 75.35
CA LEU NE 40 -64.84 78.51 76.00
C LEU NE 40 -65.28 77.50 74.95
N THR NE 41 -64.72 76.30 75.00
CA THR NE 41 -65.02 75.23 74.07
C THR NE 41 -65.74 74.10 74.81
N ALA NE 42 -66.91 73.73 74.32
CA ALA NE 42 -67.71 72.67 74.92
C ALA NE 42 -67.95 71.58 73.88
N SER NE 43 -67.87 70.32 74.33
CA SER NE 43 -68.08 69.18 73.45
C SER NE 43 -68.77 68.08 74.23
N LEU NE 44 -69.70 67.39 73.55
CA LEU NE 44 -70.43 66.27 74.13
C LEU NE 44 -70.49 65.14 73.11
N ARG NE 45 -70.25 63.91 73.57
CA ARG NE 45 -70.25 62.76 72.68
C ARG NE 45 -70.62 61.52 73.48
N GLN NE 46 -70.48 60.36 72.84
CA GLN NE 46 -70.71 59.05 73.44
C GLN NE 46 -69.39 58.31 73.56
N ASN NE 47 -69.46 57.00 73.75
CA ASN NE 47 -68.26 56.18 73.88
C ASN NE 47 -68.64 54.72 73.69
N GLY NE 48 -67.66 53.93 73.24
CA GLY NE 48 -67.80 52.50 73.12
C GLY NE 48 -69.03 52.04 72.37
N ALA NE 49 -69.90 51.29 73.06
CA ALA NE 49 -71.13 50.78 72.47
C ALA NE 49 -72.33 51.34 73.22
N LYS NE 50 -72.50 52.65 73.15
CA LYS NE 50 -73.64 53.36 73.76
C LYS NE 50 -73.73 53.08 75.25
N THR NE 51 -72.58 53.00 75.91
CA THR NE 51 -72.54 52.76 77.35
C THR NE 51 -72.64 54.07 78.12
N ALA NE 52 -71.54 54.82 78.17
CA ALA NE 52 -71.50 56.08 78.89
C ALA NE 52 -71.43 57.26 77.94
N TYR NE 53 -70.93 58.41 78.41
CA TYR NE 53 -70.80 59.59 77.60
C TYR NE 53 -69.46 60.26 77.90
N ARG NE 54 -69.17 61.33 77.16
CA ARG NE 54 -67.92 62.07 77.33
C ARG NE 54 -68.20 63.55 77.10
N VAL NE 55 -67.88 64.36 78.11
CA VAL NE 55 -68.06 65.80 78.05
C VAL NE 55 -66.71 66.46 78.24
N ASN NE 56 -66.40 67.43 77.37
CA ASN NE 56 -65.15 68.16 77.41
C ASN NE 56 -65.44 69.65 77.51
N LEU NE 57 -64.79 70.32 78.46
CA LEU NE 57 -64.96 71.75 78.67
C LEU NE 57 -63.59 72.39 78.84
N LYS NE 58 -63.24 73.29 77.93
CA LYS NE 58 -61.96 73.99 77.96
C LYS NE 58 -62.22 75.49 78.03
N LEU NE 59 -61.38 76.19 78.80
CA LEU NE 59 -61.49 77.63 78.96
C LEU NE 59 -60.13 78.26 78.74
N ASP NE 60 -60.03 79.13 77.75
CA ASP NE 60 -58.77 79.78 77.39
C ASP NE 60 -58.90 81.29 77.51
N GLN NE 61 -57.79 81.94 77.87
CA GLN NE 61 -57.75 83.40 77.98
C GLN NE 61 -56.30 83.84 77.83
N ALA NE 62 -56.01 84.54 76.74
CA ALA NE 62 -54.67 85.03 76.45
C ALA NE 62 -54.60 86.53 76.68
N ASP NE 63 -53.60 86.95 77.46
CA ASP NE 63 -53.42 88.37 77.74
C ASP NE 63 -52.81 89.08 76.53
N VAL NE 64 -53.14 90.37 76.40
CA VAL NE 64 -52.67 91.19 75.30
C VAL NE 64 -51.92 92.38 75.85
N VAL NE 65 -51.04 92.95 75.03
CA VAL NE 65 -50.26 94.12 75.38
C VAL NE 65 -50.26 95.08 74.19
N ASP NE 66 -50.09 96.36 74.49
CA ASP NE 66 -50.12 97.41 73.47
C ASP NE 66 -49.20 98.55 73.90
N CYS NE 67 -48.55 99.15 72.91
CA CYS NE 67 -47.62 100.25 73.15
C CYS NE 67 -48.04 101.55 72.46
N SER NE 68 -49.25 101.63 71.92
CA SER NE 68 -49.67 102.83 71.22
C SER NE 68 -49.87 104.02 72.16
N THR NE 69 -49.91 103.77 73.47
CA THR NE 69 -50.08 104.87 74.42
C THR NE 69 -48.82 105.71 74.54
N SER NE 70 -47.64 105.10 74.40
CA SER NE 70 -46.38 105.82 74.50
C SER NE 70 -45.56 105.68 73.23
N VAL NE 71 -45.29 104.45 72.82
CA VAL NE 71 -44.51 104.19 71.62
C VAL NE 71 -45.36 104.53 70.40
N CYS NE 72 -44.72 105.07 69.37
CA CYS NE 72 -45.47 105.49 68.19
C CYS NE 72 -45.52 104.37 67.15
N GLY NE 73 -45.89 103.17 67.57
CA GLY NE 73 -46.32 102.15 66.63
C GLY NE 73 -46.12 100.72 67.12
N GLU NE 74 -47.20 100.10 67.58
CA GLU NE 74 -47.15 98.71 68.02
C GLU NE 74 -48.58 98.19 68.09
N LEU NE 75 -48.89 97.17 67.28
CA LEU NE 75 -50.21 96.58 67.29
C LEU NE 75 -50.42 95.75 68.55
N PRO NE 76 -51.67 95.57 68.98
CA PRO NE 76 -51.93 94.70 70.14
C PRO NE 76 -51.42 93.29 69.90
N LYS NE 77 -50.49 92.86 70.75
CA LYS NE 77 -49.82 91.58 70.61
C LYS NE 77 -50.13 90.70 71.81
N VAL NE 78 -50.43 89.42 71.54
CA VAL NE 78 -50.71 88.48 72.62
C VAL NE 78 -49.41 88.11 73.32
N ARG NE 79 -49.53 87.73 74.60
CA ARG NE 79 -48.36 87.38 75.40
C ARG NE 79 -48.41 85.88 75.65
N TYR NE 80 -48.95 85.42 76.76
CA TYR NE 80 -49.01 84.00 77.09
C TYR NE 80 -50.40 83.46 76.84
N THR NE 81 -50.53 82.13 76.90
CA THR NE 81 -51.79 81.44 76.70
C THR NE 81 -51.99 80.43 77.81
N GLN NE 82 -53.21 80.39 78.36
CA GLN NE 82 -53.57 79.49 79.43
C GLN NE 82 -54.64 78.53 78.95
N VAL NE 83 -54.46 77.25 79.25
CA VAL NE 83 -55.38 76.19 78.84
C VAL NE 83 -55.85 75.45 80.09
N TRP NE 84 -57.18 75.38 80.26
CA TRP NE 84 -57.80 74.68 81.39
C TRP NE 84 -58.92 73.81 80.83
N SER NE 85 -58.59 72.57 80.49
CA SER NE 85 -59.54 71.62 79.94
C SER NE 85 -60.15 70.77 81.04
N HIS NE 86 -61.21 70.05 80.68
CA HIS NE 86 -61.91 69.17 81.61
C HIS NE 86 -62.23 67.86 80.91
N ASP NE 87 -62.78 66.92 81.68
CA ASP NE 87 -63.15 65.61 81.15
C ASP NE 87 -64.19 65.00 82.07
N VAL NE 88 -65.41 64.82 81.56
CA VAL NE 88 -66.52 64.28 82.33
C VAL NE 88 -66.91 62.94 81.71
N THR NE 89 -66.77 61.87 82.48
CA THR NE 89 -67.12 60.51 82.05
C THR NE 89 -68.15 59.96 83.03
N ILE NE 90 -69.42 60.32 82.82
CA ILE NE 90 -70.52 59.89 83.67
C ILE NE 90 -71.43 59.00 82.86
N VAL NE 91 -71.71 57.80 83.37
CA VAL NE 91 -72.58 56.86 82.68
C VAL NE 91 -74.04 57.33 82.80
N ALA NE 92 -74.86 56.88 81.86
CA ALA NE 92 -76.27 57.28 81.85
C ALA NE 92 -77.02 56.67 83.03
N ASN NE 93 -77.01 55.34 83.12
CA ASN NE 93 -77.69 54.62 84.20
C ASN NE 93 -76.87 54.77 85.49
N SER NE 94 -77.04 55.92 86.14
CA SER NE 94 -76.33 56.20 87.38
C SER NE 94 -77.31 56.49 88.51
N THR NE 95 -77.04 57.52 89.29
CA THR NE 95 -77.91 57.91 90.40
C THR NE 95 -77.94 59.43 90.50
N GLU NE 96 -79.16 59.99 90.54
CA GLU NE 96 -79.30 61.43 90.64
C GLU NE 96 -78.74 61.96 91.95
N ALA NE 97 -79.01 61.25 93.06
CA ALA NE 97 -78.49 61.69 94.35
C ALA NE 97 -76.97 61.62 94.38
N SER NE 98 -76.38 60.57 93.81
CA SER NE 98 -74.93 60.46 93.76
C SER NE 98 -74.33 61.56 92.89
N ARG NE 99 -74.97 61.87 91.76
CA ARG NE 99 -74.47 62.94 90.90
C ARG NE 99 -74.56 64.30 91.61
N LYS NE 100 -75.64 64.53 92.34
CA LYS NE 100 -75.78 65.78 93.08
C LYS NE 100 -74.74 65.89 94.18
N SER NE 101 -74.48 64.79 94.89
CA SER NE 101 -73.45 64.80 95.94
C SER NE 101 -72.07 65.03 95.34
N LEU NE 102 -71.79 64.42 94.18
CA LEU NE 102 -70.49 64.64 93.54
C LEU NE 102 -70.34 66.09 93.09
N TYR NE 103 -71.42 66.67 92.54
CA TYR NE 103 -71.36 68.06 92.12
C TYR NE 103 -71.16 68.99 93.33
N ASP NE 104 -71.82 68.69 94.44
CA ASP NE 104 -71.64 69.51 95.64
C ASP NE 104 -70.22 69.39 96.17
N LEU NE 105 -69.65 68.18 96.15
CA LEU NE 105 -68.28 68.00 96.60
C LEU NE 105 -67.30 68.74 95.70
N THR NE 106 -67.53 68.70 94.38
CA THR NE 106 -66.68 69.44 93.45
C THR NE 106 -66.78 70.94 93.68
N LYS NE 107 -68.00 71.44 93.91
CA LYS NE 107 -68.19 72.86 94.18
C LYS NE 107 -67.49 73.28 95.47
N SER NE 108 -67.57 72.42 96.50
CA SER NE 108 -66.89 72.73 97.76
C SER NE 108 -65.37 72.73 97.59
N LEU NE 109 -64.84 71.75 96.85
CA LEU NE 109 -63.40 71.71 96.62
C LEU NE 109 -62.94 72.90 95.78
N VAL NE 110 -63.79 73.40 94.87
CA VAL NE 110 -63.41 74.56 94.09
C VAL NE 110 -63.45 75.82 94.94
N ALA NE 111 -64.48 75.97 95.78
CA ALA NE 111 -64.65 77.16 96.59
C ALA NE 111 -63.76 77.17 97.83
N THR NE 112 -63.11 76.05 98.16
CA THR NE 112 -62.24 76.02 99.32
C THR NE 112 -61.02 76.91 99.10
N SER NE 113 -60.33 77.23 100.21
CA SER NE 113 -59.18 78.10 100.19
C SER NE 113 -57.88 77.38 99.85
N GLN NE 114 -57.88 76.05 99.85
CA GLN NE 114 -56.68 75.28 99.54
C GLN NE 114 -56.32 75.35 98.06
N VAL NE 115 -57.32 75.19 97.18
CA VAL NE 115 -57.04 75.28 95.75
C VAL NE 115 -56.63 76.69 95.35
N GLU NE 116 -57.21 77.70 96.00
CA GLU NE 116 -56.80 79.07 95.73
C GLU NE 116 -55.34 79.30 96.08
N ASP NE 117 -54.89 78.77 97.22
CA ASP NE 117 -53.49 78.89 97.60
C ASP NE 117 -52.60 78.10 96.65
N LEU NE 118 -53.04 76.90 96.26
CA LEU NE 118 -52.29 76.10 95.29
C LEU NE 118 -52.13 76.83 93.97
N VAL NE 119 -53.14 77.59 93.56
CA VAL NE 119 -53.08 78.32 92.30
C VAL NE 119 -52.18 79.55 92.43
N VAL NE 120 -52.36 80.31 93.50
CA VAL NE 120 -51.63 81.57 93.67
C VAL NE 120 -50.19 81.31 94.07
N ASN NE 121 -49.98 80.81 95.29
CA ASN NE 121 -48.65 80.64 95.84
C ASN NE 121 -47.92 79.42 95.32
N LEU NE 122 -48.56 78.62 94.45
CA LEU NE 122 -47.95 77.42 93.86
C LEU NE 122 -47.50 76.44 94.94
N VAL NE 123 -48.18 76.44 96.09
CA VAL NE 123 -47.87 75.53 97.18
C VAL NE 123 -48.71 74.26 97.01
N PRO NE 124 -48.10 73.08 97.12
CA PRO NE 124 -48.88 71.84 96.94
C PRO NE 124 -50.03 71.74 97.93
N LEU NE 125 -51.14 71.17 97.46
CA LEU NE 125 -52.34 71.06 98.28
C LEU NE 125 -52.09 70.09 99.43
N GLY NE 126 -52.23 70.59 100.66
CA GLY NE 126 -52.03 69.78 101.84
C GLY NE 126 -52.11 70.56 103.13
N ARG NE 127 -53.32 70.95 103.52
CA ARG NE 127 -53.53 71.70 104.74
C ARG NE 127 -54.28 70.88 105.78
N SER OE 1 -49.54 76.11 107.66
CA SER OE 1 -48.17 76.07 107.16
C SER OE 1 -47.18 76.46 108.25
N LYS OE 2 -46.07 77.07 107.83
CA LYS OE 2 -44.98 77.41 108.73
C LYS OE 2 -44.37 78.73 108.27
N THR OE 3 -44.40 79.74 109.12
CA THR OE 3 -43.91 81.07 108.81
C THR OE 3 -42.64 81.35 109.60
N ILE OE 4 -41.68 82.00 108.94
CA ILE OE 4 -40.41 82.38 109.54
C ILE OE 4 -40.22 83.88 109.32
N VAL OE 5 -40.02 84.62 110.40
CA VAL OE 5 -39.85 86.07 110.36
C VAL OE 5 -38.38 86.40 110.53
N LEU OE 6 -37.82 87.14 109.57
CA LEU OE 6 -36.42 87.55 109.61
C LEU OE 6 -36.35 89.06 109.67
N SER OE 7 -35.59 89.59 110.62
CA SER OE 7 -35.44 91.03 110.82
C SER OE 7 -34.13 91.48 110.18
N VAL OE 8 -34.22 92.36 109.19
CA VAL OE 8 -33.04 92.88 108.51
C VAL OE 8 -32.54 94.18 109.12
N GLY OE 9 -33.33 94.82 109.97
CA GLY OE 9 -32.93 96.08 110.58
C GLY OE 9 -34.04 97.11 110.56
N GLU OE 10 -34.66 97.29 109.40
CA GLU OE 10 -35.78 98.21 109.24
C GLU OE 10 -37.06 97.57 108.74
N ALA OE 11 -36.97 96.40 108.09
CA ALA OE 11 -38.14 95.69 107.59
C ALA OE 11 -38.06 94.24 108.03
N THR OE 12 -39.20 93.55 107.94
CA THR OE 12 -39.32 92.15 108.34
C THR OE 12 -39.74 91.32 107.14
N ARG OE 13 -38.97 90.29 106.82
CA ARG OE 13 -39.27 89.39 105.71
C ARG OE 13 -39.92 88.12 106.26
N THR OE 14 -40.82 87.55 105.46
CA THR OE 14 -41.59 86.38 105.84
C THR OE 14 -41.34 85.25 104.85
N LEU OE 15 -40.88 84.11 105.35
CA LEU OE 15 -40.69 82.91 104.56
C LEU OE 15 -41.77 81.89 104.91
N THR OE 16 -42.35 81.27 103.89
CA THR OE 16 -43.46 80.34 104.06
C THR OE 16 -43.05 78.95 103.61
N GLU OE 17 -43.46 77.95 104.39
CA GLU OE 17 -43.21 76.56 104.02
C GLU OE 17 -44.04 76.19 102.79
N ILE OE 18 -43.38 75.59 101.80
CA ILE OE 18 -43.99 75.25 100.53
C ILE OE 18 -44.08 73.74 100.34
N GLN OE 19 -42.96 73.05 100.49
CA GLN OE 19 -42.83 71.62 100.17
C GLN OE 19 -42.51 70.86 101.45
N SER OE 20 -43.54 70.60 102.26
CA SER OE 20 -43.37 69.94 103.55
C SER OE 20 -43.10 68.46 103.33
N THR OE 21 -41.84 68.05 103.53
CA THR OE 21 -41.44 66.66 103.44
C THR OE 21 -40.31 66.43 104.44
N ALA OE 22 -40.21 65.18 104.91
CA ALA OE 22 -39.22 64.85 105.94
C ALA OE 22 -37.80 64.99 105.42
N ASP OE 23 -37.49 64.33 104.31
CA ASP OE 23 -36.14 64.32 103.77
C ASP OE 23 -35.78 65.60 103.01
N ARG OE 24 -36.73 66.51 102.81
CA ARG OE 24 -36.46 67.75 102.07
C ARG OE 24 -37.52 68.77 102.45
N GLN OE 25 -37.11 69.81 103.17
CA GLN OE 25 -37.99 70.91 103.54
C GLN OE 25 -37.61 72.13 102.72
N ILE OE 26 -38.56 72.69 101.98
CA ILE OE 26 -38.34 73.80 101.07
C ILE OE 26 -39.14 74.99 101.58
N PHE OE 27 -38.44 76.01 102.06
CA PHE OE 27 -39.06 77.26 102.48
C PHE OE 27 -38.84 78.32 101.40
N GLU OE 28 -39.89 79.09 101.11
CA GLU OE 28 -39.83 80.11 100.07
C GLU OE 28 -40.36 81.43 100.62
N GLU OE 29 -39.63 82.51 100.31
CA GLU OE 29 -40.00 83.84 100.77
C GLU OE 29 -41.12 84.41 99.90
N LYS OE 30 -42.14 84.98 100.56
CA LYS OE 30 -43.28 85.57 99.88
C LYS OE 30 -43.23 87.08 100.04
N VAL OE 31 -42.88 87.77 98.96
CA VAL OE 31 -42.84 89.23 98.95
C VAL OE 31 -43.57 89.75 97.71
N GLY OE 32 -43.17 89.25 96.55
CA GLY OE 32 -43.79 89.65 95.31
C GLY OE 32 -43.70 88.55 94.26
N PRO OE 33 -42.72 88.66 93.35
CA PRO OE 33 -42.52 87.62 92.33
C PRO OE 33 -41.97 86.35 92.98
N LEU OE 34 -42.70 85.25 92.82
CA LEU OE 34 -42.28 83.99 93.43
C LEU OE 34 -41.06 83.41 92.73
N VAL OE 35 -40.95 83.59 91.42
CA VAL OE 35 -39.79 83.09 90.68
C VAL OE 35 -38.60 84.00 90.94
N GLY OE 36 -37.44 83.38 91.17
CA GLY OE 36 -36.24 84.14 91.45
C GLY OE 36 -36.30 84.88 92.77
N ARG OE 37 -36.56 84.15 93.85
CA ARG OE 37 -36.65 84.76 95.17
C ARG OE 37 -35.72 84.07 96.16
N LEU OE 38 -36.09 84.07 97.44
CA LEU OE 38 -35.29 83.46 98.49
C LEU OE 38 -35.84 82.07 98.79
N ARG OE 39 -34.98 81.06 98.68
CA ARG OE 39 -35.36 79.68 98.96
C ARG OE 39 -34.37 79.05 99.92
N LEU OE 40 -34.87 78.11 100.72
CA LEU OE 40 -34.08 77.44 101.73
C LEU OE 40 -34.41 75.95 101.72
N THR OE 41 -33.37 75.12 101.60
CA THR OE 41 -33.52 73.67 101.56
C THR OE 41 -32.89 73.08 102.81
N ALA OE 42 -33.67 72.29 103.55
CA ALA OE 42 -33.22 71.64 104.77
C ALA OE 42 -33.36 70.13 104.64
N SER OE 43 -32.36 69.40 105.13
CA SER OE 43 -32.38 67.95 105.06
C SER OE 43 -31.73 67.38 106.33
N LEU OE 44 -32.30 66.29 106.83
CA LEU OE 44 -31.79 65.61 108.01
C LEU OE 44 -31.79 64.11 107.74
N ARG OE 45 -30.71 63.44 108.11
CA ARG OE 45 -30.60 62.00 107.88
C ARG OE 45 -29.67 61.40 108.93
N GLN OE 46 -29.32 60.12 108.73
CA GLN OE 46 -28.40 59.39 109.57
C GLN OE 46 -27.13 59.09 108.78
N ASN OE 47 -26.34 58.13 109.26
CA ASN OE 47 -25.09 57.77 108.60
C ASN OE 47 -24.63 56.43 109.13
N GLY OE 48 -23.88 55.70 108.29
CA GLY OE 48 -23.24 54.46 108.68
C GLY OE 48 -24.16 53.45 109.33
N ALA OE 49 -23.86 53.11 110.59
CA ALA OE 49 -24.66 52.14 111.34
C ALA OE 49 -25.24 52.81 112.58
N LYS OE 50 -26.12 53.79 112.36
CA LYS OE 50 -26.82 54.51 113.42
C LYS OE 50 -25.85 55.13 114.41
N THR OE 51 -24.73 55.64 113.91
CA THR OE 51 -23.73 56.29 114.76
C THR OE 51 -24.07 57.77 114.96
N ALA OE 52 -23.79 58.59 113.94
CA ALA OE 52 -24.03 60.02 114.02
C ALA OE 52 -25.20 60.42 113.13
N TYR OE 53 -25.25 61.69 112.74
CA TYR OE 53 -26.30 62.21 111.88
C TYR OE 53 -25.70 63.14 110.85
N ARG OE 54 -26.54 63.62 109.94
CA ARG OE 54 -26.11 64.51 108.88
C ARG OE 54 -27.21 65.52 108.60
N VAL OE 55 -26.88 66.80 108.73
CA VAL OE 55 -27.82 67.89 108.49
C VAL OE 55 -27.27 68.77 107.38
N ASN OE 56 -28.13 69.09 106.41
CA ASN OE 56 -27.75 69.92 105.28
C ASN OE 56 -28.69 71.12 105.20
N LEU OE 57 -28.11 72.31 105.07
CA LEU OE 57 -28.87 73.55 104.98
C LEU OE 57 -28.31 74.39 103.85
N LYS OE 58 -29.14 74.64 102.83
CA LYS OE 58 -28.74 75.44 101.68
C LYS OE 58 -29.67 76.64 101.55
N LEU OE 59 -29.11 77.78 101.16
CA LEU OE 59 -29.88 79.02 101.01
C LEU OE 59 -29.53 79.62 99.66
N ASP OE 60 -30.53 79.77 98.79
CA ASP OE 60 -30.35 80.30 97.46
C ASP OE 60 -31.19 81.56 97.26
N GLN OE 61 -30.68 82.47 96.43
CA GLN OE 61 -31.38 83.70 96.11
C GLN OE 61 -30.85 84.22 94.78
N ALA OE 62 -31.71 84.21 93.77
CA ALA OE 62 -31.34 84.65 92.43
C ALA OE 62 -31.99 86.00 92.14
N ASP OE 63 -31.18 86.97 91.71
CA ASP OE 63 -31.67 88.29 91.38
C ASP OE 63 -32.42 88.26 90.04
N VAL OE 64 -33.39 89.16 89.91
CA VAL OE 64 -34.21 89.26 88.71
C VAL OE 64 -34.09 90.68 88.15
N VAL OE 65 -34.37 90.80 86.85
CA VAL OE 65 -34.34 92.08 86.15
C VAL OE 65 -35.56 92.15 85.25
N ASP OE 66 -35.99 93.39 84.98
CA ASP OE 66 -37.18 93.64 84.16
C ASP OE 66 -37.02 94.95 83.42
N CYS OE 67 -37.53 94.98 82.19
CA CYS OE 67 -37.45 96.16 81.35
C CYS OE 67 -38.81 96.72 80.95
N SER OE 68 -39.89 96.26 81.58
CA SER OE 68 -41.22 96.75 81.21
C SER OE 68 -41.43 98.20 81.62
N THR OE 69 -40.55 98.75 82.46
CA THR OE 69 -40.70 100.15 82.88
C THR OE 69 -40.35 101.11 81.75
N SER OE 70 -39.40 100.74 80.89
CA SER OE 70 -38.98 101.60 79.80
C SER OE 70 -39.16 100.89 78.45
N VAL OE 71 -38.56 99.72 78.31
CA VAL OE 71 -38.64 98.95 77.08
C VAL OE 71 -40.05 98.38 76.96
N CYS OE 72 -40.61 98.36 75.74
CA CYS OE 72 -41.97 97.85 75.60
C CYS OE 72 -41.98 96.37 75.28
N GLY OE 73 -41.28 95.57 76.09
CA GLY OE 73 -41.53 94.14 76.13
C GLY OE 73 -40.35 93.32 76.60
N GLU OE 74 -40.38 92.90 77.86
CA GLU OE 74 -39.32 92.05 78.42
C GLU OE 74 -39.85 91.43 79.70
N LEU OE 75 -39.94 90.09 79.72
CA LEU OE 75 -40.41 89.40 80.90
C LEU OE 75 -39.33 89.42 81.99
N PRO OE 76 -39.72 89.31 83.26
CA PRO OE 76 -38.72 89.24 84.34
C PRO OE 76 -37.78 88.06 84.14
N LYS OE 77 -36.49 88.36 84.01
CA LYS OE 77 -35.48 87.37 83.70
C LYS OE 77 -34.47 87.30 84.85
N VAL OE 78 -34.11 86.08 85.24
CA VAL OE 78 -33.13 85.90 86.30
C VAL OE 78 -31.73 86.22 85.77
N ARG OE 79 -30.85 86.65 86.68
CA ARG OE 79 -29.49 87.01 86.31
C ARG OE 79 -28.55 85.95 86.85
N TYR OE 80 -27.97 86.14 88.02
CA TYR OE 80 -27.03 85.18 88.60
C TYR OE 80 -27.72 84.36 89.68
N THR OE 81 -27.02 83.32 90.14
CA THR OE 81 -27.51 82.43 91.17
C THR OE 81 -26.43 82.23 92.22
N GLN OE 82 -26.81 82.30 93.48
CA GLN OE 82 -25.89 82.13 94.61
C GLN OE 82 -26.29 80.90 95.41
N VAL OE 83 -25.29 80.08 95.75
CA VAL OE 83 -25.50 78.84 96.49
C VAL OE 83 -24.66 78.88 97.75
N TRP OE 84 -25.30 78.69 98.90
CA TRP OE 84 -24.63 78.69 100.20
C TRP OE 84 -25.15 77.47 100.97
N SER OE 85 -24.46 76.34 100.82
CA SER OE 85 -24.84 75.11 101.48
C SER OE 85 -24.08 74.95 102.80
N HIS OE 86 -24.53 73.98 103.59
CA HIS OE 86 -23.92 73.69 104.89
C HIS OE 86 -23.81 72.18 105.06
N ASP OE 87 -23.16 71.78 106.15
CA ASP OE 87 -22.97 70.37 106.45
C ASP OE 87 -22.72 70.23 107.95
N VAL OE 88 -23.64 69.58 108.65
CA VAL OE 88 -23.56 69.40 110.10
C VAL OE 88 -23.41 67.91 110.37
N THR OE 89 -22.28 67.52 110.97
CA THR OE 89 -22.00 66.13 111.32
C THR OE 89 -21.74 66.07 112.82
N ILE OE 90 -22.82 66.02 113.60
CA ILE OE 90 -22.74 65.98 115.05
C ILE OE 90 -23.27 64.63 115.52
N VAL OE 91 -22.47 63.93 116.33
CA VAL OE 91 -22.89 62.63 116.85
C VAL OE 91 -23.93 62.82 117.94
N ALA OE 92 -24.74 61.78 118.16
CA ALA OE 92 -25.80 61.86 119.16
C ALA OE 92 -25.22 61.90 120.58
N ASN OE 93 -24.43 60.90 120.94
CA ASN OE 93 -23.80 60.84 122.26
C ASN OE 93 -22.65 61.83 122.32
N SER OE 94 -22.99 63.10 122.54
CA SER OE 94 -22.00 64.16 122.63
C SER OE 94 -22.09 64.86 123.97
N THR OE 95 -22.04 66.19 123.95
CA THR OE 95 -22.11 66.99 125.17
C THR OE 95 -22.91 68.25 124.90
N GLU OE 96 -23.91 68.52 125.74
CA GLU OE 96 -24.74 69.71 125.55
C GLU OE 96 -23.93 70.98 125.74
N ALA OE 97 -23.05 71.00 126.75
CA ALA OE 97 -22.22 72.18 126.97
C ALA OE 97 -21.26 72.41 125.81
N SER OE 98 -20.67 71.34 125.28
CA SER OE 98 -19.78 71.47 124.15
C SER OE 98 -20.53 71.96 122.92
N ARG OE 99 -21.74 71.45 122.69
CA ARG OE 99 -22.53 71.90 121.56
C ARG OE 99 -22.91 73.37 121.70
N LYS OE 100 -23.27 73.79 122.91
CA LYS OE 100 -23.60 75.19 123.14
C LYS OE 100 -22.38 76.09 122.92
N SER OE 101 -21.22 75.66 123.39
CA SER OE 101 -20.00 76.44 123.18
C SER OE 101 -19.65 76.53 121.70
N LEU OE 102 -19.82 75.43 120.96
CA LEU OE 102 -19.56 75.45 119.53
C LEU OE 102 -20.53 76.38 118.80
N TYR OE 103 -21.80 76.34 119.19
CA TYR OE 103 -22.78 77.24 118.57
C TYR OE 103 -22.46 78.69 118.87
N ASP OE 104 -22.05 78.99 120.10
CA ASP OE 104 -21.67 80.35 120.45
C ASP OE 104 -20.45 80.82 119.67
N LEU OE 105 -19.46 79.93 119.50
CA LEU OE 105 -18.28 80.28 118.72
C LEU OE 105 -18.64 80.53 117.26
N THR OE 106 -19.53 79.70 116.70
CA THR OE 106 -19.97 79.90 115.32
C THR OE 106 -20.72 81.22 115.18
N LYS OE 107 -21.59 81.54 116.14
CA LYS OE 107 -22.32 82.79 116.10
C LYS OE 107 -21.37 83.98 116.19
N SER OE 108 -20.35 83.89 117.04
CA SER OE 108 -19.38 84.98 117.16
C SER OE 108 -18.58 85.14 115.87
N LEU OE 109 -18.16 84.02 115.27
CA LEU OE 109 -17.41 84.10 114.02
C LEU OE 109 -18.27 84.65 112.88
N VAL OE 110 -19.59 84.38 112.91
CA VAL OE 110 -20.47 84.92 111.88
C VAL OE 110 -20.68 86.41 112.10
N ALA OE 111 -20.88 86.84 113.35
CA ALA OE 111 -21.16 88.23 113.66
C ALA OE 111 -19.91 89.10 113.67
N THR OE 112 -18.72 88.51 113.61
CA THR OE 112 -17.50 89.31 113.61
C THR OE 112 -17.39 90.10 112.30
N SER OE 113 -16.51 91.11 112.33
CA SER OE 113 -16.32 92.00 111.19
C SER OE 113 -15.34 91.44 110.16
N GLN OE 114 -14.61 90.38 110.48
CA GLN OE 114 -13.65 89.80 109.55
C GLN OE 114 -14.34 89.06 108.41
N VAL OE 115 -15.37 88.25 108.72
CA VAL OE 115 -16.09 87.54 107.67
C VAL OE 115 -16.86 88.52 106.78
N GLU OE 116 -17.37 89.60 107.35
CA GLU OE 116 -18.05 90.61 106.54
C GLU OE 116 -17.09 91.24 105.54
N ASP OE 117 -15.87 91.56 105.98
CA ASP OE 117 -14.88 92.12 105.06
C ASP OE 117 -14.47 91.09 104.01
N LEU OE 118 -14.30 89.82 104.43
CA LEU OE 118 -13.98 88.76 103.47
C LEU OE 118 -15.06 88.61 102.42
N VAL OE 119 -16.32 88.81 102.80
CA VAL OE 119 -17.42 88.68 101.85
C VAL OE 119 -17.50 89.89 100.92
N VAL OE 120 -17.38 91.09 101.49
CA VAL OE 120 -17.55 92.32 100.72
C VAL OE 120 -16.30 92.59 99.87
N ASN OE 121 -15.20 92.92 100.53
CA ASN OE 121 -13.99 93.34 99.84
C ASN OE 121 -13.18 92.18 99.26
N LEU OE 122 -13.64 90.94 99.46
CA LEU OE 122 -12.95 89.75 98.94
C LEU OE 122 -11.52 89.66 99.44
N VAL OE 123 -11.26 90.20 100.62
CA VAL OE 123 -9.93 90.15 101.23
C VAL OE 123 -9.83 88.90 102.09
N PRO OE 124 -8.76 88.11 101.97
CA PRO OE 124 -8.65 86.88 102.77
C PRO OE 124 -8.69 87.18 104.27
N LEU OE 125 -9.31 86.26 105.01
CA LEU OE 125 -9.49 86.44 106.45
C LEU OE 125 -8.14 86.37 107.14
N GLY OE 126 -7.78 87.45 107.83
CA GLY OE 126 -6.51 87.51 108.53
C GLY OE 126 -6.24 88.87 109.15
N ARG OE 127 -6.94 89.19 110.23
CA ARG OE 127 -6.77 90.47 110.92
C ARG OE 127 -6.15 90.27 112.30
N SER PE 1 -0.59 86.77 105.15
CA SER PE 1 -0.31 87.06 103.75
C SER PE 1 0.85 88.04 103.61
N LYS PE 2 0.80 88.85 102.55
CA LYS PE 2 1.88 89.77 102.22
C LYS PE 2 1.26 91.03 101.63
N THR PE 3 1.48 92.17 102.28
CA THR PE 3 0.93 93.45 101.86
C THR PE 3 2.01 94.35 101.31
N ILE PE 4 1.69 95.07 100.24
CA ILE PE 4 2.61 96.01 99.59
C ILE PE 4 1.91 97.35 99.51
N VAL PE 5 2.53 98.40 100.06
CA VAL PE 5 1.96 99.74 100.08
C VAL PE 5 2.67 100.57 99.02
N LEU PE 6 1.89 101.17 98.12
CA LEU PE 6 2.42 102.01 97.05
C LEU PE 6 1.86 103.42 97.22
N SER PE 7 2.75 104.42 97.22
CA SER PE 7 2.37 105.82 97.39
C SER PE 7 2.31 106.48 96.01
N VAL PE 8 1.13 106.96 95.64
CA VAL PE 8 0.94 107.64 94.36
C VAL PE 8 1.12 109.15 94.46
N GLY PE 9 1.14 109.70 95.67
CA GLY PE 9 1.28 111.13 95.85
C GLY PE 9 0.30 111.68 96.87
N GLU PE 10 -0.98 111.30 96.74
CA GLU PE 10 -2.01 111.72 97.66
C GLU PE 10 -2.75 110.57 98.33
N ALA PE 11 -2.71 109.37 97.75
CA ALA PE 11 -3.36 108.20 98.32
C ALA PE 11 -2.38 107.04 98.33
N THR PE 12 -2.71 106.01 99.11
CA THR PE 12 -1.87 104.83 99.26
C THR PE 12 -2.66 103.61 98.82
N ARG PE 13 -2.10 102.85 97.87
CA ARG PE 13 -2.73 101.63 97.38
C ARG PE 13 -2.09 100.42 98.05
N THR PE 14 -2.90 99.39 98.26
CA THR PE 14 -2.47 98.18 98.96
C THR PE 14 -2.66 96.98 98.03
N LEU PE 15 -1.57 96.24 97.81
CA LEU PE 15 -1.60 94.99 97.05
C LEU PE 15 -1.41 93.82 97.99
N THR PE 16 -2.22 92.78 97.82
CA THR PE 16 -2.22 91.63 98.70
C THR PE 16 -1.80 90.38 97.93
N GLU PE 17 -0.98 89.56 98.58
CA GLU PE 17 -0.57 88.29 98.00
C GLU PE 17 -1.76 87.34 97.92
N ILE PE 18 -1.96 86.74 96.74
CA ILE PE 18 -3.11 85.88 96.46
C ILE PE 18 -2.68 84.43 96.21
N GLN PE 19 -1.70 84.23 95.34
CA GLN PE 19 -1.30 82.90 94.87
C GLN PE 19 0.16 82.69 95.24
N SER PE 20 0.40 82.32 96.50
CA SER PE 20 1.76 82.15 97.02
C SER PE 20 2.34 80.85 96.48
N THR PE 21 3.26 80.96 95.52
CA THR PE 21 3.98 79.82 94.98
C THR PE 21 5.38 80.26 94.61
N ALA PE 22 6.31 79.30 94.63
CA ALA PE 22 7.71 79.62 94.38
C ALA PE 22 7.93 80.09 92.94
N ASP PE 23 7.50 79.28 91.97
CA ASP PE 23 7.73 79.59 90.56
C ASP PE 23 6.78 80.64 90.01
N ARG PE 24 5.79 81.08 90.78
CA ARG PE 24 4.84 82.08 90.28
C ARG PE 24 4.20 82.75 91.50
N GLN PE 25 4.52 84.02 91.71
CA GLN PE 25 3.92 84.82 92.77
C GLN PE 25 2.95 85.83 92.15
N ILE PE 26 1.70 85.80 92.58
CA ILE PE 26 0.64 86.62 92.00
C ILE PE 26 0.15 87.57 93.10
N PHE PE 27 0.43 88.86 92.94
CA PHE PE 27 -0.06 89.89 93.83
C PHE PE 27 -1.24 90.61 93.17
N GLU PE 28 -2.28 90.87 93.96
CA GLU PE 28 -3.48 91.52 93.44
C GLU PE 28 -3.87 92.69 94.34
N GLU PE 29 -4.21 93.81 93.72
CA GLU PE 29 -4.58 95.02 94.46
C GLU PE 29 -6.02 94.91 94.95
N LYS PE 30 -6.24 95.26 96.21
CA LYS PE 30 -7.56 95.22 96.84
C LYS PE 30 -8.04 96.64 97.07
N VAL PE 31 -9.00 97.08 96.26
CA VAL PE 31 -9.59 98.41 96.41
C VAL PE 31 -11.11 98.28 96.35
N GLY PE 32 -11.62 97.65 95.30
CA GLY PE 32 -13.04 97.44 95.14
C GLY PE 32 -13.35 96.20 94.34
N PRO PE 33 -13.63 96.37 93.04
CA PRO PE 33 -13.88 95.22 92.18
C PRO PE 33 -12.60 94.44 91.93
N LEU PE 34 -12.60 93.15 92.30
CA LEU PE 34 -11.40 92.35 92.13
C LEU PE 34 -11.12 92.03 90.67
N VAL PE 35 -12.16 91.86 89.86
CA VAL PE 35 -11.97 91.60 88.44
C VAL PE 35 -11.57 92.89 87.73
N GLY PE 36 -10.59 92.79 86.84
CA GLY PE 36 -10.11 93.95 86.12
C GLY PE 36 -9.42 94.97 87.02
N ARG PE 37 -8.41 94.52 87.76
CA ARG PE 37 -7.69 95.40 88.67
C ARG PE 37 -6.19 95.37 88.39
N LEU PE 38 -5.38 95.61 89.41
CA LEU PE 38 -3.93 95.61 89.28
C LEU PE 38 -3.38 94.27 89.72
N ARG PE 39 -2.63 93.61 88.84
CA ARG PE 39 -2.03 92.32 89.13
C ARG PE 39 -0.55 92.36 88.80
N LEU PE 40 0.22 91.56 89.55
CA LEU PE 40 1.66 91.51 89.39
C LEU PE 40 2.12 90.05 89.45
N THR PE 41 2.86 89.62 88.45
CA THR PE 41 3.37 88.25 88.36
C THR PE 41 4.89 88.28 88.49
N ALA PE 42 5.41 87.52 89.44
CA ALA PE 42 6.85 87.43 89.68
C ALA PE 42 7.30 85.98 89.54
N SER PE 43 8.46 85.80 88.92
CA SER PE 43 9.02 84.46 88.71
C SER PE 43 10.52 84.52 88.83
N LEU PE 44 11.11 83.49 89.45
CA LEU PE 44 12.55 83.37 89.61
C LEU PE 44 12.97 81.95 89.27
N ARG PE 45 14.05 81.82 88.52
CA ARG PE 45 14.52 80.50 88.12
C ARG PE 45 16.03 80.56 87.88
N GLN PE 46 16.57 79.47 87.33
CA GLN PE 46 17.97 79.36 86.96
C GLN PE 46 18.10 79.29 85.44
N ASN PE 47 19.24 78.83 84.96
CA ASN PE 47 19.48 78.73 83.53
C ASN PE 47 20.68 77.82 83.28
N GLY PE 48 20.68 77.20 82.11
CA GLY PE 48 21.81 76.40 81.66
C GLY PE 48 22.30 75.36 82.64
N ALA PE 49 23.55 75.51 83.07
CA ALA PE 49 24.16 74.58 84.03
C ALA PE 49 24.55 75.33 85.29
N LYS PE 50 23.55 75.87 86.00
CA LYS PE 50 23.74 76.56 87.26
C LYS PE 50 24.72 77.72 87.13
N THR PE 51 24.64 78.42 85.99
CA THR PE 51 25.50 79.58 85.74
C THR PE 51 24.88 80.86 86.31
N ALA PE 52 23.90 81.39 85.61
CA ALA PE 52 23.23 82.62 86.04
C ALA PE 52 21.82 82.35 86.52
N TYR PE 53 20.97 83.36 86.51
CA TYR PE 53 19.58 83.23 86.94
C TYR PE 53 18.69 83.99 85.98
N ARG PE 54 17.38 83.88 86.20
CA ARG PE 54 16.39 84.54 85.36
C ARG PE 54 15.23 85.01 86.23
N VAL PE 55 14.96 86.30 86.20
CA VAL PE 55 13.87 86.91 86.96
C VAL PE 55 12.90 87.56 85.98
N ASN PE 56 11.61 87.30 86.17
CA ASN PE 56 10.57 87.85 85.33
C ASN PE 56 9.56 88.59 86.19
N LEU PE 57 9.23 89.83 85.79
CA LEU PE 57 8.29 90.66 86.53
C LEU PE 57 7.33 91.29 85.53
N LYS PE 58 6.05 90.96 85.65
CA LYS PE 58 5.01 91.49 84.78
C LYS PE 58 3.97 92.22 85.61
N LEU PE 59 3.46 93.33 85.08
CA LEU PE 59 2.45 94.13 85.76
C LEU PE 59 1.32 94.42 84.79
N ASP PE 60 0.11 93.97 85.12
CA ASP PE 60 -1.05 94.14 84.28
C ASP PE 60 -2.13 94.93 85.01
N GLN PE 61 -2.91 95.69 84.24
CA GLN PE 61 -4.00 96.48 84.79
C GLN PE 61 -5.00 96.75 83.67
N ALA PE 62 -6.19 96.17 83.77
CA ALA PE 62 -7.23 96.33 82.77
C ALA PE 62 -8.32 97.25 83.31
N ASP PE 63 -8.67 98.25 82.52
CA ASP PE 63 -9.72 99.19 82.91
C ASP PE 63 -11.10 98.55 82.74
N VAL PE 64 -12.04 99.00 83.57
CA VAL PE 64 -13.40 98.48 83.56
C VAL PE 64 -14.36 99.63 83.33
N VAL PE 65 -15.55 99.29 82.82
CA VAL PE 65 -16.61 100.25 82.57
C VAL PE 65 -17.92 99.66 83.05
N ASP PE 66 -18.86 100.55 83.41
CA ASP PE 66 -20.15 100.15 83.93
C ASP PE 66 -21.20 101.17 83.53
N CYS PE 67 -22.41 100.69 83.26
CA CYS PE 67 -23.52 101.54 82.86
C CYS PE 67 -24.70 101.48 83.82
N SER PE 68 -24.55 100.88 84.99
CA SER PE 68 -25.66 100.78 85.92
C SER PE 68 -26.05 102.12 86.52
N THR PE 69 -25.22 103.15 86.35
CA THR PE 69 -25.55 104.47 86.88
C THR PE 69 -26.66 105.14 86.06
N SER PE 70 -26.71 104.88 84.76
CA SER PE 70 -27.72 105.49 83.91
C SER PE 70 -28.54 104.42 83.20
N VAL PE 71 -27.88 103.52 82.49
CA VAL PE 71 -28.56 102.46 81.75
C VAL PE 71 -29.08 101.44 82.76
N CYS PE 72 -30.26 100.89 82.49
CA CYS PE 72 -30.85 99.95 83.43
C CYS PE 72 -30.46 98.50 83.10
N GLY PE 73 -29.17 98.26 82.91
CA GLY PE 73 -28.65 96.90 82.95
C GLY PE 73 -27.39 96.69 82.15
N GLU PE 74 -26.25 96.65 82.84
CA GLU PE 74 -24.96 96.40 82.20
C GLU PE 74 -23.96 96.02 83.27
N LEU PE 75 -23.44 94.80 83.19
CA LEU PE 75 -22.45 94.35 84.16
C LEU PE 75 -21.11 95.03 83.91
N PRO PE 76 -20.26 95.15 84.94
CA PRO PE 76 -18.93 95.72 84.73
C PRO PE 76 -18.13 94.92 83.71
N LYS PE 77 -17.75 95.59 82.62
CA LYS PE 77 -17.08 94.96 81.50
C LYS PE 77 -15.69 95.54 81.33
N VAL PE 78 -14.70 94.68 81.10
CA VAL PE 78 -13.33 95.13 80.88
C VAL PE 78 -13.21 95.75 79.49
N ARG PE 79 -12.27 96.68 79.35
CA ARG PE 79 -12.06 97.37 78.09
C ARG PE 79 -10.75 96.88 77.49
N TYR PE 80 -9.63 97.57 77.71
CA TYR PE 80 -8.35 97.18 77.16
C TYR PE 80 -7.49 96.51 78.23
N THR PE 81 -6.38 95.94 77.79
CA THR PE 81 -5.44 95.26 78.67
C THR PE 81 -4.03 95.73 78.35
N GLN PE 82 -3.26 96.02 79.40
CA GLN PE 82 -1.89 96.49 79.28
C GLN PE 82 -0.95 95.47 79.89
N VAL PE 83 0.14 95.16 79.19
CA VAL PE 83 1.12 94.19 79.62
C VAL PE 83 2.49 94.87 79.65
N TRP PE 84 3.15 94.79 80.81
CA TRP PE 84 4.48 95.37 81.00
C TRP PE 84 5.34 94.33 81.71
N SER PE 85 6.01 93.49 80.91
CA SER PE 85 6.86 92.43 81.44
C SER PE 85 8.31 92.91 81.56
N HIS PE 86 9.11 92.12 82.26
CA HIS PE 86 10.52 92.42 82.47
C HIS PE 86 11.34 91.16 82.28
N ASP PE 87 12.66 91.31 82.32
CA ASP PE 87 13.57 90.18 82.16
C ASP PE 87 14.91 90.56 82.80
N VAL PE 88 15.28 89.88 83.87
CA VAL PE 88 16.52 90.13 84.59
C VAL PE 88 17.42 88.92 84.45
N THR PE 89 18.58 89.11 83.83
CA THR PE 89 19.57 88.05 83.62
C THR PE 89 20.87 88.51 84.26
N ILE PE 90 20.99 88.32 85.57
CA ILE PE 90 22.17 88.71 86.33
C ILE PE 90 22.84 87.45 86.86
N VAL PE 91 24.13 87.31 86.58
CA VAL PE 91 24.88 86.15 87.06
C VAL PE 91 25.15 86.27 88.55
N ALA PE 92 25.36 85.12 89.20
CA ALA PE 92 25.60 85.12 90.64
C ALA PE 92 26.94 85.75 90.98
N ASN PE 93 28.03 85.21 90.41
CA ASN PE 93 29.37 85.73 90.66
C ASN PE 93 29.55 87.03 89.87
N SER PE 94 29.04 88.11 90.44
CA SER PE 94 29.14 89.42 89.82
C SER PE 94 29.84 90.41 90.74
N THR PE 95 29.29 91.62 90.86
CA THR PE 95 29.87 92.65 91.72
C THR PE 95 28.74 93.44 92.36
N GLU PE 96 28.80 93.58 93.69
CA GLU PE 96 27.77 94.32 94.41
C GLU PE 96 27.77 95.79 94.03
N ALA PE 97 28.96 96.39 93.88
CA ALA PE 97 29.04 97.79 93.49
C ALA PE 97 28.51 98.00 92.08
N SER PE 98 28.83 97.08 91.16
CA SER PE 98 28.31 97.19 89.80
C SER PE 98 26.80 97.02 89.76
N ARG PE 99 26.27 96.09 90.56
CA ARG PE 99 24.82 95.92 90.62
C ARG PE 99 24.14 97.15 91.19
N LYS PE 100 24.73 97.75 92.23
CA LYS PE 100 24.16 98.97 92.80
C LYS PE 100 24.19 100.12 91.80
N SER PE 101 25.29 100.25 91.07
CA SER PE 101 25.39 101.31 90.06
C SER PE 101 24.37 101.09 88.94
N LEU PE 102 24.17 99.84 88.53
CA LEU PE 102 23.19 99.55 87.49
C LEU PE 102 21.78 99.85 87.98
N TYR PE 103 21.48 99.51 89.23
CA TYR PE 103 20.16 99.80 89.79
C TYR PE 103 19.95 101.31 89.89
N ASP PE 104 20.97 102.06 90.28
CA ASP PE 104 20.84 103.51 90.36
C ASP PE 104 20.64 104.11 88.97
N LEU PE 105 21.34 103.60 87.97
CA LEU PE 105 21.15 104.09 86.60
C LEU PE 105 19.76 103.79 86.10
N THR PE 106 19.24 102.59 86.39
CA THR PE 106 17.88 102.25 85.99
C THR PE 106 16.86 103.14 86.69
N LYS PE 107 17.06 103.40 87.98
CA LYS PE 107 16.15 104.28 88.70
C LYS PE 107 16.18 105.69 88.14
N SER PE 108 17.36 106.19 87.78
CA SER PE 108 17.46 107.52 87.19
C SER PE 108 16.78 107.58 85.83
N LEU PE 109 16.99 106.54 85.01
CA LEU PE 109 16.34 106.51 83.70
C LEU PE 109 14.83 106.41 83.82
N VAL PE 110 14.33 105.73 84.87
CA VAL PE 110 12.89 105.64 85.07
C VAL PE 110 12.33 106.97 85.56
N ALA PE 111 13.03 107.63 86.48
CA ALA PE 111 12.56 108.88 87.06
C ALA PE 111 12.80 110.09 86.16
N THR PE 112 13.56 109.93 85.08
CA THR PE 112 13.80 111.06 84.19
C THR PE 112 12.52 111.45 83.45
N SER PE 113 12.54 112.65 82.89
CA SER PE 113 11.39 113.20 82.19
C SER PE 113 11.28 112.74 80.75
N GLN PE 114 12.32 112.12 80.20
CA GLN PE 114 12.30 111.66 78.82
C GLN PE 114 11.41 110.44 78.63
N VAL PE 115 11.49 109.46 79.54
CA VAL PE 115 10.64 108.29 79.44
C VAL PE 115 9.17 108.66 79.68
N GLU PE 116 8.91 109.63 80.56
CA GLU PE 116 7.55 110.08 80.78
C GLU PE 116 6.96 110.69 79.51
N ASP PE 117 7.75 111.51 78.80
CA ASP PE 117 7.28 112.08 77.54
C ASP PE 117 7.10 111.01 76.49
N LEU PE 118 8.03 110.04 76.42
CA LEU PE 118 7.89 108.93 75.49
C LEU PE 118 6.62 108.12 75.75
N VAL PE 119 6.23 107.99 77.02
CA VAL PE 119 5.03 107.24 77.35
C VAL PE 119 3.77 108.05 77.04
N VAL PE 120 3.75 109.32 77.41
CA VAL PE 120 2.56 110.16 77.26
C VAL PE 120 2.40 110.59 75.81
N ASN PE 121 3.29 111.45 75.33
CA ASN PE 121 3.16 112.03 73.99
C ASN PE 121 3.59 111.09 72.88
N LEU PE 122 4.04 109.88 73.20
CA LEU PE 122 4.46 108.89 72.19
C LEU PE 122 5.57 109.43 71.31
N VAL PE 123 6.39 110.34 71.83
CA VAL PE 123 7.51 110.91 71.10
C VAL PE 123 8.74 110.05 71.35
N PRO PE 124 9.49 109.67 70.31
CA PRO PE 124 10.68 108.82 70.52
C PRO PE 124 11.68 109.49 71.44
N LEU PE 125 12.34 108.67 72.26
CA LEU PE 125 13.30 109.16 73.25
C LEU PE 125 14.51 109.76 72.54
N GLY PE 126 14.77 111.04 72.78
CA GLY PE 126 15.90 111.71 72.16
C GLY PE 126 15.93 113.20 72.45
N ARG PE 127 16.29 113.55 73.69
CA ARG PE 127 16.37 114.95 74.08
C ARG PE 127 17.81 115.36 74.35
N SER QE 1 12.76 120.07 72.07
CA SER QE 1 12.00 119.80 70.86
C SER QE 1 11.83 121.07 70.03
N LYS QE 2 10.71 121.15 69.31
CA LYS QE 2 10.45 122.26 68.40
C LYS QE 2 8.96 122.56 68.42
N THR QE 3 8.60 123.79 68.81
CA THR QE 3 7.22 124.20 68.93
C THR QE 3 6.87 125.21 67.85
N ILE QE 4 5.66 125.07 67.29
CA ILE QE 4 5.15 125.96 66.26
C ILE QE 4 3.82 126.50 66.72
N VAL QE 5 3.69 127.82 66.77
CA VAL QE 5 2.47 128.48 67.23
C VAL QE 5 1.71 129.00 66.01
N LEU QE 6 0.45 128.61 65.88
CA LEU QE 6 -0.41 129.03 64.79
C LEU QE 6 -1.59 129.80 65.35
N SER QE 7 -1.84 130.99 64.80
CA SER QE 7 -2.92 131.86 65.26
C SER QE 7 -4.11 131.70 64.30
N VAL QE 8 -5.23 131.24 64.84
CA VAL QE 8 -6.44 131.06 64.04
C VAL QE 8 -7.36 132.28 64.07
N GLY QE 9 -7.12 133.22 64.99
CA GLY QE 9 -7.96 134.39 65.11
C GLY QE 9 -8.33 134.70 66.53
N GLU QE 10 -8.79 133.68 67.27
CA GLU QE 10 -9.14 133.83 68.67
C GLU QE 10 -8.37 132.89 69.60
N ALA QE 11 -7.81 131.80 69.09
CA ALA QE 11 -7.04 130.86 69.88
C ALA QE 11 -5.73 130.57 69.18
N THR QE 12 -4.79 130.00 69.92
CA THR QE 12 -3.46 129.67 69.42
C THR QE 12 -3.23 128.18 69.56
N ARG QE 13 -2.89 127.53 68.45
CA ARG QE 13 -2.60 126.10 68.43
C ARG QE 13 -1.10 125.88 68.45
N THR QE 14 -0.68 124.78 69.10
CA THR QE 14 0.72 124.46 69.27
C THR QE 14 1.01 123.10 68.65
N LEU QE 15 1.96 123.06 67.72
CA LEU QE 15 2.43 121.82 67.12
C LEU QE 15 3.82 121.50 67.64
N THR QE 16 4.04 120.24 67.99
CA THR QE 16 5.29 119.80 68.59
C THR QE 16 6.00 118.81 67.68
N GLU QE 17 7.32 118.95 67.58
CA GLU QE 17 8.12 118.01 66.81
C GLU QE 17 8.14 116.65 67.49
N ILE QE 18 7.86 115.60 66.72
CA ILE QE 18 7.75 114.25 67.23
C ILE QE 18 8.87 113.37 66.69
N GLN QE 19 9.04 113.33 65.38
CA GLN QE 19 9.93 112.38 64.70
C GLN QE 19 11.02 113.20 64.00
N SER QE 20 12.02 113.61 64.74
CA SER QE 20 13.10 114.46 64.23
C SER QE 20 14.04 113.62 63.38
N THR QE 21 13.94 113.78 62.05
CA THR QE 21 14.83 113.10 61.12
C THR QE 21 15.05 114.02 59.92
N ALA QE 22 16.20 113.85 59.27
CA ALA QE 22 16.57 114.74 58.17
C ALA QE 22 15.64 114.55 56.98
N ASP QE 23 15.48 113.32 56.51
CA ASP QE 23 14.69 113.04 55.32
C ASP QE 23 13.19 113.02 55.58
N ARG QE 24 12.76 113.14 56.84
CA ARG QE 24 11.34 113.12 57.16
C ARG QE 24 11.14 113.78 58.52
N GLN QE 25 10.52 114.96 58.52
CA GLN QE 25 10.20 115.68 59.76
C GLN QE 25 8.69 115.60 59.98
N ILE QE 26 8.29 115.08 61.13
CA ILE QE 26 6.88 114.84 61.46
C ILE QE 26 6.53 115.73 62.64
N PHE QE 27 5.69 116.74 62.39
CA PHE QE 27 5.17 117.59 63.45
C PHE QE 27 3.74 117.18 63.77
N GLU QE 28 3.41 117.15 65.06
CA GLU QE 28 2.09 116.74 65.52
C GLU QE 28 1.53 117.75 66.50
N GLU QE 29 0.26 118.10 66.33
CA GLU QE 29 -0.40 119.08 67.17
C GLU QE 29 -0.82 118.44 68.49
N LYS QE 30 -0.54 119.12 69.59
CA LYS QE 30 -0.86 118.64 70.93
C LYS QE 30 -1.99 119.51 71.49
N VAL QE 31 -3.20 118.94 71.56
CA VAL QE 31 -4.35 119.63 72.13
C VAL QE 31 -5.06 118.69 73.09
N GLY QE 32 -5.40 117.50 72.62
CA GLY QE 32 -6.07 116.52 73.43
C GLY QE 32 -5.76 115.10 72.98
N PRO QE 33 -6.68 114.51 72.21
CA PRO QE 33 -6.44 113.15 71.68
C PRO QE 33 -5.37 113.19 70.60
N LEU QE 34 -4.29 112.43 70.82
CA LEU QE 34 -3.19 112.43 69.86
C LEU QE 34 -3.56 111.73 68.56
N VAL QE 35 -4.38 110.68 68.64
CA VAL QE 35 -4.81 109.97 67.45
C VAL QE 35 -5.86 110.79 66.72
N GLY QE 36 -5.74 110.87 65.40
CA GLY QE 36 -6.66 111.64 64.59
C GLY QE 36 -6.59 113.13 64.86
N ARG QE 37 -5.39 113.70 64.72
CA ARG QE 37 -5.18 115.12 64.95
C ARG QE 37 -4.53 115.78 63.74
N LEU QE 38 -3.76 116.85 63.98
CA LEU QE 38 -3.09 117.58 62.92
C LEU QE 38 -1.65 117.11 62.82
N ARG QE 39 -1.26 116.67 61.63
CA ARG QE 39 0.10 116.20 61.38
C ARG QE 39 0.67 116.89 60.15
N LEU QE 40 1.98 117.06 60.14
CA LEU QE 40 2.69 117.73 59.06
C LEU QE 40 3.97 116.98 58.75
N THR QE 41 4.14 116.63 57.47
CA THR QE 41 5.31 115.89 57.00
C THR QE 41 6.13 116.79 56.10
N ALA QE 42 7.41 116.95 56.42
CA ALA QE 42 8.33 117.77 55.64
C ALA QE 42 9.49 116.93 55.16
N SER QE 43 9.90 117.14 53.91
CA SER QE 43 11.00 116.41 53.32
C SER QE 43 11.80 117.33 52.41
N LEU QE 44 13.12 117.17 52.43
CA LEU QE 44 14.02 117.94 51.59
C LEU QE 44 15.05 117.01 50.99
N ARG QE 45 15.33 117.17 49.69
CA ARG QE 45 16.28 116.31 49.02
C ARG QE 45 16.90 117.07 47.84
N GLN QE 46 17.66 116.34 47.02
CA GLN QE 46 18.27 116.86 45.81
C GLN QE 46 17.60 116.22 44.59
N ASN QE 47 18.27 116.30 43.44
CA ASN QE 47 17.74 115.73 42.21
C ASN QE 47 18.86 115.62 41.19
N GLY QE 48 18.71 114.66 40.28
CA GLY QE 48 19.61 114.50 39.15
C GLY QE 48 21.09 114.47 39.51
N ALA QE 49 21.85 115.43 39.01
CA ALA QE 49 23.27 115.52 39.26
C ALA QE 49 23.59 116.84 39.98
N LYS QE 50 23.06 116.97 41.19
CA LYS QE 50 23.31 118.14 42.06
C LYS QE 50 22.92 119.44 41.34
N THR QE 51 21.83 119.39 40.59
CA THR QE 51 21.35 120.59 39.89
C THR QE 51 20.42 121.41 40.79
N ALA QE 52 19.18 120.95 40.95
CA ALA QE 52 18.20 121.66 41.77
C ALA QE 52 17.93 120.90 43.06
N TYR QE 53 16.77 121.16 43.67
CA TYR QE 53 16.37 120.50 44.90
C TYR QE 53 14.90 120.12 44.82
N ARG QE 54 14.42 119.44 45.86
CA ARG QE 54 13.04 119.00 45.92
C ARG QE 54 12.56 119.09 47.36
N VAL QE 55 11.49 119.85 47.58
CA VAL QE 55 10.90 120.01 48.90
C VAL QE 55 9.46 119.54 48.85
N ASN QE 56 9.08 118.72 49.84
CA ASN QE 56 7.73 118.19 49.93
C ASN QE 56 7.14 118.54 51.29
N LEU QE 57 5.92 119.08 51.27
CA LEU QE 57 5.21 119.47 52.48
C LEU QE 57 3.78 118.97 52.41
N LYS QE 58 3.42 118.09 53.34
CA LYS QE 58 2.08 117.51 53.40
C LYS QE 58 1.46 117.83 54.75
N LEU QE 59 0.16 118.12 54.75
CA LEU QE 59 -0.57 118.45 55.97
C LEU QE 59 -1.84 117.61 56.01
N ASP QE 60 -1.97 116.78 57.05
CA ASP QE 60 -3.11 115.90 57.20
C ASP QE 60 -3.84 116.20 58.50
N GLN QE 61 -5.16 115.98 58.48
CA GLN QE 61 -5.99 116.19 59.66
C GLN QE 61 -7.26 115.35 59.50
N ALA QE 62 -7.40 114.33 60.35
CA ALA QE 62 -8.55 113.44 60.31
C ALA QE 62 -9.48 113.73 61.47
N ASP QE 63 -10.75 113.91 61.17
CA ASP QE 63 -11.75 114.18 62.21
C ASP QE 63 -12.09 112.91 62.97
N VAL QE 64 -12.46 113.08 64.23
CA VAL QE 64 -12.79 111.96 65.10
C VAL QE 64 -14.21 112.15 65.63
N VAL QE 65 -14.82 111.05 66.03
CA VAL QE 65 -16.17 111.05 66.59
C VAL QE 65 -16.19 110.12 67.80
N ASP QE 66 -17.11 110.40 68.73
CA ASP QE 66 -17.22 109.65 69.96
C ASP QE 66 -18.67 109.63 70.41
N CYS QE 67 -19.09 108.50 71.00
CA CYS QE 67 -20.45 108.34 71.48
C CYS QE 67 -20.54 108.07 72.97
N SER QE 68 -19.44 108.24 73.72
CA SER QE 68 -19.47 107.97 75.15
C SER QE 68 -20.31 108.98 75.91
N THR QE 69 -20.69 110.10 75.28
CA THR QE 69 -21.51 111.09 75.96
C THR QE 69 -22.95 110.61 76.13
N SER QE 70 -23.46 109.82 75.17
CA SER QE 70 -24.83 109.34 75.24
C SER QE 70 -24.85 107.81 75.22
N VAL QE 71 -24.26 107.21 74.19
CA VAL QE 71 -24.22 105.76 74.06
C VAL QE 71 -23.27 105.19 75.10
N CYS QE 72 -23.63 104.05 75.68
CA CYS QE 72 -22.75 103.51 76.72
C CYS QE 72 -21.75 102.52 76.13
N GLY QE 73 -21.02 102.93 75.11
CA GLY QE 73 -19.79 102.26 74.73
C GLY QE 73 -19.39 102.46 73.28
N GLU QE 74 -18.44 103.36 73.04
CA GLU QE 74 -17.93 103.59 71.69
C GLU QE 74 -16.61 104.34 71.81
N LEU QE 75 -15.53 103.71 71.34
CA LEU QE 75 -14.23 104.35 71.38
C LEU QE 75 -14.15 105.45 70.33
N PRO QE 76 -13.29 106.46 70.54
CA PRO QE 76 -13.11 107.50 69.52
C PRO QE 76 -12.65 106.91 68.19
N LYS QE 77 -13.48 107.11 67.17
CA LYS QE 77 -13.25 106.54 65.85
C LYS QE 77 -13.04 107.64 64.82
N VAL QE 78 -12.05 107.46 63.95
CA VAL QE 78 -11.78 108.43 62.90
C VAL QE 78 -12.85 108.32 61.82
N ARG QE 79 -13.09 109.44 61.13
CA ARG QE 79 -14.09 109.49 60.08
C ARG QE 79 -13.38 109.59 58.75
N TYR QE 80 -13.18 110.78 58.20
CA TYR QE 80 -12.54 110.97 56.91
C TYR QE 80 -11.10 111.42 57.11
N THR QE 81 -10.35 111.43 56.00
CA THR QE 81 -8.95 111.83 56.00
C THR QE 81 -8.71 112.81 54.86
N GLN QE 82 -8.00 113.89 55.14
CA GLN QE 82 -7.69 114.92 54.16
C GLN QE 82 -6.19 114.97 53.93
N VAL QE 83 -5.78 115.03 52.67
CA VAL QE 83 -4.38 115.07 52.28
C VAL QE 83 -4.14 116.30 51.44
N TRP QE 84 -3.16 117.12 51.85
CA TRP QE 84 -2.80 118.34 51.14
C TRP QE 84 -1.27 118.37 51.04
N SER QE 85 -0.74 117.80 49.97
CA SER QE 85 0.70 117.74 49.74
C SER QE 85 1.15 118.92 48.89
N HIS QE 86 2.47 119.10 48.83
CA HIS QE 86 3.08 120.17 48.06
C HIS QE 86 4.29 119.62 47.31
N ASP QE 87 4.88 120.48 46.48
CA ASP QE 87 6.06 120.09 45.69
C ASP QE 87 6.78 121.38 45.30
N VAL QE 88 7.99 121.56 45.81
CA VAL QE 88 8.81 122.73 45.54
C VAL QE 88 10.05 122.29 44.77
N THR QE 89 10.20 122.78 43.54
CA THR QE 89 11.33 122.47 42.68
C THR QE 89 12.00 123.79 42.31
N ILE QE 90 12.85 124.29 43.20
CA ILE QE 90 13.57 125.55 43.01
C ILE QE 90 15.05 125.25 42.88
N VAL QE 91 15.66 125.74 41.81
CA VAL QE 91 17.09 125.51 41.60
C VAL QE 91 17.90 126.40 42.55
N ALA QE 92 19.13 125.98 42.83
CA ALA QE 92 19.98 126.75 43.74
C ALA QE 92 20.40 128.08 43.13
N ASN QE 93 21.04 128.04 41.96
CA ASN QE 93 21.49 129.25 41.28
C ASN QE 93 20.28 129.92 40.63
N SER QE 94 19.55 130.67 41.46
CA SER QE 94 18.36 131.39 40.98
C SER QE 94 18.51 132.88 41.26
N THR QE 95 17.44 133.50 41.77
CA THR QE 95 17.45 134.92 42.08
C THR QE 95 16.64 135.16 43.35
N GLU QE 96 17.25 135.88 44.29
CA GLU QE 96 16.56 136.16 45.55
C GLU QE 96 15.35 137.04 45.34
N ALA QE 97 15.46 138.06 44.48
CA ALA QE 97 14.33 138.92 44.19
C ALA QE 97 13.20 138.16 43.51
N SER QE 98 13.54 137.28 42.57
CA SER QE 98 12.53 136.47 41.90
C SER QE 98 11.85 135.53 42.88
N ARG QE 99 12.62 134.92 43.78
CA ARG QE 99 12.04 134.03 44.78
C ARG QE 99 11.11 134.78 45.72
N LYS QE 100 11.51 136.00 46.12
CA LYS QE 100 10.66 136.81 46.99
C LYS QE 100 9.38 137.21 46.28
N SER QE 101 9.48 137.59 45.01
CA SER QE 101 8.28 137.94 44.24
C SER QE 101 7.35 136.75 44.08
N LEU QE 102 7.92 135.57 43.84
CA LEU QE 102 7.10 134.36 43.71
C LEU QE 102 6.41 134.02 45.03
N TYR QE 103 7.13 134.16 46.15
CA TYR QE 103 6.53 133.91 47.45
C TYR QE 103 5.42 134.90 47.75
N ASP QE 104 5.62 136.18 47.39
CA ASP QE 104 4.58 137.17 47.61
C ASP QE 104 3.36 136.88 46.75
N LEU QE 105 3.57 136.46 45.50
CA LEU QE 105 2.44 136.11 44.63
C LEU QE 105 1.69 134.91 45.17
N THR QE 106 2.42 133.91 45.67
CA THR QE 106 1.75 132.75 46.26
C THR QE 106 0.97 133.12 47.50
N LYS QE 107 1.53 134.00 48.35
CA LYS QE 107 0.81 134.44 49.54
C LYS QE 107 -0.44 135.21 49.17
N SER QE 108 -0.36 136.07 48.14
CA SER QE 108 -1.52 136.81 47.70
C SER QE 108 -2.60 135.89 47.14
N LEU QE 109 -2.19 134.89 46.34
CA LEU QE 109 -3.16 133.94 45.80
C LEU QE 109 -3.80 133.10 46.89
N VAL QE 110 -3.05 132.81 47.96
CA VAL QE 110 -3.63 132.05 49.07
C VAL QE 110 -4.59 132.91 49.87
N ALA QE 111 -4.22 134.16 50.13
CA ALA QE 111 -5.05 135.05 50.93
C ALA QE 111 -6.22 135.65 50.17
N THR QE 112 -6.27 135.49 48.84
CA THR QE 112 -7.37 136.03 48.07
C THR QE 112 -8.68 135.29 48.40
N SER QE 113 -9.79 135.91 48.03
CA SER QE 113 -11.12 135.37 48.30
C SER QE 113 -11.58 134.35 47.27
N GLN QE 114 -10.88 134.23 46.14
CA GLN QE 114 -11.26 133.27 45.10
C GLN QE 114 -10.96 131.84 45.51
N VAL QE 115 -9.79 131.58 46.08
CA VAL QE 115 -9.45 130.23 46.52
C VAL QE 115 -10.34 129.81 47.68
N GLU QE 116 -10.70 130.75 48.56
CA GLU QE 116 -11.61 130.43 49.65
C GLU QE 116 -12.97 129.98 49.12
N ASP QE 117 -13.49 130.68 48.12
CA ASP QE 117 -14.75 130.29 47.52
C ASP QE 117 -14.63 128.95 46.80
N LEU QE 118 -13.53 128.74 46.09
CA LEU QE 118 -13.29 127.46 45.43
C LEU QE 118 -13.24 126.32 46.43
N VAL QE 119 -12.71 126.56 47.63
CA VAL QE 119 -12.63 125.51 48.65
C VAL QE 119 -14.00 125.27 49.28
N VAL QE 120 -14.70 126.34 49.64
CA VAL QE 120 -15.97 126.22 50.36
C VAL QE 120 -17.09 125.80 49.41
N ASN QE 121 -17.47 126.68 48.50
CA ASN QE 121 -18.61 126.45 47.62
C ASN QE 121 -18.31 125.52 46.45
N LEU QE 122 -17.07 125.04 46.34
CA LEU QE 122 -16.67 124.12 45.26
C LEU QE 122 -16.91 124.72 43.88
N VAL QE 123 -16.86 126.05 43.78
CA VAL QE 123 -17.07 126.74 42.51
C VAL QE 123 -15.71 126.91 41.84
N PRO QE 124 -15.59 126.59 40.54
CA PRO QE 124 -14.29 126.72 39.87
C PRO QE 124 -13.77 128.15 39.93
N LEU QE 125 -12.45 128.28 40.05
CA LEU QE 125 -11.82 129.58 40.17
C LEU QE 125 -11.97 130.35 38.87
N GLY QE 126 -12.61 131.52 38.94
CA GLY QE 126 -12.82 132.34 37.76
C GLY QE 126 -13.68 133.55 38.02
N ARG QE 127 -13.13 134.54 38.72
CA ARG QE 127 -13.86 135.76 39.04
C ARG QE 127 -13.28 136.96 38.29
N SER RE 1 37.60 49.90 121.12
CA SER RE 1 38.47 49.56 120.00
C SER RE 1 39.75 48.88 120.48
N LYS RE 2 40.84 49.08 119.73
CA LYS RE 2 42.11 48.43 120.00
C LYS RE 2 43.23 49.40 119.65
N THR RE 3 44.05 49.74 120.64
CA THR RE 3 45.13 50.69 120.47
C THR RE 3 46.48 49.99 120.54
N ILE RE 4 47.40 50.40 119.68
CA ILE RE 4 48.75 49.85 119.63
C ILE RE 4 49.73 51.01 119.73
N VAL RE 5 50.62 50.95 120.72
CA VAL RE 5 51.61 51.99 120.96
C VAL RE 5 52.96 51.53 120.44
N LEU RE 6 53.56 52.34 119.58
CA LEU RE 6 54.87 52.04 119.00
C LEU RE 6 55.85 53.14 119.40
N SER RE 7 57.00 52.73 119.93
CA SER RE 7 58.03 53.65 120.39
C SER RE 7 59.10 53.76 119.31
N VAL RE 8 59.28 54.98 118.77
CA VAL RE 8 60.29 55.21 117.75
C VAL RE 8 61.63 55.68 118.33
N GLY RE 9 61.65 56.06 119.60
CA GLY RE 9 62.87 56.53 120.22
C GLY RE 9 62.66 57.79 121.04
N GLU RE 10 61.97 58.77 120.46
CA GLU RE 10 61.66 60.02 121.14
C GLU RE 10 60.17 60.32 121.21
N ALA RE 11 59.35 59.73 120.34
CA ALA RE 11 57.91 59.93 120.33
C ALA RE 11 57.21 58.58 120.28
N THR RE 12 55.93 58.58 120.60
CA THR RE 12 55.10 57.38 120.63
C THR RE 12 53.96 57.54 119.64
N ARG RE 13 53.83 56.60 118.72
CA ARG RE 13 52.76 56.59 117.74
C ARG RE 13 51.66 55.63 118.17
N THR RE 14 50.42 55.99 117.84
CA THR RE 14 49.25 55.22 118.24
C THR RE 14 48.48 54.78 117.01
N LEU RE 15 48.27 53.46 116.89
CA LEU RE 15 47.47 52.88 115.82
C LEU RE 15 46.15 52.38 116.39
N THR RE 16 45.06 52.68 115.70
CA THR RE 16 43.72 52.35 116.17
C THR RE 16 43.07 51.35 115.23
N GLU RE 17 42.37 50.38 115.82
CA GLU RE 17 41.62 49.41 115.02
C GLU RE 17 40.43 50.10 114.34
N ILE RE 18 40.27 49.83 113.03
CA ILE RE 18 39.32 50.53 112.18
C ILE RE 18 38.28 49.57 111.59
N GLN RE 19 38.72 48.41 111.09
CA GLN RE 19 37.87 47.46 110.38
C GLN RE 19 38.01 46.11 111.07
N SER RE 20 37.30 45.93 112.18
CA SER RE 20 37.39 44.72 113.00
C SER RE 20 36.65 43.59 112.29
N THR RE 21 37.40 42.66 111.70
CA THR RE 21 36.84 41.48 111.06
C THR RE 21 37.82 40.32 111.24
N ALA RE 22 37.28 39.10 111.24
CA ALA RE 22 38.10 37.92 111.50
C ALA RE 22 39.11 37.70 110.38
N ASP RE 23 38.63 37.63 109.14
CA ASP RE 23 39.50 37.32 108.01
C ASP RE 23 40.32 38.51 107.53
N ARG RE 24 40.10 39.71 108.10
CA ARG RE 24 40.84 40.90 107.67
C ARG RE 24 40.77 41.93 108.79
N GLN RE 25 41.90 42.17 109.45
CA GLN RE 25 42.00 43.19 110.49
C GLN RE 25 42.80 44.37 109.94
N ILE RE 26 42.20 45.56 109.97
CA ILE RE 26 42.81 46.76 109.39
C ILE RE 26 43.05 47.74 110.53
N PHE RE 27 44.33 47.97 110.84
CA PHE RE 27 44.73 48.97 111.82
C PHE RE 27 45.22 50.21 111.10
N GLU RE 28 44.82 51.39 111.60
CA GLU RE 28 45.20 52.65 110.98
C GLU RE 28 45.75 53.60 112.04
N GLU RE 29 46.85 54.27 111.70
CA GLU RE 29 47.50 55.20 112.62
C GLU RE 29 46.77 56.53 112.63
N LYS RE 30 46.53 57.06 113.83
CA LYS RE 30 45.83 58.32 114.02
C LYS RE 30 46.83 59.36 114.51
N VAL RE 31 47.21 60.29 113.63
CA VAL RE 31 48.12 61.37 113.99
C VAL RE 31 47.54 62.69 113.48
N GLY RE 32 47.21 62.74 112.19
CA GLY RE 32 46.64 63.92 111.59
C GLY RE 32 45.76 63.58 110.40
N PRO RE 33 46.31 63.71 109.19
CA PRO RE 33 45.55 63.35 107.99
C PRO RE 33 45.38 61.84 107.90
N LEU RE 34 44.12 61.39 107.85
CA LEU RE 34 43.86 59.96 107.82
C LEU RE 34 44.23 59.36 106.46
N VAL RE 35 44.05 60.11 105.37
CA VAL RE 35 44.42 59.61 104.05
C VAL RE 35 45.93 59.66 103.89
N GLY RE 36 46.50 58.60 103.33
CA GLY RE 36 47.93 58.52 103.14
C GLY RE 36 48.70 58.45 104.44
N ARG RE 37 48.35 57.46 105.28
CA ARG RE 37 49.02 57.30 106.57
C ARG RE 37 49.57 55.88 106.71
N LEU RE 38 49.66 55.40 107.95
CA LEU RE 38 50.18 54.07 108.24
C LEU RE 38 49.02 53.10 108.40
N ARG RE 39 49.02 52.03 107.62
CA ARG RE 39 47.97 51.02 107.67
C ARG RE 39 48.61 49.64 107.80
N LEU RE 40 47.89 48.74 108.46
CA LEU RE 40 48.36 47.38 108.70
C LEU RE 40 47.21 46.41 108.47
N THR RE 41 47.45 45.41 107.64
CA THR RE 41 46.46 44.39 107.29
C THR RE 41 46.93 43.05 107.85
N ALA RE 42 46.08 42.42 108.65
CA ALA RE 42 46.37 41.12 109.24
C ALA RE 42 45.30 40.11 108.82
N SER RE 43 45.75 38.89 108.51
CA SER RE 43 44.85 37.83 108.10
C SER RE 43 45.35 36.50 108.65
N LEU RE 44 44.40 35.66 109.07
CA LEU RE 44 44.69 34.33 109.59
C LEU RE 44 43.72 33.33 108.98
N ARG RE 45 44.23 32.19 108.56
CA ARG RE 45 43.40 31.17 107.94
C ARG RE 45 44.02 29.80 108.16
N GLN RE 46 43.45 28.79 107.49
CA GLN RE 46 43.94 27.42 107.51
C GLN RE 46 44.49 27.07 106.13
N ASN RE 47 44.64 25.77 105.88
CA ASN RE 47 45.17 25.30 104.61
C ASN RE 47 44.86 23.82 104.45
N GLY RE 48 44.75 23.38 103.20
CA GLY RE 48 44.59 21.98 102.87
C GLY RE 48 43.47 21.27 103.61
N ALA RE 49 43.84 20.27 104.39
CA ALA RE 49 42.87 19.49 105.17
C ALA RE 49 43.18 19.62 106.66
N LYS RE 50 43.05 20.84 107.17
CA LYS RE 50 43.24 21.15 108.59
C LYS RE 50 44.63 20.69 109.07
N THR RE 51 45.63 20.87 108.21
CA THR RE 51 47.01 20.51 108.57
C THR RE 51 47.71 21.67 109.29
N ALA RE 52 48.13 22.68 108.52
CA ALA RE 52 48.82 23.83 109.09
C ALA RE 52 47.94 25.07 109.06
N TYR RE 53 48.55 26.24 109.11
CA TYR RE 53 47.83 27.50 109.07
C TYR RE 53 48.56 28.47 108.16
N ARG RE 54 47.97 29.65 107.97
CA ARG RE 54 48.54 30.68 107.11
C ARG RE 54 48.25 32.04 107.72
N VAL RE 55 49.30 32.81 107.99
CA VAL RE 55 49.19 34.15 108.55
C VAL RE 55 49.82 35.14 107.58
N ASN RE 56 49.09 36.22 107.32
CA ASN RE 56 49.57 37.27 106.41
C ASN RE 56 49.56 38.60 107.14
N LEU RE 57 50.67 39.33 107.05
CA LEU RE 57 50.82 40.62 107.70
C LEU RE 57 51.43 41.60 106.69
N LYS RE 58 50.69 42.65 106.35
CA LYS RE 58 51.15 43.67 105.42
C LYS RE 58 51.13 45.02 106.10
N LEU RE 59 52.14 45.85 105.79
CA LEU RE 59 52.26 47.18 106.37
C LEU RE 59 52.51 48.17 105.26
N ASP RE 60 51.60 49.13 105.10
CA ASP RE 60 51.70 50.13 104.04
C ASP RE 60 51.77 51.53 104.63
N GLN RE 61 52.46 52.41 103.94
CA GLN RE 61 52.60 53.81 104.36
C GLN RE 61 52.93 54.65 103.14
N ALA RE 62 52.00 55.51 102.73
CA ALA RE 62 52.17 56.37 101.57
C ALA RE 62 52.42 57.80 102.02
N ASP RE 63 53.48 58.41 101.49
CA ASP RE 63 53.82 59.78 101.83
C ASP RE 63 52.88 60.74 101.10
N VAL RE 64 52.66 61.91 101.73
CA VAL RE 64 51.77 62.92 101.19
C VAL RE 64 52.55 64.22 101.04
N VAL RE 65 52.06 65.08 100.15
CA VAL RE 65 52.66 66.39 99.90
C VAL RE 65 51.54 67.42 99.80
N ASP RE 66 51.88 68.67 100.13
CA ASP RE 66 50.92 69.76 100.13
C ASP RE 66 51.62 71.06 99.77
N CYS RE 67 50.91 71.92 99.04
CA CYS RE 67 51.45 73.20 98.61
C CYS RE 67 50.66 74.39 99.13
N SER RE 68 49.74 74.18 100.09
CA SER RE 68 48.94 75.29 100.59
C SER RE 68 49.77 76.28 101.42
N THR RE 69 50.99 75.90 101.79
CA THR RE 69 51.84 76.80 102.57
C THR RE 69 52.37 77.95 101.72
N SER RE 70 52.62 77.70 100.43
CA SER RE 70 53.14 78.73 99.55
C SER RE 70 52.21 78.95 98.36
N VAL RE 71 51.92 77.88 97.63
CA VAL RE 71 51.05 77.95 96.45
C VAL RE 71 49.61 78.18 96.93
N CYS RE 72 48.85 78.98 96.20
CA CYS RE 72 47.48 79.28 96.61
C CYS RE 72 46.50 78.31 96.00
N GLY RE 73 46.76 77.00 96.12
CA GLY RE 73 45.73 76.01 95.90
C GLY RE 73 46.25 74.65 95.47
N GLU RE 74 46.33 73.72 96.41
CA GLU RE 74 46.77 72.36 96.10
C GLU RE 74 46.35 71.46 97.26
N LEU RE 75 45.48 70.48 96.97
CA LEU RE 75 45.05 69.55 98.01
C LEU RE 75 46.17 68.57 98.35
N PRO RE 76 46.16 68.02 99.56
CA PRO RE 76 47.15 67.00 99.92
C PRO RE 76 47.10 65.81 98.97
N LYS RE 77 48.21 65.57 98.27
CA LYS RE 77 48.30 64.54 97.25
C LYS RE 77 49.32 63.49 97.65
N VAL RE 78 48.97 62.22 97.46
CA VAL RE 78 49.89 61.14 97.78
C VAL RE 78 50.98 61.06 96.73
N ARG RE 79 52.16 60.55 97.13
CA ARG RE 79 53.29 60.45 96.24
C ARG RE 79 53.51 58.99 95.91
N TYR RE 80 54.37 58.28 96.63
CA TYR RE 80 54.66 56.88 96.37
C TYR RE 80 53.95 56.00 97.39
N THR RE 81 53.99 54.69 97.13
CA THR RE 81 53.36 53.70 98.00
C THR RE 81 54.35 52.57 98.25
N GLN RE 82 54.45 52.15 99.50
CA GLN RE 82 55.34 51.08 99.91
C GLN RE 82 54.53 49.91 100.45
N VAL RE 83 54.88 48.70 100.01
CA VAL RE 83 54.18 47.48 100.40
C VAL RE 83 55.19 46.52 101.01
N TRP RE 84 54.92 46.07 102.23
CA TRP RE 84 55.77 45.12 102.95
C TRP RE 84 54.88 44.04 103.53
N SER RE 85 54.66 42.97 102.75
CA SER RE 85 53.82 41.86 103.16
C SER RE 85 54.65 40.76 103.82
N HIS RE 86 53.95 39.82 104.45
CA HIS RE 86 54.60 38.71 105.12
C HIS RE 86 53.82 37.43 104.80
N ASP RE 87 54.37 36.31 105.27
CA ASP RE 87 53.74 35.00 105.05
C ASP RE 87 54.27 34.05 106.11
N VAL RE 88 53.38 33.60 106.99
CA VAL RE 88 53.73 32.68 108.08
C VAL RE 88 53.02 31.37 107.84
N THR RE 89 53.79 30.30 107.65
CA THR RE 89 53.26 28.95 107.44
C THR RE 89 53.85 28.04 108.51
N ILE RE 90 53.23 28.06 109.69
CA ILE RE 90 53.66 27.27 110.83
C ILE RE 90 52.58 26.23 111.14
N VAL RE 91 52.97 24.97 111.21
CA VAL RE 91 52.03 23.90 111.50
C VAL RE 91 51.66 23.94 112.99
N ALA RE 92 50.49 23.37 113.30
CA ALA RE 92 50.02 23.38 114.68
C ALA RE 92 50.88 22.46 115.56
N ASN RE 93 50.97 21.18 115.19
CA ASN RE 93 51.75 20.21 115.94
C ASN RE 93 53.24 20.44 115.64
N SER RE 94 53.81 21.42 116.34
CA SER RE 94 55.21 21.77 116.17
C SER RE 94 55.95 21.67 117.51
N THR RE 95 56.78 22.66 117.81
CA THR RE 95 57.54 22.67 119.05
C THR RE 95 57.62 24.11 119.56
N GLU RE 96 57.27 24.31 120.84
CA GLU RE 96 57.30 25.64 121.42
C GLU RE 96 58.73 26.17 121.49
N ALA RE 97 59.69 25.31 121.88
CA ALA RE 97 61.07 25.74 121.95
C ALA RE 97 61.61 26.09 120.57
N SER RE 98 61.26 25.30 119.55
CA SER RE 98 61.70 25.60 118.20
C SER RE 98 61.09 26.90 117.69
N ARG RE 99 59.81 27.13 117.99
CA ARG RE 99 59.17 28.38 117.59
C ARG RE 99 59.80 29.58 118.28
N LYS RE 100 60.13 29.44 119.58
CA LYS RE 100 60.79 30.53 120.29
C LYS RE 100 62.18 30.80 119.73
N SER RE 101 62.93 29.74 119.40
CA SER RE 101 64.25 29.93 118.82
C SER RE 101 64.15 30.60 117.44
N LEU RE 102 63.16 30.21 116.65
CA LEU RE 102 62.98 30.83 115.33
C LEU RE 102 62.60 32.30 115.48
N TYR RE 103 61.74 32.62 116.43
CA TYR RE 103 61.36 34.02 116.66
C TYR RE 103 62.56 34.83 117.13
N ASP RE 104 63.39 34.26 118.00
CA ASP RE 104 64.59 34.97 118.45
C ASP RE 104 65.57 35.19 117.30
N LEU RE 105 65.73 34.19 116.44
CA LEU RE 105 66.61 34.35 115.28
C LEU RE 105 66.08 35.42 114.33
N THR RE 106 64.77 35.45 114.12
CA THR RE 106 64.19 36.48 113.26
C THR RE 106 64.37 37.87 113.86
N LYS RE 107 64.18 37.99 115.18
CA LYS RE 107 64.37 39.27 115.85
C LYS RE 107 65.82 39.73 115.75
N SER RE 108 66.77 38.79 115.90
CA SER RE 108 68.18 39.14 115.78
C SER RE 108 68.52 39.58 114.37
N LEU RE 109 68.01 38.86 113.36
CA LEU RE 109 68.26 39.24 111.98
C LEU RE 109 67.63 40.59 111.64
N VAL RE 110 66.50 40.92 112.26
CA VAL RE 110 65.88 42.21 112.01
C VAL RE 110 66.66 43.32 112.69
N ALA RE 111 67.11 43.10 113.92
CA ALA RE 111 67.83 44.11 114.67
C ALA RE 111 69.30 44.24 114.28
N THR RE 112 69.82 43.32 113.47
CA THR RE 112 71.21 43.41 113.04
C THR RE 112 71.41 44.63 112.13
N SER RE 113 72.68 45.00 111.96
CA SER RE 113 73.05 46.16 111.17
C SER RE 113 73.16 45.86 109.68
N GLN RE 114 73.16 44.58 109.29
CA GLN RE 114 73.26 44.21 107.88
C GLN RE 114 71.98 44.52 107.11
N VAL RE 115 70.82 44.18 107.67
CA VAL RE 115 69.57 44.47 107.00
C VAL RE 115 69.33 45.98 106.92
N GLU RE 116 69.75 46.72 107.94
CA GLU RE 116 69.63 48.18 107.89
C GLU RE 116 70.45 48.77 106.74
N ASP RE 117 71.68 48.27 106.55
CA ASP RE 117 72.50 48.73 105.44
C ASP RE 117 71.90 48.31 104.10
N LEU RE 118 71.38 47.08 104.02
CA LEU RE 118 70.72 46.62 102.81
C LEU RE 118 69.52 47.49 102.46
N VAL RE 119 68.80 47.98 103.47
CA VAL RE 119 67.63 48.82 103.22
C VAL RE 119 68.05 50.23 102.81
N VAL RE 120 69.02 50.81 103.53
CA VAL RE 120 69.42 52.19 103.30
C VAL RE 120 70.28 52.30 102.05
N ASN RE 121 71.49 51.75 102.11
CA ASN RE 121 72.46 51.91 101.02
C ASN RE 121 72.20 50.98 99.85
N LEU RE 122 71.17 50.14 99.91
CA LEU RE 122 70.83 49.21 98.83
C LEU RE 122 71.98 48.28 98.48
N VAL RE 123 72.84 47.99 99.45
CA VAL RE 123 73.97 47.09 99.26
C VAL RE 123 73.52 45.67 99.58
N PRO RE 124 73.83 44.69 98.74
CA PRO RE 124 73.39 43.32 99.01
C PRO RE 124 73.95 42.81 100.34
N LEU RE 125 73.14 42.00 101.02
CA LEU RE 125 73.50 41.48 102.34
C LEU RE 125 74.68 40.52 102.20
N GLY RE 126 75.79 40.83 102.86
CA GLY RE 126 76.96 39.99 102.80
C GLY RE 126 78.15 40.58 103.52
N ARG RE 127 78.12 40.59 104.85
CA ARG RE 127 79.20 41.14 105.65
C ARG RE 127 79.93 40.03 106.42
N SER SE 1 83.17 46.13 104.31
CA SER SE 1 83.17 46.55 102.91
C SER SE 1 84.53 47.09 102.49
N LYS SE 2 84.52 48.03 101.55
CA LYS SE 2 85.74 48.59 100.98
C LYS SE 2 85.51 50.06 100.68
N THR SE 3 86.30 50.92 101.30
CA THR SE 3 86.15 52.37 101.16
C THR SE 3 87.33 52.93 100.37
N ILE SE 4 87.03 53.88 99.49
CA ILE SE 4 88.04 54.56 98.67
C ILE SE 4 87.88 56.06 98.89
N VAL SE 5 88.97 56.72 99.30
CA VAL SE 5 88.96 58.15 99.57
C VAL SE 5 89.64 58.87 98.41
N LEU SE 6 88.94 59.83 97.82
CA LEU SE 6 89.44 60.63 96.72
C LEU SE 6 89.51 62.08 97.12
N SER SE 7 90.66 62.71 96.92
CA SER SE 7 90.89 64.11 97.29
C SER SE 7 90.74 64.97 96.05
N VAL SE 8 89.76 65.88 96.08
CA VAL SE 8 89.52 66.78 94.96
C VAL SE 8 90.26 68.10 95.10
N GLY SE 9 90.79 68.41 96.29
CA GLY SE 9 91.49 69.65 96.51
C GLY SE 9 91.08 70.32 97.81
N GLU SE 10 89.77 70.42 98.04
CA GLU SE 10 89.23 71.00 99.27
C GLU SE 10 88.33 70.07 100.04
N ALA SE 11 87.76 69.05 99.40
CA ALA SE 11 86.89 68.08 100.06
C ALA SE 11 87.34 66.67 99.70
N THR SE 12 86.86 65.70 100.47
CA THR SE 12 87.22 64.29 100.28
C THR SE 12 85.94 63.50 100.02
N ARG SE 13 85.93 62.78 98.90
CA ARG SE 13 84.78 61.93 98.54
C ARG SE 13 85.08 60.49 98.91
N THR SE 14 84.03 59.76 99.28
CA THR SE 14 84.13 58.38 99.73
C THR SE 14 83.29 57.49 98.83
N LEU SE 15 83.93 56.48 98.24
CA LEU SE 15 83.25 55.47 97.44
C LEU SE 15 83.23 54.16 98.21
N THR SE 16 82.06 53.50 98.21
CA THR SE 16 81.86 52.28 98.97
C THR SE 16 81.59 51.11 98.03
N GLU SE 17 82.18 49.96 98.36
CA GLU SE 17 81.93 48.74 97.58
C GLU SE 17 80.49 48.28 97.81
N ILE SE 18 79.80 48.00 96.71
CA ILE SE 18 78.39 47.62 96.74
C ILE SE 18 78.20 46.18 96.29
N GLN SE 19 78.73 45.82 95.13
CA GLN SE 19 78.48 44.53 94.47
C GLN SE 19 79.80 43.78 94.37
N SER SE 20 80.20 43.15 95.48
CA SER SE 20 81.48 42.45 95.56
C SER SE 20 81.38 41.13 94.78
N THR SE 21 82.01 41.10 93.61
CA THR SE 21 82.07 39.90 92.80
C THR SE 21 83.40 39.89 92.04
N ALA SE 22 83.88 38.69 91.72
CA ALA SE 22 85.19 38.56 91.09
C ALA SE 22 85.19 39.15 89.69
N ASP SE 23 84.26 38.72 88.84
CA ASP SE 23 84.22 39.16 87.45
C ASP SE 23 83.62 40.55 87.28
N ARG SE 24 83.09 41.17 88.34
CA ARG SE 24 82.49 42.49 88.22
C ARG SE 24 82.47 43.13 89.61
N GLN SE 25 83.28 44.16 89.80
CA GLN SE 25 83.31 44.92 91.04
C GLN SE 25 82.67 46.28 90.80
N ILE SE 26 81.64 46.60 91.58
CA ILE SE 26 80.86 47.82 91.41
C ILE SE 26 81.05 48.68 92.66
N PHE SE 27 81.74 49.80 92.51
CA PHE SE 27 81.91 50.77 93.58
C PHE SE 27 80.96 51.95 93.35
N GLU SE 28 80.32 52.40 94.43
CA GLU SE 28 79.36 53.49 94.35
C GLU SE 28 79.68 54.55 95.40
N GLU SE 29 79.63 55.81 94.98
CA GLU SE 29 79.93 56.93 95.87
C GLU SE 29 78.74 57.24 96.76
N LYS SE 30 78.99 57.42 98.06
CA LYS SE 30 77.96 57.71 99.04
C LYS SE 30 78.11 59.16 99.50
N VAL SE 31 77.21 60.01 99.05
CA VAL SE 31 77.21 61.43 99.45
C VAL SE 31 75.80 61.82 99.84
N GLY SE 32 74.83 61.58 98.96
CA GLY SE 32 73.46 61.89 99.22
C GLY SE 32 72.51 60.99 98.46
N PRO SE 33 72.00 61.47 97.32
CA PRO SE 33 71.12 60.63 96.49
C PRO SE 33 71.92 59.51 95.82
N LEU SE 34 71.53 58.27 96.09
CA LEU SE 34 72.26 57.13 95.53
C LEU SE 34 72.03 57.01 94.03
N VAL SE 35 70.82 57.34 93.56
CA VAL SE 35 70.53 57.26 92.14
C VAL SE 35 71.19 58.45 91.43
N GLY SE 36 71.80 58.18 90.28
CA GLY SE 36 72.47 59.21 89.52
C GLY SE 36 73.69 59.78 90.23
N ARG SE 37 74.62 58.90 90.61
CA ARG SE 37 75.83 59.33 91.31
C ARG SE 37 77.07 58.84 90.60
N LEU SE 38 78.15 58.60 91.34
CA LEU SE 38 79.42 58.15 90.79
C LEU SE 38 79.52 56.64 90.96
N ARG SE 39 79.72 55.93 89.85
CA ARG SE 39 79.85 54.48 89.86
C ARG SE 39 81.11 54.08 89.10
N LEU SE 40 81.69 52.96 89.53
CA LEU SE 40 82.92 52.44 88.94
C LEU SE 40 82.80 50.94 88.78
N THR SE 41 83.04 50.45 87.56
CA THR SE 41 82.98 49.04 87.24
C THR SE 41 84.37 48.53 86.90
N ALA SE 42 84.80 47.49 87.60
CA ALA SE 42 86.11 46.88 87.40
C ALA SE 42 85.94 45.42 87.03
N SER SE 43 86.75 44.96 86.08
CA SER SE 43 86.69 43.57 85.63
C SER SE 43 88.10 43.10 85.30
N LEU SE 44 88.39 41.85 85.63
CA LEU SE 44 89.67 41.22 85.35
C LEU SE 44 89.44 39.82 84.82
N ARG SE 45 90.17 39.46 83.76
CA ARG SE 45 89.99 38.15 83.15
C ARG SE 45 91.30 37.74 82.47
N GLN SE 46 91.25 36.64 81.72
CA GLN SE 46 92.36 36.13 80.94
C GLN SE 46 92.05 36.29 79.45
N ASN SE 47 92.78 35.56 78.61
CA ASN SE 47 92.60 35.63 77.17
C ASN SE 47 93.26 34.44 76.53
N GLY SE 48 92.74 34.05 75.36
CA GLY SE 48 93.33 33.01 74.53
C GLY SE 48 93.64 31.71 75.27
N ALA SE 49 94.92 31.35 75.31
CA ALA SE 49 95.36 30.13 75.98
C ALA SE 49 96.32 30.48 77.11
N LYS SE 50 95.80 31.18 78.12
CA LYS SE 50 96.55 31.56 79.31
C LYS SE 50 97.82 32.33 78.97
N THR SE 51 97.72 33.19 77.95
CA THR SE 51 98.86 34.01 77.54
C THR SE 51 98.92 35.30 78.35
N ALA SE 52 98.05 36.26 78.01
CA ALA SE 52 98.03 37.55 78.70
C ALA SE 52 96.80 37.68 79.57
N TYR SE 53 96.40 38.91 79.88
CA TYR SE 53 95.23 39.18 80.69
C TYR SE 53 94.47 40.35 80.10
N ARG SE 54 93.32 40.65 80.69
CA ARG SE 54 92.46 41.74 80.23
C ARG SE 54 91.82 42.41 81.44
N VAL SE 55 92.04 43.71 81.58
CA VAL SE 55 91.49 44.50 82.67
C VAL SE 55 90.62 45.60 82.07
N ASN SE 56 89.42 45.75 82.62
CA ASN SE 56 88.47 46.77 82.17
C ASN SE 56 88.07 47.64 83.34
N LEU SE 57 88.13 48.96 83.15
CA LEU SE 57 87.79 49.93 84.17
C LEU SE 57 86.91 51.01 83.55
N LYS SE 58 85.67 51.11 84.03
CA LYS SE 58 84.72 52.09 83.54
C LYS SE 58 84.27 52.97 84.70
N LEU SE 59 84.09 54.26 84.43
CA LEU SE 59 83.67 55.23 85.43
C LEU SE 59 82.52 56.04 84.87
N ASP SE 60 81.36 55.99 85.52
CA ASP SE 60 80.16 56.67 85.07
C ASP SE 60 79.68 57.64 86.14
N GLN SE 61 79.07 58.74 85.69
CA GLN SE 61 78.53 59.75 86.59
C GLN SE 61 77.46 60.52 85.84
N ALA SE 62 76.20 60.36 86.26
CA ALA SE 62 75.07 61.02 85.63
C ALA SE 62 74.57 62.14 86.53
N ASP SE 63 74.43 63.34 85.95
CA ASP SE 63 73.94 64.49 86.69
C ASP SE 63 72.43 64.39 86.91
N VAL SE 64 71.97 64.98 88.01
CA VAL SE 64 70.56 64.95 88.37
C VAL SE 64 70.06 66.39 88.52
N VAL SE 65 68.75 66.55 88.36
CA VAL SE 65 68.09 67.85 88.51
C VAL SE 65 66.82 67.66 89.32
N ASP SE 66 66.41 68.73 90.00
CA ASP SE 66 65.24 68.70 90.86
C ASP SE 66 64.58 70.08 90.87
N CYS SE 67 63.25 70.08 90.94
CA CYS SE 67 62.48 71.31 90.95
C CYS SE 67 61.64 71.49 92.20
N SER SE 68 61.86 70.68 93.23
CA SER SE 68 61.06 70.80 94.45
C SER SE 68 61.36 72.08 95.22
N THR SE 69 62.45 72.78 94.88
CA THR SE 69 62.78 74.02 95.57
C THR SE 69 61.82 75.15 95.18
N SER SE 70 61.35 75.15 93.93
CA SER SE 70 60.46 76.21 93.45
C SER SE 70 59.14 75.61 92.96
N VAL SE 71 59.22 74.67 92.02
CA VAL SE 71 58.03 74.05 91.45
C VAL SE 71 57.45 73.10 92.50
N CYS SE 72 56.12 73.03 92.58
CA CYS SE 72 55.56 72.18 93.61
C CYS SE 72 55.24 70.79 93.08
N GLY SE 73 56.23 70.16 92.46
CA GLY SE 73 56.19 68.73 92.25
C GLY SE 73 57.05 68.23 91.10
N GLU SE 74 58.23 67.70 91.43
CA GLU SE 74 59.11 67.15 90.40
C GLU SE 74 60.14 66.27 91.10
N LEU SE 75 60.13 64.97 90.79
CA LEU SE 75 61.10 64.06 91.38
C LEU SE 75 62.49 64.29 90.78
N PRO SE 76 63.55 63.94 91.52
CA PRO SE 76 64.90 64.05 90.96
C PRO SE 76 65.06 63.23 89.70
N LYS SE 77 65.36 63.90 88.59
CA LYS SE 77 65.44 63.28 87.28
C LYS SE 77 66.86 63.39 86.74
N VAL SE 78 67.36 62.29 86.16
CA VAL SE 78 68.69 62.29 85.59
C VAL SE 78 68.67 63.06 84.26
N ARG SE 79 69.83 63.63 83.90
CA ARG SE 79 69.94 64.41 82.69
C ARG SE 79 70.77 63.62 81.70
N TYR SE 80 72.08 63.84 81.62
CA TYR SE 80 72.96 63.15 80.69
C TYR SE 80 73.75 62.06 81.40
N THR SE 81 74.41 61.23 80.60
CA THR SE 81 75.23 60.13 81.12
C THR SE 81 76.58 60.15 80.43
N GLN SE 82 77.64 59.99 81.22
CA GLN SE 82 79.01 59.98 80.71
C GLN SE 82 79.62 58.61 80.95
N VAL SE 83 80.30 58.09 79.93
CA VAL SE 83 80.93 56.77 79.98
C VAL SE 83 82.41 56.94 79.65
N TRP SE 84 83.28 56.46 80.55
CA TRP SE 84 84.73 56.52 80.38
C TRP SE 84 85.29 55.13 80.72
N SER SE 85 85.37 54.27 79.72
CA SER SE 85 85.87 52.91 79.88
C SER SE 85 87.37 52.86 79.60
N HIS SE 86 87.97 51.72 79.96
CA HIS SE 86 89.40 51.50 79.77
C HIS SE 86 89.61 50.08 79.25
N ASP SE 87 90.86 49.78 78.91
CA ASP SE 87 91.22 48.45 78.42
C ASP SE 87 92.71 48.25 78.64
N VAL SE 88 93.06 47.31 79.51
CA VAL SE 88 94.45 47.00 79.84
C VAL SE 88 94.77 45.60 79.35
N THR SE 89 95.72 45.50 78.43
CA THR SE 89 96.15 44.22 77.85
C THR SE 89 97.66 44.10 78.11
N ILE SE 90 98.01 43.66 79.31
CA ILE SE 90 99.41 43.49 79.71
C ILE SE 90 99.68 42.01 79.92
N VAL SE 91 100.72 41.50 79.27
CA VAL SE 91 101.07 40.08 79.41
C VAL SE 91 101.73 39.86 80.76
N ALA SE 92 101.67 38.61 81.24
CA ALA SE 92 102.25 38.28 82.54
C ALA SE 92 103.77 38.36 82.50
N ASN SE 93 104.39 37.60 81.60
CA ASN SE 93 105.84 37.57 81.47
C ASN SE 93 106.28 38.85 80.75
N SER SE 94 106.37 39.94 81.51
CA SER SE 94 106.79 41.23 80.98
C SER SE 94 108.02 41.74 81.72
N THR SE 95 108.01 43.03 82.07
CA THR SE 95 109.12 43.64 82.78
C THR SE 95 108.57 44.64 83.79
N GLU SE 96 109.02 44.52 85.05
CA GLU SE 96 108.55 45.43 86.09
C GLU SE 96 109.00 46.86 85.81
N ALA SE 97 110.25 47.04 85.38
CA ALA SE 97 110.74 48.38 85.06
C ALA SE 97 109.98 48.99 83.90
N SER SE 98 109.69 48.20 82.86
CA SER SE 98 108.93 48.69 81.73
C SER SE 98 107.51 49.06 82.13
N ARG SE 99 106.88 48.24 82.99
CA ARG SE 99 105.54 48.56 83.47
C ARG SE 99 105.53 49.83 84.30
N LYS SE 100 106.55 50.01 85.15
CA LYS SE 100 106.64 51.23 85.94
C LYS SE 100 106.85 52.46 85.07
N SER SE 101 107.69 52.33 84.04
CA SER SE 101 107.91 53.45 83.13
C SER SE 101 106.63 53.78 82.35
N LEU SE 102 105.89 52.76 81.92
CA LEU SE 102 104.64 52.99 81.22
C LEU SE 102 103.61 53.67 82.13
N TYR SE 103 103.53 53.23 83.39
CA TYR SE 103 102.61 53.86 84.33
C TYR SE 103 102.99 55.30 84.60
N ASP SE 104 104.29 55.58 84.72
CA ASP SE 104 104.74 56.97 84.92
C ASP SE 104 104.42 57.83 83.70
N LEU SE 105 104.61 57.29 82.50
CA LEU SE 105 104.28 58.04 81.29
C LEU SE 105 102.79 58.31 81.20
N THR SE 106 101.96 57.33 81.56
CA THR SE 106 100.51 57.53 81.55
C THR SE 106 100.11 58.58 82.59
N LYS SE 107 100.72 58.54 83.78
CA LYS SE 107 100.40 59.53 84.80
C LYS SE 107 100.82 60.93 84.35
N SER SE 108 101.96 61.05 83.69
CA SER SE 108 102.39 62.36 83.19
C SER SE 108 101.47 62.86 82.09
N LEU SE 109 101.05 61.98 81.18
CA LEU SE 109 100.12 62.39 80.13
C LEU SE 109 98.77 62.78 80.70
N VAL SE 110 98.35 62.15 81.78
CA VAL SE 110 97.08 62.51 82.41
C VAL SE 110 97.20 63.85 83.13
N ALA SE 111 98.30 64.06 83.84
CA ALA SE 111 98.48 65.29 84.61
C ALA SE 111 98.92 66.47 83.78
N THR SE 112 99.27 66.26 82.51
CA THR SE 112 99.68 67.37 81.65
C THR SE 112 98.49 68.29 81.37
N SER SE 113 98.81 69.49 80.90
CA SER SE 113 97.80 70.51 80.63
C SER SE 113 97.17 70.36 79.25
N GLN SE 114 97.73 69.54 78.37
CA GLN SE 114 97.19 69.34 77.04
C GLN SE 114 95.89 68.55 77.05
N VAL SE 115 95.83 67.46 77.82
CA VAL SE 115 94.60 66.67 77.90
C VAL SE 115 93.50 67.47 78.59
N GLU SE 116 93.85 68.31 79.57
CA GLU SE 116 92.85 69.15 80.22
C GLU SE 116 92.23 70.12 79.23
N ASP SE 117 93.06 70.73 78.38
CA ASP SE 117 92.54 71.64 77.36
C ASP SE 117 91.70 70.89 76.32
N LEU SE 118 92.15 69.69 75.93
CA LEU SE 118 91.38 68.87 75.01
C LEU SE 118 90.02 68.50 75.58
N VAL SE 119 89.94 68.30 76.89
CA VAL SE 119 88.68 67.94 77.53
C VAL SE 119 87.77 69.17 77.65
N VAL SE 120 88.33 70.29 78.11
CA VAL SE 120 87.53 71.49 78.37
C VAL SE 120 87.18 72.19 77.07
N ASN SE 121 88.17 72.77 76.40
CA ASN SE 121 87.93 73.58 75.21
C ASN SE 121 87.68 72.76 73.96
N LEU SE 122 87.71 71.43 74.04
CA LEU SE 122 87.47 70.55 72.90
C LEU SE 122 88.43 70.81 71.75
N VAL SE 123 89.64 71.29 72.07
CA VAL SE 123 90.66 71.58 71.07
C VAL SE 123 91.51 70.32 70.89
N PRO SE 124 91.77 69.90 69.64
CA PRO SE 124 92.57 68.68 69.44
C PRO SE 124 93.95 68.81 70.07
N LEU SE 125 94.44 67.69 70.58
CA LEU SE 125 95.73 67.65 71.27
C LEU SE 125 96.85 67.91 70.27
N GLY SE 126 97.61 68.97 70.50
CA GLY SE 126 98.72 69.33 69.62
C GLY SE 126 99.37 70.64 69.99
N ARG SE 127 100.14 70.64 71.08
CA ARG SE 127 100.83 71.83 71.54
C ARG SE 127 102.34 71.69 71.37
N SER TE 1 97.70 70.90 63.26
CA SER TE 1 96.50 71.40 62.62
C SER TE 1 96.76 72.71 61.87
N LYS TE 2 95.74 73.55 61.81
CA LYS TE 2 95.81 74.81 61.05
C LYS TE 2 95.01 75.86 61.80
N THR TE 3 95.67 76.94 62.18
CA THR TE 3 95.06 78.01 62.96
C THR TE 3 94.92 79.27 62.10
N ILE TE 4 93.79 79.95 62.24
CA ILE TE 4 93.51 81.19 61.52
C ILE TE 4 93.15 82.25 62.55
N VAL TE 5 93.86 83.37 62.53
CA VAL TE 5 93.65 84.46 63.47
C VAL TE 5 92.91 85.58 62.75
N LEU TE 6 91.77 85.99 63.31
CA LEU TE 6 90.96 87.06 62.77
C LEU TE 6 90.88 88.20 63.77
N SER TE 7 91.18 89.41 63.31
CA SER TE 7 91.17 90.60 64.17
C SER TE 7 89.86 91.35 63.95
N VAL TE 8 89.07 91.48 65.03
CA VAL TE 8 87.80 92.20 64.96
C VAL TE 8 87.93 93.66 65.34
N GLY TE 9 89.06 94.06 65.92
CA GLY TE 9 89.24 95.45 66.32
C GLY TE 9 89.83 95.55 67.72
N GLU TE 10 89.25 94.82 68.67
CA GLU TE 10 89.74 94.80 70.04
C GLU TE 10 90.12 93.42 70.54
N ALA TE 11 89.60 92.36 69.92
CA ALA TE 11 89.93 90.99 70.30
C ALA TE 11 90.31 90.19 69.07
N THR TE 12 90.94 89.04 69.29
CA THR TE 12 91.40 88.16 68.22
C THR TE 12 90.73 86.81 68.36
N ARG TE 13 90.06 86.37 67.30
CA ARG TE 13 89.41 85.07 67.27
C ARG TE 13 90.28 84.05 66.55
N THR TE 14 90.20 82.80 66.99
CA THR TE 14 91.03 81.72 66.48
C THR TE 14 90.13 80.62 65.93
N LEU TE 15 90.33 80.28 64.66
CA LEU TE 15 89.63 79.18 64.01
C LEU TE 15 90.61 78.03 63.80
N THR TE 16 90.15 76.81 64.10
CA THR TE 16 91.01 75.63 64.04
C THR TE 16 90.47 74.66 62.99
N GLU TE 17 91.38 74.07 62.22
CA GLU TE 17 91.01 73.06 61.24
C GLU TE 17 90.53 71.81 61.95
N ILE TE 18 89.39 71.27 61.49
CA ILE TE 18 88.67 70.20 62.16
C ILE TE 18 88.49 68.97 61.28
N GLN TE 19 88.20 69.15 59.99
CA GLN TE 19 87.93 68.06 59.05
C GLN TE 19 88.82 68.27 57.81
N SER TE 20 90.08 67.87 57.93
CA SER TE 20 91.06 68.08 56.86
C SER TE 20 90.80 67.08 55.73
N THR TE 21 90.24 67.58 54.63
CA THR TE 21 90.00 66.78 53.44
C THR TE 21 90.16 67.66 52.22
N ALA TE 22 90.53 67.04 51.09
CA ALA TE 22 90.80 67.81 49.88
C ALA TE 22 89.53 68.46 49.34
N ASP TE 23 88.48 67.67 49.12
CA ASP TE 23 87.25 68.17 48.53
C ASP TE 23 86.36 68.92 49.51
N ARG TE 24 86.72 68.96 50.80
CA ARG TE 24 85.90 69.65 51.79
C ARG TE 24 86.78 69.96 52.99
N GLN TE 25 87.07 71.25 53.20
CA GLN TE 25 87.82 71.71 54.35
C GLN TE 25 86.88 72.43 55.31
N ILE TE 26 86.83 71.96 56.55
CA ILE TE 26 85.90 72.47 57.55
C ILE TE 26 86.72 73.10 58.67
N PHE TE 27 86.65 74.42 58.78
CA PHE TE 27 87.28 75.16 59.87
C PHE TE 27 86.23 75.54 60.91
N GLU TE 28 86.58 75.38 62.19
CA GLU TE 28 85.66 75.68 63.28
C GLU TE 28 86.33 76.57 64.31
N GLU TE 29 85.61 77.59 64.76
CA GLU TE 29 86.14 78.54 65.73
C GLU TE 29 86.07 77.94 67.13
N LYS TE 30 87.17 78.08 67.89
CA LYS TE 30 87.27 77.55 69.25
C LYS TE 30 87.29 78.73 70.21
N VAL TE 31 86.18 78.93 70.92
CA VAL TE 31 86.07 79.99 71.92
C VAL TE 31 85.49 79.40 73.20
N GLY TE 32 84.33 78.75 73.07
CA GLY TE 32 83.68 78.13 74.20
C GLY TE 32 82.83 76.94 73.79
N PRO TE 33 81.52 77.16 73.63
CA PRO TE 33 80.64 76.07 73.18
C PRO TE 33 80.89 75.75 71.71
N LEU TE 34 81.25 74.51 71.43
CA LEU TE 34 81.56 74.12 70.05
C LEU TE 34 80.30 74.07 69.20
N VAL TE 35 79.18 73.67 69.78
CA VAL TE 35 77.92 73.61 69.03
C VAL TE 35 77.38 75.03 68.85
N GLY TE 36 76.91 75.33 67.65
CA GLY TE 36 76.39 76.65 67.34
C GLY TE 36 77.45 77.73 67.39
N ARG TE 37 78.51 77.56 66.61
CA ARG TE 37 79.60 78.53 66.59
C ARG TE 37 79.88 78.98 65.16
N LEU TE 38 81.13 79.36 64.88
CA LEU TE 38 81.54 79.82 63.57
C LEU TE 38 82.17 78.68 62.79
N ARG TE 39 81.63 78.38 61.61
CA ARG TE 39 82.14 77.32 60.77
C ARG TE 39 82.37 77.85 59.36
N LEU TE 40 83.35 77.27 58.68
CA LEU TE 40 83.73 77.67 57.34
C LEU TE 40 83.99 76.43 56.50
N THR TE 41 83.33 76.35 55.34
CA THR TE 41 83.46 75.23 54.42
C THR TE 41 84.12 75.71 53.14
N ALA TE 42 85.22 75.06 52.76
CA ALA TE 42 85.96 75.40 51.56
C ALA TE 42 86.02 74.18 50.64
N SER TE 43 85.86 74.44 49.34
CA SER TE 43 85.90 73.37 48.35
C SER TE 43 86.56 73.88 47.08
N LEU TE 44 87.35 73.02 46.45
CA LEU TE 44 88.03 73.33 45.20
C LEU TE 44 87.90 72.16 44.24
N ARG TE 45 87.59 72.45 42.98
CA ARG TE 45 87.40 71.39 42.00
C ARG TE 45 87.73 71.93 40.62
N GLN TE 46 87.44 71.14 39.60
CA GLN TE 46 87.60 71.49 38.20
C GLN TE 46 86.23 71.62 37.55
N ASN TE 47 86.19 71.59 36.21
CA ASN TE 47 84.95 71.72 35.48
C ASN TE 47 85.17 71.26 34.05
N GLY TE 48 84.09 70.79 33.42
CA GLY TE 48 84.09 70.43 32.01
C GLY TE 48 85.21 69.50 31.59
N ALA TE 49 86.06 69.98 30.69
CA ALA TE 49 87.19 69.20 30.19
C ALA TE 49 88.50 69.90 30.52
N LYS TE 50 88.78 70.02 31.81
CA LYS TE 50 90.02 70.61 32.32
C LYS TE 50 90.22 72.03 31.80
N THR TE 51 89.12 72.78 31.70
CA THR TE 51 89.19 74.16 31.22
C THR TE 51 89.46 75.12 32.38
N ALA TE 52 88.44 75.40 33.19
CA ALA TE 52 88.58 76.31 34.31
C ALA TE 52 88.53 75.55 35.64
N TYR TE 53 88.18 76.26 36.71
CA TYR TE 53 88.09 75.66 38.04
C TYR TE 53 86.85 76.19 38.73
N ARG TE 54 86.59 75.67 39.93
CA ARG TE 54 85.44 76.06 40.72
C ARG TE 54 85.82 76.06 42.18
N VAL TE 55 85.66 77.20 42.85
CA VAL TE 55 85.97 77.35 44.26
C VAL TE 55 84.70 77.77 44.99
N ASN TE 56 84.41 77.10 46.10
CA ASN TE 56 83.23 77.39 46.90
C ASN TE 56 83.66 77.69 48.34
N LEU TE 57 83.15 78.79 48.89
CA LEU TE 57 83.47 79.21 50.25
C LEU TE 57 82.19 79.61 50.94
N LYS TE 58 81.84 78.89 52.01
CA LYS TE 58 80.64 79.16 52.78
C LYS TE 58 81.03 79.43 54.23
N LEU TE 59 80.33 80.38 54.86
CA LEU TE 59 80.59 80.77 56.24
C LEU TE 59 79.27 80.79 56.99
N ASP TE 60 79.16 79.96 58.03
CA ASP TE 60 77.94 79.83 58.81
C ASP TE 60 78.21 80.17 60.27
N GLN TE 61 77.20 80.73 60.93
CA GLN TE 61 77.30 81.09 62.34
C GLN TE 61 75.89 81.14 62.92
N ALA TE 62 75.57 80.21 63.81
CA ALA TE 62 74.26 80.13 64.43
C ALA TE 62 74.35 80.60 65.87
N ASP TE 63 73.46 81.53 66.24
CA ASP TE 63 73.43 82.05 67.60
C ASP TE 63 72.79 81.04 68.54
N VAL TE 64 73.21 81.08 69.81
CA VAL TE 64 72.72 80.17 70.83
C VAL TE 64 72.13 80.99 71.97
N VAL TE 65 71.24 80.34 72.73
CA VAL TE 65 70.60 80.95 73.88
C VAL TE 65 70.59 79.94 75.02
N ASP TE 66 70.56 80.45 76.25
CA ASP TE 66 70.60 79.62 77.44
C ASP TE 66 69.83 80.30 78.56
N CYS TE 67 69.15 79.50 79.37
CA CYS TE 67 68.36 80.00 80.48
C CYS TE 67 68.82 79.48 81.83
N SER TE 68 69.99 78.83 81.91
CA SER TE 68 70.45 78.29 83.18
C SER TE 68 70.83 79.39 84.17
N THR TE 69 70.96 80.63 83.72
CA THR TE 69 71.31 81.72 84.62
C THR TE 69 70.14 82.09 85.53
N SER TE 70 68.91 81.97 85.04
CA SER TE 70 67.73 82.32 85.82
C SER TE 70 66.79 81.12 85.96
N VAL TE 71 66.38 80.56 84.83
CA VAL TE 71 65.48 79.41 84.82
C VAL TE 71 66.25 78.18 85.30
N CYS TE 72 65.58 77.32 86.06
CA CYS TE 72 66.26 76.15 86.61
C CYS TE 72 66.12 74.95 85.67
N GLY TE 73 66.41 75.14 84.39
CA GLY TE 73 66.66 74.00 83.51
C GLY TE 73 66.38 74.28 82.06
N GLU TE 74 67.45 74.53 81.28
CA GLU TE 74 67.31 74.76 79.85
C GLU TE 74 68.69 74.60 79.21
N LEU TE 75 68.82 73.61 78.33
CA LEU TE 75 70.10 73.39 77.65
C LEU TE 75 70.33 74.48 76.60
N PRO TE 76 71.58 74.75 76.26
CA PRO TE 76 71.87 75.74 75.20
C PRO TE 76 71.22 75.32 73.88
N LYS TE 77 70.33 76.19 73.39
CA LYS TE 77 69.54 75.90 72.20
C LYS TE 77 69.87 76.91 71.10
N VAL TE 78 70.03 76.42 69.88
CA VAL TE 78 70.32 77.30 68.76
C VAL TE 78 69.05 78.06 68.37
N ARG TE 79 69.24 79.25 67.78
CA ARG TE 79 68.12 80.09 67.39
C ARG TE 79 68.05 80.09 65.88
N TYR TE 80 68.65 81.07 65.19
CA TYR TE 80 68.61 81.16 63.74
C TYR TE 80 69.92 80.68 63.15
N THR TE 81 69.92 80.54 61.83
CA THR TE 81 71.10 80.08 61.08
C THR TE 81 71.30 81.01 59.89
N GLN TE 82 72.56 81.42 59.68
CA GLN TE 82 72.92 82.30 58.57
C GLN TE 82 73.86 81.57 57.62
N VAL TE 83 73.59 81.68 56.33
CA VAL TE 83 74.38 81.02 55.29
C VAL TE 83 74.89 82.08 54.32
N TRP TE 84 76.21 82.11 54.12
CA TRP TE 84 76.86 83.04 53.21
C TRP TE 84 77.85 82.25 52.36
N SER TE 85 77.37 81.75 51.21
CA SER TE 85 78.19 80.96 50.31
C SER TE 85 78.81 81.85 49.24
N HIS TE 86 79.77 81.28 48.51
CA HIS TE 86 80.47 81.99 47.44
C HIS TE 86 80.61 81.06 46.24
N ASP TE 87 81.13 81.62 45.15
CA ASP TE 87 81.33 80.85 43.93
C ASP TE 87 82.40 81.56 43.10
N VAL TE 88 83.54 80.91 42.92
CA VAL TE 88 84.67 81.47 42.16
C VAL TE 88 84.87 80.61 40.93
N THR TE 89 84.71 81.22 39.76
CA THR TE 89 84.90 80.55 38.47
C THR TE 89 85.95 81.32 37.69
N ILE TE 90 87.22 81.04 37.98
CA ILE TE 90 88.36 81.70 37.34
C ILE TE 90 89.11 80.66 36.52
N VAL TE 91 89.33 80.96 35.24
CA VAL TE 91 90.05 80.04 34.37
C VAL TE 91 91.53 80.09 34.70
N ALA TE 92 92.24 79.01 34.36
CA ALA TE 92 93.68 78.93 34.65
C ALA TE 92 94.46 79.91 33.79
N ASN TE 93 94.34 79.81 32.47
CA ASN TE 93 95.04 80.69 31.54
C ASN TE 93 94.35 82.05 31.52
N SER TE 94 94.67 82.86 32.54
CA SER TE 94 94.10 84.20 32.66
C SER TE 94 95.20 85.25 32.68
N THR TE 95 95.09 86.20 33.59
CA THR TE 95 96.07 87.27 33.73
C THR TE 95 96.26 87.61 35.20
N GLU TE 96 97.52 87.62 35.65
CA GLU TE 96 97.79 87.92 37.05
C GLU TE 96 97.41 89.36 37.39
N ALA TE 97 97.70 90.30 36.50
CA ALA TE 97 97.34 91.69 36.74
C ALA TE 97 95.82 91.86 36.79
N SER TE 98 95.10 91.19 35.89
CA SER TE 98 93.65 91.27 35.90
C SER TE 98 93.07 90.65 37.17
N ARG TE 99 93.63 89.53 37.62
CA ARG TE 99 93.16 88.91 38.85
C ARG TE 99 93.42 89.80 40.05
N LYS TE 100 94.60 90.45 40.08
CA LYS TE 100 94.91 91.36 41.18
C LYS TE 100 93.96 92.56 41.18
N SER TE 101 93.67 93.11 40.00
CA SER TE 101 92.75 94.23 39.92
C SER TE 101 91.34 93.83 40.35
N LEU TE 102 90.91 92.62 39.96
CA LEU TE 102 89.59 92.15 40.37
C LEU TE 102 89.54 91.95 41.88
N TYR TE 103 90.60 91.40 42.48
CA TYR TE 103 90.64 91.21 43.92
C TYR TE 103 90.62 92.56 44.65
N ASP TE 104 91.35 93.54 44.12
CA ASP TE 104 91.34 94.87 44.73
C ASP TE 104 89.97 95.52 44.63
N LEU TE 105 89.29 95.35 43.49
CA LEU TE 105 87.95 95.91 43.34
C LEU TE 105 86.97 95.23 44.30
N THR TE 106 87.09 93.91 44.46
CA THR TE 106 86.22 93.20 45.39
C THR TE 106 86.48 93.65 46.82
N LYS TE 107 87.76 93.83 47.19
CA LYS TE 107 88.09 94.30 48.54
C LYS TE 107 87.54 95.71 48.77
N SER TE 108 87.64 96.58 47.76
CA SER TE 108 87.09 97.93 47.90
C SER TE 108 85.58 97.92 48.04
N LEU TE 109 84.90 97.08 47.25
CA LEU TE 109 83.45 96.98 47.35
C LEU TE 109 83.02 96.40 48.69
N VAL TE 110 83.83 95.51 49.27
CA VAL TE 110 83.50 94.96 50.57
C VAL TE 110 83.73 95.99 51.67
N ALA TE 111 84.83 96.73 51.59
CA ALA TE 111 85.16 97.70 52.62
C ALA TE 111 84.39 99.01 52.49
N THR TE 112 83.67 99.22 51.38
CA THR TE 112 82.91 100.45 51.23
C THR TE 112 81.76 100.49 52.23
N SER TE 113 81.20 101.69 52.40
CA SER TE 113 80.13 101.93 53.37
C SER TE 113 78.75 101.60 52.81
N GLN TE 114 78.63 101.40 51.49
CA GLN TE 114 77.34 101.09 50.88
C GLN TE 114 76.86 99.67 51.21
N VAL TE 115 77.76 98.69 51.13
CA VAL TE 115 77.39 97.32 51.47
C VAL TE 115 77.07 97.20 52.96
N GLU TE 116 77.78 97.94 53.80
CA GLU TE 116 77.48 97.92 55.23
C GLU TE 116 76.08 98.45 55.51
N ASP TE 117 75.69 99.53 54.83
CA ASP TE 117 74.34 100.06 54.99
C ASP TE 117 73.30 99.09 54.43
N LEU TE 118 73.60 98.47 53.28
CA LEU TE 118 72.69 97.48 52.72
C LEU TE 118 72.50 96.29 53.66
N VAL TE 119 73.54 95.92 54.41
CA VAL TE 119 73.43 94.80 55.34
C VAL TE 119 72.66 95.20 56.58
N VAL TE 120 72.99 96.37 57.15
CA VAL TE 120 72.40 96.81 58.41
C VAL TE 120 70.98 97.30 58.19
N ASN TE 121 70.83 98.44 57.51
CA ASN TE 121 69.54 99.09 57.37
C ASN TE 121 68.66 98.45 56.30
N LEU TE 122 69.15 97.41 55.61
CA LEU TE 122 68.39 96.71 54.58
C LEU TE 122 67.95 97.66 53.46
N VAL TE 123 68.72 98.71 53.22
CA VAL TE 123 68.43 99.67 52.17
C VAL TE 123 69.12 99.22 50.89
N PRO TE 124 68.43 99.20 49.74
CA PRO TE 124 69.08 98.74 48.51
C PRO TE 124 70.29 99.60 48.16
N LEU TE 125 71.30 98.94 47.59
CA LEU TE 125 72.55 99.60 47.26
C LEU TE 125 72.32 100.61 46.13
N GLY TE 126 72.61 101.88 46.40
CA GLY TE 126 72.43 102.92 45.43
C GLY TE 126 72.70 104.31 45.97
N ARG TE 127 73.96 104.63 46.20
CA ARG TE 127 74.35 105.94 46.73
C ARG TE 127 75.10 106.75 45.70
N SER UE 1 71.16 109.33 50.49
CA SER UE 1 69.75 109.01 50.71
C SER UE 1 68.95 110.28 51.02
N LYS UE 2 67.89 110.11 51.81
CA LYS UE 2 66.98 111.21 52.13
C LYS UE 2 66.50 111.04 53.56
N THR UE 3 66.77 112.03 54.40
CA THR UE 3 66.42 111.99 55.81
C THR UE 3 65.30 112.98 56.11
N ILE UE 4 64.37 112.57 56.95
CA ILE UE 4 63.24 113.40 57.38
C ILE UE 4 63.23 113.43 58.90
N VAL UE 5 63.27 114.63 59.47
CA VAL UE 5 63.29 114.82 60.91
C VAL UE 5 61.90 115.25 61.37
N LEU UE 6 61.34 114.51 62.32
CA LEU UE 6 60.02 114.80 62.87
C LEU UE 6 60.16 115.10 64.36
N SER UE 7 59.60 116.22 64.79
CA SER UE 7 59.67 116.65 66.19
C SER UE 7 58.37 116.27 66.88
N VAL UE 8 58.46 115.41 67.90
CA VAL UE 8 57.28 115.00 68.66
C VAL UE 8 57.04 115.87 69.90
N GLY UE 9 58.00 116.69 70.28
CA GLY UE 9 57.85 117.53 71.46
C GLY UE 9 59.08 117.51 72.35
N GLU UE 10 59.58 116.30 72.64
CA GLU UE 10 60.78 116.14 73.45
C GLU UE 10 61.88 115.36 72.76
N ALA UE 11 61.56 114.57 71.74
CA ALA UE 11 62.56 113.81 70.99
C ALA UE 11 62.35 114.04 69.50
N THR UE 12 63.35 113.68 68.72
CA THR UE 12 63.33 113.84 67.27
C THR UE 12 63.49 112.48 66.61
N ARG UE 13 62.56 112.12 65.74
CA ARG UE 13 62.60 110.87 65.01
C ARG UE 13 63.13 111.11 63.59
N THR UE 14 63.85 110.12 63.08
CA THR UE 14 64.50 110.21 61.77
C THR UE 14 63.97 109.10 60.86
N LEU UE 15 63.43 109.49 59.71
CA LEU UE 15 62.98 108.55 58.69
C LEU UE 15 63.95 108.59 57.51
N THR UE 16 64.33 107.42 57.02
CA THR UE 16 65.31 107.30 55.95
C THR UE 16 64.66 106.70 54.70
N GLU UE 17 65.03 107.26 53.55
CA GLU UE 17 64.55 106.72 52.27
C GLU UE 17 65.17 105.34 52.02
N ILE UE 18 64.30 104.39 51.72
CA ILE UE 18 64.67 103.00 51.49
C ILE UE 18 64.59 102.64 50.02
N GLN UE 19 63.41 102.78 49.45
CA GLN UE 19 63.06 102.26 48.13
C GLN UE 19 62.79 103.45 47.21
N SER UE 20 63.87 104.05 46.69
CA SER UE 20 63.77 105.24 45.85
C SER UE 20 63.27 104.85 44.47
N THR UE 21 62.00 105.15 44.18
CA THR UE 21 61.41 104.93 42.88
C THR UE 21 60.40 106.02 42.61
N ALA UE 22 60.18 106.31 41.32
CA ALA UE 22 59.30 107.40 40.94
C ALA UE 22 57.85 107.12 41.33
N ASP UE 23 57.32 105.97 40.90
CA ASP UE 23 55.92 105.64 41.13
C ASP UE 23 55.65 105.13 42.54
N ARG UE 24 56.69 104.94 43.37
CA ARG UE 24 56.49 104.44 44.73
C ARG UE 24 57.72 104.82 45.55
N GLN UE 25 57.54 105.73 46.49
CA GLN UE 25 58.60 106.14 47.42
C GLN UE 25 58.29 105.57 48.79
N ILE UE 26 59.22 104.80 49.35
CA ILE UE 26 59.03 104.12 50.62
C ILE UE 26 60.03 104.67 51.61
N PHE UE 27 59.54 105.40 52.60
CA PHE UE 27 60.38 105.90 53.70
C PHE UE 27 60.18 105.04 54.93
N GLU UE 28 61.27 104.73 55.62
CA GLU UE 28 61.24 103.87 56.79
C GLU UE 28 61.98 104.53 57.94
N GLU UE 29 61.38 104.49 59.13
CA GLU UE 29 61.98 105.09 60.32
C GLU UE 29 63.05 104.18 60.88
N LYS UE 30 64.20 104.75 61.21
CA LYS UE 30 65.34 104.01 61.78
C LYS UE 30 65.50 104.40 63.24
N VAL UE 31 65.12 103.50 64.15
CA VAL UE 31 65.27 103.72 65.58
C VAL UE 31 65.90 102.49 66.20
N GLY UE 32 65.31 101.32 65.96
CA GLY UE 32 65.82 100.08 66.48
C GLY UE 32 65.46 98.90 65.60
N PRO UE 33 64.40 98.17 65.97
CA PRO UE 33 63.95 97.05 65.13
C PRO UE 33 63.31 97.56 63.85
N LEU UE 34 63.87 97.14 62.71
CA LEU UE 34 63.36 97.61 61.43
C LEU UE 34 61.99 97.00 61.12
N VAL UE 35 61.75 95.76 61.52
CA VAL UE 35 60.46 95.13 61.29
C VAL UE 35 59.43 95.69 62.26
N GLY UE 36 58.23 95.99 61.76
CA GLY UE 36 57.18 96.55 62.58
C GLY UE 36 57.50 97.94 63.08
N ARG UE 37 57.80 98.86 62.16
CA ARG UE 37 58.14 100.22 62.52
C ARG UE 37 57.24 101.21 61.79
N LEU UE 38 57.76 102.41 61.54
CA LEU UE 38 57.01 103.47 60.86
C LEU UE 38 57.41 103.48 59.38
N ARG UE 39 56.42 103.33 58.50
CA ARG UE 39 56.64 103.34 57.07
C ARG UE 39 55.70 104.33 56.40
N LEU UE 40 56.16 104.90 55.29
CA LEU UE 40 55.41 105.90 54.55
C LEU UE 40 55.54 105.61 53.06
N THR UE 41 54.40 105.51 52.38
CA THR UE 41 54.34 105.24 50.96
C THR UE 41 53.79 106.47 50.24
N ALA UE 42 54.55 106.97 49.25
CA ALA UE 42 54.15 108.12 48.47
C ALA UE 42 54.08 107.75 46.99
N SER UE 43 53.06 108.25 46.31
CA SER UE 43 52.87 107.98 44.89
C SER UE 43 52.32 109.21 44.20
N LEU UE 44 52.79 109.47 42.98
CA LEU UE 44 52.34 110.59 42.17
C LEU UE 44 52.11 110.10 40.75
N ARG UE 45 50.99 110.52 40.16
CA ARG UE 45 50.66 110.09 38.80
C ARG UE 45 49.79 111.15 38.14
N GLN UE 46 49.26 110.82 36.97
CA GLN UE 46 48.36 111.66 36.20
C GLN UE 46 46.97 111.01 36.20
N ASN UE 47 46.12 111.45 35.26
CA ASN UE 47 44.76 110.93 35.15
C ASN UE 47 44.19 111.32 33.80
N GLY UE 48 43.26 110.49 33.32
CA GLY UE 48 42.51 110.78 32.11
C GLY UE 48 43.36 111.14 30.90
N ALA UE 49 43.18 112.35 30.40
CA ALA UE 49 43.92 112.82 29.23
C ALA UE 49 44.73 114.06 29.62
N LYS UE 50 45.69 113.87 30.52
CA LYS UE 50 46.62 114.92 30.96
C LYS UE 50 45.86 116.12 31.51
N THR UE 51 44.77 115.86 32.23
CA THR UE 51 43.98 116.93 32.83
C THR UE 51 44.52 117.30 34.21
N ALA UE 52 44.24 116.46 35.21
CA ALA UE 52 44.68 116.72 36.57
C ALA UE 52 45.78 115.75 36.98
N TYR UE 53 45.95 115.55 38.28
CA TYR UE 53 46.96 114.63 38.80
C TYR UE 53 46.36 113.86 39.96
N ARG UE 54 47.14 112.92 40.49
CA ARG UE 54 46.70 112.08 41.60
C ARG UE 54 47.89 111.81 42.51
N VAL UE 55 47.76 112.17 43.78
CA VAL UE 55 48.79 111.96 44.78
C VAL UE 55 48.23 111.08 45.89
N ASN UE 56 49.01 110.07 46.26
CA ASN UE 56 48.60 109.14 47.31
C ASN UE 56 49.68 109.10 48.39
N LEU UE 57 49.26 109.23 49.65
CA LEU UE 57 50.17 109.23 50.79
C LEU UE 57 49.59 108.32 51.87
N LYS UE 58 50.31 107.26 52.19
CA LYS UE 58 49.88 106.31 53.21
C LYS UE 58 50.94 106.23 54.29
N LEU UE 59 50.50 106.10 55.54
CA LEU UE 59 51.40 106.02 56.69
C LEU UE 59 50.98 104.85 57.55
N ASP UE 60 51.89 103.88 57.73
CA ASP UE 60 51.60 102.67 58.49
C ASP UE 60 52.58 102.55 59.65
N GLN UE 61 52.10 101.95 60.74
CA GLN UE 61 52.91 101.72 61.93
C GLN UE 61 52.32 100.58 62.72
N ALA UE 62 53.02 99.45 62.78
CA ALA UE 62 52.56 98.27 63.47
C ALA UE 62 53.35 98.10 64.77
N ASP UE 63 52.63 97.93 65.88
CA ASP UE 63 53.26 97.74 67.18
C ASP UE 63 53.81 96.32 67.29
N VAL UE 64 54.88 96.20 68.09
CA VAL UE 64 55.55 94.92 68.29
C VAL UE 64 55.56 94.60 69.78
N VAL UE 65 55.68 93.31 70.08
CA VAL UE 65 55.75 92.83 71.46
C VAL UE 65 56.85 91.78 71.55
N ASP UE 66 57.41 91.63 72.75
CA ASP UE 66 58.51 90.72 72.99
C ASP UE 66 58.43 90.20 74.43
N CYS UE 67 58.80 88.93 74.60
CA CYS UE 67 58.77 88.29 75.90
C CYS UE 67 60.14 87.80 76.37
N SER UE 68 61.22 88.19 75.69
CA SER UE 68 62.54 87.73 76.08
C SER UE 68 63.00 88.32 77.41
N THR UE 69 62.31 89.34 77.91
CA THR UE 69 62.69 89.93 79.19
C THR UE 69 62.33 89.03 80.36
N SER UE 70 61.24 88.26 80.25
CA SER UE 70 60.81 87.38 81.32
C SER UE 70 60.73 85.93 80.83
N VAL UE 71 59.97 85.70 79.78
CA VAL UE 71 59.81 84.36 79.22
C VAL UE 71 61.10 83.97 78.52
N CYS UE 72 61.47 82.70 78.60
CA CYS UE 72 62.74 82.31 78.01
C CYS UE 72 62.54 81.75 76.59
N GLY UE 73 61.83 82.52 75.77
CA GLY UE 73 61.88 82.31 74.34
C GLY UE 73 60.67 82.82 73.58
N GLU UE 74 60.79 83.99 72.96
CA GLU UE 74 59.70 84.55 72.16
C GLU UE 74 60.30 85.63 71.27
N LEU UE 75 60.21 85.44 69.96
CA LEU UE 75 60.73 86.43 69.03
C LEU UE 75 59.80 87.65 68.99
N PRO UE 76 60.32 88.81 68.62
CA PRO UE 76 59.46 90.00 68.48
C PRO UE 76 58.35 89.76 67.47
N LYS UE 77 57.11 89.85 67.94
CA LYS UE 77 55.94 89.57 67.13
C LYS UE 77 55.08 90.81 66.98
N VAL UE 78 54.60 91.06 65.76
CA VAL UE 78 53.75 92.20 65.52
C VAL UE 78 52.35 91.94 66.08
N ARG UE 79 51.65 93.01 66.44
CA ARG UE 79 50.33 92.90 67.02
C ARG UE 79 49.32 93.40 66.00
N TYR UE 80 48.91 94.66 66.04
CA TYR UE 80 47.93 95.21 65.12
C TYR UE 80 48.63 96.05 64.06
N THR UE 81 47.85 96.44 63.05
CA THR UE 81 48.35 97.24 61.94
C THR UE 81 47.38 98.39 61.69
N GLN UE 82 47.92 99.59 61.51
CA GLN UE 82 47.13 100.79 61.26
C GLN UE 82 47.45 101.33 59.88
N VAL UE 83 46.41 101.68 59.13
CA VAL UE 83 46.53 102.19 57.77
C VAL UE 83 45.86 103.55 57.70
N TRP UE 84 46.60 104.56 57.24
CA TRP UE 84 46.11 105.92 57.09
C TRP UE 84 46.53 106.43 55.72
N SER UE 85 45.69 106.20 54.72
CA SER UE 85 45.98 106.61 53.35
C SER UE 85 45.38 107.97 53.05
N HIS UE 86 45.79 108.55 51.93
CA HIS UE 86 45.31 109.86 51.50
C HIS UE 86 45.00 109.81 50.01
N ASP UE 87 44.45 110.92 49.51
CA ASP UE 87 44.11 111.02 48.09
C ASP UE 87 44.02 112.50 47.74
N VAL UE 88 44.93 112.97 46.89
CA VAL UE 88 44.99 114.37 46.47
C VAL UE 88 44.69 114.42 44.98
N THR UE 89 43.60 115.11 44.63
CA THR UE 89 43.18 115.28 43.23
C THR UE 89 43.10 116.78 42.96
N ILE UE 90 44.24 117.39 42.66
CA ILE UE 90 44.34 118.82 42.38
C ILE UE 90 44.74 118.99 40.93
N VAL UE 91 43.95 119.80 40.19
CA VAL UE 91 44.26 120.05 38.79
C VAL UE 91 45.44 120.99 38.67
N ALA UE 92 46.12 120.94 37.52
CA ALA UE 92 47.29 121.78 37.31
C ALA UE 92 46.90 123.26 37.20
N ASN UE 93 46.02 123.57 36.23
CA ASN UE 93 45.57 124.95 36.02
C ASN UE 93 44.56 125.30 37.11
N SER UE 94 45.11 125.67 38.28
CA SER UE 94 44.27 126.06 39.41
C SER UE 94 44.62 127.47 39.88
N THR UE 95 44.75 127.65 41.19
CA THR UE 95 45.08 128.96 41.75
C THR UE 95 46.00 128.76 42.95
N GLU UE 96 47.12 129.48 42.96
CA GLU UE 96 48.07 129.37 44.06
C GLU UE 96 47.47 129.86 45.37
N ALA UE 97 46.73 130.97 45.32
CA ALA UE 97 46.10 131.48 46.53
C ALA UE 97 45.05 130.52 47.06
N SER UE 98 44.26 129.92 46.16
CA SER UE 98 43.25 128.95 46.59
C SER UE 98 43.91 127.71 47.18
N ARG UE 99 45.00 127.24 46.58
CA ARG UE 99 45.71 126.09 47.12
C ARG UE 99 46.30 126.40 48.50
N LYS UE 100 46.85 127.60 48.67
CA LYS UE 100 47.39 127.99 49.97
C LYS UE 100 46.29 128.08 51.02
N SER UE 101 45.14 128.65 50.65
CA SER UE 101 44.03 128.72 51.59
C SER UE 101 43.52 127.33 51.96
N LEU UE 102 43.44 126.43 50.99
CA LEU UE 102 43.02 125.06 51.28
C LEU UE 102 44.00 124.36 52.19
N TYR UE 103 45.30 124.55 51.95
CA TYR UE 103 46.31 123.94 52.82
C TYR UE 103 46.23 124.49 54.23
N ASP UE 104 46.01 125.81 54.36
CA ASP UE 104 45.87 126.40 55.69
C ASP UE 104 44.64 125.88 56.40
N LEU UE 105 43.52 125.73 55.68
CA LEU UE 105 42.31 125.18 56.28
C LEU UE 105 42.52 123.74 56.72
N THR UE 106 43.22 122.94 55.91
CA THR UE 106 43.50 121.56 56.29
C THR UE 106 44.40 121.51 57.52
N LYS UE 107 45.42 122.38 57.57
CA LYS UE 107 46.30 122.42 58.73
C LYS UE 107 45.54 122.82 59.99
N SER UE 108 44.63 123.79 59.87
CA SER UE 108 43.84 124.20 61.02
C SER UE 108 42.90 123.08 61.48
N LEU UE 109 42.27 122.38 60.54
CA LEU UE 109 41.40 121.27 60.91
C LEU UE 109 42.19 120.13 61.54
N VAL UE 110 43.44 119.93 61.12
CA VAL UE 110 44.26 118.88 61.73
C VAL UE 110 44.69 119.29 63.13
N ALA UE 111 45.10 120.55 63.30
CA ALA UE 111 45.59 121.02 64.59
C ALA UE 111 44.48 121.34 65.58
N THR UE 112 43.23 121.36 65.15
CA THR UE 112 42.13 121.64 66.07
C THR UE 112 41.97 120.50 67.08
N SER UE 113 41.24 120.80 68.15
CA SER UE 113 41.04 119.85 69.24
C SER UE 113 39.88 118.89 68.98
N GLN UE 114 39.05 119.15 67.97
CA GLN UE 114 37.93 118.28 67.66
C GLN UE 114 38.37 116.96 67.04
N VAL UE 115 39.30 117.00 66.10
CA VAL UE 115 39.79 115.76 65.48
C VAL UE 115 40.56 114.93 66.51
N GLU UE 116 41.29 115.58 67.41
CA GLU UE 116 41.99 114.85 68.46
C GLU UE 116 41.02 114.09 69.35
N ASP UE 117 39.91 114.74 69.74
CA ASP UE 117 38.89 114.06 70.54
C ASP UE 117 38.22 112.95 69.75
N LEU UE 118 37.95 113.19 68.47
CA LEU UE 118 37.36 112.14 67.63
C LEU UE 118 38.29 110.93 67.52
N VAL UE 119 39.60 111.16 67.52
CA VAL UE 119 40.55 110.05 67.42
C VAL UE 119 40.67 109.32 68.76
N VAL UE 120 40.79 110.07 69.85
CA VAL UE 120 41.02 109.47 71.16
C VAL UE 120 39.73 108.87 71.71
N ASN UE 121 38.77 109.72 72.05
CA ASN UE 121 37.55 109.27 72.71
C ASN UE 121 36.54 108.65 71.76
N LEU UE 122 36.84 108.58 70.46
CA LEU UE 122 35.95 107.99 69.46
C LEU UE 122 34.58 108.68 69.45
N VAL UE 123 34.53 109.95 69.81
CA VAL UE 123 33.30 110.72 69.82
C VAL UE 123 33.14 111.39 68.45
N PRO UE 124 31.97 111.30 67.83
CA PRO UE 124 31.79 111.92 66.50
C PRO UE 124 32.06 113.41 66.53
N LEU UE 125 32.64 113.92 65.44
CA LEU UE 125 33.01 115.33 65.35
C LEU UE 125 31.75 116.19 65.33
N GLY UE 126 31.62 117.08 66.31
CA GLY UE 126 30.47 117.96 66.39
C GLY UE 126 30.46 118.80 67.65
N ARG UE 127 31.33 119.80 67.71
CA ARG UE 127 31.41 120.69 68.86
C ARG UE 127 30.94 122.10 68.51
N SER VE 1 24.12 115.12 66.93
CA SER VE 1 23.72 113.85 67.51
C SER VE 1 22.71 114.04 68.64
N LYS VE 2 22.76 113.14 69.63
CA LYS VE 2 21.80 113.14 70.72
C LYS VE 2 22.52 112.70 71.98
N THR VE 3 22.54 113.56 72.99
CA THR VE 3 23.23 113.30 74.25
C THR VE 3 22.23 113.07 75.37
N ILE VE 4 22.53 112.11 76.24
CA ILE VE 4 21.69 111.78 77.39
C ILE VE 4 22.57 111.84 78.63
N VAL VE 5 22.18 112.65 79.61
CA VAL VE 5 22.93 112.82 80.84
C VAL VE 5 22.24 112.04 81.95
N LEU VE 6 22.99 111.16 82.61
CA LEU VE 6 22.47 110.34 83.70
C LEU VE 6 23.25 110.67 84.97
N SER VE 7 22.52 110.97 86.05
CA SER VE 7 23.12 111.32 87.33
C SER VE 7 23.12 110.10 88.23
N VAL VE 8 24.31 109.66 88.64
CA VAL VE 8 24.44 108.49 89.52
C VAL VE 8 24.51 108.89 90.99
N GLY VE 9 24.70 110.17 91.29
CA GLY VE 9 24.81 110.61 92.67
C GLY VE 9 25.97 111.57 92.89
N GLU VE 10 27.14 111.19 92.39
CA GLU VE 10 28.33 112.03 92.49
C GLU VE 10 28.96 112.37 91.14
N ALA VE 11 28.69 111.60 90.10
CA ALA VE 11 29.22 111.85 88.77
C ALA VE 11 28.08 111.79 87.76
N THR VE 12 28.34 112.33 86.56
CA THR VE 12 27.36 112.37 85.49
C THR VE 12 27.90 111.62 84.28
N ARG VE 13 27.14 110.65 83.80
CA ARG VE 13 27.50 109.87 82.63
C ARG VE 13 26.78 110.39 81.40
N THR VE 14 27.45 110.30 80.25
CA THR VE 14 26.93 110.83 79.00
C THR VE 14 26.83 109.70 77.99
N LEU VE 15 25.63 109.49 77.44
CA LEU VE 15 25.39 108.53 76.38
C LEU VE 15 25.14 109.27 75.07
N THR VE 16 25.76 108.80 74.00
CA THR VE 16 25.70 109.45 72.70
C THR VE 16 25.01 108.55 71.69
N GLU VE 17 24.15 109.15 70.86
CA GLU VE 17 23.48 108.41 69.79
C GLU VE 17 24.52 108.00 68.74
N ILE VE 18 24.48 106.73 68.35
CA ILE VE 18 25.45 106.13 67.44
C ILE VE 18 24.81 105.68 66.13
N GLN VE 19 23.69 104.95 66.22
CA GLN VE 19 23.06 104.31 65.07
C GLN VE 19 21.63 104.84 64.97
N SER VE 20 21.49 106.04 64.40
CA SER VE 20 20.19 106.71 64.30
C SER VE 20 19.36 106.04 63.21
N THR VE 21 18.36 105.26 63.62
CA THR VE 21 17.43 104.62 62.70
C THR VE 21 16.08 104.53 63.37
N ALA VE 22 15.02 104.51 62.56
CA ALA VE 22 13.66 104.53 63.08
C ALA VE 22 13.35 103.24 63.84
N ASP VE 23 13.55 102.09 63.20
CA ASP VE 23 13.20 100.81 63.80
C ASP VE 23 14.22 100.31 64.81
N ARG VE 24 15.35 101.01 64.97
CA ARG VE 24 16.38 100.57 65.92
C ARG VE 24 17.25 101.78 66.25
N GLN VE 25 17.15 102.25 67.49
CA GLN VE 25 17.97 103.34 67.99
C GLN VE 25 19.00 102.77 68.97
N ILE VE 26 20.27 103.01 68.70
CA ILE VE 26 21.37 102.46 69.49
C ILE VE 26 22.11 103.61 70.14
N PHE VE 27 22.00 103.73 71.46
CA PHE VE 27 22.75 104.71 72.23
C PHE VE 27 23.93 104.03 72.91
N GLU VE 28 25.09 104.69 72.88
CA GLU VE 28 26.30 104.15 73.46
C GLU VE 28 26.96 105.17 74.38
N GLU VE 29 27.39 104.71 75.55
CA GLU VE 29 28.02 105.58 76.53
C GLU VE 29 29.48 105.85 76.17
N LYS VE 30 29.89 107.11 76.23
CA LYS VE 30 31.24 107.52 75.90
C LYS VE 30 31.96 107.94 77.18
N VAL VE 31 32.87 107.08 77.65
CA VAL VE 31 33.67 107.38 78.84
C VAL VE 31 35.13 107.09 78.53
N GLY VE 32 35.41 105.88 78.06
CA GLY VE 32 36.76 105.50 77.72
C GLY VE 32 36.79 104.44 76.63
N PRO VE 33 36.94 103.17 77.02
CA PRO VE 33 36.92 102.09 76.02
C PRO VE 33 35.52 101.90 75.48
N LEU VE 34 35.38 102.02 74.16
CA LEU VE 34 34.06 101.90 73.54
C LEU VE 34 33.57 100.46 73.56
N VAL VE 35 34.48 99.49 73.42
CA VAL VE 35 34.08 98.09 73.47
C VAL VE 35 33.80 97.68 74.90
N GLY VE 36 32.71 96.93 75.11
CA GLY VE 36 32.33 96.50 76.44
C GLY VE 36 31.91 97.65 77.34
N ARG VE 37 30.94 98.43 76.89
CA ARG VE 37 30.46 99.58 77.66
C ARG VE 37 28.95 99.51 77.87
N LEU VE 38 28.31 100.66 77.99
CA LEU VE 38 26.87 100.74 78.20
C LEU VE 38 26.19 101.01 76.87
N ARG VE 39 25.25 100.14 76.50
CA ARG VE 39 24.50 100.28 75.26
C ARG VE 39 23.02 100.18 75.54
N LEU VE 40 22.23 100.87 74.72
CA LEU VE 40 20.78 100.91 74.87
C LEU VE 40 20.14 100.78 73.50
N THR VE 41 19.22 99.83 73.37
CA THR VE 41 18.51 99.57 72.12
C THR VE 41 17.04 99.91 72.32
N ALA VE 42 16.52 100.79 71.45
CA ALA VE 42 15.13 101.21 71.49
C ALA VE 42 14.45 100.88 70.16
N SER VE 43 13.21 100.40 70.25
CA SER VE 43 12.45 100.05 69.06
C SER VE 43 10.98 100.38 69.28
N LEU VE 44 10.33 100.88 68.23
CA LEU VE 44 8.92 101.23 68.26
C LEU VE 44 8.26 100.71 66.99
N ARG VE 45 7.09 100.10 67.14
CA ARG VE 45 6.38 99.54 66.00
C ARG VE 45 4.88 99.53 66.28
N GLN VE 46 4.13 98.88 65.40
CA GLN VE 46 2.69 98.70 65.53
C GLN VE 46 2.39 97.22 65.77
N ASN VE 47 1.14 96.83 65.57
CA ASN VE 47 0.73 95.46 65.78
C ASN VE 47 -0.61 95.22 65.09
N GLY VE 48 -0.85 93.96 64.71
CA GLY VE 48 -2.12 93.55 64.16
C GLY VE 48 -2.64 94.40 63.02
N ALA VE 49 -3.80 95.02 63.22
CA ALA VE 49 -4.42 95.87 62.21
C ALA VE 49 -4.56 97.29 62.76
N LYS VE 50 -3.42 97.93 63.01
CA LYS VE 50 -3.35 99.31 63.46
C LYS VE 50 -4.16 99.51 64.75
N THR VE 51 -4.11 98.53 65.63
CA THR VE 51 -4.82 98.61 66.92
C THR VE 51 -3.95 99.31 67.97
N ALA VE 52 -2.98 98.57 68.51
CA ALA VE 52 -2.10 99.12 69.54
C ALA VE 52 -0.70 99.34 69.00
N TYR VE 53 0.29 99.39 69.89
CA TYR VE 53 1.68 99.59 69.51
C TYR VE 53 2.55 98.66 70.32
N ARG VE 54 3.85 98.67 70.01
CA ARG VE 54 4.83 97.83 70.69
C ARG VE 54 6.12 98.60 70.84
N VAL VE 55 6.59 98.76 72.07
CA VAL VE 55 7.83 99.44 72.37
C VAL VE 55 8.77 98.48 73.09
N ASN VE 56 10.02 98.43 72.63
CA ASN VE 56 11.03 97.56 73.21
C ASN VE 56 12.23 98.39 73.63
N LEU VE 57 12.69 98.18 74.86
CA LEU VE 57 13.82 98.90 75.43
C LEU VE 57 14.74 97.91 76.11
N LYS VE 58 15.98 97.79 75.61
CA LYS VE 58 16.96 96.88 76.17
C LYS VE 58 18.19 97.68 76.58
N LEU VE 59 18.79 97.28 77.71
CA LEU VE 59 19.98 97.95 78.23
C LEU VE 59 21.02 96.90 78.56
N ASP VE 60 22.17 96.98 77.92
CA ASP VE 60 23.25 96.02 78.10
C ASP VE 60 24.51 96.72 78.59
N GLN VE 61 25.30 95.99 79.38
CA GLN VE 61 26.56 96.51 79.91
C GLN VE 61 27.44 95.33 80.27
N ALA VE 62 28.54 95.15 79.54
CA ALA VE 62 29.47 94.06 79.75
C ALA VE 62 30.74 94.58 80.41
N ASP VE 63 31.14 93.95 81.50
CA ASP VE 63 32.35 94.34 82.21
C ASP VE 63 33.59 93.88 81.45
N VAL VE 64 34.68 94.64 81.60
CA VAL VE 64 35.94 94.35 80.94
C VAL VE 64 37.03 94.18 81.98
N VAL VE 65 38.09 93.46 81.60
CA VAL VE 65 39.24 93.24 82.46
C VAL VE 65 40.50 93.42 81.63
N ASP VE 66 41.59 93.79 82.30
CA ASP VE 66 42.86 94.05 81.65
C ASP VE 66 44.00 93.70 82.60
N CYS VE 67 45.08 93.17 82.03
CA CYS VE 67 46.25 92.77 82.80
C CYS VE 67 47.51 93.53 82.42
N SER VE 68 47.40 94.59 81.62
CA SER VE 68 48.60 95.32 81.20
C SER VE 68 49.25 96.09 82.35
N THR VE 69 48.56 96.22 83.48
CA THR VE 69 49.14 96.93 84.62
C THR VE 69 50.24 96.09 85.29
N SER VE 70 50.10 94.77 85.29
CA SER VE 70 51.08 93.90 85.92
C SER VE 70 51.65 92.90 84.93
N VAL VE 71 50.78 92.14 84.27
CA VAL VE 71 51.20 91.15 83.29
C VAL VE 71 51.69 91.88 82.04
N CYS VE 72 52.73 91.35 81.41
CA CYS VE 72 53.28 92.01 80.24
C CYS VE 72 52.64 91.49 78.95
N GLY VE 73 51.31 91.45 78.91
CA GLY VE 73 50.62 91.32 77.64
C GLY VE 73 49.25 90.69 77.75
N GLU VE 74 48.21 91.52 77.72
CA GLU VE 74 46.84 91.02 77.75
C GLU VE 74 45.91 92.14 77.29
N LEU VE 75 45.21 91.93 76.18
CA LEU VE 75 44.29 92.93 75.68
C LEU VE 75 43.04 92.99 76.56
N PRO VE 76 42.34 94.13 76.58
CA PRO VE 76 41.09 94.22 77.35
C PRO VE 76 40.08 93.19 76.86
N LYS VE 77 39.68 92.31 77.77
CA LYS VE 77 38.80 91.19 77.45
C LYS VE 77 37.49 91.33 78.23
N VAL VE 78 36.37 91.09 77.55
CA VAL VE 78 35.07 91.16 78.21
C VAL VE 78 34.89 89.92 79.09
N ARG VE 79 34.07 90.09 80.14
CA ARG VE 79 33.83 89.00 81.08
C ARG VE 79 32.40 88.52 80.88
N TYR VE 80 31.44 89.01 81.64
CA TYR VE 80 30.04 88.59 81.54
C TYR VE 80 29.24 89.64 80.78
N THR VE 81 28.00 89.26 80.45
CA THR VE 81 27.08 90.12 79.72
C THR VE 81 25.73 90.11 80.43
N GLN VE 82 25.14 91.29 80.60
CA GLN VE 82 23.85 91.44 81.25
C GLN VE 82 22.84 91.99 80.25
N VAL VE 83 21.64 91.40 80.23
CA VAL VE 83 20.58 91.79 79.31
C VAL VE 83 19.35 92.13 80.14
N TRP VE 84 18.82 93.34 79.93
CA TRP VE 84 17.62 93.82 80.62
C TRP VE 84 16.71 94.44 79.56
N SER VE 85 15.83 93.63 78.99
CA SER VE 85 14.89 94.06 77.95
C SER VE 85 13.57 94.47 78.58
N HIS VE 86 12.74 95.12 77.77
CA HIS VE 86 11.43 95.57 78.20
C HIS VE 86 10.40 95.28 77.10
N ASP VE 87 9.14 95.54 77.41
CA ASP VE 87 8.06 95.32 76.46
C ASP VE 87 6.88 96.19 76.87
N VAL VE 88 6.53 97.17 76.03
CA VAL VE 88 5.44 98.09 76.30
C VAL VE 88 4.36 97.86 75.25
N THR VE 89 3.18 97.45 75.71
CA THR VE 89 2.02 97.21 74.84
C THR VE 89 0.88 98.08 75.32
N ILE VE 90 0.89 99.35 74.89
CA ILE VE 90 -0.13 100.33 75.27
C ILE VE 90 -0.90 100.72 74.03
N VAL VE 91 -2.23 100.61 74.11
CA VAL VE 91 -3.08 100.96 72.98
C VAL VE 91 -3.15 102.48 72.84
N ALA VE 92 -3.45 102.93 71.62
CA ALA VE 92 -3.53 104.37 71.37
C ALA VE 92 -4.72 105.00 72.08
N ASN VE 93 -5.92 104.51 71.81
CA ASN VE 93 -7.14 105.03 72.42
C ASN VE 93 -7.22 104.52 73.86
N SER VE 94 -6.49 105.19 74.74
CA SER VE 94 -6.47 104.83 76.16
C SER VE 94 -6.90 106.00 77.02
N THR VE 95 -6.17 106.25 78.10
CA THR VE 95 -6.49 107.35 79.01
C THR VE 95 -5.19 107.96 79.51
N GLU VE 96 -5.08 109.29 79.40
CA GLU VE 96 -3.87 109.97 79.85
C GLU VE 96 -3.70 109.86 81.37
N ALA VE 97 -4.79 110.00 82.12
CA ALA VE 97 -4.70 109.87 83.57
C ALA VE 97 -4.31 108.46 83.98
N SER VE 98 -4.87 107.44 83.31
CA SER VE 98 -4.52 106.06 83.61
C SER VE 98 -3.06 105.79 83.27
N ARG VE 99 -2.57 106.33 82.15
CA ARG VE 99 -1.17 106.14 81.78
C ARG VE 99 -0.25 106.83 82.79
N LYS VE 100 -0.62 108.02 83.25
CA LYS VE 100 0.18 108.72 84.24
C LYS VE 100 0.20 107.95 85.57
N SER VE 101 -0.95 107.42 85.98
CA SER VE 101 -0.99 106.63 87.21
C SER VE 101 -0.16 105.36 87.10
N LEU VE 102 -0.20 104.71 85.93
CA LEU VE 102 0.60 103.51 85.73
C LEU VE 102 2.09 103.85 85.75
N TYR VE 103 2.48 104.97 85.13
CA TYR VE 103 3.88 105.37 85.15
C TYR VE 103 4.34 105.70 86.56
N ASP VE 104 3.48 106.37 87.35
CA ASP VE 104 3.82 106.67 88.73
C ASP VE 104 3.96 105.40 89.56
N LEU VE 105 3.07 104.43 89.35
CA LEU VE 105 3.17 103.17 90.07
C LEU VE 105 4.44 102.42 89.70
N THR VE 106 4.81 102.42 88.41
CA THR VE 106 6.04 101.78 87.99
C THR VE 106 7.26 102.46 88.59
N LYS VE 107 7.25 103.81 88.62
CA LYS VE 107 8.37 104.54 89.22
C LYS VE 107 8.48 104.24 90.71
N SER VE 108 7.34 104.15 91.41
CA SER VE 108 7.37 103.83 92.83
C SER VE 108 7.89 102.41 93.07
N LEU VE 109 7.45 101.45 92.25
CA LEU VE 109 7.93 100.08 92.39
C LEU VE 109 9.41 99.97 92.08
N VAL VE 110 9.91 100.80 91.16
CA VAL VE 110 11.34 100.78 90.85
C VAL VE 110 12.15 101.41 91.99
N ALA VE 111 11.67 102.53 92.53
CA ALA VE 111 12.38 103.24 93.58
C ALA VE 111 12.22 102.61 94.95
N THR VE 112 11.31 101.65 95.11
CA THR VE 112 11.14 101.00 96.41
C THR VE 112 12.37 100.18 96.77
N SER VE 113 12.47 99.85 98.06
CA SER VE 113 13.60 99.10 98.58
C SER VE 113 13.47 97.59 98.40
N GLN VE 114 12.29 97.10 98.04
CA GLN VE 114 12.09 95.67 97.85
C GLN VE 114 12.77 95.15 96.59
N VAL VE 115 12.65 95.87 95.47
CA VAL VE 115 13.31 95.45 94.25
C VAL VE 115 14.81 95.53 94.38
N GLU VE 116 15.32 96.54 95.12
CA GLU VE 116 16.75 96.63 95.35
C GLU VE 116 17.28 95.42 96.12
N ASP VE 117 16.53 94.98 97.14
CA ASP VE 117 16.93 93.79 97.89
C ASP VE 117 16.83 92.55 97.03
N LEU VE 118 15.78 92.45 96.22
CA LEU VE 118 15.63 91.32 95.30
C LEU VE 118 16.79 91.25 94.31
N VAL VE 119 17.31 92.41 93.89
CA VAL VE 119 18.41 92.44 92.94
C VAL VE 119 19.73 92.09 93.63
N VAL VE 120 19.97 92.68 94.80
CA VAL VE 120 21.25 92.52 95.50
C VAL VE 120 21.31 91.15 96.17
N ASN VE 121 20.50 90.96 97.21
CA ASN VE 121 20.56 89.75 98.02
C ASN VE 121 19.88 88.55 97.38
N LEU VE 122 19.29 88.71 96.19
CA LEU VE 122 18.61 87.63 95.48
C LEU VE 122 17.49 87.00 96.31
N VAL VE 123 16.89 87.80 97.19
CA VAL VE 123 15.79 87.34 98.04
C VAL VE 123 14.48 87.61 97.30
N PRO VE 124 13.57 86.63 97.22
CA PRO VE 124 12.31 86.86 96.51
C PRO VE 124 11.53 88.02 97.10
N LEU VE 125 10.85 88.76 96.22
CA LEU VE 125 10.10 89.94 96.63
C LEU VE 125 8.91 89.52 97.49
N GLY VE 126 8.88 90.01 98.73
CA GLY VE 126 7.80 89.69 99.64
C GLY VE 126 8.01 90.25 101.04
N ARG VE 127 7.85 91.56 101.18
CA ARG VE 127 8.04 92.22 102.47
C ARG VE 127 6.71 92.75 103.01
N SER WE 1 11.96 90.53 107.22
CA SER WE 1 12.55 89.20 107.11
C SER WE 1 12.81 88.60 108.49
N LYS WE 2 13.83 87.77 108.59
CA LYS WE 2 14.15 87.05 109.82
C LYS WE 2 15.67 86.93 109.92
N THR WE 3 16.23 87.49 111.00
CA THR WE 3 17.66 87.50 111.21
C THR WE 3 18.03 86.58 112.37
N ILE WE 4 19.14 85.86 112.20
CA ILE WE 4 19.65 84.95 113.21
C ILE WE 4 21.10 85.33 113.49
N VAL WE 5 21.43 85.60 114.75
CA VAL WE 5 22.76 86.01 115.16
C VAL WE 5 23.45 84.82 115.82
N LEU WE 6 24.62 84.45 115.31
CA LEU WE 6 25.41 83.35 115.83
C LEU WE 6 26.75 83.88 116.34
N SER WE 7 27.10 83.54 117.57
CA SER WE 7 28.33 83.99 118.20
C SER WE 7 29.38 82.88 118.10
N VAL WE 8 30.49 83.16 117.40
CA VAL WE 8 31.56 82.19 117.25
C VAL WE 8 32.64 82.33 118.32
N GLY WE 9 32.63 83.42 119.08
CA GLY WE 9 33.64 83.64 120.09
C GLY WE 9 34.21 85.05 120.06
N GLU WE 10 34.58 85.52 118.88
CA GLU WE 10 35.10 86.86 118.70
C GLU WE 10 34.32 87.69 117.69
N ALA WE 11 33.55 87.07 116.80
CA ALA WE 11 32.75 87.77 115.82
C ALA WE 11 31.33 87.20 115.83
N THR WE 12 30.41 87.95 115.24
CA THR WE 12 29.00 87.58 115.17
C THR WE 12 28.58 87.46 113.72
N ARG WE 13 28.04 86.31 113.35
CA ARG WE 13 27.55 86.07 112.00
C ARG WE 13 26.04 86.24 111.96
N THR WE 14 25.54 86.72 110.81
CA THR WE 14 24.13 87.02 110.63
C THR WE 14 23.58 86.21 109.46
N LEU WE 15 22.55 85.43 109.72
CA LEU WE 15 21.85 84.66 108.70
C LEU WE 15 20.48 85.29 108.45
N THR WE 16 20.13 85.44 107.18
CA THR WE 16 18.90 86.11 106.77
C THR WE 16 17.97 85.13 106.07
N GLU WE 17 16.68 85.23 106.38
CA GLU WE 17 15.68 84.41 105.72
C GLU WE 17 15.54 84.83 104.27
N ILE WE 18 15.62 83.83 103.38
CA ILE WE 18 15.59 84.03 101.93
C ILE WE 18 14.27 83.55 101.35
N GLN WE 19 13.96 82.28 101.56
CA GLN WE 19 12.87 81.57 100.88
C GLN WE 19 11.85 81.17 101.95
N SER WE 20 11.00 82.12 102.32
CA SER WE 20 10.00 81.90 103.37
C SER WE 20 8.87 81.05 102.83
N THR WE 21 8.84 79.77 103.24
CA THR WE 21 7.78 78.85 102.87
C THR WE 21 7.56 77.89 104.04
N ALA WE 22 6.33 77.38 104.13
CA ALA WE 22 5.97 76.51 105.26
C ALA WE 22 6.74 75.19 105.21
N ASP WE 23 6.66 74.49 104.08
CA ASP WE 23 7.28 73.18 103.96
C ASP WE 23 8.79 73.24 103.71
N ARG WE 24 9.35 74.42 103.53
CA ARG WE 24 10.79 74.54 103.28
C ARG WE 24 11.21 75.97 103.62
N GLN WE 25 11.99 76.10 104.70
CA GLN WE 25 12.55 77.39 105.11
C GLN WE 25 14.04 77.39 104.81
N ILE WE 26 14.49 78.37 104.02
CA ILE WE 26 15.87 78.46 103.56
C ILE WE 26 16.48 79.73 104.14
N PHE WE 27 17.42 79.56 105.08
CA PHE WE 27 18.16 80.67 105.64
C PHE WE 27 19.55 80.73 105.01
N GLU WE 28 20.00 81.93 104.68
CA GLU WE 28 21.29 82.13 104.02
C GLU WE 28 22.09 83.20 104.76
N GLU WE 29 23.38 82.91 104.97
CA GLU WE 29 24.25 83.84 105.68
C GLU WE 29 24.71 84.94 104.74
N LYS WE 30 24.66 86.18 105.23
CA LYS WE 30 25.05 87.36 104.46
C LYS WE 30 26.34 87.92 105.04
N VAL WE 31 27.45 87.71 104.34
CA VAL WE 31 28.74 88.24 104.76
C VAL WE 31 29.41 88.91 103.57
N GLY WE 32 29.53 88.19 102.46
CA GLY WE 32 30.13 88.72 101.27
C GLY WE 32 29.58 88.05 100.02
N PRO WE 33 30.33 87.08 99.48
CA PRO WE 33 29.84 86.34 98.30
C PRO WE 33 28.67 85.44 98.69
N LEU WE 34 27.53 85.65 98.03
CA LEU WE 34 26.34 84.86 98.35
C LEU WE 34 26.47 83.42 97.88
N VAL WE 35 27.14 83.20 96.74
CA VAL WE 35 27.34 81.85 96.24
C VAL WE 35 28.41 81.16 97.07
N GLY WE 36 28.15 79.89 97.42
CA GLY WE 36 29.10 79.13 98.22
C GLY WE 36 29.24 79.67 99.63
N ARG WE 37 28.13 79.80 100.35
CA ARG WE 37 28.15 80.31 101.71
C ARG WE 37 27.48 79.34 102.67
N LEU WE 38 26.91 79.87 103.75
CA LEU WE 38 26.24 79.06 104.76
C LEU WE 38 24.73 79.07 104.49
N ARG WE 39 24.16 77.88 104.34
CA ARG WE 39 22.73 77.73 104.09
C ARG WE 39 22.14 76.73 105.08
N LEU WE 40 20.87 76.94 105.40
CA LEU WE 40 20.15 76.11 106.36
C LEU WE 40 18.76 75.83 105.83
N THR WE 41 18.40 74.54 105.78
CA THR WE 41 17.09 74.11 105.28
C THR WE 41 16.32 73.49 106.44
N ALA WE 42 15.12 74.00 106.69
CA ALA WE 42 14.25 73.52 107.75
C ALA WE 42 12.93 73.05 107.16
N SER WE 43 12.43 71.93 107.68
CA SER WE 43 11.17 71.37 107.21
C SER WE 43 10.42 70.75 108.38
N LEU WE 44 9.10 70.92 108.37
CA LEU WE 44 8.23 70.36 109.40
C LEU WE 44 7.02 69.73 108.73
N ARG WE 45 6.63 68.54 109.17
CA ARG WE 45 5.50 67.85 108.59
C ARG WE 45 4.88 66.92 109.63
N GLN WE 46 3.95 66.09 109.19
CA GLN WE 46 3.29 65.09 110.00
C GLN WE 46 3.72 63.69 109.53
N ASN WE 47 2.95 62.68 109.92
CA ASN WE 47 3.26 61.30 109.55
C ASN WE 47 2.03 60.44 109.78
N GLY WE 48 1.95 59.35 109.01
CA GLY WE 48 0.91 58.34 109.20
C GLY WE 48 -0.50 58.88 109.26
N ALA WE 49 -1.16 58.68 110.39
CA ALA WE 49 -2.53 59.13 110.59
C ALA WE 49 -2.59 60.11 111.77
N LYS WE 50 -1.91 61.25 111.59
CA LYS WE 50 -1.89 62.34 112.58
C LYS WE 50 -1.41 61.84 113.94
N THR WE 51 -0.42 60.95 113.92
CA THR WE 51 0.15 60.41 115.17
C THR WE 51 1.28 61.32 115.68
N ALA WE 52 2.45 61.23 115.05
CA ALA WE 52 3.59 62.03 115.46
C ALA WE 52 3.90 63.12 114.44
N TYR WE 53 5.14 63.60 114.43
CA TYR WE 53 5.56 64.63 113.50
C TYR WE 53 6.95 64.29 112.98
N ARG WE 54 7.43 65.10 112.04
CA ARG WE 54 8.75 64.90 111.44
C ARG WE 54 9.39 66.25 111.18
N VAL WE 55 10.56 66.48 111.75
CA VAL WE 55 11.31 67.71 111.57
C VAL WE 55 12.66 67.39 110.96
N ASN WE 56 13.02 68.15 109.92
CA ASN WE 56 14.28 67.95 109.22
C ASN WE 56 15.06 69.27 109.23
N LEU WE 57 16.33 69.19 109.60
CA LEU WE 57 17.22 70.35 109.67
C LEU WE 57 18.54 69.99 109.01
N LYS WE 58 18.87 70.68 107.93
CA LYS WE 58 20.12 70.47 107.21
C LYS WE 58 20.92 71.76 107.17
N LEU WE 59 22.24 71.64 107.30
CA LEU WE 59 23.14 72.79 107.29
C LEU WE 59 24.27 72.52 106.31
N ASP WE 60 24.40 73.35 105.29
CA ASP WE 60 25.41 73.19 104.26
C ASP WE 60 26.31 74.41 104.20
N GLN WE 61 27.57 74.17 103.83
CA GLN WE 61 28.55 75.25 103.71
C GLN WE 61 29.65 74.78 102.78
N ALA WE 62 29.74 75.40 101.60
CA ALA WE 62 30.73 75.03 100.60
C ALA WE 62 31.82 76.11 100.54
N ASP WE 63 33.07 75.67 100.64
CA ASP WE 63 34.20 76.59 100.57
C ASP WE 63 34.42 77.07 99.14
N VAL WE 64 34.96 78.28 99.01
CA VAL WE 64 35.22 78.88 97.71
C VAL WE 64 36.70 79.24 97.62
N VAL WE 65 37.19 79.34 96.40
CA VAL WE 65 38.57 79.71 96.13
C VAL WE 65 38.59 80.71 94.98
N ASP WE 66 39.63 81.55 94.96
CA ASP WE 66 39.77 82.59 93.96
C ASP WE 66 41.24 82.84 93.69
N CYS WE 67 41.56 83.15 92.42
CA CYS WE 67 42.92 83.40 92.00
C CYS WE 67 43.13 84.80 91.44
N SER WE 68 42.16 85.70 91.59
CA SER WE 68 42.31 87.04 91.03
C SER WE 68 43.35 87.87 91.76
N THR WE 69 43.81 87.41 92.92
CA THR WE 69 44.84 88.14 93.66
C THR WE 69 46.21 88.03 92.99
N SER WE 70 46.49 86.89 92.36
CA SER WE 70 47.78 86.68 91.71
C SER WE 70 47.59 86.37 90.23
N VAL WE 71 46.80 85.34 89.92
CA VAL WE 71 46.55 84.94 88.54
C VAL WE 71 45.64 85.98 87.90
N CYS WE 72 45.89 86.29 86.62
CA CYS WE 72 45.06 87.32 86.00
C CYS WE 72 43.88 86.70 85.27
N GLY WE 73 43.11 85.88 85.96
CA GLY WE 73 41.77 85.55 85.52
C GLY WE 73 41.25 84.22 86.04
N GLU WE 74 40.41 84.28 87.08
CA GLU WE 74 39.80 83.07 87.64
C GLU WE 74 38.61 83.50 88.49
N LEU WE 75 37.41 83.06 88.12
CA LEU WE 75 36.22 83.40 88.88
C LEU WE 75 36.20 82.59 90.17
N PRO WE 76 35.51 83.09 91.20
CA PRO WE 76 35.37 82.32 92.45
C PRO WE 76 34.70 80.98 92.19
N LYS WE 77 35.43 79.90 92.50
CA LYS WE 77 34.99 78.55 92.23
C LYS WE 77 34.82 77.78 93.53
N VAL WE 78 33.72 77.02 93.64
CA VAL WE 78 33.49 76.22 94.83
C VAL WE 78 34.40 75.01 94.82
N ARG WE 79 34.72 74.50 96.01
CA ARG WE 79 35.62 73.36 96.16
C ARG WE 79 34.79 72.17 96.60
N TYR WE 80 34.70 71.88 97.89
CA TYR WE 80 33.95 70.75 98.41
C TYR WE 80 32.62 71.22 98.98
N THR WE 81 31.77 70.25 99.30
CA THR WE 81 30.45 70.50 99.86
C THR WE 81 30.23 69.59 101.06
N GLN WE 82 29.71 70.16 102.15
CA GLN WE 82 29.45 69.43 103.38
C GLN WE 82 27.95 69.43 103.65
N VAL WE 83 27.43 68.26 104.00
CA VAL WE 83 26.00 68.07 104.28
C VAL WE 83 25.86 67.50 105.68
N TRP WE 84 25.07 68.19 106.51
CA TRP WE 84 24.79 67.77 107.89
C TRP WE 84 23.29 67.88 108.12
N SER WE 85 22.56 66.80 107.83
CA SER WE 85 21.12 66.76 107.98
C SER WE 85 20.74 66.21 109.36
N HIS WE 86 19.46 66.36 109.70
CA HIS WE 86 18.93 65.89 110.97
C HIS WE 86 17.59 65.22 110.74
N ASP WE 87 17.04 64.64 111.80
CA ASP WE 87 15.75 63.96 111.73
C ASP WE 87 15.17 63.91 113.13
N VAL WE 88 14.06 64.60 113.35
CA VAL WE 88 13.39 64.66 114.65
C VAL WE 88 12.03 63.99 114.51
N THR WE 89 11.83 62.90 115.26
CA THR WE 89 10.57 62.16 115.27
C THR WE 89 10.06 62.12 116.70
N ILE WE 90 9.39 63.20 117.11
CA ILE WE 90 8.85 63.34 118.45
C ILE WE 90 7.33 63.37 118.37
N VAL WE 91 6.67 62.48 119.12
CA VAL WE 91 5.21 62.44 119.12
C VAL WE 91 4.65 63.62 119.89
N ALA WE 92 3.40 63.99 119.57
CA ALA WE 92 2.77 65.13 120.23
C ALA WE 92 2.49 64.83 121.70
N ASN WE 93 1.72 63.76 121.97
CA ASN WE 93 1.38 63.37 123.33
C ASN WE 93 2.60 62.72 123.98
N SER WE 94 3.51 63.56 124.46
CA SER WE 94 4.73 63.08 125.11
C SER WE 94 4.84 63.63 126.52
N THR WE 95 6.02 64.11 126.89
CA THR WE 95 6.25 64.67 128.22
C THR WE 95 7.20 65.84 128.10
N GLU WE 96 6.82 66.98 128.67
CA GLU WE 96 7.66 68.17 128.62
C GLU WE 96 8.97 67.96 129.38
N ALA WE 97 8.90 67.33 130.55
CA ALA WE 97 10.11 67.06 131.32
C ALA WE 97 11.04 66.10 130.57
N SER WE 98 10.47 65.07 129.95
CA SER WE 98 11.30 64.13 129.18
C SER WE 98 11.93 64.82 127.98
N ARG WE 99 11.18 65.69 127.30
CA ARG WE 99 11.73 66.42 126.16
C ARG WE 99 12.85 67.35 126.61
N LYS WE 100 12.68 68.03 127.75
CA LYS WE 100 13.72 68.91 128.26
C LYS WE 100 14.96 68.12 128.65
N SER WE 101 14.78 66.96 129.28
CA SER WE 101 15.93 66.13 129.64
C SER WE 101 16.66 65.63 128.40
N LEU WE 102 15.90 65.24 127.36
CA LEU WE 102 16.52 64.79 126.13
C LEU WE 102 17.29 65.92 125.45
N TYR WE 103 16.72 67.13 125.45
CA TYR WE 103 17.42 68.28 124.86
C TYR WE 103 18.69 68.60 125.64
N ASP WE 104 18.63 68.52 126.97
CA ASP WE 104 19.82 68.76 127.78
C ASP WE 104 20.89 67.71 127.53
N LEU WE 105 20.49 66.45 127.40
CA LEU WE 105 21.45 65.40 127.09
C LEU WE 105 22.08 65.60 125.72
N THR WE 106 21.28 66.00 124.73
CA THR WE 106 21.83 66.27 123.41
C THR WE 106 22.80 67.45 123.44
N LYS WE 107 22.45 68.50 124.18
CA LYS WE 107 23.34 69.65 124.29
C LYS WE 107 24.65 69.27 124.97
N SER WE 108 24.58 68.43 126.01
CA SER WE 108 25.79 67.99 126.69
C SER WE 108 26.65 67.13 125.78
N LEU WE 109 26.02 66.22 125.01
CA LEU WE 109 26.78 65.38 124.08
C LEU WE 109 27.41 66.22 122.97
N VAL WE 110 26.75 67.31 122.57
CA VAL WE 110 27.32 68.17 121.54
C VAL WE 110 28.48 68.98 122.10
N ALA WE 111 28.33 69.51 123.30
CA ALA WE 111 29.35 70.35 123.91
C ALA WE 111 30.51 69.55 124.51
N THR WE 112 30.39 68.23 124.61
CA THR WE 112 31.48 67.43 125.16
C THR WE 112 32.68 67.45 124.23
N SER WE 113 33.83 67.05 124.76
CA SER WE 113 35.08 67.04 124.03
C SER WE 113 35.28 65.79 123.19
N GLN WE 114 34.46 64.75 123.38
CA GLN WE 114 34.60 63.52 122.62
C GLN WE 114 34.14 63.69 121.18
N VAL WE 115 33.00 64.35 120.95
CA VAL WE 115 32.53 64.58 119.59
C VAL WE 115 33.47 65.52 118.85
N GLU WE 116 34.05 66.50 119.54
CA GLU WE 116 35.02 67.39 118.89
C GLU WE 116 36.24 66.61 118.41
N ASP WE 117 36.74 65.68 119.23
CA ASP WE 117 37.88 64.86 118.82
C ASP WE 117 37.48 63.93 117.68
N LEU WE 118 36.28 63.35 117.74
CA LEU WE 118 35.80 62.50 116.66
C LEU WE 118 35.69 63.27 115.35
N VAL WE 119 35.34 64.56 115.41
CA VAL WE 119 35.22 65.36 114.19
C VAL WE 119 36.59 65.75 113.67
N VAL WE 120 37.48 66.20 114.57
CA VAL WE 120 38.79 66.71 114.15
C VAL WE 120 39.72 65.57 113.80
N ASN WE 121 40.14 64.79 114.80
CA ASN WE 121 41.13 63.75 114.61
C ASN WE 121 40.57 62.48 113.98
N LEU WE 122 39.27 62.44 113.67
CA LEU WE 122 38.63 61.28 113.04
C LEU WE 122 38.81 60.01 113.87
N VAL WE 123 38.95 60.16 115.19
CA VAL WE 123 39.11 59.03 116.09
C VAL WE 123 37.72 58.58 116.55
N PRO WE 124 37.42 57.28 116.51
CA PRO WE 124 36.09 56.83 116.93
C PRO WE 124 35.79 57.20 118.37
N LEU WE 125 34.52 57.52 118.63
CA LEU WE 125 34.09 57.97 119.95
C LEU WE 125 34.21 56.82 120.94
N GLY WE 126 35.01 57.01 121.98
CA GLY WE 126 35.21 55.99 122.99
C GLY WE 126 36.26 56.36 124.01
N ARG WE 127 35.93 57.29 124.91
CA ARG WE 127 36.85 57.73 125.94
C ARG WE 127 36.38 57.29 127.32
N SER XE 1 28.78 -41.98 131.33
CA SER XE 1 29.66 -42.01 130.17
C SER XE 1 30.71 -43.11 130.30
N LYS XE 2 31.88 -42.87 129.72
CA LYS XE 2 32.96 -43.85 129.68
C LYS XE 2 34.28 -43.13 129.79
N THR XE 3 35.05 -43.45 130.83
CA THR XE 3 36.33 -42.79 131.09
C THR XE 3 37.47 -43.77 130.83
N ILE XE 4 38.54 -43.25 130.24
CA ILE XE 4 39.74 -44.03 129.96
C ILE XE 4 40.94 -43.30 130.56
N VAL XE 5 41.69 -43.99 131.42
CA VAL XE 5 42.84 -43.41 132.09
C VAL XE 5 44.11 -43.91 131.42
N LEU XE 6 44.96 -42.99 130.99
CA LEU XE 6 46.22 -43.31 130.34
C LEU XE 6 47.37 -42.75 131.17
N SER XE 7 48.34 -43.61 131.47
CA SER XE 7 49.49 -43.24 132.29
C SER XE 7 50.67 -42.95 131.37
N VAL XE 8 51.16 -41.70 131.43
CA VAL XE 8 52.30 -41.30 130.61
C VAL XE 8 53.63 -41.46 131.33
N GLY XE 9 53.61 -41.68 132.64
CA GLY XE 9 54.84 -41.81 133.41
C GLY XE 9 54.81 -41.01 134.69
N GLU XE 10 54.41 -39.75 134.60
CA GLU XE 10 54.30 -38.88 135.76
C GLU XE 10 52.91 -38.29 135.96
N ALA XE 11 52.09 -38.23 134.92
CA ALA XE 11 50.73 -37.72 135.00
C ALA XE 11 49.77 -38.72 134.37
N THR XE 12 48.48 -38.53 134.66
CA THR XE 12 47.43 -39.41 134.15
C THR XE 12 46.45 -38.57 133.35
N ARG XE 13 46.22 -38.98 132.09
CA ARG XE 13 45.28 -38.30 131.22
C ARG XE 13 43.95 -39.06 131.18
N THR XE 14 42.86 -38.31 131.03
CA THR XE 14 41.52 -38.88 131.07
C THR XE 14 40.81 -38.56 129.76
N LEU XE 15 40.34 -39.60 129.08
CA LEU XE 15 39.54 -39.46 127.87
C LEU XE 15 38.10 -39.82 128.16
N THR XE 16 37.17 -39.01 127.67
CA THR XE 16 35.75 -39.19 127.96
C THR XE 16 34.99 -39.49 126.67
N GLU XE 17 34.05 -40.43 126.77
CA GLU XE 17 33.19 -40.75 125.63
C GLU XE 17 32.26 -39.58 125.32
N ILE XE 18 32.21 -39.20 124.05
CA ILE XE 18 31.45 -38.05 123.60
C ILE XE 18 30.29 -38.47 122.71
N GLN XE 19 30.58 -39.25 121.67
CA GLN XE 19 29.61 -39.59 120.62
C GLN XE 19 29.39 -41.09 120.64
N SER XE 20 28.55 -41.55 121.56
CA SER XE 20 28.29 -42.97 121.75
C SER XE 20 27.41 -43.48 120.62
N THR XE 21 28.00 -44.22 119.68
CA THR XE 21 27.27 -44.85 118.60
C THR XE 21 27.95 -46.17 118.24
N ALA XE 22 27.17 -47.11 117.72
CA ALA XE 22 27.68 -48.43 117.42
C ALA XE 22 28.73 -48.40 116.32
N ASP XE 23 28.38 -47.81 115.18
CA ASP XE 23 29.28 -47.80 114.02
C ASP XE 23 30.38 -46.75 114.12
N ARG XE 24 30.36 -45.90 115.15
CA ARG XE 24 31.38 -44.85 115.28
C ARG XE 24 31.41 -44.42 116.75
N GLN XE 25 32.49 -44.75 117.44
CA GLN XE 25 32.71 -44.33 118.83
C GLN XE 25 33.80 -43.27 118.84
N ILE XE 26 33.47 -42.09 119.40
CA ILE XE 26 34.36 -40.94 119.41
C ILE XE 26 34.71 -40.63 120.86
N PHE XE 27 35.95 -40.87 121.24
CA PHE XE 27 36.45 -40.51 122.56
C PHE XE 27 37.28 -39.23 122.46
N GLU XE 28 37.09 -38.33 123.42
CA GLU XE 28 37.79 -37.04 123.43
C GLU XE 28 38.42 -36.80 124.79
N GLU XE 29 39.67 -36.34 124.78
CA GLU XE 29 40.40 -36.08 126.01
C GLU XE 29 39.97 -34.75 126.61
N LYS XE 30 39.73 -34.74 127.92
CA LYS XE 30 39.30 -33.55 128.65
C LYS XE 30 40.44 -33.10 129.54
N VAL XE 31 41.10 -32.01 129.16
CA VAL XE 31 42.18 -31.42 129.95
C VAL XE 31 41.95 -29.92 130.07
N GLY XE 32 41.78 -29.24 128.94
CA GLY XE 32 41.54 -27.82 128.92
C GLY XE 32 40.74 -27.41 127.71
N PRO XE 33 41.42 -26.91 126.67
CA PRO XE 33 40.73 -26.53 125.44
C PRO XE 33 40.25 -27.76 124.69
N LEU XE 34 38.93 -27.83 124.46
CA LEU XE 34 38.37 -29.00 123.79
C LEU XE 34 38.75 -29.04 122.31
N VAL XE 35 38.85 -27.87 121.67
CA VAL XE 35 39.23 -27.83 120.26
C VAL XE 35 40.73 -28.08 120.14
N GLY XE 36 41.11 -28.89 119.17
CA GLY XE 36 42.51 -29.22 118.96
C GLY XE 36 43.09 -30.03 120.09
N ARG XE 37 42.47 -31.17 120.41
CA ARG XE 37 42.95 -32.01 121.49
C ARG XE 37 43.17 -33.44 121.01
N LEU XE 38 43.02 -34.42 121.90
CA LEU XE 38 43.21 -35.82 121.58
C LEU XE 38 41.85 -36.46 121.31
N ARG XE 39 41.71 -37.06 120.12
CA ARG XE 39 40.47 -37.72 119.73
C ARG XE 39 40.78 -39.13 119.24
N LEU XE 40 39.82 -40.02 119.43
CA LEU XE 40 39.97 -41.43 119.06
C LEU XE 40 38.67 -41.90 118.42
N THR XE 41 38.77 -42.47 117.23
CA THR XE 41 37.63 -42.98 116.48
C THR XE 41 37.74 -44.50 116.38
N ALA XE 42 36.69 -45.19 116.82
CA ALA XE 42 36.63 -46.64 116.79
C ALA XE 42 35.44 -47.09 115.97
N SER XE 43 35.64 -48.13 115.15
CA SER XE 43 34.57 -48.66 114.31
C SER XE 43 34.71 -50.18 114.22
N LEU XE 44 33.57 -50.86 114.23
CA LEU XE 44 33.52 -52.31 114.12
C LEU XE 44 32.42 -52.70 113.14
N ARG XE 45 32.72 -53.64 112.24
CA ARG XE 45 31.75 -54.05 111.25
C ARG XE 45 32.05 -55.50 110.84
N GLN XE 46 31.34 -55.95 109.80
CA GLN XE 46 31.52 -57.27 109.22
C GLN XE 46 32.13 -57.13 107.82
N ASN XE 47 32.03 -58.19 107.02
CA ASN XE 47 32.56 -58.18 105.67
C ASN XE 47 31.96 -59.32 104.88
N GLY XE 48 31.90 -59.15 103.57
CA GLY XE 48 31.47 -60.19 102.65
C GLY XE 48 30.16 -60.85 103.00
N ALA XE 49 30.22 -62.16 103.27
CA ALA XE 49 29.03 -62.94 103.62
C ALA XE 49 29.20 -63.54 105.01
N LYS XE 50 29.30 -62.66 106.02
CA LYS XE 50 29.40 -63.05 107.42
C LYS XE 50 30.59 -63.97 107.65
N THR XE 51 31.69 -63.69 106.96
CA THR XE 51 32.92 -64.48 107.12
C THR XE 51 33.76 -63.94 108.27
N ALA XE 52 34.47 -62.84 108.03
CA ALA XE 52 35.34 -62.25 109.04
C ALA XE 52 34.75 -60.93 109.56
N TYR XE 53 35.59 -60.08 110.11
CA TYR XE 53 35.16 -58.80 110.65
C TYR XE 53 36.18 -57.73 110.25
N ARG XE 54 35.87 -56.49 110.60
CA ARG XE 54 36.73 -55.35 110.29
C ARG XE 54 36.68 -54.36 111.43
N VAL XE 55 37.83 -54.06 112.01
CA VAL XE 55 37.95 -53.10 113.10
C VAL XE 55 38.88 -51.97 112.67
N ASN XE 56 38.44 -50.74 112.90
CA ASN XE 56 39.21 -49.55 112.55
C ASN XE 56 39.41 -48.70 113.79
N LEU XE 57 40.66 -48.29 114.03
CA LEU XE 57 41.02 -47.46 115.18
C LEU XE 57 41.92 -46.35 114.71
N LYS XE 58 41.46 -45.10 114.86
CA LYS XE 58 42.22 -43.92 114.46
C LYS XE 58 42.42 -43.02 115.67
N LEU XE 59 43.60 -42.42 115.76
CA LEU XE 59 43.95 -41.54 116.86
C LEU XE 59 44.52 -40.24 116.30
N ASP XE 60 43.86 -39.12 116.59
CA ASP XE 60 44.27 -37.82 116.07
C ASP XE 60 44.58 -36.87 117.22
N GLN XE 61 45.52 -35.97 116.98
CA GLN XE 61 45.91 -34.97 117.97
C GLN XE 61 46.53 -33.79 117.25
N ALA XE 62 45.86 -32.65 117.27
CA ALA XE 62 46.33 -31.44 116.60
C ALA XE 62 46.83 -30.44 117.63
N ASP XE 63 48.05 -29.94 117.42
CA ASP XE 63 48.63 -28.96 118.32
C ASP XE 63 48.00 -27.59 118.10
N VAL XE 64 47.96 -26.80 119.18
CA VAL XE 64 47.38 -25.47 119.13
C VAL XE 64 48.43 -24.45 119.57
N VAL XE 65 48.23 -23.21 119.16
CA VAL XE 65 49.11 -22.10 119.51
C VAL XE 65 48.26 -20.90 119.87
N ASP XE 66 48.82 -20.03 120.71
CA ASP XE 66 48.12 -18.85 121.19
C ASP XE 66 49.12 -17.73 121.45
N CYS XE 67 48.69 -16.50 121.16
CA CYS XE 67 49.53 -15.33 121.34
C CYS XE 67 48.97 -14.33 122.34
N SER XE 68 47.93 -14.69 123.09
CA SER XE 68 47.34 -13.75 124.05
C SER XE 68 48.26 -13.44 125.21
N THR XE 69 49.34 -14.22 125.38
CA THR XE 69 50.27 -13.97 126.49
C THR XE 69 51.12 -12.73 126.21
N SER XE 70 51.44 -12.46 124.96
CA SER XE 70 52.26 -11.31 124.60
C SER XE 70 51.53 -10.39 123.64
N VAL XE 71 51.09 -10.93 122.51
CA VAL XE 71 50.39 -10.16 121.50
C VAL XE 71 48.99 -9.83 122.02
N CYS XE 72 48.49 -8.61 121.75
CA CYS XE 72 47.17 -8.27 122.27
C CYS XE 72 46.08 -8.58 121.26
N GLY XE 73 46.05 -9.83 120.78
CA GLY XE 73 44.86 -10.36 120.15
C GLY XE 73 45.12 -11.48 119.16
N GLU XE 74 44.90 -12.72 119.60
CA GLU XE 74 45.06 -13.88 118.72
C GLU XE 74 44.34 -15.06 119.37
N LEU XE 75 43.32 -15.58 118.69
CA LEU XE 75 42.59 -16.72 119.21
C LEU XE 75 43.43 -17.99 119.08
N PRO XE 76 43.18 -18.99 119.92
CA PRO XE 76 43.90 -20.27 119.79
C PRO XE 76 43.69 -20.89 118.42
N LYS XE 77 44.79 -21.06 117.69
CA LYS XE 77 44.75 -21.55 116.32
C LYS XE 77 45.48 -22.88 116.22
N VAL XE 78 44.89 -23.83 115.49
CA VAL XE 78 45.52 -25.13 115.30
C VAL XE 78 46.67 -25.00 114.32
N ARG XE 79 47.66 -25.89 114.46
CA ARG XE 79 48.84 -25.87 113.60
C ARG XE 79 48.77 -27.06 112.66
N TYR XE 80 49.39 -28.18 112.99
CA TYR XE 80 49.39 -29.37 112.14
C TYR XE 80 48.42 -30.40 112.68
N THR XE 81 48.19 -31.44 111.87
CA THR XE 81 47.28 -32.52 112.21
C THR XE 81 47.97 -33.85 111.95
N GLN XE 82 47.85 -34.78 112.89
CA GLN XE 82 48.45 -36.11 112.78
C GLN XE 82 47.35 -37.16 112.74
N VAL XE 83 47.48 -38.10 111.82
CA VAL XE 83 46.50 -39.17 111.63
C VAL XE 83 47.21 -40.50 111.76
N TRP XE 84 46.72 -41.36 112.66
CA TRP XE 84 47.28 -42.70 112.89
C TRP XE 84 46.10 -43.67 112.93
N SER XE 85 45.75 -44.21 111.77
CA SER XE 85 44.66 -45.16 111.65
C SER XE 85 45.16 -46.60 111.75
N HIS XE 86 44.22 -47.52 111.90
CA HIS XE 86 44.53 -48.94 112.01
C HIS XE 86 43.54 -49.74 111.17
N ASP XE 87 43.79 -51.04 111.09
CA ASP XE 87 42.92 -51.94 110.32
C ASP XE 87 43.12 -53.35 110.85
N VAL XE 88 42.07 -53.91 111.45
CA VAL XE 88 42.10 -55.25 112.02
C VAL XE 88 41.15 -56.14 111.23
N THR XE 89 41.70 -57.17 110.59
CA THR XE 89 40.92 -58.13 109.80
C THR XE 89 41.18 -59.51 110.37
N ILE XE 90 40.45 -59.86 111.44
CA ILE XE 90 40.59 -61.15 112.11
C ILE XE 90 39.28 -61.91 111.94
N VAL XE 91 39.39 -63.14 111.44
CA VAL XE 91 38.22 -63.98 111.24
C VAL XE 91 37.71 -64.49 112.59
N ALA XE 92 36.43 -64.84 112.63
CA ALA XE 92 35.82 -65.32 113.87
C ALA XE 92 36.37 -66.69 114.24
N ASN XE 93 36.22 -67.67 113.35
CA ASN XE 93 36.71 -69.03 113.60
C ASN XE 93 38.22 -69.05 113.44
N SER XE 94 38.91 -68.62 114.50
CA SER XE 94 40.37 -68.59 114.49
C SER XE 94 40.92 -69.42 115.64
N THR XE 95 41.91 -68.89 116.36
CA THR XE 95 42.52 -69.58 117.48
C THR XE 95 42.86 -68.57 118.56
N GLU XE 96 42.43 -68.86 119.80
CA GLU XE 96 42.69 -67.95 120.90
C GLU XE 96 44.18 -67.86 121.21
N ALA XE 97 44.88 -69.00 121.17
CA ALA XE 97 46.31 -68.99 121.41
C ALA XE 97 47.06 -68.21 120.32
N SER XE 98 46.66 -68.39 119.06
CA SER XE 98 47.29 -67.65 117.98
C SER XE 98 47.02 -66.15 118.11
N ARG XE 99 45.79 -65.78 118.48
CA ARG XE 99 45.49 -64.36 118.67
C ARG XE 99 46.29 -63.77 119.81
N LYS XE 100 46.44 -64.52 120.91
CA LYS XE 100 47.24 -64.03 122.03
C LYS XE 100 48.70 -63.88 121.65
N SER XE 101 49.24 -64.84 120.88
CA SER XE 101 50.62 -64.74 120.44
C SER XE 101 50.82 -63.55 119.51
N LEU XE 102 49.85 -63.31 118.62
CA LEU XE 102 49.95 -62.17 117.71
C LEU XE 102 49.87 -60.85 118.49
N TYR XE 103 49.00 -60.78 119.50
CA TYR XE 103 48.92 -59.58 120.31
C TYR XE 103 50.20 -59.34 121.09
N ASP XE 104 50.80 -60.41 121.61
CA ASP XE 104 52.07 -60.28 122.32
C ASP XE 104 53.18 -59.82 121.40
N LEU XE 105 53.22 -60.37 120.17
CA LEU XE 105 54.23 -59.94 119.21
C LEU XE 105 54.04 -58.47 118.83
N THR XE 106 52.79 -58.04 118.65
CA THR XE 106 52.54 -56.64 118.33
C THR XE 106 52.95 -55.73 119.49
N LYS XE 107 52.65 -56.15 120.72
CA LYS XE 107 53.05 -55.36 121.89
C LYS XE 107 54.57 -55.26 122.00
N SER XE 108 55.27 -56.36 121.72
CA SER XE 108 56.73 -56.34 121.77
C SER XE 108 57.29 -55.44 120.68
N LEU XE 109 56.74 -55.51 119.47
CA LEU XE 109 57.21 -54.66 118.39
C LEU XE 109 56.93 -53.18 118.67
N VAL XE 110 55.83 -52.89 119.38
CA VAL XE 110 55.53 -51.51 119.73
C VAL XE 110 56.47 -51.02 120.82
N ALA XE 111 56.73 -51.85 121.83
CA ALA XE 111 57.56 -51.45 122.96
C ALA XE 111 59.06 -51.52 122.65
N THR XE 112 59.45 -52.10 121.52
CA THR XE 112 60.86 -52.17 121.18
C THR XE 112 61.42 -50.77 120.89
N SER XE 113 62.74 -50.67 120.90
CA SER XE 113 63.44 -49.40 120.70
C SER XE 113 63.63 -49.06 119.22
N GLN XE 114 63.39 -50.01 118.32
CA GLN XE 114 63.56 -49.75 116.88
C GLN XE 114 62.46 -48.86 116.32
N VAL XE 115 61.21 -49.11 116.70
CA VAL XE 115 60.12 -48.27 116.22
C VAL XE 115 60.22 -46.87 116.81
N GLU XE 116 60.69 -46.75 118.05
CA GLU XE 116 60.88 -45.43 118.64
C GLU XE 116 61.92 -44.62 117.87
N ASP XE 117 63.02 -45.27 117.48
CA ASP XE 117 64.03 -44.58 116.69
C ASP XE 117 63.50 -44.24 115.30
N LEU XE 118 62.75 -45.16 114.69
CA LEU XE 118 62.13 -44.88 113.39
C LEU XE 118 61.18 -43.68 113.47
N VAL XE 119 60.49 -43.52 114.59
CA VAL XE 119 59.57 -42.40 114.73
C VAL XE 119 60.31 -41.11 114.98
N VAL XE 120 61.30 -41.13 115.88
CA VAL XE 120 62.01 -39.93 116.29
C VAL XE 120 62.99 -39.50 115.20
N ASN XE 121 64.06 -40.29 115.02
CA ASN XE 121 65.14 -39.91 114.11
C ASN XE 121 64.81 -40.16 112.65
N LEU XE 122 63.62 -40.68 112.33
CA LEU XE 122 63.20 -40.94 110.96
C LEU XE 122 64.15 -41.88 110.24
N VAL XE 123 64.83 -42.76 110.98
CA VAL XE 123 65.76 -43.72 110.41
C VAL XE 123 64.99 -44.99 110.08
N PRO XE 124 65.15 -45.56 108.88
CA PRO XE 124 64.40 -46.78 108.53
C PRO XE 124 64.71 -47.92 109.49
N LEU XE 125 63.68 -48.72 109.75
CA LEU XE 125 63.79 -49.82 110.71
C LEU XE 125 64.73 -50.89 110.15
N GLY XE 126 65.81 -51.15 110.89
CA GLY XE 126 66.77 -52.14 110.47
C GLY XE 126 67.99 -52.22 111.37
N ARG XE 127 67.81 -52.77 112.56
CA ARG XE 127 68.91 -52.89 113.52
C ARG XE 127 69.30 -54.35 113.73
N SER YE 1 70.10 -51.46 104.55
CA SER YE 1 70.40 -50.24 103.82
C SER YE 1 71.90 -50.09 103.56
N LYS YE 2 72.36 -48.85 103.50
CA LYS YE 2 73.75 -48.55 103.18
C LYS YE 2 74.18 -47.33 103.98
N THR YE 3 75.20 -47.50 104.81
CA THR YE 3 75.69 -46.44 105.68
C THR YE 3 77.06 -45.96 105.22
N ILE YE 4 77.27 -44.65 105.28
CA ILE YE 4 78.54 -44.03 104.90
C ILE YE 4 79.00 -43.18 106.06
N VAL YE 5 80.22 -43.44 106.54
CA VAL YE 5 80.79 -42.72 107.68
C VAL YE 5 81.80 -41.72 107.16
N LEU YE 6 81.62 -40.45 107.54
CA LEU YE 6 82.52 -39.37 107.13
C LEU YE 6 83.15 -38.76 108.37
N SER YE 7 84.47 -38.64 108.37
CA SER YE 7 85.23 -38.10 109.49
C SER YE 7 85.56 -36.64 109.21
N VAL YE 8 85.06 -35.74 110.05
CA VAL YE 8 85.32 -34.31 109.88
C VAL YE 8 86.53 -33.84 110.69
N GLY YE 9 87.03 -34.66 111.62
CA GLY YE 9 88.15 -34.28 112.43
C GLY YE 9 87.95 -34.61 113.89
N GLU YE 10 86.78 -34.23 114.43
CA GLU YE 10 86.43 -34.52 115.81
C GLU YE 10 85.15 -35.31 115.97
N ALA YE 11 84.27 -35.31 114.97
CA ALA YE 11 83.03 -36.06 115.01
C ALA YE 11 82.88 -36.86 113.72
N THR YE 12 81.97 -37.83 113.75
CA THR YE 12 81.71 -38.71 112.62
C THR YE 12 80.25 -38.56 112.19
N ARG YE 13 80.03 -38.25 110.93
CA ARG YE 13 78.69 -38.11 110.37
C ARG YE 13 78.32 -39.39 109.62
N THR YE 14 77.03 -39.72 109.66
CA THR YE 14 76.50 -40.94 109.06
C THR YE 14 75.46 -40.58 108.02
N LEU YE 15 75.66 -41.04 106.79
CA LEU YE 15 74.71 -40.88 105.70
C LEU YE 15 74.05 -42.23 105.40
N THR YE 16 72.74 -42.23 105.25
CA THR YE 16 71.97 -43.45 105.04
C THR YE 16 71.32 -43.44 103.66
N GLU YE 17 71.35 -44.60 103.00
CA GLU YE 17 70.69 -44.75 101.71
C GLU YE 17 69.16 -44.67 101.89
N ILE YE 18 68.52 -43.84 101.07
CA ILE YE 18 67.09 -43.56 101.18
C ILE YE 18 66.32 -44.07 99.95
N GLN YE 19 66.80 -43.74 98.76
CA GLN YE 19 66.09 -44.01 97.51
C GLN YE 19 66.98 -44.89 96.64
N SER YE 20 66.98 -46.19 96.92
CA SER YE 20 67.83 -47.15 96.23
C SER YE 20 67.26 -47.41 94.84
N THR YE 21 67.92 -46.85 93.82
CA THR YE 21 67.55 -47.08 92.43
C THR YE 21 68.82 -47.03 91.59
N ALA YE 22 68.78 -47.75 90.46
CA ALA YE 22 69.96 -47.86 89.60
C ALA YE 22 70.35 -46.53 89.00
N ASP YE 23 69.39 -45.88 88.32
CA ASP YE 23 69.68 -44.63 87.61
C ASP YE 23 69.73 -43.41 88.53
N ARG YE 24 69.41 -43.57 89.82
CA ARG YE 24 69.43 -42.44 90.75
C ARG YE 24 69.55 -42.99 92.16
N GLN YE 25 70.70 -42.76 92.79
CA GLN YE 25 70.94 -43.15 94.18
C GLN YE 25 70.95 -41.89 95.05
N ILE YE 26 70.08 -41.86 96.05
CA ILE YE 26 69.90 -40.70 96.90
C ILE YE 26 70.31 -41.08 98.32
N PHE YE 27 71.42 -40.52 98.79
CA PHE YE 27 71.88 -40.70 100.16
C PHE YE 27 71.53 -39.47 100.98
N GLU YE 28 71.05 -39.68 102.20
CA GLU YE 28 70.65 -38.59 103.08
C GLU YE 28 71.28 -38.76 104.45
N GLU YE 29 71.80 -37.67 104.99
CA GLU YE 29 72.45 -37.68 106.29
C GLU YE 29 71.42 -37.67 107.41
N LYS YE 30 71.61 -38.53 108.40
CA LYS YE 30 70.70 -38.66 109.54
C LYS YE 30 71.41 -38.13 110.78
N VAL YE 31 71.00 -36.94 111.23
CA VAL YE 31 71.55 -36.33 112.43
C VAL YE 31 70.40 -35.84 113.31
N GLY YE 32 69.51 -35.04 112.73
CA GLY YE 32 68.37 -34.52 113.45
C GLY YE 32 67.20 -34.23 112.52
N PRO YE 33 67.05 -32.97 112.13
CA PRO YE 33 65.98 -32.60 111.19
C PRO YE 33 66.29 -33.13 109.80
N LEU YE 34 65.40 -33.96 109.26
CA LEU YE 34 65.64 -34.54 107.95
C LEU YE 34 65.51 -33.51 106.83
N VAL YE 35 64.60 -32.55 106.99
CA VAL YE 35 64.44 -31.51 105.99
C VAL YE 35 65.59 -30.51 106.10
N GLY YE 36 66.14 -30.12 104.95
CA GLY YE 36 67.25 -29.19 104.93
C GLY YE 36 68.52 -29.76 105.54
N ARG YE 37 68.96 -30.90 105.02
CA ARG YE 37 70.16 -31.56 105.52
C ARG YE 37 71.15 -31.82 104.40
N LEU YE 38 71.96 -32.87 104.54
CA LEU YE 38 72.96 -33.23 103.55
C LEU YE 38 72.41 -34.34 102.66
N ARG YE 39 72.40 -34.10 101.35
CA ARG YE 39 71.91 -35.06 100.39
C ARG YE 39 72.94 -35.25 99.28
N LEU YE 40 72.96 -36.46 98.71
CA LEU YE 40 73.91 -36.82 97.68
C LEU YE 40 73.19 -37.61 96.61
N THR YE 41 73.32 -37.17 95.36
CA THR YE 41 72.70 -37.82 94.20
C THR YE 41 73.77 -38.41 93.32
N ALA YE 42 73.66 -39.71 93.04
CA ALA YE 42 74.61 -40.42 92.20
C ALA YE 42 73.88 -41.03 91.00
N SER YE 43 74.51 -40.95 89.84
CA SER YE 43 73.93 -41.50 88.62
C SER YE 43 75.03 -42.07 87.74
N LEU YE 44 74.73 -43.20 87.10
CA LEU YE 44 75.66 -43.86 86.19
C LEU YE 44 74.91 -44.29 84.95
N ARG YE 45 75.52 -44.05 83.78
CA ARG YE 45 74.87 -44.40 82.52
C ARG YE 45 75.93 -44.65 81.46
N GLN YE 46 75.49 -44.81 80.22
CA GLN YE 46 76.36 -45.01 79.07
C GLN YE 46 76.29 -43.76 78.17
N ASN YE 47 76.72 -43.91 76.92
CA ASN YE 47 76.71 -42.81 75.98
C ASN YE 47 76.87 -43.36 74.56
N GLY YE 48 76.35 -42.61 73.60
CA GLY YE 48 76.53 -42.91 72.19
C GLY YE 48 76.19 -44.34 71.80
N ALA YE 49 77.19 -45.06 71.30
CA ALA YE 49 77.02 -46.45 70.88
C ALA YE 49 77.93 -47.35 71.70
N LYS YE 50 77.67 -47.41 73.00
CA LYS YE 50 78.39 -48.27 73.94
C LYS YE 50 79.89 -48.00 73.90
N THR YE 51 80.25 -46.73 73.76
CA THR YE 51 81.67 -46.34 73.74
C THR YE 51 82.19 -46.11 75.15
N ALA YE 52 81.83 -44.96 75.74
CA ALA YE 52 82.29 -44.62 77.08
C ALA YE 52 81.14 -44.69 78.08
N TYR YE 53 81.28 -43.98 79.20
CA TYR YE 53 80.25 -43.94 80.22
C TYR YE 53 80.11 -42.52 80.74
N ARG YE 54 79.13 -42.33 81.63
CA ARG YE 54 78.86 -41.02 82.20
C ARG YE 54 78.45 -41.20 83.66
N VAL YE 55 79.18 -40.55 84.56
CA VAL YE 55 78.91 -40.60 85.99
C VAL YE 55 78.64 -39.18 86.48
N ASN YE 56 77.57 -39.03 87.25
CA ASN YE 56 77.19 -37.74 87.81
C ASN YE 56 77.08 -37.86 89.31
N LEU YE 57 77.70 -36.91 90.02
CA LEU YE 57 77.69 -36.89 91.48
C LEU YE 57 77.41 -35.47 91.94
N LYS YE 58 76.29 -35.28 92.64
CA LYS YE 58 75.88 -33.97 93.15
C LYS YE 58 75.74 -34.05 94.66
N LEU YE 59 76.15 -32.99 95.35
CA LEU YE 59 76.08 -32.92 96.80
C LEU YE 59 75.42 -31.60 97.19
N ASP YE 60 74.30 -31.68 97.89
CA ASP YE 60 73.54 -30.50 98.29
C ASP YE 60 73.41 -30.45 99.80
N GLN YE 61 73.36 -29.23 100.33
CA GLN YE 61 73.21 -29.02 101.78
C GLN YE 61 72.63 -27.63 101.99
N ALA YE 62 71.40 -27.57 102.48
CA ALA YE 62 70.71 -26.30 102.72
C ALA YE 62 70.65 -26.03 104.21
N ASP YE 63 71.07 -24.83 104.61
CA ASP YE 63 71.04 -24.45 106.01
C ASP YE 63 69.62 -24.12 106.44
N VAL YE 64 69.35 -24.33 107.73
CA VAL YE 64 68.02 -24.09 108.30
C VAL YE 64 68.16 -23.11 109.45
N VAL YE 65 67.06 -22.43 109.76
CA VAL YE 65 66.99 -21.48 110.85
C VAL YE 65 65.69 -21.69 111.62
N ASP YE 66 65.71 -21.33 112.90
CA ASP YE 66 64.55 -21.52 113.77
C ASP YE 66 64.54 -20.42 114.83
N CYS YE 67 63.32 -19.99 115.18
CA CYS YE 67 63.14 -18.93 116.16
C CYS YE 67 62.35 -19.38 117.39
N SER YE 68 62.10 -20.69 117.55
CA SER YE 68 61.32 -21.17 118.69
C SER YE 68 62.07 -20.99 120.01
N THR YE 69 63.36 -20.70 119.97
CA THR YE 69 64.11 -20.52 121.21
C THR YE 69 63.77 -19.20 121.88
N SER YE 70 63.45 -18.17 121.10
CA SER YE 70 63.13 -16.86 121.65
C SER YE 70 61.74 -16.41 121.20
N VAL YE 71 61.51 -16.39 119.90
CA VAL YE 71 60.22 -15.97 119.35
C VAL YE 71 59.20 -17.07 119.62
N CYS YE 72 57.96 -16.68 119.92
CA CYS YE 72 56.94 -17.67 120.25
C CYS YE 72 56.16 -18.09 119.01
N GLY YE 73 56.87 -18.46 117.94
CA GLY YE 73 56.25 -19.20 116.87
C GLY YE 73 56.93 -19.03 115.51
N GLU YE 74 57.75 -20.01 115.13
CA GLU YE 74 58.40 -19.97 113.83
C GLU YE 74 58.91 -21.38 113.53
N LEU YE 75 58.39 -21.98 112.45
CA LEU YE 75 58.82 -23.30 112.06
C LEU YE 75 60.23 -23.26 111.45
N PRO YE 76 60.97 -24.36 111.51
CA PRO YE 76 62.30 -24.39 110.87
C PRO YE 76 62.20 -24.10 109.38
N LYS YE 77 62.86 -23.03 108.96
CA LYS YE 77 62.79 -22.55 107.59
C LYS YE 77 64.18 -22.62 106.95
N VAL YE 78 64.22 -23.10 105.70
CA VAL YE 78 65.48 -23.17 104.98
C VAL YE 78 65.91 -21.78 104.54
N ARG YE 79 67.21 -21.59 104.39
CA ARG YE 79 67.76 -20.30 104.00
C ARG YE 79 68.27 -20.42 102.57
N TYR YE 80 69.56 -20.69 102.36
CA TYR YE 80 70.13 -20.80 101.03
C TYR YE 80 70.33 -22.26 100.66
N THR YE 81 70.66 -22.49 99.38
CA THR YE 81 70.89 -23.82 98.84
C THR YE 81 72.19 -23.82 98.05
N GLN YE 82 73.00 -24.85 98.26
CA GLN YE 82 74.28 -25.00 97.59
C GLN YE 82 74.25 -26.25 96.72
N VAL YE 83 74.73 -26.13 95.49
CA VAL YE 83 74.75 -27.21 94.52
C VAL YE 83 76.18 -27.42 94.05
N TRP YE 84 76.68 -28.65 94.18
CA TRP YE 84 78.03 -29.02 93.77
C TRP YE 84 77.93 -30.33 92.97
N SER YE 85 77.74 -30.21 91.66
CA SER YE 85 77.61 -31.36 90.79
C SER YE 85 78.96 -31.74 90.20
N HIS YE 86 79.00 -32.92 89.58
CA HIS YE 86 80.22 -33.44 88.97
C HIS YE 86 79.85 -34.05 87.62
N ASP YE 87 80.89 -34.46 86.89
CA ASP YE 87 80.71 -35.09 85.58
C ASP YE 87 81.95 -35.91 85.27
N VAL YE 88 81.80 -37.23 85.19
CA VAL YE 88 82.90 -38.15 84.91
C VAL YE 88 82.64 -38.81 83.56
N THR YE 89 83.53 -38.58 82.62
CA THR YE 89 83.45 -39.16 81.27
C THR YE 89 84.73 -39.94 81.02
N ILE YE 90 84.77 -41.18 81.51
CA ILE YE 90 85.92 -42.06 81.38
C ILE YE 90 85.52 -43.24 80.50
N VAL YE 91 86.30 -43.49 79.45
CA VAL YE 91 86.02 -44.60 78.55
C VAL YE 91 86.41 -45.91 79.22
N ALA YE 92 85.78 -47.00 78.77
CA ALA YE 92 86.04 -48.31 79.35
C ALA YE 92 87.46 -48.78 79.03
N ASN YE 93 87.78 -48.87 77.73
CA ASN YE 93 89.11 -49.31 77.29
C ASN YE 93 90.10 -48.17 77.51
N SER YE 94 90.56 -48.05 78.76
CA SER YE 94 91.53 -47.03 79.11
C SER YE 94 92.79 -47.65 79.70
N THR YE 95 93.28 -47.08 80.80
CA THR YE 95 94.48 -47.58 81.47
C THR YE 95 94.31 -47.45 82.96
N GLU YE 96 94.56 -48.55 83.69
CA GLU YE 96 94.41 -48.53 85.15
C GLU YE 96 95.45 -47.60 85.78
N ALA YE 97 96.68 -47.63 85.28
CA ALA YE 97 97.72 -46.75 85.83
C ALA YE 97 97.39 -45.29 85.56
N SER YE 98 96.89 -44.98 84.36
CA SER YE 98 96.51 -43.60 84.05
C SER YE 98 95.35 -43.14 84.91
N ARG YE 99 94.36 -44.02 85.13
CA ARG YE 99 93.23 -43.67 85.99
C ARG YE 99 93.68 -43.44 87.42
N LYS YE 100 94.60 -44.27 87.93
CA LYS YE 100 95.11 -44.08 89.28
C LYS YE 100 95.90 -42.79 89.39
N SER YE 101 96.71 -42.46 88.39
CA SER YE 101 97.45 -41.21 88.41
C SER YE 101 96.51 -40.01 88.36
N LEU YE 102 95.45 -40.09 87.55
CA LEU YE 102 94.49 -39.00 87.49
C LEU YE 102 93.75 -38.84 88.82
N TYR YE 103 93.38 -39.95 89.45
CA TYR YE 103 92.72 -39.87 90.75
C TYR YE 103 93.65 -39.28 91.81
N ASP YE 104 94.93 -39.65 91.78
CA ASP YE 104 95.89 -39.08 92.72
C ASP YE 104 96.08 -37.58 92.49
N LEU YE 105 96.14 -37.17 91.23
CA LEU YE 105 96.26 -35.74 90.92
C LEU YE 105 95.03 -34.98 91.39
N THR YE 106 93.84 -35.55 91.18
CA THR YE 106 92.62 -34.88 91.64
C THR YE 106 92.60 -34.79 93.18
N LYS YE 107 93.01 -35.85 93.86
CA LYS YE 107 93.06 -35.82 95.32
C LYS YE 107 94.05 -34.77 95.81
N SER YE 108 95.20 -34.66 95.15
CA SER YE 108 96.18 -33.66 95.54
C SER YE 108 95.66 -32.24 95.30
N LEU YE 109 95.00 -32.02 94.17
CA LEU YE 109 94.43 -30.71 93.89
C LEU YE 109 93.31 -30.36 94.87
N VAL YE 110 92.57 -31.36 95.33
CA VAL YE 110 91.52 -31.10 96.31
C VAL YE 110 92.11 -30.79 97.68
N ALA YE 111 93.14 -31.55 98.08
CA ALA YE 111 93.74 -31.38 99.39
C ALA YE 111 94.71 -30.20 99.46
N THR YE 112 95.06 -29.60 98.33
CA THR YE 112 95.96 -28.46 98.34
C THR YE 112 95.31 -27.26 99.02
N SER YE 113 96.14 -26.29 99.40
CA SER YE 113 95.67 -25.09 100.10
C SER YE 113 95.17 -24.01 99.15
N GLN YE 114 95.41 -24.13 97.85
CA GLN YE 114 94.96 -23.13 96.90
C GLN YE 114 93.45 -23.18 96.68
N VAL YE 115 92.88 -24.38 96.54
CA VAL YE 115 91.44 -24.48 96.36
C VAL YE 115 90.70 -24.06 97.63
N GLU YE 116 91.28 -24.34 98.80
CA GLU YE 116 90.68 -23.89 100.05
C GLU YE 116 90.61 -22.36 100.12
N ASP YE 117 91.69 -21.70 99.71
CA ASP YE 117 91.69 -20.24 99.69
C ASP YE 117 90.71 -19.70 98.65
N LEU YE 118 90.66 -20.34 97.48
CA LEU YE 118 89.70 -19.95 96.45
C LEU YE 118 88.26 -20.08 96.95
N VAL YE 119 87.99 -21.08 97.77
CA VAL YE 119 86.64 -21.28 98.29
C VAL YE 119 86.33 -20.28 99.38
N VAL YE 120 87.25 -20.08 100.32
CA VAL YE 120 87.01 -19.22 101.48
C VAL YE 120 87.10 -17.75 101.08
N ASN YE 121 88.30 -17.28 100.74
CA ASN YE 121 88.54 -15.87 100.48
C ASN YE 121 88.08 -15.43 99.09
N LEU YE 122 87.54 -16.34 98.28
CA LEU YE 122 87.06 -16.03 96.93
C LEU YE 122 88.15 -15.41 96.06
N VAL YE 123 89.41 -15.77 96.33
CA VAL YE 123 90.54 -15.27 95.56
C VAL YE 123 90.80 -16.24 94.41
N PRO YE 124 90.97 -15.75 93.18
CA PRO YE 124 91.20 -16.66 92.05
C PRO YE 124 92.45 -17.52 92.26
N LEU YE 125 92.38 -18.76 91.79
CA LEU YE 125 93.46 -19.71 91.96
C LEU YE 125 94.68 -19.26 91.16
N GLY YE 126 95.80 -19.03 91.85
CA GLY YE 126 97.01 -18.60 91.19
C GLY YE 126 98.13 -18.26 92.17
N ARG YE 127 98.71 -19.29 92.77
CA ARG YE 127 99.80 -19.10 93.72
C ARG YE 127 101.12 -19.63 93.17
N SER ZE 1 100.77 -14.09 97.86
CA SER ZE 1 99.96 -12.91 97.58
C SER ZE 1 100.69 -11.63 97.98
N LYS ZE 2 99.92 -10.61 98.36
CA LYS ZE 2 100.46 -9.29 98.69
C LYS ZE 2 99.64 -8.71 99.83
N THR ZE 3 100.31 -8.43 100.95
CA THR ZE 3 99.65 -7.91 102.15
C THR ZE 3 100.04 -6.45 102.37
N ILE ZE 4 99.07 -5.65 102.79
CA ILE ZE 4 99.27 -4.23 103.08
C ILE ZE 4 98.75 -3.97 104.49
N VAL ZE 5 99.62 -3.44 105.35
CA VAL ZE 5 99.28 -3.16 106.74
C VAL ZE 5 99.04 -1.66 106.88
N LEU ZE 6 97.88 -1.30 107.41
CA LEU ZE 6 97.49 0.09 107.63
C LEU ZE 6 97.27 0.31 109.12
N SER ZE 7 97.90 1.34 109.67
CA SER ZE 7 97.81 1.66 111.08
C SER ZE 7 96.80 2.80 111.26
N VAL ZE 8 95.73 2.52 112.00
CA VAL ZE 8 94.70 3.53 112.26
C VAL ZE 8 94.94 4.29 113.56
N GLY ZE 9 95.85 3.81 114.41
CA GLY ZE 9 96.11 4.47 115.68
C GLY ZE 9 96.18 3.49 116.83
N GLU ZE 10 95.19 2.61 116.92
CA GLU ZE 10 95.16 1.58 117.95
C GLU ZE 10 95.09 0.16 117.41
N ALA ZE 11 94.66 -0.03 116.17
CA ALA ZE 11 94.58 -1.35 115.55
C ALA ZE 11 95.24 -1.29 114.18
N THR ZE 12 95.53 -2.47 113.64
CA THR ZE 12 96.19 -2.60 112.34
C THR ZE 12 95.29 -3.41 111.42
N ARG ZE 13 94.97 -2.84 110.26
CA ARG ZE 13 94.15 -3.50 109.26
C ARG ZE 13 95.03 -4.09 108.17
N THR ZE 14 94.59 -5.22 107.62
CA THR ZE 14 95.35 -5.97 106.63
C THR ZE 14 94.52 -6.09 105.35
N LEU ZE 15 95.10 -5.63 104.24
CA LEU ZE 15 94.49 -5.75 102.92
C LEU ZE 15 95.26 -6.80 102.11
N THR ZE 16 94.53 -7.68 101.44
CA THR ZE 16 95.14 -8.78 100.71
C THR ZE 16 94.85 -8.64 99.21
N GLU ZE 17 95.85 -8.92 98.39
CA GLU ZE 17 95.68 -8.91 96.95
C GLU ZE 17 94.77 -10.06 96.52
N ILE ZE 18 93.77 -9.73 95.71
CA ILE ZE 18 92.76 -10.69 95.26
C ILE ZE 18 92.87 -10.95 93.77
N GLN ZE 19 92.86 -9.90 92.97
CA GLN ZE 19 92.76 -9.99 91.51
C GLN ZE 19 94.03 -9.41 90.91
N SER ZE 20 95.09 -10.22 90.89
CA SER ZE 20 96.40 -9.78 90.41
C SER ZE 20 96.39 -9.70 88.89
N THR ZE 21 96.33 -8.48 88.36
CA THR ZE 21 96.40 -8.25 86.93
C THR ZE 21 97.12 -6.94 86.69
N ALA ZE 22 97.75 -6.82 85.52
CA ALA ZE 22 98.56 -5.64 85.21
C ALA ZE 22 97.69 -4.39 85.09
N ASP ZE 23 96.66 -4.45 84.24
CA ASP ZE 23 95.82 -3.28 83.99
C ASP ZE 23 94.79 -3.03 85.07
N ARG ZE 24 94.68 -3.91 86.06
CA ARG ZE 24 93.69 -3.73 87.13
C ARG ZE 24 94.13 -4.56 88.33
N GLN ZE 25 94.55 -3.88 89.40
CA GLN ZE 25 94.92 -4.53 90.65
C GLN ZE 25 93.84 -4.26 91.69
N ILE ZE 26 93.28 -5.32 92.25
CA ILE ZE 26 92.16 -5.23 93.18
C ILE ZE 26 92.63 -5.76 94.53
N PHE ZE 27 92.75 -4.87 95.50
CA PHE ZE 27 93.08 -5.25 96.87
C PHE ZE 27 91.82 -5.22 97.73
N GLU ZE 28 91.67 -6.24 98.58
CA GLU ZE 28 90.48 -6.36 99.42
C GLU ZE 28 90.90 -6.60 100.88
N GLU ZE 29 90.24 -5.89 101.79
CA GLU ZE 29 90.55 -6.00 103.20
C GLU ZE 29 89.90 -7.24 103.79
N LYS ZE 30 90.68 -8.00 104.57
CA LYS ZE 30 90.20 -9.23 105.20
C LYS ZE 30 90.08 -8.99 106.70
N VAL ZE 31 88.85 -8.88 107.18
CA VAL ZE 31 88.58 -8.70 108.61
C VAL ZE 31 87.49 -9.68 109.03
N GLY ZE 32 86.36 -9.65 108.33
CA GLY ZE 32 85.25 -10.53 108.62
C GLY ZE 32 84.42 -10.82 107.39
N PRO ZE 33 83.30 -10.11 107.24
CA PRO ZE 33 82.46 -10.27 106.04
C PRO ZE 33 83.16 -9.70 104.82
N LEU ZE 34 83.38 -10.54 103.80
CA LEU ZE 34 84.07 -10.09 102.60
C LEU ZE 34 83.20 -9.15 101.78
N VAL ZE 35 81.90 -9.37 101.75
CA VAL ZE 35 81.00 -8.50 101.01
C VAL ZE 35 80.80 -7.20 101.78
N GLY ZE 36 80.84 -6.08 101.06
CA GLY ZE 36 80.70 -4.77 101.67
C GLY ZE 36 81.83 -4.42 102.60
N ARG ZE 37 83.07 -4.47 102.07
CA ARG ZE 37 84.24 -4.16 102.87
C ARG ZE 37 85.07 -3.07 102.21
N LEU ZE 38 86.39 -3.09 102.44
CA LEU ZE 38 87.30 -2.09 101.89
C LEU ZE 38 87.96 -2.67 100.64
N ARG ZE 39 87.81 -1.98 99.52
CA ARG ZE 39 88.41 -2.39 98.25
C ARG ZE 39 89.20 -1.25 97.64
N LEU ZE 40 90.24 -1.61 96.91
CA LEU ZE 40 91.13 -0.64 96.28
C LEU ZE 40 91.44 -1.10 94.87
N THR ZE 41 91.23 -0.22 93.90
CA THR ZE 41 91.48 -0.49 92.49
C THR ZE 41 92.62 0.39 92.00
N ALA ZE 42 93.65 -0.25 91.44
CA ALA ZE 42 94.81 0.46 90.92
C ALA ZE 42 94.99 0.14 89.44
N SER ZE 43 95.33 1.16 88.66
CA SER ZE 43 95.52 0.99 87.23
C SER ZE 43 96.66 1.89 86.76
N LEU ZE 44 97.47 1.37 85.85
CA LEU ZE 44 98.59 2.11 85.27
C LEU ZE 44 98.60 1.90 83.76
N ARG ZE 45 98.80 2.98 83.01
CA ARG ZE 45 98.80 2.91 81.55
C ARG ZE 45 99.68 4.01 80.99
N GLN ZE 46 99.62 4.17 79.67
CA GLN ZE 46 100.33 5.21 78.94
C GLN ZE 46 99.31 6.21 78.37
N ASN ZE 47 99.74 7.00 77.40
CA ASN ZE 47 98.88 8.00 76.79
C ASN ZE 47 99.50 8.46 75.48
N GLY ZE 48 98.65 8.89 74.55
CA GLY ZE 48 99.07 9.49 73.30
C GLY ZE 48 100.09 8.68 72.52
N ALA ZE 49 101.28 9.26 72.34
CA ALA ZE 49 102.35 8.60 71.59
C ALA ZE 49 103.56 8.43 72.50
N LYS ZE 50 103.40 7.62 73.56
CA LYS ZE 50 104.46 7.29 74.50
C LYS ZE 50 105.07 8.53 75.12
N THR ZE 51 104.23 9.53 75.41
CA THR ZE 51 104.69 10.77 76.03
C THR ZE 51 104.69 10.64 77.55
N ALA ZE 52 103.52 10.72 78.17
CA ALA ZE 52 103.42 10.63 79.62
C ALA ZE 52 102.77 9.31 80.04
N TYR ZE 53 102.20 9.28 81.24
CA TYR ZE 53 101.54 8.08 81.76
C TYR ZE 53 100.26 8.48 82.44
N ARG ZE 54 99.50 7.48 82.90
CA ARG ZE 54 98.23 7.70 83.57
C ARG ZE 54 98.07 6.66 84.67
N VAL ZE 55 97.89 7.14 85.90
CA VAL ZE 55 97.70 6.27 87.06
C VAL ZE 55 96.35 6.58 87.69
N ASN ZE 56 95.59 5.54 87.98
CA ASN ZE 56 94.27 5.68 88.58
C ASN ZE 56 94.21 4.87 89.86
N LEU ZE 57 93.74 5.49 90.94
CA LEU ZE 57 93.63 4.85 92.24
C LEU ZE 57 92.27 5.18 92.83
N LYS ZE 58 91.45 4.14 93.05
CA LYS ZE 58 90.13 4.29 93.62
C LYS ZE 58 90.02 3.48 94.89
N LEU ZE 59 89.33 4.02 95.89
CA LEU ZE 59 89.15 3.36 97.17
C LEU ZE 59 87.67 3.39 97.53
N ASP ZE 60 87.06 2.22 97.69
CA ASP ZE 60 85.65 2.09 97.99
C ASP ZE 60 85.45 1.35 99.30
N GLN ZE 61 84.38 1.71 100.01
CA GLN ZE 61 84.04 1.06 101.28
C GLN ZE 61 82.56 1.26 101.52
N ALA ZE 62 81.78 0.17 101.48
CA ALA ZE 62 80.35 0.22 101.68
C ALA ZE 62 80.00 -0.34 103.04
N ASP ZE 63 79.22 0.40 103.81
CA ASP ZE 63 78.80 -0.04 105.14
C ASP ZE 63 77.71 -1.10 105.02
N VAL ZE 64 77.66 -1.99 106.01
CA VAL ZE 64 76.70 -3.08 106.04
C VAL ZE 64 75.90 -2.98 107.33
N VAL ZE 65 74.70 -3.57 107.30
CA VAL ZE 65 73.82 -3.62 108.46
C VAL ZE 65 73.23 -5.01 108.57
N ASP ZE 66 72.87 -5.40 109.80
CA ASP ZE 66 72.34 -6.72 110.08
C ASP ZE 66 71.35 -6.63 111.24
N CYS ZE 67 70.30 -7.45 111.16
CA CYS ZE 67 69.27 -7.48 112.18
C CYS ZE 67 69.13 -8.84 112.86
N SER ZE 68 70.07 -9.76 112.65
CA SER ZE 68 69.97 -11.08 113.25
C SER ZE 68 70.16 -11.05 114.76
N THR ZE 69 70.65 -9.94 115.30
CA THR ZE 69 70.84 -9.85 116.74
C THR ZE 69 69.52 -9.71 117.48
N SER ZE 70 68.53 -9.05 116.87
CA SER ZE 70 67.22 -8.86 117.50
C SER ZE 70 66.12 -9.45 116.64
N VAL ZE 71 66.03 -9.01 115.39
CA VAL ZE 71 65.01 -9.49 114.47
C VAL ZE 71 65.34 -10.93 114.08
N CYS ZE 72 64.32 -11.77 113.96
CA CYS ZE 72 64.62 -13.17 113.63
C CYS ZE 72 64.55 -13.40 112.13
N GLY ZE 73 65.29 -12.59 111.36
CA GLY ZE 73 65.63 -12.95 110.00
C GLY ZE 73 65.93 -11.76 109.10
N GLU ZE 74 67.21 -11.50 108.88
CA GLU ZE 74 67.64 -10.42 107.98
C GLU ZE 74 69.10 -10.65 107.62
N LEU ZE 75 69.37 -10.85 106.34
CA LEU ZE 75 70.73 -11.06 105.88
C LEU ZE 75 71.50 -9.74 105.92
N PRO ZE 76 72.83 -9.80 106.04
CA PRO ZE 76 73.63 -8.56 105.99
C PRO ZE 76 73.41 -7.81 104.68
N LYS ZE 77 72.92 -6.58 104.80
CA LYS ZE 77 72.56 -5.77 103.64
C LYS ZE 77 73.42 -4.51 103.60
N VAL ZE 78 73.91 -4.18 102.41
CA VAL ZE 78 74.72 -2.98 102.25
C VAL ZE 78 73.82 -1.74 102.32
N ARG ZE 79 74.40 -0.62 102.74
CA ARG ZE 79 73.65 0.61 102.88
C ARG ZE 79 74.11 1.57 101.79
N TYR ZE 80 75.07 2.46 102.06
CA TYR ZE 80 75.55 3.42 101.08
C TYR ZE 80 76.90 2.97 100.52
N THR ZE 81 77.33 3.66 99.47
CA THR ZE 81 78.60 3.38 98.80
C THR ZE 81 79.37 4.67 98.62
N GLN ZE 82 80.67 4.64 98.92
CA GLN ZE 82 81.53 5.79 98.79
C GLN ZE 82 82.61 5.51 97.74
N VAL ZE 83 82.83 6.49 96.86
CA VAL ZE 83 83.80 6.36 95.78
C VAL ZE 83 84.79 7.51 95.89
N TRP ZE 84 86.08 7.18 95.95
CA TRP ZE 84 87.17 8.15 96.04
C TRP ZE 84 88.24 7.75 95.03
N SER ZE 85 88.11 8.26 93.81
CA SER ZE 85 89.04 7.96 92.73
C SER ZE 85 90.15 9.01 92.67
N HIS ZE 86 91.19 8.71 91.90
CA HIS ZE 86 92.32 9.60 91.72
C HIS ZE 86 92.71 9.62 90.25
N ASP ZE 87 93.66 10.49 89.92
CA ASP ZE 87 94.15 10.62 88.55
C ASP ZE 87 95.54 11.24 88.61
N VAL ZE 88 96.55 10.48 88.19
CA VAL ZE 88 97.94 10.93 88.20
C VAL ZE 88 98.42 10.99 86.76
N THR ZE 89 98.79 12.19 86.31
CA THR ZE 89 99.29 12.44 84.96
C THR ZE 89 100.68 13.07 85.09
N ILE ZE 90 101.69 12.23 85.29
CA ILE ZE 90 103.07 12.68 85.44
C ILE ZE 90 103.88 12.17 84.26
N VAL ZE 91 104.57 13.09 83.58
CA VAL ZE 91 105.39 12.71 82.43
C VAL ZE 91 106.65 12.00 82.91
N ALA ZE 92 107.23 11.19 82.03
CA ALA ZE 92 108.43 10.43 82.39
C ALA ZE 92 109.64 11.37 82.56
N ASN ZE 93 109.96 12.13 81.52
CA ASN ZE 93 111.09 13.06 81.57
C ASN ZE 93 110.69 14.28 82.40
N SER ZE 94 110.77 14.12 83.71
CA SER ZE 94 110.43 15.21 84.63
C SER ZE 94 111.61 15.54 85.54
N THR ZE 95 111.36 15.70 86.83
CA THR ZE 95 112.40 16.02 87.80
C THR ZE 95 112.11 15.29 89.09
N GLU ZE 96 113.12 14.58 89.61
CA GLU ZE 96 112.93 13.84 90.86
C GLU ZE 96 112.71 14.78 92.03
N ALA ZE 97 113.45 15.89 92.08
CA ALA ZE 97 113.27 16.86 93.16
C ALA ZE 97 111.88 17.50 93.09
N SER ZE 98 111.41 17.83 91.89
CA SER ZE 98 110.08 18.40 91.74
C SER ZE 98 109.00 17.41 92.14
N ARG ZE 99 109.17 16.13 91.76
CA ARG ZE 99 108.21 15.12 92.14
C ARG ZE 99 108.19 14.92 93.66
N LYS ZE 100 109.35 14.94 94.30
CA LYS ZE 100 109.41 14.80 95.75
C LYS ZE 100 108.76 15.99 96.43
N SER ZE 101 108.99 17.20 95.93
CA SER ZE 101 108.36 18.39 96.50
C SER ZE 101 106.86 18.35 96.34
N LEU ZE 102 106.38 17.88 95.17
CA LEU ZE 102 104.94 17.78 94.96
C LEU ZE 102 104.33 16.73 95.88
N TYR ZE 103 105.01 15.61 96.07
CA TYR ZE 103 104.51 14.58 96.99
C TYR ZE 103 104.47 15.11 98.42
N ASP ZE 104 105.49 15.85 98.83
CA ASP ZE 104 105.50 16.43 100.17
C ASP ZE 104 104.37 17.44 100.35
N LEU ZE 105 104.12 18.27 99.33
CA LEU ZE 105 103.03 19.23 99.40
C LEU ZE 105 101.68 18.52 99.49
N THR ZE 106 101.51 17.45 98.71
CA THR ZE 106 100.26 16.69 98.78
C THR ZE 106 100.08 16.04 100.14
N LYS ZE 107 101.16 15.49 100.70
CA LYS ZE 107 101.08 14.89 102.04
C LYS ZE 107 100.73 15.94 103.10
N SER ZE 108 101.31 17.13 102.99
CA SER ZE 108 101.00 18.20 103.94
C SER ZE 108 99.56 18.65 103.81
N LEU ZE 109 99.07 18.79 102.57
CA LEU ZE 109 97.67 19.18 102.37
C LEU ZE 109 96.71 18.11 102.87
N VAL ZE 110 97.10 16.84 102.78
CA VAL ZE 110 96.25 15.77 103.28
C VAL ZE 110 96.25 15.76 104.81
N ALA ZE 111 97.42 15.93 105.42
CA ALA ZE 111 97.54 15.87 106.86
C ALA ZE 111 97.10 17.15 107.56
N THR ZE 112 96.85 18.23 106.81
CA THR ZE 112 96.41 19.48 107.43
C THR ZE 112 95.00 19.32 108.02
N SER ZE 113 94.64 20.25 108.88
CA SER ZE 113 93.36 20.23 109.57
C SER ZE 113 92.23 20.84 108.75
N GLN ZE 114 92.55 21.53 107.65
CA GLN ZE 114 91.52 22.16 106.83
C GLN ZE 114 90.73 21.13 106.03
N VAL ZE 115 91.41 20.15 105.42
CA VAL ZE 115 90.71 19.12 104.67
C VAL ZE 115 89.87 18.24 105.60
N GLU ZE 116 90.36 17.99 106.81
CA GLU ZE 116 89.58 17.22 107.78
C GLU ZE 116 88.27 17.93 108.13
N ASP ZE 117 88.35 19.25 108.34
CA ASP ZE 117 87.13 20.01 108.62
C ASP ZE 117 86.21 20.05 107.41
N LEU ZE 118 86.79 20.21 106.21
CA LEU ZE 118 85.98 20.17 104.99
C LEU ZE 118 85.26 18.83 104.83
N VAL ZE 119 85.89 17.74 105.25
CA VAL ZE 119 85.28 16.43 105.13
C VAL ZE 119 84.20 16.23 106.19
N VAL ZE 120 84.51 16.59 107.44
CA VAL ZE 120 83.60 16.35 108.55
C VAL ZE 120 82.45 17.34 108.54
N ASN ZE 121 82.75 18.61 108.82
CA ASN ZE 121 81.72 19.63 108.96
C ASN ZE 121 81.18 20.15 107.64
N LEU ZE 122 81.69 19.64 106.51
CA LEU ZE 122 81.23 20.06 105.18
C LEU ZE 122 81.38 21.56 104.97
N VAL ZE 123 82.35 22.18 105.63
CA VAL ZE 123 82.61 23.60 105.50
C VAL ZE 123 83.62 23.81 104.38
N PRO ZE 124 83.39 24.73 103.45
CA PRO ZE 124 84.33 24.94 102.34
C PRO ZE 124 85.72 25.31 102.85
N LEU ZE 125 86.73 24.82 102.14
CA LEU ZE 125 88.13 25.03 102.54
C LEU ZE 125 88.48 26.52 102.39
N GLY ZE 126 88.86 27.15 103.50
CA GLY ZE 126 89.21 28.55 103.49
C GLY ZE 126 89.50 29.10 104.88
N ARG ZE 127 90.64 28.73 105.44
CA ARG ZE 127 91.04 29.19 106.77
C ARG ZE 127 92.24 30.12 106.70
N SER AF 1 84.68 33.27 101.51
CA SER AF 1 83.22 33.20 101.58
C SER AF 1 82.65 34.37 102.38
N LYS AF 2 81.52 34.13 103.03
CA LYS AF 2 80.81 35.16 103.76
C LYS AF 2 80.18 34.54 105.00
N THR AF 3 80.56 35.04 106.17
CA THR AF 3 80.09 34.51 107.44
C THR AF 3 79.16 35.50 108.12
N ILE AF 4 78.09 34.99 108.73
CA ILE AF 4 77.11 35.80 109.44
C ILE AF 4 76.98 35.22 110.84
N VAL AF 5 77.20 36.06 111.85
CA VAL AF 5 77.13 35.65 113.26
C VAL AF 5 75.81 36.13 113.85
N LEU AF 6 75.04 35.21 114.41
CA LEU AF 6 73.76 35.52 115.04
C LEU AF 6 73.83 35.15 116.51
N SER AF 7 73.45 36.10 117.37
CA SER AF 7 73.48 35.91 118.82
C SER AF 7 72.07 35.57 119.29
N VAL AF 8 71.92 34.38 119.88
CA VAL AF 8 70.63 33.94 120.40
C VAL AF 8 70.45 34.28 121.87
N GLY AF 9 71.52 34.65 122.57
CA GLY AF 9 71.42 34.97 123.98
C GLY AF 9 72.54 34.34 124.79
N GLU AF 10 72.78 33.04 124.57
CA GLU AF 10 73.86 32.33 125.23
C GLU AF 10 74.86 31.68 124.29
N ALA AF 11 74.48 31.44 123.03
CA ALA AF 11 75.37 30.86 122.03
C ALA AF 11 75.33 31.70 120.77
N THR AF 12 76.32 31.49 119.91
CA THR AF 12 76.45 32.22 118.65
C THR AF 12 76.41 31.23 117.50
N ARG AF 13 75.49 31.45 116.56
CA ARG AF 13 75.37 30.62 115.38
C ARG AF 13 76.05 31.29 114.19
N THR AF 14 76.61 30.46 113.30
CA THR AF 14 77.37 30.94 112.15
C THR AF 14 76.73 30.41 110.88
N LEU AF 15 76.37 31.32 109.98
CA LEU AF 15 75.85 30.99 108.67
C LEU AF 15 76.89 31.30 107.61
N THR AF 16 77.08 30.38 106.67
CA THR AF 16 78.12 30.49 105.65
C THR AF 16 77.48 30.59 104.27
N GLU AF 17 78.04 31.47 103.44
CA GLU AF 17 77.58 31.60 102.06
C GLU AF 17 77.94 30.35 101.27
N ILE AF 18 76.96 29.80 100.54
CA ILE AF 18 77.09 28.53 99.83
C ILE AF 18 76.97 28.71 98.33
N GLN AF 19 75.96 29.45 97.87
CA GLN AF 19 75.62 29.58 96.45
C GLN AF 19 75.66 31.06 96.10
N SER AF 20 76.87 31.58 95.88
CA SER AF 20 77.07 33.00 95.60
C SER AF 20 76.62 33.31 94.18
N THR AF 21 75.47 33.96 94.04
CA THR AF 21 74.96 34.39 92.75
C THR AF 21 74.19 35.69 92.94
N ALA AF 22 74.14 36.50 91.89
CA ALA AF 22 73.52 37.82 91.98
C ALA AF 22 72.01 37.70 92.22
N ASP AF 23 71.32 36.96 91.37
CA ASP AF 23 69.87 36.85 91.44
C ASP AF 23 69.39 35.90 92.52
N ARG AF 24 70.29 35.18 93.20
CA ARG AF 24 69.89 34.23 94.24
C ARG AF 24 71.10 33.98 95.15
N GLN AF 25 71.02 34.47 96.38
CA GLN AF 25 72.05 34.24 97.38
C GLN AF 25 71.52 33.26 98.41
N ILE AF 26 72.24 32.15 98.60
CA ILE AF 26 71.82 31.07 99.48
C ILE AF 26 72.83 30.97 100.61
N PHE AF 27 72.40 31.31 101.82
CA PHE AF 27 73.21 31.17 103.03
C PHE AF 27 72.75 29.93 103.79
N GLU AF 28 73.70 29.15 104.29
CA GLU AF 28 73.40 27.93 105.03
C GLU AF 28 74.17 27.91 106.34
N GLU AF 29 73.48 27.52 107.40
CA GLU AF 29 74.07 27.47 108.73
C GLU AF 29 74.90 26.19 108.88
N LYS AF 30 76.11 26.34 109.43
CA LYS AF 30 77.02 25.23 109.63
C LYS AF 30 77.14 24.96 111.13
N VAL AF 31 76.52 23.86 111.58
CA VAL AF 31 76.59 23.46 112.98
C VAL AF 31 76.93 21.97 113.04
N GLY AF 32 76.15 21.15 112.35
CA GLY AF 32 76.37 19.73 112.32
C GLY AF 32 75.87 19.11 111.03
N PRO AF 33 74.67 18.52 111.07
CA PRO AF 33 74.08 17.95 109.85
C PRO AF 33 73.66 19.05 108.88
N LEU AF 34 74.22 19.01 107.68
CA LEU AF 34 73.92 20.05 106.69
C LEU AF 34 72.49 19.92 106.17
N VAL AF 35 72.00 18.69 106.03
CA VAL AF 35 70.63 18.49 105.55
C VAL AF 35 69.65 18.81 106.68
N GLY AF 36 68.57 19.53 106.33
CA GLY AF 36 67.58 19.91 107.31
C GLY AF 36 68.11 20.88 108.34
N ARG AF 37 68.65 22.01 107.87
CA ARG AF 37 69.21 23.02 108.76
C ARG AF 37 68.58 24.38 108.50
N LEU AF 38 69.34 25.45 108.76
CA LEU AF 38 68.87 26.82 108.56
C LEU AF 38 69.37 27.33 107.22
N ARG AF 39 68.45 27.76 106.37
CA ARG AF 39 68.79 28.29 105.05
C ARG AF 39 68.11 29.64 104.84
N LEU AF 40 68.76 30.50 104.07
CA LEU AF 40 68.29 31.84 103.80
C LEU AF 40 68.48 32.15 102.32
N THR AF 41 67.40 32.58 101.66
CA THR AF 41 67.42 32.90 100.24
C THR AF 41 67.17 34.40 100.09
N ALA AF 42 68.08 35.09 99.40
CA ALA AF 42 67.98 36.51 99.15
C ALA AF 42 67.96 36.78 97.65
N SER AF 43 67.12 37.72 97.23
CA SER AF 43 67.01 38.07 95.83
C SER AF 43 66.75 39.57 95.70
N LEU AF 44 67.36 40.18 94.70
CA LEU AF 44 67.19 41.60 94.41
C LEU AF 44 67.00 41.78 92.91
N ARG AF 45 66.03 42.62 92.54
CA ARG AF 45 65.75 42.84 91.13
C ARG AF 45 65.15 44.24 90.95
N GLN AF 46 64.66 44.52 89.75
CA GLN AF 46 64.00 45.76 89.40
C GLN AF 46 62.52 45.47 89.12
N ASN AF 47 61.86 46.41 88.46
CA ASN AF 47 60.45 46.27 88.15
C ASN AF 47 60.07 47.27 87.06
N GLY AF 48 59.04 46.91 86.29
CA GLY AF 48 58.47 47.81 85.30
C GLY AF 48 59.46 48.44 84.35
N ALA AF 49 59.56 49.76 84.38
CA ALA AF 49 60.47 50.50 83.51
C ALA AF 49 61.47 51.28 84.37
N LYS AF 50 62.29 50.55 85.11
CA LYS AF 50 63.36 51.12 85.95
C LYS AF 50 62.80 52.13 86.94
N THR AF 51 61.62 51.83 87.48
CA THR AF 51 61.00 52.72 88.47
C THR AF 51 61.48 52.38 89.88
N ALA AF 52 60.96 51.30 90.46
CA ALA AF 52 61.33 50.90 91.80
C ALA AF 52 62.19 49.63 91.78
N TYR AF 53 62.21 48.90 92.89
CA TYR AF 53 62.98 47.67 93.00
C TYR AF 53 62.14 46.63 93.73
N ARG AF 54 62.69 45.43 93.83
CA ARG AF 54 62.01 44.32 94.49
C ARG AF 54 63.05 43.47 95.22
N VAL AF 55 62.88 43.31 96.52
CA VAL AF 55 63.77 42.52 97.36
C VAL AF 55 62.96 41.40 98.01
N ASN AF 56 63.50 40.19 97.93
CA ASN AF 56 62.84 39.01 98.51
C ASN AF 56 63.80 38.34 99.48
N LEU AF 57 63.30 38.04 100.68
CA LEU AF 57 64.09 37.40 101.72
C LEU AF 57 63.26 36.27 102.33
N LYS AF 58 63.74 35.04 102.20
CA LYS AF 58 63.06 33.87 102.73
C LYS AF 58 64.00 33.15 103.70
N LEU AF 59 63.43 32.63 104.78
CA LEU AF 59 64.20 31.92 105.80
C LEU AF 59 63.49 30.60 106.10
N ASP AF 60 64.18 29.49 105.87
CA ASP AF 60 63.62 28.16 106.08
C ASP AF 60 64.46 27.39 107.09
N GLN AF 61 63.78 26.51 107.84
CA GLN AF 61 64.44 25.68 108.83
C GLN AF 61 63.56 24.46 109.08
N ALA AF 62 64.04 23.28 108.67
CA ALA AF 62 63.31 22.04 108.83
C ALA AF 62 63.94 21.20 109.95
N ASP AF 63 63.10 20.76 110.89
CA ASP AF 63 63.58 19.95 111.99
C ASP AF 63 63.85 18.52 111.52
N VAL AF 64 64.80 17.87 112.20
CA VAL AF 64 65.20 16.51 111.85
C VAL AF 64 65.02 15.63 113.09
N VAL AF 65 64.88 14.33 112.84
CA VAL AF 65 64.73 13.34 113.90
C VAL AF 65 65.60 12.14 113.55
N ASP AF 66 66.02 11.41 114.59
CA ASP AF 66 66.90 10.26 114.43
C ASP AF 66 66.62 9.25 115.53
N CYS AF 67 66.71 7.97 115.17
CA CYS AF 67 66.46 6.88 116.11
C CYS AF 67 67.67 5.98 116.33
N SER AF 68 68.85 6.38 115.87
CA SER AF 68 70.03 5.53 116.04
C SER AF 68 70.48 5.43 117.49
N THR AF 69 69.95 6.29 118.37
CA THR AF 69 70.33 6.23 119.78
C THR AF 69 69.71 5.02 120.47
N SER AF 70 68.51 4.62 120.06
CA SER AF 70 67.83 3.48 120.68
C SER AF 70 67.52 2.41 119.65
N VAL AF 71 66.82 2.78 118.58
CA VAL AF 71 66.45 1.84 117.52
C VAL AF 71 67.71 1.50 116.72
N CYS AF 72 67.82 0.24 116.29
CA CYS AF 72 69.01 -0.18 115.57
C CYS AF 72 68.83 -0.02 114.06
N GLY AF 73 68.38 1.15 113.63
CA GLY AF 73 68.51 1.53 112.23
C GLY AF 73 67.48 2.52 111.75
N GLU AF 74 67.88 3.79 111.66
CA GLU AF 74 66.99 4.84 111.16
C GLU AF 74 67.84 6.05 110.79
N LEU AF 75 67.85 6.41 109.51
CA LEU AF 75 68.60 7.57 109.07
C LEU AF 75 67.93 8.86 109.53
N PRO AF 76 68.69 9.94 109.67
CA PRO AF 76 68.08 11.24 110.03
C PRO AF 76 67.04 11.65 109.00
N LYS AF 77 65.80 11.81 109.47
CA LYS AF 77 64.67 12.11 108.61
C LYS AF 77 64.08 13.46 108.99
N VAL AF 78 63.76 14.26 107.97
CA VAL AF 78 63.15 15.57 108.22
C VAL AF 78 61.70 15.38 108.63
N ARG AF 79 61.19 16.35 109.39
CA ARG AF 79 59.81 16.29 109.87
C ARG AF 79 59.00 17.34 109.15
N TYR AF 80 58.84 18.54 109.70
CA TYR AF 80 58.06 19.60 109.09
C TYR AF 80 58.99 20.63 108.45
N THR AF 81 58.39 21.54 107.69
CA THR AF 81 59.12 22.60 107.01
C THR AF 81 58.41 23.93 107.25
N GLN AF 82 59.18 24.96 107.57
CA GLN AF 82 58.66 26.30 107.83
C GLN AF 82 59.18 27.27 106.79
N VAL AF 83 58.29 28.10 106.25
CA VAL AF 83 58.63 29.07 105.22
C VAL AF 83 58.23 30.45 105.71
N TRP AF 84 59.18 31.37 105.71
CA TRP AF 84 58.96 32.76 106.13
C TRP AF 84 59.59 33.66 105.08
N SER AF 85 58.82 34.04 104.07
CA SER AF 85 59.28 34.89 102.98
C SER AF 85 58.97 36.35 103.28
N HIS AF 86 59.58 37.23 102.48
CA HIS AF 86 59.39 38.67 102.62
C HIS AF 86 59.21 39.29 101.25
N ASP AF 87 58.92 40.59 101.23
CA ASP AF 87 58.73 41.32 99.98
C ASP AF 87 58.96 42.80 100.28
N VAL AF 88 60.01 43.37 99.69
CA VAL AF 88 60.36 44.77 99.88
C VAL AF 88 60.19 45.48 98.54
N THR AF 89 59.29 46.46 98.49
CA THR AF 89 59.03 47.25 97.30
C THR AF 89 59.25 48.72 97.67
N ILE AF 90 60.51 49.15 97.63
CA ILE AF 90 60.90 50.51 97.96
C ILE AF 90 61.44 51.18 96.70
N VAL AF 91 60.89 52.34 96.36
CA VAL AF 91 61.34 53.07 95.18
C VAL AF 91 62.69 53.72 95.47
N ALA AF 92 63.45 53.99 94.40
CA ALA AF 92 64.77 54.59 94.55
C ALA AF 92 64.67 56.02 95.03
N ASN AF 93 63.95 56.87 94.30
CA ASN AF 93 63.79 58.27 94.66
C ASN AF 93 62.79 58.37 95.81
N SER AF 94 63.28 58.12 97.02
CA SER AF 94 62.44 58.18 98.20
C SER AF 94 63.00 59.19 99.20
N THR AF 95 63.06 58.81 100.48
CA THR AF 95 63.57 59.67 101.53
C THR AF 95 64.34 58.83 102.54
N GLU AF 96 65.57 59.25 102.84
CA GLU AF 96 66.39 58.50 103.80
C GLU AF 96 65.78 58.54 105.19
N ALA AF 97 65.27 59.71 105.61
CA ALA AF 97 64.65 59.81 106.92
C ALA AF 97 63.39 58.95 107.01
N SER AF 98 62.58 58.95 105.94
CA SER AF 98 61.38 58.11 105.94
C SER AF 98 61.74 56.64 105.98
N ARG AF 99 62.78 56.23 105.23
CA ARG AF 99 63.20 54.84 105.26
C ARG AF 99 63.72 54.44 106.64
N LYS AF 100 64.47 55.34 107.29
CA LYS AF 100 64.96 55.05 108.63
C LYS AF 100 63.82 54.94 109.62
N SER AF 101 62.83 55.83 109.52
CA SER AF 101 61.67 55.75 110.41
C SER AF 101 60.89 54.46 110.18
N LEU AF 102 60.73 54.05 108.92
CA LEU AF 102 60.02 52.82 108.63
C LEU AF 102 60.78 51.61 109.17
N TYR AF 103 62.11 51.61 109.04
CA TYR AF 103 62.91 50.52 109.58
C TYR AF 103 62.81 50.47 111.10
N ASP AF 104 62.83 51.63 111.75
CA ASP AF 104 62.70 51.66 113.20
C ASP AF 104 61.32 51.16 113.64
N LEU AF 105 60.27 51.55 112.91
CA LEU AF 105 58.94 51.06 113.25
C LEU AF 105 58.84 49.55 113.06
N THR AF 106 59.43 49.02 112.00
CA THR AF 106 59.42 47.58 111.78
C THR AF 106 60.19 46.86 112.87
N LYS AF 107 61.34 47.40 113.28
CA LYS AF 107 62.11 46.79 114.35
C LYS AF 107 61.34 46.81 115.66
N SER AF 108 60.64 47.91 115.95
CA SER AF 108 59.84 47.99 117.17
C SER AF 108 58.68 46.98 117.14
N LEU AF 109 58.01 46.87 115.99
CA LEU AF 109 56.91 45.91 115.87
C LEU AF 109 57.41 44.47 115.98
N VAL AF 110 58.64 44.21 115.53
CA VAL AF 110 59.19 42.86 115.64
C VAL AF 110 59.59 42.57 117.09
N ALA AF 111 60.20 43.54 117.76
CA ALA AF 111 60.66 43.35 119.13
C ALA AF 111 59.56 43.47 120.17
N THR AF 112 58.36 43.92 119.78
CA THR AF 112 57.27 44.03 120.73
C THR AF 112 56.81 42.64 121.20
N SER AF 113 56.06 42.63 122.30
CA SER AF 113 55.59 41.38 122.90
C SER AF 113 54.31 40.87 122.27
N GLN AF 114 53.63 41.68 121.45
CA GLN AF 114 52.38 41.25 120.82
C GLN AF 114 52.62 40.23 119.71
N VAL AF 115 53.62 40.45 118.86
CA VAL AF 115 53.93 39.49 117.81
C VAL AF 115 54.44 38.18 118.39
N GLU AF 116 55.19 38.26 119.49
CA GLU AF 116 55.66 37.03 120.15
C GLU AF 116 54.48 36.20 120.66
N ASP AF 117 53.49 36.86 121.26
CA ASP AF 117 52.31 36.15 121.72
C ASP AF 117 51.50 35.60 120.55
N LEU AF 118 51.38 36.37 119.47
CA LEU AF 118 50.70 35.90 118.28
C LEU AF 118 51.38 34.67 117.69
N VAL AF 119 52.71 34.60 117.78
CA VAL AF 119 53.43 33.46 117.23
C VAL AF 119 53.30 32.25 118.16
N VAL AF 120 53.46 32.45 119.46
CA VAL AF 120 53.47 31.35 120.41
C VAL AF 120 52.05 30.86 120.66
N ASN AF 121 51.23 31.68 121.33
CA ASN AF 121 49.90 31.26 121.75
C ASN AF 121 48.87 31.30 120.62
N LEU AF 122 49.27 31.70 119.41
CA LEU AF 122 48.38 31.76 118.26
C LEU AF 122 47.17 32.65 118.52
N VAL AF 123 47.33 33.66 119.38
CA VAL AF 123 46.26 34.60 119.69
C VAL AF 123 46.34 35.77 118.72
N PRO AF 124 45.23 36.18 118.11
CA PRO AF 124 45.29 37.30 117.15
C PRO AF 124 45.82 38.56 117.80
N LEU AF 125 46.58 39.33 117.01
CA LEU AF 125 47.22 40.56 117.50
C LEU AF 125 46.14 41.59 117.83
N GLY AF 126 46.11 42.02 119.09
CA GLY AF 126 45.14 43.01 119.52
C GLY AF 126 45.18 43.26 121.02
N ARG AF 127 46.21 43.96 121.47
CA ARG AF 127 46.36 44.27 122.89
C ARG AF 127 46.19 45.76 123.15
N SER BF 1 44.36 40.72 128.31
CA SER BF 1 43.43 39.66 127.96
C SER BF 1 42.44 39.38 129.11
N LYS BF 2 42.01 38.13 129.21
CA LYS BF 2 41.00 37.73 130.18
C LYS BF 2 41.33 36.32 130.66
N THR BF 3 41.56 36.18 131.95
CA THR BF 3 41.94 34.90 132.55
C THR BF 3 40.79 34.37 133.41
N ILE BF 4 40.59 33.06 133.35
CA ILE BF 4 39.55 32.37 134.12
C ILE BF 4 40.22 31.23 134.87
N VAL BF 5 40.07 31.22 136.19
CA VAL BF 5 40.67 30.21 137.06
C VAL BF 5 39.59 29.22 137.47
N LEU BF 6 39.84 27.94 137.21
CA LEU BF 6 38.92 26.86 137.56
C LEU BF 6 39.60 25.92 138.55
N SER BF 7 38.93 25.65 139.66
CA SER BF 7 39.46 24.78 140.71
C SER BF 7 38.86 23.39 140.54
N VAL BF 8 39.72 22.40 140.30
CA VAL BF 8 39.26 21.01 140.15
C VAL BF 8 39.30 20.24 141.46
N GLY BF 9 39.96 20.77 142.49
CA GLY BF 9 40.06 20.07 143.76
C GLY BF 9 41.46 20.10 144.32
N GLU BF 10 42.45 19.77 143.49
CA GLU BF 10 43.84 19.79 143.89
C GLU BF 10 44.71 20.69 143.02
N ALA BF 11 44.29 21.02 141.81
CA ALA BF 11 45.03 21.90 140.91
C ALA BF 11 44.10 22.96 140.37
N THR BF 12 44.70 24.02 139.81
CA THR BF 12 43.95 25.15 139.26
C THR BF 12 44.29 25.28 137.78
N ARG BF 13 43.28 25.28 136.94
CA ARG BF 13 43.44 25.45 135.50
C ARG BF 13 43.14 26.88 135.10
N THR BF 14 43.85 27.36 134.09
CA THR BF 14 43.74 28.74 133.62
C THR BF 14 43.32 28.76 132.16
N LEU BF 15 42.22 29.43 131.87
CA LEU BF 15 41.74 29.64 130.51
C LEU BF 15 41.97 31.09 130.10
N THR BF 16 42.48 31.29 128.90
CA THR BF 16 42.84 32.62 128.41
C THR BF 16 41.97 32.99 127.21
N GLU BF 17 41.54 34.25 127.17
CA GLU BF 17 40.78 34.75 126.04
C GLU BF 17 41.67 34.84 124.82
N ILE BF 18 41.18 34.30 123.70
CA ILE BF 18 41.94 34.21 122.46
C ILE BF 18 41.32 35.09 121.37
N GLN BF 19 40.02 34.91 121.13
CA GLN BF 19 39.33 35.53 120.00
C GLN BF 19 38.25 36.47 120.56
N SER BF 20 38.67 37.66 120.96
CA SER BF 20 37.77 38.63 121.58
C SER BF 20 36.89 39.26 120.52
N THR BF 21 35.62 38.85 120.48
CA THR BF 21 34.63 39.42 119.57
C THR BF 21 33.28 39.40 120.27
N ALA BF 22 32.40 40.34 119.87
CA ALA BF 22 31.11 40.48 120.52
C ALA BF 22 30.22 39.27 120.27
N ASP BF 23 30.03 38.90 119.01
CA ASP BF 23 29.13 37.82 118.66
C ASP BF 23 29.73 36.43 118.85
N ARG BF 24 31.02 36.35 119.22
CA ARG BF 24 31.66 35.05 119.41
C ARG BF 24 32.90 35.26 120.29
N GLN BF 25 32.84 34.76 121.52
CA GLN BF 25 33.96 34.80 122.44
C GLN BF 25 34.54 33.40 122.58
N ILE BF 26 35.83 33.26 122.28
CA ILE BF 26 36.52 31.97 122.28
C ILE BF 26 37.58 31.99 123.37
N PHE BF 27 37.36 31.20 124.42
CA PHE BF 27 38.34 31.03 125.48
C PHE BF 27 39.06 29.70 125.29
N GLU BF 28 40.38 29.71 125.49
CA GLU BF 28 41.19 28.51 125.31
C GLU BF 28 42.09 28.30 126.52
N GLU BF 29 42.16 27.05 126.99
CA GLU BF 29 42.95 26.70 128.16
C GLU BF 29 44.42 26.58 127.78
N LYS BF 30 45.29 27.18 128.59
CA LYS BF 30 46.72 27.17 128.36
C LYS BF 30 47.38 26.30 129.42
N VAL BF 31 47.83 25.11 129.02
CA VAL BF 31 48.51 24.19 129.91
C VAL BF 31 49.77 23.67 129.23
N GLY BF 32 49.61 23.13 128.02
CA GLY BF 32 50.72 22.63 127.25
C GLY BF 32 50.46 22.69 125.76
N PRO BF 33 50.05 21.57 125.17
CA PRO BF 33 49.72 21.56 123.74
C PRO BF 33 48.43 22.33 123.49
N LEU BF 34 48.52 23.36 122.65
CA LEU BF 34 47.34 24.19 122.37
C LEU BF 34 46.32 23.44 121.53
N VAL BF 35 46.78 22.59 120.61
CA VAL BF 35 45.86 21.82 119.78
C VAL BF 35 45.26 20.69 120.61
N GLY BF 36 43.95 20.47 120.47
CA GLY BF 36 43.27 19.44 121.21
C GLY BF 36 43.24 19.71 122.70
N ARG BF 37 42.72 20.87 123.09
CA ARG BF 37 42.65 21.24 124.50
C ARG BF 37 41.22 21.61 124.89
N LEU BF 38 41.08 22.48 125.88
CA LEU BF 38 39.78 22.92 126.36
C LEU BF 38 39.42 24.26 125.71
N ARG BF 39 38.27 24.30 125.04
CA ARG BF 39 37.80 25.51 124.39
C ARG BF 39 36.37 25.80 124.81
N LEU BF 40 36.03 27.08 124.84
CA LEU BF 40 34.71 27.54 125.25
C LEU BF 40 34.24 28.63 124.30
N THR BF 41 33.04 28.46 123.74
CA THR BF 41 32.44 29.41 122.82
C THR BF 41 31.23 30.03 123.46
N ALA BF 42 31.20 31.37 123.52
CA ALA BF 42 30.10 32.11 124.10
C ALA BF 42 29.51 33.06 123.06
N SER BF 43 28.19 33.15 123.03
CA SER BF 43 27.49 34.01 122.09
C SER BF 43 26.27 34.63 122.76
N LEU BF 44 26.01 35.89 122.46
CA LEU BF 44 24.85 36.62 122.98
C LEU BF 44 24.20 37.39 121.85
N ARG BF 45 22.88 37.33 121.78
CA ARG BF 45 22.15 38.02 120.72
C ARG BF 45 20.75 38.36 121.21
N GLN BF 46 19.91 38.84 120.29
CA GLN BF 46 18.52 39.16 120.53
C GLN BF 46 17.63 38.16 119.79
N ASN BF 47 16.36 38.52 119.62
CA ASN BF 47 15.41 37.66 118.94
C ASN BF 47 14.19 38.48 118.55
N GLY BF 48 13.52 38.02 117.48
CA GLY BF 48 12.25 38.60 117.06
C GLY BF 48 12.26 40.11 116.90
N ALA BF 49 11.44 40.79 117.68
CA ALA BF 49 11.33 42.24 117.64
C ALA BF 49 11.70 42.82 119.00
N LYS BF 50 12.96 42.64 119.39
CA LYS BF 50 13.52 43.18 120.62
C LYS BF 50 12.71 42.74 121.84
N THR BF 51 12.25 41.48 121.81
CA THR BF 51 11.49 40.93 122.93
C THR BF 51 12.41 40.33 123.98
N ALA BF 52 12.95 39.14 123.70
CA ALA BF 52 13.83 38.46 124.63
C ALA BF 52 15.27 38.46 124.13
N TYR BF 53 16.07 37.51 124.61
CA TYR BF 53 17.47 37.39 124.19
C TYR BF 53 17.79 35.92 123.99
N ARG BF 54 19.02 35.67 123.53
CA ARG BF 54 19.48 34.31 123.27
C ARG BF 54 20.95 34.22 123.63
N VAL BF 55 21.29 33.30 124.54
CA VAL BF 55 22.66 33.08 124.98
C VAL BF 55 23.04 31.64 124.67
N ASN BF 56 24.21 31.47 124.06
CA ASN BF 56 24.72 30.14 123.71
C ASN BF 56 26.09 29.94 124.34
N LEU BF 57 26.26 28.80 124.99
CA LEU BF 57 27.52 28.46 125.66
C LEU BF 57 27.88 27.01 125.31
N LYS BF 58 29.00 26.83 124.63
CA LYS BF 58 29.48 25.52 124.25
C LYS BF 58 30.86 25.28 124.83
N LEU BF 59 31.11 24.05 125.27
CA LEU BF 59 32.39 23.67 125.86
C LEU BF 59 32.88 22.39 125.20
N ASP BF 60 34.05 22.47 124.56
CA ASP BF 60 34.62 21.34 123.84
C ASP BF 60 35.98 20.98 124.43
N GLN BF 61 36.30 19.69 124.36
CA GLN BF 61 37.60 19.19 124.85
C GLN BF 61 37.89 17.87 124.15
N ALA BF 62 38.91 17.87 123.29
CA ALA BF 62 39.30 16.68 122.54
C ALA BF 62 40.58 16.10 123.12
N ASP BF 63 40.56 14.81 123.41
CA ASP BF 63 41.74 14.13 123.94
C ASP BF 63 42.76 13.90 122.84
N VAL BF 64 44.03 13.87 123.25
CA VAL BF 64 45.15 13.69 122.32
C VAL BF 64 45.95 12.46 122.75
N VAL BF 65 46.67 11.88 121.81
CA VAL BF 65 47.52 10.73 122.05
C VAL BF 65 48.85 10.94 121.33
N ASP BF 66 49.89 10.32 121.85
CA ASP BF 66 51.24 10.46 121.31
C ASP BF 66 52.02 9.17 121.54
N CYS BF 67 52.86 8.83 120.56
CA CYS BF 67 53.67 7.62 120.64
C CYS BF 67 55.17 7.89 120.61
N SER BF 68 55.60 9.16 120.76
CA SER BF 68 57.02 9.47 120.71
C SER BF 68 57.77 8.92 121.92
N THR BF 69 57.06 8.48 122.97
CA THR BF 69 57.73 7.94 124.13
C THR BF 69 58.31 6.56 123.86
N SER BF 70 57.66 5.77 123.01
CA SER BF 70 58.13 4.43 122.70
C SER BF 70 58.38 4.27 121.20
N VAL BF 71 57.36 4.55 120.40
CA VAL BF 71 57.47 4.44 118.95
C VAL BF 71 58.36 5.58 118.44
N CYS BF 72 59.17 5.29 117.43
CA CYS BF 72 60.07 6.35 116.97
C CYS BF 72 59.47 7.11 115.80
N GLY BF 73 58.23 7.57 115.96
CA GLY BF 73 57.70 8.60 115.09
C GLY BF 73 56.19 8.65 115.01
N GLU BF 74 55.57 9.57 115.75
CA GLU BF 74 54.12 9.74 115.71
C GLU BF 74 53.79 11.10 116.30
N LEU BF 75 53.20 11.97 115.49
CA LEU BF 75 52.82 13.29 115.98
C LEU BF 75 51.60 13.19 116.89
N PRO BF 76 51.42 14.15 117.79
CA PRO BF 76 50.22 14.15 118.65
C PRO BF 76 48.96 14.20 117.82
N LYS BF 77 48.13 13.17 117.97
CA LYS BF 77 46.92 13.01 117.17
C LYS BF 77 45.70 13.04 118.07
N VAL BF 78 44.67 13.77 117.64
CA VAL BF 78 43.43 13.83 118.40
C VAL BF 78 42.66 12.52 118.26
N ARG BF 79 41.86 12.21 119.28
CA ARG BF 79 41.09 10.98 119.28
C ARG BF 79 39.63 11.33 119.10
N TYR BF 80 38.85 11.47 120.17
CA TYR BF 80 37.43 11.79 120.07
C TYR BF 80 37.20 13.26 120.38
N THR BF 81 35.97 13.71 120.13
CA THR BF 81 35.56 15.09 120.36
C THR BF 81 34.24 15.10 121.12
N GLN BF 82 34.15 15.95 122.15
CA GLN BF 82 32.95 16.07 122.96
C GLN BF 82 32.38 17.47 122.80
N VAL BF 83 31.07 17.55 122.62
CA VAL BF 83 30.36 18.81 122.43
C VAL BF 83 29.28 18.93 123.49
N TRP BF 84 29.30 20.03 124.24
CA TRP BF 84 28.32 20.31 125.29
C TRP BF 84 27.86 21.75 125.12
N SER BF 85 26.81 21.94 124.33
CA SER BF 85 26.27 23.27 124.06
C SER BF 85 25.14 23.59 125.05
N HIS BF 86 24.74 24.87 125.05
CA HIS BF 86 23.67 25.34 125.92
C HIS BF 86 22.77 26.27 125.12
N ASP BF 87 21.68 26.70 125.77
CA ASP BF 87 20.72 27.61 125.14
C ASP BF 87 19.95 28.31 126.25
N VAL BF 88 20.12 29.62 126.35
CA VAL BF 88 19.46 30.43 127.37
C VAL BF 88 18.51 31.39 126.68
N THR BF 89 17.22 31.26 126.96
CA THR BF 89 16.18 32.12 126.39
C THR BF 89 15.43 32.77 127.55
N ILE BF 90 15.99 33.86 128.08
CA ILE BF 90 15.42 34.59 129.20
C ILE BF 90 15.01 35.96 128.71
N VAL BF 91 13.75 36.34 128.95
CA VAL BF 91 13.26 37.64 128.53
C VAL BF 91 13.82 38.72 129.46
N ALA BF 92 13.87 39.96 128.95
CA ALA BF 92 14.40 41.06 129.72
C ALA BF 92 13.48 41.40 130.89
N ASN BF 93 12.22 41.73 130.60
CA ASN BF 93 11.25 42.08 131.62
C ASN BF 93 10.80 40.81 132.34
N SER BF 94 11.62 40.36 133.28
CA SER BF 94 11.33 39.16 134.06
C SER BF 94 11.30 39.47 135.54
N THR BF 95 11.93 38.63 136.35
CA THR BF 95 11.97 38.82 137.80
C THR BF 95 13.32 38.39 138.31
N GLU BF 96 13.97 39.26 139.09
CA GLU BF 96 15.29 38.95 139.64
C GLU BF 96 15.21 37.78 140.62
N ALA BF 97 14.18 37.76 141.46
CA ALA BF 97 14.03 36.66 142.41
C ALA BF 97 13.77 35.35 141.69
N SER BF 98 12.95 35.37 140.64
CA SER BF 98 12.69 34.15 139.88
C SER BF 98 13.95 33.67 139.16
N ARG BF 99 14.74 34.60 138.61
CA ARG BF 99 15.98 34.22 137.96
C ARG BF 99 16.97 33.63 138.96
N LYS BF 100 17.05 34.20 140.17
CA LYS BF 100 17.94 33.67 141.19
C LYS BF 100 17.49 32.28 141.63
N SER BF 101 16.18 32.08 141.79
CA SER BF 101 15.67 30.77 142.17
C SER BF 101 15.95 29.74 141.08
N LEU BF 102 15.79 30.13 139.82
CA LEU BF 102 16.07 29.21 138.72
C LEU BF 102 17.55 28.86 138.67
N TYR BF 103 18.43 29.85 138.89
CA TYR BF 103 19.86 29.57 138.90
C TYR BF 103 20.23 28.66 140.06
N ASP BF 104 19.62 28.85 141.22
CA ASP BF 104 19.89 27.97 142.36
C ASP BF 104 19.41 26.56 142.09
N LEU BF 105 18.24 26.42 141.47
CA LEU BF 105 17.74 25.09 141.13
C LEU BF 105 18.64 24.40 140.11
N THR BF 106 19.13 25.16 139.12
CA THR BF 106 20.05 24.58 138.14
C THR BF 106 21.36 24.15 138.80
N LYS BF 107 21.88 24.98 139.71
CA LYS BF 107 23.10 24.63 140.42
C LYS BF 107 22.91 23.38 141.27
N SER BF 108 21.76 23.27 141.94
CA SER BF 108 21.48 22.09 142.74
C SER BF 108 21.36 20.84 141.87
N LEU BF 109 20.68 20.94 140.73
CA LEU BF 109 20.55 19.81 139.83
C LEU BF 109 21.89 19.41 139.24
N VAL BF 110 22.80 20.37 139.03
CA VAL BF 110 24.12 20.04 138.52
C VAL BF 110 24.97 19.38 139.60
N ALA BF 111 24.90 19.88 140.83
CA ALA BF 111 25.72 19.36 141.92
C ALA BF 111 25.14 18.09 142.53
N THR BF 112 23.93 17.70 142.18
CA THR BF 112 23.35 16.48 142.72
C THR BF 112 24.10 15.25 142.19
N SER BF 113 23.90 14.12 142.88
CA SER BF 113 24.57 12.88 142.55
C SER BF 113 23.87 12.09 141.44
N GLN BF 114 22.65 12.47 141.07
CA GLN BF 114 21.92 11.77 140.03
C GLN BF 114 22.49 12.05 138.64
N VAL BF 115 22.80 13.31 138.34
CA VAL BF 115 23.37 13.64 137.04
C VAL BF 115 24.77 13.04 136.91
N GLU BF 116 25.53 12.99 138.01
CA GLU BF 116 26.85 12.36 137.96
C GLU BF 116 26.74 10.89 137.61
N ASP BF 117 25.78 10.18 138.21
CA ASP BF 117 25.58 8.77 137.87
C ASP BF 117 25.09 8.61 136.44
N LEU BF 118 24.19 9.49 135.99
CA LEU BF 118 23.73 9.45 134.61
C LEU BF 118 24.88 9.65 133.63
N VAL BF 119 25.85 10.48 133.99
CA VAL BF 119 26.99 10.73 133.10
C VAL BF 119 27.96 9.56 133.12
N VAL BF 120 28.28 9.06 134.32
CA VAL BF 120 29.28 8.01 134.46
C VAL BF 120 28.72 6.65 134.03
N ASN BF 121 27.78 6.13 134.81
CA ASN BF 121 27.25 4.78 134.58
C ASN BF 121 26.23 4.71 133.45
N LEU BF 122 25.91 5.84 132.81
CA LEU BF 122 24.96 5.89 131.71
C LEU BF 122 23.59 5.35 132.12
N VAL BF 123 23.24 5.47 133.39
CA VAL BF 123 21.96 5.00 133.90
C VAL BF 123 20.96 6.16 133.80
N PRO BF 124 19.75 5.93 133.28
CA PRO BF 124 18.78 7.02 133.16
C PRO BF 124 18.46 7.65 134.51
N LEU BF 125 18.24 8.96 134.50
CA LEU BF 125 17.98 9.71 135.73
C LEU BF 125 16.63 9.29 136.30
N GLY BF 126 16.65 8.77 137.52
CA GLY BF 126 15.42 8.34 138.18
C GLY BF 126 15.67 7.67 139.51
N ARG BF 127 16.04 8.45 140.52
CA ARG BF 127 16.29 7.92 141.85
C ARG BF 127 15.23 8.39 142.85
N SER CF 1 11.49 3.56 135.36
CA SER CF 1 11.89 2.48 134.47
C SER CF 1 11.50 1.11 135.04
N LYS CF 2 12.30 0.10 134.71
CA LYS CF 2 12.01 -1.27 135.10
C LYS CF 2 13.33 -1.97 135.39
N THR CF 3 13.48 -2.46 136.62
CA THR CF 3 14.72 -3.10 137.06
C THR CF 3 14.47 -4.60 137.26
N ILE CF 4 15.45 -5.40 136.86
CA ILE CF 4 15.41 -6.85 137.00
C ILE CF 4 16.67 -7.29 137.73
N VAL CF 5 16.50 -7.99 138.86
CA VAL CF 5 17.61 -8.45 139.68
C VAL CF 5 17.82 -9.94 139.42
N LEU CF 6 19.04 -10.30 139.05
CA LEU CF 6 19.41 -11.69 138.78
C LEU CF 6 20.50 -12.11 139.76
N SER CF 7 20.28 -13.24 140.42
CA SER CF 7 21.22 -13.77 141.41
C SER CF 7 22.07 -14.85 140.76
N VAL CF 8 23.38 -14.64 140.71
CA VAL CF 8 24.30 -15.62 140.13
C VAL CF 8 24.87 -16.57 141.16
N GLY CF 9 24.72 -16.27 142.45
CA GLY CF 9 25.25 -17.12 143.50
C GLY CF 9 25.96 -16.33 144.58
N GLU CF 10 26.83 -15.41 144.17
CA GLU CF 10 27.55 -14.54 145.09
C GLU CF 10 27.34 -13.07 144.85
N ALA CF 11 26.92 -12.66 143.65
CA ALA CF 11 26.66 -11.27 143.32
C ALA CF 11 25.29 -11.16 142.66
N THR CF 12 24.78 -9.94 142.59
CA THR CF 12 23.48 -9.64 142.01
C THR CF 12 23.66 -8.66 140.86
N ARG CF 13 23.15 -9.05 139.68
CA ARG CF 13 23.22 -8.20 138.51
C ARG CF 13 21.87 -7.50 138.29
N THR CF 14 21.94 -6.28 137.77
CA THR CF 14 20.76 -5.44 137.57
C THR CF 14 20.63 -5.10 136.10
N LEU CF 15 19.48 -5.42 135.52
CA LEU CF 15 19.14 -5.06 134.16
C LEU CF 15 18.08 -3.96 134.17
N THR CF 16 18.28 -2.95 133.32
CA THR CF 16 17.41 -1.78 133.29
C THR CF 16 16.71 -1.69 131.94
N GLU CF 17 15.43 -1.35 131.97
CA GLU CF 17 14.67 -1.14 130.74
C GLU CF 17 15.17 0.11 130.02
N ILE CF 18 15.42 -0.03 128.71
CA ILE CF 18 16.04 1.00 127.89
C ILE CF 18 15.10 1.49 126.80
N GLN CF 19 14.47 0.57 126.07
CA GLN CF 19 13.66 0.89 124.90
C GLN CF 19 12.25 0.33 125.13
N SER CF 20 11.45 1.07 125.89
CA SER CF 20 10.11 0.64 126.27
C SER CF 20 9.18 0.79 125.07
N THR CF 21 8.82 -0.33 124.45
CA THR CF 21 7.88 -0.37 123.35
C THR CF 21 7.10 -1.67 123.41
N ALA CF 22 5.88 -1.64 122.88
CA ALA CF 22 5.01 -2.81 122.96
C ALA CF 22 5.54 -3.97 122.15
N ASP CF 23 5.84 -3.74 120.87
CA ASP CF 23 6.27 -4.81 119.98
C ASP CF 23 7.74 -5.17 120.14
N ARG CF 24 8.50 -4.43 120.97
CA ARG CF 24 9.91 -4.72 121.16
C ARG CF 24 10.35 -4.10 122.48
N GLN CF 25 10.65 -4.95 123.46
CA GLN CF 25 11.16 -4.50 124.76
C GLN CF 25 12.64 -4.87 124.85
N ILE CF 26 13.48 -3.86 125.09
CA ILE CF 26 14.93 -4.03 125.11
C ILE CF 26 15.42 -3.73 126.53
N PHE CF 27 15.88 -4.76 127.22
CA PHE CF 27 16.48 -4.60 128.54
C PHE CF 27 18.00 -4.69 128.41
N GLU CF 28 18.69 -3.81 129.12
CA GLU CF 28 20.16 -3.75 129.07
C GLU CF 28 20.73 -3.73 130.48
N GLU CF 29 21.78 -4.54 130.68
CA GLU CF 29 22.42 -4.66 131.98
C GLU CF 29 23.35 -3.47 132.21
N LYS CF 30 23.26 -2.88 133.41
CA LYS CF 30 24.08 -1.73 133.79
C LYS CF 30 25.09 -2.18 134.84
N VAL CF 31 26.36 -2.30 134.43
CA VAL CF 31 27.43 -2.67 135.34
C VAL CF 31 28.60 -1.70 135.14
N GLY CF 32 29.05 -1.57 133.90
CA GLY CF 32 30.13 -0.68 133.57
C GLY CF 32 30.05 -0.17 132.15
N PRO CF 33 30.79 -0.79 131.24
CA PRO CF 33 30.73 -0.40 129.81
C PRO CF 33 29.40 -0.83 129.21
N LEU CF 34 28.64 0.14 128.69
CA LEU CF 34 27.34 -0.17 128.13
C LEU CF 34 27.46 -0.93 126.81
N VAL CF 35 28.48 -0.64 126.02
CA VAL CF 35 28.69 -1.34 124.75
C VAL CF 35 29.25 -2.73 125.04
N GLY CF 36 28.71 -3.73 124.34
CA GLY CF 36 29.15 -5.10 124.53
C GLY CF 36 28.81 -5.65 125.90
N ARG CF 37 27.53 -5.59 126.26
CA ARG CF 37 27.07 -6.08 127.56
C ARG CF 37 25.96 -7.11 127.40
N LEU CF 38 25.08 -7.20 128.39
CA LEU CF 38 23.97 -8.14 128.38
C LEU CF 38 22.71 -7.42 127.90
N ARG CF 39 22.09 -7.94 126.85
CA ARG CF 39 20.87 -7.37 126.30
C ARG CF 39 19.82 -8.46 126.15
N LEU CF 40 18.56 -8.05 126.27
CA LEU CF 40 17.43 -8.96 126.19
C LEU CF 40 16.32 -8.31 125.36
N THR CF 41 15.85 -9.04 124.35
CA THR CF 41 14.81 -8.57 123.45
C THR CF 41 13.57 -9.43 123.65
N ALA CF 42 12.45 -8.78 123.94
CA ALA CF 42 11.17 -9.46 124.16
C ALA CF 42 10.14 -8.93 123.16
N SER CF 43 9.33 -9.85 122.63
CA SER CF 43 8.30 -9.49 121.67
C SER CF 43 7.08 -10.38 121.89
N LEU CF 44 5.90 -9.77 121.74
CA LEU CF 44 4.63 -10.47 121.88
C LEU CF 44 3.71 -10.05 120.74
N ARG CF 45 3.03 -11.02 120.14
CA ARG CF 45 2.14 -10.73 119.02
C ARG CF 45 1.05 -11.79 118.95
N GLN CF 46 0.27 -11.75 117.88
CA GLN CF 46 -0.78 -12.72 117.60
C GLN CF 46 -0.38 -13.55 116.38
N ASN CF 47 -1.36 -14.21 115.79
CA ASN CF 47 -1.12 -15.06 114.62
C ASN CF 47 -2.43 -15.36 113.93
N GLY CF 48 -2.35 -15.61 112.63
CA GLY CF 48 -3.49 -16.05 111.84
C GLY CF 48 -4.73 -15.19 111.99
N ALA CF 49 -5.82 -15.79 112.48
CA ALA CF 49 -7.08 -15.10 112.68
C ALA CF 49 -7.46 -15.12 114.15
N LYS CF 50 -6.63 -14.47 114.98
CA LYS CF 50 -6.87 -14.33 116.42
C LYS CF 50 -7.03 -15.69 117.08
N THR CF 51 -6.24 -16.66 116.64
CA THR CF 51 -6.28 -18.01 117.22
C THR CF 51 -5.34 -18.10 118.42
N ALA CF 52 -4.03 -18.20 118.16
CA ALA CF 52 -3.04 -18.32 119.23
C ALA CF 52 -2.22 -17.05 119.36
N TYR CF 53 -1.03 -17.16 119.93
CA TYR CF 53 -0.15 -16.02 120.10
C TYR CF 53 1.28 -16.45 119.78
N ARG CF 54 2.20 -15.48 119.82
CA ARG CF 54 3.60 -15.74 119.52
C ARG CF 54 4.46 -14.86 120.42
N VAL CF 55 5.33 -15.49 121.19
CA VAL CF 55 6.24 -14.80 122.10
C VAL CF 55 7.67 -15.13 121.71
N ASN CF 56 8.50 -14.10 121.61
CA ASN CF 56 9.90 -14.25 121.25
C ASN CF 56 10.77 -13.63 122.32
N LEU CF 57 11.78 -14.38 122.77
CA LEU CF 57 12.70 -13.94 123.81
C LEU CF 57 14.12 -14.27 123.37
N LYS CF 58 14.94 -13.23 123.19
CA LYS CF 58 16.33 -13.39 122.78
C LYS CF 58 17.24 -12.76 123.83
N LEU CF 59 18.37 -13.41 124.09
CA LEU CF 59 19.34 -12.93 125.06
C LEU CF 59 20.73 -12.94 124.42
N ASP CF 60 21.35 -11.76 124.35
CA ASP CF 60 22.65 -11.62 123.73
C ASP CF 60 23.65 -11.06 124.73
N GLN CF 61 24.91 -11.46 124.56
CA GLN CF 61 26.00 -10.99 125.42
C GLN CF 61 27.30 -11.14 124.67
N ALA CF 62 27.93 -10.03 124.32
CA ALA CF 62 29.18 -10.02 123.57
C ALA CF 62 30.33 -9.63 124.50
N ASP CF 63 31.38 -10.45 124.51
CA ASP CF 63 32.54 -10.18 125.33
C ASP CF 63 33.39 -9.06 124.73
N VAL CF 64 34.07 -8.32 125.60
CA VAL CF 64 34.90 -7.20 125.19
C VAL CF 64 36.33 -7.44 125.68
N VAL CF 65 37.27 -6.78 125.01
CA VAL CF 65 38.68 -6.86 125.36
C VAL CF 65 39.28 -5.47 125.29
N ASP CF 66 40.34 -5.26 126.07
CA ASP CF 66 40.99 -3.95 126.15
C ASP CF 66 42.48 -4.16 126.43
N CYS CF 67 43.30 -3.28 125.84
CA CYS CF 67 44.75 -3.35 126.00
C CYS CF 67 45.33 -2.09 126.64
N SER CF 68 44.50 -1.20 127.19
CA SER CF 68 45.02 0.02 127.78
C SER CF 68 45.80 -0.24 129.07
N THR CF 69 45.71 -1.45 129.63
CA THR CF 69 46.44 -1.77 130.85
C THR CF 69 47.93 -1.94 130.58
N SER CF 70 48.29 -2.44 129.40
CA SER CF 70 49.70 -2.65 129.06
C SER CF 70 50.07 -1.89 127.79
N VAL CF 71 49.34 -2.12 126.71
CA VAL CF 71 49.60 -1.46 125.44
C VAL CF 71 49.17 0.00 125.55
N CYS CF 72 49.92 0.89 124.93
CA CYS CF 72 49.60 2.31 125.03
C CYS CF 72 48.70 2.77 123.90
N GLY CF 73 47.60 2.04 123.67
CA GLY CF 73 46.51 2.57 122.88
C GLY CF 73 45.66 1.52 122.20
N GLU CF 74 44.50 1.22 122.78
CA GLU CF 74 43.57 0.26 122.18
C GLU CF 74 42.21 0.47 122.84
N LEU CF 75 41.22 0.84 122.04
CA LEU CF 75 39.88 1.04 122.57
C LEU CF 75 39.23 -0.32 122.87
N PRO CF 76 38.26 -0.35 123.79
CA PRO CF 76 37.55 -1.61 124.07
C PRO CF 76 36.87 -2.15 122.82
N LYS CF 77 37.27 -3.35 122.42
CA LYS CF 77 36.80 -3.96 121.18
C LYS CF 77 36.04 -5.25 121.49
N VAL CF 78 34.90 -5.43 120.83
CA VAL CF 78 34.11 -6.63 121.02
C VAL CF 78 34.80 -7.81 120.33
N ARG CF 79 34.55 -9.02 120.85
CA ARG CF 79 35.16 -10.22 120.31
C ARG CF 79 34.08 -11.03 119.62
N TYR CF 80 33.45 -12.00 120.28
CA TYR CF 80 32.42 -12.83 119.68
C TYR CF 80 31.04 -12.37 120.14
N THR CF 81 30.02 -12.93 119.51
CA THR CF 81 28.63 -12.61 119.82
C THR CF 81 27.84 -13.91 119.95
N GLN CF 82 27.01 -14.00 120.99
CA GLN CF 82 26.20 -15.17 121.26
C GLN CF 82 24.72 -14.79 121.15
N VAL CF 83 23.95 -15.63 120.47
CA VAL CF 83 22.53 -15.41 120.25
C VAL CF 83 21.77 -16.62 120.78
N TRP CF 84 20.81 -16.36 121.66
CA TRP CF 84 19.96 -17.40 122.26
C TRP CF 84 18.52 -16.91 122.19
N SER CF 85 17.84 -17.23 121.10
CA SER CF 85 16.46 -16.83 120.89
C SER CF 85 15.51 -17.92 121.36
N HIS CF 86 14.22 -17.56 121.45
CA HIS CF 86 13.18 -18.48 121.88
C HIS CF 86 11.97 -18.31 120.98
N ASP CF 87 10.97 -19.16 121.19
CA ASP CF 87 9.73 -19.12 120.42
C ASP CF 87 8.65 -19.81 121.22
N VAL CF 88 7.64 -19.06 121.64
CA VAL CF 88 6.53 -19.57 122.43
C VAL CF 88 5.26 -19.46 121.61
N THR CF 89 4.64 -20.60 121.31
CA THR CF 89 3.39 -20.66 120.54
C THR CF 89 2.36 -21.39 121.40
N ILE CF 90 1.73 -20.64 122.30
CA ILE CF 90 0.71 -21.18 123.21
C ILE CF 90 -0.62 -20.55 122.86
N VAL CF 91 -1.63 -21.39 122.64
CA VAL CF 91 -2.96 -20.89 122.32
C VAL CF 91 -3.62 -20.33 123.57
N ALA CF 92 -4.59 -19.44 123.37
CA ALA CF 92 -5.27 -18.82 124.50
C ALA CF 92 -6.15 -19.82 125.23
N ASN CF 93 -7.09 -20.44 124.52
CA ASN CF 93 -7.99 -21.44 125.10
C ASN CF 93 -7.22 -22.74 125.31
N SER CF 94 -6.46 -22.78 126.41
CA SER CF 94 -5.68 -23.96 126.75
C SER CF 94 -6.06 -24.48 128.13
N THR CF 95 -5.07 -24.81 128.95
CA THR CF 95 -5.31 -25.33 130.29
C THR CF 95 -4.25 -24.79 131.23
N GLU CF 96 -4.68 -24.21 132.35
CA GLU CF 96 -3.73 -23.65 133.32
C GLU CF 96 -2.88 -24.74 133.94
N ALA CF 97 -3.48 -25.89 134.26
CA ALA CF 97 -2.71 -26.99 134.85
C ALA CF 97 -1.70 -27.54 133.84
N SER CF 98 -2.10 -27.66 132.57
CA SER CF 98 -1.17 -28.14 131.55
C SER CF 98 -0.04 -27.16 131.35
N ARG CF 99 -0.34 -25.86 131.35
CA ARG CF 99 0.72 -24.85 131.20
C ARG CF 99 1.68 -24.88 132.38
N LYS CF 100 1.15 -25.05 133.59
CA LYS CF 100 2.01 -25.13 134.77
C LYS CF 100 2.89 -26.38 134.73
N SER CF 101 2.32 -27.52 134.30
CA SER CF 101 3.12 -28.73 134.18
C SER CF 101 4.20 -28.58 133.12
N LEU CF 102 3.88 -27.93 132.00
CA LEU CF 102 4.88 -27.71 130.95
C LEU CF 102 5.98 -26.79 131.45
N TYR CF 103 5.62 -25.73 132.19
CA TYR CF 103 6.64 -24.83 132.74
C TYR CF 103 7.53 -25.55 133.74
N ASP CF 104 6.94 -26.41 134.58
CA ASP CF 104 7.73 -27.17 135.54
C ASP CF 104 8.67 -28.13 134.83
N LEU CF 105 8.20 -28.79 133.77
CA LEU CF 105 9.05 -29.70 133.01
C LEU CF 105 10.20 -28.94 132.34
N THR CF 106 9.91 -27.75 131.80
CA THR CF 106 10.96 -26.95 131.18
C THR CF 106 11.98 -26.49 132.23
N LYS CF 107 11.52 -26.09 133.41
CA LYS CF 107 12.43 -25.69 134.47
C LYS CF 107 13.30 -26.86 134.92
N SER CF 108 12.72 -28.05 135.02
CA SER CF 108 13.49 -29.22 135.41
C SER CF 108 14.53 -29.57 134.34
N LEU CF 109 14.15 -29.51 133.06
CA LEU CF 109 15.10 -29.79 131.99
C LEU CF 109 16.21 -28.75 131.94
N VAL CF 110 15.91 -27.50 132.30
CA VAL CF 110 16.94 -26.47 132.32
C VAL CF 110 17.89 -26.68 133.50
N ALA CF 111 17.34 -27.01 134.67
CA ALA CF 111 18.14 -27.16 135.88
C ALA CF 111 18.86 -28.52 135.94
N THR CF 112 18.53 -29.45 135.06
CA THR CF 112 19.20 -30.74 135.08
C THR CF 112 20.67 -30.60 134.69
N SER CF 113 21.44 -31.64 135.00
CA SER CF 113 22.88 -31.64 134.74
C SER CF 113 23.23 -32.07 133.32
N GLN CF 114 22.27 -32.60 132.57
CA GLN CF 114 22.54 -33.04 131.20
C GLN CF 114 22.71 -31.86 130.24
N VAL CF 115 21.85 -30.85 130.34
CA VAL CF 115 21.99 -29.68 129.48
C VAL CF 115 23.25 -28.91 129.81
N GLU CF 116 23.64 -28.87 131.09
CA GLU CF 116 24.88 -28.20 131.47
C GLU CF 116 26.08 -28.89 130.83
N ASP CF 117 26.10 -30.23 130.85
CA ASP CF 117 27.19 -30.95 130.19
C ASP CF 117 27.16 -30.76 128.69
N LEU CF 118 25.97 -30.77 128.09
CA LEU CF 118 25.85 -30.52 126.66
C LEU CF 118 26.38 -29.13 126.28
N VAL CF 119 26.19 -28.15 127.16
CA VAL CF 119 26.66 -26.79 126.88
C VAL CF 119 28.18 -26.70 127.07
N VAL CF 120 28.69 -27.25 128.17
CA VAL CF 120 30.10 -27.12 128.51
C VAL CF 120 30.94 -28.04 127.64
N ASN CF 121 30.82 -29.36 127.84
CA ASN CF 121 31.67 -30.33 127.17
C ASN CF 121 31.25 -30.62 125.75
N LEU CF 122 30.18 -29.98 125.26
CA LEU CF 122 29.69 -30.17 123.89
C LEU CF 122 29.37 -31.64 123.58
N VAL CF 123 28.99 -32.38 124.62
CA VAL CF 123 28.64 -33.80 124.46
C VAL CF 123 27.14 -33.88 124.19
N PRO CF 124 26.71 -34.65 123.18
CA PRO CF 124 25.27 -34.75 122.89
C PRO CF 124 24.49 -35.26 124.08
N LEU CF 125 23.27 -34.73 124.24
CA LEU CF 125 22.41 -35.08 125.36
C LEU CF 125 21.98 -36.53 125.25
N GLY CF 126 22.33 -37.33 126.25
CA GLY CF 126 21.98 -38.74 126.26
C GLY CF 126 22.59 -39.51 127.42
N ARG CF 127 22.05 -39.28 128.62
CA ARG CF 127 22.54 -39.95 129.82
C ARG CF 127 21.51 -40.93 130.36
N SER DF 1 -66.69 113.95 24.71
CA SER DF 1 -65.26 113.82 24.47
C SER DF 1 -64.46 114.73 25.41
N LYS DF 2 -63.30 115.18 24.94
CA LYS DF 2 -62.39 115.98 25.75
C LYS DF 2 -61.72 117.00 24.84
N THR DF 3 -61.91 118.28 25.17
CA THR DF 3 -61.37 119.38 24.37
C THR DF 3 -60.25 120.09 25.13
N ILE DF 4 -59.21 120.45 24.41
CA ILE DF 4 -58.06 121.17 24.96
C ILE DF 4 -57.86 122.43 24.13
N VAL DF 5 -57.86 123.58 24.80
CA VAL DF 5 -57.70 124.88 24.15
C VAL DF 5 -56.27 125.37 24.38
N LEU DF 6 -55.57 125.67 23.29
CA LEU DF 6 -54.21 126.18 23.35
C LEU DF 6 -54.15 127.57 22.73
N SER DF 7 -53.58 128.52 23.47
CA SER DF 7 -53.48 129.90 23.03
C SER DF 7 -52.09 130.14 22.46
N VAL DF 8 -52.03 130.49 21.17
CA VAL DF 8 -50.74 130.78 20.52
C VAL DF 8 -50.37 132.25 20.57
N GLY DF 9 -51.29 133.13 20.93
CA GLY DF 9 -51.02 134.55 20.97
C GLY DF 9 -52.12 135.37 20.34
N GLU DF 10 -52.54 134.98 19.14
CA GLU DF 10 -53.62 135.65 18.43
C GLU DF 10 -54.80 134.74 18.08
N ALA DF 11 -54.59 133.42 18.03
CA ALA DF 11 -55.64 132.48 17.72
C ALA DF 11 -55.63 131.36 18.77
N THR DF 12 -56.72 130.61 18.81
CA THR DF 12 -56.89 129.51 19.77
C THR DF 12 -57.10 128.22 19.00
N ARG DF 13 -56.27 127.22 19.29
CA ARG DF 13 -56.38 125.91 18.66
C ARG DF 13 -57.09 124.94 19.60
N THR DF 14 -57.83 124.01 19.01
CA THR DF 14 -58.65 123.06 19.76
C THR DF 14 -58.22 121.65 19.40
N LEU DF 15 -57.85 120.88 20.42
CA LEU DF 15 -57.51 119.47 20.26
C LEU DF 15 -58.62 118.62 20.87
N THR DF 16 -59.01 117.57 20.15
CA THR DF 16 -60.12 116.72 20.55
C THR DF 16 -59.64 115.31 20.83
N GLU DF 17 -60.17 114.70 21.89
CA GLU DF 17 -59.84 113.32 22.21
C GLU DF 17 -60.44 112.39 21.16
N ILE DF 18 -59.62 111.46 20.66
CA ILE DF 18 -59.98 110.58 19.54
C ILE DF 18 -60.00 109.11 19.97
N GLN DF 19 -58.95 108.66 20.67
CA GLN DF 19 -58.76 107.25 21.02
C GLN DF 19 -58.64 107.16 22.53
N SER DF 20 -59.79 107.18 23.20
CA SER DF 20 -59.84 107.16 24.67
C SER DF 20 -59.52 105.76 25.17
N THR DF 21 -58.32 105.59 25.71
CA THR DF 21 -57.88 104.33 26.30
C THR DF 21 -56.94 104.64 27.46
N ALA DF 22 -56.90 103.73 28.43
CA ALA DF 22 -56.11 103.96 29.63
C ALA DF 22 -54.61 103.99 29.32
N ASP DF 23 -54.11 102.94 28.67
CA ASP DF 23 -52.69 102.82 28.39
C ASP DF 23 -52.22 103.65 27.22
N ARG DF 24 -53.14 104.31 26.50
CA ARG DF 24 -52.75 105.12 25.35
C ARG DF 24 -53.88 106.13 25.08
N GLN DF 25 -53.61 107.40 25.32
CA GLN DF 25 -54.56 108.47 25.03
C GLN DF 25 -54.04 109.26 23.83
N ILE DF 26 -54.88 109.35 22.79
CA ILE DF 26 -54.50 109.99 21.53
C ILE DF 26 -55.38 111.21 21.34
N PHE DF 27 -54.79 112.39 21.42
CA PHE DF 27 -55.48 113.64 21.14
C PHE DF 27 -55.10 114.14 19.76
N GLU DF 28 -56.09 114.62 19.01
CA GLU DF 28 -55.87 115.10 17.65
C GLU DF 28 -56.49 116.48 17.47
N GLU DF 29 -55.75 117.37 16.83
CA GLU DF 29 -56.20 118.74 16.61
C GLU DF 29 -57.16 118.79 15.43
N LYS DF 30 -58.28 119.49 15.60
CA LYS DF 30 -59.31 119.63 14.58
C LYS DF 30 -59.29 121.06 14.07
N VAL DF 31 -58.78 121.25 12.86
CA VAL DF 31 -58.74 122.56 12.21
C VAL DF 31 -59.26 122.43 10.79
N GLY DF 32 -58.67 121.51 10.02
CA GLY DF 32 -59.07 121.28 8.66
C GLY DF 32 -58.79 119.85 8.22
N PRO DF 33 -57.68 119.65 7.51
CA PRO DF 33 -57.31 118.29 7.10
C PRO DF 33 -56.86 117.47 8.30
N LEU DF 34 -57.54 116.35 8.54
CA LEU DF 34 -57.21 115.52 9.70
C LEU DF 34 -55.88 114.80 9.51
N VAL DF 35 -55.56 114.40 8.28
CA VAL DF 35 -54.29 113.73 8.02
C VAL DF 35 -53.17 114.75 8.03
N GLY DF 36 -52.05 114.41 8.68
CA GLY DF 36 -50.92 115.30 8.77
C GLY DF 36 -51.21 116.53 9.61
N ARG DF 37 -51.65 116.32 10.85
CA ARG DF 37 -51.97 117.43 11.73
C ARG DF 37 -51.21 117.31 13.05
N LEU DF 38 -51.79 117.84 14.12
CA LEU DF 38 -51.16 117.81 15.45
C LEU DF 38 -51.74 116.64 16.24
N ARG DF 39 -50.87 115.75 16.71
CA ARG DF 39 -51.29 114.60 17.50
C ARG DF 39 -50.45 114.54 18.78
N LEU DF 40 -51.08 114.00 19.83
CA LEU DF 40 -50.46 113.89 21.14
C LEU DF 40 -50.77 112.52 21.73
N THR DF 41 -49.72 111.81 22.14
CA THR DF 41 -49.84 110.47 22.72
C THR DF 41 -49.42 110.53 24.18
N ALA DF 42 -50.31 110.09 25.07
CA ALA DF 42 -50.06 110.07 26.50
C ALA DF 42 -50.16 108.64 27.02
N SER DF 43 -49.25 108.28 27.92
CA SER DF 43 -49.25 106.95 28.50
C SER DF 43 -48.81 107.04 29.97
N LEU DF 44 -49.45 106.22 30.81
CA LEU DF 44 -49.13 106.16 32.23
C LEU DF 44 -49.07 104.69 32.65
N ARG DF 45 -48.06 104.34 33.44
CA ARG DF 45 -47.90 102.97 33.87
C ARG DF 45 -47.15 102.95 35.20
N GLN DF 46 -46.77 101.75 35.64
CA GLN DF 46 -45.99 101.53 36.84
C GLN DF 46 -44.59 101.02 36.45
N ASN DF 47 -43.89 100.44 37.42
CA ASN DF 47 -42.55 99.93 37.17
C ASN DF 47 -42.17 98.98 38.31
N GLY DF 48 -41.28 98.05 38.00
CA GLY DF 48 -40.71 97.14 38.98
C GLY DF 48 -41.70 96.44 39.87
N ALA DF 49 -41.63 96.70 41.17
CA ALA DF 49 -42.53 96.09 42.14
C ALA DF 49 -43.32 97.18 42.86
N LYS DF 50 -44.15 97.90 42.10
CA LYS DF 50 -45.04 98.93 42.63
C LYS DF 50 -44.25 100.00 43.38
N THR DF 51 -43.06 100.34 42.87
CA THR DF 51 -42.23 101.37 43.49
C THR DF 51 -42.60 102.76 42.96
N ALA DF 52 -42.17 103.08 41.75
CA ALA DF 52 -42.44 104.38 41.15
C ALA DF 52 -43.45 104.25 40.01
N TYR DF 53 -43.44 105.22 39.11
CA TYR DF 53 -44.35 105.23 37.97
C TYR DF 53 -43.58 105.67 36.73
N ARG DF 54 -44.26 105.63 35.59
CA ARG DF 54 -43.67 106.02 34.32
C ARG DF 54 -44.72 106.73 33.47
N VAL DF 55 -44.43 107.96 33.07
CA VAL DF 55 -45.33 108.76 32.24
C VAL DF 55 -44.60 109.11 30.95
N ASN DF 56 -45.29 108.90 29.82
CA ASN DF 56 -44.74 109.20 28.51
C ASN DF 56 -45.67 110.15 27.78
N LEU DF 57 -45.09 111.22 27.22
CA LEU DF 57 -45.84 112.23 26.49
C LEU DF 57 -45.10 112.54 25.20
N LYS DF 58 -45.74 112.27 24.07
CA LYS DF 58 -45.16 112.53 22.75
C LYS DF 58 -46.07 113.47 21.98
N LEU DF 59 -45.46 114.38 21.22
CA LEU DF 59 -46.21 115.35 20.42
C LEU DF 59 -45.65 115.34 19.01
N ASP DF 60 -46.49 115.02 18.03
CA ASP DF 60 -46.09 114.94 16.64
C ASP DF 60 -46.90 115.91 15.79
N GLN DF 61 -46.26 116.40 14.73
CA GLN DF 61 -46.92 117.32 13.81
C GLN DF 61 -46.18 117.26 12.48
N ALA DF 62 -46.85 116.74 11.46
CA ALA DF 62 -46.26 116.60 10.12
C ALA DF 62 -46.87 117.63 9.19
N ASP DF 63 -46.00 118.37 8.50
CA ASP DF 63 -46.47 119.38 7.55
C ASP DF 63 -46.96 118.72 6.27
N VAL DF 64 -47.92 119.40 5.62
CA VAL DF 64 -48.51 118.89 4.38
C VAL DF 64 -48.33 119.93 3.29
N VAL DF 65 -48.37 119.46 2.04
CA VAL DF 65 -48.24 120.31 0.87
C VAL DF 65 -49.29 119.89 -0.15
N ASP DF 66 -49.69 120.85 -0.99
CA ASP DF 66 -50.72 120.61 -1.99
C ASP DF 66 -50.44 121.48 -3.21
N CYS DF 67 -50.75 120.94 -4.39
CA CYS DF 67 -50.54 121.64 -5.64
C CYS DF 67 -51.82 121.87 -6.44
N SER DF 68 -52.99 121.63 -5.84
CA SER DF 68 -54.24 121.80 -6.57
C SER DF 68 -54.54 123.27 -6.88
N THR DF 69 -53.81 124.21 -6.25
CA THR DF 69 -54.04 125.62 -6.52
C THR DF 69 -53.51 126.03 -7.89
N SER DF 70 -52.43 125.40 -8.35
CA SER DF 70 -51.84 125.74 -9.63
C SER DF 70 -51.79 124.51 -10.54
N VAL DF 71 -51.16 123.44 -10.06
CA VAL DF 71 -51.02 122.21 -10.83
C VAL DF 71 -52.39 121.53 -10.89
N CYS DF 72 -52.71 120.92 -12.04
CA CYS DF 72 -54.01 120.30 -12.19
C CYS DF 72 -53.97 118.82 -11.79
N GLY DF 73 -53.42 118.53 -10.61
CA GLY DF 73 -53.66 117.24 -9.98
C GLY DF 73 -52.56 116.80 -9.03
N GLU DF 74 -52.80 116.97 -7.73
CA GLU DF 74 -51.85 116.54 -6.71
C GLU DF 74 -52.58 116.48 -5.38
N LEU DF 75 -52.66 115.29 -4.79
CA LEU DF 75 -53.30 115.13 -3.51
C LEU DF 75 -52.43 115.72 -2.39
N PRO DF 76 -53.03 116.12 -1.28
CA PRO DF 76 -52.23 116.61 -0.14
C PRO DF 76 -51.25 115.55 0.34
N LYS DF 77 -49.97 115.87 0.27
CA LYS DF 77 -48.90 114.93 0.61
C LYS DF 77 -48.10 115.45 1.79
N VAL DF 78 -47.80 114.55 2.72
CA VAL DF 78 -47.01 114.92 3.89
C VAL DF 78 -45.55 115.10 3.49
N ARG DF 79 -44.83 115.95 4.23
CA ARG DF 79 -43.44 116.24 3.94
C ARG DF 79 -42.59 115.59 5.02
N TYR DF 80 -42.21 116.31 6.07
CA TYR DF 80 -41.38 115.78 7.13
C TYR DF 80 -42.23 115.45 8.35
N THR DF 81 -41.60 114.77 9.32
CA THR DF 81 -42.26 114.37 10.56
C THR DF 81 -41.36 114.74 11.73
N GLN DF 82 -41.96 115.32 12.77
CA GLN DF 82 -41.24 115.72 13.96
C GLN DF 82 -41.75 114.93 15.16
N VAL DF 83 -40.82 114.42 15.97
CA VAL DF 83 -41.14 113.61 17.13
C VAL DF 83 -40.52 114.27 18.37
N TRP DF 84 -41.34 114.54 19.37
CA TRP DF 84 -40.90 115.15 20.63
C TRP DF 84 -41.52 114.35 21.77
N SER DF 85 -40.81 113.31 22.22
CA SER DF 85 -41.28 112.45 23.29
C SER DF 85 -40.76 112.94 24.65
N HIS DF 86 -41.33 112.38 25.71
CA HIS DF 86 -40.94 112.73 27.07
C HIS DF 86 -40.84 111.46 27.90
N ASP DF 87 -40.37 111.62 29.15
CA ASP DF 87 -40.23 110.50 30.05
C ASP DF 87 -40.24 111.05 31.48
N VAL DF 88 -41.26 110.70 32.25
CA VAL DF 88 -41.40 111.15 33.63
C VAL DF 88 -41.30 109.94 34.55
N THR DF 89 -40.28 109.94 35.41
CA THR DF 89 -40.06 108.87 36.38
C THR DF 89 -40.05 109.50 37.77
N ILE DF 90 -41.24 109.69 38.33
CA ILE DF 90 -41.41 110.28 39.65
C ILE DF 90 -42.00 109.23 40.58
N VAL DF 91 -41.34 109.01 41.72
CA VAL DF 91 -41.82 108.03 42.69
C VAL DF 91 -43.04 108.59 43.41
N ALA DF 92 -43.86 107.68 43.95
CA ALA DF 92 -45.07 108.10 44.65
C ALA DF 92 -44.74 108.80 45.96
N ASN DF 93 -44.01 108.12 46.84
CA ASN DF 93 -43.62 108.68 48.14
C ASN DF 93 -42.50 109.69 47.92
N SER DF 94 -42.89 110.89 47.51
CA SER DF 94 -41.93 111.97 47.27
C SER DF 94 -42.25 113.17 48.14
N THR DF 95 -42.22 114.37 47.54
CA THR DF 95 -42.51 115.61 48.26
C THR DF 95 -43.26 116.55 47.35
N GLU DF 96 -44.39 117.07 47.83
CA GLU DF 96 -45.20 117.99 47.02
C GLU DF 96 -44.44 119.28 46.75
N ALA DF 97 -43.75 119.82 47.77
CA ALA DF 97 -42.97 121.04 47.57
C ALA DF 97 -41.84 120.83 46.58
N SER DF 98 -41.15 119.68 46.67
CA SER DF 98 -40.08 119.39 45.74
C SER DF 98 -40.62 119.23 44.31
N ARG DF 99 -41.77 118.57 44.16
CA ARG DF 99 -42.36 118.42 42.84
C ARG DF 99 -42.78 119.76 42.27
N LYS DF 100 -43.34 120.64 43.10
CA LYS DF 100 -43.71 121.98 42.64
C LYS DF 100 -42.50 122.79 42.23
N SER DF 101 -41.41 122.70 43.01
CA SER DF 101 -40.19 123.42 42.66
C SER DF 101 -39.61 122.89 41.36
N LEU DF 102 -39.63 121.57 41.17
CA LEU DF 102 -39.12 120.99 39.92
C LEU DF 102 -39.97 121.43 38.73
N TYR DF 103 -41.29 121.46 38.90
CA TYR DF 103 -42.16 121.90 37.82
C TYR DF 103 -41.92 123.37 37.49
N ASP DF 104 -41.72 124.21 38.52
CA ASP DF 104 -41.43 125.62 38.27
C ASP DF 104 -40.10 125.79 37.56
N LEU DF 105 -39.08 125.01 37.95
CA LEU DF 105 -37.79 125.09 37.28
C LEU DF 105 -37.90 124.65 35.82
N THR DF 106 -38.67 123.59 35.56
CA THR DF 106 -38.86 123.14 34.18
C THR DF 106 -39.61 124.20 33.36
N LYS DF 107 -40.62 124.83 33.95
CA LYS DF 107 -41.35 125.88 33.25
C LYS DF 107 -40.44 127.06 32.95
N SER DF 108 -39.58 127.43 33.90
CA SER DF 108 -38.65 128.54 33.67
C SER DF 108 -37.65 128.19 32.57
N LEU DF 109 -37.12 126.97 32.58
CA LEU DF 109 -36.18 126.56 31.55
C LEU DF 109 -36.85 126.50 30.18
N VAL DF 110 -38.14 126.16 30.14
CA VAL DF 110 -38.84 126.14 28.86
C VAL DF 110 -39.11 127.55 28.36
N ALA DF 111 -39.52 128.45 29.25
CA ALA DF 111 -39.86 129.81 28.87
C ALA DF 111 -38.63 130.70 28.69
N THR DF 112 -37.44 130.24 29.07
CA THR DF 112 -36.25 131.06 28.89
C THR DF 112 -35.93 131.22 27.40
N SER DF 113 -35.08 132.21 27.12
CA SER DF 113 -34.71 132.53 25.75
C SER DF 113 -33.57 131.68 25.21
N GLN DF 114 -32.89 130.92 26.08
CA GLN DF 114 -31.78 130.07 25.64
C GLN DF 114 -32.26 128.85 24.86
N VAL DF 115 -33.31 128.18 25.34
CA VAL DF 115 -33.83 127.04 24.61
C VAL DF 115 -34.45 127.46 23.29
N GLU DF 116 -35.07 128.64 23.24
CA GLU DF 116 -35.61 129.15 21.98
C GLU DF 116 -34.51 129.36 20.96
N ASP DF 117 -33.38 129.93 21.38
CA ASP DF 117 -32.25 130.12 20.47
C ASP DF 117 -31.66 128.78 20.05
N LEU DF 118 -31.55 127.83 20.99
CA LEU DF 118 -31.06 126.50 20.66
C LEU DF 118 -31.95 125.81 19.64
N VAL DF 119 -33.27 126.06 19.71
CA VAL DF 119 -34.18 125.43 18.76
C VAL DF 119 -34.11 126.11 17.40
N VAL DF 120 -34.11 127.45 17.38
CA VAL DF 120 -34.15 128.20 16.13
C VAL DF 120 -32.79 128.19 15.46
N ASN DF 121 -31.81 128.87 16.05
CA ASN DF 121 -30.50 129.04 15.43
C ASN DF 121 -29.61 127.82 15.55
N LEU DF 122 -30.08 126.75 16.21
CA LEU DF 122 -29.30 125.52 16.37
C LEU DF 122 -27.97 125.76 17.06
N VAL DF 123 -27.91 126.78 17.92
CA VAL DF 123 -26.71 127.12 18.66
C VAL DF 123 -26.74 126.36 19.99
N PRO DF 124 -25.65 125.70 20.39
CA PRO DF 124 -25.67 124.95 21.65
C PRO DF 124 -25.97 125.86 22.84
N LEU DF 125 -26.69 125.30 23.81
CA LEU DF 125 -27.12 126.06 24.98
C LEU DF 125 -25.90 126.42 25.83
N GLY DF 126 -25.68 127.72 26.02
CA GLY DF 126 -24.55 128.18 26.81
C GLY DF 126 -24.39 129.68 26.80
N ARG DF 127 -25.28 130.38 27.50
CA ARG DF 127 -25.23 131.84 27.57
C ARG DF 127 -24.86 132.30 28.97
N SER EF 1 -23.15 136.26 22.95
CA SER EF 1 -22.40 135.64 21.88
C SER EF 1 -21.36 136.59 21.30
N LYS EF 2 -21.07 136.44 20.01
CA LYS EF 2 -20.04 137.21 19.34
C LYS EF 2 -20.49 137.49 17.91
N THR EF 3 -20.60 138.78 17.56
CA THR EF 3 -21.08 139.19 16.26
C THR EF 3 -19.94 139.82 15.46
N ILE EF 4 -19.90 139.50 14.17
CA ILE EF 4 -18.89 140.03 13.25
C ILE EF 4 -19.62 140.67 12.08
N VAL EF 5 -19.34 141.95 11.83
CA VAL EF 5 -19.97 142.69 10.75
C VAL EF 5 -19.00 142.82 9.59
N LEU EF 6 -19.43 142.39 8.41
CA LEU EF 6 -18.63 142.45 7.20
C LEU EF 6 -19.32 143.33 6.18
N SER EF 7 -18.58 144.30 5.63
CA SER EF 7 -19.10 145.25 4.66
C SER EF 7 -18.71 144.80 3.26
N VAL EF 8 -19.72 144.51 2.43
CA VAL EF 8 -19.46 144.08 1.05
C VAL EF 8 -19.46 145.24 0.07
N GLY EF 9 -19.93 146.41 0.48
CA GLY EF 9 -20.00 147.56 -0.40
C GLY EF 9 -21.33 148.29 -0.32
N GLU EF 10 -22.42 147.54 -0.40
CA GLU EF 10 -23.76 148.09 -0.29
C GLU EF 10 -24.59 147.51 0.84
N ALA EF 11 -24.25 146.31 1.32
CA ALA EF 11 -24.96 145.67 2.42
C ALA EF 11 -23.95 145.19 3.46
N THR EF 12 -24.46 144.89 4.65
CA THR EF 12 -23.64 144.43 5.76
C THR EF 12 -24.11 143.06 6.20
N ARG EF 13 -23.19 142.10 6.23
CA ARG EF 13 -23.48 140.74 6.65
C ARG EF 13 -23.04 140.54 8.10
N THR EF 14 -23.78 139.71 8.82
CA THR EF 14 -23.54 139.47 10.24
C THR EF 14 -23.27 137.99 10.47
N LEU EF 15 -22.13 137.68 11.06
CA LEU EF 15 -21.77 136.33 11.45
C LEU EF 15 -21.85 136.19 12.96
N THR EF 16 -22.45 135.09 13.42
CA THR EF 16 -22.68 134.87 14.84
C THR EF 16 -21.90 133.66 15.32
N GLU EF 17 -21.31 133.78 16.52
CA GLU EF 17 -20.61 132.65 17.12
C GLU EF 17 -21.61 131.56 17.52
N ILE EF 18 -21.30 130.33 17.13
CA ILE EF 18 -22.18 129.19 17.34
C ILE EF 18 -21.57 128.20 18.32
N GLN EF 19 -20.35 127.77 18.06
CA GLN EF 19 -19.69 126.68 18.78
C GLN EF 19 -18.45 127.25 19.48
N SER EF 20 -18.67 127.89 20.62
CA SER EF 20 -17.59 128.54 21.36
C SER EF 20 -16.75 127.49 22.07
N THR EF 21 -15.55 127.24 21.53
CA THR EF 21 -14.60 126.32 22.13
C THR EF 21 -13.19 126.84 21.85
N ALA EF 22 -12.26 126.49 22.74
CA ALA EF 22 -10.89 126.99 22.63
C ALA EF 22 -10.20 126.45 21.39
N ASP EF 23 -10.19 125.13 21.23
CA ASP EF 23 -9.46 124.50 20.13
C ASP EF 23 -10.23 124.55 18.80
N ARG EF 24 -11.46 125.04 18.81
CA ARG EF 24 -12.25 125.10 17.57
C ARG EF 24 -13.35 126.14 17.76
N GLN EF 25 -13.23 127.26 17.04
CA GLN EF 25 -14.24 128.31 17.05
C GLN EF 25 -14.98 128.29 15.72
N ILE EF 26 -16.31 128.13 15.78
CA ILE EF 26 -17.14 128.00 14.59
C ILE EF 26 -18.08 129.20 14.54
N PHE EF 27 -17.86 130.07 13.56
CA PHE EF 27 -18.74 131.21 13.31
C PHE EF 27 -19.63 130.90 12.11
N GLU EF 28 -20.91 131.25 12.23
CA GLU EF 28 -21.90 130.98 11.19
C GLU EF 28 -22.67 132.25 10.87
N GLU EF 29 -22.86 132.50 9.57
CA GLU EF 29 -23.57 133.70 9.11
C GLU EF 29 -25.07 133.47 9.22
N LYS EF 30 -25.78 134.47 9.77
CA LYS EF 30 -27.22 134.42 9.95
C LYS EF 30 -27.87 135.40 8.98
N VAL EF 31 -28.50 134.87 7.94
CA VAL EF 31 -29.20 135.68 6.95
C VAL EF 31 -30.59 135.08 6.71
N GLY EF 32 -30.62 133.79 6.37
CA GLY EF 32 -31.85 133.10 6.12
C GLY EF 32 -31.74 131.62 6.43
N PRO EF 33 -31.54 130.80 5.39
CA PRO EF 33 -31.35 129.36 5.59
C PRO EF 33 -30.01 129.08 6.25
N LEU EF 34 -30.05 128.43 7.41
CA LEU EF 34 -28.81 128.15 8.14
C LEU EF 34 -27.99 127.08 7.45
N VAL EF 35 -28.64 126.10 6.82
CA VAL EF 35 -27.91 125.05 6.11
C VAL EF 35 -27.39 125.61 4.80
N GLY EF 36 -26.14 125.28 4.47
CA GLY EF 36 -25.51 125.76 3.25
C GLY EF 36 -25.31 127.25 3.24
N ARG EF 37 -24.60 127.77 4.27
CA ARG EF 37 -24.34 129.19 4.37
C ARG EF 37 -22.85 129.46 4.51
N LEU EF 38 -22.50 130.56 5.18
CA LEU EF 38 -21.11 130.94 5.38
C LEU EF 38 -20.65 130.48 6.76
N ARG EF 39 -19.58 129.69 6.79
CA ARG EF 39 -19.03 129.19 8.04
C ARG EF 39 -17.53 129.47 8.09
N LEU EF 40 -17.03 129.66 9.30
CA LEU EF 40 -15.63 129.98 9.54
C LEU EF 40 -15.12 129.17 10.72
N THR EF 41 -14.02 128.45 10.52
CA THR EF 41 -13.40 127.61 11.55
C THR EF 41 -12.05 128.21 11.91
N ALA EF 42 -11.85 128.47 13.20
CA ALA EF 42 -10.61 129.04 13.71
C ALA EF 42 -10.02 128.09 14.75
N SER EF 43 -8.70 127.93 14.70
CA SER EF 43 -8.00 127.06 15.63
C SER EF 43 -6.64 127.66 15.98
N LEU EF 44 -6.25 127.54 17.25
CA LEU EF 44 -4.98 128.03 17.74
C LEU EF 44 -4.34 126.96 18.62
N ARG EF 45 -3.05 126.72 18.43
CA ARG EF 45 -2.35 125.71 19.21
C ARG EF 45 -0.87 126.08 19.31
N GLN EF 46 -0.08 125.14 19.83
CA GLN EF 46 1.36 125.27 19.96
C GLN EF 46 2.04 124.28 19.02
N ASN EF 47 3.31 124.02 19.26
CA ASN EF 47 4.08 123.09 18.42
C ASN EF 47 5.35 122.69 19.16
N GLY EF 48 5.84 121.50 18.83
CA GLY EF 48 7.12 121.02 19.33
C GLY EF 48 7.28 121.11 20.84
N ALA EF 49 8.27 121.88 21.27
CA ALA EF 49 8.55 122.06 22.70
C ALA EF 49 8.41 123.54 23.07
N LYS EF 50 7.17 124.04 22.96
CA LYS EF 50 6.81 125.41 23.32
C LYS EF 50 7.68 126.43 22.60
N THR EF 51 7.97 126.14 21.32
CA THR EF 51 8.77 127.05 20.50
C THR EF 51 7.88 128.10 19.84
N ALA EF 52 7.17 127.70 18.78
CA ALA EF 52 6.31 128.62 18.04
C ALA EF 52 4.84 128.28 18.29
N TYR EF 53 3.97 128.70 17.37
CA TYR EF 53 2.55 128.45 17.48
C TYR EF 53 2.01 128.05 16.11
N ARG EF 54 0.73 127.71 16.07
CA ARG EF 54 0.06 127.30 14.84
C ARG EF 54 -1.36 127.81 14.85
N VAL EF 55 -1.72 128.59 13.84
CA VAL EF 55 -3.06 129.14 13.69
C VAL EF 55 -3.64 128.66 12.37
N ASN EF 56 -4.89 128.18 12.44
CA ASN EF 56 -5.59 127.68 11.26
C ASN EF 56 -6.90 128.43 11.10
N LEU EF 57 -7.16 128.91 9.89
CA LEU EF 57 -8.37 129.66 9.58
C LEU EF 57 -8.95 129.13 8.26
N LYS EF 58 -10.16 128.57 8.33
CA LYS EF 58 -10.83 128.03 7.16
C LYS EF 58 -12.16 128.75 6.97
N LEU EF 59 -12.53 129.00 5.72
CA LEU EF 59 -13.77 129.68 5.39
C LEU EF 59 -14.48 128.88 4.32
N ASP EF 60 -15.70 128.41 4.62
CA ASP EF 60 -16.48 127.60 3.71
C ASP EF 60 -17.80 128.27 3.40
N GLN EF 61 -18.30 128.04 2.19
CA GLN EF 61 -19.59 128.59 1.76
C GLN EF 61 -20.11 127.73 0.62
N ALA EF 62 -21.21 127.02 0.88
CA ALA EF 62 -21.83 126.14 -0.11
C ALA EF 62 -23.10 126.77 -0.64
N ASP EF 63 -23.22 126.83 -1.96
CA ASP EF 63 -24.41 127.40 -2.59
C ASP EF 63 -25.57 126.40 -2.51
N VAL EF 64 -26.78 126.95 -2.46
CA VAL EF 64 -27.99 126.14 -2.37
C VAL EF 64 -28.90 126.48 -3.55
N VAL EF 65 -29.78 125.53 -3.87
CA VAL EF 65 -30.75 125.70 -4.96
C VAL EF 65 -32.10 125.19 -4.47
N ASP EF 66 -33.16 125.72 -5.06
CA ASP EF 66 -34.52 125.37 -4.68
C ASP EF 66 -35.43 125.48 -5.90
N CYS EF 67 -36.41 124.58 -5.97
CA CYS EF 67 -37.36 124.56 -7.08
C CYS EF 67 -38.81 124.75 -6.64
N SER EF 68 -39.04 125.16 -5.38
CA SER EF 68 -40.41 125.34 -4.92
C SER EF 68 -41.11 126.53 -5.58
N THR EF 69 -40.35 127.38 -6.27
CA THR EF 69 -40.97 128.53 -6.93
C THR EF 69 -41.75 128.11 -8.17
N SER EF 70 -41.29 127.07 -8.86
CA SER EF 70 -41.95 126.60 -10.07
C SER EF 70 -42.37 125.15 -9.94
N VAL EF 71 -41.42 124.27 -9.64
CA VAL EF 71 -41.68 122.85 -9.49
C VAL EF 71 -42.46 122.64 -8.18
N CYS EF 72 -43.41 121.71 -8.19
CA CYS EF 72 -44.20 121.53 -6.99
C CYS EF 72 -43.63 120.43 -6.10
N GLY EF 73 -42.33 120.52 -5.82
CA GLY EF 73 -41.76 119.77 -4.71
C GLY EF 73 -40.27 119.52 -4.82
N GLU EF 74 -39.47 120.30 -4.11
CA GLU EF 74 -38.03 120.12 -4.11
C GLU EF 74 -37.46 120.88 -2.91
N LEU EF 75 -36.85 120.16 -1.97
CA LEU EF 75 -36.26 120.79 -0.81
C LEU EF 75 -34.97 121.53 -1.20
N PRO EF 76 -34.59 122.55 -0.44
CA PRO EF 76 -33.31 123.24 -0.72
C PRO EF 76 -32.14 122.27 -0.67
N LYS EF 77 -31.44 122.16 -1.78
CA LYS EF 77 -30.35 121.20 -1.94
C LYS EF 77 -29.04 121.94 -2.20
N VAL EF 78 -27.98 121.52 -1.52
CA VAL EF 78 -26.67 122.13 -1.73
C VAL EF 78 -26.10 121.69 -3.06
N ARG EF 79 -25.25 122.54 -3.65
CA ARG EF 79 -24.65 122.25 -4.94
C ARG EF 79 -23.18 121.94 -4.72
N TYR EF 80 -22.27 122.91 -4.84
CA TYR EF 80 -20.85 122.71 -4.67
C TYR EF 80 -20.40 123.22 -3.31
N THR EF 81 -19.16 122.90 -2.97
CA THR EF 81 -18.56 123.30 -1.70
C THR EF 81 -17.18 123.88 -1.97
N GLN EF 82 -16.88 125.01 -1.34
CA GLN EF 82 -15.60 125.68 -1.48
C GLN EF 82 -14.87 125.69 -0.14
N VAL EF 83 -13.58 125.36 -0.18
CA VAL EF 83 -12.74 125.29 1.01
C VAL EF 83 -11.55 126.21 0.83
N TRP EF 84 -11.35 127.13 1.77
CA TRP EF 84 -10.25 128.08 1.76
C TRP EF 84 -9.63 128.10 3.14
N SER EF 85 -8.65 127.23 3.36
CA SER EF 85 -7.96 127.11 4.64
C SER EF 85 -6.71 127.99 4.67
N HIS EF 86 -6.16 128.15 5.86
CA HIS EF 86 -4.95 128.95 6.06
C HIS EF 86 -4.02 128.21 7.01
N ASP EF 87 -2.82 128.78 7.20
CA ASP EF 87 -1.83 128.19 8.09
C ASP EF 87 -0.87 129.30 8.50
N VAL EF 88 -0.86 129.63 9.79
CA VAL EF 88 0.00 130.68 10.32
C VAL EF 88 0.98 130.04 11.29
N THR EF 89 2.27 130.14 10.96
CA THR EF 89 3.35 129.60 11.79
C THR EF 89 4.30 130.74 12.15
N ILE EF 90 3.93 131.51 13.18
CA ILE EF 90 4.71 132.65 13.64
C ILE EF 90 5.24 132.34 15.03
N VAL EF 91 6.56 132.48 15.21
CA VAL EF 91 7.16 132.22 16.50
C VAL EF 91 6.84 133.36 17.46
N ALA EF 92 6.90 133.07 18.77
CA ALA EF 92 6.58 134.08 19.77
C ALA EF 92 7.66 135.17 19.80
N ASN EF 93 8.91 134.78 20.04
CA ASN EF 93 10.02 135.72 20.09
C ASN EF 93 10.37 136.17 18.67
N SER EF 94 9.60 137.12 18.17
CA SER EF 94 9.81 137.65 16.82
C SER EF 94 10.04 139.15 16.86
N THR EF 95 9.38 139.88 15.97
CA THR EF 95 9.52 141.33 15.91
C THR EF 95 8.18 141.94 15.54
N GLU EF 96 7.73 142.92 16.33
CA GLU EF 96 6.44 143.56 16.07
C GLU EF 96 6.48 144.32 14.75
N ALA EF 97 7.57 145.02 14.46
CA ALA EF 97 7.67 145.75 13.21
C ALA EF 97 7.69 144.81 12.02
N SER EF 98 8.40 143.68 12.13
CA SER EF 98 8.42 142.71 11.06
C SER EF 98 7.04 142.09 10.85
N ARG EF 99 6.33 141.80 11.94
CA ARG EF 99 4.98 141.24 11.81
C ARG EF 99 4.04 142.25 11.16
N LYS EF 100 4.15 143.52 11.54
CA LYS EF 100 3.31 144.55 10.93
C LYS EF 100 3.62 144.70 9.44
N SER EF 101 4.90 144.67 9.08
CA SER EF 101 5.27 144.77 7.67
C SER EF 101 4.76 143.58 6.88
N LEU EF 102 4.84 142.38 7.46
CA LEU EF 102 4.34 141.19 6.79
C LEU EF 102 2.82 141.25 6.62
N TYR EF 103 2.11 141.74 7.64
CA TYR EF 103 0.66 141.89 7.53
C TYR EF 103 0.29 142.91 6.47
N ASP EF 104 1.04 144.02 6.40
CA ASP EF 104 0.78 145.02 5.37
C ASP EF 104 1.04 144.47 3.98
N LEU EF 105 2.12 143.69 3.82
CA LEU EF 105 2.40 143.09 2.52
C LEU EF 105 1.32 142.09 2.12
N THR EF 106 0.84 141.30 3.08
CA THR EF 106 -0.24 140.36 2.79
C THR EF 106 -1.52 141.10 2.40
N LYS EF 107 -1.84 142.19 3.11
CA LYS EF 107 -3.02 142.96 2.77
C LYS EF 107 -2.91 143.58 1.39
N SER EF 108 -1.71 144.07 1.03
CA SER EF 108 -1.51 144.64 -0.30
C SER EF 108 -1.64 143.57 -1.38
N LEU EF 109 -1.07 142.39 -1.14
CA LEU EF 109 -1.18 141.31 -2.11
C LEU EF 109 -2.63 140.83 -2.26
N VAL EF 110 -3.40 140.89 -1.18
CA VAL EF 110 -4.80 140.49 -1.27
C VAL EF 110 -5.62 141.54 -2.02
N ALA EF 111 -5.36 142.82 -1.73
CA ALA EF 111 -6.12 143.91 -2.35
C ALA EF 111 -5.67 144.23 -3.77
N THR EF 112 -4.54 143.67 -4.22
CA THR EF 112 -4.08 143.94 -5.57
C THR EF 112 -5.03 143.32 -6.60
N SER EF 113 -4.90 143.78 -7.84
CA SER EF 113 -5.76 143.34 -8.93
C SER EF 113 -5.29 142.05 -9.58
N GLN EF 114 -4.06 141.60 -9.28
CA GLN EF 114 -3.54 140.37 -9.87
C GLN EF 114 -4.20 139.13 -9.30
N VAL EF 115 -4.39 139.08 -7.97
CA VAL EF 115 -5.04 137.93 -7.37
C VAL EF 115 -6.50 137.87 -7.77
N GLU EF 116 -7.15 139.02 -7.93
CA GLU EF 116 -8.54 139.04 -8.39
C GLU EF 116 -8.65 138.45 -9.79
N ASP EF 117 -7.73 138.80 -10.69
CA ASP EF 117 -7.75 138.23 -12.03
C ASP EF 117 -7.44 136.74 -11.99
N LEU EF 118 -6.48 136.33 -11.15
CA LEU EF 118 -6.17 134.92 -11.00
C LEU EF 118 -7.38 134.13 -10.51
N VAL EF 119 -8.19 134.73 -9.65
CA VAL EF 119 -9.37 134.04 -9.12
C VAL EF 119 -10.48 133.99 -10.16
N VAL EF 120 -10.74 135.12 -10.84
CA VAL EF 120 -11.85 135.21 -11.77
C VAL EF 120 -11.51 134.50 -13.09
N ASN EF 121 -10.57 135.06 -13.84
CA ASN EF 121 -10.25 134.56 -15.18
C ASN EF 121 -9.36 133.33 -15.15
N LEU EF 122 -8.97 132.84 -13.97
CA LEU EF 122 -8.13 131.64 -13.84
C LEU EF 122 -6.81 131.79 -14.59
N VAL EF 123 -6.32 133.02 -14.74
CA VAL EF 123 -5.06 133.30 -15.41
C VAL EF 123 -3.94 133.26 -14.38
N PRO EF 124 -2.83 132.57 -14.65
CA PRO EF 124 -1.75 132.50 -13.66
C PRO EF 124 -1.22 133.89 -13.32
N LEU EF 125 -0.83 134.07 -12.06
CA LEU EF 125 -0.35 135.35 -11.57
C LEU EF 125 0.98 135.68 -12.23
N GLY EF 126 1.03 136.80 -12.94
CA GLY EF 126 2.24 137.23 -13.62
C GLY EF 126 2.05 138.46 -14.47
N ARG EF 127 1.89 139.61 -13.84
CA ARG EF 127 1.70 140.86 -14.57
C ARG EF 127 2.90 141.79 -14.41
N SER FF 1 5.25 133.05 -18.15
CA SER FF 1 4.62 132.06 -19.01
C SER FF 1 4.89 132.36 -20.48
N LYS FF 2 3.94 131.98 -21.34
CA LYS FF 2 4.08 132.12 -22.78
C LYS FF 2 2.72 132.46 -23.37
N THR FF 3 2.63 133.60 -24.03
CA THR FF 3 1.39 134.09 -24.61
C THR FF 3 1.46 134.03 -26.13
N ILE FF 4 0.35 133.63 -26.74
CA ILE FF 4 0.22 133.55 -28.19
C ILE FF 4 -1.00 134.35 -28.61
N VAL FF 5 -0.81 135.31 -29.50
CA VAL FF 5 -1.87 136.19 -29.97
C VAL FF 5 -2.30 135.73 -31.36
N LEU FF 6 -3.59 135.47 -31.53
CA LEU FF 6 -4.16 135.04 -32.79
C LEU FF 6 -5.18 136.07 -33.26
N SER FF 7 -5.05 136.51 -34.51
CA SER FF 7 -5.93 137.52 -35.09
C SER FF 7 -6.98 136.81 -35.94
N VAL FF 8 -8.26 136.97 -35.57
CA VAL FF 8 -9.34 136.36 -36.32
C VAL FF 8 -9.92 137.30 -37.38
N GLY FF 9 -9.59 138.59 -37.33
CA GLY FF 9 -10.12 139.54 -38.27
C GLY FF 9 -10.60 140.82 -37.61
N GLU FF 10 -11.38 140.67 -36.54
CA GLU FF 10 -11.88 141.80 -35.77
C GLU FF 10 -11.50 141.77 -34.30
N ALA FF 11 -11.17 140.60 -33.76
CA ALA FF 11 -10.78 140.46 -32.36
C ALA FF 11 -9.48 139.66 -32.29
N THR FF 12 -8.83 139.72 -31.14
CA THR FF 12 -7.56 139.04 -30.90
C THR FF 12 -7.73 138.08 -29.73
N ARG FF 13 -7.42 136.82 -29.95
CA ARG FF 13 -7.49 135.79 -28.91
C ARG FF 13 -6.11 135.53 -28.34
N THR FF 14 -6.07 135.21 -27.05
CA THR FF 14 -4.82 135.01 -26.32
C THR FF 14 -4.80 133.59 -25.74
N LEU FF 15 -3.77 132.83 -26.09
CA LEU FF 15 -3.53 131.50 -25.55
C LEU FF 15 -2.36 131.55 -24.59
N THR FF 16 -2.51 130.91 -23.43
CA THR FF 16 -1.50 130.95 -22.38
C THR FF 16 -0.94 129.55 -22.14
N GLU FF 17 0.37 129.47 -21.95
CA GLU FF 17 1.01 128.20 -21.62
C GLU FF 17 0.60 127.76 -20.22
N ILE FF 18 0.20 126.48 -20.10
CA ILE FF 18 -0.37 125.92 -18.88
C ILE FF 18 0.49 124.80 -18.31
N GLN FF 19 0.93 123.87 -19.17
CA GLN FF 19 1.65 122.67 -18.75
C GLN FF 19 2.98 122.64 -19.48
N SER FF 20 3.96 123.39 -18.98
CA SER FF 20 5.26 123.52 -19.62
C SER FF 20 6.07 122.25 -19.37
N THR FF 21 6.20 121.43 -20.40
CA THR FF 21 7.01 120.22 -20.34
C THR FF 21 7.61 119.97 -21.72
N ALA FF 22 8.77 119.31 -21.74
CA ALA FF 22 9.49 119.10 -22.99
C ALA FF 22 8.72 118.18 -23.93
N ASP FF 23 8.33 117.00 -23.46
CA ASP FF 23 7.66 116.03 -24.31
C ASP FF 23 6.19 116.32 -24.52
N ARG FF 24 5.63 117.33 -23.85
CA ARG FF 24 4.21 117.66 -24.02
C ARG FF 24 4.01 119.11 -23.59
N GLN FF 25 3.70 119.98 -24.55
CA GLN FF 25 3.40 121.38 -24.28
C GLN FF 25 1.90 121.60 -24.49
N ILE FF 26 1.23 122.09 -23.46
CA ILE FF 26 -0.22 122.27 -23.46
C ILE FF 26 -0.51 123.77 -23.35
N PHE FF 27 -1.03 124.35 -24.42
CA PHE FF 27 -1.46 125.74 -24.43
C PHE FF 27 -2.98 125.80 -24.33
N GLU FF 28 -3.48 126.71 -23.51
CA GLU FF 28 -4.92 126.86 -23.28
C GLU FF 28 -5.32 128.31 -23.45
N GLU FF 29 -6.44 128.51 -24.15
CA GLU FF 29 -6.95 129.85 -24.42
C GLU FF 29 -7.68 130.38 -23.19
N LYS FF 30 -7.40 131.64 -22.84
CA LYS FF 30 -8.02 132.29 -21.68
C LYS FF 30 -8.96 133.37 -22.19
N VAL FF 31 -10.27 133.12 -22.09
CA VAL FF 31 -11.27 134.09 -22.49
C VAL FF 31 -12.32 134.19 -21.38
N GLY FF 32 -12.88 133.05 -20.99
CA GLY FF 32 -13.87 133.00 -19.95
C GLY FF 32 -13.87 131.67 -19.21
N PRO FF 33 -14.79 130.78 -19.58
CA PRO FF 33 -14.82 129.45 -18.97
C PRO FF 33 -13.63 128.62 -19.44
N LEU FF 34 -12.82 128.17 -18.49
CA LEU FF 34 -11.63 127.40 -18.84
C LEU FF 34 -11.99 126.01 -19.34
N VAL FF 35 -13.04 125.41 -18.80
CA VAL FF 35 -13.47 124.09 -19.26
C VAL FF 35 -14.17 124.21 -20.60
N GLY FF 36 -13.86 123.30 -21.53
CA GLY FF 36 -14.45 123.34 -22.84
C GLY FF 36 -14.03 124.55 -23.65
N ARG FF 37 -12.72 124.75 -23.80
CA ARG FF 37 -12.20 125.89 -24.55
C ARG FF 37 -11.25 125.43 -25.65
N LEU FF 38 -10.28 126.27 -26.00
CA LEU FF 38 -9.31 125.97 -27.05
C LEU FF 38 -8.03 125.46 -26.40
N ARG FF 39 -7.60 124.27 -26.80
CA ARG FF 39 -6.38 123.66 -26.28
C ARG FF 39 -5.50 123.21 -27.44
N LEU FF 40 -4.19 123.23 -27.20
CA LEU FF 40 -3.20 122.87 -28.20
C LEU FF 40 -2.12 122.02 -27.55
N THR FF 41 -1.86 120.86 -28.14
CA THR FF 41 -0.87 119.91 -27.64
C THR FF 41 0.28 119.82 -28.65
N ALA FF 42 1.49 120.07 -28.19
CA ALA FF 42 2.68 120.01 -29.03
C ALA FF 42 3.66 118.99 -28.47
N SER FF 43 4.28 118.22 -29.36
CA SER FF 43 5.24 117.21 -28.95
C SER FF 43 6.35 117.13 -29.98
N LEU FF 44 7.57 116.93 -29.50
CA LEU FF 44 8.75 116.80 -30.35
C LEU FF 44 9.59 115.64 -29.85
N ARG FF 45 10.07 114.80 -30.76
CA ARG FF 45 10.87 113.64 -30.38
C ARG FF 45 11.79 113.28 -31.53
N GLN FF 46 12.46 112.13 -31.40
CA GLN FF 46 13.34 111.57 -32.41
C GLN FF 46 12.71 110.29 -32.98
N ASN FF 47 13.53 109.48 -33.65
CA ASN FF 47 13.05 108.24 -34.24
C ASN FF 47 14.23 107.35 -34.55
N GLY FF 48 13.98 106.04 -34.57
CA GLY FF 48 14.97 105.06 -34.99
C GLY FF 48 16.32 105.17 -34.31
N ALA FF 49 17.35 105.44 -35.10
CA ALA FF 49 18.72 105.57 -34.60
C ALA FF 49 19.24 106.96 -34.92
N LYS FF 50 18.60 107.97 -34.33
CA LYS FF 50 19.01 109.37 -34.46
C LYS FF 50 19.06 109.80 -35.93
N THR FF 51 18.10 109.31 -36.72
CA THR FF 51 18.03 109.67 -38.14
C THR FF 51 17.22 110.95 -38.32
N ALA FF 52 15.89 110.85 -38.24
CA ALA FF 52 15.02 112.00 -38.43
C ALA FF 52 14.39 112.42 -37.11
N TYR FF 53 13.26 113.13 -37.19
CA TYR FF 53 12.55 113.58 -36.01
C TYR FF 53 11.06 113.38 -36.22
N ARG FF 54 10.29 113.68 -35.17
CA ARG FF 54 8.83 113.54 -35.21
C ARG FF 54 8.21 114.66 -34.42
N VAL FF 55 7.34 115.43 -35.07
CA VAL FF 55 6.64 116.53 -34.45
C VAL FF 55 5.13 116.28 -34.55
N ASN FF 56 4.45 116.46 -33.42
CA ASN FF 56 3.00 116.25 -33.37
C ASN FF 56 2.33 117.51 -32.85
N LEU FF 57 1.29 117.96 -33.55
CA LEU FF 57 0.56 119.17 -33.18
C LEU FF 57 -0.93 118.87 -33.27
N LYS FF 58 -1.63 118.95 -32.14
CA LYS FF 58 -3.06 118.70 -32.08
C LYS FF 58 -3.77 119.94 -31.54
N LEU FF 59 -4.94 120.24 -32.09
CA LEU FF 59 -5.73 121.40 -31.69
C LEU FF 59 -7.16 120.95 -31.43
N ASP FF 60 -7.63 121.13 -30.20
CA ASP FF 60 -8.97 120.70 -29.80
C ASP FF 60 -9.78 121.91 -29.32
N GLN FF 61 -11.09 121.84 -29.54
CA GLN FF 61 -11.99 122.89 -29.11
C GLN FF 61 -13.38 122.29 -28.99
N ALA FF 62 -13.90 122.20 -27.77
CA ALA FF 62 -15.21 121.64 -27.49
C ALA FF 62 -16.19 122.75 -27.15
N ASP FF 63 -17.33 122.76 -27.84
CA ASP FF 63 -18.36 123.76 -27.58
C ASP FF 63 -19.10 123.45 -26.29
N VAL FF 64 -19.59 124.51 -25.64
CA VAL FF 64 -20.31 124.39 -24.38
C VAL FF 64 -21.70 125.01 -24.54
N VAL FF 65 -22.62 124.57 -23.69
CA VAL FF 65 -23.98 125.08 -23.67
C VAL FF 65 -24.39 125.31 -22.22
N ASP FF 66 -25.33 126.24 -22.03
CA ASP FF 66 -25.80 126.61 -20.70
C ASP FF 66 -27.25 127.03 -20.78
N CYS FF 67 -28.01 126.70 -19.74
CA CYS FF 67 -29.43 127.03 -19.66
C CYS FF 67 -29.78 127.93 -18.48
N SER FF 68 -28.79 128.50 -17.79
CA SER FF 68 -29.08 129.34 -16.63
C SER FF 68 -29.74 130.66 -17.03
N THR FF 69 -29.74 131.00 -18.32
CA THR FF 69 -30.38 132.25 -18.76
C THR FF 69 -31.90 132.13 -18.70
N SER FF 70 -32.45 130.95 -18.96
CA SER FF 70 -33.89 130.76 -18.96
C SER FF 70 -34.30 129.69 -17.95
N VAL FF 71 -33.73 128.50 -18.08
CA VAL FF 71 -34.03 127.39 -17.19
C VAL FF 71 -33.40 127.67 -15.83
N CYS FF 72 -34.11 127.30 -14.76
CA CYS FF 72 -33.60 127.58 -13.42
C CYS FF 72 -32.76 126.43 -12.88
N GLY FF 73 -31.80 125.95 -13.68
CA GLY FF 73 -30.74 125.11 -13.15
C GLY FF 73 -30.12 124.18 -14.15
N GLU FF 74 -28.95 124.55 -14.67
CA GLU FF 74 -28.22 123.70 -15.61
C GLU FF 74 -26.78 124.21 -15.68
N LEU FF 75 -25.84 123.36 -15.28
CA LEU FF 75 -24.44 123.73 -15.33
C LEU FF 75 -23.94 123.74 -16.78
N PRO FF 76 -22.89 124.51 -17.07
CA PRO FF 76 -22.31 124.49 -18.43
C PRO FF 76 -21.85 123.10 -18.82
N LYS FF 77 -22.44 122.57 -19.88
CA LYS FF 77 -22.19 121.20 -20.32
C LYS FF 77 -21.58 121.22 -21.71
N VAL FF 78 -20.56 120.38 -21.91
CA VAL FF 78 -19.91 120.29 -23.21
C VAL FF 78 -20.81 119.52 -24.17
N ARG FF 79 -20.66 119.81 -25.46
CA ARG FF 79 -21.48 119.18 -26.49
C ARG FF 79 -20.59 118.23 -27.27
N TYR FF 80 -20.02 118.65 -28.40
CA TYR FF 80 -19.19 117.80 -29.23
C TYR FF 80 -17.72 118.15 -29.02
N THR FF 81 -16.84 117.30 -29.56
CA THR FF 81 -15.40 117.48 -29.46
C THR FF 81 -14.79 117.31 -30.84
N GLN FF 82 -13.87 118.21 -31.19
CA GLN FF 82 -13.18 118.19 -32.47
C GLN FF 82 -11.69 117.95 -32.24
N VAL FF 83 -11.12 117.06 -33.04
CA VAL FF 83 -9.70 116.69 -32.94
C VAL FF 83 -9.05 116.92 -34.29
N TRP FF 84 -7.98 117.72 -34.30
CA TRP FF 84 -7.22 118.02 -35.52
C TRP FF 84 -5.74 117.86 -35.19
N SER FF 85 -5.23 116.65 -35.39
CA SER FF 85 -3.83 116.33 -35.10
C SER FF 85 -2.98 116.51 -36.36
N HIS FF 86 -1.67 116.49 -36.16
CA HIS FF 86 -0.71 116.64 -37.25
C HIS FF 86 0.42 115.62 -37.06
N ASP FF 87 1.30 115.56 -38.05
CA ASP FF 87 2.45 114.66 -38.01
C ASP FF 87 3.52 115.20 -38.95
N VAL FF 88 4.65 115.61 -38.38
CA VAL FF 88 5.76 116.16 -39.15
C VAL FF 88 6.95 115.20 -39.03
N THR FF 89 7.37 114.66 -40.17
CA THR FF 89 8.51 113.73 -40.23
C THR FF 89 9.53 114.33 -41.21
N ILE FF 90 10.35 115.26 -40.70
CA ILE FF 90 11.37 115.93 -41.50
C ILE FF 90 12.74 115.52 -40.97
N VAL FF 91 13.60 115.04 -41.86
CA VAL FF 91 14.94 114.63 -41.46
C VAL FF 91 15.79 115.86 -41.20
N ALA FF 92 16.84 115.69 -40.39
CA ALA FF 92 17.72 116.80 -40.06
C ALA FF 92 18.53 117.25 -41.26
N ASN FF 93 19.30 116.33 -41.85
CA ASN FF 93 20.12 116.65 -43.02
C ASN FF 93 19.22 116.75 -44.25
N SER FF 94 18.59 117.90 -44.39
CA SER FF 94 17.69 118.15 -45.52
C SER FF 94 18.16 119.37 -46.31
N THR FF 95 17.22 120.25 -46.67
CA THR FF 95 17.53 121.46 -47.42
C THR FF 95 16.66 122.59 -46.94
N GLU FF 96 17.28 123.73 -46.62
CA GLU FF 96 16.52 124.87 -46.13
C GLU FF 96 15.60 125.43 -47.21
N ALA FF 97 16.09 125.50 -48.45
CA ALA FF 97 15.25 125.98 -49.54
C ALA FF 97 14.07 125.05 -49.79
N SER FF 98 14.31 123.74 -49.75
CA SER FF 98 13.23 122.78 -49.94
C SER FF 98 12.21 122.87 -48.81
N ARG FF 99 12.68 123.04 -47.57
CA ARG FF 99 11.75 123.19 -46.45
C ARG FF 99 10.93 124.46 -46.57
N LYS FF 100 11.57 125.56 -47.00
CA LYS FF 100 10.83 126.81 -47.19
C LYS FF 100 9.79 126.68 -48.31
N SER FF 101 10.15 126.01 -49.40
CA SER FF 101 9.20 125.80 -50.49
C SER FF 101 8.04 124.93 -50.04
N LEU FF 102 8.32 123.88 -49.25
CA LEU FF 102 7.26 123.03 -48.75
C LEU FF 102 6.33 123.79 -47.80
N TYR FF 103 6.91 124.64 -46.94
CA TYR FF 103 6.08 125.44 -46.04
C TYR FF 103 5.22 126.43 -46.81
N ASP FF 104 5.78 127.04 -47.87
CA ASP FF 104 5.00 127.96 -48.68
C ASP FF 104 3.87 127.24 -49.41
N LEU FF 105 4.14 126.03 -49.92
CA LEU FF 105 3.10 125.25 -50.58
C LEU FF 105 2.00 124.87 -49.60
N THR FF 106 2.37 124.48 -48.38
CA THR FF 106 1.38 124.14 -47.37
C THR FF 106 0.54 125.36 -47.00
N LYS FF 107 1.18 126.53 -46.85
CA LYS FF 107 0.45 127.74 -46.54
C LYS FF 107 -0.52 128.11 -47.66
N SER FF 108 -0.08 127.95 -48.91
CA SER FF 108 -0.97 128.25 -50.04
C SER FF 108 -2.14 127.28 -50.09
N LEU FF 109 -1.90 125.99 -49.85
CA LEU FF 109 -2.98 125.01 -49.84
C LEU FF 109 -3.95 125.26 -48.69
N VAL FF 110 -3.46 125.77 -47.57
CA VAL FF 110 -4.33 126.08 -46.45
C VAL FF 110 -5.16 127.33 -46.75
N ALA FF 111 -4.54 128.35 -47.32
CA ALA FF 111 -5.23 129.61 -47.59
C ALA FF 111 -6.09 129.56 -48.85
N THR FF 112 -5.99 128.51 -49.66
CA THR FF 112 -6.82 128.41 -50.84
C THR FF 112 -8.29 128.23 -50.48
N SER FF 113 -9.15 128.48 -51.46
CA SER FF 113 -10.60 128.40 -51.27
C SER FF 113 -11.15 126.99 -51.40
N GLN FF 114 -10.36 126.05 -51.90
CA GLN FF 114 -10.82 124.68 -52.07
C GLN FF 114 -10.95 123.94 -50.74
N VAL FF 115 -9.95 124.09 -49.85
CA VAL FF 115 -10.03 123.44 -48.55
C VAL FF 115 -11.14 124.06 -47.71
N GLU FF 116 -11.38 125.36 -47.85
CA GLU FF 116 -12.47 125.98 -47.12
C GLU FF 116 -13.82 125.41 -47.55
N ASP FF 117 -14.01 125.21 -48.86
CA ASP FF 117 -15.24 124.61 -49.35
C ASP FF 117 -15.35 123.16 -48.90
N LEU FF 118 -14.24 122.42 -48.94
CA LEU FF 118 -14.24 121.03 -48.45
C LEU FF 118 -14.62 120.96 -46.98
N VAL FF 119 -14.22 121.95 -46.18
CA VAL FF 119 -14.54 121.94 -44.77
C VAL FF 119 -16.00 122.33 -44.54
N VAL FF 120 -16.46 123.38 -45.21
CA VAL FF 120 -17.80 123.92 -44.98
C VAL FF 120 -18.84 123.02 -45.65
N ASN FF 121 -18.87 123.01 -46.98
CA ASN FF 121 -19.90 122.31 -47.73
C ASN FF 121 -19.68 120.81 -47.80
N LEU FF 122 -18.59 120.29 -47.23
CA LEU FF 122 -18.29 118.87 -47.23
C LEU FF 122 -18.19 118.30 -48.64
N VAL FF 123 -17.80 119.15 -49.60
CA VAL FF 123 -17.65 118.72 -51.00
C VAL FF 123 -16.21 118.25 -51.20
N PRO FF 124 -16.00 117.10 -51.82
CA PRO FF 124 -14.62 116.61 -52.02
C PRO FF 124 -13.78 117.60 -52.81
N LEU FF 125 -12.50 117.68 -52.46
CA LEU FF 125 -11.58 118.62 -53.09
C LEU FF 125 -11.36 118.22 -54.54
N GLY FF 126 -11.70 119.13 -55.45
CA GLY FF 126 -11.54 118.87 -56.87
C GLY FF 126 -12.10 119.97 -57.76
N ARG FF 127 -11.42 121.11 -57.79
CA ARG FF 127 -11.87 122.24 -58.60
C ARG FF 127 -10.91 122.49 -59.77
N SER GF 1 -18.02 124.11 -60.15
CA SER GF 1 -19.02 123.08 -59.88
C SER GF 1 -20.19 123.17 -60.86
N LYS GF 2 -21.37 122.79 -60.39
CA LYS GF 2 -22.56 122.73 -61.24
C LYS GF 2 -23.76 123.12 -60.40
N THR GF 3 -24.45 124.19 -60.80
CA THR GF 3 -25.59 124.72 -60.07
C THR GF 3 -26.88 124.47 -60.85
N ILE GF 4 -27.93 124.10 -60.14
CA ILE GF 4 -29.25 123.86 -60.71
C ILE GF 4 -30.25 124.71 -59.97
N VAL GF 5 -31.00 125.55 -60.71
CA VAL GF 5 -31.98 126.45 -60.14
C VAL GF 5 -33.37 125.87 -60.38
N LEU GF 6 -34.14 125.72 -59.30
CA LEU GF 6 -35.49 125.19 -59.37
C LEU GF 6 -36.45 126.24 -58.85
N SER GF 7 -37.50 126.53 -59.63
CA SER GF 7 -38.50 127.53 -59.29
C SER GF 7 -39.72 126.83 -58.70
N VAL GF 8 -40.04 127.14 -57.44
CA VAL GF 8 -41.20 126.55 -56.79
C VAL GF 8 -42.45 127.41 -56.92
N GLY GF 9 -42.32 128.66 -57.36
CA GLY GF 9 -43.45 129.55 -57.48
C GLY GF 9 -43.18 130.92 -56.93
N GLU GF 10 -42.64 130.98 -55.72
CA GLU GF 10 -42.29 132.24 -55.08
C GLU GF 10 -40.82 132.34 -54.69
N ALA GF 11 -40.12 131.23 -54.55
CA ALA GF 11 -38.70 131.21 -54.20
C ALA GF 11 -37.96 130.31 -55.17
N THR GF 12 -36.63 130.45 -55.19
CA THR GF 12 -35.76 129.69 -56.07
C THR GF 12 -34.77 128.90 -55.22
N ARG GF 13 -34.74 127.58 -55.42
CA ARG GF 13 -33.82 126.71 -54.72
C ARG GF 13 -32.62 126.38 -55.60
N THR GF 14 -31.46 126.22 -54.96
CA THR GF 14 -30.20 125.99 -55.67
C THR GF 14 -29.61 124.66 -55.22
N LEU GF 15 -29.36 123.77 -56.16
CA LEU GF 15 -28.69 122.50 -55.91
C LEU GF 15 -27.27 122.55 -56.48
N THR GF 16 -26.32 122.08 -55.70
CA THR GF 16 -24.91 122.14 -56.06
C THR GF 16 -24.34 120.74 -56.23
N GLU GF 17 -23.52 120.56 -57.26
CA GLU GF 17 -22.85 119.29 -57.48
C GLU GF 17 -21.81 119.05 -56.38
N ILE GF 18 -21.86 117.86 -55.80
CA ILE GF 18 -21.00 117.50 -54.68
C ILE GF 18 -20.01 116.41 -55.07
N GLN GF 19 -20.51 115.31 -55.63
CA GLN GF 19 -19.72 114.10 -55.87
C GLN GF 19 -19.70 113.86 -57.38
N SER GF 20 -18.82 114.58 -58.07
CA SER GF 20 -18.73 114.50 -59.54
C SER GF 20 -18.04 113.21 -59.93
N THR GF 21 -18.83 112.25 -60.44
CA THR GF 21 -18.30 110.99 -60.93
C THR GF 21 -19.19 110.53 -62.09
N ALA GF 22 -18.59 109.76 -63.00
CA ALA GF 22 -19.30 109.34 -64.20
C ALA GF 22 -20.45 108.39 -63.86
N ASP GF 23 -20.17 107.32 -63.13
CA ASP GF 23 -21.16 106.31 -62.83
C ASP GF 23 -22.10 106.71 -61.70
N ARG GF 24 -21.87 107.85 -61.04
CA ARG GF 24 -22.72 108.29 -59.93
C ARG GF 24 -22.53 109.79 -59.75
N GLN GF 25 -23.57 110.55 -60.07
CA GLN GF 25 -23.58 112.00 -59.88
C GLN GF 25 -24.51 112.33 -58.71
N ILE GF 26 -23.97 113.01 -57.71
CA ILE GF 26 -24.70 113.32 -56.49
C ILE GF 26 -24.84 114.83 -56.38
N PHE GF 27 -26.06 115.33 -56.54
CA PHE GF 27 -26.37 116.74 -56.36
C PHE GF 27 -27.03 116.95 -55.01
N GLU GF 28 -26.61 118.02 -54.31
CA GLU GF 28 -27.13 118.31 -52.98
C GLU GF 28 -27.57 119.77 -52.90
N GLU GF 29 -28.74 119.99 -52.31
CA GLU GF 29 -29.30 121.33 -52.18
C GLU GF 29 -28.64 122.07 -51.03
N LYS GF 30 -28.26 123.31 -51.28
CA LYS GF 30 -27.60 124.16 -50.28
C LYS GF 30 -28.57 125.26 -49.86
N VAL GF 31 -29.11 125.14 -48.65
CA VAL GF 31 -30.01 126.14 -48.11
C VAL GF 31 -29.58 126.47 -46.68
N GLY GF 32 -29.45 125.44 -45.85
CA GLY GF 32 -29.03 125.62 -44.48
C GLY GF 32 -28.32 124.39 -43.94
N PRO GF 33 -29.04 123.55 -43.21
CA PRO GF 33 -28.44 122.30 -42.69
C PRO GF 33 -28.22 121.32 -43.83
N LEU GF 34 -26.96 120.91 -44.01
CA LEU GF 34 -26.63 120.00 -45.09
C LEU GF 34 -27.17 118.59 -44.83
N VAL GF 35 -27.19 118.16 -43.58
CA VAL GF 35 -27.72 116.84 -43.25
C VAL GF 35 -29.23 116.88 -43.31
N GLY GF 36 -29.82 115.84 -43.90
CA GLY GF 36 -31.27 115.77 -44.04
C GLY GF 36 -31.83 116.83 -44.95
N ARG GF 37 -31.32 116.88 -46.19
CA ARG GF 37 -31.79 117.87 -47.16
C ARG GF 37 -32.24 117.20 -48.44
N LEU GF 38 -32.12 117.91 -49.57
CA LEU GF 38 -32.53 117.39 -50.87
C LEU GF 38 -31.30 116.85 -51.60
N ARG GF 39 -31.37 115.58 -51.99
CA ARG GF 39 -30.28 114.94 -52.71
C ARG GF 39 -30.81 114.27 -53.97
N LEU GF 40 -29.97 114.20 -54.99
CA LEU GF 40 -30.33 113.63 -56.28
C LEU GF 40 -29.18 112.76 -56.78
N THR GF 41 -29.49 111.52 -57.12
CA THR GF 41 -28.51 110.56 -57.62
C THR GF 41 -28.82 110.23 -59.07
N ALA GF 42 -27.83 110.43 -59.94
CA ALA GF 42 -27.97 110.16 -61.36
C ALA GF 42 -26.93 109.12 -61.79
N SER GF 43 -27.36 108.20 -62.65
CA SER GF 43 -26.47 107.15 -63.14
C SER GF 43 -26.82 106.84 -64.59
N LEU GF 44 -25.78 106.60 -65.39
CA LEU GF 44 -25.92 106.24 -66.80
C LEU GF 44 -25.00 105.08 -67.12
N ARG GF 45 -25.51 104.11 -67.86
CA ARG GF 45 -24.72 102.94 -68.20
C ARG GF 45 -25.23 102.35 -69.52
N GLN GF 46 -24.73 101.17 -69.86
CA GLN GF 46 -25.13 100.41 -71.04
C GLN GF 46 -25.87 99.15 -70.59
N ASN GF 47 -25.98 98.18 -71.49
CA ASN GF 47 -26.67 96.93 -71.20
C ASN GF 47 -26.30 95.90 -72.26
N GLY GF 48 -26.37 94.64 -71.86
CA GLY GF 48 -26.18 93.52 -72.77
C GLY GF 48 -24.93 93.60 -73.63
N ALA GF 49 -25.13 93.65 -74.94
CA ALA GF 49 -24.02 93.73 -75.90
C ALA GF 49 -24.12 95.01 -76.70
N LYS GF 50 -23.99 96.15 -76.00
CA LYS GF 50 -23.98 97.47 -76.62
C LYS GF 50 -25.25 97.72 -77.43
N THR GF 51 -26.38 97.23 -76.91
CA THR GF 51 -27.67 97.42 -77.58
C THR GF 51 -28.31 98.73 -77.16
N ALA GF 52 -28.88 98.77 -75.95
CA ALA GF 52 -29.54 99.96 -75.46
C ALA GF 52 -28.75 100.59 -74.34
N TYR GF 53 -29.40 101.39 -73.49
CA TYR GF 53 -28.76 102.05 -72.37
C TYR GF 53 -29.66 101.96 -71.15
N ARG GF 54 -29.16 102.45 -70.03
CA ARG GF 54 -29.90 102.44 -68.77
C ARG GF 54 -29.59 103.71 -67.99
N VAL GF 55 -30.64 104.47 -67.67
CA VAL GF 55 -30.50 105.71 -66.91
C VAL GF 55 -31.32 105.58 -65.63
N ASN GF 56 -30.69 105.95 -64.51
CA ASN GF 56 -31.34 105.88 -63.21
C ASN GF 56 -31.30 107.26 -62.56
N LEU GF 57 -32.45 107.71 -62.06
CA LEU GF 57 -32.57 109.02 -61.41
C LEU GF 57 -33.36 108.84 -60.13
N LYS GF 58 -32.73 109.13 -59.00
CA LYS GF 58 -33.38 109.03 -57.70
C LYS GF 58 -33.33 110.38 -57.00
N LEU GF 59 -34.40 110.71 -56.29
CA LEU GF 59 -34.51 111.99 -55.57
C LEU GF 59 -34.97 111.70 -54.15
N ASP GF 60 -34.14 112.07 -53.17
CA ASP GF 60 -34.44 111.83 -51.77
C ASP GF 60 -34.49 113.14 -51.01
N GLN GF 61 -35.32 113.17 -49.97
CA GLN GF 61 -35.46 114.35 -49.12
C GLN GF 61 -36.02 113.91 -47.78
N ALA GF 62 -35.20 114.01 -46.74
CA ALA GF 62 -35.58 113.60 -45.39
C ALA GF 62 -35.83 114.84 -44.53
N ASP GF 63 -36.99 114.87 -43.88
CA ASP GF 63 -37.34 115.99 -43.01
C ASP GF 63 -36.57 115.90 -41.69
N VAL GF 64 -36.31 117.07 -41.11
CA VAL GF 64 -35.56 117.16 -39.86
C VAL GF 64 -36.42 117.89 -38.83
N VAL GF 65 -36.11 117.64 -37.55
CA VAL GF 65 -36.80 118.28 -36.44
C VAL GF 65 -35.76 118.71 -35.41
N ASP GF 66 -36.11 119.74 -34.64
CA ASP GF 66 -35.21 120.31 -33.65
C ASP GF 66 -36.02 120.86 -32.49
N CYS GF 67 -35.47 120.72 -31.28
CA CYS GF 67 -36.13 121.19 -30.07
C CYS GF 67 -35.34 122.25 -29.32
N SER GF 68 -34.28 122.80 -29.92
CA SER GF 68 -33.47 123.80 -29.23
C SER GF 68 -34.22 125.11 -29.03
N THR GF 69 -35.36 125.30 -29.70
CA THR GF 69 -36.11 126.53 -29.53
C THR GF 69 -36.82 126.58 -28.19
N SER GF 70 -37.25 125.42 -27.66
CA SER GF 70 -37.95 125.38 -26.39
C SER GF 70 -37.21 124.47 -25.41
N VAL GF 71 -36.97 123.23 -25.80
CA VAL GF 71 -36.28 122.26 -24.95
C VAL GF 71 -34.81 122.65 -24.86
N CYS GF 72 -34.20 122.50 -23.68
CA CYS GF 72 -32.80 122.89 -23.58
C CYS GF 72 -31.87 121.73 -23.84
N GLY GF 73 -32.06 121.06 -24.97
CA GLY GF 73 -31.02 120.20 -25.51
C GLY GF 73 -31.52 119.09 -26.41
N GLU GF 74 -31.42 119.29 -27.73
CA GLU GF 74 -31.82 118.27 -28.70
C GLU GF 74 -31.20 118.62 -30.04
N LEU GF 75 -30.34 117.75 -30.54
CA LEU GF 75 -29.72 117.98 -31.83
C LEU GF 75 -30.72 117.76 -32.95
N PRO GF 76 -30.50 118.40 -34.11
CA PRO GF 76 -31.40 118.17 -35.26
C PRO GF 76 -31.42 116.70 -35.65
N LYS GF 77 -32.60 116.10 -35.58
CA LYS GF 77 -32.78 114.68 -35.83
C LYS GF 77 -33.69 114.46 -37.03
N VAL GF 78 -33.30 113.52 -37.90
CA VAL GF 78 -34.11 113.22 -39.07
C VAL GF 78 -35.34 112.43 -38.65
N ARG GF 79 -36.41 112.55 -39.44
CA ARG GF 79 -37.65 111.87 -39.14
C ARG GF 79 -37.84 110.76 -40.16
N TYR GF 80 -38.57 110.98 -41.24
CA TYR GF 80 -38.82 109.97 -42.26
C TYR GF 80 -37.93 110.20 -43.47
N THR GF 81 -37.93 109.22 -44.37
CA THR GF 81 -37.13 109.27 -45.59
C THR GF 81 -38.02 108.88 -46.77
N GLN GF 82 -37.91 109.64 -47.85
CA GLN GF 82 -38.69 109.40 -49.06
C GLN GF 82 -37.75 109.07 -50.21
N VAL GF 83 -38.09 108.03 -50.96
CA VAL GF 83 -37.29 107.56 -52.09
C VAL GF 83 -38.15 107.56 -53.34
N TRP GF 84 -37.68 108.24 -54.38
CA TRP GF 84 -38.37 108.33 -55.67
C TRP GF 84 -37.34 108.07 -56.77
N SER GF 85 -37.20 106.80 -57.14
CA SER GF 85 -36.25 106.39 -58.16
C SER GF 85 -36.92 106.34 -59.53
N HIS GF 86 -36.10 106.22 -60.57
CA HIS GF 86 -36.57 106.14 -61.94
C HIS GF 86 -35.79 105.07 -62.67
N ASP GF 87 -36.21 104.81 -63.92
CA ASP GF 87 -35.56 103.81 -64.75
C ASP GF 87 -35.87 104.14 -66.21
N VAL GF 88 -34.84 104.49 -66.98
CA VAL GF 88 -34.99 104.85 -68.39
C VAL GF 88 -34.25 103.81 -69.21
N THR GF 89 -34.99 103.09 -70.05
CA THR GF 89 -34.44 102.07 -70.94
C THR GF 89 -34.81 102.45 -72.37
N ILE GF 90 -34.02 103.34 -72.97
CA ILE GF 90 -34.24 103.82 -74.33
C ILE GF 90 -33.08 103.35 -75.19
N VAL GF 91 -33.41 102.69 -76.31
CA VAL GF 91 -32.37 102.21 -77.21
C VAL GF 91 -31.79 103.38 -78.00
N ALA GF 92 -30.57 103.20 -78.49
CA ALA GF 92 -29.90 104.27 -79.24
C ALA GF 92 -30.58 104.49 -80.59
N ASN GF 93 -30.65 103.44 -81.41
CA ASN GF 93 -31.28 103.53 -82.73
C ASN GF 93 -32.79 103.57 -82.56
N SER GF 94 -33.30 104.76 -82.25
CA SER GF 94 -34.73 104.95 -82.06
C SER GF 94 -35.27 106.02 -83.00
N THR GF 95 -36.09 106.93 -82.49
CA THR GF 95 -36.66 108.01 -83.30
C THR GF 95 -36.74 109.26 -82.46
N GLU GF 96 -36.20 110.37 -83.00
CA GLU GF 96 -36.23 111.63 -82.27
C GLU GF 96 -37.66 112.13 -82.07
N ALA GF 97 -38.50 112.01 -83.10
CA ALA GF 97 -39.89 112.44 -82.98
C ALA GF 97 -40.63 111.60 -81.95
N SER GF 98 -40.40 110.28 -81.95
CA SER GF 98 -41.04 109.41 -80.97
C SER GF 98 -40.58 109.73 -79.56
N ARG GF 99 -39.28 110.01 -79.39
CA ARG GF 99 -38.77 110.36 -78.07
C ARG GF 99 -39.36 111.69 -77.60
N LYS GF 100 -39.49 112.66 -78.50
CA LYS GF 100 -40.08 113.94 -78.14
C LYS GF 100 -41.55 113.78 -77.76
N SER GF 101 -42.29 112.95 -78.51
CA SER GF 101 -43.69 112.71 -78.18
C SER GF 101 -43.83 112.01 -76.84
N LEU GF 102 -42.95 111.05 -76.55
CA LEU GF 102 -42.98 110.35 -75.27
C LEU GF 102 -42.67 111.31 -74.12
N TYR GF 103 -41.68 112.20 -74.31
CA TYR GF 103 -41.35 113.17 -73.29
C TYR GF 103 -42.51 114.14 -73.05
N ASP GF 104 -43.18 114.56 -74.12
CA ASP GF 104 -44.32 115.45 -73.98
C ASP GF 104 -45.47 114.75 -73.25
N LEU GF 105 -45.71 113.47 -73.56
CA LEU GF 105 -46.75 112.72 -72.87
C LEU GF 105 -46.43 112.56 -71.40
N THR GF 106 -45.16 112.28 -71.07
CA THR GF 106 -44.76 112.16 -69.68
C THR GF 106 -44.92 113.49 -68.95
N LYS GF 107 -44.54 114.60 -69.59
CA LYS GF 107 -44.71 115.91 -68.97
C LYS GF 107 -46.18 116.22 -68.73
N SER GF 108 -47.04 115.88 -69.69
CA SER GF 108 -48.48 116.12 -69.52
C SER GF 108 -49.04 115.26 -68.39
N LEU GF 109 -48.63 113.99 -68.31
CA LEU GF 109 -49.10 113.13 -67.24
C LEU GF 109 -48.60 113.61 -65.87
N VAL GF 110 -47.40 114.20 -65.83
CA VAL GF 110 -46.89 114.73 -64.57
C VAL GF 110 -47.63 116.00 -64.17
N ALA GF 111 -47.89 116.88 -65.13
CA ALA GF 111 -48.54 118.16 -64.85
C ALA GF 111 -50.05 118.04 -64.69
N THR GF 112 -50.64 116.89 -65.03
CA THR GF 112 -52.08 116.73 -64.88
C THR GF 112 -52.46 116.74 -63.40
N SER GF 113 -53.77 116.94 -63.16
CA SER GF 113 -54.31 117.02 -61.81
C SER GF 113 -54.61 115.66 -61.19
N GLN GF 114 -54.60 114.60 -62.00
CA GLN GF 114 -54.89 113.26 -61.49
C GLN GF 114 -53.76 112.70 -60.63
N VAL GF 115 -52.51 112.86 -61.08
CA VAL GF 115 -51.37 112.38 -60.30
C VAL GF 115 -51.24 113.20 -59.02
N GLU GF 116 -51.55 114.50 -59.06
CA GLU GF 116 -51.50 115.31 -57.85
C GLU GF 116 -52.51 114.80 -56.81
N ASP GF 117 -53.72 114.47 -57.25
CA ASP GF 117 -54.72 113.92 -56.33
C ASP GF 117 -54.30 112.55 -55.82
N LEU GF 118 -53.74 111.72 -56.70
CA LEU GF 118 -53.24 110.41 -56.28
C LEU GF 118 -52.14 110.55 -55.22
N VAL GF 119 -51.32 111.58 -55.32
CA VAL GF 119 -50.24 111.78 -54.36
C VAL GF 119 -50.79 112.33 -53.04
N VAL GF 120 -51.65 113.33 -53.12
CA VAL GF 120 -52.16 114.00 -51.93
C VAL GF 120 -53.19 113.14 -51.22
N ASN GF 121 -54.37 112.97 -51.84
CA ASN GF 121 -55.48 112.29 -51.21
C ASN GF 121 -55.36 110.77 -51.23
N LEU GF 122 -54.28 110.23 -51.82
CA LEU GF 122 -54.05 108.79 -51.88
C LEU GF 122 -55.20 108.05 -52.57
N VAL GF 123 -55.89 108.73 -53.48
CA VAL GF 123 -56.99 108.14 -54.23
C VAL GF 123 -56.43 107.52 -55.51
N PRO GF 124 -56.81 106.28 -55.84
CA PRO GF 124 -56.26 105.65 -57.04
C PRO GF 124 -56.60 106.45 -58.30
N LEU GF 125 -55.66 106.45 -59.25
CA LEU GF 125 -55.80 107.23 -60.47
C LEU GF 125 -56.93 106.64 -61.32
N GLY GF 126 -57.94 107.46 -61.59
CA GLY GF 126 -59.08 107.01 -62.38
C GLY GF 126 -60.18 108.05 -62.47
N ARG GF 127 -59.95 109.11 -63.23
CA ARG GF 127 -60.93 110.16 -63.41
C ARG GF 127 -61.49 110.18 -64.83
N SER HF 1 -62.91 101.69 -60.35
CA SER HF 1 -63.12 101.21 -58.99
C SER HF 1 -64.60 101.16 -58.64
N LYS HF 2 -64.90 101.36 -57.36
CA LYS HF 2 -66.27 101.26 -56.85
C LYS HF 2 -66.44 102.28 -55.76
N THR HF 3 -67.39 103.21 -55.95
CA THR HF 3 -67.64 104.28 -55.01
C THR HF 3 -68.98 104.07 -54.31
N ILE HF 4 -69.01 104.37 -53.01
CA ILE HF 4 -70.21 104.25 -52.20
C ILE HF 4 -70.44 105.59 -51.51
N VAL HF 5 -71.62 106.17 -51.71
CA VAL HF 5 -71.98 107.46 -51.14
C VAL HF 5 -72.90 107.23 -49.95
N LEU HF 6 -72.52 107.78 -48.80
CA LEU HF 6 -73.30 107.67 -47.57
C LEU HF 6 -73.71 109.05 -47.11
N SER HF 7 -75.00 109.23 -46.85
CA SER HF 7 -75.56 110.52 -46.43
C SER HF 7 -75.73 110.50 -44.91
N VAL HF 8 -75.02 111.41 -44.23
CA VAL HF 8 -75.12 111.50 -42.77
C VAL HF 8 -76.16 112.51 -42.33
N GLY HF 9 -76.67 113.36 -43.23
CA GLY HF 9 -77.65 114.36 -42.87
C GLY HF 9 -77.34 115.71 -43.47
N GLU HF 10 -76.07 116.16 -43.31
CA GLU HF 10 -75.62 117.42 -43.87
C GLU HF 10 -74.45 117.29 -44.82
N ALA HF 11 -73.68 116.20 -44.74
CA ALA HF 11 -72.55 115.96 -45.62
C ALA HF 11 -72.64 114.56 -46.20
N THR HF 12 -71.87 114.32 -47.26
CA THR HF 12 -71.85 113.04 -47.95
C THR HF 12 -70.44 112.48 -47.91
N ARG HF 13 -70.31 111.26 -47.40
CA ARG HF 13 -69.03 110.56 -47.32
C ARG HF 13 -68.90 109.58 -48.48
N THR HF 14 -67.67 109.41 -48.96
CA THR HF 14 -67.38 108.56 -50.12
C THR HF 14 -66.40 107.47 -49.69
N LEU HF 15 -66.80 106.22 -49.91
CA LEU HF 15 -65.94 105.06 -49.68
C LEU HF 15 -65.51 104.47 -51.01
N THR HF 16 -64.23 104.15 -51.14
CA THR HF 16 -63.65 103.66 -52.38
C THR HF 16 -63.15 102.23 -52.21
N GLU HF 17 -63.40 101.41 -53.22
CA GLU HF 17 -62.90 100.04 -53.22
C GLU HF 17 -61.37 100.04 -53.35
N ILE HF 18 -60.71 99.29 -52.48
CA ILE HF 18 -59.26 99.26 -52.39
C ILE HF 18 -58.70 97.89 -52.76
N GLN HF 19 -59.24 96.82 -52.17
CA GLN HF 19 -58.71 95.47 -52.30
C GLN HF 19 -59.79 94.59 -52.91
N SER HF 20 -59.93 94.66 -54.23
CA SER HF 20 -60.97 93.94 -54.96
C SER HF 20 -60.59 92.46 -55.04
N THR HF 21 -61.26 91.64 -54.25
CA THR HF 21 -61.08 90.19 -54.27
C THR HF 21 -62.41 89.52 -53.94
N ALA HF 22 -62.59 88.30 -54.45
CA ALA HF 22 -63.85 87.60 -54.28
C ALA HF 22 -64.11 87.26 -52.82
N ASP HF 23 -63.17 86.58 -52.18
CA ASP HF 23 -63.35 86.13 -50.81
C ASP HF 23 -63.15 87.22 -49.77
N ARG HF 24 -62.73 88.42 -50.18
CA ARG HF 24 -62.50 89.50 -49.23
C ARG HF 24 -62.54 90.82 -50.00
N GLN HF 25 -63.58 91.61 -49.76
CA GLN HF 25 -63.72 92.94 -50.34
C GLN HF 25 -63.48 93.99 -49.26
N ILE HF 26 -62.51 94.87 -49.50
CA ILE HF 26 -62.10 95.88 -48.53
C ILE HF 26 -62.40 97.25 -49.10
N PHE HF 27 -63.37 97.93 -48.50
CA PHE HF 27 -63.71 99.30 -48.87
C PHE HF 27 -63.12 100.26 -47.84
N GLU HF 28 -62.55 101.36 -48.32
CA GLU HF 28 -61.92 102.34 -47.45
C GLU HF 28 -62.42 103.73 -47.78
N GLU HF 29 -62.73 104.51 -46.73
CA GLU HF 29 -63.25 105.85 -46.90
C GLU HF 29 -62.11 106.82 -47.20
N LYS HF 30 -62.30 107.69 -48.19
CA LYS HF 30 -61.31 108.67 -48.61
C LYS HF 30 -61.80 110.06 -48.22
N VAL HF 31 -61.20 110.63 -47.18
CA VAL HF 31 -61.54 111.97 -46.73
C VAL HF 31 -60.24 112.76 -46.54
N GLY HF 32 -59.33 112.22 -45.74
CA GLY HF 32 -58.06 112.86 -45.49
C GLY HF 32 -56.97 111.86 -45.18
N PRO HF 33 -56.69 111.65 -43.88
CA PRO HF 33 -55.68 110.65 -43.49
C PRO HF 33 -56.22 109.25 -43.73
N LEU HF 34 -55.49 108.48 -44.55
CA LEU HF 34 -55.94 107.13 -44.88
C LEU HF 34 -55.79 106.19 -43.69
N VAL HF 35 -54.76 106.37 -42.87
CA VAL HF 35 -54.56 105.53 -41.70
C VAL HF 35 -55.56 105.94 -40.61
N GLY HF 36 -56.17 104.95 -39.97
CA GLY HF 36 -57.15 105.22 -38.93
C GLY HF 36 -58.41 105.88 -39.46
N ARG HF 37 -59.04 105.24 -40.44
CA ARG HF 37 -60.26 105.79 -41.03
C ARG HF 37 -61.39 104.76 -40.98
N LEU HF 38 -62.31 104.84 -41.94
CA LEU HF 38 -63.45 103.94 -42.02
C LEU HF 38 -63.14 102.82 -43.01
N ARG HF 39 -63.23 101.58 -42.55
CA ARG HF 39 -62.98 100.41 -43.38
C ARG HF 39 -64.14 99.43 -43.26
N LEU HF 40 -64.38 98.69 -44.35
CA LEU HF 40 -65.47 97.73 -44.42
C LEU HF 40 -64.97 96.47 -45.09
N THR HF 41 -65.17 95.33 -44.43
CA THR HF 41 -64.76 94.03 -44.93
C THR HF 41 -65.99 93.20 -45.24
N ALA HF 42 -66.09 92.71 -46.47
CA ALA HF 42 -67.19 91.89 -46.92
C ALA HF 42 -66.68 90.53 -47.40
N SER HF 43 -67.41 89.48 -47.05
CA SER HF 43 -67.03 88.12 -47.44
C SER HF 43 -68.28 87.32 -47.73
N LEU HF 44 -68.21 86.47 -48.76
CA LEU HF 44 -69.30 85.59 -49.14
C LEU HF 44 -68.75 84.21 -49.43
N ARG HF 45 -69.43 83.18 -48.94
CA ARG HF 45 -68.97 81.82 -49.13
C ARG HF 45 -70.17 80.87 -49.09
N GLN HF 46 -69.89 79.57 -49.07
CA GLN HF 46 -70.88 78.52 -48.96
C GLN HF 46 -70.74 77.83 -47.61
N ASN HF 47 -71.31 76.63 -47.49
CA ASN HF 47 -71.27 75.88 -46.24
C ASN HF 47 -71.64 74.43 -46.53
N GLY HF 48 -71.13 73.54 -45.69
CA GLY HF 48 -71.48 72.13 -45.72
C GLY HF 48 -71.39 71.48 -47.09
N ALA HF 49 -72.52 71.00 -47.60
CA ALA HF 49 -72.57 70.35 -48.90
C ALA HF 49 -73.50 71.13 -49.83
N LYS HF 50 -73.11 72.36 -50.14
CA LYS HF 50 -73.84 73.23 -51.07
C LYS HF 50 -75.29 73.43 -50.63
N THR HF 51 -75.49 73.53 -49.31
CA THR HF 51 -76.84 73.74 -48.76
C THR HF 51 -77.18 75.23 -48.72
N ALA HF 52 -76.62 75.95 -47.74
CA ALA HF 52 -76.88 77.37 -47.58
C ALA HF 52 -75.66 78.19 -47.94
N TYR HF 53 -75.58 79.42 -47.44
CA TYR HF 53 -74.46 80.30 -47.70
C TYR HF 53 -74.08 81.01 -46.41
N ARG HF 54 -73.00 81.79 -46.48
CA ARG HF 54 -72.50 82.53 -45.32
C ARG HF 54 -71.97 83.88 -45.79
N VAL HF 55 -72.51 84.95 -45.23
CA VAL HF 55 -72.10 86.31 -45.55
C VAL HF 55 -71.61 86.98 -44.28
N ASN HF 56 -70.45 87.63 -44.39
CA ASN HF 56 -69.84 88.32 -43.26
C ASN HF 56 -69.59 89.77 -43.65
N LEU HF 57 -70.01 90.70 -42.77
CA LEU HF 57 -69.85 92.13 -43.00
C LEU HF 57 -69.33 92.76 -41.71
N LYS HF 58 -68.13 93.34 -41.78
CA LYS HF 58 -67.51 94.00 -40.64
C LYS HF 58 -67.22 95.44 -40.98
N LEU HF 59 -67.42 96.33 -40.02
CA LEU HF 59 -67.18 97.76 -40.21
C LEU HF 59 -66.33 98.27 -39.05
N ASP HF 60 -65.15 98.80 -39.37
CA ASP HF 60 -64.21 99.28 -38.38
C ASP HF 60 -63.91 100.77 -38.60
N GLN HF 61 -63.66 101.47 -37.50
CA GLN HF 61 -63.33 102.89 -37.56
C GLN HF 61 -62.55 103.25 -36.30
N ALA HF 62 -61.28 103.58 -36.46
CA ALA HF 62 -60.41 103.93 -35.35
C ALA HF 62 -60.15 105.43 -35.34
N ASP HF 63 -60.38 106.06 -34.19
CA ASP HF 63 -60.15 107.49 -34.05
C ASP HF 63 -58.66 107.79 -33.96
N VAL HF 64 -58.28 108.98 -34.43
CA VAL HF 64 -56.89 109.41 -34.43
C VAL HF 64 -56.77 110.72 -33.65
N VAL HF 65 -55.57 110.99 -33.17
CA VAL HF 65 -55.27 112.20 -32.42
C VAL HF 65 -53.93 112.75 -32.91
N ASP HF 66 -53.77 114.06 -32.79
CA ASP HF 66 -52.57 114.75 -33.24
C ASP HF 66 -52.29 115.95 -32.35
N CYS HF 67 -51.01 116.21 -32.12
CA CYS HF 67 -50.58 117.32 -31.28
C CYS HF 67 -49.73 118.35 -32.02
N SER HF 68 -49.66 118.28 -33.35
CA SER HF 68 -48.83 119.22 -34.10
C SER HF 68 -49.39 120.63 -34.07
N THR HF 69 -50.64 120.80 -33.64
CA THR HF 69 -51.23 122.14 -33.59
C THR HF 69 -50.64 122.96 -32.44
N SER HF 70 -50.28 122.31 -31.34
CA SER HF 70 -49.74 123.02 -30.19
C SER HF 70 -48.35 122.48 -29.84
N VAL HF 71 -48.25 121.18 -29.61
CA VAL HF 71 -46.99 120.54 -29.25
C VAL HF 71 -46.10 120.52 -30.49
N CYS HF 72 -44.80 120.72 -30.29
CA CYS HF 72 -43.89 120.76 -31.43
C CYS HF 72 -43.30 119.38 -31.72
N GLY HF 73 -44.16 118.37 -31.81
CA GLY HF 73 -43.76 117.11 -32.43
C GLY HF 73 -44.54 115.90 -31.95
N GLU HF 74 -45.51 115.47 -32.75
CA GLU HF 74 -46.30 114.28 -32.43
C GLU HF 74 -47.01 113.83 -33.70
N LEU HF 75 -46.69 112.62 -34.15
CA LEU HF 75 -47.33 112.08 -35.33
C LEU HF 75 -48.77 111.67 -35.03
N PRO HF 76 -49.64 111.64 -36.03
CA PRO HF 76 -51.02 111.18 -35.81
C PRO HF 76 -51.03 109.75 -35.29
N LYS HF 77 -51.60 109.59 -34.09
CA LYS HF 77 -51.61 108.31 -33.39
C LYS HF 77 -53.04 107.84 -33.19
N VAL HF 78 -53.28 106.55 -33.45
CA VAL HF 78 -54.60 105.99 -33.25
C VAL HF 78 -54.90 105.83 -31.76
N ARG HF 79 -56.17 105.87 -31.41
CA ARG HF 79 -56.58 105.76 -30.02
C ARG HF 79 -57.25 104.41 -29.82
N TYR HF 80 -58.57 104.32 -29.92
CA TYR HF 80 -59.30 103.08 -29.73
C TYR HF 80 -59.72 102.50 -31.08
N THR HF 81 -60.21 101.26 -31.04
CA THR HF 81 -60.66 100.55 -32.23
C THR HF 81 -62.03 99.94 -31.95
N GLN HF 82 -62.94 100.08 -32.90
CA GLN HF 82 -64.29 99.55 -32.79
C GLN HF 82 -64.51 98.50 -33.87
N VAL HF 83 -65.11 97.37 -33.48
CA VAL HF 83 -65.37 96.26 -34.38
C VAL HF 83 -66.85 95.95 -34.34
N TRP HF 84 -67.49 95.94 -35.50
CA TRP HF 84 -68.91 95.64 -35.66
C TRP HF 84 -69.06 94.65 -36.81
N SER HF 85 -69.00 93.36 -36.48
CA SER HF 85 -69.11 92.31 -37.48
C SER HF 85 -70.56 91.83 -37.60
N HIS HF 86 -70.82 91.05 -38.65
CA HIS HF 86 -72.14 90.52 -38.91
C HIS HF 86 -72.02 89.05 -39.33
N ASP HF 87 -73.17 88.40 -39.49
CA ASP HF 87 -73.19 87.00 -39.89
C ASP HF 87 -74.57 86.72 -40.51
N VAL HF 88 -74.59 86.42 -41.80
CA VAL HF 88 -75.82 86.14 -42.52
C VAL HF 88 -75.79 84.68 -42.97
N THR HF 89 -76.75 83.90 -42.48
CA THR HF 89 -76.88 82.48 -42.83
C THR HF 89 -78.28 82.27 -43.41
N ILE HF 90 -78.42 82.57 -44.69
CA ILE HF 90 -79.69 82.44 -45.41
C ILE HF 90 -79.55 81.35 -46.46
N VAL HF 91 -80.45 80.37 -46.43
CA VAL HF 91 -80.41 79.28 -47.40
C VAL HF 91 -80.89 79.78 -48.76
N ALA HF 92 -80.47 79.08 -49.81
CA ALA HF 92 -80.84 79.48 -51.17
C ALA HF 92 -82.32 79.26 -51.42
N ASN HF 93 -82.79 78.02 -51.24
CA ASN HF 93 -84.19 77.69 -51.46
C ASN HF 93 -85.01 78.20 -50.27
N SER HF 94 -85.32 79.49 -50.31
CA SER HF 94 -86.10 80.13 -49.26
C SER HF 94 -87.36 80.77 -49.83
N THR HF 95 -87.66 82.00 -49.41
CA THR HF 95 -88.84 82.71 -49.88
C THR HF 95 -88.50 84.19 -50.03
N GLU HF 96 -88.80 84.76 -51.20
CA GLU HF 96 -88.51 86.17 -51.44
C GLU HF 96 -89.34 87.05 -50.52
N ALA HF 97 -90.62 86.72 -50.33
CA ALA HF 97 -91.46 87.52 -49.45
C ALA HF 97 -90.98 87.45 -48.01
N SER HF 98 -90.58 86.26 -47.56
CA SER HF 98 -90.05 86.12 -46.21
C SER HF 98 -88.75 86.90 -46.03
N ARG HF 99 -87.87 86.86 -47.04
CA ARG HF 99 -86.62 87.61 -46.96
C ARG HF 99 -86.89 89.10 -46.92
N LYS HF 100 -87.85 89.58 -47.73
CA LYS HF 100 -88.19 91.00 -47.72
C LYS HF 100 -88.78 91.41 -46.38
N SER HF 101 -89.64 90.58 -45.79
CA SER HF 101 -90.21 90.89 -44.49
C SER HF 101 -89.13 90.91 -43.41
N LEU HF 102 -88.18 89.98 -43.47
CA LEU HF 102 -87.09 89.97 -42.51
C LEU HF 102 -86.20 91.20 -42.65
N TYR HF 103 -85.93 91.61 -43.89
CA TYR HF 103 -85.13 92.81 -44.11
C TYR HF 103 -85.86 94.05 -43.61
N ASP HF 104 -87.18 94.12 -43.83
CA ASP HF 104 -87.95 95.25 -43.33
C ASP HF 104 -87.96 95.28 -41.80
N LEU HF 105 -88.09 94.12 -41.16
CA LEU HF 105 -88.06 94.06 -39.71
C LEU HF 105 -86.70 94.49 -39.17
N THR HF 106 -85.62 94.05 -39.83
CA THR HF 106 -84.29 94.46 -39.40
C THR HF 106 -84.08 95.96 -39.57
N LYS HF 107 -84.57 96.52 -40.68
CA LYS HF 107 -84.46 97.96 -40.89
C LYS HF 107 -85.24 98.73 -39.85
N SER HF 108 -86.44 98.24 -39.49
CA SER HF 108 -87.24 98.91 -38.47
C SER HF 108 -86.56 98.83 -37.10
N LEU HF 109 -86.00 97.67 -36.76
CA LEU HF 109 -85.29 97.54 -35.49
C LEU HF 109 -84.04 98.40 -35.44
N VAL HF 110 -83.39 98.62 -36.59
CA VAL HF 110 -82.22 99.48 -36.62
C VAL HF 110 -82.63 100.94 -36.49
N ALA HF 111 -83.69 101.34 -37.18
CA ALA HF 111 -84.13 102.74 -37.17
C ALA HF 111 -84.92 103.10 -35.92
N THR HF 112 -85.30 102.14 -35.09
CA THR HF 112 -86.05 102.45 -33.88
C THR HF 112 -85.17 103.21 -32.89
N SER HF 113 -85.82 103.84 -31.92
CA SER HF 113 -85.14 104.65 -30.92
C SER HF 113 -84.60 103.84 -29.75
N GLN HF 114 -84.99 102.57 -29.63
CA GLN HF 114 -84.51 101.73 -28.53
C GLN HF 114 -83.05 101.33 -28.71
N VAL HF 115 -82.66 100.93 -29.92
CA VAL HF 115 -81.26 100.57 -30.16
C VAL HF 115 -80.36 101.79 -30.04
N GLU HF 116 -80.84 102.96 -30.45
CA GLU HF 116 -80.05 104.18 -30.29
C GLU HF 116 -79.79 104.47 -28.82
N ASP HF 117 -80.80 104.32 -27.98
CA ASP HF 117 -80.62 104.53 -26.54
C ASP HF 117 -79.70 103.47 -25.95
N LEU HF 118 -79.84 102.21 -26.38
CA LEU HF 118 -78.96 101.15 -25.93
C LEU HF 118 -77.51 101.43 -26.30
N VAL HF 119 -77.28 102.05 -27.46
CA VAL HF 119 -75.91 102.35 -27.89
C VAL HF 119 -75.36 103.55 -27.12
N VAL HF 120 -76.16 104.61 -26.99
CA VAL HF 120 -75.69 105.85 -26.37
C VAL HF 120 -75.62 105.70 -24.86
N ASN HF 121 -76.79 105.60 -24.22
CA ASN HF 121 -76.85 105.59 -22.76
C ASN HF 121 -76.49 104.25 -22.14
N LEU HF 122 -76.17 103.24 -22.96
CA LEU HF 122 -75.78 101.91 -22.47
C LEU HF 122 -76.88 101.29 -21.59
N VAL HF 123 -78.13 101.65 -21.85
CA VAL HF 123 -79.27 101.11 -21.10
C VAL HF 123 -79.77 99.87 -21.82
N PRO HF 124 -80.00 98.76 -21.12
CA PRO HF 124 -80.47 97.54 -21.79
C PRO HF 124 -81.77 97.77 -22.52
N LEU HF 125 -81.93 97.10 -23.66
CA LEU HF 125 -83.10 97.26 -24.51
C LEU HF 125 -84.32 96.69 -23.80
N GLY HF 126 -85.32 97.54 -23.57
CA GLY HF 126 -86.53 97.12 -22.89
C GLY HF 126 -87.49 98.26 -22.61
N ARG HF 127 -88.13 98.76 -23.65
CA ARG HF 127 -89.08 99.86 -23.50
C ARG HF 127 -90.51 99.40 -23.77
N SER IF 1 -88.99 104.87 -19.24
CA SER IF 1 -88.08 104.68 -18.13
C SER IF 1 -88.59 105.37 -16.86
N LYS IF 2 -87.66 105.81 -16.02
CA LYS IF 2 -88.00 106.41 -14.73
C LYS IF 2 -86.99 107.52 -14.45
N THR IF 3 -87.49 108.74 -14.29
CA THR IF 3 -86.65 109.91 -14.06
C THR IF 3 -86.83 110.42 -12.63
N ILE IF 4 -85.72 110.82 -12.02
CA ILE IF 4 -85.71 111.36 -10.67
C ILE IF 4 -85.02 112.72 -10.71
N VAL IF 5 -85.71 113.75 -10.24
CA VAL IF 5 -85.20 115.12 -10.24
C VAL IF 5 -84.75 115.48 -8.83
N LEU IF 6 -83.50 115.90 -8.71
CA LEU IF 6 -82.92 116.29 -7.42
C LEU IF 6 -82.51 117.75 -7.48
N SER IF 7 -82.95 118.54 -6.50
CA SER IF 7 -82.67 119.96 -6.44
C SER IF 7 -81.51 120.20 -5.47
N VAL IF 8 -80.41 120.74 -5.99
CA VAL IF 8 -79.24 121.02 -5.15
C VAL IF 8 -79.24 122.45 -4.61
N GLY IF 9 -80.10 123.31 -5.13
CA GLY IF 9 -80.15 124.69 -4.67
C GLY IF 9 -80.22 125.67 -5.82
N GLU IF 10 -79.35 125.50 -6.82
CA GLU IF 10 -79.35 126.35 -8.00
C GLU IF 10 -79.52 125.58 -9.30
N ALA IF 11 -79.24 124.28 -9.32
CA ALA IF 11 -79.39 123.46 -10.52
C ALA IF 11 -80.19 122.20 -10.16
N THR IF 12 -80.69 121.52 -11.18
CA THR IF 12 -81.48 120.31 -11.02
C THR IF 12 -80.79 119.16 -11.74
N ARG IF 13 -80.53 118.08 -11.01
CA ARG IF 13 -79.91 116.90 -11.57
C ARG IF 13 -80.97 115.84 -11.87
N THR IF 14 -80.75 115.07 -12.93
CA THR IF 14 -81.69 114.07 -13.41
C THR IF 14 -81.03 112.70 -13.39
N LEU IF 15 -81.64 111.76 -12.69
CA LEU IF 15 -81.20 110.37 -12.65
C LEU IF 15 -82.18 109.51 -13.44
N THR IF 16 -81.65 108.62 -14.27
CA THR IF 16 -82.45 107.79 -15.16
C THR IF 16 -82.31 106.33 -14.79
N GLU IF 17 -83.43 105.61 -14.81
CA GLU IF 17 -83.41 104.16 -14.57
C GLU IF 17 -82.70 103.45 -15.71
N ILE IF 18 -81.76 102.58 -15.37
CA ILE IF 18 -80.94 101.87 -16.33
C ILE IF 18 -81.23 100.38 -16.33
N GLN IF 19 -81.17 99.75 -15.16
CA GLN IF 19 -81.24 98.30 -15.01
C GLN IF 19 -82.48 97.97 -14.20
N SER IF 20 -83.63 97.95 -14.87
CA SER IF 20 -84.92 97.71 -14.22
C SER IF 20 -85.05 96.23 -13.88
N THR IF 21 -84.90 95.90 -12.60
CA THR IF 21 -85.09 94.54 -12.11
C THR IF 21 -85.65 94.61 -10.69
N ALA IF 22 -86.39 93.56 -10.32
CA ALA IF 22 -87.06 93.55 -9.03
C ALA IF 22 -86.05 93.53 -7.88
N ASP IF 23 -85.14 92.56 -7.90
CA ASP IF 23 -84.19 92.38 -6.81
C ASP IF 23 -83.03 93.36 -6.85
N ARG IF 24 -82.92 94.18 -7.90
CA ARG IF 24 -81.82 95.13 -8.01
C ARG IF 24 -82.23 96.24 -8.99
N GLN IF 25 -82.44 97.44 -8.46
CA GLN IF 25 -82.77 98.61 -9.27
C GLN IF 25 -81.55 99.53 -9.30
N ILE IF 26 -81.07 99.83 -10.51
CA ILE IF 26 -79.86 100.63 -10.70
C ILE IF 26 -80.25 101.92 -11.41
N PHE IF 27 -80.16 103.03 -10.69
CA PHE IF 27 -80.38 104.35 -11.26
C PHE IF 27 -79.05 105.04 -11.52
N GLU IF 28 -78.93 105.69 -12.67
CA GLU IF 28 -77.70 106.35 -13.07
C GLU IF 28 -77.99 107.78 -13.51
N GLU IF 29 -77.15 108.71 -13.05
CA GLU IF 29 -77.33 110.12 -13.36
C GLU IF 29 -76.78 110.41 -14.76
N LYS IF 30 -77.55 111.15 -15.55
CA LYS IF 30 -77.19 111.51 -16.91
C LYS IF 30 -76.88 113.00 -16.95
N VAL IF 31 -75.59 113.34 -17.07
CA VAL IF 31 -75.15 114.73 -17.16
C VAL IF 31 -74.16 114.85 -18.31
N GLY IF 32 -73.12 114.03 -18.28
CA GLY IF 32 -72.12 114.03 -19.32
C GLY IF 32 -71.46 112.68 -19.48
N PRO IF 33 -70.28 112.51 -18.88
CA PRO IF 33 -69.60 111.20 -18.93
C PRO IF 33 -70.34 110.18 -18.06
N LEU IF 34 -70.76 109.09 -18.70
CA LEU IF 34 -71.51 108.07 -17.97
C LEU IF 34 -70.63 107.30 -17.00
N VAL IF 35 -69.37 107.08 -17.36
CA VAL IF 35 -68.45 106.37 -16.48
C VAL IF 35 -68.01 107.31 -15.36
N GLY IF 36 -67.98 106.79 -14.13
CA GLY IF 36 -67.60 107.58 -12.98
C GLY IF 36 -68.59 108.68 -12.67
N ARG IF 37 -69.85 108.32 -12.48
CA ARG IF 37 -70.90 109.30 -12.19
C ARG IF 37 -71.65 108.92 -10.92
N LEU IF 38 -72.91 109.32 -10.84
CA LEU IF 38 -73.75 109.04 -9.68
C LEU IF 38 -74.61 107.82 -9.95
N ARG IF 39 -74.49 106.81 -9.08
CA ARG IF 39 -75.26 105.58 -9.22
C ARG IF 39 -75.96 105.26 -7.90
N LEU IF 40 -77.11 104.61 -8.01
CA LEU IF 40 -77.93 104.26 -6.86
C LEU IF 40 -78.45 102.85 -7.03
N THR IF 41 -78.22 102.01 -6.02
CA THR IF 41 -78.65 100.61 -6.02
C THR IF 41 -79.72 100.42 -4.95
N ALA IF 42 -80.87 99.90 -5.35
CA ALA IF 42 -81.98 99.64 -4.46
C ALA IF 42 -82.35 98.17 -4.49
N SER IF 43 -82.63 97.61 -3.32
CA SER IF 43 -83.01 96.21 -3.21
C SER IF 43 -84.06 96.04 -2.12
N LEU IF 44 -85.02 95.15 -2.39
CA LEU IF 44 -86.10 94.85 -1.44
C LEU IF 44 -86.28 93.34 -1.39
N ARG IF 45 -86.43 92.81 -0.18
CA ARG IF 45 -86.58 91.37 0.00
C ARG IF 45 -87.36 91.10 1.28
N GLN IF 46 -87.43 89.83 1.66
CA GLN IF 46 -88.07 89.37 2.88
C GLN IF 46 -86.99 88.84 3.83
N ASN IF 47 -87.43 88.07 4.83
CA ASN IF 47 -86.50 87.51 5.82
C ASN IF 47 -87.20 86.39 6.56
N GLY IF 48 -86.39 85.44 7.05
CA GLY IF 48 -86.87 84.38 7.91
C GLY IF 48 -88.07 83.61 7.37
N ALA IF 49 -89.18 83.66 8.09
CA ALA IF 49 -90.40 82.97 7.69
C ALA IF 49 -91.53 83.99 7.50
N LYS IF 50 -91.34 84.86 6.51
CA LYS IF 50 -92.34 85.87 6.13
C LYS IF 50 -92.72 86.75 7.31
N THR IF 51 -91.73 87.08 8.14
CA THR IF 51 -91.96 87.95 9.30
C THR IF 51 -91.83 89.41 8.91
N ALA IF 52 -90.59 89.89 8.74
CA ALA IF 52 -90.34 91.28 8.40
C ALA IF 52 -89.84 91.40 6.96
N TYR IF 53 -89.15 92.50 6.66
CA TYR IF 53 -88.61 92.74 5.33
C TYR IF 53 -87.20 93.31 5.47
N ARG IF 54 -86.55 93.50 4.32
CA ARG IF 54 -85.20 94.04 4.29
C ARG IF 54 -85.05 94.93 3.06
N VAL IF 55 -84.69 96.18 3.28
CA VAL IF 55 -84.49 97.16 2.21
C VAL IF 55 -83.05 97.65 2.28
N ASN IF 56 -82.40 97.68 1.11
CA ASN IF 56 -81.02 98.12 1.00
C ASN IF 56 -80.94 99.24 -0.01
N LEU IF 57 -80.29 100.34 0.36
CA LEU IF 57 -80.12 101.50 -0.51
C LEU IF 57 -78.67 101.96 -0.44
N LYS IF 58 -77.98 101.90 -1.58
CA LYS IF 58 -76.58 102.32 -1.67
C LYS IF 58 -76.46 103.42 -2.71
N LEU IF 59 -75.59 104.39 -2.43
CA LEU IF 59 -75.37 105.53 -3.32
C LEU IF 59 -73.87 105.70 -3.51
N ASP IF 60 -73.40 105.59 -4.75
CA ASP IF 60 -72.00 105.69 -5.07
C ASP IF 60 -71.76 106.83 -6.05
N GLN IF 61 -70.58 107.44 -5.94
CA GLN IF 61 -70.20 108.54 -6.83
C GLN IF 61 -68.67 108.63 -6.84
N ALA IF 62 -68.07 108.32 -7.97
CA ALA IF 62 -66.62 108.34 -8.12
C ALA IF 62 -66.21 109.54 -8.96
N ASP IF 63 -65.26 110.32 -8.44
CA ASP IF 63 -64.77 111.49 -9.16
C ASP IF 63 -63.84 111.07 -10.29
N VAL IF 64 -63.81 111.90 -11.33
CA VAL IF 64 -62.99 111.63 -12.51
C VAL IF 64 -62.05 112.81 -12.72
N VAL IF 65 -60.95 112.54 -13.43
CA VAL IF 65 -59.96 113.55 -13.77
C VAL IF 65 -59.55 113.36 -15.22
N ASP IF 66 -59.11 114.46 -15.85
CA ASP IF 66 -58.72 114.46 -17.25
C ASP IF 66 -57.63 115.48 -17.47
N CYS IF 67 -56.70 115.15 -18.37
CA CYS IF 67 -55.58 116.02 -18.69
C CYS IF 67 -55.55 116.45 -20.15
N SER IF 68 -56.62 116.20 -20.92
CA SER IF 68 -56.61 116.57 -22.33
C SER IF 68 -56.65 118.08 -22.54
N THR IF 69 -56.93 118.85 -21.48
CA THR IF 69 -56.96 120.30 -21.63
C THR IF 69 -55.55 120.88 -21.76
N SER IF 70 -54.56 120.26 -21.13
CA SER IF 70 -53.19 120.75 -21.18
C SER IF 70 -52.25 119.67 -21.73
N VAL IF 71 -52.25 118.51 -21.10
CA VAL IF 71 -51.40 117.40 -21.52
C VAL IF 71 -51.95 116.84 -22.82
N CYS IF 72 -51.06 116.45 -23.74
CA CYS IF 72 -51.57 115.94 -25.01
C CYS IF 72 -51.69 114.42 -24.99
N GLY IF 73 -52.40 113.90 -23.98
CA GLY IF 73 -52.92 112.55 -24.06
C GLY IF 73 -53.17 111.89 -22.72
N GLU IF 74 -54.42 111.88 -22.28
CA GLU IF 74 -54.78 111.23 -21.02
C GLU IF 74 -56.29 111.02 -21.02
N LEU IF 75 -56.72 109.76 -20.97
CA LEU IF 75 -58.14 109.46 -20.94
C LEU IF 75 -58.73 109.80 -19.57
N PRO IF 76 -60.03 110.07 -19.50
CA PRO IF 76 -60.66 110.32 -18.20
C PRO IF 76 -60.50 109.13 -17.27
N LYS IF 77 -59.84 109.38 -16.14
CA LYS IF 77 -59.50 108.34 -15.19
C LYS IF 77 -60.19 108.60 -13.85
N VAL IF 78 -60.76 107.55 -13.26
CA VAL IF 78 -61.41 107.69 -11.96
C VAL IF 78 -60.37 107.84 -10.87
N ARG IF 79 -60.75 108.51 -9.78
CA ARG IF 79 -59.85 108.74 -8.67
C ARG IF 79 -60.29 107.89 -7.50
N TYR IF 80 -61.09 108.41 -6.57
CA TYR IF 80 -61.55 107.67 -5.42
C TYR IF 80 -62.99 107.21 -5.61
N THR IF 81 -63.44 106.35 -4.70
CA THR IF 81 -64.79 105.81 -4.73
C THR IF 81 -65.41 105.93 -3.34
N GLN IF 82 -66.66 106.38 -3.29
CA GLN IF 82 -67.38 106.55 -2.04
C GLN IF 82 -68.58 105.62 -2.02
N VAL IF 83 -68.77 104.93 -0.89
CA VAL IF 83 -69.85 103.98 -0.71
C VAL IF 83 -70.68 104.40 0.50
N TRP IF 84 -71.99 104.56 0.30
CA TRP IF 84 -72.92 104.94 1.37
C TRP IF 84 -74.13 104.02 1.26
N SER IF 85 -74.07 102.88 1.95
CA SER IF 85 -75.14 101.90 1.95
C SER IF 85 -76.10 102.14 3.11
N HIS IF 86 -77.24 101.46 3.06
CA HIS IF 86 -78.26 101.58 4.08
C HIS IF 86 -78.80 100.19 4.41
N ASP IF 87 -79.67 100.13 5.42
CA ASP IF 87 -80.28 98.87 5.83
C ASP IF 87 -81.56 99.20 6.58
N VAL IF 88 -82.70 98.79 6.01
CA VAL IF 88 -84.01 99.05 6.61
C VAL IF 88 -84.63 97.71 6.97
N THR IF 89 -84.88 97.50 8.26
CA THR IF 89 -85.49 96.29 8.79
C THR IF 89 -86.76 96.68 9.54
N ILE IF 90 -87.85 96.88 8.80
CA ILE IF 90 -89.13 97.27 9.36
C ILE IF 90 -90.11 96.13 9.16
N VAL IF 91 -90.76 95.70 10.24
CA VAL IF 91 -91.72 94.61 10.15
C VAL IF 91 -93.02 95.13 9.52
N ALA IF 92 -93.79 94.21 8.94
CA ALA IF 92 -95.03 94.59 8.28
C ALA IF 92 -96.08 95.06 9.29
N ASN IF 93 -96.41 94.20 10.25
CA ASN IF 93 -97.39 94.54 11.29
C ASN IF 93 -96.76 95.49 12.29
N SER IF 94 -96.72 96.77 11.92
CA SER IF 94 -96.14 97.80 12.77
C SER IF 94 -97.18 98.88 13.07
N THR IF 95 -96.77 100.14 12.98
CA THR IF 95 -97.65 101.27 13.23
C THR IF 95 -97.33 102.40 12.27
N GLU IF 96 -98.36 102.91 11.58
CA GLU IF 96 -98.14 103.99 10.63
C GLU IF 96 -97.67 105.26 11.32
N ALA IF 97 -98.26 105.58 12.48
CA ALA IF 97 -97.83 106.76 13.22
C ALA IF 97 -96.40 106.63 13.71
N SER IF 98 -96.03 105.44 14.20
CA SER IF 98 -94.66 105.22 14.64
C SER IF 98 -93.68 105.32 13.48
N ARG IF 99 -94.05 104.77 12.32
CA ARG IF 99 -93.18 104.86 11.14
C ARG IF 99 -93.02 106.31 10.69
N LYS IF 100 -94.11 107.09 10.72
CA LYS IF 100 -94.03 108.49 10.34
C LYS IF 100 -93.16 109.28 11.32
N SER IF 101 -93.30 109.00 12.62
CA SER IF 101 -92.46 109.68 13.61
C SER IF 101 -90.99 109.31 13.43
N LEU IF 102 -90.71 108.05 13.13
CA LEU IF 102 -89.32 107.63 12.90
C LEU IF 102 -88.75 108.29 11.66
N TYR IF 103 -89.55 108.39 10.59
CA TYR IF 103 -89.10 109.06 9.38
C TYR IF 103 -88.83 110.54 9.63
N ASP IF 104 -89.70 111.19 10.41
CA ASP IF 104 -89.50 112.60 10.73
C ASP IF 104 -88.24 112.79 11.57
N LEU IF 105 -88.00 111.89 12.54
CA LEU IF 105 -86.79 111.98 13.35
C LEU IF 105 -85.54 111.78 12.50
N THR IF 106 -85.58 110.83 11.56
CA THR IF 106 -84.45 110.62 10.67
C THR IF 106 -84.21 111.83 9.78
N LYS IF 107 -85.28 112.42 9.26
CA LYS IF 107 -85.13 113.62 8.43
C LYS IF 107 -84.55 114.78 9.23
N SER IF 108 -84.99 114.94 10.48
CA SER IF 108 -84.44 116.00 11.32
C SER IF 108 -82.97 115.77 11.64
N LEU IF 109 -82.60 114.52 11.94
CA LEU IF 109 -81.20 114.21 12.21
C LEU IF 109 -80.34 114.40 10.96
N VAL IF 110 -80.89 114.16 9.78
CA VAL IF 110 -80.13 114.37 8.55
C VAL IF 110 -79.98 115.86 8.27
N ALA IF 111 -81.05 116.64 8.46
CA ALA IF 111 -81.01 118.07 8.16
C ALA IF 111 -80.35 118.89 9.26
N THR IF 112 -80.05 118.30 10.41
CA THR IF 112 -79.38 119.05 11.47
C THR IF 112 -77.96 119.42 11.06
N SER IF 113 -77.38 120.37 11.79
CA SER IF 113 -76.06 120.89 11.51
C SER IF 113 -74.95 120.05 12.13
N GLN IF 114 -75.28 119.12 13.03
CA GLN IF 114 -74.28 118.27 13.67
C GLN IF 114 -73.71 117.23 12.72
N VAL IF 115 -74.58 116.57 11.94
CA VAL IF 115 -74.09 115.57 10.98
C VAL IF 115 -73.29 116.24 9.88
N GLU IF 116 -73.67 117.45 9.48
CA GLU IF 116 -72.90 118.18 8.46
C GLU IF 116 -71.50 118.48 8.96
N ASP IF 117 -71.36 118.90 10.22
CA ASP IF 117 -70.04 119.14 10.79
C ASP IF 117 -69.26 117.84 10.93
N LEU IF 118 -69.92 116.77 11.35
CA LEU IF 118 -69.26 115.46 11.44
C LEU IF 118 -68.74 115.01 10.08
N VAL IF 119 -69.46 115.33 9.01
CA VAL IF 119 -69.04 114.92 7.68
C VAL IF 119 -67.89 115.80 7.19
N VAL IF 120 -68.02 117.11 7.35
CA VAL IF 120 -67.04 118.05 6.82
C VAL IF 120 -65.77 118.05 7.68
N ASN IF 121 -65.88 118.56 8.89
CA ASN IF 121 -64.72 118.74 9.76
C ASN IF 121 -64.26 117.46 10.44
N LEU IF 122 -64.94 116.33 10.20
CA LEU IF 122 -64.58 115.04 10.78
C LEU IF 122 -64.55 115.09 12.31
N VAL IF 123 -65.36 115.97 12.89
CA VAL IF 123 -65.45 116.10 14.34
C VAL IF 123 -66.54 115.16 14.85
N PRO IF 124 -66.28 114.36 15.89
CA PRO IF 124 -67.31 113.43 16.38
C PRO IF 124 -68.57 114.16 16.81
N LEU IF 125 -69.71 113.52 16.57
CA LEU IF 125 -71.01 114.11 16.86
C LEU IF 125 -71.18 114.25 18.37
N GLY IF 126 -71.36 115.49 18.84
CA GLY IF 126 -71.53 115.75 20.25
C GLY IF 126 -71.60 117.23 20.58
N ARG IF 127 -72.72 117.87 20.24
CA ARG IF 127 -72.91 119.28 20.50
C ARG IF 127 -73.98 119.50 21.57
N SER JF 1 -73.40 58.91 -94.01
CA SER JF 1 -73.73 57.73 -93.23
C SER JF 1 -74.41 56.67 -94.09
N LYS JF 2 -75.29 55.89 -93.48
CA LYS JF 2 -75.95 54.77 -94.14
C LYS JF 2 -77.37 54.67 -93.60
N THR JF 3 -78.36 54.79 -94.48
CA THR JF 3 -79.77 54.76 -94.11
C THR JF 3 -80.41 53.49 -94.62
N ILE JF 4 -81.28 52.91 -93.80
CA ILE JF 4 -82.02 51.70 -94.14
C ILE JF 4 -83.51 51.98 -93.93
N VAL JF 5 -84.30 51.79 -94.98
CA VAL JF 5 -85.74 52.04 -94.94
C VAL JF 5 -86.47 50.71 -94.82
N LEU JF 6 -87.31 50.59 -93.80
CA LEU JF 6 -88.10 49.39 -93.55
C LEU JF 6 -89.58 49.73 -93.64
N SER JF 7 -90.32 48.96 -94.43
CA SER JF 7 -91.75 49.18 -94.64
C SER JF 7 -92.52 48.22 -93.76
N VAL JF 8 -93.33 48.77 -92.83
CA VAL JF 8 -94.13 47.94 -91.94
C VAL JF 8 -95.54 47.71 -92.47
N GLY JF 9 -95.95 48.44 -93.50
CA GLY JF 9 -97.28 48.29 -94.05
C GLY JF 9 -97.97 49.63 -94.30
N GLU JF 10 -97.93 50.51 -93.30
CA GLU JF 10 -98.50 51.84 -93.41
C GLU JF 10 -97.51 52.96 -93.16
N ALA JF 11 -96.40 52.69 -92.48
CA ALA JF 11 -95.38 53.69 -92.21
C ALA JF 11 -94.01 53.12 -92.57
N THR JF 12 -93.03 54.01 -92.69
CA THR JF 12 -91.68 53.65 -93.06
C THR JF 12 -90.73 54.08 -91.95
N ARG JF 13 -89.94 53.13 -91.44
CA ARG JF 13 -88.96 53.39 -90.40
C ARG JF 13 -87.57 53.53 -91.02
N THR JF 14 -86.76 54.39 -90.41
CA THR JF 14 -85.43 54.70 -90.91
C THR JF 14 -84.40 54.36 -89.84
N LEU JF 15 -83.44 53.51 -90.20
CA LEU JF 15 -82.31 53.17 -89.34
C LEU JF 15 -81.05 53.81 -89.87
N THR JF 16 -80.27 54.40 -88.98
CA THR JF 16 -79.07 55.14 -89.36
C THR JF 16 -77.83 54.46 -88.78
N GLU JF 17 -76.77 54.42 -89.59
CA GLU JF 17 -75.50 53.88 -89.14
C GLU JF 17 -74.89 54.80 -88.10
N ILE JF 18 -74.45 54.23 -86.97
CA ILE JF 18 -73.95 54.97 -85.83
C ILE JF 18 -72.47 54.68 -85.57
N GLN JF 19 -72.11 53.39 -85.53
CA GLN JF 19 -70.76 52.95 -85.13
C GLN JF 19 -70.17 52.17 -86.29
N SER JF 20 -69.64 52.88 -87.28
CA SER JF 20 -69.09 52.28 -88.49
C SER JF 20 -67.74 51.64 -88.17
N THR JF 21 -67.71 50.32 -88.08
CA THR JF 21 -66.49 49.57 -87.87
C THR JF 21 -66.60 48.24 -88.61
N ALA JF 22 -65.44 47.69 -88.99
CA ALA JF 22 -65.43 46.47 -89.78
C ALA JF 22 -65.95 45.28 -88.99
N ASP JF 23 -65.38 45.04 -87.81
CA ASP JF 23 -65.74 43.88 -87.00
C ASP JF 23 -67.03 44.07 -86.23
N ARG JF 24 -67.64 45.25 -86.25
CA ARG JF 24 -68.87 45.49 -85.52
C ARG JF 24 -69.58 46.70 -86.15
N GLN JF 25 -70.71 46.45 -86.80
CA GLN JF 25 -71.52 47.50 -87.38
C GLN JF 25 -72.79 47.65 -86.54
N ILE JF 26 -73.03 48.86 -86.05
CA ILE JF 26 -74.14 49.15 -85.15
C ILE JF 26 -75.07 50.13 -85.85
N PHE JF 27 -76.27 49.65 -86.21
CA PHE JF 27 -77.30 50.49 -86.78
C PHE JF 27 -78.34 50.82 -85.73
N GLU JF 28 -78.78 52.07 -85.68
CA GLU JF 28 -79.75 52.52 -84.69
C GLU JF 28 -80.89 53.27 -85.38
N GLU JF 29 -82.12 52.96 -84.96
CA GLU JF 29 -83.30 53.58 -85.53
C GLU JF 29 -83.51 54.97 -84.95
N LYS JF 30 -83.79 55.93 -85.81
CA LYS JF 30 -84.02 57.32 -85.41
C LYS JF 30 -85.49 57.66 -85.60
N VAL JF 31 -86.23 57.75 -84.50
CA VAL JF 31 -87.63 58.11 -84.53
C VAL JF 31 -87.88 59.21 -83.50
N GLY JF 32 -87.49 58.94 -82.25
CA GLY JF 32 -87.67 59.89 -81.18
C GLY JF 32 -86.61 59.72 -80.11
N PRO JF 33 -86.97 59.03 -79.02
CA PRO JF 33 -85.99 58.77 -77.95
C PRO JF 33 -84.95 57.77 -78.42
N LEU JF 34 -83.68 58.18 -78.37
CA LEU JF 34 -82.61 57.29 -78.85
C LEU JF 34 -82.38 56.14 -77.89
N VAL JF 35 -82.54 56.37 -76.59
CA VAL JF 35 -82.36 55.30 -75.61
C VAL JF 35 -83.58 54.38 -75.64
N GLY JF 36 -83.32 53.07 -75.60
CA GLY JF 36 -84.39 52.09 -75.65
C GLY JF 36 -85.12 52.07 -76.97
N ARG JF 37 -84.38 51.90 -78.07
CA ARG JF 37 -84.97 51.88 -79.40
C ARG JF 37 -84.59 50.60 -80.14
N LEU JF 38 -84.53 50.67 -81.47
CA LEU JF 38 -84.20 49.54 -82.30
C LEU JF 38 -82.71 49.60 -82.67
N ARG JF 39 -81.98 48.53 -82.36
CA ARG JF 39 -80.55 48.45 -82.65
C ARG JF 39 -80.26 47.14 -83.36
N LEU JF 40 -79.23 47.18 -84.22
CA LEU JF 40 -78.83 46.03 -85.01
C LEU JF 40 -77.31 45.94 -85.02
N THR JF 41 -76.81 44.76 -84.66
CA THR JF 41 -75.37 44.51 -84.61
C THR JF 41 -75.01 43.48 -85.67
N ALA JF 42 -74.06 43.84 -86.53
CA ALA JF 42 -73.60 42.97 -87.61
C ALA JF 42 -72.11 42.73 -87.46
N SER JF 43 -71.69 41.48 -87.70
CA SER JF 43 -70.29 41.11 -87.60
C SER JF 43 -69.96 40.08 -88.67
N LEU JF 44 -68.78 40.19 -89.25
CA LEU JF 44 -68.29 39.28 -90.27
C LEU JF 44 -66.84 38.92 -89.96
N ARG JF 45 -66.51 37.64 -90.08
CA ARG JF 45 -65.17 37.18 -89.77
C ARG JF 45 -64.87 35.92 -90.58
N GLN JF 46 -63.74 35.28 -90.28
CA GLN JF 46 -63.31 34.04 -90.88
C GLN JF 46 -63.36 32.92 -89.83
N ASN JF 47 -62.68 31.82 -90.10
CA ASN JF 47 -62.65 30.69 -89.18
C ASN JF 47 -61.51 29.76 -89.55
N GLY JF 48 -61.01 29.04 -88.56
CA GLY JF 48 -60.00 28.01 -88.76
C GLY JF 48 -58.79 28.46 -89.57
N ALA JF 49 -58.58 27.83 -90.71
CA ALA JF 49 -57.45 28.14 -91.58
C ALA JF 49 -57.96 28.61 -92.94
N LYS JF 50 -58.65 29.75 -92.94
CA LYS JF 50 -59.18 30.39 -94.15
C LYS JF 50 -60.07 29.44 -94.94
N THR JF 51 -60.86 28.64 -94.22
CA THR JF 51 -61.78 27.71 -94.87
C THR JF 51 -63.12 28.38 -95.18
N ALA JF 52 -63.95 28.57 -94.15
CA ALA JF 52 -65.26 29.19 -94.34
C ALA JF 52 -65.29 30.58 -93.72
N TYR JF 53 -66.49 31.06 -93.40
CA TYR JF 53 -66.66 32.37 -92.79
C TYR JF 53 -67.70 32.28 -91.69
N ARG JF 54 -67.90 33.40 -91.00
CA ARG JF 54 -68.85 33.46 -89.89
C ARG JF 54 -69.51 34.83 -89.89
N VAL JF 55 -70.83 34.85 -90.00
CA VAL JF 55 -71.61 36.09 -89.99
C VAL JF 55 -72.58 36.05 -88.81
N ASN JF 56 -72.61 37.15 -88.06
CA ASN JF 56 -73.49 37.26 -86.91
C ASN JF 56 -74.37 38.50 -87.06
N LEU JF 57 -75.68 38.32 -86.85
CA LEU JF 57 -76.65 39.40 -86.97
C LEU JF 57 -77.58 39.34 -85.77
N LYS JF 58 -77.57 40.40 -84.96
CA LYS JF 58 -78.41 40.49 -83.78
C LYS JF 58 -79.30 41.72 -83.90
N LEU JF 59 -80.54 41.60 -83.43
CA LEU JF 59 -81.51 42.70 -83.48
C LEU JF 59 -82.15 42.83 -82.11
N ASP JF 60 -81.98 43.99 -81.48
CA ASP JF 60 -82.51 44.24 -80.15
C ASP JF 60 -83.47 45.42 -80.17
N GLN JF 61 -84.47 45.37 -79.29
CA GLN JF 61 -85.45 46.45 -79.17
C GLN JF 61 -86.06 46.38 -77.79
N ALA JF 62 -85.78 47.39 -76.96
CA ALA JF 62 -86.27 47.45 -75.59
C ALA JF 62 -87.38 48.49 -75.50
N ASP JF 63 -88.52 48.09 -74.93
CA ASP JF 63 -89.64 48.99 -74.76
C ASP JF 63 -89.38 49.97 -73.61
N VAL JF 64 -89.97 51.15 -73.71
CA VAL JF 64 -89.80 52.20 -72.72
C VAL JF 64 -91.18 52.60 -72.19
N VAL JF 65 -91.18 53.17 -70.99
CA VAL JF 65 -92.39 53.65 -70.35
C VAL JF 65 -92.11 55.00 -69.71
N ASP JF 66 -93.16 55.82 -69.58
CA ASP JF 66 -93.04 57.16 -69.05
C ASP JF 66 -94.32 57.53 -68.32
N CYS JF 67 -94.18 58.28 -67.23
CA CYS JF 67 -95.31 58.71 -66.43
C CYS JF 67 -95.46 60.22 -66.35
N SER JF 68 -94.73 60.97 -67.17
CA SER JF 68 -94.82 62.43 -67.12
C SER JF 68 -96.17 62.96 -67.61
N THR JF 69 -96.97 62.10 -68.27
CA THR JF 69 -98.28 62.55 -68.74
C THR JF 69 -99.27 62.72 -67.59
N SER JF 70 -99.15 61.90 -66.55
CA SER JF 70 -100.07 61.99 -65.41
C SER JF 70 -99.31 62.24 -64.12
N VAL JF 71 -98.34 61.38 -63.81
CA VAL JF 71 -97.53 61.51 -62.60
C VAL JF 71 -96.60 62.69 -62.77
N CYS JF 72 -96.37 63.44 -61.68
CA CYS JF 72 -95.53 64.62 -61.77
C CYS JF 72 -94.07 64.28 -61.44
N GLY JF 73 -93.53 63.24 -62.07
CA GLY JF 73 -92.09 63.07 -62.12
C GLY JF 73 -91.65 61.64 -62.30
N GLU JF 74 -91.27 61.28 -63.53
CA GLU JF 74 -90.76 59.94 -63.82
C GLU JF 74 -90.06 59.98 -65.17
N LEU JF 75 -88.75 59.70 -65.16
CA LEU JF 75 -87.99 59.69 -66.40
C LEU JF 75 -88.34 58.46 -67.23
N PRO JF 76 -88.15 58.53 -68.55
CA PRO JF 76 -88.40 57.34 -69.39
C PRO JF 76 -87.52 56.18 -68.96
N LYS JF 77 -88.17 55.08 -68.57
CA LYS JF 77 -87.49 53.92 -68.03
C LYS JF 77 -87.74 52.71 -68.93
N VAL JF 78 -86.67 51.95 -69.20
CA VAL JF 78 -86.80 50.75 -70.03
C VAL JF 78 -87.49 49.65 -69.23
N ARG JF 79 -88.17 48.75 -69.94
CA ARG JF 79 -88.89 47.66 -69.31
C ARG JF 79 -88.15 46.38 -69.60
N TYR JF 80 -88.53 45.62 -70.63
CA TYR JF 80 -87.88 44.36 -70.97
C TYR JF 80 -86.93 44.55 -72.14
N THR JF 81 -86.14 43.50 -72.41
CA THR JF 81 -85.17 43.50 -73.49
C THR JF 81 -85.32 42.21 -74.28
N GLN JF 82 -85.32 42.32 -75.61
CA GLN JF 82 -85.43 41.18 -76.49
C GLN JF 82 -84.16 41.04 -77.32
N VAL JF 83 -83.67 39.80 -77.42
CA VAL JF 83 -82.44 39.50 -78.15
C VAL JF 83 -82.75 38.45 -79.20
N TRP JF 84 -82.42 38.76 -80.45
CA TRP JF 84 -82.63 37.86 -81.59
C TRP JF 84 -81.35 37.83 -82.41
N SER JF 85 -80.45 36.92 -82.07
CA SER JF 85 -79.17 36.78 -82.75
C SER JF 85 -79.27 35.75 -83.88
N HIS JF 86 -78.24 35.73 -84.72
CA HIS JF 86 -78.16 34.82 -85.84
C HIS JF 86 -76.76 34.25 -85.94
N ASP JF 87 -76.58 33.30 -86.86
CA ASP JF 87 -75.28 32.67 -87.06
C ASP JF 87 -75.27 32.08 -88.46
N VAL JF 88 -74.41 32.61 -89.33
CA VAL JF 88 -74.29 32.17 -90.72
C VAL JF 88 -72.90 31.57 -90.90
N THR JF 89 -72.86 30.28 -91.23
CA THR JF 89 -71.61 29.55 -91.47
C THR JF 89 -71.68 28.98 -92.88
N ILE JF 90 -71.35 29.80 -93.88
CA ILE JF 90 -71.36 29.41 -95.28
C ILE JF 90 -69.94 29.44 -95.80
N VAL JF 91 -69.51 28.33 -96.40
CA VAL JF 91 -68.16 28.24 -96.95
C VAL JF 91 -68.08 29.05 -98.24
N ALA JF 92 -66.86 29.47 -98.58
CA ALA JF 92 -66.67 30.27 -99.79
C ALA JF 92 -66.92 29.44 -101.05
N ASN JF 93 -66.19 28.34 -101.21
CA ASN JF 93 -66.33 27.46 -102.37
C ASN JF 93 -67.61 26.64 -102.21
N SER JF 94 -68.73 27.26 -102.54
CA SER JF 94 -70.02 26.61 -102.46
C SER JF 94 -70.72 26.61 -103.82
N THR JF 95 -72.01 26.94 -103.83
CA THR JF 95 -72.78 26.98 -105.06
C THR JF 95 -73.77 28.13 -105.00
N GLU JF 96 -73.77 28.96 -106.04
CA GLU JF 96 -74.67 30.11 -106.07
C GLU JF 96 -76.13 29.67 -106.14
N ALA JF 97 -76.42 28.65 -106.94
CA ALA JF 97 -77.79 28.15 -107.03
C ALA JF 97 -78.24 27.55 -105.70
N SER JF 98 -77.36 26.81 -105.02
CA SER JF 98 -77.72 26.25 -103.72
C SER JF 98 -77.94 27.35 -102.68
N ARG JF 99 -77.10 28.39 -102.71
CA ARG JF 99 -77.28 29.50 -101.77
C ARG JF 99 -78.59 30.23 -102.05
N LYS JF 100 -78.93 30.43 -103.32
CA LYS JF 100 -80.19 31.08 -103.66
C LYS JF 100 -81.39 30.24 -103.22
N SER JF 101 -81.31 28.93 -103.42
CA SER JF 101 -82.40 28.06 -102.99
C SER JF 101 -82.54 28.06 -101.47
N LEU JF 102 -81.41 28.07 -100.75
CA LEU JF 102 -81.47 28.13 -99.29
C LEU JF 102 -82.06 29.44 -98.82
N TYR JF 103 -81.69 30.56 -99.46
CA TYR JF 103 -82.25 31.85 -99.09
C TYR JF 103 -83.74 31.90 -99.37
N ASP JF 104 -84.18 31.33 -100.50
CA ASP JF 104 -85.61 31.29 -100.81
C ASP JF 104 -86.37 30.43 -99.79
N LEU JF 105 -85.80 29.29 -99.41
CA LEU JF 105 -86.44 28.46 -98.41
C LEU JF 105 -86.53 29.16 -97.06
N THR JF 106 -85.48 29.88 -96.67
CA THR JF 106 -85.51 30.64 -95.42
C THR JF 106 -86.56 31.75 -95.48
N LYS JF 107 -86.65 32.44 -96.61
CA LYS JF 107 -87.65 33.49 -96.77
C LYS JF 107 -89.06 32.92 -96.70
N SER JF 108 -89.28 31.75 -97.32
CA SER JF 108 -90.60 31.12 -97.26
C SER JF 108 -90.94 30.68 -95.84
N LEU JF 109 -89.97 30.11 -95.12
CA LEU JF 109 -90.22 29.69 -93.74
C LEU JF 109 -90.47 30.89 -92.84
N VAL JF 110 -89.85 32.04 -93.14
CA VAL JF 110 -90.10 33.23 -92.34
C VAL JF 110 -91.48 33.81 -92.64
N ALA JF 111 -91.86 33.85 -93.92
CA ALA JF 111 -93.13 34.43 -94.33
C ALA JF 111 -94.32 33.50 -94.10
N THR JF 112 -94.08 32.23 -93.78
CA THR JF 112 -95.18 31.31 -93.53
C THR JF 112 -95.95 31.70 -92.27
N SER JF 113 -97.15 31.15 -92.14
CA SER JF 113 -98.03 31.46 -91.02
C SER JF 113 -97.74 30.61 -89.79
N GLN JF 114 -96.94 29.56 -89.91
CA GLN JF 114 -96.62 28.71 -88.79
C GLN JF 114 -95.68 29.38 -87.78
N VAL JF 115 -94.64 30.05 -88.28
CA VAL JF 115 -93.72 30.75 -87.38
C VAL JF 115 -94.42 31.93 -86.71
N GLU JF 116 -95.33 32.59 -87.42
CA GLU JF 116 -96.09 33.67 -86.80
C GLU JF 116 -96.95 33.17 -85.64
N ASP JF 117 -97.60 32.03 -85.81
CA ASP JF 117 -98.38 31.44 -84.73
C ASP JF 117 -97.48 30.98 -83.60
N LEU JF 118 -96.33 30.39 -83.91
CA LEU JF 118 -95.37 30.00 -82.89
C LEU JF 118 -94.89 31.19 -82.07
N VAL JF 119 -94.74 32.35 -82.72
CA VAL JF 119 -94.28 33.54 -82.01
C VAL JF 119 -95.39 34.14 -81.17
N VAL JF 120 -96.60 34.25 -81.74
CA VAL JF 120 -97.71 34.91 -81.05
C VAL JF 120 -98.29 34.00 -79.99
N ASN JF 121 -98.94 32.91 -80.40
CA ASN JF 121 -99.67 32.04 -79.48
C ASN JF 121 -98.76 31.09 -78.72
N LEU JF 122 -97.45 31.12 -78.97
CA LEU JF 122 -96.48 30.27 -78.27
C LEU JF 122 -96.80 28.78 -78.45
N VAL JF 123 -97.43 28.44 -79.58
CA VAL JF 123 -97.78 27.06 -79.89
C VAL JF 123 -96.62 26.44 -80.66
N PRO JF 124 -96.17 25.24 -80.29
CA PRO JF 124 -95.04 24.63 -81.01
C PRO JF 124 -95.34 24.43 -82.49
N LEU JF 125 -94.32 24.60 -83.31
CA LEU JF 125 -94.47 24.52 -84.77
C LEU JF 125 -94.81 23.08 -85.16
N GLY JF 126 -95.96 22.90 -85.80
CA GLY JF 126 -96.39 21.59 -86.22
C GLY JF 126 -97.78 21.57 -86.81
N ARG JF 127 -97.93 22.10 -88.02
CA ARG JF 127 -99.22 22.15 -88.70
C ARG JF 127 -99.23 21.22 -89.91
N SER KF 1 -105.16 22.83 -86.11
CA SER KF 1 -105.23 22.60 -84.67
C SER KF 1 -106.58 22.02 -84.26
N LYS KF 2 -107.00 22.34 -83.04
CA LYS KF 2 -108.23 21.79 -82.47
C LYS KF 2 -108.88 22.86 -81.61
N THR KF 3 -110.11 23.24 -81.96
CA THR KF 3 -110.82 24.30 -81.26
C THR KF 3 -112.00 23.70 -80.48
N ILE KF 4 -112.21 24.22 -79.28
CA ILE KF 4 -113.30 23.79 -78.41
C ILE KF 4 -114.10 25.04 -78.01
N VAL KF 5 -115.40 25.01 -78.29
CA VAL KF 5 -116.29 26.14 -78.00
C VAL KF 5 -117.09 25.81 -76.75
N LEU KF 6 -117.04 26.69 -75.76
CA LEU KF 6 -117.77 26.53 -74.51
C LEU KF 6 -118.73 27.69 -74.34
N SER KF 7 -120.00 27.36 -74.07
CA SER KF 7 -121.06 28.36 -73.92
C SER KF 7 -121.29 28.60 -72.42
N VAL KF 8 -121.06 29.84 -71.98
CA VAL KF 8 -121.26 30.19 -70.58
C VAL KF 8 -122.65 30.75 -70.31
N GLY KF 9 -123.41 31.10 -71.36
CA GLY KF 9 -124.73 31.66 -71.19
C GLY KF 9 -124.97 32.86 -72.07
N GLU KF 10 -124.02 33.80 -72.06
CA GLU KF 10 -124.10 34.99 -72.90
C GLU KF 10 -122.92 35.16 -73.84
N ALA KF 11 -121.78 34.52 -73.56
CA ALA KF 11 -120.60 34.61 -74.41
C ALA KF 11 -120.08 33.20 -74.68
N THR KF 12 -119.22 33.08 -75.68
CA THR KF 12 -118.64 31.81 -76.09
C THR KF 12 -117.13 31.91 -75.98
N ARG KF 13 -116.53 30.97 -75.23
CA ARG KF 13 -115.09 30.90 -75.06
C ARG KF 13 -114.51 29.85 -75.98
N THR KF 14 -113.28 30.10 -76.45
CA THR KF 14 -112.61 29.23 -77.41
C THR KF 14 -111.30 28.75 -76.82
N LEU KF 15 -111.12 27.43 -76.74
CA LEU KF 15 -109.89 26.82 -76.29
C LEU KF 15 -109.18 26.19 -77.49
N THR KF 16 -107.87 26.41 -77.59
CA THR KF 16 -107.08 25.95 -78.72
C THR KF 16 -106.05 24.93 -78.27
N GLU KF 17 -105.88 23.89 -79.07
CA GLU KF 17 -104.86 22.88 -78.80
C GLU KF 17 -103.47 23.48 -78.98
N ILE KF 18 -102.61 23.28 -77.99
CA ILE KF 18 -101.27 23.85 -77.97
C ILE KF 18 -100.21 22.77 -78.08
N GLN KF 19 -100.26 21.76 -77.22
CA GLN KF 19 -99.22 20.76 -77.07
C GLN KF 19 -99.81 19.39 -77.44
N SER KF 20 -99.89 19.13 -78.75
CA SER KF 20 -100.50 17.90 -79.25
C SER KF 20 -99.55 16.73 -79.03
N THR KF 21 -99.86 15.89 -78.05
CA THR KF 21 -99.09 14.68 -77.77
C THR KF 21 -100.05 13.61 -77.26
N ALA KF 22 -99.67 12.35 -77.48
CA ALA KF 22 -100.55 11.24 -77.12
C ALA KF 22 -100.73 11.14 -75.62
N ASP KF 23 -99.62 11.06 -74.88
CA ASP KF 23 -99.68 10.87 -73.43
C ASP KF 23 -99.99 12.14 -72.66
N ARG KF 24 -100.09 13.30 -73.33
CA ARG KF 24 -100.38 14.56 -72.65
C ARG KF 24 -100.91 15.54 -73.68
N GLN KF 25 -102.20 15.87 -73.58
CA GLN KF 25 -102.84 16.86 -74.42
C GLN KF 25 -103.11 18.11 -73.60
N ILE KF 26 -102.58 19.24 -74.07
CA ILE KF 26 -102.67 20.51 -73.35
C ILE KF 26 -103.48 21.48 -74.19
N PHE KF 27 -104.68 21.81 -73.72
CA PHE KF 27 -105.53 22.81 -74.36
C PHE KF 27 -105.45 24.12 -73.58
N GLU KF 28 -105.35 25.23 -74.30
CA GLU KF 28 -105.22 26.55 -73.69
C GLU KF 28 -106.24 27.50 -74.29
N GLU KF 29 -106.89 28.28 -73.42
CA GLU KF 29 -107.92 29.22 -73.87
C GLU KF 29 -107.26 30.48 -74.40
N LYS KF 30 -107.74 30.95 -75.55
CA LYS KF 30 -107.22 32.15 -76.20
C LYS KF 30 -108.25 33.26 -76.10
N VAL KF 31 -108.00 34.24 -75.24
CA VAL KF 31 -108.88 35.38 -75.08
C VAL KF 31 -108.04 36.66 -75.11
N GLY KF 32 -107.03 36.72 -74.25
CA GLY KF 32 -106.15 37.86 -74.19
C GLY KF 32 -104.77 37.49 -73.72
N PRO KF 33 -104.50 37.71 -72.42
CA PRO KF 33 -103.19 37.31 -71.86
C PRO KF 33 -103.08 35.79 -71.77
N LEU KF 34 -102.06 35.25 -72.43
CA LEU KF 34 -101.90 33.80 -72.45
C LEU KF 34 -101.44 33.27 -71.09
N VAL KF 35 -100.62 34.04 -70.37
CA VAL KF 35 -100.17 33.62 -69.06
C VAL KF 35 -101.29 33.80 -68.05
N GLY KF 36 -101.47 32.81 -67.18
CA GLY KF 36 -102.53 32.86 -66.19
C GLY KF 36 -103.92 32.81 -66.79
N ARG KF 37 -104.18 31.78 -67.59
CA ARG KF 37 -105.48 31.63 -68.24
C ARG KF 37 -106.09 30.27 -67.93
N LEU KF 38 -106.91 29.75 -68.84
CA LEU KF 38 -107.57 28.47 -68.68
C LEU KF 38 -106.78 27.40 -69.41
N ARG KF 39 -106.37 26.35 -68.69
CA ARG KF 39 -105.62 25.25 -69.27
C ARG KF 39 -106.27 23.93 -68.89
N LEU KF 40 -106.12 22.95 -69.78
CA LEU KF 40 -106.73 21.63 -69.61
C LEU KF 40 -105.71 20.58 -70.02
N THR KF 41 -105.47 19.63 -69.11
CA THR KF 41 -104.52 18.54 -69.34
C THR KF 41 -105.29 17.22 -69.41
N ALA KF 42 -105.10 16.49 -70.51
CA ALA KF 42 -105.75 15.21 -70.72
C ALA KF 42 -104.71 14.12 -70.92
N SER KF 43 -104.95 12.96 -70.32
CA SER KF 43 -104.03 11.84 -70.43
C SER KF 43 -104.82 10.54 -70.49
N LEU KF 44 -104.35 9.61 -71.31
CA LEU KF 44 -104.96 8.29 -71.47
C LEU KF 44 -103.87 7.24 -71.46
N ARG KF 45 -104.10 6.15 -70.73
CA ARG KF 45 -103.11 5.09 -70.64
C ARG KF 45 -103.81 3.76 -70.36
N GLN KF 46 -103.02 2.74 -70.07
CA GLN KF 46 -103.50 1.42 -69.70
C GLN KF 46 -103.15 1.15 -68.24
N ASN KF 47 -103.19 -0.12 -67.84
CA ASN KF 47 -102.91 -0.51 -66.47
C ASN KF 47 -102.63 -2.00 -66.41
N GLY KF 48 -101.84 -2.41 -65.43
CA GLY KF 48 -101.58 -3.80 -65.14
C GLY KF 48 -101.15 -4.63 -66.34
N ALA KF 49 -101.96 -5.63 -66.70
CA ALA KF 49 -101.67 -6.51 -67.83
C ALA KF 49 -102.78 -6.40 -68.86
N LYS KF 50 -102.92 -5.21 -69.44
CA LYS KF 50 -103.89 -4.94 -70.50
C LYS KF 50 -105.31 -5.27 -70.06
N THR KF 51 -105.62 -4.98 -68.79
CA THR KF 51 -106.96 -5.24 -68.25
C THR KF 51 -107.88 -4.04 -68.51
N ALA KF 52 -107.72 -2.98 -67.73
CA ALA KF 52 -108.56 -1.79 -67.87
C ALA KF 52 -107.76 -0.64 -68.45
N TYR KF 53 -108.22 0.59 -68.22
CA TYR KF 53 -107.55 1.79 -68.70
C TYR KF 53 -107.57 2.85 -67.61
N ARG KF 54 -106.91 3.96 -67.89
CA ARG KF 54 -106.81 5.07 -66.94
C ARG KF 54 -106.86 6.38 -67.71
N VAL KF 55 -107.83 7.23 -67.38
CA VAL KF 55 -107.99 8.53 -68.00
C VAL KF 55 -107.89 9.61 -66.92
N ASN KF 56 -107.10 10.63 -67.21
CA ASN KF 56 -106.89 11.74 -66.28
C ASN KF 56 -107.24 13.05 -66.98
N LEU KF 57 -108.04 13.87 -66.31
CA LEU KF 57 -108.48 15.15 -66.84
C LEU KF 57 -108.33 16.21 -65.75
N LYS KF 58 -107.48 17.20 -65.98
CA LYS KF 58 -107.24 18.27 -65.03
C LYS KF 58 -107.56 19.61 -65.70
N LEU KF 59 -108.15 20.52 -64.94
CA LEU KF 59 -108.52 21.85 -65.44
C LEU KF 59 -108.02 22.89 -64.45
N ASP KF 60 -107.15 23.77 -64.93
CA ASP KF 60 -106.54 24.80 -64.09
C ASP KF 60 -106.88 26.18 -64.65
N GLN KF 61 -106.98 27.16 -63.73
CA GLN KF 61 -107.26 28.54 -64.11
C GLN KF 61 -106.78 29.44 -62.99
N ALA KF 62 -105.75 30.23 -63.26
CA ALA KF 62 -105.16 31.13 -62.28
C ALA KF 62 -105.55 32.57 -62.62
N ASP KF 63 -106.07 33.27 -61.62
CA ASP KF 63 -106.46 34.67 -61.79
C ASP KF 63 -105.23 35.57 -61.83
N VAL KF 64 -105.35 36.68 -62.55
CA VAL KF 64 -104.27 37.63 -62.70
C VAL KF 64 -104.73 39.00 -62.23
N VAL KF 65 -103.78 39.84 -61.85
CA VAL KF 65 -104.05 41.21 -61.42
C VAL KF 65 -103.03 42.14 -62.06
N ASP KF 66 -103.43 43.39 -62.22
CA ASP KF 66 -102.60 44.40 -62.87
C ASP KF 66 -102.88 45.76 -62.26
N CYS KF 67 -101.84 46.58 -62.15
CA CYS KF 67 -101.96 47.92 -61.59
C CYS KF 67 -101.56 49.02 -62.55
N SER KF 68 -101.39 48.70 -63.85
CA SER KF 68 -100.99 49.72 -64.81
C SER KF 68 -102.08 50.75 -65.07
N THR KF 69 -103.31 50.47 -64.63
CA THR KF 69 -104.40 51.42 -64.84
C THR KF 69 -104.27 52.64 -63.92
N SER KF 70 -103.73 52.45 -62.72
CA SER KF 70 -103.58 53.55 -61.77
C SER KF 70 -102.12 53.72 -61.36
N VAL KF 71 -101.51 52.65 -60.86
CA VAL KF 71 -100.12 52.69 -60.43
C VAL KF 71 -99.23 52.77 -61.67
N CYS KF 72 -98.14 53.54 -61.58
CA CYS KF 72 -97.32 53.65 -62.78
C CYS KF 72 -96.18 52.65 -62.78
N GLY KF 73 -96.51 51.38 -62.57
CA GLY KF 73 -95.60 50.30 -62.93
C GLY KF 73 -95.84 49.02 -62.17
N GLU KF 74 -96.49 48.06 -62.81
CA GLU KF 74 -96.75 46.75 -62.21
C GLU KF 74 -97.13 45.78 -63.33
N LEU KF 75 -96.32 44.74 -63.52
CA LEU KF 75 -96.61 43.76 -64.55
C LEU KF 75 -97.77 42.86 -64.10
N PRO KF 76 -98.50 42.27 -65.04
CA PRO KF 76 -99.57 41.34 -64.66
C PRO KF 76 -99.04 40.18 -63.84
N LYS KF 77 -99.55 40.05 -62.62
CA LYS KF 77 -99.06 39.07 -61.66
C LYS KF 77 -100.19 38.10 -61.31
N VAL KF 78 -99.86 36.81 -61.27
CA VAL KF 78 -100.84 35.80 -60.91
C VAL KF 78 -101.11 35.85 -59.41
N ARG KF 79 -102.32 35.43 -59.02
CA ARG KF 79 -102.72 35.46 -57.62
C ARG KF 79 -102.78 34.03 -57.13
N TYR KF 80 -103.94 33.38 -57.14
CA TYR KF 80 -104.10 32.02 -56.66
C TYR KF 80 -104.17 31.05 -57.84
N THR KF 81 -104.11 29.76 -57.51
CA THR KF 81 -104.17 28.69 -58.51
C THR KF 81 -105.16 27.64 -58.05
N GLN KF 82 -106.01 27.19 -58.98
CA GLN KF 82 -107.02 26.19 -58.70
C GLN KF 82 -106.74 24.94 -59.52
N VAL KF 83 -106.83 23.78 -58.87
CA VAL KF 83 -106.56 22.50 -59.49
C VAL KF 83 -107.78 21.61 -59.33
N TRP KF 84 -108.30 21.10 -60.45
CA TRP KF 84 -109.46 20.20 -60.46
C TRP KF 84 -109.13 19.03 -61.37
N SER KF 85 -108.56 17.98 -60.80
CA SER KF 85 -108.17 16.78 -61.53
C SER KF 85 -109.29 15.75 -61.49
N HIS KF 86 -109.15 14.73 -62.33
CA HIS KF 86 -110.12 13.65 -62.42
C HIS KF 86 -109.37 12.32 -62.51
N ASP KF 87 -110.15 11.23 -62.49
CA ASP KF 87 -109.58 9.89 -62.58
C ASP KF 87 -110.67 8.95 -63.06
N VAL KF 88 -110.50 8.39 -64.25
CA VAL KF 88 -111.47 7.48 -64.86
C VAL KF 88 -110.82 6.12 -64.99
N THR KF 89 -111.40 5.12 -64.30
CA THR KF 89 -110.91 3.75 -64.33
C THR KF 89 -112.06 2.86 -64.80
N ILE KF 90 -112.25 2.78 -66.11
CA ILE KF 90 -113.31 2.00 -66.73
C ILE KF 90 -112.66 0.86 -67.53
N VAL KF 91 -113.10 -0.36 -67.25
CA VAL KF 91 -112.56 -1.52 -67.97
C VAL KF 91 -113.13 -1.56 -69.38
N ALA KF 92 -112.39 -2.23 -70.28
CA ALA KF 92 -112.83 -2.31 -71.67
C ALA KF 92 -114.08 -3.18 -71.81
N ASN KF 93 -114.01 -4.43 -71.36
CA ASN KF 93 -115.13 -5.35 -71.43
C ASN KF 93 -116.15 -4.98 -70.35
N SER KF 94 -116.96 -3.98 -70.66
CA SER KF 94 -117.98 -3.50 -69.73
C SER KF 94 -119.37 -3.59 -70.38
N THR KF 95 -120.17 -2.53 -70.22
CA THR KF 95 -121.50 -2.49 -70.79
C THR KF 95 -121.79 -1.07 -71.26
N GLU KF 96 -122.24 -0.94 -72.52
CA GLU KF 96 -122.55 0.37 -73.06
C GLU KF 96 -123.71 1.02 -72.33
N ALA KF 97 -124.75 0.24 -72.02
CA ALA KF 97 -125.90 0.78 -71.30
C ALA KF 97 -125.50 1.22 -69.89
N SER KF 98 -124.67 0.43 -69.22
CA SER KF 98 -124.21 0.81 -67.88
C SER KF 98 -123.35 2.07 -67.93
N ARG KF 99 -122.49 2.18 -68.94
CA ARG KF 99 -121.66 3.38 -69.08
C ARG KF 99 -122.53 4.61 -69.36
N LYS KF 100 -123.55 4.46 -70.20
CA LYS KF 100 -124.45 5.58 -70.48
C LYS KF 100 -125.23 5.98 -69.24
N SER KF 101 -125.70 5.01 -68.46
CA SER KF 101 -126.41 5.33 -67.22
C SER KF 101 -125.50 6.03 -66.23
N LEU KF 102 -124.24 5.58 -66.12
CA LEU KF 102 -123.30 6.22 -65.22
C LEU KF 102 -122.99 7.65 -65.66
N TYR KF 103 -122.84 7.86 -66.97
CA TYR KF 103 -122.60 9.21 -67.47
C TYR KF 103 -123.80 10.11 -67.22
N ASP KF 104 -125.02 9.59 -67.40
CA ASP KF 104 -126.21 10.38 -67.12
C ASP KF 104 -126.32 10.72 -65.64
N LEU KF 105 -125.98 9.77 -64.77
CA LEU KF 105 -126.02 10.04 -63.33
C LEU KF 105 -124.98 11.10 -62.95
N THR KF 106 -123.78 11.02 -63.54
CA THR KF 106 -122.76 12.01 -63.26
C THR KF 106 -123.19 13.39 -63.75
N LYS KF 107 -123.80 13.45 -64.95
CA LYS KF 107 -124.28 14.73 -65.47
C LYS KF 107 -125.38 15.31 -64.58
N SER KF 108 -126.28 14.46 -64.08
CA SER KF 108 -127.33 14.94 -63.19
C SER KF 108 -126.75 15.44 -61.88
N LEU KF 109 -125.79 14.71 -61.31
CA LEU KF 109 -125.16 15.15 -60.07
C LEU KF 109 -124.38 16.45 -60.26
N VAL KF 110 -123.81 16.66 -61.45
CA VAL KF 110 -123.10 17.90 -61.71
C VAL KF 110 -124.08 19.06 -61.87
N ALA KF 111 -125.18 18.83 -62.60
CA ALA KF 111 -126.14 19.88 -62.88
C ALA KF 111 -127.09 20.15 -61.70
N THR KF 112 -127.08 19.30 -60.68
CA THR KF 112 -127.95 19.54 -59.53
C THR KF 112 -127.52 20.79 -58.76
N SER KF 113 -128.42 21.27 -57.91
CA SER KF 113 -128.19 22.49 -57.14
C SER KF 113 -127.43 22.24 -55.85
N GLN KF 114 -127.27 20.98 -55.45
CA GLN KF 114 -126.55 20.67 -54.21
C GLN KF 114 -125.05 20.88 -54.35
N VAL KF 115 -124.45 20.43 -55.46
CA VAL KF 115 -123.02 20.63 -55.67
C VAL KF 115 -122.71 22.11 -55.85
N GLU KF 116 -123.61 22.87 -56.49
CA GLU KF 116 -123.40 24.30 -56.63
C GLU KF 116 -123.36 24.99 -55.27
N ASP KF 117 -124.28 24.60 -54.37
CA ASP KF 117 -124.26 25.17 -53.02
C ASP KF 117 -123.02 24.74 -52.25
N LEU KF 118 -122.61 23.47 -52.40
CA LEU KF 118 -121.39 23.00 -51.76
C LEU KF 118 -120.17 23.77 -52.24
N VAL KF 119 -120.16 24.17 -53.52
CA VAL KF 119 -119.02 24.90 -54.06
C VAL KF 119 -119.06 26.35 -53.59
N VAL KF 120 -120.22 27.00 -53.66
CA VAL KF 120 -120.33 28.42 -53.34
C VAL KF 120 -120.29 28.63 -51.83
N ASN KF 121 -121.34 28.20 -51.14
CA ASN KF 121 -121.48 28.47 -49.71
C ASN KF 121 -120.63 27.55 -48.83
N LEU KF 122 -119.88 26.62 -49.42
CA LEU KF 122 -119.01 25.71 -48.67
C LEU KF 122 -119.79 24.90 -47.65
N VAL KF 123 -121.07 24.64 -47.92
CA VAL KF 123 -121.92 23.86 -47.03
C VAL KF 123 -121.83 22.39 -47.45
N PRO KF 124 -121.62 21.46 -46.51
CA PRO KF 124 -121.51 20.05 -46.89
C PRO KF 124 -122.75 19.55 -47.60
N LEU KF 125 -122.55 18.66 -48.56
CA LEU KF 125 -123.64 18.14 -49.37
C LEU KF 125 -124.56 17.28 -48.52
N GLY KF 126 -125.82 17.67 -48.42
CA GLY KF 126 -126.79 16.93 -47.63
C GLY KF 126 -128.14 17.61 -47.56
N ARG KF 127 -128.89 17.57 -48.66
CA ARG KF 127 -130.21 18.19 -48.71
C ARG KF 127 -131.30 17.13 -48.83
N SER LF 1 -125.91 16.11 -40.97
CA SER LF 1 -125.25 17.05 -40.06
C SER LF 1 -126.20 17.53 -38.97
N LYS LF 2 -125.93 18.74 -38.48
CA LYS LF 2 -126.63 19.29 -37.32
C LYS LF 2 -126.71 20.80 -37.50
N THR LF 3 -127.94 21.33 -37.54
CA THR LF 3 -128.18 22.75 -37.75
C THR LF 3 -128.71 23.39 -36.47
N ILE LF 4 -128.23 24.60 -36.20
CA ILE LF 4 -128.66 25.37 -35.04
C ILE LF 4 -129.13 26.73 -35.53
N VAL LF 5 -130.37 27.08 -35.18
CA VAL LF 5 -130.97 28.35 -35.60
C VAL LF 5 -130.95 29.31 -34.43
N LEU LF 6 -130.37 30.49 -34.64
CA LEU LF 6 -130.28 31.53 -33.61
C LEU LF 6 -131.02 32.77 -34.10
N SER LF 7 -131.92 33.28 -33.26
CA SER LF 7 -132.74 34.45 -33.58
C SER LF 7 -132.11 35.67 -32.93
N VAL LF 8 -131.69 36.64 -33.76
CA VAL LF 8 -131.10 37.88 -33.26
C VAL LF 8 -132.13 38.98 -33.07
N GLY LF 9 -133.34 38.82 -33.60
CA GLY LF 9 -134.36 39.85 -33.48
C GLY LF 9 -135.07 40.11 -34.79
N GLU LF 10 -134.30 40.28 -35.86
CA GLU LF 10 -134.85 40.51 -37.19
C GLU LF 10 -134.40 39.48 -38.22
N ALA LF 11 -133.27 38.80 -38.00
CA ALA LF 11 -132.77 37.79 -38.90
C ALA LF 11 -132.45 36.52 -38.12
N THR LF 12 -132.28 35.42 -38.84
CA THR LF 12 -132.00 34.12 -38.26
C THR LF 12 -130.67 33.61 -38.81
N ARG LF 13 -129.75 33.28 -37.92
CA ARG LF 13 -128.44 32.74 -38.29
C ARG LF 13 -128.45 31.23 -38.13
N THR LF 14 -127.70 30.56 -39.00
CA THR LF 14 -127.65 29.10 -39.05
C THR LF 14 -126.21 28.64 -38.84
N LEU LF 15 -126.00 27.80 -37.82
CA LEU LF 15 -124.70 27.18 -37.55
C LEU LF 15 -124.77 25.72 -37.92
N THR LF 16 -123.74 25.23 -38.60
CA THR LF 16 -123.69 23.86 -39.10
C THR LF 16 -122.56 23.10 -38.43
N GLU LF 17 -122.84 21.84 -38.08
CA GLU LF 17 -121.81 20.98 -37.52
C GLU LF 17 -120.77 20.63 -38.58
N ILE LF 18 -119.49 20.80 -38.23
CA ILE LF 18 -118.38 20.61 -39.14
C ILE LF 18 -117.51 19.44 -38.74
N GLN LF 19 -117.09 19.38 -37.48
CA GLN LF 19 -116.12 18.41 -36.99
C GLN LF 19 -116.79 17.58 -35.89
N SER LF 20 -117.56 16.59 -36.32
CA SER LF 20 -118.32 15.74 -35.39
C SER LF 20 -117.38 14.77 -34.70
N THR LF 21 -117.08 15.04 -33.43
CA THR LF 21 -116.27 14.15 -32.61
C THR LF 21 -116.76 14.23 -31.18
N ALA LF 22 -116.55 13.15 -30.43
CA ALA LF 22 -117.05 13.06 -29.06
C ALA LF 22 -116.36 14.07 -28.15
N ASP LF 23 -115.03 14.05 -28.12
CA ASP LF 23 -114.27 14.91 -27.21
C ASP LF 23 -114.14 16.34 -27.71
N ARG LF 24 -114.61 16.65 -28.92
CA ARG LF 24 -114.50 18.01 -29.46
C ARG LF 24 -115.55 18.15 -30.56
N GLN LF 25 -116.56 18.97 -30.31
CA GLN LF 25 -117.59 19.29 -31.29
C GLN LF 25 -117.39 20.72 -31.77
N ILE LF 26 -117.23 20.90 -33.08
CA ILE LF 26 -116.92 22.19 -33.68
C ILE LF 26 -118.09 22.58 -34.57
N PHE LF 27 -118.83 23.60 -34.17
CA PHE LF 27 -119.92 24.16 -34.98
C PHE LF 27 -119.44 25.45 -35.63
N GLU LF 28 -119.79 25.61 -36.91
CA GLU LF 28 -119.37 26.78 -37.68
C GLU LF 28 -120.58 27.40 -38.38
N GLU LF 29 -120.66 28.73 -38.31
CA GLU LF 29 -121.77 29.45 -38.91
C GLU LF 29 -121.55 29.60 -40.41
N LYS LF 30 -122.60 29.34 -41.19
CA LYS LF 30 -122.54 29.42 -42.65
C LYS LF 30 -123.38 30.61 -43.09
N VAL LF 31 -122.71 31.68 -43.52
CA VAL LF 31 -123.38 32.88 -44.02
C VAL LF 31 -122.73 33.30 -45.34
N GLY LF 32 -121.41 33.46 -45.31
CA GLY LF 32 -120.67 33.85 -46.49
C GLY LF 32 -119.24 33.34 -46.46
N PRO LF 33 -118.31 34.21 -46.06
CA PRO LF 33 -116.90 33.79 -45.94
C PRO LF 33 -116.73 32.87 -44.74
N LEU LF 34 -116.24 31.65 -45.00
CA LEU LF 34 -116.07 30.68 -43.93
C LEU LF 34 -114.93 31.06 -42.99
N VAL LF 35 -113.87 31.66 -43.52
CA VAL LF 35 -112.76 32.09 -42.69
C VAL LF 35 -113.14 33.34 -41.92
N GLY LF 36 -112.79 33.38 -40.64
CA GLY LF 36 -113.12 34.51 -39.80
C GLY LF 36 -114.61 34.67 -39.58
N ARG LF 37 -115.26 33.61 -39.08
CA ARG LF 37 -116.69 33.65 -38.82
C ARG LF 37 -117.00 33.26 -37.38
N LEU LF 38 -118.18 32.68 -37.15
CA LEU LF 38 -118.60 32.28 -35.82
C LEU LF 38 -118.33 30.80 -35.63
N ARG LF 39 -117.56 30.46 -34.59
CA ARG LF 39 -117.24 29.07 -34.29
C ARG LF 39 -117.54 28.79 -32.83
N LEU LF 40 -117.90 27.53 -32.56
CA LEU LF 40 -118.26 27.08 -31.22
C LEU LF 40 -117.62 25.73 -30.96
N THR LF 41 -116.90 25.64 -29.84
CA THR LF 41 -116.22 24.41 -29.44
C THR LF 41 -116.87 23.87 -28.18
N ALA LF 42 -117.30 22.61 -28.22
CA ALA LF 42 -117.94 21.95 -27.09
C ALA LF 42 -117.14 20.71 -26.71
N SER LF 43 -116.99 20.48 -25.41
CA SER LF 43 -116.26 19.33 -24.91
C SER LF 43 -116.92 18.82 -23.64
N LEU LF 44 -116.97 17.50 -23.49
CA LEU LF 44 -117.53 16.86 -22.31
C LEU LF 44 -116.60 15.74 -21.87
N ARG LF 45 -116.36 15.64 -20.56
CA ARG LF 45 -115.47 14.63 -20.04
C ARG LF 45 -115.86 14.30 -18.61
N GLN LF 46 -115.02 13.51 -17.93
CA GLN LF 46 -115.19 13.14 -16.54
C GLN LF 46 -114.09 13.80 -15.71
N ASN LF 47 -113.87 13.29 -14.50
CA ASN LF 47 -112.87 13.85 -13.61
C ASN LF 47 -112.58 12.84 -12.51
N GLY LF 48 -111.37 12.91 -11.96
CA GLY LF 48 -110.97 12.13 -10.81
C GLY LF 48 -111.25 10.64 -10.92
N ALA LF 49 -112.10 10.13 -10.04
CA ALA LF 49 -112.46 8.72 -10.01
C ALA LF 49 -113.96 8.57 -10.23
N LYS LF 50 -114.43 8.98 -11.41
CA LYS LF 50 -115.83 8.86 -11.81
C LYS LF 50 -116.75 9.55 -10.82
N THR LF 51 -116.31 10.68 -10.30
CA THR LF 51 -117.13 11.46 -9.35
C THR LF 51 -118.06 12.41 -10.09
N ALA LF 52 -117.52 13.52 -10.59
CA ALA LF 52 -118.32 14.51 -11.29
C ALA LF 52 -118.00 14.50 -12.78
N TYR LF 53 -118.29 15.62 -13.46
CA TYR LF 53 -118.03 15.75 -14.89
C TYR LF 53 -117.45 17.13 -15.16
N ARG LF 54 -117.09 17.36 -16.41
CA ARG LF 54 -116.52 18.63 -16.84
C ARG LF 54 -117.00 18.96 -18.24
N VAL LF 55 -117.64 20.12 -18.38
CA VAL LF 55 -118.15 20.58 -19.67
C VAL LF 55 -117.49 21.91 -19.99
N ASN LF 56 -117.01 22.01 -21.24
CA ASN LF 56 -116.35 23.23 -21.70
C ASN LF 56 -117.06 23.72 -22.96
N LEU LF 57 -117.37 25.02 -22.98
CA LEU LF 57 -118.06 25.65 -24.11
C LEU LF 57 -117.36 26.96 -24.43
N LYS LF 58 -116.80 27.05 -25.64
CA LYS LF 58 -116.10 28.25 -26.09
C LYS LF 58 -116.76 28.77 -27.36
N LEU LF 59 -116.85 30.09 -27.47
CA LEU LF 59 -117.46 30.73 -28.63
C LEU LF 59 -116.52 31.82 -29.14
N ASP LF 60 -116.08 31.68 -30.38
CA ASP LF 60 -115.14 32.62 -30.99
C ASP LF 60 -115.75 33.25 -32.23
N GLN LF 61 -115.35 34.50 -32.49
CA GLN LF 61 -115.83 35.22 -33.66
C GLN LF 61 -114.82 36.32 -33.98
N ALA LF 62 -114.13 36.19 -35.11
CA ALA LF 62 -113.12 37.14 -35.53
C ALA LF 62 -113.66 37.97 -36.69
N ASP LF 63 -113.55 39.30 -36.56
CA ASP LF 63 -114.01 40.20 -37.60
C ASP LF 63 -113.03 40.21 -38.76
N VAL LF 64 -113.55 40.47 -39.96
CA VAL LF 64 -112.75 40.50 -41.17
C VAL LF 64 -112.91 41.86 -41.84
N VAL LF 65 -111.93 42.23 -42.65
CA VAL LF 65 -111.93 43.48 -43.40
C VAL LF 65 -111.47 43.19 -44.82
N ASP LF 66 -111.91 44.04 -45.75
CA ASP LF 66 -111.59 43.88 -47.16
C ASP LF 66 -111.53 45.25 -47.82
N CYS LF 67 -110.61 45.39 -48.78
CA CYS LF 67 -110.43 46.64 -49.50
C CYS LF 67 -110.66 46.51 -50.99
N SER LF 68 -111.21 45.39 -51.46
CA SER LF 68 -111.43 45.21 -52.89
C SER LF 68 -112.52 46.13 -53.44
N THR LF 69 -113.30 46.77 -52.56
CA THR LF 69 -114.33 47.68 -53.03
C THR LF 69 -113.75 48.98 -53.57
N SER LF 70 -112.64 49.44 -53.00
CA SER LF 70 -112.01 50.68 -53.44
C SER LF 70 -110.57 50.43 -53.89
N VAL LF 71 -109.76 49.85 -53.01
CA VAL LF 71 -108.36 49.58 -53.32
C VAL LF 71 -108.31 48.43 -54.33
N CYS LF 72 -107.36 48.49 -55.26
CA CYS LF 72 -107.28 47.47 -56.28
C CYS LF 72 -106.33 46.34 -55.87
N GLY LF 73 -106.51 45.82 -54.66
CA GLY LF 73 -105.92 44.53 -54.32
C GLY LF 73 -105.68 44.34 -52.84
N GLU LF 74 -106.57 43.60 -52.17
CA GLU LF 74 -106.41 43.29 -50.76
C GLU LF 74 -107.32 42.12 -50.43
N LEU LF 75 -106.73 41.01 -50.00
CA LEU LF 75 -107.52 39.84 -49.63
C LEU LF 75 -108.22 40.08 -48.30
N PRO LF 76 -109.34 39.39 -48.04
CA PRO LF 76 -110.00 39.52 -46.74
C PRO LF 76 -109.07 39.12 -45.61
N LYS LF 77 -108.82 40.07 -44.71
CA LYS LF 77 -107.88 39.88 -43.62
C LYS LF 77 -108.59 40.00 -42.28
N VAL LF 78 -108.26 39.07 -41.36
CA VAL LF 78 -108.87 39.11 -40.04
C VAL LF 78 -108.27 40.26 -39.22
N ARG LF 79 -109.04 40.76 -38.27
CA ARG LF 79 -108.61 41.87 -37.43
C ARG LF 79 -108.36 41.34 -36.04
N TYR LF 80 -109.32 41.42 -35.12
CA TYR LF 80 -109.15 40.96 -33.76
C TYR LF 80 -109.84 39.62 -33.56
N THR LF 81 -109.59 39.01 -32.41
CA THR LF 81 -110.15 37.71 -32.05
C THR LF 81 -110.71 37.79 -30.64
N GLN LF 82 -111.92 37.26 -30.46
CA GLN LF 82 -112.59 37.25 -29.17
C GLN LF 82 -112.77 35.81 -28.70
N VAL LF 83 -112.46 35.56 -27.43
CA VAL LF 83 -112.56 34.23 -26.83
C VAL LF 83 -113.47 34.32 -25.63
N TRP LF 84 -114.51 33.48 -25.60
CA TRP LF 84 -115.47 33.41 -24.50
C TRP LF 84 -115.66 31.94 -24.15
N SER LF 85 -114.85 31.43 -23.23
CA SER LF 85 -114.91 30.04 -22.81
C SER LF 85 -115.79 29.90 -21.57
N HIS LF 86 -116.11 28.65 -21.24
CA HIS LF 86 -116.95 28.33 -20.10
C HIS LF 86 -116.36 27.13 -19.37
N ASP LF 87 -116.96 26.81 -18.23
CA ASP LF 87 -116.51 25.67 -17.43
C ASP LF 87 -117.67 25.23 -16.54
N VAL LF 88 -118.17 24.03 -16.76
CA VAL LF 88 -119.29 23.48 -16.02
C VAL LF 88 -118.79 22.27 -15.23
N THR LF 89 -118.87 22.35 -13.90
CA THR LF 89 -118.46 21.28 -13.01
C THR LF 89 -119.66 20.91 -12.14
N ILE LF 90 -120.53 20.06 -12.69
CA ILE LF 90 -121.74 19.62 -12.00
C ILE LF 90 -121.62 18.12 -11.75
N VAL LF 91 -121.80 17.73 -10.49
CA VAL LF 91 -121.72 16.31 -10.14
C VAL LF 91 -122.97 15.59 -10.61
N ALA LF 92 -122.85 14.27 -10.80
CA ALA LF 92 -123.97 13.48 -11.29
C ALA LF 92 -125.07 13.38 -10.24
N ASN LF 93 -124.73 12.88 -9.05
CA ASN LF 93 -125.70 12.73 -7.96
C ASN LF 93 -125.95 14.11 -7.34
N SER LF 94 -126.82 14.87 -8.00
CA SER LF 94 -127.17 16.20 -7.53
C SER LF 94 -128.67 16.31 -7.31
N THR LF 95 -129.28 17.41 -7.77
CA THR LF 95 -130.71 17.62 -7.62
C THR LF 95 -131.24 18.31 -8.86
N GLU LF 96 -132.31 17.75 -9.44
CA GLU LF 96 -132.89 18.33 -10.64
C GLU LF 96 -133.48 19.71 -10.36
N ALA LF 97 -134.16 19.87 -9.22
CA ALA LF 97 -134.73 21.16 -8.88
C ALA LF 97 -133.63 22.20 -8.65
N SER LF 98 -132.55 21.81 -7.98
CA SER LF 98 -131.43 22.74 -7.77
C SER LF 98 -130.77 23.12 -9.09
N ARG LF 99 -130.61 22.15 -10.00
CA ARG LF 99 -130.02 22.46 -11.30
C ARG LF 99 -130.92 23.39 -12.10
N LYS LF 100 -132.24 23.17 -12.04
CA LYS LF 100 -133.17 24.06 -12.74
C LYS LF 100 -133.14 25.46 -12.16
N SER LF 101 -133.08 25.58 -10.84
CA SER LF 101 -133.00 26.89 -10.21
C SER LF 101 -131.71 27.60 -10.57
N LEU LF 102 -130.59 26.86 -10.61
CA LEU LF 102 -129.32 27.46 -10.99
C LEU LF 102 -129.35 27.92 -12.45
N TYR LF 103 -129.94 27.12 -13.34
CA TYR LF 103 -130.06 27.52 -14.73
C TYR LF 103 -130.93 28.76 -14.88
N ASP LF 104 -132.03 28.82 -14.13
CA ASP LF 104 -132.89 30.00 -14.18
C ASP LF 104 -132.16 31.24 -13.67
N LEU LF 105 -131.39 31.09 -12.59
CA LEU LF 105 -130.63 32.22 -12.07
C LEU LF 105 -129.57 32.68 -13.07
N THR LF 106 -128.90 31.74 -13.74
CA THR LF 106 -127.92 32.11 -14.75
C THR LF 106 -128.58 32.82 -15.93
N LYS LF 107 -129.75 32.33 -16.36
CA LYS LF 107 -130.47 32.98 -17.45
C LYS LF 107 -130.89 34.38 -17.07
N SER LF 108 -131.35 34.57 -15.83
CA SER LF 108 -131.75 35.90 -15.38
C SER LF 108 -130.55 36.85 -15.31
N LEU LF 109 -129.42 36.35 -14.80
CA LEU LF 109 -128.21 37.18 -14.74
C LEU LF 109 -127.70 37.52 -16.13
N VAL LF 110 -127.89 36.64 -17.10
CA VAL LF 110 -127.47 36.93 -18.47
C VAL LF 110 -128.40 37.95 -19.11
N ALA LF 111 -129.71 37.79 -18.91
CA ALA LF 111 -130.69 38.68 -19.52
C ALA LF 111 -130.84 40.00 -18.81
N THR LF 112 -130.24 40.17 -17.62
CA THR LF 112 -130.34 41.43 -16.91
C THR LF 112 -129.58 42.53 -17.66
N SER LF 113 -129.89 43.77 -17.30
CA SER LF 113 -129.29 44.94 -17.94
C SER LF 113 -127.94 45.32 -17.36
N GLN LF 114 -127.55 44.74 -16.23
CA GLN LF 114 -126.26 45.05 -15.61
C GLN LF 114 -125.09 44.46 -16.38
N VAL LF 115 -125.21 43.19 -16.80
CA VAL LF 115 -124.13 42.57 -17.58
C VAL LF 115 -124.01 43.24 -18.94
N GLU LF 116 -125.12 43.67 -19.53
CA GLU LF 116 -125.05 44.38 -20.81
C GLU LF 116 -124.28 45.69 -20.67
N ASP LF 117 -124.54 46.43 -19.60
CA ASP LF 117 -123.79 47.67 -19.36
C ASP LF 117 -122.33 47.38 -19.07
N LEU LF 118 -122.05 46.33 -18.29
CA LEU LF 118 -120.66 45.95 -18.04
C LEU LF 118 -119.93 45.59 -19.32
N VAL LF 119 -120.63 44.98 -20.28
CA VAL LF 119 -119.99 44.60 -21.54
C VAL LF 119 -119.79 45.82 -22.43
N VAL LF 120 -120.82 46.67 -22.56
CA VAL LF 120 -120.77 47.80 -23.47
C VAL LF 120 -119.90 48.92 -22.89
N ASN LF 121 -120.38 49.55 -21.82
CA ASN LF 121 -119.72 50.72 -21.27
C ASN LF 121 -118.51 50.38 -20.40
N LEU LF 122 -118.19 49.10 -20.24
CA LEU LF 122 -117.03 48.66 -19.45
C LEU LF 122 -117.09 49.16 -18.01
N VAL LF 123 -118.31 49.36 -17.50
CA VAL LF 123 -118.51 49.83 -16.13
C VAL LF 123 -118.63 48.61 -15.23
N PRO LF 124 -117.92 48.57 -14.09
CA PRO LF 124 -118.00 47.39 -13.21
C PRO LF 124 -119.43 47.14 -12.74
N LEU LF 125 -119.77 45.87 -12.60
CA LEU LF 125 -121.11 45.46 -12.21
C LEU LF 125 -121.37 45.90 -10.78
N GLY LF 126 -122.40 46.73 -10.58
CA GLY LF 126 -122.75 47.21 -9.26
C GLY LF 126 -123.85 48.24 -9.28
N ARG LF 127 -125.08 47.80 -9.54
CA ARG LF 127 -126.22 48.71 -9.57
C ARG LF 127 -127.17 48.44 -8.41
N SER MF 1 -126.19 54.43 -11.31
CA SER MF 1 -124.92 55.13 -11.45
C SER MF 1 -125.08 56.62 -11.15
N LYS MF 2 -124.24 57.43 -11.79
CA LYS MF 2 -124.21 58.87 -11.54
C LYS MF 2 -123.90 59.57 -12.86
N THR MF 3 -124.82 60.43 -13.29
CA THR MF 3 -124.70 61.15 -14.55
C THR MF 3 -124.44 62.62 -14.29
N ILE MF 4 -123.57 63.21 -15.11
CA ILE MF 4 -123.22 64.62 -15.02
C ILE MF 4 -123.42 65.23 -16.41
N VAL MF 5 -124.24 66.28 -16.48
CA VAL MF 5 -124.56 66.94 -17.73
C VAL MF 5 -123.77 68.25 -17.80
N LEU MF 6 -123.01 68.42 -18.88
CA LEU MF 6 -122.22 69.62 -19.10
C LEU MF 6 -122.68 70.31 -20.37
N SER MF 7 -122.97 71.60 -20.28
CA SER MF 7 -123.45 72.40 -21.40
C SER MF 7 -122.28 73.16 -22.00
N VAL MF 8 -121.98 72.89 -23.27
CA VAL MF 8 -120.90 73.57 -23.97
C VAL MF 8 -121.37 74.80 -24.74
N GLY MF 9 -122.69 74.97 -24.92
CA GLY MF 9 -123.21 76.09 -25.65
C GLY MF 9 -124.29 75.69 -26.64
N GLU MF 10 -124.02 74.65 -27.43
CA GLU MF 10 -124.96 74.13 -28.40
C GLU MF 10 -125.29 72.66 -28.20
N ALA MF 11 -124.44 71.90 -27.51
CA ALA MF 11 -124.68 70.49 -27.25
C ALA MF 11 -124.45 70.20 -25.77
N THR MF 12 -124.94 69.05 -25.33
CA THR MF 12 -124.83 68.64 -23.93
C THR MF 12 -124.07 67.32 -23.87
N ARG MF 13 -123.00 67.29 -23.08
CA ARG MF 13 -122.20 66.11 -22.89
C ARG MF 13 -122.57 65.42 -21.58
N THR MF 14 -122.49 64.09 -21.56
CA THR MF 14 -122.89 63.29 -20.42
C THR MF 14 -121.70 62.46 -19.94
N LEU MF 15 -121.35 62.62 -18.68
CA LEU MF 15 -120.31 61.83 -18.03
C LEU MF 15 -120.95 60.85 -17.06
N THR MF 16 -120.48 59.60 -17.10
CA THR MF 16 -121.05 58.53 -16.30
C THR MF 16 -120.03 58.01 -15.29
N GLU MF 17 -120.49 57.75 -14.08
CA GLU MF 17 -119.64 57.16 -13.05
C GLU MF 17 -119.27 55.73 -13.42
N ILE MF 18 -117.98 55.45 -13.40
CA ILE MF 18 -117.41 54.16 -13.76
C ILE MF 18 -116.94 53.40 -12.54
N GLN MF 19 -116.02 53.98 -11.79
CA GLN MF 19 -115.26 53.32 -10.74
C GLN MF 19 -115.64 53.98 -9.41
N SER MF 20 -116.78 53.57 -8.86
CA SER MF 20 -117.30 54.15 -7.63
C SER MF 20 -116.49 53.64 -6.44
N THR MF 21 -115.64 54.51 -5.89
CA THR MF 21 -114.86 54.19 -4.70
C THR MF 21 -114.67 55.47 -3.90
N ALA MF 22 -114.50 55.32 -2.59
CA ALA MF 22 -114.40 56.47 -1.70
C ALA MF 22 -113.13 57.27 -1.97
N ASP MF 23 -111.97 56.62 -1.95
CA ASP MF 23 -110.70 57.29 -2.10
C ASP MF 23 -110.36 57.63 -3.55
N ARG MF 24 -111.18 57.19 -4.52
CA ARG MF 24 -110.90 57.47 -5.92
C ARG MF 24 -112.21 57.32 -6.70
N GLN MF 25 -112.73 58.43 -7.19
CA GLN MF 25 -113.94 58.44 -8.03
C GLN MF 25 -113.52 58.75 -9.46
N ILE MF 26 -113.88 57.86 -10.38
CA ILE MF 26 -113.49 57.97 -11.78
C ILE MF 26 -114.74 58.14 -12.61
N PHE MF 27 -114.92 59.33 -13.19
CA PHE MF 27 -116.02 59.61 -14.10
C PHE MF 27 -115.50 59.58 -15.53
N GLU MF 28 -116.28 58.97 -16.43
CA GLU MF 28 -115.89 58.83 -17.82
C GLU MF 28 -117.03 59.29 -18.74
N GLU MF 29 -116.68 60.07 -19.75
CA GLU MF 29 -117.66 60.59 -20.69
C GLU MF 29 -118.05 59.52 -21.71
N LYS MF 30 -119.34 59.37 -21.95
CA LYS MF 30 -119.88 58.40 -22.88
C LYS MF 30 -120.43 59.13 -24.10
N VAL MF 31 -119.70 59.05 -25.22
CA VAL MF 31 -120.14 59.66 -26.47
C VAL MF 31 -120.00 58.65 -27.59
N GLY MF 32 -118.80 58.08 -27.73
CA GLY MF 32 -118.53 57.10 -28.75
C GLY MF 32 -117.43 56.13 -28.33
N PRO MF 33 -116.21 56.38 -28.80
CA PRO MF 33 -115.07 55.54 -28.40
C PRO MF 33 -114.70 55.80 -26.95
N LEU MF 34 -114.74 54.73 -26.14
CA LEU MF 34 -114.45 54.88 -24.72
C LEU MF 34 -112.97 55.15 -24.48
N VAL MF 35 -112.10 54.55 -25.29
CA VAL MF 35 -110.67 54.78 -25.14
C VAL MF 35 -110.32 56.17 -25.68
N GLY MF 36 -109.47 56.89 -24.95
CA GLY MF 36 -109.08 58.23 -25.35
C GLY MF 36 -110.22 59.22 -25.33
N ARG MF 37 -110.88 59.34 -24.19
CA ARG MF 37 -112.00 60.26 -24.04
C ARG MF 37 -111.79 61.20 -22.87
N LEU MF 38 -112.88 61.66 -22.26
CA LEU MF 38 -112.83 62.58 -21.14
C LEU MF 38 -112.95 61.80 -19.84
N ARG MF 39 -111.97 61.95 -18.95
CA ARG MF 39 -111.97 61.28 -17.67
C ARG MF 39 -111.72 62.29 -16.55
N LEU MF 40 -112.28 62.00 -15.39
CA LEU MF 40 -112.18 62.87 -14.22
C LEU MF 40 -111.92 62.03 -12.99
N THR MF 41 -110.87 62.38 -12.24
CA THR MF 41 -110.47 61.68 -11.04
C THR MF 41 -110.68 62.60 -9.84
N ALA MF 42 -111.44 62.13 -8.86
CA ALA MF 42 -111.72 62.89 -7.64
C ALA MF 42 -111.25 62.11 -6.43
N SER MF 43 -110.64 62.82 -5.47
CA SER MF 43 -110.16 62.18 -4.26
C SER MF 43 -110.35 63.13 -3.08
N LEU MF 44 -110.72 62.57 -1.93
CA LEU MF 44 -110.92 63.33 -0.70
C LEU MF 44 -110.26 62.58 0.45
N ARG MF 45 -109.55 63.31 1.30
CA ARG MF 45 -108.86 62.69 2.42
C ARG MF 45 -108.71 63.71 3.54
N GLN MF 46 -107.94 63.34 4.56
CA GLN MF 46 -107.62 64.19 5.69
C GLN MF 46 -106.14 64.55 5.66
N ASN MF 47 -105.60 65.01 6.78
CA ASN MF 47 -104.20 65.40 6.87
C ASN MF 47 -103.81 65.50 8.33
N GLY MF 48 -102.52 65.29 8.58
CA GLY MF 48 -101.94 65.47 9.89
C GLY MF 48 -102.66 64.77 11.02
N ALA MF 49 -103.17 65.55 11.97
CA ALA MF 49 -103.90 65.01 13.12
C ALA MF 49 -105.32 65.54 13.13
N LYS MF 50 -106.09 65.18 12.10
CA LYS MF 50 -107.50 65.55 11.97
C LYS MF 50 -107.69 67.06 12.02
N THR MF 51 -106.76 67.79 11.41
CA THR MF 51 -106.84 69.25 11.36
C THR MF 51 -107.67 69.71 10.17
N ALA MF 52 -107.08 69.67 8.98
CA ALA MF 52 -107.77 70.11 7.77
C ALA MF 52 -108.10 68.92 6.88
N TYR MF 53 -108.30 69.16 5.58
CA TYR MF 53 -108.62 68.13 4.62
C TYR MF 53 -107.83 68.36 3.35
N ARG MF 54 -107.96 67.43 2.41
CA ARG MF 54 -107.26 67.51 1.13
C ARG MF 54 -108.16 66.96 0.04
N VAL MF 55 -108.43 67.78 -0.97
CA VAL MF 55 -109.27 67.40 -2.10
C VAL MF 55 -108.44 67.53 -3.37
N ASN MF 56 -108.50 66.49 -4.21
CA ASN MF 56 -107.76 66.46 -5.46
C ASN MF 56 -108.74 66.21 -6.60
N LEU MF 57 -108.64 67.03 -7.65
CA LEU MF 57 -109.50 66.92 -8.82
C LEU MF 57 -108.65 67.03 -10.07
N LYS MF 58 -108.63 65.96 -10.87
CA LYS MF 58 -107.86 65.93 -12.11
C LYS MF 58 -108.79 65.66 -13.28
N LEU MF 59 -108.53 66.30 -14.40
CA LEU MF 59 -109.35 66.14 -15.61
C LEU MF 59 -108.42 65.88 -16.79
N ASP MF 60 -108.59 64.74 -17.43
CA ASP MF 60 -107.76 64.33 -18.55
C ASP MF 60 -108.61 64.11 -19.79
N GLN MF 61 -108.00 64.38 -20.95
CA GLN MF 61 -108.68 64.19 -22.23
C GLN MF 61 -107.62 64.03 -23.31
N ALA MF 62 -107.53 62.84 -23.88
CA ALA MF 62 -106.54 62.52 -24.91
C ALA MF 62 -107.23 62.43 -26.26
N ASP MF 63 -106.70 63.16 -27.25
CA ASP MF 63 -107.25 63.14 -28.59
C ASP MF 63 -106.88 61.85 -29.31
N VAL MF 64 -107.74 61.43 -30.23
CA VAL MF 64 -107.55 60.20 -30.98
C VAL MF 64 -107.55 60.54 -32.47
N VAL MF 65 -106.93 59.66 -33.26
CA VAL MF 65 -106.88 59.80 -34.70
C VAL MF 65 -107.14 58.44 -35.33
N ASP MF 66 -107.65 58.46 -36.56
CA ASP MF 66 -108.01 57.25 -37.27
C ASP MF 66 -107.83 57.47 -38.77
N CYS MF 67 -107.39 56.41 -39.46
CA CYS MF 67 -107.15 56.47 -40.90
C CYS MF 67 -108.00 55.49 -41.69
N SER MF 68 -109.00 54.87 -41.06
CA SER MF 68 -109.83 53.90 -41.78
C SER MF 68 -110.72 54.56 -42.83
N THR MF 69 -110.85 55.89 -42.81
CA THR MF 69 -111.67 56.56 -43.80
C THR MF 69 -110.99 56.58 -45.18
N SER MF 70 -109.66 56.63 -45.21
CA SER MF 70 -108.93 56.66 -46.48
C SER MF 70 -107.95 55.51 -46.56
N VAL MF 71 -107.07 55.39 -45.58
CA VAL MF 71 -106.07 54.33 -45.55
C VAL MF 71 -106.77 53.02 -45.23
N CYS MF 72 -106.33 51.92 -45.83
CA CYS MF 72 -107.03 50.67 -45.61
C CYS MF 72 -106.35 49.85 -44.51
N GLY MF 73 -106.13 50.52 -43.36
CA GLY MF 73 -105.86 49.79 -42.14
C GLY MF 73 -105.10 50.58 -41.10
N GLU MF 74 -105.82 51.10 -40.09
CA GLU MF 74 -105.18 51.84 -39.01
C GLU MF 74 -106.19 51.92 -37.86
N LEU MF 75 -105.83 51.33 -36.72
CA LEU MF 75 -106.70 51.39 -35.56
C LEU MF 75 -106.69 52.78 -34.94
N PRO MF 76 -107.75 53.17 -34.23
CA PRO MF 76 -107.76 54.47 -33.54
C PRO MF 76 -106.61 54.57 -32.55
N LYS MF 77 -105.73 55.55 -32.78
CA LYS MF 77 -104.53 55.73 -31.99
C LYS MF 77 -104.57 57.07 -31.28
N VAL MF 78 -104.18 57.06 -29.99
CA VAL MF 78 -104.14 58.29 -29.22
C VAL MF 78 -102.95 59.14 -29.66
N ARG MF 79 -103.08 60.46 -29.49
CA ARG MF 79 -102.04 61.39 -29.89
C ARG MF 79 -101.40 61.95 -28.63
N TYR MF 80 -101.83 63.10 -28.14
CA TYR MF 80 -101.26 63.73 -26.96
C TYR MF 80 -102.17 63.50 -25.76
N THR MF 81 -101.66 63.85 -24.58
CA THR MF 81 -102.38 63.72 -23.33
C THR MF 81 -102.26 65.01 -22.54
N GLN MF 82 -103.39 65.47 -21.99
CA GLN MF 82 -103.44 66.69 -21.20
C GLN MF 82 -103.83 66.36 -19.77
N VAL MF 83 -103.12 66.95 -18.82
CA VAL MF 83 -103.35 66.72 -17.39
C VAL MF 83 -103.61 68.07 -16.72
N TRP MF 84 -104.74 68.16 -16.03
CA TRP MF 84 -105.13 69.38 -15.31
C TRP MF 84 -105.60 68.96 -13.91
N SER MF 85 -104.67 68.91 -12.97
CA SER MF 85 -104.96 68.51 -11.60
C SER MF 85 -105.25 69.73 -10.74
N HIS MF 86 -105.78 69.48 -9.54
CA HIS MF 86 -106.12 70.52 -8.59
C HIS MF 86 -105.65 70.10 -7.20
N ASP MF 87 -105.80 71.02 -6.25
CA ASP MF 87 -105.41 70.76 -4.87
C ASP MF 87 -106.18 71.72 -3.97
N VAL MF 88 -107.07 71.20 -3.14
CA VAL MF 88 -107.89 71.99 -2.24
C VAL MF 88 -107.49 71.66 -0.80
N THR MF 89 -106.99 72.65 -0.08
CA THR MF 89 -106.58 72.50 1.32
C THR MF 89 -107.37 73.51 2.14
N ILE MF 90 -108.60 73.14 2.50
CA ILE MF 90 -109.49 74.00 3.29
C ILE MF 90 -109.72 73.34 4.63
N VAL MF 91 -109.48 74.09 5.71
CA VAL MF 91 -109.68 73.55 7.05
C VAL MF 91 -111.17 73.49 7.35
N ALA MF 92 -111.54 72.61 8.29
CA ALA MF 92 -112.94 72.43 8.65
C ALA MF 92 -113.48 73.66 9.36
N ASN MF 93 -112.85 74.05 10.48
CA ASN MF 93 -113.27 75.20 11.26
C ASN MF 93 -112.84 76.47 10.53
N SER MF 94 -113.63 76.86 9.52
CA SER MF 94 -113.35 78.05 8.74
C SER MF 94 -114.52 79.03 8.80
N THR MF 95 -114.91 79.58 7.66
CA THR MF 95 -116.01 80.52 7.58
C THR MF 95 -116.79 80.29 6.29
N GLU MF 96 -118.10 80.15 6.42
CA GLU MF 96 -118.93 79.91 5.23
C GLU MF 96 -118.92 81.12 4.30
N ALA MF 97 -118.98 82.32 4.86
CA ALA MF 97 -118.95 83.52 4.03
C ALA MF 97 -117.60 83.67 3.33
N SER MF 98 -116.51 83.37 4.03
CA SER MF 98 -115.19 83.44 3.40
C SER MF 98 -115.05 82.39 2.30
N ARG MF 99 -115.57 81.18 2.53
CA ARG MF 99 -115.51 80.15 1.50
C ARG MF 99 -116.33 80.54 0.29
N LYS MF 100 -117.51 81.13 0.50
CA LYS MF 100 -118.34 81.57 -0.62
C LYS MF 100 -117.66 82.69 -1.39
N SER MF 101 -117.03 83.63 -0.69
CA SER MF 101 -116.32 84.71 -1.36
C SER MF 101 -115.13 84.17 -2.17
N LEU MF 102 -114.42 83.19 -1.61
CA LEU MF 102 -113.29 82.59 -2.33
C LEU MF 102 -113.78 81.85 -3.57
N TYR MF 103 -114.90 81.13 -3.46
CA TYR MF 103 -115.44 80.42 -4.60
C TYR MF 103 -115.90 81.40 -5.68
N ASP MF 104 -116.51 82.52 -5.28
CA ASP MF 104 -116.93 83.53 -6.25
C ASP MF 104 -115.73 84.16 -6.94
N LEU MF 105 -114.66 84.43 -6.18
CA LEU MF 105 -113.45 84.98 -6.78
C LEU MF 105 -112.82 84.01 -7.76
N THR MF 106 -112.80 82.73 -7.41
CA THR MF 106 -112.25 81.72 -8.32
C THR MF 106 -113.10 81.61 -9.58
N LYS MF 107 -114.42 81.65 -9.44
CA LYS MF 107 -115.30 81.59 -10.60
C LYS MF 107 -115.10 82.80 -11.50
N SER MF 108 -114.94 83.98 -10.90
CA SER MF 108 -114.69 85.19 -11.70
C SER MF 108 -113.35 85.12 -12.42
N LEU MF 109 -112.31 84.64 -11.74
CA LEU MF 109 -111.01 84.51 -12.38
C LEU MF 109 -111.04 83.47 -13.49
N VAL MF 110 -111.85 82.43 -13.35
CA VAL MF 110 -111.97 81.43 -14.41
C VAL MF 110 -112.73 81.99 -15.60
N ALA MF 111 -113.82 82.71 -15.33
CA ALA MF 111 -114.66 83.24 -16.41
C ALA MF 111 -114.09 84.50 -17.05
N THR MF 112 -113.06 85.09 -16.47
CA THR MF 112 -112.48 86.30 -17.06
C THR MF 112 -111.81 85.97 -18.39
N SER MF 113 -111.54 87.02 -19.17
CA SER MF 113 -110.95 86.88 -20.50
C SER MF 113 -109.44 86.78 -20.47
N GLN MF 114 -108.80 87.07 -19.33
CA GLN MF 114 -107.35 87.01 -19.22
C GLN MF 114 -106.84 85.57 -19.23
N VAL MF 115 -107.48 84.68 -18.46
CA VAL MF 115 -107.06 83.29 -18.43
C VAL MF 115 -107.31 82.62 -19.79
N GLU MF 116 -108.38 83.01 -20.47
CA GLU MF 116 -108.65 82.46 -21.80
C GLU MF 116 -107.54 82.85 -22.78
N ASP MF 117 -107.09 84.10 -22.73
CA ASP MF 117 -105.99 84.53 -23.58
C ASP MF 117 -104.69 83.84 -23.20
N LEU MF 118 -104.44 83.69 -21.90
CA LEU MF 118 -103.26 82.96 -21.44
C LEU MF 118 -103.26 81.52 -21.94
N VAL MF 119 -104.44 80.90 -22.01
CA VAL MF 119 -104.52 79.51 -22.47
C VAL MF 119 -104.34 79.43 -23.98
N VAL MF 120 -105.03 80.31 -24.71
CA VAL MF 120 -105.03 80.24 -26.18
C VAL MF 120 -103.72 80.79 -26.73
N ASN MF 121 -103.50 82.09 -26.60
CA ASN MF 121 -102.35 82.75 -27.22
C ASN MF 121 -101.05 82.55 -26.44
N LEU MF 122 -101.09 81.83 -25.31
CA LEU MF 122 -99.91 81.56 -24.50
C LEU MF 122 -99.22 82.85 -24.05
N VAL MF 123 -99.99 83.91 -23.89
CA VAL MF 123 -99.46 85.20 -23.44
C VAL MF 123 -99.55 85.25 -21.92
N PRO MF 124 -98.49 85.65 -21.22
CA PRO MF 124 -98.55 85.69 -19.75
C PRO MF 124 -99.66 86.60 -19.26
N LEU MF 125 -100.27 86.21 -18.14
CA LEU MF 125 -101.39 86.95 -17.58
C LEU MF 125 -100.90 88.30 -17.06
N GLY MF 126 -101.46 89.38 -17.60
CA GLY MF 126 -101.07 90.72 -17.19
C GLY MF 126 -101.73 91.80 -18.03
N ARG MF 127 -103.02 92.02 -17.81
CA ARG MF 127 -103.76 93.04 -18.56
C ARG MF 127 -104.18 94.18 -17.64
N SER NF 1 -94.41 92.68 -17.91
CA SER NF 1 -93.42 92.22 -18.88
C SER NF 1 -92.88 93.39 -19.70
N LYS NF 2 -92.51 93.10 -20.95
CA LYS NF 2 -91.89 94.08 -21.82
C LYS NF 2 -92.36 93.81 -23.25
N THR NF 3 -93.01 94.81 -23.86
CA THR NF 3 -93.58 94.68 -25.19
C THR NF 3 -92.79 95.54 -26.16
N ILE NF 4 -92.57 95.01 -27.37
CA ILE NF 4 -91.86 95.71 -28.43
C ILE NF 4 -92.75 95.70 -29.67
N VAL NF 5 -93.04 96.88 -30.21
CA VAL NF 5 -93.90 97.03 -31.37
C VAL NF 5 -93.03 97.30 -32.59
N LEU NF 6 -93.19 96.48 -33.63
CA LEU NF 6 -92.45 96.62 -34.87
C LEU NF 6 -93.41 96.87 -36.01
N SER NF 7 -93.15 97.92 -36.79
CA SER NF 7 -94.01 98.31 -37.90
C SER NF 7 -93.40 97.78 -39.20
N VAL NF 8 -94.13 96.91 -39.89
CA VAL NF 8 -93.66 96.35 -41.15
C VAL NF 8 -94.13 97.15 -42.36
N GLY NF 9 -95.09 98.06 -42.18
CA GLY NF 9 -95.62 98.83 -43.29
C GLY NF 9 -97.13 98.90 -43.28
N GLU NF 10 -97.77 97.74 -43.12
CA GLU NF 10 -99.24 97.67 -43.06
C GLU NF 10 -99.76 97.03 -41.78
N ALA NF 11 -98.95 96.24 -41.07
CA ALA NF 11 -99.34 95.61 -39.84
C ALA NF 11 -98.28 95.87 -38.78
N THR NF 12 -98.65 95.63 -37.52
CA THR NF 12 -97.76 95.85 -36.38
C THR NF 12 -97.59 94.53 -35.64
N ARG NF 13 -96.34 94.11 -35.46
CA ARG NF 13 -96.02 92.89 -34.74
C ARG NF 13 -95.59 93.23 -33.31
N THR NF 14 -95.91 92.33 -32.39
CA THR NF 14 -95.66 92.54 -30.96
C THR NF 14 -94.78 91.41 -30.46
N LEU NF 15 -93.63 91.77 -29.87
CA LEU NF 15 -92.73 90.83 -29.23
C LEU NF 15 -92.81 91.01 -27.72
N THR NF 16 -92.88 89.89 -27.00
CA THR NF 16 -93.05 89.91 -25.55
C THR NF 16 -91.83 89.29 -24.88
N GLU NF 17 -91.40 89.91 -23.78
CA GLU NF 17 -90.30 89.37 -22.98
C GLU NF 17 -90.73 88.08 -22.31
N ILE NF 18 -89.88 87.05 -22.41
CA ILE NF 18 -90.19 85.69 -21.97
C ILE NF 18 -89.24 85.22 -20.87
N GLN NF 19 -87.95 85.44 -21.05
CA GLN NF 19 -86.91 84.93 -20.15
C GLN NF 19 -86.08 86.11 -19.66
N SER NF 20 -86.61 86.83 -18.67
CA SER NF 20 -85.96 88.03 -18.16
C SER NF 20 -84.76 87.64 -17.30
N THR NF 21 -83.56 87.82 -17.84
CA THR NF 21 -82.32 87.57 -17.11
C THR NF 21 -81.27 88.58 -17.58
N ALA NF 22 -80.32 88.87 -16.70
CA ALA NF 22 -79.32 89.90 -17.00
C ALA NF 22 -78.41 89.45 -18.13
N ASP NF 23 -77.80 88.27 -18.01
CA ASP NF 23 -76.84 87.80 -18.99
C ASP NF 23 -77.49 87.22 -20.24
N ARG NF 24 -78.81 87.11 -20.28
CA ARG NF 24 -79.49 86.55 -21.45
C ARG NF 24 -80.94 87.02 -21.42
N GLN NF 25 -81.31 87.89 -22.36
CA GLN NF 25 -82.67 88.36 -22.52
C GLN NF 25 -83.28 87.73 -23.77
N ILE NF 26 -84.39 87.03 -23.59
CA ILE NF 26 -85.04 86.29 -24.67
C ILE NF 26 -86.41 86.91 -24.93
N PHE NF 27 -86.56 87.55 -26.08
CA PHE NF 27 -87.83 88.10 -26.51
C PHE NF 27 -88.46 87.18 -27.56
N GLU NF 28 -89.76 86.95 -27.44
CA GLU NF 28 -90.48 86.06 -28.35
C GLU NF 28 -91.72 86.75 -28.87
N GLU NF 29 -91.95 86.61 -30.19
CA GLU NF 29 -93.09 87.23 -30.83
C GLU NF 29 -94.35 86.41 -30.59
N LYS NF 30 -95.43 87.09 -30.23
CA LYS NF 30 -96.71 86.45 -29.95
C LYS NF 30 -97.69 86.81 -31.07
N VAL NF 31 -97.98 85.84 -31.93
CA VAL NF 31 -98.94 86.03 -33.02
C VAL NF 31 -99.89 84.84 -33.05
N GLY NF 32 -99.34 83.63 -33.11
CA GLY NF 32 -100.13 82.43 -33.13
C GLY NF 32 -99.39 81.26 -32.52
N PRO NF 33 -98.81 80.41 -33.38
CA PRO NF 33 -98.02 79.28 -32.88
C PRO NF 33 -96.72 79.76 -32.26
N LEU NF 34 -96.51 79.44 -30.98
CA LEU NF 34 -95.31 79.89 -30.29
C LEU NF 34 -94.06 79.18 -30.79
N VAL NF 35 -94.19 77.89 -31.15
CA VAL NF 35 -93.05 77.15 -31.66
C VAL NF 35 -92.77 77.57 -33.10
N GLY NF 36 -91.50 77.76 -33.42
CA GLY NF 36 -91.10 78.19 -34.75
C GLY NF 36 -91.57 79.59 -35.08
N ARG NF 37 -91.20 80.56 -34.24
CA ARG NF 37 -91.61 81.94 -34.46
C ARG NF 37 -90.40 82.87 -34.48
N LEU NF 38 -90.59 84.11 -34.07
CA LEU NF 38 -89.52 85.11 -34.04
C LEU NF 38 -88.96 85.20 -32.63
N ARG NF 39 -87.66 84.99 -32.49
CA ARG NF 39 -86.98 85.07 -31.20
C ARG NF 39 -85.77 85.99 -31.31
N LEU NF 40 -85.46 86.63 -30.19
CA LEU NF 40 -84.35 87.58 -30.11
C LEU NF 40 -83.59 87.35 -28.82
N THR NF 41 -82.27 87.17 -28.93
CA THR NF 41 -81.39 86.93 -27.80
C THR NF 41 -80.45 88.12 -27.63
N ALA NF 42 -80.45 88.71 -26.45
CA ALA NF 42 -79.60 89.86 -26.15
C ALA NF 42 -78.70 89.52 -24.97
N SER NF 43 -77.43 89.95 -25.05
CA SER NF 43 -76.46 89.70 -24.01
C SER NF 43 -75.54 90.90 -23.88
N LEU NF 44 -75.17 91.23 -22.64
CA LEU NF 44 -74.26 92.33 -22.35
C LEU NF 44 -73.27 91.87 -21.30
N ARG NF 45 -71.99 92.19 -21.51
CA ARG NF 45 -70.96 91.78 -20.58
C ARG NF 45 -69.80 92.77 -20.65
N GLN NF 46 -68.70 92.42 -19.98
CA GLN NF 46 -67.47 93.19 -19.97
C GLN NF 46 -66.38 92.41 -20.72
N ASN NF 47 -65.13 92.80 -20.51
CA ASN NF 47 -64.01 92.15 -21.17
C ASN NF 47 -62.72 92.51 -20.45
N GLY NF 48 -61.74 91.62 -20.54
CA GLY NF 48 -60.40 91.87 -20.03
C GLY NF 48 -60.35 92.35 -18.59
N ALA NF 49 -59.83 93.56 -18.39
CA ALA NF 49 -59.71 94.14 -17.06
C ALA NF 49 -60.51 95.44 -17.00
N LYS NF 50 -61.83 95.31 -17.14
CA LYS NF 50 -62.77 96.43 -17.05
C LYS NF 50 -62.42 97.53 -18.04
N THR NF 51 -61.98 97.14 -19.23
CA THR NF 51 -61.63 98.11 -20.28
C THR NF 51 -62.86 98.48 -21.09
N ALA NF 52 -63.27 97.60 -22.00
CA ALA NF 52 -64.42 97.85 -22.85
C ALA NF 52 -65.61 96.98 -22.46
N TYR NF 53 -66.53 96.76 -23.39
CA TYR NF 53 -67.70 95.93 -23.14
C TYR NF 53 -67.96 95.06 -24.36
N ARG NF 54 -68.95 94.18 -24.24
CA ARG NF 54 -69.31 93.26 -25.33
C ARG NF 54 -70.82 93.09 -25.33
N VAL NF 55 -71.44 93.40 -26.47
CA VAL NF 55 -72.88 93.26 -26.65
C VAL NF 55 -73.14 92.29 -27.80
N ASN NF 56 -74.04 91.35 -27.55
CA ASN NF 56 -74.41 90.34 -28.55
C ASN NF 56 -75.91 90.39 -28.79
N LEU NF 57 -76.30 90.44 -30.05
CA LEU NF 57 -77.70 90.49 -30.45
C LEU NF 57 -77.94 89.49 -31.58
N LYS NF 58 -78.77 88.49 -31.33
CA LYS NF 58 -79.09 87.47 -32.31
C LYS NF 58 -80.60 87.47 -32.56
N LEU NF 59 -80.99 87.26 -33.81
CA LEU NF 59 -82.39 87.22 -34.20
C LEU NF 59 -82.63 85.98 -35.04
N ASP NF 60 -83.52 85.11 -34.57
CA ASP NF 60 -83.82 83.86 -35.24
C ASP NF 60 -85.30 83.80 -35.61
N GLN NF 61 -85.59 83.11 -36.71
CA GLN NF 61 -86.97 82.94 -37.17
C GLN NF 61 -87.02 81.71 -38.06
N ALA NF 62 -87.70 80.67 -37.60
CA ALA NF 62 -87.81 79.41 -38.33
C ALA NF 62 -89.22 79.28 -38.90
N ASP NF 63 -89.30 79.00 -40.19
CA ASP NF 63 -90.59 78.83 -40.85
C ASP NF 63 -91.20 77.48 -40.50
N VAL NF 64 -92.53 77.43 -40.51
CA VAL NF 64 -93.27 76.22 -40.17
C VAL NF 64 -94.18 75.85 -41.33
N VAL NF 65 -94.54 74.58 -41.40
CA VAL NF 65 -95.43 74.06 -42.43
C VAL NF 65 -96.43 73.12 -41.76
N ASP NF 66 -97.60 73.00 -42.39
CA ASP NF 66 -98.69 72.19 -41.87
C ASP NF 66 -99.50 71.62 -43.02
N CYS NF 67 -99.98 70.39 -42.84
CA CYS NF 67 -100.77 69.71 -43.85
C CYS NF 67 -102.17 69.34 -43.38
N SER NF 68 -102.61 69.85 -42.23
CA SER NF 68 -103.94 69.51 -41.72
C SER NF 68 -105.06 70.10 -42.59
N THR NF 69 -104.73 71.03 -43.48
CA THR NF 69 -105.76 71.62 -44.34
C THR NF 69 -106.22 70.64 -45.41
N SER NF 70 -105.33 69.78 -45.89
CA SER NF 70 -105.67 68.82 -46.93
C SER NF 70 -105.41 67.39 -46.47
N VAL NF 71 -104.18 67.13 -46.04
CA VAL NF 71 -103.80 65.79 -45.57
C VAL NF 71 -104.46 65.55 -44.22
N CYS NF 72 -104.89 64.31 -43.98
CA CYS NF 72 -105.56 64.01 -42.72
C CYS NF 72 -104.58 63.54 -41.65
N GLY NF 73 -103.50 64.28 -41.46
CA GLY NF 73 -102.70 64.11 -40.25
C GLY NF 73 -101.25 64.52 -40.41
N GLU NF 74 -100.91 65.72 -39.93
CA GLU NF 74 -99.53 66.20 -39.96
C GLU NF 74 -99.41 67.36 -38.99
N LEU NF 75 -98.59 67.20 -37.97
CA LEU NF 75 -98.37 68.26 -37.01
C LEU NF 75 -97.54 69.39 -37.62
N PRO NF 76 -97.67 70.61 -37.12
CA PRO NF 76 -96.82 71.71 -37.61
C PRO NF 76 -95.35 71.40 -37.43
N LYS NF 77 -94.62 71.35 -38.54
CA LYS NF 77 -93.21 70.97 -38.55
C LYS NF 77 -92.36 72.13 -39.04
N VAL NF 78 -91.24 72.37 -38.36
CA VAL NF 78 -90.34 73.43 -38.76
C VAL NF 78 -89.57 73.01 -40.01
N ARG NF 79 -89.16 74.00 -40.81
CA ARG NF 79 -88.44 73.73 -42.04
C ARG NF 79 -86.99 74.16 -41.85
N TYR NF 80 -86.62 75.37 -42.23
CA TYR NF 80 -85.25 75.86 -42.11
C TYR NF 80 -85.13 76.79 -40.92
N THR NF 81 -83.89 77.14 -40.59
CA THR NF 81 -83.57 78.02 -39.47
C THR NF 81 -82.58 79.07 -39.95
N GLN NF 82 -82.84 80.33 -39.58
CA GLN NF 82 -81.98 81.45 -39.94
C GLN NF 82 -81.39 82.06 -38.68
N VAL NF 83 -80.08 82.33 -38.73
CA VAL NF 83 -79.35 82.90 -37.60
C VAL NF 83 -78.68 84.19 -38.06
N TRP NF 84 -78.95 85.28 -37.34
CA TRP NF 84 -78.37 86.59 -37.63
C TRP NF 84 -77.88 87.18 -36.31
N SER NF 85 -76.62 86.90 -35.97
CA SER NF 85 -76.01 87.37 -34.74
C SER NF 85 -75.27 88.69 -34.98
N HIS NF 86 -74.90 89.33 -33.88
CA HIS NF 86 -74.18 90.60 -33.93
C HIS NF 86 -73.06 90.58 -32.90
N ASP NF 87 -72.25 91.63 -32.91
CA ASP NF 87 -71.13 91.75 -31.98
C ASP NF 87 -70.76 93.23 -31.88
N VAL NF 88 -70.96 93.81 -30.69
CA VAL NF 88 -70.68 95.22 -30.45
C VAL NF 88 -69.55 95.29 -29.42
N THR NF 89 -68.42 95.88 -29.84
CA THR NF 89 -67.25 96.06 -28.98
C THR NF 89 -66.93 97.55 -28.94
N ILE NF 90 -67.63 98.27 -28.07
CA ILE NF 90 -67.46 99.71 -27.91
C ILE NF 90 -66.90 99.98 -26.52
N VAL NF 91 -65.79 100.72 -26.46
CA VAL NF 91 -65.19 101.05 -25.18
C VAL NF 91 -66.02 102.11 -24.47
N ALA NF 92 -65.88 102.16 -23.14
CA ALA NF 92 -66.65 103.12 -22.35
C ALA NF 92 -66.17 104.54 -22.61
N ASN NF 93 -64.89 104.81 -22.38
CA ASN NF 93 -64.31 106.13 -22.59
C ASN NF 93 -64.13 106.36 -24.09
N SER NF 94 -65.23 106.74 -24.74
CA SER NF 94 -65.21 107.00 -26.17
C SER NF 94 -65.68 108.42 -26.47
N THR NF 95 -66.55 108.58 -27.46
CA THR NF 95 -67.06 109.89 -27.84
C THR NF 95 -68.52 109.75 -28.24
N GLU NF 96 -69.38 110.58 -27.65
CA GLU NF 96 -70.81 110.52 -27.97
C GLU NF 96 -71.07 110.91 -29.42
N ALA NF 97 -70.38 111.94 -29.90
CA ALA NF 97 -70.56 112.36 -31.30
C ALA NF 97 -70.09 111.27 -32.26
N SER NF 98 -68.95 110.63 -31.95
CA SER NF 98 -68.46 109.55 -32.79
C SER NF 98 -69.41 108.36 -32.79
N ARG NF 99 -69.97 108.03 -31.61
CA ARG NF 99 -70.93 106.93 -31.54
C ARG NF 99 -72.19 107.25 -32.32
N LYS NF 100 -72.66 108.50 -32.24
CA LYS NF 100 -73.85 108.89 -33.01
C LYS NF 100 -73.58 108.84 -34.50
N SER NF 101 -72.40 109.29 -34.93
CA SER NF 101 -72.06 109.24 -36.35
C SER NF 101 -71.96 107.80 -36.83
N LEU NF 102 -71.38 106.91 -36.01
CA LEU NF 102 -71.28 105.51 -36.38
C LEU NF 102 -72.66 104.87 -36.48
N TYR NF 103 -73.55 105.20 -35.54
CA TYR NF 103 -74.92 104.67 -35.59
C TYR NF 103 -75.65 105.17 -36.82
N ASP NF 104 -75.46 106.44 -37.17
CA ASP NF 104 -76.11 106.98 -38.37
C ASP NF 104 -75.56 106.31 -39.63
N LEU NF 105 -74.25 106.07 -39.68
CA LEU NF 105 -73.67 105.39 -40.83
C LEU NF 105 -74.20 103.96 -40.95
N THR NF 106 -74.32 103.27 -39.82
CA THR NF 106 -74.86 101.91 -39.83
C THR NF 106 -76.31 101.91 -40.29
N LYS NF 107 -77.11 102.87 -39.81
CA LYS NF 107 -78.50 102.96 -40.23
C LYS NF 107 -78.60 103.24 -41.73
N SER NF 108 -77.74 104.12 -42.24
CA SER NF 108 -77.76 104.41 -43.67
C SER NF 108 -77.36 103.19 -44.49
N LEU NF 109 -76.34 102.46 -44.05
CA LEU NF 109 -75.92 101.25 -44.76
C LEU NF 109 -76.99 100.18 -44.72
N VAL NF 110 -77.77 100.12 -43.63
CA VAL NF 110 -78.84 99.14 -43.54
C VAL NF 110 -80.00 99.54 -44.44
N ALA NF 111 -80.36 100.83 -44.46
CA ALA NF 111 -81.48 101.30 -45.24
C ALA NF 111 -81.16 101.47 -46.72
N THR NF 112 -79.89 101.39 -47.12
CA THR NF 112 -79.54 101.53 -48.52
C THR NF 112 -80.08 100.36 -49.33
N SER NF 113 -80.12 100.54 -50.65
CA SER NF 113 -80.65 99.54 -51.57
C SER NF 113 -79.62 98.48 -51.96
N GLN NF 114 -78.34 98.69 -51.64
CA GLN NF 114 -77.31 97.72 -51.98
C GLN NF 114 -77.37 96.47 -51.12
N VAL NF 115 -77.57 96.64 -49.81
CA VAL NF 115 -77.67 95.48 -48.93
C VAL NF 115 -78.94 94.69 -49.22
N GLU NF 116 -80.03 95.38 -49.59
CA GLU NF 116 -81.26 94.69 -49.95
C GLU NF 116 -81.05 93.82 -51.19
N ASP NF 117 -80.34 94.34 -52.20
CA ASP NF 117 -80.05 93.53 -53.38
C ASP NF 117 -79.11 92.38 -53.04
N LEU NF 118 -78.11 92.63 -52.19
CA LEU NF 118 -77.22 91.56 -51.76
C LEU NF 118 -77.97 90.46 -51.04
N VAL NF 119 -79.00 90.82 -50.28
CA VAL NF 119 -79.77 89.81 -49.55
C VAL NF 119 -80.71 89.06 -50.49
N VAL NF 120 -81.41 89.77 -51.37
CA VAL NF 120 -82.41 89.16 -52.24
C VAL NF 120 -81.73 88.41 -53.38
N ASN NF 121 -81.11 89.14 -54.30
CA ASN NF 121 -80.55 88.56 -55.51
C ASN NF 121 -79.21 87.87 -55.29
N LEU NF 122 -78.69 87.89 -54.06
CA LEU NF 122 -77.41 87.24 -53.72
C LEU NF 122 -76.26 87.78 -54.57
N VAL NF 123 -76.36 89.04 -54.99
CA VAL NF 123 -75.32 89.68 -55.79
C VAL NF 123 -74.35 90.37 -54.84
N PRO NF 124 -73.04 90.19 -55.02
CA PRO NF 124 -72.08 90.82 -54.11
C PRO NF 124 -72.22 92.33 -54.11
N LEU NF 125 -72.01 92.94 -52.94
CA LEU NF 125 -72.17 94.37 -52.76
C LEU NF 125 -71.09 95.11 -53.55
N GLY NF 126 -71.51 95.94 -54.50
CA GLY NF 126 -70.59 96.70 -55.31
C GLY NF 126 -71.27 97.50 -56.41
N ARG NF 127 -71.94 98.58 -56.02
CA ARG NF 127 -72.64 99.43 -56.98
C ARG NF 127 -71.97 100.79 -57.10
N SER OF 1 -75.37 97.71 -62.49
CA SER OF 1 -75.03 96.37 -62.98
C SER OF 1 -75.05 96.32 -64.50
N LYS OF 2 -75.39 95.15 -65.04
CA LYS OF 2 -75.38 94.92 -66.48
C LYS OF 2 -76.52 93.98 -66.83
N THR OF 3 -77.44 94.45 -67.67
CA THR OF 3 -78.62 93.69 -68.06
C THR OF 3 -78.51 93.25 -69.51
N ILE OF 4 -78.95 92.03 -69.78
CA ILE OF 4 -78.94 91.45 -71.13
C ILE OF 4 -80.34 90.96 -71.42
N VAL OF 5 -80.93 91.45 -72.52
CA VAL OF 5 -82.28 91.09 -72.92
C VAL OF 5 -82.21 90.10 -74.07
N LEU OF 6 -82.87 88.94 -73.89
CA LEU OF 6 -82.90 87.89 -74.90
C LEU OF 6 -84.34 87.67 -75.33
N SER OF 7 -84.58 87.68 -76.64
CA SER OF 7 -85.90 87.51 -77.21
C SER OF 7 -86.05 86.06 -77.67
N VAL OF 8 -87.02 85.35 -77.08
CA VAL OF 8 -87.27 83.97 -77.45
C VAL OF 8 -88.35 83.83 -78.52
N GLY OF 9 -89.09 84.89 -78.80
CA GLY OF 9 -90.15 84.84 -79.79
C GLY OF 9 -91.43 85.49 -79.31
N GLU OF 10 -91.85 85.15 -78.09
CA GLU OF 10 -93.04 85.73 -77.48
C GLU OF 10 -92.78 86.40 -76.14
N ALA OF 11 -91.70 86.07 -75.46
CA ALA OF 11 -91.34 86.67 -74.19
C ALA OF 11 -89.89 87.11 -74.23
N THR OF 12 -89.52 87.97 -73.27
CA THR OF 12 -88.17 88.52 -73.17
C THR OF 12 -87.59 88.14 -71.82
N ARG OF 13 -86.42 87.50 -71.84
CA ARG OF 13 -85.71 87.11 -70.64
C ARG OF 13 -84.60 88.11 -70.33
N THR OF 14 -84.35 88.31 -69.04
CA THR OF 14 -83.39 89.29 -68.56
C THR OF 14 -82.33 88.59 -67.74
N LEU OF 15 -81.06 88.75 -68.13
CA LEU OF 15 -79.92 88.24 -67.39
C LEU OF 15 -79.19 89.40 -66.73
N THR OF 16 -78.82 89.23 -65.46
CA THR OF 16 -78.20 90.28 -64.68
C THR OF 16 -76.78 89.87 -64.29
N GLU OF 17 -75.86 90.83 -64.37
CA GLU OF 17 -74.49 90.58 -63.93
C GLU OF 17 -74.45 90.41 -62.42
N ILE OF 18 -73.80 89.32 -61.99
CA ILE OF 18 -73.71 88.93 -60.59
C ILE OF 18 -72.30 89.14 -60.06
N GLN OF 19 -71.32 88.52 -60.70
CA GLN OF 19 -69.95 88.39 -60.20
C GLN OF 19 -69.03 89.12 -61.18
N SER OF 20 -68.97 90.44 -61.05
CA SER OF 20 -68.19 91.28 -61.97
C SER OF 20 -66.71 91.14 -61.65
N THR OF 21 -65.99 90.41 -62.50
CA THR OF 21 -64.54 90.25 -62.37
C THR OF 21 -63.95 90.13 -63.77
N ALA OF 22 -62.68 90.54 -63.89
CA ALA OF 22 -62.03 90.56 -65.20
C ALA OF 22 -61.85 89.15 -65.74
N ASP OF 23 -61.23 88.26 -64.97
CA ASP OF 23 -60.92 86.92 -65.44
C ASP OF 23 -62.12 85.98 -65.40
N ARG OF 24 -63.26 86.42 -64.85
CA ARG OF 24 -64.44 85.55 -64.77
C ARG OF 24 -65.66 86.43 -64.60
N GLN OF 25 -66.50 86.48 -65.63
CA GLN OF 25 -67.76 87.23 -65.61
C GLN OF 25 -68.90 86.22 -65.53
N ILE OF 26 -69.74 86.36 -64.50
CA ILE OF 26 -70.83 85.42 -64.23
C ILE OF 26 -72.14 86.19 -64.37
N PHE OF 27 -72.91 85.86 -65.41
CA PHE OF 27 -74.24 86.42 -65.60
C PHE OF 27 -75.29 85.40 -65.18
N GLU OF 28 -76.33 85.87 -64.49
CA GLU OF 28 -77.37 85.00 -63.98
C GLU OF 28 -78.74 85.55 -64.36
N GLU OF 29 -79.62 84.67 -64.84
CA GLU OF 29 -80.96 85.08 -65.26
C GLU OF 29 -81.85 85.23 -64.04
N LYS OF 30 -82.62 86.33 -64.00
CA LYS OF 30 -83.53 86.64 -62.90
C LYS OF 30 -84.95 86.50 -63.41
N VAL OF 31 -85.62 85.43 -62.98
CA VAL OF 31 -87.02 85.19 -63.35
C VAL OF 31 -87.80 84.82 -62.09
N GLY OF 32 -87.32 83.82 -61.36
CA GLY OF 32 -87.95 83.38 -60.15
C GLY OF 32 -86.96 82.76 -59.19
N PRO OF 33 -86.90 81.43 -59.16
CA PRO OF 33 -85.92 80.74 -58.30
C PRO OF 33 -84.51 80.94 -58.83
N LEU OF 34 -83.64 81.52 -58.00
CA LEU OF 34 -82.27 81.79 -58.43
C LEU OF 34 -81.46 80.51 -58.55
N VAL OF 35 -81.72 79.53 -57.69
CA VAL OF 35 -81.00 78.25 -57.77
C VAL OF 35 -81.55 77.44 -58.94
N GLY OF 36 -80.64 76.82 -59.70
CA GLY OF 36 -81.03 76.04 -60.85
C GLY OF 36 -81.66 76.87 -61.95
N ARG OF 37 -80.94 77.89 -62.41
CA ARG OF 37 -81.45 78.75 -63.47
C ARG OF 37 -80.47 78.83 -64.63
N LEU OF 38 -80.45 79.95 -65.34
CA LEU OF 38 -79.58 80.16 -66.48
C LEU OF 38 -78.35 80.96 -66.04
N ARG OF 39 -77.17 80.39 -66.27
CA ARG OF 39 -75.92 81.04 -65.91
C ARG OF 39 -74.98 81.06 -67.10
N LEU OF 40 -74.14 82.08 -67.16
CA LEU OF 40 -73.20 82.27 -68.26
C LEU OF 40 -71.85 82.70 -67.69
N THR OF 41 -70.79 81.98 -68.07
CA THR OF 41 -69.44 82.26 -67.61
C THR OF 41 -68.61 82.71 -68.80
N ALA OF 42 -67.99 83.89 -68.68
CA ALA OF 42 -67.15 84.46 -69.72
C ALA OF 42 -65.74 84.69 -69.17
N SER OF 43 -64.75 84.39 -70.01
CA SER OF 43 -63.35 84.56 -69.61
C SER OF 43 -62.54 85.01 -70.82
N LEU OF 44 -61.60 85.91 -70.58
CA LEU OF 44 -60.70 86.41 -71.62
C LEU OF 44 -59.29 86.45 -71.07
N ARG OF 45 -58.33 85.99 -71.89
CA ARG OF 45 -56.94 85.95 -71.45
C ARG OF 45 -56.04 86.06 -72.68
N GLN OF 46 -54.74 85.85 -72.46
CA GLN OF 46 -53.72 85.84 -73.49
C GLN OF 46 -53.18 84.42 -73.66
N ASN OF 47 -52.02 84.29 -74.30
CA ASN OF 47 -51.41 82.99 -74.52
C ASN OF 47 -49.94 83.19 -74.89
N GLY OF 48 -49.13 82.19 -74.58
CA GLY OF 48 -47.74 82.15 -74.99
C GLY OF 48 -46.94 83.39 -74.66
N ALA OF 49 -46.45 84.07 -75.69
CA ALA OF 49 -45.65 85.28 -75.52
C ALA OF 49 -46.34 86.45 -76.22
N LYS OF 50 -47.53 86.80 -75.73
CA LYS OF 50 -48.31 87.94 -76.22
C LYS OF 50 -48.58 87.81 -77.72
N THR OF 51 -48.84 86.58 -78.17
CA THR OF 51 -49.13 86.34 -79.58
C THR OF 51 -50.62 86.51 -79.85
N ALA OF 52 -51.43 85.51 -79.48
CA ALA OF 52 -52.86 85.55 -79.70
C ALA OF 52 -53.62 85.75 -78.39
N TYR OF 53 -54.89 85.36 -78.37
CA TYR OF 53 -55.72 85.48 -77.18
C TYR OF 53 -56.55 84.21 -77.02
N ARG OF 54 -57.30 84.16 -75.92
CA ARG OF 54 -58.15 83.01 -75.62
C ARG OF 54 -59.42 83.49 -74.95
N VAL OF 55 -60.56 83.16 -75.55
CA VAL OF 55 -61.87 83.54 -75.02
C VAL OF 55 -62.66 82.27 -74.76
N ASN OF 56 -63.27 82.20 -73.57
CA ASN OF 56 -64.06 81.06 -73.17
C ASN OF 56 -65.46 81.52 -72.79
N LEU OF 57 -66.47 80.85 -73.33
CA LEU OF 57 -67.87 81.18 -73.07
C LEU OF 57 -68.63 79.90 -72.78
N LYS OF 58 -69.16 79.78 -71.57
CA LYS OF 58 -69.93 78.61 -71.15
C LYS OF 58 -71.32 79.05 -70.74
N LEU OF 59 -72.32 78.23 -71.07
CA LEU OF 59 -73.71 78.51 -70.75
C LEU OF 59 -74.32 77.26 -70.11
N ASP OF 60 -74.79 77.41 -68.88
CA ASP OF 60 -75.36 76.29 -68.13
C ASP OF 60 -76.79 76.61 -67.74
N GLN OF 61 -77.61 75.55 -67.66
CA GLN OF 61 -79.01 75.68 -67.26
C GLN OF 61 -79.48 74.34 -66.74
N ALA OF 62 -79.77 74.28 -65.44
CA ALA OF 62 -80.21 73.05 -64.79
C ALA OF 62 -81.70 73.15 -64.48
N ASP OF 63 -82.46 72.14 -64.89
CA ASP OF 63 -83.89 72.10 -64.64
C ASP OF 63 -84.16 71.75 -63.18
N VAL OF 64 -85.28 72.24 -62.67
CA VAL OF 64 -85.69 72.02 -61.28
C VAL OF 64 -87.06 71.37 -61.27
N VAL OF 65 -87.36 70.68 -60.17
CA VAL OF 65 -88.64 70.03 -59.97
C VAL OF 65 -89.10 70.30 -58.54
N ASP OF 66 -90.42 70.26 -58.35
CA ASP OF 66 -91.02 70.55 -57.06
C ASP OF 66 -92.31 69.74 -56.91
N CYS OF 67 -92.57 69.29 -55.68
CA CYS OF 67 -93.75 68.50 -55.38
C CYS OF 67 -94.67 69.15 -54.36
N SER OF 68 -94.45 70.44 -54.02
CA SER OF 68 -95.29 71.10 -53.03
C SER OF 68 -96.71 71.33 -53.53
N THR OF 69 -96.96 71.17 -54.83
CA THR OF 69 -98.30 71.36 -55.36
C THR OF 69 -99.22 70.21 -54.97
N SER OF 70 -98.69 69.01 -54.86
CA SER OF 70 -99.51 67.85 -54.51
C SER OF 70 -98.98 67.18 -53.25
N VAL OF 71 -97.71 66.80 -53.26
CA VAL OF 71 -97.09 66.14 -52.11
C VAL OF 71 -96.91 67.16 -50.99
N CYS OF 72 -97.12 66.76 -49.75
CA CYS OF 72 -97.00 67.74 -48.69
C CYS OF 72 -95.60 67.73 -48.09
N GLY OF 73 -94.58 67.86 -48.93
CA GLY OF 73 -93.27 68.26 -48.48
C GLY OF 73 -92.13 67.83 -49.38
N GLU OF 74 -91.64 68.75 -50.21
CA GLU OF 74 -90.51 68.47 -51.09
C GLU OF 74 -89.94 69.80 -51.56
N LEU OF 75 -88.68 70.06 -51.21
CA LEU OF 75 -88.03 71.29 -51.63
C LEU OF 75 -87.69 71.23 -53.11
N PRO OF 76 -87.57 72.38 -53.78
CA PRO OF 76 -87.17 72.39 -55.19
C PRO OF 76 -85.80 71.73 -55.37
N LYS OF 77 -85.79 70.66 -56.16
CA LYS OF 77 -84.59 69.85 -56.36
C LYS OF 77 -84.17 69.89 -57.82
N VAL OF 78 -82.87 70.06 -58.06
CA VAL OF 78 -82.36 70.08 -59.42
C VAL OF 78 -82.36 68.67 -59.99
N ARG OF 79 -82.47 68.57 -61.32
CA ARG OF 79 -82.52 67.28 -62.00
C ARG OF 79 -81.21 67.10 -62.75
N TYR OF 80 -81.14 67.44 -64.03
CA TYR OF 80 -79.94 67.27 -64.82
C TYR OF 80 -79.23 68.61 -65.01
N THR OF 81 -78.02 68.54 -65.55
CA THR OF 81 -77.20 69.72 -65.79
C THR OF 81 -76.64 69.66 -67.20
N GLN OF 82 -76.71 70.79 -67.91
CA GLN OF 82 -76.22 70.88 -69.28
C GLN OF 82 -75.07 71.88 -69.33
N VAL OF 83 -74.00 71.50 -70.03
CA VAL OF 83 -72.80 72.31 -70.16
C VAL OF 83 -72.52 72.53 -71.64
N TRP OF 84 -72.41 73.80 -72.04
CA TRP OF 84 -72.13 74.19 -73.42
C TRP OF 84 -71.02 75.24 -73.39
N SER OF 85 -69.77 74.80 -73.44
CA SER OF 85 -68.62 75.67 -73.41
C SER OF 85 -68.17 76.03 -74.82
N HIS OF 86 -67.29 77.02 -74.90
CA HIS OF 86 -66.76 77.50 -76.18
C HIS OF 86 -65.26 77.72 -76.03
N ASP OF 87 -64.61 78.03 -77.16
CA ASP OF 87 -63.18 78.30 -77.16
C ASP OF 87 -62.87 79.14 -78.40
N VAL OF 88 -62.42 80.37 -78.19
CA VAL OF 88 -62.10 81.30 -79.26
C VAL OF 88 -60.61 81.58 -79.22
N THR OF 89 -59.90 81.21 -80.28
CA THR OF 89 -58.45 81.43 -80.40
C THR OF 89 -58.22 82.26 -81.66
N ILE OF 90 -58.37 83.57 -81.54
CA ILE OF 90 -58.20 84.50 -82.66
C ILE OF 90 -57.00 85.39 -82.35
N VAL OF 91 -56.04 85.44 -83.30
CA VAL OF 91 -54.86 86.26 -83.11
C VAL OF 91 -55.22 87.73 -83.30
N ALA OF 92 -54.40 88.61 -82.71
CA ALA OF 92 -54.67 90.04 -82.79
C ALA OF 92 -54.45 90.55 -84.21
N ASN OF 93 -53.26 90.36 -84.75
CA ASN OF 93 -52.92 90.80 -86.11
C ASN OF 93 -53.58 89.86 -87.11
N SER OF 94 -54.87 90.09 -87.35
CA SER OF 94 -55.63 89.28 -88.29
C SER OF 94 -56.23 90.15 -89.39
N THR OF 95 -57.50 89.92 -89.71
CA THR OF 95 -58.19 90.69 -90.74
C THR OF 95 -59.63 90.91 -90.32
N GLU OF 96 -60.08 92.17 -90.37
CA GLU OF 96 -61.44 92.49 -89.98
C GLU OF 96 -62.45 91.85 -90.92
N ALA OF 97 -62.17 91.89 -92.24
CA ALA OF 97 -63.08 91.27 -93.20
C ALA OF 97 -63.15 89.76 -93.00
N SER OF 98 -62.00 89.12 -92.75
CA SER OF 98 -62.00 87.68 -92.50
C SER OF 98 -62.76 87.34 -91.22
N ARG OF 99 -62.59 88.14 -90.17
CA ARG OF 99 -63.32 87.90 -88.94
C ARG OF 99 -64.82 88.08 -89.14
N LYS OF 100 -65.23 89.08 -89.91
CA LYS OF 100 -66.64 89.29 -90.18
C LYS OF 100 -67.22 88.14 -91.00
N SER OF 101 -66.47 87.66 -92.00
CA SER OF 101 -66.93 86.53 -92.79
C SER OF 101 -67.05 85.27 -91.93
N LEU OF 102 -66.08 85.05 -91.03
CA LEU OF 102 -66.15 83.89 -90.16
C LEU OF 102 -67.35 83.98 -89.21
N TYR OF 103 -67.61 85.18 -88.67
CA TYR OF 103 -68.77 85.36 -87.80
C TYR OF 103 -70.07 85.12 -88.56
N ASP OF 104 -70.15 85.61 -89.81
CA ASP OF 104 -71.34 85.39 -90.60
C ASP OF 104 -71.54 83.90 -90.91
N LEU OF 105 -70.44 83.19 -91.22
CA LEU OF 105 -70.55 81.76 -91.47
C LEU OF 105 -70.99 81.01 -90.22
N THR OF 106 -70.47 81.39 -89.05
CA THR OF 106 -70.89 80.76 -87.82
C THR OF 106 -72.36 81.03 -87.52
N LYS OF 107 -72.81 82.27 -87.76
CA LYS OF 107 -74.21 82.60 -87.54
C LYS OF 107 -75.12 81.81 -88.49
N SER OF 108 -74.70 81.66 -89.75
CA SER OF 108 -75.48 80.87 -90.69
C SER OF 108 -75.53 79.40 -90.30
N LEU OF 109 -74.41 78.84 -89.87
CA LEU OF 109 -74.38 77.45 -89.43
C LEU OF 109 -75.23 77.25 -88.17
N VAL OF 110 -75.31 78.25 -87.30
CA VAL OF 110 -76.14 78.14 -86.11
C VAL OF 110 -77.61 78.24 -86.47
N ALA OF 111 -77.96 79.17 -87.36
CA ALA OF 111 -79.36 79.39 -87.73
C ALA OF 111 -79.87 78.36 -88.74
N THR OF 112 -79.01 77.54 -89.31
CA THR OF 112 -79.46 76.53 -90.26
C THR OF 112 -80.31 75.47 -89.56
N SER OF 113 -81.05 74.71 -90.37
CA SER OF 113 -81.95 73.69 -89.86
C SER OF 113 -81.26 72.36 -89.58
N GLN OF 114 -80.02 72.18 -90.04
CA GLN OF 114 -79.29 70.94 -89.83
C GLN OF 114 -78.84 70.78 -88.38
N VAL OF 115 -78.31 71.84 -87.77
CA VAL OF 115 -77.88 71.76 -86.38
C VAL OF 115 -79.09 71.59 -85.46
N GLU OF 116 -80.22 72.21 -85.81
CA GLU OF 116 -81.43 72.02 -85.01
C GLU OF 116 -81.88 70.57 -85.03
N ASP OF 117 -81.85 69.93 -86.19
CA ASP OF 117 -82.20 68.51 -86.28
C ASP OF 117 -81.18 67.64 -85.53
N LEU OF 118 -79.90 67.97 -85.65
CA LEU OF 118 -78.87 67.24 -84.91
C LEU OF 118 -79.08 67.35 -83.41
N VAL OF 119 -79.56 68.49 -82.94
CA VAL OF 119 -79.79 68.68 -81.51
C VAL OF 119 -81.05 67.94 -81.06
N VAL OF 120 -82.13 68.08 -81.82
CA VAL OF 120 -83.43 67.51 -81.43
C VAL OF 120 -83.44 66.01 -81.66
N ASN OF 121 -83.42 65.59 -82.93
CA ASN OF 121 -83.58 64.19 -83.28
C ASN OF 121 -82.30 63.38 -83.10
N LEU OF 122 -81.20 64.01 -82.66
CA LEU OF 122 -79.93 63.32 -82.44
C LEU OF 122 -79.42 62.62 -83.71
N VAL OF 123 -79.79 63.15 -84.87
CA VAL OF 123 -79.36 62.59 -86.15
C VAL OF 123 -78.06 63.27 -86.56
N PRO OF 124 -77.04 62.52 -86.97
CA PRO OF 124 -75.76 63.14 -87.35
C PRO OF 124 -75.93 64.14 -88.48
N LEU OF 125 -75.15 65.21 -88.43
CA LEU OF 125 -75.24 66.28 -89.41
C LEU OF 125 -74.79 65.77 -90.78
N GLY OF 126 -75.67 65.82 -91.76
CA GLY OF 126 -75.35 65.37 -93.10
C GLY OF 126 -76.54 65.39 -94.04
N ARG OF 127 -76.94 66.59 -94.46
CA ARG OF 127 -78.08 66.74 -95.37
C ARG OF 127 -77.62 67.25 -96.73
N SER PF 1 -13.13 2.77 -136.91
CA SER PF 1 -13.67 1.79 -135.98
C SER PF 1 -13.87 0.43 -136.65
N LYS PF 2 -14.86 -0.31 -136.18
CA LYS PF 2 -15.12 -1.67 -136.65
C LYS PF 2 -16.63 -1.89 -136.66
N THR PF 3 -17.18 -2.19 -137.83
CA THR PF 3 -18.61 -2.38 -137.99
C THR PF 3 -18.92 -3.85 -138.29
N ILE PF 4 -20.00 -4.34 -137.69
CA ILE PF 4 -20.45 -5.72 -137.88
C ILE PF 4 -21.91 -5.67 -138.32
N VAL PF 5 -22.20 -6.28 -139.47
CA VAL PF 5 -23.55 -6.30 -140.03
C VAL PF 5 -24.17 -7.67 -139.77
N LEU PF 6 -25.35 -7.68 -139.14
CA LEU PF 6 -26.07 -8.90 -138.83
C LEU PF 6 -27.42 -8.87 -139.54
N SER PF 7 -27.72 -9.95 -140.26
CA SER PF 7 -28.96 -10.05 -141.03
C SER PF 7 -29.95 -10.89 -140.23
N VAL PF 8 -31.09 -10.27 -139.87
CA VAL PF 8 -32.13 -10.98 -139.13
C VAL PF 8 -33.18 -11.61 -140.02
N GLY PF 9 -33.21 -11.25 -141.31
CA GLY PF 9 -34.19 -11.79 -142.22
C GLY PF 9 -34.81 -10.72 -143.10
N GLU PF 10 -35.24 -9.61 -142.48
CA GLU PF 10 -35.81 -8.49 -143.20
C GLU PF 10 -35.09 -7.17 -142.97
N ALA PF 11 -34.33 -7.04 -141.88
CA ALA PF 11 -33.57 -5.83 -141.59
C ALA PF 11 -32.14 -6.21 -141.25
N THR PF 12 -31.26 -5.21 -141.28
CA THR PF 12 -29.84 -5.40 -141.00
C THR PF 12 -29.45 -4.53 -139.82
N ARG PF 13 -28.87 -5.15 -138.79
CA ARG PF 13 -28.41 -4.45 -137.61
C ARG PF 13 -26.91 -4.21 -137.70
N THR PF 14 -26.46 -3.10 -137.13
CA THR PF 14 -25.06 -2.68 -137.19
C THR PF 14 -24.52 -2.54 -135.79
N LEU PF 15 -23.45 -3.25 -135.49
CA LEU PF 15 -22.73 -3.14 -134.22
C LEU PF 15 -21.41 -2.44 -134.44
N THR PF 16 -21.09 -1.49 -133.55
CA THR PF 16 -19.89 -0.66 -133.68
C THR PF 16 -18.95 -0.93 -132.53
N GLU PF 17 -17.66 -0.99 -132.84
CA GLU PF 17 -16.63 -1.15 -131.81
C GLU PF 17 -16.55 0.12 -130.96
N ILE PF 18 -16.58 -0.06 -129.65
CA ILE PF 18 -16.59 1.05 -128.69
C ILE PF 18 -15.31 1.09 -127.88
N GLN PF 19 -14.93 -0.03 -127.27
CA GLN PF 19 -13.84 -0.09 -126.30
C GLN PF 19 -12.78 -1.03 -126.86
N SER PF 20 -11.95 -0.50 -127.76
CA SER PF 20 -10.92 -1.29 -128.44
C SER PF 20 -9.76 -1.55 -127.48
N THR PF 21 -9.68 -2.77 -126.99
CA THR PF 21 -8.59 -3.21 -126.12
C THR PF 21 -8.30 -4.68 -126.39
N ALA PF 22 -7.05 -5.08 -126.15
CA ALA PF 22 -6.63 -6.45 -126.46
C ALA PF 22 -7.34 -7.45 -125.57
N ASP PF 23 -7.27 -7.26 -124.26
CA ASP PF 23 -7.84 -8.23 -123.31
C ASP PF 23 -9.35 -8.10 -123.15
N ARG PF 24 -9.97 -7.09 -123.78
CA ARG PF 24 -11.42 -6.90 -123.64
C ARG PF 24 -11.89 -6.05 -124.82
N GLN PF 25 -12.65 -6.68 -125.72
CA GLN PF 25 -13.24 -5.98 -126.86
C GLN PF 25 -14.74 -5.86 -126.62
N ILE PF 26 -15.24 -4.63 -126.64
CA ILE PF 26 -16.65 -4.33 -126.34
C ILE PF 26 -17.29 -3.76 -127.60
N PHE PF 27 -18.20 -4.53 -128.19
CA PHE PF 27 -18.98 -4.08 -129.34
C PHE PF 27 -20.37 -3.69 -128.88
N GLU PF 28 -20.89 -2.57 -129.39
CA GLU PF 28 -22.19 -2.06 -129.01
C GLU PF 28 -23.02 -1.75 -130.24
N GLU PF 29 -24.29 -2.17 -130.23
CA GLU PF 29 -25.18 -1.96 -131.35
C GLU PF 29 -25.71 -0.53 -131.34
N LYS PF 30 -25.69 0.11 -132.50
CA LYS PF 30 -26.15 1.49 -132.67
C LYS PF 30 -27.45 1.48 -133.47
N VAL PF 31 -28.56 1.72 -132.79
CA VAL PF 31 -29.87 1.79 -133.43
C VAL PF 31 -30.59 3.04 -132.96
N GLY PF 32 -30.71 3.20 -131.64
CA GLY PF 32 -31.37 4.34 -131.05
C GLY PF 32 -30.82 4.65 -129.68
N PRO PF 33 -31.52 4.21 -128.64
CA PRO PF 33 -31.04 4.43 -127.25
C PRO PF 33 -29.83 3.55 -126.98
N LEU PF 34 -28.72 4.18 -126.62
CA LEU PF 34 -27.49 3.43 -126.37
C LEU PF 34 -27.57 2.63 -125.09
N VAL PF 35 -28.26 3.15 -124.07
CA VAL PF 35 -28.41 2.42 -122.81
C VAL PF 35 -29.44 1.31 -123.00
N GLY PF 36 -29.12 0.13 -122.46
CA GLY PF 36 -30.01 -1.01 -122.59
C GLY PF 36 -30.15 -1.51 -124.01
N ARG PF 37 -29.02 -1.82 -124.65
CA ARG PF 37 -29.03 -2.30 -126.02
C ARG PF 37 -28.30 -3.62 -126.15
N LEU PF 38 -27.71 -3.88 -127.31
CA LEU PF 38 -26.99 -5.12 -127.57
C LEU PF 38 -25.50 -4.88 -127.38
N ARG PF 39 -24.88 -5.66 -126.50
CA ARG PF 39 -23.46 -5.54 -126.24
C ARG PF 39 -22.80 -6.92 -126.35
N LEU PF 40 -21.53 -6.91 -126.75
CA LEU PF 40 -20.76 -8.13 -126.95
C LEU PF 40 -19.37 -7.94 -126.37
N THR PF 41 -18.95 -8.86 -125.50
CA THR PF 41 -17.65 -8.82 -124.86
C THR PF 41 -16.82 -10.01 -125.35
N ALA PF 42 -15.64 -9.71 -125.89
CA ALA PF 42 -14.72 -10.73 -126.39
C ALA PF 42 -13.40 -10.64 -125.64
N SER PF 43 -12.84 -11.81 -125.33
CA SER PF 43 -11.57 -11.87 -124.62
C SER PF 43 -10.77 -13.07 -125.12
N LEU PF 44 -9.46 -12.87 -125.24
CA LEU PF 44 -8.54 -13.91 -125.67
C LEU PF 44 -7.32 -13.90 -124.77
N ARG PF 45 -6.88 -15.09 -124.35
CA ARG PF 45 -5.73 -15.19 -123.47
C ARG PF 45 -5.05 -16.54 -123.68
N GLN PF 46 -4.09 -16.85 -122.80
CA GLN PF 46 -3.37 -18.11 -122.79
C GLN PF 46 -3.75 -18.90 -121.54
N ASN PF 47 -2.94 -19.89 -121.19
CA ASN PF 47 -3.21 -20.72 -120.02
C ASN PF 47 -1.93 -21.47 -119.66
N GLY PF 48 -1.82 -21.81 -118.37
CA GLY PF 48 -0.76 -22.65 -117.87
C GLY PF 48 0.64 -22.20 -118.28
N ALA PF 49 1.33 -23.07 -119.02
CA ALA PF 49 2.70 -22.78 -119.47
C ALA PF 49 2.74 -22.78 -121.00
N LYS PF 50 2.01 -21.83 -121.60
CA LYS PF 50 1.98 -21.63 -123.05
C LYS PF 50 1.55 -22.90 -123.77
N THR PF 51 0.59 -23.63 -123.18
CA THR PF 51 0.07 -24.85 -123.78
C THR PF 51 -1.07 -24.54 -124.75
N ALA PF 52 -2.25 -24.26 -124.20
CA ALA PF 52 -3.42 -23.97 -125.02
C ALA PF 52 -3.79 -22.49 -124.93
N TYR PF 53 -5.05 -22.17 -125.23
CA TYR PF 53 -5.54 -20.80 -125.16
C TYR PF 53 -6.93 -20.81 -124.54
N ARG PF 54 -7.47 -19.60 -124.34
CA ARG PF 54 -8.79 -19.43 -123.74
C ARG PF 54 -9.49 -18.26 -124.40
N VAL PF 55 -10.66 -18.51 -124.97
CA VAL PF 55 -11.46 -17.49 -125.63
C VAL PF 55 -12.81 -17.40 -124.93
N ASN PF 56 -13.22 -16.18 -124.62
CA ASN PF 56 -14.49 -15.92 -123.96
C ASN PF 56 -15.32 -14.97 -124.79
N LEU PF 57 -16.58 -15.33 -125.02
CA LEU PF 57 -17.51 -14.52 -125.81
C LEU PF 57 -18.83 -14.44 -125.08
N LYS PF 58 -19.22 -13.22 -124.69
CA LYS PF 58 -20.47 -12.98 -123.99
C LYS PF 58 -21.32 -12.01 -124.78
N LEU PF 59 -22.64 -12.25 -124.79
CA LEU PF 59 -23.57 -11.40 -125.51
C LEU PF 59 -24.72 -11.04 -124.58
N ASP PF 60 -24.91 -9.75 -124.33
CA ASP PF 60 -25.93 -9.27 -123.43
C ASP PF 60 -26.89 -8.33 -124.16
N GLN PF 61 -28.15 -8.33 -123.72
CA GLN PF 61 -29.16 -7.48 -124.31
C GLN PF 61 -30.28 -7.29 -123.28
N ALA PF 62 -30.42 -6.07 -122.77
CA ALA PF 62 -31.42 -5.74 -121.77
C ALA PF 62 -32.55 -4.95 -122.40
N ASP PF 63 -33.78 -5.39 -122.19
CA ASP PF 63 -34.94 -4.70 -122.72
C ASP PF 63 -35.23 -3.43 -121.92
N VAL PF 64 -35.81 -2.44 -122.59
CA VAL PF 64 -36.13 -1.17 -121.98
C VAL PF 64 -37.63 -0.90 -122.13
N VAL PF 65 -38.15 -0.06 -121.25
CA VAL PF 65 -39.55 0.34 -121.28
C VAL PF 65 -39.64 1.83 -121.04
N ASP PF 66 -40.71 2.43 -121.56
CA ASP PF 66 -40.92 3.87 -121.46
C ASP PF 66 -42.41 4.17 -121.40
N CYS PF 67 -42.77 5.20 -120.61
CA CYS PF 67 -44.15 5.60 -120.44
C CYS PF 67 -44.43 7.02 -120.91
N SER PF 68 -43.48 7.67 -121.61
CA SER PF 68 -43.70 9.04 -122.04
C SER PF 68 -44.76 9.15 -123.12
N THR PF 69 -45.18 8.03 -123.72
CA THR PF 69 -46.22 8.08 -124.74
C THR PF 69 -47.59 8.35 -124.14
N SER PF 70 -47.84 7.88 -122.93
CA SER PF 70 -49.13 8.08 -122.28
C SER PF 70 -48.97 8.79 -120.96
N VAL PF 71 -48.15 8.24 -120.07
CA VAL PF 71 -47.92 8.83 -118.76
C VAL PF 71 -47.08 10.08 -118.93
N CYS PF 72 -47.37 11.13 -118.16
CA CYS PF 72 -46.60 12.36 -118.31
C CYS PF 72 -45.40 12.40 -117.37
N GLY PF 73 -44.59 11.35 -117.39
CA GLY PF 73 -43.24 11.45 -116.86
C GLY PF 73 -42.65 10.12 -116.41
N GLU PF 74 -41.79 9.54 -117.25
CA GLU PF 74 -41.13 8.29 -116.91
C GLU PF 74 -39.94 8.12 -117.84
N LEU PF 75 -38.73 8.09 -117.29
CA LEU PF 75 -37.54 7.91 -118.09
C LEU PF 75 -37.44 6.46 -118.57
N PRO PF 76 -36.75 6.22 -119.69
CA PRO PF 76 -36.55 4.84 -120.15
C PRO PF 76 -35.83 4.00 -119.09
N LYS PF 77 -36.51 2.95 -118.64
CA LYS PF 77 -36.02 2.10 -117.56
C LYS PF 77 -35.80 0.69 -118.07
N VAL PF 78 -34.66 0.09 -117.69
CA VAL PF 78 -34.37 -1.27 -118.08
C VAL PF 78 -35.23 -2.24 -117.29
N ARG PF 79 -35.50 -3.41 -117.88
CA ARG PF 79 -36.34 -4.41 -117.25
C ARG PF 79 -35.45 -5.57 -116.84
N TYR PF 80 -35.33 -6.62 -117.65
CA TYR PF 80 -34.52 -7.78 -117.32
C TYR PF 80 -33.19 -7.73 -118.06
N THR PF 81 -32.30 -8.64 -117.68
CA THR PF 81 -30.98 -8.74 -118.29
C THR PF 81 -30.69 -10.20 -118.63
N GLN PF 82 -30.17 -10.43 -119.83
CA GLN PF 82 -29.84 -11.76 -120.31
C GLN PF 82 -28.34 -11.87 -120.53
N VAL PF 83 -27.76 -12.97 -120.06
CA VAL PF 83 -26.33 -13.22 -120.16
C VAL PF 83 -26.11 -14.54 -120.88
N TRP PF 84 -25.33 -14.52 -121.96
CA TRP PF 84 -25.02 -15.71 -122.75
C TRP PF 84 -23.51 -15.70 -122.99
N SER PF 85 -22.76 -16.31 -122.10
CA SER PF 85 -21.30 -16.38 -122.19
C SER PF 85 -20.87 -17.66 -122.90
N HIS PF 86 -19.59 -17.70 -123.26
CA HIS PF 86 -19.02 -18.85 -123.94
C HIS PF 86 -17.65 -19.15 -123.34
N ASP PF 87 -17.05 -20.26 -123.79
CA ASP PF 87 -15.73 -20.66 -123.31
C ASP PF 87 -15.12 -21.58 -124.35
N VAL PF 88 -14.03 -21.13 -124.97
CA VAL PF 88 -13.34 -21.89 -126.01
C VAL PF 88 -11.96 -22.25 -125.49
N THR PF 89 -11.68 -23.55 -125.37
CA THR PF 89 -10.40 -24.07 -124.90
C THR PF 89 -9.85 -24.99 -125.98
N ILE PF 90 -9.21 -24.40 -127.00
CA ILE PF 90 -8.64 -25.13 -128.12
C ILE PF 90 -7.13 -24.98 -128.08
N VAL PF 91 -6.42 -26.11 -128.10
CA VAL PF 91 -4.96 -26.08 -128.07
C VAL PF 91 -4.43 -25.63 -129.44
N ALA PF 92 -3.21 -25.10 -129.43
CA ALA PF 92 -2.61 -24.61 -130.66
C ALA PF 92 -2.28 -25.77 -131.61
N ASN PF 93 -1.47 -26.72 -131.14
CA ASN PF 93 -1.06 -27.88 -131.94
C ASN PF 93 -2.24 -28.85 -132.00
N SER PF 94 -3.18 -28.55 -132.90
CA SER PF 94 -4.36 -29.40 -133.09
C SER PF 94 -4.45 -29.88 -134.53
N THR PF 95 -5.65 -29.81 -135.11
CA THR PF 95 -5.87 -30.24 -136.48
C THR PF 95 -6.87 -29.31 -137.13
N GLU PF 96 -6.52 -28.79 -138.31
CA GLU PF 96 -7.41 -27.88 -139.02
C GLU PF 96 -8.68 -28.59 -139.46
N ALA PF 97 -8.56 -29.83 -139.95
CA ALA PF 97 -9.74 -30.58 -140.36
C ALA PF 97 -10.65 -30.87 -139.17
N SER PF 98 -10.06 -31.25 -138.04
CA SER PF 98 -10.86 -31.50 -136.85
C SER PF 98 -11.55 -30.24 -136.36
N ARG PF 99 -10.86 -29.10 -136.40
CA ARG PF 99 -11.46 -27.84 -135.99
C ARG PF 99 -12.61 -27.46 -136.93
N LYS PF 100 -12.43 -27.67 -138.23
CA LYS PF 100 -13.50 -27.37 -139.18
C LYS PF 100 -14.70 -28.28 -138.97
N SER PF 101 -14.45 -29.57 -138.70
CA SER PF 101 -15.56 -30.49 -138.45
C SER PF 101 -16.29 -30.11 -137.16
N LEU PF 102 -15.55 -29.71 -136.13
CA LEU PF 102 -16.19 -29.29 -134.88
C LEU PF 102 -17.01 -28.02 -135.08
N TYR PF 103 -16.50 -27.07 -135.86
CA TYR PF 103 -17.25 -25.85 -136.14
C TYR PF 103 -18.51 -26.16 -136.94
N ASP PF 104 -18.42 -27.08 -137.90
CA ASP PF 104 -19.60 -27.46 -138.68
C ASP PF 104 -20.63 -28.15 -137.80
N LEU PF 105 -20.18 -29.02 -136.89
CA LEU PF 105 -21.10 -29.68 -135.98
C LEU PF 105 -21.79 -28.68 -135.05
N THR PF 106 -21.02 -27.70 -134.56
CA THR PF 106 -21.61 -26.66 -133.71
C THR PF 106 -22.62 -25.83 -134.48
N LYS PF 107 -22.30 -25.47 -135.72
CA LYS PF 107 -23.24 -24.71 -136.55
C LYS PF 107 -24.51 -25.50 -136.81
N SER PF 108 -24.38 -26.81 -137.07
CA SER PF 108 -25.56 -27.63 -137.31
C SER PF 108 -26.41 -27.75 -136.04
N LEU PF 109 -25.76 -27.93 -134.88
CA LEU PF 109 -26.51 -28.00 -133.63
C LEU PF 109 -27.19 -26.68 -133.30
N VAL PF 110 -26.59 -25.56 -133.69
CA VAL PF 110 -27.21 -24.27 -133.45
C VAL PF 110 -28.40 -24.06 -134.39
N ALA PF 111 -28.23 -24.42 -135.66
CA ALA PF 111 -29.29 -24.22 -136.66
C ALA PF 111 -30.39 -25.26 -136.60
N THR PF 112 -30.22 -26.34 -135.83
CA THR PF 112 -31.25 -27.35 -135.73
C THR PF 112 -32.48 -26.80 -135.01
N SER PF 113 -33.59 -27.51 -135.16
CA SER PF 113 -34.87 -27.09 -134.59
C SER PF 113 -35.03 -27.53 -133.14
N GLN PF 114 -34.17 -28.40 -132.63
CA GLN PF 114 -34.28 -28.86 -131.25
C GLN PF 114 -33.86 -27.79 -130.26
N VAL PF 115 -32.75 -27.09 -130.52
CA VAL PF 115 -32.32 -26.01 -129.62
C VAL PF 115 -33.32 -24.86 -129.64
N GLU PF 116 -33.93 -24.58 -130.80
CA GLU PF 116 -34.93 -23.54 -130.87
C GLU PF 116 -36.14 -23.87 -129.99
N ASP PF 117 -36.58 -25.13 -130.02
CA ASP PF 117 -37.69 -25.55 -129.18
C ASP PF 117 -37.29 -25.52 -127.71
N LEU PF 118 -36.06 -25.95 -127.39
CA LEU PF 118 -35.58 -25.88 -126.02
C LEU PF 118 -35.54 -24.44 -125.51
N VAL PF 119 -35.24 -23.49 -126.38
CA VAL PF 119 -35.18 -22.08 -125.97
C VAL PF 119 -36.58 -21.51 -125.81
N VAL PF 120 -37.47 -21.78 -126.77
CA VAL PF 120 -38.80 -21.18 -126.78
C VAL PF 120 -39.69 -21.88 -125.76
N ASN PF 121 -40.04 -23.14 -126.03
CA ASN PF 121 -41.01 -23.87 -125.21
C ASN PF 121 -40.41 -24.40 -123.91
N LEU PF 122 -39.11 -24.18 -123.66
CA LEU PF 122 -38.45 -24.64 -122.44
C LEU PF 122 -38.56 -26.15 -122.26
N VAL PF 123 -38.67 -26.88 -123.36
CA VAL PF 123 -38.76 -28.34 -123.33
C VAL PF 123 -37.34 -28.91 -123.41
N PRO PF 124 -36.99 -29.87 -122.54
CA PRO PF 124 -35.63 -30.42 -122.59
C PRO PF 124 -35.31 -31.04 -123.94
N LEU PF 125 -34.05 -30.90 -124.35
CA LEU PF 125 -33.60 -31.39 -125.64
C LEU PF 125 -33.65 -32.91 -125.66
N GLY PF 126 -34.44 -33.47 -126.58
CA GLY PF 126 -34.57 -34.91 -126.70
C GLY PF 126 -35.61 -35.33 -127.72
N ARG PF 127 -35.30 -35.17 -129.00
CA ARG PF 127 -36.21 -35.54 -130.06
C ARG PF 127 -35.68 -36.73 -130.86
N SER QF 1 -82.54 -32.81 -105.30
CA SER QF 1 -82.56 -31.61 -104.49
C SER QF 1 -83.95 -30.98 -104.47
N LYS QF 2 -83.99 -29.66 -104.34
CA LYS QF 2 -85.24 -28.92 -104.21
C LYS QF 2 -85.09 -27.58 -104.93
N THR QF 3 -85.93 -27.35 -105.93
CA THR QF 3 -85.87 -26.14 -106.74
C THR QF 3 -87.08 -25.26 -106.45
N ILE QF 4 -86.84 -23.95 -106.40
CA ILE QF 4 -87.88 -22.95 -106.16
C ILE QF 4 -87.80 -21.94 -107.29
N VAL QF 5 -88.92 -21.74 -107.98
CA VAL QF 5 -89.00 -20.81 -109.11
C VAL QF 5 -89.71 -19.54 -108.64
N LEU QF 6 -89.06 -18.39 -108.83
CA LEU QF 6 -89.62 -17.11 -108.47
C LEU QF 6 -89.76 -16.25 -109.71
N SER QF 7 -90.96 -15.69 -109.91
CA SER QF 7 -91.25 -14.86 -111.08
C SER QF 7 -91.15 -13.39 -110.68
N VAL QF 8 -90.22 -12.66 -111.31
CA VAL QF 8 -90.05 -11.24 -111.03
C VAL QF 8 -90.86 -10.35 -111.96
N GLY QF 9 -91.41 -10.90 -113.04
CA GLY QF 9 -92.16 -10.12 -113.99
C GLY QF 9 -91.79 -10.42 -115.43
N GLU QF 10 -90.48 -10.43 -115.71
CA GLU QF 10 -89.98 -10.74 -117.04
C GLU QF 10 -89.02 -11.92 -117.08
N ALA QF 11 -88.40 -12.26 -115.96
CA ALA QF 11 -87.48 -13.38 -115.87
C ALA QF 11 -87.85 -14.26 -114.68
N THR QF 12 -87.32 -15.48 -114.67
CA THR QF 12 -87.58 -16.45 -113.62
C THR QF 12 -86.27 -16.84 -112.96
N ARG QF 13 -86.22 -16.68 -111.64
CA ARG QF 13 -85.04 -17.05 -110.86
C ARG QF 13 -85.25 -18.41 -110.21
N THR QF 14 -84.16 -19.16 -110.07
CA THR QF 14 -84.19 -20.51 -109.54
C THR QF 14 -83.29 -20.59 -108.31
N LEU QF 15 -83.88 -21.02 -107.18
CA LEU QF 15 -83.15 -21.26 -105.96
C LEU QF 15 -83.05 -22.75 -105.71
N THR QF 16 -81.85 -23.21 -105.33
CA THR QF 16 -81.58 -24.63 -105.14
C THR QF 16 -81.24 -24.92 -103.69
N GLU QF 17 -81.77 -26.03 -103.19
CA GLU QF 17 -81.46 -26.47 -101.83
C GLU QF 17 -79.99 -26.90 -101.75
N ILE QF 18 -79.28 -26.38 -100.75
CA ILE QF 18 -77.85 -26.63 -100.58
C ILE QF 18 -77.57 -27.44 -99.31
N GLN QF 19 -78.10 -27.01 -98.18
CA GLN QF 19 -77.78 -27.57 -96.87
C GLN QF 19 -79.06 -28.15 -96.27
N SER QF 20 -79.42 -29.35 -96.70
CA SER QF 20 -80.66 -30.00 -96.28
C SER QF 20 -80.49 -30.51 -94.84
N THR QF 21 -81.11 -29.82 -93.89
CA THR QF 21 -81.11 -30.23 -92.49
C THR QF 21 -82.44 -29.81 -91.87
N ALA QF 22 -82.85 -30.55 -90.84
CA ALA QF 22 -84.15 -30.30 -90.22
C ALA QF 22 -84.19 -28.95 -89.53
N ASP QF 23 -83.24 -28.70 -88.64
CA ASP QF 23 -83.23 -27.47 -87.84
C ASP QF 23 -82.70 -26.27 -88.60
N ARG QF 24 -82.21 -26.45 -89.83
CA ARG QF 24 -81.69 -25.33 -90.61
C ARG QF 24 -81.69 -25.72 -92.09
N GLN QF 25 -82.56 -25.09 -92.87
CA GLN QF 25 -82.64 -25.29 -94.31
C GLN QF 25 -82.08 -24.07 -95.01
N ILE QF 26 -81.06 -24.27 -95.84
CA ILE QF 26 -80.35 -23.19 -96.52
C ILE QF 26 -80.59 -23.34 -98.01
N PHE QF 27 -81.33 -22.41 -98.60
CA PHE QF 27 -81.55 -22.35 -100.03
C PHE QF 27 -80.67 -21.27 -100.63
N GLU QF 28 -80.06 -21.56 -101.78
CA GLU QF 28 -79.17 -20.63 -102.45
C GLU QF 28 -79.54 -20.50 -103.91
N GLU QF 29 -79.56 -19.26 -104.40
CA GLU QF 29 -79.92 -18.99 -105.78
C GLU QF 29 -78.74 -19.27 -106.70
N LYS QF 30 -79.00 -19.96 -107.81
CA LYS QF 30 -77.98 -20.32 -108.79
C LYS QF 30 -78.22 -19.51 -110.05
N VAL QF 31 -77.37 -18.51 -110.29
CA VAL QF 31 -77.44 -17.69 -111.49
C VAL QF 31 -76.06 -17.58 -112.10
N GLY QF 32 -75.08 -17.15 -111.29
CA GLY QF 32 -73.72 -17.01 -111.75
C GLY QF 32 -72.73 -17.19 -110.62
N PRO QF 33 -72.24 -16.07 -110.06
CA PRO QF 33 -71.32 -16.15 -108.92
C PRO QF 33 -72.06 -16.62 -107.67
N LEU QF 34 -71.60 -17.73 -107.09
CA LEU QF 34 -72.26 -18.27 -105.91
C LEU QF 34 -72.03 -17.41 -104.69
N VAL QF 35 -70.85 -16.79 -104.57
CA VAL QF 35 -70.56 -15.93 -103.43
C VAL QF 35 -71.28 -14.60 -103.62
N GLY QF 36 -71.88 -14.10 -102.55
CA GLY QF 36 -72.62 -12.85 -102.60
C GLY QF 36 -73.86 -12.93 -103.46
N ARG QF 37 -74.73 -13.88 -103.16
CA ARG QF 37 -75.96 -14.05 -103.94
C ARG QF 37 -77.18 -14.03 -103.03
N LEU QF 38 -78.24 -14.73 -103.42
CA LEU QF 38 -79.48 -14.78 -102.67
C LEU QF 38 -79.50 -16.06 -101.83
N ARG QF 39 -79.66 -15.90 -100.51
CA ARG QF 39 -79.71 -17.03 -99.60
C ARG QF 39 -80.95 -16.92 -98.71
N LEU QF 40 -81.46 -18.07 -98.31
CA LEU QF 40 -82.66 -18.15 -97.49
C LEU QF 40 -82.46 -19.20 -96.41
N THR QF 41 -82.68 -18.81 -95.15
CA THR QF 41 -82.53 -19.69 -94.00
C THR QF 41 -83.90 -19.93 -93.38
N ALA QF 42 -84.27 -21.20 -93.24
CA ALA QF 42 -85.55 -21.59 -92.65
C ALA QF 42 -85.30 -22.47 -91.44
N SER QF 43 -86.08 -22.25 -90.38
CA SER QF 43 -85.96 -23.03 -89.16
C SER QF 43 -87.33 -23.24 -88.55
N LEU QF 44 -87.55 -24.44 -88.01
CA LEU QF 44 -88.79 -24.80 -87.36
C LEU QF 44 -88.48 -25.52 -86.05
N ARG QF 45 -89.19 -25.16 -84.99
CA ARG QF 45 -88.94 -25.77 -83.68
C ARG QF 45 -90.23 -25.71 -82.86
N GLN QF 46 -90.11 -26.06 -81.58
CA GLN QF 46 -91.20 -26.02 -80.62
C GLN QF 46 -90.91 -24.93 -79.58
N ASN QF 47 -91.60 -24.99 -78.45
CA ASN QF 47 -91.42 -24.01 -77.39
C ASN QF 47 -92.01 -24.55 -76.10
N GLY QF 48 -91.47 -24.08 -74.98
CA GLY QF 48 -92.01 -24.38 -73.67
C GLY QF 48 -92.25 -25.86 -73.39
N ALA QF 49 -93.50 -26.22 -73.16
CA ALA QF 49 -93.87 -27.60 -72.88
C ALA QF 49 -94.84 -28.10 -73.94
N LYS QF 50 -94.36 -28.18 -75.18
CA LYS QF 50 -95.14 -28.68 -76.31
C LYS QF 50 -96.44 -27.92 -76.49
N THR QF 51 -96.40 -26.61 -76.27
CA THR QF 51 -97.58 -25.77 -76.43
C THR QF 51 -97.71 -25.29 -77.88
N ALA QF 52 -96.90 -24.30 -78.26
CA ALA QF 52 -96.95 -23.75 -79.60
C ALA QF 52 -95.71 -24.15 -80.40
N TYR QF 53 -95.39 -23.37 -81.43
CA TYR QF 53 -94.23 -23.64 -82.28
C TYR QF 53 -93.53 -22.33 -82.58
N ARG QF 54 -92.41 -22.43 -83.27
CA ARG QF 54 -91.61 -21.26 -83.64
C ARG QF 54 -91.01 -21.48 -85.01
N VAL QF 55 -91.30 -20.58 -85.94
CA VAL QF 55 -90.79 -20.64 -87.30
C VAL QF 55 -89.99 -19.37 -87.58
N ASN QF 56 -88.80 -19.56 -88.14
CA ASN QF 56 -87.91 -18.45 -88.46
C ASN QF 56 -87.56 -18.51 -89.94
N LEU QF 57 -87.69 -17.37 -90.63
CA LEU QF 57 -87.40 -17.26 -92.05
C LEU QF 57 -86.58 -16.01 -92.29
N LYS QF 58 -85.34 -16.17 -92.76
CA LYS QF 58 -84.46 -15.06 -93.04
C LYS QF 58 -84.05 -15.10 -94.51
N LEU QF 59 -83.95 -13.92 -95.13
CA LEU QF 59 -83.58 -13.79 -96.53
C LEU QF 59 -82.47 -12.77 -96.65
N ASP QF 60 -81.31 -13.18 -97.15
CA ASP QF 60 -80.16 -12.31 -97.29
C ASP QF 60 -79.72 -12.22 -98.74
N GLN QF 61 -79.18 -11.07 -99.12
CA GLN QF 61 -78.69 -10.84 -100.47
C GLN QF 61 -77.66 -9.72 -100.43
N ALA QF 62 -76.40 -10.05 -100.69
CA ALA QF 62 -75.31 -9.09 -100.67
C ALA QF 62 -74.87 -8.77 -102.08
N ASP QF 63 -74.80 -7.48 -102.41
CA ASP QF 63 -74.38 -7.05 -103.73
C ASP QF 63 -72.86 -7.20 -103.88
N VAL QF 64 -72.43 -7.44 -105.12
CA VAL QF 64 -71.02 -7.62 -105.43
C VAL QF 64 -70.61 -6.58 -106.47
N VAL QF 65 -69.31 -6.30 -106.50
CA VAL QF 65 -68.72 -5.37 -107.46
C VAL QF 65 -67.44 -5.98 -108.01
N ASP QF 66 -67.09 -5.56 -109.23
CA ASP QF 66 -65.92 -6.09 -109.92
C ASP QF 66 -65.34 -5.00 -110.82
N CYS QF 67 -64.01 -4.99 -110.92
CA CYS QF 67 -63.30 -4.01 -111.73
C CYS QF 67 -62.48 -4.63 -112.84
N SER QF 68 -62.64 -5.94 -113.11
CA SER QF 68 -61.85 -6.58 -114.16
C SER QF 68 -62.22 -6.10 -115.55
N THR QF 69 -63.35 -5.39 -115.70
CA THR QF 69 -63.73 -4.89 -117.01
C THR QF 69 -62.86 -3.73 -117.46
N SER QF 70 -62.39 -2.91 -116.52
CA SER QF 70 -61.55 -1.76 -116.85
C SER QF 70 -60.21 -1.84 -116.14
N VAL QF 71 -60.24 -1.96 -114.82
CA VAL QF 71 -59.02 -2.04 -114.02
C VAL QF 71 -58.37 -3.41 -114.25
N CYS QF 72 -57.04 -3.44 -114.28
CA CYS QF 72 -56.36 -4.70 -114.55
C CYS QF 72 -56.02 -5.43 -113.26
N GLY QF 73 -57.00 -5.59 -112.38
CA GLY QF 73 -56.88 -6.56 -111.31
C GLY QF 73 -57.71 -6.24 -110.09
N GLU QF 74 -58.85 -6.90 -109.94
CA GLU QF 74 -59.71 -6.72 -108.78
C GLU QF 74 -60.69 -7.89 -108.72
N LEU QF 75 -60.61 -8.68 -107.65
CA LEU QF 75 -61.53 -9.81 -107.51
C LEU QF 75 -62.92 -9.31 -107.13
N PRO QF 76 -63.96 -10.09 -107.44
CA PRO QF 76 -65.31 -9.71 -107.05
C PRO QF 76 -65.42 -9.55 -105.53
N LYS QF 77 -65.77 -8.34 -105.11
CA LYS QF 77 -65.82 -7.99 -103.69
C LYS QF 77 -67.25 -7.62 -103.30
N VAL QF 78 -67.68 -8.12 -102.14
CA VAL QF 78 -69.01 -7.81 -101.65
C VAL QF 78 -69.04 -6.38 -101.12
N ARG QF 79 -70.22 -5.76 -101.17
CA ARG QF 79 -70.39 -4.39 -100.72
C ARG QF 79 -71.18 -4.40 -99.43
N TYR QF 80 -72.50 -4.23 -99.47
CA TYR QF 80 -73.33 -4.20 -98.28
C TYR QF 80 -74.05 -5.53 -98.11
N THR QF 81 -74.68 -5.70 -96.94
CA THR QF 81 -75.42 -6.91 -96.61
C THR QF 81 -76.78 -6.52 -96.06
N GLN QF 82 -77.83 -7.19 -96.51
CA GLN QF 82 -79.19 -6.94 -96.08
C GLN QF 82 -79.74 -8.17 -95.37
N VAL QF 83 -80.38 -7.95 -94.23
CA VAL QF 83 -80.94 -9.02 -93.41
C VAL QF 83 -82.43 -8.74 -93.21
N TRP QF 84 -83.25 -9.72 -93.56
CA TRP QF 84 -84.71 -9.64 -93.41
C TRP QF 84 -85.19 -10.95 -92.78
N SER QF 85 -85.24 -10.97 -91.45
CA SER QF 85 -85.66 -12.15 -90.71
C SER QF 85 -87.16 -12.08 -90.40
N HIS QF 86 -87.69 -13.21 -89.95
CA HIS QF 86 -89.10 -13.31 -89.60
C HIS QF 86 -89.23 -14.09 -88.29
N ASP QF 87 -90.47 -14.16 -87.79
CA ASP QF 87 -90.75 -14.88 -86.55
C ASP QF 87 -92.22 -15.24 -86.55
N VAL QF 88 -92.53 -16.54 -86.60
CA VAL QF 88 -93.90 -17.04 -86.62
C VAL QF 88 -94.13 -17.83 -85.33
N THR QF 89 -95.08 -17.35 -84.53
CA THR QF 89 -95.45 -18.00 -83.27
C THR QF 89 -96.94 -18.32 -83.33
N ILE QF 90 -97.27 -19.44 -83.96
CA ILE QF 90 -98.65 -19.88 -84.12
C ILE QF 90 -98.84 -21.17 -83.32
N VAL QF 91 -99.85 -21.19 -82.47
CA VAL QF 91 -100.12 -22.38 -81.66
C VAL QF 91 -100.76 -23.45 -82.54
N ALA QF 92 -100.63 -24.71 -82.11
CA ALA QF 92 -101.19 -25.81 -82.88
C ALA QF 92 -102.71 -25.80 -82.85
N ASN QF 93 -103.29 -25.85 -81.65
CA ASN QF 93 -104.74 -25.83 -81.49
C ASN QF 93 -105.26 -24.41 -81.73
N SER QF 94 -105.40 -24.07 -83.02
CA SER QF 94 -105.90 -22.76 -83.40
C SER QF 94 -107.15 -22.88 -84.26
N THR QF 95 -107.20 -22.13 -85.35
CA THR QF 95 -108.35 -22.15 -86.26
C THR QF 95 -107.86 -22.00 -87.69
N GLU QF 96 -108.29 -22.92 -88.56
CA GLU QF 96 -107.87 -22.86 -89.95
C GLU QF 96 -108.41 -21.61 -90.65
N ALA QF 97 -109.66 -21.23 -90.37
CA ALA QF 97 -110.23 -20.03 -90.97
C ALA QF 97 -109.50 -18.78 -90.48
N SER QF 98 -109.17 -18.74 -89.19
CA SER QF 98 -108.44 -17.59 -88.67
C SER QF 98 -107.04 -17.50 -89.26
N ARG QF 99 -106.37 -18.65 -89.42
CA ARG QF 99 -105.05 -18.65 -90.02
C ARG QF 99 -105.11 -18.20 -91.48
N LYS QF 100 -106.13 -18.65 -92.21
CA LYS QF 100 -106.28 -18.22 -93.61
C LYS QF 100 -106.56 -16.73 -93.70
N SER QF 101 -107.40 -16.20 -92.80
CA SER QF 101 -107.68 -14.77 -92.79
C SER QF 101 -106.43 -13.97 -92.46
N LEU QF 102 -105.63 -14.45 -91.51
CA LEU QF 102 -104.40 -13.76 -91.15
C LEU QF 102 -103.41 -13.78 -92.31
N TYR QF 103 -103.30 -14.93 -93.01
CA TYR QF 103 -102.42 -15.00 -94.17
C TYR QF 103 -102.88 -14.07 -95.27
N ASP QF 104 -104.19 -13.99 -95.51
CA ASP QF 104 -104.70 -13.07 -96.52
C ASP QF 104 -104.44 -11.62 -96.15
N LEU QF 105 -104.61 -11.28 -94.87
CA LEU QF 105 -104.32 -9.92 -94.43
C LEU QF 105 -102.84 -9.59 -94.59
N THR QF 106 -101.96 -10.54 -94.26
CA THR QF 106 -100.53 -10.31 -94.44
C THR QF 106 -100.19 -10.14 -95.91
N LYS QF 107 -100.78 -10.96 -96.78
CA LYS QF 107 -100.53 -10.84 -98.22
C LYS QF 107 -101.01 -9.49 -98.74
N SER QF 108 -102.17 -9.03 -98.28
CA SER QF 108 -102.68 -7.72 -98.70
C SER QF 108 -101.78 -6.60 -98.22
N LEU QF 109 -101.32 -6.67 -96.96
CA LEU QF 109 -100.42 -5.64 -96.44
C LEU QF 109 -99.08 -5.65 -97.17
N VAL QF 110 -98.63 -6.82 -97.63
CA VAL QF 110 -97.38 -6.87 -98.37
C VAL QF 110 -97.56 -6.31 -99.78
N ALA QF 111 -98.67 -6.65 -100.44
CA ALA QF 111 -98.93 -6.20 -101.80
C ALA QF 111 -99.43 -4.78 -101.90
N THR QF 112 -99.78 -4.15 -100.77
CA THR QF 112 -100.24 -2.77 -100.80
C THR QF 112 -99.11 -1.83 -101.21
N SER QF 113 -99.49 -0.62 -101.61
CA SER QF 113 -98.54 0.39 -102.08
C SER QF 113 -97.91 1.18 -100.94
N GLN QF 114 -98.43 1.08 -99.72
CA GLN QF 114 -97.88 1.81 -98.59
C GLN QF 114 -96.53 1.24 -98.14
N VAL QF 115 -96.41 -0.08 -98.05
CA VAL QF 115 -95.15 -0.69 -97.65
C VAL QF 115 -94.09 -0.46 -98.72
N GLU QF 116 -94.48 -0.47 -100.00
CA GLU QF 116 -93.53 -0.18 -101.06
C GLU QF 116 -92.97 1.23 -100.94
N ASP QF 117 -93.83 2.21 -100.64
CA ASP QF 117 -93.36 3.57 -100.45
C ASP QF 117 -92.49 3.69 -99.21
N LEU QF 118 -92.87 3.00 -98.13
CA LEU QF 118 -92.06 2.99 -96.92
C LEU QF 118 -90.67 2.41 -97.18
N VAL QF 119 -90.58 1.41 -98.06
CA VAL QF 119 -89.30 0.80 -98.37
C VAL QF 119 -88.47 1.70 -99.27
N VAL QF 120 -89.08 2.25 -100.32
CA VAL QF 120 -88.36 3.03 -101.31
C VAL QF 120 -88.04 4.42 -100.77
N ASN QF 121 -89.07 5.25 -100.58
CA ASN QF 121 -88.88 6.64 -100.19
C ASN QF 121 -88.58 6.82 -98.71
N LEU QF 122 -88.54 5.74 -97.93
CA LEU QF 122 -88.25 5.79 -96.49
C LEU QF 122 -89.23 6.70 -95.75
N VAL QF 123 -90.45 6.81 -96.25
CA VAL QF 123 -91.50 7.62 -95.63
C VAL QF 123 -92.27 6.73 -94.67
N PRO QF 124 -92.52 7.19 -93.43
CA PRO QF 124 -93.24 6.35 -92.47
C PRO QF 124 -94.63 5.98 -92.99
N LEU QF 125 -95.06 4.76 -92.65
CA LEU QF 125 -96.34 4.24 -93.12
C LEU QF 125 -97.48 5.03 -92.47
N GLY QF 126 -98.30 5.67 -93.30
CA GLY QF 126 -99.41 6.45 -92.81
C GLY QF 126 -100.15 7.20 -93.91
N ARG QF 127 -100.91 6.47 -94.72
CA ARG QF 127 -101.66 7.07 -95.82
C ARG QF 127 -103.16 6.99 -95.54
N SER RF 1 -98.31 11.74 -88.49
CA SER RF 1 -97.14 12.60 -88.46
C SER RF 1 -97.50 14.05 -88.69
N LYS RF 2 -96.56 14.81 -89.25
CA LYS RF 2 -96.70 16.24 -89.44
C LYS RF 2 -95.99 16.64 -90.71
N THR RF 3 -96.74 17.21 -91.65
CA THR RF 3 -96.22 17.60 -92.96
C THR RF 3 -96.16 19.11 -93.07
N ILE RF 4 -95.08 19.60 -93.68
CA ILE RF 4 -94.88 21.03 -93.91
C ILE RF 4 -94.62 21.23 -95.39
N VAL RF 5 -95.41 22.08 -96.03
CA VAL RF 5 -95.30 22.36 -97.46
C VAL RF 5 -94.62 23.71 -97.64
N LEU RF 6 -93.53 23.73 -98.41
CA LEU RF 6 -92.78 24.94 -98.69
C LEU RF 6 -92.80 25.21 -100.19
N SER RF 7 -93.17 26.43 -100.57
CA SER RF 7 -93.27 26.83 -101.97
C SER RF 7 -92.02 27.60 -102.35
N VAL RF 8 -91.27 27.06 -103.31
CA VAL RF 8 -90.04 27.71 -103.79
C VAL RF 8 -90.29 28.62 -104.98
N GLY RF 9 -91.45 28.52 -105.62
CA GLY RF 9 -91.76 29.33 -106.78
C GLY RF 9 -92.37 28.53 -107.90
N GLU RF 10 -91.76 27.38 -108.23
CA GLU RF 10 -92.27 26.49 -109.25
C GLU RF 10 -92.56 25.08 -108.76
N ALA RF 11 -91.96 24.66 -107.65
CA ALA RF 11 -92.19 23.34 -107.08
C ALA RF 11 -92.50 23.49 -105.59
N THR RF 12 -93.05 22.42 -105.02
CA THR RF 12 -93.42 22.38 -103.61
C THR RF 12 -92.65 21.27 -102.91
N ARG RF 13 -91.94 21.60 -101.85
CA ARG RF 13 -91.19 20.65 -101.07
C ARG RF 13 -91.97 20.26 -99.81
N THR RF 14 -91.81 19.00 -99.39
CA THR RF 14 -92.55 18.46 -98.26
C THR RF 14 -91.56 17.99 -97.20
N LEU RF 15 -91.70 18.51 -96.00
CA LEU RF 15 -90.91 18.08 -94.84
C LEU RF 15 -91.80 17.28 -93.90
N THR RF 16 -91.27 16.15 -93.41
CA THR RF 16 -92.04 15.24 -92.57
C THR RF 16 -91.41 15.16 -91.19
N GLU RF 17 -92.26 15.14 -90.16
CA GLU RF 17 -91.80 14.98 -88.80
C GLU RF 17 -91.24 13.57 -88.60
N ILE RF 18 -90.04 13.49 -88.01
CA ILE RF 18 -89.30 12.24 -87.84
C ILE RF 18 -89.14 11.88 -86.37
N GLN RF 19 -88.69 12.82 -85.56
CA GLN RF 19 -88.32 12.57 -84.16
C GLN RF 19 -89.19 13.48 -83.28
N SER RF 20 -90.42 13.04 -83.03
CA SER RF 20 -91.39 13.82 -82.27
C SER RF 20 -91.04 13.76 -80.80
N THR RF 21 -90.48 14.86 -80.27
CA THR RF 21 -90.17 14.98 -78.85
C THR RF 21 -90.36 16.44 -78.45
N ALA RF 22 -90.67 16.64 -77.16
CA ALA RF 22 -90.97 17.98 -76.67
C ALA RF 22 -89.73 18.88 -76.73
N ASP RF 23 -88.63 18.44 -76.13
CA ASP RF 23 -87.43 19.26 -76.05
C ASP RF 23 -86.62 19.27 -77.35
N ARG RF 24 -87.00 18.48 -78.35
CA ARG RF 24 -86.25 18.44 -79.60
C ARG RF 24 -87.18 17.89 -80.69
N GLN RF 25 -87.57 18.75 -81.62
CA GLN RF 25 -88.37 18.36 -82.77
C GLN RF 25 -87.51 18.36 -84.02
N ILE RF 26 -87.44 17.22 -84.70
CA ILE RF 26 -86.57 17.03 -85.86
C ILE RF 26 -87.46 16.80 -87.08
N PHE RF 27 -87.49 17.76 -87.99
CA PHE RF 27 -88.20 17.62 -89.26
C PHE RF 27 -87.20 17.32 -90.36
N GLU RF 28 -87.56 16.38 -91.24
CA GLU RF 28 -86.68 15.98 -92.34
C GLU RF 28 -87.45 15.99 -93.66
N GLU RF 29 -86.81 16.54 -94.69
CA GLU RF 29 -87.42 16.65 -96.00
C GLU RF 29 -87.35 15.31 -96.72
N LYS RF 30 -88.46 14.91 -97.33
CA LYS RF 30 -88.56 13.65 -98.07
C LYS RF 30 -88.67 13.96 -99.55
N VAL RF 31 -87.60 13.72 -100.29
CA VAL RF 31 -87.59 13.92 -101.74
C VAL RF 31 -86.99 12.69 -102.41
N GLY RF 32 -85.79 12.31 -101.97
CA GLY RF 32 -85.12 11.16 -102.51
C GLY RF 32 -84.19 10.52 -101.51
N PRO RF 33 -82.89 10.83 -101.60
CA PRO RF 33 -81.92 10.31 -100.62
C PRO RF 33 -82.12 10.98 -99.27
N LEU RF 34 -82.38 10.16 -98.25
CA LEU RF 34 -82.63 10.71 -96.92
C LEU RF 34 -81.35 11.26 -96.29
N VAL RF 35 -80.21 10.63 -96.56
CA VAL RF 35 -78.95 11.11 -96.02
C VAL RF 35 -78.51 12.34 -96.80
N GLY RF 36 -78.03 13.35 -96.07
CA GLY RF 36 -77.60 14.59 -96.69
C GLY RF 36 -78.73 15.37 -97.33
N ARG RF 37 -79.78 15.66 -96.55
CA ARG RF 37 -80.93 16.40 -97.06
C ARG RF 37 -81.21 17.63 -96.22
N LEU RF 38 -82.47 18.04 -96.15
CA LEU RF 38 -82.88 19.21 -95.39
C LEU RF 38 -83.41 18.77 -94.04
N ARG RF 39 -82.83 19.30 -92.97
CA ARG RF 39 -83.25 18.97 -91.61
C ARG RF 39 -83.48 20.26 -90.82
N LEU RF 40 -84.40 20.18 -89.87
CA LEU RF 40 -84.79 21.33 -89.05
C LEU RF 40 -84.94 20.86 -87.61
N THR RF 41 -84.25 21.55 -86.70
CA THR RF 41 -84.27 21.24 -85.27
C THR RF 41 -84.94 22.40 -84.53
N ALA RF 42 -85.98 22.08 -83.77
CA ALA RF 42 -86.72 23.06 -82.99
C ALA RF 42 -86.68 22.69 -81.51
N SER RF 43 -86.50 23.70 -80.67
CA SER RF 43 -86.45 23.48 -79.22
C SER RF 43 -87.11 24.65 -78.52
N LEU RF 44 -87.84 24.34 -77.44
CA LEU RF 44 -88.51 25.34 -76.62
C LEU RF 44 -88.27 25.01 -75.16
N ARG RF 45 -87.95 26.04 -74.36
CA ARG RF 45 -87.67 25.84 -72.95
C ARG RF 45 -88.00 27.11 -72.18
N GLN RF 46 -87.63 27.14 -70.91
CA GLN RF 46 -87.79 28.29 -70.03
C GLN RF 46 -86.42 28.86 -69.69
N ASN RF 47 -86.36 29.66 -68.63
CA ASN RF 47 -85.11 30.27 -68.21
C ASN RF 47 -85.26 30.79 -66.79
N GLY RF 48 -84.14 30.87 -66.08
CA GLY RF 48 -84.09 31.47 -64.76
C GLY RF 48 -85.13 30.96 -63.78
N ALA RF 49 -86.00 31.86 -63.33
CA ALA RF 49 -87.05 31.51 -62.37
C ALA RF 49 -88.41 31.80 -62.99
N LYS RF 50 -88.72 31.07 -64.06
CA LYS RF 50 -90.02 31.16 -64.75
C LYS RF 50 -90.30 32.59 -65.20
N THR RF 51 -89.26 33.29 -65.65
CA THR RF 51 -89.42 34.65 -66.15
C THR RF 51 -89.79 34.67 -67.63
N ALA RF 52 -88.81 34.42 -68.50
CA ALA RF 52 -89.04 34.43 -69.93
C ALA RF 52 -88.95 33.02 -70.50
N TYR RF 53 -88.68 32.90 -71.80
CA TYR RF 53 -88.58 31.62 -72.47
C TYR RF 53 -87.40 31.64 -73.42
N ARG RF 54 -87.12 30.50 -74.04
CA ARG RF 54 -86.02 30.37 -74.98
C ARG RF 54 -86.43 29.42 -76.09
N VAL RF 55 -86.37 29.91 -77.33
CA VAL RF 55 -86.71 29.13 -78.52
C VAL RF 55 -85.49 29.07 -79.42
N ASN RF 56 -85.18 27.87 -79.88
CA ASN RF 56 -84.05 27.64 -80.77
C ASN RF 56 -84.53 26.96 -82.04
N LEU RF 57 -84.11 27.50 -83.19
CA LEU RF 57 -84.49 26.97 -84.49
C LEU RF 57 -83.24 26.89 -85.36
N LYS RF 58 -82.87 25.68 -85.77
CA LYS RF 58 -81.71 25.45 -86.61
C LYS RF 58 -82.14 24.75 -87.90
N LEU RF 59 -81.54 25.13 -89.01
CA LEU RF 59 -81.85 24.55 -90.31
C LEU RF 59 -80.55 24.16 -90.99
N ASP RF 60 -80.41 22.87 -91.29
CA ASP RF 60 -79.19 22.34 -91.91
C ASP RF 60 -79.53 21.67 -93.24
N GLN RF 61 -78.57 21.74 -94.16
CA GLN RF 61 -78.72 21.13 -95.48
C GLN RF 61 -77.34 20.88 -96.06
N ALA RF 62 -76.97 19.60 -96.19
CA ALA RF 62 -75.66 19.22 -96.71
C ALA RF 62 -75.82 18.68 -98.13
N ASP RF 63 -75.01 19.21 -99.04
CA ASP RF 63 -75.04 18.77 -100.42
C ASP RF 63 -74.35 17.42 -100.57
N VAL RF 64 -74.81 16.65 -101.56
CA VAL RF 64 -74.28 15.32 -101.82
C VAL RF 64 -73.77 15.27 -103.25
N VAL RF 65 -72.85 14.33 -103.50
CA VAL RF 65 -72.29 14.12 -104.82
C VAL RF 65 -72.22 12.62 -105.09
N ASP RF 66 -72.26 12.24 -106.36
CA ASP RF 66 -72.26 10.85 -106.77
C ASP RF 66 -71.56 10.72 -108.12
N CYS RF 67 -70.84 9.61 -108.28
CA CYS RF 67 -70.11 9.35 -109.52
C CYS RF 67 -70.56 8.07 -110.23
N SER RF 68 -71.68 7.48 -109.82
CA SER RF 68 -72.13 6.24 -110.45
C SER RF 68 -72.62 6.46 -111.87
N THR RF 69 -72.82 7.71 -112.28
CA THR RF 69 -73.27 7.99 -113.65
C THR RF 69 -72.15 7.75 -114.66
N SER RF 70 -70.90 8.01 -114.27
CA SER RF 70 -69.77 7.85 -115.17
C SER RF 70 -68.75 6.87 -114.60
N VAL RF 71 -68.28 7.15 -113.38
CA VAL RF 71 -67.29 6.30 -112.72
C VAL RF 71 -67.98 5.02 -112.29
N CYS RF 72 -67.27 3.89 -112.38
CA CYS RF 72 -67.88 2.62 -112.04
C CYS RF 72 -67.63 2.26 -110.57
N GLY RF 73 -67.91 3.19 -109.67
CA GLY RF 73 -68.05 2.85 -108.27
C GLY RF 73 -67.77 3.99 -107.31
N GLU RF 74 -68.83 4.62 -106.80
CA GLU RF 74 -68.68 5.70 -105.83
C GLU RF 74 -70.02 5.92 -105.15
N LEU RF 75 -70.08 5.69 -103.84
CA LEU RF 75 -71.30 5.89 -103.10
C LEU RF 75 -71.59 7.38 -102.94
N PRO RF 76 -72.86 7.76 -102.76
CA PRO RF 76 -73.19 9.18 -102.53
C PRO RF 76 -72.49 9.70 -101.29
N LYS RF 77 -71.66 10.71 -101.49
CA LYS RF 77 -70.82 11.28 -100.44
C LYS RF 77 -71.20 12.73 -100.20
N VAL RF 78 -71.30 13.10 -98.92
CA VAL RF 78 -71.62 14.48 -98.56
C VAL RF 78 -70.40 15.37 -98.81
N ARG RF 79 -70.67 16.65 -99.08
CA ARG RF 79 -69.61 17.60 -99.37
C ARG RF 79 -69.50 18.56 -98.19
N TYR RF 80 -70.15 19.71 -98.23
CA TYR RF 80 -70.09 20.70 -97.15
C TYR RF 80 -71.35 20.64 -96.32
N THR RF 81 -71.31 21.34 -95.19
CA THR RF 81 -72.44 21.41 -94.26
C THR RF 81 -72.70 22.87 -93.89
N GLN RF 82 -73.96 23.26 -93.90
CA GLN RF 82 -74.36 24.62 -93.56
C GLN RF 82 -75.23 24.60 -92.31
N VAL RF 83 -74.94 25.52 -91.38
CA VAL RF 83 -75.65 25.62 -90.12
C VAL RF 83 -76.22 27.02 -89.99
N TRP RF 84 -77.53 27.11 -89.76
CA TRP RF 84 -78.24 28.39 -89.59
C TRP RF 84 -79.14 28.25 -88.38
N SER RF 85 -78.61 28.59 -87.20
CA SER RF 85 -79.34 28.51 -85.95
C SER RF 85 -80.00 29.84 -85.64
N HIS RF 86 -80.91 29.81 -84.65
CA HIS RF 86 -81.63 30.99 -84.21
C HIS RF 86 -81.67 31.02 -82.70
N ASP RF 87 -82.21 32.12 -82.16
CA ASP RF 87 -82.33 32.27 -80.71
C ASP RF 87 -83.43 33.30 -80.44
N VAL RF 88 -84.53 32.86 -79.82
CA VAL RF 88 -85.66 33.71 -79.52
C VAL RF 88 -85.78 33.81 -78.00
N THR RF 89 -85.64 35.03 -77.46
CA THR RF 89 -85.75 35.29 -76.03
C THR RF 89 -86.84 36.34 -75.85
N ILE RF 90 -88.10 35.88 -75.83
CA ILE RF 90 -89.26 36.75 -75.66
C ILE RF 90 -89.92 36.42 -74.33
N VAL RF 91 -90.13 37.44 -73.51
CA VAL RF 91 -90.77 37.25 -72.21
C VAL RF 91 -92.26 37.01 -72.40
N ALA RF 92 -92.88 36.35 -71.43
CA ALA RF 92 -94.31 36.04 -71.52
C ALA RF 92 -95.15 37.31 -71.41
N ASN RF 93 -94.99 38.06 -70.31
CA ASN RF 93 -95.73 39.30 -70.09
C ASN RF 93 -95.14 40.39 -70.97
N SER RF 94 -95.54 40.38 -72.24
CA SER RF 94 -95.07 41.37 -73.20
C SER RF 94 -96.24 42.13 -73.81
N THR RF 95 -96.22 42.31 -75.13
CA THR RF 95 -97.29 43.02 -75.83
C THR RF 95 -97.52 42.35 -77.18
N GLU RF 96 -98.79 42.03 -77.46
CA GLU RF 96 -99.12 41.38 -78.72
C GLU RF 96 -98.84 42.30 -79.90
N ALA RF 97 -99.18 43.58 -79.78
CA ALA RF 97 -98.91 44.53 -80.86
C ALA RF 97 -97.42 44.69 -81.09
N SER RF 98 -96.63 44.77 -80.02
CA SER RF 98 -95.20 44.88 -80.16
C SER RF 98 -94.60 43.64 -80.80
N ARG RF 99 -95.08 42.45 -80.42
CA ARG RF 99 -94.60 41.22 -81.02
C ARG RF 99 -94.96 41.15 -82.51
N LYS RF 100 -96.17 41.59 -82.87
CA LYS RF 100 -96.56 41.60 -84.27
C LYS RF 100 -95.72 42.59 -85.07
N SER RF 101 -95.45 43.76 -84.50
CA SER RF 101 -94.60 44.73 -85.19
C SER RF 101 -93.18 44.20 -85.36
N LEU RF 102 -92.65 43.52 -84.34
CA LEU RF 102 -91.32 42.95 -84.45
C LEU RF 102 -91.27 41.85 -85.51
N TYR RF 103 -92.30 41.01 -85.56
CA TYR RF 103 -92.36 39.96 -86.57
C TYR RF 103 -92.45 40.56 -87.98
N ASP RF 104 -93.24 41.63 -88.13
CA ASP RF 104 -93.34 42.28 -89.43
C ASP RF 104 -92.01 42.90 -89.85
N LEU RF 105 -91.31 43.53 -88.89
CA LEU RF 105 -90.00 44.10 -89.19
C LEU RF 105 -89.00 43.02 -89.58
N THR RF 106 -89.02 41.89 -88.89
CA THR RF 106 -88.13 40.79 -89.24
C THR RF 106 -88.45 40.23 -90.62
N LYS RF 107 -89.74 40.09 -90.93
CA LYS RF 107 -90.14 39.61 -92.25
C LYS RF 107 -89.70 40.57 -93.34
N SER RF 108 -89.83 41.89 -93.10
CA SER RF 108 -89.40 42.86 -94.08
C SER RF 108 -87.88 42.84 -94.27
N LEU RF 109 -87.13 42.71 -93.18
CA LEU RF 109 -85.68 42.63 -93.28
C LEU RF 109 -85.24 41.36 -93.99
N VAL RF 110 -86.00 40.27 -93.84
CA VAL RF 110 -85.65 39.03 -94.54
C VAL RF 110 -85.97 39.14 -96.02
N ALA RF 111 -87.13 39.72 -96.35
CA ALA RF 111 -87.56 39.83 -97.74
C ALA RF 111 -86.88 40.96 -98.49
N THR RF 112 -86.14 41.85 -97.81
CA THR RF 112 -85.47 42.93 -98.49
C THR RF 112 -84.34 42.40 -99.38
N SER RF 113 -83.89 43.24 -100.29
CA SER RF 113 -82.86 42.87 -101.25
C SER RF 113 -81.44 43.03 -100.70
N GLN RF 114 -81.28 43.69 -99.55
CA GLN RF 114 -79.96 43.89 -98.97
C GLN RF 114 -79.40 42.60 -98.38
N VAL RF 115 -80.21 41.85 -97.64
CA VAL RF 115 -79.74 40.58 -97.08
C VAL RF 115 -79.45 39.57 -98.18
N GLU RF 116 -80.24 39.59 -99.27
CA GLU RF 116 -79.96 38.70 -100.39
C GLU RF 116 -78.61 39.00 -101.01
N ASP RF 117 -78.28 40.29 -101.19
CA ASP RF 117 -76.97 40.65 -101.72
C ASP RF 117 -75.86 40.30 -100.74
N LEU RF 118 -76.09 40.51 -99.44
CA LEU RF 118 -75.10 40.13 -98.44
C LEU RF 118 -74.84 38.63 -98.46
N VAL RF 119 -75.87 37.83 -98.74
CA VAL RF 119 -75.70 36.38 -98.77
C VAL RF 119 -74.99 35.95 -100.05
N VAL RF 120 -75.41 36.49 -101.19
CA VAL RF 120 -74.89 36.07 -102.49
C VAL RF 120 -73.50 36.65 -102.71
N ASN RF 121 -73.42 37.97 -102.90
CA ASN RF 121 -72.17 38.62 -103.26
C ASN RF 121 -71.23 38.83 -102.08
N LEU RF 122 -71.63 38.42 -100.87
CA LEU RF 122 -70.80 38.56 -99.67
C LEU RF 122 -70.41 40.00 -99.42
N VAL RF 123 -71.24 40.94 -99.85
CA VAL RF 123 -70.99 42.37 -99.63
C VAL RF 123 -71.63 42.79 -98.31
N PRO RF 124 -70.92 43.51 -97.45
CA PRO RF 124 -71.50 43.90 -96.16
C PRO RF 124 -72.77 44.73 -96.34
N LEU RF 125 -73.72 44.53 -95.43
CA LEU RF 125 -75.01 45.20 -95.50
C LEU RF 125 -74.82 46.69 -95.27
N GLY RF 126 -75.21 47.50 -96.26
CA GLY RF 126 -75.08 48.94 -96.15
C GLY RF 126 -75.45 49.67 -97.42
N ARG RF 127 -76.75 49.72 -97.73
CA ARG RF 127 -77.23 50.39 -98.93
C ARG RF 127 -78.02 51.64 -98.57
N SER SF 1 -74.23 51.11 -104.96
CA SER SF 1 -72.82 50.78 -104.92
C SER SF 1 -72.03 51.59 -105.94
N LYS SF 2 -70.95 51.01 -106.45
CA LYS SF 2 -70.04 51.69 -107.37
C LYS SF 2 -69.53 50.67 -108.37
N THR SF 3 -69.79 50.92 -109.65
CA THR SF 3 -69.41 50.02 -110.73
C THR SF 3 -68.29 50.65 -111.56
N ILE SF 4 -67.33 49.81 -111.97
CA ILE SF 4 -66.22 50.23 -112.80
C ILE SF 4 -66.17 49.32 -114.01
N VAL SF 5 -66.21 49.91 -115.21
CA VAL SF 5 -66.20 49.16 -116.46
C VAL SF 5 -64.81 49.25 -117.07
N LEU SF 6 -64.22 48.09 -117.35
CA LEU SF 6 -62.88 48.01 -117.95
C LEU SF 6 -63.00 47.31 -119.30
N SER SF 7 -62.44 47.93 -120.34
CA SER SF 7 -62.48 47.40 -121.69
C SER SF 7 -61.15 46.70 -121.99
N VAL SF 8 -61.22 45.40 -122.26
CA VAL SF 8 -60.02 44.63 -122.59
C VAL SF 8 -59.76 44.56 -124.08
N GLY SF 9 -60.73 44.94 -124.91
CA GLY SF 9 -60.56 44.87 -126.35
C GLY SF 9 -61.76 44.26 -127.04
N GLU SF 10 -62.24 43.13 -126.53
CA GLU SF 10 -63.42 42.47 -127.08
C GLU SF 10 -64.53 42.26 -126.07
N ALA SF 11 -64.23 42.28 -124.76
CA ALA SF 11 -65.22 42.13 -123.71
C ALA SF 11 -65.04 43.24 -122.69
N THR SF 12 -66.07 43.41 -121.85
CA THR SF 12 -66.08 44.44 -120.83
C THR SF 12 -66.24 43.78 -119.47
N ARG SF 13 -65.32 44.07 -118.56
CA ARG SF 13 -65.37 43.54 -117.20
C ARG SF 13 -65.93 44.59 -116.25
N THR SF 14 -66.64 44.12 -115.23
CA THR SF 14 -67.32 44.98 -114.28
C THR SF 14 -66.81 44.68 -112.88
N LEU SF 15 -66.30 45.72 -112.20
CA LEU SF 15 -65.86 45.63 -110.82
C LEU SF 15 -66.86 46.37 -109.93
N THR SF 16 -67.23 45.75 -108.81
CA THR SF 16 -68.24 46.29 -107.92
C THR SF 16 -67.61 46.62 -106.57
N GLU SF 17 -68.01 47.75 -105.99
CA GLU SF 17 -67.56 48.13 -104.67
C GLU SF 17 -68.16 47.20 -103.62
N ILE SF 18 -67.30 46.69 -102.75
CA ILE SF 18 -67.69 45.71 -101.74
C ILE SF 18 -67.59 46.28 -100.34
N GLN SF 19 -66.42 46.83 -100.00
CA GLN SF 19 -66.09 47.26 -98.63
C GLN SF 19 -65.86 48.76 -98.65
N SER SF 20 -66.95 49.52 -98.63
CA SER SF 20 -66.89 50.98 -98.71
C SER SF 20 -66.42 51.55 -97.38
N THR SF 21 -65.17 52.00 -97.33
CA THR SF 21 -64.61 52.64 -96.16
C THR SF 21 -63.61 53.69 -96.61
N ALA SF 22 -63.43 54.73 -95.78
CA ALA SF 22 -62.57 55.85 -96.15
C ALA SF 22 -61.11 55.41 -96.27
N ASP SF 23 -60.58 54.80 -95.22
CA ASP SF 23 -59.16 54.42 -95.18
C ASP SF 23 -58.86 53.15 -95.97
N ARG SF 24 -59.87 52.47 -96.51
CA ARG SF 24 -59.64 51.23 -97.26
C ARG SF 24 -60.86 50.99 -98.15
N GLN SF 25 -60.66 51.13 -99.46
CA GLN SF 25 -61.71 50.85 -100.44
C GLN SF 25 -61.35 49.56 -101.17
N ILE SF 26 -62.27 48.59 -101.13
CA ILE SF 26 -62.03 47.26 -101.70
C ILE SF 26 -63.02 47.06 -102.83
N PHE SF 27 -62.53 47.02 -104.06
CA PHE SF 27 -63.33 46.73 -105.23
C PHE SF 27 -63.09 45.28 -105.67
N GLU SF 28 -64.17 44.59 -106.01
CA GLU SF 28 -64.09 43.19 -106.40
C GLU SF 28 -64.82 42.97 -107.72
N GLU SF 29 -64.20 42.21 -108.62
CA GLU SF 29 -64.77 41.93 -109.93
C GLU SF 29 -65.82 40.83 -109.82
N LYS SF 30 -66.97 41.06 -110.45
CA LYS SF 30 -68.08 40.10 -110.44
C LYS SF 30 -68.21 39.49 -111.83
N VAL SF 31 -67.80 38.24 -111.97
CA VAL SF 31 -67.92 37.51 -113.24
C VAL SF 31 -68.53 36.14 -112.96
N GLY SF 32 -67.92 35.39 -112.05
CA GLY SF 32 -68.40 34.08 -111.69
C GLY SF 32 -68.05 33.72 -110.26
N PRO SF 33 -66.98 32.94 -110.09
CA PRO SF 33 -66.53 32.59 -108.73
C PRO SF 33 -65.93 33.81 -108.03
N LEU SF 34 -66.50 34.18 -106.89
CA LEU SF 34 -66.02 35.35 -106.17
C LEU SF 34 -64.65 35.11 -105.54
N VAL SF 35 -64.39 33.89 -105.08
CA VAL SF 35 -63.10 33.56 -104.49
C VAL SF 35 -62.06 33.42 -105.59
N GLY SF 36 -60.88 34.00 -105.37
CA GLY SF 36 -59.81 33.95 -106.36
C GLY SF 36 -60.14 34.73 -107.62
N ARG SF 37 -60.47 36.00 -107.47
CA ARG SF 37 -60.81 36.85 -108.60
C ARG SF 37 -59.95 38.10 -108.63
N LEU SF 38 -60.49 39.18 -109.18
CA LEU SF 38 -59.78 40.45 -109.29
C LEU SF 38 -60.21 41.37 -108.15
N ARG SF 39 -59.23 41.82 -107.37
CA ARG SF 39 -59.49 42.71 -106.25
C ARG SF 39 -58.57 43.93 -106.33
N LEU SF 40 -59.07 45.05 -105.82
CA LEU SF 40 -58.35 46.31 -105.85
C LEU SF 40 -58.50 47.01 -104.51
N THR SF 41 -57.38 47.38 -103.90
CA THR SF 41 -57.35 48.06 -102.61
C THR SF 41 -56.84 49.47 -102.81
N ALA SF 42 -57.62 50.45 -102.35
CA ALA SF 42 -57.26 51.86 -102.46
C ALA SF 42 -57.22 52.48 -101.07
N SER SF 43 -56.22 53.34 -100.84
CA SER SF 43 -56.06 54.00 -99.55
C SER SF 43 -55.54 55.41 -99.77
N LEU SF 44 -56.04 56.35 -98.97
CA LEU SF 44 -55.63 57.74 -99.04
C LEU SF 44 -55.42 58.25 -97.61
N ARG SF 45 -54.32 58.97 -97.39
CA ARG SF 45 -54.02 59.48 -96.06
C ARG SF 45 -53.17 60.75 -96.20
N GLN SF 46 -52.67 61.23 -95.06
CA GLN SF 46 -51.79 62.39 -94.98
C GLN SF 46 -50.39 61.92 -94.56
N ASN SF 47 -49.57 62.87 -94.10
CA ASN SF 47 -48.22 62.56 -93.68
C ASN SF 47 -47.68 63.71 -92.85
N GLY SF 48 -46.75 63.39 -91.95
CA GLY SF 48 -46.04 64.38 -91.17
C GLY SF 48 -46.91 65.38 -90.45
N ALA SF 49 -46.76 66.66 -90.81
CA ALA SF 49 -47.54 67.73 -90.21
C ALA SF 49 -48.35 68.45 -91.28
N LYS SF 50 -49.30 67.71 -91.88
CA LYS SF 50 -50.22 68.23 -92.88
C LYS SF 50 -49.47 68.85 -94.06
N THR SF 51 -48.36 68.24 -94.45
CA THR SF 51 -47.56 68.71 -95.57
C THR SF 51 -48.08 68.14 -96.88
N ALA SF 52 -47.76 66.87 -97.15
CA ALA SF 52 -48.18 66.22 -98.39
C ALA SF 52 -49.25 65.17 -98.10
N TYR SF 53 -49.39 64.21 -99.00
CA TYR SF 53 -50.37 63.14 -98.86
C TYR SF 53 -49.74 61.82 -99.28
N ARG SF 54 -50.49 60.73 -99.11
CA ARG SF 54 -50.02 59.40 -99.46
C ARG SF 54 -51.20 58.60 -100.01
N VAL SF 55 -51.02 58.09 -101.24
CA VAL SF 55 -52.04 57.29 -101.90
C VAL SF 55 -51.44 55.93 -102.21
N ASN SF 56 -52.19 54.88 -101.89
CA ASN SF 56 -51.76 53.51 -102.13
C ASN SF 56 -52.81 52.79 -102.96
N LEU SF 57 -52.36 52.12 -104.02
CA LEU SF 57 -53.24 51.39 -104.92
C LEU SF 57 -52.62 50.02 -105.19
N LYS SF 58 -53.32 48.96 -104.79
CA LYS SF 58 -52.86 47.60 -104.99
C LYS SF 58 -53.90 46.83 -105.81
N LEU SF 59 -53.43 45.97 -106.71
CA LEU SF 59 -54.30 45.17 -107.56
C LEU SF 59 -53.84 43.73 -107.50
N ASP SF 60 -54.72 42.84 -107.05
CA ASP SF 60 -54.42 41.43 -106.90
C ASP SF 60 -55.36 40.59 -107.74
N GLN SF 61 -54.85 39.45 -108.21
CA GLN SF 61 -55.63 38.52 -109.02
C GLN SF 61 -55.00 37.15 -108.92
N ALA SF 62 -55.69 36.21 -108.27
CA ALA SF 62 -55.20 34.85 -108.08
C ALA SF 62 -55.94 33.90 -109.00
N ASP SF 63 -55.20 33.10 -109.75
CA ASP SF 63 -55.80 32.13 -110.65
C ASP SF 63 -56.33 30.94 -109.87
N VAL SF 64 -57.38 30.32 -110.43
CA VAL SF 64 -58.03 29.17 -109.80
C VAL SF 64 -58.00 27.99 -110.77
N VAL SF 65 -58.10 26.79 -110.20
CA VAL SF 65 -58.13 25.56 -110.99
C VAL SF 65 -59.21 24.66 -110.42
N ASP SF 66 -59.74 23.78 -111.28
CA ASP SF 66 -60.82 22.88 -110.91
C ASP SF 66 -60.70 21.59 -111.70
N CYS SF 67 -61.04 20.48 -111.06
CA CYS SF 67 -60.98 19.17 -111.69
C CYS SF 67 -62.32 18.46 -111.76
N SER SF 68 -63.43 19.17 -111.47
CA SER SF 68 -64.74 18.53 -111.51
C SER SF 68 -65.18 18.15 -112.92
N THR SF 69 -64.49 18.66 -113.94
CA THR SF 69 -64.85 18.32 -115.32
C THR SF 69 -64.45 16.89 -115.66
N SER SF 70 -63.36 16.40 -115.09
CA SER SF 70 -62.89 15.04 -115.37
C SER SF 70 -62.80 14.21 -114.10
N VAL SF 71 -62.06 14.71 -113.12
CA VAL SF 71 -61.89 14.01 -111.84
C VAL SF 71 -63.19 14.10 -111.06
N CYS SF 72 -63.56 13.04 -110.36
CA CYS SF 72 -64.82 13.09 -109.66
C CYS SF 72 -64.65 13.53 -108.22
N GLY SF 73 -63.97 14.66 -108.02
CA GLY SF 73 -64.05 15.38 -106.77
C GLY SF 73 -62.86 16.27 -106.48
N GLU SF 74 -63.01 17.58 -106.72
CA GLU SF 74 -61.96 18.54 -106.43
C GLU SF 74 -62.57 19.93 -106.41
N LEU SF 75 -62.52 20.59 -105.27
CA LEU SF 75 -63.07 21.94 -105.15
C LEU SF 75 -62.16 22.93 -105.87
N PRO SF 76 -62.70 24.07 -106.31
CA PRO SF 76 -61.86 25.10 -106.94
C PRO SF 76 -60.78 25.57 -105.98
N LYS SF 77 -59.53 25.38 -106.39
CA LYS SF 77 -58.37 25.69 -105.56
C LYS SF 77 -57.53 26.78 -106.22
N VAL SF 78 -57.09 27.75 -105.41
CA VAL SF 78 -56.25 28.82 -105.93
C VAL SF 78 -54.84 28.28 -106.19
N ARG SF 79 -54.14 28.92 -107.13
CA ARG SF 79 -52.81 28.50 -107.50
C ARG SF 79 -51.83 29.55 -107.00
N TYR SF 80 -51.44 30.53 -107.82
CA TYR SF 80 -50.49 31.55 -107.42
C TYR SF 80 -51.22 32.85 -107.11
N THR SF 81 -50.47 33.80 -106.55
CA THR SF 81 -51.00 35.12 -106.19
C THR SF 81 -50.05 36.19 -106.71
N GLN SF 82 -50.61 37.23 -107.32
CA GLN SF 82 -49.85 38.35 -107.86
C GLN SF 82 -50.21 39.62 -107.11
N VAL SF 83 -49.18 40.39 -106.73
CA VAL SF 83 -49.35 41.63 -105.98
C VAL SF 83 -48.69 42.75 -106.77
N TRP SF 84 -49.47 43.81 -107.05
CA TRP SF 84 -48.98 44.98 -107.77
C TRP SF 84 -49.46 46.21 -107.01
N SER SF 85 -48.64 46.68 -106.07
CA SER SF 85 -48.95 47.84 -105.26
C SER SF 85 -48.38 49.11 -105.87
N HIS SF 86 -48.82 50.25 -105.35
CA HIS SF 86 -48.37 51.55 -105.82
C HIS SF 86 -48.11 52.45 -104.63
N ASP SF 87 -47.57 53.64 -104.91
CA ASP SF 87 -47.27 54.61 -103.86
C ASP SF 87 -47.21 56.00 -104.51
N VAL SF 88 -48.14 56.87 -104.13
CA VAL SF 88 -48.24 58.22 -104.68
C VAL SF 88 -47.96 59.20 -103.54
N THR SF 89 -46.90 59.98 -103.69
CA THR SF 89 -46.51 60.99 -102.70
C THR SF 89 -46.44 62.34 -103.41
N ILE SF 90 -47.61 62.97 -103.56
CA ILE SF 90 -47.73 64.26 -104.24
C ILE SF 90 -48.17 65.30 -103.20
N VAL SF 91 -47.42 66.40 -103.12
CA VAL SF 91 -47.75 67.45 -102.18
C VAL SF 91 -48.95 68.23 -102.69
N ALA SF 92 -49.65 68.89 -101.77
CA ALA SF 92 -50.84 69.65 -102.14
C ALA SF 92 -50.47 70.89 -102.96
N ASN SF 93 -49.62 71.75 -102.39
CA ASN SF 93 -49.19 72.97 -103.07
C ASN SF 93 -48.17 72.60 -104.14
N SER SF 94 -48.69 72.16 -105.28
CA SER SF 94 -47.83 71.77 -106.41
C SER SF 94 -48.18 72.58 -107.64
N THR SF 95 -48.28 71.92 -108.79
CA THR SF 95 -48.62 72.57 -110.05
C THR SF 95 -49.51 71.66 -110.87
N GLU SF 96 -50.64 72.19 -111.33
CA GLU SF 96 -51.57 71.39 -112.14
C GLU SF 96 -50.94 70.98 -113.46
N ALA SF 97 -50.22 71.90 -114.11
CA ALA SF 97 -49.57 71.57 -115.37
C ALA SF 97 -48.48 70.51 -115.17
N SER SF 98 -47.71 70.62 -114.09
CA SER SF 98 -46.69 69.62 -113.81
C SER SF 98 -47.31 68.26 -113.52
N ARG SF 99 -48.42 68.25 -112.77
CA ARG SF 99 -49.09 66.99 -112.48
C ARG SF 99 -49.65 66.35 -113.75
N LYS SF 100 -50.22 67.18 -114.63
CA LYS SF 100 -50.74 66.66 -115.90
C LYS SF 100 -49.62 66.11 -116.77
N SER SF 101 -48.47 66.80 -116.82
CA SER SF 101 -47.34 66.31 -117.61
C SER SF 101 -46.81 65.01 -117.03
N LEU SF 102 -46.75 64.90 -115.70
CA LEU SF 102 -46.29 63.67 -115.08
C LEU SF 102 -47.25 62.52 -115.36
N TYR SF 103 -48.56 62.78 -115.30
CA TYR SF 103 -49.53 61.75 -115.61
C TYR SF 103 -49.43 61.31 -117.07
N ASP SF 104 -49.22 62.26 -117.99
CA ASP SF 104 -49.07 61.91 -119.39
C ASP SF 104 -47.80 61.08 -119.61
N LEU SF 105 -46.70 61.44 -118.93
CA LEU SF 105 -45.47 60.66 -119.06
C LEU SF 105 -45.66 59.26 -118.51
N THR SF 106 -46.36 59.12 -117.38
CA THR SF 106 -46.62 57.80 -116.83
C THR SF 106 -47.49 56.97 -117.77
N LYS SF 107 -48.51 57.59 -118.35
CA LYS SF 107 -49.37 56.89 -119.30
C LYS SF 107 -48.59 56.43 -120.53
N SER SF 108 -47.69 57.29 -121.03
CA SER SF 108 -46.86 56.92 -122.18
C SER SF 108 -45.92 55.77 -121.83
N LEU SF 109 -45.29 55.83 -120.66
CA LEU SF 109 -44.40 54.75 -120.24
C LEU SF 109 -45.16 53.45 -120.04
N VAL SF 110 -46.41 53.52 -119.60
CA VAL SF 110 -47.21 52.31 -119.43
C VAL SF 110 -47.62 51.74 -120.79
N ALA SF 111 -48.04 52.60 -121.71
CA ALA SF 111 -48.51 52.17 -123.01
C ALA SF 111 -47.37 51.83 -123.98
N THR SF 112 -46.13 52.14 -123.64
CA THR SF 112 -45.02 51.82 -124.53
C THR SF 112 -44.82 50.30 -124.61
N SER SF 113 -44.08 49.89 -125.64
CA SER SF 113 -43.83 48.48 -125.89
C SER SF 113 -42.67 47.92 -125.08
N GLN SF 114 -41.87 48.77 -124.44
CA GLN SF 114 -40.74 48.30 -123.65
C GLN SF 114 -41.17 47.64 -122.35
N VAL SF 115 -42.14 48.24 -121.63
CA VAL SF 115 -42.62 47.63 -120.40
C VAL SF 115 -43.36 46.33 -120.69
N GLU SF 116 -44.06 46.26 -121.82
CA GLU SF 116 -44.74 45.02 -122.18
C GLU SF 116 -43.73 43.89 -122.41
N ASP SF 117 -42.62 44.19 -123.10
CA ASP SF 117 -41.59 43.19 -123.30
C ASP SF 117 -40.92 42.82 -121.98
N LEU SF 118 -40.67 43.81 -121.12
CA LEU SF 118 -40.10 43.53 -119.81
C LEU SF 118 -41.01 42.62 -118.98
N VAL SF 119 -42.32 42.77 -119.13
CA VAL SF 119 -43.25 41.95 -118.37
C VAL SF 119 -43.33 40.54 -118.97
N VAL SF 120 -43.43 40.44 -120.29
CA VAL SF 120 -43.63 39.15 -120.95
C VAL SF 120 -42.33 38.36 -120.98
N ASN SF 121 -41.37 38.84 -121.78
CA ASN SF 121 -40.12 38.12 -122.00
C ASN SF 121 -39.12 38.24 -120.86
N LEU SF 122 -39.46 38.99 -119.81
CA LEU SF 122 -38.58 39.18 -118.65
C LEU SF 122 -37.23 39.75 -119.05
N VAL SF 123 -37.19 40.53 -120.13
CA VAL SF 123 -35.96 41.16 -120.60
C VAL SF 123 -35.84 42.53 -119.94
N PRO SF 124 -34.68 42.88 -119.38
CA PRO SF 124 -34.54 44.20 -118.73
C PRO SF 124 -34.83 45.33 -119.69
N LEU SF 125 -35.44 46.40 -119.15
CA LEU SF 125 -35.84 47.55 -119.96
C LEU SF 125 -34.59 48.27 -120.46
N GLY SF 126 -34.45 48.35 -121.78
CA GLY SF 126 -33.32 49.02 -122.38
C GLY SF 126 -33.28 48.90 -123.89
N ARG SF 127 -34.16 49.63 -124.57
CA ARG SF 127 -34.23 49.60 -126.02
C ARG SF 127 -33.79 50.94 -126.62
N SER TF 1 -26.98 46.89 -121.08
CA SER TF 1 -26.53 45.55 -120.72
C SER TF 1 -25.49 45.03 -121.71
N LYS TF 2 -25.49 43.71 -121.90
CA LYS TF 2 -24.50 43.05 -122.74
C LYS TF 2 -25.16 41.88 -123.44
N THR TF 3 -25.16 41.91 -124.78
CA THR TF 3 -25.80 40.89 -125.58
C THR TF 3 -24.75 40.05 -126.31
N ILE TF 4 -25.00 38.74 -126.37
CA ILE TF 4 -24.12 37.80 -127.05
C ILE TF 4 -24.96 37.02 -128.05
N VAL TF 5 -24.55 37.04 -129.31
CA VAL TF 5 -25.26 36.37 -130.39
C VAL TF 5 -24.51 35.09 -130.75
N LEU TF 6 -25.22 33.96 -130.71
CA LEU TF 6 -24.66 32.67 -131.04
C LEU TF 6 -25.39 32.09 -132.24
N SER TF 7 -24.63 31.66 -133.25
CA SER TF 7 -25.19 31.11 -134.48
C SER TF 7 -25.14 29.59 -134.40
N VAL TF 8 -26.31 28.94 -134.44
CA VAL TF 8 -26.38 27.49 -134.40
C VAL TF 8 -26.39 26.86 -135.79
N GLY TF 9 -26.61 27.65 -136.83
CA GLY TF 9 -26.68 27.13 -138.18
C GLY TF 9 -27.85 27.68 -138.97
N GLU TF 10 -29.04 27.66 -138.36
CA GLU TF 10 -30.24 28.20 -138.99
C GLU TF 10 -30.92 29.29 -138.17
N ALA TF 11 -30.67 29.36 -136.86
CA ALA TF 11 -31.24 30.38 -136.00
C ALA TF 11 -30.14 31.02 -135.16
N THR TF 12 -30.46 32.17 -134.59
CA THR TF 12 -29.52 32.93 -133.77
C THR TF 12 -30.08 33.08 -132.37
N ARG TF 13 -29.31 32.66 -131.37
CA ARG TF 13 -29.71 32.77 -129.97
C ARG TF 13 -29.04 33.99 -129.34
N THR TF 14 -29.74 34.62 -128.40
CA THR TF 14 -29.28 35.84 -127.75
C THR TF 14 -29.19 35.60 -126.26
N LEU TF 15 -28.01 35.84 -125.69
CA LEU TF 15 -27.78 35.77 -124.26
C LEU TF 15 -27.59 37.18 -123.71
N THR TF 16 -28.24 37.46 -122.59
CA THR TF 16 -28.24 38.80 -121.99
C THR TF 16 -27.56 38.76 -120.63
N GLU TF 17 -26.76 39.78 -120.36
CA GLU TF 17 -26.12 39.91 -119.05
C GLU TF 17 -27.16 40.22 -117.99
N ILE TF 18 -27.11 39.48 -116.88
CA ILE TF 18 -28.11 39.56 -115.81
C ILE TF 18 -27.49 40.06 -114.51
N GLN TF 19 -26.37 39.48 -114.09
CA GLN TF 19 -25.76 39.74 -112.80
C GLN TF 19 -24.35 40.26 -113.03
N SER TF 20 -24.25 41.55 -113.35
CA SER TF 20 -22.97 42.19 -113.67
C SER TF 20 -22.17 42.39 -112.39
N THR TF 21 -21.14 41.56 -112.20
CA THR TF 21 -20.23 41.69 -111.08
C THR TF 21 -18.84 41.24 -111.52
N ALA TF 22 -17.82 41.79 -110.86
CA ALA TF 22 -16.44 41.51 -111.26
C ALA TF 22 -16.08 40.05 -111.03
N ASP TF 23 -16.28 39.56 -109.81
CA ASP TF 23 -15.88 38.21 -109.45
C ASP TF 23 -16.86 37.14 -109.94
N ARG TF 24 -17.99 37.53 -110.53
CA ARG TF 24 -18.97 36.56 -110.99
C ARG TF 24 -19.86 37.24 -112.03
N GLN TF 25 -19.73 36.83 -113.29
CA GLN TF 25 -20.55 37.33 -114.38
C GLN TF 25 -21.52 36.24 -114.79
N ILE TF 26 -22.82 36.54 -114.75
CA ILE TF 26 -23.88 35.58 -115.02
C ILE TF 26 -24.62 36.04 -116.26
N PHE TF 27 -24.48 35.29 -117.36
CA PHE TF 27 -25.21 35.54 -118.59
C PHE TF 27 -26.35 34.53 -118.70
N GLU TF 28 -27.53 35.02 -119.11
CA GLU TF 28 -28.71 34.18 -119.24
C GLU TF 28 -29.35 34.38 -120.60
N GLU TF 29 -29.74 33.26 -121.23
CA GLU TF 29 -30.34 33.29 -122.55
C GLU TF 29 -31.81 33.67 -122.44
N LYS TF 30 -32.25 34.60 -123.30
CA LYS TF 30 -33.63 35.07 -123.33
C LYS TF 30 -34.30 34.55 -124.59
N VAL TF 31 -35.19 33.57 -124.42
CA VAL TF 31 -35.95 33.00 -125.54
C VAL TF 31 -37.41 32.92 -125.15
N GLY TF 32 -37.69 32.27 -124.02
CA GLY TF 32 -39.04 32.14 -123.53
C GLY TF 32 -39.08 32.01 -122.02
N PRO TF 33 -39.20 30.78 -121.52
CA PRO TF 33 -39.18 30.57 -120.06
C PRO TF 33 -37.79 30.82 -119.50
N LEU TF 34 -37.70 31.75 -118.56
CA LEU TF 34 -36.41 32.10 -117.98
C LEU TF 34 -35.88 30.99 -117.08
N VAL TF 35 -36.77 30.28 -116.37
CA VAL TF 35 -36.35 29.19 -115.51
C VAL TF 35 -36.01 27.98 -116.36
N GLY TF 36 -34.90 27.31 -116.04
CA GLY TF 36 -34.46 26.16 -116.79
C GLY TF 36 -34.04 26.49 -118.20
N ARG TF 37 -33.09 27.42 -118.34
CA ARG TF 37 -32.62 27.84 -119.66
C ARG TF 37 -31.10 27.71 -119.74
N LEU TF 38 -30.48 28.55 -120.57
CA LEU TF 38 -29.04 28.53 -120.77
C LEU TF 38 -28.40 29.61 -119.89
N ARG TF 39 -27.47 29.20 -119.04
CA ARG TF 39 -26.76 30.13 -118.16
C ARG TF 39 -25.26 29.92 -118.30
N LEU TF 40 -24.52 31.01 -118.08
CA LEU TF 40 -23.06 31.00 -118.20
C LEU TF 40 -22.47 31.79 -117.06
N THR TF 41 -21.54 31.18 -116.34
CA THR TF 41 -20.87 31.79 -115.20
C THR TF 41 -19.40 31.99 -115.54
N ALA TF 42 -18.93 33.23 -115.41
CA ALA TF 42 -17.55 33.59 -115.70
C ALA TF 42 -16.91 34.19 -114.46
N SER TF 43 -15.66 33.81 -114.20
CA SER TF 43 -14.93 34.31 -113.05
C SER TF 43 -13.46 34.50 -113.41
N LEU TF 44 -12.86 35.57 -112.90
CA LEU TF 44 -11.46 35.87 -113.12
C LEU TF 44 -10.83 36.30 -111.80
N ARG TF 45 -9.64 35.77 -111.52
CA ARG TF 45 -8.96 36.10 -110.27
C ARG TF 45 -7.46 35.96 -110.47
N GLN TF 46 -6.72 36.04 -109.36
CA GLN TF 46 -5.28 35.88 -109.33
C GLN TF 46 -4.93 34.58 -108.58
N ASN TF 47 -3.68 34.47 -108.15
CA ASN TF 47 -3.23 33.28 -107.45
C ASN TF 47 -1.91 33.58 -106.74
N GLY TF 48 -1.67 32.86 -105.65
CA GLY TF 48 -0.40 32.94 -104.94
C GLY TF 48 0.06 34.33 -104.59
N ALA TF 49 1.21 34.73 -105.13
CA ALA TF 49 1.78 36.05 -104.88
C ALA TF 49 1.90 36.81 -106.18
N LYS TF 50 0.76 37.11 -106.80
CA LYS TF 50 0.68 37.88 -108.03
C LYS TF 50 1.53 37.27 -109.14
N THR TF 51 1.53 35.94 -109.21
CA THR TF 51 2.28 35.22 -110.24
C THR TF 51 1.44 35.06 -111.50
N ALA TF 52 0.50 34.12 -111.48
CA ALA TF 52 -0.35 33.85 -112.64
C ALA TF 52 -1.78 34.32 -112.38
N TYR TF 53 -2.73 33.75 -113.11
CA TYR TF 53 -4.13 34.10 -112.95
C TYR TF 53 -4.97 32.82 -113.00
N ARG TF 54 -6.28 32.98 -112.80
CA ARG TF 54 -7.21 31.86 -112.81
C ARG TF 54 -8.53 32.32 -113.42
N VAL TF 55 -8.95 31.64 -114.48
CA VAL TF 55 -10.19 31.94 -115.17
C VAL TF 55 -11.08 30.70 -115.12
N ASN TF 56 -12.34 30.91 -114.76
CA ASN TF 56 -13.31 29.83 -114.66
C ASN TF 56 -14.51 30.16 -115.54
N LEU TF 57 -14.92 29.20 -116.36
CA LEU TF 57 -16.06 29.37 -117.27
C LEU TF 57 -16.93 28.12 -117.18
N LYS TF 58 -18.17 28.29 -116.74
CA LYS TF 58 -19.13 27.21 -116.61
C LYS TF 58 -20.35 27.51 -117.45
N LEU TF 59 -20.91 26.47 -118.09
CA LEU TF 59 -22.09 26.61 -118.93
C LEU TF 59 -23.10 25.55 -118.53
N ASP TF 60 -24.28 25.98 -118.09
CA ASP TF 60 -25.32 25.08 -117.65
C ASP TF 60 -26.58 25.26 -118.49
N GLN TF 61 -27.32 24.17 -118.65
CA GLN TF 61 -28.57 24.19 -119.41
C GLN TF 61 -29.42 23.01 -118.95
N ALA TF 62 -30.54 23.31 -118.29
CA ALA TF 62 -31.44 22.28 -117.78
C ALA TF 62 -32.70 22.23 -118.64
N ASP TF 63 -33.05 21.03 -119.08
CA ASP TF 63 -34.24 20.84 -119.90
C ASP TF 63 -35.49 20.92 -119.03
N VAL TF 64 -36.59 21.36 -119.64
CA VAL TF 64 -37.87 21.50 -118.95
C VAL TF 64 -38.91 20.68 -119.68
N VAL TF 65 -39.97 20.33 -118.94
CA VAL TF 65 -41.08 19.56 -119.48
C VAL TF 65 -42.38 20.18 -118.97
N ASP TF 66 -43.45 20.00 -119.75
CA ASP TF 66 -44.75 20.56 -119.42
C ASP TF 66 -45.85 19.64 -119.95
N CYS TF 67 -46.94 19.55 -119.19
CA CYS TF 67 -48.07 18.72 -119.55
C CYS TF 67 -49.36 19.49 -119.74
N SER TF 68 -49.31 20.83 -119.80
CA SER TF 68 -50.52 21.62 -119.95
C SER TF 68 -51.15 21.46 -121.33
N THR TF 69 -50.43 20.87 -122.29
CA THR TF 69 -50.99 20.67 -123.62
C THR TF 69 -52.03 19.56 -123.63
N SER TF 70 -51.87 18.54 -122.79
CA SER TF 70 -52.81 17.44 -122.75
C SER TF 70 -53.39 17.27 -121.36
N VAL TF 71 -52.54 17.13 -120.35
CA VAL TF 71 -52.97 16.95 -118.97
C VAL TF 71 -53.51 18.30 -118.47
N CYS TF 72 -54.57 18.25 -117.66
CA CYS TF 72 -55.17 19.48 -117.17
C CYS TF 72 -54.57 19.91 -115.85
N GLY TF 73 -53.24 19.96 -115.76
CA GLY TF 73 -52.59 20.68 -114.69
C GLY TF 73 -51.20 20.18 -114.35
N GLU TF 74 -50.18 20.88 -114.84
CA GLU TF 74 -48.80 20.52 -114.54
C GLU TF 74 -47.92 21.72 -114.88
N LEU TF 75 -47.24 22.27 -113.88
CA LEU TF 75 -46.36 23.40 -114.10
C LEU TF 75 -45.09 22.94 -114.80
N PRO TF 76 -44.42 23.84 -115.53
CA PRO TF 76 -43.14 23.48 -116.16
C PRO TF 76 -42.12 23.02 -115.12
N LYS TF 77 -41.67 21.79 -115.27
CA LYS TF 77 -40.78 21.16 -114.31
C LYS TF 77 -39.45 20.82 -114.98
N VAL TF 78 -38.35 21.10 -114.29
CA VAL TF 78 -37.03 20.79 -114.82
C VAL TF 78 -36.78 19.28 -114.72
N ARG TF 79 -35.94 18.77 -115.62
CA ARG TF 79 -35.64 17.35 -115.67
C ARG TF 79 -34.22 17.16 -115.19
N TYR TF 80 -33.23 17.10 -116.08
CA TYR TF 80 -31.84 16.89 -115.71
C TYR TF 80 -31.08 18.21 -115.77
N THR TF 81 -29.84 18.18 -115.26
CA THR TF 81 -28.97 19.34 -115.24
C THR TF 81 -27.59 18.94 -115.75
N GLN TF 82 -27.02 19.76 -116.62
CA GLN TF 82 -25.71 19.52 -117.20
C GLN TF 82 -24.75 20.61 -116.77
N VAL TF 83 -23.55 20.22 -116.35
CA VAL TF 83 -22.53 21.14 -115.88
C VAL TF 83 -21.28 20.94 -116.71
N TRP TF 84 -20.78 22.02 -117.31
CA TRP TF 84 -19.56 22.01 -118.13
C TRP TF 84 -18.70 23.18 -117.70
N SER TF 85 -17.83 22.95 -116.72
CA SER TF 85 -16.94 23.97 -116.19
C SER TF 85 -15.60 23.94 -116.91
N HIS TF 86 -14.81 24.99 -116.69
CA HIS TF 86 -13.50 25.13 -117.29
C HIS TF 86 -12.51 25.62 -116.24
N ASP TF 87 -11.24 25.69 -116.62
CA ASP TF 87 -10.19 26.16 -115.72
C ASP TF 87 -9.01 26.61 -116.59
N VAL TF 88 -8.71 27.91 -116.54
CA VAL TF 88 -7.63 28.50 -117.32
C VAL TF 88 -6.58 29.03 -116.35
N THR TF 89 -5.38 28.47 -116.43
CA THR TF 89 -4.26 28.86 -115.59
C THR TF 89 -3.11 29.29 -116.50
N ILE TF 90 -3.16 30.53 -116.96
CA ILE TF 90 -2.16 31.10 -117.87
C ILE TF 90 -1.42 32.21 -117.13
N VAL TF 91 -0.09 32.13 -117.11
CA VAL TF 91 0.70 33.14 -116.44
C VAL TF 91 0.74 34.41 -117.30
N ALA TF 92 1.00 35.55 -116.64
CA ALA TF 92 1.02 36.82 -117.35
C ALA TF 92 2.23 36.91 -118.28
N ASN TF 93 3.43 36.75 -117.75
CA ASN TF 93 4.66 36.80 -118.54
C ASN TF 93 4.80 35.50 -119.33
N SER TF 94 4.08 35.44 -120.45
CA SER TF 94 4.11 34.26 -121.31
C SER TF 94 4.56 34.64 -122.71
N THR TF 95 3.86 34.13 -123.72
CA THR TF 95 4.18 34.41 -125.11
C THR TF 95 2.89 34.52 -125.91
N GLU TF 96 2.75 35.62 -126.67
CA GLU TF 96 1.54 35.81 -127.46
C GLU TF 96 1.42 34.76 -128.55
N ALA TF 97 2.54 34.44 -129.22
CA ALA TF 97 2.51 33.42 -130.26
C ALA TF 97 2.15 32.05 -129.69
N SER TF 98 2.72 31.71 -128.52
CA SER TF 98 2.40 30.45 -127.89
C SER TF 98 0.93 30.38 -127.47
N ARG TF 99 0.40 31.49 -126.95
CA ARG TF 99 -1.01 31.53 -126.57
C ARG TF 99 -1.91 31.38 -127.80
N LYS TF 100 -1.55 32.04 -128.90
CA LYS TF 100 -2.33 31.92 -130.12
C LYS TF 100 -2.29 30.49 -130.67
N SER TF 101 -1.11 29.86 -130.63
CA SER TF 101 -1.00 28.47 -131.09
C SER TF 101 -1.81 27.53 -130.21
N LEU TF 102 -1.80 27.77 -128.89
CA LEU TF 102 -2.59 26.93 -127.98
C LEU TF 102 -4.08 27.12 -128.23
N TYR TF 103 -4.52 28.36 -128.46
CA TYR TF 103 -5.92 28.61 -128.76
C TYR TF 103 -6.33 27.95 -130.07
N ASP TF 104 -5.46 28.01 -131.08
CA ASP TF 104 -5.77 27.36 -132.35
C ASP TF 104 -5.85 25.85 -132.19
N LEU TF 105 -4.95 25.26 -131.41
CA LEU TF 105 -4.99 23.83 -131.17
C LEU TF 105 -6.26 23.44 -130.42
N THR TF 106 -6.67 24.24 -129.44
CA THR TF 106 -7.90 23.96 -128.71
C THR TF 106 -9.11 24.06 -129.63
N LYS TF 107 -9.14 25.08 -130.50
CA LYS TF 107 -10.23 25.22 -131.45
C LYS TF 107 -10.30 24.05 -132.41
N SER TF 108 -9.13 23.58 -132.88
CA SER TF 108 -9.11 22.44 -133.78
C SER TF 108 -9.58 21.17 -133.07
N LEU TF 109 -9.15 20.96 -131.83
CA LEU TF 109 -9.60 19.79 -131.09
C LEU TF 109 -11.09 19.85 -130.79
N VAL TF 110 -11.64 21.05 -130.61
CA VAL TF 110 -13.08 21.17 -130.38
C VAL TF 110 -13.86 20.92 -131.66
N ALA TF 111 -13.38 21.46 -132.78
CA ALA TF 111 -14.08 21.32 -134.05
C ALA TF 111 -13.85 19.97 -134.72
N THR TF 112 -12.92 19.16 -134.22
CA THR TF 112 -12.69 17.85 -134.82
C THR TF 112 -13.89 16.93 -134.60
N SER TF 113 -13.93 15.85 -135.38
CA SER TF 113 -15.03 14.90 -135.34
C SER TF 113 -14.88 13.85 -134.25
N GLN TF 114 -13.70 13.75 -133.62
CA GLN TF 114 -13.48 12.76 -132.58
C GLN TF 114 -14.19 13.13 -131.28
N VAL TF 115 -14.12 14.40 -130.87
CA VAL TF 115 -14.81 14.82 -129.66
C VAL TF 115 -16.32 14.75 -129.85
N GLU TF 116 -16.82 15.03 -131.05
CA GLU TF 116 -18.25 14.91 -131.31
C GLU TF 116 -18.71 13.46 -131.14
N ASP TF 117 -17.93 12.51 -131.67
CA ASP TF 117 -18.28 11.11 -131.49
C ASP TF 117 -18.18 10.68 -130.03
N LEU TF 118 -17.15 11.17 -129.33
CA LEU TF 118 -17.02 10.87 -127.90
C LEU TF 118 -18.20 11.40 -127.11
N VAL TF 119 -18.76 12.54 -127.51
CA VAL TF 119 -19.91 13.12 -126.81
C VAL TF 119 -21.19 12.37 -127.15
N VAL TF 120 -21.41 12.08 -128.43
CA VAL TF 120 -22.65 11.46 -128.88
C VAL TF 120 -22.66 9.98 -128.54
N ASN TF 121 -21.80 9.20 -129.22
CA ASN TF 121 -21.82 7.75 -129.09
C ASN TF 121 -21.12 7.25 -127.82
N LEU TF 122 -20.59 8.15 -127.00
CA LEU TF 122 -19.92 7.78 -125.75
C LEU TF 122 -18.75 6.82 -125.98
N VAL TF 123 -18.14 6.90 -127.16
CA VAL TF 123 -16.99 6.06 -127.50
C VAL TF 123 -15.72 6.78 -127.09
N PRO TF 124 -14.79 6.11 -126.40
CA PRO TF 124 -13.56 6.78 -125.96
C PRO TF 124 -12.78 7.34 -127.15
N LEU TF 125 -12.15 8.49 -126.93
CA LEU TF 125 -11.41 9.18 -127.98
C LEU TF 125 -10.19 8.35 -128.37
N GLY TF 126 -10.12 7.96 -129.64
CA GLY TF 126 -9.00 7.17 -130.13
C GLY TF 126 -9.18 6.71 -131.56
N ARG TF 127 -9.04 7.64 -132.50
CA ARG TF 127 -9.19 7.33 -133.92
C ARG TF 127 -7.86 7.45 -134.65
N SER UF 1 -63.39 -108.01 -42.83
CA SER UF 1 -63.75 -106.61 -43.03
C SER UF 1 -65.26 -106.38 -42.88
N LYS UF 2 -65.76 -105.39 -43.61
CA LYS UF 2 -67.17 -105.01 -43.53
C LYS UF 2 -67.64 -104.59 -44.91
N THR UF 3 -68.65 -105.28 -45.43
CA THR UF 3 -69.17 -105.03 -46.76
C THR UF 3 -70.57 -104.41 -46.67
N ILE UF 4 -70.83 -103.44 -47.54
CA ILE UF 4 -72.12 -102.76 -47.61
C ILE UF 4 -72.62 -102.86 -49.05
N VAL UF 5 -73.81 -103.40 -49.23
CA VAL UF 5 -74.41 -103.58 -50.55
C VAL UF 5 -75.47 -102.51 -50.76
N LEU UF 6 -75.34 -101.76 -51.85
CA LEU UF 6 -76.28 -100.70 -52.20
C LEU UF 6 -76.92 -101.03 -53.54
N SER UF 7 -78.25 -100.98 -53.58
CA SER UF 7 -79.02 -101.30 -54.78
C SER UF 7 -79.41 -100.00 -55.47
N VAL UF 8 -78.94 -99.80 -56.70
CA VAL UF 8 -79.26 -98.61 -57.47
C VAL UF 8 -80.49 -98.79 -58.36
N GLY UF 9 -80.95 -100.03 -58.56
CA GLY UF 9 -82.09 -100.29 -59.41
C GLY UF 9 -81.85 -101.47 -60.34
N GLU UF 10 -80.70 -101.47 -61.02
CA GLU UF 10 -80.33 -102.55 -61.92
C GLU UF 10 -79.01 -103.21 -61.56
N ALA UF 11 -78.14 -102.56 -60.82
CA ALA UF 11 -76.86 -103.12 -60.39
C ALA UF 11 -76.69 -102.91 -58.89
N THR UF 12 -75.75 -103.65 -58.32
CA THR UF 12 -75.46 -103.61 -56.89
C THR UF 12 -74.01 -103.19 -56.69
N ARG UF 13 -73.81 -102.14 -55.91
CA ARG UF 13 -72.48 -101.64 -55.59
C ARG UF 13 -72.06 -102.13 -54.21
N THR UF 14 -70.76 -102.37 -54.05
CA THR UF 14 -70.20 -102.91 -52.83
C THR UF 14 -69.16 -101.95 -52.27
N LEU UF 15 -69.36 -101.54 -51.03
CA LEU UF 15 -68.42 -100.69 -50.30
C LEU UF 15 -67.72 -101.53 -49.24
N THR UF 16 -66.40 -101.37 -49.14
CA THR UF 16 -65.58 -102.16 -48.22
C THR UF 16 -64.94 -101.26 -47.17
N GLU UF 17 -64.93 -101.75 -45.93
CA GLU UF 17 -64.27 -101.02 -44.85
C GLU UF 17 -62.76 -101.03 -45.08
N ILE UF 18 -62.14 -99.85 -44.95
CA ILE UF 18 -60.73 -99.65 -45.26
C ILE UF 18 -59.94 -99.22 -44.02
N GLN UF 19 -60.44 -98.24 -43.27
CA GLN UF 19 -59.73 -97.64 -42.15
C GLN UF 19 -60.59 -97.81 -40.90
N SER UF 20 -60.53 -98.99 -40.30
CA SER UF 20 -61.36 -99.33 -39.14
C SER UF 20 -60.79 -98.64 -37.90
N THR UF 21 -61.47 -97.59 -37.46
CA THR UF 21 -61.11 -96.87 -36.24
C THR UF 21 -62.38 -96.35 -35.58
N ALA UF 22 -62.32 -96.19 -34.26
CA ALA UF 22 -63.51 -95.79 -33.50
C ALA UF 22 -63.94 -94.37 -33.86
N ASP UF 23 -63.03 -93.41 -33.77
CA ASP UF 23 -63.37 -92.01 -34.00
C ASP UF 23 -63.46 -91.65 -35.48
N ARG UF 24 -63.13 -92.58 -36.39
CA ARG UF 24 -63.18 -92.28 -37.82
C ARG UF 24 -63.27 -93.61 -38.57
N GLN UF 25 -64.43 -93.86 -39.18
CA GLN UF 25 -64.64 -95.04 -40.00
C GLN UF 25 -64.69 -94.61 -41.46
N ILE UF 26 -63.82 -95.20 -42.29
CA ILE UF 26 -63.68 -94.83 -43.68
C ILE UF 26 -64.07 -96.03 -44.53
N PHE UF 27 -65.20 -95.93 -45.23
CA PHE UF 27 -65.63 -96.96 -46.17
C PHE UF 27 -65.33 -96.51 -47.59
N GLU UF 28 -64.84 -97.42 -48.42
CA GLU UF 28 -64.47 -97.11 -49.79
C GLU UF 28 -65.08 -98.15 -50.74
N GLU UF 29 -65.65 -97.65 -51.84
CA GLU UF 29 -66.30 -98.51 -52.82
C GLU UF 29 -65.25 -99.16 -53.71
N LYS UF 30 -65.40 -100.46 -53.93
CA LYS UF 30 -64.48 -101.24 -54.76
C LYS UF 30 -65.21 -101.63 -56.04
N VAL UF 31 -64.83 -100.99 -57.15
CA VAL UF 31 -65.40 -101.30 -58.46
C VAL UF 31 -64.27 -101.43 -59.47
N GLY UF 32 -63.42 -100.41 -59.54
CA GLY UF 32 -62.29 -100.42 -60.45
C GLY UF 32 -61.15 -99.57 -59.94
N PRO UF 33 -61.04 -98.34 -60.44
CA PRO UF 33 -59.99 -97.43 -59.96
C PRO UF 33 -60.30 -96.97 -58.54
N LEU UF 34 -59.37 -97.24 -57.62
CA LEU UF 34 -59.59 -96.87 -56.22
C LEU UF 34 -59.51 -95.37 -56.01
N VAL UF 35 -58.66 -94.68 -56.76
CA VAL UF 35 -58.54 -93.24 -56.64
C VAL UF 35 -59.73 -92.58 -57.33
N GLY UF 36 -60.30 -91.57 -56.68
CA GLY UF 36 -61.45 -90.88 -57.23
C GLY UF 36 -62.68 -91.75 -57.30
N ARG UF 37 -63.09 -92.32 -56.17
CA ARG UF 37 -64.25 -93.19 -56.13
C ARG UF 37 -65.24 -92.72 -55.07
N LEU UF 38 -66.00 -93.65 -54.50
CA LEU UF 38 -67.00 -93.34 -53.49
C LEU UF 38 -66.41 -93.62 -52.11
N ARG UF 39 -66.41 -92.61 -51.25
CA ARG UF 39 -65.89 -92.73 -49.90
C ARG UF 39 -66.93 -92.21 -48.90
N LEU UF 40 -66.90 -92.79 -47.71
CA LEU UF 40 -67.84 -92.45 -46.65
C LEU UF 40 -67.09 -92.37 -45.33
N THR UF 41 -67.25 -91.24 -44.63
CA THR UF 41 -66.61 -90.99 -43.35
C THR UF 41 -67.67 -90.93 -42.26
N ALA UF 42 -67.51 -91.75 -41.24
CA ALA UF 42 -68.43 -91.81 -40.11
C ALA UF 42 -67.68 -91.50 -38.82
N SER UF 43 -68.33 -90.73 -37.95
CA SER UF 43 -67.72 -90.36 -36.67
C SER UF 43 -68.81 -90.29 -35.61
N LEU UF 44 -68.48 -90.76 -34.40
CA LEU UF 44 -69.38 -90.74 -33.26
C LEU UF 44 -68.62 -90.24 -32.03
N ARG UF 45 -69.24 -89.35 -31.27
CA ARG UF 45 -68.58 -88.80 -30.09
C ARG UF 45 -69.66 -88.39 -29.08
N GLN UF 46 -69.22 -87.70 -28.03
CA GLN UF 46 -70.07 -87.15 -27.00
C GLN UF 46 -70.06 -85.62 -27.09
N ASN UF 47 -70.49 -84.96 -26.02
CA ASN UF 47 -70.54 -83.51 -25.98
C ASN UF 47 -70.68 -83.05 -24.53
N GLY UF 48 -70.20 -81.85 -24.26
CA GLY UF 48 -70.37 -81.20 -22.98
C GLY UF 48 -69.98 -82.05 -21.78
N ALA UF 49 -70.96 -82.33 -20.92
CA ALA UF 49 -70.74 -83.13 -19.72
C ALA UF 49 -71.60 -84.38 -19.76
N LYS UF 50 -71.33 -85.24 -20.75
CA LYS UF 50 -72.00 -86.52 -20.91
C LYS UF 50 -73.52 -86.35 -21.02
N THR UF 51 -73.94 -85.28 -21.71
CA THR UF 51 -75.36 -85.01 -21.91
C THR UF 51 -75.88 -85.74 -23.15
N ALA UF 52 -75.57 -85.20 -24.33
CA ALA UF 52 -76.03 -85.80 -25.58
C ALA UF 52 -74.88 -86.44 -26.34
N TYR UF 53 -75.03 -86.61 -27.64
CA TYR UF 53 -74.00 -87.20 -28.48
C TYR UF 53 -73.90 -86.41 -29.78
N ARG UF 54 -72.94 -86.79 -30.62
CA ARG UF 54 -72.71 -86.13 -31.90
C ARG UF 54 -72.29 -87.16 -32.91
N VAL UF 55 -73.04 -87.26 -34.01
CA VAL UF 55 -72.77 -88.19 -35.09
C VAL UF 55 -72.55 -87.40 -36.37
N ASN UF 56 -71.47 -87.72 -37.09
CA ASN UF 56 -71.14 -87.06 -38.35
C ASN UF 56 -71.02 -88.09 -39.44
N LEU UF 57 -71.67 -87.83 -40.57
CA LEU UF 57 -71.66 -88.73 -41.73
C LEU UF 57 -71.43 -87.90 -42.98
N LYS UF 58 -70.31 -88.17 -43.66
CA LYS UF 58 -69.96 -87.47 -44.89
C LYS UF 58 -69.80 -88.48 -46.02
N LEU UF 59 -70.25 -88.10 -47.21
CA LEU UF 59 -70.17 -88.96 -48.39
C LEU UF 59 -69.57 -88.15 -49.53
N ASP UF 60 -68.44 -88.62 -50.05
CA ASP UF 60 -67.72 -87.93 -51.11
C ASP UF 60 -67.59 -88.84 -52.33
N GLN UF 61 -67.58 -88.23 -53.51
CA GLN UF 61 -67.43 -88.97 -54.76
C GLN UF 61 -66.91 -88.01 -55.81
N ALA UF 62 -65.67 -88.22 -56.26
CA ALA UF 62 -65.03 -87.37 -57.25
C ALA UF 62 -64.96 -88.10 -58.59
N ASP UF 63 -65.44 -87.43 -59.64
CA ASP UF 63 -65.42 -88.01 -60.98
C ASP UF 63 -64.00 -87.98 -61.55
N VAL UF 64 -63.71 -88.95 -62.42
CA VAL UF 64 -62.40 -89.07 -63.03
C VAL UF 64 -62.57 -89.04 -64.55
N VAL UF 65 -61.49 -88.68 -65.23
CA VAL UF 65 -61.47 -88.62 -66.69
C VAL UF 65 -60.15 -89.22 -67.17
N ASP UF 66 -60.17 -89.76 -68.39
CA ASP UF 66 -59.01 -90.41 -68.98
C ASP UF 66 -59.02 -90.22 -70.48
N CYS UF 67 -57.83 -90.06 -71.06
CA CYS UF 67 -57.68 -89.87 -72.49
C CYS UF 67 -56.86 -90.95 -73.16
N SER UF 68 -56.57 -92.06 -72.48
CA SER UF 68 -55.76 -93.12 -73.08
C SER UF 68 -56.49 -93.84 -74.20
N THR UF 69 -57.81 -93.65 -74.32
CA THR UF 69 -58.56 -94.31 -75.38
C THR UF 69 -58.26 -93.70 -76.74
N SER UF 70 -57.99 -92.39 -76.80
CA SER UF 70 -57.71 -91.71 -78.05
C SER UF 70 -56.35 -91.05 -78.02
N VAL UF 71 -56.12 -90.18 -77.03
CA VAL UF 71 -54.86 -89.46 -76.89
C VAL UF 71 -53.79 -90.46 -76.43
N CYS UF 72 -52.57 -90.30 -76.93
CA CYS UF 72 -51.51 -91.23 -76.59
C CYS UF 72 -50.72 -90.76 -75.37
N GLY UF 73 -51.42 -90.39 -74.30
CA GLY UF 73 -50.79 -90.27 -73.01
C GLY UF 73 -51.47 -89.30 -72.06
N GLU UF 74 -52.25 -89.85 -71.12
CA GLU UF 74 -52.93 -89.03 -70.12
C GLU UF 74 -53.37 -89.94 -68.98
N LEU UF 75 -52.84 -89.72 -67.79
CA LEU UF 75 -53.22 -90.51 -66.64
C LEU UF 75 -54.62 -90.14 -66.17
N PRO UF 76 -55.33 -91.06 -65.50
CA PRO UF 76 -56.66 -90.73 -64.96
C PRO UF 76 -56.57 -89.56 -63.99
N LYS UF 77 -57.29 -88.49 -64.33
CA LYS UF 77 -57.25 -87.25 -63.57
C LYS UF 77 -58.63 -86.94 -62.99
N VAL UF 78 -58.66 -86.53 -61.72
CA VAL UF 78 -59.92 -86.18 -61.09
C VAL UF 78 -60.40 -84.83 -61.62
N ARG UF 79 -61.72 -84.64 -61.59
CA ARG UF 79 -62.32 -83.41 -62.09
C ARG UF 79 -62.83 -82.62 -60.90
N TYR UF 80 -64.11 -82.75 -60.54
CA TYR UF 80 -64.69 -82.01 -59.42
C TYR UF 80 -64.83 -82.91 -58.21
N THR UF 81 -65.16 -82.30 -57.08
CA THR UF 81 -65.34 -83.01 -55.81
C THR UF 81 -66.63 -82.56 -55.17
N GLN UF 82 -67.41 -83.51 -54.67
CA GLN UF 82 -68.68 -83.24 -54.02
C GLN UF 82 -68.61 -83.67 -52.56
N VAL UF 83 -69.11 -82.81 -51.67
CA VAL UF 83 -69.08 -83.05 -50.23
C VAL UF 83 -70.51 -82.96 -49.72
N TRP UF 84 -70.96 -84.02 -49.03
CA TRP UF 84 -72.30 -84.09 -48.44
C TRP UF 84 -72.15 -84.59 -47.01
N SER UF 85 -71.97 -83.67 -46.08
CA SER UF 85 -71.79 -84.01 -44.67
C SER UF 85 -73.14 -83.98 -43.94
N HIS UF 86 -73.14 -84.51 -42.72
CA HIS UF 86 -74.33 -84.56 -41.89
C HIS UF 86 -73.97 -84.18 -40.46
N ASP UF 87 -74.99 -84.07 -39.61
CA ASP UF 87 -74.78 -83.72 -38.21
C ASP UF 87 -75.99 -84.21 -37.43
N VAL UF 88 -75.78 -85.17 -36.54
CA VAL UF 88 -76.85 -85.75 -35.73
C VAL UF 88 -76.57 -85.41 -34.27
N THR UF 89 -77.49 -84.66 -33.66
CA THR UF 89 -77.38 -84.26 -32.25
C THR UF 89 -78.64 -84.76 -31.53
N ILE UF 90 -78.62 -86.03 -31.14
CA ILE UF 90 -79.74 -86.66 -30.45
C ILE UF 90 -79.30 -87.01 -29.03
N VAL UF 91 -80.08 -86.57 -28.05
CA VAL UF 91 -79.76 -86.85 -26.66
C VAL UF 91 -80.08 -88.31 -26.34
N ALA UF 92 -79.42 -88.84 -25.31
CA ALA UF 92 -79.62 -90.23 -24.93
C ALA UF 92 -81.02 -90.45 -24.36
N ASN UF 93 -81.35 -89.72 -23.30
CA ASN UF 93 -82.65 -89.82 -22.65
C ASN UF 93 -83.69 -89.12 -23.51
N SER UF 94 -84.15 -89.82 -24.54
CA SER UF 94 -85.15 -89.28 -25.45
C SER UF 94 -86.38 -90.17 -25.49
N THR UF 95 -86.89 -90.46 -26.69
CA THR UF 95 -88.07 -91.30 -26.86
C THR UF 95 -87.89 -92.14 -28.12
N GLU UF 96 -88.08 -93.45 -27.98
CA GLU UF 96 -87.94 -94.35 -29.13
C GLU UF 96 -89.00 -94.07 -30.18
N ALA UF 97 -90.24 -93.83 -29.76
CA ALA UF 97 -91.30 -93.52 -30.70
C ALA UF 97 -91.04 -92.21 -31.43
N SER UF 98 -90.56 -91.20 -30.70
CA SER UF 98 -90.24 -89.92 -31.33
C SER UF 98 -89.09 -90.07 -32.32
N ARG UF 99 -88.07 -90.86 -31.96
CA ARG UF 99 -86.94 -91.08 -32.87
C ARG UF 99 -87.40 -91.82 -34.12
N LYS UF 100 -88.27 -92.81 -33.96
CA LYS UF 100 -88.79 -93.53 -35.12
C LYS UF 100 -89.62 -92.63 -36.02
N SER UF 101 -90.45 -91.77 -35.42
CA SER UF 101 -91.24 -90.85 -36.22
C SER UF 101 -90.35 -89.85 -36.96
N LEU UF 102 -89.29 -89.37 -36.30
CA LEU UF 102 -88.37 -88.45 -36.95
C LEU UF 102 -87.64 -89.13 -38.10
N TYR UF 103 -87.23 -90.39 -37.91
CA TYR UF 103 -86.57 -91.12 -38.97
C TYR UF 103 -87.51 -91.36 -40.15
N ASP UF 104 -88.76 -91.67 -39.86
CA ASP UF 104 -89.75 -91.86 -40.93
C ASP UF 104 -89.99 -90.56 -41.69
N LEU UF 105 -90.08 -89.44 -40.97
CA LEU UF 105 -90.26 -88.15 -41.63
C LEU UF 105 -89.06 -87.80 -42.50
N THR UF 106 -87.84 -88.08 -42.01
CA THR UF 106 -86.65 -87.82 -42.81
C THR UF 106 -86.62 -88.70 -44.05
N LYS UF 107 -86.99 -89.97 -43.91
CA LYS UF 107 -87.03 -90.87 -45.06
C LYS UF 107 -88.06 -90.40 -46.08
N SER UF 108 -89.23 -89.94 -45.62
CA SER UF 108 -90.24 -89.44 -46.53
C SER UF 108 -89.78 -88.18 -47.25
N LEU UF 109 -89.13 -87.26 -46.53
CA LEU UF 109 -88.62 -86.05 -47.15
C LEU UF 109 -87.51 -86.36 -48.14
N VAL UF 110 -86.71 -87.41 -47.89
CA VAL UF 110 -85.67 -87.77 -48.83
C VAL UF 110 -86.27 -88.43 -50.07
N ALA UF 111 -87.25 -89.31 -49.89
CA ALA UF 111 -87.87 -90.02 -51.00
C ALA UF 111 -88.87 -89.19 -51.78
N THR UF 112 -89.26 -88.02 -51.27
CA THR UF 112 -90.21 -87.18 -52.00
C THR UF 112 -89.59 -86.64 -53.29
N SER UF 113 -90.46 -86.16 -54.17
CA SER UF 113 -90.04 -85.66 -55.48
C SER UF 113 -89.59 -84.21 -55.44
N GLN UF 114 -89.83 -83.49 -54.35
CA GLN UF 114 -89.43 -82.09 -54.24
C GLN UF 114 -87.92 -81.94 -54.08
N VAL UF 115 -87.31 -82.75 -53.22
CA VAL UF 115 -85.85 -82.68 -53.05
C VAL UF 115 -85.14 -83.12 -54.32
N GLU UF 116 -85.69 -84.10 -55.04
CA GLU UF 116 -85.09 -84.52 -56.30
C GLU UF 116 -85.10 -83.38 -57.32
N ASP UF 117 -86.21 -82.64 -57.41
CA ASP UF 117 -86.26 -81.50 -58.31
C ASP UF 117 -85.32 -80.39 -57.85
N LEU UF 118 -85.24 -80.15 -56.54
CA LEU UF 118 -84.31 -79.16 -56.01
C LEU UF 118 -82.86 -79.52 -56.35
N VAL UF 119 -82.54 -80.81 -56.36
CA VAL UF 119 -81.18 -81.24 -56.65
C VAL UF 119 -80.90 -81.14 -58.15
N VAL UF 120 -81.83 -81.61 -58.98
CA VAL UF 120 -81.62 -81.67 -60.42
C VAL UF 120 -81.77 -80.28 -61.04
N ASN UF 121 -82.99 -79.76 -61.04
CA ASN UF 121 -83.28 -78.50 -61.73
C ASN UF 121 -82.85 -77.27 -60.94
N LEU UF 122 -82.28 -77.45 -59.74
CA LEU UF 122 -81.82 -76.33 -58.90
C LEU UF 122 -82.94 -75.34 -58.59
N VAL UF 123 -84.18 -75.83 -58.56
CA VAL UF 123 -85.34 -75.00 -58.25
C VAL UF 123 -85.57 -75.03 -56.74
N PRO UF 124 -85.77 -73.89 -56.09
CA PRO UF 124 -85.96 -73.89 -54.64
C PRO UF 124 -87.17 -74.73 -54.24
N LEU UF 125 -87.06 -75.38 -53.09
CA LEU UF 125 -88.10 -76.28 -52.60
C LEU UF 125 -89.34 -75.47 -52.23
N GLY UF 126 -90.46 -75.76 -52.89
CA GLY UF 126 -91.70 -75.05 -52.63
C GLY UF 126 -92.81 -75.45 -53.57
N ARG UF 127 -93.36 -76.65 -53.38
CA ARG UF 127 -94.45 -77.13 -54.22
C ARG UF 127 -95.75 -77.24 -53.43
N SER VF 1 -95.58 -76.01 -60.55
CA SER VF 1 -94.84 -74.88 -61.10
C SER VF 1 -95.62 -74.19 -62.21
N LYS VF 2 -94.89 -73.63 -63.17
CA LYS VF 2 -95.49 -72.86 -64.25
C LYS VF 2 -94.69 -73.10 -65.52
N THR VF 3 -95.34 -73.63 -66.54
CA THR VF 3 -94.69 -73.97 -67.80
C THR VF 3 -95.15 -73.01 -68.90
N ILE VF 4 -94.21 -72.62 -69.76
CA ILE VF 4 -94.48 -71.73 -70.88
C ILE VF 4 -93.96 -72.41 -72.14
N VAL VF 5 -94.84 -72.59 -73.13
CA VAL VF 5 -94.49 -73.24 -74.38
C VAL VF 5 -94.31 -72.19 -75.46
N LEU VF 6 -93.16 -72.19 -76.11
CA LEU VF 6 -92.85 -71.25 -77.19
C LEU VF 6 -92.60 -72.03 -78.47
N SER VF 7 -93.28 -71.62 -79.54
CA SER VF 7 -93.18 -72.27 -80.84
C SER VF 7 -92.23 -71.47 -81.72
N VAL VF 8 -91.12 -72.10 -82.13
CA VAL VF 8 -90.15 -71.44 -82.99
C VAL VF 8 -90.40 -71.70 -84.47
N GLY VF 9 -91.27 -72.66 -84.81
CA GLY VF 9 -91.55 -72.98 -86.20
C GLY VF 9 -91.55 -74.47 -86.45
N GLU VF 10 -90.52 -75.16 -85.97
CA GLU VF 10 -90.42 -76.61 -86.11
C GLU VF 10 -90.29 -77.35 -84.78
N ALA VF 11 -89.87 -76.68 -83.72
CA ALA VF 11 -89.74 -77.28 -82.41
C ALA VF 11 -90.41 -76.40 -81.37
N THR VF 12 -90.67 -76.97 -80.19
CA THR VF 12 -91.33 -76.27 -79.10
C THR VF 12 -90.41 -76.26 -77.89
N ARG VF 13 -90.13 -75.06 -77.38
CA ARG VF 13 -89.31 -74.88 -76.20
C ARG VF 13 -90.18 -74.68 -74.96
N THR VF 14 -89.69 -75.18 -73.83
CA THR VF 14 -90.42 -75.14 -72.57
C THR VF 14 -89.62 -74.38 -71.53
N LEU VF 15 -90.22 -73.34 -70.96
CA LEU VF 15 -89.64 -72.57 -69.88
C LEU VF 15 -90.36 -72.88 -68.58
N THR VF 16 -89.61 -73.10 -67.51
CA THR VF 16 -90.16 -73.49 -66.23
C THR VF 16 -89.91 -72.42 -65.18
N GLU VF 17 -90.91 -72.16 -64.35
CA GLU VF 17 -90.76 -71.21 -63.26
C GLU VF 17 -89.80 -71.77 -62.21
N ILE VF 18 -88.84 -70.96 -61.81
CA ILE VF 18 -87.78 -71.37 -60.89
C ILE VF 18 -87.90 -70.61 -59.56
N GLN VF 19 -87.96 -69.28 -59.62
CA GLN VF 19 -87.88 -68.43 -58.44
C GLN VF 19 -89.19 -67.65 -58.32
N SER VF 20 -90.21 -68.31 -57.78
CA SER VF 20 -91.55 -67.74 -57.66
C SER VF 20 -91.55 -66.70 -56.54
N THR VF 21 -91.57 -65.42 -56.92
CA THR VF 21 -91.67 -64.32 -55.97
C THR VF 21 -92.46 -63.19 -56.62
N ALA VF 22 -93.11 -62.38 -55.78
CA ALA VF 22 -93.98 -61.33 -56.28
C ALA VF 22 -93.18 -60.25 -57.00
N ASP VF 23 -92.16 -59.70 -56.34
CA ASP VF 23 -91.38 -58.60 -56.90
C ASP VF 23 -90.35 -59.05 -57.93
N ARG VF 24 -90.17 -60.36 -58.12
CA ARG VF 24 -89.18 -60.85 -59.08
C ARG VF 24 -89.57 -62.28 -59.45
N GLN VF 25 -90.00 -62.47 -60.71
CA GLN VF 25 -90.32 -63.79 -61.24
C GLN VF 25 -89.24 -64.19 -62.23
N ILE VF 26 -88.60 -65.34 -61.99
CA ILE VF 26 -87.48 -65.81 -62.78
C ILE VF 26 -87.91 -67.11 -63.47
N PHE VF 27 -88.06 -67.06 -64.79
CA PHE VF 27 -88.34 -68.24 -65.60
C PHE VF 27 -87.07 -68.71 -66.29
N GLU VF 28 -86.86 -70.02 -66.29
CA GLU VF 28 -85.65 -70.60 -66.89
C GLU VF 28 -86.04 -71.73 -67.84
N GLU VF 29 -85.41 -71.74 -69.01
CA GLU VF 29 -85.69 -72.75 -70.02
C GLU VF 29 -84.97 -74.05 -69.68
N LYS VF 30 -85.69 -75.17 -69.79
CA LYS VF 30 -85.15 -76.49 -69.49
C LYS VF 30 -85.02 -77.27 -70.80
N VAL VF 31 -83.78 -77.43 -71.26
CA VAL VF 31 -83.50 -78.20 -72.47
C VAL VF 31 -82.36 -79.16 -72.19
N GLY VF 32 -81.24 -78.63 -71.70
CA GLY VF 32 -80.09 -79.44 -71.37
C GLY VF 32 -79.27 -78.84 -70.26
N PRO VF 33 -78.19 -78.14 -70.62
CA PRO VF 33 -77.36 -77.46 -69.61
C PRO VF 33 -78.10 -76.27 -69.03
N LEU VF 34 -78.29 -76.28 -67.71
CA LEU VF 34 -79.02 -75.19 -67.07
C LEU VF 34 -78.22 -73.91 -67.04
N VAL VF 35 -76.89 -73.99 -66.91
CA VAL VF 35 -76.05 -72.80 -66.91
C VAL VF 35 -75.91 -72.29 -68.34
N GLY VF 36 -76.01 -70.97 -68.50
CA GLY VF 36 -75.92 -70.37 -69.81
C GLY VF 36 -77.07 -70.73 -70.73
N ARG VF 37 -78.29 -70.49 -70.28
CA ARG VF 37 -79.47 -70.82 -71.07
C ARG VF 37 -80.36 -69.60 -71.24
N LEU VF 38 -81.67 -69.84 -71.38
CA LEU VF 38 -82.65 -68.77 -71.57
C LEU VF 38 -83.29 -68.43 -70.23
N ARG VF 39 -83.21 -67.17 -69.83
CA ARG VF 39 -83.79 -66.72 -68.57
C ARG VF 39 -84.65 -65.48 -68.82
N LEU VF 40 -85.69 -65.33 -68.01
CA LEU VF 40 -86.63 -64.23 -68.12
C LEU VF 40 -86.95 -63.70 -66.74
N THR VF 41 -86.79 -62.39 -66.57
CA THR VF 41 -87.04 -61.71 -65.30
C THR VF 41 -88.23 -60.77 -65.47
N ALA VF 42 -89.24 -60.95 -64.62
CA ALA VF 42 -90.45 -60.13 -64.64
C ALA VF 42 -90.62 -59.44 -63.30
N SER VF 43 -91.03 -58.18 -63.34
CA SER VF 43 -91.25 -57.39 -62.14
C SER VF 43 -92.43 -56.46 -62.34
N LEU VF 44 -93.23 -56.30 -61.29
CA LEU VF 44 -94.39 -55.42 -61.29
C LEU VF 44 -94.41 -54.62 -60.01
N ARG VF 45 -94.68 -53.32 -60.11
CA ARG VF 45 -94.69 -52.45 -58.95
C ARG VF 45 -95.63 -51.28 -59.21
N GLN VF 46 -95.60 -50.30 -58.29
CA GLN VF 46 -96.37 -49.08 -58.40
C GLN VF 46 -95.41 -47.90 -58.60
N ASN VF 47 -95.90 -46.69 -58.36
CA ASN VF 47 -95.09 -45.49 -58.54
C ASN VF 47 -95.75 -44.33 -57.82
N GLY VF 48 -94.93 -43.37 -57.41
CA GLY VF 48 -95.41 -42.12 -56.83
C GLY VF 48 -96.41 -42.29 -55.69
N ALA VF 49 -97.62 -41.78 -55.89
CA ALA VF 49 -98.68 -41.86 -54.89
C ALA VF 49 -99.86 -42.64 -55.45
N LYS VF 50 -99.63 -43.92 -55.74
CA LYS VF 50 -100.67 -44.84 -56.23
C LYS VF 50 -101.33 -44.30 -57.50
N THR VF 51 -100.53 -43.68 -58.36
CA THR VF 51 -101.04 -43.16 -59.63
C THR VF 51 -101.02 -44.24 -60.71
N ALA VF 52 -99.84 -44.52 -61.26
CA ALA VF 52 -99.70 -45.51 -62.32
C ALA VF 52 -99.00 -46.76 -61.81
N TYR VF 53 -98.40 -47.53 -62.73
CA TYR VF 53 -97.68 -48.73 -62.37
C TYR VF 53 -96.41 -48.81 -63.18
N ARG VF 54 -95.60 -49.83 -62.89
CA ARG VF 54 -94.33 -50.04 -63.58
C ARG VF 54 -94.10 -51.52 -63.76
N VAL VF 55 -93.93 -51.95 -65.01
CA VAL VF 55 -93.67 -53.35 -65.35
C VAL VF 55 -92.34 -53.44 -66.06
N ASN VF 56 -91.51 -54.39 -65.63
CA ASN VF 56 -90.20 -54.61 -66.20
C ASN VF 56 -90.09 -56.05 -66.67
N LEU VF 57 -89.63 -56.23 -67.90
CA LEU VF 57 -89.46 -57.55 -68.50
C LEU VF 57 -88.11 -57.63 -69.18
N LYS VF 58 -87.25 -58.51 -68.70
CA LYS VF 58 -85.91 -58.69 -69.26
C LYS VF 58 -85.75 -60.14 -69.72
N LEU VF 59 -85.06 -60.32 -70.85
CA LEU VF 59 -84.83 -61.65 -71.40
C LEU VF 59 -83.35 -61.78 -71.74
N ASP VF 60 -82.69 -62.76 -71.10
CA ASP VF 60 -81.26 -62.97 -71.29
C ASP VF 60 -81.01 -64.38 -71.83
N GLN VF 61 -79.94 -64.51 -72.62
CA GLN VF 61 -79.55 -65.80 -73.18
C GLN VF 61 -78.08 -65.73 -73.53
N ALA VF 62 -77.25 -66.49 -72.81
CA ALA VF 62 -75.81 -66.52 -73.02
C ALA VF 62 -75.42 -67.82 -73.72
N ASP VF 63 -74.67 -67.70 -74.80
CA ASP VF 63 -74.21 -68.86 -75.54
C ASP VF 63 -73.07 -69.55 -74.80
N VAL VF 64 -72.97 -70.87 -74.99
CA VAL VF 64 -71.95 -71.68 -74.33
C VAL VF 64 -71.13 -72.39 -75.40
N VAL VF 65 -69.91 -72.77 -75.02
CA VAL VF 65 -69.00 -73.50 -75.90
C VAL VF 65 -68.35 -74.62 -75.10
N ASP VF 66 -67.95 -75.67 -75.80
CA ASP VF 66 -67.35 -76.85 -75.19
C ASP VF 66 -66.35 -77.47 -76.15
N CYS VF 67 -65.26 -78.00 -75.58
CA CYS VF 67 -64.21 -78.63 -76.37
C CYS VF 67 -64.00 -80.10 -76.02
N SER VF 68 -64.90 -80.72 -75.24
CA SER VF 68 -64.72 -82.11 -74.87
C SER VF 68 -64.89 -83.06 -76.04
N THR VF 69 -65.43 -82.58 -77.16
CA THR VF 69 -65.60 -83.44 -78.32
C THR VF 69 -64.27 -83.75 -79.00
N SER VF 70 -63.33 -82.80 -78.97
CA SER VF 70 -62.03 -83.00 -79.60
C SER VF 70 -60.90 -82.85 -78.60
N VAL VF 71 -60.87 -81.71 -77.91
CA VAL VF 71 -59.82 -81.44 -76.92
C VAL VF 71 -60.10 -82.30 -75.69
N CYS VF 72 -59.03 -82.82 -75.07
CA CYS VF 72 -59.28 -83.69 -73.93
C CYS VF 72 -59.24 -82.92 -72.62
N GLY VF 73 -60.00 -81.83 -72.55
CA GLY VF 73 -60.35 -81.25 -71.26
C GLY VF 73 -60.72 -79.78 -71.32
N GLU VF 74 -62.03 -79.50 -71.29
CA GLU VF 74 -62.51 -78.12 -71.29
C GLU VF 74 -63.96 -78.13 -70.84
N LEU VF 75 -64.24 -77.48 -69.72
CA LEU VF 75 -65.60 -77.40 -69.22
C LEU VF 75 -66.43 -76.45 -70.07
N PRO VF 76 -67.75 -76.64 -70.11
CA PRO VF 76 -68.61 -75.70 -70.84
C PRO VF 76 -68.45 -74.28 -70.32
N LYS VF 77 -68.02 -73.38 -71.20
CA LYS VF 77 -67.72 -72.00 -70.85
C LYS VF 77 -68.64 -71.06 -71.61
N VAL VF 78 -69.16 -70.06 -70.89
CA VAL VF 78 -70.03 -69.08 -71.53
C VAL VF 78 -69.20 -68.12 -72.38
N ARG VF 79 -69.82 -67.56 -73.42
CA ARG VF 79 -69.14 -66.67 -74.33
C ARG VF 79 -69.66 -65.26 -74.09
N TYR VF 80 -70.65 -64.80 -74.85
CA TYR VF 80 -71.20 -63.46 -74.70
C TYR VF 80 -72.52 -63.51 -73.95
N THR VF 81 -73.01 -62.33 -73.59
CA THR VF 81 -74.27 -62.18 -72.87
C THR VF 81 -75.11 -61.11 -73.55
N GLN VF 82 -76.39 -61.38 -73.74
CA GLN VF 82 -77.33 -60.46 -74.36
C GLN VF 82 -78.40 -60.06 -73.36
N VAL VF 83 -78.68 -58.76 -73.30
CA VAL VF 83 -79.66 -58.20 -72.37
C VAL VF 83 -80.70 -57.44 -73.17
N TRP VF 84 -81.97 -57.80 -72.98
CA TRP VF 84 -83.10 -57.16 -73.65
C TRP VF 84 -84.17 -56.87 -72.60
N SER VF 85 -84.08 -55.68 -71.99
CA SER VF 85 -85.02 -55.27 -70.95
C SER VF 85 -86.18 -54.48 -71.57
N HIS VF 86 -87.21 -54.27 -70.75
CA HIS VF 86 -88.39 -53.52 -71.16
C HIS VF 86 -88.80 -52.58 -70.04
N ASP VF 87 -89.81 -51.75 -70.33
CA ASP VF 87 -90.32 -50.80 -69.34
C ASP VF 87 -91.73 -50.42 -69.76
N VAL VF 88 -92.72 -50.79 -68.93
CA VAL VF 88 -94.13 -50.51 -69.20
C VAL VF 88 -94.63 -49.57 -68.13
N THR VF 89 -95.06 -48.37 -68.55
CA THR VF 89 -95.59 -47.35 -67.66
C THR VF 89 -97.00 -47.01 -68.13
N ILE VF 90 -97.98 -47.83 -67.74
CA ILE VF 90 -99.38 -47.65 -68.12
C ILE VF 90 -100.17 -47.32 -66.86
N VAL VF 91 -100.92 -46.21 -66.92
CA VAL VF 91 -101.73 -45.81 -65.77
C VAL VF 91 -102.95 -46.73 -65.67
N ALA VF 92 -103.51 -46.81 -64.45
CA ALA VF 92 -104.67 -47.67 -64.23
C ALA VF 92 -105.90 -47.12 -64.94
N ASN VF 93 -106.29 -45.88 -64.63
CA ASN VF 93 -107.46 -45.24 -65.23
C ASN VF 93 -107.10 -44.83 -66.65
N SER VF 94 -107.16 -45.80 -67.56
CA SER VF 94 -106.86 -45.55 -68.96
C SER VF 94 -108.04 -45.92 -69.85
N THR VF 95 -107.77 -46.61 -70.95
CA THR VF 95 -108.82 -47.04 -71.88
C THR VF 95 -108.47 -48.42 -72.41
N GLU VF 96 -109.43 -49.34 -72.34
CA GLU VF 96 -109.20 -50.70 -72.82
C GLU VF 96 -109.00 -50.71 -74.33
N ALA VF 97 -109.79 -49.93 -75.07
CA ALA VF 97 -109.63 -49.87 -76.51
C ALA VF 97 -108.29 -49.28 -76.90
N SER VF 98 -107.85 -48.23 -76.20
CA SER VF 98 -106.56 -47.63 -76.48
C SER VF 98 -105.42 -48.59 -76.17
N ARG VF 99 -105.54 -49.34 -75.06
CA ARG VF 99 -104.52 -50.32 -74.73
C ARG VF 99 -104.46 -51.43 -75.76
N LYS VF 100 -105.62 -51.89 -76.23
CA LYS VF 100 -105.64 -52.93 -77.26
C LYS VF 100 -105.05 -52.42 -78.57
N SER VF 101 -105.34 -51.18 -78.95
CA SER VF 101 -104.76 -50.61 -80.16
C SER VF 101 -103.26 -50.46 -80.03
N LEU VF 102 -102.77 -50.05 -78.85
CA LEU VF 102 -101.34 -49.93 -78.64
C LEU VF 102 -100.66 -51.29 -78.70
N TYR VF 103 -101.28 -52.31 -78.11
CA TYR VF 103 -100.72 -53.66 -78.17
C TYR VF 103 -100.68 -54.17 -79.60
N ASP VF 104 -101.73 -53.91 -80.38
CA ASP VF 104 -101.74 -54.33 -81.77
C ASP VF 104 -100.68 -53.61 -82.58
N LEU VF 105 -100.48 -52.32 -82.33
CA LEU VF 105 -99.43 -51.57 -83.02
C LEU VF 105 -98.05 -52.10 -82.66
N THR VF 106 -97.84 -52.42 -81.39
CA THR VF 106 -96.56 -52.98 -80.98
C THR VF 106 -96.32 -54.34 -81.61
N LYS VF 107 -97.36 -55.18 -81.67
CA LYS VF 107 -97.23 -56.48 -82.31
C LYS VF 107 -96.91 -56.35 -83.79
N SER VF 108 -97.56 -55.39 -84.46
CA SER VF 108 -97.29 -55.17 -85.88
C SER VF 108 -95.86 -54.67 -86.10
N LEU VF 109 -95.40 -53.74 -85.25
CA LEU VF 109 -94.04 -53.25 -85.37
C LEU VF 109 -93.01 -54.34 -85.09
N VAL VF 110 -93.34 -55.28 -84.19
CA VAL VF 110 -92.43 -56.39 -83.91
C VAL VF 110 -92.40 -57.37 -85.07
N ALA VF 111 -93.58 -57.69 -85.63
CA ALA VF 111 -93.66 -58.66 -86.70
C ALA VF 111 -93.27 -58.10 -88.06
N THR VF 112 -93.10 -56.80 -88.19
CA THR VF 112 -92.71 -56.21 -89.46
C THR VF 112 -91.29 -56.64 -89.84
N SER VF 113 -90.96 -56.47 -91.11
CA SER VF 113 -89.66 -56.86 -91.65
C SER VF 113 -88.58 -55.81 -91.44
N GLN VF 114 -88.94 -54.60 -91.03
CA GLN VF 114 -87.96 -53.55 -90.82
C GLN VF 114 -87.13 -53.78 -89.56
N VAL VF 115 -87.77 -54.17 -88.45
CA VAL VF 115 -87.03 -54.45 -87.24
C VAL VF 115 -86.15 -55.68 -87.40
N GLU VF 116 -86.60 -56.67 -88.16
CA GLU VF 116 -85.77 -57.84 -88.42
C GLU VF 116 -84.50 -57.45 -89.18
N ASP VF 117 -84.62 -56.58 -90.18
CA ASP VF 117 -83.45 -56.13 -90.91
C ASP VF 117 -82.55 -55.28 -90.02
N LEU VF 118 -83.14 -54.42 -89.18
CA LEU VF 118 -82.36 -53.62 -88.25
C LEU VF 118 -81.58 -54.52 -87.28
N VAL VF 119 -82.15 -55.65 -86.89
CA VAL VF 119 -81.48 -56.55 -85.96
C VAL VF 119 -80.37 -57.33 -86.67
N VAL VF 120 -80.68 -57.87 -87.85
CA VAL VF 120 -79.74 -58.72 -88.57
C VAL VF 120 -78.64 -57.89 -89.21
N ASN VF 121 -79.00 -57.12 -90.24
CA ASN VF 121 -78.02 -56.38 -91.03
C ASN VF 121 -77.52 -55.11 -90.35
N LEU VF 122 -78.02 -54.79 -89.16
CA LEU VF 122 -77.61 -53.61 -88.40
C LEU VF 122 -77.84 -52.32 -89.20
N VAL VF 123 -78.82 -52.33 -90.09
CA VAL VF 123 -79.16 -51.16 -90.89
C VAL VF 123 -80.19 -50.33 -90.14
N PRO VF 124 -80.02 -49.01 -90.03
CA PRO VF 124 -80.98 -48.20 -89.29
C PRO VF 124 -82.38 -48.31 -89.89
N LEU VF 125 -83.38 -48.27 -89.02
CA LEU VF 125 -84.78 -48.42 -89.44
C LEU VF 125 -85.20 -47.22 -90.27
N GLY VF 126 -85.60 -47.46 -91.51
CA GLY VF 126 -86.02 -46.40 -92.40
C GLY VF 126 -86.31 -46.88 -93.80
N ARG VF 127 -87.43 -47.58 -93.98
CA ARG VF 127 -87.81 -48.09 -95.29
C ARG VF 127 -89.07 -47.38 -95.81
N SER WF 1 -41.61 -50.60 -119.47
CA SER WF 1 -40.60 -51.20 -118.59
C SER WF 1 -39.66 -52.12 -119.35
N LYS WF 2 -39.17 -53.14 -118.67
CA LYS WF 2 -38.18 -54.06 -119.22
C LYS WF 2 -38.46 -55.45 -118.68
N THR WF 3 -38.73 -56.40 -119.58
CA THR WF 3 -39.06 -57.76 -119.21
C THR WF 3 -37.93 -58.70 -119.60
N ILE WF 4 -37.65 -59.67 -118.73
CA ILE WF 4 -36.62 -60.67 -118.96
C ILE WF 4 -37.26 -62.04 -118.79
N VAL WF 5 -37.15 -62.89 -119.81
CA VAL WF 5 -37.73 -64.23 -119.80
C VAL WF 5 -36.63 -65.23 -119.55
N LEU WF 6 -36.80 -66.07 -118.53
CA LEU WF 6 -35.84 -67.11 -118.18
C LEU WF 6 -36.51 -68.47 -118.30
N SER WF 7 -35.87 -69.39 -119.02
CA SER WF 7 -36.40 -70.72 -119.25
C SER WF 7 -35.72 -71.68 -118.28
N VAL WF 8 -36.52 -72.31 -117.42
CA VAL WF 8 -36.00 -73.28 -116.46
C VAL WF 8 -36.05 -74.71 -116.98
N GLY WF 9 -36.76 -74.96 -118.07
CA GLY WF 9 -36.88 -76.31 -118.61
C GLY WF 9 -38.31 -76.66 -118.98
N GLU WF 10 -39.24 -76.40 -118.06
CA GLU WF 10 -40.65 -76.66 -118.31
C GLU WF 10 -41.53 -75.42 -118.15
N ALA WF 11 -41.08 -74.40 -117.45
CA ALA WF 11 -41.83 -73.16 -117.27
C ALA WF 11 -40.92 -71.98 -117.58
N THR WF 12 -41.55 -70.82 -117.78
CA THR WF 12 -40.85 -69.58 -118.11
C THR WF 12 -41.14 -68.54 -117.03
N ARG WF 13 -40.09 -68.00 -116.44
CA ARG WF 13 -40.21 -66.96 -115.42
C ARG WF 13 -39.97 -65.59 -116.04
N THR WF 14 -40.66 -64.59 -115.51
CA THR WF 14 -40.61 -63.23 -116.04
C THR WF 14 -40.14 -62.28 -114.94
N LEU WF 15 -39.06 -61.56 -115.21
CA LEU WF 15 -38.54 -60.53 -114.33
C LEU WF 15 -38.83 -59.16 -114.91
N THR WF 16 -39.30 -58.24 -114.07
CA THR WF 16 -39.70 -56.91 -114.52
C THR WF 16 -38.82 -55.85 -113.87
N GLU WF 17 -38.44 -54.85 -114.67
CA GLU WF 17 -37.66 -53.73 -114.15
C GLU WF 17 -38.51 -52.90 -113.21
N ILE WF 18 -37.97 -52.60 -112.03
CA ILE WF 18 -38.68 -51.89 -110.97
C ILE WF 18 -38.06 -50.52 -110.71
N GLN WF 19 -36.74 -50.47 -110.50
CA GLN WF 19 -36.04 -49.27 -110.07
C GLN WF 19 -35.03 -48.88 -111.15
N SER WF 20 -35.51 -48.23 -112.19
CA SER WF 20 -34.68 -47.86 -113.34
C SER WF 20 -33.79 -46.69 -112.96
N THR WF 21 -32.51 -46.96 -112.75
CA THR WF 21 -31.52 -45.93 -112.46
C THR WF 21 -30.18 -46.37 -113.07
N ALA WF 22 -29.35 -45.38 -113.40
CA ALA WF 22 -28.09 -45.66 -114.07
C ALA WF 22 -27.14 -46.43 -113.16
N ASP WF 23 -26.88 -45.91 -111.96
CA ASP WF 23 -25.92 -46.51 -111.06
C ASP WF 23 -26.46 -47.71 -110.31
N ARG WF 24 -27.76 -48.03 -110.45
CA ARG WF 24 -28.34 -49.17 -109.74
C ARG WF 24 -29.62 -49.58 -110.48
N GLN WF 25 -29.57 -50.75 -111.12
CA GLN WF 25 -30.73 -51.32 -111.80
C GLN WF 25 -31.26 -52.49 -110.98
N ILE WF 26 -32.52 -52.43 -110.60
CA ILE WF 26 -33.14 -53.43 -109.74
C ILE WF 26 -34.24 -54.13 -110.53
N PHE WF 27 -34.03 -55.40 -110.85
CA PHE WF 27 -35.03 -56.22 -111.50
C PHE WF 27 -35.68 -57.15 -110.48
N GLU WF 28 -37.00 -57.28 -110.56
CA GLU WF 28 -37.75 -58.10 -109.62
C GLU WF 28 -38.68 -59.05 -110.38
N GLU WF 29 -38.70 -60.30 -109.93
CA GLU WF 29 -39.53 -61.32 -110.57
C GLU WF 29 -40.97 -61.19 -110.12
N LYS WF 30 -41.90 -61.26 -111.08
CA LYS WF 30 -43.33 -61.15 -110.81
C LYS WF 30 -43.98 -62.50 -111.04
N VAL WF 31 -44.34 -63.17 -109.94
CA VAL WF 31 -45.02 -64.47 -110.02
C VAL WF 31 -46.23 -64.44 -109.10
N GLY WF 32 -46.00 -64.09 -107.83
CA GLY WF 32 -47.06 -64.03 -106.85
C GLY WF 32 -46.75 -63.02 -105.76
N PRO WF 33 -46.26 -63.51 -104.62
CA PRO WF 33 -45.88 -62.59 -103.52
C PRO WF 33 -44.63 -61.82 -103.88
N LEU WF 34 -44.72 -60.49 -103.88
CA LEU WF 34 -43.59 -59.66 -104.26
C LEU WF 34 -42.50 -59.69 -103.20
N VAL WF 35 -42.88 -59.78 -101.91
CA VAL WF 35 -41.90 -59.83 -100.85
C VAL WF 35 -41.28 -61.22 -100.81
N GLY WF 36 -39.96 -61.28 -100.64
CA GLY WF 36 -39.25 -62.54 -100.60
C GLY WF 36 -39.28 -63.28 -101.91
N ARG WF 37 -38.84 -62.62 -102.98
CA ARG WF 37 -38.83 -63.22 -104.31
C ARG WF 37 -37.44 -63.17 -104.93
N LEU WF 38 -37.38 -63.11 -106.25
CA LEU WF 38 -36.12 -63.07 -106.99
C LEU WF 38 -35.80 -61.62 -107.35
N ARG WF 39 -34.63 -61.14 -106.92
CA ARG WF 39 -34.19 -59.79 -107.21
C ARG WF 39 -32.79 -59.81 -107.80
N LEU WF 40 -32.51 -58.83 -108.64
CA LEU WF 40 -31.23 -58.71 -109.33
C LEU WF 40 -30.79 -57.26 -109.32
N THR WF 41 -29.57 -57.03 -108.85
CA THR WF 41 -28.98 -55.70 -108.76
C THR WF 41 -27.81 -55.60 -109.74
N ALA WF 42 -27.86 -54.61 -110.62
CA ALA WF 42 -26.81 -54.39 -111.61
C ALA WF 42 -26.23 -52.99 -111.43
N SER WF 43 -24.91 -52.88 -111.55
CA SER WF 43 -24.23 -51.60 -111.41
C SER WF 43 -23.06 -51.54 -112.38
N LEU WF 44 -22.85 -50.37 -112.96
CA LEU WF 44 -21.75 -50.12 -113.88
C LEU WF 44 -21.09 -48.80 -113.54
N ARG WF 45 -19.77 -48.77 -113.53
CA ARG WF 45 -19.03 -47.56 -113.18
C ARG WF 45 -17.67 -47.59 -113.86
N GLN WF 46 -16.82 -46.63 -113.50
CA GLN WF 46 -15.46 -46.51 -113.98
C GLN WF 46 -14.49 -46.80 -112.83
N ASN WF 47 -13.24 -46.39 -112.99
CA ASN WF 47 -12.22 -46.62 -111.98
C ASN WF 47 -11.03 -45.72 -112.25
N GLY WF 48 -10.30 -45.38 -111.18
CA GLY WF 48 -9.05 -44.65 -111.30
C GLY WF 48 -9.12 -43.38 -112.12
N ALA WF 49 -8.36 -43.34 -113.21
CA ALA WF 49 -8.32 -42.19 -114.10
C ALA WF 49 -8.77 -42.61 -115.50
N LYS WF 50 -10.04 -43.02 -115.60
CA LYS WF 50 -10.67 -43.39 -116.87
C LYS WF 50 -9.87 -44.50 -117.58
N THR WF 51 -9.36 -45.44 -116.79
CA THR WF 51 -8.60 -46.57 -117.34
C THR WF 51 -9.55 -47.71 -117.73
N ALA WF 52 -10.01 -48.47 -116.72
CA ALA WF 52 -10.89 -49.59 -116.97
C ALA WF 52 -12.31 -49.28 -116.49
N TYR WF 53 -13.08 -50.33 -116.22
CA TYR WF 53 -14.45 -50.19 -115.74
C TYR WF 53 -14.70 -51.20 -114.64
N ARG WF 54 -15.90 -51.12 -114.05
CA ARG WF 54 -16.28 -52.02 -112.96
C ARG WF 54 -17.77 -52.33 -113.10
N VAL WF 55 -18.09 -53.62 -113.20
CA VAL WF 55 -19.47 -54.09 -113.32
C VAL WF 55 -19.76 -55.02 -112.15
N ASN WF 56 -20.90 -54.79 -111.50
CA ASN WF 56 -21.32 -55.59 -110.37
C ASN WF 56 -22.70 -56.16 -110.64
N LEU WF 57 -22.86 -57.47 -110.41
CA LEU WF 57 -24.11 -58.17 -110.64
C LEU WF 57 -24.39 -59.07 -109.44
N LYS WF 58 -25.49 -58.79 -108.74
CA LYS WF 58 -25.88 -59.57 -107.58
C LYS WF 58 -27.27 -60.15 -107.81
N LEU WF 59 -27.48 -61.38 -107.34
CA LEU WF 59 -28.76 -62.06 -107.50
C LEU WF 59 -29.17 -62.64 -106.14
N ASP WF 60 -30.31 -62.19 -105.63
CA ASP WF 60 -30.80 -62.62 -104.33
C ASP WF 60 -32.17 -63.29 -104.47
N GLN WF 61 -32.42 -64.25 -103.59
CA GLN WF 61 -33.71 -64.95 -103.57
C GLN WF 61 -33.91 -65.53 -102.19
N ALA WF 62 -34.90 -65.01 -101.46
CA ALA WF 62 -35.21 -65.45 -100.11
C ALA WF 62 -36.48 -66.29 -100.11
N ASP WF 63 -36.41 -67.47 -99.52
CA ASP WF 63 -37.56 -68.35 -99.44
C ASP WF 63 -38.54 -67.85 -98.38
N VAL WF 64 -39.83 -68.15 -98.60
CA VAL WF 64 -40.88 -67.73 -97.71
C VAL WF 64 -41.64 -68.96 -97.23
N VAL WF 65 -42.31 -68.81 -96.08
CA VAL WF 65 -43.11 -69.87 -95.49
C VAL WF 65 -44.41 -69.27 -94.99
N ASP WF 66 -45.46 -70.10 -94.94
CA ASP WF 66 -46.78 -69.66 -94.53
C ASP WF 66 -47.51 -70.82 -93.85
N CYS WF 67 -48.31 -70.48 -92.84
CA CYS WF 67 -49.06 -71.46 -92.07
C CYS WF 67 -50.56 -71.25 -92.14
N SER WF 68 -51.05 -70.39 -93.04
CA SER WF 68 -52.49 -70.14 -93.11
C SER WF 68 -53.25 -71.33 -93.67
N THR WF 69 -52.56 -72.31 -94.23
CA THR WF 69 -53.25 -73.49 -94.76
C THR WF 69 -53.75 -74.40 -93.64
N SER WF 70 -53.03 -74.46 -92.51
CA SER WF 70 -53.42 -75.30 -91.40
C SER WF 70 -53.62 -74.48 -90.13
N VAL WF 71 -52.59 -73.74 -89.74
CA VAL WF 71 -52.64 -72.91 -88.54
C VAL WF 71 -53.55 -71.72 -88.82
N CYS WF 72 -54.32 -71.31 -87.80
CA CYS WF 72 -55.26 -70.21 -88.00
C CYS WF 72 -54.62 -68.88 -87.65
N GLY WF 73 -53.43 -68.61 -88.17
CA GLY WF 73 -52.92 -67.25 -88.20
C GLY WF 73 -51.41 -67.15 -88.23
N GLU WF 74 -50.87 -66.88 -89.43
CA GLU WF 74 -49.43 -66.70 -89.58
C GLU WF 74 -49.18 -66.03 -90.93
N LEU WF 75 -48.61 -64.84 -90.89
CA LEU WF 75 -48.31 -64.11 -92.11
C LEU WF 75 -47.12 -64.75 -92.83
N PRO WF 76 -47.01 -64.58 -94.15
CA PRO WF 76 -45.85 -65.11 -94.88
C PRO WF 76 -44.56 -64.52 -94.33
N LYS WF 77 -43.69 -65.39 -93.85
CA LYS WF 77 -42.44 -65.00 -93.19
C LYS WF 77 -41.26 -65.53 -93.98
N VAL WF 78 -40.24 -64.68 -94.17
CA VAL WF 78 -39.04 -65.09 -94.88
C VAL WF 78 -38.20 -66.00 -93.99
N ARG WF 79 -37.42 -66.89 -94.61
CA ARG WF 79 -36.60 -67.84 -93.88
C ARG WF 79 -35.15 -67.42 -94.05
N TYR WF 80 -34.42 -67.97 -95.01
CA TYR WF 80 -33.02 -67.65 -95.22
C TYR WF 80 -32.86 -66.70 -96.41
N THR WF 81 -31.65 -66.18 -96.56
CA THR WF 81 -31.32 -65.26 -97.63
C THR WF 81 -30.03 -65.71 -98.30
N GLN WF 82 -30.02 -65.71 -99.63
CA GLN WF 82 -28.86 -66.11 -100.41
C GLN WF 82 -28.35 -64.91 -101.21
N VAL WF 83 -27.03 -64.72 -101.19
CA VAL WF 83 -26.38 -63.61 -101.88
C VAL WF 83 -25.35 -64.18 -102.84
N TRP WF 84 -25.44 -63.81 -104.12
CA TRP WF 84 -24.51 -64.25 -105.16
C TRP WF 84 -24.12 -63.02 -105.97
N SER WF 85 -23.06 -62.34 -105.54
CA SER WF 85 -22.56 -61.15 -106.20
C SER WF 85 -21.48 -61.50 -107.23
N HIS WF 86 -21.15 -60.52 -108.06
CA HIS WF 86 -20.13 -60.68 -109.10
C HIS WF 86 -19.25 -59.44 -109.12
N ASP WF 87 -18.21 -59.52 -109.95
CA ASP WF 87 -17.27 -58.40 -110.09
C ASP WF 87 -16.57 -58.54 -111.44
N VAL WF 88 -16.81 -57.60 -112.34
CA VAL WF 88 -16.22 -57.62 -113.68
C VAL WF 88 -15.30 -56.42 -113.80
N THR WF 89 -14.01 -56.67 -114.01
CA THR WF 89 -13.00 -55.63 -114.18
C THR WF 89 -12.32 -55.86 -115.53
N ILE WF 90 -12.96 -55.36 -116.59
CA ILE WF 90 -12.45 -55.50 -117.95
C ILE WF 90 -12.09 -54.11 -118.47
N VAL WF 91 -10.87 -53.97 -118.96
CA VAL WF 91 -10.42 -52.68 -119.49
C VAL WF 91 -11.06 -52.44 -120.85
N ALA WF 92 -11.15 -51.17 -121.24
CA ALA WF 92 -11.77 -50.81 -122.51
C ALA WF 92 -10.91 -51.27 -123.69
N ASN WF 93 -9.65 -50.82 -123.74
CA ASN WF 93 -8.74 -51.18 -124.81
C ASN WF 93 -8.26 -52.61 -124.57
N SER WF 94 -9.09 -53.56 -124.98
CA SER WF 94 -8.77 -54.98 -124.83
C SER WF 94 -8.80 -55.68 -126.18
N THR WF 95 -9.41 -56.85 -126.23
CA THR WF 95 -9.52 -57.63 -127.47
C THR WF 95 -10.87 -58.30 -127.51
N GLU WF 96 -11.59 -58.14 -128.64
CA GLU WF 96 -12.90 -58.74 -128.78
C GLU WF 96 -12.80 -60.26 -128.80
N ALA WF 97 -11.80 -60.80 -129.50
CA ALA WF 97 -11.63 -62.25 -129.55
C ALA WF 97 -11.29 -62.81 -128.17
N SER WF 98 -10.43 -62.11 -127.42
CA SER WF 98 -10.09 -62.56 -126.08
C SER WF 98 -11.30 -62.51 -125.15
N ARG WF 99 -12.10 -61.45 -125.28
CA ARG WF 99 -13.31 -61.35 -124.46
C ARG WF 99 -14.30 -62.46 -124.80
N LYS WF 100 -14.46 -62.77 -126.09
CA LYS WF 100 -15.35 -63.84 -126.48
C LYS WF 100 -14.85 -65.19 -125.98
N SER WF 101 -13.54 -65.43 -126.05
CA SER WF 101 -12.99 -66.68 -125.54
C SER WF 101 -13.17 -66.79 -124.03
N LEU WF 102 -12.99 -65.68 -123.32
CA LEU WF 102 -13.18 -65.69 -121.87
C LEU WF 102 -14.64 -65.96 -121.52
N TYR WF 103 -15.57 -65.35 -122.26
CA TYR WF 103 -16.99 -65.59 -122.02
C TYR WF 103 -17.36 -67.04 -122.31
N ASP WF 104 -16.80 -67.61 -123.37
CA ASP WF 104 -17.07 -69.01 -123.68
C ASP WF 104 -16.51 -69.94 -122.61
N LEU WF 105 -15.31 -69.63 -122.10
CA LEU WF 105 -14.74 -70.43 -121.02
C LEU WF 105 -15.57 -70.34 -119.75
N THR WF 106 -16.06 -69.13 -119.44
CA THR WF 106 -16.91 -68.98 -118.26
C THR WF 106 -18.22 -69.74 -118.43
N LYS WF 107 -18.82 -69.69 -119.63
CA LYS WF 107 -20.05 -70.42 -119.88
C LYS WF 107 -19.82 -71.93 -119.76
N SER WF 108 -18.70 -72.41 -120.26
CA SER WF 108 -18.39 -73.84 -120.16
C SER WF 108 -18.18 -74.25 -118.70
N LEU WF 109 -17.46 -73.43 -117.94
CA LEU WF 109 -17.25 -73.74 -116.52
C LEU WF 109 -18.55 -73.69 -115.74
N VAL WF 110 -19.49 -72.83 -116.14
CA VAL WF 110 -20.77 -72.78 -115.45
C VAL WF 110 -21.63 -73.99 -115.81
N ALA WF 111 -21.64 -74.37 -117.10
CA ALA WF 111 -22.46 -75.48 -117.56
C ALA WF 111 -21.85 -76.85 -117.26
N THR WF 112 -20.60 -76.90 -116.81
CA THR WF 112 -19.99 -78.18 -116.49
C THR WF 112 -20.67 -78.81 -115.26
N SER WF 113 -20.42 -80.11 -115.09
CA SER WF 113 -21.03 -80.88 -114.01
C SER WF 113 -20.26 -80.78 -112.70
N GLN WF 114 -19.04 -80.23 -112.73
CA GLN WF 114 -18.24 -80.10 -111.51
C GLN WF 114 -18.77 -79.02 -110.58
N VAL WF 115 -19.13 -77.85 -111.13
CA VAL WF 115 -19.68 -76.79 -110.31
C VAL WF 115 -21.04 -77.18 -109.75
N GLU WF 116 -21.83 -77.93 -110.52
CA GLU WF 116 -23.12 -78.40 -110.00
C GLU WF 116 -22.93 -79.33 -108.81
N ASP WF 117 -21.95 -80.23 -108.87
CA ASP WF 117 -21.68 -81.11 -107.74
C ASP WF 117 -21.13 -80.32 -106.56
N LEU WF 118 -20.26 -79.34 -106.83
CA LEU WF 118 -19.75 -78.48 -105.75
C LEU WF 118 -20.87 -77.72 -105.06
N VAL WF 119 -21.90 -77.33 -105.81
CA VAL WF 119 -23.01 -76.58 -105.22
C VAL WF 119 -23.93 -77.52 -104.44
N VAL WF 120 -24.26 -78.66 -105.02
CA VAL WF 120 -25.22 -79.58 -104.40
C VAL WF 120 -24.57 -80.34 -103.25
N ASN WF 121 -23.64 -81.24 -103.57
CA ASN WF 121 -23.04 -82.13 -102.58
C ASN WF 121 -21.98 -81.44 -101.72
N LEU WF 122 -21.68 -80.16 -101.96
CA LEU WF 122 -20.70 -79.41 -101.19
C LEU WF 122 -19.31 -80.07 -101.24
N VAL WF 123 -19.03 -80.78 -102.32
CA VAL WF 123 -17.74 -81.44 -102.51
C VAL WF 123 -16.80 -80.47 -103.21
N PRO WF 124 -15.57 -80.31 -102.73
CA PRO WF 124 -14.65 -79.36 -103.39
C PRO WF 124 -14.40 -79.74 -104.84
N LEU WF 125 -14.24 -78.72 -105.68
CA LEU WF 125 -14.07 -78.91 -107.11
C LEU WF 125 -12.72 -79.58 -107.37
N GLY WF 126 -12.74 -80.76 -107.99
CA GLY WF 126 -11.53 -81.49 -108.29
C GLY WF 126 -11.79 -82.86 -108.88
N ARG WF 127 -12.23 -82.89 -110.14
CA ARG WF 127 -12.51 -84.15 -110.82
C ARG WF 127 -11.51 -84.41 -111.93
N SER XF 1 -7.33 -83.35 -103.02
CA SER XF 1 -7.68 -83.65 -101.63
C SER XF 1 -7.27 -85.06 -101.25
N LYS XF 2 -8.02 -85.66 -100.33
CA LYS XF 2 -7.70 -86.98 -99.79
C LYS XF 2 -8.99 -87.72 -99.52
N THR XF 3 -9.16 -88.86 -100.18
CA THR XF 3 -10.38 -89.66 -100.06
C THR XF 3 -10.09 -90.95 -99.30
N ILE XF 4 -11.03 -91.34 -98.44
CA ILE XF 4 -10.94 -92.56 -97.66
C ILE XF 4 -12.21 -93.37 -97.90
N VAL XF 5 -12.04 -94.61 -98.35
CA VAL XF 5 -13.15 -95.51 -98.65
C VAL XF 5 -13.30 -96.50 -97.52
N LEU XF 6 -14.51 -96.58 -96.95
CA LEU XF 6 -14.82 -97.49 -95.85
C LEU XF 6 -15.91 -98.45 -96.31
N SER XF 7 -15.68 -99.74 -96.13
CA SER XF 7 -16.62 -100.78 -96.54
C SER XF 7 -17.41 -101.23 -95.31
N VAL XF 8 -18.73 -101.04 -95.36
CA VAL XF 8 -19.59 -101.45 -94.26
C VAL XF 8 -20.16 -102.86 -94.44
N GLY XF 9 -20.05 -103.43 -95.64
CA GLY XF 9 -20.58 -104.74 -95.90
C GLY XF 9 -21.34 -104.80 -97.21
N GLU XF 10 -22.24 -103.84 -97.43
CA GLU XF 10 -23.01 -103.76 -98.66
C GLU XF 10 -22.84 -102.44 -99.40
N ALA XF 11 -22.41 -101.38 -98.73
CA ALA XF 11 -22.19 -100.09 -99.35
C ALA XF 11 -20.81 -99.56 -98.96
N THR XF 12 -20.35 -98.57 -99.70
CA THR XF 12 -19.04 -97.97 -99.49
C THR XF 12 -19.21 -96.48 -99.19
N ARG XF 13 -18.67 -96.04 -98.06
CA ARG XF 13 -18.73 -94.64 -97.66
C ARG XF 13 -17.42 -93.95 -97.99
N THR XF 14 -17.51 -92.67 -98.33
CA THR XF 14 -16.36 -91.89 -98.75
C THR XF 14 -16.19 -90.68 -97.84
N LEU XF 15 -15.01 -90.57 -97.22
CA LEU XF 15 -14.66 -89.43 -96.39
C LEU XF 15 -13.64 -88.57 -97.12
N THR XF 16 -13.85 -87.25 -97.10
CA THR XF 16 -13.02 -86.31 -97.83
C THR XF 16 -12.29 -85.39 -96.85
N GLU XF 17 -11.02 -85.12 -97.15
CA GLU XF 17 -10.24 -84.18 -96.35
C GLU XF 17 -10.77 -82.76 -96.55
N ILE XF 18 -10.96 -82.05 -95.43
CA ILE XF 18 -11.64 -80.76 -95.39
C ILE XF 18 -10.73 -79.66 -94.86
N GLN XF 19 -9.98 -79.92 -93.78
CA GLN XF 19 -9.15 -78.94 -93.10
C GLN XF 19 -7.74 -79.50 -93.00
N SER XF 20 -6.98 -79.39 -94.09
CA SER XF 20 -5.63 -79.95 -94.17
C SER XF 20 -4.68 -79.08 -93.36
N THR XF 21 -4.27 -79.56 -92.19
CA THR XF 21 -3.30 -78.88 -91.35
C THR XF 21 -2.48 -79.93 -90.62
N ALA XF 22 -1.24 -79.57 -90.28
CA ALA XF 22 -0.33 -80.51 -89.66
C ALA XF 22 -0.80 -80.93 -88.27
N ASP XF 23 -1.07 -79.94 -87.40
CA ASP XF 23 -1.45 -80.23 -86.02
C ASP XF 23 -2.91 -80.63 -85.87
N ARG XF 24 -3.71 -80.59 -86.94
CA ARG XF 24 -5.12 -80.94 -86.85
C ARG XF 24 -5.61 -81.28 -88.26
N GLN XF 25 -5.91 -82.56 -88.48
CA GLN XF 25 -6.47 -83.03 -89.74
C GLN XF 25 -7.93 -83.39 -89.52
N ILE XF 26 -8.81 -82.76 -90.30
CA ILE XF 26 -10.25 -82.93 -90.15
C ILE XF 26 -10.79 -83.58 -91.42
N PHE XF 27 -11.24 -84.82 -91.31
CA PHE XF 27 -11.89 -85.53 -92.40
C PHE XF 27 -13.38 -85.54 -92.19
N GLU XF 28 -14.13 -85.30 -93.27
CA GLU XF 28 -15.59 -85.23 -93.20
C GLU XF 28 -16.20 -86.12 -94.27
N GLU XF 29 -17.22 -86.88 -93.89
CA GLU XF 29 -17.89 -87.79 -94.81
C GLU XF 29 -18.87 -87.03 -95.69
N LYS XF 30 -18.84 -87.30 -97.00
CA LYS XF 30 -19.70 -86.66 -97.97
C LYS XF 30 -20.72 -87.67 -98.48
N VAL XF 31 -21.97 -87.52 -98.03
CA VAL XF 31 -23.06 -88.39 -98.47
C VAL XF 31 -24.26 -87.52 -98.86
N GLY XF 32 -24.68 -86.64 -97.95
CA GLY XF 32 -25.79 -85.76 -98.20
C GLY XF 32 -25.67 -84.47 -97.41
N PRO XF 33 -26.38 -84.40 -96.28
CA PRO XF 33 -26.28 -83.20 -95.42
C PRO XF 33 -24.93 -83.15 -94.74
N LEU XF 34 -24.20 -82.06 -94.97
CA LEU XF 34 -22.87 -81.94 -94.38
C LEU XF 34 -22.92 -81.71 -92.89
N VAL XF 35 -23.94 -80.99 -92.40
CA VAL XF 35 -24.08 -80.76 -90.97
C VAL XF 35 -24.60 -82.02 -90.31
N GLY XF 36 -24.02 -82.37 -89.15
CA GLY XF 36 -24.41 -83.56 -88.43
C GLY XF 36 -24.08 -84.84 -89.17
N ARG XF 37 -22.81 -85.01 -89.54
CA ARG XF 37 -22.38 -86.19 -90.27
C ARG XF 37 -21.23 -86.88 -89.55
N LEU XF 38 -20.37 -87.56 -90.31
CA LEU XF 38 -19.23 -88.27 -89.76
C LEU XF 38 -17.99 -87.40 -89.89
N ARG XF 39 -17.31 -87.14 -88.76
CA ARG XF 39 -16.11 -86.35 -88.75
C ARG XF 39 -15.01 -87.09 -87.99
N LEU XF 40 -13.78 -86.83 -88.39
CA LEU XF 40 -12.60 -87.48 -87.81
C LEU XF 40 -11.50 -86.44 -87.62
N THR XF 41 -10.99 -86.37 -86.40
CA THR XF 41 -9.94 -85.43 -86.03
C THR XF 41 -8.67 -86.22 -85.71
N ALA XF 42 -7.57 -85.89 -86.38
CA ALA XF 42 -6.28 -86.53 -86.18
C ALA XF 42 -5.25 -85.49 -85.77
N SER XF 43 -4.40 -85.86 -84.81
CA SER XF 43 -3.36 -84.97 -84.34
C SER XF 43 -2.11 -85.77 -84.00
N LEU XF 44 -0.94 -85.20 -84.31
CA LEU XF 44 0.34 -85.82 -84.04
C LEU XF 44 1.28 -84.78 -83.46
N ARG XF 45 2.00 -85.14 -82.41
CA ARG XF 45 2.91 -84.21 -81.76
C ARG XF 45 4.04 -84.99 -81.10
N GLN XF 46 4.85 -84.28 -80.31
CA GLN XF 46 5.94 -84.84 -79.54
C GLN XF 46 5.60 -84.74 -78.05
N ASN XF 47 6.62 -84.87 -77.20
CA ASN XF 47 6.43 -84.81 -75.76
C ASN XF 47 7.77 -84.59 -75.09
N GLY XF 48 7.73 -83.97 -73.91
CA GLY XF 48 8.91 -83.81 -73.07
C GLY XF 48 10.12 -83.22 -73.78
N ALA XF 49 11.20 -83.99 -73.83
CA ALA XF 49 12.44 -83.55 -74.46
C ALA XF 49 12.78 -84.49 -75.62
N LYS XF 50 11.91 -84.50 -76.63
CA LYS XF 50 12.11 -85.29 -77.85
C LYS XF 50 12.29 -86.77 -77.53
N THR XF 51 11.55 -87.26 -76.55
CA THR XF 51 11.62 -88.67 -76.17
C THR XF 51 10.65 -89.51 -77.00
N ALA XF 52 9.36 -89.44 -76.68
CA ALA XF 52 8.35 -90.21 -77.40
C ALA XF 52 7.49 -89.30 -78.26
N TYR XF 53 6.29 -89.77 -78.59
CA TYR XF 53 5.35 -88.99 -79.40
C TYR XF 53 3.95 -89.14 -78.82
N ARG XF 54 3.00 -88.41 -79.41
CA ARG XF 54 1.62 -88.44 -78.96
C ARG XF 54 0.71 -88.33 -80.18
N VAL XF 55 -0.17 -89.31 -80.35
CA VAL XF 55 -1.12 -89.35 -81.45
C VAL XF 55 -2.53 -89.38 -80.87
N ASN XF 56 -3.39 -88.53 -81.42
CA ASN XF 56 -4.78 -88.43 -80.97
C ASN XF 56 -5.69 -88.64 -82.16
N LEU XF 57 -6.69 -89.52 -81.99
CA LEU XF 57 -7.65 -89.83 -83.04
C LEU XF 57 -9.05 -89.82 -82.44
N LYS XF 58 -9.90 -88.91 -82.91
CA LYS XF 58 -11.27 -88.80 -82.44
C LYS XF 58 -12.22 -88.97 -83.60
N LEU XF 59 -13.35 -89.65 -83.36
CA LEU XF 59 -14.35 -89.90 -84.38
C LEU XF 59 -15.71 -89.52 -83.81
N ASP XF 60 -16.37 -88.56 -84.46
CA ASP XF 60 -17.67 -88.07 -84.01
C ASP XF 60 -18.71 -88.28 -85.10
N GLN XF 61 -19.96 -88.49 -84.67
CA GLN XF 61 -21.07 -88.68 -85.59
C GLN XF 61 -22.36 -88.35 -84.85
N ALA XF 62 -23.02 -87.26 -85.25
CA ALA XF 62 -24.25 -86.80 -84.62
C ALA XF 62 -25.43 -87.09 -85.53
N ASP XF 63 -26.46 -87.75 -84.99
CA ASP XF 63 -27.64 -88.07 -85.75
C ASP XF 63 -28.50 -86.82 -85.95
N VAL XF 64 -29.24 -86.80 -87.05
CA VAL XF 64 -30.10 -85.67 -87.40
C VAL XF 64 -31.53 -86.18 -87.57
N VAL XF 65 -32.49 -85.27 -87.41
CA VAL XF 65 -33.89 -85.57 -87.57
C VAL XF 65 -34.53 -84.43 -88.37
N ASP XF 66 -35.63 -84.77 -89.07
CA ASP XF 66 -36.33 -83.82 -89.92
C ASP XF 66 -37.81 -84.15 -89.95
N CYS XF 67 -38.64 -83.12 -90.00
CA CYS XF 67 -40.09 -83.29 -90.02
C CYS XF 67 -40.74 -82.71 -91.28
N SER XF 68 -39.96 -82.35 -92.30
CA SER XF 68 -40.53 -81.77 -93.50
C SER XF 68 -41.34 -82.79 -94.31
N THR XF 69 -41.21 -84.09 -93.99
CA THR XF 69 -41.97 -85.09 -94.72
C THR XF 69 -43.44 -85.07 -94.34
N SER XF 70 -43.76 -84.73 -93.09
CA SER XF 70 -45.14 -84.71 -92.63
C SER XF 70 -45.50 -83.32 -92.11
N VAL XF 71 -44.74 -82.82 -91.15
CA VAL XF 71 -44.99 -81.51 -90.56
C VAL XF 71 -44.61 -80.45 -91.57
N CYS XF 72 -45.38 -79.35 -91.61
CA CYS XF 72 -45.12 -78.31 -92.59
C CYS XF 72 -44.20 -77.24 -92.02
N GLY XF 73 -43.08 -77.65 -91.44
CA GLY XF 73 -41.99 -76.74 -91.19
C GLY XF 73 -41.08 -77.12 -90.05
N GLU XF 74 -39.93 -77.70 -90.36
CA GLU XF 74 -38.95 -78.07 -89.34
C GLU XF 74 -37.61 -78.31 -90.03
N LEU XF 75 -36.61 -77.50 -89.69
CA LEU XF 75 -35.29 -77.67 -90.28
C LEU XF 75 -34.60 -78.91 -89.70
N PRO XF 76 -33.66 -79.49 -90.43
CA PRO XF 76 -32.92 -80.64 -89.90
C PRO XF 76 -32.18 -80.26 -88.62
N LYS XF 77 -32.53 -80.96 -87.53
CA LYS XF 77 -32.00 -80.67 -86.21
C LYS XF 77 -31.21 -81.85 -85.68
N VAL XF 78 -30.05 -81.57 -85.10
CA VAL XF 78 -29.23 -82.63 -84.53
C VAL XF 78 -29.85 -83.13 -83.22
N ARG XF 79 -29.57 -84.38 -82.89
CA ARG XF 79 -30.13 -85.00 -81.69
C ARG XF 79 -29.00 -85.18 -80.70
N TYR XF 80 -28.36 -86.33 -80.64
CA TYR XF 80 -27.29 -86.60 -79.69
C TYR XF 80 -25.93 -86.52 -80.40
N THR XF 81 -24.87 -86.54 -79.60
CA THR XF 81 -23.50 -86.48 -80.08
C THR XF 81 -22.69 -87.57 -79.42
N GLN XF 82 -21.88 -88.27 -80.21
CA GLN XF 82 -21.02 -89.34 -79.72
C GLN XF 82 -19.57 -88.97 -79.94
N VAL XF 83 -18.74 -89.19 -78.91
CA VAL XF 83 -17.33 -88.86 -78.94
C VAL XF 83 -16.54 -90.13 -78.64
N TRP XF 84 -15.61 -90.47 -79.52
CA TRP XF 84 -14.74 -91.64 -79.38
C TRP XF 84 -13.31 -91.21 -79.69
N SER XF 85 -12.60 -90.77 -78.66
CA SER XF 85 -11.22 -90.30 -78.81
C SER XF 85 -10.24 -91.44 -78.54
N HIS XF 86 -8.99 -91.20 -78.89
CA HIS XF 86 -7.92 -92.17 -78.69
C HIS XF 86 -6.69 -91.46 -78.15
N ASP XF 87 -5.67 -92.26 -77.81
CA ASP XF 87 -4.42 -91.72 -77.30
C ASP XF 87 -3.33 -92.75 -77.54
N VAL XF 88 -2.36 -92.41 -78.38
CA VAL XF 88 -1.25 -93.30 -78.72
C VAL XF 88 0.03 -92.68 -78.21
N THR XF 89 0.70 -93.37 -77.28
CA THR XF 89 1.96 -92.93 -76.70
C THR XF 89 3.01 -94.02 -76.96
N ILE XF 90 3.59 -94.01 -78.15
CA ILE XF 90 4.59 -94.98 -78.57
C ILE XF 90 5.92 -94.25 -78.75
N VAL XF 91 6.96 -94.75 -78.09
CA VAL XF 91 8.28 -94.15 -78.20
C VAL XF 91 8.89 -94.48 -79.56
N ALA XF 92 9.83 -93.65 -80.01
CA ALA XF 92 10.46 -93.86 -81.30
C ALA XF 92 11.35 -95.10 -81.28
N ASN XF 93 12.33 -95.13 -80.37
CA ASN XF 93 13.25 -96.26 -80.26
C ASN XF 93 12.52 -97.42 -79.58
N SER XF 94 11.74 -98.14 -80.37
CA SER XF 94 10.99 -99.29 -79.87
C SER XF 94 11.36 -100.55 -80.63
N THR XF 95 10.36 -101.33 -81.03
CA THR XF 95 10.58 -102.57 -81.76
C THR XF 95 9.47 -102.75 -82.78
N GLU XF 96 9.86 -102.99 -84.04
CA GLU XF 96 8.87 -103.16 -85.10
C GLU XF 96 8.03 -104.41 -84.86
N ALA XF 97 8.67 -105.51 -84.44
CA ALA XF 97 7.93 -106.74 -84.17
C ALA XF 97 6.96 -106.55 -83.01
N SER XF 98 7.39 -105.86 -81.96
CA SER XF 98 6.51 -105.60 -80.82
C SER XF 98 5.34 -104.71 -81.22
N ARG XF 99 5.60 -103.69 -82.05
CA ARG XF 99 4.52 -102.83 -82.51
C ARG XF 99 3.53 -103.60 -83.38
N LYS XF 100 4.03 -104.48 -84.25
CA LYS XF 100 3.15 -105.30 -85.08
C LYS XF 100 2.31 -106.25 -84.22
N SER XF 101 2.92 -106.86 -83.21
CA SER XF 101 2.17 -107.74 -82.32
C SER XF 101 1.11 -106.98 -81.54
N LEU XF 102 1.45 -105.77 -81.09
CA LEU XF 102 0.47 -104.96 -80.37
C LEU XF 102 -0.68 -104.55 -81.28
N TYR XF 103 -0.38 -104.19 -82.53
CA TYR XF 103 -1.43 -103.84 -83.47
C TYR XF 103 -2.32 -105.03 -83.78
N ASP XF 104 -1.73 -106.23 -83.92
CA ASP XF 104 -2.53 -107.42 -84.16
C ASP XF 104 -3.41 -107.75 -82.97
N LEU XF 105 -2.89 -107.59 -81.74
CA LEU XF 105 -3.70 -107.83 -80.56
C LEU XF 105 -4.84 -106.84 -80.46
N THR XF 106 -4.58 -105.57 -80.79
CA THR XF 106 -5.65 -104.57 -80.77
C THR XF 106 -6.71 -104.88 -81.82
N LYS XF 107 -6.28 -105.29 -83.01
CA LYS XF 107 -7.24 -105.66 -84.05
C LYS XF 107 -8.09 -106.85 -83.63
N SER XF 108 -7.46 -107.84 -82.99
CA SER XF 108 -8.21 -109.01 -82.53
C SER XF 108 -9.21 -108.63 -81.44
N LEU XF 109 -8.79 -107.78 -80.51
CA LEU XF 109 -9.69 -107.34 -79.45
C LEU XF 109 -10.84 -106.51 -80.01
N VAL XF 110 -10.60 -105.76 -81.08
CA VAL XF 110 -11.67 -104.97 -81.70
C VAL XF 110 -12.63 -105.89 -82.45
N ALA XF 111 -12.10 -106.86 -83.18
CA ALA XF 111 -12.94 -107.76 -83.99
C ALA XF 111 -13.60 -108.85 -83.18
N THR XF 112 -13.22 -109.03 -81.91
CA THR XF 112 -13.84 -110.06 -81.10
C THR XF 112 -15.30 -109.72 -80.82
N SER XF 113 -16.06 -110.73 -80.38
CA SER XF 113 -17.48 -110.59 -80.11
C SER XF 113 -17.78 -110.04 -78.73
N GLN XF 114 -16.78 -109.98 -77.84
CA GLN XF 114 -17.00 -109.47 -76.50
C GLN XF 114 -17.19 -107.95 -76.47
N VAL XF 115 -16.38 -107.21 -77.21
CA VAL XF 115 -16.53 -105.76 -77.27
C VAL XF 115 -17.83 -105.39 -77.96
N GLU XF 116 -18.25 -106.15 -78.96
CA GLU XF 116 -19.52 -105.89 -79.62
C GLU XF 116 -20.68 -106.05 -78.64
N ASP XF 117 -20.65 -107.09 -77.81
CA ASP XF 117 -21.70 -107.27 -76.81
C ASP XF 117 -21.64 -106.17 -75.76
N LEU XF 118 -20.43 -105.79 -75.33
CA LEU XF 118 -20.28 -104.69 -74.39
C LEU XF 118 -20.85 -103.39 -74.93
N VAL XF 119 -20.71 -103.16 -76.24
CA VAL XF 119 -21.23 -101.95 -76.85
C VAL XF 119 -22.75 -102.00 -76.99
N VAL XF 120 -23.27 -103.13 -77.48
CA VAL XF 120 -24.70 -103.26 -77.76
C VAL XF 120 -25.48 -103.43 -76.47
N ASN XF 121 -25.31 -104.59 -75.82
CA ASN XF 121 -26.11 -104.94 -74.66
C ASN XF 121 -25.65 -104.26 -73.38
N LEU XF 122 -24.59 -103.46 -73.43
CA LEU XF 122 -24.06 -102.74 -72.27
C LEU XF 122 -23.68 -103.69 -71.14
N VAL XF 123 -23.30 -104.92 -71.49
CA VAL XF 123 -22.89 -105.92 -70.50
C VAL XF 123 -21.39 -105.80 -70.29
N PRO XF 124 -20.90 -105.77 -69.06
CA PRO XF 124 -19.46 -105.64 -68.82
C PRO XF 124 -18.68 -106.78 -69.47
N LEU XF 125 -17.49 -106.44 -69.96
CA LEU XF 125 -16.65 -107.41 -70.66
C LEU XF 125 -16.16 -108.48 -69.69
N GLY XF 126 -16.51 -109.73 -69.96
CA GLY XF 126 -16.11 -110.83 -69.10
C GLY XF 126 -16.72 -112.16 -69.51
N ARG XF 127 -16.23 -112.72 -70.61
CA ARG XF 127 -16.73 -114.00 -71.10
C ARG XF 127 -15.67 -115.09 -70.95
N SER YF 1 -22.63 -116.37 -70.59
CA SER YF 1 -23.51 -115.69 -69.64
C SER YF 1 -24.52 -116.65 -69.04
N LYS YF 2 -25.70 -116.13 -68.70
CA LYS YF 2 -26.73 -116.91 -68.03
C LYS YF 2 -28.10 -116.44 -68.54
N THR YF 3 -28.85 -117.36 -69.13
CA THR YF 3 -30.15 -117.06 -69.71
C THR YF 3 -31.25 -117.69 -68.89
N ILE YF 4 -32.35 -116.95 -68.71
CA ILE YF 4 -33.52 -117.41 -67.98
C ILE YF 4 -34.74 -117.25 -68.88
N VAL YF 5 -35.46 -118.34 -69.09
CA VAL YF 5 -36.64 -118.35 -69.96
C VAL YF 5 -37.89 -118.35 -69.09
N LEU YF 6 -38.77 -117.38 -69.32
CA LEU YF 6 -40.02 -117.26 -68.58
C LEU YF 6 -41.18 -117.40 -69.55
N SER YF 7 -42.13 -118.28 -69.22
CA SER YF 7 -43.29 -118.53 -70.06
C SER YF 7 -44.48 -117.75 -69.51
N VAL YF 8 -45.02 -116.83 -70.31
CA VAL YF 8 -46.17 -116.03 -69.90
C VAL YF 8 -47.49 -116.66 -70.33
N GLY YF 9 -47.46 -117.64 -71.22
CA GLY YF 9 -48.68 -118.26 -71.70
C GLY YF 9 -48.68 -118.45 -73.20
N GLU YF 10 -48.34 -117.39 -73.94
CA GLU YF 10 -48.26 -117.44 -75.39
C GLU YF 10 -46.89 -117.07 -75.95
N ALA YF 11 -46.06 -116.35 -75.18
CA ALA YF 11 -44.73 -115.96 -75.61
C ALA YF 11 -43.73 -116.30 -74.51
N THR YF 12 -42.46 -116.32 -74.88
CA THR YF 12 -41.37 -116.64 -73.96
C THR YF 12 -40.41 -115.46 -73.88
N ARG YF 13 -40.17 -114.99 -72.66
CA ARG YF 13 -39.25 -113.89 -72.42
C ARG YF 13 -37.91 -114.43 -71.95
N THR YF 14 -36.84 -113.72 -72.33
CA THR YF 14 -35.48 -114.14 -72.03
C THR YF 14 -34.79 -113.05 -71.23
N LEU YF 15 -34.28 -113.42 -70.06
CA LEU YF 15 -33.49 -112.53 -69.22
C LEU YF 15 -32.03 -112.97 -69.25
N THR YF 16 -31.13 -111.99 -69.41
CA THR YF 16 -29.70 -112.26 -69.54
C THR YF 16 -28.94 -111.68 -68.37
N GLU YF 17 -27.96 -112.44 -67.88
CA GLU YF 17 -27.09 -111.96 -66.81
C GLU YF 17 -26.21 -110.83 -67.32
N ILE YF 18 -26.21 -109.73 -66.59
CA ILE YF 18 -25.49 -108.51 -66.93
C ILE YF 18 -24.29 -108.31 -66.03
N GLN YF 19 -24.52 -108.23 -64.73
CA GLN YF 19 -23.56 -107.80 -63.72
C GLN YF 19 -23.28 -108.99 -62.80
N SER YF 20 -22.42 -109.90 -63.25
CA SER YF 20 -22.11 -111.13 -62.51
C SER YF 20 -21.20 -110.79 -61.33
N THR YF 21 -21.77 -110.79 -60.13
CA THR YF 21 -21.01 -110.57 -58.91
C THR YF 21 -21.64 -111.41 -57.80
N ALA YF 22 -20.83 -111.78 -56.81
CA ALA YF 22 -21.30 -112.65 -55.74
C ALA YF 22 -22.35 -111.96 -54.88
N ASP YF 23 -22.02 -110.77 -54.36
CA ASP YF 23 -22.91 -110.07 -53.44
C ASP YF 23 -24.05 -109.34 -54.16
N ARG YF 24 -24.06 -109.33 -55.48
CA ARG YF 24 -25.13 -108.63 -56.22
C ARG YF 24 -25.17 -109.20 -57.64
N GLN YF 25 -26.24 -109.92 -57.95
CA GLN YF 25 -26.47 -110.47 -59.28
C GLN YF 25 -27.60 -109.68 -59.94
N ILE YF 26 -27.31 -109.10 -61.11
CA ILE YF 26 -28.24 -108.25 -61.81
C ILE YF 26 -28.59 -108.92 -63.13
N PHE YF 27 -29.85 -109.38 -63.25
CA PHE YF 27 -30.36 -109.94 -64.49
C PHE YF 27 -31.23 -108.90 -65.20
N GLU YF 28 -31.07 -108.81 -66.51
CA GLU YF 28 -31.80 -107.83 -67.32
C GLU YF 28 -32.45 -108.51 -68.51
N GLU YF 29 -33.72 -108.17 -68.77
CA GLU YF 29 -34.46 -108.76 -69.87
C GLU YF 29 -34.09 -108.09 -71.18
N LYS YF 30 -33.84 -108.89 -72.20
CA LYS YF 30 -33.46 -108.41 -73.53
C LYS YF 30 -34.61 -108.65 -74.49
N VAL YF 31 -35.31 -107.58 -74.86
CA VAL YF 31 -36.41 -107.65 -75.81
C VAL YF 31 -36.23 -106.55 -76.86
N GLY YF 32 -36.09 -105.32 -76.40
CA GLY YF 32 -35.89 -104.18 -77.28
C GLY YF 32 -35.11 -103.08 -76.62
N PRO YF 33 -35.81 -102.06 -76.11
CA PRO YF 33 -35.13 -100.97 -75.39
C PRO YF 33 -34.61 -101.45 -74.05
N LEU YF 34 -33.29 -101.32 -73.86
CA LEU YF 34 -32.69 -101.80 -72.61
C LEU YF 34 -33.06 -100.91 -71.43
N VAL YF 35 -33.20 -99.61 -71.66
CA VAL YF 35 -33.58 -98.70 -70.58
C VAL YF 35 -35.08 -98.86 -70.29
N GLY YF 36 -35.43 -98.90 -69.02
CA GLY YF 36 -36.81 -99.06 -68.61
C GLY YF 36 -37.37 -100.41 -68.97
N ARG YF 37 -36.71 -101.48 -68.53
CA ARG YF 37 -37.15 -102.84 -68.83
C ARG YF 37 -37.32 -103.65 -67.55
N LEU YF 38 -37.14 -104.97 -67.65
CA LEU YF 38 -37.27 -105.86 -66.51
C LEU YF 38 -35.90 -106.15 -65.92
N ARG YF 39 -35.73 -105.87 -64.64
CA ARG YF 39 -34.47 -106.11 -63.94
C ARG YF 39 -34.73 -106.89 -62.67
N LEU YF 40 -33.74 -107.69 -62.29
CA LEU YF 40 -33.83 -108.55 -61.11
C LEU YF 40 -32.51 -108.50 -60.35
N THR YF 41 -32.59 -108.19 -59.06
CA THR YF 41 -31.43 -108.09 -58.18
C THR YF 41 -31.49 -109.21 -57.15
N ALA YF 42 -30.42 -109.99 -57.09
CA ALA YF 42 -30.31 -111.10 -56.16
C ALA YF 42 -29.09 -110.91 -55.26
N SER YF 43 -29.26 -111.21 -53.97
CA SER YF 43 -28.17 -111.07 -53.01
C SER YF 43 -28.25 -112.19 -51.99
N LEU YF 44 -27.09 -112.70 -51.58
CA LEU YF 44 -26.98 -113.77 -50.60
C LEU YF 44 -25.88 -113.41 -49.61
N ARG YF 45 -26.14 -113.60 -48.32
CA ARG YF 45 -25.16 -113.27 -47.31
C ARG YF 45 -25.39 -114.15 -46.08
N GLN YF 46 -24.68 -113.83 -45.01
CA GLN YF 46 -24.80 -114.50 -43.72
C GLN YF 46 -25.41 -113.52 -42.70
N ASN YF 47 -25.27 -113.85 -41.42
CA ASN YF 47 -25.81 -113.02 -40.36
C ASN YF 47 -25.16 -113.39 -39.04
N GLY YF 48 -25.11 -112.43 -38.13
CA GLY YF 48 -24.65 -112.66 -36.77
C GLY YF 48 -23.32 -113.36 -36.66
N ALA YF 49 -23.32 -114.54 -36.05
CA ALA YF 49 -22.10 -115.34 -35.87
C ALA YF 49 -22.26 -116.68 -36.57
N LYS YF 50 -22.38 -116.63 -37.90
CA LYS YF 50 -22.47 -117.81 -38.75
C LYS YF 50 -23.63 -118.71 -38.33
N THR YF 51 -24.74 -118.10 -37.94
CA THR YF 51 -25.93 -118.84 -37.53
C THR YF 51 -26.81 -119.17 -38.75
N ALA YF 52 -27.54 -118.17 -39.24
CA ALA YF 52 -28.43 -118.37 -40.38
C ALA YF 52 -27.89 -117.66 -41.62
N TYR YF 53 -28.77 -117.36 -42.57
CA TYR YF 53 -28.39 -116.68 -43.80
C TYR YF 53 -29.44 -115.63 -44.13
N ARG YF 54 -29.18 -114.87 -45.19
CA ARG YF 54 -30.08 -113.82 -45.63
C ARG YF 54 -30.06 -113.76 -47.14
N VAL YF 55 -31.24 -113.92 -47.76
CA VAL YF 55 -31.39 -113.86 -49.21
C VAL YF 55 -32.35 -112.73 -49.55
N ASN YF 56 -31.95 -111.91 -50.52
CA ASN YF 56 -32.77 -110.79 -50.97
C ASN YF 56 -33.01 -110.91 -52.46
N LEU YF 57 -34.27 -110.77 -52.87
CA LEU YF 57 -34.66 -110.85 -54.27
C LEU YF 57 -35.61 -109.71 -54.60
N LYS YF 58 -35.19 -108.83 -55.50
CA LYS YF 58 -35.98 -107.69 -55.91
C LYS YF 58 -36.22 -107.75 -57.41
N LEU YF 59 -37.43 -107.37 -57.83
CA LEU YF 59 -37.80 -107.38 -59.24
C LEU YF 59 -38.42 -106.04 -59.59
N ASP YF 60 -37.81 -105.32 -60.53
CA ASP YF 60 -38.26 -104.00 -60.93
C ASP YF 60 -38.60 -103.99 -62.43
N GLN YF 61 -39.57 -103.16 -62.78
CA GLN YF 61 -39.99 -103.01 -64.17
C GLN YF 61 -40.66 -101.66 -64.33
N ALA YF 62 -40.03 -100.76 -65.08
CA ALA YF 62 -40.55 -99.41 -65.29
C ALA YF 62 -41.09 -99.30 -66.71
N ASP YF 63 -42.32 -98.81 -66.83
CA ASP YF 63 -42.94 -98.63 -68.13
C ASP YF 63 -42.36 -97.41 -68.84
N VAL YF 64 -42.35 -97.46 -70.17
CA VAL YF 64 -41.82 -96.38 -70.99
C VAL YF 64 -42.91 -95.90 -71.94
N VAL YF 65 -42.75 -94.66 -72.40
CA VAL YF 65 -43.68 -94.04 -73.34
C VAL YF 65 -42.86 -93.31 -74.40
N ASP YF 66 -43.46 -93.17 -75.59
CA ASP YF 66 -42.80 -92.54 -76.72
C ASP YF 66 -43.83 -91.85 -77.58
N CYS YF 67 -43.45 -90.70 -78.15
CA CYS YF 67 -44.33 -89.92 -79.00
C CYS YF 67 -43.81 -89.76 -80.42
N SER YF 68 -42.76 -90.49 -80.81
CA SER YF 68 -42.21 -90.33 -82.15
C SER YF 68 -43.14 -90.85 -83.23
N THR YF 69 -44.19 -91.60 -82.86
CA THR YF 69 -45.13 -92.10 -83.85
C THR YF 69 -46.02 -91.00 -84.40
N SER YF 70 -46.36 -90.00 -83.57
CA SER YF 70 -47.22 -88.91 -84.01
C SER YF 70 -46.51 -87.57 -83.84
N VAL YF 71 -46.05 -87.27 -82.63
CA VAL YF 71 -45.38 -86.02 -82.34
C VAL YF 71 -43.99 -86.06 -82.99
N CYS YF 72 -43.55 -84.93 -83.54
CA CYS YF 72 -42.25 -84.97 -84.20
C CYS YF 72 -41.13 -84.54 -83.25
N GLY YF 73 -41.06 -85.19 -82.09
CA GLY YF 73 -39.85 -85.18 -81.30
C GLY YF 73 -40.07 -85.44 -79.82
N GLU YF 74 -39.80 -86.67 -79.38
CA GLU YF 74 -39.92 -87.03 -77.98
C GLU YF 74 -39.16 -88.33 -77.76
N LEU YF 75 -38.12 -88.29 -76.93
CA LEU YF 75 -37.35 -89.48 -76.63
C LEU YF 75 -38.15 -90.42 -75.72
N PRO YF 76 -37.86 -91.72 -75.75
CA PRO YF 76 -38.53 -92.64 -74.83
C PRO YF 76 -38.29 -92.26 -73.38
N LYS YF 77 -39.39 -91.97 -72.68
CA LYS YF 77 -39.33 -91.49 -71.31
C LYS YF 77 -40.02 -92.49 -70.38
N VAL YF 78 -39.39 -92.75 -69.23
CA VAL YF 78 -39.97 -93.66 -68.26
C VAL YF 78 -41.13 -92.98 -67.55
N ARG YF 79 -42.07 -93.78 -67.07
CA ARG YF 79 -43.26 -93.26 -66.39
C ARG YF 79 -43.14 -93.60 -64.92
N TYR YF 80 -43.72 -94.71 -64.45
CA TYR YF 80 -43.69 -95.09 -63.05
C TYR YF 80 -42.66 -96.21 -62.84
N THR YF 81 -42.40 -96.50 -61.58
CA THR YF 81 -41.45 -97.54 -61.18
C THR YF 81 -42.09 -98.42 -60.12
N GLN YF 82 -41.94 -99.74 -60.28
CA GLN YF 82 -42.49 -100.71 -59.35
C GLN YF 82 -41.36 -101.47 -58.69
N VAL YF 83 -41.44 -101.64 -57.37
CA VAL YF 83 -40.43 -102.33 -56.58
C VAL YF 83 -41.10 -103.46 -55.83
N TRP YF 84 -40.57 -104.68 -56.00
CA TRP YF 84 -41.09 -105.88 -55.34
C TRP YF 84 -39.88 -106.64 -54.77
N SER YF 85 -39.50 -106.33 -53.55
CA SER YF 85 -38.37 -106.95 -52.88
C SER YF 85 -38.83 -108.15 -52.05
N HIS YF 86 -37.85 -108.94 -51.61
CA HIS YF 86 -38.11 -110.12 -50.81
C HIS YF 86 -37.10 -110.19 -49.67
N ASP YF 87 -37.29 -111.16 -48.78
CA ASP YF 87 -36.39 -111.35 -47.65
C ASP YF 87 -36.53 -112.80 -47.17
N VAL YF 88 -35.47 -113.58 -47.31
CA VAL YF 88 -35.46 -114.97 -46.92
C VAL YF 88 -34.47 -115.15 -45.77
N THR YF 89 -34.97 -115.56 -44.61
CA THR YF 89 -34.16 -115.79 -43.42
C THR YF 89 -34.37 -117.24 -42.99
N ILE YF 90 -33.63 -118.15 -43.62
CA ILE YF 90 -33.72 -119.58 -43.34
C ILE YF 90 -32.40 -120.04 -42.74
N VAL YF 91 -32.46 -120.69 -41.59
CA VAL YF 91 -31.25 -121.17 -40.94
C VAL YF 91 -30.73 -122.40 -41.68
N ALA YF 92 -29.43 -122.66 -41.52
CA ALA YF 92 -28.82 -123.80 -42.21
C ALA YF 92 -29.31 -125.12 -41.63
N ASN YF 93 -29.13 -125.32 -40.32
CA ASN YF 93 -29.56 -126.55 -39.65
C ASN YF 93 -31.08 -126.50 -39.47
N SER YF 94 -31.78 -126.85 -40.55
CA SER YF 94 -33.24 -126.87 -40.53
C SER YF 94 -33.76 -128.25 -40.89
N THR YF 95 -34.77 -128.31 -41.77
CA THR YF 95 -35.36 -129.57 -42.20
C THR YF 95 -35.73 -129.47 -43.67
N GLU YF 96 -35.29 -130.46 -44.45
CA GLU YF 96 -35.58 -130.45 -45.88
C GLU YF 96 -37.08 -130.61 -46.13
N ALA YF 97 -37.74 -131.49 -45.38
CA ALA YF 97 -39.17 -131.68 -45.54
C ALA YF 97 -39.94 -130.41 -45.17
N SER YF 98 -39.53 -129.76 -44.08
CA SER YF 98 -40.19 -128.51 -43.68
C SER YF 98 -39.98 -127.42 -44.72
N ARG YF 99 -38.76 -127.33 -45.28
CA ARG YF 99 -38.51 -126.34 -46.31
C ARG YF 99 -39.33 -126.61 -47.57
N LYS YF 100 -39.46 -127.88 -47.94
CA LYS YF 100 -40.28 -128.23 -49.11
C LYS YF 100 -41.74 -127.91 -48.86
N SER YF 101 -42.24 -128.20 -47.66
CA SER YF 101 -43.64 -127.88 -47.34
C SER YF 101 -43.86 -126.37 -47.36
N LEU YF 102 -42.91 -125.60 -46.83
CA LEU YF 102 -43.04 -124.15 -46.85
C LEU YF 102 -43.02 -123.61 -48.27
N TYR YF 103 -42.15 -124.16 -49.13
CA TYR YF 103 -42.12 -123.73 -50.51
C TYR YF 103 -43.41 -124.07 -51.23
N ASP YF 104 -43.97 -125.25 -50.96
CA ASP YF 104 -45.24 -125.63 -51.58
C ASP YF 104 -46.37 -124.72 -51.11
N LEU YF 105 -46.38 -124.38 -49.81
CA LEU YF 105 -47.40 -123.46 -49.30
C LEU YF 105 -47.28 -122.08 -49.93
N THR YF 106 -46.04 -121.60 -50.09
CA THR YF 106 -45.83 -120.30 -50.72
C THR YF 106 -46.28 -120.33 -52.19
N LYS YF 107 -45.96 -121.42 -52.90
CA LYS YF 107 -46.39 -121.54 -54.29
C LYS YF 107 -47.91 -121.58 -54.40
N SER YF 108 -48.57 -122.29 -53.48
CA SER YF 108 -50.03 -122.34 -53.49
C SER YF 108 -50.64 -120.97 -53.19
N LEU YF 109 -50.08 -120.25 -52.22
CA LEU YF 109 -50.58 -118.92 -51.91
C LEU YF 109 -50.34 -117.95 -53.05
N VAL YF 110 -49.27 -118.14 -53.81
CA VAL YF 110 -49.01 -117.26 -54.96
C VAL YF 110 -49.97 -117.59 -56.10
N ALA YF 111 -50.20 -118.88 -56.35
CA ALA YF 111 -51.05 -119.31 -57.46
C ALA YF 111 -52.54 -119.21 -57.14
N THR YF 112 -52.91 -118.96 -55.89
CA THR YF 112 -54.32 -118.83 -55.55
C THR YF 112 -54.92 -117.58 -56.18
N SER YF 113 -56.25 -117.54 -56.22
CA SER YF 113 -56.99 -116.45 -56.85
C SER YF 113 -57.19 -115.26 -55.91
N GLN YF 114 -56.93 -115.43 -54.61
CA GLN YF 114 -57.10 -114.34 -53.65
C GLN YF 114 -56.04 -113.26 -53.80
N VAL YF 115 -54.78 -113.65 -53.96
CA VAL YF 115 -53.71 -112.67 -54.14
C VAL YF 115 -53.87 -111.95 -55.47
N GLU YF 116 -54.34 -112.65 -56.51
CA GLU YF 116 -54.59 -112.00 -57.79
C GLU YF 116 -55.65 -110.91 -57.66
N ASP YF 117 -56.73 -111.21 -56.94
CA ASP YF 117 -57.77 -110.20 -56.72
C ASP YF 117 -57.24 -109.05 -55.86
N LEU YF 118 -56.46 -109.36 -54.84
CA LEU YF 118 -55.85 -108.32 -54.02
C LEU YF 118 -54.95 -107.40 -54.84
N VAL YF 119 -54.26 -107.95 -55.84
CA VAL YF 119 -53.37 -107.16 -56.67
C VAL YF 119 -54.17 -106.32 -57.66
N VAL YF 120 -55.15 -106.93 -58.32
CA VAL YF 120 -55.91 -106.26 -59.37
C VAL YF 120 -56.91 -105.28 -58.78
N ASN YF 121 -57.93 -105.81 -58.12
CA ASN YF 121 -59.04 -104.98 -57.62
C ASN YF 121 -58.70 -104.25 -56.33
N LEU YF 122 -57.49 -104.43 -55.79
CA LEU YF 122 -57.05 -103.75 -54.56
C LEU YF 122 -57.98 -104.06 -53.38
N VAL YF 123 -58.61 -105.22 -53.40
CA VAL YF 123 -59.51 -105.65 -52.33
C VAL YF 123 -58.69 -106.41 -51.29
N PRO YF 124 -58.84 -106.11 -50.00
CA PRO YF 124 -58.05 -106.81 -48.98
C PRO YF 124 -58.31 -108.30 -49.02
N LEU YF 125 -57.25 -109.07 -48.74
CA LEU YF 125 -57.32 -110.53 -48.79
C LEU YF 125 -58.22 -111.04 -47.68
N GLY YF 126 -59.29 -111.74 -48.05
CA GLY YF 126 -60.22 -112.28 -47.08
C GLY YF 126 -61.43 -112.93 -47.71
N ARG YF 127 -61.24 -114.10 -48.30
CA ARG YF 127 -62.32 -114.83 -48.94
C ARG YF 127 -62.67 -116.10 -48.17
#